data_9N4Z
#
_entry.id   9N4Z
#
_cell.length_a   1.00
_cell.length_b   1.00
_cell.length_c   1.00
_cell.angle_alpha   90.00
_cell.angle_beta   90.00
_cell.angle_gamma   90.00
#
_symmetry.space_group_name_H-M   'P 1'
#
loop_
_entity.id
_entity.type
_entity.pdbx_description
1 polymer 'Flagellar M-ring protein'
2 polymer 'Flagellar motor switch protein FliG'
3 polymer 'Flagellar motor switch protein FliM'
4 polymer 'Flagellar motor switch protein FliN'
#
loop_
_entity_poly.entity_id
_entity_poly.type
_entity_poly.pdbx_seq_one_letter_code
_entity_poly.pdbx_strand_id
1 'polypeptide(L)'
;MSATASTATQPKPLEWLNRLRANPRIPLIVAGSAAVAIVVAMVLWAKTPDYRTLFSNLSDQDGGAIVAQLTQMNIPYRFA
NGSGAIEVPADKVHELRLRLAQQGLPKGGAVGFELLDQEKFGISQFSEQVNYQRALEGELARTIETLGPVKSARVHLAMP
KPSLFVREQKSPSASVTVTLEPGRALDEGQISAVVHLVSSAVAGLPPGNVTLVDQSGHLLTQSNTSGRDLNDAQLKFAND
VESRIQRRIEAILSPIVGNGNVHAQVTAQLDFANKEQTEEHYSPNGDASKATLRSRQLNISEQVGAGYPGGVPGALSNQP
APPNEAPIATPPTNQQNAQNTPQTSTSTNSNSAGPRSTQRNETSNYEVDRTIRHTKMNVGDIERLSVAVVVNYKTLADGK
PLPLTADQMKQIEDLTREAMGFSDKRGDTLNVVNSPFSAVDNTGGELPFWQQQSFIDQLLAAGRWLLVLVVAWILWRKAV
RPQLTRRVEEAKAAQEQAQVRQETEEAVEVRLSKDEQLQQRRANQRLGAEVMSQRIREMSDNDPRVVALVIRQWMSNDHE
;
F,A,I,S,Z,FA,LA,RA,XA,DB,JB,PB,VB,BC,HC,NC,TC,ZC,FD,LD,RD,XD,DE,JE,PE,VE,BF,HF,NF,TF,ZF,FG,LG,RG
2 'polypeptide(L)'
;MSNLSGTDKSVILLMTIGEDRAAEVFKHLSTREVQALSTAMANVRQISNKQLTDVLSEFEQEAEQFAALNINANEYLRSV
LVKALGEERASSLLEDILETRDTTSGIETLNFMEPQSAADLIRDEHPQIIATILVHLKRSQAADILALFDERLRHDVMLR
IATFGGVQPAALAELTEVLNGLLDGQNLKRSKMGGVRTAAEIINLMKTQQEEAVITAVREFDGELAQKIIDEMFLFENLV
DVDDRSIQRLLQEVDSESLLIALKGAEPPLREKFLRNMSQRAADILRDDLANRGPVRLSQVENEQKAILLIVRRLAETGE
MVIGSGEDTYV
;
G,B,J,T,AA,GA,MA,SA,YA,EB,KB,QB,WB,CC,IC,OC,UC,AD,GD,MD,SD,YD,EE,KE,QE,WE,CF,IF,OF,UF,AG,GG,MG,SG
3 'polypeptide(L)'
;MGDSILSQAEIDALLNGDSDTKDEPTPGIASDSDIRPYDPNTQRRVVRERLQALEIINERFARQFRMGLFNLLRRSPDIT
VGAIRIQPYHEFARNLPVPTNLNLIHLKPLRGTGLVVFSPSLVFIAVDNLFGGDGRFPTKVEGREFTHTEQRVINRMLKL
ALEGYSDAWKAINPLEVEYVRSEMQVKFTNITTSPNDIVVNTPFHVEIGNLTGEFNICLPFSMIEPLRELLVNPPLENSR
HEDQNWRDNLVRQVQHSELELVANFADIPLRLSQILKLKPGDVLPIEKPDRIIAHVDGVPVLTSQYGTVNGQYALRVEHL
INPILNSLNEEQPK
;
M,C,K,V,BA,HA,NA,TA,ZA,FB,LB,RB,XB,DC,JC,PC,VC,BD,HD,ND,TD,ZD,FE,LE,RE,XE,DF,JF,PF,VF,BG,HG,NG,TG
4 'polypeptide(L)'
;MSDMNNPSDENTGALDDLWADALNEQKATTTKSAADAVFQQLGGGDVSGAMQDIDLIMDIPVKLTVELGRTRMTIKELLR
LTQGSVVALDGLAGEPLDILINGYLIAQGEVVVVADKYGVRITDIITPSERMRRLSR
;
N,P,Q,D,E,H,L,O,R,W,X,Y,CA,DA,EA,IA,JA,KA,OA,PA,QA,UA,VA,WA,AB,BB,CB,GB,HB,IB,MB,NB,OB,SB,TB,UB,YB,ZB,AC,EC,FC,GC,KC,LC,MC,QC,RC,SC,WC,XC,YC,CD,DD,ED,ID,JD,KD,OD,PD,QD,UD,VD,WD,AE,BE,CE,GE,HE,IE,ME,NE,OE,SE,TE,UE,YE,ZE,AF,EF,FF,GF,KF,LF,MF,QF,RF,SF,WF,XF,YF,CG,DG,EG,IG,JG,KG,OG,PG,QG,UG,VG,WG
#
# COMPACT_ATOMS: atom_id res chain seq x y z
N LYS A 514 -26.61 -155.27 51.63
CA LYS A 514 -25.20 -155.34 51.98
C LYS A 514 -24.84 -156.68 52.61
N ASP A 515 -25.79 -157.25 53.36
CA ASP A 515 -25.55 -158.54 53.99
C ASP A 515 -25.40 -159.64 52.95
N GLU A 516 -26.23 -159.62 51.90
CA GLU A 516 -26.12 -160.63 50.86
C GLU A 516 -24.79 -160.54 50.11
N GLN A 517 -24.36 -159.31 49.81
CA GLN A 517 -23.07 -159.14 49.14
C GLN A 517 -21.93 -159.62 50.02
N LEU A 518 -21.99 -159.32 51.33
CA LEU A 518 -20.96 -159.80 52.24
C LEU A 518 -20.95 -161.32 52.31
N GLN A 519 -22.13 -161.94 52.33
CA GLN A 519 -22.21 -163.39 52.35
C GLN A 519 -21.64 -164.00 51.08
N GLN A 520 -21.94 -163.41 49.93
CA GLN A 520 -21.38 -163.91 48.67
C GLN A 520 -19.87 -163.76 48.64
N ARG A 521 -19.35 -162.63 49.11
CA ARG A 521 -17.91 -162.45 49.17
C ARG A 521 -17.26 -163.47 50.11
N ARG A 522 -17.90 -163.73 51.25
CA ARG A 522 -17.39 -164.72 52.18
C ARG A 522 -17.40 -166.12 51.57
N ALA A 523 -18.45 -166.45 50.82
CA ALA A 523 -18.51 -167.76 50.16
C ALA A 523 -17.41 -167.89 49.11
N ASN A 524 -17.19 -166.84 48.31
CA ASN A 524 -16.11 -166.88 47.33
C ASN A 524 -14.76 -167.02 48.01
N GLN A 525 -14.55 -166.29 49.12
CA GLN A 525 -13.31 -166.38 49.85
C GLN A 525 -13.10 -167.78 50.43
N ARG A 526 -14.18 -168.38 50.94
CA ARG A 526 -14.10 -169.72 51.54
C ARG A 526 -14.04 -170.83 50.51
N LEU A 527 -14.37 -170.52 49.25
CA LEU A 527 -14.33 -171.51 48.14
C LEU A 527 -12.94 -171.45 47.51
N GLY A 528 -12.50 -170.25 47.12
CA GLY A 528 -11.17 -170.07 46.50
C GLY A 528 -10.03 -170.37 47.46
N ALA A 529 -10.24 -170.14 48.76
CA ALA A 529 -9.21 -170.46 49.78
C ALA A 529 -9.18 -171.98 49.93
N GLU A 530 -10.35 -172.63 49.91
CA GLU A 530 -10.43 -174.10 50.01
C GLU A 530 -9.72 -174.71 48.79
N VAL A 531 -9.91 -174.02 47.62
CA VAL A 531 -9.19 -174.38 46.37
C VAL A 531 -7.71 -174.02 46.55
N MET A 532 -7.43 -172.86 47.16
CA MET A 532 -6.05 -172.40 47.39
C MET A 532 -5.32 -173.38 48.32
N SER A 533 -6.01 -173.87 49.35
CA SER A 533 -5.41 -174.83 50.31
C SER A 533 -5.08 -176.13 49.55
N GLN A 534 -5.97 -176.57 48.67
CA GLN A 534 -5.72 -177.77 47.83
C GLN A 534 -4.53 -177.47 46.91
N ARG A 535 -4.48 -176.26 46.36
CA ARG A 535 -3.39 -175.85 45.42
C ARG A 535 -2.04 -175.86 46.13
N ILE A 536 -1.99 -175.41 47.39
CA ILE A 536 -0.69 -175.28 48.15
C ILE A 536 -0.21 -176.69 48.53
N ARG A 537 -1.11 -177.67 48.62
CA ARG A 537 -0.75 -179.04 48.97
C ARG A 537 -0.10 -179.75 47.79
N GLU A 538 -0.65 -179.57 46.60
CA GLU A 538 -0.05 -180.16 45.40
C GLU A 538 1.36 -179.61 45.17
N MET A 539 1.51 -178.28 45.31
CA MET A 539 2.81 -177.66 45.09
C MET A 539 3.84 -178.13 46.12
N SER A 540 3.45 -178.24 47.39
CA SER A 540 4.36 -178.69 48.44
C SER A 540 4.73 -180.15 48.28
N ASP A 541 3.78 -180.98 47.85
CA ASP A 541 4.10 -182.35 47.52
C ASP A 541 5.05 -182.44 46.33
N ASN A 542 4.93 -181.54 45.37
CA ASN A 542 5.87 -181.49 44.26
C ASN A 542 7.27 -181.11 44.74
N ASP A 543 7.36 -180.11 45.62
CA ASP A 543 8.64 -179.62 46.14
C ASP A 543 8.47 -179.21 47.59
N PRO A 544 8.86 -180.07 48.54
CA PRO A 544 8.73 -179.70 49.96
C PRO A 544 9.79 -178.74 50.44
N ARG A 545 11.03 -178.87 49.97
CA ARG A 545 12.11 -178.01 50.44
C ARG A 545 12.00 -176.60 49.88
N VAL A 546 11.39 -176.44 48.71
CA VAL A 546 11.26 -175.12 48.11
C VAL A 546 10.39 -174.22 48.98
N VAL A 547 9.30 -174.79 49.54
CA VAL A 547 8.43 -174.01 50.41
C VAL A 547 9.17 -173.56 51.67
N ALA A 548 9.95 -174.46 52.27
CA ALA A 548 10.72 -174.09 53.45
C ALA A 548 11.75 -173.02 53.13
N LEU A 549 12.42 -173.13 51.98
CA LEU A 549 13.38 -172.13 51.56
C LEU A 549 12.71 -170.78 51.35
N VAL A 550 11.53 -170.77 50.74
CA VAL A 550 10.81 -169.52 50.52
C VAL A 550 10.39 -168.91 51.85
N ILE A 551 9.95 -169.75 52.78
CA ILE A 551 9.58 -169.25 54.11
C ILE A 551 10.77 -168.63 54.81
N ARG A 552 11.93 -169.30 54.73
CA ARG A 552 13.14 -168.76 55.36
C ARG A 552 13.56 -167.45 54.70
N GLN A 553 13.43 -167.36 53.38
CA GLN A 553 13.74 -166.12 52.68
C GLN A 553 12.79 -165.00 53.10
N TRP A 554 11.52 -165.33 53.31
CA TRP A 554 10.56 -164.33 53.78
C TRP A 554 10.93 -163.81 55.15
N MET A 555 11.35 -164.71 56.05
CA MET A 555 11.78 -164.28 57.38
C MET A 555 13.05 -163.43 57.30
N SER A 556 13.99 -163.81 56.43
CA SER A 556 15.21 -163.02 56.28
C SER A 556 14.90 -161.62 55.74
N ASN A 557 13.99 -161.52 54.78
CA ASN A 557 13.61 -160.22 54.25
C ASN A 557 12.80 -159.42 55.26
N ASP A 558 12.12 -160.10 56.18
CA ASP A 558 11.34 -159.40 57.21
C ASP A 558 12.24 -158.58 58.13
N HIS A 559 13.49 -158.98 58.27
CA HIS A 559 14.43 -158.25 59.12
C HIS A 559 14.80 -156.90 58.52
N GLY B 6 5.98 -161.29 57.37
CA GLY B 6 5.92 -162.48 56.52
C GLY B 6 5.95 -163.78 57.31
N THR B 7 6.61 -163.75 58.47
CA THR B 7 6.68 -164.92 59.32
C THR B 7 5.31 -165.33 59.83
N ASP B 8 4.48 -164.35 60.23
CA ASP B 8 3.13 -164.65 60.68
C ASP B 8 2.30 -165.27 59.55
N LYS B 9 2.44 -164.73 58.34
CA LYS B 9 1.75 -165.30 57.19
C LYS B 9 2.22 -166.72 56.91
N SER B 10 3.52 -166.96 57.03
CA SER B 10 4.05 -168.30 56.83
C SER B 10 3.52 -169.27 57.88
N VAL B 11 3.44 -168.81 59.13
CA VAL B 11 2.90 -169.66 60.19
C VAL B 11 1.43 -169.97 59.94
N ILE B 12 0.65 -168.97 59.51
CA ILE B 12 -0.75 -169.19 59.22
C ILE B 12 -0.91 -170.18 58.07
N LEU B 13 -0.09 -170.04 57.02
CA LEU B 13 -0.15 -170.95 55.89
C LEU B 13 0.21 -172.38 56.31
N LEU B 14 1.22 -172.52 57.16
CA LEU B 14 1.62 -173.83 57.66
C LEU B 14 0.51 -174.47 58.49
N MET B 15 -0.13 -173.66 59.34
CA MET B 15 -1.25 -174.16 60.14
C MET B 15 -2.41 -174.59 59.26
N THR B 16 -2.71 -173.81 58.21
CA THR B 16 -3.80 -174.15 57.31
C THR B 16 -3.46 -175.29 56.35
N ILE B 17 -2.17 -175.63 56.22
CA ILE B 17 -1.78 -176.68 55.29
C ILE B 17 -2.13 -178.04 55.85
N GLY B 18 -1.67 -178.33 57.06
CA GLY B 18 -1.91 -179.63 57.67
C GLY B 18 -0.74 -180.11 58.51
N GLU B 19 -0.98 -181.13 59.34
CA GLU B 19 0.07 -181.61 60.24
C GLU B 19 1.22 -182.26 59.47
N ASP B 20 0.89 -183.09 58.47
CA ASP B 20 1.92 -183.83 57.75
C ASP B 20 2.79 -182.89 56.91
N ARG B 21 2.15 -181.98 56.17
CA ARG B 21 2.90 -181.04 55.34
C ARG B 21 3.78 -180.13 56.18
N ALA B 22 3.23 -179.63 57.30
CA ALA B 22 4.01 -178.78 58.19
C ALA B 22 5.17 -179.54 58.81
N ALA B 23 4.95 -180.80 59.19
CA ALA B 23 6.03 -181.61 59.74
C ALA B 23 7.14 -181.83 58.71
N GLU B 24 6.76 -182.11 57.46
CA GLU B 24 7.75 -182.28 56.41
C GLU B 24 8.53 -180.99 56.17
N VAL B 25 7.83 -179.86 56.16
CA VAL B 25 8.49 -178.57 55.97
C VAL B 25 9.47 -178.29 57.10
N PHE B 26 9.06 -178.57 58.34
CA PHE B 26 9.94 -178.36 59.49
C PHE B 26 11.15 -179.27 59.40
N LYS B 27 10.96 -180.53 58.99
CA LYS B 27 12.09 -181.42 58.76
C LYS B 27 13.00 -180.92 57.66
N HIS B 28 12.46 -180.15 56.71
CA HIS B 28 13.27 -179.51 55.68
C HIS B 28 13.58 -178.06 56.02
N LEU B 29 13.54 -177.70 57.30
CA LEU B 29 13.77 -176.33 57.74
C LEU B 29 14.84 -176.32 58.83
N SER B 30 15.48 -175.15 59.00
CA SER B 30 16.53 -174.97 59.98
C SER B 30 15.94 -174.95 61.39
N THR B 31 16.83 -175.12 62.38
CA THR B 31 16.40 -175.21 63.77
C THR B 31 15.75 -173.91 64.25
N ARG B 32 16.39 -172.79 64.00
CA ARG B 32 15.85 -171.50 64.42
C ARG B 32 14.52 -171.21 63.72
N GLU B 33 14.47 -171.47 62.41
CA GLU B 33 13.24 -171.26 61.65
C GLU B 33 12.12 -172.17 62.15
N VAL B 34 12.46 -173.43 62.42
CA VAL B 34 11.44 -174.38 62.90
C VAL B 34 10.91 -173.94 64.26
N GLN B 35 11.81 -173.52 65.15
CA GLN B 35 11.39 -173.07 66.48
C GLN B 35 10.50 -171.83 66.38
N ALA B 36 10.90 -170.87 65.53
CA ALA B 36 10.10 -169.66 65.38
C ALA B 36 8.72 -169.98 64.81
N LEU B 37 8.67 -170.86 63.81
CA LEU B 37 7.39 -171.23 63.22
C LEU B 37 6.50 -171.96 64.22
N SER B 38 7.07 -172.86 65.02
CA SER B 38 6.29 -173.57 66.02
C SER B 38 5.77 -172.62 67.08
N THR B 39 6.60 -171.66 67.51
CA THR B 39 6.18 -170.73 68.55
C THR B 39 5.10 -169.77 68.05
N ALA B 40 5.32 -169.17 66.88
CA ALA B 40 4.42 -168.13 66.39
C ALA B 40 3.04 -168.69 66.05
N MET B 41 2.99 -169.88 65.44
CA MET B 41 1.72 -170.45 65.01
C MET B 41 0.79 -170.68 66.19
N ALA B 42 1.31 -171.29 67.26
CA ALA B 42 0.49 -171.56 68.43
C ALA B 42 0.32 -170.31 69.30
N ASN B 43 1.28 -169.38 69.20
CA ASN B 43 1.25 -168.16 70.04
C ASN B 43 0.13 -167.16 69.70
N VAL B 44 0.23 -166.50 68.55
CA VAL B 44 -0.85 -165.57 68.12
C VAL B 44 -0.98 -165.88 66.63
N ARG B 45 -2.19 -166.21 66.17
CA ARG B 45 -2.43 -166.49 64.73
C ARG B 45 -3.38 -165.42 64.18
N GLN B 46 -3.00 -164.79 63.06
CA GLN B 46 -3.85 -163.73 62.46
C GLN B 46 -4.30 -164.18 61.06
N ILE B 47 -5.59 -164.07 60.77
CA ILE B 47 -6.11 -164.42 59.41
C ILE B 47 -6.71 -163.16 58.78
N SER B 48 -6.32 -162.82 57.55
CA SER B 48 -6.82 -161.60 56.88
C SER B 48 -7.61 -161.99 55.62
N ASN B 49 -8.82 -161.46 55.47
CA ASN B 49 -9.67 -161.80 54.29
C ASN B 49 -8.95 -161.37 53.01
N LYS B 50 -8.24 -160.24 53.05
CA LYS B 50 -7.59 -159.71 51.82
C LYS B 50 -6.06 -159.71 51.97
N GLN B 51 -5.53 -159.16 53.06
CA GLN B 51 -4.07 -159.03 53.13
C GLN B 51 -3.38 -160.37 53.04
N LEU B 52 -3.90 -161.40 53.71
CA LEU B 52 -3.30 -162.72 53.64
C LEU B 52 -3.35 -163.29 52.22
N THR B 53 -4.49 -163.12 51.55
CA THR B 53 -4.61 -163.59 50.17
C THR B 53 -3.66 -162.85 49.24
N ASP B 54 -3.54 -161.53 49.40
CA ASP B 54 -2.62 -160.75 48.58
C ASP B 54 -1.18 -161.20 48.81
N VAL B 55 -0.81 -161.41 50.07
CA VAL B 55 0.55 -161.86 50.38
C VAL B 55 0.81 -163.24 49.80
N LEU B 56 -0.17 -164.15 49.91
CA LEU B 56 0.00 -165.49 49.34
C LEU B 56 0.16 -165.44 47.84
N SER B 57 -0.64 -164.62 47.17
CA SER B 57 -0.52 -164.48 45.71
C SER B 57 0.84 -163.91 45.33
N GLU B 58 1.32 -162.89 46.06
CA GLU B 58 2.62 -162.31 45.77
C GLU B 58 3.73 -163.33 45.98
N PHE B 59 3.64 -164.13 47.05
CA PHE B 59 4.65 -165.16 47.30
C PHE B 59 4.64 -166.22 46.19
N GLU B 60 3.45 -166.63 45.78
CA GLU B 60 3.34 -167.66 44.74
C GLU B 60 3.85 -167.16 43.40
N GLN B 61 3.78 -165.84 43.20
CA GLN B 61 4.18 -165.29 41.87
C GLN B 61 5.58 -164.65 41.96
N GLU B 62 6.17 -164.55 43.16
CA GLU B 62 7.45 -163.81 43.26
C GLU B 62 8.59 -164.45 42.44
N ALA B 63 8.76 -165.78 42.48
CA ALA B 63 9.79 -166.41 41.60
C ALA B 63 9.49 -167.88 41.32
N GLU B 64 9.97 -168.42 40.21
CA GLU B 64 9.87 -169.88 39.96
C GLU B 64 11.20 -170.55 40.34
N GLN B 65 12.19 -169.77 40.78
CA GLN B 65 13.56 -170.30 41.07
C GLN B 65 13.53 -171.32 42.21
N PHE B 66 12.74 -171.08 43.25
CA PHE B 66 12.76 -171.96 44.45
C PHE B 66 12.34 -173.38 44.07
N ALA B 67 11.34 -173.51 43.18
CA ALA B 67 10.80 -174.87 42.89
C ALA B 67 11.86 -175.80 42.31
N ALA B 68 12.74 -175.33 41.43
CA ALA B 68 13.70 -176.24 40.76
C ALA B 68 14.99 -176.44 41.54
N LEU B 69 15.80 -175.39 41.72
CA LEU B 69 17.11 -175.51 42.34
C LEU B 69 16.99 -176.18 43.71
N ASN B 70 15.99 -175.78 44.50
CA ASN B 70 15.82 -176.34 45.83
C ASN B 70 15.27 -177.76 45.80
N ILE B 71 14.65 -178.17 44.69
CA ILE B 71 14.10 -179.51 44.56
C ILE B 71 15.22 -180.54 44.64
N ASN B 72 16.30 -180.31 43.91
CA ASN B 72 17.45 -181.20 43.91
C ASN B 72 18.72 -180.36 43.80
N ALA B 73 19.36 -180.13 44.97
CA ALA B 73 20.62 -179.39 45.00
C ALA B 73 21.76 -180.26 45.52
N ASN B 74 21.57 -180.84 46.71
CA ASN B 74 22.63 -181.66 47.30
C ASN B 74 22.76 -183.00 46.60
N GLU B 75 21.63 -183.63 46.24
CA GLU B 75 21.68 -184.92 45.56
C GLU B 75 22.38 -184.82 44.22
N TYR B 76 22.09 -183.76 43.46
CA TYR B 76 22.73 -183.57 42.16
C TYR B 76 24.23 -183.36 42.33
N LEU B 77 24.64 -182.56 43.32
CA LEU B 77 26.06 -182.34 43.56
C LEU B 77 26.75 -183.63 43.95
N ARG B 78 26.12 -184.43 44.82
CA ARG B 78 26.71 -185.71 45.21
C ARG B 78 26.84 -186.65 44.03
N SER B 79 25.81 -186.73 43.17
CA SER B 79 25.88 -187.59 42.01
C SER B 79 26.98 -187.14 41.05
N VAL B 80 27.11 -185.81 40.85
CA VAL B 80 28.15 -185.28 39.99
C VAL B 80 29.53 -185.59 40.55
N LEU B 81 29.71 -185.45 41.86
CA LEU B 81 31.00 -185.76 42.48
C LEU B 81 31.32 -187.24 42.34
N VAL B 82 30.32 -188.11 42.51
CA VAL B 82 30.55 -189.55 42.39
C VAL B 82 30.94 -189.91 40.97
N LYS B 83 30.22 -189.35 39.98
CA LYS B 83 30.47 -189.73 38.59
C LYS B 83 31.71 -189.06 38.03
N ALA B 84 32.15 -187.97 38.65
CA ALA B 84 33.24 -187.19 38.07
C ALA B 84 34.59 -187.88 38.21
N LEU B 85 35.02 -188.12 39.45
CA LEU B 85 36.35 -188.69 39.72
C LEU B 85 36.23 -190.10 40.26
N GLY B 86 35.48 -190.30 41.34
CA GLY B 86 35.35 -191.62 41.93
C GLY B 86 34.73 -191.54 43.31
N GLU B 87 34.44 -192.70 43.89
CA GLU B 87 33.83 -192.74 45.21
C GLU B 87 34.74 -192.13 46.27
N GLU B 88 36.04 -192.43 46.19
CA GLU B 88 36.99 -191.90 47.18
C GLU B 88 37.10 -190.38 47.09
N ARG B 89 37.16 -189.84 45.87
CA ARG B 89 37.23 -188.38 45.72
C ARG B 89 35.89 -187.71 46.01
N ALA B 90 34.79 -188.41 45.72
CA ALA B 90 33.47 -187.85 46.01
C ALA B 90 33.28 -187.69 47.51
N SER B 91 33.77 -188.63 48.30
CA SER B 91 33.68 -188.51 49.76
C SER B 91 34.43 -187.29 50.26
N SER B 92 35.64 -187.06 49.73
CA SER B 92 36.43 -185.89 50.13
C SER B 92 35.73 -184.60 49.71
N LEU B 93 35.19 -184.57 48.49
CA LEU B 93 34.49 -183.37 48.03
C LEU B 93 33.27 -183.08 48.88
N LEU B 94 32.49 -184.11 49.22
CA LEU B 94 31.32 -183.92 50.06
C LEU B 94 31.72 -183.47 51.46
N GLU B 95 32.80 -184.02 52.00
CA GLU B 95 33.28 -183.59 53.30
C GLU B 95 33.70 -182.14 53.29
N ASP B 96 34.40 -181.71 52.23
CA ASP B 96 34.78 -180.31 52.12
C ASP B 96 33.56 -179.41 52.00
N ILE B 97 32.56 -179.82 51.21
CA ILE B 97 31.35 -179.02 51.06
C ILE B 97 30.63 -178.88 52.39
N LEU B 98 30.53 -179.98 53.15
CA LEU B 98 29.89 -179.92 54.45
C LEU B 98 30.68 -179.05 55.42
N GLU B 99 32.02 -179.16 55.39
CA GLU B 99 32.84 -178.35 56.28
C GLU B 99 32.82 -176.88 55.90
N THR B 100 32.42 -176.56 54.67
CA THR B 100 32.27 -175.16 54.28
C THR B 100 31.26 -174.44 55.17
N ARG B 101 30.23 -175.16 55.64
CA ARG B 101 29.27 -174.61 56.60
C ARG B 101 29.69 -175.05 57.99
N ASP B 102 30.24 -174.12 58.76
CA ASP B 102 30.76 -174.39 60.09
C ASP B 102 29.68 -174.14 61.13
N THR B 103 30.04 -174.29 62.39
CA THR B 103 29.13 -174.10 63.51
C THR B 103 29.66 -173.00 64.42
N THR B 104 28.75 -172.19 64.96
CA THR B 104 29.16 -171.06 65.80
C THR B 104 29.59 -171.52 67.18
N SER B 105 28.69 -172.16 67.92
CA SER B 105 29.00 -172.62 69.27
C SER B 105 30.05 -173.72 69.21
N GLY B 106 31.05 -173.61 70.10
CA GLY B 106 32.17 -174.52 70.08
C GLY B 106 31.82 -175.96 70.37
N ILE B 107 30.70 -176.20 71.06
CA ILE B 107 30.32 -177.57 71.39
C ILE B 107 30.09 -178.37 70.11
N GLU B 108 29.36 -177.79 69.16
CA GLU B 108 29.18 -178.47 67.88
C GLU B 108 30.47 -178.53 67.07
N THR B 109 31.34 -177.53 67.22
CA THR B 109 32.63 -177.59 66.54
C THR B 109 33.48 -178.74 67.07
N LEU B 110 33.23 -179.17 68.30
CA LEU B 110 33.93 -180.33 68.82
C LEU B 110 33.76 -181.66 68.08
N ASN B 111 32.62 -181.86 67.40
CA ASN B 111 32.40 -183.10 66.60
C ASN B 111 33.05 -183.08 65.20
N PHE B 112 33.71 -181.98 64.83
CA PHE B 112 34.44 -181.92 63.54
C PHE B 112 35.92 -182.19 63.82
N MET B 113 36.27 -182.32 65.10
CA MET B 113 37.65 -182.58 65.51
C MET B 113 37.81 -184.09 65.45
N GLU B 114 39.06 -184.52 65.41
CA GLU B 114 39.36 -185.94 65.45
C GLU B 114 38.96 -186.52 66.80
N PRO B 115 38.48 -187.77 66.84
CA PRO B 115 38.09 -188.35 68.13
C PRO B 115 39.15 -188.33 69.23
N GLN B 116 40.41 -188.59 68.90
CA GLN B 116 41.44 -188.60 69.93
C GLN B 116 41.76 -187.19 70.45
N SER B 117 41.69 -186.20 69.57
CA SER B 117 41.96 -184.82 69.99
C SER B 117 40.86 -184.43 70.98
N ALA B 118 39.60 -184.73 70.65
CA ALA B 118 38.52 -184.41 71.57
C ALA B 118 38.63 -185.21 72.86
N ALA B 119 38.99 -186.49 72.75
CA ALA B 119 39.13 -187.33 73.95
C ALA B 119 40.22 -186.79 74.85
N ASP B 120 41.34 -186.35 74.28
CA ASP B 120 42.39 -185.75 75.09
C ASP B 120 41.95 -184.41 75.67
N LEU B 121 41.16 -183.64 74.92
CA LEU B 121 40.74 -182.32 75.38
C LEU B 121 39.80 -182.42 76.57
N ILE B 122 38.85 -183.36 76.54
CA ILE B 122 37.80 -183.42 77.56
C ILE B 122 38.00 -184.54 78.55
N ARG B 123 39.14 -185.23 78.52
CA ARG B 123 39.36 -186.31 79.48
C ARG B 123 39.45 -185.78 80.91
N ASP B 124 40.12 -184.64 81.09
CA ASP B 124 40.35 -184.12 82.44
C ASP B 124 39.13 -183.40 83.00
N GLU B 125 38.12 -183.13 82.19
CA GLU B 125 36.97 -182.39 82.66
C GLU B 125 36.14 -183.22 83.64
N HIS B 126 35.26 -182.54 84.37
CA HIS B 126 34.38 -183.20 85.30
C HIS B 126 33.45 -184.17 84.56
N PRO B 127 33.17 -185.33 85.12
CA PRO B 127 32.36 -186.32 84.38
C PRO B 127 31.00 -185.79 83.92
N GLN B 128 30.35 -184.96 84.72
CA GLN B 128 29.09 -184.38 84.29
C GLN B 128 29.25 -183.44 83.10
N ILE B 129 30.35 -182.68 83.07
CA ILE B 129 30.61 -181.80 81.93
C ILE B 129 30.88 -182.63 80.68
N ILE B 130 31.61 -183.75 80.84
CA ILE B 130 31.83 -184.65 79.71
C ILE B 130 30.48 -185.14 79.21
N ALA B 131 29.61 -185.56 80.13
CA ALA B 131 28.30 -186.07 79.74
C ALA B 131 27.50 -185.00 79.00
N THR B 132 27.52 -183.77 79.50
CA THR B 132 26.81 -182.68 78.85
C THR B 132 27.34 -182.45 77.44
N ILE B 133 28.66 -182.48 77.29
CA ILE B 133 29.26 -182.32 75.93
C ILE B 133 28.75 -183.45 75.03
N LEU B 134 28.69 -184.68 75.54
CA LEU B 134 28.34 -185.85 74.69
C LEU B 134 26.91 -185.77 74.12
N VAL B 135 25.92 -185.32 74.89
CA VAL B 135 24.52 -185.34 74.39
C VAL B 135 24.41 -184.17 73.40
N HIS B 136 25.24 -183.14 73.56
CA HIS B 136 25.25 -182.03 72.56
C HIS B 136 26.10 -182.44 71.35
N LEU B 137 27.05 -183.35 71.55
CA LEU B 137 27.92 -183.81 70.44
C LEU B 137 27.16 -184.83 69.59
N LYS B 138 27.60 -185.01 68.34
CA LYS B 138 26.97 -186.02 67.44
C LYS B 138 27.16 -187.41 68.08
N ARG B 139 26.15 -188.28 67.97
CA ARG B 139 26.21 -189.60 68.63
C ARG B 139 27.43 -190.41 68.14
N SER B 140 27.66 -190.46 66.83
CA SER B 140 28.77 -191.28 66.30
C SER B 140 30.08 -190.84 66.96
N GLN B 141 30.33 -189.53 67.02
CA GLN B 141 31.60 -189.01 67.59
C GLN B 141 31.67 -189.42 69.05
N ALA B 142 30.59 -189.19 69.80
CA ALA B 142 30.58 -189.49 71.23
C ALA B 142 30.92 -190.95 71.49
N ALA B 143 30.42 -191.85 70.64
CA ALA B 143 30.73 -193.27 70.80
C ALA B 143 32.22 -193.52 70.63
N ASP B 144 32.83 -192.88 69.62
CA ASP B 144 34.27 -193.04 69.43
C ASP B 144 35.05 -192.47 70.61
N ILE B 145 34.62 -191.32 71.12
CA ILE B 145 35.30 -190.72 72.27
C ILE B 145 35.28 -191.62 73.50
N LEU B 146 34.11 -192.20 73.80
CA LEU B 146 34.02 -193.11 74.92
C LEU B 146 34.82 -194.39 74.70
N ALA B 147 34.93 -194.82 73.44
CA ALA B 147 35.78 -195.96 73.12
C ALA B 147 37.23 -195.67 73.49
N LEU B 148 37.66 -194.43 73.23
CA LEU B 148 39.06 -194.03 73.56
C LEU B 148 39.20 -193.78 75.06
N PHE B 149 38.08 -193.63 75.77
CA PHE B 149 38.14 -193.27 77.22
C PHE B 149 38.43 -194.51 78.06
N ASP B 150 39.13 -194.33 79.19
CA ASP B 150 39.38 -195.43 80.11
C ASP B 150 38.04 -196.06 80.51
N GLU B 151 38.09 -197.35 80.87
CA GLU B 151 36.87 -198.09 81.15
C GLU B 151 36.13 -197.53 82.36
N ARG B 152 36.87 -197.10 83.38
CA ARG B 152 36.21 -196.49 84.54
C ARG B 152 35.50 -195.20 84.16
N LEU B 153 36.20 -194.30 83.47
CA LEU B 153 35.59 -193.08 83.01
C LEU B 153 34.47 -193.36 82.03
N ARG B 154 34.65 -194.37 81.18
CA ARG B 154 33.61 -194.74 80.22
C ARG B 154 32.33 -195.13 80.94
N HIS B 155 32.43 -196.03 81.92
CA HIS B 155 31.24 -196.46 82.66
C HIS B 155 30.62 -195.30 83.42
N ASP B 156 31.45 -194.46 84.06
CA ASP B 156 30.92 -193.34 84.82
C ASP B 156 30.15 -192.39 83.92
N VAL B 157 30.74 -192.03 82.78
CA VAL B 157 30.11 -191.09 81.87
C VAL B 157 28.84 -191.69 81.27
N MET B 158 28.86 -192.99 80.95
CA MET B 158 27.65 -193.62 80.43
C MET B 158 26.54 -193.60 81.47
N LEU B 159 26.87 -193.87 82.73
CA LEU B 159 25.88 -193.80 83.78
C LEU B 159 25.30 -192.38 83.91
N ARG B 160 26.17 -191.38 83.84
CA ARG B 160 25.68 -189.99 83.88
C ARG B 160 24.79 -189.69 82.69
N ILE B 161 25.11 -190.24 81.52
CA ILE B 161 24.28 -190.06 80.34
C ILE B 161 22.91 -190.66 80.57
N ALA B 162 22.84 -191.84 81.17
CA ALA B 162 21.57 -192.51 81.38
C ALA B 162 20.63 -191.68 82.26
N THR B 163 21.17 -191.09 83.33
CA THR B 163 20.36 -190.37 84.31
C THR B 163 20.56 -188.85 84.24
N PHE B 164 20.73 -188.31 83.04
CA PHE B 164 20.91 -186.87 82.90
C PHE B 164 19.67 -186.12 83.37
N GLY B 165 19.89 -184.94 83.94
CA GLY B 165 18.80 -184.19 84.54
C GLY B 165 18.69 -182.74 84.11
N GLY B 166 19.37 -182.38 83.03
CA GLY B 166 19.26 -181.02 82.51
C GLY B 166 20.17 -179.96 83.12
N VAL B 167 20.76 -179.13 82.27
CA VAL B 167 21.68 -178.10 82.73
C VAL B 167 21.08 -176.74 82.97
N GLN B 168 21.69 -175.97 83.87
CA GLN B 168 21.24 -174.60 84.11
C GLN B 168 21.70 -173.85 82.86
N PRO B 169 20.89 -172.90 82.38
CA PRO B 169 21.30 -172.13 81.20
C PRO B 169 22.60 -171.37 81.39
N ALA B 170 22.84 -170.85 82.61
CA ALA B 170 24.09 -170.13 82.86
C ALA B 170 25.29 -171.04 82.74
N ALA B 171 25.21 -172.25 83.30
CA ALA B 171 26.32 -173.19 83.20
C ALA B 171 26.56 -173.62 81.76
N LEU B 172 25.48 -173.86 81.01
CA LEU B 172 25.63 -174.22 79.61
C LEU B 172 26.28 -173.10 78.81
N ALA B 173 25.85 -171.86 79.05
CA ALA B 173 26.48 -170.73 78.36
C ALA B 173 27.95 -170.59 78.75
N GLU B 174 28.27 -170.85 80.02
CA GLU B 174 29.67 -170.77 80.45
C GLU B 174 30.52 -171.82 79.76
N LEU B 175 30.02 -173.06 79.68
CA LEU B 175 30.75 -174.10 78.95
C LEU B 175 30.89 -173.74 77.48
N THR B 176 29.81 -173.20 76.90
CA THR B 176 29.84 -172.83 75.47
C THR B 176 30.95 -171.82 75.26
N GLU B 177 30.94 -170.72 76.02
CA GLU B 177 31.95 -169.65 75.81
C GLU B 177 33.37 -170.21 76.08
N VAL B 178 33.52 -171.04 77.12
CA VAL B 178 34.85 -171.65 77.42
C VAL B 178 35.27 -172.48 76.21
N LEU B 179 34.40 -173.40 75.77
CA LEU B 179 34.78 -174.28 74.66
C LEU B 179 35.06 -173.49 73.39
N ASN B 180 34.33 -172.39 73.19
CA ASN B 180 34.58 -171.54 72.02
C ASN B 180 35.97 -170.96 72.06
N GLY B 181 36.39 -170.42 73.22
CA GLY B 181 37.70 -169.83 73.34
C GLY B 181 38.84 -170.82 73.11
N LEU B 182 38.55 -172.11 73.18
CA LEU B 182 39.59 -173.13 72.98
C LEU B 182 39.64 -173.57 71.52
N LEU B 183 38.46 -173.76 70.91
CA LEU B 183 38.45 -174.34 69.53
C LEU B 183 38.46 -173.26 68.46
N ASP B 184 37.85 -172.08 68.70
CA ASP B 184 37.77 -171.09 67.60
C ASP B 184 39.19 -170.68 67.21
N GLY B 185 40.07 -170.47 68.18
CA GLY B 185 41.49 -170.16 67.87
C GLY B 185 42.17 -171.31 67.17
N GLN B 186 41.91 -172.54 67.62
CA GLN B 186 42.60 -173.74 67.05
C GLN B 186 42.18 -173.99 65.60
N ASN B 187 43.11 -174.41 64.75
CA ASN B 187 42.71 -174.81 63.36
C ASN B 187 41.83 -176.06 63.50
N LEU B 188 40.77 -176.17 62.70
CA LEU B 188 39.83 -177.30 62.89
C LEU B 188 39.62 -178.06 61.57
N LYS B 189 40.62 -178.13 60.69
CA LYS B 189 40.39 -178.92 59.48
C LYS B 189 41.70 -179.62 59.07
N ARG B 190 42.03 -180.67 59.81
CA ARG B 190 43.18 -181.49 59.49
C ARG B 190 42.96 -182.19 58.16
N SER B 191 43.71 -181.79 57.13
CA SER B 191 43.54 -182.37 55.81
C SER B 191 44.24 -183.72 55.76
N LYS B 192 43.49 -184.77 55.42
CA LYS B 192 44.01 -186.12 55.35
C LYS B 192 44.18 -186.48 53.88
N MET B 193 45.43 -186.54 53.42
CA MET B 193 45.77 -186.88 52.04
C MET B 193 46.67 -188.11 52.07
N GLY B 194 46.19 -189.22 51.50
CA GLY B 194 47.01 -190.44 51.42
C GLY B 194 46.70 -191.41 52.54
N GLY B 195 45.90 -192.43 52.25
CA GLY B 195 45.59 -193.45 53.24
C GLY B 195 46.21 -194.78 52.85
N VAL B 196 45.35 -195.72 52.46
CA VAL B 196 45.79 -197.03 51.97
C VAL B 196 45.60 -197.21 50.45
N ARG B 197 44.62 -196.49 49.90
CA ARG B 197 44.41 -196.50 48.45
C ARG B 197 45.67 -195.91 47.85
N THR B 198 46.14 -194.79 48.40
CA THR B 198 47.36 -194.17 47.89
C THR B 198 48.56 -195.06 48.10
N ALA B 199 48.64 -195.72 49.24
CA ALA B 199 49.75 -196.64 49.50
C ALA B 199 49.73 -197.80 48.52
N ALA B 200 48.56 -198.36 48.24
CA ALA B 200 48.46 -199.45 47.27
C ALA B 200 48.85 -198.98 45.87
N GLU B 201 48.41 -197.78 45.49
CA GLU B 201 48.78 -197.24 44.18
C GLU B 201 50.28 -197.04 44.08
N ILE B 202 50.90 -196.53 45.15
CA ILE B 202 52.36 -196.35 45.16
C ILE B 202 53.06 -197.70 45.03
N ILE B 203 52.58 -198.70 45.78
CA ILE B 203 53.22 -200.02 45.76
C ILE B 203 53.12 -200.64 44.37
N ASN B 204 51.95 -200.51 43.73
CA ASN B 204 51.70 -201.18 42.47
C ASN B 204 52.62 -200.74 41.35
N LEU B 205 53.29 -199.59 41.47
CA LEU B 205 54.11 -199.05 40.40
C LEU B 205 55.61 -199.25 40.60
N MET B 206 56.04 -199.99 41.60
CA MET B 206 57.46 -200.21 41.83
C MET B 206 57.84 -201.66 41.51
N LYS B 207 59.12 -201.95 41.68
CA LYS B 207 59.64 -203.27 41.33
C LYS B 207 59.04 -204.38 42.19
N THR B 208 58.99 -205.59 41.61
CA THR B 208 58.36 -206.72 42.29
C THR B 208 59.09 -207.07 43.59
N GLN B 209 60.42 -207.05 43.58
CA GLN B 209 61.17 -207.38 44.78
C GLN B 209 60.89 -206.39 45.90
N GLN B 210 60.91 -205.08 45.57
CA GLN B 210 60.54 -204.10 46.56
C GLN B 210 59.08 -204.22 46.97
N GLU B 211 58.21 -204.62 46.04
CA GLU B 211 56.81 -204.82 46.37
C GLU B 211 56.65 -205.89 47.44
N GLU B 212 57.27 -207.06 47.22
CA GLU B 212 57.16 -208.12 48.20
C GLU B 212 57.83 -207.75 49.52
N ALA B 213 58.96 -207.04 49.46
CA ALA B 213 59.61 -206.60 50.68
C ALA B 213 58.71 -205.69 51.50
N VAL B 214 58.09 -204.71 50.86
CA VAL B 214 57.25 -203.78 51.62
C VAL B 214 55.99 -204.46 52.12
N ILE B 215 55.39 -205.36 51.34
CA ILE B 215 54.15 -205.99 51.81
C ILE B 215 54.46 -206.93 52.98
N THR B 216 55.59 -207.63 52.93
CA THR B 216 55.92 -208.50 54.06
C THR B 216 56.31 -207.67 55.28
N ALA B 217 56.94 -206.51 55.09
CA ALA B 217 57.22 -205.63 56.21
C ALA B 217 55.92 -205.15 56.87
N VAL B 218 54.94 -204.75 56.05
CA VAL B 218 53.66 -204.31 56.58
C VAL B 218 52.99 -205.46 57.31
N ARG B 219 53.02 -206.66 56.73
CA ARG B 219 52.42 -207.82 57.38
C ARG B 219 53.07 -208.11 58.72
N GLU B 220 54.39 -207.95 58.79
CA GLU B 220 55.08 -208.08 60.07
C GLU B 220 54.59 -207.03 61.06
N PHE B 221 54.41 -205.79 60.60
CA PHE B 221 53.88 -204.75 61.47
C PHE B 221 52.43 -205.02 61.89
N ASP B 222 51.58 -205.40 60.95
CA ASP B 222 50.18 -205.67 61.20
C ASP B 222 49.63 -206.41 59.99
N GLY B 223 49.09 -207.61 60.22
CA GLY B 223 48.57 -208.39 59.12
C GLY B 223 47.31 -207.83 58.48
N GLU B 224 46.45 -207.21 59.28
CA GLU B 224 45.22 -206.65 58.75
C GLU B 224 45.49 -205.53 57.76
N LEU B 225 46.45 -204.66 58.09
CA LEU B 225 46.81 -203.58 57.17
C LEU B 225 47.37 -204.15 55.87
N ALA B 226 48.21 -205.19 55.96
CA ALA B 226 48.75 -205.80 54.75
C ALA B 226 47.65 -206.40 53.87
N GLN B 227 46.68 -207.08 54.48
CA GLN B 227 45.58 -207.64 53.70
C GLN B 227 44.72 -206.55 53.07
N LYS B 228 44.48 -205.46 53.80
CA LYS B 228 43.71 -204.36 53.23
C LYS B 228 44.47 -203.74 52.07
N ILE B 229 45.79 -203.60 52.21
CA ILE B 229 46.61 -203.08 51.12
C ILE B 229 46.54 -203.99 49.91
N ILE B 230 46.61 -205.30 50.14
CA ILE B 230 46.54 -206.26 49.05
C ILE B 230 45.20 -206.22 48.33
N ASP B 231 44.11 -206.05 49.09
CA ASP B 231 42.79 -205.99 48.47
C ASP B 231 42.62 -204.69 47.68
N GLU B 232 43.15 -203.59 48.20
CA GLU B 232 43.06 -202.32 47.49
C GLU B 232 44.03 -202.40 46.31
N MET B 233 45.02 -203.30 46.37
CA MET B 233 45.98 -203.39 45.27
C MET B 233 45.30 -203.74 43.95
N PHE B 234 44.45 -204.76 43.96
CA PHE B 234 43.73 -205.21 42.77
C PHE B 234 42.23 -205.20 43.06
N LEU B 235 41.55 -204.17 42.59
CA LEU B 235 40.10 -204.06 42.78
C LEU B 235 39.36 -204.93 41.77
N PHE B 236 38.06 -205.05 41.96
CA PHE B 236 37.23 -205.84 41.06
C PHE B 236 36.86 -205.02 39.82
N GLU B 237 37.86 -204.40 39.19
CA GLU B 237 37.66 -203.68 37.93
C GLU B 237 38.75 -203.93 36.91
N ASN B 238 39.90 -204.49 37.30
CA ASN B 238 40.98 -204.78 36.38
C ASN B 238 40.89 -206.18 35.79
N LEU B 239 39.84 -206.94 36.13
CA LEU B 239 39.68 -208.28 35.59
C LEU B 239 39.52 -208.27 34.08
N VAL B 240 39.08 -207.14 33.50
CA VAL B 240 39.00 -207.02 32.06
C VAL B 240 40.39 -207.10 31.41
N ASP B 241 41.43 -206.73 32.14
CA ASP B 241 42.79 -206.76 31.63
C ASP B 241 43.47 -208.11 31.83
N VAL B 242 42.79 -209.07 32.44
CA VAL B 242 43.36 -210.40 32.66
C VAL B 242 43.33 -211.17 31.35
N ASP B 243 44.35 -212.01 31.14
CA ASP B 243 44.45 -212.79 29.92
C ASP B 243 43.36 -213.85 29.87
N ASP B 244 43.00 -214.25 28.64
CA ASP B 244 41.98 -215.27 28.46
C ASP B 244 42.41 -216.60 29.06
N ARG B 245 43.69 -216.97 28.89
CA ARG B 245 44.18 -218.20 29.47
C ARG B 245 44.11 -218.17 30.99
N SER B 246 44.46 -217.03 31.60
CA SER B 246 44.35 -216.90 33.04
C SER B 246 42.90 -217.01 33.50
N ILE B 247 41.98 -216.41 32.75
CA ILE B 247 40.56 -216.51 33.09
C ILE B 247 40.08 -217.96 33.01
N GLN B 248 40.49 -218.68 31.96
CA GLN B 248 40.09 -220.08 31.84
C GLN B 248 40.68 -220.92 32.97
N ARG B 249 41.94 -220.66 33.33
CA ARG B 249 42.55 -221.40 34.44
C ARG B 249 41.84 -221.12 35.76
N LEU B 250 41.47 -219.86 36.00
CA LEU B 250 40.80 -219.53 37.24
C LEU B 250 39.35 -220.02 37.27
N LEU B 251 38.75 -220.23 36.09
CA LEU B 251 37.39 -220.72 36.04
C LEU B 251 37.26 -222.12 36.64
N GLN B 252 38.34 -222.89 36.62
CA GLN B 252 38.32 -224.24 37.17
C GLN B 252 38.18 -224.25 38.69
N GLU B 253 38.46 -223.15 39.37
CA GLU B 253 38.37 -223.08 40.82
C GLU B 253 37.30 -222.12 41.32
N VAL B 254 36.46 -221.58 40.42
CA VAL B 254 35.43 -220.63 40.79
C VAL B 254 34.08 -221.33 40.79
N ASP B 255 33.37 -221.23 41.91
CA ASP B 255 32.03 -221.81 41.99
C ASP B 255 31.07 -221.07 41.07
N SER B 256 30.17 -221.83 40.44
CA SER B 256 29.24 -221.23 39.50
C SER B 256 28.31 -220.25 40.19
N GLU B 257 27.78 -220.62 41.36
CA GLU B 257 26.89 -219.73 42.09
C GLU B 257 27.61 -218.46 42.55
N SER B 258 28.81 -218.61 43.11
CA SER B 258 29.57 -217.45 43.56
C SER B 258 29.96 -216.56 42.38
N LEU B 259 30.38 -217.16 41.27
CA LEU B 259 30.72 -216.38 40.09
C LEU B 259 29.52 -215.62 39.55
N LEU B 260 28.36 -216.27 39.51
CA LEU B 260 27.14 -215.61 39.04
C LEU B 260 26.75 -214.47 39.96
N ILE B 261 26.86 -214.68 41.28
CA ILE B 261 26.54 -213.63 42.23
C ILE B 261 27.49 -212.44 42.06
N ALA B 262 28.77 -212.71 41.88
CA ALA B 262 29.74 -211.62 41.69
C ALA B 262 29.48 -210.87 40.38
N LEU B 263 29.16 -211.60 39.31
CA LEU B 263 28.97 -210.99 38.00
C LEU B 263 27.57 -210.43 37.81
N LYS B 264 26.67 -210.60 38.78
CA LYS B 264 25.33 -210.03 38.65
C LYS B 264 25.39 -208.50 38.58
N GLY B 265 26.22 -207.89 39.41
CA GLY B 265 26.41 -206.45 39.40
C GLY B 265 27.63 -205.98 38.64
N ALA B 266 28.34 -206.87 37.96
CA ALA B 266 29.54 -206.50 37.23
C ALA B 266 29.17 -205.82 35.91
N GLU B 267 30.18 -205.19 35.28
CA GLU B 267 29.95 -204.54 34.00
C GLU B 267 29.67 -205.57 32.92
N PRO B 268 28.85 -205.23 31.93
CA PRO B 268 28.54 -206.17 30.85
C PRO B 268 29.80 -206.59 30.11
N PRO B 269 30.75 -205.66 29.92
CA PRO B 269 32.01 -206.05 29.28
C PRO B 269 32.78 -207.10 30.06
N LEU B 270 32.79 -207.00 31.40
CA LEU B 270 33.47 -208.00 32.21
C LEU B 270 32.79 -209.35 32.09
N ARG B 271 31.46 -209.38 32.09
CA ARG B 271 30.73 -210.62 31.93
C ARG B 271 31.00 -211.24 30.57
N GLU B 272 31.04 -210.42 29.52
CA GLU B 272 31.32 -210.93 28.18
C GLU B 272 32.75 -211.49 28.09
N LYS B 273 33.70 -210.79 28.70
CA LYS B 273 35.09 -211.28 28.68
C LYS B 273 35.22 -212.58 29.46
N PHE B 274 34.54 -212.69 30.60
CA PHE B 274 34.61 -213.88 31.43
C PHE B 274 33.77 -215.04 30.89
N LEU B 275 32.87 -214.77 29.95
CA LEU B 275 32.05 -215.82 29.36
C LEU B 275 32.68 -216.45 28.12
N ARG B 276 33.84 -215.97 27.70
CA ARG B 276 34.54 -216.51 26.54
C ARG B 276 35.54 -217.60 26.90
N ASN B 277 35.67 -217.93 28.19
CA ASN B 277 36.61 -218.95 28.63
C ASN B 277 35.96 -220.30 28.87
N MET B 278 34.66 -220.35 29.07
CA MET B 278 33.95 -221.60 29.32
C MET B 278 33.32 -222.11 28.02
N SER B 279 32.57 -223.20 28.10
CA SER B 279 31.91 -223.76 26.94
C SER B 279 30.71 -222.90 26.54
N GLN B 280 30.23 -223.13 25.32
CA GLN B 280 29.06 -222.40 24.84
C GLN B 280 27.83 -222.73 25.68
N ARG B 281 27.64 -224.01 26.01
CA ARG B 281 26.53 -224.39 26.88
C ARG B 281 26.68 -223.78 28.27
N ALA B 282 27.91 -223.79 28.80
CA ALA B 282 28.15 -223.17 30.10
C ALA B 282 27.89 -221.67 30.05
N ALA B 283 28.32 -221.00 28.98
CA ALA B 283 28.05 -219.57 28.84
C ALA B 283 26.57 -219.28 28.76
N ASP B 284 25.82 -220.09 28.01
CA ASP B 284 24.37 -219.91 27.91
C ASP B 284 23.71 -220.14 29.26
N ILE B 285 24.15 -221.16 30.00
CA ILE B 285 23.59 -221.42 31.32
C ILE B 285 23.88 -220.27 32.27
N LEU B 286 25.10 -219.73 32.24
CA LEU B 286 25.43 -218.59 33.10
C LEU B 286 24.60 -217.37 32.73
N ARG B 287 24.41 -217.11 31.43
CA ARG B 287 23.59 -215.98 31.00
C ARG B 287 22.15 -216.16 31.46
N ASP B 288 21.60 -217.37 31.32
CA ASP B 288 20.23 -217.62 31.77
C ASP B 288 20.10 -217.44 33.27
N ASP B 289 21.09 -217.93 34.04
CA ASP B 289 21.05 -217.77 35.49
C ASP B 289 21.13 -216.30 35.88
N LEU B 290 21.98 -215.53 35.20
CA LEU B 290 22.09 -214.10 35.50
C LEU B 290 20.80 -213.37 35.16
N ALA B 291 20.16 -213.72 34.04
CA ALA B 291 18.90 -213.09 33.67
C ALA B 291 17.80 -213.44 34.68
N ASN B 292 17.77 -214.71 35.12
CA ASN B 292 16.74 -215.15 36.05
C ASN B 292 17.01 -214.72 37.48
N ARG B 293 18.25 -214.36 37.81
CA ARG B 293 18.58 -213.97 39.17
C ARG B 293 18.00 -212.59 39.47
N GLY B 294 17.29 -212.49 40.59
CA GLY B 294 16.74 -211.23 41.02
C GLY B 294 17.75 -210.37 41.73
N PRO B 295 17.35 -209.14 42.05
CA PRO B 295 18.24 -208.24 42.78
C PRO B 295 18.59 -208.80 44.15
N VAL B 296 19.83 -208.58 44.58
CA VAL B 296 20.31 -209.06 45.86
C VAL B 296 21.10 -207.95 46.54
N ARG B 297 21.23 -208.05 47.86
CA ARG B 297 22.02 -207.09 48.60
C ARG B 297 23.49 -207.18 48.21
N LEU B 298 24.15 -206.02 48.18
CA LEU B 298 25.55 -205.96 47.76
C LEU B 298 26.50 -206.60 48.77
N SER B 299 26.03 -206.90 49.98
CA SER B 299 26.90 -207.48 51.00
C SER B 299 27.40 -208.86 50.59
N GLN B 300 26.52 -209.70 50.05
CA GLN B 300 26.93 -211.03 49.61
C GLN B 300 27.66 -211.02 48.28
N VAL B 301 27.26 -210.14 47.37
CA VAL B 301 27.96 -210.02 46.09
C VAL B 301 29.40 -209.55 46.31
N GLU B 302 29.59 -208.61 47.24
CA GLU B 302 30.94 -208.16 47.56
C GLU B 302 31.78 -209.29 48.13
N ASN B 303 31.20 -210.11 49.00
CA ASN B 303 31.94 -211.25 49.56
C ASN B 303 32.31 -212.25 48.48
N GLU B 304 31.37 -212.53 47.55
CA GLU B 304 31.66 -213.44 46.47
C GLU B 304 32.77 -212.91 45.56
N GLN B 305 32.71 -211.61 45.25
CA GLN B 305 33.75 -211.01 44.43
C GLN B 305 35.09 -211.02 45.15
N LYS B 306 35.09 -210.81 46.47
CA LYS B 306 36.32 -210.87 47.24
C LYS B 306 36.91 -212.29 47.22
N ALA B 307 36.05 -213.31 47.34
CA ALA B 307 36.54 -214.68 47.27
C ALA B 307 37.13 -214.98 45.90
N ILE B 308 36.45 -214.53 44.84
CA ILE B 308 36.94 -214.76 43.49
C ILE B 308 38.29 -214.07 43.28
N LEU B 309 38.40 -212.82 43.75
CA LEU B 309 39.65 -212.08 43.63
C LEU B 309 40.76 -212.74 44.44
N LEU B 310 40.45 -213.25 45.63
CA LEU B 310 41.44 -213.96 46.42
C LEU B 310 41.93 -215.21 45.70
N ILE B 311 41.01 -215.96 45.09
CA ILE B 311 41.41 -217.15 44.34
C ILE B 311 42.29 -216.78 43.16
N VAL B 312 41.92 -215.71 42.44
CA VAL B 312 42.70 -215.26 41.29
C VAL B 312 44.10 -214.82 41.74
N ARG B 313 44.16 -214.09 42.84
CA ARG B 313 45.45 -213.62 43.35
C ARG B 313 46.32 -214.79 43.80
N ARG B 314 45.72 -215.79 44.43
CA ARG B 314 46.47 -216.98 44.82
C ARG B 314 47.01 -217.71 43.59
N LEU B 315 46.19 -217.83 42.55
CA LEU B 315 46.64 -218.47 41.32
C LEU B 315 47.79 -217.69 40.68
N ALA B 316 47.68 -216.37 40.67
CA ALA B 316 48.75 -215.54 40.09
C ALA B 316 50.03 -215.65 40.90
N GLU B 317 49.91 -215.65 42.23
CA GLU B 317 51.09 -215.76 43.09
C GLU B 317 51.76 -217.12 42.91
N THR B 318 50.95 -218.18 42.74
CA THR B 318 51.51 -219.49 42.47
C THR B 318 52.29 -219.49 41.15
N GLY B 319 51.77 -218.81 40.14
CA GLY B 319 52.44 -218.70 38.86
C GLY B 319 51.66 -219.33 37.72
N GLU B 320 50.36 -219.48 37.91
CA GLU B 320 49.49 -220.10 36.92
C GLU B 320 48.49 -219.12 36.31
N MET B 321 48.82 -217.83 36.31
CA MET B 321 47.94 -216.81 35.75
C MET B 321 48.81 -215.66 35.27
N VAL B 322 48.26 -214.86 34.35
CA VAL B 322 48.97 -213.70 33.82
C VAL B 322 47.96 -212.59 33.52
N ILE B 323 48.46 -211.43 33.12
CA ILE B 323 47.60 -210.29 32.80
C ILE B 323 48.02 -209.71 31.45
N GLY B 324 47.19 -208.83 30.89
CA GLY B 324 47.49 -208.22 29.61
C GLY B 324 46.44 -207.21 29.16
N SER C 33 63.34 -179.18 138.62
CA SER C 33 63.66 -178.13 137.66
C SER C 33 63.63 -178.66 136.23
N ASP C 34 62.72 -178.14 135.42
CA ASP C 34 62.61 -178.55 134.02
C ASP C 34 63.60 -177.72 133.20
N ILE C 35 64.54 -178.42 132.57
CA ILE C 35 65.56 -177.77 131.75
C ILE C 35 65.89 -178.68 130.58
N ARG C 36 65.49 -178.26 129.38
CA ARG C 36 65.73 -179.05 128.18
C ARG C 36 66.44 -178.18 127.15
N PRO C 37 67.26 -178.77 126.25
CA PRO C 37 68.04 -177.98 125.26
C PRO C 37 67.12 -177.23 124.32
N TYR C 38 67.56 -176.06 123.87
CA TYR C 38 66.79 -175.23 122.96
C TYR C 38 66.89 -175.82 121.55
N ASP C 39 65.74 -176.19 120.99
CA ASP C 39 65.67 -176.68 119.62
C ASP C 39 64.91 -175.66 118.78
N PRO C 40 65.53 -175.06 117.78
CA PRO C 40 64.79 -174.15 116.90
C PRO C 40 63.70 -174.87 116.13
N ASN C 41 62.93 -174.08 115.39
CA ASN C 41 61.80 -174.51 114.55
C ASN C 41 60.81 -175.41 115.28
N THR C 42 60.78 -175.39 116.61
CA THR C 42 59.79 -176.14 117.37
C THR C 42 58.60 -175.24 117.70
N GLN C 43 57.40 -175.82 117.67
CA GLN C 43 56.18 -175.07 117.92
C GLN C 43 56.10 -174.77 119.41
N ARG C 44 56.76 -173.69 119.82
CA ARG C 44 56.78 -173.27 121.21
C ARG C 44 55.95 -172.03 121.48
N ARG C 45 55.55 -171.29 120.45
CA ARG C 45 54.75 -170.07 120.61
C ARG C 45 53.28 -170.47 120.60
N VAL C 46 52.63 -170.36 121.75
CA VAL C 46 51.22 -170.68 121.91
C VAL C 46 50.50 -169.40 122.29
N VAL C 47 49.55 -168.98 121.45
CA VAL C 47 48.77 -167.75 121.66
C VAL C 47 47.31 -168.16 121.52
N ARG C 48 46.66 -168.46 122.66
CA ARG C 48 45.26 -168.86 122.67
C ARG C 48 44.44 -167.67 123.13
N GLU C 49 43.46 -167.29 122.30
CA GLU C 49 42.63 -166.12 122.60
C GLU C 49 41.26 -166.37 121.98
N ARG C 50 40.23 -166.34 122.82
CA ARG C 50 38.87 -166.47 122.34
C ARG C 50 38.49 -165.25 121.51
N LEU C 51 37.84 -165.47 120.36
CA LEU C 51 37.48 -164.41 119.44
C LEU C 51 35.96 -164.45 119.23
N GLN C 52 35.23 -163.79 120.13
CA GLN C 52 33.77 -163.84 120.08
C GLN C 52 33.23 -163.14 118.83
N ALA C 53 33.82 -161.98 118.50
CA ALA C 53 33.37 -161.18 117.34
C ALA C 53 33.52 -162.01 116.06
N LEU C 54 34.61 -162.78 115.89
CA LEU C 54 34.75 -163.71 114.78
C LEU C 54 33.77 -164.86 114.92
N GLU C 55 33.50 -165.29 116.16
CA GLU C 55 32.56 -166.38 116.39
C GLU C 55 31.16 -166.04 115.92
N ILE C 56 30.80 -164.75 115.90
CA ILE C 56 29.46 -164.38 115.42
C ILE C 56 29.51 -164.02 113.95
N ILE C 57 30.65 -163.48 113.50
CA ILE C 57 30.81 -163.18 112.08
C ILE C 57 30.75 -164.46 111.27
N ASN C 58 31.29 -165.55 111.81
CA ASN C 58 31.24 -166.83 111.11
C ASN C 58 29.81 -167.30 110.85
N GLU C 59 28.95 -167.23 111.86
CA GLU C 59 27.55 -167.63 111.68
C GLU C 59 26.81 -166.70 110.73
N ARG C 60 27.08 -165.39 110.82
CA ARG C 60 26.41 -164.46 109.91
C ARG C 60 26.81 -164.79 108.47
N PHE C 61 28.11 -165.00 108.25
CA PHE C 61 28.58 -165.37 106.91
C PHE C 61 28.02 -166.71 106.49
N ALA C 62 27.89 -167.65 107.41
CA ALA C 62 27.36 -168.96 107.07
C ALA C 62 25.91 -168.86 106.62
N ARG C 63 25.12 -168.04 107.31
CA ARG C 63 23.73 -167.84 106.89
C ARG C 63 23.66 -167.20 105.52
N GLN C 64 24.48 -166.16 105.29
CA GLN C 64 24.49 -165.51 103.99
C GLN C 64 24.91 -166.47 102.89
N PHE C 65 25.93 -167.29 103.16
CA PHE C 65 26.42 -168.22 102.16
C PHE C 65 25.42 -169.34 101.89
N ARG C 66 24.69 -169.78 102.91
CA ARG C 66 23.64 -170.76 102.68
C ARG C 66 22.52 -170.35 101.73
N MET C 67 22.01 -169.13 101.89
CA MET C 67 21.02 -168.63 100.92
C MET C 67 21.59 -168.35 99.51
N GLY C 68 22.86 -167.96 99.49
CA GLY C 68 23.53 -167.72 98.22
C GLY C 68 23.62 -169.07 97.52
N LEU C 69 23.99 -170.11 98.26
CA LEU C 69 24.08 -171.44 97.68
C LEU C 69 22.71 -171.95 97.29
N PHE C 70 21.68 -171.65 98.09
CA PHE C 70 20.33 -172.00 97.69
C PHE C 70 19.95 -171.28 96.41
N ASN C 71 20.29 -169.99 96.31
CA ASN C 71 19.98 -169.23 95.11
C ASN C 71 20.69 -169.81 93.88
N LEU C 72 21.91 -170.30 94.05
CA LEU C 72 22.70 -170.76 92.90
C LEU C 72 22.36 -172.19 92.53
N LEU C 73 22.59 -173.13 93.45
CA LEU C 73 22.47 -174.56 93.16
C LEU C 73 21.02 -175.02 93.05
N ARG C 74 20.05 -174.18 93.41
CA ARG C 74 18.64 -174.58 93.47
C ARG C 74 18.45 -175.81 94.36
N ARG C 75 19.19 -175.87 95.46
CA ARG C 75 19.09 -176.93 96.43
C ARG C 75 19.15 -176.31 97.83
N SER C 76 19.06 -177.16 98.84
CA SER C 76 19.04 -176.69 100.23
C SER C 76 20.26 -177.15 100.99
N PRO C 77 21.33 -176.35 101.01
CA PRO C 77 22.49 -176.69 101.85
C PRO C 77 22.39 -176.32 103.31
N ASP C 78 23.13 -177.05 104.14
CA ASP C 78 23.26 -176.70 105.55
C ASP C 78 24.74 -176.56 105.85
N ILE C 79 25.11 -175.43 106.45
CA ILE C 79 26.49 -175.10 106.75
C ILE C 79 26.67 -175.09 108.25
N THR C 80 27.56 -175.94 108.74
CA THR C 80 27.90 -176.00 110.16
C THR C 80 29.26 -175.34 110.34
N VAL C 81 29.30 -174.34 111.23
CA VAL C 81 30.55 -173.63 111.48
C VAL C 81 31.38 -174.41 112.49
N GLY C 82 32.61 -174.75 112.11
CA GLY C 82 33.49 -175.45 113.00
C GLY C 82 34.17 -174.52 113.99
N ALA C 83 34.91 -175.11 114.91
CA ALA C 83 35.65 -174.32 115.89
C ALA C 83 36.79 -173.56 115.23
N ILE C 84 36.93 -172.29 115.58
CA ILE C 84 38.02 -171.48 115.06
C ILE C 84 39.34 -172.04 115.58
N ARG C 85 40.29 -172.26 114.68
CA ARG C 85 41.59 -172.82 115.05
C ARG C 85 42.67 -171.76 114.88
N ILE C 86 43.41 -171.51 115.95
CA ILE C 86 44.54 -170.58 115.94
C ILE C 86 45.83 -171.40 115.90
N GLN C 87 46.43 -171.49 114.73
CA GLN C 87 47.48 -172.47 114.50
C GLN C 87 48.58 -171.90 113.61
N PRO C 88 49.79 -172.43 113.70
CA PRO C 88 50.85 -172.00 112.78
C PRO C 88 50.48 -172.33 111.34
N TYR C 89 50.97 -171.51 110.42
CA TYR C 89 50.58 -171.64 109.02
C TYR C 89 50.89 -172.98 108.36
N HIS C 90 52.01 -173.60 108.74
CA HIS C 90 52.44 -174.90 108.15
C HIS C 90 51.54 -176.06 108.63
N GLU C 91 50.84 -175.90 109.77
CA GLU C 91 49.87 -176.87 110.24
C GLU C 91 48.67 -176.77 109.30
N PHE C 92 48.22 -175.54 109.04
CA PHE C 92 47.11 -175.33 108.13
C PHE C 92 47.45 -175.84 106.73
N ALA C 93 48.68 -175.57 106.28
CA ALA C 93 49.08 -176.02 104.95
C ALA C 93 49.13 -177.54 104.86
N ARG C 94 49.66 -178.20 105.89
CA ARG C 94 49.80 -179.65 105.82
C ARG C 94 48.46 -180.36 105.97
N ASN C 95 47.52 -179.77 106.72
CA ASN C 95 46.21 -180.40 106.85
C ASN C 95 45.42 -180.32 105.56
N LEU C 96 45.74 -179.36 104.69
CA LEU C 96 45.01 -179.22 103.44
C LEU C 96 45.32 -180.38 102.50
N PRO C 97 44.35 -180.79 101.68
CA PRO C 97 44.61 -181.82 100.68
C PRO C 97 45.20 -181.22 99.42
N VAL C 98 45.63 -182.10 98.52
CA VAL C 98 46.25 -181.67 97.27
C VAL C 98 45.64 -182.45 96.11
N PRO C 99 45.15 -181.77 95.07
CA PRO C 99 45.05 -180.31 94.92
C PRO C 99 43.80 -179.77 95.59
N THR C 100 43.79 -178.47 95.89
CA THR C 100 42.64 -177.79 96.49
C THR C 100 42.65 -176.38 95.96
N ASN C 101 41.52 -175.84 95.52
CA ASN C 101 41.42 -174.41 95.10
C ASN C 101 41.64 -173.44 96.27
N LEU C 102 42.66 -172.59 96.19
CA LEU C 102 42.98 -171.56 97.19
C LEU C 102 42.63 -170.18 96.59
N ASN C 103 41.95 -169.27 97.27
CA ASN C 103 41.51 -167.98 96.67
C ASN C 103 42.15 -166.83 97.46
N LEU C 104 43.29 -166.28 97.02
CA LEU C 104 43.89 -165.17 97.75
C LEU C 104 42.96 -163.98 97.69
N ILE C 105 42.65 -163.41 98.84
CA ILE C 105 41.70 -162.30 98.92
C ILE C 105 42.33 -161.18 99.72
N HIS C 106 41.99 -159.95 99.36
CA HIS C 106 42.48 -158.75 100.03
C HIS C 106 41.35 -158.17 100.88
N LEU C 107 41.56 -158.12 102.18
CA LEU C 107 40.59 -157.54 103.10
C LEU C 107 40.97 -156.09 103.44
N LYS C 108 40.97 -155.24 102.42
CA LYS C 108 41.33 -153.85 102.62
C LYS C 108 40.33 -153.17 103.55
N PRO C 109 40.79 -152.19 104.35
CA PRO C 109 42.12 -151.59 104.39
C PRO C 109 43.12 -152.35 105.26
N LEU C 110 42.79 -153.56 105.70
CA LEU C 110 43.71 -154.33 106.53
C LEU C 110 44.86 -154.85 105.66
N ARG C 111 46.08 -154.51 106.03
CA ARG C 111 47.24 -154.93 105.24
C ARG C 111 47.49 -156.41 105.45
N GLY C 112 47.57 -157.15 104.35
CA GLY C 112 47.77 -158.59 104.38
C GLY C 112 46.99 -159.24 103.26
N THR C 113 46.93 -160.58 103.31
CA THR C 113 46.26 -161.36 102.28
C THR C 113 45.67 -162.60 102.91
N GLY C 114 44.34 -162.67 102.95
CA GLY C 114 43.67 -163.85 103.45
C GLY C 114 43.46 -164.91 102.39
N LEU C 115 42.97 -166.06 102.82
CA LEU C 115 42.82 -167.22 101.96
C LEU C 115 41.45 -167.84 102.15
N VAL C 116 40.80 -168.19 101.06
CA VAL C 116 39.54 -168.92 101.07
C VAL C 116 39.78 -170.26 100.39
N VAL C 117 39.60 -171.35 101.11
CA VAL C 117 39.96 -172.68 100.64
C VAL C 117 38.68 -173.45 100.35
N PHE C 118 38.47 -173.76 99.08
CA PHE C 118 37.38 -174.62 98.64
C PHE C 118 37.88 -176.05 98.42
N SER C 119 37.28 -176.99 99.16
CA SER C 119 37.69 -178.38 99.03
C SER C 119 37.30 -178.97 97.68
N PRO C 120 38.04 -179.99 97.16
CA PRO C 120 37.66 -180.67 95.89
C PRO C 120 36.24 -181.20 96.01
N SER C 121 35.87 -181.65 97.22
CA SER C 121 34.54 -182.24 97.38
C SER C 121 33.45 -181.20 97.11
N LEU C 122 33.63 -180.00 97.64
CA LEU C 122 32.60 -178.97 97.48
C LEU C 122 32.46 -178.55 96.03
N VAL C 123 33.58 -178.32 95.34
CA VAL C 123 33.51 -177.90 93.95
C VAL C 123 32.97 -179.04 93.08
N PHE C 124 33.30 -180.29 93.43
CA PHE C 124 32.73 -181.42 92.72
C PHE C 124 31.21 -181.45 92.89
N ILE C 125 30.74 -181.24 94.11
CA ILE C 125 29.30 -181.24 94.36
C ILE C 125 28.61 -180.12 93.59
N ALA C 126 29.22 -178.93 93.60
CA ALA C 126 28.61 -177.79 92.90
C ALA C 126 28.56 -178.03 91.40
N VAL C 127 29.65 -178.52 90.82
CA VAL C 127 29.67 -178.78 89.38
C VAL C 127 28.68 -179.87 89.02
N ASP C 128 28.60 -180.92 89.86
CA ASP C 128 27.65 -181.99 89.61
C ASP C 128 26.22 -181.47 89.63
N ASN C 129 25.89 -180.64 90.63
CA ASN C 129 24.53 -180.12 90.73
C ASN C 129 24.20 -179.18 89.56
N LEU C 130 25.14 -178.33 89.18
CA LEU C 130 24.88 -177.39 88.09
C LEU C 130 24.68 -178.12 86.77
N PHE C 131 25.50 -179.12 86.49
CA PHE C 131 25.50 -179.77 85.18
C PHE C 131 24.70 -181.07 85.22
N GLY C 132 23.40 -180.91 85.49
CA GLY C 132 22.47 -182.00 85.36
C GLY C 132 22.77 -183.24 86.19
N GLY C 133 23.11 -183.04 87.46
CA GLY C 133 23.38 -184.16 88.33
C GLY C 133 22.68 -184.08 89.67
N ASP C 134 21.95 -185.15 90.01
CA ASP C 134 21.22 -185.19 91.31
C ASP C 134 22.13 -185.82 92.38
N GLY C 135 23.45 -185.75 92.18
CA GLY C 135 24.37 -186.29 93.17
C GLY C 135 24.06 -187.73 93.49
N ARG C 136 23.59 -188.50 92.50
CA ARG C 136 23.36 -189.93 92.70
C ARG C 136 24.65 -190.71 92.94
N PHE C 137 25.61 -190.53 92.03
CA PHE C 137 26.90 -191.20 92.20
C PHE C 137 27.80 -190.58 93.26
N PRO C 138 28.63 -191.39 93.92
CA PRO C 138 29.54 -190.85 94.94
C PRO C 138 30.58 -189.93 94.30
N THR C 139 31.01 -188.94 95.07
CA THR C 139 32.06 -188.03 94.60
C THR C 139 33.40 -188.76 94.60
N LYS C 140 34.10 -188.69 93.48
CA LYS C 140 35.40 -189.33 93.32
C LYS C 140 36.45 -188.27 93.02
N VAL C 141 37.45 -188.17 93.88
CA VAL C 141 38.57 -187.25 93.70
C VAL C 141 39.86 -188.06 93.77
N GLU C 142 40.67 -187.95 92.72
CA GLU C 142 41.92 -188.71 92.63
C GLU C 142 43.05 -187.80 92.18
N GLY C 143 43.16 -186.61 92.80
CA GLY C 143 44.19 -185.68 92.41
C GLY C 143 43.92 -184.96 91.12
N ARG C 144 42.68 -185.02 90.62
CA ARG C 144 42.33 -184.35 89.38
C ARG C 144 42.36 -182.84 89.56
N GLU C 145 42.89 -182.14 88.57
CA GLU C 145 43.00 -180.70 88.63
C GLU C 145 41.67 -180.06 88.22
N PHE C 146 41.66 -178.73 88.11
CA PHE C 146 40.46 -177.96 87.83
C PHE C 146 40.57 -177.35 86.44
N THR C 147 39.57 -177.61 85.61
CA THR C 147 39.55 -177.05 84.26
C THR C 147 39.06 -175.60 84.29
N HIS C 148 38.98 -175.00 83.11
CA HIS C 148 38.52 -173.61 83.02
C HIS C 148 37.05 -173.49 83.41
N THR C 149 36.22 -174.45 83.00
CA THR C 149 34.82 -174.44 83.40
C THR C 149 34.67 -174.59 84.91
N GLU C 150 35.43 -175.51 85.51
CA GLU C 150 35.42 -175.65 86.95
C GLU C 150 35.90 -174.38 87.63
N GLN C 151 36.93 -173.75 87.07
CA GLN C 151 37.42 -172.49 87.64
C GLN C 151 36.36 -171.40 87.56
N ARG C 152 35.59 -171.36 86.47
CA ARG C 152 34.54 -170.35 86.36
C ARG C 152 33.43 -170.63 87.36
N VAL C 153 33.06 -171.90 87.55
CA VAL C 153 32.07 -172.24 88.57
C VAL C 153 32.54 -171.83 89.95
N ILE C 154 33.82 -172.07 90.25
CA ILE C 154 34.37 -171.70 91.54
C ILE C 154 34.39 -170.18 91.71
N ASN C 155 34.67 -169.46 90.63
CA ASN C 155 34.62 -168.00 90.68
C ASN C 155 33.21 -167.54 90.98
N ARG C 156 32.22 -168.17 90.36
CA ARG C 156 30.82 -167.81 90.61
C ARG C 156 30.44 -168.06 92.06
N MET C 157 30.87 -169.20 92.61
CA MET C 157 30.62 -169.49 94.02
C MET C 157 31.35 -168.50 94.92
N LEU C 158 32.60 -168.20 94.59
CA LEU C 158 33.41 -167.34 95.44
C LEU C 158 32.90 -165.91 95.43
N LYS C 159 32.24 -165.49 94.36
CA LYS C 159 31.62 -164.17 94.38
C LYS C 159 30.58 -164.08 95.48
N LEU C 160 29.70 -165.09 95.57
CA LEU C 160 28.71 -165.12 96.64
C LEU C 160 29.38 -165.24 98.00
N ALA C 161 30.42 -166.07 98.10
CA ALA C 161 31.11 -166.25 99.38
C ALA C 161 31.71 -164.93 99.86
N LEU C 162 32.36 -164.19 98.95
CA LEU C 162 32.98 -162.93 99.33
C LEU C 162 31.93 -161.88 99.66
N GLU C 163 30.83 -161.85 98.91
CA GLU C 163 29.75 -160.92 99.25
C GLU C 163 29.21 -161.20 100.63
N GLY C 164 28.97 -162.47 100.95
CA GLY C 164 28.47 -162.82 102.27
C GLY C 164 29.45 -162.47 103.37
N TYR C 165 30.74 -162.74 103.14
CA TYR C 165 31.75 -162.41 104.14
C TYR C 165 31.84 -160.90 104.37
N SER C 166 31.81 -160.12 103.29
CA SER C 166 31.86 -158.67 103.42
C SER C 166 30.64 -158.15 104.17
N ASP C 167 29.46 -158.69 103.85
CA ASP C 167 28.25 -158.27 104.56
C ASP C 167 28.32 -158.62 106.04
N ALA C 168 28.85 -159.80 106.35
CA ALA C 168 28.97 -160.20 107.76
C ALA C 168 29.95 -159.29 108.49
N TRP C 169 31.06 -158.94 107.85
CA TRP C 169 32.04 -158.07 108.50
C TRP C 169 31.46 -156.67 108.59
N LYS C 170 30.59 -156.29 107.65
CA LYS C 170 30.05 -154.94 107.61
C LYS C 170 29.40 -154.54 108.95
N ALA C 171 28.78 -155.49 109.63
CA ALA C 171 28.17 -155.20 110.92
C ALA C 171 29.12 -154.67 111.99
N ILE C 172 30.32 -155.24 112.07
CA ILE C 172 31.30 -154.83 113.08
C ILE C 172 32.25 -153.81 112.51
N ASN C 173 32.99 -154.19 111.47
CA ASN C 173 33.94 -153.29 110.83
C ASN C 173 33.77 -153.35 109.32
N PRO C 174 33.39 -152.25 108.68
CA PRO C 174 33.15 -152.29 107.22
C PRO C 174 34.42 -152.55 106.44
N LEU C 175 34.49 -153.70 105.78
CA LEU C 175 35.63 -154.09 104.97
C LEU C 175 35.17 -154.41 103.56
N GLU C 176 36.05 -154.18 102.60
CA GLU C 176 35.80 -154.56 101.22
C GLU C 176 36.70 -155.74 100.85
N VAL C 177 36.09 -156.77 100.26
CA VAL C 177 36.76 -158.03 99.98
C VAL C 177 37.02 -158.10 98.48
N GLU C 178 38.28 -158.23 98.10
CA GLU C 178 38.67 -158.33 96.70
C GLU C 178 39.36 -159.64 96.43
N TYR C 179 38.91 -160.33 95.38
CA TYR C 179 39.52 -161.57 94.94
C TYR C 179 40.63 -161.23 93.93
N VAL C 180 41.85 -161.64 94.23
CA VAL C 180 43.00 -161.23 93.44
C VAL C 180 43.56 -162.37 92.61
N ARG C 181 43.50 -163.61 93.09
CA ARG C 181 44.18 -164.70 92.42
C ARG C 181 43.66 -166.01 92.96
N SER C 182 43.68 -167.04 92.12
CA SER C 182 43.32 -168.39 92.51
C SER C 182 44.46 -169.31 92.12
N GLU C 183 44.71 -170.31 92.95
CA GLU C 183 45.79 -171.26 92.77
C GLU C 183 45.31 -172.63 93.18
N MET C 184 46.06 -173.65 92.80
CA MET C 184 45.70 -175.03 93.09
C MET C 184 46.65 -175.77 94.03
N GLN C 185 47.92 -175.35 94.07
CA GLN C 185 48.88 -175.93 94.98
C GLN C 185 49.02 -175.07 96.23
N VAL C 186 49.74 -175.60 97.22
CA VAL C 186 49.90 -174.88 98.47
C VAL C 186 51.13 -173.97 98.47
N LYS C 187 52.16 -174.31 97.69
CA LYS C 187 53.40 -173.55 97.71
C LYS C 187 53.32 -172.26 96.91
N PHE C 188 52.23 -172.01 96.20
CA PHE C 188 52.09 -170.77 95.46
C PHE C 188 51.54 -169.59 96.25
N THR C 189 50.94 -169.82 97.42
CA THR C 189 50.30 -168.74 98.16
C THR C 189 51.27 -167.98 99.06
N ASN C 190 51.86 -168.67 100.03
CA ASN C 190 52.80 -168.08 100.98
C ASN C 190 52.36 -166.68 101.42
N ILE C 191 51.21 -166.63 102.12
CA ILE C 191 50.65 -165.35 102.64
C ILE C 191 51.30 -165.04 104.00
N THR C 192 52.14 -165.94 104.52
CA THR C 192 52.84 -165.75 105.82
C THR C 192 54.32 -165.61 105.56
N THR C 193 54.97 -164.58 106.11
CA THR C 193 56.41 -164.31 105.90
C THR C 193 57.19 -165.55 106.22
N SER C 194 56.82 -166.27 107.29
CA SER C 194 57.46 -167.51 107.68
C SER C 194 56.41 -168.59 107.91
N PRO C 195 56.76 -169.86 107.69
CA PRO C 195 55.79 -170.93 107.90
C PRO C 195 55.38 -171.09 109.35
N ASN C 196 56.13 -170.54 110.30
CA ASN C 196 55.78 -170.63 111.71
C ASN C 196 54.89 -169.49 112.17
N ASP C 197 54.47 -168.61 111.27
CA ASP C 197 53.56 -167.54 111.63
C ASP C 197 52.20 -168.11 112.00
N ILE C 198 51.46 -167.37 112.81
CA ILE C 198 50.21 -167.83 113.39
C ILE C 198 49.06 -167.29 112.56
N VAL C 199 48.11 -168.15 112.21
CA VAL C 199 46.95 -167.78 111.42
C VAL C 199 45.68 -168.31 112.09
N VAL C 200 44.57 -167.67 111.75
CA VAL C 200 43.25 -168.00 112.30
C VAL C 200 42.42 -168.73 111.27
N ASN C 201 42.10 -170.00 111.57
CA ASN C 201 41.37 -170.83 110.56
C ASN C 201 39.95 -171.17 111.01
N THR C 202 38.96 -170.95 110.15
CA THR C 202 37.57 -171.30 110.40
C THR C 202 37.12 -172.31 109.36
N PRO C 203 36.93 -173.58 109.71
CA PRO C 203 36.40 -174.57 108.76
C PRO C 203 34.89 -174.62 108.85
N PHE C 204 34.22 -174.54 107.70
CA PHE C 204 32.79 -174.76 107.60
C PHE C 204 32.53 -176.07 106.86
N HIS C 205 31.48 -176.78 107.27
CA HIS C 205 31.07 -178.00 106.60
C HIS C 205 29.72 -177.77 105.93
N VAL C 206 29.69 -177.97 104.62
CA VAL C 206 28.49 -177.76 103.82
C VAL C 206 27.97 -179.12 103.38
N GLU C 207 26.72 -179.43 103.72
CA GLU C 207 26.09 -180.67 103.33
C GLU C 207 24.94 -180.39 102.39
N ILE C 208 24.90 -181.11 101.27
CA ILE C 208 23.81 -181.05 100.31
C ILE C 208 23.30 -182.47 100.11
N GLY C 209 22.04 -182.70 100.49
CA GLY C 209 21.52 -184.05 100.46
C GLY C 209 22.39 -184.96 101.31
N ASN C 210 22.78 -186.09 100.72
CA ASN C 210 23.71 -186.99 101.40
C ASN C 210 25.17 -186.56 101.22
N LEU C 211 25.45 -185.80 100.17
CA LEU C 211 26.82 -185.38 99.89
C LEU C 211 27.28 -184.32 100.88
N THR C 212 28.58 -184.33 101.16
CA THR C 212 29.17 -183.40 102.11
C THR C 212 30.48 -182.85 101.55
N GLY C 213 30.86 -181.68 102.03
CA GLY C 213 32.13 -181.07 101.70
C GLY C 213 32.47 -180.04 102.73
N GLU C 214 33.65 -179.45 102.61
CA GLU C 214 34.10 -178.47 103.58
C GLU C 214 34.87 -177.36 102.88
N PHE C 215 34.94 -176.21 103.54
CA PHE C 215 35.72 -175.10 103.03
C PHE C 215 36.16 -174.23 104.20
N ASN C 216 37.38 -173.71 104.11
CA ASN C 216 37.98 -172.97 105.21
C ASN C 216 38.19 -171.52 104.83
N ILE C 217 38.24 -170.67 105.86
CA ILE C 217 38.62 -169.27 105.69
C ILE C 217 39.77 -168.98 106.63
N CYS C 218 40.95 -168.67 106.08
CA CYS C 218 42.16 -168.47 106.88
C CYS C 218 42.63 -167.03 106.76
N LEU C 219 42.86 -166.38 107.90
CA LEU C 219 43.34 -165.02 107.94
C LEU C 219 44.64 -164.99 108.72
N PRO C 220 45.71 -164.41 108.17
CA PRO C 220 46.94 -164.25 108.95
C PRO C 220 46.69 -163.34 110.14
N PHE C 221 47.33 -163.66 111.26
CA PHE C 221 47.12 -162.89 112.48
C PHE C 221 47.59 -161.45 112.35
N SER C 222 48.46 -161.14 111.38
CA SER C 222 48.90 -159.77 111.20
C SER C 222 47.73 -158.86 110.83
N MET C 223 46.83 -159.35 109.98
CA MET C 223 45.66 -158.56 109.61
C MET C 223 44.74 -158.34 110.80
N ILE C 224 44.54 -159.36 111.62
CA ILE C 224 43.62 -159.27 112.74
C ILE C 224 44.20 -158.43 113.87
N GLU C 225 45.52 -158.40 114.02
CA GLU C 225 46.14 -157.77 115.18
C GLU C 225 45.70 -156.34 115.45
N PRO C 226 45.59 -155.44 114.46
CA PRO C 226 45.07 -154.10 114.77
C PRO C 226 43.64 -154.11 115.27
N LEU C 227 42.88 -155.18 115.03
CA LEU C 227 41.50 -155.29 115.47
C LEU C 227 41.29 -156.29 116.59
N ARG C 228 42.32 -156.59 117.38
CA ARG C 228 42.20 -157.63 118.40
C ARG C 228 41.22 -157.24 119.50
N GLU C 229 41.30 -156.00 119.98
CA GLU C 229 40.42 -155.57 121.04
C GLU C 229 38.98 -155.56 120.54
N LEU C 230 38.78 -155.35 119.23
CA LEU C 230 37.44 -155.42 118.68
C LEU C 230 36.97 -156.85 118.53
N LEU C 231 37.87 -157.75 118.12
CA LEU C 231 37.52 -159.17 117.82
C LEU C 231 37.49 -160.02 119.10
N VAL C 232 38.02 -159.51 120.20
CA VAL C 232 38.12 -160.30 121.46
C VAL C 232 36.78 -160.21 122.22
N ASN C 233 36.30 -159.02 122.59
CA ASN C 233 35.09 -158.93 123.40
C ASN C 233 33.86 -159.15 122.54
N PRO C 234 32.84 -159.82 123.07
CA PRO C 234 31.59 -160.00 122.33
C PRO C 234 30.96 -158.66 122.02
N PRO C 235 30.34 -158.51 120.85
CA PRO C 235 29.78 -157.21 120.46
C PRO C 235 28.64 -156.81 121.38
N LEU C 236 28.49 -155.51 121.58
CA LEU C 236 27.42 -154.96 122.38
C LEU C 236 26.51 -154.09 121.53
N GLU C 237 25.23 -154.06 121.91
CA GLU C 237 24.22 -153.30 121.16
C GLU C 237 24.39 -151.82 121.49
N ASN C 238 25.29 -151.18 120.75
CA ASN C 238 25.60 -149.77 120.93
C ASN C 238 25.65 -149.11 119.55
N SER C 239 26.10 -147.87 119.50
CA SER C 239 26.22 -147.12 118.27
C SER C 239 27.62 -146.52 118.17
N ARG C 240 28.00 -146.15 116.95
CA ARG C 240 29.30 -145.51 116.76
C ARG C 240 29.37 -144.18 117.51
N HIS C 241 28.27 -143.45 117.56
CA HIS C 241 28.22 -142.23 118.37
C HIS C 241 28.47 -142.54 119.83
N GLU C 242 27.83 -143.59 120.36
CA GLU C 242 28.04 -143.96 121.75
C GLU C 242 29.48 -144.40 122.00
N ASP C 243 30.07 -145.14 121.06
CA ASP C 243 31.44 -145.58 121.22
C ASP C 243 32.42 -144.41 121.24
N GLN C 244 32.25 -143.47 120.30
CA GLN C 244 33.14 -142.31 120.29
C GLN C 244 32.91 -141.43 121.51
N ASN C 245 31.68 -141.34 121.99
CA ASN C 245 31.42 -140.62 123.23
C ASN C 245 32.12 -141.28 124.41
N TRP C 246 32.09 -142.61 124.45
CA TRP C 246 32.79 -143.35 125.50
C TRP C 246 34.28 -143.09 125.70
N ARG C 247 35.04 -143.20 124.62
CA ARG C 247 36.51 -142.96 124.70
C ARG C 247 36.75 -141.46 124.91
N ASP C 248 35.86 -140.61 124.37
CA ASP C 248 36.00 -139.14 124.58
C ASP C 248 35.95 -138.85 126.08
N ASN C 249 34.94 -139.36 126.78
CA ASN C 249 34.81 -139.14 128.24
C ASN C 249 36.01 -139.78 128.94
N LEU C 250 36.37 -141.00 128.53
CA LEU C 250 37.54 -141.69 129.13
C LEU C 250 38.80 -140.84 128.92
N VAL C 251 38.98 -140.33 127.70
CA VAL C 251 40.15 -139.44 127.40
C VAL C 251 40.12 -138.27 128.40
N ARG C 252 38.96 -137.64 128.55
CA ARG C 252 38.85 -136.52 129.48
C ARG C 252 39.11 -136.96 130.92
N GLN C 253 38.68 -138.17 131.28
CA GLN C 253 38.96 -138.67 132.63
C GLN C 253 40.44 -138.94 132.82
N VAL C 254 41.13 -139.38 131.76
CA VAL C 254 42.55 -139.70 131.88
C VAL C 254 43.37 -138.45 132.14
N GLN C 255 42.97 -137.32 131.57
CA GLN C 255 43.76 -136.09 131.67
C GLN C 255 44.03 -135.71 133.12
N HIS C 256 43.12 -136.02 134.03
CA HIS C 256 43.31 -135.70 135.45
C HIS C 256 44.04 -136.85 136.16
N SER C 257 45.23 -137.18 135.66
CA SER C 257 46.10 -138.23 136.27
C SER C 257 47.53 -137.68 136.36
N GLU C 258 48.05 -137.50 137.58
CA GLU C 258 49.42 -136.94 137.79
C GLU C 258 50.47 -137.91 137.25
N LEU C 259 51.54 -137.39 136.65
CA LEU C 259 52.65 -138.22 136.12
C LEU C 259 53.95 -137.89 136.87
N GLU C 260 55.02 -138.65 136.65
CA GLU C 260 56.34 -138.35 137.20
C GLU C 260 57.28 -138.02 136.06
N LEU C 261 57.72 -136.77 135.99
CA LEU C 261 58.61 -136.31 134.92
C LEU C 261 60.02 -136.16 135.47
N VAL C 262 60.99 -136.73 134.77
CA VAL C 262 62.38 -136.75 135.21
C VAL C 262 63.24 -136.07 134.15
N ALA C 263 64.06 -135.12 134.58
CA ALA C 263 64.95 -134.39 133.69
C ALA C 263 66.37 -134.93 133.85
N ASN C 264 67.01 -135.26 132.73
CA ASN C 264 68.37 -135.77 132.73
C ASN C 264 69.31 -134.65 132.29
N PHE C 265 70.16 -134.19 133.22
CA PHE C 265 71.14 -133.10 132.96
C PHE C 265 72.32 -133.61 132.16
N ALA C 266 72.90 -134.75 132.55
CA ALA C 266 74.09 -135.33 131.88
C ALA C 266 74.12 -136.86 132.01
N ASP C 267 74.87 -137.57 131.15
CA ASP C 267 75.04 -139.01 131.23
C ASP C 267 76.51 -139.33 130.96
N ILE C 268 77.27 -139.57 132.02
CA ILE C 268 78.72 -139.75 131.94
C ILE C 268 79.02 -141.23 132.02
N PRO C 269 79.90 -141.80 131.16
CA PRO C 269 80.23 -143.26 131.18
C PRO C 269 81.49 -143.54 132.00
N LEU C 270 81.33 -144.21 133.15
CA LEU C 270 82.49 -144.59 133.98
C LEU C 270 82.58 -146.11 134.15
N ARG C 271 83.78 -146.63 134.30
CA ARG C 271 83.99 -148.09 134.54
C ARG C 271 83.63 -148.41 135.99
N LEU C 272 83.39 -149.68 136.28
CA LEU C 272 83.11 -150.11 137.68
C LEU C 272 84.29 -149.73 138.58
N SER C 273 85.51 -149.85 138.05
CA SER C 273 86.71 -149.58 138.86
C SER C 273 86.68 -148.14 139.35
N GLN C 274 86.29 -147.22 138.47
CA GLN C 274 86.20 -145.81 138.92
C GLN C 274 85.14 -145.71 140.02
N ILE C 275 84.02 -146.42 139.88
CA ILE C 275 82.93 -146.26 140.91
C ILE C 275 83.37 -146.66 142.32
N LEU C 276 84.06 -147.79 142.47
CA LEU C 276 84.58 -148.16 143.82
C LEU C 276 85.62 -147.23 144.48
N LYS C 277 86.55 -146.73 143.68
CA LYS C 277 87.53 -145.70 144.17
C LYS C 277 86.87 -144.29 144.28
N LEU C 278 85.69 -144.21 143.65
CA LEU C 278 84.97 -142.90 143.62
C LEU C 278 84.72 -142.69 145.11
N LYS C 279 85.00 -141.48 145.58
CA LYS C 279 84.78 -141.10 146.98
C LYS C 279 84.45 -139.60 146.98
N PRO C 280 83.83 -139.01 148.01
CA PRO C 280 83.41 -137.58 147.97
C PRO C 280 84.58 -136.64 147.66
N GLY C 281 84.33 -135.54 146.94
CA GLY C 281 85.32 -134.55 146.57
C GLY C 281 85.86 -134.69 145.17
N ASP C 282 85.62 -135.82 144.50
CA ASP C 282 86.12 -136.00 143.15
C ASP C 282 85.33 -135.15 142.16
N VAL C 283 85.93 -134.93 140.99
CA VAL C 283 85.28 -134.20 139.91
C VAL C 283 85.25 -135.10 138.69
N LEU C 284 84.05 -135.33 138.16
CA LEU C 284 83.88 -136.14 136.96
C LEU C 284 83.48 -135.24 135.81
N PRO C 285 84.29 -135.12 134.77
CA PRO C 285 84.01 -134.12 133.74
C PRO C 285 82.79 -134.50 132.90
N ILE C 286 82.00 -133.49 132.56
CA ILE C 286 80.82 -133.66 131.73
C ILE C 286 80.89 -132.66 130.58
N GLU C 287 80.12 -132.94 129.55
CA GLU C 287 80.08 -132.12 128.35
C GLU C 287 78.94 -131.12 128.43
N LYS C 288 78.89 -130.21 127.46
CA LYS C 288 77.84 -129.22 127.41
C LYS C 288 76.50 -129.87 127.10
N PRO C 289 75.50 -129.75 127.97
CA PRO C 289 74.14 -130.10 127.57
C PRO C 289 73.47 -128.95 126.84
N ASP C 290 73.33 -129.07 125.51
CA ASP C 290 72.61 -128.01 124.74
C ASP C 290 71.13 -128.07 125.11
N ARG C 291 70.57 -129.28 125.22
CA ARG C 291 69.18 -129.46 125.58
C ARG C 291 69.05 -130.56 126.63
N ILE C 292 68.01 -130.46 127.44
CA ILE C 292 67.75 -131.38 128.53
C ILE C 292 66.55 -132.28 128.27
N ILE C 293 66.79 -133.58 128.19
CA ILE C 293 65.71 -134.54 127.94
C ILE C 293 64.88 -134.82 129.20
N ALA C 294 63.57 -134.73 129.07
CA ALA C 294 62.63 -135.00 130.15
C ALA C 294 61.81 -136.22 129.75
N HIS C 295 61.87 -137.25 130.58
CA HIS C 295 61.27 -138.55 130.29
C HIS C 295 60.38 -138.98 131.45
N VAL C 296 59.33 -139.73 131.12
CA VAL C 296 58.43 -140.31 132.11
C VAL C 296 58.63 -141.82 132.07
N ASP C 297 59.20 -142.36 133.15
CA ASP C 297 59.44 -143.80 133.28
C ASP C 297 60.27 -144.32 132.11
N GLY C 298 61.23 -143.52 131.66
CA GLY C 298 62.11 -143.93 130.58
C GLY C 298 61.79 -143.28 129.25
N VAL C 299 60.52 -143.13 128.93
CA VAL C 299 60.11 -142.61 127.62
C VAL C 299 60.31 -141.10 127.59
N PRO C 300 61.14 -140.58 126.69
CA PRO C 300 61.37 -139.13 126.66
C PRO C 300 60.17 -138.38 126.11
N VAL C 301 59.84 -137.26 126.75
CA VAL C 301 58.64 -136.51 126.41
C VAL C 301 59.00 -135.09 126.00
N LEU C 302 60.07 -134.54 126.56
CA LEU C 302 60.37 -133.12 126.38
C LEU C 302 61.88 -133.04 126.19
N THR C 303 62.29 -131.98 125.49
CA THR C 303 63.68 -131.49 125.54
C THR C 303 63.54 -129.99 125.79
N SER C 304 64.27 -129.51 126.80
CA SER C 304 64.05 -128.15 127.30
C SER C 304 65.38 -127.75 127.92
N GLN C 305 65.62 -126.43 127.94
CA GLN C 305 66.90 -125.86 128.34
C GLN C 305 66.78 -125.69 129.85
N TYR C 306 67.87 -125.96 130.56
CA TYR C 306 67.86 -125.86 132.01
C TYR C 306 67.89 -124.40 132.44
N GLY C 307 67.48 -124.17 133.69
CA GLY C 307 67.49 -122.83 134.23
C GLY C 307 67.09 -122.86 135.70
N THR C 308 67.11 -121.68 136.31
CA THR C 308 66.72 -121.52 137.70
C THR C 308 65.68 -120.41 137.79
N VAL C 309 64.54 -120.72 138.39
CA VAL C 309 63.45 -119.76 138.55
C VAL C 309 62.87 -119.92 139.94
N ASN C 310 62.72 -118.80 140.65
CA ASN C 310 62.12 -118.77 141.99
C ASN C 310 62.84 -119.71 142.94
N GLY C 311 64.17 -119.78 142.80
CA GLY C 311 64.95 -120.67 143.63
C GLY C 311 64.76 -122.14 143.30
N GLN C 312 64.07 -122.45 142.22
CA GLN C 312 63.80 -123.82 141.81
C GLN C 312 64.52 -124.13 140.51
N TYR C 313 64.96 -125.38 140.38
CA TYR C 313 65.52 -125.84 139.11
C TYR C 313 64.41 -125.85 138.06
N ALA C 314 64.56 -125.02 137.03
CA ALA C 314 63.52 -124.84 136.03
C ALA C 314 64.00 -125.32 134.67
N LEU C 315 63.03 -125.60 133.80
CA LEU C 315 63.30 -125.99 132.43
C LEU C 315 62.44 -125.15 131.50
N ARG C 316 63.07 -124.54 130.51
CA ARG C 316 62.38 -123.77 129.48
C ARG C 316 62.05 -124.73 128.34
N VAL C 317 60.79 -125.11 128.22
CA VAL C 317 60.39 -126.14 127.27
C VAL C 317 60.65 -125.65 125.85
N GLU C 318 61.39 -126.41 125.11
CA GLU C 318 61.67 -126.10 123.71
C GLU C 318 60.89 -126.92 122.70
N HIS C 319 60.65 -128.22 122.96
CA HIS C 319 60.01 -129.07 121.93
C HIS C 319 59.39 -130.34 122.53
N LEU C 320 58.09 -130.55 122.31
CA LEU C 320 57.44 -131.79 122.69
C LEU C 320 57.81 -132.87 121.67
N ILE C 321 58.28 -134.01 122.16
CA ILE C 321 58.81 -135.03 121.25
C ILE C 321 57.66 -135.81 120.63
N ASN C 322 57.19 -135.33 119.47
CA ASN C 322 56.17 -136.05 118.73
C ASN C 322 56.79 -137.22 117.96
N PRO C 323 56.02 -138.29 117.73
CA PRO C 323 56.52 -139.43 116.96
C PRO C 323 56.28 -139.27 115.46
N GLN D 52 82.82 -166.48 143.96
CA GLN D 52 82.96 -165.10 144.41
C GLN D 52 84.21 -164.48 143.83
N ASP D 53 84.15 -164.10 142.57
CA ASP D 53 85.27 -163.51 141.86
C ASP D 53 85.23 -161.98 141.99
N ILE D 54 86.38 -161.36 141.77
CA ILE D 54 86.49 -159.91 141.93
C ILE D 54 87.03 -159.27 140.66
N ASP D 55 88.12 -159.81 140.11
CA ASP D 55 88.70 -159.29 138.85
C ASP D 55 87.73 -159.57 137.69
N LEU D 56 86.80 -160.52 137.86
CA LEU D 56 85.88 -160.91 136.77
C LEU D 56 84.99 -159.72 136.37
N ILE D 57 84.50 -158.93 137.33
CA ILE D 57 83.58 -157.79 137.05
C ILE D 57 84.29 -156.48 137.42
N MET D 58 85.61 -156.52 137.61
CA MET D 58 86.36 -155.34 138.02
C MET D 58 86.40 -154.31 136.90
N ASP D 59 86.07 -154.69 135.67
CA ASP D 59 86.23 -153.86 134.49
C ASP D 59 84.92 -153.55 133.78
N ILE D 60 83.80 -154.07 134.25
CA ILE D 60 82.51 -153.88 133.56
C ILE D 60 82.14 -152.41 133.56
N PRO D 61 81.70 -151.84 132.44
CA PRO D 61 81.32 -150.43 132.43
C PRO D 61 79.89 -150.22 132.92
N VAL D 62 79.67 -149.04 133.50
CA VAL D 62 78.37 -148.65 134.01
C VAL D 62 78.20 -147.25 133.44
N LYS D 63 76.93 -146.83 133.33
CA LYS D 63 76.58 -145.48 132.83
C LYS D 63 75.95 -144.72 134.00
N LEU D 64 76.40 -143.50 134.27
CA LEU D 64 75.94 -142.72 135.41
C LEU D 64 75.13 -141.54 134.87
N THR D 65 73.98 -141.29 135.48
CA THR D 65 73.11 -140.20 135.08
C THR D 65 72.93 -139.26 136.26
N VAL D 66 72.72 -137.99 135.95
CA VAL D 66 72.46 -136.96 136.95
C VAL D 66 71.19 -136.20 136.58
N GLU D 67 70.38 -135.86 137.57
CA GLU D 67 69.09 -135.24 137.34
C GLU D 67 69.07 -133.76 137.66
N LEU D 68 68.16 -133.02 137.04
CA LEU D 68 67.91 -131.66 137.48
C LEU D 68 67.03 -131.74 138.72
N GLY D 69 65.93 -132.49 138.62
CA GLY D 69 65.05 -132.66 139.78
C GLY D 69 63.82 -133.44 139.42
N ARG D 70 63.11 -133.84 140.47
CA ARG D 70 61.80 -134.50 140.34
C ARG D 70 60.75 -133.43 140.08
N THR D 71 59.60 -133.86 139.59
CA THR D 71 58.40 -133.04 139.56
C THR D 71 57.34 -134.03 139.13
N ARG D 72 56.10 -133.77 139.54
CA ARG D 72 54.96 -134.63 139.25
C ARG D 72 53.88 -133.69 138.72
N MET D 73 53.42 -133.93 137.49
CA MET D 73 52.59 -132.97 136.79
C MET D 73 51.72 -133.85 135.89
N THR D 74 50.43 -133.51 135.78
CA THR D 74 49.43 -134.39 135.13
C THR D 74 49.45 -134.25 133.63
N ILE D 75 48.61 -135.04 132.96
CA ILE D 75 48.51 -135.04 131.48
C ILE D 75 48.04 -133.65 131.03
N LYS D 76 47.13 -132.99 131.75
CA LYS D 76 46.59 -131.67 131.36
C LYS D 76 47.71 -130.67 131.05
N GLU D 77 48.54 -130.28 132.03
CA GLU D 77 49.64 -129.33 131.88
C GLU D 77 50.68 -129.79 130.86
N LEU D 78 50.96 -131.09 130.81
CA LEU D 78 51.87 -131.61 129.79
C LEU D 78 51.42 -131.38 128.36
N LEU D 79 50.12 -131.53 128.11
CA LEU D 79 49.60 -131.27 126.77
C LEU D 79 49.52 -129.81 126.35
N ARG D 80 49.34 -128.90 127.31
CA ARG D 80 49.31 -127.48 126.99
C ARG D 80 50.68 -126.74 127.18
N LEU D 81 51.72 -127.54 127.36
CA LEU D 81 53.07 -126.99 127.46
C LEU D 81 53.34 -126.58 126.03
N THR D 82 53.89 -125.37 125.86
CA THR D 82 54.15 -124.84 124.53
C THR D 82 55.64 -124.49 124.52
N GLN D 83 56.12 -124.00 123.37
CA GLN D 83 57.52 -123.58 123.31
C GLN D 83 57.73 -122.36 124.17
N GLY D 84 58.83 -122.32 124.92
CA GLY D 84 59.12 -121.20 125.79
C GLY D 84 58.47 -121.31 127.15
N SER D 85 57.59 -122.27 127.36
CA SER D 85 56.98 -122.44 128.67
C SER D 85 58.01 -122.96 129.67
N VAL D 86 57.87 -122.53 130.92
CA VAL D 86 58.82 -122.84 131.98
C VAL D 86 58.14 -123.71 133.01
N VAL D 87 58.79 -124.81 133.39
CA VAL D 87 58.29 -125.73 134.41
C VAL D 87 59.37 -125.86 135.48
N ALA D 88 58.98 -125.85 136.75
CA ALA D 88 59.93 -125.96 137.88
C ALA D 88 60.29 -127.42 138.16
N LEU D 89 60.94 -127.68 139.29
CA LEU D 89 61.38 -129.05 139.72
C LEU D 89 61.20 -129.05 141.23
N ASP D 90 61.34 -130.18 141.91
CA ASP D 90 61.09 -130.29 143.38
C ASP D 90 62.32 -129.84 144.18
N GLY D 91 63.45 -129.52 143.56
CA GLY D 91 64.66 -129.11 144.25
C GLY D 91 65.03 -127.65 144.22
N LEU D 92 65.40 -127.13 145.39
CA LEU D 92 65.90 -125.76 145.46
C LEU D 92 67.20 -125.65 144.68
N ALA D 93 67.40 -124.49 144.05
CA ALA D 93 68.61 -124.26 143.28
C ALA D 93 69.78 -124.18 144.23
N GLY D 94 70.57 -125.26 144.31
CA GLY D 94 71.69 -125.29 145.21
C GLY D 94 71.93 -126.64 145.87
N GLU D 95 70.86 -127.46 146.00
CA GLU D 95 71.07 -128.78 146.58
C GLU D 95 71.88 -129.65 145.63
N PRO D 96 72.62 -130.62 146.15
CA PRO D 96 73.37 -131.52 145.27
C PRO D 96 72.42 -132.43 144.50
N LEU D 97 72.70 -132.59 143.21
CA LEU D 97 71.90 -133.45 142.35
C LEU D 97 72.18 -134.91 142.69
N ASP D 98 71.21 -135.77 142.33
CA ASP D 98 71.34 -137.22 142.66
C ASP D 98 71.96 -137.97 141.48
N ILE D 99 73.06 -138.68 141.74
CA ILE D 99 73.72 -139.49 140.66
C ILE D 99 73.15 -140.92 140.75
N LEU D 100 72.78 -141.51 139.61
CA LEU D 100 72.13 -142.85 139.63
C LEU D 100 72.76 -143.78 138.59
N ILE D 101 72.73 -145.10 138.83
CA ILE D 101 73.23 -146.08 137.83
C ILE D 101 72.13 -147.13 137.62
N ASN D 102 71.75 -147.39 136.36
CA ASN D 102 70.70 -148.42 136.07
C ASN D 102 69.47 -148.07 136.92
N GLY D 103 69.18 -146.78 137.10
CA GLY D 103 67.98 -146.33 137.85
C GLY D 103 68.13 -146.53 139.34
N TYR D 104 69.34 -146.77 139.85
CA TYR D 104 69.59 -147.04 141.30
C TYR D 104 70.46 -145.94 141.86
N LEU D 105 70.08 -145.36 143.01
CA LEU D 105 70.82 -144.20 143.56
C LEU D 105 72.26 -144.67 143.86
N ILE D 106 73.25 -143.84 143.56
CA ILE D 106 74.68 -144.21 143.79
C ILE D 106 75.43 -143.05 144.46
N ALA D 107 75.07 -141.78 144.24
CA ALA D 107 75.88 -140.69 144.77
C ALA D 107 75.07 -139.40 144.75
N GLN D 108 75.71 -138.30 145.18
CA GLN D 108 75.16 -136.95 145.09
C GLN D 108 76.27 -135.97 144.80
N GLY D 109 76.01 -135.04 143.88
CA GLY D 109 76.96 -134.02 143.53
C GLY D 109 76.34 -132.95 142.66
N GLU D 110 77.02 -131.80 142.61
CA GLU D 110 76.54 -130.66 141.84
C GLU D 110 77.53 -130.32 140.73
N VAL D 111 77.06 -129.52 139.78
CA VAL D 111 77.89 -129.09 138.66
C VAL D 111 78.77 -127.93 139.10
N VAL D 112 80.02 -127.94 138.63
CA VAL D 112 80.99 -126.88 138.96
C VAL D 112 81.68 -126.39 137.70
N VAL D 113 81.93 -125.09 137.64
CA VAL D 113 82.63 -124.46 136.52
C VAL D 113 84.07 -124.15 136.89
N VAL D 114 85.03 -124.77 136.21
CA VAL D 114 86.42 -124.58 136.59
C VAL D 114 87.03 -123.49 135.72
N ALA D 115 87.13 -123.79 134.43
CA ALA D 115 87.59 -122.80 133.44
C ALA D 115 86.56 -122.50 132.35
N ASP D 116 86.42 -123.42 131.40
CA ASP D 116 85.35 -123.31 130.37
C ASP D 116 84.90 -124.76 130.23
N LYS D 117 84.97 -125.52 131.34
CA LYS D 117 84.64 -126.97 131.31
C LYS D 117 83.71 -127.32 132.48
N TYR D 118 82.92 -128.39 132.35
CA TYR D 118 81.93 -128.72 133.41
C TYR D 118 82.17 -130.10 134.00
N GLY D 119 81.79 -130.28 135.27
CA GLY D 119 81.88 -131.57 135.93
C GLY D 119 81.07 -131.60 137.21
N VAL D 120 80.88 -132.81 137.73
CA VAL D 120 80.08 -133.02 138.92
C VAL D 120 81.06 -133.17 140.08
N ARG D 121 80.80 -132.43 141.15
CA ARG D 121 81.62 -132.48 142.36
C ARG D 121 80.80 -133.27 143.37
N ILE D 122 81.16 -134.55 143.55
CA ILE D 122 80.38 -135.44 144.39
C ILE D 122 80.52 -135.02 145.85
N THR D 123 79.39 -134.94 146.54
CA THR D 123 79.38 -134.50 147.94
C THR D 123 79.54 -135.66 148.92
N ASP D 124 78.88 -136.77 148.68
CA ASP D 124 78.94 -137.89 149.61
C ASP D 124 78.49 -139.16 148.91
N ILE D 125 78.62 -140.28 149.62
CA ILE D 125 78.16 -141.59 149.16
C ILE D 125 77.07 -142.05 150.12
N ILE D 126 75.92 -142.40 149.58
CA ILE D 126 74.76 -142.74 150.39
C ILE D 126 74.90 -144.16 150.92
N THR D 127 74.96 -144.30 152.24
CA THR D 127 74.89 -145.59 152.89
C THR D 127 73.46 -146.13 152.80
N PRO D 128 73.28 -147.44 152.96
CA PRO D 128 71.91 -147.99 152.87
C PRO D 128 70.93 -147.35 153.83
N SER D 129 71.37 -147.01 155.04
CA SER D 129 70.48 -146.39 156.02
C SER D 129 69.83 -145.16 155.42
N GLU D 130 70.63 -144.27 154.85
CA GLU D 130 70.09 -143.14 154.11
C GLU D 130 69.15 -143.57 152.99
N ARG D 131 69.59 -144.56 152.19
CA ARG D 131 68.71 -145.08 151.12
C ARG D 131 67.35 -145.50 151.70
N MET D 132 67.35 -146.14 152.87
CA MET D 132 66.10 -146.65 153.46
C MET D 132 65.16 -145.47 153.76
N ARG D 133 65.70 -144.37 154.29
CA ARG D 133 64.86 -143.19 154.62
C ARG D 133 64.46 -142.48 153.32
N ARG D 134 65.24 -142.72 152.26
CA ARG D 134 64.97 -142.10 150.92
C ARG D 134 63.63 -142.73 150.48
N LEU D 135 63.60 -144.07 150.45
CA LEU D 135 62.33 -144.78 150.16
C LEU D 135 61.19 -144.50 151.16
N SER D 136 61.53 -144.38 152.44
CA SER D 136 60.49 -144.17 153.48
C SER D 136 59.91 -142.76 153.38
N ARG D 137 60.69 -141.77 152.93
CA ARG D 137 60.17 -140.42 152.92
C ARG D 137 60.61 -139.65 151.68
N ASP E 53 83.37 -151.03 151.24
CA ASP E 53 83.20 -150.44 149.92
C ASP E 53 82.70 -151.46 148.90
N ILE E 54 82.98 -152.73 149.15
CA ILE E 54 82.49 -153.78 148.25
C ILE E 54 80.97 -153.81 148.37
N ASP E 55 80.45 -153.54 149.57
CA ASP E 55 79.01 -153.54 149.78
C ASP E 55 78.26 -152.56 148.86
N LEU E 56 78.89 -151.42 148.58
CA LEU E 56 78.27 -150.46 147.66
C LEU E 56 78.04 -150.96 146.25
N ILE E 57 79.03 -151.71 145.73
CA ILE E 57 78.95 -152.21 144.32
C ILE E 57 78.61 -153.70 144.34
N MET E 58 77.96 -154.20 145.41
CA MET E 58 77.65 -155.61 145.50
C MET E 58 76.14 -155.65 145.25
N ASP E 59 75.49 -154.48 145.26
CA ASP E 59 74.00 -154.47 145.14
C ASP E 59 73.51 -153.83 143.82
N ILE E 60 74.34 -153.01 143.17
CA ILE E 60 73.92 -152.29 141.96
C ILE E 60 73.37 -153.13 140.80
N PRO E 61 72.24 -152.72 140.17
CA PRO E 61 71.70 -153.42 138.98
C PRO E 61 72.61 -153.22 137.78
N VAL E 62 72.57 -154.13 136.81
CA VAL E 62 73.38 -154.05 135.60
C VAL E 62 72.55 -154.80 134.56
N LYS E 63 72.82 -154.52 133.29
CA LYS E 63 72.04 -155.09 132.21
C LYS E 63 72.86 -156.22 131.60
N LEU E 64 72.26 -157.40 131.45
CA LEU E 64 72.94 -158.57 130.94
C LEU E 64 72.29 -158.94 129.62
N THR E 65 73.10 -159.32 128.64
CA THR E 65 72.61 -159.78 127.35
C THR E 65 73.40 -161.01 126.93
N VAL E 66 72.81 -161.79 126.03
CA VAL E 66 73.52 -162.91 125.40
C VAL E 66 73.24 -162.86 123.92
N GLU E 67 74.30 -162.88 123.11
CA GLU E 67 74.15 -162.72 121.66
C GLU E 67 74.29 -164.07 120.99
N LEU E 68 73.36 -164.39 120.07
CA LEU E 68 73.33 -165.72 119.42
C LEU E 68 74.14 -165.73 118.11
N GLY E 69 74.29 -164.58 117.43
CA GLY E 69 74.91 -164.53 116.10
C GLY E 69 75.81 -163.32 115.93
N ARG E 70 76.69 -163.39 114.92
CA ARG E 70 77.62 -162.26 114.60
C ARG E 70 77.99 -162.36 113.11
N THR E 71 77.70 -161.33 112.32
CA THR E 71 77.96 -161.33 110.88
C THR E 71 78.46 -159.97 110.49
N ARG E 72 79.37 -159.86 109.52
CA ARG E 72 79.85 -158.61 108.95
C ARG E 72 79.25 -158.42 107.56
N MET E 73 78.67 -157.23 107.34
CA MET E 73 77.97 -157.00 106.05
C MET E 73 78.18 -155.58 105.53
N THR E 74 78.04 -155.40 104.22
CA THR E 74 78.12 -154.09 103.56
C THR E 74 76.67 -153.63 103.46
N ILE E 75 76.45 -152.46 102.84
CA ILE E 75 75.06 -151.92 102.83
C ILE E 75 74.32 -152.45 101.60
N LYS E 76 75.07 -152.71 100.54
CA LYS E 76 74.43 -153.36 99.38
C LYS E 76 73.72 -154.55 100.01
N GLU E 77 74.45 -155.33 100.81
CA GLU E 77 73.87 -156.56 101.41
C GLU E 77 72.72 -156.23 102.36
N LEU E 78 72.87 -155.23 103.23
CA LEU E 78 71.81 -154.94 104.23
C LEU E 78 70.53 -154.47 103.54
N LEU E 79 70.66 -153.60 102.55
CA LEU E 79 69.50 -153.07 101.80
C LEU E 79 68.85 -154.22 101.02
N ARG E 80 69.66 -155.12 100.49
CA ARG E 80 69.15 -156.24 99.65
C ARG E 80 68.22 -157.09 100.51
N LEU E 81 68.56 -157.33 101.78
CA LEU E 81 67.66 -158.07 102.70
C LEU E 81 66.23 -157.52 102.51
N THR E 82 65.21 -158.37 102.38
CA THR E 82 63.80 -157.91 102.32
C THR E 82 63.02 -158.59 103.42
N GLN E 83 61.70 -158.68 103.29
CA GLN E 83 60.94 -159.41 104.28
C GLN E 83 61.06 -160.90 104.02
N GLY E 84 61.36 -161.66 105.06
CA GLY E 84 61.54 -163.09 104.94
C GLY E 84 62.92 -163.53 104.51
N SER E 85 63.84 -162.59 104.25
CA SER E 85 65.19 -162.96 103.86
C SER E 85 65.92 -163.60 105.03
N VAL E 86 66.67 -164.65 104.73
CA VAL E 86 67.44 -165.39 105.74
C VAL E 86 68.88 -164.90 105.71
N VAL E 87 69.39 -164.49 106.87
CA VAL E 87 70.75 -163.99 106.99
C VAL E 87 71.57 -165.04 107.71
N ALA E 88 72.59 -165.55 107.05
CA ALA E 88 73.48 -166.53 107.67
C ALA E 88 74.37 -165.93 108.74
N LEU E 89 74.67 -166.74 109.75
CA LEU E 89 75.54 -166.34 110.85
C LEU E 89 76.92 -166.97 110.90
N ASP E 90 77.96 -166.15 111.06
CA ASP E 90 79.32 -166.67 111.12
C ASP E 90 79.47 -167.81 112.19
N GLY E 91 78.80 -167.59 113.31
CA GLY E 91 78.70 -168.63 114.32
C GLY E 91 78.11 -169.99 114.00
N LEU E 92 78.90 -171.04 114.18
CA LEU E 92 78.43 -172.39 113.92
C LEU E 92 77.42 -172.80 115.00
N ALA E 93 76.61 -173.81 114.67
CA ALA E 93 75.65 -174.30 115.64
C ALA E 93 76.36 -175.00 116.79
N GLY E 94 75.91 -174.73 118.01
CA GLY E 94 76.45 -175.36 119.20
C GLY E 94 77.63 -174.66 119.82
N GLU E 95 78.21 -173.67 119.16
CA GLU E 95 79.33 -172.96 119.74
C GLU E 95 78.86 -172.11 120.92
N PRO E 96 79.67 -171.82 121.96
CA PRO E 96 79.17 -171.05 123.14
C PRO E 96 78.76 -169.63 122.75
N LEU E 97 77.53 -169.22 123.07
CA LEU E 97 77.02 -167.84 122.80
C LEU E 97 77.82 -166.83 123.63
N ASP E 98 78.16 -165.66 123.10
CA ASP E 98 78.82 -164.64 123.96
C ASP E 98 77.82 -164.13 124.99
N ILE E 99 78.23 -163.85 126.23
CA ILE E 99 77.41 -163.22 127.25
C ILE E 99 78.07 -161.88 127.59
N LEU E 100 77.31 -160.80 127.45
CA LEU E 100 77.82 -159.45 127.58
C LEU E 100 77.14 -158.76 128.75
N ILE E 101 77.89 -157.88 129.41
CA ILE E 101 77.39 -157.06 130.50
C ILE E 101 77.60 -155.61 130.09
N ASN E 102 76.50 -154.90 129.82
CA ASN E 102 76.55 -153.53 129.30
C ASN E 102 77.41 -153.46 128.05
N GLY E 103 77.32 -154.50 127.22
CA GLY E 103 78.10 -154.58 126.01
C GLY E 103 79.52 -155.06 126.19
N TYR E 104 79.88 -155.57 127.37
CA TYR E 104 81.23 -156.03 127.66
C TYR E 104 81.21 -157.54 127.82
N LEU E 105 82.00 -158.24 127.01
CA LEU E 105 82.02 -159.69 127.04
C LEU E 105 82.77 -160.19 128.28
N ILE E 106 82.14 -161.12 129.01
CA ILE E 106 82.78 -161.66 130.20
C ILE E 106 82.79 -163.19 130.16
N ALA E 107 81.87 -163.79 129.40
CA ALA E 107 81.70 -165.24 129.51
C ALA E 107 81.13 -165.81 128.22
N GLN E 108 81.23 -167.13 128.10
CA GLN E 108 80.69 -167.88 126.98
C GLN E 108 79.86 -169.04 127.51
N GLY E 109 78.72 -169.28 126.87
CA GLY E 109 77.86 -170.37 127.26
C GLY E 109 76.79 -170.81 126.29
N GLU E 110 76.38 -172.06 126.42
CA GLU E 110 75.36 -172.61 125.53
C GLU E 110 73.93 -172.20 125.78
N VAL E 111 73.07 -172.39 124.79
CA VAL E 111 71.70 -171.88 124.81
C VAL E 111 70.92 -173.06 125.39
N VAL E 112 70.00 -172.75 126.31
CA VAL E 112 69.11 -173.75 126.89
C VAL E 112 67.84 -173.04 127.31
N VAL E 113 66.70 -173.71 127.19
CA VAL E 113 65.40 -173.14 127.51
C VAL E 113 64.86 -173.82 128.77
N VAL E 114 64.46 -173.01 129.74
CA VAL E 114 63.96 -173.55 131.04
C VAL E 114 62.55 -172.98 131.32
N ALA E 115 61.56 -173.86 131.55
CA ALA E 115 60.19 -173.40 131.91
C ALA E 115 59.62 -172.47 130.83
N ASP E 116 59.90 -172.77 129.55
CA ASP E 116 59.35 -171.99 128.40
C ASP E 116 59.91 -170.57 128.36
N LYS E 117 61.03 -170.31 129.01
CA LYS E 117 61.68 -168.97 128.98
C LYS E 117 63.13 -169.17 128.52
N TYR E 118 63.61 -168.31 127.62
CA TYR E 118 65.01 -168.41 127.15
C TYR E 118 66.02 -168.41 128.30
N GLY E 119 67.15 -169.09 128.11
CA GLY E 119 68.20 -169.09 129.12
C GLY E 119 69.52 -169.46 128.50
N VAL E 120 70.55 -169.47 129.36
CA VAL E 120 71.90 -169.78 128.92
C VAL E 120 72.66 -170.36 130.10
N ARG E 121 73.42 -171.43 129.84
CA ARG E 121 74.29 -172.05 130.83
C ARG E 121 75.71 -171.55 130.69
N ILE E 122 76.26 -170.99 131.76
CA ILE E 122 77.60 -170.40 131.71
C ILE E 122 78.63 -171.52 131.59
N THR E 123 79.10 -171.78 130.37
CA THR E 123 80.11 -172.80 130.16
C THR E 123 81.44 -172.36 130.77
N ASP E 124 81.87 -171.13 130.49
CA ASP E 124 83.13 -170.66 131.04
C ASP E 124 83.15 -169.14 131.07
N ILE E 125 84.08 -168.60 131.84
CA ILE E 125 84.35 -167.17 131.85
C ILE E 125 85.67 -166.94 131.13
N ILE E 126 85.66 -166.08 130.12
CA ILE E 126 86.85 -165.86 129.31
C ILE E 126 87.84 -165.00 130.08
N THR E 127 89.07 -165.49 130.19
CA THR E 127 90.21 -164.77 130.68
C THR E 127 90.72 -163.82 129.58
N PRO E 128 91.29 -162.66 129.95
CA PRO E 128 91.62 -161.66 128.92
C PRO E 128 92.64 -162.15 127.90
N SER E 129 93.10 -163.40 128.00
CA SER E 129 94.00 -163.93 126.98
C SER E 129 93.22 -164.04 125.67
N GLU E 130 91.93 -164.39 125.73
CA GLU E 130 91.13 -164.58 124.48
C GLU E 130 90.68 -163.24 123.89
N ARG E 131 90.76 -162.15 124.65
CA ARG E 131 90.28 -160.85 124.22
C ARG E 131 91.16 -160.35 123.08
N MET E 132 92.47 -160.58 123.16
CA MET E 132 93.34 -160.21 122.01
C MET E 132 92.78 -160.92 120.77
N ARG E 133 92.49 -162.20 120.88
CA ARG E 133 91.95 -162.99 119.74
C ARG E 133 90.52 -162.58 119.33
N ARG E 134 89.79 -161.94 120.24
CA ARG E 134 88.41 -161.47 119.92
C ARG E 134 88.50 -160.35 118.88
N LEU E 135 89.72 -159.84 118.65
CA LEU E 135 89.92 -158.76 117.65
C LEU E 135 91.15 -159.09 116.78
N ALA F 37 102.41 -125.61 117.04
CA ALA F 37 101.57 -124.68 116.31
C ALA F 37 101.45 -125.08 114.84
N VAL F 38 101.79 -126.35 114.56
CA VAL F 38 101.72 -126.85 113.19
C VAL F 38 100.28 -126.94 112.70
N PHE F 39 99.38 -127.46 113.53
CA PHE F 39 97.98 -127.60 113.14
C PHE F 39 97.34 -126.22 113.00
N GLN F 40 96.51 -126.06 111.97
CA GLN F 40 95.84 -124.79 111.71
C GLN F 40 94.46 -124.86 112.34
N GLN F 41 94.07 -123.77 113.02
CA GLN F 41 92.84 -123.76 113.79
C GLN F 41 91.60 -123.57 112.93
N LEU F 42 90.81 -124.62 112.80
CA LEU F 42 89.58 -124.60 112.02
C LEU F 42 88.36 -124.22 112.85
N GLY F 43 87.52 -123.35 112.31
CA GLY F 43 86.33 -122.93 113.01
C GLY F 43 85.33 -122.34 112.04
N GLY F 44 84.08 -122.25 112.50
CA GLY F 44 83.01 -121.72 111.67
C GLY F 44 82.74 -122.56 110.43
N GLY F 45 82.78 -123.88 110.56
CA GLY F 45 82.56 -124.76 109.44
C GLY F 45 81.16 -125.32 109.37
N ASP F 46 80.25 -124.76 110.17
CA ASP F 46 78.85 -125.19 110.18
C ASP F 46 78.10 -124.51 109.03
N VAL F 47 78.43 -124.95 107.82
CA VAL F 47 77.83 -124.36 106.63
C VAL F 47 76.36 -124.72 106.54
N SER F 48 76.06 -126.01 106.42
CA SER F 48 74.69 -126.49 106.32
C SER F 48 74.72 -128.01 106.50
N GLY F 49 73.54 -128.60 106.51
CA GLY F 49 73.41 -130.04 106.60
C GLY F 49 72.22 -130.58 105.83
N ALA F 50 72.47 -131.52 104.93
CA ALA F 50 71.41 -132.12 104.13
C ALA F 50 71.83 -133.51 103.72
N MET F 51 70.96 -134.49 103.94
CA MET F 51 71.23 -135.85 103.52
C MET F 51 71.41 -135.89 102.00
N GLN F 52 72.46 -136.60 101.57
CA GLN F 52 72.77 -136.62 100.15
C GLN F 52 72.06 -137.83 99.54
N ASP F 53 72.50 -139.03 99.93
CA ASP F 53 71.96 -140.28 99.43
C ASP F 53 72.67 -141.39 100.20
N ILE F 54 72.11 -142.59 100.13
CA ILE F 54 72.63 -143.70 100.93
C ILE F 54 73.63 -144.58 100.18
N ASP F 55 74.00 -144.18 98.97
CA ASP F 55 75.00 -144.90 98.18
C ASP F 55 76.39 -144.30 98.24
N LEU F 56 76.51 -143.08 98.78
CA LEU F 56 77.85 -142.48 98.95
C LEU F 56 78.56 -143.32 100.02
N ILE F 57 77.80 -143.77 101.01
CA ILE F 57 78.35 -144.54 102.18
C ILE F 57 78.10 -146.04 102.02
N MET F 58 77.65 -146.52 100.87
CA MET F 58 77.23 -147.94 100.76
C MET F 58 78.19 -149.07 101.13
N ASP F 59 79.32 -149.16 100.46
CA ASP F 59 80.26 -150.30 100.69
C ASP F 59 81.04 -150.01 101.97
N ILE F 60 80.33 -149.72 103.06
CA ILE F 60 81.01 -149.53 104.37
C ILE F 60 80.59 -150.73 105.24
N PRO F 61 81.53 -151.47 105.84
CA PRO F 61 81.18 -152.71 106.60
C PRO F 61 80.30 -152.35 107.79
N VAL F 62 79.28 -153.17 108.04
CA VAL F 62 78.38 -152.95 109.22
C VAL F 62 78.61 -154.13 110.16
N LYS F 63 78.41 -153.92 111.46
CA LYS F 63 78.59 -155.01 112.41
C LYS F 63 77.21 -155.53 112.79
N LEU F 64 76.75 -156.57 112.09
CA LEU F 64 75.44 -157.14 112.37
C LEU F 64 75.54 -158.19 113.47
N THR F 65 74.57 -158.14 114.39
CA THR F 65 74.56 -159.03 115.54
C THR F 65 73.12 -159.34 115.91
N VAL F 66 72.80 -160.63 116.02
CA VAL F 66 71.50 -161.08 116.49
C VAL F 66 71.56 -161.39 117.98
N GLU F 67 70.56 -160.94 118.72
CA GLU F 67 70.53 -161.10 120.16
C GLU F 67 69.53 -162.14 120.66
N LEU F 68 70.01 -163.05 121.50
CA LEU F 68 69.17 -164.16 121.94
C LEU F 68 68.16 -163.65 122.96
N GLY F 69 68.63 -162.89 123.94
CA GLY F 69 67.72 -162.42 124.97
C GLY F 69 68.33 -161.36 125.86
N ARG F 70 67.51 -160.88 126.79
CA ARG F 70 67.90 -159.84 127.73
C ARG F 70 67.46 -160.32 129.11
N THR F 71 67.97 -159.66 130.14
CA THR F 71 67.57 -159.87 131.50
C THR F 71 68.21 -158.79 132.34
N ARG F 72 67.40 -158.09 133.13
CA ARG F 72 67.91 -157.12 134.08
C ARG F 72 68.24 -157.87 135.37
N MET F 73 69.49 -157.80 135.79
CA MET F 73 69.95 -158.54 136.96
C MET F 73 71.05 -157.73 137.63
N THR F 74 71.07 -157.79 138.95
CA THR F 74 72.05 -157.04 139.72
C THR F 74 73.29 -157.88 140.00
N ILE F 75 74.29 -157.24 140.59
CA ILE F 75 75.53 -157.92 140.94
C ILE F 75 75.30 -158.98 142.01
N LYS F 76 74.21 -158.86 142.77
CA LYS F 76 73.84 -159.85 143.77
C LYS F 76 73.94 -161.27 143.23
N GLU F 77 73.11 -161.59 142.25
CA GLU F 77 73.18 -162.92 141.64
C GLU F 77 74.39 -163.06 140.73
N LEU F 78 74.90 -161.95 140.19
CA LEU F 78 76.07 -162.03 139.32
C LEU F 78 77.29 -162.83 139.76
N LEU F 79 77.76 -162.60 140.98
CA LEU F 79 78.89 -163.41 141.46
C LEU F 79 78.42 -164.80 141.99
N ARG F 80 77.13 -164.86 142.35
CA ARG F 80 76.57 -166.16 142.78
C ARG F 80 76.75 -167.15 141.62
N LEU F 81 76.79 -166.65 140.39
CA LEU F 81 76.98 -167.50 139.22
C LEU F 81 78.24 -168.35 139.12
N THR F 82 78.06 -169.65 138.97
CA THR F 82 79.16 -170.60 138.80
C THR F 82 79.03 -171.29 137.44
N GLN F 83 80.01 -172.13 137.14
CA GLN F 83 79.98 -172.90 135.90
C GLN F 83 78.82 -173.90 135.95
N GLY F 84 78.10 -174.00 134.84
CA GLY F 84 76.95 -174.88 134.78
C GLY F 84 75.66 -174.28 135.28
N SER F 85 75.69 -173.07 135.84
CA SER F 85 74.47 -172.40 136.27
C SER F 85 73.66 -171.95 135.06
N VAL F 86 72.37 -171.71 135.28
CA VAL F 86 71.44 -171.32 134.22
C VAL F 86 70.84 -169.98 134.59
N VAL F 87 70.89 -169.04 133.65
CA VAL F 87 70.34 -167.70 133.84
C VAL F 87 69.11 -167.56 132.96
N ALA F 88 67.95 -167.34 133.57
CA ALA F 88 66.74 -167.14 132.80
C ALA F 88 66.75 -165.76 132.16
N LEU F 89 66.28 -165.70 130.92
CA LEU F 89 66.22 -164.45 130.16
C LEU F 89 64.79 -163.94 130.14
N ASP F 90 64.66 -162.61 130.10
CA ASP F 90 63.33 -162.00 130.07
C ASP F 90 62.53 -162.41 128.83
N GLY F 91 63.20 -162.56 127.69
CA GLY F 91 62.52 -162.96 126.48
C GLY F 91 61.89 -164.33 126.55
N LEU F 92 60.60 -164.41 126.22
CA LEU F 92 59.91 -165.69 126.18
C LEU F 92 60.45 -166.55 125.05
N ALA F 93 60.50 -167.86 125.28
CA ALA F 93 61.04 -168.77 124.28
C ALA F 93 60.17 -168.77 123.04
N GLY F 94 60.82 -168.78 121.88
CA GLY F 94 60.12 -168.77 120.61
C GLY F 94 59.74 -167.41 120.10
N GLU F 95 59.96 -166.35 120.87
CA GLU F 95 59.67 -165.00 120.41
C GLU F 95 60.68 -164.58 119.35
N PRO F 96 60.32 -163.63 118.50
CA PRO F 96 61.28 -163.11 117.52
C PRO F 96 62.49 -162.50 118.21
N LEU F 97 63.66 -162.78 117.65
CA LEU F 97 64.92 -162.27 118.19
C LEU F 97 65.21 -160.89 117.61
N ASP F 98 66.14 -160.19 118.26
CA ASP F 98 66.47 -158.83 117.91
C ASP F 98 67.71 -158.79 117.03
N ILE F 99 67.71 -157.89 116.04
CA ILE F 99 68.82 -157.73 115.12
C ILE F 99 69.34 -156.32 115.27
N LEU F 100 70.64 -156.17 115.48
CA LEU F 100 71.28 -154.87 115.65
C LEU F 100 72.40 -154.72 114.63
N ILE F 101 72.61 -153.50 114.17
CA ILE F 101 73.78 -153.16 113.36
C ILE F 101 74.57 -152.11 114.11
N ASN F 102 75.83 -152.43 114.43
CA ASN F 102 76.67 -151.58 115.26
C ASN F 102 76.00 -151.28 116.59
N GLY F 103 75.28 -152.26 117.12
CA GLY F 103 74.65 -152.13 118.42
C GLY F 103 73.36 -151.34 118.45
N TYR F 104 72.79 -151.03 117.29
CA TYR F 104 71.55 -150.27 117.21
C TYR F 104 70.46 -151.19 116.68
N LEU F 105 69.37 -151.30 117.43
CA LEU F 105 68.28 -152.21 117.06
C LEU F 105 67.58 -151.66 115.82
N ILE F 106 67.42 -152.51 114.80
CA ILE F 106 66.77 -152.12 113.56
C ILE F 106 65.57 -153.00 113.26
N ALA F 107 65.69 -154.31 113.48
CA ALA F 107 64.65 -155.23 113.03
C ALA F 107 64.50 -156.39 114.00
N GLN F 108 63.38 -157.09 113.86
CA GLN F 108 63.10 -158.31 114.60
C GLN F 108 62.97 -159.44 113.59
N GLY F 109 63.68 -160.54 113.87
CA GLY F 109 63.69 -161.67 112.97
C GLY F 109 63.37 -162.93 113.75
N GLU F 110 63.52 -164.07 113.06
CA GLU F 110 63.25 -165.38 113.63
C GLU F 110 64.41 -166.29 113.28
N VAL F 111 64.83 -167.10 114.25
CA VAL F 111 66.01 -167.95 114.08
C VAL F 111 65.65 -169.22 113.34
N VAL F 112 66.48 -169.59 112.36
CA VAL F 112 66.31 -170.80 111.57
C VAL F 112 67.65 -171.48 111.42
N VAL F 113 67.62 -172.78 111.12
CA VAL F 113 68.82 -173.58 110.93
C VAL F 113 68.86 -174.02 109.47
N VAL F 114 69.92 -173.60 108.78
CA VAL F 114 70.08 -173.97 107.34
C VAL F 114 71.45 -174.64 107.12
N ALA F 115 71.45 -175.92 106.72
CA ALA F 115 72.72 -176.66 106.48
C ALA F 115 73.61 -176.69 107.72
N ASP F 116 73.02 -176.82 108.91
CA ASP F 116 73.81 -176.95 110.17
C ASP F 116 74.47 -175.61 110.52
N LYS F 117 74.00 -174.51 109.92
CA LYS F 117 74.56 -173.17 110.22
C LYS F 117 73.43 -172.28 110.74
N TYR F 118 73.70 -171.49 111.78
CA TYR F 118 72.62 -170.69 112.36
C TYR F 118 72.30 -169.51 111.45
N GLY F 119 71.02 -169.21 111.32
CA GLY F 119 70.58 -168.13 110.47
C GLY F 119 69.32 -167.50 111.02
N VAL F 120 69.25 -166.18 110.91
CA VAL F 120 68.06 -165.43 111.29
C VAL F 120 67.30 -165.07 110.03
N ARG F 121 65.97 -165.04 110.15
CA ARG F 121 65.09 -164.66 109.05
C ARG F 121 64.41 -163.36 109.42
N ILE F 122 64.75 -162.28 108.71
CA ILE F 122 64.20 -160.97 109.02
C ILE F 122 62.69 -161.00 108.83
N THR F 123 61.96 -160.58 109.86
CA THR F 123 60.51 -160.54 109.80
C THR F 123 59.95 -159.13 109.71
N ASP F 124 60.39 -158.20 110.55
CA ASP F 124 59.80 -156.87 110.49
C ASP F 124 60.73 -155.84 111.11
N ILE F 125 60.90 -154.71 110.43
CA ILE F 125 61.63 -153.59 111.01
C ILE F 125 60.81 -153.01 112.16
N ILE F 126 61.48 -152.82 113.30
CA ILE F 126 60.76 -152.35 114.48
C ILE F 126 60.24 -150.93 114.26
N THR F 127 59.21 -150.59 115.01
CA THR F 127 58.53 -149.31 115.01
C THR F 127 59.04 -148.43 116.14
N PRO F 128 58.93 -147.12 115.99
CA PRO F 128 59.37 -146.23 117.10
C PRO F 128 58.65 -146.51 118.40
N SER F 129 57.37 -146.87 118.34
CA SER F 129 56.66 -147.26 119.55
C SER F 129 57.21 -148.47 120.31
N GLU F 130 57.56 -149.53 119.59
CA GLU F 130 58.17 -150.69 120.23
C GLU F 130 59.62 -150.40 120.68
N ARG F 131 60.27 -149.49 119.96
CA ARG F 131 61.60 -149.05 120.35
C ARG F 131 61.54 -148.46 121.75
N MET F 132 60.62 -147.52 121.98
CA MET F 132 60.44 -146.97 123.31
C MET F 132 59.87 -147.94 124.36
N ARG F 133 59.08 -148.90 123.89
CA ARG F 133 58.58 -149.95 124.77
C ARG F 133 59.82 -150.70 125.23
N ARG F 134 60.74 -150.98 124.31
CA ARG F 134 61.99 -151.62 124.70
C ARG F 134 62.77 -150.77 125.68
N LEU F 135 62.78 -149.44 125.47
CA LEU F 135 63.56 -148.57 126.34
C LEU F 135 63.04 -148.60 127.77
N SER F 136 61.74 -148.57 127.96
CA SER F 136 61.15 -148.60 129.29
C SER F 136 61.10 -150.02 129.84
N LYS G 514 -5.31 -162.06 34.37
CA LYS G 514 -3.87 -162.00 34.59
C LYS G 514 -3.32 -163.35 35.01
N ASP G 515 -4.13 -164.10 35.77
CA ASP G 515 -3.70 -165.42 36.22
C ASP G 515 -3.54 -166.38 35.04
N GLU G 516 -4.46 -166.33 34.07
CA GLU G 516 -4.35 -167.21 32.91
C GLU G 516 -3.12 -166.87 32.07
N GLN G 517 -2.85 -165.58 31.88
CA GLN G 517 -1.65 -165.19 31.14
C GLN G 517 -0.38 -165.63 31.84
N LEU G 518 -0.35 -165.49 33.18
CA LEU G 518 0.81 -165.95 33.94
C LEU G 518 0.98 -167.45 33.83
N GLN G 519 -0.12 -168.20 33.87
CA GLN G 519 -0.05 -169.66 33.72
C GLN G 519 0.45 -170.04 32.34
N GLN G 520 -0.01 -169.36 31.30
CA GLN G 520 0.46 -169.65 29.95
C GLN G 520 1.94 -169.33 29.80
N ARG G 521 2.39 -168.21 30.37
CA ARG G 521 3.80 -167.87 30.32
C ARG G 521 4.63 -168.90 31.07
N ARG G 522 4.14 -169.37 32.23
CA ARG G 522 4.85 -170.39 32.97
C ARG G 522 4.92 -171.70 32.20
N ALA G 523 3.84 -172.07 31.50
CA ALA G 523 3.85 -173.28 30.70
C ALA G 523 4.85 -173.18 29.56
N ASN G 524 4.88 -172.03 28.88
CA ASN G 524 5.85 -171.83 27.82
C ASN G 524 7.28 -171.90 28.35
N GLN G 525 7.52 -171.27 29.51
CA GLN G 525 8.83 -171.31 30.13
C GLN G 525 9.23 -172.72 30.51
N ARG G 526 8.27 -173.50 31.03
CA ARG G 526 8.54 -174.87 31.46
C ARG G 526 8.63 -175.85 30.29
N LEU G 527 8.14 -175.44 29.11
CA LEU G 527 8.17 -176.29 27.90
C LEU G 527 9.48 -176.00 27.16
N GLY G 528 9.76 -174.73 26.89
CA GLY G 528 10.99 -174.32 26.18
C GLY G 528 12.24 -174.60 27.00
N ALA G 529 12.14 -174.55 28.33
CA ALA G 529 13.29 -174.86 29.22
C ALA G 529 13.50 -176.37 29.17
N GLU G 530 12.40 -177.13 29.17
CA GLU G 530 12.48 -178.62 29.10
C GLU G 530 13.13 -178.99 27.76
N VAL G 531 12.76 -178.20 26.70
CA VAL G 531 13.39 -178.34 25.35
C VAL G 531 14.83 -177.84 25.46
N MET G 532 15.05 -176.74 26.18
CA MET G 532 16.39 -176.14 26.34
C MET G 532 17.30 -177.13 27.08
N SER G 533 16.77 -177.81 28.10
CA SER G 533 17.56 -178.80 28.88
C SER G 533 17.95 -179.96 27.95
N GLN G 534 17.02 -180.40 27.09
CA GLN G 534 17.31 -181.45 26.10
C GLN G 534 18.37 -180.93 25.12
N ARG G 535 18.25 -179.66 24.71
CA ARG G 535 19.18 -179.03 23.75
C ARG G 535 20.60 -178.97 24.34
N ILE G 536 20.72 -178.65 25.63
CA ILE G 536 22.06 -178.46 26.29
C ILE G 536 22.72 -179.84 26.46
N ARG G 537 21.95 -180.93 26.50
CA ARG G 537 22.48 -182.27 26.65
C ARG G 537 23.07 -182.77 25.34
N GLU G 538 22.39 -182.52 24.23
CA GLU G 538 22.94 -182.90 22.92
C GLU G 538 24.24 -182.17 22.65
N MET G 539 24.27 -180.86 22.93
CA MET G 539 25.48 -180.07 22.68
C MET G 539 26.65 -180.53 23.55
N SER G 540 26.39 -180.83 24.83
CA SER G 540 27.44 -181.27 25.72
C SER G 540 27.94 -182.67 25.36
N ASP G 541 27.04 -183.55 24.92
CA ASP G 541 27.48 -184.83 24.40
C ASP G 541 28.31 -184.68 23.13
N ASN G 542 27.99 -183.69 22.30
CA ASN G 542 28.82 -183.41 21.12
C ASN G 542 30.22 -182.93 21.54
N ASP G 543 30.29 -182.03 22.52
CA ASP G 543 31.55 -181.46 22.98
C ASP G 543 31.47 -181.24 24.49
N PRO G 544 32.06 -182.14 25.28
CA PRO G 544 32.01 -181.96 26.74
C PRO G 544 33.02 -180.95 27.25
N ARG G 545 34.21 -180.88 26.66
CA ARG G 545 35.25 -179.97 27.14
C ARG G 545 34.94 -178.51 26.76
N VAL G 546 34.20 -178.30 25.68
CA VAL G 546 33.87 -176.93 25.26
C VAL G 546 32.99 -176.26 26.30
N VAL G 547 32.04 -176.99 26.88
CA VAL G 547 31.18 -176.43 27.90
C VAL G 547 32.00 -176.04 29.14
N ALA G 548 32.92 -176.90 29.56
CA ALA G 548 33.76 -176.58 30.71
C ALA G 548 34.64 -175.37 30.44
N LEU G 549 35.19 -175.29 29.22
CA LEU G 549 36.00 -174.13 28.86
C LEU G 549 35.18 -172.85 28.86
N VAL G 550 33.95 -172.91 28.36
CA VAL G 550 33.08 -171.73 28.36
C VAL G 550 32.74 -171.33 29.78
N ILE G 551 32.48 -172.32 30.65
CA ILE G 551 32.19 -172.01 32.04
C ILE G 551 33.38 -171.35 32.71
N ARG G 552 34.58 -171.86 32.46
CA ARG G 552 35.79 -171.25 33.03
C ARG G 552 36.00 -169.84 32.51
N GLN G 553 35.73 -169.63 31.23
CA GLN G 553 35.84 -168.28 30.66
C GLN G 553 34.83 -167.34 31.29
N TRP G 554 33.62 -167.82 31.57
CA TRP G 554 32.62 -167.00 32.23
C TRP G 554 33.07 -166.60 33.62
N MET G 555 33.66 -167.54 34.37
CA MET G 555 34.18 -167.22 35.70
C MET G 555 35.34 -166.23 35.61
N SER G 556 36.22 -166.40 34.63
CA SER G 556 37.34 -165.46 34.47
C SER G 556 36.83 -164.06 34.14
N ASN G 557 35.82 -163.95 33.28
CA ASN G 557 35.26 -162.65 32.94
C ASN G 557 34.47 -162.06 34.11
N ASP G 558 33.97 -162.92 35.00
CA ASP G 558 33.22 -162.43 36.16
C ASP G 558 34.11 -161.63 37.10
N HIS G 559 35.42 -161.89 37.08
CA HIS G 559 36.35 -161.16 37.93
C HIS G 559 36.52 -159.72 37.47
N GLY H 6 28.14 -164.93 36.54
CA GLY H 6 28.11 -166.01 35.57
C GLY H 6 28.35 -167.38 36.19
N THR H 7 29.11 -167.40 37.28
CA THR H 7 29.39 -168.65 37.98
C THR H 7 28.11 -169.26 38.55
N ASP H 8 27.24 -168.44 39.12
CA ASP H 8 25.97 -168.94 39.65
C ASP H 8 25.11 -169.51 38.53
N LYS H 9 25.07 -168.83 37.38
CA LYS H 9 24.33 -169.34 36.24
C LYS H 9 24.92 -170.66 35.75
N SER H 10 26.25 -170.76 35.73
CA SER H 10 26.89 -172.01 35.32
C SER H 10 26.55 -173.13 36.29
N VAL H 11 26.56 -172.83 37.58
CA VAL H 11 26.21 -173.85 38.58
C VAL H 11 24.76 -174.29 38.42
N ILE H 12 23.85 -173.35 38.18
CA ILE H 12 22.46 -173.70 37.97
C ILE H 12 22.29 -174.56 36.73
N LEU H 13 22.98 -174.21 35.64
CA LEU H 13 22.91 -175.00 34.42
C LEU H 13 23.45 -176.41 34.64
N LEU H 14 24.56 -176.54 35.37
CA LEU H 14 25.13 -177.83 35.67
C LEU H 14 24.18 -178.67 36.51
N MET H 15 23.54 -178.05 37.50
CA MET H 15 22.57 -178.77 38.33
C MET H 15 21.38 -179.22 37.51
N THR H 16 20.90 -178.37 36.59
CA THR H 16 19.76 -178.73 35.75
C THR H 16 20.12 -179.70 34.64
N ILE H 17 21.42 -179.88 34.35
CA ILE H 17 21.83 -180.77 33.26
C ILE H 17 21.68 -182.22 33.68
N GLY H 18 22.28 -182.59 34.80
CA GLY H 18 22.24 -183.96 35.27
C GLY H 18 23.52 -184.39 35.94
N GLU H 19 23.47 -185.52 36.66
CA GLU H 19 24.65 -185.97 37.40
C GLU H 19 25.78 -186.40 36.46
N ASP H 20 25.44 -187.15 35.40
CA ASP H 20 26.47 -187.68 34.52
C ASP H 20 27.15 -186.56 33.72
N ARG H 21 26.36 -185.65 33.16
CA ARG H 21 26.92 -184.55 32.39
C ARG H 21 27.77 -183.64 33.27
N ALA H 22 27.29 -183.34 34.47
CA ALA H 22 28.06 -182.51 35.39
C ALA H 22 29.35 -183.20 35.81
N ALA H 23 29.30 -184.50 36.05
CA ALA H 23 30.50 -185.24 36.41
C ALA H 23 31.52 -185.22 35.27
N GLU H 24 31.06 -185.40 34.03
CA GLU H 24 31.96 -185.34 32.89
C GLU H 24 32.56 -183.95 32.74
N VAL H 25 31.74 -182.90 32.93
CA VAL H 25 32.26 -181.54 32.84
C VAL H 25 33.31 -181.28 33.91
N PHE H 26 33.05 -181.74 35.13
CA PHE H 26 34.01 -181.56 36.23
C PHE H 26 35.30 -182.32 35.92
N LYS H 27 35.19 -183.53 35.38
CA LYS H 27 36.38 -184.26 34.96
C LYS H 27 37.12 -183.53 33.84
N HIS H 28 36.43 -182.73 33.04
CA HIS H 28 37.04 -181.89 32.02
C HIS H 28 37.24 -180.46 32.52
N LEU H 29 37.29 -180.25 33.83
CA LEU H 29 37.43 -178.93 34.42
C LEU H 29 38.59 -178.91 35.40
N SER H 30 39.12 -177.71 35.66
CA SER H 30 40.23 -177.52 36.56
C SER H 30 39.78 -177.72 38.01
N THR H 31 40.77 -177.91 38.90
CA THR H 31 40.50 -178.19 40.30
C THR H 31 39.77 -177.05 40.99
N ARG H 32 40.26 -175.82 40.81
CA ARG H 32 39.63 -174.66 41.43
C ARG H 32 38.22 -174.46 40.89
N GLU H 33 38.08 -174.58 39.57
CA GLU H 33 36.76 -174.41 38.95
C GLU H 33 35.80 -175.50 39.42
N VAL H 34 36.28 -176.74 39.51
CA VAL H 34 35.42 -177.84 39.96
C VAL H 34 34.98 -177.62 41.40
N GLN H 35 35.91 -177.20 42.25
CA GLN H 35 35.58 -176.95 43.66
C GLN H 35 34.58 -175.82 43.78
N ALA H 36 34.78 -174.74 43.04
CA ALA H 36 33.85 -173.61 43.09
C ALA H 36 32.46 -174.02 42.61
N LEU H 37 32.41 -174.79 41.52
CA LEU H 37 31.11 -175.23 41.00
C LEU H 37 30.40 -176.17 41.98
N SER H 38 31.14 -177.08 42.60
CA SER H 38 30.54 -177.99 43.58
C SER H 38 30.03 -177.22 44.79
N THR H 39 30.80 -176.23 45.26
CA THR H 39 30.39 -175.47 46.44
C THR H 39 29.17 -174.59 46.15
N ALA H 40 29.21 -173.84 45.04
CA ALA H 40 28.16 -172.87 44.77
C ALA H 40 26.83 -173.53 44.48
N MET H 41 26.85 -174.64 43.73
CA MET H 41 25.60 -175.30 43.34
C MET H 41 24.82 -175.78 44.57
N ALA H 42 25.51 -176.44 45.50
CA ALA H 42 24.83 -176.93 46.70
C ALA H 42 24.62 -175.81 47.72
N ASN H 43 25.47 -174.78 47.65
CA ASN H 43 25.39 -173.66 48.63
C ASN H 43 24.14 -172.77 48.53
N VAL H 44 24.06 -171.98 47.46
CA VAL H 44 22.85 -171.13 47.24
C VAL H 44 22.61 -171.29 45.73
N ARG H 45 21.40 -171.69 45.34
CA ARG H 45 21.06 -171.84 43.90
C ARG H 45 19.95 -170.83 43.57
N GLN H 46 20.15 -170.04 42.50
CA GLN H 46 19.14 -169.02 42.11
C GLN H 46 18.61 -169.36 40.72
N ILE H 47 17.29 -169.36 40.55
CA ILE H 47 16.68 -169.63 39.21
C ILE H 47 15.89 -168.37 38.78
N SER H 48 16.14 -167.86 37.58
CA SER H 48 15.44 -166.64 37.11
C SER H 48 14.58 -166.96 35.88
N ASN H 49 13.31 -166.57 35.90
CA ASN H 49 12.39 -166.87 34.77
C ASN H 49 12.93 -166.22 33.49
N LYS H 50 13.52 -165.03 33.61
CA LYS H 50 13.99 -164.30 32.41
C LYS H 50 15.51 -164.13 32.42
N GLN H 51 16.10 -163.65 33.52
CA GLN H 51 17.53 -163.37 33.48
C GLN H 51 18.35 -164.61 33.17
N LEU H 52 18.00 -165.75 33.75
CA LEU H 52 18.72 -166.98 33.47
C LEU H 52 18.59 -167.38 32.01
N THR H 53 17.38 -167.27 31.45
CA THR H 53 17.18 -167.59 30.04
C THR H 53 17.95 -166.65 29.14
N ASP H 54 17.94 -165.35 29.45
CA ASP H 54 18.70 -164.39 28.64
C ASP H 54 20.19 -164.69 28.69
N VAL H 55 20.71 -165.00 29.89
CA VAL H 55 22.13 -165.33 30.02
C VAL H 55 22.47 -166.60 29.27
N LEU H 56 21.61 -167.61 29.33
CA LEU H 56 21.85 -168.86 28.61
C LEU H 56 21.86 -168.61 27.11
N SER H 57 20.92 -167.82 26.61
CA SER H 57 20.88 -167.51 25.18
C SER H 57 22.13 -166.75 24.75
N GLU H 58 22.57 -165.77 25.56
CA GLU H 58 23.77 -165.02 25.24
C GLU H 58 25.00 -165.93 25.22
N PHE H 59 25.10 -166.84 26.19
CA PHE H 59 26.23 -167.77 26.23
C PHE H 59 26.21 -168.70 25.01
N GLU H 60 25.04 -169.19 24.64
CA GLU H 60 24.94 -170.11 23.51
C GLU H 60 25.25 -169.40 22.19
N GLN H 61 25.03 -168.08 22.16
CA GLN H 61 25.25 -167.35 20.88
C GLN H 61 26.57 -166.56 20.93
N GLU H 62 27.26 -166.53 22.08
CA GLU H 62 28.47 -165.66 22.16
C GLU H 62 29.58 -166.08 21.17
N ALA H 63 29.89 -167.37 21.04
CA ALA H 63 30.88 -167.78 20.00
C ALA H 63 30.71 -169.23 19.58
N GLU H 64 31.14 -169.59 18.36
CA GLU H 64 31.16 -171.02 17.95
C GLU H 64 32.59 -171.57 18.13
N GLN H 65 33.53 -170.73 18.58
CA GLN H 65 34.96 -171.12 18.68
C GLN H 65 35.16 -172.27 19.69
N PHE H 66 34.45 -172.24 20.81
CA PHE H 66 34.67 -173.24 21.90
C PHE H 66 34.36 -174.65 21.38
N ALA H 67 33.31 -174.80 20.57
CA ALA H 67 32.88 -176.16 20.17
C ALA H 67 33.97 -176.90 19.39
N ALA H 68 34.71 -176.23 18.49
CA ALA H 68 35.69 -176.96 17.64
C ALA H 68 37.07 -177.09 18.29
N LEU H 69 37.77 -175.97 18.52
CA LEU H 69 39.14 -176.02 19.01
C LEU H 69 39.22 -176.85 20.29
N ASN H 70 38.27 -176.65 21.21
CA ASN H 70 38.29 -177.37 22.47
C ASN H 70 37.88 -178.83 22.31
N ILE H 71 37.21 -179.18 21.21
CA ILE H 71 36.79 -180.55 20.97
C ILE H 71 38.01 -181.45 20.83
N ASN H 72 38.99 -181.02 20.04
CA ASN H 72 40.22 -181.76 19.83
C ASN H 72 41.38 -180.79 19.72
N ALA H 73 42.11 -180.62 20.85
CA ALA H 73 43.27 -179.74 20.86
C ALA H 73 44.54 -180.53 21.18
N ASN H 74 44.53 -181.26 22.30
CA ASN H 74 45.72 -182.01 22.69
C ASN H 74 45.92 -183.25 21.83
N GLU H 75 44.83 -183.94 21.49
CA GLU H 75 44.95 -185.14 20.65
C GLU H 75 45.50 -184.82 19.28
N TYR H 76 45.03 -183.72 18.68
CA TYR H 76 45.52 -183.31 17.37
C TYR H 76 47.01 -182.96 17.43
N LEU H 77 47.42 -182.23 18.48
CA LEU H 77 48.82 -181.88 18.62
C LEU H 77 49.68 -183.11 18.80
N ARG H 78 49.22 -184.07 19.60
CA ARG H 78 49.97 -185.31 19.79
C ARG H 78 50.09 -186.10 18.49
N SER H 79 49.00 -186.20 17.72
CA SER H 79 49.04 -186.90 16.46
C SER H 79 49.98 -186.22 15.48
N VAL H 80 49.95 -184.88 15.43
CA VAL H 80 50.85 -184.14 14.56
C VAL H 80 52.30 -184.36 14.95
N LEU H 81 52.59 -184.34 16.25
CA LEU H 81 53.96 -184.57 16.71
C LEU H 81 54.42 -185.98 16.37
N VAL H 82 53.53 -186.97 16.52
CA VAL H 82 53.89 -188.35 16.21
C VAL H 82 54.18 -188.51 14.72
N LYS H 83 53.32 -187.93 13.87
CA LYS H 83 53.46 -188.11 12.43
C LYS H 83 54.57 -187.25 11.85
N ALA H 84 54.96 -186.19 12.56
CA ALA H 84 55.89 -185.22 11.99
C ALA H 84 57.32 -185.78 11.94
N LEU H 85 57.89 -186.10 13.08
CA LEU H 85 59.29 -186.54 13.17
C LEU H 85 59.37 -188.02 13.55
N GLY H 86 58.75 -188.42 14.66
CA GLY H 86 58.82 -189.80 15.09
C GLY H 86 58.32 -189.93 16.52
N GLU H 87 58.22 -191.18 16.97
CA GLU H 87 57.74 -191.43 18.33
C GLU H 87 58.69 -190.86 19.37
N GLU H 88 60.00 -191.00 19.15
CA GLU H 88 60.98 -190.47 20.10
C GLU H 88 60.92 -188.95 20.19
N ARG H 89 60.81 -188.27 19.05
CA ARG H 89 60.72 -186.81 19.07
C ARG H 89 59.35 -186.34 19.56
N ALA H 90 58.30 -187.12 19.27
CA ALA H 90 56.96 -186.75 19.75
C ALA H 90 56.90 -186.77 21.26
N SER H 91 57.57 -187.74 21.89
CA SER H 91 57.61 -187.79 23.35
C SER H 91 58.27 -186.55 23.92
N SER H 92 59.40 -186.14 23.33
CA SER H 92 60.09 -184.93 23.81
C SER H 92 59.24 -183.70 23.60
N LEU H 93 58.57 -183.58 22.45
CA LEU H 93 57.71 -182.43 22.20
C LEU H 93 56.55 -182.38 23.19
N LEU H 94 55.93 -183.53 23.45
CA LEU H 94 54.83 -183.56 24.41
C LEU H 94 55.31 -183.23 25.82
N GLU H 95 56.50 -183.72 26.19
CA GLU H 95 57.05 -183.39 27.49
C GLU H 95 57.32 -181.90 27.62
N ASP H 96 57.86 -181.28 26.57
CA ASP H 96 58.09 -179.83 26.59
C ASP H 96 56.77 -179.07 26.69
N ILE H 97 55.75 -179.51 25.94
CA ILE H 97 54.46 -178.83 25.99
C ILE H 97 53.86 -178.94 27.39
N LEU H 98 53.95 -180.12 28.01
CA LEU H 98 53.43 -180.28 29.36
C LEU H 98 54.22 -179.43 30.36
N GLU H 99 55.54 -179.37 30.21
CA GLU H 99 56.36 -178.59 31.12
C GLU H 99 56.15 -177.10 30.92
N THR H 100 55.61 -176.69 29.77
CA THR H 100 55.27 -175.28 29.57
C THR H 100 54.29 -174.78 30.62
N ARG H 101 53.40 -175.66 31.09
CA ARG H 101 52.48 -175.33 32.17
C ARG H 101 53.08 -175.89 33.47
N ASP H 102 53.60 -174.98 34.29
CA ASP H 102 54.27 -175.36 35.53
C ASP H 102 53.28 -175.33 36.69
N THR H 103 53.77 -175.59 37.90
CA THR H 103 52.96 -175.62 39.10
C THR H 103 53.46 -174.58 40.09
N THR H 104 52.53 -173.94 40.79
CA THR H 104 52.90 -172.88 41.72
C THR H 104 53.52 -173.44 43.00
N SER H 105 52.75 -174.25 43.73
CA SER H 105 53.25 -174.82 44.98
C SER H 105 54.39 -175.78 44.71
N GLY H 106 55.46 -175.66 45.50
CA GLY H 106 56.66 -176.43 45.27
C GLY H 106 56.48 -177.93 45.42
N ILE H 107 55.47 -178.37 46.17
CA ILE H 107 55.27 -179.79 46.36
C ILE H 107 55.00 -180.47 45.01
N GLU H 108 54.12 -179.88 44.20
CA GLU H 108 53.88 -180.43 42.88
C GLU H 108 55.09 -180.25 41.96
N THR H 109 55.87 -179.18 42.15
CA THR H 109 57.08 -179.01 41.36
C THR H 109 58.09 -180.10 41.67
N LEU H 110 58.02 -180.70 42.86
CA LEU H 110 58.88 -181.83 43.18
C LEU H 110 58.77 -183.07 42.30
N ASN H 111 57.59 -183.32 41.70
CA ASN H 111 57.42 -184.48 40.77
C ASN H 111 57.93 -184.23 39.35
N PHE H 112 58.44 -183.03 39.05
CA PHE H 112 59.03 -182.75 37.72
C PHE H 112 60.54 -182.87 37.84
N MET H 113 61.03 -183.10 39.06
CA MET H 113 62.46 -183.25 39.32
C MET H 113 62.77 -184.72 39.05
N GLU H 114 64.05 -185.00 38.86
CA GLU H 114 64.50 -186.36 38.69
C GLU H 114 64.30 -187.13 39.99
N PRO H 115 63.94 -188.43 39.93
CA PRO H 115 63.76 -189.19 41.16
C PRO H 115 64.90 -189.17 42.16
N GLN H 116 66.15 -189.26 41.70
CA GLN H 116 67.27 -189.25 42.62
C GLN H 116 67.49 -187.89 43.29
N SER H 117 67.23 -186.82 42.54
CA SER H 117 67.40 -185.47 43.11
C SER H 117 66.37 -185.32 44.22
N ALA H 118 65.13 -185.72 43.97
CA ALA H 118 64.10 -185.63 45.01
C ALA H 118 64.42 -186.56 46.18
N ALA H 119 64.90 -187.77 45.88
CA ALA H 119 65.24 -188.71 46.95
C ALA H 119 66.36 -188.15 47.82
N ASP H 120 67.36 -187.54 47.21
CA ASP H 120 68.42 -186.90 48.00
C ASP H 120 67.89 -185.70 48.77
N LEU H 121 66.96 -184.94 48.19
CA LEU H 121 66.46 -183.75 48.85
C LEU H 121 65.65 -184.08 50.09
N ILE H 122 64.80 -185.11 50.02
CA ILE H 122 63.88 -185.40 51.11
C ILE H 122 64.29 -186.61 51.94
N ARG H 123 65.48 -187.16 51.73
CA ARG H 123 65.91 -188.30 52.53
C ARG H 123 66.08 -187.93 54.00
N ASP H 124 66.64 -186.75 54.26
CA ASP H 124 66.95 -186.36 55.63
C ASP H 124 65.72 -185.84 56.39
N GLU H 125 64.61 -185.60 55.70
CA GLU H 125 63.44 -185.06 56.36
C GLU H 125 62.81 -186.09 57.29
N HIS H 126 61.94 -185.59 58.16
CA HIS H 126 61.23 -186.46 59.09
C HIS H 126 60.33 -187.42 58.31
N PRO H 127 60.23 -188.68 58.75
CA PRO H 127 59.45 -189.65 57.97
C PRO H 127 58.02 -189.23 57.68
N GLN H 128 57.36 -188.58 58.64
CA GLN H 128 56.01 -188.10 58.39
C GLN H 128 55.96 -187.02 57.32
N ILE H 129 56.97 -186.15 57.29
CA ILE H 129 57.02 -185.13 56.24
C ILE H 129 57.26 -185.77 54.88
N ILE H 130 58.10 -186.80 54.84
CA ILE H 130 58.31 -187.55 53.61
C ILE H 130 56.97 -188.13 53.16
N ALA H 131 56.23 -188.73 54.09
CA ALA H 131 54.95 -189.35 53.75
C ALA H 131 53.98 -188.31 53.23
N THR H 132 53.92 -187.14 53.87
CA THR H 132 53.04 -186.07 53.41
C THR H 132 53.40 -185.63 52.00
N ILE H 133 54.71 -185.49 51.74
CA ILE H 133 55.15 -185.11 50.37
C ILE H 133 54.68 -186.19 49.38
N LEU H 134 54.79 -187.47 49.74
CA LEU H 134 54.47 -188.57 48.78
C LEU H 134 53.00 -188.57 48.34
N VAL H 135 52.05 -188.34 49.25
CA VAL H 135 50.62 -188.46 48.87
C VAL H 135 50.29 -187.21 48.05
N HIS H 136 51.03 -186.12 48.25
CA HIS H 136 50.82 -184.91 47.41
C HIS H 136 51.58 -185.07 46.09
N LEU H 137 52.64 -185.88 46.10
CA LEU H 137 53.45 -186.12 44.86
C LEU H 137 52.71 -187.12 43.96
N LYS H 138 53.05 -187.11 42.66
CA LYS H 138 52.44 -188.08 41.71
C LYS H 138 52.83 -189.50 42.16
N ARG H 139 51.91 -190.46 42.02
CA ARG H 139 52.17 -191.84 42.51
C ARG H 139 53.41 -192.43 41.83
N SER H 140 53.51 -192.31 40.50
CA SER H 140 54.65 -192.94 39.78
C SER H 140 55.96 -192.43 40.38
N GLN H 141 56.09 -191.12 40.58
CA GLN H 141 57.34 -190.53 41.10
C GLN H 141 57.59 -191.08 42.50
N ALA H 142 56.58 -191.05 43.35
CA ALA H 142 56.74 -191.52 44.72
C ALA H 142 57.25 -192.95 44.78
N ALA H 143 56.76 -193.80 43.87
CA ALA H 143 57.23 -195.18 43.83
C ALA H 143 58.72 -195.24 43.50
N ASP H 144 59.16 -194.43 42.53
CA ASP H 144 60.58 -194.39 42.20
C ASP H 144 61.40 -193.88 43.37
N ILE H 145 60.91 -192.85 44.05
CA ILE H 145 61.63 -192.30 45.21
C ILE H 145 61.82 -193.34 46.31
N LEU H 146 60.76 -194.08 46.64
CA LEU H 146 60.87 -195.12 47.65
C LEU H 146 61.78 -196.25 47.20
N ALA H 147 61.81 -196.53 45.90
CA ALA H 147 62.73 -197.52 45.37
C ALA H 147 64.17 -197.12 45.65
N LEU H 148 64.45 -195.81 45.50
CA LEU H 148 65.83 -195.30 45.76
C LEU H 148 66.08 -195.20 47.26
N PHE H 149 65.03 -195.26 48.08
CA PHE H 149 65.20 -195.06 49.55
C PHE H 149 65.69 -196.34 50.21
N ASP H 150 66.48 -196.21 51.28
CA ASP H 150 66.92 -197.36 52.03
C ASP H 150 65.71 -198.19 52.47
N GLU H 151 65.93 -199.49 52.66
CA GLU H 151 64.81 -200.39 52.95
C GLU H 151 64.14 -200.06 54.28
N ARG H 152 64.92 -199.67 55.29
CA ARG H 152 64.33 -199.27 56.56
C ARG H 152 63.46 -198.05 56.40
N LEU H 153 64.00 -197.00 55.77
CA LEU H 153 63.21 -195.81 55.52
C LEU H 153 62.04 -196.10 54.60
N ARG H 154 62.24 -196.99 53.62
CA ARG H 154 61.15 -197.36 52.72
C ARG H 154 59.99 -197.97 53.49
N HIS H 155 60.28 -198.96 54.34
CA HIS H 155 59.23 -199.60 55.12
C HIS H 155 58.56 -198.60 56.07
N ASP H 156 59.36 -197.76 56.73
CA ASP H 156 58.79 -196.80 57.68
C ASP H 156 57.85 -195.84 56.96
N VAL H 157 58.29 -195.30 55.82
CA VAL H 157 57.47 -194.34 55.10
C VAL H 157 56.23 -195.01 54.53
N MET H 158 56.35 -196.25 54.06
CA MET H 158 55.17 -196.96 53.57
C MET H 158 54.16 -197.18 54.68
N LEU H 159 54.64 -197.54 55.88
CA LEU H 159 53.74 -197.70 57.02
C LEU H 159 53.05 -196.39 57.36
N ARG H 160 53.79 -195.29 57.34
CA ARG H 160 53.18 -193.99 57.58
C ARG H 160 52.14 -193.65 56.53
N ILE H 161 52.40 -194.03 55.28
CA ILE H 161 51.45 -193.81 54.21
C ILE H 161 50.17 -194.58 54.47
N ALA H 162 50.30 -195.83 54.92
CA ALA H 162 49.12 -196.66 55.16
C ALA H 162 48.19 -196.05 56.21
N THR H 163 48.76 -195.51 57.29
CA THR H 163 47.98 -195.01 58.42
C THR H 163 48.02 -193.48 58.52
N PHE H 164 48.01 -192.79 57.39
CA PHE H 164 48.04 -191.33 57.40
C PHE H 164 46.78 -190.78 58.07
N GLY H 165 46.93 -189.67 58.76
CA GLY H 165 45.83 -189.11 59.53
C GLY H 165 45.53 -187.65 59.30
N GLY H 166 46.06 -187.09 58.21
CA GLY H 166 45.76 -185.71 57.87
C GLY H 166 46.60 -184.63 58.52
N VAL H 167 47.03 -183.64 57.74
CA VAL H 167 47.88 -182.57 58.24
C VAL H 167 47.16 -181.32 58.70
N GLN H 168 47.78 -180.59 59.63
CA GLN H 168 47.21 -179.33 60.06
C GLN H 168 47.46 -178.38 58.89
N PRO H 169 46.52 -177.49 58.61
CA PRO H 169 46.74 -176.55 57.48
C PRO H 169 47.96 -175.67 57.66
N ALA H 170 48.27 -175.27 58.91
CA ALA H 170 49.45 -174.45 59.13
C ALA H 170 50.72 -175.20 58.80
N ALA H 171 50.83 -176.46 59.22
CA ALA H 171 52.01 -177.25 58.92
C ALA H 171 52.15 -177.49 57.42
N LEU H 172 51.03 -177.76 56.73
CA LEU H 172 51.08 -177.95 55.29
C LEU H 172 51.53 -176.67 54.59
N ALA H 173 51.01 -175.52 55.01
CA ALA H 173 51.43 -174.26 54.42
C ALA H 173 52.92 -174.00 54.69
N GLU H 174 53.39 -174.36 55.89
CA GLU H 174 54.81 -174.17 56.20
C GLU H 174 55.69 -175.04 55.32
N LEU H 175 55.31 -176.30 55.13
CA LEU H 175 56.07 -177.17 54.23
C LEU H 175 56.02 -176.63 52.81
N THR H 176 54.85 -176.16 52.39
CA THR H 176 54.70 -175.62 51.02
C THR H 176 55.67 -174.48 50.84
N GLU H 177 55.63 -173.49 51.72
CA GLU H 177 56.50 -172.29 51.56
C GLU H 177 57.98 -172.71 51.64
N VAL H 178 58.32 -173.63 52.55
CA VAL H 178 59.72 -174.11 52.67
C VAL H 178 60.11 -174.74 51.32
N LEU H 179 59.31 -175.71 50.85
CA LEU H 179 59.66 -176.42 49.62
C LEU H 179 59.73 -175.46 48.44
N ASN H 180 58.87 -174.43 48.43
CA ASN H 180 58.92 -173.44 47.36
C ASN H 180 60.25 -172.70 47.35
N GLY H 181 60.71 -172.25 48.52
CA GLY H 181 61.97 -171.54 48.60
C GLY H 181 63.17 -172.35 48.16
N LEU H 182 63.02 -173.68 48.10
CA LEU H 182 64.14 -174.53 47.68
C LEU H 182 64.09 -174.81 46.19
N LEU H 183 62.89 -175.06 45.66
CA LEU H 183 62.79 -175.47 44.23
C LEU H 183 62.58 -174.28 43.30
N ASP H 184 61.89 -173.23 43.74
CA ASP H 184 61.60 -172.13 42.77
C ASP H 184 62.93 -171.51 42.31
N GLY H 185 63.87 -171.32 43.23
CA GLY H 185 65.21 -170.82 42.84
C GLY H 185 65.94 -171.80 41.94
N GLN H 186 65.86 -173.09 42.26
CA GLN H 186 66.61 -174.13 41.49
C GLN H 186 66.07 -174.26 40.07
N ASN H 187 66.96 -174.48 39.09
CA ASN H 187 66.47 -174.77 37.71
C ASN H 187 65.73 -176.11 37.77
N LEU H 188 64.61 -176.25 37.05
CA LEU H 188 63.82 -177.50 37.18
C LEU H 188 63.56 -178.12 35.81
N LYS H 189 64.47 -177.97 34.84
CA LYS H 189 64.22 -178.65 33.56
C LYS H 189 65.54 -179.13 32.96
N ARG H 190 66.04 -180.23 33.55
CA ARG H 190 67.24 -180.87 33.03
C ARG H 190 66.96 -181.44 31.64
N SER H 191 67.56 -180.84 30.61
CA SER H 191 67.32 -181.29 29.24
C SER H 191 68.16 -182.54 28.97
N LYS H 192 67.48 -183.62 28.57
CA LYS H 192 68.14 -184.89 28.29
C LYS H 192 68.20 -185.06 26.78
N MET H 193 69.39 -184.92 26.22
CA MET H 193 69.63 -185.06 24.78
C MET H 193 70.65 -186.17 24.58
N GLY H 194 70.24 -187.26 23.92
CA GLY H 194 71.17 -188.37 23.63
C GLY H 194 71.07 -189.48 24.64
N GLY H 195 70.36 -190.56 24.30
CA GLY H 195 70.25 -191.71 25.18
C GLY H 195 70.95 -192.91 24.58
N VAL H 196 70.17 -193.89 24.15
CA VAL H 196 70.68 -195.07 23.47
C VAL H 196 70.36 -195.10 21.96
N ARG H 197 69.27 -194.44 21.59
CA ARG H 197 68.92 -194.31 20.18
C ARG H 197 70.05 -193.52 19.54
N THR H 198 70.45 -192.42 20.19
CA THR H 198 71.54 -191.61 19.65
C THR H 198 72.85 -192.38 19.65
N ALA H 199 73.11 -193.15 20.70
CA ALA H 199 74.33 -193.96 20.74
C ALA H 199 74.33 -195.00 19.62
N ALA H 200 73.20 -195.65 19.38
CA ALA H 200 73.12 -196.63 18.31
C ALA H 200 73.32 -195.97 16.95
N GLU H 201 72.72 -194.79 16.75
CA GLU H 201 72.91 -194.08 15.49
C GLU H 201 74.36 -193.69 15.29
N ILE H 202 75.04 -193.24 16.35
CA ILE H 202 76.45 -192.90 16.27
C ILE H 202 77.27 -194.13 15.91
N ILE H 203 76.98 -195.25 16.56
CA ILE H 203 77.74 -196.47 16.33
C ILE H 203 77.57 -196.95 14.90
N ASN H 204 76.34 -196.88 14.38
CA ASN H 204 76.04 -197.44 13.06
C ASN H 204 76.80 -196.76 11.93
N LEU H 205 77.35 -195.57 12.14
CA LEU H 205 78.01 -194.82 11.08
C LEU H 205 79.53 -194.86 11.12
N MET H 206 80.13 -195.66 11.99
CA MET H 206 81.58 -195.75 12.07
C MET H 206 82.06 -197.09 11.55
N LYS H 207 83.39 -197.26 11.57
CA LYS H 207 84.00 -198.46 11.02
C LYS H 207 83.61 -199.72 11.78
N THR H 208 83.63 -200.86 11.06
CA THR H 208 83.18 -202.12 11.65
C THR H 208 84.06 -202.53 12.83
N GLN H 209 85.39 -202.36 12.70
CA GLN H 209 86.28 -202.74 13.80
C GLN H 209 86.00 -201.91 15.04
N GLN H 210 85.87 -200.59 14.88
CA GLN H 210 85.49 -199.76 16.01
C GLN H 210 84.10 -200.10 16.52
N GLU H 211 83.19 -200.48 15.62
CA GLU H 211 81.85 -200.88 16.05
C GLU H 211 81.91 -202.07 16.99
N GLU H 212 82.63 -203.13 16.58
CA GLU H 212 82.72 -204.30 17.43
C GLU H 212 83.48 -204.00 18.71
N ALA H 213 84.51 -203.17 18.65
CA ALA H 213 85.24 -202.80 19.86
C ALA H 213 84.32 -202.09 20.86
N VAL H 214 83.54 -201.12 20.40
CA VAL H 214 82.70 -200.39 21.33
C VAL H 214 81.56 -201.27 21.85
N ILE H 215 80.99 -202.14 21.02
CA ILE H 215 79.87 -202.96 21.52
C ILE H 215 80.39 -203.98 22.53
N THR H 216 81.58 -204.53 22.29
CA THR H 216 82.11 -205.47 23.27
C THR H 216 82.53 -204.75 24.55
N ALA H 217 83.01 -203.51 24.45
CA ALA H 217 83.30 -202.74 25.66
C ALA H 217 82.03 -202.48 26.46
N VAL H 218 80.94 -202.11 25.79
CA VAL H 218 79.68 -201.88 26.48
C VAL H 218 79.20 -203.17 27.12
N ARG H 219 79.30 -204.29 26.40
CA ARG H 219 78.88 -205.57 26.94
C ARG H 219 79.70 -205.93 28.18
N GLU H 220 81.00 -205.65 28.16
CA GLU H 220 81.81 -205.83 29.35
C GLU H 220 81.32 -204.96 30.50
N PHE H 221 80.97 -203.71 30.21
CA PHE H 221 80.41 -202.84 31.25
C PHE H 221 79.06 -203.32 31.75
N ASP H 222 78.16 -203.68 30.84
CA ASP H 222 76.82 -204.12 31.17
C ASP H 222 76.23 -204.79 29.94
N GLY H 223 75.86 -206.07 30.06
CA GLY H 223 75.31 -206.78 28.92
C GLY H 223 73.94 -206.29 28.46
N GLU H 224 73.10 -205.87 29.41
CA GLU H 224 71.77 -205.39 29.05
C GLU H 224 71.84 -204.15 28.19
N LEU H 225 72.73 -203.21 28.54
CA LEU H 225 72.89 -202.01 27.73
C LEU H 225 73.37 -202.35 26.32
N ALA H 226 74.31 -203.30 26.22
CA ALA H 226 74.79 -203.71 24.91
C ALA H 226 73.68 -204.32 24.06
N GLN H 227 72.85 -205.17 24.65
CA GLN H 227 71.74 -205.77 23.91
C GLN H 227 70.72 -204.71 23.48
N LYS H 228 70.44 -203.75 24.36
CA LYS H 228 69.50 -202.69 24.01
C LYS H 228 70.07 -201.85 22.87
N ILE H 229 71.39 -201.58 22.90
CA ILE H 229 72.04 -200.85 21.82
C ILE H 229 71.94 -201.63 20.53
N ILE H 230 72.18 -202.94 20.58
CA ILE H 230 72.09 -203.77 19.39
C ILE H 230 70.69 -203.80 18.80
N ASP H 231 69.67 -203.84 19.66
CA ASP H 231 68.29 -203.86 19.18
C ASP H 231 67.93 -202.52 18.56
N GLU H 232 68.38 -201.43 19.17
CA GLU H 232 68.10 -200.11 18.62
C GLU H 232 68.95 -199.93 17.37
N MET H 233 70.02 -200.72 17.23
CA MET H 233 70.88 -200.58 16.06
C MET H 233 70.11 -200.86 14.76
N PHE H 234 69.38 -201.97 14.72
CA PHE H 234 68.59 -202.35 13.55
C PHE H 234 67.14 -202.55 13.97
N LEU H 235 66.31 -201.55 13.69
CA LEU H 235 64.88 -201.62 14.01
C LEU H 235 64.15 -202.46 12.97
N PHE H 236 62.88 -202.74 13.25
CA PHE H 236 62.07 -203.52 12.33
C PHE H 236 61.48 -202.61 11.24
N GLU H 237 62.35 -201.82 10.61
CA GLU H 237 61.95 -200.99 9.47
C GLU H 237 62.96 -201.00 8.34
N ASN H 238 64.20 -201.46 8.55
CA ASN H 238 65.21 -201.53 7.52
C ASN H 238 65.20 -202.86 6.78
N LEU H 239 64.28 -203.76 7.11
CA LEU H 239 64.19 -205.04 6.43
C LEU H 239 63.89 -204.87 4.94
N VAL H 240 63.29 -203.76 4.55
CA VAL H 240 63.06 -203.48 3.13
C VAL H 240 64.36 -203.32 2.37
N ASP H 241 65.44 -202.92 3.05
CA ASP H 241 66.75 -202.74 2.42
C ASP H 241 67.57 -204.02 2.41
N VAL H 242 67.05 -205.11 2.95
CA VAL H 242 67.77 -206.39 2.96
C VAL H 242 67.70 -207.00 1.57
N ASP H 243 68.77 -207.69 1.18
CA ASP H 243 68.83 -208.31 -0.14
C ASP H 243 67.86 -209.48 -0.22
N ASP H 244 67.42 -209.78 -1.46
CA ASP H 244 66.50 -210.89 -1.68
C ASP H 244 67.13 -212.21 -1.29
N ARG H 245 68.40 -212.40 -1.61
CA ARG H 245 69.09 -213.64 -1.22
C ARG H 245 69.15 -213.78 0.29
N SER H 246 69.44 -212.68 1.00
CA SER H 246 69.46 -212.73 2.46
C SER H 246 68.08 -213.07 3.02
N ILE H 247 67.03 -212.49 2.43
CA ILE H 247 65.68 -212.79 2.87
C ILE H 247 65.35 -214.26 2.66
N GLN H 248 65.72 -214.80 1.50
CA GLN H 248 65.47 -216.22 1.23
C GLN H 248 66.23 -217.11 2.20
N ARG H 249 67.49 -216.75 2.49
CA ARG H 249 68.29 -217.54 3.43
C ARG H 249 67.69 -217.49 4.83
N LEU H 250 67.21 -216.31 5.26
CA LEU H 250 66.62 -216.19 6.59
C LEU H 250 65.25 -216.85 6.67
N LEU H 251 64.57 -216.99 5.53
CA LEU H 251 63.25 -217.63 5.55
C LEU H 251 63.33 -219.09 5.98
N GLN H 252 64.49 -219.74 5.77
CA GLN H 252 64.65 -221.13 6.16
C GLN H 252 64.67 -221.33 7.67
N GLU H 253 64.89 -220.28 8.45
CA GLU H 253 64.93 -220.38 9.90
C GLU H 253 63.82 -219.61 10.60
N VAL H 254 62.86 -219.07 9.85
CA VAL H 254 61.77 -218.29 10.42
C VAL H 254 60.51 -219.14 10.45
N ASP H 255 59.90 -219.25 11.63
CA ASP H 255 58.65 -219.99 11.76
C ASP H 255 57.53 -219.27 11.02
N SER H 256 56.66 -220.04 10.37
CA SER H 256 55.58 -219.45 9.59
C SER H 256 54.62 -218.66 10.48
N GLU H 257 54.26 -219.22 11.64
CA GLU H 257 53.35 -218.52 12.54
C GLU H 257 53.98 -217.24 13.09
N SER H 258 55.24 -217.31 13.52
CA SER H 258 55.91 -216.13 14.04
C SER H 258 56.09 -215.08 12.95
N LEU H 259 56.46 -215.51 11.75
CA LEU H 259 56.61 -214.56 10.64
C LEU H 259 55.29 -213.89 10.31
N LEU H 260 54.20 -214.66 10.29
CA LEU H 260 52.89 -214.08 10.00
C LEU H 260 52.47 -213.11 11.09
N ILE H 261 52.73 -213.46 12.35
CA ILE H 261 52.39 -212.56 13.46
C ILE H 261 53.19 -211.26 13.35
N ALA H 262 54.48 -211.36 13.03
CA ALA H 262 55.30 -210.15 12.89
C ALA H 262 54.84 -209.30 11.71
N LEU H 263 54.50 -209.94 10.59
CA LEU H 263 54.11 -209.20 9.39
C LEU H 263 52.65 -208.79 9.38
N LYS H 264 51.88 -209.17 10.40
CA LYS H 264 50.48 -208.74 10.46
C LYS H 264 50.37 -207.22 10.57
N GLY H 265 51.20 -206.61 11.39
CA GLY H 265 51.25 -205.18 11.54
C GLY H 265 52.33 -204.48 10.73
N ALA H 266 53.06 -205.20 9.90
CA ALA H 266 54.15 -204.62 9.11
C ALA H 266 53.58 -203.84 7.92
N GLU H 267 54.44 -203.04 7.30
CA GLU H 267 54.04 -202.27 6.13
C GLU H 267 53.76 -203.20 4.95
N PRO H 268 52.81 -202.85 4.09
CA PRO H 268 52.49 -203.69 2.93
C PRO H 268 53.71 -203.88 2.05
N PRO H 269 54.54 -202.83 1.89
CA PRO H 269 55.77 -203.00 1.10
C PRO H 269 56.71 -204.04 1.68
N LEU H 270 56.84 -204.08 3.02
CA LEU H 270 57.70 -205.09 3.63
C LEU H 270 57.16 -206.49 3.41
N ARG H 271 55.84 -206.66 3.52
CA ARG H 271 55.23 -207.96 3.27
C ARG H 271 55.43 -208.39 1.83
N GLU H 272 55.27 -207.45 0.88
CA GLU H 272 55.48 -207.78 -0.52
C GLU H 272 56.94 -208.15 -0.80
N LYS H 273 57.87 -207.43 -0.19
CA LYS H 273 59.28 -207.75 -0.38
C LYS H 273 59.63 -209.10 0.21
N PHE H 274 59.07 -209.42 1.38
CA PHE H 274 59.35 -210.67 2.06
C PHE H 274 58.59 -211.85 1.45
N LEU H 275 57.58 -211.59 0.63
CA LEU H 275 56.81 -212.65 -0.01
C LEU H 275 57.38 -213.07 -1.36
N ARG H 276 58.44 -212.41 -1.82
CA ARG H 276 59.08 -212.74 -3.09
C ARG H 276 60.21 -213.74 -2.95
N ASN H 277 60.51 -214.19 -1.73
CA ASN H 277 61.58 -215.14 -1.50
C ASN H 277 61.10 -216.58 -1.37
N MET H 278 59.83 -216.80 -1.07
CA MET H 278 59.29 -218.14 -0.92
C MET H 278 58.59 -218.56 -2.21
N SER H 279 57.97 -219.74 -2.19
CA SER H 279 57.27 -220.24 -3.37
C SER H 279 55.95 -219.48 -3.55
N GLN H 280 55.37 -219.62 -4.75
CA GLN H 280 54.09 -218.99 -5.03
C GLN H 280 52.99 -219.54 -4.14
N ARG H 281 52.96 -220.86 -3.95
CA ARG H 281 51.99 -221.46 -3.04
C ARG H 281 52.22 -221.00 -1.61
N ALA H 282 53.49 -220.92 -1.19
CA ALA H 282 53.79 -220.44 0.16
C ALA H 282 53.37 -218.98 0.32
N ALA H 283 53.62 -218.15 -0.70
CA ALA H 283 53.20 -216.75 -0.64
C ALA H 283 51.69 -216.63 -0.56
N ASP H 284 50.96 -217.43 -1.35
CA ASP H 284 49.50 -217.41 -1.30
C ASP H 284 48.99 -217.85 0.07
N ILE H 285 49.60 -218.89 0.64
CA ILE H 285 49.21 -219.37 1.96
C ILE H 285 49.47 -218.30 3.02
N LEU H 286 50.62 -217.62 2.95
CA LEU H 286 50.91 -216.55 3.90
C LEU H 286 49.93 -215.40 3.76
N ARG H 287 49.59 -215.03 2.53
CA ARG H 287 48.62 -213.96 2.31
C ARG H 287 47.25 -214.35 2.86
N ASP H 288 46.82 -215.59 2.63
CA ASP H 288 45.54 -216.05 3.16
C ASP H 288 45.54 -216.06 4.67
N ASP H 289 46.64 -216.50 5.29
CA ASP H 289 46.73 -216.51 6.74
C ASP H 289 46.69 -215.10 7.31
N LEU H 290 47.39 -214.17 6.66
CA LEU H 290 47.38 -212.78 7.11
C LEU H 290 45.99 -212.17 6.99
N ALA H 291 45.29 -212.45 5.88
CA ALA H 291 43.93 -211.94 5.71
C ALA H 291 42.99 -212.53 6.74
N ASN H 292 43.12 -213.82 7.03
CA ASN H 292 42.25 -214.48 7.98
C ASN H 292 42.62 -214.19 9.43
N ARG H 293 43.84 -213.73 9.69
CA ARG H 293 44.25 -213.45 11.06
C ARG H 293 43.56 -212.20 11.58
N GLY H 294 42.96 -212.31 12.75
CA GLY H 294 42.32 -211.17 13.38
C GLY H 294 43.32 -210.29 14.10
N PRO H 295 42.82 -209.15 14.59
CA PRO H 295 43.68 -208.25 15.36
C PRO H 295 44.21 -208.92 16.62
N VAL H 296 45.45 -208.60 16.96
CA VAL H 296 46.11 -209.16 18.13
C VAL H 296 46.84 -208.05 18.86
N ARG H 297 47.12 -208.30 20.14
CA ARG H 297 47.87 -207.33 20.93
C ARG H 297 49.29 -207.21 20.42
N LEU H 298 49.83 -205.98 20.46
CA LEU H 298 51.16 -205.72 19.94
C LEU H 298 52.26 -206.36 20.78
N SER H 299 51.94 -206.84 21.98
CA SER H 299 52.97 -207.43 22.84
C SER H 299 53.58 -208.69 22.22
N GLN H 300 52.74 -209.56 21.66
CA GLN H 300 53.23 -210.78 21.03
C GLN H 300 53.82 -210.53 19.66
N VAL H 301 53.24 -209.60 18.89
CA VAL H 301 53.80 -209.27 17.58
C VAL H 301 55.19 -208.66 17.74
N GLU H 302 55.39 -207.83 18.76
CA GLU H 302 56.70 -207.25 19.01
C GLU H 302 57.71 -208.34 19.37
N ASN H 303 57.30 -209.31 20.18
CA ASN H 303 58.20 -210.41 20.53
C ASN H 303 58.57 -211.24 19.31
N GLU H 304 57.58 -211.53 18.44
CA GLU H 304 57.86 -212.27 17.23
C GLU H 304 58.81 -211.51 16.30
N GLN H 305 58.58 -210.20 16.16
CA GLN H 305 59.47 -209.39 15.33
C GLN H 305 60.88 -209.34 15.93
N LYS H 306 60.97 -209.27 17.26
CA LYS H 306 62.28 -209.29 17.91
C LYS H 306 63.00 -210.60 17.66
N ALA H 307 62.28 -211.72 17.73
CA ALA H 307 62.89 -213.02 17.47
C ALA H 307 63.37 -213.10 16.01
N ILE H 308 62.55 -212.61 15.09
CA ILE H 308 62.94 -212.64 13.67
C ILE H 308 64.17 -211.77 13.44
N LEU H 309 64.20 -210.58 14.05
CA LEU H 309 65.35 -209.70 13.92
C LEU H 309 66.60 -210.31 14.54
N LEU H 310 66.45 -210.99 15.68
CA LEU H 310 67.59 -211.66 16.29
C LEU H 310 68.13 -212.76 15.39
N ILE H 311 67.24 -213.53 14.77
CA ILE H 311 67.68 -214.58 13.85
C ILE H 311 68.39 -213.97 12.65
N VAL H 312 67.85 -212.89 12.10
CA VAL H 312 68.47 -212.22 10.95
C VAL H 312 69.85 -211.68 11.32
N ARG H 313 69.94 -211.07 12.51
CA ARG H 313 71.22 -210.52 12.96
C ARG H 313 72.24 -211.62 13.18
N ARG H 314 71.82 -212.76 13.73
CA ARG H 314 72.72 -213.89 13.91
C ARG H 314 73.21 -214.41 12.57
N LEU H 315 72.31 -214.50 11.58
CA LEU H 315 72.70 -214.94 10.25
C LEU H 315 73.70 -213.98 9.62
N ALA H 316 73.45 -212.68 9.78
CA ALA H 316 74.36 -211.67 9.22
C ALA H 316 75.73 -211.73 9.89
N GLU H 317 75.73 -211.89 11.22
CA GLU H 317 77.00 -211.97 11.95
C GLU H 317 77.79 -213.21 11.56
N THR H 318 77.08 -214.33 11.33
CA THR H 318 77.74 -215.53 10.84
C THR H 318 78.38 -215.29 9.48
N GLY H 319 77.69 -214.56 8.61
CA GLY H 319 78.22 -214.23 7.30
C GLY H 319 77.41 -214.83 6.17
N GLU H 320 76.14 -215.14 6.45
CA GLU H 320 75.26 -215.74 5.46
C GLU H 320 74.11 -214.82 5.07
N MET H 321 74.30 -213.51 5.20
CA MET H 321 73.27 -212.54 4.84
C MET H 321 73.97 -211.25 4.43
N VAL H 322 73.25 -210.42 3.67
CA VAL H 322 73.77 -209.13 3.22
C VAL H 322 72.63 -208.13 3.14
N ILE H 323 72.97 -206.87 2.85
CA ILE H 323 71.97 -205.81 2.74
C ILE H 323 72.20 -205.05 1.44
N GLY H 324 71.24 -204.21 1.07
CA GLY H 324 71.34 -203.42 -0.15
C GLY H 324 70.16 -202.50 -0.38
N SER I 33 94.68 -185.15 109.84
CA SER I 33 94.79 -183.97 109.00
C SER I 33 94.68 -184.34 107.53
N ASP I 34 93.65 -183.84 106.86
CA ASP I 34 93.44 -184.09 105.44
C ASP I 34 94.26 -183.08 104.65
N ILE I 35 95.20 -183.58 103.86
CA ILE I 35 96.06 -182.74 103.05
C ILE I 35 96.37 -183.47 101.74
N ARG I 36 95.82 -182.97 100.64
CA ARG I 36 96.01 -183.58 99.34
C ARG I 36 96.52 -182.52 98.37
N PRO I 37 97.30 -182.91 97.33
CA PRO I 37 97.91 -181.93 96.38
C PRO I 37 96.82 -181.19 95.62
N TYR I 38 97.10 -179.94 95.28
CA TYR I 38 96.17 -179.11 94.54
C TYR I 38 96.18 -179.52 93.08
N ASP I 39 95.03 -179.96 92.57
CA ASP I 39 94.87 -180.28 91.17
C ASP I 39 93.93 -179.28 90.52
N PRO I 40 94.39 -178.51 89.55
CA PRO I 40 93.48 -177.59 88.85
C PRO I 40 92.40 -178.34 88.10
N ASN I 41 91.47 -177.57 87.53
CA ASN I 41 90.33 -178.03 86.75
C ASN I 41 89.50 -179.11 87.44
N THR I 42 89.60 -179.24 88.76
CA THR I 42 88.77 -180.17 89.50
C THR I 42 87.54 -179.46 90.04
N GLN I 43 86.41 -180.17 90.05
CA GLN I 43 85.14 -179.60 90.50
C GLN I 43 85.18 -179.48 92.01
N ARG I 44 85.77 -178.38 92.49
CA ARG I 44 85.88 -178.12 93.92
C ARG I 44 84.96 -177.02 94.40
N ARG I 45 84.38 -176.21 93.50
CA ARG I 45 83.48 -175.13 93.88
C ARG I 45 82.06 -175.68 93.94
N VAL I 46 81.52 -175.78 95.15
CA VAL I 46 80.17 -176.26 95.38
C VAL I 46 79.36 -175.13 95.98
N VAL I 47 78.30 -174.72 95.27
CA VAL I 47 77.43 -173.64 95.71
C VAL I 47 76.00 -174.19 95.64
N ARG I 48 75.50 -174.68 96.78
CA ARG I 48 74.16 -175.24 96.87
C ARG I 48 73.27 -174.20 97.53
N GLU I 49 72.18 -173.84 96.84
CA GLU I 49 71.28 -172.82 97.36
C GLU I 49 69.88 -173.15 96.83
N ARG I 50 68.94 -173.33 97.75
CA ARG I 50 67.55 -173.57 97.37
C ARG I 50 66.96 -172.32 96.74
N LEU I 51 66.25 -172.48 95.63
CA LEU I 51 65.68 -171.36 94.87
C LEU I 51 64.17 -171.56 94.79
N GLN I 52 63.46 -171.09 95.82
CA GLN I 52 62.01 -171.30 95.90
C GLN I 52 61.29 -170.53 94.79
N ALA I 53 61.72 -169.28 94.55
CA ALA I 53 61.08 -168.41 93.54
C ALA I 53 61.20 -169.08 92.16
N LEU I 54 62.33 -169.68 91.80
CA LEU I 54 62.46 -170.47 90.58
C LEU I 54 61.63 -171.74 90.67
N GLU I 55 61.51 -172.32 91.87
CA GLU I 55 60.72 -173.53 92.03
C GLU I 55 59.25 -173.30 91.73
N ILE I 56 58.76 -172.07 91.90
CA ILE I 56 57.36 -171.81 91.59
C ILE I 56 57.22 -171.27 90.17
N ILE I 57 58.25 -170.56 89.69
CA ILE I 57 58.23 -170.09 88.31
C ILE I 57 58.24 -171.27 87.35
N ASN I 58 58.93 -172.35 87.71
CA ASN I 58 58.94 -173.53 86.87
C ASN I 58 57.56 -174.14 86.68
N GLU I 59 56.79 -174.27 87.77
CA GLU I 59 55.44 -174.81 87.65
C GLU I 59 54.51 -173.86 86.89
N ARG I 60 54.66 -172.56 87.11
CA ARG I 60 53.81 -171.61 86.38
C ARG I 60 54.09 -171.73 84.89
N PHE I 61 55.38 -171.76 84.53
CA PHE I 61 55.75 -171.92 83.13
C PHE I 61 55.30 -173.27 82.58
N ALA I 62 55.36 -174.32 83.40
CA ALA I 62 54.93 -175.62 82.94
C ALA I 62 53.44 -175.65 82.64
N ARG I 63 52.64 -175.00 83.49
CA ARG I 63 51.21 -174.92 83.21
C ARG I 63 50.95 -174.13 81.94
N GLN I 64 51.62 -173.00 81.78
CA GLN I 64 51.43 -172.20 80.57
C GLN I 64 51.84 -172.98 79.32
N PHE I 65 52.96 -173.70 79.40
CA PHE I 65 53.44 -174.45 78.26
C PHE I 65 52.55 -175.64 77.94
N ARG I 66 51.96 -176.27 78.96
CA ARG I 66 51.00 -177.34 78.70
C ARG I 66 49.77 -176.95 77.90
N MET I 67 49.15 -175.82 78.25
CA MET I 67 48.02 -175.35 77.44
C MET I 67 48.41 -174.83 76.04
N GLY I 68 49.63 -174.30 75.95
CA GLY I 68 50.15 -173.85 74.66
C GLY I 68 50.30 -175.09 73.81
N LEU I 69 50.86 -176.16 74.38
CA LEU I 69 51.03 -177.41 73.64
C LEU I 69 49.68 -178.02 73.30
N PHE I 70 48.71 -177.92 74.21
CA PHE I 70 47.37 -178.38 73.89
C PHE I 70 46.79 -177.56 72.74
N ASN I 71 46.99 -176.25 72.78
CA ASN I 71 46.49 -175.39 71.71
C ASN I 71 47.12 -175.74 70.37
N LEU I 72 48.40 -176.11 70.37
CA LEU I 72 49.12 -176.34 69.11
C LEU I 72 48.89 -177.76 68.60
N LEU I 73 49.32 -178.76 69.38
CA LEU I 73 49.30 -180.15 68.93
C LEU I 73 47.91 -180.76 68.87
N ARG I 74 46.90 -180.09 69.42
CA ARG I 74 45.56 -180.65 69.54
C ARG I 74 45.57 -181.97 70.30
N ARG I 75 46.43 -182.07 71.31
CA ARG I 75 46.52 -183.24 72.16
C ARG I 75 46.65 -182.78 73.60
N SER I 76 46.76 -183.75 74.52
CA SER I 76 46.81 -183.44 75.94
C SER I 76 48.17 -183.84 76.53
N PRO I 77 49.14 -182.94 76.57
CA PRO I 77 50.40 -183.23 77.25
C PRO I 77 50.40 -183.04 78.75
N ASP I 78 51.29 -183.76 79.42
CA ASP I 78 51.52 -183.56 80.85
C ASP I 78 53.00 -183.29 81.03
N ILE I 79 53.31 -182.20 81.73
CA ILE I 79 54.68 -181.75 81.95
C ILE I 79 54.99 -181.89 83.43
N THR I 80 56.01 -182.68 83.73
CA THR I 80 56.49 -182.86 85.09
C THR I 80 57.78 -182.07 85.24
N VAL I 81 57.82 -181.19 86.23
CA VAL I 81 59.01 -180.37 86.46
C VAL I 81 60.00 -181.16 87.30
N GLY I 82 61.22 -181.31 86.78
CA GLY I 82 62.24 -182.00 87.50
C GLY I 82 62.91 -181.11 88.54
N ALA I 83 63.81 -181.72 89.31
CA ALA I 83 64.55 -180.96 90.31
C ALA I 83 65.54 -180.01 89.65
N ILE I 84 65.58 -178.78 90.14
CA ILE I 84 66.53 -177.80 89.64
C ILE I 84 67.93 -178.25 89.97
N ARG I 85 68.82 -178.27 88.97
CA ARG I 85 70.19 -178.71 89.16
C ARG I 85 71.14 -177.53 89.03
N ILE I 86 71.94 -177.31 90.06
CA ILE I 86 72.97 -176.27 90.06
C ILE I 86 74.32 -176.92 89.82
N GLN I 87 74.82 -176.81 88.59
CA GLN I 87 75.94 -177.63 88.16
C GLN I 87 76.88 -176.85 87.26
N PRO I 88 78.14 -177.24 87.18
CA PRO I 88 79.05 -176.59 86.23
C PRO I 88 78.58 -176.81 84.80
N TYR I 89 78.89 -175.83 83.95
CA TYR I 89 78.38 -175.84 82.57
C TYR I 89 78.76 -177.06 81.74
N HIS I 90 79.97 -177.59 81.94
CA HIS I 90 80.47 -178.76 81.16
C HIS I 90 79.75 -180.06 81.58
N GLU I 91 79.16 -180.10 82.78
CA GLU I 91 78.34 -181.23 83.21
C GLU I 91 77.04 -181.16 82.40
N PHE I 92 76.45 -179.97 82.32
CA PHE I 92 75.24 -179.79 81.54
C PHE I 92 75.49 -180.09 80.07
N ALA I 93 76.64 -179.64 79.55
CA ALA I 93 76.96 -179.89 78.15
C ALA I 93 77.14 -181.37 77.87
N ARG I 94 77.85 -182.08 78.76
CA ARG I 94 78.13 -183.49 78.50
C ARG I 94 76.88 -184.35 78.68
N ASN I 95 75.97 -183.96 79.57
CA ASN I 95 74.75 -184.75 79.74
C ASN I 95 73.82 -184.61 78.54
N LEU I 96 73.96 -183.54 77.77
CA LEU I 96 73.11 -183.34 76.61
C LEU I 96 73.43 -184.35 75.52
N PRO I 97 72.44 -184.77 74.73
CA PRO I 97 72.71 -185.65 73.60
C PRO I 97 73.11 -184.84 72.37
N VAL I 98 73.54 -185.56 71.34
CA VAL I 98 73.98 -184.92 70.10
C VAL I 98 73.34 -185.63 68.91
N PRO I 99 72.69 -184.90 68.00
CA PRO I 99 72.43 -183.46 68.04
C PRO I 99 71.19 -183.14 68.88
N THR I 100 71.09 -181.89 69.33
CA THR I 100 69.94 -181.41 70.11
C THR I 100 69.75 -179.96 69.75
N ASN I 101 68.53 -179.51 69.48
CA ASN I 101 68.24 -178.06 69.26
C ASN I 101 68.48 -177.21 70.50
N LEU I 102 69.39 -176.25 70.44
CA LEU I 102 69.69 -175.30 71.54
C LEU I 102 69.15 -173.92 71.13
N ASN I 103 68.45 -173.18 71.98
CA ASN I 103 67.83 -171.88 71.58
C ASN I 103 68.42 -170.77 72.45
N LEU I 104 69.45 -170.04 71.98
CA LEU I 104 70.00 -168.96 72.78
C LEU I 104 68.94 -167.89 72.95
N ILE I 105 68.69 -167.49 74.19
CA ILE I 105 67.65 -166.51 74.48
C ILE I 105 68.24 -165.42 75.36
N HIS I 106 67.74 -164.20 75.18
CA HIS I 106 68.17 -163.04 75.94
C HIS I 106 67.07 -162.69 76.94
N LEU I 107 67.40 -162.77 78.23
CA LEU I 107 66.46 -162.40 79.29
C LEU I 107 66.73 -160.97 79.77
N LYS I 108 66.53 -160.01 78.87
CA LYS I 108 66.77 -158.63 79.20
C LYS I 108 65.80 -158.17 80.29
N PRO I 109 66.22 -157.24 81.16
CA PRO I 109 67.50 -156.50 81.16
C PRO I 109 68.64 -157.23 81.85
N LEU I 110 68.49 -158.52 82.16
CA LEU I 110 69.56 -159.27 82.80
C LEU I 110 70.66 -159.54 81.78
N ARG I 111 71.88 -159.11 82.09
CA ARG I 111 72.99 -159.31 81.16
C ARG I 111 73.41 -160.78 81.16
N GLY I 112 73.46 -161.37 79.98
CA GLY I 112 73.80 -162.76 79.81
C GLY I 112 72.99 -163.38 78.70
N THR I 113 73.08 -164.70 78.58
CA THR I 113 72.39 -165.43 77.53
C THR I 113 71.99 -166.81 78.05
N GLY I 114 70.69 -167.02 78.20
CA GLY I 114 70.20 -168.32 78.61
C GLY I 114 70.00 -169.27 77.45
N LEU I 115 69.66 -170.51 77.78
CA LEU I 115 69.56 -171.57 76.79
C LEU I 115 68.29 -172.37 77.02
N VAL I 116 67.57 -172.66 75.95
CA VAL I 116 66.40 -173.53 75.98
C VAL I 116 66.71 -174.74 75.13
N VAL I 117 66.71 -175.92 75.73
CA VAL I 117 67.16 -177.14 75.07
C VAL I 117 65.95 -178.02 74.79
N PHE I 118 65.64 -178.21 73.52
CA PHE I 118 64.61 -179.14 73.07
C PHE I 118 65.22 -180.46 72.64
N SER I 119 64.81 -181.54 73.30
CA SER I 119 65.34 -182.85 72.97
C SER I 119 64.88 -183.32 71.59
N PRO I 120 65.67 -184.19 70.90
CA PRO I 120 65.24 -184.76 69.58
C PRO I 120 63.91 -185.47 69.77
N SER I 121 63.70 -186.09 70.93
CA SER I 121 62.47 -186.83 71.13
C SER I 121 61.25 -185.91 71.09
N LEU I 122 61.34 -184.75 71.74
CA LEU I 122 60.21 -183.84 71.80
C LEU I 122 59.89 -183.27 70.42
N VAL I 123 60.91 -182.84 69.68
CA VAL I 123 60.67 -182.29 68.36
C VAL I 123 60.15 -183.37 67.41
N PHE I 124 60.65 -184.60 67.58
CA PHE I 124 60.13 -185.71 66.78
C PHE I 124 58.65 -185.93 67.07
N ILE I 125 58.27 -185.91 68.35
CA ILE I 125 56.87 -186.10 68.72
C ILE I 125 56.01 -184.99 68.14
N ALA I 126 56.48 -183.75 68.25
CA ALA I 126 55.70 -182.62 67.75
C ALA I 126 55.52 -182.69 66.24
N VAL I 127 56.60 -182.98 65.52
CA VAL I 127 56.50 -183.08 64.06
C VAL I 127 55.60 -184.23 63.65
N ASP I 128 55.71 -185.36 64.35
CA ASP I 128 54.86 -186.50 64.06
C ASP I 128 53.39 -186.16 64.28
N ASN I 129 53.07 -185.48 65.38
CA ASN I 129 51.68 -185.13 65.66
C ASN I 129 51.15 -184.12 64.66
N LEU I 130 51.95 -183.13 64.30
CA LEU I 130 51.49 -182.11 63.36
C LEU I 130 51.25 -182.70 61.98
N PHE I 131 52.14 -183.57 61.52
CA PHE I 131 52.07 -184.06 60.14
C PHE I 131 51.42 -185.44 60.08
N GLY I 132 50.15 -185.47 60.48
CA GLY I 132 49.31 -186.63 60.30
C GLY I 132 49.83 -187.90 60.95
N GLY I 133 50.26 -187.81 62.20
CA GLY I 133 50.73 -188.99 62.90
C GLY I 133 50.16 -189.14 64.29
N ASP I 134 49.58 -190.31 64.56
CA ASP I 134 48.99 -190.59 65.90
C ASP I 134 50.06 -191.22 66.81
N GLY I 135 51.34 -190.98 66.51
CA GLY I 135 52.40 -191.52 67.35
C GLY I 135 52.27 -193.02 67.50
N ARG I 136 51.79 -193.72 66.48
CA ARG I 136 51.73 -195.18 66.52
C ARG I 136 53.11 -195.82 66.55
N PHE I 137 53.96 -195.44 65.59
CA PHE I 137 55.31 -195.96 65.57
C PHE I 137 56.25 -195.37 66.62
N PRO I 138 57.21 -196.15 67.10
CA PRO I 138 58.16 -195.63 68.10
C PRO I 138 59.03 -194.53 67.49
N THR I 139 59.43 -193.59 68.34
CA THR I 139 60.33 -192.53 67.90
C THR I 139 61.73 -193.10 67.69
N LYS I 140 62.31 -192.83 66.54
CA LYS I 140 63.65 -193.29 66.19
C LYS I 140 64.54 -192.08 65.93
N VAL I 141 65.61 -191.97 66.71
CA VAL I 141 66.60 -190.91 66.55
C VAL I 141 67.97 -191.57 66.40
N GLU I 142 68.67 -191.26 65.31
CA GLU I 142 69.97 -191.85 65.02
C GLU I 142 70.95 -190.76 64.59
N GLY I 143 71.00 -189.67 65.35
CA GLY I 143 71.89 -188.58 64.98
C GLY I 143 71.41 -187.75 63.82
N ARG I 144 70.15 -187.90 63.42
CA ARG I 144 69.62 -187.14 62.31
C ARG I 144 69.50 -185.67 62.67
N GLU I 145 69.86 -184.80 61.72
CA GLU I 145 69.82 -183.37 61.95
C GLU I 145 68.40 -182.85 61.74
N PHE I 146 68.25 -181.53 61.79
CA PHE I 146 66.95 -180.88 61.71
C PHE I 146 66.86 -180.09 60.40
N THR I 147 65.81 -180.37 59.63
CA THR I 147 65.60 -179.67 58.37
C THR I 147 64.97 -178.31 58.61
N HIS I 148 64.71 -177.58 57.52
CA HIS I 148 64.11 -176.26 57.65
C HIS I 148 62.68 -176.35 58.17
N THR I 149 61.92 -177.35 57.73
CA THR I 149 60.57 -177.53 58.24
C THR I 149 60.59 -177.87 59.72
N GLU I 150 61.49 -178.76 60.14
CA GLU I 150 61.63 -179.06 61.55
C GLU I 150 62.04 -177.83 62.34
N GLN I 151 62.95 -177.02 61.77
CA GLN I 151 63.36 -175.80 62.45
C GLN I 151 62.19 -174.84 62.59
N ARG I 152 61.32 -174.76 61.58
CA ARG I 152 60.17 -173.87 61.69
C ARG I 152 59.18 -174.38 62.73
N VAL I 153 58.98 -175.69 62.80
CA VAL I 153 58.12 -176.26 63.85
C VAL I 153 58.69 -175.95 65.23
N ILE I 154 60.00 -176.09 65.38
CA ILE I 154 60.64 -175.80 66.67
C ILE I 154 60.52 -174.32 67.00
N ASN I 155 60.62 -173.45 66.00
CA ASN I 155 60.43 -172.02 66.24
C ASN I 155 59.00 -171.76 66.72
N ARG I 156 58.03 -172.42 66.10
CA ARG I 156 56.64 -172.25 66.51
C ARG I 156 56.43 -172.71 67.95
N MET I 157 57.02 -173.86 68.31
CA MET I 157 56.94 -174.32 69.70
C MET I 157 57.65 -173.36 70.65
N LEU I 158 58.82 -172.88 70.26
CA LEU I 158 59.62 -172.04 71.13
C LEU I 158 58.96 -170.69 71.34
N LYS I 159 58.17 -170.22 70.39
CA LYS I 159 57.42 -168.99 70.62
C LYS I 159 56.47 -169.15 71.80
N LEU I 160 55.73 -170.25 71.84
CA LEU I 160 54.86 -170.53 72.99
C LEU I 160 55.67 -170.72 74.26
N ALA I 161 56.79 -171.42 74.17
CA ALA I 161 57.61 -171.66 75.35
C ALA I 161 58.12 -170.35 75.93
N LEU I 162 58.60 -169.44 75.08
CA LEU I 162 59.11 -168.17 75.55
C LEU I 162 58.00 -167.29 76.09
N GLU I 163 56.83 -167.29 75.45
CA GLU I 163 55.71 -166.54 75.98
C GLU I 163 55.32 -167.03 77.38
N GLY I 164 55.25 -168.36 77.55
CA GLY I 164 54.93 -168.90 78.85
C GLY I 164 55.97 -168.57 79.90
N TYR I 165 57.25 -168.66 79.53
CA TYR I 165 58.31 -168.33 80.48
C TYR I 165 58.27 -166.86 80.88
N SER I 166 58.06 -165.96 79.90
CA SER I 166 57.97 -164.56 80.21
C SER I 166 56.78 -164.26 81.11
N ASP I 167 55.63 -164.88 80.84
CA ASP I 167 54.47 -164.68 81.69
C ASP I 167 54.72 -165.20 83.11
N ALA I 168 55.38 -166.34 83.23
CA ALA I 168 55.69 -166.88 84.56
C ALA I 168 56.64 -165.95 85.31
N TRP I 169 57.64 -165.40 84.62
CA TRP I 169 58.58 -164.50 85.29
C TRP I 169 57.87 -163.20 85.60
N LYS I 170 56.88 -162.82 84.79
CA LYS I 170 56.20 -161.53 84.97
C LYS I 170 55.65 -161.37 86.39
N ALA I 171 55.19 -162.45 87.00
CA ALA I 171 54.69 -162.38 88.36
C ALA I 171 55.68 -161.88 89.41
N ILE I 172 56.94 -162.30 89.31
CA ILE I 172 57.95 -161.91 90.28
C ILE I 172 58.74 -160.72 89.76
N ASN I 173 59.40 -160.90 88.62
CA ASN I 173 60.19 -159.83 88.03
C ASN I 173 59.88 -159.75 86.53
N PRO I 174 59.33 -158.63 86.06
CA PRO I 174 58.96 -158.53 84.64
C PRO I 174 60.17 -158.55 83.72
N LEU I 175 60.29 -159.61 82.93
CA LEU I 175 61.38 -159.77 81.98
C LEU I 175 60.82 -159.98 80.59
N GLU I 176 61.58 -159.55 79.59
CA GLU I 176 61.24 -159.80 78.20
C GLU I 176 62.20 -160.83 77.61
N VAL I 177 61.65 -161.84 76.96
CA VAL I 177 62.42 -162.97 76.46
C VAL I 177 62.53 -162.84 74.96
N GLU I 178 63.76 -162.80 74.46
CA GLU I 178 64.01 -162.68 73.03
C GLU I 178 64.81 -163.88 72.54
N TYR I 179 64.33 -164.48 71.46
CA TYR I 179 65.03 -165.59 70.82
C TYR I 179 65.98 -165.02 69.78
N VAL I 180 67.27 -165.31 69.91
CA VAL I 180 68.29 -164.69 69.08
C VAL I 180 68.88 -165.66 68.07
N ARG I 181 68.99 -166.95 68.41
CA ARG I 181 69.71 -167.87 67.55
C ARG I 181 69.38 -169.29 67.97
N SER I 182 69.43 -170.20 67.01
CA SER I 182 69.25 -171.62 67.27
C SER I 182 70.44 -172.35 66.67
N GLU I 183 70.87 -173.41 67.35
CA GLU I 183 72.01 -174.19 66.96
C GLU I 183 71.72 -175.65 67.24
N MET I 184 72.53 -176.54 66.68
CA MET I 184 72.35 -177.97 66.83
C MET I 184 73.45 -178.69 67.58
N GLN I 185 74.67 -178.14 67.57
CA GLN I 185 75.78 -178.71 68.31
C GLN I 185 75.94 -177.99 69.64
N VAL I 186 76.80 -178.54 70.50
CA VAL I 186 77.02 -177.96 71.81
C VAL I 186 78.14 -176.91 71.80
N LYS I 187 79.12 -177.04 70.91
CA LYS I 187 80.27 -176.15 70.92
C LYS I 187 79.99 -174.80 70.29
N PHE I 188 78.80 -174.59 69.72
CA PHE I 188 78.46 -173.30 69.15
C PHE I 188 77.87 -172.29 70.12
N THR I 189 77.43 -172.72 71.30
CA THR I 189 76.75 -171.80 72.21
C THR I 189 77.72 -171.04 73.11
N ASN I 190 78.46 -171.77 73.94
CA ASN I 190 79.42 -171.18 74.87
C ASN I 190 78.89 -169.90 75.52
N ILE I 191 77.82 -170.06 76.31
CA ILE I 191 77.18 -168.92 77.03
C ILE I 191 77.92 -168.69 78.36
N THR I 192 78.90 -169.54 78.69
CA THR I 192 79.70 -169.42 79.94
C THR I 192 81.13 -169.09 79.57
N THR I 193 81.71 -168.06 80.19
CA THR I 193 83.09 -167.60 79.90
C THR I 193 84.03 -168.77 79.99
N SER I 194 83.84 -169.65 81.00
CA SER I 194 84.64 -170.84 81.17
C SER I 194 83.74 -172.05 81.35
N PRO I 195 84.19 -173.24 80.95
CA PRO I 195 83.36 -174.43 81.12
C PRO I 195 83.11 -174.81 82.57
N ASN I 196 83.88 -174.27 83.51
CA ASN I 196 83.69 -174.56 84.92
C ASN I 196 82.73 -173.59 85.59
N ASP I 197 82.15 -172.67 84.84
CA ASP I 197 81.16 -171.75 85.41
C ASP I 197 79.91 -172.51 85.82
N ILE I 198 79.19 -171.96 86.77
CA ILE I 198 78.05 -172.62 87.39
C ILE I 198 76.77 -172.11 86.74
N VAL I 199 75.88 -173.04 86.37
CA VAL I 199 74.62 -172.72 85.73
C VAL I 199 73.49 -173.46 86.43
N VAL I 200 72.29 -172.92 86.27
CA VAL I 200 71.08 -173.46 86.89
C VAL I 200 70.23 -174.16 85.85
N ASN I 201 70.07 -175.48 86.01
CA ASN I 201 69.33 -176.27 84.98
C ASN I 201 68.01 -176.82 85.51
N THR I 202 66.92 -176.62 84.76
CA THR I 202 65.60 -177.15 85.09
C THR I 202 65.16 -178.08 83.97
N PRO I 203 65.14 -179.40 84.19
CA PRO I 203 64.62 -180.32 83.17
C PRO I 203 63.14 -180.56 83.38
N PHE I 204 62.36 -180.43 82.31
CA PHE I 204 60.96 -180.79 82.30
C PHE I 204 60.76 -182.03 81.43
N HIS I 205 59.84 -182.89 81.83
CA HIS I 205 59.49 -184.07 81.07
C HIS I 205 58.07 -183.92 80.54
N VAL I 206 57.92 -183.98 79.23
CA VAL I 206 56.64 -183.82 78.56
C VAL I 206 56.22 -185.18 78.00
N GLU I 207 55.05 -185.65 78.41
CA GLU I 207 54.52 -186.92 77.93
C GLU I 207 53.25 -186.66 77.13
N ILE I 208 53.19 -187.25 75.93
CA ILE I 208 52.01 -187.21 75.08
C ILE I 208 51.62 -188.64 74.76
N GLY I 209 50.44 -189.06 75.21
CA GLY I 209 50.07 -190.45 75.06
C GLY I 209 51.09 -191.35 75.72
N ASN I 210 51.55 -192.35 74.96
CA ASN I 210 52.63 -193.21 75.45
C ASN I 210 54.00 -192.59 75.19
N LEU I 211 54.10 -191.69 74.23
CA LEU I 211 55.39 -191.10 73.89
C LEU I 211 55.83 -190.10 74.96
N THR I 212 57.15 -190.00 75.13
CA THR I 212 57.73 -189.12 76.12
C THR I 212 58.91 -188.37 75.53
N GLY I 213 59.21 -187.21 76.12
CA GLY I 213 60.37 -186.43 75.75
C GLY I 213 60.71 -185.50 76.87
N GLU I 214 61.80 -184.77 76.73
CA GLU I 214 62.24 -183.86 77.76
C GLU I 214 62.82 -182.59 77.15
N PHE I 215 62.83 -181.52 77.93
CA PHE I 215 63.44 -180.28 77.50
C PHE I 215 63.91 -179.50 78.71
N ASN I 216 65.05 -178.84 78.59
CA ASN I 216 65.68 -178.17 79.71
C ASN I 216 65.69 -176.66 79.50
N ILE I 217 65.75 -175.94 80.62
CA ILE I 217 65.98 -174.50 80.59
C ILE I 217 67.18 -174.19 81.46
N CYS I 218 68.25 -173.68 80.85
CA CYS I 218 69.51 -173.44 81.56
C CYS I 218 69.82 -171.95 81.57
N LEU I 219 70.09 -171.41 82.76
CA LEU I 219 70.43 -170.02 82.93
C LEU I 219 71.80 -169.92 83.59
N PRO I 220 72.74 -169.17 83.03
CA PRO I 220 74.01 -168.96 83.72
C PRO I 220 73.79 -168.22 85.03
N PHE I 221 74.57 -168.59 86.04
CA PHE I 221 74.39 -167.99 87.36
C PHE I 221 74.70 -166.50 87.36
N SER I 222 75.43 -166.00 86.37
CA SER I 222 75.71 -164.56 86.32
C SER I 222 74.42 -163.76 86.17
N MET I 223 73.50 -164.25 85.35
CA MET I 223 72.22 -163.56 85.17
C MET I 223 71.41 -163.58 86.46
N ILE I 224 71.40 -164.71 87.16
CA ILE I 224 70.58 -164.85 88.36
C ILE I 224 71.17 -164.08 89.53
N GLU I 225 72.50 -163.92 89.56
CA GLU I 225 73.16 -163.35 90.73
C GLU I 225 72.60 -162.02 91.20
N PRO I 226 72.31 -161.03 90.36
CA PRO I 226 71.68 -159.80 90.87
C PRO I 226 70.31 -160.03 91.50
N LEU I 227 69.65 -161.15 91.18
CA LEU I 227 68.34 -161.46 91.72
C LEU I 227 68.33 -162.61 92.72
N ARG I 228 69.47 -162.86 93.38
CA ARG I 228 69.56 -164.01 94.27
C ARG I 228 68.67 -163.87 95.49
N GLU I 229 68.66 -162.69 96.11
CA GLU I 229 67.84 -162.48 97.30
C GLU I 229 66.37 -162.58 96.91
N LEU I 230 66.02 -162.25 95.67
CA LEU I 230 64.65 -162.40 95.21
C LEU I 230 64.31 -163.86 94.93
N LEU I 231 65.27 -164.60 94.35
CA LEU I 231 65.02 -166.00 93.90
C LEU I 231 65.21 -166.99 95.07
N VAL I 232 65.79 -166.56 96.18
CA VAL I 232 66.09 -167.47 97.32
C VAL I 232 64.83 -167.61 98.19
N ASN I 233 64.27 -166.53 98.75
CA ASN I 233 63.15 -166.68 99.66
C ASN I 233 61.87 -166.93 98.89
N PRO I 234 60.97 -167.77 99.42
CA PRO I 234 59.69 -168.01 98.77
C PRO I 234 58.89 -166.72 98.68
N PRO I 235 58.16 -166.52 97.59
CA PRO I 235 57.42 -165.25 97.42
C PRO I 235 56.33 -165.09 98.46
N LEU I 236 56.08 -163.84 98.83
CA LEU I 236 55.04 -163.50 99.79
C LEU I 236 53.97 -162.66 99.13
N GLU I 237 52.74 -162.82 99.61
CA GLU I 237 51.59 -162.10 99.06
C GLU I 237 51.63 -160.66 99.54
N ASN I 238 52.39 -159.83 98.82
CA ASN I 238 52.56 -158.43 99.14
C ASN I 238 52.41 -157.63 97.86
N SER I 239 52.72 -156.34 97.93
CA SER I 239 52.65 -155.45 96.77
C SER I 239 53.96 -154.69 96.64
N ARG I 240 54.18 -154.14 95.45
CA ARG I 240 55.38 -153.34 95.23
C ARG I 240 55.39 -152.11 96.13
N HIS I 241 54.23 -151.52 96.36
CA HIS I 241 54.14 -150.41 97.30
C HIS I 241 54.55 -150.85 98.70
N GLU I 242 54.08 -152.02 99.14
CA GLU I 242 54.47 -152.51 100.45
C GLU I 242 55.96 -152.81 100.52
N ASP I 243 56.53 -153.36 99.45
CA ASP I 243 57.95 -153.67 99.45
C ASP I 243 58.79 -152.40 99.52
N GLN I 244 58.44 -151.39 98.73
CA GLN I 244 59.20 -150.15 98.77
C GLN I 244 59.00 -149.43 100.11
N ASN I 245 57.81 -149.53 100.71
CA ASN I 245 57.61 -148.99 102.04
C ASN I 245 58.48 -149.70 103.07
N TRP I 246 58.60 -151.03 102.94
CA TRP I 246 59.47 -151.79 103.83
C TRP I 246 60.93 -151.39 103.95
N ARG I 247 61.59 -151.28 102.79
CA ARG I 247 63.03 -150.89 102.77
C ARG I 247 63.13 -149.41 103.15
N ASP I 248 62.12 -148.61 102.79
CA ASP I 248 62.12 -147.17 103.16
C ASP I 248 62.19 -147.05 104.69
N ASN I 249 61.30 -147.75 105.40
CA ASN I 249 61.30 -147.71 106.88
C ASN I 249 62.62 -148.29 107.40
N LEU I 250 63.07 -149.39 106.81
CA LEU I 250 64.36 -150.02 107.22
C LEU I 250 65.49 -149.01 107.01
N VAL I 251 65.50 -148.35 105.85
CA VAL I 251 66.54 -147.31 105.57
C VAL I 251 66.49 -146.26 106.69
N ARG I 252 65.28 -145.79 107.02
CA ARG I 252 65.15 -144.80 108.09
C ARG I 252 65.59 -145.37 109.43
N GLN I 253 65.33 -146.65 109.68
CA GLN I 253 65.79 -147.26 110.93
C GLN I 253 67.30 -147.39 110.96
N VAL I 254 67.93 -147.62 109.80
CA VAL I 254 69.37 -147.79 109.76
C VAL I 254 70.08 -146.49 110.10
N GLN I 255 69.51 -145.35 109.71
CA GLN I 255 70.17 -144.07 109.90
C GLN I 255 70.55 -143.82 111.35
N HIS I 256 69.76 -144.33 112.29
CA HIS I 256 70.07 -144.15 113.71
C HIS I 256 70.97 -145.28 114.22
N SER I 257 72.15 -145.43 113.57
CA SER I 257 73.16 -146.42 113.98
C SER I 257 74.54 -145.73 114.01
N GLU I 258 75.15 -145.63 115.20
CA GLU I 258 76.46 -144.95 115.36
C GLU I 258 77.55 -145.72 114.61
N LEU I 259 78.51 -145.02 114.00
CA LEU I 259 79.64 -145.65 113.27
C LEU I 259 80.95 -145.26 113.95
N GLU I 260 82.08 -145.87 113.54
CA GLU I 260 83.40 -145.48 114.02
C GLU I 260 84.19 -144.92 112.84
N LEU I 261 84.50 -143.63 112.89
CA LEU I 261 85.22 -142.96 111.82
C LEU I 261 86.66 -142.71 112.26
N VAL I 262 87.61 -143.08 111.41
CA VAL I 262 89.03 -142.99 111.72
C VAL I 262 89.70 -142.11 110.69
N ALA I 263 90.45 -141.12 111.17
CA ALA I 263 91.18 -140.20 110.29
C ALA I 263 92.65 -140.60 110.27
N ASN I 264 93.20 -140.72 109.07
CA ASN I 264 94.61 -141.06 108.89
C ASN I 264 95.38 -139.80 108.51
N PHE I 265 96.27 -139.36 109.41
CA PHE I 265 97.09 -138.15 109.20
C PHE I 265 98.25 -138.42 108.25
N ALA I 266 98.97 -139.53 108.45
CA ALA I 266 100.14 -139.89 107.61
C ALA I 266 100.35 -141.41 107.55
N ASP I 267 101.08 -141.92 106.55
CA ASP I 267 101.41 -143.34 106.44
C ASP I 267 102.86 -143.45 106.02
N ILE I 268 103.74 -143.72 106.97
CA ILE I 268 105.18 -143.72 106.74
C ILE I 268 105.65 -145.16 106.62
N PRO I 269 106.49 -145.54 105.62
CA PRO I 269 106.97 -146.94 105.43
C PRO I 269 108.32 -147.16 106.12
N LEU I 270 108.35 -147.97 107.17
CA LEU I 270 109.62 -148.31 107.85
C LEU I 270 109.88 -149.82 107.82
N ARG I 271 111.14 -150.21 107.81
CA ARG I 271 111.52 -151.65 107.85
C ARG I 271 111.33 -152.17 109.28
N LEU I 272 111.26 -153.49 109.44
CA LEU I 272 111.16 -154.09 110.79
C LEU I 272 112.38 -153.69 111.62
N SER I 273 113.55 -153.62 110.98
CA SER I 273 114.78 -153.30 111.72
C SER I 273 114.66 -151.93 112.38
N GLN I 274 114.08 -150.97 111.66
CA GLN I 274 113.90 -149.64 112.27
C GLN I 274 112.95 -149.79 113.46
N ILE I 275 111.89 -150.60 113.34
CA ILE I 275 110.91 -150.68 114.45
C ILE I 275 111.52 -151.18 115.77
N LEU I 276 112.34 -152.25 115.72
CA LEU I 276 113.02 -152.69 116.97
C LEU I 276 114.01 -151.74 117.65
N LYS I 277 114.81 -151.04 116.84
CA LYS I 277 115.72 -149.98 117.36
C LYS I 277 114.92 -148.66 117.71
N LEU I 278 113.69 -148.64 117.19
CA LEU I 278 112.85 -147.44 117.38
C LEU I 278 112.71 -147.43 118.90
N LYS I 279 112.91 -146.25 119.49
CA LYS I 279 112.80 -146.06 120.94
C LYS I 279 112.32 -144.61 121.14
N PRO I 280 111.74 -144.21 122.30
CA PRO I 280 111.17 -142.84 122.47
C PRO I 280 112.20 -141.76 122.17
N GLY I 281 111.78 -140.62 121.62
CA GLY I 281 112.61 -139.48 121.29
C GLY I 281 113.03 -139.40 119.84
N ASP I 282 112.84 -140.47 119.06
CA ASP I 282 113.22 -140.45 117.66
C ASP I 282 112.26 -139.59 116.85
N VAL I 283 112.71 -139.17 115.67
CA VAL I 283 111.89 -138.39 114.74
C VAL I 283 111.83 -139.15 113.43
N LEU I 284 110.62 -139.45 112.97
CA LEU I 284 110.41 -140.15 111.72
C LEU I 284 109.81 -139.18 110.72
N PRO I 285 110.50 -138.84 109.64
CA PRO I 285 110.02 -137.77 108.76
C PRO I 285 108.77 -138.19 107.99
N ILE I 286 107.85 -137.25 107.84
CA ILE I 286 106.61 -137.45 107.11
C ILE I 286 106.47 -136.33 106.08
N GLU I 287 105.64 -136.58 105.09
CA GLU I 287 105.41 -135.64 104.01
C GLU I 287 104.18 -134.79 104.31
N LYS I 288 103.94 -133.80 103.46
CA LYS I 288 102.79 -132.92 103.62
C LYS I 288 101.50 -133.68 103.35
N PRO I 289 100.59 -133.78 104.31
CA PRO I 289 99.24 -134.24 103.98
C PRO I 289 98.38 -133.10 103.46
N ASP I 290 98.13 -133.09 102.15
CA ASP I 290 97.23 -132.04 101.57
C ASP I 290 95.81 -132.30 102.06
N ARG I 291 95.39 -133.57 102.07
CA ARG I 291 94.06 -133.95 102.51
C ARG I 291 94.15 -135.16 103.43
N ILE I 292 93.18 -135.28 104.33
CA ILE I 292 93.13 -136.34 105.32
C ILE I 292 92.01 -137.33 105.05
N ILE I 293 92.37 -138.58 104.81
CA ILE I 293 91.38 -139.61 104.53
C ILE I 293 90.72 -140.13 105.81
N ALA I 294 89.40 -140.17 105.80
CA ALA I 294 88.60 -140.67 106.91
C ALA I 294 87.88 -141.92 106.44
N HIS I 295 88.12 -143.03 107.13
CA HIS I 295 87.62 -144.34 106.74
C HIS I 295 86.91 -145.00 107.90
N VAL I 296 85.91 -145.83 107.59
CA VAL I 296 85.18 -146.61 108.56
C VAL I 296 85.53 -148.07 108.33
N ASP I 297 86.25 -148.66 109.28
CA ASP I 297 86.65 -150.07 109.21
C ASP I 297 87.41 -150.37 107.91
N GLY I 298 88.23 -149.41 107.49
CA GLY I 298 89.04 -149.59 106.30
C GLY I 298 88.53 -148.83 105.09
N VAL I 299 87.23 -148.80 104.89
CA VAL I 299 86.64 -148.19 103.71
C VAL I 299 86.68 -146.68 103.84
N PRO I 300 87.36 -145.97 102.94
CA PRO I 300 87.43 -144.50 103.07
C PRO I 300 86.12 -143.84 102.72
N VAL I 301 85.74 -142.85 103.52
CA VAL I 301 84.45 -142.21 103.38
C VAL I 301 84.60 -140.71 103.10
N LEU I 302 85.67 -140.11 103.63
CA LEU I 302 85.80 -138.66 103.61
C LEU I 302 87.26 -138.37 103.30
N THR I 303 87.50 -137.21 102.71
CA THR I 303 88.82 -136.57 102.70
C THR I 303 88.56 -135.14 103.15
N SER I 304 89.32 -134.69 104.14
CA SER I 304 89.02 -133.43 104.82
C SER I 304 90.36 -132.94 105.36
N GLN I 305 90.46 -131.63 105.53
CA GLN I 305 91.70 -130.96 105.88
C GLN I 305 91.72 -130.98 107.40
N TYR I 306 92.90 -131.20 107.98
CA TYR I 306 93.02 -131.26 109.42
C TYR I 306 92.94 -129.87 110.03
N GLY I 307 92.63 -129.82 111.32
CA GLY I 307 92.55 -128.56 112.03
C GLY I 307 92.30 -128.80 113.50
N THR I 308 92.26 -127.70 114.25
CA THR I 308 92.00 -127.74 115.69
C THR I 308 90.86 -126.78 115.99
N VAL I 309 89.82 -127.28 116.64
CA VAL I 309 88.66 -126.47 117.01
C VAL I 309 88.24 -126.86 118.42
N ASN I 310 88.04 -125.85 119.27
CA ASN I 310 87.57 -126.03 120.64
C ASN I 310 88.49 -126.99 121.41
N GLY I 311 89.79 -126.89 121.16
CA GLY I 311 90.73 -127.77 121.80
C GLY I 311 90.67 -129.20 121.31
N GLN I 312 89.90 -129.47 120.26
CA GLN I 312 89.74 -130.81 119.71
C GLN I 312 90.36 -130.89 118.33
N TYR I 313 90.91 -132.06 118.01
CA TYR I 313 91.38 -132.30 116.66
C TYR I 313 90.19 -132.32 115.71
N ALA I 314 90.16 -131.37 114.77
CA ALA I 314 89.01 -131.19 113.90
C ALA I 314 89.39 -131.47 112.46
N LEU I 315 88.38 -131.76 111.64
CA LEU I 315 88.56 -131.95 110.21
C LEU I 315 87.52 -131.12 109.47
N ARG I 316 88.00 -130.34 108.51
CA ARG I 316 87.12 -129.54 107.64
C ARG I 316 86.80 -130.39 106.43
N VAL I 317 85.56 -130.91 106.38
CA VAL I 317 85.19 -131.86 105.34
C VAL I 317 85.25 -131.18 103.98
N GLU I 318 85.99 -131.77 103.08
CA GLU I 318 86.10 -131.27 101.71
C GLU I 318 85.31 -132.06 100.69
N HIS I 319 85.24 -133.40 100.80
CA HIS I 319 84.59 -134.20 99.74
C HIS I 319 84.17 -135.58 100.22
N LEU I 320 82.88 -135.92 100.09
CA LEU I 320 82.41 -137.26 100.37
C LEU I 320 82.78 -138.16 99.20
N ILE I 321 83.41 -139.29 99.50
CA ILE I 321 83.95 -140.15 98.44
C ILE I 321 82.83 -140.96 97.82
N ASN I 322 82.21 -140.43 96.77
CA ASN I 322 81.20 -141.17 96.05
C ASN I 322 81.86 -142.16 95.08
N PRO I 323 81.18 -143.28 94.80
CA PRO I 323 81.72 -144.26 93.85
C PRO I 323 81.33 -143.97 92.40
N GLN J 52 113.17 -171.01 115.03
CA GLN J 52 113.22 -169.67 115.63
C GLN J 52 114.34 -168.85 115.02
N ASP J 53 114.11 -168.33 113.82
CA ASP J 53 115.09 -167.55 113.10
C ASP J 53 114.91 -166.06 113.42
N ILE J 54 115.96 -165.29 113.18
CA ILE J 54 115.93 -163.87 113.51
C ILE J 54 116.28 -163.04 112.28
N ASP J 55 117.36 -163.38 111.59
CA ASP J 55 117.75 -162.65 110.35
C ASP J 55 116.72 -162.92 109.25
N LEU J 56 115.91 -163.97 109.38
CA LEU J 56 114.93 -164.35 108.33
C LEU J 56 113.88 -163.23 108.16
N ILE J 57 113.41 -162.62 109.25
CA ILE J 57 112.35 -161.56 109.19
C ILE J 57 112.97 -160.23 109.64
N MET J 58 114.29 -160.13 109.73
CA MET J 58 114.95 -158.93 110.21
C MET J 58 114.78 -157.77 109.22
N ASP J 59 114.37 -158.07 107.99
CA ASP J 59 114.32 -157.09 106.91
C ASP J 59 112.93 -156.85 106.35
N ILE J 60 111.92 -157.54 106.85
CA ILE J 60 110.56 -157.44 106.29
C ILE J 60 110.04 -156.02 106.51
N PRO J 61 109.43 -155.39 105.52
CA PRO J 61 108.91 -154.03 105.71
C PRO J 61 107.53 -154.05 106.34
N VAL J 62 107.24 -152.97 107.08
CA VAL J 62 105.96 -152.79 107.74
C VAL J 62 105.60 -151.36 107.36
N LYS J 63 104.29 -151.08 107.41
CA LYS J 63 103.75 -149.73 107.11
C LYS J 63 103.16 -149.19 108.42
N LEU J 64 103.51 -147.96 108.78
CA LEU J 64 103.09 -147.36 110.05
C LEU J 64 102.11 -146.23 109.73
N THR J 65 101.00 -146.19 110.46
CA THR J 65 99.98 -145.18 110.27
C THR J 65 99.83 -144.39 111.57
N VAL J 66 99.46 -143.12 111.44
CA VAL J 66 99.19 -142.25 112.57
C VAL J 66 97.82 -141.61 112.40
N GLU J 67 97.08 -141.48 113.50
CA GLU J 67 95.72 -140.98 113.45
C GLU J 67 95.58 -139.56 113.94
N LEU J 68 94.54 -138.86 113.50
CA LEU J 68 94.20 -137.59 114.12
C LEU J 68 93.46 -137.92 115.42
N GLY J 69 92.43 -138.77 115.32
CA GLY J 69 91.69 -139.16 116.51
C GLY J 69 90.51 -140.03 116.17
N ARG J 70 89.96 -140.63 117.22
CA ARG J 70 88.72 -141.41 117.12
C ARG J 70 87.55 -140.45 117.09
N THR J 71 86.40 -140.95 116.65
CA THR J 71 85.13 -140.27 116.82
C THR J 71 84.13 -141.32 116.36
N ARG J 72 82.92 -141.25 116.91
CA ARG J 72 81.86 -142.19 116.61
C ARG J 72 80.63 -141.33 116.29
N MET J 73 80.09 -141.48 115.09
CA MET J 73 79.10 -140.55 114.58
C MET J 73 78.24 -141.42 113.66
N THR J 74 76.92 -141.22 113.70
CA THR J 74 75.96 -142.13 113.03
C THR J 74 75.82 -141.82 111.57
N ILE J 75 75.00 -142.63 110.89
CA ILE J 75 74.75 -142.46 109.42
C ILE J 75 74.10 -141.09 109.19
N LYS J 76 73.21 -140.64 110.06
CA LYS J 76 72.49 -139.35 109.88
C LYS J 76 73.47 -138.19 109.60
N GLU J 77 74.35 -137.82 110.55
CA GLU J 77 75.32 -136.75 110.42
C GLU J 77 76.30 -136.97 109.28
N LEU J 78 76.71 -138.22 109.04
CA LEU J 78 77.57 -138.52 107.89
C LEU J 78 76.95 -138.17 106.54
N LEU J 79 75.66 -138.44 106.39
CA LEU J 79 74.99 -138.10 105.13
C LEU J 79 74.71 -136.62 104.90
N ARG J 80 74.55 -135.85 105.97
CA ARG J 80 74.33 -134.41 105.84
C ARG J 80 75.63 -133.55 106.01
N LEU J 81 76.77 -134.24 105.99
CA LEU J 81 78.05 -133.56 106.05
C LEU J 81 78.14 -132.95 104.65
N THR J 82 78.53 -131.68 104.60
CA THR J 82 78.61 -130.97 103.32
C THR J 82 80.04 -130.46 103.23
N GLN J 83 80.36 -129.80 102.10
CA GLN J 83 81.71 -129.21 101.97
C GLN J 83 81.86 -128.08 102.96
N GLY J 84 83.01 -128.01 103.62
CA GLY J 84 83.28 -126.96 104.59
C GLY J 84 82.79 -127.29 105.97
N SER J 85 82.02 -128.36 106.14
CA SER J 85 81.57 -128.76 107.47
C SER J 85 82.74 -129.25 108.30
N VAL J 86 82.68 -128.99 109.60
CA VAL J 86 83.76 -129.31 110.53
C VAL J 86 83.27 -130.36 111.50
N VAL J 87 84.06 -131.41 111.69
CA VAL J 87 83.76 -132.49 112.63
C VAL J 87 84.95 -132.62 113.58
N ALA J 88 84.68 -132.79 114.87
CA ALA J 88 85.75 -132.92 115.90
C ALA J 88 86.29 -134.35 115.95
N LEU J 89 87.07 -134.66 116.99
CA LEU J 89 87.68 -136.00 117.21
C LEU J 89 87.65 -136.20 118.73
N ASP J 90 87.98 -137.38 119.25
CA ASP J 90 87.89 -137.69 120.70
C ASP J 90 89.12 -137.19 121.46
N GLY J 91 90.15 -136.68 120.77
CA GLY J 91 91.38 -136.21 121.41
C GLY J 91 91.59 -134.72 121.52
N LEU J 92 92.02 -134.29 122.71
CA LEU J 92 92.38 -132.89 122.91
C LEU J 92 93.57 -132.54 122.04
N ALA J 93 93.58 -131.31 121.54
CA ALA J 93 94.68 -130.85 120.71
C ALA J 93 95.94 -130.75 121.55
N GLY J 94 96.83 -131.74 121.44
CA GLY J 94 98.04 -131.75 122.23
C GLY J 94 98.47 -133.12 122.70
N GLU J 95 97.52 -134.07 122.82
CA GLU J 95 97.91 -135.40 123.21
C GLU J 95 98.70 -136.08 122.09
N PRO J 96 99.60 -137.00 122.42
CA PRO J 96 100.35 -137.71 121.38
C PRO J 96 99.43 -138.63 120.59
N LEU J 97 99.59 -138.61 119.26
CA LEU J 97 98.80 -139.46 118.39
C LEU J 97 99.25 -140.91 118.51
N ASP J 98 98.36 -141.83 118.15
CA ASP J 98 98.67 -143.28 118.28
C ASP J 98 99.25 -143.80 116.97
N ILE J 99 100.43 -144.42 117.04
CA ILE J 99 101.07 -145.02 115.82
C ILE J 99 100.66 -146.50 115.79
N LEU J 100 100.25 -147.00 114.62
CA LEU J 100 99.74 -148.40 114.53
C LEU J 100 100.36 -149.13 113.33
N ILE J 101 100.48 -150.46 113.41
CA ILE J 101 100.99 -151.27 112.26
C ILE J 101 99.98 -152.41 112.02
N ASN J 102 99.50 -152.57 110.78
CA ASN J 102 98.54 -153.66 110.45
C ASN J 102 97.38 -153.55 111.44
N GLY J 103 96.98 -152.33 111.80
CA GLY J 103 95.82 -152.11 112.69
C GLY J 103 96.13 -152.46 114.13
N TYR J 104 97.40 -152.61 114.51
CA TYR J 104 97.82 -153.01 115.87
C TYR J 104 98.62 -151.89 116.51
N LEU J 105 98.29 -151.49 117.74
CA LEU J 105 98.97 -150.32 118.36
C LEU J 105 100.46 -150.66 118.49
N ILE J 106 101.33 -149.69 118.21
CA ILE J 106 102.80 -149.91 118.26
C ILE J 106 103.50 -148.77 119.01
N ALA J 107 102.99 -147.53 118.97
CA ALA J 107 103.72 -146.42 119.56
C ALA J 107 102.78 -145.23 119.77
N GLN J 108 103.35 -144.13 120.28
CA GLN J 108 102.66 -142.85 120.39
C GLN J 108 103.64 -141.72 120.12
N GLY J 109 103.19 -140.73 119.36
CA GLY J 109 103.99 -139.57 119.05
C GLY J 109 103.18 -138.49 118.37
N GLU J 110 103.73 -137.27 118.40
CA GLU J 110 103.07 -136.11 117.82
C GLU J 110 103.90 -135.54 116.69
N VAL J 111 103.26 -134.71 115.88
CA VAL J 111 103.93 -134.06 114.76
C VAL J 111 104.73 -132.86 115.26
N VAL J 112 105.92 -132.66 114.69
CA VAL J 112 106.79 -131.56 115.06
C VAL J 112 107.30 -130.84 113.81
N VAL J 113 107.41 -129.53 113.90
CA VAL J 113 107.93 -128.70 112.81
C VAL J 113 109.36 -128.27 113.09
N VAL J 114 110.31 -128.71 112.26
CA VAL J 114 111.71 -128.40 112.54
C VAL J 114 112.11 -127.15 111.76
N ALA J 115 112.11 -127.31 110.43
CA ALA J 115 112.37 -126.16 109.54
C ALA J 115 111.21 -125.85 108.59
N ASP J 116 111.07 -126.67 107.54
CA ASP J 116 109.91 -126.56 106.63
C ASP J 116 109.59 -128.04 106.36
N LYS J 117 109.85 -128.91 107.35
CA LYS J 117 109.67 -130.38 107.18
C LYS J 117 108.90 -130.95 108.37
N TYR J 118 108.22 -132.08 108.18
CA TYR J 118 107.37 -132.64 109.27
C TYR J 118 107.81 -134.04 109.67
N GLY J 119 107.57 -134.41 110.92
CA GLY J 119 107.85 -135.75 111.42
C GLY J 119 107.20 -136.01 112.75
N VAL J 120 107.18 -137.28 113.13
CA VAL J 120 106.52 -137.71 114.35
C VAL J 120 107.62 -137.88 115.40
N ARG J 121 107.40 -137.30 116.57
CA ARG J 121 108.32 -137.38 117.69
C ARG J 121 107.69 -138.38 118.66
N ILE J 122 108.20 -139.61 118.64
CA ILE J 122 107.61 -140.68 119.44
C ILE J 122 107.85 -140.41 120.92
N THR J 123 106.78 -140.53 121.72
CA THR J 123 106.85 -140.26 123.15
C THR J 123 107.24 -141.50 123.96
N ASP J 124 106.67 -142.65 123.65
CA ASP J 124 106.94 -143.85 124.43
C ASP J 124 106.56 -145.08 123.61
N ILE J 125 106.87 -146.24 124.17
CA ILE J 125 106.51 -147.53 123.60
C ILE J 125 105.57 -148.22 124.58
N ILE J 126 104.41 -148.63 124.09
CA ILE J 126 103.38 -149.20 124.97
C ILE J 126 103.72 -150.65 125.30
N THR J 127 103.91 -150.92 126.59
CA THR J 127 104.05 -152.27 127.07
C THR J 127 102.67 -152.96 127.04
N PRO J 128 102.65 -154.30 127.05
CA PRO J 128 101.35 -154.98 127.01
C PRO J 128 100.40 -154.57 128.12
N SER J 129 100.92 -154.32 129.34
CA SER J 129 100.07 -153.93 130.45
C SER J 129 99.24 -152.71 130.05
N GLU J 130 99.89 -151.68 129.52
CA GLU J 130 99.16 -150.55 129.00
C GLU J 130 98.17 -150.95 127.91
N ARG J 131 98.62 -151.78 126.95
CA ARG J 131 97.69 -152.27 125.91
C ARG J 131 96.46 -152.91 126.54
N MET J 132 96.65 -153.68 127.62
CA MET J 132 95.50 -154.39 128.25
C MET J 132 94.48 -153.36 128.78
N ARG J 133 94.96 -152.28 129.39
CA ARG J 133 94.04 -151.24 129.93
C ARG J 133 93.45 -150.44 128.76
N ARG J 134 94.13 -150.47 127.61
CA ARG J 134 93.67 -149.73 126.40
C ARG J 134 92.37 -150.47 126.00
N LEU J 135 92.47 -151.79 125.81
CA LEU J 135 91.25 -152.60 125.54
C LEU J 135 90.21 -152.56 126.65
N SER J 136 90.65 -152.55 127.91
CA SER J 136 89.70 -152.58 129.06
C SER J 136 88.97 -151.23 129.18
N ARG J 137 89.60 -150.13 128.78
CA ARG J 137 88.94 -148.84 128.99
C ARG J 137 89.18 -147.90 127.82
N ASP K 53 112.84 -156.50 124.06
CA ASP K 53 112.49 -155.78 122.84
C ASP K 53 111.99 -156.73 121.75
N ILE K 54 112.42 -157.98 121.81
CA ILE K 54 111.95 -158.98 120.85
C ILE K 54 110.46 -159.19 121.09
N ASP K 55 110.04 -159.12 122.35
CA ASP K 55 108.64 -159.31 122.69
C ASP K 55 107.71 -158.32 121.96
N LEU K 56 108.19 -157.09 121.76
CA LEU K 56 107.39 -156.11 121.02
C LEU K 56 107.07 -156.48 119.58
N ILE K 57 108.07 -157.03 118.90
CA ILE K 57 107.90 -157.39 117.46
C ILE K 57 107.72 -158.91 117.32
N MET K 58 107.23 -159.58 118.36
CA MET K 58 107.09 -161.03 118.31
C MET K 58 105.58 -161.22 118.19
N ASP K 59 104.81 -160.13 118.39
CA ASP K 59 103.32 -160.27 118.41
C ASP K 59 102.65 -159.56 117.23
N ILE K 60 103.32 -158.58 116.61
CA ILE K 60 102.71 -157.78 115.52
C ILE K 60 102.14 -158.54 114.32
N PRO K 61 100.91 -158.19 113.85
CA PRO K 61 100.34 -158.82 112.63
C PRO K 61 101.10 -158.37 111.39
N VAL K 62 101.06 -159.17 110.32
CA VAL K 62 101.74 -158.86 109.07
C VAL K 62 100.89 -159.58 108.03
N LYS K 63 101.00 -159.13 106.77
CA LYS K 63 100.19 -159.67 105.70
C LYS K 63 101.06 -160.62 104.89
N LEU K 64 100.57 -161.84 104.66
CA LEU K 64 101.31 -162.86 103.95
C LEU K 64 100.58 -163.15 102.66
N THR K 65 101.33 -163.32 101.57
CA THR K 65 100.76 -163.68 100.28
C THR K 65 101.62 -164.77 99.65
N VAL K 66 101.04 -165.50 98.71
CA VAL K 66 101.78 -166.45 97.90
C VAL K 66 101.36 -166.27 96.45
N GLU K 67 102.33 -166.08 95.57
CA GLU K 67 102.03 -165.78 94.17
C GLU K 67 102.24 -167.02 93.32
N LEU K 68 101.27 -167.34 92.46
CA LEU K 68 101.31 -168.58 91.65
C LEU K 68 101.98 -168.35 90.29
N GLY K 69 101.94 -167.13 89.75
CA GLY K 69 102.43 -166.85 88.39
C GLY K 69 103.18 -165.54 88.27
N ARG K 70 103.96 -165.39 87.20
CA ARG K 70 104.73 -164.14 86.95
C ARG K 70 104.95 -164.03 85.43
N THR K 71 104.48 -162.95 84.80
CA THR K 71 104.61 -162.76 83.34
C THR K 71 104.92 -161.32 83.09
N ARG K 72 105.72 -161.00 82.07
CA ARG K 72 106.00 -159.64 81.62
C ARG K 72 105.26 -159.37 80.31
N MET K 73 104.54 -158.24 80.29
CA MET K 73 103.70 -157.95 79.10
C MET K 73 103.71 -156.46 78.74
N THR K 74 103.41 -156.15 77.49
CA THR K 74 103.31 -154.78 76.98
C THR K 74 101.81 -154.48 77.05
N ILE K 75 101.41 -153.29 76.61
CA ILE K 75 99.98 -152.91 76.79
C ILE K 75 99.18 -153.37 75.57
N LYS K 76 99.85 -153.43 74.42
CA LYS K 76 99.17 -154.01 73.25
C LYS K 76 98.65 -155.34 73.80
N GLU K 77 99.53 -156.11 74.43
CA GLU K 77 99.14 -157.46 74.91
C GLU K 77 98.05 -157.36 75.99
N LEU K 78 98.19 -156.46 76.96
CA LEU K 78 97.21 -156.41 78.08
C LEU K 78 95.83 -156.01 77.56
N LEU K 79 95.77 -155.02 76.67
CA LEU K 79 94.49 -154.55 76.09
C LEU K 79 93.89 -155.68 75.25
N ARG K 80 94.74 -156.41 74.53
CA ARG K 80 94.26 -157.48 73.62
C ARG K 80 93.51 -158.53 74.45
N LEU K 81 94.00 -158.87 75.64
CA LEU K 81 93.27 -159.79 76.54
C LEU K 81 91.78 -159.39 76.53
N THR K 82 90.85 -160.34 76.39
CA THR K 82 89.41 -160.04 76.50
C THR K 82 88.81 -160.93 77.57
N GLN K 83 87.49 -161.14 77.54
CA GLN K 83 86.91 -162.06 78.51
C GLN K 83 87.16 -163.50 78.06
N GLY K 84 87.64 -164.33 78.97
CA GLY K 84 87.95 -165.70 78.65
C GLY K 84 89.33 -165.93 78.05
N SER K 85 90.11 -164.87 77.85
CA SER K 85 91.45 -165.04 77.30
C SER K 85 92.35 -165.72 78.31
N VAL K 86 93.17 -166.64 77.82
CA VAL K 86 94.11 -167.39 78.67
C VAL K 86 95.47 -166.73 78.58
N VAL K 87 96.05 -166.40 79.72
CA VAL K 87 97.36 -165.77 79.79
C VAL K 87 98.35 -166.80 80.31
N ALA K 88 99.36 -167.12 79.50
CA ALA K 88 100.39 -168.05 79.92
C ALA K 88 101.32 -167.47 80.98
N LEU K 89 101.80 -168.35 81.86
CA LEU K 89 102.73 -167.98 82.91
C LEU K 89 104.16 -168.46 82.78
N ASP K 90 105.11 -167.54 82.95
CA ASP K 90 106.53 -167.91 82.82
C ASP K 90 106.89 -169.12 83.73
N GLY K 91 106.31 -169.13 84.93
CA GLY K 91 106.42 -170.27 85.80
C GLY K 91 105.95 -171.64 85.36
N LEU K 92 106.86 -172.61 85.35
CA LEU K 92 106.50 -173.97 84.97
C LEU K 92 105.65 -174.61 86.07
N ALA K 93 104.92 -175.66 85.69
CA ALA K 93 104.11 -176.36 86.68
C ALA K 93 105.01 -177.11 87.66
N GLY K 94 104.64 -177.02 88.95
CA GLY K 94 105.36 -177.71 89.99
C GLY K 94 106.53 -176.96 90.59
N GLU K 95 106.93 -175.84 90.01
CA GLU K 95 108.02 -175.08 90.58
C GLU K 95 107.58 -174.42 91.89
N PRO K 96 108.45 -174.16 92.88
CA PRO K 96 108.00 -173.60 94.19
C PRO K 96 107.42 -172.20 94.01
N LEU K 97 106.18 -171.96 94.49
CA LEU K 97 105.51 -170.63 94.42
C LEU K 97 106.28 -169.63 95.30
N ASP K 98 106.44 -168.39 94.89
CA ASP K 98 107.08 -167.40 95.81
C ASP K 98 106.13 -167.12 96.98
N ILE K 99 106.63 -166.94 98.20
CA ILE K 99 105.85 -166.52 99.36
C ILE K 99 106.40 -165.16 99.80
N LEU K 100 105.52 -164.17 99.86
CA LEU K 100 105.90 -162.80 100.11
C LEU K 100 105.28 -162.32 101.41
N ILE K 101 105.99 -161.44 102.11
CA ILE K 101 105.51 -160.81 103.33
C ILE K 101 105.53 -159.30 103.08
N ASN K 102 104.34 -158.70 102.98
CA ASN K 102 104.21 -157.29 102.64
C ASN K 102 104.92 -156.98 101.33
N GLY K 103 104.86 -157.92 100.40
CA GLY K 103 105.52 -157.78 99.12
C GLY K 103 107.00 -158.12 99.12
N TYR K 104 107.52 -158.70 100.20
CA TYR K 104 108.94 -159.03 100.31
C TYR K 104 109.08 -160.55 100.29
N LEU K 105 109.86 -161.05 99.33
CA LEU K 105 110.04 -162.50 99.19
C LEU K 105 110.94 -163.03 100.29
N ILE K 106 110.49 -164.11 100.95
CA ILE K 106 111.30 -164.71 102.01
C ILE K 106 111.46 -166.21 101.78
N ALA K 107 110.54 -166.83 101.04
CA ALA K 107 110.53 -168.28 100.98
C ALA K 107 109.90 -168.77 99.68
N GLN K 108 110.12 -170.04 99.40
CA GLN K 108 109.55 -170.72 98.24
C GLN K 108 108.90 -172.02 98.70
N GLY K 109 107.74 -172.31 98.13
CA GLY K 109 107.04 -173.54 98.47
C GLY K 109 105.93 -173.97 97.53
N GLU K 110 105.66 -175.27 97.55
CA GLU K 110 104.62 -175.82 96.68
C GLU K 110 103.19 -175.62 97.10
N VAL K 111 102.26 -175.80 96.18
CA VAL K 111 100.86 -175.46 96.37
C VAL K 111 100.26 -176.77 96.87
N VAL K 112 99.41 -176.68 97.89
CA VAL K 112 98.68 -177.82 98.42
C VAL K 112 97.39 -177.31 99.02
N VAL K 113 96.32 -178.10 98.93
CA VAL K 113 95.01 -177.71 99.43
C VAL K 113 94.67 -178.59 100.63
N VAL K 114 94.28 -177.94 101.72
CA VAL K 114 93.96 -178.67 102.99
C VAL K 114 92.55 -178.31 103.45
N ALA K 115 91.67 -179.31 103.65
CA ALA K 115 90.31 -179.05 104.18
C ALA K 115 89.55 -178.09 103.28
N ASP K 116 89.73 -178.20 101.95
CA ASP K 116 88.99 -177.37 100.95
C ASP K 116 89.39 -175.89 101.04
N LYS K 117 90.55 -175.59 101.62
CA LYS K 117 91.04 -174.19 101.70
C LYS K 117 92.45 -174.16 101.10
N TYR K 118 92.74 -173.16 100.27
CA TYR K 118 94.10 -173.05 99.68
C TYR K 118 95.22 -173.05 100.72
N GLY K 119 96.38 -173.58 100.36
CA GLY K 119 97.52 -173.58 101.28
C GLY K 119 98.81 -173.72 100.51
N VAL K 120 99.91 -173.71 101.26
CA VAL K 120 101.24 -173.82 100.68
C VAL K 120 102.17 -174.44 101.71
N ARG K 121 103.00 -175.37 101.25
CA ARG K 121 104.02 -175.99 102.08
C ARG K 121 105.37 -175.32 101.88
N ILE K 122 105.96 -174.83 102.96
CA ILE K 122 107.22 -174.09 102.87
C ILE K 122 108.34 -175.07 102.53
N THR K 123 108.71 -175.13 101.25
CA THR K 123 109.81 -176.00 100.84
C THR K 123 111.13 -175.49 101.38
N ASP K 124 111.40 -174.18 101.22
CA ASP K 124 112.65 -173.65 101.72
C ASP K 124 112.51 -172.14 101.92
N ILE K 125 113.46 -171.59 102.68
CA ILE K 125 113.59 -170.15 102.83
C ILE K 125 114.80 -169.69 102.04
N ILE K 126 114.59 -168.73 101.15
CA ILE K 126 115.67 -168.28 100.27
C ILE K 126 116.64 -167.40 101.05
N THR K 127 117.91 -167.77 101.00
CA THR K 127 119.02 -166.98 101.47
C THR K 127 119.33 -165.87 100.46
N PRO K 128 119.80 -164.70 100.92
CA PRO K 128 119.92 -163.55 99.99
C PRO K 128 120.88 -163.82 98.84
N SER K 129 121.47 -165.00 98.74
CA SER K 129 122.32 -165.31 97.60
C SER K 129 121.43 -165.35 96.35
N GLU K 130 120.20 -165.86 96.48
CA GLU K 130 119.31 -166.00 95.29
C GLU K 130 118.66 -164.66 94.91
N ARG K 131 118.71 -163.66 95.79
CA ARG K 131 118.06 -162.38 95.56
C ARG K 131 118.76 -161.65 94.41
N MET K 132 120.09 -161.75 94.36
CA MET K 132 120.80 -161.15 93.20
C MET K 132 120.20 -161.77 91.92
N ARG K 133 120.05 -163.10 91.91
CA ARG K 133 119.49 -163.80 90.73
C ARG K 133 117.99 -163.51 90.49
N ARG K 134 117.28 -163.07 91.54
CA ARG K 134 115.84 -162.73 91.39
C ARG K 134 115.72 -161.49 90.49
N LEU K 135 116.85 -160.83 90.22
CA LEU K 135 116.84 -159.62 89.34
C LEU K 135 118.01 -159.72 88.34
N ALA L 37 125.73 -125.41 91.73
CA ALA L 37 124.72 -124.51 91.19
C ALA L 37 124.51 -124.76 89.70
N VAL L 38 124.94 -125.92 89.23
CA VAL L 38 124.79 -126.28 87.83
C VAL L 38 123.33 -126.48 87.45
N PHE L 39 122.58 -127.19 88.29
CA PHE L 39 121.17 -127.43 88.00
C PHE L 39 120.38 -126.14 88.08
N GLN L 40 119.44 -125.96 87.16
CA GLN L 40 118.63 -124.75 87.11
C GLN L 40 117.32 -125.04 87.85
N GLN L 41 116.90 -124.10 88.68
CA GLN L 41 115.75 -124.31 89.55
C GLN L 41 114.42 -124.16 88.83
N LEU L 42 113.73 -125.28 88.63
CA LEU L 42 112.43 -125.31 87.97
C LEU L 42 111.27 -125.18 88.95
N GLY L 43 110.30 -124.35 88.57
CA GLY L 43 109.14 -124.15 89.43
C GLY L 43 107.99 -123.55 88.62
N GLY L 44 106.80 -123.67 89.19
CA GLY L 44 105.60 -123.18 88.53
C GLY L 44 105.29 -123.89 87.23
N GLY L 45 105.48 -125.21 87.20
CA GLY L 45 105.25 -125.98 85.99
C GLY L 45 103.91 -126.68 85.98
N ASP L 46 103.03 -126.33 86.92
CA ASP L 46 101.69 -126.91 86.99
C ASP L 46 100.78 -126.19 86.00
N VAL L 47 101.01 -126.46 84.71
CA VAL L 47 100.25 -125.80 83.67
C VAL L 47 98.82 -126.32 83.66
N SER L 48 98.65 -127.61 83.40
CA SER L 48 97.33 -128.24 83.36
C SER L 48 97.53 -129.75 83.36
N GLY L 49 96.42 -130.47 83.40
CA GLY L 49 96.46 -131.92 83.32
C GLY L 49 95.27 -132.50 82.59
N ALA L 50 95.52 -133.29 81.56
CA ALA L 50 94.45 -133.91 80.79
C ALA L 50 94.97 -135.20 80.18
N MET L 51 94.23 -136.28 80.36
CA MET L 51 94.60 -137.56 79.74
C MET L 51 94.64 -137.41 78.24
N GLN L 52 95.70 -137.94 77.62
CA GLN L 52 95.88 -137.76 76.20
C GLN L 52 95.24 -138.96 75.50
N ASP L 53 95.83 -140.14 75.72
CA ASP L 53 95.38 -141.38 75.11
C ASP L 53 96.26 -142.48 75.67
N ILE L 54 95.84 -143.73 75.50
CA ILE L 54 96.54 -144.85 76.11
C ILE L 54 97.55 -145.52 75.18
N ASP L 55 97.76 -144.95 74.00
CA ASP L 55 98.73 -145.46 73.05
C ASP L 55 100.06 -144.71 73.07
N LEU L 56 100.11 -143.56 73.73
CA LEU L 56 101.39 -142.83 73.85
C LEU L 56 102.28 -143.70 74.75
N ILE L 57 101.68 -144.35 75.75
CA ILE L 57 102.41 -145.16 76.76
C ILE L 57 102.31 -146.65 76.44
N MET L 58 101.78 -147.05 75.29
CA MET L 58 101.51 -148.50 75.04
C MET L 58 102.61 -149.55 75.19
N ASP L 59 103.68 -149.43 74.41
CA ASP L 59 104.74 -150.46 74.43
C ASP L 59 105.62 -150.25 75.67
N ILE L 60 104.99 -150.15 76.83
CA ILE L 60 105.77 -150.04 78.10
C ILE L 60 105.57 -151.37 78.84
N PRO L 61 106.63 -152.06 79.27
CA PRO L 61 106.48 -153.40 79.90
C PRO L 61 105.69 -153.28 81.19
N VAL L 62 104.79 -154.24 81.43
CA VAL L 62 104.00 -154.26 82.69
C VAL L 62 104.44 -155.51 83.47
N LYS L 63 104.34 -155.46 84.79
CA LYS L 63 104.73 -156.63 85.58
C LYS L 63 103.44 -157.34 86.02
N LEU L 64 103.03 -158.34 85.24
CA LEU L 64 101.82 -159.08 85.55
C LEU L 64 102.14 -160.23 86.50
N THR L 65 101.27 -160.40 87.49
CA THR L 65 101.46 -161.40 88.53
C THR L 65 100.10 -161.92 88.98
N VAL L 66 99.93 -163.24 88.96
CA VAL L 66 98.74 -163.88 89.48
C VAL L 66 98.97 -164.35 90.90
N GLU L 67 98.01 -164.10 91.78
CA GLU L 67 98.14 -164.42 93.19
C GLU L 67 97.31 -165.61 93.63
N LEU L 68 97.95 -166.56 94.33
CA LEU L 68 97.28 -167.80 94.68
C LEU L 68 96.32 -167.52 95.84
N GLY L 69 96.80 -166.82 96.87
CA GLY L 69 95.95 -166.58 98.02
C GLY L 69 96.54 -165.57 98.98
N ARG L 70 95.77 -165.28 100.03
CA ARG L 70 96.14 -164.33 101.05
C ARG L 70 95.89 -165.00 102.39
N THR L 71 96.43 -164.41 103.44
CA THR L 71 96.19 -164.81 104.81
C THR L 71 96.78 -163.76 105.71
N ARG L 72 95.98 -163.26 106.65
CA ARG L 72 96.49 -162.35 107.67
C ARG L 72 97.01 -163.19 108.83
N MET L 73 98.29 -163.02 109.14
CA MET L 73 98.93 -163.84 110.15
C MET L 73 99.99 -162.98 110.83
N THR L 74 100.16 -163.20 112.12
CA THR L 74 101.12 -162.43 112.90
C THR L 74 102.46 -163.14 112.97
N ILE L 75 103.45 -162.46 113.54
CA ILE L 75 104.78 -163.03 113.69
C ILE L 75 104.77 -164.23 114.65
N LYS L 76 103.75 -164.32 115.50
CA LYS L 76 103.59 -165.45 116.41
C LYS L 76 103.78 -166.78 115.69
N GLU L 77 102.90 -167.08 114.75
CA GLU L 77 103.04 -168.31 113.98
C GLU L 77 104.16 -168.21 112.96
N LEU L 78 104.50 -167.00 112.52
CA LEU L 78 105.58 -166.85 111.56
C LEU L 78 106.91 -167.54 111.79
N LEU L 79 107.48 -167.41 112.98
CA LEU L 79 108.73 -168.14 113.26
C LEU L 79 108.45 -169.62 113.65
N ARG L 80 107.22 -169.86 114.12
CA ARG L 80 106.85 -171.27 114.43
C ARG L 80 107.00 -172.09 113.15
N LEU L 81 106.87 -171.45 111.99
CA LEU L 81 107.04 -172.14 110.71
C LEU L 81 108.37 -172.82 110.40
N THR L 82 108.31 -174.11 110.10
CA THR L 82 109.47 -174.90 109.73
C THR L 82 109.29 -175.44 108.32
N GLN L 83 110.31 -176.14 107.83
CA GLN L 83 110.23 -176.75 106.52
C GLN L 83 109.20 -177.88 106.54
N GLY L 84 108.38 -177.94 105.50
CA GLY L 84 107.33 -178.92 105.42
C GLY L 84 106.04 -178.54 106.11
N SER L 85 106.00 -177.40 106.80
CA SER L 85 104.77 -176.93 107.41
C SER L 85 103.80 -176.45 106.33
N VAL L 86 102.52 -176.38 106.69
CA VAL L 86 101.47 -175.99 105.77
C VAL L 86 100.76 -174.77 106.35
N VAL L 87 100.62 -173.72 105.54
CA VAL L 87 99.96 -172.49 105.93
C VAL L 87 98.65 -172.39 105.17
N ALA L 88 97.53 -172.37 105.90
CA ALA L 88 96.24 -172.23 105.27
C ALA L 88 96.04 -170.79 104.80
N LEU L 89 95.45 -170.64 103.63
CA LEU L 89 95.19 -169.34 103.04
C LEU L 89 93.72 -168.99 103.19
N ASP L 90 93.44 -167.69 103.33
CA ASP L 90 92.06 -167.24 103.49
C ASP L 90 91.19 -167.59 102.28
N GLY L 91 91.76 -167.54 101.09
CA GLY L 91 91.01 -167.88 99.88
C GLY L 91 90.54 -169.31 99.85
N LEU L 92 89.24 -169.49 99.61
CA LEU L 92 88.68 -170.83 99.48
C LEU L 92 89.19 -171.49 98.21
N ALA L 93 89.40 -172.80 98.28
CA ALA L 93 89.93 -173.53 97.14
C ALA L 93 88.95 -173.50 95.98
N GLY L 94 89.48 -173.30 94.78
CA GLY L 94 88.66 -173.23 93.58
C GLY L 94 88.09 -171.86 93.27
N GLU L 95 88.28 -170.89 94.15
CA GLU L 95 87.80 -169.53 93.88
C GLU L 95 88.66 -168.89 92.80
N PRO L 96 88.12 -167.89 92.10
CA PRO L 96 88.93 -167.17 91.12
C PRO L 96 90.12 -166.50 91.77
N LEU L 97 91.26 -166.58 91.08
CA LEU L 97 92.50 -165.99 91.57
C LEU L 97 92.60 -164.54 91.15
N ASP L 98 93.51 -163.81 91.79
CA ASP L 98 93.66 -162.38 91.58
C ASP L 98 94.80 -162.11 90.61
N ILE L 99 94.61 -161.12 89.75
CA ILE L 99 95.61 -160.72 88.75
C ILE L 99 95.99 -159.28 89.03
N LEU L 100 97.28 -159.02 89.14
CA LEU L 100 97.79 -157.68 89.42
C LEU L 100 98.78 -157.29 88.34
N ILE L 101 98.82 -156.01 88.02
CA ILE L 101 99.86 -155.45 87.15
C ILE L 101 100.61 -154.41 87.96
N ASN L 102 101.92 -154.62 88.13
CA ASN L 102 102.75 -153.77 88.98
C ASN L 102 102.19 -153.70 90.39
N GLY L 103 101.63 -154.81 90.86
CA GLY L 103 101.11 -154.90 92.20
C GLY L 103 99.76 -154.28 92.44
N TYR L 104 99.04 -153.89 91.38
CA TYR L 104 97.73 -153.27 91.50
C TYR L 104 96.70 -154.26 90.96
N LEU L 105 95.71 -154.58 91.78
CA LEU L 105 94.69 -155.55 91.39
C LEU L 105 93.82 -154.96 90.29
N ILE L 106 93.65 -155.70 89.20
CA ILE L 106 92.85 -155.25 88.08
C ILE L 106 91.72 -156.22 87.78
N ALA L 107 91.99 -157.53 87.82
CA ALA L 107 91.01 -158.49 87.35
C ALA L 107 91.08 -159.77 88.18
N GLN L 108 90.03 -160.57 88.06
CA GLN L 108 89.94 -161.88 88.66
C GLN L 108 89.83 -162.91 87.54
N GLY L 109 90.68 -163.94 87.62
CA GLY L 109 90.72 -164.96 86.59
C GLY L 109 90.60 -166.33 87.23
N GLU L 110 90.80 -167.35 86.40
CA GLU L 110 90.73 -168.74 86.82
C GLU L 110 91.94 -169.47 86.26
N VAL L 111 92.53 -170.33 87.09
CA VAL L 111 93.77 -171.02 86.72
C VAL L 111 93.48 -172.23 85.86
N VAL L 112 94.24 -172.38 84.78
CA VAL L 112 94.11 -173.51 83.87
C VAL L 112 95.50 -174.02 83.52
N VAL L 113 95.57 -175.27 83.07
CA VAL L 113 96.82 -175.91 82.69
C VAL L 113 96.77 -176.16 81.18
N VAL L 114 97.71 -175.56 80.46
CA VAL L 114 97.76 -175.74 78.98
C VAL L 114 99.16 -176.22 78.57
N ALA L 115 99.26 -177.43 78.00
CA ALA L 115 100.57 -178.00 77.57
C ALA L 115 101.58 -178.07 78.72
N ASP L 116 101.12 -178.39 79.94
CA ASP L 116 102.03 -178.57 81.11
C ASP L 116 102.59 -177.21 81.55
N LYS L 117 101.95 -176.12 81.13
CA LYS L 117 102.40 -174.76 81.54
C LYS L 117 101.24 -174.07 82.26
N TYR L 118 101.52 -173.38 83.37
CA TYR L 118 100.43 -172.77 84.12
C TYR L 118 99.90 -171.54 83.40
N GLY L 119 98.60 -171.40 83.41
CA GLY L 119 97.96 -170.27 82.75
C GLY L 119 96.70 -169.85 83.46
N VAL L 120 96.49 -168.55 83.53
CA VAL L 120 95.27 -167.98 84.10
C VAL L 120 94.35 -167.57 82.96
N ARG L 121 93.05 -167.71 83.20
CA ARG L 121 92.03 -167.31 82.23
C ARG L 121 91.25 -166.14 82.81
N ILE L 122 91.42 -164.96 82.20
CA ILE L 122 90.77 -163.77 82.73
C ILE L 122 89.25 -163.94 82.66
N THR L 123 88.59 -163.72 83.79
CA THR L 123 87.14 -163.84 83.86
C THR L 123 86.43 -162.50 83.99
N ASP L 124 86.85 -161.64 84.90
CA ASP L 124 86.13 -160.38 85.05
C ASP L 124 87.01 -159.33 85.71
N ILE L 125 86.99 -158.12 85.16
CA ILE L 125 87.66 -157.00 85.81
C ILE L 125 86.90 -156.64 87.08
N ILE L 126 87.65 -156.51 88.18
CA ILE L 126 87.01 -156.26 89.47
C ILE L 126 86.32 -154.90 89.47
N THR L 127 85.35 -154.76 90.33
CA THR L 127 84.53 -153.58 90.55
C THR L 127 85.07 -152.78 91.73
N PRO L 128 84.81 -151.47 91.76
CA PRO L 128 85.25 -150.67 92.92
C PRO L 128 84.70 -151.18 94.24
N SER L 129 83.46 -151.67 94.24
CA SER L 129 82.91 -152.27 95.45
C SER L 129 83.65 -153.48 96.01
N GLU L 130 84.05 -154.41 95.13
CA GLU L 130 84.83 -155.56 95.58
C GLU L 130 86.28 -155.16 95.93
N ARG L 131 86.76 -154.10 95.27
CA ARG L 131 88.07 -153.56 95.61
C ARG L 131 88.09 -153.14 97.06
N MET L 132 87.10 -152.35 97.48
CA MET L 132 86.99 -151.97 98.89
C MET L 132 86.63 -153.10 99.85
N ARG L 133 85.91 -154.09 99.33
CA ARG L 133 85.60 -155.29 100.11
C ARG L 133 86.95 -155.94 100.39
N ARG L 134 87.80 -156.01 99.36
CA ARG L 134 89.15 -156.54 99.56
C ARG L 134 89.93 -155.72 100.56
N LEU L 135 89.78 -154.39 100.52
CA LEU L 135 90.54 -153.53 101.42
C LEU L 135 90.18 -153.78 102.87
N SER L 136 88.89 -153.94 103.16
CA SER L 136 88.45 -154.16 104.53
C SER L 136 88.59 -155.64 104.90
N LYS M 514 14.81 -164.43 14.68
CA LYS M 514 16.24 -164.23 14.78
C LYS M 514 16.97 -165.56 14.99
N ASP M 515 16.33 -166.48 15.71
CA ASP M 515 16.93 -167.78 15.95
C ASP M 515 17.08 -168.57 14.66
N GLU M 516 16.06 -168.53 13.79
CA GLU M 516 16.14 -169.24 12.52
C GLU M 516 17.25 -168.68 11.62
N GLN M 517 17.37 -167.36 11.58
CA GLN M 517 18.44 -166.75 10.78
C GLN M 517 19.81 -167.12 11.33
N LEU M 518 19.96 -167.12 12.66
CA LEU M 518 21.23 -167.53 13.26
C LEU M 518 21.54 -168.99 12.95
N GLN M 519 20.52 -169.86 12.99
CA GLN M 519 20.73 -171.27 12.67
C GLN M 519 21.14 -171.44 11.21
N GLN M 520 20.50 -170.70 10.30
CA GLN M 520 20.86 -170.78 8.89
C GLN M 520 22.28 -170.28 8.66
N ARG M 521 22.67 -169.18 9.32
CA ARG M 521 24.03 -168.69 9.19
C ARG M 521 25.03 -169.69 9.74
N ARG M 522 24.71 -170.34 10.87
CA ARG M 522 25.59 -171.36 11.42
C ARG M 522 25.72 -172.55 10.49
N ALA M 523 24.62 -172.96 9.85
CA ALA M 523 24.68 -174.07 8.90
C ALA M 523 25.54 -173.72 7.70
N ASN M 524 25.39 -172.51 7.16
CA ASN M 524 26.23 -172.08 6.05
C ASN M 524 27.69 -172.04 6.46
N GLN M 525 27.97 -171.52 7.66
CA GLN M 525 29.34 -171.48 8.15
C GLN M 525 29.92 -172.87 8.33
N ARG M 526 29.11 -173.82 8.82
CA ARG M 526 29.56 -175.19 9.06
C ARG M 526 29.63 -176.01 7.78
N LEU M 527 28.99 -175.53 6.70
CA LEU M 527 28.99 -176.23 5.40
C LEU M 527 30.19 -175.71 4.59
N GLY M 528 30.30 -174.39 4.45
CA GLY M 528 31.40 -173.77 3.71
C GLY M 528 32.75 -174.00 4.37
N ALA M 529 32.79 -174.11 5.70
CA ALA M 529 34.04 -174.38 6.44
C ALA M 529 34.39 -175.85 6.19
N GLU M 530 33.38 -176.72 6.19
CA GLU M 530 33.62 -178.17 5.93
C GLU M 530 34.16 -178.31 4.51
N VAL M 531 33.60 -177.46 3.59
CA VAL M 531 34.11 -177.37 2.19
C VAL M 531 35.50 -176.73 2.23
N MET M 532 35.67 -175.70 3.06
CA MET M 532 36.96 -174.97 3.18
C MET M 532 38.03 -175.93 3.71
N SER M 533 37.67 -176.77 4.69
CA SER M 533 38.63 -177.76 5.27
C SER M 533 39.04 -178.74 4.17
N GLN M 534 38.09 -179.18 3.35
CA GLN M 534 38.39 -180.09 2.22
C GLN M 534 39.29 -179.33 1.22
N ARG M 535 38.99 -178.05 0.99
CA ARG M 535 39.76 -177.22 0.03
C ARG M 535 41.21 -177.06 0.50
N ILE M 536 41.43 -176.87 1.80
CA ILE M 536 42.81 -176.61 2.36
C ILE M 536 43.62 -177.92 2.30
N ARG M 537 42.96 -179.08 2.28
CA ARG M 537 43.65 -180.37 2.22
C ARG M 537 44.16 -180.64 0.81
N GLU M 538 43.34 -180.36 -0.20
CA GLU M 538 43.80 -180.52 -1.58
C GLU M 538 44.99 -179.61 -1.88
N MET M 539 44.92 -178.35 -1.44
CA MET M 539 46.00 -177.41 -1.69
C MET M 539 47.29 -177.82 -0.99
N SER M 540 47.19 -178.29 0.26
CA SER M 540 48.37 -178.72 1.01
C SER M 540 48.97 -179.99 0.43
N ASP M 541 48.12 -180.91 -0.03
CA ASP M 541 48.64 -182.07 -0.74
C ASP M 541 49.33 -181.68 -2.05
N ASN M 542 48.83 -180.65 -2.72
CA ASN M 542 49.50 -180.15 -3.92
C ASN M 542 50.87 -179.56 -3.58
N ASP M 543 50.94 -178.78 -2.49
CA ASP M 543 52.18 -178.12 -2.08
C ASP M 543 52.23 -178.08 -0.56
N PRO M 544 52.98 -178.99 0.06
CA PRO M 544 53.06 -178.98 1.54
C PRO M 544 54.00 -177.91 2.08
N ARG M 545 55.12 -177.66 1.40
CA ARG M 545 56.09 -176.69 1.90
C ARG M 545 55.60 -175.25 1.73
N VAL M 546 54.74 -175.00 0.75
CA VAL M 546 54.24 -173.65 0.53
C VAL M 546 53.40 -173.19 1.71
N VAL M 547 52.59 -174.09 2.27
CA VAL M 547 51.78 -173.75 3.43
C VAL M 547 52.66 -173.40 4.63
N ALA M 548 53.71 -174.20 4.87
CA ALA M 548 54.62 -173.92 5.98
C ALA M 548 55.34 -172.59 5.77
N LEU M 549 55.76 -172.31 4.53
CA LEU M 549 56.41 -171.04 4.24
C LEU M 549 55.47 -169.86 4.48
N VAL M 550 54.20 -170.01 4.07
CA VAL M 550 53.22 -168.94 4.29
C VAL M 550 52.97 -168.74 5.78
N ILE M 551 52.91 -169.84 6.53
CA ILE M 551 52.73 -169.74 7.98
C ILE M 551 53.90 -169.02 8.62
N ARG M 552 55.12 -169.36 8.20
CA ARG M 552 56.31 -168.70 8.74
C ARG M 552 56.31 -167.22 8.39
N GLN M 553 55.91 -166.88 7.16
CA GLN M 553 55.83 -165.48 6.76
C GLN M 553 54.78 -164.73 7.58
N TRP M 554 53.67 -165.39 7.90
CA TRP M 554 52.65 -164.76 8.74
C TRP M 554 53.19 -164.47 10.13
N MET M 555 53.94 -165.42 10.70
CA MET M 555 54.56 -165.18 12.01
C MET M 555 55.59 -164.06 11.95
N SER M 556 56.39 -164.02 10.88
CA SER M 556 57.38 -162.95 10.75
C SER M 556 56.71 -161.59 10.63
N ASN M 557 55.61 -161.50 9.87
CA ASN M 557 54.89 -160.25 9.75
C ASN M 557 54.16 -159.89 11.04
N ASP M 558 53.84 -160.89 11.86
CA ASP M 558 53.16 -160.62 13.13
C ASP M 558 54.05 -159.83 14.08
N HIS M 559 55.37 -159.94 13.92
CA HIS M 559 56.31 -159.22 14.78
C HIS M 559 56.27 -157.71 14.48
N GLY N 6 48.42 -163.71 13.64
CA GLY N 6 48.41 -164.68 12.55
C GLY N 6 48.85 -166.06 12.97
N THR N 7 49.71 -166.12 13.98
CA THR N 7 50.19 -167.40 14.50
C THR N 7 49.04 -168.21 15.10
N ASP N 8 48.15 -167.56 15.84
CA ASP N 8 47.00 -168.26 16.41
C ASP N 8 46.09 -168.80 15.30
N LYS N 9 45.87 -168.00 14.25
CA LYS N 9 45.08 -168.46 13.13
C LYS N 9 45.75 -169.64 12.43
N SER N 10 47.08 -169.59 12.27
CA SER N 10 47.80 -170.70 11.67
C SER N 10 47.68 -171.96 12.52
N VAL N 11 47.78 -171.81 13.84
CA VAL N 11 47.64 -172.96 14.73
C VAL N 11 46.24 -173.55 14.63
N ILE N 12 45.21 -172.69 14.59
CA ILE N 12 43.84 -173.17 14.46
C ILE N 12 43.65 -173.90 13.15
N LEU N 13 44.19 -173.35 12.05
CA LEU N 13 44.08 -174.01 10.75
C LEU N 13 44.79 -175.37 10.74
N LEU N 14 45.96 -175.44 11.37
CA LEU N 14 46.70 -176.69 11.46
C LEU N 14 45.93 -177.73 12.26
N MET N 15 45.33 -177.29 13.38
CA MET N 15 44.51 -178.20 14.19
C MET N 15 43.30 -178.70 13.41
N THR N 16 42.65 -177.81 12.66
CA THR N 16 41.48 -178.19 11.88
C THR N 16 41.83 -178.99 10.63
N ILE N 17 43.10 -178.98 10.22
CA ILE N 17 43.50 -179.69 9.00
C ILE N 17 43.54 -181.19 9.25
N GLY N 18 44.28 -181.61 10.26
CA GLY N 18 44.43 -183.02 10.56
C GLY N 18 45.80 -183.39 11.06
N GLU N 19 45.94 -184.58 11.64
CA GLU N 19 47.22 -184.97 12.22
C GLU N 19 48.29 -185.16 11.14
N ASP N 20 47.93 -185.82 10.03
CA ASP N 20 48.92 -186.12 9.00
C ASP N 20 49.40 -184.86 8.30
N ARG N 21 48.47 -183.99 7.91
CA ARG N 21 48.84 -182.75 7.24
C ARG N 21 49.67 -181.86 8.15
N ALA N 22 49.28 -181.74 9.42
CA ALA N 22 50.04 -180.94 10.36
C ALA N 22 51.43 -181.52 10.59
N ALA N 23 51.54 -182.84 10.67
CA ALA N 23 52.85 -183.47 10.82
C ALA N 23 53.74 -183.21 9.62
N GLU N 24 53.17 -183.31 8.42
CA GLU N 24 53.95 -183.01 7.21
C GLU N 24 54.39 -181.55 7.18
N VAL N 25 53.50 -180.64 7.56
CA VAL N 25 53.86 -179.22 7.59
C VAL N 25 54.97 -178.97 8.61
N PHE N 26 54.88 -179.58 9.78
CA PHE N 26 55.92 -179.42 10.79
C PHE N 26 57.25 -179.99 10.30
N LYS N 27 57.21 -181.14 9.62
CA LYS N 27 58.42 -181.67 9.01
C LYS N 27 58.98 -180.75 7.94
N HIS N 28 58.12 -179.95 7.30
CA HIS N 28 58.54 -178.94 6.35
C HIS N 28 58.65 -177.55 6.99
N LEU N 29 58.80 -177.49 8.31
CA LEU N 29 58.86 -176.24 9.04
C LEU N 29 60.11 -176.20 9.92
N SER N 30 60.52 -174.98 10.27
CA SER N 30 61.69 -174.76 11.10
C SER N 30 61.41 -175.17 12.54
N THR N 31 62.50 -175.34 13.31
CA THR N 31 62.40 -175.82 14.68
C THR N 31 61.62 -174.85 15.57
N ARG N 32 61.97 -173.56 15.50
CA ARG N 32 61.28 -172.56 16.31
C ARG N 32 59.81 -172.45 15.92
N GLU N 33 59.55 -172.44 14.61
CA GLU N 33 58.17 -172.36 14.13
C GLU N 33 57.38 -173.59 14.55
N VAL N 34 57.99 -174.78 14.44
CA VAL N 34 57.30 -176.02 14.82
C VAL N 34 56.98 -176.00 16.31
N GLN N 35 57.95 -175.57 17.13
CA GLN N 35 57.73 -175.52 18.57
C GLN N 35 56.62 -174.54 18.92
N ALA N 36 56.64 -173.36 18.30
CA ALA N 36 55.62 -172.37 18.57
C ALA N 36 54.24 -172.87 18.16
N LEU N 37 54.15 -173.50 16.99
CA LEU N 37 52.87 -174.04 16.53
C LEU N 37 52.36 -175.15 17.44
N SER N 38 53.25 -176.04 17.89
CA SER N 38 52.83 -177.11 18.80
C SER N 38 52.37 -176.55 20.13
N THR N 39 53.07 -175.53 20.64
CA THR N 39 52.71 -174.97 21.94
C THR N 39 51.39 -174.21 21.87
N ALA N 40 51.24 -173.33 20.87
CA ALA N 40 50.08 -172.46 20.79
C ALA N 40 48.79 -173.24 20.55
N MET N 41 48.85 -174.25 19.68
CA MET N 41 47.65 -175.00 19.32
C MET N 41 47.04 -175.69 20.53
N ALA N 42 47.88 -176.38 21.31
CA ALA N 42 47.38 -177.06 22.49
C ALA N 42 47.16 -176.10 23.66
N ASN N 43 47.89 -174.98 23.64
CA ASN N 43 47.78 -174.00 24.77
C ASN N 43 46.45 -173.24 24.87
N VAL N 44 46.18 -172.35 23.92
CA VAL N 44 44.88 -171.63 23.90
C VAL N 44 44.51 -171.64 22.41
N ARG N 45 43.31 -172.14 22.09
CA ARG N 45 42.85 -172.16 20.67
C ARG N 45 41.62 -171.25 20.55
N GLN N 46 41.63 -170.33 19.59
CA GLN N 46 40.48 -169.39 19.41
C GLN N 46 39.86 -169.64 18.03
N ILE N 47 38.54 -169.77 17.98
CA ILE N 47 37.83 -169.94 16.67
C ILE N 47 36.88 -168.76 16.48
N SER N 48 36.95 -168.09 15.32
CA SER N 48 36.09 -166.90 15.07
C SER N 48 35.15 -167.19 13.88
N ASN N 49 33.85 -166.94 14.06
CA ASN N 49 32.87 -167.22 12.98
C ASN N 49 33.20 -166.37 11.76
N LYS N 50 33.68 -165.14 11.96
CA LYS N 50 33.96 -164.24 10.82
C LYS N 50 35.44 -163.90 10.73
N GLN N 51 36.08 -163.48 11.83
CA GLN N 51 37.46 -163.03 11.70
C GLN N 51 38.37 -164.13 11.17
N LEU N 52 38.19 -165.36 11.64
CA LEU N 52 39.02 -166.46 11.15
C LEU N 52 38.78 -166.71 9.66
N THR N 53 37.52 -166.68 9.24
CA THR N 53 37.22 -166.86 7.82
C THR N 53 37.79 -165.74 6.97
N ASP N 54 37.69 -164.48 7.43
CA ASP N 54 38.26 -163.36 6.69
C ASP N 54 39.77 -163.49 6.57
N VAL N 55 40.43 -163.88 7.68
CA VAL N 55 41.88 -164.05 7.65
C VAL N 55 42.28 -165.18 6.71
N LEU N 56 41.53 -166.29 6.74
CA LEU N 56 41.84 -167.41 5.84
C LEU N 56 41.67 -167.01 4.39
N SER N 57 40.61 -166.27 4.08
CA SER N 57 40.40 -165.80 2.70
C SER N 57 41.52 -164.87 2.27
N GLU N 58 41.93 -163.95 3.15
CA GLU N 58 43.01 -163.03 2.82
C GLU N 58 44.32 -163.78 2.59
N PHE N 59 44.60 -164.78 3.43
CA PHE N 59 45.83 -165.57 3.25
C PHE N 59 45.78 -166.35 1.94
N GLU N 60 44.63 -166.93 1.61
CA GLU N 60 44.52 -167.73 0.38
C GLU N 60 44.63 -166.84 -0.85
N GLN N 61 44.27 -165.56 -0.71
CA GLN N 61 44.28 -164.67 -1.89
C GLN N 61 45.52 -163.75 -1.87
N GLU N 62 46.31 -163.77 -0.80
CA GLU N 62 47.42 -162.78 -0.70
C GLU N 62 48.47 -162.95 -1.83
N ALA N 63 48.89 -164.18 -2.14
CA ALA N 63 49.82 -164.36 -3.30
C ALA N 63 49.75 -165.77 -3.89
N GLU N 64 50.11 -165.94 -5.16
CA GLU N 64 50.23 -167.29 -5.75
C GLU N 64 51.71 -167.69 -5.75
N GLN N 65 52.61 -166.81 -5.29
CA GLN N 65 54.08 -167.05 -5.35
C GLN N 65 54.49 -168.27 -4.52
N PHE N 66 53.89 -168.44 -3.34
CA PHE N 66 54.32 -169.53 -2.42
C PHE N 66 54.11 -170.89 -3.07
N ALA N 67 53.00 -171.07 -3.80
CA ALA N 67 52.68 -172.42 -4.33
C ALA N 67 53.76 -172.94 -5.28
N ALA N 68 54.33 -172.10 -6.15
CA ALA N 68 55.29 -172.60 -7.16
C ALA N 68 56.73 -172.65 -6.66
N LEU N 69 57.34 -171.49 -6.36
CA LEU N 69 58.75 -171.44 -5.98
C LEU N 69 59.04 -172.39 -4.83
N ASN N 70 58.17 -172.41 -3.82
CA ASN N 70 58.39 -173.26 -2.66
C ASN N 70 58.12 -174.73 -2.96
N ILE N 71 57.38 -175.03 -4.04
CA ILE N 71 57.08 -176.40 -4.40
C ILE N 71 58.37 -177.14 -4.75
N ASN N 72 59.21 -176.51 -5.56
CA ASN N 72 60.49 -177.08 -5.97
C ASN N 72 61.53 -175.96 -6.06
N ALA N 73 62.34 -175.85 -4.98
CA ALA N 73 63.40 -174.85 -4.95
C ALA N 73 64.77 -175.52 -4.85
N ASN N 74 64.95 -176.37 -3.83
CA ASN N 74 66.24 -177.02 -3.64
C ASN N 74 66.48 -178.12 -4.66
N GLU N 75 65.44 -178.89 -4.99
CA GLU N 75 65.60 -179.97 -5.96
C GLU N 75 65.97 -179.42 -7.33
N TYR N 76 65.33 -178.33 -7.75
CA TYR N 76 65.66 -177.73 -9.04
C TYR N 76 67.09 -177.22 -9.06
N LEU N 77 67.53 -176.57 -7.97
CA LEU N 77 68.90 -176.08 -7.91
C LEU N 77 69.89 -177.22 -7.96
N ARG N 78 69.62 -178.31 -7.24
CA ARG N 78 70.51 -179.47 -7.27
C ARG N 78 70.58 -180.09 -8.66
N SER N 79 69.43 -180.22 -9.33
CA SER N 79 69.42 -180.77 -10.68
C SER N 79 70.19 -179.88 -11.65
N VAL N 80 70.02 -178.56 -11.52
CA VAL N 80 70.74 -177.62 -12.38
C VAL N 80 72.24 -177.72 -12.13
N LEU N 81 72.65 -177.82 -10.87
CA LEU N 81 74.07 -177.94 -10.56
C LEU N 81 74.64 -179.24 -11.11
N VAL N 82 73.88 -180.34 -11.01
CA VAL N 82 74.35 -181.62 -11.52
C VAL N 82 74.50 -181.57 -13.03
N LYS N 83 73.51 -181.00 -13.72
CA LYS N 83 73.53 -181.01 -15.18
C LYS N 83 74.48 -179.96 -15.74
N ALA N 84 74.82 -178.95 -14.95
CA ALA N 84 75.60 -177.83 -15.47
C ALA N 84 77.05 -178.21 -15.71
N LEU N 85 77.77 -178.59 -14.67
CA LEU N 85 79.20 -178.88 -14.75
C LEU N 85 79.47 -180.36 -14.56
N GLY N 86 79.01 -180.95 -13.46
CA GLY N 86 79.27 -182.37 -13.21
C GLY N 86 78.93 -182.71 -11.78
N GLU N 87 78.99 -184.00 -11.47
CA GLU N 87 78.68 -184.46 -10.12
C GLU N 87 79.67 -183.90 -9.10
N GLU N 88 80.95 -183.87 -9.44
CA GLU N 88 81.96 -183.34 -8.52
C GLU N 88 81.76 -181.86 -8.24
N ARG N 89 81.46 -181.07 -9.28
CA ARG N 89 81.23 -179.65 -9.07
C ARG N 89 79.87 -179.39 -8.43
N ALA N 90 78.88 -180.24 -8.71
CA ALA N 90 77.57 -180.09 -8.08
C ALA N 90 77.66 -180.28 -6.58
N SER N 91 78.47 -181.23 -6.13
CA SER N 91 78.66 -181.44 -4.69
C SER N 91 79.25 -180.20 -4.04
N SER N 92 80.27 -179.61 -4.66
CA SER N 92 80.88 -178.40 -4.11
C SER N 92 79.88 -177.24 -4.08
N LEU N 93 79.09 -177.08 -5.15
CA LEU N 93 78.11 -176.01 -5.19
C LEU N 93 77.05 -176.20 -4.11
N LEU N 94 76.57 -177.44 -3.93
CA LEU N 94 75.58 -177.70 -2.89
C LEU N 94 76.17 -177.48 -1.51
N GLU N 95 77.42 -177.87 -1.30
CA GLU N 95 78.07 -177.62 -0.02
C GLU N 95 78.18 -176.13 0.26
N ASP N 96 78.55 -175.35 -0.74
CA ASP N 96 78.63 -173.89 -0.57
C ASP N 96 77.26 -173.30 -0.26
N ILE N 97 76.23 -173.77 -0.97
CA ILE N 97 74.88 -173.26 -0.73
C ILE N 97 74.43 -173.59 0.69
N LEU N 98 74.70 -174.80 1.15
CA LEU N 98 74.34 -175.17 2.52
C LEU N 98 75.13 -174.36 3.54
N GLU N 99 76.42 -174.14 3.28
CA GLU N 99 77.24 -173.38 4.21
C GLU N 99 76.86 -171.90 4.21
N THR N 100 76.16 -171.43 3.18
CA THR N 100 75.68 -170.06 3.18
C THR N 100 74.75 -169.80 4.37
N ARG N 101 74.00 -170.81 4.79
CA ARG N 101 73.16 -170.72 5.99
C ARG N 101 73.94 -171.34 7.15
N ASP N 102 74.45 -170.48 8.03
CA ASP N 102 75.27 -170.90 9.14
C ASP N 102 74.39 -171.13 10.38
N THR N 103 75.03 -171.46 11.50
CA THR N 103 74.35 -171.73 12.75
C THR N 103 74.83 -170.75 13.82
N THR N 104 73.92 -170.32 14.68
CA THR N 104 74.26 -169.31 15.69
C THR N 104 75.05 -169.94 16.83
N SER N 105 74.45 -170.91 17.52
CA SER N 105 75.12 -171.56 18.65
C SER N 105 76.33 -172.34 18.15
N GLY N 106 77.44 -172.19 18.87
CA GLY N 106 78.70 -172.79 18.45
C GLY N 106 78.69 -174.31 18.43
N ILE N 107 77.80 -174.93 19.20
CA ILE N 107 77.77 -176.40 19.23
C ILE N 107 77.44 -176.95 17.85
N GLU N 108 76.43 -176.37 17.19
CA GLU N 108 76.12 -176.78 15.82
C GLU N 108 77.21 -176.37 14.85
N THR N 109 77.89 -175.24 15.10
CA THR N 109 79.00 -174.85 14.23
C THR N 109 80.14 -175.86 14.32
N LEU N 110 80.24 -176.58 15.43
CA LEU N 110 81.25 -177.64 15.53
C LEU N 110 81.18 -178.78 14.52
N ASN N 111 79.98 -179.09 14.00
CA ASN N 111 79.85 -180.15 12.95
C ASN N 111 80.18 -179.69 11.52
N PHE N 112 80.53 -178.41 11.35
CA PHE N 112 80.96 -177.91 10.00
C PHE N 112 82.48 -177.88 9.98
N MET N 113 83.11 -178.19 11.12
CA MET N 113 84.56 -178.19 11.24
C MET N 113 84.99 -179.58 10.77
N GLU N 114 86.27 -179.68 10.43
CA GLU N 114 86.84 -180.97 10.06
C GLU N 114 86.84 -181.90 11.28
N PRO N 115 86.62 -183.21 11.08
CA PRO N 115 86.64 -184.13 12.22
C PRO N 115 87.86 -184.09 13.12
N GLN N 116 89.06 -183.97 12.55
CA GLN N 116 90.26 -183.95 13.37
C GLN N 116 90.40 -182.65 14.17
N SER N 117 89.97 -181.53 13.58
CA SER N 117 90.04 -180.25 14.29
C SER N 117 89.12 -180.35 15.50
N ALA N 118 87.90 -180.86 15.32
CA ALA N 118 86.98 -181.01 16.44
C ALA N 118 87.51 -182.01 17.45
N ALA N 119 88.08 -183.12 16.97
CA ALA N 119 88.62 -184.13 17.88
C ALA N 119 89.75 -183.55 18.72
N ASP N 120 90.63 -182.76 18.10
CA ASP N 120 91.69 -182.10 18.87
C ASP N 120 91.12 -181.06 19.82
N LEU N 121 90.06 -180.35 19.42
CA LEU N 121 89.50 -179.30 20.26
C LEU N 121 88.85 -179.87 21.52
N ILE N 122 88.12 -180.97 21.40
CA ILE N 122 87.34 -181.48 22.51
C ILE N 122 87.94 -182.71 23.15
N ARG N 123 89.17 -183.09 22.78
CA ARG N 123 89.78 -184.27 23.39
C ARG N 123 90.05 -184.04 24.87
N ASP N 124 90.51 -182.84 25.23
CA ASP N 124 90.91 -182.58 26.61
C ASP N 124 89.72 -182.30 27.52
N GLU N 125 88.53 -182.11 26.97
CA GLU N 125 87.38 -181.78 27.79
C GLU N 125 86.95 -182.97 28.64
N HIS N 126 86.13 -182.68 29.64
CA HIS N 126 85.60 -183.72 30.51
C HIS N 126 84.74 -184.68 29.68
N PRO N 127 84.80 -185.98 29.98
CA PRO N 127 84.07 -186.95 29.15
C PRO N 127 82.57 -186.67 29.05
N GLN N 128 81.94 -186.20 30.13
CA GLN N 128 80.53 -185.86 30.06
C GLN N 128 80.27 -184.68 29.13
N ILE N 129 81.17 -183.69 29.12
CA ILE N 129 81.02 -182.56 28.20
C ILE N 129 81.19 -183.02 26.75
N ILE N 130 82.12 -183.93 26.52
CA ILE N 130 82.28 -184.51 25.19
C ILE N 130 80.98 -185.19 24.79
N ALA N 131 80.41 -185.98 25.70
CA ALA N 131 79.17 -186.68 25.40
C ALA N 131 78.04 -185.70 25.09
N THR N 132 77.93 -184.64 25.87
CA THR N 132 76.90 -183.63 25.63
C THR N 132 77.08 -183.00 24.25
N ILE N 133 78.33 -182.68 23.90
CA ILE N 133 78.59 -182.10 22.55
C ILE N 133 78.14 -183.12 21.49
N LEU N 134 78.42 -184.40 21.67
CA LEU N 134 78.12 -185.41 20.63
C LEU N 134 76.62 -185.54 20.32
N VAL N 135 75.75 -185.52 21.32
CA VAL N 135 74.31 -185.76 21.05
C VAL N 135 73.77 -184.46 20.42
N HIS N 136 74.41 -183.33 20.69
CA HIS N 136 74.00 -182.07 20.02
C HIS N 136 74.64 -182.00 18.62
N LEU N 137 75.78 -182.68 18.45
CA LEU N 137 76.47 -182.68 17.14
C LEU N 137 75.76 -183.65 16.18
N LYS N 138 75.96 -183.45 14.87
CA LYS N 138 75.37 -184.38 13.86
C LYS N 138 75.94 -185.77 14.10
N ARG N 139 75.12 -186.81 13.92
CA ARG N 139 75.57 -188.20 14.22
C ARG N 139 76.79 -188.57 13.37
N SER N 140 76.75 -188.30 12.06
CA SER N 140 77.87 -188.70 11.18
C SER N 140 79.18 -188.12 11.72
N GLN N 141 79.18 -186.84 12.07
CA GLN N 141 80.42 -186.16 12.54
C GLN N 141 80.86 -186.84 13.84
N ALA N 142 79.93 -187.03 14.78
CA ALA N 142 80.27 -187.61 16.06
C ALA N 142 80.93 -188.97 15.89
N ALA N 143 80.45 -189.77 14.94
CA ALA N 143 81.05 -191.07 14.68
C ALA N 143 82.50 -190.93 14.23
N ASP N 144 82.76 -189.97 13.33
CA ASP N 144 84.13 -189.73 12.88
C ASP N 144 85.01 -189.26 14.04
N ILE N 145 84.48 -188.38 14.88
CA ILE N 145 85.24 -187.88 16.03
C ILE N 145 85.66 -189.01 16.97
N LEU N 146 84.71 -189.89 17.29
CA LEU N 146 85.02 -191.03 18.17
C LEU N 146 86.00 -191.99 17.50
N ALA N 147 85.93 -192.12 16.17
CA ALA N 147 86.89 -192.94 15.45
C ALA N 147 88.30 -192.40 15.66
N LEU N 148 88.44 -191.07 15.65
CA LEU N 148 89.77 -190.43 15.85
C LEU N 148 90.15 -190.47 17.33
N PHE N 149 89.19 -190.74 18.22
CA PHE N 149 89.48 -190.69 19.68
C PHE N 149 90.17 -191.97 20.13
N ASP N 150 91.04 -191.87 21.15
CA ASP N 150 91.67 -193.05 21.71
C ASP N 150 90.60 -194.05 22.15
N GLU N 151 90.96 -195.34 22.16
CA GLU N 151 89.99 -196.38 22.43
C GLU N 151 89.42 -196.28 23.84
N ARG N 152 90.25 -195.91 24.82
CA ARG N 152 89.75 -195.74 26.18
C ARG N 152 88.74 -194.60 26.24
N LEU N 153 89.10 -193.44 25.71
CA LEU N 153 88.17 -192.31 25.66
C LEU N 153 86.97 -192.64 24.81
N ARG N 154 87.16 -193.38 23.72
CA ARG N 154 86.03 -193.78 22.88
C ARG N 154 85.02 -194.60 23.66
N HIS N 155 85.49 -195.63 24.36
CA HIS N 155 84.58 -196.47 25.15
C HIS N 155 83.92 -195.67 26.26
N ASP N 156 84.68 -194.82 26.96
CA ASP N 156 84.12 -194.05 28.05
C ASP N 156 83.02 -193.13 27.53
N VAL N 157 83.29 -192.42 26.44
CA VAL N 157 82.31 -191.47 25.91
C VAL N 157 81.08 -192.22 25.38
N MET N 158 81.29 -193.38 24.74
CA MET N 158 80.14 -194.15 24.27
C MET N 158 79.28 -194.61 25.44
N LEU N 159 79.91 -195.05 26.53
CA LEU N 159 79.15 -195.44 27.72
C LEU N 159 78.36 -194.27 28.27
N ARG N 160 78.98 -193.09 28.33
CA ARG N 160 78.26 -191.90 28.78
C ARG N 160 77.10 -191.57 27.86
N ILE N 161 77.28 -191.77 26.55
CA ILE N 161 76.20 -191.54 25.60
C ILE N 161 75.04 -192.48 25.88
N ALA N 162 75.34 -193.75 26.17
CA ALA N 162 74.28 -194.73 26.40
C ALA N 162 73.41 -194.35 27.59
N THR N 163 74.02 -193.88 28.68
CA THR N 163 73.31 -193.59 29.92
C THR N 163 73.20 -192.09 30.20
N PHE N 164 73.00 -191.28 29.17
CA PHE N 164 72.88 -189.85 29.36
C PHE N 164 71.64 -189.52 30.19
N GLY N 165 71.74 -188.48 31.00
CA GLY N 165 70.67 -188.14 31.92
C GLY N 165 70.21 -186.70 31.89
N GLY N 166 70.56 -185.97 30.84
CA GLY N 166 70.10 -184.60 30.70
C GLY N 166 70.87 -183.52 31.41
N VAL N 167 71.12 -182.41 30.72
CA VAL N 167 71.90 -181.31 31.27
C VAL N 167 71.11 -180.20 31.94
N GLN N 168 71.73 -179.52 32.89
CA GLN N 168 71.08 -178.38 33.52
C GLN N 168 71.12 -177.29 32.46
N PRO N 169 70.07 -176.48 32.36
CA PRO N 169 70.07 -175.40 31.36
C PRO N 169 71.22 -174.42 31.53
N ALA N 170 71.60 -174.13 32.79
CA ALA N 170 72.70 -173.21 33.01
C ALA N 170 74.01 -173.77 32.47
N ALA N 171 74.28 -175.04 32.74
CA ALA N 171 75.51 -175.66 32.23
C ALA N 171 75.53 -175.70 30.71
N LEU N 172 74.38 -176.03 30.10
CA LEU N 172 74.30 -176.05 28.64
C LEU N 172 74.55 -174.66 28.06
N ALA N 173 73.96 -173.63 28.67
CA ALA N 173 74.20 -172.27 28.21
C ALA N 173 75.66 -171.88 28.38
N GLU N 174 76.29 -172.31 29.47
CA GLU N 174 77.69 -172.00 29.70
C GLU N 174 78.57 -172.65 28.64
N LEU N 175 78.31 -173.92 28.32
CA LEU N 175 79.06 -174.59 27.26
C LEU N 175 78.82 -173.90 25.92
N THR N 176 77.57 -173.52 25.67
CA THR N 176 77.23 -172.86 24.39
C THR N 176 78.06 -171.60 24.27
N GLU N 177 78.00 -170.73 25.27
CA GLU N 177 78.73 -169.43 25.18
C GLU N 177 80.24 -169.69 25.08
N VAL N 178 80.76 -170.65 25.85
CA VAL N 178 82.22 -170.98 25.78
C VAL N 178 82.53 -171.41 24.34
N LEU N 179 81.78 -172.40 23.82
CA LEU N 179 82.08 -172.92 22.50
C LEU N 179 81.94 -171.83 21.43
N ASN N 180 80.99 -170.92 21.62
CA ASN N 180 80.83 -169.82 20.68
C ASN N 180 82.07 -168.93 20.65
N GLY N 181 82.59 -168.57 21.83
CA GLY N 181 83.77 -167.73 21.89
C GLY N 181 85.00 -168.34 21.25
N LEU N 182 84.98 -169.67 21.04
CA LEU N 182 86.13 -170.33 20.43
C LEU N 182 85.97 -170.45 18.92
N LEU N 183 84.76 -170.77 18.47
CA LEU N 183 84.57 -171.03 17.01
C LEU N 183 84.14 -169.77 16.25
N ASP N 184 83.39 -168.86 16.87
CA ASP N 184 82.90 -167.71 16.08
C ASP N 184 84.11 -166.89 15.59
N GLY N 185 85.11 -166.69 16.44
CA GLY N 185 86.34 -166.00 16.00
C GLY N 185 87.08 -166.79 14.94
N GLN N 186 87.17 -168.12 15.10
CA GLN N 186 87.94 -168.97 14.15
C GLN N 186 87.28 -169.00 12.77
N ASN N 187 88.09 -169.01 11.70
CA ASN N 187 87.49 -169.18 10.34
C ASN N 187 86.91 -170.61 10.30
N LEU N 188 85.75 -170.78 9.67
CA LEU N 188 85.11 -172.13 9.71
C LEU N 188 84.77 -172.62 8.30
N LYS N 189 85.57 -172.26 7.27
CA LYS N 189 85.26 -172.82 5.96
C LYS N 189 86.56 -173.08 5.19
N ARG N 190 87.23 -174.16 5.59
CA ARG N 190 88.43 -174.60 4.89
C ARG N 190 88.08 -175.05 3.48
N SER N 191 88.51 -174.26 2.48
CA SER N 191 88.19 -174.58 1.10
C SER N 191 89.11 -175.69 0.61
N LYS N 192 88.52 -176.78 0.13
CA LYS N 192 89.27 -177.93 -0.35
C LYS N 192 89.20 -177.93 -1.87
N MET N 193 90.32 -177.59 -2.52
CA MET N 193 90.42 -177.54 -3.97
C MET N 193 91.53 -178.50 -4.39
N GLY N 194 91.16 -179.55 -5.14
CA GLY N 194 92.17 -180.49 -5.65
C GLY N 194 92.29 -181.72 -4.77
N GLY N 195 91.66 -182.83 -5.17
CA GLY N 195 91.76 -184.07 -4.44
C GLY N 195 92.52 -185.11 -5.24
N VAL N 196 91.81 -186.13 -5.72
CA VAL N 196 92.37 -187.16 -6.57
C VAL N 196 91.91 -187.05 -8.05
N ARG N 197 90.72 -186.48 -8.25
CA ARG N 197 90.23 -186.24 -9.59
C ARG N 197 91.20 -185.26 -10.21
N THR N 198 91.55 -184.20 -9.48
CA THR N 198 92.49 -183.21 -10.01
C THR N 198 93.87 -183.82 -10.21
N ALA N 199 94.31 -184.68 -9.29
CA ALA N 199 95.60 -185.34 -9.45
C ALA N 199 95.61 -186.24 -10.68
N ALA N 200 94.51 -186.98 -10.89
CA ALA N 200 94.44 -187.84 -12.08
C ALA N 200 94.43 -187.02 -13.35
N GLU N 201 93.70 -185.89 -13.36
CA GLU N 201 93.69 -185.03 -14.53
C GLU N 201 95.07 -184.45 -14.81
N ILE N 202 95.79 -184.05 -13.75
CA ILE N 202 97.15 -183.55 -13.92
C ILE N 202 98.06 -184.63 -14.50
N ILE N 203 97.95 -185.85 -13.96
CA ILE N 203 98.81 -186.95 -14.41
C ILE N 203 98.54 -187.27 -15.86
N ASN N 204 97.27 -187.28 -16.27
CA ASN N 204 96.90 -187.72 -17.61
C ASN N 204 97.47 -186.84 -18.71
N LEU N 205 97.92 -185.63 -18.40
CA LEU N 205 98.38 -184.69 -19.41
C LEU N 205 99.90 -184.56 -19.52
N MET N 206 100.66 -185.38 -18.81
CA MET N 206 102.12 -185.31 -18.86
C MET N 206 102.68 -186.53 -19.58
N LYS N 207 104.01 -186.55 -19.69
CA LYS N 207 104.69 -187.60 -20.44
C LYS N 207 104.50 -188.97 -19.81
N THR N 208 104.56 -190.00 -20.65
CA THR N 208 104.32 -191.37 -20.18
C THR N 208 105.35 -191.81 -19.15
N GLN N 209 106.62 -191.48 -19.36
CA GLN N 209 107.66 -191.87 -18.40
C GLN N 209 107.42 -191.22 -17.04
N GLN N 210 107.13 -189.91 -17.03
CA GLN N 210 106.78 -189.27 -15.78
C GLN N 210 105.49 -189.81 -15.20
N GLU N 211 104.54 -190.20 -16.06
CA GLU N 211 103.30 -190.79 -15.57
C GLU N 211 103.57 -192.07 -14.79
N GLU N 212 104.35 -192.98 -15.39
CA GLU N 212 104.65 -194.23 -14.70
C GLU N 212 105.49 -193.98 -13.45
N ALA N 213 106.42 -193.04 -13.51
CA ALA N 213 107.22 -192.72 -12.33
C ALA N 213 106.34 -192.25 -11.17
N VAL N 214 105.42 -191.32 -11.45
CA VAL N 214 104.60 -190.80 -10.37
C VAL N 214 103.62 -191.85 -9.85
N ILE N 215 103.06 -192.69 -10.73
CA ILE N 215 102.09 -193.68 -10.25
C ILE N 215 102.80 -194.73 -9.41
N THR N 216 104.02 -195.12 -9.82
CA THR N 216 104.73 -196.10 -9.01
C THR N 216 105.20 -195.48 -7.69
N ALA N 217 105.54 -194.20 -7.68
CA ALA N 217 105.86 -193.53 -6.42
C ALA N 217 104.66 -193.51 -5.48
N VAL N 218 103.48 -193.19 -6.02
CA VAL N 218 102.27 -193.19 -5.20
C VAL N 218 101.99 -194.59 -4.67
N ARG N 219 102.13 -195.61 -5.54
CA ARG N 219 101.91 -196.98 -5.12
C ARG N 219 102.87 -197.38 -4.01
N GLU N 220 104.12 -196.94 -4.10
CA GLU N 220 105.08 -197.18 -3.02
C GLU N 220 104.60 -196.50 -1.74
N PHE N 221 104.10 -195.27 -1.85
CA PHE N 221 103.57 -194.59 -0.66
C PHE N 221 102.32 -195.27 -0.11
N ASP N 222 101.37 -195.63 -0.97
CA ASP N 222 100.13 -196.26 -0.58
C ASP N 222 99.50 -196.85 -1.84
N GLY N 223 99.26 -198.16 -1.83
CA GLY N 223 98.69 -198.79 -3.00
C GLY N 223 97.24 -198.41 -3.29
N GLU N 224 96.46 -198.21 -2.22
CA GLU N 224 95.06 -197.86 -2.40
C GLU N 224 94.91 -196.51 -3.11
N LEU N 225 95.73 -195.53 -2.73
CA LEU N 225 95.68 -194.23 -3.40
C LEU N 225 96.06 -194.36 -4.86
N ALA N 226 97.08 -195.17 -5.17
CA ALA N 226 97.47 -195.38 -6.56
C ALA N 226 96.35 -196.01 -7.38
N GLN N 227 95.67 -197.01 -6.82
CA GLN N 227 94.56 -197.64 -7.54
C GLN N 227 93.40 -196.67 -7.74
N LYS N 228 93.11 -195.85 -6.73
CA LYS N 228 92.04 -194.87 -6.87
C LYS N 228 92.41 -193.85 -7.95
N ILE N 229 93.68 -193.44 -7.99
CA ILE N 229 94.14 -192.52 -9.02
C ILE N 229 94.01 -193.15 -10.39
N ILE N 230 94.38 -194.43 -10.51
CA ILE N 230 94.27 -195.13 -11.79
C ILE N 230 92.82 -195.25 -12.26
N ASP N 231 91.90 -195.51 -11.32
CA ASP N 231 90.49 -195.63 -11.69
C ASP N 231 89.93 -194.27 -12.10
N GLU N 232 90.32 -193.21 -11.40
CA GLU N 232 89.86 -191.88 -11.76
C GLU N 232 90.56 -191.47 -13.05
N MET N 233 91.69 -192.11 -13.38
CA MET N 233 92.41 -191.75 -14.59
C MET N 233 91.55 -191.96 -15.84
N PHE N 234 90.93 -193.13 -15.96
CA PHE N 234 90.08 -193.47 -17.09
C PHE N 234 88.70 -193.88 -16.58
N LEU N 235 87.75 -192.96 -16.66
CA LEU N 235 86.38 -193.23 -16.24
C LEU N 235 85.64 -194.02 -17.31
N PHE N 236 84.44 -194.47 -16.95
CA PHE N 236 83.62 -195.23 -17.89
C PHE N 236 82.85 -194.29 -18.81
N GLU N 237 83.56 -193.34 -19.41
CA GLU N 237 82.97 -192.43 -20.40
C GLU N 237 83.86 -192.20 -21.61
N ASN N 238 85.15 -192.54 -21.55
CA ASN N 238 86.06 -192.38 -22.68
C ASN N 238 86.11 -193.60 -23.56
N LEU N 239 85.33 -194.63 -23.27
CA LEU N 239 85.32 -195.83 -24.10
C LEU N 239 84.85 -195.53 -25.52
N VAL N 240 84.10 -194.45 -25.73
CA VAL N 240 83.71 -194.05 -27.06
C VAL N 240 84.91 -193.66 -27.91
N ASP N 241 85.99 -193.21 -27.28
CA ASP N 241 87.21 -192.82 -27.99
C ASP N 241 88.16 -193.99 -28.23
N VAL N 242 87.81 -195.19 -27.78
CA VAL N 242 88.65 -196.36 -28.00
C VAL N 242 88.51 -196.82 -29.44
N ASP N 243 89.60 -197.34 -30.00
CA ASP N 243 89.60 -197.80 -31.38
C ASP N 243 88.74 -199.05 -31.52
N ASP N 244 88.23 -199.25 -32.74
CA ASP N 244 87.40 -200.43 -33.02
C ASP N 244 88.19 -201.71 -32.85
N ARG N 245 89.45 -201.72 -33.29
CA ARG N 245 90.29 -202.90 -33.12
C ARG N 245 90.52 -203.21 -31.65
N SER N 246 90.76 -202.17 -30.84
CA SER N 246 90.93 -202.38 -29.40
C SER N 246 89.65 -202.92 -28.77
N ILE N 247 88.50 -202.41 -29.20
CA ILE N 247 87.23 -202.91 -28.68
C ILE N 247 87.04 -204.38 -29.05
N GLN N 248 87.34 -204.74 -30.29
CA GLN N 248 87.22 -206.14 -30.70
C GLN N 248 88.17 -207.04 -29.92
N ARG N 249 89.40 -206.58 -29.69
CA ARG N 249 90.35 -207.37 -28.92
C ARG N 249 89.90 -207.55 -27.49
N LEU N 250 89.34 -206.49 -26.88
CA LEU N 250 88.88 -206.58 -25.50
C LEU N 250 87.60 -207.40 -25.39
N LEU N 251 86.82 -207.49 -26.47
CA LEU N 251 85.59 -208.26 -26.42
C LEU N 251 85.86 -209.74 -26.18
N GLN N 252 87.04 -210.23 -26.56
CA GLN N 252 87.39 -211.63 -26.36
C GLN N 252 87.57 -211.99 -24.89
N GLU N 253 87.77 -211.02 -24.01
CA GLU N 253 87.96 -211.28 -22.59
C GLU N 253 86.86 -210.73 -21.72
N VAL N 254 85.77 -210.22 -22.30
CA VAL N 254 84.67 -209.63 -21.56
C VAL N 254 83.52 -210.62 -21.53
N ASP N 255 83.03 -210.92 -20.32
CA ASP N 255 81.88 -211.81 -20.18
C ASP N 255 80.63 -211.15 -20.73
N SER N 256 79.79 -211.94 -21.39
CA SER N 256 78.57 -211.38 -21.99
C SER N 256 77.63 -210.82 -20.94
N GLU N 257 77.45 -211.54 -19.83
CA GLU N 257 76.56 -211.05 -18.78
C GLU N 257 77.11 -209.79 -18.13
N SER N 258 78.41 -209.76 -17.82
CA SER N 258 79.00 -208.57 -17.22
C SER N 258 78.96 -207.39 -18.18
N LEU N 259 79.26 -207.63 -19.46
CA LEU N 259 79.20 -206.56 -20.45
C LEU N 259 77.79 -206.01 -20.58
N LEU N 260 76.79 -206.89 -20.61
CA LEU N 260 75.40 -206.45 -20.70
C LEU N 260 74.99 -205.65 -19.48
N ILE N 261 75.41 -206.10 -18.29
CA ILE N 261 75.09 -205.38 -17.06
C ILE N 261 75.73 -204.00 -17.07
N ALA N 262 76.98 -203.91 -17.51
CA ALA N 262 77.67 -202.62 -17.58
C ALA N 262 77.01 -201.69 -18.60
N LEU N 263 76.61 -202.22 -19.76
CA LEU N 263 76.04 -201.42 -20.82
C LEU N 263 74.55 -201.17 -20.65
N LYS N 264 73.92 -201.75 -19.63
CA LYS N 264 72.50 -201.49 -19.40
C LYS N 264 72.26 -200.02 -19.10
N GLY N 265 73.10 -199.42 -18.28
CA GLY N 265 73.01 -198.00 -17.96
C GLY N 265 73.94 -197.12 -18.76
N ALA N 266 74.65 -197.64 -19.74
CA ALA N 266 75.58 -196.86 -20.53
C ALA N 266 74.82 -196.02 -21.57
N GLU N 267 75.54 -195.07 -22.16
CA GLU N 267 74.94 -194.22 -23.19
C GLU N 267 74.64 -195.03 -24.44
N PRO N 268 73.58 -194.70 -25.17
CA PRO N 268 73.25 -195.45 -26.39
C PRO N 268 74.39 -195.39 -27.39
N PRO N 269 75.08 -194.24 -27.49
CA PRO N 269 76.23 -194.18 -28.40
C PRO N 269 77.33 -195.16 -28.03
N LEU N 270 77.60 -195.33 -26.73
CA LEU N 270 78.61 -196.30 -26.31
C LEU N 270 78.20 -197.72 -26.66
N ARG N 271 76.92 -198.05 -26.45
CA ARG N 271 76.43 -199.38 -26.80
C ARG N 271 76.53 -199.62 -28.31
N GLU N 272 76.19 -198.61 -29.12
CA GLU N 272 76.28 -198.75 -30.56
C GLU N 272 77.74 -198.92 -30.99
N LYS N 273 78.65 -198.16 -30.40
CA LYS N 273 80.06 -198.29 -30.74
C LYS N 273 80.61 -199.66 -30.35
N PHE N 274 80.20 -200.17 -29.18
CA PHE N 274 80.67 -201.45 -28.70
C PHE N 274 79.98 -202.64 -29.37
N LEU N 275 78.87 -202.40 -30.06
CA LEU N 275 78.16 -203.46 -30.77
C LEU N 275 78.64 -203.66 -32.20
N ARG N 276 79.57 -202.84 -32.66
CA ARG N 276 80.11 -202.95 -34.01
C ARG N 276 81.35 -203.82 -34.09
N ASN N 277 81.80 -204.37 -32.97
CA ASN N 277 82.99 -205.21 -32.95
C ASN N 277 82.68 -206.70 -32.95
N MET N 278 81.47 -207.09 -32.57
CA MET N 278 81.09 -208.49 -32.54
C MET N 278 80.31 -208.85 -33.81
N SER N 279 79.82 -210.08 -33.89
CA SER N 279 79.06 -210.52 -35.05
C SER N 279 77.66 -209.91 -35.02
N GLN N 280 76.99 -209.97 -36.18
CA GLN N 280 75.62 -209.46 -36.27
C GLN N 280 74.68 -210.24 -35.36
N ARG N 281 74.81 -211.57 -35.33
CA ARG N 281 74.00 -212.37 -34.43
C ARG N 281 74.32 -212.04 -32.98
N ALA N 282 75.60 -211.88 -32.66
CA ALA N 282 75.98 -211.51 -31.29
C ALA N 282 75.44 -210.14 -30.92
N ALA N 283 75.50 -209.18 -31.84
CA ALA N 283 74.94 -207.85 -31.58
C ALA N 283 73.44 -207.91 -31.36
N ASP N 284 72.74 -208.69 -32.17
CA ASP N 284 71.29 -208.84 -31.99
C ASP N 284 70.97 -209.50 -30.65
N ILE N 285 71.74 -210.52 -30.27
CA ILE N 285 71.52 -211.17 -28.99
C ILE N 285 71.77 -210.21 -27.83
N LEU N 286 72.83 -209.40 -27.92
CA LEU N 286 73.11 -208.43 -26.87
C LEU N 286 72.00 -207.38 -26.79
N ARG N 287 71.51 -206.92 -27.94
CA ARG N 287 70.41 -205.95 -27.93
C ARG N 287 69.15 -206.54 -27.32
N ASP N 288 68.83 -207.79 -27.66
CA ASP N 288 67.66 -208.45 -27.09
C ASP N 288 67.81 -208.63 -25.59
N ASP N 289 69.00 -209.01 -25.13
CA ASP N 289 69.23 -209.18 -23.70
C ASP N 289 69.11 -207.85 -22.97
N LEU N 290 69.64 -206.77 -23.56
CA LEU N 290 69.53 -205.45 -22.93
C LEU N 290 68.08 -205.00 -22.87
N ALA N 291 67.31 -205.24 -23.94
CA ALA N 291 65.90 -204.87 -23.93
C ALA N 291 65.12 -205.67 -22.90
N ASN N 292 65.42 -206.97 -22.78
CA ASN N 292 64.71 -207.82 -21.85
C ASN N 292 65.18 -207.65 -20.41
N ARG N 293 66.38 -207.09 -20.20
CA ARG N 293 66.89 -206.92 -18.86
C ARG N 293 66.14 -205.83 -18.13
N GLY N 294 65.66 -206.12 -16.93
CA GLY N 294 64.98 -205.15 -16.11
C GLY N 294 65.93 -204.25 -15.37
N PRO N 295 65.37 -203.24 -14.70
CA PRO N 295 66.21 -202.33 -13.92
C PRO N 295 66.92 -203.07 -12.79
N VAL N 296 68.16 -202.66 -12.52
CA VAL N 296 68.98 -203.27 -11.49
C VAL N 296 69.66 -202.17 -10.69
N ARG N 297 70.08 -202.52 -9.48
CA ARG N 297 70.80 -201.57 -8.64
C ARG N 297 72.14 -201.22 -9.27
N LEU N 298 72.56 -199.96 -9.11
CA LEU N 298 73.80 -199.50 -9.71
C LEU N 298 75.04 -200.10 -9.05
N SER N 299 74.89 -200.74 -7.89
CA SER N 299 76.05 -201.30 -7.20
C SER N 299 76.72 -202.41 -8.02
N GLN N 300 75.92 -203.30 -8.61
CA GLN N 300 76.47 -204.38 -9.42
C GLN N 300 76.90 -203.91 -10.80
N VAL N 301 76.16 -202.98 -11.40
CA VAL N 301 76.55 -202.44 -12.69
C VAL N 301 77.88 -201.70 -12.58
N GLU N 302 78.08 -200.96 -11.49
CA GLU N 302 79.35 -200.27 -11.28
C GLU N 302 80.50 -201.27 -11.15
N ASN N 303 80.28 -202.37 -10.43
CA ASN N 303 81.31 -203.39 -10.30
C ASN N 303 81.64 -204.03 -11.64
N GLU N 304 80.60 -204.32 -12.44
CA GLU N 304 80.84 -204.89 -13.76
C GLU N 304 81.61 -203.93 -14.66
N GLN N 305 81.24 -202.65 -14.63
CA GLN N 305 81.96 -201.66 -15.42
C GLN N 305 83.40 -201.52 -14.95
N LYS N 306 83.62 -201.59 -13.63
CA LYS N 306 84.98 -201.52 -13.10
C LYS N 306 85.81 -202.72 -13.56
N ALA N 307 85.20 -203.91 -13.56
CA ALA N 307 85.92 -205.09 -14.05
C ALA N 307 86.26 -204.96 -15.52
N ILE N 308 85.31 -204.46 -16.32
CA ILE N 308 85.55 -204.28 -17.75
C ILE N 308 86.66 -203.25 -17.98
N LEU N 309 86.64 -202.15 -17.24
CA LEU N 309 87.67 -201.14 -17.36
C LEU N 309 89.03 -201.66 -16.92
N LEU N 310 89.06 -202.48 -15.86
CA LEU N 310 90.32 -203.09 -15.44
C LEU N 310 90.88 -204.00 -16.51
N ILE N 311 90.01 -204.80 -17.14
CA ILE N 311 90.46 -205.68 -18.21
C ILE N 311 91.00 -204.86 -19.39
N VAL N 312 90.29 -203.79 -19.75
CA VAL N 312 90.72 -202.94 -20.86
C VAL N 312 92.06 -202.29 -20.54
N ARG N 313 92.22 -201.81 -19.31
CA ARG N 313 93.46 -201.17 -18.90
C ARG N 313 94.62 -202.16 -18.91
N ARG N 314 94.36 -203.40 -18.45
CA ARG N 314 95.40 -204.43 -18.50
C ARG N 314 95.80 -204.73 -19.94
N LEU N 315 94.82 -204.82 -20.84
CA LEU N 315 95.12 -205.07 -22.24
C LEU N 315 95.95 -203.93 -22.84
N ALA N 316 95.58 -202.69 -22.50
CA ALA N 316 96.33 -201.54 -23.01
C ALA N 316 97.75 -201.51 -22.46
N GLU N 317 97.91 -201.82 -21.17
CA GLU N 317 99.24 -201.83 -20.56
C GLU N 317 100.11 -202.92 -21.17
N THR N 318 99.50 -204.07 -21.48
CA THR N 318 100.23 -205.14 -22.15
C THR N 318 100.71 -204.68 -23.53
N GLY N 319 99.86 -203.94 -24.24
CA GLY N 319 100.23 -203.40 -25.54
C GLY N 319 99.38 -203.96 -26.67
N GLU N 320 98.19 -204.44 -26.33
CA GLU N 320 97.27 -205.02 -27.29
C GLU N 320 96.00 -204.20 -27.48
N MET N 321 96.07 -202.90 -27.20
CA MET N 321 94.91 -202.02 -27.35
C MET N 321 95.43 -200.62 -27.66
N VAL N 322 94.56 -199.80 -28.25
CA VAL N 322 94.91 -198.42 -28.58
C VAL N 322 93.67 -197.55 -28.44
N ILE N 323 93.84 -196.24 -28.61
CA ILE N 323 92.73 -195.29 -28.50
C ILE N 323 92.75 -194.37 -29.70
N GLY N 324 91.68 -193.61 -29.89
CA GLY N 324 91.58 -192.69 -31.00
C GLY N 324 90.29 -191.88 -31.02
N SER O 33 123.53 -184.31 78.01
CA SER O 33 123.44 -183.04 77.31
C SER O 33 123.23 -183.24 75.82
N ASP O 34 122.08 -182.78 75.31
CA ASP O 34 121.77 -182.90 73.89
C ASP O 34 122.40 -181.72 73.16
N ILE O 35 123.30 -182.02 72.24
CA ILE O 35 123.99 -181.01 71.47
C ILE O 35 124.24 -181.55 70.07
N ARG O 36 123.54 -180.99 69.08
CA ARG O 36 123.66 -181.43 67.70
C ARG O 36 123.97 -180.21 66.83
N PRO O 37 124.68 -180.39 65.69
CA PRO O 37 125.08 -179.25 64.82
C PRO O 37 123.86 -178.55 64.25
N TYR O 38 123.97 -177.25 64.04
CA TYR O 38 122.89 -176.46 63.49
C TYR O 38 122.80 -176.70 61.99
N ASP O 39 121.65 -177.19 61.53
CA ASP O 39 121.40 -177.39 60.12
C ASP O 39 120.31 -176.43 59.68
N PRO O 40 120.58 -175.50 58.78
CA PRO O 40 119.52 -174.62 58.28
C PRO O 40 118.45 -175.40 57.53
N ASN O 41 117.40 -174.69 57.15
CA ASN O 41 116.23 -175.18 56.41
C ASN O 41 115.61 -176.42 57.04
N THR O 42 115.85 -176.68 58.31
CA THR O 42 115.19 -177.78 59.00
C THR O 42 113.95 -177.28 59.73
N GLN O 43 112.90 -178.11 59.74
CA GLN O 43 111.63 -177.74 60.37
C GLN O 43 111.81 -177.78 61.87
N ARG O 44 112.32 -176.69 62.43
CA ARG O 44 112.54 -176.58 63.86
C ARG O 44 111.56 -175.64 64.55
N ARG O 45 110.83 -174.83 63.81
CA ARG O 45 109.86 -173.89 64.39
C ARG O 45 108.52 -174.61 64.51
N VAL O 46 108.11 -174.91 65.74
CA VAL O 46 106.85 -175.57 66.03
C VAL O 46 105.98 -174.60 66.83
N VAL O 47 104.83 -174.24 66.27
CA VAL O 47 103.89 -173.32 66.91
C VAL O 47 102.53 -174.02 66.89
N ARG O 48 102.20 -174.69 68.00
CA ARG O 48 100.94 -175.40 68.13
C ARG O 48 100.01 -174.56 68.99
N GLU O 49 98.84 -174.25 68.44
CA GLU O 49 97.88 -173.41 69.16
C GLU O 49 96.48 -173.83 68.72
N ARG O 50 95.66 -174.21 69.67
CA ARG O 50 94.27 -174.56 69.39
C ARG O 50 93.49 -173.31 68.96
N LEU O 51 92.70 -173.44 67.91
CA LEU O 51 91.95 -172.32 67.36
C LEU O 51 90.46 -172.68 67.38
N GLN O 52 89.81 -172.41 68.51
CA GLN O 52 88.41 -172.78 68.68
C GLN O 52 87.50 -171.99 67.75
N ALA O 53 87.77 -170.68 67.63
CA ALA O 53 86.96 -169.77 66.77
C ALA O 53 87.01 -170.27 65.33
N LEU O 54 88.16 -170.70 64.81
CA LEU O 54 88.25 -171.32 63.49
C LEU O 54 87.56 -172.68 63.49
N GLU O 55 87.63 -173.39 64.61
CA GLU O 55 86.99 -174.70 64.70
C GLU O 55 85.47 -174.60 64.55
N ILE O 56 84.87 -173.47 64.92
CA ILE O 56 83.43 -173.33 64.76
C ILE O 56 83.10 -172.67 63.43
N ILE O 57 84.00 -171.79 62.96
CA ILE O 57 83.80 -171.17 61.65
C ILE O 57 83.83 -172.23 60.56
N ASN O 58 84.66 -173.25 60.73
CA ASN O 58 84.72 -174.32 59.74
C ASN O 58 83.39 -175.06 59.60
N GLU O 59 82.76 -175.41 60.72
CA GLU O 59 81.45 -176.08 60.65
C GLU O 59 80.37 -175.16 60.10
N ARG O 60 80.40 -173.88 60.47
CA ARG O 60 79.39 -172.96 59.93
C ARG O 60 79.54 -172.88 58.41
N PHE O 61 80.78 -172.73 57.95
CA PHE O 61 81.03 -172.68 56.51
C PHE O 61 80.66 -174.00 55.84
N ALA O 62 80.92 -175.13 56.52
CA ALA O 62 80.59 -176.42 55.94
C ALA O 62 79.08 -176.57 55.77
N ARG O 63 78.30 -176.12 56.76
CA ARG O 63 76.85 -176.17 56.62
C ARG O 63 76.38 -175.28 55.48
N GLN O 64 76.92 -174.06 55.40
CA GLN O 64 76.53 -173.16 54.31
C GLN O 64 76.90 -173.75 52.95
N PHE O 65 78.09 -174.34 52.84
CA PHE O 65 78.54 -174.90 51.58
C PHE O 65 77.73 -176.14 51.20
N ARG O 66 77.33 -176.95 52.18
CA ARG O 66 76.45 -178.08 51.87
C ARG O 66 75.11 -177.74 51.24
N MET O 67 74.41 -176.74 51.77
CA MET O 67 73.17 -176.31 51.12
C MET O 67 73.37 -175.60 49.77
N GLY O 68 74.51 -174.92 49.64
CA GLY O 68 74.85 -174.28 48.38
C GLY O 68 75.06 -175.39 47.37
N LEU O 69 75.77 -176.45 47.76
CA LEU O 69 75.99 -177.57 46.86
C LEU O 69 74.69 -178.29 46.57
N PHE O 70 73.81 -178.41 47.56
CA PHE O 70 72.50 -178.97 47.30
C PHE O 70 71.73 -178.11 46.32
N ASN O 71 71.79 -176.79 46.49
CA ASN O 71 71.10 -175.89 45.58
C ASN O 71 71.64 -176.00 44.15
N LEU O 72 72.94 -176.23 44.00
CA LEU O 72 73.54 -176.23 42.68
C LEU O 72 73.42 -177.60 42.01
N LEU O 73 74.02 -178.62 42.62
CA LEU O 73 74.10 -179.95 42.02
C LEU O 73 72.79 -180.71 42.01
N ARG O 74 71.77 -180.22 42.71
CA ARG O 74 70.51 -180.94 42.88
C ARG O 74 70.73 -182.33 43.47
N ARG O 75 71.69 -182.44 44.38
CA ARG O 75 72.00 -183.69 45.06
C ARG O 75 72.21 -183.38 46.53
N SER O 76 72.50 -184.41 47.32
CA SER O 76 72.67 -184.27 48.76
C SER O 76 74.10 -184.57 49.18
N PRO O 77 74.97 -183.57 49.24
CA PRO O 77 76.33 -183.80 49.77
C PRO O 77 76.45 -183.78 51.28
N ASP O 78 77.47 -184.47 51.78
CA ASP O 78 77.82 -184.40 53.20
C ASP O 78 79.27 -183.99 53.29
N ILE O 79 79.53 -182.95 54.09
CA ILE O 79 80.86 -182.38 54.24
C ILE O 79 81.34 -182.64 55.65
N THR O 80 82.45 -183.35 55.78
CA THR O 80 83.09 -183.62 57.06
C THR O 80 84.29 -182.71 57.20
N VAL O 81 84.33 -181.94 58.28
CA VAL O 81 85.45 -181.03 58.51
C VAL O 81 86.60 -181.78 59.15
N GLY O 82 87.76 -181.73 58.51
CA GLY O 82 88.92 -182.38 59.05
C GLY O 82 89.60 -181.55 60.13
N ALA O 83 90.61 -182.12 60.74
CA ALA O 83 91.37 -181.41 61.77
C ALA O 83 92.18 -180.29 61.15
N ILE O 84 92.14 -179.12 61.78
CA ILE O 84 92.94 -177.99 61.31
C ILE O 84 94.40 -178.32 61.48
N ARG O 85 95.18 -178.12 60.41
CA ARG O 85 96.61 -178.41 60.42
C ARG O 85 97.41 -177.13 60.35
N ILE O 86 98.29 -176.93 61.33
CA ILE O 86 99.20 -175.79 61.37
C ILE O 86 100.58 -176.25 60.94
N GLN O 87 100.94 -175.95 59.69
CA GLN O 87 102.09 -176.59 59.07
C GLN O 87 102.85 -175.60 58.21
N PRO O 88 104.14 -175.84 57.97
CA PRO O 88 104.88 -174.99 57.03
C PRO O 88 104.29 -175.09 55.62
N TYR O 89 104.42 -174.00 54.88
CA TYR O 89 103.78 -173.92 53.57
C TYR O 89 104.20 -174.98 52.56
N HIS O 90 105.48 -175.39 52.58
CA HIS O 90 106.01 -176.40 51.64
C HIS O 90 105.47 -177.81 51.95
N GLU O 91 105.00 -178.05 53.18
CA GLU O 91 104.35 -179.31 53.54
C GLU O 91 102.99 -179.30 52.85
N PHE O 92 102.26 -178.19 52.98
CA PHE O 92 100.97 -178.05 52.33
C PHE O 92 101.11 -178.16 50.81
N ALA O 93 102.15 -177.52 50.26
CA ALA O 93 102.35 -177.58 48.82
C ALA O 93 102.66 -178.99 48.35
N ARG O 94 103.52 -179.71 49.08
CA ARG O 94 103.92 -181.03 48.63
C ARG O 94 102.79 -182.05 48.80
N ASN O 95 101.94 -181.86 49.80
CA ASN O 95 100.83 -182.81 49.98
C ASN O 95 99.78 -182.64 48.89
N LEU O 96 99.73 -181.48 48.25
CA LEU O 96 98.75 -181.25 47.20
C LEU O 96 99.07 -182.08 45.96
N PRO O 97 98.05 -182.52 45.23
CA PRO O 97 98.30 -183.23 43.97
C PRO O 97 98.48 -182.25 42.82
N VAL O 98 98.89 -182.80 41.68
CA VAL O 98 99.15 -181.99 40.49
C VAL O 98 98.47 -182.62 39.28
N PRO O 99 97.65 -181.87 38.54
CA PRO O 99 97.25 -180.49 38.77
C PRO O 99 96.08 -180.41 39.74
N THR O 100 95.89 -179.24 40.35
CA THR O 100 94.77 -178.98 41.28
C THR O 100 94.41 -177.53 41.11
N ASN O 101 93.12 -177.19 41.01
CA ASN O 101 92.67 -175.78 40.99
C ASN O 101 92.94 -175.05 42.30
N LEU O 102 93.73 -173.99 42.28
CA LEU O 102 94.05 -173.14 43.45
C LEU O 102 93.32 -171.79 43.28
N ASN O 103 92.64 -171.23 44.25
CA ASN O 103 91.85 -169.98 44.07
C ASN O 103 92.40 -168.90 45.01
N LEU O 104 93.31 -168.03 44.56
CA LEU O 104 93.81 -166.98 45.43
C LEU O 104 92.67 -166.06 45.82
N ILE O 105 92.50 -165.83 47.11
CA ILE O 105 91.40 -165.02 47.61
C ILE O 105 91.96 -163.97 48.56
N HIS O 106 91.32 -162.81 48.57
CA HIS O 106 91.70 -161.70 49.44
C HIS O 106 90.68 -161.59 50.56
N LEU O 107 91.13 -161.76 51.79
CA LEU O 107 90.27 -161.63 52.97
C LEU O 107 90.44 -160.25 53.59
N LYS O 108 90.06 -159.22 52.83
CA LYS O 108 90.19 -157.86 53.31
C LYS O 108 89.28 -157.64 54.53
N PRO O 109 89.69 -156.78 55.46
CA PRO O 109 90.87 -155.90 55.44
C PRO O 109 92.15 -156.57 55.94
N LEU O 110 92.16 -157.89 56.11
CA LEU O 110 93.36 -158.58 56.56
C LEU O 110 94.38 -158.61 55.42
N ARG O 111 95.57 -158.09 55.68
CA ARG O 111 96.60 -158.05 54.64
C ARG O 111 97.17 -159.45 54.43
N GLY O 112 97.16 -159.90 53.19
CA GLY O 112 97.62 -161.22 52.82
C GLY O 112 96.78 -161.79 51.71
N THR O 113 96.99 -163.08 51.42
CA THR O 113 96.28 -163.75 50.35
C THR O 113 96.08 -165.22 50.74
N GLY O 114 94.83 -165.60 50.96
CA GLY O 114 94.52 -166.98 51.26
C GLY O 114 94.30 -167.81 50.01
N LEU O 115 94.13 -169.11 50.21
CA LEU O 115 94.04 -170.06 49.12
C LEU O 115 92.88 -171.02 49.36
N VAL O 116 92.10 -171.26 48.32
CA VAL O 116 91.03 -172.26 48.35
C VAL O 116 91.38 -173.32 47.32
N VAL O 117 91.57 -174.56 47.78
CA VAL O 117 92.07 -175.63 46.94
C VAL O 117 90.93 -176.61 46.66
N PHE O 118 90.53 -176.69 45.40
CA PHE O 118 89.56 -177.67 44.93
C PHE O 118 90.26 -178.85 44.30
N SER O 119 90.03 -180.04 44.85
CA SER O 119 90.66 -181.24 44.32
C SER O 119 90.12 -181.61 42.93
N PRO O 120 90.92 -182.30 42.07
CA PRO O 120 90.42 -182.77 40.75
C PRO O 120 89.20 -183.63 40.95
N SER O 121 89.17 -184.40 42.05
CA SER O 121 88.04 -185.30 42.27
C SER O 121 86.74 -184.51 42.43
N LEU O 122 86.78 -183.44 43.21
CA LEU O 122 85.56 -182.68 43.48
C LEU O 122 85.05 -181.99 42.21
N VAL O 123 85.95 -181.37 41.44
CA VAL O 123 85.51 -180.70 40.22
C VAL O 123 85.03 -181.73 39.20
N PHE O 124 85.67 -182.91 39.17
CA PHE O 124 85.19 -183.97 38.29
C PHE O 124 83.78 -184.39 38.67
N ILE O 125 83.52 -184.55 39.97
CA ILE O 125 82.20 -184.94 40.44
C ILE O 125 81.17 -183.87 40.08
N ALA O 126 81.51 -182.61 40.30
CA ALA O 126 80.58 -181.53 40.00
C ALA O 126 80.26 -181.44 38.51
N VAL O 127 81.29 -181.54 37.67
CA VAL O 127 81.06 -181.48 36.22
C VAL O 127 80.25 -182.68 35.77
N ASP O 128 80.54 -183.85 36.31
CA ASP O 128 79.79 -185.04 35.95
C ASP O 128 78.31 -184.90 36.34
N ASN O 129 78.04 -184.39 37.54
CA ASN O 129 76.66 -184.23 37.97
C ASN O 129 75.92 -183.19 37.15
N LEU O 130 76.59 -182.07 36.85
CA LEU O 130 75.93 -181.02 36.08
C LEU O 130 75.61 -181.47 34.67
N PHE O 131 76.54 -182.17 34.02
CA PHE O 131 76.39 -182.51 32.60
C PHE O 131 75.88 -183.94 32.45
N GLY O 132 74.66 -184.15 32.94
CA GLY O 132 73.95 -185.38 32.69
C GLY O 132 74.64 -186.65 33.13
N GLY O 133 75.18 -186.65 34.34
CA GLY O 133 75.85 -187.84 34.84
C GLY O 133 75.42 -188.21 36.25
N ASP O 134 75.00 -189.46 36.42
CA ASP O 134 74.58 -189.95 37.77
C ASP O 134 75.79 -190.55 38.50
N GLY O 135 77.00 -190.14 38.13
CA GLY O 135 78.19 -190.64 38.80
C GLY O 135 78.23 -192.15 38.78
N ARG O 136 77.73 -192.78 37.72
CA ARG O 136 77.83 -194.24 37.59
C ARG O 136 79.27 -194.72 37.43
N PHE O 137 79.96 -194.13 36.45
CA PHE O 137 81.36 -194.50 36.25
C PHE O 137 82.33 -193.93 37.28
N PRO O 138 83.41 -194.65 37.59
CA PRO O 138 84.39 -194.13 38.55
C PRO O 138 85.08 -192.88 38.01
N THR O 139 85.45 -191.99 38.93
CA THR O 139 86.20 -190.80 38.55
C THR O 139 87.62 -191.18 38.16
N LYS O 140 88.06 -190.71 36.99
CA LYS O 140 89.39 -190.98 36.49
C LYS O 140 90.13 -189.66 36.29
N VAL O 141 91.26 -189.52 36.99
CA VAL O 141 92.11 -188.34 36.88
C VAL O 141 93.52 -188.82 36.54
N GLU O 142 94.07 -188.31 35.44
CA GLU O 142 95.39 -188.70 34.97
C GLU O 142 96.21 -187.47 34.59
N GLY O 143 96.21 -186.47 35.47
CA GLY O 143 96.94 -185.26 35.17
C GLY O 143 96.27 -184.36 34.16
N ARG O 144 95.00 -184.61 33.86
CA ARG O 144 94.29 -183.80 32.89
C ARG O 144 94.05 -182.39 33.43
N GLU O 145 94.23 -181.40 32.58
CA GLU O 145 94.06 -180.00 32.98
C GLU O 145 92.58 -179.63 32.96
N PHE O 146 92.30 -178.35 33.18
CA PHE O 146 90.95 -177.85 33.28
C PHE O 146 90.66 -176.95 32.10
N THR O 147 89.56 -177.24 31.38
CA THR O 147 89.17 -176.44 30.24
C THR O 147 88.42 -175.19 30.71
N HIS O 148 87.98 -174.39 29.74
CA HIS O 148 87.27 -173.17 30.08
C HIS O 148 85.90 -173.47 30.70
N THR O 149 85.21 -174.49 30.21
CA THR O 149 83.95 -174.89 30.81
C THR O 149 84.14 -175.39 32.23
N GLU O 150 85.17 -176.20 32.45
CA GLU O 150 85.48 -176.65 33.80
C GLU O 150 85.83 -175.47 34.69
N GLN O 151 86.59 -174.51 34.16
CA GLN O 151 86.93 -173.32 34.94
C GLN O 151 85.70 -172.53 35.30
N ARG O 152 84.73 -172.44 34.38
CA ARG O 152 83.51 -171.70 34.70
C ARG O 152 82.68 -172.44 35.75
N VAL O 153 82.62 -173.76 35.67
CA VAL O 153 81.95 -174.53 36.71
C VAL O 153 82.60 -174.33 38.07
N ILE O 154 83.93 -174.33 38.09
CA ILE O 154 84.66 -174.11 39.34
C ILE O 154 84.42 -172.70 39.87
N ASN O 155 84.33 -171.72 38.98
CA ASN O 155 84.01 -170.35 39.40
C ASN O 155 82.63 -170.32 40.02
N ARG O 156 81.67 -171.02 39.42
CA ARG O 156 80.31 -171.05 39.96
C ARG O 156 80.30 -171.69 41.35
N MET O 157 81.03 -172.79 41.52
CA MET O 157 81.14 -173.41 42.83
C MET O 157 81.84 -172.49 43.84
N LEU O 158 82.91 -171.84 43.40
CA LEU O 158 83.70 -171.02 44.30
C LEU O 158 82.93 -169.78 44.73
N LYS O 159 82.00 -169.31 43.92
CA LYS O 159 81.15 -168.20 44.36
C LYS O 159 80.35 -168.59 45.59
N LEU O 160 79.73 -169.78 45.56
CA LEU O 160 79.00 -170.27 46.73
C LEU O 160 79.95 -170.51 47.90
N ALA O 161 81.13 -171.07 47.63
CA ALA O 161 82.08 -171.34 48.70
C ALA O 161 82.51 -170.06 49.39
N LEU O 162 82.80 -169.02 48.61
CA LEU O 162 83.23 -167.75 49.19
C LEU O 162 82.09 -167.06 49.92
N GLU O 163 80.87 -167.14 49.39
CA GLU O 163 79.73 -166.57 50.11
C GLU O 163 79.54 -167.26 51.45
N GLY O 164 79.63 -168.59 51.46
CA GLY O 164 79.48 -169.31 52.72
C GLY O 164 80.59 -168.98 53.70
N TYR O 165 81.83 -168.89 53.22
CA TYR O 165 82.94 -168.55 54.11
C TYR O 165 82.78 -167.14 54.69
N SER O 166 82.38 -166.18 53.85
CA SER O 166 82.18 -164.83 54.34
C SER O 166 81.06 -164.78 55.37
N ASP O 167 79.97 -165.50 55.12
CA ASP O 167 78.87 -165.52 56.08
C ASP O 167 79.31 -166.16 57.40
N ALA O 168 80.10 -167.22 57.32
CA ALA O 168 80.59 -167.87 58.54
C ALA O 168 81.51 -166.94 59.32
N TRP O 169 82.37 -166.20 58.62
CA TRP O 169 83.28 -165.28 59.31
C TRP O 169 82.47 -164.10 59.84
N LYS O 170 81.37 -163.75 59.16
CA LYS O 170 80.58 -162.58 59.56
C LYS O 170 80.16 -162.64 61.03
N ALA O 171 79.88 -163.84 61.54
CA ALA O 171 79.50 -163.97 62.94
C ALA O 171 80.54 -163.48 63.95
N ILE O 172 81.81 -163.74 63.70
CA ILE O 172 82.87 -163.35 64.62
C ILE O 172 83.49 -162.03 64.17
N ASN O 173 84.05 -162.01 62.97
CA ASN O 173 84.66 -160.79 62.45
C ASN O 173 84.19 -160.57 61.01
N PRO O 174 83.49 -159.48 60.72
CA PRO O 174 82.97 -159.28 59.37
C PRO O 174 84.08 -159.04 58.35
N LEU O 175 84.24 -159.99 57.43
CA LEU O 175 85.24 -159.92 56.38
C LEU O 175 84.56 -160.03 55.03
N GLU O 176 85.18 -159.42 54.02
CA GLU O 176 84.73 -159.54 52.65
C GLU O 176 85.73 -160.38 51.86
N VAL O 177 85.22 -161.37 51.14
CA VAL O 177 86.05 -162.35 50.44
C VAL O 177 86.00 -162.03 48.96
N GLU O 178 87.17 -161.79 48.37
CA GLU O 178 87.27 -161.49 46.95
C GLU O 178 88.13 -162.53 46.25
N TYR O 179 87.62 -163.06 45.15
CA TYR O 179 88.36 -164.00 44.32
C TYR O 179 89.14 -163.20 43.28
N VAL O 180 90.46 -163.37 43.26
CA VAL O 180 91.32 -162.54 42.44
C VAL O 180 91.91 -163.32 41.27
N ARG O 181 92.18 -164.61 41.44
CA ARG O 181 92.90 -165.35 40.42
C ARG O 181 92.77 -166.83 40.69
N SER O 182 92.81 -167.62 39.62
CA SER O 182 92.81 -169.07 39.71
C SER O 182 94.00 -169.59 38.93
N GLU O 183 94.60 -170.66 39.45
CA GLU O 183 95.78 -171.26 38.86
C GLU O 183 95.66 -172.77 38.99
N MET O 184 96.51 -173.49 38.26
CA MET O 184 96.49 -174.94 38.25
C MET O 184 97.72 -175.61 38.81
N GLN O 185 98.88 -174.92 38.76
CA GLN O 185 100.10 -175.44 39.33
C GLN O 185 100.32 -174.86 40.72
N VAL O 186 101.31 -175.40 41.43
CA VAL O 186 101.60 -174.95 42.77
C VAL O 186 102.59 -173.79 42.81
N LYS O 187 103.49 -173.71 41.83
CA LYS O 187 104.54 -172.70 41.85
C LYS O 187 104.06 -171.33 41.41
N PHE O 188 102.81 -171.19 40.97
CA PHE O 188 102.28 -169.88 40.59
C PHE O 188 101.69 -169.07 41.73
N THR O 189 101.41 -169.67 42.88
CA THR O 189 100.73 -168.95 43.95
C THR O 189 101.71 -168.19 44.84
N ASN O 190 102.60 -168.92 45.52
CA ASN O 190 103.58 -168.34 46.43
C ASN O 190 102.98 -167.20 47.27
N ILE O 191 102.01 -167.57 48.12
CA ILE O 191 101.33 -166.60 49.03
C ILE O 191 102.17 -166.44 50.31
N THR O 192 103.27 -167.20 50.44
CA THR O 192 104.17 -167.13 51.63
C THR O 192 105.51 -166.60 51.18
N THR O 193 106.04 -165.58 51.88
CA THR O 193 107.33 -164.93 51.52
C THR O 193 108.39 -166.01 51.40
N SER O 194 108.39 -166.99 52.30
CA SER O 194 109.32 -168.10 52.26
C SER O 194 108.56 -169.42 52.36
N PRO O 195 109.10 -170.50 51.79
CA PRO O 195 108.42 -171.79 51.88
C PRO O 195 108.35 -172.35 53.28
N ASN O 196 109.15 -171.84 54.21
CA ASN O 196 109.13 -172.30 55.59
C ASN O 196 108.15 -171.53 56.46
N ASP O 197 107.39 -170.60 55.88
CA ASP O 197 106.38 -169.88 56.63
C ASP O 197 105.27 -170.82 57.05
N ILE O 198 104.59 -170.46 58.12
CA ILE O 198 103.59 -171.31 58.75
C ILE O 198 102.21 -170.89 58.27
N VAL O 199 101.39 -171.86 57.87
CA VAL O 199 100.04 -171.61 57.38
C VAL O 199 99.07 -172.55 58.09
N VAL O 200 97.81 -172.14 58.10
CA VAL O 200 96.73 -172.88 58.74
C VAL O 200 95.85 -173.55 57.71
N ASN O 201 95.86 -174.89 57.71
CA ASN O 201 95.11 -175.64 56.66
C ASN O 201 93.90 -176.39 57.22
N THR O 202 92.72 -176.22 56.61
CA THR O 202 91.51 -176.94 56.97
C THR O 202 91.06 -177.78 55.79
N PRO O 203 91.20 -179.11 55.84
CA PRO O 203 90.68 -179.96 54.77
C PRO O 203 89.26 -180.41 55.09
N PHE O 204 88.37 -180.24 54.11
CA PHE O 204 87.01 -180.75 54.17
C PHE O 204 86.86 -181.90 53.18
N HIS O 205 86.08 -182.90 53.55
CA HIS O 205 85.78 -184.02 52.67
C HIS O 205 84.31 -183.99 52.30
N VAL O 206 84.04 -183.90 51.00
CA VAL O 206 82.68 -183.82 50.48
C VAL O 206 82.36 -185.14 49.78
N GLU O 207 81.29 -185.79 50.23
CA GLU O 207 80.85 -187.05 49.64
C GLU O 207 79.49 -186.85 49.00
N ILE O 208 79.36 -187.30 47.75
CA ILE O 208 78.11 -187.30 47.02
C ILE O 208 77.84 -188.72 46.55
N GLY O 209 76.77 -189.32 47.04
CA GLY O 209 76.52 -190.72 46.76
C GLY O 209 77.70 -191.56 47.21
N ASN O 210 78.17 -192.42 46.31
CA ASN O 210 79.38 -193.19 46.59
C ASN O 210 80.65 -192.40 46.29
N LEU O 211 80.56 -191.39 45.44
CA LEU O 211 81.74 -190.62 45.06
C LEU O 211 82.19 -189.71 46.20
N THR O 212 83.49 -189.47 46.28
CA THR O 212 84.08 -188.65 47.32
C THR O 212 85.11 -187.71 46.72
N GLY O 213 85.34 -186.60 47.42
CA GLY O 213 86.38 -185.66 47.05
C GLY O 213 86.72 -184.83 48.25
N GLU O 214 87.72 -183.96 48.09
CA GLU O 214 88.15 -183.12 49.20
C GLU O 214 88.55 -181.75 48.69
N PHE O 215 88.52 -180.78 49.60
CA PHE O 215 88.96 -179.43 49.27
C PHE O 215 89.45 -178.75 50.53
N ASN O 216 90.51 -177.95 50.38
CA ASN O 216 91.16 -177.34 51.53
C ASN O 216 91.00 -175.82 51.50
N ILE O 217 91.10 -175.23 52.69
CA ILE O 217 91.17 -173.78 52.81
C ILE O 217 92.41 -173.43 53.61
N CYS O 218 93.36 -172.74 52.99
CA CYS O 218 94.65 -172.43 53.61
C CYS O 218 94.80 -170.93 53.77
N LEU O 219 95.13 -170.50 54.99
CA LEU O 219 95.34 -169.11 55.31
C LEU O 219 96.74 -168.93 55.86
N PRO O 220 97.55 -168.02 55.31
CA PRO O 220 98.85 -167.74 55.90
C PRO O 220 98.69 -167.19 57.31
N PHE O 221 99.59 -167.57 58.20
CA PHE O 221 99.48 -167.15 59.59
C PHE O 221 99.64 -165.65 59.75
N SER O 222 100.21 -164.95 58.77
CA SER O 222 100.34 -163.50 58.87
C SER O 222 98.97 -162.84 58.93
N MET O 223 98.02 -163.34 58.13
CA MET O 223 96.67 -162.78 58.15
C MET O 223 95.99 -163.04 59.49
N ILE O 224 96.17 -164.24 60.05
CA ILE O 224 95.49 -164.60 61.29
C ILE O 224 96.11 -163.91 62.49
N GLU O 225 97.40 -163.59 62.43
CA GLU O 225 98.13 -163.09 63.60
C GLU O 225 97.48 -161.90 64.28
N PRO O 226 97.00 -160.86 63.58
CA PRO O 226 96.30 -159.77 64.30
C PRO O 226 95.04 -160.22 64.99
N LEU O 227 94.46 -161.36 64.61
CA LEU O 227 93.24 -161.88 65.22
C LEU O 227 93.46 -163.13 66.06
N ARG O 228 94.67 -163.32 66.59
CA ARG O 228 94.97 -164.55 67.32
C ARG O 228 94.19 -164.66 68.62
N GLU O 229 94.12 -163.55 69.37
CA GLU O 229 93.40 -163.57 70.64
C GLU O 229 91.92 -163.80 70.38
N LEU O 230 91.43 -163.37 69.22
CA LEU O 230 90.03 -163.63 68.87
C LEU O 230 89.82 -165.07 68.45
N LEU O 231 90.79 -165.64 67.69
CA LEU O 231 90.65 -166.99 67.10
C LEU O 231 91.05 -168.07 68.12
N VAL O 232 91.69 -167.71 69.22
CA VAL O 232 92.19 -168.70 70.21
C VAL O 232 91.05 -169.08 71.16
N ASN O 233 90.44 -168.14 71.88
CA ASN O 233 89.43 -168.52 72.87
C ASN O 233 88.10 -168.83 72.19
N PRO O 234 87.36 -169.82 72.68
CA PRO O 234 86.05 -170.12 72.12
C PRO O 234 85.12 -168.93 72.26
N PRO O 235 84.26 -168.69 71.27
CA PRO O 235 83.39 -167.51 71.31
C PRO O 235 82.39 -167.59 72.46
N LEU O 236 82.05 -166.43 73.00
CA LEU O 236 81.09 -166.33 74.08
C LEU O 236 79.87 -165.53 73.62
N GLU O 237 78.71 -165.88 74.18
CA GLU O 237 77.45 -165.25 73.82
C GLU O 237 77.39 -163.87 74.47
N ASN O 238 77.99 -162.90 73.78
CA ASN O 238 78.03 -161.53 74.26
C ASN O 238 77.68 -160.60 73.09
N SER O 239 77.87 -159.30 73.29
CA SER O 239 77.59 -158.31 72.28
C SER O 239 78.80 -157.39 72.13
N ARG O 240 78.84 -156.69 71.00
CA ARG O 240 79.93 -155.74 70.77
C ARG O 240 79.90 -154.63 71.81
N HIS O 241 78.70 -154.19 72.21
CA HIS O 241 78.59 -153.21 73.29
C HIS O 241 79.19 -153.76 74.58
N GLU O 242 78.89 -155.01 74.91
CA GLU O 242 79.44 -155.61 76.12
C GLU O 242 80.95 -155.74 76.02
N ASP O 243 81.47 -156.11 74.84
CA ASP O 243 82.91 -156.25 74.69
C ASP O 243 83.63 -154.91 74.84
N GLN O 244 83.09 -153.86 74.21
CA GLN O 244 83.72 -152.55 74.35
C GLN O 244 83.59 -152.02 75.77
N ASN O 245 82.48 -152.32 76.44
CA ASN O 245 82.35 -151.95 77.85
C ASN O 245 83.39 -152.67 78.70
N TRP O 246 83.62 -153.95 78.41
CA TRP O 246 84.65 -154.70 79.12
C TRP O 246 86.07 -154.15 79.16
N ARG O 247 86.60 -153.85 77.98
CA ARG O 247 87.98 -153.29 77.89
C ARG O 247 87.97 -151.86 78.42
N ASP O 248 86.85 -151.15 78.25
CA ASP O 248 86.73 -149.76 78.80
C ASP O 248 86.95 -149.81 80.31
N ASN O 249 86.20 -150.69 81.00
CA ASN O 249 86.34 -150.81 82.48
C ASN O 249 87.76 -151.28 82.81
N LEU O 250 88.26 -152.27 82.06
CA LEU O 250 89.64 -152.79 82.28
C LEU O 250 90.63 -151.63 82.10
N VAL O 251 90.47 -150.85 81.02
CA VAL O 251 91.36 -149.67 80.78
C VAL O 251 91.31 -148.77 82.03
N ARG O 252 90.10 -148.48 82.52
CA ARG O 252 89.97 -147.64 83.71
C ARG O 252 90.60 -148.30 84.92
N GLN O 253 90.49 -149.63 85.04
CA GLN O 253 91.14 -150.31 86.16
C GLN O 253 92.65 -150.27 86.04
N VAL O 254 93.18 -150.29 84.82
CA VAL O 254 94.63 -150.29 84.63
C VAL O 254 95.23 -148.97 85.07
N GLN O 255 94.51 -147.87 84.87
CA GLN O 255 95.05 -146.54 85.15
C GLN O 255 95.54 -146.42 86.59
N HIS O 256 94.91 -147.12 87.52
CA HIS O 256 95.32 -147.07 88.93
C HIS O 256 96.38 -148.13 89.21
N SER O 257 97.50 -148.07 88.46
CA SER O 257 98.65 -148.99 88.65
C SER O 257 99.94 -148.15 88.65
N GLU O 258 100.65 -148.11 89.79
CA GLU O 258 101.90 -147.31 89.92
C GLU O 258 102.99 -147.86 88.99
N LEU O 259 103.79 -146.99 88.39
CA LEU O 259 104.91 -147.40 87.49
C LEU O 259 106.24 -146.95 88.10
N GLU O 260 107.37 -147.37 87.53
CA GLU O 260 108.69 -146.89 87.94
C GLU O 260 109.30 -146.12 86.77
N LEU O 261 109.47 -144.82 86.96
CA LEU O 261 110.02 -143.95 85.91
C LEU O 261 111.46 -143.59 86.26
N VAL O 262 112.35 -143.75 85.30
CA VAL O 262 113.78 -143.54 85.49
C VAL O 262 114.26 -142.48 84.52
N ALA O 263 114.95 -141.47 85.05
CA ALA O 263 115.48 -140.38 84.24
C ALA O 263 116.98 -140.60 84.04
N ASN O 264 117.42 -140.52 82.79
CA ASN O 264 118.83 -140.68 82.45
C ASN O 264 119.42 -139.31 82.17
N PHE O 265 120.35 -138.87 83.04
CA PHE O 265 121.01 -137.55 82.91
C PHE O 265 122.10 -137.59 81.83
N ALA O 266 122.95 -138.63 81.84
CA ALA O 266 124.06 -138.75 80.86
C ALA O 266 124.41 -140.22 80.60
N ASP O 267 125.09 -140.54 79.49
CA ASP O 267 125.55 -141.89 79.18
C ASP O 267 126.96 -141.77 78.62
N ILE O 268 127.96 -142.05 79.45
CA ILE O 268 129.36 -141.86 79.11
C ILE O 268 129.96 -143.22 78.77
N PRO O 269 130.73 -143.38 77.66
CA PRO O 269 131.33 -144.69 77.27
C PRO O 269 132.76 -144.83 77.80
N LEU O 270 132.97 -145.75 78.75
CA LEU O 270 134.33 -146.01 79.27
C LEU O 270 134.74 -147.46 79.03
N ARG O 271 136.03 -147.71 78.87
CA ARG O 271 136.55 -149.09 78.70
C ARG O 271 136.57 -149.78 80.06
N LEU O 272 136.64 -151.11 80.06
CA LEU O 272 136.74 -151.87 81.33
C LEU O 272 137.98 -151.43 82.10
N SER O 273 139.07 -151.15 81.38
CA SER O 273 140.34 -150.78 82.04
C SER O 273 140.13 -149.51 82.87
N GLN O 274 139.40 -148.55 82.33
CA GLN O 274 139.13 -147.32 83.11
C GLN O 274 138.33 -147.72 84.36
N ILE O 275 137.35 -148.63 84.22
CA ILE O 275 136.50 -148.94 85.40
C ILE O 275 137.28 -149.52 86.59
N LEU O 276 138.19 -150.47 86.34
CA LEU O 276 139.03 -150.96 87.46
C LEU O 276 139.99 -149.99 88.17
N LYS O 277 140.63 -149.12 87.38
CA LYS O 277 141.47 -148.03 87.95
C LYS O 277 140.58 -146.86 88.53
N LEU O 278 139.31 -146.92 88.12
CA LEU O 278 138.37 -145.85 88.52
C LEU O 278 138.38 -146.03 90.04
N LYS O 279 138.52 -144.90 90.74
CA LYS O 279 138.52 -144.89 92.22
C LYS O 279 137.93 -143.55 92.63
N PRO O 280 137.42 -143.34 93.87
CA PRO O 280 136.73 -142.07 94.25
C PRO O 280 137.61 -140.85 94.01
N GLY O 281 137.02 -139.71 93.64
CA GLY O 281 137.70 -138.46 93.38
C GLY O 281 137.96 -138.16 91.92
N ASP O 282 137.81 -139.16 91.04
CA ASP O 282 138.05 -138.93 89.62
C ASP O 282 136.92 -138.11 89.01
N VAL O 283 137.21 -137.51 87.85
CA VAL O 283 136.23 -136.73 87.10
C VAL O 283 136.12 -137.34 85.71
N LEU O 284 134.91 -137.73 85.33
CA LEU O 284 134.65 -138.29 84.02
C LEU O 284 133.86 -137.29 83.20
N PRO O 285 134.40 -136.76 82.12
CA PRO O 285 133.74 -135.66 81.42
C PRO O 285 132.47 -136.13 80.71
N ILE O 286 131.44 -135.29 80.75
CA ILE O 286 130.17 -135.55 80.10
C ILE O 286 129.81 -134.35 79.25
N GLU O 287 128.91 -134.57 78.30
CA GLU O 287 128.47 -133.55 77.37
C GLU O 287 127.20 -132.89 77.88
N LYS O 288 126.78 -131.84 77.18
CA LYS O 288 125.57 -131.13 77.54
C LYS O 288 124.35 -131.99 77.29
N PRO O 289 123.54 -132.30 78.31
CA PRO O 289 122.22 -132.87 78.04
C PRO O 289 121.21 -131.78 77.73
N ASP O 290 120.82 -131.65 76.46
CA ASP O 290 119.78 -130.65 76.09
C ASP O 290 118.44 -131.13 76.66
N ARG O 291 118.16 -132.44 76.56
CA ARG O 291 116.93 -133.01 77.07
C ARG O 291 117.24 -134.30 77.81
N ILE O 292 116.37 -134.62 78.76
CA ILE O 292 116.53 -135.79 79.63
C ILE O 292 115.49 -136.87 79.34
N ILE O 293 115.96 -138.03 78.91
CA ILE O 293 115.05 -139.14 78.60
C ILE O 293 114.58 -139.86 79.85
N ALA O 294 113.28 -140.05 79.95
CA ALA O 294 112.65 -140.76 81.05
C ALA O 294 112.01 -142.02 80.50
N HIS O 295 112.43 -143.16 81.02
CA HIS O 295 112.04 -144.47 80.52
C HIS O 295 111.51 -145.33 81.66
N VAL O 296 110.58 -146.22 81.32
CA VAL O 296 110.04 -147.19 82.25
C VAL O 296 110.51 -148.57 81.82
N ASP O 297 111.38 -149.18 82.63
CA ASP O 297 111.91 -150.52 82.35
C ASP O 297 112.56 -150.58 80.97
N GLY O 298 113.24 -149.49 80.59
CA GLY O 298 113.94 -149.45 79.33
C GLY O 298 113.25 -148.62 78.26
N VAL O 299 111.93 -148.72 78.18
CA VAL O 299 111.16 -148.04 77.14
C VAL O 299 111.06 -146.56 77.44
N PRO O 300 111.57 -145.68 76.59
CA PRO O 300 111.51 -144.24 76.88
C PRO O 300 110.10 -143.70 76.74
N VAL O 301 109.71 -142.85 77.68
CA VAL O 301 108.35 -142.34 77.72
C VAL O 301 108.32 -140.83 77.63
N LEU O 302 109.37 -140.17 78.13
CA LEU O 302 109.34 -138.72 78.27
C LEU O 302 110.73 -138.24 77.88
N THR O 303 110.79 -137.00 77.41
CA THR O 303 112.03 -136.21 77.37
C THR O 303 111.67 -134.89 78.01
N SER O 304 112.47 -134.46 78.98
CA SER O 304 112.11 -133.33 79.83
C SER O 304 113.43 -132.76 80.31
N GLN O 305 113.42 -131.47 80.63
CA GLN O 305 114.61 -130.70 80.95
C GLN O 305 114.78 -130.88 82.46
N TYR O 306 116.02 -131.03 82.90
CA TYR O 306 116.30 -131.25 84.31
C TYR O 306 116.13 -129.94 85.08
N GLY O 307 115.95 -130.08 86.40
CA GLY O 307 115.81 -128.93 87.26
C GLY O 307 115.73 -129.36 88.70
N THR O 308 115.65 -128.37 89.58
CA THR O 308 115.53 -128.59 91.02
C THR O 308 114.34 -127.80 91.54
N VAL O 309 113.42 -128.49 92.21
CA VAL O 309 112.23 -127.86 92.77
C VAL O 309 111.99 -128.44 94.14
N ASN O 310 111.77 -127.57 95.13
CA ASN O 310 111.45 -127.97 96.50
C ASN O 310 112.54 -128.89 97.07
N GLY O 311 113.79 -128.60 96.72
CA GLY O 311 114.89 -129.45 97.16
C GLY O 311 114.92 -130.82 96.52
N GLN O 312 114.09 -131.05 95.51
CA GLN O 312 114.01 -132.32 94.82
C GLN O 312 114.50 -132.18 93.39
N TYR O 313 115.13 -133.23 92.88
CA TYR O 313 115.49 -133.27 91.47
C TYR O 313 114.22 -133.32 90.63
N ALA O 314 114.00 -132.28 89.83
CA ALA O 314 112.75 -132.14 89.08
C ALA O 314 113.03 -132.20 87.59
N LEU O 315 111.97 -132.51 86.84
CA LEU O 315 112.03 -132.53 85.39
C LEU O 315 110.85 -131.74 84.84
N ARG O 316 111.13 -130.80 83.94
CA ARG O 316 110.11 -130.02 83.26
C ARG O 316 109.75 -130.76 81.98
N VAL O 317 108.58 -131.40 81.97
CA VAL O 317 108.20 -132.27 80.87
C VAL O 317 108.07 -131.45 79.59
N GLU O 318 108.77 -131.84 78.57
CA GLU O 318 108.69 -131.18 77.27
C GLU O 318 107.89 -131.93 76.23
N HIS O 319 107.98 -133.28 76.18
CA HIS O 319 107.31 -134.02 75.09
C HIS O 319 107.09 -135.49 75.43
N LEU O 320 105.83 -135.95 75.38
CA LEU O 320 105.52 -137.36 75.52
C LEU O 320 105.87 -138.08 74.23
N ILE O 321 106.65 -139.16 74.33
CA ILE O 321 107.16 -139.81 73.13
C ILE O 321 106.08 -140.68 72.52
N ASN O 322 105.30 -140.11 71.60
CA ASN O 322 104.31 -140.87 70.88
C ASN O 322 104.96 -141.67 69.75
N PRO O 323 104.39 -142.82 69.38
CA PRO O 323 104.94 -143.62 68.28
C PRO O 323 104.37 -143.22 66.92
N GLN P 52 140.89 -168.81 83.29
CA GLN P 52 140.85 -167.56 84.05
C GLN P 52 141.82 -166.55 83.46
N ASP P 53 141.42 -165.93 82.35
CA ASP P 53 142.24 -164.96 81.65
C ASP P 53 141.94 -163.55 82.16
N ILE P 54 142.88 -162.65 81.93
CA ILE P 54 142.73 -161.28 82.43
C ILE P 54 142.87 -160.28 81.29
N ASP P 55 143.91 -160.42 80.47
CA ASP P 55 144.11 -159.53 79.30
C ASP P 55 143.00 -159.78 78.27
N LEU P 56 142.31 -160.93 78.34
CA LEU P 56 141.28 -161.29 77.34
C LEU P 56 140.12 -160.28 77.39
N ILE P 57 139.70 -159.86 78.59
CA ILE P 57 138.53 -158.93 78.74
C ILE P 57 139.05 -157.60 79.31
N MET P 58 140.37 -157.36 79.28
CA MET P 58 140.93 -156.15 79.85
C MET P 58 140.54 -154.92 79.03
N ASP P 59 140.05 -155.12 77.81
CA ASP P 59 139.80 -154.03 76.86
C ASP P 59 138.34 -153.89 76.46
N ILE P 60 137.47 -154.75 76.95
CA ILE P 60 136.04 -154.74 76.54
C ILE P 60 135.41 -153.43 76.97
N PRO P 61 134.65 -152.76 76.11
CA PRO P 61 134.01 -151.50 76.51
C PRO P 61 132.71 -151.75 77.25
N VAL P 62 132.38 -150.79 78.13
CA VAL P 62 131.16 -150.84 78.92
C VAL P 62 130.61 -149.43 78.76
N LYS P 63 129.29 -149.30 78.94
CA LYS P 63 128.59 -148.00 78.86
C LYS P 63 128.09 -147.67 80.27
N LEU P 64 128.34 -146.46 80.75
CA LEU P 64 127.98 -146.06 82.10
C LEU P 64 126.87 -145.03 82.02
N THR P 65 125.84 -145.19 82.84
CA THR P 65 124.70 -144.29 82.86
C THR P 65 124.60 -143.67 84.25
N VAL P 66 124.09 -142.44 84.31
CA VAL P 66 123.84 -141.74 85.56
C VAL P 66 122.40 -141.26 85.59
N GLU P 67 121.77 -141.32 86.75
CA GLU P 67 120.36 -140.98 86.88
C GLU P 67 120.13 -139.65 87.55
N LEU P 68 118.98 -139.03 87.29
CA LEU P 68 118.57 -137.89 88.09
C LEU P 68 118.00 -138.44 89.39
N GLY P 69 117.06 -139.39 89.28
CA GLY P 69 116.49 -139.99 90.47
C GLY P 69 115.37 -140.95 90.13
N ARG P 70 114.99 -141.72 91.14
CA ARG P 70 113.85 -142.62 91.05
C ARG P 70 112.57 -141.79 91.23
N THR P 71 111.45 -142.37 90.83
CA THR P 71 110.14 -141.87 91.20
C THR P 71 109.21 -142.97 90.70
N ARG P 72 108.06 -143.09 91.35
CA ARG P 72 107.08 -144.11 91.03
C ARG P 72 105.74 -143.37 90.93
N MET P 73 105.11 -143.44 89.76
CA MET P 73 103.98 -142.59 89.46
C MET P 73 103.12 -143.43 88.52
N THR P 74 101.79 -143.39 88.70
CA THR P 74 100.88 -144.32 87.99
C THR P 74 100.57 -143.87 86.60
N ILE P 75 99.77 -144.67 85.90
CA ILE P 75 99.36 -144.38 84.49
C ILE P 75 98.56 -143.08 84.48
N LYS P 76 97.72 -142.83 85.48
CA LYS P 76 96.85 -141.62 85.52
C LYS P 76 97.68 -140.34 85.30
N GLU P 77 98.60 -139.97 86.21
CA GLU P 77 99.44 -138.79 86.13
C GLU P 77 100.33 -138.76 84.88
N LEU P 78 100.83 -139.93 84.47
CA LEU P 78 101.60 -139.99 83.22
C LEU P 78 100.82 -139.58 81.98
N LEU P 79 99.56 -139.97 81.90
CA LEU P 79 98.73 -139.56 80.77
C LEU P 79 98.29 -138.11 80.74
N ARG P 80 98.14 -137.49 81.91
CA ARG P 80 97.78 -136.08 81.97
C ARG P 80 98.97 -135.11 82.13
N LEU P 81 100.17 -135.66 81.93
CA LEU P 81 101.38 -134.84 81.96
C LEU P 81 101.27 -134.08 80.65
N THR P 82 101.53 -132.77 80.71
CA THR P 82 101.41 -131.92 79.53
C THR P 82 102.76 -131.24 79.37
N GLN P 83 102.90 -130.43 78.33
CA GLN P 83 104.16 -129.68 78.16
C GLN P 83 104.28 -128.65 79.26
N GLY P 84 105.49 -128.52 79.81
CA GLY P 84 105.74 -127.58 80.88
C GLY P 84 105.42 -128.10 82.25
N SER P 85 104.78 -129.27 82.35
CA SER P 85 104.51 -129.86 83.65
C SER P 85 105.80 -130.31 84.32
N VAL P 86 105.84 -130.20 85.65
CA VAL P 86 107.03 -130.50 86.43
C VAL P 86 106.75 -131.70 87.31
N VAL P 87 107.67 -132.67 87.29
CA VAL P 87 107.57 -133.87 88.12
C VAL P 87 108.85 -133.97 88.94
N ALA P 88 108.73 -134.32 90.22
CA ALA P 88 109.90 -134.43 91.13
C ALA P 88 110.59 -135.79 90.96
N LEU P 89 111.49 -136.13 91.89
CA LEU P 89 112.26 -137.41 91.89
C LEU P 89 112.40 -137.77 93.36
N ASP P 90 112.89 -138.96 93.70
CA ASP P 90 112.98 -139.44 95.12
C ASP P 90 114.23 -138.89 95.81
N GLY P 91 115.12 -138.19 95.11
CA GLY P 91 116.35 -137.66 95.70
C GLY P 91 116.41 -136.17 95.97
N LEU P 92 116.91 -135.84 97.17
CA LEU P 92 117.14 -134.44 97.51
C LEU P 92 118.21 -133.86 96.58
N ALA P 93 118.04 -132.59 96.23
CA ALA P 93 119.00 -131.92 95.37
C ALA P 93 120.32 -131.76 96.11
N GLY P 94 121.29 -132.62 95.81
CA GLY P 94 122.57 -132.59 96.49
C GLY P 94 123.18 -133.94 96.75
N GLU P 95 122.34 -135.01 96.83
CA GLU P 95 122.91 -136.32 97.02
C GLU P 95 123.66 -136.77 95.76
N PRO P 96 124.66 -137.62 95.91
CA PRO P 96 125.38 -138.11 94.72
C PRO P 96 124.49 -139.04 93.91
N LEU P 97 124.52 -138.85 92.59
CA LEU P 97 123.73 -139.69 91.69
C LEU P 97 124.35 -141.08 91.59
N ASP P 98 123.52 -142.04 91.19
CA ASP P 98 123.99 -143.45 91.13
C ASP P 98 124.49 -143.77 89.72
N ILE P 99 125.73 -144.24 89.61
CA ILE P 99 126.31 -144.64 88.28
C ILE P 99 126.05 -146.13 88.10
N LEU P 100 125.58 -146.54 86.91
CA LEU P 100 125.21 -147.97 86.70
C LEU P 100 125.78 -148.49 85.37
N ILE P 101 126.05 -149.80 85.28
CA ILE P 101 126.52 -150.41 84.00
C ILE P 101 125.62 -151.62 83.71
N ASN P 102 125.04 -151.69 82.50
CA ASN P 102 124.17 -152.85 82.13
C ASN P 102 123.10 -152.98 83.21
N GLY P 103 122.62 -151.86 83.76
CA GLY P 103 121.54 -151.88 84.77
C GLY P 103 122.02 -152.35 86.12
N TYR P 104 123.33 -152.38 86.36
CA TYR P 104 123.91 -152.90 87.63
C TYR P 104 124.66 -151.77 88.32
N LEU P 105 124.41 -151.54 89.62
CA LEU P 105 125.02 -150.38 90.32
C LEU P 105 126.55 -150.56 90.27
N ILE P 106 127.28 -149.48 90.04
CA ILE P 106 128.77 -149.54 89.94
C ILE P 106 129.41 -148.41 90.76
N ALA P 107 128.77 -147.24 90.93
CA ALA P 107 129.45 -146.12 91.57
C ALA P 107 128.41 -145.08 92.00
N GLN P 108 128.91 -143.99 92.60
CA GLN P 108 128.10 -142.82 92.92
C GLN P 108 128.93 -141.56 92.72
N GLY P 109 128.30 -140.54 92.11
CA GLY P 109 128.96 -139.28 91.89
C GLY P 109 127.97 -138.23 91.41
N GLU P 110 128.39 -136.97 91.55
CA GLU P 110 127.55 -135.83 91.17
C GLU P 110 128.22 -135.04 90.05
N VAL P 111 127.42 -134.20 89.40
CA VAL P 111 127.91 -133.36 88.31
C VAL P 111 128.62 -132.15 88.90
N VAL P 112 129.72 -131.75 88.25
CA VAL P 112 130.51 -130.61 88.68
C VAL P 112 130.82 -129.70 87.49
N VAL P 113 130.80 -128.40 87.73
CA VAL P 113 131.13 -127.41 86.70
C VAL P 113 132.53 -126.85 86.91
N VAL P 114 133.43 -127.07 85.96
CA VAL P 114 134.80 -126.64 86.15
C VAL P 114 135.00 -125.28 85.50
N ALA P 115 134.89 -125.28 84.16
CA ALA P 115 134.94 -124.02 83.41
C ALA P 115 133.66 -123.74 82.60
N ASP P 116 133.51 -124.45 81.48
CA ASP P 116 132.26 -124.37 80.68
C ASP P 116 132.07 -125.84 80.27
N LYS P 117 132.51 -126.77 81.12
CA LYS P 117 132.46 -128.22 80.78
C LYS P 117 131.88 -129.01 81.96
N TYR P 118 131.30 -130.19 81.69
CA TYR P 118 130.63 -130.96 82.77
C TYR P 118 131.25 -132.34 82.96
N GLY P 119 131.17 -132.87 84.17
CA GLY P 119 131.64 -134.21 84.47
C GLY P 119 131.14 -134.69 85.82
N VAL P 120 131.30 -135.99 86.04
CA VAL P 120 130.80 -136.63 87.26
C VAL P 120 132.01 -136.79 88.17
N ARG P 121 131.85 -136.38 89.42
CA ARG P 121 132.89 -136.48 90.44
C ARG P 121 132.46 -137.63 91.33
N ILE P 122 133.08 -138.79 91.13
CA ILE P 122 132.69 -140.01 91.83
C ILE P 122 133.04 -139.88 93.31
N THR P 123 132.08 -140.22 94.17
CA THR P 123 132.26 -140.09 95.61
C THR P 123 132.85 -141.36 96.23
N ASP P 124 132.37 -142.53 95.83
CA ASP P 124 132.83 -143.77 96.43
C ASP P 124 132.50 -144.93 95.51
N ILE P 125 132.99 -146.11 95.89
CA ILE P 125 132.71 -147.36 95.19
C ILE P 125 131.94 -148.25 96.16
N ILE P 126 130.80 -148.74 95.73
CA ILE P 126 129.92 -149.51 96.61
C ILE P 126 130.43 -150.94 96.74
N THR P 127 130.78 -151.34 97.96
CA THR P 127 131.10 -152.72 98.27
C THR P 127 129.81 -153.54 98.27
N PRO P 128 129.92 -154.86 98.12
CA PRO P 128 128.70 -155.69 98.11
C PRO P 128 127.83 -155.51 99.33
N SER P 129 128.44 -155.34 100.52
CA SER P 129 127.66 -155.17 101.74
C SER P 129 126.68 -154.03 101.56
N GLU P 130 127.16 -152.87 101.12
CA GLU P 130 126.27 -151.77 100.79
C GLU P 130 125.23 -152.17 99.75
N ARG P 131 125.67 -152.83 98.67
CA ARG P 131 124.70 -153.31 97.65
C ARG P 131 123.60 -154.15 98.31
N MET P 132 123.97 -155.00 99.27
CA MET P 132 122.97 -155.90 99.90
C MET P 132 121.92 -155.06 100.63
N ARG P 133 122.33 -154.01 101.33
CA ARG P 133 121.37 -153.15 102.06
C ARG P 133 120.58 -152.29 101.05
N ARG P 134 121.15 -152.12 99.86
CA ARG P 134 120.50 -151.31 98.79
C ARG P 134 119.25 -152.14 98.42
N LEU P 135 119.47 -153.40 98.06
CA LEU P 135 118.32 -154.32 97.79
C LEU P 135 117.39 -154.53 98.99
N SER P 136 117.95 -154.61 100.20
CA SER P 136 117.12 -154.87 101.41
C SER P 136 116.27 -153.64 101.75
N ARG P 137 116.75 -152.42 101.44
CA ARG P 137 115.98 -151.26 101.86
C ARG P 137 116.01 -150.17 100.79
N ASP Q 53 139.94 -155.54 94.03
CA ASP Q 53 139.40 -154.74 92.94
C ASP Q 53 138.90 -155.61 91.78
N ILE Q 54 139.46 -156.81 91.66
CA ILE Q 54 139.01 -157.74 90.62
C ILE Q 54 137.58 -158.14 90.96
N ASP Q 55 137.28 -158.26 92.25
CA ASP Q 55 135.94 -158.64 92.68
C ASP Q 55 134.86 -157.70 92.16
N LEU Q 56 135.17 -156.40 92.08
CA LEU Q 56 134.21 -155.44 91.53
C LEU Q 56 133.80 -155.67 90.09
N ILE Q 57 134.77 -156.03 89.25
CA ILE Q 57 134.50 -156.24 87.80
C ILE Q 57 134.47 -157.75 87.50
N MET Q 58 134.15 -158.59 88.50
CA MET Q 58 134.16 -160.03 88.27
C MET Q 58 132.67 -160.37 88.26
N ASP Q 59 131.82 -159.41 88.66
CA ASP Q 59 130.35 -159.72 88.78
C ASP Q 59 129.50 -158.96 87.76
N ILE Q 60 130.01 -157.84 87.21
CA ILE Q 60 129.22 -157.00 86.29
C ILE Q 60 128.61 -157.69 85.06
N PRO Q 61 127.32 -157.43 84.73
CA PRO Q 61 126.70 -157.98 83.50
C PRO Q 61 127.28 -157.31 82.26
N VAL Q 62 127.22 -157.98 81.12
CA VAL Q 62 127.73 -157.46 79.86
C VAL Q 62 126.87 -158.15 78.80
N LYS Q 63 126.81 -157.56 77.62
CA LYS Q 63 125.96 -158.05 76.55
C LYS Q 63 126.84 -158.81 75.56
N LEU Q 64 126.45 -160.04 75.23
CA LEU Q 64 127.22 -160.88 74.33
C LEU Q 64 126.40 -161.10 73.08
N THR Q 65 127.06 -161.07 71.93
CA THR Q 65 126.41 -161.34 70.65
C THR Q 65 127.31 -162.24 69.83
N VAL Q 66 126.72 -162.93 68.86
CA VAL Q 66 127.47 -163.70 67.88
C VAL Q 66 126.89 -163.40 66.51
N GLU Q 67 127.75 -163.00 65.57
CA GLU Q 67 127.27 -162.59 64.26
C GLU Q 67 127.53 -163.69 63.24
N LEU Q 68 126.52 -164.02 62.43
CA LEU Q 68 126.61 -165.15 61.47
C LEU Q 68 127.12 -164.70 60.10
N GLY Q 69 126.90 -163.43 59.72
CA GLY Q 69 127.23 -162.95 58.37
C GLY Q 69 127.82 -161.57 58.36
N ARG Q 70 128.47 -161.20 57.25
CA ARG Q 70 129.08 -159.85 57.08
C ARG Q 70 129.14 -159.55 55.57
N THR Q 71 128.51 -158.47 55.12
CA THR Q 71 128.46 -158.11 53.70
C THR Q 71 128.61 -156.61 53.59
N ARG Q 72 129.26 -156.09 52.55
CA ARG Q 72 129.36 -154.67 52.25
C ARG Q 72 128.46 -154.35 51.06
N MET Q 73 127.64 -153.30 51.23
CA MET Q 73 126.66 -152.99 50.17
C MET Q 73 126.48 -151.47 49.98
N THR Q 74 126.03 -151.05 48.81
CA THR Q 74 125.73 -149.66 48.49
C THR Q 74 124.23 -149.54 48.73
N ILE Q 75 123.67 -148.36 48.46
CA ILE Q 75 122.22 -148.16 48.81
C ILE Q 75 121.37 -148.58 47.61
N LYS Q 76 121.92 -148.43 46.41
CA LYS Q 76 121.19 -148.95 45.25
C LYS Q 76 120.87 -150.38 45.66
N GLU Q 77 121.89 -151.12 46.11
CA GLU Q 77 121.68 -152.54 46.47
C GLU Q 77 120.71 -152.70 47.63
N LEU Q 78 120.85 -151.90 48.70
CA LEU Q 78 119.98 -152.09 49.89
C LEU Q 78 118.52 -151.80 49.54
N LEU Q 79 118.26 -150.73 48.80
CA LEU Q 79 116.90 -150.34 48.39
C LEU Q 79 116.34 -151.42 47.45
N ARG Q 80 117.18 -151.97 46.59
CA ARG Q 80 116.73 -152.98 45.60
C ARG Q 80 116.18 -154.19 46.36
N LEU Q 81 116.82 -154.60 47.45
CA LEU Q 81 116.28 -155.70 48.28
C LEU Q 81 114.76 -155.48 48.45
N THR Q 82 113.92 -156.50 48.28
CA THR Q 82 112.47 -156.38 48.55
C THR Q 82 112.08 -157.44 49.55
N GLN Q 83 110.79 -157.80 49.62
CA GLN Q 83 110.41 -158.89 50.50
C GLN Q 83 110.76 -160.22 49.85
N GLY Q 84 111.40 -161.10 50.62
CA GLY Q 84 111.83 -162.38 50.11
C GLY Q 84 113.15 -162.37 49.37
N SER Q 85 113.80 -161.22 49.23
CA SER Q 85 115.08 -161.17 48.56
C SER Q 85 116.15 -161.85 49.40
N VAL Q 86 117.01 -162.61 48.73
CA VAL Q 86 118.09 -163.34 49.40
C VAL Q 86 119.37 -162.53 49.27
N VAL Q 87 120.02 -162.27 50.40
CA VAL Q 87 121.26 -161.51 50.43
C VAL Q 87 122.39 -162.46 50.73
N ALA Q 88 123.34 -162.57 49.81
CA ALA Q 88 124.50 -163.42 50.02
C ALA Q 88 125.47 -162.87 51.06
N LEU Q 89 126.12 -163.77 51.78
CA LEU Q 89 127.10 -163.42 52.79
C LEU Q 89 128.56 -163.72 52.48
N ASP Q 90 129.42 -162.71 52.68
CA ASP Q 90 130.84 -162.90 52.39
C ASP Q 90 131.42 -164.17 53.10
N GLY Q 91 130.97 -164.37 54.33
CA GLY Q 91 131.28 -165.58 55.06
C GLY Q 91 130.92 -166.94 54.49
N LEU Q 92 131.91 -167.80 54.29
CA LEU Q 92 131.65 -169.13 53.78
C LEU Q 92 130.99 -169.98 54.85
N ALA Q 93 130.34 -171.07 54.41
CA ALA Q 93 129.71 -171.96 55.37
C ALA Q 93 130.76 -172.71 56.18
N GLY Q 94 130.52 -172.80 57.49
CA GLY Q 94 131.40 -173.52 58.39
C GLY Q 94 132.54 -172.72 58.97
N GLU Q 95 132.77 -171.50 58.50
CA GLU Q 95 133.82 -170.68 59.06
C GLU Q 95 133.44 -170.23 60.48
N PRO Q 96 134.38 -169.99 61.42
CA PRO Q 96 134.00 -169.63 62.81
C PRO Q 96 133.26 -168.29 62.86
N LEU Q 97 132.06 -168.25 63.46
CA LEU Q 97 131.25 -167.01 63.62
C LEU Q 97 132.00 -166.04 64.54
N ASP Q 98 131.99 -164.74 64.27
CA ASP Q 98 132.61 -163.80 65.25
C ASP Q 98 131.76 -163.76 66.51
N ILE Q 99 132.35 -163.66 67.70
CA ILE Q 99 131.65 -163.46 68.96
C ILE Q 99 132.09 -162.11 69.52
N LEU Q 100 131.13 -161.24 69.78
CA LEU Q 100 131.38 -159.86 70.16
C LEU Q 100 130.84 -159.61 71.56
N ILE Q 101 131.53 -158.74 72.29
CA ILE Q 101 131.11 -158.30 73.62
C ILE Q 101 130.95 -156.79 73.55
N ASN Q 102 129.70 -156.33 73.64
CA ASN Q 102 129.39 -154.91 73.48
C ASN Q 102 129.94 -154.38 72.16
N GLY Q 103 129.88 -155.21 71.13
CA GLY Q 103 130.40 -154.85 69.83
C GLY Q 103 131.90 -155.01 69.66
N TYR Q 104 132.58 -155.65 70.61
CA TYR Q 104 134.02 -155.83 70.56
C TYR Q 104 134.33 -157.31 70.34
N LEU Q 105 135.05 -157.61 69.27
CA LEU Q 105 135.36 -159.00 68.94
C LEU Q 105 136.41 -159.55 69.89
N ILE Q 106 136.14 -160.73 70.44
CA ILE Q 106 137.11 -161.35 71.35
C ILE Q 106 137.40 -162.79 70.93
N ALA Q 107 136.49 -163.42 70.19
CA ALA Q 107 136.62 -164.85 69.96
C ALA Q 107 135.91 -165.26 68.68
N GLN Q 108 136.24 -166.46 68.21
CA GLN Q 108 135.63 -167.06 67.04
C GLN Q 108 135.17 -168.47 67.39
N GLY Q 109 133.99 -168.83 66.89
CA GLY Q 109 133.46 -170.15 67.12
C GLY Q 109 132.32 -170.61 66.25
N GLU Q 110 132.18 -171.92 66.12
CA GLU Q 110 131.12 -172.49 65.29
C GLU Q 110 129.72 -172.50 65.85
N VAL Q 111 128.74 -172.67 64.99
CA VAL Q 111 127.33 -172.52 65.35
C VAL Q 111 126.93 -173.94 65.73
N VAL Q 112 126.18 -174.06 66.82
CA VAL Q 112 125.63 -175.34 67.27
C VAL Q 112 124.36 -175.05 68.05
N VAL Q 113 123.37 -175.93 67.94
CA VAL Q 113 122.08 -175.75 68.59
C VAL Q 113 121.96 -176.79 69.69
N VAL Q 114 121.60 -176.32 70.90
CA VAL Q 114 121.49 -177.22 72.08
C VAL Q 114 120.09 -177.07 72.70
N ALA Q 115 119.36 -178.18 72.85
CA ALA Q 115 118.03 -178.15 73.53
C ALA Q 115 117.09 -177.18 72.82
N ASP Q 116 117.15 -177.12 71.47
CA ASP Q 116 116.23 -176.27 70.66
C ASP Q 116 116.48 -174.78 70.89
N LYS Q 117 117.66 -174.41 71.40
CA LYS Q 117 118.01 -172.97 71.61
C LYS Q 117 119.34 -172.73 70.89
N TYR Q 118 119.45 -171.62 70.18
CA TYR Q 118 120.73 -171.29 69.49
C TYR Q 118 121.93 -171.28 70.43
N GLY Q 119 123.11 -171.62 69.90
CA GLY Q 119 124.32 -171.60 70.71
C GLY Q 119 125.53 -171.51 69.83
N VAL Q 120 126.70 -171.45 70.48
CA VAL Q 120 127.96 -171.34 69.78
C VAL Q 120 129.05 -171.97 70.64
N ARG Q 121 129.93 -172.74 70.01
CA ARG Q 121 131.08 -173.33 70.67
C ARG Q 121 132.32 -172.49 70.43
N ILE Q 122 132.96 -172.06 71.52
CA ILE Q 122 134.12 -171.18 71.41
C ILE Q 122 135.31 -171.98 70.85
N THR Q 123 135.55 -171.85 69.55
CA THR Q 123 136.69 -172.54 68.94
C THR Q 123 138.00 -171.94 69.42
N ASP Q 124 138.11 -170.61 69.40
CA ASP Q 124 139.35 -169.99 69.85
C ASP Q 124 139.08 -168.55 70.25
N ILE Q 125 140.02 -167.97 70.98
CA ILE Q 125 140.02 -166.56 71.31
C ILE Q 125 141.09 -165.87 70.47
N ILE Q 126 140.70 -164.85 69.73
CA ILE Q 126 141.63 -164.19 68.83
C ILE Q 126 142.58 -163.30 69.62
N THR Q 127 143.87 -163.51 69.41
CA THR Q 127 144.94 -162.65 69.88
C THR Q 127 145.02 -161.40 69.00
N PRO Q 128 145.42 -160.25 69.55
CA PRO Q 128 145.33 -159.01 68.76
C PRO Q 128 146.19 -159.02 67.51
N SER Q 129 146.90 -160.12 67.22
CA SER Q 129 147.65 -160.20 65.98
C SER Q 129 146.66 -160.19 64.81
N GLU Q 130 145.51 -160.86 64.98
CA GLU Q 130 144.52 -160.96 63.86
C GLU Q 130 143.70 -159.67 63.71
N ARG Q 131 143.72 -158.78 64.70
CA ARG Q 131 142.94 -157.56 64.68
C ARG Q 131 143.44 -156.64 63.57
N MET Q 132 144.76 -156.57 63.40
CA MET Q 132 145.29 -155.78 62.26
C MET Q 132 144.64 -156.31 60.98
N ARG Q 133 144.62 -157.63 60.81
CA ARG Q 133 144.02 -158.27 59.61
C ARG Q 133 142.49 -158.12 59.53
N ARG Q 134 141.85 -157.88 60.68
CA ARG Q 134 140.37 -157.69 60.71
C ARG Q 134 140.03 -156.39 59.97
N LEU Q 135 141.06 -155.57 59.69
CA LEU Q 135 140.84 -154.28 58.98
C LEU Q 135 141.90 -154.12 57.87
N ALA R 37 146.34 -119.76 64.75
CA ALA R 37 145.20 -118.93 64.41
C ALA R 37 144.87 -119.03 62.92
N VAL R 38 145.37 -120.08 62.29
CA VAL R 38 145.13 -120.30 60.87
C VAL R 38 143.66 -120.61 60.59
N PHE R 39 143.07 -121.49 61.40
CA PHE R 39 141.68 -121.87 61.20
C PHE R 39 140.77 -120.69 61.51
N GLN R 40 139.73 -120.51 60.70
CA GLN R 40 138.79 -119.41 60.87
C GLN R 40 137.61 -119.93 61.67
N GLN R 41 137.17 -119.13 62.64
CA GLN R 41 136.14 -119.57 63.57
C GLN R 41 134.74 -119.50 62.99
N LEU R 42 134.15 -120.65 62.72
CA LEU R 42 132.80 -120.76 62.18
C LEU R 42 131.73 -120.86 63.25
N GLY R 43 130.65 -120.12 63.07
CA GLY R 43 129.56 -120.14 64.03
C GLY R 43 128.29 -119.61 63.41
N GLY R 44 127.18 -119.92 64.06
CA GLY R 44 125.88 -119.49 63.57
C GLY R 44 125.52 -120.09 62.21
N GLY R 45 125.84 -121.37 62.01
CA GLY R 45 125.57 -122.01 60.74
C GLY R 45 124.32 -122.86 60.76
N ASP R 46 123.50 -122.71 61.81
CA ASP R 46 122.24 -123.45 61.92
C ASP R 46 121.16 -122.74 61.11
N VAL R 47 121.31 -122.83 59.78
CA VAL R 47 120.38 -122.15 58.89
C VAL R 47 119.01 -122.82 58.94
N SER R 48 118.95 -124.09 58.55
CA SER R 48 117.70 -124.85 58.54
C SER R 48 118.07 -126.31 58.32
N GLY R 49 117.05 -127.16 58.37
CA GLY R 49 117.23 -128.58 58.12
C GLY R 49 116.03 -129.20 57.43
N ALA R 50 116.26 -129.85 56.30
CA ALA R 50 115.19 -130.49 55.56
C ALA R 50 115.78 -131.64 54.75
N MET R 51 115.17 -132.82 54.86
CA MET R 51 115.61 -133.96 54.06
C MET R 51 115.49 -133.63 52.58
N GLN R 52 116.53 -133.97 51.82
CA GLN R 52 116.55 -133.61 50.41
C GLN R 52 115.97 -134.80 49.65
N ASP R 53 116.70 -135.92 49.65
CA ASP R 53 116.32 -137.13 48.94
C ASP R 53 117.37 -138.17 49.28
N ILE R 54 117.06 -139.43 49.00
CA ILE R 54 117.92 -140.53 49.41
C ILE R 54 118.91 -140.98 48.33
N ASP R 55 118.94 -140.25 47.21
CA ASP R 55 119.87 -140.54 46.13
C ASP R 55 121.10 -139.65 46.12
N LEU R 56 121.10 -138.59 46.91
CA LEU R 56 122.31 -137.74 47.01
C LEU R 56 123.37 -138.59 47.72
N ILE R 57 122.92 -139.41 48.69
CA ILE R 57 123.83 -140.25 49.52
C ILE R 57 123.86 -141.70 49.03
N MET R 58 123.27 -142.02 47.88
CA MET R 58 123.12 -143.44 47.48
C MET R 58 124.33 -144.37 47.41
N ASP R 59 125.30 -144.05 46.56
CA ASP R 59 126.46 -144.95 46.36
C ASP R 59 127.43 -144.77 47.54
N ILE R 60 126.91 -144.89 48.76
CA ILE R 60 127.79 -144.82 49.96
C ILE R 60 127.79 -146.23 50.55
N PRO R 61 128.97 -146.86 50.81
CA PRO R 61 129.02 -148.27 51.28
C PRO R 61 128.35 -148.38 52.64
N VAL R 62 127.58 -149.46 52.83
CA VAL R 62 126.92 -149.71 54.14
C VAL R 62 127.56 -150.97 54.72
N LYS R 63 127.59 -151.09 56.04
CA LYS R 63 128.17 -152.29 56.64
C LYS R 63 127.02 -153.18 57.10
N LEU R 64 126.64 -154.13 56.24
CA LEU R 64 125.55 -155.03 56.56
C LEU R 64 126.06 -156.23 57.33
N THR R 65 125.32 -156.61 58.37
CA THR R 65 125.72 -157.71 59.26
C THR R 65 124.47 -158.41 59.75
N VAL R 66 124.44 -159.74 59.58
CA VAL R 66 123.37 -160.56 60.12
C VAL R 66 123.79 -161.15 61.46
N GLU R 67 122.89 -161.12 62.43
CA GLU R 67 123.19 -161.58 63.78
C GLU R 67 122.53 -162.90 64.15
N LEU R 68 123.34 -163.84 64.66
CA LEU R 68 122.84 -165.17 64.92
C LEU R 68 121.98 -165.14 66.18
N GLY R 69 122.47 -164.51 67.24
CA GLY R 69 121.73 -164.50 68.48
C GLY R 69 122.30 -163.54 69.50
N ARG R 70 121.61 -163.47 70.64
CA ARG R 70 121.97 -162.60 71.73
C ARG R 70 121.92 -163.44 73.00
N THR R 71 122.50 -162.91 74.07
CA THR R 71 122.44 -163.49 75.38
C THR R 71 123.00 -162.49 76.36
N ARG R 72 122.26 -162.19 77.41
CA ARG R 72 122.76 -161.34 78.48
C ARG R 72 123.48 -162.24 79.48
N MET R 73 124.76 -161.97 79.70
CA MET R 73 125.58 -162.81 80.56
C MET R 73 126.61 -161.93 81.24
N THR R 74 126.92 -162.26 82.48
CA THR R 74 127.87 -161.48 83.26
C THR R 74 129.28 -162.05 83.12
N ILE R 75 130.23 -161.32 83.69
CA ILE R 75 131.63 -161.75 83.67
C ILE R 75 131.83 -163.04 84.46
N LYS R 76 130.92 -163.34 85.38
CA LYS R 76 130.96 -164.58 86.15
C LYS R 76 131.22 -165.78 85.26
N GLU R 77 130.28 -166.08 84.37
CA GLU R 77 130.48 -167.19 83.45
C GLU R 77 131.48 -166.85 82.36
N LEU R 78 131.65 -165.57 82.04
CA LEU R 78 132.61 -165.19 81.01
C LEU R 78 134.02 -165.75 81.04
N LEU R 79 134.69 -165.69 82.19
CA LEU R 79 136.03 -166.30 82.27
C LEU R 79 135.94 -167.83 82.50
N ARG R 80 134.80 -168.26 83.03
CA ARG R 80 134.60 -169.72 83.21
C ARG R 80 134.71 -170.38 81.83
N LEU R 81 134.40 -169.63 80.76
CA LEU R 81 134.51 -170.15 79.41
C LEU R 81 135.86 -170.63 78.91
N THR R 82 135.91 -171.88 78.46
CA THR R 82 137.11 -172.49 77.89
C THR R 82 136.84 -172.89 76.45
N GLN R 83 137.88 -173.40 75.79
CA GLN R 83 137.73 -173.87 74.43
C GLN R 83 136.84 -175.10 74.40
N GLY R 84 135.92 -175.13 73.43
CA GLY R 84 134.98 -176.22 73.33
C GLY R 84 133.73 -176.06 74.16
N SER R 85 133.64 -175.02 74.98
CA SER R 85 132.44 -174.77 75.75
C SER R 85 131.32 -174.28 74.83
N VAL R 86 130.09 -174.40 75.30
CA VAL R 86 128.91 -174.03 74.53
C VAL R 86 128.14 -172.97 75.31
N VAL R 87 127.82 -171.86 74.64
CA VAL R 87 127.07 -170.76 75.24
C VAL R 87 125.69 -170.73 74.61
N ALA R 88 124.65 -170.92 75.43
CA ALA R 88 123.29 -170.86 74.94
C ALA R 88 122.91 -169.41 74.67
N LEU R 89 122.19 -169.19 73.57
CA LEU R 89 121.74 -167.88 73.17
C LEU R 89 120.27 -167.72 73.49
N ASP R 90 119.88 -166.48 73.80
CA ASP R 90 118.48 -166.21 74.13
C ASP R 90 117.53 -166.52 72.97
N GLY R 91 117.97 -166.27 71.74
CA GLY R 91 117.15 -166.55 70.58
C GLY R 91 116.82 -168.02 70.41
N LEU R 92 115.54 -168.32 70.27
CA LEU R 92 115.11 -169.69 70.02
C LEU R 92 115.56 -170.14 68.64
N ALA R 93 115.90 -171.42 68.53
CA ALA R 93 116.40 -171.96 67.27
C ALA R 93 115.31 -171.90 66.21
N GLY R 94 115.70 -171.50 65.00
CA GLY R 94 114.76 -171.39 63.90
C GLY R 94 114.02 -170.07 63.80
N GLU R 95 114.19 -169.19 64.78
CA GLU R 95 113.56 -167.88 64.71
C GLU R 95 114.23 -167.02 63.65
N PRO R 96 113.53 -166.02 63.13
CA PRO R 96 114.16 -165.10 62.17
C PRO R 96 115.34 -164.38 62.80
N LEU R 97 116.40 -164.25 62.02
CA LEU R 97 117.63 -163.59 62.46
C LEU R 97 117.52 -162.09 62.21
N ASP R 98 118.41 -161.35 62.86
CA ASP R 98 118.40 -159.90 62.81
C ASP R 98 119.40 -159.38 61.79
N ILE R 99 119.02 -158.34 61.07
CA ILE R 99 119.87 -157.72 60.06
C ILE R 99 120.13 -156.28 60.48
N LEU R 100 121.40 -155.89 60.51
CA LEU R 100 121.79 -154.54 60.90
C LEU R 100 122.63 -153.93 59.80
N ILE R 101 122.51 -152.62 59.63
CA ILE R 101 123.39 -151.85 58.76
C ILE R 101 124.10 -150.83 59.62
N ASN R 102 125.44 -150.91 59.65
CA ASN R 102 126.25 -150.07 60.52
C ASN R 102 125.83 -150.23 61.97
N GLY R 103 125.43 -151.44 62.35
CA GLY R 103 125.06 -151.73 63.71
C GLY R 103 123.69 -151.29 64.13
N TYR R 104 122.84 -150.88 63.19
CA TYR R 104 121.48 -150.44 63.50
C TYR R 104 120.51 -151.46 62.94
N LEU R 105 119.63 -151.98 63.80
CA LEU R 105 118.69 -153.01 63.37
C LEU R 105 117.66 -152.41 62.44
N ILE R 106 117.46 -153.03 61.27
CA ILE R 106 116.51 -152.55 60.29
C ILE R 106 115.47 -153.62 59.97
N ALA R 107 115.87 -154.87 59.83
CA ALA R 107 114.96 -155.89 59.33
C ALA R 107 115.24 -157.23 59.99
N GLN R 108 114.27 -158.13 59.86
CA GLN R 108 114.38 -159.50 60.30
C GLN R 108 114.26 -160.40 59.08
N GLY R 109 115.21 -161.34 58.97
CA GLY R 109 115.27 -162.22 57.81
C GLY R 109 115.35 -163.65 58.29
N GLU R 110 115.57 -164.55 57.33
CA GLU R 110 115.68 -165.97 57.58
C GLU R 110 116.90 -166.50 56.84
N VAL R 111 117.66 -167.37 57.50
CA VAL R 111 118.92 -167.86 56.95
C VAL R 111 118.67 -169.00 55.98
N VAL R 112 119.33 -168.95 54.82
CA VAL R 112 119.23 -169.97 53.79
C VAL R 112 120.63 -170.28 53.27
N VAL R 113 120.78 -171.44 52.67
CA VAL R 113 122.05 -171.89 52.10
C VAL R 113 121.88 -171.99 50.59
N VAL R 114 122.67 -171.20 49.87
CA VAL R 114 122.60 -171.21 48.38
C VAL R 114 124.00 -171.48 47.79
N ALA R 115 124.16 -172.60 47.08
CA ALA R 115 125.47 -172.96 46.48
C ALA R 115 126.59 -173.04 47.51
N ASP R 116 126.29 -173.55 48.72
CA ASP R 116 127.33 -173.75 49.77
C ASP R 116 127.78 -172.40 50.33
N LYS R 117 127.00 -171.34 50.10
CA LYS R 117 127.34 -170.00 50.64
C LYS R 117 126.19 -169.53 51.53
N TYR R 118 126.51 -168.94 52.69
CA TYR R 118 125.44 -168.55 53.59
C TYR R 118 124.73 -167.31 53.07
N GLY R 119 123.41 -167.31 53.22
CA GLY R 119 122.60 -166.20 52.75
C GLY R 119 121.38 -166.01 53.62
N VAL R 120 121.04 -164.76 53.87
CA VAL R 120 119.84 -164.41 54.60
C VAL R 120 118.77 -163.97 53.60
N ARG R 121 117.52 -164.28 53.92
CA ARG R 121 116.38 -163.90 53.11
C ARG R 121 115.55 -162.90 53.89
N ILE R 122 115.52 -161.65 53.42
CA ILE R 122 114.81 -160.60 54.14
C ILE R 122 113.33 -160.94 54.17
N THR R 123 112.75 -160.93 55.38
CA THR R 123 111.34 -161.22 55.56
C THR R 123 110.51 -159.99 55.91
N ASP R 124 110.92 -159.19 56.89
CA ASP R 124 110.10 -158.05 57.24
C ASP R 124 110.93 -156.99 57.95
N ILE R 125 110.72 -155.73 57.55
CA ILE R 125 111.33 -154.61 58.27
C ILE R 125 110.68 -154.50 59.65
N ILE R 126 111.51 -154.40 60.69
CA ILE R 126 110.97 -154.37 62.04
C ILE R 126 110.15 -153.11 62.26
N THR R 127 109.26 -153.18 63.22
CA THR R 127 108.36 -152.13 63.65
C THR R 127 108.91 -151.41 64.86
N PRO R 128 108.52 -150.15 65.07
CA PRO R 128 108.99 -149.45 66.28
C PRO R 128 108.63 -150.15 67.56
N SER R 129 107.46 -150.78 67.61
CA SER R 129 107.10 -151.57 68.79
C SER R 129 108.01 -152.74 69.13
N GLU R 130 108.40 -153.51 68.11
CA GLU R 130 109.34 -154.61 68.35
C GLU R 130 110.77 -154.09 68.62
N ARG R 131 111.08 -152.92 68.05
CA ARG R 131 112.35 -152.27 68.34
C ARG R 131 112.46 -152.02 69.84
N MET R 132 111.44 -151.40 70.43
CA MET R 132 111.43 -151.19 71.87
C MET R 132 111.29 -152.46 72.72
N ARG R 133 110.62 -153.47 72.16
CA ARG R 133 110.52 -154.77 72.80
C ARG R 133 111.95 -155.28 72.88
N ARG R 134 112.70 -155.15 71.78
CA ARG R 134 114.11 -155.54 71.80
C ARG R 134 114.89 -154.75 72.83
N LEU R 135 114.61 -153.45 72.96
CA LEU R 135 115.36 -152.61 73.88
C LEU R 135 115.17 -153.07 75.32
N SER R 136 113.94 -153.39 75.70
CA SER R 136 113.65 -153.83 77.07
C SER R 136 113.98 -155.31 77.25
N LYS S 514 33.04 -162.32 -6.77
CA LYS S 514 34.46 -161.97 -6.77
C LYS S 514 35.33 -163.21 -6.79
N ASP S 515 34.85 -164.27 -6.13
CA ASP S 515 35.61 -165.52 -6.09
C ASP S 515 35.71 -166.14 -7.48
N GLU S 516 34.62 -166.11 -8.25
CA GLU S 516 34.65 -166.67 -9.60
C GLU S 516 35.59 -165.88 -10.51
N GLN S 517 35.58 -164.56 -10.41
CA GLN S 517 36.49 -163.75 -11.21
C GLN S 517 37.94 -164.02 -10.83
N LEU S 518 38.22 -164.15 -9.54
CA LEU S 518 39.58 -164.48 -9.10
C LEU S 518 40.00 -165.84 -9.61
N GLN S 519 39.09 -166.83 -9.58
CA GLN S 519 39.42 -168.16 -10.10
C GLN S 519 39.69 -168.12 -11.59
N GLN S 520 38.89 -167.35 -12.35
CA GLN S 520 39.13 -167.24 -13.78
C GLN S 520 40.46 -166.56 -14.08
N ARG S 521 40.79 -165.50 -13.33
CA ARG S 521 42.08 -164.85 -13.50
C ARG S 521 43.22 -165.79 -13.17
N ARG S 522 43.07 -166.58 -12.10
CA ARG S 522 44.11 -167.55 -11.75
C ARG S 522 44.27 -168.62 -12.83
N ALA S 523 43.16 -169.07 -13.42
CA ALA S 523 43.24 -170.06 -14.49
C ALA S 523 43.94 -169.48 -15.72
N ASN S 524 43.61 -168.23 -16.08
CA ASN S 524 44.29 -167.60 -17.20
C ASN S 524 45.78 -167.43 -16.93
N GLN S 525 46.12 -167.03 -15.69
CA GLN S 525 47.52 -166.88 -15.32
C GLN S 525 48.25 -168.22 -15.36
N ARG S 526 47.60 -169.29 -14.92
CA ARG S 526 48.20 -170.62 -14.89
C ARG S 526 48.23 -171.28 -16.26
N LEU S 527 47.44 -170.76 -17.22
CA LEU S 527 47.39 -171.31 -18.59
C LEU S 527 48.44 -170.56 -19.43
N GLY S 528 48.40 -169.23 -19.41
CA GLY S 528 49.36 -168.41 -20.17
C GLY S 528 50.78 -168.56 -19.66
N ALA S 529 50.96 -168.81 -18.35
CA ALA S 529 52.30 -169.02 -17.76
C ALA S 529 52.78 -170.40 -18.21
N GLU S 530 51.87 -171.38 -18.24
CA GLU S 530 52.22 -172.75 -18.69
C GLU S 530 52.64 -172.68 -20.16
N VAL S 531 51.91 -171.79 -20.92
CA VAL S 531 52.27 -171.49 -22.34
C VAL S 531 53.58 -170.70 -22.34
N MET S 532 53.72 -169.75 -21.41
CA MET S 532 54.93 -168.91 -21.31
C MET S 532 56.15 -169.79 -20.99
N SER S 533 55.97 -170.77 -20.09
CA SER S 533 57.07 -171.69 -19.72
C SER S 533 57.48 -172.49 -20.97
N GLN S 534 56.51 -172.95 -21.75
CA GLN S 534 56.78 -173.68 -23.01
C GLN S 534 57.50 -172.73 -23.98
N ARG S 535 57.06 -171.46 -24.03
CA ARG S 535 57.63 -170.44 -24.94
C ARG S 535 59.10 -170.18 -24.57
N ILE S 536 59.42 -170.12 -23.28
CA ILE S 536 60.80 -169.77 -22.81
C ILE S 536 61.74 -170.95 -23.10
N ARG S 537 61.21 -172.18 -23.20
CA ARG S 537 62.01 -173.36 -23.49
C ARG S 537 62.42 -173.42 -24.95
N GLU S 538 61.48 -173.12 -25.85
CA GLU S 538 61.81 -173.07 -27.27
C GLU S 538 62.86 -172.00 -27.56
N MET S 539 62.71 -170.82 -26.96
CA MET S 539 63.66 -169.74 -27.19
C MET S 539 65.05 -170.08 -26.65
N SER S 540 65.12 -170.69 -25.46
CA SER S 540 66.40 -171.06 -24.88
C SER S 540 67.07 -172.18 -25.65
N ASP S 541 66.29 -173.13 -26.16
CA ASP S 541 66.84 -174.15 -27.04
C ASP S 541 67.35 -173.53 -28.35
N ASN S 542 66.69 -172.49 -28.85
CA ASN S 542 67.19 -171.79 -30.02
C ASN S 542 68.52 -171.09 -29.73
N ASP S 543 68.62 -170.43 -28.58
CA ASP S 543 69.81 -169.69 -28.18
C ASP S 543 70.01 -169.81 -26.68
N PRO S 544 70.90 -170.70 -26.23
CA PRO S 544 71.13 -170.84 -24.79
C PRO S 544 72.00 -169.76 -24.20
N ARG S 545 73.01 -169.29 -24.94
CA ARG S 545 73.92 -168.27 -24.40
C ARG S 545 73.28 -166.90 -24.36
N VAL S 546 72.30 -166.64 -25.22
CA VAL S 546 71.64 -165.33 -25.23
C VAL S 546 70.87 -165.11 -23.94
N VAL S 547 70.22 -166.15 -23.42
CA VAL S 547 69.50 -166.04 -22.16
C VAL S 547 70.46 -165.73 -21.01
N ALA S 548 71.60 -166.42 -20.97
CA ALA S 548 72.58 -166.17 -19.91
C ALA S 548 73.13 -164.76 -20.01
N LEU S 549 73.39 -164.29 -21.24
CA LEU S 549 73.88 -162.93 -21.42
C LEU S 549 72.85 -161.90 -20.97
N VAL S 550 71.57 -162.14 -21.28
CA VAL S 550 70.52 -161.23 -20.85
C VAL S 550 70.40 -161.22 -19.34
N ILE S 551 70.52 -162.40 -18.72
CA ILE S 551 70.47 -162.48 -17.25
C ILE S 551 71.62 -161.71 -16.64
N ARG S 552 72.82 -161.86 -17.19
CA ARG S 552 73.98 -161.13 -16.69
C ARG S 552 73.80 -159.63 -16.86
N GLN S 553 73.25 -159.21 -17.99
CA GLN S 553 72.97 -157.79 -18.21
C GLN S 553 71.95 -157.26 -17.22
N TRP S 554 70.94 -158.07 -16.88
CA TRP S 554 69.96 -157.67 -15.89
C TRP S 554 70.60 -157.47 -14.53
N MET S 555 71.49 -158.38 -14.14
CA MET S 555 72.21 -158.23 -12.88
C MET S 555 73.11 -157.00 -12.88
N SER S 556 73.79 -156.74 -14.01
CA SER S 556 74.65 -155.56 -14.10
C SER S 556 73.82 -154.28 -13.98
N ASN S 557 72.67 -154.24 -14.63
CA ASN S 557 71.80 -153.07 -14.54
C ASN S 557 71.18 -152.94 -13.15
N ASP S 558 71.04 -154.05 -12.44
CA ASP S 558 70.47 -154.00 -11.10
C ASP S 558 71.36 -153.23 -10.14
N HIS S 559 72.65 -153.17 -10.41
CA HIS S 559 73.59 -152.44 -9.56
C HIS S 559 73.37 -150.93 -9.66
N GLY T 6 66.13 -157.66 -10.57
CA GLY T 6 66.12 -158.48 -11.76
C GLY T 6 66.74 -159.84 -11.55
N THR T 7 67.70 -159.92 -10.63
CA THR T 7 68.35 -161.19 -10.31
C THR T 7 67.37 -162.20 -9.73
N ASP T 8 66.48 -161.74 -8.84
CA ASP T 8 65.47 -162.62 -8.26
C ASP T 8 64.52 -163.13 -9.34
N LYS T 9 64.12 -162.25 -10.26
CA LYS T 9 63.27 -162.67 -11.37
C LYS T 9 63.99 -163.68 -12.25
N SER T 10 65.28 -163.46 -12.51
CA SER T 10 66.05 -164.41 -13.31
C SER T 10 66.15 -165.76 -12.61
N VAL T 11 66.36 -165.75 -11.29
CA VAL T 11 66.42 -167.00 -10.54
C VAL T 11 65.08 -167.72 -10.59
N ILE T 12 63.98 -166.99 -10.44
CA ILE T 12 62.65 -167.61 -10.51
C ILE T 12 62.42 -168.21 -11.89
N LEU T 13 62.79 -167.48 -12.95
CA LEU T 13 62.62 -167.99 -14.30
C LEU T 13 63.45 -169.25 -14.53
N LEU T 14 64.69 -169.26 -14.03
CA LEU T 14 65.56 -170.43 -14.15
C LEU T 14 64.98 -171.63 -13.41
N MET T 15 64.45 -171.39 -12.21
CA MET T 15 63.82 -172.46 -11.46
C MET T 15 62.59 -173.01 -12.19
N THR T 16 61.79 -172.12 -12.76
CA THR T 16 60.59 -172.55 -13.48
C THR T 16 60.89 -173.15 -14.85
N ILE T 17 62.11 -172.96 -15.36
CA ILE T 17 62.46 -173.48 -16.68
C ILE T 17 62.68 -174.98 -16.62
N GLY T 18 63.56 -175.42 -15.73
CA GLY T 18 63.87 -176.83 -15.62
C GLY T 18 65.32 -177.09 -15.29
N GLU T 19 65.64 -178.31 -14.88
CA GLU T 19 67.01 -178.62 -14.46
C GLU T 19 67.98 -178.57 -15.64
N ASP T 20 67.58 -179.14 -16.78
CA ASP T 20 68.49 -179.20 -17.93
C ASP T 20 68.77 -177.83 -18.51
N ARG T 21 67.72 -177.03 -18.70
CA ARG T 21 67.89 -175.69 -19.25
C ARG T 21 68.71 -174.81 -18.31
N ALA T 22 68.43 -174.89 -17.00
CA ALA T 22 69.20 -174.11 -16.04
C ALA T 22 70.66 -174.55 -16.01
N ALA T 23 70.91 -175.86 -16.10
CA ALA T 23 72.28 -176.35 -16.13
C ALA T 23 73.02 -175.85 -17.36
N GLU T 24 72.36 -175.88 -18.52
CA GLU T 24 72.98 -175.36 -19.74
C GLU T 24 73.26 -173.87 -19.63
N VAL T 25 72.32 -173.10 -19.07
CA VAL T 25 72.53 -171.67 -18.89
C VAL T 25 73.70 -171.41 -17.95
N PHE T 26 73.79 -172.16 -16.86
CA PHE T 26 74.91 -172.00 -15.93
C PHE T 26 76.23 -172.35 -16.60
N LYS T 27 76.25 -173.41 -17.41
CA LYS T 27 77.44 -173.73 -18.18
C LYS T 27 77.78 -172.64 -19.17
N HIS T 28 76.79 -171.87 -19.63
CA HIS T 28 77.02 -170.71 -20.49
C HIS T 28 77.04 -169.41 -19.70
N LEU T 29 77.32 -169.48 -18.39
CA LEU T 29 77.31 -168.32 -17.52
C LEU T 29 78.63 -168.23 -16.76
N SER T 30 78.95 -167.02 -16.29
CA SER T 30 80.17 -166.78 -15.55
C SER T 30 80.08 -167.37 -14.14
N THR T 31 81.25 -167.50 -13.51
CA THR T 31 81.32 -168.13 -12.19
C THR T 31 80.54 -167.36 -11.14
N ARG T 32 80.75 -166.05 -11.07
CA ARG T 32 80.04 -165.22 -10.09
C ARG T 32 78.54 -165.24 -10.35
N GLU T 33 78.15 -165.11 -11.61
CA GLU T 33 76.73 -165.14 -11.96
C GLU T 33 76.12 -166.49 -11.63
N VAL T 34 76.83 -167.58 -11.93
CA VAL T 34 76.31 -168.92 -11.65
C VAL T 34 76.14 -169.11 -10.15
N GLN T 35 77.13 -168.67 -9.37
CA GLN T 35 77.06 -168.81 -7.92
C GLN T 35 75.90 -168.01 -7.36
N ALA T 36 75.73 -166.76 -7.83
CA ALA T 36 74.64 -165.94 -7.35
C ALA T 36 73.28 -166.54 -7.70
N LEU T 37 73.14 -167.05 -8.93
CA LEU T 37 71.89 -167.67 -9.34
C LEU T 37 71.58 -168.93 -8.52
N SER T 38 72.60 -169.75 -8.26
CA SER T 38 72.40 -170.96 -7.47
C SER T 38 72.00 -170.61 -6.04
N THR T 39 72.64 -169.58 -5.47
CA THR T 39 72.35 -169.21 -4.08
C THR T 39 70.96 -168.60 -3.96
N ALA T 40 70.63 -167.64 -4.83
CA ALA T 40 69.38 -166.91 -4.69
C ALA T 40 68.16 -167.79 -4.92
N MET T 41 68.24 -168.69 -5.92
CA MET T 41 67.09 -169.52 -6.26
C MET T 41 66.68 -170.41 -5.09
N ALA T 42 67.65 -171.08 -4.47
CA ALA T 42 67.34 -171.94 -3.34
C ALA T 42 67.15 -171.15 -2.05
N ASN T 43 67.74 -169.96 -1.99
CA ASN T 43 67.65 -169.13 -0.76
C ASN T 43 66.27 -168.55 -0.46
N VAL T 44 65.82 -167.59 -1.26
CA VAL T 44 64.45 -167.02 -1.08
C VAL T 44 63.94 -166.92 -2.52
N ARG T 45 62.78 -167.50 -2.80
CA ARG T 45 62.18 -167.42 -4.16
C ARG T 45 60.86 -166.65 -4.06
N GLN T 46 60.68 -165.63 -4.91
CA GLN T 46 59.44 -164.83 -4.88
C GLN T 46 58.71 -164.97 -6.21
N ILE T 47 57.40 -165.25 -6.17
CA ILE T 47 56.59 -165.36 -7.43
C ILE T 47 55.51 -164.27 -7.39
N SER T 48 55.40 -163.47 -8.46
CA SER T 48 54.39 -162.37 -8.50
C SER T 48 53.39 -162.63 -9.62
N ASN T 49 52.09 -162.55 -9.31
CA ASN T 49 51.04 -162.82 -10.32
C ASN T 49 51.17 -161.81 -11.46
N LYS T 50 51.53 -160.55 -11.14
CA LYS T 50 51.60 -159.50 -12.18
C LYS T 50 53.03 -158.99 -12.36
N GLN T 51 53.72 -158.62 -11.28
CA GLN T 51 55.03 -158.02 -11.46
C GLN T 51 55.99 -158.92 -12.21
N LEU T 52 55.99 -160.23 -11.87
CA LEU T 52 56.87 -161.17 -12.57
C LEU T 52 56.52 -161.27 -14.04
N THR T 53 55.22 -161.33 -14.35
CA THR T 53 54.81 -161.39 -15.76
C THR T 53 55.18 -160.12 -16.51
N ASP T 54 54.99 -158.95 -15.88
CA ASP T 54 55.36 -157.69 -16.53
C ASP T 54 56.86 -157.64 -16.79
N VAL T 55 57.66 -158.07 -15.80
CA VAL T 55 59.11 -158.07 -15.97
C VAL T 55 59.53 -159.03 -17.07
N LEU T 56 58.91 -160.22 -17.11
CA LEU T 56 59.24 -161.18 -18.16
C LEU T 56 58.89 -160.65 -19.54
N SER T 57 57.73 -160.00 -19.67
CA SER T 57 57.35 -159.41 -20.96
C SER T 57 58.32 -158.31 -21.36
N GLU T 58 58.71 -157.45 -20.41
CA GLU T 58 59.66 -156.39 -20.71
C GLU T 58 61.00 -156.95 -21.15
N PHE T 59 61.47 -158.00 -20.47
CA PHE T 59 62.73 -158.63 -20.85
C PHE T 59 62.66 -159.26 -22.23
N GLU T 60 61.54 -159.93 -22.53
CA GLU T 60 61.40 -160.57 -23.83
C GLU T 60 61.29 -159.55 -24.95
N GLN T 61 60.82 -158.34 -24.63
CA GLN T 61 60.63 -157.33 -25.70
C GLN T 61 61.75 -156.28 -25.66
N GLU T 62 62.65 -156.34 -24.67
CA GLU T 62 63.66 -155.24 -24.55
C GLU T 62 64.60 -155.17 -25.76
N ALA T 63 65.11 -156.30 -26.27
CA ALA T 63 65.93 -156.24 -27.51
C ALA T 63 65.95 -157.57 -28.26
N GLU T 64 66.20 -157.55 -29.58
CA GLU T 64 66.41 -158.81 -30.33
C GLU T 64 67.92 -159.04 -30.51
N GLN T 65 68.75 -158.11 -30.02
CA GLN T 65 70.23 -158.18 -30.23
C GLN T 65 70.84 -159.43 -29.59
N PHE T 66 70.38 -159.80 -28.39
CA PHE T 66 71.01 -160.93 -27.65
C PHE T 66 70.87 -162.23 -28.44
N ALA T 67 69.73 -162.44 -29.10
CA ALA T 67 69.50 -163.76 -29.76
C ALA T 67 70.53 -164.04 -30.85
N ALA T 68 70.92 -163.05 -31.65
CA ALA T 68 71.83 -163.33 -32.80
C ALA T 68 73.31 -163.26 -32.43
N LEU T 69 73.82 -162.09 -32.04
CA LEU T 69 75.24 -161.91 -31.79
C LEU T 69 75.75 -162.95 -30.79
N ASN T 70 74.98 -163.18 -29.72
CA ASN T 70 75.39 -164.12 -28.69
C ASN T 70 75.25 -165.57 -29.15
N ILE T 71 74.44 -165.82 -30.18
CA ILE T 71 74.25 -167.18 -30.69
C ILE T 71 75.57 -167.72 -31.23
N ASN T 72 76.27 -166.91 -32.03
CA ASN T 72 77.55 -167.28 -32.61
C ASN T 72 78.46 -166.06 -32.65
N ALA T 73 79.34 -165.96 -31.64
CA ALA T 73 80.31 -164.86 -31.58
C ALA T 73 81.74 -165.38 -31.67
N ASN T 74 82.09 -166.31 -30.78
CA ASN T 74 83.46 -166.83 -30.78
C ASN T 74 83.71 -167.77 -31.95
N GLU T 75 82.74 -168.62 -32.28
CA GLU T 75 82.91 -169.56 -33.39
C GLU T 75 83.09 -168.82 -34.71
N TYR T 76 82.30 -167.77 -34.94
CA TYR T 76 82.43 -167.00 -36.16
C TYR T 76 83.79 -166.32 -36.24
N LEU T 77 84.27 -165.76 -35.13
CA LEU T 77 85.57 -165.11 -35.12
C LEU T 77 86.68 -166.13 -35.39
N ARG T 78 86.59 -167.31 -34.79
CA ARG T 78 87.58 -168.35 -35.04
C ARG T 78 87.58 -168.80 -36.49
N SER T 79 86.39 -168.99 -37.08
CA SER T 79 86.31 -169.39 -38.47
C SER T 79 86.88 -168.30 -39.39
N VAL T 80 86.59 -167.04 -39.09
CA VAL T 80 87.13 -165.94 -39.88
C VAL T 80 88.64 -165.88 -39.79
N LEU T 81 89.18 -166.07 -38.58
CA LEU T 81 90.64 -166.07 -38.41
C LEU T 81 91.28 -167.22 -39.16
N VAL T 82 90.65 -168.41 -39.13
CA VAL T 82 91.20 -169.57 -39.82
C VAL T 82 91.20 -169.33 -41.33
N LYS T 83 90.08 -168.81 -41.86
CA LYS T 83 89.96 -168.65 -43.30
C LYS T 83 90.74 -167.45 -43.81
N ALA T 84 91.06 -166.50 -42.93
CA ALA T 84 91.65 -165.24 -43.38
C ALA T 84 93.11 -165.42 -43.79
N LEU T 85 93.96 -165.84 -42.86
CA LEU T 85 95.40 -165.95 -43.10
C LEU T 85 95.85 -167.41 -43.12
N GLY T 86 95.55 -168.16 -42.06
CA GLY T 86 95.97 -169.55 -42.01
C GLY T 86 95.82 -170.09 -40.61
N GLU T 87 96.04 -171.39 -40.47
CA GLU T 87 95.91 -172.04 -39.16
C GLU T 87 96.92 -171.47 -38.16
N GLU T 88 98.16 -171.26 -38.61
CA GLU T 88 99.20 -170.73 -37.72
C GLU T 88 98.87 -169.33 -37.24
N ARG T 89 98.39 -168.47 -38.15
CA ARG T 89 98.03 -167.11 -37.75
C ARG T 89 96.74 -167.08 -36.96
N ALA T 90 95.81 -168.00 -37.26
CA ALA T 90 94.56 -168.08 -36.51
C ALA T 90 94.82 -168.42 -35.06
N SER T 91 95.77 -169.32 -34.80
CA SER T 91 96.11 -169.66 -33.42
C SER T 91 96.63 -168.45 -32.67
N SER T 92 97.51 -167.67 -33.30
CA SER T 92 98.05 -166.47 -32.66
C SER T 92 96.95 -165.45 -32.41
N LEU T 93 96.04 -165.26 -33.38
CA LEU T 93 94.95 -164.31 -33.20
C LEU T 93 94.03 -164.74 -32.07
N LEU T 94 93.70 -166.03 -32.00
CA LEU T 94 92.86 -166.53 -30.93
C LEU T 94 93.54 -166.39 -29.58
N GLU T 95 94.85 -166.66 -29.53
CA GLU T 95 95.59 -166.49 -28.28
C GLU T 95 95.58 -165.04 -27.83
N ASP T 96 95.76 -164.10 -28.77
CA ASP T 96 95.71 -162.68 -28.41
C ASP T 96 94.32 -162.28 -27.93
N ILE T 97 93.27 -162.78 -28.60
CA ILE T 97 91.91 -162.46 -28.18
C ILE T 97 91.63 -162.99 -26.78
N LEU T 98 92.08 -164.21 -26.49
CA LEU T 98 91.89 -164.78 -25.16
C LEU T 98 92.69 -164.00 -24.11
N GLU T 99 93.92 -163.60 -24.45
CA GLU T 99 94.74 -162.85 -23.51
C GLU T 99 94.22 -161.44 -23.30
N THR T 100 93.38 -160.95 -24.20
CA THR T 100 92.75 -159.64 -24.00
C THR T 100 91.93 -159.63 -22.71
N ARG T 101 91.33 -160.76 -22.35
CA ARG T 101 90.61 -160.90 -21.09
C ARG T 101 91.55 -161.55 -20.08
N ASP T 102 92.06 -160.75 -19.15
CA ASP T 102 93.02 -161.21 -18.16
C ASP T 102 92.29 -161.66 -16.89
N THR T 103 93.07 -162.04 -15.89
CA THR T 103 92.54 -162.51 -14.62
C THR T 103 93.02 -161.61 -13.49
N THR T 104 92.16 -161.39 -12.50
CA THR T 104 92.49 -160.48 -11.41
C THR T 104 93.46 -161.13 -10.43
N SER T 105 93.03 -162.24 -9.82
CA SER T 105 93.87 -162.92 -8.84
C SER T 105 95.10 -163.51 -9.52
N GLY T 106 96.25 -163.31 -8.88
CA GLY T 106 97.52 -163.71 -9.48
C GLY T 106 97.67 -165.21 -9.69
N ILE T 107 96.93 -166.01 -8.93
CA ILE T 107 97.05 -167.46 -9.08
C ILE T 107 96.64 -167.88 -10.48
N GLU T 108 95.52 -167.36 -10.98
CA GLU T 108 95.12 -167.65 -12.35
C GLU T 108 96.06 -167.00 -13.36
N THR T 109 96.64 -165.85 -13.03
CA THR T 109 97.61 -165.24 -13.93
C THR T 109 98.86 -166.10 -14.07
N LEU T 110 99.14 -166.94 -13.06
CA LEU T 110 100.25 -167.88 -13.18
C LEU T 110 100.21 -168.90 -14.31
N ASN T 111 99.00 -169.29 -14.76
CA ASN T 111 98.87 -170.22 -15.92
C ASN T 111 99.01 -169.58 -17.29
N PHE T 112 99.21 -168.25 -17.35
CA PHE T 112 99.46 -167.56 -18.65
C PHE T 112 100.96 -167.35 -18.81
N MET T 113 101.72 -167.71 -17.77
CA MET T 113 103.17 -167.57 -17.77
C MET T 113 103.69 -168.84 -18.44
N GLU T 114 104.94 -168.75 -18.90
CA GLU T 114 105.60 -169.92 -19.47
C GLU T 114 105.82 -170.97 -18.37
N PRO T 115 105.71 -172.26 -18.72
CA PRO T 115 105.93 -173.30 -17.69
C PRO T 115 107.23 -173.22 -16.90
N GLN T 116 108.35 -172.90 -17.57
CA GLN T 116 109.62 -172.84 -16.85
C GLN T 116 109.70 -171.63 -15.91
N SER T 117 109.10 -170.51 -16.32
CA SER T 117 109.11 -169.32 -15.47
C SER T 117 108.33 -169.66 -14.20
N ALA T 118 107.15 -170.28 -14.35
CA ALA T 118 106.37 -170.64 -13.18
C ALA T 118 107.09 -171.70 -12.34
N ALA T 119 107.72 -172.67 -13.00
CA ALA T 119 108.45 -173.71 -12.27
C ALA T 119 109.59 -173.10 -11.46
N ASP T 120 110.32 -172.15 -12.05
CA ASP T 120 111.37 -171.47 -11.30
C ASP T 120 110.80 -170.62 -10.18
N LEU T 121 109.64 -169.99 -10.41
CA LEU T 121 109.05 -169.11 -9.41
C LEU T 121 108.60 -169.88 -8.17
N ILE T 122 107.97 -171.04 -8.37
CA ILE T 122 107.35 -171.76 -7.25
C ILE T 122 108.15 -172.99 -6.83
N ARG T 123 109.36 -173.18 -7.35
CA ARG T 123 110.15 -174.34 -6.94
C ARG T 123 110.54 -174.24 -5.47
N ASP T 124 110.91 -173.05 -5.00
CA ASP T 124 111.41 -172.89 -3.64
C ASP T 124 110.30 -172.86 -2.61
N GLU T 125 109.04 -172.74 -3.03
CA GLU T 125 107.95 -172.64 -2.08
C GLU T 125 107.73 -173.96 -1.35
N HIS T 126 106.98 -173.88 -0.26
CA HIS T 126 106.65 -175.06 0.52
C HIS T 126 105.82 -176.03 -0.33
N PRO T 127 106.04 -177.33 -0.20
CA PRO T 127 105.33 -178.28 -1.08
C PRO T 127 103.81 -178.16 -1.02
N GLN T 128 103.25 -177.89 0.16
CA GLN T 128 101.81 -177.70 0.24
C GLN T 128 101.34 -176.46 -0.50
N ILE T 129 102.13 -175.38 -0.47
CA ILE T 129 101.77 -174.19 -1.22
C ILE T 129 101.84 -174.45 -2.72
N ILE T 130 102.84 -175.23 -3.15
CA ILE T 130 102.93 -175.63 -4.55
C ILE T 130 101.67 -176.40 -4.91
N ALA T 131 101.28 -177.35 -4.06
CA ALA T 131 100.09 -178.15 -4.35
C ALA T 131 98.85 -177.28 -4.43
N THR T 132 98.70 -176.33 -3.52
CA THR T 132 97.56 -175.42 -3.56
C THR T 132 97.53 -174.62 -4.85
N ILE T 133 98.70 -174.13 -5.27
CA ILE T 133 98.78 -173.38 -6.55
C ILE T 133 98.32 -174.31 -7.69
N LEU T 134 98.75 -175.57 -7.68
CA LEU T 134 98.47 -176.48 -8.83
C LEU T 134 96.96 -176.75 -9.02
N VAL T 135 96.19 -176.93 -7.94
CA VAL T 135 94.76 -177.31 -8.12
C VAL T 135 94.04 -176.02 -8.54
N HIS T 136 94.57 -174.85 -8.19
CA HIS T 136 93.97 -173.57 -8.66
C HIS T 136 94.46 -173.28 -10.08
N LEU T 137 95.64 -173.80 -10.44
CA LEU T 137 96.21 -173.58 -11.80
C LEU T 137 95.50 -174.51 -12.80
N LYS T 138 95.56 -174.16 -14.09
CA LYS T 138 94.96 -175.01 -15.15
C LYS T 138 95.70 -176.36 -15.14
N ARG T 139 94.98 -177.45 -15.37
CA ARG T 139 95.60 -178.81 -15.28
C ARG T 139 96.76 -178.94 -16.27
N SER T 140 96.56 -178.52 -17.53
CA SER T 140 97.63 -178.70 -18.54
C SER T 140 98.91 -178.04 -18.04
N GLN T 141 98.82 -176.81 -17.54
CA GLN T 141 100.02 -176.05 -17.10
C GLN T 141 100.66 -176.81 -15.94
N ALA T 142 99.85 -177.21 -14.96
CA ALA T 142 100.37 -177.90 -13.79
C ALA T 142 101.14 -179.14 -14.17
N ALA T 143 100.65 -179.88 -15.18
CA ALA T 143 101.36 -181.07 -15.63
C ALA T 143 102.73 -180.71 -16.19
N ASP T 144 102.80 -179.64 -16.99
CA ASP T 144 104.10 -179.19 -17.52
C ASP T 144 105.02 -178.76 -16.39
N ILE T 145 104.50 -178.04 -15.41
CA ILE T 145 105.31 -177.60 -14.27
C ILE T 145 105.93 -178.77 -13.51
N LEU T 146 105.12 -179.78 -13.22
CA LEU T 146 105.63 -180.96 -12.52
C LEU T 146 106.63 -181.73 -13.38
N ALA T 147 106.44 -181.71 -14.71
CA ALA T 147 107.41 -182.33 -15.60
C ALA T 147 108.77 -181.66 -15.44
N LEU T 148 108.76 -180.33 -15.31
CA LEU T 148 110.04 -179.57 -15.15
C LEU T 148 110.57 -179.74 -13.71
N PHE T 149 109.73 -180.21 -12.79
CA PHE T 149 110.15 -180.29 -11.37
C PHE T 149 111.02 -181.53 -11.13
N ASP T 150 111.96 -181.44 -10.19
CA ASP T 150 112.76 -182.60 -9.82
C ASP T 150 111.85 -183.75 -9.43
N GLU T 151 112.34 -184.98 -9.60
CA GLU T 151 111.52 -186.16 -9.39
C GLU T 151 111.08 -186.28 -7.93
N ARG T 152 111.96 -185.93 -6.99
CA ARG T 152 111.57 -185.97 -5.58
C ARG T 152 110.47 -184.97 -5.29
N LEU T 153 110.66 -183.73 -5.71
CA LEU T 153 109.61 -182.72 -5.53
C LEU T 153 108.36 -183.08 -6.31
N ARG T 154 108.52 -183.67 -7.49
CA ARG T 154 107.36 -184.08 -8.28
C ARG T 154 106.53 -185.11 -7.53
N HIS T 155 107.17 -186.16 -6.99
CA HIS T 155 106.44 -187.17 -6.25
C HIS T 155 105.80 -186.58 -4.99
N ASP T 156 106.54 -185.73 -4.27
CA ASP T 156 106.01 -185.15 -3.04
C ASP T 156 104.78 -184.32 -3.35
N VAL T 157 104.86 -183.45 -4.36
CA VAL T 157 103.74 -182.58 -4.69
C VAL T 157 102.56 -183.39 -5.21
N MET T 158 102.81 -184.45 -5.98
CA MET T 158 101.72 -185.29 -6.45
C MET T 158 101.02 -185.97 -5.27
N LEU T 159 101.80 -186.45 -4.30
CA LEU T 159 101.20 -187.06 -3.11
C LEU T 159 100.36 -186.05 -2.36
N ARG T 160 100.85 -184.82 -2.22
CA ARG T 160 100.06 -183.78 -1.56
C ARG T 160 98.78 -183.49 -2.33
N ILE T 161 98.86 -183.52 -3.66
CA ILE T 161 97.68 -183.30 -4.49
C ILE T 161 96.65 -184.40 -4.22
N ALA T 162 97.10 -185.64 -4.12
CA ALA T 162 96.18 -186.76 -3.92
C ALA T 162 95.39 -186.61 -2.63
N THR T 163 96.06 -186.21 -1.54
CA THR T 163 95.44 -186.14 -0.22
C THR T 163 95.21 -184.71 0.25
N PHE T 164 94.83 -183.81 -0.66
CA PHE T 164 94.58 -182.43 -0.28
C PHE T 164 93.40 -182.34 0.69
N GLY T 165 93.47 -181.39 1.61
CA GLY T 165 92.47 -181.29 2.65
C GLY T 165 91.86 -179.91 2.83
N GLY T 166 92.03 -179.04 1.85
CA GLY T 166 91.41 -177.72 1.93
C GLY T 166 92.14 -176.64 2.68
N VAL T 167 92.20 -175.44 2.12
CA VAL T 167 92.92 -174.33 2.73
C VAL T 167 92.09 -173.40 3.59
N GLN T 168 92.72 -172.76 4.57
CA GLN T 168 92.03 -171.79 5.39
C GLN T 168 91.85 -170.59 4.46
N PRO T 169 90.72 -169.89 4.56
CA PRO T 169 90.51 -168.72 3.69
C PRO T 169 91.56 -167.64 3.89
N ALA T 170 92.03 -167.44 5.13
CA ALA T 170 93.04 -166.43 5.37
C ALA T 170 94.34 -166.78 4.67
N ALA T 171 94.77 -168.04 4.75
CA ALA T 171 96.00 -168.45 4.07
C ALA T 171 95.87 -168.32 2.56
N LEU T 172 94.72 -168.70 2.00
CA LEU T 172 94.50 -168.57 0.57
C LEU T 172 94.55 -167.11 0.15
N ALA T 173 93.91 -166.22 0.92
CA ALA T 173 93.96 -164.81 0.61
C ALA T 173 95.39 -164.26 0.70
N GLU T 174 96.15 -164.75 1.69
CA GLU T 174 97.54 -164.31 1.82
C GLU T 174 98.37 -164.73 0.62
N LEU T 175 98.21 -165.98 0.18
CA LEU T 175 98.92 -166.43 -1.01
C LEU T 175 98.48 -165.63 -2.23
N THR T 176 97.18 -165.37 -2.33
CA THR T 176 96.65 -164.61 -3.49
C THR T 176 97.33 -163.26 -3.53
N GLU T 177 97.28 -162.52 -2.43
CA GLU T 177 97.85 -161.14 -2.41
C GLU T 177 99.37 -161.21 -2.67
N VAL T 178 100.06 -162.19 -2.08
CA VAL T 178 101.53 -162.35 -2.32
C VAL T 178 101.74 -162.57 -3.81
N LEU T 179 101.06 -163.58 -4.38
CA LEU T 179 101.28 -163.90 -5.78
C LEU T 179 100.91 -162.73 -6.68
N ASN T 180 99.90 -161.96 -6.31
CA ASN T 180 99.54 -160.78 -7.09
C ASN T 180 100.67 -159.76 -7.12
N GLY T 181 101.26 -159.48 -5.95
CA GLY T 181 102.35 -158.53 -5.90
C GLY T 181 103.57 -158.92 -6.71
N LEU T 182 103.67 -160.19 -7.08
CA LEU T 182 104.82 -160.66 -7.86
C LEU T 182 104.52 -160.62 -9.35
N LEU T 183 103.31 -161.03 -9.73
CA LEU T 183 103.01 -161.15 -11.19
C LEU T 183 102.39 -159.87 -11.75
N ASP T 184 101.61 -159.12 -10.96
CA ASP T 184 100.92 -157.95 -11.56
C ASP T 184 101.98 -156.95 -12.05
N GLY T 185 103.04 -156.74 -11.27
CA GLY T 185 104.14 -155.86 -11.73
C GLY T 185 104.85 -156.45 -12.94
N GLN T 186 105.08 -157.76 -12.94
CA GLN T 186 105.85 -158.40 -14.05
C GLN T 186 105.07 -158.36 -15.37
N ASN T 187 105.76 -158.15 -16.50
CA ASN T 187 105.06 -158.24 -17.82
C ASN T 187 104.62 -159.70 -17.97
N LEU T 188 103.43 -159.95 -18.52
CA LEU T 188 102.94 -161.35 -18.59
C LEU T 188 102.52 -161.71 -20.02
N LYS T 189 103.17 -161.15 -21.05
CA LYS T 189 102.79 -161.59 -22.40
C LYS T 189 104.03 -161.61 -23.29
N ARG T 190 104.85 -162.65 -23.09
CA ARG T 190 106.01 -162.87 -23.93
C ARG T 190 105.57 -163.19 -25.35
N SER T 191 105.82 -162.26 -26.28
CA SER T 191 105.40 -162.46 -27.67
C SER T 191 106.38 -163.39 -28.36
N LYS T 192 105.86 -164.49 -28.91
CA LYS T 192 106.68 -165.48 -29.60
C LYS T 192 106.46 -165.31 -31.10
N MET T 193 107.46 -164.77 -31.78
CA MET T 193 107.42 -164.56 -33.22
C MET T 193 108.57 -165.33 -33.86
N GLY T 194 108.25 -166.32 -34.69
CA GLY T 194 109.29 -167.08 -35.39
C GLY T 194 109.63 -168.39 -34.69
N GLY T 195 109.08 -169.50 -35.17
CA GLY T 195 109.38 -170.80 -34.61
C GLY T 195 110.16 -171.65 -35.58
N VAL T 196 109.51 -172.68 -36.11
CA VAL T 196 110.08 -173.53 -37.14
C VAL T 196 109.48 -173.32 -38.54
N ARG T 197 108.22 -172.87 -38.57
CA ARG T 197 107.58 -172.53 -39.83
C ARG T 197 108.38 -171.39 -40.41
N THR T 198 108.68 -170.38 -39.58
CA THR T 198 109.46 -169.24 -40.06
C THR T 198 110.87 -169.67 -40.46
N ALA T 199 111.48 -170.56 -39.69
CA ALA T 199 112.81 -171.05 -40.03
C ALA T 199 112.79 -171.80 -41.36
N ALA T 200 111.77 -172.64 -41.58
CA ALA T 200 111.66 -173.35 -42.84
C ALA T 200 111.46 -172.40 -44.01
N GLU T 201 110.62 -171.38 -43.81
CA GLU T 201 110.40 -170.39 -44.86
C GLU T 201 111.68 -169.63 -45.19
N ILE T 202 112.46 -169.28 -44.16
CA ILE T 202 113.73 -168.60 -44.37
C ILE T 202 114.69 -169.50 -45.15
N ILE T 203 114.75 -170.78 -44.76
CA ILE T 203 115.67 -171.71 -45.41
C ILE T 203 115.30 -171.90 -46.87
N ASN T 204 114.00 -172.02 -47.16
CA ASN T 204 113.55 -172.34 -48.51
C ASN T 204 113.92 -171.28 -49.54
N LEU T 205 114.27 -170.07 -49.12
CA LEU T 205 114.53 -168.98 -50.05
C LEU T 205 116.01 -168.67 -50.26
N MET T 206 116.92 -169.47 -49.72
CA MET T 206 118.34 -169.22 -49.89
C MET T 206 118.96 -170.28 -50.80
N LYS T 207 120.26 -170.13 -51.03
CA LYS T 207 120.98 -171.01 -51.95
C LYS T 207 120.99 -172.46 -51.48
N THR T 208 121.08 -173.38 -52.44
CA THR T 208 121.02 -174.81 -52.12
C THR T 208 122.19 -175.24 -51.24
N GLN T 209 123.39 -174.75 -51.52
CA GLN T 209 124.55 -175.12 -50.70
C GLN T 209 124.38 -174.66 -49.27
N GLN T 210 123.96 -173.40 -49.07
CA GLN T 210 123.67 -172.94 -47.73
C GLN T 210 122.51 -173.69 -47.11
N GLU T 211 121.52 -174.08 -47.93
CA GLU T 211 120.40 -174.87 -47.41
C GLU T 211 120.88 -176.19 -46.82
N GLU T 212 121.69 -176.94 -47.58
CA GLU T 212 122.17 -178.20 -47.08
C GLU T 212 123.10 -178.01 -45.88
N ALA T 213 123.93 -176.96 -45.91
CA ALA T 213 124.80 -176.70 -44.77
C ALA T 213 123.99 -176.45 -43.50
N VAL T 214 122.96 -175.62 -43.58
CA VAL T 214 122.20 -175.31 -42.37
C VAL T 214 121.39 -176.52 -41.92
N ILE T 215 120.83 -177.31 -42.84
CA ILE T 215 120.02 -178.45 -42.40
C ILE T 215 120.91 -179.51 -41.76
N THR T 216 122.12 -179.71 -42.31
CA THR T 216 123.01 -180.68 -41.69
C THR T 216 123.54 -180.17 -40.35
N ALA T 217 123.74 -178.86 -40.21
CA ALA T 217 124.12 -178.31 -38.92
C ALA T 217 123.02 -178.54 -37.88
N VAL T 218 121.76 -178.29 -38.27
CA VAL T 218 120.65 -178.52 -37.35
C VAL T 218 120.56 -179.99 -36.99
N ARG T 219 120.73 -180.88 -37.98
CA ARG T 219 120.69 -182.32 -37.71
C ARG T 219 121.79 -182.72 -36.75
N GLU T 220 122.98 -182.13 -36.90
CA GLU T 220 124.05 -182.37 -35.93
C GLU T 220 123.63 -181.90 -34.54
N PHE T 221 123.00 -180.74 -34.44
CA PHE T 221 122.51 -180.26 -33.15
C PHE T 221 121.40 -181.13 -32.58
N ASP T 222 120.42 -181.50 -33.40
CA ASP T 222 119.29 -182.31 -32.99
C ASP T 222 118.60 -182.82 -34.24
N GLY T 223 118.51 -184.14 -34.38
CA GLY T 223 117.89 -184.70 -35.57
C GLY T 223 116.39 -184.46 -35.68
N GLU T 224 115.70 -184.46 -34.54
CA GLU T 224 114.26 -184.26 -34.55
C GLU T 224 113.90 -182.87 -35.07
N LEU T 225 114.65 -181.85 -34.65
CA LEU T 225 114.40 -180.50 -35.14
C LEU T 225 114.65 -180.42 -36.65
N ALA T 226 115.71 -181.06 -37.13
CA ALA T 226 115.98 -181.07 -38.56
C ALA T 226 114.86 -181.73 -39.36
N GLN T 227 114.34 -182.85 -38.87
CA GLN T 227 113.24 -183.52 -39.56
C GLN T 227 111.98 -182.69 -39.54
N LYS T 228 111.70 -182.01 -38.43
CA LYS T 228 110.53 -181.15 -38.35
C LYS T 228 110.68 -179.98 -39.32
N ILE T 229 111.90 -179.44 -39.41
CA ILE T 229 112.16 -178.35 -40.37
C ILE T 229 111.96 -178.84 -41.79
N ILE T 230 112.45 -180.05 -42.10
CA ILE T 230 112.28 -180.60 -43.43
C ILE T 230 110.81 -180.84 -43.79
N ASP T 231 110.02 -181.30 -42.82
CA ASP T 231 108.60 -181.54 -43.07
C ASP T 231 107.87 -180.22 -43.27
N GLU T 232 108.22 -179.20 -42.49
CA GLU T 232 107.58 -177.90 -42.64
C GLU T 232 108.11 -177.27 -43.92
N MET T 233 109.26 -177.73 -44.42
CA MET T 233 109.81 -177.16 -45.63
C MET T 233 108.87 -177.33 -46.83
N PHE T 234 108.37 -178.54 -47.03
CA PHE T 234 107.44 -178.85 -48.12
C PHE T 234 106.17 -179.47 -47.54
N LEU T 235 105.12 -178.66 -47.43
CA LEU T 235 103.85 -179.13 -46.93
C LEU T 235 103.08 -179.88 -48.02
N PHE T 236 101.98 -180.50 -47.62
CA PHE T 236 101.15 -181.23 -48.58
C PHE T 236 100.21 -180.28 -49.31
N GLU T 237 100.75 -179.19 -49.84
CA GLU T 237 99.98 -178.26 -50.66
C GLU T 237 100.72 -177.79 -51.90
N ASN T 238 102.03 -177.99 -52.00
CA ASN T 238 102.80 -177.59 -53.16
C ASN T 238 102.90 -178.70 -54.20
N LEU T 239 102.25 -179.85 -53.96
CA LEU T 239 102.28 -180.93 -54.93
C LEU T 239 101.66 -180.54 -56.26
N VAL T 240 100.78 -179.53 -56.27
CA VAL T 240 100.22 -179.03 -57.51
C VAL T 240 101.29 -178.41 -58.40
N ASP T 241 102.38 -177.93 -57.82
CA ASP T 241 103.47 -177.32 -58.57
C ASP T 241 104.50 -178.33 -59.03
N VAL T 242 104.33 -179.61 -58.71
CA VAL T 242 105.26 -180.64 -59.13
C VAL T 242 105.03 -180.96 -60.60
N ASP T 243 106.11 -181.27 -61.32
CA ASP T 243 106.02 -181.58 -62.73
C ASP T 243 105.29 -182.90 -62.95
N ASP T 244 104.68 -183.01 -64.15
CA ASP T 244 103.95 -184.24 -64.49
C ASP T 244 104.89 -185.43 -64.54
N ARG T 245 106.09 -185.25 -65.09
CA ARG T 245 107.06 -186.34 -65.14
C ARG T 245 107.46 -186.78 -63.74
N SER T 246 107.68 -185.82 -62.83
CA SER T 246 108.00 -186.16 -61.45
C SER T 246 106.86 -186.92 -60.79
N ILE T 247 105.62 -186.50 -61.05
CA ILE T 247 104.47 -187.19 -60.49
C ILE T 247 104.39 -188.62 -61.01
N GLN T 248 104.61 -188.81 -62.32
CA GLN T 248 104.59 -190.17 -62.88
C GLN T 248 105.70 -191.03 -62.30
N ARG T 249 106.89 -190.46 -62.12
CA ARG T 249 107.99 -191.21 -61.54
C ARG T 249 107.69 -191.60 -60.09
N LEU T 250 107.10 -190.69 -59.32
CA LEU T 250 106.79 -190.99 -57.93
C LEU T 250 105.62 -191.96 -57.81
N LEU T 251 104.75 -192.01 -58.82
CA LEU T 251 103.62 -192.92 -58.77
C LEU T 251 104.06 -194.37 -58.73
N GLN T 252 105.25 -194.68 -59.27
CA GLN T 252 105.75 -196.04 -59.28
C GLN T 252 106.11 -196.55 -57.88
N GLU T 253 106.29 -195.66 -56.91
CA GLU T 253 106.65 -196.06 -55.55
C GLU T 253 105.58 -195.73 -54.52
N VAL T 254 104.40 -195.29 -54.96
CA VAL T 254 103.31 -194.92 -54.05
C VAL T 254 102.28 -196.02 -54.04
N ASP T 255 101.95 -196.52 -52.85
CA ASP T 255 100.92 -197.54 -52.72
C ASP T 255 99.55 -196.97 -53.06
N SER T 256 98.74 -197.77 -53.75
CA SER T 256 97.43 -197.30 -54.17
C SER T 256 96.53 -196.96 -52.98
N GLU T 257 96.54 -197.82 -51.96
CA GLU T 257 95.72 -197.56 -50.78
C GLU T 257 96.19 -196.32 -50.04
N SER T 258 97.50 -196.18 -49.83
CA SER T 258 98.02 -195.00 -49.15
C SER T 258 97.77 -193.74 -49.95
N LEU T 259 97.96 -193.79 -51.27
CA LEU T 259 97.69 -192.64 -52.11
C LEU T 259 96.23 -192.24 -52.05
N LEU T 260 95.32 -193.22 -52.10
CA LEU T 260 93.90 -192.92 -52.03
C LEU T 260 93.53 -192.32 -50.68
N ILE T 261 94.10 -192.85 -49.60
CA ILE T 261 93.83 -192.32 -48.27
C ILE T 261 94.32 -190.87 -48.17
N ALA T 262 95.52 -190.60 -48.70
CA ALA T 262 96.05 -189.23 -48.66
C ALA T 262 95.21 -188.28 -49.50
N LEU T 263 94.76 -188.73 -50.68
CA LEU T 263 94.01 -187.88 -51.59
C LEU T 263 92.52 -187.81 -51.26
N LYS T 264 92.06 -188.58 -50.27
CA LYS T 264 90.65 -188.51 -49.89
C LYS T 264 90.28 -187.12 -49.38
N GLY T 265 91.14 -186.52 -48.58
CA GLY T 265 90.93 -185.17 -48.08
C GLY T 265 91.67 -184.10 -48.84
N ALA T 266 92.34 -184.43 -49.94
CA ALA T 266 93.10 -183.45 -50.70
C ALA T 266 92.16 -182.60 -51.56
N GLU T 267 92.72 -181.51 -52.09
CA GLU T 267 91.94 -180.63 -52.96
C GLU T 267 91.61 -181.33 -54.27
N PRO T 268 90.46 -181.04 -54.86
CA PRO T 268 90.08 -181.67 -56.13
C PRO T 268 91.10 -181.37 -57.21
N PRO T 269 91.66 -180.15 -57.22
CA PRO T 269 92.71 -179.86 -58.21
C PRO T 269 93.93 -180.75 -58.06
N LEU T 270 94.34 -181.03 -56.82
CA LEU T 270 95.48 -181.92 -56.60
C LEU T 270 95.19 -183.33 -57.08
N ARG T 271 93.97 -183.83 -56.81
CA ARG T 271 93.60 -185.16 -57.29
C ARG T 271 93.57 -185.21 -58.81
N GLU T 272 93.05 -184.16 -59.45
CA GLU T 272 93.02 -184.12 -60.91
C GLU T 272 94.43 -184.08 -61.49
N LYS T 273 95.32 -183.29 -60.88
CA LYS T 273 96.69 -183.22 -61.36
C LYS T 273 97.41 -184.56 -61.18
N PHE T 274 97.17 -185.23 -60.05
CA PHE T 274 97.82 -186.50 -59.77
C PHE T 274 97.19 -187.67 -60.53
N LEU T 275 96.00 -187.49 -61.09
CA LEU T 275 95.34 -188.54 -61.85
C LEU T 275 95.69 -188.51 -63.33
N ARG T 276 96.49 -187.55 -63.77
CA ARG T 276 96.90 -187.44 -65.16
C ARG T 276 98.21 -188.15 -65.45
N ASN T 277 98.83 -188.77 -64.45
CA ASN T 277 100.09 -189.47 -64.63
C ASN T 277 99.93 -190.98 -64.79
N MET T 278 98.82 -191.55 -64.35
CA MET T 278 98.59 -192.98 -64.47
C MET T 278 97.73 -193.27 -65.70
N SER T 279 97.36 -194.53 -65.88
CA SER T 279 96.54 -194.93 -67.02
C SER T 279 95.09 -194.48 -66.80
N GLN T 280 94.33 -194.50 -67.89
CA GLN T 280 92.91 -194.14 -67.80
C GLN T 280 92.14 -195.10 -66.92
N ARG T 281 92.41 -196.41 -67.06
CA ARG T 281 91.78 -197.40 -66.20
C ARG T 281 92.21 -197.20 -64.75
N ALA T 282 93.49 -196.93 -64.52
CA ALA T 282 93.96 -196.67 -63.16
C ALA T 282 93.32 -195.42 -62.59
N ALA T 283 93.18 -194.36 -63.38
CA ALA T 283 92.52 -193.15 -62.91
C ALA T 283 91.07 -193.40 -62.57
N ASP T 284 90.37 -194.17 -63.41
CA ASP T 284 88.97 -194.49 -63.13
C ASP T 284 88.85 -195.33 -61.86
N ILE T 285 89.76 -196.29 -61.67
CA ILE T 285 89.73 -197.11 -60.47
C ILE T 285 89.99 -196.25 -59.23
N LEU T 286 90.96 -195.33 -59.30
CA LEU T 286 91.23 -194.45 -58.17
C LEU T 286 90.04 -193.56 -57.87
N ARG T 287 89.38 -193.02 -58.90
CA ARG T 287 88.21 -192.19 -58.69
C ARG T 287 87.07 -192.99 -58.04
N ASP T 288 86.85 -194.23 -58.52
CA ASP T 288 85.82 -195.07 -57.93
C ASP T 288 86.13 -195.40 -56.48
N ASP T 289 87.40 -195.70 -56.17
CA ASP T 289 87.78 -195.99 -54.80
C ASP T 289 87.59 -194.77 -53.91
N LEU T 290 87.96 -193.59 -54.40
CA LEU T 290 87.77 -192.36 -53.62
C LEU T 290 86.29 -192.09 -53.37
N ALA T 291 85.45 -192.29 -54.39
CA ALA T 291 84.01 -192.08 -54.22
C ALA T 291 83.43 -193.08 -53.23
N ASN T 292 83.87 -194.34 -53.31
CA ASN T 292 83.35 -195.37 -52.42
C ASN T 292 83.94 -195.31 -51.02
N ARG T 293 85.08 -194.64 -50.85
CA ARG T 293 85.71 -194.58 -49.53
C ARG T 293 84.91 -193.65 -48.62
N GLY T 294 84.59 -194.15 -47.42
CA GLY T 294 83.90 -193.35 -46.45
C GLY T 294 84.82 -192.43 -45.69
N PRO T 295 84.22 -191.58 -44.85
CA PRO T 295 85.04 -190.67 -44.03
C PRO T 295 85.93 -191.44 -43.07
N VAL T 296 87.14 -190.93 -42.86
CA VAL T 296 88.12 -191.55 -41.99
C VAL T 296 88.75 -190.48 -41.12
N ARG T 297 89.32 -190.91 -40.00
CA ARG T 297 90.01 -189.98 -39.12
C ARG T 297 91.25 -189.42 -39.80
N LEU T 298 91.54 -188.14 -39.53
CA LEU T 298 92.67 -187.48 -40.18
C LEU T 298 94.02 -188.01 -39.70
N SER T 299 94.06 -188.79 -38.61
CA SER T 299 95.33 -189.28 -38.10
C SER T 299 96.02 -190.21 -39.10
N GLN T 300 95.27 -191.12 -39.73
CA GLN T 300 95.85 -192.02 -40.71
C GLN T 300 96.09 -191.36 -42.05
N VAL T 301 95.20 -190.46 -42.46
CA VAL T 301 95.40 -189.73 -43.72
C VAL T 301 96.65 -188.86 -43.63
N GLU T 302 96.89 -188.24 -42.47
CA GLU T 302 98.09 -187.44 -42.29
C GLU T 302 99.34 -188.31 -42.38
N ASN T 303 99.30 -189.50 -41.79
CA ASN T 303 100.45 -190.40 -41.87
C ASN T 303 100.71 -190.85 -43.29
N GLU T 304 99.63 -191.16 -44.04
CA GLU T 304 99.80 -191.55 -45.43
C GLU T 304 100.37 -190.41 -46.27
N GLN T 305 99.88 -189.20 -46.05
CA GLN T 305 100.41 -188.04 -46.77
C GLN T 305 101.87 -187.79 -46.41
N LYS T 306 102.22 -187.99 -45.13
CA LYS T 306 103.62 -187.83 -44.72
C LYS T 306 104.51 -188.86 -45.39
N ALA T 307 104.04 -190.11 -45.49
CA ALA T 307 104.83 -191.14 -46.17
C ALA T 307 105.00 -190.80 -47.64
N ILE T 308 103.93 -190.33 -48.29
CA ILE T 308 104.01 -189.96 -49.70
C ILE T 308 104.98 -188.80 -49.90
N LEU T 309 104.91 -187.79 -49.03
CA LEU T 309 105.82 -186.66 -49.11
C LEU T 309 107.26 -187.08 -48.86
N LEU T 310 107.49 -188.00 -47.92
CA LEU T 310 108.83 -188.50 -47.67
C LEU T 310 109.38 -189.23 -48.89
N ILE T 311 108.54 -190.04 -49.54
CA ILE T 311 108.98 -190.74 -50.75
C ILE T 311 109.31 -189.74 -51.86
N VAL T 312 108.46 -188.71 -52.02
CA VAL T 312 108.69 -187.70 -53.06
C VAL T 312 109.98 -186.94 -52.77
N ARG T 313 110.21 -186.59 -51.51
CA ARG T 313 111.41 -185.86 -51.14
C ARG T 313 112.66 -186.71 -51.36
N ARG T 314 112.57 -188.01 -51.04
CA ARG T 314 113.70 -188.90 -51.30
C ARG T 314 113.99 -189.00 -52.79
N LEU T 315 112.94 -189.09 -53.61
CA LEU T 315 113.13 -189.14 -55.06
C LEU T 315 113.77 -187.86 -55.57
N ALA T 316 113.32 -186.72 -55.06
CA ALA T 316 113.89 -185.44 -55.48
C ALA T 316 115.35 -185.31 -55.06
N GLU T 317 115.66 -185.74 -53.84
CA GLU T 317 117.04 -185.67 -53.35
C GLU T 317 117.95 -186.58 -54.16
N THR T 318 117.44 -187.75 -54.55
CA THR T 318 118.20 -188.64 -55.41
C THR T 318 118.49 -187.98 -56.75
N GLY T 319 117.51 -187.27 -57.29
CA GLY T 319 117.69 -186.56 -58.54
C GLY T 319 116.79 -187.07 -59.65
N GLU T 320 115.70 -187.73 -59.27
CA GLU T 320 114.76 -188.30 -60.22
C GLU T 320 113.40 -187.61 -60.20
N MET T 321 113.36 -186.34 -59.78
CA MET T 321 112.10 -185.59 -59.72
C MET T 321 112.44 -184.11 -59.89
N VAL T 322 111.44 -183.34 -60.31
CA VAL T 322 111.61 -181.90 -60.49
C VAL T 322 110.31 -181.20 -60.14
N ILE T 323 110.32 -179.87 -60.16
CA ILE T 323 109.14 -179.06 -59.84
C ILE T 323 108.95 -178.01 -60.93
N GLY T 324 107.79 -177.37 -60.93
CA GLY T 324 107.49 -176.35 -61.91
C GLY T 324 106.12 -175.69 -61.72
N SER U 33 148.90 -176.64 44.21
CA SER U 33 148.61 -175.32 43.68
C SER U 33 148.28 -175.39 42.20
N ASP U 34 147.05 -175.01 41.85
CA ASP U 34 146.61 -175.00 40.45
C ASP U 34 147.03 -173.68 39.83
N ILE U 35 147.87 -173.77 38.80
CA ILE U 35 148.38 -172.60 38.09
C ILE U 35 148.54 -172.94 36.63
N ARG U 36 147.69 -172.37 35.78
CA ARG U 36 147.72 -172.63 34.36
C ARG U 36 147.82 -171.30 33.61
N PRO U 37 148.43 -171.27 32.40
CA PRO U 37 148.62 -170.00 31.65
C PRO U 37 147.29 -169.39 31.27
N TYR U 38 147.24 -168.07 31.22
CA TYR U 38 146.03 -167.34 30.86
C TYR U 38 145.83 -167.42 29.36
N ASP U 39 144.70 -168.00 28.94
CA ASP U 39 144.32 -168.05 27.55
C ASP U 39 143.10 -167.19 27.32
N PRO U 40 143.19 -166.13 26.51
CA PRO U 40 142.00 -165.33 26.22
C PRO U 40 140.95 -166.14 25.48
N ASN U 41 139.80 -165.51 25.27
CA ASN U 41 138.62 -166.04 24.58
C ASN U 41 138.19 -167.42 25.10
N THR U 42 138.59 -167.79 26.32
CA THR U 42 138.11 -169.03 26.92
C THR U 42 136.91 -168.76 27.80
N GLN U 43 135.96 -169.69 27.80
CA GLN U 43 134.72 -169.54 28.57
C GLN U 43 135.04 -169.74 30.04
N ARG U 44 135.49 -168.66 30.68
CA ARG U 44 135.84 -168.69 32.10
C ARG U 44 134.84 -167.95 32.98
N ARG U 45 133.96 -167.14 32.40
CA ARG U 45 132.96 -166.40 33.17
C ARG U 45 131.72 -167.27 33.31
N VAL U 46 131.47 -167.75 34.53
CA VAL U 46 130.32 -168.58 34.84
C VAL U 46 129.43 -167.80 35.82
N VAL U 47 128.20 -167.53 35.41
CA VAL U 47 127.24 -166.79 36.23
C VAL U 47 125.96 -167.63 36.25
N ARG U 48 125.82 -168.46 37.29
CA ARG U 48 124.65 -169.32 37.45
C ARG U 48 123.73 -168.69 38.47
N GLU U 49 122.48 -168.46 38.07
CA GLU U 49 121.52 -167.81 38.96
C GLU U 49 120.13 -168.33 38.59
N ARG U 50 119.44 -168.92 39.57
CA ARG U 50 118.09 -169.39 39.36
C ARG U 50 117.15 -168.20 39.15
N LEU U 51 116.27 -168.30 38.16
CA LEU U 51 115.36 -167.21 37.81
C LEU U 51 113.92 -167.74 37.92
N GLN U 52 113.37 -167.67 39.13
CA GLN U 52 112.03 -168.22 39.37
C GLN U 52 110.97 -167.43 38.62
N ALA U 53 111.08 -166.10 38.64
CA ALA U 53 110.11 -165.20 37.97
C ALA U 53 110.06 -165.52 36.48
N LEU U 54 111.19 -165.76 35.82
CA LEU U 54 111.21 -166.22 34.43
C LEU U 54 110.67 -167.63 34.32
N GLU U 55 110.92 -168.46 35.34
CA GLU U 55 110.43 -169.83 35.31
C GLU U 55 108.91 -169.89 35.31
N ILE U 56 108.24 -168.88 35.86
CA ILE U 56 106.78 -168.89 35.84
C ILE U 56 106.26 -168.13 34.63
N ILE U 57 107.01 -167.11 34.21
CA ILE U 57 106.63 -166.37 33.00
C ILE U 57 106.65 -167.29 31.79
N ASN U 58 107.60 -168.22 31.76
CA ASN U 58 107.67 -169.16 30.65
C ASN U 58 106.42 -170.02 30.54
N GLU U 59 105.93 -170.57 31.66
CA GLU U 59 104.71 -171.37 31.62
C GLU U 59 103.49 -170.53 31.27
N ARG U 60 103.41 -169.29 31.79
CA ARG U 60 102.27 -168.45 31.46
C ARG U 60 102.26 -168.18 29.96
N PHE U 61 103.43 -167.84 29.41
CA PHE U 61 103.53 -167.61 27.97
C PHE U 61 103.23 -168.87 27.19
N ALA U 62 103.67 -170.02 27.69
CA ALA U 62 103.42 -171.27 26.99
C ALA U 62 101.92 -171.57 26.93
N ARG U 63 101.20 -171.33 28.03
CA ARG U 63 99.76 -171.53 28.01
C ARG U 63 99.09 -170.58 27.02
N GLN U 64 99.49 -169.31 27.05
CA GLN U 64 98.91 -168.34 26.12
C GLN U 64 99.20 -168.72 24.67
N PHE U 65 100.43 -169.16 24.39
CA PHE U 65 100.80 -169.53 23.04
C PHE U 65 100.10 -170.79 22.58
N ARG U 66 99.88 -171.74 23.48
CA ARG U 66 99.10 -172.93 23.12
C ARG U 66 97.68 -172.68 22.64
N MET U 67 96.94 -171.83 23.35
CA MET U 67 95.60 -171.47 22.87
C MET U 67 95.59 -170.60 21.60
N GLY U 68 96.64 -169.78 21.46
CA GLY U 68 96.78 -168.97 20.27
C GLY U 68 97.00 -169.93 19.11
N LEU U 69 97.86 -170.94 19.31
CA LEU U 69 98.10 -171.92 18.26
C LEU U 69 96.86 -172.74 17.99
N PHE U 70 96.10 -173.08 19.03
CA PHE U 70 94.83 -173.76 18.82
C PHE U 70 93.89 -172.87 18.01
N ASN U 71 93.83 -171.58 18.35
CA ASN U 71 92.97 -170.68 17.62
C ASN U 71 93.36 -170.57 16.15
N LEU U 72 94.66 -170.62 15.86
CA LEU U 72 95.14 -170.41 14.50
C LEU U 72 95.09 -171.70 13.68
N LEU U 73 95.85 -172.71 14.11
CA LEU U 73 96.01 -173.94 13.34
C LEU U 73 94.78 -174.84 13.35
N ARG U 74 93.79 -174.55 14.19
CA ARG U 74 92.63 -175.42 14.38
C ARG U 74 93.06 -176.83 14.77
N ARG U 75 94.11 -176.94 15.58
CA ARG U 75 94.60 -178.21 16.08
C ARG U 75 94.93 -178.05 17.55
N SER U 76 95.40 -179.12 18.17
CA SER U 76 95.69 -179.13 19.60
C SER U 76 97.18 -179.31 19.86
N PRO U 77 97.95 -178.23 19.97
CA PRO U 77 99.36 -178.35 20.35
C PRO U 77 99.63 -178.49 21.83
N ASP U 78 100.75 -179.11 22.16
CA ASP U 78 101.23 -179.17 23.54
C ASP U 78 102.64 -178.60 23.55
N ILE U 79 102.87 -177.64 24.45
CA ILE U 79 104.14 -176.94 24.56
C ILE U 79 104.77 -177.31 25.88
N THR U 80 105.96 -177.88 25.82
CA THR U 80 106.75 -178.23 27.00
C THR U 80 107.85 -177.20 27.15
N VAL U 81 107.92 -176.56 28.31
CA VAL U 81 108.95 -175.55 28.56
C VAL U 81 110.24 -176.25 29.00
N GLY U 82 111.32 -176.00 28.27
CA GLY U 82 112.59 -176.57 28.64
C GLY U 82 113.27 -175.78 29.75
N ALA U 83 114.41 -176.31 30.19
CA ALA U 83 115.18 -175.63 31.23
C ALA U 83 115.81 -174.36 30.68
N ILE U 84 115.71 -173.27 31.45
CA ILE U 84 116.33 -172.02 31.07
C ILE U 84 117.84 -172.20 31.06
N ARG U 85 118.48 -171.79 29.96
CA ARG U 85 119.92 -171.93 29.82
C ARG U 85 120.58 -170.56 29.84
N ILE U 86 121.52 -170.37 30.76
CA ILE U 86 122.31 -169.15 30.86
C ILE U 86 123.69 -169.39 30.26
N GLN U 87 123.89 -168.92 29.04
CA GLN U 87 125.03 -169.34 28.24
C GLN U 87 125.59 -168.19 27.44
N PRO U 88 126.87 -168.24 27.06
CA PRO U 88 127.42 -167.22 26.18
C PRO U 88 126.72 -167.23 24.83
N TYR U 89 126.66 -166.05 24.21
CA TYR U 89 125.89 -165.90 22.98
C TYR U 89 126.32 -166.79 21.81
N HIS U 90 127.62 -167.05 21.68
CA HIS U 90 128.17 -167.88 20.58
C HIS U 90 127.81 -169.37 20.76
N GLU U 91 127.49 -169.81 21.99
CA GLU U 91 127.01 -171.15 22.24
C GLU U 91 125.59 -171.23 21.68
N PHE U 92 124.78 -170.22 22.01
CA PHE U 92 123.42 -170.16 21.48
C PHE U 92 123.41 -170.08 19.97
N ALA U 93 124.33 -169.28 19.41
CA ALA U 93 124.39 -169.15 17.96
C ALA U 93 124.80 -170.45 17.29
N ARG U 94 125.79 -171.14 17.86
CA ARG U 94 126.28 -172.35 17.21
C ARG U 94 125.29 -173.51 17.36
N ASN U 95 124.52 -173.54 18.45
CA ASN U 95 123.54 -174.62 18.60
C ASN U 95 122.37 -174.45 17.63
N LEU U 96 122.14 -173.23 17.14
CA LEU U 96 121.04 -172.99 16.22
C LEU U 96 121.33 -173.65 14.86
N PRO U 97 120.29 -174.11 14.17
CA PRO U 97 120.48 -174.65 12.82
C PRO U 97 120.46 -173.53 11.79
N VAL U 98 120.81 -173.90 10.56
CA VAL U 98 120.85 -172.93 9.46
C VAL U 98 120.13 -173.50 8.25
N PRO U 99 119.18 -172.77 7.67
CA PRO U 99 118.66 -171.47 8.10
C PRO U 99 117.59 -171.64 9.17
N THR U 100 117.34 -170.57 9.93
CA THR U 100 116.29 -170.55 10.97
C THR U 100 115.77 -169.14 11.02
N ASN U 101 114.46 -168.93 11.06
CA ASN U 101 113.85 -167.59 11.25
C ASN U 101 114.17 -166.99 12.62
N LEU U 102 114.85 -165.85 12.66
CA LEU U 102 115.19 -165.11 13.89
C LEU U 102 114.31 -163.83 13.95
N ASN U 103 113.67 -163.47 15.05
CA ASN U 103 112.74 -162.30 15.08
C ASN U 103 113.27 -161.29 16.10
N LEU U 104 114.03 -160.27 15.68
CA LEU U 104 114.51 -159.28 16.63
C LEU U 104 113.32 -158.53 17.22
N ILE U 105 113.26 -158.47 18.54
CA ILE U 105 112.14 -157.85 19.23
C ILE U 105 112.67 -156.87 20.25
N HIS U 106 111.92 -155.79 20.45
CA HIS U 106 112.27 -154.76 21.41
C HIS U 106 111.36 -154.89 22.63
N LEU U 107 111.95 -155.15 23.78
CA LEU U 107 111.19 -155.24 25.03
C LEU U 107 111.27 -153.93 25.80
N LYS U 108 110.72 -152.88 25.21
CA LYS U 108 110.75 -151.58 25.85
C LYS U 108 109.95 -151.59 27.15
N PRO U 109 110.36 -150.79 28.14
CA PRO U 109 111.43 -149.79 28.13
C PRO U 109 112.82 -150.37 28.43
N LEU U 110 112.98 -151.69 28.43
CA LEU U 110 114.29 -152.28 28.69
C LEU U 110 115.18 -152.07 27.48
N ARG U 111 116.34 -151.44 27.69
CA ARG U 111 117.25 -151.18 26.59
C ARG U 111 117.94 -152.47 26.15
N GLY U 112 117.85 -152.78 24.87
CA GLY U 112 118.42 -153.98 24.31
C GLY U 112 117.52 -154.52 23.22
N THR U 113 117.84 -155.73 22.76
CA THR U 113 117.10 -156.36 21.68
C THR U 113 117.09 -157.87 21.90
N GLY U 114 115.92 -158.42 22.18
CA GLY U 114 115.78 -159.84 22.33
C GLY U 114 115.53 -160.55 21.01
N LEU U 115 115.52 -161.88 21.07
CA LEU U 115 115.42 -162.71 19.88
C LEU U 115 114.39 -163.80 20.09
N VAL U 116 113.54 -164.02 19.10
CA VAL U 116 112.59 -165.13 19.10
C VAL U 116 112.95 -166.03 17.93
N VAL U 117 113.30 -167.27 18.21
CA VAL U 117 113.83 -168.19 17.20
C VAL U 117 112.78 -169.25 16.91
N PHE U 118 112.26 -169.23 15.69
CA PHE U 118 111.35 -170.25 15.19
C PHE U 118 112.11 -171.28 14.35
N SER U 119 112.06 -172.54 14.78
CA SER U 119 112.74 -173.58 14.05
C SER U 119 112.12 -173.86 12.68
N PRO U 120 112.90 -174.35 11.69
CA PRO U 120 112.33 -174.72 10.36
C PRO U 120 111.22 -175.73 10.56
N SER U 121 111.39 -176.62 11.55
CA SER U 121 110.38 -177.66 11.75
C SER U 121 109.03 -177.06 12.12
N LEU U 122 109.03 -176.07 13.02
CA LEU U 122 107.77 -175.49 13.48
C LEU U 122 107.07 -174.73 12.35
N VAL U 123 107.82 -173.93 11.59
CA VAL U 123 107.21 -173.19 10.50
C VAL U 123 106.73 -174.14 9.41
N PHE U 124 107.48 -175.23 9.18
CA PHE U 124 107.03 -176.23 8.22
C PHE U 124 105.71 -176.84 8.68
N ILE U 125 105.60 -177.19 9.96
CA ILE U 125 104.38 -177.77 10.49
C ILE U 125 103.21 -176.80 10.35
N ALA U 126 103.45 -175.53 10.68
CA ALA U 126 102.39 -174.54 10.60
C ALA U 126 101.91 -174.33 9.18
N VAL U 127 102.86 -174.20 8.23
CA VAL U 127 102.49 -174.01 6.83
C VAL U 127 101.76 -175.23 6.31
N ASP U 128 102.22 -176.43 6.68
CA ASP U 128 101.56 -177.64 6.25
C ASP U 128 100.13 -177.71 6.76
N ASN U 129 99.93 -177.37 8.03
CA ASN U 129 98.58 -177.42 8.60
C ASN U 129 97.67 -176.38 7.97
N LEU U 130 98.18 -175.17 7.77
CA LEU U 130 97.34 -174.12 7.18
C LEU U 130 96.94 -174.45 5.76
N PHE U 131 97.87 -174.96 4.96
CA PHE U 131 97.62 -175.15 3.53
C PHE U 131 97.24 -176.61 3.24
N GLY U 132 96.11 -177.01 3.80
CA GLY U 132 95.50 -178.28 3.47
C GLY U 132 96.36 -179.49 3.69
N GLY U 133 97.02 -179.57 4.84
CA GLY U 133 97.84 -180.72 5.14
C GLY U 133 97.61 -181.29 6.52
N ASP U 134 97.33 -182.60 6.58
CA ASP U 134 97.09 -183.28 7.88
C ASP U 134 98.42 -183.82 8.43
N GLY U 135 99.54 -183.23 8.01
CA GLY U 135 100.84 -183.67 8.50
C GLY U 135 101.04 -185.16 8.30
N ARG U 136 100.50 -185.72 7.22
CA ARG U 136 100.73 -187.13 6.90
C ARG U 136 102.19 -187.42 6.56
N PHE U 137 102.73 -186.66 5.61
CA PHE U 137 104.13 -186.84 5.25
C PHE U 137 105.13 -186.28 6.25
N PRO U 138 106.30 -186.89 6.37
CA PRO U 138 107.31 -186.37 7.31
C PRO U 138 107.81 -185.01 6.87
N THR U 139 108.18 -184.19 7.86
CA THR U 139 108.75 -182.88 7.56
C THR U 139 110.17 -183.05 7.01
N LYS U 140 110.44 -182.42 5.88
CA LYS U 140 111.73 -182.47 5.23
C LYS U 140 112.32 -181.06 5.14
N VAL U 141 113.48 -180.87 5.74
CA VAL U 141 114.19 -179.59 5.70
C VAL U 141 115.60 -179.87 5.20
N GLU U 142 115.99 -179.19 4.12
CA GLU U 142 117.29 -179.37 3.49
C GLU U 142 117.94 -178.03 3.20
N GLY U 143 117.93 -177.13 4.19
CA GLY U 143 118.50 -175.82 3.98
C GLY U 143 117.64 -174.90 3.15
N ARG U 144 116.38 -175.25 2.93
CA ARG U 144 115.50 -174.42 2.13
C ARG U 144 115.17 -173.12 2.86
N GLU U 145 115.16 -172.02 2.12
CA GLU U 145 114.88 -170.71 2.70
C GLU U 145 113.38 -170.51 2.85
N PHE U 146 112.99 -169.31 3.26
CA PHE U 146 111.61 -168.97 3.53
C PHE U 146 111.11 -167.98 2.49
N THR U 147 109.99 -168.32 1.85
CA THR U 147 109.40 -167.45 0.85
C THR U 147 108.59 -166.35 1.52
N HIS U 148 107.97 -165.49 0.70
CA HIS U 148 107.17 -164.40 1.24
C HIS U 148 105.92 -164.93 1.94
N THR U 149 105.29 -165.97 1.38
CA THR U 149 104.14 -166.57 2.04
C THR U 149 104.51 -167.19 3.37
N GLU U 150 105.64 -167.91 3.40
CA GLU U 150 106.13 -168.47 4.65
C GLU U 150 106.45 -167.36 5.65
N GLN U 151 107.04 -166.27 5.17
CA GLN U 151 107.34 -165.14 6.05
C GLN U 151 106.06 -164.54 6.62
N ARG U 152 105.00 -164.46 5.81
CA ARG U 152 103.75 -163.91 6.31
C ARG U 152 103.11 -164.85 7.33
N VAL U 153 103.18 -166.16 7.10
CA VAL U 153 102.69 -167.10 8.09
C VAL U 153 103.45 -166.98 9.40
N ILE U 154 104.77 -166.83 9.31
CA ILE U 154 105.59 -166.67 10.51
C ILE U 154 105.26 -165.37 11.23
N ASN U 155 104.98 -164.31 10.47
CA ASN U 155 104.57 -163.05 11.09
C ASN U 155 103.25 -163.23 11.82
N ARG U 156 102.33 -163.96 11.21
CA ARG U 156 101.04 -164.22 11.87
C ARG U 156 101.22 -165.00 13.16
N MET U 157 102.08 -166.02 13.12
CA MET U 157 102.38 -166.77 14.35
C MET U 157 103.07 -165.90 15.39
N LEU U 158 104.03 -165.09 14.95
CA LEU U 158 104.81 -164.28 15.87
C LEU U 158 103.96 -163.20 16.52
N LYS U 159 102.90 -162.74 15.85
CA LYS U 159 102.00 -161.80 16.49
C LYS U 159 101.37 -162.43 17.73
N LEU U 160 100.87 -163.66 17.61
CA LEU U 160 100.33 -164.36 18.76
C LEU U 160 101.40 -164.62 19.81
N ALA U 161 102.60 -165.01 19.38
CA ALA U 161 103.67 -165.28 20.31
C ALA U 161 104.02 -164.04 21.12
N LEU U 162 104.14 -162.90 20.46
CA LEU U 162 104.48 -161.66 21.15
C LEU U 162 103.36 -161.20 22.06
N GLU U 163 102.10 -161.34 21.62
CA GLU U 163 100.99 -161.00 22.49
C GLU U 163 101.00 -161.85 23.76
N GLY U 164 101.22 -163.16 23.60
CA GLY U 164 101.28 -164.02 24.76
C GLY U 164 102.43 -163.68 25.69
N TYR U 165 103.61 -163.41 25.12
CA TYR U 165 104.76 -163.04 25.94
C TYR U 165 104.52 -161.73 26.69
N SER U 166 103.94 -160.73 26.02
CA SER U 166 103.65 -159.47 26.68
C SER U 166 102.63 -159.67 27.80
N ASP U 167 101.59 -160.47 27.57
CA ASP U 167 100.61 -160.73 28.61
C ASP U 167 101.24 -161.45 29.79
N ALA U 168 102.13 -162.41 29.52
CA ALA U 168 102.80 -163.13 30.60
C ALA U 168 103.68 -162.18 31.41
N TRP U 169 104.39 -161.29 30.74
CA TRP U 169 105.26 -160.35 31.45
C TRP U 169 104.39 -159.34 32.19
N LYS U 170 103.20 -159.04 31.65
CA LYS U 170 102.35 -158.03 32.25
C LYS U 170 102.07 -158.29 33.74
N ALA U 171 101.97 -159.56 34.12
CA ALA U 171 101.75 -159.89 35.52
C ALA U 171 102.82 -159.40 36.50
N ILE U 172 104.09 -159.49 36.10
CA ILE U 172 105.19 -159.09 36.97
C ILE U 172 105.61 -157.67 36.65
N ASN U 173 106.05 -157.44 35.41
CA ASN U 173 106.47 -156.11 34.99
C ASN U 173 105.85 -155.79 33.63
N PRO U 174 105.01 -154.76 33.54
CA PRO U 174 104.35 -154.46 32.26
C PRO U 174 105.32 -154.00 31.20
N LEU U 175 105.48 -154.80 30.16
CA LEU U 175 106.37 -154.51 29.05
C LEU U 175 105.58 -154.55 27.75
N GLU U 176 106.02 -153.75 26.78
CA GLU U 176 105.46 -153.77 25.44
C GLU U 176 106.46 -154.40 24.48
N VAL U 177 105.99 -155.35 23.68
CA VAL U 177 106.84 -156.14 22.81
C VAL U 177 106.62 -155.67 21.38
N GLU U 178 107.69 -155.24 20.73
CA GLU U 178 107.62 -154.76 19.35
C GLU U 178 108.51 -155.62 18.47
N TYR U 179 107.95 -156.08 17.35
CA TYR U 179 108.69 -156.82 16.35
C TYR U 179 109.29 -155.84 15.35
N VAL U 180 110.61 -155.85 15.21
CA VAL U 180 111.30 -154.84 14.41
C VAL U 180 111.85 -155.41 13.11
N ARG U 181 112.26 -156.68 13.11
CA ARG U 181 112.95 -157.21 11.94
C ARG U 181 113.01 -158.72 12.04
N SER U 182 113.03 -159.37 10.89
CA SER U 182 113.18 -160.81 10.81
C SER U 182 114.34 -161.10 9.87
N GLU U 183 115.09 -162.15 10.19
CA GLU U 183 116.26 -162.54 9.44
C GLU U 183 116.31 -164.06 9.39
N MET U 184 117.15 -164.59 8.51
CA MET U 184 117.29 -166.03 8.32
C MET U 184 118.63 -166.61 8.70
N GLN U 185 119.69 -165.79 8.63
CA GLN U 185 121.02 -166.23 9.03
C GLN U 185 121.30 -165.78 10.46
N VAL U 186 122.42 -166.29 11.00
CA VAL U 186 122.78 -165.96 12.37
C VAL U 186 123.65 -164.70 12.45
N LYS U 187 124.43 -164.41 11.42
CA LYS U 187 125.38 -163.30 11.47
C LYS U 187 124.71 -161.95 11.25
N PHE U 188 123.42 -161.91 10.93
CA PHE U 188 122.73 -160.64 10.76
C PHE U 188 122.16 -160.03 12.04
N THR U 189 122.07 -160.79 13.13
CA THR U 189 121.42 -160.27 14.34
C THR U 189 122.39 -159.51 15.24
N ASN U 190 123.41 -160.19 15.73
CA ASN U 190 124.42 -159.62 16.62
C ASN U 190 123.79 -158.66 17.64
N ILE U 191 122.95 -159.23 18.52
CA ILE U 191 122.27 -158.45 19.59
C ILE U 191 123.21 -158.33 20.80
N THR U 192 124.38 -158.98 20.76
CA THR U 192 125.38 -158.94 21.86
C THR U 192 126.61 -158.21 21.37
N THR U 193 127.11 -157.23 22.13
CA THR U 193 128.27 -156.40 21.75
C THR U 193 129.42 -157.32 21.41
N SER U 194 129.61 -158.40 22.18
CA SER U 194 130.65 -159.39 21.93
C SER U 194 130.04 -160.78 21.93
N PRO U 195 130.63 -161.72 21.18
CA PRO U 195 130.09 -163.08 21.17
C PRO U 195 130.22 -163.80 22.50
N ASN U 196 131.05 -163.31 23.41
CA ASN U 196 131.21 -163.93 24.72
C ASN U 196 130.25 -163.38 25.76
N ASP U 197 129.36 -162.48 25.36
CA ASP U 197 128.35 -161.97 26.28
C ASP U 197 127.38 -163.06 26.67
N ILE U 198 126.78 -162.91 27.84
CA ILE U 198 125.94 -163.93 28.43
C ILE U 198 124.48 -163.62 28.14
N VAL U 199 123.73 -164.63 27.69
CA VAL U 199 122.33 -164.48 27.35
C VAL U 199 121.52 -165.59 28.02
N VAL U 200 120.24 -165.33 28.18
CA VAL U 200 119.31 -166.25 28.82
C VAL U 200 118.40 -166.90 27.79
N ASN U 201 118.55 -168.22 27.63
CA ASN U 201 117.78 -168.93 26.56
C ASN U 201 116.72 -169.89 27.13
N THR U 202 115.47 -169.78 26.65
CA THR U 202 114.39 -170.66 27.02
C THR U 202 113.91 -171.41 25.79
N PRO U 203 114.19 -172.71 25.67
CA PRO U 203 113.66 -173.50 24.55
C PRO U 203 112.33 -174.12 24.92
N PHE U 204 111.34 -173.95 24.05
CA PHE U 204 110.05 -174.63 24.17
C PHE U 204 109.93 -175.66 23.05
N HIS U 205 109.29 -176.78 23.37
CA HIS U 205 109.03 -177.83 22.39
C HIS U 205 107.53 -177.91 22.15
N VAL U 206 107.13 -177.72 20.90
CA VAL U 206 105.72 -177.73 20.51
C VAL U 206 105.46 -178.99 19.69
N GLU U 207 104.52 -179.81 20.15
CA GLU U 207 104.16 -181.03 19.44
C GLU U 207 102.73 -180.93 18.95
N ILE U 208 102.53 -181.24 17.66
CA ILE U 208 101.22 -181.30 17.04
C ILE U 208 101.06 -182.68 16.43
N GLY U 209 100.10 -183.45 16.95
CA GLY U 209 99.98 -184.83 16.51
C GLY U 209 101.27 -185.58 16.76
N ASN U 210 101.74 -186.26 15.71
CA ASN U 210 103.04 -186.92 15.80
C ASN U 210 104.19 -185.96 15.50
N LEU U 211 103.91 -184.88 14.78
CA LEU U 211 104.97 -183.94 14.40
C LEU U 211 105.42 -183.13 15.61
N THR U 212 106.70 -182.75 15.59
CA THR U 212 107.30 -181.98 16.68
C THR U 212 108.17 -180.88 16.11
N GLY U 213 108.35 -179.83 16.92
CA GLY U 213 109.24 -178.74 16.58
C GLY U 213 109.61 -178.01 17.84
N GLU U 214 110.49 -177.03 17.71
CA GLU U 214 110.95 -176.28 18.87
C GLU U 214 111.14 -174.81 18.50
N PHE U 215 111.10 -173.96 19.52
CA PHE U 215 111.37 -172.55 19.31
C PHE U 215 111.91 -171.96 20.60
N ASN U 216 112.86 -171.04 20.47
CA ASN U 216 113.56 -170.48 21.62
C ASN U 216 113.24 -169.01 21.78
N ILE U 217 113.39 -168.54 23.03
CA ILE U 217 113.32 -167.11 23.32
C ILE U 217 114.59 -166.72 24.05
N CYS U 218 115.40 -165.87 23.44
CA CYS U 218 116.70 -165.49 23.98
C CYS U 218 116.72 -164.00 24.31
N LEU U 219 117.11 -163.68 25.54
CA LEU U 219 117.21 -162.31 26.00
C LEU U 219 118.64 -162.04 26.45
N PRO U 220 119.28 -160.98 25.95
CA PRO U 220 120.61 -160.63 26.46
C PRO U 220 120.52 -160.25 27.93
N PHE U 221 121.55 -160.64 28.69
CA PHE U 221 121.53 -160.39 30.12
C PHE U 221 121.54 -158.90 30.46
N SER U 222 121.94 -158.04 29.52
CA SER U 222 121.93 -156.61 29.79
C SER U 222 120.51 -156.12 30.04
N MET U 223 119.54 -156.62 29.27
CA MET U 223 118.15 -156.24 29.48
C MET U 223 117.63 -156.71 30.82
N ILE U 224 117.99 -157.94 31.22
CA ILE U 224 117.47 -158.50 32.46
C ILE U 224 118.14 -157.88 33.68
N GLU U 225 119.38 -157.43 33.54
CA GLU U 225 120.16 -156.98 34.70
C GLU U 225 119.45 -155.95 35.58
N PRO U 226 118.81 -154.90 35.05
CA PRO U 226 118.08 -153.99 35.95
C PRO U 226 116.94 -154.66 36.69
N LEU U 227 116.45 -155.81 36.22
CA LEU U 227 115.36 -156.52 36.86
C LEU U 227 115.78 -157.82 37.52
N ARG U 228 117.05 -157.94 37.92
CA ARG U 228 117.55 -159.20 38.47
C ARG U 228 116.91 -159.53 39.81
N GLU U 229 116.81 -158.54 40.70
CA GLU U 229 116.22 -158.78 42.01
C GLU U 229 114.74 -159.14 41.85
N LEU U 230 114.10 -158.65 40.79
CA LEU U 230 112.71 -159.03 40.54
C LEU U 230 112.62 -160.43 39.96
N LEU U 231 113.55 -160.79 39.06
CA LEU U 231 113.50 -162.08 38.32
C LEU U 231 114.11 -163.21 39.16
N VAL U 232 114.81 -162.89 40.24
CA VAL U 232 115.50 -163.93 41.06
C VAL U 232 114.51 -164.55 42.05
N ASN U 233 113.87 -163.76 42.94
CA ASN U 233 113.01 -164.37 43.95
C ASN U 233 111.67 -164.75 43.34
N PRO U 234 111.08 -165.87 43.78
CA PRO U 234 109.76 -166.25 43.30
C PRO U 234 108.73 -165.20 43.66
N PRO U 235 107.75 -164.95 42.78
CA PRO U 235 106.78 -163.88 43.04
C PRO U 235 105.91 -164.20 44.25
N LEU U 236 105.50 -163.15 44.95
CA LEU U 236 104.64 -163.29 46.12
C LEU U 236 103.31 -162.59 45.86
N GLU U 237 102.26 -163.13 46.47
CA GLU U 237 100.91 -162.61 46.30
C GLU U 237 100.78 -161.33 47.11
N ASN U 238 101.20 -160.22 46.51
CA ASN U 238 101.15 -158.91 47.13
C ASN U 238 100.59 -157.91 46.13
N SER U 239 100.66 -156.64 46.47
CA SER U 239 100.19 -155.57 45.61
C SER U 239 101.27 -154.51 45.47
N ARG U 240 101.13 -153.68 44.43
CA ARG U 240 102.09 -152.59 44.23
C ARG U 240 102.05 -151.62 45.40
N HIS U 241 100.86 -151.38 45.95
CA HIS U 241 100.75 -150.54 47.14
C HIS U 241 101.52 -151.15 48.31
N GLU U 242 101.39 -152.46 48.50
CA GLU U 242 102.11 -153.13 49.58
C GLU U 242 103.61 -153.07 49.34
N ASP U 243 104.04 -153.24 48.09
CA ASP U 243 105.48 -153.19 47.78
C ASP U 243 106.06 -151.81 48.04
N GLN U 244 105.36 -150.76 47.59
CA GLN U 244 105.86 -149.42 47.84
C GLN U 244 105.81 -149.07 49.33
N ASN U 245 104.81 -149.57 50.05
CA ASN U 245 104.78 -149.38 51.49
C ASN U 245 105.97 -150.06 52.16
N TRP U 246 106.31 -151.27 51.69
CA TRP U 246 107.47 -151.97 52.22
C TRP U 246 108.82 -151.27 52.21
N ARG U 247 109.20 -150.78 51.02
CA ARG U 247 110.50 -150.07 50.88
C ARG U 247 110.39 -148.71 51.60
N ASP U 248 109.19 -148.12 51.62
CA ASP U 248 109.00 -146.82 52.32
C ASP U 248 109.35 -147.02 53.80
N ASN U 249 108.77 -148.04 54.43
CA ASN U 249 109.07 -148.32 55.87
C ASN U 249 110.55 -148.66 56.02
N LEU U 250 111.08 -149.48 55.11
CA LEU U 250 112.51 -149.86 55.16
C LEU U 250 113.36 -148.58 55.03
N VAL U 251 113.01 -147.71 54.08
CA VAL U 251 113.75 -146.43 53.91
C VAL U 251 113.74 -145.69 55.25
N ARG U 252 112.55 -145.59 55.87
CA ARG U 252 112.46 -144.90 57.16
C ARG U 252 113.26 -145.62 58.24
N GLN U 253 113.30 -146.96 58.20
CA GLN U 253 114.12 -147.68 59.16
C GLN U 253 115.60 -147.45 58.93
N VAL U 254 116.01 -147.29 57.67
CA VAL U 254 117.43 -147.10 57.35
C VAL U 254 117.93 -145.77 57.90
N GLN U 255 117.08 -144.74 57.90
CA GLN U 255 117.51 -143.40 58.29
C GLN U 255 118.12 -143.39 59.69
N HIS U 256 117.65 -144.26 60.58
CA HIS U 256 118.20 -144.32 61.94
C HIS U 256 119.38 -145.28 62.00
N SER U 257 120.41 -145.01 61.17
CA SER U 257 121.67 -145.80 61.15
C SER U 257 122.86 -144.83 61.15
N GLU U 258 123.67 -144.84 62.21
CA GLU U 258 124.83 -143.92 62.34
C GLU U 258 125.87 -144.24 61.26
N LEU U 259 126.53 -143.22 60.69
CA LEU U 259 127.59 -143.40 59.67
C LEU U 259 128.91 -142.86 60.21
N GLU U 260 130.02 -143.09 59.50
CA GLU U 260 131.32 -142.51 59.85
C GLU U 260 131.73 -141.55 58.74
N LEU U 261 131.78 -140.26 59.06
CA LEU U 261 132.13 -139.23 58.09
C LEU U 261 133.55 -138.75 58.36
N VAL U 262 134.36 -138.70 57.31
CA VAL U 262 135.77 -138.35 57.41
C VAL U 262 136.04 -137.14 56.54
N ALA U 263 136.67 -136.12 57.12
CA ALA U 263 137.01 -134.90 56.40
C ALA U 263 138.49 -134.92 56.06
N ASN U 264 138.80 -134.65 54.79
CA ASN U 264 140.18 -134.61 54.32
C ASN U 264 140.60 -133.16 54.15
N PHE U 265 141.55 -132.72 55.00
CA PHE U 265 142.06 -131.33 54.97
C PHE U 265 143.04 -131.12 53.81
N ALA U 266 143.98 -132.04 53.62
CA ALA U 266 145.00 -131.93 52.54
C ALA U 266 145.48 -133.31 52.07
N ASP U 267 146.08 -133.42 50.87
CA ASP U 267 146.64 -134.67 50.37
C ASP U 267 147.97 -134.34 49.71
N ILE U 268 149.07 -134.59 50.41
CA ILE U 268 150.40 -134.21 49.97
C ILE U 268 151.10 -135.44 49.43
N PRO U 269 151.77 -135.38 48.24
CA PRO U 269 152.47 -136.56 47.64
C PRO U 269 153.95 -136.60 48.03
N LEU U 270 154.34 -137.59 48.84
CA LEU U 270 155.76 -137.75 49.21
C LEU U 270 156.30 -139.12 48.76
N ARG U 271 157.58 -139.19 48.46
CA ARG U 271 158.22 -140.47 48.08
C ARG U 271 158.44 -141.31 49.34
N LEU U 272 158.66 -142.62 49.18
CA LEU U 272 158.95 -143.50 50.33
C LEU U 272 160.22 -143.00 51.04
N SER U 273 161.19 -142.52 50.26
CA SER U 273 162.47 -142.09 50.85
C SER U 273 162.22 -140.96 51.85
N GLN U 274 161.35 -140.03 51.49
CA GLN U 274 161.02 -138.93 52.44
C GLN U 274 160.39 -139.55 53.69
N ILE U 275 159.51 -140.54 53.53
CA ILE U 275 158.81 -141.09 54.73
C ILE U 275 159.76 -141.70 55.77
N LEU U 276 160.73 -142.51 55.34
CA LEU U 276 161.73 -143.03 56.31
C LEU U 276 162.64 -142.03 57.04
N LYS U 277 163.11 -141.02 56.32
CA LYS U 277 163.89 -139.90 56.94
C LYS U 277 162.94 -138.92 57.73
N LEU U 278 161.65 -139.08 57.43
CA LEU U 278 160.64 -138.17 58.04
C LEU U 278 160.83 -138.51 59.52
N LYS U 279 160.92 -137.47 60.34
CA LYS U 279 161.06 -137.62 61.80
C LYS U 279 160.37 -136.41 62.42
N PRO U 280 159.97 -136.40 63.71
CA PRO U 280 159.20 -135.27 64.30
C PRO U 280 159.92 -133.94 64.13
N GLY U 281 159.18 -132.84 63.96
CA GLY U 281 159.70 -131.50 63.80
C GLY U 281 159.78 -131.01 62.37
N ASP U 282 159.64 -131.91 61.39
CA ASP U 282 159.72 -131.51 60.00
C ASP U 282 158.46 -130.75 59.58
N VAL U 283 158.57 -129.99 58.49
CA VAL U 283 157.46 -129.25 57.92
C VAL U 283 157.27 -129.71 56.48
N LEU U 284 156.08 -130.19 56.16
CA LEU U 284 155.75 -130.64 54.82
C LEU U 284 154.78 -129.63 54.20
N PRO U 285 155.16 -128.93 53.14
CA PRO U 285 154.32 -127.84 52.64
C PRO U 285 153.04 -128.37 51.99
N ILE U 286 151.94 -127.66 52.22
CA ILE U 286 150.64 -128.00 51.67
C ILE U 286 150.08 -126.75 50.99
N GLU U 287 149.13 -126.97 50.11
CA GLU U 287 148.50 -125.90 49.34
C GLU U 287 147.21 -125.45 50.04
N LYS U 288 146.63 -124.39 49.51
CA LYS U 288 145.39 -123.86 50.05
C LYS U 288 144.24 -124.83 49.80
N PRO U 289 143.58 -125.33 50.84
CA PRO U 289 142.31 -126.02 50.62
C PRO U 289 141.15 -125.03 50.54
N ASP U 290 140.64 -124.80 49.33
CA ASP U 290 139.46 -123.89 49.18
C ASP U 290 138.25 -124.58 49.79
N ARG U 291 138.09 -125.89 49.56
CA ARG U 291 136.98 -126.65 50.09
C ARG U 291 137.49 -127.97 50.65
N ILE U 292 136.76 -128.50 51.63
CA ILE U 292 137.12 -129.72 52.32
C ILE U 292 136.18 -130.88 51.99
N ILE U 293 136.73 -131.93 51.38
CA ILE U 293 135.90 -133.08 51.02
C ILE U 293 135.63 -133.99 52.21
N ALA U 294 134.37 -134.34 52.39
CA ALA U 294 133.93 -135.24 53.45
C ALA U 294 133.38 -136.49 52.80
N HIS U 295 133.96 -137.63 53.15
CA HIS U 295 133.66 -138.91 52.52
C HIS U 295 133.34 -139.95 53.59
N VAL U 296 132.48 -140.90 53.22
CA VAL U 296 132.13 -142.03 54.08
C VAL U 296 132.70 -143.27 53.43
N ASP U 297 133.70 -143.87 54.09
CA ASP U 297 134.33 -145.09 53.60
C ASP U 297 134.85 -144.92 52.17
N GLY U 298 135.37 -143.73 51.88
CA GLY U 298 135.94 -143.47 50.58
C GLY U 298 135.06 -142.61 49.68
N VAL U 299 133.76 -142.85 49.71
CA VAL U 299 132.84 -142.16 48.81
C VAL U 299 132.60 -140.73 49.31
N PRO U 300 132.94 -139.71 48.53
CA PRO U 300 132.76 -138.33 49.00
C PRO U 300 131.30 -137.95 49.04
N VAL U 301 130.91 -137.26 50.11
CA VAL U 301 129.51 -136.91 50.33
C VAL U 301 129.32 -135.41 50.42
N LEU U 302 130.34 -134.70 50.91
CA LEU U 302 130.18 -133.29 51.23
C LEU U 302 131.46 -132.61 50.78
N THR U 303 131.35 -131.33 50.47
CA THR U 303 132.49 -130.41 50.42
C THR U 303 132.07 -129.21 51.24
N SER U 304 132.90 -128.80 52.19
CA SER U 304 132.52 -127.83 53.20
C SER U 304 133.82 -127.16 53.63
N GLN U 305 133.70 -125.92 54.10
CA GLN U 305 134.83 -125.07 54.42
C GLN U 305 135.16 -125.40 55.86
N TYR U 306 136.45 -125.45 56.18
CA TYR U 306 136.88 -125.79 57.52
C TYR U 306 136.66 -124.62 58.47
N GLY U 307 136.62 -124.92 59.76
CA GLY U 307 136.44 -123.89 60.77
C GLY U 307 136.55 -124.49 62.15
N THR U 308 136.46 -123.61 63.14
CA THR U 308 136.51 -124.01 64.55
C THR U 308 135.30 -123.42 65.25
N VAL U 309 134.52 -124.28 65.91
CA VAL U 309 133.34 -123.86 66.64
C VAL U 309 133.29 -124.63 67.96
N ASN U 310 133.08 -123.89 69.05
CA ASN U 310 132.94 -124.47 70.39
C ASN U 310 134.16 -125.32 70.75
N GLY U 311 135.33 -124.86 70.34
CA GLY U 311 136.55 -125.62 70.58
C GLY U 311 136.67 -126.89 69.76
N GLN U 312 135.77 -127.11 68.81
CA GLN U 312 135.76 -128.30 67.98
C GLN U 312 136.08 -127.94 66.55
N TYR U 313 136.76 -128.84 65.86
CA TYR U 313 136.99 -128.68 64.42
C TYR U 313 135.65 -128.78 63.70
N ALA U 314 135.25 -127.70 63.05
CA ALA U 314 133.94 -127.62 62.44
C ALA U 314 134.06 -127.47 60.93
N LEU U 315 132.97 -127.82 60.24
CA LEU U 315 132.89 -127.67 58.80
C LEU U 315 131.59 -126.95 58.44
N ARG U 316 131.69 -125.90 57.65
CA ARG U 316 130.53 -125.17 57.16
C ARG U 316 130.13 -125.80 55.83
N VAL U 317 129.03 -126.56 55.84
CA VAL U 317 128.64 -127.34 54.68
C VAL U 317 128.29 -126.40 53.53
N GLU U 318 128.94 -126.60 52.42
CA GLU U 318 128.66 -125.81 51.22
C GLU U 318 127.84 -126.53 50.16
N HIS U 319 128.06 -127.83 49.95
CA HIS U 319 127.38 -128.53 48.83
C HIS U 319 127.33 -130.04 49.01
N LEU U 320 126.13 -130.63 49.01
CA LEU U 320 125.99 -132.07 49.00
C LEU U 320 126.28 -132.60 47.61
N ILE U 321 127.17 -133.58 47.51
CA ILE U 321 127.63 -134.04 46.20
C ILE U 321 126.59 -134.96 45.58
N ASN U 322 125.68 -134.38 44.81
CA ASN U 322 124.69 -135.16 44.08
C ASN U 322 125.32 -135.75 42.82
N PRO U 323 124.82 -136.91 42.36
CA PRO U 323 125.34 -137.51 41.13
C PRO U 323 124.61 -137.02 39.88
N GLN V 52 165.00 -159.97 49.85
CA GLN V 52 164.90 -158.82 50.75
C GLN V 52 165.70 -157.64 50.21
N ASP V 53 165.13 -156.95 49.22
CA ASP V 53 165.78 -155.83 48.58
C ASP V 53 165.39 -154.53 49.28
N ILE V 54 166.21 -153.50 49.08
CA ILE V 54 165.97 -152.23 49.76
C ILE V 54 165.88 -151.10 48.74
N ASP V 55 166.85 -151.02 47.82
CA ASP V 55 166.83 -149.98 46.76
C ASP V 55 165.66 -150.24 45.81
N LEU V 56 165.11 -151.46 45.79
CA LEU V 56 164.03 -151.83 44.85
C LEU V 56 162.78 -150.98 45.12
N ILE V 57 162.44 -150.73 46.39
CA ILE V 57 161.20 -149.97 46.75
C ILE V 57 161.63 -148.66 47.43
N MET V 58 162.90 -148.27 47.32
CA MET V 58 163.40 -147.07 47.98
C MET V 58 162.81 -145.81 47.35
N ASP V 59 162.22 -145.93 46.17
CA ASP V 59 161.77 -144.78 45.39
C ASP V 59 160.27 -144.77 45.13
N ILE V 60 159.54 -145.76 45.59
CA ILE V 60 158.10 -145.87 45.30
C ILE V 60 157.37 -144.69 45.94
N PRO V 61 156.47 -144.02 45.23
CA PRO V 61 155.74 -142.90 45.84
C PRO V 61 154.55 -143.38 46.65
N VAL V 62 154.22 -142.57 47.67
CA VAL V 62 153.09 -142.84 48.54
C VAL V 62 152.39 -141.49 48.60
N LYS V 63 151.08 -141.54 48.91
CA LYS V 63 150.25 -140.32 49.05
C LYS V 63 149.86 -140.22 50.51
N LEU V 64 150.03 -139.04 51.12
CA LEU V 64 149.76 -138.84 52.55
C LEU V 64 148.54 -137.94 52.68
N THR V 65 147.63 -138.31 53.55
CA THR V 65 146.40 -137.54 53.78
C THR V 65 146.38 -137.11 55.24
N VAL V 66 145.75 -135.97 55.50
CA VAL V 66 145.56 -135.44 56.84
C VAL V 66 144.08 -135.12 57.05
N GLU V 67 143.58 -135.39 58.24
CA GLU V 67 142.16 -135.23 58.53
C GLU V 67 141.86 -134.01 59.38
N LEU V 68 140.64 -133.50 59.28
CA LEU V 68 140.19 -132.52 60.25
C LEU V 68 139.81 -133.27 61.53
N GLY V 69 138.96 -134.30 61.39
CA GLY V 69 138.58 -135.10 62.53
C GLY V 69 137.54 -136.13 62.18
N ARG V 70 137.33 -137.04 63.11
CA ARG V 70 136.29 -138.05 63.01
C ARG V 70 134.97 -137.41 63.40
N THR V 71 133.87 -138.06 63.03
CA THR V 71 132.56 -137.75 63.56
C THR V 71 131.70 -138.89 63.02
N ARG V 72 130.64 -139.21 63.73
CA ARG V 72 129.74 -140.29 63.38
C ARG V 72 128.33 -139.71 63.49
N MET V 73 127.59 -139.72 62.39
CA MET V 73 126.36 -138.97 62.28
C MET V 73 125.51 -139.79 61.32
N THR V 74 124.21 -139.92 61.61
CA THR V 74 123.33 -140.87 60.88
C THR V 74 122.84 -140.31 59.58
N ILE V 75 122.06 -141.11 58.86
CA ILE V 75 121.50 -140.72 57.54
C ILE V 75 120.56 -139.52 57.76
N LYS V 76 119.80 -139.48 58.84
CA LYS V 76 118.82 -138.38 59.11
C LYS V 76 119.49 -137.00 58.97
N GLU V 77 120.45 -136.64 59.83
CA GLU V 77 121.16 -135.37 59.83
C GLU V 77 121.90 -135.10 58.53
N LEU V 78 122.48 -136.14 57.93
CA LEU V 78 123.12 -135.98 56.64
C LEU V 78 122.20 -135.52 55.51
N LEU V 79 120.98 -136.05 55.49
CA LEU V 79 120.01 -135.61 54.49
C LEU V 79 119.41 -134.23 54.68
N ARG V 80 119.32 -133.76 55.93
CA ARG V 80 118.81 -132.41 56.20
C ARG V 80 119.92 -131.33 56.36
N LEU V 81 121.14 -131.71 56.00
CA LEU V 81 122.26 -130.77 56.03
C LEU V 81 121.94 -129.89 54.83
N THR V 82 122.07 -128.58 55.04
CA THR V 82 121.75 -127.62 53.98
C THR V 82 123.00 -126.78 53.79
N GLN V 83 122.95 -125.84 52.85
CA GLN V 83 124.10 -124.93 52.66
C GLN V 83 124.24 -124.04 53.86
N GLY V 84 125.46 -123.83 54.33
CA GLY V 84 125.72 -122.98 55.47
C GLY V 84 125.58 -123.70 56.80
N SER V 85 125.09 -124.94 56.81
CA SER V 85 125.00 -125.69 58.05
C SER V 85 126.40 -126.06 58.54
N VAL V 86 126.55 -126.10 59.85
CA VAL V 86 127.85 -126.34 60.49
C VAL V 86 127.77 -127.66 61.24
N VAL V 87 128.78 -128.52 61.03
CA VAL V 87 128.89 -129.80 61.71
C VAL V 87 130.24 -129.85 62.40
N ALA V 88 130.29 -130.35 63.64
CA ALA V 88 131.55 -130.43 64.42
C ALA V 88 132.35 -131.68 64.04
N LEU V 89 133.37 -132.01 64.83
CA LEU V 89 134.26 -133.18 64.61
C LEU V 89 134.58 -133.69 66.01
N ASP V 90 135.23 -134.85 66.17
CA ASP V 90 135.50 -135.46 67.49
C ASP V 90 136.74 -134.86 68.15
N GLY V 91 137.49 -134.00 67.46
CA GLY V 91 138.71 -133.40 68.00
C GLY V 91 138.64 -131.95 68.44
N LEU V 92 139.22 -131.70 69.63
CA LEU V 92 139.34 -130.33 70.11
C LEU V 92 140.24 -129.53 69.18
N ALA V 93 139.91 -128.25 69.00
CA ALA V 93 140.72 -127.39 68.15
C ALA V 93 142.07 -127.18 68.80
N GLY V 94 143.09 -127.87 68.30
CA GLY V 94 144.42 -127.77 68.87
C GLY V 94 145.19 -129.07 68.91
N GLU V 95 144.48 -130.22 68.93
CA GLU V 95 145.19 -131.48 68.91
C GLU V 95 145.85 -131.69 67.55
N PRO V 96 146.96 -132.43 67.51
CA PRO V 96 147.60 -132.71 66.22
C PRO V 96 146.73 -133.63 65.37
N LEU V 97 146.61 -133.29 64.09
CA LEU V 97 145.84 -134.10 63.16
C LEU V 97 146.58 -135.40 62.84
N ASP V 98 145.81 -136.40 62.41
CA ASP V 98 146.42 -137.73 62.13
C ASP V 98 146.81 -137.82 60.65
N ILE V 99 148.08 -138.14 60.38
CA ILE V 99 148.56 -138.31 58.97
C ILE V 99 148.44 -139.80 58.63
N LEU V 100 147.90 -140.13 57.44
CA LEU V 100 147.67 -141.56 57.09
C LEU V 100 148.15 -141.85 55.67
N ILE V 101 148.55 -143.11 55.39
CA ILE V 101 148.95 -143.51 54.01
C ILE V 101 148.15 -144.77 53.65
N ASN V 102 147.47 -144.78 52.51
CA ASN V 102 146.70 -145.98 52.06
C ASN V 102 145.75 -146.36 53.21
N GLY V 103 145.21 -145.37 53.93
CA GLY V 103 144.24 -145.61 55.01
C GLY V 103 144.90 -146.18 56.26
N TYR V 104 146.22 -146.09 56.38
CA TYR V 104 146.98 -146.67 57.52
C TYR V 104 147.67 -145.55 58.28
N LEU V 105 147.53 -145.50 59.61
CA LEU V 105 148.08 -144.37 60.40
C LEU V 105 149.60 -144.37 60.20
N ILE V 106 150.19 -143.18 60.04
CA ILE V 106 151.67 -143.06 59.80
C ILE V 106 152.26 -141.97 60.70
N ALA V 107 151.53 -140.90 61.05
CA ALA V 107 152.14 -139.79 61.78
C ALA V 107 151.05 -138.94 62.42
N GLN V 108 151.49 -137.87 63.10
CA GLN V 108 150.61 -136.84 63.63
C GLN V 108 151.27 -135.48 63.51
N GLY V 109 150.49 -134.48 63.09
CA GLY V 109 150.98 -133.13 62.96
C GLY V 109 149.86 -132.15 62.71
N GLU V 110 150.15 -130.88 62.96
CA GLU V 110 149.17 -129.81 62.79
C GLU V 110 149.64 -128.83 61.73
N VAL V 111 148.70 -128.02 61.26
CA VAL V 111 148.98 -127.02 60.24
C VAL V 111 149.62 -125.79 60.90
N VAL V 112 150.61 -125.21 60.22
CA VAL V 112 151.31 -124.03 60.71
C VAL V 112 151.42 -122.97 59.62
N VAL V 113 151.28 -121.72 60.01
CA VAL V 113 151.40 -120.58 59.11
C VAL V 113 152.75 -119.90 59.26
N VAL V 114 153.57 -119.91 58.21
CA VAL V 114 154.90 -119.35 58.33
C VAL V 114 154.90 -117.91 57.84
N ALA V 115 154.66 -117.78 56.53
CA ALA V 115 154.50 -116.44 55.93
C ALA V 115 153.13 -116.22 55.27
N ASP V 116 152.94 -116.81 54.09
CA ASP V 116 151.62 -116.79 53.42
C ASP V 116 151.54 -118.21 52.85
N LYS V 117 152.16 -119.18 53.54
CA LYS V 117 152.23 -120.57 53.03
C LYS V 117 151.84 -121.55 54.15
N TYR V 118 151.37 -122.74 53.78
CA TYR V 118 150.89 -123.70 54.82
C TYR V 118 151.67 -125.01 54.78
N GLY V 119 151.75 -125.69 55.93
CA GLY V 119 152.39 -126.99 56.02
C GLY V 119 152.08 -127.67 57.33
N VAL V 120 152.38 -128.96 57.38
CA VAL V 120 152.09 -129.78 58.55
C VAL V 120 153.39 -129.91 59.33
N ARG V 121 153.31 -129.66 60.63
CA ARG V 121 154.44 -129.75 61.54
C ARG V 121 154.22 -131.05 62.32
N ILE V 122 154.94 -132.09 61.92
CA ILE V 122 154.74 -133.42 62.51
C ILE V 122 155.22 -133.42 63.95
N THR V 123 154.39 -133.96 64.84
CA THR V 123 154.70 -133.98 66.27
C THR V 123 155.47 -135.22 66.67
N ASP V 124 155.08 -136.39 66.18
CA ASP V 124 155.73 -137.64 66.58
C ASP V 124 155.43 -138.71 65.55
N ILE V 125 156.07 -139.86 65.75
CA ILE V 125 155.85 -141.05 64.93
C ILE V 125 155.29 -142.14 65.84
N ILE V 126 154.15 -142.69 65.46
CA ILE V 126 153.45 -143.66 66.31
C ILE V 126 154.12 -145.02 66.22
N THR V 127 154.63 -145.51 67.34
CA THR V 127 155.11 -146.86 67.45
C THR V 127 153.92 -147.83 67.46
N PRO V 128 154.15 -149.11 67.14
CA PRO V 128 153.03 -150.05 67.13
C PRO V 128 152.27 -150.11 68.44
N SER V 129 152.97 -150.01 69.58
CA SER V 129 152.30 -150.07 70.88
C SER V 129 151.19 -149.03 70.93
N GLU V 130 151.51 -147.79 70.59
CA GLU V 130 150.48 -146.78 70.47
C GLU V 130 149.39 -147.16 69.48
N ARG V 131 149.78 -147.64 68.30
CA ARG V 131 148.77 -148.11 67.32
C ARG V 131 147.84 -149.14 67.95
N MET V 132 148.39 -150.04 68.77
CA MET V 132 147.56 -151.12 69.37
C MET V 132 146.49 -150.50 70.28
N ARG V 133 146.86 -149.49 71.07
CA ARG V 133 145.89 -148.83 71.98
C ARG V 133 144.93 -147.96 71.15
N ARG V 134 145.36 -147.59 69.94
CA ARG V 134 144.53 -146.74 69.04
C ARG V 134 143.34 -147.66 68.67
N LEU V 135 143.65 -148.84 68.14
CA LEU V 135 142.58 -149.85 67.88
C LEU V 135 141.79 -150.29 69.11
N SER V 136 142.47 -150.44 70.25
CA SER V 136 141.81 -150.93 71.47
C SER V 136 140.87 -149.86 72.04
N ARG V 137 141.18 -148.57 71.84
CA ARG V 137 140.35 -147.55 72.46
C ARG V 137 140.16 -146.35 71.54
N ASP W 53 163.74 -148.18 62.17
CA ASP W 53 163.02 -147.32 61.23
C ASP W 53 162.49 -148.11 60.03
N ILE W 54 163.17 -149.22 59.71
CA ILE W 54 162.72 -150.07 58.61
C ILE W 54 161.37 -150.66 59.02
N ASP W 55 161.21 -150.96 60.30
CA ASP W 55 159.97 -151.54 60.79
C ASP W 55 158.75 -150.67 60.49
N LEU W 56 158.92 -149.34 60.54
CA LEU W 56 157.81 -148.44 60.19
C LEU W 56 157.29 -148.57 58.78
N ILE W 57 158.22 -148.72 57.82
CA ILE W 57 157.83 -148.79 56.38
C ILE W 57 157.92 -150.24 55.90
N MET W 58 157.79 -151.22 56.81
CA MET W 58 157.92 -152.61 56.42
C MET W 58 156.47 -153.12 56.49
N ASP W 59 155.57 -152.32 57.07
CA ASP W 59 154.17 -152.80 57.28
C ASP W 59 153.14 -152.03 56.44
N ILE W 60 153.48 -150.82 55.98
CA ILE W 60 152.52 -149.97 55.24
C ILE W 60 151.87 -150.58 53.99
N PRO W 61 150.54 -150.44 53.81
CA PRO W 61 149.85 -150.90 52.58
C PRO W 61 150.25 -150.05 51.38
N VAL W 62 150.14 -150.59 50.18
CA VAL W 62 150.47 -149.87 48.95
C VAL W 62 149.59 -150.53 47.90
N LYS W 63 149.35 -149.82 46.81
CA LYS W 63 148.45 -150.29 45.77
C LYS W 63 149.30 -150.82 44.62
N LEU W 64 149.02 -152.05 44.18
CA LEU W 64 149.77 -152.69 43.12
C LEU W 64 148.87 -152.86 41.93
N THR W 65 149.40 -152.63 40.73
CA THR W 65 148.66 -152.83 39.49
C THR W 65 149.57 -153.52 38.49
N VAL W 66 148.95 -154.15 37.49
CA VAL W 66 149.69 -154.72 36.36
C VAL W 66 148.96 -154.35 35.10
N GLU W 67 149.66 -153.74 34.15
CA GLU W 67 149.03 -153.24 32.94
C GLU W 67 149.30 -154.19 31.78
N LEU W 68 148.25 -154.53 31.02
CA LEU W 68 148.36 -155.54 29.93
C LEU W 68 148.68 -154.87 28.58
N GLY W 69 148.30 -153.60 28.38
CA GLY W 69 148.44 -152.94 27.07
C GLY W 69 148.87 -151.50 27.19
N ARG W 70 149.38 -150.95 26.07
CA ARG W 70 149.82 -149.53 26.02
C ARG W 70 149.71 -149.05 24.56
N THR W 71 148.93 -148.00 24.30
CA THR W 71 148.71 -147.49 22.94
C THR W 71 148.68 -145.99 23.01
N ARG W 72 149.18 -145.30 21.99
CA ARG W 72 149.10 -143.85 21.85
C ARG W 72 148.06 -143.48 20.79
N MET W 73 147.15 -142.58 21.16
CA MET W 73 146.05 -142.25 20.23
C MET W 73 145.70 -140.76 20.25
N THR W 74 145.09 -140.26 19.18
CA THR W 74 144.62 -138.88 19.05
C THR W 74 143.15 -138.97 19.42
N ILE W 75 142.44 -137.83 19.36
CA ILE W 75 141.03 -137.85 19.85
C ILE W 75 140.11 -138.22 18.68
N LYS W 76 140.53 -137.88 17.47
CA LYS W 76 139.74 -138.34 16.32
C LYS W 76 139.61 -139.84 16.59
N GLU W 77 140.74 -140.50 16.86
CA GLU W 77 140.71 -141.96 17.05
C GLU W 77 139.88 -142.36 18.26
N LEU W 78 140.04 -141.68 19.40
CA LEU W 78 139.31 -142.09 20.63
C LEU W 78 137.81 -141.94 20.44
N LEU W 79 137.38 -140.83 19.86
CA LEU W 79 135.94 -140.55 19.62
C LEU W 79 135.41 -141.57 18.61
N ARG W 80 136.21 -141.93 17.62
CA ARG W 80 135.77 -142.86 16.55
C ARG W 80 135.43 -144.21 17.20
N LEU W 81 136.20 -144.66 18.18
CA LEU W 81 135.86 -145.91 18.92
C LEU W 81 134.36 -145.88 19.24
N THR W 82 133.61 -146.96 19.01
CA THR W 82 132.19 -147.03 19.42
C THR W 82 132.01 -148.24 20.31
N GLN W 83 130.78 -148.75 20.44
CA GLN W 83 130.60 -149.97 21.21
C GLN W 83 131.02 -151.18 20.39
N GLY W 84 131.83 -152.04 20.98
CA GLY W 84 132.33 -153.21 20.28
C GLY W 84 133.56 -152.97 19.45
N SER W 85 134.07 -151.73 19.39
CA SER W 85 135.28 -151.47 18.62
C SER W 85 136.48 -152.11 19.27
N VAL W 86 137.35 -152.69 18.45
CA VAL W 86 138.56 -153.36 18.93
C VAL W 86 139.73 -152.40 18.79
N VAL W 87 140.46 -152.20 19.88
CA VAL W 87 141.60 -151.30 19.91
C VAL W 87 142.85 -152.16 20.00
N ALA W 88 143.72 -152.05 18.99
CA ALA W 88 144.97 -152.78 19.00
C ALA W 88 145.97 -152.24 20.01
N LEU W 89 146.78 -153.14 20.56
CA LEU W 89 147.81 -152.79 21.52
C LEU W 89 149.25 -152.89 21.05
N ASP W 90 150.03 -151.82 21.29
CA ASP W 90 151.43 -151.82 20.86
C ASP W 90 152.20 -153.08 21.36
N GLY W 91 151.90 -153.46 22.59
CA GLY W 91 152.40 -154.71 23.13
C GLY W 91 152.12 -156.03 22.45
N LEU W 92 153.17 -156.73 22.05
CA LEU W 92 153.01 -158.03 21.40
C LEU W 92 152.54 -159.07 22.42
N ALA W 93 151.96 -160.16 21.92
CA ALA W 93 151.53 -161.22 22.80
C ALA W 93 152.72 -161.92 23.43
N GLY W 94 152.63 -162.20 24.73
CA GLY W 94 153.66 -162.90 25.44
C GLY W 94 154.76 -162.05 26.03
N GLU W 95 154.81 -160.76 25.69
CA GLU W 95 155.83 -159.90 26.26
C GLU W 95 155.55 -159.66 27.74
N PRO W 96 156.54 -159.41 28.63
CA PRO W 96 156.27 -159.26 30.08
C PRO W 96 155.39 -158.03 30.36
N LEU W 97 154.26 -158.20 31.05
CA LEU W 97 153.36 -157.08 31.43
C LEU W 97 154.08 -156.14 32.40
N ASP W 98 153.91 -154.82 32.29
CA ASP W 98 154.52 -153.94 33.32
C ASP W 98 153.80 -154.14 34.65
N ILE W 99 154.49 -154.11 35.79
CA ILE W 99 153.91 -154.13 37.12
C ILE W 99 154.26 -152.81 37.79
N LEU W 100 153.24 -152.09 38.23
CA LEU W 100 153.38 -150.75 38.76
C LEU W 100 152.96 -150.71 40.22
N ILE W 101 153.62 -149.86 41.00
CA ILE W 101 153.29 -149.62 42.39
C ILE W 101 152.97 -148.14 42.53
N ASN W 102 151.70 -147.83 42.77
CA ASN W 102 151.23 -146.45 42.82
C ASN W 102 151.59 -145.72 41.53
N GLY W 103 151.51 -146.42 40.41
CA GLY W 103 151.86 -145.87 39.13
C GLY W 103 153.34 -145.84 38.81
N TYR W 104 154.18 -146.49 39.62
CA TYR W 104 155.62 -146.51 39.43
C TYR W 104 156.05 -147.90 39.00
N LEU W 105 156.70 -148.00 37.84
CA LEU W 105 157.11 -149.30 37.32
C LEU W 105 158.31 -149.83 38.10
N ILE W 106 158.22 -151.09 38.53
CA ILE W 106 159.33 -151.70 39.27
C ILE W 106 159.72 -153.04 38.66
N ALA W 107 158.81 -153.67 37.92
CA ALA W 107 159.06 -155.04 37.51
C ALA W 107 158.28 -155.38 36.25
N GLN W 108 158.69 -156.48 35.62
CA GLN W 108 158.03 -157.02 34.44
C GLN W 108 157.75 -158.49 34.64
N GLY W 109 156.57 -158.93 34.21
CA GLY W 109 156.20 -160.33 34.33
C GLY W 109 155.03 -160.81 33.50
N GLU W 110 155.03 -162.10 33.23
CA GLU W 110 153.96 -162.70 32.42
C GLU W 110 152.63 -162.92 33.10
N VAL W 111 151.58 -163.11 32.32
CA VAL W 111 150.21 -163.16 32.81
C VAL W 111 149.99 -164.65 33.04
N VAL W 112 149.37 -164.97 34.17
CA VAL W 112 149.00 -166.34 34.50
C VAL W 112 147.79 -166.29 35.41
N VAL W 113 146.89 -167.26 35.28
CA VAL W 113 145.66 -167.32 36.06
C VAL W 113 145.75 -168.47 37.04
N VAL W 114 145.48 -168.19 38.31
CA VAL W 114 145.57 -169.22 39.39
C VAL W 114 144.23 -169.30 40.14
N ALA W 115 143.63 -170.50 40.22
CA ALA W 115 142.38 -170.69 40.99
C ALA W 115 141.28 -169.76 40.49
N ASP W 116 141.20 -169.55 39.17
CA ASP W 116 140.12 -168.72 38.53
C ASP W 116 140.24 -167.24 38.92
N LYS W 117 141.42 -166.81 39.38
CA LYS W 117 141.64 -165.37 39.72
C LYS W 117 142.86 -164.90 38.94
N TYR W 118 142.79 -163.70 38.35
CA TYR W 118 143.95 -163.16 37.60
C TYR W 118 145.23 -163.12 38.44
N GLY W 119 146.37 -163.26 37.78
CA GLY W 119 147.65 -163.19 38.47
C GLY W 119 148.76 -162.86 37.50
N VAL W 120 149.97 -162.75 38.05
CA VAL W 120 151.14 -162.41 37.27
C VAL W 120 152.37 -163.01 37.96
N ARG W 121 153.26 -163.60 37.16
CA ARG W 121 154.52 -164.12 37.65
C ARG W 121 155.64 -163.13 37.41
N ILE W 122 156.34 -162.75 38.48
CA ILE W 122 157.39 -161.75 38.38
C ILE W 122 158.58 -162.33 37.63
N THR W 123 158.68 -162.03 36.34
CA THR W 123 159.82 -162.52 35.56
C THR W 123 161.10 -161.82 36.00
N ASP W 124 161.08 -160.50 36.13
CA ASP W 124 162.28 -159.79 36.55
C ASP W 124 161.90 -158.44 37.14
N ILE W 125 162.86 -157.86 37.85
CA ILE W 125 162.73 -156.50 38.35
C ILE W 125 163.65 -155.61 37.52
N ILE W 126 163.08 -154.56 36.94
CA ILE W 126 163.85 -153.69 36.04
C ILE W 126 164.77 -152.80 36.86
N THR W 127 166.05 -152.83 36.51
CA THR W 127 167.07 -151.92 36.99
C THR W 127 166.94 -150.59 36.27
N PRO W 128 167.26 -149.45 36.91
CA PRO W 128 166.97 -148.15 36.30
C PRO W 128 167.70 -147.93 34.98
N SER W 129 168.47 -148.90 34.50
CA SER W 129 169.11 -148.75 33.20
C SER W 129 168.02 -148.74 32.14
N GLU W 130 166.96 -149.53 32.32
CA GLU W 130 165.89 -149.63 31.29
C GLU W 130 164.93 -148.43 31.36
N ARG W 131 164.96 -147.66 32.45
CA ARG W 131 164.04 -146.53 32.64
C ARG W 131 164.34 -145.45 31.62
N MET W 132 165.63 -145.21 31.34
CA MET W 132 165.96 -144.24 30.27
C MET W 132 165.24 -144.70 28.99
N ARG W 133 165.35 -145.99 28.66
CA ARG W 133 164.70 -146.55 27.45
C ARG W 133 163.16 -146.57 27.52
N ARG W 134 162.61 -146.54 28.74
CA ARG W 134 161.14 -146.51 28.91
C ARG W 134 160.59 -145.18 28.38
N LEU W 135 161.49 -144.23 28.11
CA LEU W 135 161.07 -142.90 27.58
C LEU W 135 162.00 -142.50 26.42
N ALA X 37 163.53 -108.85 37.03
CA ALA X 37 162.28 -108.11 36.89
C ALA X 37 161.82 -108.09 35.44
N VAL X 38 162.36 -109.00 34.64
CA VAL X 38 162.01 -109.08 33.23
C VAL X 38 160.56 -109.53 33.04
N PHE X 39 160.13 -110.55 33.79
CA PHE X 39 158.78 -111.05 33.66
C PHE X 39 157.79 -110.03 34.19
N GLN X 40 156.66 -109.88 33.49
CA GLN X 40 155.64 -108.92 33.88
C GLN X 40 154.60 -109.65 34.70
N GLN X 41 154.18 -109.03 35.80
CA GLN X 41 153.30 -109.69 36.76
C GLN X 41 151.85 -109.71 36.31
N LEU X 42 151.36 -110.89 35.94
CA LEU X 42 149.97 -111.08 35.51
C LEU X 42 149.04 -111.43 36.65
N GLY X 43 147.87 -110.81 36.66
CA GLY X 43 146.89 -111.06 37.70
C GLY X 43 145.51 -110.59 37.25
N GLY X 44 144.51 -111.10 37.96
CA GLY X 44 143.13 -110.78 37.63
C GLY X 44 142.71 -111.26 36.25
N GLY X 45 143.14 -112.46 35.87
CA GLY X 45 142.81 -112.98 34.56
C GLY X 45 141.66 -113.96 34.57
N ASP X 46 140.94 -114.03 35.69
CA ASP X 46 139.78 -114.92 35.83
C ASP X 46 138.55 -114.24 35.20
N VAL X 47 138.58 -114.17 33.87
CA VAL X 47 137.51 -113.51 33.14
C VAL X 47 136.23 -114.33 33.23
N SER X 48 136.25 -115.54 32.70
CA SER X 48 135.10 -116.44 32.70
C SER X 48 135.59 -117.82 32.28
N GLY X 49 134.67 -118.77 32.32
CA GLY X 49 134.97 -120.12 31.88
C GLY X 49 133.78 -120.80 31.22
N ALA X 50 133.97 -121.28 29.99
CA ALA X 50 132.91 -121.96 29.27
C ALA X 50 133.53 -122.93 28.28
N MET X 51 133.06 -124.18 28.30
CA MET X 51 133.53 -125.16 27.33
C MET X 51 133.23 -124.69 25.92
N GLN X 52 134.22 -124.82 25.04
CA GLN X 52 134.06 -124.30 23.69
C GLN X 52 133.55 -125.46 22.83
N ASP X 53 134.38 -126.48 22.64
CA ASP X 53 134.06 -127.64 21.83
C ASP X 53 135.23 -128.59 21.95
N ILE X 54 135.04 -129.85 21.54
CA ILE X 54 136.05 -130.87 21.74
C ILE X 54 136.95 -131.07 20.53
N ASP X 55 136.80 -130.23 19.51
CA ASP X 55 137.65 -130.29 18.32
C ASP X 55 138.77 -129.27 18.32
N LEU X 56 138.74 -128.30 19.23
CA LEU X 56 139.86 -127.34 19.34
C LEU X 56 141.06 -128.14 19.85
N ILE X 57 140.80 -129.10 20.73
CA ILE X 57 141.87 -129.93 21.38
C ILE X 57 142.00 -131.30 20.72
N MET X 58 141.34 -131.55 19.59
CA MET X 58 141.30 -132.93 19.04
C MET X 58 142.59 -133.71 18.75
N ASP X 59 143.43 -133.17 17.87
CA ASP X 59 144.66 -133.91 17.45
C ASP X 59 145.71 -133.76 18.57
N ILE X 60 145.32 -134.07 19.81
CA ILE X 60 146.31 -134.04 20.92
C ILE X 60 146.51 -135.50 21.33
N PRO X 61 147.77 -136.01 21.41
CA PRO X 61 148.01 -137.45 21.70
C PRO X 61 147.49 -137.79 23.09
N VAL X 62 146.86 -138.96 23.21
CA VAL X 62 146.36 -139.43 24.54
C VAL X 62 147.18 -140.67 24.89
N LYS X 63 147.35 -140.93 26.19
CA LYS X 63 148.10 -142.12 26.59
C LYS X 63 147.10 -143.18 27.03
N LEU X 64 146.74 -144.06 26.09
CA LEU X 64 145.78 -145.11 26.40
C LEU X 64 146.49 -146.33 26.97
N THR X 65 145.90 -146.91 28.01
CA THR X 65 146.49 -148.03 28.72
C THR X 65 145.38 -148.93 29.23
N VAL X 66 145.46 -150.22 28.90
CA VAL X 66 144.54 -151.22 29.43
C VAL X 66 145.16 -151.91 30.64
N GLU X 67 144.35 -152.08 31.68
CA GLU X 67 144.83 -152.66 32.94
C GLU X 67 144.35 -154.08 33.19
N LEU X 68 145.30 -154.96 33.51
CA LEU X 68 144.96 -156.37 33.66
C LEU X 68 144.23 -156.57 34.97
N GLY X 69 144.76 -156.02 36.06
CA GLY X 69 144.14 -156.23 37.35
C GLY X 69 144.71 -155.34 38.43
N ARG X 70 144.13 -155.46 39.62
CA ARG X 70 144.50 -154.69 40.78
C ARG X 70 144.67 -155.67 41.93
N THR X 71 145.29 -155.20 43.00
CA THR X 71 145.41 -155.92 44.24
C THR X 71 145.97 -154.99 45.27
N ARG X 72 145.30 -154.88 46.42
CA ARG X 72 145.81 -154.12 47.55
C ARG X 72 146.71 -155.04 48.36
N MET X 73 147.98 -154.65 48.50
CA MET X 73 148.96 -155.48 49.17
C MET X 73 149.96 -154.56 49.87
N THR X 74 150.42 -155.00 51.02
CA THR X 74 151.35 -154.21 51.82
C THR X 74 152.79 -154.59 51.50
N ILE X 75 153.72 -153.82 52.06
CA ILE X 75 155.14 -154.09 51.86
C ILE X 75 155.55 -155.43 52.47
N LYS X 76 154.77 -155.94 53.43
CA LYS X 76 155.02 -157.24 54.04
C LYS X 76 155.30 -158.30 52.99
N GLU X 77 154.32 -158.59 52.15
CA GLU X 77 154.55 -159.57 51.09
C GLU X 77 155.39 -159.00 49.97
N LEU X 78 155.40 -157.67 49.79
CA LEU X 78 156.21 -157.08 48.74
C LEU X 78 157.67 -157.47 48.58
N LEU X 79 158.43 -157.46 49.66
CA LEU X 79 159.82 -157.92 49.56
C LEU X 79 159.92 -159.47 49.61
N ARG X 80 158.88 -160.09 50.18
CA ARG X 80 158.86 -161.57 50.19
C ARG X 80 158.90 -162.06 48.73
N LEU X 81 158.41 -161.23 47.80
CA LEU X 81 158.45 -161.58 46.39
C LEU X 81 159.78 -161.84 45.72
N THR X 82 159.92 -163.02 45.11
CA THR X 82 161.11 -163.42 44.38
C THR X 82 160.75 -163.69 42.93
N GLN X 83 161.76 -163.99 42.13
CA GLN X 83 161.54 -164.33 40.74
C GLN X 83 160.77 -165.64 40.63
N GLY X 84 159.78 -165.67 39.75
CA GLY X 84 158.95 -166.83 39.59
C GLY X 84 157.77 -166.91 40.53
N SER X 85 157.66 -165.99 41.49
CA SER X 85 156.51 -165.97 42.38
C SER X 85 155.27 -165.50 41.62
N VAL X 86 154.10 -165.82 42.18
CA VAL X 86 152.82 -165.50 41.57
C VAL X 86 152.03 -164.63 42.53
N VAL X 87 151.53 -163.50 42.03
CA VAL X 87 150.74 -162.56 42.82
C VAL X 87 149.30 -162.62 42.32
N ALA X 88 148.38 -163.01 43.19
CA ALA X 88 146.98 -163.05 42.83
C ALA X 88 146.42 -161.63 42.77
N LEU X 89 145.58 -161.38 41.78
CA LEU X 89 144.96 -160.09 41.57
C LEU X 89 143.51 -160.13 42.03
N ASP X 90 143.03 -158.99 42.53
CA ASP X 90 141.65 -158.92 43.01
C ASP X 90 140.63 -159.21 41.91
N GLY X 91 140.93 -158.77 40.68
CA GLY X 91 140.03 -159.01 39.57
C GLY X 91 139.83 -160.48 39.25
N LEU X 92 138.58 -160.90 39.18
CA LEU X 92 138.27 -162.28 38.80
C LEU X 92 138.64 -162.52 37.35
N ALA X 93 139.10 -163.73 37.06
CA ALA X 93 139.51 -164.06 35.70
C ALA X 93 138.32 -164.01 34.75
N GLY X 94 138.55 -163.45 33.57
CA GLY X 94 137.51 -163.32 32.57
C GLY X 94 136.64 -162.09 32.70
N GLU X 95 136.80 -161.30 33.76
CA GLU X 95 136.04 -160.08 33.91
C GLU X 95 136.51 -159.03 32.91
N PRO X 96 135.66 -158.07 32.57
CA PRO X 96 136.09 -156.99 31.69
C PRO X 96 137.25 -156.20 32.29
N LEU X 97 138.21 -155.87 31.45
CA LEU X 97 139.39 -155.12 31.86
C LEU X 97 139.12 -153.63 31.80
N ASP X 98 139.99 -152.87 32.46
CA ASP X 98 139.81 -151.43 32.59
C ASP X 98 140.66 -150.71 31.56
N ILE X 99 140.11 -149.62 31.00
CA ILE X 99 140.78 -148.81 30.01
C ILE X 99 140.93 -147.41 30.58
N LEU X 100 142.15 -146.87 30.54
CA LEU X 100 142.43 -145.55 31.06
C LEU X 100 143.09 -144.72 29.98
N ILE X 101 142.82 -143.43 29.98
CA ILE X 101 143.53 -142.47 29.14
C ILE X 101 144.21 -141.47 30.05
N ASN X 102 145.55 -141.39 29.96
CA ASN X 102 146.36 -140.58 30.86
C ASN X 102 146.09 -140.94 32.31
N GLY X 103 145.87 -142.23 32.57
CA GLY X 103 145.66 -142.72 33.92
C GLY X 103 144.29 -142.48 34.50
N TYR X 104 143.31 -142.07 33.70
CA TYR X 104 141.96 -141.82 34.17
C TYR X 104 141.05 -142.88 33.57
N LEU X 105 140.32 -143.59 34.43
CA LEU X 105 139.45 -144.66 33.96
C LEU X 105 138.27 -144.08 33.20
N ILE X 106 138.03 -144.59 31.99
CA ILE X 106 136.95 -144.12 31.15
C ILE X 106 135.99 -145.24 30.80
N ALA X 107 136.51 -146.43 30.47
CA ALA X 107 135.66 -147.48 29.93
C ALA X 107 136.14 -148.84 30.39
N GLN X 108 135.25 -149.82 30.24
CA GLN X 108 135.56 -151.22 30.50
C GLN X 108 135.42 -151.99 29.19
N GLY X 109 136.44 -152.78 28.88
CA GLY X 109 136.47 -153.51 27.63
C GLY X 109 136.75 -154.98 27.92
N GLU X 110 136.96 -155.73 26.84
CA GLU X 110 137.24 -157.16 26.91
C GLU X 110 138.44 -157.45 26.01
N VAL X 111 139.34 -158.29 26.49
CA VAL X 111 140.58 -158.58 25.78
C VAL X 111 140.35 -159.62 24.70
N VAL X 112 140.90 -159.36 23.51
CA VAL X 112 140.80 -160.27 22.37
C VAL X 112 142.17 -160.35 21.70
N VAL X 113 142.38 -161.42 20.95
CA VAL X 113 143.63 -161.66 20.22
C VAL X 113 143.31 -161.60 18.73
N VAL X 114 143.95 -160.65 18.05
CA VAL X 114 143.74 -160.51 16.58
C VAL X 114 145.09 -160.54 15.85
N ALA X 115 145.30 -161.55 15.00
CA ALA X 115 146.58 -161.69 14.24
C ALA X 115 147.79 -161.77 15.16
N ASP X 116 147.66 -162.43 16.32
CA ASP X 116 148.81 -162.64 17.25
C ASP X 116 149.17 -161.31 17.93
N LYS X 117 148.27 -160.33 17.89
CA LYS X 117 148.52 -159.02 18.56
C LYS X 117 147.42 -158.80 19.60
N TYR X 118 147.79 -158.30 20.79
CA TYR X 118 146.78 -158.14 21.83
C TYR X 118 145.89 -156.94 21.52
N GLY X 119 144.60 -157.11 21.78
CA GLY X 119 143.65 -156.05 21.52
C GLY X 119 142.51 -156.11 22.51
N VAL X 120 142.06 -154.93 22.93
CA VAL X 120 140.91 -154.80 23.80
C VAL X 120 139.71 -154.38 22.95
N ARG X 121 138.53 -154.87 23.34
CA ARG X 121 137.29 -154.53 22.67
C ARG X 121 136.43 -153.72 23.64
N ILE X 122 136.24 -152.44 23.34
CA ILE X 122 135.49 -151.56 24.23
C ILE X 122 134.06 -152.06 24.35
N THR X 123 133.61 -152.26 25.59
CA THR X 123 132.25 -152.73 25.86
C THR X 123 131.35 -151.65 26.42
N ASP X 124 131.77 -150.92 27.45
CA ASP X 124 130.86 -149.93 28.02
C ASP X 124 131.64 -148.86 28.77
N ILE X 125 131.28 -147.60 28.54
CA ILE X 125 131.83 -146.52 29.35
C ILE X 125 131.31 -146.62 30.77
N ILE X 126 132.22 -146.55 31.74
CA ILE X 126 131.82 -146.74 33.13
C ILE X 126 130.90 -145.60 33.57
N THR X 127 130.12 -145.89 34.59
CA THR X 127 129.15 -145.00 35.22
C THR X 127 129.75 -144.36 36.46
N PRO X 128 129.25 -143.18 36.85
CA PRO X 128 129.77 -142.58 38.09
C PRO X 128 129.61 -143.46 39.31
N SER X 129 128.52 -144.22 39.39
CA SER X 129 128.35 -145.17 40.48
C SER X 129 129.41 -146.26 40.59
N GLU X 130 129.79 -146.86 39.46
CA GLU X 130 130.85 -147.86 39.48
C GLU X 130 132.24 -147.22 39.69
N ARG X 131 132.36 -145.97 39.25
CA ARG X 131 133.59 -145.22 39.50
C ARG X 131 133.81 -145.12 41.01
N MET X 132 132.80 -144.68 41.75
CA MET X 132 132.91 -144.65 43.21
C MET X 132 132.98 -146.01 43.90
N ARG X 133 132.37 -147.01 43.27
CA ARG X 133 132.46 -148.38 43.76
C ARG X 133 133.95 -148.74 43.66
N ARG X 134 134.56 -148.39 42.53
CA ARG X 134 136.00 -148.62 42.37
C ARG X 134 136.79 -147.87 43.43
N LEU X 135 136.39 -146.63 43.73
CA LEU X 135 137.14 -145.82 44.68
C LEU X 135 137.13 -146.46 46.07
N SER X 136 135.99 -146.96 46.52
CA SER X 136 135.89 -147.58 47.83
C SER X 136 136.39 -149.02 47.80
N LYS Y 514 48.80 -155.72 -29.31
CA LYS Y 514 50.16 -155.21 -29.39
C LYS Y 514 51.15 -156.34 -29.63
N ASP Y 515 50.85 -157.52 -29.06
CA ASP Y 515 51.73 -158.66 -29.25
C ASP Y 515 51.76 -159.11 -30.70
N GLU Y 516 50.60 -159.12 -31.38
CA GLU Y 516 50.56 -159.52 -32.77
C GLU Y 516 51.32 -158.54 -33.66
N GLN Y 517 51.18 -157.23 -33.40
CA GLN Y 517 51.93 -156.24 -34.17
C GLN Y 517 53.42 -156.39 -33.95
N LEU Y 518 53.84 -156.64 -32.71
CA LEU Y 518 55.26 -156.85 -32.43
C LEU Y 518 55.77 -158.10 -33.14
N GLN Y 519 54.98 -159.17 -33.15
CA GLN Y 519 55.38 -160.39 -33.85
C GLN Y 519 55.51 -160.15 -35.35
N GLN Y 520 54.57 -159.40 -35.94
CA GLN Y 520 54.64 -159.10 -37.36
C GLN Y 520 55.87 -158.25 -37.68
N ARG Y 521 56.16 -157.25 -36.84
CA ARG Y 521 57.34 -156.44 -37.04
C ARG Y 521 58.61 -157.28 -36.92
N ARG Y 522 58.65 -158.20 -35.95
CA ARG Y 522 59.81 -159.08 -35.81
C ARG Y 522 59.96 -159.99 -37.03
N ALA Y 523 58.86 -160.49 -37.56
CA ALA Y 523 58.94 -161.33 -38.76
C ALA Y 523 59.44 -160.55 -39.96
N ASN Y 524 58.96 -159.32 -40.14
CA ASN Y 524 59.46 -158.49 -41.22
C ASN Y 524 60.94 -158.19 -41.06
N GLN Y 525 61.36 -157.88 -39.81
CA GLN Y 525 62.77 -157.62 -39.55
C GLN Y 525 63.62 -158.85 -39.81
N ARG Y 526 63.13 -160.04 -39.45
CA ARG Y 526 63.86 -161.28 -39.64
C ARG Y 526 63.83 -161.78 -41.08
N LEU Y 527 62.90 -161.25 -41.89
CA LEU Y 527 62.78 -161.64 -43.31
C LEU Y 527 63.65 -160.69 -44.14
N GLY Y 528 63.48 -159.38 -43.95
CA GLY Y 528 64.27 -158.38 -44.68
C GLY Y 528 65.74 -158.42 -44.32
N ALA Y 529 66.07 -158.80 -43.08
CA ALA Y 529 67.48 -158.91 -42.63
C ALA Y 529 68.05 -160.17 -43.29
N GLU Y 530 67.24 -161.24 -43.35
CA GLU Y 530 67.69 -162.50 -44.00
C GLU Y 530 67.95 -162.22 -45.48
N VAL Y 531 67.07 -161.34 -46.06
CA VAL Y 531 67.25 -160.84 -47.46
C VAL Y 531 68.47 -159.91 -47.47
N MET Y 532 68.60 -159.07 -46.44
CA MET Y 532 69.73 -158.11 -46.35
C MET Y 532 71.05 -158.88 -46.24
N SER Y 533 71.06 -159.96 -45.46
CA SER Y 533 72.29 -160.80 -45.30
C SER Y 533 72.65 -161.39 -46.66
N GLN Y 534 71.65 -161.87 -47.40
CA GLN Y 534 71.89 -162.42 -48.77
C GLN Y 534 72.39 -161.28 -49.67
N ARG Y 535 71.82 -160.09 -49.53
CA ARG Y 535 72.20 -158.91 -50.35
C ARG Y 535 73.66 -158.52 -50.08
N ILE Y 536 74.11 -158.57 -48.83
CA ILE Y 536 75.48 -158.12 -48.44
C ILE Y 536 76.50 -159.15 -48.94
N ARG Y 537 76.10 -160.41 -49.16
CA ARG Y 537 76.98 -161.45 -49.64
C ARG Y 537 77.24 -161.29 -51.13
N GLU Y 538 76.19 -161.01 -51.91
CA GLU Y 538 76.38 -160.76 -53.34
C GLU Y 538 77.28 -159.56 -53.58
N MET Y 539 77.07 -158.47 -52.83
CA MET Y 539 77.88 -157.27 -53.01
C MET Y 539 79.33 -157.52 -52.63
N SER Y 540 79.59 -158.24 -51.54
CA SER Y 540 80.95 -158.53 -51.11
C SER Y 540 81.65 -159.48 -52.07
N ASP Y 541 80.93 -160.45 -52.62
CA ASP Y 541 81.49 -161.28 -53.67
C ASP Y 541 81.81 -160.47 -54.93
N ASN Y 542 81.00 -159.47 -55.24
CA ASN Y 542 81.31 -158.59 -56.36
C ASN Y 542 82.57 -157.78 -56.09
N ASP Y 543 82.72 -157.24 -54.88
CA ASP Y 543 83.86 -156.42 -54.50
C ASP Y 543 84.21 -156.68 -53.05
N PRO Y 544 85.24 -157.51 -52.79
CA PRO Y 544 85.61 -157.78 -51.40
C PRO Y 544 86.42 -156.68 -50.76
N ARG Y 545 87.30 -156.02 -51.52
CA ARG Y 545 88.15 -154.98 -50.94
C ARG Y 545 87.38 -153.70 -50.67
N VAL Y 546 86.30 -153.45 -51.42
CA VAL Y 546 85.51 -152.23 -51.21
C VAL Y 546 84.86 -152.25 -49.83
N VAL Y 547 84.38 -153.41 -49.40
CA VAL Y 547 83.76 -153.52 -48.08
C VAL Y 547 84.80 -153.24 -46.99
N ALA Y 548 86.00 -153.80 -47.12
CA ALA Y 548 87.04 -153.55 -46.13
C ALA Y 548 87.44 -152.07 -46.10
N LEU Y 549 87.53 -151.46 -47.28
CA LEU Y 549 87.86 -150.04 -47.34
C LEU Y 549 86.77 -149.19 -46.68
N VAL Y 550 85.50 -149.54 -46.91
CA VAL Y 550 84.40 -148.80 -46.28
C VAL Y 550 84.44 -148.99 -44.77
N ILE Y 551 84.74 -150.20 -44.31
CA ILE Y 551 84.84 -150.44 -42.88
C ILE Y 551 85.96 -149.63 -42.26
N ARG Y 552 87.11 -149.58 -42.94
CA ARG Y 552 88.23 -148.78 -42.44
C ARG Y 552 87.88 -147.30 -42.41
N GLN Y 553 87.18 -146.82 -43.44
CA GLN Y 553 86.75 -145.43 -43.46
C GLN Y 553 85.77 -145.13 -42.32
N TRP Y 554 84.89 -146.08 -42.01
CA TRP Y 554 83.96 -145.90 -40.89
C TRP Y 554 84.72 -145.78 -39.58
N MET Y 555 85.73 -146.63 -39.39
CA MET Y 555 86.55 -146.54 -38.17
C MET Y 555 87.31 -145.23 -38.11
N SER Y 556 87.85 -144.77 -39.24
CA SER Y 556 88.57 -143.49 -39.26
C SER Y 556 87.63 -142.34 -38.92
N ASN Y 557 86.41 -142.35 -39.46
CA ASN Y 557 85.45 -141.31 -39.14
C ASN Y 557 84.95 -141.41 -37.71
N ASP Y 558 85.00 -142.61 -37.13
CA ASP Y 558 84.56 -142.78 -35.74
C ASP Y 558 85.46 -142.02 -34.78
N HIS Y 559 86.71 -141.78 -35.15
CA HIS Y 559 87.64 -141.05 -34.30
C HIS Y 559 87.27 -139.57 -34.21
N GLY Z 6 80.70 -146.93 -35.31
CA GLY Z 6 80.66 -147.61 -36.58
C GLY Z 6 81.43 -148.91 -36.60
N THR Z 7 82.47 -148.98 -35.77
CA THR Z 7 83.28 -150.19 -35.67
C THR Z 7 82.47 -151.36 -35.12
N ASP Z 8 81.64 -151.11 -34.12
CA ASP Z 8 80.78 -152.16 -33.57
C ASP Z 8 79.79 -152.65 -34.62
N LYS Z 9 79.21 -151.73 -35.39
CA LYS Z 9 78.31 -152.11 -36.47
C LYS Z 9 79.03 -152.93 -37.53
N SER Z 10 80.27 -152.54 -37.86
CA SER Z 10 81.05 -153.29 -38.83
C SER Z 10 81.35 -154.69 -38.32
N VAL Z 11 81.69 -154.81 -37.03
CA VAL Z 11 81.95 -156.12 -36.44
C VAL Z 11 80.70 -156.98 -36.47
N ILE Z 12 79.54 -156.40 -36.13
CA ILE Z 12 78.29 -157.15 -36.17
C ILE Z 12 77.98 -157.61 -37.58
N LEU Z 13 78.17 -156.75 -38.57
CA LEU Z 13 77.92 -157.11 -39.96
C LEU Z 13 78.86 -158.24 -40.41
N LEU Z 14 80.13 -158.16 -40.02
CA LEU Z 14 81.09 -159.19 -40.36
C LEU Z 14 80.71 -160.53 -39.72
N MET Z 15 80.29 -160.49 -38.46
CA MET Z 15 79.85 -161.71 -37.79
C MET Z 15 78.62 -162.30 -38.47
N THR Z 16 77.67 -161.46 -38.86
CA THR Z 16 76.46 -161.93 -39.53
C THR Z 16 76.69 -162.34 -40.97
N ILE Z 17 77.83 -161.95 -41.56
CA ILE Z 17 78.10 -162.27 -42.97
C ILE Z 17 78.47 -163.74 -43.10
N GLY Z 18 79.47 -164.18 -42.36
CA GLY Z 18 79.94 -165.54 -42.45
C GLY Z 18 81.44 -165.67 -42.27
N GLU Z 19 81.92 -166.89 -42.04
CA GLU Z 19 83.35 -167.09 -41.79
C GLU Z 19 84.19 -166.79 -43.03
N ASP Z 20 83.74 -167.27 -44.19
CA ASP Z 20 84.54 -167.11 -45.41
C ASP Z 20 84.62 -165.65 -45.84
N ARG Z 21 83.47 -164.96 -45.85
CA ARG Z 21 83.44 -163.56 -46.23
C ARG Z 21 84.26 -162.71 -45.27
N ALA Z 22 84.13 -162.96 -43.97
CA ALA Z 22 84.90 -162.21 -42.99
C ALA Z 22 86.39 -162.48 -43.13
N ALA Z 23 86.77 -163.73 -43.40
CA ALA Z 23 88.17 -164.05 -43.61
C ALA Z 23 88.73 -163.34 -44.83
N GLU Z 24 87.96 -163.31 -45.92
CA GLU Z 24 88.41 -162.60 -47.12
C GLU Z 24 88.54 -161.10 -46.85
N VAL Z 25 87.58 -160.52 -46.12
CA VAL Z 25 87.66 -159.10 -45.79
C VAL Z 25 88.89 -158.81 -44.93
N PHE Z 26 89.16 -159.67 -43.95
CA PHE Z 26 90.34 -159.49 -43.09
C PHE Z 26 91.62 -159.60 -43.93
N LYS Z 27 91.67 -160.56 -44.85
CA LYS Z 27 92.80 -160.66 -45.75
C LYS Z 27 92.94 -159.42 -46.63
N HIS Z 28 91.83 -158.73 -46.90
CA HIS Z 28 91.85 -157.47 -47.63
C HIS Z 28 91.81 -156.27 -46.68
N LEU Z 29 92.22 -156.45 -45.43
CA LEU Z 29 92.19 -155.40 -44.43
C LEU Z 29 93.56 -155.25 -43.78
N SER Z 30 93.79 -154.07 -43.20
CA SER Z 30 95.05 -153.77 -42.53
C SER Z 30 95.16 -154.53 -41.21
N THR Z 31 96.39 -154.60 -40.69
CA THR Z 31 96.66 -155.36 -39.48
C THR Z 31 95.91 -154.80 -38.27
N ARG Z 32 95.99 -153.49 -38.07
CA ARG Z 32 95.30 -152.86 -36.94
C ARG Z 32 93.78 -153.03 -37.06
N GLU Z 33 93.26 -152.80 -38.27
CA GLU Z 33 91.83 -152.95 -38.49
C GLU Z 33 91.39 -154.40 -38.28
N VAL Z 34 92.18 -155.35 -38.77
CA VAL Z 34 91.83 -156.77 -38.61
C VAL Z 34 91.83 -157.14 -37.14
N GLN Z 35 92.84 -156.69 -36.40
CA GLN Z 35 92.93 -156.99 -34.97
C GLN Z 35 91.74 -156.39 -34.22
N ALA Z 36 91.40 -155.13 -34.53
CA ALA Z 36 90.28 -154.49 -33.85
C ALA Z 36 88.97 -155.20 -34.16
N LEU Z 37 88.77 -155.59 -35.42
CA LEU Z 37 87.55 -156.30 -35.80
C LEU Z 37 87.46 -157.66 -35.12
N SER Z 38 88.57 -158.39 -35.05
CA SER Z 38 88.58 -159.69 -34.40
C SER Z 38 88.28 -159.55 -32.90
N THR Z 39 88.87 -158.53 -32.27
CA THR Z 39 88.69 -158.35 -30.84
C THR Z 39 87.25 -157.92 -30.51
N ALA Z 40 86.74 -156.92 -31.22
CA ALA Z 40 85.44 -156.35 -30.90
C ALA Z 40 84.30 -157.34 -31.13
N MET Z 41 84.37 -158.10 -32.22
CA MET Z 41 83.29 -159.02 -32.57
C MET Z 41 83.09 -160.07 -31.49
N ALA Z 42 84.18 -160.68 -31.05
CA ALA Z 42 84.08 -161.71 -30.01
C ALA Z 42 83.93 -161.09 -28.62
N ASN Z 43 84.41 -159.85 -28.46
CA ASN Z 43 84.35 -159.18 -27.14
C ASN Z 43 82.95 -158.80 -26.64
N VAL Z 44 82.32 -157.81 -27.29
CA VAL Z 44 80.92 -157.43 -26.92
C VAL Z 44 80.27 -157.22 -28.29
N ARG Z 45 79.15 -157.90 -28.54
CA ARG Z 45 78.42 -157.73 -29.83
C ARG Z 45 77.05 -157.13 -29.52
N GLN Z 46 76.68 -156.06 -30.22
CA GLN Z 46 75.36 -155.40 -29.98
C GLN Z 46 74.53 -155.49 -31.26
N ILE Z 47 73.27 -155.91 -31.14
CA ILE Z 47 72.36 -155.96 -32.33
C ILE Z 47 71.17 -155.02 -32.06
N SER Z 48 70.88 -154.12 -33.02
CA SER Z 48 69.77 -153.15 -32.84
C SER Z 48 68.68 -153.39 -33.89
N ASN Z 49 67.43 -153.51 -33.46
CA ASN Z 49 66.31 -153.77 -34.40
C ASN Z 49 66.23 -152.63 -35.43
N LYS Z 50 66.48 -151.38 -34.98
CA LYS Z 50 66.34 -150.22 -35.89
C LYS Z 50 67.69 -149.54 -36.13
N GLN Z 51 68.44 -149.22 -35.07
CA GLN Z 51 69.66 -148.44 -35.29
C GLN Z 51 70.63 -149.16 -36.21
N LEU Z 52 70.80 -150.47 -36.05
CA LEU Z 52 71.70 -151.22 -36.93
C LEU Z 52 71.22 -151.20 -38.36
N THR Z 53 69.91 -151.37 -38.57
CA THR Z 53 69.37 -151.32 -39.93
C THR Z 53 69.53 -149.94 -40.55
N ASP Z 54 69.29 -148.88 -39.77
CA ASP Z 54 69.46 -147.52 -40.29
C ASP Z 54 70.91 -147.27 -40.66
N VAL Z 55 71.85 -147.71 -39.81
CA VAL Z 55 73.26 -147.53 -40.10
C VAL Z 55 73.67 -148.31 -41.34
N LEU Z 56 73.18 -149.54 -41.48
CA LEU Z 56 73.50 -150.35 -42.66
C LEU Z 56 72.97 -149.70 -43.93
N SER Z 57 71.74 -149.18 -43.88
CA SER Z 57 71.18 -148.50 -45.05
C SER Z 57 71.98 -147.26 -45.39
N GLU Z 58 72.37 -146.47 -44.38
CA GLU Z 58 73.17 -145.28 -44.63
C GLU Z 58 74.51 -145.63 -45.25
N PHE Z 59 75.16 -146.69 -44.74
CA PHE Z 59 76.43 -147.12 -45.30
C PHE Z 59 76.28 -147.59 -46.74
N GLU Z 60 75.22 -148.36 -47.02
CA GLU Z 60 75.02 -148.87 -48.37
C GLU Z 60 74.70 -147.74 -49.35
N GLN Z 61 74.14 -146.64 -48.84
CA GLN Z 61 73.74 -145.55 -49.75
C GLN Z 61 74.75 -144.38 -49.69
N GLU Z 62 75.74 -144.44 -48.79
CA GLU Z 62 76.64 -143.27 -48.63
C GLU Z 62 77.44 -142.95 -49.90
N ALA Z 63 78.02 -143.95 -50.58
CA ALA Z 63 78.70 -143.65 -51.87
C ALA Z 63 78.79 -144.88 -52.77
N GLU Z 64 78.90 -144.69 -54.10
CA GLU Z 64 79.16 -145.83 -55.01
C GLU Z 64 80.66 -145.86 -55.35
N GLN Z 65 81.44 -144.91 -54.82
CA GLN Z 65 82.88 -144.78 -55.16
C GLN Z 65 83.68 -146.01 -54.73
N PHE Z 66 83.39 -146.57 -53.56
CA PHE Z 66 84.20 -147.69 -53.01
C PHE Z 66 84.12 -148.90 -53.94
N ALA Z 67 82.95 -149.17 -54.51
CA ALA Z 67 82.79 -150.42 -55.31
C ALA Z 67 83.73 -150.46 -56.51
N ALA Z 68 83.94 -149.34 -57.22
CA ALA Z 68 84.75 -149.38 -58.46
C ALA Z 68 86.25 -149.20 -58.22
N LEU Z 69 86.67 -148.02 -57.73
CA LEU Z 69 88.08 -147.72 -57.58
C LEU Z 69 88.78 -148.79 -56.75
N ASN Z 70 88.16 -149.22 -55.67
CA ASN Z 70 88.77 -150.23 -54.80
C ASN Z 70 88.73 -151.62 -55.42
N ILE Z 71 87.86 -151.85 -56.40
CA ILE Z 71 87.76 -153.15 -57.05
C ILE Z 71 89.07 -153.47 -57.77
N ASN Z 72 89.59 -152.50 -58.52
CA ASN Z 72 90.85 -152.67 -59.24
C ASN Z 72 91.60 -151.34 -59.21
N ALA Z 73 92.57 -151.26 -58.27
CA ALA Z 73 93.42 -150.07 -58.17
C ALA Z 73 94.88 -150.41 -58.44
N ASN Z 74 95.42 -151.39 -57.71
CA ASN Z 74 96.82 -151.75 -57.89
C ASN Z 74 97.06 -152.53 -59.17
N GLU Z 75 96.14 -153.43 -59.52
CA GLU Z 75 96.30 -154.21 -60.75
C GLU Z 75 96.27 -153.32 -61.98
N TYR Z 76 95.36 -152.34 -62.00
CA TYR Z 76 95.30 -151.42 -63.14
C TYR Z 76 96.57 -150.59 -63.25
N LEU Z 77 97.09 -150.10 -62.12
CA LEU Z 77 98.32 -149.33 -62.14
C LEU Z 77 99.48 -150.17 -62.63
N ARG Z 78 99.58 -151.42 -62.17
CA ARG Z 78 100.64 -152.30 -62.62
C ARG Z 78 100.55 -152.58 -64.12
N SER Z 79 99.33 -152.84 -64.62
CA SER Z 79 99.16 -153.08 -66.04
C SER Z 79 99.53 -151.85 -66.86
N VAL Z 80 99.13 -150.67 -66.39
CA VAL Z 80 99.47 -149.43 -67.09
C VAL Z 80 100.97 -149.21 -67.11
N LEU Z 81 101.65 -149.48 -65.98
CA LEU Z 81 103.10 -149.32 -65.94
C LEU Z 81 103.79 -150.31 -66.88
N VAL Z 82 103.28 -151.55 -66.94
CA VAL Z 82 103.88 -152.56 -67.82
C VAL Z 82 103.71 -152.16 -69.27
N LYS Z 83 102.50 -151.70 -69.64
CA LYS Z 83 102.22 -151.40 -71.03
C LYS Z 83 102.82 -150.07 -71.47
N ALA Z 84 103.12 -149.19 -70.51
CA ALA Z 84 103.54 -147.84 -70.85
C ALA Z 84 104.96 -147.80 -71.39
N LEU Z 85 105.93 -148.22 -70.59
CA LEU Z 85 107.35 -148.14 -70.97
C LEU Z 85 107.94 -149.52 -71.21
N GLY Z 86 107.83 -150.42 -70.23
CA GLY Z 86 108.39 -151.75 -70.37
C GLY Z 86 108.43 -152.47 -69.04
N GLU Z 87 108.80 -153.74 -69.08
CA GLU Z 87 108.87 -154.53 -67.86
C GLU Z 87 109.91 -153.98 -66.89
N GLU Z 88 111.07 -153.57 -67.41
CA GLU Z 88 112.13 -153.03 -66.55
C GLU Z 88 111.70 -151.74 -65.88
N ARG Z 89 111.06 -150.84 -66.64
CA ARG Z 89 110.60 -149.58 -66.04
C ARG Z 89 109.38 -149.79 -65.15
N ALA Z 90 108.54 -150.78 -65.48
CA ALA Z 90 107.38 -151.07 -64.64
C ALA Z 90 107.81 -151.55 -63.26
N SER Z 91 108.87 -152.35 -63.21
CA SER Z 91 109.38 -152.81 -61.92
C SER Z 91 109.85 -151.64 -61.07
N SER Z 92 110.58 -150.70 -61.68
CA SER Z 92 111.04 -149.52 -60.93
C SER Z 92 109.87 -148.67 -60.47
N LEU Z 93 108.87 -148.48 -61.33
CA LEU Z 93 107.70 -147.68 -60.94
C LEU Z 93 106.95 -148.34 -59.80
N LEU Z 94 106.76 -149.66 -59.86
CA LEU Z 94 106.08 -150.37 -58.78
C LEU Z 94 106.87 -150.30 -57.49
N GLU Z 95 108.20 -150.42 -57.59
CA GLU Z 95 109.03 -150.30 -56.40
C GLU Z 95 108.92 -148.92 -55.77
N ASP Z 96 108.92 -147.88 -56.60
CA ASP Z 96 108.75 -146.52 -56.08
C ASP Z 96 107.39 -146.35 -55.43
N ILE Z 97 106.34 -146.89 -56.06
CA ILE Z 97 104.99 -146.76 -55.50
C ILE Z 97 104.91 -147.47 -54.15
N LEU Z 98 105.50 -148.67 -54.05
CA LEU Z 98 105.51 -149.39 -52.79
C LEU Z 98 106.31 -148.65 -51.72
N GLU Z 99 107.46 -148.08 -52.12
CA GLU Z 99 108.29 -147.35 -51.17
C GLU Z 99 107.65 -146.05 -50.73
N THR Z 100 106.67 -145.54 -51.50
CA THR Z 100 105.94 -144.36 -51.08
C THR Z 100 105.25 -144.58 -49.75
N ARG Z 101 104.81 -145.81 -49.47
CA ARG Z 101 104.24 -146.17 -48.18
C ARG Z 101 105.34 -146.82 -47.34
N ASP Z 102 105.84 -146.07 -46.37
CA ASP Z 102 106.93 -146.52 -45.52
C ASP Z 102 106.39 -147.19 -44.27
N THR Z 103 107.30 -147.60 -43.38
CA THR Z 103 106.95 -148.27 -42.14
C THR Z 103 107.44 -147.44 -40.96
N THR Z 104 106.66 -147.43 -39.88
CA THR Z 104 107.01 -146.61 -38.73
C THR Z 104 108.12 -147.27 -37.90
N SER Z 105 107.87 -148.47 -37.40
CA SER Z 105 108.87 -149.16 -36.59
C SER Z 105 110.08 -149.53 -37.44
N GLY Z 106 111.26 -149.27 -36.88
CA GLY Z 106 112.49 -149.45 -37.63
C GLY Z 106 112.78 -150.89 -38.03
N ILE Z 107 112.21 -151.86 -37.31
CA ILE Z 107 112.46 -153.26 -37.64
C ILE Z 107 111.96 -153.56 -39.05
N GLU Z 108 110.75 -153.11 -39.38
CA GLU Z 108 110.25 -153.29 -40.74
C GLU Z 108 111.02 -152.44 -41.74
N THR Z 109 111.50 -151.26 -41.32
CA THR Z 109 112.32 -150.45 -42.23
C THR Z 109 113.62 -151.15 -42.57
N LEU Z 110 114.09 -152.05 -41.70
CA LEU Z 110 115.27 -152.84 -42.03
C LEU Z 110 115.23 -153.72 -43.27
N ASN Z 111 114.02 -154.20 -43.65
CA ASN Z 111 113.88 -155.01 -44.90
C ASN Z 111 113.82 -154.20 -46.21
N PHE Z 112 113.87 -152.86 -46.11
CA PHE Z 112 113.92 -152.01 -47.33
C PHE Z 112 115.37 -151.61 -47.59
N MET Z 113 116.26 -152.00 -46.67
CA MET Z 113 117.68 -151.69 -46.78
C MET Z 113 118.26 -152.81 -47.64
N GLU Z 114 119.45 -152.54 -48.19
CA GLU Z 114 120.16 -153.55 -48.95
C GLU Z 114 120.59 -154.68 -48.02
N PRO Z 115 120.59 -155.92 -48.51
CA PRO Z 115 121.01 -157.04 -47.63
C PRO Z 115 122.36 -156.90 -46.95
N GLN Z 116 123.37 -156.39 -47.66
CA GLN Z 116 124.69 -156.26 -47.06
C GLN Z 116 124.75 -155.17 -45.98
N SER Z 117 124.00 -154.09 -46.20
CA SER Z 117 123.97 -153.01 -45.22
C SER Z 117 123.35 -153.57 -43.94
N ALA Z 118 122.24 -154.29 -44.07
CA ALA Z 118 121.62 -154.88 -42.88
C ALA Z 118 122.52 -155.93 -42.25
N ALA Z 119 123.18 -156.75 -43.07
CA ALA Z 119 124.08 -157.77 -42.53
C ALA Z 119 125.23 -157.13 -41.76
N ASP Z 120 125.79 -156.04 -42.29
CA ASP Z 120 126.83 -155.33 -41.55
C ASP Z 120 126.28 -154.68 -40.29
N LEU Z 121 125.05 -154.17 -40.35
CA LEU Z 121 124.48 -153.48 -39.19
C LEU Z 121 124.23 -154.43 -38.03
N ILE Z 122 123.71 -155.63 -38.31
CA ILE Z 122 123.28 -156.53 -37.24
C ILE Z 122 124.24 -157.70 -37.04
N ARG Z 123 125.41 -157.69 -37.68
CA ARG Z 123 126.35 -158.79 -37.48
C ARG Z 123 126.87 -158.82 -36.05
N ASP Z 124 127.15 -157.65 -35.48
CA ASP Z 124 127.77 -157.60 -34.15
C ASP Z 124 126.76 -157.80 -33.04
N GLU Z 125 125.47 -157.78 -33.33
CA GLU Z 125 124.46 -157.91 -32.29
C GLU Z 125 124.46 -159.32 -31.71
N HIS Z 126 123.81 -159.44 -30.56
CA HIS Z 126 123.68 -160.74 -29.90
C HIS Z 126 122.88 -161.69 -30.79
N PRO Z 127 123.25 -162.97 -30.84
CA PRO Z 127 122.56 -163.89 -31.76
C PRO Z 127 121.05 -163.94 -31.56
N GLN Z 128 120.58 -163.88 -30.31
CA GLN Z 128 119.14 -163.86 -30.08
C GLN Z 128 118.47 -162.61 -30.64
N ILE Z 129 119.14 -161.46 -30.53
CA ILE Z 129 118.59 -160.23 -31.10
C ILE Z 129 118.55 -160.33 -32.62
N ILE Z 130 119.57 -160.93 -33.22
CA ILE Z 130 119.57 -161.16 -34.67
C ILE Z 130 118.36 -162.02 -35.01
N ALA Z 131 118.15 -163.09 -34.25
CA ALA Z 131 117.04 -163.99 -34.53
C ALA Z 131 115.71 -163.26 -34.41
N THR Z 132 115.55 -162.44 -33.37
CA THR Z 132 114.32 -161.67 -33.20
C THR Z 132 114.09 -160.74 -34.38
N ILE Z 133 115.15 -160.08 -34.83
CA ILE Z 133 115.02 -159.18 -36.02
C ILE Z 133 114.55 -160.02 -37.22
N LEU Z 134 115.12 -161.22 -37.41
CA LEU Z 134 114.82 -162.03 -38.62
C LEU Z 134 113.34 -162.44 -38.71
N VAL Z 135 112.70 -162.83 -37.61
CA VAL Z 135 111.30 -163.34 -37.70
C VAL Z 135 110.41 -162.10 -37.91
N HIS Z 136 110.86 -160.93 -37.46
CA HIS Z 136 110.09 -159.69 -37.72
C HIS Z 136 110.40 -159.18 -39.13
N LEU Z 137 111.59 -159.52 -39.66
CA LEU Z 137 111.98 -159.08 -41.01
C LEU Z 137 111.29 -159.97 -42.06
N LYS Z 138 111.18 -159.47 -43.29
CA LYS Z 138 110.58 -160.26 -44.40
C LYS Z 138 111.45 -161.51 -44.61
N ARG Z 139 110.83 -162.65 -44.91
CA ARG Z 139 111.58 -163.92 -45.04
C ARG Z 139 112.66 -163.82 -46.14
N SER Z 140 112.29 -163.28 -47.32
CA SER Z 140 113.26 -163.22 -48.43
C SER Z 140 114.52 -162.48 -47.97
N GLN Z 141 114.34 -161.33 -47.31
CA GLN Z 141 115.50 -160.49 -46.88
C GLN Z 141 116.32 -161.30 -45.88
N ALA Z 142 115.66 -161.90 -44.89
CA ALA Z 142 116.36 -162.65 -43.86
C ALA Z 142 117.22 -163.75 -44.46
N ALA Z 143 116.72 -164.42 -45.50
CA ALA Z 143 117.49 -165.46 -46.16
C ALA Z 143 118.76 -164.89 -46.79
N ASP Z 144 118.64 -163.73 -47.44
CA ASP Z 144 119.82 -163.09 -48.02
C ASP Z 144 120.81 -162.68 -46.94
N ILE Z 145 120.30 -162.14 -45.83
CA ILE Z 145 121.18 -161.73 -44.73
C ILE Z 145 121.98 -162.90 -44.17
N LEU Z 146 121.31 -164.04 -43.94
CA LEU Z 146 122.01 -165.22 -43.43
C LEU Z 146 122.99 -165.77 -44.46
N ALA Z 147 122.67 -165.62 -45.75
CA ALA Z 147 123.61 -166.02 -46.79
C ALA Z 147 124.90 -165.23 -46.67
N LEU Z 148 124.78 -163.93 -46.37
CA LEU Z 148 125.97 -163.05 -46.23
C LEU Z 148 126.65 -163.31 -44.88
N PHE Z 149 125.96 -163.98 -43.95
CA PHE Z 149 126.53 -164.17 -42.59
C PHE Z 149 127.53 -165.32 -42.58
N ASP Z 150 128.56 -165.24 -41.73
CA ASP Z 150 129.50 -166.33 -41.57
C ASP Z 150 128.75 -167.62 -41.24
N GLU Z 151 129.35 -168.75 -41.61
CA GLU Z 151 128.67 -170.03 -41.46
C GLU Z 151 128.40 -170.36 -40.00
N ARG Z 152 129.32 -170.02 -39.10
CA ARG Z 152 129.09 -170.26 -37.68
C ARG Z 152 127.91 -169.44 -37.17
N LEU Z 153 127.93 -168.13 -37.46
CA LEU Z 153 126.81 -167.28 -37.07
C LEU Z 153 125.54 -167.70 -37.78
N ARG Z 154 125.65 -168.13 -39.04
CA ARG Z 154 124.47 -168.58 -39.77
C ARG Z 154 123.82 -169.77 -39.07
N HIS Z 155 124.61 -170.78 -38.73
CA HIS Z 155 124.06 -171.96 -38.05
C HIS Z 155 123.50 -171.59 -36.68
N ASP Z 156 124.21 -170.75 -35.92
CA ASP Z 156 123.74 -170.37 -34.60
C ASP Z 156 122.40 -169.66 -34.69
N VAL Z 157 122.30 -168.68 -35.60
CA VAL Z 157 121.07 -167.91 -35.73
C VAL Z 157 119.93 -168.79 -36.23
N MET Z 158 120.22 -169.71 -37.15
CA MET Z 158 119.17 -170.61 -37.62
C MET Z 158 118.67 -171.50 -36.49
N LEU Z 159 119.59 -171.99 -35.65
CA LEU Z 159 119.17 -172.80 -34.50
C LEU Z 159 118.30 -171.98 -33.55
N ARG Z 160 118.68 -170.73 -33.30
CA ARG Z 160 117.86 -169.86 -32.46
C ARG Z 160 116.49 -169.63 -33.08
N ILE Z 161 116.44 -169.51 -34.41
CA ILE Z 161 115.16 -169.34 -35.10
C ILE Z 161 114.28 -170.56 -34.88
N ALA Z 162 114.87 -171.76 -34.96
CA ALA Z 162 114.10 -172.98 -34.83
C ALA Z 162 113.42 -173.08 -33.46
N THR Z 163 114.15 -172.72 -32.40
CA THR Z 163 113.67 -172.87 -31.04
C THR Z 163 113.32 -171.53 -30.37
N PHE Z 164 112.77 -170.59 -31.13
CA PHE Z 164 112.42 -169.30 -30.56
C PHE Z 164 111.33 -169.45 -29.50
N GLY Z 165 111.40 -168.61 -28.48
CA GLY Z 165 110.50 -168.74 -27.35
C GLY Z 165 109.77 -167.48 -26.95
N GLY Z 166 109.75 -166.47 -27.82
CA GLY Z 166 109.01 -165.25 -27.54
C GLY Z 166 109.70 -164.19 -26.73
N VAL Z 167 109.58 -162.94 -27.14
CA VAL Z 167 110.23 -161.83 -26.45
C VAL Z 167 109.40 -161.10 -25.42
N GLN Z 168 110.06 -160.51 -24.43
CA GLN Z 168 109.35 -159.72 -23.45
C GLN Z 168 108.96 -158.45 -24.20
N PRO Z 169 107.77 -157.90 -23.93
CA PRO Z 169 107.36 -156.67 -24.62
C PRO Z 169 108.31 -155.51 -24.38
N ALA Z 170 108.88 -155.40 -23.17
CA ALA Z 170 109.80 -154.31 -22.89
C ALA Z 170 111.06 -154.42 -23.75
N ALA Z 171 111.61 -155.63 -23.86
CA ALA Z 171 112.80 -155.82 -24.68
C ALA Z 171 112.52 -155.55 -26.15
N LEU Z 172 111.36 -155.99 -26.63
CA LEU Z 172 110.99 -155.72 -28.03
C LEU Z 172 110.84 -154.22 -28.27
N ALA Z 173 110.21 -153.51 -27.34
CA ALA Z 173 110.07 -152.07 -27.48
C ALA Z 173 111.43 -151.39 -27.44
N GLU Z 174 112.34 -151.88 -26.59
CA GLU Z 174 113.68 -151.30 -26.52
C GLU Z 174 114.43 -151.49 -27.84
N LEU Z 175 114.36 -152.70 -28.41
CA LEU Z 175 114.99 -152.92 -29.71
C LEU Z 175 114.36 -152.05 -30.78
N THR Z 176 113.03 -151.93 -30.73
CA THR Z 176 112.32 -151.12 -31.74
C THR Z 176 112.85 -149.70 -31.67
N GLU Z 177 112.83 -149.09 -30.49
CA GLU Z 177 113.25 -147.67 -30.36
C GLU Z 177 114.74 -147.54 -30.75
N VAL Z 178 115.58 -148.49 -30.34
CA VAL Z 178 117.02 -148.46 -30.71
C VAL Z 178 117.12 -148.49 -32.24
N LEU Z 179 116.49 -149.49 -32.88
CA LEU Z 179 116.60 -149.63 -34.32
C LEU Z 179 116.03 -148.41 -35.03
N ASN Z 180 114.98 -147.80 -34.49
CA ASN Z 180 114.42 -146.60 -35.08
C ASN Z 180 115.44 -145.47 -35.08
N GLY Z 181 116.11 -145.24 -33.95
CA GLY Z 181 117.10 -144.19 -33.86
C GLY Z 181 118.27 -144.34 -34.82
N LEU Z 182 118.46 -145.56 -35.35
CA LEU Z 182 119.57 -145.79 -36.27
C LEU Z 182 119.12 -145.62 -37.72
N LEU Z 183 117.93 -146.12 -38.05
CA LEU Z 183 117.50 -146.11 -39.47
C LEU Z 183 116.70 -144.85 -39.82
N ASP Z 184 115.93 -144.30 -38.88
CA ASP Z 184 115.07 -143.14 -39.27
C ASP Z 184 115.97 -141.99 -39.73
N GLY Z 185 117.07 -141.74 -39.02
CA GLY Z 185 118.03 -140.70 -39.46
C GLY Z 185 118.67 -141.06 -40.79
N GLN Z 186 119.03 -142.32 -40.97
CA GLN Z 186 119.75 -142.76 -42.21
C GLN Z 186 118.84 -142.65 -43.44
N ASN Z 187 119.40 -142.24 -44.59
CA ASN Z 187 118.59 -142.27 -45.85
C ASN Z 187 118.29 -143.74 -46.15
N LEU Z 188 117.08 -144.06 -46.61
CA LEU Z 188 116.73 -145.48 -46.81
C LEU Z 188 116.21 -145.73 -48.23
N LYS Z 189 116.70 -144.99 -49.24
CA LYS Z 189 116.24 -145.31 -50.59
C LYS Z 189 117.39 -145.09 -51.59
N ARG Z 190 118.31 -146.05 -51.58
CA ARG Z 190 119.41 -146.04 -52.54
C ARG Z 190 118.87 -146.25 -53.95
N SER Z 191 118.92 -145.19 -54.77
CA SER Z 191 118.39 -145.27 -56.13
C SER Z 191 119.39 -146.01 -57.01
N LYS Z 192 118.94 -147.09 -57.65
CA LYS Z 192 119.79 -147.91 -58.52
C LYS Z 192 119.40 -147.59 -59.96
N MET Z 193 120.27 -146.88 -60.66
CA MET Z 193 120.07 -146.51 -62.05
C MET Z 193 121.23 -147.06 -62.87
N GLY Z 194 120.93 -147.98 -63.79
CA GLY Z 194 121.97 -148.54 -64.67
C GLY Z 194 122.50 -149.87 -64.15
N GLY Z 195 122.03 -150.98 -64.72
CA GLY Z 195 122.51 -152.29 -64.35
C GLY Z 195 123.27 -152.93 -65.48
N VAL Z 196 122.69 -153.96 -66.08
CA VAL Z 196 123.25 -154.62 -67.25
C VAL Z 196 122.49 -154.33 -68.55
N ARG Z 197 121.19 -154.02 -68.42
CA ARG Z 197 120.40 -153.62 -69.58
C ARG Z 197 121.02 -152.33 -70.07
N THR Z 198 121.30 -151.40 -69.16
CA THR Z 198 121.91 -150.13 -69.56
C THR Z 198 123.31 -150.34 -70.13
N ALA Z 199 124.08 -151.25 -69.52
CA ALA Z 199 125.41 -151.54 -70.04
C ALA Z 199 125.34 -152.13 -71.44
N ALA Z 200 124.39 -153.04 -71.67
CA ALA Z 200 124.24 -153.63 -73.00
C ALA Z 200 123.82 -152.57 -74.02
N GLU Z 201 122.90 -151.69 -73.63
CA GLU Z 201 122.48 -150.61 -74.53
C GLU Z 201 123.64 -149.69 -74.87
N ILE Z 202 124.47 -149.36 -73.87
CA ILE Z 202 125.64 -148.52 -74.11
C ILE Z 202 126.61 -149.23 -75.07
N ILE Z 203 126.84 -150.52 -74.84
CA ILE Z 203 127.79 -151.26 -75.68
C ILE Z 203 127.29 -151.32 -77.11
N ASN Z 204 125.99 -151.56 -77.30
CA ASN Z 204 125.45 -151.78 -78.63
C ASN Z 204 125.60 -150.57 -79.56
N LEU Z 205 125.85 -149.38 -79.02
CA LEU Z 205 125.92 -148.18 -79.84
C LEU Z 205 127.33 -147.68 -80.13
N MET Z 206 128.37 -148.43 -79.77
CA MET Z 206 129.73 -148.00 -80.03
C MET Z 206 130.37 -148.87 -81.12
N LYS Z 207 131.62 -148.55 -81.43
CA LYS Z 207 132.32 -149.23 -82.51
C LYS Z 207 132.53 -150.71 -82.22
N THR Z 208 132.62 -151.51 -83.29
CA THR Z 208 132.74 -152.96 -83.15
C THR Z 208 134.02 -153.35 -82.43
N GLN Z 209 135.14 -152.69 -82.75
CA GLN Z 209 136.40 -153.03 -82.08
C GLN Z 209 136.33 -152.74 -80.59
N GLN Z 210 135.81 -151.58 -80.21
CA GLN Z 210 135.60 -151.31 -78.80
C GLN Z 210 134.59 -152.25 -78.18
N GLU Z 211 133.58 -152.66 -78.95
CA GLU Z 211 132.59 -153.62 -78.44
C GLU Z 211 133.26 -154.93 -78.06
N GLU Z 212 134.06 -155.48 -78.98
CA GLU Z 212 134.73 -156.75 -78.66
C GLU Z 212 135.75 -156.59 -77.54
N ALA Z 213 136.45 -155.45 -77.51
CA ALA Z 213 137.40 -155.22 -76.42
C ALA Z 213 136.69 -155.21 -75.07
N VAL Z 214 135.57 -154.49 -74.96
CA VAL Z 214 134.91 -154.41 -73.66
C VAL Z 214 134.28 -155.75 -73.29
N ILE Z 215 133.72 -156.49 -74.25
CA ILE Z 215 133.07 -157.76 -73.88
C ILE Z 215 134.13 -158.77 -73.46
N THR Z 216 135.30 -158.77 -74.14
CA THR Z 216 136.33 -159.70 -73.71
C THR Z 216 136.94 -159.29 -72.37
N ALA Z 217 137.01 -157.98 -72.09
CA ALA Z 217 137.46 -157.54 -70.77
C ALA Z 217 136.49 -158.00 -69.68
N VAL Z 218 135.19 -157.86 -69.94
CA VAL Z 218 134.19 -158.31 -68.96
C VAL Z 218 134.30 -159.82 -68.77
N ARG Z 219 134.46 -160.57 -69.87
CA ARG Z 219 134.59 -162.01 -69.78
C ARG Z 219 135.82 -162.40 -68.97
N GLU Z 220 136.92 -161.67 -69.14
CA GLU Z 220 138.09 -161.89 -68.31
C GLU Z 220 137.77 -161.64 -66.84
N PHE Z 221 137.03 -160.56 -66.56
CA PHE Z 221 136.63 -160.30 -65.18
C PHE Z 221 135.68 -161.35 -64.62
N ASP Z 222 134.67 -161.73 -65.40
CA ASP Z 222 133.67 -162.71 -64.99
C ASP Z 222 132.92 -163.14 -66.24
N GLY Z 223 132.95 -164.44 -66.53
CA GLY Z 223 132.28 -164.94 -67.71
C GLY Z 223 130.76 -164.86 -67.67
N GLU Z 224 130.19 -165.07 -66.48
CA GLU Z 224 128.74 -165.02 -66.35
C GLU Z 224 128.19 -163.63 -66.67
N LEU Z 225 128.87 -162.59 -66.18
CA LEU Z 225 128.44 -161.23 -66.49
C LEU Z 225 128.52 -160.95 -67.98
N ALA Z 226 129.60 -161.42 -68.63
CA ALA Z 226 129.72 -161.23 -70.07
C ALA Z 226 128.60 -161.92 -70.84
N GLN Z 227 128.26 -163.15 -70.45
CA GLN Z 227 127.17 -163.86 -71.13
C GLN Z 227 125.83 -163.17 -70.91
N LYS Z 228 125.59 -162.66 -69.69
CA LYS Z 228 124.35 -161.96 -69.41
C LYS Z 228 124.29 -160.68 -70.24
N ILE Z 229 125.43 -159.99 -70.37
CA ILE Z 229 125.49 -158.79 -71.20
C ILE Z 229 125.19 -159.13 -72.65
N ILE Z 230 125.77 -160.22 -73.14
CA ILE Z 230 125.53 -160.65 -74.51
C ILE Z 230 124.07 -161.01 -74.77
N ASP Z 231 123.43 -161.66 -73.80
CA ASP Z 231 122.03 -162.03 -73.96
C ASP Z 231 121.14 -160.78 -73.94
N GLU Z 232 121.46 -159.83 -73.07
CA GLU Z 232 120.68 -158.61 -73.00
C GLU Z 232 121.01 -157.78 -74.24
N MET Z 233 122.15 -158.05 -74.89
CA MET Z 233 122.52 -157.28 -76.07
C MET Z 233 121.48 -157.43 -77.18
N PHE Z 234 121.10 -158.66 -77.49
CA PHE Z 234 120.11 -158.95 -78.52
C PHE Z 234 118.97 -159.77 -77.93
N LEU Z 235 117.87 -159.09 -77.64
CA LEU Z 235 116.69 -159.76 -77.08
C LEU Z 235 115.91 -160.46 -78.18
N PHE Z 236 114.92 -161.25 -77.78
CA PHE Z 236 114.08 -161.96 -78.74
C PHE Z 236 112.97 -161.05 -79.26
N GLU Z 237 113.35 -159.85 -79.71
CA GLU Z 237 112.41 -158.92 -80.33
C GLU Z 237 112.97 -158.24 -81.57
N ASN Z 238 114.29 -158.28 -81.80
CA ASN Z 238 114.89 -157.67 -82.97
C ASN Z 238 115.00 -158.63 -84.14
N LEU Z 239 114.51 -159.86 -83.99
CA LEU Z 239 114.55 -160.82 -85.08
C LEU Z 239 113.75 -160.36 -86.29
N VAL Z 240 112.79 -159.46 -86.10
CA VAL Z 240 112.06 -158.89 -87.22
C VAL Z 240 112.97 -158.06 -88.12
N ASP Z 241 114.05 -157.52 -87.58
CA ASP Z 241 115.00 -156.71 -88.34
C ASP Z 241 116.08 -157.54 -89.01
N VAL Z 242 116.07 -158.86 -88.83
CA VAL Z 242 117.06 -159.72 -89.46
C VAL Z 242 116.72 -159.89 -90.92
N ASP Z 243 117.75 -160.01 -91.76
CA ASP Z 243 117.55 -160.16 -93.19
C ASP Z 243 116.94 -161.51 -93.51
N ASP Z 244 116.24 -161.57 -94.65
CA ASP Z 244 115.61 -162.83 -95.08
C ASP Z 244 116.66 -163.90 -95.35
N ARG Z 245 117.77 -163.51 -95.98
CA ARG Z 245 118.84 -164.47 -96.24
C ARG Z 245 119.42 -165.02 -94.95
N SER Z 246 119.62 -164.15 -93.94
CA SER Z 246 120.11 -164.61 -92.65
C SER Z 246 119.12 -165.55 -91.99
N ILE Z 247 117.83 -165.25 -92.09
CA ILE Z 247 116.82 -166.13 -91.53
C ILE Z 247 116.83 -167.49 -92.21
N GLN Z 248 116.95 -167.51 -93.54
CA GLN Z 248 117.01 -168.78 -94.26
C GLN Z 248 118.25 -169.58 -93.88
N ARG Z 249 119.39 -168.89 -93.74
CA ARG Z 249 120.62 -169.58 -93.35
C ARG Z 249 120.50 -170.16 -91.95
N LEU Z 250 119.90 -169.41 -91.02
CA LEU Z 250 119.75 -169.90 -89.66
C LEU Z 250 118.71 -171.00 -89.55
N LEU Z 251 117.75 -171.04 -90.49
CA LEU Z 251 116.73 -172.07 -90.45
C LEU Z 251 117.32 -173.47 -90.63
N GLN Z 252 118.48 -173.56 -91.30
CA GLN Z 252 119.12 -174.86 -91.51
C GLN Z 252 119.66 -175.47 -90.23
N GLU Z 253 119.84 -174.69 -89.17
CA GLU Z 253 120.37 -175.19 -87.91
C GLU Z 253 119.38 -175.10 -86.76
N VAL Z 254 118.12 -174.76 -87.03
CA VAL Z 254 117.10 -174.61 -86.00
C VAL Z 254 116.19 -175.83 -86.03
N ASP Z 255 116.03 -176.48 -84.88
CA ASP Z 255 115.13 -177.62 -84.80
C ASP Z 255 113.69 -177.17 -84.97
N SER Z 256 112.89 -177.98 -85.66
CA SER Z 256 111.50 -177.61 -85.91
C SER Z 256 110.71 -177.52 -84.63
N GLU Z 257 110.89 -178.48 -83.71
CA GLU Z 257 110.17 -178.45 -82.45
C GLU Z 257 110.58 -177.25 -81.60
N SER Z 258 111.88 -176.99 -81.49
CA SER Z 258 112.35 -175.85 -80.71
C SER Z 258 111.89 -174.53 -81.33
N LEU Z 259 111.95 -174.43 -82.66
CA LEU Z 259 111.48 -173.21 -83.32
C LEU Z 259 110.00 -172.99 -83.10
N LEU Z 260 109.21 -174.06 -83.19
CA LEU Z 260 107.76 -173.94 -82.96
C LEU Z 260 107.47 -173.54 -81.52
N ILE Z 261 108.21 -174.12 -80.57
CA ILE Z 261 108.01 -173.76 -79.17
C ILE Z 261 108.36 -172.30 -78.93
N ALA Z 262 109.46 -171.84 -79.52
CA ALA Z 262 109.85 -170.44 -79.36
C ALA Z 262 108.83 -169.49 -80.01
N LEU Z 263 108.32 -169.85 -81.19
CA LEU Z 263 107.40 -168.99 -81.92
C LEU Z 263 105.96 -169.14 -81.47
N LYS Z 264 105.67 -170.05 -80.53
CA LYS Z 264 104.31 -170.20 -80.02
C LYS Z 264 103.85 -168.92 -79.33
N GLY Z 265 104.71 -168.31 -78.53
CA GLY Z 265 104.41 -167.06 -77.86
C GLY Z 265 104.97 -165.84 -78.54
N ALA Z 266 105.56 -165.97 -79.73
CA ALA Z 266 106.14 -164.83 -80.43
C ALA Z 266 105.04 -164.01 -81.09
N GLU Z 267 105.42 -162.80 -81.53
CA GLU Z 267 104.48 -161.92 -82.22
C GLU Z 267 104.09 -162.50 -83.56
N PRO Z 268 102.85 -162.28 -84.01
CA PRO Z 268 102.43 -162.80 -85.32
C PRO Z 268 103.31 -162.28 -86.44
N PRO Z 269 103.73 -161.00 -86.36
CA PRO Z 269 104.64 -160.49 -87.38
C PRO Z 269 105.96 -161.24 -87.45
N LEU Z 270 106.52 -161.62 -86.29
CA LEU Z 270 107.75 -162.38 -86.28
C LEU Z 270 107.56 -163.75 -86.90
N ARG Z 271 106.44 -164.42 -86.59
CA ARG Z 271 106.15 -165.72 -87.19
C ARG Z 271 105.99 -165.60 -88.70
N GLU Z 272 105.30 -164.55 -89.16
CA GLU Z 272 105.12 -164.35 -90.59
C GLU Z 272 106.47 -164.09 -91.28
N LYS Z 273 107.32 -163.28 -90.66
CA LYS Z 273 108.63 -163.00 -91.24
C LYS Z 273 109.49 -164.25 -91.29
N PHE Z 274 109.44 -165.08 -90.24
CA PHE Z 274 110.24 -166.28 -90.17
C PHE Z 274 109.66 -167.43 -91.00
N LEU Z 275 108.41 -167.32 -91.43
CA LEU Z 275 107.79 -168.35 -92.26
C LEU Z 275 107.99 -168.12 -93.75
N ARG Z 276 108.63 -167.02 -94.13
CA ARG Z 276 108.89 -166.71 -95.54
C ARG Z 276 110.24 -167.24 -96.02
N ASN Z 277 111.01 -167.89 -95.15
CA ASN Z 277 112.31 -168.42 -95.52
C ASN Z 277 112.30 -169.90 -95.85
N MET Z 278 111.29 -170.64 -95.40
CA MET Z 278 111.20 -172.06 -95.66
C MET Z 278 110.26 -172.31 -96.85
N SER Z 279 110.01 -173.59 -97.15
CA SER Z 279 109.13 -173.94 -98.25
C SER Z 279 107.67 -173.69 -97.86
N GLN Z 280 106.80 -173.67 -98.87
CA GLN Z 280 105.37 -173.48 -98.62
C GLN Z 280 104.81 -174.63 -97.80
N ARG Z 281 105.19 -175.87 -98.13
CA ARG Z 281 104.76 -177.01 -97.34
C ARG Z 281 105.29 -176.93 -95.92
N ALA Z 282 106.56 -176.54 -95.77
CA ALA Z 282 107.13 -176.38 -94.44
C ALA Z 282 106.42 -175.29 -93.66
N ALA Z 283 106.10 -174.17 -94.30
CA ALA Z 283 105.37 -173.10 -93.64
C ALA Z 283 103.99 -173.55 -93.21
N ASP Z 284 103.29 -174.29 -94.07
CA ASP Z 284 101.97 -174.81 -93.72
C ASP Z 284 102.06 -175.79 -92.55
N ILE Z 285 103.07 -176.66 -92.55
CA ILE Z 285 103.25 -177.60 -91.46
C ILE Z 285 103.55 -176.87 -90.16
N LEU Z 286 104.40 -175.84 -90.20
CA LEU Z 286 104.69 -175.06 -89.00
C LEU Z 286 103.44 -174.36 -88.48
N ARG Z 287 102.64 -173.78 -89.39
CA ARG Z 287 101.41 -173.12 -88.97
C ARG Z 287 100.44 -174.11 -88.34
N ASP Z 288 100.29 -175.30 -88.94
CA ASP Z 288 99.42 -176.32 -88.37
C ASP Z 288 99.91 -176.77 -87.01
N ASP Z 289 101.22 -176.95 -86.85
CA ASP Z 289 101.77 -177.36 -85.56
C ASP Z 289 101.54 -176.27 -84.51
N LEU Z 290 101.72 -175.00 -84.88
CA LEU Z 290 101.49 -173.91 -83.94
C LEU Z 290 100.02 -173.83 -83.54
N ALA Z 291 99.11 -174.01 -84.51
CA ALA Z 291 97.69 -173.99 -84.19
C ALA Z 291 97.31 -175.15 -83.28
N ASN Z 292 97.86 -176.34 -83.54
CA ASN Z 292 97.54 -177.51 -82.75
C ASN Z 292 98.26 -177.55 -81.41
N ARG Z 293 99.33 -176.78 -81.25
CA ARG Z 293 100.07 -176.78 -80.00
C ARG Z 293 99.28 -176.07 -78.92
N GLY Z 294 99.14 -176.71 -77.77
CA GLY Z 294 98.46 -176.12 -76.64
C GLY Z 294 99.35 -175.19 -75.86
N PRO Z 295 98.76 -174.51 -74.88
CA PRO Z 295 99.54 -173.61 -74.03
C PRO Z 295 100.61 -174.39 -73.25
N VAL Z 296 101.77 -173.76 -73.08
CA VAL Z 296 102.89 -174.37 -72.37
C VAL Z 296 103.49 -173.33 -71.44
N ARG Z 297 104.21 -173.82 -70.42
CA ARG Z 297 104.89 -172.92 -69.50
C ARG Z 297 105.99 -172.16 -70.22
N LEU Z 298 106.17 -170.90 -69.82
CA LEU Z 298 107.15 -170.04 -70.47
C LEU Z 298 108.59 -170.45 -70.18
N SER Z 299 108.81 -171.34 -69.21
CA SER Z 299 110.18 -171.74 -68.87
C SER Z 299 110.85 -172.47 -70.03
N GLN Z 300 110.14 -173.38 -70.69
CA GLN Z 300 110.72 -174.10 -71.82
C GLN Z 300 110.75 -173.26 -73.09
N VAL Z 301 109.74 -172.42 -73.32
CA VAL Z 301 109.74 -171.55 -74.48
C VAL Z 301 110.90 -170.56 -74.39
N GLU Z 302 111.17 -170.04 -73.19
CA GLU Z 302 112.31 -169.14 -73.02
C GLU Z 302 113.62 -169.85 -73.31
N ASN Z 303 113.77 -171.09 -72.87
CA ASN Z 303 114.99 -171.84 -73.16
C ASN Z 303 115.15 -172.09 -74.65
N GLU Z 304 114.05 -172.44 -75.33
CA GLU Z 304 114.11 -172.65 -76.77
C GLU Z 304 114.48 -171.36 -77.51
N GLN Z 305 113.89 -170.25 -77.10
CA GLN Z 305 114.23 -168.97 -77.73
C GLN Z 305 115.68 -168.60 -77.45
N LYS Z 306 116.17 -168.89 -76.25
CA LYS Z 306 117.58 -168.63 -75.93
C LYS Z 306 118.50 -169.46 -76.80
N ALA Z 307 118.15 -170.74 -77.01
CA ALA Z 307 118.97 -171.58 -77.88
C ALA Z 307 118.97 -171.07 -79.31
N ILE Z 308 117.80 -170.66 -79.80
CA ILE Z 308 117.70 -170.12 -81.16
C ILE Z 308 118.52 -168.84 -81.29
N LEU Z 309 118.44 -167.96 -80.30
CA LEU Z 309 119.21 -166.72 -80.33
C LEU Z 309 120.71 -167.00 -80.25
N LEU Z 310 121.11 -167.98 -79.45
CA LEU Z 310 122.52 -168.36 -79.38
C LEU Z 310 123.01 -168.87 -80.72
N ILE Z 311 122.21 -169.71 -81.39
CA ILE Z 311 122.59 -170.20 -82.71
C ILE Z 311 122.71 -169.06 -83.71
N VAL Z 312 121.75 -168.13 -83.67
CA VAL Z 312 121.78 -166.99 -84.60
C VAL Z 312 123.00 -166.12 -84.33
N ARG Z 313 123.31 -165.89 -83.06
CA ARG Z 313 124.47 -165.08 -82.70
C ARG Z 313 125.77 -165.75 -83.13
N ARG Z 314 125.85 -167.07 -82.97
CA ARG Z 314 127.03 -167.80 -83.43
C ARG Z 314 127.18 -167.70 -84.94
N LEU Z 315 126.07 -167.81 -85.67
CA LEU Z 315 126.12 -167.68 -87.12
C LEU Z 315 126.58 -166.29 -87.54
N ALA Z 316 126.05 -165.26 -86.85
CA ALA Z 316 126.45 -163.89 -87.16
C ALA Z 316 127.92 -163.65 -86.85
N GLU Z 317 128.39 -164.17 -85.72
CA GLU Z 317 129.79 -164.00 -85.34
C GLU Z 317 130.71 -164.70 -86.33
N THR Z 318 130.29 -165.88 -86.82
CA THR Z 318 131.06 -166.57 -87.84
C THR Z 318 131.14 -165.73 -89.12
N GLY Z 319 130.05 -165.08 -89.48
CA GLY Z 319 130.03 -164.21 -90.65
C GLY Z 319 129.08 -164.70 -91.73
N GLU Z 320 128.11 -165.52 -91.34
CA GLU Z 320 127.14 -166.08 -92.27
C GLU Z 320 125.73 -165.56 -92.05
N MET Z 321 125.60 -164.36 -91.47
CA MET Z 321 124.29 -163.77 -91.22
C MET Z 321 124.45 -162.25 -91.23
N VAL Z 322 123.34 -161.55 -91.47
CA VAL Z 322 123.33 -160.09 -91.49
C VAL Z 322 122.01 -159.59 -90.94
N ILE Z 323 121.89 -158.27 -90.80
CA ILE Z 323 120.67 -157.65 -90.29
C ILE Z 323 120.26 -156.51 -91.22
N GLY Z 324 119.05 -156.01 -91.04
CA GLY Z 324 118.54 -154.92 -91.86
C GLY Z 324 117.15 -154.46 -91.48
N SER AA 33 169.93 -162.39 9.53
CA SER AA 33 169.46 -161.05 9.19
C SER AA 33 168.99 -160.99 7.74
N ASP AA 34 167.70 -160.72 7.55
CA ASP AA 34 167.13 -160.60 6.20
C ASP AA 34 167.36 -159.18 5.72
N ILE AA 35 168.10 -159.06 4.61
CA ILE AA 35 168.41 -157.77 4.02
C ILE AA 35 168.46 -157.93 2.51
N ARG AA 36 167.47 -157.36 1.82
CA ARG AA 36 167.39 -157.45 0.38
C ARG AA 36 167.28 -156.05 -0.21
N PRO AA 37 167.76 -155.81 -1.46
CA PRO AA 37 167.75 -154.45 -2.06
C PRO AA 37 166.33 -153.96 -2.24
N TYR AA 38 166.14 -152.65 -2.13
CA TYR AA 38 164.84 -152.03 -2.29
C TYR AA 38 164.49 -151.96 -3.78
N ASP AA 39 163.39 -152.62 -4.16
CA ASP AA 39 162.90 -152.56 -5.52
C ASP AA 39 161.57 -151.82 -5.53
N PRO AA 40 161.47 -150.68 -6.21
CA PRO AA 40 160.19 -149.99 -6.30
C PRO AA 40 159.16 -150.82 -7.05
N ASN AA 41 157.93 -150.31 -7.08
CA ASN AA 41 156.76 -150.89 -7.72
C ASN AA 41 156.52 -152.35 -7.34
N THR AA 42 157.06 -152.82 -6.21
CA THR AA 42 156.78 -154.15 -5.73
C THR AA 42 155.65 -154.13 -4.71
N GLN AA 43 154.80 -155.16 -4.75
CA GLN AA 43 153.64 -155.24 -3.88
C GLN AA 43 154.12 -155.56 -2.46
N ARG AA 44 154.52 -154.51 -1.74
CA ARG AA 44 155.00 -154.65 -0.38
C ARG AA 44 154.03 -154.14 0.67
N ARG AA 45 153.01 -153.38 0.27
CA ARG AA 45 152.02 -152.85 1.21
C ARG AA 45 150.89 -153.86 1.35
N VAL AA 46 150.82 -154.50 2.52
CA VAL AA 46 149.79 -155.49 2.82
C VAL AA 46 148.94 -154.93 3.96
N VAL AA 47 147.64 -154.75 3.69
CA VAL AA 47 146.70 -154.23 4.68
C VAL AA 47 145.52 -155.20 4.70
N ARG AA 48 145.57 -156.16 5.65
CA ARG AA 48 144.52 -157.16 5.79
C ARG AA 48 143.64 -156.75 6.96
N GLU AA 49 142.34 -156.62 6.70
CA GLU AA 49 141.41 -156.19 7.73
C GLU AA 49 140.06 -156.83 7.42
N ARG AA 50 139.53 -157.59 8.38
CA ARG AA 50 138.21 -158.18 8.23
C ARG AA 50 137.14 -157.10 8.25
N LEU AA 51 136.19 -157.18 7.33
CA LEU AA 51 135.14 -156.17 7.19
C LEU AA 51 133.78 -156.87 7.36
N GLN AA 52 133.34 -157.01 8.61
CA GLN AA 52 132.10 -157.73 8.89
C GLN AA 52 130.89 -156.98 8.34
N ALA AA 53 130.88 -155.65 8.51
CA ALA AA 53 129.74 -154.81 8.05
C ALA AA 53 129.58 -154.96 6.54
N LEU AA 54 130.67 -154.99 5.75
CA LEU AA 54 130.60 -155.28 4.32
C LEU AA 54 130.20 -156.73 4.09
N GLU AA 55 130.63 -157.63 4.98
CA GLU AA 55 130.28 -159.04 4.83
C GLU AA 55 128.79 -159.27 4.94
N ILE AA 56 128.07 -158.41 5.67
CA ILE AA 56 126.63 -158.59 5.77
C ILE AA 56 125.91 -157.75 4.71
N ILE AA 57 126.51 -156.61 4.35
CA ILE AA 57 125.93 -155.80 3.29
C ILE AA 57 125.93 -156.57 1.98
N ASN AA 58 126.97 -157.37 1.74
CA ASN AA 58 127.03 -158.18 0.53
C ASN AA 58 125.87 -159.16 0.42
N GLU AA 59 125.55 -159.87 1.50
CA GLU AA 59 124.42 -160.79 1.46
C GLU AA 59 123.08 -160.06 1.34
N ARG AA 60 122.94 -158.92 2.00
CA ARG AA 60 121.69 -158.17 1.88
C ARG AA 60 121.50 -157.74 0.43
N PHE AA 61 122.57 -157.20 -0.18
CA PHE AA 61 122.51 -156.81 -1.58
C PHE AA 61 122.27 -158.00 -2.49
N ALA AA 62 122.86 -159.14 -2.16
CA ALA AA 62 122.68 -160.33 -2.98
C ALA AA 62 121.22 -160.79 -2.95
N ARG AA 63 120.60 -160.76 -1.78
CA ARG AA 63 119.18 -161.12 -1.71
C ARG AA 63 118.33 -160.14 -2.50
N GLN AA 64 118.60 -158.84 -2.35
CA GLN AA 64 117.83 -157.85 -3.11
C GLN AA 64 118.01 -158.04 -4.61
N PHE AA 65 119.25 -158.29 -5.04
CA PHE AA 65 119.53 -158.46 -6.46
C PHE AA 65 118.91 -159.74 -7.01
N ARG AA 66 118.88 -160.81 -6.21
CA ARG AA 66 118.20 -162.02 -6.66
C ARG AA 66 116.72 -161.89 -6.97
N MET AA 67 115.96 -161.21 -6.10
CA MET AA 67 114.56 -160.95 -6.43
C MET AA 67 114.33 -159.94 -7.58
N GLY AA 68 115.28 -159.01 -7.70
CA GLY AA 68 115.22 -158.06 -8.79
C GLY AA 68 115.42 -158.85 -10.07
N LEU AA 69 116.39 -159.77 -10.07
CA LEU AA 69 116.63 -160.60 -11.25
C LEU AA 69 115.46 -161.52 -11.51
N PHE AA 70 114.84 -162.05 -10.45
CA PHE AA 70 113.64 -162.84 -10.64
C PHE AA 70 112.53 -161.99 -11.25
N ASN AA 71 112.38 -160.76 -10.76
CA ASN AA 71 111.36 -159.88 -11.30
C ASN AA 71 111.59 -159.56 -12.77
N LEU AA 72 112.86 -159.44 -13.17
CA LEU AA 72 113.18 -159.03 -14.54
C LEU AA 72 113.18 -160.21 -15.50
N LEU AA 73 114.07 -161.16 -15.26
CA LEU AA 73 114.29 -162.28 -16.19
C LEU AA 73 113.16 -163.31 -16.18
N ARG AA 74 112.24 -163.23 -15.23
CA ARG AA 74 111.20 -164.24 -15.05
C ARG AA 74 111.81 -165.63 -14.88
N ARG AA 75 112.93 -165.70 -14.18
CA ARG AA 75 113.61 -166.97 -13.88
C ARG AA 75 114.05 -166.93 -12.43
N SER AA 76 114.69 -168.01 -11.99
CA SER AA 76 115.12 -168.13 -10.60
C SER AA 76 116.64 -168.17 -10.49
N PRO AA 77 117.30 -167.03 -10.31
CA PRO AA 77 118.75 -167.04 -10.08
C PRO AA 77 119.17 -167.31 -8.65
N ASP AA 78 120.39 -167.83 -8.50
CA ASP AA 78 120.99 -167.99 -7.18
C ASP AA 78 122.32 -167.27 -7.22
N ILE AA 79 122.55 -166.39 -6.23
CA ILE AA 79 123.74 -165.56 -6.14
C ILE AA 79 124.53 -166.01 -4.93
N THR AA 80 125.77 -166.43 -5.16
CA THR AA 80 126.69 -166.82 -4.11
C THR AA 80 127.70 -165.69 -3.93
N VAL AA 81 127.82 -165.19 -2.71
CA VAL AA 81 128.76 -164.10 -2.44
C VAL AA 81 130.14 -164.69 -2.19
N GLY AA 82 131.11 -164.24 -2.96
CA GLY AA 82 132.47 -164.69 -2.79
C GLY AA 82 133.17 -163.96 -1.65
N ALA AA 83 134.39 -164.41 -1.36
CA ALA AA 83 135.19 -163.77 -0.33
C ALA AA 83 135.62 -162.38 -0.76
N ILE AA 84 135.49 -161.41 0.14
CA ILE AA 84 135.94 -160.06 -0.14
C ILE AA 84 137.45 -160.05 -0.30
N ARG AA 85 137.93 -159.47 -1.39
CA ARG AA 85 139.36 -159.41 -1.67
C ARG AA 85 139.87 -157.99 -1.54
N ILE AA 86 140.87 -157.80 -0.69
CA ILE AA 86 141.54 -156.52 -0.51
C ILE AA 86 142.87 -156.53 -1.25
N GLN AA 87 142.90 -155.91 -2.41
CA GLN AA 87 143.99 -156.10 -3.35
C GLN AA 87 144.36 -154.81 -4.05
N PRO AA 88 145.59 -154.68 -4.54
CA PRO AA 88 145.94 -153.51 -5.33
C PRO AA 88 145.12 -153.45 -6.61
N TYR AA 89 144.88 -152.22 -7.08
CA TYR AA 89 143.98 -152.02 -8.21
C TYR AA 89 144.38 -152.72 -9.50
N HIS AA 90 145.69 -152.81 -9.77
CA HIS AA 90 146.20 -153.45 -11.01
C HIS AA 90 146.02 -154.98 -10.98
N GLU AA 91 145.87 -155.58 -9.79
CA GLU AA 91 145.56 -157.00 -9.66
C GLU AA 91 144.10 -157.16 -10.11
N PHE AA 92 143.22 -156.30 -9.60
CA PHE AA 92 141.83 -156.34 -9.99
C PHE AA 92 141.66 -156.09 -11.48
N ALA AA 93 142.43 -155.13 -12.01
CA ALA AA 93 142.34 -154.83 -13.44
C ALA AA 93 142.81 -156.00 -14.29
N ARG AA 94 143.92 -156.63 -13.91
CA ARG AA 94 144.47 -157.71 -14.73
C ARG AA 94 143.62 -158.98 -14.64
N ASN AA 95 142.97 -159.21 -13.51
CA ASN AA 95 142.12 -160.39 -13.41
C ASN AA 95 140.85 -160.25 -14.24
N LEU AA 96 140.46 -159.02 -14.56
CA LEU AA 96 139.25 -158.82 -15.35
C LEU AA 96 139.47 -159.28 -16.79
N PRO AA 97 138.43 -159.78 -17.45
CA PRO AA 97 138.54 -160.13 -18.86
C PRO AA 97 138.30 -158.92 -19.75
N VAL AA 98 138.56 -159.10 -21.04
CA VAL AA 98 138.40 -158.02 -22.00
C VAL AA 98 137.63 -158.53 -23.21
N PRO AA 99 136.54 -157.85 -23.62
CA PRO AA 99 135.94 -156.68 -22.98
C PRO AA 99 135.00 -157.08 -21.86
N THR AA 100 134.72 -156.14 -20.95
CA THR AA 100 133.79 -156.35 -19.83
C THR AA 100 133.13 -155.03 -19.57
N ASN AA 101 131.80 -154.99 -19.39
CA ASN AA 101 131.09 -153.74 -18.98
C ASN AA 101 131.48 -153.26 -17.59
N LEU AA 102 132.04 -152.07 -17.47
CA LEU AA 102 132.41 -151.44 -16.18
C LEU AA 102 131.43 -150.29 -15.90
N ASN AA 103 130.86 -150.13 -14.72
CA ASN AA 103 129.82 -149.08 -14.46
C ASN AA 103 130.34 -148.13 -13.37
N LEU AA 104 130.95 -146.99 -13.73
CA LEU AA 104 131.41 -146.07 -12.71
C LEU AA 104 130.22 -145.53 -11.94
N ILE AA 105 130.28 -145.64 -10.62
CA ILE AA 105 129.17 -145.23 -9.76
C ILE AA 105 129.70 -144.30 -8.69
N HIS AA 106 128.87 -143.35 -8.28
CA HIS AA 106 129.19 -142.39 -7.24
C HIS AA 106 128.42 -142.76 -5.98
N LEU AA 107 129.15 -143.08 -4.92
CA LEU AA 107 128.53 -143.40 -3.63
C LEU AA 107 128.55 -142.18 -2.71
N LYS AA 108 127.84 -141.14 -3.12
CA LYS AA 108 127.79 -139.92 -2.34
C LYS AA 108 127.13 -140.18 -0.98
N PRO AA 109 127.55 -139.45 0.06
CA PRO AA 109 128.51 -138.34 0.08
C PRO AA 109 129.97 -138.78 0.19
N LEU AA 110 130.27 -140.07 0.02
CA LEU AA 110 131.65 -140.54 0.09
C LEU AA 110 132.39 -140.09 -1.16
N ARG AA 111 133.49 -139.36 -0.97
CA ARG AA 111 134.25 -138.88 -2.10
C ARG AA 111 135.03 -140.03 -2.75
N GLY AA 112 134.85 -140.19 -4.05
CA GLY AA 112 135.48 -141.25 -4.80
C GLY AA 112 134.55 -141.76 -5.87
N THR AA 113 134.94 -142.87 -6.50
CA THR AA 113 134.17 -143.46 -7.58
C THR AA 113 134.33 -144.97 -7.55
N GLY AA 114 133.26 -145.68 -7.23
CA GLY AA 114 133.29 -147.12 -7.25
C GLY AA 114 132.98 -147.69 -8.63
N LEU AA 115 133.11 -149.01 -8.73
CA LEU AA 115 132.98 -149.71 -10.00
C LEU AA 115 132.10 -150.93 -9.84
N VAL AA 116 131.18 -151.13 -10.76
CA VAL AA 116 130.36 -152.34 -10.82
C VAL AA 116 130.68 -153.05 -12.11
N VAL AA 117 131.19 -154.27 -12.02
CA VAL AA 117 131.71 -155.01 -13.17
C VAL AA 117 130.75 -156.14 -13.50
N PHE AA 118 130.11 -156.04 -14.66
CA PHE AA 118 129.28 -157.10 -15.21
C PHE AA 118 130.05 -157.93 -16.22
N SER AA 119 130.17 -159.23 -15.95
CA SER AA 119 130.89 -160.10 -16.86
C SER AA 119 130.17 -160.29 -18.19
N PRO AA 120 130.89 -160.58 -19.30
CA PRO AA 120 130.23 -160.86 -20.61
C PRO AA 120 129.26 -162.01 -20.44
N SER AA 121 129.61 -162.97 -19.59
CA SER AA 121 128.73 -164.13 -19.42
C SER AA 121 127.38 -163.74 -18.87
N LEU AA 122 127.37 -162.87 -17.87
CA LEU AA 122 126.10 -162.48 -17.23
C LEU AA 122 125.23 -161.69 -18.20
N VAL AA 123 125.81 -160.73 -18.91
CA VAL AA 123 125.02 -159.94 -19.85
C VAL AA 123 124.54 -160.81 -21.01
N PHE AA 124 125.37 -161.77 -21.43
CA PHE AA 124 124.93 -162.71 -22.45
C PHE AA 124 123.73 -163.52 -21.97
N ILE AA 125 123.79 -164.01 -20.74
CA ILE AA 125 122.69 -164.78 -20.19
C ILE AA 125 121.42 -163.94 -20.10
N ALA AA 126 121.56 -162.70 -19.63
CA ALA AA 126 120.39 -161.83 -19.50
C ALA AA 126 119.77 -161.52 -20.85
N VAL AA 127 120.60 -161.19 -21.84
CA VAL AA 127 120.07 -160.88 -23.17
C VAL AA 127 119.42 -162.11 -23.78
N ASP AA 128 120.04 -163.27 -23.60
CA ASP AA 128 119.48 -164.51 -24.12
C ASP AA 128 118.11 -164.79 -23.50
N ASN AA 129 118.00 -164.63 -22.18
CA ASN AA 129 116.73 -164.89 -21.52
C ASN AA 129 115.66 -163.90 -21.93
N LEU AA 130 116.01 -162.61 -22.03
CA LEU AA 130 115.02 -161.62 -22.40
C LEU AA 130 114.52 -161.82 -23.82
N PHE AA 131 115.41 -162.14 -24.75
CA PHE AA 131 115.05 -162.20 -26.17
C PHE AA 131 114.79 -163.63 -26.60
N GLY AA 132 113.76 -164.22 -26.00
CA GLY AA 132 113.26 -165.52 -26.42
C GLY AA 132 114.27 -166.65 -26.43
N GLY AA 133 115.04 -166.78 -25.36
CA GLY AA 133 116.00 -167.85 -25.27
C GLY AA 133 115.96 -168.59 -23.96
N ASP AA 134 115.83 -169.92 -24.04
CA ASP AA 134 115.79 -170.76 -22.81
C ASP AA 134 117.22 -171.21 -22.45
N GLY AA 135 118.23 -170.46 -22.89
CA GLY AA 135 119.60 -170.79 -22.56
C GLY AA 135 119.93 -172.21 -22.96
N ARG AA 136 119.35 -172.71 -24.05
CA ARG AA 136 119.69 -174.04 -24.56
C ARG AA 136 121.13 -174.12 -25.06
N PHE AA 137 121.50 -173.20 -25.95
CA PHE AA 137 122.87 -173.18 -26.45
C PHE AA 137 123.89 -172.62 -25.47
N PRO AA 138 125.13 -173.11 -25.52
CA PRO AA 138 126.17 -172.59 -24.62
C PRO AA 138 126.47 -171.13 -24.93
N THR AA 139 126.85 -170.39 -23.89
CA THR AA 139 127.26 -169.01 -24.07
C THR AA 139 128.62 -168.96 -24.76
N LYS AA 140 128.71 -168.17 -25.82
CA LYS AA 140 129.94 -168.00 -26.58
C LYS AA 140 130.36 -166.54 -26.54
N VAL AA 141 131.55 -166.27 -26.02
CA VAL AA 141 132.13 -164.94 -25.97
C VAL AA 141 133.49 -164.99 -26.62
N GLU AA 142 133.70 -164.15 -27.63
CA GLU AA 142 134.95 -164.11 -28.39
C GLU AA 142 135.42 -162.68 -28.56
N GLY AA 143 135.42 -161.91 -27.48
CA GLY AA 143 135.82 -160.52 -27.57
C GLY AA 143 134.80 -159.62 -28.21
N ARG AA 144 133.57 -160.09 -28.37
CA ARG AA 144 132.53 -159.27 -28.98
C ARG AA 144 132.15 -158.11 -28.07
N GLU AA 145 131.95 -156.95 -28.67
CA GLU AA 145 131.60 -155.76 -27.91
C GLU AA 145 130.10 -155.74 -27.61
N PHE AA 146 129.64 -154.64 -27.03
CA PHE AA 146 128.25 -154.49 -26.60
C PHE AA 146 127.56 -153.46 -27.46
N THR AA 147 126.43 -153.85 -28.05
CA THR AA 147 125.66 -152.95 -28.88
C THR AA 147 124.80 -152.03 -28.01
N HIS AA 148 124.03 -151.16 -28.67
CA HIS AA 148 123.17 -150.24 -27.93
C HIS AA 148 122.05 -150.99 -27.20
N THR AA 149 121.49 -152.01 -27.82
CA THR AA 149 120.47 -152.82 -27.15
C THR AA 149 121.04 -153.53 -25.94
N GLU AA 150 122.23 -154.11 -26.10
CA GLU AA 150 122.89 -154.76 -24.96
C GLU AA 150 123.19 -153.74 -23.87
N GLN AA 151 123.62 -152.53 -24.26
CA GLN AA 151 123.88 -151.49 -23.27
C GLN AA 151 122.61 -151.10 -22.53
N ARG AA 152 121.48 -151.05 -23.24
CA ARG AA 152 120.23 -150.71 -22.57
C ARG AA 152 119.79 -151.82 -21.62
N VAL AA 153 119.98 -153.08 -22.02
CA VAL AA 153 119.68 -154.18 -21.11
C VAL AA 153 120.56 -154.12 -19.86
N ILE AA 154 121.84 -153.81 -20.05
CA ILE AA 154 122.75 -153.70 -18.91
C ILE AA 154 122.36 -152.52 -18.01
N ASN AA 155 121.90 -151.43 -18.61
CA ASN AA 155 121.42 -150.30 -17.81
C ASN AA 155 120.21 -150.72 -17.00
N ARG AA 156 119.30 -151.48 -17.60
CA ARG AA 156 118.12 -151.94 -16.88
C ARG AA 156 118.51 -152.85 -15.71
N MET AA 157 119.46 -153.75 -15.94
CA MET AA 157 119.96 -154.60 -14.85
C MET AA 157 120.65 -153.77 -13.77
N LEU AA 158 121.47 -152.81 -14.19
CA LEU AA 158 122.25 -152.03 -13.25
C LEU AA 158 121.36 -151.13 -12.41
N LYS AA 159 120.21 -150.72 -12.93
CA LYS AA 159 119.28 -149.96 -12.10
C LYS AA 159 118.84 -150.79 -10.90
N LEU AA 160 118.45 -152.05 -11.12
CA LEU AA 160 118.10 -152.93 -10.01
C LEU AA 160 119.29 -153.19 -9.10
N ALA AA 161 120.47 -153.38 -9.69
CA ALA AA 161 121.65 -153.64 -8.88
C ALA AA 161 121.96 -152.47 -7.96
N LEU AA 162 121.88 -151.25 -8.48
CA LEU AA 162 122.17 -150.06 -7.68
C LEU AA 162 121.10 -149.84 -6.63
N GLU AA 163 119.83 -150.08 -6.97
CA GLU AA 163 118.77 -149.96 -5.97
C GLU AA 163 119.01 -150.95 -4.83
N GLY AA 164 119.34 -152.19 -5.16
CA GLY AA 164 119.60 -153.18 -4.12
C GLY AA 164 120.79 -152.81 -3.26
N TYR AA 165 121.87 -152.33 -3.90
CA TYR AA 165 123.05 -151.93 -3.14
C TYR AA 165 122.75 -150.75 -2.21
N SER AA 166 122.01 -149.75 -2.71
CA SER AA 166 121.66 -148.63 -1.87
C SER AA 166 120.78 -149.05 -0.70
N ASP AA 167 119.82 -149.94 -0.95
CA ASP AA 167 118.97 -150.42 0.13
C ASP AA 167 119.79 -151.20 1.16
N ALA AA 168 120.73 -152.01 0.71
CA ALA AA 168 121.58 -152.76 1.63
C ALA AA 168 122.44 -151.82 2.47
N TRP AA 169 122.99 -150.78 1.85
CA TRP AA 169 123.82 -149.83 2.60
C TRP AA 169 122.93 -149.02 3.52
N LYS AA 170 121.66 -148.80 3.14
CA LYS AA 170 120.77 -147.97 3.92
C LYS AA 170 120.67 -148.42 5.38
N ALA AA 171 120.73 -149.73 5.62
CA ALA AA 171 120.69 -150.25 6.98
C ALA AA 171 121.79 -149.75 7.91
N ILE AA 172 123.01 -149.64 7.41
CA ILE AA 172 124.15 -149.22 8.22
C ILE AA 172 124.39 -147.73 8.04
N ASN AA 173 124.68 -147.31 6.80
CA ASN AA 173 124.93 -145.91 6.50
C ASN AA 173 124.14 -145.51 5.26
N PRO AA 174 123.20 -144.58 5.37
CA PRO AA 174 122.38 -144.22 4.20
C PRO AA 174 123.19 -143.53 3.12
N LEU AA 175 123.34 -144.20 1.98
CA LEU AA 175 124.07 -143.68 0.84
C LEU AA 175 123.17 -143.66 -0.38
N GLU AA 176 123.43 -142.72 -1.28
CA GLU AA 176 122.74 -142.64 -2.56
C GLU AA 176 123.70 -143.04 -3.68
N VAL AA 177 123.27 -143.95 -4.54
CA VAL AA 177 124.10 -144.54 -5.57
C VAL AA 177 123.69 -143.94 -6.90
N GLU AA 178 124.64 -143.31 -7.59
CA GLU AA 178 124.39 -142.70 -8.88
C GLU AA 178 125.27 -143.34 -9.94
N TYR AA 179 124.66 -143.74 -11.04
CA TYR AA 179 125.38 -144.28 -12.20
C TYR AA 179 125.77 -143.13 -13.11
N VAL AA 180 127.05 -142.96 -13.36
CA VAL AA 180 127.56 -141.81 -14.09
C VAL AA 180 128.03 -142.16 -15.49
N ARG AA 181 128.57 -143.36 -15.69
CA ARG AA 181 129.20 -143.68 -16.96
C ARG AA 181 129.42 -145.18 -17.06
N SER AA 182 129.39 -145.69 -18.27
CA SER AA 182 129.68 -147.08 -18.55
C SER AA 182 130.77 -147.13 -19.61
N GLU AA 183 131.65 -148.11 -19.48
CA GLU AA 183 132.78 -148.29 -20.36
C GLU AA 183 132.98 -149.77 -20.61
N MET AA 184 133.78 -150.10 -21.62
CA MET AA 184 134.04 -151.48 -21.98
C MET AA 184 135.47 -151.94 -21.80
N GLN AA 185 136.43 -151.01 -21.86
CA GLN AA 185 137.83 -151.34 -21.64
C GLN AA 185 138.21 -151.02 -20.19
N VAL AA 186 139.41 -151.46 -19.80
CA VAL AA 186 139.87 -151.24 -18.45
C VAL AA 186 140.61 -149.92 -18.27
N LYS AA 187 141.25 -149.42 -19.33
CA LYS AA 187 142.07 -148.22 -19.22
C LYS AA 187 141.26 -146.94 -19.22
N PHE AA 188 139.94 -147.01 -19.42
CA PHE AA 188 139.11 -145.82 -19.37
C PHE AA 188 138.62 -145.41 -18.00
N THR AA 189 138.70 -146.31 -17.00
CA THR AA 189 138.13 -146.00 -15.69
C THR AA 189 139.10 -145.24 -14.79
N ASN AA 190 140.23 -145.85 -14.47
CA ASN AA 190 141.25 -145.27 -13.60
C ASN AA 190 140.64 -144.51 -12.43
N ILE AA 191 139.95 -145.27 -11.55
CA ILE AA 191 139.30 -144.69 -10.34
C ILE AA 191 140.34 -144.61 -9.21
N THR AA 192 141.56 -145.11 -9.43
CA THR AA 192 142.65 -145.08 -8.43
C THR AA 192 143.74 -144.16 -8.92
N THR AA 193 144.21 -143.22 -8.09
CA THR AA 193 145.24 -142.23 -8.47
C THR AA 193 146.43 -142.97 -9.01
N SER AA 194 146.81 -144.10 -8.40
CA SER AA 194 147.91 -144.93 -8.86
C SER AA 194 147.46 -146.37 -8.97
N PRO AA 195 148.06 -147.15 -9.88
CA PRO AA 195 147.68 -148.56 -10.01
C PRO AA 195 148.01 -149.40 -8.79
N ASN AA 196 148.87 -148.92 -7.91
CA ASN AA 196 149.21 -149.66 -6.69
C ASN AA 196 148.31 -149.34 -5.53
N ASP AA 197 147.29 -148.51 -5.73
CA ASP AA 197 146.33 -148.22 -4.67
C ASP AA 197 145.52 -149.47 -4.33
N ILE AA 198 145.02 -149.50 -3.11
CA ILE AA 198 144.35 -150.68 -2.57
C ILE AA 198 142.85 -150.50 -2.71
N VAL AA 199 142.17 -151.54 -3.21
CA VAL AA 199 140.73 -151.51 -3.40
C VAL AA 199 140.12 -152.77 -2.82
N VAL AA 200 138.83 -152.69 -2.51
CA VAL AA 200 138.06 -153.77 -1.91
C VAL AA 200 137.14 -154.40 -2.94
N ASN AA 201 137.40 -155.67 -3.26
CA ASN AA 201 136.61 -156.34 -4.34
C ASN AA 201 135.72 -157.46 -3.81
N THR AA 202 134.43 -157.45 -4.17
CA THR AA 202 133.48 -158.48 -3.81
C THR AA 202 132.96 -159.14 -5.08
N PRO AA 203 133.37 -160.37 -5.39
CA PRO AA 203 132.81 -161.09 -6.54
C PRO AA 203 131.59 -161.90 -6.14
N PHE AA 204 130.50 -161.75 -6.89
CA PHE AA 204 129.32 -162.56 -6.76
C PHE AA 204 129.20 -163.48 -7.97
N HIS AA 205 128.71 -164.70 -7.74
CA HIS AA 205 128.46 -165.65 -8.81
C HIS AA 205 126.96 -165.87 -8.94
N VAL AA 206 126.42 -165.59 -10.11
CA VAL AA 206 124.99 -165.72 -10.38
C VAL AA 206 124.79 -166.90 -11.32
N GLU AA 207 123.98 -167.87 -10.89
CA GLU AA 207 123.68 -169.03 -11.70
C GLU AA 207 122.21 -169.03 -12.06
N ILE AA 208 121.92 -169.23 -13.35
CA ILE AA 208 120.56 -169.36 -13.86
C ILE AA 208 120.49 -170.68 -14.62
N GLY AA 209 119.67 -171.61 -14.12
CA GLY AA 209 119.64 -172.93 -14.71
C GLY AA 209 121.03 -173.55 -14.67
N ASN AA 210 121.46 -174.06 -15.83
CA ASN AA 210 122.83 -174.57 -15.93
C ASN AA 210 123.84 -173.46 -16.21
N LEU AA 211 123.38 -172.34 -16.76
CA LEU AA 211 124.29 -171.25 -17.11
C LEU AA 211 124.77 -170.53 -15.86
N THR AA 212 125.99 -170.01 -15.93
CA THR AA 212 126.61 -169.31 -14.82
C THR AA 212 127.30 -168.05 -15.32
N GLY AA 213 127.46 -167.09 -14.41
CA GLY AA 213 128.20 -165.88 -14.68
C GLY AA 213 128.61 -165.26 -13.39
N GLU AA 214 129.37 -164.17 -13.47
CA GLU AA 214 129.86 -163.51 -12.27
C GLU AA 214 129.86 -162.00 -12.48
N PHE AA 215 129.83 -161.27 -11.36
CA PHE AA 215 129.93 -159.83 -11.41
C PHE AA 215 130.53 -159.32 -10.11
N ASN AA 216 131.35 -158.30 -10.20
CA ASN AA 216 132.11 -157.79 -9.07
C ASN AA 216 131.66 -156.39 -8.69
N ILE AA 217 131.88 -156.05 -7.42
CA ILE AA 217 131.69 -154.69 -6.95
C ILE AA 217 132.98 -154.23 -6.29
N CYS AA 218 133.63 -153.23 -6.86
CA CYS AA 218 134.93 -152.76 -6.39
C CYS AA 218 134.83 -151.34 -5.88
N LEU AA 219 135.31 -151.11 -4.66
CA LEU AA 219 135.31 -149.80 -4.04
C LEU AA 219 136.74 -149.42 -3.69
N PRO AA 220 137.22 -148.26 -4.11
CA PRO AA 220 138.54 -147.81 -3.67
C PRO AA 220 138.56 -147.62 -2.16
N PHE AA 221 139.70 -147.96 -1.55
CA PHE AA 221 139.79 -147.87 -0.10
C PHE AA 221 139.68 -146.44 0.41
N SER AA 222 139.90 -145.45 -0.44
CA SER AA 222 139.76 -144.06 0.00
C SER AA 222 138.33 -143.76 0.42
N MET AA 223 137.35 -144.29 -0.31
CA MET AA 223 135.96 -144.08 0.05
C MET AA 223 135.62 -144.77 1.38
N ILE AA 224 136.14 -145.98 1.58
CA ILE AA 224 135.82 -146.75 2.78
C ILE AA 224 136.52 -146.18 4.01
N GLU AA 225 137.69 -145.58 3.83
CA GLU AA 225 138.53 -145.18 4.96
C GLU AA 225 137.82 -144.34 6.01
N PRO AA 226 137.02 -143.32 5.67
CA PRO AA 226 136.29 -142.60 6.73
C PRO AA 226 135.30 -143.48 7.49
N LEU AA 227 134.89 -144.61 6.92
CA LEU AA 227 133.95 -145.51 7.56
C LEU AA 227 134.56 -146.83 8.03
N ARG AA 228 135.87 -146.84 8.29
CA ARG AA 228 136.54 -148.08 8.63
C ARG AA 228 136.08 -148.64 9.98
N GLU AA 229 135.95 -147.77 10.98
CA GLU AA 229 135.53 -148.22 12.30
C GLU AA 229 134.09 -148.73 12.23
N LEU AA 230 133.30 -148.20 11.30
CA LEU AA 230 131.94 -148.70 11.11
C LEU AA 230 131.93 -150.02 10.37
N LEU AA 231 132.81 -150.18 9.36
CA LEU AA 231 132.82 -151.37 8.48
C LEU AA 231 133.62 -152.51 9.13
N VAL AA 232 134.39 -152.25 10.17
CA VAL AA 232 135.26 -153.28 10.79
C VAL AA 232 134.43 -154.12 11.78
N ASN AA 233 133.81 -153.52 12.81
CA ASN AA 233 133.11 -154.32 13.81
C ASN AA 233 131.77 -154.78 13.28
N PRO AA 234 131.35 -156.00 13.62
CA PRO AA 234 130.03 -156.48 13.22
C PRO AA 234 128.93 -155.59 13.78
N PRO AA 235 127.86 -155.35 13.03
CA PRO AA 235 126.81 -154.45 13.50
C PRO AA 235 126.10 -155.00 14.73
N LEU AA 236 125.66 -154.09 15.59
CA LEU AA 236 124.94 -154.45 16.79
C LEU AA 236 123.53 -153.89 16.74
N GLU AA 237 122.60 -154.61 17.36
CA GLU AA 237 121.18 -154.22 17.38
C GLU AA 237 121.00 -153.07 18.35
N ASN AA 238 121.24 -151.86 17.85
CA ASN AA 238 121.13 -150.64 18.64
C ASN AA 238 120.38 -149.61 17.81
N SER AA 239 120.34 -148.38 18.30
CA SER AA 239 119.68 -147.28 17.62
C SER AA 239 120.62 -146.09 17.52
N ARG AA 240 120.31 -145.18 16.60
CA ARG AA 240 121.12 -143.98 16.45
C ARG AA 240 121.09 -143.14 17.73
N HIS AA 241 119.95 -143.11 18.41
CA HIS AA 241 119.87 -142.42 19.70
C HIS AA 241 120.81 -143.07 20.71
N GLU AA 242 120.82 -144.40 20.76
CA GLU AA 242 121.72 -145.09 21.67
C GLU AA 242 123.18 -144.84 21.32
N ASP AA 243 123.50 -144.82 20.02
CA ASP AA 243 124.89 -144.58 19.61
C ASP AA 243 125.34 -143.18 19.99
N GLN AA 244 124.50 -142.16 19.72
CA GLN AA 244 124.88 -140.81 20.09
C GLN AA 244 124.94 -140.64 21.60
N ASN AA 245 124.07 -141.33 22.35
CA ASN AA 245 124.17 -141.30 23.80
C ASN AA 245 125.47 -141.92 24.28
N TRP AA 246 125.89 -143.02 23.64
CA TRP AA 246 127.16 -143.64 23.97
C TRP AA 246 128.43 -142.79 23.92
N ARG AA 247 128.64 -142.13 22.79
CA ARG AA 247 129.84 -141.27 22.63
C ARG AA 247 129.66 -140.02 23.50
N ASP AA 248 128.41 -139.58 23.69
CA ASP AA 248 128.16 -138.39 24.57
C ASP AA 248 128.67 -138.72 25.98
N ASN AA 249 128.27 -139.86 26.53
CA ASN AA 249 128.73 -140.26 27.89
C ASN AA 249 130.25 -140.45 27.87
N LEU AA 250 130.76 -141.10 26.83
CA LEU AA 250 132.23 -141.31 26.70
C LEU AA 250 132.92 -139.94 26.66
N VAL AA 251 132.40 -139.02 25.86
CA VAL AA 251 132.98 -137.64 25.78
C VAL AA 251 133.01 -137.06 27.21
N ARG AA 252 131.89 -137.17 27.93
CA ARG AA 252 131.85 -136.64 29.29
C ARG AA 252 132.83 -137.38 30.20
N GLN AA 253 133.01 -138.69 29.99
CA GLN AA 253 133.99 -139.43 30.79
C GLN AA 253 135.40 -139.00 30.46
N VAL AA 254 135.67 -138.65 29.21
CA VAL AA 254 137.02 -138.27 28.80
C VAL AA 254 137.43 -136.97 29.46
N GLN AA 255 136.49 -136.05 29.65
CA GLN AA 255 136.81 -134.72 30.17
C GLN AA 255 137.55 -134.79 31.50
N HIS AA 256 137.27 -135.80 32.31
CA HIS AA 256 137.95 -135.95 33.60
C HIS AA 256 139.22 -136.78 33.45
N SER AA 257 140.13 -136.29 32.58
CA SER AA 257 141.45 -136.94 32.35
C SER AA 257 142.53 -135.84 32.37
N GLU AA 258 143.44 -135.87 33.35
CA GLU AA 258 144.51 -134.85 33.48
C GLU AA 258 145.47 -134.92 32.29
N LEU AA 259 145.96 -133.78 31.80
CA LEU AA 259 146.92 -133.72 30.68
C LEU AA 259 148.23 -133.11 31.17
N GLU AA 260 149.28 -133.12 30.34
CA GLU AA 260 150.54 -132.44 30.64
C GLU AA 260 150.74 -131.32 29.63
N LEU AA 261 150.70 -130.08 30.10
CA LEU AA 261 150.84 -128.92 29.24
C LEU AA 261 152.21 -128.30 29.44
N VAL AA 262 152.91 -128.05 28.34
CA VAL AA 262 154.28 -127.56 28.36
C VAL AA 262 154.33 -126.23 27.63
N ALA AA 263 154.91 -125.22 28.28
CA ALA AA 263 155.05 -123.89 27.69
C ALA AA 263 156.49 -123.70 27.22
N ASN AA 264 156.65 -123.27 25.97
CA ASN AA 264 157.96 -123.02 25.39
C ASN AA 264 158.21 -121.52 25.37
N PHE AA 265 159.19 -121.06 26.17
CA PHE AA 265 159.54 -119.63 26.27
C PHE AA 265 160.37 -119.18 25.07
N ALA AA 266 161.39 -119.96 24.68
CA ALA AA 266 162.29 -119.63 23.55
C ALA AA 266 162.85 -120.87 22.87
N ASP AA 267 163.33 -120.79 21.63
CA ASP AA 267 163.97 -121.90 20.93
C ASP AA 267 165.19 -121.34 20.20
N ILE AA 268 166.37 -121.55 20.78
CA ILE AA 268 167.61 -120.97 20.28
C ILE AA 268 168.38 -122.04 19.52
N PRO AA 269 168.92 -121.78 18.31
CA PRO AA 269 169.67 -122.79 17.51
C PRO AA 269 171.17 -122.70 17.76
N LEU AA 270 171.75 -123.72 18.40
CA LEU AA 270 173.21 -123.77 18.63
C LEU AA 270 173.83 -125.00 17.97
N ARG AA 271 175.08 -124.90 17.56
CA ARG AA 271 175.82 -126.05 16.97
C ARG AA 271 176.24 -127.00 18.10
N LEU AA 272 176.57 -128.23 17.76
CA LEU AA 272 177.07 -129.20 18.77
C LEU AA 272 178.33 -128.65 19.42
N SER AA 273 179.17 -127.98 18.64
CA SER AA 273 180.46 -127.47 19.16
C SER AA 273 180.19 -126.49 20.31
N GLN AA 274 179.19 -125.63 20.14
CA GLN AA 274 178.85 -124.70 21.24
C GLN AA 274 178.41 -125.52 22.45
N ILE AA 275 177.63 -126.58 22.24
CA ILE AA 275 177.11 -127.33 23.42
C ILE AA 275 178.21 -127.94 24.30
N LEU AA 276 179.22 -128.58 23.69
CA LEU AA 276 180.36 -129.10 24.50
C LEU AA 276 181.23 -128.09 25.27
N LYS AA 277 181.50 -126.95 24.64
CA LYS AA 277 182.23 -125.83 25.33
C LYS AA 277 181.27 -125.05 26.30
N LEU AA 278 179.98 -125.33 26.10
CA LEU AA 278 178.94 -124.62 26.90
C LEU AA 278 179.31 -125.09 28.30
N LYS AA 279 179.37 -124.15 29.23
CA LYS AA 279 179.67 -124.44 30.65
C LYS AA 279 178.92 -123.39 31.47
N PRO AA 280 178.65 -123.58 32.78
CA PRO AA 280 177.83 -122.62 33.57
C PRO AA 280 178.38 -121.20 33.51
N GLY AA 281 177.52 -120.17 33.53
CA GLY AA 281 177.88 -118.78 33.48
C GLY AA 281 177.77 -118.13 32.12
N ASP AA 282 177.64 -118.93 31.05
CA ASP AA 282 177.53 -118.36 29.73
C ASP AA 282 176.17 -117.71 29.51
N VAL AA 283 176.10 -116.83 28.51
CA VAL AA 283 174.85 -116.16 28.14
C VAL AA 283 174.58 -116.46 26.68
N LEU AA 284 173.42 -117.05 26.40
CA LEU AA 284 173.01 -117.37 25.05
C LEU AA 284 171.88 -116.43 24.64
N PRO AA 285 172.09 -115.57 23.65
CA PRO AA 285 171.09 -114.54 23.36
C PRO AA 285 169.82 -115.13 22.76
N ILE AA 286 168.68 -114.58 23.17
CA ILE AA 286 167.38 -115.00 22.69
C ILE AA 286 166.62 -113.75 22.21
N GLU AA 287 165.61 -113.98 21.40
CA GLU AA 287 164.81 -112.92 20.83
C GLU AA 287 163.56 -112.69 21.68
N LYS AA 288 162.81 -111.65 21.33
CA LYS AA 288 161.59 -111.33 22.05
C LYS AA 288 160.53 -112.39 21.77
N PRO AA 289 160.02 -113.08 22.80
CA PRO AA 289 158.82 -113.88 22.60
C PRO AA 289 157.57 -113.02 22.74
N ASP AA 290 156.91 -112.71 21.61
CA ASP AA 290 155.64 -111.94 21.67
C ASP AA 290 154.57 -112.83 22.30
N ARG AA 291 154.53 -114.11 21.92
CA ARG AA 291 153.56 -115.05 22.45
C ARG AA 291 154.25 -116.36 22.80
N ILE AA 292 153.68 -117.06 23.76
CA ILE AA 292 154.24 -118.32 24.27
C ILE AA 292 153.38 -119.53 23.88
N ILE AA 293 153.97 -120.42 23.11
CA ILE AA 293 153.25 -121.62 22.67
C ILE AA 293 153.19 -122.68 23.77
N ALA AA 294 151.99 -123.20 24.01
CA ALA AA 294 151.76 -124.25 24.99
C ALA AA 294 151.27 -125.47 24.23
N HIS AA 295 152.00 -126.57 24.39
CA HIS AA 295 151.78 -127.79 23.64
C HIS AA 295 151.66 -128.98 24.59
N VAL AA 296 150.87 -129.97 24.20
CA VAL AA 296 150.72 -131.22 24.93
C VAL AA 296 151.35 -132.32 24.09
N ASP AA 297 152.47 -132.87 24.58
CA ASP AA 297 153.18 -133.95 23.90
C ASP AA 297 153.54 -133.57 22.46
N GLY AA 298 153.90 -132.30 22.27
CA GLY AA 298 154.31 -131.83 20.97
C GLY AA 298 153.26 -130.98 20.26
N VAL AA 299 152.00 -131.36 20.37
CA VAL AA 299 150.93 -130.69 19.65
C VAL AA 299 150.60 -129.36 20.33
N PRO AA 300 150.75 -128.23 19.66
CA PRO AA 300 150.48 -126.94 20.31
C PRO AA 300 148.99 -126.73 20.51
N VAL AA 301 148.65 -126.21 21.69
CA VAL AA 301 147.24 -126.06 22.07
C VAL AA 301 146.91 -124.61 22.36
N LEU AA 302 147.89 -123.84 22.84
CA LEU AA 302 147.62 -122.50 23.35
C LEU AA 302 148.78 -121.63 22.87
N THR AA 303 148.50 -120.34 22.74
CA THR AA 303 149.54 -119.31 22.70
C THR AA 303 149.06 -118.26 23.70
N SER AA 304 149.95 -117.87 24.61
CA SER AA 304 149.57 -117.06 25.75
C SER AA 304 150.82 -116.30 26.15
N GLN AA 305 150.62 -115.15 26.79
CA GLN AA 305 151.69 -114.22 27.10
C GLN AA 305 152.19 -114.67 28.47
N TYR AA 306 153.50 -114.61 28.66
CA TYR AA 306 154.09 -115.04 29.92
C TYR AA 306 153.85 -114.01 31.00
N GLY AA 307 153.97 -114.46 32.25
CA GLY AA 307 153.79 -113.58 33.39
C GLY AA 307 154.09 -114.31 34.68
N THR AA 308 154.01 -113.57 35.77
CA THR AA 308 154.23 -114.11 37.10
C THR AA 308 153.04 -113.75 37.98
N VAL AA 309 152.43 -114.76 38.59
CA VAL AA 309 151.27 -114.56 39.47
C VAL AA 309 151.44 -115.47 40.68
N ASN AA 310 151.26 -114.89 41.87
CA ASN AA 310 151.32 -115.63 43.13
C ASN AA 310 152.64 -116.37 43.29
N GLY AA 311 153.72 -115.74 42.83
CA GLY AA 311 155.03 -116.37 42.87
C GLY AA 311 155.19 -117.53 41.90
N GLN AA 312 154.24 -117.74 41.01
CA GLN AA 312 154.26 -118.82 40.05
C GLN AA 312 154.41 -118.26 38.64
N TYR AA 313 155.12 -119.01 37.79
CA TYR AA 313 155.18 -118.65 36.38
C TYR AA 313 153.79 -118.83 35.76
N ALA AA 314 153.22 -117.72 35.28
CA ALA AA 314 151.85 -117.73 34.80
C ALA AA 314 151.81 -117.41 33.32
N LEU AA 315 150.70 -117.79 32.68
CA LEU AA 315 150.46 -117.49 31.28
C LEU AA 315 149.07 -116.89 31.13
N ARG AA 316 148.98 -115.75 30.47
CA ARG AA 316 147.71 -115.11 30.17
C ARG AA 316 147.25 -115.63 28.82
N VAL AA 317 146.24 -116.51 28.82
CA VAL AA 317 145.82 -117.19 27.61
C VAL AA 317 145.27 -116.18 26.63
N GLU AA 318 145.81 -116.17 25.44
CA GLU AA 318 145.34 -115.29 24.38
C GLU AA 318 144.51 -115.97 23.32
N HIS AA 319 144.83 -117.22 22.93
CA HIS AA 319 144.12 -117.85 21.79
C HIS AA 319 144.25 -119.37 21.79
N LEU AA 320 143.13 -120.09 21.81
CA LEU AA 320 143.14 -121.53 21.64
C LEU AA 320 143.34 -121.86 20.17
N ILE AA 321 144.31 -122.72 19.88
CA ILE AA 321 144.68 -122.97 18.50
C ILE AA 321 143.68 -123.92 17.86
N ASN AA 322 142.64 -123.36 17.24
CA ASN AA 322 141.69 -124.18 16.52
C ASN AA 322 142.24 -124.54 15.14
N PRO AA 323 141.83 -125.69 14.58
CA PRO AA 323 142.28 -126.09 13.25
C PRO AA 323 141.38 -125.55 12.14
N GLN BA 52 184.70 -144.72 15.77
CA GLN BA 52 184.58 -143.70 16.81
C GLN BA 52 185.19 -142.38 16.35
N ASP BA 53 184.47 -141.66 15.51
CA ASP BA 53 184.93 -140.40 14.95
C ASP BA 53 184.48 -139.24 15.83
N ILE BA 54 185.15 -138.11 15.70
CA ILE BA 54 184.85 -136.96 16.54
C ILE BA 54 184.56 -135.74 15.68
N ASP BA 55 185.42 -135.45 14.70
CA ASP BA 55 185.19 -134.31 13.78
C ASP BA 55 183.96 -134.59 12.90
N LEU BA 56 183.55 -135.86 12.79
CA LEU BA 56 182.41 -136.24 11.91
C LEU BA 56 181.12 -135.56 12.38
N ILE BA 57 180.88 -135.50 13.69
CA ILE BA 57 179.61 -134.93 14.25
C ILE BA 57 179.97 -133.67 15.05
N MET BA 58 181.18 -133.13 14.88
CA MET BA 58 181.61 -131.97 15.63
C MET BA 58 180.83 -130.72 15.22
N ASP BA 59 180.14 -130.76 14.08
CA ASP BA 59 179.51 -129.60 13.48
C ASP BA 59 178.00 -129.73 13.36
N ILE BA 60 177.42 -130.84 13.75
CA ILE BA 60 175.97 -131.07 13.57
C ILE BA 60 175.19 -130.07 14.42
N PRO BA 61 174.16 -129.43 13.88
CA PRO BA 61 173.39 -128.48 14.67
C PRO BA 61 172.34 -129.17 15.52
N VAL BA 62 172.02 -128.53 16.66
CA VAL BA 62 171.02 -129.02 17.58
C VAL BA 62 170.19 -127.77 17.86
N LYS BA 63 168.94 -128.00 18.27
CA LYS BA 63 168.00 -126.92 18.63
C LYS BA 63 167.74 -127.02 20.12
N LEU BA 64 167.85 -125.91 20.86
CA LEU BA 64 167.70 -125.90 22.31
C LEU BA 64 166.42 -125.16 22.65
N THR BA 65 165.63 -125.73 23.55
CA THR BA 65 164.37 -125.14 23.97
C THR BA 65 164.44 -124.88 25.47
N VAL BA 66 163.73 -123.85 25.92
CA VAL BA 66 163.61 -123.50 27.33
C VAL BA 66 162.14 -123.38 27.69
N GLU BA 67 161.78 -123.84 28.89
CA GLU BA 67 160.40 -123.87 29.31
C GLU BA 67 160.05 -122.80 30.33
N LEU BA 68 158.78 -122.43 30.40
CA LEU BA 68 158.33 -121.61 31.52
C LEU BA 68 158.15 -122.54 32.71
N GLY BA 69 157.42 -123.64 32.51
CA GLY BA 69 157.22 -124.59 33.59
C GLY BA 69 156.27 -125.70 33.19
N ARG BA 70 156.25 -126.72 34.03
CA ARG BA 70 155.31 -127.83 33.89
C ARG BA 70 153.97 -127.39 34.47
N THR BA 71 152.92 -128.11 34.12
CA THR BA 71 151.64 -128.02 34.79
C THR BA 71 150.86 -129.18 34.18
N ARG BA 72 149.91 -129.70 34.95
CA ARG BA 72 149.09 -130.83 34.55
C ARG BA 72 147.65 -130.41 34.84
N MET BA 73 146.81 -130.40 33.81
CA MET BA 73 145.50 -129.78 33.91
C MET BA 73 144.65 -130.58 32.93
N THR BA 74 143.41 -130.89 33.30
CA THR BA 74 142.56 -131.85 32.55
C THR BA 74 141.89 -131.21 31.38
N ILE BA 75 141.14 -132.00 30.62
CA ILE BA 75 140.41 -131.52 29.41
C ILE BA 75 139.38 -130.48 29.86
N LYS BA 76 138.73 -130.65 31.00
CA LYS BA 76 137.67 -129.70 31.47
C LYS BA 76 138.17 -128.25 31.46
N GLU BA 77 139.17 -127.88 32.28
CA GLU BA 77 139.74 -126.54 32.36
C GLU BA 77 140.33 -126.05 31.04
N LEU BA 78 140.95 -126.94 30.28
CA LEU BA 78 141.45 -126.57 28.96
C LEU BA 78 140.36 -126.09 28.00
N LEU BA 79 139.21 -126.75 28.01
CA LEU BA 79 138.11 -126.31 27.15
C LEU BA 79 137.39 -125.04 27.56
N ARG BA 80 137.38 -124.72 28.86
CA ARG BA 80 136.77 -123.48 29.32
C ARG BA 80 137.77 -122.31 29.53
N LEU BA 81 138.98 -122.51 29.02
CA LEU BA 81 139.99 -121.46 29.07
C LEU BA 81 139.47 -120.49 28.02
N THR BA 82 139.48 -119.20 28.37
CA THR BA 82 138.96 -118.17 27.47
C THR BA 82 140.09 -117.18 27.28
N GLN BA 83 139.86 -116.15 26.46
CA GLN BA 83 140.88 -115.11 26.29
C GLN BA 83 141.04 -114.34 27.58
N GLY BA 84 142.28 -114.04 27.96
CA GLY BA 84 142.56 -113.31 29.17
C GLY BA 84 142.63 -114.18 30.41
N SER BA 85 142.27 -115.46 30.31
CA SER BA 85 142.38 -116.36 31.45
C SER BA 85 143.85 -116.62 31.77
N VAL BA 86 144.14 -116.79 33.06
CA VAL BA 86 145.50 -116.95 33.55
C VAL BA 86 145.64 -118.35 34.14
N VAL BA 87 146.70 -119.05 33.74
CA VAL BA 87 147.00 -120.38 34.24
C VAL BA 87 148.42 -120.35 34.81
N ALA BA 88 148.64 -120.98 35.97
CA ALA BA 88 149.96 -121.00 36.62
C ALA BA 88 150.85 -122.09 36.02
N LEU BA 89 151.97 -122.40 36.68
CA LEU BA 89 152.95 -123.43 36.24
C LEU BA 89 153.46 -124.06 37.54
N ASP BA 90 154.23 -125.13 37.49
CA ASP BA 90 154.70 -125.87 38.71
C ASP BA 90 155.93 -125.20 39.33
N GLY BA 91 156.52 -124.18 38.69
CA GLY BA 91 157.71 -123.52 39.19
C GLY BA 91 157.55 -122.15 39.81
N LEU BA 92 158.20 -121.96 40.96
CA LEU BA 92 158.23 -120.65 41.59
C LEU BA 92 158.94 -119.66 40.70
N ALA BA 93 158.47 -118.41 40.71
CA ALA BA 93 159.09 -117.37 39.90
C ALA BA 93 160.47 -117.08 40.45
N GLY BA 94 161.51 -117.60 39.79
CA GLY BA 94 162.87 -117.41 40.26
C GLY BA 94 163.77 -118.61 40.07
N GLU BA 95 163.19 -119.82 40.01
CA GLU BA 95 164.02 -120.98 39.78
C GLU BA 95 164.56 -120.97 38.35
N PRO BA 96 165.73 -121.57 38.12
CA PRO BA 96 166.27 -121.62 36.76
C PRO BA 96 165.42 -122.53 35.88
N LEU BA 97 165.14 -122.07 34.66
CA LEU BA 97 164.37 -122.86 33.71
C LEU BA 97 165.20 -124.02 33.18
N ASP BA 98 164.51 -125.04 32.69
CA ASP BA 98 165.23 -126.26 32.19
C ASP BA 98 165.48 -126.14 30.69
N ILE BA 99 166.73 -126.28 30.28
CA ILE BA 99 167.09 -126.24 28.83
C ILE BA 99 167.09 -127.68 28.31
N LEU BA 100 166.47 -127.93 27.16
CA LEU BA 100 166.36 -129.33 26.65
C LEU BA 100 166.73 -129.41 25.16
N ILE BA 101 167.22 -130.57 24.71
CA ILE BA 101 167.53 -130.77 23.26
C ILE BA 101 166.83 -132.07 22.82
N ASN BA 102 166.04 -132.01 21.74
CA ASN BA 102 165.36 -133.24 21.21
C ASN BA 102 164.58 -133.85 22.39
N GLY BA 103 164.01 -133.01 23.26
CA GLY BA 103 163.18 -133.49 24.39
C GLY BA 103 164.01 -134.11 25.50
N TYR BA 104 165.32 -133.89 25.52
CA TYR BA 104 166.24 -134.51 26.51
C TYR BA 104 166.88 -133.40 27.34
N LEU BA 105 166.87 -133.52 28.67
CA LEU BA 105 167.38 -132.43 29.54
C LEU BA 105 168.86 -132.23 29.21
N ILE BA 106 169.31 -130.97 29.15
CA ILE BA 106 170.73 -130.67 28.81
C ILE BA 106 171.30 -129.62 29.78
N ALA BA 107 170.50 -128.69 30.32
CA ALA BA 107 171.05 -127.60 31.13
C ALA BA 107 169.96 -126.96 31.95
N GLN BA 108 170.34 -125.92 32.72
CA GLN BA 108 169.41 -125.07 33.44
C GLN BA 108 169.92 -123.63 33.43
N GLY BA 109 169.01 -122.70 33.20
CA GLY BA 109 169.34 -121.29 33.20
C GLY BA 109 168.10 -120.42 33.16
N GLU BA 110 168.28 -119.16 33.55
CA GLU BA 110 167.19 -118.19 33.59
C GLU BA 110 167.44 -117.06 32.62
N VAL BA 111 166.39 -116.31 32.33
CA VAL BA 111 166.47 -115.17 31.42
C VAL BA 111 167.03 -113.97 32.18
N VAL BA 112 167.89 -113.21 31.49
CA VAL BA 112 168.51 -112.02 32.05
C VAL BA 112 168.40 -110.84 31.10
N VAL BA 113 168.17 -109.66 31.66
CA VAL BA 113 168.08 -108.43 30.88
C VAL BA 113 169.37 -107.61 31.00
N VAL BA 114 170.08 -107.41 29.89
CA VAL BA 114 171.35 -106.72 29.97
C VAL BA 114 171.15 -105.24 29.66
N ALA BA 115 170.77 -104.99 28.40
CA ALA BA 115 170.42 -103.62 27.98
C ALA BA 115 168.98 -103.49 27.47
N ASP BA 116 168.74 -103.96 26.25
CA ASP BA 116 167.36 -104.02 25.70
C ASP BA 116 167.37 -105.36 24.97
N LYS BA 117 168.15 -106.32 25.48
CA LYS BA 117 168.31 -107.63 24.81
C LYS BA 117 168.14 -108.78 25.83
N TYR BA 118 167.76 -109.97 25.36
CA TYR BA 118 167.48 -111.08 26.31
C TYR BA 118 168.38 -112.28 26.05
N GLY BA 119 168.66 -113.07 27.09
CA GLY BA 119 169.43 -114.29 26.96
C GLY BA 119 169.32 -115.15 28.21
N VAL BA 120 169.75 -116.39 28.08
CA VAL BA 120 169.66 -117.37 29.15
C VAL BA 120 171.04 -117.42 29.80
N ARG BA 121 171.06 -117.34 31.13
CA ARG BA 121 172.28 -117.41 31.91
C ARG BA 121 172.27 -118.79 32.55
N ILE BA 122 173.06 -119.70 31.96
CA ILE BA 122 173.05 -121.09 32.39
C ILE BA 122 173.66 -121.20 33.78
N THR BA 123 172.98 -121.93 34.67
CA THR BA 123 173.44 -122.07 36.05
C THR BA 123 174.36 -123.26 36.24
N ASP BA 124 174.06 -124.41 35.63
CA ASP BA 124 174.86 -125.60 35.82
C ASP BA 124 174.58 -126.59 34.70
N ILE BA 125 175.34 -127.66 34.70
CA ILE BA 125 175.17 -128.78 33.77
C ILE BA 125 174.81 -130.01 34.59
N ILE BA 126 173.71 -130.65 34.23
CA ILE BA 126 173.20 -131.78 35.01
C ILE BA 126 173.99 -133.04 34.70
N THR BA 127 174.65 -133.58 35.71
CA THR BA 127 175.28 -134.87 35.61
C THR BA 127 174.21 -135.97 35.61
N PRO BA 128 174.54 -137.17 35.11
CA PRO BA 128 173.52 -138.24 35.09
C PRO BA 128 172.90 -138.52 36.44
N SER BA 129 173.69 -138.47 37.52
CA SER BA 129 173.17 -138.75 38.85
C SER BA 129 171.97 -137.86 39.12
N GLU BA 130 172.12 -136.55 38.91
CA GLU BA 130 170.98 -135.65 39.01
C GLU BA 130 169.85 -136.05 38.07
N ARG BA 131 170.17 -136.35 36.81
CA ARG BA 131 169.13 -136.81 35.86
C ARG BA 131 168.37 -138.01 36.45
N MET BA 132 169.08 -138.93 37.10
CA MET BA 132 168.43 -140.16 37.63
C MET BA 132 167.40 -139.76 38.70
N ARG BA 133 167.74 -138.81 39.57
CA ARG BA 133 166.80 -138.37 40.63
C ARG BA 133 165.68 -137.53 40.00
N ARG BA 134 165.95 -136.98 38.82
CA ARG BA 134 164.95 -136.15 38.10
C ARG BA 134 163.83 -137.14 37.72
N LEU BA 135 164.21 -138.22 37.03
CA LEU BA 135 163.23 -139.30 36.73
C LEU BA 135 162.62 -139.97 37.96
N SER BA 136 163.42 -140.17 39.01
CA SER BA 136 162.93 -140.87 40.23
C SER BA 136 161.95 -139.97 41.00
N ARG BA 137 162.10 -138.64 40.93
CA ARG BA 137 161.23 -137.80 41.74
C ARG BA 137 160.83 -136.54 40.99
N ASP CA 53 183.45 -134.61 29.50
CA ASP CA 53 182.55 -133.74 28.74
C ASP CA 53 182.00 -134.44 27.49
N ILE CA 54 182.74 -135.41 26.98
CA ILE CA 54 182.27 -136.18 25.84
C ILE CA 54 181.05 -136.97 26.28
N ASP CA 55 181.04 -137.43 27.53
CA ASP CA 55 179.92 -138.20 28.05
C ASP CA 55 178.59 -137.45 27.95
N LEU CA 56 178.63 -136.12 28.15
CA LEU CA 56 177.41 -135.33 28.02
C LEU CA 56 176.77 -135.34 26.64
N ILE CA 57 177.60 -135.28 25.60
CA ILE CA 57 177.09 -135.23 24.20
C ILE CA 57 177.28 -136.60 23.54
N MET CA 58 177.34 -137.68 24.33
CA MET CA 58 177.58 -139.00 23.76
C MET CA 58 176.20 -139.67 23.90
N ASP CA 59 175.29 -139.05 24.65
CA ASP CA 59 173.97 -139.71 24.91
C ASP CA 59 172.80 -138.97 24.25
N ILE CA 60 172.95 -137.68 23.93
CA ILE CA 60 171.85 -136.88 23.39
C ILE CA 60 171.14 -137.41 22.13
N PRO CA 61 169.79 -137.40 22.07
CA PRO CA 61 169.04 -137.80 20.86
C PRO CA 61 169.23 -136.78 19.75
N VAL CA 62 169.06 -137.19 18.50
CA VAL CA 62 169.19 -136.31 17.35
C VAL CA 62 168.28 -136.95 16.31
N LYS CA 63 167.87 -136.14 15.33
CA LYS CA 63 166.92 -136.59 14.32
C LYS CA 63 167.71 -136.89 13.05
N LEU CA 64 167.51 -138.08 12.48
CA LEU CA 64 168.23 -138.52 11.30
C LEU CA 64 167.22 -138.65 10.17
N THR CA 65 167.61 -138.23 8.97
CA THR CA 65 166.78 -138.37 7.78
C THR CA 65 167.65 -138.84 6.64
N VAL CA 66 167.02 -139.43 5.62
CA VAL CA 66 167.69 -139.77 4.38
C VAL CA 66 166.80 -139.34 3.23
N GLU CA 67 167.34 -138.56 2.31
CA GLU CA 67 166.54 -138.00 1.23
C GLU CA 67 166.80 -138.78 -0.06
N LEU CA 68 165.72 -139.16 -0.76
CA LEU CA 68 165.83 -140.00 -1.98
C LEU CA 68 165.94 -139.17 -3.25
N GLY CA 69 165.42 -137.94 -3.26
CA GLY CA 69 165.36 -137.12 -4.49
C GLY CA 69 165.66 -135.66 -4.25
N ARG CA 70 165.99 -134.94 -5.32
CA ARG CA 70 166.28 -133.47 -5.23
C ARG CA 70 165.98 -132.86 -6.61
N THR CA 71 165.06 -131.88 -6.67
CA THR CA 71 164.66 -131.25 -7.93
C THR CA 71 164.49 -129.78 -7.68
N ARG CA 72 164.81 -128.91 -8.65
CA ARG CA 72 164.57 -127.47 -8.60
C ARG CA 72 163.40 -127.13 -9.52
N MET CA 73 162.44 -126.37 -8.96
CA MET CA 73 161.23 -126.07 -9.76
C MET CA 73 160.72 -124.64 -9.52
N THR CA 74 159.98 -124.10 -10.47
CA THR CA 74 159.36 -122.79 -10.38
C THR CA 74 157.93 -123.07 -9.90
N ILE CA 75 157.12 -122.02 -9.76
CA ILE CA 75 155.77 -122.26 -9.16
C ILE CA 75 154.77 -122.59 -10.28
N LYS CA 76 155.03 -122.07 -11.47
CA LYS CA 76 154.20 -122.49 -12.61
C LYS CA 76 154.25 -124.01 -12.52
N GLU CA 77 155.46 -124.57 -12.42
CA GLU CA 77 155.61 -126.04 -12.41
C GLU CA 77 154.94 -126.66 -11.18
N LEU CA 78 155.13 -126.10 -9.99
CA LEU CA 78 154.58 -126.73 -8.76
C LEU CA 78 153.05 -126.72 -8.80
N LEU CA 79 152.46 -125.61 -9.21
CA LEU CA 79 150.99 -125.48 -9.29
C LEU CA 79 150.47 -126.44 -10.36
N ARG CA 80 151.20 -126.58 -11.46
CA ARG CA 80 150.76 -127.43 -12.59
C ARG CA 80 150.61 -128.87 -12.09
N LEU CA 81 151.53 -129.34 -11.23
CA LEU CA 81 151.39 -130.70 -10.62
C LEU CA 81 149.94 -130.87 -10.18
N THR CA 82 149.28 -132.00 -10.47
CA THR CA 82 147.93 -132.28 -9.96
C THR CA 82 147.95 -133.59 -9.21
N GLN CA 83 146.81 -134.25 -9.04
CA GLN CA 83 146.83 -135.55 -8.41
C GLN CA 83 147.28 -136.60 -9.41
N GLY CA 84 148.23 -137.44 -9.00
CA GLY CA 84 148.78 -138.45 -9.87
C GLY CA 84 149.90 -137.99 -10.77
N SER CA 85 150.27 -136.70 -10.73
CA SER CA 85 151.36 -136.21 -11.55
C SER CA 85 152.68 -136.79 -11.09
N VAL CA 86 153.52 -137.17 -12.05
CA VAL CA 86 154.83 -137.75 -11.75
C VAL CA 86 155.88 -136.65 -11.87
N VAL CA 87 156.68 -136.49 -10.83
CA VAL CA 87 157.73 -135.48 -10.80
C VAL CA 87 159.06 -136.19 -10.92
N ALA CA 88 159.80 -135.87 -11.98
CA ALA CA 88 161.13 -136.45 -12.16
C ALA CA 88 162.15 -135.92 -11.18
N LEU CA 89 163.10 -136.77 -10.82
CA LEU CA 89 164.19 -136.42 -9.92
C LEU CA 89 165.58 -136.30 -10.52
N ASP CA 90 166.26 -135.18 -10.21
CA ASP CA 90 167.60 -134.98 -10.75
C ASP CA 90 168.54 -136.19 -10.47
N GLY CA 91 168.40 -136.74 -9.27
CA GLY CA 91 169.08 -137.97 -8.94
C GLY CA 91 168.87 -139.23 -9.75
N LEU CA 92 169.95 -139.77 -10.32
CA LEU CA 92 169.86 -140.98 -11.11
C LEU CA 92 169.60 -142.17 -10.19
N ALA CA 93 169.10 -143.26 -10.78
CA ALA CA 93 168.86 -144.46 -9.99
C ALA CA 93 170.17 -145.09 -9.55
N GLY CA 94 170.23 -145.51 -8.30
CA GLY CA 94 171.40 -146.18 -7.75
C GLY CA 94 172.46 -145.27 -7.17
N GLU CA 95 172.34 -143.96 -7.35
CA GLU CA 95 173.32 -143.06 -6.77
C GLU CA 95 173.16 -143.02 -5.25
N PRO CA 96 174.20 -142.76 -4.43
CA PRO CA 96 174.05 -142.80 -2.95
C PRO CA 96 173.09 -141.72 -2.46
N LEU CA 97 172.06 -142.09 -1.69
CA LEU CA 97 171.08 -141.13 -1.11
C LEU CA 97 171.80 -140.23 -0.09
N ASP CA 98 171.48 -138.94 -0.02
CA ASP CA 98 172.10 -138.11 1.05
C ASP CA 98 171.53 -138.54 2.40
N ILE CA 99 172.33 -138.56 3.47
CA ILE CA 99 171.87 -138.79 4.84
C ILE CA 99 172.15 -137.53 5.64
N LEU CA 100 171.11 -136.98 6.24
CA LEU CA 100 171.18 -135.70 6.91
C LEU CA 100 170.89 -135.87 8.40
N ILE CA 101 171.54 -135.04 9.21
CA ILE CA 101 171.31 -135.00 10.65
C ILE CA 101 170.86 -133.60 10.99
N ASN CA 102 169.59 -133.46 11.38
CA ASN CA 102 168.99 -132.16 11.63
C ASN CA 102 169.14 -131.24 10.42
N GLY CA 103 169.03 -131.83 9.24
CA GLY CA 103 169.20 -131.09 8.00
C GLY CA 103 170.63 -130.87 7.57
N TYR CA 104 171.60 -131.51 8.22
CA TYR CA 104 173.01 -131.33 7.90
C TYR CA 104 173.54 -132.61 7.27
N LEU CA 105 174.08 -132.51 6.06
CA LEU CA 105 174.58 -133.68 5.35
C LEU CA 105 175.89 -134.16 5.96
N ILE CA 106 175.97 -135.46 6.24
CA ILE CA 106 177.20 -136.01 6.80
C ILE CA 106 177.67 -137.22 5.99
N ALA CA 107 176.76 -137.87 5.27
CA ALA CA 107 177.11 -139.15 4.68
C ALA CA 107 176.25 -139.43 3.45
N GLN CA 108 176.71 -140.40 2.66
CA GLN CA 108 175.99 -140.87 1.48
C GLN CA 108 175.89 -142.39 1.53
N GLY CA 109 174.73 -142.90 1.15
CA GLY CA 109 174.52 -144.34 1.13
C GLY CA 109 173.33 -144.85 0.35
N GLU CA 110 173.43 -146.10 -0.08
CA GLU CA 110 172.35 -146.72 -0.85
C GLU CA 110 171.13 -147.18 -0.10
N VAL CA 111 170.04 -147.39 -0.81
CA VAL CA 111 168.73 -147.65 -0.21
C VAL CA 111 168.69 -149.17 -0.15
N VAL CA 112 168.22 -149.69 0.98
CA VAL CA 112 168.02 -151.12 1.17
C VAL CA 112 166.90 -151.31 2.19
N VAL CA 113 166.11 -152.35 2.01
CA VAL CA 113 164.97 -152.63 2.88
C VAL CA 113 165.27 -153.87 3.70
N VAL CA 114 165.09 -153.76 5.02
CA VAL CA 114 165.40 -154.89 5.94
C VAL CA 114 164.16 -155.21 6.79
N ALA CA 115 163.70 -156.47 6.77
CA ALA CA 115 162.55 -156.89 7.63
C ALA CA 115 161.31 -156.04 7.34
N ASP CA 116 161.09 -155.69 6.06
CA ASP CA 116 159.88 -154.92 5.62
C ASP CA 116 159.88 -153.50 6.18
N LYS CA 117 161.03 -152.98 6.58
CA LYS CA 117 161.15 -151.58 7.08
C LYS CA 117 162.23 -150.89 6.26
N TYR CA 118 161.98 -149.65 5.83
CA TYR CA 118 163.00 -148.89 5.06
C TYR CA 118 164.34 -148.81 5.78
N GLY CA 119 165.43 -148.74 5.00
CA GLY CA 119 166.75 -148.60 5.60
C GLY CA 119 167.72 -148.04 4.59
N VAL CA 120 168.96 -147.86 5.05
CA VAL CA 120 170.02 -147.30 4.20
C VAL CA 120 171.35 -147.83 4.71
N ARG CA 121 172.21 -148.22 3.77
CA ARG CA 121 173.56 -148.65 4.08
C ARG CA 121 174.55 -147.51 3.88
N ILE CA 122 175.30 -147.18 4.93
CA ILE CA 122 176.23 -146.05 4.86
C ILE CA 122 177.40 -146.42 3.95
N THR CA 123 177.35 -145.97 2.70
CA THR CA 123 178.44 -146.22 1.77
C THR CA 123 179.69 -145.45 2.18
N ASP CA 124 179.53 -144.15 2.47
CA ASP CA 124 180.69 -143.37 2.87
C ASP CA 124 180.24 -142.14 3.65
N ILE CA 125 181.19 -141.54 4.35
CA ILE CA 125 180.98 -140.26 5.01
C ILE CA 125 181.71 -139.19 4.22
N ILE CA 126 180.99 -138.15 3.82
CA ILE CA 126 181.56 -137.11 2.98
C ILE CA 126 182.47 -136.22 3.81
N THR CA 127 183.70 -136.06 3.37
CA THR CA 127 184.66 -135.10 3.87
C THR CA 127 184.33 -133.72 3.32
N PRO CA 128 184.59 -132.64 4.07
CA PRO CA 128 184.11 -131.31 3.64
C PRO CA 128 184.68 -130.86 2.31
N SER CA 129 185.51 -131.68 1.65
CA SER CA 129 186.00 -131.32 0.33
C SER CA 129 184.80 -131.31 -0.63
N GLU CA 130 183.86 -132.23 -0.46
CA GLU CA 130 182.70 -132.34 -1.40
C GLU CA 130 181.64 -131.26 -1.11
N ARG CA 131 181.69 -130.62 0.06
CA ARG CA 131 180.70 -129.65 0.47
C ARG CA 131 180.77 -128.42 -0.43
N MET CA 132 182.00 -128.01 -0.79
CA MET CA 132 182.12 -126.89 -1.76
C MET CA 132 181.33 -127.29 -3.01
N ARG CA 133 181.54 -128.51 -3.50
CA ARG CA 133 180.84 -128.99 -4.72
C ARG CA 133 179.32 -129.20 -4.52
N ARG CA 134 178.90 -129.36 -3.26
CA ARG CA 134 177.44 -129.54 -2.96
C ARG CA 134 176.72 -128.22 -3.29
N LEU CA 135 177.48 -127.14 -3.51
CA LEU CA 135 176.88 -125.83 -3.83
C LEU CA 135 177.65 -125.20 -5.02
N ALA DA 37 176.73 -92.99 9.45
CA ALA DA 37 175.40 -92.39 9.52
C ALA DA 37 174.80 -92.26 8.12
N VAL DA 38 175.35 -93.00 7.17
CA VAL DA 38 174.87 -92.96 5.79
C VAL DA 38 173.47 -93.55 5.68
N PHE DA 39 173.23 -94.69 6.33
CA PHE DA 39 171.92 -95.33 6.25
C PHE DA 39 170.89 -94.49 6.99
N GLN DA 40 169.69 -94.39 6.41
CA GLN DA 40 168.62 -93.60 6.99
C GLN DA 40 167.74 -94.54 7.82
N GLN DA 41 167.37 -94.10 9.01
CA GLN DA 41 166.66 -94.96 9.96
C GLN DA 41 165.18 -95.09 9.63
N LEU DA 42 164.78 -96.27 9.17
CA LEU DA 42 163.39 -96.56 8.83
C LEU DA 42 162.61 -97.15 10.00
N GLY DA 43 161.39 -96.66 10.17
CA GLY DA 43 160.54 -97.13 11.26
C GLY DA 43 159.10 -96.79 10.99
N GLY DA 44 158.22 -97.48 11.71
CA GLY DA 44 156.79 -97.28 11.54
C GLY DA 44 156.29 -97.65 10.16
N GLY DA 45 156.80 -98.74 9.59
CA GLY DA 45 156.40 -99.15 8.26
C GLY DA 45 155.36 -100.25 8.26
N ASP DA 46 154.77 -100.53 9.42
CA ASP DA 46 153.73 -101.55 9.54
C ASP DA 46 152.38 -100.95 9.11
N VAL DA 47 152.27 -100.73 7.80
CA VAL DA 47 151.07 -100.12 7.25
C VAL DA 47 149.90 -101.08 7.34
N SER DA 48 150.00 -102.21 6.66
CA SER DA 48 148.94 -103.23 6.66
C SER DA 48 149.53 -104.49 6.03
N GLY DA 49 148.72 -105.55 6.03
CA GLY DA 49 149.12 -106.80 5.40
C GLY DA 49 147.94 -107.52 4.77
N ALA DA 50 148.06 -107.83 3.49
CA ALA DA 50 147.00 -108.54 2.78
C ALA DA 50 147.62 -109.32 1.63
N MET DA 51 147.29 -110.61 1.54
CA MET DA 51 147.76 -111.43 0.43
C MET DA 51 147.28 -110.83 -0.89
N GLN DA 52 148.19 -110.75 -1.86
CA GLN DA 52 147.86 -110.11 -3.13
C GLN DA 52 147.37 -111.21 -4.07
N ASP DA 53 148.28 -112.10 -4.45
CA ASP DA 53 148.01 -113.19 -5.37
C ASP DA 53 149.28 -114.00 -5.47
N ILE DA 54 149.17 -115.22 -6.00
CA ILE DA 54 150.30 -116.14 -6.02
C ILE DA 54 151.10 -116.10 -7.32
N ASP DA 55 150.76 -115.18 -8.21
CA ASP DA 55 151.49 -115.00 -9.46
C ASP DA 55 152.50 -113.87 -9.44
N LEU DA 56 152.46 -113.02 -8.42
CA LEU DA 56 153.47 -111.96 -8.29
C LEU DA 56 154.79 -112.66 -7.98
N ILE DA 57 154.73 -113.75 -7.20
CA ILE DA 57 155.93 -114.51 -6.75
C ILE DA 57 156.13 -115.77 -7.59
N MET DA 58 155.39 -115.97 -8.68
CA MET DA 58 155.44 -117.28 -9.39
C MET DA 58 156.78 -117.87 -9.87
N ASP DA 59 157.47 -117.14 -10.75
CA ASP DA 59 158.72 -117.69 -11.36
C ASP DA 59 159.85 -117.54 -10.33
N ILE DA 60 159.62 -118.03 -9.11
CA ILE DA 60 160.70 -118.02 -8.09
C ILE DA 60 161.10 -119.48 -7.88
N PRO DA 61 162.39 -119.85 -7.96
CA PRO DA 61 162.81 -121.27 -7.88
C PRO DA 61 162.47 -121.83 -6.50
N VAL DA 62 161.98 -123.06 -6.47
CA VAL DA 62 161.66 -123.73 -5.18
C VAL DA 62 162.64 -124.90 -5.05
N LYS DA 63 162.96 -125.29 -3.81
CA LYS DA 63 163.87 -126.42 -3.61
C LYS DA 63 163.03 -127.63 -3.24
N LEU DA 64 162.67 -128.44 -4.23
CA LEU DA 64 161.86 -129.61 -3.98
C LEU DA 64 162.74 -130.80 -3.62
N THR DA 65 162.32 -131.55 -2.60
CA THR DA 65 163.09 -132.68 -2.10
C THR DA 65 162.13 -133.75 -1.61
N VAL DA 66 162.31 -134.98 -2.09
CA VAL DA 66 161.56 -136.13 -1.61
C VAL DA 66 162.35 -136.87 -0.56
N GLU DA 67 161.68 -137.25 0.52
CA GLU DA 67 162.33 -137.90 1.66
C GLU DA 67 162.03 -139.39 1.77
N LEU DA 68 163.09 -140.20 1.90
CA LEU DA 68 162.92 -141.64 1.90
C LEU DA 68 162.34 -142.07 3.24
N GLY DA 69 162.92 -141.58 4.33
CA GLY DA 69 162.45 -142.00 5.64
C GLY DA 69 163.02 -141.18 6.77
N ARG DA 70 162.58 -141.50 7.98
CA ARG DA 70 162.98 -140.82 9.18
C ARG DA 70 163.36 -141.90 10.20
N THR DA 71 164.03 -141.48 11.26
CA THR DA 71 164.35 -142.33 12.39
C THR DA 71 164.91 -141.45 13.47
N ARG DA 72 164.35 -141.56 14.67
CA ARG DA 72 164.89 -140.87 15.83
C ARG DA 72 165.95 -141.76 16.45
N MET DA 73 167.17 -141.25 16.54
CA MET DA 73 168.30 -142.04 17.01
C MET DA 73 169.26 -141.09 17.73
N THR DA 74 169.87 -141.60 18.78
CA THR DA 74 170.79 -140.80 19.58
C THR DA 74 172.22 -140.98 19.09
N ILE DA 75 173.12 -140.18 19.66
CA ILE DA 75 174.53 -140.27 19.32
C ILE DA 75 175.15 -141.61 19.72
N LYS DA 76 174.51 -142.30 20.67
CA LYS DA 76 174.95 -143.63 21.09
C LYS DA 76 175.25 -144.53 19.90
N GLU DA 77 174.22 -144.84 19.11
CA GLU DA 77 174.43 -145.66 17.94
C GLU DA 77 175.10 -144.87 16.82
N LEU DA 78 174.95 -143.54 16.81
CA LEU DA 78 175.59 -142.74 15.77
C LEU DA 78 177.06 -142.94 15.44
N LEU DA 79 177.92 -142.97 16.45
CA LEU DA 79 179.34 -143.25 16.17
C LEU DA 79 179.60 -144.78 16.02
N ARG DA 80 178.69 -145.57 16.60
CA ARG DA 80 178.82 -147.04 16.43
C ARG DA 80 178.77 -147.35 14.93
N LEU DA 81 178.11 -146.48 14.15
CA LEU DA 81 178.04 -146.67 12.70
C LEU DA 81 179.33 -146.70 11.90
N THR DA 82 179.52 -147.78 11.15
CA THR DA 82 180.67 -147.96 10.28
C THR DA 82 180.20 -148.10 8.84
N GLN DA 83 181.16 -148.19 7.92
CA GLN DA 83 180.84 -148.39 6.52
C GLN DA 83 180.20 -149.77 6.33
N GLY DA 84 179.13 -149.81 5.53
CA GLY DA 84 178.41 -151.04 5.31
C GLY DA 84 177.36 -151.36 6.33
N SER DA 85 177.24 -150.56 7.39
CA SER DA 85 176.19 -150.76 8.37
C SER DA 85 174.84 -150.37 7.79
N VAL DA 86 173.78 -150.88 8.39
CA VAL DA 86 172.41 -150.63 7.94
C VAL DA 86 171.64 -149.97 9.06
N VAL DA 87 170.98 -148.86 8.75
CA VAL DA 87 170.17 -148.12 9.71
C VAL DA 87 168.70 -148.27 9.34
N ALA DA 88 167.92 -148.88 10.23
CA ALA DA 88 166.50 -149.03 9.98
C ALA DA 88 165.80 -147.68 10.14
N LEU DA 89 164.84 -147.43 9.26
CA LEU DA 89 164.08 -146.19 9.27
C LEU DA 89 162.69 -146.45 9.85
N ASP DA 90 162.14 -145.43 10.52
CA ASP DA 90 160.81 -145.57 11.11
C ASP DA 90 159.73 -145.85 10.07
N GLY DA 91 159.85 -145.25 8.89
CA GLY DA 91 158.88 -145.47 7.84
C GLY DA 91 158.81 -146.90 7.36
N LEU DA 92 157.61 -147.46 7.35
CA LEU DA 92 157.40 -148.80 6.83
C LEU DA 92 157.65 -148.84 5.33
N ALA DA 93 158.20 -149.95 4.85
CA ALA DA 93 158.51 -150.08 3.44
C ALA DA 93 157.24 -150.06 2.61
N GLY DA 94 157.29 -149.34 1.49
CA GLY DA 94 156.15 -149.22 0.61
C GLY DA 94 155.17 -148.13 0.96
N GLU DA 95 155.36 -147.45 2.08
CA GLU DA 95 154.49 -146.35 2.45
C GLU DA 95 154.75 -145.14 1.55
N PRO DA 96 153.78 -144.25 1.41
CA PRO DA 96 154.01 -143.03 0.63
C PRO DA 96 155.13 -142.20 1.22
N LEU DA 97 155.97 -141.66 0.34
CA LEU DA 97 157.10 -140.84 0.75
C LEU DA 97 156.67 -139.39 0.89
N ASP DA 98 157.51 -138.61 1.57
CA ASP DA 98 157.21 -137.23 1.88
C ASP DA 98 157.87 -136.30 0.88
N ILE DA 99 157.16 -135.23 0.51
CA ILE DA 99 157.65 -134.24 -0.43
C ILE DA 99 157.70 -132.90 0.28
N LEU DA 100 158.85 -132.24 0.22
CA LEU DA 100 159.04 -130.95 0.87
C LEU DA 100 159.50 -129.93 -0.16
N ILE DA 101 159.10 -128.69 0.02
CA ILE DA 101 159.63 -127.57 -0.75
C ILE DA 101 160.29 -126.61 0.21
N ASN DA 102 161.59 -126.37 0.01
CA ASN DA 102 162.40 -125.57 0.93
C ASN DA 102 162.31 -126.13 2.35
N GLY DA 103 162.25 -127.45 2.47
CA GLY DA 103 162.23 -128.11 3.76
C GLY DA 103 160.90 -128.10 4.48
N TYR DA 104 159.82 -127.71 3.82
CA TYR DA 104 158.50 -127.67 4.43
C TYR DA 104 157.65 -128.75 3.78
N LEU DA 105 157.08 -129.63 4.61
CA LEU DA 105 156.28 -130.74 4.10
C LEU DA 105 154.98 -130.21 3.51
N ILE DA 106 154.68 -130.60 2.27
CA ILE DA 106 153.47 -130.17 1.60
C ILE DA 106 152.61 -131.36 1.19
N ALA DA 107 153.21 -132.42 0.68
CA ALA DA 107 152.42 -133.50 0.09
C ALA DA 107 153.09 -134.84 0.34
N GLN DA 108 152.30 -135.89 0.14
CA GLN DA 108 152.76 -137.26 0.20
C GLN DA 108 152.58 -137.89 -1.17
N GLY DA 109 153.64 -138.52 -1.67
CA GLY DA 109 153.63 -139.11 -2.99
C GLY DA 109 154.08 -140.56 -2.91
N GLU DA 110 154.27 -141.15 -4.08
CA GLU DA 110 154.70 -142.54 -4.21
C GLU DA 110 155.81 -142.59 -5.24
N VAL DA 111 156.85 -143.37 -4.95
CA VAL DA 111 158.04 -143.43 -5.79
C VAL DA 111 157.81 -144.36 -6.97
N VAL DA 112 158.21 -143.91 -8.16
CA VAL DA 112 158.10 -144.69 -9.38
C VAL DA 112 159.39 -144.55 -10.17
N VAL DA 113 159.64 -145.49 -11.07
CA VAL DA 113 160.83 -145.50 -11.92
C VAL DA 113 160.37 -145.32 -13.36
N VAL DA 114 160.83 -144.23 -13.97
CA VAL DA 114 160.46 -143.95 -15.39
C VAL DA 114 161.73 -143.75 -16.23
N ALA DA 115 161.96 -144.62 -17.21
CA ALA DA 115 163.17 -144.53 -18.09
C ALA DA 115 164.47 -144.57 -17.29
N ASP DA 116 164.52 -145.37 -16.21
CA ASP DA 116 165.77 -145.54 -15.41
C ASP DA 116 166.06 -144.27 -14.61
N LYS DA 117 165.06 -143.40 -14.45
CA LYS DA 117 165.24 -142.16 -13.66
C LYS DA 117 164.23 -142.17 -12.51
N TYR DA 118 164.66 -141.78 -11.30
CA TYR DA 118 163.74 -141.85 -10.17
C TYR DA 118 162.71 -140.74 -10.25
N GLY DA 119 161.48 -141.07 -9.91
CA GLY DA 119 160.40 -140.11 -9.96
C GLY DA 119 159.37 -140.40 -8.89
N VAL DA 120 158.85 -139.34 -8.30
CA VAL DA 120 157.78 -139.44 -7.32
C VAL DA 120 156.47 -139.07 -8.00
N ARG DA 121 155.39 -139.73 -7.57
CA ARG DA 121 154.05 -139.46 -8.08
C ARG DA 121 153.22 -138.87 -6.96
N ILE DA 122 152.87 -137.59 -7.09
CA ILE DA 122 152.13 -136.91 -6.03
C ILE DA 122 150.77 -137.59 -5.85
N THR DA 123 150.47 -137.96 -4.62
CA THR DA 123 149.20 -138.61 -4.30
C THR DA 123 148.25 -137.72 -3.53
N ASP DA 124 148.68 -137.06 -2.45
CA ASP DA 124 147.75 -136.25 -1.70
C ASP DA 124 148.48 -135.20 -0.89
N ILE DA 125 147.96 -133.96 -0.93
CA ILE DA 125 148.48 -132.92 -0.05
C ILE DA 125 148.11 -133.25 1.39
N ILE DA 126 149.10 -133.18 2.28
CA ILE DA 126 148.86 -133.57 3.67
C ILE DA 126 147.88 -132.60 4.32
N THR DA 127 147.23 -133.09 5.36
CA THR DA 127 146.25 -132.39 6.17
C THR DA 127 146.90 -131.82 7.42
N PRO DA 128 146.32 -130.76 8.00
CA PRO DA 128 146.89 -130.24 9.25
C PRO DA 128 146.94 -131.27 10.36
N SER DA 129 145.94 -132.15 10.44
CA SER DA 129 145.99 -133.24 11.42
C SER DA 129 147.16 -134.20 11.31
N GLU DA 130 147.48 -134.63 10.09
CA GLU DA 130 148.63 -135.50 9.89
C GLU DA 130 149.97 -134.73 10.06
N ARG DA 131 149.92 -133.43 9.77
CA ARG DA 131 151.08 -132.58 10.01
C ARG DA 131 151.43 -132.62 11.49
N MET DA 132 150.46 -132.39 12.36
CA MET DA 132 150.71 -132.50 13.79
C MET DA 132 150.99 -133.92 14.31
N ARG DA 133 150.43 -134.91 13.61
CA ARG DA 133 150.71 -136.31 13.93
C ARG DA 133 152.20 -136.48 13.65
N ARG DA 134 152.67 -135.94 12.52
CA ARG DA 134 154.10 -135.98 12.22
C ARG DA 134 154.91 -135.27 13.29
N LEU DA 135 154.41 -134.13 13.77
CA LEU DA 135 155.16 -133.35 14.75
C LEU DA 135 155.36 -134.14 16.05
N SER DA 136 154.32 -134.81 16.52
CA SER DA 136 154.42 -135.58 17.75
C SER DA 136 155.05 -136.94 17.50
N LYS EA 514 61.49 -144.90 -52.09
CA LYS EA 514 62.77 -144.24 -52.23
C LYS EA 514 63.85 -145.21 -52.69
N ASP EA 515 63.72 -146.46 -52.24
CA ASP EA 515 64.70 -147.48 -52.64
C ASP EA 515 64.63 -147.75 -54.14
N GLU EA 516 63.41 -147.81 -54.70
CA GLU EA 516 63.28 -148.05 -56.13
C GLU EA 516 63.85 -146.90 -56.95
N GLN EA 517 63.60 -145.67 -56.52
CA GLN EA 517 64.16 -144.52 -57.23
C GLN EA 517 65.68 -144.52 -57.16
N LEU EA 518 66.24 -144.85 -55.99
CA LEU EA 518 67.70 -144.93 -55.86
C LEU EA 518 68.26 -146.02 -56.76
N GLN EA 519 67.58 -147.17 -56.84
CA GLN EA 519 68.04 -148.24 -57.72
C GLN EA 519 67.99 -147.84 -59.18
N GLN EA 520 66.93 -147.14 -59.59
CA GLN EA 520 66.83 -146.67 -60.96
C GLN EA 520 67.92 -145.66 -61.28
N ARG EA 521 68.19 -144.73 -60.35
CA ARG EA 521 69.26 -143.77 -60.55
C ARG EA 521 70.61 -144.46 -60.64
N ARG EA 522 70.84 -145.48 -59.80
CA ARG EA 522 72.09 -146.23 -59.87
C ARG EA 522 72.23 -146.97 -61.19
N ALA EA 523 71.13 -147.54 -61.69
CA ALA EA 523 71.17 -148.23 -62.98
C ALA EA 523 71.48 -147.26 -64.11
N ASN EA 524 70.86 -146.09 -64.10
CA ASN EA 524 71.16 -145.08 -65.12
C ASN EA 524 72.61 -144.64 -65.04
N GLN EA 525 73.12 -144.43 -63.81
CA GLN EA 525 74.51 -144.04 -63.64
C GLN EA 525 75.45 -145.13 -64.12
N ARG EA 526 75.12 -146.40 -63.86
CA ARG EA 526 75.96 -147.51 -64.27
C ARG EA 526 75.84 -147.86 -65.74
N LEU EA 527 74.79 -147.35 -66.40
CA LEU EA 527 74.56 -147.58 -67.85
C LEU EA 527 75.25 -146.46 -68.63
N GLY EA 528 74.97 -145.21 -68.27
CA GLY EA 528 75.57 -144.04 -68.94
C GLY EA 528 77.07 -143.95 -68.70
N ALA EA 529 77.55 -144.42 -67.55
CA ALA EA 529 79.00 -144.44 -67.24
C ALA EA 529 79.63 -145.54 -68.09
N GLU EA 530 78.94 -146.68 -68.22
CA GLU EA 530 79.45 -147.80 -69.05
C GLU EA 530 79.53 -147.32 -70.50
N VAL EA 531 78.51 -146.50 -70.89
CA VAL EA 531 78.51 -145.82 -72.23
C VAL EA 531 79.61 -144.76 -72.23
N MET EA 532 79.76 -144.03 -71.13
CA MET EA 532 80.79 -142.96 -71.01
C MET EA 532 82.18 -143.59 -71.11
N SER EA 533 82.39 -144.75 -70.48
CA SER EA 533 83.69 -145.44 -70.52
C SER EA 533 83.98 -145.84 -71.97
N GLN EA 534 82.97 -146.34 -72.68
CA GLN EA 534 83.13 -146.71 -74.12
C GLN EA 534 83.43 -145.43 -74.91
N ARG EA 535 82.75 -144.33 -74.57
CA ARG EA 535 82.92 -143.03 -75.28
C ARG EA 535 84.35 -142.51 -75.09
N ILE EA 536 84.92 -142.64 -73.89
CA ILE EA 536 86.28 -142.09 -73.57
C ILE EA 536 87.34 -142.93 -74.28
N ARG EA 537 87.05 -144.20 -74.61
CA ARG EA 537 87.99 -145.08 -75.29
C ARG EA 537 88.08 -144.72 -76.77
N GLU EA 538 86.94 -144.47 -77.41
CA GLU EA 538 86.96 -144.05 -78.81
C GLU EA 538 87.71 -142.74 -78.98
N MET EA 539 87.45 -141.76 -78.09
CA MET EA 539 88.12 -140.47 -78.19
C MET EA 539 89.62 -140.58 -77.97
N SER EA 540 90.05 -141.40 -77.00
CA SER EA 540 91.47 -141.57 -76.73
C SER EA 540 92.17 -142.32 -77.85
N ASP EA 541 91.50 -143.30 -78.45
CA ASP EA 541 92.04 -143.94 -79.63
C ASP EA 541 92.15 -142.97 -80.81
N ASN EA 542 91.21 -142.02 -80.92
CA ASN EA 542 91.32 -141.00 -81.96
C ASN EA 542 92.52 -140.08 -81.70
N ASP EA 543 92.72 -139.68 -80.44
CA ASP EA 543 93.80 -138.78 -80.07
C ASP EA 543 94.33 -139.16 -78.70
N PRO EA 544 95.44 -139.89 -78.63
CA PRO EA 544 95.98 -140.27 -77.31
C PRO EA 544 96.73 -139.16 -76.62
N ARG EA 545 97.46 -138.33 -77.36
CA ARG EA 545 98.25 -137.26 -76.73
C ARG EA 545 97.38 -136.12 -76.24
N VAL EA 546 96.22 -135.91 -76.86
CA VAL EA 546 95.33 -134.83 -76.44
C VAL EA 546 94.82 -135.07 -75.03
N VAL EA 547 94.50 -136.32 -74.70
CA VAL EA 547 94.03 -136.64 -73.35
C VAL EA 547 95.14 -136.37 -72.33
N ALA EA 548 96.37 -136.77 -72.63
CA ALA EA 548 97.48 -136.52 -71.71
C ALA EA 548 97.72 -135.02 -71.54
N LEU EA 549 97.63 -134.27 -72.63
CA LEU EA 549 97.80 -132.82 -72.55
C LEU EA 549 96.70 -132.19 -71.69
N VAL EA 550 95.46 -132.64 -71.85
CA VAL EA 550 94.36 -132.12 -71.06
C VAL EA 550 94.56 -132.46 -69.59
N ILE EA 551 95.03 -133.68 -69.31
CA ILE EA 551 95.29 -134.07 -67.92
C ILE EA 551 96.37 -133.20 -67.31
N ARG EA 552 97.44 -132.94 -68.08
CA ARG EA 552 98.52 -132.09 -67.58
C ARG EA 552 98.03 -130.66 -67.34
N GLN EA 553 97.18 -130.16 -68.23
CA GLN EA 553 96.60 -128.83 -68.05
C GLN EA 553 95.72 -128.78 -66.81
N TRP EA 554 94.98 -129.85 -66.54
CA TRP EA 554 94.15 -129.91 -65.34
C TRP EA 554 95.01 -129.86 -64.08
N MET EA 555 96.13 -130.59 -64.08
CA MET EA 555 97.04 -130.55 -62.94
C MET EA 555 97.66 -129.17 -62.78
N SER EA 556 98.04 -128.53 -63.89
CA SER EA 556 98.62 -127.20 -63.81
C SER EA 556 97.61 -126.19 -63.26
N ASN EA 557 96.35 -126.29 -63.69
CA ASN EA 557 95.32 -125.39 -63.18
C ASN EA 557 94.98 -125.71 -61.72
N ASP EA 558 95.20 -126.95 -61.30
CA ASP EA 558 94.92 -127.32 -59.92
C ASP EA 558 95.83 -126.58 -58.94
N HIS EA 559 97.00 -126.16 -59.39
CA HIS EA 559 97.93 -125.43 -58.54
C HIS EA 559 97.41 -124.03 -58.23
N GLY FA 6 91.58 -131.91 -59.66
CA GLY FA 6 91.48 -132.45 -61.01
C GLY FA 6 92.37 -133.65 -61.23
N THR FA 7 93.50 -133.69 -60.52
CA THR FA 7 94.43 -134.80 -60.63
C THR FA 7 93.80 -136.12 -60.17
N ASP FA 8 93.04 -136.07 -59.07
CA ASP FA 8 92.36 -137.27 -58.59
C ASP FA 8 91.33 -137.75 -59.60
N LYS FA 9 90.59 -136.81 -60.21
CA LYS FA 9 89.62 -137.18 -61.23
C LYS FA 9 90.32 -137.78 -62.44
N SER FA 10 91.47 -137.22 -62.83
CA SER FA 10 92.23 -137.77 -63.95
C SER FA 10 92.72 -139.17 -63.64
N VAL FA 11 93.19 -139.39 -62.41
CA VAL FA 11 93.65 -140.72 -62.01
C VAL FA 11 92.49 -141.71 -62.04
N ILE FA 12 91.32 -141.30 -61.54
CA ILE FA 12 90.16 -142.19 -61.56
C ILE FA 12 89.76 -142.52 -62.98
N LEU FA 13 89.76 -141.53 -63.87
CA LEU FA 13 89.42 -141.76 -65.27
C LEU FA 13 90.41 -142.71 -65.93
N LEU FA 14 91.71 -142.54 -65.64
CA LEU FA 14 92.73 -143.42 -66.18
C LEU FA 14 92.56 -144.85 -65.69
N MET FA 15 92.25 -145.00 -64.40
CA MET FA 15 92.01 -146.33 -63.85
C MET FA 15 90.79 -146.98 -64.49
N THR FA 16 89.73 -146.21 -64.70
CA THR FA 16 88.51 -146.74 -65.31
C THR FA 16 88.64 -146.95 -66.81
N ILE FA 17 89.67 -146.38 -67.44
CA ILE FA 17 89.83 -146.51 -68.89
C ILE FA 17 90.34 -147.89 -69.24
N GLY FA 18 91.45 -148.30 -68.64
CA GLY FA 18 92.05 -149.58 -68.93
C GLY FA 18 93.55 -149.56 -68.90
N GLU FA 19 94.18 -150.74 -68.86
CA GLU FA 19 95.64 -150.80 -68.75
C GLU FA 19 96.32 -150.27 -70.01
N ASP FA 20 95.81 -150.66 -71.18
CA ASP FA 20 96.47 -150.28 -72.44
C ASP FA 20 96.35 -148.77 -72.69
N ARG FA 21 95.14 -148.22 -72.51
CA ARG FA 21 94.94 -146.80 -72.73
C ARG FA 21 95.75 -145.97 -71.74
N ALA FA 22 95.77 -146.38 -70.47
CA ALA FA 22 96.55 -145.67 -69.47
C ALA FA 22 98.04 -145.74 -69.78
N ALA FA 23 98.52 -146.91 -70.23
CA ALA FA 23 99.92 -147.04 -70.59
C ALA FA 23 100.28 -146.14 -71.76
N GLU FA 24 99.41 -146.07 -72.77
CA GLU FA 24 99.66 -145.19 -73.90
C GLU FA 24 99.67 -143.73 -73.47
N VAL FA 25 98.73 -143.35 -72.59
CA VAL FA 25 98.69 -141.97 -72.09
C VAL FA 25 99.96 -141.64 -71.32
N PHE FA 26 100.42 -142.57 -70.47
CA PHE FA 26 101.65 -142.35 -69.72
C PHE FA 26 102.85 -142.22 -70.66
N LYS FA 27 102.90 -143.06 -71.69
CA LYS FA 27 103.94 -142.92 -72.69
C LYS FA 27 103.86 -141.59 -73.42
N HIS FA 28 102.68 -141.00 -73.52
CA HIS FA 28 102.49 -139.67 -74.08
C HIS FA 28 102.42 -138.60 -72.99
N LEU FA 29 102.98 -138.88 -71.81
CA LEU FA 29 102.93 -137.95 -70.69
C LEU FA 29 104.33 -137.73 -70.14
N SER FA 30 104.50 -136.60 -69.44
CA SER FA 30 105.77 -136.23 -68.86
C SER FA 30 106.09 -137.12 -67.66
N THR FA 31 107.36 -137.10 -67.25
CA THR FA 31 107.83 -137.96 -66.17
C THR FA 31 107.15 -137.63 -64.84
N ARG FA 32 107.11 -136.34 -64.49
CA ARG FA 32 106.48 -135.94 -63.23
C ARG FA 32 104.98 -136.26 -63.25
N GLU FA 33 104.32 -135.95 -64.37
CA GLU FA 33 102.90 -136.24 -64.49
C GLU FA 33 102.63 -137.74 -64.42
N VAL FA 34 103.47 -138.54 -65.09
CA VAL FA 34 103.28 -139.99 -65.07
C VAL FA 34 103.46 -140.53 -63.66
N GLN FA 35 104.49 -140.05 -62.96
CA GLN FA 35 104.74 -140.50 -61.59
C GLN FA 35 103.59 -140.13 -60.68
N ALA FA 36 103.09 -138.89 -60.80
CA ALA FA 36 101.98 -138.46 -59.96
C ALA FA 36 100.73 -139.27 -60.24
N LEU FA 37 100.44 -139.53 -61.52
CA LEU FA 37 99.27 -140.33 -61.87
C LEU FA 37 99.38 -141.76 -61.36
N SER FA 38 100.58 -142.37 -61.48
CA SER FA 38 100.77 -143.72 -60.99
C SER FA 38 100.62 -143.78 -59.47
N THR FA 39 101.15 -142.78 -58.77
CA THR FA 39 101.09 -142.78 -57.31
C THR FA 39 99.66 -142.56 -56.82
N ALA FA 40 98.97 -141.55 -57.35
CA ALA FA 40 97.66 -141.17 -56.85
C ALA FA 40 96.62 -142.25 -57.10
N MET FA 41 96.66 -142.87 -58.29
CA MET FA 41 95.65 -143.86 -58.65
C MET FA 41 95.66 -145.04 -57.69
N ALA FA 42 96.86 -145.58 -57.42
CA ALA FA 42 96.95 -146.71 -56.50
C ALA FA 42 96.88 -146.28 -55.05
N ASN FA 43 97.24 -145.01 -54.78
CA ASN FA 43 97.24 -144.51 -53.38
C ASN FA 43 95.87 -144.35 -52.73
N VAL FA 44 95.08 -143.37 -53.20
CA VAL FA 44 93.70 -143.20 -52.66
C VAL FA 44 92.89 -142.91 -53.94
N ARG FA 45 91.83 -143.68 -54.18
CA ARG FA 45 90.96 -143.45 -55.36
C ARG FA 45 89.57 -143.05 -54.87
N GLN FA 46 89.03 -141.96 -55.40
CA GLN FA 46 87.68 -141.48 -54.98
C GLN FA 46 86.74 -141.52 -56.18
N ILE FA 47 85.55 -142.10 -56.00
CA ILE FA 47 84.54 -142.12 -57.11
C ILE FA 47 83.29 -141.35 -56.63
N SER FA 48 82.81 -140.39 -57.43
CA SER FA 48 81.64 -139.58 -57.04
C SER FA 48 80.48 -139.82 -58.02
N ASN FA 49 79.29 -140.13 -57.51
CA ASN FA 49 78.12 -140.41 -58.38
C ASN FA 49 77.82 -139.18 -59.24
N LYS FA 50 78.00 -137.98 -58.68
CA LYS FA 50 77.64 -136.74 -59.42
C LYS FA 50 78.89 -135.88 -59.69
N GLN FA 51 79.70 -135.60 -58.67
CA GLN FA 51 80.80 -134.67 -58.89
C GLN FA 51 81.75 -135.16 -59.98
N LEU FA 52 82.06 -136.45 -59.99
CA LEU FA 52 82.95 -137.00 -61.01
C LEU FA 52 82.32 -136.87 -62.40
N THR FA 53 81.03 -137.16 -62.51
CA THR FA 53 80.36 -137.03 -63.80
C THR FA 53 80.31 -135.58 -64.26
N ASP FA 54 80.03 -134.64 -63.34
CA ASP FA 54 80.02 -133.23 -63.70
C ASP FA 54 81.40 -132.77 -64.17
N VAL FA 55 82.45 -133.19 -63.46
CA VAL FA 55 83.80 -132.81 -63.84
C VAL FA 55 84.17 -133.41 -65.20
N LEU FA 56 83.80 -134.67 -65.44
CA LEU FA 56 84.08 -135.29 -66.73
C LEU FA 56 83.37 -134.56 -67.86
N SER FA 57 82.10 -134.20 -67.65
CA SER FA 57 81.35 -133.46 -68.67
C SER FA 57 81.98 -132.10 -68.94
N GLU FA 58 82.39 -131.40 -67.87
CA GLU FA 58 83.04 -130.10 -68.05
C GLU FA 58 84.35 -130.22 -68.81
N PHE FA 59 85.14 -131.26 -68.49
CA PHE FA 59 86.40 -131.47 -69.20
C PHE FA 59 86.16 -131.80 -70.67
N GLU FA 60 85.16 -132.63 -70.95
CA GLU FA 60 84.87 -133.01 -72.34
C GLU FA 60 84.34 -131.83 -73.13
N GLN FA 61 83.72 -130.86 -72.45
CA GLN FA 61 83.13 -129.73 -73.19
C GLN FA 61 84.01 -128.47 -73.07
N GLU FA 62 85.09 -128.52 -72.26
CA GLU FA 62 85.87 -127.27 -72.04
C GLU FA 62 86.51 -126.72 -73.33
N ALA FA 63 87.12 -127.57 -74.18
CA ALA FA 63 87.64 -127.06 -75.47
C ALA FA 63 87.77 -128.16 -76.52
N GLU FA 64 87.73 -127.81 -77.81
CA GLU FA 64 88.01 -128.80 -78.88
C GLU FA 64 89.46 -128.62 -79.34
N GLN FA 65 90.19 -127.65 -78.77
CA GLN FA 65 91.58 -127.32 -79.22
C GLN FA 65 92.54 -128.50 -79.01
N PHE FA 66 92.41 -129.21 -77.89
CA PHE FA 66 93.38 -130.29 -77.56
C PHE FA 66 93.34 -131.38 -78.62
N ALA FA 67 92.15 -131.73 -79.12
CA ALA FA 67 92.04 -132.88 -80.04
C ALA FA 67 92.87 -132.69 -81.32
N ALA FA 68 92.88 -131.47 -81.90
CA ALA FA 68 93.57 -131.29 -83.20
C ALA FA 68 95.06 -130.96 -83.06
N LEU FA 69 95.40 -129.81 -82.47
CA LEU FA 69 96.79 -129.36 -82.41
C LEU FA 69 97.67 -130.43 -81.79
N ASN FA 70 97.20 -131.05 -80.70
CA ASN FA 70 97.99 -132.07 -80.02
C ASN FA 70 98.04 -133.39 -80.80
N ILE FA 71 97.10 -133.60 -81.73
CA ILE FA 71 97.08 -134.82 -82.52
C ILE FA 71 98.34 -134.91 -83.38
N ASN FA 72 98.68 -133.81 -84.05
CA ASN FA 72 99.86 -133.74 -84.89
C ASN FA 72 100.49 -132.36 -84.77
N ALA FA 73 101.53 -132.28 -83.91
CA ALA FA 73 102.26 -131.02 -83.73
C ALA FA 73 103.71 -131.15 -84.17
N ASN FA 74 104.42 -132.14 -83.61
CA ASN FA 74 105.82 -132.32 -83.94
C ASN FA 74 106.01 -132.90 -85.33
N GLU FA 75 105.17 -133.86 -85.71
CA GLU FA 75 105.28 -134.48 -87.03
C GLU FA 75 105.04 -133.46 -88.14
N TYR FA 76 104.04 -132.61 -87.96
CA TYR FA 76 103.77 -131.58 -88.97
C TYR FA 76 104.94 -130.60 -89.09
N LEU FA 77 105.50 -130.19 -87.94
CA LEU FA 77 106.64 -129.28 -87.99
C LEU FA 77 107.84 -129.93 -88.67
N ARG FA 78 108.09 -131.19 -88.37
CA ARG FA 78 109.20 -131.90 -89.02
C ARG FA 78 108.99 -132.01 -90.52
N SER FA 79 107.76 -132.35 -90.95
CA SER FA 79 107.48 -132.45 -92.38
C SER FA 79 107.63 -131.10 -93.06
N VAL FA 80 107.17 -130.03 -92.42
CA VAL FA 80 107.31 -128.69 -92.98
C VAL FA 80 108.77 -128.31 -93.10
N LEU FA 81 109.58 -128.61 -92.09
CA LEU FA 81 111.01 -128.31 -92.14
C LEU FA 81 111.69 -129.10 -93.25
N VAL FA 82 111.32 -130.37 -93.42
CA VAL FA 82 111.92 -131.19 -94.47
C VAL FA 82 111.57 -130.66 -95.84
N LYS FA 83 110.29 -130.31 -96.04
CA LYS FA 83 109.85 -129.88 -97.37
C LYS FA 83 110.27 -128.45 -97.68
N ALA FA 84 110.56 -127.66 -96.65
CA ALA FA 84 110.81 -126.24 -96.85
C ALA FA 84 112.15 -125.97 -97.51
N LEU FA 85 113.24 -126.37 -96.86
CA LEU FA 85 114.59 -126.08 -97.34
C LEU FA 85 115.29 -127.36 -97.78
N GLY FA 86 115.38 -128.37 -96.93
CA GLY FA 86 116.05 -129.60 -97.28
C GLY FA 86 116.30 -130.44 -96.06
N GLU FA 87 116.80 -131.66 -96.28
CA GLU FA 87 117.05 -132.57 -95.17
C GLU FA 87 118.13 -132.02 -94.23
N GLU FA 88 119.18 -131.42 -94.80
CA GLU FA 88 120.26 -130.86 -93.97
C GLU FA 88 119.78 -129.71 -93.11
N ARG FA 89 118.96 -128.82 -93.69
CA ARG FA 89 118.44 -127.70 -92.91
C ARG FA 89 117.34 -128.14 -91.95
N ALA FA 90 116.58 -129.16 -92.34
CA ALA FA 90 115.55 -129.69 -91.44
C ALA FA 90 116.15 -130.26 -90.17
N SER FA 91 117.30 -130.94 -90.31
CA SER FA 91 117.97 -131.47 -89.12
C SER FA 91 118.39 -130.37 -88.18
N SER FA 92 118.95 -129.28 -88.73
CA SER FA 92 119.37 -128.16 -87.89
C SER FA 92 118.17 -127.49 -87.23
N LEU FA 93 117.07 -127.32 -87.97
CA LEU FA 93 115.88 -126.72 -87.40
C LEU FA 93 115.31 -127.58 -86.28
N LEU FA 94 115.25 -128.90 -86.48
CA LEU FA 94 114.75 -129.79 -85.45
C LEU FA 94 115.66 -129.78 -84.23
N GLU FA 95 116.98 -129.74 -84.45
CA GLU FA 95 117.91 -129.66 -83.34
C GLU FA 95 117.71 -128.38 -82.54
N ASP FA 96 117.52 -127.26 -83.23
CA ASP FA 96 117.27 -125.99 -82.53
C ASP FA 96 115.96 -126.05 -81.75
N ILE FA 97 114.91 -126.63 -82.35
CA ILE FA 97 113.63 -126.73 -81.66
C ILE FA 97 113.75 -127.59 -80.41
N LEU FA 98 114.47 -128.71 -80.51
CA LEU FA 98 114.67 -129.57 -79.35
C LEU FA 98 115.51 -128.86 -78.29
N GLU FA 99 116.54 -128.12 -78.70
CA GLU FA 99 117.38 -127.42 -77.74
C GLU FA 99 116.65 -126.25 -77.10
N THR FA 100 115.57 -125.78 -77.72
CA THR FA 100 114.75 -124.74 -77.09
C THR FA 100 114.22 -125.18 -75.74
N ARG FA 101 113.94 -126.48 -75.58
CA ARG FA 101 113.54 -127.05 -74.30
C ARG FA 101 114.76 -127.65 -73.64
N ASP FA 102 115.29 -126.97 -72.63
CA ASP FA 102 116.50 -127.38 -71.94
C ASP FA 102 116.15 -128.25 -70.74
N THR FA 103 117.18 -128.64 -69.99
CA THR FA 103 117.03 -129.49 -68.80
C THR FA 103 117.55 -128.75 -67.58
N THR FA 104 116.87 -128.94 -66.45
CA THR FA 104 117.24 -128.23 -65.23
C THR FA 104 118.49 -128.84 -64.60
N SER FA 105 118.43 -130.12 -64.23
CA SER FA 105 119.56 -130.77 -63.59
C SER FA 105 120.71 -130.90 -64.58
N GLY FA 106 121.92 -130.57 -64.10
CA GLY FA 106 123.08 -130.53 -64.96
C GLY FA 106 123.46 -131.86 -65.56
N ILE FA 107 123.07 -132.97 -64.92
CA ILE FA 107 123.43 -134.29 -65.43
C ILE FA 107 122.83 -134.49 -66.82
N GLU FA 108 121.56 -134.15 -66.99
CA GLU FA 108 120.95 -134.23 -68.32
C GLU FA 108 121.52 -133.18 -69.27
N THR FA 109 121.92 -132.01 -68.76
CA THR FA 109 122.56 -131.02 -69.61
C THR FA 109 123.89 -131.53 -70.15
N LEU FA 110 124.52 -132.46 -69.44
CA LEU FA 110 125.75 -133.06 -69.96
C LEU FA 110 125.67 -133.80 -71.29
N ASN FA 111 124.50 -134.37 -71.63
CA ASN FA 111 124.31 -135.04 -72.95
C ASN FA 111 124.04 -134.10 -74.13
N PHE FA 112 123.97 -132.79 -73.89
CA PHE FA 112 123.80 -131.80 -74.99
C PHE FA 112 125.17 -131.23 -75.31
N MET FA 113 126.19 -131.60 -74.54
CA MET FA 113 127.55 -131.13 -74.72
C MET FA 113 128.15 -132.07 -75.75
N GLU FA 114 129.24 -131.60 -76.37
CA GLU FA 114 129.98 -132.43 -77.30
C GLU FA 114 130.62 -133.61 -76.56
N PRO FA 115 130.69 -134.78 -77.19
CA PRO FA 115 131.31 -135.93 -76.50
C PRO FA 115 132.71 -135.72 -75.93
N GLN FA 116 133.58 -135.01 -76.66
CA GLN FA 116 134.94 -134.81 -76.16
C GLN FA 116 134.97 -133.84 -74.96
N SER FA 117 134.10 -132.83 -74.98
CA SER FA 117 134.06 -131.88 -73.87
C SER FA 117 133.63 -132.65 -72.63
N ALA FA 118 132.59 -133.48 -72.75
CA ALA FA 118 132.15 -134.26 -71.60
C ALA FA 118 133.22 -135.27 -71.17
N ALA FA 119 133.87 -135.90 -72.14
CA ALA FA 119 134.92 -136.87 -71.81
C ALA FA 119 136.06 -136.19 -71.07
N ASP FA 120 136.46 -135.00 -71.50
CA ASP FA 120 137.49 -134.26 -70.77
C ASP FA 120 137.00 -133.82 -69.40
N LEU FA 121 135.73 -133.45 -69.29
CA LEU FA 121 135.21 -132.96 -68.02
C LEU FA 121 135.17 -134.06 -66.97
N ILE FA 122 134.74 -135.27 -67.34
CA ILE FA 122 134.53 -136.33 -66.37
C ILE FA 122 135.61 -137.39 -66.38
N ARG FA 123 136.71 -137.19 -67.11
CA ARG FA 123 137.77 -138.18 -67.13
C ARG FA 123 138.42 -138.31 -65.76
N ASP FA 124 138.64 -137.19 -65.08
CA ASP FA 124 139.38 -137.22 -63.82
C ASP FA 124 138.51 -137.65 -62.65
N GLU FA 125 137.20 -137.75 -62.83
CA GLU FA 125 136.32 -138.12 -61.73
C GLU FA 125 136.51 -139.57 -61.33
N HIS FA 126 136.01 -139.90 -60.15
CA HIS FA 126 136.07 -141.26 -59.65
C HIS FA 126 135.29 -142.19 -60.58
N PRO FA 127 135.77 -143.40 -60.81
CA PRO FA 127 135.09 -144.29 -61.77
C PRO FA 127 133.63 -144.54 -61.45
N GLN FA 128 133.28 -144.66 -60.18
CA GLN FA 128 131.88 -144.84 -59.82
C GLN FA 128 131.03 -143.62 -60.16
N ILE FA 129 131.59 -142.42 -59.98
CA ILE FA 129 130.86 -141.21 -60.34
C ILE FA 129 130.68 -141.14 -61.85
N ILE FA 130 131.70 -141.55 -62.60
CA ILE FA 130 131.57 -141.61 -64.06
C ILE FA 130 130.43 -142.56 -64.40
N ALA FA 131 130.41 -143.73 -63.77
CA ALA FA 131 129.37 -144.71 -64.06
C ALA FA 131 128.00 -144.15 -63.74
N THR FA 132 127.86 -143.48 -62.60
CA THR FA 132 126.58 -142.88 -62.23
C THR FA 132 126.14 -141.85 -63.26
N ILE FA 133 127.08 -141.02 -63.72
CA ILE FA 133 126.74 -140.03 -64.77
C ILE FA 133 126.25 -140.77 -66.03
N LEU FA 134 126.91 -141.88 -66.40
CA LEU FA 134 126.57 -142.57 -67.67
C LEU FA 134 125.15 -143.13 -67.69
N VAL FA 135 124.66 -143.72 -66.59
CA VAL FA 135 123.32 -144.37 -66.63
C VAL FA 135 122.30 -143.22 -66.61
N HIS FA 136 122.66 -142.07 -66.06
CA HIS FA 136 121.74 -140.90 -66.10
C HIS FA 136 121.86 -140.21 -67.46
N LEU FA 137 123.02 -140.35 -68.12
CA LEU FA 137 123.23 -139.71 -69.44
C LEU FA 137 122.54 -140.55 -70.53
N LYS FA 138 122.26 -139.93 -71.68
CA LYS FA 138 121.64 -140.66 -72.81
C LYS FA 138 122.61 -141.77 -73.25
N ARG FA 139 122.07 -142.93 -73.63
CA ARG FA 139 122.94 -144.08 -73.98
C ARG FA 139 123.88 -143.73 -75.14
N SER FA 140 123.35 -143.12 -76.21
CA SER FA 140 124.20 -142.82 -77.39
C SER FA 140 125.41 -142.01 -76.94
N GLN FA 141 125.19 -140.96 -76.14
CA GLN FA 141 126.29 -140.06 -75.71
C GLN FA 141 127.28 -140.87 -74.90
N ALA FA 142 126.79 -141.65 -73.93
CA ALA FA 142 127.65 -142.42 -73.06
C ALA FA 142 128.56 -143.34 -73.86
N ALA FA 143 128.03 -143.94 -74.93
CA ALA FA 143 128.85 -144.81 -75.77
C ALA FA 143 129.98 -144.03 -76.43
N ASP FA 144 129.68 -142.83 -76.93
CA ASP FA 144 130.72 -142.00 -77.52
C ASP FA 144 131.76 -141.61 -76.49
N ILE FA 145 131.31 -141.24 -75.28
CA ILE FA 145 132.25 -140.87 -74.22
C ILE FA 145 133.22 -142.00 -73.87
N LEU FA 146 132.69 -143.22 -73.72
CA LEU FA 146 133.55 -144.36 -73.43
C LEU FA 146 134.48 -144.68 -74.60
N ALA FA 147 134.03 -144.43 -75.82
CA ALA FA 147 134.89 -144.60 -76.98
C ALA FA 147 136.10 -143.67 -76.88
N LEU FA 148 135.87 -142.44 -76.41
CA LEU FA 148 136.98 -141.46 -76.27
C LEU FA 148 137.82 -141.79 -75.03
N PHE FA 149 137.29 -142.63 -74.13
CA PHE FA 149 138.01 -142.91 -72.85
C PHE FA 149 139.11 -143.93 -73.07
N ASP FA 150 140.20 -143.83 -72.30
CA ASP FA 150 141.27 -144.81 -72.36
C ASP FA 150 140.69 -146.21 -72.13
N GLU FA 151 141.37 -147.22 -72.69
CA GLU FA 151 140.84 -148.57 -72.63
C GLU FA 151 140.75 -149.10 -71.21
N ARG FA 152 141.71 -148.76 -70.35
CA ARG FA 152 141.64 -149.18 -68.96
C ARG FA 152 140.45 -148.55 -68.26
N LEU FA 153 140.30 -147.23 -68.38
CA LEU FA 153 139.14 -146.56 -67.80
C LEU FA 153 137.86 -147.04 -68.44
N ARG FA 154 137.88 -147.31 -69.75
CA ARG FA 154 136.69 -147.81 -70.43
C ARG FA 154 136.24 -149.13 -69.83
N HIS FA 155 137.16 -150.08 -69.68
CA HIS FA 155 136.81 -151.39 -69.10
C HIS FA 155 136.34 -151.24 -67.66
N ASP FA 156 137.04 -150.41 -66.87
CA ASP FA 156 136.67 -150.24 -65.48
C ASP FA 156 135.25 -149.67 -65.36
N VAL FA 157 134.96 -148.62 -66.13
CA VAL FA 157 133.66 -147.99 -66.06
C VAL FA 157 132.57 -148.93 -66.57
N MET FA 158 132.86 -149.70 -67.62
CA MET FA 158 131.87 -150.66 -68.10
C MET FA 158 131.57 -151.71 -67.05
N LEU FA 159 132.61 -152.19 -66.36
CA LEU FA 159 132.40 -153.17 -65.28
C LEU FA 159 131.55 -152.56 -64.17
N ARG FA 160 131.82 -151.31 -63.81
CA ARG FA 160 131.00 -150.65 -62.79
C ARG FA 160 129.56 -150.51 -63.26
N ILE FA 161 129.35 -150.24 -64.55
CA ILE FA 161 128.01 -150.14 -65.11
C ILE FA 161 127.29 -151.47 -64.97
N ALA FA 162 127.99 -152.58 -65.25
CA ALA FA 162 127.36 -153.89 -65.20
C ALA FA 162 126.84 -154.21 -63.80
N THR FA 163 127.62 -153.89 -62.77
CA THR FA 163 127.29 -154.25 -61.39
C THR FA 163 126.88 -153.05 -60.54
N PHE FA 164 126.16 -152.09 -61.13
CA PHE FA 164 125.74 -150.92 -60.39
C PHE FA 164 124.78 -151.31 -59.26
N GLY FA 165 124.86 -150.59 -58.16
CA GLY FA 165 124.09 -150.95 -56.98
C GLY FA 165 123.27 -149.83 -56.36
N GLY FA 166 123.07 -148.74 -57.10
CA GLY FA 166 122.24 -147.66 -56.62
C GLY FA 166 122.90 -146.62 -55.74
N VAL FA 167 122.61 -145.35 -55.99
CA VAL FA 167 123.20 -144.25 -55.23
C VAL FA 167 122.41 -143.75 -54.05
N GLN FA 168 123.09 -143.19 -53.05
CA GLN FA 168 122.40 -142.61 -51.92
C GLN FA 168 121.82 -141.31 -52.48
N PRO FA 169 120.61 -140.94 -52.04
CA PRO FA 169 120.01 -139.69 -52.55
C PRO FA 169 120.85 -138.46 -52.24
N ALA FA 170 121.52 -138.43 -51.08
CA ALA FA 170 122.35 -137.28 -50.75
C ALA FA 170 123.52 -137.16 -51.71
N ALA FA 171 124.19 -138.27 -52.02
CA ALA FA 171 125.30 -138.23 -52.96
C ALA FA 171 124.85 -137.82 -54.35
N LEU FA 172 123.70 -138.35 -54.79
CA LEU FA 172 123.17 -137.96 -56.10
C LEU FA 172 122.85 -136.48 -56.15
N ALA FA 173 122.23 -135.95 -55.09
CA ALA FA 173 121.94 -134.53 -55.04
C ALA FA 173 123.23 -133.70 -55.04
N GLU FA 174 124.25 -134.17 -54.34
CA GLU FA 174 125.52 -133.46 -54.31
C GLU FA 174 126.17 -133.42 -55.70
N LEU FA 175 126.17 -134.55 -56.41
CA LEU FA 175 126.68 -134.56 -57.77
C LEU FA 175 125.86 -133.64 -58.67
N THR FA 176 124.54 -133.69 -58.49
CA THR FA 176 123.65 -132.85 -59.33
C THR FA 176 124.04 -131.40 -59.13
N GLU FA 177 124.07 -130.93 -57.89
CA GLU FA 177 124.35 -129.50 -57.62
C GLU FA 177 125.77 -129.15 -58.12
N VAL FA 178 126.75 -130.05 -57.90
CA VAL FA 178 128.13 -129.80 -58.39
C VAL FA 178 128.08 -129.65 -59.92
N LEU FA 179 127.50 -130.65 -60.61
CA LEU FA 179 127.49 -130.61 -62.06
C LEU FA 179 126.72 -129.39 -62.57
N ASN FA 180 125.68 -128.97 -61.86
CA ASN FA 180 124.94 -127.78 -62.26
C ASN FA 180 125.83 -126.54 -62.20
N GLY FA 181 126.59 -126.38 -61.12
CA GLY FA 181 127.46 -125.22 -60.99
C GLY FA 181 128.53 -125.14 -62.05
N LEU FA 182 128.80 -126.26 -62.74
CA LEU FA 182 129.83 -126.27 -63.77
C LEU FA 182 129.23 -125.98 -65.15
N LEU FA 183 128.07 -126.57 -65.43
CA LEU FA 183 127.51 -126.45 -66.80
C LEU FA 183 126.55 -125.26 -66.93
N ASP FA 184 125.82 -124.91 -65.86
CA ASP FA 184 124.81 -123.83 -66.04
C ASP FA 184 125.54 -122.53 -66.43
N GLY FA 185 126.67 -122.24 -65.78
CA GLY FA 185 127.47 -121.05 -66.17
C GLY FA 185 128.02 -121.18 -67.59
N GLN FA 186 128.49 -122.38 -67.96
CA GLN FA 186 129.12 -122.58 -69.30
C GLN FA 186 128.09 -122.44 -70.42
N ASN FA 187 128.49 -121.85 -71.55
CA ASN FA 187 127.57 -121.82 -72.73
C ASN FA 187 127.39 -123.28 -73.18
N LEU FA 188 126.18 -123.67 -73.58
CA LEU FA 188 125.96 -125.10 -73.92
C LEU FA 188 125.34 -125.24 -75.31
N LYS FA 189 125.65 -124.35 -76.26
CA LYS FA 189 125.10 -124.57 -77.60
C LYS FA 189 126.11 -124.11 -78.65
N ARG FA 190 127.12 -124.95 -78.84
CA ARG FA 190 128.11 -124.70 -79.88
C ARG FA 190 127.46 -124.81 -81.25
N SER FA 191 127.33 -123.68 -81.94
CA SER FA 191 126.68 -123.66 -83.26
C SER FA 191 127.66 -124.18 -84.30
N LYS FA 192 127.26 -125.22 -85.02
CA LYS FA 192 128.10 -125.83 -86.06
C LYS FA 192 127.54 -125.41 -87.41
N MET FA 193 128.26 -124.52 -88.08
CA MET FA 193 127.88 -124.02 -89.39
C MET FA 193 129.01 -124.35 -90.37
N GLY FA 194 128.72 -125.19 -91.36
CA GLY FA 194 129.73 -125.53 -92.40
C GLY FA 194 130.43 -126.83 -92.09
N GLY FA 195 130.02 -127.91 -92.75
CA GLY FA 195 130.68 -129.20 -92.58
C GLY FA 195 131.39 -129.62 -93.85
N VAL FA 196 130.86 -130.63 -94.52
CA VAL FA 196 131.36 -131.09 -95.79
C VAL FA 196 130.46 -130.74 -96.99
N ARG FA 197 129.16 -130.60 -96.71
CA ARG FA 197 128.21 -130.17 -97.73
C ARG FA 197 128.65 -128.76 -98.12
N THR FA 198 128.92 -127.91 -97.13
CA THR FA 198 129.34 -126.55 -97.42
C THR FA 198 130.70 -126.54 -98.13
N ALA FA 199 131.61 -127.41 -97.71
CA ALA FA 199 132.91 -127.48 -98.36
C ALA FA 199 132.76 -127.92 -99.81
N ALA FA 200 131.91 -128.91 -100.08
CA ALA FA 200 131.68 -129.35 -101.45
C ALA FA 200 131.06 -128.25 -102.29
N GLU FA 201 130.09 -127.51 -101.72
CA GLU FA 201 129.48 -126.41 -102.45
C GLU FA 201 130.50 -125.33 -102.76
N ILE FA 202 131.38 -125.02 -101.80
CA ILE FA 202 132.44 -124.03 -102.05
C ILE FA 202 133.37 -124.51 -103.15
N ILE FA 203 133.75 -125.78 -103.11
CA ILE FA 203 134.68 -126.31 -104.10
C ILE FA 203 134.07 -126.27 -105.49
N ASN FA 204 132.78 -126.63 -105.60
CA ASN FA 204 132.13 -126.76 -106.89
C ASN FA 204 132.07 -125.45 -107.68
N LEU FA 205 132.25 -124.30 -107.02
CA LEU FA 205 132.12 -123.01 -107.69
C LEU FA 205 133.43 -122.33 -108.04
N MET FA 206 134.57 -122.99 -107.87
CA MET FA 206 135.85 -122.38 -108.18
C MET FA 206 136.46 -123.05 -109.41
N LYS FA 207 137.64 -122.56 -109.79
CA LYS FA 207 138.30 -123.03 -111.00
C LYS FA 207 138.68 -124.50 -110.91
N THR FA 208 138.76 -125.16 -112.08
CA THR FA 208 139.04 -126.59 -112.12
C THR FA 208 140.42 -126.92 -111.56
N GLN FA 209 141.42 -126.10 -111.89
CA GLN FA 209 142.77 -126.35 -111.39
C GLN FA 209 142.82 -126.26 -109.87
N GLN FA 210 142.22 -125.21 -109.31
CA GLN FA 210 142.12 -125.12 -107.86
C GLN FA 210 141.28 -126.24 -107.28
N GLU FA 211 140.24 -126.67 -108.00
CA GLU FA 211 139.42 -127.78 -107.53
C GLU FA 211 140.25 -129.05 -107.37
N GLU FA 212 141.01 -129.40 -108.42
CA GLU FA 212 141.83 -130.60 -108.32
C GLU FA 212 142.93 -130.45 -107.28
N ALA FA 213 143.51 -129.26 -107.17
CA ALA FA 213 144.53 -129.04 -106.14
C ALA FA 213 143.97 -129.26 -104.74
N VAL FA 214 142.80 -128.69 -104.45
CA VAL FA 214 142.26 -128.84 -103.11
C VAL FA 214 141.81 -130.27 -102.85
N ILE FA 215 141.23 -130.96 -103.84
CA ILE FA 215 140.77 -132.32 -103.58
C ILE FA 215 141.96 -133.25 -103.37
N THR FA 216 143.04 -133.05 -104.13
CA THR FA 216 144.21 -133.89 -103.92
C THR FA 216 144.89 -133.56 -102.59
N ALA FA 217 144.86 -132.30 -102.17
CA ALA FA 217 145.38 -131.96 -100.85
C ALA FA 217 144.59 -132.65 -99.74
N VAL FA 218 143.25 -132.63 -99.87
CA VAL FA 218 142.41 -133.30 -98.87
C VAL FA 218 142.69 -134.79 -98.88
N ARG FA 219 142.81 -135.39 -100.07
CA ARG FA 219 143.10 -136.82 -100.16
C ARG FA 219 144.44 -137.15 -99.51
N GLU FA 220 145.44 -136.28 -99.69
CA GLU FA 220 146.70 -136.47 -98.99
C GLU FA 220 146.50 -136.40 -97.48
N PHE FA 221 145.69 -135.46 -97.01
CA PHE FA 221 145.40 -135.40 -95.58
C PHE FA 221 144.62 -136.61 -95.07
N ASP FA 222 143.58 -137.02 -95.79
CA ASP FA 222 142.73 -138.13 -95.44
C ASP FA 222 141.91 -138.51 -96.66
N GLY FA 223 142.05 -139.76 -97.11
CA GLY FA 223 141.32 -140.19 -98.28
C GLY FA 223 139.82 -140.30 -98.10
N GLU FA 224 139.38 -140.70 -96.90
CA GLU FA 224 137.96 -140.83 -96.64
C GLU FA 224 137.24 -139.49 -96.74
N LEU FA 225 137.85 -138.44 -96.19
CA LEU FA 225 137.25 -137.10 -96.29
C LEU FA 225 137.17 -136.66 -97.74
N ALA FA 226 138.21 -136.92 -98.52
CA ALA FA 226 138.18 -136.56 -99.94
C ALA FA 226 137.06 -137.28 -100.69
N GLN FA 227 136.89 -138.58 -100.43
CA GLN FA 227 135.82 -139.33 -101.09
C GLN FA 227 134.44 -138.82 -100.67
N LYS FA 228 134.28 -138.49 -99.39
CA LYS FA 228 133.00 -137.97 -98.92
C LYS FA 228 132.73 -136.61 -99.58
N ILE FA 229 133.77 -135.79 -99.73
CA ILE FA 229 133.62 -134.51 -100.40
C ILE FA 229 133.22 -134.71 -101.85
N ILE FA 230 133.86 -135.68 -102.52
CA ILE FA 230 133.53 -135.97 -103.91
C ILE FA 230 132.10 -136.46 -104.09
N ASP FA 231 131.63 -137.28 -103.15
CA ASP FA 231 130.26 -137.79 -103.23
C ASP FA 231 129.27 -136.67 -102.99
N GLU FA 232 129.56 -135.79 -102.03
CA GLU FA 232 128.67 -134.68 -101.75
C GLU FA 232 128.80 -133.69 -102.91
N MET FA 233 129.89 -133.75 -103.68
CA MET FA 233 130.06 -132.82 -104.78
C MET FA 233 128.93 -132.95 -105.81
N PHE FA 234 128.65 -134.18 -106.23
CA PHE FA 234 127.60 -134.45 -107.21
C PHE FA 234 126.62 -135.46 -106.62
N LEU FA 235 125.48 -134.96 -106.16
CA LEU FA 235 124.45 -135.81 -105.59
C LEU FA 235 123.63 -136.46 -106.70
N PHE FA 236 122.77 -137.41 -106.31
CA PHE FA 236 121.93 -138.09 -107.28
C PHE FA 236 120.68 -137.26 -107.59
N GLU FA 237 120.89 -135.99 -107.91
CA GLU FA 237 119.80 -135.11 -108.34
C GLU FA 237 120.17 -134.23 -109.53
N ASN FA 238 121.44 -134.09 -109.87
CA ASN FA 238 121.88 -133.28 -111.01
C ASN FA 238 121.97 -134.10 -112.29
N LEU FA 239 121.62 -135.39 -112.25
CA LEU FA 239 121.65 -136.21 -113.45
C LEU FA 239 120.70 -135.70 -114.53
N VAL FA 240 119.66 -134.95 -114.14
CA VAL FA 240 118.78 -134.34 -115.12
C VAL FA 240 119.51 -133.32 -115.98
N ASP FA 241 120.57 -132.72 -115.47
CA ASP FA 241 121.35 -131.73 -116.21
C ASP FA 241 122.45 -132.35 -117.07
N VAL FA 242 122.59 -133.68 -117.04
CA VAL FA 242 123.60 -134.35 -117.85
C VAL FA 242 123.14 -134.39 -119.30
N ASP FA 243 124.08 -134.29 -120.22
CA ASP FA 243 123.77 -134.30 -121.65
C ASP FA 243 123.26 -135.68 -122.07
N ASP FA 244 122.46 -135.69 -123.15
CA ASP FA 244 121.93 -136.94 -123.67
C ASP FA 244 123.05 -137.85 -124.17
N ARG FA 245 124.06 -137.28 -124.83
CA ARG FA 245 125.19 -138.08 -125.29
C ARG FA 245 125.94 -138.69 -124.13
N SER FA 246 126.15 -137.92 -123.05
CA SER FA 246 126.81 -138.46 -121.87
C SER FA 246 125.99 -139.59 -121.25
N ILE FA 247 124.67 -139.42 -121.20
CA ILE FA 247 123.81 -140.47 -120.66
C ILE FA 247 123.91 -141.73 -121.51
N GLN FA 248 123.89 -141.59 -122.83
CA GLN FA 248 124.00 -142.75 -123.71
C GLN FA 248 125.35 -143.44 -123.53
N ARG FA 249 126.42 -142.65 -123.41
CA ARG FA 249 127.75 -143.24 -123.21
C ARG FA 249 127.83 -143.97 -121.88
N LEU FA 250 127.25 -143.41 -120.82
CA LEU FA 250 127.29 -144.06 -119.53
C LEU FA 250 126.38 -145.28 -119.47
N LEU FA 251 125.35 -145.32 -120.32
CA LEU FA 251 124.45 -146.47 -120.32
C LEU FA 251 125.16 -147.75 -120.72
N GLN FA 252 126.25 -147.65 -121.48
CA GLN FA 252 126.99 -148.83 -121.91
C GLN FA 252 127.72 -149.51 -120.76
N GLU FA 253 127.92 -148.83 -119.63
CA GLU FA 253 128.62 -149.40 -118.49
C GLU FA 253 127.74 -149.56 -117.26
N VAL FA 254 126.43 -149.34 -117.38
CA VAL FA 254 125.50 -149.43 -116.25
C VAL FA 254 124.73 -150.72 -116.36
N ASP FA 255 124.75 -151.52 -115.29
CA ASP FA 255 123.98 -152.75 -115.27
C ASP FA 255 122.49 -152.45 -115.26
N SER FA 256 121.72 -153.27 -115.97
CA SER FA 256 120.29 -153.04 -116.06
C SER FA 256 119.61 -153.18 -114.71
N GLU FA 257 119.99 -154.21 -113.94
CA GLU FA 257 119.39 -154.41 -112.62
C GLU FA 257 119.75 -153.26 -111.67
N SER FA 258 121.03 -152.87 -111.65
CA SER FA 258 121.44 -151.78 -110.78
C SER FA 258 120.80 -150.46 -111.19
N LEU FA 259 120.72 -150.20 -112.49
CA LEU FA 259 120.07 -148.98 -112.97
C LEU FA 259 118.59 -148.96 -112.59
N LEU FA 260 117.91 -150.10 -112.74
CA LEU FA 260 116.49 -150.17 -112.37
C LEU FA 260 116.31 -149.97 -110.88
N ILE FA 261 117.18 -150.56 -110.07
CA ILE FA 261 117.09 -150.39 -108.62
C ILE FA 261 117.31 -148.93 -108.24
N ALA FA 262 118.29 -148.27 -108.86
CA ALA FA 262 118.55 -146.87 -108.57
C ALA FA 262 117.38 -145.98 -109.00
N LEU FA 263 116.80 -146.26 -110.17
CA LEU FA 263 115.73 -145.44 -110.71
C LEU FA 263 114.35 -145.80 -110.15
N LYS FA 264 114.27 -146.84 -109.33
CA LYS FA 264 112.98 -147.19 -108.73
C LYS FA 264 112.46 -146.06 -107.85
N GLY FA 265 113.32 -145.46 -107.05
CA GLY FA 265 112.97 -144.33 -106.22
C GLY FA 265 113.32 -142.98 -106.78
N ALA FA 266 113.80 -142.91 -108.02
CA ALA FA 266 114.19 -141.64 -108.62
C ALA FA 266 112.95 -140.87 -109.09
N GLU FA 267 113.16 -139.60 -109.40
CA GLU FA 267 112.07 -138.76 -109.90
C GLU FA 267 111.62 -139.23 -111.27
N PRO FA 268 110.33 -139.10 -111.58
CA PRO FA 268 109.83 -139.52 -112.90
C PRO FA 268 110.54 -138.76 -114.02
N PRO FA 269 110.83 -137.47 -113.81
CA PRO FA 269 111.59 -136.74 -114.85
C PRO FA 269 112.96 -137.33 -115.10
N LEU FA 270 113.66 -137.77 -114.05
CA LEU FA 270 114.97 -138.39 -114.25
C LEU FA 270 114.86 -139.70 -115.01
N ARG FA 271 113.84 -140.51 -114.69
CA ARG FA 271 113.64 -141.75 -115.42
C ARG FA 271 113.31 -141.49 -116.88
N GLU FA 272 112.48 -140.48 -117.16
CA GLU FA 272 112.15 -140.15 -118.53
C GLU FA 272 113.38 -139.65 -119.30
N LYS FA 273 114.20 -138.83 -118.66
CA LYS FA 273 115.41 -138.34 -119.31
C LYS FA 273 116.39 -139.47 -119.58
N PHE FA 274 116.53 -140.41 -118.63
CA PHE FA 274 117.45 -141.53 -118.77
C PHE FA 274 116.91 -142.62 -119.69
N LEU FA 275 115.62 -142.61 -120.00
CA LEU FA 275 115.03 -143.60 -120.89
C LEU FA 275 115.06 -143.18 -122.36
N ARG FA 276 115.55 -141.99 -122.65
CA ARG FA 276 115.64 -141.50 -124.02
C ARG FA 276 116.98 -141.81 -124.69
N ASN FA 277 117.89 -142.46 -123.97
CA ASN FA 277 119.20 -142.79 -124.52
C ASN FA 277 119.30 -144.22 -125.02
N MET FA 278 118.43 -145.11 -124.57
CA MET FA 278 118.46 -146.50 -125.00
C MET FA 278 117.45 -146.72 -126.12
N SER FA 279 117.30 -147.97 -126.56
CA SER FA 279 116.35 -148.29 -127.62
C SER FA 279 114.93 -148.26 -127.08
N GLN FA 280 113.96 -148.22 -128.00
CA GLN FA 280 112.56 -148.23 -127.61
C GLN FA 280 112.19 -149.52 -126.89
N ARG FA 281 112.67 -150.66 -127.40
CA ARG FA 281 112.42 -151.93 -126.71
C ARG FA 281 113.09 -151.94 -125.35
N ALA FA 282 114.32 -151.43 -125.26
CA ALA FA 282 115.00 -151.36 -123.97
C ALA FA 282 114.25 -150.45 -123.00
N ALA FA 283 113.77 -149.31 -123.48
CA ALA FA 283 113.00 -148.41 -122.63
C ALA FA 283 111.72 -149.06 -122.14
N ASP FA 284 111.02 -149.77 -123.03
CA ASP FA 284 109.80 -150.48 -122.63
C ASP FA 284 110.10 -151.56 -121.60
N ILE FA 285 111.19 -152.30 -121.80
CA ILE FA 285 111.58 -153.34 -120.85
C ILE FA 285 111.92 -152.73 -119.49
N LEU FA 286 112.65 -151.61 -119.47
CA LEU FA 286 112.98 -150.95 -118.22
C LEU FA 286 111.72 -150.45 -117.52
N ARG FA 287 110.78 -149.88 -118.28
CA ARG FA 287 109.53 -149.40 -117.68
C ARG FA 287 108.73 -150.56 -117.10
N ASP FA 288 108.65 -151.69 -117.82
CA ASP FA 288 107.95 -152.85 -117.32
C ASP FA 288 108.61 -153.40 -116.06
N ASP FA 289 109.95 -153.45 -116.04
CA ASP FA 289 110.65 -153.92 -114.85
C ASP FA 289 110.42 -153.00 -113.67
N LEU FA 290 110.43 -151.68 -113.89
CA LEU FA 290 110.18 -150.74 -112.81
C LEU FA 290 108.76 -150.87 -112.28
N ALA FA 291 107.78 -151.05 -113.18
CA ALA FA 291 106.40 -151.23 -112.75
C ALA FA 291 106.23 -152.52 -111.95
N ASN FA 292 106.88 -153.59 -112.41
CA ASN FA 292 106.76 -154.89 -111.73
C ASN FA 292 107.61 -154.98 -110.48
N ARG FA 293 108.60 -154.11 -110.32
CA ARG FA 293 109.47 -154.18 -109.14
C ARG FA 293 108.71 -153.68 -107.92
N GLY FA 294 108.75 -154.47 -106.86
CA GLY FA 294 108.13 -154.09 -105.60
C GLY FA 294 108.98 -153.16 -104.79
N PRO FA 295 108.43 -152.66 -103.69
CA PRO FA 295 109.20 -151.78 -102.81
C PRO FA 295 110.40 -152.51 -102.22
N VAL FA 296 111.51 -151.78 -102.08
CA VAL FA 296 112.74 -152.33 -101.54
C VAL FA 296 113.33 -151.34 -100.55
N ARG FA 297 114.18 -151.85 -99.67
CA ARG FA 297 114.86 -151.00 -98.70
C ARG FA 297 115.79 -150.03 -99.41
N LEU FA 298 115.88 -148.81 -98.88
CA LEU FA 298 116.70 -147.77 -99.49
C LEU FA 298 118.20 -148.06 -99.38
N SER FA 299 118.61 -149.02 -98.55
CA SER FA 299 120.03 -149.30 -98.38
C SER FA 299 120.66 -149.81 -99.66
N GLN FA 300 119.98 -150.71 -100.38
CA GLN FA 300 120.52 -151.23 -101.63
C GLN FA 300 120.34 -150.26 -102.79
N VAL FA 301 119.23 -149.52 -102.82
CA VAL FA 301 119.03 -148.53 -103.87
C VAL FA 301 120.09 -147.43 -103.76
N GLU FA 302 120.42 -147.02 -102.53
CA GLU FA 302 121.46 -146.02 -102.34
C GLU FA 302 122.81 -146.54 -102.84
N ASN FA 303 123.13 -147.81 -102.56
CA ASN FA 303 124.39 -148.38 -103.04
C ASN FA 303 124.43 -148.43 -104.56
N GLU FA 304 123.30 -148.83 -105.18
CA GLU FA 304 123.25 -148.87 -106.64
C GLU FA 304 123.42 -147.47 -107.24
N GLN FA 305 122.75 -146.48 -106.65
CA GLN FA 305 122.89 -145.11 -107.14
C GLN FA 305 124.32 -144.61 -106.95
N LYS FA 306 124.95 -144.97 -105.83
CA LYS FA 306 126.35 -144.59 -105.61
C LYS FA 306 127.27 -145.21 -106.65
N ALA FA 307 127.03 -146.49 -106.99
CA ALA FA 307 127.84 -147.13 -108.01
C ALA FA 307 127.64 -146.46 -109.36
N ILE FA 308 126.40 -146.13 -109.70
CA ILE FA 308 126.11 -145.47 -110.97
C ILE FA 308 126.79 -144.10 -111.02
N LEU FA 309 126.70 -143.34 -109.92
CA LEU FA 309 127.34 -142.04 -109.86
C LEU FA 309 128.86 -142.15 -109.95
N LEU FA 310 129.44 -143.17 -109.31
CA LEU FA 310 130.88 -143.38 -109.41
C LEU FA 310 131.29 -143.68 -110.85
N ILE FA 311 130.51 -144.51 -111.54
CA ILE FA 311 130.81 -144.81 -112.93
C ILE FA 311 130.71 -143.56 -113.79
N VAL FA 312 129.67 -142.76 -113.56
CA VAL FA 312 129.48 -141.53 -114.33
C VAL FA 312 130.64 -140.56 -114.07
N ARG FA 313 131.04 -140.43 -112.81
CA ARG FA 313 132.14 -139.55 -112.46
C ARG FA 313 133.45 -140.01 -113.07
N ARG FA 314 133.69 -141.32 -113.09
CA ARG FA 314 134.88 -141.86 -113.73
C ARG FA 314 134.87 -141.57 -115.21
N LEU FA 315 133.72 -141.73 -115.86
CA LEU FA 315 133.61 -141.43 -117.29
C LEU FA 315 133.88 -139.95 -117.57
N ALA FA 316 133.32 -139.08 -116.72
CA ALA FA 316 133.54 -137.65 -116.88
C ALA FA 316 135.00 -137.27 -116.68
N GLU FA 317 135.63 -137.86 -115.66
CA GLU FA 317 137.04 -137.58 -115.39
C GLU FA 317 137.93 -138.06 -116.53
N THR FA 318 137.58 -139.21 -117.12
CA THR FA 318 138.31 -139.69 -118.28
C THR FA 318 138.19 -138.71 -119.44
N GLY FA 319 137.00 -138.15 -119.64
CA GLY FA 319 136.78 -137.17 -120.68
C GLY FA 319 135.79 -137.64 -121.73
N GLU FA 320 134.94 -138.60 -121.36
CA GLU FA 320 133.95 -139.15 -122.27
C GLU FA 320 132.52 -138.83 -121.86
N MET FA 321 132.33 -137.73 -121.14
CA MET FA 321 130.99 -137.32 -120.70
C MET FA 321 131.00 -135.80 -120.55
N VAL FA 322 129.81 -135.21 -120.60
CA VAL FA 322 129.65 -133.77 -120.45
C VAL FA 322 128.34 -133.48 -119.73
N ILE FA 323 128.10 -132.21 -119.42
CA ILE FA 323 126.87 -131.80 -118.74
C ILE FA 323 126.26 -130.62 -119.48
N GLY FA 324 125.02 -130.27 -119.14
CA GLY FA 324 124.34 -129.16 -119.78
C GLY FA 324 122.95 -128.91 -119.23
N SER GA 33 185.88 -142.04 -24.78
CA SER GA 33 185.24 -140.73 -24.92
C SER GA 33 184.62 -140.57 -26.29
N ASP GA 34 183.29 -140.42 -26.34
CA ASP GA 34 182.59 -140.22 -27.61
C ASP GA 34 182.62 -138.74 -27.94
N ILE GA 35 183.23 -138.41 -29.08
CA ILE GA 35 183.35 -137.03 -29.53
C ILE GA 35 183.26 -137.02 -31.05
N ARG GA 36 182.17 -136.50 -31.58
CA ARG GA 36 181.95 -136.43 -33.02
C ARG GA 36 181.64 -134.99 -33.41
N PRO GA 37 181.98 -134.57 -34.66
CA PRO GA 37 181.76 -133.15 -35.09
C PRO GA 37 180.28 -132.81 -35.09
N TYR GA 38 179.98 -131.56 -34.80
CA TYR GA 38 178.61 -131.08 -34.77
C TYR GA 38 178.12 -130.88 -36.20
N ASP GA 39 177.05 -131.61 -36.56
CA ASP GA 39 176.43 -131.45 -37.87
C ASP GA 39 175.04 -130.87 -37.68
N PRO GA 40 174.76 -129.68 -38.20
CA PRO GA 40 173.40 -129.14 -38.09
C PRO GA 40 172.39 -130.00 -38.84
N ASN GA 41 171.13 -129.62 -38.71
CA ASN GA 41 169.96 -130.26 -39.31
C ASN GA 41 169.91 -131.77 -39.10
N THR GA 42 170.61 -132.29 -38.09
CA THR GA 42 170.52 -133.70 -37.75
C THR GA 42 169.49 -133.91 -36.65
N GLN GA 43 168.76 -135.02 -36.74
CA GLN GA 43 167.70 -135.34 -35.77
C GLN GA 43 168.34 -135.75 -34.46
N ARG GA 44 168.70 -134.76 -33.65
CA ARG GA 44 169.33 -135.00 -32.36
C ARG GA 44 168.41 -134.72 -31.18
N ARG GA 45 167.29 -134.04 -31.39
CA ARG GA 45 166.35 -133.73 -30.32
C ARG GA 45 165.35 -134.88 -30.21
N VAL GA 46 165.45 -135.65 -29.13
CA VAL GA 46 164.56 -136.77 -28.85
C VAL GA 46 163.78 -136.45 -27.60
N VAL GA 47 162.45 -136.39 -27.73
CA VAL GA 47 161.56 -136.09 -26.60
C VAL GA 47 160.50 -137.19 -26.60
N ARG GA 48 160.73 -138.23 -25.79
CA ARG GA 48 159.81 -139.35 -25.69
C ARG GA 48 159.02 -139.18 -24.40
N GLU GA 49 157.69 -139.17 -24.53
CA GLU GA 49 156.82 -138.97 -23.37
C GLU GA 49 155.52 -139.72 -23.65
N ARG GA 50 155.17 -140.64 -22.75
CA ARG GA 50 153.92 -141.36 -22.86
C ARG GA 50 152.74 -140.41 -22.62
N LEU GA 51 151.72 -140.50 -23.45
CA LEU GA 51 150.56 -139.61 -23.37
C LEU GA 51 149.30 -140.46 -23.18
N GLN GA 52 149.00 -140.79 -21.92
CA GLN GA 52 147.88 -141.67 -21.63
C GLN GA 52 146.55 -141.02 -21.98
N ALA GA 53 146.42 -139.73 -21.65
CA ALA GA 53 145.17 -138.97 -21.91
C ALA GA 53 144.87 -138.97 -23.40
N LEU GA 54 145.87 -138.79 -24.28
CA LEU GA 54 145.70 -138.92 -25.72
C LEU GA 54 145.43 -140.37 -26.09
N GLU GA 55 146.04 -141.31 -25.37
CA GLU GA 55 145.82 -142.73 -25.65
C GLU GA 55 144.38 -143.14 -25.44
N ILE GA 56 143.65 -142.45 -24.56
CA ILE GA 56 142.24 -142.80 -24.36
C ILE GA 56 141.35 -141.94 -25.24
N ILE GA 57 141.78 -140.70 -25.51
CA ILE GA 57 141.03 -139.85 -26.42
C ILE GA 57 140.99 -140.45 -27.81
N ASN GA 58 142.07 -141.11 -28.21
CA ASN GA 58 142.08 -141.76 -29.52
C ASN GA 58 141.03 -142.85 -29.65
N GLU GA 59 140.89 -143.71 -28.64
CA GLU GA 59 139.86 -144.75 -28.70
C GLU GA 59 138.46 -144.16 -28.62
N ARG GA 60 138.27 -143.12 -27.81
CA ARG GA 60 136.94 -142.52 -27.74
C ARG GA 60 136.57 -141.95 -29.11
N PHE GA 61 137.50 -141.23 -29.72
CA PHE GA 61 137.26 -140.68 -31.06
C PHE GA 61 137.07 -141.79 -32.08
N ALA GA 62 137.81 -142.89 -31.95
CA ALA GA 62 137.67 -143.99 -32.89
C ALA GA 62 136.27 -144.61 -32.80
N ARG GA 63 135.76 -144.79 -31.58
CA ARG GA 63 134.40 -145.31 -31.42
C ARG GA 63 133.38 -144.35 -32.02
N GLN GA 64 133.53 -143.06 -31.74
CA GLN GA 64 132.60 -142.08 -32.31
C GLN GA 64 132.65 -142.07 -33.82
N PHE GA 65 133.86 -142.14 -34.39
CA PHE GA 65 134.01 -142.10 -35.84
C PHE GA 65 133.49 -143.39 -36.48
N ARG GA 66 133.64 -144.53 -35.82
CA ARG GA 66 133.04 -145.76 -36.35
C ARG GA 66 131.54 -145.76 -36.52
N MET GA 67 130.80 -145.27 -35.51
CA MET GA 67 129.35 -145.14 -35.68
C MET GA 67 128.92 -144.05 -36.68
N GLY GA 68 129.74 -143.00 -36.77
CA GLY GA 68 129.47 -141.94 -37.73
C GLY GA 68 129.63 -142.56 -39.10
N LEU GA 69 130.68 -143.36 -39.30
CA LEU GA 69 130.90 -144.02 -40.58
C LEU GA 69 129.81 -145.03 -40.86
N PHE GA 70 129.35 -145.75 -39.82
CA PHE GA 70 128.22 -146.64 -40.00
C PHE GA 70 126.98 -145.86 -40.41
N ASN GA 71 126.75 -144.72 -39.76
CA ASN GA 71 125.60 -143.90 -40.10
C ASN GA 71 125.66 -143.40 -41.54
N LEU GA 72 126.86 -143.08 -42.03
CA LEU GA 72 126.99 -142.49 -43.35
C LEU GA 72 127.02 -143.55 -44.44
N LEU GA 73 128.03 -144.42 -44.41
CA LEU GA 73 128.27 -145.39 -45.47
C LEU GA 73 127.26 -146.53 -45.50
N ARG GA 74 126.43 -146.66 -44.47
CA ARG GA 74 125.52 -147.80 -44.33
C ARG GA 74 126.29 -149.12 -44.38
N ARG GA 75 127.48 -149.15 -43.79
CA ARG GA 75 128.30 -150.35 -43.71
C ARG GA 75 128.88 -150.42 -42.30
N SER GA 76 129.66 -151.47 -42.05
CA SER GA 76 130.24 -151.70 -40.73
C SER GA 76 131.76 -151.58 -40.76
N PRO GA 77 132.31 -150.40 -40.50
CA PRO GA 77 133.77 -150.27 -40.38
C PRO GA 77 134.36 -150.64 -39.05
N ASP GA 78 135.62 -151.03 -39.06
CA ASP GA 78 136.37 -151.27 -37.83
C ASP GA 78 137.61 -150.40 -37.89
N ILE GA 79 137.84 -149.63 -36.83
CA ILE GA 79 138.94 -148.68 -36.74
C ILE GA 79 139.90 -149.16 -35.68
N THR GA 80 141.14 -149.42 -36.05
CA THR GA 80 142.19 -149.81 -35.13
C THR GA 80 143.09 -148.60 -34.91
N VAL GA 81 143.27 -148.23 -33.64
CA VAL GA 81 144.12 -147.08 -33.32
C VAL GA 81 145.57 -147.53 -33.27
N GLY GA 82 146.42 -146.89 -34.07
CA GLY GA 82 147.82 -147.21 -34.06
C GLY GA 82 148.55 -146.53 -32.90
N ALA GA 83 149.83 -146.86 -32.79
CA ALA GA 83 150.66 -146.26 -31.75
C ALA GA 83 150.90 -144.79 -32.05
N ILE GA 84 150.76 -143.95 -31.02
CA ILE GA 84 151.03 -142.52 -31.17
C ILE GA 84 152.51 -142.34 -31.46
N ARG GA 85 152.83 -141.57 -32.50
CA ARG GA 85 154.21 -141.33 -32.90
C ARG GA 85 154.58 -139.88 -32.63
N ILE GA 86 155.64 -139.68 -31.86
CA ILE GA 86 156.18 -138.35 -31.58
C ILE GA 86 157.43 -138.14 -32.42
N GLN GA 87 157.27 -137.38 -33.50
CA GLN GA 87 158.30 -137.35 -34.55
C GLN GA 87 158.45 -135.96 -35.11
N PRO GA 88 159.61 -135.63 -35.68
CA PRO GA 88 159.76 -134.34 -36.35
C PRO GA 88 158.81 -134.23 -37.54
N TYR GA 89 158.40 -133.00 -37.83
CA TYR GA 89 157.38 -132.78 -38.85
C TYR GA 89 157.72 -133.28 -40.25
N HIS GA 90 159.00 -133.19 -40.63
CA HIS GA 90 159.45 -133.61 -41.99
C HIS GA 90 159.43 -135.15 -42.13
N GLU GA 91 159.47 -135.90 -41.02
CA GLU GA 91 159.31 -137.34 -41.04
C GLU GA 91 157.85 -137.63 -41.37
N PHE GA 92 156.94 -136.93 -40.69
CA PHE GA 92 155.51 -137.08 -40.96
C PHE GA 92 155.19 -136.69 -42.40
N ALA GA 93 155.79 -135.60 -42.86
CA ALA GA 93 155.53 -135.15 -44.23
C ALA GA 93 156.04 -136.15 -45.25
N ARG GA 94 157.24 -136.70 -45.04
CA ARG GA 94 157.81 -137.60 -46.04
C ARG GA 94 157.11 -138.95 -46.04
N ASN GA 95 156.60 -139.39 -44.88
CA ASN GA 95 155.89 -140.67 -44.86
C ASN GA 95 154.55 -140.58 -45.56
N LEU GA 96 153.99 -139.38 -45.69
CA LEU GA 96 152.71 -139.23 -46.35
C LEU GA 96 152.83 -139.50 -47.84
N PRO GA 97 151.78 -140.03 -48.47
CA PRO GA 97 151.79 -140.21 -49.91
C PRO GA 97 151.34 -138.94 -50.62
N VAL GA 98 151.49 -138.95 -51.94
CA VAL GA 98 151.13 -137.79 -52.75
C VAL GA 98 150.29 -138.24 -53.94
N PRO GA 99 149.12 -137.65 -54.17
CA PRO GA 99 148.46 -136.63 -53.35
C PRO GA 99 147.69 -137.26 -52.20
N THR GA 100 147.39 -136.47 -51.17
CA THR GA 100 146.60 -136.91 -50.01
C THR GA 100 145.84 -135.71 -49.54
N ASN GA 101 144.54 -135.83 -49.24
CA ASN GA 101 143.75 -134.74 -48.63
C ASN GA 101 144.22 -134.38 -47.22
N LEU GA 102 144.66 -133.14 -47.00
CA LEU GA 102 145.09 -132.62 -45.69
C LEU GA 102 144.02 -131.63 -45.19
N ASN GA 103 143.57 -131.67 -43.95
CA ASN GA 103 142.46 -130.78 -43.48
C ASN GA 103 142.98 -129.91 -42.34
N LEU GA 104 143.42 -128.67 -42.60
CA LEU GA 104 143.89 -127.82 -41.52
C LEU GA 104 142.73 -127.53 -40.58
N ILE GA 105 142.93 -127.76 -39.30
CA ILE GA 105 141.87 -127.58 -38.31
C ILE GA 105 142.40 -126.72 -37.17
N HIS GA 106 141.51 -125.93 -36.58
CA HIS GA 106 141.85 -125.06 -35.47
C HIS GA 106 141.24 -125.66 -34.20
N LEU GA 107 142.10 -126.00 -33.25
CA LEU GA 107 141.65 -126.54 -31.96
C LEU GA 107 141.63 -125.43 -30.91
N LYS GA 108 140.78 -124.44 -31.13
CA LYS GA 108 140.68 -123.33 -30.20
C LYS GA 108 140.19 -123.80 -28.84
N PRO GA 109 140.63 -123.17 -27.76
CA PRO GA 109 141.47 -121.96 -27.68
C PRO GA 109 142.97 -122.24 -27.75
N LEU GA 110 143.38 -123.46 -28.10
CA LEU GA 110 144.80 -123.77 -28.20
C LEU GA 110 145.37 -123.10 -29.44
N ARG GA 111 146.40 -122.28 -29.26
CA ARG GA 111 147.00 -121.59 -30.39
C ARG GA 111 147.82 -122.56 -31.24
N GLY GA 112 147.53 -122.60 -32.52
CA GLY GA 112 148.19 -123.49 -33.45
C GLY GA 112 147.22 -123.98 -34.49
N THR GA 113 147.66 -124.97 -35.28
CA THR GA 113 146.85 -125.51 -36.35
C THR GA 113 147.18 -126.99 -36.52
N GLY GA 114 146.21 -127.84 -36.21
CA GLY GA 114 146.39 -129.26 -36.41
C GLY GA 114 146.01 -129.71 -37.81
N LEU GA 115 146.26 -130.99 -38.07
CA LEU GA 115 146.08 -131.54 -39.40
C LEU GA 115 145.35 -132.87 -39.32
N VAL GA 116 144.37 -133.07 -40.18
CA VAL GA 116 143.67 -134.34 -40.32
C VAL GA 116 143.95 -134.87 -41.71
N VAL GA 117 144.58 -136.03 -41.81
CA VAL GA 117 145.06 -136.56 -43.08
C VAL GA 117 144.19 -137.76 -43.47
N PHE GA 118 143.44 -137.60 -44.55
CA PHE GA 118 142.67 -138.67 -45.15
C PHE GA 118 143.42 -139.29 -46.32
N SER GA 119 143.70 -140.59 -46.22
CA SER GA 119 144.41 -141.28 -47.28
C SER GA 119 143.58 -141.40 -48.56
N PRO GA 120 144.22 -141.47 -49.75
CA PRO GA 120 143.47 -141.68 -51.03
C PRO GA 120 142.64 -142.94 -50.92
N SER GA 121 143.17 -143.95 -50.22
CA SER GA 121 142.44 -145.21 -50.13
C SER GA 121 141.11 -145.03 -49.42
N LEU GA 122 141.11 -144.29 -48.32
CA LEU GA 122 139.89 -144.13 -47.54
C LEU GA 122 138.84 -143.34 -48.32
N VAL GA 123 139.25 -142.24 -48.96
CA VAL GA 123 138.29 -141.45 -49.71
C VAL GA 123 137.80 -142.23 -50.93
N PHE GA 124 138.67 -143.04 -51.53
CA PHE GA 124 138.24 -143.90 -52.63
C PHE GA 124 137.19 -144.89 -52.15
N ILE GA 125 137.41 -145.51 -50.99
CA ILE GA 125 136.45 -146.47 -50.45
C ILE GA 125 135.12 -145.78 -50.16
N ALA GA 126 135.18 -144.60 -49.56
CA ALA GA 126 133.94 -143.88 -49.21
C ALA GA 126 133.16 -143.50 -50.46
N VAL GA 127 133.84 -142.95 -51.47
CA VAL GA 127 133.16 -142.56 -52.70
C VAL GA 127 132.60 -143.78 -53.41
N ASP GA 128 133.34 -144.88 -53.42
CA ASP GA 128 132.86 -146.11 -54.03
C ASP GA 128 131.60 -146.62 -53.34
N ASN GA 129 131.60 -146.61 -52.00
CA ASN GA 129 130.44 -147.10 -51.27
C ASN GA 129 129.23 -146.19 -51.46
N LEU GA 130 129.44 -144.87 -51.45
CA LEU GA 130 128.32 -143.95 -51.61
C LEU GA 130 127.71 -144.06 -52.99
N PHE GA 131 128.53 -144.16 -54.02
CA PHE GA 131 128.04 -144.10 -55.41
C PHE GA 131 127.89 -145.50 -55.98
N GLY GA 132 127.00 -146.28 -55.37
CA GLY GA 132 126.59 -147.55 -55.91
C GLY GA 132 127.70 -148.56 -56.14
N GLY GA 133 128.58 -148.71 -55.16
CA GLY GA 133 129.65 -149.68 -55.28
C GLY GA 133 129.82 -150.56 -54.07
N ASP GA 134 129.82 -151.88 -54.30
CA ASP GA 134 129.98 -152.85 -53.19
C ASP GA 134 131.47 -153.17 -53.01
N GLY GA 135 132.35 -152.26 -53.43
CA GLY GA 135 133.78 -152.47 -53.27
C GLY GA 135 134.21 -153.79 -53.86
N ARG GA 136 133.59 -154.22 -54.96
CA ARG GA 136 134.01 -155.44 -55.64
C ARG GA 136 135.39 -155.31 -56.27
N PHE GA 137 135.58 -154.26 -57.07
CA PHE GA 137 136.88 -154.02 -57.68
C PHE GA 137 137.94 -153.47 -56.73
N PRO GA 138 139.21 -153.80 -56.95
CA PRO GA 138 140.27 -153.27 -56.09
C PRO GA 138 140.39 -151.76 -56.23
N THR GA 139 140.79 -151.11 -55.15
CA THR GA 139 141.03 -149.67 -55.19
C THR GA 139 142.31 -149.38 -55.98
N LYS GA 140 142.21 -148.47 -56.95
CA LYS GA 140 143.34 -148.09 -57.77
C LYS GA 140 143.61 -146.61 -57.60
N VAL GA 141 144.81 -146.27 -57.15
CA VAL GA 141 145.24 -144.89 -56.98
C VAL GA 141 146.55 -144.71 -57.76
N GLU GA 142 146.56 -143.74 -58.67
CA GLU GA 142 147.72 -143.48 -59.52
C GLU GA 142 148.02 -141.99 -59.55
N GLY GA 143 148.04 -141.35 -58.39
CA GLY GA 143 148.29 -139.92 -58.35
C GLY GA 143 147.12 -139.08 -58.78
N ARG GA 144 145.94 -139.67 -58.89
CA ARG GA 144 144.77 -138.92 -59.30
C ARG GA 144 144.35 -137.92 -58.23
N GLU GA 145 143.98 -136.71 -58.67
CA GLU GA 145 143.59 -135.66 -57.74
C GLU GA 145 142.13 -135.85 -57.32
N PHE GA 146 141.61 -134.89 -56.57
CA PHE GA 146 140.28 -134.95 -56.01
C PHE GA 146 139.40 -133.91 -56.68
N THR GA 147 138.26 -134.35 -57.21
CA THR GA 147 137.32 -133.46 -57.85
C THR GA 147 136.46 -132.75 -56.80
N HIS GA 148 135.54 -131.91 -57.28
CA HIS GA 148 134.68 -131.18 -56.37
C HIS GA 148 133.71 -132.12 -55.65
N THR GA 149 133.20 -133.13 -56.34
CA THR GA 149 132.34 -134.11 -55.69
C THR GA 149 133.10 -134.90 -54.63
N GLU GA 150 134.32 -135.32 -54.95
CA GLU GA 150 135.15 -135.99 -53.97
C GLU GA 150 135.45 -135.08 -52.78
N GLN GA 151 135.71 -133.80 -53.06
CA GLN GA 151 135.96 -132.85 -51.98
C GLN GA 151 134.73 -132.69 -51.10
N ARG GA 152 133.54 -132.70 -51.69
CA ARG GA 152 132.33 -132.57 -50.88
C ARG GA 152 132.10 -133.82 -50.04
N VAL GA 153 132.38 -135.01 -50.59
CA VAL GA 153 132.30 -136.23 -49.82
C VAL GA 153 133.27 -136.21 -48.65
N ILE GA 154 134.49 -135.74 -48.90
CA ILE GA 154 135.49 -135.65 -47.84
C ILE GA 154 135.07 -134.63 -46.78
N ASN GA 155 134.45 -133.54 -47.20
CA ASN GA 155 133.94 -132.57 -46.23
C ASN GA 155 132.86 -133.21 -45.37
N ARG GA 156 131.98 -133.99 -45.98
CA ARG GA 156 130.92 -134.67 -45.22
C ARG GA 156 131.52 -135.65 -44.21
N MET GA 157 132.53 -136.40 -44.63
CA MET GA 157 133.21 -137.30 -43.69
C MET GA 157 133.92 -136.53 -42.59
N LEU GA 158 134.59 -135.45 -42.95
CA LEU GA 158 135.38 -134.69 -41.99
C LEU GA 158 134.49 -133.99 -40.98
N LYS GA 159 133.25 -133.67 -41.34
CA LYS GA 159 132.33 -133.12 -40.35
C LYS GA 159 132.10 -134.12 -39.23
N LEU GA 160 131.84 -135.38 -39.57
CA LEU GA 160 131.68 -136.42 -38.56
C LEU GA 160 132.98 -136.63 -37.79
N ALA GA 161 134.11 -136.63 -38.49
CA ALA GA 161 135.38 -136.84 -37.82
C ALA GA 161 135.66 -135.75 -36.79
N LEU GA 162 135.41 -134.50 -37.16
CA LEU GA 162 135.64 -133.38 -36.25
C LEU GA 162 134.66 -133.40 -35.08
N GLU GA 163 133.39 -133.74 -35.35
CA GLU GA 163 132.44 -133.86 -34.26
C GLU GA 163 132.88 -134.94 -33.26
N GLY GA 164 133.31 -136.09 -33.77
CA GLY GA 164 133.77 -137.14 -32.89
C GLY GA 164 135.00 -136.74 -32.10
N TYR GA 165 135.95 -136.08 -32.75
CA TYR GA 165 137.15 -135.63 -32.05
C TYR GA 165 136.82 -134.61 -30.97
N SER GA 166 135.94 -133.66 -31.27
CA SER GA 166 135.56 -132.67 -30.28
C SER GA 166 134.85 -133.33 -29.10
N ASP GA 167 133.96 -134.29 -29.37
CA ASP GA 167 133.28 -134.98 -28.28
C ASP GA 167 134.26 -135.77 -27.43
N ALA GA 168 135.24 -136.41 -28.06
CA ALA GA 168 136.24 -137.16 -27.31
C ALA GA 168 137.08 -136.23 -26.43
N TRP GA 169 137.45 -135.06 -26.97
CA TRP GA 169 138.25 -134.13 -26.18
C TRP GA 169 137.37 -133.52 -25.10
N LYS GA 170 136.07 -133.41 -25.35
CA LYS GA 170 135.17 -132.78 -24.39
C LYS GA 170 135.26 -133.40 -23.00
N ALA GA 171 135.48 -134.71 -22.92
CA ALA GA 171 135.62 -135.37 -21.64
C ALA GA 171 136.76 -134.86 -20.75
N ILE GA 172 137.91 -134.56 -21.35
CA ILE GA 172 139.07 -134.11 -20.59
C ILE GA 172 139.13 -132.58 -20.60
N ASN GA 173 139.25 -132.01 -21.80
CA ASN GA 173 139.32 -130.56 -21.93
C ASN GA 173 138.38 -130.12 -23.05
N PRO GA 174 137.36 -129.31 -22.76
CA PRO GA 174 136.41 -128.92 -23.80
C PRO GA 174 137.03 -128.03 -24.85
N LEU GA 175 137.13 -128.54 -26.07
CA LEU GA 175 137.69 -127.81 -27.20
C LEU GA 175 136.68 -127.76 -28.32
N GLU GA 176 136.75 -126.71 -29.12
CA GLU GA 176 135.95 -126.58 -30.32
C GLU GA 176 136.82 -126.73 -31.55
N VAL GA 177 136.40 -127.58 -32.48
CA VAL GA 177 137.19 -127.95 -33.64
C VAL GA 177 136.59 -127.25 -34.85
N GLU GA 178 137.40 -126.45 -35.54
CA GLU GA 178 136.96 -125.73 -36.72
C GLU GA 178 137.80 -126.14 -37.92
N TYR GA 179 137.12 -126.47 -39.01
CA TYR GA 179 137.78 -126.80 -40.27
C TYR GA 179 137.95 -125.51 -41.07
N VAL GA 180 139.19 -125.19 -41.41
CA VAL GA 180 139.50 -123.90 -42.03
C VAL GA 180 139.87 -124.04 -43.50
N ARG GA 181 140.51 -125.14 -43.89
CA ARG GA 181 141.04 -125.24 -45.24
C ARG GA 181 141.40 -126.69 -45.53
N SER GA 182 141.30 -127.05 -46.80
CA SER GA 182 141.71 -128.37 -47.26
C SER GA 182 142.68 -128.18 -48.40
N GLU GA 183 143.68 -129.06 -48.48
CA GLU GA 183 144.72 -129.00 -49.47
C GLU GA 183 145.05 -130.42 -49.91
N MET GA 184 145.78 -130.54 -51.01
CA MET GA 184 146.14 -131.84 -51.57
C MET GA 184 147.63 -132.15 -51.57
N GLN GA 185 148.48 -131.11 -51.59
CA GLN GA 185 149.91 -131.29 -51.52
C GLN GA 185 150.39 -131.10 -50.09
N VAL GA 186 151.67 -131.44 -49.86
CA VAL GA 186 152.23 -131.33 -48.53
C VAL GA 186 152.85 -129.95 -48.26
N LYS GA 187 153.33 -129.27 -49.30
CA LYS GA 187 154.03 -128.01 -49.13
C LYS GA 187 153.09 -126.84 -48.89
N PHE GA 188 151.77 -127.03 -48.99
CA PHE GA 188 150.83 -125.96 -48.73
C PHE GA 188 150.44 -125.78 -47.27
N THR GA 189 150.71 -126.75 -46.40
CA THR GA 189 150.24 -126.66 -45.02
C THR GA 189 151.21 -125.89 -44.12
N ASN GA 190 152.43 -126.42 -43.97
CA ASN GA 190 153.46 -125.82 -43.13
C ASN GA 190 152.88 -125.27 -41.82
N ILE GA 191 152.36 -126.19 -40.99
CA ILE GA 191 151.78 -125.83 -39.67
C ILE GA 191 152.91 -125.76 -38.63
N THR GA 192 154.15 -126.09 -39.01
CA THR GA 192 155.33 -126.05 -38.11
C THR GA 192 156.27 -124.97 -38.58
N THR GA 193 156.71 -124.08 -37.68
CA THR GA 193 157.59 -122.94 -38.02
C THR GA 193 158.80 -123.48 -38.75
N SER GA 194 159.35 -124.61 -38.32
CA SER GA 194 160.48 -125.25 -38.96
C SER GA 194 160.17 -126.72 -39.21
N PRO GA 195 160.75 -127.31 -40.25
CA PRO GA 195 160.51 -128.74 -40.52
C PRO GA 195 161.04 -129.66 -39.45
N ASN GA 196 161.93 -129.20 -38.58
CA ASN GA 196 162.47 -130.02 -37.51
C ASN GA 196 161.65 -129.93 -36.24
N ASP GA 197 160.53 -129.21 -36.25
CA ASP GA 197 159.66 -129.15 -35.09
C ASP GA 197 159.03 -130.51 -34.84
N ILE GA 198 158.65 -130.75 -33.59
CA ILE GA 198 158.17 -132.04 -33.15
C ILE GA 198 156.64 -132.02 -33.13
N VAL GA 199 156.03 -133.06 -33.69
CA VAL GA 199 154.58 -133.18 -33.77
C VAL GA 199 154.17 -134.57 -33.29
N VAL GA 200 152.92 -134.65 -32.86
CA VAL GA 200 152.32 -135.88 -32.34
C VAL GA 200 151.38 -136.49 -33.35
N ASN GA 201 151.73 -137.68 -33.86
CA ASN GA 201 150.91 -138.30 -34.93
C ASN GA 201 150.20 -139.58 -34.46
N THR GA 202 148.88 -139.67 -34.71
CA THR GA 202 148.08 -140.84 -34.40
C THR GA 202 147.52 -141.41 -35.70
N PRO GA 203 148.01 -142.55 -36.18
CA PRO GA 203 147.42 -143.19 -37.36
C PRO GA 203 146.34 -144.17 -36.96
N PHE GA 204 145.18 -144.06 -37.60
CA PHE GA 204 144.10 -145.02 -37.45
C PHE GA 204 143.95 -145.80 -38.76
N HIS GA 205 143.61 -147.07 -38.64
CA HIS GA 205 143.36 -147.93 -39.79
C HIS GA 205 141.89 -148.30 -39.82
N VAL GA 206 141.21 -147.96 -40.90
CA VAL GA 206 139.78 -148.21 -41.06
C VAL GA 206 139.61 -149.30 -42.12
N GLU GA 207 138.96 -150.39 -41.75
CA GLU GA 207 138.70 -151.49 -42.66
C GLU GA 207 137.21 -151.62 -42.89
N ILE GA 208 136.81 -151.70 -44.16
CA ILE GA 208 135.44 -151.93 -44.57
C ILE GA 208 135.43 -153.16 -45.47
N GLY GA 209 134.76 -154.21 -45.03
CA GLY GA 209 134.81 -155.46 -45.77
C GLY GA 209 136.25 -155.92 -45.92
N ASN GA 210 136.62 -156.24 -47.16
CA ASN GA 210 138.01 -156.58 -47.45
C ASN GA 210 138.87 -155.33 -47.67
N LEU GA 211 138.25 -154.22 -48.04
CA LEU GA 211 139.00 -153.01 -48.33
C LEU GA 211 139.53 -152.38 -47.04
N THR GA 212 140.68 -151.71 -47.16
CA THR GA 212 141.33 -151.08 -46.03
C THR GA 212 141.83 -149.70 -46.42
N GLY GA 213 141.97 -148.84 -45.42
CA GLY GA 213 142.55 -147.52 -45.61
C GLY GA 213 143.03 -147.02 -44.28
N GLU GA 214 143.65 -145.85 -44.29
CA GLU GA 214 144.19 -145.27 -43.07
C GLU GA 214 144.02 -143.75 -43.09
N PHE GA 215 144.03 -143.17 -41.90
CA PHE GA 215 143.96 -141.72 -41.78
C PHE GA 215 144.63 -141.31 -40.48
N ASN GA 216 145.34 -140.18 -40.53
CA ASN GA 216 146.14 -139.73 -39.40
C ASN GA 216 145.59 -138.44 -38.82
N ILE GA 217 145.89 -138.22 -37.54
CA ILE GA 217 145.61 -136.94 -36.89
C ILE GA 217 146.91 -136.43 -36.29
N CYS GA 218 147.39 -135.30 -36.78
CA CYS GA 218 148.68 -134.74 -36.38
C CYS GA 218 148.48 -133.41 -35.68
N LEU GA 219 149.05 -133.26 -34.50
CA LEU GA 219 148.98 -132.04 -33.73
C LEU GA 219 150.39 -131.54 -33.45
N PRO GA 220 150.70 -130.28 -33.77
CA PRO GA 220 152.01 -129.74 -33.39
C PRO GA 220 152.16 -129.72 -31.88
N PHE GA 221 153.37 -130.00 -31.41
CA PHE GA 221 153.60 -130.06 -29.98
C PHE GA 221 153.39 -128.72 -29.28
N SER GA 222 153.42 -127.62 -30.03
CA SER GA 222 153.19 -126.32 -29.41
C SER GA 222 151.78 -126.23 -28.83
N MET GA 223 150.80 -126.79 -29.54
CA MET GA 223 149.43 -126.78 -29.03
C MET GA 223 149.30 -127.63 -27.78
N ILE GA 224 149.96 -128.80 -27.77
CA ILE GA 224 149.83 -129.72 -26.65
C ILE GA 224 150.59 -129.23 -25.43
N GLU GA 225 151.67 -128.48 -25.63
CA GLU GA 225 152.56 -128.11 -24.53
C GLU GA 225 151.87 -127.49 -23.33
N PRO GA 226 150.94 -126.54 -23.47
CA PRO GA 226 150.25 -126.03 -22.27
C PRO GA 226 149.43 -127.08 -21.55
N LEU GA 227 149.09 -128.19 -22.21
CA LEU GA 227 148.32 -129.26 -21.61
C LEU GA 227 149.11 -130.54 -21.37
N ARG GA 228 150.43 -130.43 -21.21
CA ARG GA 228 151.26 -131.63 -21.09
C ARG GA 228 150.99 -132.38 -19.79
N GLU GA 229 150.87 -131.64 -18.67
CA GLU GA 229 150.63 -132.28 -17.40
C GLU GA 229 149.25 -132.94 -17.41
N LEU GA 230 148.32 -132.40 -18.19
CA LEU GA 230 147.01 -133.03 -18.32
C LEU GA 230 147.07 -134.26 -19.21
N LEU GA 231 147.85 -134.19 -20.30
CA LEU GA 231 147.89 -135.28 -21.32
C LEU GA 231 148.87 -136.38 -20.89
N VAL GA 232 149.70 -136.14 -19.89
CA VAL GA 232 150.74 -137.14 -19.47
C VAL GA 232 150.10 -138.17 -18.53
N ASN GA 233 149.52 -137.76 -17.39
CA ASN GA 233 149.02 -138.74 -16.44
C ASN GA 233 147.68 -139.30 -16.90
N PRO GA 234 147.42 -140.58 -16.68
CA PRO GA 234 146.12 -141.16 -17.03
C PRO GA 234 145.00 -140.48 -16.26
N PRO GA 235 143.84 -140.28 -16.89
CA PRO GA 235 142.76 -139.56 -16.22
C PRO GA 235 142.23 -140.32 -15.02
N LEU GA 236 141.79 -139.57 -14.02
CA LEU GA 236 141.22 -140.14 -12.81
C LEU GA 236 139.76 -139.74 -12.67
N GLU GA 237 138.97 -140.62 -12.06
CA GLU GA 237 137.54 -140.40 -11.89
C GLU GA 237 137.34 -139.40 -10.77
N ASN GA 238 137.40 -138.12 -11.13
CA ASN GA 238 137.23 -137.02 -10.20
C ASN GA 238 136.31 -136.00 -10.82
N SER GA 239 136.20 -134.83 -10.19
CA SER GA 239 135.36 -133.75 -10.67
C SER GA 239 136.16 -132.46 -10.71
N ARG GA 240 135.66 -131.49 -11.48
CA ARG GA 240 136.33 -130.20 -11.54
C ARG GA 240 136.35 -129.52 -10.18
N HIS GA 241 135.27 -129.69 -9.40
CA HIS GA 241 135.25 -129.17 -8.04
C HIS GA 241 136.34 -129.81 -7.20
N GLU GA 242 136.51 -131.13 -7.32
CA GLU GA 242 137.55 -131.82 -6.57
C GLU GA 242 138.94 -131.36 -7.02
N ASP GA 243 139.12 -131.16 -8.32
CA ASP GA 243 140.43 -130.72 -8.81
C ASP GA 243 140.77 -129.32 -8.31
N GLN GA 244 139.81 -128.39 -8.37
CA GLN GA 244 140.08 -127.05 -7.88
C GLN GA 244 140.27 -127.04 -6.37
N ASN GA 245 139.55 -127.90 -5.65
CA ASN GA 245 139.78 -128.03 -4.21
C ASN GA 245 141.19 -128.55 -3.93
N TRP GA 246 141.65 -129.51 -4.73
CA TRP GA 246 143.01 -130.02 -4.58
C TRP GA 246 144.17 -129.03 -4.63
N ARG GA 247 144.20 -128.23 -5.69
CA ARG GA 247 145.28 -127.22 -5.84
C ARG GA 247 145.06 -126.11 -4.81
N ASP GA 248 143.80 -125.83 -4.46
CA ASP GA 248 143.51 -124.80 -3.43
C ASP GA 248 144.20 -125.21 -2.12
N ASN GA 249 143.96 -126.45 -1.68
CA ASN GA 249 144.59 -126.94 -0.42
C ASN GA 249 146.12 -126.95 -0.60
N LEU GA 250 146.59 -127.42 -1.75
CA LEU GA 250 148.05 -127.45 -2.03
C LEU GA 250 148.59 -126.02 -1.96
N VAL GA 251 147.90 -125.07 -2.60
CA VAL GA 251 148.33 -123.63 -2.55
C VAL GA 251 148.44 -123.22 -1.08
N ARG GA 252 147.41 -123.54 -0.27
CA ARG GA 252 147.46 -123.18 1.14
C ARG GA 252 148.59 -123.90 1.86
N GLN GA 253 148.87 -125.15 1.49
CA GLN GA 253 150.00 -125.85 2.10
C GLN GA 253 151.33 -125.24 1.71
N VAL GA 254 151.43 -124.71 0.48
CA VAL GA 254 152.69 -124.14 0.01
C VAL GA 254 153.03 -122.88 0.79
N GLN GA 255 152.02 -122.10 1.17
CA GLN GA 255 152.25 -120.81 1.82
C GLN GA 255 153.12 -120.94 3.06
N HIS GA 256 153.02 -122.06 3.77
CA HIS GA 256 153.84 -122.28 4.97
C HIS GA 256 155.17 -122.93 4.61
N SER GA 257 155.93 -122.25 3.73
CA SER GA 257 157.29 -122.71 3.30
C SER GA 257 158.24 -121.51 3.37
N GLU GA 258 159.24 -121.55 4.25
CA GLU GA 258 160.20 -120.43 4.43
C GLU GA 258 161.05 -120.26 3.16
N LEU GA 259 161.36 -119.02 2.77
CA LEU GA 259 162.20 -118.73 1.58
C LEU GA 259 163.49 -118.03 2.04
N GLU GA 260 164.44 -117.83 1.12
CA GLU GA 260 165.65 -117.05 1.40
C GLU GA 260 165.63 -115.81 0.51
N LEU GA 261 165.51 -114.64 1.14
CA LEU GA 261 165.44 -113.38 0.42
C LEU GA 261 166.76 -112.64 0.57
N VAL GA 262 167.32 -112.18 -0.54
CA VAL GA 262 168.63 -111.54 -0.58
C VAL GA 262 168.47 -110.14 -1.15
N ALA GA 263 169.00 -109.15 -0.43
CA ALA GA 263 168.95 -107.76 -0.87
C ALA GA 263 170.30 -107.36 -1.43
N ASN GA 264 170.29 -106.77 -2.62
CA ASN GA 264 171.51 -106.32 -3.27
C ASN GA 264 171.60 -104.81 -3.13
N PHE GA 265 172.60 -104.33 -2.37
CA PHE GA 265 172.82 -102.89 -2.12
C PHE GA 265 173.48 -102.22 -3.33
N ALA GA 266 174.52 -102.83 -3.90
CA ALA GA 266 175.26 -102.27 -5.05
C ALA GA 266 175.89 -103.36 -5.92
N ASP GA 267 176.23 -103.08 -7.18
CA ASP GA 267 176.91 -104.02 -8.06
C ASP GA 267 177.99 -103.26 -8.81
N ILE GA 268 179.23 -103.38 -8.38
CA ILE GA 268 180.35 -102.62 -8.90
C ILE GA 268 181.15 -103.51 -9.84
N PRO GA 269 181.54 -103.05 -11.06
CA PRO GA 269 182.31 -103.87 -12.04
C PRO GA 269 183.81 -103.65 -11.91
N LEU GA 270 184.55 -104.66 -11.44
CA LEU GA 270 186.02 -104.56 -11.35
C LEU GA 270 186.71 -105.64 -12.20
N ARG GA 271 187.89 -105.35 -12.71
CA ARG GA 271 188.68 -106.33 -13.49
C ARG GA 271 189.31 -107.35 -12.52
N LEU GA 272 189.73 -108.49 -13.04
CA LEU GA 272 190.42 -109.50 -12.20
C LEU GA 272 191.68 -108.89 -11.59
N SER GA 273 192.36 -108.04 -12.37
CA SER GA 273 193.63 -107.45 -11.89
C SER GA 273 193.38 -106.64 -10.62
N GLN GA 274 192.28 -105.89 -10.59
CA GLN GA 274 191.96 -105.13 -9.36
C GLN GA 274 191.73 -106.12 -8.23
N ILE GA 275 191.04 -107.24 -8.50
CA ILE GA 275 190.71 -108.18 -7.37
C ILE GA 275 191.96 -108.75 -6.67
N LEU GA 276 192.96 -109.20 -7.45
CA LEU GA 276 194.21 -109.66 -6.80
C LEU GA 276 195.05 -108.66 -5.98
N LYS GA 277 195.15 -107.43 -6.50
CA LYS GA 277 195.81 -106.32 -5.74
C LYS GA 277 194.88 -105.77 -4.60
N LEU GA 278 193.61 -106.17 -4.73
CA LEU GA 278 192.59 -105.67 -3.77
C LEU GA 278 193.14 -106.26 -2.47
N LYS GA 279 193.19 -105.43 -1.43
CA LYS GA 279 193.66 -105.84 -0.10
C LYS GA 279 192.89 -104.98 0.91
N PRO GA 280 192.77 -105.35 2.21
CA PRO GA 280 191.94 -104.57 3.17
C PRO GA 280 192.33 -103.10 3.23
N GLY GA 281 191.38 -102.19 3.45
CA GLY GA 281 191.58 -100.77 3.56
C GLY GA 281 191.28 -99.99 2.30
N ASP GA 282 191.12 -100.67 1.16
CA ASP GA 282 190.83 -99.97 -0.09
C ASP GA 282 189.39 -99.46 -0.10
N VAL GA 283 189.13 -98.49 -0.97
CA VAL GA 283 187.80 -97.94 -1.15
C VAL GA 283 187.42 -98.10 -2.62
N LEU GA 284 186.30 -98.77 -2.86
CA LEU GA 284 185.79 -98.98 -4.21
C LEU GA 284 184.55 -98.15 -4.40
N PRO GA 285 184.56 -97.16 -5.29
CA PRO GA 285 183.44 -96.22 -5.37
C PRO GA 285 182.18 -96.89 -5.93
N ILE GA 286 181.03 -96.52 -5.35
CA ILE GA 286 179.74 -97.02 -5.77
C ILE GA 286 178.82 -95.83 -6.02
N GLU GA 287 177.76 -96.08 -6.77
CA GLU GA 287 176.80 -95.06 -7.14
C GLU GA 287 175.63 -95.07 -6.17
N LYS GA 288 174.75 -94.08 -6.32
CA LYS GA 288 173.57 -93.99 -5.46
C LYS GA 288 172.61 -95.12 -5.77
N PRO GA 289 172.28 -95.98 -4.81
CA PRO GA 289 171.15 -96.88 -4.99
C PRO GA 289 169.83 -96.19 -4.65
N ASP GA 290 169.04 -95.84 -5.67
CA ASP GA 290 167.71 -95.23 -5.41
C ASP GA 290 166.80 -96.29 -4.80
N ARG GA 291 166.85 -97.51 -5.33
CA ARG GA 291 166.05 -98.62 -4.84
C ARG GA 291 166.90 -99.86 -4.72
N ILE GA 292 166.51 -100.74 -3.80
CA ILE GA 292 167.23 -101.97 -3.50
C ILE GA 292 166.47 -103.22 -3.95
N ILE GA 293 167.08 -103.96 -4.88
CA ILE GA 293 166.44 -105.17 -5.40
C ILE GA 293 166.59 -106.35 -4.43
N ALA GA 294 165.49 -107.02 -4.15
CA ALA GA 294 165.45 -108.19 -3.30
C ALA GA 294 165.03 -109.37 -4.15
N HIS GA 295 165.88 -110.39 -4.20
CA HIS GA 295 165.71 -111.54 -5.06
C HIS GA 295 165.82 -112.83 -4.26
N VAL GA 296 165.10 -113.85 -4.71
CA VAL GA 296 165.15 -115.19 -4.12
C VAL GA 296 165.80 -116.11 -5.13
N ASP GA 297 167.02 -116.57 -4.81
CA ASP GA 297 167.76 -117.49 -5.68
C ASP GA 297 167.94 -116.90 -7.08
N GLY GA 298 168.14 -115.58 -7.14
CA GLY GA 298 168.37 -114.93 -8.41
C GLY GA 298 167.18 -114.14 -8.92
N VAL GA 299 165.98 -114.67 -8.75
CA VAL GA 299 164.78 -114.04 -9.29
C VAL GA 299 164.39 -112.85 -8.43
N PRO GA 300 164.35 -111.64 -8.97
CA PRO GA 300 164.02 -110.47 -8.15
C PRO GA 300 162.54 -110.45 -7.79
N VAL GA 301 162.26 -110.12 -6.53
CA VAL GA 301 160.89 -110.16 -6.02
C VAL GA 301 160.44 -108.80 -5.53
N LEU GA 302 161.38 -107.99 -5.04
CA LEU GA 302 161.02 -106.75 -4.36
C LEU GA 302 162.04 -105.71 -4.82
N THR GA 303 161.61 -104.45 -4.77
CA THR GA 303 162.52 -103.30 -4.77
C THR GA 303 162.05 -102.44 -3.62
N SER GA 304 162.98 -102.05 -2.74
CA SER GA 304 162.62 -101.43 -1.48
C SER GA 304 163.83 -100.59 -1.09
N GLN GA 305 163.58 -99.54 -0.31
CA GLN GA 305 164.57 -98.53 0.02
C GLN GA 305 165.24 -99.07 1.27
N TYR GA 306 166.55 -98.88 1.36
CA TYR GA 306 167.31 -99.39 2.50
C TYR GA 306 167.06 -98.52 3.73
N GLY GA 307 167.35 -99.09 4.89
CA GLY GA 307 167.19 -98.37 6.14
C GLY GA 307 167.69 -99.20 7.30
N THR GA 308 167.63 -98.60 8.48
CA THR GA 308 168.05 -99.26 9.71
C THR GA 308 166.92 -99.14 10.72
N VAL GA 309 166.47 -100.27 11.26
CA VAL GA 309 165.40 -100.31 12.24
C VAL GA 309 165.77 -101.31 13.32
N ASN GA 310 165.65 -100.90 14.58
CA ASN GA 310 165.91 -101.77 15.73
C ASN GA 310 167.31 -102.36 15.68
N GLY GA 311 168.28 -101.56 15.21
CA GLY GA 311 169.63 -102.04 15.06
C GLY GA 311 169.81 -103.06 13.96
N GLN GA 312 168.80 -103.27 13.13
CA GLN GA 312 168.85 -104.23 12.04
C GLN GA 312 168.80 -103.51 10.71
N TYR GA 313 169.49 -104.07 9.72
CA TYR GA 313 169.38 -103.56 8.36
C TYR GA 313 167.96 -103.81 7.85
N ALA GA 314 167.24 -102.74 7.56
CA ALA GA 314 165.84 -102.84 7.19
C ALA GA 314 165.62 -102.36 5.77
N LEU GA 315 164.50 -102.80 5.19
CA LEU GA 315 164.10 -102.37 3.86
C LEU GA 315 162.64 -101.93 3.91
N ARG GA 316 162.37 -100.73 3.39
CA ARG GA 316 161.02 -100.21 3.28
C ARG GA 316 160.48 -100.63 1.92
N VAL GA 317 159.58 -101.62 1.91
CA VAL GA 317 159.11 -102.19 0.66
C VAL GA 317 158.37 -101.14 -0.14
N GLU GA 318 158.79 -100.94 -1.37
CA GLU GA 318 158.13 -100.01 -2.26
C GLU GA 318 157.26 -100.65 -3.33
N HIS GA 319 157.68 -101.80 -3.90
CA HIS GA 319 156.92 -102.39 -5.03
C HIS GA 319 157.21 -103.87 -5.23
N LEU GA 320 156.18 -104.71 -5.20
CA LEU GA 320 156.31 -106.11 -5.54
C LEU GA 320 156.41 -106.25 -7.05
N ILE GA 321 157.43 -106.96 -7.53
CA ILE GA 321 157.69 -107.01 -8.96
C ILE GA 321 156.74 -107.99 -9.63
N ASN GA 322 155.59 -107.48 -10.08
CA ASN GA 322 154.66 -108.31 -10.81
C ASN GA 322 155.11 -108.45 -12.27
N PRO GA 323 154.76 -109.58 -12.92
CA PRO GA 323 155.12 -109.78 -14.32
C PRO GA 323 154.07 -109.22 -15.28
N GLN HA 52 199.28 -123.62 -17.70
CA GLN HA 52 199.16 -122.75 -16.54
C GLN HA 52 199.58 -121.32 -16.89
N ASP HA 53 198.71 -120.60 -17.57
CA ASP HA 53 198.98 -119.23 -18.01
C ASP HA 53 198.50 -118.24 -16.95
N ILE HA 54 199.04 -117.03 -17.01
CA ILE HA 54 198.70 -116.02 -16.00
C ILE HA 54 198.20 -114.76 -16.68
N ASP HA 55 198.93 -114.27 -17.70
CA ASP HA 55 198.50 -113.07 -18.45
C ASP HA 55 197.22 -113.38 -19.25
N LEU HA 56 196.93 -114.66 -19.48
CA LEU HA 56 195.77 -115.07 -20.30
C LEU HA 56 194.46 -114.60 -19.65
N ILE HA 57 194.35 -114.72 -18.32
CA ILE HA 57 193.09 -114.37 -17.58
C ILE HA 57 193.39 -113.17 -16.67
N MET HA 58 194.51 -112.47 -16.88
CA MET HA 58 194.89 -111.36 -16.02
C MET HA 58 193.95 -110.17 -16.22
N ASP HA 59 193.17 -110.17 -17.29
CA ASP HA 59 192.36 -109.02 -17.68
C ASP HA 59 190.86 -109.31 -17.69
N ILE HA 60 190.44 -110.53 -17.39
CA ILE HA 60 189.02 -110.90 -17.47
C ILE HA 60 188.23 -110.08 -16.45
N PRO HA 61 187.08 -109.51 -16.82
CA PRO HA 61 186.30 -108.75 -15.85
C PRO HA 61 185.41 -109.64 -15.01
N VAL HA 62 185.14 -109.18 -13.78
CA VAL HA 62 184.29 -109.88 -12.84
C VAL HA 62 183.38 -108.78 -12.34
N LYS HA 63 182.20 -109.19 -11.85
CA LYS HA 63 181.19 -108.26 -11.29
C LYS HA 63 181.09 -108.56 -9.80
N LEU HA 64 181.16 -107.54 -8.95
CA LEU HA 64 181.16 -107.71 -7.51
C LEU HA 64 179.84 -107.16 -6.97
N THR HA 65 179.20 -107.92 -6.07
CA THR HA 65 177.94 -107.52 -5.48
C THR HA 65 178.13 -107.42 -3.97
N VAL HA 66 177.36 -106.53 -3.35
CA VAL HA 66 177.34 -106.36 -1.90
C VAL HA 66 175.91 -106.45 -1.39
N GLU HA 67 175.72 -107.08 -0.24
CA GLU HA 67 174.39 -107.32 0.29
C GLU HA 67 174.04 -106.42 1.45
N LEU HA 68 172.75 -106.20 1.68
CA LEU HA 68 172.33 -105.57 2.92
C LEU HA 68 172.37 -106.64 4.00
N GLY HA 69 171.73 -107.79 3.74
CA GLY HA 69 171.75 -108.87 4.70
C GLY HA 69 170.88 -110.02 4.25
N ARG HA 70 171.04 -111.14 4.96
CA ARG HA 70 170.21 -112.31 4.77
C ARG HA 70 168.89 -112.10 5.51
N THR HA 71 167.90 -112.89 5.16
CA THR HA 71 166.68 -113.02 5.95
C THR HA 71 165.97 -114.18 5.27
N ARG HA 72 165.16 -114.90 6.05
CA ARG HA 72 164.43 -116.06 5.58
C ARG HA 72 162.99 -115.85 6.04
N MET HA 73 162.06 -115.80 5.09
CA MET HA 73 160.71 -115.36 5.38
C MET HA 73 159.85 -116.14 4.38
N THR HA 74 158.69 -116.63 4.83
CA THR HA 74 157.88 -117.59 4.03
C THR HA 74 157.04 -116.90 3.01
N ILE HA 75 156.30 -117.68 2.23
CA ILE HA 75 155.41 -117.16 1.16
C ILE HA 75 154.32 -116.29 1.81
N LYS HA 76 153.80 -116.66 2.98
CA LYS HA 76 152.72 -115.91 3.65
C LYS HA 76 153.06 -114.41 3.77
N GLU HA 77 154.09 -114.03 4.53
CA GLU HA 77 154.52 -112.65 4.74
C GLU HA 77 154.92 -111.94 3.44
N LEU HA 78 155.55 -112.67 2.52
CA LEU HA 78 155.88 -112.10 1.22
C LEU HA 78 154.67 -111.64 0.41
N LEU HA 79 153.60 -112.43 0.45
CA LEU HA 79 152.37 -112.03 -0.25
C LEU HA 79 151.57 -110.89 0.37
N ARG HA 80 151.65 -110.73 1.69
CA ARG HA 80 150.97 -109.63 2.36
C ARG HA 80 151.85 -108.38 2.62
N LEU HA 81 153.02 -108.39 1.99
CA LEU HA 81 153.92 -107.23 2.08
C LEU HA 81 153.21 -106.22 1.20
N THR HA 82 153.11 -104.98 1.70
CA THR HA 82 152.41 -103.93 0.99
C THR HA 82 153.40 -102.79 0.82
N GLN HA 83 152.99 -101.72 0.16
CA GLN HA 83 153.88 -100.55 0.03
C GLN HA 83 154.08 -99.92 1.38
N GLY HA 84 155.32 -99.54 1.69
CA GLY HA 84 155.63 -98.91 2.96
C GLY HA 84 155.92 -99.90 4.06
N SER HA 85 155.68 -101.18 3.84
CA SER HA 85 155.99 -102.19 4.85
C SER HA 85 157.50 -102.33 5.02
N VAL HA 86 157.93 -102.59 6.24
CA VAL HA 86 159.35 -102.66 6.60
C VAL HA 86 159.69 -104.08 6.99
N VAL HA 87 160.77 -104.61 6.42
CA VAL HA 87 161.26 -105.95 6.73
C VAL HA 87 162.72 -105.83 7.17
N ALA HA 88 163.11 -106.55 8.22
CA ALA HA 88 164.48 -106.49 8.75
C ALA HA 88 165.42 -107.40 7.95
N LEU HA 89 166.62 -107.65 8.47
CA LEU HA 89 167.66 -108.51 7.83
C LEU HA 89 168.35 -109.21 8.99
N ASP HA 90 169.22 -110.18 8.75
CA ASP HA 90 169.88 -110.99 9.82
C ASP HA 90 171.09 -110.26 10.41
N GLY HA 91 171.50 -109.12 9.86
CA GLY HA 91 172.67 -108.38 10.33
C GLY HA 91 172.42 -107.12 11.12
N LEU HA 92 173.16 -106.99 12.23
CA LEU HA 92 173.11 -105.76 13.02
C LEU HA 92 173.64 -104.60 12.19
N ALA HA 93 173.04 -103.43 12.38
CA ALA HA 93 173.46 -102.24 11.67
C ALA HA 93 174.86 -101.85 12.13
N GLY HA 94 175.87 -102.17 11.33
CA GLY HA 94 177.24 -101.88 11.69
C GLY HA 94 178.24 -102.95 11.28
N GLU HA 95 177.78 -104.20 11.13
CA GLU HA 95 178.71 -105.23 10.69
C GLU HA 95 179.10 -104.99 9.23
N PRO HA 96 180.30 -105.43 8.83
CA PRO HA 96 180.70 -105.26 7.43
C PRO HA 96 179.87 -106.16 6.53
N LEU HA 97 179.43 -105.61 5.40
CA LEU HA 97 178.65 -106.36 4.43
C LEU HA 97 179.55 -107.35 3.69
N ASP HA 98 178.92 -108.38 3.13
CA ASP HA 98 179.70 -109.45 2.44
C ASP HA 98 179.79 -109.14 0.95
N ILE HA 99 181.01 -109.08 0.42
CA ILE HA 99 181.22 -108.84 -1.05
C ILE HA 99 181.31 -110.21 -1.72
N LEU HA 100 180.62 -110.40 -2.85
CA LEU HA 100 180.59 -111.73 -3.51
C LEU HA 100 180.82 -111.59 -5.03
N ILE HA 101 181.39 -112.64 -5.66
CA ILE HA 101 181.57 -112.64 -7.14
C ILE HA 101 180.97 -113.95 -7.68
N ASN HA 102 180.09 -113.87 -8.68
CA ASN HA 102 179.48 -115.09 -9.28
C ASN HA 102 178.89 -115.92 -8.13
N GLY HA 103 178.32 -115.26 -7.11
CA GLY HA 103 177.65 -115.94 -5.98
C GLY HA 103 178.65 -116.59 -5.04
N TYR HA 104 179.94 -116.23 -5.11
CA TYR HA 104 181.01 -116.84 -4.27
C TYR HA 104 181.60 -115.77 -3.37
N LEU HA 105 181.74 -116.03 -2.08
CA LEU HA 105 182.21 -115.00 -1.12
C LEU HA 105 183.63 -114.60 -1.54
N ILE HA 106 183.93 -113.30 -1.49
CA ILE HA 106 185.28 -112.79 -1.91
C ILE HA 106 185.82 -111.80 -0.88
N ALA HA 107 184.98 -111.04 -0.15
CA ALA HA 107 185.51 -110.00 0.72
C ALA HA 107 184.43 -109.57 1.72
N GLN HA 108 184.78 -108.59 2.56
CA GLN HA 108 183.85 -107.94 3.46
C GLN HA 108 184.20 -106.46 3.58
N GLY HA 109 183.18 -105.62 3.55
CA GLY HA 109 183.36 -104.19 3.69
C GLY HA 109 182.04 -103.47 3.87
N GLU HA 110 182.13 -102.24 4.38
CA GLU HA 110 180.96 -101.42 4.64
C GLU HA 110 180.99 -100.16 3.79
N VAL HA 111 179.84 -99.51 3.69
CA VAL HA 111 179.71 -98.28 2.93
C VAL HA 111 180.22 -97.11 3.76
N VAL HA 112 180.92 -96.18 3.12
CA VAL HA 112 181.48 -95.01 3.76
C VAL HA 112 181.15 -93.75 2.97
N VAL HA 113 180.86 -92.67 3.68
CA VAL HA 113 180.56 -91.37 3.07
C VAL HA 113 181.76 -90.43 3.18
N VAL HA 114 182.33 -90.03 2.06
CA VAL HA 114 183.54 -89.22 2.11
C VAL HA 114 183.15 -87.75 2.00
N ALA HA 115 182.62 -87.40 0.82
CA ALA HA 115 182.09 -86.04 0.60
C ALA HA 115 180.61 -86.02 0.24
N ASP HA 116 180.30 -86.37 -1.01
CA ASP HA 116 178.89 -86.52 -1.45
C ASP HA 116 178.97 -87.77 -2.33
N LYS HA 117 179.89 -88.69 -2.01
CA LYS HA 117 180.11 -89.89 -2.85
C LYS HA 117 180.16 -91.14 -1.98
N TYR HA 118 179.86 -92.31 -2.54
CA TYR HA 118 179.80 -93.55 -1.72
C TYR HA 118 180.79 -94.61 -2.20
N GLY HA 119 181.23 -95.47 -1.29
CA GLY HA 119 182.11 -96.57 -1.63
C GLY HA 119 182.22 -97.57 -0.49
N VAL HA 120 182.77 -98.73 -0.82
CA VAL HA 120 182.87 -99.82 0.14
C VAL HA 120 184.31 -99.80 0.66
N ARG HA 121 184.45 -99.85 1.97
CA ARG HA 121 185.75 -99.88 2.65
C ARG HA 121 185.95 -101.32 3.10
N ILE HA 122 186.76 -102.07 2.34
CA ILE HA 122 186.93 -103.48 2.60
C ILE HA 122 187.69 -103.67 3.91
N THR HA 123 187.18 -104.56 4.76
CA THR HA 123 187.77 -104.81 6.07
C THR HA 123 188.83 -105.90 6.03
N ASP HA 124 188.58 -106.99 5.32
CA ASP HA 124 189.52 -108.11 5.30
C ASP HA 124 189.23 -108.99 4.09
N ILE HA 125 190.11 -109.97 3.89
CA ILE HA 125 189.96 -110.98 2.85
C ILE HA 125 189.82 -112.34 3.54
N ILE HA 126 188.75 -113.05 3.20
CA ILE HA 126 188.44 -114.30 3.88
C ILE HA 126 189.32 -115.42 3.34
N THR HA 127 190.13 -115.99 4.23
CA THR HA 127 190.88 -117.20 3.92
C THR HA 127 189.92 -118.39 3.87
N PRO HA 128 190.32 -119.48 3.21
CA PRO HA 128 189.43 -120.65 3.14
C PRO HA 128 188.97 -121.16 4.49
N SER HA 129 189.86 -121.13 5.50
CA SER HA 129 189.49 -121.61 6.82
C SER HA 129 188.24 -120.90 7.31
N GLU HA 130 188.25 -119.58 7.24
CA GLU HA 130 187.04 -118.83 7.54
C GLU HA 130 185.86 -119.25 6.67
N ARG HA 131 186.09 -119.37 5.36
CA ARG HA 131 185.01 -119.83 4.46
C ARG HA 131 184.45 -121.17 4.95
N MET HA 132 185.31 -122.07 5.42
CA MET HA 132 184.84 -123.41 5.85
C MET HA 132 183.89 -123.27 7.05
N ARG HA 133 184.21 -122.38 7.99
CA ARG HA 133 183.34 -122.17 9.17
C ARG HA 133 182.07 -121.40 8.75
N ARG HA 134 182.17 -120.70 7.62
CA ARG HA 134 181.03 -119.91 7.09
C ARG HA 134 179.98 -120.97 6.70
N LEU HA 135 180.40 -121.92 5.86
CA LEU HA 135 179.51 -123.06 5.51
C LEU HA 135 179.10 -123.92 6.70
N SER HA 136 180.02 -124.14 7.64
CA SER HA 136 179.72 -125.03 8.80
C SER HA 136 178.73 -124.34 9.75
N ARG HA 137 178.74 -123.01 9.83
CA ARG HA 137 177.87 -122.37 10.82
C ARG HA 137 177.27 -121.08 10.26
N ASP IA 53 198.33 -115.31 -2.79
CA ASP IA 53 197.29 -114.47 -3.37
C ASP IA 53 196.69 -115.08 -4.63
N ILE IA 54 197.48 -115.91 -5.32
CA ILE IA 54 196.98 -116.59 -6.51
C ILE IA 54 195.90 -117.56 -6.06
N ASP IA 55 196.06 -118.15 -4.88
CA ASP IA 55 195.07 -119.09 -4.36
C ASP IA 55 193.68 -118.50 -4.26
N LEU IA 56 193.59 -117.21 -3.89
CA LEU IA 56 192.29 -116.54 -3.83
C LEU IA 56 191.52 -116.48 -5.14
N ILE IA 57 192.25 -116.21 -6.23
CA ILE IA 57 191.59 -116.06 -7.56
C ILE IA 57 191.86 -117.32 -8.40
N MET IA 58 192.11 -118.47 -7.76
CA MET IA 58 192.42 -119.67 -8.50
C MET IA 58 191.14 -120.52 -8.33
N ASP IA 59 190.24 -120.09 -7.43
CA ASP IA 59 189.04 -120.92 -7.14
C ASP IA 59 187.73 -120.25 -7.60
N ILE IA 60 187.72 -118.92 -7.78
CA ILE IA 60 186.49 -118.19 -8.13
C ILE IA 60 185.73 -118.66 -9.37
N PRO IA 61 184.38 -118.80 -9.31
CA PRO IA 61 183.57 -119.14 -10.50
C PRO IA 61 183.53 -117.99 -11.48
N VAL IA 62 183.28 -118.26 -12.76
CA VAL IA 62 183.22 -117.26 -13.81
C VAL IA 62 182.27 -117.87 -14.83
N LYS IA 63 181.69 -117.02 -15.67
CA LYS IA 63 180.70 -117.45 -16.64
C LYS IA 63 181.38 -117.52 -18.00
N LEU IA 64 181.25 -118.65 -18.69
CA LEU IA 64 181.90 -118.87 -19.97
C LEU IA 64 180.80 -118.99 -21.01
N THR IA 65 181.03 -118.40 -22.18
CA THR IA 65 180.11 -118.49 -23.31
C THR IA 65 180.91 -118.74 -24.58
N VAL IA 66 180.24 -119.27 -25.59
CA VAL IA 66 180.82 -119.39 -26.93
C VAL IA 66 179.78 -118.94 -27.93
N GLU IA 67 180.15 -118.01 -28.80
CA GLU IA 67 179.19 -117.42 -29.73
C GLU IA 67 179.40 -118.01 -31.12
N LEU IA 68 178.30 -118.43 -31.77
CA LEU IA 68 178.38 -119.13 -33.08
C LEU IA 68 178.29 -118.14 -34.25
N GLY IA 69 177.63 -116.99 -34.06
CA GLY IA 69 177.38 -116.05 -35.18
C GLY IA 69 177.54 -114.61 -34.78
N ARG IA 70 177.69 -113.72 -35.78
CA ARG IA 70 177.84 -112.26 -35.54
C ARG IA 70 177.33 -111.53 -36.80
N THR IA 71 176.33 -110.66 -36.67
CA THR IA 71 175.74 -109.94 -37.80
C THR IA 71 175.45 -108.54 -37.36
N ARG IA 72 175.57 -107.54 -38.24
CA ARG IA 72 175.19 -106.16 -37.99
C ARG IA 72 173.91 -105.84 -38.76
N MET IA 73 172.93 -105.27 -38.04
CA MET IA 73 171.63 -105.02 -38.68
C MET IA 73 171.01 -103.70 -38.23
N THR IA 74 170.12 -103.14 -39.05
CA THR IA 74 169.37 -101.92 -38.74
C THR IA 74 168.04 -102.42 -38.17
N ILE IA 75 167.15 -101.49 -37.85
CA ILE IA 75 165.89 -101.94 -37.17
C ILE IA 75 164.84 -102.26 -38.24
N LYS IA 76 164.92 -101.58 -39.37
CA LYS IA 76 164.03 -101.97 -40.47
C LYS IA 76 164.24 -103.47 -40.57
N GLU IA 77 165.51 -103.89 -40.65
CA GLU IA 77 165.80 -105.33 -40.83
C GLU IA 77 165.33 -106.16 -39.64
N LEU IA 78 165.57 -105.71 -38.40
CA LEU IA 78 165.22 -106.54 -37.22
C LEU IA 78 163.70 -106.70 -37.12
N LEU IA 79 162.95 -105.63 -37.34
CA LEU IA 79 161.47 -105.65 -37.28
C LEU IA 79 160.95 -106.54 -38.41
N ARG IA 80 161.59 -106.48 -39.58
CA ARG IA 80 161.13 -107.24 -40.76
C ARG IA 80 161.19 -108.73 -40.43
N LEU IA 81 162.22 -109.19 -39.72
CA LEU IA 81 162.28 -110.60 -39.28
C LEU IA 81 160.90 -111.00 -38.72
N THR IA 82 160.35 -112.15 -39.10
CA THR IA 82 159.08 -112.64 -38.51
C THR IA 82 159.32 -114.02 -37.93
N GLN IA 83 158.26 -114.82 -37.75
CA GLN IA 83 158.48 -116.17 -37.29
C GLN IA 83 158.95 -117.05 -38.44
N GLY IA 84 160.01 -117.81 -38.21
CA GLY IA 84 160.57 -118.65 -39.25
C GLY IA 84 161.55 -117.96 -40.18
N SER IA 85 161.78 -116.66 -40.01
CA SER IA 85 162.73 -115.96 -40.86
C SER IA 85 164.15 -116.43 -40.58
N VAL IA 86 164.92 -116.60 -41.65
CA VAL IA 86 166.30 -117.06 -41.54
C VAL IA 86 167.22 -115.84 -41.61
N VAL IA 87 168.10 -115.70 -40.63
CA VAL IA 87 169.03 -114.59 -40.56
C VAL IA 87 170.42 -115.12 -40.89
N ALA IA 88 171.02 -114.61 -41.95
CA ALA IA 88 172.36 -115.01 -42.32
C ALA IA 88 173.42 -114.47 -41.37
N LEU IA 89 174.49 -115.26 -41.20
CA LEU IA 89 175.61 -114.88 -40.35
C LEU IA 89 176.91 -114.53 -41.05
N ASP IA 90 177.50 -113.39 -40.67
CA ASP IA 90 178.76 -112.98 -41.29
C ASP IA 90 179.84 -114.09 -41.25
N GLY IA 91 179.87 -114.79 -40.11
CA GLY IA 91 180.70 -115.96 -39.99
C GLY IA 91 180.55 -117.14 -40.94
N LEU IA 92 181.62 -117.48 -41.65
CA LEU IA 92 181.57 -118.61 -42.56
C LEU IA 92 181.54 -119.92 -41.78
N ALA IA 93 181.09 -120.98 -42.45
CA ALA IA 93 181.06 -122.28 -41.80
C ALA IA 93 182.47 -122.80 -41.57
N GLY IA 94 182.69 -123.35 -40.37
CA GLY IA 94 183.97 -123.93 -40.02
C GLY IA 94 184.97 -122.98 -39.42
N GLU IA 95 184.71 -121.68 -39.43
CA GLU IA 95 185.64 -120.75 -38.83
C GLU IA 95 185.63 -120.90 -37.30
N PRO IA 96 186.70 -120.61 -36.55
CA PRO IA 96 186.71 -120.84 -35.08
C PRO IA 96 185.70 -119.93 -34.38
N LEU IA 97 184.79 -120.51 -33.57
CA LEU IA 97 183.78 -119.74 -32.80
C LEU IA 97 184.50 -118.88 -31.75
N ASP IA 98 184.05 -117.65 -31.50
CA ASP IA 98 184.68 -116.87 -30.38
C ASP IA 98 184.30 -117.52 -29.05
N ILE IA 99 185.19 -117.56 -28.07
CA ILE IA 99 184.91 -118.01 -26.71
C ILE IA 99 185.13 -116.81 -25.79
N LEU IA 100 184.10 -116.46 -25.02
CA LEU IA 100 184.09 -115.26 -24.21
C LEU IA 100 183.98 -115.63 -22.74
N ILE IA 101 184.61 -114.83 -21.89
CA ILE IA 101 184.53 -114.98 -20.45
C ILE IA 101 183.97 -113.68 -19.90
N ASN IA 102 182.74 -113.73 -19.39
CA ASN IA 102 182.03 -112.54 -18.93
C ASN IA 102 181.97 -111.48 -20.03
N GLY IA 103 181.81 -111.94 -21.26
CA GLY IA 103 181.77 -111.06 -22.41
C GLY IA 103 183.12 -110.62 -22.93
N TYR IA 104 184.21 -111.21 -22.45
CA TYR IA 104 185.56 -110.84 -22.87
C TYR IA 104 186.16 -111.99 -23.69
N LEU IA 105 186.56 -111.68 -24.92
CA LEU IA 105 187.10 -112.71 -25.80
C LEU IA 105 188.51 -113.10 -25.37
N ILE IA 106 188.75 -114.41 -25.26
CA ILE IA 106 190.08 -114.87 -24.88
C ILE IA 106 190.59 -115.93 -25.87
N ALA IA 107 189.69 -116.59 -26.58
CA ALA IA 107 190.11 -117.75 -27.35
C ALA IA 107 189.17 -117.98 -28.53
N GLN IA 108 189.64 -118.80 -29.47
CA GLN IA 108 188.87 -119.21 -30.63
C GLN IA 108 188.92 -120.72 -30.75
N GLY IA 109 187.79 -121.32 -31.10
CA GLY IA 109 187.73 -122.76 -31.28
C GLY IA 109 186.53 -123.32 -32.00
N GLU IA 110 186.72 -124.49 -32.59
CA GLU IA 110 185.64 -125.13 -33.35
C GLU IA 110 184.55 -125.81 -32.55
N VAL IA 111 183.42 -126.06 -33.19
CA VAL IA 111 182.21 -126.54 -32.52
C VAL IA 111 182.34 -128.05 -32.63
N VAL IA 112 182.03 -128.74 -31.54
CA VAL IA 112 182.01 -130.20 -31.51
C VAL IA 112 181.02 -130.62 -30.43
N VAL IA 113 180.32 -131.73 -30.67
CA VAL IA 113 179.30 -132.23 -29.74
C VAL IA 113 179.82 -133.52 -29.11
N VAL IA 114 179.75 -133.57 -27.78
CA VAL IA 114 180.27 -134.76 -27.03
C VAL IA 114 179.15 -135.30 -26.13
N ALA IA 115 178.82 -136.60 -26.26
CA ALA IA 115 177.82 -137.24 -25.36
C ALA IA 115 176.47 -136.51 -25.45
N ASP IA 116 176.09 -136.05 -26.64
CA ASP IA 116 174.77 -135.38 -26.88
C ASP IA 116 174.68 -134.03 -26.15
N LYS IA 117 175.81 -133.44 -25.79
CA LYS IA 117 175.82 -132.10 -25.13
C LYS IA 117 176.74 -131.20 -25.95
N TYR IA 118 176.32 -129.95 -26.21
CA TYR IA 118 177.18 -129.00 -26.97
C TYR IA 118 178.57 -128.85 -26.36
N GLY IA 119 179.57 -128.58 -27.20
CA GLY IA 119 180.92 -128.36 -26.71
C GLY IA 119 181.73 -127.58 -27.73
N VAL IA 120 182.98 -127.31 -27.36
CA VAL IA 120 183.88 -126.55 -28.21
C VAL IA 120 185.30 -126.96 -27.89
N ARG IA 121 186.11 -127.15 -28.93
CA ARG IA 121 187.53 -127.45 -28.80
C ARG IA 121 188.36 -126.20 -28.95
N ILE IA 122 189.17 -125.90 -27.94
CA ILE IA 122 189.96 -124.67 -27.94
C ILE IA 122 191.08 -124.80 -28.99
N THR IA 123 190.85 -124.22 -30.16
CA THR IA 123 191.87 -124.24 -31.21
C THR IA 123 193.06 -123.38 -30.81
N ASP IA 124 192.81 -122.16 -30.35
CA ASP IA 124 193.91 -121.30 -29.96
C ASP IA 124 193.42 -120.23 -29.00
N ILE IA 125 194.36 -119.60 -28.31
CA ILE IA 125 194.08 -118.43 -27.49
C ILE IA 125 194.62 -117.20 -28.20
N ILE IA 126 193.76 -116.22 -28.41
CA ILE IA 126 194.15 -115.04 -29.16
C ILE IA 126 195.03 -114.14 -28.30
N THR IA 127 196.19 -113.79 -28.83
CA THR IA 127 197.08 -112.79 -28.30
C THR IA 127 196.56 -111.40 -28.65
N PRO IA 128 196.79 -110.40 -27.79
CA PRO IA 128 196.13 -109.09 -28.02
C PRO IA 128 196.52 -108.44 -29.32
N SER IA 129 197.35 -109.07 -30.15
CA SER IA 129 197.67 -108.51 -31.45
C SER IA 129 196.40 -108.52 -32.30
N GLU IA 130 195.57 -109.57 -32.16
CA GLU IA 130 194.35 -109.70 -33.00
C GLU IA 130 193.21 -108.79 -32.49
N ARG IA 131 193.32 -108.28 -31.27
CA ARG IA 131 192.26 -107.48 -30.65
C ARG IA 131 192.13 -106.15 -31.41
N MET IA 132 193.26 -105.57 -31.81
CA MET IA 132 193.18 -104.35 -32.65
C MET IA 132 192.31 -104.69 -33.87
N ARG IA 133 192.60 -105.81 -34.52
CA ARG IA 133 191.84 -106.24 -35.73
C ARG IA 133 190.37 -106.64 -35.42
N ARG IA 134 190.09 -106.99 -34.16
CA ARG IA 134 188.71 -107.36 -33.77
C ARG IA 134 187.82 -106.10 -33.86
N LEU IA 135 188.44 -104.93 -34.02
CA LEU IA 135 187.68 -103.65 -34.13
C LEU IA 135 188.25 -102.83 -35.28
N ALA JA 37 185.44 -72.75 -16.97
CA ALA JA 37 184.06 -72.32 -16.72
C ALA JA 37 183.32 -72.09 -18.03
N VAL JA 38 183.85 -72.66 -19.11
CA VAL JA 38 183.24 -72.52 -20.43
C VAL JA 38 181.90 -73.25 -20.49
N PHE JA 39 181.84 -74.47 -19.97
CA PHE JA 39 180.61 -75.24 -20.01
C PHE JA 39 179.57 -74.62 -19.09
N GLN JA 40 178.32 -74.59 -19.55
CA GLN JA 40 177.23 -74.01 -18.79
C GLN JA 40 176.54 -75.13 -18.01
N GLN JA 41 176.24 -74.86 -16.75
CA GLN JA 41 175.72 -75.90 -15.86
C GLN JA 41 174.24 -76.16 -16.07
N LEU JA 42 173.92 -77.31 -16.64
CA LEU JA 42 172.55 -77.73 -16.89
C LEU JA 42 171.94 -78.52 -15.74
N GLY JA 43 170.70 -78.20 -15.40
CA GLY JA 43 170.02 -78.88 -14.31
C GLY JA 43 168.53 -78.69 -14.41
N GLY JA 44 167.80 -79.55 -13.71
CA GLY JA 44 166.35 -79.49 -13.74
C GLY JA 44 165.75 -79.76 -15.10
N GLY JA 45 166.32 -80.71 -15.84
CA GLY JA 45 165.83 -81.01 -17.17
C GLY JA 45 164.92 -82.22 -17.22
N ASP JA 46 164.47 -82.68 -16.06
CA ASP JA 46 163.56 -83.82 -15.98
C ASP JA 46 162.13 -83.33 -16.22
N VAL JA 47 161.86 -82.99 -17.48
CA VAL JA 47 160.55 -82.46 -17.83
C VAL JA 47 159.50 -83.55 -17.76
N SER JA 48 159.65 -84.59 -18.58
CA SER JA 48 158.72 -85.71 -18.62
C SER JA 48 159.36 -86.81 -19.44
N GLY JA 49 158.68 -87.95 -19.51
CA GLY JA 49 159.13 -89.07 -20.31
C GLY JA 49 157.98 -89.84 -20.93
N ALA JA 50 158.00 -89.99 -22.25
CA ALA JA 50 156.97 -90.75 -22.93
C ALA JA 50 157.55 -91.31 -24.23
N MET JA 51 157.34 -92.61 -24.45
CA MET JA 51 157.79 -93.24 -25.69
C MET JA 51 157.12 -92.56 -26.88
N GLN JA 52 157.91 -92.26 -27.90
CA GLN JA 52 157.39 -91.52 -29.04
C GLN JA 52 156.94 -92.57 -30.07
N ASP JA 53 157.90 -93.30 -30.64
CA ASP JA 53 157.64 -94.30 -31.65
C ASP JA 53 158.98 -94.95 -31.96
N ILE JA 54 158.95 -96.10 -32.63
CA ILE JA 54 160.15 -96.88 -32.85
C ILE JA 54 160.82 -96.62 -34.20
N ASP JA 55 160.30 -95.63 -34.94
CA ASP JA 55 160.88 -95.24 -36.21
C ASP JA 55 161.76 -94.00 -36.14
N LEU JA 56 161.73 -93.28 -35.02
CA LEU JA 56 162.64 -92.14 -34.85
C LEU JA 56 164.06 -92.72 -34.75
N ILE JA 57 164.17 -93.88 -34.11
CA ILE JA 57 165.48 -94.55 -33.85
C ILE JA 57 165.74 -95.68 -34.85
N MET JA 58 164.92 -95.83 -35.89
CA MET JA 58 165.03 -97.04 -36.76
C MET JA 58 166.37 -97.41 -37.43
N ASP JA 59 166.89 -96.53 -38.26
CA ASP JA 59 168.13 -96.86 -39.03
C ASP JA 59 169.33 -96.70 -38.09
N ILE JA 60 169.28 -97.34 -36.93
CA ILE JA 60 170.44 -97.32 -36.00
C ILE JA 60 171.00 -98.74 -36.01
N PRO JA 61 172.32 -98.95 -36.25
CA PRO JA 61 172.89 -100.31 -36.37
C PRO JA 61 172.74 -101.05 -35.05
N VAL JA 62 172.39 -102.34 -35.13
CA VAL JA 62 172.27 -103.17 -33.91
C VAL JA 62 173.37 -104.24 -34.00
N LYS JA 63 173.84 -104.71 -32.86
CA LYS JA 63 174.87 -105.75 -32.88
C LYS JA 63 174.21 -107.08 -32.58
N LEU JA 64 173.84 -107.81 -33.63
CA LEU JA 64 173.18 -109.10 -33.45
C LEU JA 64 174.21 -110.20 -33.32
N THR JA 65 173.97 -111.11 -32.38
CA THR JA 65 174.90 -112.19 -32.08
C THR JA 65 174.11 -113.41 -31.63
N VAL JA 66 174.37 -114.55 -32.29
CA VAL JA 66 173.79 -115.82 -31.89
C VAL JA 66 174.75 -116.59 -30.99
N GLU JA 67 174.23 -117.16 -29.92
CA GLU JA 67 175.06 -117.85 -28.94
C GLU JA 67 174.92 -119.37 -28.98
N LEU JA 68 176.06 -120.06 -29.03
CA LEU JA 68 176.04 -121.51 -29.20
C LEU JA 68 175.64 -122.14 -27.88
N GLY JA 69 176.27 -121.71 -26.78
CA GLY JA 69 175.98 -122.34 -25.50
C GLY JA 69 176.58 -121.59 -24.34
N ARG JA 70 176.29 -122.09 -23.14
CA ARG JA 70 176.74 -121.51 -21.90
C ARG JA 70 177.32 -122.64 -21.07
N THR JA 71 178.05 -122.28 -20.02
CA THR JA 71 178.56 -123.20 -19.04
C THR JA 71 179.12 -122.39 -17.90
N ARG JA 72 178.70 -122.69 -16.68
CA ARG JA 72 179.28 -122.09 -15.49
C ARG JA 72 180.48 -122.91 -15.08
N MET JA 73 181.65 -122.28 -15.04
CA MET JA 73 182.89 -122.98 -14.76
C MET JA 73 183.81 -122.02 -14.01
N THR JA 74 184.57 -122.56 -13.09
CA THR JA 74 185.47 -121.76 -12.28
C THR JA 74 186.87 -121.72 -12.91
N ILE JA 75 187.73 -120.90 -12.32
CA ILE JA 75 189.10 -120.78 -12.79
C ILE JA 75 189.88 -122.08 -12.61
N LYS JA 76 189.42 -122.94 -11.70
CA LYS JA 76 190.03 -124.25 -11.48
C LYS JA 76 190.30 -124.97 -12.80
N GLU JA 77 189.24 -125.30 -13.52
CA GLU JA 77 189.42 -125.95 -14.81
C GLU JA 77 189.89 -124.98 -15.87
N LEU JA 78 189.61 -123.68 -15.71
CA LEU JA 78 190.06 -122.70 -16.69
C LEU JA 78 191.50 -122.70 -17.16
N LEU JA 79 192.46 -122.74 -16.24
CA LEU JA 79 193.86 -122.82 -16.67
C LEU JA 79 194.26 -124.28 -17.03
N ARG JA 80 193.50 -125.23 -16.48
CA ARG JA 80 193.76 -126.65 -16.83
C ARG JA 80 193.59 -126.79 -18.35
N LEU JA 81 192.78 -125.92 -18.97
CA LEU JA 81 192.59 -125.96 -20.41
C LEU JA 81 193.79 -125.75 -21.32
N THR JA 82 194.02 -126.71 -22.21
CA THR JA 82 195.09 -126.65 -23.19
C THR JA 82 194.49 -126.68 -24.59
N GLN JA 83 195.36 -126.57 -25.59
CA GLN JA 83 194.92 -126.65 -26.97
C GLN JA 83 194.42 -128.05 -27.28
N GLY JA 84 193.30 -128.13 -27.98
CA GLY JA 84 192.69 -129.40 -28.29
C GLY JA 84 191.77 -129.95 -27.23
N SER JA 85 191.68 -129.30 -26.07
CA SER JA 85 190.76 -129.73 -25.04
C SER JA 85 189.32 -129.42 -25.46
N VAL JA 86 188.38 -130.12 -24.82
CA VAL JA 86 186.96 -129.98 -25.13
C VAL JA 86 186.23 -129.54 -23.87
N VAL JA 87 185.43 -128.48 -23.98
CA VAL JA 87 184.65 -127.95 -22.87
C VAL JA 87 183.18 -128.23 -23.15
N ALA JA 88 182.55 -129.00 -22.27
CA ALA JA 88 181.14 -129.30 -22.41
C ALA JA 88 180.32 -128.07 -22.03
N LEU JA 89 179.27 -127.82 -22.79
CA LEU JA 89 178.38 -126.69 -22.56
C LEU JA 89 177.09 -127.17 -21.91
N ASP JA 90 176.51 -126.30 -21.07
CA ASP JA 90 175.27 -126.66 -20.39
C ASP JA 90 174.12 -126.94 -21.35
N GLY JA 91 174.07 -126.20 -22.46
CA GLY JA 91 173.03 -126.41 -23.45
C GLY JA 91 173.05 -127.78 -24.09
N LEU JA 92 171.92 -128.46 -24.07
CA LEU JA 92 171.81 -129.76 -24.73
C LEU JA 92 171.90 -129.60 -26.23
N ALA JA 93 172.53 -130.58 -26.89
CA ALA JA 93 172.70 -130.51 -28.33
C ALA JA 93 171.36 -130.54 -29.04
N GLY JA 94 171.23 -129.70 -30.06
CA GLY JA 94 170.00 -129.61 -30.83
C GLY JA 94 168.96 -128.68 -30.26
N GLU JA 95 169.18 -128.11 -29.09
CA GLU JA 95 168.24 -127.17 -28.51
C GLU JA 95 168.29 -125.85 -29.28
N PRO JA 96 167.22 -125.06 -29.23
CA PRO JA 96 167.25 -123.75 -29.88
C PRO JA 96 168.33 -122.87 -29.28
N LEU JA 97 169.01 -122.14 -30.15
CA LEU JA 97 170.10 -121.25 -29.75
C LEU JA 97 169.53 -119.88 -29.39
N ASP JA 98 170.35 -119.09 -28.70
CA ASP JA 98 169.93 -117.80 -28.19
C ASP JA 98 170.40 -116.69 -29.13
N ILE JA 99 169.55 -115.68 -29.30
CA ILE JA 99 169.83 -114.53 -30.15
C ILE JA 99 169.82 -113.29 -29.28
N LEU JA 100 170.89 -112.50 -29.37
CA LEU JA 100 171.01 -111.28 -28.59
C LEU JA 100 171.26 -110.10 -29.52
N ILE JA 101 170.75 -108.93 -29.15
CA ILE JA 101 171.08 -107.69 -29.83
C ILE JA 101 171.73 -106.77 -28.81
N ASN JA 102 172.97 -106.37 -29.09
CA ASN JA 102 173.78 -105.60 -28.15
C ASN JA 102 173.89 -106.31 -26.81
N GLY JA 103 173.97 -107.63 -26.85
CA GLY JA 103 174.15 -108.43 -25.65
C GLY JA 103 172.91 -108.65 -24.82
N TYR JA 104 171.72 -108.32 -25.34
CA TYR JA 104 170.48 -108.50 -24.62
C TYR JA 104 169.68 -109.59 -25.32
N LEU JA 105 169.29 -110.61 -24.56
CA LEU JA 105 168.57 -111.75 -25.14
C LEU JA 105 167.17 -111.30 -25.54
N ILE JA 106 166.79 -111.59 -26.78
CA ILE JA 106 165.48 -111.22 -27.30
C ILE JA 106 164.71 -112.44 -27.78
N ALA JA 107 165.37 -113.37 -28.46
CA ALA JA 107 164.64 -114.46 -29.11
C ALA JA 107 165.46 -115.74 -29.08
N GLN JA 108 164.77 -116.84 -29.34
CA GLN JA 108 165.38 -118.16 -29.48
C GLN JA 108 165.12 -118.64 -30.90
N GLY JA 109 166.19 -119.09 -31.56
CA GLY JA 109 166.11 -119.52 -32.94
C GLY JA 109 166.72 -120.90 -33.07
N GLU JA 110 166.85 -121.33 -34.32
CA GLU JA 110 167.41 -122.64 -34.66
C GLU JA 110 168.42 -122.44 -35.78
N VAL JA 111 169.55 -123.14 -35.67
CA VAL JA 111 170.65 -122.97 -36.61
C VAL JA 111 170.41 -123.78 -37.87
N VAL JA 112 170.64 -123.16 -39.03
CA VAL JA 112 170.49 -123.81 -40.32
C VAL JA 112 171.68 -123.42 -41.20
N VAL JA 113 171.93 -124.23 -42.21
CA VAL JA 113 173.02 -124.01 -43.15
C VAL JA 113 172.41 -123.72 -44.51
N VAL JA 114 172.70 -122.52 -45.03
CA VAL JA 114 172.16 -122.12 -46.37
C VAL JA 114 173.31 -121.69 -47.29
N ALA JA 115 173.54 -122.42 -48.38
CA ALA JA 115 174.63 -122.09 -49.33
C ALA JA 115 176.01 -122.07 -48.66
N ASP JA 116 176.25 -122.98 -47.70
CA ASP JA 116 177.58 -123.09 -47.05
C ASP JA 116 177.81 -121.90 -46.11
N LYS JA 117 176.75 -121.16 -45.77
CA LYS JA 117 176.88 -120.01 -44.84
C LYS JA 117 175.99 -120.27 -43.62
N TYR JA 118 176.49 -119.97 -42.42
CA TYR JA 118 175.71 -120.27 -41.23
C TYR JA 118 174.56 -119.27 -41.09
N GLY JA 119 173.41 -119.79 -40.69
CA GLY JA 119 172.24 -118.95 -40.53
C GLY JA 119 171.35 -119.48 -39.42
N VAL JA 120 170.79 -118.56 -38.65
CA VAL JA 120 169.83 -118.89 -37.61
C VAL JA 120 168.43 -118.59 -38.13
N ARG JA 121 167.47 -119.41 -37.70
CA ARG JA 121 166.07 -119.24 -38.06
C ARG JA 121 165.30 -118.88 -36.80
N ILE JA 122 164.80 -117.64 -36.74
CA ILE JA 122 164.10 -117.18 -35.55
C ILE JA 122 162.85 -118.02 -35.34
N THR JA 123 162.71 -118.56 -34.14
CA THR JA 123 161.54 -119.38 -33.79
C THR JA 123 160.59 -118.69 -32.84
N ASP JA 124 161.06 -118.11 -31.74
CA ASP JA 124 160.12 -117.51 -30.81
C ASP JA 124 160.82 -116.47 -29.95
N ILE JA 125 160.18 -115.31 -29.79
CA ILE JA 125 160.67 -114.32 -28.84
C ILE JA 125 160.48 -114.85 -27.42
N ILE JA 126 161.54 -114.77 -26.61
CA ILE JA 126 161.47 -115.33 -25.27
C ILE JA 126 160.46 -114.56 -24.43
N THR JA 127 159.98 -115.23 -23.41
CA THR JA 127 159.01 -114.75 -22.43
C THR JA 127 159.71 -114.26 -21.18
N PRO JA 128 159.09 -113.34 -20.43
CA PRO JA 128 159.72 -112.90 -19.18
C PRO JA 128 159.98 -114.03 -18.21
N SER JA 129 159.10 -115.03 -18.16
CA SER JA 129 159.35 -116.20 -17.32
C SER JA 129 160.60 -117.01 -17.65
N GLU JA 130 160.84 -117.26 -18.93
CA GLU JA 130 162.06 -117.97 -19.33
C GLU JA 130 163.31 -117.06 -19.18
N ARG JA 131 163.09 -115.76 -19.31
CA ARG JA 131 164.17 -114.81 -19.07
C ARG JA 131 164.69 -114.98 -17.65
N MET JA 132 163.78 -114.96 -16.67
CA MET JA 132 164.18 -115.21 -15.28
C MET JA 132 164.66 -116.63 -14.98
N ARG JA 133 164.13 -117.60 -15.73
CA ARG JA 133 164.58 -118.97 -15.62
C ARG JA 133 166.05 -118.94 -16.04
N ARG JA 134 166.34 -118.23 -17.13
CA ARG JA 134 167.74 -118.08 -17.55
C ARG JA 134 168.57 -117.40 -16.48
N LEU JA 135 168.01 -116.39 -15.82
CA LEU JA 135 168.77 -115.65 -14.82
C LEU JA 135 169.17 -116.54 -13.66
N SER JA 136 168.26 -117.38 -13.18
CA SER JA 136 168.55 -118.26 -12.05
C SER JA 136 169.30 -119.51 -12.53
N LYS KA 514 70.74 -130.22 -74.42
CA LYS KA 514 71.93 -129.40 -74.58
C LYS KA 514 73.05 -130.18 -75.25
N ASP KA 515 73.10 -131.49 -74.96
CA ASP KA 515 74.13 -132.33 -75.56
C ASP KA 515 73.95 -132.44 -77.07
N GLU KA 516 72.69 -132.58 -77.53
CA GLU KA 516 72.44 -132.68 -78.95
C GLU KA 516 72.81 -131.38 -79.68
N GLN KA 517 72.48 -130.24 -79.08
CA GLN KA 517 72.84 -128.96 -79.68
C GLN KA 517 74.35 -128.79 -79.74
N LEU KA 518 75.06 -129.18 -78.68
CA LEU KA 518 76.52 -129.12 -78.68
C LEU KA 518 77.11 -130.03 -79.76
N GLN KA 519 76.54 -131.23 -79.91
CA GLN KA 519 77.02 -132.15 -80.95
C GLN KA 519 76.78 -131.58 -82.34
N GLN KA 520 75.62 -130.96 -82.57
CA GLN KA 520 75.35 -130.36 -83.87
C GLN KA 520 76.29 -129.20 -84.14
N ARG KA 521 76.55 -128.36 -83.13
CA ARG KA 521 77.49 -127.27 -83.30
C ARG KA 521 78.90 -127.79 -83.60
N ARG KA 522 79.31 -128.85 -82.92
CA ARG KA 522 80.61 -129.45 -83.17
C ARG KA 522 80.69 -130.02 -84.58
N ALA KA 523 79.61 -130.65 -85.06
CA ALA KA 523 79.61 -131.18 -86.42
C ALA KA 523 79.71 -130.06 -87.45
N ASN KA 524 78.97 -128.98 -87.24
CA ASN KA 524 79.06 -127.83 -88.15
C ASN KA 524 80.46 -127.24 -88.14
N GLN KA 525 81.06 -127.11 -86.95
CA GLN KA 525 82.41 -126.59 -86.84
C GLN KA 525 83.42 -127.50 -87.53
N ARG KA 526 83.24 -128.83 -87.40
CA ARG KA 526 84.15 -129.79 -88.01
C ARG KA 526 83.91 -129.97 -89.51
N LEU KA 527 82.76 -129.51 -90.00
CA LEU KA 527 82.42 -129.61 -91.44
C LEU KA 527 82.91 -128.34 -92.13
N GLY KA 528 82.53 -127.17 -91.61
CA GLY KA 528 82.95 -125.87 -92.18
C GLY KA 528 84.44 -125.64 -92.05
N ALA KA 529 85.08 -126.18 -91.02
CA ALA KA 529 86.55 -126.06 -90.83
C ALA KA 529 87.20 -126.98 -91.87
N GLU KA 530 86.62 -128.18 -92.07
CA GLU KA 530 87.17 -129.13 -93.07
C GLU KA 530 87.05 -128.49 -94.45
N VAL KA 531 85.92 -127.74 -94.66
CA VAL KA 531 85.72 -126.94 -95.89
C VAL KA 531 86.70 -125.77 -95.86
N MET KA 532 86.88 -125.14 -94.69
CA MET KA 532 87.79 -123.99 -94.53
C MET KA 532 89.23 -124.43 -94.83
N SER KA 533 89.61 -125.62 -94.36
CA SER KA 533 90.98 -126.15 -94.59
C SER KA 533 91.16 -126.36 -96.10
N GLN KA 534 90.14 -126.89 -96.78
CA GLN KA 534 90.19 -127.07 -98.26
C GLN KA 534 90.28 -125.68 -98.91
N ARG KA 535 89.53 -124.71 -98.39
CA ARG KA 535 89.50 -123.33 -98.94
C ARG KA 535 90.88 -122.67 -98.81
N ILE KA 536 91.58 -122.89 -97.69
CA ILE KA 536 92.89 -122.21 -97.42
C ILE KA 536 93.97 -122.85 -98.32
N ARG KA 537 93.77 -124.09 -98.77
CA ARG KA 537 94.72 -124.77 -99.64
C ARG KA 537 94.63 -124.25 -101.06
N GLU KA 538 93.42 -124.05 -101.57
CA GLU KA 538 93.26 -123.48 -102.90
C GLU KA 538 93.84 -122.08 -102.97
N MET KA 539 93.58 -121.25 -101.96
CA MET KA 539 94.09 -119.89 -101.95
C MET KA 539 95.62 -119.86 -101.87
N SER KA 540 96.22 -120.71 -101.05
CA SER KA 540 97.67 -120.76 -100.93
C SER KA 540 98.33 -121.29 -102.18
N ASP KA 541 97.71 -122.27 -102.84
CA ASP KA 541 98.19 -122.70 -104.14
C ASP KA 541 98.09 -121.60 -105.19
N ASN KA 542 97.05 -120.77 -105.10
CA ASN KA 542 96.95 -119.62 -106.01
C ASN KA 542 98.07 -118.62 -105.74
N ASP KA 543 98.35 -118.33 -104.48
CA ASP KA 543 99.36 -117.36 -104.08
C ASP KA 543 100.05 -117.83 -102.82
N PRO KA 544 101.24 -118.43 -102.93
CA PRO KA 544 101.94 -118.90 -101.72
C PRO KA 544 102.64 -117.78 -100.97
N ARG KA 545 103.20 -116.80 -101.66
CA ARG KA 545 103.93 -115.73 -100.98
C ARG KA 545 103.00 -114.76 -100.28
N VAL KA 546 101.76 -114.61 -100.76
CA VAL KA 546 100.82 -113.70 -100.15
C VAL KA 546 100.48 -114.14 -98.73
N VAL KA 547 100.32 -115.46 -98.53
CA VAL KA 547 100.03 -115.98 -97.21
C VAL KA 547 101.19 -115.70 -96.25
N ALA KA 548 102.43 -115.92 -96.70
CA ALA KA 548 103.59 -115.65 -95.86
C ALA KA 548 103.68 -114.17 -95.52
N LEU KA 549 103.42 -113.30 -96.50
CA LEU KA 549 103.44 -111.87 -96.26
C LEU KA 549 102.38 -111.46 -95.25
N VAL KA 550 101.18 -112.03 -95.36
CA VAL KA 550 100.11 -111.73 -94.41
C VAL KA 550 100.48 -112.21 -93.01
N ILE KA 551 101.10 -113.39 -92.92
CA ILE KA 551 101.54 -113.90 -91.63
C ILE KA 551 102.58 -112.99 -91.01
N ARG KA 552 103.53 -112.53 -91.82
CA ARG KA 552 104.57 -111.62 -91.31
C ARG KA 552 103.95 -110.29 -90.87
N GLN KA 553 102.97 -109.79 -91.62
CA GLN KA 553 102.29 -108.57 -91.23
C GLN KA 553 101.52 -108.75 -89.92
N TRP KA 554 100.92 -109.92 -89.72
CA TRP KA 554 100.24 -110.21 -88.47
C TRP KA 554 101.20 -110.20 -87.30
N MET KA 555 102.38 -110.80 -87.47
CA MET KA 555 103.40 -110.79 -86.43
C MET KA 555 103.89 -109.37 -86.15
N SER KA 556 104.08 -108.57 -87.20
CA SER KA 556 104.52 -107.19 -87.01
C SER KA 556 103.48 -106.38 -86.26
N ASN KA 557 102.20 -106.57 -86.58
CA ASN KA 557 101.14 -105.86 -85.88
C ASN KA 557 100.97 -106.38 -84.45
N ASP KA 558 101.37 -107.63 -84.20
CA ASP KA 558 101.26 -108.19 -82.85
C ASP KA 558 102.17 -107.46 -81.88
N HIS KA 559 103.25 -106.86 -82.37
CA HIS KA 559 104.18 -106.12 -81.52
C HIS KA 559 103.55 -104.84 -81.00
N GLY LA 6 98.45 -113.13 -82.87
CA GLY LA 6 98.27 -113.51 -84.27
C GLY LA 6 99.26 -114.57 -84.72
N THR LA 7 100.45 -114.56 -84.10
CA THR LA 7 101.47 -115.54 -84.44
C THR LA 7 101.03 -116.96 -84.08
N ASP LA 8 100.39 -117.13 -82.93
CA ASP LA 8 99.88 -118.44 -82.54
C ASP LA 8 98.80 -118.92 -83.51
N LYS LA 9 97.92 -118.02 -83.93
CA LYS LA 9 96.91 -118.36 -84.91
C LYS LA 9 97.54 -118.75 -86.24
N SER LA 10 98.58 -118.01 -86.66
CA SER LA 10 99.27 -118.35 -87.89
C SER LA 10 99.94 -119.71 -87.79
N VAL LA 11 100.55 -120.01 -86.64
CA VAL LA 11 101.17 -121.31 -86.46
C VAL LA 11 100.13 -122.43 -86.50
N ILE LA 12 98.98 -122.21 -85.86
CA ILE LA 12 97.92 -123.21 -85.88
C ILE LA 12 97.41 -123.43 -87.30
N LEU LA 13 97.23 -122.35 -88.06
CA LEU LA 13 96.78 -122.47 -89.44
C LEU LA 13 97.80 -123.21 -90.30
N LEU LA 14 99.08 -122.92 -90.10
CA LEU LA 14 100.14 -123.61 -90.83
C LEU LA 14 100.16 -125.10 -90.50
N MET LA 15 100.00 -125.43 -89.22
CA MET LA 15 99.95 -126.83 -88.82
C MET LA 15 98.75 -127.54 -89.41
N THR LA 16 97.59 -126.87 -89.44
CA THR LA 16 96.39 -127.48 -90.01
C THR LA 16 96.39 -127.50 -91.53
N ILE LA 17 97.29 -126.74 -92.17
CA ILE LA 17 97.32 -126.70 -93.63
C ILE LA 17 97.93 -127.96 -94.19
N GLY LA 18 99.13 -128.30 -93.74
CA GLY LA 18 99.83 -129.48 -94.24
C GLY LA 18 101.32 -129.27 -94.32
N GLU LA 19 102.06 -130.38 -94.48
CA GLU LA 19 103.52 -130.28 -94.51
C GLU LA 19 104.02 -129.54 -95.75
N ASP LA 20 103.44 -129.84 -96.92
CA ASP LA 20 103.93 -129.25 -98.17
C ASP LA 20 103.63 -127.77 -98.22
N ARG LA 21 102.40 -127.38 -97.88
CA ARG LA 21 102.03 -125.97 -97.90
C ARG LA 21 102.85 -125.17 -96.90
N ALA LA 22 103.03 -125.71 -95.69
CA ALA LA 22 103.83 -125.04 -94.68
C ALA LA 22 105.28 -124.91 -95.12
N ALA LA 23 105.83 -125.95 -95.75
CA ALA LA 23 107.20 -125.89 -96.24
C ALA LA 23 107.35 -124.82 -97.32
N GLU LA 24 106.38 -124.74 -98.23
CA GLU LA 24 106.42 -123.71 -99.27
C GLU LA 24 106.32 -122.31 -98.66
N VAL LA 25 105.45 -122.15 -97.67
CA VAL LA 25 105.31 -120.84 -97.01
C VAL LA 25 106.61 -120.46 -96.31
N PHE LA 26 107.23 -121.42 -95.61
CA PHE LA 26 108.51 -121.15 -94.95
C PHE LA 26 109.59 -120.79 -95.96
N LYS LA 27 109.63 -121.49 -97.09
CA LYS LA 27 110.55 -121.13 -98.15
C LYS LA 27 110.26 -119.73 -98.70
N HIS LA 28 109.02 -119.28 -98.63
CA HIS LA 28 108.65 -117.92 -99.00
C HIS LA 28 108.57 -116.99 -97.80
N LEU LA 29 109.26 -117.33 -96.72
CA LEU LA 29 109.22 -116.55 -95.49
C LEU LA 29 110.64 -116.23 -95.03
N SER LA 30 110.76 -115.18 -94.22
CA SER LA 30 112.04 -114.74 -93.70
C SER LA 30 112.56 -115.71 -92.65
N THR LA 31 113.87 -115.60 -92.35
CA THR LA 31 114.53 -116.51 -91.43
C THR LA 31 113.94 -116.40 -90.02
N ARG LA 32 113.81 -115.19 -89.51
CA ARG LA 32 113.26 -114.99 -88.17
C ARG LA 32 111.81 -115.48 -88.09
N GLU LA 33 111.02 -115.14 -89.11
CA GLU LA 33 109.62 -115.56 -89.14
C GLU LA 33 109.52 -117.09 -89.23
N VAL LA 34 110.37 -117.70 -90.06
CA VAL LA 34 110.34 -119.16 -90.21
C VAL LA 34 110.71 -119.83 -88.89
N GLN LA 35 111.75 -119.32 -88.22
CA GLN LA 35 112.17 -119.88 -86.95
C GLN LA 35 111.08 -119.75 -85.90
N ALA LA 36 110.45 -118.57 -85.83
CA ALA LA 36 109.38 -118.36 -84.85
C ALA LA 36 108.20 -119.28 -85.12
N LEU LA 37 107.83 -119.43 -86.39
CA LEU LA 37 106.71 -120.30 -86.74
C LEU LA 37 107.02 -121.77 -86.42
N SER LA 38 108.25 -122.21 -86.71
CA SER LA 38 108.63 -123.58 -86.41
C SER LA 38 108.64 -123.83 -84.90
N THR LA 39 109.14 -122.86 -84.12
CA THR LA 39 109.21 -123.03 -82.68
C THR LA 39 107.82 -123.03 -82.05
N ALA LA 40 106.99 -122.05 -82.40
CA ALA LA 40 105.70 -121.88 -81.75
C ALA LA 40 104.75 -123.04 -82.03
N MET LA 41 104.74 -123.51 -83.28
CA MET LA 41 103.80 -124.57 -83.68
C MET LA 41 104.04 -125.84 -82.88
N ALA LA 42 105.29 -126.27 -82.77
CA ALA LA 42 105.61 -127.48 -82.02
C ALA LA 42 105.62 -127.22 -80.51
N ASN LA 43 105.87 -125.96 -80.13
CA ASN LA 43 105.96 -125.61 -78.68
C ASN LA 43 104.65 -125.68 -77.90
N VAL LA 44 103.72 -124.76 -78.18
CA VAL LA 44 102.39 -124.80 -77.52
C VAL LA 44 101.44 -124.46 -78.67
N ARG LA 45 100.44 -125.33 -78.90
CA ARG LA 45 99.44 -125.06 -79.98
C ARG LA 45 98.07 -124.88 -79.33
N GLN LA 46 97.37 -123.80 -79.67
CA GLN LA 46 96.03 -123.53 -79.08
C GLN LA 46 94.99 -123.54 -80.20
N ILE LA 47 93.88 -124.27 -79.99
CA ILE LA 47 92.77 -124.28 -81.00
C ILE LA 47 91.51 -123.72 -80.34
N SER LA 48 90.86 -122.74 -80.97
CA SER LA 48 89.65 -122.11 -80.38
C SER LA 48 88.44 -122.37 -81.29
N ASN LA 49 87.34 -122.87 -80.71
CA ASN LA 49 86.13 -123.18 -81.51
C ASN LA 49 85.62 -121.90 -82.19
N LYS LA 50 85.72 -120.76 -81.49
CA LYS LA 50 85.18 -119.50 -82.05
C LYS LA 50 86.28 -118.47 -82.31
N GLN LA 51 87.16 -118.22 -81.34
CA GLN LA 51 88.14 -117.16 -81.54
C GLN LA 51 89.02 -117.41 -82.75
N LEU LA 52 89.47 -118.65 -82.95
CA LEU LA 52 90.29 -118.97 -84.10
C LEU LA 52 89.53 -118.77 -85.40
N THR LA 53 88.27 -119.19 -85.45
CA THR LA 53 87.46 -118.98 -86.65
C THR LA 53 87.22 -117.50 -86.92
N ASP LA 54 86.94 -116.71 -85.87
CA ASP LA 54 86.75 -115.28 -86.06
C ASP LA 54 88.02 -114.62 -86.58
N VAL LA 55 89.17 -114.99 -86.01
CA VAL LA 55 90.44 -114.43 -86.47
C VAL LA 55 90.72 -114.82 -87.90
N LEU LA 56 90.46 -116.07 -88.27
CA LEU LA 56 90.68 -116.51 -89.65
C LEU LA 56 89.79 -115.75 -90.62
N SER LA 57 88.51 -115.56 -90.25
CA SER LA 57 87.60 -114.81 -91.11
C SER LA 57 88.06 -113.36 -91.26
N GLU LA 58 88.50 -112.74 -90.15
CA GLU LA 58 88.98 -111.37 -90.22
C GLU LA 58 90.22 -111.26 -91.11
N PHE LA 59 91.14 -112.21 -90.99
CA PHE LA 59 92.35 -112.21 -91.82
C PHE LA 59 91.99 -112.39 -93.29
N GLU LA 60 91.07 -113.30 -93.58
CA GLU LA 60 90.68 -113.55 -94.98
C GLU LA 60 89.96 -112.35 -95.58
N GLN LA 61 89.32 -111.56 -94.73
CA GLN LA 61 88.53 -110.41 -95.27
C GLN LA 61 89.30 -109.08 -95.08
N GLU LA 62 90.44 -109.10 -94.38
CA GLU LA 62 91.11 -107.81 -94.07
C GLU LA 62 91.56 -107.05 -95.33
N ALA LA 63 92.17 -107.71 -96.32
CA ALA LA 63 92.50 -107.00 -97.58
C ALA LA 63 92.65 -107.96 -98.76
N GLU LA 64 92.43 -107.47 -100.00
CA GLU LA 64 92.72 -108.30 -101.20
C GLU LA 64 94.09 -107.91 -101.76
N GLN LA 65 94.77 -106.93 -101.14
CA GLN LA 65 96.06 -106.40 -101.66
C GLN LA 65 97.16 -107.47 -101.68
N PHE LA 66 97.22 -108.32 -100.64
CA PHE LA 66 98.32 -109.31 -100.54
C PHE LA 66 98.28 -110.28 -101.71
N ALA LA 67 97.10 -110.70 -102.15
CA ALA LA 67 97.01 -111.74 -103.19
C ALA LA 67 97.69 -111.31 -104.50
N ALA LA 68 97.53 -110.05 -104.93
CA ALA LA 68 98.05 -109.64 -106.25
C ALA LA 68 99.51 -109.16 -106.20
N LEU LA 69 99.79 -108.05 -105.51
CA LEU LA 69 101.12 -107.46 -105.51
C LEU LA 69 102.17 -108.49 -105.09
N ASN LA 70 101.87 -109.28 -104.06
CA ASN LA 70 102.82 -110.27 -103.58
C ASN LA 70 102.93 -111.47 -104.51
N ILE LA 71 101.93 -111.69 -105.38
CA ILE LA 71 101.96 -112.80 -106.30
C ILE LA 71 103.13 -112.66 -107.27
N ASN LA 72 103.29 -111.46 -107.83
CA ASN LA 72 104.37 -111.16 -108.75
C ASN LA 72 104.86 -109.74 -108.51
N ALA LA 73 105.97 -109.63 -107.74
CA ALA LA 73 106.57 -108.32 -107.48
C ALA LA 73 107.98 -108.24 -108.05
N ASN LA 74 108.84 -109.20 -107.67
CA ASN LA 74 110.22 -109.17 -108.14
C ASN LA 74 110.33 -109.58 -109.61
N GLU LA 75 109.55 -110.58 -110.03
CA GLU LA 75 109.61 -111.03 -111.42
C GLU LA 75 109.16 -109.93 -112.37
N TYR LA 76 108.09 -109.22 -112.01
CA TYR LA 76 107.61 -108.13 -112.85
C TYR LA 76 108.66 -107.01 -112.95
N LEU LA 77 109.29 -106.66 -111.82
CA LEU LA 77 110.32 -105.64 -111.85
C LEU LA 77 111.50 -106.05 -112.70
N ARG LA 78 111.92 -107.31 -112.59
CA ARG LA 78 113.02 -107.81 -113.40
C ARG LA 78 112.67 -107.78 -114.88
N SER LA 79 111.46 -108.21 -115.25
CA SER LA 79 111.04 -108.18 -116.64
C SER LA 79 110.99 -106.75 -117.18
N VAL LA 80 110.49 -105.82 -116.36
CA VAL LA 80 110.43 -104.42 -116.77
C VAL LA 80 111.83 -103.86 -116.97
N LEU LA 81 112.76 -104.19 -116.07
CA LEU LA 81 114.13 -103.72 -116.21
C LEU LA 81 114.78 -104.29 -117.46
N VAL LA 82 114.53 -105.57 -117.75
CA VAL LA 82 115.11 -106.20 -118.93
C VAL LA 82 114.57 -105.56 -120.20
N LYS LA 83 113.26 -105.33 -120.24
CA LYS LA 83 112.64 -104.81 -121.46
C LYS LA 83 112.87 -103.32 -121.64
N ALA LA 84 113.19 -102.62 -120.54
CA ALA LA 84 113.26 -101.16 -120.59
C ALA LA 84 114.51 -100.68 -121.33
N LEU LA 85 115.69 -101.01 -120.82
CA LEU LA 85 116.94 -100.52 -121.38
C LEU LA 85 117.73 -101.66 -122.04
N GLY LA 86 118.00 -102.74 -121.31
CA GLY LA 86 118.76 -103.84 -121.87
C GLY LA 86 119.21 -104.78 -120.78
N GLU LA 87 119.80 -105.90 -121.19
CA GLU LA 87 120.27 -106.89 -120.23
C GLU LA 87 121.36 -106.33 -119.33
N GLU LA 88 122.29 -105.56 -119.91
CA GLU LA 88 123.38 -104.98 -119.11
C GLU LA 88 122.86 -103.99 -118.08
N ARG LA 89 121.92 -103.13 -118.47
CA ARG LA 89 121.35 -102.18 -117.52
C ARG LA 89 120.41 -102.84 -116.54
N ALA LA 90 119.72 -103.90 -116.97
CA ALA LA 90 118.84 -104.64 -116.06
C ALA LA 90 119.62 -105.27 -114.93
N SER LA 91 120.81 -105.80 -115.24
CA SER LA 91 121.65 -106.39 -114.20
C SER LA 91 122.04 -105.34 -113.17
N SER LA 92 122.44 -104.15 -113.63
CA SER LA 92 122.81 -103.09 -112.69
C SER LA 92 121.62 -102.64 -111.85
N LEU LA 93 120.44 -102.52 -112.48
CA LEU LA 93 119.25 -102.12 -111.74
C LEU LA 93 118.88 -103.16 -110.68
N LEU LA 94 118.95 -104.44 -111.05
CA LEU LA 94 118.65 -105.50 -110.08
C LEU LA 94 119.67 -105.53 -108.96
N GLU LA 95 120.95 -105.31 -109.28
CA GLU LA 95 121.97 -105.25 -108.25
C GLU LA 95 121.71 -104.10 -107.28
N ASP LA 96 121.35 -102.93 -107.82
CA ASP LA 96 121.03 -101.79 -106.95
C ASP LA 96 119.82 -102.08 -106.08
N ILE LA 97 118.79 -102.71 -106.64
CA ILE LA 97 117.59 -103.03 -105.87
C ILE LA 97 117.93 -104.01 -104.75
N LEU LA 98 118.74 -105.02 -105.05
CA LEU LA 98 119.14 -105.97 -104.02
C LEU LA 98 119.99 -105.30 -102.95
N GLU LA 99 120.90 -104.40 -103.36
CA GLU LA 99 121.76 -103.73 -102.40
C GLU LA 99 120.98 -102.73 -101.56
N THR LA 100 119.79 -102.32 -102.01
CA THR LA 100 118.95 -101.45 -101.21
C THR LA 100 118.60 -102.11 -99.87
N ARG LA 101 118.47 -103.43 -99.85
CA ARG LA 101 118.25 -104.18 -98.62
C ARG LA 101 119.60 -104.71 -98.15
N ASP LA 102 120.14 -104.09 -97.11
CA ASP LA 102 121.46 -104.43 -96.58
C ASP LA 102 121.31 -105.47 -95.47
N THR LA 103 122.44 -105.82 -94.86
CA THR LA 103 122.50 -106.81 -93.78
C THR LA 103 123.05 -106.16 -92.53
N THR LA 104 122.51 -106.55 -91.38
CA THR LA 104 122.93 -105.94 -90.12
C THR LA 104 124.29 -106.47 -89.67
N SER LA 105 124.38 -107.78 -89.45
CA SER LA 105 125.64 -108.37 -89.00
C SER LA 105 126.70 -108.25 -90.09
N GLY LA 106 127.90 -107.85 -89.67
CA GLY LA 106 128.97 -107.58 -90.63
C GLY LA 106 129.43 -108.79 -91.41
N ILE LA 107 129.21 -109.99 -90.88
CA ILE LA 107 129.65 -111.19 -91.58
C ILE LA 107 128.95 -111.31 -92.93
N GLU LA 108 127.63 -111.09 -92.94
CA GLU LA 108 126.91 -111.09 -94.22
C GLU LA 108 127.28 -109.90 -95.07
N THR LA 109 127.60 -108.75 -94.46
CA THR LA 109 128.05 -107.60 -95.24
C THR LA 109 129.36 -107.89 -95.94
N LEU LA 110 130.16 -108.82 -95.41
CA LEU LA 110 131.38 -109.22 -96.10
C LEU LA 110 131.25 -109.81 -97.50
N ASN LA 111 130.11 -110.46 -97.81
CA ASN LA 111 129.88 -111.00 -99.18
C ASN LA 111 129.39 -109.97 -100.21
N PHE LA 112 129.21 -108.70 -99.80
CA PHE LA 112 128.83 -107.63 -100.76
C PHE LA 112 130.10 -106.86 -101.12
N MET LA 113 131.22 -107.21 -100.49
CA MET LA 113 132.50 -106.57 -100.73
C MET LA 113 133.10 -107.31 -101.92
N GLU LA 114 134.06 -106.65 -102.56
CA GLU LA 114 134.79 -107.29 -103.65
C GLU LA 114 135.61 -108.45 -103.10
N PRO LA 115 135.75 -109.54 -103.88
CA PRO LA 115 136.55 -110.67 -103.40
C PRO LA 115 137.96 -110.37 -102.93
N GLN LA 116 138.69 -109.50 -103.62
CA GLN LA 116 140.05 -109.19 -103.22
C GLN LA 116 140.11 -108.37 -101.92
N SER LA 117 139.13 -107.47 -101.75
CA SER LA 117 139.11 -106.66 -100.53
C SER LA 117 138.88 -107.61 -99.36
N ALA LA 118 137.93 -108.53 -99.49
CA ALA LA 118 137.69 -109.48 -98.41
C ALA LA 118 138.88 -110.39 -98.20
N ALA LA 119 139.51 -110.85 -99.29
CA ALA LA 119 140.67 -111.72 -99.17
C ALA LA 119 141.81 -111.01 -98.46
N ASP LA 120 142.03 -109.73 -98.77
CA ASP LA 120 143.05 -108.97 -98.05
C ASP LA 120 142.66 -108.74 -96.60
N LEU LA 121 141.37 -108.54 -96.33
CA LEU LA 121 140.92 -108.25 -94.97
C LEU LA 121 141.10 -109.46 -94.06
N ILE LA 122 140.77 -110.66 -94.54
CA ILE LA 122 140.75 -111.84 -93.68
C ILE LA 122 141.93 -112.76 -93.93
N ARG LA 123 142.93 -112.35 -94.72
CA ARG LA 123 144.08 -113.21 -94.95
C ARG LA 123 144.88 -113.42 -93.67
N ASP LA 124 145.05 -112.37 -92.87
CA ASP LA 124 145.90 -112.45 -91.69
C ASP LA 124 145.20 -113.12 -90.51
N GLU LA 125 143.89 -113.34 -90.59
CA GLU LA 125 143.17 -113.92 -89.48
C GLU LA 125 143.56 -115.38 -89.27
N HIS LA 126 143.20 -115.89 -88.10
CA HIS LA 126 143.45 -117.29 -87.78
C HIS LA 126 142.68 -118.19 -88.74
N PRO LA 127 143.27 -119.31 -89.17
CA PRO LA 127 142.58 -120.14 -90.17
C PRO LA 127 141.19 -120.59 -89.76
N GLN LA 128 140.99 -120.91 -88.48
CA GLN LA 128 139.65 -121.28 -88.03
C GLN LA 128 138.66 -120.13 -88.14
N ILE LA 129 139.11 -118.91 -87.86
CA ILE LA 129 138.22 -117.75 -88.01
C ILE LA 129 137.88 -117.52 -89.49
N ILE LA 130 138.87 -117.73 -90.37
CA ILE LA 130 138.60 -117.65 -91.80
C ILE LA 130 137.54 -118.67 -92.17
N ALA LA 131 137.70 -119.90 -91.68
CA ALA LA 131 136.75 -120.96 -91.99
C ALA LA 131 135.35 -120.60 -91.49
N THR LA 132 135.26 -120.08 -90.27
CA THR LA 132 133.97 -119.68 -89.73
C THR LA 132 133.33 -118.59 -90.58
N ILE LA 133 134.13 -117.62 -91.01
CA ILE LA 133 133.59 -116.56 -91.91
C ILE LA 133 133.06 -117.21 -93.19
N LEU LA 134 133.78 -118.17 -93.75
CA LEU LA 134 133.40 -118.76 -95.07
C LEU LA 134 132.05 -119.47 -95.04
N VAL LA 135 131.73 -120.23 -93.97
CA VAL LA 135 130.47 -121.02 -93.98
C VAL LA 135 129.34 -120.01 -93.74
N HIS LA 136 129.63 -118.89 -93.08
CA HIS LA 136 128.60 -117.84 -92.90
C HIS LA 136 128.52 -116.98 -94.17
N LEU LA 137 129.61 -116.92 -94.93
CA LEU LA 137 129.63 -116.12 -96.18
C LEU LA 137 128.93 -116.91 -97.31
N LYS LA 138 128.47 -116.20 -98.34
CA LYS LA 138 127.82 -116.86 -99.50
C LYS LA 138 128.85 -117.80 -100.15
N ARG LA 139 128.41 -118.96 -100.63
CA ARG LA 139 129.35 -119.97 -101.18
C ARG LA 139 130.13 -119.38 -102.37
N SER LA 140 129.44 -118.71 -103.30
CA SER LA 140 130.13 -118.19 -104.51
C SER LA 140 131.29 -117.29 -104.07
N GLN LA 141 131.04 -116.37 -103.13
CA GLN LA 141 132.07 -115.41 -102.69
C GLN LA 141 133.22 -116.19 -102.07
N ALA LA 142 132.90 -117.12 -101.16
CA ALA LA 142 133.93 -117.88 -100.47
C ALA LA 142 134.84 -118.60 -101.45
N ALA LA 143 134.27 -119.14 -102.53
CA ALA LA 143 135.09 -119.80 -103.55
C ALA LA 143 136.06 -118.83 -104.19
N ASP LA 144 135.60 -117.62 -104.52
CA ASP LA 144 136.49 -116.62 -105.09
C ASP LA 144 137.58 -116.23 -104.11
N ILE LA 145 137.22 -116.07 -102.84
CA ILE LA 145 138.20 -115.71 -101.81
C ILE LA 145 139.31 -116.74 -101.69
N LEU LA 146 138.93 -118.03 -101.65
CA LEU LA 146 139.93 -119.09 -101.58
C LEU LA 146 140.78 -119.16 -102.85
N ALA LA 147 140.18 -118.83 -103.99
CA ALA LA 147 140.94 -118.77 -105.23
C ALA LA 147 142.05 -117.73 -105.12
N LEU LA 148 141.74 -116.60 -104.48
CA LEU LA 148 142.75 -115.51 -104.32
C LEU LA 148 143.73 -115.89 -103.20
N PHE LA 149 143.39 -116.87 -102.37
CA PHE LA 149 144.25 -117.22 -101.20
C PHE LA 149 145.43 -118.07 -101.64
N ASP LA 150 146.57 -117.93 -100.95
CA ASP LA 150 147.72 -118.78 -101.23
C ASP LA 150 147.32 -120.24 -101.11
N GLU LA 151 148.03 -121.10 -101.84
CA GLU LA 151 147.66 -122.50 -101.92
C GLU LA 151 147.75 -123.19 -100.56
N ARG LA 152 148.77 -122.85 -99.76
CA ARG LA 152 148.88 -123.43 -98.42
C ARG LA 152 147.69 -123.02 -97.55
N LEU LA 153 147.40 -121.73 -97.50
CA LEU LA 153 146.24 -121.25 -96.75
C LEU LA 153 144.96 -121.80 -97.33
N ARG LA 154 144.88 -121.92 -98.66
CA ARG LA 154 143.69 -122.47 -99.29
C ARG LA 154 143.44 -123.90 -98.82
N HIS LA 155 144.46 -124.75 -98.87
CA HIS LA 155 144.30 -126.13 -98.43
C HIS LA 155 143.97 -126.21 -96.94
N ASP LA 156 144.65 -125.39 -96.12
CA ASP LA 156 144.40 -125.43 -94.68
C ASP LA 156 142.95 -125.05 -94.39
N VAL LA 157 142.48 -123.96 -95.00
CA VAL LA 157 141.13 -123.48 -94.74
C VAL LA 157 140.10 -124.48 -95.26
N MET LA 158 140.36 -125.09 -96.42
CA MET LA 158 139.44 -126.10 -96.93
C MET LA 158 139.36 -127.29 -95.99
N LEU LA 159 140.50 -127.72 -95.45
CA LEU LA 159 140.50 -128.82 -94.50
C LEU LA 159 139.70 -128.45 -93.24
N ARG LA 160 139.87 -127.22 -92.76
CA ARG LA 160 139.09 -126.78 -91.61
C ARG LA 160 137.61 -126.75 -91.93
N ILE LA 161 137.25 -126.36 -93.16
CA ILE LA 161 135.86 -126.35 -93.58
C ILE LA 161 135.29 -127.76 -93.55
N ALA LA 162 136.07 -128.75 -94.01
CA ALA LA 162 135.59 -130.12 -94.07
C ALA LA 162 135.24 -130.66 -92.68
N THR LA 163 136.09 -130.37 -91.69
CA THR LA 163 135.93 -130.92 -90.34
C THR LA 163 135.49 -129.87 -89.32
N PHE LA 164 134.62 -128.93 -89.73
CA PHE LA 164 134.15 -127.91 -88.82
C PHE LA 164 133.35 -128.54 -87.67
N GLY LA 165 133.47 -127.94 -86.50
CA GLY LA 165 132.85 -128.51 -85.30
C GLY LA 165 131.99 -127.56 -84.50
N GLY LA 166 131.61 -126.44 -85.08
CA GLY LA 166 130.72 -125.51 -84.39
C GLY LA 166 131.34 -124.52 -83.45
N VAL LA 167 130.90 -123.26 -83.52
CA VAL LA 167 131.45 -122.20 -82.68
C VAL LA 167 130.73 -121.92 -81.39
N GLN LA 168 131.45 -121.41 -80.39
CA GLN LA 168 130.82 -121.04 -79.14
C GLN LA 168 130.05 -119.76 -79.49
N PRO LA 169 128.87 -119.58 -78.91
CA PRO LA 169 128.09 -118.36 -79.20
C PRO LA 169 128.82 -117.09 -78.83
N ALA LA 170 129.60 -117.11 -77.73
CA ALA LA 170 130.33 -115.92 -77.34
C ALA LA 170 131.38 -115.55 -78.37
N ALA LA 171 132.12 -116.54 -78.87
CA ALA LA 171 133.14 -116.27 -79.88
C ALA LA 171 132.51 -115.77 -81.17
N LEU LA 172 131.38 -116.35 -81.58
CA LEU LA 172 130.69 -115.89 -82.77
C LEU LA 172 130.21 -114.46 -82.61
N ALA LA 173 129.65 -114.12 -81.45
CA ALA LA 173 129.22 -112.76 -81.20
C ALA LA 173 130.41 -111.80 -81.21
N GLU LA 174 131.54 -112.23 -80.66
CA GLU LA 174 132.73 -111.39 -80.65
C GLU LA 174 133.22 -111.12 -82.07
N LEU LA 175 133.27 -112.15 -82.91
CA LEU LA 175 133.65 -111.95 -84.31
C LEU LA 175 132.66 -111.05 -85.01
N THR LA 176 131.37 -111.26 -84.73
CA THR LA 176 130.32 -110.43 -85.39
C THR LA 176 130.57 -108.98 -85.04
N GLU LA 177 130.68 -108.65 -83.76
CA GLU LA 177 130.84 -107.24 -83.34
C GLU LA 177 132.16 -106.68 -83.92
N VAL LA 178 133.23 -107.47 -83.89
CA VAL LA 178 134.54 -107.02 -84.47
C VAL LA 178 134.32 -106.71 -85.95
N LEU LA 179 133.78 -107.68 -86.70
CA LEU LA 179 133.62 -107.48 -88.14
C LEU LA 179 132.69 -106.30 -88.43
N ASN LA 180 131.69 -106.08 -87.58
CA ASN LA 180 130.80 -104.94 -87.77
C ASN LA 180 131.55 -103.63 -87.65
N GLY LA 181 132.38 -103.51 -86.61
CA GLY LA 181 133.14 -102.28 -86.42
C GLY LA 181 134.10 -101.96 -87.55
N LEU LA 182 134.41 -102.96 -88.39
CA LEU LA 182 135.33 -102.73 -89.50
C LEU LA 182 134.57 -102.37 -90.77
N LEU LA 183 133.45 -103.05 -91.02
CA LEU LA 183 132.75 -102.84 -92.31
C LEU LA 183 131.66 -101.76 -92.21
N ASP LA 184 131.02 -101.61 -91.06
CA ASP LA 184 129.89 -100.64 -91.02
C ASP LA 184 130.44 -99.23 -91.31
N GLY LA 185 131.59 -98.89 -90.74
CA GLY LA 185 132.22 -97.58 -91.04
C GLY LA 185 132.64 -97.50 -92.49
N GLN LA 186 133.19 -98.57 -93.05
CA GLN LA 186 133.70 -98.55 -94.45
C GLN LA 186 132.56 -98.41 -95.46
N ASN LA 187 132.79 -97.65 -96.54
CA ASN LA 187 131.76 -97.61 -97.62
C ASN LA 187 131.69 -99.00 -98.22
N LEU LA 188 130.49 -99.48 -98.57
CA LEU LA 188 130.39 -100.89 -99.06
C LEU LA 188 129.65 -100.94 -100.40
N LYS LA 189 129.77 -99.91 -101.26
CA LYS LA 189 129.11 -100.05 -102.56
C LYS LA 189 129.96 -99.36 -103.63
N ARG LA 190 131.04 -100.05 -104.01
CA ARG LA 190 131.89 -99.58 -105.09
C ARG LA 190 131.13 -99.61 -106.41
N SER LA 191 130.81 -98.43 -106.94
CA SER LA 191 130.04 -98.34 -108.18
C SER LA 191 130.96 -98.62 -109.36
N LYS LA 192 130.60 -99.62 -110.17
CA LYS LA 192 131.38 -100.01 -111.33
C LYS LA 192 130.67 -99.50 -112.57
N MET LA 193 131.22 -98.47 -113.19
CA MET LA 193 130.66 -97.87 -114.40
C MET LA 193 131.72 -97.95 -115.50
N GLY LA 194 131.42 -98.71 -116.56
CA GLY LA 194 132.35 -98.80 -117.71
C GLY LA 194 133.22 -100.05 -117.62
N GLY LA 195 132.86 -101.10 -118.37
CA GLY LA 195 133.65 -102.31 -118.41
C GLY LA 195 134.28 -102.49 -119.78
N VAL LA 196 133.79 -103.48 -120.52
CA VAL LA 196 134.21 -103.73 -121.88
C VAL LA 196 133.16 -103.36 -122.95
N ARG LA 197 131.89 -103.39 -122.54
CA ARG LA 197 130.81 -102.97 -123.42
C ARG LA 197 131.06 -101.48 -123.67
N THR LA 198 131.33 -100.73 -122.61
CA THR LA 198 131.59 -99.30 -122.77
C THR LA 198 132.86 -99.06 -123.58
N ALA LA 199 133.89 -99.85 -123.35
CA ALA LA 199 135.12 -99.71 -124.12
C ALA LA 199 134.88 -100.00 -125.59
N ALA LA 200 134.11 -101.04 -125.90
CA ALA LA 200 133.79 -101.35 -127.29
C ALA LA 200 132.98 -100.23 -127.93
N GLU LA 201 132.01 -99.69 -127.20
CA GLU LA 201 131.22 -98.58 -127.73
C GLU LA 201 132.09 -97.37 -128.00
N ILE LA 202 133.02 -97.06 -127.09
CA ILE LA 202 133.94 -95.94 -127.30
C ILE LA 202 134.80 -96.18 -128.53
N ILE LA 203 135.32 -97.40 -128.67
CA ILE LA 203 136.20 -97.71 -129.80
C ILE LA 203 135.45 -97.58 -131.11
N ASN LA 204 134.20 -98.07 -131.15
CA ASN LA 204 133.44 -98.12 -132.40
C ASN LA 204 133.18 -96.75 -133.01
N LEU LA 205 133.30 -95.68 -132.24
CA LEU LA 205 132.96 -94.34 -132.72
C LEU LA 205 134.16 -93.48 -133.09
N MET LA 206 135.37 -94.02 -133.10
CA MET LA 206 136.55 -93.24 -133.45
C MET LA 206 137.10 -93.70 -134.80
N LYS LA 207 138.18 -93.03 -135.21
CA LYS LA 207 138.76 -93.29 -136.52
C LYS LA 207 139.31 -94.70 -136.65
N THR LA 208 139.33 -95.21 -137.89
CA THR LA 208 139.75 -96.59 -138.13
C THR LA 208 141.21 -96.81 -137.74
N GLN LA 209 142.08 -95.86 -138.05
CA GLN LA 209 143.50 -96.02 -137.70
C GLN LA 209 143.67 -96.08 -136.19
N GLN LA 210 143.02 -95.18 -135.45
CA GLN LA 210 143.08 -95.26 -134.00
C GLN LA 210 142.40 -96.53 -133.49
N GLU LA 211 141.35 -96.99 -134.17
CA GLU LA 211 140.70 -98.24 -133.77
C GLU LA 211 141.67 -99.41 -133.84
N GLU LA 212 142.36 -99.56 -134.98
CA GLU LA 212 143.31 -100.66 -135.11
C GLU LA 212 144.48 -100.50 -134.15
N ALA LA 213 144.93 -99.27 -133.93
CA ALA LA 213 146.02 -99.06 -132.98
C ALA LA 213 145.63 -99.49 -131.58
N VAL LA 214 144.45 -99.10 -131.13
CA VAL LA 214 144.06 -99.45 -129.76
C VAL LA 214 143.78 -100.95 -129.65
N ILE LA 215 143.18 -101.58 -130.66
CA ILE LA 215 142.89 -103.01 -130.53
C ILE LA 215 144.18 -103.81 -130.53
N THR LA 216 145.16 -103.40 -131.35
CA THR LA 216 146.43 -104.13 -131.35
C THR LA 216 147.19 -103.87 -130.05
N ALA LA 217 147.07 -102.68 -129.48
CA ALA LA 217 147.69 -102.44 -128.17
C ALA LA 217 147.08 -103.32 -127.10
N VAL LA 218 145.74 -103.44 -127.11
CA VAL LA 218 145.08 -104.31 -126.14
C VAL LA 218 145.51 -105.76 -126.35
N ARG LA 219 145.58 -106.20 -127.61
CA ARG LA 219 146.00 -107.56 -127.90
C ARG LA 219 147.42 -107.81 -127.41
N GLU LA 220 148.30 -106.83 -127.56
CA GLU LA 220 149.64 -106.94 -127.00
C GLU LA 220 149.58 -107.07 -125.49
N PHE LA 221 148.73 -106.28 -124.84
CA PHE LA 221 148.57 -106.42 -123.38
C PHE LA 221 147.97 -107.76 -122.96
N ASP LA 222 146.92 -108.19 -123.65
CA ASP LA 222 146.23 -109.43 -123.35
C ASP LA 222 145.34 -109.77 -124.54
N GLY LA 223 145.56 -110.93 -125.15
CA GLY LA 223 144.76 -111.31 -126.30
C GLY LA 223 143.30 -111.60 -126.00
N GLU LA 224 143.04 -112.19 -124.83
CA GLU LA 224 141.66 -112.50 -124.47
C GLU LA 224 140.81 -111.25 -124.34
N LEU LA 225 141.36 -110.20 -123.73
CA LEU LA 225 140.62 -108.94 -123.61
C LEU LA 225 140.34 -108.35 -124.98
N ALA LA 226 141.33 -108.40 -125.88
CA ALA LA 226 141.12 -107.90 -127.23
C ALA LA 226 140.01 -108.65 -127.97
N GLN LA 227 140.00 -109.98 -127.85
CA GLN LA 227 138.95 -110.76 -128.50
C GLN LA 227 137.58 -110.47 -127.91
N LYS LA 228 137.51 -110.30 -126.59
CA LYS LA 228 136.23 -109.99 -125.96
C LYS LA 228 135.77 -108.61 -126.42
N ILE LA 229 136.69 -107.66 -126.54
CA ILE LA 229 136.35 -106.33 -127.05
C ILE LA 229 135.83 -106.42 -128.47
N ILE LA 230 136.50 -107.23 -129.31
CA ILE LA 230 136.07 -107.39 -130.69
C ILE LA 230 134.69 -108.02 -130.80
N ASP LA 231 134.39 -109.00 -129.93
CA ASP LA 231 133.09 -109.64 -129.97
C ASP LA 231 132.00 -108.67 -129.49
N GLU LA 232 132.31 -107.88 -128.48
CA GLU LA 232 131.33 -106.91 -127.98
C GLU LA 232 131.24 -105.79 -129.02
N MET LA 233 132.26 -105.64 -129.88
CA MET LA 233 132.22 -104.58 -130.87
C MET LA 233 131.02 -104.72 -131.81
N PHE LA 234 130.82 -105.92 -132.35
CA PHE LA 234 129.72 -106.20 -133.26
C PHE LA 234 128.90 -107.37 -132.72
N LEU LA 235 127.78 -107.06 -132.10
CA LEU LA 235 126.89 -108.08 -131.56
C LEU LA 235 126.05 -108.70 -132.67
N PHE LA 236 125.33 -109.77 -132.33
CA PHE LA 236 124.47 -110.43 -133.29
C PHE LA 236 123.12 -109.72 -133.39
N GLU LA 237 123.17 -108.40 -133.58
CA GLU LA 237 121.96 -107.61 -133.79
C GLU LA 237 122.12 -106.56 -134.89
N ASN LA 238 123.33 -106.25 -135.33
CA ASN LA 238 123.56 -105.28 -136.39
C ASN LA 238 123.61 -105.93 -137.77
N LEU LA 239 123.40 -107.24 -137.85
CA LEU LA 239 123.41 -107.92 -139.14
C LEU LA 239 122.31 -107.40 -140.06
N VAL LA 240 121.24 -106.82 -139.51
CA VAL LA 240 120.21 -106.22 -140.32
C VAL LA 240 120.73 -105.03 -141.11
N ASP LA 241 121.78 -104.37 -140.63
CA ASP LA 241 122.38 -103.22 -141.30
C ASP LA 241 123.44 -103.62 -142.32
N VAL LA 242 123.72 -104.90 -142.47
CA VAL LA 242 124.70 -105.36 -143.43
C VAL LA 242 124.11 -105.29 -144.83
N ASP LA 243 124.95 -104.98 -145.82
CA ASP LA 243 124.50 -104.88 -147.19
C ASP LA 243 124.11 -106.24 -147.74
N ASP LA 244 123.21 -106.22 -148.74
CA ASP LA 244 122.76 -107.47 -149.36
C ASP LA 244 123.91 -108.18 -150.06
N ARG LA 245 124.78 -107.43 -150.73
CA ARG LA 245 125.94 -108.03 -151.38
C ARG LA 245 126.86 -108.68 -150.37
N SER LA 246 127.09 -108.02 -149.23
CA SER LA 246 127.91 -108.60 -148.19
C SER LA 246 127.29 -109.88 -147.64
N ILE LA 247 125.97 -109.88 -147.45
CA ILE LA 247 125.27 -111.06 -146.98
C ILE LA 247 125.41 -112.21 -147.98
N GLN LA 248 125.26 -111.92 -149.27
CA GLN LA 248 125.41 -112.96 -150.29
C GLN LA 248 126.82 -113.50 -150.31
N ARG LA 249 127.82 -112.61 -150.18
CA ARG LA 249 129.21 -113.06 -150.17
C ARG LA 249 129.50 -113.94 -148.95
N LEU LA 250 128.97 -113.56 -147.79
CA LEU LA 250 129.20 -114.34 -146.59
C LEU LA 250 128.43 -115.66 -146.60
N LEU LA 251 127.33 -115.72 -147.36
CA LEU LA 251 126.56 -116.95 -147.43
C LEU LA 251 127.36 -118.10 -148.03
N GLN LA 252 128.34 -117.78 -148.87
CA GLN LA 252 129.16 -118.82 -149.50
C GLN LA 252 130.06 -119.53 -148.51
N GLU LA 253 130.30 -118.96 -147.33
CA GLU LA 253 131.17 -119.59 -146.33
C GLU LA 253 130.43 -119.98 -145.06
N VAL LA 254 129.10 -119.89 -145.04
CA VAL LA 254 128.30 -120.21 -143.86
C VAL LA 254 127.66 -121.57 -144.05
N ASP LA 255 127.87 -122.47 -143.09
CA ASP LA 255 127.24 -123.78 -143.16
C ASP LA 255 125.74 -123.66 -142.98
N SER LA 256 124.98 -124.46 -143.73
CA SER LA 256 123.53 -124.39 -143.66
C SER LA 256 123.01 -124.76 -142.28
N GLU LA 257 123.56 -125.81 -141.68
CA GLU LA 257 123.12 -126.23 -140.35
C GLU LA 257 123.45 -125.16 -139.30
N SER LA 258 124.68 -124.63 -139.34
CA SER LA 258 125.07 -123.61 -138.38
C SER LA 258 124.25 -122.33 -138.58
N LEU LA 259 124.02 -121.94 -139.83
CA LEU LA 259 123.20 -120.76 -140.09
C LEU LA 259 121.78 -120.95 -139.59
N LEU LA 260 121.20 -122.13 -139.82
CA LEU LA 260 119.84 -122.40 -139.35
C LEU LA 260 119.78 -122.39 -137.83
N ILE LA 261 120.79 -122.97 -137.17
CA ILE LA 261 120.82 -122.97 -135.71
C ILE LA 261 120.92 -121.55 -135.18
N ALA LA 262 121.76 -120.73 -135.79
CA ALA LA 262 121.90 -119.33 -135.35
C ALA LA 262 120.62 -118.55 -135.58
N LEU LA 263 119.95 -118.76 -136.71
CA LEU LA 263 118.76 -118.01 -137.06
C LEU LA 263 117.49 -118.58 -136.44
N LYS LA 264 117.59 -119.72 -135.73
CA LYS LA 264 116.41 -120.27 -135.08
C LYS LA 264 115.86 -119.31 -134.02
N GLY LA 265 116.73 -118.71 -133.23
CA GLY LA 265 116.35 -117.74 -132.24
C GLY LA 265 116.51 -116.29 -132.67
N ALA LA 266 116.85 -116.03 -133.92
CA ALA LA 266 117.05 -114.67 -134.40
C ALA LA 266 115.71 -113.99 -134.65
N GLU LA 267 115.75 -112.68 -134.84
CA GLU LA 267 114.54 -111.92 -135.12
C GLU LA 267 114.00 -112.28 -136.51
N PRO LA 268 112.68 -112.27 -136.69
CA PRO LA 268 112.10 -112.59 -138.00
C PRO LA 268 112.61 -111.63 -139.07
N PRO LA 269 112.79 -110.35 -138.74
CA PRO LA 269 113.37 -109.43 -139.73
C PRO LA 269 114.76 -109.82 -140.17
N LEU LA 270 115.60 -110.29 -139.26
CA LEU LA 270 116.93 -110.74 -139.63
C LEU LA 270 116.88 -111.95 -140.53
N ARG LA 271 116.00 -112.91 -140.23
CA ARG LA 271 115.85 -114.08 -141.09
C ARG LA 271 115.36 -113.70 -142.47
N GLU LA 272 114.40 -112.77 -142.55
CA GLU LA 272 113.91 -112.32 -143.85
C GLU LA 272 115.00 -111.61 -144.64
N LYS LA 273 115.79 -110.77 -143.98
CA LYS LA 273 116.88 -110.08 -144.67
C LYS LA 273 117.93 -111.05 -145.15
N PHE LA 274 118.26 -112.06 -144.35
CA PHE LA 274 119.27 -113.05 -144.70
C PHE LA 274 118.77 -114.08 -145.69
N LEU LA 275 117.45 -114.19 -145.90
CA LEU LA 275 116.88 -115.13 -146.84
C LEU LA 275 116.73 -114.56 -148.24
N ARG LA 276 117.06 -113.28 -148.43
CA ARG LA 276 116.96 -112.64 -149.74
C ARG LA 276 118.26 -112.71 -150.54
N ASN LA 277 119.30 -113.33 -149.99
CA ASN LA 277 120.58 -113.44 -150.68
C ASN LA 277 120.78 -114.80 -151.36
N MET LA 278 120.04 -115.82 -150.96
CA MET LA 278 120.18 -117.15 -151.55
C MET LA 278 119.08 -117.35 -152.60
N SER LA 279 119.03 -118.56 -153.17
CA SER LA 279 118.02 -118.87 -154.17
C SER LA 279 116.66 -119.06 -153.51
N GLN LA 280 115.61 -119.02 -154.35
CA GLN LA 280 114.25 -119.23 -153.84
C GLN LA 280 114.09 -120.63 -153.26
N ARG LA 281 114.63 -121.64 -153.93
CA ARG LA 281 114.60 -123.00 -153.40
C ARG LA 281 115.39 -123.09 -152.10
N ALA LA 282 116.56 -122.45 -152.06
CA ALA LA 282 117.36 -122.45 -150.83
C ALA LA 282 116.62 -121.75 -149.70
N ALA LA 283 115.97 -120.62 -150.00
CA ALA LA 283 115.20 -119.91 -148.98
C ALA LA 283 114.05 -120.77 -148.46
N ASP LA 284 113.34 -121.45 -149.37
CA ASP LA 284 112.24 -122.32 -148.95
C ASP LA 284 112.76 -123.47 -148.10
N ILE LA 285 113.90 -124.06 -148.48
CA ILE LA 285 114.47 -125.15 -147.69
C ILE LA 285 114.88 -124.66 -146.31
N LEU LA 286 115.49 -123.47 -146.22
CA LEU LA 286 115.87 -122.91 -144.93
C LEU LA 286 114.64 -122.65 -144.06
N ARG LA 287 113.58 -122.11 -144.66
CA ARG LA 287 112.35 -121.85 -143.91
C ARG LA 287 111.74 -123.15 -143.41
N ASP LA 288 111.71 -124.18 -144.26
CA ASP LA 288 111.17 -125.47 -143.83
C ASP LA 288 112.01 -126.08 -142.71
N ASP LA 289 113.34 -125.98 -142.81
CA ASP LA 289 114.20 -126.50 -141.76
C ASP LA 289 113.99 -125.75 -140.45
N LEU LA 290 113.86 -124.42 -140.52
CA LEU LA 290 113.61 -123.64 -139.31
C LEU LA 290 112.26 -123.99 -138.68
N ALA LA 291 111.23 -124.18 -139.51
CA ALA LA 291 109.92 -124.55 -138.98
C ALA LA 291 109.97 -125.94 -138.34
N ASN LA 292 110.68 -126.88 -138.98
CA ASN LA 292 110.76 -128.23 -138.46
C ASN LA 292 111.73 -128.38 -137.30
N ARG LA 293 112.64 -127.42 -137.12
CA ARG LA 293 113.61 -127.52 -136.04
C ARG LA 293 112.93 -127.25 -134.71
N GLY LA 294 113.15 -128.15 -133.75
CA GLY LA 294 112.63 -127.98 -132.42
C GLY LA 294 113.46 -127.05 -131.58
N PRO LA 295 112.96 -126.76 -130.37
CA PRO LA 295 113.72 -125.90 -129.46
C PRO LA 295 115.04 -126.55 -129.07
N VAL LA 296 116.07 -125.71 -128.93
CA VAL LA 296 117.41 -126.18 -128.58
C VAL LA 296 117.98 -125.24 -127.52
N ARG LA 297 118.97 -125.76 -126.78
CA ARG LA 297 119.64 -124.95 -125.78
C ARG LA 297 120.40 -123.81 -126.44
N LEU LA 298 120.41 -122.64 -125.78
CA LEU LA 298 121.06 -121.46 -126.34
C LEU LA 298 122.58 -121.58 -126.38
N SER LA 299 123.16 -122.58 -125.71
CA SER LA 299 124.62 -122.71 -125.70
C SER LA 299 125.17 -123.00 -127.09
N GLN LA 300 124.53 -123.89 -127.84
CA GLN LA 300 124.98 -124.20 -129.19
C GLN LA 300 124.60 -123.13 -130.21
N VAL LA 301 123.42 -122.53 -130.05
CA VAL LA 301 123.02 -121.44 -130.95
C VAL LA 301 123.96 -120.25 -130.80
N GLU LA 302 124.37 -119.95 -129.56
CA GLU LA 302 125.32 -118.87 -129.34
C GLU LA 302 126.65 -119.17 -130.00
N ASN LA 303 127.12 -120.41 -129.91
CA ASN LA 303 128.38 -120.77 -130.57
C ASN LA 303 128.28 -120.66 -132.08
N GLU LA 304 127.15 -121.11 -132.65
CA GLU LA 304 126.96 -120.99 -134.09
C GLU LA 304 126.92 -119.53 -134.53
N GLN LA 305 126.21 -118.69 -133.77
CA GLN LA 305 126.16 -117.27 -134.09
C GLN LA 305 127.54 -116.63 -133.96
N LYS LA 306 128.32 -117.04 -132.96
CA LYS LA 306 129.68 -116.53 -132.81
C LYS LA 306 130.55 -116.92 -133.99
N ALA LA 307 130.42 -118.17 -134.46
CA ALA LA 307 131.19 -118.61 -135.62
C ALA LA 307 130.79 -117.81 -136.86
N ILE LA 308 129.49 -117.59 -137.05
CA ILE LA 308 129.01 -116.82 -138.20
C ILE LA 308 129.54 -115.40 -138.14
N LEU LA 309 129.48 -114.78 -136.95
CA LEU LA 309 129.98 -113.42 -136.79
C LEU LA 309 131.49 -113.35 -137.01
N LEU LA 310 132.23 -114.36 -136.56
CA LEU LA 310 133.66 -114.39 -136.81
C LEU LA 310 133.97 -114.48 -138.30
N ILE LA 311 133.22 -115.32 -139.01
CA ILE LA 311 133.41 -115.42 -140.46
C ILE LA 311 133.10 -114.11 -141.15
N VAL LA 312 132.00 -113.46 -140.73
CA VAL LA 312 131.62 -112.17 -141.34
C VAL LA 312 132.69 -111.12 -141.05
N ARG LA 313 133.19 -111.09 -139.83
CA ARG LA 313 134.22 -110.12 -139.46
C ARG LA 313 135.51 -110.37 -140.24
N ARG LA 314 135.88 -111.64 -140.43
CA ARG LA 314 137.05 -111.96 -141.23
C ARG LA 314 136.88 -111.50 -142.67
N LEU LA 315 135.68 -111.72 -143.23
CA LEU LA 315 135.40 -111.28 -144.59
C LEU LA 315 135.49 -109.76 -144.70
N ALA LA 316 134.93 -109.06 -143.72
CA ALA LA 316 134.98 -107.60 -143.72
C ALA LA 316 136.41 -107.09 -143.60
N GLU LA 317 137.20 -107.71 -142.72
CA GLU LA 317 138.59 -107.30 -142.53
C GLU LA 317 139.40 -107.54 -143.80
N THR LA 318 139.12 -108.65 -144.49
CA THR LA 318 139.78 -108.92 -145.76
C THR LA 318 139.45 -107.83 -146.79
N GLY LA 319 138.19 -107.39 -146.80
CA GLY LA 319 137.77 -106.33 -147.70
C GLY LA 319 136.73 -106.78 -148.71
N GLU LA 320 136.03 -107.87 -148.39
CA GLU LA 320 135.03 -108.44 -149.27
C GLU LA 320 133.61 -108.32 -148.71
N MET LA 321 133.38 -107.34 -147.84
CA MET LA 321 132.06 -107.13 -147.25
C MET LA 321 131.92 -105.65 -146.91
N VAL LA 322 130.68 -105.21 -146.78
CA VAL LA 322 130.39 -103.82 -146.44
C VAL LA 322 129.13 -103.76 -145.59
N ILE LA 323 128.79 -102.57 -145.11
CA ILE LA 323 127.60 -102.38 -144.27
C ILE LA 323 126.80 -101.19 -144.82
N GLY LA 324 125.57 -101.03 -144.34
CA GLY LA 324 124.71 -99.95 -144.77
C GLY LA 324 123.37 -99.91 -144.07
N SER MA 33 196.23 -116.29 -57.62
CA SER MA 33 195.45 -115.06 -57.54
C SER MA 33 194.69 -114.80 -58.83
N ASP MA 34 193.36 -114.80 -58.75
CA ASP MA 34 192.52 -114.56 -59.92
C ASP MA 34 192.37 -113.05 -60.07
N ILE MA 35 192.83 -112.53 -61.21
CA ILE MA 35 192.76 -111.11 -61.50
C ILE MA 35 192.52 -110.92 -62.99
N ARG MA 36 191.33 -110.47 -63.35
CA ARG MA 36 190.98 -110.28 -64.75
C ARG MA 36 190.48 -108.85 -64.94
N PRO MA 37 190.64 -108.24 -66.15
CA PRO MA 37 190.24 -106.83 -66.39
C PRO MA 37 188.75 -106.66 -66.22
N TYR MA 38 188.34 -105.49 -65.75
CA TYR MA 38 186.94 -105.17 -65.56
C TYR MA 38 186.29 -104.88 -66.90
N ASP MA 39 185.28 -105.67 -67.26
CA ASP MA 39 184.51 -105.45 -68.47
C ASP MA 39 183.10 -105.05 -68.09
N PRO MA 40 182.65 -103.85 -68.44
CA PRO MA 40 181.26 -103.48 -68.15
C PRO MA 40 180.28 -104.36 -68.92
N ASN MA 41 179.00 -104.15 -68.63
CA ASN MA 41 177.85 -104.84 -69.21
C ASN MA 41 177.97 -106.36 -69.17
N THR MA 42 178.82 -106.91 -68.29
CA THR MA 42 178.90 -108.35 -68.13
C THR MA 42 178.02 -108.81 -66.97
N GLN MA 43 177.40 -109.97 -67.14
CA GLN MA 43 176.48 -110.51 -66.13
C GLN MA 43 177.29 -110.99 -64.95
N ARG MA 44 177.62 -110.06 -64.05
CA ARG MA 44 178.39 -110.37 -62.86
C ARG MA 44 177.57 -110.34 -61.58
N ARG MA 45 176.37 -109.77 -61.61
CA ARG MA 45 175.51 -109.69 -60.43
C ARG MA 45 174.65 -110.94 -60.37
N VAL MA 46 174.93 -111.82 -59.41
CA VAL MA 46 174.20 -113.05 -59.20
C VAL MA 46 173.52 -112.97 -57.85
N VAL MA 47 172.18 -113.04 -57.85
CA VAL MA 47 171.37 -112.98 -56.64
C VAL MA 47 170.44 -114.18 -56.68
N ARG MA 48 170.85 -115.27 -56.02
CA ARG MA 48 170.07 -116.50 -55.98
C ARG MA 48 169.39 -116.56 -54.61
N GLU MA 49 168.07 -116.70 -54.63
CA GLU MA 49 167.29 -116.72 -53.39
C GLU MA 49 166.06 -117.57 -53.65
N ARG MA 50 165.90 -118.62 -52.84
CA ARG MA 50 164.72 -119.46 -52.93
C ARG MA 50 163.48 -118.69 -52.47
N LEU MA 51 162.40 -118.81 -53.22
CA LEU MA 51 161.17 -118.06 -52.94
C LEU MA 51 160.03 -119.08 -52.75
N GLN MA 52 159.89 -119.57 -51.52
CA GLN MA 52 158.90 -120.60 -51.24
C GLN MA 52 157.48 -120.06 -51.40
N ALA MA 53 157.24 -118.85 -50.90
CA ALA MA 53 155.90 -118.21 -50.95
C ALA MA 53 155.47 -118.08 -52.41
N LEU MA 54 156.35 -117.68 -53.34
CA LEU MA 54 156.05 -117.68 -54.76
C LEU MA 54 155.90 -119.10 -55.28
N GLU MA 55 156.67 -120.03 -54.73
CA GLU MA 55 156.58 -121.43 -55.17
C GLU MA 55 155.20 -122.02 -54.89
N ILE MA 56 154.50 -121.52 -53.87
CA ILE MA 56 153.17 -122.05 -53.60
C ILE MA 56 152.11 -121.20 -54.29
N ILE MA 57 152.38 -119.90 -54.44
CA ILE MA 57 151.46 -119.05 -55.17
C ILE MA 57 151.34 -119.49 -56.61
N ASN MA 58 152.44 -119.97 -57.19
CA ASN MA 58 152.40 -120.46 -58.56
C ASN MA 58 151.45 -121.65 -58.73
N GLU MA 59 151.50 -122.62 -57.83
CA GLU MA 59 150.59 -123.76 -57.92
C GLU MA 59 149.14 -123.35 -57.65
N ARG MA 60 148.93 -122.44 -56.71
CA ARG MA 60 147.55 -121.99 -56.45
C ARG MA 60 146.99 -121.32 -57.70
N PHE MA 61 147.79 -120.44 -58.31
CA PHE MA 61 147.37 -119.78 -59.54
C PHE MA 61 147.18 -120.78 -60.66
N ALA MA 62 148.04 -121.80 -60.73
CA ALA MA 62 147.92 -122.79 -61.78
C ALA MA 62 146.62 -123.57 -61.66
N ARG MA 63 146.25 -123.94 -60.42
CA ARG MA 63 144.98 -124.63 -60.23
C ARG MA 63 143.81 -123.73 -60.61
N GLN MA 64 143.84 -122.47 -60.19
CA GLN MA 64 142.77 -121.55 -60.55
C GLN MA 64 142.67 -121.36 -62.05
N PHE MA 65 143.82 -121.23 -62.72
CA PHE MA 65 143.82 -121.02 -64.16
C PHE MA 65 143.37 -122.27 -64.92
N ARG MA 66 143.71 -123.46 -64.41
CA ARG MA 66 143.19 -124.67 -65.03
C ARG MA 66 141.68 -124.83 -65.07
N MET MA 67 141.01 -124.54 -63.96
CA MET MA 67 139.54 -124.57 -63.98
C MET MA 67 138.90 -123.42 -64.80
N GLY MA 68 139.60 -122.29 -64.83
CA GLY MA 68 139.14 -121.16 -65.63
C GLY MA 68 139.22 -121.60 -67.08
N LEU MA 69 140.32 -122.24 -67.46
CA LEU MA 69 140.48 -122.73 -68.82
C LEU MA 69 139.47 -123.83 -69.12
N PHE MA 70 139.20 -124.69 -68.15
CA PHE MA 70 138.16 -125.69 -68.34
C PHE MA 70 136.81 -125.01 -68.54
N ASN MA 71 136.52 -123.98 -67.75
CA ASN MA 71 135.27 -123.27 -67.88
C ASN MA 71 135.13 -122.61 -69.25
N LEU MA 72 136.24 -122.10 -69.80
CA LEU MA 72 136.18 -121.35 -71.05
C LEU MA 72 136.22 -122.27 -72.26
N LEU MA 73 137.31 -123.03 -72.41
CA LEU MA 73 137.53 -123.83 -73.60
C LEU MA 73 136.66 -125.08 -73.68
N ARG MA 74 135.95 -125.42 -72.61
CA ARG MA 74 135.18 -126.65 -72.54
C ARG MA 74 136.07 -127.87 -72.80
N ARG MA 75 137.30 -127.82 -72.33
CA ARG MA 75 138.25 -128.92 -72.46
C ARG MA 75 138.98 -129.09 -71.14
N SER MA 76 139.88 -130.06 -71.08
CA SER MA 76 140.60 -130.37 -69.85
C SER MA 76 142.09 -130.07 -69.99
N PRO MA 77 142.54 -128.88 -69.64
CA PRO MA 77 143.98 -128.59 -69.64
C PRO MA 77 144.74 -129.04 -68.41
N ASP MA 78 146.03 -129.29 -68.58
CA ASP MA 78 146.91 -129.57 -67.45
C ASP MA 78 148.04 -128.57 -67.51
N ILE MA 79 148.30 -127.89 -66.39
CA ILE MA 79 149.30 -126.85 -66.28
C ILE MA 79 150.39 -127.33 -65.36
N THR MA 80 151.62 -127.40 -65.88
CA THR MA 80 152.78 -127.77 -65.10
C THR MA 80 153.57 -126.51 -64.81
N VAL MA 81 153.84 -126.25 -63.53
CA VAL MA 81 154.59 -125.06 -63.14
C VAL MA 81 156.08 -125.35 -63.26
N GLY MA 82 156.77 -124.53 -64.04
CA GLY MA 82 158.20 -124.69 -64.19
C GLY MA 82 158.96 -124.06 -63.04
N ALA MA 83 160.27 -124.26 -63.06
CA ALA MA 83 161.13 -123.68 -62.03
C ALA MA 83 161.19 -122.16 -62.18
N ILE MA 84 161.06 -121.47 -61.05
CA ILE MA 84 161.17 -120.02 -61.04
C ILE MA 84 162.59 -119.63 -61.43
N ARG MA 85 162.72 -118.73 -62.40
CA ARG MA 85 164.02 -118.28 -62.87
C ARG MA 85 164.27 -116.84 -62.47
N ILE MA 86 165.37 -116.60 -61.77
CA ILE MA 86 165.79 -115.27 -61.37
C ILE MA 86 166.93 -114.81 -62.29
N GLN MA 87 166.59 -113.97 -63.25
CA GLN MA 87 167.50 -113.71 -64.36
C GLN MA 87 167.46 -112.25 -64.77
N PRO MA 88 168.51 -111.73 -65.39
CA PRO MA 88 168.46 -110.36 -65.92
C PRO MA 88 167.40 -110.24 -66.99
N TYR MA 89 166.83 -109.03 -67.09
CA TYR MA 89 165.71 -108.81 -67.99
C TYR MA 89 165.95 -109.11 -69.46
N HIS MA 90 167.17 -108.83 -69.94
CA HIS MA 90 167.53 -109.05 -71.37
C HIS MA 90 167.65 -110.55 -71.69
N GLU MA 91 167.87 -111.41 -70.69
CA GLU MA 91 167.87 -112.85 -70.87
C GLU MA 91 166.42 -113.26 -71.12
N PHE MA 92 165.51 -112.76 -70.27
CA PHE MA 92 164.09 -113.04 -70.44
C PHE MA 92 163.59 -112.52 -71.79
N ALA MA 93 164.03 -111.32 -72.17
CA ALA MA 93 163.59 -110.76 -73.44
C ALA MA 93 164.09 -111.58 -74.62
N ARG MA 94 165.37 -112.00 -74.58
CA ARG MA 94 165.93 -112.72 -75.72
C ARG MA 94 165.37 -114.14 -75.82
N ASN MA 95 165.02 -114.76 -74.68
CA ASN MA 95 164.45 -116.10 -74.75
C ASN MA 95 163.04 -116.09 -75.33
N LEU MA 96 162.36 -114.95 -75.27
CA LEU MA 96 161.00 -114.87 -75.79
C LEU MA 96 161.01 -114.95 -77.31
N PRO MA 97 159.97 -115.54 -77.91
CA PRO MA 97 159.85 -115.55 -79.36
C PRO MA 97 159.21 -114.27 -79.87
N VAL MA 98 159.22 -114.11 -81.18
CA VAL MA 98 158.67 -112.91 -81.81
C VAL MA 98 157.78 -113.32 -82.98
N PRO MA 99 156.53 -112.85 -83.03
CA PRO MA 99 155.85 -112.01 -82.04
C PRO MA 99 155.26 -112.85 -80.92
N THR MA 100 155.00 -112.21 -79.78
CA THR MA 100 154.37 -112.87 -78.61
C THR MA 100 153.53 -111.83 -77.93
N ASN MA 101 152.30 -112.12 -77.55
CA ASN MA 101 151.46 -111.20 -76.74
C ASN MA 101 152.02 -110.95 -75.34
N LEU MA 102 152.35 -109.71 -75.01
CA LEU MA 102 152.85 -109.29 -73.68
C LEU MA 102 151.75 -108.49 -72.98
N ASN MA 103 151.41 -108.71 -71.72
CA ASN MA 103 150.27 -108.03 -71.05
C ASN MA 103 150.81 -107.23 -69.86
N LEU MA 104 151.10 -105.93 -70.01
CA LEU MA 104 151.58 -105.16 -68.88
C LEU MA 104 150.49 -105.10 -67.82
N ILE MA 105 150.84 -105.45 -66.59
CA ILE MA 105 149.87 -105.51 -65.50
C ILE MA 105 150.41 -104.73 -64.32
N HIS MA 106 149.52 -104.12 -63.57
CA HIS MA 106 149.86 -103.34 -62.38
C HIS MA 106 149.45 -104.14 -61.15
N LEU MA 107 150.43 -104.50 -60.33
CA LEU MA 107 150.16 -105.22 -59.08
C LEU MA 107 150.14 -104.25 -57.90
N LYS MA 108 149.16 -103.34 -57.93
CA LYS MA 108 149.05 -102.36 -56.86
C LYS MA 108 148.74 -103.04 -55.53
N PRO MA 109 149.22 -102.48 -54.42
CA PRO MA 109 149.93 -101.20 -54.27
C PRO MA 109 151.44 -101.30 -54.50
N LEU MA 110 151.93 -102.41 -55.03
CA LEU MA 110 153.36 -102.55 -55.29
C LEU MA 110 153.74 -101.69 -56.49
N ARG MA 111 154.69 -100.78 -56.30
CA ARG MA 111 155.10 -99.89 -57.38
C ARG MA 111 155.92 -100.67 -58.40
N GLY MA 112 155.52 -100.59 -59.65
CA GLY MA 112 156.17 -101.29 -60.73
C GLY MA 112 155.16 -101.78 -61.74
N THR MA 113 155.63 -102.61 -62.68
CA THR MA 113 154.77 -103.11 -63.74
C THR MA 113 155.23 -104.52 -64.12
N GLY MA 114 154.39 -105.51 -63.83
CA GLY MA 114 154.69 -106.87 -64.21
C GLY MA 114 154.23 -107.20 -65.61
N LEU MA 115 154.58 -108.39 -66.06
CA LEU MA 115 154.33 -108.82 -67.43
C LEU MA 115 153.76 -110.23 -67.44
N VAL MA 116 152.73 -110.43 -68.24
CA VAL MA 116 152.15 -111.76 -68.47
C VAL MA 116 152.34 -112.08 -69.94
N VAL MA 117 153.08 -113.15 -70.23
CA VAL MA 117 153.48 -113.47 -71.59
C VAL MA 117 152.71 -114.70 -72.04
N PHE MA 118 151.84 -114.53 -73.02
CA PHE MA 118 151.13 -115.60 -73.69
C PHE MA 118 151.83 -116.00 -74.98
N SER MA 119 152.25 -117.26 -75.07
CA SER MA 119 152.92 -117.74 -76.26
C SER MA 119 151.98 -117.80 -77.47
N PRO MA 120 152.50 -117.67 -78.72
CA PRO MA 120 151.66 -117.81 -79.94
C PRO MA 120 150.99 -119.18 -79.91
N SER MA 121 151.68 -120.18 -79.39
CA SER MA 121 151.09 -121.53 -79.39
C SER MA 121 149.83 -121.58 -78.55
N LEU MA 122 149.86 -120.97 -77.37
CA LEU MA 122 148.70 -121.03 -76.48
C LEU MA 122 147.51 -120.29 -77.06
N VAL MA 123 147.74 -119.09 -77.60
CA VAL MA 123 146.64 -118.33 -78.17
C VAL MA 123 146.11 -119.02 -79.43
N PHE MA 124 147.00 -119.66 -80.19
CA PHE MA 124 146.55 -120.43 -81.35
C PHE MA 124 145.66 -121.58 -80.90
N ILE MA 125 146.06 -122.29 -79.85
CA ILE MA 125 145.27 -123.41 -79.35
C ILE MA 125 143.90 -122.91 -78.87
N ALA MA 126 143.89 -121.80 -78.13
CA ALA MA 126 142.64 -121.29 -77.60
C ALA MA 126 141.70 -120.85 -78.72
N VAL MA 127 142.22 -120.13 -79.71
CA VAL MA 127 141.39 -119.69 -80.82
C VAL MA 127 140.88 -120.87 -81.61
N ASP MA 128 141.73 -121.87 -81.83
CA ASP MA 128 141.32 -123.07 -82.55
C ASP MA 128 140.19 -123.78 -81.81
N ASN MA 129 140.32 -123.93 -80.49
CA ASN MA 129 139.29 -124.62 -79.73
C ASN MA 129 137.98 -123.84 -79.71
N LEU MA 130 138.06 -122.52 -79.54
CA LEU MA 130 136.84 -121.72 -79.49
C LEU MA 130 136.11 -121.74 -80.82
N PHE MA 131 136.84 -121.63 -81.93
CA PHE MA 131 136.21 -121.48 -83.25
C PHE MA 131 136.15 -122.81 -83.98
N GLY MA 132 135.40 -123.74 -83.39
CA GLY MA 132 135.08 -124.99 -84.04
C GLY MA 132 136.26 -125.82 -84.49
N GLY MA 133 137.24 -126.00 -83.61
CA GLY MA 133 138.39 -126.81 -83.95
C GLY MA 133 138.77 -127.81 -82.87
N ASP MA 134 138.87 -129.08 -83.25
CA ASP MA 134 139.25 -130.15 -82.29
C ASP MA 134 140.78 -130.31 -82.28
N GLY MA 135 141.51 -129.26 -82.66
CA GLY MA 135 142.96 -129.33 -82.64
C GLY MA 135 143.47 -130.51 -83.43
N ARG MA 136 142.79 -130.89 -84.51
CA ARG MA 136 143.26 -131.96 -85.38
C ARG MA 136 144.56 -131.60 -86.09
N PHE MA 137 144.56 -130.46 -86.78
CA PHE MA 137 145.75 -130.01 -87.45
C PHE MA 137 146.84 -129.45 -86.54
N PRO MA 138 148.11 -129.61 -86.91
CA PRO MA 138 149.19 -129.06 -86.08
C PRO MA 138 149.15 -127.55 -86.05
N THR MA 139 149.58 -126.97 -84.93
CA THR MA 139 149.67 -125.53 -84.82
C THR MA 139 150.82 -125.00 -85.68
N LYS MA 140 150.54 -124.01 -86.51
CA LYS MA 140 151.53 -123.40 -87.38
C LYS MA 140 151.66 -121.93 -87.05
N VAL MA 141 152.86 -121.52 -86.66
CA VAL MA 141 153.17 -120.12 -86.37
C VAL MA 141 154.36 -119.71 -87.22
N GLU MA 142 154.19 -118.65 -88.01
CA GLU MA 142 155.23 -118.16 -88.91
C GLU MA 142 155.37 -116.66 -88.79
N GLY MA 143 155.43 -116.15 -87.56
CA GLY MA 143 155.54 -114.73 -87.36
C GLY MA 143 154.25 -113.97 -87.60
N ARG MA 144 153.13 -114.67 -87.67
CA ARG MA 144 151.85 -114.01 -87.89
C ARG MA 144 151.45 -113.20 -86.68
N GLU MA 145 150.91 -112.01 -86.93
CA GLU MA 145 150.50 -111.11 -85.85
C GLU MA 145 149.12 -111.52 -85.33
N PHE MA 146 148.59 -110.71 -84.43
CA PHE MA 146 147.32 -110.98 -83.77
C PHE MA 146 146.28 -109.98 -84.23
N THR MA 147 145.14 -110.49 -84.71
CA THR MA 147 144.06 -109.64 -85.16
C THR MA 147 143.24 -109.15 -83.97
N HIS MA 148 142.20 -108.38 -84.26
CA HIS MA 148 141.35 -107.86 -83.20
C HIS MA 148 140.57 -108.97 -82.51
N THR MA 149 140.10 -109.96 -83.28
CA THR MA 149 139.40 -111.09 -82.68
C THR MA 149 140.34 -111.90 -81.79
N GLU MA 150 141.57 -112.14 -82.27
CA GLU MA 150 142.55 -112.83 -81.44
C GLU MA 150 142.87 -112.03 -80.19
N GLN MA 151 142.97 -110.70 -80.33
CA GLN MA 151 143.23 -109.85 -79.17
C GLN MA 151 142.08 -109.94 -78.17
N ARG MA 152 140.84 -110.01 -78.65
CA ARG MA 152 139.71 -110.12 -77.73
C ARG MA 152 139.70 -111.47 -77.04
N VAL MA 153 140.04 -112.54 -77.75
CA VAL MA 153 140.16 -113.85 -77.12
C VAL MA 153 141.23 -113.84 -76.05
N ILE MA 154 142.37 -113.22 -76.34
CA ILE MA 154 143.45 -113.13 -75.37
C ILE MA 154 143.04 -112.31 -74.16
N ASN MA 155 142.26 -111.24 -74.38
CA ASN MA 155 141.75 -110.45 -73.26
C ASN MA 155 140.83 -111.30 -72.40
N ARG MA 156 139.99 -112.11 -73.03
CA ARG MA 156 139.08 -112.98 -72.27
C ARG MA 156 139.88 -113.99 -71.45
N MET MA 157 140.92 -114.58 -72.04
CA MET MA 157 141.78 -115.49 -71.28
C MET MA 157 142.51 -114.77 -70.15
N LEU MA 158 143.02 -113.58 -70.43
CA LEU MA 158 143.81 -112.86 -69.46
C LEU MA 158 142.96 -112.39 -68.30
N LYS MA 159 141.67 -112.16 -68.52
CA LYS MA 159 140.80 -111.84 -67.39
C LYS MA 159 140.78 -112.98 -66.38
N LEU MA 160 140.61 -114.21 -66.85
CA LEU MA 160 140.67 -115.36 -65.96
C LEU MA 160 142.04 -115.51 -65.34
N ALA MA 161 143.10 -115.31 -66.12
CA ALA MA 161 144.45 -115.45 -65.60
C ALA MA 161 144.70 -114.45 -64.47
N LEU MA 162 144.29 -113.20 -64.66
CA LEU MA 162 144.50 -112.18 -63.64
C LEU MA 162 143.64 -112.44 -62.41
N GLU MA 163 142.40 -112.89 -62.61
CA GLU MA 163 141.58 -113.24 -61.46
C GLU MA 163 142.21 -114.35 -60.64
N GLY MA 164 142.71 -115.39 -61.33
CA GLY MA 164 143.36 -116.48 -60.62
C GLY MA 164 144.62 -116.04 -59.89
N TYR MA 165 145.43 -115.20 -60.54
CA TYR MA 165 146.64 -114.70 -59.89
C TYR MA 165 146.31 -113.84 -58.67
N SER MA 166 145.31 -112.97 -58.79
CA SER MA 166 144.92 -112.15 -57.64
C SER MA 166 144.41 -113.01 -56.50
N ASP MA 167 143.60 -114.02 -56.81
CA ASP MA 167 143.10 -114.92 -55.76
C ASP MA 167 144.24 -115.67 -55.10
N ALA MA 168 145.21 -116.13 -55.88
CA ALA MA 168 146.35 -116.83 -55.31
C ALA MA 168 147.18 -115.92 -54.42
N TRP MA 169 147.37 -114.67 -54.83
CA TRP MA 169 148.15 -113.74 -54.01
C TRP MA 169 147.32 -113.37 -52.79
N LYS MA 170 145.99 -113.37 -52.90
CA LYS MA 170 145.13 -112.95 -51.81
C LYS MA 170 145.43 -113.72 -50.51
N ALA MA 171 145.78 -115.00 -50.62
CA ALA MA 171 146.12 -115.78 -49.44
C ALA MA 171 147.27 -115.24 -48.59
N ILE MA 172 148.32 -114.75 -49.25
CA ILE MA 172 149.49 -114.26 -48.53
C ILE MA 172 149.41 -112.74 -48.37
N ASN MA 173 149.35 -112.03 -49.49
CA ASN MA 173 149.25 -110.57 -49.46
C ASN MA 173 148.17 -110.12 -50.44
N PRO MA 174 147.11 -109.48 -49.95
CA PRO MA 174 146.02 -109.09 -50.85
C PRO MA 174 146.45 -108.01 -51.84
N LEU MA 175 146.47 -108.37 -53.12
CA LEU MA 175 146.84 -107.46 -54.19
C LEU MA 175 145.72 -107.39 -55.21
N GLU MA 176 145.61 -106.25 -55.88
CA GLU MA 176 144.68 -106.09 -56.98
C GLU MA 176 145.45 -105.99 -58.29
N VAL MA 177 145.03 -106.79 -59.27
CA VAL MA 177 145.73 -106.93 -60.54
C VAL MA 177 144.95 -106.18 -61.59
N GLU MA 178 145.60 -105.21 -62.25
CA GLU MA 178 144.97 -104.42 -63.29
C GLU MA 178 145.73 -104.60 -64.60
N TYR MA 179 144.99 -104.88 -65.66
CA TYR MA 179 145.54 -104.99 -67.00
C TYR MA 179 145.51 -103.61 -67.65
N VAL MA 180 146.67 -103.10 -68.05
CA VAL MA 180 146.77 -101.74 -68.52
C VAL MA 180 147.01 -101.66 -70.03
N ARG MA 181 147.72 -102.63 -70.60
CA ARG MA 181 148.12 -102.51 -72.00
C ARG MA 181 148.60 -103.87 -72.49
N SER MA 182 148.42 -104.10 -73.79
CA SER MA 182 148.91 -105.30 -74.44
C SER MA 182 149.74 -104.87 -75.63
N GLU MA 183 150.81 -105.63 -75.89
CA GLU MA 183 151.75 -105.34 -76.96
C GLU MA 183 152.17 -106.65 -77.58
N MET MA 184 152.80 -106.56 -78.76
CA MET MA 184 153.24 -107.73 -79.50
C MET MA 184 154.74 -107.88 -79.65
N GLN MA 185 155.47 -106.76 -79.62
CA GLN MA 185 156.92 -106.78 -79.71
C GLN MA 185 157.52 -106.70 -78.31
N VAL MA 186 158.83 -106.91 -78.22
CA VAL MA 186 159.51 -106.88 -76.95
C VAL MA 186 160.00 -105.48 -76.57
N LYS MA 187 160.31 -104.64 -77.56
CA LYS MA 187 160.88 -103.34 -77.28
C LYS MA 187 159.86 -102.32 -76.82
N PHE MA 188 158.57 -102.64 -76.83
CA PHE MA 188 157.55 -101.72 -76.36
C PHE MA 188 157.29 -101.75 -74.87
N THR MA 189 157.74 -102.77 -74.15
CA THR MA 189 157.40 -102.90 -72.73
C THR MA 189 158.37 -102.13 -71.84
N ASN MA 190 159.64 -102.53 -71.86
CA ASN MA 190 160.68 -101.91 -71.04
C ASN MA 190 160.18 -101.58 -69.63
N ILE MA 191 159.85 -102.65 -68.88
CA ILE MA 191 159.37 -102.51 -67.48
C ILE MA 191 160.58 -102.42 -66.53
N THR MA 192 161.80 -102.56 -67.05
CA THR MA 192 163.05 -102.49 -66.26
C THR MA 192 163.82 -101.26 -66.68
N THR MA 193 164.26 -100.43 -65.72
CA THR MA 193 164.98 -99.17 -65.99
C THR MA 193 166.16 -99.47 -66.88
N SER MA 194 166.86 -100.59 -66.64
CA SER MA 194 167.98 -101.02 -67.44
C SER MA 194 167.80 -102.48 -67.84
N PRO MA 195 168.35 -102.88 -69.00
CA PRO MA 195 168.22 -104.29 -69.41
C PRO MA 195 168.94 -105.25 -68.51
N ASN MA 196 169.86 -104.79 -67.67
CA ASN MA 196 170.58 -105.66 -66.76
C ASN MA 196 169.89 -105.82 -65.42
N ASP MA 197 168.71 -105.23 -65.25
CA ASP MA 197 167.96 -105.40 -64.02
C ASP MA 197 167.48 -106.84 -63.88
N ILE MA 198 167.26 -107.25 -62.65
CA ILE MA 198 166.96 -108.63 -62.32
C ILE MA 198 165.45 -108.78 -62.18
N VAL MA 199 164.90 -109.82 -62.81
CA VAL MA 199 163.47 -110.10 -62.77
C VAL MA 199 163.25 -111.57 -62.43
N VAL MA 200 162.06 -111.85 -61.91
CA VAL MA 200 161.64 -113.18 -61.49
C VAL MA 200 160.68 -113.78 -62.49
N ASN MA 201 161.11 -114.86 -63.16
CA ASN MA 201 160.25 -115.45 -64.24
C ASN MA 201 159.71 -116.84 -63.86
N THR MA 202 158.40 -117.05 -64.01
CA THR MA 202 157.76 -118.33 -63.79
C THR MA 202 157.14 -118.81 -65.08
N PRO MA 203 157.69 -119.82 -65.74
CA PRO MA 203 157.06 -120.39 -66.94
C PRO MA 203 156.13 -121.53 -66.57
N PHE MA 204 154.91 -121.48 -67.09
CA PHE MA 204 153.95 -122.57 -66.98
C PHE MA 204 153.76 -123.21 -68.35
N HIS MA 205 153.56 -124.52 -68.35
CA HIS MA 205 153.29 -125.26 -69.57
C HIS MA 205 151.88 -125.79 -69.53
N VAL MA 206 151.06 -125.40 -70.50
CA VAL MA 206 149.66 -125.80 -70.57
C VAL MA 206 149.50 -126.78 -71.73
N GLU MA 207 149.00 -127.98 -71.43
CA GLU MA 207 148.77 -128.99 -72.45
C GLU MA 207 147.28 -129.25 -72.57
N ILE MA 208 146.78 -129.23 -73.81
CA ILE MA 208 145.40 -129.57 -74.12
C ILE MA 208 145.42 -130.68 -75.16
N GLY MA 209 144.92 -131.86 -74.79
CA GLY MA 209 145.03 -133.00 -75.68
C GLY MA 209 146.48 -133.26 -76.01
N ASN MA 210 146.75 -133.40 -77.31
CA ASN MA 210 148.14 -133.55 -77.74
C ASN MA 210 148.84 -132.20 -77.89
N LEU MA 211 148.08 -131.13 -78.07
CA LEU MA 211 148.67 -129.82 -78.27
C LEU MA 211 149.25 -129.27 -76.97
N THR MA 212 150.31 -128.48 -77.10
CA THR MA 212 150.99 -127.90 -75.95
C THR MA 212 151.31 -126.44 -76.22
N GLY MA 213 151.46 -125.69 -75.14
CA GLY MA 213 151.88 -124.30 -75.21
C GLY MA 213 152.43 -123.89 -73.87
N GLU MA 214 152.93 -122.66 -73.80
CA GLU MA 214 153.52 -122.17 -72.57
C GLU MA 214 153.19 -120.69 -72.39
N PHE MA 215 153.25 -120.25 -71.13
CA PHE MA 215 153.06 -118.84 -70.84
C PHE MA 215 153.80 -118.50 -69.56
N ASN MA 216 154.38 -117.31 -69.53
CA ASN MA 216 155.24 -116.90 -68.42
C ASN MA 216 154.61 -115.75 -67.64
N ILE MA 217 155.02 -115.64 -66.38
CA ILE MA 217 154.68 -114.48 -65.56
C ILE MA 217 155.96 -113.89 -65.02
N CYS MA 218 156.27 -112.67 -65.40
CA CYS MA 218 157.54 -112.02 -65.04
C CYS MA 218 157.27 -110.80 -64.18
N LEU MA 219 157.93 -110.73 -63.03
CA LEU MA 219 157.81 -109.61 -62.12
C LEU MA 219 159.18 -108.98 -61.91
N PRO MA 220 159.33 -107.68 -62.09
CA PRO MA 220 160.60 -107.04 -61.76
C PRO MA 220 160.90 -107.17 -60.27
N PHE MA 221 162.17 -107.36 -59.95
CA PHE MA 221 162.54 -107.55 -58.56
C PHE MA 221 162.27 -106.34 -57.69
N SER MA 222 162.12 -105.16 -58.30
CA SER MA 222 161.81 -103.97 -57.51
C SER MA 222 160.46 -104.11 -56.80
N MET MA 223 159.47 -104.69 -57.49
CA MET MA 223 158.17 -104.90 -56.87
C MET MA 223 158.25 -105.90 -55.73
N ILE MA 224 159.02 -106.97 -55.91
CA ILE MA 224 159.10 -108.02 -54.91
C ILE MA 224 159.92 -107.59 -53.70
N GLU MA 225 160.90 -106.70 -53.91
CA GLU MA 225 161.85 -106.36 -52.85
C GLU MA 225 161.22 -105.96 -51.52
N PRO MA 226 160.19 -105.10 -51.47
CA PRO MA 226 159.57 -104.82 -50.17
C PRO MA 226 158.94 -106.04 -49.51
N LEU MA 227 158.65 -107.09 -50.27
CA LEU MA 227 158.05 -108.31 -49.74
C LEU MA 227 158.99 -109.50 -49.73
N ARG MA 228 160.30 -109.26 -49.67
CA ARG MA 228 161.26 -110.36 -49.76
C ARG MA 228 161.19 -111.28 -48.54
N GLU MA 229 161.11 -110.69 -47.35
CA GLU MA 229 161.06 -111.50 -46.13
C GLU MA 229 159.76 -112.30 -46.11
N LEU MA 230 158.71 -111.79 -46.74
CA LEU MA 230 157.47 -112.54 -46.84
C LEU MA 230 157.56 -113.65 -47.87
N LEU MA 231 158.23 -113.37 -49.01
CA LEU MA 231 158.28 -114.32 -50.15
C LEU MA 231 159.41 -115.36 -49.95
N VAL MA 232 160.30 -115.13 -49.00
CA VAL MA 232 161.47 -116.05 -48.80
C VAL MA 232 161.03 -117.24 -47.93
N ASN MA 233 160.53 -117.03 -46.70
CA ASN MA 233 160.22 -118.16 -45.84
C ASN MA 233 158.91 -118.81 -46.25
N PRO MA 234 158.81 -120.13 -46.17
CA PRO MA 234 157.55 -120.81 -46.48
C PRO MA 234 156.45 -120.35 -45.54
N PRO MA 235 155.22 -120.22 -46.04
CA PRO MA 235 154.14 -119.70 -45.20
C PRO MA 235 153.81 -120.65 -44.05
N LEU MA 236 153.40 -120.07 -42.94
CA LEU MA 236 153.01 -120.84 -41.76
C LEU MA 236 151.54 -120.62 -41.46
N GLU MA 237 150.91 -121.65 -40.89
CA GLU MA 237 149.49 -121.62 -40.57
C GLU MA 237 149.28 -120.77 -39.32
N ASN MA 238 149.19 -119.47 -39.54
CA ASN MA 238 149.00 -118.51 -38.46
C ASN MA 238 147.91 -117.53 -38.88
N SER MA 239 147.74 -116.47 -38.10
CA SER MA 239 146.76 -115.44 -38.38
C SER MA 239 147.41 -114.07 -38.32
N ARG MA 240 146.75 -113.08 -38.92
CA ARG MA 240 147.26 -111.72 -38.88
C ARG MA 240 147.34 -111.20 -37.45
N HIS MA 241 146.37 -111.58 -36.61
CA HIS MA 241 146.43 -111.22 -35.20
C HIS MA 241 147.66 -111.82 -34.54
N GLU MA 242 147.95 -113.10 -34.83
CA GLU MA 242 149.13 -113.73 -34.27
C GLU MA 242 150.41 -113.08 -34.77
N ASP MA 243 150.44 -112.71 -36.05
CA ASP MA 243 151.64 -112.07 -36.60
C ASP MA 243 151.89 -110.71 -35.96
N GLN MA 244 150.83 -109.89 -35.83
CA GLN MA 244 151.01 -108.60 -35.19
C GLN MA 244 151.34 -108.73 -33.72
N ASN MA 245 150.79 -109.75 -33.05
CA ASN MA 245 151.18 -110.01 -31.66
C ASN MA 245 152.66 -110.39 -31.57
N TRP MA 246 153.13 -111.20 -32.51
CA TRP MA 246 154.55 -111.56 -32.55
C TRP MA 246 155.59 -110.45 -32.57
N ARG MA 247 155.43 -109.53 -33.53
CA ARG MA 247 156.38 -108.40 -33.64
C ARG MA 247 156.14 -107.44 -32.47
N ASP MA 248 154.90 -107.36 -31.98
CA ASP MA 248 154.61 -106.48 -30.81
C ASP MA 248 155.46 -106.95 -29.63
N ASN MA 249 155.40 -108.25 -29.32
CA ASN MA 249 156.20 -108.81 -28.19
C ASN MA 249 157.69 -108.63 -28.49
N LEU MA 250 158.10 -108.91 -29.73
CA LEU MA 250 159.52 -108.74 -30.13
C LEU MA 250 159.92 -107.27 -29.94
N VAL MA 251 159.06 -106.34 -30.39
CA VAL MA 251 159.34 -104.88 -30.21
C VAL MA 251 159.56 -104.63 -28.71
N ARG MA 252 158.66 -105.15 -27.88
CA ARG MA 252 158.79 -104.94 -26.43
C ARG MA 252 160.06 -105.61 -25.90
N GLN MA 253 160.44 -106.76 -26.46
CA GLN MA 253 161.68 -107.40 -26.02
C GLN MA 253 162.90 -106.60 -26.45
N VAL MA 254 162.82 -105.93 -27.61
CA VAL MA 254 163.96 -105.17 -28.10
C VAL MA 254 164.25 -103.98 -27.21
N GLN MA 255 163.20 -103.36 -26.65
CA GLN MA 255 163.37 -102.14 -25.88
C GLN MA 255 164.35 -102.31 -24.73
N HIS MA 256 164.45 -103.51 -24.16
CA HIS MA 256 165.39 -103.75 -23.07
C HIS MA 256 166.74 -104.21 -23.63
N SER MA 257 167.34 -103.36 -24.48
CA SER MA 257 168.69 -103.61 -25.06
C SER MA 257 169.51 -102.31 -24.94
N GLU MA 258 170.60 -102.34 -24.15
CA GLU MA 258 171.45 -101.15 -23.93
C GLU MA 258 172.14 -100.74 -25.23
N LEU MA 259 172.29 -99.44 -25.49
CA LEU MA 259 172.98 -98.92 -26.70
C LEU MA 259 174.22 -98.14 -26.28
N GLU MA 260 175.06 -97.73 -27.23
CA GLU MA 260 176.20 -96.85 -26.97
C GLU MA 260 175.96 -95.53 -27.69
N LEU MA 261 175.78 -94.46 -26.92
CA LEU MA 261 175.52 -93.15 -27.47
C LEU MA 261 176.77 -92.28 -27.34
N VAL MA 262 177.16 -91.64 -28.44
CA VAL MA 262 178.39 -90.86 -28.51
C VAL MA 262 178.04 -89.43 -28.89
N ALA MA 263 178.53 -88.47 -28.10
CA ALA MA 263 178.28 -87.06 -28.35
C ALA MA 263 179.53 -86.44 -28.97
N ASN MA 264 179.34 -85.73 -30.09
CA ASN MA 264 180.44 -85.07 -30.78
C ASN MA 264 180.38 -83.58 -30.46
N PHE MA 265 181.40 -83.09 -29.74
CA PHE MA 265 181.48 -81.66 -29.33
C PHE MA 265 181.96 -80.79 -30.51
N ALA MA 266 183.00 -81.21 -31.22
CA ALA MA 266 183.55 -80.44 -32.36
C ALA MA 266 184.20 -81.36 -33.40
N ASP MA 267 184.40 -80.90 -34.64
CA ASP MA 267 185.08 -81.65 -35.69
C ASP MA 267 185.99 -80.69 -36.44
N ILE MA 268 187.28 -80.72 -36.12
CA ILE MA 268 188.26 -79.78 -36.64
C ILE MA 268 189.04 -80.46 -37.74
N PRO MA 269 189.26 -79.82 -38.93
CA PRO MA 269 190.01 -80.45 -40.06
C PRO MA 269 191.49 -80.06 -40.03
N LEU MA 270 192.37 -81.03 -39.76
CA LEU MA 270 193.83 -80.78 -39.78
C LEU MA 270 194.53 -81.67 -40.81
N ARG MA 271 195.62 -81.19 -41.37
CA ARG MA 271 196.43 -81.99 -42.33
C ARG MA 271 197.25 -83.02 -41.56
N LEU MA 272 197.74 -84.04 -42.25
CA LEU MA 272 198.60 -85.06 -41.60
C LEU MA 272 199.85 -84.38 -41.03
N SER MA 273 200.37 -83.38 -41.75
CA SER MA 273 201.61 -82.71 -41.31
C SER MA 273 201.39 -82.07 -39.93
N GLN MA 274 200.24 -81.47 -39.72
CA GLN MA 274 199.96 -80.88 -38.39
C GLN MA 274 199.94 -82.02 -37.36
N ILE MA 275 199.35 -83.17 -37.71
CA ILE MA 275 199.24 -84.26 -36.69
C ILE MA 275 200.60 -84.76 -36.17
N LEU MA 276 201.56 -85.00 -37.07
CA LEU MA 276 202.91 -85.39 -36.60
C LEU MA 276 203.71 -84.40 -35.74
N LYS MA 277 203.64 -83.12 -36.11
CA LYS MA 277 204.25 -82.03 -35.28
C LYS MA 277 203.38 -81.72 -34.00
N LEU MA 278 202.15 -82.24 -34.07
CA LEU MA 278 201.20 -81.98 -32.97
C LEU MA 278 201.92 -82.64 -31.81
N LYS MA 279 201.99 -81.92 -30.69
CA LYS MA 279 202.62 -82.42 -29.46
C LYS MA 279 201.87 -81.78 -28.29
N PRO MA 280 201.92 -82.30 -27.04
CA PRO MA 280 201.10 -81.74 -25.93
C PRO MA 280 201.35 -80.25 -25.72
N GLY MA 281 200.33 -79.49 -25.30
CA GLY MA 281 200.40 -78.07 -25.05
C GLY MA 281 199.90 -77.19 -26.18
N ASP MA 282 199.70 -77.76 -27.37
CA ASP MA 282 199.22 -76.96 -28.49
C ASP MA 282 197.74 -76.62 -28.31
N VAL MA 283 197.30 -75.59 -29.04
CA VAL MA 283 195.90 -75.18 -29.04
C VAL MA 283 195.40 -75.22 -30.47
N LEU MA 284 194.34 -75.99 -30.70
CA LEU MA 284 193.73 -76.10 -32.02
C LEU MA 284 192.39 -75.39 -32.00
N PRO MA 285 192.21 -74.32 -32.77
CA PRO MA 285 191.00 -73.51 -32.63
C PRO MA 285 189.77 -74.25 -33.15
N ILE MA 286 188.65 -74.08 -32.44
CA ILE MA 286 187.38 -74.67 -32.81
C ILE MA 286 186.33 -73.57 -32.84
N GLU MA 287 185.23 -73.86 -33.52
CA GLU MA 287 184.14 -72.91 -33.68
C GLU MA 287 183.07 -73.17 -32.61
N LYS MA 288 182.08 -72.28 -32.57
CA LYS MA 288 180.99 -72.42 -31.62
C LYS MA 288 180.12 -73.61 -31.98
N PRO MA 289 179.99 -74.60 -31.10
CA PRO MA 289 178.94 -75.60 -31.29
C PRO MA 289 177.60 -75.11 -30.76
N ASP MA 290 176.69 -74.74 -31.66
CA ASP MA 290 175.32 -74.31 -31.21
C ASP MA 290 174.59 -75.53 -30.67
N ARG MA 291 174.72 -76.68 -31.34
CA ARG MA 291 174.08 -77.92 -30.92
C ARG MA 291 175.07 -79.06 -31.02
N ILE MA 292 174.86 -80.08 -30.19
CA ILE MA 292 175.73 -81.24 -30.11
C ILE MA 292 175.07 -82.50 -30.65
N ILE MA 293 175.65 -83.06 -31.71
CA ILE MA 293 175.09 -84.27 -32.30
C ILE MA 293 175.46 -85.53 -31.51
N ALA MA 294 174.46 -86.34 -31.23
CA ALA MA 294 174.63 -87.60 -30.51
C ALA MA 294 174.25 -88.73 -31.47
N HIS MA 295 175.20 -89.63 -31.71
CA HIS MA 295 175.06 -90.68 -32.69
C HIS MA 295 175.37 -92.03 -32.07
N VAL MA 296 174.73 -93.07 -32.57
CA VAL MA 296 174.97 -94.45 -32.15
C VAL MA 296 175.62 -95.17 -33.33
N ASP MA 297 176.90 -95.53 -33.16
CA ASP MA 297 177.64 -96.25 -34.20
C ASP MA 297 177.61 -95.49 -35.53
N GLY MA 298 177.68 -94.17 -35.45
CA GLY MA 298 177.71 -93.35 -36.64
C GLY MA 298 176.41 -92.65 -36.95
N VAL MA 299 175.29 -93.33 -36.74
CA VAL MA 299 173.98 -92.78 -37.10
C VAL MA 299 173.56 -91.75 -36.07
N PRO MA 300 173.34 -90.49 -36.46
CA PRO MA 300 172.97 -89.47 -35.47
C PRO MA 300 171.54 -89.66 -34.99
N VAL MA 301 171.35 -89.50 -33.68
CA VAL MA 301 170.06 -89.77 -33.07
C VAL MA 301 169.51 -88.53 -32.37
N LEU MA 302 170.41 -87.67 -31.87
CA LEU MA 302 169.99 -86.57 -31.01
C LEU MA 302 170.84 -85.37 -31.43
N THR MA 303 170.30 -84.18 -31.20
CA THR MA 303 171.08 -82.94 -31.13
C THR MA 303 170.64 -82.27 -29.84
N SER MA 304 171.60 -81.89 -29.01
CA SER MA 304 171.31 -81.45 -27.65
C SER MA 304 172.46 -80.53 -27.28
N GLN MA 305 172.17 -79.62 -26.35
CA GLN MA 305 173.08 -78.54 -25.98
C GLN MA 305 173.93 -79.14 -24.86
N TYR MA 306 175.22 -78.82 -24.87
CA TYR MA 306 176.12 -79.35 -23.87
C TYR MA 306 175.91 -78.67 -22.53
N GLY MA 307 176.37 -79.32 -21.47
CA GLY MA 307 176.26 -78.76 -20.14
C GLY MA 307 176.95 -79.66 -19.13
N THR MA 308 176.95 -79.21 -17.89
CA THR MA 308 177.54 -79.95 -16.78
C THR MA 308 176.52 -80.07 -15.68
N VAL MA 309 176.24 -81.30 -15.25
CA VAL MA 309 175.28 -81.57 -14.18
C VAL MA 309 175.85 -82.64 -13.27
N ASN MA 310 175.82 -82.39 -11.96
CA ASN MA 310 176.28 -83.34 -10.95
C ASN MA 310 177.73 -83.76 -11.20
N GLY MA 311 178.55 -82.81 -11.64
CA GLY MA 311 179.93 -83.12 -11.96
C GLY MA 311 180.10 -83.97 -13.19
N GLN MA 312 179.05 -84.20 -13.96
CA GLN MA 312 179.08 -85.02 -15.15
C GLN MA 312 178.83 -84.17 -16.38
N TYR MA 313 179.47 -84.53 -17.48
CA TYR MA 313 179.18 -83.88 -18.76
C TYR MA 313 177.76 -84.24 -19.18
N ALA MA 314 176.90 -83.23 -19.27
CA ALA MA 314 175.48 -83.45 -19.52
C ALA MA 314 175.08 -82.85 -20.85
N LEU MA 315 173.96 -83.34 -21.38
CA LEU MA 315 173.39 -82.81 -22.61
C LEU MA 315 171.90 -82.55 -22.39
N ARG MA 316 171.47 -81.34 -22.73
CA ARG MA 316 170.06 -80.97 -22.66
C ARG MA 316 169.44 -81.29 -24.01
N VAL MA 317 168.64 -82.36 -24.06
CA VAL MA 317 168.12 -82.85 -25.33
C VAL MA 317 167.20 -81.80 -25.94
N GLU MA 318 167.48 -81.42 -27.16
CA GLU MA 318 166.64 -80.47 -27.88
C GLU MA 318 165.75 -81.09 -28.94
N HIS MA 319 166.22 -82.12 -29.67
CA HIS MA 319 165.42 -82.65 -30.80
C HIS MA 319 165.84 -84.06 -31.21
N LEU MA 320 164.90 -85.01 -31.18
CA LEU MA 320 165.16 -86.34 -31.71
C LEU MA 320 165.11 -86.30 -33.22
N ILE MA 321 166.15 -86.83 -33.86
CA ILE MA 321 166.27 -86.69 -35.31
C ILE MA 321 165.37 -87.69 -36.01
N ASN MA 322 164.14 -87.27 -36.30
CA ASN MA 322 163.22 -88.11 -37.05
C ASN MA 322 163.54 -88.04 -38.54
N PRO MA 323 163.25 -89.11 -39.29
CA PRO MA 323 163.49 -89.11 -40.74
C PRO MA 323 162.30 -88.57 -41.53
N GLN NA 52 208.29 -97.36 -49.51
CA GLN NA 52 208.20 -96.64 -48.25
C GLN NA 52 208.44 -95.16 -48.45
N ASP NA 53 207.44 -94.47 -48.97
CA ASP NA 53 207.52 -93.05 -49.25
C ASP NA 53 207.04 -92.23 -48.05
N ILE NA 54 207.44 -90.98 -48.00
CA ILE NA 54 207.11 -90.13 -46.86
C ILE NA 54 206.42 -88.86 -47.34
N ASP NA 55 206.99 -88.18 -48.33
CA ASP NA 55 206.36 -86.95 -48.89
C ASP NA 55 205.05 -87.33 -49.61
N LEU NA 56 204.87 -88.60 -49.97
CA LEU NA 56 203.68 -89.03 -50.75
C LEU NA 56 202.41 -88.80 -49.92
N ILE NA 57 202.43 -89.08 -48.61
CA ILE NA 57 201.23 -88.95 -47.74
C ILE NA 57 201.48 -87.83 -46.72
N MET NA 58 202.50 -87.00 -46.93
CA MET NA 58 202.85 -85.96 -45.99
C MET NA 58 201.79 -84.87 -45.95
N ASP NA 59 200.90 -84.83 -46.94
CA ASP NA 59 199.95 -83.76 -47.12
C ASP NA 59 198.49 -84.20 -47.04
N ILE NA 60 198.23 -85.48 -46.85
CA ILE NA 60 196.85 -86.00 -46.86
C ILE NA 60 196.08 -85.40 -45.69
N PRO NA 61 194.86 -84.93 -45.89
CA PRO NA 61 194.10 -84.38 -44.77
C PRO NA 61 193.39 -85.45 -43.96
N VAL NA 62 193.20 -85.15 -42.67
CA VAL NA 62 192.52 -86.06 -41.76
C VAL NA 62 191.54 -85.12 -41.05
N LYS NA 63 190.47 -85.73 -40.52
CA LYS NA 63 189.43 -84.99 -39.76
C LYS NA 63 189.51 -85.46 -38.32
N LEU NA 64 189.56 -84.54 -37.36
CA LEU NA 64 189.71 -84.87 -35.95
C LEU NA 64 188.41 -84.54 -35.24
N THR NA 65 187.94 -85.46 -34.39
CA THR NA 65 186.71 -85.28 -33.65
C THR NA 65 187.03 -85.33 -32.16
N VAL NA 66 186.24 -84.61 -31.37
CA VAL NA 66 186.35 -84.60 -29.92
C VAL NA 66 184.99 -84.91 -29.31
N GLU NA 67 184.98 -85.68 -28.23
CA GLU NA 67 183.74 -86.13 -27.62
C GLU NA 67 183.41 -85.40 -26.33
N LEU NA 68 182.13 -85.36 -25.97
CA LEU NA 68 181.77 -84.93 -24.63
C LEU NA 68 182.03 -86.10 -23.69
N GLY NA 69 181.49 -87.27 -24.04
CA GLY NA 69 181.71 -88.45 -23.22
C GLY NA 69 180.92 -89.64 -23.73
N ARG NA 70 181.27 -90.80 -23.18
CA ARG NA 70 180.55 -92.04 -23.45
C ARG NA 70 179.30 -92.05 -22.57
N THR NA 71 178.36 -92.91 -22.93
CA THR NA 71 177.25 -93.27 -22.07
C THR NA 71 176.60 -94.42 -22.82
N ARG NA 72 175.94 -95.30 -22.06
CA ARG NA 72 175.30 -96.48 -22.61
C ARG NA 72 173.90 -96.49 -22.01
N MET NA 73 172.87 -96.45 -22.86
CA MET NA 73 171.52 -96.19 -22.41
C MET NA 73 170.66 -96.95 -23.42
N THR NA 74 169.60 -97.61 -22.94
CA THR NA 74 168.82 -98.56 -23.77
C THR NA 74 167.81 -97.86 -24.63
N ILE NA 75 167.08 -98.63 -25.43
CA ILE NA 75 166.05 -98.10 -26.35
C ILE NA 75 164.95 -97.44 -25.51
N LYS NA 76 164.59 -97.99 -24.36
CA LYS NA 76 163.50 -97.45 -23.51
C LYS NA 76 163.69 -95.95 -23.24
N GLU NA 77 164.75 -95.53 -22.52
CA GLU NA 77 165.05 -94.15 -22.18
C GLU NA 77 165.25 -93.27 -23.41
N LEU NA 78 165.87 -93.80 -24.47
CA LEU NA 78 166.00 -93.05 -25.72
C LEU NA 78 164.67 -92.66 -26.35
N LEU NA 79 163.69 -93.55 -26.32
CA LEU NA 79 162.38 -93.22 -26.86
C LEU NA 79 161.53 -92.27 -26.04
N ARG NA 80 161.73 -92.24 -24.72
CA ARG NA 80 160.99 -91.31 -23.87
C ARG NA 80 161.77 -90.00 -23.54
N LEU NA 81 162.87 -89.80 -24.26
CA LEU NA 81 163.65 -88.57 -24.11
C LEU NA 81 162.74 -87.55 -24.79
N THR NA 82 162.58 -86.40 -24.14
CA THR NA 82 161.69 -85.36 -24.66
C THR NA 82 162.55 -84.11 -24.76
N GLN NA 83 161.96 -83.01 -25.25
CA GLN NA 83 162.72 -81.75 -25.32
C GLN NA 83 162.98 -81.26 -23.91
N GLY NA 84 164.19 -80.77 -23.67
CA GLY NA 84 164.56 -80.26 -22.36
C GLY NA 84 165.05 -81.33 -21.42
N SER NA 85 164.94 -82.60 -21.78
CA SER NA 85 165.45 -83.67 -20.92
C SER NA 85 166.97 -83.65 -20.91
N VAL NA 86 167.54 -84.00 -19.76
CA VAL NA 86 168.98 -83.94 -19.54
C VAL NA 86 169.50 -85.36 -19.35
N VAL NA 87 170.57 -85.69 -20.07
CA VAL NA 87 171.22 -86.99 -19.97
C VAL NA 87 172.70 -86.75 -19.65
N ALA NA 88 173.26 -87.53 -18.73
CA ALA NA 88 174.68 -87.39 -18.31
C ALA NA 88 175.62 -88.09 -19.29
N LEU NA 89 176.89 -88.25 -18.91
CA LEU NA 89 177.93 -88.91 -19.74
C LEU NA 89 178.80 -89.66 -18.73
N ASP NA 90 179.74 -90.49 -19.16
CA ASP NA 90 180.58 -91.33 -18.25
C ASP NA 90 181.76 -90.54 -17.69
N GLY NA 91 182.00 -89.31 -18.14
CA GLY NA 91 183.12 -88.49 -17.68
C GLY NA 91 182.83 -87.36 -16.71
N LEU NA 92 183.65 -87.27 -15.67
CA LEU NA 92 183.55 -86.16 -14.74
C LEU NA 92 183.87 -84.86 -15.46
N ALA NA 93 183.18 -83.80 -15.07
CA ALA NA 93 183.41 -82.49 -15.67
C ALA NA 93 184.80 -82.00 -15.28
N GLY NA 94 185.75 -82.11 -16.20
CA GLY NA 94 187.11 -81.71 -15.92
C GLY NA 94 188.17 -82.60 -16.54
N GLU NA 95 187.83 -83.88 -16.81
CA GLU NA 95 188.81 -84.74 -17.45
C GLU NA 95 189.04 -84.29 -18.90
N PRO NA 96 190.23 -84.54 -19.45
CA PRO NA 96 190.47 -84.18 -20.84
C PRO NA 96 189.66 -85.06 -21.78
N LEU NA 97 189.04 -84.44 -22.78
CA LEU NA 97 188.26 -85.16 -23.77
C LEU NA 97 189.18 -85.96 -24.70
N ASP NA 98 188.61 -86.98 -25.32
CA ASP NA 98 189.42 -87.86 -26.20
C ASP NA 98 189.34 -87.38 -27.65
N ILE NA 99 190.49 -87.13 -28.28
CA ILE NA 99 190.52 -86.70 -29.70
C ILE NA 99 190.70 -87.96 -30.56
N LEU NA 100 189.92 -88.10 -31.63
CA LEU NA 100 189.96 -89.35 -32.45
C LEU NA 100 190.03 -89.02 -33.95
N ILE NA 101 190.63 -89.91 -34.75
CA ILE NA 101 190.66 -89.73 -36.22
C ILE NA 101 190.16 -91.03 -36.87
N ASN NA 102 189.17 -90.94 -37.77
CA ASN NA 102 188.65 -92.15 -38.46
C ASN NA 102 188.25 -93.17 -37.37
N GLY NA 103 187.72 -92.68 -36.24
CA GLY NA 103 187.24 -93.57 -35.15
C GLY NA 103 188.39 -94.20 -34.38
N TYR NA 104 189.61 -93.68 -34.51
CA TYR NA 104 190.82 -94.25 -33.86
C TYR NA 104 191.39 -93.23 -32.88
N LEU NA 105 191.68 -93.63 -31.64
CA LEU NA 105 192.13 -92.65 -30.61
C LEU NA 105 193.45 -92.05 -31.11
N ILE NA 106 193.63 -90.74 -30.92
CA ILE NA 106 194.86 -90.05 -31.39
C ILE NA 106 195.40 -89.12 -30.29
N ALA NA 107 194.56 -88.55 -29.41
CA ALA NA 107 195.06 -87.55 -28.46
C ALA NA 107 194.05 -87.36 -27.34
N GLN NA 108 194.37 -86.45 -26.41
CA GLN NA 108 193.47 -86.02 -25.36
C GLN NA 108 193.68 -84.53 -25.09
N GLY NA 109 192.58 -83.81 -24.93
CA GLY NA 109 192.62 -82.39 -24.63
C GLY NA 109 191.26 -81.86 -24.26
N GLU NA 110 191.28 -80.70 -23.61
CA GLU NA 110 190.05 -80.04 -23.16
C GLU NA 110 189.88 -78.70 -23.85
N VAL NA 111 188.66 -78.18 -23.77
CA VAL NA 111 188.33 -76.90 -24.36
C VAL NA 111 188.80 -75.78 -23.44
N VAL NA 112 189.33 -74.70 -24.03
CA VAL NA 112 189.82 -73.55 -23.29
C VAL NA 112 189.29 -72.26 -23.89
N VAL NA 113 188.95 -71.30 -23.03
CA VAL NA 113 188.48 -69.99 -23.45
C VAL NA 113 189.57 -68.94 -23.33
N VAL NA 114 190.00 -68.35 -24.45
CA VAL NA 114 191.10 -67.42 -24.39
C VAL NA 114 190.56 -66.00 -24.29
N ALA NA 115 189.88 -65.58 -25.37
CA ALA NA 115 189.21 -64.28 -25.38
C ALA NA 115 187.69 -64.38 -25.60
N ASP NA 116 187.30 -64.63 -26.86
CA ASP NA 116 185.87 -64.89 -27.18
C ASP NA 116 185.99 -66.02 -28.21
N LYS NA 117 187.03 -66.85 -28.09
CA LYS NA 117 187.30 -67.92 -29.09
C LYS NA 117 187.57 -69.25 -28.38
N TYR NA 118 187.33 -70.37 -29.06
CA TYR NA 118 187.48 -71.70 -28.39
C TYR NA 118 188.51 -72.57 -29.08
N GLY NA 119 189.15 -73.47 -28.32
CA GLY NA 119 190.09 -74.42 -28.86
C GLY NA 119 190.40 -75.52 -27.86
N VAL NA 120 191.04 -76.58 -28.38
CA VAL NA 120 191.35 -77.75 -27.58
C VAL NA 120 192.82 -77.62 -27.19
N ARG NA 121 193.09 -77.80 -25.89
CA ARG NA 121 194.43 -77.75 -25.35
C ARG NA 121 194.83 -79.20 -25.09
N ILE NA 122 195.63 -79.75 -26.00
CA ILE NA 122 195.98 -81.17 -25.93
C ILE NA 122 196.88 -81.43 -24.72
N THR NA 123 196.54 -82.45 -23.95
CA THR NA 123 197.29 -82.78 -22.74
C THR NA 123 198.45 -83.73 -23.00
N ASP NA 124 198.24 -84.76 -23.81
CA ASP NA 124 199.29 -85.75 -24.05
C ASP NA 124 198.98 -86.51 -25.33
N ILE NA 125 199.92 -87.36 -25.71
CA ILE NA 125 199.77 -88.25 -26.86
C ILE NA 125 199.84 -89.68 -26.33
N ILE NA 126 198.83 -90.48 -26.66
CA ILE NA 126 198.71 -91.82 -26.11
C ILE NA 126 199.65 -92.77 -26.85
N THR NA 127 200.60 -93.34 -26.12
CA THR NA 127 201.43 -94.40 -26.63
C THR NA 127 200.60 -95.69 -26.75
N PRO NA 128 201.05 -96.65 -27.57
CA PRO NA 128 200.28 -97.89 -27.71
C PRO NA 128 200.01 -98.60 -26.38
N SER NA 129 200.98 -98.58 -25.47
CA SER NA 129 200.80 -99.26 -24.18
C SER NA 129 199.54 -98.75 -23.52
N GLU NA 130 199.39 -97.42 -23.42
CA GLU NA 130 198.15 -96.86 -22.93
C GLU NA 130 196.94 -97.31 -23.74
N ARG NA 131 197.05 -97.25 -25.08
CA ARG NA 131 195.94 -97.73 -25.93
C ARG NA 131 195.57 -99.18 -25.55
N MET NA 132 196.57 -100.02 -25.27
CA MET NA 132 196.29 -101.45 -24.98
C MET NA 132 195.44 -101.54 -23.69
N ARG NA 133 195.76 -100.74 -22.68
CA ARG NA 133 194.99 -100.77 -21.40
C ARG NA 133 193.62 -100.10 -21.62
N ARG NA 134 193.53 -99.27 -22.66
CA ARG NA 134 192.27 -98.56 -22.99
C ARG NA 134 191.30 -99.68 -23.42
N LEU NA 135 191.74 -100.47 -24.41
CA LEU NA 135 190.94 -101.67 -24.82
C LEU NA 135 190.74 -102.70 -23.71
N SER NA 136 191.76 -102.92 -22.88
CA SER NA 136 191.67 -103.95 -21.82
C SER NA 136 190.71 -103.50 -20.70
N ARG NA 137 190.59 -102.18 -20.46
CA ARG NA 137 189.76 -101.77 -19.34
C ARG NA 137 188.98 -100.51 -19.68
N ASP OA 53 207.96 -90.95 -33.67
CA ASP OA 53 206.78 -90.17 -34.05
C ASP OA 53 206.13 -90.70 -35.32
N ILE OA 54 206.93 -91.35 -36.17
CA ILE OA 54 206.39 -91.95 -37.39
C ILE OA 54 205.46 -93.08 -36.97
N ASP OA 55 205.80 -93.78 -35.89
CA ASP OA 55 204.97 -94.88 -35.41
C ASP OA 55 203.53 -94.45 -35.11
N LEU OA 56 203.36 -93.23 -34.59
CA LEU OA 56 202.00 -92.73 -34.34
C LEU OA 56 201.11 -92.61 -35.56
N ILE OA 57 201.69 -92.14 -36.66
CA ILE OA 57 200.90 -91.92 -37.91
C ILE OA 57 201.21 -93.04 -38.91
N MET OA 58 201.64 -94.21 -38.44
CA MET OA 58 202.00 -95.29 -39.35
C MET OA 58 200.84 -96.28 -39.17
N ASP OA 59 199.99 -96.06 -38.16
CA ASP OA 59 198.91 -97.05 -37.88
C ASP OA 59 197.51 -96.48 -38.14
N ILE OA 60 197.34 -95.16 -38.15
CA ILE OA 60 196.01 -94.54 -38.30
C ILE OA 60 195.19 -94.94 -39.53
N PRO OA 61 193.87 -95.25 -39.36
CA PRO OA 61 192.98 -95.54 -40.51
C PRO OA 61 192.74 -94.30 -41.35
N VAL OA 62 192.40 -94.47 -42.61
CA VAL OA 62 192.12 -93.35 -43.52
C VAL OA 62 191.15 -93.95 -44.53
N LYS OA 63 190.40 -93.08 -45.20
CA LYS OA 63 189.38 -93.52 -46.14
C LYS OA 63 189.93 -93.35 -47.55
N LEU OA 64 189.85 -94.40 -48.35
CA LEU OA 64 190.38 -94.40 -49.71
C LEU OA 64 189.21 -94.53 -50.66
N THR OA 65 189.26 -93.79 -51.76
CA THR OA 65 188.25 -93.87 -52.81
C THR OA 65 188.93 -93.87 -54.16
N VAL OA 66 188.23 -94.36 -55.17
CA VAL OA 66 188.69 -94.26 -56.55
C VAL OA 66 187.51 -93.82 -57.40
N GLU OA 67 187.70 -92.77 -58.18
CA GLU OA 67 186.60 -92.19 -58.95
C GLU OA 67 186.73 -92.60 -60.40
N LEU OA 68 185.62 -93.06 -61.00
CA LEU OA 68 185.64 -93.59 -62.39
C LEU OA 68 185.33 -92.50 -63.42
N GLY OA 69 184.59 -91.45 -63.05
CA GLY OA 69 184.12 -90.43 -64.01
C GLY OA 69 184.18 -89.03 -63.45
N ARG OA 70 184.14 -88.04 -64.35
CA ARG OA 70 184.16 -86.61 -63.95
C ARG OA 70 183.46 -85.80 -65.06
N THR OA 71 182.39 -85.07 -64.74
CA THR OA 71 181.62 -84.30 -65.73
C THR OA 71 181.23 -83.00 -65.09
N ARG OA 72 181.17 -81.90 -65.85
CA ARG OA 72 180.67 -80.61 -65.40
C ARG OA 72 179.29 -80.35 -66.01
N MET OA 73 178.34 -79.97 -65.15
CA MET OA 73 176.96 -79.81 -65.64
C MET OA 73 176.25 -78.62 -64.98
N THR OA 74 175.23 -78.08 -65.64
CA THR OA 74 174.40 -76.99 -65.14
C THR OA 74 173.20 -77.70 -64.53
N ILE OA 75 172.24 -76.93 -64.01
CA ILE OA 75 171.10 -77.59 -63.28
C ILE OA 75 169.99 -77.91 -64.29
N LYS OA 76 169.90 -77.11 -65.33
CA LYS OA 76 168.95 -77.47 -66.39
C LYS OA 76 169.30 -78.91 -66.69
N GLU OA 77 170.58 -79.17 -66.93
CA GLU OA 77 171.01 -80.54 -67.31
C GLU OA 77 170.75 -81.55 -66.19
N LEU OA 78 171.07 -81.22 -64.94
CA LEU OA 78 170.91 -82.20 -63.84
C LEU OA 78 169.44 -82.55 -63.63
N LEU OA 79 168.56 -81.54 -63.65
CA LEU OA 79 167.11 -81.75 -63.47
C LEU OA 79 166.57 -82.56 -64.65
N ARG OA 80 167.09 -82.29 -65.86
CA ARG OA 80 166.59 -82.96 -67.08
C ARG OA 80 166.83 -84.47 -66.94
N LEU OA 81 167.98 -84.88 -66.38
CA LEU OA 81 168.23 -86.32 -66.12
C LEU OA 81 166.96 -86.93 -65.51
N THR OA 82 166.49 -88.08 -65.97
CA THR OA 82 165.34 -88.78 -65.34
C THR OA 82 165.78 -90.18 -64.96
N GLN OA 83 164.83 -91.10 -64.78
CA GLN OA 83 165.23 -92.47 -64.51
C GLN OA 83 165.67 -93.15 -65.80
N GLY OA 84 166.82 -93.80 -65.76
CA GLY OA 84 167.36 -94.46 -66.93
C GLY OA 84 168.17 -93.57 -67.85
N SER OA 85 168.28 -92.27 -67.54
CA SER OA 85 169.07 -91.38 -68.37
C SER OA 85 170.54 -91.72 -68.28
N VAL OA 86 171.23 -91.67 -69.42
CA VAL OA 86 172.65 -91.97 -69.49
C VAL OA 86 173.42 -90.66 -69.49
N VAL OA 87 174.37 -90.53 -68.57
CA VAL OA 87 175.20 -89.35 -68.44
C VAL OA 87 176.59 -89.68 -68.95
N ALA OA 88 177.02 -88.98 -69.99
CA ALA OA 88 178.37 -89.18 -70.53
C ALA OA 88 179.45 -88.63 -69.62
N LEU OA 89 180.59 -89.31 -69.62
CA LEU OA 89 181.76 -88.91 -68.84
C LEU OA 89 182.94 -88.33 -69.59
N ASP OA 90 183.45 -87.18 -69.13
CA ASP OA 90 184.58 -86.56 -69.79
C ASP OA 90 185.77 -87.54 -69.98
N GLY OA 91 185.99 -88.36 -68.96
CA GLY OA 91 186.94 -89.43 -69.04
C GLY OA 91 186.82 -90.51 -70.11
N LEU OA 92 187.85 -90.64 -70.95
CA LEU OA 92 187.83 -91.66 -71.99
C LEU OA 92 188.00 -93.04 -71.37
N ALA OA 93 187.60 -94.07 -72.12
CA ALA OA 93 187.77 -95.43 -71.63
C ALA OA 93 189.24 -95.80 -71.58
N GLY OA 94 189.63 -96.46 -70.49
CA GLY OA 94 190.99 -96.93 -70.32
C GLY OA 94 191.96 -95.94 -69.70
N GLU OA 95 191.55 -94.68 -69.53
CA GLU OA 95 192.43 -93.73 -68.89
C GLU OA 95 192.58 -94.04 -67.40
N PRO OA 96 193.70 -93.73 -66.72
CA PRO OA 96 193.87 -94.11 -65.29
C PRO OA 96 192.85 -93.41 -64.40
N LEU OA 97 192.08 -94.17 -63.60
CA LEU OA 97 191.08 -93.61 -62.65
C LEU OA 97 191.80 -92.80 -61.57
N ASP OA 98 191.27 -91.67 -61.14
CA ASP OA 98 191.91 -90.95 -59.99
C ASP OA 98 191.73 -91.78 -58.72
N ILE OA 99 192.72 -91.83 -57.83
CA ILE OA 99 192.61 -92.45 -56.51
C ILE OA 99 192.80 -91.35 -55.48
N LEU OA 100 191.82 -91.20 -54.60
CA LEU OA 100 191.77 -90.11 -53.64
C LEU OA 100 191.84 -90.66 -52.23
N ILE OA 101 192.46 -89.89 -51.34
CA ILE OA 101 192.54 -90.21 -49.92
C ILE OA 101 191.90 -89.05 -49.18
N ASN OA 102 190.73 -89.30 -48.57
CA ASN OA 102 189.96 -88.26 -47.91
C ASN OA 102 189.69 -87.10 -48.87
N GLY OA 103 189.45 -87.43 -50.13
CA GLY OA 103 189.21 -86.44 -51.15
C GLY OA 103 190.45 -85.79 -51.73
N TYR OA 104 191.64 -86.31 -51.42
CA TYR OA 104 192.90 -85.74 -51.90
C TYR OA 104 193.53 -86.71 -52.90
N LEU OA 105 193.77 -86.23 -54.11
CA LEU OA 105 194.32 -87.07 -55.16
C LEU OA 105 195.80 -87.34 -54.91
N ILE OA 106 196.18 -88.62 -54.97
CA ILE OA 106 197.59 -88.98 -54.76
C ILE OA 106 198.10 -89.85 -55.90
N ALA OA 107 197.21 -90.53 -56.62
CA ALA OA 107 197.67 -91.54 -57.56
C ALA OA 107 196.65 -91.74 -58.67
N GLN OA 108 197.11 -92.39 -59.74
CA GLN OA 108 196.28 -92.75 -60.88
C GLN OA 108 196.48 -94.23 -61.19
N GLY OA 109 195.38 -94.91 -61.51
CA GLY OA 109 195.45 -96.32 -61.85
C GLY OA 109 194.25 -96.92 -62.54
N GLU OA 110 194.50 -98.00 -63.28
CA GLU OA 110 193.42 -98.67 -64.00
C GLU OA 110 192.49 -99.54 -63.21
N VAL OA 111 191.33 -99.85 -63.78
CA VAL OA 111 190.25 -100.53 -63.07
C VAL OA 111 190.52 -102.00 -63.38
N VAL OA 112 190.40 -102.83 -62.36
CA VAL OA 112 190.53 -104.28 -62.50
C VAL OA 112 189.69 -104.93 -61.41
N VAL OA 113 189.10 -106.08 -61.71
CA VAL OA 113 188.24 -106.80 -60.77
C VAL OA 113 188.93 -108.08 -60.35
N VAL OA 114 189.01 -108.29 -59.03
CA VAL OA 114 189.71 -109.48 -58.48
C VAL OA 114 188.75 -110.26 -57.56
N ALA OA 115 188.55 -111.55 -57.82
CA ALA OA 115 187.71 -112.40 -56.93
C ALA OA 115 186.29 -111.82 -56.80
N ASP OA 116 185.75 -111.27 -57.90
CA ASP OA 116 184.35 -110.74 -57.94
C ASP OA 116 184.20 -109.51 -57.05
N LYS OA 117 185.29 -108.83 -56.72
CA LYS OA 117 185.23 -107.58 -55.91
C LYS OA 117 185.96 -106.49 -56.68
N TYR OA 118 185.39 -105.29 -56.74
CA TYR OA 118 186.08 -104.16 -57.46
C TYR OA 118 187.49 -103.92 -56.96
N GLY OA 119 188.37 -103.45 -57.84
CA GLY OA 119 189.73 -103.13 -57.44
C GLY OA 119 190.35 -102.15 -58.42
N VAL OA 120 191.59 -101.78 -58.12
CA VAL OA 120 192.32 -100.83 -58.95
C VAL OA 120 193.82 -101.12 -58.81
N ARG OA 121 194.53 -101.09 -59.93
CA ARG OA 121 195.97 -101.25 -59.95
C ARG OA 121 196.66 -99.90 -60.02
N ILE OA 122 197.53 -99.63 -59.05
CA ILE OA 122 198.18 -98.33 -58.97
C ILE OA 122 199.19 -98.20 -60.11
N THR OA 123 198.80 -97.52 -61.19
CA THR OA 123 199.71 -97.32 -62.32
C THR OA 123 200.84 -96.38 -61.92
N ASP OA 124 200.51 -95.25 -61.29
CA ASP OA 124 201.55 -94.31 -60.90
C ASP OA 124 201.04 -93.43 -59.77
N ILE OA 125 201.98 -92.77 -59.10
CA ILE OA 125 201.67 -91.75 -58.11
C ILE OA 125 202.00 -90.39 -58.72
N ILE OA 126 201.02 -89.49 -58.73
CA ILE OA 126 201.21 -88.19 -59.36
C ILE OA 126 202.07 -87.31 -58.47
N THR OA 127 203.14 -86.78 -59.05
CA THR OA 127 203.98 -85.74 -58.49
C THR OA 127 203.27 -84.40 -58.61
N PRO OA 128 203.48 -83.47 -57.66
CA PRO OA 128 202.67 -82.23 -57.66
C PRO OA 128 202.86 -81.39 -58.92
N SER OA 129 203.67 -81.83 -59.88
CA SER OA 129 203.80 -81.10 -61.13
C SER OA 129 202.46 -81.16 -61.86
N GLU OA 130 201.77 -82.31 -61.78
CA GLU OA 130 200.49 -82.47 -62.53
C GLU OA 130 199.32 -81.77 -61.81
N ARG OA 131 199.49 -81.40 -60.55
CA ARG OA 131 198.42 -80.78 -59.76
C ARG OA 131 198.08 -79.41 -60.33
N MET OA 132 199.11 -78.66 -60.75
CA MET OA 132 198.80 -77.37 -61.42
C MET OA 132 197.87 -77.67 -62.59
N ARG OA 133 198.21 -78.67 -63.41
CA ARG OA 133 197.37 -79.04 -64.58
C ARG OA 133 196.00 -79.64 -64.21
N ARG OA 134 195.88 -80.16 -62.98
CA ARG OA 134 194.59 -80.72 -62.52
C ARG OA 134 193.57 -79.58 -62.38
N LEU OA 135 194.06 -78.33 -62.45
CA LEU OA 135 193.15 -77.15 -62.34
C LEU OA 135 193.53 -76.13 -63.43
N ALA PA 37 189.43 -48.81 -41.41
CA ALA PA 37 188.05 -48.57 -40.99
C ALA PA 37 187.16 -48.29 -42.20
N VAL PA 38 187.64 -48.67 -43.39
CA VAL PA 38 186.89 -48.45 -44.62
C VAL PA 38 185.63 -49.31 -44.65
N PHE PA 39 185.75 -50.59 -44.29
CA PHE PA 39 184.61 -51.49 -44.31
C PHE PA 39 183.60 -51.09 -43.24
N GLN PA 40 182.32 -51.15 -43.58
CA GLN PA 40 181.26 -50.78 -42.66
C GLN PA 40 180.76 -52.05 -41.98
N GLN PA 41 180.57 -51.97 -40.66
CA GLN PA 41 180.24 -53.14 -39.87
C GLN PA 41 178.78 -53.55 -39.99
N LEU PA 42 178.53 -54.66 -40.66
CA LEU PA 42 177.18 -55.20 -40.84
C LEU PA 42 176.78 -56.18 -39.75
N GLY PA 43 175.56 -56.04 -39.26
CA GLY PA 43 175.06 -56.92 -38.22
C GLY PA 43 173.55 -56.88 -38.17
N GLY PA 44 172.99 -57.90 -37.52
CA GLY PA 44 171.54 -58.00 -37.41
C GLY PA 44 170.84 -58.18 -38.75
N GLY PA 45 171.42 -58.98 -39.64
CA GLY PA 45 170.85 -59.18 -40.95
C GLY PA 45 170.06 -60.47 -41.06
N ASP PA 46 169.79 -61.12 -39.94
CA ASP PA 46 169.00 -62.35 -39.92
C ASP PA 46 167.51 -62.00 -39.97
N VAL PA 47 167.10 -61.54 -41.15
CA VAL PA 47 165.71 -61.13 -41.34
C VAL PA 47 164.79 -62.34 -41.31
N SER PA 48 164.96 -63.25 -42.25
CA SER PA 48 164.16 -64.46 -42.35
C SER PA 48 164.83 -65.39 -43.36
N GLY PA 49 164.26 -66.58 -43.50
CA GLY PA 49 164.74 -67.54 -44.47
C GLY PA 49 163.63 -68.38 -45.08
N ALA PA 50 163.53 -68.37 -46.40
CA ALA PA 50 162.52 -69.15 -47.09
C ALA PA 50 163.02 -69.50 -48.48
N MET PA 51 162.93 -70.78 -48.85
CA MET PA 51 163.32 -71.20 -50.18
C MET PA 51 162.47 -70.48 -51.22
N GLN PA 52 163.13 -69.99 -52.27
CA GLN PA 52 162.42 -69.19 -53.25
C GLN PA 52 161.98 -70.15 -54.36
N ASP PA 53 162.94 -70.70 -55.09
CA ASP PA 53 162.70 -71.61 -56.20
C ASP PA 53 164.06 -72.06 -56.69
N ILE PA 54 164.07 -73.12 -57.49
CA ILE PA 54 165.33 -73.73 -57.91
C ILE PA 54 165.83 -73.24 -59.27
N ASP PA 55 165.14 -72.25 -59.83
CA ASP PA 55 165.55 -71.65 -61.10
C ASP PA 55 166.31 -70.34 -60.95
N LEU PA 56 166.31 -69.76 -59.75
CA LEU PA 56 167.12 -68.54 -59.52
C LEU PA 56 168.58 -68.97 -59.61
N ILE PA 57 168.88 -70.17 -59.13
CA ILE PA 57 170.28 -70.71 -59.06
C ILE PA 57 170.54 -71.68 -60.22
N MET PA 58 169.65 -71.82 -61.19
CA MET PA 58 169.80 -72.90 -62.21
C MET PA 58 171.09 -73.04 -63.02
N ASP PA 59 171.44 -72.01 -63.79
CA ASP PA 59 172.62 -72.10 -64.68
C ASP PA 59 173.89 -71.92 -63.86
N ILE PA 60 174.01 -72.69 -62.78
CA ILE PA 60 175.25 -72.63 -61.96
C ILE PA 60 175.96 -73.98 -62.18
N PRO PA 61 177.25 -74.00 -62.56
CA PRO PA 61 177.95 -75.27 -62.90
C PRO PA 61 178.00 -76.17 -61.67
N VAL PA 62 177.78 -77.47 -61.87
CA VAL PA 62 177.87 -78.45 -60.75
C VAL PA 62 179.06 -79.36 -61.06
N LYS PA 63 179.69 -79.91 -60.04
CA LYS PA 63 180.82 -80.81 -60.27
C LYS PA 63 180.32 -82.24 -60.07
N LEU PA 64 179.93 -82.88 -61.18
CA LEU PA 64 179.43 -84.24 -61.10
C LEU PA 64 180.58 -85.23 -61.19
N THR PA 65 180.53 -86.26 -60.35
CA THR PA 65 181.58 -87.26 -60.26
C THR PA 65 180.97 -88.60 -59.91
N VAL PA 66 181.28 -89.62 -60.71
CA VAL PA 66 180.88 -90.99 -60.43
C VAL PA 66 182.00 -91.73 -59.73
N GLU PA 67 181.64 -92.48 -58.68
CA GLU PA 67 182.63 -93.18 -57.87
C GLU PA 67 182.64 -94.68 -58.08
N LEU PA 68 183.85 -95.23 -58.32
CA LEU PA 68 183.95 -96.64 -58.66
C LEU PA 68 183.76 -97.47 -57.39
N GLY PA 69 184.44 -97.10 -56.30
CA GLY PA 69 184.34 -97.88 -55.09
C GLY PA 69 184.97 -97.20 -53.90
N ARG PA 70 184.85 -97.87 -52.76
CA ARG PA 70 185.36 -97.38 -51.49
C ARG PA 70 186.13 -98.52 -50.85
N THR PA 71 186.91 -98.20 -49.84
CA THR PA 71 187.61 -99.16 -49.02
C THR PA 71 188.20 -98.43 -47.85
N ARG PA 72 187.93 -98.92 -46.64
CA ARG PA 72 188.55 -98.38 -45.44
C ARG PA 72 189.87 -99.11 -45.24
N MET PA 73 190.97 -98.35 -45.23
CA MET PA 73 192.29 -98.94 -45.12
C MET PA 73 193.18 -97.96 -44.36
N THR PA 74 194.08 -98.52 -43.58
CA THR PA 74 194.97 -97.72 -42.76
C THR PA 74 196.28 -97.44 -43.49
N ILE PA 75 197.11 -96.60 -42.88
CA ILE PA 75 198.41 -96.27 -43.44
C ILE PA 75 199.34 -97.49 -43.49
N LYS PA 76 199.05 -98.49 -42.66
CA LYS PA 76 199.82 -99.73 -42.66
C LYS PA 76 200.02 -100.27 -44.06
N GLU PA 77 198.94 -100.64 -44.73
CA GLU PA 77 199.06 -101.12 -46.10
C GLU PA 77 199.33 -99.98 -47.07
N LEU PA 78 198.93 -98.75 -46.72
CA LEU PA 78 199.18 -97.63 -47.62
C LEU PA 78 200.56 -97.41 -48.21
N LEU PA 79 201.60 -97.45 -47.38
CA LEU PA 79 202.95 -97.31 -47.94
C LEU PA 79 203.46 -98.67 -48.50
N ARG PA 80 202.86 -99.76 -48.01
CA ARG PA 80 203.23 -101.09 -48.55
C ARG PA 80 202.94 -101.08 -50.06
N LEU PA 81 201.98 -100.24 -50.49
CA LEU PA 81 201.65 -100.13 -51.90
C LEU PA 81 202.73 -99.69 -52.88
N THR PA 82 202.97 -100.52 -53.90
CA THR PA 82 203.92 -100.23 -54.96
C THR PA 82 203.20 -100.17 -56.30
N GLN PA 83 203.95 -99.85 -57.34
CA GLN PA 83 203.40 -99.82 -58.68
C GLN PA 83 203.01 -101.22 -59.11
N GLY PA 84 201.84 -101.35 -59.72
CA GLY PA 84 201.33 -102.64 -60.13
C GLY PA 84 200.58 -103.40 -59.07
N SER PA 85 200.54 -102.90 -57.83
CA SER PA 85 199.78 -103.55 -56.79
C SER PA 85 198.28 -103.36 -57.04
N VAL PA 86 197.48 -104.23 -56.41
CA VAL PA 86 196.03 -104.22 -56.59
C VAL PA 86 195.38 -104.01 -55.22
N VAL PA 87 194.47 -103.04 -55.14
CA VAL PA 87 193.76 -102.73 -53.92
C VAL PA 87 192.31 -103.14 -54.09
N ALA PA 88 191.85 -104.09 -53.26
CA ALA PA 88 190.46 -104.51 -53.32
C ALA PA 88 189.57 -103.43 -52.72
N LEU PA 89 188.42 -103.23 -53.35
CA LEU PA 89 187.45 -102.24 -52.92
C LEU PA 89 186.29 -102.93 -52.22
N ASP PA 90 185.70 -102.23 -51.24
CA ASP PA 90 184.58 -102.80 -50.50
C ASP PA 90 183.38 -103.10 -51.39
N GLY PA 91 183.14 -102.25 -52.39
CA GLY PA 91 182.03 -102.47 -53.30
C GLY PA 91 182.14 -103.75 -54.11
N LEU PA 92 181.09 -104.55 -54.08
CA LEU PA 92 181.05 -105.77 -54.87
C LEU PA 92 180.98 -105.43 -56.36
N ALA PA 93 181.63 -106.26 -57.17
CA ALA PA 93 181.66 -106.01 -58.60
C ALA PA 93 180.27 -106.11 -59.20
N GLY PA 94 179.95 -105.18 -60.10
CA GLY PA 94 178.65 -105.15 -60.74
C GLY PA 94 177.57 -104.41 -59.98
N GLU PA 95 177.85 -103.96 -58.76
CA GLU PA 95 176.88 -103.20 -58.00
C GLU PA 95 176.72 -101.81 -58.61
N PRO PA 96 175.58 -101.16 -58.36
CA PRO PA 96 175.41 -99.78 -58.84
C PRO PA 96 176.45 -98.86 -58.24
N LEU PA 97 176.97 -97.97 -59.07
CA LEU PA 97 177.99 -97.00 -58.66
C LEU PA 97 177.32 -95.76 -58.09
N ASP PA 98 178.12 -94.96 -57.38
CA ASP PA 98 177.62 -93.79 -56.68
C ASP PA 98 177.87 -92.54 -57.51
N ILE PA 99 176.91 -91.62 -57.49
CA ILE PA 99 177.01 -90.36 -58.22
C ILE PA 99 176.94 -89.23 -57.21
N LEU PA 100 177.90 -88.32 -57.28
CA LEU PA 100 177.98 -87.18 -56.37
C LEU PA 100 178.01 -85.89 -57.17
N ILE PA 101 177.43 -84.84 -56.63
CA ILE PA 101 177.55 -83.50 -57.16
C ILE PA 101 178.21 -82.64 -56.11
N ASN PA 102 179.37 -82.06 -56.43
CA ASN PA 102 180.18 -81.32 -55.48
C ASN PA 102 180.49 -82.16 -54.24
N GLY PA 103 180.70 -83.45 -54.45
CA GLY PA 103 181.07 -84.35 -53.38
C GLY PA 103 179.95 -84.81 -52.49
N TYR PA 104 178.70 -84.55 -52.86
CA TYR PA 104 177.55 -84.95 -52.06
C TYR PA 104 176.81 -86.04 -52.82
N LEU PA 105 176.60 -87.18 -52.16
CA LEU PA 105 175.95 -88.31 -52.81
C LEU PA 105 174.48 -88.00 -53.03
N ILE PA 106 174.01 -88.17 -54.27
CA ILE PA 106 172.63 -87.90 -54.62
C ILE PA 106 171.94 -89.14 -55.18
N ALA PA 107 172.62 -89.91 -56.02
CA ALA PA 107 171.95 -90.99 -56.74
C ALA PA 107 172.90 -92.17 -56.93
N GLN PA 108 172.30 -93.31 -57.26
CA GLN PA 108 173.03 -94.51 -57.62
C GLN PA 108 172.68 -94.86 -59.06
N GLY PA 109 173.73 -95.11 -59.86
CA GLY PA 109 173.55 -95.39 -61.26
C GLY PA 109 174.28 -96.67 -61.62
N GLU PA 110 174.34 -96.95 -62.92
CA GLU PA 110 174.98 -98.13 -63.45
C GLU PA 110 175.86 -97.70 -64.62
N VAL PA 111 177.06 -98.26 -64.70
CA VAL PA 111 178.05 -97.87 -65.70
C VAL PA 111 177.77 -98.56 -67.02
N VAL PA 112 177.81 -97.79 -68.11
CA VAL PA 112 177.60 -98.29 -69.46
C VAL PA 112 178.66 -97.68 -70.38
N VAL PA 113 178.89 -98.34 -71.50
CA VAL PA 113 179.86 -97.90 -72.50
C VAL PA 113 179.09 -97.53 -73.76
N VAL PA 114 179.20 -96.25 -74.15
CA VAL PA 114 178.50 -95.77 -75.38
C VAL PA 114 179.51 -95.11 -76.33
N ALA PA 115 179.69 -95.68 -77.52
CA ALA PA 115 180.66 -95.12 -78.52
C ALA PA 115 182.07 -95.03 -77.96
N ASP PA 116 182.50 -96.00 -77.15
CA ASP PA 116 183.90 -96.04 -76.62
C ASP PA 116 184.10 -94.93 -75.58
N LYS PA 117 183.00 -94.37 -75.06
CA LYS PA 117 183.10 -93.32 -74.01
C LYS PA 117 182.36 -93.81 -72.75
N TYR PA 118 182.95 -93.59 -71.58
CA TYR PA 118 182.32 -94.11 -70.38
C TYR PA 118 181.10 -93.28 -70.01
N GLY PA 119 180.05 -93.96 -69.58
CA GLY PA 119 178.82 -93.29 -69.22
C GLY PA 119 178.10 -94.03 -68.11
N VAL PA 120 177.53 -93.27 -67.20
CA VAL PA 120 176.71 -93.83 -66.12
C VAL PA 120 175.25 -93.64 -66.48
N ARG PA 121 174.43 -94.60 -66.07
CA ARG PA 121 172.99 -94.55 -66.29
C ARG PA 121 172.30 -94.42 -64.93
N ILE PA 122 171.69 -93.26 -64.68
CA ILE PA 122 171.06 -93.02 -63.39
C ILE PA 122 169.93 -94.01 -63.18
N THR PA 123 169.97 -94.70 -62.04
CA THR PA 123 168.94 -95.68 -61.70
C THR PA 123 168.01 -95.22 -60.60
N ASP PA 124 168.53 -94.71 -59.48
CA ASP PA 124 167.62 -94.32 -58.41
C ASP PA 124 168.29 -93.32 -57.48
N ILE PA 125 167.56 -92.27 -57.13
CA ILE PA 125 168.04 -91.34 -56.12
C ILE PA 125 168.04 -92.04 -54.76
N ILE PA 126 169.15 -91.93 -54.05
CA ILE PA 126 169.28 -92.64 -52.78
C ILE PA 126 168.28 -92.10 -51.76
N THR PA 127 167.97 -92.92 -50.79
CA THR PA 127 167.06 -92.67 -49.69
C THR PA 127 167.83 -92.24 -48.46
N PRO PA 128 167.19 -91.49 -47.55
CA PRO PA 128 167.89 -91.12 -46.31
C PRO PA 128 168.36 -92.32 -45.51
N SER PA 129 167.59 -93.41 -45.50
CA SER PA 129 168.05 -94.63 -44.84
C SER PA 129 169.33 -95.25 -45.37
N GLU PA 130 169.47 -95.33 -46.69
CA GLU PA 130 170.71 -95.84 -47.28
C GLU PA 130 171.87 -94.83 -47.13
N ARG PA 131 171.51 -93.54 -47.08
CA ARG PA 131 172.51 -92.51 -46.82
C ARG PA 131 173.17 -92.79 -45.47
N MET PA 132 172.37 -92.98 -44.42
CA MET PA 132 172.93 -93.34 -43.12
C MET PA 132 173.57 -94.72 -43.02
N ARG PA 133 173.07 -95.64 -43.84
CA ARG PA 133 173.68 -96.97 -43.94
C ARG PA 133 175.09 -96.72 -44.48
N ARG PA 134 175.20 -95.87 -45.50
CA ARG PA 134 176.52 -95.51 -46.01
C ARG PA 134 177.38 -94.87 -44.94
N LEU PA 135 176.78 -94.00 -44.11
CA LEU PA 135 177.56 -93.29 -43.10
C LEU PA 135 178.16 -94.26 -42.09
N SER PA 136 177.39 -95.25 -41.65
CA SER PA 136 177.88 -96.22 -40.67
C SER PA 136 178.70 -97.30 -41.35
N LYS QA 514 76.13 -112.12 -95.46
CA LYS QA 514 77.21 -111.17 -95.62
C LYS QA 514 78.33 -111.73 -96.47
N ASP QA 515 78.55 -113.05 -96.34
CA ASP QA 515 79.59 -113.70 -97.12
C ASP QA 515 79.28 -113.66 -98.62
N GLU QA 516 78.01 -113.89 -98.98
CA GLU QA 516 77.63 -113.85 -100.38
C GLU QA 516 77.78 -112.45 -100.97
N GLN QA 517 77.39 -111.42 -100.21
CA GLN QA 517 77.57 -110.05 -100.69
C GLN QA 517 79.04 -109.71 -100.85
N LEU QA 518 79.88 -110.14 -99.91
CA LEU QA 518 81.32 -109.90 -100.03
C LEU QA 518 81.89 -110.62 -101.25
N GLN QA 519 81.44 -111.85 -101.50
CA GLN QA 519 81.90 -112.58 -102.68
C GLN QA 519 81.49 -111.90 -103.97
N GLN QA 520 80.24 -111.39 -104.02
CA GLN QA 520 79.78 -110.68 -105.21
C GLN QA 520 80.57 -109.40 -105.43
N ARG QA 521 80.84 -108.65 -104.34
CA ARG QA 521 81.64 -107.45 -104.46
C ARG QA 521 83.05 -107.77 -104.93
N ARG QA 522 83.64 -108.85 -104.42
CA ARG QA 522 84.97 -109.27 -104.86
C ARG QA 522 84.97 -109.66 -106.33
N ALA QA 523 83.92 -110.35 -106.78
CA ALA QA 523 83.84 -110.72 -108.19
C ALA QA 523 83.72 -109.49 -109.08
N ASN QA 524 82.89 -108.53 -108.68
CA ASN QA 524 82.78 -107.29 -109.45
C ASN QA 524 84.11 -106.55 -109.48
N GLN QA 525 84.80 -106.48 -108.34
CA GLN QA 525 86.10 -105.83 -108.29
C GLN QA 525 87.12 -106.53 -109.17
N ARG QA 526 87.09 -107.87 -109.19
CA ARG QA 526 88.03 -108.65 -109.98
C ARG QA 526 87.67 -108.69 -111.46
N LEU QA 527 86.44 -108.31 -111.80
CA LEU QA 527 85.96 -108.29 -113.21
C LEU QA 527 86.25 -106.89 -113.78
N GLY QA 528 85.82 -105.85 -113.08
CA GLY QA 528 86.03 -104.47 -113.52
C GLY QA 528 87.50 -104.07 -113.50
N ALA QA 529 88.30 -104.66 -112.59
CA ALA QA 529 89.75 -104.39 -112.52
C ALA QA 529 90.40 -105.11 -113.71
N GLU QA 530 89.92 -106.33 -114.01
CA GLU QA 530 90.46 -107.09 -115.16
C GLU QA 530 90.15 -106.32 -116.45
N VAL QA 531 88.92 -105.69 -116.45
CA VAL QA 531 88.52 -104.78 -117.56
C VAL QA 531 89.38 -103.51 -117.47
N MET QA 532 89.61 -103.01 -116.26
CA MET QA 532 90.41 -101.78 -116.03
C MET QA 532 91.85 -102.03 -116.50
N SER QA 533 92.39 -103.20 -116.22
CA SER QA 533 93.79 -103.55 -116.63
C SER QA 533 93.83 -103.57 -118.16
N GLN QA 534 92.82 -104.13 -118.82
CA GLN QA 534 92.74 -104.13 -120.30
C GLN QA 534 92.62 -102.68 -120.78
N ARG QA 535 91.83 -101.86 -120.09
CA ARG QA 535 91.60 -100.45 -120.46
C ARG QA 535 92.91 -99.66 -120.37
N ILE QA 536 93.72 -99.90 -119.35
CA ILE QA 536 94.99 -99.13 -119.11
C ILE QA 536 96.03 -99.53 -120.17
N ARG QA 537 95.92 -100.73 -120.75
CA ARG QA 537 96.85 -101.20 -121.77
C ARG QA 537 96.57 -100.53 -123.11
N GLU QA 538 95.30 -100.42 -123.47
CA GLU QA 538 94.95 -99.72 -124.72
C GLU QA 538 95.38 -98.26 -124.66
N MET QA 539 95.13 -97.60 -123.53
CA MET QA 539 95.50 -96.19 -123.40
C MET QA 539 97.01 -95.99 -123.45
N SER QA 540 97.77 -96.86 -122.80
CA SER QA 540 99.23 -96.75 -122.80
C SER QA 540 99.81 -97.06 -124.17
N ASP QA 541 99.23 -98.02 -124.88
CA ASP QA 541 99.64 -98.26 -126.26
C ASP QA 541 99.31 -97.06 -127.15
N ASN QA 542 98.20 -96.37 -126.88
CA ASN QA 542 97.90 -95.15 -127.63
C ASN QA 542 98.93 -94.06 -127.34
N ASP QA 543 99.30 -93.89 -126.07
CA ASP QA 543 100.25 -92.85 -125.65
C ASP QA 543 101.10 -93.38 -124.52
N PRO QA 544 102.33 -93.83 -124.80
CA PRO QA 544 103.19 -94.34 -123.72
C PRO QA 544 103.83 -93.25 -122.90
N ARG QA 545 104.23 -92.14 -123.52
CA ARG QA 545 104.91 -91.07 -122.77
C ARG QA 545 103.95 -90.30 -121.88
N VAL QA 546 102.66 -90.24 -122.24
CA VAL QA 546 101.70 -89.51 -121.44
C VAL QA 546 101.55 -90.15 -120.07
N VAL QA 547 101.54 -91.49 -120.02
CA VAL QA 547 101.44 -92.19 -118.74
C VAL QA 547 102.65 -91.89 -117.86
N ALA QA 548 103.85 -91.91 -118.43
CA ALA QA 548 105.05 -91.61 -117.66
C ALA QA 548 105.03 -90.16 -117.17
N LEU QA 549 104.58 -89.23 -118.01
CA LEU QA 549 104.48 -87.84 -117.59
C LEU QA 549 103.48 -87.68 -116.45
N VAL QA 550 102.35 -88.37 -116.53
CA VAL QA 550 101.35 -88.29 -115.46
C VAL QA 550 101.90 -88.88 -114.18
N ILE QA 551 102.64 -89.99 -114.28
CA ILE QA 551 103.25 -90.59 -113.10
C ILE QA 551 104.26 -89.64 -112.47
N ARG QA 552 105.07 -88.98 -113.29
CA ARG QA 552 106.05 -88.02 -112.77
C ARG QA 552 105.35 -86.84 -112.10
N GLN QA 553 104.26 -86.37 -112.71
CA GLN QA 553 103.49 -85.28 -112.12
C GLN QA 553 102.89 -85.70 -110.78
N TRP QA 554 102.43 -86.95 -110.68
CA TRP QA 554 101.89 -87.44 -109.41
C TRP QA 554 102.97 -87.46 -108.33
N MET QA 555 104.18 -87.90 -108.68
CA MET QA 555 105.28 -87.88 -107.72
C MET QA 555 105.65 -86.46 -107.33
N SER QA 556 105.66 -85.53 -108.29
CA SER QA 556 105.97 -84.14 -107.97
C SER QA 556 104.93 -83.55 -107.03
N ASN QA 557 103.65 -83.85 -107.27
CA ASN QA 557 102.59 -83.34 -106.40
C ASN QA 557 102.62 -84.03 -105.04
N ASP QA 558 103.17 -85.25 -104.97
CA ASP QA 558 103.25 -85.95 -103.70
C ASP QA 558 104.17 -85.25 -102.72
N HIS QA 559 105.13 -84.48 -103.23
CA HIS QA 559 106.06 -83.75 -102.38
C HIS QA 559 105.36 -82.60 -101.65
N GLY RA 6 100.98 -91.15 -104.09
CA GLY RA 6 100.70 -91.40 -105.50
C GLY RA 6 101.75 -92.28 -106.15
N THR RA 7 102.98 -92.21 -105.65
CA THR RA 7 104.06 -93.02 -106.18
C THR RA 7 103.80 -94.50 -105.97
N ASP RA 8 103.30 -94.87 -104.79
CA ASP RA 8 102.97 -96.27 -104.52
C ASP RA 8 101.86 -96.76 -105.45
N LYS RA 9 100.84 -95.91 -105.68
CA LYS RA 9 99.79 -96.28 -106.60
C LYS RA 9 100.33 -96.43 -108.02
N SER RA 10 101.23 -95.54 -108.43
CA SER RA 10 101.84 -95.65 -109.75
C SER RA 10 102.65 -96.94 -109.88
N VAL RA 11 103.39 -97.28 -108.83
CA VAL RA 11 104.16 -98.53 -108.86
C VAL RA 11 103.24 -99.74 -108.95
N ILE RA 12 102.15 -99.73 -108.19
CA ILE RA 12 101.19 -100.83 -108.24
C ILE RA 12 100.58 -100.94 -109.63
N LEU RA 13 100.21 -99.81 -110.23
CA LEU RA 13 99.64 -99.83 -111.57
C LEU RA 13 100.65 -100.35 -112.60
N LEU RA 14 101.91 -99.95 -112.48
CA LEU RA 14 102.95 -100.42 -113.38
C LEU RA 14 103.16 -101.92 -113.23
N MET RA 15 103.16 -102.42 -111.99
CA MET RA 15 103.29 -103.84 -111.76
C MET RA 15 102.12 -104.61 -112.34
N THR RA 16 100.91 -104.09 -112.18
CA THR RA 16 99.71 -104.75 -112.71
C THR RA 16 99.58 -104.61 -114.23
N ILE RA 17 100.32 -103.69 -114.84
CA ILE RA 17 100.20 -103.47 -116.28
C ILE RA 17 100.89 -104.60 -117.04
N GLY RA 18 102.15 -104.84 -116.74
CA GLY RA 18 102.92 -105.87 -117.43
C GLY RA 18 104.37 -105.48 -117.62
N GLU RA 19 105.20 -106.46 -117.98
CA GLU RA 19 106.63 -106.21 -118.12
C GLU RA 19 106.92 -105.28 -119.29
N ASP RA 20 106.27 -105.52 -120.44
CA ASP RA 20 106.57 -104.74 -121.64
C ASP RA 20 106.12 -103.29 -121.49
N ARG RA 21 104.89 -103.09 -121.00
CA ARG RA 21 104.37 -101.74 -120.82
C ARG RA 21 105.20 -100.97 -119.79
N ALA RA 22 105.55 -101.62 -118.68
CA ALA RA 22 106.37 -100.97 -117.67
C ALA RA 22 107.76 -100.64 -118.21
N ALA RA 23 108.35 -101.53 -119.01
CA ALA RA 23 109.64 -101.26 -119.60
C ALA RA 23 109.58 -100.06 -120.55
N GLU RA 24 108.52 -100.00 -121.36
CA GLU RA 24 108.36 -98.86 -122.26
C GLU RA 24 108.18 -97.57 -121.48
N VAL RA 25 107.38 -97.60 -120.41
CA VAL RA 25 107.18 -96.41 -119.58
C VAL RA 25 108.50 -95.96 -118.96
N PHE RA 26 109.28 -96.91 -118.45
CA PHE RA 26 110.58 -96.58 -117.86
C PHE RA 26 111.51 -95.98 -118.90
N LYS RA 27 111.51 -96.55 -120.11
CA LYS RA 27 112.29 -95.96 -121.20
C LYS RA 27 111.80 -94.56 -121.55
N HIS RA 28 110.53 -94.26 -121.31
CA HIS RA 28 109.99 -92.92 -121.48
C HIS RA 28 109.93 -92.14 -120.18
N LEU RA 29 110.76 -92.53 -119.20
CA LEU RA 29 110.76 -91.90 -117.88
C LEU RA 29 112.18 -91.47 -117.52
N SER RA 30 112.27 -90.51 -116.60
CA SER RA 30 113.54 -89.98 -116.14
C SER RA 30 114.26 -91.00 -115.27
N THR RA 31 115.56 -90.77 -115.07
CA THR RA 31 116.40 -91.70 -114.32
C THR RA 31 115.95 -91.83 -112.87
N ARG RA 32 115.74 -90.70 -112.20
CA ARG RA 32 115.31 -90.72 -110.80
C ARG RA 32 113.93 -91.37 -110.67
N GLU RA 33 113.01 -91.00 -111.56
CA GLU RA 33 111.67 -91.59 -111.52
C GLU RA 33 111.72 -93.09 -111.79
N VAL RA 34 112.54 -93.50 -112.76
CA VAL RA 34 112.65 -94.94 -113.08
C VAL RA 34 113.21 -95.70 -111.89
N GLN RA 35 114.25 -95.15 -111.26
CA GLN RA 35 114.86 -95.81 -110.11
C GLN RA 35 113.86 -95.92 -108.95
N ALA RA 36 113.13 -94.83 -108.69
CA ALA RA 36 112.15 -94.86 -107.61
C ALA RA 36 111.05 -95.87 -107.89
N LEU RA 37 110.56 -95.91 -109.13
CA LEU RA 37 109.52 -96.87 -109.48
C LEU RA 37 110.01 -98.31 -109.38
N SER RA 38 111.24 -98.58 -109.82
CA SER RA 38 111.79 -99.93 -109.72
C SER RA 38 111.96 -100.33 -108.26
N THR RA 39 112.44 -99.40 -107.42
CA THR RA 39 112.67 -99.73 -106.02
C THR RA 39 111.35 -99.96 -105.27
N ALA RA 40 110.39 -99.04 -105.43
CA ALA RA 40 109.16 -99.10 -104.65
C ALA RA 40 108.31 -100.31 -105.00
N MET RA 41 108.23 -100.64 -106.29
CA MET RA 41 107.37 -101.75 -106.73
C MET RA 41 107.82 -103.07 -106.11
N ALA RA 42 109.12 -103.35 -106.16
CA ALA RA 42 109.62 -104.60 -105.60
C ALA RA 42 109.76 -104.51 -104.08
N ASN RA 43 109.92 -103.29 -103.57
CA ASN RA 43 110.11 -103.10 -102.10
C ASN RA 43 108.89 -103.40 -101.23
N VAL RA 44 107.85 -102.56 -101.31
CA VAL RA 44 106.60 -102.83 -100.54
C VAL RA 44 105.51 -102.48 -101.56
N ARG RA 45 104.59 -103.41 -101.82
CA ARG RA 45 103.47 -103.15 -102.77
C ARG RA 45 102.16 -103.20 -101.98
N GLN RA 46 101.32 -102.17 -102.13
CA GLN RA 46 100.03 -102.13 -101.40
C GLN RA 46 98.88 -102.13 -102.41
N ILE RA 47 97.89 -103.00 -102.21
CA ILE RA 47 96.69 -103.02 -103.12
C ILE RA 47 95.44 -102.68 -102.28
N SER RA 48 94.65 -101.72 -102.73
CA SER RA 48 93.44 -101.30 -101.97
C SER RA 48 92.17 -101.60 -102.79
N ASN RA 49 91.19 -102.27 -102.19
CA ASN RA 49 89.95 -102.63 -102.92
C ASN RA 49 89.25 -101.36 -103.38
N LYS RA 50 89.30 -100.29 -102.57
CA LYS RA 50 88.57 -99.04 -102.92
C LYS RA 50 89.54 -97.89 -103.15
N GLN RA 51 90.48 -97.64 -102.23
CA GLN RA 51 91.32 -96.46 -102.38
C GLN RA 51 92.09 -96.47 -103.68
N LEU RA 52 92.64 -97.62 -104.07
CA LEU RA 52 93.39 -97.71 -105.32
C LEU RA 52 92.48 -97.44 -106.52
N THR RA 53 91.27 -98.01 -106.50
CA THR RA 53 90.33 -97.77 -107.60
C THR RA 53 89.91 -96.30 -107.67
N ASP RA 54 89.66 -95.67 -106.51
CA ASP RA 54 89.30 -94.25 -106.50
C ASP RA 54 90.44 -93.40 -107.04
N VAL RA 55 91.68 -93.70 -106.63
CA VAL RA 55 92.83 -92.95 -107.12
C VAL RA 55 93.01 -93.14 -108.61
N LEU RA 56 92.84 -94.37 -109.11
CA LEU RA 56 92.97 -94.62 -110.54
C LEU RA 56 91.92 -93.86 -111.33
N SER RA 57 90.67 -93.86 -110.84
CA SER RA 57 89.61 -93.12 -111.51
C SER RA 57 89.90 -91.63 -111.53
N GLU RA 58 90.37 -91.09 -110.39
CA GLU RA 58 90.71 -89.67 -110.33
C GLU RA 58 91.84 -89.32 -111.30
N PHE RA 59 92.86 -90.18 -111.38
CA PHE RA 59 93.97 -89.94 -112.30
C PHE RA 59 93.49 -90.00 -113.75
N GLU RA 60 92.64 -90.96 -114.07
CA GLU RA 60 92.15 -91.10 -115.45
C GLU RA 60 91.25 -89.94 -115.83
N GLN RA 61 90.62 -89.31 -114.85
CA GLN RA 61 89.67 -88.22 -115.17
C GLN RA 61 90.31 -86.84 -114.89
N GLU RA 62 91.51 -86.80 -114.29
CA GLU RA 62 92.06 -85.48 -113.89
C GLU RA 62 92.31 -84.54 -115.08
N ALA RA 63 92.89 -85.02 -116.19
CA ALA RA 63 93.02 -84.14 -117.38
C ALA RA 63 93.14 -84.93 -118.68
N GLU RA 64 92.77 -84.34 -119.82
CA GLU RA 64 93.02 -84.99 -121.13
C GLU RA 64 94.28 -84.38 -121.75
N GLN RA 65 94.91 -83.41 -121.08
CA GLN RA 65 96.08 -82.68 -121.64
C GLN RA 65 97.28 -83.62 -121.88
N PHE RA 66 97.52 -84.56 -120.97
CA PHE RA 66 98.73 -85.42 -121.07
C PHE RA 66 98.68 -86.25 -122.35
N ALA RA 67 97.50 -86.75 -122.73
CA ALA RA 67 97.43 -87.68 -123.89
C ALA RA 67 97.92 -87.03 -125.18
N ALA RA 68 97.59 -85.76 -125.44
CA ALA RA 68 97.95 -85.14 -126.75
C ALA RA 68 99.34 -84.51 -126.76
N LEU RA 69 99.57 -83.46 -125.96
CA LEU RA 69 100.82 -82.73 -126.00
C LEU RA 69 102.01 -83.67 -125.81
N ASN RA 70 101.89 -84.60 -124.86
CA ASN RA 70 102.99 -85.52 -124.58
C ASN RA 70 103.13 -86.59 -125.66
N ILE RA 71 102.08 -86.82 -126.45
CA ILE RA 71 102.13 -87.81 -127.52
C ILE RA 71 103.17 -87.42 -128.55
N ASN RA 72 103.16 -86.16 -128.97
CA ASN RA 72 104.11 -85.64 -129.94
C ASN RA 72 104.47 -84.21 -129.57
N ALA RA 73 105.63 -84.06 -128.89
CA ALA RA 73 106.12 -82.74 -128.52
C ALA RA 73 107.45 -82.43 -129.19
N ASN RA 74 108.43 -83.32 -129.01
CA ASN RA 74 109.75 -83.08 -129.59
C ASN RA 74 109.76 -83.31 -131.10
N GLU RA 75 109.05 -84.34 -131.57
CA GLU RA 75 109.02 -84.62 -133.00
C GLU RA 75 108.37 -83.48 -133.77
N TYR RA 76 107.27 -82.94 -133.24
CA TYR RA 76 106.60 -81.81 -133.90
C TYR RA 76 107.52 -80.59 -133.95
N LEU RA 77 108.22 -80.30 -132.85
CA LEU RA 77 109.12 -79.16 -132.83
C LEU RA 77 110.25 -79.35 -133.82
N ARG RA 78 110.81 -80.56 -133.90
CA ARG RA 78 111.87 -80.83 -134.87
C ARG RA 78 111.38 -80.68 -136.30
N SER RA 79 110.18 -81.20 -136.60
CA SER RA 79 109.64 -81.05 -137.95
C SER RA 79 109.39 -79.59 -138.30
N VAL RA 80 108.87 -78.83 -137.33
CA VAL RA 80 108.63 -77.40 -137.56
C VAL RA 80 109.93 -76.66 -137.81
N LEU RA 81 110.97 -76.99 -137.03
CA LEU RA 81 112.28 -76.35 -137.23
C LEU RA 81 112.86 -76.70 -138.60
N VAL RA 82 112.71 -77.96 -139.02
CA VAL RA 82 113.24 -78.38 -140.32
C VAL RA 82 112.51 -77.67 -141.44
N LYS RA 83 111.18 -77.59 -141.34
CA LYS RA 83 110.40 -77.02 -142.44
C LYS RA 83 110.46 -75.50 -142.44
N ALA RA 84 110.80 -74.89 -141.31
CA ALA RA 84 110.72 -73.44 -141.19
C ALA RA 84 111.83 -72.74 -141.96
N LEU RA 85 113.09 -72.99 -141.59
CA LEU RA 85 114.23 -72.30 -142.20
C LEU RA 85 115.05 -73.25 -143.05
N GLY RA 86 115.50 -74.37 -142.50
CA GLY RA 86 116.32 -75.31 -143.24
C GLY RA 86 116.97 -76.31 -142.32
N GLU RA 87 117.64 -77.30 -142.92
CA GLU RA 87 118.28 -78.33 -142.12
C GLU RA 87 119.40 -77.75 -141.25
N GLU RA 88 120.18 -76.83 -141.81
CA GLU RA 88 121.28 -76.22 -141.04
C GLU RA 88 120.76 -75.41 -139.86
N ARG RA 89 119.70 -74.63 -140.06
CA ARG RA 89 119.13 -73.85 -138.96
C ARG RA 89 118.37 -74.74 -137.98
N ALA RA 90 117.75 -75.81 -138.48
CA ALA RA 90 117.04 -76.73 -137.61
C ALA RA 90 118.00 -77.40 -136.63
N SER RA 91 119.20 -77.76 -137.10
CA SER RA 91 120.19 -78.36 -136.21
C SER RA 91 120.57 -77.40 -135.09
N SER RA 92 120.79 -76.12 -135.44
CA SER RA 92 121.15 -75.13 -134.42
C SER RA 92 120.01 -74.92 -133.43
N LEU RA 93 118.77 -74.87 -133.94
CA LEU RA 93 117.62 -74.69 -133.05
C LEU RA 93 117.46 -75.88 -132.10
N LEU RA 94 117.62 -77.09 -132.63
CA LEU RA 94 117.53 -78.28 -131.78
C LEU RA 94 118.65 -78.32 -130.76
N GLU RA 95 119.86 -77.92 -131.16
CA GLU RA 95 120.97 -77.87 -130.22
C GLU RA 95 120.69 -76.86 -129.10
N ASP RA 96 120.16 -75.70 -129.45
CA ASP RA 96 119.82 -74.70 -128.43
C ASP RA 96 118.73 -75.23 -127.49
N ILE RA 97 117.72 -75.89 -128.05
CA ILE RA 97 116.63 -76.43 -127.22
C ILE RA 97 117.18 -77.48 -126.27
N LEU RA 98 118.06 -78.36 -126.75
CA LEU RA 98 118.66 -79.37 -125.88
C LEU RA 98 119.54 -78.72 -124.81
N GLU RA 99 120.31 -77.70 -125.19
CA GLU RA 99 121.18 -77.04 -124.22
C GLU RA 99 120.38 -76.23 -123.21
N THR RA 100 119.12 -75.92 -123.51
CA THR RA 100 118.27 -75.24 -122.53
C THR RA 100 118.12 -76.08 -121.26
N ARG RA 101 118.13 -77.40 -121.39
CA ARG RA 101 118.11 -78.31 -120.24
C ARG RA 101 119.55 -78.73 -119.96
N ASP RA 102 120.13 -78.17 -118.90
CA ASP RA 102 121.51 -78.41 -118.53
C ASP RA 102 121.59 -79.58 -117.55
N THR RA 103 122.81 -79.87 -117.09
CA THR RA 103 123.06 -80.95 -116.15
C THR RA 103 123.67 -80.39 -114.87
N THR RA 104 123.29 -80.97 -113.74
CA THR RA 104 123.76 -80.46 -112.45
C THR RA 104 125.20 -80.88 -112.18
N SER RA 105 125.46 -82.19 -112.14
CA SER RA 105 126.81 -82.68 -111.87
C SER RA 105 127.73 -82.32 -113.02
N GLY RA 106 128.92 -81.82 -112.67
CA GLY RA 106 129.86 -81.34 -113.67
C GLY RA 106 130.36 -82.39 -114.63
N ILE RA 107 130.33 -83.66 -114.23
CA ILE RA 107 130.81 -84.71 -115.11
C ILE RA 107 129.99 -84.76 -116.39
N GLU RA 108 128.67 -84.69 -116.28
CA GLU RA 108 127.84 -84.64 -117.47
C GLU RA 108 127.99 -83.32 -118.20
N THR RA 109 128.26 -82.22 -117.48
CA THR RA 109 128.50 -80.95 -118.15
C THR RA 109 129.76 -81.00 -119.00
N LEU RA 110 130.69 -81.89 -118.65
CA LEU RA 110 131.88 -82.07 -119.49
C LEU RA 110 131.67 -82.51 -120.93
N ASN RA 111 130.58 -83.24 -121.22
CA ASN RA 111 130.27 -83.65 -122.62
C ASN RA 111 129.59 -82.57 -123.47
N PHE RA 112 129.32 -81.40 -122.89
CA PHE RA 112 128.74 -80.27 -123.68
C PHE RA 112 129.88 -79.33 -124.06
N MET RA 113 131.09 -79.61 -123.56
CA MET RA 113 132.26 -78.80 -123.83
C MET RA 113 132.81 -79.33 -125.15
N GLU RA 114 133.64 -78.51 -125.78
CA GLU RA 114 134.33 -78.93 -127.00
C GLU RA 114 135.30 -80.05 -126.67
N PRO RA 115 135.48 -81.01 -127.59
CA PRO RA 115 136.44 -82.11 -127.31
C PRO RA 115 137.85 -81.70 -126.93
N GLN RA 116 138.41 -80.67 -127.58
CA GLN RA 116 139.76 -80.26 -127.25
C GLN RA 116 139.86 -79.58 -125.88
N SER RA 117 138.83 -78.83 -125.52
CA SER RA 117 138.83 -78.17 -124.21
C SER RA 117 138.81 -79.26 -123.14
N ALA RA 118 137.96 -80.26 -123.30
CA ALA RA 118 137.93 -81.36 -122.33
C ALA RA 118 139.23 -82.15 -122.34
N ALA RA 119 139.78 -82.39 -123.53
CA ALA RA 119 141.04 -83.13 -123.60
C ALA RA 119 142.16 -82.37 -122.91
N ASP RA 120 142.22 -81.06 -123.09
CA ASP RA 120 143.21 -80.27 -122.37
C ASP RA 120 142.94 -80.25 -120.88
N LEU RA 121 141.67 -80.23 -120.47
CA LEU RA 121 141.34 -80.16 -119.06
C LEU RA 121 141.72 -81.43 -118.32
N ILE RA 122 141.48 -82.60 -118.92
CA ILE RA 122 141.67 -83.86 -118.21
C ILE RA 122 142.90 -84.61 -118.66
N ARG RA 123 143.77 -84.00 -119.48
CA ARG RA 123 144.98 -84.70 -119.91
C ARG RA 123 145.92 -84.96 -118.74
N ASP RA 124 146.05 -83.98 -117.83
CA ASP RA 124 147.01 -84.10 -116.75
C ASP RA 124 146.51 -84.97 -115.61
N GLU RA 125 145.24 -85.33 -115.61
CA GLU RA 125 144.68 -86.11 -114.51
C GLU RA 125 145.23 -87.53 -114.51
N HIS RA 126 145.05 -88.21 -113.38
CA HIS RA 126 145.47 -89.59 -113.26
C HIS RA 126 144.70 -90.46 -114.25
N PRO RA 127 145.36 -91.45 -114.86
CA PRO RA 127 144.68 -92.24 -115.90
C PRO RA 127 143.40 -92.89 -115.43
N GLN RA 128 143.34 -93.37 -114.18
CA GLN RA 128 142.09 -93.93 -113.67
C GLN RA 128 140.98 -92.90 -113.56
N ILE RA 129 141.33 -91.67 -113.17
CA ILE RA 129 140.32 -90.61 -113.11
C ILE RA 129 139.82 -90.27 -114.50
N ILE RA 130 140.73 -90.26 -115.49
CA ILE RA 130 140.32 -90.05 -116.87
C ILE RA 130 139.34 -91.14 -117.27
N ALA RA 131 139.67 -92.39 -116.94
CA ALA RA 131 138.80 -93.51 -117.31
C ALA RA 131 137.44 -93.37 -116.65
N THR RA 132 137.41 -92.99 -115.37
CA THR RA 132 136.14 -92.81 -114.67
C THR RA 132 135.31 -91.72 -115.33
N ILE RA 133 135.96 -90.63 -115.71
CA ILE RA 133 135.23 -89.53 -116.42
C ILE RA 133 134.65 -90.09 -117.72
N LEU RA 134 135.41 -90.90 -118.46
CA LEU RA 134 134.97 -91.38 -119.79
C LEU RA 134 133.70 -92.24 -119.73
N VAL RA 135 133.57 -93.14 -118.76
CA VAL RA 135 132.40 -94.06 -118.75
C VAL RA 135 131.20 -93.22 -118.28
N HIS RA 136 131.44 -92.16 -117.52
CA HIS RA 136 130.32 -91.25 -117.13
C HIS RA 136 130.04 -90.28 -118.28
N LEU RA 137 131.03 -90.00 -119.12
CA LEU RA 137 130.85 -89.07 -120.26
C LEU RA 137 130.12 -89.80 -121.40
N LYS RA 138 129.50 -89.03 -122.30
CA LYS RA 138 128.81 -89.64 -123.47
C LYS RA 138 129.86 -90.37 -124.32
N ARG RA 139 129.50 -91.52 -124.89
CA ARG RA 139 130.48 -92.34 -125.65
C ARG RA 139 131.08 -91.54 -126.81
N SER RA 140 130.23 -90.85 -127.60
CA SER RA 140 130.75 -90.13 -128.79
C SER RA 140 131.84 -89.16 -128.34
N GLN RA 141 131.59 -88.38 -127.28
CA GLN RA 141 132.56 -87.36 -126.81
C GLN RA 141 133.84 -88.07 -126.38
N ALA RA 142 133.71 -89.13 -125.59
CA ALA RA 142 134.87 -89.84 -125.08
C ALA RA 142 135.75 -90.34 -126.21
N ALA RA 143 135.14 -90.81 -127.30
CA ALA RA 143 135.92 -91.26 -128.45
C ALA RA 143 136.73 -90.12 -129.05
N ASP RA 144 136.09 -88.94 -129.19
CA ASP RA 144 136.81 -87.78 -129.71
C ASP RA 144 137.96 -87.39 -128.78
N ILE RA 145 137.71 -87.41 -127.46
CA ILE RA 145 138.75 -87.06 -126.50
C ILE RA 145 139.96 -87.97 -126.60
N LEU RA 146 139.72 -89.28 -126.69
CA LEU RA 146 140.83 -90.23 -126.83
C LEU RA 146 141.54 -90.06 -128.16
N ALA RA 147 140.82 -89.67 -129.20
CA ALA RA 147 141.43 -89.39 -130.49
C ALA RA 147 142.44 -88.25 -130.34
N LEU RA 148 142.08 -87.24 -129.55
CA LEU RA 148 142.98 -86.08 -129.34
C LEU RA 148 144.10 -86.45 -128.36
N PHE RA 149 143.94 -87.56 -127.63
CA PHE RA 149 144.94 -87.92 -126.60
C PHE RA 149 146.16 -88.59 -127.23
N ASP RA 150 147.34 -88.40 -126.63
CA ASP RA 150 148.54 -89.07 -127.10
C ASP RA 150 148.30 -90.58 -127.14
N GLU RA 151 149.03 -91.26 -128.03
CA GLU RA 151 148.79 -92.68 -128.24
C GLU RA 151 149.09 -93.50 -126.98
N ARG RA 152 150.13 -93.13 -126.24
CA ARG RA 152 150.43 -93.84 -124.99
C ARG RA 152 149.30 -93.67 -123.99
N LEU RA 153 148.89 -92.43 -123.75
CA LEU RA 153 147.77 -92.18 -122.85
C LEU RA 153 146.49 -92.80 -123.38
N ARG RA 154 146.31 -92.78 -124.71
CA ARG RA 154 145.11 -93.40 -125.29
C ARG RA 154 145.06 -94.89 -124.98
N HIS RA 155 146.16 -95.60 -125.22
CA HIS RA 155 146.19 -97.04 -124.94
C HIS RA 155 146.01 -97.31 -123.46
N ASP RA 156 146.67 -96.52 -122.60
CA ASP RA 156 146.57 -96.75 -121.16
C ASP RA 156 145.13 -96.57 -120.70
N VAL RA 157 144.50 -95.48 -121.13
CA VAL RA 157 143.13 -95.19 -120.70
C VAL RA 157 142.17 -96.23 -121.25
N MET RA 158 142.38 -96.68 -122.49
CA MET RA 158 141.51 -97.72 -123.04
C MET RA 158 141.65 -99.01 -122.25
N LEU RA 159 142.88 -99.37 -121.87
CA LEU RA 159 143.08 -100.56 -121.05
C LEU RA 159 142.37 -100.42 -119.71
N ARG RA 160 142.47 -99.25 -119.09
CA ARG RA 160 141.76 -99.03 -117.83
C ARG RA 160 140.26 -99.14 -118.02
N ILE RA 161 139.75 -98.66 -119.16
CA ILE RA 161 138.32 -98.76 -119.46
C ILE RA 161 137.92 -100.22 -119.55
N ALA RA 162 138.74 -101.04 -120.19
CA ALA RA 162 138.40 -102.45 -120.37
C ALA RA 162 138.25 -103.17 -119.05
N THR RA 163 139.15 -102.91 -118.10
CA THR RA 163 139.18 -103.61 -116.82
C THR RA 163 138.73 -102.74 -115.65
N PHE RA 164 137.74 -101.88 -115.86
CA PHE RA 164 137.25 -101.03 -114.79
C PHE RA 164 136.65 -101.86 -113.67
N GLY RA 165 136.81 -101.39 -112.44
CA GLY RA 165 136.38 -102.15 -111.28
C GLY RA 165 135.51 -101.41 -110.30
N GLY RA 166 134.95 -100.27 -110.70
CA GLY RA 166 134.05 -99.54 -109.83
C GLY RA 166 134.66 -98.58 -108.83
N VAL RA 167 134.08 -97.39 -108.71
CA VAL RA 167 134.60 -96.38 -107.80
C VAL RA 167 133.98 -96.33 -106.43
N GLN RA 168 134.73 -95.86 -105.44
CA GLN RA 168 134.20 -95.69 -104.10
C GLN RA 168 133.27 -94.49 -104.22
N PRO RA 169 132.13 -94.51 -103.53
CA PRO RA 169 131.22 -93.36 -103.61
C PRO RA 169 131.84 -92.06 -103.14
N ALA RA 170 132.71 -92.11 -102.13
CA ALA RA 170 133.36 -90.89 -101.65
C ALA RA 170 134.27 -90.30 -102.72
N ALA RA 171 135.05 -91.14 -103.39
CA ALA RA 171 135.93 -90.64 -104.45
C ALA RA 171 135.13 -90.07 -105.61
N LEU RA 172 134.03 -90.74 -105.99
CA LEU RA 172 133.19 -90.23 -107.05
C LEU RA 172 132.58 -88.88 -106.68
N ALA RA 173 132.10 -88.75 -105.45
CA ALA RA 173 131.56 -87.48 -105.00
C ALA RA 173 132.63 -86.39 -104.99
N GLU RA 174 133.85 -86.75 -104.60
CA GLU RA 174 134.95 -85.78 -104.59
C GLU RA 174 135.27 -85.30 -106.00
N LEU RA 175 135.34 -86.22 -106.96
CA LEU RA 175 135.56 -85.82 -108.35
C LEU RA 175 134.41 -84.97 -108.85
N THR RA 176 133.18 -85.35 -108.49
CA THR RA 176 132.00 -84.58 -108.94
C THR RA 176 132.14 -83.16 -108.46
N GLU RA 177 132.33 -82.97 -107.15
CA GLU RA 177 132.39 -81.60 -106.58
C GLU RA 177 133.57 -80.84 -107.18
N VAL RA 178 134.72 -81.50 -107.36
CA VAL RA 178 135.92 -80.84 -107.98
C VAL RA 178 135.52 -80.39 -109.38
N LEU RA 179 135.02 -81.32 -110.20
CA LEU RA 179 134.70 -80.99 -111.58
C LEU RA 179 133.63 -79.90 -111.65
N ASN RA 180 132.69 -79.89 -110.70
CA ASN RA 180 131.68 -78.84 -110.68
C ASN RA 180 132.29 -77.48 -110.45
N GLY RA 181 133.21 -77.37 -109.49
CA GLY RA 181 133.86 -76.11 -109.22
C GLY RA 181 134.66 -75.55 -110.37
N LEU RA 182 134.98 -76.40 -111.35
CA LEU RA 182 135.77 -75.95 -112.51
C LEU RA 182 134.86 -75.54 -113.65
N LEU RA 183 133.79 -76.31 -113.89
CA LEU RA 183 132.95 -76.03 -115.08
C LEU RA 183 131.78 -75.11 -114.76
N ASP RA 184 131.23 -75.16 -113.54
CA ASP RA 184 130.01 -74.34 -113.28
C ASP RA 184 130.39 -72.86 -113.44
N GLY RA 185 131.55 -72.45 -112.93
CA GLY RA 185 132.01 -71.06 -113.13
C GLY RA 185 132.26 -70.75 -114.60
N GLN RA 186 132.87 -71.70 -115.32
CA GLN RA 186 133.24 -71.46 -116.75
C GLN RA 186 132.00 -71.34 -117.63
N ASN RA 187 132.03 -70.44 -118.62
CA ASN RA 187 130.90 -70.39 -119.60
C ASN RA 187 130.93 -71.71 -120.36
N LEU RA 188 129.75 -72.29 -120.66
CA LEU RA 188 129.75 -73.62 -121.31
C LEU RA 188 128.90 -73.61 -122.59
N LYS RA 189 128.82 -72.49 -123.31
CA LYS RA 189 128.06 -72.54 -124.56
C LYS RA 189 128.73 -71.66 -125.61
N ARG RA 190 129.82 -72.17 -126.15
CA ARG RA 190 130.52 -71.49 -127.24
C ARG RA 190 129.63 -71.46 -128.48
N SER RA 191 129.15 -70.27 -128.84
CA SER RA 191 128.26 -70.13 -129.99
C SER RA 191 129.08 -70.17 -131.27
N LYS RA 192 128.74 -71.10 -132.15
CA LYS RA 192 129.45 -71.26 -133.42
C LYS RA 192 128.56 -70.71 -134.52
N MET RA 193 128.94 -69.56 -135.06
CA MET RA 193 128.22 -68.90 -136.14
C MET RA 193 129.16 -68.74 -137.33
N GLY RA 194 128.84 -69.40 -138.44
CA GLY RA 194 129.66 -69.26 -139.66
C GLY RA 194 130.65 -70.39 -139.81
N GLY RA 195 130.33 -71.39 -140.64
CA GLY RA 195 131.24 -72.48 -140.90
C GLY RA 195 131.74 -72.45 -142.32
N VAL RA 196 131.29 -73.40 -143.14
CA VAL RA 196 131.60 -73.45 -144.55
C VAL RA 196 130.42 -73.08 -145.47
N ARG RA 197 129.20 -73.30 -144.96
CA ARG RA 197 128.00 -72.90 -145.68
C ARG RA 197 128.08 -71.39 -145.77
N THR RA 198 128.37 -70.72 -144.66
CA THR RA 198 128.46 -69.27 -144.66
C THR RA 198 129.61 -68.80 -145.54
N ALA RA 199 130.74 -69.49 -145.50
CA ALA RA 199 131.88 -69.13 -146.35
C ALA RA 199 131.51 -69.27 -147.82
N ALA RA 200 130.82 -70.35 -148.18
CA ALA RA 200 130.42 -70.53 -149.57
C ALA RA 200 129.44 -69.45 -150.00
N GLU RA 201 128.49 -69.10 -149.13
CA GLU RA 201 127.53 -68.05 -149.45
C GLU RA 201 128.24 -66.71 -149.64
N ILE RA 202 129.23 -66.42 -148.79
CA ILE RA 202 130.00 -65.18 -148.93
C ILE RA 202 130.76 -65.18 -150.26
N ILE RA 203 131.38 -66.31 -150.59
CA ILE RA 203 132.17 -66.39 -151.82
C ILE RA 203 131.29 -66.20 -153.03
N ASN RA 204 130.10 -66.82 -153.03
CA ASN RA 204 129.24 -66.82 -154.20
C ASN RA 204 128.77 -65.43 -154.62
N LEU RA 205 128.86 -64.44 -153.73
CA LEU RA 205 128.34 -63.10 -154.02
C LEU RA 205 129.40 -62.07 -154.39
N MET RA 206 130.65 -62.47 -154.56
CA MET RA 206 131.71 -61.53 -154.91
C MET RA 206 132.17 -61.76 -156.35
N LYS RA 207 133.12 -60.93 -156.77
CA LYS RA 207 133.60 -60.98 -158.15
C LYS RA 207 134.27 -62.30 -158.49
N THR RA 208 134.23 -62.66 -159.78
CA THR RA 208 134.77 -63.94 -160.22
C THR RA 208 136.26 -64.04 -159.98
N GLN RA 209 137.00 -62.97 -160.24
CA GLN RA 209 138.45 -63.00 -160.03
C GLN RA 209 138.78 -63.22 -158.56
N GLN RA 210 138.12 -62.48 -157.67
CA GLN RA 210 138.32 -62.71 -156.25
C GLN RA 210 137.83 -64.11 -155.84
N GLU RA 211 136.78 -64.60 -156.49
CA GLU RA 211 136.30 -65.95 -156.19
C GLU RA 211 137.37 -66.99 -156.48
N GLU RA 212 137.96 -66.93 -157.69
CA GLU RA 212 139.00 -67.90 -158.03
C GLU RA 212 140.23 -67.72 -157.15
N ALA RA 213 140.59 -66.46 -156.83
CA ALA RA 213 141.73 -66.24 -155.96
C ALA RA 213 141.52 -66.88 -154.59
N VAL RA 214 140.35 -66.67 -153.99
CA VAL RA 214 140.14 -67.22 -152.66
C VAL RA 214 140.03 -68.74 -152.70
N ILE RA 215 139.40 -69.31 -153.73
CA ILE RA 215 139.27 -70.77 -153.74
C ILE RA 215 140.64 -71.42 -153.97
N THR RA 216 141.48 -70.82 -154.81
CA THR RA 216 142.82 -71.39 -154.99
C THR RA 216 143.67 -71.19 -153.75
N ALA RA 217 143.48 -70.09 -153.02
CA ALA RA 217 144.20 -69.92 -151.76
C ALA RA 217 143.78 -70.99 -150.75
N VAL RA 218 142.48 -71.27 -150.66
CA VAL RA 218 142.01 -72.30 -149.75
C VAL RA 218 142.55 -73.66 -150.17
N ARG RA 219 142.55 -73.94 -151.48
CA ARG RA 219 143.08 -75.22 -151.97
C ARG RA 219 144.56 -75.35 -151.63
N GLU RA 220 145.31 -74.26 -151.74
CA GLU RA 220 146.70 -74.28 -151.31
C GLU RA 220 146.81 -74.59 -149.83
N PHE RA 221 145.94 -73.98 -149.01
CA PHE RA 221 145.94 -74.29 -147.58
C PHE RA 221 145.53 -75.73 -147.28
N ASP RA 222 144.46 -76.20 -147.92
CA ASP RA 222 143.94 -77.54 -147.72
C ASP RA 222 142.98 -77.84 -148.86
N GLY RA 223 143.25 -78.89 -149.62
CA GLY RA 223 142.40 -79.23 -150.73
C GLY RA 223 141.01 -79.71 -150.36
N GLU RA 224 140.92 -80.45 -149.24
CA GLU RA 224 139.63 -80.97 -148.81
C GLU RA 224 138.66 -79.84 -148.46
N LEU RA 225 139.16 -78.82 -147.76
CA LEU RA 225 138.31 -77.68 -147.43
C LEU RA 225 137.84 -76.96 -148.70
N ALA RA 226 138.74 -76.80 -149.68
CA ALA RA 226 138.34 -76.17 -150.93
C ALA RA 226 137.26 -76.96 -151.66
N GLN RA 227 137.39 -78.28 -151.71
CA GLN RA 227 136.38 -79.11 -152.36
C GLN RA 227 135.05 -79.03 -151.61
N LYS RA 228 135.08 -79.03 -150.28
CA LYS RA 228 133.85 -78.93 -149.52
C LYS RA 228 133.20 -77.58 -149.77
N ILE RA 229 134.01 -76.51 -149.86
CA ILE RA 229 133.48 -75.19 -150.16
C ILE RA 229 132.84 -75.18 -151.54
N ILE RA 230 133.51 -75.81 -152.51
CA ILE RA 230 132.96 -75.86 -153.86
C ILE RA 230 131.64 -76.62 -153.93
N ASP RA 231 131.54 -77.72 -153.17
CA ASP RA 231 130.31 -78.50 -153.17
C ASP RA 231 129.18 -77.72 -152.50
N GLU RA 232 129.50 -77.01 -151.42
CA GLU RA 232 128.49 -76.22 -150.73
C GLU RA 232 128.18 -75.01 -151.60
N MET RA 233 129.08 -74.66 -152.52
CA MET RA 233 128.84 -73.50 -153.38
C MET RA 233 127.58 -73.67 -154.22
N PHE RA 234 127.45 -74.82 -154.88
CA PHE RA 234 126.30 -75.12 -155.72
C PHE RA 234 125.67 -76.43 -155.26
N LEU RA 235 124.57 -76.32 -154.51
CA LEU RA 235 123.86 -77.49 -154.03
C LEU RA 235 122.98 -78.07 -155.13
N PHE RA 236 122.42 -79.24 -154.86
CA PHE RA 236 121.54 -79.89 -155.83
C PHE RA 236 120.12 -79.33 -155.72
N GLU RA 237 120.01 -78.01 -155.74
CA GLU RA 237 118.71 -77.33 -155.76
C GLU RA 237 118.65 -76.15 -156.74
N ASN RA 238 119.78 -75.66 -157.23
CA ASN RA 238 119.80 -74.56 -158.19
C ASN RA 238 119.78 -75.04 -159.63
N LEU RA 239 119.70 -76.35 -159.85
CA LEU RA 239 119.65 -76.87 -161.21
C LEU RA 239 118.42 -76.39 -161.96
N VAL RA 240 117.36 -76.00 -161.25
CA VAL RA 240 116.19 -75.42 -161.90
C VAL RA 240 116.52 -74.11 -162.58
N ASP RA 241 117.53 -73.39 -162.11
CA ASP RA 241 117.94 -72.11 -162.69
C ASP RA 241 118.93 -72.27 -163.83
N VAL RA 242 119.32 -73.49 -164.16
CA VAL RA 242 120.26 -73.73 -165.26
C VAL RA 242 119.52 -73.57 -166.58
N ASP RA 243 120.23 -73.05 -167.59
CA ASP RA 243 119.63 -72.85 -168.90
C ASP RA 243 119.33 -74.17 -169.57
N ASP RA 244 118.34 -74.15 -170.48
CA ASP RA 244 117.97 -75.35 -171.21
C ASP RA 244 119.11 -75.85 -172.08
N ARG RA 245 119.83 -74.93 -172.73
CA ARG RA 245 120.98 -75.33 -173.55
C ARG RA 245 122.06 -75.98 -172.70
N SER RA 246 122.32 -75.43 -171.51
CA SER RA 246 123.31 -76.03 -170.62
C SER RA 246 122.87 -77.42 -170.18
N ILE RA 247 121.58 -77.58 -169.89
CA ILE RA 247 121.07 -78.90 -169.50
C ILE RA 247 121.22 -79.90 -170.64
N GLN RA 248 120.91 -79.49 -171.87
CA GLN RA 248 121.06 -80.38 -173.01
C GLN RA 248 122.52 -80.75 -173.23
N ARG RA 249 123.43 -79.77 -173.08
CA ARG RA 249 124.86 -80.06 -173.24
C ARG RA 249 125.35 -81.02 -172.17
N LEU RA 250 124.89 -80.84 -170.93
CA LEU RA 250 125.33 -81.73 -169.85
C LEU RA 250 124.69 -83.11 -169.95
N LEU RA 251 123.54 -83.21 -170.62
CA LEU RA 251 122.90 -84.51 -170.77
C LEU RA 251 123.74 -85.48 -171.58
N GLN RA 252 124.60 -84.96 -172.45
CA GLN RA 252 125.46 -85.81 -173.27
C GLN RA 252 126.53 -86.54 -172.46
N GLU RA 253 126.82 -86.09 -171.24
CA GLU RA 253 127.83 -86.70 -170.40
C GLU RA 253 127.27 -87.32 -169.12
N VAL RA 254 125.95 -87.38 -168.98
CA VAL RA 254 125.31 -87.92 -167.79
C VAL RA 254 124.79 -89.32 -168.10
N ASP RA 255 125.18 -90.29 -167.27
CA ASP RA 255 124.69 -91.65 -167.45
C ASP RA 255 123.20 -91.72 -167.12
N SER RA 256 122.47 -92.51 -167.90
CA SER RA 256 121.03 -92.62 -167.70
C SER RA 256 120.69 -93.19 -166.33
N GLU RA 257 121.40 -94.25 -165.92
CA GLU RA 257 121.14 -94.84 -164.62
C GLU RA 257 121.46 -93.88 -163.48
N SER RA 258 122.62 -93.22 -163.55
CA SER RA 258 122.98 -92.26 -162.51
C SER RA 258 122.03 -91.08 -162.48
N LEU RA 259 121.64 -90.58 -163.65
CA LEU RA 259 120.68 -89.47 -163.70
C LEU RA 259 119.34 -89.87 -163.10
N LEU RA 260 118.86 -91.08 -163.42
CA LEU RA 260 117.60 -91.55 -162.88
C LEU RA 260 117.69 -91.71 -161.36
N ILE RA 261 118.81 -92.25 -160.87
CA ILE RA 261 118.98 -92.41 -159.44
C ILE RA 261 118.99 -91.06 -158.74
N ALA RA 262 119.67 -90.08 -159.32
CA ALA RA 262 119.71 -88.74 -158.73
C ALA RA 262 118.34 -88.09 -158.74
N LEU RA 263 117.59 -88.24 -159.85
CA LEU RA 263 116.29 -87.60 -159.98
C LEU RA 263 115.16 -88.39 -159.34
N LYS RA 264 115.44 -89.56 -158.79
CA LYS RA 264 114.39 -90.32 -158.10
C LYS RA 264 113.86 -89.56 -156.90
N GLY RA 265 114.74 -88.95 -156.12
CA GLY RA 265 114.35 -88.13 -154.98
C GLY RA 265 114.32 -86.65 -155.25
N ALA RA 266 114.51 -86.21 -156.49
CA ALA RA 266 114.52 -84.79 -156.80
C ALA RA 266 113.09 -84.25 -156.86
N GLU RA 267 112.98 -82.93 -156.88
CA GLU RA 267 111.68 -82.29 -156.97
C GLU RA 267 111.05 -82.55 -158.34
N PRO RA 268 109.72 -82.66 -158.40
CA PRO RA 268 109.06 -82.90 -159.69
C PRO RA 268 109.36 -81.78 -160.67
N PRO RA 269 109.43 -80.53 -160.21
CA PRO RA 269 109.81 -79.44 -161.12
C PRO RA 269 111.19 -79.62 -161.73
N LEU RA 270 112.16 -80.10 -160.95
CA LEU RA 270 113.49 -80.34 -161.50
C LEU RA 270 113.48 -81.44 -162.53
N ARG RA 271 112.72 -82.52 -162.27
CA ARG RA 271 112.62 -83.60 -163.25
C ARG RA 271 111.96 -83.12 -164.53
N GLU RA 272 110.91 -82.30 -164.41
CA GLU RA 272 110.24 -81.77 -165.60
C GLU RA 272 111.17 -80.85 -166.39
N LYS RA 273 111.94 -80.02 -165.69
CA LYS RA 273 112.87 -79.13 -166.39
C LYS RA 273 113.97 -79.92 -167.08
N PHE RA 274 114.47 -80.97 -166.43
CA PHE RA 274 115.55 -81.78 -166.99
C PHE RA 274 115.06 -82.75 -168.05
N LEU RA 275 113.75 -82.98 -168.15
CA LEU RA 275 113.19 -83.88 -169.16
C LEU RA 275 112.84 -83.17 -170.46
N ARG RA 276 113.01 -81.85 -170.52
CA ARG RA 276 112.73 -81.08 -171.72
C ARG RA 276 113.93 -80.92 -172.63
N ASN RA 277 115.08 -81.47 -172.26
CA ASN RA 277 116.30 -81.36 -173.05
C ASN RA 277 116.57 -82.59 -173.91
N MET RA 278 115.99 -83.74 -173.58
CA MET RA 278 116.20 -84.96 -174.34
C MET RA 278 115.03 -85.18 -175.30
N SER RA 279 115.04 -86.30 -176.01
CA SER RA 279 113.98 -86.61 -176.95
C SER RA 279 112.71 -87.02 -176.21
N GLN RA 280 111.59 -87.02 -176.94
CA GLN RA 280 110.33 -87.44 -176.35
C GLN RA 280 110.37 -88.90 -175.93
N ARG RA 281 110.94 -89.76 -176.77
CA ARG RA 281 111.09 -91.17 -176.40
C ARG RA 281 112.02 -91.32 -175.20
N ALA RA 282 113.12 -90.56 -175.18
CA ALA RA 282 114.02 -90.60 -174.03
C ALA RA 282 113.33 -90.11 -172.76
N ALA RA 283 112.54 -89.05 -172.86
CA ALA RA 283 111.80 -88.55 -171.70
C ALA RA 283 110.80 -89.58 -171.20
N ASP RA 284 110.08 -90.23 -172.12
CA ASP RA 284 109.13 -91.27 -171.72
C ASP RA 284 109.84 -92.44 -171.06
N ILE RA 285 110.99 -92.85 -171.61
CA ILE RA 285 111.76 -93.93 -171.01
C ILE RA 285 112.23 -93.57 -169.61
N LEU RA 286 112.73 -92.34 -169.44
CA LEU RA 286 113.17 -91.89 -168.12
C LEU RA 286 112.01 -91.86 -167.13
N ARG RA 287 110.85 -91.38 -167.57
CA ARG RA 287 109.68 -91.35 -166.69
C ARG RA 287 109.25 -92.76 -166.30
N ASP RA 288 109.25 -93.69 -167.26
CA ASP RA 288 108.90 -95.07 -166.95
C ASP RA 288 109.89 -95.70 -165.99
N ASP RA 289 111.19 -95.44 -166.18
CA ASP RA 289 112.20 -95.97 -165.28
C ASP RA 289 112.05 -95.41 -163.88
N LEU RA 290 111.76 -94.10 -163.77
CA LEU RA 290 111.56 -93.49 -162.47
C LEU RA 290 110.33 -94.06 -161.77
N ALA RA 291 109.24 -94.27 -162.53
CA ALA RA 291 108.04 -94.85 -161.94
C ALA RA 291 108.29 -96.28 -161.48
N ASN RA 292 109.02 -97.05 -162.28
CA ASN RA 292 109.29 -98.45 -161.95
C ASN RA 292 110.38 -98.61 -160.89
N ARG RA 293 111.20 -97.59 -160.68
CA ARG RA 293 112.28 -97.69 -159.71
C ARG RA 293 111.72 -97.65 -158.30
N GLY RA 294 112.12 -98.61 -157.47
CA GLY RA 294 111.70 -98.66 -156.09
C GLY RA 294 112.52 -97.75 -155.22
N PRO RA 295 112.10 -97.63 -153.95
CA PRO RA 295 112.87 -96.82 -153.01
C PRO RA 295 114.28 -97.34 -152.82
N VAL RA 296 115.22 -96.42 -152.66
CA VAL RA 296 116.63 -96.76 -152.48
C VAL RA 296 117.20 -95.90 -151.37
N ARG RA 297 118.31 -96.37 -150.79
CA ARG RA 297 118.98 -95.60 -149.76
C ARG RA 297 119.56 -94.31 -150.33
N LEU RA 298 119.51 -93.25 -149.53
CA LEU RA 298 119.97 -91.95 -149.99
C LEU RA 298 121.49 -91.89 -150.19
N SER RA 299 122.24 -92.87 -149.69
CA SER RA 299 123.69 -92.84 -149.82
C SER RA 299 124.13 -92.91 -151.28
N GLN RA 300 123.51 -93.78 -152.08
CA GLN RA 300 123.86 -93.88 -153.49
C GLN RA 300 123.28 -92.76 -154.33
N VAL RA 301 122.06 -92.31 -154.00
CA VAL RA 301 121.46 -91.19 -154.72
C VAL RA 301 122.28 -89.92 -154.51
N GLU RA 302 122.78 -89.72 -153.29
CA GLU RA 302 123.62 -88.56 -153.02
C GLU RA 302 124.92 -88.62 -153.82
N ASN RA 303 125.53 -89.81 -153.93
CA ASN RA 303 126.75 -89.96 -154.72
C ASN RA 303 126.47 -89.68 -156.19
N GLU RA 304 125.36 -90.19 -156.71
CA GLU RA 304 125.01 -89.94 -158.11
C GLU RA 304 124.77 -88.46 -158.36
N GLN RA 305 124.06 -87.79 -157.45
CA GLN RA 305 123.84 -86.36 -157.59
C GLN RA 305 125.15 -85.58 -157.50
N LYS RA 306 126.06 -86.02 -156.63
CA LYS RA 306 127.37 -85.37 -156.53
C LYS RA 306 128.15 -85.53 -157.82
N ALA RA 307 128.10 -86.72 -158.43
CA ALA RA 307 128.80 -86.94 -159.70
C ALA RA 307 128.21 -86.06 -160.80
N ILE RA 308 126.87 -85.97 -160.84
CA ILE RA 308 126.21 -85.13 -161.84
C ILE RA 308 126.58 -83.67 -161.64
N LEU RA 309 126.59 -83.20 -160.40
CA LEU RA 309 126.96 -81.83 -160.11
C LEU RA 309 128.42 -81.56 -160.45
N LEU RA 310 129.30 -82.52 -160.19
CA LEU RA 310 130.71 -82.36 -160.56
C LEU RA 310 130.86 -82.25 -162.07
N ILE RA 311 130.13 -83.07 -162.82
CA ILE RA 311 130.20 -83.00 -164.28
C ILE RA 311 129.69 -81.65 -164.77
N VAL RA 312 128.58 -81.18 -164.19
CA VAL RA 312 128.01 -79.89 -164.59
C VAL RA 312 128.98 -78.77 -164.28
N ARG RA 313 129.60 -78.82 -163.10
CA ARG RA 313 130.56 -77.79 -162.71
C ARG RA 313 131.78 -77.80 -163.62
N ARG RA 314 132.26 -78.98 -164.00
CA ARG RA 314 133.37 -79.07 -164.92
C ARG RA 314 133.01 -78.49 -166.28
N LEU RA 315 131.80 -78.78 -166.76
CA LEU RA 315 131.35 -78.22 -168.03
C LEU RA 315 131.26 -76.70 -167.96
N ALA RA 316 130.74 -76.17 -166.86
CA ALA RA 316 130.63 -74.72 -166.69
C ALA RA 316 132.00 -74.07 -166.62
N GLU RA 317 132.94 -74.70 -165.90
CA GLU RA 317 134.29 -74.16 -165.78
C GLU RA 317 134.99 -74.16 -167.13
N THR RA 318 134.76 -75.21 -167.92
CA THR RA 318 135.32 -75.25 -169.27
C THR RA 318 134.78 -74.11 -170.12
N GLY RA 319 133.48 -73.82 -169.97
CA GLY RA 319 132.88 -72.71 -170.70
C GLY RA 319 131.80 -73.17 -171.65
N GLU RA 320 131.24 -74.36 -171.42
CA GLU RA 320 130.22 -74.93 -172.28
C GLU RA 320 128.87 -75.04 -171.58
N MET RA 321 128.61 -74.20 -170.58
CA MET RA 321 127.34 -74.21 -169.87
C MET RA 321 127.09 -72.80 -169.33
N VAL RA 322 125.82 -72.51 -169.06
CA VAL RA 322 125.42 -71.21 -168.53
C VAL RA 322 124.26 -71.40 -167.56
N ILE RA 323 123.85 -70.31 -166.92
CA ILE RA 323 122.73 -70.35 -165.97
C ILE RA 323 121.77 -69.22 -166.29
N GLY RA 324 120.58 -69.25 -165.69
CA GLY RA 324 119.58 -68.23 -165.92
C GLY RA 324 118.31 -68.43 -165.10
N SER SA 33 200.56 -85.97 -87.79
CA SER SA 33 199.67 -84.86 -87.50
C SER SA 33 198.77 -84.56 -88.68
N ASP SA 34 197.45 -84.71 -88.48
CA ASP SA 34 196.48 -84.43 -89.53
C ASP SA 34 196.16 -82.94 -89.48
N ILE SA 35 196.45 -82.25 -90.59
CA ILE SA 35 196.20 -80.82 -90.70
C ILE SA 35 195.81 -80.50 -92.13
N ARG SA 36 194.54 -80.15 -92.33
CA ARG SA 36 194.04 -79.84 -93.66
C ARG SA 36 193.38 -78.47 -93.63
N PRO SA 37 193.36 -77.72 -94.77
CA PRO SA 37 192.80 -76.34 -94.79
C PRO SA 37 191.32 -76.36 -94.48
N TYR SA 38 190.84 -75.30 -93.84
CA TYR SA 38 189.44 -75.17 -93.49
C TYR SA 38 188.64 -74.80 -94.73
N ASP SA 39 187.68 -75.66 -95.09
CA ASP SA 39 186.78 -75.39 -96.20
C ASP SA 39 185.38 -75.21 -95.65
N PRO SA 40 184.77 -74.03 -95.82
CA PRO SA 40 183.39 -73.86 -95.37
C PRO SA 40 182.43 -74.75 -96.15
N ASN SA 41 181.17 -74.72 -95.73
CA ASN SA 41 180.05 -75.47 -96.29
C ASN SA 41 180.34 -76.96 -96.46
N THR SA 42 181.32 -77.51 -95.73
CA THR SA 42 181.56 -78.94 -95.74
C THR SA 42 180.84 -79.61 -94.58
N GLN SA 43 180.34 -80.82 -94.83
CA GLN SA 43 179.58 -81.57 -93.83
C GLN SA 43 180.55 -82.08 -92.78
N ARG SA 44 180.87 -81.23 -91.81
CA ARG SA 44 181.78 -81.58 -90.74
C ARG SA 44 181.09 -81.78 -89.39
N ARG SA 45 179.84 -81.36 -89.25
CA ARG SA 45 179.09 -81.51 -88.00
C ARG SA 45 178.38 -82.85 -88.03
N VAL SA 46 178.85 -83.78 -87.21
CA VAL SA 46 178.26 -85.11 -87.09
C VAL SA 46 177.70 -85.26 -85.68
N VAL SA 47 176.39 -85.49 -85.59
CA VAL SA 47 175.71 -85.64 -84.31
C VAL SA 47 174.90 -86.94 -84.42
N ARG SA 48 175.49 -88.04 -83.94
CA ARG SA 48 174.84 -89.34 -83.97
C ARG SA 48 174.31 -89.64 -82.58
N GLU SA 49 173.01 -89.91 -82.50
CA GLU SA 49 172.37 -90.17 -81.21
C GLU SA 49 171.21 -91.12 -81.46
N ARG SA 50 171.24 -92.27 -80.78
CA ARG SA 50 170.15 -93.22 -80.87
C ARG SA 50 168.89 -92.65 -80.21
N LEU SA 51 167.75 -92.80 -80.87
CA LEU SA 51 166.49 -92.24 -80.40
C LEU SA 51 165.49 -93.39 -80.24
N GLN SA 52 165.52 -94.03 -79.07
CA GLN SA 52 164.67 -95.20 -78.83
C GLN SA 52 163.20 -94.82 -78.80
N ALA SA 53 162.88 -93.69 -78.15
CA ALA SA 53 161.49 -93.21 -78.01
C ALA SA 53 160.90 -92.96 -79.39
N LEU SA 54 161.65 -92.37 -80.34
CA LEU SA 54 161.21 -92.24 -81.73
C LEU SA 54 161.16 -93.60 -82.40
N GLU SA 55 162.06 -94.50 -82.03
CA GLU SA 55 162.07 -95.83 -82.63
C GLU SA 55 160.80 -96.61 -82.31
N ILE SA 56 160.15 -96.31 -81.18
CA ILE SA 56 158.91 -97.02 -80.86
C ILE SA 56 157.71 -96.23 -81.35
N ILE SA 57 157.84 -94.89 -81.36
CA ILE SA 57 156.76 -94.07 -81.90
C ILE SA 57 156.56 -94.36 -83.38
N ASN SA 58 157.63 -94.65 -84.10
CA ASN SA 58 157.51 -94.98 -85.52
C ASN SA 58 156.68 -96.23 -85.75
N GLU SA 59 156.92 -97.30 -84.98
CA GLU SA 59 156.11 -98.51 -85.12
C GLU SA 59 154.67 -98.30 -84.69
N ARG SA 60 154.45 -97.53 -83.62
CA ARG SA 60 153.08 -97.28 -83.21
C ARG SA 60 152.33 -96.54 -84.31
N PHE SA 61 152.97 -95.51 -84.87
CA PHE SA 61 152.36 -94.77 -85.97
C PHE SA 61 152.17 -95.65 -87.19
N ALA SA 62 153.12 -96.55 -87.46
CA ALA SA 62 153.00 -97.43 -88.61
C ALA SA 62 151.80 -98.36 -88.46
N ARG SA 63 151.60 -98.90 -87.26
CA ARG SA 63 150.43 -99.74 -87.04
C ARG SA 63 149.14 -98.95 -87.21
N GLN SA 64 149.09 -97.75 -86.64
CA GLN SA 64 147.89 -96.93 -86.79
C GLN SA 64 147.63 -96.59 -88.25
N PHE SA 65 148.68 -96.25 -88.99
CA PHE SA 65 148.53 -95.88 -90.39
C PHE SA 65 148.14 -97.08 -91.25
N ARG SA 66 148.64 -98.27 -90.92
CA ARG SA 66 148.20 -99.46 -91.65
C ARG SA 66 146.71 -99.78 -91.57
N MET SA 67 146.13 -99.70 -90.38
CA MET SA 67 144.67 -99.88 -90.28
C MET SA 67 143.85 -98.74 -90.90
N GLY SA 68 144.42 -97.54 -90.84
CA GLY SA 68 143.76 -96.39 -91.46
C GLY SA 68 143.74 -96.65 -92.95
N LEU SA 69 144.87 -97.12 -93.50
CA LEU SA 69 144.93 -97.42 -94.93
C LEU SA 69 144.03 -98.59 -95.28
N PHE SA 70 143.95 -99.58 -94.40
CA PHE SA 70 142.99 -100.66 -94.61
C PHE SA 70 141.57 -100.12 -94.61
N ASN SA 71 141.26 -99.23 -93.67
CA ASN SA 71 139.93 -98.66 -93.62
C ASN SA 71 139.60 -97.86 -94.88
N LEU SA 72 140.59 -97.18 -95.45
CA LEU SA 72 140.33 -96.31 -96.59
C LEU SA 72 140.34 -97.07 -97.90
N LEU SA 73 141.48 -97.68 -98.24
CA LEU SA 73 141.68 -98.31 -99.54
C LEU SA 73 140.93 -99.62 -99.70
N ARG SA 74 140.36 -100.17 -98.61
CA ARG SA 74 139.74 -101.49 -98.62
C ARG SA 74 140.72 -102.55 -99.12
N ARG SA 75 141.98 -102.42 -98.75
CA ARG SA 75 143.02 -103.39 -99.09
C ARG SA 75 143.88 -103.61 -97.86
N SER SA 76 144.89 -104.48 -98.00
CA SER SA 76 145.75 -104.84 -96.88
C SER SA 76 147.18 -104.36 -97.11
N PRO SA 77 147.54 -103.16 -96.66
CA PRO SA 77 148.93 -102.72 -96.74
C PRO SA 77 149.84 -103.22 -95.65
N ASP SA 78 151.13 -103.30 -95.95
CA ASP SA 78 152.14 -103.59 -94.95
C ASP SA 78 153.16 -102.48 -94.98
N ILE SA 79 153.44 -101.90 -93.81
CA ILE SA 79 154.34 -100.77 -93.67
C ILE SA 79 155.56 -101.23 -92.90
N THR SA 80 156.73 -101.10 -93.53
CA THR SA 80 158.01 -101.42 -92.90
C THR SA 80 158.69 -100.11 -92.53
N VAL SA 81 159.04 -99.98 -91.25
CA VAL SA 81 159.71 -98.76 -90.79
C VAL SA 81 161.19 -98.85 -91.07
N GLY SA 82 161.72 -97.88 -91.80
CA GLY SA 82 163.13 -97.85 -92.09
C GLY SA 82 163.94 -97.29 -90.93
N ALA SA 83 165.25 -97.33 -91.09
CA ALA SA 83 166.14 -96.77 -90.08
C ALA SA 83 166.03 -95.26 -90.03
N ILE SA 84 165.95 -94.71 -88.82
CA ILE SA 84 165.90 -93.26 -88.65
C ILE SA 84 167.23 -92.68 -89.11
N ARG SA 85 167.17 -91.66 -89.97
CA ARG SA 85 168.38 -91.02 -90.50
C ARG SA 85 168.50 -89.61 -89.94
N ILE SA 86 169.64 -89.34 -89.31
CA ILE SA 86 169.96 -88.01 -88.79
C ILE SA 86 170.94 -87.33 -89.74
N GLN SA 87 170.43 -86.42 -90.57
CA GLN SA 87 171.19 -85.94 -91.71
C GLN SA 87 170.95 -84.46 -91.92
N PRO SA 88 171.89 -83.76 -92.57
CA PRO SA 88 171.65 -82.36 -92.92
C PRO SA 88 170.48 -82.23 -93.87
N TYR SA 89 169.78 -81.10 -93.78
CA TYR SA 89 168.56 -80.91 -94.54
C TYR SA 89 168.69 -81.01 -96.05
N HIS SA 90 169.82 -80.54 -96.61
CA HIS SA 90 170.06 -80.55 -98.07
C HIS SA 90 170.31 -82.00 -98.58
N GLU SA 91 170.71 -82.92 -97.71
CA GLU SA 91 170.84 -84.34 -98.07
C GLU SA 91 169.41 -84.87 -98.23
N PHE SA 92 168.55 -84.57 -97.26
CA PHE SA 92 167.16 -84.99 -97.35
C PHE SA 92 166.48 -84.39 -98.57
N ALA SA 93 166.75 -83.11 -98.84
CA ALA SA 93 166.14 -82.46 -100.00
C ALA SA 93 166.61 -83.08 -101.30
N ARG SA 94 167.90 -83.36 -101.42
CA ARG SA 94 168.42 -83.88 -102.68
C ARG SA 94 168.01 -85.33 -102.91
N ASN SA 95 167.84 -86.11 -101.83
CA ASN SA 95 167.42 -87.49 -102.02
C ASN SA 95 165.96 -87.57 -102.47
N LEU SA 96 165.17 -86.53 -102.21
CA LEU SA 96 163.77 -86.55 -102.59
C LEU SA 96 163.63 -86.46 -104.11
N PRO SA 97 162.61 -87.09 -104.69
CA PRO SA 97 162.35 -86.95 -106.12
C PRO SA 97 161.53 -85.70 -106.40
N VAL SA 98 161.41 -85.40 -107.69
CA VAL SA 98 160.67 -84.21 -108.12
C VAL SA 98 159.72 -84.59 -109.24
N PRO SA 99 158.42 -84.26 -109.13
CA PRO SA 99 157.76 -83.61 -107.99
C PRO SA 99 157.37 -84.63 -106.93
N THR SA 100 157.16 -84.16 -105.70
CA THR SA 100 156.72 -85.01 -104.59
C THR SA 100 155.85 -84.16 -103.71
N ASN SA 101 154.70 -84.64 -103.27
CA ASN SA 101 153.85 -83.92 -102.28
C ASN SA 101 154.52 -83.75 -100.92
N LEU SA 102 154.75 -82.53 -100.47
CA LEU SA 102 155.33 -82.21 -99.14
C LEU SA 102 154.22 -81.62 -98.25
N ASN SA 103 154.04 -82.03 -97.01
CA ASN SA 103 152.90 -81.54 -96.17
C ASN SA 103 153.47 -80.83 -94.94
N LEU SA 104 153.60 -79.50 -94.95
CA LEU SA 104 154.11 -78.81 -93.78
C LEU SA 104 153.13 -78.99 -92.63
N ILE SA 105 153.63 -79.44 -91.49
CA ILE SA 105 152.78 -79.72 -90.34
C ILE SA 105 153.36 -79.03 -89.12
N HIS SA 106 152.48 -78.60 -88.22
CA HIS SA 106 152.86 -77.94 -86.99
C HIS SA 106 152.66 -78.91 -85.84
N LEU SA 107 153.74 -79.25 -85.14
CA LEU SA 107 153.67 -80.12 -83.98
C LEU SA 107 153.66 -79.30 -82.69
N LYS SA 108 152.60 -78.51 -82.52
CA LYS SA 108 152.49 -77.67 -81.34
C LYS SA 108 152.39 -78.53 -80.08
N PRO SA 109 152.91 -78.04 -78.95
CA PRO SA 109 153.50 -76.72 -78.71
C PRO SA 109 154.98 -76.62 -79.08
N LEU SA 110 155.53 -77.61 -79.78
CA LEU SA 110 156.94 -77.55 -80.18
C LEU SA 110 157.10 -76.52 -81.29
N ARG SA 111 157.97 -75.54 -81.06
CA ARG SA 111 158.18 -74.50 -82.06
C ARG SA 111 158.98 -75.05 -83.23
N GLY SA 112 158.44 -74.89 -84.43
CA GLY SA 112 159.06 -75.39 -85.64
C GLY SA 112 158.01 -75.86 -86.62
N THR SA 113 158.46 -76.53 -87.68
CA THR SA 113 157.57 -77.00 -88.72
C THR SA 113 158.13 -78.29 -89.30
N GLY SA 114 157.43 -79.40 -89.06
CA GLY SA 114 157.83 -80.67 -89.63
C GLY SA 114 157.27 -80.89 -91.03
N LEU SA 115 157.70 -81.98 -91.64
CA LEU SA 115 157.36 -82.27 -93.03
C LEU SA 115 156.93 -83.72 -93.16
N VAL SA 116 155.86 -83.96 -93.88
CA VAL SA 116 155.40 -85.31 -94.23
C VAL SA 116 155.48 -85.45 -95.73
N VAL SA 117 156.29 -86.37 -96.22
CA VAL SA 117 156.58 -86.50 -97.63
C VAL SA 117 155.91 -87.75 -98.16
N PHE SA 118 154.93 -87.56 -99.04
CA PHE SA 118 154.28 -88.64 -99.77
C PHE SA 118 154.88 -88.80 -101.16
N SER SA 119 155.41 -89.99 -101.43
CA SER SA 119 156.01 -90.24 -102.72
C SER SA 119 154.98 -90.29 -103.85
N PRO SA 120 155.35 -89.95 -105.11
CA PRO SA 120 154.43 -90.05 -106.26
C PRO SA 120 153.89 -91.47 -106.35
N SER SA 121 154.74 -92.46 -106.02
CA SER SA 121 154.30 -93.85 -106.13
C SER SA 121 153.13 -94.14 -105.20
N LEU SA 122 153.21 -93.66 -103.96
CA LEU SA 122 152.16 -93.96 -102.99
C LEU SA 122 150.85 -93.29 -103.37
N VAL SA 123 150.90 -92.02 -103.77
CA VAL SA 123 149.67 -91.33 -104.16
C VAL SA 123 149.10 -91.94 -105.43
N PHE SA 124 149.97 -92.37 -106.35
CA PHE SA 124 149.50 -93.07 -107.54
C PHE SA 124 148.77 -94.35 -107.17
N ILE SA 125 149.34 -95.13 -106.25
CA ILE SA 125 148.72 -96.37 -105.82
C ILE SA 125 147.37 -96.10 -105.17
N ALA SA 126 147.31 -95.08 -104.30
CA ALA SA 126 146.07 -94.77 -103.61
C ALA SA 126 144.99 -94.32 -104.59
N VAL SA 127 145.34 -93.44 -105.52
CA VAL SA 127 144.36 -92.97 -106.50
C VAL SA 127 143.89 -94.11 -107.38
N ASP SA 128 144.83 -94.98 -107.79
CA ASP SA 128 144.47 -96.12 -108.61
C ASP SA 128 143.50 -97.05 -107.87
N ASN SA 129 143.78 -97.33 -106.60
CA ASN SA 129 142.90 -98.22 -105.84
C ASN SA 129 141.52 -97.59 -105.61
N LEU SA 130 141.48 -96.29 -105.30
CA LEU SA 130 140.20 -95.65 -105.05
C LEU SA 130 139.34 -95.60 -106.30
N PHE SA 131 139.94 -95.29 -107.44
CA PHE SA 131 139.18 -95.06 -108.67
C PHE SA 131 139.19 -96.30 -109.56
N GLY SA 132 138.60 -97.37 -109.03
CA GLY SA 132 138.34 -98.56 -109.80
C GLY SA 132 139.55 -99.21 -110.44
N GLY SA 133 140.63 -99.36 -109.68
CA GLY SA 133 141.82 -100.00 -110.20
C GLY SA 133 142.39 -101.06 -109.29
N ASP SA 134 142.60 -102.26 -109.84
CA ASP SA 134 143.18 -103.38 -109.04
C ASP SA 134 144.71 -103.37 -109.18
N GLY SA 135 145.29 -102.21 -109.49
CA GLY SA 135 146.73 -102.10 -109.61
C GLY SA 135 147.28 -103.13 -110.58
N ARG SA 136 146.53 -103.46 -111.63
CA ARG SA 136 147.04 -104.37 -112.66
C ARG SA 136 148.21 -103.79 -113.43
N PHE SA 137 148.02 -102.59 -113.96
CA PHE SA 137 149.10 -101.93 -114.69
C PHE SA 137 150.20 -101.35 -113.80
N PRO SA 138 151.44 -101.33 -114.29
CA PRO SA 138 152.53 -100.75 -113.49
C PRO SA 138 152.34 -99.26 -113.29
N THR SA 139 152.81 -98.77 -112.14
CA THR SA 139 152.76 -97.34 -111.87
C THR SA 139 153.77 -96.61 -112.74
N LYS SA 140 153.31 -95.57 -113.43
CA LYS SA 140 154.15 -94.76 -114.30
C LYS SA 140 154.14 -93.32 -113.79
N VAL SA 141 155.33 -92.82 -113.47
CA VAL SA 141 155.52 -91.44 -113.04
C VAL SA 141 156.57 -90.81 -113.92
N GLU SA 142 156.22 -89.69 -114.57
CA GLU SA 142 157.11 -88.99 -115.49
C GLU SA 142 157.11 -87.50 -115.20
N GLY SA 143 157.24 -87.13 -113.92
CA GLY SA 143 157.21 -85.73 -113.57
C GLY SA 143 155.85 -85.10 -113.59
N ARG SA 144 154.80 -85.92 -113.66
CA ARG SA 144 153.44 -85.40 -113.68
C ARG SA 144 153.07 -84.77 -112.35
N GLU SA 145 152.39 -83.62 -112.41
CA GLU SA 145 152.00 -82.91 -111.20
C GLU SA 145 150.73 -83.52 -110.61
N PHE SA 146 150.20 -82.89 -109.58
CA PHE SA 146 149.04 -83.38 -108.85
C PHE SA 146 147.86 -82.45 -109.10
N THR SA 147 146.75 -83.04 -109.54
CA THR SA 147 145.55 -82.26 -109.79
C THR SA 147 144.79 -82.01 -108.48
N HIS SA 148 143.66 -81.34 -108.59
CA HIS SA 148 142.87 -81.04 -107.40
C HIS SA 148 142.27 -82.30 -106.79
N THR SA 149 141.83 -83.24 -107.63
CA THR SA 149 141.33 -84.51 -107.11
C THR SA 149 142.43 -85.30 -106.42
N GLU SA 150 143.62 -85.35 -107.02
CA GLU SA 150 144.74 -86.00 -106.37
C GLU SA 150 145.09 -85.31 -105.07
N GLN SA 151 145.04 -83.98 -105.05
CA GLN SA 151 145.33 -83.25 -103.82
C GLN SA 151 144.30 -83.57 -102.74
N ARG SA 152 143.03 -83.73 -103.12
CA ARG SA 152 142.02 -84.06 -102.14
C ARG SA 152 142.21 -85.48 -101.60
N VAL SA 153 142.59 -86.42 -102.48
CA VAL SA 153 142.90 -87.77 -102.02
C VAL SA 153 144.07 -87.76 -101.05
N ILE SA 154 145.10 -86.97 -101.35
CA ILE SA 154 146.26 -86.88 -100.47
C ILE SA 154 145.88 -86.24 -99.15
N ASN SA 155 144.98 -85.26 -99.18
CA ASN SA 155 144.51 -84.66 -97.93
C ASN SA 155 143.77 -85.71 -97.10
N ARG SA 156 142.95 -86.52 -97.75
CA ARG SA 156 142.22 -87.57 -97.04
C ARG SA 156 143.18 -88.57 -96.40
N MET SA 157 144.23 -88.96 -97.14
CA MET SA 157 145.24 -89.86 -96.58
C MET SA 157 146.00 -89.19 -95.44
N LEU SA 158 146.35 -87.92 -95.62
CA LEU SA 158 147.16 -87.23 -94.63
C LEU SA 158 146.38 -86.99 -93.35
N LYS SA 159 145.06 -86.89 -93.43
CA LYS SA 159 144.27 -86.80 -92.20
C LYS SA 159 144.48 -88.03 -91.34
N LEU SA 160 144.38 -89.22 -91.94
CA LEU SA 160 144.65 -90.45 -91.21
C LEU SA 160 146.09 -90.52 -90.73
N ALA SA 161 147.03 -90.10 -91.57
CA ALA SA 161 148.44 -90.15 -91.18
C ALA SA 161 148.69 -89.26 -89.97
N LEU SA 162 148.14 -88.05 -89.97
CA LEU SA 162 148.34 -87.13 -88.85
C LEU SA 162 147.64 -87.62 -87.60
N GLU SA 163 146.44 -88.19 -87.74
CA GLU SA 163 145.77 -88.75 -86.58
C GLU SA 163 146.59 -89.87 -85.96
N GLY SA 164 147.13 -90.77 -86.81
CA GLY SA 164 147.95 -91.85 -86.30
C GLY SA 164 149.21 -91.34 -85.62
N TYR SA 165 149.87 -90.35 -86.23
CA TYR SA 165 151.08 -89.79 -85.64
C TYR SA 165 150.79 -89.13 -84.30
N SER SA 166 149.70 -88.36 -84.22
CA SER SA 166 149.34 -87.73 -82.96
C SER SA 166 149.04 -88.75 -81.88
N ASP SA 167 148.31 -89.82 -82.25
CA ASP SA 167 148.00 -90.87 -81.28
C ASP SA 167 149.28 -91.57 -80.81
N ALA SA 168 150.21 -91.82 -81.73
CA ALA SA 168 151.47 -92.45 -81.35
C ALA SA 168 152.27 -91.55 -80.41
N TRP SA 169 152.30 -90.25 -80.69
CA TRP SA 169 153.05 -89.34 -79.83
C TRP SA 169 152.32 -89.20 -78.50
N LYS SA 170 150.98 -89.35 -78.50
CA LYS SA 170 150.20 -89.15 -77.30
C LYS SA 170 150.69 -90.02 -76.14
N ALA SA 171 151.17 -91.23 -76.43
CA ALA SA 171 151.70 -92.09 -75.39
C ALA SA 171 152.86 -91.52 -74.58
N ILE SA 172 153.80 -90.85 -75.26
CA ILE SA 172 154.97 -90.31 -74.60
C ILE SA 172 154.74 -88.84 -74.24
N ASN SA 173 154.51 -88.02 -75.26
CA ASN SA 173 154.26 -86.59 -75.04
C ASN SA 173 153.05 -86.16 -75.85
N PRO SA 174 151.98 -85.70 -75.21
CA PRO SA 174 150.77 -85.34 -75.96
C PRO SA 174 150.98 -84.12 -76.84
N LEU SA 175 150.93 -84.32 -78.15
CA LEU SA 175 151.09 -83.27 -79.13
C LEU SA 175 149.88 -83.21 -80.04
N GLU SA 176 149.58 -82.02 -80.55
CA GLU SA 176 148.53 -81.83 -81.54
C GLU SA 176 149.17 -81.51 -82.89
N VAL SA 177 148.73 -82.23 -83.92
CA VAL SA 177 149.32 -82.15 -85.24
C VAL SA 177 148.36 -81.39 -86.14
N GLU SA 178 148.84 -80.29 -86.72
CA GLU SA 178 148.04 -79.46 -87.60
C GLU SA 178 148.68 -79.40 -88.98
N TYR SA 179 147.87 -79.65 -90.01
CA TYR SA 179 148.30 -79.54 -91.39
C TYR SA 179 148.06 -78.11 -91.86
N VAL SA 180 149.11 -77.43 -92.29
CA VAL SA 180 149.04 -76.02 -92.61
C VAL SA 180 149.12 -75.75 -94.10
N ARG SA 181 149.86 -76.56 -94.85
CA ARG SA 181 150.11 -76.25 -96.25
C ARG SA 181 150.67 -77.47 -96.94
N SER SA 182 150.40 -77.58 -98.23
CA SER SA 182 150.95 -78.64 -99.07
C SER SA 182 151.61 -77.98 -100.27
N GLU SA 183 152.72 -78.57 -100.71
CA GLU SA 183 153.51 -78.07 -101.80
C GLU SA 183 154.00 -79.24 -102.62
N MET SA 184 154.50 -78.95 -103.82
CA MET SA 184 154.98 -79.97 -104.73
C MET SA 184 156.47 -79.93 -105.03
N GLN SA 185 157.08 -78.74 -104.93
CA GLN SA 185 158.50 -78.59 -105.14
C GLN SA 185 159.23 -78.60 -103.79
N VAL SA 186 160.56 -78.67 -103.85
CA VAL SA 186 161.35 -78.71 -102.64
C VAL SA 186 161.73 -77.31 -102.14
N LYS SA 187 161.85 -76.34 -103.03
CA LYS SA 187 162.32 -75.00 -102.66
C LYS SA 187 161.25 -74.16 -101.99
N PHE SA 188 160.00 -74.64 -101.93
CA PHE SA 188 158.94 -73.90 -101.27
C PHE SA 188 158.83 -74.12 -99.77
N THR SA 189 159.45 -75.17 -99.22
CA THR SA 189 159.27 -75.48 -97.82
C THR SA 189 160.24 -74.72 -96.91
N ASN SA 190 161.53 -74.96 -97.09
CA ASN SA 190 162.59 -74.32 -96.29
C ASN SA 190 162.19 -74.21 -94.82
N ILE SA 191 162.04 -75.38 -94.18
CA ILE SA 191 161.68 -75.46 -92.73
C ILE SA 191 162.96 -75.35 -91.88
N THR SA 192 164.14 -75.27 -92.52
CA THR SA 192 165.45 -75.17 -91.84
C THR SA 192 166.05 -73.81 -92.16
N THR SA 193 166.48 -73.06 -91.15
CA THR SA 193 167.04 -71.69 -91.33
C THR SA 193 168.15 -71.77 -92.34
N SER SA 194 168.99 -72.81 -92.30
CA SER SA 194 170.06 -73.02 -93.25
C SER SA 194 170.00 -74.44 -93.80
N PRO SA 195 170.46 -74.64 -95.04
CA PRO SA 195 170.44 -75.99 -95.62
C PRO SA 195 171.35 -76.98 -94.90
N ASN SA 196 172.29 -76.50 -94.09
CA ASN SA 196 173.19 -77.37 -93.36
C ASN SA 196 172.65 -77.76 -91.99
N ASP SA 197 171.43 -77.34 -91.65
CA ASP SA 197 170.82 -77.73 -90.39
C ASP SA 197 170.52 -79.22 -90.39
N ILE SA 198 170.46 -79.79 -89.20
CA ILE SA 198 170.34 -81.22 -89.03
C ILE SA 198 168.87 -81.56 -88.77
N VAL SA 199 168.37 -82.58 -89.48
CA VAL SA 199 166.99 -83.01 -89.35
C VAL SA 199 166.95 -84.53 -89.17
N VAL SA 200 165.86 -85.00 -88.60
CA VAL SA 200 165.63 -86.42 -88.31
C VAL SA 200 164.63 -87.00 -89.28
N ASN SA 201 165.09 -87.94 -90.11
CA ASN SA 201 164.21 -88.50 -91.18
C ASN SA 201 163.86 -89.97 -90.93
N THR SA 202 162.56 -90.31 -91.00
CA THR SA 202 162.09 -91.68 -90.87
C THR SA 202 161.39 -92.08 -92.16
N PRO SA 203 161.98 -92.94 -92.98
CA PRO SA 203 161.30 -93.43 -94.19
C PRO SA 203 160.53 -94.71 -93.88
N PHE SA 204 159.26 -94.74 -94.28
CA PHE SA 204 158.44 -95.94 -94.22
C PHE SA 204 158.18 -96.44 -95.64
N HIS SA 205 158.13 -97.76 -95.79
CA HIS SA 205 157.81 -98.38 -97.06
C HIS SA 205 156.47 -99.07 -96.96
N VAL SA 206 155.53 -98.68 -97.80
CA VAL SA 206 154.17 -99.22 -97.80
C VAL SA 206 154.00 -100.06 -99.06
N GLU SA 207 153.67 -101.34 -98.87
CA GLU SA 207 153.44 -102.25 -99.98
C GLU SA 207 151.98 -102.67 -100.00
N ILE SA 208 151.36 -102.58 -101.18
CA ILE SA 208 150.00 -103.03 -101.41
C ILE SA 208 150.04 -104.01 -102.58
N GLY SA 209 149.69 -105.26 -102.31
CA GLY SA 209 149.83 -106.28 -103.34
C GLY SA 209 151.26 -106.34 -103.82
N ASN SA 210 151.43 -106.30 -105.15
CA ASN SA 210 152.77 -106.24 -105.71
C ASN SA 210 153.31 -104.80 -105.76
N LEU SA 211 152.43 -103.82 -105.74
CA LEU SA 211 152.86 -102.43 -105.83
C LEU SA 211 153.50 -101.97 -104.52
N THR SA 212 154.46 -101.06 -104.64
CA THR SA 212 155.19 -100.53 -103.50
C THR SA 212 155.33 -99.02 -103.62
N GLY SA 213 155.51 -98.39 -102.46
CA GLY SA 213 155.77 -96.97 -102.40
C GLY SA 213 156.40 -96.64 -101.08
N GLU SA 214 156.77 -95.39 -100.90
CA GLU SA 214 157.43 -94.97 -99.66
C GLU SA 214 156.97 -93.57 -99.28
N PHE SA 215 157.11 -93.27 -97.99
CA PHE SA 215 156.80 -91.93 -97.51
C PHE SA 215 157.63 -91.65 -96.27
N ASN SA 216 158.08 -90.41 -96.14
CA ASN SA 216 158.99 -90.03 -95.07
C ASN SA 216 158.33 -89.06 -94.11
N ILE SA 217 158.84 -89.04 -92.88
CA ILE SA 217 158.46 -88.04 -91.89
C ILE SA 217 159.72 -87.37 -91.39
N CYS SA 218 159.87 -86.07 -91.66
CA CYS SA 218 161.09 -85.34 -91.32
C CYS SA 218 160.78 -84.25 -90.31
N LEU SA 219 161.54 -84.23 -89.21
CA LEU SA 219 161.39 -83.25 -88.17
C LEU SA 219 162.71 -82.51 -88.00
N PRO SA 220 162.71 -81.17 -88.03
CA PRO SA 220 163.94 -80.44 -87.74
C PRO SA 220 164.38 -80.70 -86.30
N PHE SA 221 165.70 -80.77 -86.12
CA PHE SA 221 166.23 -81.09 -84.80
C PHE SA 221 165.91 -80.00 -83.77
N SER SA 222 165.57 -78.80 -84.20
CA SER SA 222 165.22 -77.74 -83.25
C SER SA 222 163.98 -78.12 -82.46
N MET SA 223 162.99 -78.72 -83.13
CA MET SA 223 161.78 -79.15 -82.43
C MET SA 223 162.08 -80.26 -81.43
N ILE SA 224 162.93 -81.21 -81.81
CA ILE SA 224 163.22 -82.34 -80.95
C ILE SA 224 164.11 -81.96 -79.77
N GLU SA 225 164.95 -80.95 -79.95
CA GLU SA 225 165.97 -80.62 -78.95
C GLU SA 225 165.44 -80.44 -77.54
N PRO SA 226 164.33 -79.72 -77.29
CA PRO SA 226 163.81 -79.66 -75.91
C PRO SA 226 163.38 -81.00 -75.36
N LEU SA 227 163.13 -81.99 -76.22
CA LEU SA 227 162.71 -83.32 -75.79
C LEU SA 227 163.77 -84.40 -76.00
N ARG SA 228 165.04 -84.02 -76.02
CA ARG SA 228 166.10 -84.98 -76.33
C ARG SA 228 166.24 -86.03 -75.23
N GLU SA 229 166.22 -85.59 -73.97
CA GLU SA 229 166.37 -86.53 -72.87
C GLU SA 229 165.17 -87.48 -72.83
N LEU SA 230 164.01 -87.02 -73.30
CA LEU SA 230 162.85 -87.90 -73.38
C LEU SA 230 162.96 -88.86 -74.55
N LEU SA 231 163.47 -88.38 -75.69
CA LEU SA 231 163.52 -89.19 -76.94
C LEU SA 231 164.75 -90.10 -76.96
N VAL SA 232 165.71 -89.89 -76.08
CA VAL SA 232 166.98 -90.68 -76.08
C VAL SA 232 166.76 -92.01 -75.34
N ASN SA 233 166.36 -91.99 -74.05
CA ASN SA 233 166.26 -93.24 -73.32
C ASN SA 233 164.98 -93.98 -73.69
N PRO SA 234 165.03 -95.31 -73.76
CA PRO SA 234 163.83 -96.09 -74.04
C PRO SA 234 162.77 -95.86 -72.97
N PRO SA 235 161.50 -95.82 -73.34
CA PRO SA 235 160.46 -95.53 -72.35
C PRO SA 235 160.34 -96.63 -71.31
N LEU SA 236 159.98 -96.23 -70.10
CA LEU SA 236 159.79 -97.16 -69.00
C LEU SA 236 158.33 -97.14 -68.54
N GLU SA 237 157.88 -98.30 -68.06
CA GLU SA 237 156.50 -98.47 -67.61
C GLU SA 237 156.34 -97.79 -66.26
N ASN SA 238 156.08 -96.49 -66.30
CA ASN SA 238 155.90 -95.68 -65.11
C ASN SA 238 154.69 -94.79 -65.31
N SER SA 239 154.48 -93.85 -64.39
CA SER SA 239 153.38 -92.92 -64.46
C SER SA 239 153.89 -91.50 -64.29
N ARG SA 240 153.07 -90.53 -64.71
CA ARG SA 240 153.44 -89.13 -64.55
C ARG SA 240 153.61 -88.78 -63.08
N HIS SA 241 152.77 -89.35 -62.22
CA HIS SA 241 152.93 -89.14 -60.78
C HIS SA 241 154.27 -89.68 -60.31
N GLU SA 242 154.66 -90.87 -60.78
CA GLU SA 242 155.95 -91.43 -60.38
C GLU SA 242 157.10 -90.58 -60.92
N ASP SA 243 156.97 -90.07 -62.14
CA ASP SA 243 158.04 -89.24 -62.70
C ASP SA 243 158.20 -87.94 -61.92
N GLN SA 244 157.09 -87.28 -61.60
CA GLN SA 244 157.19 -86.04 -60.84
C GLN SA 244 157.68 -86.30 -59.42
N ASN SA 245 157.31 -87.44 -58.84
CA ASN SA 245 157.85 -87.81 -57.54
C ASN SA 245 159.36 -88.02 -57.61
N TRP SA 246 159.82 -88.67 -58.69
CA TRP SA 246 161.25 -88.87 -58.88
C TRP SA 246 162.17 -87.65 -58.86
N ARG SA 247 161.82 -86.65 -59.68
CA ARG SA 247 162.64 -85.41 -59.74
C ARG SA 247 162.42 -84.62 -58.44
N ASP SA 248 161.23 -84.73 -57.84
CA ASP SA 248 160.96 -84.03 -56.55
C ASP SA 248 161.96 -84.53 -55.51
N ASN SA 249 162.07 -85.86 -55.36
CA ASN SA 249 163.03 -86.44 -54.38
C ASN SA 249 164.46 -86.06 -54.78
N LEU SA 250 164.77 -86.15 -56.07
CA LEU SA 250 166.11 -85.78 -56.57
C LEU SA 250 166.38 -84.30 -56.23
N VAL SA 251 165.40 -83.43 -56.50
CA VAL SA 251 165.55 -81.99 -56.16
C VAL SA 251 165.87 -81.87 -54.67
N ARG SA 252 165.12 -82.58 -53.83
CA ARG SA 252 165.37 -82.53 -52.39
C ARG SA 252 166.74 -83.10 -52.05
N GLN SA 253 167.19 -84.14 -52.77
CA GLN SA 253 168.52 -84.67 -52.52
C GLN SA 253 169.61 -83.69 -52.96
N VAL SA 254 169.35 -82.91 -54.01
CA VAL SA 254 170.35 -81.98 -54.51
C VAL SA 254 170.59 -80.86 -53.50
N GLN SA 255 169.55 -80.44 -52.79
CA GLN SA 255 169.66 -79.30 -51.88
C GLN SA 255 170.77 -79.48 -50.86
N HIS SA 256 171.05 -80.72 -50.45
CA HIS SA 256 172.11 -80.98 -49.48
C HIS SA 256 173.44 -81.21 -50.19
N SER SA 257 173.86 -80.20 -50.99
CA SER SA 257 175.17 -80.23 -51.71
C SER SA 257 175.86 -78.89 -51.50
N GLU SA 258 177.01 -78.88 -50.81
CA GLU SA 258 177.75 -77.62 -50.52
C GLU SA 258 178.27 -76.99 -51.82
N LEU SA 259 178.26 -75.67 -51.93
CA LEU SA 259 178.77 -74.94 -53.12
C LEU SA 259 179.96 -74.06 -52.72
N GLU SA 260 180.65 -73.46 -53.68
CA GLU SA 260 181.71 -72.50 -53.40
C GLU SA 260 181.28 -71.14 -53.94
N LEU SA 261 181.06 -70.19 -53.03
CA LEU SA 261 180.61 -68.86 -53.39
C LEU SA 261 181.78 -67.89 -53.27
N VAL SA 262 181.99 -67.08 -54.31
CA VAL SA 262 183.12 -66.16 -54.39
C VAL SA 262 182.58 -64.75 -54.55
N ALA SA 263 183.04 -63.84 -53.70
CA ALA SA 263 182.63 -62.44 -53.76
C ALA SA 263 183.74 -61.61 -54.41
N ASN SA 264 183.38 -60.81 -55.40
CA ASN SA 264 184.33 -59.96 -56.10
C ASN SA 264 184.15 -58.53 -55.60
N PHE SA 265 185.18 -58.01 -54.91
CA PHE SA 265 185.16 -56.63 -54.34
C PHE SA 265 185.41 -55.60 -55.43
N ALA SA 266 186.42 -55.81 -56.29
CA ALA SA 266 186.79 -54.86 -57.37
C ALA SA 266 187.41 -55.57 -58.56
N ASP SA 267 187.44 -54.95 -59.75
CA ASP SA 267 188.09 -55.51 -60.94
C ASP SA 267 188.83 -54.37 -61.64
N ILE SA 268 190.13 -54.29 -61.43
CA ILE SA 268 190.95 -53.19 -61.92
C ILE SA 268 191.69 -53.65 -63.16
N PRO SA 269 191.73 -52.86 -64.28
CA PRO SA 269 192.43 -53.27 -65.54
C PRO SA 269 193.85 -52.73 -65.58
N LEU SA 270 194.85 -53.61 -65.50
CA LEU SA 270 196.27 -53.19 -65.62
C LEU SA 270 196.95 -53.87 -66.80
N ARG SA 271 197.93 -53.21 -67.39
CA ARG SA 271 198.71 -53.80 -68.51
C ARG SA 271 199.71 -54.82 -67.93
N LEU SA 272 200.23 -55.70 -68.78
CA LEU SA 272 201.26 -56.67 -68.34
C LEU SA 272 202.48 -55.92 -67.80
N SER SA 273 202.81 -54.79 -68.43
CA SER SA 273 204.01 -54.03 -68.02
C SER SA 273 203.87 -53.59 -66.57
N GLN SA 274 202.69 -53.15 -66.19
CA GLN SA 274 202.48 -52.75 -64.78
C GLN SA 274 202.68 -54.00 -63.90
N ILE SA 275 202.18 -55.15 -64.33
CA ILE SA 275 202.28 -56.36 -63.44
C ILE SA 275 203.73 -56.75 -63.11
N LEU SA 276 204.61 -56.78 -64.11
CA LEU SA 276 206.04 -57.07 -63.80
C LEU SA 276 206.81 -56.09 -62.90
N LYS SA 277 206.57 -54.79 -63.10
CA LYS SA 277 207.15 -53.74 -62.20
C LYS SA 277 206.38 -53.68 -60.83
N LEU SA 278 205.21 -54.33 -60.85
CA LEU SA 278 204.34 -54.30 -59.65
C LEU SA 278 205.24 -55.00 -58.65
N LYS SA 279 205.34 -54.41 -57.45
CA LYS SA 279 206.14 -54.98 -56.35
C LYS SA 279 205.45 -54.55 -55.06
N PRO SA 280 205.67 -55.20 -53.89
CA PRO SA 280 204.92 -54.87 -52.65
C PRO SA 280 205.02 -53.39 -52.28
N GLY SA 281 203.98 -52.80 -51.70
CA GLY SA 281 203.92 -51.42 -51.28
C GLY SA 281 203.23 -50.49 -52.24
N ASP SA 282 202.97 -50.92 -53.48
CA ASP SA 282 202.31 -50.07 -54.44
C ASP SA 282 200.82 -49.92 -54.10
N VAL SA 283 200.21 -48.87 -54.65
CA VAL SA 283 198.79 -48.63 -54.49
C VAL SA 283 198.15 -48.56 -55.87
N LEU SA 284 197.16 -49.42 -56.10
CA LEU SA 284 196.43 -49.45 -57.36
C LEU SA 284 195.04 -48.91 -57.14
N PRO SA 285 194.68 -47.78 -57.75
CA PRO SA 285 193.41 -47.14 -57.42
C PRO SA 285 192.21 -47.94 -57.92
N ILE SA 286 191.17 -47.98 -57.10
CA ILE SA 286 189.93 -48.67 -57.44
C ILE SA 286 188.77 -47.71 -57.23
N GLU SA 287 187.65 -48.04 -57.85
CA GLU SA 287 186.45 -47.21 -57.80
C GLU SA 287 185.53 -47.71 -56.69
N LYS SA 288 184.47 -46.95 -56.45
CA LYS SA 288 183.49 -47.31 -55.43
C LYS SA 288 182.72 -48.55 -55.86
N PRO SA 289 182.77 -49.64 -55.10
CA PRO SA 289 181.82 -50.73 -55.33
C PRO SA 289 180.49 -50.45 -54.62
N ASP SA 290 179.46 -50.09 -55.39
CA ASP SA 290 178.12 -49.87 -54.78
C ASP SA 290 177.57 -51.22 -54.33
N ARG SA 291 177.75 -52.26 -55.15
CA ARG SA 291 177.28 -53.60 -54.82
C ARG SA 291 178.37 -54.61 -55.15
N ILE SA 292 178.35 -55.72 -54.44
CA ILE SA 292 179.34 -56.79 -54.57
C ILE SA 292 178.76 -58.05 -55.20
N ILE SA 293 179.28 -58.42 -56.36
CA ILE SA 293 178.80 -59.61 -57.06
C ILE SA 293 179.38 -60.90 -56.46
N ALA SA 294 178.50 -61.84 -56.19
CA ALA SA 294 178.87 -63.15 -55.66
C ALA SA 294 178.51 -64.19 -56.70
N HIS SA 295 179.52 -64.95 -57.13
CA HIS SA 295 179.40 -65.90 -58.22
C HIS SA 295 179.90 -67.26 -57.79
N VAL SA 296 179.32 -68.31 -58.36
CA VAL SA 296 179.75 -69.69 -58.14
C VAL SA 296 180.35 -70.20 -59.44
N ASP SA 297 181.66 -70.42 -59.43
CA ASP SA 297 182.37 -70.93 -60.61
C ASP SA 297 182.15 -70.04 -61.83
N GLY SA 298 182.08 -68.73 -61.60
CA GLY SA 298 181.91 -67.79 -62.68
C GLY SA 298 180.52 -67.21 -62.78
N VAL SA 299 179.50 -68.03 -62.57
CA VAL SA 299 178.12 -67.60 -62.75
C VAL SA 299 177.69 -66.74 -61.56
N PRO SA 300 177.31 -65.49 -61.78
CA PRO SA 300 176.93 -64.63 -60.64
C PRO SA 300 175.58 -65.04 -60.07
N VAL SA 301 175.51 -65.04 -58.74
CA VAL SA 301 174.31 -65.52 -58.05
C VAL SA 301 173.72 -64.43 -57.16
N LEU SA 302 174.56 -63.55 -56.65
CA LEU SA 302 174.12 -62.60 -55.63
C LEU SA 302 174.80 -61.28 -55.97
N THR SA 303 174.16 -60.19 -55.54
CA THR SA 303 174.81 -58.88 -55.40
C THR SA 303 174.43 -58.42 -54.01
N SER SA 304 175.43 -58.02 -53.21
CA SER SA 304 175.22 -57.78 -51.79
C SER SA 304 176.30 -56.78 -51.41
N GLN SA 305 176.01 -56.01 -50.35
CA GLN SA 305 176.84 -54.89 -49.94
C GLN SA 305 177.85 -55.51 -48.97
N TYR SA 306 179.10 -55.04 -49.05
CA TYR SA 306 180.14 -55.58 -48.21
C TYR SA 306 179.99 -55.07 -46.78
N GLY SA 307 180.62 -55.79 -45.85
CA GLY SA 307 180.58 -55.40 -44.45
C GLY SA 307 181.46 -56.32 -43.63
N THR SA 308 181.53 -56.01 -42.35
CA THR SA 308 182.30 -56.80 -41.39
C THR SA 308 181.41 -57.16 -40.22
N VAL SA 309 181.30 -58.45 -39.92
CA VAL SA 309 180.48 -58.95 -38.82
C VAL SA 309 181.25 -60.04 -38.11
N ASN SA 310 181.32 -59.94 -36.77
CA ASN SA 310 181.97 -60.93 -35.93
C ASN SA 310 183.42 -61.17 -36.34
N GLY SA 311 184.09 -60.09 -36.74
CA GLY SA 311 185.45 -60.19 -37.21
C GLY SA 311 185.60 -60.88 -38.55
N GLN SA 312 184.50 -61.14 -39.24
CA GLN SA 312 184.51 -61.82 -40.53
C GLN SA 312 184.05 -60.87 -41.61
N TYR SA 313 184.61 -61.02 -42.81
CA TYR SA 313 184.14 -60.28 -43.96
C TYR SA 313 182.72 -60.75 -44.29
N ALA SA 314 181.75 -59.84 -44.19
CA ALA SA 314 180.36 -60.19 -44.35
C ALA SA 314 179.76 -59.48 -45.56
N LEU SA 315 178.66 -60.04 -46.05
CA LEU SA 315 177.91 -59.44 -47.15
C LEU SA 315 176.44 -59.38 -46.77
N ARG SA 316 175.85 -58.20 -46.93
CA ARG SA 316 174.42 -58.00 -46.69
C ARG SA 316 173.71 -58.24 -48.01
N VAL SA 317 173.03 -59.37 -48.13
CA VAL SA 317 172.44 -59.78 -49.40
C VAL SA 317 171.36 -58.78 -49.80
N GLU SA 318 171.48 -58.24 -50.97
CA GLU SA 318 170.48 -57.32 -51.50
C GLU SA 318 169.55 -57.91 -52.54
N HIS SA 319 170.06 -58.78 -53.44
CA HIS SA 319 169.21 -59.28 -54.56
C HIS SA 319 169.74 -60.57 -55.16
N LEU SA 320 168.90 -61.62 -55.18
CA LEU SA 320 169.24 -62.85 -55.88
C LEU SA 320 169.04 -62.64 -57.37
N ILE SA 321 170.07 -62.98 -58.16
CA ILE SA 321 170.03 -62.66 -59.58
C ILE SA 321 169.17 -63.68 -60.31
N ASN SA 322 167.88 -63.37 -60.45
CA ASN SA 322 166.99 -64.22 -61.22
C ASN SA 322 167.15 -63.95 -62.70
N PRO SA 323 166.91 -64.95 -63.56
CA PRO SA 323 167.00 -64.76 -65.01
C PRO SA 323 165.69 -64.28 -65.63
N GLN TA 52 211.34 -66.82 -78.49
CA GLN TA 52 211.30 -66.27 -77.14
C GLN TA 52 211.36 -64.76 -77.18
N ASP TA 53 210.24 -64.13 -77.52
CA ASP TA 53 210.15 -62.68 -77.64
C ASP TA 53 209.72 -62.07 -76.31
N ILE TA 54 209.99 -60.79 -76.15
CA ILE TA 54 209.68 -60.12 -74.89
C ILE TA 54 208.82 -58.90 -75.14
N ASP TA 55 209.21 -58.04 -76.09
CA ASP TA 55 208.42 -56.84 -76.45
C ASP TA 55 207.09 -57.27 -77.09
N LEU TA 56 207.01 -58.51 -77.59
CA LEU TA 56 205.80 -59.00 -78.30
C LEU TA 56 204.59 -59.00 -77.35
N ILE TA 57 204.77 -59.42 -76.09
CA ILE TA 57 203.65 -59.53 -75.11
C ILE TA 57 203.89 -58.51 -73.99
N MET TA 58 204.80 -57.55 -74.18
CA MET TA 58 205.13 -56.58 -73.15
C MET TA 58 203.96 -55.64 -72.89
N ASP TA 59 202.98 -55.58 -73.80
CA ASP TA 59 201.91 -54.61 -73.76
C ASP TA 59 200.52 -55.23 -73.61
N ILE TA 60 200.42 -56.54 -73.56
CA ILE TA 60 199.11 -57.21 -73.52
C ILE TA 60 198.40 -56.84 -72.22
N PRO TA 61 197.12 -56.50 -72.24
CA PRO TA 61 196.41 -56.15 -71.01
C PRO TA 61 195.91 -57.39 -70.28
N VAL TA 62 195.81 -57.26 -68.95
CA VAL TA 62 195.32 -58.33 -68.10
C VAL TA 62 194.32 -57.60 -67.20
N LYS TA 63 193.38 -58.37 -66.67
CA LYS TA 63 192.35 -57.85 -65.74
C LYS TA 63 192.61 -58.47 -64.37
N LEU TA 64 192.65 -57.66 -63.32
CA LEU TA 64 192.98 -58.12 -61.98
C LEU TA 64 191.72 -58.03 -61.12
N THR TA 65 191.45 -59.08 -60.36
CA THR TA 65 190.28 -59.12 -59.49
C THR TA 65 190.75 -59.31 -58.06
N VAL TA 66 189.97 -58.78 -57.12
CA VAL TA 66 190.21 -58.92 -55.70
C VAL TA 66 188.96 -59.44 -55.01
N GLU TA 67 189.13 -60.33 -54.04
CA GLU TA 67 188.02 -60.98 -53.39
C GLU TA 67 187.74 -60.45 -52.00
N LEU TA 68 186.51 -60.59 -51.53
CA LEU TA 68 186.24 -60.36 -50.12
C LEU TA 68 186.70 -61.59 -49.35
N GLY TA 69 186.26 -62.77 -49.80
CA GLY TA 69 186.67 -64.00 -49.15
C GLY TA 69 185.97 -65.20 -49.73
N ARG TA 70 186.49 -66.37 -49.36
CA ARG TA 70 185.87 -67.64 -49.71
C ARG TA 70 184.72 -67.90 -48.74
N THR TA 71 183.84 -68.82 -49.12
CA THR TA 71 182.87 -69.39 -48.22
C THR TA 71 182.27 -70.52 -49.05
N ARG TA 72 181.78 -71.54 -48.35
CA ARG TA 72 181.22 -72.72 -48.98
C ARG TA 72 179.88 -72.96 -48.26
N MET TA 73 178.79 -72.94 -49.01
CA MET TA 73 177.47 -72.89 -48.43
C MET TA 73 176.59 -73.62 -49.44
N THR TA 74 175.66 -74.45 -48.96
CA THR TA 74 174.90 -75.38 -49.83
C THR TA 74 173.74 -74.71 -50.51
N ILE TA 75 173.03 -75.47 -51.33
CA ILE TA 75 171.86 -74.96 -52.09
C ILE TA 75 170.79 -74.52 -51.08
N LYS TA 76 170.60 -75.24 -49.99
CA LYS TA 76 169.54 -74.92 -48.98
C LYS TA 76 169.60 -73.44 -48.55
N GLU TA 77 170.68 -73.00 -47.88
CA GLU TA 77 170.87 -71.64 -47.40
C GLU TA 77 170.86 -70.60 -48.53
N LEU TA 78 171.42 -70.94 -49.69
CA LEU TA 78 171.35 -70.05 -50.84
C LEU TA 78 169.93 -69.73 -51.31
N LEU TA 79 169.07 -70.73 -51.31
CA LEU TA 79 167.67 -70.50 -51.69
C LEU TA 79 166.82 -69.74 -50.69
N ARG TA 80 167.13 -69.84 -49.40
CA ARG TA 80 166.39 -69.10 -48.38
C ARG TA 80 167.07 -67.76 -47.95
N LEU TA 81 168.06 -67.35 -48.74
CA LEU TA 81 168.71 -66.07 -48.50
C LEU TA 81 167.65 -65.10 -48.98
N THR TA 82 167.43 -64.05 -48.18
CA THR TA 82 166.41 -63.07 -48.49
C THR TA 82 167.11 -61.71 -48.51
N GLN TA 83 166.37 -60.66 -48.82
CA GLN TA 83 166.97 -59.31 -48.79
C GLN TA 83 167.32 -58.95 -47.36
N GLY TA 84 168.50 -58.36 -47.17
CA GLY TA 84 168.94 -57.96 -45.85
C GLY TA 84 169.63 -59.06 -45.08
N SER TA 85 169.61 -60.30 -45.58
CA SER TA 85 170.31 -61.38 -44.92
C SER TA 85 171.81 -61.19 -45.02
N VAL TA 86 172.53 -61.61 -43.99
CA VAL TA 86 173.97 -61.40 -43.88
C VAL TA 86 174.65 -62.76 -43.91
N VAL TA 87 175.67 -62.89 -44.76
CA VAL TA 87 176.46 -64.11 -44.87
C VAL TA 87 177.92 -63.74 -44.64
N ALA TA 88 178.65 -64.56 -43.87
CA ALA TA 88 180.08 -64.30 -43.57
C ALA TA 88 180.98 -64.77 -44.70
N LEU TA 89 182.30 -64.84 -44.45
CA LEU TA 89 183.32 -65.27 -45.44
C LEU TA 89 184.36 -66.02 -44.61
N ASP TA 90 185.34 -66.69 -45.22
CA ASP TA 90 186.34 -67.52 -44.50
C ASP TA 90 187.48 -66.67 -43.93
N GLY TA 91 187.54 -65.37 -44.25
CA GLY TA 91 188.62 -64.50 -43.78
C GLY TA 91 188.30 -63.52 -42.68
N LEU TA 92 189.22 -63.47 -41.69
CA LEU TA 92 189.09 -62.47 -40.64
C LEU TA 92 189.20 -61.08 -41.22
N ALA TA 93 188.45 -60.14 -40.64
CA ALA TA 93 188.48 -58.76 -41.09
C ALA TA 93 189.84 -58.16 -40.78
N GLY TA 94 190.70 -58.07 -41.78
CA GLY TA 94 192.04 -57.55 -41.57
C GLY TA 94 193.12 -58.24 -42.38
N GLU TA 95 192.89 -59.50 -42.77
CA GLU TA 95 193.88 -60.17 -43.59
C GLU TA 95 193.92 -59.55 -44.98
N PRO TA 96 195.07 -59.59 -45.66
CA PRO TA 96 195.14 -59.05 -47.02
C PRO TA 96 194.33 -59.90 -47.99
N LEU TA 97 193.56 -59.25 -48.85
CA LEU TA 97 192.76 -59.94 -49.85
C LEU TA 97 193.66 -60.51 -50.94
N ASP TA 98 193.14 -61.53 -51.63
CA ASP TA 98 193.96 -62.21 -52.68
C ASP TA 98 193.67 -61.58 -54.04
N ILE TA 99 194.73 -61.13 -54.73
CA ILE TA 99 194.58 -60.54 -56.09
C ILE TA 99 194.80 -61.67 -57.10
N LEU TA 100 193.94 -61.78 -58.12
CA LEU TA 100 194.03 -62.91 -59.08
C LEU TA 100 193.92 -62.41 -60.53
N ILE TA 101 194.53 -63.13 -61.48
CA ILE TA 101 194.40 -62.78 -62.92
C ILE TA 101 193.97 -64.06 -63.68
N ASN TA 102 192.90 -63.98 -64.47
CA ASN TA 102 192.43 -65.16 -65.26
C ASN TA 102 192.25 -66.32 -64.27
N GLY TA 103 191.79 -66.03 -63.05
CA GLY TA 103 191.52 -67.08 -62.04
C GLY TA 103 192.80 -67.67 -61.46
N TYR TA 104 193.94 -67.00 -61.62
CA TYR TA 104 195.25 -67.50 -61.15
C TYR TA 104 195.80 -66.54 -60.11
N LEU TA 105 196.25 -67.03 -58.96
CA LEU TA 105 196.70 -66.14 -57.86
C LEU TA 105 197.89 -65.34 -58.38
N ILE TA 106 197.95 -64.04 -58.05
CA ILE TA 106 199.06 -63.16 -58.54
C ILE TA 106 199.60 -62.31 -57.38
N ALA TA 107 198.80 -61.94 -56.37
CA ALA TA 107 199.28 -61.00 -55.35
C ALA TA 107 198.37 -61.06 -54.13
N GLN TA 108 198.70 -60.23 -53.14
CA GLN TA 108 197.86 -60.02 -51.97
C GLN TA 108 197.94 -58.56 -51.54
N GLY TA 109 196.78 -57.99 -51.19
CA GLY TA 109 196.72 -56.61 -50.74
C GLY TA 109 195.35 -56.28 -50.18
N GLU TA 110 195.30 -55.20 -49.40
CA GLU TA 110 194.07 -54.76 -48.77
C GLU TA 110 193.69 -53.38 -49.27
N VAL TA 111 192.44 -53.01 -49.03
CA VAL TA 111 191.92 -51.71 -49.42
C VAL TA 111 192.36 -50.65 -48.41
N VAL TA 112 192.72 -49.47 -48.92
CA VAL TA 112 193.16 -48.36 -48.07
C VAL TA 112 192.44 -47.08 -48.48
N VAL TA 113 192.10 -46.27 -47.48
CA VAL TA 113 191.44 -44.98 -47.69
C VAL TA 113 192.44 -43.84 -47.54
N VAL TA 114 192.69 -43.08 -48.61
CA VAL TA 114 193.69 -42.03 -48.54
C VAL TA 114 193.02 -40.71 -48.22
N ALA TA 115 192.21 -40.25 -49.17
CA ALA TA 115 191.39 -39.04 -48.97
C ALA TA 115 189.88 -39.29 -49.08
N ASP TA 116 189.40 -39.44 -50.31
CA ASP TA 116 187.98 -39.83 -50.55
C ASP TA 116 188.11 -40.80 -51.71
N LYS TA 117 189.24 -41.53 -51.78
CA LYS TA 117 189.52 -42.44 -52.92
C LYS TA 117 189.99 -43.80 -52.40
N TYR TA 118 189.81 -44.86 -53.19
CA TYR TA 118 190.15 -46.22 -52.71
C TYR TA 118 191.20 -46.89 -53.58
N GLY TA 119 191.99 -47.79 -52.99
CA GLY TA 119 192.98 -48.56 -53.72
C GLY TA 119 193.50 -49.72 -52.91
N VAL TA 120 194.18 -50.64 -53.59
CA VAL TA 120 194.69 -51.85 -52.97
C VAL TA 120 196.16 -51.59 -52.69
N ARG TA 121 196.58 -51.89 -51.46
CA ARG TA 121 197.96 -51.75 -51.02
C ARG TA 121 198.53 -53.17 -50.98
N ILE TA 122 199.29 -53.52 -52.01
CA ILE TA 122 199.78 -54.88 -52.15
C ILE TA 122 200.82 -55.16 -51.07
N THR TA 123 200.67 -56.31 -50.40
CA THR TA 123 201.56 -56.68 -49.29
C THR TA 123 202.78 -57.46 -49.78
N ASP TA 124 202.60 -58.40 -50.68
CA ASP TA 124 203.71 -59.23 -51.13
C ASP TA 124 203.36 -59.88 -52.46
N ILE TA 125 204.34 -60.57 -53.03
CA ILE TA 125 204.18 -61.34 -54.25
C ILE TA 125 204.44 -62.80 -53.91
N ILE TA 126 203.49 -63.66 -54.25
CA ILE TA 126 203.57 -65.06 -53.86
C ILE TA 126 204.52 -65.81 -54.78
N THR TA 127 205.59 -66.35 -54.21
CA THR TA 127 206.48 -67.25 -54.92
C THR TA 127 205.78 -68.60 -55.12
N PRO TA 128 206.24 -69.40 -56.09
CA PRO TA 128 205.58 -70.70 -56.31
C PRO TA 128 205.52 -71.57 -55.07
N SER TA 129 206.58 -71.56 -54.24
CA SER TA 129 206.60 -72.39 -53.04
C SER TA 129 205.35 -72.10 -52.21
N GLU TA 130 205.08 -70.83 -51.93
CA GLU TA 130 203.84 -70.47 -51.28
C GLU TA 130 202.62 -70.95 -52.03
N ARG TA 131 202.59 -70.74 -53.35
CA ARG TA 131 201.46 -71.24 -54.17
C ARG TA 131 201.27 -72.75 -53.94
N MET TA 132 202.37 -73.49 -53.85
CA MET TA 132 202.27 -74.98 -53.70
C MET TA 132 201.57 -75.31 -52.37
N ARG TA 133 201.90 -74.59 -51.30
CA ARG TA 133 201.26 -74.85 -49.97
C ARG TA 133 199.82 -74.32 -50.00
N ARG TA 134 199.55 -73.40 -50.92
CA ARG TA 134 198.19 -72.79 -51.04
C ARG TA 134 197.31 -73.97 -51.53
N LEU TA 135 197.71 -74.59 -52.63
CA LEU TA 135 197.02 -75.81 -53.12
C LEU TA 135 197.03 -76.98 -52.13
N SER TA 136 198.15 -77.18 -51.42
CA SER TA 136 198.26 -78.32 -50.49
C SER TA 136 197.38 -78.11 -49.25
N ARG TA 137 197.15 -76.86 -48.85
CA ARG TA 137 196.39 -76.66 -47.62
C ARG TA 137 195.45 -75.46 -47.73
N ASP UA 53 211.90 -62.30 -62.02
CA ASP UA 53 210.61 -61.63 -62.19
C ASP UA 53 209.90 -62.09 -63.46
N ILE UA 54 210.68 -62.55 -64.44
CA ILE UA 54 210.08 -63.05 -65.68
C ILE UA 54 209.32 -64.32 -65.33
N ASP UA 55 209.83 -65.09 -64.37
CA ASP UA 55 209.17 -66.33 -63.96
C ASP UA 55 207.74 -66.11 -63.49
N LEU UA 56 207.48 -64.98 -62.81
CA LEU UA 56 206.12 -64.67 -62.38
C LEU UA 56 205.10 -64.52 -63.50
N ILE UA 57 205.51 -63.86 -64.59
CA ILE UA 57 204.59 -63.59 -65.73
C ILE UA 57 204.92 -64.56 -66.88
N MET UA 58 205.51 -65.72 -66.59
CA MET UA 58 205.89 -66.64 -67.65
C MET UA 58 204.86 -67.76 -67.51
N ASP UA 59 204.10 -67.76 -66.40
CA ASP UA 59 203.15 -68.89 -66.15
C ASP UA 59 201.68 -68.46 -66.22
N ILE UA 60 201.38 -67.17 -66.05
CA ILE UA 60 199.99 -66.70 -66.02
C ILE UA 60 199.09 -67.05 -67.20
N PRO UA 61 197.83 -67.51 -66.97
CA PRO UA 61 196.88 -67.78 -68.06
C PRO UA 61 196.42 -66.49 -68.72
N VAL UA 62 195.98 -66.55 -69.97
CA VAL UA 62 195.50 -65.38 -70.70
C VAL UA 62 194.50 -65.97 -71.69
N LYS UA 63 193.61 -65.12 -72.19
CA LYS UA 63 192.55 -65.56 -73.08
C LYS UA 63 192.94 -65.18 -74.49
N LEU UA 64 192.89 -66.13 -75.42
CA LEU UA 64 193.29 -65.92 -76.80
C LEU UA 64 192.05 -66.07 -77.66
N THR UA 65 191.91 -65.21 -78.66
CA THR UA 65 190.81 -65.29 -79.62
C THR UA 65 191.36 -65.06 -81.01
N VAL UA 66 190.62 -65.51 -82.02
CA VAL UA 66 190.93 -65.22 -83.41
C VAL UA 66 189.63 -64.82 -84.09
N GLU UA 67 189.64 -63.66 -84.75
CA GLU UA 67 188.42 -63.14 -85.35
C GLU UA 67 188.44 -63.35 -86.85
N LEU UA 68 187.33 -63.87 -87.41
CA LEU UA 68 187.27 -64.24 -88.84
C LEU UA 68 186.76 -63.08 -89.71
N GLY UA 69 185.95 -62.18 -89.14
CA GLY UA 69 185.29 -61.11 -89.93
C GLY UA 69 185.25 -59.79 -89.21
N ARG UA 70 185.03 -58.70 -89.97
CA ARG UA 70 184.93 -57.33 -89.41
C ARG UA 70 184.05 -56.50 -90.35
N THR UA 71 182.95 -55.93 -89.85
CA THR UA 71 182.01 -55.15 -90.67
C THR UA 71 181.55 -53.98 -89.85
N ARG UA 72 181.30 -52.82 -90.45
CA ARG UA 72 180.72 -51.65 -89.82
C ARG UA 72 179.27 -51.48 -90.27
N MET UA 73 178.38 -51.33 -89.29
CA MET UA 73 176.93 -51.25 -89.64
C MET UA 73 176.18 -50.24 -88.79
N THR UA 74 175.06 -49.75 -89.29
CA THR UA 74 174.17 -48.83 -88.58
C THR UA 74 173.11 -49.74 -87.96
N ILE UA 75 172.13 -49.13 -87.28
CA ILE UA 75 171.15 -50.00 -86.55
C ILE UA 75 169.98 -50.33 -87.48
N LYS UA 76 169.70 -49.43 -88.41
CA LYS UA 76 168.69 -49.77 -89.42
C LYS UA 76 169.16 -51.13 -89.92
N GLU UA 77 170.44 -51.21 -90.30
CA GLU UA 77 170.97 -52.47 -90.88
C GLU UA 77 170.91 -53.61 -89.87
N LEU UA 78 171.32 -53.39 -88.62
CA LEU UA 78 171.38 -54.51 -87.64
C LEU UA 78 169.97 -55.04 -87.35
N LEU UA 79 169.01 -54.15 -87.17
CA LEU UA 79 167.60 -54.54 -86.90
C LEU UA 79 167.04 -55.26 -88.13
N ARG UA 80 167.40 -54.81 -89.31
CA ARG UA 80 166.86 -55.39 -90.57
C ARG UA 80 167.27 -56.86 -90.63
N LEU UA 81 168.50 -57.21 -90.22
CA LEU UA 81 168.93 -58.63 -90.16
C LEU UA 81 167.78 -59.44 -89.53
N THR UA 82 167.39 -60.58 -90.09
CA THR UA 82 166.39 -61.47 -89.45
C THR UA 82 167.00 -62.84 -89.28
N GLN UA 83 166.18 -63.88 -89.14
CA GLN UA 83 166.75 -65.22 -89.07
C GLN UA 83 167.12 -65.70 -90.46
N GLY UA 84 168.34 -66.22 -90.60
CA GLY UA 84 168.83 -66.67 -91.89
C GLY UA 84 169.44 -65.58 -92.75
N SER UA 85 169.45 -64.33 -92.30
CA SER UA 85 170.05 -63.26 -93.09
C SER UA 85 171.56 -63.45 -93.16
N VAL UA 86 172.12 -63.20 -94.34
CA VAL UA 86 173.55 -63.33 -94.56
C VAL UA 86 174.18 -61.94 -94.47
N VAL UA 87 175.21 -61.82 -93.63
CA VAL UA 87 175.91 -60.56 -93.43
C VAL UA 87 177.27 -60.68 -94.09
N ALA UA 88 177.53 -59.81 -95.06
CA ALA UA 88 178.82 -59.80 -95.73
C ALA UA 88 179.93 -59.25 -94.86
N LEU UA 89 181.13 -59.78 -95.04
CA LEU UA 89 182.31 -59.34 -94.32
C LEU UA 89 183.35 -58.55 -95.10
N ASP UA 90 183.78 -57.41 -94.54
CA ASP UA 90 184.77 -56.59 -95.22
C ASP UA 90 186.04 -57.40 -95.62
N GLY UA 91 186.44 -58.30 -94.72
CA GLY UA 91 187.49 -59.25 -95.03
C GLY UA 91 187.37 -60.20 -96.20
N LEU UA 92 188.32 -60.12 -97.14
CA LEU UA 92 188.30 -61.01 -98.28
C LEU UA 92 188.68 -62.42 -97.86
N ALA UA 93 188.31 -63.40 -98.69
CA ALA UA 93 188.66 -64.77 -98.39
C ALA UA 93 190.17 -64.98 -98.51
N GLY UA 94 190.73 -65.71 -97.54
CA GLY UA 94 192.13 -66.03 -97.55
C GLY UA 94 193.05 -65.02 -96.89
N GLU UA 95 192.54 -63.85 -96.54
CA GLU UA 95 193.38 -62.87 -95.87
C GLU UA 95 193.71 -63.33 -94.45
N PRO UA 96 194.84 -62.97 -93.82
CA PRO UA 96 195.19 -63.49 -92.47
C PRO UA 96 194.19 -63.02 -91.42
N LEU UA 97 193.59 -63.94 -90.66
CA LEU UA 97 192.63 -63.61 -89.57
C LEU UA 97 193.36 -62.85 -88.45
N ASP UA 98 192.76 -61.84 -87.84
CA ASP UA 98 193.45 -61.19 -86.68
C ASP UA 98 193.47 -62.17 -85.51
N ILE UA 99 194.54 -62.21 -84.72
CA ILE UA 99 194.63 -62.98 -83.48
C ILE UA 99 194.80 -61.99 -82.34
N LEU UA 100 193.91 -62.05 -81.37
CA LEU UA 100 193.83 -61.09 -80.29
C LEU UA 100 194.09 -61.78 -78.96
N ILE UA 101 194.72 -61.05 -78.04
CA ILE UA 101 194.97 -61.52 -76.69
C ILE UA 101 194.29 -60.53 -75.75
N ASN UA 102 193.22 -60.97 -75.09
CA ASN UA 102 192.41 -60.11 -74.24
C ASN UA 102 191.92 -58.89 -75.02
N GLY UA 103 191.60 -59.10 -76.29
CA GLY UA 103 191.17 -58.02 -77.15
C GLY UA 103 192.27 -57.19 -77.76
N TYR UA 104 193.53 -57.60 -77.62
CA TYR UA 104 194.67 -56.85 -78.12
C TYR UA 104 195.29 -57.61 -79.29
N LEU UA 105 195.37 -56.97 -80.45
CA LEU UA 105 195.90 -57.63 -81.64
C LEU UA 105 197.42 -57.76 -81.54
N ILE UA 106 197.92 -58.97 -81.79
CA ILE UA 106 199.37 -59.18 -81.75
C ILE UA 106 199.86 -59.85 -83.03
N ALA UA 107 198.97 -60.54 -83.75
CA ALA UA 107 199.44 -61.38 -84.84
C ALA UA 107 198.34 -61.58 -85.87
N GLN UA 108 198.76 -62.05 -87.05
CA GLN UA 108 197.86 -62.37 -88.15
C GLN UA 108 198.18 -63.77 -88.65
N GLY UA 109 197.14 -64.54 -88.95
CA GLY UA 109 197.32 -65.88 -89.47
C GLY UA 109 196.12 -66.53 -90.12
N GLU UA 110 196.41 -67.48 -91.01
CA GLU UA 110 195.34 -68.19 -91.72
C GLU UA 110 194.58 -69.25 -90.96
N VAL UA 111 193.41 -69.62 -91.46
CA VAL UA 111 192.48 -70.49 -90.75
C VAL UA 111 192.87 -71.87 -91.26
N VAL UA 112 192.94 -72.83 -90.34
CA VAL UA 112 193.20 -74.23 -90.67
C VAL UA 112 192.55 -75.09 -89.60
N VAL UA 113 192.05 -76.26 -89.99
CA VAL UA 113 191.35 -77.16 -89.07
C VAL UA 113 192.22 -78.39 -88.87
N VAL UA 114 192.45 -78.75 -87.60
CA VAL UA 114 193.32 -79.91 -87.25
C VAL UA 114 192.54 -80.88 -86.36
N ALA UA 115 192.44 -82.16 -86.75
CA ALA UA 115 191.79 -83.19 -85.91
C ALA UA 115 190.34 -82.79 -85.60
N ASP UA 116 189.64 -82.19 -86.57
CA ASP UA 116 188.20 -81.82 -86.42
C ASP UA 116 188.00 -80.71 -85.38
N LYS UA 117 189.04 -79.96 -85.06
CA LYS UA 117 188.93 -78.82 -84.10
C LYS UA 117 189.48 -77.58 -84.80
N TYR UA 118 188.78 -76.44 -84.67
CA TYR UA 118 189.27 -75.18 -85.28
C TYR UA 118 190.70 -74.83 -84.89
N GLY UA 119 191.43 -74.17 -85.78
CA GLY UA 119 192.78 -73.74 -85.46
C GLY UA 119 193.20 -72.60 -86.36
N VAL UA 120 194.43 -72.13 -86.13
CA VAL UA 120 194.98 -71.01 -86.90
C VAL UA 120 196.49 -71.15 -86.91
N ARG UA 121 197.08 -70.92 -88.08
CA ARG UA 121 198.52 -70.90 -88.24
C ARG UA 121 199.05 -69.48 -88.20
N ILE UA 122 199.98 -69.22 -87.28
CA ILE UA 122 200.51 -67.87 -87.11
C ILE UA 122 201.38 -67.51 -88.31
N THR UA 123 200.81 -66.76 -89.25
CA THR UA 123 201.59 -66.33 -90.41
C THR UA 123 202.65 -65.32 -90.00
N ASP UA 124 202.27 -64.31 -89.22
CA ASP UA 124 203.24 -63.31 -88.80
C ASP UA 124 202.75 -62.62 -87.53
N ILE UA 125 203.68 -61.94 -86.88
CA ILE UA 125 203.36 -61.07 -85.75
C ILE UA 125 203.49 -59.63 -86.21
N ILE UA 126 202.44 -58.86 -86.02
CA ILE UA 126 202.43 -57.48 -86.51
C ILE UA 126 203.27 -56.61 -85.59
N THR UA 127 204.22 -55.90 -86.20
CA THR UA 127 204.99 -54.85 -85.58
C THR UA 127 204.15 -53.58 -85.48
N PRO UA 128 204.35 -52.75 -84.45
CA PRO UA 128 203.42 -51.62 -84.23
C PRO UA 128 203.40 -50.63 -85.38
N SER UA 129 204.16 -50.86 -86.46
CA SER UA 129 204.08 -49.98 -87.61
C SER UA 129 202.69 -50.11 -88.22
N GLU UA 130 202.13 -51.33 -88.24
CA GLU UA 130 200.81 -51.56 -88.88
C GLU UA 130 199.65 -51.08 -87.99
N ARG UA 131 199.91 -50.83 -86.71
CA ARG UA 131 198.87 -50.43 -85.76
C ARG UA 131 198.33 -49.06 -86.13
N MET UA 132 199.22 -48.15 -86.54
CA MET UA 132 198.73 -46.84 -87.02
C MET UA 132 197.71 -47.10 -88.14
N ARG UA 133 198.07 -47.97 -89.09
CA ARG UA 133 197.17 -48.30 -90.23
C ARG UA 133 195.91 -49.09 -89.82
N ARG UA 134 195.96 -49.74 -88.66
CA ARG UA 134 194.79 -50.51 -88.16
C ARG UA 134 193.68 -49.51 -87.80
N LEU UA 135 194.02 -48.21 -87.75
CA LEU UA 135 193.02 -47.16 -87.42
C LEU UA 135 193.18 -45.98 -88.41
N ALA VA 37 188.45 -21.95 -62.96
CA ALA VA 37 187.11 -21.92 -62.40
C ALA VA 37 186.08 -21.61 -63.48
N VAL VA 38 186.47 -21.79 -64.74
CA VAL VA 38 185.59 -21.53 -65.87
C VAL VA 38 184.43 -22.52 -65.90
N PHE VA 39 184.71 -23.80 -65.70
CA PHE VA 39 183.67 -24.82 -65.74
C PHE VA 39 182.74 -24.66 -64.55
N GLN VA 40 181.44 -24.83 -64.79
CA GLN VA 40 180.45 -24.69 -63.75
C GLN VA 40 180.15 -26.07 -63.18
N GLN VA 41 180.08 -26.16 -61.86
CA GLN VA 41 179.96 -27.44 -61.19
C GLN VA 41 178.54 -28.00 -61.22
N LEU VA 42 178.34 -29.05 -62.01
CA LEU VA 42 177.05 -29.72 -62.14
C LEU VA 42 176.86 -30.86 -61.14
N GLY VA 43 175.68 -30.91 -60.54
CA GLY VA 43 175.38 -31.95 -59.57
C GLY VA 43 173.88 -32.09 -59.39
N GLY VA 44 173.49 -33.23 -58.82
CA GLY VA 44 172.08 -33.50 -58.61
C GLY VA 44 171.28 -33.62 -59.89
N GLY VA 45 171.85 -34.23 -60.92
CA GLY VA 45 171.18 -34.35 -62.20
C GLY VA 45 170.52 -35.70 -62.40
N ASP VA 46 170.42 -36.49 -61.34
CA ASP VA 46 169.78 -37.81 -61.40
C ASP VA 46 168.26 -37.63 -61.29
N VAL VA 47 167.68 -37.09 -62.36
CA VAL VA 47 166.25 -36.82 -62.38
C VAL VA 47 165.47 -38.12 -62.42
N SER VA 48 165.64 -38.90 -63.48
CA SER VA 48 164.96 -40.17 -63.65
C SER VA 48 165.62 -40.90 -64.82
N GLY VA 49 165.16 -42.12 -65.05
CA GLY VA 49 165.65 -42.91 -66.17
C GLY VA 49 164.57 -43.79 -66.78
N ALA VA 50 164.35 -43.65 -68.09
CA ALA VA 50 163.36 -44.46 -68.77
C ALA VA 50 163.76 -44.59 -70.23
N MET VA 51 163.76 -45.82 -70.74
CA MET VA 51 164.05 -46.04 -72.14
C MET VA 51 163.04 -45.32 -73.01
N GLN VA 52 163.53 -44.63 -74.04
CA GLN VA 52 162.66 -43.81 -74.87
C GLN VA 52 162.22 -44.69 -76.04
N ASP VA 53 163.15 -45.05 -76.90
CA ASP VA 53 162.90 -45.84 -78.09
C ASP VA 53 164.25 -46.08 -78.76
N ILE VA 54 164.29 -47.04 -79.67
CA ILE VA 54 165.56 -47.45 -80.27
C ILE VA 54 165.86 -46.76 -81.59
N ASP VA 55 165.03 -45.79 -81.97
CA ASP VA 55 165.25 -45.01 -83.19
C ASP VA 55 165.88 -43.65 -82.95
N LEU VA 56 165.94 -43.21 -81.69
CA LEU VA 56 166.64 -41.94 -81.38
C LEU VA 56 168.12 -42.19 -81.65
N ILE VA 57 168.59 -43.39 -81.34
CA ILE VA 57 170.03 -43.76 -81.47
C ILE VA 57 170.28 -44.58 -82.75
N MET VA 58 169.31 -44.70 -83.65
CA MET VA 58 169.48 -45.64 -84.80
C MET VA 58 170.69 -45.54 -85.73
N ASP VA 59 170.85 -44.39 -86.39
CA ASP VA 59 171.95 -44.25 -87.39
C ASP VA 59 173.26 -44.02 -86.65
N ILE VA 60 173.57 -44.89 -85.69
CA ILE VA 60 174.87 -44.79 -84.98
C ILE VA 60 175.69 -46.00 -85.43
N PRO VA 61 176.93 -45.84 -85.91
CA PRO VA 61 177.72 -46.98 -86.46
C PRO VA 61 177.99 -48.00 -85.35
N VAL VA 62 177.88 -49.28 -85.69
CA VAL VA 62 178.18 -50.35 -84.71
C VAL VA 62 179.42 -51.09 -85.24
N LYS VA 63 180.20 -51.67 -84.34
CA LYS VA 63 181.39 -52.41 -84.78
C LYS VA 63 181.06 -53.89 -84.72
N LEU VA 64 180.64 -54.45 -85.85
CA LEU VA 64 180.29 -55.86 -85.91
C LEU VA 64 181.52 -56.69 -86.21
N THR VA 65 181.66 -57.80 -85.49
CA THR VA 65 182.81 -58.69 -85.62
C THR VA 65 182.38 -60.12 -85.39
N VAL VA 66 182.71 -61.00 -86.33
CA VAL VA 66 182.48 -62.43 -86.18
C VAL VA 66 183.73 -63.11 -85.67
N GLU VA 67 183.56 -64.01 -84.70
CA GLU VA 67 184.69 -64.68 -84.06
C GLU VA 67 184.85 -66.14 -84.46
N LEU VA 68 186.06 -66.52 -84.86
CA LEU VA 68 186.28 -67.86 -85.37
C LEU VA 68 186.29 -68.84 -84.21
N GLY VA 69 187.04 -68.52 -83.15
CA GLY VA 69 187.14 -69.44 -82.04
C GLY VA 69 187.80 -68.83 -80.83
N ARG VA 70 187.87 -69.63 -79.77
CA ARG VA 70 188.45 -69.24 -78.50
C ARG VA 70 189.39 -70.35 -78.08
N THR VA 71 190.23 -70.06 -77.10
CA THR VA 71 191.10 -71.01 -76.47
C THR VA 71 191.72 -70.35 -75.26
N ARG VA 72 191.62 -71.00 -74.11
CA ARG VA 72 192.30 -70.53 -72.91
C ARG VA 72 193.70 -71.13 -72.91
N MET VA 73 194.71 -70.25 -72.90
CA MET VA 73 196.09 -70.69 -72.99
C MET VA 73 196.94 -69.72 -72.18
N THR VA 74 197.97 -70.25 -71.56
CA THR VA 74 198.85 -69.45 -70.72
C THR VA 74 200.05 -68.95 -71.52
N ILE VA 75 200.83 -68.09 -70.89
CA ILE VA 75 202.03 -67.55 -71.52
C ILE VA 75 203.07 -68.64 -71.79
N LYS VA 76 202.98 -69.76 -71.07
CA LYS VA 76 203.87 -70.91 -71.28
C LYS VA 76 203.99 -71.25 -72.75
N GLU VA 77 202.89 -71.66 -73.37
CA GLU VA 77 202.92 -71.97 -74.79
C GLU VA 77 202.97 -70.71 -75.63
N LEU VA 78 202.48 -69.58 -75.11
CA LEU VA 78 202.52 -68.34 -75.87
C LEU VA 78 203.81 -67.90 -76.55
N LEU VA 79 204.93 -67.91 -75.83
CA LEU VA 79 206.20 -67.57 -76.47
C LEU VA 79 206.79 -68.78 -77.24
N ARG VA 80 206.35 -69.97 -76.83
CA ARG VA 80 206.81 -71.19 -77.56
C ARG VA 80 206.37 -71.04 -79.03
N LEU VA 81 205.29 -70.29 -79.27
CA LEU VA 81 204.82 -70.05 -80.63
C LEU VA 81 205.74 -69.38 -81.63
N THR VA 82 205.96 -70.06 -82.76
CA THR VA 82 206.78 -69.55 -83.85
C THR VA 82 205.93 -69.42 -85.10
N GLN VA 83 206.54 -68.90 -86.17
CA GLN VA 83 205.85 -68.78 -87.44
C GLN VA 83 205.58 -70.17 -88.00
N GLY VA 84 204.36 -70.36 -88.52
CA GLY VA 84 203.96 -71.64 -89.04
C GLY VA 84 203.40 -72.60 -88.02
N SER VA 85 203.43 -72.25 -86.74
CA SER VA 85 202.83 -73.09 -85.71
C SER VA 85 201.31 -73.05 -85.82
N VAL VA 86 200.67 -74.06 -85.24
CA VAL VA 86 199.21 -74.20 -85.28
C VAL VA 86 198.69 -74.22 -83.86
N VAL VA 87 197.70 -73.38 -83.58
CA VAL VA 87 197.08 -73.29 -82.26
C VAL VA 87 195.66 -73.84 -82.36
N ALA VA 88 195.39 -74.91 -81.63
CA ALA VA 88 194.06 -75.49 -81.61
C ALA VA 88 193.12 -74.60 -80.81
N LEU VA 89 191.89 -74.44 -81.32
CA LEU VA 89 190.88 -73.63 -80.68
C LEU VA 89 189.87 -74.53 -79.98
N ASP VA 90 189.31 -74.01 -78.88
CA ASP VA 90 188.33 -74.79 -78.11
C ASP VA 90 187.08 -75.11 -78.94
N GLY VA 91 186.67 -74.19 -79.80
CA GLY VA 91 185.50 -74.43 -80.64
C GLY VA 91 185.66 -75.58 -81.60
N LEU VA 92 184.71 -76.51 -81.57
CA LEU VA 92 184.71 -77.62 -82.50
C LEU VA 92 184.47 -77.13 -83.92
N ALA VA 93 185.11 -77.78 -84.88
CA ALA VA 93 184.99 -77.37 -86.28
C ALA VA 93 183.56 -77.57 -86.76
N GLY VA 94 183.05 -76.58 -87.50
CA GLY VA 94 181.71 -76.63 -88.02
C GLY VA 94 180.64 -76.12 -87.09
N GLU VA 95 180.99 -75.77 -85.85
CA GLU VA 95 180.03 -75.22 -84.93
C GLU VA 95 179.66 -73.79 -85.34
N PRO VA 96 178.49 -73.30 -84.93
CA PRO VA 96 178.13 -71.91 -85.22
C PRO VA 96 179.12 -70.95 -84.60
N LEU VA 97 179.48 -69.91 -85.36
CA LEU VA 97 180.41 -68.90 -84.92
C LEU VA 97 179.68 -67.81 -84.15
N ASP VA 98 180.46 -67.01 -83.42
CA ASP VA 98 179.92 -65.99 -82.54
C ASP VA 98 179.95 -64.63 -83.23
N ILE VA 99 178.90 -63.83 -83.01
CA ILE VA 99 178.79 -62.50 -83.59
C ILE VA 99 178.71 -61.51 -82.44
N LEU VA 100 179.57 -60.48 -82.50
CA LEU VA 100 179.61 -59.46 -81.46
C LEU VA 100 179.44 -58.10 -82.09
N ILE VA 101 178.80 -57.19 -81.37
CA ILE VA 101 178.73 -55.78 -81.76
C ILE VA 101 179.40 -54.97 -80.66
N ASN VA 102 180.45 -54.24 -81.01
CA ASN VA 102 181.27 -53.51 -80.05
C ASN VA 102 181.79 -54.45 -78.96
N GLY VA 103 182.12 -55.68 -79.34
CA GLY VA 103 182.68 -56.64 -78.42
C GLY VA 103 181.70 -57.32 -77.50
N TYR VA 104 180.40 -57.17 -77.73
CA TYR VA 104 179.38 -57.78 -76.89
C TYR VA 104 178.69 -58.86 -77.71
N LEU VA 105 178.66 -60.08 -77.18
CA LEU VA 105 178.07 -61.21 -77.91
C LEU VA 105 176.55 -61.03 -77.96
N ILE VA 106 176.00 -61.12 -79.16
CA ILE VA 106 174.56 -60.98 -79.36
C ILE VA 106 173.96 -62.22 -80.00
N ALA VA 107 174.63 -62.81 -80.99
CA ALA VA 107 174.00 -63.86 -81.77
C ALA VA 107 175.05 -64.88 -82.19
N GLN VA 108 174.55 -66.05 -82.60
CA GLN VA 108 175.34 -67.12 -83.17
C GLN VA 108 174.90 -67.34 -84.60
N GLY VA 109 175.89 -67.39 -85.51
CA GLY VA 109 175.60 -67.52 -86.92
C GLY VA 109 176.42 -68.66 -87.49
N GLU VA 110 176.38 -68.78 -88.82
CA GLU VA 110 177.09 -69.82 -89.55
C GLU VA 110 177.80 -69.16 -90.72
N VAL VA 111 179.04 -69.57 -90.96
CA VAL VA 111 179.87 -68.96 -91.99
C VAL VA 111 179.54 -69.52 -93.36
N VAL VA 112 179.40 -68.63 -94.35
CA VAL VA 112 179.11 -69.01 -95.72
C VAL VA 112 180.00 -68.18 -96.65
N VAL VA 113 180.19 -68.68 -97.86
CA VAL VA 113 181.01 -68.01 -98.87
C VAL VA 113 180.08 -67.59 -100.01
N VAL VA 114 180.02 -66.28 -100.25
CA VAL VA 114 179.16 -65.75 -101.35
C VAL VA 114 180.00 -64.87 -102.29
N ALA VA 115 180.12 -65.28 -103.56
CA ALA VA 115 180.92 -64.51 -104.56
C ALA VA 115 182.37 -64.32 -104.11
N ASP VA 116 182.98 -65.31 -103.46
CA ASP VA 116 184.41 -65.26 -103.06
C ASP VA 116 184.60 -64.26 -101.91
N LYS VA 117 183.51 -63.89 -101.23
CA LYS VA 117 183.60 -62.96 -100.09
C LYS VA 117 183.05 -63.67 -98.84
N TYR VA 118 183.72 -63.52 -97.70
CA TYR VA 118 183.26 -64.24 -96.51
C TYR VA 118 182.00 -63.60 -95.96
N GLY VA 119 181.08 -64.43 -95.53
CA GLY VA 119 179.82 -63.95 -94.98
C GLY VA 119 179.30 -64.89 -93.91
N VAL VA 120 178.73 -64.31 -92.86
CA VAL VA 120 178.09 -65.07 -91.80
C VAL VA 120 176.58 -65.01 -92.00
N ARG VA 121 175.91 -66.10 -91.65
CA ARG VA 121 174.46 -66.19 -91.74
C ARG VA 121 173.91 -66.30 -90.33
N ILE VA 122 173.20 -65.25 -89.89
CA ILE VA 122 172.69 -65.22 -88.53
C ILE VA 122 171.69 -66.36 -88.34
N THR VA 123 171.90 -67.16 -87.30
CA THR VA 123 171.02 -68.28 -87.01
C THR VA 123 170.16 -68.05 -85.77
N ASP VA 124 170.74 -67.62 -84.66
CA ASP VA 124 169.90 -67.46 -83.46
C ASP VA 124 170.55 -66.49 -82.49
N ILE VA 125 169.75 -65.58 -81.94
CA ILE VA 125 170.22 -64.72 -80.87
C ILE VA 125 170.43 -65.57 -79.61
N ILE VA 126 171.59 -65.41 -78.99
CA ILE VA 126 171.92 -66.24 -77.84
C ILE VA 126 170.98 -65.93 -76.68
N THR VA 127 170.84 -66.89 -75.80
CA THR VA 127 170.02 -66.86 -74.59
C THR VA 127 170.86 -66.50 -73.38
N PRO VA 128 170.24 -65.93 -72.35
CA PRO VA 128 171.02 -65.62 -71.13
C PRO VA 128 171.69 -66.85 -70.53
N SER VA 129 171.04 -68.01 -70.59
CA SER VA 129 171.67 -69.23 -70.13
C SER VA 129 172.96 -69.64 -70.83
N GLU VA 130 172.97 -69.55 -72.16
CA GLU VA 130 174.20 -69.85 -72.90
C GLU VA 130 175.26 -68.74 -72.73
N ARG VA 131 174.77 -67.52 -72.49
CA ARG VA 131 175.68 -66.42 -72.20
C ARG VA 131 176.49 -66.75 -70.96
N MET VA 132 175.83 -67.16 -69.88
CA MET VA 132 176.54 -67.59 -68.67
C MET VA 132 177.33 -68.90 -68.80
N ARG VA 133 176.85 -69.77 -69.69
CA ARG VA 133 177.59 -71.00 -69.99
C ARG VA 133 178.89 -70.54 -70.62
N ARG VA 134 178.82 -69.56 -71.52
CA ARG VA 134 180.04 -69.00 -72.11
C ARG VA 134 180.93 -68.39 -71.04
N LEU VA 135 180.33 -67.70 -70.07
CA LEU VA 135 181.12 -67.03 -69.05
C LEU VA 135 181.92 -68.02 -68.22
N SER VA 136 181.30 -69.14 -67.83
CA SER VA 136 181.98 -70.14 -67.03
C SER VA 136 182.83 -71.05 -67.89
N LYS WA 514 77.59 -91.33 -114.53
CA LYS WA 514 78.55 -90.25 -114.66
C LYS WA 514 79.64 -90.59 -115.67
N ASP WA 515 80.00 -91.87 -115.72
CA ASP WA 515 81.02 -92.31 -116.66
C ASP WA 515 80.56 -92.14 -118.10
N GLU WA 516 79.29 -92.47 -118.39
CA GLU WA 516 78.77 -92.31 -119.74
C GLU WA 516 78.73 -90.85 -120.16
N GLN WA 517 78.31 -89.97 -119.25
CA GLN WA 517 78.29 -88.54 -119.56
C GLN WA 517 79.70 -88.01 -119.82
N LEU WA 518 80.67 -88.45 -119.01
CA LEU WA 518 82.05 -88.04 -119.21
C LEU WA 518 82.57 -88.55 -120.56
N GLN WA 519 82.23 -89.78 -120.92
CA GLN WA 519 82.65 -90.32 -122.22
C GLN WA 519 82.04 -89.54 -123.37
N GLN WA 520 80.76 -89.19 -123.26
CA GLN WA 520 80.11 -88.40 -124.31
C GLN WA 520 80.73 -87.02 -124.42
N ARG WA 521 81.03 -86.38 -123.29
CA ARG WA 521 81.69 -85.08 -123.33
C ARG WA 521 83.07 -85.19 -123.95
N ARG WA 522 83.81 -86.25 -123.62
CA ARG WA 522 85.13 -86.45 -124.22
C ARG WA 522 85.03 -86.68 -125.72
N ALA WA 523 84.02 -87.43 -126.17
CA ALA WA 523 83.84 -87.65 -127.60
C ALA WA 523 83.51 -86.35 -128.32
N ASN WA 524 82.63 -85.53 -127.74
CA ASN WA 524 82.32 -84.24 -128.34
C ASN WA 524 83.54 -83.35 -128.39
N GLN WA 525 84.34 -83.34 -127.31
CA GLN WA 525 85.56 -82.55 -127.29
C GLN WA 525 86.56 -83.03 -128.34
N ARG WA 526 86.67 -84.35 -128.52
CA ARG WA 526 87.60 -84.93 -129.47
C ARG WA 526 87.10 -84.84 -130.91
N LEU WA 527 85.81 -84.57 -131.10
CA LEU WA 527 85.21 -84.45 -132.45
C LEU WA 527 85.29 -82.97 -132.87
N GLY WA 528 84.81 -82.07 -132.01
CA GLY WA 528 84.85 -80.62 -132.30
C GLY WA 528 86.26 -80.08 -132.35
N ALA WA 529 87.19 -80.66 -131.60
CA ALA WA 529 88.62 -80.24 -131.62
C ALA WA 529 89.21 -80.74 -132.93
N GLU WA 530 88.84 -81.96 -133.34
CA GLU WA 530 89.34 -82.54 -134.61
C GLU WA 530 88.82 -81.66 -135.76
N VAL WA 531 87.55 -81.18 -135.59
CA VAL WA 531 86.95 -80.20 -136.55
C VAL WA 531 87.67 -78.86 -136.37
N MET WA 532 87.97 -78.48 -135.13
CA MET WA 532 88.65 -77.20 -134.82
C MET WA 532 90.06 -77.22 -135.44
N SER WA 533 90.75 -78.36 -135.34
CA SER WA 533 92.12 -78.49 -135.92
C SER WA 533 92.02 -78.33 -137.44
N GLN WA 534 91.00 -78.93 -138.06
CA GLN WA 534 90.79 -78.78 -139.53
C GLN WA 534 90.47 -77.31 -139.82
N ARG WA 535 89.67 -76.67 -138.96
CA ARG WA 535 89.26 -75.25 -139.14
C ARG WA 535 90.49 -74.33 -139.07
N ILE WA 536 91.43 -74.60 -138.16
CA ILE WA 536 92.61 -73.71 -137.93
C ILE WA 536 93.58 -73.87 -139.11
N ARG WA 537 93.54 -75.00 -139.82
CA ARG WA 537 94.41 -75.25 -140.97
C ARG WA 537 93.93 -74.47 -142.19
N GLU WA 538 92.62 -74.46 -142.43
CA GLU WA 538 92.09 -73.68 -143.54
C GLU WA 538 92.37 -72.20 -143.35
N MET WA 539 92.16 -71.69 -142.13
CA MET WA 539 92.40 -70.28 -141.86
C MET WA 539 93.86 -69.90 -142.01
N SER WA 540 94.78 -70.75 -141.54
CA SER WA 540 96.20 -70.47 -141.65
C SER WA 540 96.68 -70.56 -143.09
N ASP WA 541 96.13 -71.50 -143.86
CA ASP WA 541 96.43 -71.52 -145.29
C ASP WA 541 95.89 -70.28 -146.00
N ASN WA 542 94.75 -69.75 -145.56
CA ASN WA 542 94.25 -68.50 -146.12
C ASN WA 542 95.19 -67.33 -145.78
N ASP WA 543 95.66 -67.26 -144.54
CA ASP WA 543 96.53 -66.18 -144.09
C ASP WA 543 97.54 -66.74 -143.10
N PRO WA 544 98.78 -67.01 -143.54
CA PRO WA 544 99.78 -67.54 -142.61
C PRO WA 544 100.39 -66.48 -141.72
N ARG WA 545 100.61 -65.26 -142.22
CA ARG WA 545 101.24 -64.22 -141.42
C ARG WA 545 100.30 -63.66 -140.36
N VAL WA 546 98.99 -63.72 -140.60
CA VAL WA 546 98.03 -63.20 -139.63
C VAL WA 546 98.09 -64.00 -138.33
N VAL WA 547 98.23 -65.33 -138.45
CA VAL WA 547 98.32 -66.17 -137.26
C VAL WA 547 99.57 -65.84 -136.46
N ALA WA 548 100.70 -65.65 -137.13
CA ALA WA 548 101.94 -65.30 -136.44
C ALA WA 548 101.82 -63.94 -135.77
N LEU WA 549 101.20 -62.97 -136.45
CA LEU WA 549 100.99 -61.66 -135.86
C LEU WA 549 100.10 -61.73 -134.63
N VAL WA 550 99.04 -62.54 -134.69
CA VAL WA 550 98.15 -62.70 -133.54
C VAL WA 550 98.88 -63.37 -132.39
N ILE WA 551 99.72 -64.36 -132.70
CA ILE WA 551 100.50 -65.01 -131.64
C ILE WA 551 101.46 -64.03 -130.99
N ARG WA 552 102.12 -63.21 -131.80
CA ARG WA 552 103.03 -62.20 -131.24
C ARG WA 552 102.29 -61.18 -130.39
N GLN WA 553 101.10 -60.78 -130.84
CA GLN WA 553 100.28 -59.86 -130.04
C GLN WA 553 99.86 -60.49 -128.73
N TRP WA 554 99.55 -61.78 -128.74
CA TRP WA 554 99.19 -62.48 -127.50
C TRP WA 554 100.36 -62.49 -126.53
N MET WA 555 101.57 -62.75 -127.03
CA MET WA 555 102.75 -62.72 -126.18
C MET WA 555 103.01 -61.31 -125.64
N SER WA 556 102.83 -60.29 -126.48
CA SER WA 556 103.03 -58.91 -126.02
C SER WA 556 102.03 -58.56 -124.93
N ASN WA 557 100.76 -58.96 -125.10
CA ASN WA 557 99.76 -58.69 -124.08
C ASN WA 557 99.99 -59.52 -122.82
N ASP WA 558 100.65 -60.66 -122.95
CA ASP WA 558 100.93 -61.50 -121.79
C ASP WA 558 101.88 -60.80 -120.81
N HIS WA 559 102.69 -59.87 -121.30
CA HIS WA 559 103.62 -59.14 -120.45
C HIS WA 559 102.88 -58.17 -119.54
N GLY XA 6 99.18 -66.84 -122.60
CA GLY XA 6 98.80 -66.96 -124.01
C GLY XA 6 99.86 -67.63 -124.85
N THR XA 7 101.13 -67.47 -124.45
CA THR XA 7 102.23 -68.10 -125.17
C THR XA 7 102.14 -69.61 -125.12
N ASP XA 8 101.80 -70.17 -123.96
CA ASP XA 8 101.64 -71.62 -123.83
C ASP XA 8 100.50 -72.12 -124.72
N LYS XA 9 99.39 -71.38 -124.75
CA LYS XA 9 98.29 -71.74 -125.63
C LYS XA 9 98.70 -71.68 -127.09
N SER XA 10 99.47 -70.65 -127.46
CA SER XA 10 99.95 -70.55 -128.83
C SER XA 10 100.87 -71.71 -129.19
N VAL XA 11 101.75 -72.09 -128.26
CA VAL XA 11 102.64 -73.23 -128.49
C VAL XA 11 101.84 -74.51 -128.66
N ILE XA 12 100.82 -74.71 -127.81
CA ILE XA 12 100.00 -75.91 -127.92
C ILE XA 12 99.26 -75.93 -129.25
N LEU XA 13 98.72 -74.79 -129.68
CA LEU XA 13 98.03 -74.72 -130.96
C LEU XA 13 98.98 -75.00 -132.12
N LEU XA 14 100.19 -74.47 -132.06
CA LEU XA 14 101.19 -74.73 -133.09
C LEU XA 14 101.56 -76.20 -133.16
N MET XA 15 101.73 -76.83 -131.98
CA MET XA 15 102.04 -78.25 -131.94
C MET XA 15 100.90 -79.08 -132.51
N THR XA 16 99.65 -78.71 -132.19
CA THR XA 16 98.49 -79.44 -132.69
C THR XA 16 98.19 -79.15 -134.15
N ILE XA 17 98.78 -78.09 -134.71
CA ILE XA 17 98.49 -77.72 -136.10
C ILE XA 17 99.22 -78.67 -137.05
N GLY XA 18 100.52 -78.80 -136.89
CA GLY XA 18 101.31 -79.64 -137.77
C GLY XA 18 102.70 -79.08 -138.04
N GLU XA 19 103.59 -79.93 -138.57
CA GLU XA 19 104.97 -79.49 -138.81
C GLU XA 19 105.04 -78.41 -139.88
N ASP XA 20 104.31 -78.60 -140.98
CA ASP XA 20 104.41 -77.65 -142.10
C ASP XA 20 103.82 -76.29 -141.73
N ARG XA 21 102.64 -76.28 -141.12
CA ARG XA 21 102.01 -75.03 -140.74
C ARG XA 21 102.85 -74.30 -139.70
N ALA XA 22 103.37 -75.02 -138.71
CA ALA XA 22 104.21 -74.40 -137.70
C ALA XA 22 105.50 -73.85 -138.31
N ALA XA 23 106.09 -74.57 -139.25
CA ALA XA 23 107.29 -74.09 -139.92
C ALA XA 23 107.01 -72.81 -140.71
N GLU XA 24 105.88 -72.78 -141.42
CA GLU XA 24 105.51 -71.57 -142.15
C GLU XA 24 105.27 -70.40 -141.20
N VAL XA 25 104.60 -70.65 -140.08
CA VAL XA 25 104.36 -69.59 -139.11
C VAL XA 25 105.67 -69.07 -138.53
N PHE XA 26 106.60 -69.97 -138.22
CA PHE XA 26 107.90 -69.56 -137.70
C PHE XA 26 108.66 -68.75 -138.74
N LYS XA 27 108.60 -69.17 -140.00
CA LYS XA 27 109.20 -68.38 -141.08
C LYS XA 27 108.55 -67.02 -141.21
N HIS XA 28 107.28 -66.90 -140.83
CA HIS XA 28 106.59 -65.61 -140.79
C HIS XA 28 106.58 -65.00 -139.40
N LEU XA 29 107.54 -65.39 -138.56
CA LEU XA 29 107.60 -64.92 -137.18
C LEU XA 29 109.00 -64.38 -136.88
N SER XA 30 109.08 -63.52 -135.86
CA SER XA 30 110.33 -62.91 -135.46
C SER XA 30 111.23 -63.93 -134.77
N THR XA 31 112.52 -63.58 -134.66
CA THR XA 31 113.51 -64.49 -134.10
C THR XA 31 113.22 -64.82 -132.64
N ARG XA 32 112.96 -63.80 -131.83
CA ARG XA 32 112.67 -64.03 -130.41
C ARG XA 32 111.39 -64.84 -130.25
N GLU XA 33 110.36 -64.49 -131.01
CA GLU XA 33 109.09 -65.22 -130.93
C GLU XA 33 109.27 -66.67 -131.37
N VAL XA 34 110.03 -66.88 -132.45
CA VAL XA 34 110.25 -68.24 -132.96
C VAL XA 34 111.00 -69.06 -131.92
N GLN XA 35 112.04 -68.47 -131.32
CA GLN XA 35 112.82 -69.18 -130.30
C GLN XA 35 111.96 -69.53 -129.10
N ALA XA 36 111.14 -68.57 -128.64
CA ALA XA 36 110.28 -68.83 -127.49
C ALA XA 36 109.27 -69.93 -127.80
N LEU XA 37 108.67 -69.88 -128.99
CA LEU XA 37 107.70 -70.91 -129.36
C LEU XA 37 108.34 -72.28 -129.48
N SER XA 38 109.54 -72.36 -130.05
CA SER XA 38 110.24 -73.63 -130.17
C SER XA 38 110.60 -74.19 -128.79
N THR XA 39 111.05 -73.31 -127.88
CA THR XA 39 111.45 -73.76 -126.56
C THR XA 39 110.25 -74.22 -125.73
N ALA XA 40 109.19 -73.41 -125.70
CA ALA XA 40 108.05 -73.69 -124.83
C ALA XA 40 107.30 -74.94 -125.26
N MET XA 41 107.13 -75.14 -126.57
CA MET XA 41 106.35 -76.28 -127.06
C MET XA 41 106.99 -77.60 -126.65
N ALA XA 42 108.30 -77.72 -126.84
CA ALA XA 42 108.98 -78.96 -126.47
C ALA XA 42 109.25 -79.02 -124.98
N ASN XA 43 109.33 -77.86 -124.33
CA ASN XA 43 109.65 -77.81 -122.88
C ASN XA 43 108.56 -78.35 -121.94
N VAL XA 44 107.45 -77.63 -121.84
CA VAL XA 44 106.31 -78.13 -121.01
C VAL XA 44 105.09 -77.79 -121.88
N ARG XA 45 104.24 -78.78 -122.16
CA ARG XA 45 103.02 -78.54 -122.98
C ARG XA 45 101.80 -78.84 -122.10
N GLN XA 46 100.86 -77.90 -122.05
CA GLN XA 46 99.64 -78.08 -121.21
C GLN XA 46 98.41 -78.11 -122.11
N ILE XA 47 97.53 -79.09 -121.93
CA ILE XA 47 96.26 -79.16 -122.73
C ILE XA 47 95.07 -79.05 -121.76
N SER XA 48 94.14 -78.14 -122.02
CA SER XA 48 92.98 -77.96 -121.11
C SER XA 48 91.67 -78.30 -121.86
N ASN XA 49 90.83 -79.15 -121.26
CA ASN XA 49 89.56 -79.56 -121.91
C ASN XA 49 88.70 -78.32 -122.17
N LYS XA 50 88.71 -77.36 -121.23
CA LYS XA 50 87.83 -76.17 -121.36
C LYS XA 50 88.65 -74.89 -121.54
N GLN XA 51 89.64 -74.64 -120.67
CA GLN XA 51 90.33 -73.36 -120.75
C GLN XA 51 90.98 -73.14 -122.11
N LEU XA 52 91.60 -74.18 -122.67
CA LEU XA 52 92.23 -74.04 -123.98
C LEU XA 52 91.19 -73.75 -125.06
N THR XA 53 90.05 -74.44 -125.01
CA THR XA 53 88.99 -74.19 -125.98
C THR XA 53 88.42 -72.78 -125.84
N ASP XA 54 88.21 -72.32 -124.60
CA ASP XA 54 87.71 -70.96 -124.39
C ASP XA 54 88.70 -69.93 -124.91
N VAL XA 55 89.99 -70.13 -124.64
CA VAL XA 55 91.01 -69.20 -125.13
C VAL XA 55 91.06 -69.20 -126.65
N LEU XA 56 90.98 -70.38 -127.28
CA LEU XA 56 90.99 -70.45 -128.74
C LEU XA 56 89.79 -69.74 -129.33
N SER XA 57 88.61 -69.93 -128.74
CA SER XA 57 87.41 -69.25 -129.23
C SER XA 57 87.54 -67.74 -129.09
N GLU XA 58 88.07 -67.28 -127.94
CA GLU XA 58 88.26 -65.84 -127.74
C GLU XA 58 89.24 -65.26 -128.75
N PHE XA 59 90.34 -65.99 -129.01
CA PHE XA 59 91.32 -65.53 -129.99
C PHE XA 59 90.71 -65.47 -131.39
N GLU XA 60 89.94 -66.49 -131.76
CA GLU XA 60 89.33 -66.52 -133.09
C GLU XA 60 88.29 -65.43 -133.26
N GLN XA 61 87.69 -64.99 -132.15
CA GLN XA 61 86.61 -63.98 -132.25
C GLN XA 61 87.13 -62.59 -131.86
N GLU XA 62 88.37 -62.48 -131.37
CA GLU XA 62 88.82 -61.16 -130.85
C GLU XA 62 88.86 -60.07 -131.94
N ALA XA 63 89.36 -60.35 -133.14
CA ALA XA 63 89.29 -59.34 -134.23
C ALA XA 63 89.37 -59.96 -135.62
N GLU XA 64 88.83 -59.29 -136.64
CA GLU XA 64 89.01 -59.75 -138.04
C GLU XA 64 90.14 -58.94 -138.69
N GLN XA 65 90.72 -57.99 -137.95
CA GLN XA 65 91.75 -57.07 -138.52
C GLN XA 65 93.00 -57.83 -138.98
N PHE XA 66 93.44 -58.83 -138.21
CA PHE XA 66 94.71 -59.54 -138.52
C PHE XA 66 94.62 -60.21 -139.88
N ALA XA 67 93.47 -60.80 -140.22
CA ALA XA 67 93.38 -61.60 -141.47
C ALA XA 67 93.67 -60.75 -142.71
N ALA XA 68 93.19 -59.51 -142.78
CA ALA XA 68 93.35 -58.71 -144.02
C ALA XA 68 94.66 -57.93 -144.08
N LEU XA 69 94.86 -56.96 -143.19
CA LEU XA 69 96.02 -56.09 -143.24
C LEU XA 69 97.31 -56.90 -143.27
N ASN XA 70 97.39 -57.94 -142.43
CA ASN XA 70 98.59 -58.75 -142.36
C ASN XA 70 98.74 -59.67 -143.57
N ILE XA 71 97.65 -59.93 -144.30
CA ILE XA 71 97.69 -60.79 -145.47
C ILE XA 71 98.59 -60.17 -146.54
N ASN XA 72 98.40 -58.88 -146.79
CA ASN XA 72 99.20 -58.15 -147.77
C ASN XA 72 99.44 -56.73 -147.26
N ALA XA 73 100.64 -56.53 -146.67
CA ALA XA 73 101.02 -55.22 -146.18
C ALA XA 73 102.24 -54.68 -146.93
N ASN XA 74 103.33 -55.47 -146.95
CA ASN XA 74 104.55 -55.02 -147.59
C ASN XA 74 104.43 -55.08 -149.11
N GLU XA 75 103.79 -56.12 -149.64
CA GLU XA 75 103.64 -56.24 -151.09
C GLU XA 75 102.81 -55.10 -151.66
N TYR XA 76 101.72 -54.75 -150.97
CA TYR XA 76 100.88 -53.65 -151.43
C TYR XA 76 101.65 -52.33 -151.40
N LEU XA 77 102.42 -52.09 -150.34
CA LEU XA 77 103.20 -50.86 -150.26
C LEU XA 77 104.25 -50.80 -151.37
N ARG XA 78 104.92 -51.93 -151.64
CA ARG XA 78 105.90 -51.96 -152.72
C ARG XA 78 105.26 -51.71 -154.07
N SER XA 79 104.10 -52.32 -154.33
CA SER XA 79 103.41 -52.10 -155.60
C SER XA 79 102.98 -50.64 -155.75
N VAL XA 80 102.48 -50.05 -154.65
CA VAL XA 80 102.07 -48.64 -154.69
C VAL XA 80 103.27 -47.75 -154.95
N LEU XA 81 104.41 -48.02 -154.32
CA LEU XA 81 105.60 -47.22 -154.54
C LEU XA 81 106.09 -47.36 -155.98
N VAL XA 82 106.03 -48.57 -156.54
CA VAL XA 82 106.47 -48.78 -157.92
C VAL XA 82 105.56 -48.03 -158.89
N LYS XA 83 104.25 -48.11 -158.67
CA LYS XA 83 103.31 -47.52 -159.61
C LYS XA 83 103.21 -46.01 -159.43
N ALA XA 84 103.61 -45.50 -158.27
CA ALA XA 84 103.38 -44.09 -157.96
C ALA XA 84 104.33 -43.18 -158.74
N LEU XA 85 105.64 -43.33 -158.51
CA LEU XA 85 106.64 -42.46 -159.12
C LEU XA 85 107.47 -43.20 -160.15
N GLY XA 86 108.08 -44.32 -159.78
CA GLY XA 86 108.92 -45.07 -160.70
C GLY XA 86 109.75 -46.09 -159.96
N GLU XA 87 110.46 -46.93 -160.73
CA GLU XA 87 111.28 -47.96 -160.13
C GLU XA 87 112.41 -47.35 -159.29
N GLU XA 88 113.04 -46.29 -159.80
CA GLU XA 88 114.13 -45.65 -159.06
C GLU XA 88 113.66 -45.05 -157.75
N ARG XA 89 112.51 -44.37 -157.76
CA ARG XA 89 111.97 -43.79 -156.53
C ARG XA 89 111.40 -44.86 -155.61
N ALA XA 90 110.85 -45.93 -156.18
CA ALA XA 90 110.33 -47.03 -155.36
C ALA XA 90 111.44 -47.69 -154.56
N SER XA 91 112.61 -47.85 -155.16
CA SER XA 91 113.75 -48.43 -154.45
C SER XA 91 114.14 -47.56 -153.26
N SER XA 92 114.19 -46.23 -153.46
CA SER XA 92 114.54 -45.33 -152.36
C SER XA 92 113.49 -45.36 -151.27
N LEU XA 93 112.20 -45.40 -151.65
CA LEU XA 93 111.13 -45.45 -150.66
C LEU XA 93 111.19 -46.75 -149.85
N LEU XA 94 111.43 -47.87 -150.54
CA LEU XA 94 111.54 -49.15 -149.83
C LEU XA 94 112.75 -49.17 -148.92
N GLU XA 95 113.87 -48.60 -149.37
CA GLU XA 95 115.05 -48.52 -148.52
C GLU XA 95 114.79 -47.68 -147.28
N ASP XA 96 114.10 -46.56 -147.44
CA ASP XA 96 113.76 -45.73 -146.28
C ASP XA 96 112.83 -46.47 -145.32
N ILE XA 97 111.84 -47.18 -145.87
CA ILE XA 97 110.91 -47.93 -145.03
C ILE XA 97 111.65 -49.02 -144.25
N LEU XA 98 112.57 -49.72 -144.91
CA LEU XA 98 113.35 -50.75 -144.23
C LEU XA 98 114.25 -50.14 -143.16
N GLU XA 99 114.87 -49.00 -143.47
CA GLU XA 99 115.76 -48.35 -142.52
C GLU XA 99 114.98 -47.76 -141.34
N THR XA 100 113.68 -47.56 -141.50
CA THR XA 100 112.86 -47.10 -140.37
C THR XA 100 112.93 -48.08 -139.21
N ARG XA 101 113.06 -49.38 -139.50
CA ARG XA 101 113.25 -50.40 -138.47
C ARG XA 101 114.74 -50.68 -138.37
N ASP XA 102 115.36 -50.19 -137.30
CA ASP XA 102 116.79 -50.31 -137.08
C ASP XA 102 117.08 -51.56 -136.26
N THR XA 103 118.36 -51.76 -135.94
CA THR XA 103 118.82 -52.90 -135.17
C THR XA 103 119.48 -52.42 -133.89
N THR XA 104 119.28 -53.18 -132.80
CA THR XA 104 119.82 -52.76 -131.51
C THR XA 104 121.31 -53.03 -131.42
N SER XA 105 121.71 -54.30 -131.56
CA SER XA 105 123.12 -54.66 -131.46
C SER XA 105 123.89 -54.07 -132.64
N GLY XA 106 125.05 -53.50 -132.33
CA GLY XA 106 125.82 -52.79 -133.33
C GLY XA 106 126.34 -53.67 -134.46
N ILE XA 107 126.47 -54.97 -134.22
CA ILE XA 107 126.99 -55.86 -135.26
C ILE XA 107 126.05 -55.85 -136.46
N GLU XA 108 124.74 -55.95 -136.22
CA GLU XA 108 123.79 -55.85 -137.33
C GLU XA 108 123.74 -54.45 -137.91
N THR XA 109 123.96 -53.42 -137.08
CA THR XA 109 124.00 -52.06 -137.61
C THR XA 109 125.17 -51.87 -138.56
N LEU XA 110 126.23 -52.68 -138.40
CA LEU XA 110 127.34 -52.63 -139.35
C LEU XA 110 127.03 -52.92 -140.81
N ASN XA 111 126.00 -53.74 -141.09
CA ASN XA 111 125.60 -54.02 -142.51
C ASN XA 111 124.73 -52.94 -143.16
N PHE XA 112 124.40 -51.88 -142.42
CA PHE XA 112 123.63 -50.74 -143.01
C PHE XA 112 124.63 -49.64 -143.37
N MET XA 113 125.90 -49.84 -143.01
CA MET XA 113 126.96 -48.88 -143.29
C MET XA 113 127.42 -49.19 -144.70
N GLU XA 114 128.10 -48.22 -145.29
CA GLU XA 114 128.69 -48.41 -146.61
C GLU XA 114 129.82 -49.44 -146.51
N PRO XA 115 130.00 -50.27 -147.55
CA PRO XA 115 131.09 -51.27 -147.49
C PRO XA 115 132.48 -50.75 -147.17
N GLN XA 116 132.86 -49.60 -147.74
CA GLN XA 116 134.20 -49.08 -147.49
C GLN XA 116 134.36 -48.56 -146.05
N SER XA 117 133.29 -47.96 -145.51
CA SER XA 117 133.35 -47.46 -144.14
C SER XA 117 133.56 -48.66 -143.21
N ALA XA 118 132.79 -49.73 -143.42
CA ALA XA 118 132.96 -50.92 -142.59
C ALA XA 118 134.33 -51.55 -142.81
N ALA XA 119 134.79 -51.60 -144.06
CA ALA XA 119 136.11 -52.18 -144.34
C ALA XA 119 137.21 -51.38 -143.64
N ASP XA 120 137.12 -50.06 -143.68
CA ASP XA 120 138.08 -49.24 -142.95
C ASP XA 120 137.96 -49.43 -141.44
N LEU XA 121 136.74 -49.60 -140.93
CA LEU XA 121 136.54 -49.72 -139.50
C LEU XA 121 137.13 -51.01 -138.96
N ILE XA 122 136.95 -52.12 -139.67
CA ILE XA 122 137.34 -53.43 -139.14
C ILE XA 122 138.60 -53.98 -139.79
N ARG XA 123 139.30 -53.19 -140.59
CA ARG XA 123 140.53 -53.69 -141.20
C ARG XA 123 141.60 -53.97 -140.16
N ASP XA 124 141.72 -53.10 -139.16
CA ASP XA 124 142.79 -53.22 -138.18
C ASP XA 124 142.49 -54.26 -137.11
N GLU XA 125 141.27 -54.76 -137.04
CA GLU XA 125 140.91 -55.71 -136.01
C GLU XA 125 141.60 -57.06 -136.23
N HIS XA 126 141.59 -57.87 -135.19
CA HIS XA 126 142.18 -59.21 -135.27
C HIS XA 126 141.40 -60.04 -136.29
N PRO XA 127 142.10 -60.87 -137.07
CA PRO XA 127 141.41 -61.62 -138.13
C PRO XA 127 140.25 -62.45 -137.64
N GLN XA 128 140.36 -63.07 -136.46
CA GLN XA 128 139.24 -63.84 -135.92
C GLN XA 128 138.04 -62.96 -135.59
N ILE XA 129 138.29 -61.74 -135.08
CA ILE XA 129 137.19 -60.82 -134.80
C ILE XA 129 136.52 -60.38 -136.10
N ILE XA 130 137.32 -60.15 -137.15
CA ILE XA 130 136.77 -59.85 -138.46
C ILE XA 130 135.87 -60.98 -138.90
N ALA XA 131 136.35 -62.22 -138.76
CA ALA XA 131 135.58 -63.38 -139.18
C ALA XA 131 134.28 -63.48 -138.40
N THR XA 132 134.34 -63.25 -137.08
CA THR XA 132 133.13 -63.29 -136.26
C THR XA 132 132.14 -62.23 -136.72
N ILE XA 133 132.63 -61.03 -137.01
CA ILE XA 133 131.72 -59.96 -137.51
C ILE XA 133 131.08 -60.43 -138.82
N LEU XA 134 131.84 -61.06 -139.71
CA LEU XA 134 131.32 -61.43 -141.06
C LEU XA 134 130.15 -62.43 -140.99
N VAL XA 135 130.22 -63.45 -140.12
CA VAL XA 135 129.16 -64.50 -140.13
C VAL XA 135 127.93 -63.85 -139.46
N HIS XA 136 128.14 -62.86 -138.61
CA HIS XA 136 126.97 -62.13 -138.01
C HIS XA 136 126.47 -61.08 -139.00
N LEU XA 137 127.36 -60.60 -139.89
CA LEU XA 137 126.97 -59.58 -140.88
C LEU XA 137 126.21 -60.25 -142.04
N LYS XA 138 125.42 -59.46 -142.79
CA LYS XA 138 124.69 -60.01 -143.96
C LYS XA 138 125.72 -60.52 -144.97
N ARG XA 139 125.43 -61.63 -145.65
CA ARG XA 139 126.41 -62.25 -146.58
C ARG XA 139 126.80 -61.25 -147.68
N SER XA 140 125.82 -60.59 -148.30
CA SER XA 140 126.14 -59.67 -149.44
C SER XA 140 127.17 -58.65 -148.97
N GLN XA 141 126.94 -58.03 -147.81
CA GLN XA 141 127.84 -56.96 -147.30
C GLN XA 141 129.23 -57.56 -147.07
N ALA XA 142 129.28 -58.71 -146.40
CA ALA XA 142 130.55 -59.34 -146.09
C ALA XA 142 131.37 -59.60 -147.34
N ALA XA 143 130.70 -60.01 -148.43
CA ALA XA 143 131.41 -60.25 -149.69
C ALA XA 143 132.03 -58.95 -150.21
N ASP XA 144 131.27 -57.86 -150.14
CA ASP XA 144 131.82 -56.57 -150.58
C ASP XA 144 132.99 -56.14 -149.71
N ILE XA 145 132.87 -56.34 -148.39
CA ILE XA 145 133.96 -55.99 -147.48
C ILE XA 145 135.24 -56.74 -147.80
N LEU XA 146 135.14 -58.05 -148.02
CA LEU XA 146 136.32 -58.84 -148.37
C LEU XA 146 136.88 -58.45 -149.73
N ALA XA 147 136.01 -58.03 -150.64
CA ALA XA 147 136.47 -57.54 -151.93
C ALA XA 147 137.36 -56.32 -151.74
N LEU XA 148 136.98 -55.44 -150.81
CA LEU XA 148 137.77 -54.22 -150.53
C LEU XA 148 139.02 -54.58 -149.70
N PHE XA 149 139.05 -55.77 -149.11
CA PHE XA 149 140.17 -56.12 -148.21
C PHE XA 149 141.38 -56.57 -149.02
N ASP XA 150 142.59 -56.32 -148.50
CA ASP XA 150 143.80 -56.79 -149.15
C ASP XA 150 143.72 -58.31 -149.35
N GLU XA 151 144.43 -58.79 -150.38
CA GLU XA 151 144.32 -60.20 -150.74
C GLU XA 151 144.82 -61.12 -149.63
N ARG XA 152 145.89 -60.72 -148.93
CA ARG XA 152 146.37 -61.52 -147.81
C ARG XA 152 145.34 -61.59 -146.70
N LEU XA 153 144.82 -60.44 -146.28
CA LEU XA 153 143.78 -60.43 -145.26
C LEU XA 153 142.53 -61.13 -145.76
N ARG XA 154 142.21 -60.98 -147.05
CA ARG XA 154 141.04 -61.65 -147.60
C ARG XA 154 141.17 -63.17 -147.47
N HIS XA 155 142.31 -63.72 -147.89
CA HIS XA 155 142.50 -65.16 -147.79
C HIS XA 155 142.50 -65.62 -146.33
N ASP XA 156 143.17 -64.87 -145.45
CA ASP XA 156 143.23 -65.26 -144.05
C ASP XA 156 141.83 -65.30 -143.44
N VAL XA 157 141.04 -64.24 -143.68
CA VAL XA 157 139.71 -64.17 -143.10
C VAL XA 157 138.80 -65.24 -143.70
N MET XA 158 138.94 -65.52 -145.00
CA MET XA 158 138.14 -66.59 -145.59
C MET XA 158 138.48 -67.93 -144.99
N LEU XA 159 139.77 -68.19 -144.75
CA LEU XA 159 140.17 -69.43 -144.11
C LEU XA 159 139.59 -69.53 -142.70
N ARG XA 160 139.62 -68.43 -141.96
CA ARG XA 160 139.03 -68.43 -140.62
C ARG XA 160 137.52 -68.69 -140.69
N ILE XA 161 136.86 -68.15 -141.72
CA ILE XA 161 135.44 -68.38 -141.91
C ILE XA 161 135.17 -69.85 -142.14
N ALA XA 162 136.02 -70.50 -142.95
CA ALA XA 162 135.80 -71.91 -143.27
C ALA XA 162 135.85 -72.79 -142.03
N THR XA 163 136.81 -72.52 -141.14
CA THR XA 163 137.04 -73.36 -139.97
C THR XA 163 136.62 -72.69 -138.66
N PHE XA 164 135.54 -71.93 -138.68
CA PHE XA 164 135.07 -71.26 -137.48
C PHE XA 164 134.67 -72.28 -136.42
N GLY XA 165 134.89 -71.93 -135.16
CA GLY XA 165 134.66 -72.86 -134.07
C GLY XA 165 133.82 -72.34 -132.93
N GLY XA 166 133.11 -71.24 -133.14
CA GLY XA 166 132.22 -70.71 -132.12
C GLY XA 166 132.83 -69.81 -131.06
N VAL XA 167 132.14 -68.71 -130.75
CA VAL XA 167 132.65 -67.75 -129.78
C VAL XA 167 132.16 -67.93 -128.35
N GLN XA 168 132.96 -67.49 -127.39
CA GLN XA 168 132.54 -67.53 -126.00
C GLN XA 168 131.48 -66.45 -125.90
N PRO XA 169 130.43 -66.67 -125.11
CA PRO XA 169 129.39 -65.63 -124.97
C PRO XA 169 129.93 -64.33 -124.40
N ALA XA 170 130.89 -64.39 -123.48
CA ALA XA 170 131.46 -63.17 -122.92
C ALA XA 170 132.19 -62.36 -123.98
N ALA XA 171 132.98 -63.02 -124.81
CA ALA XA 171 133.69 -62.31 -125.88
C ALA XA 171 132.73 -61.72 -126.88
N LEU XA 172 131.68 -62.46 -127.25
CA LEU XA 172 130.69 -61.92 -128.16
C LEU XA 172 129.98 -60.71 -127.58
N ALA XA 173 129.62 -60.77 -126.30
CA ALA XA 173 128.99 -59.62 -125.66
C ALA XA 173 129.95 -58.44 -125.61
N GLU XA 174 131.23 -58.69 -125.37
CA GLU XA 174 132.21 -57.62 -125.34
C GLU XA 174 132.34 -56.94 -126.70
N LEU XA 175 132.41 -57.74 -127.77
CA LEU XA 175 132.46 -57.17 -129.11
C LEU XA 175 131.18 -56.39 -129.40
N THR XA 176 130.04 -56.95 -128.99
CA THR XA 176 128.75 -56.29 -129.24
C THR XA 176 128.78 -54.92 -128.60
N GLU XA 177 129.08 -54.85 -127.30
CA GLU XA 177 129.05 -53.55 -126.58
C GLU XA 177 130.09 -52.60 -127.19
N VAL XA 178 131.28 -53.11 -127.53
CA VAL XA 178 132.32 -52.25 -128.16
C VAL XA 178 131.75 -51.69 -129.47
N LEU XA 179 131.27 -52.58 -130.34
CA LEU XA 179 130.79 -52.12 -131.64
C LEU XA 179 129.60 -51.17 -131.49
N ASN XA 180 128.78 -51.37 -130.47
CA ASN XA 180 127.67 -50.46 -130.23
C ASN XA 180 128.16 -49.07 -129.90
N GLY XA 181 129.15 -48.96 -129.01
CA GLY XA 181 129.68 -47.67 -128.64
C GLY XA 181 130.31 -46.91 -129.78
N LEU XA 182 130.62 -47.60 -130.88
CA LEU XA 182 131.23 -46.93 -132.03
C LEU XA 182 130.18 -46.49 -133.04
N LEU XA 183 129.18 -47.36 -133.28
CA LEU XA 183 128.21 -47.05 -134.35
C LEU XA 183 126.98 -46.30 -133.82
N ASP XA 184 126.56 -46.56 -132.58
CA ASP XA 184 125.29 -45.91 -132.12
C ASP XA 184 125.50 -44.39 -132.13
N GLY XA 185 126.65 -43.91 -131.67
CA GLY XA 185 126.95 -42.46 -131.74
C GLY XA 185 127.03 -41.96 -133.17
N GLN XA 186 127.66 -42.75 -134.05
CA GLN XA 186 127.86 -42.31 -135.47
C GLN XA 186 126.52 -42.22 -136.22
N ASN XA 187 126.37 -41.23 -137.09
CA ASN XA 187 125.15 -41.20 -137.96
C ASN XA 187 125.24 -42.41 -138.88
N LEU XA 188 124.11 -43.08 -139.14
CA LEU XA 188 124.18 -44.34 -139.95
C LEU XA 188 123.21 -44.28 -141.13
N LYS XA 189 122.95 -43.10 -141.71
CA LYS XA 189 122.08 -43.10 -142.89
C LYS XA 189 122.54 -42.02 -143.87
N ARG XA 190 123.63 -42.35 -144.56
CA ARG XA 190 124.14 -41.47 -145.62
C ARG XA 190 123.14 -41.40 -146.76
N SER XA 191 122.50 -40.25 -146.93
CA SER XA 191 121.49 -40.09 -147.97
C SER XA 191 122.18 -39.88 -149.31
N LYS XA 192 121.87 -40.75 -150.28
CA LYS XA 192 122.46 -40.69 -151.61
C LYS XA 192 121.41 -40.11 -152.56
N MET XA 193 121.62 -38.87 -152.99
CA MET XA 193 120.73 -38.18 -153.90
C MET XA 193 121.53 -37.78 -155.15
N GLY XA 194 121.17 -38.35 -156.29
CA GLY XA 194 121.85 -37.98 -157.55
C GLY XA 194 122.93 -38.98 -157.92
N GLY XA 195 122.64 -39.90 -158.84
CA GLY XA 195 123.63 -40.85 -159.31
C GLY XA 195 123.98 -40.60 -160.75
N VAL XA 196 123.55 -41.49 -161.64
CA VAL XA 196 123.73 -41.35 -163.06
C VAL XA 196 122.43 -41.01 -163.83
N ARG XA 197 121.30 -41.44 -163.25
CA ARG XA 197 120.00 -41.09 -163.82
C ARG XA 197 119.90 -39.57 -163.73
N THR XA 198 120.23 -39.01 -162.57
CA THR XA 198 120.18 -37.57 -162.40
C THR XA 198 121.18 -36.86 -163.31
N ALA XA 199 122.38 -37.43 -163.45
CA ALA XA 199 123.37 -36.85 -164.33
C ALA XA 199 122.89 -36.86 -165.79
N ALA XA 200 122.29 -37.97 -166.22
CA ALA XA 200 121.76 -38.04 -167.58
C ALA XA 200 120.64 -37.04 -167.79
N GLU XA 201 119.74 -36.90 -166.80
CA GLU XA 201 118.67 -35.93 -166.91
C GLU XA 201 119.21 -34.51 -167.00
N ILE XA 202 120.24 -34.19 -166.20
CA ILE XA 202 120.86 -32.88 -166.25
C ILE XA 202 121.48 -32.64 -167.63
N ILE XA 203 122.18 -33.65 -168.15
CA ILE XA 203 122.85 -33.50 -169.44
C ILE XA 203 121.84 -33.28 -170.55
N ASN XA 204 120.73 -34.02 -170.52
CA ASN XA 204 119.76 -33.99 -171.60
C ASN XA 204 119.12 -32.62 -171.80
N LEU XA 205 119.19 -31.74 -170.81
CA LEU XA 205 118.50 -30.45 -170.89
C LEU XA 205 119.41 -29.27 -171.22
N MET XA 206 120.68 -29.49 -171.55
CA MET XA 206 121.59 -28.40 -171.87
C MET XA 206 121.93 -28.42 -173.35
N LYS XA 207 122.75 -27.46 -173.75
CA LYS XA 207 123.09 -27.29 -175.16
C LYS XA 207 123.86 -28.47 -175.72
N THR XA 208 123.73 -28.70 -177.03
CA THR XA 208 124.34 -29.84 -177.66
C THR XA 208 125.86 -29.80 -177.57
N GLN XA 209 126.46 -28.62 -177.77
CA GLN XA 209 127.92 -28.51 -177.69
C GLN XA 209 128.41 -28.86 -176.29
N GLN XA 210 127.77 -28.31 -175.26
CA GLN XA 210 128.13 -28.68 -173.90
C GLN XA 210 127.83 -30.15 -173.62
N GLU XA 211 126.77 -30.69 -174.23
CA GLU XA 211 126.46 -32.11 -174.06
C GLU XA 211 127.61 -32.98 -174.56
N GLU XA 212 128.06 -32.72 -175.80
CA GLU XA 212 129.15 -33.52 -176.33
C GLU XA 212 130.44 -33.29 -175.56
N ALA XA 213 130.71 -32.06 -175.12
CA ALA XA 213 131.89 -31.80 -174.33
C ALA XA 213 131.89 -32.61 -173.03
N VAL XA 214 130.76 -32.60 -172.32
CA VAL XA 214 130.74 -33.32 -171.05
C VAL XA 214 130.78 -34.83 -171.27
N ILE XA 215 130.13 -35.35 -172.30
CA ILE XA 215 130.15 -36.80 -172.48
C ILE XA 215 131.54 -37.26 -172.89
N THR XA 216 132.23 -36.47 -173.73
CA THR XA 216 133.59 -36.86 -174.09
C THR XA 216 134.54 -36.72 -172.91
N ALA XA 217 134.31 -35.73 -172.04
CA ALA XA 217 135.12 -35.63 -170.83
C ALA XA 217 134.93 -36.85 -169.93
N VAL XA 218 133.67 -37.27 -169.76
CA VAL XA 218 133.40 -38.45 -168.95
C VAL XA 218 134.04 -39.68 -169.58
N ARG XA 219 133.93 -39.81 -170.90
CA ARG XA 219 134.54 -40.95 -171.59
C ARG XA 219 136.05 -40.96 -171.40
N GLU XA 220 136.68 -39.78 -171.44
CA GLU XA 220 138.10 -39.69 -171.13
C GLU XA 220 138.38 -40.15 -169.71
N PHE XA 221 137.55 -39.74 -168.76
CA PHE XA 221 137.71 -40.20 -167.38
C PHE XA 221 137.48 -41.70 -167.23
N ASP XA 222 136.41 -42.22 -167.82
CA ASP XA 222 136.05 -43.63 -167.74
C ASP XA 222 135.02 -43.90 -168.83
N GLY XA 223 135.33 -44.83 -169.73
CA GLY XA 223 134.41 -45.13 -170.80
C GLY XA 223 133.12 -45.81 -170.37
N GLU XA 224 133.21 -46.67 -169.35
CA GLU XA 224 132.03 -47.38 -168.87
C GLU XA 224 130.99 -46.42 -168.31
N LEU XA 225 131.45 -45.42 -167.54
CA LEU XA 225 130.52 -44.43 -167.00
C LEU XA 225 129.86 -43.64 -168.13
N ALA XA 226 130.63 -43.27 -169.15
CA ALA XA 226 130.05 -42.55 -170.28
C ALA XA 226 128.99 -43.37 -171.01
N GLN XA 227 129.26 -44.66 -171.22
CA GLN XA 227 128.27 -45.52 -171.88
C GLN XA 227 127.02 -45.68 -171.02
N LYS XA 228 127.19 -45.82 -169.71
CA LYS XA 228 126.03 -45.94 -168.84
C LYS XA 228 125.22 -44.65 -168.86
N ILE XA 229 125.91 -43.51 -168.89
CA ILE XA 229 125.21 -42.22 -168.98
C ILE XA 229 124.45 -42.13 -170.29
N ILE XA 230 125.07 -42.56 -171.39
CA ILE XA 230 124.41 -42.53 -172.69
C ILE XA 230 123.17 -43.43 -172.73
N ASP XA 231 123.26 -44.60 -172.11
CA ASP XA 231 122.13 -45.51 -172.10
C ASP XA 231 120.99 -44.95 -171.23
N GLU XA 232 121.34 -44.34 -170.10
CA GLU XA 232 120.32 -43.75 -169.25
C GLU XA 232 119.80 -42.50 -169.93
N MET XA 233 120.57 -41.94 -170.88
CA MET XA 233 120.13 -40.72 -171.56
C MET XA 233 118.82 -40.94 -172.32
N PHE XA 234 118.75 -42.01 -173.10
CA PHE XA 234 117.56 -42.35 -173.87
C PHE XA 234 117.11 -43.76 -173.52
N LEU XA 235 116.10 -43.87 -172.68
CA LEU XA 235 115.55 -45.15 -172.28
C LEU XA 235 114.63 -45.70 -173.36
N PHE XA 236 114.23 -46.97 -173.19
CA PHE XA 236 113.32 -47.59 -174.14
C PHE XA 236 111.88 -47.21 -173.85
N GLU XA 237 111.63 -45.91 -173.71
CA GLU XA 237 110.27 -45.38 -173.54
C GLU XA 237 109.99 -44.13 -174.34
N ASN XA 238 111.01 -43.46 -174.87
CA ASN XA 238 110.83 -42.26 -175.68
C ASN XA 238 110.72 -42.57 -177.17
N LEU XA 239 110.75 -43.85 -177.54
CA LEU XA 239 110.62 -44.22 -178.94
C LEU XA 239 109.28 -43.80 -179.53
N VAL XA 240 108.26 -43.61 -178.69
CA VAL XA 240 106.98 -43.11 -179.15
C VAL XA 240 107.10 -41.69 -179.70
N ASP XA 241 108.07 -40.92 -179.23
CA ASP XA 241 108.29 -39.55 -179.68
C ASP XA 241 109.17 -39.47 -180.91
N VAL XA 242 109.66 -40.59 -181.42
CA VAL XA 242 110.51 -40.60 -182.61
C VAL XA 242 109.63 -40.38 -183.84
N ASP XA 243 110.18 -39.67 -184.83
CA ASP XA 243 109.43 -39.39 -186.05
C ASP XA 243 109.21 -40.66 -186.86
N ASP XA 244 108.14 -40.64 -187.67
CA ASP XA 244 107.82 -41.80 -188.50
C ASP XA 244 108.92 -42.06 -189.52
N ARG XA 245 109.47 -40.99 -190.11
CA ARG XA 245 110.57 -41.16 -191.07
C ARG XA 245 111.79 -41.78 -190.41
N SER XA 246 112.11 -41.33 -189.19
CA SER XA 246 113.23 -41.92 -188.46
C SER XA 246 112.98 -43.39 -188.15
N ILE XA 247 111.75 -43.73 -187.78
CA ILE XA 247 111.42 -45.13 -187.52
C ILE XA 247 111.56 -45.96 -188.77
N GLN XA 248 111.09 -45.46 -189.91
CA GLN XA 248 111.23 -46.20 -191.17
C GLN XA 248 112.69 -46.37 -191.55
N ARG XA 249 113.50 -45.33 -191.35
CA ARG XA 249 114.93 -45.42 -191.67
C ARG XA 249 115.62 -46.44 -190.77
N LEU XA 250 115.27 -46.46 -189.48
CA LEU XA 250 115.89 -47.40 -188.56
C LEU XA 250 115.40 -48.82 -188.78
N LEU XA 251 114.20 -48.99 -189.35
CA LEU XA 251 113.68 -50.32 -189.60
C LEU XA 251 114.55 -51.09 -190.60
N GLN XA 252 115.26 -50.39 -191.47
CA GLN XA 252 116.12 -51.03 -192.46
C GLN XA 252 117.33 -51.72 -191.83
N GLU XA 253 117.69 -51.38 -190.59
CA GLU XA 253 118.84 -51.97 -189.93
C GLU XA 253 118.47 -52.78 -188.69
N VAL XA 254 117.18 -53.01 -188.45
CA VAL XA 254 116.72 -53.75 -187.28
C VAL XA 254 116.32 -55.15 -187.71
N ASP XA 255 116.89 -56.15 -187.05
CA ASP XA 255 116.52 -57.54 -187.34
C ASP XA 255 115.09 -57.81 -186.90
N SER XA 256 114.37 -58.60 -187.70
CA SER XA 256 112.97 -58.88 -187.40
C SER XA 256 112.83 -59.63 -186.09
N GLU XA 257 113.68 -60.64 -185.86
CA GLU XA 257 113.61 -61.41 -184.63
C GLU XA 257 113.95 -60.54 -183.42
N SER XA 258 115.01 -59.75 -183.50
CA SER XA 258 115.38 -58.89 -182.40
C SER XA 258 114.31 -57.83 -182.13
N LEU XA 259 113.76 -57.25 -183.19
CA LEU XA 259 112.69 -56.26 -183.03
C LEU XA 259 111.47 -56.88 -182.37
N LEU XA 260 111.09 -58.08 -182.80
CA LEU XA 260 109.94 -58.76 -182.20
C LEU XA 260 110.19 -59.08 -180.74
N ILE XA 261 111.40 -59.54 -180.41
CA ILE XA 261 111.73 -59.84 -179.03
C ILE XA 261 111.66 -58.57 -178.18
N ALA XA 262 112.19 -57.47 -178.69
CA ALA XA 262 112.14 -56.21 -177.94
C ALA XA 262 110.72 -55.72 -177.76
N LEU XA 263 109.89 -55.83 -178.80
CA LEU XA 263 108.53 -55.33 -178.76
C LEU XA 263 107.54 -56.30 -178.12
N LYS XA 264 108.00 -57.50 -177.74
CA LYS XA 264 107.11 -58.45 -177.06
C LYS XA 264 106.62 -57.89 -175.73
N GLY XA 265 107.50 -57.28 -174.96
CA GLY XA 265 107.15 -56.64 -173.71
C GLY XA 265 106.93 -55.15 -173.78
N ALA XA 266 106.96 -54.55 -174.97
CA ALA XA 266 106.79 -53.12 -175.12
C ALA XA 266 105.32 -52.74 -174.99
N GLU XA 267 105.06 -51.44 -174.84
CA GLU XA 267 103.70 -50.95 -174.73
C GLU XA 267 102.97 -51.12 -176.06
N PRO XA 268 101.66 -51.38 -176.04
CA PRO XA 268 100.90 -51.55 -177.28
C PRO XA 268 100.99 -50.29 -178.14
N PRO XA 269 100.98 -49.11 -177.53
CA PRO XA 269 101.15 -47.88 -178.34
C PRO XA 269 102.48 -47.84 -179.08
N LEU XA 270 103.56 -48.29 -178.45
CA LEU XA 270 104.85 -48.31 -179.13
C LEU XA 270 104.85 -49.29 -180.28
N ARG XA 271 104.25 -50.46 -180.10
CA ARG XA 271 104.15 -51.44 -181.18
C ARG XA 271 103.32 -50.89 -182.34
N GLU XA 272 102.21 -50.22 -182.03
CA GLU XA 272 101.39 -49.64 -183.08
C GLU XA 272 102.13 -48.54 -183.83
N LYS XA 273 102.87 -47.70 -183.11
CA LYS XA 273 103.64 -46.64 -183.76
C LYS XA 273 104.74 -47.22 -184.63
N PHE XA 274 105.41 -48.27 -184.16
CA PHE XA 274 106.49 -48.89 -184.90
C PHE XA 274 106.01 -49.78 -186.04
N LEU XA 275 104.73 -50.15 -186.05
CA LEU XA 275 104.17 -50.98 -187.11
C LEU XA 275 103.62 -50.17 -188.28
N ARG XA 276 103.66 -48.85 -188.20
CA ARG XA 276 103.17 -47.99 -189.26
C ARG XA 276 104.27 -47.59 -190.25
N ASN XA 277 105.49 -48.04 -190.04
CA ASN XA 277 106.61 -47.71 -190.92
C ASN XA 277 106.92 -48.80 -191.94
N MET XA 278 106.49 -50.04 -191.70
CA MET XA 278 106.76 -51.13 -192.62
C MET XA 278 105.53 -51.36 -193.51
N SER XA 279 105.59 -52.40 -194.34
CA SER XA 279 104.47 -52.72 -195.22
C SER XA 279 103.33 -53.36 -194.42
N GLN XA 280 102.15 -53.40 -195.05
CA GLN XA 280 101.00 -54.02 -194.41
C GLN XA 280 101.24 -55.51 -194.18
N ARG XA 281 101.81 -56.20 -195.16
CA ARG XA 281 102.14 -57.61 -194.98
C ARG XA 281 103.18 -57.78 -193.89
N ALA XA 282 104.20 -56.92 -193.87
CA ALA XA 282 105.21 -56.99 -192.82
C ALA XA 282 104.61 -56.72 -191.44
N ALA XA 283 103.70 -55.74 -191.35
CA ALA XA 283 103.03 -55.48 -190.08
C ALA XA 283 102.19 -56.65 -189.62
N ASP XA 284 101.46 -57.28 -190.55
CA ASP XA 284 100.66 -58.46 -190.20
C ASP XA 284 101.55 -59.60 -189.75
N ILE XA 285 102.68 -59.82 -190.43
CA ILE XA 285 103.61 -60.87 -190.04
C ILE XA 285 104.18 -60.61 -188.66
N LEU XA 286 104.56 -59.35 -188.38
CA LEU XA 286 105.08 -59.01 -187.06
C LEU XA 286 104.03 -59.23 -185.98
N ARG XA 287 102.78 -58.83 -186.25
CA ARG XA 287 101.71 -59.03 -185.28
C ARG XA 287 101.47 -60.52 -185.03
N ASP XA 288 101.47 -61.34 -186.09
CA ASP XA 288 101.29 -62.77 -185.93
C ASP XA 288 102.43 -63.38 -185.14
N ASP XA 289 103.67 -62.95 -185.41
CA ASP XA 289 104.82 -63.47 -184.67
C ASP XA 289 104.74 -63.08 -183.20
N LEU XA 290 104.33 -61.84 -182.91
CA LEU XA 290 104.20 -61.41 -181.52
C LEU XA 290 103.11 -62.19 -180.80
N ALA XA 291 101.98 -62.43 -181.48
CA ALA XA 291 100.91 -63.21 -180.88
C ALA XA 291 101.35 -64.64 -180.62
N ASN XA 292 102.08 -65.24 -181.56
CA ASN XA 292 102.52 -66.61 -181.42
C ASN XA 292 103.71 -66.77 -180.49
N ARG XA 293 104.44 -65.69 -180.23
CA ARG XA 293 105.62 -65.78 -179.37
C ARG XA 293 105.19 -65.96 -177.92
N GLY XA 294 105.77 -66.96 -177.26
CA GLY XA 294 105.50 -67.21 -175.87
C GLY XA 294 106.30 -66.32 -174.95
N PRO XA 295 106.00 -66.39 -173.66
CA PRO XA 295 106.76 -65.60 -172.69
C PRO XA 295 108.23 -65.98 -172.68
N VAL XA 296 109.09 -64.98 -172.50
CA VAL XA 296 110.53 -65.18 -172.48
C VAL XA 296 111.12 -64.39 -171.32
N ARG XA 297 112.32 -64.79 -170.91
CA ARG XA 297 113.01 -64.08 -169.85
C ARG XA 297 113.39 -62.66 -170.31
N LEU XA 298 113.31 -61.70 -169.39
CA LEU XA 298 113.60 -60.32 -169.73
C LEU XA 298 115.06 -60.06 -170.03
N SER XA 299 115.95 -61.01 -169.72
CA SER XA 299 117.38 -60.80 -169.97
C SER XA 299 117.68 -60.65 -171.46
N GLN XA 300 117.07 -61.49 -172.31
CA GLN XA 300 117.30 -61.40 -173.74
C GLN XA 300 116.52 -60.27 -174.38
N VAL XA 301 115.31 -59.99 -173.90
CA VAL XA 301 114.52 -58.87 -174.43
C VAL XA 301 115.23 -57.55 -174.14
N GLU XA 302 115.82 -57.43 -172.94
CA GLU XA 302 116.56 -56.23 -172.61
C GLU XA 302 117.77 -56.05 -173.52
N ASN XA 303 118.48 -57.15 -173.82
CA ASN XA 303 119.62 -57.06 -174.72
C ASN XA 303 119.19 -56.66 -176.12
N GLU XA 304 118.08 -57.23 -176.60
CA GLU XA 304 117.58 -56.86 -177.93
C GLU XA 304 117.16 -55.39 -177.97
N GLN XA 305 116.48 -54.91 -176.93
CA GLN XA 305 116.10 -53.51 -176.88
C GLN XA 305 117.32 -52.61 -176.81
N LYS XA 306 118.35 -53.03 -176.07
CA LYS XA 306 119.59 -52.26 -176.01
C LYS XA 306 120.26 -52.18 -177.37
N ALA XA 307 120.28 -53.30 -178.11
CA ALA XA 307 120.86 -53.28 -179.45
C ALA XA 307 120.08 -52.36 -180.37
N ILE XA 308 118.75 -52.42 -180.30
CA ILE XA 308 117.90 -51.56 -181.13
C ILE XA 308 118.14 -50.09 -180.80
N LEU XA 309 118.21 -49.77 -179.50
CA LEU XA 309 118.47 -48.40 -179.09
C LEU XA 309 119.85 -47.93 -179.51
N LEU XA 310 120.86 -48.81 -179.45
CA LEU XA 310 122.20 -48.45 -179.91
C LEU XA 310 122.19 -48.16 -181.40
N ILE XA 311 121.48 -48.97 -182.18
CA ILE XA 311 121.39 -48.73 -183.62
C ILE XA 311 120.70 -47.40 -183.89
N VAL XA 312 119.61 -47.13 -183.18
CA VAL XA 312 118.87 -45.87 -183.37
C VAL XA 312 119.75 -44.68 -183.00
N ARG XA 313 120.49 -44.80 -181.90
CA ARG XA 313 121.36 -43.71 -181.46
C ARG XA 313 122.49 -43.48 -182.47
N ARG XA 314 123.05 -44.56 -183.03
CA ARG XA 314 124.07 -44.41 -184.05
C ARG XA 314 123.51 -43.73 -185.28
N LEU XA 315 122.30 -44.10 -185.69
CA LEU XA 315 121.67 -43.46 -186.84
C LEU XA 315 121.43 -41.97 -186.58
N ALA XA 316 120.97 -41.64 -185.38
CA ALA XA 316 120.73 -40.24 -185.03
C ALA XA 316 122.03 -39.45 -185.00
N GLU XA 317 123.09 -40.04 -184.44
CA GLU XA 317 124.38 -39.36 -184.37
C GLU XA 317 124.95 -39.14 -185.76
N THR XA 318 124.75 -40.11 -186.66
CA THR XA 318 125.18 -39.94 -188.05
C THR XA 318 124.43 -38.77 -188.70
N GLY XA 319 123.14 -38.64 -188.42
CA GLY XA 319 122.35 -37.55 -188.94
C GLY XA 319 121.25 -38.01 -189.85
N GLU XA 320 120.84 -39.27 -189.72
CA GLU XA 320 119.80 -39.86 -190.55
C GLU XA 320 118.55 -40.20 -189.75
N MET XA 321 118.30 -39.51 -188.65
CA MET XA 321 117.11 -39.75 -187.83
C MET XA 321 116.77 -38.44 -187.12
N VAL XA 322 115.51 -38.34 -186.69
CA VAL XA 322 115.04 -37.16 -185.98
C VAL XA 322 114.00 -37.58 -184.96
N ILE XA 323 113.53 -36.63 -184.14
CA ILE XA 323 112.53 -36.90 -183.12
C ILE XA 323 111.43 -35.85 -183.21
N GLY XA 324 110.32 -36.09 -182.52
CA GLY XA 324 109.20 -35.17 -182.54
C GLY XA 324 108.05 -35.60 -181.66
N SER YA 33 198.82 -52.22 -114.31
CA SER YA 33 197.85 -51.25 -113.81
C SER YA 33 196.81 -50.91 -114.87
N ASP YA 34 195.55 -51.25 -114.58
CA ASP YA 34 194.45 -50.96 -115.50
C ASP YA 34 193.98 -49.53 -115.25
N ILE YA 35 194.09 -48.69 -116.28
CA ILE YA 35 193.69 -47.30 -116.19
C ILE YA 35 193.13 -46.87 -117.54
N ARG YA 36 191.82 -46.64 -117.58
CA ARG YA 36 191.16 -46.25 -118.81
C ARG YA 36 190.37 -44.97 -118.57
N PRO YA 37 190.16 -44.11 -119.59
CA PRO YA 37 189.46 -42.80 -119.41
C PRO YA 37 188.02 -43.03 -118.97
N TYR YA 38 187.50 -42.11 -118.17
CA TYR YA 38 186.14 -42.18 -117.69
C TYR YA 38 185.18 -41.77 -118.80
N ASP YA 39 184.30 -42.68 -119.18
CA ASP YA 39 183.27 -42.40 -120.17
C ASP YA 39 181.91 -42.44 -119.49
N PRO YA 40 181.17 -41.33 -119.46
CA PRO YA 40 179.83 -41.36 -118.88
C PRO YA 40 178.90 -42.26 -119.67
N ASN YA 41 177.69 -42.43 -119.15
CA ASN YA 41 176.60 -43.24 -119.70
C ASN YA 41 177.03 -44.66 -120.06
N THR YA 42 178.12 -45.16 -119.49
CA THR YA 42 178.52 -46.54 -119.71
C THR YA 42 177.98 -47.42 -118.58
N GLN YA 43 177.58 -48.64 -118.93
CA GLN YA 43 177.01 -49.58 -117.97
C GLN YA 43 178.12 -50.10 -117.08
N ARG YA 44 178.44 -49.32 -116.04
CA ARG YA 44 179.49 -49.68 -115.10
C ARG YA 44 178.95 -50.11 -113.74
N ARG YA 45 177.69 -49.85 -113.44
CA ARG YA 45 177.09 -50.22 -112.16
C ARG YA 45 176.51 -51.63 -112.28
N VAL YA 46 177.16 -52.59 -111.62
CA VAL YA 46 176.73 -53.98 -111.63
C VAL YA 46 176.33 -54.35 -110.20
N VAL YA 47 175.06 -54.73 -110.03
CA VAL YA 47 174.52 -55.11 -108.72
C VAL YA 47 173.86 -56.46 -108.92
N ARG YA 48 174.59 -57.55 -108.63
CA ARG YA 48 174.08 -58.90 -108.76
C ARG YA 48 173.72 -59.40 -107.38
N GLU YA 49 172.47 -59.84 -107.22
CA GLU YA 49 172.00 -60.31 -105.93
C GLU YA 49 170.92 -61.35 -106.19
N ARG YA 50 171.12 -62.55 -105.66
CA ARG YA 50 170.14 -63.61 -105.77
C ARG YA 50 168.91 -63.26 -104.94
N LEU YA 51 167.72 -63.46 -105.52
CA LEU YA 51 166.46 -63.12 -104.88
C LEU YA 51 165.60 -64.38 -104.77
N GLN YA 52 165.82 -65.14 -103.70
CA GLN YA 52 165.11 -66.41 -103.54
C GLN YA 52 163.62 -66.21 -103.33
N ALA YA 53 163.26 -65.20 -102.52
CA ALA YA 53 161.84 -64.91 -102.20
C ALA YA 53 161.10 -64.57 -103.50
N LEU YA 54 161.68 -63.79 -104.43
CA LEU YA 54 161.10 -63.56 -105.74
C LEU YA 54 161.12 -64.83 -106.57
N GLU YA 55 162.15 -65.66 -106.40
CA GLU YA 55 162.24 -66.91 -107.15
C GLU YA 55 161.10 -67.86 -106.81
N ILE YA 56 160.53 -67.76 -105.61
CA ILE YA 56 159.41 -68.64 -105.27
C ILE YA 56 158.09 -67.94 -105.56
N ILE YA 57 158.08 -66.60 -105.43
CA ILE YA 57 156.87 -65.85 -105.76
C ILE YA 57 156.55 -66.00 -107.23
N ASN YA 58 157.58 -66.08 -108.07
CA ASN YA 58 157.35 -66.26 -109.51
C ASN YA 58 156.63 -67.57 -109.82
N GLU YA 59 157.06 -68.68 -109.21
CA GLU YA 59 156.38 -69.95 -109.44
C GLU YA 59 154.97 -69.96 -108.86
N ARG YA 60 154.77 -69.34 -107.69
CA ARG YA 60 153.42 -69.29 -107.12
C ARG YA 60 152.50 -68.53 -108.07
N PHE YA 61 152.98 -67.37 -108.55
CA PHE YA 61 152.19 -66.59 -109.50
C PHE YA 61 151.98 -67.35 -110.79
N ALA YA 62 152.98 -68.09 -111.24
CA ALA YA 62 152.84 -68.85 -112.48
C ALA YA 62 151.77 -69.92 -112.35
N ARG YA 63 151.73 -70.61 -111.21
CA ARG YA 63 150.69 -71.60 -110.99
C ARG YA 63 149.31 -70.95 -110.96
N GLN YA 64 149.19 -69.83 -110.24
CA GLN YA 64 147.91 -69.14 -110.18
C GLN YA 64 147.47 -68.67 -111.57
N PHE YA 65 148.41 -68.13 -112.35
CA PHE YA 65 148.08 -67.63 -113.68
C PHE YA 65 147.73 -68.76 -114.63
N ARG YA 66 148.39 -69.91 -114.51
CA ARG YA 66 148.01 -71.06 -115.32
C ARG YA 66 146.58 -71.55 -115.17
N MET YA 67 146.10 -71.68 -113.92
CA MET YA 67 144.69 -72.03 -113.73
C MET YA 67 143.69 -70.93 -114.13
N GLY YA 68 144.13 -69.68 -113.98
CA GLY YA 68 143.31 -68.55 -114.40
C GLY YA 68 143.17 -68.64 -115.90
N LEU YA 69 144.28 -68.91 -116.60
CA LEU YA 69 144.24 -69.05 -118.05
C LEU YA 69 143.43 -70.27 -118.46
N PHE YA 70 143.54 -71.36 -117.70
CA PHE YA 70 142.68 -72.50 -117.97
C PHE YA 70 141.22 -72.14 -117.78
N ASN YA 71 140.91 -71.40 -116.71
CA ASN YA 71 139.54 -70.98 -116.48
C ASN YA 71 139.00 -70.10 -117.60
N LEU YA 72 139.86 -69.25 -118.17
CA LEU YA 72 139.40 -68.28 -119.17
C LEU YA 72 139.37 -68.90 -120.56
N LEU YA 73 140.52 -69.32 -121.06
CA LEU YA 73 140.65 -69.78 -122.44
C LEU YA 73 140.04 -71.15 -122.69
N ARG YA 74 139.64 -71.87 -121.64
CA ARG YA 74 139.16 -73.24 -121.76
C ARG YA 74 140.18 -74.13 -122.46
N ARG YA 75 141.46 -73.90 -122.18
CA ARG YA 75 142.55 -74.69 -122.73
C ARG YA 75 143.55 -74.95 -121.61
N SER YA 76 144.61 -75.68 -121.94
CA SER YA 76 145.63 -76.06 -120.95
C SER YA 76 146.96 -75.40 -121.24
N PRO YA 77 147.24 -74.23 -120.68
CA PRO YA 77 148.57 -73.63 -120.83
C PRO YA 77 149.62 -74.14 -119.88
N ASP YA 78 150.88 -74.04 -120.30
CA ASP YA 78 152.01 -74.32 -119.43
C ASP YA 78 152.91 -73.10 -119.41
N ILE YA 79 153.23 -72.63 -118.21
CA ILE YA 79 154.02 -71.43 -118.00
C ILE YA 79 155.35 -71.82 -117.41
N THR YA 80 156.44 -71.50 -118.10
CA THR YA 80 157.79 -71.73 -117.64
C THR YA 80 158.36 -70.41 -117.17
N VAL YA 81 158.83 -70.37 -115.92
CA VAL YA 81 159.40 -69.15 -115.37
C VAL YA 81 160.85 -69.05 -115.79
N GLY YA 82 161.21 -67.94 -116.44
CA GLY YA 82 162.58 -67.72 -116.83
C GLY YA 82 163.43 -67.20 -115.69
N ALA YA 83 164.71 -67.07 -115.97
CA ALA YA 83 165.64 -66.54 -114.97
C ALA YA 83 165.38 -65.05 -114.74
N ILE YA 84 165.36 -64.66 -113.47
CA ILE YA 84 165.18 -63.26 -113.12
C ILE YA 84 166.39 -62.48 -113.61
N ARG YA 85 166.14 -61.38 -114.33
CA ARG YA 85 167.22 -60.56 -114.88
C ARG YA 85 167.25 -59.21 -114.17
N ILE YA 86 168.41 -58.88 -113.61
CA ILE YA 86 168.64 -57.60 -112.95
C ILE YA 86 169.45 -56.72 -113.90
N GLN YA 87 168.77 -55.79 -114.56
CA GLN YA 87 169.36 -55.09 -115.69
C GLN YA 87 168.95 -53.63 -115.70
N PRO YA 88 169.75 -52.77 -116.34
CA PRO YA 88 169.33 -51.37 -116.48
C PRO YA 88 168.06 -51.27 -117.32
N TYR YA 89 167.27 -50.23 -117.03
CA TYR YA 89 165.96 -50.10 -117.66
C TYR YA 89 165.96 -50.01 -119.18
N HIS YA 90 166.97 -49.37 -119.75
CA HIS YA 90 167.07 -49.19 -121.23
C HIS YA 90 167.41 -50.52 -121.94
N GLU YA 91 167.99 -51.49 -121.22
CA GLU YA 91 168.23 -52.83 -121.76
C GLU YA 91 166.87 -53.50 -121.86
N PHE YA 92 166.07 -53.42 -120.80
CA PHE YA 92 164.72 -53.98 -120.81
C PHE YA 92 163.87 -53.33 -121.89
N ALA YA 93 163.98 -52.00 -122.03
CA ALA YA 93 163.19 -51.30 -123.03
C ALA YA 93 163.59 -51.71 -124.44
N ARG YA 94 164.89 -51.82 -124.70
CA ARG YA 94 165.34 -52.13 -126.06
C ARG YA 94 165.06 -53.59 -126.42
N ASN YA 95 165.07 -54.50 -125.44
CA ASN YA 95 164.78 -55.90 -125.76
C ASN YA 95 163.30 -56.09 -126.09
N LEU YA 96 162.44 -55.19 -125.63
CA LEU YA 96 161.01 -55.32 -125.90
C LEU YA 96 160.72 -55.08 -127.38
N PRO YA 97 159.72 -55.75 -127.93
CA PRO YA 97 159.31 -55.48 -129.31
C PRO YA 97 158.34 -54.30 -129.37
N VAL YA 98 158.07 -53.87 -130.59
CA VAL YA 98 157.17 -52.74 -130.81
C VAL YA 98 156.15 -53.10 -131.90
N PRO YA 99 154.85 -52.93 -131.63
CA PRO YA 99 154.24 -52.50 -130.38
C PRO YA 99 154.06 -53.67 -129.42
N THR YA 100 153.92 -53.36 -128.13
CA THR YA 100 153.69 -54.38 -127.09
C THR YA 100 152.82 -53.73 -126.04
N ASN YA 101 151.77 -54.39 -125.56
CA ASN YA 101 150.95 -53.87 -124.43
C ASN YA 101 151.74 -53.80 -123.12
N LEU YA 102 151.87 -52.61 -122.54
CA LEU YA 102 152.55 -52.37 -121.25
C LEU YA 102 151.48 -52.02 -120.21
N ASN YA 103 151.46 -52.58 -119.00
CA ASN YA 103 150.36 -52.33 -118.01
C ASN YA 103 150.97 -51.70 -116.76
N LEU YA 104 150.97 -50.37 -116.62
CA LEU YA 104 151.52 -49.76 -115.42
C LEU YA 104 150.67 -50.18 -114.22
N ILE YA 105 151.33 -50.70 -113.19
CA ILE YA 105 150.63 -51.20 -112.01
C ILE YA 105 151.25 -50.59 -110.77
N HIS YA 106 150.42 -50.37 -109.76
CA HIS YA 106 150.85 -49.80 -108.50
C HIS YA 106 150.86 -50.92 -107.45
N LEU YA 107 152.04 -51.20 -106.90
CA LEU YA 107 152.17 -52.21 -105.85
C LEU YA 107 152.20 -51.54 -104.48
N LYS YA 108 151.09 -50.90 -104.13
CA LYS YA 108 151.01 -50.22 -102.85
C LYS YA 108 151.12 -51.22 -101.70
N PRO YA 109 151.70 -50.80 -100.55
CA PRO YA 109 152.16 -49.46 -100.21
C PRO YA 109 153.58 -49.15 -100.69
N LEU YA 110 154.16 -49.98 -101.55
CA LEU YA 110 155.51 -49.72 -102.05
C LEU YA 110 155.46 -48.56 -103.04
N ARG YA 111 156.23 -47.52 -102.77
CA ARG YA 111 156.24 -46.36 -103.65
C ARG YA 111 156.98 -46.68 -104.95
N GLY YA 112 156.31 -46.45 -106.07
CA GLY YA 112 156.85 -46.73 -107.38
C GLY YA 112 155.77 -47.21 -108.31
N THR YA 113 156.18 -47.69 -109.48
CA THR YA 113 155.25 -48.15 -110.49
C THR YA 113 155.88 -49.29 -111.27
N GLY YA 114 155.32 -50.49 -111.11
CA GLY YA 114 155.79 -51.64 -111.86
C GLY YA 114 155.12 -51.76 -113.22
N LEU YA 115 155.60 -52.72 -114.00
CA LEU YA 115 155.16 -52.90 -115.37
C LEU YA 115 154.87 -54.36 -115.64
N VAL YA 116 153.76 -54.64 -116.30
CA VAL YA 116 153.42 -55.97 -116.76
C VAL YA 116 153.36 -55.93 -118.28
N VAL YA 117 154.21 -56.71 -118.94
CA VAL YA 117 154.38 -56.64 -120.38
C VAL YA 117 153.79 -57.89 -121.00
N PHE YA 118 152.72 -57.72 -121.76
CA PHE YA 118 152.11 -58.77 -122.56
C PHE YA 118 152.58 -58.71 -124.00
N SER YA 119 153.21 -59.79 -124.46
CA SER YA 119 153.70 -59.84 -125.82
C SER YA 119 152.57 -59.86 -126.85
N PRO YA 120 152.79 -59.35 -128.09
CA PRO YA 120 151.76 -59.42 -129.16
C PRO YA 120 151.38 -60.89 -129.38
N SER YA 121 152.35 -61.79 -129.23
CA SER YA 121 152.05 -63.20 -129.49
C SER YA 121 151.01 -63.73 -128.50
N LEU YA 122 151.17 -63.38 -127.22
CA LEU YA 122 150.25 -63.91 -126.21
C LEU YA 122 148.84 -63.35 -126.39
N VAL YA 123 148.73 -62.04 -126.65
CA VAL YA 123 147.40 -61.47 -126.83
C VAL YA 123 146.77 -61.99 -128.12
N PHE YA 124 147.59 -62.22 -129.15
CA PHE YA 124 147.07 -62.81 -130.38
C PHE YA 124 146.52 -64.21 -130.11
N ILE YA 125 147.26 -65.01 -129.34
CA ILE YA 125 146.81 -66.36 -129.01
C ILE YA 125 145.51 -66.31 -128.23
N ALA YA 126 145.43 -65.42 -127.23
CA ALA YA 126 144.24 -65.34 -126.41
C ALA YA 126 143.03 -64.90 -127.23
N VAL YA 127 143.20 -63.89 -128.08
CA VAL YA 127 142.07 -63.43 -128.90
C VAL YA 127 141.65 -64.51 -129.87
N ASP YA 128 142.62 -65.21 -130.46
CA ASP YA 128 142.30 -66.29 -131.37
C ASP YA 128 141.52 -67.40 -130.68
N ASN YA 129 141.94 -67.78 -129.48
CA ASN YA 129 141.24 -68.84 -128.76
C ASN YA 129 139.84 -68.41 -128.35
N LEU YA 130 139.69 -67.17 -127.88
CA LEU YA 130 138.38 -66.71 -127.44
C LEU YA 130 137.41 -66.61 -128.60
N PHE YA 131 137.85 -66.11 -129.74
CA PHE YA 131 136.95 -65.83 -130.85
C PHE YA 131 137.00 -66.96 -131.89
N GLY YA 132 136.59 -68.15 -131.45
CA GLY YA 132 136.38 -69.27 -132.33
C GLY YA 132 137.58 -69.69 -133.15
N GLY YA 133 138.74 -69.80 -132.51
CA GLY YA 133 139.93 -70.24 -133.20
C GLY YA 133 140.70 -71.32 -132.48
N ASP YA 134 140.97 -72.42 -133.18
CA ASP YA 134 141.73 -73.55 -132.59
C ASP YA 134 143.24 -73.35 -132.85
N GLY YA 135 143.66 -72.10 -133.07
CA GLY YA 135 145.07 -71.83 -133.29
C GLY YA 135 145.62 -72.67 -134.41
N ARG YA 136 144.81 -72.96 -135.43
CA ARG YA 136 145.30 -73.69 -136.60
C ARG YA 136 146.34 -72.89 -137.41
N PHE YA 137 145.97 -71.66 -137.76
CA PHE YA 137 146.90 -70.81 -138.49
C PHE YA 137 148.02 -70.22 -137.64
N PRO YA 138 149.19 -69.99 -138.23
CA PRO YA 138 150.29 -69.40 -137.46
C PRO YA 138 149.97 -67.97 -137.05
N THR YA 139 150.50 -67.56 -135.91
CA THR YA 139 150.33 -66.19 -135.45
C THR YA 139 151.16 -65.24 -136.32
N LYS YA 140 150.53 -64.19 -136.83
CA LYS YA 140 151.19 -63.20 -137.66
C LYS YA 140 151.09 -61.84 -136.99
N VAL YA 141 152.24 -61.24 -136.70
CA VAL YA 141 152.33 -59.91 -136.12
C VAL YA 141 153.22 -59.06 -137.02
N GLU YA 142 152.70 -57.94 -137.48
CA GLU YA 142 153.41 -57.04 -138.38
C GLU YA 142 153.29 -55.60 -137.92
N GLY YA 143 153.50 -55.37 -136.62
CA GLY YA 143 153.37 -54.03 -136.09
C GLY YA 143 151.95 -53.56 -135.92
N ARG YA 144 150.98 -54.48 -136.00
CA ARG YA 144 149.58 -54.11 -135.85
C ARG YA 144 149.29 -53.68 -134.42
N GLU YA 145 148.49 -52.62 -134.29
CA GLU YA 145 148.15 -52.10 -132.97
C GLU YA 145 147.01 -52.92 -132.36
N PHE YA 146 146.52 -52.46 -131.22
CA PHE YA 146 145.50 -53.16 -130.46
C PHE YA 146 144.21 -52.35 -130.49
N THR YA 147 143.13 -53.01 -130.90
CA THR YA 147 141.83 -52.35 -130.95
C THR YA 147 141.19 -52.34 -129.56
N HIS YA 148 139.98 -51.79 -129.48
CA HIS YA 148 139.28 -51.71 -128.20
C HIS YA 148 138.89 -53.10 -127.71
N THR YA 149 138.47 -53.98 -128.62
CA THR YA 149 138.15 -55.35 -128.22
C THR YA 149 139.38 -56.08 -127.72
N GLU YA 150 140.51 -55.92 -128.42
CA GLU YA 150 141.75 -56.52 -127.96
C GLU YA 150 142.16 -55.94 -126.61
N GLN YA 151 141.97 -54.64 -126.43
CA GLN YA 151 142.29 -54.01 -125.14
C GLN YA 151 141.42 -54.57 -124.03
N ARG YA 152 140.14 -54.83 -124.32
CA ARG YA 152 139.27 -55.39 -123.30
C ARG YA 152 139.66 -56.82 -122.96
N VAL YA 153 140.04 -57.61 -123.97
CA VAL YA 153 140.53 -58.96 -123.71
C VAL YA 153 141.79 -58.93 -122.85
N ILE YA 154 142.70 -58.00 -123.14
CA ILE YA 154 143.92 -57.87 -122.36
C ILE YA 154 143.61 -57.44 -120.94
N ASN YA 155 142.62 -56.56 -120.77
CA ASN YA 155 142.20 -56.16 -119.42
C ASN YA 155 141.66 -57.37 -118.67
N ARG YA 156 140.87 -58.20 -119.34
CA ARG YA 156 140.33 -59.40 -118.70
C ARG YA 156 141.45 -60.34 -118.28
N MET YA 157 142.45 -60.54 -119.14
CA MET YA 157 143.59 -61.36 -118.79
C MET YA 157 144.39 -60.75 -117.64
N LEU YA 158 144.60 -59.43 -117.70
CA LEU YA 158 145.42 -58.76 -116.70
C LEU YA 158 144.75 -58.77 -115.34
N LYS YA 159 143.42 -58.81 -115.29
CA LYS YA 159 142.76 -58.94 -114.00
C LYS YA 159 143.17 -60.23 -113.32
N LEU YA 160 143.14 -61.35 -114.05
CA LEU YA 160 143.60 -62.62 -113.50
C LEU YA 160 145.08 -62.58 -113.15
N ALA YA 161 145.89 -61.96 -114.01
CA ALA YA 161 147.32 -61.89 -113.75
C ALA YA 161 147.60 -61.12 -112.47
N LEU YA 162 146.93 -59.99 -112.27
CA LEU YA 162 147.14 -59.18 -111.08
C LEU YA 162 146.62 -59.89 -109.84
N GLU YA 163 145.47 -60.56 -109.94
CA GLU YA 163 144.98 -61.34 -108.80
C GLU YA 163 145.97 -62.42 -108.40
N GLY YA 164 146.52 -63.14 -109.39
CA GLY YA 164 147.49 -64.17 -109.09
C GLY YA 164 148.76 -63.60 -108.47
N TYR YA 165 149.24 -62.48 -109.01
CA TYR YA 165 150.44 -61.86 -108.45
C TYR YA 165 150.22 -61.39 -107.02
N SER YA 166 149.07 -60.77 -106.75
CA SER YA 166 148.77 -60.32 -105.41
C SER YA 166 148.68 -61.49 -104.44
N ASP YA 167 148.03 -62.58 -104.87
CA ASP YA 167 147.93 -63.76 -104.01
C ASP YA 167 149.31 -64.36 -103.74
N ALA YA 168 150.17 -64.39 -104.76
CA ALA YA 168 151.52 -64.92 -104.57
C ALA YA 168 152.32 -64.05 -103.60
N TRP YA 169 152.18 -62.73 -103.72
CA TRP YA 169 152.91 -61.83 -102.82
C TRP YA 169 152.30 -61.94 -101.42
N LYS YA 170 151.00 -62.22 -101.34
CA LYS YA 170 150.32 -62.26 -100.05
C LYS YA 170 151.01 -63.19 -99.05
N ALA YA 171 151.58 -64.29 -99.53
CA ALA YA 171 152.29 -65.21 -98.65
C ALA YA 171 153.46 -64.60 -97.88
N ILE YA 172 154.25 -63.76 -98.54
CA ILE YA 172 155.43 -63.16 -97.92
C ILE YA 172 155.08 -61.78 -97.37
N ASN YA 173 154.66 -60.88 -98.26
CA ASN YA 173 154.30 -59.53 -97.85
C ASN YA 173 152.97 -59.14 -98.50
N PRO YA 174 151.92 -58.88 -97.71
CA PRO YA 174 150.62 -58.58 -98.31
C PRO YA 174 150.62 -57.25 -99.05
N LEU YA 175 150.46 -57.31 -100.37
CA LEU YA 175 150.42 -56.14 -101.23
C LEU YA 175 149.13 -56.13 -102.01
N GLU YA 176 148.66 -54.93 -102.34
CA GLU YA 176 147.51 -54.76 -103.22
C GLU YA 176 147.97 -54.21 -104.56
N VAL YA 177 147.51 -54.86 -105.64
CA VAL YA 177 147.96 -54.56 -106.98
C VAL YA 177 146.84 -53.81 -107.69
N GLU YA 178 147.15 -52.61 -108.17
CA GLU YA 178 146.18 -51.78 -108.88
C GLU YA 178 146.67 -51.50 -110.29
N TYR YA 179 145.80 -51.72 -111.26
CA TYR YA 179 146.07 -51.41 -112.65
C TYR YA 179 145.64 -49.97 -112.92
N VAL YA 180 146.58 -49.14 -113.36
CA VAL YA 180 146.32 -47.71 -113.49
C VAL YA 180 146.23 -47.27 -114.94
N ARG YA 181 146.98 -47.91 -115.85
CA ARG YA 181 147.06 -47.41 -117.21
C ARG YA 181 147.67 -48.48 -118.09
N SER YA 182 147.28 -48.47 -119.36
CA SER YA 182 147.85 -49.35 -120.36
C SER YA 182 148.32 -48.50 -121.53
N GLU YA 183 149.44 -48.91 -122.12
CA GLU YA 183 150.06 -48.19 -123.22
C GLU YA 183 150.60 -49.21 -124.21
N MET YA 184 150.93 -48.73 -125.40
CA MET YA 184 151.43 -49.58 -126.47
C MET YA 184 152.87 -49.33 -126.89
N GLN YA 185 153.36 -48.11 -126.69
CA GLN YA 185 154.74 -47.78 -127.00
C GLN YA 185 155.58 -47.85 -125.73
N VAL YA 186 156.90 -47.76 -125.91
CA VAL YA 186 157.81 -47.84 -124.79
C VAL YA 186 158.09 -46.48 -124.15
N LYS YA 187 158.02 -45.40 -124.93
CA LYS YA 187 158.38 -44.08 -124.43
C LYS YA 187 157.30 -43.44 -123.58
N PHE YA 188 156.13 -44.06 -123.47
CA PHE YA 188 155.06 -43.52 -122.64
C PHE YA 188 155.12 -43.92 -121.17
N THR YA 189 155.89 -44.95 -120.82
CA THR YA 189 155.88 -45.44 -119.44
C THR YA 189 156.85 -44.67 -118.54
N ASN YA 190 158.14 -44.75 -118.86
CA ASN YA 190 159.20 -44.09 -118.07
C ASN YA 190 158.94 -44.19 -116.57
N ILE YA 191 158.98 -45.43 -116.08
CA ILE YA 191 158.77 -45.71 -114.62
C ILE YA 191 160.11 -45.55 -113.88
N THR YA 192 161.21 -45.28 -114.60
CA THR YA 192 162.55 -45.09 -114.02
C THR YA 192 162.97 -43.65 -114.23
N THR YA 193 163.43 -42.97 -113.17
CA THR YA 193 163.82 -41.54 -113.22
C THR YA 193 164.83 -41.37 -114.34
N SER YA 194 165.77 -42.32 -114.49
CA SER YA 194 166.76 -42.28 -115.55
C SER YA 194 166.79 -43.63 -116.26
N PRO YA 195 167.15 -43.65 -117.55
CA PRO YA 195 167.21 -44.91 -118.27
C PRO YA 195 168.28 -45.86 -117.77
N ASN YA 196 169.25 -45.38 -117.00
CA ASN YA 196 170.29 -46.22 -116.45
C ASN YA 196 169.92 -46.81 -115.10
N ASP YA 197 168.71 -46.57 -114.60
CA ASP YA 197 168.28 -47.17 -113.36
C ASP YA 197 168.13 -48.67 -113.51
N ILE YA 198 168.25 -49.38 -112.39
CA ILE YA 198 168.29 -50.83 -112.40
C ILE YA 198 166.90 -51.36 -112.06
N VAL YA 199 166.44 -52.34 -112.83
CA VAL YA 199 165.13 -52.94 -112.65
C VAL YA 199 165.27 -54.46 -112.65
N VAL YA 200 164.29 -55.11 -112.05
CA VAL YA 200 164.24 -56.56 -111.91
C VAL YA 200 163.21 -57.15 -112.87
N ASN YA 201 163.69 -57.93 -113.84
CA ASN YA 201 162.77 -58.47 -114.89
C ASN YA 201 162.59 -59.98 -114.80
N THR YA 202 161.34 -60.47 -114.79
CA THR YA 202 161.02 -61.88 -114.79
C THR YA 202 160.25 -62.21 -116.06
N PRO YA 203 160.85 -62.90 -117.02
CA PRO YA 203 160.10 -63.34 -118.21
C PRO YA 203 159.50 -64.72 -118.01
N PHE YA 204 158.21 -64.84 -118.30
CA PHE YA 204 157.53 -66.13 -118.31
C PHE YA 204 157.19 -66.49 -119.76
N HIS YA 205 157.25 -67.78 -120.06
CA HIS YA 205 156.88 -68.29 -121.37
C HIS YA 205 155.63 -69.14 -121.24
N VAL YA 206 154.57 -68.76 -121.94
CA VAL YA 206 153.29 -69.45 -121.90
C VAL YA 206 153.09 -70.17 -123.22
N GLU YA 207 152.89 -71.48 -123.17
CA GLU YA 207 152.66 -72.28 -124.35
C GLU YA 207 151.26 -72.87 -124.30
N ILE YA 208 150.52 -72.71 -125.40
CA ILE YA 208 149.19 -73.28 -125.57
C ILE YA 208 149.22 -74.11 -126.85
N GLY YA 209 149.03 -75.42 -126.71
CA GLY YA 209 149.18 -76.29 -127.87
C GLY YA 209 150.56 -76.14 -128.47
N ASN YA 210 150.59 -75.93 -129.78
CA ASN YA 210 151.85 -75.65 -130.46
C ASN YA 210 152.23 -74.18 -130.37
N LEU YA 211 151.26 -73.30 -130.15
CA LEU YA 211 151.53 -71.87 -130.10
C LEU YA 211 152.25 -71.49 -128.82
N THR YA 212 153.09 -70.46 -128.91
CA THR YA 212 153.87 -70.00 -127.77
C THR YA 212 153.84 -68.48 -127.71
N GLY YA 213 154.06 -67.96 -126.51
CA GLY YA 213 154.18 -66.53 -126.30
C GLY YA 213 154.91 -66.28 -125.00
N GLU YA 214 155.17 -65.02 -124.70
CA GLU YA 214 155.89 -64.68 -123.49
C GLU YA 214 155.33 -63.39 -122.90
N PHE YA 215 155.56 -63.22 -121.60
CA PHE YA 215 155.16 -61.99 -120.94
C PHE YA 215 156.07 -61.75 -119.75
N ASN YA 216 156.40 -60.50 -119.50
CA ASN YA 216 157.38 -60.14 -118.48
C ASN YA 216 156.71 -59.36 -117.35
N ILE YA 217 157.34 -59.43 -116.18
CA ILE YA 217 156.96 -58.59 -115.05
C ILE YA 217 158.19 -57.84 -114.59
N CYS YA 218 158.18 -56.51 -114.69
CA CYS YA 218 159.34 -55.68 -114.39
C CYS YA 218 159.02 -54.77 -113.22
N LEU YA 219 159.88 -54.78 -112.20
CA LEU YA 219 159.73 -53.95 -111.03
C LEU YA 219 160.98 -53.08 -110.88
N PRO YA 220 160.83 -51.76 -110.75
CA PRO YA 220 162.00 -50.92 -110.48
C PRO YA 220 162.61 -51.29 -109.14
N PHE YA 221 163.93 -51.24 -109.06
CA PHE YA 221 164.62 -51.64 -107.84
C PHE YA 221 164.30 -50.72 -106.67
N SER YA 222 163.79 -49.52 -106.92
CA SER YA 222 163.43 -48.62 -105.83
C SER YA 222 162.32 -49.22 -104.98
N MET YA 223 161.34 -49.86 -105.63
CA MET YA 223 160.25 -50.49 -104.89
C MET YA 223 160.76 -51.67 -104.06
N ILE YA 224 161.67 -52.46 -104.62
CA ILE YA 224 162.15 -53.65 -103.94
C ILE YA 224 163.10 -53.30 -102.81
N GLU YA 225 163.82 -52.19 -102.93
CA GLU YA 225 164.89 -51.86 -101.98
C GLU YA 225 164.48 -51.90 -100.52
N PRO YA 226 163.34 -51.35 -100.09
CA PRO YA 226 162.95 -51.49 -98.68
C PRO YA 226 162.72 -52.94 -98.26
N LEU YA 227 162.48 -53.85 -99.21
CA LEU YA 227 162.25 -55.25 -98.91
C LEU YA 227 163.39 -56.17 -99.33
N ARG YA 228 164.61 -55.64 -99.43
CA ARG YA 228 165.72 -56.44 -99.93
C ARG YA 228 166.08 -57.59 -98.99
N GLU YA 229 166.14 -57.30 -97.68
CA GLU YA 229 166.49 -58.33 -96.72
C GLU YA 229 165.40 -59.40 -96.70
N LEU YA 230 164.17 -59.03 -97.02
CA LEU YA 230 163.10 -60.02 -97.10
C LEU YA 230 163.19 -60.83 -98.38
N LEU YA 231 163.54 -60.17 -99.50
CA LEU YA 231 163.54 -60.82 -100.83
C LEU YA 231 164.86 -61.57 -101.08
N VAL YA 232 165.88 -61.36 -100.25
CA VAL YA 232 167.21 -62.00 -100.46
C VAL YA 232 167.20 -63.41 -99.87
N ASN YA 233 166.92 -63.59 -98.56
CA ASN YA 233 167.03 -64.92 -97.97
C ASN YA 233 165.81 -65.75 -98.33
N PRO YA 234 165.98 -67.05 -98.56
CA PRO YA 234 164.84 -67.92 -98.83
C PRO YA 234 163.88 -67.93 -97.65
N PRO YA 235 162.58 -68.00 -97.91
CA PRO YA 235 161.61 -67.95 -96.81
C PRO YA 235 161.73 -69.15 -95.90
N LEU YA 236 161.43 -68.95 -94.62
CA LEU YA 236 161.45 -70.00 -93.63
C LEU YA 236 160.06 -70.21 -93.06
N GLU YA 237 159.77 -71.45 -92.68
CA GLU YA 237 158.46 -71.82 -92.14
C GLU YA 237 158.36 -71.33 -90.71
N ASN YA 238 157.97 -70.06 -90.57
CA ASN YA 238 157.84 -69.42 -89.27
C ASN YA 238 156.51 -68.66 -89.26
N SER YA 239 156.30 -67.85 -88.23
CA SER YA 239 155.11 -67.06 -88.08
C SER YA 239 155.49 -65.61 -87.79
N ARG YA 240 154.53 -64.71 -88.01
CA ARG YA 240 154.78 -63.30 -87.72
C ARG YA 240 155.04 -63.09 -86.23
N HIS YA 241 154.36 -63.85 -85.38
CA HIS YA 241 154.64 -63.79 -83.95
C HIS YA 241 156.07 -64.22 -83.66
N GLU YA 242 156.52 -65.29 -84.30
CA GLU YA 242 157.89 -65.74 -84.09
C GLU YA 242 158.90 -64.72 -84.60
N ASP YA 243 158.60 -64.09 -85.74
CA ASP YA 243 159.51 -63.09 -86.30
C ASP YA 243 159.62 -61.87 -85.38
N GLN YA 244 158.47 -61.38 -84.88
CA GLN YA 244 158.52 -60.23 -83.99
C GLN YA 244 159.18 -60.60 -82.66
N ASN YA 245 158.98 -61.83 -82.19
CA ASN YA 245 159.68 -62.28 -80.99
C ASN YA 245 161.19 -62.31 -81.22
N TRP YA 246 161.61 -62.77 -82.40
CA TRP YA 246 163.03 -62.79 -82.74
C TRP YA 246 163.81 -61.48 -82.65
N ARG YA 247 163.28 -60.44 -83.30
CA ARG YA 247 163.96 -59.11 -83.28
C ARG YA 247 163.79 -58.50 -81.89
N ASP YA 248 162.68 -58.81 -81.21
CA ASP YA 248 162.48 -58.30 -79.83
C ASP YA 248 163.62 -58.80 -78.94
N ASN YA 249 163.88 -60.12 -78.96
CA ASN YA 249 164.98 -60.69 -78.14
C ASN YA 249 166.32 -60.10 -78.62
N LEU YA 250 166.51 -60.01 -79.94
CA LEU YA 250 167.75 -59.44 -80.50
C LEU YA 250 167.90 -57.99 -80.00
N VAL YA 251 166.81 -57.22 -80.07
CA VAL YA 251 166.83 -55.80 -79.58
C VAL YA 251 167.29 -55.82 -78.12
N ARG YA 252 166.70 -56.71 -77.30
CA ARG YA 252 167.09 -56.78 -75.90
C ARG YA 252 168.54 -57.23 -75.75
N GLN YA 253 169.01 -58.12 -76.62
CA GLN YA 253 170.42 -58.53 -76.57
C GLN YA 253 171.34 -57.38 -76.96
N VAL YA 254 170.91 -56.53 -77.89
CA VAL YA 254 171.75 -55.44 -78.35
C VAL YA 254 171.98 -54.42 -77.25
N GLN YA 255 170.97 -54.20 -76.39
CA GLN YA 255 171.05 -53.17 -75.37
C GLN YA 255 172.27 -53.33 -74.47
N HIS YA 256 172.70 -54.57 -74.24
CA HIS YA 256 173.88 -54.82 -73.40
C HIS YA 256 175.15 -54.81 -74.25
N SER YA 257 175.39 -53.68 -74.95
CA SER YA 257 176.61 -53.48 -75.78
C SER YA 257 177.19 -52.09 -75.47
N GLU YA 258 178.38 -52.02 -74.88
CA GLU YA 258 179.02 -50.74 -74.50
C GLU YA 258 179.34 -49.91 -75.76
N LEU YA 259 179.18 -48.60 -75.69
CA LEU YA 259 179.50 -47.69 -76.84
C LEU YA 259 180.62 -46.73 -76.43
N GLU YA 260 181.15 -45.96 -77.37
CA GLU YA 260 182.13 -44.91 -77.07
C GLU YA 260 181.51 -43.56 -77.40
N LEU YA 261 181.28 -42.75 -76.36
CA LEU YA 261 180.66 -41.44 -76.52
C LEU YA 261 181.72 -40.36 -76.37
N VAL YA 262 181.75 -39.43 -77.32
CA VAL YA 262 182.76 -38.38 -77.38
C VAL YA 262 182.08 -37.04 -77.33
N ALA YA 263 182.53 -36.17 -76.42
CA ALA YA 263 181.97 -34.83 -76.27
C ALA YA 263 182.92 -33.82 -76.91
N ASN YA 264 182.38 -32.95 -77.75
CA ASN YA 264 183.16 -31.93 -78.43
C ASN YA 264 182.89 -30.59 -77.74
N PHE YA 265 183.92 -30.04 -77.09
CA PHE YA 265 183.82 -28.75 -76.35
C PHE YA 265 183.85 -27.57 -77.33
N ALA YA 266 184.79 -27.58 -78.28
CA ALA YA 266 184.95 -26.47 -79.27
C ALA YA 266 185.52 -26.97 -80.58
N ASP YA 267 185.37 -26.22 -81.69
CA ASP YA 267 185.95 -26.56 -82.98
C ASP YA 267 186.50 -25.28 -83.60
N ILE YA 268 187.80 -25.08 -83.50
CA ILE YA 268 188.45 -23.84 -83.92
C ILE YA 268 189.11 -24.08 -85.26
N PRO YA 269 188.96 -23.17 -86.27
CA PRO YA 269 189.57 -23.35 -87.62
C PRO YA 269 190.92 -22.65 -87.72
N LEU YA 270 192.01 -23.42 -87.84
CA LEU YA 270 193.35 -22.83 -88.02
C LEU YA 270 193.98 -23.28 -89.34
N ARG YA 271 194.83 -22.46 -89.92
CA ARG YA 271 195.56 -22.82 -91.17
C ARG YA 271 196.70 -23.78 -90.80
N LEU YA 272 197.22 -24.49 -91.80
CA LEU YA 272 198.39 -25.39 -91.57
C LEU YA 272 199.57 -24.56 -91.04
N SER YA 273 199.72 -23.35 -91.56
CA SER YA 273 200.87 -22.51 -91.16
C SER YA 273 200.83 -22.25 -89.66
N GLN YA 274 199.64 -21.99 -89.13
CA GLN YA 274 199.54 -21.78 -87.66
C GLN YA 274 199.96 -23.08 -86.97
N ILE YA 275 199.54 -24.24 -87.49
CA ILE YA 275 199.84 -25.51 -86.77
C ILE YA 275 201.35 -25.78 -86.61
N LEU YA 276 202.14 -25.58 -87.68
CA LEU YA 276 203.61 -25.74 -87.53
C LEU YA 276 204.36 -24.79 -86.58
N LYS YA 277 203.96 -23.51 -86.60
CA LYS YA 277 204.51 -22.51 -85.64
C LYS YA 277 203.88 -22.69 -84.21
N LEU YA 278 202.78 -23.46 -84.21
CA LEU YA 278 202.04 -23.67 -82.95
C LEU YA 278 203.10 -24.37 -82.11
N LYS YA 279 203.26 -23.91 -80.87
CA LYS YA 279 204.22 -24.50 -79.92
C LYS YA 279 203.62 -24.31 -78.53
N PRO YA 280 204.02 -25.05 -77.47
CA PRO YA 280 203.35 -24.95 -76.13
C PRO YA 280 203.35 -23.52 -75.60
N GLY YA 281 202.31 -23.12 -74.87
CA GLY YA 281 202.15 -21.81 -74.28
C GLY YA 281 201.27 -20.86 -75.05
N ASP YA 282 200.94 -21.18 -76.31
CA ASP YA 282 200.11 -20.31 -77.11
C ASP YA 282 198.65 -20.37 -76.63
N VAL YA 283 197.89 -19.34 -76.99
CA VAL YA 283 196.46 -19.28 -76.68
C VAL YA 283 195.70 -19.14 -77.98
N LEU YA 284 194.77 -20.06 -78.23
CA LEU YA 284 193.94 -20.04 -79.42
C LEU YA 284 192.52 -19.68 -79.02
N PRO YA 285 191.99 -18.54 -79.45
CA PRO YA 285 190.70 -18.09 -78.93
C PRO YA 285 189.55 -18.97 -79.43
N ILE YA 286 188.60 -19.22 -78.54
CA ILE YA 286 187.42 -20.00 -78.85
C ILE YA 286 186.19 -19.21 -78.43
N GLU YA 287 185.05 -19.59 -78.99
CA GLU YA 287 183.79 -18.92 -78.73
C GLU YA 287 183.03 -19.63 -77.62
N LYS YA 288 181.92 -19.03 -77.20
CA LYS YA 288 181.10 -19.62 -76.15
C LYS YA 288 180.42 -20.87 -76.66
N PRO YA 289 180.65 -22.04 -76.04
CA PRO YA 289 179.80 -23.19 -76.32
C PRO YA 289 178.53 -23.15 -75.48
N ASP YA 290 177.39 -22.82 -76.11
CA ASP YA 290 176.10 -22.83 -75.37
C ASP YA 290 175.75 -24.27 -75.04
N ARG YA 291 175.95 -25.19 -75.99
CA ARG YA 291 175.66 -26.60 -75.79
C ARG YA 291 176.81 -27.44 -76.33
N ILE YA 292 176.97 -28.62 -75.75
CA ILE YA 292 178.04 -29.54 -76.10
C ILE YA 292 177.55 -30.78 -76.83
N ILE YA 293 177.98 -30.96 -78.06
CA ILE YA 293 177.57 -32.11 -78.87
C ILE YA 293 178.32 -33.38 -78.48
N ALA YA 294 177.57 -34.45 -78.24
CA ALA YA 294 178.13 -35.75 -77.92
C ALA YA 294 177.79 -36.70 -79.05
N HIS YA 295 178.81 -37.29 -79.65
CA HIS YA 295 178.69 -38.12 -80.83
C HIS YA 295 179.37 -39.46 -80.61
N VAL YA 296 178.85 -40.49 -81.26
CA VAL YA 296 179.43 -41.82 -81.24
C VAL YA 296 179.95 -42.12 -82.64
N ASP YA 297 181.27 -42.18 -82.77
CA ASP YA 297 181.92 -42.48 -84.06
C ASP YA 297 181.49 -41.49 -85.13
N GLY YA 298 181.30 -40.23 -84.73
CA GLY YA 298 180.93 -39.19 -85.68
C GLY YA 298 179.49 -38.77 -85.60
N VAL YA 299 178.59 -39.73 -85.40
CA VAL YA 299 177.15 -39.44 -85.40
C VAL YA 299 176.76 -38.77 -84.09
N PRO YA 300 176.23 -37.55 -84.11
CA PRO YA 300 175.88 -36.87 -82.86
C PRO YA 300 174.64 -37.49 -82.23
N VAL YA 301 174.70 -37.66 -80.91
CA VAL YA 301 173.63 -38.34 -80.18
C VAL YA 301 173.02 -37.43 -79.13
N LEU YA 302 173.81 -36.53 -78.57
CA LEU YA 302 173.38 -35.75 -77.41
C LEU YA 302 173.88 -34.34 -77.64
N THR YA 303 173.18 -33.38 -77.04
CA THR YA 303 173.71 -32.03 -76.80
C THR YA 303 173.41 -31.77 -75.33
N SER YA 304 174.43 -31.36 -74.57
CA SER YA 304 174.35 -31.30 -73.13
C SER YA 304 175.35 -30.23 -72.71
N GLN YA 305 175.09 -29.62 -71.56
CA GLN YA 305 175.83 -28.47 -71.07
C GLN YA 305 176.99 -29.07 -70.29
N TYR YA 306 178.16 -28.46 -70.41
CA TYR YA 306 179.34 -28.97 -69.73
C TYR YA 306 179.28 -28.64 -68.24
N GLY YA 307 180.06 -29.38 -67.46
CA GLY YA 307 180.12 -29.16 -66.03
C GLY YA 307 181.17 -30.06 -65.41
N THR YA 308 181.33 -29.90 -64.10
CA THR YA 308 182.27 -30.69 -63.32
C THR YA 308 181.53 -31.28 -62.13
N VAL YA 309 181.59 -32.60 -61.98
CA VAL YA 309 180.94 -33.31 -60.89
C VAL YA 309 181.88 -34.38 -60.37
N ASN YA 310 182.07 -34.42 -59.06
CA ASN YA 310 182.90 -35.42 -58.39
C ASN YA 310 184.31 -35.43 -58.96
N GLY YA 311 184.83 -34.25 -59.28
CA GLY YA 311 186.15 -34.15 -59.87
C GLY YA 311 186.23 -34.66 -61.29
N GLN YA 312 185.10 -34.97 -61.91
CA GLN YA 312 185.05 -35.49 -63.27
C GLN YA 312 184.39 -34.47 -64.19
N TYR YA 313 184.85 -34.44 -65.43
CA TYR YA 313 184.19 -33.63 -66.44
C TYR YA 313 182.81 -34.21 -66.71
N ALA YA 314 181.77 -33.44 -66.42
CA ALA YA 314 180.40 -33.92 -66.49
C ALA YA 314 179.63 -33.17 -67.56
N LEU YA 315 178.54 -33.78 -68.02
CA LEU YA 315 177.63 -33.16 -68.97
C LEU YA 315 176.21 -33.30 -68.46
N ARG YA 316 175.48 -32.19 -68.42
CA ARG YA 316 174.08 -32.18 -68.04
C ARG YA 316 173.27 -32.34 -69.32
N VAL YA 317 172.70 -33.53 -69.52
CA VAL YA 317 172.03 -33.85 -70.76
C VAL YA 317 170.82 -32.95 -70.94
N GLU YA 318 170.77 -32.27 -72.05
CA GLU YA 318 169.63 -31.41 -72.38
C GLU YA 318 168.67 -31.99 -73.41
N HIS YA 319 169.18 -32.69 -74.44
CA HIS YA 319 168.28 -33.15 -75.53
C HIS YA 319 168.87 -34.30 -76.33
N LEU YA 320 168.16 -35.44 -76.41
CA LEU YA 320 168.55 -36.53 -77.28
C LEU YA 320 168.18 -36.17 -78.71
N ILE YA 321 169.16 -36.30 -79.62
CA ILE YA 321 168.95 -35.84 -80.99
C ILE YA 321 168.13 -36.85 -81.76
N ASN YA 322 166.81 -36.69 -81.74
CA ASN YA 322 165.94 -37.54 -82.53
C ASN YA 322 165.93 -37.08 -83.98
N PRO YA 323 165.70 -38.00 -84.93
CA PRO YA 323 165.63 -37.65 -86.34
C PRO YA 323 164.23 -37.25 -86.79
N GLN ZA 52 208.43 -33.13 -103.70
CA GLN ZA 52 208.46 -32.74 -102.29
C GLN ZA 52 208.36 -31.23 -102.16
N ASP ZA 53 207.15 -30.70 -102.32
CA ASP ZA 53 206.90 -29.27 -102.25
C ASP ZA 53 206.54 -28.87 -100.82
N ILE ZA 54 206.69 -27.59 -100.52
CA ILE ZA 54 206.45 -27.10 -99.18
C ILE ZA 54 205.44 -25.95 -99.19
N ASP ZA 55 205.65 -24.97 -100.07
CA ASP ZA 55 204.69 -23.83 -100.21
C ASP ZA 55 203.38 -24.34 -100.78
N LEU ZA 56 203.37 -25.52 -101.43
CA LEU ZA 56 202.15 -26.05 -102.09
C LEU ZA 56 201.05 -26.30 -101.04
N ILE ZA 57 201.39 -26.83 -99.87
CA ILE ZA 57 200.40 -27.18 -98.81
C ILE ZA 57 200.63 -26.27 -97.60
N MET ZA 58 201.41 -25.20 -97.76
CA MET ZA 58 201.74 -24.32 -96.64
C MET ZA 58 200.52 -23.54 -96.17
N ASP ZA 59 199.45 -23.51 -96.97
CA ASP ZA 59 198.28 -22.67 -96.73
C ASP ZA 59 196.99 -23.46 -96.53
N ILE ZA 60 197.03 -24.77 -96.64
CA ILE ZA 60 195.81 -25.59 -96.56
C ILE ZA 60 195.19 -25.44 -95.18
N PRO ZA 61 193.89 -25.24 -95.05
CA PRO ZA 61 193.27 -25.13 -93.73
C PRO ZA 61 192.98 -26.48 -93.12
N VAL ZA 62 193.00 -26.52 -91.79
CA VAL ZA 62 192.70 -27.73 -91.02
C VAL ZA 62 191.73 -27.21 -89.97
N LYS ZA 63 190.92 -28.15 -89.44
CA LYS ZA 63 189.94 -27.86 -88.39
C LYS ZA 63 190.40 -28.59 -87.13
N LEU ZA 64 190.46 -27.91 -85.99
CA LEU ZA 64 190.97 -28.48 -84.75
C LEU ZA 64 189.80 -28.62 -83.78
N THR ZA 65 189.70 -29.77 -83.14
CA THR ZA 65 188.64 -30.05 -82.18
C THR ZA 65 189.26 -30.34 -80.83
N VAL ZA 66 188.53 -30.01 -79.77
CA VAL ZA 66 188.92 -30.27 -78.40
C VAL ZA 66 187.81 -31.02 -77.68
N GLU ZA 67 188.16 -31.98 -76.84
CA GLU ZA 67 187.18 -32.82 -76.18
C GLU ZA 67 186.99 -32.49 -74.72
N LEU ZA 68 185.83 -32.82 -74.16
CA LEU ZA 68 185.68 -32.77 -72.72
C LEU ZA 68 186.34 -34.03 -72.15
N GLY ZA 69 185.97 -35.19 -72.69
CA GLY ZA 69 186.58 -36.43 -72.24
C GLY ZA 69 185.96 -37.63 -72.90
N ARG ZA 70 186.62 -38.77 -72.72
CA ARG ZA 70 186.11 -40.06 -73.17
C ARG ZA 70 185.09 -40.55 -72.15
N THR ZA 71 184.28 -41.51 -72.57
CA THR ZA 71 183.46 -42.29 -71.66
C THR ZA 71 182.90 -43.37 -72.55
N ARG ZA 72 182.59 -44.52 -71.96
CA ARG ZA 72 182.09 -45.68 -72.68
C ARG ZA 72 180.87 -46.14 -71.89
N MET ZA 73 179.71 -46.17 -72.53
CA MET ZA 73 178.45 -46.34 -71.83
C MET ZA 73 177.56 -47.04 -72.85
N THR ZA 74 176.77 -48.02 -72.39
CA THR ZA 74 176.04 -48.93 -73.31
C THR ZA 74 174.76 -48.33 -73.80
N ILE ZA 75 174.05 -49.07 -74.64
CA ILE ZA 75 172.75 -48.61 -75.23
C ILE ZA 75 171.75 -48.41 -74.09
N LYS ZA 76 171.74 -49.27 -73.07
CA LYS ZA 76 170.76 -49.18 -71.96
C LYS ZA 76 170.72 -47.77 -71.35
N GLU ZA 77 171.80 -47.28 -70.73
CA GLU ZA 77 171.89 -45.96 -70.11
C GLU ZA 77 171.67 -44.82 -71.10
N LEU ZA 78 172.14 -44.97 -72.33
CA LEU ZA 78 171.87 -43.96 -73.35
C LEU ZA 78 170.39 -43.76 -73.66
N LEU ZA 79 169.63 -44.85 -73.70
CA LEU ZA 79 168.20 -44.73 -73.94
C LEU ZA 79 167.36 -44.19 -72.78
N ARG ZA 80 167.81 -44.40 -71.54
CA ARG ZA 80 167.11 -43.86 -70.38
C ARG ZA 80 167.68 -42.51 -69.86
N LEU ZA 81 168.54 -41.91 -70.67
CA LEU ZA 81 169.09 -40.60 -70.34
C LEU ZA 81 167.88 -39.69 -70.60
N THR ZA 82 167.63 -38.78 -69.65
CA THR ZA 82 166.48 -37.89 -69.76
C THR ZA 82 167.05 -36.48 -69.68
N GLN ZA 83 166.16 -35.47 -69.78
CA GLN ZA 83 166.63 -34.09 -69.64
C GLN ZA 83 167.08 -33.85 -68.23
N GLY ZA 84 168.20 -33.15 -68.05
CA GLY ZA 84 168.73 -32.86 -66.73
C GLY ZA 84 169.60 -33.95 -66.18
N SER ZA 85 169.65 -35.12 -66.82
CA SER ZA 85 170.52 -36.18 -66.35
C SER ZA 85 171.98 -35.81 -66.56
N VAL ZA 86 172.83 -36.26 -65.64
CA VAL ZA 86 174.25 -35.91 -65.63
C VAL ZA 86 175.06 -37.17 -65.89
N VAL ZA 87 176.00 -37.08 -66.83
CA VAL ZA 87 176.90 -38.19 -67.15
C VAL ZA 87 178.34 -37.68 -67.01
N ALA ZA 88 179.22 -38.48 -66.42
CA ALA ZA 88 180.63 -38.10 -66.20
C ALA ZA 88 181.47 -38.34 -67.46
N LEU ZA 89 182.79 -38.28 -67.33
CA LEU ZA 89 183.76 -38.48 -68.45
C LEU ZA 89 184.94 -39.20 -67.80
N ASP ZA 90 185.92 -39.68 -68.57
CA ASP ZA 90 187.06 -40.47 -68.04
C ASP ZA 90 188.16 -39.56 -67.48
N GLY ZA 91 188.06 -38.23 -67.63
CA GLY ZA 91 189.08 -37.30 -67.17
C GLY ZA 91 188.78 -36.50 -65.91
N LEU ZA 92 189.76 -36.44 -65.02
CA LEU ZA 92 189.65 -35.60 -63.84
C LEU ZA 92 189.56 -34.15 -64.25
N ALA ZA 93 188.77 -33.38 -63.50
CA ALA ZA 93 188.62 -31.96 -63.79
C ALA ZA 93 189.93 -31.25 -63.52
N GLY ZA 94 190.68 -30.94 -64.57
CA GLY ZA 94 191.96 -30.30 -64.41
C GLY ZA 94 193.03 -30.77 -65.39
N GLU ZA 95 192.89 -32.00 -65.91
CA GLU ZA 95 193.86 -32.45 -66.89
C GLU ZA 95 193.70 -31.67 -68.19
N PRO ZA 96 194.78 -31.52 -68.97
CA PRO ZA 96 194.66 -30.82 -70.25
C PRO ZA 96 193.85 -31.65 -71.25
N LEU ZA 97 192.94 -30.98 -71.94
CA LEU ZA 97 192.13 -31.66 -72.95
C LEU ZA 97 192.97 -31.99 -74.17
N ASP ZA 98 192.49 -32.98 -74.95
CA ASP ZA 98 193.26 -33.44 -76.13
C ASP ZA 98 192.78 -32.69 -77.38
N ILE ZA 99 193.71 -32.06 -78.09
CA ILE ZA 99 193.37 -31.34 -79.36
C ILE ZA 99 193.61 -32.32 -80.52
N LEU ZA 100 192.67 -32.41 -81.46
CA LEU ZA 100 192.79 -33.41 -82.56
C LEU ZA 100 192.48 -32.76 -83.92
N ILE ZA 101 193.07 -33.30 -85.00
CA ILE ZA 101 192.76 -32.81 -86.37
C ILE ZA 101 192.39 -34.03 -87.23
N ASN ZA 102 191.25 -33.99 -87.92
CA ASN ZA 102 190.83 -35.12 -88.80
C ASN ZA 102 190.87 -36.40 -87.95
N GLY ZA 103 190.50 -36.30 -86.67
CA GLY ZA 103 190.43 -37.48 -85.78
C GLY ZA 103 191.81 -37.98 -85.38
N TYR ZA 104 192.86 -37.17 -85.56
CA TYR ZA 104 194.26 -37.56 -85.25
C TYR ZA 104 194.81 -36.67 -84.16
N LEU ZA 105 195.42 -37.24 -83.11
CA LEU ZA 105 195.87 -36.42 -81.96
C LEU ZA 105 196.93 -35.44 -82.49
N ILE ZA 106 196.88 -34.20 -82.01
CA ILE ZA 106 197.84 -33.14 -82.47
C ILE ZA 106 198.40 -32.37 -81.28
N ALA ZA 107 197.67 -32.20 -80.17
CA ALA ZA 107 198.15 -31.34 -79.08
C ALA ZA 107 197.37 -31.64 -77.81
N GLN ZA 108 197.70 -30.89 -76.75
CA GLN ZA 108 196.97 -30.91 -75.50
C GLN ZA 108 196.94 -29.51 -74.90
N GLY ZA 109 195.77 -29.12 -74.39
CA GLY ZA 109 195.61 -27.83 -73.76
C GLY ZA 109 194.27 -27.72 -73.06
N GLU ZA 110 194.19 -26.74 -72.15
CA GLU ZA 110 192.99 -26.51 -71.36
C GLU ZA 110 192.42 -25.13 -71.66
N VAL ZA 111 191.17 -24.94 -71.27
CA VAL ZA 111 190.48 -23.67 -71.46
C VAL ZA 111 190.91 -22.69 -70.37
N VAL ZA 112 191.09 -21.43 -70.75
CA VAL ZA 112 191.50 -20.37 -69.83
C VAL ZA 112 190.61 -19.15 -70.00
N VAL ZA 113 190.29 -18.49 -68.90
CA VAL ZA 113 189.48 -17.28 -68.89
C VAL ZA 113 190.36 -16.05 -68.68
N VAL ZA 114 190.42 -15.15 -69.67
CA VAL ZA 114 191.32 -14.02 -69.56
C VAL ZA 114 190.55 -12.81 -69.02
N ALA ZA 115 189.61 -12.36 -69.84
CA ALA ZA 115 188.69 -11.27 -69.42
C ALA ZA 115 187.22 -11.68 -69.44
N ASP ZA 116 186.63 -11.75 -70.63
CA ASP ZA 116 185.25 -12.26 -70.79
C ASP ZA 116 185.36 -13.07 -72.08
N LYS ZA 117 186.55 -13.66 -72.32
CA LYS ZA 117 186.81 -14.39 -73.59
C LYS ZA 117 187.46 -15.75 -73.27
N TYR ZA 118 187.31 -16.72 -74.18
CA TYR ZA 118 187.84 -18.09 -73.88
C TYR ZA 118 188.87 -18.53 -74.92
N GLY ZA 119 189.80 -19.39 -74.51
CA GLY ZA 119 190.78 -19.96 -75.41
C GLY ZA 119 191.50 -21.15 -74.80
N VAL ZA 120 192.20 -21.89 -75.64
CA VAL ZA 120 192.89 -23.09 -75.22
C VAL ZA 120 194.35 -22.71 -75.04
N ARG ZA 121 194.91 -23.09 -73.90
CA ARG ZA 121 196.31 -22.84 -73.56
C ARG ZA 121 197.02 -24.18 -73.74
N ILE ZA 122 197.70 -24.33 -74.87
CA ILE ZA 122 198.33 -25.61 -75.21
C ILE ZA 122 199.48 -25.88 -74.26
N THR ZA 123 199.52 -27.10 -73.73
CA THR ZA 123 200.55 -27.49 -72.76
C THR ZA 123 201.79 -28.07 -73.42
N ASP ZA 124 201.62 -28.92 -74.43
CA ASP ZA 124 202.77 -29.56 -75.06
C ASP ZA 124 202.35 -30.09 -76.43
N ILE ZA 125 203.34 -30.60 -77.16
CA ILE ZA 125 203.14 -31.24 -78.45
C ILE ZA 125 203.57 -32.70 -78.31
N ILE ZA 126 202.70 -33.61 -78.67
CA ILE ZA 126 202.96 -35.03 -78.47
C ILE ZA 126 203.88 -35.56 -79.55
N THR ZA 127 205.05 -36.04 -79.14
CA THR ZA 127 205.95 -36.74 -80.03
C THR ZA 127 205.38 -38.13 -80.33
N PRO ZA 128 205.82 -38.76 -81.42
CA PRO ZA 128 205.29 -40.09 -81.75
C PRO ZA 128 205.44 -41.10 -80.62
N SER ZA 129 206.57 -41.06 -79.89
CA SER ZA 129 206.79 -42.00 -78.80
C SER ZA 129 205.61 -41.96 -77.84
N GLU ZA 130 205.23 -40.76 -77.39
CA GLU ZA 130 204.03 -40.62 -76.59
C GLU ZA 130 202.79 -41.16 -77.29
N ARG ZA 131 202.62 -40.80 -78.57
CA ARG ZA 131 201.47 -41.34 -79.34
C ARG ZA 131 201.47 -42.87 -79.29
N MET ZA 132 202.64 -43.50 -79.38
CA MET ZA 132 202.70 -44.98 -79.40
C MET ZA 132 202.17 -45.54 -78.07
N ARG ZA 133 202.53 -44.91 -76.95
CA ARG ZA 133 202.07 -45.39 -75.63
C ARG ZA 133 200.58 -45.03 -75.46
N ARG ZA 134 200.13 -44.04 -76.23
CA ARG ZA 134 198.70 -43.59 -76.17
C ARG ZA 134 197.90 -44.80 -76.71
N LEU ZA 135 198.26 -45.24 -77.92
CA LEU ZA 135 197.65 -46.46 -78.48
C LEU ZA 135 197.87 -47.73 -77.66
N SER ZA 136 199.07 -47.88 -77.08
CA SER ZA 136 199.40 -49.11 -76.30
C SER ZA 136 198.62 -49.13 -74.98
N ARG ZA 137 198.30 -47.96 -74.40
CA ARG ZA 137 197.65 -47.99 -73.10
C ARG ZA 137 196.60 -46.91 -72.99
N ASP AB 53 210.12 -30.45 -86.90
CA ASP AB 53 208.75 -29.91 -86.88
C ASP AB 53 207.97 -30.29 -88.14
N ILE AB 54 208.69 -30.55 -89.23
CA ILE AB 54 208.04 -30.98 -90.46
C ILE AB 54 207.44 -32.36 -90.20
N ASP AB 55 208.13 -33.18 -89.39
CA ASP AB 55 207.64 -34.51 -89.08
C ASP AB 55 206.25 -34.51 -88.47
N LEU AB 56 205.95 -33.50 -87.64
CA LEU AB 56 204.62 -33.40 -87.06
C LEU AB 56 203.48 -33.24 -88.06
N ILE AB 57 203.71 -32.42 -89.09
CA ILE AB 57 202.65 -32.14 -90.10
C ILE AB 57 202.96 -32.91 -91.39
N MET AB 58 203.70 -34.03 -91.30
CA MET AB 58 204.07 -34.77 -92.50
C MET AB 58 203.18 -36.02 -92.39
N ASP AB 59 202.53 -36.23 -91.23
CA ASP AB 59 201.74 -37.48 -91.04
C ASP AB 59 200.23 -37.22 -90.94
N ILE AB 60 199.81 -35.99 -90.59
CA ILE AB 60 198.39 -35.69 -90.38
C ILE AB 60 197.42 -36.01 -91.52
N PRO AB 61 196.25 -36.63 -91.24
CA PRO AB 61 195.22 -36.89 -92.27
C PRO AB 61 194.57 -35.58 -92.72
N VAL AB 62 194.02 -35.56 -93.93
CA VAL AB 62 193.36 -34.38 -94.48
C VAL AB 62 192.34 -34.96 -95.45
N LYS AB 63 191.31 -34.17 -95.75
CA LYS AB 63 190.22 -34.63 -96.60
C LYS AB 63 190.44 -34.04 -97.98
N LEU AB 64 190.40 -34.89 -99.00
CA LEU AB 64 190.62 -34.48 -100.38
C LEU AB 64 189.33 -34.67 -101.15
N THR AB 65 189.00 -33.73 -102.02
CA THR AB 65 187.83 -33.82 -102.88
C THR AB 65 188.22 -33.38 -104.28
N VAL AB 66 187.43 -33.80 -105.26
CA VAL AB 66 187.57 -33.31 -106.63
C VAL AB 66 186.18 -32.99 -107.15
N GLU AB 67 186.00 -31.77 -107.66
CA GLU AB 67 184.68 -31.32 -108.08
C GLU AB 67 184.59 -31.38 -109.60
N LEU AB 68 183.49 -31.96 -110.12
CA LEU AB 68 183.32 -32.16 -111.58
C LEU AB 68 182.61 -30.98 -112.25
N GLY AB 69 181.77 -30.24 -111.51
CA GLY AB 69 180.93 -29.18 -112.10
C GLY AB 69 180.83 -27.95 -111.23
N ARG AB 70 180.42 -26.82 -111.82
CA ARG AB 70 180.24 -25.54 -111.09
C ARG AB 70 179.19 -24.71 -111.85
N THR AB 71 178.09 -24.34 -111.19
CA THR AB 71 177.00 -23.58 -111.82
C THR AB 71 176.50 -22.57 -110.83
N ARG AB 72 176.08 -21.39 -111.27
CA ARG AB 72 175.44 -20.36 -110.45
C ARG AB 72 173.95 -20.32 -110.76
N MET AB 73 173.14 -20.37 -109.69
CA MET AB 73 171.67 -20.42 -109.91
C MET AB 73 170.90 -19.61 -108.87
N THR AB 74 169.69 -19.19 -109.21
CA THR AB 74 168.79 -18.46 -108.33
C THR AB 74 167.89 -19.55 -107.73
N ILE AB 75 166.93 -19.14 -106.90
CA ILE AB 75 166.12 -20.19 -106.20
C ILE AB 75 164.91 -20.55 -107.06
N LYS AB 76 164.44 -19.58 -107.85
CA LYS AB 76 163.38 -19.93 -108.81
C LYS AB 76 163.94 -21.15 -109.51
N GLU AB 77 165.18 -21.05 -110.00
CA GLU AB 77 165.77 -22.17 -110.77
C GLU AB 77 165.94 -23.42 -109.91
N LEU AB 78 166.43 -23.29 -108.67
CA LEU AB 78 166.70 -24.49 -107.85
C LEU AB 78 165.40 -25.21 -107.51
N LEU AB 79 164.36 -24.46 -107.15
CA LEU AB 79 163.04 -25.03 -106.80
C LEU AB 79 162.44 -25.68 -108.05
N ARG AB 80 162.63 -25.05 -109.21
CA ARG AB 80 162.04 -25.55 -110.47
C ARG AB 80 162.59 -26.96 -110.75
N LEU AB 81 163.88 -27.19 -110.50
CA LEU AB 81 164.46 -28.56 -110.65
C LEU AB 81 163.47 -29.56 -110.01
N THR AB 82 163.15 -30.67 -110.68
CA THR AB 82 162.31 -31.73 -110.07
C THR AB 82 163.07 -33.03 -110.12
N GLN AB 83 162.38 -34.17 -110.04
CA GLN AB 83 163.08 -35.44 -110.18
C GLN AB 83 163.37 -35.70 -111.65
N GLY AB 84 164.61 -36.07 -111.95
CA GLY AB 84 165.01 -36.31 -113.32
C GLY AB 84 165.43 -35.07 -114.09
N SER AB 85 165.35 -33.89 -113.49
CA SER AB 85 165.76 -32.68 -114.19
C SER AB 85 167.26 -32.68 -114.41
N VAL AB 86 167.68 -32.25 -115.59
CA VAL AB 86 169.09 -32.18 -115.96
C VAL AB 86 169.58 -30.75 -115.75
N VAL AB 87 170.66 -30.60 -114.99
CA VAL AB 87 171.24 -29.30 -114.70
C VAL AB 87 172.54 -29.19 -115.48
N ALA AB 88 172.61 -28.19 -116.36
CA ALA AB 88 173.82 -27.96 -117.13
C ALA AB 88 174.95 -27.39 -116.29
N LEU AB 89 176.18 -27.75 -116.65
CA LEU AB 89 177.37 -27.27 -115.97
C LEU AB 89 178.24 -26.28 -116.73
N ASP AB 90 178.60 -25.17 -116.08
CA ASP AB 90 179.44 -24.17 -116.74
C ASP AB 90 180.73 -24.79 -117.34
N GLY AB 91 181.30 -25.73 -116.59
CA GLY AB 91 182.42 -26.51 -117.10
C GLY AB 91 182.28 -27.33 -118.37
N LEU AB 92 183.12 -27.04 -119.36
CA LEU AB 92 183.08 -27.79 -120.61
C LEU AB 92 183.64 -29.19 -120.39
N ALA AB 93 183.30 -30.11 -121.30
CA ALA AB 93 183.83 -31.46 -121.20
C ALA AB 93 185.31 -31.48 -121.47
N GLY AB 94 186.04 -32.24 -120.65
CA GLY AB 94 187.47 -32.40 -120.82
C GLY AB 94 188.33 -31.37 -120.12
N GLU AB 95 187.74 -30.30 -119.59
CA GLU AB 95 188.54 -29.32 -118.87
C GLU AB 95 189.05 -29.90 -117.55
N PRO AB 96 190.20 -29.48 -116.99
CA PRO AB 96 190.73 -30.11 -115.75
C PRO AB 96 189.79 -29.87 -114.57
N LEU AB 97 189.37 -30.94 -113.88
CA LEU AB 97 188.49 -30.84 -112.67
C LEU AB 97 189.25 -30.13 -111.54
N ASP AB 98 188.61 -29.28 -110.76
CA ASP AB 98 189.33 -28.69 -109.59
C ASP AB 98 189.57 -29.78 -108.55
N ILE AB 99 190.71 -29.79 -107.86
CA ILE AB 99 191.00 -30.68 -106.75
C ILE AB 99 191.18 -29.81 -105.51
N LEU AB 100 190.39 -30.08 -104.48
CA LEU AB 100 190.32 -29.26 -103.29
C LEU AB 100 190.79 -30.06 -102.08
N ILE AB 101 191.42 -29.37 -101.14
CA ILE AB 101 191.85 -29.95 -99.88
C ILE AB 101 191.16 -29.16 -98.77
N ASN AB 102 190.22 -29.80 -98.08
CA ASN AB 102 189.40 -29.13 -97.06
C ASN AB 102 188.73 -27.89 -97.65
N GLY AB 103 188.30 -28.00 -98.90
CA GLY AB 103 187.68 -26.89 -99.59
C GLY AB 103 188.63 -25.87 -100.18
N TYR AB 104 189.93 -26.15 -100.19
CA TYR AB 104 190.93 -25.22 -100.71
C TYR AB 104 191.52 -25.78 -102.00
N LEU AB 105 191.41 -25.00 -103.07
CA LEU AB 105 191.89 -25.45 -104.38
C LEU AB 105 193.41 -25.42 -104.42
N ILE AB 106 194.01 -26.53 -104.87
CA ILE AB 106 195.46 -26.57 -104.97
C ILE AB 106 195.89 -27.04 -106.36
N ALA AB 107 195.03 -27.75 -107.08
CA ALA AB 107 195.47 -28.40 -108.30
C ALA AB 107 194.29 -28.60 -109.25
N GLN AB 108 194.64 -28.89 -110.51
CA GLN AB 108 193.68 -29.18 -111.55
C GLN AB 108 194.09 -30.47 -112.26
N GLY AB 109 193.11 -31.31 -112.56
CA GLY AB 109 193.37 -32.56 -113.25
C GLY AB 109 192.20 -33.27 -113.88
N GLU AB 110 192.48 -34.07 -114.89
CA GLU AB 110 191.43 -34.81 -115.59
C GLU AB 110 190.87 -36.03 -114.90
N VAL AB 111 189.70 -36.47 -115.34
CA VAL AB 111 188.94 -37.52 -114.67
C VAL AB 111 189.41 -38.78 -115.37
N VAL AB 112 189.67 -39.82 -114.59
CA VAL AB 112 190.05 -41.14 -115.10
C VAL AB 112 189.59 -42.18 -114.09
N VAL AB 113 189.17 -43.34 -114.58
CA VAL AB 113 188.68 -44.41 -113.73
C VAL AB 113 189.68 -45.56 -113.74
N VAL AB 114 190.07 -46.02 -112.56
CA VAL AB 114 191.08 -47.11 -112.43
C VAL AB 114 190.50 -48.26 -111.60
N ALA AB 115 190.49 -49.49 -112.13
CA ALA AB 115 190.03 -50.68 -111.37
C ALA AB 115 188.59 -50.48 -110.89
N ASP AB 116 187.74 -49.86 -111.71
CA ASP AB 116 186.29 -49.68 -111.41
C ASP AB 116 186.07 -48.72 -110.22
N LYS AB 117 187.07 -47.89 -109.91
CA LYS AB 117 186.94 -46.90 -108.81
C LYS AB 117 187.28 -45.52 -109.39
N TYR AB 118 186.48 -44.50 -109.06
CA TYR AB 118 186.78 -43.13 -109.56
C TYR AB 118 188.20 -42.67 -109.24
N GLY AB 119 188.76 -41.83 -110.11
CA GLY AB 119 190.09 -41.29 -109.86
C GLY AB 119 190.30 -40.01 -110.64
N VAL AB 120 191.48 -39.43 -110.46
CA VAL AB 120 191.83 -38.19 -111.13
C VAL AB 120 193.34 -38.14 -111.29
N ARG AB 121 193.79 -37.72 -112.47
CA ARG AB 121 195.21 -37.52 -112.76
C ARG AB 121 195.59 -36.06 -112.58
N ILE AB 122 196.57 -35.80 -111.72
CA ILE AB 122 196.97 -34.42 -111.43
C ILE AB 122 197.68 -33.83 -112.65
N THR AB 123 196.95 -33.06 -113.44
CA THR AB 123 197.56 -32.41 -114.60
C THR AB 123 198.54 -31.34 -114.16
N ASP AB 124 198.13 -30.47 -113.23
CA ASP AB 124 199.04 -29.43 -112.78
C ASP AB 124 198.60 -28.93 -111.40
N ILE AB 125 199.52 -28.23 -110.74
CA ILE AB 125 199.23 -27.55 -109.49
C ILE AB 125 199.16 -26.06 -109.78
N ILE AB 126 198.05 -25.43 -109.42
CA ILE AB 126 197.85 -24.02 -109.73
C ILE AB 126 198.69 -23.16 -108.80
N THR AB 127 199.49 -22.29 -109.38
CA THR AB 127 200.22 -21.23 -108.71
C THR AB 127 199.25 -20.08 -108.39
N PRO AB 128 199.47 -19.35 -107.28
CA PRO AB 128 198.46 -18.37 -106.85
C PRO AB 128 198.22 -17.27 -107.86
N SER AB 129 198.89 -17.29 -109.02
CA SER AB 129 198.62 -16.30 -110.05
C SER AB 129 197.20 -16.53 -110.55
N GLU AB 130 196.76 -17.79 -110.66
CA GLU AB 130 195.41 -18.10 -111.21
C GLU AB 130 194.30 -17.85 -110.18
N ARG AB 131 194.65 -17.71 -108.90
CA ARG AB 131 193.68 -17.55 -107.83
C ARG AB 131 192.97 -16.21 -107.98
N MET AB 132 193.71 -15.18 -108.35
CA MET AB 132 193.05 -13.88 -108.63
C MET AB 132 191.96 -14.13 -109.68
N ARG AB 133 192.31 -14.84 -110.75
CA ARG AB 133 191.35 -15.14 -111.85
C ARG AB 133 190.22 -16.10 -111.43
N ARG AB 134 190.45 -16.88 -110.37
CA ARG AB 134 189.41 -17.82 -109.86
C ARG AB 134 188.25 -17.00 -109.29
N LEU AB 135 188.46 -15.68 -109.12
CA LEU AB 135 187.39 -14.80 -108.58
C LEU AB 135 187.33 -13.50 -109.42
N ALA BB 37 182.66 6.83 -80.92
CA ALA BB 37 181.37 6.65 -80.25
C ALA BB 37 180.22 6.96 -81.20
N VAL BB 38 180.51 6.96 -82.50
CA VAL BB 38 179.50 7.24 -83.50
C VAL BB 38 178.45 6.14 -83.57
N PHE BB 39 178.88 4.87 -83.55
CA PHE BB 39 177.95 3.77 -83.62
C PHE BB 39 177.13 3.69 -82.35
N GLN BB 40 175.84 3.39 -82.49
CA GLN BB 40 174.93 3.30 -81.35
C GLN BB 40 174.85 1.84 -80.94
N GLN BB 41 174.91 1.59 -79.64
CA GLN BB 41 174.98 0.23 -79.11
C GLN BB 41 173.63 -0.47 -79.10
N LEU BB 42 173.48 -1.45 -79.99
CA LEU BB 42 172.25 -2.23 -80.09
C LEU BB 42 172.27 -3.48 -79.23
N GLY BB 43 171.17 -3.74 -78.54
CA GLY BB 43 171.08 -4.91 -77.68
C GLY BB 43 169.63 -5.23 -77.39
N GLY BB 44 169.41 -6.46 -76.94
CA GLY BB 44 168.07 -6.93 -76.64
C GLY BB 44 167.17 -6.98 -77.86
N GLY BB 45 167.69 -7.41 -79.00
CA GLY BB 45 166.91 -7.47 -80.21
C GLY BB 45 166.38 -8.85 -80.52
N ASP BB 46 166.47 -9.76 -79.56
CA ASP BB 46 165.96 -11.13 -79.73
C ASP BB 46 164.45 -11.14 -79.47
N VAL BB 47 163.72 -10.55 -80.41
CA VAL BB 47 162.27 -10.44 -80.28
C VAL BB 47 161.62 -11.81 -80.41
N SER BB 48 161.77 -12.44 -81.57
CA SER BB 48 161.21 -13.75 -81.84
C SER BB 48 161.83 -14.27 -83.14
N GLY BB 49 161.47 -15.50 -83.48
CA GLY BB 49 161.93 -16.10 -84.72
C GLY BB 49 160.90 -17.02 -85.34
N ALA BB 50 160.54 -16.76 -86.59
CA ALA BB 50 159.57 -17.59 -87.29
C ALA BB 50 159.84 -17.52 -88.79
N MET BB 51 159.92 -18.68 -89.43
CA MET BB 51 160.10 -18.70 -90.88
C MET BB 51 158.93 -18.00 -91.56
N GLN BB 52 159.25 -17.16 -92.54
CA GLN BB 52 158.22 -16.37 -93.18
C GLN BB 52 157.76 -17.14 -94.41
N ASP BB 53 158.64 -17.29 -95.39
CA ASP BB 53 158.35 -17.97 -96.63
C ASP BB 53 159.64 -17.98 -97.43
N ILE BB 54 159.70 -18.82 -98.46
CA ILE BB 54 160.93 -19.01 -99.21
C ILE BB 54 161.04 -18.14 -100.46
N ASP BB 55 160.07 -17.25 -100.64
CA ASP BB 55 160.09 -16.32 -101.77
C ASP BB 55 160.60 -14.93 -101.42
N LEU BB 56 160.74 -14.63 -100.13
CA LEU BB 56 161.32 -13.32 -99.72
C LEU BB 56 162.79 -13.37 -100.15
N ILE BB 57 163.41 -14.54 -100.03
CA ILE BB 57 164.87 -14.74 -100.32
C ILE BB 57 165.07 -15.36 -101.71
N MET BB 58 164.04 -15.49 -102.54
CA MET BB 58 164.18 -16.27 -103.79
C MET BB 58 165.28 -15.93 -104.81
N ASP BB 59 165.26 -14.70 -105.34
CA ASP BB 59 166.23 -14.33 -106.40
C ASP BB 59 167.58 -14.04 -105.75
N ILE BB 60 168.07 -14.97 -104.94
CA ILE BB 60 169.42 -14.80 -104.33
C ILE BB 60 170.31 -15.86 -104.99
N PRO BB 61 171.48 -15.50 -105.56
CA PRO BB 61 172.32 -16.48 -106.30
C PRO BB 61 172.80 -17.57 -105.36
N VAL BB 62 172.79 -18.81 -105.84
CA VAL BB 62 173.29 -19.95 -105.02
C VAL BB 62 174.55 -20.48 -105.74
N LYS BB 63 175.47 -21.06 -104.99
CA LYS BB 63 176.67 -21.60 -105.61
C LYS BB 63 176.51 -23.11 -105.71
N LEU BB 64 176.04 -23.58 -106.86
CA LEU BB 64 175.83 -25.01 -107.06
C LEU BB 64 177.10 -25.66 -107.57
N THR BB 65 177.42 -26.82 -107.00
CA THR BB 65 178.64 -27.54 -107.33
C THR BB 65 178.39 -29.04 -107.24
N VAL BB 66 178.71 -29.76 -108.30
CA VAL BB 66 178.65 -31.21 -108.32
C VAL BB 66 180.01 -31.81 -108.00
N GLU BB 67 180.03 -32.81 -107.14
CA GLU BB 67 181.28 -33.42 -106.68
C GLU BB 67 181.54 -34.80 -107.27
N LEU BB 68 182.74 -34.99 -107.81
CA LEU BB 68 183.05 -36.23 -108.50
C LEU BB 68 183.28 -37.33 -107.47
N GLY BB 69 184.09 -37.04 -106.45
CA GLY BB 69 184.40 -38.06 -105.47
C GLY BB 69 185.11 -37.52 -104.25
N ARG BB 70 185.35 -38.42 -103.31
CA ARG BB 70 186.00 -38.11 -102.06
C ARG BB 70 187.10 -39.15 -101.85
N THR BB 71 188.00 -38.88 -100.92
CA THR BB 71 189.01 -39.79 -100.49
C THR BB 71 189.69 -39.20 -99.27
N ARG BB 72 189.76 -39.98 -98.20
CA ARG BB 72 190.51 -39.58 -97.01
C ARG BB 72 191.95 -40.01 -97.21
N MET BB 73 192.86 -39.04 -97.17
CA MET BB 73 194.26 -39.30 -97.43
C MET BB 73 195.09 -38.34 -96.59
N THR BB 74 196.23 -38.80 -96.12
CA THR BB 74 197.09 -38.01 -95.28
C THR BB 74 198.15 -37.29 -96.11
N ILE BB 75 198.90 -36.42 -95.43
CA ILE BB 75 199.98 -35.68 -96.09
C ILE BB 75 201.08 -36.61 -96.59
N LYS BB 76 201.17 -37.81 -96.00
CA LYS BB 76 202.15 -38.81 -96.42
C LYS BB 76 202.16 -38.97 -97.94
N GLU BB 77 201.05 -39.44 -98.50
CA GLU BB 77 200.98 -39.58 -99.95
C GLU BB 77 200.82 -38.23 -100.64
N LEU BB 78 200.27 -37.24 -99.93
CA LEU BB 78 200.11 -35.92 -100.54
C LEU BB 78 201.27 -35.26 -101.27
N LEU BB 79 202.44 -35.23 -100.65
CA LEU BB 79 203.60 -34.67 -101.35
C LEU BB 79 204.24 -35.72 -102.31
N ARG BB 80 203.98 -36.99 -102.02
CA ARG BB 80 204.47 -38.06 -102.93
C ARG BB 80 203.88 -37.80 -104.32
N LEU BB 81 202.71 -37.14 -104.38
CA LEU BB 81 202.09 -36.82 -105.65
C LEU BB 81 202.84 -35.94 -106.64
N THR BB 82 203.02 -36.46 -107.85
CA THR BB 82 203.66 -35.73 -108.94
C THR BB 82 202.69 -35.57 -110.09
N GLN BB 83 203.14 -34.85 -111.13
CA GLN BB 83 202.31 -34.68 -112.32
C GLN BB 83 202.13 -36.02 -113.02
N GLY BB 84 200.90 -36.29 -113.46
CA GLY BB 84 200.58 -37.54 -114.09
C GLY BB 84 200.23 -38.67 -113.15
N SER BB 85 200.35 -38.46 -111.84
CA SER BB 85 199.94 -39.47 -110.88
C SER BB 85 198.42 -39.59 -110.85
N VAL BB 86 197.94 -40.73 -110.34
CA VAL BB 86 196.52 -41.03 -110.28
C VAL BB 86 196.14 -41.26 -108.83
N VAL BB 87 195.10 -40.58 -108.37
CA VAL BB 87 194.60 -40.71 -107.01
C VAL BB 87 193.25 -41.40 -107.05
N ALA BB 88 193.16 -42.57 -106.43
CA ALA BB 88 191.91 -43.30 -106.38
C ALA BB 88 190.96 -42.61 -105.39
N LEU BB 89 189.69 -42.55 -105.77
CA LEU BB 89 188.66 -41.93 -104.96
C LEU BB 89 187.81 -43.00 -104.28
N ASP BB 90 187.32 -42.69 -103.09
CA ASP BB 90 186.50 -43.64 -102.35
C ASP BB 90 185.23 -44.02 -103.08
N GLY BB 91 184.63 -43.07 -103.79
CA GLY BB 91 183.42 -43.34 -104.55
C GLY BB 91 183.60 -44.35 -105.66
N LEU BB 92 182.75 -45.37 -105.66
CA LEU BB 92 182.79 -46.37 -106.72
C LEU BB 92 182.36 -45.75 -108.04
N ALA BB 93 182.97 -46.22 -109.13
CA ALA BB 93 182.66 -45.66 -110.44
C ALA BB 93 181.22 -45.97 -110.83
N GLY BB 94 180.55 -44.97 -111.40
CA GLY BB 94 179.17 -45.11 -111.80
C GLY BB 94 178.15 -44.83 -110.73
N GLU BB 95 178.59 -44.59 -109.49
CA GLU BB 95 177.66 -44.25 -108.43
C GLU BB 95 177.11 -42.84 -108.63
N PRO BB 96 175.95 -42.54 -108.07
CA PRO BB 96 175.41 -41.17 -108.16
C PRO BB 96 176.36 -40.18 -107.51
N LEU BB 97 176.53 -39.04 -108.16
CA LEU BB 97 177.39 -37.98 -107.68
C LEU BB 97 176.63 -37.07 -106.72
N ASP BB 98 177.39 -36.27 -105.97
CA ASP BB 98 176.83 -35.42 -104.93
C ASP BB 98 176.66 -34.00 -105.45
N ILE BB 99 175.57 -33.36 -105.05
CA ILE BB 99 175.26 -31.99 -105.45
C ILE BB 99 175.20 -31.15 -104.19
N LEU BB 100 175.92 -30.04 -104.18
CA LEU BB 100 175.97 -29.14 -103.04
C LEU BB 100 175.59 -27.73 -103.49
N ILE BB 101 174.93 -26.99 -102.61
CA ILE BB 101 174.70 -25.58 -102.82
C ILE BB 101 175.37 -24.82 -101.69
N ASN BB 102 176.31 -23.94 -102.04
CA ASN BB 102 177.13 -23.23 -101.07
C ASN BB 102 177.85 -24.22 -100.14
N GLY BB 103 178.27 -25.36 -100.70
CA GLY BB 103 179.01 -26.35 -99.96
C GLY BB 103 178.20 -27.23 -99.04
N TYR BB 104 176.88 -27.21 -99.14
CA TYR BB 104 176.01 -28.02 -98.30
C TYR BB 104 175.36 -29.07 -99.18
N LEU BB 105 175.51 -30.34 -98.80
CA LEU BB 105 174.97 -31.43 -99.61
C LEU BB 105 173.45 -31.43 -99.51
N ILE BB 106 172.78 -31.44 -100.66
CA ILE BB 106 171.33 -31.45 -100.72
C ILE BB 106 170.79 -32.66 -101.46
N ALA BB 107 171.42 -33.06 -102.56
CA ALA BB 107 170.85 -34.09 -103.42
C ALA BB 107 171.94 -34.93 -104.03
N GLN BB 108 171.52 -36.08 -104.55
CA GLN BB 108 172.37 -37.00 -105.30
C GLN BB 108 171.81 -37.10 -106.71
N GLY BB 109 172.70 -36.93 -107.70
CA GLY BB 109 172.29 -36.93 -109.09
C GLY BB 109 173.17 -37.91 -109.86
N GLU BB 110 173.00 -37.88 -111.17
CA GLU BB 110 173.75 -38.74 -112.09
C GLU BB 110 174.27 -37.88 -113.23
N VAL BB 111 175.51 -38.13 -113.62
CA VAL BB 111 176.17 -37.30 -114.64
C VAL BB 111 175.77 -37.75 -116.03
N VAL BB 112 175.45 -36.78 -116.89
CA VAL BB 112 175.06 -37.02 -118.27
C VAL BB 112 175.77 -36.00 -119.16
N VAL BB 113 175.90 -36.34 -120.44
CA VAL BB 113 176.53 -35.47 -121.43
C VAL BB 113 175.46 -35.03 -122.42
N VAL BB 114 175.24 -33.72 -122.49
CA VAL BB 114 174.23 -33.18 -123.43
C VAL BB 114 174.88 -32.10 -124.33
N ALA BB 115 174.92 -32.35 -125.65
CA ALA BB 115 175.53 -31.39 -126.61
C ALA BB 115 176.98 -31.08 -126.27
N ASP BB 116 177.75 -32.07 -125.79
CA ASP BB 116 179.21 -31.90 -125.53
C ASP BB 116 179.40 -31.02 -124.27
N LYS BB 117 178.35 -30.85 -123.47
CA LYS BB 117 178.45 -30.06 -122.23
C LYS BB 117 178.11 -30.95 -121.03
N TYR BB 118 178.86 -30.85 -119.94
CA TYR BB 118 178.60 -31.75 -118.83
C TYR BB 118 177.34 -31.33 -118.08
N GLY BB 119 176.56 -32.31 -117.68
CA GLY BB 119 175.31 -32.03 -116.98
C GLY BB 119 175.00 -33.14 -116.00
N VAL BB 120 174.49 -32.75 -114.84
CA VAL BB 120 174.03 -33.69 -113.82
C VAL BB 120 172.51 -33.78 -113.89
N ARG BB 121 172.00 -34.98 -113.62
CA ARG BB 121 170.56 -35.22 -113.59
C ARG BB 121 170.16 -35.54 -112.17
N ILE BB 122 169.40 -34.63 -111.54
CA ILE BB 122 169.02 -34.82 -110.14
C ILE BB 122 168.16 -36.08 -110.01
N THR BB 123 168.56 -36.95 -109.11
CA THR BB 123 167.83 -38.20 -108.87
C THR BB 123 167.08 -38.21 -107.55
N ASP BB 124 167.71 -37.85 -106.44
CA ASP BB 124 166.98 -37.92 -105.18
C ASP BB 124 167.62 -37.00 -104.14
N ILE BB 125 166.79 -36.25 -103.43
CA ILE BB 125 167.27 -35.47 -102.30
C ILE BB 125 167.68 -36.42 -101.18
N ILE BB 126 168.89 -36.20 -100.64
CA ILE BB 126 169.40 -37.11 -99.63
C ILE BB 126 168.55 -37.04 -98.37
N THR BB 127 168.61 -38.10 -97.60
CA THR BB 127 167.91 -38.31 -96.34
C THR BB 127 168.81 -37.98 -95.17
N PRO BB 128 168.24 -37.61 -94.02
CA PRO BB 128 169.10 -37.35 -92.84
C PRO BB 128 169.95 -38.56 -92.46
N SER BB 129 169.42 -39.77 -92.61
CA SER BB 129 170.22 -40.96 -92.35
C SER BB 129 171.47 -41.13 -93.21
N GLU BB 130 171.34 -40.89 -94.52
CA GLU BB 130 172.52 -40.97 -95.39
C GLU BB 130 173.46 -39.77 -95.17
N ARG BB 131 172.89 -38.65 -94.75
CA ARG BB 131 173.70 -37.49 -94.39
C ARG BB 131 174.67 -37.87 -93.28
N MET BB 132 174.14 -38.47 -92.21
CA MET BB 132 175.01 -38.94 -91.13
C MET BB 132 175.92 -40.13 -91.48
N ARG BB 133 175.45 -40.95 -92.43
CA ARG BB 133 176.27 -42.04 -92.94
C ARG BB 133 177.46 -41.37 -93.61
N ARG BB 134 177.19 -40.31 -94.38
CA ARG BB 134 178.29 -39.56 -95.00
C ARG BB 134 179.21 -38.97 -93.93
N LEU BB 135 178.65 -38.46 -92.85
CA LEU BB 135 179.45 -37.82 -91.82
C LEU BB 135 180.43 -38.81 -91.18
N SER BB 136 179.97 -40.02 -90.88
CA SER BB 136 180.82 -41.03 -90.27
C SER BB 136 181.69 -41.73 -91.31
N LYS CB 514 75.06 -68.54 -130.98
CA LYS CB 514 75.87 -67.34 -131.06
C LYS CB 514 76.90 -67.44 -132.19
N ASP CB 515 77.38 -68.66 -132.43
CA ASP CB 515 78.35 -68.88 -133.50
C ASP CB 515 77.73 -68.60 -134.86
N GLU CB 516 76.48 -69.03 -135.08
CA GLU CB 516 75.82 -68.79 -136.35
C GLU CB 516 75.59 -67.31 -136.58
N GLN CB 517 75.17 -66.58 -135.54
CA GLN CB 517 74.98 -65.14 -135.68
C GLN CB 517 76.29 -64.44 -135.98
N LEU CB 518 77.38 -64.85 -135.31
CA LEU CB 518 78.68 -64.25 -135.59
C LEU CB 518 79.12 -64.54 -137.02
N GLN CB 519 78.87 -65.77 -137.50
CA GLN CB 519 79.22 -66.11 -138.88
C GLN CB 519 78.41 -65.28 -139.88
N GLN CB 520 77.12 -65.08 -139.61
CA GLN CB 520 76.29 -64.27 -140.50
C GLN CB 520 76.76 -62.82 -140.50
N ARG CB 521 77.10 -62.28 -139.33
CA ARG CB 521 77.61 -60.91 -139.26
C ARG CB 521 78.93 -60.79 -140.01
N ARG CB 522 79.81 -61.79 -139.88
CA ARG CB 522 81.07 -61.78 -140.61
C ARG CB 522 80.85 -61.84 -142.11
N ALA CB 523 79.88 -62.65 -142.56
CA ALA CB 523 79.59 -62.73 -143.99
C ALA CB 523 79.05 -61.40 -144.51
N ASN CB 524 78.15 -60.75 -143.76
CA ASN CB 524 77.65 -59.45 -144.17
C ASN CB 524 78.77 -58.42 -144.22
N GLN CB 525 79.67 -58.45 -143.22
CA GLN CB 525 80.79 -57.53 -143.21
C GLN CB 525 81.73 -57.78 -144.38
N ARG CB 526 81.96 -59.05 -144.73
CA ARG CB 526 82.84 -59.40 -145.82
C ARG CB 526 82.21 -59.21 -147.19
N LEU CB 527 80.88 -59.07 -147.23
CA LEU CB 527 80.14 -58.86 -148.51
C LEU CB 527 80.02 -57.35 -148.74
N GLY CB 528 79.54 -56.61 -147.75
CA GLY CB 528 79.40 -55.15 -147.86
C GLY CB 528 80.74 -54.44 -147.97
N ALA CB 529 81.80 -55.00 -147.37
CA ALA CB 529 83.15 -54.41 -147.46
C ALA CB 529 83.66 -54.70 -148.87
N GLU CB 530 83.39 -55.90 -149.39
CA GLU CB 530 83.82 -56.27 -150.76
C GLU CB 530 83.11 -55.34 -151.75
N VAL CB 531 81.81 -55.02 -151.41
CA VAL CB 531 81.02 -54.01 -152.18
C VAL CB 531 81.62 -52.63 -151.91
N MET CB 532 81.99 -52.36 -150.65
CA MET CB 532 82.57 -51.06 -150.26
C MET CB 532 83.90 -50.84 -150.99
N SER CB 533 84.71 -51.90 -151.10
CA SER CB 533 86.03 -51.82 -151.79
C SER CB 533 85.77 -51.50 -153.27
N GLN CB 534 84.76 -52.13 -153.87
CA GLN CB 534 84.38 -51.84 -155.28
C GLN CB 534 83.90 -50.40 -155.37
N ARG CB 535 83.11 -49.95 -154.37
CA ARG CB 535 82.55 -48.57 -154.35
C ARG CB 535 83.67 -47.54 -154.26
N ILE CB 536 84.72 -47.80 -153.48
CA ILE CB 536 85.83 -46.81 -153.25
C ILE CB 536 86.68 -46.73 -154.51
N ARG CB 537 86.69 -47.77 -155.36
CA ARG CB 537 87.47 -47.78 -156.59
C ARG CB 537 86.80 -46.94 -157.66
N GLU CB 538 85.47 -47.05 -157.78
CA GLU CB 538 84.75 -46.21 -158.75
C GLU CB 538 84.90 -44.74 -158.40
N MET CB 539 84.76 -44.39 -157.11
CA MET CB 539 84.87 -43.00 -156.69
C MET CB 539 86.27 -42.45 -156.92
N SER CB 540 87.31 -43.23 -156.63
CA SER CB 540 88.68 -42.79 -156.83
C SER CB 540 89.02 -42.65 -158.31
N ASP CB 541 88.50 -43.56 -159.14
CA ASP CB 541 88.65 -43.39 -160.58
C ASP CB 541 87.93 -42.15 -161.08
N ASN CB 542 86.79 -41.80 -160.48
CA ASN CB 542 86.11 -40.56 -160.85
C ASN CB 542 86.95 -39.34 -160.45
N ASP CB 543 87.54 -39.37 -159.25
CA ASP CB 543 88.32 -38.25 -158.74
C ASP CB 543 89.48 -38.79 -157.92
N PRO CB 544 90.69 -38.86 -158.51
CA PRO CB 544 91.83 -39.38 -157.72
C PRO CB 544 92.41 -38.37 -156.76
N ARG CB 545 92.45 -37.08 -157.14
CA ARG CB 545 93.05 -36.07 -156.26
C ARG CB 545 92.16 -35.75 -155.07
N VAL CB 546 90.85 -35.92 -155.20
CA VAL CB 546 89.94 -35.62 -154.10
C VAL CB 546 90.20 -36.55 -152.92
N VAL CB 547 90.46 -37.83 -153.21
CA VAL CB 547 90.76 -38.79 -152.14
C VAL CB 547 92.04 -38.41 -151.42
N ALA CB 548 93.08 -38.02 -152.17
CA ALA CB 548 94.33 -37.62 -151.53
C ALA CB 548 94.15 -36.36 -150.70
N LEU CB 549 93.36 -35.40 -151.20
CA LEU CB 549 93.08 -34.19 -150.44
C LEU CB 549 92.33 -34.51 -149.15
N VAL CB 550 91.35 -35.41 -149.22
CA VAL CB 550 90.60 -35.80 -148.04
C VAL CB 550 91.51 -36.51 -147.03
N ILE CB 551 92.41 -37.35 -147.53
CA ILE CB 551 93.35 -38.03 -146.64
C ILE CB 551 94.26 -37.03 -145.95
N ARG CB 552 94.75 -36.04 -146.70
CA ARG CB 552 95.61 -35.01 -146.11
C ARG CB 552 94.85 -34.19 -145.08
N GLN CB 553 93.59 -33.88 -145.37
CA GLN CB 553 92.76 -33.15 -144.41
C GLN CB 553 92.54 -33.97 -143.15
N TRP CB 554 92.36 -35.28 -143.29
CA TRP CB 554 92.20 -36.14 -142.12
C TRP CB 554 93.45 -36.13 -141.26
N MET CB 555 94.63 -36.19 -141.89
CA MET CB 555 95.87 -36.12 -141.14
C MET CB 555 96.04 -34.77 -140.46
N SER CB 556 95.68 -33.68 -141.15
CA SER CB 556 95.77 -32.35 -140.54
C SER CB 556 94.85 -32.23 -139.34
N ASN CB 557 93.63 -32.76 -139.44
CA ASN CB 557 92.70 -32.72 -138.32
C ASN CB 557 93.14 -33.65 -137.20
N ASP CB 558 93.90 -34.69 -137.52
CA ASP CB 558 94.38 -35.62 -136.49
C ASP CB 558 95.34 -34.92 -135.53
N HIS CB 559 96.00 -33.86 -135.97
CA HIS CB 559 96.93 -33.13 -135.12
C HIS CB 559 96.18 -32.36 -134.03
N GLY DB 6 93.12 -40.99 -137.81
CA GLY DB 6 92.62 -41.00 -139.18
C GLY DB 6 93.66 -41.45 -140.19
N THR DB 7 94.93 -41.20 -139.87
CA THR DB 7 96.01 -41.60 -140.76
C THR DB 7 96.08 -43.11 -140.89
N ASP DB 8 95.91 -43.83 -139.77
CA ASP DB 8 95.93 -45.29 -139.82
C ASP DB 8 94.77 -45.83 -140.66
N LYS DB 9 93.59 -45.21 -140.51
CA LYS DB 9 92.44 -45.61 -141.32
C LYS DB 9 92.70 -45.33 -142.80
N SER DB 10 93.32 -44.19 -143.10
CA SER DB 10 93.65 -43.87 -144.48
C SER DB 10 94.64 -44.87 -145.05
N VAL DB 11 95.64 -45.25 -144.25
CA VAL DB 11 96.61 -46.24 -144.70
C VAL DB 11 95.95 -47.60 -144.95
N ILE DB 12 95.04 -48.00 -144.06
CA ILE DB 12 94.34 -49.26 -144.24
C ILE DB 12 93.48 -49.22 -145.50
N LEU DB 13 92.79 -48.11 -145.73
CA LEU DB 13 91.97 -47.97 -146.93
C LEU DB 13 92.83 -48.02 -148.20
N LEU DB 14 93.98 -47.36 -148.18
CA LEU DB 14 94.89 -47.37 -149.32
C LEU DB 14 95.41 -48.79 -149.58
N MET DB 15 95.75 -49.51 -148.52
CA MET DB 15 96.21 -50.90 -148.67
C MET DB 15 95.11 -51.77 -149.24
N THR DB 16 93.87 -51.59 -148.77
CA THR DB 16 92.75 -52.39 -149.26
C THR DB 16 92.28 -51.97 -150.65
N ILE DB 17 92.69 -50.78 -151.12
CA ILE DB 17 92.24 -50.31 -152.43
C ILE DB 17 92.96 -51.05 -153.54
N GLY DB 18 94.28 -51.05 -153.51
CA GLY DB 18 95.07 -51.70 -154.54
C GLY DB 18 96.35 -50.96 -154.86
N GLU DB 19 97.26 -51.62 -155.57
CA GLU DB 19 98.56 -51.00 -155.86
C GLU DB 19 98.42 -49.81 -156.80
N ASP DB 20 97.61 -49.96 -157.85
CA ASP DB 20 97.50 -48.89 -158.85
C ASP DB 20 96.82 -47.66 -158.27
N ARG DB 21 95.71 -47.85 -157.57
CA ARG DB 21 94.99 -46.73 -156.98
C ARG DB 21 95.84 -46.02 -155.93
N ALA DB 22 96.54 -46.80 -155.08
CA ALA DB 22 97.40 -46.19 -154.08
C ALA DB 22 98.56 -45.44 -154.73
N ALA DB 23 99.13 -45.98 -155.80
CA ALA DB 23 100.20 -45.29 -156.51
C ALA DB 23 99.72 -43.98 -157.11
N GLU DB 24 98.52 -43.99 -157.70
CA GLU DB 24 97.96 -42.76 -158.25
C GLU DB 24 97.70 -41.74 -157.15
N VAL DB 25 97.17 -42.19 -156.01
CA VAL DB 25 96.92 -41.28 -154.90
C VAL DB 25 98.22 -40.68 -154.39
N PHE DB 26 99.26 -41.49 -154.26
CA PHE DB 26 100.55 -40.99 -153.81
C PHE DB 26 101.12 -39.99 -154.81
N LYS DB 27 100.98 -40.27 -156.10
CA LYS DB 27 101.40 -39.31 -157.12
C LYS DB 27 100.59 -38.02 -157.03
N HIS DB 28 99.36 -38.08 -156.53
CA HIS DB 28 98.55 -36.90 -156.28
C HIS DB 28 98.61 -36.45 -154.82
N LEU DB 29 99.68 -36.83 -154.11
CA LEU DB 29 99.83 -36.51 -152.70
C LEU DB 29 101.18 -35.85 -152.46
N SER DB 30 101.27 -35.11 -151.35
CA SER DB 30 102.49 -34.41 -150.98
C SER DB 30 103.55 -35.39 -150.51
N THR DB 31 104.80 -34.90 -150.47
CA THR DB 31 105.93 -35.75 -150.11
C THR DB 31 105.83 -36.28 -148.69
N ARG DB 32 105.54 -35.40 -147.73
CA ARG DB 32 105.42 -35.82 -146.33
C ARG DB 32 104.25 -36.78 -146.16
N GLU DB 33 103.12 -36.46 -146.78
CA GLU DB 33 101.95 -37.33 -146.69
C GLU DB 33 102.23 -38.69 -147.31
N VAL DB 34 102.89 -38.70 -148.47
CA VAL DB 34 103.20 -39.96 -149.15
C VAL DB 34 104.14 -40.80 -148.30
N GLN DB 35 105.16 -40.16 -147.72
CA GLN DB 35 106.11 -40.90 -146.87
C GLN DB 35 105.41 -41.47 -145.65
N ALA DB 36 104.55 -40.67 -145.00
CA ALA DB 36 103.83 -41.14 -143.83
C ALA DB 36 102.91 -42.31 -144.18
N LEU DB 37 102.20 -42.20 -145.30
CA LEU DB 37 101.31 -43.29 -145.72
C LEU DB 37 102.08 -44.56 -146.05
N SER DB 38 103.22 -44.43 -146.73
CA SER DB 38 104.02 -45.60 -147.05
C SER DB 38 104.58 -46.26 -145.79
N THR DB 39 105.02 -45.44 -144.82
CA THR DB 39 105.59 -45.99 -143.60
C THR DB 39 104.53 -46.67 -142.75
N ALA DB 40 103.40 -46.00 -142.52
CA ALA DB 40 102.39 -46.50 -141.60
C ALA DB 40 101.74 -47.78 -142.11
N MET DB 41 101.45 -47.84 -143.41
CA MET DB 41 100.75 -48.99 -143.97
C MET DB 41 101.55 -50.27 -143.78
N ALA DB 42 102.86 -50.23 -144.10
CA ALA DB 42 103.69 -51.41 -143.95
C ALA DB 42 104.11 -51.62 -142.49
N ASN DB 43 104.14 -50.52 -141.73
CA ASN DB 43 104.58 -50.60 -140.31
C ASN DB 43 103.65 -51.36 -139.36
N VAL DB 44 102.48 -50.79 -139.07
CA VAL DB 44 101.49 -51.50 -138.21
C VAL DB 44 100.16 -51.21 -138.93
N ARG DB 45 99.41 -52.26 -139.27
CA ARG DB 45 98.09 -52.07 -139.93
C ARG DB 45 97.00 -52.60 -138.99
N GLN DB 46 95.97 -51.79 -138.75
CA GLN DB 46 94.87 -52.20 -137.84
C GLN DB 46 93.56 -52.26 -138.63
N ILE DB 47 92.81 -53.35 -138.50
CA ILE DB 47 91.49 -53.48 -139.18
C ILE DB 47 90.40 -53.62 -138.12
N SER DB 48 89.34 -52.79 -138.18
CA SER DB 48 88.27 -52.84 -137.16
C SER DB 48 86.94 -53.25 -137.83
N ASN DB 49 86.25 -54.24 -137.27
CA ASN DB 49 84.98 -54.73 -137.86
C ASN DB 49 83.96 -53.57 -137.89
N LYS DB 50 83.98 -52.73 -136.85
CA LYS DB 50 82.96 -51.65 -136.76
C LYS DB 50 83.63 -50.27 -136.84
N GLN DB 51 84.67 -50.01 -136.04
CA GLN DB 51 85.21 -48.66 -136.02
C GLN DB 51 85.70 -48.21 -137.39
N LEU DB 52 86.37 -49.10 -138.13
CA LEU DB 52 86.84 -48.74 -139.46
C LEU DB 52 85.68 -48.46 -140.40
N THR DB 53 84.62 -49.27 -140.34
CA THR DB 53 83.45 -49.03 -141.18
C THR DB 53 82.76 -47.72 -140.82
N ASP DB 54 82.63 -47.43 -139.52
CA ASP DB 54 82.01 -46.17 -139.10
C ASP DB 54 82.83 -44.97 -139.58
N VAL DB 55 84.16 -45.07 -139.45
CA VAL DB 55 85.02 -43.98 -139.90
C VAL DB 55 84.93 -43.80 -141.41
N LEU DB 56 84.90 -44.90 -142.16
CA LEU DB 56 84.78 -44.81 -143.62
C LEU DB 56 83.46 -44.17 -144.01
N SER DB 57 82.37 -44.56 -143.36
CA SER DB 57 81.06 -43.97 -143.65
C SER DB 57 81.06 -42.49 -143.34
N GLU DB 58 81.64 -42.09 -142.20
CA GLU DB 58 81.70 -40.68 -141.84
C GLU DB 58 82.52 -39.89 -142.85
N PHE DB 59 83.65 -40.45 -143.29
CA PHE DB 59 84.48 -39.77 -144.28
C PHE DB 59 83.73 -39.62 -145.61
N GLU DB 60 83.03 -40.67 -146.03
CA GLU DB 60 82.31 -40.63 -147.30
C GLU DB 60 81.15 -39.65 -147.25
N GLN DB 61 80.62 -39.42 -146.04
CA GLN DB 61 79.43 -38.52 -145.94
C GLN DB 61 79.84 -37.14 -145.41
N GLU DB 62 81.11 -36.94 -145.03
CA GLU DB 62 81.47 -35.64 -144.39
C GLU DB 62 81.28 -34.44 -145.34
N ALA DB 63 81.70 -34.53 -146.60
CA ALA DB 63 81.42 -33.41 -147.55
C ALA DB 63 81.42 -33.86 -149.00
N GLU DB 64 80.71 -33.15 -149.89
CA GLU DB 64 80.81 -33.44 -151.34
C GLU DB 64 81.77 -32.42 -151.98
N GLN DB 65 82.33 -31.50 -151.19
CA GLN DB 65 83.20 -30.41 -151.72
C GLN DB 65 84.47 -30.97 -152.37
N PHE DB 66 85.08 -32.00 -151.77
CA PHE DB 66 86.39 -32.51 -152.28
C PHE DB 66 86.24 -33.04 -153.70
N ALA DB 67 85.12 -33.71 -154.01
CA ALA DB 67 84.99 -34.37 -155.33
C ALA DB 67 85.07 -33.36 -156.48
N ALA DB 68 84.46 -32.18 -156.35
CA ALA DB 68 84.41 -31.24 -157.50
C ALA DB 68 85.63 -30.31 -157.58
N LEU DB 69 85.81 -29.43 -156.59
CA LEU DB 69 86.87 -28.43 -156.64
C LEU DB 69 88.22 -29.08 -156.87
N ASN DB 70 88.49 -30.20 -156.17
CA ASN DB 70 89.77 -30.87 -156.31
C ASN DB 70 89.89 -31.62 -157.63
N ILE DB 71 88.76 -31.92 -158.28
CA ILE DB 71 88.79 -32.63 -159.56
C ILE DB 71 89.51 -31.80 -160.61
N ASN DB 72 89.16 -30.52 -160.69
CA ASN DB 72 89.78 -29.60 -161.64
C ASN DB 72 89.92 -28.23 -160.98
N ALA DB 73 91.15 -27.96 -160.47
CA ALA DB 73 91.44 -26.67 -159.86
C ALA DB 73 92.52 -25.92 -160.64
N ASN DB 74 93.67 -26.57 -160.84
CA ASN DB 74 94.77 -25.91 -161.53
C ASN DB 74 94.52 -25.82 -163.03
N GLU DB 75 93.93 -26.86 -163.63
CA GLU DB 75 93.66 -26.83 -165.06
C GLU DB 75 92.66 -25.74 -165.42
N TYR DB 76 91.62 -25.59 -164.60
CA TYR DB 76 90.62 -24.55 -164.85
C TYR DB 76 91.25 -23.16 -164.73
N LEU DB 77 92.10 -22.95 -163.72
CA LEU DB 77 92.75 -21.67 -163.55
C LEU DB 77 93.67 -21.36 -164.73
N ARG DB 78 94.42 -22.37 -165.19
CA ARG DB 78 95.30 -22.17 -166.35
C ARG DB 78 94.50 -21.84 -167.60
N SER DB 79 93.38 -22.55 -167.83
CA SER DB 79 92.56 -22.26 -168.99
C SER DB 79 91.97 -20.87 -168.92
N VAL DB 80 91.52 -20.45 -167.74
CA VAL DB 80 90.97 -19.11 -167.56
C VAL DB 80 92.03 -18.05 -167.82
N LEU DB 81 93.25 -18.28 -167.31
CA LEU DB 81 94.33 -17.32 -167.55
C LEU DB 81 94.69 -17.24 -169.03
N VAL DB 82 94.70 -18.38 -169.72
CA VAL DB 82 95.02 -18.39 -171.14
C VAL DB 82 93.96 -17.64 -171.93
N LYS DB 83 92.68 -17.89 -171.62
CA LYS DB 83 91.60 -17.31 -172.40
C LYS DB 83 91.36 -15.84 -172.03
N ALA DB 84 91.81 -15.43 -170.85
CA ALA DB 84 91.48 -14.10 -170.36
C ALA DB 84 92.25 -13.01 -171.09
N LEU DB 85 93.58 -13.03 -171.00
CA LEU DB 85 94.42 -11.99 -171.58
C LEU DB 85 95.22 -12.52 -172.76
N GLY DB 86 95.98 -13.59 -172.57
CA GLY DB 86 96.79 -14.13 -173.66
C GLY DB 86 97.79 -15.12 -173.12
N GLU DB 87 98.50 -15.78 -174.04
CA GLU DB 87 99.49 -16.78 -173.64
C GLU DB 87 100.62 -16.15 -172.83
N GLU DB 88 101.08 -14.97 -173.26
CA GLU DB 88 102.17 -14.29 -172.55
C GLU DB 88 101.76 -13.90 -171.13
N ARG DB 89 100.56 -13.36 -170.96
CA ARG DB 89 100.09 -12.99 -169.63
C ARG DB 89 99.72 -14.21 -168.80
N ALA DB 90 99.23 -15.27 -169.45
CA ALA DB 90 98.91 -16.50 -168.73
C ALA DB 90 100.15 -17.11 -168.11
N SER DB 91 101.28 -17.07 -168.84
CA SER DB 91 102.53 -17.60 -168.28
C SER DB 91 102.94 -16.82 -167.05
N SER DB 92 102.83 -15.50 -167.08
CA SER DB 92 103.20 -14.69 -165.92
C SER DB 92 102.26 -14.96 -164.75
N LEU DB 93 100.95 -15.09 -165.02
CA LEU DB 93 100.00 -15.38 -163.95
C LEU DB 93 100.28 -16.74 -163.32
N LEU DB 94 100.55 -17.75 -164.15
CA LEU DB 94 100.87 -19.07 -163.62
C LEU DB 94 102.16 -19.06 -162.83
N GLU DB 95 103.16 -18.32 -163.29
CA GLU DB 95 104.41 -18.20 -162.55
C GLU DB 95 104.18 -17.55 -161.19
N ASP DB 96 103.37 -16.49 -161.16
CA ASP DB 96 103.06 -15.85 -159.88
C ASP DB 96 102.31 -16.80 -158.95
N ILE DB 97 101.35 -17.54 -159.49
CA ILE DB 97 100.58 -18.48 -158.67
C ILE DB 97 101.50 -19.55 -158.10
N LEU DB 98 102.42 -20.08 -158.92
CA LEU DB 98 103.37 -21.08 -158.43
C LEU DB 98 104.31 -20.49 -157.38
N GLU DB 99 104.77 -19.25 -157.60
CA GLU DB 99 105.67 -18.63 -156.64
C GLU DB 99 104.96 -18.26 -155.36
N THR DB 100 103.63 -18.19 -155.37
CA THR DB 100 102.89 -17.96 -154.13
C THR DB 100 103.17 -19.05 -153.12
N ARG DB 101 103.40 -20.28 -153.57
CA ARG DB 101 103.80 -21.39 -152.69
C ARG DB 101 105.32 -21.51 -152.75
N ASP DB 102 105.98 -21.07 -151.68
CA ASP DB 102 107.43 -21.05 -151.60
C ASP DB 102 107.92 -22.34 -150.97
N THR DB 103 109.24 -22.43 -150.79
CA THR DB 103 109.89 -23.60 -150.20
C THR DB 103 110.63 -23.19 -148.93
N THR DB 104 110.60 -24.07 -147.92
CA THR DB 104 111.22 -23.75 -146.65
C THR DB 104 112.74 -23.85 -146.72
N SER DB 105 113.25 -25.05 -147.04
CA SER DB 105 114.69 -25.26 -147.12
C SER DB 105 115.27 -24.46 -148.27
N GLY DB 106 116.40 -23.79 -148.00
CA GLY DB 106 116.99 -22.89 -148.97
C GLY DB 106 117.48 -23.57 -150.23
N ILE DB 107 117.78 -24.87 -150.16
CA ILE DB 107 118.27 -25.57 -151.34
C ILE DB 107 117.22 -25.53 -152.45
N GLU DB 108 115.97 -25.81 -152.12
CA GLU DB 108 114.91 -25.70 -153.11
C GLU DB 108 114.65 -24.25 -153.51
N THR DB 109 114.84 -23.30 -152.59
CA THR DB 109 114.70 -21.90 -152.95
C THR DB 109 115.75 -21.47 -153.96
N LEU DB 110 116.88 -22.17 -154.00
CA LEU DB 110 117.89 -21.88 -155.03
C LEU DB 110 117.48 -22.04 -156.48
N ASN DB 111 116.51 -22.94 -156.78
CA ASN DB 111 116.00 -23.11 -158.17
C ASN DB 111 114.97 -22.07 -158.61
N PHE DB 112 114.60 -21.14 -157.72
CA PHE DB 112 113.67 -20.03 -158.10
C PHE DB 112 114.50 -18.79 -158.40
N MET DB 113 115.82 -18.88 -158.19
CA MET DB 113 116.74 -17.79 -158.42
C MET DB 113 117.10 -17.88 -159.90
N GLU DB 114 117.60 -16.77 -160.43
CA GLU DB 114 118.09 -16.75 -161.81
C GLU DB 114 119.31 -17.65 -161.92
N PRO DB 115 119.48 -18.34 -163.07
CA PRO DB 115 120.66 -19.21 -163.22
C PRO DB 115 122.01 -18.57 -162.97
N GLN DB 116 122.22 -17.32 -163.42
CA GLN DB 116 123.52 -16.69 -163.22
C GLN DB 116 123.76 -16.31 -161.75
N SER DB 117 122.70 -15.92 -161.05
CA SER DB 117 122.84 -15.56 -159.64
C SER DB 117 123.25 -16.82 -158.89
N ALA DB 118 122.59 -17.95 -159.16
CA ALA DB 118 122.96 -19.19 -158.50
C ALA DB 118 124.36 -19.64 -158.91
N ALA DB 119 124.70 -19.49 -160.19
CA ALA DB 119 126.04 -19.88 -160.65
C ALA DB 119 127.11 -19.05 -159.96
N ASP DB 120 126.87 -17.75 -159.81
CA ASP DB 120 127.83 -16.92 -159.08
C ASP DB 120 127.87 -17.28 -157.60
N LEU DB 121 126.73 -17.64 -157.02
CA LEU DB 121 126.68 -17.95 -155.59
C LEU DB 121 127.45 -19.22 -155.27
N ILE DB 122 127.32 -20.26 -156.10
CA ILE DB 122 127.88 -21.56 -155.77
C ILE DB 122 129.13 -21.89 -156.58
N ARG DB 123 129.67 -20.94 -157.33
CA ARG DB 123 130.87 -21.22 -158.10
C ARG DB 123 132.07 -21.50 -157.20
N ASP DB 124 132.19 -20.73 -156.11
CA ASP DB 124 133.36 -20.84 -155.25
C ASP DB 124 133.28 -22.03 -154.29
N GLU DB 125 132.12 -22.67 -154.19
CA GLU DB 125 131.97 -23.76 -153.25
C GLU DB 125 132.77 -24.99 -153.69
N HIS DB 126 132.95 -25.90 -152.76
CA HIS DB 126 133.65 -27.14 -153.05
C HIS DB 126 132.87 -27.94 -154.10
N PRO DB 127 133.57 -28.60 -155.03
CA PRO DB 127 132.86 -29.29 -156.11
C PRO DB 127 131.85 -30.31 -155.62
N GLN DB 128 132.14 -31.04 -154.55
CA GLN DB 128 131.16 -31.98 -154.01
C GLN DB 128 129.92 -31.28 -153.47
N ILE DB 129 130.09 -30.11 -152.85
CA ILE DB 129 128.93 -29.36 -152.36
C ILE DB 129 128.10 -28.85 -153.54
N ILE DB 130 128.76 -28.43 -154.61
CA ILE DB 130 128.05 -28.03 -155.82
C ILE DB 130 127.24 -29.21 -156.32
N ALA DB 131 127.86 -30.40 -156.37
CA ALA DB 131 127.17 -31.58 -156.87
C ALA DB 131 125.97 -31.91 -155.99
N THR DB 132 126.14 -31.82 -154.68
CA THR DB 132 125.02 -32.09 -153.76
C THR DB 132 123.88 -31.12 -154.00
N ILE DB 133 124.22 -29.84 -154.18
CA ILE DB 133 123.16 -28.83 -154.47
C ILE DB 133 122.44 -29.22 -155.77
N LEU DB 134 123.18 -29.66 -156.79
CA LEU DB 134 122.57 -29.93 -158.12
C LEU DB 134 121.53 -31.06 -158.08
N VAL DB 135 121.78 -32.15 -157.35
CA VAL DB 135 120.83 -33.31 -157.39
C VAL DB 135 119.62 -32.89 -156.56
N HIS DB 136 119.80 -31.98 -155.60
CA HIS DB 136 118.63 -31.46 -154.83
C HIS DB 136 117.93 -30.36 -155.64
N LEU DB 137 118.67 -29.69 -156.52
CA LEU DB 137 118.09 -28.61 -157.36
C LEU DB 137 117.29 -29.24 -158.52
N LYS DB 138 116.36 -28.46 -159.10
CA LYS DB 138 115.57 -28.95 -160.26
C LYS DB 138 116.56 -29.23 -161.41
N ARG DB 139 116.31 -30.28 -162.19
CA ARG DB 139 117.25 -30.67 -163.27
C ARG DB 139 117.43 -29.53 -164.27
N SER DB 140 116.33 -28.91 -164.72
CA SER DB 140 116.44 -27.85 -165.76
C SER DB 140 117.40 -26.76 -165.26
N GLN DB 141 117.23 -26.31 -164.01
CA GLN DB 141 118.05 -25.22 -163.46
C GLN DB 141 119.51 -25.67 -163.42
N ALA DB 142 119.75 -26.88 -162.90
CA ALA DB 142 121.10 -27.39 -162.78
C ALA DB 142 121.81 -27.41 -164.12
N ALA DB 143 121.09 -27.77 -165.19
CA ALA DB 143 121.69 -27.78 -166.52
C ALA DB 143 122.12 -26.37 -166.93
N ASP DB 144 121.26 -25.39 -166.67
CA ASP DB 144 121.63 -24.00 -166.99
C ASP DB 144 122.83 -23.55 -166.18
N ILE DB 145 122.87 -23.91 -164.88
CA ILE DB 145 124.00 -23.54 -164.04
C ILE DB 145 125.32 -24.09 -164.56
N LEU DB 146 125.32 -25.38 -164.92
CA LEU DB 146 126.53 -25.99 -165.46
C LEU DB 146 126.92 -25.38 -166.81
N ALA DB 147 125.93 -24.96 -167.58
CA ALA DB 147 126.20 -24.28 -168.85
C ALA DB 147 126.98 -22.99 -168.58
N LEU DB 148 126.60 -22.28 -167.51
CA LEU DB 148 127.29 -21.01 -167.16
C LEU DB 148 128.64 -21.32 -166.49
N PHE DB 149 128.85 -22.56 -166.05
CA PHE DB 149 130.09 -22.88 -165.30
C PHE DB 149 131.25 -23.10 -166.26
N ASP DB 150 132.47 -22.76 -165.82
CA ASP DB 150 133.66 -23.02 -166.62
C ASP DB 150 133.71 -24.50 -166.99
N GLU DB 151 134.36 -24.79 -168.13
CA GLU DB 151 134.37 -26.15 -168.65
C GLU DB 151 135.06 -27.13 -167.70
N ARG DB 152 136.15 -26.69 -167.06
CA ARG DB 152 136.83 -27.55 -166.10
C ARG DB 152 135.91 -27.86 -164.91
N LEU DB 153 135.33 -26.84 -164.31
CA LEU DB 153 134.39 -27.05 -163.21
C LEU DB 153 133.18 -27.83 -163.69
N ARG DB 154 132.72 -27.57 -164.92
CA ARG DB 154 131.58 -28.31 -165.45
C ARG DB 154 131.87 -29.80 -165.52
N HIS DB 155 133.01 -30.18 -166.09
CA HIS DB 155 133.37 -31.59 -166.19
C HIS DB 155 133.56 -32.20 -164.80
N ASP DB 156 134.22 -31.48 -163.89
CA ASP DB 156 134.46 -32.02 -162.56
C ASP DB 156 133.13 -32.28 -161.84
N VAL DB 157 132.23 -31.30 -161.89
CA VAL DB 157 130.96 -31.45 -161.20
C VAL DB 157 130.12 -32.55 -161.84
N MET DB 158 130.15 -32.65 -163.17
CA MET DB 158 129.41 -33.73 -163.82
C MET DB 158 129.94 -35.09 -163.41
N LEU DB 159 131.27 -35.23 -163.32
CA LEU DB 159 131.86 -36.49 -162.87
C LEU DB 159 131.43 -36.80 -161.45
N ARG DB 160 131.43 -35.79 -160.57
CA ARG DB 160 130.96 -36.01 -159.20
C ARG DB 160 129.49 -36.42 -159.18
N ILE DB 161 128.68 -35.85 -160.07
CA ILE DB 161 127.28 -36.22 -160.16
C ILE DB 161 127.15 -37.68 -160.55
N ALA DB 162 127.97 -38.13 -161.50
CA ALA DB 162 127.87 -39.52 -161.97
C ALA DB 162 128.13 -40.51 -160.86
N THR DB 163 129.14 -40.25 -160.02
CA THR DB 163 129.57 -41.18 -158.99
C THR DB 163 129.21 -40.70 -157.58
N PHE DB 164 128.06 -40.08 -157.42
CA PHE DB 164 127.65 -39.60 -156.10
C PHE DB 164 127.45 -40.78 -155.15
N GLY DB 165 127.77 -40.55 -153.88
CA GLY DB 165 127.74 -41.62 -152.90
C GLY DB 165 126.96 -41.32 -151.63
N GLY DB 166 126.13 -40.29 -151.65
CA GLY DB 166 125.29 -39.99 -150.50
C GLY DB 166 125.91 -39.15 -149.39
N VAL DB 167 125.15 -38.19 -148.89
CA VAL DB 167 125.63 -37.29 -147.85
C VAL DB 167 125.31 -37.67 -146.43
N GLN DB 168 126.15 -37.26 -145.48
CA GLN DB 168 125.88 -37.51 -144.08
C GLN DB 168 124.72 -36.56 -143.75
N PRO DB 169 123.78 -36.99 -142.92
CA PRO DB 169 122.66 -36.10 -142.57
C PRO DB 169 123.12 -34.82 -141.89
N ALA DB 170 124.17 -34.88 -141.07
CA ALA DB 170 124.66 -33.67 -140.41
C ALA DB 170 125.19 -32.66 -141.42
N ALA DB 171 125.96 -33.13 -142.40
CA ALA DB 171 126.49 -32.23 -143.42
C ALA DB 171 125.38 -31.64 -144.26
N LEU DB 172 124.38 -32.45 -144.62
CA LEU DB 172 123.25 -31.93 -145.38
C LEU DB 172 122.49 -30.88 -144.60
N ALA DB 173 122.26 -31.13 -143.31
CA ALA DB 173 121.58 -30.14 -142.48
C ALA DB 173 122.41 -28.86 -142.37
N GLU DB 174 123.73 -29.00 -142.27
CA GLU DB 174 124.60 -27.83 -142.18
C GLU DB 174 124.52 -26.99 -143.46
N LEU DB 175 124.57 -27.65 -144.62
CA LEU DB 175 124.42 -26.93 -145.89
C LEU DB 175 123.05 -26.28 -145.97
N THR DB 176 122.02 -27.01 -145.54
CA THR DB 176 120.65 -26.46 -145.60
C THR DB 176 120.59 -25.18 -144.79
N GLU DB 177 121.02 -25.23 -143.53
CA GLU DB 177 120.92 -24.04 -142.65
C GLU DB 177 121.79 -22.90 -143.22
N VAL DB 178 122.99 -23.23 -143.73
CA VAL DB 178 123.88 -22.19 -144.33
C VAL DB 178 123.12 -21.56 -145.51
N LEU DB 179 122.66 -22.39 -146.45
CA LEU DB 179 122.00 -21.86 -147.63
C LEU DB 179 120.75 -21.07 -147.27
N ASN DB 180 120.05 -21.48 -146.21
CA ASN DB 180 118.88 -20.73 -145.77
C ASN DB 180 119.25 -19.33 -145.31
N GLY DB 181 120.32 -19.22 -144.50
CA GLY DB 181 120.74 -17.93 -144.02
C GLY DB 181 121.17 -16.97 -145.12
N LEU DB 182 121.44 -17.49 -146.32
CA LEU DB 182 121.87 -16.64 -147.42
C LEU DB 182 120.68 -16.22 -148.28
N LEU DB 183 119.76 -17.15 -148.53
CA LEU DB 183 118.66 -16.84 -149.47
C LEU DB 183 117.41 -16.30 -148.75
N ASP DB 184 117.15 -16.74 -147.52
CA ASP DB 184 115.88 -16.29 -146.88
C ASP DB 184 115.92 -14.76 -146.72
N GLY DB 185 117.06 -14.21 -146.31
CA GLY DB 185 117.20 -12.74 -146.22
C GLY DB 185 117.08 -12.09 -147.58
N GLN DB 186 117.70 -12.68 -148.61
CA GLN DB 186 117.72 -12.07 -149.97
C GLN DB 186 116.32 -12.06 -150.60
N ASN DB 187 115.98 -11.00 -151.32
CA ASN DB 187 114.68 -11.00 -152.07
C ASN DB 187 114.80 -12.09 -153.13
N LEU DB 188 113.73 -12.86 -153.38
CA LEU DB 188 113.85 -13.99 -154.34
C LEU DB 188 112.77 -13.91 -155.42
N LYS DB 189 112.33 -12.71 -155.82
CA LYS DB 189 111.35 -12.68 -156.91
C LYS DB 189 111.61 -11.46 -157.80
N ARG DB 190 112.65 -11.57 -158.62
CA ARG DB 190 112.96 -10.54 -159.58
C ARG DB 190 111.85 -10.45 -160.63
N SER DB 191 111.08 -9.36 -160.60
CA SER DB 191 109.96 -9.20 -161.53
C SER DB 191 110.50 -8.78 -162.88
N LYS DB 192 110.18 -9.55 -163.92
CA LYS DB 192 110.62 -9.28 -165.28
C LYS DB 192 109.44 -8.73 -166.06
N MET DB 193 109.48 -7.43 -166.35
CA MET DB 193 108.43 -6.75 -167.09
C MET DB 193 109.07 -6.12 -168.34
N GLY DB 194 108.65 -6.59 -169.52
CA GLY DB 194 109.17 -6.01 -170.77
C GLY DB 194 110.30 -6.83 -171.35
N GLY DB 195 110.02 -7.67 -172.35
CA GLY DB 195 111.05 -8.44 -173.01
C GLY DB 195 111.23 -7.98 -174.44
N VAL DB 196 110.81 -8.82 -175.38
CA VAL DB 196 110.83 -8.50 -176.79
C VAL DB 196 109.44 -8.23 -177.40
N ARG DB 197 108.42 -8.84 -176.78
CA ARG DB 197 107.04 -8.59 -177.19
C ARG DB 197 106.80 -7.12 -176.90
N THR DB 198 107.19 -6.65 -175.72
CA THR DB 198 106.99 -5.25 -175.37
C THR DB 198 107.83 -4.34 -176.27
N ALA DB 199 109.06 -4.75 -176.58
CA ALA DB 199 109.89 -3.95 -177.47
C ALA DB 199 109.28 -3.87 -178.87
N ALA DB 200 108.75 -4.99 -179.37
CA ALA DB 200 108.11 -4.96 -180.68
C ALA DB 200 106.87 -4.08 -180.67
N GLU DB 201 106.07 -4.15 -179.61
CA GLU DB 201 104.89 -3.30 -179.51
C GLU DB 201 105.27 -1.83 -179.46
N ILE DB 202 106.33 -1.49 -178.72
CA ILE DB 202 106.81 -0.11 -178.67
C ILE DB 202 107.27 0.34 -180.05
N ILE DB 203 108.01 -0.51 -180.75
CA ILE DB 203 108.54 -0.15 -182.06
C ILE DB 203 107.40 0.08 -183.05
N ASN DB 204 106.38 -0.78 -183.01
CA ASN DB 204 105.31 -0.74 -184.00
C ASN DB 204 104.51 0.56 -183.98
N LEU DB 205 104.59 1.34 -182.90
CA LEU DB 205 103.78 2.54 -182.76
C LEU DB 205 104.52 3.84 -183.02
N MET DB 206 105.76 3.80 -183.47
CA MET DB 206 106.52 5.01 -183.73
C MET DB 206 106.72 5.20 -185.24
N LYS DB 207 107.39 6.29 -185.58
CA LYS DB 207 107.57 6.66 -186.98
C LYS DB 207 108.40 5.63 -187.74
N THR DB 208 108.16 5.55 -189.06
CA THR DB 208 108.83 4.56 -189.88
C THR DB 208 110.34 4.76 -189.91
N GLN DB 209 110.79 6.01 -190.01
CA GLN DB 209 112.23 6.28 -190.04
C GLN DB 209 112.89 5.84 -188.74
N GLN DB 210 112.29 6.20 -187.60
CA GLN DB 210 112.82 5.72 -186.33
C GLN DB 210 112.71 4.20 -186.22
N GLU DB 211 111.65 3.62 -186.79
CA GLU DB 211 111.51 2.16 -186.78
C GLU DB 211 112.69 1.49 -187.47
N GLU DB 212 112.99 1.93 -188.69
CA GLU DB 212 114.10 1.33 -189.43
C GLU DB 212 115.43 1.61 -188.74
N ALA DB 213 115.60 2.82 -188.17
CA ALA DB 213 116.83 3.12 -187.46
C ALA DB 213 117.03 2.17 -186.28
N VAL DB 214 115.99 1.97 -185.47
CA VAL DB 214 116.17 1.11 -184.30
C VAL DB 214 116.34 -0.34 -184.70
N ILE DB 215 115.65 -0.82 -185.74
CA ILE DB 215 115.80 -2.23 -186.09
C ILE DB 215 117.18 -2.47 -186.68
N THR DB 216 117.70 -1.52 -187.47
CA THR DB 216 119.05 -1.72 -187.98
C THR DB 216 120.10 -1.59 -186.89
N ALA DB 217 119.86 -0.75 -185.88
CA ALA DB 217 120.77 -0.69 -184.74
C ALA DB 217 120.79 -2.01 -183.99
N VAL DB 218 119.60 -2.60 -183.77
CA VAL DB 218 119.53 -3.88 -183.08
C VAL DB 218 120.24 -4.96 -183.90
N ARG DB 219 120.01 -4.95 -185.22
CA ARG DB 219 120.66 -5.92 -186.09
C ARG DB 219 122.18 -5.78 -186.04
N GLU DB 220 122.67 -4.54 -185.98
CA GLU DB 220 124.10 -4.33 -185.79
C GLU DB 220 124.56 -4.90 -184.46
N PHE DB 221 123.79 -4.71 -183.40
CA PHE DB 221 124.14 -5.31 -182.11
C PHE DB 221 124.08 -6.82 -182.12
N ASP DB 222 123.01 -7.39 -182.68
CA ASP DB 222 122.81 -8.83 -182.75
C ASP DB 222 121.71 -9.09 -183.76
N GLY DB 223 122.02 -9.88 -184.79
CA GLY DB 223 121.04 -10.16 -185.81
C GLY DB 223 119.87 -11.02 -185.35
N GLU DB 224 120.16 -11.99 -184.46
CA GLU DB 224 119.11 -12.87 -183.98
C GLU DB 224 118.03 -12.09 -183.22
N LEU DB 225 118.45 -11.15 -182.37
CA LEU DB 225 117.49 -10.33 -181.64
C LEU DB 225 116.64 -9.50 -182.59
N ALA DB 226 117.27 -8.94 -183.63
CA ALA DB 226 116.52 -8.16 -184.62
C ALA DB 226 115.48 -9.01 -185.34
N GLN DB 227 115.85 -10.23 -185.73
CA GLN DB 227 114.90 -11.11 -186.41
C GLN DB 227 113.76 -11.51 -185.47
N LYS DB 228 114.07 -11.78 -184.21
CA LYS DB 228 113.02 -12.13 -183.25
C LYS DB 228 112.09 -10.95 -183.05
N ILE DB 229 112.65 -9.74 -183.00
CA ILE DB 229 111.82 -8.53 -182.88
C ILE DB 229 110.92 -8.39 -184.09
N ILE DB 230 111.48 -8.62 -185.29
CA ILE DB 230 110.69 -8.51 -186.51
C ILE DB 230 109.56 -9.54 -186.57
N ASP DB 231 109.82 -10.76 -186.09
CA ASP DB 231 108.79 -11.79 -186.10
C ASP DB 231 107.70 -11.46 -185.08
N GLU DB 232 108.09 -10.94 -183.92
CA GLU DB 232 107.10 -10.57 -182.91
C GLU DB 232 106.40 -9.32 -183.39
N MET DB 233 107.01 -8.57 -184.32
CA MET DB 233 106.38 -7.34 -184.81
C MET DB 233 105.03 -7.63 -185.48
N PHE DB 234 104.99 -8.61 -186.37
CA PHE DB 234 103.77 -8.98 -187.08
C PHE DB 234 103.51 -10.47 -186.86
N LEU DB 235 102.60 -10.78 -185.96
CA LEU DB 235 102.23 -12.17 -185.67
C LEU DB 235 101.27 -12.69 -186.73
N PHE DB 236 101.01 -13.99 -186.68
CA PHE DB 236 100.09 -14.61 -187.63
C PHE DB 236 98.65 -14.43 -187.17
N GLU DB 237 98.28 -13.19 -186.85
CA GLU DB 237 96.91 -12.85 -186.50
C GLU DB 237 96.42 -11.55 -187.12
N ASN DB 238 97.30 -10.71 -187.65
CA ASN DB 238 96.93 -9.46 -188.29
C ASN DB 238 96.71 -9.62 -189.78
N LEU DB 239 96.83 -10.83 -190.31
CA LEU DB 239 96.60 -11.06 -191.73
C LEU DB 239 95.17 -10.72 -192.15
N VAL DB 240 94.23 -10.75 -191.20
CA VAL DB 240 92.87 -10.35 -191.50
C VAL DB 240 92.78 -8.88 -191.87
N ASP DB 241 93.72 -8.06 -191.40
CA ASP DB 241 93.74 -6.62 -191.70
C ASP DB 241 94.49 -6.30 -192.98
N VAL DB 242 95.04 -7.30 -193.66
CA VAL DB 242 95.75 -7.08 -194.91
C VAL DB 242 94.75 -6.82 -196.02
N ASP DB 243 95.13 -5.96 -196.97
CA ASP DB 243 94.24 -5.63 -198.07
C ASP DB 243 94.07 -6.81 -199.01
N ASP DB 244 92.93 -6.83 -199.71
CA ASP DB 244 92.65 -7.91 -200.66
C ASP DB 244 93.67 -7.93 -201.78
N ARG DB 245 94.04 -6.75 -202.28
CA ARG DB 245 95.06 -6.68 -203.35
C ARG DB 245 96.39 -7.22 -202.87
N SER DB 246 96.78 -6.89 -201.63
CA SER DB 246 98.02 -7.42 -201.08
C SER DB 246 97.96 -8.93 -200.94
N ILE DB 247 96.81 -9.45 -200.50
CA ILE DB 247 96.65 -10.89 -200.39
C ILE DB 247 96.76 -11.57 -201.75
N GLN DB 248 96.13 -11.00 -202.77
CA GLN DB 248 96.22 -11.57 -204.11
C GLN DB 248 97.64 -11.53 -204.64
N ARG DB 249 98.36 -10.42 -204.39
CA ARG DB 249 99.74 -10.32 -204.83
C ARG DB 249 100.63 -11.36 -204.12
N LEU DB 250 100.41 -11.56 -202.82
CA LEU DB 250 101.21 -12.52 -202.08
C LEU DB 250 100.85 -13.95 -202.43
N LEU DB 251 99.62 -14.18 -202.91
CA LEU DB 251 99.22 -15.53 -203.28
C LEU DB 251 100.06 -16.09 -204.43
N GLN DB 252 100.61 -15.21 -205.27
CA GLN DB 252 101.43 -15.65 -206.39
C GLN DB 252 102.76 -16.26 -205.96
N GLU DB 253 103.20 -16.00 -204.73
CA GLU DB 253 104.46 -16.53 -204.24
C GLU DB 253 104.30 -17.52 -203.08
N VAL DB 254 103.08 -17.92 -202.76
CA VAL DB 254 102.81 -18.83 -201.66
C VAL DB 254 102.52 -20.21 -202.22
N ASP DB 255 103.25 -21.22 -201.73
CA ASP DB 255 103.00 -22.59 -202.16
C ASP DB 255 101.65 -23.06 -201.64
N SER DB 256 100.94 -23.84 -202.47
CA SER DB 256 99.62 -24.31 -202.08
C SER DB 256 99.69 -25.22 -200.87
N GLU DB 257 100.65 -26.14 -200.84
CA GLU DB 257 100.78 -27.05 -199.71
C GLU DB 257 101.14 -26.29 -198.43
N SER DB 258 102.10 -25.38 -198.51
CA SER DB 258 102.49 -24.61 -197.34
C SER DB 258 101.35 -23.71 -196.86
N LEU DB 259 100.64 -23.08 -197.79
CA LEU DB 259 99.50 -22.25 -197.42
C LEU DB 259 98.42 -23.07 -196.74
N LEU DB 260 98.12 -24.25 -197.28
CA LEU DB 260 97.11 -25.12 -196.68
C LEU DB 260 97.54 -25.58 -195.28
N ILE DB 261 98.82 -25.91 -195.12
CA ILE DB 261 99.31 -26.33 -193.82
C ILE DB 261 99.20 -25.20 -192.81
N ALA DB 262 99.55 -23.98 -193.23
CA ALA DB 262 99.45 -22.83 -192.34
C ALA DB 262 98.00 -22.53 -191.97
N LEU DB 263 97.09 -22.62 -192.95
CA LEU DB 263 95.70 -22.28 -192.73
C LEU DB 263 94.89 -23.43 -192.13
N LYS DB 264 95.50 -24.60 -191.94
CA LYS DB 264 94.78 -25.71 -191.31
C LYS DB 264 94.36 -25.36 -189.89
N GLY DB 265 95.25 -24.74 -189.13
CA GLY DB 265 94.96 -24.30 -187.78
C GLY DB 265 94.58 -22.84 -187.65
N ALA DB 266 94.44 -22.12 -188.76
CA ALA DB 266 94.10 -20.70 -188.71
C ALA DB 266 92.62 -20.51 -188.41
N GLU DB 267 92.25 -19.27 -188.09
CA GLU DB 267 90.86 -18.95 -187.81
C GLU DB 267 90.03 -19.07 -189.08
N PRO DB 268 88.76 -19.46 -188.97
CA PRO DB 268 87.90 -19.58 -190.15
C PRO DB 268 87.78 -18.24 -190.86
N PRO DB 269 87.70 -17.14 -190.12
CA PRO DB 269 87.67 -15.82 -190.78
C PRO DB 269 88.90 -15.54 -191.62
N LEU DB 270 90.09 -15.93 -191.14
CA LEU DB 270 91.30 -15.73 -191.92
C LEU DB 270 91.29 -16.57 -193.19
N ARG DB 271 90.83 -17.82 -193.09
CA ARG DB 271 90.73 -18.66 -194.28
C ARG DB 271 89.74 -18.10 -195.28
N GLU DB 272 88.60 -17.59 -194.80
CA GLU DB 272 87.62 -16.99 -195.70
C GLU DB 272 88.17 -15.74 -196.37
N LYS DB 273 88.88 -14.91 -195.62
CA LYS DB 273 89.47 -13.70 -196.20
C LYS DB 273 90.54 -14.05 -197.23
N PHE DB 274 91.35 -15.06 -196.95
CA PHE DB 274 92.43 -15.47 -197.85
C PHE DB 274 91.92 -16.28 -199.03
N LEU DB 275 90.69 -16.78 -198.99
CA LEU DB 275 90.12 -17.55 -200.08
C LEU DB 275 89.38 -16.68 -201.10
N ARG DB 276 89.28 -15.38 -200.85
CA ARG DB 276 88.62 -14.47 -201.77
C ARG DB 276 89.55 -13.83 -202.78
N ASN DB 277 90.84 -14.17 -202.74
CA ASN DB 277 91.82 -13.61 -203.66
C ASN DB 277 92.14 -14.54 -204.83
N MET DB 278 91.88 -15.83 -204.71
CA MET DB 278 92.16 -16.78 -205.77
C MET DB 278 90.88 -17.05 -206.58
N SER DB 279 90.96 -17.97 -207.52
CA SER DB 279 89.80 -18.32 -208.34
C SER DB 279 88.82 -19.17 -207.54
N GLN DB 280 87.60 -19.27 -208.06
CA GLN DB 280 86.58 -20.09 -207.41
C GLN DB 280 86.99 -21.56 -207.38
N ARG DB 281 87.53 -22.06 -208.49
CA ARG DB 281 88.02 -23.44 -208.51
C ARG DB 281 89.18 -23.62 -207.54
N ALA DB 282 90.10 -22.65 -207.49
CA ALA DB 282 91.21 -22.71 -206.55
C ALA DB 282 90.71 -22.68 -205.10
N ALA DB 283 89.73 -21.83 -204.82
CA ALA DB 283 89.16 -21.78 -203.47
C ALA DB 283 88.50 -23.10 -203.09
N ASP DB 284 87.75 -23.69 -204.03
CA ASP DB 284 87.12 -24.98 -203.76
C ASP DB 284 88.16 -26.07 -203.52
N ILE DB 285 89.23 -26.07 -204.32
CA ILE DB 285 90.30 -27.05 -204.14
C ILE DB 285 90.97 -26.87 -202.80
N LEU DB 286 91.25 -25.63 -202.40
CA LEU DB 286 91.86 -25.39 -201.09
C LEU DB 286 90.93 -25.83 -199.96
N ARG DB 287 89.64 -25.55 -200.08
CA ARG DB 287 88.69 -25.99 -199.05
C ARG DB 287 88.63 -27.51 -198.96
N ASP DB 288 88.61 -28.18 -200.12
CA ASP DB 288 88.60 -29.65 -200.11
C ASP DB 288 89.87 -30.21 -199.50
N ASP DB 289 91.03 -29.61 -199.82
CA ASP DB 289 92.29 -30.07 -199.25
C ASP DB 289 92.31 -29.87 -197.75
N LEU DB 290 91.81 -28.71 -197.27
CA LEU DB 290 91.78 -28.46 -195.84
C LEU DB 290 90.84 -29.44 -195.12
N ALA DB 291 89.68 -29.73 -195.73
CA ALA DB 291 88.76 -30.69 -195.13
C ALA DB 291 89.37 -32.08 -195.09
N ASN DB 292 90.06 -32.49 -196.16
CA ASN DB 292 90.66 -33.81 -196.23
C ASN DB 292 91.93 -33.93 -195.43
N ARG DB 293 92.58 -32.81 -195.10
CA ARG DB 293 93.84 -32.86 -194.36
C ARG DB 293 93.57 -33.25 -192.92
N GLY DB 294 94.32 -34.24 -192.43
CA GLY DB 294 94.20 -34.68 -191.06
C GLY DB 294 94.99 -33.80 -190.12
N PRO DB 295 94.84 -34.06 -188.82
CA PRO DB 295 95.60 -33.29 -187.83
C PRO DB 295 97.09 -33.51 -187.99
N VAL DB 296 97.86 -32.44 -187.76
CA VAL DB 296 99.30 -32.48 -187.89
C VAL DB 296 99.92 -31.75 -186.71
N ARG DB 297 101.18 -32.07 -186.43
CA ARG DB 297 101.90 -31.39 -185.37
C ARG DB 297 102.09 -29.91 -185.68
N LEU DB 298 102.01 -29.08 -184.65
CA LEU DB 298 102.11 -27.64 -184.83
C LEU DB 298 103.50 -27.19 -185.22
N SER DB 299 104.52 -28.06 -185.12
CA SER DB 299 105.87 -27.66 -185.46
C SER DB 299 106.01 -27.31 -186.93
N GLN DB 300 105.42 -28.11 -187.82
CA GLN DB 300 105.49 -27.83 -189.25
C GLN DB 300 104.54 -26.73 -189.68
N VAL DB 301 103.36 -26.66 -189.06
CA VAL DB 301 102.42 -25.59 -189.38
C VAL DB 301 103.01 -24.23 -189.00
N GLU DB 302 103.70 -24.18 -187.85
CA GLU DB 302 104.34 -22.94 -187.43
C GLU DB 302 105.44 -22.53 -188.42
N ASN DB 303 106.21 -23.49 -188.90
CA ASN DB 303 107.25 -23.17 -189.88
C ASN DB 303 106.64 -22.67 -191.19
N GLU DB 304 105.55 -23.30 -191.64
CA GLU DB 304 104.89 -22.85 -192.86
C GLU DB 304 104.32 -21.44 -192.69
N GLN DB 305 103.71 -21.17 -191.54
CA GLN DB 305 103.19 -19.83 -191.29
C GLN DB 305 104.31 -18.81 -191.22
N LYS DB 306 105.45 -19.19 -190.62
CA LYS DB 306 106.60 -18.30 -190.58
C LYS DB 306 107.12 -17.99 -191.97
N ALA DB 307 107.18 -19.00 -192.84
CA ALA DB 307 107.62 -18.77 -194.21
C ALA DB 307 106.66 -17.85 -194.95
N ILE DB 308 105.36 -18.07 -194.76
CA ILE DB 308 104.36 -17.23 -195.42
C ILE DB 308 104.48 -15.79 -194.92
N LEU DB 309 104.64 -15.61 -193.61
CA LEU DB 309 104.80 -14.27 -193.05
C LEU DB 309 106.07 -13.60 -193.53
N LEU DB 310 107.16 -14.36 -193.66
CA LEU DB 310 108.41 -13.81 -194.18
C LEU DB 310 108.22 -13.34 -195.63
N ILE DB 311 107.53 -14.15 -196.44
CA ILE DB 311 107.28 -13.75 -197.82
C ILE DB 311 106.43 -12.49 -197.87
N VAL DB 312 105.39 -12.43 -197.03
CA VAL DB 312 104.51 -11.25 -197.01
C VAL DB 312 105.30 -10.02 -196.57
N ARG DB 313 106.14 -10.17 -195.56
CA ARG DB 313 106.94 -9.05 -195.08
C ARG DB 313 107.93 -8.58 -196.14
N ARG DB 314 108.54 -9.52 -196.86
CA ARG DB 314 109.44 -9.14 -197.95
C ARG DB 314 108.70 -8.39 -199.04
N LEU DB 315 107.49 -8.85 -199.38
CA LEU DB 315 106.69 -8.16 -200.39
C LEU DB 315 106.33 -6.75 -199.93
N ALA DB 316 105.95 -6.61 -198.66
CA ALA DB 316 105.61 -5.29 -198.13
C ALA DB 316 106.82 -4.37 -198.11
N GLU DB 317 107.98 -4.89 -197.72
CA GLU DB 317 109.20 -4.08 -197.67
C GLU DB 317 109.60 -3.64 -199.08
N THR DB 318 109.42 -4.52 -200.07
CA THR DB 318 109.68 -4.15 -201.45
C THR DB 318 108.77 -3.01 -201.89
N GLY DB 319 107.50 -3.06 -201.49
CA GLY DB 319 106.56 -2.02 -201.80
C GLY DB 319 105.42 -2.49 -202.66
N GLU DB 320 105.16 -3.80 -202.66
CA GLU DB 320 104.11 -4.41 -203.45
C GLU DB 320 102.98 -4.97 -202.61
N MET DB 321 102.77 -4.44 -201.41
CA MET DB 321 101.71 -4.91 -200.52
C MET DB 321 101.30 -3.74 -199.63
N VAL DB 322 100.08 -3.82 -199.10
CA VAL DB 322 99.57 -2.79 -198.21
C VAL DB 322 98.68 -3.44 -197.15
N ILE DB 323 98.20 -2.65 -196.19
CA ILE DB 323 97.33 -3.14 -195.13
C ILE DB 323 96.12 -2.22 -195.00
N GLY DB 324 95.12 -2.66 -194.26
CA GLY DB 324 93.91 -1.87 -194.07
C GLY DB 324 92.90 -2.53 -193.14
N SER EB 33 191.05 -16.15 -136.28
CA SER EB 33 190.04 -15.36 -135.58
C SER EB 33 188.87 -15.03 -136.50
N ASP EB 34 187.69 -15.53 -136.15
CA ASP EB 34 186.47 -15.26 -136.94
C ASP EB 34 185.89 -13.94 -136.47
N ILE EB 35 185.81 -12.99 -137.39
CA ILE EB 35 185.28 -11.67 -137.10
C ILE EB 35 184.55 -11.15 -138.33
N ARG EB 36 183.22 -11.07 -138.25
CA ARG EB 36 182.41 -10.62 -139.36
C ARG EB 36 181.52 -9.48 -138.89
N PRO EB 37 181.12 -8.53 -139.78
CA PRO EB 37 180.31 -7.34 -139.38
C PRO EB 37 178.96 -7.78 -138.85
N TYR EB 38 178.43 -7.02 -137.91
CA TYR EB 38 177.13 -7.31 -137.32
C TYR EB 38 176.04 -6.88 -138.29
N ASP EB 39 175.21 -7.84 -138.70
CA ASP EB 39 174.07 -7.57 -139.56
C ASP EB 39 172.79 -7.83 -138.77
N PRO EB 40 171.96 -6.82 -138.55
CA PRO EB 40 170.69 -7.08 -137.86
C PRO EB 40 169.78 -7.98 -138.69
N ASN EB 41 168.66 -8.34 -138.08
CA ASN EB 41 167.60 -9.20 -138.62
C ASN EB 41 168.14 -10.52 -139.20
N THR EB 42 169.33 -10.96 -138.79
CA THR EB 42 169.84 -12.25 -139.20
C THR EB 42 169.51 -13.30 -138.15
N GLN EB 43 169.20 -14.51 -138.61
CA GLN EB 43 168.82 -15.61 -137.72
C GLN EB 43 170.07 -16.10 -137.00
N ARG EB 44 170.41 -15.41 -135.90
CA ARG EB 44 171.57 -15.76 -135.11
C ARG EB 44 171.22 -16.39 -133.77
N ARG EB 45 169.97 -16.32 -133.33
CA ARG EB 45 169.54 -16.89 -132.06
C ARG EB 45 169.11 -18.33 -132.32
N VAL EB 46 169.91 -19.27 -131.83
CA VAL EB 46 169.62 -20.70 -131.96
C VAL EB 46 169.41 -21.27 -130.58
N VAL EB 47 168.21 -21.81 -130.33
CA VAL EB 47 167.84 -22.40 -129.04
C VAL EB 47 167.30 -23.78 -129.34
N ARG EB 48 168.17 -24.80 -129.25
CA ARG EB 48 167.79 -26.18 -129.52
C ARG EB 48 167.62 -26.87 -128.17
N GLU EB 49 166.44 -27.46 -127.97
CA GLU EB 49 166.14 -28.12 -126.70
C GLU EB 49 165.16 -29.25 -126.99
N ARG EB 50 165.54 -30.47 -126.63
CA ARG EB 50 164.67 -31.61 -126.79
C ARG EB 50 163.49 -31.49 -125.82
N LEU EB 51 162.28 -31.77 -126.32
CA LEU EB 51 161.06 -31.64 -125.54
C LEU EB 51 160.35 -32.99 -125.52
N GLN EB 52 160.75 -33.85 -124.56
CA GLN EB 52 160.20 -35.19 -124.50
C GLN EB 52 158.72 -35.19 -124.15
N ALA EB 53 158.34 -34.34 -123.18
CA ALA EB 53 156.93 -34.24 -122.71
C ALA EB 53 156.04 -33.85 -123.90
N LEU EB 54 156.45 -32.91 -124.77
CA LEU EB 54 155.72 -32.60 -125.99
C LEU EB 54 155.79 -33.76 -126.96
N GLU EB 55 156.91 -34.48 -126.98
CA GLU EB 55 157.05 -35.62 -127.88
C GLU EB 55 156.05 -36.72 -127.57
N ILE EB 56 155.60 -36.82 -126.32
CA ILE EB 56 154.61 -37.85 -126.00
C ILE EB 56 153.20 -37.28 -126.08
N ILE EB 57 153.07 -35.98 -125.79
CA ILE EB 57 151.76 -35.34 -125.92
C ILE EB 57 151.32 -35.36 -127.38
N ASN EB 58 152.26 -35.22 -128.30
CA ASN EB 58 151.92 -35.27 -129.72
C ASN EB 58 151.31 -36.60 -130.13
N GLU EB 59 151.91 -37.72 -129.70
CA GLU EB 59 151.34 -39.03 -130.01
C GLU EB 59 150.00 -39.26 -129.33
N ARG EB 60 149.86 -38.81 -128.09
CA ARG EB 60 148.58 -38.98 -127.41
C ARG EB 60 147.49 -38.22 -128.16
N PHE EB 61 147.80 -36.97 -128.54
CA PHE EB 61 146.85 -36.18 -129.32
C PHE EB 61 146.58 -36.81 -130.67
N ALA EB 62 147.61 -37.38 -131.30
CA ALA EB 62 147.43 -38.00 -132.60
C ALA EB 62 146.49 -39.20 -132.51
N ARG EB 63 146.64 -40.01 -131.46
CA ARG EB 63 145.73 -41.14 -131.28
C ARG EB 63 144.30 -40.64 -131.05
N GLN EB 64 144.13 -39.63 -130.19
CA GLN EB 64 142.80 -39.11 -129.94
C GLN EB 64 142.18 -38.53 -131.22
N PHE EB 65 142.97 -37.81 -132.00
CA PHE EB 65 142.47 -37.21 -133.23
C PHE EB 65 142.16 -38.26 -134.29
N ARG EB 66 142.94 -39.33 -134.36
CA ARG EB 66 142.59 -40.41 -135.26
C ARG EB 66 141.24 -41.08 -135.05
N MET EB 67 140.91 -41.40 -133.80
CA MET EB 67 139.57 -41.93 -133.52
C MET EB 67 138.42 -40.91 -133.70
N GLY EB 68 138.75 -39.65 -133.44
CA GLY EB 68 137.77 -38.58 -133.64
C GLY EB 68 137.51 -38.52 -135.14
N LEU EB 69 138.56 -38.58 -135.95
CA LEU EB 69 138.39 -38.56 -137.39
C LEU EB 69 137.68 -39.81 -137.88
N PHE EB 70 137.97 -40.96 -137.27
CA PHE EB 70 137.22 -42.16 -137.61
C PHE EB 70 135.75 -41.98 -137.25
N ASN EB 71 135.47 -41.41 -136.08
CA ASN EB 71 134.09 -41.18 -135.68
C ASN EB 71 133.36 -40.24 -136.64
N LEU EB 72 134.07 -39.24 -137.17
CA LEU EB 72 133.42 -38.23 -138.00
C LEU EB 72 133.30 -38.67 -139.45
N LEU EB 73 134.45 -38.91 -140.10
CA LEU EB 73 134.49 -39.20 -141.52
C LEU EB 73 133.99 -40.59 -141.88
N ARG EB 74 133.78 -41.47 -140.90
CA ARG EB 74 133.43 -42.86 -141.15
C ARG EB 74 134.47 -43.54 -142.03
N ARG EB 75 135.73 -43.19 -141.85
CA ARG EB 75 136.84 -43.79 -142.57
C ARG EB 75 137.97 -44.07 -141.58
N SER EB 76 139.07 -44.62 -142.09
CA SER EB 76 140.21 -44.99 -141.24
C SER EB 76 141.43 -44.16 -141.57
N PRO EB 77 141.63 -43.03 -140.89
CA PRO EB 77 142.88 -42.27 -141.07
C PRO EB 77 144.07 -42.76 -140.28
N ASP EB 78 145.26 -42.46 -140.80
CA ASP EB 78 146.50 -42.73 -140.07
C ASP EB 78 147.25 -41.41 -139.97
N ILE EB 79 147.65 -41.05 -138.75
CA ILE EB 79 148.32 -39.80 -138.47
C ILE EB 79 149.74 -40.11 -138.05
N THR EB 80 150.71 -39.58 -138.79
CA THR EB 80 152.12 -39.71 -138.47
C THR EB 80 152.59 -38.39 -137.89
N VAL EB 81 153.17 -38.44 -136.69
CA VAL EB 81 153.67 -37.23 -136.05
C VAL EB 81 155.06 -36.92 -136.57
N GLY EB 82 155.23 -35.71 -137.11
CA GLY EB 82 156.52 -35.29 -137.58
C GLY EB 82 157.42 -34.81 -136.47
N ALA EB 83 158.66 -34.51 -136.83
CA ALA EB 83 159.61 -33.99 -135.86
C ALA EB 83 159.23 -32.58 -135.43
N ILE EB 84 159.29 -32.34 -134.12
CA ILE EB 84 159.01 -31.01 -133.59
C ILE EB 84 160.07 -30.05 -134.08
N ARG EB 85 159.64 -28.91 -134.64
CA ARG EB 85 160.57 -27.92 -135.17
C ARG EB 85 160.53 -26.66 -134.31
N ILE EB 86 161.70 -26.27 -133.81
CA ILE EB 86 161.86 -25.05 -133.04
C ILE EB 86 162.48 -23.97 -133.93
N GLN EB 87 161.65 -23.06 -134.41
CA GLN EB 87 162.05 -22.18 -135.50
C GLN EB 87 161.49 -20.78 -135.30
N PRO EB 88 162.13 -19.76 -135.88
CA PRO EB 88 161.55 -18.41 -135.83
C PRO EB 88 160.20 -18.37 -136.53
N TYR EB 89 159.34 -17.47 -136.05
CA TYR EB 89 157.97 -17.42 -136.54
C TYR EB 89 157.81 -17.17 -138.03
N HIS EB 90 158.69 -16.35 -138.62
CA HIS EB 90 158.63 -16.00 -140.06
C HIS EB 90 159.03 -17.19 -140.95
N GLU EB 91 159.78 -18.17 -140.41
CA GLU EB 91 160.10 -19.40 -141.12
C GLU EB 91 158.81 -20.20 -141.19
N PHE EB 92 158.12 -20.33 -140.07
CA PHE EB 92 156.84 -21.03 -140.03
C PHE EB 92 155.82 -20.37 -140.94
N ALA EB 93 155.79 -19.04 -140.92
CA ALA EB 93 154.83 -18.32 -141.77
C ALA EB 93 155.14 -18.53 -143.25
N ARG EB 94 156.41 -18.46 -143.63
CA ARG EB 94 156.75 -18.56 -145.04
C ARG EB 94 156.59 -19.98 -145.56
N ASN EB 95 156.79 -20.99 -144.70
CA ASN EB 95 156.61 -22.37 -145.16
C ASN EB 95 155.14 -22.69 -145.39
N LEU EB 96 154.24 -21.95 -144.75
CA LEU EB 96 152.82 -22.21 -144.91
C LEU EB 96 152.36 -21.84 -146.32
N PRO EB 97 151.37 -22.55 -146.86
CA PRO EB 97 150.80 -22.19 -148.15
C PRO EB 97 149.72 -21.13 -147.99
N VAL EB 98 149.29 -20.59 -149.13
CA VAL EB 98 148.26 -19.56 -149.13
C VAL EB 98 147.18 -19.90 -150.15
N PRO EB 99 145.90 -19.91 -149.76
CA PRO EB 99 145.38 -19.69 -148.42
C PRO EB 99 145.42 -20.98 -147.60
N THR EB 100 145.38 -20.84 -146.27
CA THR EB 100 145.34 -21.98 -145.35
C THR EB 100 144.52 -21.56 -144.16
N ASN EB 101 143.60 -22.39 -143.67
CA ASN EB 101 142.85 -22.10 -142.42
C ASN EB 101 143.74 -22.08 -141.18
N LEU EB 102 143.82 -20.95 -140.49
CA LEU EB 102 144.58 -20.80 -139.22
C LEU EB 102 143.59 -20.69 -138.06
N ASN EB 103 143.75 -21.37 -136.94
CA ASN EB 103 142.74 -21.36 -135.84
C ASN EB 103 143.39 -20.81 -134.57
N LEU EB 104 143.27 -19.51 -134.28
CA LEU EB 104 143.87 -18.99 -133.06
C LEU EB 104 143.19 -19.63 -131.86
N ILE EB 105 143.99 -20.18 -130.96
CA ILE EB 105 143.47 -20.89 -129.80
C ILE EB 105 144.14 -20.35 -128.54
N HIS EB 106 143.40 -20.34 -127.45
CA HIS EB 106 143.88 -19.88 -126.16
C HIS EB 106 144.11 -21.09 -125.27
N LEU EB 107 145.35 -21.30 -124.86
CA LEU EB 107 145.69 -22.39 -123.95
C LEU EB 107 145.79 -21.89 -122.52
N LYS EB 108 144.66 -21.42 -122.00
CA LYS EB 108 144.63 -20.89 -120.64
C LYS EB 108 144.96 -22.00 -119.64
N PRO EB 109 145.60 -21.65 -118.51
CA PRO EB 109 145.96 -20.31 -118.04
C PRO EB 109 147.28 -19.79 -118.60
N LEU EB 110 147.86 -20.46 -119.60
CA LEU EB 110 149.12 -19.99 -120.18
C LEU EB 110 148.85 -18.74 -121.01
N ARG EB 111 149.54 -17.65 -120.68
CA ARG EB 111 149.34 -16.40 -121.42
C ARG EB 111 149.98 -16.49 -122.79
N GLY EB 112 149.18 -16.21 -123.82
CA GLY EB 112 149.62 -16.28 -125.20
C GLY EB 112 148.50 -16.77 -126.08
N THR EB 113 148.85 -17.07 -127.33
CA THR EB 113 147.87 -17.52 -128.31
C THR EB 113 148.54 -18.49 -129.27
N GLY EB 114 148.13 -19.76 -129.21
CA GLY EB 114 148.63 -20.74 -130.13
C GLY EB 114 147.85 -20.80 -131.43
N LEU EB 115 148.35 -21.60 -132.36
CA LEU EB 115 147.80 -21.66 -133.71
C LEU EB 115 147.64 -23.11 -134.13
N VAL EB 116 146.50 -23.44 -134.72
CA VAL EB 116 146.26 -24.75 -135.32
C VAL EB 116 146.04 -24.54 -136.80
N VAL EB 117 146.90 -25.14 -137.62
CA VAL EB 117 146.93 -24.89 -139.05
C VAL EB 117 146.40 -26.12 -139.76
N PHE EB 118 145.25 -25.99 -140.41
CA PHE EB 118 144.68 -27.01 -141.27
C PHE EB 118 145.00 -26.74 -142.73
N SER EB 119 145.69 -27.68 -143.37
CA SER EB 119 146.05 -27.52 -144.76
C SER EB 119 144.83 -27.55 -145.69
N PRO EB 120 144.87 -26.89 -146.87
CA PRO EB 120 143.77 -26.95 -147.85
C PRO EB 120 143.51 -28.42 -148.21
N SER EB 121 144.57 -29.22 -148.26
CA SER EB 121 144.40 -30.62 -148.65
C SER EB 121 143.52 -31.36 -147.66
N LEU EB 122 143.77 -31.15 -146.36
CA LEU EB 122 143.01 -31.88 -145.35
C LEU EB 122 141.55 -31.47 -145.35
N VAL EB 123 141.27 -30.17 -145.42
CA VAL EB 123 139.88 -29.73 -145.43
C VAL EB 123 139.18 -30.17 -146.71
N PHE EB 124 139.92 -30.18 -147.83
CA PHE EB 124 139.34 -30.70 -149.07
C PHE EB 124 138.98 -32.17 -148.92
N ILE EB 125 139.86 -32.96 -148.33
CA ILE EB 125 139.59 -34.39 -148.13
C ILE EB 125 138.38 -34.58 -147.23
N ALA EB 126 138.31 -33.81 -146.15
CA ALA EB 126 137.19 -33.95 -145.21
C ALA EB 126 135.87 -33.58 -145.86
N VAL EB 127 135.84 -32.45 -146.59
CA VAL EB 127 134.61 -32.03 -147.26
C VAL EB 127 134.21 -33.04 -148.32
N ASP EB 128 135.18 -33.56 -149.07
CA ASP EB 128 134.89 -34.57 -150.08
C ASP EB 128 134.29 -35.82 -149.45
N ASN EB 129 134.87 -36.28 -148.35
CA ASN EB 129 134.35 -37.49 -147.71
C ASN EB 129 132.96 -37.27 -147.13
N LEU EB 130 132.74 -36.12 -146.50
CA LEU EB 130 131.43 -35.85 -145.90
C LEU EB 130 130.34 -35.75 -146.95
N PHE EB 131 130.62 -35.07 -148.06
CA PHE EB 131 129.60 -34.78 -149.06
C PHE EB 131 129.67 -35.78 -150.22
N GLY EB 132 129.41 -37.03 -149.88
CA GLY EB 132 129.24 -38.07 -150.88
C GLY EB 132 130.39 -38.26 -151.84
N GLY EB 133 131.61 -38.31 -151.31
CA GLY EB 133 132.76 -38.52 -152.16
C GLY EB 133 133.71 -39.58 -151.65
N ASP EB 134 134.02 -40.56 -152.50
CA ASP EB 134 134.96 -41.66 -152.11
C ASP EB 134 136.39 -41.26 -152.47
N GLY EB 135 136.66 -39.95 -152.57
CA GLY EB 135 138.00 -39.50 -152.88
C GLY EB 135 138.53 -40.14 -154.14
N ARG EB 136 137.67 -40.41 -155.12
CA ARG EB 136 138.11 -40.94 -156.40
C ARG EB 136 138.97 -39.95 -157.18
N PHE EB 137 138.44 -38.73 -157.35
CA PHE EB 137 139.20 -37.70 -158.05
C PHE EB 137 140.34 -37.08 -157.24
N PRO EB 138 141.42 -36.67 -157.88
CA PRO EB 138 142.52 -36.04 -157.15
C PRO EB 138 142.09 -34.71 -156.55
N THR EB 139 142.69 -34.37 -155.41
CA THR EB 139 142.42 -33.09 -154.78
C THR EB 139 143.06 -31.97 -155.59
N LYS EB 140 142.28 -30.95 -155.91
CA LYS EB 140 142.75 -29.80 -156.67
C LYS EB 140 142.59 -28.54 -155.83
N VAL EB 141 143.69 -27.85 -155.57
CA VAL EB 141 143.70 -26.59 -154.84
C VAL EB 141 144.41 -25.56 -155.70
N GLU EB 142 143.72 -24.45 -155.98
CA GLU EB 142 144.25 -23.38 -156.81
C GLU EB 142 144.02 -22.03 -156.17
N GLY EB 143 144.34 -21.91 -154.88
CA GLY EB 143 144.12 -20.66 -154.19
C GLY EB 143 142.68 -20.38 -153.84
N ARG EB 144 141.81 -21.39 -153.95
CA ARG EB 144 140.40 -21.20 -153.63
C ARG EB 144 140.21 -20.98 -152.14
N GLU EB 145 139.32 -20.04 -151.81
CA GLU EB 145 139.06 -19.71 -150.41
C GLU EB 145 138.07 -20.71 -149.82
N PHE EB 146 137.65 -20.44 -148.59
CA PHE EB 146 136.79 -21.34 -147.83
C PHE EB 146 135.42 -20.68 -147.65
N THR EB 147 134.38 -21.41 -148.05
CA THR EB 147 133.03 -20.91 -147.91
C THR EB 147 132.53 -21.12 -146.49
N HIS EB 148 131.28 -20.72 -146.24
CA HIS EB 148 130.71 -20.87 -144.91
C HIS EB 148 130.51 -22.34 -144.55
N THR EB 149 130.09 -23.15 -145.52
CA THR EB 149 129.95 -24.59 -145.26
C THR EB 149 131.30 -25.22 -144.97
N GLU EB 150 132.33 -24.86 -145.73
CA GLU EB 150 133.67 -25.36 -145.45
C GLU EB 150 134.14 -24.90 -144.08
N GLN EB 151 133.84 -23.65 -143.73
CA GLN EB 151 134.22 -23.15 -142.41
C GLN EB 151 133.52 -23.92 -141.31
N ARG EB 152 132.26 -24.29 -141.51
CA ARG EB 152 131.55 -25.05 -140.50
C ARG EB 152 132.12 -26.45 -140.37
N VAL EB 153 132.48 -27.08 -141.50
CA VAL EB 153 133.13 -28.38 -141.45
C VAL EB 153 134.45 -28.31 -140.70
N ILE EB 154 135.23 -27.25 -140.96
CA ILE EB 154 136.51 -27.07 -140.28
C ILE EB 154 136.29 -26.84 -138.79
N ASN EB 155 135.23 -26.11 -138.43
CA ASN EB 155 134.91 -25.92 -137.01
C ASN EB 155 134.58 -27.26 -136.37
N ARG EB 156 133.81 -28.08 -137.07
CA ARG EB 156 133.47 -29.41 -136.53
C ARG EB 156 134.71 -30.25 -136.33
N MET EB 157 135.63 -30.23 -137.29
CA MET EB 157 136.89 -30.96 -137.14
C MET EB 157 137.73 -30.38 -136.00
N LEU EB 158 137.79 -29.07 -135.90
CA LEU EB 158 138.63 -28.42 -134.92
C LEU EB 158 138.10 -28.65 -133.51
N LYS EB 159 136.79 -28.84 -133.36
CA LYS EB 159 136.27 -29.20 -132.04
C LYS EB 159 136.88 -30.50 -131.55
N LEU EB 160 136.90 -31.53 -132.42
CA LEU EB 160 137.54 -32.79 -132.06
C LEU EB 160 139.03 -32.62 -131.83
N ALA EB 161 139.69 -31.82 -132.69
CA ALA EB 161 141.12 -31.61 -132.54
C ALA EB 161 141.44 -30.97 -131.19
N LEU EB 162 140.69 -29.95 -130.81
CA LEU EB 162 140.93 -29.27 -129.54
C LEU EB 162 140.60 -30.16 -128.36
N GLU EB 163 139.53 -30.95 -128.45
CA GLU EB 163 139.23 -31.89 -127.37
C GLU EB 163 140.37 -32.89 -127.20
N GLY EB 164 140.88 -33.43 -128.31
CA GLY EB 164 141.98 -34.38 -128.22
C GLY EB 164 143.24 -33.74 -127.65
N TYR EB 165 143.55 -32.51 -128.08
CA TYR EB 165 144.73 -31.83 -127.56
C TYR EB 165 144.60 -31.55 -126.06
N SER EB 166 143.42 -31.09 -125.63
CA SER EB 166 143.21 -30.84 -124.22
C SER EB 166 143.34 -32.11 -123.39
N ASP EB 167 142.77 -33.22 -123.90
CA ASP EB 167 142.88 -34.49 -123.19
C ASP EB 167 144.33 -34.95 -123.11
N ALA EB 168 145.08 -34.77 -124.19
CA ALA EB 168 146.49 -35.16 -124.18
C ALA EB 168 147.28 -34.32 -123.18
N TRP EB 169 146.99 -33.02 -123.12
CA TRP EB 169 147.72 -32.16 -122.19
C TRP EB 169 147.26 -32.47 -120.78
N LYS EB 170 146.01 -32.92 -120.62
CA LYS EB 170 145.47 -33.18 -119.29
C LYS EB 170 146.34 -34.13 -118.46
N ALA EB 171 146.97 -35.10 -119.12
CA ALA EB 171 147.86 -36.02 -118.43
C ALA EB 171 149.04 -35.37 -117.70
N ILE EB 172 149.66 -34.38 -118.31
CA ILE EB 172 150.83 -33.72 -117.72
C ILE EB 172 150.39 -32.46 -116.98
N ASN EB 173 149.80 -31.52 -117.72
CA ASN EB 173 149.34 -30.27 -117.12
C ASN EB 173 147.93 -29.97 -117.59
N PRO EB 174 146.93 -29.93 -116.70
CA PRO EB 174 145.56 -29.70 -117.15
C PRO EB 174 145.35 -28.31 -117.71
N LEU EB 175 145.06 -28.24 -119.01
CA LEU EB 175 144.82 -27.00 -119.71
C LEU EB 175 143.46 -27.04 -120.38
N GLU EB 176 142.85 -25.87 -120.53
CA GLU EB 176 141.60 -25.74 -121.26
C GLU EB 176 141.87 -25.00 -122.56
N VAL EB 177 141.37 -25.57 -123.66
CA VAL EB 177 141.65 -25.07 -125.00
C VAL EB 177 140.40 -24.38 -125.52
N GLU EB 178 140.54 -23.10 -125.87
CA GLU EB 178 139.43 -22.32 -126.39
C GLU EB 178 139.74 -21.82 -127.78
N TYR EB 179 138.81 -22.03 -128.71
CA TYR EB 179 138.91 -21.54 -130.07
C TYR EB 179 138.31 -20.14 -130.12
N VAL EB 180 139.11 -19.16 -130.53
CA VAL EB 180 138.70 -17.76 -130.47
C VAL EB 180 138.42 -17.18 -131.84
N ARG EB 181 139.14 -17.62 -132.87
CA ARG EB 181 139.03 -16.97 -134.17
C ARG EB 181 139.66 -17.85 -135.22
N SER EB 182 139.15 -17.75 -136.44
CA SER EB 182 139.71 -18.44 -137.59
C SER EB 182 139.97 -17.42 -138.68
N GLU EB 183 141.06 -17.63 -139.42
CA GLU EB 183 141.50 -16.72 -140.46
C GLU EB 183 142.03 -17.56 -141.61
N MET EB 184 142.21 -16.92 -142.76
CA MET EB 184 142.68 -17.58 -143.96
C MET EB 184 144.04 -17.12 -144.46
N GLN EB 185 144.42 -15.88 -144.17
CA GLN EB 185 145.71 -15.35 -144.54
C GLN EB 185 146.69 -15.48 -143.37
N VAL EB 186 147.96 -15.21 -143.65
CA VAL EB 186 148.98 -15.32 -142.63
C VAL EB 186 149.18 -14.02 -141.85
N LYS EB 187 148.92 -12.88 -142.49
CA LYS EB 187 149.19 -11.59 -141.86
C LYS EB 187 148.13 -11.17 -140.85
N PHE EB 188 147.05 -11.93 -140.72
CA PHE EB 188 146.02 -11.62 -139.74
C PHE EB 188 146.26 -12.16 -138.34
N THR EB 189 147.17 -13.13 -138.18
CA THR EB 189 147.35 -13.77 -136.89
C THR EB 189 148.31 -13.00 -135.98
N ASN EB 190 149.57 -12.89 -136.41
CA ASN EB 190 150.62 -12.21 -135.65
C ASN EB 190 150.52 -12.51 -134.15
N ILE EB 191 150.73 -13.78 -133.81
CA ILE EB 191 150.70 -14.26 -132.39
C ILE EB 191 152.09 -14.01 -131.76
N THR EB 192 153.07 -13.55 -132.52
CA THR EB 192 154.45 -13.27 -132.05
C THR EB 192 154.69 -11.77 -132.11
N THR EB 193 155.17 -11.17 -131.01
CA THR EB 193 155.41 -9.71 -130.93
C THR EB 193 156.28 -9.30 -132.09
N SER EB 194 157.29 -10.11 -132.44
CA SER EB 194 158.17 -9.86 -133.57
C SER EB 194 158.27 -11.10 -134.44
N PRO EB 195 158.50 -10.93 -135.75
CA PRO EB 195 158.62 -12.09 -136.62
C PRO EB 195 159.82 -12.96 -136.33
N ASN EB 196 160.80 -12.45 -135.59
CA ASN EB 196 161.99 -13.24 -135.24
C ASN EB 196 161.81 -14.02 -133.94
N ASP EB 197 160.63 -13.97 -133.32
CA ASP EB 197 160.39 -14.75 -132.13
C ASP EB 197 160.38 -16.23 -132.45
N ILE EB 198 160.69 -17.03 -131.45
CA ILE EB 198 160.87 -18.47 -131.62
C ILE EB 198 159.58 -19.18 -131.24
N VAL EB 199 159.15 -20.12 -132.09
CA VAL EB 199 157.94 -20.89 -131.86
C VAL EB 199 158.23 -22.37 -132.07
N VAL EB 200 157.38 -23.19 -131.46
CA VAL EB 200 157.50 -24.63 -131.50
C VAL EB 200 156.45 -25.23 -132.43
N ASN EB 201 156.91 -25.84 -133.53
CA ASN EB 201 155.94 -26.35 -134.55
C ASN EB 201 155.94 -27.88 -134.63
N THR EB 202 154.75 -28.50 -134.58
CA THR EB 202 154.58 -29.94 -134.72
C THR EB 202 153.72 -30.21 -135.95
N PRO EB 203 154.30 -30.71 -137.05
CA PRO EB 203 153.48 -31.09 -138.22
C PRO EB 203 153.05 -32.54 -138.12
N PHE EB 204 151.76 -32.79 -138.31
CA PHE EB 204 151.21 -34.13 -138.43
C PHE EB 204 150.77 -34.37 -139.87
N HIS EB 205 150.94 -35.60 -140.33
CA HIS EB 205 150.50 -36.00 -141.66
C HIS EB 205 149.36 -36.99 -141.53
N VAL EB 206 148.20 -36.66 -142.08
CA VAL EB 206 147.01 -37.49 -142.01
C VAL EB 206 146.76 -38.07 -143.40
N GLU EB 207 146.71 -39.40 -143.49
CA GLU EB 207 146.44 -40.08 -144.74
C GLU EB 207 145.12 -40.82 -144.65
N ILE EB 208 144.27 -40.63 -145.65
CA ILE EB 208 143.00 -41.32 -145.78
C ILE EB 208 142.98 -42.00 -147.14
N GLY EB 209 142.95 -43.33 -147.15
CA GLY EB 209 143.07 -44.04 -148.41
C GLY EB 209 144.36 -43.67 -149.10
N ASN EB 210 144.24 -43.31 -150.38
CA ASN EB 210 145.39 -42.82 -151.11
C ASN EB 210 145.63 -41.33 -150.88
N LEU EB 211 144.59 -40.60 -150.48
CA LEU EB 211 144.73 -39.16 -150.28
C LEU EB 211 145.53 -38.85 -149.03
N THR EB 212 146.24 -37.73 -149.06
CA THR EB 212 147.08 -37.31 -147.95
C THR EB 212 146.89 -35.82 -147.70
N GLY EB 213 147.18 -35.41 -146.47
CA GLY EB 213 147.17 -34.02 -146.09
C GLY EB 213 147.99 -33.84 -144.84
N GLU EB 214 148.14 -32.58 -144.41
CA GLU EB 214 148.93 -32.30 -143.23
C GLU EB 214 148.31 -31.17 -142.45
N PHE EB 215 148.64 -31.11 -141.16
CA PHE EB 215 148.19 -30.02 -140.32
C PHE EB 215 149.19 -29.82 -139.19
N ASN EB 216 149.41 -28.57 -138.82
CA ASN EB 216 150.43 -28.21 -137.85
C ASN EB 216 149.80 -27.65 -136.58
N ILE EB 217 150.55 -27.78 -135.49
CA ILE EB 217 150.19 -27.11 -134.23
C ILE EB 217 151.38 -26.28 -133.79
N CYS EB 218 151.22 -24.96 -133.73
CA CYS EB 218 152.32 -24.05 -133.42
C CYS EB 218 152.02 -23.32 -132.13
N LEU EB 219 152.97 -23.34 -131.20
CA LEU EB 219 152.86 -22.67 -129.93
C LEU EB 219 154.01 -21.69 -129.78
N PRO EB 220 153.75 -20.41 -129.48
CA PRO EB 220 154.84 -19.49 -129.21
C PRO EB 220 155.61 -19.93 -127.97
N PHE EB 221 156.93 -19.74 -128.01
CA PHE EB 221 157.76 -20.19 -126.91
C PHE EB 221 157.47 -19.46 -125.61
N SER EB 222 156.82 -18.29 -125.67
CA SER EB 222 156.47 -17.58 -124.44
C SER EB 222 155.52 -18.39 -123.59
N MET EB 223 154.55 -19.05 -124.23
CA MET EB 223 153.61 -19.89 -123.48
C MET EB 223 154.31 -21.08 -122.84
N ILE EB 224 155.24 -21.70 -123.58
CA ILE EB 224 155.90 -22.90 -123.08
C ILE EB 224 156.93 -22.57 -122.00
N GLU EB 225 157.51 -21.37 -122.05
CA GLU EB 225 158.63 -21.04 -121.16
C GLU EB 225 158.37 -21.29 -119.69
N PRO EB 226 157.22 -20.92 -119.10
CA PRO EB 226 157.00 -21.26 -117.69
C PRO EB 226 156.95 -22.76 -117.43
N LEU EB 227 156.72 -23.58 -118.46
CA LEU EB 227 156.66 -25.03 -118.31
C LEU EB 227 157.85 -25.76 -118.94
N ARG EB 228 158.99 -25.09 -119.07
CA ARG EB 228 160.12 -25.70 -119.77
C ARG EB 228 160.69 -26.89 -119.00
N GLU EB 229 160.85 -26.74 -117.69
CA GLU EB 229 161.39 -27.83 -116.89
C GLU EB 229 160.43 -29.02 -116.90
N LEU EB 230 159.14 -28.76 -117.06
CA LEU EB 230 158.18 -29.84 -117.18
C LEU EB 230 158.22 -30.49 -118.55
N LEU EB 231 158.39 -29.67 -119.60
CA LEU EB 231 158.33 -30.17 -121.01
C LEU EB 231 159.69 -30.74 -121.45
N VAL EB 232 160.75 -30.50 -120.70
CA VAL EB 232 162.12 -30.95 -121.10
C VAL EB 232 162.31 -32.42 -120.68
N ASN EB 233 162.19 -32.77 -119.39
CA ASN EB 233 162.48 -34.13 -118.98
C ASN EB 233 161.32 -35.05 -119.33
N PRO EB 234 161.61 -36.29 -119.73
CA PRO EB 234 160.54 -37.26 -120.00
C PRO EB 234 159.71 -37.51 -118.76
N PRO EB 235 158.41 -37.69 -118.91
CA PRO EB 235 157.55 -37.87 -117.73
C PRO EB 235 157.88 -39.15 -116.99
N LEU EB 236 157.69 -39.12 -115.68
CA LEU EB 236 157.91 -40.28 -114.82
C LEU EB 236 156.61 -40.70 -114.17
N GLU EB 237 156.49 -42.00 -113.92
CA GLU EB 237 155.28 -42.57 -113.33
C GLU EB 237 155.28 -42.26 -111.84
N ASN EB 238 154.77 -41.07 -111.52
CA ASN EB 238 154.69 -40.59 -110.14
C ASN EB 238 153.31 -40.00 -109.92
N SER EB 239 153.13 -39.35 -108.79
CA SER EB 239 151.86 -38.70 -108.44
C SER EB 239 152.13 -37.28 -108.01
N ARG EB 240 151.06 -36.46 -108.04
CA ARG EB 240 151.19 -35.08 -107.59
C ARG EB 240 151.58 -35.02 -106.12
N HIS EB 241 151.06 -35.93 -105.32
CA HIS EB 241 151.47 -36.00 -103.92
C HIS EB 241 152.96 -36.29 -103.81
N GLU EB 242 153.46 -37.23 -104.60
CA GLU EB 242 154.89 -37.55 -104.57
C GLU EB 242 155.72 -36.35 -105.04
N ASP EB 243 155.25 -35.64 -106.07
CA ASP EB 243 155.99 -34.49 -106.56
C ASP EB 243 156.06 -33.38 -105.52
N GLN EB 244 154.93 -33.08 -104.87
CA GLN EB 244 154.95 -32.04 -103.85
C GLN EB 244 155.77 -32.47 -102.64
N ASN EB 245 155.75 -33.77 -102.31
CA ASN EB 245 156.60 -34.27 -101.24
C ASN EB 245 158.07 -34.10 -101.59
N TRP EB 246 158.42 -34.37 -102.85
CA TRP EB 246 159.80 -34.19 -103.31
C TRP EB 246 160.44 -32.82 -103.13
N ARG EB 247 159.75 -31.78 -103.61
CA ARG EB 247 160.28 -30.39 -103.48
C ARG EB 247 160.19 -29.97 -102.01
N ASP EB 248 159.19 -30.48 -101.28
CA ASP EB 248 159.07 -30.16 -99.83
C ASP EB 248 160.34 -30.62 -99.12
N ASN EB 249 160.73 -31.87 -99.32
CA ASN EB 249 161.96 -32.42 -98.67
C ASN EB 249 163.17 -31.63 -99.19
N LEU EB 250 163.22 -31.37 -100.50
CA LEU EB 250 164.34 -30.59 -101.08
C LEU EB 250 164.38 -29.21 -100.43
N VAL EB 251 163.22 -28.56 -100.32
CA VAL EB 251 163.15 -27.22 -99.66
C VAL EB 251 163.75 -27.35 -98.25
N ARG EB 252 163.33 -28.38 -97.50
CA ARG EB 252 163.87 -28.57 -96.16
C ARG EB 252 165.35 -28.86 -96.18
N GLN EB 253 165.83 -29.58 -97.20
CA GLN EB 253 167.27 -29.83 -97.31
C GLN EB 253 168.03 -28.56 -97.64
N VAL EB 254 167.42 -27.66 -98.42
CA VAL EB 254 168.10 -26.43 -98.81
C VAL EB 254 168.32 -25.53 -97.61
N GLN EB 255 167.39 -25.52 -96.66
CA GLN EB 255 167.46 -24.61 -95.53
C GLN EB 255 168.78 -24.73 -94.77
N HIS EB 256 169.36 -25.93 -94.73
CA HIS EB 256 170.63 -26.13 -94.03
C HIS EB 256 171.80 -25.88 -94.98
N SER EB 257 171.85 -24.67 -95.55
CA SER EB 257 172.95 -24.23 -96.44
C SER EB 257 173.41 -22.83 -96.01
N GLU EB 258 174.65 -22.70 -95.53
CA GLU EB 258 175.19 -21.40 -95.05
C GLU EB 258 175.30 -20.41 -96.22
N LEU EB 259 175.01 -19.13 -95.99
CA LEU EB 259 175.11 -18.07 -97.02
C LEU EB 259 176.17 -17.05 -96.60
N GLU EB 260 176.52 -16.11 -97.48
CA GLU EB 260 177.41 -15.00 -97.14
C GLU EB 260 176.63 -13.71 -97.25
N LEU EB 261 176.42 -13.04 -96.11
CA LEU EB 261 175.66 -11.81 -96.06
C LEU EB 261 176.61 -10.63 -95.87
N VAL EB 262 176.45 -9.61 -96.69
CA VAL EB 262 177.34 -8.45 -96.71
C VAL EB 262 176.52 -7.20 -96.44
N ALA EB 263 176.96 -6.40 -95.47
CA ALA EB 263 176.29 -5.16 -95.11
C ALA EB 263 177.06 -3.99 -95.70
N ASN EB 264 176.36 -3.10 -96.38
CA ASN EB 264 176.96 -1.92 -96.99
C ASN EB 264 176.62 -0.71 -96.13
N PHE EB 265 177.65 -0.12 -95.50
CA PHE EB 265 177.49 1.06 -94.61
C PHE EB 265 177.30 2.33 -95.43
N ALA EB 266 178.14 2.54 -96.45
CA ALA EB 266 178.08 3.76 -97.30
C ALA EB 266 178.58 3.49 -98.72
N ASP EB 267 178.24 4.32 -99.71
CA ASP EB 267 178.72 4.21 -101.08
C ASP EB 267 179.07 5.60 -101.57
N ILE EB 268 180.35 5.94 -101.56
CA ILE EB 268 180.83 7.28 -101.88
C ILE EB 268 181.37 7.28 -103.30
N PRO EB 269 181.04 8.26 -104.17
CA PRO EB 269 181.52 8.31 -105.58
C PRO EB 269 182.78 9.17 -105.72
N LEU EB 270 183.92 8.55 -106.01
CA LEU EB 270 185.17 9.30 -106.23
C LEU EB 270 185.72 9.07 -107.64
N ARG EB 271 186.41 10.05 -108.19
CA ARG EB 271 187.05 9.90 -109.53
C ARG EB 271 188.31 9.06 -109.38
N LEU EB 272 188.81 8.52 -110.50
CA LEU EB 272 190.07 7.75 -110.48
C LEU EB 272 191.20 8.63 -109.96
N SER EB 273 191.19 9.91 -110.33
CA SER EB 273 192.28 10.83 -109.94
C SER EB 273 192.36 10.90 -108.42
N GLN EB 274 191.20 10.97 -107.76
CA GLN EB 274 191.23 11.00 -106.28
C GLN EB 274 191.84 9.69 -105.78
N ILE EB 275 191.49 8.56 -106.40
CA ILE EB 275 192.00 7.25 -105.87
C ILE EB 275 193.53 7.14 -105.88
N LEU EB 276 194.19 7.54 -106.97
CA LEU EB 276 195.67 7.54 -106.97
C LEU EB 276 196.41 8.46 -105.99
N LYS EB 277 195.89 9.67 -105.82
CA LYS EB 277 196.43 10.61 -104.78
C LYS EB 277 195.96 10.20 -103.34
N LEU EB 278 194.95 9.32 -103.35
CA LEU EB 278 194.36 8.89 -102.05
C LEU EB 278 195.56 8.23 -101.40
N LYS EB 279 195.79 8.56 -100.14
CA LYS EB 279 196.89 7.98 -99.34
C LYS EB 279 196.41 7.95 -97.90
N PRO EB 280 196.99 7.14 -96.98
CA PRO EB 280 196.45 7.02 -95.59
C PRO EB 280 196.35 8.37 -94.89
N GLY EB 281 195.35 8.56 -94.02
CA GLY EB 281 195.12 9.77 -93.27
C GLY EB 281 194.08 10.69 -93.85
N ASP EB 282 193.66 10.48 -95.10
CA ASP EB 282 192.66 11.33 -95.70
C ASP EB 282 191.28 11.05 -95.12
N VAL EB 283 190.38 12.02 -95.28
CA VAL EB 283 188.99 11.89 -94.84
C VAL EB 283 188.09 12.09 -96.06
N LEU EB 284 187.25 11.10 -96.33
CA LEU EB 284 186.31 11.16 -97.44
C LEU EB 284 184.91 11.30 -96.87
N PRO EB 285 184.22 12.41 -97.12
CA PRO EB 285 182.95 12.66 -96.44
C PRO EB 285 181.86 11.72 -96.95
N ILE EB 286 181.02 11.26 -96.01
CA ILE EB 286 179.90 10.38 -96.31
C ILE EB 286 178.65 10.99 -95.70
N GLU EB 287 177.51 10.54 -96.20
CA GLU EB 287 176.21 11.03 -95.75
C GLU EB 287 175.64 10.12 -94.68
N LYS EB 288 174.53 10.54 -94.10
CA LYS EB 288 173.87 9.75 -93.06
C LYS EB 288 173.27 8.48 -93.66
N PRO EB 289 173.69 7.30 -93.21
CA PRO EB 289 172.93 6.09 -93.56
C PRO EB 289 171.76 5.89 -92.61
N ASP EB 290 170.55 6.16 -93.10
CA ASP EB 290 169.33 5.92 -92.25
C ASP EB 290 169.16 4.42 -92.07
N ARG EB 291 169.36 3.64 -93.15
CA ARG EB 291 169.24 2.20 -93.10
C ARG EB 291 170.41 1.56 -93.83
N ILE EB 292 170.76 0.35 -93.42
CA ILE EB 292 171.88 -0.40 -93.96
C ILE EB 292 171.44 -1.60 -94.79
N ILE EB 293 171.77 -1.58 -96.08
CA ILE EB 293 171.39 -2.68 -96.97
C ILE EB 293 172.32 -3.89 -96.81
N ALA EB 294 171.71 -5.06 -96.65
CA ALA EB 294 172.42 -6.32 -96.52
C ALA EB 294 172.07 -7.17 -97.73
N HIS EB 295 173.09 -7.57 -98.48
CA HIS EB 295 172.93 -8.27 -99.74
C HIS EB 295 173.78 -9.54 -99.75
N VAL EB 296 173.30 -10.55 -100.47
CA VAL EB 296 174.02 -11.80 -100.66
C VAL EB 296 174.42 -11.87 -102.13
N ASP EB 297 175.73 -11.77 -102.38
CA ASP EB 297 176.27 -11.84 -103.73
C ASP EB 297 175.63 -10.80 -104.64
N GLY EB 298 175.36 -9.62 -104.09
CA GLY EB 298 174.80 -8.53 -104.87
C GLY EB 298 173.32 -8.28 -104.60
N VAL EB 299 172.56 -9.36 -104.45
CA VAL EB 299 171.10 -9.23 -104.29
C VAL EB 299 170.78 -8.76 -102.88
N PRO EB 300 170.13 -7.62 -102.71
CA PRO EB 300 169.82 -7.13 -101.36
C PRO EB 300 168.73 -7.95 -100.71
N VAL EB 301 168.93 -8.26 -99.42
CA VAL EB 301 168.02 -9.14 -98.71
C VAL EB 301 167.43 -8.43 -97.49
N LEU EB 302 168.17 -7.51 -96.90
CA LEU EB 302 167.77 -6.92 -95.63
C LEU EB 302 168.10 -5.44 -95.72
N THR EB 303 167.36 -4.64 -94.95
CA THR EB 303 167.77 -3.28 -94.59
C THR EB 303 167.59 -3.22 -93.07
N SER EB 304 168.64 -2.78 -92.37
CA SER EB 304 168.69 -2.89 -90.93
C SER EB 304 169.61 -1.77 -90.47
N GLN EB 305 169.41 -1.33 -89.23
CA GLN EB 305 170.07 -0.16 -88.68
C GLN EB 305 171.34 -0.71 -88.07
N TYR EB 306 172.44 0.04 -88.22
CA TYR EB 306 173.72 -0.40 -87.70
C TYR EB 306 173.78 -0.25 -86.19
N GLY EB 307 174.70 -0.99 -85.58
CA GLY EB 307 174.87 -0.92 -84.14
C GLY EB 307 176.06 -1.76 -83.72
N THR EB 308 176.34 -1.72 -82.42
CA THR EB 308 177.42 -2.49 -81.82
C THR EB 308 176.87 -3.29 -80.66
N VAL EB 309 177.09 -4.60 -80.68
CA VAL EB 309 176.62 -5.49 -79.63
C VAL EB 309 177.71 -6.51 -79.33
N ASN EB 310 178.03 -6.66 -78.05
CA ASN EB 310 179.02 -7.64 -77.59
C ASN EB 310 180.36 -7.43 -78.26
N GLY EB 311 180.73 -6.17 -78.48
CA GLY EB 311 181.96 -5.85 -79.17
C GLY EB 311 181.96 -6.19 -80.64
N GLN EB 312 180.80 -6.55 -81.19
CA GLN EB 312 180.68 -6.91 -82.59
C GLN EB 312 179.83 -5.89 -83.32
N TYR EB 313 180.16 -5.66 -84.59
CA TYR EB 313 179.32 -4.82 -85.44
C TYR EB 313 177.98 -5.52 -85.65
N ALA EB 314 176.91 -4.91 -85.18
CA ALA EB 314 175.59 -5.53 -85.20
C ALA EB 314 174.65 -4.75 -86.09
N LEU EB 315 173.59 -5.44 -86.53
CA LEU EB 315 172.54 -4.82 -87.32
C LEU EB 315 171.19 -5.18 -86.71
N ARG EB 316 170.37 -4.17 -86.47
CA ARG EB 316 169.01 -4.36 -85.98
C ARG EB 316 168.09 -4.47 -87.19
N VAL EB 317 167.64 -5.69 -87.49
CA VAL EB 317 166.89 -5.94 -88.71
C VAL EB 317 165.58 -5.17 -88.67
N GLU EB 318 165.35 -4.38 -89.68
CA GLU EB 318 164.11 -3.63 -89.80
C GLU EB 318 163.12 -4.19 -90.81
N HIS EB 319 163.59 -4.72 -91.95
CA HIS EB 319 162.64 -5.14 -93.01
C HIS EB 319 163.27 -6.12 -94.00
N LEU EB 320 162.67 -7.32 -94.14
CA LEU EB 320 163.08 -8.26 -95.17
C LEU EB 320 162.54 -7.78 -96.52
N ILE EB 321 163.43 -7.69 -97.51
CA ILE EB 321 163.04 -7.11 -98.79
C ILE EB 321 162.26 -8.12 -99.61
N ASN EB 322 160.94 -8.11 -99.46
CA ASN EB 322 160.09 -8.96 -100.27
C ASN EB 322 159.89 -8.35 -101.65
N PRO EB 323 159.67 -9.18 -102.68
CA PRO EB 323 159.43 -8.67 -104.03
C PRO EB 323 157.95 -8.39 -104.30
N GLN FB 52 199.63 2.60 -124.26
CA GLN FB 52 199.75 2.83 -122.83
C GLN FB 52 199.51 4.30 -122.51
N ASP FB 53 198.25 4.70 -122.50
CA ASP FB 53 197.86 6.08 -122.23
C ASP FB 53 197.60 6.27 -120.75
N ILE FB 54 197.65 7.53 -120.32
CA ILE FB 54 197.48 7.83 -118.89
C ILE FB 54 196.37 8.85 -118.69
N ASP FB 55 196.39 9.94 -119.46
CA ASP FB 55 195.32 10.97 -119.37
C ASP FB 55 194.01 10.38 -119.89
N LEU FB 56 194.06 9.29 -120.67
CA LEU FB 56 192.84 8.69 -121.27
C LEU FB 56 191.87 8.21 -120.18
N ILE FB 57 192.39 7.59 -119.12
CA ILE FB 57 191.54 7.02 -118.03
C ILE FB 57 191.80 7.80 -116.74
N MET FB 58 192.44 8.97 -116.83
CA MET FB 58 192.78 9.75 -115.65
C MET FB 58 191.54 10.32 -114.98
N ASP FB 59 190.41 10.32 -115.69
CA ASP FB 59 189.19 10.99 -115.24
C ASP FB 59 188.01 10.05 -115.04
N ILE FB 60 188.17 8.77 -115.31
CA ILE FB 60 187.05 7.81 -115.22
C ILE FB 60 186.57 7.73 -113.79
N PRO FB 61 185.26 7.77 -113.53
CA PRO FB 61 184.77 7.66 -112.15
C PRO FB 61 184.68 6.23 -111.69
N VAL FB 62 184.84 6.04 -110.38
CA VAL FB 62 184.74 4.73 -109.75
C VAL FB 62 183.84 5.00 -108.56
N LYS FB 63 183.18 3.92 -108.09
CA LYS FB 63 182.28 3.99 -106.91
C LYS FB 63 182.93 3.18 -105.80
N LEU FB 64 183.03 3.73 -104.59
CA LEU FB 64 183.72 3.08 -103.49
C LEU FB 64 182.67 2.70 -102.45
N THR FB 65 182.75 1.48 -101.94
CA THR FB 65 181.82 0.98 -100.94
C THR FB 65 182.60 0.61 -99.69
N VAL FB 66 181.94 0.74 -98.54
CA VAL FB 66 182.49 0.36 -97.25
C VAL FB 66 181.54 -0.57 -96.53
N GLU FB 67 182.07 -1.58 -95.85
CA GLU FB 67 181.25 -2.59 -95.21
C GLU FB 67 181.18 -2.45 -93.72
N LEU FB 68 180.11 -2.97 -93.11
CA LEU FB 68 180.09 -3.10 -91.66
C LEU FB 68 180.93 -4.33 -91.31
N GLY FB 69 180.64 -5.46 -91.96
CA GLY FB 69 181.42 -6.66 -91.72
C GLY FB 69 180.86 -7.85 -92.46
N ARG FB 70 181.65 -8.91 -92.48
CA ARG FB 70 181.23 -10.20 -93.04
C ARG FB 70 180.37 -10.92 -92.00
N THR FB 71 179.63 -11.91 -92.46
CA THR FB 71 178.99 -12.88 -91.58
C THR FB 71 178.46 -13.90 -92.55
N ARG FB 72 178.33 -15.14 -92.08
CA ARG FB 72 177.88 -16.26 -92.89
C ARG FB 72 176.80 -16.94 -92.06
N MET FB 73 175.59 -17.03 -92.60
CA MET FB 73 174.43 -17.41 -91.82
C MET FB 73 173.52 -18.10 -92.84
N THR FB 74 172.88 -19.21 -92.44
CA THR FB 74 172.16 -20.09 -93.39
C THR FB 74 170.79 -19.58 -93.70
N ILE FB 75 170.07 -20.29 -94.57
CA ILE FB 75 168.69 -19.92 -94.98
C ILE FB 75 167.78 -19.97 -93.74
N LYS FB 76 167.97 -20.93 -92.85
CA LYS FB 76 167.10 -21.08 -91.65
C LYS FB 76 166.96 -19.76 -90.87
N GLU FB 77 168.05 -19.23 -90.28
CA GLU FB 77 168.07 -17.98 -89.52
C GLU FB 77 167.63 -16.77 -90.33
N LEU FB 78 167.99 -16.72 -91.62
CA LEU FB 78 167.52 -15.65 -92.48
C LEU FB 78 166.00 -15.58 -92.63
N LEU FB 79 165.36 -16.74 -92.75
CA LEU FB 79 163.91 -16.76 -92.84
C LEU FB 79 163.14 -16.45 -91.56
N ARG FB 80 163.73 -16.75 -90.40
CA ARG FB 80 163.09 -16.43 -89.13
C ARG FB 80 163.56 -15.08 -88.49
N LEU FB 81 164.28 -14.31 -89.29
CA LEU FB 81 164.71 -12.98 -88.85
C LEU FB 81 163.40 -12.20 -88.89
N THR FB 82 163.15 -11.43 -87.83
CA THR FB 82 161.92 -10.67 -87.73
C THR FB 82 162.33 -9.22 -87.52
N GLN FB 83 161.35 -8.32 -87.44
CA GLN FB 83 161.68 -6.92 -87.16
C GLN FB 83 162.24 -6.79 -85.77
N GLY FB 84 163.29 -5.98 -85.61
CA GLY FB 84 163.91 -5.79 -84.31
C GLY FB 84 164.94 -6.84 -83.97
N SER FB 85 165.05 -7.90 -84.75
CA SER FB 85 166.07 -8.91 -84.49
C SER FB 85 167.46 -8.36 -84.78
N VAL FB 86 168.44 -8.80 -84.00
CA VAL FB 86 169.80 -8.29 -84.07
C VAL FB 86 170.71 -9.42 -84.55
N VAL FB 87 171.54 -9.12 -85.54
CA VAL FB 87 172.51 -10.07 -86.08
C VAL FB 87 173.90 -9.42 -86.00
N ALA FB 88 174.91 -10.19 -85.58
CA ALA FB 88 176.28 -9.67 -85.43
C ALA FB 88 177.01 -9.67 -86.78
N LEU FB 89 178.34 -9.47 -86.76
CA LEU FB 89 179.20 -9.44 -87.97
C LEU FB 89 180.51 -10.08 -87.53
N ASP FB 90 181.45 -10.37 -88.42
CA ASP FB 90 182.72 -11.07 -88.09
C ASP FB 90 183.77 -10.11 -87.52
N GLY FB 91 183.52 -8.79 -87.50
CA GLY FB 91 184.47 -7.81 -87.01
C GLY FB 91 184.22 -7.19 -85.65
N LEU FB 92 185.27 -7.13 -84.84
CA LEU FB 92 185.19 -6.45 -83.56
C LEU FB 92 184.90 -4.97 -83.78
N ALA FB 93 184.12 -4.37 -82.89
CA ALA FB 93 183.79 -2.96 -82.99
C ALA FB 93 185.05 -2.15 -82.74
N GLY FB 94 185.66 -1.64 -83.81
CA GLY FB 94 186.87 -0.88 -83.68
C GLY FB 94 187.88 -1.10 -84.79
N GLU FB 95 187.82 -2.29 -85.45
CA GLU FB 95 188.74 -2.51 -86.55
C GLU FB 95 188.37 -1.61 -87.73
N PRO FB 96 189.34 -1.25 -88.57
CA PRO FB 96 189.02 -0.43 -89.75
C PRO FB 96 188.21 -1.23 -90.76
N LEU FB 97 187.18 -0.59 -91.30
CA LEU FB 97 186.34 -1.24 -92.30
C LEU FB 97 187.09 -1.34 -93.63
N ASP FB 98 186.64 -2.28 -94.47
CA ASP FB 98 187.34 -2.51 -95.76
C ASP FB 98 186.67 -1.69 -96.87
N ILE FB 99 187.45 -0.88 -97.57
CA ILE FB 99 186.91 -0.07 -98.70
C ILE FB 99 187.14 -0.88 -99.99
N LEU FB 100 186.12 -0.97 -100.85
CA LEU FB 100 186.24 -1.82 -102.07
C LEU FB 100 185.73 -1.07 -103.32
N ILE FB 101 186.26 -1.41 -104.49
CA ILE FB 101 185.78 -0.81 -105.77
C ILE FB 101 185.45 -1.96 -106.74
N ASN FB 102 184.25 -1.96 -107.31
CA ASN FB 102 183.87 -3.03 -108.30
C ASN FB 102 184.12 -4.38 -107.61
N GLY FB 103 183.87 -4.48 -106.30
CA GLY FB 103 184.02 -5.75 -105.56
C GLY FB 103 185.47 -6.12 -105.34
N TYR FB 104 186.41 -5.18 -105.51
CA TYR FB 104 187.87 -5.46 -105.37
C TYR FB 104 188.42 -4.62 -104.23
N LEU FB 105 189.19 -5.24 -103.31
CA LEU FB 105 189.67 -4.51 -102.12
C LEU FB 105 190.55 -3.36 -102.60
N ILE FB 106 190.42 -2.19 -101.97
CA ILE FB 106 191.22 -0.99 -102.38
C ILE FB 106 191.81 -0.30 -101.15
N ALA FB 107 191.18 -0.34 -99.97
CA ALA FB 107 191.67 0.44 -98.84
C ALA FB 107 191.06 -0.09 -97.55
N GLN FB 108 191.41 0.57 -96.44
CA GLN FB 108 190.80 0.33 -95.14
C GLN FB 108 190.69 1.64 -94.37
N GLY FB 109 189.54 1.84 -93.72
CA GLY FB 109 189.31 3.03 -92.94
C GLY FB 109 188.05 2.91 -92.12
N GLU FB 110 187.95 3.76 -91.08
CA GLU FB 110 186.82 3.76 -90.18
C GLU FB 110 186.09 5.09 -90.26
N VAL FB 111 184.86 5.09 -89.74
CA VAL FB 111 184.03 6.29 -89.72
C VAL FB 111 184.47 7.18 -88.56
N VAL FB 112 184.47 8.49 -88.79
CA VAL FB 112 184.86 9.48 -87.79
C VAL FB 112 183.84 10.61 -87.73
N VAL FB 113 183.56 11.09 -86.53
CA VAL FB 113 182.64 12.20 -86.31
C VAL FB 113 183.41 13.49 -86.03
N VAL FB 114 183.28 14.48 -86.90
CA VAL FB 114 184.06 15.70 -86.73
C VAL FB 114 183.22 16.74 -85.99
N ALA FB 115 182.16 17.18 -86.66
CA ALA FB 115 181.19 18.09 -86.04
C ALA FB 115 179.77 17.52 -85.97
N ASP FB 116 179.07 17.53 -87.11
CA ASP FB 116 177.74 16.88 -87.21
C ASP FB 116 177.82 16.23 -88.59
N LYS FB 117 179.03 15.82 -89.01
CA LYS FB 117 179.23 15.27 -90.38
C LYS FB 117 180.05 13.97 -90.28
N TYR FB 118 179.92 13.08 -91.28
CA TYR FB 118 180.61 11.77 -91.21
C TYR FB 118 181.57 11.57 -92.38
N GLY FB 119 182.62 10.77 -92.15
CA GLY FB 119 183.56 10.43 -93.20
C GLY FB 119 184.45 9.27 -92.79
N VAL FB 120 185.15 8.71 -93.78
CA VAL FB 120 186.00 7.55 -93.57
C VAL FB 120 187.42 8.08 -93.47
N ARG FB 121 188.12 7.63 -92.42
CA ARG FB 121 189.51 8.01 -92.19
C ARG FB 121 190.33 6.79 -92.59
N ILE FB 122 190.92 6.84 -93.78
CA ILE FB 122 191.63 5.69 -94.32
C ILE FB 122 192.90 5.44 -93.51
N THR FB 123 193.12 4.18 -93.14
CA THR FB 123 194.27 3.80 -92.32
C THR FB 123 195.49 3.45 -93.15
N ASP FB 124 195.31 2.70 -94.23
CA ASP FB 124 196.45 2.28 -95.04
C ASP FB 124 195.96 1.85 -96.42
N ILE FB 125 196.92 1.56 -97.29
CA ILE FB 125 196.66 1.04 -98.63
C ILE FB 125 197.26 -0.36 -98.70
N ILE FB 126 196.45 -1.33 -99.10
CA ILE FB 126 196.87 -2.72 -99.09
C ILE FB 126 197.74 -3.02 -100.30
N THR FB 127 198.98 -3.40 -100.06
CA THR FB 127 199.86 -3.90 -101.09
C THR FB 127 199.41 -5.29 -101.52
N PRO FB 128 199.81 -5.75 -102.71
CA PRO FB 128 199.39 -7.09 -103.15
C PRO FB 128 199.75 -8.19 -102.17
N SER FB 129 200.93 -8.10 -101.54
CA SER FB 129 201.35 -9.13 -100.59
C SER FB 129 200.27 -9.33 -99.54
N GLU FB 130 199.83 -8.24 -98.92
CA GLU FB 130 198.70 -8.33 -98.01
C GLU FB 130 197.46 -8.92 -98.66
N ARG FB 131 197.12 -8.44 -99.87
CA ARG FB 131 195.97 -9.02 -100.60
C ARG FB 131 196.13 -10.54 -100.73
N MET FB 132 197.34 -11.02 -100.99
CA MET FB 132 197.56 -12.47 -101.20
C MET FB 132 197.21 -13.23 -99.91
N ARG FB 133 197.62 -12.69 -98.76
CA ARG FB 133 197.34 -13.37 -97.46
C ARG FB 133 195.85 -13.20 -97.14
N ARG FB 134 195.22 -12.19 -97.73
CA ARG FB 134 193.77 -11.92 -97.50
C ARG FB 134 193.05 -13.14 -98.12
N LEU FB 135 193.33 -13.40 -99.40
CA LEU FB 135 192.80 -14.61 -100.05
C LEU FB 135 193.23 -15.93 -99.41
N SER FB 136 194.48 -16.01 -98.95
CA SER FB 136 195.02 -17.26 -98.36
C SER FB 136 194.37 -17.53 -96.99
N ARG FB 137 194.00 -16.47 -96.25
CA ARG FB 137 193.49 -16.73 -94.91
C ARG FB 137 192.33 -15.78 -94.58
N ASP GB 53 202.66 3.57 -107.48
CA ASP GB 53 201.26 3.94 -107.28
C ASP GB 53 200.40 3.61 -108.50
N ILE GB 54 201.04 3.56 -109.67
CA ILE GB 54 200.32 3.19 -110.89
C ILE GB 54 199.89 1.74 -110.75
N ASP GB 55 200.74 0.92 -110.10
CA ASP GB 55 200.42 -0.49 -109.92
C ASP GB 55 199.10 -0.71 -109.18
N LEU GB 56 198.78 0.16 -108.23
CA LEU GB 56 197.50 0.05 -107.53
C LEU GB 56 196.26 0.18 -108.40
N ILE GB 57 196.32 1.13 -109.34
CA ILE GB 57 195.14 1.40 -110.22
C ILE GB 57 195.40 0.81 -111.61
N MET GB 58 196.25 -0.21 -111.72
CA MET GB 58 196.57 -0.77 -113.02
C MET GB 58 195.84 -2.11 -113.00
N ASP GB 59 195.32 -2.52 -111.83
CA ASP GB 59 194.69 -3.87 -111.72
C ASP GB 59 193.18 -3.79 -111.46
N ILE GB 60 192.68 -2.67 -110.93
CA ILE GB 60 191.26 -2.56 -110.56
C ILE GB 60 190.22 -2.86 -111.65
N PRO GB 61 189.15 -3.64 -111.35
CA PRO GB 61 188.06 -3.89 -112.31
C PRO GB 61 187.24 -2.62 -112.54
N VAL GB 62 186.57 -2.52 -113.69
CA VAL GB 62 185.74 -1.38 -114.03
C VAL GB 62 184.70 -1.96 -114.97
N LYS GB 63 183.57 -1.26 -115.09
CA LYS GB 63 182.45 -1.74 -115.88
C LYS GB 63 182.47 -0.98 -117.20
N LEU GB 64 182.42 -1.71 -118.31
CA LEU GB 64 182.47 -1.13 -119.65
C LEU GB 64 181.13 -1.39 -120.32
N THR GB 65 180.63 -0.39 -121.04
CA THR GB 65 179.39 -0.51 -121.80
C THR GB 65 179.60 0.12 -123.16
N VAL GB 66 178.76 -0.27 -124.12
CA VAL GB 66 178.71 0.38 -125.43
C VAL GB 66 177.26 0.59 -125.78
N GLU GB 67 176.90 1.83 -126.12
CA GLU GB 67 175.51 2.17 -126.38
C GLU GB 67 175.27 2.28 -127.87
N LEU GB 68 174.19 1.65 -128.36
CA LEU GB 68 173.91 1.59 -129.82
C LEU GB 68 173.01 2.75 -130.27
N GLY GB 69 172.18 3.30 -129.38
CA GLY GB 69 171.18 4.32 -129.77
C GLY GB 69 171.04 5.42 -128.75
N ARG GB 70 170.46 6.56 -129.16
CA ARG GB 70 170.22 7.71 -128.27
C ARG GB 70 169.02 8.50 -128.82
N THR GB 71 167.96 8.67 -128.04
CA THR GB 71 166.74 9.36 -128.47
C THR GB 71 166.24 10.20 -127.34
N ARG GB 72 165.65 11.36 -127.58
CA ARG GB 72 165.00 12.21 -126.60
C ARG GB 72 163.48 12.12 -126.76
N MET GB 73 162.80 11.85 -125.65
CA MET GB 73 161.33 11.66 -125.75
C MET GB 73 160.58 12.27 -124.56
N THR GB 74 159.31 12.57 -124.74
CA THR GB 74 158.43 13.08 -123.69
C THR GB 74 157.70 11.85 -123.16
N ILE GB 75 156.80 12.04 -122.21
CA ILE GB 75 156.17 10.84 -121.58
C ILE GB 75 154.92 10.45 -122.37
N LYS GB 76 154.29 11.43 -122.99
CA LYS GB 76 153.18 11.09 -123.89
C LYS GB 76 153.79 10.02 -124.78
N GLU GB 77 154.95 10.31 -125.35
CA GLU GB 77 155.58 9.36 -126.30
C GLU GB 77 155.96 8.05 -125.62
N LEU GB 78 156.56 8.09 -124.43
CA LEU GB 78 157.02 6.85 -123.78
C LEU GB 78 155.84 5.95 -123.43
N LEU GB 79 154.78 6.53 -122.89
CA LEU GB 79 153.56 5.78 -122.50
C LEU GB 79 152.91 5.21 -123.77
N ARG GB 80 152.93 5.98 -124.85
CA ARG GB 80 152.26 5.56 -126.11
C ARG GB 80 152.93 4.27 -126.60
N LEU GB 81 154.25 4.15 -126.49
CA LEU GB 81 154.95 2.89 -126.85
C LEU GB 81 154.13 1.72 -126.27
N THR GB 82 153.87 0.66 -127.03
CA THR GB 82 153.21 -0.55 -126.49
C THR GB 82 154.10 -1.74 -126.76
N GLN GB 83 153.53 -2.96 -126.76
CA GLN GB 83 154.35 -4.11 -127.11
C GLN GB 83 154.52 -4.18 -128.63
N GLY GB 84 155.75 -4.36 -129.07
CA GLY GB 84 156.05 -4.40 -130.49
C GLY GB 84 156.25 -3.05 -131.14
N SER GB 85 156.11 -1.95 -130.40
CA SER GB 85 156.32 -0.63 -130.98
C SER GB 85 157.79 -0.44 -131.32
N VAL GB 86 158.04 0.17 -132.47
CA VAL GB 86 159.39 0.44 -132.94
C VAL GB 86 159.75 1.87 -132.60
N VAL GB 87 160.87 2.07 -131.92
CA VAL GB 87 161.35 3.38 -131.52
C VAL GB 87 162.54 3.73 -132.40
N ALA GB 88 162.42 4.82 -133.15
CA ALA GB 88 163.53 5.26 -133.99
C ALA GB 88 164.67 5.87 -133.18
N LEU GB 89 165.89 5.69 -133.68
CA LEU GB 89 167.08 6.23 -133.06
C LEU GB 89 167.77 7.38 -133.77
N ASP GB 90 168.08 8.45 -133.02
CA ASP GB 90 168.73 9.61 -133.61
C ASP GB 90 170.02 9.21 -134.40
N GLY GB 91 170.76 8.27 -133.82
CA GLY GB 91 171.89 7.68 -134.51
C GLY GB 91 171.72 7.00 -135.86
N LEU GB 92 172.42 7.49 -136.87
CA LEU GB 92 172.34 6.88 -138.19
C LEU GB 92 173.06 5.53 -138.19
N ALA GB 93 172.72 4.70 -139.18
CA ALA GB 93 173.39 3.41 -139.29
C ALA GB 93 174.84 3.59 -139.68
N GLY GB 94 175.72 2.83 -139.03
CA GLY GB 94 177.14 2.85 -139.33
C GLY GB 94 177.95 3.89 -138.59
N GLU GB 95 177.31 4.81 -137.88
CA GLU GB 95 178.06 5.80 -137.12
C GLU GB 95 178.76 5.13 -135.93
N PRO GB 96 179.90 5.61 -135.42
CA PRO GB 96 180.62 4.92 -134.32
C PRO GB 96 179.78 4.91 -133.04
N LEU GB 97 179.54 3.74 -132.45
CA LEU GB 97 178.78 3.59 -131.17
C LEU GB 97 179.57 4.25 -130.03
N ASP GB 98 178.92 4.94 -129.10
CA ASP GB 98 179.69 5.47 -127.94
C ASP GB 98 180.15 4.31 -127.07
N ILE GB 99 181.34 4.35 -126.48
CA ILE GB 99 181.82 3.38 -125.51
C ILE GB 99 182.03 4.12 -124.19
N LEU GB 100 181.38 3.64 -123.14
CA LEU GB 100 181.35 4.32 -121.86
C LEU GB 100 182.00 3.45 -120.80
N ILE GB 101 182.65 4.09 -119.84
CA ILE GB 101 183.26 3.42 -118.69
C ILE GB 101 182.61 4.01 -117.45
N ASN GB 102 181.81 3.19 -116.76
CA ASN GB 102 181.03 3.65 -115.61
C ASN GB 102 180.17 4.86 -115.98
N GLY GB 103 179.65 4.84 -117.20
CA GLY GB 103 178.85 5.95 -117.69
C GLY GB 103 179.62 7.12 -118.23
N TYR GB 104 180.93 7.00 -118.38
CA TYR GB 104 181.79 8.09 -118.86
C TYR GB 104 182.29 7.74 -120.25
N LEU GB 105 182.00 8.62 -121.22
CA LEU GB 105 182.39 8.37 -122.60
C LEU GB 105 183.89 8.58 -122.77
N ILE GB 106 184.56 7.61 -123.40
CA ILE GB 106 186.00 7.73 -123.63
C ILE GB 106 186.33 7.48 -125.10
N ALA GB 107 185.48 6.77 -125.82
CA ALA GB 107 185.85 6.32 -127.15
C ALA GB 107 184.63 6.08 -128.01
N GLN GB 108 184.87 5.99 -129.32
CA GLN GB 108 183.86 5.70 -130.30
C GLN GB 108 184.32 4.55 -131.19
N GLY GB 109 183.40 3.65 -131.51
CA GLY GB 109 183.73 2.53 -132.38
C GLY GB 109 182.57 1.76 -132.97
N GLU GB 110 182.86 1.11 -134.10
CA GLU GB 110 181.82 0.34 -134.79
C GLU GB 110 181.45 -1.00 -134.21
N VAL GB 111 180.30 -1.52 -134.61
CA VAL GB 111 179.72 -2.72 -134.00
C VAL GB 111 180.25 -3.83 -134.90
N VAL GB 112 180.69 -4.92 -134.26
CA VAL GB 112 181.14 -6.12 -134.97
C VAL GB 112 180.90 -7.31 -134.05
N VAL GB 113 180.55 -8.45 -134.64
CA VAL GB 113 180.27 -9.66 -133.89
C VAL GB 113 181.37 -10.68 -134.14
N VAL GB 114 181.91 -11.22 -133.05
CA VAL GB 114 183.05 -12.20 -133.14
C VAL GB 114 182.67 -13.49 -132.41
N ALA GB 115 182.73 -14.65 -133.08
CA ALA GB 115 182.47 -15.95 -132.43
C ALA GB 115 181.08 -15.98 -131.82
N ASP GB 116 180.08 -15.37 -132.48
CA ASP GB 116 178.66 -15.39 -132.04
C ASP GB 116 178.47 -14.60 -130.73
N LYS GB 117 179.40 -13.71 -130.39
CA LYS GB 117 179.27 -12.86 -129.18
C LYS GB 117 179.41 -11.40 -129.62
N TYR GB 118 178.55 -10.52 -129.10
CA TYR GB 118 178.65 -9.08 -129.45
C TYR GB 118 180.04 -8.50 -129.20
N GLY GB 119 180.43 -7.51 -130.00
CA GLY GB 119 181.71 -6.84 -129.80
C GLY GB 119 181.71 -5.47 -130.44
N VAL GB 120 182.84 -4.79 -130.29
CA VAL GB 120 183.00 -3.44 -130.83
C VAL GB 120 184.47 -3.21 -131.11
N ARG GB 121 184.75 -2.61 -132.26
CA ARG GB 121 186.11 -2.22 -132.64
C ARG GB 121 186.36 -0.76 -132.32
N ILE GB 122 187.38 -0.48 -131.53
CA ILE GB 122 187.66 0.89 -131.10
C ILE GB 122 188.19 1.69 -132.29
N THR GB 123 187.31 2.46 -132.92
CA THR GB 123 187.73 3.29 -134.04
C THR GB 123 188.64 4.42 -133.56
N ASP GB 124 188.23 5.12 -132.50
CA ASP GB 124 189.06 6.21 -132.01
C ASP GB 124 188.72 6.49 -130.54
N ILE GB 125 189.61 7.21 -129.88
CA ILE GB 125 189.38 7.71 -128.54
C ILE GB 125 189.13 9.21 -128.64
N ILE GB 126 188.00 9.67 -128.11
CA ILE GB 126 187.63 11.07 -128.23
C ILE GB 126 188.46 11.90 -127.27
N THR GB 127 189.11 12.93 -127.81
CA THR GB 127 189.78 13.98 -127.08
C THR GB 127 188.75 14.96 -126.54
N PRO GB 128 188.99 15.58 -125.37
CA PRO GB 128 187.93 16.38 -124.74
C PRO GB 128 187.48 17.57 -125.59
N SER GB 129 188.04 17.75 -126.80
CA SER GB 129 187.56 18.80 -127.67
C SER GB 129 186.12 18.49 -128.07
N GLU GB 130 185.81 17.20 -128.29
CA GLU GB 130 184.45 16.80 -128.77
C GLU GB 130 183.44 16.81 -127.62
N ARG GB 131 183.89 16.83 -126.37
CA ARG GB 131 183.02 16.77 -125.21
C ARG GB 131 182.16 18.02 -125.13
N MET GB 132 182.76 19.18 -125.44
CA MET GB 132 181.93 20.41 -125.49
C MET GB 132 180.78 20.15 -126.47
N ARG GB 133 181.10 19.61 -127.65
CA ARG GB 133 180.06 19.33 -128.69
C ARG GB 133 179.09 18.20 -128.29
N ARG GB 134 179.50 17.35 -127.36
CA ARG GB 134 178.62 16.24 -126.89
C ARG GB 134 177.43 16.86 -126.12
N LEU GB 135 177.53 18.15 -125.81
CA LEU GB 135 176.43 18.85 -125.07
C LEU GB 135 176.16 20.21 -125.74
N ALA HB 37 172.22 36.56 -94.69
CA ALA HB 37 171.04 36.16 -93.94
C ALA HB 37 169.77 36.44 -94.73
N VAL HB 38 169.93 36.63 -96.05
CA VAL HB 38 168.80 36.90 -96.92
C VAL HB 38 167.87 35.70 -97.03
N PHE HB 39 168.43 34.51 -97.20
CA PHE HB 39 167.62 33.31 -97.33
C PHE HB 39 166.93 32.99 -96.01
N GLN HB 40 165.67 32.57 -96.08
CA GLN HB 40 164.90 32.25 -94.89
C GLN HB 40 165.00 30.75 -94.65
N GLN HB 41 165.22 30.37 -93.39
CA GLN HB 41 165.49 28.98 -93.06
C GLN HB 41 164.22 28.13 -93.01
N LEU HB 42 164.08 27.24 -93.99
CA LEU HB 42 162.94 26.34 -94.08
C LEU HB 42 163.18 25.01 -93.39
N GLY HB 43 162.18 24.56 -92.65
CA GLY HB 43 162.28 23.29 -91.93
C GLY HB 43 160.92 22.78 -91.57
N GLY HB 44 160.87 21.49 -91.25
CA GLY HB 44 159.62 20.84 -90.90
C GLY HB 44 158.61 20.83 -92.03
N GLY HB 45 159.06 20.59 -93.25
CA GLY HB 45 158.18 20.57 -94.39
C GLY HB 45 157.76 19.19 -94.83
N ASP HB 46 158.03 18.19 -93.99
CA ASP HB 46 157.66 16.81 -94.28
C ASP HB 46 156.19 16.60 -93.89
N VAL HB 47 155.32 17.20 -94.70
CA VAL HB 47 153.89 17.12 -94.43
C VAL HB 47 153.38 15.71 -94.67
N SER HB 48 153.47 15.24 -95.90
CA SER HB 48 153.03 13.90 -96.28
C SER HB 48 153.56 13.61 -97.68
N GLY HB 49 153.31 12.40 -98.15
CA GLY HB 49 153.70 12.00 -99.49
C GLY HB 49 152.71 11.04 -100.12
N ALA HB 50 152.20 11.39 -101.29
CA ALA HB 50 151.27 10.53 -102.00
C ALA HB 50 151.38 10.81 -103.50
N MET HB 51 151.51 9.75 -104.28
CA MET HB 51 151.56 9.90 -105.73
C MET HB 51 150.26 10.54 -106.22
N GLN HB 52 150.39 11.52 -107.11
CA GLN HB 52 149.23 12.26 -107.56
C GLN HB 52 148.72 11.57 -108.82
N ASP HB 53 149.52 11.64 -109.90
CA ASP HB 53 149.18 11.07 -111.19
C ASP HB 53 150.39 11.30 -112.08
N ILE HB 54 150.43 10.60 -113.21
CA ILE HB 54 151.60 10.63 -114.08
C ILE HB 54 151.49 11.64 -115.22
N ASP HB 55 150.42 12.44 -115.21
CA ASP HB 55 150.23 13.49 -116.22
C ASP HB 55 150.63 14.87 -115.74
N LEU HB 56 150.86 15.04 -114.44
CA LEU HB 56 151.35 16.35 -113.93
C LEU HB 56 152.76 16.51 -114.47
N ILE HB 57 153.50 15.42 -114.55
CA ILE HB 57 154.94 15.43 -114.99
C ILE HB 57 155.07 14.98 -116.45
N MET HB 58 153.98 14.83 -117.20
CA MET HB 58 154.08 14.21 -118.56
C MET HB 58 155.03 14.79 -119.61
N ASP HB 59 154.84 16.05 -119.98
CA ASP HB 59 155.65 16.66 -121.07
C ASP HB 59 157.02 17.04 -120.51
N ILE HB 60 157.69 16.08 -119.86
CA ILE HB 60 159.06 16.33 -119.35
C ILE HB 60 159.99 15.46 -120.21
N PRO HB 61 161.05 16.02 -120.82
CA PRO HB 61 161.91 15.23 -121.75
C PRO HB 61 162.59 14.10 -120.99
N VAL HB 62 162.66 12.93 -121.62
CA VAL HB 62 163.36 11.76 -120.99
C VAL HB 62 164.58 11.47 -121.87
N LYS HB 63 165.63 10.91 -121.28
CA LYS HB 63 166.82 10.58 -122.07
C LYS HB 63 166.80 9.08 -122.33
N LEU HB 64 166.27 8.69 -123.48
CA LEU HB 64 166.19 7.29 -123.84
C LEU HB 64 167.47 6.84 -124.52
N THR HB 65 167.97 5.67 -124.14
CA THR HB 65 169.21 5.14 -124.65
C THR HB 65 169.13 3.62 -124.73
N VAL HB 66 169.42 3.06 -125.90
CA VAL HB 66 169.50 1.62 -126.08
C VAL HB 66 170.94 1.16 -125.95
N GLU HB 67 171.15 0.06 -125.22
CA GLU HB 67 172.49 -0.45 -124.95
C GLU HB 67 172.83 -1.71 -125.72
N LEU HB 68 174.00 -1.70 -126.39
CA LEU HB 68 174.36 -2.81 -127.25
C LEU HB 68 174.80 -3.98 -126.38
N GLY HB 69 175.67 -3.72 -125.40
CA GLY HB 69 176.18 -4.81 -124.58
C GLY HB 69 176.95 -4.33 -123.38
N ARG HB 70 177.37 -5.30 -122.58
CA ARG HB 70 178.11 -5.05 -121.36
C ARG HB 70 179.31 -5.98 -121.37
N THR HB 71 180.26 -5.70 -120.49
CA THR HB 71 181.41 -6.54 -120.26
C THR HB 71 182.14 -6.02 -119.04
N ARG HB 72 182.39 -6.90 -118.09
CA ARG HB 72 183.21 -6.55 -116.92
C ARG HB 72 184.67 -6.79 -117.29
N MET HB 73 185.46 -5.73 -117.21
CA MET HB 73 186.85 -5.80 -117.62
C MET HB 73 187.65 -4.84 -116.75
N THR HB 74 188.87 -5.23 -116.43
CA THR HB 74 189.72 -4.45 -115.57
C THR HB 74 190.62 -3.53 -116.40
N ILE HB 75 191.35 -2.65 -115.70
CA ILE HB 75 192.27 -1.73 -116.34
C ILE HB 75 193.40 -2.46 -117.04
N LYS HB 76 193.69 -3.71 -116.61
CA LYS HB 76 194.72 -4.53 -117.24
C LYS HB 76 194.59 -4.52 -118.75
N GLU HB 77 193.49 -5.05 -119.27
CA GLU HB 77 193.29 -5.03 -120.72
C GLU HB 77 192.92 -3.64 -121.22
N LEU HB 78 192.34 -2.79 -120.36
CA LEU HB 78 191.99 -1.45 -120.79
C LEU HB 78 193.00 -0.59 -121.52
N LEU HB 79 194.22 -0.49 -121.00
CA LEU HB 79 195.25 0.27 -121.73
C LEU HB 79 195.89 -0.59 -122.86
N ARG HB 80 195.79 -1.91 -122.70
CA ARG HB 80 196.30 -2.79 -123.78
C ARG HB 80 195.55 -2.45 -125.07
N LEU HB 81 194.32 -1.93 -124.95
CA LEU HB 81 193.54 -1.54 -126.11
C LEU HB 81 194.10 -0.48 -127.05
N THR HB 82 194.21 -0.83 -128.33
CA THR HB 82 194.67 0.08 -129.37
C THR HB 82 193.57 0.26 -130.41
N GLN HB 83 193.84 1.13 -131.38
CA GLN HB 83 192.90 1.34 -132.47
C GLN HB 83 192.78 0.08 -133.31
N GLY HB 84 191.55 -0.28 -133.67
CA GLY HB 84 191.31 -1.48 -134.43
C GLY HB 84 191.16 -2.73 -133.60
N SER HB 85 191.38 -2.67 -132.29
CA SER HB 85 191.18 -3.81 -131.43
C SER HB 85 189.69 -4.12 -131.28
N VAL HB 86 189.39 -5.35 -130.88
CA VAL HB 86 188.01 -5.82 -130.74
C VAL HB 86 187.81 -6.25 -129.30
N VAL HB 87 186.75 -5.75 -128.67
CA VAL HB 87 186.40 -6.09 -127.30
C VAL HB 87 185.13 -6.92 -127.32
N ALA HB 88 185.22 -8.15 -126.83
CA ALA HB 88 184.05 -9.01 -126.76
C ALA HB 88 183.14 -8.55 -125.62
N LEU HB 89 181.84 -8.60 -125.88
CA LEU HB 89 180.83 -8.19 -124.91
C LEU HB 89 180.19 -9.43 -124.31
N ASP HB 90 179.78 -9.31 -123.04
CA ASP HB 90 179.15 -10.43 -122.36
C ASP HB 90 177.85 -10.86 -123.02
N GLY HB 91 177.08 -9.90 -123.56
CA GLY HB 91 175.84 -10.22 -124.24
C GLY HB 91 176.02 -11.08 -125.47
N LEU HB 92 175.29 -12.18 -125.53
CA LEU HB 92 175.32 -13.05 -126.70
C LEU HB 92 174.69 -12.34 -127.89
N ALA HB 93 175.24 -12.60 -129.08
CA ALA HB 93 174.76 -11.95 -130.29
C ALA HB 93 173.32 -12.37 -130.57
N GLY HB 94 172.50 -11.40 -130.96
CA GLY HB 94 171.11 -11.65 -131.27
C GLY HB 94 170.17 -11.61 -130.08
N GLU HB 95 170.70 -11.45 -128.86
CA GLU HB 95 169.85 -11.35 -127.70
C GLU HB 95 169.14 -9.99 -127.68
N PRO HB 96 168.01 -9.89 -126.99
CA PRO HB 96 167.35 -8.60 -126.87
C PRO HB 96 168.24 -7.58 -126.18
N LEU HB 97 168.22 -6.36 -126.70
CA LEU HB 97 169.02 -5.26 -126.17
C LEU HB 97 168.26 -4.57 -125.05
N ASP HB 98 169.01 -3.78 -124.27
CA ASP HB 98 168.47 -3.12 -123.09
C ASP HB 98 168.10 -1.68 -123.42
N ILE HB 99 166.99 -1.21 -122.85
CA ILE HB 99 166.51 0.15 -123.05
C ILE HB 99 166.48 0.83 -121.70
N LEU HB 100 167.09 2.01 -121.62
CA LEU HB 100 167.15 2.77 -120.38
C LEU HB 100 166.59 4.17 -120.62
N ILE HB 101 165.95 4.73 -119.61
CA ILE HB 101 165.54 6.12 -119.61
C ILE HB 101 166.24 6.82 -118.47
N ASN HB 102 167.05 7.84 -118.78
CA ASN HB 102 167.89 8.51 -117.80
C ASN HB 102 168.79 7.52 -117.08
N GLY HB 103 169.26 6.51 -117.80
CA GLY HB 103 170.17 5.53 -117.25
C GLY HB 103 169.56 4.47 -116.38
N TYR HB 104 168.23 4.35 -116.36
CA TYR HB 104 167.54 3.35 -115.56
C TYR HB 104 166.92 2.33 -116.50
N LEU HB 105 167.23 1.06 -116.30
CA LEU HB 105 166.73 0.01 -117.17
C LEU HB 105 165.24 -0.17 -116.96
N ILE HB 106 164.47 -0.14 -118.04
CA ILE HB 106 163.02 -0.29 -117.98
C ILE HB 106 162.55 -1.47 -118.81
N ALA HB 107 163.10 -1.66 -120.01
CA ALA HB 107 162.55 -2.65 -120.92
C ALA HB 107 163.66 -3.29 -121.73
N GLN HB 108 163.32 -4.42 -122.34
CA GLN HB 108 164.17 -5.13 -123.27
C GLN HB 108 163.49 -5.15 -124.63
N GLY HB 109 164.26 -4.76 -125.66
CA GLY HB 109 163.73 -4.66 -127.00
C GLY HB 109 164.62 -5.44 -127.96
N GLU HB 110 164.32 -5.28 -129.24
CA GLU HB 110 165.06 -5.95 -130.30
C GLU HB 110 165.37 -4.91 -131.38
N VAL HB 111 166.59 -4.96 -131.90
CA VAL HB 111 167.06 -3.96 -132.86
C VAL HB 111 166.57 -4.29 -134.26
N VAL HB 112 166.07 -3.27 -134.97
CA VAL HB 112 165.58 -3.40 -136.33
C VAL HB 112 166.08 -2.22 -137.14
N VAL HB 113 166.12 -2.39 -138.46
CA VAL HB 113 166.56 -1.36 -139.38
C VAL HB 113 165.36 -0.94 -140.22
N VAL HB 114 165.00 0.34 -140.11
CA VAL HB 114 163.85 0.88 -140.89
C VAL HB 114 164.30 2.11 -141.70
N ALA HB 115 164.23 2.02 -143.04
CA ALA HB 115 164.65 3.13 -143.92
C ALA HB 115 166.09 3.57 -143.68
N ASP HB 116 167.00 2.63 -143.39
CA ASP HB 116 168.44 2.94 -143.22
C ASP HB 116 168.67 3.68 -141.90
N LYS HB 117 167.69 3.64 -140.99
CA LYS HB 117 167.83 4.30 -139.68
C LYS HB 117 167.69 3.24 -138.58
N TYR HB 118 168.54 3.30 -137.55
CA TYR HB 118 168.48 2.26 -136.53
C TYR HB 118 167.27 2.46 -135.64
N GLY HB 119 166.62 1.35 -135.29
CA GLY HB 119 165.44 1.40 -134.46
C GLY HB 119 165.34 0.16 -133.60
N VAL HB 120 164.90 0.37 -132.36
CA VAL HB 120 164.65 -0.73 -131.44
C VAL HB 120 163.15 -0.99 -131.39
N ARG HB 121 162.78 -2.25 -131.21
CA ARG HB 121 161.39 -2.66 -131.10
C ARG HB 121 161.17 -3.18 -129.69
N ILE HB 122 160.38 -2.45 -128.90
CA ILE HB 122 160.16 -2.83 -127.51
C ILE HB 122 159.46 -4.18 -127.47
N THR HB 123 160.03 -5.11 -126.71
CA THR HB 123 159.46 -6.44 -126.56
C THR HB 123 158.84 -6.69 -125.19
N ASP HB 124 159.54 -6.39 -124.10
CA ASP HB 124 158.95 -6.68 -122.80
C ASP HB 124 159.59 -5.81 -121.72
N ILE HB 125 158.76 -5.24 -120.85
CA ILE HB 125 159.27 -4.54 -119.68
C ILE HB 125 159.88 -5.56 -118.73
N ILE HB 126 161.10 -5.27 -118.27
CA ILE HB 126 161.80 -6.23 -117.42
C ILE HB 126 161.08 -6.40 -116.09
N THR HB 127 161.32 -7.53 -115.47
CA THR HB 127 160.77 -7.94 -114.19
C THR HB 127 161.75 -7.65 -113.07
N PRO HB 128 161.26 -7.47 -111.84
CA PRO HB 128 162.20 -7.26 -110.72
C PRO HB 128 163.20 -8.38 -110.56
N SER HB 129 162.78 -9.63 -110.81
CA SER HB 129 163.72 -10.75 -110.77
C SER HB 129 164.89 -10.68 -111.74
N GLU HB 130 164.62 -10.31 -112.99
CA GLU HB 130 165.70 -10.16 -113.96
C GLU HB 130 166.54 -8.89 -113.68
N ARG HB 131 165.89 -7.89 -113.08
CA ARG HB 131 166.61 -6.70 -112.66
C ARG HB 131 167.71 -7.09 -111.69
N MET HB 132 167.36 -7.86 -110.65
CA MET HB 132 168.37 -8.35 -109.71
C MET HB 132 169.36 -9.37 -110.29
N ARG HB 133 168.89 -10.13 -111.28
CA ARG HB 133 169.76 -11.06 -111.98
C ARG HB 133 170.81 -10.19 -112.67
N ARG HB 134 170.36 -9.09 -113.28
CA ARG HB 134 171.30 -8.15 -113.88
C ARG HB 134 172.26 -7.59 -112.85
N LEU HB 135 171.75 -7.27 -111.65
CA LEU HB 135 172.59 -6.66 -110.64
C LEU HB 135 173.72 -7.60 -110.21
N SER HB 136 173.42 -8.87 -110.03
CA SER HB 136 174.43 -9.84 -109.61
C SER HB 136 175.25 -10.32 -110.80
N LYS IB 514 68.58 -44.45 -144.26
CA LYS IB 514 69.25 -43.17 -144.25
C LYS IB 514 70.17 -43.03 -145.47
N ASP IB 515 70.74 -44.15 -145.90
CA ASP IB 515 71.62 -44.12 -147.07
C ASP IB 515 70.85 -43.77 -148.33
N GLU IB 516 69.64 -44.32 -148.49
CA GLU IB 516 68.83 -44.01 -149.66
C GLU IB 516 68.42 -42.54 -149.69
N GLN IB 517 68.04 -41.99 -148.53
CA GLN IB 517 67.69 -40.58 -148.48
C GLN IB 517 68.88 -39.70 -148.80
N LEU IB 518 70.06 -40.05 -148.29
CA LEU IB 518 71.27 -39.29 -148.60
C LEU IB 518 71.59 -39.37 -150.09
N GLN IB 519 71.43 -40.55 -150.70
CA GLN IB 519 71.67 -40.69 -152.13
C GLN IB 519 70.69 -39.85 -152.94
N GLN IB 520 69.42 -39.84 -152.55
CA GLN IB 520 68.43 -39.03 -153.25
C GLN IB 520 68.74 -37.54 -153.13
N ARG IB 521 69.14 -37.10 -151.92
CA ARG IB 521 69.51 -35.71 -151.74
C ARG IB 521 70.73 -35.35 -152.57
N ARG IB 522 71.72 -36.26 -152.64
CA ARG IB 522 72.89 -36.02 -153.46
C ARG IB 522 72.53 -35.94 -154.94
N ALA IB 523 71.62 -36.79 -155.40
CA ALA IB 523 71.19 -36.74 -156.79
C ALA IB 523 70.47 -35.43 -157.11
N ASN IB 524 69.59 -34.99 -156.21
CA ASN IB 524 68.92 -33.71 -156.41
C ASN IB 524 69.92 -32.57 -156.43
N GLN IB 525 70.90 -32.60 -155.51
CA GLN IB 525 71.93 -31.57 -155.49
C GLN IB 525 72.76 -31.57 -156.76
N ARG IB 526 73.09 -32.76 -157.28
CA ARG IB 526 73.89 -32.88 -158.49
C ARG IB 526 73.11 -32.62 -159.76
N LEU IB 527 71.77 -32.62 -159.67
CA LEU IB 527 70.89 -32.36 -160.84
C LEU IB 527 70.60 -30.85 -160.88
N GLY IB 528 70.15 -30.29 -159.76
CA GLY IB 528 69.85 -28.85 -159.69
C GLY IB 528 71.09 -27.99 -159.82
N ALA IB 529 72.25 -28.48 -159.38
CA ALA IB 529 73.53 -27.74 -159.52
C ALA IB 529 73.92 -27.81 -160.99
N GLU IB 530 73.72 -28.97 -161.63
CA GLU IB 530 74.05 -29.12 -163.07
C GLU IB 530 73.15 -28.18 -163.87
N VAL IB 531 71.87 -28.05 -163.38
CA VAL IB 531 70.91 -27.06 -163.96
C VAL IB 531 71.39 -25.66 -163.57
N MET IB 532 71.85 -25.49 -162.33
CA MET IB 532 72.32 -24.18 -161.83
C MET IB 532 73.55 -23.74 -162.64
N SER IB 533 74.46 -24.68 -162.95
CA SER IB 533 75.68 -24.36 -163.73
C SER IB 533 75.24 -23.92 -165.13
N GLN IB 534 74.26 -24.58 -165.72
CA GLN IB 534 73.71 -24.19 -167.04
C GLN IB 534 73.07 -22.80 -166.91
N ARG IB 535 72.35 -22.56 -165.81
CA ARG IB 535 71.65 -21.27 -165.56
C ARG IB 535 72.67 -20.14 -165.45
N ILE IB 536 73.80 -20.36 -164.79
CA ILE IB 536 74.82 -19.29 -164.53
C ILE IB 536 75.54 -18.97 -165.85
N ARG IB 537 75.57 -19.89 -166.81
CA ARG IB 537 76.22 -19.68 -168.10
C ARG IB 537 75.36 -18.80 -169.00
N GLU IB 538 74.06 -19.05 -169.03
CA GLU IB 538 73.16 -18.20 -169.81
C GLU IB 538 73.18 -16.76 -169.30
N MET IB 539 73.14 -16.59 -167.98
CA MET IB 539 73.14 -15.25 -167.39
C MET IB 539 74.46 -14.52 -167.68
N SER IB 540 75.59 -15.20 -167.58
CA SER IB 540 76.89 -14.59 -167.84
C SER IB 540 77.06 -14.25 -169.31
N ASP IB 541 76.55 -15.11 -170.19
CA ASP IB 541 76.55 -14.77 -171.61
C ASP IB 541 75.66 -13.56 -171.90
N ASN IB 542 74.55 -13.42 -171.16
CA ASN IB 542 73.72 -12.23 -171.31
C ASN IB 542 74.46 -10.97 -170.85
N ASP IB 543 75.16 -11.06 -169.72
CA ASP IB 543 75.87 -9.93 -169.14
C ASP IB 543 77.16 -10.43 -168.50
N PRO IB 544 78.30 -10.30 -169.18
CA PRO IB 544 79.56 -10.76 -168.57
C PRO IB 544 80.13 -9.80 -167.55
N ARG IB 545 79.99 -8.49 -167.76
CA ARG IB 545 80.57 -7.52 -166.83
C ARG IB 545 79.78 -7.43 -165.54
N VAL IB 546 78.48 -7.74 -165.57
CA VAL IB 546 77.66 -7.67 -164.37
C VAL IB 546 78.13 -8.70 -163.35
N VAL IB 547 78.49 -9.90 -163.80
CA VAL IB 547 78.98 -10.93 -162.89
C VAL IB 547 80.29 -10.49 -162.23
N ALA IB 548 81.21 -9.91 -163.02
CA ALA IB 548 82.47 -9.43 -162.45
C ALA IB 548 82.23 -8.31 -161.45
N LEU IB 549 81.31 -7.39 -161.77
CA LEU IB 549 80.98 -6.32 -160.84
C LEU IB 549 80.39 -6.86 -159.54
N VAL IB 550 79.51 -7.86 -159.64
CA VAL IB 550 78.92 -8.46 -158.45
C VAL IB 550 79.99 -9.16 -157.62
N ILE IB 551 80.92 -9.84 -158.29
CA ILE IB 551 82.01 -10.50 -157.57
C ILE IB 551 82.87 -9.48 -156.85
N ARG IB 552 83.19 -8.37 -157.51
CA ARG IB 552 83.99 -7.32 -156.87
C ARG IB 552 83.25 -6.71 -155.69
N GLN IB 553 81.93 -6.52 -155.82
CA GLN IB 553 81.13 -6.00 -154.72
C GLN IB 553 81.13 -6.98 -153.55
N TRP IB 554 81.07 -8.27 -153.84
CA TRP IB 554 81.12 -9.27 -152.78
C TRP IB 554 82.44 -9.22 -152.03
N MET IB 555 83.55 -9.07 -152.76
CA MET IB 555 84.85 -8.94 -152.12
C MET IB 555 84.94 -7.66 -151.29
N SER IB 556 84.40 -6.55 -151.81
CA SER IB 556 84.42 -5.30 -151.06
C SER IB 556 83.61 -5.42 -149.77
N ASN IB 557 82.45 -6.07 -149.84
CA ASN IB 557 81.63 -6.26 -148.65
C ASN IB 557 82.27 -7.26 -147.69
N ASP IB 558 83.11 -8.16 -148.20
CA ASP IB 558 83.77 -9.14 -147.34
C ASP IB 558 84.74 -8.46 -146.37
N HIS IB 559 85.24 -7.28 -146.74
CA HIS IB 559 86.17 -6.55 -145.88
C HIS IB 559 85.46 -5.99 -144.65
N GLY JB 6 82.95 -14.44 -149.18
CA GLY JB 6 82.32 -14.35 -150.49
C GLY JB 6 83.29 -14.56 -151.64
N THR JB 7 84.55 -14.20 -151.41
CA THR JB 7 85.59 -14.38 -152.42
C THR JB 7 85.81 -15.86 -152.73
N ASP JB 8 85.82 -16.71 -151.71
CA ASP JB 8 85.98 -18.14 -151.93
C ASP JB 8 84.80 -18.70 -152.73
N LYS JB 9 83.58 -18.25 -152.40
CA LYS JB 9 82.41 -18.67 -153.16
C LYS JB 9 82.49 -18.21 -154.60
N SER JB 10 82.96 -16.98 -154.82
CA SER JB 10 83.12 -16.47 -156.18
C SER JB 10 84.15 -17.28 -156.95
N VAL JB 11 85.26 -17.63 -156.29
CA VAL JB 11 86.28 -18.45 -156.94
C VAL JB 11 85.73 -19.83 -157.29
N ILE JB 12 84.97 -20.44 -156.38
CA ILE JB 12 84.38 -21.74 -156.65
C ILE JB 12 83.40 -21.66 -157.82
N LEU JB 13 82.58 -20.61 -157.86
CA LEU JB 13 81.64 -20.43 -158.96
C LEU JB 13 82.37 -20.25 -160.28
N LEU JB 14 83.45 -19.46 -160.29
CA LEU JB 14 84.24 -19.25 -161.49
C LEU JB 14 84.87 -20.55 -161.97
N MET JB 15 85.39 -21.35 -161.03
CA MET JB 15 85.96 -22.64 -161.40
C MET JB 15 84.92 -23.57 -161.97
N THR JB 16 83.71 -23.58 -161.38
CA THR JB 16 82.64 -24.44 -161.86
C THR JB 16 82.00 -23.92 -163.15
N ILE JB 17 82.23 -22.67 -163.50
CA ILE JB 17 81.61 -22.10 -164.69
C ILE JB 17 82.29 -22.63 -165.95
N GLY JB 18 83.61 -22.48 -166.04
CA GLY JB 18 84.35 -22.91 -167.20
C GLY JB 18 85.51 -22.00 -167.53
N GLU JB 19 86.41 -22.47 -168.40
CA GLU JB 19 87.61 -21.69 -168.71
C GLU JB 19 87.26 -20.42 -169.49
N ASP JB 20 86.36 -20.53 -170.47
CA ASP JB 20 86.04 -19.38 -171.32
C ASP JB 20 85.30 -18.31 -170.55
N ARG JB 21 84.28 -18.70 -169.77
CA ARG JB 21 83.52 -17.75 -168.99
C ARG JB 21 84.39 -17.06 -167.95
N ALA JB 22 85.24 -17.84 -167.27
CA ALA JB 22 86.13 -17.26 -166.28
C ALA JB 22 87.14 -16.31 -166.92
N ALA JB 23 87.65 -16.66 -168.10
CA ALA JB 23 88.57 -15.78 -168.79
C ALA JB 23 87.90 -14.47 -169.19
N GLU JB 24 86.66 -14.56 -169.68
CA GLU JB 24 85.93 -13.34 -170.03
C GLU JB 24 85.67 -12.49 -168.79
N VAL JB 25 85.30 -13.12 -167.67
CA VAL JB 25 85.07 -12.37 -166.44
C VAL JB 25 86.34 -11.68 -165.97
N PHE JB 26 87.47 -12.40 -166.03
CA PHE JB 26 88.75 -11.80 -165.64
C PHE JB 26 89.11 -10.63 -166.55
N LYS JB 27 88.88 -10.78 -167.85
CA LYS JB 27 89.08 -9.67 -168.77
C LYS JB 27 88.16 -8.50 -168.46
N HIS JB 28 87.00 -8.76 -167.87
CA HIS JB 28 86.10 -7.71 -167.41
C HIS JB 28 86.26 -7.43 -165.92
N LEU JB 29 87.42 -7.76 -165.35
CA LEU JB 29 87.68 -7.58 -163.93
C LEU JB 29 88.97 -6.80 -163.73
N SER JB 30 89.09 -6.18 -162.55
CA SER JB 30 90.26 -5.40 -162.20
C SER JB 30 91.46 -6.30 -161.95
N THR JB 31 92.65 -5.69 -161.95
CA THR JB 31 93.89 -6.43 -161.79
C THR JB 31 93.98 -7.13 -160.44
N ARG JB 32 93.70 -6.40 -159.36
CA ARG JB 32 93.76 -6.98 -158.02
C ARG JB 32 92.71 -8.08 -157.87
N GLU JB 33 91.50 -7.82 -158.35
CA GLU JB 33 90.44 -8.83 -158.26
C GLU JB 33 90.80 -10.06 -159.08
N VAL JB 34 91.34 -9.87 -160.27
CA VAL JB 34 91.72 -11.00 -161.13
C VAL JB 34 92.81 -11.82 -160.46
N GLN JB 35 93.81 -11.14 -159.90
CA GLN JB 35 94.90 -11.84 -159.23
C GLN JB 35 94.39 -12.63 -158.03
N ALA JB 36 93.53 -12.02 -157.23
CA ALA JB 36 92.98 -12.70 -156.06
C ALA JB 36 92.16 -13.92 -156.47
N LEU JB 37 91.33 -13.76 -157.51
CA LEU JB 37 90.52 -14.88 -157.97
C LEU JB 37 91.38 -16.02 -158.52
N SER JB 38 92.43 -15.68 -159.28
CA SER JB 38 93.31 -16.71 -159.81
C SER JB 38 94.05 -17.43 -158.69
N THR JB 39 94.50 -16.69 -157.66
CA THR JB 39 95.25 -17.31 -156.58
C THR JB 39 94.34 -18.20 -155.72
N ALA JB 40 93.18 -17.68 -155.32
CA ALA JB 40 92.32 -18.40 -154.39
C ALA JB 40 91.76 -19.67 -154.99
N MET JB 41 91.36 -19.62 -156.27
CA MET JB 41 90.73 -20.78 -156.90
C MET JB 41 91.68 -21.97 -156.94
N ALA JB 42 92.92 -21.73 -157.36
CA ALA JB 42 93.88 -22.84 -157.42
C ALA JB 42 94.47 -23.15 -156.04
N ASN JB 43 94.45 -22.16 -155.15
CA ASN JB 43 95.04 -22.34 -153.80
C ASN JB 43 94.29 -23.31 -152.87
N VAL JB 44 93.10 -22.91 -152.42
CA VAL JB 44 92.28 -23.82 -151.57
C VAL JB 44 90.87 -23.60 -152.13
N ARG JB 45 90.19 -24.68 -152.53
CA ARG JB 45 88.80 -24.57 -153.06
C ARG JB 45 87.87 -25.32 -152.10
N GLN JB 46 86.79 -24.66 -151.67
CA GLN JB 46 85.83 -25.30 -150.73
C GLN JB 46 84.47 -25.42 -151.41
N ILE JB 47 83.85 -26.60 -151.34
CA ILE JB 47 82.48 -26.79 -151.93
C ILE JB 47 81.53 -27.18 -150.79
N SER JB 48 80.39 -26.48 -150.67
CA SER JB 48 79.43 -26.76 -149.58
C SER JB 48 78.09 -27.23 -150.18
N ASN JB 49 77.57 -28.37 -149.68
CA ASN JB 49 76.30 -28.92 -150.22
C ASN JB 49 75.18 -27.90 -150.01
N LYS JB 50 75.20 -27.17 -148.89
CA LYS JB 50 74.10 -26.23 -148.58
C LYS JB 50 74.60 -24.77 -148.55
N GLN JB 51 75.68 -24.49 -147.82
CA GLN JB 51 76.08 -23.10 -147.68
C GLN JB 51 76.38 -22.45 -149.02
N LEU JB 52 77.07 -23.17 -149.92
CA LEU JB 52 77.37 -22.62 -151.23
C LEU JB 52 76.09 -22.36 -152.02
N THR JB 53 75.15 -23.29 -151.98
CA THR JB 53 73.88 -23.10 -152.67
C THR JB 53 73.09 -21.92 -152.10
N ASP JB 54 73.06 -21.79 -150.77
CA ASP JB 54 72.36 -20.67 -150.15
C ASP JB 54 73.01 -19.35 -150.55
N VAL JB 55 74.34 -19.29 -150.54
CA VAL JB 55 75.04 -18.07 -150.93
C VAL JB 55 74.78 -17.74 -152.40
N LEU JB 56 74.80 -18.75 -153.27
CA LEU JB 56 74.52 -18.51 -154.69
C LEU JB 56 73.11 -17.98 -154.89
N SER JB 57 72.13 -18.57 -154.19
CA SER JB 57 70.76 -18.10 -154.30
C SER JB 57 70.62 -16.66 -153.81
N GLU JB 58 71.27 -16.34 -152.68
CA GLU JB 58 71.22 -14.98 -152.16
C GLU JB 58 71.85 -13.99 -153.13
N PHE JB 59 72.98 -14.36 -153.74
CA PHE JB 59 73.63 -13.49 -154.70
C PHE JB 59 72.75 -13.28 -155.94
N GLU JB 60 72.13 -14.35 -156.41
CA GLU JB 60 71.28 -14.25 -157.61
C GLU JB 60 70.04 -13.42 -157.33
N GLN JB 61 69.61 -13.38 -156.07
CA GLN JB 61 68.36 -12.66 -155.76
C GLN JB 61 68.66 -11.29 -155.10
N GLU JB 62 69.94 -11.00 -154.81
CA GLU JB 62 70.22 -9.75 -154.05
C GLU JB 62 69.82 -8.48 -154.82
N ALA JB 63 70.12 -8.37 -156.13
CA ALA JB 63 69.63 -7.19 -156.90
C ALA JB 63 69.55 -7.48 -158.39
N GLU JB 64 68.68 -6.76 -159.12
CA GLU JB 64 68.66 -6.86 -160.60
C GLU JB 64 69.46 -5.69 -161.20
N GLN JB 65 69.99 -4.80 -160.35
CA GLN JB 65 70.68 -3.57 -160.81
C GLN JB 65 71.94 -3.90 -161.64
N PHE JB 66 72.70 -4.91 -161.21
CA PHE JB 66 74.00 -5.22 -161.88
C PHE JB 66 73.76 -5.59 -163.34
N ALA JB 67 72.70 -6.35 -163.63
CA ALA JB 67 72.51 -6.86 -165.01
C ALA JB 67 72.37 -5.73 -166.03
N ALA JB 68 71.66 -4.65 -165.72
CA ALA JB 68 71.41 -3.59 -166.74
C ALA JB 68 72.50 -2.54 -166.79
N LEU JB 69 72.69 -1.75 -165.72
CA LEU JB 69 73.63 -0.64 -165.74
C LEU JB 69 75.01 -1.11 -166.16
N ASN JB 70 75.46 -2.24 -165.63
CA ASN JB 70 76.79 -2.76 -165.96
C ASN JB 70 76.85 -3.34 -167.36
N ILE JB 71 75.71 -3.69 -167.96
CA ILE JB 71 75.67 -4.24 -169.30
C ILE JB 71 76.20 -3.22 -170.30
N ASN JB 72 75.71 -1.99 -170.19
CA ASN JB 72 76.14 -0.90 -171.08
C ASN JB 72 76.21 0.39 -170.27
N ALA JB 73 77.44 0.74 -169.84
CA ALA JB 73 77.66 1.98 -169.10
C ALA JB 73 78.58 2.92 -169.87
N ASN JB 74 79.76 2.44 -170.25
CA ASN JB 74 80.72 3.29 -170.95
C ASN JB 74 80.30 3.53 -172.39
N GLU JB 75 79.78 2.49 -173.06
CA GLU JB 75 79.37 2.65 -174.46
C GLU JB 75 78.23 3.66 -174.58
N TYR JB 76 77.25 3.59 -173.67
CA TYR JB 76 76.14 4.53 -173.70
C TYR JB 76 76.63 5.96 -173.47
N LEU JB 77 77.55 6.15 -172.51
CA LEU JB 77 78.08 7.48 -172.25
C LEU JB 77 78.85 8.02 -173.45
N ARG JB 78 79.64 7.16 -174.09
CA ARG JB 78 80.37 7.58 -175.29
C ARG JB 78 79.43 7.96 -176.42
N SER JB 79 78.39 7.16 -176.64
CA SER JB 79 77.42 7.48 -177.69
C SER JB 79 76.69 8.79 -177.40
N VAL JB 80 76.32 9.00 -176.13
CA VAL JB 80 75.66 10.25 -175.76
C VAL JB 80 76.58 11.44 -175.96
N LEU JB 81 77.86 11.31 -175.60
CA LEU JB 81 78.81 12.39 -175.80
C LEU JB 81 79.00 12.69 -177.29
N VAL JB 82 79.06 11.63 -178.12
CA VAL JB 82 79.25 11.83 -179.55
C VAL JB 82 78.03 12.53 -180.15
N LYS JB 83 76.84 12.10 -179.76
CA LYS JB 83 75.62 12.64 -180.37
C LYS JB 83 75.27 14.02 -179.81
N ALA JB 84 75.79 14.35 -178.63
CA ALA JB 84 75.38 15.57 -177.95
C ALA JB 84 75.95 16.82 -178.61
N LEU JB 85 77.29 16.93 -178.64
CA LEU JB 85 77.95 18.12 -179.15
C LEU JB 85 78.68 17.83 -180.46
N GLY JB 86 79.56 16.83 -180.46
CA GLY JB 86 80.31 16.51 -181.67
C GLY JB 86 81.46 15.58 -181.34
N GLU JB 87 82.13 15.12 -182.39
CA GLU JB 87 83.27 14.21 -182.20
C GLU JB 87 84.39 14.86 -181.43
N GLU JB 88 84.69 16.12 -181.74
CA GLU JB 88 85.77 16.84 -181.04
C GLU JB 88 85.45 17.03 -179.56
N ARG JB 89 84.23 17.40 -179.23
CA ARG JB 89 83.85 17.56 -177.83
C ARG JB 89 83.69 16.22 -177.12
N ALA JB 90 83.26 15.19 -177.86
CA ALA JB 90 83.14 13.86 -177.27
C ALA JB 90 84.49 13.33 -176.84
N SER JB 91 85.53 13.58 -177.64
CA SER JB 91 86.87 13.14 -177.27
C SER JB 91 87.33 13.81 -175.98
N SER JB 92 87.09 15.12 -175.84
CA SER JB 92 87.47 15.83 -174.63
C SER JB 92 86.68 15.31 -173.42
N LEU JB 93 85.38 15.08 -173.59
CA LEU JB 93 84.57 14.55 -172.50
C LEU JB 93 85.04 13.17 -172.07
N LEU JB 94 85.35 12.30 -173.03
CA LEU JB 94 85.84 10.97 -172.70
C LEU JB 94 87.19 11.04 -172.01
N GLU JB 95 88.06 11.94 -172.47
CA GLU JB 95 89.35 12.11 -171.83
C GLU JB 95 89.20 12.58 -170.39
N ASP JB 96 88.29 13.53 -170.15
CA ASP JB 96 88.04 13.98 -168.78
C ASP JB 96 87.49 12.86 -167.92
N ILE JB 97 86.56 12.07 -168.46
CA ILE JB 97 85.99 10.96 -167.70
C ILE JB 97 87.06 9.94 -167.34
N LEU JB 98 87.94 9.63 -168.30
CA LEU JB 98 89.02 8.69 -168.01
C LEU JB 98 90.00 9.26 -166.99
N GLU JB 99 90.31 10.56 -167.10
CA GLU JB 99 91.23 11.17 -166.15
C GLU JB 99 90.61 11.31 -164.77
N THR JB 100 89.29 11.23 -164.66
CA THR JB 100 88.65 11.23 -163.34
C THR JB 100 89.14 10.07 -162.49
N ARG JB 101 89.46 8.93 -163.11
CA ARG JB 101 90.05 7.80 -162.42
C ARG JB 101 91.55 7.85 -162.61
N ASP JB 102 92.27 8.24 -161.56
CA ASP JB 102 93.71 8.42 -161.60
C ASP JB 102 94.40 7.12 -161.17
N THR JB 103 95.73 7.16 -161.12
CA THR JB 103 96.55 6.02 -160.73
C THR JB 103 97.36 6.37 -159.49
N THR JB 104 97.52 5.39 -158.61
CA THR JB 104 98.23 5.63 -157.36
C THR JB 104 99.74 5.71 -157.57
N SER JB 105 100.33 4.62 -158.08
CA SER JB 105 101.77 4.59 -158.30
C SER JB 105 102.16 5.58 -159.39
N GLY JB 106 103.22 6.34 -159.13
CA GLY JB 106 103.63 7.39 -160.03
C GLY JB 106 104.05 6.93 -161.41
N ILE JB 107 104.48 5.67 -161.52
CA ILE JB 107 104.93 5.17 -162.81
C ILE JB 107 103.79 5.21 -163.82
N GLU JB 108 102.60 4.75 -163.42
CA GLU JB 108 101.45 4.85 -164.30
C GLU JB 108 101.00 6.30 -164.50
N THR JB 109 101.18 7.15 -163.48
CA THR JB 109 100.86 8.56 -163.66
C THR JB 109 101.76 9.22 -164.70
N LEU JB 110 102.95 8.67 -164.91
CA LEU JB 110 103.81 9.17 -165.98
C LEU JB 110 103.28 9.13 -167.41
N ASN JB 111 102.39 8.17 -167.72
CA ASN JB 111 101.77 8.10 -169.08
C ASN JB 111 100.59 9.06 -169.29
N PHE JB 112 100.21 9.84 -168.27
CA PHE JB 112 99.14 10.86 -168.44
C PHE JB 112 99.82 12.22 -168.66
N MET JB 113 101.15 12.26 -168.57
CA MET JB 113 101.92 13.47 -168.74
C MET JB 113 102.15 13.58 -170.25
N GLU JB 114 102.48 14.79 -170.67
CA GLU JB 114 102.82 15.02 -172.07
C GLU JB 114 104.12 14.28 -172.41
N PRO JB 115 104.24 13.76 -173.63
CA PRO JB 115 105.48 13.05 -174.00
C PRO JB 115 106.78 13.81 -173.78
N GLN JB 116 106.82 15.10 -174.10
CA GLN JB 116 108.05 15.86 -173.93
C GLN JB 116 108.40 16.09 -172.45
N SER JB 117 107.37 16.29 -171.62
CA SER JB 117 107.61 16.49 -170.19
C SER JB 117 108.23 15.21 -169.64
N ALA JB 118 107.66 14.06 -169.99
CA ALA JB 118 108.22 12.79 -169.51
C ALA JB 118 109.61 12.56 -170.09
N ALA JB 119 109.81 12.88 -171.37
CA ALA JB 119 111.13 12.71 -171.98
C ALA JB 119 112.17 13.57 -171.29
N ASP JB 120 111.82 14.81 -170.97
CA ASP JB 120 112.74 15.66 -170.23
C ASP JB 120 112.97 15.14 -168.82
N LEU JB 121 111.93 14.59 -168.19
CA LEU JB 121 112.06 14.12 -166.81
C LEU JB 121 112.99 12.92 -166.71
N ILE JB 122 112.88 11.97 -167.64
CA ILE JB 122 113.61 10.71 -167.52
C ILE JB 122 114.79 10.62 -168.46
N ARG JB 123 115.15 11.70 -169.14
CA ARG JB 123 116.30 11.65 -170.05
C ARG JB 123 117.59 11.41 -169.28
N ASP JB 124 117.75 12.07 -168.12
CA ASP JB 124 119.00 11.99 -167.38
C ASP JB 124 119.14 10.70 -166.58
N GLU JB 125 118.07 9.93 -166.45
CA GLU JB 125 118.11 8.72 -165.64
C GLU JB 125 118.99 7.66 -166.30
N HIS JB 126 119.36 6.66 -165.51
CA HIS JB 126 120.15 5.55 -166.00
C HIS JB 126 119.36 4.79 -167.08
N PRO JB 127 120.04 4.33 -168.13
CA PRO JB 127 119.29 3.68 -169.23
C PRO JB 127 118.44 2.51 -168.78
N GLN JB 128 118.91 1.70 -167.83
CA GLN JB 128 118.09 0.61 -167.33
C GLN JB 128 116.84 1.09 -166.61
N ILE JB 129 116.95 2.20 -165.86
CA ILE JB 129 115.78 2.75 -165.20
C ILE JB 129 114.79 3.29 -166.23
N ILE JB 130 115.30 3.90 -167.29
CA ILE JB 130 114.43 4.35 -168.38
C ILE JB 130 113.70 3.14 -168.94
N ALA JB 131 114.43 2.06 -169.20
CA ALA JB 131 113.82 0.87 -169.77
C ALA JB 131 112.76 0.30 -168.84
N THR JB 132 113.04 0.26 -167.54
CA THR JB 132 112.06 -0.24 -166.58
C THR JB 132 110.80 0.62 -166.60
N ILE JB 133 110.99 1.94 -166.65
CA ILE JB 133 109.80 2.86 -166.73
C ILE JB 133 109.01 2.53 -168.00
N LEU JB 134 109.69 2.30 -169.13
CA LEU JB 134 108.98 2.11 -170.42
C LEU JB 134 108.07 0.87 -170.43
N VAL JB 135 108.50 -0.26 -169.86
CA VAL JB 135 107.68 -1.50 -169.97
C VAL JB 135 106.51 -1.32 -168.98
N HIS JB 136 106.69 -0.51 -167.94
CA HIS JB 136 105.56 -0.22 -167.02
C HIS JB 136 104.67 0.87 -167.62
N LEU JB 137 105.25 1.71 -168.48
CA LEU JB 137 104.47 2.81 -169.12
C LEU JB 137 103.64 2.24 -170.28
N LYS JB 138 102.58 2.95 -170.67
CA LYS JB 138 101.74 2.51 -171.82
C LYS JB 138 102.63 2.48 -173.07
N ARG JB 139 102.42 1.50 -173.95
CA ARG JB 139 103.28 1.35 -175.15
C ARG JB 139 103.24 2.61 -176.01
N SER JB 140 102.05 3.14 -176.30
CA SER JB 140 101.95 4.32 -177.19
C SER JB 140 102.84 5.44 -176.65
N GLN JB 141 102.74 5.73 -175.35
CA GLN JB 141 103.50 6.85 -174.74
C GLN JB 141 105.00 6.55 -174.88
N ALA JB 142 105.40 5.33 -174.53
CA ALA JB 142 106.81 4.97 -174.59
C ALA JB 142 107.39 5.18 -175.98
N ALA JB 143 106.60 4.86 -177.02
CA ALA JB 143 107.06 5.07 -178.38
C ALA JB 143 107.31 6.55 -178.66
N ASP JB 144 106.38 7.40 -178.21
CA ASP JB 144 106.57 8.84 -178.39
C ASP JB 144 107.79 9.33 -177.63
N ILE JB 145 107.99 8.84 -176.40
CA ILE JB 145 109.15 9.24 -175.61
C ILE JB 145 110.47 8.90 -176.30
N LEU JB 146 110.57 7.67 -176.82
CA LEU JB 146 111.78 7.27 -177.54
C LEU JB 146 111.97 8.06 -178.83
N ALA JB 147 110.87 8.46 -179.46
CA ALA JB 147 110.95 9.30 -180.64
C ALA JB 147 111.60 10.63 -180.29
N LEU JB 148 111.26 11.17 -179.12
CA LEU JB 148 111.84 12.46 -178.66
C LEU JB 148 113.28 12.24 -178.16
N PHE JB 149 113.66 10.99 -177.89
CA PHE JB 149 114.99 10.72 -177.29
C PHE JB 149 116.08 10.75 -178.37
N ASP JB 150 117.29 11.17 -178.00
CA ASP JB 150 118.41 11.14 -178.92
C ASP JB 150 118.58 9.72 -179.48
N GLU JB 151 119.14 9.64 -180.69
CA GLU JB 151 119.23 8.36 -181.37
C GLU JB 151 120.12 7.37 -180.61
N ARG JB 152 121.21 7.86 -180.02
CA ARG JB 152 122.07 6.97 -179.22
C ARG JB 152 121.31 6.43 -178.02
N LEU JB 153 120.68 7.31 -177.25
CA LEU JB 153 119.88 6.87 -176.11
C LEU JB 153 118.72 6.01 -176.57
N ARG JB 154 118.12 6.35 -177.71
CA ARG JB 154 117.01 5.55 -178.23
C ARG JB 154 117.45 4.12 -178.51
N HIS JB 155 118.56 3.95 -179.22
CA HIS JB 155 119.05 2.60 -179.51
C HIS JB 155 119.44 1.86 -178.24
N ASP JB 156 120.11 2.55 -177.31
CA ASP JB 156 120.53 1.89 -176.07
C ASP JB 156 119.31 1.41 -175.28
N VAL JB 157 118.31 2.27 -175.13
CA VAL JB 157 117.13 1.91 -174.36
C VAL JB 157 116.35 0.80 -175.05
N MET JB 158 116.27 0.84 -176.38
CA MET JB 158 115.58 -0.23 -177.11
C MET JB 158 116.29 -1.56 -176.90
N LEU JB 159 117.63 -1.55 -176.95
CA LEU JB 159 118.39 -2.77 -176.70
C LEU JB 159 118.14 -3.29 -175.29
N ARG JB 160 118.11 -2.40 -174.31
CA ARG JB 160 117.81 -2.82 -172.94
C ARG JB 160 116.40 -3.40 -172.85
N ILE JB 161 115.45 -2.82 -173.59
CA ILE JB 161 114.09 -3.33 -173.61
C ILE JB 161 114.07 -4.75 -174.16
N ALA JB 162 114.84 -5.00 -175.22
CA ALA JB 162 114.84 -6.32 -175.85
C ALA JB 162 115.31 -7.40 -174.89
N THR JB 163 116.36 -7.11 -174.12
CA THR JB 163 116.99 -8.11 -173.24
C THR JB 163 116.72 -7.83 -171.76
N PHE JB 164 115.52 -7.37 -171.42
CA PHE JB 164 115.19 -7.09 -170.03
C PHE JB 164 115.22 -8.37 -169.21
N GLY JB 165 115.63 -8.25 -167.96
CA GLY JB 165 115.81 -9.43 -167.11
C GLY JB 165 115.13 -9.36 -165.77
N GLY JB 166 114.20 -8.44 -165.58
CA GLY JB 166 113.46 -8.37 -164.34
C GLY JB 166 114.08 -7.59 -163.19
N VAL JB 167 113.28 -6.78 -162.52
CA VAL JB 167 113.77 -5.95 -161.42
C VAL JB 167 113.63 -6.54 -160.03
N GLN JB 168 114.51 -6.13 -159.12
CA GLN JB 168 114.41 -6.56 -157.74
C GLN JB 168 113.19 -5.80 -157.20
N PRO JB 169 112.39 -6.42 -156.35
CA PRO JB 169 111.22 -5.71 -155.79
C PRO JB 169 111.61 -4.47 -155.01
N ALA JB 170 112.74 -4.50 -154.30
CA ALA JB 170 113.16 -3.33 -153.53
C ALA JB 170 113.49 -2.16 -154.46
N ALA JB 171 114.20 -2.43 -155.55
CA ALA JB 171 114.53 -1.36 -156.49
C ALA JB 171 113.28 -0.81 -157.16
N LEU JB 172 112.35 -1.68 -157.53
CA LEU JB 172 111.10 -1.22 -158.12
C LEU JB 172 110.32 -0.35 -157.16
N ALA JB 173 110.24 -0.77 -155.89
CA ALA JB 173 109.55 0.04 -154.89
C ALA JB 173 110.25 1.38 -154.69
N GLU JB 174 111.58 1.39 -154.73
CA GLU JB 174 112.32 2.63 -154.58
C GLU JB 174 112.03 3.59 -155.73
N LEU JB 175 112.03 3.07 -156.95
CA LEU JB 175 111.70 3.91 -158.11
C LEU JB 175 110.26 4.41 -158.00
N THR JB 176 109.36 3.53 -157.57
CA THR JB 176 107.94 3.91 -157.45
C THR JB 176 107.84 5.08 -156.49
N GLU JB 177 108.39 4.94 -155.29
CA GLU JB 177 108.25 6.01 -154.26
C GLU JB 177 108.94 7.29 -154.76
N VAL JB 178 110.10 7.16 -155.40
CA VAL JB 178 110.81 8.35 -155.95
C VAL JB 178 109.89 9.02 -156.98
N LEU JB 179 109.43 8.25 -157.96
CA LEU JB 179 108.61 8.84 -159.01
C LEU JB 179 107.32 9.44 -158.45
N ASN JB 180 106.77 8.83 -157.40
CA ASN JB 180 105.58 9.39 -156.77
C ASN JB 180 105.85 10.75 -156.18
N GLY JB 181 106.97 10.90 -155.46
CA GLY JB 181 107.31 12.17 -154.86
C GLY JB 181 107.53 13.28 -155.86
N LEU JB 182 107.73 12.94 -157.13
CA LEU JB 182 107.96 13.95 -158.15
C LEU JB 182 106.65 14.33 -158.85
N LEU JB 183 105.81 13.33 -159.14
CA LEU JB 183 104.60 13.62 -159.94
C LEU JB 183 103.39 13.92 -159.05
N ASP JB 184 103.28 13.33 -157.86
CA ASP JB 184 102.05 13.55 -157.07
C ASP JB 184 101.95 15.05 -156.73
N GLY JB 185 103.06 15.67 -156.35
CA GLY JB 185 103.05 17.13 -156.10
C GLY JB 185 102.74 17.92 -157.35
N GLN JB 186 103.31 17.51 -158.50
CA GLN JB 186 103.13 18.26 -159.77
C GLN JB 186 101.68 18.20 -160.27
N ASN JB 187 101.16 19.29 -160.83
CA ASN JB 187 99.80 19.22 -161.46
C ASN JB 187 99.94 18.27 -162.65
N LEU JB 188 98.93 17.43 -162.90
CA LEU JB 188 99.07 16.43 -163.99
C LEU JB 188 97.88 16.50 -164.96
N LYS JB 189 97.29 17.68 -165.18
CA LYS JB 189 96.21 17.72 -166.17
C LYS JB 189 96.25 19.06 -166.91
N ARG JB 190 97.22 19.16 -167.83
CA ARG JB 190 97.32 20.33 -168.69
C ARG JB 190 96.11 20.39 -169.61
N SER JB 191 95.24 21.38 -169.38
CA SER JB 191 94.03 21.52 -170.18
C SER JB 191 94.38 22.15 -171.52
N LYS JB 192 94.04 21.46 -172.62
CA LYS JB 192 94.32 21.94 -173.96
C LYS JB 192 93.02 22.44 -174.57
N MET JB 193 92.90 23.75 -174.70
CA MET JB 193 91.72 24.39 -175.26
C MET JB 193 92.16 25.22 -176.47
N GLY JB 194 91.68 24.84 -177.66
CA GLY JB 194 92.01 25.61 -178.87
C GLY JB 194 93.16 25.00 -179.64
N GLY JB 195 92.87 24.25 -180.71
CA GLY JB 195 93.91 23.68 -181.53
C GLY JB 195 93.90 24.31 -182.92
N VAL JB 196 93.48 23.54 -183.92
CA VAL JB 196 93.32 24.01 -185.27
C VAL JB 196 91.86 24.19 -185.72
N ARG JB 197 90.98 23.41 -185.10
CA ARG JB 197 89.54 23.55 -185.36
C ARG JB 197 89.18 24.95 -184.87
N THR JB 198 89.62 25.31 -183.67
CA THR JB 198 89.33 26.63 -183.14
C THR JB 198 89.97 27.72 -184.00
N ALA JB 199 91.21 27.49 -184.45
CA ALA JB 199 91.86 28.47 -185.32
C ALA JB 199 91.11 28.65 -186.63
N ALA JB 200 90.65 27.54 -187.22
CA ALA JB 200 89.88 27.64 -188.45
C ALA JB 200 88.57 28.37 -188.23
N GLU JB 201 87.89 28.08 -187.12
CA GLU JB 201 86.64 28.77 -186.81
C GLU JB 201 86.88 30.27 -186.62
N ILE JB 202 87.96 30.63 -185.94
CA ILE JB 202 88.30 32.05 -185.76
C ILE JB 202 88.56 32.71 -187.12
N ILE JB 203 89.33 32.03 -187.98
CA ILE JB 203 89.68 32.60 -189.28
C ILE JB 203 88.44 32.80 -190.12
N ASN JB 204 87.52 31.84 -190.10
CA ASN JB 204 86.36 31.86 -190.99
C ASN JB 204 85.43 33.05 -190.74
N LEU JB 205 85.53 33.70 -189.58
CA LEU JB 205 84.63 34.79 -189.23
C LEU JB 205 85.19 36.19 -189.39
N MET JB 206 86.39 36.33 -189.95
CA MET JB 206 86.99 37.64 -190.13
C MET JB 206 87.02 38.03 -191.60
N LYS JB 207 87.53 39.22 -191.87
CA LYS JB 207 87.54 39.75 -193.23
C LYS JB 207 88.39 38.92 -194.17
N THR JB 208 88.03 38.96 -195.46
CA THR JB 208 88.72 38.14 -196.45
C THR JB 208 90.19 38.53 -196.59
N GLN JB 209 90.51 39.83 -196.57
CA GLN JB 209 91.90 40.25 -196.69
C GLN JB 209 92.72 39.74 -195.52
N GLN JB 210 92.21 39.90 -194.30
CA GLN JB 210 92.90 39.35 -193.14
C GLN JB 210 92.95 37.82 -193.21
N GLU JB 211 91.91 37.19 -193.75
CA GLU JB 211 91.93 35.74 -193.90
C GLU JB 211 93.09 35.29 -194.78
N GLU JB 212 93.23 35.90 -195.96
CA GLU JB 212 94.32 35.51 -196.84
C GLU JB 212 95.67 35.86 -196.25
N ALA JB 213 95.77 37.01 -195.55
CA ALA JB 213 97.03 37.36 -194.91
C ALA JB 213 97.44 36.32 -193.88
N VAL JB 214 96.50 35.91 -193.02
CA VAL JB 214 96.88 34.96 -191.98
C VAL JB 214 97.17 33.58 -192.57
N ILE JB 215 96.42 33.15 -193.59
CA ILE JB 215 96.69 31.81 -194.13
C ILE JB 215 98.03 31.79 -194.86
N THR JB 216 98.37 32.88 -195.56
CA THR JB 216 99.68 32.90 -196.21
C THR JB 216 100.80 33.02 -195.20
N ALA JB 217 100.57 33.72 -194.08
CA ALA JB 217 101.58 33.75 -193.03
C ALA JB 217 101.80 32.36 -192.44
N VAL JB 218 100.72 31.63 -192.18
CA VAL JB 218 100.85 30.26 -191.67
C VAL JB 218 101.57 29.38 -192.67
N ARG JB 219 101.23 29.51 -193.95
CA ARG JB 219 101.88 28.72 -194.99
C ARG JB 219 103.37 29.03 -195.04
N GLU JB 220 103.74 30.30 -194.88
CA GLU JB 220 105.15 30.66 -194.78
C GLU JB 220 105.80 29.99 -193.59
N PHE JB 221 105.11 29.97 -192.44
CA PHE JB 221 105.65 29.28 -191.27
C PHE JB 221 105.75 27.78 -191.46
N ASP JB 222 104.70 27.16 -192.00
CA ASP JB 222 104.64 25.72 -192.22
C ASP JB 222 103.48 25.45 -193.15
N GLY JB 223 103.77 24.83 -194.31
CA GLY JB 223 102.72 24.56 -195.26
C GLY JB 223 101.70 23.51 -194.81
N GLU JB 224 102.17 22.50 -194.08
CA GLU JB 224 101.26 21.46 -193.61
C GLU JB 224 100.20 22.01 -192.68
N LEU JB 225 100.61 22.90 -191.76
CA LEU JB 225 99.63 23.51 -190.85
C LEU JB 225 98.63 24.34 -191.62
N ALA JB 226 99.08 25.09 -192.64
CA ALA JB 226 98.15 25.87 -193.45
C ALA JB 226 97.14 25.00 -194.18
N GLN JB 227 97.60 23.89 -194.75
CA GLN JB 227 96.69 22.98 -195.43
C GLN JB 227 95.69 22.35 -194.47
N LYS JB 228 96.15 21.98 -193.28
CA LYS JB 228 95.24 21.41 -192.29
C LYS JB 228 94.21 22.44 -191.87
N ILE JB 229 94.64 23.70 -191.71
CA ILE JB 229 93.71 24.77 -191.38
C ILE JB 229 92.69 24.96 -192.49
N ILE JB 230 93.14 24.93 -193.75
CA ILE JB 230 92.23 25.07 -194.87
C ILE JB 230 91.22 23.94 -194.96
N ASP JB 231 91.65 22.72 -194.66
CA ASP JB 231 90.74 21.58 -194.70
C ASP JB 231 89.72 21.67 -193.57
N GLU JB 232 90.17 22.09 -192.39
CA GLU JB 232 89.26 22.24 -191.26
C GLU JB 232 88.38 23.45 -191.53
N MET JB 233 88.82 24.36 -192.41
CA MET JB 233 88.03 25.55 -192.69
C MET JB 233 86.65 25.20 -193.25
N PHE JB 234 86.63 24.32 -194.27
CA PHE JB 234 85.39 23.88 -194.90
C PHE JB 234 85.30 22.36 -194.85
N LEU JB 235 84.52 21.85 -193.92
CA LEU JB 235 84.33 20.42 -193.77
C LEU JB 235 83.33 19.90 -194.80
N PHE JB 236 83.21 18.58 -194.89
CA PHE JB 236 82.27 17.98 -195.82
C PHE JB 236 80.87 17.94 -195.23
N GLU JB 237 80.41 19.08 -194.73
CA GLU JB 237 79.05 19.22 -194.22
C GLU JB 237 78.37 20.52 -194.64
N ASN JB 238 79.10 21.51 -195.13
CA ASN JB 238 78.54 22.77 -195.58
C ASN JB 238 78.19 22.76 -197.06
N LEU JB 239 78.38 21.63 -197.74
CA LEU JB 239 78.05 21.55 -199.15
C LEU JB 239 76.56 21.76 -199.40
N VAL JB 240 75.72 21.52 -198.39
CA VAL JB 240 74.29 21.80 -198.51
C VAL JB 240 74.03 23.28 -198.70
N ASP JB 241 74.92 24.15 -198.21
CA ASP JB 241 74.76 25.59 -198.33
C ASP JB 241 75.34 26.14 -199.62
N VAL JB 242 75.92 25.29 -200.47
CA VAL JB 242 76.48 25.74 -201.74
C VAL JB 242 75.36 25.99 -202.72
N ASP JB 243 75.54 27.00 -203.58
CA ASP JB 243 74.53 27.35 -204.56
C ASP JB 243 74.39 26.26 -205.61
N ASP JB 244 73.20 26.19 -206.21
CA ASP JB 244 72.94 25.20 -207.26
C ASP JB 244 73.84 25.43 -208.46
N ARG JB 245 74.04 26.69 -208.85
CA ARG JB 245 74.93 26.99 -209.97
C ARG JB 245 76.36 26.56 -209.68
N SER JB 246 76.83 26.79 -208.46
CA SER JB 246 78.16 26.35 -208.08
C SER JB 246 78.27 24.83 -208.11
N ILE JB 247 77.23 24.13 -207.65
CA ILE JB 247 77.23 22.67 -207.69
C ILE JB 247 77.28 22.17 -209.13
N GLN JB 248 76.49 22.78 -210.02
CA GLN JB 248 76.51 22.38 -211.42
C GLN JB 248 77.87 22.64 -212.06
N ARG JB 249 78.49 23.78 -211.74
CA ARG JB 249 79.80 24.09 -212.28
C ARG JB 249 80.85 23.10 -211.78
N LEU JB 250 80.78 22.73 -210.50
CA LEU JB 250 81.75 21.79 -209.94
C LEU JB 250 81.50 20.37 -210.44
N LEU JB 251 80.26 20.06 -210.85
CA LEU JB 251 79.97 18.72 -211.34
C LEU JB 251 80.74 18.40 -212.61
N GLN JB 252 81.12 19.42 -213.38
CA GLN JB 252 81.86 19.21 -214.62
C GLN JB 252 83.29 18.71 -214.38
N GLU JB 253 83.82 18.87 -213.17
CA GLU JB 253 85.17 18.43 -212.85
C GLU JB 253 85.23 17.31 -211.82
N VAL JB 254 84.08 16.74 -211.44
CA VAL JB 254 84.03 15.69 -210.43
C VAL JB 254 83.82 14.35 -211.14
N ASP JB 255 84.69 13.40 -210.85
CA ASP JB 255 84.55 12.06 -211.41
C ASP JB 255 83.31 11.37 -210.84
N SER JB 256 82.62 10.62 -211.69
CA SER JB 256 81.39 9.96 -211.26
C SER JB 256 81.67 8.94 -210.17
N GLU JB 257 82.72 8.14 -210.35
CA GLU JB 257 83.05 7.13 -209.34
C GLU JB 257 83.46 7.77 -208.02
N SER JB 258 84.30 8.80 -208.07
CA SER JB 258 84.72 9.47 -206.85
C SER JB 258 83.55 10.16 -206.17
N LEU JB 259 82.69 10.81 -206.95
CA LEU JB 259 81.52 11.47 -206.38
C LEU JB 259 80.59 10.46 -205.72
N LEU JB 260 80.37 9.31 -206.38
CA LEU JB 260 79.51 8.28 -205.80
C LEU JB 260 80.12 7.73 -204.52
N ILE JB 261 81.44 7.50 -204.50
CA ILE JB 261 82.10 7.00 -203.31
C ILE JB 261 81.96 8.01 -202.17
N ALA JB 262 82.16 9.30 -202.46
CA ALA JB 262 82.02 10.32 -201.43
C ALA JB 262 80.59 10.41 -200.91
N LEU JB 263 79.60 10.32 -201.81
CA LEU JB 263 78.21 10.47 -201.43
C LEU JB 263 77.58 9.18 -200.90
N LYS JB 264 78.33 8.07 -200.91
CA LYS JB 264 77.79 6.83 -200.37
C LYS JB 264 77.49 6.97 -198.89
N GLY JB 265 78.37 7.59 -198.13
CA GLY JB 265 78.17 7.85 -196.72
C GLY JB 265 77.66 9.22 -196.38
N ALA JB 266 77.33 10.05 -197.38
CA ALA JB 266 76.86 11.40 -197.13
C ALA JB 266 75.40 11.39 -196.68
N GLU JB 267 74.94 12.53 -196.18
CA GLU JB 267 73.56 12.65 -195.74
C GLU JB 267 72.62 12.59 -196.95
N PRO JB 268 71.42 12.04 -196.78
CA PRO JB 268 70.47 11.97 -197.89
C PRO JB 268 70.14 13.36 -198.42
N PRO JB 269 70.03 14.35 -197.55
CA PRO JB 269 69.79 15.72 -198.03
C PRO JB 269 70.90 16.23 -198.93
N LEU JB 270 72.16 15.93 -198.61
CA LEU JB 270 73.26 16.35 -199.45
C LEU JB 270 73.20 15.67 -200.81
N ARG JB 271 72.89 14.37 -200.83
CA ARG JB 271 72.77 13.65 -202.10
C ARG JB 271 71.63 14.22 -202.94
N GLU JB 272 70.50 14.53 -202.30
CA GLU JB 272 69.38 15.11 -203.04
C GLU JB 272 69.72 16.49 -203.59
N LYS JB 273 70.42 17.30 -202.81
CA LYS JB 273 70.83 18.63 -203.28
C LYS JB 273 71.82 18.52 -204.43
N PHE JB 274 72.75 17.58 -204.35
CA PHE JB 274 73.77 17.40 -205.39
C PHE JB 274 73.24 16.68 -206.61
N LEU JB 275 72.08 16.03 -206.52
CA LEU JB 275 71.48 15.34 -207.65
C LEU JB 275 70.56 16.21 -208.48
N ARG JB 276 70.36 17.47 -208.08
CA ARG JB 276 69.51 18.39 -208.81
C ARG JB 276 70.27 19.24 -209.82
N ASN JB 277 71.59 19.05 -209.93
CA ASN JB 277 72.42 19.81 -210.85
C ASN JB 277 72.71 19.07 -212.15
N MET JB 278 72.59 17.74 -212.16
CA MET JB 278 72.86 16.96 -213.36
C MET JB 278 71.55 16.64 -214.07
N SER JB 279 71.63 15.84 -215.14
CA SER JB 279 70.45 15.47 -215.89
C SER JB 279 69.63 14.43 -215.11
N GLN JB 280 68.38 14.24 -215.54
CA GLN JB 280 67.53 13.24 -214.91
C GLN JB 280 68.08 11.84 -215.09
N ARG JB 281 68.56 11.52 -216.29
CA ARG JB 281 69.19 10.22 -216.52
C ARG JB 281 70.45 10.08 -215.69
N ALA JB 282 71.26 11.13 -215.60
CA ALA JB 282 72.46 11.08 -214.77
C ALA JB 282 72.11 10.90 -213.29
N ALA JB 283 71.07 11.59 -212.82
CA ALA JB 283 70.64 11.43 -211.44
C ALA JB 283 70.16 10.02 -211.17
N ASP JB 284 69.39 9.45 -212.10
CA ASP JB 284 68.92 8.07 -211.93
C ASP JB 284 70.08 7.10 -211.93
N ILE JB 285 71.06 7.30 -212.81
CA ILE JB 285 72.24 6.44 -212.84
C ILE JB 285 73.02 6.53 -211.55
N LEU JB 286 73.20 7.75 -211.01
CA LEU JB 286 73.91 7.91 -209.75
C LEU JB 286 73.15 7.24 -208.61
N ARG JB 287 71.83 7.37 -208.58
CA ARG JB 287 71.03 6.73 -207.54
C ARG JB 287 71.15 5.21 -207.64
N ASP JB 288 71.09 4.67 -208.85
CA ASP JB 288 71.22 3.23 -209.03
C ASP JB 288 72.60 2.74 -208.60
N ASP JB 289 73.65 3.50 -208.94
CA ASP JB 289 75.00 3.12 -208.54
C ASP JB 289 75.15 3.16 -207.02
N LEU JB 290 74.59 4.18 -206.38
CA LEU JB 290 74.66 4.28 -204.92
C LEU JB 290 73.90 3.13 -204.26
N ALA JB 291 72.73 2.77 -204.80
CA ALA JB 291 71.97 1.66 -204.24
C ALA JB 291 72.72 0.34 -204.42
N ASN JB 292 73.34 0.15 -205.59
CA ASN JB 292 74.07 -1.09 -205.87
C ASN JB 292 75.43 -1.15 -205.20
N ARG JB 293 75.98 -0.01 -204.79
CA ARG JB 293 77.30 0.00 -204.17
C ARG JB 293 77.22 -0.57 -202.77
N GLY JB 294 78.11 -1.52 -202.48
CA GLY JB 294 78.17 -2.12 -201.16
C GLY JB 294 78.95 -1.27 -200.20
N PRO JB 295 78.95 -1.69 -198.93
CA PRO JB 295 79.72 -0.96 -197.91
C PRO JB 295 81.21 -0.98 -198.23
N VAL JB 296 81.88 0.14 -197.94
CA VAL JB 296 83.31 0.28 -198.20
C VAL JB 296 83.96 0.93 -196.99
N ARG JB 297 85.27 0.73 -196.86
CA ARG JB 297 86.01 1.35 -195.78
C ARG JB 297 86.01 2.87 -195.93
N LEU JB 298 85.95 3.57 -194.80
CA LEU JB 298 85.88 5.03 -194.81
C LEU JB 298 87.17 5.68 -195.27
N SER JB 299 88.28 4.92 -195.35
CA SER JB 299 89.55 5.52 -195.76
C SER JB 299 89.51 6.03 -197.19
N GLN JB 300 88.92 5.28 -198.11
CA GLN JB 300 88.82 5.72 -199.50
C GLN JB 300 87.72 6.75 -199.71
N VAL JB 301 86.60 6.62 -198.99
CA VAL JB 301 85.52 7.60 -199.09
C VAL JB 301 86.01 8.96 -198.59
N GLU JB 302 86.80 8.97 -197.51
CA GLU JB 302 87.35 10.21 -197.00
C GLU JB 302 88.29 10.86 -198.02
N ASN JB 303 89.12 10.05 -198.69
CA ASN JB 303 90.01 10.59 -199.70
C ASN JB 303 89.23 11.16 -200.88
N GLU JB 304 88.18 10.46 -201.31
CA GLU JB 304 87.35 10.97 -202.41
C GLU JB 304 86.67 12.28 -202.02
N GLN JB 305 86.14 12.35 -200.80
CA GLN JB 305 85.51 13.58 -200.34
C GLN JB 305 86.53 14.71 -200.24
N LYS JB 306 87.75 14.39 -199.80
CA LYS JB 306 88.80 15.41 -199.73
C LYS JB 306 89.15 15.93 -201.13
N ALA JB 307 89.23 15.03 -202.11
CA ALA JB 307 89.51 15.46 -203.47
C ALA JB 307 88.39 16.34 -204.02
N ILE JB 308 87.14 15.96 -203.75
CA ILE JB 308 86.00 16.75 -204.20
C ILE JB 308 86.02 18.13 -203.55
N LEU JB 309 86.29 18.18 -202.24
CA LEU JB 309 86.35 19.45 -201.53
C LEU JB 309 87.51 20.31 -202.05
N LEU JB 310 88.65 19.70 -202.35
CA LEU JB 310 89.77 20.46 -202.92
C LEU JB 310 89.41 21.05 -204.27
N ILE JB 311 88.72 20.27 -205.11
CA ILE JB 311 88.30 20.78 -206.41
C ILE JB 311 87.32 21.95 -206.23
N VAL JB 312 86.37 21.79 -205.31
CA VAL JB 312 85.38 22.85 -205.07
C VAL JB 312 86.07 24.11 -204.55
N ARG JB 313 87.03 23.94 -203.64
CA ARG JB 313 87.75 25.08 -203.09
C ARG JB 313 88.58 25.78 -204.17
N ARG JB 314 89.20 24.99 -205.05
CA ARG JB 314 89.95 25.59 -206.16
C ARG JB 314 89.03 26.38 -207.08
N LEU JB 315 87.85 25.83 -207.37
CA LEU JB 315 86.88 26.53 -208.22
C LEU JB 315 86.43 27.83 -207.56
N ALA JB 316 86.17 27.78 -206.25
CA ALA JB 316 85.74 28.98 -205.53
C ALA JB 316 86.85 30.03 -205.51
N GLU JB 317 88.09 29.60 -205.29
CA GLU JB 317 89.21 30.53 -205.25
C GLU JB 317 89.43 31.17 -206.61
N THR JB 318 89.24 30.39 -207.68
CA THR JB 318 89.34 30.94 -209.03
C THR JB 318 88.27 32.02 -209.24
N GLY JB 319 87.05 31.77 -208.74
CA GLY JB 319 85.99 32.74 -208.85
C GLY JB 319 84.82 32.23 -209.67
N GLU JB 320 84.70 30.90 -209.79
CA GLU JB 320 83.65 30.28 -210.57
C GLU JB 320 82.67 29.50 -209.71
N MET JB 321 82.52 29.86 -208.43
CA MET JB 321 81.60 29.19 -207.53
C MET JB 321 81.17 30.19 -206.47
N VAL JB 322 80.03 29.91 -205.84
CA VAL JB 322 79.50 30.76 -204.79
C VAL JB 322 78.78 29.91 -203.76
N ILE JB 323 78.33 30.53 -202.67
CA ILE JB 323 77.63 29.82 -201.61
C ILE JB 323 76.34 30.58 -201.27
N GLY JB 324 75.47 29.95 -200.50
CA GLY JB 324 74.21 30.56 -200.11
C GLY JB 324 73.37 29.69 -199.19
N SER KB 33 177.47 21.06 -152.95
CA SER KB 33 176.46 21.66 -152.08
C SER KB 33 175.18 21.95 -152.84
N ASP KB 34 174.09 21.28 -152.46
CA ASP KB 34 172.79 21.48 -153.10
C ASP KB 34 172.12 22.67 -152.43
N ILE KB 35 171.86 23.71 -153.22
CA ILE KB 35 171.22 24.93 -152.72
C ILE KB 35 170.32 25.48 -153.82
N ARG KB 36 169.01 25.41 -153.62
CA ARG KB 36 168.05 25.89 -154.58
C ARG KB 36 167.10 26.86 -153.90
N PRO KB 37 166.52 27.85 -154.64
CA PRO KB 37 165.64 28.87 -154.03
C PRO KB 37 164.39 28.24 -153.45
N TYR KB 38 163.88 28.82 -152.37
CA TYR KB 38 162.69 28.33 -151.72
C TYR KB 38 161.46 28.73 -152.54
N ASP KB 39 160.71 27.74 -152.99
CA ASP KB 39 159.46 27.97 -153.70
C ASP KB 39 158.30 27.47 -152.85
N PRO KB 40 157.39 28.34 -152.43
CA PRO KB 40 156.23 27.88 -151.68
C PRO KB 40 155.35 26.97 -152.52
N ASN KB 41 154.32 26.42 -151.88
CA ASN KB 41 153.32 25.51 -152.43
C ASN KB 41 153.93 24.35 -153.21
N THR KB 42 155.18 24.00 -152.95
CA THR KB 42 155.79 22.82 -153.57
C THR KB 42 155.68 21.63 -152.62
N GLN KB 43 155.46 20.45 -153.21
CA GLN KB 43 155.28 19.23 -152.43
C GLN KB 43 156.63 18.80 -151.87
N ARG KB 44 157.01 19.40 -150.74
CA ARG KB 44 158.27 19.10 -150.09
C ARG KB 44 158.12 18.29 -148.82
N ARG KB 45 156.91 18.17 -148.27
CA ARG KB 45 156.67 17.41 -147.04
C ARG KB 45 156.37 15.97 -147.44
N VAL KB 46 157.30 15.07 -147.13
CA VAL KB 46 157.16 13.65 -147.42
C VAL KB 46 157.14 12.90 -146.09
N VAL KB 47 156.03 12.21 -145.82
CA VAL KB 47 155.85 11.45 -144.59
C VAL KB 47 155.43 10.05 -145.00
N ARG KB 48 156.40 9.13 -145.11
CA ARG KB 48 156.15 7.75 -145.51
C ARG KB 48 156.19 6.90 -144.25
N GLU KB 49 155.09 6.17 -144.02
CA GLU KB 49 154.99 5.34 -142.82
C GLU KB 49 154.11 4.14 -143.17
N ARG KB 50 154.65 2.94 -142.99
CA ARG KB 50 153.88 1.73 -143.21
C ARG KB 50 152.80 1.60 -142.14
N LEU KB 51 151.58 1.25 -142.57
CA LEU KB 51 150.44 1.15 -141.67
C LEU KB 51 149.88 -0.27 -141.75
N GLN KB 52 150.45 -1.16 -140.95
CA GLN KB 52 150.05 -2.57 -141.01
C GLN KB 52 148.62 -2.77 -140.53
N ALA KB 53 148.25 -2.08 -139.44
CA ALA KB 53 146.90 -2.19 -138.85
C ALA KB 53 145.85 -1.78 -139.89
N LEU KB 54 146.07 -0.71 -140.67
CA LEU KB 54 145.20 -0.35 -141.78
C LEU KB 54 145.30 -1.38 -142.90
N GLU KB 55 146.48 -1.96 -143.09
CA GLU KB 55 146.65 -2.97 -144.14
C GLU KB 55 145.80 -4.20 -143.88
N ILE KB 56 145.49 -4.49 -142.61
CA ILE KB 56 144.65 -5.67 -142.34
C ILE KB 56 143.19 -5.24 -142.23
N ILE KB 57 142.95 -4.01 -141.77
CA ILE KB 57 141.58 -3.51 -141.72
C ILE KB 57 140.99 -3.42 -143.12
N ASN KB 58 141.83 -3.07 -144.10
CA ASN KB 58 141.35 -3.00 -145.47
C ASN KB 58 140.85 -4.34 -146.00
N GLU KB 59 141.59 -5.42 -145.75
CA GLU KB 59 141.14 -6.74 -146.18
C GLU KB 59 139.90 -7.20 -145.41
N ARG KB 60 139.84 -6.91 -144.11
CA ARG KB 60 138.66 -7.30 -143.36
C ARG KB 60 137.43 -6.59 -143.92
N PHE KB 61 137.56 -5.28 -144.16
CA PHE KB 61 136.46 -4.53 -144.75
C PHE KB 61 136.13 -5.01 -146.15
N ALA KB 62 137.15 -5.40 -146.93
CA ALA KB 62 136.90 -5.89 -148.27
C ALA KB 62 136.11 -7.19 -148.25
N ARG KB 63 136.44 -8.08 -147.33
CA ARG KB 63 135.67 -9.32 -147.20
C ARG KB 63 134.24 -9.03 -146.80
N GLN KB 64 134.05 -8.15 -145.82
CA GLN KB 64 132.70 -7.80 -145.39
C GLN KB 64 131.90 -7.17 -146.52
N PHE KB 65 132.54 -6.27 -147.28
CA PHE KB 65 131.86 -5.59 -148.38
C PHE KB 65 131.55 -6.55 -149.52
N ARG KB 66 132.43 -7.52 -149.79
CA ARG KB 66 132.11 -8.52 -150.79
C ARG KB 66 130.86 -9.35 -150.55
N MET KB 67 130.68 -9.84 -149.32
CA MET KB 67 129.44 -10.55 -149.00
C MET KB 67 128.18 -9.66 -148.95
N GLY KB 68 128.41 -8.41 -148.57
CA GLY KB 68 127.31 -7.44 -148.56
C GLY KB 68 126.89 -7.24 -150.00
N LEU KB 69 127.86 -7.09 -150.90
CA LEU KB 69 127.55 -6.93 -152.31
C LEU KB 69 126.92 -8.18 -152.89
N PHE KB 70 127.39 -9.36 -152.45
CA PHE KB 70 126.74 -10.59 -152.86
C PHE KB 70 125.30 -10.62 -152.37
N ASN KB 71 125.08 -10.21 -151.12
CA ASN KB 71 123.72 -10.20 -150.57
C ASN KB 71 122.82 -9.24 -151.35
N LEU KB 72 123.36 -8.12 -151.81
CA LEU KB 72 122.53 -7.10 -152.45
C LEU KB 72 122.33 -7.40 -153.93
N LEU KB 73 123.42 -7.43 -154.69
CA LEU KB 73 123.36 -7.54 -156.15
C LEU KB 73 122.97 -8.93 -156.63
N ARG KB 74 122.94 -9.93 -155.75
CA ARG KB 74 122.72 -11.32 -156.13
C ARG KB 74 123.73 -11.77 -157.18
N ARG KB 75 124.97 -11.31 -157.06
CA ARG KB 75 126.06 -11.70 -157.94
C ARG KB 75 127.30 -11.94 -157.09
N SER KB 76 128.39 -12.31 -157.75
CA SER KB 76 129.63 -12.64 -157.05
C SER KB 76 130.73 -11.65 -157.38
N PRO KB 77 130.88 -10.59 -156.59
CA PRO KB 77 132.02 -9.67 -156.79
C PRO KB 77 133.32 -10.10 -156.17
N ASP KB 78 134.42 -9.62 -156.74
CA ASP KB 78 135.74 -9.82 -156.16
C ASP KB 78 136.36 -8.44 -155.96
N ILE KB 79 136.84 -8.18 -154.75
CA ILE KB 79 137.40 -6.90 -154.37
C ILE KB 79 138.88 -7.09 -154.11
N THR KB 80 139.71 -6.38 -154.87
CA THR KB 80 141.15 -6.38 -154.69
C THR KB 80 141.55 -5.09 -153.99
N VAL KB 81 142.24 -5.21 -152.86
CA VAL KB 81 142.67 -4.03 -152.12
C VAL KB 81 143.96 -3.50 -152.72
N GLY KB 82 143.95 -2.23 -153.11
CA GLY KB 82 145.15 -1.62 -153.64
C GLY KB 82 146.09 -1.16 -152.56
N ALA KB 83 147.25 -0.69 -152.99
CA ALA KB 83 148.24 -0.17 -152.05
C ALA KB 83 147.75 1.13 -151.41
N ILE KB 84 147.91 1.23 -150.10
CA ILE KB 84 147.55 2.44 -149.39
C ILE KB 84 148.45 3.58 -149.85
N ARG KB 85 147.87 4.70 -150.22
CA ARG KB 85 148.62 5.85 -150.70
C ARG KB 85 148.54 6.99 -149.69
N ILE KB 86 149.71 7.45 -149.25
CA ILE KB 86 149.82 8.60 -148.35
C ILE KB 86 150.23 9.83 -149.15
N GLN KB 87 149.27 10.68 -149.45
CA GLN KB 87 149.46 11.73 -150.45
C GLN KB 87 148.80 13.01 -150.04
N PRO KB 88 149.25 14.16 -150.54
CA PRO KB 88 148.56 15.42 -150.28
C PRO KB 88 147.15 15.38 -150.85
N TYR KB 89 146.25 16.12 -150.19
CA TYR KB 89 144.84 16.07 -150.56
C TYR KB 89 144.51 16.47 -151.98
N HIS KB 90 145.24 17.44 -152.54
CA HIS KB 90 145.00 17.95 -153.92
C HIS KB 90 145.44 16.91 -154.98
N GLU KB 91 146.33 15.97 -154.62
CA GLU KB 91 146.70 14.88 -155.51
C GLU KB 91 145.50 13.94 -155.56
N PHE KB 92 144.94 13.61 -154.41
CA PHE KB 92 143.76 12.76 -154.35
C PHE KB 92 142.58 13.41 -155.08
N ALA KB 93 142.41 14.71 -154.90
CA ALA KB 93 141.31 15.41 -155.57
C ALA KB 93 141.49 15.41 -157.08
N ARG KB 94 142.71 15.66 -157.56
CA ARG KB 94 142.92 15.76 -159.00
C ARG KB 94 142.85 14.39 -159.66
N ASN KB 95 143.24 13.33 -158.97
CA ASN KB 95 143.15 12.00 -159.56
C ASN KB 95 141.72 11.53 -159.71
N LEU KB 96 140.81 12.10 -158.91
CA LEU KB 96 139.40 11.70 -158.98
C LEU KB 96 138.78 12.16 -160.29
N PRO KB 97 137.82 11.41 -160.83
CA PRO KB 97 137.10 11.85 -162.01
C PRO KB 97 135.93 12.76 -161.63
N VAL KB 98 135.34 13.35 -162.65
CA VAL KB 98 134.22 14.27 -162.44
C VAL KB 98 133.08 13.92 -163.40
N PRO KB 99 131.86 13.72 -162.92
CA PRO KB 99 131.45 13.72 -161.51
C PRO KB 99 131.70 12.37 -160.86
N THR KB 100 131.77 12.35 -159.53
CA THR KB 100 131.95 11.11 -158.75
C THR KB 100 131.21 11.30 -157.45
N ASN KB 101 130.42 10.34 -156.99
CA ASN KB 101 129.77 10.39 -155.66
C ASN KB 101 130.77 10.38 -154.51
N LEU KB 102 130.80 11.41 -153.68
CA LEU KB 102 131.67 11.52 -152.49
C LEU KB 102 130.79 11.39 -151.24
N ASN KB 103 131.13 10.59 -150.23
CA ASN KB 103 130.23 10.37 -149.05
C ASN KB 103 130.95 10.85 -147.79
N LEU KB 104 130.72 12.08 -147.32
CA LEU KB 104 131.37 12.53 -146.11
C LEU KB 104 130.89 11.69 -144.94
N ILE KB 105 131.83 11.13 -144.18
CA ILE KB 105 131.49 10.25 -143.08
C ILE KB 105 132.22 10.71 -141.83
N HIS KB 106 131.60 10.51 -140.69
CA HIS KB 106 132.16 10.88 -139.40
C HIS KB 106 132.60 9.61 -138.68
N LEU KB 107 133.89 9.50 -138.40
CA LEU KB 107 134.43 8.36 -137.68
C LEU KB 107 134.61 8.71 -136.20
N LYS KB 108 133.50 8.98 -135.53
CA LYS KB 108 133.54 9.34 -134.12
C LYS KB 108 134.08 8.17 -133.30
N PRO KB 109 134.79 8.46 -132.19
CA PRO KB 109 135.05 9.78 -131.59
C PRO KB 109 136.25 10.51 -132.20
N LEU KB 110 136.80 10.03 -133.32
CA LEU KB 110 137.94 10.70 -133.94
C LEU KB 110 137.46 11.99 -134.58
N ARG KB 111 138.06 13.12 -134.19
CA ARG KB 111 137.66 14.40 -134.74
C ARG KB 111 138.17 14.54 -136.17
N GLY KB 112 137.25 14.85 -137.08
CA GLY KB 112 137.56 14.98 -138.49
C GLY KB 112 136.42 14.46 -139.32
N THR KB 113 136.66 14.35 -140.63
CA THR KB 113 135.65 13.90 -141.57
C THR KB 113 136.32 13.13 -142.70
N GLY KB 114 136.05 11.82 -142.76
CA GLY KB 114 136.57 11.01 -143.83
C GLY KB 114 135.67 11.02 -145.06
N LEU KB 115 136.15 10.39 -146.12
CA LEU KB 115 135.48 10.41 -147.41
C LEU KB 115 135.43 9.00 -147.99
N VAL KB 116 134.28 8.62 -148.51
CA VAL KB 116 134.11 7.37 -149.24
C VAL KB 116 133.74 7.71 -150.67
N VAL KB 117 134.57 7.32 -151.62
CA VAL KB 117 134.43 7.72 -153.01
C VAL KB 117 133.98 6.52 -153.82
N PHE KB 118 132.75 6.60 -154.35
CA PHE KB 118 132.21 5.62 -155.28
C PHE KB 118 132.35 6.10 -156.71
N SER KB 119 133.07 5.31 -157.51
CA SER KB 119 133.28 5.67 -158.91
C SER KB 119 131.99 5.60 -159.72
N PRO KB 120 131.84 6.39 -160.81
CA PRO KB 120 130.65 6.31 -161.69
C PRO KB 120 130.52 4.88 -162.21
N SER KB 121 131.65 4.22 -162.45
CA SER KB 121 131.57 2.86 -162.99
C SER KB 121 130.89 1.91 -162.03
N LEU KB 122 131.24 2.00 -160.73
CA LEU KB 122 130.66 1.08 -159.77
C LEU KB 122 129.17 1.32 -159.58
N VAL KB 123 128.76 2.58 -159.48
CA VAL KB 123 127.33 2.85 -159.31
C VAL KB 123 126.56 2.49 -160.57
N PHE KB 124 127.18 2.68 -161.75
CA PHE KB 124 126.55 2.24 -162.98
C PHE KB 124 126.34 0.74 -162.98
N ILE KB 125 127.36 -0.01 -162.57
CA ILE KB 125 127.26 -1.47 -162.52
C ILE KB 125 126.16 -1.90 -161.55
N ALA KB 126 126.12 -1.27 -160.38
CA ALA KB 126 125.13 -1.64 -159.38
C ALA KB 126 123.71 -1.35 -159.87
N VAL KB 127 123.50 -0.17 -160.45
CA VAL KB 127 122.17 0.18 -160.95
C VAL KB 127 121.77 -0.74 -162.09
N ASP KB 128 122.72 -1.05 -162.98
CA ASP KB 128 122.44 -1.96 -164.08
C ASP KB 128 122.03 -3.34 -163.56
N ASN KB 129 122.76 -3.86 -162.57
CA ASN KB 129 122.44 -5.18 -162.04
C ASN KB 129 121.10 -5.18 -161.33
N LEU KB 130 120.82 -4.15 -160.54
CA LEU KB 130 119.55 -4.10 -159.81
C LEU KB 130 118.37 -4.00 -160.75
N PHE KB 131 118.46 -3.18 -161.78
CA PHE KB 131 117.32 -2.89 -162.64
C PHE KB 131 117.37 -3.74 -163.91
N GLY KB 132 117.29 -5.05 -163.72
CA GLY KB 132 117.13 -5.98 -164.82
C GLY KB 132 118.19 -5.92 -165.89
N GLY KB 133 119.46 -5.89 -165.48
CA GLY KB 133 120.53 -5.88 -166.44
C GLY KB 133 121.63 -6.88 -166.13
N ASP KB 134 121.96 -7.71 -167.13
CA ASP KB 134 123.03 -8.73 -166.95
C ASP KB 134 124.38 -8.14 -167.38
N GLY KB 135 124.50 -6.81 -167.34
CA GLY KB 135 125.75 -6.17 -167.71
C GLY KB 135 126.22 -6.60 -169.08
N ARG KB 136 125.29 -6.85 -170.01
CA ARG KB 136 125.66 -7.19 -171.38
C ARG KB 136 126.33 -6.01 -172.10
N PHE KB 137 125.67 -4.85 -172.08
CA PHE KB 137 126.25 -3.68 -172.71
C PHE KB 137 127.39 -3.03 -171.93
N PRO KB 138 128.35 -2.42 -172.61
CA PRO KB 138 129.45 -1.75 -171.90
C PRO KB 138 128.94 -0.56 -171.10
N THR KB 139 129.61 -0.29 -169.99
CA THR KB 139 129.28 0.87 -169.18
C THR KB 139 129.72 2.14 -169.89
N LYS KB 140 128.81 3.10 -170.02
CA LYS KB 140 129.08 4.37 -170.67
C LYS KB 140 128.87 5.50 -169.68
N VAL KB 141 129.92 6.28 -169.44
CA VAL KB 141 129.86 7.44 -168.56
C VAL KB 141 130.38 8.64 -169.34
N GLU KB 142 129.56 9.68 -169.42
CA GLU KB 142 129.89 10.89 -170.17
C GLU KB 142 129.59 12.13 -169.35
N GLY KB 143 130.02 12.14 -168.08
CA GLY KB 143 129.73 13.27 -167.22
C GLY KB 143 128.31 13.34 -166.72
N ARG KB 144 127.55 12.25 -166.88
CA ARG KB 144 126.17 12.25 -166.43
C ARG KB 144 126.09 12.28 -164.91
N GLU KB 145 125.16 13.07 -164.39
CA GLU KB 145 125.00 13.21 -162.95
C GLU KB 145 124.19 12.04 -162.40
N PHE KB 146 123.87 12.12 -161.12
CA PHE KB 146 123.17 11.06 -160.40
C PHE KB 146 121.77 11.52 -160.03
N THR KB 147 120.77 10.74 -160.43
CA THR KB 147 119.39 11.07 -160.11
C THR KB 147 119.06 10.63 -158.68
N HIS KB 148 117.81 10.86 -158.28
CA HIS KB 148 117.39 10.50 -156.94
C HIS KB 148 117.38 8.99 -156.75
N THR KB 149 116.95 8.24 -157.77
CA THR KB 149 116.99 6.78 -157.68
C THR KB 149 118.42 6.27 -157.57
N GLU KB 150 119.33 6.83 -158.38
CA GLU KB 150 120.73 6.47 -158.27
C GLU KB 150 121.28 6.82 -156.90
N GLN KB 151 120.89 7.98 -156.38
CA GLN KB 151 121.35 8.37 -155.05
C GLN KB 151 120.84 7.40 -153.99
N ARG KB 152 119.61 6.93 -154.14
CA ARG KB 152 119.08 5.98 -153.16
C ARG KB 152 119.80 4.64 -153.25
N VAL KB 153 120.11 4.19 -154.48
CA VAL KB 153 120.90 2.98 -154.64
C VAL KB 153 122.27 3.12 -154.00
N ILE KB 154 122.90 4.27 -154.19
CA ILE KB 154 124.21 4.52 -153.60
C ILE KB 154 124.12 4.55 -152.08
N ASN KB 155 123.03 5.12 -151.55
CA ASN KB 155 122.85 5.11 -150.10
C ASN KB 155 122.71 3.68 -149.60
N ARG KB 156 121.97 2.85 -150.33
CA ARG KB 156 121.81 1.46 -149.93
C ARG KB 156 123.15 0.73 -149.94
N MET KB 157 123.97 0.97 -150.96
CA MET KB 157 125.30 0.38 -151.00
C MET KB 157 126.19 0.90 -149.88
N LEU KB 158 126.12 2.21 -149.63
CA LEU KB 158 126.98 2.82 -148.64
C LEU KB 158 126.63 2.38 -147.24
N LYS KB 159 125.37 2.02 -147.01
CA LYS KB 159 125.02 1.47 -145.70
C LYS KB 159 125.80 0.19 -145.42
N LEU KB 160 125.84 -0.72 -146.41
CA LEU KB 160 126.63 -1.93 -146.26
C LEU KB 160 128.11 -1.61 -146.15
N ALA KB 161 128.60 -0.66 -146.95
CA ALA KB 161 130.01 -0.31 -146.90
C ALA KB 161 130.40 0.21 -145.52
N LEU KB 162 129.58 1.09 -144.94
CA LEU KB 162 129.87 1.65 -143.64
C LEU KB 162 129.76 0.60 -142.55
N GLU KB 163 128.77 -0.29 -142.64
CA GLU KB 163 128.68 -1.37 -141.67
C GLU KB 163 129.92 -2.25 -141.71
N GLY KB 164 130.37 -2.60 -142.92
CA GLY KB 164 131.57 -3.41 -143.03
C GLY KB 164 132.80 -2.71 -142.50
N TYR KB 165 132.94 -1.42 -142.80
CA TYR KB 165 134.09 -0.67 -142.30
C TYR KB 165 134.07 -0.57 -140.78
N SER KB 166 132.91 -0.31 -140.20
CA SER KB 166 132.81 -0.24 -138.75
C SER KB 166 133.15 -1.57 -138.10
N ASP KB 167 132.65 -2.67 -138.69
CA ASP KB 167 132.96 -3.99 -138.15
C ASP KB 167 134.45 -4.29 -138.25
N ALA KB 168 135.07 -3.91 -139.36
CA ALA KB 168 136.50 -4.13 -139.52
C ALA KB 168 137.30 -3.32 -138.50
N TRP KB 169 136.89 -2.07 -138.26
CA TRP KB 169 137.61 -1.25 -137.30
C TRP KB 169 137.33 -1.78 -135.90
N LYS KB 170 136.15 -2.38 -135.68
CA LYS KB 170 135.77 -2.84 -134.35
C LYS KB 170 136.81 -3.77 -133.73
N ALA KB 171 137.47 -4.58 -134.55
CA ALA KB 171 138.51 -5.47 -134.05
C ALA KB 171 139.68 -4.78 -133.35
N ILE KB 172 140.14 -3.65 -133.89
CA ILE KB 172 141.28 -2.93 -133.33
C ILE KB 172 140.79 -1.82 -132.41
N ASN KB 173 140.03 -0.88 -132.96
CA ASN KB 173 139.51 0.23 -132.18
C ASN KB 173 138.04 0.42 -132.50
N PRO KB 174 137.14 0.25 -131.52
CA PRO KB 174 135.71 0.36 -131.81
C PRO KB 174 135.30 1.78 -132.19
N LEU KB 175 134.89 1.96 -133.44
CA LEU KB 175 134.45 3.24 -133.96
C LEU KB 175 133.04 3.12 -134.51
N GLU KB 176 132.30 4.21 -134.47
CA GLU KB 176 130.98 4.29 -135.07
C GLU KB 176 131.05 5.19 -136.29
N VAL KB 177 130.50 4.70 -137.40
CA VAL KB 177 130.60 5.38 -138.69
C VAL KB 177 129.24 5.96 -139.01
N GLU KB 178 129.20 7.28 -139.22
CA GLU KB 178 127.97 7.99 -139.54
C GLU KB 178 128.11 8.67 -140.89
N TYR KB 179 127.11 8.46 -141.74
CA TYR KB 179 127.03 9.11 -143.04
C TYR KB 179 126.29 10.43 -142.87
N VAL KB 180 126.93 11.54 -143.23
CA VAL KB 180 126.38 12.86 -142.95
C VAL KB 180 125.92 13.55 -144.22
N ARG KB 181 126.57 13.32 -145.35
CA ARG KB 181 126.27 14.10 -146.55
C ARG KB 181 126.89 13.41 -147.75
N SER KB 182 126.25 13.59 -148.90
CA SER KB 182 126.76 13.09 -150.16
C SER KB 182 126.81 14.27 -151.14
N GLU KB 183 127.84 14.27 -151.99
CA GLU KB 183 128.08 15.32 -152.95
C GLU KB 183 128.58 14.69 -154.23
N MET KB 184 128.58 15.47 -155.30
CA MET KB 184 128.99 15.00 -156.62
C MET KB 184 130.24 15.67 -157.17
N GLN KB 185 130.52 16.91 -156.76
CA GLN KB 185 131.71 17.61 -157.18
C GLN KB 185 132.80 17.47 -156.12
N VAL KB 186 134.01 17.91 -156.47
CA VAL KB 186 135.13 17.80 -155.56
C VAL KB 186 135.27 19.03 -154.66
N LYS KB 187 134.83 20.20 -155.11
CA LYS KB 187 135.03 21.43 -154.37
C LYS KB 187 134.04 21.60 -153.22
N PHE KB 188 133.05 20.72 -153.09
CA PHE KB 188 132.09 20.81 -152.00
C PHE KB 188 132.53 20.13 -150.71
N THR KB 189 133.55 19.26 -150.74
CA THR KB 189 133.91 18.50 -149.54
C THR KB 189 134.87 19.28 -148.64
N ASN KB 190 136.07 19.57 -149.16
CA ASN KB 190 137.11 20.29 -148.41
C ASN KB 190 137.19 19.81 -146.96
N ILE KB 191 137.57 18.52 -146.80
CA ILE KB 191 137.72 17.91 -145.44
C ILE KB 191 139.13 18.22 -144.91
N THR KB 192 139.98 18.89 -145.70
CA THR KB 192 141.36 19.26 -145.30
C THR KB 192 141.44 20.77 -145.21
N THR KB 193 141.96 21.30 -144.09
CA THR KB 193 142.06 22.76 -143.85
C THR KB 193 142.76 23.40 -145.02
N SER KB 194 143.81 22.75 -145.55
CA SER KB 194 144.54 23.23 -146.71
C SER KB 194 144.68 22.11 -147.73
N PRO KB 195 144.76 22.46 -149.02
CA PRO KB 195 144.92 21.41 -150.05
C PRO KB 195 146.23 20.67 -149.97
N ASN KB 196 147.23 21.18 -149.25
CA ASN KB 196 148.50 20.51 -149.10
C ASN KB 196 148.54 19.58 -147.90
N ASP KB 197 147.43 19.43 -147.19
CA ASP KB 197 147.38 18.49 -146.07
C ASP KB 197 147.50 17.07 -146.58
N ILE KB 198 147.98 16.20 -145.70
CA ILE KB 198 148.30 14.82 -146.07
C ILE KB 198 147.14 13.92 -145.67
N VAL KB 199 146.72 13.04 -146.58
CA VAL KB 199 145.61 12.13 -146.35
C VAL KB 199 146.04 10.71 -146.75
N VAL KB 200 145.35 9.74 -146.19
CA VAL KB 200 145.61 8.33 -146.42
C VAL KB 200 144.54 7.73 -147.32
N ASN KB 201 144.94 7.31 -148.52
CA ASN KB 201 143.95 6.80 -149.51
C ASN KB 201 144.09 5.30 -149.78
N THR KB 202 142.99 4.55 -149.69
CA THR KB 202 142.95 3.13 -150.00
C THR KB 202 142.01 2.90 -151.17
N PRO KB 203 142.53 2.59 -152.36
CA PRO KB 203 141.64 2.25 -153.50
C PRO KB 203 141.38 0.75 -153.54
N PHE KB 204 140.10 0.39 -153.66
CA PHE KB 204 139.68 -0.98 -153.88
C PHE KB 204 139.13 -1.10 -155.30
N HIS KB 205 139.38 -2.25 -155.93
CA HIS KB 205 138.85 -2.55 -157.25
C HIS KB 205 137.84 -3.67 -157.14
N VAL KB 206 136.61 -3.41 -157.56
CA VAL KB 206 135.53 -4.38 -157.49
C VAL KB 206 135.20 -4.83 -158.91
N GLU KB 207 135.28 -6.13 -159.15
CA GLU KB 207 134.96 -6.70 -160.45
C GLU KB 207 133.74 -7.58 -160.33
N ILE KB 208 132.77 -7.38 -161.22
CA ILE KB 208 131.58 -8.20 -161.34
C ILE KB 208 131.50 -8.71 -162.77
N GLY KB 209 131.59 -10.03 -162.93
CA GLY KB 209 131.67 -10.58 -164.27
C GLY KB 209 132.84 -9.98 -165.02
N ASN KB 210 132.56 -9.50 -166.23
CA ASN KB 210 133.58 -8.80 -167.00
C ASN KB 210 133.68 -7.33 -166.61
N LEU KB 211 132.62 -6.78 -166.03
CA LEU KB 211 132.63 -5.36 -165.67
C LEU KB 211 133.50 -5.10 -164.46
N THR KB 212 134.10 -3.91 -164.42
CA THR KB 212 134.99 -3.52 -163.34
C THR KB 212 134.68 -2.10 -162.90
N GLY KB 213 135.04 -1.80 -161.65
CA GLY KB 213 134.92 -0.47 -161.11
C GLY KB 213 135.84 -0.34 -159.92
N GLU KB 214 135.91 0.86 -159.35
CA GLU KB 214 136.77 1.10 -158.22
C GLU KB 214 136.11 2.06 -157.25
N PHE KB 215 136.57 2.01 -156.00
CA PHE KB 215 136.09 2.94 -155.00
C PHE KB 215 137.16 3.13 -153.95
N ASN KB 216 137.29 4.35 -153.44
CA ASN KB 216 138.36 4.70 -152.53
C ASN KB 216 137.81 5.05 -151.16
N ILE KB 217 138.67 4.88 -150.15
CA ILE KB 217 138.37 5.36 -148.80
C ILE KB 217 139.50 6.26 -148.36
N CYS KB 218 139.21 7.54 -148.13
CA CYS KB 218 140.23 8.53 -147.80
C CYS KB 218 139.99 9.08 -146.41
N LEU KB 219 141.03 9.05 -145.57
CA LEU KB 219 140.96 9.57 -144.23
C LEU KB 219 142.01 10.65 -144.05
N PRO KB 220 141.65 11.84 -143.58
CA PRO KB 220 142.67 12.85 -143.29
C PRO KB 220 143.60 12.37 -142.19
N PHE KB 221 144.88 12.70 -142.32
CA PHE KB 221 145.85 12.24 -141.35
C PHE KB 221 145.61 12.79 -139.95
N SER KB 222 144.85 13.86 -139.82
CA SER KB 222 144.55 14.40 -138.49
C SER KB 222 143.77 13.39 -137.66
N MET KB 223 142.82 12.69 -138.29
CA MET KB 223 142.05 11.68 -137.57
C MET KB 223 142.93 10.51 -137.15
N ILE KB 224 143.84 10.09 -138.03
CA ILE KB 224 144.67 8.93 -137.75
C ILE KB 224 145.75 9.24 -136.72
N GLU KB 225 146.20 10.50 -136.67
CA GLU KB 225 147.37 10.85 -135.85
C GLU KB 225 147.27 10.41 -134.39
N PRO KB 226 146.16 10.58 -133.67
CA PRO KB 226 146.11 10.05 -132.30
C PRO KB 226 146.25 8.55 -132.23
N LEU KB 227 146.00 7.83 -133.32
CA LEU KB 227 146.11 6.37 -133.35
C LEU KB 227 147.29 5.86 -134.16
N ARG KB 228 148.34 6.66 -134.31
CA ARG KB 228 149.46 6.27 -135.16
C ARG KB 228 150.22 5.07 -134.60
N GLU KB 229 150.49 5.08 -133.29
CA GLU KB 229 151.22 3.98 -132.68
C GLU KB 229 150.38 2.70 -132.76
N LEU KB 230 149.06 2.83 -132.78
CA LEU KB 230 148.21 1.66 -132.94
C LEU KB 230 148.19 1.18 -134.38
N LEU KB 231 148.17 2.13 -135.34
CA LEU KB 231 148.02 1.79 -136.78
C LEU KB 231 149.38 1.43 -137.39
N VAL KB 232 150.49 1.70 -136.72
CA VAL KB 232 151.84 1.46 -137.28
C VAL KB 232 152.23 -0.01 -137.07
N ASN KB 233 152.27 -0.51 -135.82
CA ASN KB 233 152.74 -1.87 -135.61
C ASN KB 233 151.65 -2.88 -135.96
N PRO KB 234 152.03 -4.03 -136.54
CA PRO KB 234 151.04 -5.06 -136.84
C PRO KB 234 150.37 -5.55 -135.57
N PRO KB 235 149.08 -5.87 -135.63
CA PRO KB 235 148.36 -6.26 -134.41
C PRO KB 235 148.89 -7.58 -133.86
N LEU KB 236 148.83 -7.71 -132.55
CA LEU KB 236 149.25 -8.92 -131.86
C LEU KB 236 148.07 -9.57 -131.15
N GLU KB 237 148.11 -10.90 -131.06
CA GLU KB 237 147.04 -11.66 -130.44
C GLU KB 237 147.14 -11.52 -128.93
N ASN KB 238 146.55 -10.44 -128.42
CA ASN KB 238 146.56 -10.14 -127.00
C ASN KB 238 145.15 -9.73 -126.59
N SER KB 239 145.01 -9.23 -125.38
CA SER KB 239 143.73 -8.78 -124.85
C SER KB 239 143.88 -7.39 -124.27
N ARG KB 240 142.74 -6.70 -124.11
CA ARG KB 240 142.77 -5.37 -123.51
C ARG KB 240 143.29 -5.43 -122.08
N HIS KB 241 142.95 -6.49 -121.34
CA HIS KB 241 143.50 -6.67 -120.01
C HIS KB 241 145.02 -6.80 -120.06
N GLU KB 242 145.53 -7.58 -121.01
CA GLU KB 242 146.98 -7.72 -121.14
C GLU KB 242 147.64 -6.40 -121.52
N ASP KB 243 147.00 -5.64 -122.41
CA ASP KB 243 147.57 -4.36 -122.83
C ASP KB 243 147.62 -3.37 -121.67
N GLN KB 244 146.53 -3.27 -120.90
CA GLN KB 244 146.54 -2.36 -119.76
C GLN KB 244 147.51 -2.84 -118.67
N ASN KB 245 147.66 -4.15 -118.51
CA ASN KB 245 148.66 -4.66 -117.58
C ASN KB 245 150.07 -4.30 -118.04
N TRP KB 246 150.32 -4.38 -119.35
CA TRP KB 246 151.62 -3.99 -119.89
C TRP KB 246 152.13 -2.59 -119.60
N ARG KB 247 151.29 -1.59 -119.89
CA ARG KB 247 151.69 -0.18 -119.64
C ARG KB 247 151.70 0.06 -118.13
N ASP KB 248 150.83 -0.63 -117.39
CA ASP KB 248 150.81 -0.48 -115.90
C ASP KB 248 152.19 -0.87 -115.36
N ASN KB 249 152.69 -2.05 -115.74
CA ASN KB 249 154.02 -2.52 -115.27
C ASN KB 249 155.09 -1.54 -115.79
N LEU KB 250 154.99 -1.14 -117.06
CA LEU KB 250 155.96 -0.18 -117.64
C LEU KB 250 155.92 1.13 -116.83
N VAL KB 251 154.72 1.62 -116.54
CA VAL KB 251 154.57 2.86 -115.71
C VAL KB 251 155.32 2.64 -114.39
N ARG KB 252 155.08 1.49 -113.74
CA ARG KB 252 155.76 1.21 -112.48
C ARG KB 252 157.27 1.10 -112.67
N GLN KB 253 157.71 0.55 -113.80
CA GLN KB 253 159.15 0.49 -114.06
C GLN KB 253 159.74 1.87 -114.30
N VAL KB 254 158.97 2.77 -114.91
CA VAL KB 254 159.47 4.11 -115.21
C VAL KB 254 159.72 4.89 -113.93
N GLN KB 255 158.89 4.68 -112.91
CA GLN KB 255 158.98 5.47 -111.68
C GLN KB 255 160.36 5.41 -111.05
N HIS KB 256 161.06 4.29 -111.21
CA HIS KB 256 162.41 4.16 -110.65
C HIS KB 256 163.46 4.64 -111.67
N SER KB 257 163.33 5.91 -112.08
CA SER KB 257 164.29 6.56 -113.01
C SER KB 257 164.63 7.95 -112.45
N GLU KB 258 165.90 8.17 -112.06
CA GLU KB 258 166.34 9.46 -111.47
C GLU KB 258 166.23 10.58 -112.51
N LEU KB 259 165.83 11.78 -112.10
CA LEU KB 259 165.73 12.96 -113.01
C LEU KB 259 166.71 14.04 -112.56
N GLU KB 260 166.88 15.10 -113.34
CA GLU KB 260 167.68 16.26 -112.95
C GLU KB 260 166.75 17.47 -112.83
N LEU KB 261 166.60 17.97 -111.61
CA LEU KB 261 165.72 19.09 -111.34
C LEU KB 261 166.56 20.34 -111.09
N VAL KB 262 166.21 21.43 -111.77
CA VAL KB 262 166.97 22.68 -111.72
C VAL KB 262 166.06 23.78 -111.23
N ALA KB 263 166.51 24.51 -110.20
CA ALA KB 263 165.75 25.62 -109.65
C ALA KB 263 166.34 26.93 -110.15
N ASN KB 264 165.49 27.81 -110.66
CA ASN KB 264 165.90 29.11 -111.17
C ASN KB 264 165.52 30.17 -110.13
N PHE KB 265 166.54 30.79 -109.52
CA PHE KB 265 166.34 31.84 -108.49
C PHE KB 265 165.96 33.17 -109.13
N ALA KB 266 166.65 33.59 -110.19
CA ALA KB 266 166.39 34.88 -110.87
C ALA KB 266 166.78 34.83 -112.36
N ASP KB 267 166.26 35.73 -113.20
CA ASP KB 267 166.61 35.81 -114.61
C ASP KB 267 166.76 37.28 -114.96
N ILE KB 268 168.00 37.77 -115.02
CA ILE KB 268 168.30 39.18 -115.21
C ILE KB 268 168.70 39.40 -116.66
N PRO KB 269 168.18 40.44 -117.37
CA PRO KB 269 168.52 40.69 -118.80
C PRO KB 269 169.66 41.69 -118.93
N LEU KB 270 170.83 41.24 -119.40
CA LEU KB 270 171.97 42.16 -119.64
C LEU KB 270 172.40 42.14 -121.11
N ARG KB 271 172.92 43.25 -121.59
CA ARG KB 271 173.44 43.33 -122.98
C ARG KB 271 174.79 42.63 -123.05
N LEU KB 272 175.24 42.28 -124.26
CA LEU KB 272 176.56 41.65 -124.43
C LEU KB 272 177.65 42.59 -123.91
N SER KB 273 177.45 43.90 -124.12
CA SER KB 273 178.49 44.88 -123.72
C SER KB 273 178.70 44.80 -122.21
N GLN KB 274 177.62 44.66 -121.45
CA GLN KB 274 177.78 44.52 -119.99
C GLN KB 274 178.57 43.24 -119.71
N ILE KB 275 178.29 42.15 -120.43
CA ILE KB 275 178.96 40.86 -120.10
C ILE KB 275 180.50 40.94 -120.26
N LEU KB 276 181.00 41.53 -121.34
CA LEU KB 276 182.47 41.69 -121.47
C LEU KB 276 183.20 42.57 -120.44
N LYS KB 277 182.57 43.69 -120.09
CA LYS KB 277 183.11 44.57 -118.99
C LYS KB 277 182.83 43.95 -117.58
N LEU KB 278 181.93 42.97 -117.61
CA LEU KB 278 181.51 42.33 -116.33
C LEU KB 278 182.83 41.73 -115.87
N LYS KB 279 183.15 41.95 -114.60
CA LYS KB 279 184.38 41.41 -113.98
C LYS KB 279 184.05 41.16 -112.51
N PRO KB 280 184.79 40.32 -111.74
CA PRO KB 280 184.41 39.99 -110.34
C PRO KB 280 184.24 41.23 -109.48
N GLY KB 281 183.31 41.21 -108.51
CA GLY KB 281 183.04 42.30 -107.60
C GLY KB 281 181.85 43.15 -107.97
N ASP KB 282 181.34 43.03 -109.20
CA ASP KB 282 180.20 43.83 -109.61
C ASP KB 282 178.92 43.34 -108.94
N VAL KB 283 177.91 44.20 -108.92
CA VAL KB 283 176.60 43.87 -108.38
C VAL KB 283 175.56 44.09 -109.47
N LEU KB 284 174.81 43.06 -109.80
CA LEU KB 284 173.77 43.13 -110.81
C LEU KB 284 172.42 43.05 -110.11
N PRO KB 285 171.59 44.10 -110.16
CA PRO KB 285 170.38 44.11 -109.35
C PRO KB 285 169.34 43.12 -109.87
N ILE KB 286 168.66 42.48 -108.93
CA ILE KB 286 167.61 41.51 -109.24
C ILE KB 286 166.36 41.90 -108.46
N GLU KB 287 165.23 41.39 -108.91
CA GLU KB 287 163.94 41.67 -108.31
C GLU KB 287 163.58 40.58 -107.30
N LYS KB 288 162.49 40.80 -106.58
CA LYS KB 288 162.01 39.84 -105.60
C LYS KB 288 161.51 38.58 -106.29
N PRO KB 289 162.08 37.41 -106.04
CA PRO KB 289 161.42 36.18 -106.45
C PRO KB 289 160.37 35.74 -105.44
N ASP KB 290 159.09 35.91 -105.78
CA ASP KB 290 158.01 35.44 -104.88
C ASP KB 290 158.01 33.92 -104.87
N ARG KB 291 158.18 33.30 -106.05
CA ARG KB 291 158.22 31.86 -106.16
C ARG KB 291 159.37 31.44 -107.07
N ILE KB 292 159.87 30.24 -106.83
CA ILE KB 292 161.01 29.69 -107.56
C ILE KB 292 160.62 28.55 -108.48
N ILE KB 293 160.82 28.74 -109.78
CA ILE KB 293 160.47 27.72 -110.76
C ILE KB 293 161.52 26.61 -110.83
N ALA KB 294 161.06 25.37 -110.76
CA ALA KB 294 161.91 24.19 -110.86
C ALA KB 294 161.52 23.44 -112.12
N HIS KB 295 162.51 23.26 -113.00
CA HIS KB 295 162.30 22.69 -114.32
C HIS KB 295 163.27 21.53 -114.56
N VAL KB 296 162.83 20.56 -115.35
CA VAL KB 296 163.64 19.43 -115.75
C VAL KB 296 163.91 19.58 -117.24
N ASP KB 297 165.17 19.85 -117.60
CA ASP KB 297 165.58 19.99 -118.99
C ASP KB 297 164.76 21.05 -119.70
N GLY KB 298 164.42 22.12 -118.99
CA GLY KB 298 163.67 23.22 -119.58
C GLY KB 298 162.22 23.26 -119.16
N VAL KB 299 161.57 22.10 -119.07
CA VAL KB 299 160.14 22.04 -118.78
C VAL KB 299 159.91 22.31 -117.30
N PRO KB 300 159.16 23.34 -116.94
CA PRO KB 300 158.95 23.63 -115.52
C PRO KB 300 158.01 22.63 -114.88
N VAL KB 301 158.37 22.20 -113.66
CA VAL KB 301 157.62 21.15 -112.98
C VAL KB 301 157.08 21.65 -111.64
N LEU KB 302 157.77 22.59 -111.01
CA LEU KB 302 157.45 22.97 -109.64
C LEU KB 302 157.61 24.48 -109.58
N THR KB 303 156.88 25.10 -108.67
CA THR KB 303 157.18 26.44 -108.17
C THR KB 303 157.15 26.32 -106.66
N SER KB 304 158.20 26.80 -106.00
CA SER KB 304 158.40 26.52 -104.58
C SER KB 304 159.24 27.69 -104.08
N GLN KB 305 159.11 27.96 -102.78
CA GLN KB 305 159.71 29.13 -102.15
C GLN KB 305 161.09 28.66 -101.72
N TYR KB 306 162.07 29.55 -101.87
CA TYR KB 306 163.44 29.20 -101.52
C TYR KB 306 163.63 29.17 -100.01
N GLY KB 307 164.68 28.49 -99.57
CA GLY KB 307 164.98 28.41 -98.15
C GLY KB 307 166.29 27.67 -97.94
N THR KB 308 166.68 27.60 -96.67
CA THR KB 308 167.89 26.90 -96.27
C THR KB 308 167.55 25.91 -95.17
N VAL KB 309 167.89 24.65 -95.37
CA VAL KB 309 167.62 23.60 -94.40
C VAL KB 309 168.84 22.69 -94.33
N ASN KB 310 169.29 22.42 -93.10
CA ASN KB 310 170.42 21.51 -92.85
C ASN KB 310 171.67 21.96 -93.61
N GLY KB 311 171.87 23.27 -93.70
CA GLY KB 311 172.99 23.80 -94.44
C GLY KB 311 172.88 23.63 -95.94
N GLN KB 312 171.73 23.21 -96.44
CA GLN KB 312 171.50 22.99 -97.86
C GLN KB 312 170.49 23.99 -98.38
N TYR KB 313 170.67 24.39 -99.63
CA TYR KB 313 169.67 25.21 -100.29
C TYR KB 313 168.39 24.39 -100.48
N ALA KB 314 167.31 24.83 -99.85
CA ALA KB 314 166.07 24.06 -99.83
C ALA KB 314 164.97 24.83 -100.54
N LEU KB 315 163.94 24.08 -100.96
CA LEU KB 315 162.76 24.66 -101.58
C LEU KB 315 161.53 24.08 -100.91
N ARG KB 316 160.63 24.96 -100.48
CA ARG KB 316 159.35 24.56 -99.90
C ARG KB 316 158.34 24.48 -101.04
N VAL KB 317 157.99 23.25 -101.43
CA VAL KB 317 157.16 23.06 -102.61
C VAL KB 317 155.78 23.67 -102.37
N GLU KB 318 155.37 24.54 -103.25
CA GLU KB 318 154.05 25.15 -103.17
C GLU KB 318 153.03 24.60 -104.15
N HIS KB 319 153.44 24.26 -105.39
CA HIS KB 319 152.45 23.84 -106.41
C HIS KB 319 153.07 23.06 -107.55
N LEU KB 320 152.59 21.84 -107.80
CA LEU KB 320 152.99 21.07 -108.97
C LEU KB 320 152.28 21.62 -110.19
N ILE KB 321 153.05 21.92 -111.24
CA ILE KB 321 152.48 22.60 -112.39
C ILE KB 321 151.73 21.61 -113.26
N ASN KB 322 150.43 21.45 -113.00
CA ASN KB 322 149.61 20.60 -113.83
C ASN KB 322 149.21 21.34 -115.11
N PRO KB 323 148.98 20.61 -116.21
CA PRO KB 323 148.55 21.24 -117.46
C PRO KB 323 147.03 21.37 -117.57
N GLN LB 52 185.21 39.20 -139.51
CA GLN LB 52 185.44 39.29 -138.08
C GLN LB 52 185.09 40.67 -137.56
N ASP LB 53 183.80 40.92 -137.39
CA ASP LB 53 183.30 42.21 -136.93
C ASP LB 53 183.16 42.21 -135.41
N ILE LB 54 183.12 43.40 -134.83
CA ILE LB 54 183.07 43.52 -133.38
C ILE LB 54 181.88 44.38 -132.96
N ASP LB 55 181.71 45.54 -133.59
CA ASP LB 55 180.55 46.42 -133.28
C ASP LB 55 179.26 45.76 -133.75
N LEU LB 56 179.35 44.77 -134.66
CA LEU LB 56 178.15 44.11 -135.23
C LEU LB 56 177.35 43.40 -134.14
N ILE LB 57 178.03 42.73 -133.20
CA ILE LB 57 177.35 41.95 -132.12
C ILE LB 57 177.66 42.60 -130.77
N MET LB 58 178.17 43.84 -130.77
CA MET LB 58 178.54 44.52 -129.54
C MET LB 58 177.32 44.87 -128.70
N ASP LB 59 176.12 44.82 -129.31
CA ASP LB 59 174.89 45.29 -128.68
C ASP LB 59 173.84 44.20 -128.49
N ILE LB 60 174.11 42.98 -128.93
CA ILE LB 60 173.11 41.90 -128.87
C ILE LB 60 172.78 41.60 -127.41
N PRO LB 61 171.50 41.47 -127.05
CA PRO LB 61 171.17 41.15 -125.65
C PRO LB 61 171.27 39.67 -125.36
N VAL LB 62 171.57 39.35 -124.10
CA VAL LB 62 171.67 37.98 -123.63
C VAL LB 62 170.86 38.01 -122.34
N LYS LB 63 170.37 36.83 -121.95
CA LYS LB 63 169.59 36.65 -120.71
C LYS LB 63 170.43 35.81 -119.77
N LEU LB 64 170.59 36.23 -118.52
CA LEU LB 64 171.43 35.54 -117.55
C LEU LB 64 170.54 34.93 -116.49
N THR LB 65 170.80 33.67 -116.13
CA THR LB 65 170.02 32.97 -115.13
C THR LB 65 170.95 32.55 -114.00
N VAL LB 66 170.40 32.47 -112.80
CA VAL LB 66 171.12 32.02 -111.62
C VAL LB 66 170.33 30.91 -110.93
N GLU LB 67 171.03 29.90 -110.43
CA GLU LB 67 170.39 28.73 -109.86
C GLU LB 67 170.44 28.70 -108.35
N LEU LB 68 169.51 27.99 -107.72
CA LEU LB 68 169.65 27.69 -106.31
C LEU LB 68 170.64 26.54 -106.18
N GLY LB 69 170.40 25.47 -106.94
CA GLY LB 69 171.31 24.34 -106.90
C GLY LB 69 170.80 23.19 -107.73
N ARG LB 70 171.70 22.23 -107.95
CA ARG LB 70 171.36 20.98 -108.63
C ARG LB 70 170.69 20.06 -107.61
N THR LB 71 170.01 19.04 -108.13
CA THR LB 71 169.56 17.92 -107.32
C THR LB 71 169.05 16.95 -108.37
N ARG LB 72 169.10 15.66 -108.04
CA ARG LB 72 168.69 14.60 -108.94
C ARG LB 72 167.77 13.70 -108.11
N MET LB 73 166.52 13.55 -108.55
CA MET LB 73 165.49 12.94 -107.73
C MET LB 73 164.57 12.28 -108.75
N THR LB 74 164.09 11.06 -108.43
CA THR LB 74 163.36 10.22 -109.42
C THR LB 74 161.93 10.60 -109.54
N ILE LB 75 161.21 9.91 -110.43
CA ILE LB 75 159.76 10.17 -110.67
C ILE LB 75 159.00 9.88 -109.38
N LYS LB 76 159.36 8.85 -108.62
CA LYS LB 76 158.63 8.47 -107.38
C LYS LB 76 158.44 9.67 -106.44
N GLU LB 77 159.52 10.26 -105.89
CA GLU LB 77 159.49 11.40 -104.98
C GLU LB 77 158.84 12.64 -105.61
N LEU LB 78 159.07 12.87 -106.89
CA LEU LB 78 158.40 13.97 -107.57
C LEU LB 78 156.89 13.88 -107.60
N LEU LB 79 156.36 12.68 -107.79
CA LEU LB 79 154.91 12.51 -107.76
C LEU LB 79 154.25 12.58 -106.40
N ARG LB 80 154.97 12.22 -105.33
CA ARG LB 80 154.43 12.32 -103.99
C ARG LB 80 154.82 13.64 -103.23
N LEU LB 81 155.38 14.58 -103.99
CA LEU LB 81 155.71 15.88 -103.43
C LEU LB 81 154.32 16.51 -103.26
N THR LB 82 154.10 17.12 -102.10
CA THR LB 82 152.81 17.72 -101.80
C THR LB 82 153.10 19.17 -101.45
N GLN LB 83 152.04 19.94 -101.18
CA GLN LB 83 152.24 21.33 -100.76
C GLN LB 83 152.92 21.37 -99.41
N GLY LB 84 153.89 22.26 -99.25
CA GLY LB 84 154.62 22.38 -98.00
C GLY LB 84 155.78 21.42 -97.87
N SER LB 85 155.93 20.47 -98.78
CA SER LB 85 157.05 19.57 -98.73
C SER LB 85 158.34 20.31 -99.07
N VAL LB 86 159.43 19.89 -98.43
CA VAL LB 86 160.73 20.55 -98.56
C VAL LB 86 161.70 19.60 -99.24
N VAL LB 87 162.40 20.10 -100.26
CA VAL LB 87 163.40 19.34 -100.99
C VAL LB 87 164.71 20.12 -100.94
N ALA LB 88 165.83 19.43 -100.71
CA ALA LB 88 167.16 20.09 -100.63
C ALA LB 88 167.75 20.32 -102.02
N LEU LB 89 169.04 20.66 -102.09
CA LEU LB 89 169.77 20.93 -103.35
C LEU LB 89 171.17 20.39 -103.10
N ASP LB 90 172.05 20.33 -104.11
CA ASP LB 90 173.41 19.73 -103.97
C ASP LB 90 174.40 20.73 -103.38
N GLY LB 91 174.03 22.01 -103.18
CA GLY LB 91 174.91 23.03 -102.65
C GLY LB 91 174.74 23.46 -101.21
N LEU LB 92 175.85 23.56 -100.50
CA LEU LB 92 175.82 24.07 -99.14
C LEU LB 92 175.36 25.53 -99.16
N ALA LB 93 174.61 25.92 -98.12
CA ALA LB 93 174.14 27.29 -98.03
C ALA LB 93 175.32 28.20 -97.79
N GLY LB 94 175.76 28.89 -98.83
CA GLY LB 94 176.90 29.78 -98.72
C GLY LB 94 177.81 29.79 -99.93
N GLU LB 95 177.81 28.69 -100.72
CA GLU LB 95 178.63 28.70 -101.92
C GLU LB 95 178.07 29.68 -102.94
N PRO LB 96 178.90 30.23 -103.80
CA PRO LB 96 178.40 31.14 -104.85
C PRO LB 96 177.57 30.37 -105.87
N LEU LB 97 176.44 30.94 -106.24
CA LEU LB 97 175.57 30.32 -107.24
C LEU LB 97 176.19 30.45 -108.62
N ASP LB 98 175.76 29.57 -109.54
CA ASP LB 98 176.35 29.56 -110.90
C ASP LB 98 175.50 30.42 -111.84
N ILE LB 99 176.12 31.39 -112.50
CA ILE LB 99 175.40 32.26 -113.49
C ILE LB 99 175.57 31.62 -114.86
N LEU LB 100 174.50 31.52 -115.65
CA LEU LB 100 174.57 30.82 -116.96
C LEU LB 100 173.88 31.65 -118.06
N ILE LB 101 174.32 31.51 -119.31
CA ILE LB 101 173.65 32.20 -120.46
C ILE LB 101 173.36 31.12 -121.53
N ASN LB 102 172.11 31.04 -122.00
CA ASN LB 102 171.74 30.06 -123.06
C ASN LB 102 172.20 28.67 -122.58
N GLY LB 103 172.09 28.41 -121.27
CA GLY LB 103 172.44 27.09 -120.70
C GLY LB 103 173.94 26.86 -120.66
N TYR LB 104 174.75 27.91 -120.79
CA TYR LB 104 176.24 27.80 -120.81
C TYR LB 104 176.82 28.55 -119.62
N LEU LB 105 177.72 27.94 -118.86
CA LEU LB 105 178.24 28.57 -117.63
C LEU LB 105 178.95 29.86 -118.04
N ILE LB 106 178.77 30.93 -117.27
CA ILE LB 106 179.39 32.26 -117.60
C ILE LB 106 180.03 32.86 -116.35
N ALA LB 107 179.52 32.62 -115.13
CA ALA LB 107 180.04 33.32 -113.95
C ALA LB 107 179.61 32.58 -112.69
N GLN LB 108 180.00 33.15 -111.54
CA GLN LB 108 179.55 32.69 -110.23
C GLN LB 108 179.38 33.89 -109.31
N GLY LB 109 178.28 33.89 -108.55
CA GLY LB 109 178.01 34.94 -107.60
C GLY LB 109 176.85 34.58 -106.69
N GLU LB 110 176.77 35.30 -105.56
CA GLU LB 110 175.73 35.08 -104.58
C GLU LB 110 174.86 36.31 -104.43
N VAL LB 111 173.71 36.12 -103.81
CA VAL LB 111 172.76 37.21 -103.58
C VAL LB 111 173.21 38.00 -102.35
N VAL LB 112 173.06 39.33 -102.43
CA VAL LB 112 173.44 40.23 -101.34
C VAL LB 112 172.32 41.22 -101.07
N VAL LB 113 172.11 41.53 -99.79
CA VAL LB 113 171.11 42.49 -99.36
C VAL LB 113 171.76 43.82 -98.99
N VAL LB 114 171.44 44.89 -99.72
CA VAL LB 114 172.11 46.16 -99.47
C VAL LB 114 171.24 47.01 -98.54
N ALA LB 115 170.08 47.39 -99.05
CA ALA LB 115 169.09 48.12 -98.25
C ALA LB 115 167.75 47.39 -98.14
N ASP LB 116 166.95 47.44 -99.21
CA ASP LB 116 165.69 46.66 -99.27
C ASP LB 116 165.69 46.18 -100.72
N LYS LB 117 166.89 45.96 -101.29
CA LYS LB 117 167.02 45.59 -102.72
C LYS LB 117 167.97 44.39 -102.86
N TYR LB 118 167.84 43.62 -103.94
CA TYR LB 118 168.67 42.39 -104.09
C TYR LB 118 169.52 42.43 -105.35
N GLY LB 119 170.67 41.74 -105.31
CA GLY LB 119 171.54 41.62 -106.47
C GLY LB 119 172.57 40.54 -106.28
N VAL LB 120 173.22 40.17 -107.38
CA VAL LB 120 174.19 39.10 -107.39
C VAL LB 120 175.56 39.77 -107.35
N ARG LB 121 176.41 39.30 -106.43
CA ARG LB 121 177.77 39.80 -106.28
C ARG LB 121 178.67 38.73 -106.89
N ILE LB 122 179.13 38.98 -108.10
CA ILE LB 122 179.90 37.99 -108.85
C ILE LB 122 181.26 37.80 -108.18
N THR LB 123 181.64 36.53 -107.98
CA THR LB 123 182.89 36.21 -107.32
C THR LB 123 184.06 36.09 -108.29
N ASP LB 124 183.86 35.45 -109.44
CA ASP LB 124 184.95 35.25 -110.37
C ASP LB 124 184.37 34.93 -111.75
N ILE LB 125 185.27 34.84 -112.73
CA ILE LB 125 184.94 34.45 -114.09
C ILE LB 125 185.67 33.14 -114.39
N ILE LB 126 184.92 32.14 -114.82
CA ILE LB 126 185.48 30.82 -115.03
C ILE LB 126 186.26 30.76 -116.34
N THR LB 127 187.55 30.50 -116.24
CA THR LB 127 188.37 30.23 -117.41
C THR LB 127 188.03 28.84 -117.96
N PRO LB 128 188.35 28.57 -119.23
CA PRO LB 128 188.03 27.25 -119.79
C PRO LB 128 188.60 26.09 -118.99
N SER LB 129 189.81 26.25 -118.45
CA SER LB 129 190.43 25.17 -117.68
C SER LB 129 189.48 24.73 -116.56
N GLU LB 130 188.99 25.69 -115.79
CA GLU LB 130 187.97 25.37 -114.79
C GLU LB 130 186.74 24.72 -115.41
N ARG LB 131 186.24 25.29 -116.52
CA ARG LB 131 185.09 24.67 -117.21
C ARG LB 131 185.39 23.20 -117.53
N MET LB 132 186.62 22.90 -117.97
CA MET LB 132 186.96 21.51 -118.37
C MET LB 132 186.83 20.58 -117.15
N ARG LB 133 187.28 21.02 -115.98
CA ARG LB 133 187.20 20.18 -114.76
C ARG LB 133 185.74 20.14 -114.29
N ARG LB 134 184.95 21.13 -114.69
CA ARG LB 134 183.51 21.21 -114.31
C ARG LB 134 182.87 19.99 -115.01
N LEU LB 135 183.05 19.91 -116.33
CA LEU LB 135 182.59 18.73 -117.08
C LEU LB 135 183.22 17.39 -116.64
N SER LB 136 184.51 17.42 -116.31
CA SER LB 136 185.21 16.17 -115.92
C SER LB 136 184.74 15.68 -114.55
N ARG LB 137 184.34 16.59 -113.65
CA ARG LB 137 183.99 16.14 -112.31
C ARG LB 137 182.78 16.90 -111.77
N ASP MB 53 189.75 38.62 -123.05
CA ASP MB 53 188.35 38.80 -122.68
C ASP MB 53 187.41 38.52 -123.86
N ILE MB 54 187.93 38.68 -125.08
CA ILE MB 54 187.13 38.37 -126.26
C ILE MB 54 186.88 36.87 -126.27
N ASP MB 55 187.86 36.08 -125.80
CA ASP MB 55 187.71 34.64 -125.77
C ASP MB 55 186.50 34.19 -124.96
N LEU MB 56 186.18 34.90 -123.87
CA LEU MB 56 185.00 34.56 -123.09
C LEU MB 56 183.67 34.66 -123.83
N ILE MB 57 183.53 35.70 -124.65
CA ILE MB 57 182.26 35.94 -125.39
C ILE MB 57 182.44 35.54 -126.86
N MET MB 58 183.38 34.63 -127.16
CA MET MB 58 183.63 34.27 -128.54
C MET MB 58 183.04 32.86 -128.62
N ASP MB 59 182.69 32.27 -127.47
CA ASP MB 59 182.21 30.85 -127.48
C ASP MB 59 180.73 30.73 -127.08
N ILE MB 60 180.17 31.71 -126.38
CA ILE MB 60 178.79 31.63 -125.88
C ILE MB 60 177.69 31.34 -126.91
N PRO MB 61 176.74 30.40 -126.60
CA PRO MB 61 175.59 30.14 -127.49
C PRO MB 61 174.63 31.32 -127.50
N VAL MB 62 173.84 31.48 -128.56
CA VAL MB 62 172.87 32.55 -128.69
C VAL MB 62 171.80 31.96 -129.60
N LYS MB 63 170.61 32.54 -129.54
CA LYS MB 63 169.47 32.02 -130.29
C LYS MB 63 169.28 32.92 -131.51
N LEU MB 64 169.19 32.32 -132.69
CA LEU MB 64 169.06 33.05 -133.95
C LEU MB 64 167.70 32.72 -134.53
N THR MB 65 167.02 33.74 -135.07
CA THR MB 65 165.74 33.54 -135.73
C THR MB 65 165.73 34.35 -137.02
N VAL MB 66 164.86 33.97 -137.95
CA VAL MB 66 164.62 34.76 -139.16
C VAL MB 66 163.12 34.85 -139.36
N GLU MB 67 162.61 36.07 -139.51
CA GLU MB 67 161.17 36.27 -139.60
C GLU MB 67 160.78 36.52 -141.05
N LEU MB 68 159.72 35.83 -141.52
CA LEU MB 68 159.31 35.89 -142.94
C LEU MB 68 158.26 36.99 -143.17
N GLY MB 69 157.47 37.34 -142.15
CA GLY MB 69 156.33 38.28 -142.33
C GLY MB 69 156.18 39.23 -141.17
N ARG MB 70 155.45 40.34 -141.40
CA ARG MB 70 155.18 41.35 -140.35
C ARG MB 70 153.86 42.05 -140.70
N THR MB 71 152.86 42.01 -139.81
CA THR MB 71 151.54 42.60 -140.06
C THR MB 71 151.07 43.24 -138.79
N ARG MB 72 150.35 44.36 -138.84
CA ARG MB 72 149.71 45.01 -137.70
C ARG MB 72 148.21 44.76 -137.75
N MET MB 73 147.66 44.30 -136.62
CA MET MB 73 146.22 43.95 -136.61
C MET MB 73 145.53 44.33 -135.30
N THR MB 74 144.22 44.50 -135.34
CA THR MB 74 143.40 44.80 -134.17
C THR MB 74 142.87 43.44 -133.74
N ILE MB 75 142.03 43.42 -132.69
CA ILE MB 75 141.60 42.09 -132.16
C ILE MB 75 140.33 41.65 -132.89
N LYS MB 76 139.54 42.61 -133.33
CA LYS MB 76 138.39 42.25 -134.16
C LYS MB 76 139.02 41.36 -135.23
N GLU MB 77 140.08 41.85 -135.86
CA GLU MB 77 140.71 41.09 -136.97
C GLU MB 77 141.29 39.76 -136.49
N LEU MB 78 142.00 39.74 -135.35
CA LEU MB 78 142.65 38.49 -134.90
C LEU MB 78 141.60 37.43 -134.56
N LEU MB 79 140.54 37.82 -133.86
CA LEU MB 79 139.45 36.89 -133.47
C LEU MB 79 138.75 36.40 -134.73
N ARG MB 80 138.57 37.29 -135.71
CA ARG MB 80 137.84 36.94 -136.96
C ARG MB 80 138.58 35.80 -137.66
N LEU MB 81 139.92 35.82 -137.67
CA LEU MB 81 140.70 34.69 -138.24
C LEU MB 81 140.08 33.38 -137.74
N THR MB 82 139.85 32.38 -138.60
CA THR MB 82 139.36 31.06 -138.15
C THR MB 82 140.34 30.01 -138.64
N GLN MB 83 139.91 28.75 -138.75
CA GLN MB 83 140.80 27.75 -139.30
C GLN MB 83 140.83 27.86 -140.82
N GLY MB 84 142.02 27.87 -141.39
CA GLY MB 84 142.18 28.03 -142.82
C GLY MB 84 142.18 29.45 -143.32
N SER MB 85 142.00 30.44 -142.43
CA SER MB 85 142.01 31.83 -142.86
C SER MB 85 143.42 32.23 -143.31
N VAL MB 86 143.49 32.99 -144.40
CA VAL MB 86 144.75 33.46 -144.93
C VAL MB 86 144.99 34.88 -144.45
N VAL MB 87 146.15 35.12 -143.86
CA VAL MB 87 146.53 36.43 -143.35
C VAL MB 87 147.59 37.00 -144.26
N ALA MB 88 147.29 38.14 -144.87
CA ALA MB 88 148.25 38.82 -145.74
C ALA MB 88 149.39 39.45 -144.96
N LEU MB 89 150.57 39.46 -145.59
CA LEU MB 89 151.76 40.06 -145.01
C LEU MB 89 152.25 41.35 -145.62
N ASP MB 90 152.52 42.36 -144.77
CA ASP MB 90 152.99 43.65 -145.28
C ASP MB 90 154.23 43.50 -146.22
N GLY MB 91 155.11 42.58 -145.82
CA GLY MB 91 156.22 42.21 -146.67
C GLY MB 91 155.99 41.66 -148.06
N LEU MB 92 156.53 42.34 -149.06
CA LEU MB 92 156.40 41.88 -150.45
C LEU MB 92 157.25 40.63 -150.67
N ALA MB 93 156.91 39.89 -151.72
CA ALA MB 93 157.68 38.70 -152.03
C ALA MB 93 159.07 39.09 -152.54
N GLY MB 94 160.08 38.37 -152.05
CA GLY MB 94 161.44 38.58 -152.47
C GLY MB 94 162.22 39.61 -151.68
N GLU MB 95 161.57 40.37 -150.82
CA GLU MB 95 162.28 41.35 -150.01
C GLU MB 95 163.15 40.64 -148.97
N PRO MB 96 164.28 41.18 -148.50
CA PRO MB 96 165.17 40.45 -147.55
C PRO MB 96 164.47 40.21 -146.22
N LEU MB 97 164.41 38.95 -145.76
CA LEU MB 97 163.79 38.59 -144.45
C LEU MB 97 164.61 39.20 -143.31
N ASP MB 98 163.99 39.70 -142.25
CA ASP MB 98 164.81 40.18 -141.10
C ASP MB 98 165.48 38.99 -140.42
N ILE MB 99 166.70 39.10 -139.94
CA ILE MB 99 167.38 38.08 -139.13
C ILE MB 99 167.64 38.69 -137.76
N LEU MB 100 167.15 38.03 -136.72
CA LEU MB 100 167.17 38.54 -135.37
C LEU MB 100 168.01 37.64 -134.49
N ILE MB 101 168.68 38.25 -133.51
CA ILE MB 101 169.46 37.53 -132.51
C ILE MB 101 168.88 37.89 -131.15
N ASN MB 102 168.24 36.92 -130.51
CA ASN MB 102 167.53 37.15 -129.25
C ASN MB 102 166.52 38.29 -129.39
N GLY MB 103 165.89 38.35 -130.55
CA GLY MB 103 164.93 39.41 -130.83
C GLY MB 103 165.52 40.71 -131.28
N TYR MB 104 166.82 40.76 -131.57
CA TYR MB 104 167.50 41.99 -131.98
C TYR MB 104 167.90 41.86 -133.44
N LEU MB 105 167.44 42.80 -134.27
CA LEU MB 105 167.72 42.75 -135.70
C LEU MB 105 169.16 43.15 -135.97
N ILE MB 106 169.86 42.34 -136.76
CA ILE MB 106 171.25 42.65 -137.10
C ILE MB 106 171.46 42.60 -138.61
N ALA MB 107 170.62 41.88 -139.33
CA ALA MB 107 170.91 41.62 -140.74
C ALA MB 107 169.63 41.36 -141.52
N GLN MB 108 169.76 41.43 -142.85
CA GLN MB 108 168.69 41.14 -143.77
C GLN MB 108 169.18 40.16 -144.82
N GLY MB 109 168.33 39.20 -145.17
CA GLY MB 109 168.69 38.22 -146.19
C GLY MB 109 167.56 37.41 -146.78
N GLU MB 110 167.79 36.92 -147.99
CA GLU MB 110 166.78 36.12 -148.69
C GLU MB 110 166.62 34.69 -148.25
N VAL MB 111 165.49 34.08 -148.59
CA VAL MB 111 165.09 32.78 -148.10
C VAL MB 111 165.65 31.84 -149.17
N VAL MB 112 166.26 30.74 -148.71
CA VAL MB 112 166.76 29.69 -149.58
C VAL MB 112 166.73 28.39 -148.81
N VAL MB 113 166.46 27.28 -149.50
CA VAL MB 113 166.36 25.97 -148.88
C VAL MB 113 167.54 25.12 -149.34
N VAL MB 114 168.24 24.52 -148.37
CA VAL MB 114 169.45 23.70 -148.68
C VAL MB 114 169.28 22.30 -148.09
N ALA MB 115 169.40 21.25 -148.91
CA ALA MB 115 169.35 19.85 -148.40
C ALA MB 115 168.02 19.59 -147.67
N ASP MB 116 166.91 20.16 -148.18
CA ASP MB 116 165.55 19.93 -147.61
C ASP MB 116 165.41 20.54 -146.20
N LYS MB 117 166.26 21.49 -145.85
CA LYS MB 117 166.17 22.17 -144.53
C LYS MB 117 166.11 23.68 -144.79
N TYR MB 118 165.22 24.39 -144.10
CA TYR MB 118 165.14 25.87 -144.29
C TYR MB 118 166.47 26.57 -144.08
N GLY MB 119 166.68 27.69 -144.79
CA GLY MB 119 167.91 28.46 -144.62
C GLY MB 119 167.70 29.88 -145.07
N VAL MB 120 168.76 30.67 -144.95
CA VAL MB 120 168.72 32.08 -145.32
C VAL MB 120 170.13 32.51 -145.70
N ARG MB 121 170.24 33.26 -146.79
CA ARG MB 121 171.51 33.84 -147.23
C ARG MB 121 171.63 35.28 -146.76
N ILE MB 122 172.70 35.58 -146.03
CA ILE MB 122 172.87 36.91 -145.46
C ILE MB 122 173.19 37.90 -146.59
N THR MB 123 172.17 38.63 -147.03
CA THR MB 123 172.40 39.63 -148.08
C THR MB 123 173.23 40.79 -147.55
N ASP MB 124 172.86 41.32 -146.38
CA ASP MB 124 173.62 42.43 -145.82
C ASP MB 124 173.40 42.50 -144.32
N ILE MB 125 174.27 43.24 -143.65
CA ILE MB 125 174.11 43.56 -142.25
C ILE MB 125 173.70 45.03 -142.14
N ILE MB 126 172.60 45.28 -141.46
CA ILE MB 126 172.07 46.63 -141.37
C ILE MB 126 172.90 47.45 -140.40
N THR MB 127 173.38 48.60 -140.86
CA THR MB 127 174.01 49.63 -140.07
C THR MB 127 172.94 50.42 -139.33
N PRO MB 128 173.23 50.93 -138.12
CA PRO MB 128 172.16 51.53 -137.31
C PRO MB 128 171.51 52.74 -137.96
N SER MB 129 171.92 53.11 -139.18
CA SER MB 129 171.26 54.21 -139.88
C SER MB 129 169.83 53.78 -140.19
N GLU MB 130 169.63 52.49 -140.54
CA GLU MB 130 168.29 52.00 -140.94
C GLU MB 130 167.39 51.76 -139.72
N ARG MB 131 167.96 51.70 -138.52
CA ARG MB 131 167.21 51.40 -137.30
C ARG MB 131 166.24 52.54 -137.00
N MET MB 132 166.68 53.77 -137.21
CA MET MB 132 165.74 54.91 -137.05
C MET MB 132 164.53 54.64 -137.96
N ARG MB 133 164.78 54.27 -139.21
CA ARG MB 133 163.68 53.99 -140.18
C ARG MB 133 162.87 52.72 -139.84
N ARG MB 134 163.47 51.81 -139.06
CA ARG MB 134 162.75 50.58 -138.65
C ARG MB 134 161.59 50.96 -137.73
N LEU MB 135 161.58 52.22 -137.26
CA LEU MB 135 160.50 52.69 -136.37
C LEU MB 135 160.02 54.08 -136.83
N ALA NB 37 157.47 66.29 -103.79
CA ALA NB 37 156.41 65.68 -103.00
C ALA NB 37 155.05 65.90 -103.65
N VAL NB 38 155.06 66.25 -104.93
CA VAL NB 38 153.83 66.49 -105.67
C VAL NB 38 153.02 65.21 -105.84
N PHE NB 39 153.68 64.11 -106.21
CA PHE NB 39 152.98 62.85 -106.41
C PHE NB 39 152.47 62.31 -105.08
N GLN NB 40 151.26 61.77 -105.10
CA GLN NB 40 150.64 61.23 -103.90
C GLN NB 40 150.92 59.73 -103.85
N GLN NB 41 151.30 59.24 -102.68
CA GLN NB 41 151.74 57.86 -102.53
C GLN NB 41 150.58 56.88 -102.49
N LEU NB 42 150.43 56.10 -103.55
CA LEU NB 42 149.39 55.09 -103.66
C LEU NB 42 149.83 53.72 -103.15
N GLY NB 43 148.96 53.07 -102.38
CA GLY NB 43 149.27 51.76 -101.85
C GLY NB 43 148.00 51.05 -101.43
N GLY NB 44 148.12 49.74 -101.27
CA GLY NB 44 146.98 48.91 -100.89
C GLY NB 44 145.88 48.91 -101.93
N GLY NB 45 146.23 48.86 -103.21
CA GLY NB 45 145.24 48.89 -104.26
C GLY NB 45 144.93 47.52 -104.82
N ASP NB 46 145.39 46.47 -104.14
CA ASP NB 46 145.13 45.09 -104.57
C ASP NB 46 143.73 44.67 -104.08
N VAL NB 47 142.73 45.26 -104.73
CA VAL NB 47 141.34 44.99 -104.35
C VAL NB 47 140.97 43.56 -104.72
N SER NB 48 140.99 43.25 -106.01
CA SER NB 48 140.65 41.93 -106.51
C SER NB 48 141.07 41.85 -107.97
N GLY NB 49 140.90 40.68 -108.56
CA GLY NB 49 141.19 40.48 -109.96
C GLY NB 49 140.25 39.49 -110.62
N ALA NB 50 139.60 39.91 -111.69
CA ALA NB 50 138.69 39.04 -112.42
C ALA NB 50 138.63 39.49 -113.87
N MET NB 51 138.79 38.55 -114.79
CA MET NB 51 138.68 38.86 -116.21
C MET NB 51 137.28 39.40 -116.51
N GLN NB 52 137.22 40.48 -117.27
CA GLN NB 52 135.95 41.13 -117.53
C GLN NB 52 135.40 40.54 -118.83
N ASP NB 53 136.08 40.81 -119.94
CA ASP NB 53 135.68 40.36 -121.26
C ASP NB 53 136.75 40.83 -122.23
N ILE NB 54 136.76 40.26 -123.43
CA ILE NB 54 137.83 40.52 -124.39
C ILE NB 54 137.51 41.63 -125.38
N ASP NB 55 136.37 42.30 -125.18
CA ASP NB 55 135.98 43.43 -126.03
C ASP NB 55 136.27 44.78 -125.42
N LEU NB 56 136.61 44.83 -124.14
CA LEU NB 56 137.01 46.12 -123.51
C LEU NB 56 138.34 46.51 -124.15
N ILE NB 57 139.18 45.52 -124.43
CA ILE NB 57 140.55 45.73 -124.98
C ILE NB 57 140.58 45.48 -126.49
N MET NB 58 139.45 45.29 -127.16
CA MET NB 58 139.48 44.85 -128.58
C MET NB 58 140.26 45.64 -129.64
N ASP NB 59 139.90 46.91 -129.84
CA ASP NB 59 140.55 47.72 -130.91
C ASP NB 59 141.91 48.18 -130.42
N ILE NB 60 142.73 47.24 -129.95
CA ILE NB 60 144.11 47.60 -129.53
C ILE NB 60 145.04 46.93 -130.57
N PRO NB 61 145.97 47.67 -131.19
CA PRO NB 61 146.82 47.09 -132.28
C PRO NB 61 147.68 45.97 -131.73
N VAL NB 62 147.81 44.89 -132.50
CA VAL NB 62 148.69 43.75 -132.08
C VAL NB 62 149.83 43.70 -133.09
N LYS NB 63 150.99 43.20 -132.66
CA LYS NB 63 152.12 43.10 -133.58
C LYS NB 63 152.24 41.65 -134.02
N LEU NB 64 151.64 41.34 -135.16
CA LEU NB 64 151.67 39.97 -135.68
C LEU NB 64 152.92 39.76 -136.53
N THR NB 65 153.56 38.62 -136.32
CA THR NB 65 154.80 38.29 -137.01
C THR NB 65 154.86 36.79 -137.26
N VAL NB 66 155.09 36.40 -138.50
CA VAL NB 66 155.31 35.01 -138.86
C VAL NB 66 156.80 34.70 -138.92
N GLU NB 67 157.18 33.57 -138.35
CA GLU NB 67 158.59 33.19 -138.26
C GLU NB 67 158.99 32.06 -139.20
N LEU NB 68 160.07 32.28 -139.96
CA LEU NB 68 160.46 31.32 -140.98
C LEU NB 68 161.10 30.11 -140.30
N GLY NB 69 162.03 30.37 -139.38
CA GLY NB 69 162.72 29.26 -138.74
C GLY NB 69 163.56 29.68 -137.55
N ARG NB 70 164.15 28.69 -136.91
CA ARG NB 70 164.98 28.87 -135.74
C ARG NB 70 166.26 28.11 -135.98
N THR NB 71 167.26 28.38 -135.15
CA THR NB 71 168.51 27.65 -135.12
C THR NB 71 169.29 28.12 -133.91
N ARG NB 72 169.73 27.17 -133.10
CA ARG NB 72 170.61 27.48 -131.97
C ARG NB 72 172.04 27.45 -132.49
N MET NB 73 172.73 28.58 -132.35
CA MET NB 73 174.08 28.72 -132.89
C MET NB 73 174.85 29.65 -131.96
N THR NB 74 176.13 29.36 -131.80
CA THR NB 74 176.98 30.15 -130.94
C THR NB 74 177.69 31.25 -131.71
N ILE NB 75 178.38 32.11 -130.97
CA ILE NB 75 179.14 33.20 -131.58
C ILE NB 75 180.28 32.68 -132.46
N LYS NB 76 180.72 31.44 -132.21
CA LYS NB 76 181.76 30.81 -133.01
C LYS NB 76 181.49 30.98 -134.50
N GLU NB 77 180.41 30.39 -134.99
CA GLU NB 77 180.07 30.55 -136.40
C GLU NB 77 179.50 31.94 -136.69
N LEU NB 78 178.93 32.61 -135.68
CA LEU NB 78 178.40 33.95 -135.91
C LEU NB 78 179.24 35.00 -136.63
N LEU NB 79 180.49 35.18 -136.20
CA LEU NB 79 181.35 36.12 -136.92
C LEU NB 79 181.97 35.48 -138.19
N ARG NB 80 182.02 34.14 -138.19
CA ARG NB 80 182.51 33.44 -139.40
C ARG NB 80 181.61 33.84 -140.57
N LEU NB 81 180.35 34.20 -140.28
CA LEU NB 81 179.43 34.63 -141.33
C LEU NB 81 179.78 35.85 -142.17
N THR NB 82 179.80 35.66 -143.49
CA THR NB 82 180.06 36.72 -144.45
C THR NB 82 178.85 36.90 -145.36
N GLN NB 83 178.94 37.89 -146.23
CA GLN NB 83 177.87 38.11 -147.20
C GLN NB 83 177.81 36.95 -148.19
N GLY NB 84 176.59 36.49 -148.47
CA GLY NB 84 176.40 35.36 -149.35
C GLY NB 84 176.46 34.02 -148.67
N SER NB 85 176.80 33.96 -147.39
CA SER NB 85 176.81 32.71 -146.66
C SER NB 85 175.37 32.23 -146.42
N VAL NB 86 175.24 30.93 -146.15
CA VAL NB 86 173.94 30.30 -145.95
C VAL NB 86 173.93 29.68 -144.56
N VAL NB 87 172.88 29.99 -143.78
CA VAL NB 87 172.71 29.46 -142.45
C VAL NB 87 171.54 28.50 -142.45
N ALA NB 88 171.80 27.23 -142.13
CA ALA NB 88 170.74 26.25 -142.07
C ALA NB 88 169.91 26.47 -140.82
N LEU NB 89 168.60 26.30 -140.96
CA LEU NB 89 167.66 26.48 -139.88
C LEU NB 89 167.20 25.13 -139.37
N ASP NB 90 166.91 25.05 -138.06
CA ASP NB 90 166.46 23.80 -137.48
C ASP NB 90 165.16 23.30 -138.08
N GLY NB 91 164.25 24.21 -138.43
CA GLY NB 91 162.98 23.84 -139.03
C GLY NB 91 163.13 23.14 -140.37
N LEU NB 92 162.51 21.98 -140.50
CA LEU NB 92 162.52 21.26 -141.76
C LEU NB 92 161.72 22.02 -142.81
N ALA NB 93 162.17 21.95 -144.06
CA ALA NB 93 161.49 22.69 -145.13
C ALA NB 93 160.10 22.13 -145.34
N GLY NB 94 159.14 23.04 -145.54
CA GLY NB 94 157.76 22.67 -145.75
C GLY NB 94 156.95 22.47 -144.49
N GLU NB 95 157.57 22.55 -143.31
CA GLU NB 95 156.84 22.43 -142.08
C GLU NB 95 156.00 23.68 -141.84
N PRO NB 96 154.93 23.57 -141.04
CA PRO NB 96 154.15 24.76 -140.70
C PRO NB 96 155.00 25.79 -139.98
N LEU NB 97 154.81 27.06 -140.34
CA LEU NB 97 155.53 28.17 -139.75
C LEU NB 97 154.82 28.64 -138.49
N ASP NB 98 155.55 29.42 -137.69
CA ASP NB 98 155.07 29.88 -136.41
C ASP NB 98 154.52 31.29 -136.52
N ILE NB 99 153.43 31.56 -135.81
CA ILE NB 99 152.80 32.87 -135.80
C ILE NB 99 152.83 33.40 -134.38
N LEU NB 100 153.32 34.62 -134.20
CA LEU NB 100 153.42 35.24 -132.89
C LEU NB 100 152.70 36.58 -132.92
N ILE NB 101 152.10 36.94 -131.79
CA ILE NB 101 151.56 38.28 -131.59
C ILE NB 101 152.29 38.92 -130.43
N ASN NB 102 152.95 40.05 -130.68
CA ASN NB 102 153.82 40.70 -129.71
C ASN NB 102 154.88 39.74 -129.18
N GLY NB 103 155.37 38.88 -130.06
CA GLY NB 103 156.44 37.96 -129.72
C GLY NB 103 156.02 36.74 -128.94
N TYR NB 104 154.72 36.47 -128.82
CA TYR NB 104 154.22 35.31 -128.08
C TYR NB 104 153.61 34.35 -129.09
N LEU NB 105 154.08 33.10 -129.07
CA LEU NB 105 153.60 32.11 -130.02
C LEU NB 105 152.16 31.73 -129.70
N ILE NB 106 151.29 31.80 -130.70
CA ILE NB 106 149.88 31.48 -130.54
C ILE NB 106 149.45 30.35 -131.46
N ALA NB 107 149.91 30.36 -132.72
CA ALA NB 107 149.37 29.42 -133.69
C ALA NB 107 150.46 29.01 -134.67
N GLN NB 108 150.17 27.92 -135.37
CA GLN NB 108 151.01 27.42 -136.46
C GLN NB 108 150.20 27.48 -137.75
N GLY NB 109 150.82 28.06 -138.78
CA GLY NB 109 150.15 28.25 -140.05
C GLY NB 109 151.02 27.69 -141.16
N GLU NB 110 150.59 27.96 -142.39
CA GLU NB 110 151.27 27.51 -143.59
C GLU NB 110 151.38 28.69 -144.55
N VAL NB 111 152.54 28.83 -145.18
CA VAL NB 111 152.81 29.97 -146.04
C VAL NB 111 152.22 29.76 -147.43
N VAL NB 112 151.55 30.78 -147.96
CA VAL NB 112 150.95 30.75 -149.28
C VAL NB 112 151.24 32.06 -149.98
N VAL NB 113 151.16 32.05 -151.31
CA VAL NB 113 151.40 33.23 -152.13
C VAL NB 113 150.09 33.60 -152.81
N VAL NB 114 149.61 34.81 -152.52
CA VAL NB 114 148.34 35.29 -153.12
C VAL NB 114 148.58 36.65 -153.81
N ALA NB 115 148.39 36.70 -155.14
CA ALA NB 115 148.61 37.95 -155.92
C ALA NB 115 150.01 38.52 -155.74
N ASP NB 116 151.03 37.67 -155.65
CA ASP NB 116 152.45 38.11 -155.57
C ASP NB 116 152.73 38.73 -154.19
N LYS NB 117 151.85 38.47 -153.21
CA LYS NB 117 152.05 38.99 -151.85
C LYS NB 117 152.13 37.81 -150.87
N TYR NB 118 153.06 37.84 -149.92
CA TYR NB 118 153.21 36.69 -149.04
C TYR NB 118 152.08 36.65 -148.03
N GLY NB 119 151.59 35.46 -147.77
CA GLY NB 119 150.49 35.27 -146.83
C GLY NB 119 150.60 33.94 -146.12
N VAL NB 120 150.27 33.94 -144.84
CA VAL NB 120 150.23 32.73 -144.05
C VAL NB 120 148.77 32.31 -143.89
N ARG NB 121 148.56 31.00 -143.85
CA ARG NB 121 147.23 30.42 -143.66
C ARG NB 121 147.20 29.72 -142.31
N ILE NB 122 146.43 30.27 -141.38
CA ILE NB 122 146.38 29.71 -140.03
C ILE NB 122 145.83 28.29 -140.09
N THR NB 123 146.57 27.35 -139.50
CA THR NB 123 146.15 25.96 -139.48
C THR NB 123 145.70 25.49 -138.10
N ASP NB 124 146.46 25.76 -137.04
CA ASP NB 124 146.04 25.25 -135.74
C ASP NB 124 146.69 26.05 -134.63
N ILE NB 125 145.89 26.43 -133.62
CA ILE NB 125 146.44 27.04 -132.42
C ILE NB 125 147.25 26.00 -131.66
N ILE NB 126 148.46 26.38 -131.27
CA ILE NB 126 149.34 25.42 -130.61
C ILE NB 126 148.77 25.03 -129.26
N THR NB 127 149.19 23.86 -128.80
CA THR NB 127 148.81 23.25 -127.54
C THR NB 127 149.86 23.52 -126.48
N PRO NB 128 149.48 23.50 -125.20
CA PRO NB 128 150.50 23.69 -124.14
C PRO NB 128 151.62 22.67 -124.21
N SER NB 129 151.31 21.43 -124.56
CA SER NB 129 152.36 20.43 -124.74
C SER NB 129 153.41 20.73 -125.79
N GLU NB 130 152.98 21.21 -126.97
CA GLU NB 130 153.94 21.60 -128.00
C GLU NB 130 154.67 22.91 -127.64
N ARG NB 131 153.98 23.76 -126.86
CA ARG NB 131 154.61 24.97 -126.36
C ARG NB 131 155.84 24.59 -125.54
N MET NB 132 155.68 23.68 -124.58
CA MET NB 132 156.82 23.21 -123.81
C MET NB 132 157.85 22.37 -124.58
N ARG NB 133 157.36 21.68 -125.61
CA ARG NB 133 158.25 20.95 -126.49
C ARG NB 133 159.13 22.00 -127.16
N ARG NB 134 158.51 23.10 -127.59
CA ARG NB 134 159.29 24.20 -128.16
C ARG NB 134 160.28 24.76 -127.15
N LEU NB 135 159.86 24.88 -125.88
CA LEU NB 135 160.73 25.46 -124.86
C LEU NB 135 161.98 24.62 -124.66
N SER NB 136 161.84 23.30 -124.60
CA SER NB 136 162.97 22.41 -124.39
C SER NB 136 163.72 22.17 -125.70
N LYS OB 514 58.36 -19.88 -153.91
CA LYS OB 514 58.90 -18.53 -153.81
C LYS OB 514 59.66 -18.15 -155.08
N ASP OB 515 60.31 -19.14 -155.69
CA ASP OB 515 61.07 -18.90 -156.91
C ASP OB 515 60.14 -18.49 -158.05
N GLU OB 516 58.98 -19.15 -158.17
CA GLU OB 516 58.04 -18.81 -159.22
C GLU OB 516 57.48 -17.40 -159.04
N GLN OB 517 57.15 -17.03 -157.80
CA GLN OB 517 56.66 -15.68 -157.54
C GLN OB 517 57.73 -14.64 -157.86
N LEU OB 518 58.99 -14.92 -157.49
CA LEU OB 518 60.07 -13.99 -157.81
C LEU OB 518 60.25 -13.86 -159.32
N GLN OB 519 60.15 -14.98 -160.05
CA GLN OB 519 60.27 -14.93 -161.50
C GLN OB 519 59.13 -14.13 -162.12
N GLN OB 520 57.91 -14.30 -161.62
CA GLN OB 520 56.78 -13.53 -162.14
C GLN OB 520 56.94 -12.05 -161.85
N ARG OB 521 57.41 -11.70 -160.65
CA ARG OB 521 57.65 -10.30 -160.32
C ARG OB 521 58.74 -9.71 -161.21
N ARG OB 522 59.80 -10.49 -161.47
CA ARG OB 522 60.86 -10.03 -162.36
C ARG OB 522 60.35 -9.82 -163.78
N ALA OB 523 59.49 -10.72 -164.25
CA ALA OB 523 58.93 -10.56 -165.60
C ALA OB 523 58.05 -9.32 -165.68
N ASN OB 524 57.22 -9.08 -164.67
CA ASN OB 524 56.41 -7.87 -164.65
C ASN OB 524 57.28 -6.62 -164.61
N GLN OB 525 58.34 -6.65 -163.80
CA GLN OB 525 59.26 -5.51 -163.73
C GLN OB 525 59.95 -5.28 -165.06
N ARG OB 526 60.35 -6.36 -165.75
CA ARG OB 526 61.04 -6.26 -167.02
C ARG OB 526 60.11 -5.94 -168.19
N LEU OB 527 58.80 -6.11 -167.99
CA LEU OB 527 57.79 -5.82 -169.03
C LEU OB 527 57.34 -4.37 -168.87
N GLY OB 528 56.95 -3.98 -167.66
CA GLY OB 528 56.50 -2.60 -167.38
C GLY OB 528 57.63 -1.59 -167.51
N ALA OB 529 58.87 -2.00 -167.24
CA ALA OB 529 60.05 -1.12 -167.39
C ALA OB 529 60.30 -0.97 -168.88
N GLU OB 530 60.17 -2.07 -169.64
CA GLU OB 530 60.36 -2.02 -171.11
C GLU OB 530 59.30 -1.10 -171.71
N VAL OB 531 58.07 -1.17 -171.11
CA VAL OB 531 56.96 -0.24 -171.47
C VAL OB 531 57.32 1.16 -170.97
N MET OB 532 57.88 1.24 -169.75
CA MET OB 532 58.26 2.53 -169.14
C MET OB 532 59.36 3.19 -169.99
N SER OB 533 60.32 2.41 -170.47
CA SER OB 533 61.42 2.94 -171.32
C SER OB 533 60.80 3.50 -172.61
N GLN OB 534 59.84 2.79 -173.20
CA GLN OB 534 59.13 3.26 -174.42
C GLN OB 534 58.37 4.54 -174.05
N ARG OB 535 57.74 4.57 -172.88
CA ARG OB 535 56.94 5.74 -172.41
C ARG OB 535 57.83 6.97 -172.25
N ILE OB 536 59.05 6.80 -171.73
CA ILE OB 536 59.97 7.95 -171.44
C ILE OB 536 60.52 8.50 -172.76
N ARG OB 537 60.55 7.69 -173.83
CA ARG OB 537 61.04 8.11 -175.12
C ARG OB 537 60.02 8.98 -175.83
N GLU OB 538 58.75 8.60 -175.78
CA GLU OB 538 57.70 9.43 -176.38
C GLU OB 538 57.62 10.79 -175.70
N MET OB 539 57.69 10.80 -174.36
CA MET OB 539 57.62 12.06 -173.63
C MET OB 539 58.80 12.97 -173.93
N SER OB 540 60.01 12.40 -174.01
CA SER OB 540 61.20 13.19 -174.30
C SER OB 540 61.20 13.71 -175.73
N ASP OB 541 60.70 12.91 -176.67
CA ASP OB 541 60.52 13.40 -178.02
C ASP OB 541 59.49 14.52 -178.09
N ASN OB 542 58.45 14.45 -177.25
CA ASN OB 542 57.49 15.55 -177.17
C ASN OB 542 58.14 16.81 -176.63
N ASP OB 543 58.95 16.68 -175.58
CA ASP OB 543 59.60 17.82 -174.93
C ASP OB 543 60.99 17.41 -174.46
N PRO OB 544 62.03 17.74 -175.22
CA PRO OB 544 63.39 17.36 -174.78
C PRO OB 544 63.95 18.24 -173.70
N ARG OB 545 63.67 19.56 -173.74
CA ARG OB 545 64.23 20.47 -172.75
C ARG OB 545 63.55 20.32 -171.39
N VAL OB 546 62.30 19.87 -171.36
CA VAL OB 546 61.60 19.71 -170.09
C VAL OB 546 62.27 18.64 -169.24
N VAL OB 547 62.70 17.55 -169.87
CA VAL OB 547 63.40 16.49 -169.14
C VAL OB 547 64.70 17.00 -168.55
N ALA OB 548 65.47 17.76 -169.33
CA ALA OB 548 66.72 18.31 -168.82
C ALA OB 548 66.47 19.29 -167.67
N LEU OB 549 65.44 20.11 -167.79
CA LEU OB 549 65.09 21.03 -166.72
C LEU OB 549 64.68 20.28 -165.45
N VAL OB 550 63.91 19.22 -165.59
CA VAL OB 550 63.50 18.42 -164.43
C VAL OB 550 64.72 17.76 -163.80
N ILE OB 551 65.64 17.27 -164.62
CA ILE OB 551 66.86 16.66 -164.08
C ILE OB 551 67.68 17.68 -163.31
N ARG OB 552 67.82 18.89 -163.86
CA ARG OB 552 68.56 19.95 -163.17
C ARG OB 552 67.87 20.33 -161.86
N GLN OB 553 66.55 20.39 -161.87
CA GLN OB 553 65.81 20.68 -160.64
C GLN OB 553 66.01 19.59 -159.60
N TRP OB 554 66.07 18.33 -160.04
CA TRP OB 554 66.32 17.23 -159.11
C TRP OB 554 67.69 17.35 -158.48
N MET OB 555 68.71 17.71 -159.28
CA MET OB 555 70.04 17.91 -158.74
C MET OB 555 70.08 19.09 -157.77
N SER OB 556 69.38 20.18 -158.11
CA SER OB 556 69.34 21.34 -157.21
C SER OB 556 68.69 20.98 -155.88
N ASN OB 557 67.59 20.22 -155.93
CA ASN OB 557 66.92 19.80 -154.71
C ASN OB 557 67.75 18.78 -153.93
N ASP OB 558 68.62 18.04 -154.62
CA ASP OB 558 69.46 17.06 -153.94
C ASP OB 558 70.44 17.74 -152.99
N HIS OB 559 70.79 19.00 -153.24
CA HIS OB 559 71.71 19.72 -152.39
C HIS OB 559 71.07 20.06 -151.05
N GLY PB 6 69.01 11.93 -156.35
CA GLY PB 6 68.26 12.11 -157.57
C GLY PB 6 69.12 12.13 -158.82
N THR PB 7 70.36 12.61 -158.64
CA THR PB 7 71.30 12.66 -159.76
C THR PB 7 71.64 11.27 -160.27
N ASP PB 8 71.84 10.31 -159.36
CA ASP PB 8 72.12 8.94 -159.77
C ASP PB 8 70.94 8.33 -160.53
N LYS PB 9 69.72 8.62 -160.04
CA LYS PB 9 68.53 8.14 -160.74
C LYS PB 9 68.42 8.77 -162.12
N SER PB 10 68.73 10.07 -162.23
CA SER PB 10 68.70 10.73 -163.53
C SER PB 10 69.74 10.14 -164.48
N VAL PB 11 70.93 9.84 -163.96
CA VAL PB 11 71.97 9.22 -164.79
C VAL PB 11 71.54 7.85 -165.26
N ILE PB 12 70.93 7.05 -164.37
CA ILE PB 12 70.45 5.73 -164.74
C ILE PB 12 69.37 5.83 -165.81
N LEU PB 13 68.43 6.78 -165.65
CA LEU PB 13 67.38 6.96 -166.64
C LEU PB 13 67.96 7.39 -167.99
N LEU PB 14 68.94 8.28 -167.98
CA LEU PB 14 69.59 8.71 -169.21
C LEU PB 14 70.29 7.56 -169.90
N MET PB 15 70.98 6.72 -169.11
CA MET PB 15 71.65 5.56 -169.68
C MET PB 15 70.65 4.58 -170.27
N THR PB 16 69.53 4.36 -169.59
CA THR PB 16 68.50 3.45 -170.09
C THR PB 16 67.69 4.03 -171.24
N ILE PB 17 67.75 5.34 -171.45
CA ILE PB 17 66.96 5.96 -172.51
C ILE PB 17 67.57 5.66 -173.87
N GLY PB 18 68.85 5.97 -174.04
CA GLY PB 18 69.51 5.75 -175.32
C GLY PB 18 70.54 6.82 -175.63
N GLU PB 19 71.40 6.55 -176.62
CA GLU PB 19 72.47 7.50 -176.94
C GLU PB 19 71.91 8.80 -177.52
N ASP PB 20 70.94 8.70 -178.44
CA ASP PB 20 70.42 9.89 -179.11
C ASP PB 20 69.65 10.78 -178.14
N ARG PB 21 68.76 10.18 -177.34
CA ARG PB 21 67.99 10.96 -176.38
C ARG PB 21 68.88 11.61 -175.34
N ALA PB 22 69.87 10.86 -174.83
CA ALA PB 22 70.79 11.43 -173.86
C ALA PB 22 71.62 12.55 -174.46
N ALA PB 23 72.05 12.39 -175.72
CA ALA PB 23 72.81 13.45 -176.38
C ALA PB 23 71.97 14.70 -176.55
N GLU PB 24 70.70 14.54 -176.94
CA GLU PB 24 69.81 15.69 -177.08
C GLU PB 24 69.60 16.38 -175.73
N VAL PB 25 69.40 15.58 -174.67
CA VAL PB 25 69.20 16.15 -173.33
C VAL PB 25 70.45 16.93 -172.90
N PHE PB 26 71.63 16.36 -173.14
CA PHE PB 26 72.88 17.04 -172.79
C PHE PB 26 73.03 18.33 -173.58
N LYS PB 27 72.68 18.31 -174.86
CA LYS PB 27 72.68 19.54 -175.66
C LYS PB 27 71.68 20.55 -175.12
N HIS PB 28 70.61 20.10 -174.47
CA HIS PB 28 69.66 20.97 -173.81
C HIS PB 28 69.93 21.11 -172.33
N LEU PB 29 71.17 20.86 -171.90
CA LEU PB 29 71.54 20.90 -170.50
C LEU PB 29 72.76 21.79 -170.31
N SER PB 30 72.93 22.28 -169.08
CA SER PB 30 74.05 23.16 -168.74
C SER PB 30 75.35 22.37 -168.69
N THR PB 31 76.47 23.11 -168.72
CA THR PB 31 77.79 22.51 -168.77
C THR PB 31 78.07 21.67 -167.52
N ARG PB 32 77.83 22.25 -166.35
CA ARG PB 32 78.08 21.53 -165.09
C ARG PB 32 77.19 20.30 -164.98
N GLU PB 33 75.90 20.47 -165.32
CA GLU PB 33 74.97 19.34 -165.27
C GLU PB 33 75.36 18.26 -166.26
N VAL PB 34 75.77 18.65 -167.47
CA VAL PB 34 76.17 17.67 -168.49
C VAL PB 34 77.40 16.91 -168.02
N GLN PB 35 78.39 17.62 -167.46
CA GLN PB 35 79.60 16.99 -166.98
C GLN PB 35 79.29 16.01 -165.85
N ALA PB 36 78.45 16.44 -164.91
CA ALA PB 36 78.09 15.57 -163.78
C ALA PB 36 77.36 14.32 -164.27
N LEU PB 37 76.43 14.49 -165.21
CA LEU PB 37 75.69 13.34 -165.74
C LEU PB 37 76.60 12.39 -166.49
N SER PB 38 77.54 12.92 -167.29
CA SER PB 38 78.47 12.07 -168.01
C SER PB 38 79.38 11.31 -167.05
N THR PB 39 79.85 11.99 -165.99
CA THR PB 39 80.76 11.34 -165.05
C THR PB 39 80.04 10.26 -164.23
N ALA PB 40 78.88 10.59 -163.68
CA ALA PB 40 78.19 9.68 -162.77
C ALA PB 40 77.70 8.42 -163.47
N MET PB 41 77.18 8.57 -164.69
CA MET PB 41 76.61 7.43 -165.41
C MET PB 41 77.67 6.36 -165.67
N ALA PB 42 78.84 6.78 -166.17
CA ALA PB 42 79.89 5.82 -166.44
C ALA PB 42 80.64 5.42 -165.17
N ASN PB 43 80.61 6.30 -164.16
CA ASN PB 43 81.35 6.03 -162.90
C ASN PB 43 80.80 4.89 -162.04
N VAL PB 44 79.62 5.10 -161.44
CA VAL PB 44 78.98 4.01 -160.64
C VAL PB 44 77.50 4.13 -161.05
N ARG PB 45 76.91 3.03 -161.52
CA ARG PB 45 75.47 3.04 -161.91
C ARG PB 45 74.72 2.09 -160.97
N GLN PB 46 73.62 2.56 -160.38
CA GLN PB 46 72.83 1.72 -159.44
C GLN PB 46 71.43 1.52 -160.01
N ILE PB 47 70.95 0.27 -160.04
CA ILE PB 47 69.56 0.00 -160.53
C ILE PB 47 68.76 -0.62 -159.37
N SER PB 48 67.58 -0.07 -159.07
CA SER PB 48 66.76 -0.58 -157.94
C SER PB 48 65.43 -1.14 -158.47
N ASN PB 49 65.07 -2.36 -158.08
CA ASN PB 49 63.82 -2.99 -158.57
C ASN PB 49 62.62 -2.14 -158.15
N LYS PB 50 62.68 -1.54 -156.95
CA LYS PB 50 61.52 -0.77 -156.44
C LYS PB 50 61.88 0.71 -156.27
N GLN PB 51 62.99 1.03 -155.61
CA GLN PB 51 63.26 2.43 -155.33
C GLN PB 51 63.36 3.26 -156.61
N LEU PB 52 64.02 2.73 -157.63
CA LEU PB 52 64.13 3.46 -158.90
C LEU PB 52 62.77 3.66 -159.54
N THR PB 53 61.92 2.62 -159.52
CA THR PB 53 60.58 2.76 -160.09
C THR PB 53 59.74 3.75 -159.30
N ASP PB 54 59.83 3.73 -157.97
CA ASP PB 54 59.08 4.69 -157.16
C ASP PB 54 59.54 6.11 -157.45
N VAL PB 55 60.86 6.32 -157.55
CA VAL PB 55 61.38 7.65 -157.85
C VAL PB 55 60.95 8.11 -159.23
N LEU PB 56 60.98 7.22 -160.22
CA LEU PB 56 60.55 7.58 -161.57
C LEU PB 56 59.08 7.96 -161.59
N SER PB 57 58.24 7.19 -160.88
CA SER PB 57 56.82 7.51 -160.82
C SER PB 57 56.59 8.86 -160.15
N GLU PB 58 57.31 9.13 -159.05
CA GLU PB 58 57.17 10.40 -158.36
C GLU PB 58 57.59 11.56 -159.25
N PHE PB 59 58.70 11.39 -159.99
CA PHE PB 59 59.15 12.44 -160.90
C PHE PB 59 58.14 12.67 -162.02
N GLU PB 60 57.59 11.60 -162.57
CA GLU PB 60 56.63 11.73 -163.66
C GLU PB 60 55.33 12.39 -163.19
N GLN PB 61 55.03 12.24 -161.90
CA GLN PB 61 53.74 12.78 -161.40
C GLN PB 61 53.97 14.08 -160.61
N GLU PB 62 55.23 14.49 -160.39
CA GLU PB 62 55.46 15.66 -159.51
C GLU PB 62 54.85 16.97 -160.08
N ALA PB 63 55.01 17.24 -161.39
CA ALA PB 63 54.33 18.44 -161.96
C ALA PB 63 54.13 18.31 -163.47
N GLU PB 64 53.12 19.01 -164.03
CA GLU PB 64 52.97 19.07 -165.50
C GLU PB 64 53.58 20.39 -166.01
N GLN PB 65 54.10 21.23 -165.11
CA GLN PB 65 54.61 22.58 -165.48
C GLN PB 65 55.81 22.48 -166.44
N PHE PB 66 56.71 21.53 -166.21
CA PHE PB 66 57.96 21.45 -167.02
C PHE PB 66 57.63 21.21 -168.49
N ALA PB 67 56.62 20.38 -168.78
CA ALA PB 67 56.36 20.01 -170.18
C ALA PB 67 56.01 21.22 -171.04
N ALA PB 68 55.22 22.17 -170.54
CA ALA PB 68 54.75 23.30 -171.40
C ALA PB 68 55.73 24.48 -171.42
N LEU PB 69 55.93 25.15 -170.29
CA LEU PB 69 56.75 26.35 -170.25
C LEU PB 69 58.13 26.09 -170.84
N ASN PB 70 58.73 24.97 -170.49
CA ASN PB 70 60.07 24.65 -170.99
C ASN PB 70 60.06 24.24 -172.46
N ILE PB 71 58.91 23.83 -172.99
CA ILE PB 71 58.80 23.42 -174.38
C ILE PB 71 59.11 24.61 -175.29
N ASN PB 72 58.52 25.76 -175.00
CA ASN PB 72 58.74 26.98 -175.77
C ASN PB 72 58.75 28.17 -174.82
N ALA PB 73 59.98 28.60 -174.46
CA ALA PB 73 60.14 29.77 -173.59
C ALA PB 73 60.87 30.89 -174.31
N ASN PB 74 62.06 30.59 -174.85
CA ASN PB 74 62.85 31.62 -175.51
C ASN PB 74 62.28 31.97 -176.88
N GLU PB 75 61.80 30.97 -177.63
CA GLU PB 75 61.23 31.23 -178.95
C GLU PB 75 60.00 32.10 -178.86
N TYR PB 76 59.13 31.83 -177.88
CA TYR PB 76 57.93 32.64 -177.71
C TYR PB 76 58.29 34.08 -177.34
N LEU PB 77 59.27 34.26 -176.45
CA LEU PB 77 59.68 35.60 -176.08
C LEU PB 77 60.27 36.35 -177.26
N ARG PB 78 61.08 35.67 -178.07
CA ARG PB 78 61.65 36.31 -179.26
C ARG PB 78 60.57 36.69 -180.25
N SER PB 79 59.59 35.82 -180.48
CA SER PB 79 58.50 36.13 -181.39
C SER PB 79 57.68 37.31 -180.89
N VAL PB 80 57.41 37.35 -179.58
CA VAL PB 80 56.66 38.45 -178.99
C VAL PB 80 57.43 39.75 -179.14
N LEU PB 81 58.74 39.73 -178.89
CA LEU PB 81 59.55 40.93 -179.05
C LEU PB 81 59.57 41.41 -180.50
N VAL PB 82 59.66 40.47 -181.45
CA VAL PB 82 59.68 40.85 -182.86
C VAL PB 82 58.35 41.47 -183.27
N LYS PB 83 57.24 40.87 -182.84
CA LYS PB 83 55.93 41.33 -183.26
C LYS PB 83 55.49 42.58 -182.51
N ALA PB 84 56.09 42.83 -181.36
CA ALA PB 84 55.62 43.92 -180.49
C ALA PB 84 56.00 45.28 -181.04
N LEU PB 85 57.30 45.56 -181.17
CA LEU PB 85 57.78 46.87 -181.59
C LEU PB 85 58.41 46.80 -182.97
N GLY PB 86 59.38 45.92 -183.18
CA GLY PB 86 60.04 45.83 -184.47
C GLY PB 86 61.30 45.00 -184.36
N GLU PB 87 61.92 44.74 -185.52
CA GLU PB 87 63.15 43.94 -185.53
C GLU PB 87 64.27 44.63 -184.78
N GLU PB 88 64.40 45.95 -184.96
CA GLU PB 88 65.47 46.70 -184.28
C GLU PB 88 65.29 46.68 -182.77
N ARG PB 89 64.06 46.88 -182.29
CA ARG PB 89 63.81 46.84 -180.85
C ARG PB 89 63.87 45.42 -180.31
N ALA PB 90 63.47 44.44 -181.12
CA ALA PB 90 63.54 43.04 -180.68
C ALA PB 90 64.98 42.62 -180.44
N SER PB 91 65.90 43.07 -181.29
CA SER PB 91 67.31 42.75 -181.09
C SER PB 91 67.81 43.33 -179.77
N SER PB 92 67.46 44.58 -179.46
CA SER PB 92 67.88 45.18 -178.20
C SER PB 92 67.28 44.45 -177.01
N LEU PB 93 66.00 44.08 -177.09
CA LEU PB 93 65.36 43.35 -176.01
C LEU PB 93 66.01 42.00 -175.79
N LEU PB 94 66.30 41.28 -176.88
CA LEU PB 94 66.96 39.98 -176.74
C LEU PB 94 68.36 40.13 -176.18
N GLU PB 95 69.08 41.17 -176.60
CA GLU PB 95 70.42 41.41 -176.04
C GLU PB 95 70.35 41.70 -174.55
N ASP PB 96 69.37 42.50 -174.13
CA ASP PB 96 69.21 42.78 -172.70
C ASP PB 96 68.86 41.51 -171.93
N ILE PB 97 67.98 40.68 -172.49
CA ILE PB 97 67.59 39.43 -171.82
C ILE PB 97 68.80 38.51 -171.68
N LEU PB 98 69.61 38.41 -172.74
CA LEU PB 98 70.81 37.57 -172.67
C LEU PB 98 71.81 38.13 -171.66
N GLU PB 99 71.98 39.46 -171.63
CA GLU PB 99 72.92 40.06 -170.70
C GLU PB 99 72.43 39.98 -169.26
N THR PB 100 71.13 39.73 -169.06
CA THR PB 100 70.64 39.52 -167.70
C THR PB 100 71.32 38.33 -167.04
N ARG PB 101 71.69 37.32 -167.83
CA ARG PB 101 72.46 36.18 -167.31
C ARG PB 101 73.92 36.43 -167.64
N ASP PB 102 74.69 36.78 -166.62
CA ASP PB 102 76.10 37.12 -166.76
C ASP PB 102 76.96 35.88 -166.55
N THR PB 103 78.28 36.06 -166.59
CA THR PB 103 79.24 34.98 -166.43
C THR PB 103 80.13 35.28 -165.23
N THR PB 104 80.47 34.23 -164.48
CA THR PB 104 81.27 34.40 -163.28
C THR PB 104 82.73 34.67 -163.61
N SER PB 105 83.39 33.73 -164.29
CA SER PB 105 84.79 33.89 -164.64
C SER PB 105 84.97 35.03 -165.63
N GLY PB 106 85.97 35.88 -165.37
CA GLY PB 106 86.17 37.06 -166.17
C GLY PB 106 86.51 36.80 -167.62
N ILE PB 107 87.05 35.62 -167.92
CA ILE PB 107 87.42 35.32 -169.31
C ILE PB 107 86.19 35.34 -170.20
N GLU PB 108 85.10 34.71 -169.75
CA GLU PB 108 83.86 34.78 -170.51
C GLU PB 108 83.26 36.18 -170.49
N THR PB 109 83.45 36.92 -169.40
CA THR PB 109 82.96 38.30 -169.38
C THR PB 109 83.67 39.17 -170.40
N LEU PB 110 84.90 38.78 -170.78
CA LEU PB 110 85.59 39.49 -171.84
C LEU PB 110 84.93 39.55 -173.22
N ASN PB 111 84.12 38.54 -173.57
CA ASN PB 111 83.37 38.56 -174.87
C ASN PB 111 82.10 39.39 -174.87
N PHE PB 112 81.74 40.01 -173.73
CA PHE PB 112 80.56 40.91 -173.68
C PHE PB 112 81.06 42.35 -173.78
N MET PB 113 82.39 42.52 -173.80
CA MET PB 113 83.01 43.83 -173.89
C MET PB 113 83.07 44.14 -175.39
N GLU PB 114 83.24 45.42 -175.69
CA GLU PB 114 83.41 45.84 -177.07
C GLU PB 114 84.74 45.29 -177.61
N PRO PB 115 84.80 44.93 -178.89
CA PRO PB 115 86.06 44.41 -179.44
C PRO PB 115 87.29 45.29 -179.25
N GLN PB 116 87.16 46.61 -179.41
CA GLN PB 116 88.33 47.47 -179.24
C GLN PB 116 88.79 47.58 -177.79
N SER PB 117 87.83 47.56 -176.86
CA SER PB 117 88.19 47.62 -175.44
C SER PB 117 88.99 46.37 -175.10
N ALA PB 118 88.51 45.20 -175.54
CA ALA PB 118 89.24 43.97 -175.28
C ALA PB 118 90.58 43.97 -175.99
N ALA PB 119 90.62 44.45 -177.24
CA ALA PB 119 91.88 44.50 -177.97
C ALA PB 119 92.89 45.39 -177.28
N ASP PB 120 92.45 46.53 -176.78
CA ASP PB 120 93.36 47.40 -176.02
C ASP PB 120 93.77 46.75 -174.70
N LEU PB 121 92.86 46.02 -174.06
CA LEU PB 121 93.17 45.42 -172.77
C LEU PB 121 94.21 44.32 -172.88
N ILE PB 122 94.12 43.48 -173.92
CA ILE PB 122 94.98 42.31 -174.02
C ILE PB 122 96.07 42.46 -175.06
N ARG PB 123 96.25 43.65 -175.63
CA ARG PB 123 97.30 43.82 -176.63
C ARG PB 123 98.68 43.65 -176.01
N ASP PB 124 98.88 44.18 -174.80
CA ASP PB 124 100.20 44.16 -174.18
C ASP PB 124 100.54 42.82 -173.56
N GLU PB 125 99.58 41.91 -173.43
CA GLU PB 125 99.84 40.64 -172.79
C GLU PB 125 100.74 39.77 -173.64
N HIS PB 126 101.29 38.73 -173.01
CA HIS PB 126 102.14 37.79 -173.70
C HIS PB 126 101.34 37.06 -174.78
N PRO PB 127 101.94 36.80 -175.94
CA PRO PB 127 101.16 36.20 -177.04
C PRO PB 127 100.48 34.90 -176.67
N GLN PB 128 101.13 34.06 -175.86
CA GLN PB 128 100.48 32.82 -175.44
C GLN PB 128 99.27 33.08 -174.56
N ILE PB 129 99.33 34.09 -173.70
CA ILE PB 129 98.18 34.44 -172.88
C ILE PB 129 97.04 34.96 -173.74
N ILE PB 130 97.38 35.75 -174.77
CA ILE PB 130 96.37 36.22 -175.71
C ILE PB 130 95.71 35.01 -176.36
N ALA PB 131 96.52 34.05 -176.80
CA ALA PB 131 96.00 32.87 -177.45
C ALA PB 131 95.08 32.08 -176.52
N THR PB 132 95.49 31.93 -175.26
CA THR PB 132 94.66 31.21 -174.29
C THR PB 132 93.33 31.93 -174.10
N ILE PB 133 93.37 33.25 -174.00
CA ILE PB 133 92.10 34.03 -173.87
C ILE PB 133 91.22 33.76 -175.09
N LEU PB 134 91.80 33.74 -176.29
CA LEU PB 134 91.00 33.61 -177.54
C LEU PB 134 90.22 32.29 -177.62
N VAL PB 135 90.82 31.16 -177.23
CA VAL PB 135 90.13 29.84 -177.42
C VAL PB 135 89.05 29.79 -176.32
N HIS PB 136 89.25 30.49 -175.21
CA HIS PB 136 88.19 30.54 -174.16
C HIS PB 136 87.14 31.59 -174.56
N LEU PB 137 87.54 32.59 -175.35
CA LEU PB 137 86.60 33.65 -175.79
C LEU PB 137 85.72 33.11 -176.93
N LYS PB 138 84.56 33.75 -177.15
CA LYS PB 138 83.66 33.35 -178.26
C LYS PB 138 84.42 33.55 -179.58
N ARG PB 139 84.22 32.66 -180.55
CA ARG PB 139 84.98 32.74 -181.82
C ARG PB 139 84.73 34.09 -182.53
N SER PB 140 83.47 34.51 -182.63
CA SER PB 140 83.16 35.75 -183.37
C SER PB 140 83.97 36.91 -182.76
N GLN PB 141 83.97 37.03 -181.44
CA GLN PB 141 84.67 38.15 -180.77
C GLN PB 141 86.16 38.05 -181.07
N ALA PB 142 86.73 36.85 -180.91
CA ALA PB 142 88.16 36.66 -181.12
C ALA PB 142 88.57 37.08 -182.53
N ALA PB 143 87.72 36.80 -183.52
CA ALA PB 143 88.02 37.21 -184.89
C ALA PB 143 88.08 38.72 -185.00
N ASP PB 144 87.13 39.42 -184.38
CA ASP PB 144 87.15 40.87 -184.39
C ASP PB 144 88.38 41.41 -183.68
N ILE PB 145 88.74 40.82 -182.54
CA ILE PB 145 89.93 41.26 -181.82
C ILE PB 145 91.20 41.14 -182.65
N LEU PB 146 91.37 40.00 -183.32
CA LEU PB 146 92.55 39.82 -184.18
C LEU PB 146 92.52 40.77 -185.38
N ALA PB 147 91.34 41.10 -185.86
CA ALA PB 147 91.22 42.08 -186.93
C ALA PB 147 91.76 43.42 -186.48
N LEU PB 148 91.48 43.78 -185.23
CA LEU PB 148 91.97 45.08 -184.68
C LEU PB 148 93.46 44.97 -184.32
N PHE PB 149 93.99 43.75 -184.24
CA PHE PB 149 95.40 43.57 -183.80
C PHE PB 149 96.36 43.84 -184.95
N ASP PB 150 97.56 44.35 -184.63
CA ASP PB 150 98.58 44.55 -185.65
C ASP PB 150 98.84 43.23 -186.38
N GLU PB 151 99.28 43.35 -187.64
CA GLU PB 151 99.44 42.17 -188.48
C GLU PB 151 100.50 41.23 -187.92
N ARG PB 152 101.58 41.75 -187.36
CA ARG PB 152 102.60 40.89 -186.76
C ARG PB 152 102.02 40.12 -185.57
N LEU PB 153 101.38 40.84 -184.65
CA LEU PB 153 100.75 40.19 -183.51
C LEU PB 153 99.63 39.26 -183.96
N ARG PB 154 98.89 39.66 -185.00
CA ARG PB 154 97.83 38.79 -185.52
C ARG PB 154 98.39 37.47 -186.01
N HIS PB 155 99.43 37.50 -186.83
CA HIS PB 155 100.03 36.27 -187.31
C HIS PB 155 100.62 35.43 -186.19
N ASP PB 156 101.30 36.09 -185.24
CA ASP PB 156 101.91 35.35 -184.14
C ASP PB 156 100.83 34.64 -183.32
N VAL PB 157 99.76 35.36 -182.97
CA VAL PB 157 98.71 34.78 -182.14
C VAL PB 157 97.99 33.67 -182.90
N MET PB 158 97.76 33.86 -184.21
CA MET PB 158 97.13 32.80 -184.99
C MET PB 158 97.99 31.55 -185.02
N LEU PB 159 99.31 31.71 -185.17
CA LEU PB 159 100.20 30.57 -185.14
C LEU PB 159 100.14 29.87 -183.79
N ARG PB 160 100.12 30.64 -182.71
CA ARG PB 160 100.00 30.04 -181.38
C ARG PB 160 98.67 29.29 -181.23
N ILE PB 161 97.61 29.83 -181.83
CA ILE PB 161 96.31 29.18 -181.79
C ILE PB 161 96.39 27.83 -182.50
N ALA PB 162 97.07 27.80 -183.65
CA ALA PB 162 97.13 26.57 -184.43
C ALA PB 162 97.82 25.45 -183.65
N THR PB 163 98.90 25.76 -182.94
CA THR PB 163 99.70 24.75 -182.25
C THR PB 163 99.56 24.83 -180.73
N PHE PB 164 98.36 25.11 -180.24
CA PHE PB 164 98.14 25.20 -178.80
C PHE PB 164 98.38 23.84 -178.15
N GLY PB 165 98.89 23.86 -176.93
CA GLY PB 165 99.27 22.63 -176.25
C GLY PB 165 98.72 22.47 -174.85
N GLY PB 166 97.73 23.25 -174.48
CA GLY PB 166 97.10 23.10 -173.18
C GLY PB 166 97.76 23.81 -172.01
N VAL PB 167 96.94 24.45 -171.17
CA VAL PB 167 97.45 25.19 -170.02
C VAL PB 167 97.51 24.44 -168.71
N GLN PB 168 98.42 24.85 -167.84
CA GLN PB 168 98.50 24.25 -166.51
C GLN PB 168 97.28 24.81 -165.79
N PRO PB 169 96.63 24.00 -164.95
CA PRO PB 169 95.46 24.51 -164.22
C PRO PB 169 95.79 25.70 -163.32
N ALA PB 170 96.97 25.71 -162.71
CA ALA PB 170 97.35 26.83 -161.86
C ALA PB 170 97.46 28.12 -162.66
N ALA PB 171 98.09 28.07 -163.83
CA ALA PB 171 98.22 29.26 -164.67
C ALA PB 171 96.86 29.74 -165.15
N LEU PB 172 95.98 28.81 -165.54
CA LEU PB 172 94.64 29.20 -165.96
C LEU PB 172 93.87 29.85 -164.83
N ALA PB 173 93.96 29.29 -163.63
CA ALA PB 173 93.29 29.90 -162.48
C ALA PB 173 93.87 31.28 -162.19
N GLU PB 174 95.18 31.44 -162.33
CA GLU PB 174 95.80 32.73 -162.09
C GLU PB 174 95.31 33.77 -163.09
N LEU PB 175 95.25 33.41 -164.37
CA LEU PB 175 94.70 34.32 -165.37
C LEU PB 175 93.25 34.63 -165.08
N THR PB 176 92.48 33.61 -164.69
CA THR PB 176 91.05 33.82 -164.40
C THR PB 176 90.92 34.86 -163.31
N GLU PB 177 91.60 34.64 -162.18
CA GLU PB 177 91.45 35.57 -161.02
C GLU PB 177 91.96 36.97 -161.43
N VAL PB 178 93.06 37.05 -162.17
CA VAL PB 178 93.59 38.36 -162.62
C VAL PB 178 92.51 39.03 -163.48
N LEU PB 179 92.03 38.33 -164.51
CA LEU PB 179 91.05 38.94 -165.41
C LEU PB 179 89.77 39.32 -164.66
N ASN PB 180 89.39 38.54 -163.65
CA ASN PB 180 88.22 38.88 -162.86
C ASN PB 180 88.41 40.20 -162.14
N GLY PB 181 89.56 40.39 -161.49
CA GLY PB 181 89.83 41.61 -160.78
C GLY PB 181 89.83 42.85 -161.65
N LEU PB 182 89.95 42.67 -162.97
CA LEU PB 182 89.97 43.81 -163.88
C LEU PB 182 88.57 44.12 -164.41
N LEU PB 183 87.82 43.07 -164.75
CA LEU PB 183 86.50 43.30 -165.39
C LEU PB 183 85.35 43.37 -164.38
N ASP PB 184 85.43 42.63 -163.27
CA ASP PB 184 84.26 42.63 -162.36
C ASP PB 184 84.04 44.05 -161.82
N GLY PB 185 85.12 44.76 -161.47
CA GLY PB 185 84.98 46.17 -161.04
C GLY PB 185 84.47 47.05 -162.16
N GLN PB 186 84.97 46.84 -163.39
CA GLN PB 186 84.59 47.71 -164.53
C GLN PB 186 83.12 47.52 -164.91
N ASN PB 187 82.43 48.61 -165.29
CA ASN PB 187 81.03 48.46 -165.81
C ASN PB 187 81.14 47.68 -167.12
N LEU PB 188 80.20 46.75 -167.38
CA LEU PB 188 80.35 45.90 -168.59
C LEU PB 188 79.07 45.95 -169.44
N LYS PB 189 78.33 47.07 -169.46
CA LYS PB 189 77.17 47.10 -170.35
C LYS PB 189 77.00 48.50 -170.92
N ARG PB 190 77.86 48.81 -171.89
CA ARG PB 190 77.75 50.08 -172.62
C ARG PB 190 76.46 50.11 -173.42
N SER PB 191 75.52 50.96 -173.00
CA SER PB 191 74.23 51.05 -173.67
C SER PB 191 74.38 51.86 -174.95
N LYS PB 192 74.01 51.26 -176.08
CA LYS PB 192 74.11 51.92 -177.38
C LYS PB 192 72.71 52.33 -177.81
N MET PB 193 72.44 53.62 -177.76
CA MET PB 193 71.14 54.19 -178.15
C MET PB 193 71.38 55.19 -179.28
N GLY PB 194 70.83 54.89 -180.46
CA GLY PB 194 70.97 55.83 -181.59
C GLY PB 194 72.09 55.44 -182.53
N GLY PB 195 71.77 54.79 -183.65
CA GLY PB 195 72.78 54.43 -184.62
C GLY PB 195 72.57 55.20 -185.91
N VAL PB 196 72.13 54.50 -186.96
CA VAL PB 196 71.80 55.12 -188.23
C VAL PB 196 70.28 55.17 -188.52
N ARG PB 197 69.55 54.23 -187.92
CA ARG PB 197 68.10 54.23 -188.05
C ARG PB 197 67.65 55.51 -187.37
N THR PB 198 68.16 55.80 -186.18
CA THR PB 198 67.78 57.00 -185.47
C THR PB 198 68.22 58.25 -186.23
N ALA PB 199 69.42 58.22 -186.81
CA ALA PB 199 69.89 59.36 -187.60
C ALA PB 199 69.00 59.59 -188.82
N ALA PB 200 68.60 58.51 -189.50
CA ALA PB 200 67.71 58.66 -190.64
C ALA PB 200 66.35 59.21 -190.22
N GLU PB 201 65.82 58.72 -189.10
CA GLU PB 201 64.54 59.23 -188.60
C GLU PB 201 64.65 60.71 -188.25
N ILE PB 202 65.75 61.12 -187.63
CA ILE PB 202 65.95 62.53 -187.31
C ILE PB 202 66.01 63.37 -188.59
N ILE PB 203 66.75 62.88 -189.59
CA ILE PB 203 66.91 63.62 -190.83
C ILE PB 203 65.58 63.77 -191.54
N ASN PB 204 64.78 62.71 -191.56
CA ASN PB 204 63.54 62.71 -192.34
C ASN PB 204 62.53 63.74 -191.87
N LEU PB 205 62.67 64.27 -190.64
CA LEU PB 205 61.70 65.20 -190.09
C LEU PB 205 62.10 66.66 -190.12
N MET PB 206 63.21 67.01 -190.76
CA MET PB 206 63.65 68.39 -190.83
C MET PB 206 63.50 68.94 -192.24
N LYS PB 207 63.86 70.20 -192.41
CA LYS PB 207 63.68 70.88 -193.69
C LYS PB 207 64.51 70.26 -194.79
N THR PB 208 64.03 70.40 -196.03
CA THR PB 208 64.70 69.80 -197.18
C THR PB 208 66.10 70.35 -197.39
N GLN PB 209 66.28 71.66 -197.23
CA GLN PB 209 67.59 72.26 -197.42
C GLN PB 209 68.58 71.72 -196.39
N GLN PB 210 68.18 71.68 -195.12
CA GLN PB 210 69.03 71.09 -194.10
C GLN PB 210 69.24 69.60 -194.36
N GLU PB 211 68.22 68.91 -194.89
CA GLU PB 211 68.36 67.50 -195.21
C GLU PB 211 69.48 67.28 -196.24
N GLU PB 212 69.44 68.03 -197.34
CA GLU PB 212 70.47 67.87 -198.36
C GLU PB 212 71.83 68.31 -197.83
N ALA PB 213 71.88 69.37 -197.02
CA ALA PB 213 73.15 69.80 -196.45
C ALA PB 213 73.77 68.70 -195.59
N VAL PB 214 72.97 68.09 -194.71
CA VAL PB 214 73.54 67.07 -193.82
C VAL PB 214 73.91 65.81 -194.61
N ILE PB 215 73.12 65.41 -195.61
CA ILE PB 215 73.46 64.19 -196.32
C ILE PB 215 74.72 64.40 -197.16
N THR PB 216 74.87 65.59 -197.74
CA THR PB 216 76.10 65.84 -198.50
C THR PB 216 77.30 65.97 -197.58
N ALA PB 217 77.11 66.51 -196.37
CA ALA PB 217 78.21 66.53 -195.41
C ALA PB 217 78.64 65.12 -195.02
N VAL PB 218 77.66 64.25 -194.76
CA VAL PB 218 77.98 62.86 -194.42
C VAL PB 218 78.69 62.18 -195.59
N ARG PB 219 78.21 62.42 -196.81
CA ARG PB 219 78.84 61.83 -197.99
C ARG PB 219 80.28 62.30 -198.13
N GLU PB 220 80.53 63.58 -197.85
CA GLU PB 220 81.89 64.08 -197.83
C GLU PB 220 82.72 63.37 -196.78
N PHE PB 221 82.16 63.15 -195.60
CA PHE PB 221 82.87 62.39 -194.57
C PHE PB 221 83.10 60.93 -194.94
N ASP PB 222 82.08 60.26 -195.46
CA ASP PB 222 82.15 58.87 -195.84
C ASP PB 222 80.94 58.58 -196.71
N GLY PB 223 81.17 58.12 -197.94
CA GLY PB 223 80.06 57.84 -198.83
C GLY PB 223 79.21 56.64 -198.44
N GLU PB 224 79.85 55.61 -197.86
CA GLU PB 224 79.10 54.43 -197.46
C GLU PB 224 78.09 54.75 -196.37
N LEU PB 225 78.49 55.57 -195.40
CA LEU PB 225 77.55 55.96 -194.35
C LEU PB 225 76.39 56.76 -194.91
N ALA PB 226 76.66 57.66 -195.87
CA ALA PB 226 75.59 58.41 -196.50
C ALA PB 226 74.61 57.52 -197.25
N GLN PB 227 75.12 56.53 -197.98
CA GLN PB 227 74.24 55.62 -198.69
C GLN PB 227 73.41 54.78 -197.73
N LYS PB 228 74.02 54.32 -196.63
CA LYS PB 228 73.28 53.54 -195.65
C LYS PB 228 72.20 54.40 -195.02
N ILE PB 229 72.51 55.68 -194.75
CA ILE PB 229 71.51 56.59 -194.21
C ILE PB 229 70.37 56.79 -195.19
N ILE PB 230 70.70 56.95 -196.48
CA ILE PB 230 69.67 57.11 -197.49
C ILE PB 230 68.77 55.89 -197.63
N ASP PB 231 69.36 54.69 -197.53
CA ASP PB 231 68.57 53.47 -197.63
C ASP PB 231 67.67 53.32 -196.41
N GLU PB 232 68.18 53.66 -195.23
CA GLU PB 232 67.38 53.57 -194.02
C GLU PB 232 66.36 54.70 -194.07
N MET PB 233 66.61 55.74 -194.86
CA MET PB 233 65.67 56.86 -194.93
C MET PB 233 64.29 56.42 -195.41
N PHE PB 234 64.26 55.66 -196.52
CA PHE PB 234 63.02 55.17 -197.10
C PHE PB 234 63.09 53.65 -197.22
N LEU PB 235 62.46 52.95 -196.29
CA LEU PB 235 62.43 51.49 -196.31
C LEU PB 235 61.39 50.99 -197.31
N PHE PB 236 61.41 49.68 -197.54
CA PHE PB 236 60.45 49.08 -198.46
C PHE PB 236 59.12 48.82 -197.75
N GLU PB 237 58.60 49.83 -197.08
CA GLU PB 237 57.29 49.77 -196.45
C GLU PB 237 56.45 51.01 -196.65
N ASN PB 238 57.02 52.14 -197.08
CA ASN PB 238 56.29 53.36 -197.31
C ASN PB 238 55.79 53.48 -198.75
N LEU PB 239 56.04 52.46 -199.58
CA LEU PB 239 55.57 52.50 -200.96
C LEU PB 239 54.06 52.56 -201.05
N VAL PB 240 53.35 52.11 -200.01
CA VAL PB 240 51.90 52.25 -199.99
C VAL PB 240 51.47 53.70 -199.96
N ASP PB 241 52.31 54.60 -199.44
CA ASP PB 241 51.99 56.02 -199.37
C ASP PB 241 52.38 56.77 -200.64
N VAL PB 242 52.96 56.10 -201.63
CA VAL PB 242 53.35 56.74 -202.87
C VAL PB 242 52.11 56.98 -203.72
N ASP PB 243 52.10 58.09 -204.46
CA ASP PB 243 50.96 58.43 -205.30
C ASP PB 243 50.84 57.46 -206.46
N ASP PB 244 49.61 57.33 -206.96
CA ASP PB 244 49.35 56.43 -208.09
C ASP PB 244 50.10 56.89 -209.34
N ARG PB 245 50.13 58.20 -209.58
CA ARG PB 245 50.87 58.73 -210.73
C ARG PB 245 52.36 58.42 -210.61
N SER PB 246 52.93 58.58 -209.42
CA SER PB 246 54.33 58.25 -209.21
C SER PB 246 54.59 56.76 -209.44
N ILE PB 247 53.67 55.91 -208.98
CA ILE PB 247 53.81 54.47 -209.19
C ILE PB 247 53.77 54.15 -210.69
N GLN PB 248 52.85 54.76 -211.42
CA GLN PB 248 52.77 54.52 -212.86
C GLN PB 248 54.03 55.00 -213.58
N ARG PB 249 54.55 56.16 -213.17
CA ARG PB 249 55.77 56.67 -213.78
C ARG PB 249 56.96 55.76 -213.50
N LEU PB 250 57.05 55.25 -212.27
CA LEU PB 250 58.17 54.37 -211.92
C LEU PB 250 58.01 52.99 -212.56
N LEU PB 251 56.79 52.58 -212.89
CA LEU PB 251 56.58 51.29 -213.52
C LEU PB 251 57.26 51.20 -214.88
N GLN PB 252 57.44 52.34 -215.55
CA GLN PB 252 58.08 52.35 -216.86
C GLN PB 252 59.57 51.99 -216.80
N GLU PB 253 60.20 52.08 -215.64
CA GLU PB 253 61.61 51.77 -215.49
C GLU PB 253 61.88 50.55 -214.61
N VAL PB 254 60.85 49.81 -214.21
CA VAL PB 254 61.00 48.66 -213.33
C VAL PB 254 60.87 47.39 -214.18
N ASP PB 255 61.85 46.52 -214.08
CA ASP PB 255 61.80 45.24 -214.79
C ASP PB 255 60.69 44.36 -214.21
N SER PB 256 60.00 43.64 -215.08
CA SER PB 256 58.90 42.80 -214.63
C SER PB 256 59.38 41.70 -213.70
N GLU PB 257 60.49 41.04 -214.06
CA GLU PB 257 61.02 39.97 -213.22
C GLU PB 257 61.48 40.51 -211.86
N SER PB 258 62.21 41.62 -211.86
CA SER PB 258 62.68 42.20 -210.61
C SER PB 258 61.51 42.67 -209.75
N LEU PB 259 60.52 43.30 -210.38
CA LEU PB 259 59.34 43.75 -209.63
C LEU PB 259 58.59 42.57 -209.02
N LEU PB 260 58.43 41.49 -209.79
CA LEU PB 260 57.75 40.30 -209.27
C LEU PB 260 58.53 39.68 -208.13
N ILE PB 261 59.86 39.62 -208.25
CA ILE PB 261 60.68 39.07 -207.18
C ILE PB 261 60.55 39.91 -205.92
N ALA PB 262 60.58 41.24 -206.07
CA ALA PB 262 60.44 42.12 -204.91
C ALA PB 262 59.07 41.99 -204.27
N LEU PB 263 58.01 41.89 -205.08
CA LEU PB 263 56.66 41.84 -204.58
C LEU PB 263 56.22 40.43 -204.16
N LYS PB 264 57.07 39.43 -204.36
CA LYS PB 264 56.72 38.08 -203.94
C LYS PB 264 56.55 38.01 -202.42
N GLY PB 265 57.43 38.65 -201.68
CA GLY PB 265 57.35 38.71 -200.23
C GLY PB 265 56.73 39.98 -199.68
N ALA PB 266 56.22 40.86 -200.54
CA ALA PB 266 55.65 42.12 -200.10
C ALA PB 266 54.25 41.89 -199.53
N GLU PB 267 53.72 42.90 -198.85
CA GLU PB 267 52.38 42.82 -198.29
C GLU PB 267 51.33 42.80 -199.41
N PRO PB 268 50.23 42.09 -199.21
CA PRO PB 268 49.18 42.03 -200.24
C PRO PB 268 48.67 43.42 -200.56
N PRO PB 269 48.54 44.30 -199.57
CA PRO PB 269 48.11 45.68 -199.86
C PRO PB 269 49.07 46.41 -200.78
N LEU PB 270 50.37 46.22 -200.60
CA LEU PB 270 51.35 46.86 -201.48
C LEU PB 270 51.23 46.33 -202.91
N ARG PB 271 51.05 45.01 -203.06
CA ARG PB 271 50.88 44.43 -204.39
C ARG PB 271 49.61 44.96 -205.05
N GLU PB 272 48.52 45.06 -204.29
CA GLU PB 272 47.28 45.59 -204.85
C GLU PB 272 47.43 47.05 -205.26
N LYS PB 273 48.11 47.85 -204.45
CA LYS PB 273 48.33 49.26 -204.79
C LYS PB 273 49.21 49.40 -206.02
N PHE PB 274 50.23 48.56 -206.14
CA PHE PB 274 51.16 48.61 -207.26
C PHE PB 274 50.59 47.97 -208.52
N LEU PB 275 49.52 47.20 -208.42
CA LEU PB 275 48.89 46.57 -209.56
C LEU PB 275 47.81 47.42 -210.20
N ARG PB 276 47.51 48.59 -209.63
CA ARG PB 276 46.51 49.49 -210.17
C ARG PB 276 47.08 50.52 -211.13
N ASN PB 277 48.39 50.50 -211.37
CA ASN PB 277 49.04 51.46 -212.26
C ASN PB 277 49.28 50.89 -213.66
N MET PB 278 49.30 49.58 -213.83
CA MET PB 278 49.53 48.97 -215.12
C MET PB 278 48.19 48.58 -215.76
N SER PB 279 48.26 47.92 -216.92
CA SER PB 279 47.05 47.51 -217.60
C SER PB 279 46.43 46.29 -216.90
N GLN PB 280 45.16 46.02 -217.24
CA GLN PB 280 44.48 44.86 -216.66
C GLN PB 280 45.16 43.56 -217.06
N ARG PB 281 45.55 43.44 -218.33
CA ARG PB 281 46.28 42.26 -218.77
C ARG PB 281 47.63 42.16 -218.07
N ALA PB 282 48.33 43.28 -217.92
CA ALA PB 282 49.60 43.28 -217.21
C ALA PB 282 49.42 42.90 -215.74
N ALA PB 283 48.36 43.41 -215.10
CA ALA PB 283 48.09 43.05 -213.72
C ALA PB 283 47.78 41.56 -213.58
N ASP PB 284 46.99 41.01 -214.50
CA ASP PB 284 46.68 39.59 -214.46
C ASP PB 284 47.93 38.76 -214.68
N ILE PB 285 48.80 39.17 -215.61
CA ILE PB 285 50.05 38.45 -215.85
C ILE PB 285 50.94 38.49 -214.62
N LEU PB 286 51.04 39.65 -213.96
CA LEU PB 286 51.85 39.75 -212.75
C LEU PB 286 51.29 38.87 -211.64
N ARG PB 287 49.96 38.86 -211.48
CA ARG PB 287 49.35 38.01 -210.47
C ARG PB 287 49.60 36.53 -210.75
N ASP PB 288 49.49 36.13 -212.02
CA ASP PB 288 49.74 34.74 -212.37
C ASP PB 288 51.20 34.37 -212.13
N ASP PB 289 52.12 35.28 -212.47
CA ASP PB 289 53.54 35.01 -212.23
C ASP PB 289 53.84 34.90 -210.74
N LEU PB 290 53.23 35.77 -209.92
CA LEU PB 290 53.44 35.71 -208.48
C LEU PB 290 52.87 34.42 -207.91
N ALA PB 291 51.69 33.99 -208.38
CA ALA PB 291 51.11 32.74 -207.91
C ALA PB 291 51.98 31.54 -208.30
N ASN PB 292 52.49 31.56 -209.53
CA ASN PB 292 53.31 30.45 -210.02
C ASN PB 292 54.73 30.47 -209.48
N ARG PB 293 55.20 31.61 -208.99
CA ARG PB 293 56.56 31.71 -208.49
C ARG PB 293 56.69 30.97 -207.16
N GLY PB 294 57.69 30.10 -207.06
CA GLY PB 294 57.94 29.38 -205.84
C GLY PB 294 58.72 30.19 -204.85
N PRO PB 295 58.89 29.63 -203.64
CA PRO PB 295 59.67 30.33 -202.62
C PRO PB 295 61.12 30.51 -203.06
N VAL PB 296 61.69 31.66 -202.70
CA VAL PB 296 63.07 31.99 -203.05
C VAL PB 296 63.76 32.58 -201.83
N ARG PB 297 65.09 32.52 -201.85
CA ARG PB 297 65.88 33.09 -200.76
C ARG PB 297 65.70 34.61 -200.72
N LEU PB 298 65.66 35.17 -199.51
CA LEU PB 298 65.45 36.60 -199.35
C LEU PB 298 66.63 37.44 -199.84
N SER PB 299 67.78 36.83 -200.09
CA SER PB 299 68.94 37.59 -200.53
C SER PB 299 68.71 38.27 -201.88
N GLN PB 300 68.12 37.55 -202.83
CA GLN PB 300 67.83 38.13 -204.14
C GLN PB 300 66.62 39.05 -204.13
N VAL PB 301 65.60 38.72 -203.34
CA VAL PB 301 64.43 39.58 -203.23
C VAL PB 301 64.81 40.91 -202.61
N GLU PB 302 65.69 40.89 -201.62
CA GLU PB 302 66.16 42.13 -201.01
C GLU PB 302 66.93 42.98 -202.01
N ASN PB 303 67.77 42.35 -202.84
CA ASN PB 303 68.50 43.10 -203.85
C ASN PB 303 67.55 43.71 -204.89
N GLU PB 304 66.54 42.95 -205.31
CA GLU PB 304 65.56 43.48 -206.26
C GLU PB 304 64.78 44.65 -205.66
N GLN PB 305 64.37 44.53 -204.40
CA GLN PB 305 63.67 45.61 -203.74
C GLN PB 305 64.57 46.84 -203.59
N LYS PB 306 65.85 46.61 -203.30
CA LYS PB 306 66.80 47.73 -203.20
C LYS PB 306 66.95 48.43 -204.54
N ALA PB 307 67.04 47.67 -205.63
CA ALA PB 307 67.13 48.27 -206.95
C ALA PB 307 65.88 49.08 -207.28
N ILE PB 308 64.70 48.53 -206.96
CA ILE PB 308 63.45 49.23 -207.21
C ILE PB 308 63.38 50.53 -206.40
N LEU PB 309 63.78 50.46 -205.13
CA LEU PB 309 63.79 51.64 -204.28
C LEU PB 309 64.78 52.68 -204.77
N LEU PB 310 65.95 52.24 -205.25
CA LEU PB 310 66.93 53.17 -205.81
C LEU PB 310 66.37 53.86 -207.04
N ILE PB 311 65.69 53.11 -207.91
CA ILE PB 311 65.10 53.72 -209.10
C ILE PB 311 64.02 54.73 -208.69
N VAL PB 312 63.19 54.37 -207.72
CA VAL PB 312 62.12 55.27 -207.27
C VAL PB 312 62.73 56.54 -206.67
N ARG PB 313 63.79 56.38 -205.86
CA ARG PB 313 64.43 57.54 -205.25
C ARG PB 313 65.07 58.43 -206.29
N ARG PB 314 65.68 57.83 -207.31
CA ARG PB 314 66.26 58.63 -208.40
C ARG PB 314 65.17 59.40 -209.14
N LEU PB 315 64.04 58.75 -209.40
CA LEU PB 315 62.93 59.43 -210.07
C LEU PB 315 62.40 60.59 -209.22
N ALA PB 316 62.28 60.37 -207.91
CA ALA PB 316 61.80 61.42 -207.02
C ALA PB 316 62.79 62.58 -206.96
N GLU PB 317 64.08 62.28 -206.89
CA GLU PB 317 65.11 63.32 -206.84
C GLU PB 317 65.12 64.12 -208.13
N THR PB 318 64.91 63.45 -209.26
CA THR PB 318 64.82 64.15 -210.53
C THR PB 318 63.64 65.12 -210.53
N GLY PB 319 62.51 64.69 -209.97
CA GLY PB 319 61.34 65.53 -209.85
C GLY PB 319 60.16 64.99 -210.63
N GLU PB 320 60.16 63.68 -210.91
CA GLU PB 320 59.11 63.03 -211.66
C GLU PB 320 58.30 62.05 -210.82
N MET PB 321 58.25 62.26 -209.51
CA MET PB 321 57.49 61.38 -208.62
C MET PB 321 57.06 62.21 -207.41
N VAL PB 322 56.03 61.73 -206.72
CA VAL PB 322 55.51 62.39 -205.54
C VAL PB 322 54.99 61.35 -204.56
N ILE PB 323 54.58 61.79 -203.37
CA ILE PB 323 54.07 60.89 -202.34
C ILE PB 323 52.75 61.45 -201.80
N GLY PB 324 52.02 60.64 -201.04
CA GLY PB 324 50.75 61.07 -200.48
C GLY PB 324 50.09 60.01 -199.61
N SER QB 33 158.55 58.17 -163.76
CA SER QB 33 157.58 58.53 -162.74
C SER QB 33 156.20 58.77 -163.35
N ASP QB 34 155.23 57.93 -162.97
CA ASP QB 34 153.86 58.07 -163.46
C ASP QB 34 153.14 59.08 -162.60
N ILE QB 35 152.70 60.17 -163.23
CA ILE QB 35 151.99 61.24 -162.54
C ILE QB 35 150.94 61.81 -163.48
N ARG QB 36 149.67 61.55 -163.17
CA ARG QB 36 148.57 62.03 -163.99
C ARG QB 36 147.60 62.80 -163.12
N PRO QB 37 146.85 63.80 -163.68
CA PRO QB 37 145.93 64.65 -162.87
C PRO QB 37 144.82 63.81 -162.27
N TYR QB 38 144.36 64.21 -161.10
CA TYR QB 38 143.29 63.51 -160.41
C TYR QB 38 141.95 63.86 -161.06
N ASP QB 39 141.27 62.84 -161.57
CA ASP QB 39 139.94 63.01 -162.14
C ASP QB 39 138.93 62.30 -161.26
N PRO QB 40 137.97 63.01 -160.66
CA PRO QB 40 136.95 62.33 -159.87
C PRO QB 40 136.08 61.43 -160.75
N ASN QB 41 135.19 60.70 -160.09
CA ASN QB 41 134.24 59.75 -160.66
C ASN QB 41 134.88 58.75 -161.62
N THR QB 42 136.19 58.52 -161.52
CA THR QB 42 136.85 57.50 -162.31
C THR QB 42 136.95 56.20 -161.52
N GLN QB 43 136.79 55.08 -162.22
CA GLN QB 43 136.82 53.76 -161.58
C GLN QB 43 138.26 53.44 -161.21
N ARG QB 44 138.68 53.94 -160.04
CA ARG QB 44 140.02 53.72 -159.54
C ARG QB 44 140.08 52.76 -158.37
N ARG QB 45 138.96 52.44 -157.74
CA ARG QB 45 138.91 51.53 -156.60
C ARG QB 45 138.73 50.11 -157.13
N VAL QB 46 139.78 49.30 -157.03
CA VAL QB 46 139.75 47.91 -157.47
C VAL QB 46 139.93 47.03 -156.24
N VAL QB 47 138.93 46.18 -155.97
CA VAL QB 47 138.96 45.28 -154.83
C VAL QB 47 138.64 43.89 -155.38
N ARG QB 48 139.69 43.11 -155.68
CA ARG QB 48 139.54 41.76 -156.21
C ARG QB 48 139.79 40.78 -155.08
N GLU QB 49 138.81 39.91 -154.84
CA GLU QB 49 138.91 38.95 -153.76
C GLU QB 49 138.12 37.71 -154.17
N ARG QB 50 138.80 36.56 -154.19
CA ARG QB 50 138.14 35.30 -154.48
C ARG QB 50 137.19 34.94 -153.35
N LEU QB 51 135.98 34.50 -153.71
CA LEU QB 51 134.94 34.17 -152.74
C LEU QB 51 134.52 32.71 -152.94
N GLN QB 52 135.26 31.80 -152.31
CA GLN QB 52 135.02 30.37 -152.51
C GLN QB 52 133.66 29.96 -151.93
N ALA QB 53 133.33 30.48 -150.74
CA ALA QB 53 132.06 30.14 -150.05
C ALA QB 53 130.88 30.56 -150.95
N LEU QB 54 130.91 31.72 -151.60
CA LEU QB 54 129.91 32.10 -152.59
C LEU QB 54 129.99 31.22 -153.82
N GLU QB 55 131.21 30.80 -154.19
CA GLU QB 55 131.38 29.95 -155.36
C GLU QB 55 130.69 28.60 -155.18
N ILE QB 56 130.53 28.14 -153.94
CA ILE QB 56 129.85 26.85 -153.74
C ILE QB 56 128.37 27.09 -153.45
N ILE QB 57 128.05 28.23 -152.83
CA ILE QB 57 126.65 28.57 -152.60
C ILE QB 57 125.93 28.74 -153.93
N ASN QB 58 126.62 29.29 -154.93
CA ASN QB 58 126.01 29.46 -156.24
C ASN QB 58 125.60 28.14 -156.87
N GLU QB 59 126.47 27.12 -156.82
CA GLU QB 59 126.11 25.82 -157.37
C GLU QB 59 125.01 25.14 -156.57
N ARG QB 60 125.04 25.27 -155.24
CA ARG QB 60 123.98 24.67 -154.44
C ARG QB 60 122.65 25.29 -154.80
N PHE QB 61 122.62 26.63 -154.90
CA PHE QB 61 121.40 27.31 -155.29
C PHE QB 61 120.98 26.95 -156.71
N ALA QB 62 121.95 26.78 -157.61
CA ALA QB 62 121.63 26.42 -158.98
C ALA QB 62 120.98 25.04 -159.04
N ARG QB 63 121.49 24.09 -158.27
CA ARG QB 63 120.87 22.77 -158.23
C ARG QB 63 119.45 22.85 -157.67
N GLN QB 64 119.28 23.59 -156.58
CA GLN QB 64 117.94 23.73 -156.01
C GLN QB 64 116.98 24.39 -156.98
N PHE QB 65 117.44 25.43 -157.68
CA PHE QB 65 116.60 26.15 -158.63
C PHE QB 65 116.27 25.29 -159.84
N ARG QB 66 117.21 24.47 -160.29
CA ARG QB 66 116.91 23.55 -161.39
C ARG QB 66 115.78 22.56 -161.14
N MET QB 67 115.77 21.92 -159.97
CA MET QB 67 114.65 21.04 -159.64
C MET QB 67 113.31 21.78 -159.37
N GLY QB 68 113.44 23.00 -158.86
CA GLY QB 68 112.26 23.83 -158.64
C GLY QB 68 111.69 24.13 -160.01
N LEU QB 69 112.55 24.49 -160.96
CA LEU QB 69 112.09 24.78 -162.31
C LEU QB 69 111.54 23.53 -162.98
N PHE QB 70 112.16 22.38 -162.72
CA PHE QB 70 111.60 21.13 -163.23
C PHE QB 70 110.23 20.88 -162.62
N ASN QB 71 110.09 21.12 -161.32
CA ASN QB 71 108.81 20.92 -160.66
C ASN QB 71 107.73 21.85 -161.23
N LEU QB 72 108.10 23.07 -161.60
CA LEU QB 72 107.12 24.05 -162.04
C LEU QB 72 106.80 23.90 -163.52
N LEU QB 73 107.81 24.09 -164.37
CA LEU QB 73 107.61 24.12 -165.81
C LEU QB 73 107.33 22.77 -166.44
N ARG QB 74 107.50 21.67 -165.68
CA ARG QB 74 107.37 20.32 -166.21
C ARG QB 74 108.32 20.10 -167.39
N ARG QB 75 109.51 20.69 -167.31
CA ARG QB 75 110.54 20.53 -168.33
C ARG QB 75 111.88 20.34 -167.63
N SER QB 76 112.93 20.17 -168.41
CA SER QB 76 114.27 19.90 -167.87
C SER QB 76 115.22 21.05 -168.16
N PRO QB 77 115.34 22.02 -167.27
CA PRO QB 77 116.35 23.07 -167.44
C PRO QB 77 117.75 22.73 -167.00
N ASP QB 78 118.73 23.39 -167.60
CA ASP QB 78 120.11 23.29 -167.16
C ASP QB 78 120.61 24.69 -166.85
N ILE QB 79 121.16 24.87 -165.66
CA ILE QB 79 121.63 26.16 -165.18
C ILE QB 79 123.14 26.10 -165.07
N THR QB 80 123.81 26.99 -165.79
CA THR QB 80 125.27 27.13 -165.74
C THR QB 80 125.58 28.37 -164.93
N VAL QB 81 126.39 28.21 -163.89
CA VAL QB 81 126.77 29.34 -163.04
C VAL QB 81 127.93 30.07 -163.68
N GLY QB 82 127.76 31.37 -163.91
CA GLY QB 82 128.83 32.17 -164.48
C GLY QB 82 129.82 32.60 -163.42
N ALA QB 83 130.87 33.26 -163.89
CA ALA QB 83 131.89 33.77 -162.98
C ALA QB 83 131.34 34.93 -162.15
N ILE QB 84 131.61 34.90 -160.85
CA ILE QB 84 131.20 35.98 -159.97
C ILE QB 84 131.94 37.24 -160.36
N ARG QB 85 131.20 38.33 -160.55
CA ARG QB 85 131.78 39.61 -160.94
C ARG QB 85 131.69 40.61 -159.80
N ILE QB 86 132.83 41.16 -159.41
CA ILE QB 86 132.91 42.19 -158.39
C ILE QB 86 133.11 43.54 -159.06
N GLN QB 87 132.04 44.31 -159.17
CA GLN QB 87 132.03 45.47 -160.05
C GLN QB 87 131.27 46.63 -159.42
N PRO QB 88 131.57 47.86 -159.83
CA PRO QB 88 130.77 49.00 -159.35
C PRO QB 88 129.33 48.87 -159.80
N TYR QB 89 128.43 49.41 -158.99
CA TYR QB 89 127.00 49.25 -159.24
C TYR QB 89 126.49 49.78 -160.57
N HIS QB 90 127.06 50.87 -161.06
CA HIS QB 90 126.63 51.50 -162.34
C HIS QB 90 127.07 50.65 -163.54
N GLU QB 91 128.08 49.78 -163.40
CA GLU QB 91 128.48 48.83 -164.43
C GLU QB 91 127.39 47.78 -164.50
N PHE QB 92 126.97 47.27 -163.34
CA PHE QB 92 125.89 46.29 -163.30
C PHE QB 92 124.61 46.88 -163.84
N ALA QB 93 124.31 48.13 -163.49
CA ALA QB 93 123.08 48.76 -163.97
C ALA QB 93 123.11 48.94 -165.48
N ARG QB 94 124.25 49.39 -166.03
CA ARG QB 94 124.30 49.67 -167.46
C ARG QB 94 124.32 48.39 -168.28
N ASN QB 95 124.87 47.30 -167.74
CA ASN QB 95 124.87 46.05 -168.50
C ASN QB 95 123.48 45.44 -168.57
N LEU QB 96 122.60 45.80 -167.64
CA LEU QB 96 121.25 45.26 -167.64
C LEU QB 96 120.45 45.79 -168.82
N PRO QB 97 119.54 44.99 -169.37
CA PRO QB 97 118.65 45.49 -170.42
C PRO QB 97 117.44 46.20 -169.83
N VAL QB 98 116.69 46.85 -170.72
CA VAL QB 98 115.51 47.59 -170.31
C VAL QB 98 114.33 47.23 -171.21
N PRO QB 99 113.18 46.84 -170.64
CA PRO QB 99 112.91 46.64 -169.22
C PRO QB 99 113.37 45.26 -168.75
N THR QB 100 113.57 45.10 -167.45
CA THR QB 100 113.95 43.81 -166.85
C THR QB 100 113.32 43.77 -165.48
N ASN QB 101 112.69 42.67 -165.08
CA ASN QB 101 112.17 42.50 -163.69
C ASN QB 101 113.28 42.47 -162.64
N LEU QB 102 113.28 43.41 -161.71
CA LEU QB 102 114.25 43.48 -160.59
C LEU QB 102 113.51 43.10 -159.29
N ASN QB 103 114.02 42.26 -158.41
CA ASN QB 103 113.27 41.79 -157.20
C ASN QB 103 114.06 42.20 -155.96
N LEU QB 104 113.75 43.34 -155.32
CA LEU QB 104 114.47 43.73 -154.13
C LEU QB 104 114.19 42.71 -153.04
N ILE QB 105 115.24 42.19 -152.43
CA ILE QB 105 115.12 41.14 -151.42
C ILE QB 105 115.92 41.55 -150.20
N HIS QB 106 115.43 41.15 -149.03
CA HIS QB 106 116.07 41.43 -147.75
C HIS QB 106 116.70 40.15 -147.24
N LEU QB 107 118.02 40.16 -147.09
CA LEU QB 107 118.75 39.01 -146.55
C LEU QB 107 119.03 39.21 -145.07
N LYS QB 108 117.97 39.27 -144.27
CA LYS QB 108 118.11 39.49 -142.85
C LYS QB 108 118.85 38.30 -142.21
N PRO QB 109 119.63 38.54 -141.15
CA PRO QB 109 119.80 39.81 -140.42
C PRO QB 109 120.87 40.72 -141.03
N LEU QB 110 121.34 40.45 -142.24
CA LEU QB 110 122.34 41.31 -142.87
C LEU QB 110 121.67 42.60 -143.31
N ARG QB 111 122.19 43.73 -142.83
CA ARG QB 111 121.61 45.02 -143.19
C ARG QB 111 121.96 45.38 -144.63
N GLY QB 112 120.93 45.67 -145.42
CA GLY QB 112 121.08 45.99 -146.81
C GLY QB 112 119.92 45.44 -147.61
N THR QB 113 120.05 45.51 -148.94
CA THR QB 113 119.00 45.06 -149.83
C THR QB 113 119.63 44.50 -151.10
N GLY QB 114 119.49 43.19 -151.29
CA GLY QB 114 119.99 42.56 -152.50
C GLY QB 114 118.98 42.61 -153.64
N LEU QB 115 119.42 42.15 -154.80
CA LEU QB 115 118.62 42.24 -156.01
C LEU QB 115 118.68 40.92 -156.76
N VAL QB 116 117.52 40.47 -157.23
CA VAL QB 116 117.41 39.29 -158.09
C VAL QB 116 116.86 39.75 -159.42
N VAL QB 117 117.64 39.57 -160.48
CA VAL QB 117 117.31 40.10 -161.80
C VAL QB 117 116.90 38.96 -162.70
N PHE QB 118 115.64 38.96 -163.11
CA PHE QB 118 115.11 38.03 -164.10
C PHE QB 118 115.07 38.67 -165.48
N SER QB 119 115.77 38.07 -166.43
CA SER QB 119 115.80 38.61 -167.78
C SER QB 119 114.46 38.48 -168.48
N PRO QB 120 114.13 39.37 -169.46
CA PRO QB 120 112.88 39.25 -170.24
C PRO QB 120 112.84 37.87 -170.91
N SER QB 121 114.00 37.38 -171.32
CA SER QB 121 114.01 36.10 -172.02
C SER QB 121 113.52 34.97 -171.12
N LEU QB 122 113.99 34.95 -169.86
CA LEU QB 122 113.61 33.87 -168.96
C LEU QB 122 112.13 33.92 -168.62
N VAL QB 123 111.59 35.10 -168.33
CA VAL QB 123 110.17 35.19 -168.01
C VAL QB 123 109.33 34.88 -169.25
N PHE QB 124 109.80 35.28 -170.43
CA PHE QB 124 109.11 34.91 -171.66
C PHE QB 124 109.06 33.40 -171.83
N ILE QB 125 110.18 32.72 -171.59
CA ILE QB 125 110.24 31.28 -171.72
C ILE QB 125 109.29 30.62 -170.72
N ALA QB 126 109.30 31.11 -169.48
CA ALA QB 126 108.45 30.51 -168.45
C ALA QB 126 106.97 30.70 -168.78
N VAL QB 127 106.58 31.90 -169.18
CA VAL QB 127 105.19 32.16 -169.53
C VAL QB 127 104.77 31.33 -170.73
N ASP QB 128 105.65 31.22 -171.73
CA ASP QB 128 105.37 30.41 -172.91
C ASP QB 128 105.15 28.95 -172.52
N ASN QB 129 106.02 28.41 -171.67
CA ASN QB 129 105.89 27.01 -171.28
C ASN QB 129 104.63 26.77 -170.46
N LEU QB 130 104.33 27.69 -169.52
CA LEU QB 130 103.15 27.50 -168.69
C LEU QB 130 101.87 27.57 -169.52
N PHE QB 131 101.78 28.50 -170.45
CA PHE QB 131 100.53 28.75 -171.16
C PHE QB 131 100.54 28.07 -172.53
N GLY QB 132 100.62 26.75 -172.48
CA GLY QB 132 100.44 25.93 -173.67
C GLY QB 132 101.39 26.23 -174.81
N GLY QB 133 102.68 26.35 -174.51
CA GLY QB 133 103.65 26.60 -175.56
C GLY QB 133 104.87 25.70 -175.46
N ASP QB 134 105.18 25.03 -176.58
CA ASP QB 134 106.36 24.12 -176.62
C ASP QB 134 107.59 24.91 -177.08
N GLY QB 135 107.58 26.24 -176.90
CA GLY QB 135 108.73 27.05 -177.29
C GLY QB 135 109.09 26.83 -178.74
N ARG QB 136 108.11 26.58 -179.61
CA ARG QB 136 108.38 26.45 -181.03
C ARG QB 136 108.85 27.75 -181.66
N PHE QB 137 108.08 28.82 -181.44
CA PHE QB 137 108.47 30.12 -181.97
C PHE QB 137 109.61 30.80 -181.21
N PRO QB 138 110.43 31.59 -181.90
CA PRO QB 138 111.52 32.29 -181.21
C PRO QB 138 110.97 33.32 -180.23
N THR QB 139 111.72 33.54 -179.15
CA THR QB 139 111.34 34.56 -178.19
C THR QB 139 111.58 35.95 -178.78
N LYS QB 140 110.57 36.80 -178.71
CA LYS QB 140 110.64 38.16 -179.22
C LYS QB 140 110.41 39.14 -178.08
N VAL QB 141 111.40 40.01 -177.83
CA VAL QB 141 111.30 41.05 -176.82
C VAL QB 141 111.61 42.38 -177.49
N GLU QB 142 110.68 43.32 -177.37
CA GLU QB 142 110.82 44.64 -177.99
C GLU QB 142 110.47 45.73 -177.00
N GLY QB 143 111.02 45.64 -175.78
CA GLY QB 143 110.71 46.63 -174.78
C GLY QB 143 109.34 46.49 -174.15
N ARG QB 144 108.69 45.36 -174.37
CA ARG QB 144 107.36 45.13 -173.82
C ARG QB 144 107.43 44.99 -172.30
N GLU QB 145 106.48 45.61 -171.61
CA GLU QB 145 106.44 45.56 -170.16
C GLU QB 145 105.81 44.25 -169.68
N PHE QB 146 105.61 44.15 -168.37
CA PHE QB 146 105.11 42.95 -167.74
C PHE QB 146 103.70 43.20 -167.20
N THR QB 147 102.76 42.35 -167.60
CA THR QB 147 101.39 42.48 -167.14
C THR QB 147 101.24 41.86 -165.74
N HIS QB 148 100.02 41.90 -165.22
CA HIS QB 148 99.78 41.34 -163.90
C HIS QB 148 99.94 39.83 -163.89
N THR QB 149 99.50 39.15 -164.95
CA THR QB 149 99.69 37.71 -165.05
C THR QB 149 101.17 37.36 -165.13
N GLU QB 150 101.93 38.11 -165.93
CA GLU QB 150 103.38 37.90 -165.99
C GLU QB 150 104.02 38.15 -164.64
N GLN QB 151 103.56 39.19 -163.94
CA GLN QB 151 104.10 39.49 -162.62
C GLN QB 151 103.80 38.35 -161.65
N ARG QB 152 102.62 37.75 -161.75
CA ARG QB 152 102.29 36.65 -160.86
C ARG QB 152 103.13 35.42 -161.17
N VAL QB 153 103.37 35.15 -162.45
CA VAL QB 153 104.25 34.05 -162.84
C VAL QB 153 105.66 34.28 -162.31
N ILE QB 154 106.15 35.52 -162.40
CA ILE QB 154 107.47 35.84 -161.90
C ILE QB 154 107.53 35.69 -160.39
N ASN QB 155 106.45 36.08 -159.70
CA ASN QB 155 106.40 35.88 -158.25
C ASN QB 155 106.47 34.40 -157.91
N ARG QB 156 105.75 33.57 -158.68
CA ARG QB 156 105.77 32.14 -158.44
C ARG QB 156 107.17 31.57 -158.65
N MET QB 157 107.86 32.01 -159.71
CA MET QB 157 109.24 31.59 -159.94
C MET QB 157 110.16 32.08 -158.83
N LEU QB 158 109.99 33.34 -158.42
CA LEU QB 158 110.89 33.93 -157.44
C LEU QB 158 110.70 33.31 -156.07
N LYS QB 159 109.52 32.77 -155.78
CA LYS QB 159 109.35 32.04 -154.53
C LYS QB 159 110.29 30.84 -154.48
N LEU QB 160 110.32 30.05 -155.56
CA LEU QB 160 111.25 28.93 -155.64
C LEU QB 160 112.69 29.40 -155.61
N ALA QB 161 113.00 30.49 -156.33
CA ALA QB 161 114.36 30.98 -156.35
C ALA QB 161 114.83 31.40 -154.96
N LEU QB 162 113.98 32.10 -154.22
CA LEU QB 162 114.34 32.54 -152.88
C LEU QB 162 114.44 31.37 -151.92
N GLU QB 163 113.55 30.39 -152.04
CA GLU QB 163 113.67 29.20 -151.20
C GLU QB 163 114.98 28.48 -151.45
N GLY QB 164 115.35 28.31 -152.73
CA GLY QB 164 116.60 27.67 -153.04
C GLY QB 164 117.80 28.44 -152.54
N TYR QB 165 117.78 29.77 -152.69
CA TYR QB 165 118.88 30.59 -152.20
C TYR QB 165 119.01 30.51 -150.68
N SER QB 166 117.89 30.57 -149.97
CA SER QB 166 117.93 30.46 -148.52
C SER QB 166 118.46 29.11 -148.07
N ASP QB 167 118.02 28.04 -148.74
CA ASP QB 167 118.51 26.71 -148.40
C ASP QB 167 120.01 26.60 -148.67
N ALA QB 168 120.48 27.16 -149.77
CA ALA QB 168 121.91 27.12 -150.07
C ALA QB 168 122.71 27.90 -149.03
N TRP QB 169 122.20 29.06 -148.61
CA TRP QB 169 122.92 29.85 -147.61
C TRP QB 169 122.83 29.13 -146.27
N LYS QB 170 121.75 28.39 -146.04
CA LYS QB 170 121.55 27.73 -144.75
C LYS QB 170 122.74 26.87 -144.33
N ALA QB 171 123.40 26.23 -145.31
CA ALA QB 171 124.57 25.42 -145.01
C ALA QB 171 125.72 26.16 -144.32
N ILE QB 172 126.00 27.38 -144.76
CA ILE QB 172 127.12 28.15 -144.21
C ILE QB 172 126.61 29.09 -143.13
N ASN QB 173 125.71 30.00 -143.49
CA ASN QB 173 125.16 30.95 -142.55
C ASN QB 173 123.64 31.01 -142.71
N PRO QB 174 122.86 30.63 -141.69
CA PRO QB 174 121.41 30.61 -141.85
C PRO QB 174 120.82 32.00 -142.01
N LEU QB 175 120.28 32.27 -143.19
CA LEU QB 175 119.65 33.55 -143.51
C LEU QB 175 118.23 33.33 -143.95
N GLU QB 176 117.38 34.31 -143.70
CA GLU QB 176 116.00 34.31 -144.18
C GLU QB 176 115.86 35.34 -145.28
N VAL QB 177 115.26 34.92 -146.40
CA VAL QB 177 115.16 35.74 -147.59
C VAL QB 177 113.73 36.21 -147.73
N GLU QB 178 113.54 37.53 -147.77
CA GLU QB 178 112.21 38.13 -147.89
C GLU QB 178 112.15 38.97 -149.16
N TYR QB 179 111.09 38.74 -149.94
CA TYR QB 179 110.83 39.52 -151.13
C TYR QB 179 109.97 40.71 -150.75
N VAL QB 180 110.45 41.92 -151.02
CA VAL QB 180 109.80 43.13 -150.54
C VAL QB 180 109.14 43.91 -151.66
N ARG QB 181 109.71 43.88 -152.87
CA ARG QB 181 109.21 44.74 -153.93
C ARG QB 181 109.78 44.27 -155.26
N SER QB 182 109.01 44.51 -156.32
CA SER QB 182 109.45 44.21 -157.68
C SER QB 182 109.28 45.48 -158.50
N GLU QB 183 110.22 45.69 -159.43
CA GLU QB 183 110.25 46.87 -160.27
C GLU QB 183 110.69 46.45 -161.66
N MET QB 184 110.50 47.34 -162.62
CA MET QB 184 110.83 47.07 -164.01
C MET QB 184 111.95 47.94 -164.59
N GLN QB 185 112.13 49.14 -164.05
CA GLN QB 185 113.20 50.01 -164.48
C GLN QB 185 114.39 49.89 -163.54
N VAL QB 186 115.51 50.49 -163.94
CA VAL QB 186 116.73 50.41 -163.13
C VAL QB 186 116.82 51.54 -162.11
N LYS QB 187 116.22 52.69 -162.39
CA LYS QB 187 116.36 53.85 -161.51
C LYS QB 187 115.48 53.78 -160.29
N PHE QB 188 114.60 52.78 -160.17
CA PHE QB 188 113.75 52.64 -159.00
C PHE QB 188 114.38 51.88 -157.84
N THR QB 189 115.47 51.14 -158.07
CA THR QB 189 116.03 50.30 -157.01
C THR QB 189 116.99 51.07 -156.11
N ASN QB 190 118.08 51.56 -156.68
CA ASN QB 190 119.12 52.29 -155.94
C ASN QB 190 119.39 51.67 -154.58
N ILE QB 191 119.92 50.43 -154.60
CA ILE QB 191 120.26 49.68 -153.35
C ILE QB 191 121.67 50.10 -152.90
N THR QB 192 122.37 50.94 -153.67
CA THR QB 192 123.73 51.42 -153.35
C THR QB 192 123.67 52.90 -153.08
N THR QB 193 124.24 53.36 -151.96
CA THR QB 193 124.21 54.79 -151.55
C THR QB 193 124.73 55.63 -152.70
N SER QB 194 125.78 55.17 -153.39
CA SER QB 194 126.34 55.86 -154.53
C SER QB 194 126.49 54.89 -155.69
N PRO QB 195 126.42 55.37 -156.93
CA PRO QB 195 126.58 54.48 -158.09
C PRO QB 195 127.96 53.88 -158.20
N ASN QB 196 128.96 54.42 -157.52
CA ASN QB 196 130.31 53.89 -157.56
C ASN QB 196 130.56 52.84 -156.49
N ASP QB 197 129.55 52.48 -155.71
CA ASP QB 197 129.71 51.44 -154.72
C ASP QB 197 129.92 50.09 -155.40
N ILE QB 198 130.57 49.19 -154.69
CA ILE QB 198 130.99 47.91 -155.24
C ILE QB 198 129.97 46.84 -154.85
N VAL QB 199 129.56 46.03 -155.84
CA VAL QB 199 128.58 44.98 -155.62
C VAL QB 199 129.11 43.68 -156.23
N VAL QB 200 128.58 42.57 -155.73
CA VAL QB 200 128.96 41.24 -156.15
C VAL QB 200 127.88 40.61 -157.02
N ASN QB 201 128.21 40.38 -158.30
CA ASN QB 201 127.18 39.88 -159.25
C ASN QB 201 127.45 38.44 -159.71
N THR QB 202 126.44 37.57 -159.63
CA THR QB 202 126.51 36.20 -160.10
C THR QB 202 125.49 36.00 -161.21
N PRO QB 203 125.92 35.88 -162.46
CA PRO QB 203 124.97 35.57 -163.55
C PRO QB 203 124.85 34.08 -163.76
N PHE QB 204 123.62 33.58 -163.81
CA PHE QB 204 123.33 32.20 -164.17
C PHE QB 204 122.65 32.18 -165.54
N HIS QB 205 122.96 31.15 -166.32
CA HIS QB 205 122.34 30.95 -167.62
C HIS QB 205 121.47 29.70 -167.56
N VAL QB 206 120.18 29.87 -167.84
CA VAL QB 206 119.21 28.78 -167.79
C VAL QB 206 118.80 28.46 -169.23
N GLU QB 207 118.98 27.21 -169.63
CA GLU QB 207 118.60 26.76 -170.95
C GLU QB 207 117.50 25.73 -170.84
N ILE QB 208 116.43 25.93 -171.62
CA ILE QB 208 115.32 24.99 -171.73
C ILE QB 208 115.15 24.64 -173.20
N GLY QB 209 115.37 23.37 -173.53
CA GLY QB 209 115.36 22.98 -174.93
C GLY QB 209 116.40 23.78 -175.70
N ASN QB 210 115.95 24.37 -176.81
CA ASN QB 210 116.81 25.26 -177.57
C ASN QB 210 116.80 26.68 -177.01
N LEU QB 211 115.75 27.04 -176.29
CA LEU QB 211 115.64 28.40 -175.76
C LEU QB 211 116.61 28.62 -174.61
N THR QB 212 117.07 29.85 -174.46
CA THR QB 212 118.02 30.23 -173.43
C THR QB 212 117.61 31.54 -172.79
N GLY QB 213 118.06 31.73 -171.55
CA GLY QB 213 117.85 32.98 -170.84
C GLY QB 213 118.86 33.08 -169.73
N GLU QB 214 118.87 34.21 -169.04
CA GLU QB 214 119.81 34.41 -167.96
C GLU QB 214 119.15 35.18 -166.82
N PHE QB 215 119.72 35.04 -165.63
CA PHE QB 215 119.26 35.79 -164.49
C PHE QB 215 120.41 35.98 -163.51
N ASN QB 216 120.45 37.14 -162.88
CA ASN QB 216 121.57 37.51 -162.02
C ASN QB 216 121.12 37.64 -160.57
N ILE QB 217 122.08 37.46 -159.67
CA ILE QB 217 121.87 37.75 -158.25
C ILE QB 217 122.94 38.71 -157.80
N CYS QB 218 122.54 39.92 -157.39
CA CYS QB 218 123.48 40.98 -157.04
C CYS QB 218 123.32 41.33 -155.57
N LEU QB 219 124.43 41.33 -154.84
CA LEU QB 219 124.45 41.68 -153.44
C LEU QB 219 125.40 42.85 -153.23
N PRO QB 220 124.96 43.93 -152.58
CA PRO QB 220 125.89 45.01 -152.26
C PRO QB 220 126.97 44.52 -151.31
N PHE QB 221 128.19 45.01 -151.50
CA PHE QB 221 129.30 44.56 -150.68
C PHE QB 221 129.14 44.91 -149.21
N SER QB 222 128.28 45.88 -148.89
CA SER QB 222 128.06 46.22 -147.48
C SER QB 222 127.47 45.04 -146.72
N MET QB 223 126.54 44.32 -147.34
CA MET QB 223 125.95 43.15 -146.69
C MET QB 223 126.99 42.05 -146.49
N ILE QB 224 127.85 41.83 -147.49
CA ILE QB 224 128.82 40.75 -147.42
C ILE QB 224 129.96 41.07 -146.46
N GLU QB 225 130.28 42.35 -146.30
CA GLU QB 225 131.47 42.75 -145.54
C GLU QB 225 131.57 42.14 -144.15
N PRO QB 226 130.52 42.09 -143.32
CA PRO QB 226 130.66 41.41 -142.02
C PRO QB 226 130.96 39.93 -142.14
N LEU QB 227 130.68 39.31 -143.29
CA LEU QB 227 130.93 37.90 -143.51
C LEU QB 227 132.08 37.62 -144.47
N ARG QB 228 133.02 38.55 -144.61
CA ARG QB 228 134.08 38.38 -145.60
C ARG QB 228 135.02 37.22 -145.26
N GLU QB 229 135.40 37.12 -143.97
CA GLU QB 229 136.30 36.04 -143.57
C GLU QB 229 135.60 34.70 -143.74
N LEU QB 230 134.27 34.68 -143.63
CA LEU QB 230 133.54 33.44 -143.85
C LEU QB 230 133.43 33.13 -145.34
N LEU QB 231 133.22 34.17 -146.17
CA LEU QB 231 132.96 33.98 -147.62
C LEU QB 231 134.29 33.84 -148.39
N VAL QB 232 135.41 34.16 -147.78
CA VAL QB 232 136.73 34.14 -148.48
C VAL QB 232 137.28 32.70 -148.47
N ASN QB 233 137.50 32.07 -147.31
CA ASN QB 233 138.12 30.76 -147.31
C ASN QB 233 137.12 29.69 -147.69
N PRO QB 234 137.55 28.66 -148.43
CA PRO QB 234 136.66 27.56 -148.77
C PRO QB 234 136.17 26.86 -147.52
N PRO QB 235 134.91 26.41 -147.50
CA PRO QB 235 134.36 25.80 -146.29
C PRO QB 235 135.07 24.50 -145.95
N LEU QB 236 135.15 24.21 -144.66
CA LEU QB 236 135.77 22.98 -144.17
C LEU QB 236 134.74 22.13 -143.44
N GLU QB 237 134.92 20.82 -143.52
CA GLU QB 237 133.99 19.87 -142.91
C GLU QB 237 134.23 19.85 -141.41
N ASN QB 238 133.58 20.80 -140.72
CA ASN QB 238 133.70 20.94 -139.28
C ASN QB 238 132.30 21.14 -138.71
N SER QB 239 132.23 21.47 -137.42
CA SER QB 239 130.97 21.72 -136.75
C SER QB 239 131.03 23.04 -136.01
N ARG QB 240 129.86 23.57 -135.68
CA ARG QB 240 129.80 24.82 -134.92
C ARG QB 240 130.46 24.67 -133.57
N HIS QB 241 130.30 23.50 -132.93
CA HIS QB 241 131.00 23.24 -131.68
C HIS QB 241 132.50 23.29 -131.88
N GLU QB 242 133.01 22.68 -132.96
CA GLU QB 242 134.44 22.71 -133.23
C GLU QB 242 134.92 24.13 -133.50
N ASP QB 243 134.12 24.92 -134.23
CA ASP QB 243 134.51 26.29 -134.54
C ASP QB 243 134.58 27.14 -133.27
N GLN QB 244 133.57 27.03 -132.41
CA GLN QB 244 133.59 27.80 -131.17
C GLN QB 244 134.71 27.32 -130.24
N ASN QB 245 135.00 26.02 -130.24
CA ASN QB 245 136.14 25.53 -129.48
C ASN QB 245 137.45 26.10 -130.00
N TRP QB 246 137.57 26.19 -131.33
CA TRP QB 246 138.76 26.79 -131.93
C TRP QB 246 139.16 28.20 -131.51
N ARG QB 247 138.20 29.13 -131.61
CA ARG QB 247 138.46 30.54 -131.22
C ARG QB 247 138.60 30.60 -129.70
N ASP QB 248 137.88 29.74 -128.98
CA ASP QB 248 138.01 29.71 -127.49
C ASP QB 248 139.46 29.42 -127.12
N ASN QB 249 140.04 28.36 -127.68
CA ASN QB 249 141.45 28.00 -127.39
C ASN QB 249 142.36 29.14 -127.87
N LEU QB 250 142.09 29.67 -129.06
CA LEU QB 250 142.90 30.79 -129.61
C LEU QB 250 142.80 31.98 -128.64
N VAL QB 251 141.58 32.31 -128.19
CA VAL QB 251 141.40 33.42 -127.22
C VAL QB 251 142.29 33.14 -126.00
N ARG QB 252 142.23 31.91 -125.48
CA ARG QB 252 143.06 31.57 -124.32
C ARG QB 252 144.54 31.65 -124.65
N GLN QB 253 144.93 31.28 -125.87
CA GLN QB 253 146.33 31.41 -126.26
C GLN QB 253 146.74 32.87 -126.37
N VAL QB 254 145.83 33.74 -126.80
CA VAL QB 254 146.17 35.15 -126.98
C VAL QB 254 146.46 35.80 -125.64
N GLN QB 255 145.75 35.39 -124.58
CA GLN QB 255 145.88 36.04 -123.28
C GLN QB 255 147.32 36.07 -122.79
N HIS QB 256 148.11 35.06 -123.14
CA HIS QB 256 149.51 35.02 -122.71
C HIS QB 256 150.40 35.73 -123.74
N SER QB 257 150.10 37.02 -123.99
CA SER QB 257 150.89 37.87 -124.90
C SER QB 257 151.15 39.22 -124.22
N GLU QB 258 152.42 39.53 -123.91
CA GLU QB 258 152.77 40.80 -123.21
C GLU QB 258 152.45 42.01 -124.10
N LEU QB 259 151.97 43.11 -123.51
CA LEU QB 259 151.66 44.35 -124.26
C LEU QB 259 152.57 45.48 -123.76
N GLU QB 260 152.55 46.65 -124.43
CA GLU QB 260 153.26 47.83 -123.96
C GLU QB 260 152.23 48.90 -123.61
N LEU QB 261 152.14 49.24 -122.34
CA LEU QB 261 151.18 50.22 -121.85
C LEU QB 261 151.91 51.52 -121.53
N VAL QB 262 151.39 52.63 -122.03
CA VAL QB 262 152.02 53.94 -121.90
C VAL QB 262 151.05 54.87 -121.20
N ALA QB 263 151.52 55.53 -120.14
CA ALA QB 263 150.71 56.48 -119.39
C ALA QB 263 151.11 57.90 -119.78
N ASN QB 264 150.12 58.73 -120.10
CA ASN QB 264 150.35 60.11 -120.48
C ASN QB 264 149.97 60.99 -119.30
N PHE QB 265 150.97 61.67 -118.71
CA PHE QB 265 150.76 62.57 -117.54
C PHE QB 265 150.18 63.90 -117.97
N ALA QB 266 150.73 64.51 -119.03
CA ALA QB 266 150.27 65.83 -119.53
C ALA QB 266 150.51 65.98 -121.04
N ASP QB 267 149.82 66.91 -121.72
CA ASP QB 267 150.03 67.19 -123.13
C ASP QB 267 149.99 68.71 -123.31
N ILE QB 268 151.16 69.33 -123.41
CA ILE QB 268 151.29 70.77 -123.45
C ILE QB 268 151.52 71.20 -124.89
N PRO QB 269 150.83 72.24 -125.42
CA PRO QB 269 151.00 72.69 -126.84
C PRO QB 269 152.01 73.83 -126.94
N LEU QB 270 153.17 73.57 -127.56
CA LEU QB 270 154.19 74.62 -127.78
C LEU QB 270 154.46 74.83 -129.27
N ARG QB 271 154.83 76.04 -129.66
CA ARG QB 271 155.19 76.34 -131.07
C ARG QB 271 156.60 75.80 -131.34
N LEU QB 272 156.95 75.63 -132.61
CA LEU QB 272 158.31 75.19 -132.98
C LEU QB 272 159.34 76.19 -132.44
N SER QB 273 158.99 77.47 -132.46
CA SER QB 273 159.95 78.52 -132.03
C SER QB 273 160.32 78.29 -130.57
N GLN QB 274 159.34 77.95 -129.75
CA GLN QB 274 159.66 77.67 -128.33
C GLN QB 274 160.60 76.46 -128.28
N ILE QB 275 160.37 75.44 -129.10
CA ILE QB 275 161.20 74.20 -128.99
C ILE QB 275 162.69 74.47 -129.26
N LEU QB 276 163.02 75.23 -130.31
CA LEU QB 276 164.44 75.57 -130.54
C LEU QB 276 165.18 76.41 -129.49
N LYS QB 277 164.48 77.40 -128.94
CA LYS QB 277 165.03 78.21 -127.79
C LYS QB 277 164.95 77.40 -126.44
N LEU QB 278 164.15 76.34 -126.52
CA LEU QB 278 163.93 75.52 -125.30
C LEU QB 278 165.35 75.03 -125.03
N LYS QB 279 165.77 75.13 -123.77
CA LYS QB 279 167.10 74.68 -123.33
C LYS QB 279 166.94 74.22 -121.87
N PRO QB 280 167.83 73.40 -121.29
CA PRO QB 280 167.63 72.87 -119.91
C PRO QB 280 167.42 73.98 -118.88
N GLY QB 281 166.60 73.74 -117.85
CA GLY QB 281 166.30 74.68 -116.80
C GLY QB 281 165.00 75.43 -116.96
N ASP QB 282 164.39 75.40 -118.13
CA ASP QB 282 163.14 76.10 -118.36
C ASP QB 282 161.98 75.39 -117.65
N VAL QB 283 160.90 76.13 -117.43
CA VAL QB 283 159.69 75.59 -116.83
C VAL QB 283 158.54 75.82 -117.79
N LEU QB 284 157.87 74.74 -118.17
CA LEU QB 284 156.72 74.81 -119.08
C LEU QB 284 155.46 74.49 -118.28
N PRO QB 285 154.54 75.44 -118.15
CA PRO QB 285 153.41 75.23 -117.23
C PRO QB 285 152.44 74.19 -117.79
N ILE QB 286 151.92 73.36 -116.87
CA ILE QB 286 150.95 72.33 -117.21
C ILE QB 286 149.75 72.49 -116.28
N GLU QB 287 148.64 71.90 -116.70
CA GLU QB 287 147.39 71.97 -115.95
C GLU QB 287 147.24 70.74 -115.06
N LYS QB 288 146.22 70.76 -114.22
CA LYS QB 288 145.95 69.63 -113.34
C LYS QB 288 145.49 68.42 -114.14
N PRO QB 289 146.21 67.29 -114.06
CA PRO QB 289 145.65 66.05 -114.58
C PRO QB 289 144.75 65.39 -113.54
N ASP QB 290 143.43 65.45 -113.75
CA ASP QB 290 142.49 64.76 -112.82
C ASP QB 290 142.65 63.26 -113.00
N ARG QB 291 142.78 62.80 -114.25
CA ARG QB 291 142.94 61.39 -114.54
C ARG QB 291 144.04 61.21 -115.59
N ILE QB 292 144.69 60.05 -115.54
CA ILE QB 292 145.80 59.72 -116.43
C ILE QB 292 145.44 58.65 -117.44
N ILE QB 293 145.49 59.02 -118.73
CA ILE QB 293 145.16 58.08 -119.79
C ILE QB 293 146.31 57.11 -120.08
N ALA QB 294 145.98 55.83 -120.12
CA ALA QB 294 146.93 54.77 -120.43
C ALA QB 294 146.51 54.13 -121.74
N HIS QB 295 147.41 54.15 -122.71
CA HIS QB 295 147.14 53.71 -124.07
C HIS QB 295 148.19 52.71 -124.52
N VAL QB 296 147.77 51.80 -125.39
CA VAL QB 296 148.67 50.81 -126.00
C VAL QB 296 148.76 51.15 -127.48
N ASP QB 297 149.95 51.60 -127.90
CA ASP QB 297 150.21 51.95 -129.30
C ASP QB 297 149.21 52.98 -129.80
N GLY QB 298 148.83 53.92 -128.93
CA GLY QB 298 147.93 54.98 -129.33
C GLY QB 298 146.52 54.81 -128.79
N VAL QB 299 146.01 53.59 -128.78
CA VAL QB 299 144.63 53.33 -128.38
C VAL QB 299 144.52 53.39 -126.86
N PRO QB 300 143.71 54.30 -126.32
CA PRO QB 300 143.61 54.40 -124.86
C PRO QB 300 142.84 53.23 -124.27
N VAL QB 301 143.36 52.71 -123.15
CA VAL QB 301 142.79 51.52 -122.54
C VAL QB 301 142.34 51.80 -121.11
N LEU QB 302 142.99 52.73 -120.43
CA LEU QB 302 142.76 52.92 -119.00
C LEU QB 302 142.78 54.43 -118.78
N THR QB 303 142.07 54.85 -117.73
CA THR QB 303 142.27 56.15 -117.10
C THR QB 303 142.40 55.86 -115.62
N SER QB 304 143.47 56.37 -115.00
CA SER QB 304 143.83 55.97 -113.65
C SER QB 304 144.60 57.15 -113.08
N GLN QB 305 144.56 57.27 -111.75
CA GLN QB 305 145.09 58.42 -111.03
C GLN QB 305 146.55 58.07 -110.78
N TYR QB 306 147.43 59.07 -110.91
CA TYR QB 306 148.85 58.83 -110.72
C TYR QB 306 149.18 58.67 -109.24
N GLY QB 307 150.33 58.07 -108.98
CA GLY QB 307 150.78 57.86 -107.62
C GLY QB 307 152.17 57.26 -107.61
N THR QB 308 152.70 57.09 -106.40
CA THR QB 308 154.00 56.50 -106.20
C THR QB 308 153.87 55.36 -105.19
N VAL QB 309 154.32 54.17 -105.58
CA VAL QB 309 154.25 52.99 -104.72
C VAL QB 309 155.56 52.22 -104.86
N ASN QB 310 156.16 51.87 -103.72
CA ASN QB 310 157.39 51.09 -103.67
C ASN QB 310 158.51 51.74 -104.47
N GLY QB 311 158.56 53.07 -104.41
CA GLY QB 311 159.55 53.80 -105.19
C GLY QB 311 159.31 53.79 -106.68
N GLN QB 312 158.16 53.29 -107.12
CA GLN QB 312 157.82 53.21 -108.53
C GLN QB 312 156.66 54.14 -108.85
N TYR QB 313 156.67 54.71 -110.05
CA TYR QB 313 155.54 55.48 -110.52
C TYR QB 313 154.34 54.54 -110.70
N ALA QB 314 153.29 54.78 -109.93
CA ALA QB 314 152.14 53.88 -109.90
C ALA QB 314 150.90 54.58 -110.41
N LEU QB 315 149.93 53.78 -110.83
CA LEU QB 315 148.63 54.29 -111.27
C LEU QB 315 147.53 53.50 -110.58
N ARG QB 316 146.60 54.22 -109.97
CA ARG QB 316 145.43 53.61 -109.34
C ARG QB 316 144.33 53.55 -110.38
N VAL QB 317 144.07 52.34 -110.90
CA VAL QB 317 143.15 52.19 -112.01
C VAL QB 317 141.75 52.60 -111.58
N GLU QB 318 141.17 53.51 -112.31
CA GLU QB 318 139.81 53.96 -112.05
C GLU QB 318 138.76 53.41 -113.00
N HIS QB 319 139.08 53.26 -114.30
CA HIS QB 319 138.04 52.85 -115.27
C HIS QB 319 138.62 52.27 -116.55
N LEU QB 320 138.24 51.04 -116.90
CA LEU QB 320 138.61 50.46 -118.19
C LEU QB 320 137.73 51.07 -119.27
N ILE QB 321 138.36 51.56 -120.33
CA ILE QB 321 137.61 52.30 -121.35
C ILE QB 321 136.89 51.33 -122.26
N ASN QB 322 135.65 51.00 -121.92
CA ASN QB 322 134.83 50.16 -122.77
C ASN QB 322 134.24 50.99 -123.91
N PRO QB 323 133.98 50.36 -125.07
CA PRO QB 323 133.37 51.07 -126.19
C PRO QB 323 131.85 51.05 -126.15
N GLN RB 52 165.65 75.45 -148.92
CA GLN RB 52 166.01 75.40 -147.51
C GLN RB 52 165.57 76.66 -146.79
N ASP RB 53 164.28 76.75 -146.49
CA ASP RB 53 163.70 77.91 -145.84
C ASP RB 53 163.72 77.72 -144.32
N ILE RB 54 163.62 78.82 -143.60
CA ILE RB 54 163.69 78.77 -142.14
C ILE RB 54 162.47 79.43 -141.53
N ASP RB 55 162.12 80.64 -141.99
CA ASP RB 55 160.91 81.34 -141.48
C ASP RB 55 159.66 80.59 -141.92
N LEU RB 56 159.76 79.74 -142.94
CA LEU RB 56 158.58 79.02 -143.49
C LEU RB 56 157.97 78.10 -142.42
N ILE RB 57 158.80 77.40 -141.63
CA ILE RB 57 158.32 76.44 -140.60
C ILE RB 57 158.68 76.97 -139.22
N MET RB 58 159.05 78.24 -139.10
CA MET RB 58 159.48 78.82 -137.83
C MET RB 58 158.31 78.93 -136.87
N ASP RB 59 157.08 78.81 -137.36
CA ASP RB 59 155.87 79.07 -136.59
C ASP RB 59 154.96 77.85 -136.45
N ILE RB 60 155.31 76.73 -137.04
CA ILE RB 60 154.44 75.55 -137.03
C ILE RB 60 154.28 75.04 -135.60
N PRO RB 61 153.07 74.72 -135.15
CA PRO RB 61 152.91 74.22 -133.79
C PRO RB 61 153.19 72.73 -133.68
N VAL RB 62 153.64 72.31 -132.50
CA VAL RB 62 153.93 70.92 -132.21
C VAL RB 62 153.25 70.72 -130.87
N LYS RB 63 152.92 69.45 -130.58
CA LYS RB 63 152.29 69.05 -129.31
C LYS RB 63 153.30 68.21 -128.54
N LEU RB 64 153.54 68.50 -127.28
CA LEU RB 64 154.54 67.81 -126.48
C LEU RB 64 153.82 66.98 -125.42
N THR RB 65 154.24 65.73 -125.25
CA THR RB 65 153.65 64.83 -124.28
C THR RB 65 154.72 64.40 -123.29
N VAL RB 66 154.30 64.12 -122.06
CA VAL RB 66 155.17 63.63 -121.01
C VAL RB 66 154.57 62.37 -120.41
N GLU RB 67 155.41 61.39 -120.09
CA GLU RB 67 154.96 60.11 -119.61
C GLU RB 67 155.16 59.90 -118.12
N LEU RB 68 154.37 59.04 -117.52
CA LEU RB 68 154.68 58.60 -116.16
C LEU RB 68 155.78 57.56 -116.26
N GLY RB 69 155.59 56.55 -117.12
CA GLY RB 69 156.61 55.54 -117.30
C GLY RB 69 156.15 54.44 -118.22
N ARG RB 70 157.11 53.62 -118.63
CA ARG RB 70 156.84 52.42 -119.42
C ARG RB 70 156.37 51.33 -118.48
N THR RB 71 155.75 50.30 -119.05
CA THR RB 71 155.50 49.05 -118.35
C THR RB 71 154.99 48.15 -119.45
N ARG RB 72 155.20 46.85 -119.30
CA ARG RB 72 154.82 45.85 -120.28
C ARG RB 72 154.08 44.78 -119.49
N MET RB 73 152.83 44.52 -119.84
CA MET RB 73 151.94 43.72 -119.02
C MET RB 73 151.00 43.07 -120.02
N THR RB 74 150.68 41.79 -119.82
CA THR RB 74 149.96 40.98 -120.83
C THR RB 74 148.47 41.21 -120.79
N ILE RB 75 147.76 40.54 -121.69
CA ILE RB 75 146.27 40.66 -121.78
C ILE RB 75 145.67 40.14 -120.47
N LYS RB 76 146.21 39.09 -119.87
CA LYS RB 76 145.65 38.49 -118.63
C LYS RB 76 145.43 39.55 -117.54
N GLU RB 77 146.49 40.18 -117.02
CA GLU RB 77 146.42 41.21 -115.98
C GLU RB 77 145.60 42.43 -116.38
N LEU RB 78 145.68 42.83 -117.66
CA LEU RB 78 144.84 43.92 -118.14
C LEU RB 78 143.34 43.66 -118.04
N LEU RB 79 142.93 42.43 -118.33
CA LEU RB 79 141.51 42.09 -118.20
C LEU RB 79 140.98 41.94 -116.79
N ARG RB 80 141.84 41.55 -115.84
CA ARG RB 80 141.42 41.44 -114.45
C ARG RB 80 141.75 42.69 -113.57
N LEU RB 81 142.12 43.76 -114.25
CA LEU RB 81 142.37 45.03 -113.57
C LEU RB 81 140.96 45.47 -113.21
N THR RB 82 140.79 45.92 -111.97
CA THR RB 82 139.47 46.33 -111.49
C THR RB 82 139.64 47.76 -111.00
N GLN RB 83 138.54 48.36 -110.54
CA GLN RB 83 138.65 49.72 -109.98
C GLN RB 83 139.45 49.68 -108.70
N GLY RB 84 140.33 50.65 -108.51
CA GLY RB 84 141.16 50.71 -107.32
C GLY RB 84 142.42 49.89 -107.40
N SER RB 85 142.57 49.06 -108.43
CA SER RB 85 143.79 48.29 -108.59
C SER RB 85 144.95 49.21 -108.95
N VAL RB 86 146.14 48.85 -108.46
CA VAL RB 86 147.34 49.66 -108.61
C VAL RB 86 148.33 48.91 -109.49
N VAL RB 87 148.87 49.60 -110.50
CA VAL RB 87 149.87 49.04 -111.39
C VAL RB 87 151.09 49.96 -111.37
N ALA RB 88 152.30 49.38 -111.32
CA ALA RB 88 153.55 50.17 -111.26
C ALA RB 88 153.97 50.63 -112.66
N LEU RB 89 155.21 51.12 -112.79
CA LEU RB 89 155.79 51.60 -114.08
C LEU RB 89 157.25 51.21 -114.01
N ASP RB 90 158.02 51.35 -115.08
CA ASP RB 90 159.45 50.90 -115.14
C ASP RB 90 160.39 51.94 -114.52
N GLY RB 91 159.90 53.13 -114.13
CA GLY RB 91 160.73 54.18 -113.57
C GLY RB 91 160.64 54.43 -112.07
N LEU RB 92 161.81 54.57 -111.45
CA LEU RB 92 161.86 54.92 -110.04
C LEU RB 92 161.25 56.31 -109.84
N ALA RB 93 160.58 56.49 -108.71
CA ALA RB 93 159.97 57.78 -108.40
C ALA RB 93 161.07 58.79 -108.16
N GLY RB 94 161.34 59.65 -109.15
CA GLY RB 94 162.39 60.62 -109.02
C GLY RB 94 163.17 60.88 -110.29
N GLU RB 95 163.20 59.89 -111.21
CA GLU RB 95 163.89 60.12 -112.46
C GLU RB 95 163.13 61.13 -113.30
N PRO RB 96 163.82 61.88 -114.16
CA PRO RB 96 163.12 62.84 -115.04
C PRO RB 96 162.29 62.09 -116.08
N LEU RB 97 161.07 62.57 -116.28
CA LEU RB 97 160.18 61.97 -117.27
C LEU RB 97 160.65 62.33 -118.68
N ASP RB 98 160.23 61.51 -119.65
CA ASP RB 98 160.67 61.72 -121.05
C ASP RB 98 159.65 62.57 -121.80
N ILE RB 99 160.10 63.68 -122.38
CA ILE RB 99 159.20 64.56 -123.19
C ILE RB 99 159.30 64.11 -124.65
N LEU RB 100 158.16 63.97 -125.34
CA LEU RB 100 158.18 63.44 -126.73
C LEU RB 100 157.31 64.30 -127.66
N ILE RB 101 157.64 64.35 -128.96
CA ILE RB 101 156.79 65.08 -129.95
C ILE RB 101 156.51 64.11 -131.11
N ASN RB 102 155.24 63.94 -131.48
CA ASN RB 102 154.87 63.05 -132.62
C ASN RB 102 155.52 61.68 -132.35
N GLY RB 103 155.56 61.26 -131.08
CA GLY RB 103 156.10 59.93 -130.71
C GLY RB 103 157.61 59.87 -130.82
N TYR RB 104 158.29 61.01 -130.89
CA TYR RB 104 159.78 61.08 -131.05
C TYR RB 104 160.39 61.75 -129.84
N LEU RB 105 161.42 61.16 -129.23
CA LEU RB 105 161.99 61.70 -127.98
C LEU RB 105 162.52 63.11 -128.30
N ILE RB 106 162.30 64.05 -127.38
CA ILE RB 106 162.75 65.47 -127.60
C ILE RB 106 163.44 66.00 -126.34
N ALA RB 107 163.08 65.57 -125.13
CA ALA RB 107 163.64 66.18 -123.92
C ALA RB 107 163.41 65.28 -122.72
N GLN RB 108 163.85 65.75 -121.55
CA GLN RB 108 163.58 65.10 -120.28
C GLN RB 108 163.38 66.16 -119.20
N GLY RB 109 162.37 65.94 -118.36
CA GLY RB 109 162.08 66.85 -117.27
C GLY RB 109 161.06 66.26 -116.32
N GLU RB 110 161.02 66.83 -115.11
CA GLU RB 110 160.11 66.39 -114.07
C GLU RB 110 159.14 67.49 -113.70
N VAL RB 111 158.07 67.10 -113.01
CA VAL RB 111 157.05 68.04 -112.57
C VAL RB 111 157.53 68.73 -111.30
N VAL RB 112 157.24 70.03 -111.20
CA VAL RB 112 157.63 70.85 -110.05
C VAL RB 112 156.44 71.66 -109.56
N VAL RB 113 156.32 71.80 -108.24
CA VAL RB 113 155.28 72.60 -107.62
C VAL RB 113 155.82 73.94 -107.15
N VAL RB 114 155.32 75.04 -107.70
CA VAL RB 114 155.88 76.34 -107.36
C VAL RB 114 155.03 76.97 -106.27
N ALA RB 115 153.79 77.29 -106.63
CA ALA RB 115 152.81 77.79 -105.66
C ALA RB 115 151.56 76.90 -105.52
N ASP RB 116 150.67 76.99 -106.51
CA ASP RB 116 149.49 76.08 -106.56
C ASP RB 116 149.41 75.77 -108.06
N LYS RB 117 150.56 75.75 -108.74
CA LYS RB 117 150.59 75.56 -110.22
C LYS RB 117 151.64 74.50 -110.58
N TYR RB 118 151.47 73.84 -111.73
CA TYR RB 118 152.41 72.75 -112.10
C TYR RB 118 153.13 73.02 -113.41
N GLY RB 119 154.33 72.47 -113.56
CA GLY RB 119 155.09 72.58 -114.79
C GLY RB 119 156.24 71.61 -114.82
N VAL RB 120 156.82 71.44 -116.01
CA VAL RB 120 157.90 70.50 -116.23
C VAL RB 120 159.19 71.30 -116.22
N ARG RB 121 160.16 70.84 -115.45
CA ARG RB 121 161.47 71.47 -115.34
C ARG RB 121 162.41 70.59 -116.16
N ILE RB 122 162.73 71.02 -117.37
CA ILE RB 122 163.51 70.22 -118.29
C ILE RB 122 164.94 70.10 -117.77
N THR RB 123 165.47 68.88 -117.76
CA THR RB 123 166.81 68.62 -117.25
C THR RB 123 167.88 68.75 -118.32
N ASP RB 124 167.64 68.23 -119.52
CA ASP RB 124 168.65 68.25 -120.56
C ASP RB 124 167.98 68.02 -121.91
N ILE RB 125 168.78 68.14 -122.97
CA ILE RB 125 168.35 67.88 -124.34
C ILE RB 125 169.18 66.70 -124.85
N ILE RB 126 168.50 65.68 -125.34
CA ILE RB 126 169.18 64.45 -125.75
C ILE RB 126 169.82 64.64 -127.12
N THR RB 127 171.14 64.52 -127.17
CA THR RB 127 171.87 64.47 -128.42
C THR RB 127 171.62 63.12 -129.10
N PRO RB 128 171.83 63.03 -130.42
CA PRO RB 128 171.60 61.76 -131.11
C PRO RB 128 172.36 60.59 -130.51
N SER RB 129 173.60 60.82 -130.05
CA SER RB 129 174.40 59.74 -129.47
C SER RB 129 173.62 59.08 -128.35
N GLU RB 130 173.11 59.88 -127.42
CA GLU RB 130 172.23 59.33 -126.40
C GLU RB 130 171.02 58.62 -126.98
N ARG RB 131 170.35 59.25 -127.96
CA ARG RB 131 169.21 58.58 -128.63
C ARG RB 131 169.62 57.21 -129.15
N MET RB 132 170.83 57.10 -129.71
CA MET RB 132 171.27 55.81 -130.31
C MET RB 132 171.36 54.74 -129.22
N ARG RB 133 171.88 55.09 -128.04
CA ARG RB 133 172.00 54.12 -126.92
C ARG RB 133 170.60 53.86 -126.33
N ARG RB 134 169.69 54.79 -126.56
CA ARG RB 134 168.29 54.67 -126.04
C ARG RB 134 167.70 53.47 -126.83
N LEU RB 135 167.77 53.56 -128.16
CA LEU RB 135 167.36 52.42 -129.01
C LEU RB 135 168.16 51.13 -128.79
N SER RB 136 169.46 51.26 -128.56
CA SER RB 136 170.33 50.07 -128.40
C SER RB 136 170.06 49.38 -127.06
N ARG RB 137 169.64 50.14 -126.03
CA ARG RB 137 169.47 49.49 -124.73
C ARG RB 137 168.25 50.05 -124.00
N ASP SB 53 171.82 73.54 -133.09
CA ASP SB 53 170.44 73.53 -132.59
C ASP SB 53 169.43 73.27 -133.71
N ILE SB 54 169.81 73.62 -134.94
CA ILE SB 54 168.94 73.36 -136.09
C ILE SB 54 168.84 71.85 -136.24
N ASP SB 55 169.93 71.14 -135.96
CA ASP SB 55 169.94 69.69 -136.09
C ASP SB 55 168.87 69.01 -135.25
N LEU SB 56 168.59 69.56 -134.07
CA LEU SB 56 167.53 69.01 -133.22
C LEU SB 56 166.13 69.03 -133.83
N ILE SB 57 165.81 70.14 -134.50
CA ILE SB 57 164.45 70.30 -135.09
C ILE SB 57 164.53 70.10 -136.61
N MET SB 58 165.52 69.35 -137.10
CA MET SB 58 165.67 69.16 -138.53
C MET SB 58 165.23 67.72 -138.74
N ASP SB 59 165.05 66.96 -137.64
CA ASP SB 59 164.72 65.51 -137.77
C ASP SB 59 163.31 65.17 -137.28
N ILE SB 60 162.72 66.01 -136.41
CA ILE SB 60 161.41 65.71 -135.82
C ILE SB 60 160.25 65.41 -136.76
N PRO SB 61 159.43 64.36 -136.51
CA PRO SB 61 158.23 64.06 -137.32
C PRO SB 61 157.16 65.11 -137.10
N VAL SB 62 156.27 65.29 -138.07
CA VAL SB 62 155.18 66.26 -137.98
C VAL SB 62 154.10 65.66 -138.87
N LYS SB 63 152.86 66.08 -138.63
CA LYS SB 63 151.72 65.53 -139.34
C LYS SB 63 151.32 66.54 -140.41
N LEU SB 64 151.18 66.06 -141.65
CA LEU SB 64 150.84 66.92 -142.78
C LEU SB 64 149.47 66.50 -143.29
N THR SB 65 148.65 67.47 -143.65
CA THR SB 65 147.33 67.22 -144.22
C THR SB 65 147.12 68.16 -145.39
N VAL SB 66 146.20 67.79 -146.27
CA VAL SB 66 145.77 68.67 -147.36
C VAL SB 66 144.25 68.62 -147.42
N GLU SB 67 143.60 69.78 -147.38
CA GLU SB 67 142.15 69.82 -147.32
C GLU SB 67 141.59 70.18 -148.68
N LEU SB 68 140.58 69.43 -149.15
CA LEU SB 68 140.02 69.62 -150.51
C LEU SB 68 138.84 70.60 -150.51
N GLY SB 69 138.12 70.74 -149.40
CA GLY SB 69 136.89 71.56 -149.37
C GLY SB 69 136.76 72.36 -148.09
N ARG SB 70 135.89 73.38 -148.11
CA ARG SB 70 135.63 74.23 -146.93
C ARG SB 70 134.21 74.82 -147.09
N THR SB 71 133.31 74.57 -146.12
CA THR SB 71 131.92 75.04 -146.19
C THR SB 71 131.52 75.47 -144.81
N ARG SB 72 130.69 76.49 -144.67
CA ARG SB 72 130.09 76.93 -143.40
C ARG SB 72 128.63 76.53 -143.36
N MET SB 73 128.24 75.88 -142.25
CA MET SB 73 126.86 75.37 -142.17
C MET SB 73 126.27 75.52 -140.77
N THR SB 74 124.95 75.54 -140.67
CA THR SB 74 124.21 75.61 -139.41
C THR SB 74 123.87 74.15 -139.10
N ILE SB 75 123.16 73.93 -137.99
CA ILE SB 75 122.91 72.52 -137.59
C ILE SB 75 121.63 72.01 -138.25
N LYS SB 76 120.70 72.93 -138.51
CA LYS SB 76 119.52 72.52 -139.28
C LYS SB 76 120.12 71.84 -140.50
N GLU SB 77 121.07 72.52 -141.16
CA GLU SB 77 121.66 71.97 -142.39
C GLU SB 77 122.42 70.66 -142.13
N LEU SB 78 123.23 70.60 -141.07
CA LEU SB 78 124.05 69.38 -140.83
C LEU SB 78 123.15 68.17 -140.53
N LEU SB 79 122.14 68.36 -139.70
CA LEU SB 79 121.18 67.29 -139.34
C LEU SB 79 120.42 66.86 -140.60
N ARG SB 80 120.06 67.82 -141.44
CA ARG SB 80 119.25 67.54 -142.64
C ARG SB 80 120.03 66.57 -143.54
N LEU SB 81 121.35 66.74 -143.66
CA LEU SB 81 122.18 65.79 -144.44
C LEU SB 81 121.75 64.36 -144.04
N THR SB 82 121.54 63.45 -145.00
CA THR SB 82 121.25 62.03 -144.68
C THR SB 82 122.27 61.17 -145.38
N GLN SB 83 121.97 59.89 -145.59
CA GLN SB 83 122.90 59.06 -146.34
C GLN SB 83 122.76 59.35 -147.83
N GLY SB 84 123.89 59.56 -148.49
CA GLY SB 84 123.88 59.88 -149.90
C GLY SB 84 123.69 61.35 -150.21
N SER SB 85 123.50 62.20 -149.21
CA SER SB 85 123.33 63.63 -149.47
C SER SB 85 124.63 64.23 -149.97
N VAL SB 86 124.52 65.12 -150.95
CA VAL SB 86 125.67 65.78 -151.55
C VAL SB 86 125.80 67.16 -150.92
N VAL SB 87 126.99 67.46 -150.40
CA VAL SB 87 127.27 68.74 -149.76
C VAL SB 87 128.17 69.53 -150.69
N ALA SB 88 127.70 70.69 -151.13
CA ALA SB 88 128.50 71.55 -151.99
C ALA SB 88 129.65 72.22 -151.24
N LEU SB 89 130.75 72.44 -151.95
CA LEU SB 89 131.92 73.11 -151.41
C LEU SB 89 132.22 74.52 -151.89
N ASP SB 90 132.46 75.43 -150.96
CA ASP SB 90 132.74 76.81 -151.34
C ASP SB 90 133.90 76.90 -152.39
N GLY SB 91 134.90 76.06 -152.19
CA GLY SB 91 135.95 75.91 -153.16
C GLY SB 91 135.65 75.50 -154.60
N LEU SB 92 136.01 76.35 -155.55
CA LEU SB 92 135.79 76.04 -156.95
C LEU SB 92 136.74 74.92 -157.40
N ALA SB 93 136.38 74.26 -158.49
CA ALA SB 93 137.23 73.22 -159.03
C ALA SB 93 138.52 73.81 -159.59
N GLY SB 94 139.64 73.16 -159.28
CA GLY SB 94 140.93 73.58 -159.79
C GLY SB 94 141.66 74.59 -158.95
N GLU SB 95 141.02 75.17 -157.95
CA GLU SB 95 141.71 76.13 -157.08
C GLU SB 95 142.75 75.41 -156.22
N PRO SB 96 143.86 76.03 -155.79
CA PRO SB 96 144.90 75.30 -155.02
C PRO SB 96 144.36 74.82 -153.66
N LEU SB 97 144.48 73.52 -153.36
CA LEU SB 97 144.04 72.95 -152.06
C LEU SB 97 144.90 73.53 -150.93
N ASP SB 98 144.34 73.82 -149.76
CA ASP SB 98 145.21 74.27 -148.63
C ASP SB 98 146.05 73.08 -148.16
N ILE SB 99 147.31 73.28 -147.78
CA ILE SB 99 148.16 72.27 -147.16
C ILE SB 99 148.49 72.74 -145.75
N LEU SB 100 148.17 71.92 -144.77
CA LEU SB 100 148.27 72.28 -143.37
C LEU SB 100 149.28 71.38 -142.67
N ILE SB 101 149.98 71.95 -141.69
CA ILE SB 101 150.93 71.22 -140.87
C ILE SB 101 150.44 71.35 -139.42
N ASN SB 102 149.97 70.25 -138.85
CA ASN SB 102 149.38 70.27 -137.51
C ASN SB 102 148.25 71.28 -137.44
N GLY SB 103 147.49 71.40 -138.52
CA GLY SB 103 146.41 72.36 -138.59
C GLY SB 103 146.82 73.78 -138.93
N TYR SB 104 148.07 74.00 -139.31
CA TYR SB 104 148.58 75.33 -139.63
C TYR SB 104 148.84 75.42 -141.12
N LEU SB 105 148.20 76.39 -141.78
CA LEU SB 105 148.34 76.53 -143.23
C LEU SB 105 149.71 77.12 -143.57
N ILE SB 106 150.41 76.49 -144.51
CA ILE SB 106 151.71 76.99 -144.93
C ILE SB 106 151.79 77.14 -146.44
N ALA SB 107 150.95 76.41 -147.17
CA ALA SB 107 151.13 76.34 -148.62
C ALA SB 107 149.82 76.02 -149.32
N GLN SB 108 149.81 76.26 -150.63
CA GLN SB 108 148.69 75.96 -151.49
C GLN SB 108 149.17 75.16 -152.69
N GLY SB 109 148.40 74.16 -153.08
CA GLY SB 109 148.74 73.35 -154.23
C GLY SB 109 147.67 72.47 -154.82
N GLU SB 110 147.82 72.16 -156.11
CA GLU SB 110 146.84 71.33 -156.80
C GLU SB 110 146.86 69.85 -156.52
N VAL SB 111 145.78 69.17 -156.85
CA VAL SB 111 145.57 67.77 -156.48
C VAL SB 111 146.11 67.03 -157.70
N VAL SB 112 146.87 65.96 -157.43
CA VAL SB 112 147.39 65.09 -158.47
C VAL SB 112 147.58 63.70 -157.86
N VAL SB 113 147.34 62.66 -158.65
CA VAL SB 113 147.45 61.29 -158.19
C VAL SB 113 148.65 60.63 -158.85
N VAL SB 114 149.50 60.01 -158.03
CA VAL SB 114 150.75 59.38 -158.54
C VAL SB 114 150.79 57.90 -158.10
N ALA SB 115 150.94 56.97 -159.05
CA ALA SB 115 151.07 55.53 -158.71
C ALA SB 115 149.86 55.04 -157.91
N ASP SB 116 148.66 55.53 -158.24
CA ASP SB 116 147.39 55.08 -157.60
C ASP SB 116 147.33 55.51 -156.13
N LYS SB 117 148.11 56.51 -155.73
CA LYS SB 117 148.08 57.03 -154.34
C LYS SB 117 147.84 58.54 -154.42
N TYR SB 118 146.96 59.07 -153.57
CA TYR SB 118 146.70 60.53 -153.56
C TYR SB 118 147.96 61.36 -153.38
N GLY SB 119 147.99 62.56 -153.96
CA GLY SB 119 149.14 63.44 -153.81
C GLY SB 119 148.75 64.88 -154.07
N VAL SB 120 149.72 65.76 -153.93
CA VAL SB 120 149.50 67.19 -154.14
C VAL SB 120 150.82 67.82 -154.58
N ARG SB 121 150.74 68.69 -155.57
CA ARG SB 121 151.88 69.46 -156.04
C ARG SB 121 151.91 70.84 -155.41
N ILE SB 122 153.00 71.17 -154.74
CA ILE SB 122 153.10 72.45 -154.04
C ILE SB 122 153.21 73.58 -155.05
N THR SB 123 152.08 74.24 -155.32
CA THR SB 123 152.10 75.36 -156.25
C THR SB 123 152.85 76.54 -155.65
N ASP SB 124 152.55 76.89 -154.40
CA ASP SB 124 153.24 78.01 -153.78
C ASP SB 124 153.15 77.90 -152.27
N ILE SB 125 154.01 78.65 -151.59
CA ILE SB 125 153.95 78.79 -150.14
C ILE SB 125 153.41 80.18 -149.83
N ILE SB 126 152.35 80.23 -149.03
CA ILE SB 126 151.70 81.50 -148.74
C ILE SB 126 152.53 82.29 -147.75
N THR SB 127 152.85 83.52 -148.11
CA THR SB 127 153.44 84.52 -147.25
C THR SB 127 152.37 85.10 -146.32
N PRO SB 128 152.72 85.50 -145.09
CA PRO SB 128 151.68 85.89 -144.12
C PRO SB 128 150.85 87.08 -144.57
N SER SB 129 151.10 87.63 -145.76
CA SER SB 129 150.26 88.72 -146.26
C SER SB 129 148.87 88.15 -146.50
N GLU SB 130 148.77 86.91 -146.98
CA GLU SB 130 147.44 86.31 -147.33
C GLU SB 130 146.70 85.83 -146.08
N ARG SB 131 147.39 85.70 -144.95
CA ARG SB 131 146.80 85.19 -143.72
C ARG SB 131 145.75 86.17 -143.20
N MET SB 132 146.05 87.47 -143.29
CA MET SB 132 145.00 88.46 -142.92
C MET SB 132 143.75 88.15 -143.73
N ARG SB 133 143.91 87.96 -145.05
CA ARG SB 133 142.76 87.67 -145.95
C ARG SB 133 142.12 86.29 -145.71
N ARG SB 134 142.88 85.37 -145.09
CA ARG SB 134 142.33 84.02 -144.77
C ARG SB 134 141.23 84.17 -143.71
N LEU SB 135 141.14 85.35 -143.10
CA LEU SB 135 140.11 85.60 -142.06
C LEU SB 135 139.45 86.97 -142.32
N ALA TB 37 138.89 95.04 -107.93
CA ALA TB 37 137.98 94.22 -107.14
C ALA TB 37 136.55 94.36 -107.64
N VAL TB 38 136.40 94.85 -108.87
CA VAL TB 38 135.08 95.03 -109.47
C VAL TB 38 134.40 93.69 -109.72
N PHE TB 39 135.12 92.73 -110.27
CA PHE TB 39 134.55 91.42 -110.57
C PHE TB 39 134.23 90.68 -109.28
N GLN TB 40 133.09 90.01 -109.26
CA GLN TB 40 132.65 89.26 -108.08
C GLN TB 40 133.08 87.82 -108.24
N GLN TB 41 133.63 87.25 -107.17
CA GLN TB 41 134.21 85.92 -107.23
C GLN TB 41 133.17 84.80 -107.21
N LEU TB 42 133.00 84.14 -108.34
CA LEU TB 42 132.06 83.03 -108.49
C LEU TB 42 132.69 81.68 -108.19
N GLY TB 43 131.96 80.86 -107.44
CA GLY TB 43 132.46 79.54 -107.09
C GLY TB 43 131.32 78.65 -106.65
N GLY TB 44 131.59 77.34 -106.66
CA GLY TB 44 130.58 76.37 -106.30
C GLY TB 44 129.40 76.35 -107.23
N GLY TB 45 129.62 76.48 -108.53
CA GLY TB 45 128.54 76.51 -109.49
C GLY TB 45 128.32 75.19 -110.18
N ASP TB 46 128.94 74.13 -109.68
CA ASP TB 46 128.78 72.79 -110.24
C ASP TB 46 127.50 72.17 -109.70
N VAL TB 47 126.38 72.69 -110.18
CA VAL TB 47 125.07 72.23 -109.72
C VAL TB 47 124.81 70.82 -110.23
N SER TB 48 124.73 70.66 -111.54
CA SER TB 48 124.49 69.37 -112.17
C SER TB 48 124.76 69.51 -113.65
N GLY TB 49 124.66 68.39 -114.37
CA GLY TB 49 124.83 68.39 -115.80
C GLY TB 49 123.94 67.38 -116.50
N ALA TB 50 123.15 67.84 -117.46
CA ALA TB 50 122.26 66.96 -118.20
C ALA TB 50 122.02 67.56 -119.58
N MET TB 51 122.18 66.75 -120.62
CA MET TB 51 121.90 67.21 -121.97
C MET TB 51 120.44 67.61 -122.08
N GLN TB 52 120.20 68.77 -122.70
CA GLN TB 52 118.84 69.29 -122.77
C GLN TB 52 118.24 68.78 -124.07
N ASP TB 53 118.76 69.26 -125.20
CA ASP TB 53 118.29 68.92 -126.53
C ASP TB 53 119.22 69.59 -127.52
N ILE TB 54 119.16 69.17 -128.78
CA ILE TB 54 120.10 69.66 -129.78
C ILE TB 54 119.56 70.84 -130.60
N ASP TB 55 118.39 71.34 -130.23
CA ASP TB 55 117.80 72.50 -130.90
C ASP TB 55 118.02 73.82 -130.15
N LEU TB 56 118.47 73.75 -128.91
CA LEU TB 56 118.79 75.00 -128.16
C LEU TB 56 120.00 75.60 -128.86
N ILE TB 57 120.91 74.75 -129.33
CA ILE TB 57 122.20 75.19 -129.97
C ILE TB 57 122.11 75.11 -131.50
N MET TB 58 120.94 74.87 -132.08
CA MET TB 58 120.88 74.59 -133.55
C MET TB 58 121.46 75.58 -134.56
N ASP TB 59 120.95 76.82 -134.57
CA ASP TB 59 121.40 77.81 -135.58
C ASP TB 59 122.76 78.36 -135.15
N ILE TB 60 123.71 77.47 -134.87
CA ILE TB 60 125.09 77.93 -134.54
C ILE TB 60 125.97 77.50 -135.72
N PRO TB 61 126.76 78.40 -136.33
CA PRO TB 61 127.54 78.05 -137.55
C PRO TB 61 128.57 76.98 -137.21
N VAL TB 62 128.73 76.02 -138.12
CA VAL TB 62 129.75 74.95 -137.92
C VAL TB 62 130.80 75.14 -139.01
N LYS TB 63 132.04 74.73 -138.75
CA LYS TB 63 133.09 74.87 -139.76
C LYS TB 63 133.30 73.49 -140.40
N LEU TB 64 132.63 73.25 -141.51
CA LEU TB 64 132.75 71.96 -142.19
C LEU TB 64 133.92 71.99 -143.15
N THR TB 65 134.70 70.91 -143.15
CA THR TB 65 135.89 70.80 -143.97
C THR TB 65 136.08 69.35 -144.40
N VAL TB 66 136.23 69.14 -145.70
CA VAL TB 66 136.55 67.83 -146.25
C VAL TB 66 138.05 67.71 -146.47
N GLU TB 67 138.61 66.56 -146.08
CA GLU TB 67 140.05 66.33 -146.15
C GLU TB 67 140.46 65.38 -147.25
N LEU TB 68 141.44 65.81 -148.07
CA LEU TB 68 141.83 65.01 -149.23
C LEU TB 68 142.65 63.82 -148.76
N GLY TB 69 143.63 64.07 -147.89
CA GLY TB 69 144.50 62.98 -147.45
C GLY TB 69 145.39 63.37 -146.30
N ARG TB 70 146.15 62.38 -145.85
CA ARG TB 70 147.05 62.52 -144.73
C ARG TB 70 148.39 61.93 -145.16
N THR TB 71 149.43 62.23 -144.40
CA THR TB 71 150.74 61.66 -144.57
C THR TB 71 151.59 62.06 -143.38
N ARG TB 72 152.20 61.09 -142.72
CA ARG TB 72 153.15 61.37 -141.65
C ARG TB 72 154.51 61.56 -142.29
N MET TB 73 155.10 62.73 -142.07
CA MET TB 73 156.36 63.08 -142.69
C MET TB 73 157.13 63.99 -141.74
N THR TB 74 158.44 63.84 -141.72
CA THR TB 74 159.28 64.61 -140.84
C THR TB 74 159.79 65.86 -141.53
N ILE TB 75 160.46 66.72 -140.76
CA ILE TB 75 161.04 67.94 -141.28
C ILE TB 75 162.13 67.66 -142.31
N LYS TB 76 162.72 66.45 -142.26
CA LYS TB 76 163.74 66.04 -143.21
C LYS TB 76 163.31 66.34 -144.65
N GLU TB 77 162.24 65.70 -145.11
CA GLU TB 77 161.75 65.98 -146.45
C GLU TB 77 161.03 67.30 -146.52
N LEU TB 78 160.50 67.79 -145.40
CA LEU TB 78 159.81 69.08 -145.42
C LEU TB 78 160.46 70.29 -146.06
N LEU TB 79 161.73 70.56 -145.73
CA LEU TB 79 162.41 71.67 -146.40
C LEU TB 79 162.96 71.25 -147.79
N ARG TB 80 163.15 69.94 -147.95
CA ARG TB 80 163.59 69.44 -149.28
C ARG TB 80 162.54 69.87 -150.32
N LEU TB 81 161.29 70.05 -149.87
CA LEU TB 81 160.22 70.48 -150.78
C LEU TB 81 160.36 71.81 -151.49
N THR TB 82 160.28 71.77 -152.82
CA THR TB 82 160.33 72.96 -153.66
C THR TB 82 159.03 73.10 -154.44
N GLN TB 83 158.93 74.19 -155.19
CA GLN TB 83 157.75 74.40 -156.03
C GLN TB 83 157.71 73.35 -157.14
N GLY TB 84 156.52 72.79 -157.37
CA GLY TB 84 156.36 71.75 -158.36
C GLY TB 84 156.64 70.35 -157.87
N SER TB 85 157.10 70.20 -156.63
CA SER TB 85 157.31 68.87 -156.06
C SER TB 85 155.96 68.22 -155.77
N VAL TB 86 156.00 66.89 -155.64
CA VAL TB 86 154.80 66.10 -155.41
C VAL TB 86 154.97 65.33 -154.11
N VAL TB 87 153.98 65.43 -153.22
CA VAL TB 87 154.00 64.74 -151.93
C VAL TB 87 152.94 63.65 -151.97
N ALA TB 88 153.37 62.39 -151.83
CA ALA TB 88 152.42 61.29 -151.80
C ALA TB 88 151.69 61.28 -150.46
N LEU TB 89 150.40 60.99 -150.52
CA LEU TB 89 149.55 60.93 -149.33
C LEU TB 89 149.29 59.48 -148.96
N ASP TB 90 149.14 59.23 -147.66
CA ASP TB 90 148.88 57.87 -147.19
C ASP TB 90 147.58 57.31 -147.73
N GLY TB 91 146.55 58.15 -147.89
CA GLY TB 91 145.28 57.69 -148.42
C GLY TB 91 145.37 57.17 -149.85
N LEU TB 92 144.87 55.97 -150.07
CA LEU TB 92 144.82 55.40 -151.40
C LEU TB 92 143.84 56.19 -152.28
N ALA TB 93 144.18 56.31 -153.56
CA ALA TB 93 143.34 57.06 -154.48
C ALA TB 93 141.98 56.39 -154.63
N GLY TB 94 140.93 57.21 -154.64
CA GLY TB 94 139.58 56.70 -154.77
C GLY TB 94 138.92 56.28 -153.49
N GLU TB 95 139.65 56.29 -152.36
CA GLU TB 95 139.05 55.95 -151.09
C GLU TB 95 138.12 57.07 -150.62
N PRO TB 96 137.15 56.74 -149.76
CA PRO TB 96 136.28 57.79 -149.22
C PRO TB 96 137.09 58.82 -148.45
N LEU TB 97 136.73 60.09 -148.64
CA LEU TB 97 137.39 61.19 -147.98
C LEU TB 97 136.76 61.45 -146.62
N ASP TB 98 137.48 62.21 -145.80
CA ASP TB 98 137.09 62.46 -144.42
C ASP TB 98 136.39 63.81 -144.32
N ILE TB 99 135.34 63.87 -143.48
CA ILE TB 99 134.58 65.09 -143.26
C ILE TB 99 134.70 65.46 -141.80
N LEU TB 100 135.08 66.70 -141.51
CA LEU TB 100 135.24 67.18 -140.15
C LEU TB 100 134.39 68.42 -139.95
N ILE TB 101 133.87 68.58 -138.74
CA ILE TB 101 133.21 69.82 -138.34
C ILE TB 101 133.98 70.40 -137.17
N ASN TB 102 134.50 71.62 -137.35
CA ASN TB 102 135.38 72.25 -136.37
C ASN TB 102 136.59 71.38 -136.06
N GLY TB 103 137.08 70.67 -137.08
CA GLY TB 103 138.26 69.85 -136.94
C GLY TB 103 138.04 68.51 -136.28
N TYR TB 104 136.80 68.08 -136.08
CA TYR TB 104 136.49 66.80 -135.46
C TYR TB 104 135.89 65.89 -136.52
N LEU TB 105 136.48 64.72 -136.69
CA LEU TB 105 136.02 63.79 -137.72
C LEU TB 105 134.67 63.22 -137.32
N ILE TB 106 133.70 63.30 -138.23
CA ILE TB 106 132.36 62.80 -137.99
C ILE TB 106 131.96 61.74 -139.00
N ALA TB 107 132.29 61.94 -140.27
CA ALA TB 107 131.76 61.07 -141.31
C ALA TB 107 132.78 60.88 -142.42
N GLN TB 108 132.54 59.85 -143.23
CA GLN TB 108 133.31 59.58 -144.44
C GLN TB 108 132.39 59.70 -145.63
N GLY TB 109 132.83 60.45 -146.64
CA GLY TB 109 132.03 60.71 -147.81
C GLY TB 109 132.83 60.38 -149.05
N GLU TB 110 132.25 60.73 -150.20
CA GLU TB 110 132.87 60.50 -151.50
C GLU TB 110 132.75 61.78 -152.31
N VAL TB 111 133.83 62.12 -153.02
CA VAL TB 111 133.89 63.38 -153.76
C VAL TB 111 133.20 63.26 -155.10
N VAL TB 112 132.38 64.25 -155.44
CA VAL TB 112 131.65 64.30 -156.70
C VAL TB 112 131.75 65.71 -157.26
N VAL TB 113 131.54 65.83 -158.57
CA VAL TB 113 131.58 67.11 -159.26
C VAL TB 113 130.18 67.40 -159.78
N VAL TB 114 129.60 68.52 -159.30
CA VAL TB 114 128.24 68.91 -159.73
C VAL TB 114 128.26 70.36 -160.27
N ALA TB 115 127.94 70.53 -161.56
CA ALA TB 115 127.95 71.88 -162.18
C ALA TB 115 129.30 72.58 -162.07
N ASP TB 116 130.41 71.84 -162.17
CA ASP TB 116 131.77 72.43 -162.15
C ASP TB 116 132.11 72.92 -160.73
N LYS TB 117 131.37 72.46 -159.72
CA LYS TB 117 131.65 72.84 -158.33
C LYS TB 117 131.95 71.57 -157.52
N TYR TB 118 132.96 71.61 -156.66
CA TYR TB 118 133.32 70.40 -155.92
C TYR TB 118 132.29 70.10 -154.84
N GLY TB 119 131.96 68.84 -154.69
CA GLY TB 119 130.98 68.42 -153.69
C GLY TB 119 131.30 67.05 -153.16
N VAL TB 120 131.09 66.88 -151.87
CA VAL TB 120 131.25 65.59 -151.22
C VAL TB 120 129.87 64.98 -151.00
N ARG TB 121 129.80 63.66 -151.10
CA ARG TB 121 128.56 62.92 -150.87
C ARG TB 121 128.74 62.08 -149.61
N ILE TB 122 128.01 62.41 -148.56
CA ILE TB 122 128.14 61.72 -147.29
C ILE TB 122 127.75 60.27 -147.47
N THR TB 123 128.62 59.35 -147.07
CA THR TB 123 128.36 57.92 -147.18
C THR TB 123 128.10 57.26 -145.84
N ASP TB 124 128.93 57.48 -144.83
CA ASP TB 124 128.68 56.80 -143.56
C ASP TB 124 129.36 57.54 -142.41
N ILE TB 125 128.63 57.70 -141.31
CA ILE TB 125 129.23 58.24 -140.11
C ILE TB 125 130.20 57.21 -139.54
N ILE TB 126 131.41 57.68 -139.22
CA ILE TB 126 132.45 56.76 -138.75
C ILE TB 126 132.05 56.15 -137.41
N THR TB 127 132.63 55.00 -137.14
CA THR TB 127 132.44 54.21 -135.93
C THR TB 127 133.56 54.48 -134.94
N PRO TB 128 133.31 54.28 -133.64
CA PRO TB 128 134.39 54.47 -132.66
C PRO TB 128 135.60 53.59 -132.94
N SER TB 129 135.39 52.36 -133.42
CA SER TB 129 136.52 51.52 -133.81
C SER TB 129 137.43 52.06 -134.91
N GLU TB 130 136.84 52.61 -135.97
CA GLU TB 130 137.64 53.21 -137.02
C GLU TB 130 138.26 54.56 -136.57
N ARG TB 131 137.57 55.22 -135.65
CA ARG TB 131 138.12 56.44 -135.05
C ARG TB 131 139.45 56.12 -134.39
N MET TB 132 139.48 55.09 -133.54
CA MET TB 132 140.73 54.67 -132.92
C MET TB 132 141.75 54.05 -133.88
N ARG TB 133 141.25 53.42 -134.94
CA ARG TB 133 142.12 52.90 -135.98
C ARG TB 133 142.82 54.12 -136.59
N ARG TB 134 142.05 55.18 -136.83
CA ARG TB 134 142.65 56.42 -137.31
C ARG TB 134 143.67 56.96 -136.33
N LEU TB 135 143.37 56.90 -135.03
CA LEU TB 135 144.27 57.45 -134.03
C LEU TB 135 145.61 56.74 -134.03
N SER TB 136 145.61 55.41 -134.12
CA SER TB 136 146.85 54.65 -134.13
C SER TB 136 147.49 54.64 -135.51
N LYS UB 514 44.79 4.23 -159.56
CA LYS UB 514 45.19 5.61 -159.34
C LYS UB 514 45.78 6.22 -160.61
N ASP UB 515 46.48 5.37 -161.39
CA ASP UB 515 47.07 5.85 -162.64
C ASP UB 515 46.00 6.27 -163.63
N GLU UB 516 44.91 5.49 -163.74
CA GLU UB 516 43.84 5.85 -164.66
C GLU UB 516 43.16 7.15 -164.26
N GLN UB 517 42.92 7.34 -162.96
CA GLN UB 517 42.32 8.59 -162.49
C GLN UB 517 43.23 9.77 -162.77
N LEU UB 518 44.55 9.60 -162.55
CA LEU UB 518 45.49 10.67 -162.84
C LEU UB 518 45.51 10.99 -164.33
N GLN UB 519 45.45 9.95 -165.18
CA GLN UB 519 45.42 10.19 -166.62
C GLN UB 519 44.15 10.92 -167.04
N GLN UB 520 43.01 10.55 -166.46
CA GLN UB 520 41.76 11.24 -166.78
C GLN UB 520 41.80 12.69 -166.33
N ARG UB 521 42.34 12.95 -165.13
CA ARG UB 521 42.48 14.33 -164.66
C ARG UB 521 43.40 15.12 -165.57
N ARG UB 522 44.51 14.51 -166.01
CA ARG UB 522 45.42 15.19 -166.92
C ARG UB 522 44.76 15.48 -168.25
N ALA UB 523 43.95 14.55 -168.76
CA ALA UB 523 43.24 14.80 -170.02
C ALA UB 523 42.25 15.93 -169.88
N ASN UB 524 41.50 15.96 -168.78
CA ASN UB 524 40.56 17.07 -168.55
C ASN UB 524 41.30 18.39 -168.43
N GLN UB 525 42.44 18.39 -167.72
CA GLN UB 525 43.23 19.62 -167.59
C GLN UB 525 43.77 20.07 -168.94
N ARG UB 526 44.21 19.12 -169.78
CA ARG UB 526 44.76 19.46 -171.08
C ARG UB 526 43.69 19.79 -172.12
N LEU UB 527 42.43 19.45 -171.83
CA LEU UB 527 41.29 19.73 -172.75
C LEU UB 527 40.72 21.10 -172.37
N GLY UB 528 40.40 21.31 -171.09
CA GLY UB 528 39.85 22.58 -170.61
C GLY UB 528 40.85 23.71 -170.71
N ALA UB 529 42.15 23.42 -170.60
CA ALA UB 529 43.21 24.46 -170.74
C ALA UB 529 43.30 24.80 -172.23
N GLU UB 530 43.20 23.78 -173.10
CA GLU UB 530 43.25 24.01 -174.56
C GLU UB 530 42.04 24.87 -174.95
N VAL UB 531 40.88 24.59 -174.26
CA VAL UB 531 39.65 25.42 -174.41
C VAL UB 531 39.93 26.79 -173.77
N MET UB 532 40.59 26.79 -172.61
CA MET UB 532 40.89 28.05 -171.87
C MET UB 532 41.82 28.92 -172.73
N SER UB 533 42.81 28.31 -173.38
CA SER UB 533 43.76 29.06 -174.25
C SER UB 533 42.97 29.68 -175.40
N GLN UB 534 42.03 28.93 -175.99
CA GLN UB 534 41.16 29.46 -177.08
C GLN UB 534 40.31 30.60 -176.51
N ARG UB 535 39.80 30.42 -175.28
CA ARG UB 535 38.93 31.44 -174.61
C ARG UB 535 39.71 32.73 -174.38
N ILE UB 536 40.97 32.64 -173.98
CA ILE UB 536 41.80 33.85 -173.63
C ILE UB 536 42.15 34.60 -174.91
N ARG UB 537 42.17 33.92 -176.07
CA ARG UB 537 42.49 34.55 -177.35
C ARG UB 537 41.31 35.37 -177.86
N GLU UB 538 40.10 34.84 -177.75
CA GLU UB 538 38.92 35.59 -178.14
C GLU UB 538 38.76 36.86 -177.30
N MET UB 539 38.96 36.73 -175.98
CA MET UB 539 38.83 37.89 -175.10
C MET UB 539 39.89 38.95 -175.39
N SER UB 540 41.13 38.54 -175.63
CA SER UB 540 42.20 39.48 -175.92
C SER UB 540 42.01 40.15 -177.28
N ASP UB 541 41.50 39.41 -178.26
CA ASP UB 541 41.14 40.03 -179.53
C ASP UB 541 40.00 41.02 -179.36
N ASN UB 542 39.06 40.74 -178.46
CA ASN UB 542 38.00 41.71 -178.17
C ASN UB 542 38.57 42.97 -177.53
N ASP UB 543 39.49 42.81 -176.58
CA ASP UB 543 40.07 43.94 -175.85
C ASP UB 543 41.53 43.64 -175.55
N PRO UB 544 42.46 44.17 -176.35
CA PRO UB 544 43.88 43.90 -176.08
C PRO UB 544 44.45 44.73 -174.95
N ARG UB 545 44.04 45.99 -174.80
CA ARG UB 545 44.59 46.85 -173.76
C ARG UB 545 44.08 46.46 -172.38
N VAL UB 546 42.88 45.88 -172.30
CA VAL UB 546 42.32 45.49 -171.00
C VAL UB 546 43.19 44.42 -170.35
N VAL UB 547 43.67 43.46 -171.14
CA VAL UB 547 44.53 42.41 -170.60
C VAL UB 547 45.83 43.00 -170.07
N ALA UB 548 46.44 43.92 -170.82
CA ALA UB 548 47.67 44.55 -170.35
C ALA UB 548 47.44 45.35 -169.07
N LEU UB 549 46.31 46.07 -169.00
CA LEU UB 549 45.97 46.82 -167.80
C LEU UB 549 45.78 45.90 -166.61
N VAL UB 550 45.11 44.77 -166.82
CA VAL UB 550 44.90 43.81 -165.73
C VAL UB 550 46.23 43.22 -165.28
N ILE UB 551 47.12 42.92 -166.23
CA ILE UB 551 48.44 42.40 -165.88
C ILE UB 551 49.22 43.42 -165.07
N ARG UB 552 49.18 44.69 -165.47
CA ARG UB 552 49.87 45.74 -164.72
C ARG UB 552 49.28 45.90 -163.33
N GLN UB 553 47.96 45.80 -163.20
CA GLN UB 553 47.32 45.88 -161.90
C GLN UB 553 47.73 44.71 -161.02
N TRP UB 554 47.87 43.52 -161.61
CA TRP UB 554 48.33 42.35 -160.85
C TRP UB 554 49.74 42.56 -160.33
N MET UB 555 50.63 43.12 -161.16
CA MET UB 555 51.98 43.41 -160.72
C MET UB 555 51.99 44.47 -159.62
N SER UB 556 51.16 45.50 -159.76
CA SER UB 556 51.09 46.53 -158.72
C SER UB 556 50.60 45.97 -157.39
N ASN UB 557 49.59 45.09 -157.45
CA ASN UB 557 49.09 44.47 -156.23
C ASN UB 557 50.09 43.47 -155.66
N ASP UB 558 50.96 42.91 -156.50
CA ASP UB 558 51.96 41.96 -156.02
C ASP UB 558 52.95 42.64 -155.09
N HIS UB 559 53.15 43.95 -155.21
CA HIS UB 559 54.06 44.68 -154.35
C HIS UB 559 53.53 44.78 -152.93
N GLY VB 6 51.82 37.12 -158.99
CA GLY VB 6 50.93 37.34 -160.11
C GLY VB 6 51.66 37.60 -161.42
N THR VB 7 52.86 38.19 -161.29
CA THR VB 7 53.67 38.48 -162.47
C THR VB 7 54.10 37.19 -163.18
N ASP VB 8 54.49 36.17 -162.41
CA ASP VB 8 54.87 34.90 -163.00
C ASP VB 8 53.68 34.26 -163.73
N LYS VB 9 52.50 34.33 -163.11
CA LYS VB 9 51.29 33.82 -163.76
C LYS VB 9 50.99 34.57 -165.04
N SER VB 10 51.15 35.90 -165.01
CA SER VB 10 50.93 36.70 -166.21
C SER VB 10 51.92 36.34 -167.31
N VAL VB 11 53.19 36.12 -166.94
CA VAL VB 11 54.19 35.73 -167.92
C VAL VB 11 53.86 34.37 -168.51
N ILE VB 12 53.43 33.42 -167.68
CA ILE VB 12 53.06 32.10 -168.17
C ILE VB 12 51.87 32.19 -169.12
N LEU VB 13 50.87 33.00 -168.77
CA LEU VB 13 49.70 33.18 -169.63
C LEU VB 13 50.09 33.82 -170.96
N LEU VB 14 50.99 34.81 -170.93
CA LEU VB 14 51.46 35.44 -172.16
C LEU VB 14 52.21 34.46 -173.04
N MET VB 15 53.06 33.63 -172.42
CA MET VB 15 53.78 32.61 -173.18
C MET VB 15 52.84 31.60 -173.80
N THR VB 16 51.81 31.19 -173.05
CA THR VB 16 50.84 30.22 -173.56
C THR VB 16 49.86 30.82 -174.56
N ILE VB 17 49.78 32.16 -174.63
CA ILE VB 17 48.82 32.80 -175.53
C ILE VB 17 49.32 32.72 -176.96
N GLY VB 18 50.54 33.19 -177.20
CA GLY VB 18 51.09 33.20 -178.55
C GLY VB 18 51.97 34.41 -178.82
N GLU VB 19 52.75 34.35 -179.90
CA GLU VB 19 53.67 35.44 -180.19
C GLU VB 19 52.94 36.73 -180.56
N ASP VB 20 51.90 36.62 -181.39
CA ASP VB 20 51.20 37.81 -181.87
C ASP VB 20 50.43 38.50 -180.74
N ARG VB 21 49.70 37.71 -179.95
CA ARG VB 21 48.94 38.29 -178.83
C ARG VB 21 49.86 38.92 -177.80
N ALA VB 22 50.96 38.24 -177.48
CA ALA VB 22 51.92 38.78 -176.53
C ALA VB 22 52.56 40.05 -177.05
N ALA VB 23 52.88 40.09 -178.35
CA ALA VB 23 53.46 41.29 -178.93
C ALA VB 23 52.48 42.45 -178.89
N GLU VB 24 51.20 42.19 -179.18
CA GLU VB 24 50.19 43.25 -179.10
C GLU VB 24 50.04 43.74 -177.66
N VAL VB 25 50.03 42.81 -176.70
CA VAL VB 25 49.91 43.21 -175.29
C VAL VB 25 51.11 44.06 -174.87
N PHE VB 26 52.32 43.67 -175.29
CA PHE VB 26 53.51 44.45 -174.96
C PHE VB 26 53.44 45.83 -175.59
N LYS VB 27 52.98 45.91 -176.84
CA LYS VB 27 52.77 47.21 -177.47
C LYS VB 27 51.73 48.04 -176.73
N HIS VB 28 50.79 47.39 -176.06
CA HIS VB 28 49.81 48.08 -175.22
C HIS VB 28 50.22 48.07 -173.75
N LEU VB 29 51.52 47.92 -173.47
CA LEU VB 29 52.02 47.84 -172.10
C LEU VB 29 53.14 48.84 -171.91
N SER VB 30 53.39 49.21 -170.65
CA SER VB 30 54.43 50.16 -170.31
C SER VB 30 55.81 49.52 -170.46
N THR VB 31 56.83 50.39 -170.50
CA THR VB 31 58.20 49.95 -170.73
C THR VB 31 58.69 49.02 -169.62
N ARG VB 32 58.51 49.42 -168.37
CA ARG VB 32 58.94 48.61 -167.24
C ARG VB 32 58.19 47.28 -167.20
N GLU VB 33 56.87 47.33 -167.41
CA GLU VB 33 56.07 46.12 -167.42
C GLU VB 33 56.48 45.19 -168.56
N VAL VB 34 56.73 45.76 -169.75
CA VAL VB 34 57.13 44.95 -170.90
C VAL VB 34 58.47 44.29 -170.64
N GLN VB 35 59.42 45.06 -170.09
CA GLN VB 35 60.73 44.50 -169.78
C GLN VB 35 60.64 43.38 -168.76
N ALA VB 36 59.85 43.60 -167.70
CA ALA VB 36 59.69 42.58 -166.67
C ALA VB 36 59.05 41.31 -167.24
N LEU VB 37 58.03 41.48 -168.07
CA LEU VB 37 57.36 40.32 -168.67
C LEU VB 37 58.29 39.57 -169.61
N SER VB 38 59.09 40.29 -170.41
CA SER VB 38 60.03 39.63 -171.31
C SER VB 38 61.10 38.88 -170.54
N THR VB 39 61.60 39.48 -169.44
CA THR VB 39 62.65 38.84 -168.67
C THR VB 39 62.13 37.61 -167.94
N ALA VB 40 61.00 37.75 -167.24
CA ALA VB 40 60.50 36.66 -166.39
C ALA VB 40 60.08 35.44 -167.20
N MET VB 41 59.42 35.67 -168.35
CA MET VB 41 58.91 34.56 -169.15
C MET VB 41 60.05 33.65 -169.62
N ALA VB 42 61.11 34.25 -170.16
CA ALA VB 42 62.23 33.45 -170.64
C ALA VB 42 63.13 33.01 -169.50
N ASN VB 43 63.11 33.75 -168.39
CA ASN VB 43 64.00 33.42 -167.24
C ASN VB 43 63.64 32.15 -166.48
N VAL VB 44 62.52 32.14 -165.76
CA VAL VB 44 62.07 30.91 -165.05
C VAL VB 44 60.56 30.91 -165.32
N ARG VB 45 60.04 29.80 -165.86
CA ARG VB 45 58.59 29.70 -166.12
C ARG VB 45 58.03 28.57 -165.25
N GLN VB 46 56.95 28.84 -164.51
CA GLN VB 46 56.35 27.82 -163.61
C GLN VB 46 54.91 27.53 -164.09
N ILE VB 47 54.57 26.25 -164.23
CA ILE VB 47 53.17 25.87 -164.63
C ILE VB 47 52.56 25.04 -163.49
N SER VB 48 51.36 25.41 -163.02
CA SER VB 48 50.72 24.68 -161.90
C SER VB 48 49.40 24.05 -162.39
N ASN VB 49 49.22 22.75 -162.11
CA ASN VB 49 47.99 22.04 -162.57
C ASN VB 49 46.77 22.70 -161.95
N LYS VB 50 46.87 23.16 -160.69
CA LYS VB 50 45.70 23.73 -159.99
C LYS VB 50 45.91 25.22 -159.68
N GLN VB 51 47.05 25.59 -159.07
CA GLN VB 51 47.19 26.97 -158.65
C GLN VB 51 47.09 27.94 -159.83
N LEU VB 52 47.70 27.61 -160.97
CA LEU VB 52 47.61 28.48 -162.13
C LEU VB 52 46.17 28.60 -162.62
N THR VB 53 45.45 27.48 -162.67
CA THR VB 53 44.06 27.52 -163.10
C THR VB 53 43.19 28.32 -162.12
N ASP VB 54 43.40 28.15 -160.81
CA ASP VB 54 42.65 28.93 -159.84
C ASP VB 54 42.93 30.42 -159.99
N VAL VB 55 44.20 30.78 -160.17
CA VAL VB 55 44.55 32.19 -160.35
C VAL VB 55 43.95 32.75 -161.62
N LEU VB 56 43.97 31.98 -162.71
CA LEU VB 56 43.37 32.45 -163.96
C LEU VB 56 41.88 32.65 -163.81
N SER VB 57 41.20 31.72 -163.15
CA SER VB 57 39.76 31.87 -162.92
C SER VB 57 39.46 33.10 -162.07
N GLU VB 58 40.25 33.32 -161.01
CA GLU VB 58 40.05 34.48 -160.16
C GLU VB 58 40.26 35.77 -160.94
N PHE VB 59 41.30 35.82 -161.78
CA PHE VB 59 41.56 37.00 -162.59
C PHE VB 59 40.42 37.25 -163.59
N GLU VB 60 39.93 36.19 -164.22
CA GLU VB 60 38.86 36.34 -165.20
C GLU VB 60 37.56 36.78 -164.54
N GLN VB 61 37.39 36.45 -163.26
CA GLN VB 61 36.12 36.78 -162.58
C GLN VB 61 36.29 38.01 -161.67
N GLU VB 62 37.52 38.52 -161.51
CA GLU VB 62 37.70 39.62 -160.51
C GLU VB 62 36.92 40.89 -160.87
N ALA VB 63 36.91 41.33 -162.13
CA ALA VB 63 36.06 42.50 -162.51
C ALA VB 63 35.73 42.52 -163.99
N GLU VB 64 34.61 43.16 -164.37
CA GLU VB 64 34.31 43.37 -165.82
C GLU VB 64 34.72 44.80 -166.21
N GLN VB 65 35.24 45.58 -165.26
CA GLN VB 65 35.58 47.01 -165.50
C GLN VB 65 36.67 47.16 -166.56
N PHE VB 66 37.68 46.29 -166.53
CA PHE VB 66 38.85 46.45 -167.44
C PHE VB 66 38.40 46.34 -168.90
N ALA VB 67 37.46 45.44 -169.20
CA ALA VB 67 37.11 45.19 -170.62
C ALA VB 67 36.55 46.46 -171.29
N ALA VB 68 35.72 47.25 -170.60
CA ALA VB 68 35.05 48.40 -171.28
C ALA VB 68 35.90 49.68 -171.24
N LEU VB 69 36.14 50.24 -170.06
CA LEU VB 69 36.83 51.52 -169.94
C LEU VB 69 38.16 51.49 -170.67
N ASN VB 70 38.92 50.40 -170.52
CA ASN VB 70 40.22 50.29 -171.16
C ASN VB 70 40.11 50.05 -172.66
N ILE VB 71 38.96 49.57 -173.14
CA ILE VB 71 38.76 49.32 -174.56
C ILE VB 71 38.85 50.63 -175.34
N ASN VB 72 38.18 51.66 -174.85
CA ASN VB 72 38.19 52.98 -175.48
C ASN VB 72 38.18 54.05 -174.41
N ALA VB 73 39.38 54.58 -174.10
CA ALA VB 73 39.50 55.65 -173.11
C ALA VB 73 40.05 56.93 -173.76
N ASN VB 74 41.20 56.82 -174.42
CA ASN VB 74 41.81 58.00 -175.02
C ASN VB 74 41.07 58.43 -176.28
N GLU VB 75 40.63 57.48 -177.10
CA GLU VB 75 39.92 57.81 -178.33
C GLU VB 75 38.61 58.53 -178.02
N TYR VB 76 37.87 58.05 -177.02
CA TYR VB 76 36.62 58.69 -176.64
C TYR VB 76 36.87 60.11 -176.14
N LEU VB 77 37.90 60.30 -175.32
CA LEU VB 77 38.21 61.63 -174.82
C LEU VB 77 38.60 62.57 -175.95
N ARG VB 78 39.39 62.09 -176.90
CA ARG VB 78 39.77 62.90 -178.05
C ARG VB 78 38.56 63.28 -178.89
N SER VB 79 37.67 62.32 -179.14
CA SER VB 79 36.46 62.61 -179.92
C SER VB 79 35.58 63.63 -179.21
N VAL VB 80 35.44 63.49 -177.89
CA VAL VB 80 34.64 64.43 -177.11
C VAL VB 80 35.25 65.82 -177.15
N LEU VB 81 36.58 65.92 -177.03
CA LEU VB 81 37.24 67.22 -177.10
C LEU VB 81 37.06 67.85 -178.47
N VAL VB 82 37.16 67.03 -179.54
CA VAL VB 82 37.01 67.57 -180.89
C VAL VB 82 35.58 68.07 -181.10
N LYS VB 83 34.59 67.30 -180.66
CA LYS VB 83 33.20 67.67 -180.92
C LYS VB 83 32.72 68.77 -179.98
N ALA VB 84 33.39 68.96 -178.85
CA ALA VB 84 32.90 69.88 -177.83
C ALA VB 84 33.07 71.33 -178.24
N LEU VB 85 34.33 71.76 -178.44
CA LEU VB 85 34.63 73.15 -178.73
C LEU VB 85 35.12 73.32 -180.17
N GLY VB 86 36.16 72.58 -180.57
CA GLY VB 86 36.70 72.70 -181.91
C GLY VB 86 38.04 72.03 -182.01
N GLU VB 87 38.56 71.96 -183.23
CA GLU VB 87 39.86 71.32 -183.45
C GLU VB 87 40.97 72.05 -182.72
N GLU VB 88 40.95 73.38 -182.75
CA GLU VB 88 41.99 74.17 -182.08
C GLU VB 88 41.97 73.96 -180.57
N ARG VB 89 40.78 73.95 -179.96
CA ARG VB 89 40.68 73.73 -178.53
C ARG VB 89 40.93 72.27 -178.16
N ALA VB 90 40.56 71.35 -179.05
CA ALA VB 90 40.81 69.93 -178.79
C ALA VB 90 42.31 69.65 -178.73
N SER VB 91 43.09 70.30 -179.59
CA SER VB 91 44.54 70.12 -179.56
C SER VB 91 45.11 70.59 -178.23
N SER VB 92 44.66 71.75 -177.73
CA SER VB 92 45.13 72.25 -176.45
C SER VB 92 44.73 71.34 -175.31
N LEU VB 93 43.49 70.84 -175.33
CA LEU VB 93 43.03 69.92 -174.29
C LEU VB 93 43.84 68.63 -174.29
N LEU VB 94 44.10 68.08 -175.48
CA LEU VB 94 44.90 66.86 -175.57
C LEU VB 94 46.32 67.10 -175.11
N GLU VB 95 46.89 68.26 -175.46
CA GLU VB 95 48.24 68.59 -174.99
C GLU VB 95 48.29 68.69 -173.47
N ASP VB 96 47.28 69.33 -172.88
CA ASP VB 96 47.23 69.42 -171.41
C ASP VB 96 47.10 68.04 -170.78
N ILE VB 97 46.25 67.18 -171.35
CA ILE VB 97 46.06 65.84 -170.82
C ILE VB 97 47.36 65.05 -170.90
N LEU VB 98 48.07 65.16 -172.02
CA LEU VB 98 49.35 64.47 -172.16
C LEU VB 98 50.38 65.02 -171.17
N GLU VB 99 50.41 66.35 -171.00
CA GLU VB 99 51.37 66.95 -170.09
C GLU VB 99 51.05 66.64 -168.64
N THR VB 100 49.81 66.23 -168.36
CA THR VB 100 49.47 65.81 -166.99
C THR VB 100 50.33 64.64 -166.54
N ARG VB 101 50.73 63.76 -167.47
CA ARG VB 101 51.66 62.68 -167.17
C ARG VB 101 53.04 63.12 -167.59
N ASP VB 102 53.87 63.44 -166.60
CA ASP VB 102 55.21 63.96 -166.82
C ASP VB 102 56.22 62.80 -166.83
N THR VB 103 57.50 63.14 -166.97
CA THR VB 103 58.58 62.16 -167.02
C THR VB 103 59.54 62.42 -165.87
N THR VB 104 60.07 61.35 -165.29
CA THR VB 104 60.95 61.48 -164.14
C THR VB 104 62.34 61.94 -164.56
N SER VB 105 63.02 61.17 -165.40
CA SER VB 105 64.36 61.52 -165.85
C SER VB 105 64.32 62.77 -166.71
N GLY VB 106 65.26 63.69 -166.43
CA GLY VB 106 65.25 64.98 -167.10
C GLY VB 106 65.47 64.92 -168.59
N ILE VB 107 66.10 63.86 -169.08
CA ILE VB 107 66.36 63.75 -170.51
C ILE VB 107 65.05 63.73 -171.29
N GLU VB 108 64.08 62.95 -170.83
CA GLU VB 108 62.77 62.95 -171.47
C GLU VB 108 62.03 64.26 -171.22
N THR VB 109 62.24 64.90 -170.07
CA THR VB 109 61.63 66.20 -169.84
C THR VB 109 62.15 67.24 -170.81
N LEU VB 110 63.36 67.05 -171.34
CA LEU VB 110 63.87 67.96 -172.37
C LEU VB 110 63.08 68.09 -173.66
N ASN VB 111 62.34 67.04 -174.06
CA ASN VB 111 61.48 67.11 -175.28
C ASN VB 111 60.12 67.80 -175.07
N PHE VB 112 59.82 68.23 -173.84
CA PHE VB 112 58.56 68.98 -173.57
C PHE VB 112 58.90 70.47 -173.54
N MET VB 113 60.19 70.80 -173.66
CA MET VB 113 60.66 72.17 -173.64
C MET VB 113 60.55 72.64 -175.09
N GLU VB 114 60.55 73.96 -175.25
CA GLU VB 114 60.55 74.56 -176.58
C GLU VB 114 61.86 74.23 -177.28
N PRO VB 115 61.84 74.01 -178.60
CA PRO VB 115 63.09 73.71 -179.32
C PRO VB 115 64.23 74.69 -179.12
N GLN VB 116 63.96 76.00 -179.11
CA GLN VB 116 65.03 76.97 -178.94
C GLN VB 116 65.62 76.96 -177.53
N SER VB 117 64.77 76.73 -176.53
CA SER VB 117 65.25 76.68 -175.15
C SER VB 117 66.21 75.49 -175.03
N ALA VB 118 65.81 74.34 -175.57
CA ALA VB 118 66.69 73.17 -175.52
C ALA VB 118 67.95 73.40 -176.35
N ALA VB 119 67.81 74.02 -177.52
CA ALA VB 119 68.98 74.29 -178.35
C ALA VB 119 69.97 75.21 -177.64
N ASP VB 120 69.45 76.24 -176.97
CA ASP VB 120 70.33 77.10 -176.19
C ASP VB 120 70.94 76.36 -175.00
N LEU VB 121 70.18 75.47 -174.37
CA LEU VB 121 70.67 74.76 -173.19
C LEU VB 121 71.81 73.81 -173.53
N ILE VB 122 71.69 73.09 -174.65
CA ILE VB 122 72.66 72.03 -174.96
C ILE VB 122 73.62 72.43 -176.07
N ARG VB 123 73.62 73.69 -176.51
CA ARG VB 123 74.55 74.09 -177.56
C ARG VB 123 76.00 74.01 -177.08
N ASP VB 124 76.25 74.42 -175.84
CA ASP VB 124 77.63 74.49 -175.35
C ASP VB 124 78.16 73.13 -174.92
N GLU VB 125 77.31 72.12 -174.83
CA GLU VB 125 77.75 70.81 -174.36
C GLU VB 125 78.66 70.15 -175.39
N HIS VB 126 79.37 69.12 -174.93
CA HIS VB 126 80.25 68.35 -175.81
C HIS VB 126 79.42 67.67 -176.90
N PRO VB 127 79.93 67.62 -178.13
CA PRO VB 127 79.11 67.06 -179.22
C PRO VB 127 78.62 65.65 -178.96
N GLN VB 128 79.42 64.81 -178.32
CA GLN VB 128 78.94 63.46 -177.99
C GLN VB 128 77.80 63.48 -176.99
N ILE VB 129 77.85 64.39 -176.02
CA ILE VB 129 76.75 64.51 -175.07
C ILE VB 129 75.48 65.00 -175.76
N ILE VB 130 75.64 65.92 -176.70
CA ILE VB 130 74.50 66.37 -177.50
C ILE VB 130 73.91 65.18 -178.23
N ALA VB 131 74.77 64.37 -178.85
CA ALA VB 131 74.30 63.22 -179.60
C ALA VB 131 73.57 62.24 -178.70
N THR VB 132 74.12 61.99 -177.50
CA THR VB 132 73.46 61.09 -176.56
C THR VB 132 72.09 61.61 -176.17
N ILE VB 133 72.00 62.92 -175.92
CA ILE VB 133 70.68 63.53 -175.58
C ILE VB 133 69.71 63.29 -176.75
N LEU VB 134 70.18 63.47 -177.99
CA LEU VB 134 69.27 63.40 -179.17
C LEU VB 134 68.63 62.01 -179.35
N VAL VB 135 69.39 60.92 -179.16
CA VAL VB 135 68.82 59.57 -179.44
C VAL VB 135 67.86 59.26 -178.27
N HIS VB 136 68.09 59.86 -177.10
CA HIS VB 136 67.14 59.67 -175.97
C HIS VB 136 65.95 60.63 -176.14
N LEU VB 137 66.17 61.75 -176.84
CA LEU VB 137 65.09 62.73 -177.06
C LEU VB 137 64.15 62.24 -178.18
N LYS VB 138 62.92 62.75 -178.22
CA LYS VB 138 61.96 62.38 -179.29
C LYS VB 138 62.56 62.82 -180.63
N ARG VB 139 62.37 62.03 -181.68
CA ARG VB 139 62.98 62.34 -183.00
C ARG VB 139 62.53 63.71 -183.51
N SER VB 140 61.23 63.99 -183.45
CA SER VB 140 60.72 65.27 -184.01
C SER VB 140 61.47 66.44 -183.34
N GLN VB 141 61.58 66.40 -182.01
CA GLN VB 141 62.22 67.52 -181.27
C GLN VB 141 63.68 67.62 -181.71
N ALA VB 142 64.38 66.49 -181.74
CA ALA VB 142 65.79 66.48 -182.10
C ALA VB 142 66.02 67.11 -183.48
N ALA VB 143 65.11 66.83 -184.42
CA ALA VB 143 65.24 67.43 -185.75
C ALA VB 143 65.13 68.95 -185.68
N ASP VB 144 64.17 69.45 -184.89
CA ASP VB 144 64.04 70.90 -184.73
C ASP VB 144 65.27 71.49 -184.07
N ILE VB 145 65.81 70.81 -183.05
CA ILE VB 145 67.01 71.30 -182.38
C ILE VB 145 68.19 71.43 -183.32
N LEU VB 146 68.43 70.40 -184.15
CA LEU VB 146 69.51 70.45 -185.11
C LEU VB 146 69.28 71.51 -186.17
N ALA VB 147 68.02 71.76 -186.51
CA ALA VB 147 67.70 72.84 -187.45
C ALA VB 147 68.15 74.17 -186.89
N LEU VB 148 67.95 74.36 -185.57
CA LEU VB 148 68.35 75.63 -184.91
C LEU VB 148 69.87 75.65 -184.70
N PHE VB 149 70.53 74.49 -184.82
CA PHE VB 149 71.99 74.42 -184.52
C PHE VB 149 72.80 74.93 -185.70
N ASP VB 150 73.96 75.54 -185.43
CA ASP VB 150 74.85 75.96 -186.49
C ASP VB 150 75.17 74.79 -187.40
N GLU VB 151 75.48 75.08 -188.67
CA GLU VB 151 75.68 74.04 -189.66
C GLU VB 151 76.88 73.15 -189.31
N ARG VB 152 77.95 73.74 -188.79
CA ARG VB 152 79.10 72.93 -188.39
C ARG VB 152 78.73 71.98 -187.25
N LEU VB 153 78.11 72.51 -186.20
CA LEU VB 153 77.67 71.67 -185.10
C LEU VB 153 76.62 70.68 -185.58
N ARG VB 154 75.73 71.10 -186.48
CA ARG VB 154 74.72 70.19 -187.01
C ARG VB 154 75.37 68.99 -187.70
N HIS VB 155 76.31 69.23 -188.59
CA HIS VB 155 76.99 68.14 -189.28
C HIS VB 155 77.76 67.26 -188.32
N ASP VB 156 78.47 67.87 -187.36
CA ASP VB 156 79.24 67.09 -186.40
C ASP VB 156 78.33 66.18 -185.59
N VAL VB 157 77.23 66.73 -185.07
CA VAL VB 157 76.34 65.95 -184.24
C VAL VB 157 75.65 64.86 -185.06
N MET VB 158 75.29 65.16 -186.31
CA MET VB 158 74.70 64.13 -187.16
C MET VB 158 75.67 62.99 -187.41
N LEU VB 159 76.94 63.33 -187.65
CA LEU VB 159 77.96 62.29 -187.84
C LEU VB 159 78.10 61.44 -186.59
N ARG VB 160 78.11 62.08 -185.42
CA ARG VB 160 78.18 61.33 -184.17
C ARG VB 160 76.96 60.42 -184.00
N ILE VB 161 75.78 60.90 -184.42
CA ILE VB 161 74.58 60.10 -184.36
C ILE VB 161 74.72 58.86 -185.24
N ALA VB 162 75.28 59.03 -186.43
CA ALA VB 162 75.40 57.91 -187.36
C ALA VB 162 76.27 56.80 -186.78
N THR VB 163 77.37 57.15 -186.14
CA THR VB 163 78.34 56.17 -185.65
C THR VB 163 78.34 56.06 -184.13
N PHE VB 164 77.17 56.15 -183.51
CA PHE VB 164 77.08 56.04 -182.05
C PHE VB 164 77.53 54.65 -181.59
N GLY VB 165 78.15 54.60 -180.43
CA GLY VB 165 78.72 53.36 -179.95
C GLY VB 165 78.33 52.97 -178.52
N GLY VB 166 77.30 53.59 -177.98
CA GLY VB 166 76.83 53.22 -176.66
C GLY VB 166 77.52 53.87 -175.47
N VAL VB 167 76.73 54.31 -174.50
CA VAL VB 167 77.26 54.98 -173.31
C VAL VB 167 77.53 54.10 -172.12
N GLN VB 168 78.48 54.50 -171.27
CA GLN VB 168 78.74 53.77 -170.05
C GLN VB 168 77.54 54.10 -169.15
N PRO VB 169 77.07 53.14 -168.37
CA PRO VB 169 75.93 53.43 -167.49
C PRO VB 169 76.22 54.54 -166.48
N ALA VB 170 77.45 54.62 -165.98
CA ALA VB 170 77.79 55.67 -165.03
C ALA VB 170 77.68 57.05 -165.67
N ALA VB 171 78.21 57.19 -166.89
CA ALA VB 171 78.12 58.48 -167.58
C ALA VB 171 76.68 58.85 -167.89
N LEU VB 172 75.87 57.88 -168.31
CA LEU VB 172 74.47 58.15 -168.57
C LEU VB 172 73.74 58.59 -167.31
N ALA VB 173 74.01 57.91 -166.19
CA ALA VB 173 73.40 58.30 -164.93
C ALA VB 173 73.85 59.70 -164.51
N GLU VB 174 75.12 60.02 -164.75
CA GLU VB 174 75.62 61.35 -164.40
C GLU VB 174 74.93 62.42 -165.23
N LEU VB 175 74.79 62.21 -166.53
CA LEU VB 175 74.05 63.15 -167.36
C LEU VB 175 72.61 63.27 -166.91
N THR VB 176 72.00 62.13 -166.59
CA THR VB 176 70.58 62.14 -166.16
C THR VB 176 70.46 63.02 -164.94
N GLU VB 177 71.26 62.76 -163.90
CA GLU VB 177 71.13 63.53 -162.64
C GLU VB 177 71.45 65.02 -162.90
N VAL VB 178 72.46 65.30 -163.73
CA VAL VB 178 72.81 66.71 -164.06
C VAL VB 178 71.58 67.35 -164.73
N LEU VB 179 71.07 66.72 -165.79
CA LEU VB 179 69.96 67.30 -166.53
C LEU VB 179 68.73 67.45 -165.64
N ASN VB 180 68.53 66.52 -164.70
CA ASN VB 180 67.41 66.64 -163.78
C ASN VB 180 67.53 67.88 -162.91
N GLY VB 181 68.72 68.13 -162.36
CA GLY VB 181 68.92 69.29 -161.52
C GLY VB 181 68.72 70.60 -162.23
N LEU VB 182 68.72 70.59 -163.57
CA LEU VB 182 68.54 71.82 -164.33
C LEU VB 182 67.07 72.02 -164.70
N LEU VB 183 66.40 70.94 -165.09
CA LEU VB 183 65.01 71.09 -165.60
C LEU VB 183 63.97 70.92 -164.49
N ASP VB 184 64.23 70.08 -163.49
CA ASP VB 184 63.16 69.83 -162.49
C ASP VB 184 62.84 71.15 -161.76
N GLY VB 185 63.88 71.93 -161.42
CA GLY VB 185 63.63 73.26 -160.81
C GLY VB 185 62.93 74.19 -161.77
N GLN VB 186 63.32 74.18 -163.05
CA GLN VB 186 62.75 75.13 -164.05
C GLN VB 186 61.27 74.82 -164.32
N ASN VB 187 60.44 75.86 -164.51
CA ASN VB 187 59.02 75.60 -164.92
C ASN VB 187 59.08 74.99 -166.31
N LEU VB 188 58.22 74.00 -166.60
CA LEU VB 188 58.34 73.32 -167.92
C LEU VB 188 56.98 73.31 -168.65
N LYS VB 189 56.14 74.34 -168.47
CA LYS VB 189 54.89 74.33 -169.23
C LYS VB 189 54.53 75.77 -169.62
N ARG VB 190 55.25 76.28 -170.62
CA ARG VB 190 54.94 77.60 -171.17
C ARG VB 190 53.58 77.57 -171.85
N SER VB 191 52.61 78.25 -171.26
CA SER VB 191 51.26 78.26 -171.79
C SER VB 191 51.19 79.23 -172.97
N LYS VB 192 50.77 78.72 -174.13
CA LYS VB 192 50.68 79.52 -175.35
C LYS VB 192 49.21 79.82 -175.60
N MET VB 193 48.81 81.07 -175.37
CA MET VB 193 47.44 81.52 -175.57
C MET VB 193 47.46 82.65 -176.59
N GLY VB 194 46.83 82.44 -177.75
CA GLY VB 194 46.75 83.51 -178.77
C GLY VB 194 47.82 83.35 -179.84
N GLY VB 195 47.45 82.80 -181.00
CA GLY VB 195 48.39 82.67 -182.09
C GLY VB 195 47.99 83.55 -183.25
N VAL VB 196 47.52 82.93 -184.33
CA VAL VB 196 47.00 83.64 -185.49
C VAL VB 196 45.47 83.55 -185.64
N ARG VB 197 44.90 82.48 -185.11
CA ARG VB 197 43.45 82.32 -185.10
C ARG VB 197 42.94 83.47 -184.24
N THR VB 198 43.54 83.66 -183.07
CA THR VB 198 43.11 84.73 -182.19
C THR VB 198 43.34 86.10 -182.83
N ALA VB 199 44.47 86.28 -183.51
CA ALA VB 199 44.74 87.53 -184.18
C ALA VB 199 43.71 87.80 -185.28
N ALA VB 200 43.36 86.77 -186.05
CA ALA VB 200 42.36 86.94 -187.10
C ALA VB 200 41.00 87.28 -186.50
N GLU VB 201 40.63 86.62 -185.41
CA GLU VB 201 39.36 86.91 -184.74
C GLU VB 201 39.34 88.35 -184.22
N ILE VB 202 40.45 88.81 -183.65
CA ILE VB 202 40.54 90.19 -183.18
C ILE VB 202 40.39 91.16 -184.34
N ILE VB 203 41.08 90.87 -185.46
CA ILE VB 203 41.04 91.77 -186.61
C ILE VB 203 39.63 91.85 -187.18
N ASN VB 204 38.95 90.71 -187.26
CA ASN VB 204 37.65 90.65 -187.93
C ASN VB 204 36.59 91.51 -187.24
N LEU VB 205 36.79 91.91 -185.99
CA LEU VB 205 35.78 92.65 -185.24
C LEU VB 205 36.03 94.15 -185.13
N MET VB 206 37.03 94.68 -185.82
CA MET VB 206 37.31 96.11 -185.75
C MET VB 206 36.97 96.78 -187.06
N LYS VB 207 37.18 98.10 -187.11
CA LYS VB 207 36.81 98.89 -188.27
C LYS VB 207 37.59 98.50 -189.51
N THR VB 208 36.98 98.72 -190.68
CA THR VB 208 37.59 98.32 -191.94
C THR VB 208 38.90 99.05 -192.20
N GLN VB 209 38.96 100.35 -191.91
CA GLN VB 209 40.18 101.10 -192.13
C GLN VB 209 41.31 100.58 -191.26
N GLN VB 210 41.03 100.35 -189.98
CA GLN VB 210 42.05 99.74 -189.12
C GLN VB 210 42.37 98.33 -189.57
N GLU VB 211 41.39 97.59 -190.08
CA GLU VB 211 41.65 96.25 -190.60
C GLU VB 211 42.67 96.28 -191.73
N GLU VB 212 42.45 97.13 -192.72
CA GLU VB 212 43.39 97.21 -193.83
C GLU VB 212 44.74 97.74 -193.38
N ALA VB 213 44.75 98.71 -192.45
CA ALA VB 213 46.03 99.20 -191.94
C ALA VB 213 46.83 98.10 -191.28
N VAL VB 214 46.19 97.31 -190.42
CA VAL VB 214 46.94 96.27 -189.71
C VAL VB 214 47.37 95.16 -190.67
N ILE VB 215 46.53 94.78 -191.64
CA ILE VB 215 46.93 93.69 -192.53
C ILE VB 215 48.07 94.14 -193.43
N THR VB 216 48.04 95.40 -193.89
CA THR VB 216 49.15 95.87 -194.70
C THR VB 216 50.42 96.02 -193.88
N ALA VB 217 50.29 96.40 -192.60
CA ALA VB 217 51.47 96.44 -191.74
C ALA VB 217 52.08 95.05 -191.57
N VAL VB 218 51.23 94.05 -191.34
CA VAL VB 218 51.71 92.69 -191.20
C VAL VB 218 52.38 92.22 -192.49
N ARG VB 219 51.76 92.53 -193.63
CA ARG VB 219 52.33 92.16 -194.92
C ARG VB 219 53.69 92.81 -195.12
N GLU VB 220 53.83 94.06 -194.71
CA GLU VB 220 55.14 94.72 -194.75
C GLU VB 220 56.13 93.98 -193.87
N PHE VB 221 55.71 93.57 -192.67
CA PHE VB 221 56.60 92.79 -191.81
C PHE VB 221 56.94 91.42 -192.37
N ASP VB 222 55.94 90.70 -192.88
CA ASP VB 222 56.12 89.38 -193.44
C ASP VB 222 54.87 89.04 -194.23
N GLY VB 223 55.02 88.76 -195.53
CA GLY VB 223 53.87 88.45 -196.35
C GLY VB 223 53.19 87.13 -196.03
N GLU VB 224 53.98 86.13 -195.64
CA GLU VB 224 53.41 84.82 -195.32
C GLU VB 224 52.47 84.90 -194.12
N LEU VB 225 52.88 85.65 -193.09
CA LEU VB 225 52.02 85.81 -191.92
C LEU VB 225 50.73 86.53 -192.29
N ALA VB 226 50.82 87.56 -193.15
CA ALA VB 226 49.61 88.25 -193.58
C ALA VB 226 48.66 87.34 -194.35
N GLN VB 227 49.20 86.50 -195.24
CA GLN VB 227 48.35 85.59 -195.98
C GLN VB 227 47.72 84.54 -195.06
N LYS VB 228 48.47 84.05 -194.09
CA LYS VB 228 47.91 83.08 -193.15
C LYS VB 228 46.81 83.74 -192.32
N ILE VB 229 47.01 85.00 -191.93
CA ILE VB 229 45.98 85.74 -191.20
C ILE VB 229 44.74 85.91 -192.05
N ILE VB 230 44.92 86.24 -193.33
CA ILE VB 230 43.79 86.41 -194.23
C ILE VB 230 43.01 85.11 -194.44
N ASP VB 231 43.73 83.98 -194.53
CA ASP VB 231 43.06 82.70 -194.71
C ASP VB 231 42.31 82.31 -193.45
N GLU VB 232 42.89 82.57 -192.28
CA GLU VB 232 42.22 82.25 -191.02
C GLU VB 232 41.09 83.26 -190.85
N MET VB 233 41.15 84.41 -191.53
CA MET VB 233 40.10 85.41 -191.38
C MET VB 233 38.74 84.88 -191.80
N PHE VB 234 38.67 84.25 -192.98
CA PHE VB 234 37.44 83.68 -193.51
C PHE VB 234 37.66 82.20 -193.83
N LEU VB 235 37.19 81.34 -192.93
CA LEU VB 235 37.32 79.90 -193.13
C LEU VB 235 36.24 79.39 -194.08
N PHE VB 236 36.37 78.14 -194.48
CA PHE VB 236 35.39 77.53 -195.38
C PHE VB 236 34.18 77.04 -194.60
N GLU VB 237 33.62 77.91 -193.77
CA GLU VB 237 32.38 77.63 -193.04
C GLU VB 237 31.41 78.78 -193.01
N ASN VB 238 31.82 80.00 -193.34
CA ASN VB 238 30.94 81.16 -193.37
C ASN VB 238 30.30 81.38 -194.73
N LEU VB 239 30.57 80.50 -195.71
CA LEU VB 239 29.98 80.63 -197.02
C LEU VB 239 28.45 80.53 -196.97
N VAL VB 240 27.90 79.90 -195.94
CA VAL VB 240 26.45 79.85 -195.77
C VAL VB 240 25.88 81.23 -195.53
N ASP VB 241 26.67 82.16 -194.98
CA ASP VB 241 26.21 83.53 -194.72
C ASP VB 241 26.40 84.45 -195.91
N VAL VB 242 26.95 83.96 -197.02
CA VAL VB 242 27.14 84.78 -198.21
C VAL VB 242 25.81 84.97 -198.91
N ASP VB 243 25.62 86.14 -199.51
CA ASP VB 243 24.38 86.45 -200.20
C ASP VB 243 24.24 85.60 -201.46
N ASP VB 244 22.99 85.39 -201.86
CA ASP VB 244 22.71 84.60 -203.07
C ASP VB 244 23.28 85.28 -204.31
N ARG VB 245 23.15 86.61 -204.39
CA ARG VB 245 23.72 87.34 -205.53
C ARG VB 245 25.24 87.20 -205.57
N SER VB 246 25.89 87.28 -204.42
CA SER VB 246 27.34 87.09 -204.37
C SER VB 246 27.72 85.68 -204.80
N ILE VB 247 26.95 84.68 -204.37
CA ILE VB 247 27.22 83.31 -204.78
C ILE VB 247 27.07 83.14 -206.28
N GLN VB 248 26.02 83.72 -206.87
CA GLN VB 248 25.82 83.64 -208.31
C GLN VB 248 26.95 84.34 -209.06
N ARG VB 249 27.39 85.50 -208.56
CA ARG VB 249 28.48 86.21 -209.21
C ARG VB 249 29.78 85.41 -209.14
N LEU VB 250 30.05 84.78 -208.00
CA LEU VB 250 31.27 84.00 -207.85
C LEU VB 250 31.21 82.69 -208.64
N LEU VB 251 29.99 82.20 -208.92
CA LEU VB 251 29.87 80.96 -209.67
C LEU VB 251 30.42 81.10 -211.09
N GLN VB 252 30.41 82.32 -211.63
CA GLN VB 252 30.92 82.55 -212.98
C GLN VB 252 32.43 82.37 -213.09
N GLU VB 253 33.16 82.38 -211.98
CA GLU VB 253 34.60 82.22 -212.00
C GLU VB 253 35.08 80.96 -211.29
N VAL VB 254 34.17 80.07 -210.91
CA VAL VB 254 34.52 78.85 -210.19
C VAL VB 254 34.44 77.67 -211.16
N ASP VB 255 35.53 76.91 -211.26
CA ASP VB 255 35.52 75.73 -212.11
C ASP VB 255 34.59 74.67 -211.55
N SER VB 256 33.89 73.97 -212.44
CA SER VB 256 32.93 72.97 -212.01
C SER VB 256 33.62 71.83 -211.26
N GLU VB 257 34.74 71.36 -211.79
CA GLU VB 257 35.46 70.26 -211.14
C GLU VB 257 36.00 70.69 -209.77
N SER VB 258 36.60 71.87 -209.69
CA SER VB 258 37.12 72.35 -208.42
C SER VB 258 36.01 72.59 -207.42
N LEU VB 259 34.89 73.17 -207.87
CA LEU VB 259 33.76 73.39 -206.98
C LEU VB 259 33.20 72.07 -206.46
N LEU VB 260 33.08 71.08 -207.34
CA LEU VB 260 32.57 69.78 -206.92
C LEU VB 260 33.52 69.12 -205.92
N ILE VB 261 34.83 69.23 -206.17
CA ILE VB 261 35.80 68.65 -205.24
C ILE VB 261 35.71 69.33 -203.88
N ALA VB 262 35.59 70.66 -203.87
CA ALA VB 262 35.48 71.38 -202.61
C ALA VB 262 34.19 71.03 -201.87
N LEU VB 263 33.07 70.90 -202.59
CA LEU VB 263 31.79 70.63 -201.98
C LEU VB 263 31.54 69.16 -201.71
N LYS VB 264 32.47 68.28 -202.11
CA LYS VB 264 32.30 66.86 -201.82
C LYS VB 264 32.28 66.60 -200.31
N GLY VB 265 33.17 67.25 -199.58
CA GLY VB 265 33.22 67.14 -198.13
C GLY VB 265 32.53 68.26 -197.39
N ALA VB 266 31.85 69.17 -198.08
CA ALA VB 266 31.20 70.30 -197.44
C ALA VB 266 29.89 69.85 -196.79
N GLU VB 267 29.33 70.72 -195.95
CA GLU VB 267 28.07 70.42 -195.29
C GLU VB 267 26.93 70.40 -196.31
N PRO VB 268 25.92 69.55 -196.10
CA PRO VB 268 24.79 69.49 -197.04
C PRO VB 268 24.11 70.84 -197.15
N PRO VB 269 23.99 71.58 -196.04
CA PRO VB 269 23.39 72.93 -196.13
C PRO VB 269 24.18 73.86 -197.04
N LEU VB 270 25.51 73.80 -197.00
CA LEU VB 270 26.32 74.64 -197.87
C LEU VB 270 26.12 74.26 -199.33
N ARG VB 271 26.06 72.96 -199.62
CA ARG VB 271 25.81 72.52 -200.99
C ARG VB 271 24.44 72.97 -201.49
N GLU VB 272 23.43 72.87 -200.63
CA GLU VB 272 22.09 73.30 -201.00
C GLU VB 272 22.05 74.81 -201.25
N LYS VB 273 22.72 75.59 -200.40
CA LYS VB 273 22.76 77.03 -200.58
C LYS VB 273 23.50 77.42 -201.87
N PHE VB 274 24.59 76.72 -202.17
CA PHE VB 274 25.38 77.00 -203.35
C PHE VB 274 24.76 76.45 -204.62
N LEU VB 275 23.79 75.54 -204.52
CA LEU VB 275 23.13 74.98 -205.69
C LEU VB 275 21.90 75.78 -206.12
N ARG VB 276 21.55 76.83 -205.39
CA ARG VB 276 20.41 77.67 -205.73
C ARG VB 276 20.78 78.85 -206.60
N ASN VB 277 22.05 79.00 -206.95
CA ASN VB 277 22.51 80.12 -207.77
C ASN VB 277 22.67 79.76 -209.25
N MET VB 278 22.80 78.47 -209.57
CA MET VB 278 22.97 78.04 -210.95
C MET VB 278 21.63 77.58 -211.51
N SER VB 279 21.64 77.07 -212.74
CA SER VB 279 20.42 76.60 -213.36
C SER VB 279 20.00 75.25 -212.76
N GLN VB 280 18.75 74.88 -213.03
CA GLN VB 280 18.24 73.59 -212.54
C GLN VB 280 19.01 72.43 -213.14
N ARG VB 281 19.29 72.49 -214.45
CA ARG VB 281 20.09 71.46 -215.09
C ARG VB 281 21.50 71.43 -214.52
N ALA VB 282 22.09 72.61 -214.30
CA ALA VB 282 23.42 72.67 -213.70
C ALA VB 282 23.42 72.11 -212.29
N ALA VB 283 22.39 72.42 -211.50
CA ALA VB 283 22.29 71.88 -210.15
C ALA VB 283 22.16 70.36 -210.17
N ASP VB 284 21.33 69.84 -211.09
CA ASP VB 284 21.18 68.39 -211.20
C ASP VB 284 22.49 67.73 -211.62
N ILE VB 285 23.21 68.34 -212.56
CA ILE VB 285 24.49 67.80 -212.99
C ILE VB 285 25.50 67.80 -211.84
N LEU VB 286 25.54 68.89 -211.07
CA LEU VB 286 26.44 68.94 -209.91
C LEU VB 286 26.08 67.89 -208.88
N ARG VB 287 24.80 67.71 -208.62
CA ARG VB 287 24.37 66.69 -207.66
C ARG VB 287 24.75 65.29 -208.15
N ASP VB 288 24.55 65.02 -209.44
CA ASP VB 288 24.92 63.71 -209.98
C ASP VB 288 26.42 63.49 -209.91
N ASP VB 289 27.21 64.52 -210.21
CA ASP VB 289 28.66 64.40 -210.13
C ASP VB 289 29.11 64.16 -208.69
N LEU VB 290 28.51 64.86 -207.73
CA LEU VB 290 28.85 64.65 -206.33
C LEU VB 290 28.49 63.24 -205.87
N ALA VB 291 27.32 62.75 -206.29
CA ALA VB 291 26.91 61.40 -205.92
C ALA VB 291 27.86 60.36 -206.53
N ASN VB 292 28.25 60.57 -207.79
CA ASN VB 292 29.11 59.62 -208.48
C ASN VB 292 30.57 59.74 -208.07
N ARG VB 293 30.97 60.87 -207.47
CA ARG VB 293 32.35 61.06 -207.08
C ARG VB 293 32.69 60.20 -205.87
N GLY VB 294 33.77 59.45 -205.96
CA GLY VB 294 34.23 58.62 -204.87
C GLY VB 294 35.01 59.40 -203.85
N PRO VB 295 35.35 58.74 -202.75
CA PRO VB 295 36.15 59.40 -201.71
C PRO VB 295 37.52 59.79 -202.25
N VAL VB 296 38.01 60.95 -201.80
CA VAL VB 296 39.30 61.48 -202.23
C VAL VB 296 40.04 61.99 -201.00
N ARG VB 297 41.36 62.09 -201.15
CA ARG VB 297 42.19 62.63 -200.06
C ARG VB 297 41.86 64.10 -199.83
N LEU VB 298 41.89 64.51 -198.56
CA LEU VB 298 41.54 65.88 -198.21
C LEU VB 298 42.57 66.90 -198.68
N SER VB 299 43.76 66.45 -199.12
CA SER VB 299 44.79 67.39 -199.55
C SER VB 299 44.35 68.18 -200.78
N GLN VB 300 43.75 67.52 -201.76
CA GLN VB 300 43.27 68.21 -202.96
C GLN VB 300 41.98 68.97 -202.73
N VAL VB 301 41.08 68.44 -201.91
CA VAL VB 301 39.85 69.14 -201.59
C VAL VB 301 40.15 70.44 -200.86
N GLU VB 302 41.12 70.40 -199.94
CA GLU VB 302 41.51 71.61 -199.23
C GLU VB 302 42.09 72.65 -200.18
N ASN VB 303 42.90 72.22 -201.15
CA ASN VB 303 43.45 73.16 -202.13
C ASN VB 303 42.35 73.76 -202.99
N GLU VB 304 41.38 72.94 -203.41
CA GLU VB 304 40.27 73.45 -204.20
C GLU VB 304 39.44 74.46 -203.41
N GLN VB 305 39.17 74.15 -202.14
CA GLN VB 305 38.42 75.07 -201.30
C GLN VB 305 39.20 76.36 -201.07
N LYS VB 306 40.52 76.26 -200.92
CA LYS VB 306 41.35 77.45 -200.76
C LYS VB 306 41.31 78.31 -202.02
N ALA VB 307 41.35 77.70 -203.20
CA ALA VB 307 41.26 78.44 -204.44
C ALA VB 307 39.91 79.14 -204.56
N ILE VB 308 38.83 78.43 -204.21
CA ILE VB 308 37.49 79.01 -204.27
C ILE VB 308 37.38 80.18 -203.30
N LEU VB 309 37.90 80.01 -202.08
CA LEU VB 309 37.87 81.09 -201.11
C LEU VB 309 38.70 82.28 -201.55
N LEU VB 310 39.85 82.04 -202.18
CA LEU VB 310 40.66 83.14 -202.69
C LEU VB 310 39.93 83.89 -203.79
N ILE VB 311 39.24 83.17 -204.68
CA ILE VB 311 38.47 83.83 -205.73
C ILE VB 311 37.35 84.67 -205.12
N VAL VB 312 36.66 84.10 -204.13
CA VAL VB 312 35.55 84.83 -203.48
C VAL VB 312 36.08 86.08 -202.78
N ARG VB 313 37.22 85.95 -202.09
CA ARG VB 313 37.80 87.09 -201.39
C ARG VB 313 38.24 88.17 -202.38
N ARG VB 314 38.81 87.76 -203.52
CA ARG VB 314 39.19 88.73 -204.54
C ARG VB 314 37.96 89.46 -205.08
N LEU VB 315 36.88 88.72 -205.33
CA LEU VB 315 35.65 89.34 -205.81
C LEU VB 315 35.09 90.32 -204.78
N ALA VB 316 35.12 89.94 -203.51
CA ALA VB 316 34.63 90.83 -202.45
C ALA VB 316 35.49 92.08 -202.34
N GLU VB 317 36.81 91.91 -202.42
CA GLU VB 317 37.73 93.05 -202.33
C GLU VB 317 37.53 94.00 -203.50
N THR VB 318 37.28 93.43 -204.69
CA THR VB 318 36.99 94.27 -205.86
C THR VB 318 35.72 95.08 -205.63
N GLY VB 319 34.70 94.46 -205.02
CA GLY VB 319 33.47 95.15 -204.72
C GLY VB 319 32.27 94.57 -205.45
N GLU VB 320 32.39 93.31 -205.88
CA GLU VB 320 31.33 92.63 -206.62
C GLU VB 320 30.72 91.48 -205.84
N MET VB 321 30.78 91.53 -204.52
CA MET VB 321 30.21 90.47 -203.67
C MET VB 321 29.82 91.10 -202.34
N VAL VB 322 28.91 90.44 -201.63
CA VAL VB 322 28.44 90.91 -200.33
C VAL VB 322 28.13 89.70 -199.45
N ILE VB 323 27.80 89.96 -198.19
CA ILE VB 323 27.47 88.90 -197.23
C ILE VB 323 26.18 89.25 -196.53
N GLY VB 324 25.61 88.28 -195.81
CA GLY VB 324 24.37 88.49 -195.09
C GLY VB 324 23.91 87.27 -194.31
N SER WB 33 134.96 93.78 -168.28
CA SER WB 33 134.05 93.92 -167.15
C SER WB 33 132.61 94.06 -167.61
N ASP WB 34 131.78 93.09 -167.25
CA ASP WB 34 130.35 93.11 -167.60
C ASP WB 34 129.62 93.95 -166.56
N ILE WB 35 129.01 95.03 -167.02
CA ILE WB 35 128.27 95.93 -166.14
C ILE WB 35 127.07 96.48 -166.91
N ARG WB 36 125.87 96.06 -166.53
CA ARG WB 36 124.66 96.49 -167.20
C ARG WB 36 123.70 97.05 -166.16
N PRO WB 37 122.80 98.00 -166.52
CA PRO WB 37 121.88 98.64 -165.54
C PRO WB 37 120.92 97.63 -164.96
N TYR WB 38 120.54 97.83 -163.70
CA TYR WB 38 119.62 96.95 -163.01
C TYR WB 38 118.21 97.21 -163.51
N ASP WB 39 117.58 96.18 -164.07
CA ASP WB 39 116.19 96.27 -164.51
C ASP WB 39 115.35 95.35 -163.64
N PRO WB 40 114.39 95.88 -162.88
CA PRO WB 40 113.52 94.99 -162.10
C PRO WB 40 112.68 94.11 -163.00
N ASN WB 41 111.93 93.21 -162.36
CA ASN WB 41 111.03 92.23 -162.96
C ASN WB 41 111.68 91.42 -164.08
N THR WB 42 113.00 91.34 -164.12
CA THR WB 42 113.68 90.49 -165.09
C THR WB 42 114.00 89.14 -164.48
N GLN WB 43 113.89 88.09 -165.29
CA GLN WB 43 114.12 86.72 -164.82
C GLN WB 43 115.61 86.52 -164.61
N ARG WB 44 116.08 86.94 -163.43
CA ARG WB 44 117.49 86.81 -163.08
C ARG WB 44 117.76 85.74 -162.05
N ARG WB 45 116.73 85.23 -161.36
CA ARG WB 45 116.90 84.19 -160.35
C ARG WB 45 116.81 82.83 -161.03
N VAL WB 46 117.94 82.14 -161.11
CA VAL WB 46 118.01 80.81 -161.71
C VAL WB 46 118.41 79.83 -160.63
N VAL WB 47 117.53 78.85 -160.38
CA VAL WB 47 117.77 77.82 -159.36
C VAL WB 47 117.54 76.49 -160.04
N ARG WB 48 118.63 75.86 -160.52
CA ARG WB 48 118.56 74.59 -161.21
C ARG WB 48 119.02 73.51 -160.22
N GLU WB 49 118.16 72.51 -160.01
CA GLU WB 49 118.47 71.45 -159.06
C GLU WB 49 117.78 70.19 -159.55
N ARG WB 50 118.56 69.13 -159.77
CA ARG WB 50 118.02 67.85 -160.17
C ARG WB 50 117.22 67.25 -159.01
N LEU WB 51 116.03 66.72 -159.32
CA LEU WB 51 115.13 66.17 -158.31
C LEU WB 51 114.85 64.71 -158.65
N GLN WB 52 115.74 63.82 -158.20
CA GLN WB 52 115.62 62.41 -158.54
C GLN WB 52 114.37 61.79 -157.92
N ALA WB 53 114.11 62.13 -156.65
CA ALA WB 53 112.95 61.57 -155.90
C ALA WB 53 111.66 61.94 -156.63
N LEU WB 54 111.51 63.17 -157.14
CA LEU WB 54 110.38 63.54 -157.98
C LEU WB 54 110.44 62.82 -159.32
N GLU WB 55 111.65 62.59 -159.84
CA GLU WB 55 111.78 61.90 -161.11
C GLU WB 55 111.26 60.47 -161.04
N ILE WB 56 111.28 59.85 -159.85
CA ILE WB 56 110.75 58.49 -159.76
C ILE WB 56 109.29 58.52 -159.33
N ILE WB 57 108.92 59.53 -158.54
CA ILE WB 57 107.52 59.67 -158.15
C ILE WB 57 106.66 59.92 -159.38
N ASN WB 58 107.18 60.65 -160.35
CA ASN WB 58 106.44 60.89 -161.58
C ASN WB 58 106.11 59.61 -162.33
N GLU WB 59 107.07 58.71 -162.49
CA GLU WB 59 106.80 57.44 -163.15
C GLU WB 59 105.86 56.56 -162.35
N ARG WB 60 106.01 56.54 -161.02
CA ARG WB 60 105.11 55.74 -160.20
C ARG WB 60 103.68 56.24 -160.39
N PHE WB 61 103.50 57.57 -160.32
CA PHE WB 61 102.18 58.16 -160.52
C PHE WB 61 101.68 57.90 -161.93
N ALA WB 62 102.56 57.94 -162.92
CA ALA WB 62 102.15 57.71 -164.29
C ALA WB 62 101.64 56.28 -164.47
N ARG WB 63 102.32 55.31 -163.87
CA ARG WB 63 101.85 53.94 -163.94
C ARG WB 63 100.49 53.79 -163.26
N GLN WB 64 100.34 54.38 -162.07
CA GLN WB 64 99.06 54.30 -161.36
C GLN WB 64 97.96 54.95 -162.17
N PHE WB 65 98.23 56.11 -162.77
CA PHE WB 65 97.23 56.82 -163.54
C PHE WB 65 96.88 56.08 -164.83
N ARG WB 66 97.85 55.42 -165.46
CA ARG WB 66 97.54 54.60 -166.62
C ARG WB 66 96.54 53.48 -166.41
N MET WB 67 96.72 52.71 -165.32
CA MET WB 67 95.73 51.68 -165.00
C MET WB 67 94.36 52.22 -164.54
N GLY WB 68 94.41 53.39 -163.90
CA GLY WB 68 93.18 54.04 -163.47
C GLY WB 68 92.45 54.43 -164.75
N LEU WB 69 93.17 55.00 -165.71
CA LEU WB 69 92.55 55.37 -166.97
C LEU WB 69 92.06 54.15 -167.74
N PHE WB 70 92.82 53.06 -167.69
CA PHE WB 70 92.35 51.82 -168.29
C PHE WB 70 91.08 51.35 -167.61
N ASN WB 71 91.04 51.42 -166.27
CA ASN WB 71 89.85 51.01 -165.54
C ASN WB 71 88.64 51.86 -165.90
N LEU WB 72 88.86 53.15 -166.14
CA LEU WB 72 87.73 54.06 -166.38
C LEU WB 72 87.28 54.05 -167.84
N LEU WB 73 88.18 54.43 -168.74
CA LEU WB 73 87.85 54.61 -170.15
C LEU WB 73 87.64 53.30 -170.90
N ARG WB 74 87.99 52.17 -170.29
CA ARG WB 74 87.96 50.87 -170.98
C ARG WB 74 88.80 50.89 -172.24
N ARG WB 75 89.93 51.60 -172.21
CA ARG WB 75 90.87 51.68 -173.32
C ARG WB 75 92.28 51.56 -172.75
N SER WB 76 93.27 51.61 -173.64
CA SER WB 76 94.67 51.43 -173.26
C SER WB 76 95.46 52.71 -173.49
N PRO WB 77 95.56 53.57 -172.48
CA PRO WB 77 96.43 54.75 -172.62
C PRO WB 77 97.90 54.52 -172.34
N ASP WB 78 98.74 55.36 -172.94
CA ASP WB 78 100.17 55.35 -172.63
C ASP WB 78 100.54 56.77 -172.20
N ILE WB 79 101.20 56.87 -171.05
CA ILE WB 79 101.57 58.14 -170.46
C ILE WB 79 103.08 58.26 -170.48
N THR WB 80 103.58 59.28 -171.15
CA THR WB 80 105.01 59.58 -171.21
C THR WB 80 105.28 60.75 -170.28
N VAL WB 81 106.20 60.57 -169.34
CA VAL WB 81 106.54 61.63 -168.39
C VAL WB 81 107.56 62.56 -169.04
N GLY WB 82 107.22 63.85 -169.10
CA GLY WB 82 108.14 64.82 -169.63
C GLY WB 82 109.18 65.24 -168.62
N ALA WB 83 110.12 66.07 -169.09
CA ALA WB 83 111.15 66.58 -168.22
C ALA WB 83 110.57 67.57 -167.21
N ILE WB 84 110.98 67.42 -165.96
CA ILE WB 84 110.53 68.34 -164.91
C ILE WB 84 111.10 69.73 -165.20
N ARG WB 85 110.23 70.74 -165.20
CA ARG WB 85 110.65 72.10 -165.49
C ARG WB 85 110.56 72.95 -164.24
N ILE WB 86 111.68 73.58 -163.87
CA ILE WB 86 111.74 74.49 -162.74
C ILE WB 86 111.75 75.92 -163.26
N GLN WB 87 110.59 76.57 -163.18
CA GLN WB 87 110.38 77.82 -163.91
C GLN WB 87 109.58 78.80 -163.09
N PRO WB 88 109.69 80.10 -163.36
CA PRO WB 88 108.84 81.08 -162.68
C PRO WB 88 107.37 80.84 -163.02
N TYR WB 89 106.50 81.18 -162.07
CA TYR WB 89 105.08 80.88 -162.22
C TYR WB 89 104.40 81.49 -163.43
N HIS WB 90 104.80 82.70 -163.83
CA HIS WB 90 104.19 83.41 -164.99
C HIS WB 90 104.60 82.76 -166.32
N GLU WB 91 105.70 81.99 -166.36
CA GLU WB 91 106.09 81.23 -167.54
C GLU WB 91 105.10 80.06 -167.63
N PHE WB 92 104.86 79.38 -166.53
CA PHE WB 92 103.90 78.29 -166.50
C PHE WB 92 102.51 78.79 -166.86
N ALA WB 93 102.12 79.95 -166.34
CA ALA WB 93 100.80 80.49 -166.63
C ALA WB 93 100.66 80.84 -168.10
N ARG WB 94 101.68 81.47 -168.68
CA ARG WB 94 101.56 81.91 -170.06
C ARG WB 94 101.63 80.74 -171.04
N ASN WB 95 102.35 79.67 -170.69
CA ASN WB 95 102.41 78.52 -171.59
C ASN WB 95 101.08 77.76 -171.61
N LEU WB 96 100.27 77.92 -170.58
CA LEU WB 96 98.98 77.22 -170.52
C LEU WB 96 98.03 77.80 -171.57
N PRO WB 97 97.14 76.97 -172.12
CA PRO WB 97 96.12 77.47 -173.03
C PRO WB 97 94.90 77.98 -172.26
N VAL WB 98 94.01 78.62 -172.99
CA VAL WB 98 92.80 79.17 -172.39
C VAL WB 98 91.58 78.78 -173.22
N PRO WB 99 90.55 78.21 -172.62
CA PRO WB 99 90.44 77.82 -171.21
C PRO WB 99 91.08 76.46 -170.96
N THR WB 100 91.42 76.17 -169.71
CA THR WB 100 91.99 74.88 -169.30
C THR WB 100 91.50 74.62 -167.90
N ASN WB 101 91.03 73.41 -167.58
CA ASN WB 101 90.67 73.03 -166.19
C ASN WB 101 91.87 73.01 -165.25
N LEU WB 102 91.87 73.83 -164.21
CA LEU WB 102 92.92 73.88 -163.18
C LEU WB 102 92.36 73.29 -161.88
N ASN WB 103 93.04 72.40 -161.15
CA ASN WB 103 92.46 71.73 -159.95
C ASN WB 103 93.32 72.09 -158.74
N LEU WB 104 92.96 73.10 -157.95
CA LEU WB 104 93.75 73.43 -156.77
C LEU WB 104 93.69 72.27 -155.80
N ILE WB 105 94.84 71.81 -155.35
CA ILE WB 105 94.92 70.66 -154.47
C ILE WB 105 95.79 71.01 -153.27
N HIS WB 106 95.46 70.43 -152.13
CA HIS WB 106 96.19 70.64 -150.89
C HIS WB 106 97.00 69.39 -150.59
N LEU WB 107 98.32 69.52 -150.55
CA LEU WB 107 99.20 68.42 -150.22
C LEU WB 107 99.61 68.48 -148.75
N LYS WB 108 98.63 68.34 -147.87
CA LYS WB 108 98.90 68.39 -146.45
C LYS WB 108 99.80 67.24 -146.03
N PRO WB 109 100.66 67.45 -145.01
CA PRO WB 109 100.78 68.63 -144.15
C PRO WB 109 101.67 69.73 -144.73
N LEU WB 110 102.05 69.64 -146.00
CA LEU WB 110 102.89 70.68 -146.60
C LEU WB 110 102.05 71.93 -146.83
N ARG WB 111 102.50 73.05 -146.26
CA ARG WB 111 101.75 74.29 -146.40
C ARG WB 111 101.92 74.85 -147.81
N GLY WB 112 100.80 75.11 -148.47
CA GLY WB 112 100.78 75.60 -149.83
C GLY WB 112 99.61 75.02 -150.59
N THR WB 113 99.60 75.25 -151.90
CA THR WB 113 98.52 74.79 -152.75
C THR WB 113 99.08 74.45 -154.12
N GLY WB 114 99.05 73.16 -154.47
CA GLY WB 114 99.49 72.73 -155.78
C GLY WB 114 98.37 72.78 -156.81
N LEU WB 115 98.75 72.52 -158.05
CA LEU WB 115 97.83 72.65 -159.18
C LEU WB 115 97.95 71.44 -160.08
N VAL WB 116 96.80 70.91 -160.49
CA VAL WB 116 96.73 69.83 -161.48
C VAL WB 116 96.01 70.37 -162.70
N VAL WB 117 96.70 70.40 -163.84
CA VAL WB 117 96.19 71.03 -165.05
C VAL WB 117 95.81 69.97 -166.05
N PHE WB 118 94.53 69.86 -166.35
CA PHE WB 118 94.00 68.99 -167.39
C PHE WB 118 93.76 69.78 -168.67
N SER WB 119 94.43 69.37 -169.75
CA SER WB 119 94.27 70.05 -171.01
C SER WB 119 92.87 69.86 -171.61
N PRO WB 120 92.36 70.81 -172.44
CA PRO WB 120 91.05 70.63 -173.11
C PRO WB 120 91.09 69.36 -173.94
N SER WB 121 92.26 69.03 -174.51
CA SER WB 121 92.34 67.85 -175.36
C SER WB 121 92.06 66.58 -174.57
N LEU WB 122 92.64 66.48 -173.36
CA LEU WB 122 92.47 65.26 -172.57
C LEU WB 122 91.03 65.10 -172.11
N VAL WB 123 90.41 66.18 -171.64
CA VAL WB 123 89.02 66.07 -171.19
C VAL WB 123 88.09 65.81 -172.37
N PHE WB 124 88.41 66.39 -173.54
CA PHE WB 124 87.63 66.09 -174.73
C PHE WB 124 87.73 64.61 -175.08
N ILE WB 125 88.93 64.04 -175.02
CA ILE WB 125 89.12 62.63 -175.33
C ILE WB 125 88.35 61.76 -174.34
N ALA WB 126 88.43 62.10 -173.05
CA ALA WB 126 87.75 61.30 -172.04
C ALA WB 126 86.24 61.35 -172.22
N VAL WB 127 85.69 62.55 -172.44
CA VAL WB 127 84.25 62.69 -172.63
C VAL WB 127 83.81 61.95 -173.88
N ASP WB 128 84.59 62.05 -174.96
CA ASP WB 128 84.27 61.35 -176.19
C ASP WB 128 84.25 59.85 -175.98
N ASN WB 129 85.25 59.32 -175.28
CA ASN WB 129 85.30 57.88 -175.05
C ASN WB 129 84.17 57.40 -174.16
N LEU WB 130 83.87 58.17 -173.11
CA LEU WB 130 82.79 57.76 -172.20
C LEU WB 130 81.44 57.77 -172.89
N PHE WB 131 81.16 58.79 -173.69
CA PHE WB 131 79.83 58.98 -174.26
C PHE WB 131 79.78 58.46 -175.70
N GLY WB 132 80.00 57.15 -175.83
CA GLY WB 132 79.79 56.46 -177.09
C GLY WB 132 80.60 56.99 -178.26
N GLY WB 133 81.88 57.23 -178.05
CA GLY WB 133 82.72 57.69 -179.14
C GLY WB 133 84.02 56.94 -179.27
N ASP WB 134 84.30 56.43 -180.47
CA ASP WB 134 85.55 55.67 -180.73
C ASP WB 134 86.64 56.65 -181.19
N GLY WB 135 86.52 57.93 -180.85
CA GLY WB 135 87.52 58.91 -181.23
C GLY WB 135 87.77 58.89 -182.72
N ARG WB 136 86.74 58.63 -183.52
CA ARG WB 136 86.88 58.69 -184.98
C ARG WB 136 87.15 60.11 -185.48
N PHE WB 137 86.29 61.05 -185.06
CA PHE WB 137 86.49 62.44 -185.46
C PHE WB 137 87.62 63.16 -184.73
N PRO WB 138 88.29 64.10 -185.37
CA PRO WB 138 89.36 64.84 -184.70
C PRO WB 138 88.81 65.69 -183.56
N THR WB 139 89.63 65.86 -182.53
CA THR WB 139 89.25 66.73 -181.42
C THR WB 139 89.29 68.19 -181.86
N LYS WB 140 88.20 68.91 -181.60
CA LYS WB 140 88.08 70.31 -181.94
C LYS WB 140 87.86 71.13 -180.68
N VAL WB 141 88.78 72.06 -180.41
CA VAL WB 141 88.68 72.97 -179.28
C VAL WB 141 88.78 74.39 -179.81
N GLU WB 142 87.77 75.21 -179.49
CA GLU WB 142 87.71 76.59 -179.96
C GLU WB 142 87.35 77.52 -178.81
N GLY WB 143 88.02 77.36 -177.67
CA GLY WB 143 87.71 78.18 -176.53
C GLY WB 143 86.44 77.82 -175.81
N ARG WB 144 85.88 76.65 -176.10
CA ARG WB 144 84.64 76.21 -175.47
C ARG WB 144 84.88 75.91 -174.00
N GLU WB 145 83.94 76.34 -173.16
CA GLU WB 145 84.05 76.13 -171.72
C GLU WB 145 83.61 74.71 -171.36
N PHE WB 146 83.54 74.44 -170.06
CA PHE WB 146 83.23 73.12 -169.54
C PHE WB 146 81.88 73.15 -168.86
N THR WB 147 80.98 72.25 -169.28
CA THR WB 147 79.66 72.17 -168.68
C THR WB 147 79.72 71.39 -167.37
N HIS WB 148 78.56 71.22 -166.74
CA HIS WB 148 78.50 70.50 -165.48
C HIS WB 148 78.81 69.02 -165.67
N THR WB 149 78.34 68.43 -166.77
CA THR WB 149 78.67 67.04 -167.05
C THR WB 149 80.17 66.87 -167.31
N GLU WB 150 80.76 67.78 -168.07
CA GLU WB 150 82.21 67.74 -168.28
C GLU WB 150 82.95 67.92 -166.97
N GLN WB 151 82.46 68.81 -166.11
CA GLN WB 151 83.09 69.01 -164.81
C GLN WB 151 83.01 67.76 -163.96
N ARG WB 152 81.88 67.04 -164.03
CA ARG WB 152 81.76 65.81 -163.26
C ARG WB 152 82.70 64.72 -163.79
N VAL WB 153 82.83 64.64 -165.11
CA VAL WB 153 83.78 63.70 -165.70
C VAL WB 153 85.20 64.02 -165.27
N ILE WB 154 85.55 65.31 -165.26
CA ILE WB 154 86.88 65.72 -164.84
C ILE WB 154 87.10 65.42 -163.36
N ASN WB 155 86.06 65.59 -162.54
CA ASN WB 155 86.17 65.23 -161.13
C ASN WB 155 86.42 63.74 -160.98
N ARG WB 156 85.72 62.93 -161.78
CA ARG WB 156 85.91 61.48 -161.72
C ARG WB 156 87.34 61.11 -162.11
N MET WB 157 87.87 61.75 -163.16
CA MET WB 157 89.25 61.50 -163.55
C MET WB 157 90.23 61.97 -162.48
N LEU WB 158 89.96 63.14 -161.91
CA LEU WB 158 90.89 63.73 -160.94
C LEU WB 158 90.91 62.93 -159.65
N LYS WB 159 89.82 62.23 -159.32
CA LYS WB 159 89.85 61.36 -158.16
C LYS WB 159 90.90 60.28 -158.34
N LEU WB 160 90.91 59.62 -159.52
CA LEU WB 160 91.94 58.63 -159.80
C LEU WB 160 93.32 59.26 -159.84
N ALA WB 161 93.44 60.44 -160.44
CA ALA WB 161 94.74 61.09 -160.53
C ALA WB 161 95.30 61.39 -159.14
N LEU WB 162 94.45 61.91 -158.24
CA LEU WB 162 94.90 62.23 -156.89
C LEU WB 162 95.21 60.98 -156.09
N GLU WB 163 94.42 59.93 -156.26
CA GLU WB 163 94.74 58.67 -155.59
C GLU WB 163 96.09 58.14 -156.03
N GLY WB 164 96.34 58.16 -157.34
CA GLY WB 164 97.62 57.70 -157.85
C GLY WB 164 98.79 58.54 -157.35
N TYR WB 165 98.60 59.87 -157.34
CA TYR WB 165 99.67 60.74 -156.85
C TYR WB 165 99.95 60.51 -155.37
N SER WB 166 98.90 60.36 -154.56
CA SER WB 166 99.08 60.11 -153.15
C SER WB 166 99.80 58.78 -152.92
N ASP WB 167 99.41 57.75 -153.67
CA ASP WB 167 100.06 56.45 -153.53
C ASP WB 167 101.54 56.54 -153.93
N ALA WB 168 101.84 57.28 -155.00
CA ALA WB 168 103.22 57.44 -155.43
C ALA WB 168 104.03 58.18 -154.37
N TRP WB 169 103.46 59.21 -153.77
CA TRP WB 169 104.18 59.97 -152.74
C TRP WB 169 104.30 59.10 -151.50
N LYS WB 170 103.33 58.22 -151.27
CA LYS WB 170 103.32 57.40 -150.05
C LYS WB 170 104.63 56.64 -149.86
N ALA WB 171 105.25 56.19 -150.94
CA ALA WB 171 106.52 55.49 -150.84
C ALA WB 171 107.65 56.27 -150.18
N ILE WB 172 107.76 57.56 -150.48
CA ILE WB 172 108.85 58.39 -149.94
C ILE WB 172 108.35 59.13 -148.71
N ASN WB 173 107.33 59.97 -148.89
CA ASN WB 173 106.77 60.74 -147.78
C ASN WB 173 105.26 60.64 -147.81
N PRO WB 174 104.63 60.07 -146.79
CA PRO WB 174 103.17 59.90 -146.82
C PRO WB 174 102.44 61.23 -146.76
N LEU WB 175 101.74 61.56 -147.84
CA LEU WB 175 100.98 62.78 -147.95
C LEU WB 175 99.53 62.45 -148.30
N GLU WB 176 98.61 63.31 -147.86
CA GLU WB 176 97.21 63.20 -148.22
C GLU WB 176 96.85 64.33 -149.17
N VAL WB 177 96.20 63.97 -150.27
CA VAL WB 177 95.90 64.90 -151.35
C VAL WB 177 94.41 65.21 -151.30
N GLU WB 178 94.09 66.49 -151.16
CA GLU WB 178 92.70 66.95 -151.10
C GLU WB 178 92.42 67.91 -152.24
N TYR WB 179 91.33 67.65 -152.96
CA TYR WB 179 90.87 68.53 -154.02
C TYR WB 179 89.93 69.56 -153.42
N VAL WB 180 90.27 70.84 -153.58
CA VAL WB 180 89.54 71.91 -152.91
C VAL WB 180 88.70 72.73 -153.87
N ARG WB 181 89.15 72.90 -155.11
CA ARG WB 181 88.46 73.82 -156.02
C ARG WB 181 88.93 73.56 -157.43
N SER WB 182 88.06 73.83 -158.39
CA SER WB 182 88.38 73.74 -159.80
C SER WB 182 88.01 75.07 -160.45
N GLU WB 183 88.82 75.48 -161.41
CA GLU WB 183 88.65 76.75 -162.11
C GLU WB 183 88.99 76.53 -163.56
N MET WB 184 88.61 77.50 -164.40
CA MET WB 184 88.83 77.43 -165.83
C MET WB 184 89.80 78.47 -166.39
N GLN WB 185 89.90 79.62 -165.73
CA GLN WB 185 90.83 80.66 -166.14
C GLN WB 185 92.12 80.55 -165.33
N VAL WB 186 93.12 81.33 -165.74
CA VAL WB 186 94.41 81.30 -165.06
C VAL WB 186 94.49 82.31 -163.92
N LYS WB 187 93.75 83.41 -164.00
CA LYS WB 187 93.86 84.46 -163.01
C LYS WB 187 93.11 84.16 -161.72
N PHE WB 188 92.35 83.06 -161.66
CA PHE WB 188 91.65 82.69 -160.45
C PHE WB 188 92.46 81.88 -159.45
N THR WB 189 93.59 81.30 -159.86
CA THR WB 189 94.33 80.42 -158.96
C THR WB 189 95.30 81.18 -158.05
N ASN WB 190 96.27 81.86 -158.65
CA ASN WB 190 97.29 82.63 -157.93
C ASN WB 190 97.76 81.88 -156.67
N ILE WB 191 98.41 80.72 -156.89
CA ILE WB 191 98.94 79.89 -155.78
C ILE WB 191 100.34 80.41 -155.40
N THR WB 192 100.88 81.40 -156.12
CA THR WB 192 102.20 81.99 -155.86
C THR WB 192 102.02 83.42 -155.40
N THR WB 193 102.63 83.82 -154.29
CA THR WB 193 102.50 85.17 -153.70
C THR WB 193 102.82 86.19 -154.78
N SER WB 194 103.84 85.94 -155.61
CA SER WB 194 104.22 86.80 -156.71
C SER WB 194 104.36 85.99 -157.99
N PRO WB 195 104.10 86.61 -159.14
CA PRO WB 195 104.24 85.87 -160.40
C PRO WB 195 105.66 85.44 -160.71
N ASN WB 196 106.65 86.03 -160.06
CA ASN WB 196 108.04 85.66 -160.28
C ASN WB 196 108.51 84.53 -159.37
N ASP WB 197 107.62 83.97 -158.55
CA ASP WB 197 107.99 82.84 -157.71
C ASP WB 197 108.26 81.61 -158.57
N ILE WB 198 109.07 80.72 -158.03
CA ILE WB 198 109.56 79.56 -158.77
C ILE WB 198 108.70 78.36 -158.43
N VAL WB 199 108.28 77.61 -159.46
CA VAL WB 199 107.44 76.44 -159.29
C VAL WB 199 108.05 75.29 -160.09
N VAL WB 200 107.68 74.08 -159.70
CA VAL WB 200 108.15 72.85 -160.31
C VAL WB 200 107.06 72.21 -161.16
N ASN WB 201 107.29 72.16 -162.47
CA ASN WB 201 106.22 71.65 -163.39
C ASN WB 201 106.59 70.33 -164.04
N THR WB 202 105.69 69.33 -163.98
CA THR WB 202 105.86 68.04 -164.62
C THR WB 202 104.77 67.85 -165.65
N PRO WB 203 105.08 67.93 -166.95
CA PRO WB 203 104.06 67.64 -167.99
C PRO WB 203 104.09 66.17 -168.37
N PHE WB 204 102.91 65.54 -168.37
CA PHE WB 204 102.73 64.19 -168.87
C PHE WB 204 101.93 64.24 -170.17
N HIS WB 205 102.26 63.35 -171.09
CA HIS WB 205 101.54 63.22 -172.34
C HIS WB 205 100.81 61.89 -172.37
N VAL WB 206 99.49 61.94 -172.51
CA VAL WB 206 98.65 60.75 -172.52
C VAL WB 206 98.13 60.54 -173.93
N GLU WB 207 98.41 59.37 -174.50
CA GLU WB 207 97.94 59.04 -175.84
C GLU WB 207 96.97 57.88 -175.76
N ILE WB 208 95.81 58.04 -176.41
CA ILE WB 208 94.80 57.01 -176.54
C ILE WB 208 94.53 56.80 -178.02
N GLY WB 209 94.85 55.62 -178.52
CA GLY WB 209 94.75 55.38 -179.95
C GLY WB 209 95.60 56.38 -180.70
N ASN WB 210 95.00 57.03 -181.70
CA ASN WB 210 95.68 58.10 -182.41
C ASN WB 210 95.58 59.44 -181.69
N LEU WB 211 94.57 59.59 -180.83
CA LEU WB 211 94.38 60.86 -180.13
C LEU WB 211 95.42 61.05 -179.05
N THR WB 212 95.77 62.31 -178.80
CA THR WB 212 96.77 62.66 -177.81
C THR WB 212 96.29 63.85 -176.99
N GLY WB 213 96.84 63.95 -175.78
CA GLY WB 213 96.57 65.08 -174.91
C GLY WB 213 97.67 65.17 -173.88
N GLU WB 214 97.62 66.20 -173.05
CA GLU WB 214 98.64 66.39 -172.04
C GLU WB 214 98.02 66.95 -170.77
N PHE WB 215 98.73 66.75 -169.66
CA PHE WB 215 98.29 67.31 -168.40
C PHE WB 215 99.50 67.51 -167.50
N ASN WB 216 99.49 68.59 -166.74
CA ASN WB 216 100.64 68.99 -165.94
C ASN WB 216 100.33 68.91 -164.45
N ILE WB 217 101.38 68.74 -163.66
CA ILE WB 217 101.28 68.83 -162.21
C ILE WB 217 102.30 69.86 -161.73
N CYS WB 218 101.82 70.96 -161.16
CA CYS WB 218 102.67 72.07 -160.76
C CYS WB 218 102.62 72.25 -159.24
N LEU WB 219 103.79 72.28 -158.62
CA LEU WB 219 103.90 72.48 -157.19
C LEU WB 219 104.75 73.72 -156.92
N PRO WB 220 104.26 74.66 -156.11
CA PRO WB 220 105.10 75.79 -155.74
C PRO WB 220 106.31 75.32 -154.95
N PHE WB 221 107.46 75.97 -155.19
CA PHE WB 221 108.68 75.55 -154.52
C PHE WB 221 108.63 75.72 -153.02
N SER WB 222 107.71 76.54 -152.50
CA SER WB 222 107.60 76.70 -151.06
C SER WB 222 107.21 75.38 -150.39
N MET WB 223 106.30 74.63 -151.02
CA MET WB 223 105.90 73.33 -150.47
C MET WB 223 107.07 72.35 -150.49
N ILE WB 224 107.84 72.34 -151.57
CA ILE WB 224 108.92 71.37 -151.72
C ILE WB 224 110.10 71.71 -150.83
N GLU WB 225 110.31 73.00 -150.54
CA GLU WB 225 111.52 73.44 -149.85
C GLU WB 225 111.81 72.69 -148.55
N PRO WB 226 110.86 72.43 -147.65
CA PRO WB 226 111.19 71.64 -146.46
C PRO WB 226 111.63 70.22 -146.79
N LEU WB 227 111.32 69.71 -147.97
CA LEU WB 227 111.69 68.36 -148.38
C LEU WB 227 112.75 68.32 -149.47
N ARG WB 228 113.58 69.36 -149.57
CA ARG WB 228 114.55 69.43 -150.66
C ARG WB 228 115.62 68.35 -150.54
N GLU WB 229 116.14 68.16 -149.32
CA GLU WB 229 117.19 67.15 -149.13
C GLU WB 229 116.61 65.76 -149.39
N LEU WB 230 115.31 65.58 -149.18
CA LEU WB 230 114.69 64.30 -149.49
C LEU WB 230 114.46 64.15 -150.98
N LEU WB 231 114.07 65.23 -151.66
CA LEU WB 231 113.71 65.19 -153.10
C LEU WB 231 114.94 65.29 -153.99
N VAL WB 232 116.09 65.67 -153.44
CA VAL WB 232 117.33 65.87 -154.26
C VAL WB 232 118.02 64.51 -154.47
N ASN WB 233 118.41 63.79 -153.42
CA ASN WB 233 119.17 62.56 -153.62
C ASN WB 233 118.25 61.43 -154.05
N PRO WB 234 118.71 60.55 -154.94
CA PRO WB 234 117.89 59.40 -155.33
C PRO WB 234 117.61 58.51 -154.14
N PRO WB 235 116.42 57.92 -154.07
CA PRO WB 235 116.06 57.12 -152.89
C PRO WB 235 116.92 55.88 -152.78
N LEU WB 236 117.17 55.47 -151.54
CA LEU WB 236 117.95 54.27 -151.26
C LEU WB 236 117.07 53.23 -150.57
N GLU WB 237 117.39 51.96 -150.81
CA GLU WB 237 116.63 50.85 -150.25
C GLU WB 237 117.01 50.69 -148.78
N ASN WB 238 116.35 51.47 -147.94
CA ASN WB 238 116.59 51.47 -146.50
C ASN WB 238 115.24 51.43 -145.79
N SER WB 239 115.27 51.62 -144.48
CA SER WB 239 114.05 51.64 -143.67
C SER WB 239 114.06 52.88 -142.79
N ARG WB 240 112.87 53.22 -142.29
CA ARG WB 240 112.75 54.36 -141.39
C ARG WB 240 113.56 54.14 -140.13
N HIS WB 241 113.58 52.89 -139.63
CA HIS WB 241 114.42 52.57 -138.48
C HIS WB 241 115.89 52.81 -138.80
N GLU WB 242 116.33 52.39 -139.98
CA GLU WB 242 117.72 52.62 -140.36
C GLU WB 242 118.02 54.11 -140.50
N ASP WB 243 117.08 54.88 -141.06
CA ASP WB 243 117.30 56.30 -141.23
C ASP WB 243 117.40 57.01 -139.88
N GLN WB 244 116.50 56.68 -138.95
CA GLN WB 244 116.56 57.31 -137.64
C GLN WB 244 117.80 56.87 -136.87
N ASN WB 245 118.23 55.62 -137.06
CA ASN WB 245 119.48 55.17 -136.45
C ASN WB 245 120.67 55.95 -137.02
N TRP WB 246 120.65 56.20 -138.33
CA TRP WB 246 121.71 56.99 -138.95
C TRP WB 246 122.00 58.39 -138.40
N ARG WB 247 120.94 59.19 -138.30
CA ARG WB 247 121.10 60.57 -137.77
C ARG WB 247 121.37 60.49 -136.26
N ASP WB 248 120.83 59.47 -135.60
CA ASP WB 248 121.09 59.29 -134.14
C ASP WB 248 122.60 59.13 -133.94
N ASN WB 249 123.22 58.22 -134.67
CA ASN WB 249 124.69 57.98 -134.55
C ASN WB 249 125.42 59.27 -134.95
N LEU WB 250 124.99 59.89 -136.05
CA LEU WB 250 125.62 61.15 -136.52
C LEU WB 250 125.50 62.21 -135.41
N VAL WB 251 124.30 62.34 -134.82
CA VAL WB 251 124.09 63.31 -133.71
C VAL WB 251 125.12 63.00 -132.60
N ARG WB 252 125.24 61.72 -132.24
CA ARG WB 252 126.21 61.35 -131.21
C ARG WB 252 127.64 61.63 -131.65
N GLN WB 253 127.94 61.45 -132.93
CA GLN WB 253 129.28 61.78 -133.42
C GLN WB 253 129.53 63.27 -133.39
N VAL WB 254 128.49 64.08 -133.63
CA VAL WB 254 128.66 65.54 -133.66
C VAL WB 254 129.02 66.07 -132.27
N GLN WB 255 128.46 65.45 -131.22
CA GLN WB 255 128.64 65.97 -129.87
C GLN WB 255 130.11 66.10 -129.50
N HIS WB 256 130.97 65.24 -130.04
CA HIS WB 256 132.41 65.31 -129.75
C HIS WB 256 133.11 66.22 -130.75
N SER WB 257 132.66 67.49 -130.82
CA SER WB 257 133.27 68.53 -131.69
C SER WB 257 133.44 69.82 -130.86
N GLU WB 258 134.69 70.24 -130.63
CA GLU WB 258 134.99 71.44 -129.82
C GLU WB 258 134.46 72.69 -130.51
N LEU WB 259 133.94 73.67 -129.76
CA LEU WB 259 133.42 74.94 -130.31
C LEU WB 259 134.24 76.10 -129.76
N GLU WB 260 134.05 77.32 -130.28
CA GLU WB 260 134.67 78.52 -129.73
C GLU WB 260 133.58 79.42 -129.18
N LEU WB 261 133.58 79.60 -127.86
CA LEU WB 261 132.57 80.41 -127.18
C LEU WB 261 133.20 81.74 -126.77
N VAL WB 262 132.52 82.83 -127.09
CA VAL WB 262 133.01 84.18 -126.84
C VAL WB 262 132.03 84.92 -125.95
N ALA WB 263 132.53 85.50 -124.87
CA ALA WB 263 131.71 86.26 -123.93
C ALA WB 263 131.92 87.75 -124.19
N ASN WB 264 130.81 88.49 -124.32
CA ASN WB 264 130.86 89.92 -124.54
C ASN WB 264 130.51 90.62 -123.24
N PHE WB 265 131.49 91.33 -122.66
CA PHE WB 265 131.31 92.06 -121.37
C PHE WB 265 130.55 93.36 -121.60
N ALA WB 266 130.92 94.15 -122.61
CA ALA WB 266 130.29 95.46 -122.91
C ALA WB 266 130.36 95.80 -124.39
N ASP WB 267 129.52 96.72 -124.90
CA ASP WB 267 129.56 97.17 -126.28
C ASP WB 267 129.35 98.68 -126.27
N ILE WB 268 130.43 99.45 -126.40
CA ILE WB 268 130.41 100.89 -126.27
C ILE WB 268 130.45 101.50 -127.65
N PRO WB 269 129.60 102.51 -128.00
CA PRO WB 269 129.59 103.13 -129.36
C PRO WB 269 130.47 104.38 -129.41
N LEU WB 270 131.57 104.33 -130.15
CA LEU WB 270 132.45 105.50 -130.32
C LEU WB 270 132.56 105.90 -131.79
N ARG WB 271 132.76 107.18 -132.06
CA ARG WB 271 132.95 107.68 -133.45
C ARG WB 271 134.37 107.34 -133.90
N LEU WB 272 134.61 107.36 -135.21
CA LEU WB 272 135.98 107.11 -135.75
C LEU WB 272 136.94 108.16 -135.18
N SER WB 273 136.46 109.40 -135.02
CA SER WB 273 137.35 110.48 -134.55
C SER WB 273 137.88 110.14 -133.16
N GLN WB 274 137.02 109.59 -132.30
CA GLN WB 274 137.50 109.19 -130.96
C GLN WB 274 138.56 108.10 -131.13
N ILE WB 275 138.35 107.16 -132.05
CA ILE WB 275 139.32 106.03 -132.17
C ILE WB 275 140.74 106.48 -132.53
N LEU WB 276 140.89 107.38 -133.50
CA LEU WB 276 142.24 107.91 -133.81
C LEU WB 276 142.99 108.71 -132.72
N LYS WB 277 142.24 109.55 -132.00
CA LYS WB 277 142.81 110.28 -130.82
C LYS WB 277 142.95 109.33 -129.58
N LEU WB 278 142.26 108.19 -129.71
CA LEU WB 278 142.25 107.22 -128.59
C LEU WB 278 143.73 106.87 -128.50
N LYS WB 279 144.26 106.88 -127.28
CA LYS WB 279 145.66 106.53 -127.01
C LYS WB 279 145.69 105.90 -125.61
N PRO WB 280 146.72 105.12 -125.21
CA PRO WB 280 146.71 104.42 -123.89
C PRO WB 280 146.48 105.38 -122.72
N GLY WB 281 145.80 104.94 -121.67
CA GLY WB 281 145.51 105.71 -120.48
C GLY WB 281 144.12 106.32 -120.43
N ASP WB 282 143.41 106.35 -121.56
CA ASP WB 282 142.08 106.93 -121.58
C ASP WB 282 141.08 106.01 -120.88
N VAL WB 283 139.95 106.60 -120.48
CA VAL WB 283 138.87 105.85 -119.84
C VAL WB 283 137.62 106.06 -120.67
N LEU WB 284 137.02 104.96 -121.12
CA LEU WB 284 135.80 105.00 -121.92
C LEU WB 284 134.65 104.46 -121.06
N PRO WB 285 133.66 105.27 -120.73
CA PRO WB 285 132.65 104.83 -119.76
C PRO WB 285 131.75 103.75 -120.34
N ILE WB 286 131.40 102.78 -119.50
CA ILE WB 286 130.51 101.69 -119.87
C ILE WB 286 129.40 101.60 -118.84
N GLU WB 287 128.33 100.94 -119.22
CA GLU WB 287 127.15 100.78 -118.37
C GLU WB 287 127.22 99.45 -117.63
N LYS WB 288 126.29 99.26 -116.71
CA LYS WB 288 126.22 98.02 -115.95
C LYS WB 288 125.82 96.86 -116.85
N PRO WB 289 126.65 95.83 -116.98
CA PRO WB 289 126.18 94.58 -117.59
C PRO WB 289 125.45 93.72 -116.57
N ASP WB 290 124.13 93.65 -116.66
CA ASP WB 290 123.35 92.77 -115.74
C ASP WB 290 123.65 91.32 -116.11
N ARG WB 291 123.70 91.01 -117.41
CA ARG WB 291 123.98 89.68 -117.89
C ARG WB 291 124.98 89.74 -119.04
N ILE WB 292 125.75 88.67 -119.19
CA ILE WB 292 126.79 88.57 -120.20
C ILE WB 292 126.45 87.58 -121.31
N ILE WB 293 126.33 88.10 -122.53
CA ILE WB 293 126.00 87.25 -123.66
C ILE WB 293 127.20 86.46 -124.17
N ALA WB 294 127.01 85.15 -124.34
CA ALA WB 294 128.04 84.26 -124.86
C ALA WB 294 127.55 83.72 -126.20
N HIS WB 295 128.35 83.96 -127.24
CA HIS WB 295 127.99 83.65 -128.61
C HIS WB 295 129.09 82.83 -129.27
N VAL WB 296 128.69 81.97 -130.20
CA VAL WB 296 129.61 81.17 -131.00
C VAL WB 296 129.54 81.69 -132.42
N ASP WB 297 130.62 82.31 -132.89
CA ASP WB 297 130.70 82.84 -134.25
C ASP WB 297 129.56 83.80 -134.55
N GLY WB 298 129.18 84.58 -133.54
CA GLY WB 298 128.13 85.57 -133.72
C GLY WB 298 126.81 85.18 -133.08
N VAL WB 299 126.43 83.92 -133.19
CA VAL WB 299 125.13 83.46 -132.70
C VAL WB 299 125.16 83.35 -131.19
N PRO WB 300 124.32 84.09 -130.47
CA PRO WB 300 124.35 84.02 -128.99
C PRO WB 300 123.77 82.70 -128.49
N VAL WB 301 124.44 82.13 -127.50
CA VAL WB 301 124.07 80.81 -126.99
C VAL WB 301 123.72 80.88 -125.51
N LEU WB 302 124.35 81.79 -124.78
CA LEU WB 302 124.24 81.79 -123.32
C LEU WB 302 124.11 83.26 -122.91
N THR WB 303 123.48 83.48 -121.77
CA THR WB 303 123.61 84.72 -121.01
C THR WB 303 123.91 84.27 -119.59
N SER WB 304 124.98 84.83 -119.00
CA SER WB 304 125.51 84.33 -117.74
C SER WB 304 126.19 85.52 -117.10
N GLN WB 305 126.28 85.49 -115.77
CA GLN WB 305 126.76 86.60 -114.95
C GLN WB 305 128.27 86.39 -114.88
N TYR WB 306 129.01 87.48 -114.96
CA TYR WB 306 130.46 87.40 -114.93
C TYR WB 306 130.96 87.11 -113.51
N GLY WB 307 132.18 86.62 -113.43
CA GLY WB 307 132.78 86.31 -112.14
C GLY WB 307 134.21 85.88 -112.32
N THR WB 308 134.87 85.64 -111.18
CA THR WB 308 136.25 85.17 -111.17
C THR WB 308 136.33 83.91 -110.31
N VAL WB 309 136.86 82.84 -110.87
CA VAL WB 309 137.00 81.57 -110.16
C VAL WB 309 138.35 80.98 -110.50
N ASN WB 310 139.10 80.57 -109.47
CA ASN WB 310 140.41 79.93 -109.63
C ASN WB 310 141.37 80.80 -110.43
N GLY WB 311 141.30 82.11 -110.21
CA GLY WB 311 142.11 83.03 -110.97
C GLY WB 311 141.73 83.16 -112.43
N GLN WB 312 140.60 82.59 -112.83
CA GLN WB 312 140.13 82.62 -114.21
C GLN WB 312 138.86 83.45 -114.31
N TYR WB 313 138.70 84.14 -115.42
CA TYR WB 313 137.45 84.82 -115.70
C TYR WB 313 136.34 83.79 -115.89
N ALA WB 314 135.35 83.81 -115.01
CA ALA WB 314 134.32 82.78 -115.00
C ALA WB 314 132.96 83.41 -115.31
N LEU WB 315 132.04 82.55 -115.75
CA LEU WB 315 130.67 82.95 -116.01
C LEU WB 315 129.73 81.97 -115.33
N ARG WB 316 128.79 82.50 -114.56
CA ARG WB 316 127.75 81.70 -113.90
C ARG WB 316 126.57 81.63 -114.85
N VAL WB 317 126.38 80.46 -115.49
CA VAL WB 317 125.38 80.33 -116.53
C VAL WB 317 123.99 80.54 -115.93
N GLU WB 318 123.26 81.45 -116.50
CA GLU WB 318 121.88 81.71 -116.06
C GLU WB 318 120.82 81.15 -116.99
N HIS WB 319 121.02 81.19 -118.32
CA HIS WB 319 119.93 80.77 -119.24
C HIS WB 319 120.44 80.41 -120.62
N LEU WB 320 120.17 79.20 -121.09
CA LEU WB 320 120.46 78.80 -122.46
C LEU WB 320 119.42 79.42 -123.38
N ILE WB 321 119.89 80.10 -124.43
CA ILE WB 321 118.97 80.86 -125.28
C ILE WB 321 118.27 79.92 -126.24
N ASN WB 322 117.11 79.42 -125.83
CA ASN WB 322 116.30 78.59 -126.71
C ASN WB 322 115.52 79.47 -127.69
N PRO WB 323 115.21 78.94 -128.88
CA PRO WB 323 114.42 79.71 -129.86
C PRO WB 323 112.93 79.51 -129.68
N GLN XB 52 141.65 109.99 -152.10
CA GLN XB 52 142.16 109.82 -150.74
C GLN XB 52 141.66 110.94 -149.84
N ASP XB 53 140.41 110.84 -149.42
CA ASP XB 53 139.77 111.85 -148.59
C ASP XB 53 139.95 111.50 -147.11
N ILE XB 54 139.80 112.50 -146.25
CA ILE XB 54 140.03 112.29 -144.83
C ILE XB 54 138.81 112.74 -144.03
N ASP XB 55 138.30 113.93 -144.31
CA ASP XB 55 137.08 114.44 -143.62
C ASP XB 55 135.88 113.60 -144.04
N LEU XB 56 135.96 112.89 -145.17
CA LEU XB 56 134.82 112.10 -145.69
C LEU XB 56 134.41 111.00 -144.70
N ILE XB 57 135.38 110.32 -144.08
CA ILE XB 57 135.10 109.20 -143.13
C ILE XB 57 135.54 109.61 -141.73
N MET XB 58 135.79 110.90 -141.50
CA MET XB 58 136.28 111.37 -140.21
C MET XB 58 135.20 111.24 -139.13
N ASP XB 59 133.94 111.04 -139.54
CA ASP XB 59 132.80 111.07 -138.63
C ASP XB 59 132.04 109.75 -138.56
N ILE XB 60 132.44 108.74 -139.32
CA ILE XB 60 131.70 107.48 -139.38
C ILE XB 60 131.74 106.81 -138.02
N PRO XB 61 130.62 106.30 -137.50
CA PRO XB 61 130.64 105.63 -136.20
C PRO XB 61 131.08 104.18 -136.31
N VAL XB 62 131.69 103.69 -135.22
CA VAL XB 62 132.15 102.32 -135.14
C VAL XB 62 131.62 101.89 -133.77
N LYS XB 63 131.46 100.57 -133.62
CA LYS XB 63 130.99 99.96 -132.35
C LYS XB 63 132.17 99.15 -131.79
N LEU XB 64 132.49 99.32 -130.51
CA LEU XB 64 133.64 98.66 -129.89
C LEU XB 64 133.10 97.65 -128.89
N THR XB 65 133.67 96.45 -128.91
CA THR XB 65 133.27 95.38 -128.01
C THR XB 65 134.47 94.97 -127.17
N VAL XB 66 134.20 94.52 -125.96
CA VAL XB 66 135.21 94.01 -125.05
C VAL XB 66 134.82 92.62 -124.56
N GLU XB 67 135.79 91.73 -124.44
CA GLU XB 67 135.51 90.34 -124.08
C GLU XB 67 135.88 90.00 -122.65
N LEU XB 68 135.24 88.98 -122.09
CA LEU XB 68 135.73 88.44 -120.83
C LEU XB 68 136.92 87.55 -121.16
N GLY XB 69 136.75 86.63 -122.11
CA GLY XB 69 137.85 85.78 -122.50
C GLY XB 69 137.41 84.74 -123.50
N ARG XB 70 138.40 84.08 -124.08
CA ARG XB 70 138.19 82.96 -124.98
C ARG XB 70 137.93 81.72 -124.14
N THR XB 71 137.35 80.70 -124.79
CA THR XB 71 137.31 79.35 -124.23
C THR XB 71 136.79 78.54 -125.39
N ARG XB 72 137.15 77.26 -125.41
CA ARG XB 72 136.78 76.33 -126.47
C ARG XB 72 136.23 75.10 -125.76
N MET XB 73 134.98 74.75 -126.03
CA MET XB 73 134.28 73.76 -125.23
C MET XB 73 133.31 73.13 -126.23
N THR XB 74 133.14 71.80 -126.16
CA THR XB 74 132.41 71.03 -127.20
C THR XB 74 130.93 71.08 -127.00
N ILE XB 75 130.20 70.45 -127.91
CA ILE XB 75 128.71 70.40 -127.86
C ILE XB 75 128.29 69.68 -126.57
N LYS XB 76 128.99 68.63 -126.16
CA LYS XB 76 128.62 67.83 -124.96
C LYS XB 76 128.40 68.73 -123.73
N GLU XB 77 129.43 69.42 -123.22
CA GLU XB 77 129.37 70.31 -122.07
C GLU XB 77 128.38 71.47 -122.25
N LEU XB 78 128.30 72.01 -123.46
CA LEU XB 78 127.30 73.05 -123.74
C LEU XB 78 125.86 72.61 -123.55
N LEU XB 79 125.54 71.38 -123.95
CA LEU XB 79 124.19 70.87 -123.74
C LEU XB 79 123.83 70.50 -122.31
N ARG XB 80 124.81 70.11 -121.50
CA ARG XB 80 124.54 69.79 -120.10
C ARG XB 80 124.82 70.97 -119.11
N LEU XB 81 125.02 72.15 -119.69
CA LEU XB 81 125.20 73.35 -118.88
C LEU XB 81 123.79 73.59 -118.35
N THR XB 82 123.69 73.87 -117.05
CA THR XB 82 122.40 74.08 -116.42
C THR XB 82 122.46 75.46 -115.77
N GLN XB 83 121.36 75.86 -115.15
CA GLN XB 83 121.38 77.16 -114.44
C GLN XB 83 122.29 77.06 -113.24
N GLY XB 84 123.09 78.11 -113.00
CA GLY XB 84 124.01 78.13 -111.90
C GLY XB 84 125.34 77.46 -112.20
N SER XB 85 125.48 76.78 -113.32
CA SER XB 85 126.75 76.18 -113.68
C SER XB 85 127.77 77.25 -114.01
N VAL XB 86 129.03 76.98 -113.68
CA VAL XB 86 130.12 77.94 -113.83
C VAL XB 86 131.09 77.40 -114.87
N VAL XB 87 131.46 78.26 -115.83
CA VAL XB 87 132.42 77.93 -116.87
C VAL XB 87 133.53 78.96 -116.83
N ALA XB 88 134.79 78.53 -116.96
CA ALA XB 88 135.95 79.44 -116.91
C ALA XB 88 136.19 80.10 -118.28
N LEU XB 89 137.35 80.73 -118.46
CA LEU XB 89 137.74 81.43 -119.72
C LEU XB 89 139.25 81.20 -119.82
N ASP XB 90 139.90 81.54 -120.94
CA ASP XB 90 141.34 81.27 -121.16
C ASP XB 90 142.22 82.34 -120.50
N GLY XB 91 141.66 83.41 -119.94
CA GLY XB 91 142.42 84.47 -119.31
C GLY XB 91 142.46 84.54 -117.80
N LEU XB 92 143.66 84.74 -117.27
CA LEU XB 92 143.81 84.94 -115.83
C LEU XB 92 143.09 86.22 -115.42
N ALA XB 93 142.51 86.19 -114.21
CA ALA XB 93 141.80 87.36 -113.71
C ALA XB 93 142.81 88.46 -113.43
N GLY XB 94 142.89 89.44 -114.33
CA GLY XB 94 143.84 90.52 -114.18
C GLY XB 94 144.47 91.00 -115.47
N GLU XB 95 144.51 90.13 -116.50
CA GLU XB 95 145.05 90.58 -117.76
C GLU XB 95 144.12 91.59 -118.41
N PRO XB 96 144.63 92.49 -119.23
CA PRO XB 96 143.76 93.45 -119.92
C PRO XB 96 142.91 92.75 -120.97
N LEU XB 97 141.63 93.10 -121.01
CA LEU XB 97 140.72 92.52 -121.97
C LEU XB 97 141.00 93.09 -123.37
N ASP XB 98 140.58 92.33 -124.39
CA ASP XB 98 140.86 92.75 -125.78
C ASP XB 98 139.68 93.56 -126.34
N ILE XB 99 139.96 94.77 -126.83
CA ILE XB 99 138.91 95.63 -127.43
C ILE XB 99 138.90 95.36 -128.94
N LEU XB 100 137.72 95.17 -129.55
CA LEU XB 100 137.67 94.80 -130.99
C LEU XB 100 136.62 95.65 -131.73
N ILE XB 101 136.82 95.89 -133.03
CA ILE XB 101 135.81 96.62 -133.85
C ILE XB 101 135.51 95.77 -135.10
N ASN XB 102 134.23 95.49 -135.37
CA ASN XB 102 133.85 94.69 -136.58
C ASN XB 102 134.66 93.40 -136.53
N GLY XB 103 134.87 92.83 -135.33
CA GLY XB 103 135.57 91.54 -135.17
C GLY XB 103 137.06 91.67 -135.42
N TYR XB 104 137.62 92.89 -135.41
CA TYR XB 104 139.06 93.13 -135.69
C TYR XB 104 139.72 93.73 -134.46
N LEU XB 105 140.86 93.20 -134.02
CA LEU XB 105 141.49 93.66 -132.76
C LEU XB 105 141.84 95.14 -132.95
N ILE XB 106 141.61 95.95 -131.91
CA ILE XB 106 141.88 97.42 -131.98
C ILE XB 106 142.64 97.89 -130.73
N ALA XB 107 142.45 97.28 -129.56
CA ALA XB 107 143.05 97.82 -128.34
C ALA XB 107 143.04 96.77 -127.24
N GLN XB 108 143.55 97.14 -126.07
CA GLN XB 108 143.46 96.33 -124.86
C GLN XB 108 143.26 97.23 -123.65
N GLY XB 109 142.37 96.81 -122.76
CA GLY XB 109 142.10 97.56 -121.54
C GLY XB 109 141.24 96.75 -120.59
N GLU XB 110 141.26 97.17 -119.32
CA GLU XB 110 140.51 96.51 -118.27
C GLU XB 110 139.47 97.45 -117.68
N VAL XB 111 138.51 96.87 -116.97
CA VAL XB 111 137.45 97.62 -116.33
C VAL XB 111 137.98 98.22 -115.02
N VAL XB 112 137.57 99.46 -114.74
CA VAL XB 112 137.98 100.18 -113.54
C VAL XB 112 136.77 100.80 -112.85
N VAL XB 113 136.77 100.77 -111.53
CA VAL XB 113 135.71 101.37 -110.72
C VAL XB 113 136.16 102.70 -110.14
N VAL XB 114 135.50 103.80 -110.52
CA VAL XB 114 135.95 105.10 -110.06
C VAL XB 114 135.15 105.50 -108.83
N ALA XB 115 133.85 105.72 -109.05
CA ALA XB 115 132.92 106.00 -107.95
C ALA XB 115 131.79 104.97 -107.81
N ASP XB 116 130.80 105.05 -108.70
CA ASP XB 116 129.73 104.03 -108.76
C ASP XB 116 129.53 103.88 -110.27
N LYS XB 117 130.60 104.08 -111.04
CA LYS XB 117 130.51 104.05 -112.53
C LYS XB 117 131.62 103.17 -113.11
N TYR XB 118 131.41 102.63 -114.31
CA TYR XB 118 132.42 101.69 -114.89
C TYR XB 118 132.97 102.19 -116.21
N GLY XB 119 134.21 101.80 -116.53
CA GLY XB 119 134.83 102.13 -117.80
C GLY XB 119 136.07 101.31 -118.05
N VAL XB 120 136.53 101.35 -119.30
CA VAL XB 120 137.68 100.56 -119.72
C VAL XB 120 138.88 101.50 -119.72
N ARG XB 121 139.96 101.07 -119.10
CA ARG XB 121 141.20 101.82 -119.02
C ARG XB 121 142.15 101.15 -120.02
N ILE XB 122 142.30 101.75 -121.19
CA ILE XB 122 143.08 101.16 -122.26
C ILE XB 122 144.55 101.14 -121.89
N THR XB 123 145.19 100.00 -122.08
CA THR XB 123 146.60 99.83 -121.71
C THR XB 123 147.54 100.20 -122.85
N ASP XB 124 147.24 99.79 -124.07
CA ASP XB 124 148.13 100.06 -125.19
C ASP XB 124 147.36 99.90 -126.50
N ILE XB 125 148.03 100.24 -127.59
CA ILE XB 125 147.51 100.07 -128.94
C ILE XB 125 148.41 99.07 -129.66
N ILE XB 126 147.79 98.03 -130.22
CA ILE XB 126 148.54 96.95 -130.83
C ILE XB 126 149.02 97.35 -132.21
N THR XB 127 150.34 97.39 -132.39
CA THR XB 127 150.94 97.56 -133.69
C THR XB 127 150.76 96.28 -134.51
N PRO XB 128 150.87 96.37 -135.84
CA PRO XB 128 150.69 95.15 -136.66
C PRO XB 128 151.62 94.02 -136.27
N SER XB 129 152.87 94.34 -135.91
CA SER XB 129 153.83 93.30 -135.53
C SER XB 129 153.23 92.43 -134.43
N GLU XB 130 152.73 93.06 -133.37
CA GLU XB 130 152.02 92.31 -132.35
C GLU XB 130 150.84 91.54 -132.92
N ARG XB 131 150.03 92.19 -133.74
CA ARG XB 131 148.90 91.48 -134.39
C ARG XB 131 149.40 90.22 -135.11
N MET XB 132 150.54 90.32 -135.79
CA MET XB 132 151.06 89.16 -136.57
C MET XB 132 151.36 87.99 -135.62
N ARG XB 133 151.95 88.27 -134.46
CA ARG XB 133 152.28 87.19 -133.49
C ARG XB 133 150.99 86.71 -132.82
N ARG XB 134 149.96 87.56 -132.85
CA ARG XB 134 148.64 87.22 -132.24
C ARG XB 134 148.11 86.05 -133.11
N LEU XB 135 148.03 86.30 -134.42
CA LEU XB 135 147.66 85.22 -135.37
C LEU XB 135 148.60 84.02 -135.37
N SER XB 136 149.91 84.26 -135.24
CA SER XB 136 150.91 83.17 -135.30
C SER XB 136 150.83 82.31 -134.03
N ARG XB 137 150.44 82.89 -132.89
CA ARG XB 137 150.47 82.10 -131.67
C ARG XB 137 149.28 82.42 -130.78
N ASP YB 53 149.50 107.04 -137.20
CA ASP YB 53 148.19 106.81 -136.59
C ASP YB 53 147.10 106.57 -137.64
N ILE YB 54 147.32 107.10 -138.85
CA ILE YB 54 146.38 106.87 -139.94
C ILE YB 54 146.42 105.38 -140.28
N ASP YB 55 147.60 104.77 -140.18
CA ASP YB 55 147.75 103.36 -140.49
C ASP YB 55 146.83 102.47 -139.64
N LEU YB 56 146.61 102.84 -138.37
CA LEU YB 56 145.71 102.09 -137.52
C LEU YB 56 144.27 102.02 -138.01
N ILE YB 57 143.77 103.15 -138.51
CA ILE YB 57 142.34 103.23 -138.95
C ILE YB 57 142.29 103.21 -140.49
N MET YB 58 143.31 102.63 -141.14
CA MET YB 58 143.33 102.62 -142.60
C MET YB 58 143.02 101.17 -142.93
N ASP YB 59 143.03 100.28 -141.93
CA ASP YB 59 142.84 98.83 -142.21
C ASP YB 59 141.53 98.27 -141.63
N ILE YB 60 140.95 98.93 -140.63
CA ILE YB 60 139.74 98.43 -139.97
C ILE YB 60 138.53 98.11 -140.84
N PRO YB 61 137.86 96.95 -140.64
CA PRO YB 61 136.62 96.61 -141.40
C PRO YB 61 135.47 97.50 -140.96
N VAL YB 62 134.47 97.69 -141.82
CA VAL YB 62 133.30 98.51 -141.51
C VAL YB 62 132.21 97.89 -142.37
N LYS YB 63 130.96 98.14 -141.98
CA LYS YB 63 129.82 97.54 -142.66
C LYS YB 63 129.21 98.61 -143.55
N LEU YB 64 129.01 98.26 -144.83
CA LEU YB 64 128.48 99.19 -145.82
C LEU YB 64 127.11 98.68 -146.25
N THR YB 65 126.16 99.59 -146.41
CA THR YB 65 124.82 99.26 -146.90
C THR YB 65 124.41 100.29 -147.93
N VAL YB 66 123.45 99.93 -148.77
CA VAL YB 66 122.81 100.86 -149.69
C VAL YB 66 121.32 100.64 -149.64
N GLU YB 67 120.57 101.71 -149.40
CA GLU YB 67 119.12 101.58 -149.21
C GLU YB 67 118.40 102.03 -150.47
N LEU YB 68 117.43 101.23 -150.94
CA LEU YB 68 116.73 101.50 -152.22
C LEU YB 68 115.46 102.34 -152.00
N GLY YB 69 114.84 102.26 -150.81
CA GLY YB 69 113.54 102.93 -150.57
C GLY YB 69 113.45 103.56 -149.20
N ARG YB 70 112.49 104.48 -149.03
CA ARG YB 70 112.25 105.15 -147.74
C ARG YB 70 110.77 105.59 -147.70
N THR YB 71 110.00 105.13 -146.70
CA THR YB 71 108.58 105.44 -146.59
C THR YB 71 108.26 105.66 -145.14
N ARG YB 72 107.34 106.56 -144.80
CA ARG YB 72 106.84 106.79 -143.45
C ARG YB 72 105.43 106.23 -143.32
N MET YB 73 105.23 105.41 -142.28
CA MET YB 73 103.92 104.74 -142.15
C MET YB 73 103.46 104.66 -140.69
N THR YB 74 102.15 104.53 -140.47
CA THR YB 74 101.54 104.37 -139.16
C THR YB 74 101.38 102.86 -139.00
N ILE YB 75 100.81 102.44 -137.87
CA ILE YB 75 100.76 100.96 -137.63
C ILE YB 75 99.47 100.40 -138.24
N LYS YB 76 98.43 101.22 -138.30
CA LYS YB 76 97.22 100.78 -139.01
C LYS YB 76 97.78 100.30 -140.35
N GLU YB 77 98.58 101.15 -141.00
CA GLU YB 77 99.11 100.81 -142.33
C GLU YB 77 100.01 99.58 -142.30
N LEU YB 78 100.92 99.49 -141.33
CA LEU YB 78 101.88 98.36 -141.31
C LEU YB 78 101.16 97.03 -141.09
N LEU YB 79 100.21 97.02 -140.16
CA LEU YB 79 99.41 95.80 -139.85
C LEU YB 79 98.57 95.43 -141.07
N ARG YB 80 98.04 96.44 -141.76
CA ARG YB 80 97.15 96.20 -142.92
C ARG YB 80 97.93 95.44 -144.00
N LEU YB 81 99.21 95.77 -144.21
CA LEU YB 81 100.06 95.00 -145.15
C LEU YB 81 99.81 93.50 -144.90
N THR YB 82 99.60 92.68 -145.94
CA THR YB 82 99.49 91.22 -145.77
C THR YB 82 100.53 90.55 -146.66
N GLN YB 83 100.34 89.29 -147.00
CA GLN YB 83 101.27 88.65 -147.92
C GLN YB 83 100.96 89.10 -149.35
N GLY YB 84 101.99 89.50 -150.08
CA GLY YB 84 101.82 89.98 -151.42
C GLY YB 84 101.45 91.44 -151.54
N SER YB 85 101.27 92.15 -150.43
CA SER YB 85 100.92 93.56 -150.49
C SER YB 85 102.10 94.36 -151.03
N VAL YB 86 101.81 95.34 -151.88
CA VAL YB 86 102.82 96.19 -152.49
C VAL YB 86 102.87 97.49 -151.71
N VAL YB 87 104.06 97.87 -151.26
CA VAL YB 87 104.27 99.09 -150.50
C VAL YB 87 104.99 100.08 -151.40
N ALA YB 88 104.37 101.22 -151.65
CA ALA YB 88 104.98 102.26 -152.46
C ALA YB 88 106.11 102.97 -151.73
N LEU YB 89 107.11 103.39 -152.50
CA LEU YB 89 108.26 104.11 -151.98
C LEU YB 89 108.36 105.60 -152.32
N ASP YB 90 108.59 106.43 -151.31
CA ASP YB 90 108.70 107.86 -151.54
C ASP YB 90 109.73 108.20 -152.67
N GLY YB 91 110.83 107.46 -152.65
CA GLY YB 91 111.79 107.54 -153.73
C GLY YB 91 111.39 107.27 -155.16
N LEU YB 92 111.57 108.25 -156.03
CA LEU YB 92 111.25 108.08 -157.43
C LEU YB 92 112.25 107.13 -158.10
N ALA YB 93 111.87 106.56 -159.23
CA ALA YB 93 112.77 105.69 -159.96
C ALA YB 93 113.92 106.48 -160.55
N GLY YB 94 115.13 105.93 -160.43
CA GLY YB 94 116.31 106.55 -160.98
C GLY YB 94 117.01 107.54 -160.09
N GLU YB 95 116.42 107.92 -158.97
CA GLU YB 95 117.09 108.85 -158.06
C GLU YB 95 118.27 108.16 -157.39
N PRO YB 96 119.35 108.85 -156.98
CA PRO YB 96 120.53 108.16 -156.39
C PRO YB 96 120.18 107.49 -155.07
N LEU YB 97 120.46 106.18 -154.93
CA LEU YB 97 120.21 105.42 -153.68
C LEU YB 97 121.11 105.95 -152.56
N ASP YB 98 120.64 106.06 -151.33
CA ASP YB 98 121.57 106.47 -150.23
C ASP YB 98 122.57 105.34 -149.98
N ILE YB 99 123.83 105.63 -149.68
CA ILE YB 99 124.83 104.67 -149.27
C ILE YB 99 125.24 105.02 -147.84
N LEU YB 100 125.12 104.05 -146.95
CA LEU YB 100 125.32 104.26 -145.53
C LEU YB 100 126.48 103.42 -145.04
N ILE YB 101 127.20 103.94 -144.05
CA ILE YB 101 128.30 103.23 -143.40
C ILE YB 101 127.94 103.16 -141.92
N ASN YB 102 127.65 101.95 -141.45
CA ASN YB 102 127.19 101.74 -140.07
C ASN YB 102 125.97 102.61 -139.78
N GLY YB 103 125.11 102.76 -140.77
CA GLY YB 103 123.93 103.60 -140.63
C GLY YB 103 124.16 105.08 -140.83
N TYR YB 104 125.33 105.48 -141.28
CA TYR YB 104 125.67 106.89 -141.48
C TYR YB 104 125.78 107.18 -142.97
N LEU YB 105 124.98 108.13 -143.45
CA LEU YB 105 124.97 108.45 -144.87
C LEU YB 105 126.22 109.23 -145.25
N ILE YB 106 126.89 108.79 -146.32
CA ILE YB 106 128.08 109.48 -146.78
C ILE YB 106 128.00 109.80 -148.26
N ALA YB 107 127.17 109.07 -149.02
CA ALA YB 107 127.22 109.19 -150.46
C ALA YB 107 125.88 108.80 -151.08
N GLN YB 108 125.72 109.18 -152.35
CA GLN YB 108 124.55 108.85 -153.14
C GLN YB 108 125.00 108.26 -154.47
N GLY YB 109 124.30 107.22 -154.91
CA GLY YB 109 124.62 106.58 -156.18
C GLY YB 109 123.58 105.67 -156.78
N GLU YB 110 123.64 105.52 -158.09
CA GLU YB 110 122.68 104.66 -158.80
C GLU YB 110 122.88 103.18 -158.71
N VAL YB 111 121.84 102.42 -159.02
CA VAL YB 111 121.83 100.97 -158.82
C VAL YB 111 122.32 100.43 -160.15
N VAL YB 112 123.20 99.44 -160.08
CA VAL YB 112 123.71 98.75 -161.26
C VAL YB 112 124.10 97.34 -160.84
N VAL YB 113 123.90 96.37 -161.74
CA VAL YB 113 124.19 94.97 -161.45
C VAL YB 113 125.38 94.54 -162.29
N VAL YB 114 126.37 93.93 -161.62
CA VAL YB 114 127.63 93.51 -162.31
C VAL YB 114 127.85 92.01 -162.06
N ALA YB 115 128.00 91.21 -163.12
CA ALA YB 115 128.32 89.77 -162.98
C ALA YB 115 127.25 89.06 -162.15
N ASP YB 116 125.98 89.44 -162.32
CA ASP YB 116 124.82 88.78 -161.62
C ASP YB 116 124.86 89.03 -160.11
N LYS YB 117 125.57 90.07 -159.65
CA LYS YB 117 125.62 90.41 -158.21
C LYS YB 117 125.22 91.88 -158.09
N TYR YB 118 124.38 92.22 -157.10
CA TYR YB 118 123.97 93.63 -156.90
C TYR YB 118 125.16 94.57 -156.74
N GLY YB 119 125.01 95.82 -157.16
CA GLY YB 119 126.06 96.81 -157.00
C GLY YB 119 125.50 98.21 -157.05
N VAL YB 120 126.39 99.17 -156.89
CA VAL YB 120 126.01 100.58 -156.89
C VAL YB 120 127.20 101.40 -157.37
N ARG YB 121 126.94 102.37 -158.24
CA ARG YB 121 127.95 103.31 -158.71
C ARG YB 121 127.89 104.60 -157.92
N ILE YB 122 129.01 104.98 -157.31
CA ILE YB 122 129.03 106.17 -156.46
C ILE YB 122 128.92 107.42 -157.34
N THR YB 123 127.72 107.97 -157.44
CA THR YB 123 127.52 109.19 -158.21
C THR YB 123 128.21 110.37 -157.54
N ASP YB 124 127.99 110.54 -156.24
CA ASP YB 124 128.62 111.66 -155.54
C ASP YB 124 128.70 111.36 -154.06
N ILE YB 125 129.53 112.12 -153.37
CA ILE YB 125 129.61 112.10 -151.92
C ILE YB 125 128.96 113.37 -151.39
N ILE YB 126 127.98 113.21 -150.51
CA ILE YB 126 127.24 114.36 -150.01
C ILE YB 126 128.08 115.12 -148.99
N THR YB 127 128.23 116.41 -149.23
CA THR YB 127 128.79 117.37 -148.31
C THR YB 127 127.76 117.71 -147.23
N PRO YB 128 128.20 118.02 -146.00
CA PRO YB 128 127.22 118.17 -144.91
C PRO YB 128 126.23 119.30 -145.13
N SER YB 129 126.30 120.01 -146.26
CA SER YB 129 125.31 121.04 -146.55
C SER YB 129 123.96 120.36 -146.74
N GLU YB 130 123.96 119.17 -147.36
CA GLU YB 130 122.66 118.47 -147.67
C GLU YB 130 122.10 117.77 -146.42
N ARG YB 131 122.90 117.59 -145.37
CA ARG YB 131 122.49 116.88 -144.17
C ARG YB 131 121.40 117.67 -143.45
N MET YB 132 121.55 119.00 -143.41
CA MET YB 132 120.46 119.81 -142.82
C MET YB 132 119.17 119.46 -143.56
N ARG YB 133 119.22 119.43 -144.90
CA ARG YB 133 118.02 119.12 -145.74
C ARG YB 133 117.56 117.65 -145.61
N ARG YB 134 118.46 116.76 -145.17
CA ARG YB 134 118.09 115.33 -144.98
C ARG YB 134 117.09 115.23 -143.82
N LEU YB 135 116.93 116.33 -143.06
CA LEU YB 135 115.99 116.34 -141.91
C LEU YB 135 115.18 117.64 -141.95
N ALA ZB 37 117.14 121.70 -106.90
CA ALA ZB 37 116.41 120.69 -106.14
C ALA ZB 37 114.92 120.73 -106.50
N VAL ZB 38 114.60 121.32 -107.64
CA VAL ZB 38 113.22 121.42 -108.10
C VAL ZB 38 112.66 120.05 -108.46
N PHE ZB 39 113.43 119.25 -109.19
CA PHE ZB 39 112.96 117.93 -109.59
C PHE ZB 39 112.85 117.01 -108.37
N GLN ZB 40 111.79 116.21 -108.34
CA GLN ZB 40 111.55 115.30 -107.23
C GLN ZB 40 112.11 113.94 -107.60
N GLN ZB 41 112.81 113.32 -106.65
CA GLN ZB 41 113.52 112.08 -106.93
C GLN ZB 41 112.61 110.86 -106.96
N LEU ZB 42 112.40 110.31 -108.15
CA LEU ZB 42 111.57 109.13 -108.34
C LEU ZB 42 112.35 107.83 -108.26
N GLY ZB 43 111.80 106.85 -107.56
CA GLY ZB 43 112.46 105.56 -107.42
C GLY ZB 43 111.46 104.51 -107.00
N GLY ZB 44 111.87 103.25 -107.19
CA GLY ZB 44 111.01 102.13 -106.87
C GLY ZB 44 109.74 102.09 -107.68
N GLY ZB 45 109.82 102.39 -108.97
CA GLY ZB 45 108.65 102.40 -109.82
C GLY ZB 45 108.50 101.15 -110.66
N ASP ZB 46 109.28 100.11 -110.34
CA ASP ZB 46 109.21 98.84 -111.05
C ASP ZB 46 108.05 98.01 -110.48
N VAL ZB 47 106.84 98.47 -110.79
CA VAL ZB 47 105.64 97.80 -110.28
C VAL ZB 47 105.47 96.44 -110.93
N SER ZB 48 105.29 96.42 -112.24
CA SER ZB 48 105.12 95.18 -113.00
C SER ZB 48 105.24 95.52 -114.48
N GLY ZB 49 105.18 94.49 -115.32
CA GLY ZB 49 105.22 94.67 -116.75
C GLY ZB 49 104.36 93.64 -117.48
N ALA ZB 50 103.43 94.12 -118.30
CA ALA ZB 50 102.58 93.23 -119.08
C ALA ZB 50 102.13 93.95 -120.34
N MET ZB 51 102.29 93.29 -121.49
CA MET ZB 51 101.83 93.85 -122.74
C MET ZB 51 100.32 94.10 -122.68
N GLN ZB 52 99.91 95.28 -123.13
CA GLN ZB 52 98.51 95.65 -123.02
C GLN ZB 52 97.83 95.23 -124.32
N ASP ZB 53 98.20 95.89 -125.43
CA ASP ZB 53 97.63 95.64 -126.73
C ASP ZB 53 98.37 96.53 -127.70
N ILE ZB 54 98.24 96.25 -129.00
CA ILE ZB 54 99.03 96.95 -130.01
C ILE ZB 54 98.30 98.13 -130.63
N ASP ZB 55 97.12 98.46 -130.11
CA ASP ZB 55 96.35 99.62 -130.58
C ASP ZB 55 96.50 100.86 -129.69
N LEU ZB 56 97.08 100.70 -128.51
CA LEU ZB 56 97.34 101.88 -127.66
C LEU ZB 56 98.41 102.70 -128.38
N ILE ZB 57 99.35 102.02 -129.02
CA ILE ZB 57 100.51 102.67 -129.70
C ILE ZB 57 100.29 102.74 -131.22
N MET ZB 58 99.10 102.44 -131.73
CA MET ZB 58 98.92 102.33 -133.20
C MET ZB 58 99.30 103.49 -134.13
N ASP ZB 59 98.67 104.64 -133.95
CA ASP ZB 59 98.91 105.79 -134.87
C ASP ZB 59 100.23 106.45 -134.50
N ILE ZB 60 101.30 105.64 -134.40
CA ILE ZB 60 102.65 106.21 -134.14
C ILE ZB 60 103.44 106.02 -135.43
N PRO ZB 61 104.08 107.07 -136.00
CA PRO ZB 61 104.77 106.95 -137.30
C PRO ZB 61 105.93 105.98 -137.19
N VAL ZB 62 106.10 105.14 -138.21
CA VAL ZB 62 107.24 104.18 -138.23
C VAL ZB 62 108.15 104.61 -139.39
N LYS ZB 63 109.44 104.31 -139.28
CA LYS ZB 63 110.37 104.68 -140.35
C LYS ZB 63 110.66 103.42 -141.16
N LEU ZB 64 109.91 103.23 -142.24
CA LEU ZB 64 110.10 102.05 -143.07
C LEU ZB 64 111.17 102.31 -144.13
N THR ZB 65 112.04 101.34 -144.32
CA THR ZB 65 113.15 101.46 -145.25
C THR ZB 65 113.45 100.10 -145.87
N VAL ZB 66 113.50 100.05 -147.20
CA VAL ZB 66 113.89 98.86 -147.92
C VAL ZB 66 115.38 98.93 -148.28
N GLU ZB 67 116.07 97.82 -148.08
CA GLU ZB 67 117.51 97.77 -148.30
C GLU ZB 67 117.92 97.00 -149.55
N LEU ZB 68 118.76 97.62 -150.38
CA LEU ZB 68 119.11 97.01 -151.66
C LEU ZB 68 120.10 95.88 -151.41
N GLY ZB 69 121.13 96.13 -150.60
CA GLY ZB 69 122.14 95.12 -150.38
C GLY ZB 69 123.10 95.46 -149.27
N ARG ZB 70 123.99 94.52 -149.00
CA ARG ZB 70 124.99 94.65 -147.95
C ARG ZB 70 126.33 94.27 -148.57
N THR ZB 71 127.40 94.60 -147.87
CA THR ZB 71 128.74 94.19 -148.21
C THR ZB 71 129.65 94.56 -147.06
N ARG ZB 72 130.42 93.59 -146.59
CA ARG ZB 72 131.44 93.85 -145.57
C ARG ZB 72 132.71 94.27 -146.29
N MET ZB 73 133.19 95.48 -145.98
CA MET ZB 73 134.34 96.03 -146.66
C MET ZB 73 135.09 96.90 -145.67
N THR ZB 74 136.41 96.90 -145.79
CA THR ZB 74 137.26 97.67 -144.89
C THR ZB 74 137.56 99.04 -145.47
N ILE ZB 75 138.21 99.87 -144.65
CA ILE ZB 75 138.60 101.20 -145.08
C ILE ZB 75 139.62 101.16 -146.22
N LYS ZB 76 140.33 100.03 -146.37
CA LYS ZB 76 141.28 99.86 -147.45
C LYS ZB 76 140.69 100.26 -148.79
N GLU ZB 77 139.66 99.55 -149.23
CA GLU ZB 77 139.02 99.92 -150.49
C GLU ZB 77 138.16 101.17 -150.33
N LEU ZB 78 137.68 101.45 -149.12
CA LEU ZB 78 136.86 102.64 -148.92
C LEU ZB 78 137.33 103.99 -149.47
N LEU ZB 79 138.58 104.37 -149.21
CA LEU ZB 79 139.08 105.61 -149.79
C LEU ZB 79 139.53 105.42 -151.27
N ARG ZB 80 139.84 104.16 -151.61
CA ARG ZB 80 140.19 103.87 -153.02
C ARG ZB 80 139.01 104.28 -153.90
N LEU ZB 81 137.80 104.27 -153.33
CA LEU ZB 81 136.61 104.67 -154.09
C LEU ZB 81 136.54 106.09 -154.64
N THR ZB 82 136.33 106.19 -155.95
CA THR ZB 82 136.18 107.46 -156.64
C THR ZB 82 134.80 107.54 -157.28
N GLN ZB 83 134.51 108.68 -157.89
CA GLN ZB 83 133.25 108.85 -158.59
C GLN ZB 83 133.21 107.93 -159.81
N GLY ZB 84 132.06 107.28 -160.01
CA GLY ZB 84 131.92 106.34 -161.10
C GLY ZB 84 132.38 104.93 -160.81
N SER ZB 85 132.98 104.69 -159.64
CA SER ZB 85 133.37 103.36 -159.26
C SER ZB 85 132.14 102.51 -158.93
N VAL ZB 86 132.32 101.20 -158.97
CA VAL ZB 86 131.24 100.25 -158.73
C VAL ZB 86 131.62 99.36 -157.57
N VAL ZB 87 130.72 99.25 -156.59
CA VAL ZB 87 130.93 98.44 -155.40
C VAL ZB 87 129.99 97.24 -155.48
N ALA ZB 88 130.55 96.03 -155.53
CA ALA ZB 88 129.73 94.83 -155.55
C ALA ZB 88 129.14 94.59 -154.17
N LEU ZB 89 127.89 94.16 -154.15
CA LEU ZB 89 127.17 93.88 -152.92
C LEU ZB 89 127.10 92.37 -152.70
N ASP ZB 90 127.10 91.96 -151.43
CA ASP ZB 90 127.03 90.54 -151.11
C ASP ZB 90 125.75 89.89 -151.61
N GLY ZB 91 124.64 90.62 -151.58
CA GLY ZB 91 123.37 90.09 -152.05
C GLY ZB 91 123.38 89.75 -153.52
N LEU ZB 92 122.97 88.53 -153.85
CA LEU ZB 92 122.86 88.11 -155.24
C LEU ZB 92 121.72 88.86 -155.92
N ALA ZB 93 121.92 89.17 -157.20
CA ALA ZB 93 120.91 89.93 -157.94
C ALA ZB 93 119.63 89.12 -158.06
N GLY ZB 94 118.50 89.80 -157.88
CA GLY ZB 94 117.20 89.17 -157.96
C GLY ZB 94 116.72 88.53 -156.68
N GLU ZB 95 117.55 88.50 -155.63
CA GLU ZB 95 117.11 87.95 -154.37
C GLU ZB 95 116.13 88.90 -153.69
N PRO ZB 96 115.29 88.37 -152.80
CA PRO ZB 96 114.37 89.25 -152.06
C PRO ZB 96 115.13 90.28 -151.24
N LEU ZB 97 114.63 91.51 -151.24
CA LEU ZB 97 115.24 92.60 -150.51
C LEU ZB 97 114.72 92.62 -149.08
N ASP ZB 98 115.43 93.37 -148.24
CA ASP ZB 98 115.15 93.41 -146.82
C ASP ZB 98 114.33 94.66 -146.48
N ILE ZB 99 113.38 94.50 -145.57
CA ILE ZB 99 112.52 95.60 -145.13
C ILE ZB 99 112.74 95.81 -143.65
N LEU ZB 100 113.01 97.05 -143.25
CA LEU ZB 100 113.25 97.38 -141.86
C LEU ZB 100 112.30 98.49 -141.44
N ILE ZB 101 111.90 98.46 -140.18
CA ILE ZB 101 111.15 99.55 -139.57
C ILE ZB 101 111.97 100.09 -138.41
N ASN ZB 102 112.34 101.37 -138.49
CA ASN ZB 102 113.24 101.99 -137.51
C ASN ZB 102 114.56 101.22 -137.41
N GLY ZB 103 115.01 100.70 -138.55
CA GLY ZB 103 116.28 100.01 -138.61
C GLY ZB 103 116.27 98.58 -138.10
N TYR ZB 104 115.10 98.00 -137.86
CA TYR ZB 104 114.99 96.63 -137.37
C TYR ZB 104 114.39 95.78 -138.48
N LEU ZB 105 115.08 94.71 -138.85
CA LEU ZB 105 114.62 93.84 -139.93
C LEU ZB 105 113.38 93.09 -139.50
N ILE ZB 106 112.32 93.16 -140.30
CA ILE ZB 106 111.07 92.49 -140.01
C ILE ZB 106 110.68 91.51 -141.11
N ALA ZB 107 110.86 91.89 -142.37
CA ALA ZB 107 110.33 91.08 -143.45
C ALA ZB 107 111.25 91.15 -144.67
N GLN ZB 108 111.04 90.19 -145.57
CA GLN ZB 108 111.71 90.14 -146.86
C GLN ZB 108 110.67 90.29 -147.94
N GLY ZB 109 110.93 91.19 -148.88
CA GLY ZB 109 110.00 91.48 -149.95
C GLY ZB 109 110.71 91.39 -151.29
N GLU ZB 110 109.99 91.81 -152.33
CA GLU ZB 110 110.49 91.79 -153.69
C GLU ZB 110 110.17 93.13 -154.33
N VAL ZB 111 111.12 93.67 -155.08
CA VAL ZB 111 110.98 95.00 -155.66
C VAL ZB 111 110.18 94.95 -156.95
N VAL ZB 112 109.23 95.88 -157.09
CA VAL ZB 112 108.39 95.98 -158.27
C VAL ZB 112 108.28 97.45 -158.66
N VAL ZB 113 107.93 97.69 -159.92
CA VAL ZB 113 107.77 99.04 -160.45
C VAL ZB 113 106.30 99.23 -160.80
N VAL ZB 114 105.67 100.20 -160.15
CA VAL ZB 114 104.23 100.49 -160.41
C VAL ZB 114 104.06 101.98 -160.77
N ALA ZB 115 103.60 102.26 -162.00
CA ALA ZB 115 103.40 103.66 -162.45
C ALA ZB 115 104.68 104.49 -162.36
N ASP ZB 116 105.85 103.90 -162.65
CA ASP ZB 116 107.14 104.64 -162.68
C ASP ZB 116 107.56 105.00 -161.24
N LYS ZB 117 106.97 104.35 -160.24
CA LYS ZB 117 107.34 104.60 -158.83
C LYS ZB 117 107.85 103.29 -158.21
N TYR ZB 118 108.93 103.35 -157.44
CA TYR ZB 118 109.48 102.11 -156.90
C TYR ZB 118 108.60 101.58 -155.77
N GLY ZB 119 108.42 100.28 -155.75
CA GLY ZB 119 107.59 99.65 -154.73
C GLY ZB 119 108.09 98.27 -154.40
N VAL ZB 120 108.04 97.92 -153.12
CA VAL ZB 120 108.39 96.59 -152.66
C VAL ZB 120 107.10 95.82 -152.40
N ARG ZB 121 107.16 94.52 -152.65
CA ARG ZB 121 106.04 93.62 -152.41
C ARG ZB 121 106.43 92.67 -151.29
N ILE ZB 122 105.76 92.80 -150.14
CA ILE ZB 122 106.10 91.98 -148.98
C ILE ZB 122 105.84 90.52 -149.30
N THR ZB 123 106.84 89.68 -149.09
CA THR ZB 123 106.71 88.25 -149.35
C THR ZB 123 106.65 87.41 -148.09
N ASP ZB 124 107.55 87.62 -147.13
CA ASP ZB 124 107.50 86.77 -145.95
C ASP ZB 124 108.21 87.45 -144.77
N ILE ZB 125 107.57 87.41 -143.60
CA ILE ZB 125 108.23 87.86 -142.39
C ILE ZB 125 109.35 86.91 -142.04
N ILE ZB 126 110.54 87.46 -141.76
CA ILE ZB 126 111.70 86.63 -141.51
C ILE ZB 126 111.50 85.83 -140.23
N THR ZB 127 112.21 84.73 -140.14
CA THR ZB 127 112.23 83.79 -139.03
C THR ZB 127 113.41 84.07 -138.11
N PRO ZB 128 113.31 83.70 -136.83
CA PRO ZB 128 114.46 83.90 -135.93
C PRO ZB 128 115.72 83.20 -136.41
N SER ZB 129 115.59 82.03 -137.03
CA SER ZB 129 116.75 81.36 -137.61
C SER ZB 129 117.49 82.12 -138.70
N GLU ZB 130 116.74 82.72 -139.64
CA GLU ZB 130 117.37 83.52 -140.67
C GLU ZB 130 117.90 84.87 -140.12
N ARG ZB 131 117.23 85.34 -139.05
CA ARG ZB 131 117.71 86.54 -138.37
C ARG ZB 131 119.13 86.30 -137.86
N MET ZB 132 119.34 85.20 -137.15
CA MET ZB 132 120.69 84.85 -136.70
C MET ZB 132 121.67 84.46 -137.81
N ARG ZB 133 121.13 83.91 -138.89
CA ARG ZB 133 121.95 83.60 -140.06
C ARG ZB 133 122.45 84.95 -140.56
N ARG ZB 134 121.57 85.94 -140.60
CA ARG ZB 134 121.98 87.29 -141.00
C ARG ZB 134 123.03 87.84 -140.04
N LEU ZB 135 122.87 87.58 -138.74
CA LEU ZB 135 123.80 88.13 -137.75
C LEU ZB 135 125.20 87.58 -137.96
N SER ZB 136 125.32 86.28 -138.21
CA SER ZB 136 126.63 85.66 -138.42
C SER ZB 136 127.12 85.89 -139.84
N LYS AC 514 28.33 27.14 -161.09
CA LYS AC 514 28.61 28.53 -160.74
C LYS AC 514 29.02 29.32 -161.97
N ASP AC 515 29.70 28.67 -162.90
CA ASP AC 515 30.12 29.34 -164.12
C ASP AC 515 28.92 29.75 -164.97
N GLU AC 516 27.91 28.87 -165.07
CA GLU AC 516 26.73 29.20 -165.85
C GLU AC 516 25.96 30.36 -165.23
N GLN AC 517 25.83 30.38 -163.91
CA GLN AC 517 25.15 31.49 -163.25
C GLN AC 517 25.91 32.79 -163.45
N LEU AC 518 27.25 32.75 -163.37
CA LEU AC 518 28.05 33.95 -163.61
C LEU AC 518 27.88 34.43 -165.04
N GLN AC 519 27.85 33.50 -166.00
CA GLN AC 519 27.65 33.89 -167.40
C GLN AC 519 26.29 34.50 -167.62
N GLN AC 520 25.24 33.95 -166.99
CA GLN AC 520 23.91 34.52 -167.12
C GLN AC 520 23.84 35.91 -166.50
N ARG AC 521 24.46 36.09 -165.33
CA ARG AC 521 24.50 37.41 -164.70
C ARG AC 521 25.25 38.41 -165.59
N ARG AC 522 26.36 37.98 -166.19
CA ARG AC 522 27.11 38.85 -167.08
C ARG AC 522 26.29 39.23 -168.31
N ALA AC 523 25.54 38.27 -168.86
CA ALA AC 523 24.69 38.56 -170.01
C ALA AC 523 23.60 39.56 -169.65
N ASN AC 524 22.96 39.38 -168.49
CA ASN AC 524 21.95 40.33 -168.05
C ASN AC 524 22.56 41.72 -167.84
N GLN AC 525 23.75 41.77 -167.23
CA GLN AC 525 24.42 43.04 -167.02
C GLN AC 525 24.77 43.71 -168.35
N ARG AC 526 25.22 42.92 -169.33
CA ARG AC 526 25.61 43.46 -170.63
C ARG AC 526 24.41 43.78 -171.52
N LEU AC 527 23.23 43.27 -171.17
CA LEU AC 527 21.99 43.52 -171.94
C LEU AC 527 21.32 44.76 -171.35
N GLY AC 528 21.10 44.78 -170.03
CA GLY AC 528 20.48 45.93 -169.36
C GLY AC 528 21.34 47.17 -169.41
N ALA AC 529 22.66 47.02 -169.43
CA ALA AC 529 23.59 48.18 -169.54
C ALA AC 529 23.50 48.69 -170.98
N GLU AC 530 23.42 47.77 -171.95
CA GLU AC 530 23.31 48.17 -173.38
C GLU AC 530 21.98 48.93 -173.55
N VAL AC 531 20.93 48.45 -172.81
CA VAL AC 531 19.62 49.14 -172.76
C VAL AC 531 19.81 50.44 -171.97
N MET AC 532 20.57 50.40 -170.88
CA MET AC 532 20.82 51.59 -170.03
C MET AC 532 21.56 52.65 -170.84
N SER AC 533 22.54 52.23 -171.66
CA SER AC 533 23.32 53.18 -172.50
C SER AC 533 22.37 53.83 -173.50
N GLN AC 534 21.45 53.05 -174.10
CA GLN AC 534 20.43 53.59 -175.02
C GLN AC 534 19.53 54.55 -174.25
N ARG AC 535 19.15 54.19 -173.02
CA ARG AC 535 18.26 55.01 -172.16
C ARG AC 535 18.92 56.35 -171.84
N ILE AC 536 20.23 56.36 -171.56
CA ILE AC 536 20.95 57.61 -171.14
C ILE AC 536 21.09 58.53 -172.34
N ARG AC 537 21.07 58.00 -173.57
CA ARG AC 537 21.19 58.79 -174.78
C ARG AC 537 19.89 59.53 -175.09
N GLU AC 538 18.76 58.85 -174.94
CA GLU AC 538 17.47 59.51 -175.14
C GLU AC 538 17.28 60.65 -174.14
N MET AC 539 17.61 60.40 -172.87
CA MET AC 539 17.45 61.43 -171.84
C MET AC 539 18.35 62.63 -172.09
N SER AC 540 19.60 62.39 -172.49
CA SER AC 540 20.54 63.48 -172.75
C SER AC 540 20.15 64.26 -174.00
N ASP AC 541 19.63 63.59 -175.01
CA ASP AC 541 19.08 64.30 -176.16
C ASP AC 541 17.86 65.13 -175.78
N ASN AC 542 17.05 64.64 -174.83
CA ASN AC 542 15.94 65.44 -174.34
C ASN AC 542 16.43 66.69 -173.61
N ASP AC 543 17.45 66.53 -172.76
CA ASP AC 543 17.98 67.63 -171.96
C ASP AC 543 19.49 67.46 -171.82
N PRO AC 544 20.27 68.18 -172.62
CA PRO AC 544 21.74 68.04 -172.52
C PRO AC 544 22.32 68.80 -171.34
N ARG AC 545 21.80 69.98 -171.01
CA ARG AC 545 22.36 70.77 -169.92
C ARG AC 545 22.02 70.19 -168.56
N VAL AC 546 20.91 69.46 -168.44
CA VAL AC 546 20.52 68.88 -167.16
C VAL AC 546 21.55 67.84 -166.72
N VAL AC 547 22.05 67.03 -167.66
CA VAL AC 547 23.06 66.04 -167.33
C VAL AC 547 24.34 66.71 -166.84
N ALA AC 548 24.78 67.77 -167.51
CA ALA AC 548 25.97 68.48 -167.08
C ALA AC 548 25.78 69.10 -165.70
N LEU AC 549 24.60 69.67 -165.45
CA LEU AC 549 24.31 70.24 -164.14
C LEU AC 549 24.33 69.17 -163.06
N VAL AC 550 23.76 68.00 -163.35
CA VAL AC 550 23.77 66.91 -162.38
C VAL AC 550 25.19 66.43 -162.12
N ILE AC 551 26.00 66.35 -163.17
CA ILE AC 551 27.40 65.95 -162.99
C ILE AC 551 28.14 66.95 -162.13
N ARG AC 552 27.93 68.25 -162.37
CA ARG AC 552 28.58 69.27 -161.56
C ARG AC 552 28.12 69.20 -160.11
N GLN AC 553 26.83 68.95 -159.90
CA GLN AC 553 26.31 68.80 -158.54
C GLN AC 553 26.93 67.59 -157.84
N TRP AC 554 27.14 66.50 -158.59
CA TRP AC 554 27.78 65.32 -158.02
C TRP AC 554 29.20 65.63 -157.59
N MET AC 555 29.95 66.37 -158.42
CA MET AC 555 31.30 66.76 -158.06
C MET AC 555 31.31 67.69 -156.85
N SER AC 556 30.36 68.63 -156.79
CA SER AC 556 30.29 69.52 -155.64
C SER AC 556 30.00 68.76 -154.36
N ASN AC 557 29.08 67.78 -154.43
CA ASN AC 557 28.77 66.97 -153.25
C ASN AC 557 29.91 66.04 -152.89
N ASP AC 558 30.75 65.69 -153.87
CA ASP AC 558 31.89 64.82 -153.60
C ASP AC 558 32.90 65.48 -152.68
N HIS AC 559 32.94 66.81 -152.65
CA HIS AC 559 33.85 67.54 -151.80
C HIS AC 559 33.45 67.42 -150.33
N GLY BC 6 31.95 60.35 -157.11
CA GLY BC 6 30.94 60.59 -158.12
C GLY BC 6 31.51 61.07 -159.44
N THR BC 7 32.65 61.78 -159.34
CA THR BC 7 33.31 62.28 -160.54
C THR BC 7 33.80 61.15 -161.44
N ASP BC 8 34.36 60.10 -160.84
CA ASP BC 8 34.81 58.94 -161.61
C ASP BC 8 33.63 58.26 -162.30
N LYS BC 9 32.51 58.13 -161.58
CA LYS BC 9 31.32 57.55 -162.19
C LYS BC 9 30.81 58.41 -163.33
N SER BC 10 30.84 59.74 -163.16
CA SER BC 10 30.42 60.64 -164.23
C SER BC 10 31.32 60.52 -165.44
N VAL BC 11 32.64 60.41 -165.21
CA VAL BC 11 33.58 60.24 -166.31
C VAL BC 11 33.34 58.92 -167.03
N ILE BC 12 33.08 57.84 -166.29
CA ILE BC 12 32.80 56.56 -166.91
C ILE BC 12 31.52 56.62 -167.73
N LEU BC 13 30.49 57.26 -167.20
CA LEU BC 13 29.23 57.40 -167.94
C LEU BC 13 29.42 58.23 -169.21
N LEU BC 14 30.20 59.31 -169.13
CA LEU BC 14 30.48 60.13 -170.30
C LEU BC 14 31.25 59.34 -171.36
N MET BC 15 32.23 58.54 -170.92
CA MET BC 15 32.98 57.70 -171.85
C MET BC 15 32.08 56.67 -172.51
N THR BC 16 31.18 56.06 -171.74
CA THR BC 16 30.27 55.05 -172.28
C THR BC 16 29.14 55.65 -173.11
N ILE BC 17 28.91 56.96 -173.00
CA ILE BC 17 27.82 57.59 -173.73
C ILE BC 17 28.18 57.73 -175.21
N GLY BC 18 29.32 58.36 -175.49
CA GLY BC 18 29.73 58.58 -176.86
C GLY BC 18 30.45 59.90 -177.05
N GLU BC 19 31.12 60.06 -178.20
CA GLU BC 19 31.90 61.27 -178.44
C GLU BC 19 31.00 62.50 -178.58
N ASP BC 20 29.89 62.36 -179.33
CA ASP BC 20 29.04 63.52 -179.59
C ASP BC 20 28.32 63.98 -178.33
N ARG BC 21 27.75 63.03 -177.58
CA ARG BC 21 27.05 63.39 -176.35
C ARG BC 21 28.00 64.00 -175.32
N ALA BC 22 29.19 63.41 -175.18
CA ALA BC 22 30.17 63.96 -174.25
C ALA BC 22 30.63 65.35 -174.68
N ALA BC 23 30.81 65.56 -175.98
CA ALA BC 23 31.20 66.89 -176.47
C ALA BC 23 30.12 67.91 -176.19
N GLU BC 24 28.85 67.54 -176.41
CA GLU BC 24 27.76 68.45 -176.11
C GLU BC 24 27.69 68.77 -174.61
N VAL BC 25 27.87 67.75 -173.78
CA VAL BC 25 27.85 67.96 -172.33
C VAL BC 25 28.98 68.89 -171.91
N PHE BC 26 30.18 68.68 -172.47
CA PHE BC 26 31.32 69.55 -172.15
C PHE BC 26 31.04 70.98 -172.61
N LYS BC 27 30.46 71.15 -173.79
CA LYS BC 27 30.06 72.47 -174.23
C LYS BC 27 29.02 73.10 -173.31
N HIS BC 28 28.20 72.28 -172.65
CA HIS BC 28 27.26 72.75 -171.65
C HIS BC 28 27.80 72.63 -170.24
N LEU BC 29 29.14 72.59 -170.08
CA LEU BC 29 29.76 72.42 -168.78
C LEU BC 29 30.80 73.51 -168.58
N SER BC 30 31.12 73.76 -167.30
CA SER BC 30 32.09 74.77 -166.93
C SER BC 30 33.51 74.33 -167.28
N THR BC 31 34.43 75.30 -167.30
CA THR BC 31 35.80 75.04 -167.69
C THR BC 31 36.50 74.06 -166.76
N ARG BC 32 36.39 74.30 -165.45
CA ARG BC 32 37.02 73.42 -164.47
C ARG BC 32 36.42 72.02 -164.54
N GLU BC 33 35.09 71.94 -164.62
CA GLU BC 33 34.41 70.65 -164.71
C GLU BC 33 34.81 69.91 -165.99
N VAL BC 34 34.87 70.64 -167.11
CA VAL BC 34 35.24 70.02 -168.39
C VAL BC 34 36.66 69.48 -168.32
N GLN BC 35 37.58 70.28 -167.76
CA GLN BC 35 38.97 69.85 -167.65
C GLN BC 35 39.08 68.62 -166.75
N ALA BC 36 38.39 68.63 -165.62
CA ALA BC 36 38.44 67.48 -164.71
C ALA BC 36 37.88 66.23 -165.38
N LEU BC 37 36.76 66.37 -166.08
CA LEU BC 37 36.17 65.23 -166.76
C LEU BC 37 37.07 64.69 -167.86
N SER BC 38 37.71 65.58 -168.64
CA SER BC 38 38.62 65.14 -169.69
C SER BC 38 39.83 64.43 -169.10
N THR BC 39 40.37 64.96 -167.98
CA THR BC 39 41.55 64.36 -167.39
C THR BC 39 41.24 63.00 -166.77
N ALA BC 40 40.18 62.92 -165.97
CA ALA BC 40 39.87 61.71 -165.23
C ALA BC 40 39.51 60.54 -166.14
N MET BC 41 38.72 60.82 -167.19
CA MET BC 41 38.25 59.76 -168.07
C MET BC 41 39.42 59.05 -168.75
N ALA BC 42 40.36 59.82 -169.30
CA ALA BC 42 41.50 59.21 -169.97
C ALA BC 42 42.56 58.74 -168.96
N ASN BC 43 42.56 59.36 -167.78
CA ASN BC 43 43.58 59.01 -166.75
C ASN BC 43 43.44 57.61 -166.12
N VAL BC 44 42.40 57.41 -165.31
CA VAL BC 44 42.15 56.06 -164.73
C VAL BC 44 40.64 55.92 -164.87
N ARG BC 45 40.19 54.83 -165.50
CA ARG BC 45 38.73 54.59 -165.64
C ARG BC 45 38.37 53.31 -164.87
N GLN BC 46 37.35 53.37 -164.01
CA GLN BC 46 36.95 52.20 -163.20
C GLN BC 46 35.52 51.79 -163.58
N ILE BC 47 35.29 50.51 -163.85
CA ILE BC 47 33.90 50.02 -164.17
C ILE BC 47 33.49 49.00 -163.09
N SER BC 48 32.32 49.19 -162.49
CA SER BC 48 31.87 48.26 -161.41
C SER BC 48 30.59 47.54 -161.86
N ASN BC 49 30.56 46.21 -161.73
CA ASN BC 49 29.38 45.42 -162.17
C ASN BC 49 28.15 45.87 -161.37
N LYS BC 50 28.34 46.19 -160.08
CA LYS BC 50 27.18 46.55 -159.21
C LYS BC 50 27.27 48.01 -158.74
N GLN BC 51 28.42 48.42 -158.20
CA GLN BC 51 28.46 49.76 -157.62
C GLN BC 51 28.13 50.84 -158.65
N LEU BC 52 28.66 50.71 -159.87
CA LEU BC 52 28.37 51.69 -160.91
C LEU BC 52 26.89 51.69 -161.26
N THR BC 53 26.29 50.51 -161.38
CA THR BC 53 24.86 50.44 -161.68
C THR BC 53 24.02 51.03 -160.56
N ASP BC 54 24.38 50.74 -159.30
CA ASP BC 54 23.64 51.31 -158.17
C ASP BC 54 23.75 52.83 -158.16
N VAL BC 55 24.95 53.36 -158.41
CA VAL BC 55 25.14 54.81 -158.44
C VAL BC 55 24.36 55.43 -159.58
N LEU BC 56 24.35 54.79 -160.75
CA LEU BC 56 23.59 55.33 -161.89
C LEU BC 56 22.11 55.34 -161.58
N SER BC 57 21.60 54.26 -160.97
CA SER BC 57 20.17 54.23 -160.61
C SER BC 57 19.83 55.31 -159.59
N GLU BC 58 20.70 55.49 -158.59
CA GLU BC 58 20.46 56.54 -157.59
C GLU BC 58 20.47 57.92 -158.22
N PHE BC 59 21.41 58.17 -159.14
CA PHE BC 59 21.46 59.46 -159.81
C PHE BC 59 20.21 59.69 -160.67
N GLU BC 60 19.78 58.66 -161.39
CA GLU BC 60 18.60 58.79 -162.25
C GLU BC 60 17.34 59.00 -161.43
N GLN BC 61 17.33 58.51 -160.19
CA GLN BC 61 16.09 58.63 -159.37
C GLN BC 61 16.23 59.75 -158.33
N GLU BC 62 17.41 60.38 -158.21
CA GLU BC 62 17.58 61.37 -157.11
C GLU BC 62 16.63 62.58 -157.25
N ALA BC 63 16.46 63.16 -158.45
CA ALA BC 63 15.46 64.25 -158.59
C ALA BC 63 14.98 64.40 -160.03
N GLU BC 64 13.78 64.94 -160.24
CA GLU BC 64 13.31 65.28 -161.61
C GLU BC 64 13.54 66.78 -161.87
N GLN BC 65 14.06 67.50 -160.87
CA GLN BC 65 14.22 68.99 -160.97
C GLN BC 65 15.19 69.38 -162.09
N PHE BC 66 16.28 68.64 -162.25
CA PHE BC 66 17.34 69.02 -163.24
C PHE BC 66 16.76 69.02 -164.65
N ALA BC 67 15.89 68.06 -164.98
CA ALA BC 67 15.42 67.94 -166.37
C ALA BC 67 14.68 69.19 -166.84
N ALA BC 68 13.84 69.81 -165.99
CA ALA BC 68 13.00 70.94 -166.47
C ALA BC 68 13.71 72.30 -166.34
N LEU BC 69 14.01 72.74 -165.12
CA LEU BC 69 14.57 74.07 -164.91
C LEU BC 69 15.81 74.28 -165.75
N ASN BC 70 16.69 73.27 -165.79
CA ASN BC 70 17.93 73.39 -166.56
C ASN BC 70 17.70 73.30 -168.06
N ILE BC 71 16.56 72.76 -168.49
CA ILE BC 71 16.25 72.64 -169.91
C ILE BC 71 16.14 74.03 -170.53
N ASN BC 72 15.41 74.92 -169.87
CA ASN BC 72 15.23 76.29 -170.33
C ASN BC 72 15.21 77.23 -169.13
N ALA BC 73 16.38 77.85 -168.87
CA ALA BC 73 16.48 78.81 -167.77
C ALA BC 73 16.82 80.21 -168.30
N ASN BC 74 17.91 80.31 -169.06
CA ASN BC 74 18.33 81.61 -169.57
C ASN BC 74 17.43 82.09 -170.70
N GLU BC 75 17.02 81.19 -171.59
CA GLU BC 75 16.15 81.59 -172.70
C GLU BC 75 14.81 82.11 -172.20
N TYR BC 76 14.23 81.44 -171.20
CA TYR BC 76 12.97 81.88 -170.65
C TYR BC 76 13.11 83.26 -170.00
N LEU BC 77 14.20 83.48 -169.25
CA LEU BC 77 14.41 84.77 -168.62
C LEU BC 77 14.59 85.86 -169.66
N ARG BC 78 15.34 85.58 -170.73
CA ARG BC 78 15.51 86.56 -171.79
C ARG BC 78 14.20 86.89 -172.48
N SER BC 79 13.38 85.87 -172.76
CA SER BC 79 12.09 86.11 -173.39
C SER BC 79 11.18 86.93 -172.49
N VAL BC 80 11.18 86.62 -171.19
CA VAL BC 80 10.37 87.38 -170.24
C VAL BC 80 10.83 88.82 -170.17
N LEU BC 81 12.14 89.06 -170.14
CA LEU BC 81 12.66 90.42 -170.11
C LEU BC 81 12.29 91.17 -171.38
N VAL BC 82 12.35 90.51 -172.54
CA VAL BC 82 12.02 91.16 -173.80
C VAL BC 82 10.53 91.53 -173.82
N LYS BC 83 9.68 90.60 -173.39
CA LYS BC 83 8.24 90.83 -173.49
C LYS BC 83 7.74 91.76 -172.39
N ALA BC 84 8.50 91.90 -171.31
CA ALA BC 84 8.02 92.63 -170.14
C ALA BC 84 8.00 94.14 -170.39
N LEU BC 85 9.17 94.73 -170.64
CA LEU BC 85 9.30 96.17 -170.78
C LEU BC 85 9.63 96.55 -172.22
N GLY BC 86 10.70 95.98 -172.79
CA GLY BC 86 11.08 96.32 -174.15
C GLY BC 86 12.47 95.81 -174.44
N GLU BC 87 12.87 95.95 -175.71
CA GLU BC 87 14.20 95.48 -176.11
C GLU BC 87 15.31 96.25 -175.40
N GLU BC 88 15.14 97.57 -175.26
CA GLU BC 88 16.16 98.38 -174.58
C GLU BC 88 16.30 98.00 -173.12
N ARG BC 89 15.19 97.79 -172.42
CA ARG BC 89 15.25 97.40 -171.02
C ARG BC 89 15.68 95.95 -170.86
N ALA BC 90 15.32 95.10 -171.82
CA ALA BC 90 15.75 93.69 -171.76
C ALA BC 90 17.26 93.58 -171.86
N SER BC 91 17.89 94.41 -172.70
CA SER BC 91 19.34 94.39 -172.80
C SER BC 91 19.99 94.77 -171.48
N SER BC 92 19.47 95.81 -170.81
CA SER BC 92 20.01 96.22 -169.52
C SER BC 92 19.82 95.13 -168.47
N LEU BC 93 18.64 94.51 -168.46
CA LEU BC 93 18.39 93.44 -167.49
C LEU BC 93 19.31 92.26 -167.72
N LEU BC 94 19.51 91.87 -168.98
CA LEU BC 94 20.42 90.77 -169.29
C LEU BC 94 21.85 91.12 -168.92
N GLU BC 95 22.26 92.36 -169.18
CA GLU BC 95 23.61 92.80 -168.79
C GLU BC 95 23.80 92.73 -167.28
N ASP BC 96 22.79 93.17 -166.53
CA ASP BC 96 22.88 93.09 -165.07
C ASP BC 96 22.94 91.65 -164.60
N ILE BC 97 22.14 90.78 -165.20
CA ILE BC 97 22.15 89.36 -164.82
C ILE BC 97 23.51 88.74 -165.10
N LEU BC 98 24.08 89.05 -166.26
CA LEU BC 98 25.41 88.53 -166.58
C LEU BC 98 26.47 89.09 -165.64
N GLU BC 99 26.39 90.38 -165.31
CA GLU BC 99 27.36 90.98 -164.41
C GLU BC 99 27.21 90.48 -162.99
N THR BC 100 26.05 89.90 -162.65
CA THR BC 100 25.89 89.29 -161.32
C THR BC 100 26.91 88.19 -161.10
N ARG BC 101 27.30 87.47 -162.16
CA ARG BC 101 28.36 86.47 -162.07
C ARG BC 101 29.65 87.11 -162.54
N ASP BC 102 30.53 87.41 -161.59
CA ASP BC 102 31.79 88.10 -161.87
C ASP BC 102 32.90 87.07 -162.10
N THR BC 103 34.12 87.57 -162.31
CA THR BC 103 35.28 86.73 -162.56
C THR BC 103 36.32 86.97 -161.48
N THR BC 104 37.01 85.90 -161.09
CA THR BC 104 37.99 86.01 -160.01
C THR BC 104 39.27 86.67 -160.49
N SER BC 105 39.94 86.07 -161.46
CA SER BC 105 41.19 86.62 -161.98
C SER BC 105 40.94 87.95 -162.68
N GLY BC 106 41.79 88.93 -162.36
CA GLY BC 106 41.58 90.28 -162.86
C GLY BC 106 41.67 90.41 -164.37
N ILE BC 107 42.36 89.49 -165.05
CA ILE BC 107 42.48 89.58 -166.49
C ILE BC 107 41.11 89.50 -167.15
N GLU BC 108 40.28 88.55 -166.71
CA GLU BC 108 38.92 88.48 -167.24
C GLU BC 108 38.07 89.67 -166.77
N THR BC 109 38.33 90.19 -165.57
CA THR BC 109 37.61 91.37 -165.13
C THR BC 109 37.92 92.58 -166.00
N LEU BC 110 39.09 92.59 -166.66
CA LEU BC 110 39.40 93.65 -167.60
C LEU BC 110 38.48 93.83 -168.79
N ASN BC 111 37.82 92.76 -169.26
CA ASN BC 111 36.84 92.87 -170.38
C ASN BC 111 35.44 93.37 -169.97
N PHE BC 112 35.22 93.62 -168.68
CA PHE BC 112 33.93 94.20 -168.22
C PHE BC 112 34.11 95.70 -168.04
N MET BC 113 35.34 96.18 -168.22
CA MET BC 113 35.67 97.59 -168.07
C MET BC 113 35.37 98.20 -169.44
N GLU BC 114 35.21 99.53 -169.43
CA GLU BC 114 35.02 100.26 -170.68
C GLU BC 114 36.29 100.16 -171.52
N PRO BC 115 36.16 100.11 -172.85
CA PRO BC 115 37.36 100.02 -173.70
C PRO BC 115 38.41 101.10 -173.49
N GLN BC 116 38.00 102.35 -173.29
CA GLN BC 116 38.99 103.41 -173.10
C GLN BC 116 39.71 103.32 -171.75
N SER BC 117 38.98 102.87 -170.72
CA SER BC 117 39.60 102.73 -169.40
C SER BC 117 40.67 101.67 -169.51
N ALA BC 118 40.35 100.53 -170.16
CA ALA BC 118 41.34 99.47 -170.32
C ALA BC 118 42.49 99.93 -171.22
N ALA BC 119 42.17 100.67 -172.29
CA ALA BC 119 43.23 101.15 -173.18
C ALA BC 119 44.17 102.09 -172.44
N ASP BC 120 43.62 102.98 -171.61
CA ASP BC 120 44.48 103.84 -170.81
C ASP BC 120 45.27 103.05 -169.77
N LEU BC 121 44.68 102.01 -169.21
CA LEU BC 121 45.35 101.24 -168.16
C LEU BC 121 46.54 100.47 -168.71
N ILE BC 122 46.39 99.86 -169.90
CA ILE BC 122 47.43 98.97 -170.42
C ILE BC 122 48.23 99.59 -171.54
N ARG BC 123 48.06 100.89 -171.82
CA ARG BC 123 48.84 101.50 -172.89
C ARG BC 123 50.32 101.54 -172.55
N ASP BC 124 50.66 101.82 -171.30
CA ASP BC 124 52.05 102.00 -170.91
C ASP BC 124 52.77 100.67 -170.70
N GLU BC 125 52.04 99.56 -170.66
CA GLU BC 125 52.66 98.27 -170.40
C GLU BC 125 53.53 97.84 -171.58
N HIS BC 126 54.38 96.85 -171.31
CA HIS BC 126 55.23 96.30 -172.34
C HIS BC 126 54.37 95.66 -173.44
N PRO BC 127 54.77 95.79 -174.70
CA PRO BC 127 53.91 95.27 -175.79
C PRO BC 127 53.59 93.79 -175.65
N GLN BC 128 54.54 92.97 -175.19
CA GLN BC 128 54.24 91.56 -174.99
C GLN BC 128 53.20 91.34 -173.90
N ILE BC 129 53.25 92.14 -172.83
CA ILE BC 129 52.24 92.01 -171.78
C ILE BC 129 50.87 92.43 -172.30
N ILE BC 130 50.84 93.47 -173.14
CA ILE BC 130 49.59 93.88 -173.77
C ILE BC 130 49.05 92.71 -174.59
N ALA BC 131 49.93 92.08 -175.38
CA ALA BC 131 49.51 90.97 -176.21
C ALA BC 131 48.98 89.82 -175.38
N THR BC 132 49.66 89.50 -174.28
CA THR BC 132 49.19 88.43 -173.39
C THR BC 132 47.82 88.75 -172.83
N ILE BC 133 47.63 90.00 -172.42
CA ILE BC 133 46.29 90.41 -171.89
C ILE BC 133 45.24 90.21 -173.00
N LEU BC 134 45.56 90.58 -174.24
CA LEU BC 134 44.55 90.53 -175.34
C LEU BC 134 44.05 89.11 -175.63
N VAL BC 135 44.92 88.09 -175.64
CA VAL BC 135 44.47 86.72 -176.03
C VAL BC 135 43.67 86.19 -174.83
N HIS BC 136 43.95 86.67 -173.63
CA HIS BC 136 43.14 86.25 -172.45
C HIS BC 136 41.85 87.07 -172.40
N LEU BC 137 41.88 88.29 -172.98
CA LEU BC 137 40.68 89.16 -172.98
C LEU BC 137 39.71 88.69 -174.07
N LYS BC 138 38.43 89.07 -173.94
CA LYS BC 138 37.41 88.71 -174.97
C LYS BC 138 37.83 89.36 -176.29
N ARG BC 139 37.62 88.67 -177.41
CA ARG BC 139 38.07 89.19 -178.73
C ARG BC 139 37.43 90.56 -179.03
N SER BC 140 36.12 90.68 -178.82
CA SER BC 140 35.43 91.95 -179.18
C SER BC 140 36.11 93.11 -178.43
N GLN BC 141 36.35 92.94 -177.13
CA GLN BC 141 36.94 94.03 -176.32
C GLN BC 141 38.34 94.35 -176.87
N ALA BC 142 39.14 93.31 -177.10
CA ALA BC 142 40.51 93.51 -177.57
C ALA BC 142 40.53 94.30 -178.87
N ALA BC 143 39.57 94.04 -179.76
CA ALA BC 143 39.50 94.79 -181.01
C ALA BC 143 39.24 96.27 -180.75
N ASP BC 144 38.32 96.56 -179.83
CA ASP BC 144 38.06 97.96 -179.48
C ASP BC 144 39.28 98.61 -178.86
N ILE BC 145 39.98 97.89 -177.98
CA ILE BC 145 41.19 98.43 -177.36
C ILE BC 145 42.25 98.80 -178.38
N LEU BC 146 42.50 97.90 -179.33
CA LEU BC 146 43.49 98.19 -180.38
C LEU BC 146 43.04 99.33 -181.28
N ALA BC 147 41.74 99.46 -181.48
CA ALA BC 147 41.21 100.60 -182.24
C ALA BC 147 41.57 101.90 -181.56
N LEU BC 148 41.49 101.91 -180.22
CA LEU BC 148 41.82 103.14 -179.45
C LEU BC 148 43.34 103.31 -179.36
N PHE BC 149 44.11 102.26 -179.68
CA PHE BC 149 45.59 102.32 -179.51
C PHE BC 149 46.22 103.05 -180.70
N ASP BC 150 47.33 103.76 -180.45
CA ASP BC 150 48.07 104.39 -181.53
C ASP BC 150 48.42 103.36 -182.60
N GLU BC 151 48.57 103.84 -183.83
CA GLU BC 151 48.78 102.93 -184.95
C GLU BC 151 50.09 102.16 -184.83
N ARG BC 152 51.14 102.80 -184.33
CA ARG BC 152 52.40 102.09 -184.13
C ARG BC 152 52.24 100.99 -183.09
N LEU BC 153 51.68 101.32 -181.93
CA LEU BC 153 51.43 100.32 -180.91
C LEU BC 153 50.45 99.27 -181.41
N ARG BC 154 49.44 99.69 -182.18
CA ARG BC 154 48.48 98.73 -182.73
C ARG BC 154 49.17 97.70 -183.61
N HIS BC 155 50.00 98.15 -184.55
CA HIS BC 155 50.72 97.23 -185.42
C HIS BC 155 51.67 96.33 -184.64
N ASP BC 156 52.40 96.91 -183.68
CA ASP BC 156 53.34 96.12 -182.89
C ASP BC 156 52.61 95.02 -182.12
N VAL BC 157 51.52 95.39 -181.45
CA VAL BC 157 50.79 94.42 -180.64
C VAL BC 157 50.15 93.36 -181.54
N MET BC 158 49.64 93.75 -182.70
CA MET BC 158 49.06 92.76 -183.61
C MET BC 158 50.13 91.78 -184.09
N LEU BC 159 51.32 92.28 -184.39
CA LEU BC 159 52.42 91.39 -184.78
C LEU BC 159 52.77 90.43 -183.67
N ARG BC 160 52.83 90.93 -182.43
CA ARG BC 160 53.10 90.06 -181.29
C ARG BC 160 52.00 89.01 -181.14
N ILE BC 161 50.74 89.39 -181.40
CA ILE BC 161 49.64 88.45 -181.33
C ILE BC 161 49.82 87.35 -182.36
N ALA BC 162 50.25 87.72 -183.57
CA ALA BC 162 50.38 86.73 -184.63
C ALA BC 162 51.42 85.66 -184.27
N THR BC 163 52.54 86.07 -183.69
CA THR BC 163 53.64 85.16 -183.40
C THR BC 163 53.80 84.87 -181.91
N PHE BC 164 52.69 84.76 -181.18
CA PHE BC 164 52.77 84.48 -179.75
C PHE BC 164 53.39 83.10 -179.50
N GLY BC 165 54.12 83.00 -178.41
CA GLY BC 165 54.86 81.77 -178.13
C GLY BC 165 54.66 81.20 -176.74
N GLY BC 166 53.63 81.63 -176.05
CA GLY BC 166 53.32 81.07 -174.74
C GLY BC 166 54.05 81.65 -173.54
N VAL BC 167 53.32 81.89 -172.46
CA VAL BC 167 53.90 82.47 -171.25
C VAL BC 167 54.37 81.50 -170.20
N GLN BC 168 55.35 81.91 -169.40
CA GLN BC 168 55.81 81.08 -168.30
C GLN BC 168 54.68 81.18 -167.28
N PRO BC 169 54.38 80.09 -166.58
CA PRO BC 169 53.31 80.14 -165.57
C PRO BC 169 53.58 81.15 -164.47
N ALA BC 170 54.85 81.32 -164.07
CA ALA BC 170 55.16 82.29 -163.02
C ALA BC 170 54.86 83.71 -163.48
N ALA BC 171 55.23 84.05 -164.71
CA ALA BC 171 54.96 85.38 -165.23
C ALA BC 171 53.46 85.62 -165.36
N LEU BC 172 52.72 84.61 -165.83
CA LEU BC 172 51.28 84.76 -165.94
C LEU BC 172 50.64 84.96 -164.58
N ALA BC 173 51.08 84.20 -163.58
CA ALA BC 173 50.55 84.37 -162.23
C ALA BC 173 50.90 85.76 -161.68
N GLU BC 174 52.10 86.25 -161.99
CA GLU BC 174 52.49 87.58 -161.53
C GLU BC 174 51.62 88.66 -162.15
N LEU BC 175 51.37 88.56 -163.45
CA LEU BC 175 50.46 89.51 -164.10
C LEU BC 175 49.06 89.41 -163.52
N THR BC 176 48.61 88.18 -163.29
CA THR BC 176 47.26 87.97 -162.74
C THR BC 176 47.16 88.70 -161.41
N GLU BC 177 48.08 88.42 -160.49
CA GLU BC 177 48.00 89.02 -159.14
C GLU BC 177 48.13 90.55 -159.25
N VAL BC 178 49.03 91.04 -160.11
CA VAL BC 178 49.19 92.51 -160.30
C VAL BC 178 47.84 93.08 -160.78
N LEU BC 179 47.31 92.51 -161.86
CA LEU BC 179 46.07 93.04 -162.42
C LEU BC 179 44.92 92.95 -161.42
N ASN BC 180 44.91 91.91 -160.59
CA ASN BC 180 43.88 91.79 -159.57
C ASN BC 180 43.96 92.93 -158.58
N GLY BC 181 45.17 93.25 -158.10
CA GLY BC 181 45.33 94.33 -157.14
C GLY BC 181 44.92 95.68 -157.67
N LEU BC 182 44.79 95.82 -158.99
CA LEU BC 182 44.41 97.10 -159.58
C LEU BC 182 42.90 97.17 -159.79
N LEU BC 183 42.31 96.07 -160.26
CA LEU BC 183 40.87 96.12 -160.62
C LEU BC 183 39.96 95.70 -159.46
N ASP BC 184 40.41 94.79 -158.60
CA ASP BC 184 39.47 94.31 -157.54
C ASP BC 184 39.10 95.50 -156.64
N GLY BC 185 40.07 96.35 -156.29
CA GLY BC 185 39.75 97.56 -155.51
C GLY BC 185 38.86 98.51 -156.28
N GLN BC 186 39.12 98.69 -157.58
CA GLN BC 186 38.36 99.68 -158.40
C GLN BC 186 36.90 99.23 -158.59
N ASN BC 187 35.96 100.18 -158.57
CA ASN BC 187 34.55 99.82 -158.89
C ASN BC 187 34.54 99.37 -160.35
N LEU BC 188 33.75 98.33 -160.69
CA LEU BC 188 33.81 97.82 -162.08
C LEU BC 188 32.39 97.74 -162.68
N LYS BC 189 31.47 98.63 -162.31
CA LYS BC 189 30.17 98.57 -162.97
C LYS BC 189 29.62 99.99 -163.14
N ARG BC 190 30.19 100.69 -164.13
CA ARG BC 190 29.69 102.02 -164.49
C ARG BC 190 28.28 101.91 -165.05
N SER BC 191 27.30 102.41 -164.29
CA SER BC 191 25.91 102.33 -164.71
C SER BC 191 25.63 103.41 -165.75
N LYS BC 192 25.16 102.99 -166.93
CA LYS BC 192 24.87 103.91 -168.02
C LYS BC 192 23.35 104.05 -168.11
N MET BC 193 22.85 105.22 -167.70
CA MET BC 193 21.43 105.52 -167.73
C MET BC 193 21.23 106.76 -168.59
N GLY BC 194 20.52 106.61 -169.71
CA GLY BC 194 20.23 107.77 -170.58
C GLY BC 194 21.19 107.86 -171.74
N GLY BC 195 20.78 107.40 -172.93
CA GLY BC 195 21.62 107.51 -174.11
C GLY BC 195 21.00 108.46 -175.12
N VAL BC 196 20.50 107.92 -176.22
CA VAL BC 196 19.81 108.68 -177.23
C VAL BC 196 18.29 108.44 -177.27
N ARG BC 197 17.89 107.25 -176.82
CA ARG BC 197 16.46 106.94 -176.71
C ARG BC 197 15.92 107.91 -175.67
N THR BC 198 16.61 108.04 -174.55
CA THR BC 198 16.16 108.96 -173.50
C THR BC 198 16.19 110.40 -173.99
N ALA BC 199 17.23 110.77 -174.74
CA ALA BC 199 17.29 112.13 -175.28
C ALA BC 199 16.14 112.39 -176.24
N ALA BC 200 15.83 111.42 -177.11
CA ALA BC 200 14.71 111.60 -178.03
C ALA BC 200 13.39 111.71 -177.28
N GLU BC 201 13.21 110.88 -176.25
CA GLU BC 201 11.98 110.96 -175.45
C GLU BC 201 11.86 112.32 -174.76
N ILE BC 202 12.97 112.84 -174.23
CA ILE BC 202 12.96 114.15 -173.60
C ILE BC 202 12.60 115.22 -174.62
N ILE BC 203 13.21 115.15 -175.81
CA ILE BC 203 12.96 116.15 -176.84
C ILE BC 203 11.51 116.14 -177.28
N ASN BC 204 10.94 114.94 -177.44
CA ASN BC 204 9.58 114.81 -177.99
C ASN BC 204 8.52 115.47 -177.12
N LEU BC 205 8.79 115.75 -175.85
CA LEU BC 205 7.80 116.27 -174.93
C LEU BC 205 7.90 117.77 -174.67
N MET BC 206 8.76 118.49 -175.36
CA MET BC 206 8.91 119.91 -175.15
C MET BC 206 8.37 120.70 -176.34
N LYS BC 207 8.44 122.02 -176.24
CA LYS BC 207 7.88 122.89 -177.26
C LYS BC 207 8.57 122.73 -178.61
N THR BC 208 7.83 123.02 -179.68
CA THR BC 208 8.35 122.83 -181.03
C THR BC 208 9.54 123.73 -181.31
N GLN BC 209 9.49 124.99 -180.85
CA GLN BC 209 10.60 125.89 -181.09
C GLN BC 209 11.87 125.41 -180.39
N GLN BC 210 11.74 125.00 -179.13
CA GLN BC 210 12.89 124.43 -178.44
C GLN BC 210 13.31 123.11 -179.08
N GLU BC 211 12.36 122.34 -179.61
CA GLU BC 211 12.71 121.10 -180.29
C GLU BC 211 13.61 121.36 -181.49
N GLU BC 212 13.20 122.30 -182.36
CA GLU BC 212 14.01 122.60 -183.53
C GLU BC 212 15.34 123.23 -183.13
N ALA BC 213 15.35 124.08 -182.09
CA ALA BC 213 16.61 124.66 -181.63
C ALA BC 213 17.58 123.58 -181.18
N VAL BC 214 17.12 122.63 -180.37
CA VAL BC 214 18.04 121.62 -179.87
C VAL BC 214 18.48 120.67 -180.99
N ILE BC 215 17.59 120.32 -181.92
CA ILE BC 215 18.02 119.39 -182.96
C ILE BC 215 19.01 120.06 -183.90
N THR BC 216 18.81 121.34 -184.19
CA THR BC 216 19.78 122.03 -185.04
C THR BC 216 21.10 122.23 -184.31
N ALA BC 217 21.06 122.45 -183.00
CA ALA BC 217 22.31 122.53 -182.23
C ALA BC 217 23.06 121.21 -182.28
N VAL BC 218 22.35 120.10 -182.10
CA VAL BC 218 22.98 118.78 -182.17
C VAL BC 218 23.56 118.55 -183.57
N ARG BC 219 22.81 118.92 -184.60
CA ARG BC 219 23.28 118.75 -185.97
C ARG BC 219 24.54 119.57 -186.21
N GLU BC 220 24.59 120.79 -185.66
CA GLU BC 220 25.81 121.58 -185.73
C GLU BC 220 26.97 120.87 -185.03
N PHE BC 221 26.70 120.28 -183.87
CA PHE BC 221 27.75 119.52 -183.18
C PHE BC 221 28.17 118.27 -183.94
N ASP BC 222 27.21 117.50 -184.44
CA ASP BC 222 27.46 116.27 -185.16
C ASP BC 222 26.18 115.89 -185.88
N GLY BC 223 26.24 115.77 -187.21
CA GLY BC 223 25.05 115.43 -187.97
C GLY BC 223 24.54 114.01 -187.75
N GLU BC 224 25.47 113.07 -187.57
CA GLU BC 224 25.06 111.69 -187.36
C GLU BC 224 24.25 111.52 -186.08
N LEU BC 225 24.67 112.18 -185.00
CA LEU BC 225 23.92 112.12 -183.75
C LEU BC 225 22.53 112.73 -183.92
N ALA BC 226 22.43 113.84 -184.65
CA ALA BC 226 21.12 114.44 -184.90
C ALA BC 226 20.20 113.52 -185.68
N GLN BC 227 20.73 112.85 -186.71
CA GLN BC 227 19.92 111.93 -187.49
C GLN BC 227 19.49 110.73 -186.66
N LYS BC 228 20.37 110.22 -185.81
CA LYS BC 228 20.02 109.09 -184.95
C LYS BC 228 18.93 109.53 -183.96
N ILE BC 229 19.05 110.75 -183.43
CA ILE BC 229 18.02 111.28 -182.53
C ILE BC 229 16.69 111.40 -183.25
N ILE BC 230 16.72 111.90 -184.50
CA ILE BC 230 15.49 112.03 -185.27
C ILE BC 230 14.84 110.68 -185.56
N ASP BC 231 15.65 109.67 -185.85
CA ASP BC 231 15.10 108.34 -186.13
C ASP BC 231 14.52 107.73 -184.87
N GLU BC 232 15.18 107.92 -183.73
CA GLU BC 232 14.67 107.40 -182.47
C GLU BC 232 13.47 108.24 -182.08
N MET BC 233 13.35 109.45 -182.62
CA MET BC 233 12.22 110.31 -182.25
C MET BC 233 10.89 109.67 -182.62
N PHE BC 234 10.77 109.17 -183.86
CA PHE BC 234 9.55 108.53 -184.34
C PHE BC 234 9.90 107.13 -184.86
N LEU BC 235 9.61 106.13 -184.04
CA LEU BC 235 9.86 104.74 -184.42
C LEU BC 235 8.76 104.23 -185.34
N PHE BC 236 8.97 103.04 -185.89
CA PHE BC 236 7.98 102.44 -186.77
C PHE BC 236 6.90 101.73 -185.96
N GLU BC 237 6.34 102.43 -184.98
CA GLU BC 237 5.23 101.92 -184.20
C GLU BC 237 4.14 102.95 -183.94
N ASN BC 238 4.39 104.24 -184.16
CA ASN BC 238 3.40 105.29 -183.97
C ASN BC 238 2.61 105.59 -185.24
N LEU BC 239 2.87 104.85 -186.32
CA LEU BC 239 2.13 105.07 -187.56
C LEU BC 239 0.64 104.79 -187.40
N VAL BC 240 0.26 103.99 -186.41
CA VAL BC 240 -1.14 103.76 -186.13
C VAL BC 240 -1.84 105.04 -185.67
N ASP BC 241 -1.10 105.98 -185.08
CA ASP BC 241 -1.66 107.23 -184.62
C ASP BC 241 -1.68 108.31 -185.69
N VAL BC 242 -1.21 108.01 -186.89
CA VAL BC 242 -1.21 108.97 -187.98
C VAL BC 242 -2.62 109.09 -188.54
N ASP BC 243 -2.99 110.30 -188.98
CA ASP BC 243 -4.32 110.53 -189.52
C ASP BC 243 -4.48 109.82 -190.86
N ASP BC 244 -5.75 109.51 -191.17
CA ASP BC 244 -6.05 108.84 -192.43
C ASP BC 244 -5.68 109.71 -193.63
N ARG BC 245 -5.94 111.02 -193.53
CA ARG BC 245 -5.58 111.92 -194.62
C ARG BC 245 -4.06 111.96 -194.81
N SER BC 246 -3.31 111.99 -193.71
CA SER BC 246 -1.85 111.96 -193.82
C SER BC 246 -1.37 110.66 -194.45
N ILE BC 247 -1.99 109.54 -194.08
CA ILE BC 247 -1.62 108.26 -194.67
C ILE BC 247 -1.90 108.26 -196.16
N GLN BC 248 -3.06 108.77 -196.58
CA GLN BC 248 -3.39 108.83 -198.00
C GLN BC 248 -2.41 109.73 -198.75
N ARG BC 249 -2.06 110.87 -198.16
CA ARG BC 249 -1.10 111.77 -198.80
C ARG BC 249 0.27 111.12 -198.94
N LEU BC 250 0.72 110.40 -197.92
CA LEU BC 250 2.02 109.75 -197.97
C LEU BC 250 2.01 108.55 -198.90
N LEU BC 251 0.85 107.94 -199.13
CA LEU BC 251 0.77 106.79 -200.03
C LEU BC 251 1.15 107.16 -201.44
N GLN BC 252 0.97 108.42 -201.84
CA GLN BC 252 1.32 108.86 -203.19
C GLN BC 252 2.82 108.86 -203.45
N GLU BC 253 3.65 108.83 -202.40
CA GLU BC 253 5.09 108.84 -202.57
C GLU BC 253 5.77 107.57 -202.07
N VAL BC 254 4.99 106.55 -201.71
CA VAL BC 254 5.54 105.30 -201.18
C VAL BC 254 5.48 104.24 -202.29
N ASP BC 255 6.63 103.62 -202.57
CA ASP BC 255 6.66 102.55 -203.55
C ASP BC 255 5.90 101.33 -203.04
N SER BC 256 5.19 100.66 -203.95
CA SER BC 256 4.38 99.52 -203.56
C SER BC 256 5.26 98.39 -203.03
N GLU BC 257 6.37 98.10 -203.70
CA GLU BC 257 7.25 97.03 -203.24
C GLU BC 257 7.88 97.36 -201.89
N SER BC 258 8.36 98.59 -201.72
CA SER BC 258 8.95 98.98 -200.45
C SER BC 258 7.92 98.98 -199.33
N LEU BC 259 6.71 99.47 -199.61
CA LEU BC 259 5.66 99.47 -198.61
C LEU BC 259 5.29 98.04 -198.21
N LEU BC 260 5.18 97.15 -199.19
CA LEU BC 260 4.86 95.75 -198.89
C LEU BC 260 5.96 95.10 -198.06
N ILE BC 261 7.23 95.38 -198.40
CA ILE BC 261 8.34 94.82 -197.64
C ILE BC 261 8.31 95.34 -196.22
N ALA BC 262 8.05 96.63 -196.03
CA ALA BC 262 7.99 97.18 -194.68
C ALA BC 262 6.83 96.60 -193.88
N LEU BC 263 5.66 96.44 -194.52
CA LEU BC 263 4.48 95.96 -193.84
C LEU BC 263 4.42 94.44 -193.73
N LYS BC 264 5.38 93.72 -194.31
CA LYS BC 264 5.39 92.27 -194.18
C LYS BC 264 5.54 91.85 -192.72
N GLY BC 265 6.43 92.51 -191.99
CA GLY BC 265 6.63 92.25 -190.58
C GLY BC 265 5.91 93.19 -189.65
N ALA BC 266 5.08 94.08 -190.16
CA ALA BC 266 4.37 95.05 -189.33
C ALA BC 266 3.19 94.38 -188.63
N GLU BC 267 2.63 95.08 -187.65
CA GLU BC 267 1.47 94.57 -186.93
C GLU BC 267 0.25 94.53 -187.85
N PRO BC 268 -0.64 93.56 -187.66
CA PRO BC 268 -1.85 93.48 -188.50
C PRO BC 268 -2.68 94.75 -188.38
N PRO BC 269 -2.77 95.34 -187.19
CA PRO BC 269 -3.50 96.62 -187.07
C PRO BC 269 -2.90 97.72 -187.91
N LEU BC 270 -1.58 97.81 -187.99
CA LEU BC 270 -0.95 98.83 -188.81
C LEU BC 270 -1.25 98.60 -190.29
N ARG BC 271 -1.21 97.34 -190.74
CA ARG BC 271 -1.53 97.03 -192.13
C ARG BC 271 -2.98 97.37 -192.44
N GLU BC 272 -3.89 97.06 -191.52
CA GLU BC 272 -5.30 97.38 -191.73
C GLU BC 272 -5.52 98.89 -191.78
N LYS BC 273 -4.85 99.63 -190.90
CA LYS BC 273 -4.98 101.09 -190.91
C LYS BC 273 -4.42 101.69 -192.19
N PHE BC 274 -3.29 101.16 -192.67
CA PHE BC 274 -2.65 101.66 -193.87
C PHE BC 274 -3.33 101.19 -195.15
N LEU BC 275 -4.19 100.18 -195.07
CA LEU BC 275 -4.91 99.68 -196.24
C LEU BC 275 -6.23 100.37 -196.46
N ARG BC 276 -6.62 101.29 -195.58
CA ARG BC 276 -7.88 102.02 -195.71
C ARG BC 276 -7.72 103.34 -196.47
N ASN BC 277 -6.50 103.68 -196.90
CA ASN BC 277 -6.25 104.92 -197.61
C ASN BC 277 -6.20 104.74 -199.14
N MET BC 278 -5.97 103.53 -199.62
CA MET BC 278 -5.89 103.27 -201.05
C MET BC 278 -7.23 102.73 -201.55
N SER BC 279 -7.29 102.36 -202.82
CA SER BC 279 -8.50 101.82 -203.40
C SER BC 279 -8.72 100.38 -202.94
N GLN BC 280 -9.94 99.89 -203.13
CA GLN BC 280 -10.27 98.52 -202.76
C GLN BC 280 -9.44 97.53 -203.58
N ARG BC 281 -9.30 97.77 -204.88
CA ARG BC 281 -8.47 96.91 -205.70
C ARG BC 281 -7.01 96.98 -205.27
N ALA BC 282 -6.53 98.18 -204.95
CA ALA BC 282 -5.16 98.33 -204.47
C ALA BC 282 -4.96 97.61 -203.14
N ALA BC 283 -5.94 97.72 -202.24
CA ALA BC 283 -5.85 97.02 -200.96
C ALA BC 283 -5.83 95.51 -201.16
N ASP BC 284 -6.68 95.00 -202.05
CA ASP BC 284 -6.69 93.57 -202.32
C ASP BC 284 -5.37 93.11 -202.93
N ILE BC 285 -4.81 93.90 -203.85
CA ILE BC 285 -3.52 93.56 -204.45
C ILE BC 285 -2.43 93.55 -203.40
N LEU BC 286 -2.41 94.54 -202.50
CA LEU BC 286 -1.41 94.57 -201.44
C LEU BC 286 -1.56 93.37 -200.51
N ARG BC 287 -2.79 93.01 -200.16
CA ARG BC 287 -3.01 91.85 -199.31
C ARG BC 287 -2.54 90.57 -199.99
N ASP BC 288 -2.84 90.43 -201.28
CA ASP BC 288 -2.39 89.24 -202.01
C ASP BC 288 -0.88 89.19 -202.09
N ASP BC 289 -0.23 90.33 -202.33
CA ASP BC 289 1.23 90.35 -202.38
C ASP BC 289 1.84 90.01 -201.04
N LEU BC 290 1.26 90.52 -199.95
CA LEU BC 290 1.76 90.21 -198.61
C LEU BC 290 1.59 88.72 -198.30
N ALA BC 291 0.45 88.15 -198.68
CA ALA BC 291 0.22 86.72 -198.44
C ALA BC 291 1.20 85.88 -199.26
N ASN BC 292 1.44 86.27 -200.51
CA ASN BC 292 2.34 85.51 -201.38
C ASN BC 292 3.80 85.75 -201.08
N ARG BC 293 4.13 86.85 -200.39
CA ARG BC 293 5.53 87.14 -200.09
C ARG BC 293 6.06 86.20 -199.03
N GLY BC 294 7.21 85.58 -199.31
CA GLY BC 294 7.85 84.70 -198.37
C GLY BC 294 8.64 85.45 -197.33
N PRO BC 295 9.15 84.71 -196.35
CA PRO BC 295 9.98 85.34 -195.31
C PRO BC 295 11.24 85.94 -195.91
N VAL BC 296 11.65 87.09 -195.36
CA VAL BC 296 12.83 87.80 -195.83
C VAL BC 296 13.63 88.26 -194.63
N ARG BC 297 14.92 88.52 -194.86
CA ARG BC 297 15.79 89.02 -193.80
C ARG BC 297 15.34 90.41 -193.36
N LEU BC 298 15.45 90.68 -192.06
CA LEU BC 298 15.00 91.95 -191.51
C LEU BC 298 15.86 93.12 -191.94
N SER BC 299 17.04 92.87 -192.52
CA SER BC 299 17.92 93.97 -192.93
C SER BC 299 17.28 94.84 -194.02
N GLN BC 300 16.66 94.22 -195.01
CA GLN BC 300 16.00 94.98 -196.08
C GLN BC 300 14.67 95.56 -195.65
N VAL BC 301 13.92 94.83 -194.82
CA VAL BC 301 12.65 95.36 -194.32
C VAL BC 301 12.88 96.59 -193.46
N GLU BC 302 13.94 96.56 -192.64
CA GLU BC 302 14.28 97.72 -191.82
C GLU BC 302 14.64 98.92 -192.69
N ASN BC 303 15.39 98.69 -193.77
CA ASN BC 303 15.75 99.79 -194.67
C ASN BC 303 14.51 100.36 -195.35
N GLU BC 304 13.60 99.49 -195.79
CA GLU BC 304 12.37 99.96 -196.41
C GLU BC 304 11.52 100.76 -195.43
N GLN BC 305 11.40 100.28 -194.19
CA GLN BC 305 10.65 101.02 -193.19
C GLN BC 305 11.31 102.35 -192.87
N LYS BC 306 12.65 102.39 -192.85
CA LYS BC 306 13.36 103.64 -192.62
C LYS BC 306 13.10 104.63 -193.75
N ALA BC 307 13.11 104.15 -194.99
CA ALA BC 307 12.81 105.02 -196.12
C ALA BC 307 11.39 105.56 -196.04
N ILE BC 308 10.43 104.70 -195.69
CA ILE BC 308 9.04 105.13 -195.57
C ILE BC 308 8.89 106.17 -194.45
N LEU BC 309 9.55 105.93 -193.31
CA LEU BC 309 9.50 106.88 -192.21
C LEU BC 309 10.16 108.19 -192.58
N LEU BC 310 11.26 108.15 -193.32
CA LEU BC 310 11.91 109.39 -193.77
C LEU BC 310 10.99 110.18 -194.69
N ILE BC 311 10.30 109.48 -195.61
CA ILE BC 311 9.37 110.17 -196.50
C ILE BC 311 8.23 110.79 -195.69
N VAL BC 312 7.69 110.05 -194.73
CA VAL BC 312 6.59 110.56 -193.91
C VAL BC 312 7.05 111.78 -193.11
N ARG BC 313 8.26 111.71 -192.54
CA ARG BC 313 8.80 112.82 -191.76
C ARG BC 313 9.02 114.04 -192.64
N ARG BC 314 9.52 113.84 -193.86
CA ARG BC 314 9.69 114.95 -194.79
C ARG BC 314 8.35 115.59 -195.13
N LEU BC 315 7.33 114.76 -195.37
CA LEU BC 315 6.00 115.29 -195.67
C LEU BC 315 5.44 116.09 -194.49
N ALA BC 316 5.64 115.57 -193.27
CA ALA BC 316 5.16 116.27 -192.08
C ALA BC 316 5.90 117.59 -191.89
N GLU BC 317 7.22 117.59 -192.09
CA GLU BC 317 8.01 118.81 -191.95
C GLU BC 317 7.60 119.85 -192.98
N THR BC 318 7.30 119.39 -194.20
CA THR BC 318 6.81 120.31 -195.23
C THR BC 318 5.49 120.95 -194.79
N GLY BC 319 4.61 120.16 -194.18
CA GLY BC 319 3.34 120.66 -193.69
C GLY BC 319 2.16 120.03 -194.39
N GLU BC 320 2.36 118.85 -194.97
CA GLU BC 320 1.31 118.14 -195.70
C GLU BC 320 0.90 116.84 -195.01
N MET BC 321 1.08 116.75 -193.71
CA MET BC 321 0.70 115.55 -192.95
C MET BC 321 0.38 115.98 -191.52
N VAL BC 322 -0.38 115.14 -190.84
CA VAL BC 322 -0.76 115.41 -189.45
C VAL BC 322 -0.86 114.09 -188.70
N ILE BC 323 -1.09 114.16 -187.39
CA ILE BC 323 -1.21 112.98 -186.55
C ILE BC 323 -2.46 113.08 -185.70
N GLY BC 324 -2.86 111.98 -185.06
CA GLY BC 324 -4.04 111.97 -184.22
C GLY BC 324 -4.29 110.63 -183.55
N SER CC 33 107.50 126.78 -166.44
CA SER CC 33 106.71 126.69 -165.23
C SER CC 33 105.22 126.71 -165.54
N ASP CC 34 104.52 125.61 -165.23
CA ASP CC 34 103.09 125.52 -165.46
C ASP CC 34 102.37 126.15 -164.27
N ILE CC 35 101.60 127.20 -164.53
CA ILE CC 35 100.86 127.90 -163.49
C ILE CC 35 99.56 128.39 -164.09
N ARG CC 36 98.45 127.80 -163.66
CA ARG CC 36 97.13 128.16 -164.16
C ARG CC 36 96.23 128.49 -162.98
N PRO CC 37 95.21 129.37 -163.15
CA PRO CC 37 94.33 129.79 -162.03
C PRO CC 37 93.55 128.60 -161.49
N TYR CC 38 93.27 128.63 -160.20
CA TYR CC 38 92.51 127.57 -159.55
C TYR CC 38 91.04 127.73 -159.88
N ASP CC 39 90.46 126.71 -160.51
CA ASP CC 39 89.04 126.68 -160.81
C ASP CC 39 88.39 125.58 -159.99
N PRO CC 40 87.46 125.90 -159.10
CA PRO CC 40 86.77 124.85 -158.36
C PRO CC 40 85.93 123.98 -159.29
N ASN CC 41 85.35 122.93 -158.69
CA ASN CC 41 84.49 121.93 -159.34
C ASN CC 41 85.11 121.34 -160.60
N THR CC 42 86.43 121.41 -160.76
CA THR CC 42 87.10 120.75 -161.88
C THR CC 42 87.61 119.38 -161.46
N GLN CC 43 87.53 118.42 -162.39
CA GLN CC 43 87.94 117.05 -162.12
C GLN CC 43 89.46 117.01 -162.06
N ARG CC 44 90.00 117.33 -160.88
CA ARG CC 44 91.44 117.33 -160.67
C ARG CC 44 91.92 116.18 -159.80
N ARG CC 45 91.03 115.49 -159.10
CA ARG CC 45 91.40 114.38 -158.24
C ARG CC 45 91.38 113.09 -159.07
N VAL CC 46 92.57 112.55 -159.33
CA VAL CC 46 92.71 111.32 -160.10
C VAL CC 46 93.30 110.27 -159.17
N VAL CC 47 92.57 109.17 -158.97
CA VAL CC 47 93.00 108.07 -158.11
C VAL CC 47 92.85 106.80 -158.93
N ARG CC 48 93.94 106.37 -159.56
CA ARG CC 48 93.95 105.17 -160.40
C ARG CC 48 94.60 104.06 -159.59
N GLU CC 49 93.88 102.95 -159.44
CA GLU CC 49 94.39 101.83 -158.65
C GLU CC 49 93.79 100.55 -159.24
N ARG CC 50 94.65 99.63 -159.64
CA ARG CC 50 94.20 98.35 -160.14
C ARG CC 50 93.59 97.54 -159.00
N LEU CC 51 92.44 96.91 -159.27
CA LEU CC 51 91.70 96.15 -158.26
C LEU CC 51 91.54 94.72 -158.76
N GLN CC 52 92.55 93.89 -158.50
CA GLN CC 52 92.54 92.52 -159.00
C GLN CC 52 91.44 91.69 -158.35
N ALA CC 53 91.27 91.85 -157.03
CA ALA CC 53 90.25 91.09 -156.26
C ALA CC 53 88.87 91.40 -156.83
N LEU CC 54 88.54 92.65 -157.17
CA LEU CC 54 87.30 92.98 -157.86
C LEU CC 54 87.30 92.42 -159.27
N GLU CC 55 88.47 92.39 -159.91
CA GLU CC 55 88.55 91.87 -161.27
C GLU CC 55 88.19 90.38 -161.33
N ILE CC 56 88.39 89.64 -160.24
CA ILE CC 56 88.01 88.23 -160.26
C ILE CC 56 86.61 88.04 -159.70
N ILE CC 57 86.21 88.92 -158.77
CA ILE CC 57 84.85 88.86 -158.25
C ILE CC 57 83.85 89.14 -159.37
N ASN CC 58 84.20 90.03 -160.29
CA ASN CC 58 83.31 90.33 -161.41
C ASN CC 58 83.05 89.10 -162.28
N GLU CC 59 84.09 88.34 -162.63
CA GLU CC 59 83.89 87.13 -163.42
C GLU CC 59 83.12 86.05 -162.65
N ARG CC 60 83.40 85.92 -161.35
CA ARG CC 60 82.67 84.93 -160.57
C ARG CC 60 81.18 85.28 -160.56
N PHE CC 61 80.88 86.56 -160.31
CA PHE CC 61 79.50 87.01 -160.33
C PHE CC 61 78.88 86.86 -161.71
N ALA CC 62 79.66 87.11 -162.76
CA ALA CC 62 79.13 86.99 -164.11
C ALA CC 62 78.76 85.54 -164.42
N ARG CC 63 79.60 84.59 -164.00
CA ARG CC 63 79.27 83.19 -164.19
C ARG CC 63 78.00 82.82 -163.43
N GLN CC 64 77.91 83.24 -162.17
CA GLN CC 64 76.73 82.94 -161.38
C GLN CC 64 75.47 83.56 -162.00
N PHE CC 65 75.58 84.79 -162.47
CA PHE CC 65 74.43 85.47 -163.06
C PHE CC 65 74.03 84.84 -164.39
N ARG CC 66 75.01 84.38 -165.19
CA ARG CC 66 74.66 83.67 -166.40
C ARG CC 66 73.82 82.41 -166.25
N MET CC 67 74.18 81.55 -165.29
CA MET CC 67 73.33 80.39 -165.00
C MET CC 67 71.97 80.71 -164.37
N GLY CC 68 71.96 81.80 -163.59
CA GLY CC 68 70.71 82.26 -162.99
C GLY CC 68 69.82 82.70 -164.14
N LEU CC 69 70.39 83.45 -165.09
CA LEU CC 69 69.62 83.90 -166.24
C LEU CC 69 69.19 82.71 -167.10
N PHE CC 70 70.05 81.72 -167.25
CA PHE CC 70 69.65 80.51 -167.95
C PHE CC 70 68.51 79.82 -167.22
N ASN CC 71 68.60 79.74 -165.90
CA ASN CC 71 67.54 79.11 -165.12
C ASN CC 71 66.22 79.86 -165.27
N LEU CC 72 66.27 81.19 -165.37
CA LEU CC 72 65.04 81.98 -165.40
C LEU CC 72 64.46 82.08 -166.80
N LEU CC 73 65.22 82.67 -167.73
CA LEU CC 73 64.73 82.95 -169.06
C LEU CC 73 64.58 81.73 -169.95
N ARG CC 74 65.12 80.58 -169.52
CA ARG CC 74 65.15 79.37 -170.35
C ARG CC 74 65.86 79.63 -171.68
N ARG CC 75 66.90 80.46 -171.65
CA ARG CC 75 67.71 80.76 -172.81
C ARG CC 75 69.18 80.74 -172.39
N SER CC 76 70.06 81.00 -173.35
CA SER CC 76 71.50 80.94 -173.11
C SER CC 76 72.13 82.32 -173.24
N PRO CC 77 72.25 83.08 -172.17
CA PRO CC 77 72.97 84.35 -172.23
C PRO CC 77 74.48 84.26 -172.10
N ASP CC 78 75.16 85.25 -172.66
CA ASP CC 78 76.61 85.38 -172.48
C ASP CC 78 76.87 86.76 -171.92
N ILE CC 79 77.62 86.81 -170.81
CA ILE CC 79 77.92 88.05 -170.11
C ILE CC 79 79.39 88.32 -170.24
N THR CC 80 79.72 89.47 -170.82
CA THR CC 80 81.10 89.93 -170.96
C THR CC 80 81.33 91.02 -169.92
N VAL CC 81 82.36 90.84 -169.10
CA VAL CC 81 82.67 91.82 -168.06
C VAL CC 81 83.52 92.92 -168.67
N GLY CC 82 83.05 94.16 -168.54
CA GLY CC 82 83.81 95.29 -169.04
C GLY CC 82 84.90 95.71 -168.07
N ALA CC 83 85.69 96.69 -168.51
CA ALA CC 83 86.75 97.21 -167.68
C ALA CC 83 86.17 98.01 -166.51
N ILE CC 84 86.71 97.77 -165.32
CA ILE CC 84 86.29 98.51 -164.15
C ILE CC 84 86.67 99.98 -164.31
N ARG CC 85 85.71 100.87 -164.11
CA ARG CC 85 85.95 102.30 -164.26
C ARG CC 85 85.90 102.99 -162.91
N ILE CC 86 86.98 103.69 -162.56
CA ILE CC 86 87.06 104.48 -161.34
C ILE CC 86 86.86 105.95 -161.69
N GLN CC 87 85.65 106.45 -161.43
CA GLN CC 87 85.25 107.74 -161.98
C GLN CC 87 84.43 108.53 -160.98
N PRO CC 88 84.39 109.84 -161.10
CA PRO CC 88 83.51 110.64 -160.24
C PRO CC 88 82.05 110.28 -160.48
N TYR CC 89 81.24 110.41 -159.42
CA TYR CC 89 79.85 109.97 -159.48
C TYR CC 89 79.00 110.63 -160.56
N HIS CC 90 79.23 111.91 -160.83
CA HIS CC 90 78.44 112.67 -161.84
C HIS CC 90 78.78 112.22 -163.26
N GLU CC 91 79.94 111.60 -163.49
CA GLU CC 91 80.29 111.02 -164.79
C GLU CC 91 79.43 109.77 -164.94
N PHE CC 92 79.37 108.94 -163.91
CA PHE CC 92 78.53 107.75 -163.94
C PHE CC 92 77.07 108.12 -164.11
N ALA CC 93 76.62 109.17 -163.42
CA ALA CC 93 75.22 109.58 -163.53
C ALA CC 93 74.91 110.08 -164.93
N ARG CC 94 75.80 110.88 -165.52
CA ARG CC 94 75.51 111.46 -166.83
C ARG CC 94 75.59 110.42 -167.93
N ASN CC 95 76.45 109.41 -167.78
CA ASN CC 95 76.53 108.38 -168.81
C ASN CC 95 75.30 107.49 -168.82
N LEU CC 96 74.58 107.43 -167.70
CA LEU CC 96 73.39 106.60 -167.63
C LEU CC 96 72.27 107.17 -168.51
N PRO CC 97 71.43 106.31 -169.08
CA PRO CC 97 70.27 106.80 -169.83
C PRO CC 97 69.10 107.06 -168.91
N VAL CC 98 68.08 107.69 -169.48
CA VAL CC 98 66.88 108.02 -168.71
C VAL CC 98 65.64 107.59 -169.48
N PRO CC 99 64.72 106.84 -168.86
CA PRO CC 99 64.80 106.28 -167.51
C PRO CC 99 65.60 104.98 -167.48
N THR CC 100 66.08 104.60 -166.31
CA THR CC 100 66.82 103.34 -166.11
C THR CC 100 66.50 102.87 -164.71
N ASN CC 101 66.19 101.59 -164.51
CA ASN CC 101 66.01 101.02 -163.15
C ASN CC 101 67.29 101.03 -162.32
N LEU CC 102 67.31 101.72 -161.20
CA LEU CC 102 68.45 101.78 -160.25
C LEU CC 102 68.07 100.99 -158.99
N ASN CC 103 68.91 100.11 -158.45
CA ASN CC 103 68.53 99.24 -157.29
C ASN CC 103 69.46 99.55 -156.11
N LEU CC 104 69.07 100.43 -155.18
CA LEU CC 104 69.93 100.72 -154.04
C LEU CC 104 70.08 99.46 -153.22
N ILE CC 105 71.32 99.08 -152.93
CA ILE CC 105 71.61 97.85 -152.20
C ILE CC 105 72.55 98.16 -151.06
N HIS CC 106 72.39 97.42 -149.96
CA HIS CC 106 73.21 97.58 -148.78
C HIS CC 106 74.18 96.40 -148.70
N LEU CC 107 75.47 96.68 -148.76
CA LEU CC 107 76.49 95.65 -148.64
C LEU CC 107 77.04 95.60 -147.22
N LYS CC 108 76.17 95.24 -146.28
CA LYS CC 108 76.56 95.18 -144.89
C LYS CC 108 77.61 94.09 -144.69
N PRO CC 109 78.54 94.28 -143.73
CA PRO CC 109 78.62 95.36 -142.75
C PRO CC 109 79.34 96.61 -143.26
N LEU CC 110 79.60 96.71 -144.56
CA LEU CC 110 80.26 97.90 -145.10
C LEU CC 110 79.28 99.06 -145.10
N ARG CC 111 79.66 100.16 -144.45
CA ARG CC 111 78.78 101.31 -144.37
C ARG CC 111 78.75 102.04 -145.71
N GLY CC 112 77.55 102.24 -146.23
CA GLY CC 112 77.35 102.88 -147.52
C GLY CC 112 76.18 102.26 -148.23
N THR CC 113 76.02 102.62 -149.50
CA THR CC 113 74.91 102.14 -150.31
C THR CC 113 75.37 102.02 -151.75
N GLY CC 114 75.44 100.79 -152.25
CA GLY CC 114 75.78 100.56 -153.63
C GLY CC 114 74.58 100.61 -154.55
N LEU CC 115 74.85 100.52 -155.84
CA LEU CC 115 73.82 100.67 -156.87
C LEU CC 115 73.97 99.60 -157.91
N VAL CC 116 72.85 98.99 -158.29
CA VAL CC 116 72.80 98.03 -159.40
C VAL CC 116 71.91 98.61 -160.47
N VAL CC 117 72.47 98.84 -161.65
CA VAL CC 117 71.79 99.55 -162.73
C VAL CC 117 71.43 98.57 -163.82
N PHE CC 118 70.13 98.35 -164.01
CA PHE CC 118 69.61 97.55 -165.11
C PHE CC 118 69.16 98.44 -166.26
N SER CC 119 69.76 98.24 -167.43
CA SER CC 119 69.41 99.03 -168.59
C SER CC 119 67.99 98.74 -169.08
N PRO CC 120 67.30 99.72 -169.74
CA PRO CC 120 65.97 99.47 -170.33
C PRO CC 120 66.05 98.31 -171.30
N SER CC 121 67.18 98.19 -172.00
CA SER CC 121 67.30 97.12 -172.99
C SER CC 121 67.23 95.75 -172.33
N LEU CC 122 67.94 95.58 -171.21
CA LEU CC 122 67.97 94.27 -170.56
C LEU CC 122 66.60 93.90 -170.00
N VAL CC 123 65.92 94.84 -169.34
CA VAL CC 123 64.60 94.53 -168.80
C VAL CC 123 63.60 94.29 -169.92
N PHE CC 124 63.74 95.03 -171.03
CA PHE CC 124 62.88 94.78 -172.18
C PHE CC 124 63.10 93.37 -172.71
N ILE CC 125 64.35 92.94 -172.83
CA ILE CC 125 64.66 91.60 -173.32
C ILE CC 125 64.08 90.55 -172.39
N ALA CC 126 64.25 90.75 -171.08
CA ALA CC 126 63.76 89.77 -170.12
C ALA CC 126 62.24 89.66 -170.15
N VAL CC 127 61.55 90.81 -170.19
CA VAL CC 127 60.10 90.79 -170.23
C VAL CC 127 59.61 90.16 -171.53
N ASP CC 128 60.27 90.48 -172.64
CA ASP CC 128 59.90 89.88 -173.92
C ASP CC 128 60.06 88.37 -173.90
N ASN CC 129 61.17 87.88 -173.35
CA ASN CC 129 61.40 86.45 -173.31
C ASN CC 129 60.40 85.75 -172.38
N LEU CC 130 60.13 86.35 -171.22
CA LEU CC 130 59.21 85.72 -170.28
C LEU CC 130 57.79 85.65 -170.85
N PHE CC 131 57.34 86.72 -171.50
CA PHE CC 131 55.94 86.81 -171.92
C PHE CC 131 55.81 86.46 -173.41
N GLY CC 132 56.15 85.21 -173.71
CA GLY CC 132 55.89 84.64 -175.02
C GLY CC 132 56.51 85.39 -176.19
N GLY CC 133 57.78 85.75 -176.06
CA GLY CC 133 58.45 86.42 -177.15
C GLY CC 133 59.81 85.84 -177.47
N ASP CC 134 60.02 85.50 -178.75
CA ASP CC 134 61.32 84.93 -179.20
C ASP CC 134 62.25 86.07 -179.64
N GLY CC 135 62.02 87.28 -179.13
CA GLY CC 135 62.88 88.40 -179.47
C GLY CC 135 62.98 88.58 -180.97
N ARG CC 136 61.91 88.30 -181.71
CA ARG CC 136 61.90 88.54 -183.15
C ARG CC 136 61.97 90.03 -183.50
N PHE CC 137 61.07 90.81 -182.90
CA PHE CC 137 61.09 92.24 -183.14
C PHE CC 137 62.20 93.00 -182.42
N PRO CC 138 62.70 94.08 -183.00
CA PRO CC 138 63.75 94.85 -182.33
C PRO CC 138 63.23 95.50 -181.06
N THR CC 139 64.12 95.66 -180.09
CA THR CC 139 63.77 96.34 -178.86
C THR CC 139 63.61 97.84 -179.11
N LYS CC 140 62.49 98.39 -178.68
CA LYS CC 140 62.19 99.81 -178.84
C LYS CC 140 62.02 100.44 -177.47
N VAL CC 141 62.85 101.44 -177.16
CA VAL CC 141 62.76 102.20 -175.93
C VAL CC 141 62.67 103.67 -176.28
N GLU CC 142 61.62 104.33 -175.79
CA GLU CC 142 61.37 105.73 -176.07
C GLU CC 142 61.03 106.49 -174.80
N GLY CC 143 61.82 106.28 -173.75
CA GLY CC 143 61.54 106.93 -172.48
C GLY CC 143 60.39 106.34 -171.71
N ARG CC 144 59.93 105.16 -172.11
CA ARG CC 144 58.81 104.51 -171.42
C ARG CC 144 59.22 104.08 -170.02
N GLU CC 145 58.33 104.30 -169.06
CA GLU CC 145 58.60 103.94 -167.68
C GLU CC 145 58.35 102.45 -167.46
N PHE CC 146 58.43 102.03 -166.20
CA PHE CC 146 58.31 100.64 -165.81
C PHE CC 146 57.03 100.44 -165.03
N THR CC 147 56.20 99.50 -165.47
CA THR CC 147 54.96 99.20 -164.78
C THR CC 147 55.22 98.29 -163.59
N HIS CC 148 54.15 97.93 -162.89
CA HIS CC 148 54.29 97.06 -161.72
C HIS CC 148 54.74 95.66 -162.12
N THR CC 149 54.22 95.15 -163.24
CA THR CC 149 54.67 93.83 -163.72
C THR CC 149 56.14 93.86 -164.11
N GLU CC 150 56.56 94.92 -164.81
CA GLU CC 150 57.98 95.07 -165.14
C GLU CC 150 58.82 95.18 -163.88
N GLN CC 151 58.33 95.91 -162.89
CA GLN CC 151 59.06 96.04 -161.63
C GLN CC 151 59.18 94.70 -160.94
N ARG CC 152 58.14 93.87 -161.00
CA ARG CC 152 58.23 92.55 -160.37
C ARG CC 152 59.21 91.65 -161.11
N VAL CC 153 59.22 91.72 -162.44
CA VAL CC 153 60.20 90.97 -163.22
C VAL CC 153 61.62 91.40 -162.87
N ILE CC 154 61.83 92.71 -162.74
CA ILE CC 154 63.15 93.22 -162.38
C ILE CC 154 63.53 92.79 -160.97
N ASN CC 155 62.57 92.74 -160.05
CA ASN CC 155 62.85 92.25 -158.71
C ASN CC 155 63.27 90.78 -158.77
N ARG CC 156 62.58 89.99 -159.59
CA ARG CC 156 62.93 88.58 -159.73
C ARG CC 156 64.34 88.42 -160.29
N MET CC 157 64.70 89.22 -161.29
CA MET CC 157 66.06 89.18 -161.83
C MET CC 157 67.08 89.64 -160.79
N LEU CC 158 66.75 90.70 -160.07
CA LEU CC 158 67.69 91.28 -159.11
C LEU CC 158 67.93 90.34 -157.93
N LYS CC 159 66.94 89.51 -157.61
CA LYS CC 159 67.18 88.50 -156.56
C LYS CC 159 68.33 87.58 -156.96
N LEU CC 160 68.29 87.07 -158.21
CA LEU CC 160 69.38 86.23 -158.70
C LEU CC 160 70.68 87.02 -158.77
N ALA CC 161 70.61 88.26 -159.23
CA ALA CC 161 71.82 89.07 -159.35
C ALA CC 161 72.48 89.27 -157.98
N LEU CC 162 71.68 89.58 -156.97
CA LEU CC 162 72.22 89.81 -155.63
C LEU CC 162 72.74 88.52 -155.02
N GLU CC 163 72.04 87.40 -155.25
CA GLU CC 163 72.55 86.12 -154.75
C GLU CC 163 73.90 85.80 -155.38
N GLY CC 164 74.02 86.00 -156.69
CA GLY CC 164 75.29 85.74 -157.35
C GLY CC 164 76.40 86.65 -156.86
N TYR CC 165 76.09 87.93 -156.67
CA TYR CC 165 77.09 88.87 -156.17
C TYR CC 165 77.54 88.51 -154.76
N SER CC 166 76.59 88.15 -153.89
CA SER CC 166 76.95 87.76 -152.54
C SER CC 166 77.81 86.51 -152.53
N ASP CC 167 77.46 85.53 -153.37
CA ASP CC 167 78.26 84.31 -153.45
C ASP CC 167 79.67 84.61 -153.96
N ALA CC 168 79.78 85.49 -154.95
CA ALA CC 168 81.09 85.85 -155.47
C ALA CC 168 81.92 86.56 -154.40
N TRP CC 169 81.30 87.45 -153.63
CA TRP CC 169 82.04 88.16 -152.59
C TRP CC 169 82.36 87.18 -151.47
N LYS CC 170 81.53 86.16 -151.27
CA LYS CC 170 81.72 85.22 -150.16
C LYS CC 170 83.11 84.60 -150.18
N ALA CC 171 83.66 84.35 -151.36
CA ALA CC 171 85.01 83.79 -151.46
C ALA CC 171 86.12 84.62 -150.80
N ILE CC 172 86.06 85.93 -150.95
CA ILE CC 172 87.10 86.82 -150.40
C ILE CC 172 86.65 87.36 -149.06
N ASN CC 173 85.54 88.08 -149.04
CA ASN CC 173 85.01 88.66 -147.81
C ASN CC 173 83.52 88.39 -147.72
N PRO CC 174 83.06 87.64 -146.72
CA PRO CC 174 81.63 87.31 -146.65
C PRO CC 174 80.77 88.54 -146.37
N LEU CC 175 79.95 88.90 -147.35
CA LEU CC 175 79.05 90.04 -147.23
C LEU CC 175 77.62 89.58 -147.50
N GLU CC 176 76.67 90.27 -146.88
CA GLU CC 176 75.26 90.04 -147.13
C GLU CC 176 74.68 91.23 -147.90
N VAL CC 177 73.97 90.92 -148.98
CA VAL CC 177 73.47 91.93 -149.91
C VAL CC 177 71.97 92.06 -149.69
N GLU CC 178 71.54 93.27 -149.38
CA GLU CC 178 70.12 93.56 -149.14
C GLU CC 178 69.63 94.61 -150.12
N TYR CC 179 68.51 94.30 -150.78
CA TYR CC 179 67.87 95.23 -151.68
C TYR CC 179 66.89 96.09 -150.88
N VAL CC 180 67.07 97.40 -150.91
CA VAL CC 180 66.31 98.30 -150.05
C VAL CC 180 65.29 99.12 -150.84
N ARG CC 181 65.60 99.48 -152.08
CA ARG CC 181 64.73 100.40 -152.80
C ARG CC 181 65.09 100.37 -154.28
N SER CC 182 64.10 100.64 -155.11
CA SER CC 182 64.29 100.75 -156.54
C SER CC 182 63.73 102.09 -157.00
N GLU CC 183 64.39 102.70 -157.97
CA GLU CC 183 64.03 104.00 -158.49
C GLU CC 183 64.24 104.00 -159.99
N MET CC 184 63.69 105.00 -160.66
CA MET CC 184 63.78 105.11 -162.10
C MET CC 184 64.57 106.31 -162.61
N GLN CC 185 64.62 107.39 -161.82
CA GLN CC 185 65.39 108.56 -162.18
C GLN CC 185 66.76 108.52 -161.50
N VAL CC 186 67.63 109.44 -161.90
CA VAL CC 186 68.97 109.49 -161.34
C VAL CC 186 69.05 110.36 -160.09
N LYS CC 187 68.20 111.37 -159.98
CA LYS CC 187 68.30 112.32 -158.88
C LYS CC 187 67.71 111.79 -157.57
N PHE CC 188 67.09 110.61 -157.59
CA PHE CC 188 66.54 110.03 -156.38
C PHE CC 188 67.53 109.21 -155.55
N THR CC 189 68.67 108.82 -156.12
CA THR CC 189 69.58 107.92 -155.40
C THR CC 189 70.55 108.68 -154.50
N ASN CC 190 71.38 109.53 -155.09
CA ASN CC 190 72.39 110.32 -154.37
C ASN CC 190 73.04 109.50 -153.25
N ILE CC 191 73.78 108.46 -153.67
CA ILE CC 191 74.51 107.56 -152.71
C ILE CC 191 75.88 108.19 -152.40
N THR CC 192 76.23 109.32 -153.03
CA THR CC 192 77.51 110.03 -152.82
C THR CC 192 77.22 111.36 -152.18
N THR CC 193 77.91 111.70 -151.08
CA THR CC 193 77.69 112.96 -150.33
C THR CC 193 77.79 114.11 -151.29
N SER CC 194 78.75 114.07 -152.22
CA SER CC 194 78.92 115.10 -153.24
C SER CC 194 79.02 114.46 -154.61
N PRO CC 195 78.59 115.16 -155.66
CA PRO CC 195 78.68 114.60 -157.01
C PRO CC 195 80.11 114.37 -157.50
N ASN CC 196 81.09 114.98 -156.85
CA ASN CC 196 82.48 114.80 -157.24
C ASN CC 196 83.15 113.64 -156.51
N ASP CC 197 82.41 112.89 -155.70
CA ASP CC 197 82.97 111.73 -155.04
C ASP CC 197 83.28 110.64 -156.06
N ILE CC 198 84.23 109.79 -155.70
CA ILE CC 198 84.76 108.79 -156.62
C ILE CC 198 84.07 107.46 -156.36
N VAL CC 199 83.63 106.80 -157.43
CA VAL CC 199 82.93 105.52 -157.34
C VAL CC 199 83.58 104.55 -158.32
N VAL CC 200 83.37 103.27 -158.04
CA VAL CC 200 83.91 102.17 -158.84
C VAL CC 200 82.81 101.52 -159.66
N ASN CC 201 82.91 101.64 -160.99
CA ASN CC 201 81.82 101.13 -161.87
C ASN CC 201 82.26 99.92 -162.71
N THR CC 202 81.48 98.84 -162.69
CA THR CC 202 81.72 97.65 -163.49
C THR CC 202 80.55 97.45 -164.44
N PRO CC 203 80.72 97.71 -165.74
CA PRO CC 203 79.65 97.42 -166.72
C PRO CC 203 79.79 96.01 -167.27
N PHE CC 204 78.68 95.27 -167.25
CA PHE CC 204 78.59 93.97 -167.89
C PHE CC 204 77.67 94.07 -169.10
N HIS CC 205 78.00 93.33 -170.15
CA HIS CC 205 77.18 93.27 -171.35
C HIS CC 205 76.60 91.87 -171.48
N VAL CC 206 75.27 91.78 -171.49
CA VAL CC 206 74.56 90.51 -171.58
C VAL CC 206 73.92 90.41 -172.96
N GLU CC 207 74.26 89.36 -173.69
CA GLU CC 207 73.71 89.12 -175.01
C GLU CC 207 72.87 87.85 -174.99
N ILE CC 208 71.65 87.95 -175.52
CA ILE CC 208 70.74 86.83 -175.68
C ILE CC 208 70.35 86.76 -177.15
N GLY CC 209 70.74 85.69 -177.82
CA GLY CC 209 70.52 85.60 -179.25
C GLY CC 209 71.19 86.77 -179.95
N ASN CC 210 70.42 87.46 -180.80
CA ASN CC 210 70.92 88.67 -181.44
C ASN CC 210 70.76 89.89 -180.55
N LEU CC 211 69.82 89.84 -179.60
CA LEU CC 211 69.58 90.99 -178.74
C LEU CC 211 70.69 91.18 -177.73
N THR CC 212 70.92 92.44 -177.36
CA THR CC 212 71.98 92.79 -176.42
C THR CC 212 71.46 93.80 -175.41
N GLY CC 213 72.11 93.83 -174.25
CA GLY CC 213 71.82 94.82 -173.23
C GLY CC 213 73.01 94.92 -172.31
N GLU CC 214 72.93 95.84 -171.35
CA GLU CC 214 74.02 96.03 -170.42
C GLU CC 214 73.47 96.36 -169.04
N PHE CC 215 74.29 96.13 -168.03
CA PHE CC 215 73.93 96.48 -166.67
C PHE CC 215 75.19 96.73 -165.87
N ASN CC 216 75.14 97.71 -164.98
CA ASN CC 216 76.32 98.14 -164.24
C ASN CC 216 76.17 97.86 -162.75
N ILE CC 217 77.31 97.72 -162.09
CA ILE CC 217 77.33 97.64 -160.62
C ILE CC 217 78.28 98.72 -160.11
N CYS CC 218 77.75 99.68 -159.37
CA CYS CC 218 78.51 100.83 -158.91
C CYS CC 218 78.60 100.83 -157.38
N LEU CC 219 79.81 100.93 -156.86
CA LEU CC 219 80.05 100.97 -155.44
C LEU CC 219 80.78 102.27 -155.08
N PRO CC 220 80.29 103.04 -154.14
CA PRO CC 220 81.04 104.22 -153.70
C PRO CC 220 82.36 103.80 -153.08
N PHE CC 221 83.40 104.60 -153.33
CA PHE CC 221 84.72 104.25 -152.83
C PHE CC 221 84.79 104.25 -151.32
N SER CC 222 83.85 104.89 -150.63
CA SER CC 222 83.87 104.87 -149.17
C SER CC 222 83.69 103.46 -148.65
N MET CC 223 82.81 102.68 -149.28
CA MET CC 223 82.60 101.30 -148.86
C MET CC 223 83.85 100.46 -149.10
N ILE CC 224 84.50 100.66 -150.23
CA ILE CC 224 85.66 99.84 -150.59
C ILE CC 224 86.89 100.21 -149.77
N GLU CC 225 86.98 101.47 -149.34
CA GLU CC 225 88.20 101.97 -148.71
C GLU CC 225 88.69 101.12 -147.54
N PRO CC 226 87.87 100.66 -146.60
CA PRO CC 226 88.40 99.77 -145.54
C PRO CC 226 88.94 98.46 -146.08
N LEU CC 227 88.56 98.06 -147.29
CA LEU CC 227 89.03 96.81 -147.89
C LEU CC 227 89.98 97.02 -149.05
N ARG CC 228 90.69 98.14 -149.10
CA ARG CC 228 91.53 98.45 -150.25
C ARG CC 228 92.72 97.50 -150.36
N GLU CC 229 93.38 97.22 -149.22
CA GLU CC 229 94.53 96.33 -149.24
C GLU CC 229 94.08 94.92 -149.62
N LEU CC 230 92.83 94.57 -149.32
CA LEU CC 230 92.31 93.27 -149.74
C LEU CC 230 91.96 93.26 -151.21
N LEU CC 231 91.40 94.36 -151.71
CA LEU CC 231 90.90 94.44 -153.11
C LEU CC 231 92.03 94.78 -154.09
N VAL CC 232 93.18 95.22 -153.60
CA VAL CC 232 94.30 95.65 -154.47
C VAL CC 232 95.10 94.42 -154.92
N ASN CC 233 95.67 93.62 -153.99
CA ASN CC 233 96.52 92.53 -154.42
C ASN CC 233 95.69 91.35 -154.90
N PRO CC 234 96.14 90.63 -155.92
CA PRO CC 234 95.43 89.45 -156.39
C PRO CC 234 95.35 88.40 -155.29
N PRO CC 235 94.23 87.68 -155.19
CA PRO CC 235 94.08 86.72 -154.09
C PRO CC 235 95.07 85.58 -154.20
N LEU CC 236 95.48 85.06 -153.06
CA LEU CC 236 96.40 83.94 -152.98
C LEU CC 236 95.71 82.74 -152.35
N GLU CC 237 96.13 81.54 -152.78
CA GLU CC 237 95.55 80.29 -152.29
C GLU CC 237 96.09 80.01 -150.89
N ASN CC 238 95.43 80.61 -149.90
CA ASN CC 238 95.81 80.47 -148.50
C ASN CC 238 94.54 80.22 -147.69
N SER CC 239 94.68 80.25 -146.37
CA SER CC 239 93.55 80.04 -145.47
C SER CC 239 93.52 81.17 -144.45
N ARG CC 240 92.36 81.32 -143.81
CA ARG CC 240 92.21 82.33 -142.77
C ARG CC 240 93.16 82.05 -141.62
N HIS CC 241 93.36 80.78 -141.29
CA HIS CC 241 94.33 80.43 -140.26
C HIS CC 241 95.73 80.87 -140.66
N GLU CC 242 96.10 80.64 -141.92
CA GLU CC 242 97.41 81.06 -142.39
C GLU CC 242 97.54 82.58 -142.37
N ASP CC 243 96.48 83.29 -142.75
CA ASP CC 243 96.53 84.75 -142.76
C ASP CC 243 96.69 85.30 -141.35
N GLN CC 244 95.91 84.78 -140.39
CA GLN CC 244 96.05 85.26 -139.03
C GLN CC 244 97.40 84.87 -138.43
N ASN CC 245 97.93 83.71 -138.81
CA ASN CC 245 99.27 83.34 -138.37
C ASN CC 245 100.32 84.31 -138.93
N TRP CC 246 100.14 84.70 -140.19
CA TRP CC 246 101.05 85.67 -140.80
C TRP CC 246 101.24 87.02 -140.11
N ARG CC 247 100.13 87.69 -139.83
CA ARG CC 247 100.20 89.01 -139.15
C ARG CC 247 100.62 88.78 -137.69
N ASP CC 248 100.25 87.64 -137.11
CA ASP CC 248 100.67 87.33 -135.71
C ASP CC 248 102.19 87.32 -135.65
N ASN CC 249 102.84 86.57 -136.54
CA ASN CC 249 104.32 86.50 -136.57
C ASN CC 249 104.88 87.90 -136.89
N LEU CC 250 104.28 88.58 -137.86
CA LEU CC 250 104.72 89.96 -138.22
C LEU CC 250 104.60 90.86 -136.98
N VAL CC 251 103.46 90.78 -136.28
CA VAL CC 251 103.27 91.60 -135.05
C VAL CC 251 104.43 91.28 -134.08
N ARG CC 252 104.72 89.99 -133.89
CA ARG CC 252 105.81 89.62 -132.99
C ARG CC 252 107.15 90.11 -133.51
N GLN CC 253 107.34 90.11 -134.84
CA GLN CC 253 108.59 90.64 -135.39
C GLN CC 253 108.68 92.15 -135.20
N VAL CC 254 107.55 92.86 -135.25
CA VAL CC 254 107.56 94.31 -135.12
C VAL CC 254 108.00 94.72 -133.71
N GLN CC 255 107.61 93.93 -132.70
CA GLN CC 255 107.87 94.31 -131.32
C GLN CC 255 109.35 94.57 -131.06
N HIS CC 256 110.23 93.87 -131.77
CA HIS CC 256 111.67 94.07 -131.59
C HIS CC 256 112.18 95.17 -132.53
N SER CC 257 111.59 96.38 -132.40
CA SER CC 257 112.00 97.56 -133.19
C SER CC 257 112.14 98.76 -132.24
N GLU CC 258 113.35 99.29 -132.06
CA GLU CC 258 113.60 100.43 -131.13
C GLU CC 258 112.88 101.68 -131.63
N LEU CC 259 112.33 102.50 -130.71
CA LEU CC 259 111.64 103.76 -131.06
C LEU CC 259 112.39 104.94 -130.45
N GLU CC 260 112.01 106.18 -130.79
CA GLU CC 260 112.56 107.37 -130.16
C GLU CC 260 111.43 108.07 -129.40
N LEU CC 261 111.55 108.10 -128.08
CA LEU CC 261 110.53 108.71 -127.23
C LEU CC 261 111.06 110.04 -126.70
N VAL CC 262 110.24 111.08 -126.83
CA VAL CC 262 110.62 112.45 -126.48
C VAL CC 262 109.65 112.97 -125.42
N ALA CC 263 110.19 113.47 -124.32
CA ALA CC 263 109.39 114.03 -123.23
C ALA CC 263 109.42 115.54 -123.31
N ASN CC 264 108.25 116.16 -123.26
CA ASN CC 264 108.12 117.61 -123.31
C ASN CC 264 107.82 118.11 -121.91
N PHE CC 265 108.78 118.86 -121.33
CA PHE CC 265 108.65 119.42 -119.96
C PHE CC 265 107.74 120.64 -119.95
N ALA CC 266 107.94 121.57 -120.89
CA ALA CC 266 107.14 122.83 -120.97
C ALA CC 266 107.03 123.34 -122.41
N ASP CC 267 106.05 124.20 -122.72
CA ASP CC 267 105.91 124.82 -124.03
C ASP CC 267 105.55 126.28 -123.82
N ILE CC 268 106.53 127.17 -123.94
CA ILE CC 268 106.37 128.58 -123.64
C ILE CC 268 106.22 129.34 -124.95
N PRO CC 269 105.24 130.27 -125.09
CA PRO CC 269 105.03 131.05 -126.36
C PRO CC 269 105.76 132.38 -126.33
N LEU CC 270 106.79 132.54 -127.16
CA LEU CC 270 107.52 133.82 -127.26
C LEU CC 270 107.45 134.39 -128.68
N ARG CC 271 107.48 135.71 -128.80
CA ARG CC 271 107.49 136.37 -130.13
C ARG CC 271 108.89 136.25 -130.74
N LEU CC 272 108.99 136.44 -132.05
CA LEU CC 272 110.31 136.42 -132.73
C LEU CC 272 111.22 137.49 -132.11
N SER CC 273 110.63 138.64 -131.77
CA SER CC 273 111.44 139.76 -131.24
C SER CC 273 112.14 139.32 -129.96
N GLN CC 274 111.43 138.60 -129.11
CA GLN CC 274 112.08 138.10 -127.87
C GLN CC 274 113.22 137.17 -128.26
N ILE CC 275 113.03 136.32 -129.27
CA ILE CC 275 114.09 135.32 -129.61
C ILE CC 275 115.41 135.98 -130.03
N LEU CC 276 115.37 137.00 -130.90
CA LEU CC 276 116.62 137.71 -131.25
C LEU CC 276 117.38 138.45 -130.13
N LYS CC 277 116.64 139.11 -129.26
CA LYS CC 277 117.24 139.77 -128.05
C LYS CC 277 117.59 138.71 -126.95
N LEU CC 278 117.02 137.52 -127.17
CA LEU CC 278 117.22 136.43 -126.17
C LEU CC 278 118.73 136.24 -126.25
N LYS CC 279 119.36 136.18 -125.09
CA LYS CC 279 120.82 135.96 -124.98
C LYS CC 279 121.05 135.19 -123.69
N PRO CC 280 122.18 134.50 -123.46
CA PRO CC 280 122.38 133.64 -122.24
C PRO CC 280 122.17 134.44 -120.96
N GLY CC 281 121.63 133.81 -119.90
CA GLY CC 281 121.39 134.40 -118.61
C GLY CC 281 119.96 134.85 -118.38
N ASP CC 282 119.15 134.92 -119.42
CA ASP CC 282 117.76 135.34 -119.26
C ASP CC 282 116.94 134.25 -118.59
N VAL CC 283 115.80 134.65 -118.03
CA VAL CC 283 114.86 133.72 -117.40
C VAL CC 283 113.52 133.87 -118.09
N LEU CC 284 113.01 132.77 -118.62
CA LEU CC 284 111.70 132.76 -119.29
C LEU CC 284 110.71 132.00 -118.41
N PRO CC 285 109.68 132.66 -117.90
CA PRO CC 285 108.82 132.00 -116.91
C PRO CC 285 107.98 130.89 -117.55
N ILE CC 286 107.82 129.80 -116.80
CA ILE CC 286 107.02 128.66 -117.23
C ILE CC 286 106.03 128.33 -116.12
N GLU CC 287 105.00 127.60 -116.49
CA GLU CC 287 103.94 127.22 -115.57
C GLU CC 287 104.21 125.83 -115.00
N LYS CC 288 103.39 125.43 -114.04
CA LYS CC 288 103.52 124.12 -113.43
C LYS CC 288 103.17 123.02 -114.43
N PRO CC 289 104.09 122.11 -114.76
CA PRO CC 289 103.68 120.90 -115.47
C PRO CC 289 103.16 119.85 -114.51
N ASP CC 290 101.83 119.64 -114.48
CA ASP CC 290 101.25 118.58 -113.62
C ASP CC 290 101.66 117.22 -114.19
N ARG CC 291 101.61 117.07 -115.52
CA ARG CC 291 101.99 115.84 -116.18
C ARG CC 291 102.86 116.15 -117.39
N ILE CC 292 103.70 115.19 -117.73
CA ILE CC 292 104.65 115.32 -118.83
C ILE CC 292 104.30 114.44 -120.02
N ILE CC 293 104.03 115.06 -121.16
CA ILE CC 293 103.68 114.32 -122.37
C ILE CC 293 104.89 113.73 -123.06
N ALA CC 294 104.82 112.44 -123.37
CA ALA CC 294 105.88 111.73 -124.07
C ALA CC 294 105.32 111.30 -125.43
N HIS CC 295 105.99 111.73 -126.49
CA HIS CC 295 105.53 111.54 -127.85
C HIS CC 295 106.63 110.93 -128.70
N VAL CC 296 106.24 110.15 -129.70
CA VAL CC 296 107.15 109.56 -130.66
C VAL CC 296 106.89 110.21 -131.99
N ASP CC 297 107.85 111.00 -132.47
CA ASP CC 297 107.74 111.68 -133.77
C ASP CC 297 106.48 112.54 -133.84
N GLY CC 298 106.12 113.16 -132.72
CA GLY CC 298 104.97 114.03 -132.68
C GLY CC 298 103.76 113.43 -131.99
N VAL CC 299 103.51 112.15 -132.22
CA VAL CC 299 102.32 111.49 -131.69
C VAL CC 299 102.51 111.22 -130.20
N PRO CC 300 101.67 111.76 -129.33
CA PRO CC 300 101.85 111.54 -127.88
C PRO CC 300 101.46 110.12 -127.50
N VAL CC 301 102.28 109.51 -126.64
CA VAL CC 301 102.10 108.12 -126.27
C VAL CC 301 101.90 107.97 -124.76
N LEU CC 302 102.49 108.87 -123.98
CA LEU CC 302 102.52 108.70 -122.54
C LEU CC 302 102.29 110.08 -121.94
N THR CC 303 101.75 110.10 -120.73
CA THR CC 303 101.82 111.26 -119.84
C THR CC 303 102.31 110.69 -118.51
N SER CC 304 103.35 111.29 -117.95
CA SER CC 304 104.07 110.72 -116.82
C SER CC 304 104.68 111.90 -116.09
N GLN CC 305 104.90 111.72 -114.79
CA GLN CC 305 105.34 112.79 -113.89
C GLN CC 305 106.86 112.75 -113.97
N TYR CC 306 107.47 113.92 -113.97
CA TYR CC 306 108.92 114.00 -114.08
C TYR CC 306 109.58 113.61 -112.75
N GLY CC 307 110.85 113.25 -112.83
CA GLY CC 307 111.60 112.88 -111.65
C GLY CC 307 113.05 112.63 -112.00
N THR CC 308 113.84 112.34 -110.97
CA THR CC 308 115.24 112.04 -111.13
C THR CC 308 115.53 110.72 -110.43
N VAL CC 309 116.12 109.77 -111.17
CA VAL CC 309 116.46 108.46 -110.63
C VAL CC 309 117.83 108.07 -111.16
N ASN CC 310 118.71 107.63 -110.24
CA ASN CC 310 120.06 107.16 -110.59
C ASN CC 310 120.84 108.22 -111.36
N GLY CC 311 120.65 109.48 -110.98
CA GLY CC 311 121.29 110.57 -111.69
C GLY CC 311 120.75 110.82 -113.08
N GLN CC 312 119.66 110.17 -113.45
CA GLN CC 312 119.06 110.31 -114.77
C GLN CC 312 117.70 110.98 -114.65
N TYR CC 313 117.37 111.77 -115.67
CA TYR CC 313 116.02 112.34 -115.75
C TYR CC 313 115.03 111.21 -115.97
N ALA CC 314 114.13 111.02 -115.01
CA ALA CC 314 113.21 109.89 -115.04
C ALA CC 314 111.77 110.38 -115.15
N LEU CC 315 110.91 109.48 -115.61
CA LEU CC 315 109.48 109.75 -115.71
C LEU CC 315 108.72 108.59 -115.07
N ARG CC 316 107.80 108.93 -114.17
CA ARG CC 316 106.93 107.95 -113.53
C ARG CC 316 105.67 107.85 -114.38
N VAL CC 317 105.54 106.76 -115.13
CA VAL CC 317 104.46 106.62 -116.09
C VAL CC 317 103.13 106.60 -115.36
N GLU CC 318 102.25 107.48 -115.75
CA GLU CC 318 100.91 107.53 -115.17
C GLU CC 318 99.81 106.96 -116.06
N HIS CC 319 99.88 107.17 -117.39
CA HIS CC 319 98.76 106.74 -118.26
C HIS CC 319 99.17 106.60 -119.71
N LEU CC 320 98.98 105.41 -120.29
CA LEU CC 320 99.18 105.21 -121.73
C LEU CC 320 98.00 105.81 -122.48
N ILE CC 321 98.28 106.66 -123.46
CA ILE CC 321 97.22 107.39 -124.14
C ILE CC 321 96.52 106.50 -125.15
N ASN CC 322 95.46 105.82 -124.70
CA ASN CC 322 94.66 105.01 -125.60
C ASN CC 322 93.70 105.90 -126.39
N PRO CC 323 93.34 105.48 -127.62
CA PRO CC 323 92.39 106.24 -128.42
C PRO CC 323 90.94 105.86 -128.15
N GLN DC 52 114.04 141.73 -149.03
CA GLN DC 52 114.69 141.47 -147.75
C GLN DC 52 114.17 142.42 -146.68
N ASP DC 53 112.98 142.14 -146.18
CA ASP DC 53 112.33 142.96 -145.17
C ASP DC 53 112.70 142.47 -143.78
N ILE DC 54 112.53 143.34 -142.79
CA ILE DC 54 112.91 143.00 -141.42
C ILE DC 54 111.74 143.21 -140.47
N ASP DC 55 111.08 144.37 -140.57
CA ASP DC 55 109.88 144.65 -139.72
C ASP DC 55 108.73 143.74 -140.13
N LEU DC 56 108.79 143.16 -141.33
CA LEU DC 56 107.69 142.32 -141.86
C LEU DC 56 107.49 141.08 -140.98
N ILE DC 57 108.58 140.45 -140.52
CA ILE DC 57 108.52 139.20 -139.71
C ILE DC 57 109.05 139.50 -138.31
N MET DC 58 109.18 140.78 -137.94
CA MET DC 58 109.74 141.16 -136.64
C MET DC 58 108.80 140.78 -135.51
N ASP DC 59 107.53 140.48 -135.83
CA ASP DC 59 106.49 140.28 -134.83
C ASP DC 59 105.87 138.89 -134.86
N ILE DC 60 106.30 138.03 -135.77
CA ILE DC 60 105.70 136.70 -135.92
C ILE DC 60 105.93 135.89 -134.65
N PRO DC 61 104.92 135.20 -134.11
CA PRO DC 61 105.14 134.39 -132.90
C PRO DC 61 105.72 133.03 -133.22
N VAL DC 62 106.47 132.49 -132.26
CA VAL DC 62 107.08 131.18 -132.39
C VAL DC 62 106.74 130.54 -131.04
N LYS DC 63 106.73 129.20 -131.04
CA LYS DC 63 106.45 128.40 -129.82
C LYS DC 63 107.76 127.68 -129.46
N LEU DC 64 108.18 127.74 -128.21
CA LEU DC 64 109.44 127.15 -127.77
C LEU DC 64 109.12 125.98 -126.86
N THR DC 65 109.80 124.86 -127.07
CA THR DC 65 109.60 123.66 -126.28
C THR DC 65 110.92 123.30 -125.61
N VAL DC 66 110.81 122.68 -124.44
CA VAL DC 66 111.96 122.19 -123.68
C VAL DC 66 111.76 120.73 -123.34
N GLU DC 67 112.82 119.94 -123.40
CA GLU DC 67 112.72 118.50 -123.20
C GLU DC 67 113.26 118.05 -121.86
N LEU DC 68 112.79 116.90 -121.37
CA LEU DC 68 113.45 116.28 -120.23
C LEU DC 68 114.69 115.58 -120.76
N GLY DC 69 114.52 114.76 -121.80
CA GLY DC 69 115.66 114.08 -122.38
C GLY DC 69 115.23 113.12 -123.46
N ARG DC 70 116.23 112.65 -124.21
CA ARG DC 70 116.05 111.61 -125.22
C ARG DC 70 116.00 110.27 -124.52
N THR DC 71 115.48 109.26 -125.23
CA THR DC 71 115.62 107.88 -124.85
C THR DC 71 115.08 107.14 -126.04
N ARG DC 72 115.56 105.91 -126.25
CA ARG DC 72 115.19 105.08 -127.38
C ARG DC 72 114.85 103.72 -126.78
N MET DC 73 113.62 103.26 -126.98
CA MET DC 73 113.10 102.12 -126.25
C MET DC 73 112.10 101.50 -127.23
N THR DC 74 112.09 100.15 -127.32
CA THR DC 74 111.34 99.44 -128.38
C THR DC 74 109.89 99.30 -128.04
N ILE DC 75 109.14 98.68 -128.96
CA ILE DC 75 107.67 98.47 -128.79
C ILE DC 75 107.47 97.57 -127.57
N LYS DC 76 108.30 96.56 -127.35
CA LYS DC 76 108.14 95.59 -126.23
C LYS DC 76 107.94 96.32 -124.89
N GLU DC 77 108.95 97.06 -124.39
CA GLU DC 77 108.90 97.80 -123.13
C GLU DC 77 107.79 98.85 -123.09
N LEU DC 78 107.53 99.51 -124.21
CA LEU DC 78 106.42 100.46 -124.28
C LEU DC 78 105.05 99.84 -124.01
N LEU DC 79 104.82 98.64 -124.54
CA LEU DC 79 103.56 97.95 -124.28
C LEU DC 79 103.38 97.39 -122.88
N ARG DC 80 104.47 97.03 -122.21
CA ARG DC 80 104.37 96.52 -120.84
C ARG DC 80 104.62 97.61 -119.74
N LEU DC 81 104.64 98.85 -120.18
CA LEU DC 81 104.78 99.97 -119.25
C LEU DC 81 103.41 99.99 -118.59
N THR DC 82 103.41 100.11 -117.26
CA THR DC 82 102.17 100.09 -116.49
C THR DC 82 102.15 101.39 -115.69
N GLN DC 83 101.08 101.60 -114.93
CA GLN DC 83 101.03 102.80 -114.07
C GLN DC 83 102.06 102.67 -112.97
N GLY DC 84 102.78 103.77 -112.69
CA GLY DC 84 103.79 103.77 -111.66
C GLY DC 84 105.14 103.30 -112.15
N SER DC 85 105.24 102.77 -113.36
CA SER DC 85 106.53 102.35 -113.90
C SER DC 85 107.40 103.58 -114.19
N VAL DC 86 108.70 103.41 -113.99
CA VAL DC 86 109.66 104.50 -114.12
C VAL DC 86 110.59 104.20 -115.30
N VAL DC 87 110.76 105.19 -116.17
CA VAL DC 87 111.66 105.08 -117.32
C VAL DC 87 112.65 106.23 -117.25
N ALA DC 88 113.92 105.95 -117.53
CA ALA DC 88 114.98 106.99 -117.48
C ALA DC 88 115.02 107.82 -118.77
N LEU DC 89 116.09 108.59 -118.96
CA LEU DC 89 116.28 109.46 -120.16
C LEU DC 89 117.78 109.41 -120.42
N ASP DC 90 118.28 109.96 -121.53
CA ASP DC 90 119.72 109.89 -121.92
C ASP DC 90 120.54 110.96 -121.20
N GLY DC 91 119.93 111.89 -120.47
CA GLY DC 91 120.64 112.96 -119.79
C GLY DC 91 120.81 112.86 -118.28
N LEU DC 92 122.03 113.14 -117.83
CA LEU DC 92 122.30 113.19 -116.40
C LEU DC 92 121.49 114.32 -115.78
N ALA DC 93 121.04 114.10 -114.54
CA ALA DC 93 120.27 115.11 -113.83
C ALA DC 93 121.18 116.29 -113.52
N GLY DC 94 121.07 117.36 -114.28
CA GLY DC 94 121.92 118.51 -114.09
C GLY DC 94 122.36 119.20 -115.36
N GLU DC 95 122.40 118.46 -116.49
CA GLU DC 95 122.77 119.11 -117.74
C GLU DC 95 121.66 120.08 -118.17
N PRO DC 96 122.00 121.12 -118.91
CA PRO DC 96 120.97 122.05 -119.40
C PRO DC 96 120.10 121.37 -120.45
N LEU DC 97 118.79 121.57 -120.34
CA LEU DC 97 117.86 121.01 -121.29
C LEU DC 97 117.95 121.75 -122.62
N ASP DC 98 117.50 121.08 -123.69
CA ASP DC 98 117.61 121.68 -125.05
C ASP DC 98 116.30 122.40 -125.39
N ILE DC 99 116.40 123.68 -125.75
CA ILE DC 99 115.21 124.48 -126.15
C ILE DC 99 115.09 124.39 -127.69
N LEU DC 100 113.89 124.13 -128.21
CA LEU DC 100 113.73 123.93 -129.68
C LEU DC 100 112.52 124.73 -130.21
N ILE DC 101 112.57 125.13 -131.48
CA ILE DC 101 111.42 125.83 -132.12
C ILE DC 101 111.09 125.09 -133.43
N ASN DC 102 109.82 124.70 -133.63
CA ASN DC 102 109.41 124.01 -134.89
C ASN DC 102 110.35 122.81 -135.06
N GLY DC 103 110.74 122.14 -133.97
CA GLY DC 103 111.58 120.93 -134.03
C GLY DC 103 113.02 121.26 -134.38
N TYR DC 104 113.44 122.52 -134.27
CA TYR DC 104 114.82 122.96 -134.63
C TYR DC 104 115.52 123.49 -133.40
N LEU DC 105 116.75 123.04 -133.13
CA LEU DC 105 117.45 123.43 -131.88
C LEU DC 105 117.63 124.95 -131.92
N ILE DC 106 117.42 125.61 -130.78
CA ILE DC 106 117.53 127.10 -130.69
C ILE DC 106 118.36 127.50 -129.46
N ALA DC 107 118.34 126.75 -128.36
CA ALA DC 107 119.00 127.22 -127.14
C ALA DC 107 119.21 126.05 -126.18
N GLN DC 108 119.78 126.35 -125.02
CA GLN DC 108 119.91 125.41 -123.91
C GLN DC 108 119.73 126.14 -122.59
N GLY DC 109 118.98 125.52 -121.69
CA GLY DC 109 118.76 126.08 -120.36
C GLY DC 109 118.08 125.09 -119.45
N GLU DC 110 118.17 125.37 -118.15
CA GLU DC 110 117.60 124.50 -117.13
C GLU DC 110 116.54 125.25 -116.34
N VAL DC 111 115.72 124.48 -115.62
CA VAL DC 111 114.66 125.04 -114.81
C VAL DC 111 115.24 125.55 -113.49
N VAL DC 112 114.73 126.69 -113.03
CA VAL DC 112 115.18 127.31 -111.78
C VAL DC 112 113.98 127.72 -110.93
N VAL DC 113 114.12 127.54 -109.63
CA VAL DC 113 113.09 127.92 -108.66
C VAL DC 113 113.45 129.22 -107.96
N VAL DC 114 112.65 130.26 -108.14
CA VAL DC 114 113.00 131.55 -107.57
C VAL DC 114 112.28 131.72 -106.23
N ALA DC 115 110.96 131.81 -106.32
CA ALA DC 115 110.12 131.85 -105.11
C ALA DC 115 109.13 130.69 -105.01
N ASP DC 116 108.05 130.77 -105.80
CA ASP DC 116 107.09 129.64 -105.89
C ASP DC 116 106.75 129.65 -107.38
N LYS DC 117 107.72 130.04 -108.22
CA LYS DC 117 107.48 130.18 -109.68
C LYS DC 117 108.62 129.49 -110.46
N TYR DC 118 108.36 129.07 -111.70
CA TYR DC 118 109.39 128.32 -112.46
C TYR DC 118 109.76 129.03 -113.76
N GLY DC 119 110.99 128.82 -114.23
CA GLY DC 119 111.45 129.36 -115.49
C GLY DC 119 112.73 128.72 -115.94
N VAL DC 120 113.07 128.94 -117.21
CA VAL DC 120 114.24 128.35 -117.82
C VAL DC 120 115.33 129.42 -117.81
N ARG DC 121 116.51 129.03 -117.34
CA ARG DC 121 117.67 129.92 -117.29
C ARG DC 121 118.57 129.47 -118.42
N ILE DC 122 118.55 130.22 -119.53
CA ILE DC 122 119.28 129.83 -120.72
C ILE DC 122 120.76 129.95 -120.48
N THR DC 123 121.50 128.91 -120.86
CA THR DC 123 122.95 128.87 -120.64
C THR DC 123 123.74 129.47 -121.80
N ASP DC 124 123.35 129.16 -123.03
CA ASP DC 124 124.11 129.65 -124.19
C ASP DC 124 123.23 129.56 -125.43
N ILE DC 125 123.76 130.08 -126.53
CA ILE DC 125 123.12 130.02 -127.84
C ILE DC 125 124.04 129.21 -128.74
N ILE DC 126 123.49 128.17 -129.37
CA ILE DC 126 124.28 127.26 -130.17
C ILE DC 126 124.58 127.87 -131.53
N THR DC 127 125.87 128.07 -131.81
CA THR DC 127 126.31 128.46 -133.13
C THR DC 127 126.19 127.27 -134.09
N PRO DC 128 126.16 127.52 -135.40
CA PRO DC 128 126.03 126.39 -136.34
C PRO DC 128 127.11 125.33 -136.17
N SER DC 129 128.35 125.74 -135.87
CA SER DC 129 129.43 124.79 -135.71
C SER DC 129 129.04 123.74 -134.68
N GLU DC 130 128.59 124.19 -133.52
CA GLU DC 130 128.06 123.25 -132.54
C GLU DC 130 126.91 122.41 -133.09
N ARG DC 131 125.97 123.06 -133.76
CA ARG DC 131 124.85 122.30 -134.39
C ARG DC 131 125.40 121.20 -135.30
N MET DC 132 126.47 121.50 -136.06
CA MET DC 132 127.01 120.51 -137.01
C MET DC 132 127.53 119.27 -136.24
N ARG DC 133 128.20 119.49 -135.11
CA ARG DC 133 128.73 118.36 -134.31
C ARG DC 133 127.56 117.66 -133.60
N ARG DC 134 126.46 118.38 -133.43
CA ARG DC 134 125.24 117.82 -132.76
C ARG DC 134 124.76 116.71 -133.72
N LEU DC 135 124.53 117.09 -134.98
CA LEU DC 135 124.17 116.09 -136.01
C LEU DC 135 125.23 115.01 -136.25
N SER DC 136 126.51 115.39 -136.20
CA SER DC 136 127.61 114.43 -136.47
C SER DC 136 127.75 113.43 -135.32
N ARG DC 137 127.41 113.83 -134.08
CA ARG DC 137 127.64 112.91 -132.98
C ARG DC 137 126.51 113.00 -131.95
N ASP EC 53 123.56 138.04 -135.32
CA ASP EC 53 122.35 137.60 -134.64
C ASP EC 53 121.20 137.36 -135.62
N ILE EC 54 121.25 138.03 -136.76
CA ILE EC 54 120.22 137.82 -137.79
C ILE EC 54 120.39 136.40 -138.31
N ASP EC 55 121.64 135.92 -138.39
CA ASP EC 55 121.89 134.58 -138.87
C ASP EC 55 121.16 133.51 -138.06
N LEU EC 56 121.04 133.70 -136.76
CA LEU EC 56 120.30 132.76 -135.92
C LEU EC 56 118.82 132.58 -136.29
N ILE EC 57 118.16 133.70 -136.60
CA ILE EC 57 116.71 133.66 -136.92
C ILE EC 57 116.51 133.81 -138.44
N MET EC 58 117.51 133.43 -139.23
CA MET EC 58 117.39 133.59 -140.68
C MET EC 58 117.20 132.16 -141.16
N ASP EC 59 117.40 131.17 -140.28
CA ASP EC 59 117.34 129.74 -140.72
C ASP EC 59 116.15 128.98 -140.11
N ILE EC 60 115.60 129.46 -138.98
CA ILE EC 60 114.52 128.74 -138.28
C ILE EC 60 113.28 128.39 -139.08
N PRO EC 61 112.75 127.14 -138.98
CA PRO EC 61 111.48 126.75 -139.65
C PRO EC 61 110.30 127.45 -139.01
N VAL EC 62 109.21 127.61 -139.75
CA VAL EC 62 108.00 128.26 -139.26
C VAL EC 62 106.88 127.62 -140.08
N LYS EC 63 105.66 127.68 -139.56
CA LYS EC 63 104.53 127.04 -140.21
C LYS EC 63 103.73 128.12 -140.92
N LEU EC 64 103.44 127.91 -142.20
CA LEU EC 64 102.73 128.87 -143.02
C LEU EC 64 101.38 128.26 -143.39
N THR EC 65 100.33 129.07 -143.36
CA THR EC 65 99.00 128.64 -143.78
C THR EC 65 98.38 129.73 -144.63
N VAL EC 66 97.38 129.35 -145.42
CA VAL EC 66 96.57 130.32 -146.17
C VAL EC 66 95.12 129.92 -146.01
N GLU EC 67 94.28 130.85 -145.58
CA GLU EC 67 92.89 130.54 -145.29
C GLU EC 67 92.00 131.05 -146.42
N LEU EC 68 91.08 130.19 -146.89
CA LEU EC 68 90.23 130.52 -148.06
C LEU EC 68 88.92 131.18 -147.64
N GLY EC 69 88.43 130.91 -146.43
CA GLY EC 69 87.09 131.38 -146.00
C GLY EC 69 87.07 131.85 -144.56
N ARG EC 70 86.04 132.63 -144.20
CA ARG EC 70 85.86 133.13 -142.81
C ARG EC 70 84.36 133.38 -142.59
N THR EC 71 83.75 132.72 -141.60
CA THR EC 71 82.31 132.86 -141.33
C THR EC 71 82.11 132.88 -139.84
N ARG EC 72 81.15 133.63 -139.32
CA ARG EC 72 80.76 133.64 -137.92
C ARG EC 72 79.44 132.90 -137.74
N MET EC 73 79.42 131.96 -136.79
CA MET EC 73 78.20 131.14 -136.63
C MET EC 73 77.89 130.85 -135.15
N THR EC 74 76.64 130.54 -134.85
CA THR EC 74 76.18 130.18 -133.52
C THR EC 74 76.20 128.64 -133.53
N ILE EC 75 75.78 128.03 -132.42
CA ILE EC 75 75.90 126.54 -132.35
C ILE EC 75 74.63 125.91 -132.91
N LYS EC 76 73.51 126.61 -132.78
CA LYS EC 76 72.30 126.11 -133.45
C LYS EC 76 72.76 125.85 -134.87
N GLU EC 77 73.40 126.86 -135.47
CA GLU EC 77 73.83 126.74 -136.88
C GLU EC 77 74.85 125.62 -137.08
N LEU EC 78 75.86 125.53 -136.21
CA LEU EC 78 76.93 124.51 -136.41
C LEU EC 78 76.36 123.10 -136.29
N LEU EC 79 75.52 122.87 -135.28
CA LEU EC 79 74.89 121.55 -135.07
C LEU EC 79 73.97 121.22 -136.25
N ARG EC 80 73.28 122.23 -136.77
CA ARG EC 80 72.30 122.02 -137.86
C ARG EC 80 73.06 121.47 -139.08
N LEU EC 81 74.27 121.98 -139.36
CA LEU EC 81 75.09 121.42 -140.46
C LEU EC 81 75.03 119.88 -140.38
N THR EC 82 74.81 119.18 -141.49
CA THR EC 82 74.86 117.69 -141.49
C THR EC 82 75.87 117.26 -142.53
N GLN EC 83 75.79 116.02 -143.01
CA GLN EC 83 76.68 115.61 -144.07
C GLN EC 83 76.19 116.16 -145.41
N GLY EC 84 77.09 116.76 -146.16
CA GLY EC 84 76.74 117.37 -147.42
C GLY EC 84 76.21 118.79 -147.33
N SER EC 85 76.07 119.33 -146.13
CA SER EC 85 75.58 120.70 -145.99
C SER EC 85 76.61 121.68 -146.52
N VAL EC 86 76.13 122.71 -147.23
CA VAL EC 86 76.98 123.74 -147.81
C VAL EC 86 76.98 124.94 -146.88
N VAL EC 87 78.17 125.39 -146.49
CA VAL EC 87 78.32 126.54 -145.61
C VAL EC 87 78.84 127.70 -146.44
N ALA EC 88 78.08 128.78 -146.49
CA ALA EC 88 78.50 129.96 -147.21
C ALA EC 88 79.62 130.71 -146.51
N LEU EC 89 80.50 131.32 -147.30
CA LEU EC 89 81.61 132.11 -146.80
C LEU EC 89 81.52 133.63 -146.96
N ASP EC 90 81.76 134.37 -145.88
CA ASP EC 90 81.70 135.82 -145.95
C ASP EC 90 82.57 136.40 -147.10
N GLY EC 91 83.74 135.79 -147.27
CA GLY EC 91 84.58 136.10 -148.41
C GLY EC 91 84.07 135.94 -149.82
N LEU EC 92 84.06 137.03 -150.58
CA LEU EC 92 83.63 136.98 -151.96
C LEU EC 92 84.65 136.24 -152.82
N ALA EC 93 84.22 135.75 -153.98
CA ALA EC 93 85.12 135.07 -154.87
C ALA EC 93 86.12 136.06 -155.46
N GLY EC 94 87.39 135.64 -155.51
CA GLY EC 94 88.45 136.44 -156.09
C GLY EC 94 89.13 137.40 -155.14
N GLU EC 95 88.61 137.59 -153.94
CA GLU EC 95 89.26 138.48 -152.98
C GLU EC 95 90.57 137.86 -152.50
N PRO EC 96 91.61 138.61 -152.10
CA PRO EC 96 92.90 138.01 -151.70
C PRO EC 96 92.76 137.15 -150.45
N LEU EC 97 93.18 135.88 -150.50
CA LEU EC 97 93.13 134.96 -149.33
C LEU EC 97 94.08 135.46 -148.23
N ASP EC 98 93.72 135.37 -146.96
CA ASP EC 98 94.71 135.76 -145.91
C ASP EC 98 95.84 134.74 -145.88
N ILE EC 99 97.08 135.14 -145.66
CA ILE EC 99 98.21 134.25 -145.45
C ILE EC 99 98.73 134.48 -144.04
N LEU EC 100 98.79 133.41 -143.26
CA LEU EC 100 99.11 133.49 -141.85
C LEU EC 100 100.39 132.73 -141.56
N ILE EC 101 101.15 133.22 -140.58
CA ILE EC 101 102.36 132.57 -140.11
C ILE EC 101 102.17 132.28 -138.63
N ASN EC 102 102.04 131.01 -138.29
CA ASN EC 102 101.75 130.60 -136.92
C ASN EC 102 100.48 131.28 -136.41
N GLY EC 103 99.51 131.45 -137.30
CA GLY EC 103 98.29 132.12 -136.97
C GLY EC 103 98.33 133.63 -137.00
N TYR EC 104 99.41 134.22 -137.50
CA TYR EC 104 99.58 135.67 -137.55
C TYR EC 104 99.51 136.13 -139.00
N LEU EC 105 98.57 137.03 -139.29
CA LEU EC 105 98.38 137.50 -140.65
C LEU EC 105 99.51 138.46 -141.04
N ILE EC 106 100.12 138.22 -142.20
CA ILE EC 106 101.18 139.09 -142.68
C ILE EC 106 100.92 139.57 -144.11
N ALA EC 107 100.11 138.83 -144.87
CA ALA EC 107 100.00 139.11 -146.29
C ALA EC 107 98.65 138.65 -146.84
N GLN EC 108 98.32 139.15 -148.02
CA GLN EC 108 97.14 138.78 -148.75
C GLN EC 108 97.51 138.39 -150.18
N GLY EC 109 96.88 137.33 -150.68
CA GLY EC 109 97.13 136.89 -152.04
C GLY EC 109 96.14 135.93 -152.65
N GLU EC 110 96.09 135.94 -153.98
CA GLU EC 110 95.16 135.06 -154.69
C GLU EC 110 95.52 133.61 -154.80
N VAL EC 111 94.55 132.77 -155.12
CA VAL EC 111 94.69 131.32 -155.09
C VAL EC 111 95.11 131.00 -156.52
N VAL EC 112 96.09 130.11 -156.64
CA VAL EC 112 96.55 129.62 -157.94
C VAL EC 112 97.12 128.23 -157.73
N VAL EC 113 96.93 127.35 -158.71
CA VAL EC 113 97.39 125.97 -158.63
C VAL EC 113 98.53 125.78 -159.62
N VAL EC 114 99.64 125.21 -159.11
CA VAL EC 114 100.86 125.01 -159.95
C VAL EC 114 101.26 123.53 -159.90
N ALA EC 115 101.39 122.87 -161.06
CA ALA EC 115 101.86 121.47 -161.12
C ALA EC 115 100.96 120.55 -160.29
N ASP EC 116 99.65 120.81 -160.31
CA ASP EC 116 98.64 119.95 -159.61
C ASP EC 116 98.80 120.03 -158.08
N LYS EC 117 99.44 121.09 -157.56
CA LYS EC 117 99.59 121.27 -156.10
C LYS EC 117 99.06 122.66 -155.77
N TYR EC 118 98.29 122.78 -154.68
CA TYR EC 118 97.75 124.10 -154.27
C TYR EC 118 98.86 125.14 -154.10
N GLY EC 119 98.53 126.42 -154.36
CA GLY EC 119 99.49 127.49 -154.16
C GLY EC 119 98.79 128.81 -153.99
N VAL EC 120 99.58 129.85 -153.79
CA VAL EC 120 99.06 131.20 -153.60
C VAL EC 120 100.11 132.20 -154.06
N ARG EC 121 99.66 133.22 -154.78
CA ARG EC 121 100.52 134.31 -155.21
C ARG EC 121 100.40 135.50 -154.27
N ILE EC 122 101.53 135.93 -153.71
CA ILE EC 122 101.52 137.01 -152.74
C ILE EC 122 101.20 138.33 -153.45
N THR EC 123 99.93 138.75 -153.37
CA THR EC 123 99.54 140.02 -153.98
C THR EC 123 100.16 141.19 -153.23
N ASP EC 124 100.06 141.18 -151.89
CA ASP EC 124 100.63 142.28 -151.13
C ASP EC 124 100.88 141.82 -149.69
N ILE EC 125 101.70 142.60 -149.00
CA ILE EC 125 101.92 142.42 -147.57
C ILE EC 125 101.20 143.54 -146.83
N ILE EC 126 100.34 143.18 -145.90
CA ILE EC 126 99.52 144.16 -145.20
C ILE EC 126 100.38 144.90 -144.18
N THR EC 127 100.37 146.23 -144.27
CA THR EC 127 100.92 147.13 -143.29
C THR EC 127 99.97 147.23 -142.10
N PRO EC 128 100.49 147.43 -140.88
CA PRO EC 128 99.61 147.35 -139.69
C PRO EC 128 98.50 148.38 -139.70
N SER EC 129 98.38 149.22 -140.73
CA SER EC 129 97.27 150.15 -140.81
C SER EC 129 95.99 149.35 -140.97
N GLU EC 130 96.04 148.25 -141.73
CA GLU EC 130 94.80 147.44 -142.00
C GLU EC 130 94.44 146.55 -140.80
N ARG EC 131 95.36 146.35 -139.87
CA ARG EC 131 95.15 145.46 -138.72
C ARG EC 131 94.05 146.04 -137.82
N MET EC 132 94.07 147.36 -137.63
CA MET EC 132 92.95 147.98 -136.86
C MET EC 132 91.64 147.57 -137.53
N ARG EC 133 91.56 147.70 -138.85
CA ARG EC 133 90.33 147.33 -139.61
C ARG EC 133 90.03 145.83 -139.63
N ARG EC 134 91.06 145.00 -139.38
CA ARG EC 134 90.87 143.52 -139.34
C ARG EC 134 90.00 143.18 -138.12
N LEU EC 135 89.81 144.16 -137.23
CA LEU EC 135 88.98 143.93 -136.01
C LEU EC 135 88.04 145.13 -135.81
N ALA FC 37 92.99 145.44 -100.83
CA ALA FC 37 92.44 144.28 -100.14
C ALA FC 37 90.93 144.18 -100.37
N VAL FC 38 90.44 144.87 -101.39
CA VAL FC 38 89.02 144.85 -101.71
C VAL FC 38 88.57 143.48 -102.19
N PHE FC 39 89.34 142.85 -103.07
CA PHE FC 39 88.98 141.54 -103.59
C PHE FC 39 89.07 140.49 -102.49
N GLN FC 40 88.11 139.57 -102.46
CA GLN FC 40 88.07 138.53 -101.45
C GLN FC 40 88.73 137.29 -102.04
N GLN FC 41 89.58 136.65 -101.23
CA GLN FC 41 90.39 135.54 -101.72
C GLN FC 41 89.61 134.23 -101.82
N LEU FC 42 89.34 133.80 -103.05
CA LEU FC 42 88.62 132.56 -103.31
C LEU FC 42 89.54 131.35 -103.46
N GLY FC 43 89.16 130.25 -102.84
CA GLY FC 43 89.97 129.04 -102.92
C GLY FC 43 89.13 127.83 -102.54
N GLY FC 44 89.64 126.66 -102.92
CA GLY FC 44 88.93 125.42 -102.66
C GLY FC 44 87.60 125.32 -103.36
N GLY FC 45 87.53 125.77 -104.61
CA GLY FC 45 86.29 125.75 -105.35
C GLY FC 45 86.19 124.59 -106.31
N ASP FC 46 87.09 123.62 -106.19
CA ASP FC 46 87.09 122.43 -107.04
C ASP FC 46 86.08 121.42 -106.48
N VAL FC 47 84.81 121.76 -106.63
CA VAL FC 47 83.73 120.92 -106.11
C VAL FC 47 83.64 119.63 -106.90
N SER FC 48 83.34 119.74 -108.19
CA SER FC 48 83.22 118.58 -109.08
C SER FC 48 83.16 119.10 -110.51
N GLY FC 49 83.13 118.16 -111.45
CA GLY FC 49 83.00 118.50 -112.85
C GLY FC 49 82.20 117.48 -113.63
N ALA FC 50 81.15 117.93 -114.31
CA ALA FC 50 80.32 117.04 -115.11
C ALA FC 50 79.68 117.84 -116.23
N MET FC 51 79.79 117.33 -117.45
CA MET FC 51 79.15 117.98 -118.59
C MET FC 51 77.64 118.05 -118.37
N GLN FC 52 77.07 119.22 -118.64
CA GLN FC 52 75.65 119.41 -118.37
C GLN FC 52 74.90 119.07 -119.63
N ASP FC 53 75.08 119.87 -120.68
CA ASP FC 53 74.42 119.72 -121.96
C ASP FC 53 74.98 120.79 -122.88
N ILE FC 54 74.75 120.64 -124.18
CA ILE FC 54 75.35 121.54 -125.17
C ILE FC 54 74.44 122.69 -125.57
N ASP FC 55 73.29 122.82 -124.91
CA ASP FC 55 72.37 123.92 -125.17
C ASP FC 55 72.48 125.07 -124.16
N LEU FC 56 73.18 124.85 -123.05
CA LEU FC 56 73.40 125.95 -122.09
C LEU FC 56 74.30 126.96 -122.79
N ILE FC 57 75.25 126.46 -123.59
CA ILE FC 57 76.26 127.31 -124.28
C ILE FC 57 75.88 127.53 -125.75
N MET FC 58 74.69 127.15 -126.20
CA MET FC 58 74.38 127.18 -127.65
C MET FC 58 74.55 128.48 -128.46
N ASP FC 59 73.82 129.52 -128.09
CA ASP FC 59 73.85 130.79 -128.88
C ASP FC 59 75.13 131.55 -128.55
N ILE FC 60 76.27 130.87 -128.64
CA ILE FC 60 77.57 131.55 -128.42
C ILE FC 60 78.26 131.60 -129.79
N PRO FC 61 78.72 132.77 -130.27
CA PRO FC 61 79.29 132.88 -131.64
C PRO FC 61 80.55 132.03 -131.75
N VAL FC 62 80.71 131.34 -132.88
CA VAL FC 62 81.94 130.53 -133.11
C VAL FC 62 82.68 131.18 -134.27
N LYS FC 63 84.00 131.03 -134.32
CA LYS FC 63 84.77 131.62 -135.40
C LYS FC 63 85.11 130.50 -136.39
N LEU FC 64 84.29 130.33 -137.41
CA LEU FC 64 84.51 129.29 -138.40
C LEU FC 64 85.43 129.79 -139.50
N THR FC 65 86.39 128.95 -139.88
CA THR FC 65 87.38 129.30 -140.88
C THR FC 65 87.75 128.06 -141.68
N VAL FC 66 87.67 128.17 -143.01
CA VAL FC 66 88.12 127.11 -143.90
C VAL FC 66 89.54 127.40 -144.37
N GLU FC 67 90.37 126.36 -144.37
CA GLU FC 67 91.78 126.50 -144.72
C GLU FC 67 92.14 125.92 -146.08
N LEU FC 68 92.83 126.72 -146.90
CA LEU FC 68 93.11 126.31 -148.26
C LEU FC 68 94.23 125.27 -148.24
N GLY FC 69 95.30 125.55 -147.50
CA GLY FC 69 96.42 124.63 -147.48
C GLY FC 69 97.45 124.96 -146.43
N ARG FC 70 98.46 124.11 -146.36
CA ARG FC 70 99.54 124.22 -145.39
C ARG FC 70 100.84 124.07 -146.16
N THR FC 71 101.93 124.44 -145.52
CA THR FC 71 103.27 124.23 -146.02
C THR FC 71 104.24 124.57 -144.91
N ARG FC 72 105.15 123.65 -144.62
CA ARG FC 72 106.23 123.91 -143.68
C ARG FC 72 107.38 124.55 -144.45
N MET FC 73 107.76 125.75 -144.03
CA MET FC 73 108.78 126.51 -144.74
C MET FC 73 109.53 127.35 -143.72
N THR FC 74 110.82 127.50 -143.94
CA THR FC 74 111.67 128.26 -143.03
C THR FC 74 111.77 129.72 -143.46
N ILE FC 75 112.41 130.51 -142.61
CA ILE FC 75 112.62 131.92 -142.90
C ILE FC 75 113.51 132.13 -144.12
N LYS FC 76 114.32 131.11 -144.46
CA LYS FC 76 115.18 131.16 -145.63
C LYS FC 76 114.42 131.64 -146.86
N GLU FC 77 113.43 130.88 -147.31
CA GLU FC 77 112.62 131.31 -148.44
C GLU FC 77 111.67 132.42 -148.06
N LEU FC 78 111.29 132.52 -146.79
CA LEU FC 78 110.37 133.58 -146.38
C LEU FC 78 110.63 135.02 -146.79
N LEU FC 79 111.86 135.51 -146.60
CA LEU FC 79 112.17 136.86 -147.06
C LEU FC 79 112.50 136.89 -148.59
N ARG FC 80 112.90 135.71 -149.11
CA ARG FC 80 113.14 135.62 -150.56
C ARG FC 80 111.84 136.00 -151.28
N LEU FC 81 110.70 135.79 -150.62
CA LEU FC 81 109.40 136.14 -151.22
C LEU FC 81 109.14 137.58 -151.58
N THR FC 82 108.79 137.80 -152.85
CA THR FC 82 108.45 139.12 -153.37
C THR FC 82 107.01 139.11 -153.88
N GLN FC 83 106.54 140.28 -154.31
CA GLN FC 83 105.21 140.37 -154.88
C GLN FC 83 105.14 139.60 -156.19
N GLY FC 84 104.06 138.85 -156.38
CA GLY FC 84 103.90 138.03 -157.55
C GLY FC 84 104.53 136.66 -157.47
N SER FC 85 105.27 136.36 -156.40
CA SER FC 85 105.84 135.04 -156.22
C SER FC 85 104.73 134.03 -155.90
N VAL FC 86 105.04 132.76 -156.11
CA VAL FC 86 104.09 131.67 -155.89
C VAL FC 86 104.67 130.71 -154.88
N VAL FC 87 103.89 130.39 -153.86
CA VAL FC 87 104.30 129.47 -152.79
C VAL FC 87 103.48 128.19 -152.94
N ALA FC 88 104.16 127.07 -153.18
CA ALA FC 88 103.47 125.80 -153.28
C ALA FC 88 103.05 125.33 -151.89
N LEU FC 89 101.85 124.76 -151.82
CA LEU FC 89 101.29 124.26 -150.58
C LEU FC 89 101.39 122.75 -150.54
N ASP FC 90 101.56 122.21 -149.33
CA ASP FC 90 101.67 120.76 -149.19
C ASP FC 90 100.42 120.03 -149.65
N GLY FC 91 99.25 120.61 -149.43
CA GLY FC 91 98.01 120.00 -149.86
C GLY FC 91 97.90 119.83 -151.35
N LEU FC 92 97.59 118.61 -151.79
CA LEU FC 92 97.39 118.34 -153.21
C LEU FC 92 96.12 119.03 -153.69
N ALA FC 93 96.16 119.51 -154.94
CA ALA FC 93 95.02 120.22 -155.50
C ALA FC 93 93.81 119.29 -155.61
N GLY FC 94 92.65 119.82 -155.25
CA GLY FC 94 91.41 119.05 -155.29
C GLY FC 94 91.13 118.22 -154.07
N GLU FC 95 92.05 118.17 -153.10
CA GLU FC 95 91.80 117.44 -151.88
C GLU FC 95 90.79 118.19 -151.01
N PRO FC 96 90.10 117.47 -150.12
CA PRO FC 96 89.18 118.14 -149.21
C PRO FC 96 89.91 119.16 -148.34
N LEU FC 97 89.29 120.31 -148.15
CA LEU FC 97 89.84 121.38 -147.34
C LEU FC 97 89.47 121.19 -145.88
N ASP FC 98 90.19 121.90 -145.01
CA ASP FC 98 90.03 121.76 -143.58
C ASP FC 98 89.12 122.86 -143.03
N ILE FC 99 88.29 122.50 -142.07
CA ILE FC 99 87.36 123.43 -141.43
C ILE FC 99 87.71 123.49 -139.95
N LEU FC 100 87.90 124.70 -139.43
CA LEU FC 100 88.24 124.91 -138.04
C LEU FC 100 87.22 125.84 -137.40
N ILE FC 101 86.93 125.63 -136.13
CA ILE FC 101 86.15 126.56 -135.33
C ILE FC 101 87.02 127.05 -134.19
N ASN FC 102 87.25 128.36 -134.13
CA ASN FC 102 88.16 128.97 -133.17
C ASN FC 102 89.56 128.35 -133.28
N GLY FC 103 89.95 128.01 -134.51
CA GLY FC 103 91.28 127.48 -134.76
C GLY FC 103 91.46 126.01 -134.43
N TYR FC 104 90.39 125.27 -134.16
CA TYR FC 104 90.47 123.85 -133.83
C TYR FC 104 89.85 123.08 -134.98
N LEU FC 105 90.61 122.14 -135.53
CA LEU FC 105 90.13 121.36 -136.67
C LEU FC 105 89.02 120.42 -136.23
N ILE FC 106 87.90 120.46 -136.93
CA ILE FC 106 86.76 119.62 -136.62
C ILE FC 106 86.37 118.74 -137.79
N ALA FC 107 86.38 119.28 -139.00
CA ALA FC 107 85.83 118.54 -140.13
C ALA FC 107 86.61 118.83 -141.40
N GLN FC 108 86.42 117.97 -142.39
CA GLN FC 108 86.96 118.14 -143.73
C GLN FC 108 85.81 118.29 -144.70
N GLY FC 109 85.89 119.32 -145.54
CA GLY FC 109 84.82 119.62 -146.48
C GLY FC 109 85.41 119.76 -147.87
N GLU FC 110 84.55 120.20 -148.79
CA GLU FC 110 84.92 120.40 -150.19
C GLU FC 110 84.40 121.76 -150.63
N VAL FC 111 85.21 122.48 -151.38
CA VAL FC 111 84.89 123.84 -151.78
C VAL FC 111 83.97 123.84 -152.99
N VAL FC 112 82.92 124.67 -152.94
CA VAL FC 112 81.96 124.81 -154.02
C VAL FC 112 81.66 126.28 -154.22
N VAL FC 113 81.17 126.63 -155.40
CA VAL FC 113 80.82 128.00 -155.75
C VAL FC 113 79.31 128.06 -155.95
N VAL FC 114 78.65 128.88 -155.13
CA VAL FC 114 77.17 129.03 -155.24
C VAL FC 114 76.81 130.52 -155.40
N ALA FC 115 76.21 130.88 -156.54
CA ALA FC 115 75.82 132.29 -156.80
C ALA FC 115 77.01 133.25 -156.72
N ASP FC 116 78.20 132.82 -157.17
CA ASP FC 116 79.40 133.71 -157.22
C ASP FC 116 79.92 133.96 -155.79
N LYS FC 117 79.50 133.12 -154.83
CA LYS FC 117 79.98 133.26 -153.44
C LYS FC 117 80.68 131.96 -153.03
N TYR FC 118 81.81 132.04 -152.35
CA TYR FC 118 82.54 130.83 -152.01
C TYR FC 118 81.83 130.09 -150.89
N GLY FC 119 81.79 128.77 -151.01
CA GLY FC 119 81.13 127.94 -150.01
C GLY FC 119 81.81 126.60 -149.90
N VAL FC 120 81.91 126.11 -148.67
CA VAL FC 120 82.44 124.79 -148.39
C VAL FC 120 81.28 123.84 -148.13
N ARG FC 121 81.45 122.59 -148.54
CA ARG FC 121 80.44 121.55 -148.31
C ARG FC 121 81.03 120.54 -147.35
N ILE FC 122 80.48 120.46 -146.15
CA ILE FC 122 81.01 119.56 -145.13
C ILE FC 122 80.87 118.13 -145.60
N THR FC 123 81.97 117.38 -145.59
CA THR FC 123 81.97 115.98 -146.00
C THR FC 123 82.12 115.01 -144.85
N ASP FC 124 83.08 115.21 -143.95
CA ASP FC 124 83.24 114.23 -142.88
C ASP FC 124 83.98 114.86 -141.70
N ILE FC 125 83.47 114.61 -140.49
CA ILE FC 125 84.18 115.00 -139.29
C ILE FC 125 85.43 114.14 -139.15
N ILE FC 126 86.57 114.79 -138.91
CA ILE FC 126 87.84 114.07 -138.86
C ILE FC 126 87.85 113.12 -137.68
N THR FC 127 88.67 112.10 -137.78
CA THR FC 127 88.90 111.05 -136.80
C THR FC 127 90.11 111.36 -135.95
N PRO FC 128 90.19 110.84 -134.73
CA PRO FC 128 91.39 111.07 -133.92
C PRO FC 128 92.66 110.58 -134.59
N SER FC 129 92.60 109.47 -135.32
CA SER FC 129 93.76 109.01 -136.08
C SER FC 129 94.30 109.97 -137.13
N GLU FC 130 93.41 110.58 -137.92
CA GLU FC 130 93.85 111.56 -138.90
C GLU FC 130 94.28 112.89 -138.23
N ARG FC 131 93.68 113.16 -137.06
CA ARG FC 131 94.10 114.32 -136.29
C ARG FC 131 95.58 114.19 -135.94
N MET FC 132 95.97 113.05 -135.38
CA MET FC 132 97.38 112.80 -135.09
C MET FC 132 98.30 112.65 -136.32
N ARG FC 133 97.71 112.17 -137.41
CA ARG FC 133 98.44 112.09 -138.68
C ARG FC 133 98.74 113.54 -139.05
N ARG FC 134 97.75 114.42 -138.89
CA ARG FC 134 97.99 115.84 -139.15
C ARG FC 134 99.08 116.39 -138.23
N LEU FC 135 99.06 115.98 -136.96
CA LEU FC 135 100.02 116.51 -136.00
C LEU FC 135 101.45 116.15 -136.38
N SER FC 136 101.68 114.92 -136.81
CA SER FC 136 103.01 114.47 -137.19
C SER FC 136 103.34 114.91 -138.61
N LYS GC 514 9.51 48.04 -158.37
CA LYS GC 514 9.68 49.40 -157.89
C LYS GC 514 9.88 50.37 -159.04
N ASP GC 515 10.54 49.90 -160.10
CA ASP GC 515 10.76 50.75 -161.27
C ASP GC 515 9.45 51.11 -161.95
N GLU GC 516 8.53 50.14 -162.07
CA GLU GC 516 7.25 50.42 -162.70
C GLU GC 516 6.43 51.41 -161.89
N GLN GC 517 6.43 51.26 -160.56
CA GLN GC 517 5.71 52.21 -159.71
C GLN GC 517 6.31 53.61 -159.83
N LEU GC 518 7.63 53.70 -159.85
CA LEU GC 518 8.28 55.00 -160.01
C LEU GC 518 7.93 55.62 -161.36
N GLN GC 519 7.90 54.81 -162.42
CA GLN GC 519 7.54 55.32 -163.74
C GLN GC 519 6.09 55.81 -163.77
N GLN GC 520 5.18 55.06 -163.12
CA GLN GC 520 3.78 55.50 -163.07
C GLN GC 520 3.64 56.79 -162.28
N ARG GC 521 4.35 56.91 -161.16
CA ARG GC 521 4.32 58.15 -160.39
C ARG GC 521 4.86 59.31 -161.19
N ARG GC 522 5.95 59.09 -161.93
CA ARG GC 522 6.51 60.13 -162.78
C ARG GC 522 5.55 60.54 -163.88
N ALA GC 523 4.84 59.57 -164.47
CA ALA GC 523 3.86 59.90 -165.50
C ALA GC 523 2.71 60.72 -164.93
N ASN GC 524 2.21 60.34 -163.75
CA ASN GC 524 1.16 61.11 -163.11
C ASN GC 524 1.64 62.53 -162.78
N GLN GC 525 2.87 62.65 -162.28
CA GLN GC 525 3.43 63.96 -161.97
C GLN GC 525 3.57 64.80 -163.23
N ARG GC 526 4.00 64.19 -164.34
CA ARG GC 526 4.21 64.91 -165.59
C ARG GC 526 2.90 65.18 -166.34
N LEU GC 527 1.81 64.51 -165.95
CA LEU GC 527 0.48 64.71 -166.58
C LEU GC 527 -0.25 65.78 -165.78
N GLY GC 528 -0.33 65.63 -164.46
CA GLY GC 528 -1.00 66.61 -163.60
C GLY GC 528 -0.29 67.95 -163.56
N ALA GC 529 1.04 67.96 -163.73
CA ALA GC 529 1.83 69.21 -163.77
C ALA GC 529 1.54 69.87 -165.12
N GLU GC 530 1.47 69.07 -166.19
CA GLU GC 530 1.17 69.60 -167.54
C GLU GC 530 -0.24 70.22 -167.51
N VAL GC 531 -1.15 69.54 -166.75
CA VAL GC 531 -2.52 70.07 -166.49
C VAL GC 531 -2.39 71.29 -165.57
N MET GC 532 -1.52 71.20 -164.57
CA MET GC 532 -1.31 72.32 -163.60
C MET GC 532 -0.76 73.54 -164.35
N SER GC 533 0.17 73.33 -165.28
CA SER GC 533 0.76 74.44 -166.06
C SER GC 533 -0.36 75.10 -166.89
N GLN GC 534 -1.23 74.29 -167.50
CA GLN GC 534 -2.39 74.81 -168.26
C GLN GC 534 -3.31 75.57 -167.30
N ARG GC 535 -3.52 75.03 -166.10
CA ARG GC 535 -4.41 75.65 -165.07
C ARG GC 535 -3.86 77.00 -164.65
N ILE GC 536 -2.54 77.14 -164.48
CA ILE GC 536 -1.91 78.40 -163.97
C ILE GC 536 -1.98 79.47 -165.07
N ARG GC 537 -2.08 79.07 -166.34
CA ARG GC 537 -2.15 80.01 -167.46
C ARG GC 537 -3.54 80.62 -167.56
N GLU GC 538 -4.58 79.81 -167.40
CA GLU GC 538 -5.94 80.33 -167.41
C GLU GC 538 -6.16 81.32 -166.26
N MET GC 539 -5.68 80.96 -165.06
CA MET GC 539 -5.84 81.84 -163.91
C MET GC 539 -5.09 83.16 -164.08
N SER GC 540 -3.87 83.12 -164.62
CA SER GC 540 -3.09 84.33 -164.82
C SER GC 540 -3.67 85.20 -165.91
N ASP GC 541 -4.22 84.59 -166.97
CA ASP GC 541 -4.94 85.36 -167.97
C ASP GC 541 -6.19 85.99 -167.39
N ASN GC 542 -6.86 85.31 -166.44
CA ASN GC 542 -8.00 85.93 -165.76
C ASN GC 542 -7.57 87.12 -164.93
N ASP GC 543 -6.46 86.99 -164.19
CA ASP GC 543 -5.97 88.04 -163.32
C ASP GC 543 -4.44 88.04 -163.33
N PRO GC 544 -3.82 88.93 -164.10
CA PRO GC 544 -2.35 88.95 -164.13
C PRO GC 544 -1.72 89.62 -162.93
N ARG GC 545 -2.33 90.69 -162.41
CA ARG GC 545 -1.76 91.42 -161.29
C ARG GC 545 -1.90 90.65 -159.98
N VAL GC 546 -2.91 89.80 -159.87
CA VAL GC 546 -3.11 89.03 -158.63
C VAL GC 546 -1.94 88.07 -158.41
N VAL GC 547 -1.46 87.45 -159.49
CA VAL GC 547 -0.32 86.53 -159.36
C VAL GC 547 0.93 87.28 -158.90
N ALA GC 548 1.18 88.46 -159.47
CA ALA GC 548 2.33 89.25 -159.06
C ALA GC 548 2.22 89.69 -157.61
N LEU GC 549 1.02 90.08 -157.19
CA LEU GC 549 0.79 90.47 -155.80
C LEU GC 549 1.03 89.29 -154.86
N VAL GC 550 0.56 88.10 -155.24
CA VAL GC 550 0.77 86.92 -154.41
C VAL GC 550 2.25 86.58 -154.34
N ILE GC 551 2.96 86.71 -155.45
CA ILE GC 551 4.40 86.45 -155.45
C ILE GC 551 5.12 87.43 -154.54
N ARG GC 552 4.75 88.71 -154.59
CA ARG GC 552 5.37 89.71 -153.73
C ARG GC 552 5.07 89.43 -152.27
N GLN GC 553 3.84 89.01 -151.98
CA GLN GC 553 3.48 88.65 -150.61
C GLN GC 553 4.28 87.45 -150.12
N TRP GC 554 4.52 86.48 -151.00
CA TRP GC 554 5.33 85.33 -150.64
C TRP GC 554 6.75 85.74 -150.30
N MET GC 555 7.33 86.64 -151.09
CA MET GC 555 8.67 87.15 -150.81
C MET GC 555 8.70 87.93 -149.50
N SER GC 556 7.67 88.75 -149.24
CA SER GC 556 7.62 89.49 -147.98
C SER GC 556 7.53 88.55 -146.78
N ASN GC 557 6.72 87.50 -146.90
CA ASN GC 557 6.61 86.53 -145.81
C ASN GC 557 7.87 85.70 -145.66
N ASP GC 558 8.65 85.56 -146.75
CA ASP GC 558 9.88 84.79 -146.68
C ASP GC 558 10.90 85.46 -145.77
N HIS GC 559 10.81 86.78 -145.59
CA HIS GC 559 11.72 87.51 -144.73
C HIS GC 559 11.48 87.18 -143.26
N GLY HC 6 10.06 80.78 -150.70
CA GLY HC 6 8.94 81.02 -151.59
C GLY HC 6 9.33 81.71 -152.88
N THR HC 7 10.39 82.53 -152.79
CA THR HC 7 10.87 83.24 -153.97
C THR HC 7 11.38 82.27 -155.04
N ASP HC 8 12.11 81.23 -154.62
CA ASP HC 8 12.60 80.23 -155.56
C ASP HC 8 11.43 79.49 -156.23
N LYS HC 9 10.41 79.16 -155.44
CA LYS HC 9 9.22 78.52 -156.01
C LYS HC 9 8.52 79.44 -157.00
N SER HC 10 8.43 80.74 -156.66
CA SER HC 10 7.82 81.69 -157.57
C SER HC 10 8.61 81.82 -158.87
N VAL HC 11 9.95 81.83 -158.76
CA VAL HC 11 10.78 81.89 -159.95
C VAL HC 11 10.61 80.65 -160.80
N ILE HC 12 10.54 79.47 -160.18
CA ILE HC 12 10.34 78.24 -160.92
C ILE HC 12 8.98 78.25 -161.62
N LEU HC 13 7.94 78.71 -160.93
CA LEU HC 13 6.61 78.79 -161.54
C LEU HC 13 6.60 79.75 -162.71
N LEU HC 14 7.27 80.90 -162.57
CA LEU HC 14 7.34 81.87 -163.65
C LEU HC 14 8.08 81.30 -164.86
N MET HC 15 9.18 80.58 -164.61
CA MET HC 15 9.91 79.95 -165.69
C MET HC 15 9.07 78.89 -166.39
N THR HC 16 8.32 78.11 -165.63
CA THR HC 16 7.47 77.07 -166.21
C THR HC 16 6.21 77.63 -166.86
N ILE HC 17 5.86 78.88 -166.57
CA ILE HC 17 4.64 79.45 -167.13
C ILE HC 17 4.83 79.80 -168.60
N GLY HC 18 5.87 80.58 -168.90
CA GLY HC 18 6.12 80.99 -170.27
C GLY HC 18 6.67 82.41 -170.36
N GLU HC 19 7.21 82.76 -171.52
CA GLU HC 19 7.83 84.08 -171.67
C GLU HC 19 6.80 85.20 -171.59
N ASP HC 20 5.65 85.03 -172.26
CA ASP HC 20 4.66 86.10 -172.31
C ASP HC 20 4.03 86.33 -170.94
N ARG HC 21 3.63 85.25 -170.26
CA ARG HC 21 3.02 85.38 -168.94
C ARG HC 21 4.00 85.98 -167.93
N ALA HC 22 5.25 85.52 -167.97
CA ALA HC 22 6.25 86.06 -167.07
C ALA HC 22 6.52 87.54 -167.36
N ALA HC 23 6.56 87.92 -168.63
CA ALA HC 23 6.76 89.32 -168.98
C ALA HC 23 5.61 90.18 -168.49
N GLU HC 24 4.37 89.69 -168.65
CA GLU HC 24 3.22 90.44 -168.15
C GLU HC 24 3.27 90.57 -166.62
N VAL HC 25 3.63 89.49 -165.93
CA VAL HC 25 3.73 89.55 -164.48
C VAL HC 25 4.80 90.54 -164.04
N PHE HC 26 5.95 90.54 -164.72
CA PHE HC 26 7.01 91.49 -164.40
C PHE HC 26 6.56 92.91 -164.65
N LYS HC 27 5.84 93.14 -165.75
CA LYS HC 27 5.27 94.46 -166.00
C LYS HC 27 4.27 94.85 -164.93
N HIS HC 28 3.61 93.88 -164.30
CA HIS HC 28 2.72 94.12 -163.17
C HIS HC 28 3.41 93.90 -161.84
N LEU HC 29 4.75 94.00 -161.80
CA LEU HC 29 5.51 93.76 -160.59
C LEU HC 29 6.45 94.93 -160.34
N SER HC 30 6.86 95.08 -159.07
CA SER HC 30 7.75 96.15 -158.66
C SER HC 30 9.17 95.91 -159.19
N THR HC 31 9.97 96.97 -159.16
CA THR HC 31 11.33 96.92 -159.71
C THR HC 31 12.21 95.92 -158.95
N ARG HC 32 12.20 96.00 -157.63
CA ARG HC 32 13.01 95.09 -156.82
C ARG HC 32 12.56 93.65 -157.00
N GLU HC 33 11.24 93.43 -156.98
CA GLU HC 33 10.70 92.09 -157.17
C GLU HC 33 11.04 91.55 -158.56
N VAL HC 34 10.92 92.40 -159.59
CA VAL HC 34 11.22 91.97 -160.96
C VAL HC 34 12.69 91.60 -161.07
N GLN HC 35 13.56 92.42 -160.49
CA GLN HC 35 15.00 92.15 -160.56
C GLN HC 35 15.34 90.85 -159.84
N ALA HC 36 14.75 90.65 -158.65
CA ALA HC 36 15.01 89.42 -157.90
C ALA HC 36 14.52 88.19 -158.65
N LEU HC 37 13.33 88.29 -159.25
CA LEU HC 37 12.80 87.16 -160.02
C LEU HC 37 13.64 86.86 -161.24
N SER HC 38 14.10 87.89 -161.95
CA SER HC 38 14.94 87.68 -163.12
C SER HC 38 16.28 87.05 -162.73
N THR HC 39 16.86 87.51 -161.61
CA THR HC 39 18.15 86.99 -161.19
C THR HC 39 18.04 85.54 -160.72
N ALA HC 40 17.08 85.26 -159.85
CA ALA HC 40 16.98 83.94 -159.24
C ALA HC 40 16.64 82.85 -160.25
N MET HC 41 15.73 83.15 -161.18
CA MET HC 41 15.29 82.15 -162.15
C MET HC 41 16.45 81.65 -163.00
N ALA HC 42 17.25 82.59 -163.53
CA ALA HC 42 18.38 82.19 -164.36
C ALA HC 42 19.57 81.74 -163.52
N ASN HC 43 19.63 82.21 -162.27
CA ASN HC 43 20.78 81.86 -161.38
C ASN HC 43 20.84 80.41 -160.92
N VAL HC 44 19.91 79.99 -160.06
CA VAL HC 44 19.86 78.57 -159.63
C VAL HC 44 18.35 78.26 -159.64
N ARG HC 45 17.96 77.21 -160.37
CA ARG HC 45 16.53 76.83 -160.41
C ARG HC 45 16.39 75.43 -159.78
N GLN HC 46 15.45 75.29 -158.84
CA GLN HC 46 15.26 73.99 -158.15
C GLN HC 46 13.84 73.48 -158.45
N ILE HC 47 13.72 72.21 -158.85
CA ILE HC 47 12.38 71.60 -159.11
C ILE HC 47 12.18 70.43 -158.14
N SER HC 48 11.05 70.41 -157.41
CA SER HC 48 10.80 69.33 -156.42
C SER HC 48 9.56 68.52 -156.84
N ASN HC 49 9.69 67.19 -156.87
CA ASN HC 49 8.55 66.33 -157.30
C ASN HC 49 7.38 66.53 -156.35
N LYS HC 50 7.65 66.73 -155.06
CA LYS HC 50 6.56 66.86 -154.06
C LYS HC 50 6.54 68.25 -153.42
N GLN HC 51 7.68 68.74 -152.93
CA GLN HC 51 7.65 70.00 -152.20
C GLN HC 51 7.11 71.13 -153.06
N LEU HC 52 7.53 71.21 -154.33
CA LEU HC 52 7.04 72.26 -155.21
C LEU HC 52 5.54 72.14 -155.44
N THR HC 53 5.05 70.91 -155.64
CA THR HC 53 3.62 70.71 -155.83
C THR HC 53 2.83 71.07 -154.57
N ASP HC 54 3.34 70.69 -153.39
CA ASP HC 54 2.67 71.03 -152.15
C ASP HC 54 2.61 72.55 -151.95
N VAL HC 55 3.73 73.23 -152.25
CA VAL HC 55 3.77 74.69 -152.12
C VAL HC 55 2.81 75.34 -153.09
N LEU HC 56 2.76 74.85 -154.34
CA LEU HC 56 1.85 75.41 -155.33
C LEU HC 56 0.39 75.23 -154.90
N SER HC 57 0.06 74.04 -154.39
CA SER HC 57 -1.30 73.79 -153.91
C SER HC 57 -1.65 74.71 -152.75
N GLU HC 58 -0.72 74.88 -151.80
CA GLU HC 58 -0.96 75.76 -150.67
C GLU HC 58 -1.16 77.21 -151.12
N PHE HC 59 -0.35 77.66 -152.08
CA PHE HC 59 -0.50 79.03 -152.59
C PHE HC 59 -1.84 79.20 -153.31
N GLU HC 60 -2.24 78.21 -154.10
CA GLU HC 60 -3.50 78.31 -154.84
C GLU HC 60 -4.69 78.28 -153.90
N GLN HC 61 -4.52 77.66 -152.73
CA GLN HC 61 -5.67 77.53 -151.80
C GLN HC 61 -5.55 78.54 -150.65
N GLU HC 62 -4.45 79.28 -150.55
CA GLU HC 62 -4.27 80.16 -149.36
C GLU HC 62 -5.34 81.26 -149.26
N ALA HC 63 -5.69 81.95 -150.36
CA ALA HC 63 -6.81 82.93 -150.29
C ALA HC 63 -7.44 83.18 -151.65
N GLU HC 64 -8.71 83.61 -151.69
CA GLU HC 64 -9.34 84.04 -152.97
C GLU HC 64 -9.29 85.57 -153.05
N GLN HC 65 -8.76 86.24 -152.02
CA GLN HC 65 -8.76 87.73 -151.96
C GLN HC 65 -7.94 88.35 -153.10
N PHE HC 66 -6.80 87.76 -153.45
CA PHE HC 66 -5.90 88.37 -154.46
C PHE HC 66 -6.61 88.47 -155.81
N ALA HC 67 -7.40 87.46 -156.18
CA ALA HC 67 -7.98 87.44 -157.54
C ALA HC 67 -8.90 88.65 -157.78
N ALA HC 68 -9.71 89.06 -156.80
CA ALA HC 68 -10.70 90.14 -157.06
C ALA HC 68 -10.13 91.54 -156.82
N LEU HC 69 -9.76 91.88 -155.59
CA LEU HC 69 -9.32 93.23 -155.26
C LEU HC 69 -8.19 93.67 -156.18
N ASN HC 70 -7.22 92.78 -156.42
CA ASN HC 70 -6.09 93.13 -157.26
C ASN HC 70 -6.45 93.18 -158.74
N ILE HC 71 -7.56 92.56 -159.14
CA ILE HC 71 -8.00 92.57 -160.53
C ILE HC 71 -8.31 94.00 -160.96
N ASN HC 72 -9.06 94.72 -160.13
CA ASN HC 72 -9.43 96.10 -160.41
C ASN HC 72 -9.42 96.88 -159.11
N ALA HC 73 -8.31 97.61 -158.87
CA ALA HC 73 -8.20 98.45 -157.68
C ALA HC 73 -8.05 99.91 -158.06
N ASN HC 74 -7.06 100.23 -158.90
CA ASN HC 74 -6.83 101.62 -159.27
C ASN HC 74 -7.88 102.12 -160.25
N GLU HC 75 -8.28 101.28 -161.21
CA GLU HC 75 -9.28 101.70 -162.19
C GLU HC 75 -10.61 102.01 -161.51
N TYR HC 76 -11.02 101.16 -160.56
CA TYR HC 76 -12.26 101.41 -159.85
C TYR HC 76 -12.21 102.70 -159.05
N LEU HC 77 -11.08 102.95 -158.38
CA LEU HC 77 -10.93 104.18 -157.61
C LEU HC 77 -10.98 105.41 -158.52
N ARG HC 78 -10.31 105.33 -159.68
CA ARG HC 78 -10.34 106.44 -160.63
C ARG HC 78 -11.74 106.69 -161.16
N SER HC 79 -12.48 105.63 -161.49
CA SER HC 79 -13.84 105.77 -161.98
C SER HC 79 -14.74 106.39 -160.90
N VAL HC 80 -14.58 105.93 -159.65
CA VAL HC 80 -15.37 106.48 -158.56
C VAL HC 80 -15.06 107.95 -158.35
N LEU HC 81 -13.78 108.33 -158.41
CA LEU HC 81 -13.41 109.73 -158.25
C LEU HC 81 -13.97 110.57 -159.39
N VAL HC 82 -13.94 110.06 -160.61
CA VAL HC 82 -14.47 110.81 -161.75
C VAL HC 82 -15.98 111.01 -161.61
N LYS HC 83 -16.70 109.95 -161.23
CA LYS HC 83 -18.15 110.01 -161.17
C LYS HC 83 -18.64 110.75 -159.93
N ALA HC 84 -17.79 110.85 -158.90
CA ALA HC 84 -18.23 111.40 -157.62
C ALA HC 84 -18.42 112.90 -157.67
N LEU HC 85 -17.35 113.64 -157.95
CA LEU HC 85 -17.39 115.10 -157.94
C LEU HC 85 -17.24 115.67 -159.34
N GLY HC 86 -16.19 115.30 -160.06
CA GLY HC 86 -15.97 115.83 -161.40
C GLY HC 86 -14.57 115.52 -161.87
N GLU HC 87 -14.30 115.84 -163.14
CA GLU HC 87 -12.98 115.58 -163.70
C GLU HC 87 -11.90 116.38 -162.99
N GLU HC 88 -12.18 117.65 -162.68
CA GLU HC 88 -11.20 118.49 -162.00
C GLU HC 88 -10.87 117.97 -160.61
N ARG HC 89 -11.89 117.56 -159.85
CA ARG HC 89 -11.65 117.02 -158.52
C ARG HC 89 -11.05 115.62 -158.58
N ALA HC 90 -11.41 114.84 -159.60
CA ALA HC 90 -10.84 113.50 -159.75
C ALA HC 90 -9.34 113.57 -159.99
N SER HC 91 -8.89 114.55 -160.77
CA SER HC 91 -7.46 114.71 -161.00
C SER HC 91 -6.73 115.03 -159.69
N SER HC 92 -7.29 115.91 -158.87
CA SER HC 92 -6.66 116.23 -157.59
C SER HC 92 -6.64 115.02 -156.67
N LEU HC 93 -7.74 114.26 -156.62
CA LEU HC 93 -7.78 113.07 -155.78
C LEU HC 93 -6.77 112.03 -156.24
N LEU HC 94 -6.66 111.81 -157.54
CA LEU HC 94 -5.68 110.87 -158.06
C LEU HC 94 -4.26 111.34 -157.78
N GLU HC 95 -4.00 112.64 -157.90
CA GLU HC 95 -2.68 113.17 -157.58
C GLU HC 95 -2.34 112.97 -156.12
N ASP HC 96 -3.30 113.20 -155.23
CA ASP HC 96 -3.07 112.97 -153.81
C ASP HC 96 -2.82 111.50 -153.52
N ILE HC 97 -3.57 110.61 -154.16
CA ILE HC 97 -3.39 109.17 -153.95
C ILE HC 97 -2.01 108.75 -154.42
N LEU HC 98 -1.57 109.25 -155.58
CA LEU HC 98 -0.25 108.92 -156.08
C LEU HC 98 0.84 109.48 -155.16
N GLU HC 99 0.66 110.71 -154.67
CA GLU HC 99 1.65 111.32 -153.80
C GLU HC 99 1.69 110.64 -152.43
N THR HC 100 0.64 109.90 -152.07
CA THR HC 100 0.67 109.14 -150.82
C THR HC 100 1.82 108.15 -150.82
N ARG HC 101 2.17 107.59 -151.99
CA ARG HC 101 3.33 106.72 -152.12
C ARG HC 101 4.49 107.56 -152.62
N ASP HC 102 5.43 107.84 -151.72
CA ASP HC 102 6.57 108.70 -152.01
C ASP HC 102 7.76 107.84 -152.46
N THR HC 103 8.90 108.48 -152.70
CA THR HC 103 10.10 107.83 -153.17
C THR HC 103 11.21 108.06 -152.15
N THR HC 104 12.05 107.03 -151.95
CA THR HC 104 13.11 107.13 -150.95
C THR HC 104 14.27 107.98 -151.45
N SER HC 105 14.89 107.58 -152.55
CA SER HC 105 16.02 108.32 -153.10
C SER HC 105 15.56 109.68 -153.60
N GLY HC 106 16.34 110.72 -153.24
CA GLY HC 106 15.95 112.08 -153.57
C GLY HC 106 15.87 112.39 -155.04
N ILE HC 107 16.58 111.63 -155.88
CA ILE HC 107 16.56 111.89 -157.31
C ILE HC 107 15.14 111.73 -157.85
N GLU HC 108 14.46 110.65 -157.46
CA GLU HC 108 13.07 110.49 -157.88
C GLU HC 108 12.16 111.51 -157.19
N THR HC 109 12.48 111.93 -155.98
CA THR HC 109 11.68 112.96 -155.32
C THR HC 109 11.78 114.28 -156.07
N LEU HC 110 12.88 114.49 -156.81
CA LEU HC 110 12.98 115.68 -157.64
C LEU HC 110 11.93 115.90 -158.72
N ASN HC 111 11.34 114.81 -159.26
CA ASN HC 111 10.25 114.93 -160.27
C ASN HC 111 8.86 115.22 -159.69
N PHE HC 112 8.74 115.31 -158.36
CA PHE HC 112 7.44 115.68 -157.72
C PHE HC 112 7.49 117.15 -157.38
N MET HC 113 8.65 117.79 -157.60
CA MET HC 113 8.84 119.20 -157.32
C MET HC 113 8.34 119.92 -158.56
N GLU HC 114 8.05 121.21 -158.38
CA GLU HC 114 7.67 122.05 -159.51
C GLU HC 114 8.85 122.21 -160.47
N PRO HC 115 8.59 122.27 -161.77
CA PRO HC 115 9.70 122.43 -162.73
C PRO HC 115 10.66 123.58 -162.48
N GLN HC 116 10.14 124.75 -162.09
CA GLN HC 116 11.02 125.90 -161.86
C GLN HC 116 11.87 125.73 -160.60
N SER HC 117 11.32 125.10 -159.57
CA SER HC 117 12.06 124.88 -158.34
C SER HC 117 13.23 123.95 -158.67
N ALA HC 118 12.96 122.87 -159.41
CA ALA HC 118 14.04 121.96 -159.80
C ALA HC 118 15.04 122.65 -160.72
N ALA HC 119 14.54 123.45 -161.66
CA ALA HC 119 15.44 124.15 -162.56
C ALA HC 119 16.36 125.11 -161.81
N ASP HC 120 15.81 125.83 -160.83
CA ASP HC 120 16.64 126.68 -160.00
C ASP HC 120 17.60 125.88 -159.15
N LEU HC 121 17.18 124.72 -158.66
CA LEU HC 121 18.03 123.92 -157.79
C LEU HC 121 19.23 123.36 -158.52
N ILE HC 122 19.04 122.87 -159.75
CA ILE HC 122 20.10 122.17 -160.46
C ILE HC 122 20.72 122.99 -161.57
N ARG HC 123 20.39 124.29 -161.68
CA ARG HC 123 21.00 125.10 -162.72
C ARG HC 123 22.49 125.26 -162.51
N ASP HC 124 22.92 125.45 -161.27
CA ASP HC 124 24.32 125.74 -160.98
C ASP HC 124 25.18 124.49 -160.99
N GLU HC 125 24.58 123.31 -161.03
CA GLU HC 125 25.35 122.07 -160.97
C GLU HC 125 26.15 121.87 -162.27
N HIS HC 126 27.11 120.96 -162.20
CA HIS HC 126 27.91 120.63 -163.36
C HIS HC 126 27.03 120.02 -164.44
N PRO HC 127 27.28 120.34 -165.72
CA PRO HC 127 26.39 119.85 -166.77
C PRO HC 127 26.23 118.34 -166.80
N GLN HC 128 27.30 117.59 -166.52
CA GLN HC 128 27.16 116.14 -166.47
C GLN HC 128 26.27 115.68 -165.33
N ILE HC 129 26.33 116.35 -164.18
CA ILE HC 129 25.45 116.00 -163.07
C ILE HC 129 24.00 116.31 -163.41
N ILE HC 130 23.78 117.42 -164.11
CA ILE HC 130 22.43 117.75 -164.58
C ILE HC 130 21.95 116.63 -165.49
N ALA HC 131 22.80 116.21 -166.42
CA ALA HC 131 22.42 115.16 -167.35
C ALA HC 131 22.09 113.87 -166.62
N THR HC 132 22.91 113.51 -165.62
CA THR HC 132 22.64 112.30 -164.85
C THR HC 132 21.31 112.39 -164.13
N ILE HC 133 21.03 113.56 -163.55
CA ILE HC 133 19.72 113.75 -162.87
C ILE HC 133 18.59 113.55 -163.90
N LEU HC 134 18.74 114.10 -165.12
CA LEU HC 134 17.64 114.06 -166.12
C LEU HC 134 17.27 112.63 -166.54
N VAL HC 135 18.23 111.73 -166.74
CA VAL HC 135 17.89 110.37 -167.26
C VAL HC 135 17.27 109.61 -166.08
N HIS HC 136 17.61 109.99 -164.84
CA HIS HC 136 16.97 109.34 -163.66
C HIS HC 136 15.62 110.01 -163.41
N LEU HC 137 15.46 111.27 -163.83
CA LEU HC 137 14.19 112.00 -163.62
C LEU HC 137 13.16 111.54 -164.68
N LYS HC 138 11.87 111.76 -164.40
CA LYS HC 138 10.80 111.41 -165.37
C LYS HC 138 11.02 112.25 -166.63
N ARG HC 139 10.77 111.66 -167.81
CA ARG HC 139 11.03 112.38 -169.08
C ARG HC 139 10.23 113.68 -169.16
N SER HC 140 8.94 113.63 -168.83
CA SER HC 140 8.09 114.85 -168.97
C SER HC 140 8.72 115.99 -168.15
N GLN HC 141 9.11 115.71 -166.91
CA GLN HC 141 9.66 116.76 -166.01
C GLN HC 141 10.95 117.29 -166.63
N ALA HC 142 11.83 116.38 -167.05
CA ALA HC 142 13.11 116.79 -167.62
C ALA HC 142 12.93 117.71 -168.81
N ALA HC 143 11.92 117.45 -169.64
CA ALA HC 143 11.66 118.32 -170.77
C ALA HC 143 11.27 119.73 -170.32
N ASP HC 144 10.42 119.81 -169.30
CA ASP HC 144 10.05 121.12 -168.76
C ASP HC 144 11.26 121.83 -168.17
N ILE HC 145 12.10 121.10 -167.44
CA ILE HC 145 13.30 121.71 -166.87
C ILE HC 145 14.23 122.30 -167.92
N LEU HC 146 14.47 121.55 -169.00
CA LEU HC 146 15.31 122.06 -170.07
C LEU HC 146 14.67 123.24 -170.79
N ALA HC 147 13.33 123.25 -170.86
CA ALA HC 147 12.64 124.38 -171.43
C ALA HC 147 12.92 125.64 -170.63
N LEU HC 148 12.96 125.49 -169.30
CA LEU HC 148 13.24 126.66 -168.41
C LEU HC 148 14.74 126.98 -168.44
N PHE HC 149 15.57 126.07 -168.94
CA PHE HC 149 17.04 126.29 -168.90
C PHE HC 149 17.49 127.21 -170.02
N ASP HC 150 18.54 128.00 -169.79
CA ASP HC 150 19.09 128.83 -170.84
C ASP HC 150 19.44 127.98 -172.06
N GLU HC 151 19.42 128.60 -173.24
CA GLU HC 151 19.61 127.86 -174.48
C GLU HC 151 21.00 127.24 -174.55
N ARG HC 152 22.03 127.93 -174.07
CA ARG HC 152 23.37 127.35 -174.06
C ARG HC 152 23.42 126.12 -173.16
N LEU HC 153 22.95 126.26 -171.92
CA LEU HC 153 22.90 125.12 -171.01
C LEU HC 153 21.98 124.04 -171.55
N ARG HC 154 20.87 124.42 -172.19
CA ARG HC 154 19.97 123.43 -172.76
C ARG HC 154 20.67 122.58 -173.81
N HIS HC 155 21.36 123.23 -174.76
CA HIS HC 155 22.07 122.50 -175.79
C HIS HC 155 23.18 121.63 -175.20
N ASP HC 156 23.94 122.18 -174.24
CA ASP HC 156 25.03 121.42 -173.65
C ASP HC 156 24.50 120.17 -172.96
N VAL HC 157 23.44 120.33 -172.16
CA VAL HC 157 22.90 119.20 -171.42
C VAL HC 157 22.29 118.18 -172.37
N MET HC 158 21.63 118.64 -173.44
CA MET HC 158 21.07 117.70 -174.41
C MET HC 158 22.18 116.90 -175.08
N LEU HC 159 23.29 117.57 -175.43
CA LEU HC 159 24.42 116.86 -176.02
C LEU HC 159 24.98 115.82 -175.06
N ARG HC 160 25.10 116.19 -173.78
CA ARG HC 160 25.57 115.23 -172.79
C ARG HC 160 24.60 114.05 -172.67
N ILE HC 161 23.30 114.32 -172.78
CA ILE HC 161 22.30 113.26 -172.72
C ILE HC 161 22.50 112.31 -173.89
N ALA HC 162 22.76 112.85 -175.08
CA ALA HC 162 22.90 112.01 -176.27
C ALA HC 162 24.07 111.03 -176.12
N THR HC 163 25.20 111.49 -175.59
CA THR HC 163 26.41 110.69 -175.51
C THR HC 163 26.74 110.25 -174.09
N PHE HC 164 25.73 109.94 -173.29
CA PHE HC 164 25.97 109.51 -171.91
C PHE HC 164 26.75 108.20 -171.89
N GLY HC 165 27.60 108.05 -170.88
CA GLY HC 165 28.48 106.90 -170.82
C GLY HC 165 28.48 106.15 -169.50
N GLY HC 166 27.47 106.38 -168.66
CA GLY HC 166 27.36 105.65 -167.42
C GLY HC 166 28.14 106.17 -166.23
N VAL HC 167 27.50 106.20 -165.07
CA VAL HC 167 28.13 106.71 -163.85
C VAL HC 167 28.80 105.68 -162.97
N GLN HC 168 29.81 106.11 -162.21
CA GLN HC 168 30.45 105.23 -161.26
C GLN HC 168 29.42 105.08 -160.15
N PRO HC 169 29.31 103.88 -159.56
CA PRO HC 169 28.33 103.70 -158.46
C PRO HC 169 28.62 104.60 -157.27
N ALA HC 170 29.88 104.87 -156.96
CA ALA HC 170 30.20 105.75 -155.84
C ALA HC 170 29.71 107.17 -156.10
N ALA HC 171 29.92 107.69 -157.31
CA ALA HC 171 29.46 109.02 -157.63
C ALA HC 171 27.94 109.11 -157.61
N LEU HC 172 27.27 108.08 -158.13
CA LEU HC 172 25.81 108.07 -158.10
C LEU HC 172 25.29 108.05 -156.67
N ALA HC 173 25.91 107.23 -155.81
CA ALA HC 173 25.50 107.19 -154.41
C ALA HC 173 25.75 108.54 -153.73
N GLU HC 174 26.86 109.20 -154.08
CA GLU HC 174 27.16 110.50 -153.50
C GLU HC 174 26.12 111.53 -153.91
N LEU HC 175 25.76 111.56 -155.18
CA LEU HC 175 24.70 112.47 -155.63
C LEU HC 175 23.38 112.14 -154.95
N THR HC 176 23.08 110.85 -154.83
CA THR HC 176 21.82 110.43 -154.20
C THR HC 176 21.77 110.99 -152.79
N GLU HC 177 22.80 110.71 -151.99
CA GLU HC 177 22.80 111.15 -150.57
C GLU HC 177 22.76 112.68 -150.50
N VAL HC 178 23.50 113.37 -151.37
CA VAL HC 178 23.49 114.86 -151.39
C VAL HC 178 22.06 115.31 -151.69
N LEU HC 179 21.48 114.81 -152.78
CA LEU HC 179 20.15 115.26 -153.16
C LEU HC 179 19.12 114.93 -152.09
N ASN HC 180 19.30 113.81 -151.40
CA ASN HC 180 18.39 113.46 -150.30
C ASN HC 180 18.45 114.48 -149.19
N GLY HC 181 19.66 114.88 -148.78
CA GLY HC 181 19.80 115.86 -147.72
C GLY HC 181 19.19 117.21 -148.04
N LEU HC 182 18.93 117.48 -149.32
CA LEU HC 182 18.36 118.76 -149.72
C LEU HC 182 16.84 118.68 -149.79
N LEU HC 183 16.32 117.58 -150.34
CA LEU HC 183 14.86 117.51 -150.57
C LEU HC 183 14.12 116.86 -149.39
N ASP HC 184 14.74 115.91 -148.68
CA ASP HC 184 13.96 115.22 -147.62
C ASP HC 184 13.56 116.25 -146.56
N GLY HC 185 14.46 117.16 -146.19
CA GLY HC 185 14.11 118.24 -145.25
C GLY HC 185 13.04 119.16 -145.81
N GLN HC 186 13.17 119.51 -147.10
CA GLN HC 186 12.23 120.48 -147.73
C GLN HC 186 10.81 119.90 -147.83
N ASN HC 187 9.78 120.73 -147.63
CA ASN HC 187 8.39 120.24 -147.86
C ASN HC 187 8.27 119.97 -149.36
N LEU HC 188 7.59 118.89 -149.76
CA LEU HC 188 7.56 118.54 -151.20
C LEU HC 188 6.10 118.37 -151.69
N LYS HC 189 5.14 119.12 -151.13
CA LYS HC 189 3.79 118.98 -151.67
C LYS HC 189 3.08 120.32 -151.63
N ARG HC 190 3.47 121.20 -152.57
CA ARG HC 190 2.81 122.49 -152.72
C ARG HC 190 1.37 122.28 -153.16
N SER HC 191 0.42 122.58 -152.27
CA SER HC 191 -0.99 122.39 -152.58
C SER HC 191 -1.48 123.54 -153.46
N LYS HC 192 -2.02 123.21 -154.63
CA LYS HC 192 -2.51 124.20 -155.58
C LYS HC 192 -4.03 124.19 -155.52
N MET HC 193 -4.60 125.23 -154.93
CA MET HC 193 -6.05 125.38 -154.80
C MET HC 193 -6.46 126.68 -155.49
N GLY HC 194 -7.25 126.57 -156.55
CA GLY HC 194 -7.74 127.78 -157.25
C GLY HC 194 -6.91 128.10 -158.47
N GLY HC 195 -7.38 127.73 -159.66
CA GLY HC 195 -6.68 128.07 -160.88
C GLY HC 195 -7.49 129.06 -161.71
N VAL HC 196 -8.03 128.59 -162.82
CA VAL HC 196 -8.91 129.38 -163.68
C VAL HC 196 -10.39 128.97 -163.61
N ARG HC 197 -10.62 127.69 -163.28
CA ARG HC 197 -11.98 127.21 -163.09
C ARG HC 197 -12.52 127.99 -161.90
N THR HC 198 -11.73 128.08 -160.82
CA THR HC 198 -12.18 128.81 -159.65
C THR HC 198 -12.35 130.29 -159.95
N ALA HC 199 -11.43 130.87 -160.73
CA ALA HC 199 -11.56 132.27 -161.11
C ALA HC 199 -12.82 132.51 -161.93
N ALA HC 200 -13.11 131.61 -162.88
CA ALA HC 200 -14.33 131.75 -163.67
C ALA HC 200 -15.57 131.63 -162.80
N GLU HC 201 -15.57 130.68 -161.87
CA GLU HC 201 -16.71 130.54 -160.97
C GLU HC 201 -16.90 131.78 -160.11
N ILE HC 202 -15.81 132.35 -159.62
CA ILE HC 202 -15.89 133.59 -158.84
C ILE HC 202 -16.46 134.72 -159.69
N ILE HC 203 -15.96 134.84 -160.92
CA ILE HC 203 -16.41 135.92 -161.80
C ILE HC 203 -17.90 135.79 -162.10
N ASN HC 204 -18.36 134.57 -162.36
CA ASN HC 204 -19.73 134.35 -162.81
C ASN HC 204 -20.76 134.77 -161.78
N LEU HC 205 -20.40 134.93 -160.51
CA LEU HC 205 -21.36 135.24 -159.45
C LEU HC 205 -21.39 136.69 -159.02
N MET HC 206 -20.66 137.58 -159.70
CA MET HC 206 -20.65 138.99 -159.32
C MET HC 206 -21.38 139.83 -160.36
N LYS HC 207 -21.44 141.13 -160.10
CA LYS HC 207 -22.18 142.04 -160.96
C LYS HC 207 -21.61 142.11 -162.37
N THR HC 208 -22.48 142.44 -163.32
CA THR HC 208 -22.08 142.46 -164.73
C THR HC 208 -21.02 143.51 -165.00
N GLN HC 209 -21.15 144.70 -164.40
CA GLN HC 209 -20.16 145.75 -164.62
C GLN HC 209 -18.80 145.33 -164.08
N GLN HC 210 -18.76 144.78 -162.88
CA GLN HC 210 -17.50 144.26 -162.36
C GLN HC 210 -17.00 143.08 -163.20
N GLU HC 211 -17.91 142.27 -163.73
CA GLU HC 211 -17.51 141.16 -164.58
C GLU HC 211 -16.77 141.67 -165.81
N GLU HC 212 -17.35 142.64 -166.52
CA GLU HC 212 -16.69 143.16 -167.71
C GLU HC 212 -15.40 143.88 -167.35
N ALA HC 213 -15.38 144.60 -166.22
CA ALA HC 213 -14.15 145.27 -165.81
C ALA HC 213 -13.03 144.27 -165.57
N VAL HC 214 -13.31 143.19 -164.85
CA VAL HC 214 -12.24 142.23 -164.55
C VAL HC 214 -11.83 141.48 -165.81
N ILE HC 215 -12.76 141.13 -166.70
CA ILE HC 215 -12.34 140.37 -167.88
C ILE HC 215 -11.52 141.26 -168.81
N THR HC 216 -11.88 142.54 -168.93
CA THR HC 216 -11.07 143.41 -169.76
C THR HC 216 -9.72 143.69 -169.13
N ALA HC 217 -9.65 143.75 -167.80
CA ALA HC 217 -8.34 143.88 -167.14
C ALA HC 217 -7.47 142.68 -167.42
N VAL HC 218 -8.04 141.47 -167.31
CA VAL HC 218 -7.28 140.26 -167.60
C VAL HC 218 -6.82 140.25 -169.06
N ARG HC 219 -7.71 140.65 -169.97
CA ARG HC 219 -7.36 140.68 -171.38
C ARG HC 219 -6.22 141.66 -171.63
N GLU HC 220 -6.24 142.81 -170.94
CA GLU HC 220 -5.12 143.74 -171.01
C GLU HC 220 -3.84 143.09 -170.51
N PHE HC 221 -3.92 142.34 -169.40
CA PHE HC 221 -2.74 141.64 -168.91
C PHE HC 221 -2.27 140.54 -169.85
N ASP HC 222 -3.20 139.73 -170.36
CA ASP HC 222 -2.88 138.63 -171.25
C ASP HC 222 -4.18 138.18 -171.89
N GLY HC 223 -4.24 138.22 -173.22
CA GLY HC 223 -5.46 137.84 -173.92
C GLY HC 223 -5.80 136.35 -173.83
N GLU HC 224 -4.76 135.50 -173.84
CA GLU HC 224 -5.00 134.07 -173.77
C GLU HC 224 -5.66 133.68 -172.46
N LEU HC 225 -5.20 134.25 -171.35
CA LEU HC 225 -5.83 133.97 -170.05
C LEU HC 225 -7.28 134.42 -170.03
N ALA HC 226 -7.57 135.59 -170.60
CA ALA HC 226 -8.94 136.07 -170.67
C ALA HC 226 -9.84 135.14 -171.48
N GLN HC 227 -9.34 134.66 -172.63
CA GLN HC 227 -10.13 133.74 -173.43
C GLN HC 227 -10.36 132.41 -172.71
N LYS HC 228 -9.34 131.91 -172.02
CA LYS HC 228 -9.50 130.67 -171.27
C LYS HC 228 -10.51 130.86 -170.15
N ILE HC 229 -10.48 132.02 -169.49
CA ILE HC 229 -11.45 132.32 -168.46
C ILE HC 229 -12.86 132.37 -169.03
N ILE HC 230 -13.01 133.00 -170.20
CA ILE HC 230 -14.31 133.08 -170.85
C ILE HC 230 -14.84 131.72 -171.25
N ASP HC 231 -13.97 130.84 -171.73
CA ASP HC 231 -14.39 129.49 -172.12
C ASP HC 231 -14.79 128.68 -170.89
N GLU HC 232 -14.04 128.82 -169.80
CA GLU HC 232 -14.36 128.11 -168.58
C GLU HC 232 -15.61 128.75 -167.98
N MET HC 233 -15.91 130.00 -168.36
CA MET HC 233 -17.08 130.68 -167.80
C MET HC 233 -18.36 129.93 -168.13
N PHE HC 234 -18.55 129.57 -169.40
CA PHE HC 234 -19.73 128.86 -169.86
C PHE HC 234 -19.31 127.57 -170.56
N LEU HC 235 -19.40 126.45 -169.85
CA LEU HC 235 -19.04 125.15 -170.42
C LEU HC 235 -20.18 124.63 -171.30
N PHE HC 236 -19.90 123.54 -172.01
CA PHE HC 236 -20.90 122.93 -172.87
C PHE HC 236 -21.82 122.02 -172.06
N GLU HC 237 -22.35 122.54 -170.95
CA GLU HC 237 -23.32 121.82 -170.15
C GLU HC 237 -24.48 122.68 -169.68
N ASN HC 238 -24.39 124.01 -169.76
CA ASN HC 238 -25.46 124.91 -169.36
C ASN HC 238 -26.39 125.25 -170.51
N LEU HC 239 -26.16 124.68 -171.70
CA LEU HC 239 -27.03 124.95 -172.83
C LEU HC 239 -28.46 124.49 -172.58
N VAL HC 240 -28.66 123.54 -171.67
CA VAL HC 240 -30.01 123.12 -171.29
C VAL HC 240 -30.78 124.25 -170.63
N ASP HC 241 -30.09 125.20 -169.99
CA ASP HC 241 -30.73 126.33 -169.33
C ASP HC 241 -30.96 127.50 -170.27
N VAL HC 242 -30.57 127.40 -171.53
CA VAL HC 242 -30.79 128.47 -172.49
C VAL HC 242 -32.25 128.48 -172.91
N ASP HC 243 -32.78 129.68 -173.15
CA ASP HC 243 -34.17 129.83 -173.56
C ASP HC 243 -34.40 129.25 -174.94
N ASP HC 244 -35.64 128.84 -175.19
CA ASP HC 244 -36.00 128.29 -176.49
C ASP HC 244 -35.84 129.32 -177.61
N ARG HC 245 -36.23 130.57 -177.32
CA ARG HC 245 -36.06 131.63 -178.32
C ARG HC 245 -34.59 131.87 -178.63
N SER HC 246 -33.74 131.85 -177.61
CA SER HC 246 -32.30 132.00 -177.84
C SER HC 246 -31.76 130.84 -178.66
N ILE HC 247 -32.21 129.63 -178.38
CA ILE HC 247 -31.78 128.47 -179.15
C ILE HC 247 -32.20 128.60 -180.60
N GLN HC 248 -33.44 129.02 -180.86
CA GLN HC 248 -33.90 129.20 -182.23
C GLN HC 248 -33.11 130.29 -182.94
N ARG HC 249 -32.81 131.39 -182.25
CA ARG HC 249 -32.03 132.45 -182.85
C ARG HC 249 -30.62 131.99 -183.19
N LEU HC 250 -30.00 131.21 -182.30
CA LEU HC 250 -28.65 130.72 -182.54
C LEU HC 250 -28.63 129.64 -183.61
N LEU HC 251 -29.74 128.94 -183.81
CA LEU HC 251 -29.78 127.89 -184.83
C LEU HC 251 -29.58 128.46 -186.22
N GLN HC 252 -29.93 129.73 -186.44
CA GLN HC 252 -29.76 130.35 -187.75
C GLN HC 252 -28.30 130.54 -188.13
N GLU HC 253 -27.37 130.50 -187.18
CA GLU HC 253 -25.96 130.69 -187.46
C GLU HC 253 -25.12 129.45 -187.17
N VAL HC 254 -25.74 128.31 -186.88
CA VAL HC 254 -25.02 127.09 -186.57
C VAL HC 254 -25.07 126.17 -187.78
N ASP HC 255 -23.91 125.71 -188.23
CA ASP HC 255 -23.85 124.76 -189.34
C ASP HC 255 -24.43 123.42 -188.91
N SER HC 256 -25.16 122.78 -189.83
CA SER HC 256 -25.80 121.51 -189.52
C SER HC 256 -24.77 120.44 -189.20
N GLU HC 257 -23.70 120.36 -190.00
CA GLU HC 257 -22.67 119.35 -189.75
C GLU HC 257 -21.96 119.60 -188.43
N SER HC 258 -21.58 120.85 -188.15
CA SER HC 258 -20.91 121.17 -186.89
C SER HC 258 -21.83 120.92 -185.70
N LEU HC 259 -23.10 121.30 -185.83
CA LEU HC 259 -24.05 121.06 -184.74
C LEU HC 259 -24.24 119.57 -184.49
N LEU HC 260 -24.34 118.78 -185.56
CA LEU HC 260 -24.49 117.33 -185.40
C LEU HC 260 -23.24 116.72 -184.76
N ILE HC 261 -22.06 117.18 -185.17
CA ILE HC 261 -20.82 116.67 -184.58
C ILE HC 261 -20.76 117.01 -183.10
N ALA HC 262 -21.13 118.24 -182.74
CA ALA HC 262 -21.12 118.63 -181.33
C ALA HC 262 -22.14 117.84 -180.51
N LEU HC 263 -23.33 117.61 -181.07
CA LEU HC 263 -24.39 116.93 -180.35
C LEU HC 263 -24.29 115.41 -180.42
N LYS HC 264 -23.31 114.87 -181.16
CA LYS HC 264 -23.14 113.42 -181.21
C LYS HC 264 -22.80 112.86 -179.83
N GLY HC 265 -21.91 113.53 -179.10
CA GLY HC 265 -21.56 113.14 -177.76
C GLY HC 265 -22.28 113.89 -176.65
N ALA HC 266 -23.25 114.73 -176.99
CA ALA HC 266 -23.96 115.51 -176.00
C ALA HC 266 -25.00 114.64 -175.28
N GLU HC 267 -25.53 115.16 -174.19
CA GLU HC 267 -26.55 114.45 -173.43
C GLU HC 267 -27.84 114.37 -174.24
N PRO HC 268 -28.62 113.29 -174.09
CA PRO HC 268 -29.88 113.17 -174.83
C PRO HC 268 -30.81 114.31 -174.50
N PRO HC 269 -30.85 114.75 -173.23
CA PRO HC 269 -31.69 115.90 -172.89
C PRO HC 269 -31.30 117.17 -173.64
N LEU HC 270 -30.00 117.41 -173.82
CA LEU HC 270 -29.57 118.58 -174.57
C LEU HC 270 -29.98 118.48 -176.04
N ARG HC 271 -29.86 117.30 -176.63
CA ARG HC 271 -30.28 117.11 -178.01
C ARG HC 271 -31.78 117.31 -178.16
N GLU HC 272 -32.56 116.79 -177.21
CA GLU HC 272 -34.01 116.98 -177.26
C GLU HC 272 -34.39 118.45 -177.11
N LYS HC 273 -33.71 119.17 -176.20
CA LYS HC 273 -34.00 120.58 -176.02
C LYS HC 273 -33.63 121.39 -177.26
N PHE HC 274 -32.51 121.05 -177.90
CA PHE HC 274 -32.04 121.76 -179.08
C PHE HC 274 -32.78 121.35 -180.34
N LEU HC 275 -33.53 120.24 -180.32
CA LEU HC 275 -34.30 119.80 -181.47
C LEU HC 275 -35.71 120.36 -181.49
N ARG HC 276 -36.10 121.12 -180.48
CA ARG HC 276 -37.43 121.72 -180.42
C ARG HC 276 -37.48 123.12 -181.01
N ASN HC 277 -36.35 123.64 -181.50
CA ASN HC 277 -36.31 124.97 -182.08
C ASN HC 277 -36.38 124.97 -183.61
N MET HC 278 -36.08 123.86 -184.26
CA MET HC 278 -36.11 123.78 -185.71
C MET HC 278 -37.43 123.14 -186.16
N SER HC 279 -37.57 122.92 -187.46
CA SER HC 279 -38.77 122.31 -187.99
C SER HC 279 -38.80 120.81 -187.69
N GLN HC 280 -39.98 120.21 -187.84
CA GLN HC 280 -40.12 118.78 -187.61
C GLN HC 280 -39.29 117.98 -188.61
N ARG HC 281 -39.30 118.38 -189.88
CA ARG HC 281 -38.46 117.72 -190.87
C ARG HC 281 -36.98 117.91 -190.56
N ALA HC 282 -36.59 119.12 -190.13
CA ALA HC 282 -35.21 119.36 -189.75
C ALA HC 282 -34.81 118.53 -188.54
N ALA HC 283 -35.70 118.42 -187.56
CA ALA HC 283 -35.41 117.60 -186.38
C ALA HC 283 -35.26 116.13 -186.77
N ASP HC 284 -36.14 115.63 -187.64
CA ASP HC 284 -36.02 114.24 -188.08
C ASP HC 284 -34.73 114.01 -188.85
N ILE HC 285 -34.35 114.96 -189.70
CA ILE HC 285 -33.10 114.84 -190.45
C ILE HC 285 -31.91 114.84 -189.51
N LEU HC 286 -31.91 115.71 -188.50
CA LEU HC 286 -30.82 115.73 -187.53
C LEU HC 286 -30.75 114.44 -186.75
N ARG HC 287 -31.90 113.90 -186.34
CA ARG HC 287 -31.91 112.63 -185.62
C ARG HC 287 -31.38 111.49 -186.49
N ASP HC 288 -31.78 111.46 -187.76
CA ASP HC 288 -31.29 110.43 -188.67
C ASP HC 288 -29.80 110.56 -188.88
N ASP HC 289 -29.30 111.78 -189.03
CA ASP HC 289 -27.86 111.99 -189.21
C ASP HC 289 -27.09 111.56 -187.97
N LEU HC 290 -27.61 111.88 -186.78
CA LEU HC 290 -26.95 111.47 -185.54
C LEU HC 290 -26.94 109.96 -185.40
N ALA HC 291 -28.05 109.29 -185.74
CA ALA HC 291 -28.10 107.84 -185.67
C ALA HC 291 -27.13 107.21 -186.66
N ASN HC 292 -27.05 107.76 -187.87
CA ASN HC 292 -26.17 107.22 -188.90
C ASN HC 292 -24.71 107.59 -188.70
N ARG HC 293 -24.43 108.62 -187.91
CA ARG HC 293 -23.05 109.05 -187.70
C ARG HC 293 -22.32 108.05 -186.81
N GLY HC 294 -21.15 107.61 -187.26
CA GLY HC 294 -20.34 106.70 -186.48
C GLY HC 294 -19.53 107.41 -185.43
N PRO HC 295 -18.85 106.63 -184.60
CA PRO HC 295 -17.99 107.23 -183.57
C PRO HC 295 -16.86 108.04 -184.19
N VAL HC 296 -16.52 109.16 -183.55
CA VAL HC 296 -15.47 110.05 -184.03
C VAL HC 296 -14.60 110.46 -182.85
N ARG HC 297 -13.38 110.90 -183.15
CA ARG HC 297 -12.48 111.37 -182.11
C ARG HC 297 -13.02 112.64 -181.48
N LEU HC 298 -12.81 112.76 -180.16
CA LEU HC 298 -13.34 113.90 -179.43
C LEU HC 298 -12.64 115.22 -179.79
N SER HC 299 -11.51 115.16 -180.49
CA SER HC 299 -10.79 116.39 -180.84
C SER HC 299 -11.62 117.29 -181.74
N GLN HC 300 -12.27 116.73 -182.75
CA GLN HC 300 -13.10 117.52 -183.66
C GLN HC 300 -14.44 117.89 -183.05
N VAL HC 301 -15.03 117.00 -182.26
CA VAL HC 301 -16.29 117.32 -181.59
C VAL HC 301 -16.10 118.47 -180.61
N GLU HC 302 -14.97 118.46 -179.90
CA GLU HC 302 -14.67 119.55 -178.98
C GLU HC 302 -14.52 120.88 -179.72
N ASN HC 303 -13.86 120.86 -180.87
CA ASN HC 303 -13.71 122.08 -181.66
C ASN HC 303 -15.06 122.59 -182.16
N GLU HC 304 -15.92 121.67 -182.62
CA GLU HC 304 -17.25 122.07 -183.08
C GLU HC 304 -18.07 122.65 -181.93
N GLN HC 305 -18.01 122.02 -180.76
CA GLN HC 305 -18.73 122.55 -179.60
C GLN HC 305 -18.18 123.91 -179.19
N LYS HC 306 -16.87 124.09 -179.27
CA LYS HC 306 -16.27 125.38 -178.96
C LYS HC 306 -16.74 126.46 -179.93
N ALA HC 307 -16.81 126.12 -181.22
CA ALA HC 307 -17.30 127.08 -182.21
C ALA HC 307 -18.76 127.45 -181.94
N ILE HC 308 -19.58 126.44 -181.62
CA ILE HC 308 -20.99 126.70 -181.32
C ILE HC 308 -21.13 127.58 -180.09
N LEU HC 309 -20.35 127.28 -179.04
CA LEU HC 309 -20.38 128.10 -177.82
C LEU HC 309 -19.91 129.52 -178.09
N LEU HC 310 -18.88 129.68 -178.93
CA LEU HC 310 -18.41 131.02 -179.28
C LEU HC 310 -19.49 131.80 -180.02
N ILE HC 311 -20.19 131.14 -180.95
CA ILE HC 311 -21.28 131.81 -181.66
C ILE HC 311 -22.38 132.21 -180.70
N VAL HC 312 -22.74 131.31 -179.78
CA VAL HC 312 -23.81 131.60 -178.82
C VAL HC 312 -23.40 132.76 -177.92
N ARG HC 313 -22.14 132.76 -177.47
CA ARG HC 313 -21.65 133.83 -176.61
C ARG HC 313 -21.64 135.16 -177.34
N ARG HC 314 -21.25 135.15 -178.62
CA ARG HC 314 -21.28 136.38 -179.41
C ARG HC 314 -22.71 136.89 -179.56
N LEU HC 315 -23.66 135.98 -179.81
CA LEU HC 315 -25.05 136.39 -179.93
C LEU HC 315 -25.57 136.97 -178.62
N ALA HC 316 -25.21 136.35 -177.50
CA ALA HC 316 -25.63 136.86 -176.20
C ALA HC 316 -25.03 138.23 -175.90
N GLU HC 317 -23.74 138.40 -176.22
CA GLU HC 317 -23.07 139.67 -175.99
C GLU HC 317 -23.68 140.77 -176.85
N THR HC 318 -24.05 140.43 -178.09
CA THR HC 318 -24.73 141.39 -178.95
C THR HC 318 -26.06 141.81 -178.33
N GLY HC 319 -26.79 140.87 -177.75
CA GLY HC 319 -28.05 141.16 -177.10
C GLY HC 319 -29.22 140.48 -177.76
N GLU HC 320 -28.96 139.40 -178.50
CA GLU HC 320 -30.00 138.67 -179.21
C GLU HC 320 -30.20 137.27 -178.66
N MET HC 321 -29.89 137.05 -177.39
CA MET HC 321 -30.06 135.74 -176.76
C MET HC 321 -30.29 135.97 -175.27
N VAL HC 322 -30.88 134.98 -174.63
CA VAL HC 322 -31.16 135.04 -173.19
C VAL HC 322 -31.04 133.64 -172.60
N ILE HC 323 -31.15 133.54 -171.28
CA ILE HC 323 -31.06 132.26 -170.58
C ILE HC 323 -32.24 132.13 -169.62
N GLY HC 324 -32.45 130.92 -169.09
CA GLY HC 324 -33.53 130.69 -168.16
C GLY HC 324 -33.58 129.26 -167.64
N SER IC 33 77.09 156.01 -158.24
CA SER IC 33 76.43 155.70 -156.98
C SER IC 33 74.92 155.59 -157.17
N ASP IC 34 74.38 154.39 -156.93
CA ASP IC 34 72.94 154.16 -157.05
C ASP IC 34 72.29 154.56 -155.73
N ILE IC 35 71.40 155.54 -155.80
CA ILE IC 35 70.69 156.03 -154.62
C ILE IC 35 69.29 156.44 -155.05
N ARG IC 36 68.29 155.67 -154.59
CA ARG IC 36 66.91 155.93 -154.93
C ARG IC 36 66.10 156.03 -153.65
N PRO IC 37 64.98 156.80 -153.63
CA PRO IC 37 64.17 156.99 -152.39
C PRO IC 37 63.57 155.67 -151.94
N TYR IC 38 63.42 155.52 -150.63
CA TYR IC 38 62.84 154.31 -150.05
C TYR IC 38 61.34 154.33 -150.24
N ASP IC 39 60.81 153.34 -150.94
CA ASP IC 39 59.38 153.18 -151.12
C ASP IC 39 58.92 151.93 -150.39
N PRO IC 40 58.06 152.04 -149.39
CA PRO IC 40 57.55 150.83 -148.72
C PRO IC 40 56.73 149.99 -149.68
N ASN IC 41 56.31 148.82 -149.17
CA ASN IC 41 55.51 147.81 -149.86
C ASN IC 41 56.06 147.43 -151.23
N THR IC 42 57.34 147.68 -151.49
CA THR IC 42 57.96 147.23 -152.73
C THR IC 42 58.65 145.89 -152.53
N GLN IC 43 58.58 145.03 -153.55
CA GLN IC 43 59.15 143.70 -153.49
C GLN IC 43 60.66 143.82 -153.56
N ARG IC 44 61.28 144.07 -152.40
CA ARG IC 44 62.73 144.21 -152.32
C ARG IC 44 63.41 143.03 -151.64
N ARG IC 45 62.66 142.17 -150.95
CA ARG IC 45 63.23 141.01 -150.27
C ARG IC 45 63.26 139.84 -151.25
N VAL IC 46 64.46 139.47 -151.68
CA VAL IC 46 64.66 138.36 -152.59
C VAL IC 46 65.45 137.28 -151.86
N VAL IC 47 64.86 136.09 -151.73
CA VAL IC 47 65.47 134.96 -151.04
C VAL IC 47 65.38 133.78 -152.00
N ARG IC 48 66.45 133.55 -152.78
CA ARG IC 48 66.49 132.46 -153.74
C ARG IC 48 67.34 131.34 -153.14
N GLU IC 49 66.75 130.15 -153.06
CA GLU IC 49 67.44 129.02 -152.46
C GLU IC 49 66.92 127.75 -153.14
N ARG IC 50 67.83 126.99 -153.74
CA ARG IC 50 67.47 125.72 -154.35
C ARG IC 50 67.05 124.72 -153.26
N LEU IC 51 65.96 124.01 -153.52
CA LEU IC 51 65.40 123.07 -152.54
C LEU IC 51 65.34 121.68 -153.20
N GLN IC 52 66.46 120.95 -153.12
CA GLN IC 52 66.55 119.65 -153.79
C GLN IC 52 65.60 118.64 -153.15
N ALA IC 53 65.54 118.63 -151.81
CA ALA IC 53 64.69 117.68 -151.06
C ALA IC 53 63.23 117.88 -151.47
N LEU IC 54 62.74 119.12 -151.63
CA LEU IC 54 61.41 119.38 -152.16
C LEU IC 54 61.33 119.00 -153.63
N GLU IC 55 62.43 119.17 -154.36
CA GLU IC 55 62.44 118.81 -155.78
C GLU IC 55 62.22 117.31 -155.98
N ILE IC 56 62.60 116.49 -155.02
CA ILE IC 56 62.38 115.05 -155.18
C ILE IC 56 61.06 114.64 -154.53
N ILE IC 57 60.67 115.35 -153.47
CA ILE IC 57 59.38 115.08 -152.85
C ILE IC 57 58.25 115.37 -153.82
N ASN IC 58 58.42 116.39 -154.66
CA ASN IC 58 57.40 116.71 -155.66
C ASN IC 58 57.18 115.56 -156.64
N GLU IC 59 58.25 114.97 -157.17
CA GLU IC 59 58.09 113.84 -158.08
C GLU IC 59 57.52 112.61 -157.38
N ARG IC 60 57.94 112.36 -156.15
CA ARG IC 60 57.39 111.21 -155.42
C ARG IC 60 55.89 111.39 -155.25
N PHE IC 61 55.48 112.59 -154.83
CA PHE IC 61 54.06 112.88 -154.67
C PHE IC 61 53.33 112.82 -156.00
N ALA IC 62 53.98 113.28 -157.08
CA ALA IC 62 53.34 113.23 -158.38
C ALA IC 62 53.09 111.80 -158.83
N ARG IC 63 54.05 110.91 -158.60
CA ARG IC 63 53.86 109.52 -158.94
C ARG IC 63 52.72 108.91 -158.12
N GLN IC 64 52.71 109.19 -156.81
CA GLN IC 64 51.63 108.67 -155.96
C GLN IC 64 50.28 109.19 -156.40
N PHE IC 65 50.20 110.49 -156.72
CA PHE IC 65 48.94 111.09 -157.13
C PHE IC 65 48.49 110.57 -158.49
N ARG IC 66 49.41 110.31 -159.40
CA ARG IC 66 49.03 109.70 -160.67
C ARG IC 66 48.34 108.35 -160.60
N MET IC 67 48.88 107.44 -159.79
CA MET IC 67 48.20 106.16 -159.58
C MET IC 67 46.87 106.26 -158.79
N GLY IC 68 46.82 107.24 -157.89
CA GLY IC 68 45.60 107.49 -157.14
C GLY IC 68 44.56 107.95 -158.14
N LEU IC 69 44.95 108.86 -159.03
CA LEU IC 69 44.02 109.34 -160.05
C LEU IC 69 43.64 108.23 -161.01
N PHE IC 70 44.59 107.35 -161.36
CA PHE IC 70 44.24 106.20 -162.17
C PHE IC 70 43.26 105.30 -161.43
N ASN IC 71 43.48 105.08 -160.13
CA ASN IC 71 42.57 104.26 -159.35
C ASN IC 71 41.17 104.86 -159.30
N LEU IC 72 41.08 106.19 -159.23
CA LEU IC 72 39.77 106.84 -159.07
C LEU IC 72 39.05 107.02 -160.39
N LEU IC 73 39.65 107.80 -161.30
CA LEU IC 73 39.01 108.17 -162.55
C LEU IC 73 38.91 107.04 -163.56
N ARG IC 74 39.60 105.93 -163.33
CA ARG IC 74 39.66 104.83 -164.29
C ARG IC 74 40.21 105.31 -165.63
N ARG IC 75 41.16 106.24 -165.59
CA ARG IC 75 41.82 106.77 -166.78
C ARG IC 75 43.32 106.87 -166.49
N SER IC 76 44.07 107.34 -167.48
CA SER IC 76 45.52 107.42 -167.37
C SER IC 76 46.00 108.85 -167.39
N PRO IC 77 46.13 109.50 -166.23
CA PRO IC 77 46.72 110.85 -166.20
C PRO IC 77 48.22 110.91 -166.22
N ASP IC 78 48.75 112.03 -166.71
CA ASP IC 78 50.19 112.29 -166.64
C ASP IC 78 50.36 113.63 -165.93
N ILE IC 79 51.20 113.64 -164.90
CA ILE IC 79 51.44 114.82 -164.08
C ILE IC 79 52.86 115.27 -164.30
N THR IC 80 53.02 116.51 -164.77
CA THR IC 80 54.32 117.14 -164.97
C THR IC 80 54.53 118.13 -163.83
N VAL IC 81 55.65 117.97 -163.11
CA VAL IC 81 55.97 118.85 -162.00
C VAL IC 81 56.63 120.10 -162.54
N GLY IC 82 56.05 121.27 -162.22
CA GLY IC 82 56.63 122.52 -162.64
C GLY IC 82 57.76 122.96 -161.73
N ALA IC 83 58.40 124.05 -162.11
CA ALA IC 83 59.48 124.60 -161.30
C ALA IC 83 58.93 125.19 -160.01
N ILE IC 84 59.61 124.88 -158.90
CA ILE IC 84 59.22 125.44 -157.62
C ILE IC 84 59.44 126.94 -157.63
N ARG IC 85 58.42 127.70 -157.24
CA ARG IC 85 58.48 129.15 -157.24
C ARG IC 85 58.50 129.67 -155.81
N ILE IC 86 59.53 130.45 -155.48
CA ILE IC 86 59.65 131.10 -154.19
C ILE IC 86 59.27 132.56 -154.33
N GLN IC 87 58.05 132.90 -153.91
CA GLN IC 87 57.46 134.18 -154.27
C GLN IC 87 56.66 134.75 -153.11
N PRO IC 88 56.47 136.07 -153.06
CA PRO IC 88 55.60 136.65 -152.03
C PRO IC 88 54.18 136.15 -152.20
N TYR IC 89 53.47 136.08 -151.07
CA TYR IC 89 52.14 135.49 -151.06
C TYR IC 89 51.11 136.16 -151.97
N HIS IC 90 51.19 137.48 -152.10
CA HIS IC 90 50.22 138.26 -152.94
C HIS IC 90 50.47 138.01 -154.44
N GLU IC 91 51.67 137.56 -154.84
CA GLU IC 91 51.94 137.17 -156.21
C GLU IC 91 51.20 135.86 -156.45
N PHE IC 92 51.33 134.92 -155.52
CA PHE IC 92 50.62 133.66 -155.62
C PHE IC 92 49.12 133.87 -155.63
N ALA IC 93 48.63 134.77 -154.78
CA ALA IC 93 47.20 135.03 -154.72
C ALA IC 93 46.69 135.65 -156.02
N ARG IC 94 47.43 136.60 -156.57
CA ARG IC 94 46.96 137.29 -157.77
C ARG IC 94 47.05 136.40 -159.00
N ASN IC 95 48.02 135.48 -159.05
CA ASN IC 95 48.09 134.59 -160.20
C ASN IC 95 46.97 133.56 -160.21
N LEU IC 96 46.36 133.30 -159.04
CA LEU IC 96 45.28 132.34 -158.98
C LEU IC 96 44.04 132.87 -159.68
N PRO IC 97 43.24 132.00 -160.29
CA PRO IC 97 41.97 132.43 -160.88
C PRO IC 97 40.87 132.45 -159.83
N VAL IC 98 39.73 133.01 -160.22
CA VAL IC 98 38.59 133.13 -159.32
C VAL IC 98 37.32 132.65 -160.03
N PRO IC 99 36.56 131.73 -159.44
CA PRO IC 99 36.83 131.03 -158.17
C PRO IC 99 37.76 129.84 -158.37
N THR IC 100 38.39 129.38 -157.29
CA THR IC 100 39.27 128.21 -157.32
C THR IC 100 39.14 127.55 -155.97
N ASN IC 101 38.98 126.23 -155.89
CA ASN IC 101 38.99 125.49 -154.61
C ASN IC 101 40.34 125.56 -153.89
N LEU IC 102 40.39 126.12 -152.69
CA LEU IC 102 41.61 126.20 -151.85
C LEU IC 102 41.45 125.22 -150.67
N ASN IC 103 42.42 124.39 -150.31
CA ASN IC 103 42.24 123.37 -149.24
C ASN IC 103 43.24 123.66 -148.12
N LEU IC 104 42.86 124.37 -147.06
CA LEU IC 104 43.80 124.62 -145.97
C LEU IC 104 44.16 123.29 -145.32
N ILE IC 105 45.46 123.03 -145.19
CA ILE IC 105 45.94 121.77 -144.64
C ILE IC 105 46.94 122.06 -143.55
N HIS IC 106 46.97 121.19 -142.54
CA HIS IC 106 47.89 121.30 -141.42
C HIS IC 106 48.96 120.24 -141.57
N LEU IC 107 50.21 120.68 -141.71
CA LEU IC 107 51.35 119.75 -141.80
C LEU IC 107 52.03 119.60 -140.45
N LYS IC 108 51.29 119.05 -139.49
CA LYS IC 108 51.83 118.87 -138.16
C LYS IC 108 53.00 117.90 -138.18
N PRO IC 109 53.99 118.08 -137.28
CA PRO IC 109 54.06 119.06 -136.19
C PRO IC 109 54.58 120.43 -136.60
N LEU IC 110 54.70 120.70 -137.90
CA LEU IC 110 55.19 122.00 -138.35
C LEU IC 110 54.09 123.05 -138.12
N ARG IC 111 54.42 124.09 -137.37
CA ARG IC 111 53.44 125.13 -137.07
C ARG IC 111 53.21 125.99 -138.31
N GLY IC 112 51.95 126.12 -138.71
CA GLY IC 112 51.56 126.87 -139.88
C GLY IC 112 50.39 126.20 -140.57
N THR IC 113 50.07 126.68 -141.77
CA THR IC 113 48.95 126.17 -142.53
C THR IC 113 49.26 126.27 -144.00
N GLY IC 114 49.42 125.11 -144.65
CA GLY IC 114 49.65 125.08 -146.08
C GLY IC 114 48.35 125.09 -146.88
N LEU IC 115 48.51 125.19 -148.20
CA LEU IC 115 47.37 125.34 -149.09
C LEU IC 115 47.53 124.40 -150.28
N VAL IC 116 46.45 123.72 -150.63
CA VAL IC 116 46.39 122.89 -151.83
C VAL IC 116 45.34 123.48 -152.75
N VAL IC 117 45.77 123.91 -153.94
CA VAL IC 117 44.91 124.65 -154.86
C VAL IC 117 44.55 123.75 -156.02
N PHE IC 118 43.27 123.41 -156.13
CA PHE IC 118 42.72 122.70 -157.27
C PHE IC 118 42.08 123.65 -158.26
N SER IC 119 42.58 123.65 -159.49
CA SER IC 119 42.03 124.53 -160.51
C SER IC 119 40.61 124.14 -160.92
N PRO IC 120 39.77 125.09 -161.39
CA PRO IC 120 38.41 124.76 -161.89
C PRO IC 120 38.52 123.73 -163.00
N SER IC 121 39.59 123.82 -163.80
CA SER IC 121 39.72 122.89 -164.93
C SER IC 121 39.85 121.46 -164.44
N LEU IC 122 40.67 121.25 -163.40
CA LEU IC 122 40.90 119.89 -162.92
C LEU IC 122 39.65 119.30 -162.30
N VAL IC 123 38.94 120.07 -161.48
CA VAL IC 123 37.72 119.55 -160.86
C VAL IC 123 36.64 119.34 -161.92
N PHE IC 124 36.60 120.19 -162.93
CA PHE IC 124 35.66 119.98 -164.03
C PHE IC 124 35.96 118.68 -164.75
N ILE IC 125 37.24 118.42 -165.03
CA ILE IC 125 37.64 117.18 -165.70
C ILE IC 125 37.26 115.96 -164.85
N ALA IC 126 37.54 116.04 -163.55
CA ALA IC 126 37.25 114.91 -162.68
C ALA IC 126 35.75 114.64 -162.59
N VAL IC 127 34.95 115.69 -162.43
CA VAL IC 127 33.50 115.52 -162.35
C VAL IC 127 32.96 114.99 -163.67
N ASP IC 128 33.47 115.49 -164.79
CA ASP IC 128 33.05 115.01 -166.09
C ASP IC 128 33.36 113.53 -166.27
N ASN IC 129 34.56 113.11 -165.88
CA ASN IC 129 34.94 111.71 -166.04
C ASN IC 129 34.12 110.81 -165.12
N LEU IC 130 33.90 111.24 -163.87
CA LEU IC 130 33.14 110.41 -162.95
C LEU IC 130 31.69 110.25 -163.40
N PHE IC 131 31.06 111.32 -163.86
CA PHE IC 131 29.64 111.30 -164.16
C PHE IC 131 29.40 111.10 -165.66
N GLY IC 132 29.83 109.94 -166.14
CA GLY IC 132 29.50 109.50 -167.48
C GLY IC 132 29.93 110.44 -168.59
N GLY IC 133 31.16 110.92 -168.53
CA GLY IC 133 31.65 111.78 -169.58
C GLY IC 133 33.02 111.40 -170.10
N ASP IC 134 33.14 111.23 -171.42
CA ASP IC 134 34.44 110.87 -172.04
C ASP IC 134 35.20 112.15 -172.41
N GLY IC 135 34.90 113.26 -171.74
CA GLY IC 135 35.61 114.50 -172.02
C GLY IC 135 35.54 114.86 -173.49
N ARG IC 136 34.43 114.54 -174.16
CA ARG IC 136 34.26 114.94 -175.56
C ARG IC 136 34.14 116.46 -175.73
N PHE IC 137 33.23 117.06 -174.97
CA PHE IC 137 33.07 118.51 -175.03
C PHE IC 137 34.17 119.30 -174.32
N PRO IC 138 34.50 120.48 -174.80
CA PRO IC 138 35.52 121.30 -174.14
C PRO IC 138 35.07 121.73 -172.76
N THR IC 139 36.03 121.88 -171.85
CA THR IC 139 35.73 122.37 -170.52
C THR IC 139 35.39 123.86 -170.57
N LYS IC 140 34.26 124.24 -169.98
CA LYS IC 140 33.81 125.62 -169.95
C LYS IC 140 33.70 126.07 -168.50
N VAL IC 141 34.45 127.12 -168.14
CA VAL IC 141 34.42 127.71 -166.82
C VAL IC 141 34.13 129.20 -166.98
N GLU IC 142 33.08 129.67 -166.33
CA GLU IC 142 32.65 131.06 -166.41
C GLU IC 142 32.37 131.62 -165.04
N GLY IC 143 33.27 131.39 -164.09
CA GLY IC 143 33.05 131.86 -162.74
C GLY IC 143 32.05 131.06 -161.95
N ARG IC 144 31.68 129.88 -162.44
CA ARG IC 144 30.70 129.05 -161.75
C ARG IC 144 31.29 128.51 -160.46
N GLU IC 145 30.47 128.51 -159.40
CA GLU IC 145 30.91 128.04 -158.10
C GLU IC 145 30.84 126.51 -158.04
N PHE IC 146 31.09 125.97 -156.85
CA PHE IC 146 31.16 124.53 -156.63
C PHE IC 146 29.98 124.10 -155.77
N THR IC 147 29.21 123.13 -156.25
CA THR IC 147 28.08 122.62 -155.50
C THR IC 147 28.55 121.61 -154.45
N HIS IC 148 27.60 121.05 -153.71
CA HIS IC 148 27.94 120.08 -152.68
C HIS IC 148 28.49 118.79 -153.28
N THR IC 149 27.93 118.35 -154.40
CA THR IC 149 28.46 117.17 -155.08
C THR IC 149 29.87 117.41 -155.59
N GLU IC 150 30.11 118.58 -156.18
CA GLU IC 150 31.46 118.93 -156.62
C GLU IC 150 32.41 118.99 -155.43
N GLN IC 151 31.94 119.54 -154.31
CA GLN IC 151 32.78 119.61 -153.12
C GLN IC 151 33.11 118.22 -152.61
N ARG IC 152 32.15 117.29 -152.68
CA ARG IC 152 32.43 115.93 -152.23
C ARG IC 152 33.42 115.24 -153.16
N VAL IC 153 33.30 115.46 -154.46
CA VAL IC 153 34.27 114.91 -155.40
C VAL IC 153 35.66 115.46 -155.13
N ILE IC 154 35.76 116.76 -154.85
CA ILE IC 154 37.03 117.38 -154.55
C ILE IC 154 37.61 116.83 -153.25
N ASN IC 155 36.75 116.58 -152.26
CA ASN IC 155 37.21 115.97 -151.02
C ASN IC 155 37.77 114.58 -151.28
N ARG IC 156 37.09 113.81 -152.14
CA ARG IC 156 37.56 112.47 -152.48
C ARG IC 156 38.92 112.54 -153.17
N MET IC 157 39.09 113.48 -154.09
CA MET IC 157 40.39 113.66 -154.75
C MET IC 157 41.45 114.12 -153.75
N LEU IC 158 41.09 115.04 -152.87
CA LEU IC 158 42.06 115.61 -151.94
C LEU IC 158 42.50 114.59 -150.91
N LYS IC 159 41.65 113.61 -150.61
CA LYS IC 159 42.09 112.53 -149.72
C LYS IC 159 43.28 111.79 -150.32
N LEU IC 160 43.16 111.42 -151.60
CA LEU IC 160 44.29 110.78 -152.29
C LEU IC 160 45.49 111.70 -152.38
N ALA IC 161 45.25 112.99 -152.68
CA ALA IC 161 46.35 113.92 -152.79
C ALA IC 161 47.11 114.05 -151.47
N LEU IC 162 46.39 114.15 -150.36
CA LEU IC 162 47.03 114.29 -149.06
C LEU IC 162 47.74 112.99 -148.66
N GLU IC 163 47.14 111.84 -148.95
CA GLU IC 163 47.82 110.59 -148.67
C GLU IC 163 49.13 110.49 -149.45
N GLY IC 164 49.11 110.85 -150.73
CA GLY IC 164 50.32 110.82 -151.53
C GLY IC 164 51.37 111.78 -151.02
N TYR IC 165 50.95 112.99 -150.65
CA TYR IC 165 51.90 113.98 -150.13
C TYR IC 165 52.51 113.52 -148.81
N SER IC 166 51.70 112.96 -147.92
CA SER IC 166 52.22 112.46 -146.65
C SER IC 166 53.21 111.32 -146.88
N ASP IC 167 52.88 110.41 -147.79
CA ASP IC 167 53.79 109.30 -148.09
C ASP IC 167 55.10 109.82 -148.67
N ALA IC 168 55.02 110.81 -149.56
CA ALA IC 168 56.24 111.38 -150.14
C ALA IC 168 57.09 112.05 -149.07
N TRP IC 169 56.46 112.76 -148.15
CA TRP IC 169 57.23 113.44 -147.10
C TRP IC 169 57.75 112.38 -146.13
N LYS IC 170 57.04 111.26 -145.98
CA LYS IC 170 57.44 110.23 -145.02
C LYS IC 170 58.89 109.78 -145.23
N ALA IC 171 59.34 109.73 -146.47
CA ALA IC 171 60.72 109.34 -146.76
C ALA IC 171 61.79 110.20 -146.09
N ILE IC 172 61.59 111.52 -146.09
CA ILE IC 172 62.58 112.44 -145.52
C ILE IC 172 62.21 112.78 -144.09
N ASN IC 173 61.03 113.37 -143.89
CA ASN IC 173 60.58 113.73 -142.56
C ASN IC 173 59.13 113.29 -142.37
N PRO IC 174 58.85 112.38 -141.44
CA PRO IC 174 57.48 111.88 -141.28
C PRO IC 174 56.54 112.96 -140.78
N LEU IC 175 55.58 113.34 -141.64
CA LEU IC 175 54.58 114.36 -141.31
C LEU IC 175 53.20 113.77 -141.51
N GLU IC 176 52.24 114.28 -140.73
CA GLU IC 176 50.84 113.91 -140.88
C GLU IC 176 50.08 115.10 -141.46
N VAL IC 177 49.30 114.84 -142.50
CA VAL IC 177 48.62 115.88 -143.25
C VAL IC 177 47.14 115.82 -142.90
N GLU IC 178 46.61 116.93 -142.40
CA GLU IC 178 45.20 117.02 -142.01
C GLU IC 178 44.51 118.12 -142.81
N TYR IC 179 43.37 117.76 -143.40
CA TYR IC 179 42.54 118.71 -144.12
C TYR IC 179 41.57 119.34 -143.14
N VAL IC 180 41.61 120.67 -143.03
CA VAL IC 180 40.85 121.37 -142.01
C VAL IC 180 39.68 122.16 -142.60
N ARG IC 181 39.82 122.69 -143.80
CA ARG IC 181 38.81 123.58 -144.34
C ARG IC 181 39.02 123.75 -145.83
N SER IC 182 37.93 124.00 -146.54
CA SER IC 182 37.97 124.29 -147.96
C SER IC 182 37.23 125.59 -148.19
N GLU IC 183 37.73 126.38 -149.14
CA GLU IC 183 37.18 127.68 -149.46
C GLU IC 183 37.25 127.87 -150.96
N MET IC 184 36.53 128.87 -151.46
CA MET IC 184 36.46 129.16 -152.88
C MET IC 184 37.07 130.49 -153.30
N GLN IC 185 37.09 131.47 -152.40
CA GLN IC 185 37.70 132.75 -152.68
C GLN IC 185 39.12 132.79 -152.12
N VAL IC 186 39.85 133.84 -152.48
CA VAL IC 186 41.23 133.98 -152.03
C VAL IC 186 41.35 134.71 -150.70
N LYS IC 187 40.41 135.61 -150.39
CA LYS IC 187 40.51 136.43 -149.20
C LYS IC 187 40.11 135.69 -147.92
N PHE IC 188 39.61 134.46 -148.03
CA PHE IC 188 39.26 133.68 -146.85
C PHE IC 188 40.39 132.90 -146.22
N THR IC 189 41.51 132.70 -146.93
CA THR IC 189 42.57 131.84 -146.41
C THR IC 189 43.54 132.60 -145.50
N ASN IC 190 44.22 133.60 -146.06
CA ASN IC 190 45.20 134.41 -145.32
C ASN IC 190 46.05 133.55 -144.38
N ILE IC 191 46.85 132.66 -144.98
CA ILE IC 191 47.75 131.75 -144.21
C ILE IC 191 49.07 132.49 -143.93
N THR IC 192 49.24 133.72 -144.45
CA THR IC 192 50.46 134.53 -144.26
C THR IC 192 50.09 135.75 -143.44
N THR IC 193 50.85 136.03 -142.37
CA THR IC 193 50.58 137.17 -141.46
C THR IC 193 50.46 138.43 -142.28
N SER IC 194 51.33 138.60 -143.29
CA SER IC 194 51.30 139.74 -144.18
C SER IC 194 51.32 139.28 -145.63
N PRO IC 195 50.72 140.04 -146.54
CA PRO IC 195 50.74 139.65 -147.96
C PRO IC 195 52.12 139.64 -148.58
N ASN IC 196 53.10 140.28 -147.95
CA ASN IC 196 54.46 140.31 -148.47
C ASN IC 196 55.31 139.16 -147.96
N ASP IC 197 54.73 138.24 -147.18
CA ASP IC 197 55.47 137.09 -146.72
C ASP IC 197 55.79 136.16 -147.88
N ILE IC 198 56.85 135.39 -147.72
CA ILE IC 198 57.39 134.56 -148.78
C ILE IC 198 56.87 133.14 -148.64
N VAL IC 199 56.40 132.56 -149.74
CA VAL IC 199 55.85 131.21 -149.74
C VAL IC 199 56.48 130.43 -150.89
N VAL IC 200 56.45 129.11 -150.75
CA VAL IC 200 57.01 128.18 -151.72
C VAL IC 200 55.91 127.50 -152.51
N ASN IC 201 55.87 127.78 -153.83
CA ASN IC 201 54.76 127.24 -154.67
C ASN IC 201 55.24 126.20 -155.67
N THR IC 202 54.57 125.04 -155.73
CA THR IC 202 54.86 123.99 -156.69
C THR IC 202 53.63 123.77 -157.55
N PRO IC 203 53.65 124.19 -158.82
CA PRO IC 203 52.52 123.89 -159.73
C PRO IC 203 52.74 122.58 -160.45
N PHE IC 204 51.73 121.71 -160.44
CA PHE IC 204 51.71 120.50 -161.22
C PHE IC 204 50.67 120.63 -162.33
N HIS IC 205 50.97 120.05 -163.49
CA HIS IC 205 50.05 120.02 -164.61
C HIS IC 205 49.60 118.59 -164.85
N VAL IC 206 48.29 118.36 -164.77
CA VAL IC 206 47.71 117.04 -164.95
C VAL IC 206 46.96 117.02 -166.27
N GLU IC 207 47.34 116.09 -167.16
CA GLU IC 207 46.69 115.94 -168.44
C GLU IC 207 45.98 114.60 -168.50
N ILE IC 208 44.72 114.62 -168.91
CA ILE IC 208 43.92 113.43 -169.13
C ILE IC 208 43.40 113.47 -170.56
N GLY IC 209 43.83 112.53 -171.38
CA GLY IC 209 43.47 112.59 -172.79
C GLY IC 209 43.95 113.89 -173.39
N ASN IC 210 43.05 114.58 -174.09
CA ASN IC 210 43.35 115.90 -174.61
C ASN IC 210 43.14 116.99 -173.56
N LEU IC 211 42.32 116.73 -172.55
CA LEU IC 211 42.04 117.74 -171.54
C LEU IC 211 43.22 117.94 -170.62
N THR IC 212 43.36 119.17 -170.12
CA THR IC 212 44.45 119.53 -169.24
C THR IC 212 43.94 120.36 -168.08
N GLY IC 213 44.69 120.34 -166.99
CA GLY IC 213 44.41 121.16 -165.83
C GLY IC 213 45.65 121.29 -164.99
N GLU IC 214 45.57 122.09 -163.94
CA GLU IC 214 46.73 122.29 -163.08
C GLU IC 214 46.28 122.40 -161.63
N PHE IC 215 47.22 122.14 -160.73
CA PHE IC 215 46.95 122.31 -159.31
C PHE IC 215 48.27 122.60 -158.60
N ASN IC 216 48.20 123.47 -157.59
CA ASN IC 216 49.39 123.95 -156.91
C ASN IC 216 49.41 123.48 -155.46
N ILE IC 217 50.62 123.40 -154.91
CA ILE IC 217 50.80 123.16 -153.49
C ILE IC 217 51.68 124.28 -152.93
N CYS IC 218 51.12 125.08 -152.03
CA CYS IC 218 51.81 126.25 -151.49
C CYS IC 218 52.04 126.08 -149.99
N LEU IC 219 53.28 126.27 -149.57
CA LEU IC 219 53.64 126.18 -148.18
C LEU IC 219 54.28 127.49 -147.73
N PRO IC 220 53.80 128.11 -146.66
CA PRO IC 220 54.46 129.30 -146.15
C PRO IC 220 55.87 128.97 -145.70
N PHE IC 221 56.79 129.90 -145.93
CA PHE IC 221 58.18 129.66 -145.60
C PHE IC 221 58.41 129.49 -144.11
N SER IC 222 57.49 129.94 -143.27
CA SER IC 222 57.64 129.76 -141.83
C SER IC 222 57.65 128.28 -141.46
N MET IC 223 56.80 127.48 -142.11
CA MET IC 223 56.78 126.05 -141.84
C MET IC 223 58.08 125.39 -142.29
N ILE IC 224 58.60 125.79 -143.45
CA ILE IC 224 59.79 125.16 -144.00
C ILE IC 224 61.04 125.57 -143.24
N GLU IC 225 61.06 126.77 -142.67
CA GLU IC 225 62.28 127.33 -142.09
C GLU IC 225 62.97 126.42 -141.08
N PRO IC 226 62.28 125.77 -140.14
CA PRO IC 226 63.00 124.83 -139.25
C PRO IC 226 63.63 123.66 -139.98
N LEU IC 227 63.18 123.35 -141.19
CA LEU IC 227 63.71 122.25 -141.98
C LEU IC 227 64.52 122.68 -143.19
N ARG IC 228 65.09 123.89 -143.16
CA ARG IC 228 65.78 124.41 -144.33
C ARG IC 228 67.05 123.62 -144.65
N GLU IC 229 67.84 123.29 -143.62
CA GLU IC 229 69.07 122.54 -143.84
C GLU IC 229 68.73 121.15 -144.35
N LEU IC 230 67.56 120.62 -143.99
CA LEU IC 230 67.14 119.33 -144.52
C LEU IC 230 66.65 119.44 -145.95
N LEU IC 231 65.92 120.53 -146.26
CA LEU IC 231 65.29 120.71 -147.59
C LEU IC 231 66.28 121.28 -148.62
N VAL IC 232 67.42 121.78 -148.17
CA VAL IC 232 68.40 122.44 -149.08
C VAL IC 232 69.28 121.37 -149.74
N ASN IC 233 70.01 120.54 -148.97
CA ASN IC 233 70.93 119.60 -149.59
C ASN IC 233 70.17 118.40 -150.14
N PRO IC 234 70.60 117.86 -151.28
CA PRO IC 234 69.96 116.66 -151.82
C PRO IC 234 70.11 115.50 -150.86
N PRO IC 235 69.09 114.65 -150.76
CA PRO IC 235 69.14 113.55 -149.77
C PRO IC 235 70.23 112.55 -150.11
N LEU IC 236 70.80 111.96 -149.07
CA LEU IC 236 71.83 110.94 -149.21
C LEU IC 236 71.34 109.61 -148.68
N GLU IC 237 71.83 108.53 -149.28
CA GLU IC 237 71.44 107.17 -148.90
C GLU IC 237 72.13 106.81 -147.59
N ASN IC 238 71.51 107.21 -146.49
CA ASN IC 238 72.04 106.96 -145.16
C ASN IC 238 70.89 106.47 -144.28
N SER IC 239 71.15 106.38 -142.98
CA SER IC 239 70.16 105.94 -142.02
C SER IC 239 70.10 106.93 -140.87
N ARG IC 240 68.99 106.88 -140.11
CA ARG IC 240 68.85 107.74 -138.96
C ARG IC 240 69.92 107.45 -137.92
N HIS IC 241 70.28 106.17 -137.77
CA HIS IC 241 71.38 105.82 -136.88
C HIS IC 241 72.68 106.47 -137.35
N GLU IC 242 72.96 106.42 -138.66
CA GLU IC 242 74.16 107.04 -139.17
C GLU IC 242 74.15 108.55 -138.98
N ASP IC 243 72.98 109.17 -139.18
CA ASP IC 243 72.87 110.62 -139.02
C ASP IC 243 73.11 111.03 -137.56
N GLN IC 244 72.49 110.31 -136.62
CA GLN IC 244 72.71 110.65 -135.22
C GLN IC 244 74.14 110.35 -134.79
N ASN IC 245 74.75 109.31 -135.35
CA ASN IC 245 76.16 109.05 -135.07
C ASN IC 245 77.04 110.18 -135.60
N TRP IC 246 76.71 110.70 -136.79
CA TRP IC 246 77.44 111.83 -137.35
C TRP IC 246 77.57 113.10 -136.52
N ARG IC 247 76.42 113.60 -136.06
CA ARG IC 247 76.42 114.84 -135.23
C ARG IC 247 77.00 114.51 -133.86
N ASP IC 248 76.81 113.27 -133.39
CA ASP IC 248 77.40 112.85 -132.08
C ASP IC 248 78.91 113.01 -132.15
N ASN IC 249 79.54 112.44 -133.18
CA ASN IC 249 81.01 112.54 -133.35
C ASN IC 249 81.39 114.01 -133.53
N LEU IC 250 80.62 114.74 -134.35
CA LEU IC 250 80.89 116.18 -134.59
C LEU IC 250 80.80 116.92 -133.24
N VAL IC 251 79.75 116.63 -132.46
CA VAL IC 251 79.59 117.28 -131.12
C VAL IC 251 80.86 117.00 -130.31
N ARG IC 252 81.31 115.73 -130.30
CA ARG IC 252 82.51 115.39 -129.55
C ARG IC 252 83.74 116.08 -130.12
N GLN IC 253 83.80 116.26 -131.44
CA GLN IC 253 84.92 116.99 -132.03
C GLN IC 253 84.88 118.46 -131.67
N VAL IC 254 83.68 119.03 -131.53
CA VAL IC 254 83.56 120.45 -131.23
C VAL IC 254 84.08 120.76 -129.83
N GLN IC 255 83.88 119.82 -128.89
CA GLN IC 255 84.23 120.07 -127.50
C GLN IC 255 85.70 120.46 -127.34
N HIS IC 256 86.58 119.96 -128.20
CA HIS IC 256 87.99 120.30 -128.12
C HIS IC 256 88.29 121.54 -128.96
N SER IC 257 87.60 122.65 -128.64
CA SER IC 257 87.81 123.96 -129.30
C SER IC 257 87.90 125.05 -128.22
N GLU IC 258 89.07 125.69 -128.09
CA GLU IC 258 89.29 126.73 -127.05
C GLU IC 258 88.39 127.95 -127.32
N LEU IC 259 87.86 128.59 -126.28
CA LEU IC 259 87.01 129.80 -126.41
C LEU IC 259 87.69 130.97 -125.72
N GLU IC 260 87.16 132.19 -125.88
CA GLU IC 260 87.64 133.36 -125.15
C GLU IC 260 86.53 133.84 -124.23
N LEU IC 261 86.77 133.74 -122.92
CA LEU IC 261 85.78 134.13 -121.92
C LEU IC 261 86.21 135.44 -121.29
N VAL IC 262 85.28 136.39 -121.21
CA VAL IC 262 85.55 137.74 -120.73
C VAL IC 262 84.65 138.02 -119.53
N ALA IC 263 85.24 138.46 -118.43
CA ALA IC 263 84.50 138.79 -117.22
C ALA IC 263 84.35 140.31 -117.12
N ASN IC 264 83.13 140.78 -116.90
CA ASN IC 264 82.86 142.20 -116.76
C ASN IC 264 82.65 142.50 -115.28
N PHE IC 265 83.58 143.29 -114.71
CA PHE IC 265 83.53 143.67 -113.27
C PHE IC 265 82.50 144.77 -113.03
N ALA IC 266 82.50 145.82 -113.87
CA ALA IC 266 81.58 146.98 -113.72
C ALA IC 266 81.28 147.63 -115.07
N ASP IC 267 80.19 148.40 -115.19
CA ASP IC 267 79.86 149.14 -116.41
C ASP IC 267 79.37 150.52 -115.98
N ILE IC 268 80.24 151.52 -116.08
CA ILE IC 268 79.97 152.86 -115.60
C ILE IC 268 79.60 153.75 -116.78
N PRO IC 269 78.53 154.57 -116.73
CA PRO IC 269 78.12 155.45 -117.87
C PRO IC 269 78.71 156.85 -117.74
N LEU IC 270 79.63 157.21 -118.63
CA LEU IC 270 80.21 158.58 -118.64
C LEU IC 270 79.93 159.29 -119.96
N ARG IC 271 79.82 160.61 -119.93
CA ARG IC 271 79.63 161.41 -121.16
C ARG IC 271 80.97 161.52 -121.90
N LEU IC 272 80.93 161.87 -123.18
CA LEU IC 272 82.17 162.07 -123.97
C LEU IC 272 83.01 163.17 -123.31
N SER IC 273 82.35 164.19 -122.78
CA SER IC 273 83.09 165.33 -122.19
C SER IC 273 83.95 164.84 -121.03
N GLN IC 274 83.41 163.94 -120.21
CA GLN IC 274 84.22 163.39 -119.10
C GLN IC 274 85.41 162.64 -119.70
N ILE IC 275 85.21 161.89 -120.79
CA ILE IC 275 86.33 161.07 -121.33
C ILE IC 275 87.53 161.91 -121.78
N LEU IC 276 87.30 163.01 -122.51
CA LEU IC 276 88.43 163.89 -122.88
C LEU IC 276 89.21 164.59 -121.75
N LYS IC 277 88.49 165.06 -120.74
CA LYS IC 277 89.14 165.64 -119.52
C LYS IC 277 89.71 164.51 -118.59
N LEU IC 278 89.24 163.29 -118.89
CA LEU IC 278 89.64 162.13 -118.06
C LEU IC 278 91.15 162.13 -118.29
N LYS IC 279 91.90 162.01 -117.20
CA LYS IC 279 93.37 161.94 -117.25
C LYS IC 279 93.81 161.07 -116.08
N PRO IC 280 95.03 160.48 -116.04
CA PRO IC 280 95.42 159.54 -114.95
C PRO IC 280 95.26 160.15 -113.57
N GLY IC 281 94.90 159.34 -112.56
CA GLY IC 281 94.72 159.76 -111.19
C GLY IC 281 93.28 160.01 -110.78
N ASP IC 282 92.37 160.11 -111.74
CA ASP IC 282 90.97 160.35 -111.41
C ASP IC 282 90.33 159.10 -110.81
N VAL IC 283 89.22 159.30 -110.11
CA VAL IC 283 88.45 158.21 -109.52
C VAL IC 283 87.03 158.29 -110.07
N LEU IC 284 86.59 157.20 -110.68
CA LEU IC 284 85.24 157.11 -111.24
C LEU IC 284 84.42 156.15 -110.38
N PRO IC 285 83.38 156.62 -109.70
CA PRO IC 285 82.69 155.77 -108.74
C PRO IC 285 81.91 154.66 -109.43
N ILE IC 286 81.94 153.48 -108.81
CA ILE IC 286 81.22 152.30 -109.30
C ILE IC 286 80.39 151.74 -108.16
N GLU IC 287 79.40 150.94 -108.53
CA GLU IC 287 78.48 150.34 -107.57
C GLU IC 287 78.95 148.94 -107.21
N LYS IC 288 78.28 148.34 -106.23
CA LYS IC 288 78.60 146.99 -105.80
C LYS IC 288 78.26 145.99 -106.89
N PRO IC 289 79.23 145.23 -107.40
CA PRO IC 289 78.89 144.06 -108.22
C PRO IC 289 78.57 142.86 -107.36
N ASP IC 290 77.28 142.51 -107.25
CA ASP IC 290 76.91 141.29 -106.48
C ASP IC 290 77.39 140.06 -107.24
N ARG IC 291 77.23 140.05 -108.56
CA ARG IC 291 77.66 138.96 -109.40
C ARG IC 291 78.38 139.49 -110.63
N ILE IC 292 79.28 138.69 -111.17
CA ILE IC 292 80.10 139.05 -112.32
C ILE IC 292 79.73 138.27 -113.57
N ILE IC 293 79.27 138.98 -114.59
CA ILE IC 293 78.89 138.34 -115.84
C ILE IC 293 80.09 137.98 -116.71
N ALA IC 294 80.12 136.73 -117.17
CA ALA IC 294 81.17 136.23 -118.04
C ALA IC 294 80.53 135.89 -119.38
N HIS IC 295 81.04 136.51 -120.44
CA HIS IC 295 80.48 136.42 -121.77
C HIS IC 295 81.55 136.04 -122.78
N VAL IC 296 81.14 135.33 -123.82
CA VAL IC 296 82.02 134.95 -124.93
C VAL IC 296 81.55 135.73 -126.15
N ASP IC 297 82.38 136.67 -126.60
CA ASP IC 297 82.08 137.47 -127.79
C ASP IC 297 80.73 138.18 -127.65
N GLY IC 298 80.43 138.63 -126.44
CA GLY IC 298 79.19 139.36 -126.19
C GLY IC 298 78.13 138.54 -125.48
N VAL IC 299 77.99 137.28 -125.84
CA VAL IC 299 76.92 136.44 -125.29
C VAL IC 299 77.29 136.02 -123.88
N PRO IC 300 76.48 136.37 -122.87
CA PRO IC 300 76.83 136.01 -121.49
C PRO IC 300 76.63 134.51 -121.25
N VAL IC 301 77.58 133.92 -120.54
CA VAL IC 301 77.59 132.47 -120.33
C VAL IC 301 77.55 132.15 -118.84
N LEU IC 302 78.12 133.00 -118.01
CA LEU IC 302 78.31 132.68 -116.60
C LEU IC 302 78.00 133.95 -115.83
N THR IC 303 77.58 133.76 -114.58
CA THR IC 303 77.62 134.82 -113.56
C THR IC 303 78.29 134.17 -112.36
N SER IC 304 79.32 134.83 -111.83
CA SER IC 304 80.18 134.21 -110.83
C SER IC 304 80.75 135.36 -110.02
N GLN IC 305 81.11 135.07 -108.78
CA GLN IC 305 81.52 136.07 -107.79
C GLN IC 305 83.03 136.20 -108.00
N TYR IC 306 83.51 137.44 -107.93
CA TYR IC 306 84.92 137.69 -108.13
C TYR IC 306 85.75 137.24 -106.93
N GLY IC 307 87.04 137.03 -107.16
CA GLY IC 307 87.93 136.62 -106.10
C GLY IC 307 89.36 136.58 -106.61
N THR IC 308 90.26 136.27 -105.68
CA THR IC 308 91.68 136.13 -105.99
C THR IC 308 92.17 134.80 -105.49
N VAL IC 309 92.77 134.01 -106.38
CA VAL IC 309 93.29 132.69 -106.04
C VAL IC 309 94.64 132.52 -106.72
N ASN IC 310 95.64 132.09 -105.95
CA ASN IC 310 96.99 131.82 -106.46
C ASN IC 310 97.58 133.04 -107.16
N GLY IC 311 97.30 134.22 -106.62
CA GLY IC 311 97.76 135.45 -107.24
C GLY IC 311 97.06 135.79 -108.54
N GLN IC 312 96.01 135.06 -108.90
CA GLN IC 312 95.28 135.28 -110.14
C GLN IC 312 93.88 135.78 -109.83
N TYR IC 313 93.36 136.63 -110.70
CA TYR IC 313 91.96 137.05 -110.59
C TYR IC 313 91.07 135.85 -110.87
N ALA IC 314 90.29 135.45 -109.86
CA ALA IC 314 89.50 134.23 -109.95
C ALA IC 314 88.02 134.56 -109.89
N LEU IC 315 87.21 133.62 -110.37
CA LEU IC 315 85.76 133.74 -110.31
C LEU IC 315 85.18 132.45 -109.76
N ARG IC 316 84.33 132.57 -108.74
CA ARG IC 316 83.63 131.43 -108.16
C ARG IC 316 82.31 131.29 -108.91
N VAL IC 317 82.23 130.27 -109.77
CA VAL IC 317 81.08 130.12 -110.65
C VAL IC 317 79.83 129.87 -109.82
N GLU IC 318 78.83 130.68 -110.01
CA GLU IC 318 77.55 130.52 -109.33
C GLU IC 318 76.44 129.93 -110.17
N HIS IC 319 76.36 130.29 -111.48
CA HIS IC 319 75.21 129.84 -112.29
C HIS IC 319 75.49 129.90 -113.78
N LEU IC 320 75.36 128.78 -114.49
CA LEU IC 320 75.44 128.77 -115.95
C LEU IC 320 74.13 129.30 -116.51
N ILE IC 321 74.23 130.28 -117.41
CA ILE IC 321 73.03 130.97 -117.90
C ILE IC 321 72.34 130.12 -118.94
N ASN IC 322 71.41 129.27 -118.50
CA ASN IC 322 70.62 128.48 -119.42
C ASN IC 322 69.49 129.34 -120.01
N PRO IC 323 69.05 129.03 -121.24
CA PRO IC 323 67.96 129.76 -121.86
C PRO IC 323 66.59 129.19 -121.52
N GLN JC 52 83.73 169.56 -139.75
CA GLN JC 52 84.52 169.24 -138.57
C GLN JC 52 84.02 170.00 -137.35
N ASP JC 53 82.91 169.52 -136.79
CA ASP JC 53 82.28 170.15 -135.64
C ASP JC 53 82.82 169.55 -134.35
N ILE JC 54 82.67 170.28 -133.26
CA ILE JC 54 83.21 169.84 -131.97
C ILE JC 54 82.12 169.81 -130.92
N ASP JC 55 81.34 170.89 -130.81
CA ASP JC 55 80.22 170.93 -129.84
C ASP JC 55 79.13 169.94 -130.26
N LEU JC 56 79.13 169.52 -131.53
CA LEU JC 56 78.07 168.62 -132.05
C LEU JC 56 78.10 167.28 -131.31
N ILE JC 57 79.28 166.73 -131.04
CA ILE JC 57 79.42 165.40 -130.37
C ILE JC 57 80.05 165.59 -128.99
N MET JC 58 80.10 166.82 -128.49
CA MET JC 58 80.74 167.12 -127.21
C MET JC 58 79.95 166.51 -126.05
N ASP JC 59 78.70 166.12 -126.30
CA ASP JC 59 77.78 165.69 -125.24
C ASP JC 59 77.31 164.24 -125.40
N ILE JC 60 77.73 163.54 -126.43
CA ILE JC 60 77.26 162.17 -126.69
C ILE JC 60 77.70 161.26 -125.56
N PRO JC 61 76.83 160.41 -125.02
CA PRO JC 61 77.25 159.50 -123.95
C PRO JC 61 77.92 158.26 -124.48
N VAL JC 62 78.82 157.71 -123.66
CA VAL JC 62 79.54 156.49 -123.99
C VAL JC 62 79.40 155.67 -122.71
N LYS JC 63 79.53 154.35 -122.87
CA LYS JC 63 79.47 153.40 -121.74
C LYS JC 63 80.86 152.79 -121.58
N LEU JC 64 81.39 152.76 -120.37
CA LEU JC 64 82.74 152.28 -120.12
C LEU JC 64 82.64 150.98 -119.33
N THR JC 65 83.40 149.97 -119.74
CA THR JC 65 83.41 148.67 -119.08
C THR JC 65 84.81 148.39 -118.57
N VAL JC 66 84.89 147.64 -117.48
CA VAL JC 66 86.16 147.19 -116.90
C VAL JC 66 86.13 145.69 -116.71
N GLU JC 67 87.26 145.04 -116.96
CA GLU JC 67 87.33 143.59 -116.93
C GLU JC 67 88.05 143.06 -115.71
N LEU JC 68 87.74 141.82 -115.32
CA LEU JC 68 88.57 141.15 -114.33
C LEU JC 68 89.82 140.65 -115.04
N GLY JC 69 89.63 139.94 -116.15
CA GLY JC 69 90.79 139.47 -116.91
C GLY JC 69 90.35 138.59 -118.06
N ARG JC 70 91.31 138.33 -118.95
CA ARG JC 70 91.14 137.40 -120.05
C ARG JC 70 91.30 135.98 -119.51
N THR JC 71 90.81 135.01 -120.29
CA THR JC 71 91.14 133.62 -120.10
C THR JC 71 90.56 132.96 -121.33
N ARG JC 72 91.15 131.83 -121.72
CA ARG JC 72 90.75 131.10 -122.91
C ARG JC 72 90.61 129.64 -122.45
N MET JC 73 89.42 129.07 -122.60
CA MET JC 73 89.09 127.81 -121.99
C MET JC 73 88.08 127.18 -122.94
N THR JC 74 88.19 125.87 -123.18
CA THR JC 74 87.43 125.19 -124.25
C THR JC 74 86.04 124.84 -123.82
N ILE JC 75 85.26 124.26 -124.73
CA ILE JC 75 83.85 123.86 -124.47
C ILE JC 75 83.86 122.81 -123.35
N LYS JC 76 84.82 121.89 -123.34
CA LYS JC 76 84.87 120.79 -122.33
C LYS JC 76 84.72 121.34 -120.89
N GLU JC 77 85.68 122.13 -120.39
CA GLU JC 77 85.69 122.71 -119.06
C GLU JC 77 84.49 123.62 -118.80
N LEU JC 78 84.05 124.37 -119.81
CA LEU JC 78 82.85 125.18 -119.66
C LEU JC 78 81.59 124.39 -119.36
N LEU JC 79 81.43 123.24 -120.00
CA LEU JC 79 80.28 122.39 -119.73
C LEU JC 79 80.29 121.65 -118.39
N ARG JC 80 81.47 121.34 -117.86
CA ARG JC 80 81.56 120.68 -116.57
C ARG JC 80 81.81 121.65 -115.37
N LEU JC 81 81.65 122.94 -115.65
CA LEU JC 81 81.76 123.95 -114.61
C LEU JC 81 80.47 123.74 -113.83
N THR JC 82 80.59 123.71 -112.50
CA THR JC 82 79.44 123.46 -111.64
C THR JC 82 79.37 124.65 -110.69
N GLN JC 83 78.36 124.65 -109.83
CA GLN JC 83 78.27 125.73 -108.82
C GLN JC 83 79.41 125.61 -107.85
N GLY JC 84 80.03 126.74 -107.49
CA GLY JC 84 81.14 126.74 -106.56
C GLY JC 84 82.48 126.48 -107.21
N SER JC 85 82.51 126.11 -108.49
CA SER JC 85 83.77 125.91 -109.18
C SER JC 85 84.48 127.24 -109.39
N VAL JC 86 85.81 127.20 -109.33
CA VAL JC 86 86.64 128.40 -109.40
C VAL JC 86 87.47 128.34 -110.68
N VAL JC 87 87.45 129.43 -111.43
CA VAL JC 87 88.23 129.57 -112.66
C VAL JC 87 89.11 130.81 -112.54
N ALA JC 88 90.36 130.71 -112.96
CA ALA JC 88 91.31 131.84 -112.87
C ALA JC 88 91.14 132.80 -114.05
N LEU JC 89 92.09 133.72 -114.24
CA LEU JC 89 92.08 134.73 -115.33
C LEU JC 89 93.55 134.89 -115.72
N ASP JC 90 93.88 135.61 -116.79
CA ASP JC 90 95.27 135.74 -117.30
C ASP JC 90 96.05 136.82 -116.54
N GLY JC 91 95.42 137.58 -115.64
CA GLY JC 91 96.07 138.64 -114.90
C GLY JC 91 96.41 138.39 -113.44
N LEU JC 92 97.63 138.76 -113.07
CA LEU JC 92 98.03 138.68 -111.67
C LEU JC 92 97.18 139.63 -110.84
N ALA JC 93 96.87 139.22 -109.61
CA ALA JC 93 96.07 140.06 -108.73
C ALA JC 93 96.88 141.29 -108.34
N GLY JC 94 96.59 142.42 -108.96
CA GLY JC 94 97.32 143.64 -108.70
C GLY JC 94 97.57 144.51 -109.91
N GLU JC 95 97.57 143.90 -111.12
CA GLU JC 95 97.74 144.72 -112.30
C GLU JC 95 96.51 145.60 -112.52
N PRO JC 96 96.67 146.76 -113.16
CA PRO JC 96 95.51 147.60 -113.45
C PRO JC 96 94.61 146.96 -114.49
N LEU JC 97 93.31 147.00 -114.24
CA LEU JC 97 92.34 146.44 -115.17
C LEU JC 97 92.23 147.33 -116.41
N ASP JC 98 91.75 146.73 -117.51
CA ASP JC 98 91.66 147.49 -118.78
C ASP JC 98 90.26 148.10 -118.93
N ILE JC 99 90.19 149.42 -119.14
CA ILE JC 99 88.89 150.11 -119.33
C ILE JC 99 88.64 150.17 -120.85
N LEU JC 100 87.42 149.84 -121.30
CA LEU JC 100 87.14 149.78 -122.76
C LEU JC 100 85.82 150.50 -123.09
N ILE JC 101 85.69 151.04 -124.30
CA ILE JC 101 84.41 151.68 -124.75
C ILE JC 101 84.04 151.05 -126.11
N ASN JC 102 82.81 150.55 -126.24
CA ASN JC 102 82.35 149.97 -127.54
C ASN JC 102 83.38 148.91 -127.93
N GLY JC 103 83.94 148.17 -126.96
CA GLY JC 103 84.89 147.08 -127.24
C GLY JC 103 86.25 147.60 -127.67
N TYR JC 104 86.55 148.88 -127.44
CA TYR JC 104 87.84 149.51 -127.88
C TYR JC 104 88.60 149.97 -126.65
N LEU JC 105 89.89 149.64 -126.54
CA LEU JC 105 90.66 149.96 -125.32
C LEU JC 105 90.67 151.49 -125.18
N ILE JC 106 90.52 151.99 -123.95
CA ILE JC 106 90.48 153.46 -123.70
C ILE JC 106 91.37 153.82 -122.51
N ALA JC 107 91.54 152.95 -121.50
CA ALA JC 107 92.26 153.36 -120.30
C ALA JC 107 92.69 152.11 -119.51
N GLN JC 108 93.33 152.35 -118.36
CA GLN JC 108 93.66 151.31 -117.40
C GLN JC 108 93.54 151.86 -115.99
N GLY JC 109 92.95 151.06 -115.10
CA GLY JC 109 92.80 151.45 -113.71
C GLY JC 109 92.31 150.28 -112.87
N GLU JC 110 92.52 150.42 -111.56
CA GLU JC 110 92.14 149.39 -110.61
C GLU JC 110 91.08 149.93 -109.65
N VAL JC 111 90.42 148.99 -108.96
CA VAL JC 111 89.39 149.32 -107.99
C VAL JC 111 90.04 149.75 -106.68
N VAL JC 112 89.48 150.76 -106.04
CA VAL JC 112 89.97 151.29 -104.78
C VAL JC 112 88.83 151.45 -103.78
N VAL JC 113 89.11 151.15 -102.52
CA VAL JC 113 88.15 151.30 -101.44
C VAL JC 113 88.44 152.54 -100.61
N VAL JC 114 87.52 153.51 -100.60
CA VAL JC 114 87.79 154.75 -99.91
C VAL JC 114 87.20 154.70 -98.51
N ALA JC 115 85.87 154.64 -98.46
CA ALA JC 115 85.15 154.45 -97.19
C ALA JC 115 84.29 153.18 -97.15
N ASP JC 116 83.14 153.22 -97.82
CA ASP JC 116 82.30 152.01 -97.98
C ASP JC 116 81.82 152.14 -99.42
N LYS JC 117 82.66 152.73 -100.28
CA LYS JC 117 82.26 153.00 -101.69
C LYS JC 117 83.38 152.55 -102.63
N TYR JC 118 83.04 152.24 -103.90
CA TYR JC 118 84.07 151.70 -104.84
C TYR JC 118 84.24 152.59 -106.06
N GLY JC 119 85.44 152.57 -106.65
CA GLY JC 119 85.70 153.30 -107.87
C GLY JC 119 87.00 152.86 -108.52
N VAL JC 120 87.19 153.27 -109.76
CA VAL JC 120 88.35 152.88 -110.54
C VAL JC 120 89.32 154.06 -110.49
N ARG JC 121 90.57 153.76 -110.18
CA ARG JC 121 91.63 154.76 -110.11
C ARG JC 121 92.47 154.55 -111.37
N ILE JC 122 92.24 155.41 -112.36
CA ILE JC 122 92.89 155.24 -113.65
C ILE JC 122 94.38 155.50 -113.53
N THR JC 123 95.18 154.60 -114.09
CA THR JC 123 96.64 154.70 -114.00
C THR JC 123 97.23 155.51 -115.14
N ASP JC 124 96.77 155.31 -116.37
CA ASP JC 124 97.35 156.00 -117.51
C ASP JC 124 96.37 155.95 -118.68
N ILE JC 125 96.74 156.65 -119.74
CA ILE JC 125 95.98 156.66 -120.99
C ILE JC 125 96.89 156.07 -122.07
N ILE JC 126 96.38 155.06 -122.77
CA ILE JC 126 97.20 154.33 -123.74
C ILE JC 126 97.29 155.12 -125.03
N THR JC 127 98.52 155.50 -125.39
CA THR JC 127 98.78 156.08 -126.69
C THR JC 127 98.70 155.00 -127.77
N PRO JC 128 98.51 155.39 -129.03
CA PRO JC 128 98.40 154.37 -130.09
C PRO JC 128 99.60 153.43 -130.14
N SER JC 129 100.81 153.94 -129.91
CA SER JC 129 102.00 153.10 -129.96
C SER JC 129 101.83 151.90 -129.03
N GLU JC 130 101.45 152.17 -127.79
CA GLU JC 130 101.11 151.07 -126.88
C GLU JC 130 100.01 150.17 -127.43
N ARG JC 131 98.94 150.78 -127.94
CA ARG JC 131 97.86 149.97 -128.56
C ARG JC 131 98.43 149.05 -129.65
N MET JC 132 99.37 149.55 -130.44
CA MET JC 132 99.92 148.74 -131.56
C MET JC 132 100.64 147.50 -130.99
N ARG JC 133 101.39 147.66 -129.90
CA ARG JC 133 102.11 146.51 -129.29
C ARG JC 133 101.09 145.61 -128.57
N ARG JC 134 99.93 146.18 -128.23
CA ARG JC 134 98.86 145.42 -127.53
C ARG JC 134 98.40 144.38 -128.58
N LEU JC 135 98.01 144.86 -129.75
CA LEU JC 135 97.67 143.95 -130.87
C LEU JC 135 98.80 143.04 -131.32
N SER JC 136 100.03 143.55 -131.34
CA SER JC 136 101.19 142.76 -131.82
C SER JC 136 101.54 141.65 -130.81
N ARG JC 137 101.29 141.87 -129.51
CA ARG JC 137 101.72 140.87 -128.54
C ARG JC 137 100.70 140.71 -127.43
N ASP KC 53 94.87 165.48 -127.45
CA ASP KC 53 93.78 164.83 -126.73
C ASP KC 53 92.57 164.56 -127.64
N ILE KC 54 92.43 165.37 -128.68
CA ILE KC 54 91.34 165.16 -129.64
C ILE KC 54 91.60 163.82 -130.34
N ASP KC 55 92.87 163.50 -130.58
CA ASP KC 55 93.23 162.26 -131.25
C ASP KC 55 92.69 161.03 -130.52
N LEU KC 56 92.67 161.06 -129.18
CA LEU KC 56 92.12 159.95 -128.42
C LEU KC 56 90.64 159.65 -128.67
N ILE KC 57 89.84 160.72 -128.79
CA ILE KC 57 88.37 160.55 -128.98
C ILE KC 57 88.01 160.84 -130.45
N MET KC 58 88.97 160.68 -131.37
CA MET KC 58 88.69 160.98 -132.77
C MET KC 58 88.60 159.59 -133.41
N ASP KC 59 88.99 158.54 -132.67
CA ASP KC 59 89.03 157.17 -133.27
C ASP KC 59 88.00 156.22 -132.66
N ILE KC 60 87.51 156.50 -131.44
CA ILE KC 60 86.59 155.59 -130.75
C ILE KC 60 85.31 155.19 -131.48
N PRO KC 61 84.93 153.89 -131.48
CA PRO KC 61 83.65 153.44 -132.08
C PRO KC 61 82.46 153.92 -131.26
N VAL KC 62 81.30 154.04 -131.89
CA VAL KC 62 80.08 154.49 -131.22
C VAL KC 62 78.97 153.82 -132.02
N LYS KC 63 77.80 153.68 -131.40
CA LYS KC 63 76.68 153.00 -132.01
C LYS KC 63 75.71 154.05 -132.51
N LEU KC 64 75.32 153.95 -133.78
CA LEU KC 64 74.43 154.90 -134.41
C LEU KC 64 73.13 154.19 -134.75
N THR KC 65 72.00 154.87 -134.53
CA THR KC 65 70.69 154.34 -134.87
C THR KC 65 69.88 155.45 -135.53
N VAL KC 66 68.86 155.05 -136.28
CA VAL KC 66 67.89 155.98 -136.83
C VAL KC 66 66.50 155.41 -136.60
N GLU KC 67 65.63 156.19 -136.00
CA GLU KC 67 64.30 155.70 -135.62
C GLU KC 67 63.27 156.22 -136.60
N LEU KC 68 62.40 155.32 -137.10
CA LEU KC 68 61.40 155.69 -138.15
C LEU KC 68 60.08 156.14 -137.54
N GLY KC 69 59.74 155.68 -136.33
CA GLY KC 69 58.41 155.95 -135.73
C GLY KC 69 58.48 156.24 -134.25
N ARG KC 70 57.42 156.85 -133.71
CA ARG KC 70 57.32 157.17 -132.27
C ARG KC 70 55.83 157.22 -131.88
N THR KC 71 55.38 156.39 -130.93
CA THR KC 71 53.98 156.33 -130.53
C THR KC 71 53.93 156.17 -129.03
N ARG KC 72 52.94 156.74 -128.35
CA ARG KC 72 52.69 156.55 -126.93
C ARG KC 72 51.48 155.65 -126.72
N MET KC 73 51.65 154.61 -125.90
CA MET KC 73 50.55 153.64 -125.73
C MET KC 73 50.42 153.15 -124.29
N THR KC 74 49.24 152.69 -123.91
CA THR KC 74 48.95 152.11 -122.60
C THR KC 74 49.12 150.60 -122.81
N ILE KC 75 48.88 149.82 -121.75
CA ILE KC 75 49.17 148.36 -121.87
C ILE KC 75 47.92 147.65 -122.40
N LYS KC 76 46.75 148.20 -122.10
CA LYS KC 76 45.53 147.66 -122.70
C LYS KC 76 45.88 147.61 -124.18
N GLU KC 77 46.35 148.74 -124.72
CA GLU KC 77 46.64 148.83 -126.15
C GLU KC 77 47.75 147.86 -126.57
N LEU KC 78 48.85 147.78 -125.81
CA LEU KC 78 49.99 146.93 -126.22
C LEU KC 78 49.59 145.45 -126.22
N LEU KC 79 48.88 145.02 -125.19
CA LEU KC 79 48.41 143.61 -125.08
C LEU KC 79 47.42 143.33 -126.21
N ARG KC 80 46.58 144.30 -126.54
CA ARG KC 80 45.53 144.11 -127.57
C ARG KC 80 46.21 143.79 -128.90
N LEU KC 81 47.33 144.45 -129.22
CA LEU KC 81 48.09 144.12 -130.45
C LEU KC 81 48.20 142.60 -130.55
N THR KC 82 47.94 141.99 -131.71
CA THR KC 82 48.15 140.53 -131.90
C THR KC 82 49.10 140.33 -133.07
N GLN KC 83 49.09 139.15 -133.68
CA GLN KC 83 49.91 138.97 -134.87
C GLN KC 83 49.24 139.61 -136.07
N GLY KC 84 50.00 140.39 -136.82
CA GLY KC 84 49.47 141.09 -137.97
C GLY KC 84 48.80 142.42 -137.66
N SER KC 85 48.72 142.81 -136.39
CA SER KC 85 48.11 144.09 -136.05
C SER KC 85 48.97 145.24 -136.54
N VAL KC 86 48.33 146.27 -137.06
CA VAL KC 86 49.01 147.44 -137.59
C VAL KC 86 48.97 148.53 -136.53
N VAL KC 87 50.14 149.07 -136.19
CA VAL KC 87 50.26 150.11 -135.19
C VAL KC 87 50.58 151.41 -135.92
N ALA KC 88 49.71 152.40 -135.77
CA ALA KC 88 49.94 153.70 -136.38
C ALA KC 88 51.04 154.49 -135.68
N LEU KC 89 51.76 155.28 -136.47
CA LEU KC 89 52.82 156.13 -135.97
C LEU KC 89 52.57 157.63 -135.93
N ASP KC 90 52.84 158.26 -134.79
CA ASP KC 90 52.61 159.71 -134.68
C ASP KC 90 53.31 160.50 -135.83
N GLY KC 91 54.51 160.06 -136.16
CA GLY KC 91 55.20 160.58 -137.32
C GLY KC 91 54.58 160.53 -138.69
N LEU KC 92 54.38 161.69 -139.32
CA LEU KC 92 53.82 161.73 -140.65
C LEU KC 92 54.82 161.22 -141.67
N ALA KC 93 54.32 160.83 -142.84
CA ALA KC 93 55.22 160.36 -143.90
C ALA KC 93 56.05 161.51 -144.44
N GLY KC 94 57.34 161.25 -144.64
CA GLY KC 94 58.24 162.23 -145.21
C GLY KC 94 58.91 163.14 -144.21
N GLU KC 95 58.49 163.13 -142.95
CA GLU KC 95 59.14 163.98 -141.96
C GLU KC 95 60.54 163.46 -141.66
N PRO KC 96 61.53 164.28 -141.27
CA PRO KC 96 62.93 163.78 -141.06
C PRO KC 96 62.98 162.78 -139.91
N LEU KC 97 63.54 161.58 -140.14
CA LEU KC 97 63.70 160.53 -139.10
C LEU KC 97 64.69 161.01 -138.04
N ASP KC 98 64.46 160.74 -136.76
CA ASP KC 98 65.50 161.12 -135.75
C ASP KC 98 66.73 160.23 -135.94
N ILE KC 99 67.95 160.74 -135.78
CA ILE KC 99 69.17 159.98 -135.79
C ILE KC 99 69.80 160.11 -134.40
N LEU KC 100 70.04 158.97 -133.75
CA LEU KC 100 70.48 158.92 -132.38
C LEU KC 100 71.86 158.29 -132.30
N ILE KC 101 72.66 158.75 -131.35
CA ILE KC 101 73.98 158.20 -131.07
C ILE KC 101 73.97 157.73 -129.62
N ASN KC 102 74.00 156.41 -129.42
CA ASN KC 102 73.89 155.82 -128.09
C ASN KC 102 72.61 156.29 -127.40
N GLY KC 103 71.55 156.45 -128.18
CA GLY KC 103 70.29 156.94 -127.65
C GLY KC 103 70.19 158.43 -127.51
N TYR KC 104 71.14 159.19 -128.03
CA TYR KC 104 71.15 160.65 -127.91
C TYR KC 104 70.89 161.26 -129.28
N LEU KC 105 69.84 162.08 -129.38
CA LEU KC 105 69.48 162.67 -130.66
C LEU KC 105 70.46 163.78 -131.02
N ILE KC 106 70.97 163.75 -132.26
CA ILE KC 106 71.89 164.78 -132.71
C ILE KC 106 71.44 165.38 -134.03
N ALA KC 107 70.63 164.65 -134.80
CA ALA KC 107 70.36 165.07 -136.17
C ALA KC 107 69.02 164.53 -136.64
N GLN KC 108 68.54 165.12 -137.74
CA GLN KC 108 67.32 164.70 -138.40
C GLN KC 108 67.59 164.52 -139.88
N GLY KC 109 67.03 163.46 -140.47
CA GLY KC 109 67.19 163.20 -141.88
C GLY KC 109 66.24 162.21 -142.52
N GLU KC 110 66.06 162.36 -143.82
CA GLU KC 110 65.16 161.47 -144.56
C GLU KC 110 65.67 160.09 -144.88
N VAL KC 111 64.75 159.19 -145.21
CA VAL KC 111 65.05 157.77 -145.36
C VAL KC 111 65.35 157.65 -146.86
N VAL KC 112 66.40 156.91 -147.17
CA VAL KC 112 66.78 156.62 -148.56
C VAL KC 112 67.51 155.28 -148.57
N VAL KC 113 67.32 154.51 -149.63
CA VAL KC 113 67.93 153.19 -149.76
C VAL KC 113 68.98 153.23 -150.84
N VAL KC 114 70.18 152.74 -150.51
CA VAL KC 114 71.33 152.78 -151.47
C VAL KC 114 71.89 151.36 -151.64
N ALA KC 115 71.97 150.86 -152.88
CA ALA KC 115 72.57 149.53 -153.15
C ALA KC 115 71.85 148.43 -152.36
N ASP KC 116 70.53 148.54 -152.24
CA ASP KC 116 69.69 147.49 -151.56
C ASP KC 116 69.98 147.42 -150.05
N LYS KC 117 70.57 148.48 -149.47
CA LYS KC 117 70.84 148.52 -148.02
C LYS KC 117 70.20 149.79 -147.47
N TYR KC 118 69.53 149.70 -146.31
CA TYR KC 118 68.90 150.90 -145.70
C TYR KC 118 69.90 152.03 -145.50
N GLY KC 119 69.43 153.28 -145.57
CA GLY KC 119 70.29 154.42 -145.33
C GLY KC 119 69.47 155.63 -144.94
N VAL KC 120 70.17 156.73 -144.69
CA VAL KC 120 69.53 157.97 -144.28
C VAL KC 120 70.42 159.13 -144.71
N ARG KC 121 69.81 160.17 -145.26
CA ARG KC 121 70.49 161.40 -145.63
C ARG KC 121 70.35 162.45 -144.54
N ILE KC 122 71.48 162.94 -144.04
CA ILE KC 122 71.45 163.90 -142.94
C ILE KC 122 70.93 165.24 -143.45
N THR KC 123 69.64 165.50 -143.21
CA THR KC 123 69.07 166.79 -143.62
C THR KC 123 69.64 167.92 -142.79
N ASP KC 124 69.66 167.76 -141.47
CA ASP KC 124 70.19 168.81 -140.62
C ASP KC 124 70.63 168.24 -139.29
N ILE KC 125 71.42 169.01 -138.56
CA ILE KC 125 71.80 168.70 -137.20
C ILE KC 125 71.04 169.64 -136.27
N ILE KC 126 70.31 169.08 -135.32
CA ILE KC 126 69.47 169.89 -134.44
C ILE KC 126 70.35 170.60 -133.41
N THR KC 127 70.19 171.91 -133.33
CA THR KC 127 70.74 172.76 -132.31
C THR KC 127 69.90 172.62 -131.03
N PRO KC 128 70.51 172.74 -129.84
CA PRO KC 128 69.77 172.43 -128.60
C PRO KC 128 68.56 173.32 -128.39
N SER KC 129 68.26 174.25 -129.30
CA SER KC 129 67.05 175.06 -129.17
C SER KC 129 65.85 174.13 -129.32
N GLU KC 130 65.94 173.14 -130.21
CA GLU KC 130 64.78 172.22 -130.47
C GLU KC 130 64.62 171.17 -129.37
N ARG KC 131 65.65 170.98 -128.53
CA ARG KC 131 65.64 169.94 -127.50
C ARG KC 131 64.59 170.29 -126.46
N MET KC 132 64.49 171.57 -126.10
CA MET KC 132 63.40 171.97 -125.17
C MET KC 132 62.07 171.50 -125.77
N ARG KC 133 61.85 171.76 -127.06
CA ARG KC 133 60.59 171.35 -127.75
C ARG KC 133 60.46 169.83 -127.91
N ARG KC 134 61.58 169.10 -127.87
CA ARG KC 134 61.54 167.62 -127.98
C ARG KC 134 60.84 167.05 -126.74
N LEU KC 135 60.63 167.89 -125.73
CA LEU KC 135 59.96 167.43 -124.48
C LEU KC 135 58.92 168.48 -124.06
N ALA LC 37 67.21 165.43 -89.85
CA ALA LC 37 66.85 164.15 -89.26
C ALA LC 37 65.34 163.91 -89.37
N VAL LC 38 64.69 164.64 -90.26
CA VAL LC 38 63.25 164.50 -90.46
C VAL LC 38 62.90 163.14 -91.05
N PHE LC 39 63.65 162.71 -92.07
CA PHE LC 39 63.37 161.44 -92.71
C PHE LC 39 63.68 160.29 -91.76
N GLN LC 40 62.83 159.27 -91.77
CA GLN LC 40 62.99 158.12 -90.89
C GLN LC 40 63.71 157.03 -91.67
N GLN LC 41 64.70 156.42 -91.03
CA GLN LC 41 65.57 155.46 -91.72
C GLN LC 41 64.92 154.09 -91.90
N LEU LC 42 64.58 153.78 -93.15
CA LEU LC 42 63.97 152.50 -93.50
C LEU LC 42 64.99 151.43 -93.87
N GLY LC 43 64.80 150.23 -93.36
CA GLY LC 43 65.70 149.13 -93.65
C GLY LC 43 65.03 147.80 -93.36
N GLY LC 44 65.62 146.75 -93.92
CA GLY LC 44 65.08 145.41 -93.75
C GLY LC 44 63.70 145.24 -94.34
N GLY LC 45 63.46 145.82 -95.52
CA GLY LC 45 62.16 145.73 -96.15
C GLY LC 45 62.08 144.69 -97.23
N ASP LC 46 63.10 143.82 -97.31
CA ASP LC 46 63.13 142.75 -98.30
C ASP LC 46 62.29 141.57 -97.78
N VAL LC 47 60.98 141.78 -97.78
CA VAL LC 47 60.06 140.76 -97.27
C VAL LC 47 60.03 139.57 -98.21
N SER LC 48 59.59 139.78 -99.44
CA SER LC 48 59.49 138.74 -100.45
C SER LC 48 59.25 139.39 -101.80
N GLY LC 49 59.22 138.57 -102.84
CA GLY LC 49 58.93 139.05 -104.18
C GLY LC 49 58.16 138.03 -105.00
N ALA LC 50 57.00 138.44 -105.52
CA ALA LC 50 56.20 137.55 -106.35
C ALA LC 50 55.37 138.40 -107.31
N MET LC 51 55.41 138.04 -108.59
CA MET LC 51 54.60 138.74 -109.58
C MET LC 51 53.13 138.61 -109.23
N GLN LC 52 52.41 139.73 -109.30
CA GLN LC 52 51.01 139.73 -108.89
C GLN LC 52 50.18 139.45 -110.13
N ASP LC 53 50.18 140.37 -111.08
CA ASP LC 53 49.42 140.29 -112.31
C ASP LC 53 49.76 141.52 -113.13
N ILE LC 54 49.43 141.49 -114.42
CA ILE LC 54 49.84 142.55 -115.33
C ILE LC 54 48.78 143.64 -115.52
N ASP LC 55 47.69 143.56 -114.75
CA ASP LC 55 46.65 144.58 -114.79
C ASP LC 55 46.72 145.60 -113.67
N LEU LC 56 47.55 145.35 -112.66
CA LEU LC 56 47.75 146.34 -111.58
C LEU LC 56 48.47 147.52 -112.23
N ILE LC 57 49.37 147.23 -113.16
CA ILE LC 57 50.23 148.26 -113.83
C ILE LC 57 49.69 148.60 -115.23
N MET LC 58 48.50 148.13 -115.60
CA MET LC 58 48.05 148.31 -117.01
C MET LC 58 48.00 149.68 -117.68
N ASP LC 59 47.20 150.60 -117.11
CA ASP LC 59 47.03 151.93 -117.75
C ASP LC 59 48.25 152.79 -117.43
N ILE LC 60 49.45 152.26 -117.71
CA ILE LC 60 50.68 153.06 -117.51
C ILE LC 60 51.23 153.33 -118.93
N PRO LC 61 51.52 154.60 -119.29
CA PRO LC 61 51.94 154.92 -120.69
C PRO LC 61 53.26 154.24 -121.00
N VAL LC 62 53.38 153.71 -122.22
CA VAL LC 62 54.65 153.07 -122.65
C VAL LC 62 55.20 153.93 -123.79
N LYS LC 63 56.52 153.94 -123.96
CA LYS LC 63 57.12 154.72 -125.03
C LYS LC 63 57.48 153.77 -126.17
N LEU LC 64 56.57 153.63 -127.13
CA LEU LC 64 56.81 152.73 -128.25
C LEU LC 64 57.57 153.45 -129.35
N THR LC 65 58.56 152.78 -129.92
CA THR LC 65 59.41 153.35 -130.95
C THR LC 65 59.83 152.26 -131.93
N VAL LC 66 59.61 152.51 -133.21
CA VAL LC 66 60.07 151.62 -134.27
C VAL LC 66 61.41 152.10 -134.81
N GLU LC 67 62.33 151.17 -135.01
CA GLU LC 67 63.67 151.51 -135.45
C GLU LC 67 63.96 151.13 -136.90
N LEU LC 68 64.48 152.09 -137.68
CA LEU LC 68 64.67 151.87 -139.10
C LEU LC 68 65.88 150.97 -139.29
N GLY LC 69 66.99 151.29 -138.62
CA GLY LC 69 68.20 150.51 -138.82
C GLY LC 69 69.28 150.84 -137.82
N ARG LC 70 70.38 150.09 -137.94
CA ARG LC 70 71.52 150.22 -137.06
C ARG LC 70 72.75 150.31 -137.94
N THR LC 71 73.86 150.72 -137.36
CA THR LC 71 75.16 150.72 -137.99
C THR LC 71 76.20 151.04 -136.94
N ARG LC 72 77.21 150.21 -136.85
CA ARG LC 72 78.35 150.49 -135.97
C ARG LC 72 79.34 151.33 -136.75
N MET LC 73 79.64 152.52 -136.22
CA MET LC 73 80.49 153.46 -136.92
C MET LC 73 81.25 154.26 -135.87
N THR LC 74 82.50 154.59 -136.18
CA THR LC 74 83.35 155.32 -135.26
C THR LC 74 83.25 156.82 -135.52
N ILE LC 75 83.89 157.59 -134.64
CA ILE LC 75 83.92 159.03 -134.77
C ILE LC 75 84.67 159.47 -136.03
N LYS LC 76 85.54 158.60 -136.55
CA LYS LC 76 86.27 158.88 -137.78
C LYS LC 76 85.35 159.41 -138.87
N GLU LC 77 84.40 158.59 -139.31
CA GLU LC 77 83.45 159.04 -140.32
C GLU LC 77 82.43 160.00 -139.73
N LEU LC 78 82.16 159.91 -138.43
CA LEU LC 78 81.18 160.81 -137.81
C LEU LC 78 81.26 162.30 -138.06
N LEU LC 79 82.45 162.90 -137.92
CA LEU LC 79 82.56 164.32 -138.24
C LEU LC 79 82.74 164.56 -139.78
N ARG LC 80 83.19 163.50 -140.45
CA ARG LC 80 83.31 163.61 -141.94
C ARG LC 80 81.91 163.91 -142.49
N LEU LC 81 80.87 163.49 -141.77
CA LEU LC 81 79.50 163.76 -142.20
C LEU LC 81 79.04 165.20 -142.37
N THR LC 82 78.55 165.52 -143.57
CA THR LC 82 78.02 166.84 -143.88
C THR LC 82 76.56 166.72 -144.27
N GLN LC 83 75.93 167.87 -144.51
CA GLN LC 83 74.54 167.88 -144.95
C GLN LC 83 74.43 167.25 -146.34
N GLY LC 84 73.42 166.40 -146.52
CA GLY LC 84 73.23 165.71 -147.77
C GLY LC 84 74.01 164.43 -147.91
N SER LC 85 74.87 164.09 -146.95
CA SER LC 85 75.59 162.82 -146.98
C SER LC 85 74.63 161.67 -146.69
N VAL LC 86 75.05 160.48 -147.08
CA VAL LC 86 74.24 159.27 -146.92
C VAL LC 86 75.01 158.27 -146.09
N VAL LC 87 74.37 157.76 -145.04
CA VAL LC 87 74.97 156.78 -144.14
C VAL LC 87 74.28 155.44 -144.38
N ALA LC 88 75.04 154.44 -144.80
CA ALA LC 88 74.49 153.11 -145.00
C ALA LC 88 74.25 152.45 -143.65
N LEU LC 89 73.13 151.74 -143.55
CA LEU LC 89 72.75 151.05 -142.33
C LEU LC 89 73.01 149.56 -142.49
N ASP LC 90 73.35 148.91 -141.38
CA ASP LC 90 73.63 147.47 -141.42
C ASP LC 90 72.41 146.66 -141.85
N GLY LC 91 71.22 147.08 -141.47
CA GLY LC 91 70.01 146.38 -141.86
C GLY LC 91 69.77 146.37 -143.35
N LEU LC 92 69.55 145.18 -143.91
CA LEU LC 92 69.24 145.05 -145.32
C LEU LC 92 67.87 145.65 -145.62
N ALA LC 93 67.73 146.25 -146.80
CA ALA LC 93 66.47 146.89 -147.16
C ALA LC 93 65.36 145.85 -147.28
N GLY LC 94 64.19 146.20 -146.76
CA GLY LC 94 63.05 145.31 -146.80
C GLY LC 94 62.97 144.32 -145.65
N GLU LC 95 63.98 144.26 -144.79
CA GLU LC 95 63.94 143.37 -143.65
C GLU LC 95 62.94 143.90 -142.61
N PRO LC 96 62.42 143.02 -141.76
CA PRO LC 96 61.52 143.47 -140.69
C PRO LC 96 62.23 144.46 -139.78
N LEU LC 97 61.51 145.50 -139.39
CA LEU LC 97 62.03 146.53 -138.51
C LEU LC 97 61.82 146.14 -137.06
N ASP LC 98 62.54 146.82 -136.17
CA ASP LC 98 62.55 146.51 -134.76
C ASP LC 98 61.59 147.43 -134.01
N ILE LC 99 60.89 146.87 -133.02
CA ILE LC 99 59.94 147.61 -132.20
C ILE LC 99 60.42 147.54 -130.76
N LEU LC 100 60.54 148.70 -130.12
CA LEU LC 100 60.99 148.79 -128.74
C LEU LC 100 59.94 149.52 -127.92
N ILE LC 101 59.81 149.14 -126.65
CA ILE LC 101 59.02 149.88 -125.69
C ILE LC 101 59.93 150.33 -124.57
N ASN LC 102 60.03 151.65 -124.37
CA ASN LC 102 60.97 152.24 -123.43
C ASN LC 102 62.40 151.80 -123.73
N GLY LC 103 62.71 151.65 -125.02
CA GLY LC 103 64.05 151.30 -125.44
C GLY LC 103 64.42 149.85 -125.32
N TYR LC 104 63.45 148.97 -125.05
CA TYR LC 104 63.72 147.53 -124.90
C TYR LC 104 63.07 146.83 -126.09
N LEU LC 105 63.86 146.04 -126.80
CA LEU LC 105 63.37 145.35 -127.99
C LEU LC 105 62.40 144.25 -127.56
N ILE LC 106 61.22 144.24 -128.16
CA ILE LC 106 60.20 143.24 -127.85
C ILE LC 106 59.79 142.45 -129.09
N ALA LC 107 59.64 143.12 -130.22
CA ALA LC 107 59.06 142.46 -131.39
C ALA LC 107 59.68 142.99 -132.67
N GLN LC 108 59.48 142.22 -133.74
CA GLN LC 108 59.86 142.60 -135.08
C GLN LC 108 58.62 142.73 -135.93
N GLY LC 109 58.50 143.85 -136.65
CA GLY LC 109 57.33 144.13 -137.45
C GLY LC 109 57.76 144.48 -138.85
N GLU LC 110 56.77 144.93 -139.64
CA GLU LC 110 56.98 145.32 -141.03
C GLU LC 110 56.28 146.65 -141.25
N VAL LC 111 56.94 147.54 -141.97
CA VAL LC 111 56.43 148.90 -142.17
C VAL LC 111 55.41 148.93 -143.30
N VAL LC 112 54.29 149.61 -143.05
CA VAL LC 112 53.22 149.76 -144.03
C VAL LC 112 52.75 151.22 -144.02
N VAL LC 113 52.12 151.64 -145.11
CA VAL LC 113 51.59 152.99 -145.26
C VAL LC 113 50.07 152.89 -145.32
N VAL LC 114 49.41 153.53 -144.35
CA VAL LC 114 47.93 153.52 -144.31
C VAL LC 114 47.40 154.97 -144.25
N ALA LC 115 46.65 155.39 -145.28
CA ALA LC 115 46.10 156.77 -145.35
C ALA LC 115 47.19 157.84 -145.25
N ASP LC 116 48.36 157.60 -145.84
CA ASP LC 116 49.46 158.62 -145.88
C ASP LC 116 50.09 158.76 -144.49
N LYS LC 117 49.85 157.79 -143.61
CA LYS LC 117 50.44 157.82 -142.25
C LYS LC 117 51.31 156.57 -142.07
N TYR LC 118 52.49 156.71 -141.48
CA TYR LC 118 53.37 155.55 -141.35
C TYR LC 118 52.86 154.60 -140.28
N GLY LC 119 52.94 153.32 -140.55
CA GLY LC 119 52.47 152.32 -139.61
C GLY LC 119 53.29 151.05 -139.72
N VAL LC 120 53.56 150.45 -138.57
CA VAL LC 120 54.26 149.18 -138.50
C VAL LC 120 53.22 148.07 -138.25
N ARG LC 121 53.48 146.91 -138.82
CA ARG LC 121 52.62 145.74 -138.65
C ARG LC 121 53.40 144.69 -137.87
N ILE LC 122 52.97 144.43 -136.65
CA ILE LC 122 53.69 143.48 -135.80
C ILE LC 122 53.65 142.10 -136.43
N THR LC 123 54.82 141.50 -136.60
CA THR LC 123 54.92 140.16 -137.18
C THR LC 123 55.28 139.09 -136.16
N ASP LC 124 56.31 139.29 -135.34
CA ASP LC 124 56.66 138.23 -134.41
C ASP LC 124 57.45 138.79 -133.23
N ILE LC 125 57.08 138.36 -132.02
CA ILE LC 125 57.87 138.69 -130.85
C ILE LC 125 59.21 137.97 -130.93
N ILE LC 126 60.29 138.72 -130.71
CA ILE LC 126 61.62 138.14 -130.84
C ILE LC 126 61.85 137.06 -129.79
N THR LC 127 62.76 136.17 -130.09
CA THR LC 127 63.19 135.05 -129.27
C THR LC 127 64.45 135.40 -128.50
N PRO LC 128 64.69 134.75 -127.36
CA PRO LC 128 65.94 135.03 -126.63
C PRO LC 128 67.18 134.77 -127.46
N SER LC 129 67.16 133.74 -128.31
CA SER LC 129 68.28 133.51 -129.21
C SER LC 129 68.62 134.63 -130.18
N GLU LC 130 67.60 135.22 -130.81
CA GLU LC 130 67.84 136.35 -131.70
C GLU LC 130 68.19 137.64 -130.91
N ARG LC 131 67.69 137.71 -129.68
CA ARG LC 131 68.05 138.81 -128.80
C ARG LC 131 69.56 138.81 -128.59
N MET LC 132 70.13 137.66 -128.22
CA MET LC 132 71.58 137.55 -128.08
C MET LC 132 72.37 137.64 -129.39
N ARG LC 133 71.74 137.22 -130.49
CA ARG LC 133 72.34 137.37 -131.80
C ARG LC 133 72.45 138.87 -132.02
N ARG LC 134 71.41 139.62 -131.68
CA ARG LC 134 71.47 141.07 -131.78
C ARG LC 134 72.58 141.63 -130.89
N LEU LC 135 72.72 141.09 -129.69
CA LEU LC 135 73.72 141.61 -128.75
C LEU LC 135 75.13 141.46 -129.30
N SER LC 136 75.44 140.32 -129.89
CA SER LC 136 76.77 140.08 -130.44
C SER LC 136 76.92 140.70 -131.82
N LYS MC 514 -10.97 66.22 -151.58
CA LYS MC 514 -10.90 67.53 -150.95
C LYS MC 514 -10.92 68.65 -151.98
N ASP MC 515 -10.33 68.37 -153.14
CA ASP MC 515 -10.30 69.37 -154.22
C ASP MC 515 -11.70 69.65 -154.74
N GLU MC 516 -12.52 68.60 -154.90
CA GLU MC 516 -13.88 68.80 -155.37
C GLU MC 516 -14.72 69.59 -154.38
N GLN MC 517 -14.58 69.30 -153.09
CA GLN MC 517 -15.30 70.06 -152.08
C GLN MC 517 -14.87 71.52 -152.06
N LEU MC 518 -13.56 71.77 -152.19
CA LEU MC 518 -13.07 73.14 -152.25
C LEU MC 518 -13.61 73.87 -153.48
N GLN MC 519 -13.66 73.18 -154.62
CA GLN MC 519 -14.21 73.78 -155.82
C GLN MC 519 -15.69 74.10 -155.67
N GLN MC 520 -16.45 73.20 -155.05
CA GLN MC 520 -17.87 73.46 -154.83
C GLN MC 520 -18.08 74.63 -153.88
N ARG MC 521 -17.27 74.70 -152.81
CA ARG MC 521 -17.36 75.83 -151.88
C ARG MC 521 -17.01 77.14 -152.60
N ARG MC 522 -15.98 77.12 -153.45
CA ARG MC 522 -15.62 78.31 -154.20
C ARG MC 522 -16.73 78.73 -155.16
N ALA MC 523 -17.38 77.76 -155.81
CA ALA MC 523 -18.48 78.09 -156.70
C ALA MC 523 -19.65 78.70 -155.94
N ASN MC 524 -19.99 78.13 -154.78
CA ASN MC 524 -21.05 78.71 -153.96
C ASN MC 524 -20.69 80.12 -153.51
N GLN MC 525 -19.44 80.32 -153.10
CA GLN MC 525 -19.00 81.65 -152.68
C GLN MC 525 -19.06 82.64 -153.83
N ARG MC 526 -18.68 82.20 -155.04
CA ARG MC 526 -18.67 83.07 -156.20
C ARG MC 526 -20.07 83.28 -156.79
N LEU MC 527 -21.04 82.45 -156.40
CA LEU MC 527 -22.44 82.56 -156.89
C LEU MC 527 -23.20 83.46 -155.91
N GLY MC 528 -23.13 83.15 -154.62
CA GLY MC 528 -23.81 83.95 -153.59
C GLY MC 528 -23.24 85.34 -153.45
N ALA MC 529 -21.94 85.52 -153.72
CA ALA MC 529 -21.29 86.85 -153.68
C ALA MC 529 -21.77 87.62 -154.91
N GLU MC 530 -21.87 86.93 -156.06
CA GLU MC 530 -22.36 87.59 -157.30
C GLU MC 530 -23.80 88.03 -157.08
N VAL MC 531 -24.56 87.17 -156.33
CA VAL MC 531 -25.95 87.51 -155.90
C VAL MC 531 -25.86 88.62 -154.85
N MET MC 532 -24.89 88.53 -153.94
CA MET MC 532 -24.71 89.54 -152.87
C MET MC 532 -24.36 90.89 -153.50
N SER MC 533 -23.51 90.90 -154.53
CA SER MC 533 -23.12 92.15 -155.22
C SER MC 533 -24.37 92.77 -155.86
N GLN MC 534 -25.21 91.93 -156.48
CA GLN MC 534 -26.49 92.40 -157.08
C GLN MC 534 -27.39 92.94 -155.96
N ARG MC 535 -27.41 92.25 -154.81
CA ARG MC 535 -28.25 92.64 -153.65
C ARG MC 535 -27.82 94.00 -153.11
N ILE MC 536 -26.50 94.26 -153.04
CA ILE MC 536 -25.97 95.52 -152.44
C ILE MC 536 -26.24 96.68 -153.39
N ARG MC 537 -26.42 96.43 -154.68
CA ARG MC 537 -26.71 97.47 -155.67
C ARG MC 537 -28.15 97.92 -155.58
N GLU MC 538 -29.08 96.99 -155.43
CA GLU MC 538 -30.49 97.36 -155.26
C GLU MC 538 -30.69 98.17 -153.99
N MET MC 539 -30.06 97.75 -152.89
CA MET MC 539 -30.20 98.47 -151.62
C MET MC 539 -29.61 99.87 -151.70
N SER MC 540 -28.44 100.02 -152.34
CA SER MC 540 -27.81 101.34 -152.45
C SER MC 540 -28.60 102.25 -153.38
N ASP MC 541 -29.17 101.70 -154.45
CA ASP MC 541 -30.06 102.48 -155.29
C ASP MC 541 -31.31 102.91 -154.53
N ASN MC 542 -31.81 102.06 -153.63
CA ASN MC 542 -32.94 102.46 -152.77
C ASN MC 542 -32.55 103.59 -151.84
N ASP MC 543 -31.38 103.51 -151.22
CA ASP MC 543 -30.90 104.50 -150.27
C ASP MC 543 -29.40 104.67 -150.41
N PRO MC 544 -28.95 105.71 -151.12
CA PRO MC 544 -27.49 105.89 -151.27
C PRO MC 544 -26.83 106.51 -150.06
N ARG MC 545 -27.49 107.43 -149.36
CA ARG MC 545 -26.89 108.09 -148.21
C ARG MC 545 -26.81 107.17 -146.99
N VAL MC 546 -27.72 106.19 -146.90
CA VAL MC 546 -27.72 105.28 -145.76
C VAL MC 546 -26.44 104.44 -145.76
N VAL MC 547 -26.01 103.99 -146.94
CA VAL MC 547 -24.77 103.22 -147.02
C VAL MC 547 -23.58 104.05 -146.59
N ALA MC 548 -23.50 105.30 -147.03
CA ALA MC 548 -22.40 106.16 -146.62
C ALA MC 548 -22.41 106.42 -145.13
N LEU MC 549 -23.61 106.63 -144.56
CA LEU MC 549 -23.72 106.83 -143.12
C LEU MC 549 -23.29 105.59 -142.35
N VAL MC 550 -23.66 104.41 -142.83
CA VAL MC 550 -23.25 103.16 -142.18
C VAL MC 550 -21.74 102.99 -142.27
N ILE MC 551 -21.15 103.33 -143.41
CA ILE MC 551 -19.71 103.23 -143.56
C ILE MC 551 -19.00 104.18 -142.60
N ARG MC 552 -19.51 105.41 -142.48
CA ARG MC 552 -18.92 106.37 -141.55
C ARG MC 552 -19.05 105.89 -140.11
N GLN MC 553 -20.19 105.30 -139.77
CA GLN MC 553 -20.38 104.75 -138.43
C GLN MC 553 -19.41 103.61 -138.16
N TRP MC 554 -19.16 102.77 -139.18
CA TRP MC 554 -18.20 101.69 -139.03
C TRP MC 554 -16.80 102.22 -138.77
N MET MC 555 -16.40 103.27 -139.49
CA MET MC 555 -15.11 103.89 -139.25
C MET MC 555 -15.03 104.52 -137.87
N SER MC 556 -16.10 105.18 -137.42
CA SER MC 556 -16.11 105.76 -136.09
C SER MC 556 -15.99 104.69 -135.00
N ASN MC 557 -16.70 103.58 -135.18
CA ASN MC 557 -16.59 102.49 -134.21
C ASN MC 557 -15.24 101.79 -134.28
N ASP MC 558 -14.57 101.85 -135.43
CA ASP MC 558 -13.25 101.24 -135.55
C ASP MC 558 -12.22 101.92 -134.66
N HIS MC 559 -12.44 103.18 -134.32
CA HIS MC 559 -11.52 103.90 -133.46
C HIS MC 559 -11.58 103.39 -132.03
N GLY NC 6 -13.06 97.74 -140.04
CA GLY NC 6 -14.28 97.96 -140.80
C GLY NC 6 -14.09 98.84 -142.02
N THR NC 7 -13.12 99.75 -141.93
CA THR NC 7 -12.83 100.63 -143.05
C THR NC 7 -12.32 99.85 -144.26
N ASP NC 8 -11.46 98.86 -144.04
CA ASP NC 8 -10.97 98.03 -145.13
C ASP NC 8 -12.11 97.26 -145.79
N LYS NC 9 -13.01 96.72 -144.96
CA LYS NC 9 -14.18 96.02 -145.49
C LYS NC 9 -15.06 96.95 -146.30
N SER NC 10 -15.25 98.19 -145.81
CA SER NC 10 -16.04 99.17 -146.54
C SER NC 10 -15.39 99.51 -147.87
N VAL NC 11 -14.07 99.67 -147.87
CA VAL NC 11 -13.35 99.97 -149.12
C VAL NC 11 -13.49 98.81 -150.10
N ILE NC 12 -13.37 97.57 -149.62
CA ILE NC 12 -13.52 96.41 -150.48
C ILE NC 12 -14.93 96.35 -151.06
N LEU NC 13 -15.94 96.60 -150.24
CA LEU NC 13 -17.32 96.60 -150.71
C LEU NC 13 -17.55 97.69 -151.75
N LEU NC 14 -16.99 98.87 -151.52
CA LEU NC 14 -17.12 99.97 -152.49
C LEU NC 14 -16.45 99.62 -153.81
N MET NC 15 -15.27 99.01 -153.74
CA MET NC 15 -14.59 98.59 -154.96
C MET NC 15 -15.38 97.53 -155.70
N THR NC 16 -15.97 96.58 -154.98
CA THR NC 16 -16.75 95.53 -155.61
C THR NC 16 -18.12 96.00 -156.07
N ILE NC 17 -18.57 97.17 -155.62
CA ILE NC 17 -19.90 97.66 -155.99
C ILE NC 17 -19.88 98.18 -157.41
N GLY NC 18 -18.97 99.11 -157.70
CA GLY NC 18 -18.89 99.70 -159.03
C GLY NC 18 -18.50 101.17 -158.99
N GLU NC 19 -18.12 101.72 -160.14
CA GLU NC 19 -17.66 103.10 -160.19
C GLU NC 19 -18.79 104.08 -159.88
N ASP NC 20 -19.96 103.86 -160.46
CA ASP NC 20 -21.06 104.80 -160.30
C ASP NC 20 -21.58 104.81 -158.86
N ARG NC 21 -21.80 103.62 -158.30
CA ARG NC 21 -22.28 103.53 -156.92
C ARG NC 21 -21.28 104.12 -155.94
N ALA NC 22 -20.00 103.81 -156.13
CA ALA NC 22 -18.96 104.36 -155.25
C ALA NC 22 -18.89 105.88 -155.38
N ALA NC 23 -19.01 106.40 -156.61
CA ALA NC 23 -18.99 107.85 -156.80
C ALA NC 23 -20.17 108.51 -156.11
N GLU NC 24 -21.37 107.91 -156.22
CA GLU NC 24 -22.54 108.46 -155.53
C GLU NC 24 -22.35 108.42 -154.02
N VAL NC 25 -21.80 107.32 -153.50
CA VAL NC 25 -21.57 107.22 -152.06
C VAL NC 25 -20.58 108.28 -151.60
N PHE NC 26 -19.50 108.47 -152.37
CA PHE NC 26 -18.51 109.50 -152.03
C PHE NC 26 -19.13 110.89 -152.06
N LYS NC 27 -19.98 111.15 -153.06
CA LYS NC 27 -20.71 112.42 -153.10
C LYS NC 27 -21.64 112.57 -151.90
N HIS NC 28 -22.13 111.46 -151.34
CA HIS NC 28 -22.92 111.48 -150.13
C HIS NC 28 -22.08 111.20 -148.88
N LEU NC 29 -20.77 111.43 -148.95
CA LEU NC 29 -19.86 111.15 -147.85
C LEU NC 29 -19.04 112.39 -147.54
N SER NC 30 -18.51 112.43 -146.31
CA SER NC 30 -17.71 113.55 -145.85
C SER NC 30 -16.33 113.52 -146.51
N THR NC 31 -15.64 114.67 -146.43
CA THR NC 31 -14.35 114.82 -147.09
C THR NC 31 -13.30 113.86 -146.54
N ARG NC 32 -13.18 113.79 -145.22
CA ARG NC 32 -12.21 112.89 -144.60
C ARG NC 32 -12.53 111.44 -144.91
N GLU NC 33 -13.81 111.07 -144.81
CA GLU NC 33 -14.23 109.70 -145.11
C GLU NC 33 -13.97 109.37 -146.58
N VAL NC 34 -14.28 110.31 -147.48
CA VAL NC 34 -14.07 110.06 -148.91
C VAL NC 34 -12.58 109.89 -149.20
N GLN NC 35 -11.75 110.73 -148.60
CA GLN NC 35 -10.31 110.64 -148.82
C GLN NC 35 -9.77 109.30 -148.29
N ALA NC 36 -10.21 108.91 -147.10
CA ALA NC 36 -9.76 107.65 -146.52
C ALA NC 36 -10.19 106.46 -147.39
N LEU NC 37 -11.43 106.48 -147.86
CA LEU NC 37 -11.92 105.40 -148.70
C LEU NC 37 -11.17 105.33 -150.02
N SER NC 38 -10.90 106.48 -150.64
CA SER NC 38 -10.14 106.51 -151.89
C SER NC 38 -8.73 105.99 -151.70
N THR NC 39 -8.09 106.39 -150.59
CA THR NC 39 -6.71 105.98 -150.33
C THR NC 39 -6.63 104.48 -150.05
N ALA NC 40 -7.47 103.99 -149.13
CA ALA NC 40 -7.38 102.61 -148.68
C ALA NC 40 -7.69 101.61 -149.79
N MET NC 41 -8.71 101.91 -150.60
CA MET NC 41 -9.14 100.98 -151.64
C MET NC 41 -8.02 100.71 -152.65
N ALA NC 42 -7.38 101.78 -153.12
CA ALA NC 42 -6.30 101.62 -154.08
C ALA NC 42 -5.00 101.21 -153.41
N ASN NC 43 -4.87 101.55 -152.12
CA ASN NC 43 -3.61 101.23 -151.38
C ASN NC 43 -3.35 99.75 -151.11
N VAL NC 44 -4.15 99.14 -150.23
CA VAL NC 44 -4.00 97.68 -149.97
C VAL NC 44 -5.46 97.21 -149.90
N ARG NC 45 -5.81 96.20 -150.71
CA ARG NC 45 -7.19 95.66 -150.68
C ARG NC 45 -7.14 94.21 -150.21
N GLN NC 46 -7.96 93.86 -149.22
CA GLN NC 46 -7.95 92.48 -148.67
C GLN NC 46 -9.33 91.83 -148.92
N ILE NC 47 -9.35 90.61 -149.46
CA ILE NC 47 -10.65 89.89 -149.67
C ILE NC 47 -10.62 88.61 -148.84
N SER NC 48 -11.66 88.38 -148.03
CA SER NC 48 -11.71 87.17 -147.16
C SER NC 48 -12.89 86.27 -147.57
N ASN NC 49 -12.63 84.99 -147.78
CA ASN NC 49 -13.70 84.04 -148.20
C ASN NC 49 -14.80 84.01 -147.14
N LYS NC 50 -14.42 84.09 -145.86
CA LYS NC 50 -15.42 83.98 -144.77
C LYS NC 50 -15.52 85.28 -143.96
N GLN NC 51 -14.38 85.84 -143.52
CA GLN NC 51 -14.48 87.00 -142.64
C GLN NC 51 -15.21 88.16 -143.30
N LEU NC 52 -14.93 88.41 -144.58
CA LEU NC 52 -15.61 89.49 -145.29
C LEU NC 52 -17.11 89.22 -145.40
N THR NC 53 -17.48 87.99 -145.71
CA THR NC 53 -18.90 87.64 -145.79
C THR NC 53 -19.59 87.77 -144.44
N ASP NC 54 -18.93 87.32 -143.37
CA ASP NC 54 -19.52 87.45 -142.03
C ASP NC 54 -19.70 88.92 -141.66
N VAL NC 55 -18.70 89.74 -141.95
CA VAL NC 55 -18.80 91.17 -141.65
C VAL NC 55 -19.91 91.82 -142.46
N LEU NC 56 -20.03 91.47 -143.74
CA LEU NC 56 -21.09 92.02 -144.57
C LEU NC 56 -22.46 91.63 -144.05
N SER NC 57 -22.63 90.36 -143.65
CA SER NC 57 -23.90 89.92 -143.10
C SER NC 57 -24.22 90.65 -141.81
N GLU NC 58 -23.23 90.82 -140.93
CA GLU NC 58 -23.45 91.53 -139.68
C GLU NC 58 -23.84 92.99 -139.94
N PHE NC 59 -23.18 93.64 -140.90
CA PHE NC 59 -23.51 95.02 -141.23
C PHE NC 59 -24.92 95.12 -141.80
N GLU NC 60 -25.30 94.19 -142.67
CA GLU NC 60 -26.63 94.22 -143.28
C GLU NC 60 -27.72 93.95 -142.25
N GLN NC 61 -27.37 93.23 -141.19
CA GLN NC 61 -28.40 92.88 -140.19
C GLN NC 61 -28.28 93.75 -138.93
N GLU NC 62 -27.25 94.60 -138.85
CA GLU NC 62 -27.05 95.35 -137.58
C GLU NC 62 -28.22 96.31 -137.25
N ALA NC 63 -28.74 97.06 -138.23
CA ALA NC 63 -29.94 97.90 -137.94
C ALA NC 63 -30.72 98.23 -139.21
N GLU NC 64 -32.03 98.51 -139.09
CA GLU NC 64 -32.81 99.00 -140.24
C GLU NC 64 -32.94 100.53 -140.14
N GLN NC 65 -32.37 101.13 -139.09
CA GLN NC 65 -32.52 102.60 -138.84
C GLN NC 65 -31.90 103.44 -139.96
N PHE NC 66 -30.74 103.02 -140.48
CA PHE NC 66 -30.01 103.84 -141.48
C PHE NC 66 -30.85 104.01 -142.74
N ALA NC 67 -31.56 102.96 -143.17
CA ALA NC 67 -32.27 103.03 -144.46
C ALA NC 67 -33.32 104.14 -144.47
N ALA NC 68 -34.07 104.35 -143.39
CA ALA NC 68 -35.19 105.33 -143.43
C ALA NC 68 -34.75 106.76 -143.07
N LEU NC 69 -34.30 106.99 -141.84
CA LEU NC 69 -33.97 108.33 -141.39
C LEU NC 69 -32.98 109.00 -142.34
N ASN NC 70 -31.96 108.27 -142.77
CA ASN NC 70 -30.95 108.83 -143.66
C ASN NC 70 -31.47 109.01 -145.08
N ILE NC 71 -32.54 108.32 -145.45
CA ILE NC 71 -33.11 108.43 -146.79
C ILE NC 71 -33.61 109.85 -147.02
N ASN NC 72 -34.34 110.39 -146.04
CA ASN NC 72 -34.88 111.74 -146.12
C ASN NC 72 -34.83 112.37 -144.74
N ALA NC 73 -33.78 113.19 -144.51
CA ALA NC 73 -33.64 113.89 -143.24
C ALA NC 73 -33.68 115.40 -143.45
N ASN NC 74 -32.81 115.92 -144.32
CA ASN NC 74 -32.76 117.36 -144.55
C ASN NC 74 -33.94 117.84 -145.37
N GLU NC 75 -34.35 117.07 -146.38
CA GLU NC 75 -35.49 117.48 -147.21
C GLU NC 75 -36.76 117.56 -146.39
N TYR NC 76 -37.00 116.57 -145.52
CA TYR NC 76 -38.18 116.59 -144.68
C TYR NC 76 -38.18 117.79 -143.74
N LEU NC 77 -37.02 118.08 -143.14
CA LEU NC 77 -36.93 119.23 -142.24
C LEU NC 77 -37.18 120.54 -142.99
N ARG NC 78 -36.64 120.66 -144.20
CA ARG NC 78 -36.87 121.87 -144.99
C ARG NC 78 -38.34 122.01 -145.37
N SER NC 79 -38.98 120.91 -145.77
CA SER NC 79 -40.40 120.96 -146.11
C SER NC 79 -41.24 121.34 -144.90
N VAL NC 80 -40.91 120.77 -143.74
CA VAL NC 80 -41.64 121.09 -142.51
C VAL NC 80 -41.47 122.57 -142.16
N LEU NC 81 -40.24 123.09 -142.28
CA LEU NC 81 -40.01 124.50 -141.99
C LEU NC 81 -40.77 125.39 -142.96
N VAL NC 82 -40.81 125.03 -144.24
CA VAL NC 82 -41.52 125.83 -145.23
C VAL NC 82 -43.02 125.83 -144.93
N LYS NC 83 -43.57 124.66 -144.62
CA LYS NC 83 -45.02 124.56 -144.43
C LYS NC 83 -45.45 125.09 -143.07
N ALA NC 84 -44.53 125.17 -142.12
CA ALA NC 84 -44.89 125.52 -140.75
C ALA NC 84 -45.25 126.99 -140.61
N LEU NC 85 -44.29 127.87 -140.88
CA LEU NC 85 -44.48 129.31 -140.68
C LEU NC 85 -44.52 130.05 -142.01
N GLY NC 86 -43.51 129.88 -142.86
CA GLY NC 86 -43.48 130.58 -144.14
C GLY NC 86 -42.11 130.48 -144.75
N GLU NC 87 -42.00 130.97 -145.99
CA GLU NC 87 -40.72 130.93 -146.70
C GLU NC 87 -39.67 131.76 -145.99
N GLU NC 88 -40.05 132.95 -145.50
CA GLU NC 88 -39.09 133.82 -144.82
C GLU NC 88 -38.58 133.18 -143.53
N ARG NC 89 -39.47 132.58 -142.74
CA ARG NC 89 -39.05 131.92 -141.51
C ARG NC 89 -38.32 130.61 -141.79
N ALA NC 90 -38.70 129.92 -142.87
CA ALA NC 90 -38.01 128.68 -143.23
C ALA NC 90 -36.55 128.94 -143.58
N SER NC 91 -36.29 130.06 -144.28
CA SER NC 91 -34.91 130.41 -144.60
C SER NC 91 -34.08 130.64 -143.33
N SER NC 92 -34.65 131.37 -142.36
CA SER NC 92 -33.94 131.61 -141.11
C SER NC 92 -33.70 130.31 -140.35
N LEU NC 93 -34.71 129.43 -140.30
CA LEU NC 93 -34.55 128.16 -139.61
C LEU NC 93 -33.48 127.30 -140.27
N LEU NC 94 -33.48 127.25 -141.61
CA LEU NC 94 -32.46 126.48 -142.31
C LEU NC 94 -31.07 127.07 -142.10
N GLU NC 95 -30.96 128.40 -142.09
CA GLU NC 95 -29.68 129.04 -141.83
C GLU NC 95 -29.18 128.71 -140.42
N ASP NC 96 -30.07 128.74 -139.43
CA ASP NC 96 -29.68 128.38 -138.08
C ASP NC 96 -29.24 126.92 -138.00
N ILE NC 97 -29.97 126.02 -138.66
CA ILE NC 97 -29.62 124.61 -138.65
C ILE NC 97 -28.24 124.40 -139.29
N LEU NC 98 -27.99 125.07 -140.41
CA LEU NC 98 -26.68 124.96 -141.06
C LEU NC 98 -25.58 125.53 -140.17
N GLU NC 99 -25.84 126.66 -139.52
CA GLU NC 99 -24.84 127.29 -138.67
C GLU NC 99 -24.59 126.47 -137.40
N THR NC 100 -25.53 125.57 -137.05
CA THR NC 100 -25.29 124.69 -135.91
C THR NC 100 -24.05 123.84 -136.12
N ARG NC 101 -23.76 123.47 -137.37
CA ARG NC 101 -22.53 122.74 -137.71
C ARG NC 101 -21.51 123.76 -138.19
N ASP NC 102 -20.53 124.05 -137.35
CA ASP NC 102 -19.51 125.05 -137.64
C ASP NC 102 -18.30 124.39 -138.29
N THR NC 103 -17.27 125.19 -138.54
CA THR NC 103 -16.05 124.72 -139.18
C THR NC 103 -14.87 124.97 -138.25
N THR NC 104 -13.92 124.03 -138.24
CA THR NC 104 -12.78 124.12 -137.34
C THR NC 104 -11.77 125.16 -137.82
N SER NC 105 -11.21 124.96 -139.02
CA SER NC 105 -10.23 125.87 -139.56
C SER NC 105 -10.87 127.23 -139.85
N GLY NC 106 -10.18 128.30 -139.44
CA GLY NC 106 -10.73 129.64 -139.55
C GLY NC 106 -10.99 130.09 -140.97
N ILE NC 107 -10.29 129.51 -141.95
CA ILE NC 107 -10.48 129.93 -143.34
C ILE NC 107 -11.92 129.68 -143.77
N GLU NC 108 -12.45 128.49 -143.45
CA GLU NC 108 -13.85 128.22 -143.77
C GLU NC 108 -14.78 129.05 -142.90
N THR NC 109 -14.39 129.36 -141.67
CA THR NC 109 -15.21 130.22 -140.83
C THR NC 109 -15.33 131.62 -141.41
N LEU NC 110 -14.34 132.03 -142.21
CA LEU NC 110 -14.44 133.31 -142.90
C LEU NC 110 -15.61 133.52 -143.85
N ASN NC 111 -16.13 132.44 -144.47
CA ASN NC 111 -17.33 132.56 -145.36
C ASN NC 111 -18.68 132.61 -144.63
N PHE NC 112 -18.67 132.53 -143.30
CA PHE NC 112 -19.93 132.68 -142.51
C PHE NC 112 -20.01 134.11 -142.00
N MET NC 113 -18.95 134.89 -142.24
CA MET NC 113 -18.88 136.27 -141.79
C MET NC 113 -19.57 137.08 -142.90
N GLU NC 114 -19.96 138.29 -142.54
CA GLU NC 114 -20.55 139.20 -143.52
C GLU NC 114 -19.49 139.59 -144.55
N PRO NC 115 -19.87 139.78 -145.81
CA PRO NC 115 -18.88 140.16 -146.83
C PRO NC 115 -18.03 141.38 -146.52
N GLN NC 116 -18.62 142.44 -145.95
CA GLN NC 116 -17.84 143.64 -145.65
C GLN NC 116 -16.87 143.43 -144.50
N SER NC 117 -17.26 142.63 -143.51
CA SER NC 117 -16.37 142.36 -142.39
C SER NC 117 -15.15 141.62 -142.93
N ALA NC 118 -15.38 140.60 -143.77
CA ALA NC 118 -14.26 139.87 -144.35
C ALA NC 118 -13.43 140.76 -145.27
N ALA NC 119 -14.09 141.60 -146.06
CA ALA NC 119 -13.36 142.51 -146.95
C ALA NC 119 -12.48 143.46 -146.16
N ASP NC 120 -12.99 144.00 -145.05
CA ASP NC 120 -12.19 144.85 -144.20
C ASP NC 120 -11.06 144.06 -143.53
N LEU NC 121 -11.31 142.82 -143.16
CA LEU NC 121 -10.31 142.03 -142.46
C LEU NC 121 -9.13 141.69 -143.36
N ILE NC 122 -9.40 141.33 -144.62
CA ILE NC 122 -8.34 140.84 -145.50
C ILE NC 122 -7.92 141.85 -146.55
N ARG NC 123 -8.39 143.09 -146.46
CA ARG NC 123 -7.98 144.09 -147.45
C ARG NC 123 -6.49 144.40 -147.35
N ASP NC 124 -5.97 144.49 -146.13
CA ASP NC 124 -4.58 144.90 -145.93
C ASP NC 124 -3.60 143.77 -146.16
N GLU NC 125 -4.08 142.53 -146.30
CA GLU NC 125 -3.19 141.40 -146.47
C GLU NC 125 -2.50 141.44 -147.83
N HIS NC 126 -1.45 140.64 -147.96
CA HIS NC 126 -0.73 140.53 -149.21
C HIS NC 126 -1.65 139.96 -150.28
N PRO NC 127 -1.56 140.44 -151.53
CA PRO NC 127 -2.50 139.97 -152.56
C PRO NC 127 -2.50 138.47 -152.75
N GLN NC 128 -1.35 137.82 -152.65
CA GLN NC 128 -1.31 136.37 -152.77
C GLN NC 128 -2.05 135.68 -151.62
N ILE NC 129 -1.94 136.22 -150.41
CA ILE NC 129 -2.67 135.65 -149.28
C ILE NC 129 -4.17 135.84 -149.46
N ILE NC 130 -4.57 136.99 -150.00
CA ILE NC 130 -5.98 137.20 -150.31
C ILE NC 130 -6.43 136.16 -151.29
N ALA NC 131 -5.64 135.93 -152.35
CA ALA NC 131 -5.99 134.95 -153.36
C ALA NC 131 -6.12 133.56 -152.77
N THR NC 132 -5.17 133.18 -151.89
CA THR NC 132 -5.23 131.88 -151.25
C THR NC 132 -6.50 131.73 -150.42
N ILE NC 133 -6.83 132.79 -149.67
CA ILE NC 133 -8.09 132.76 -148.88
C ILE NC 133 -9.28 132.55 -149.82
N LEU NC 134 -9.31 133.23 -150.97
CA LEU NC 134 -10.49 133.18 -151.87
C LEU NC 134 -10.76 131.77 -152.43
N VAL NC 135 -9.73 131.02 -152.82
CA VAL NC 135 -9.98 129.70 -153.47
C VAL NC 135 -10.40 128.76 -152.34
N HIS NC 136 -9.97 129.03 -151.10
CA HIS NC 136 -10.43 128.18 -149.96
C HIS NC 136 -11.81 128.66 -149.52
N LEU NC 137 -12.14 129.93 -149.76
CA LEU NC 137 -13.46 130.49 -149.36
C LEU NC 137 -14.53 130.04 -150.38
N LYS NC 138 -15.80 130.06 -149.95
CA LYS NC 138 -16.91 129.70 -150.86
C LYS NC 138 -16.91 130.70 -152.04
N ARG NC 139 -17.22 130.23 -153.25
CA ARG NC 139 -17.15 131.11 -154.45
C ARG NC 139 -18.09 132.31 -154.29
N SER NC 140 -19.33 132.08 -153.87
CA SER NC 140 -20.31 133.20 -153.78
C SER NC 140 -19.73 134.31 -152.89
N GLN NC 141 -19.18 133.93 -151.73
CA GLN NC 141 -18.66 134.93 -150.76
C GLN NC 141 -17.50 135.67 -151.42
N ALA NC 142 -16.57 134.92 -152.03
CA ALA NC 142 -15.40 135.53 -152.63
C ALA NC 142 -15.80 136.56 -153.68
N ALA NC 143 -16.85 136.27 -154.46
CA ALA NC 143 -17.30 137.24 -155.46
C ALA NC 143 -17.79 138.52 -154.79
N ASP NC 144 -18.54 138.40 -153.71
CA ASP NC 144 -18.99 139.58 -152.98
C ASP NC 144 -17.82 140.37 -152.41
N ILE NC 145 -16.83 139.65 -151.85
CA ILE NC 145 -15.65 140.32 -151.31
C ILE NC 145 -14.90 141.14 -152.36
N LEU NC 146 -14.69 140.54 -153.53
CA LEU NC 146 -14.01 141.25 -154.61
C LEU NC 146 -14.84 142.43 -155.12
N ALA NC 147 -16.17 142.29 -155.07
CA ALA NC 147 -17.03 143.40 -155.44
C ALA NC 147 -16.80 144.58 -154.52
N LEU NC 148 -16.61 144.29 -153.22
CA LEU NC 148 -16.37 145.38 -152.23
C LEU NC 148 -14.92 145.88 -152.35
N PHE NC 149 -14.05 145.12 -153.02
CA PHE NC 149 -12.61 145.50 -153.08
C PHE NC 149 -12.38 146.59 -154.11
N ASP NC 150 -11.39 147.46 -153.88
CA ASP NC 150 -11.04 148.46 -154.87
C ASP NC 150 -10.72 147.79 -156.20
N GLU NC 151 -10.93 148.54 -157.29
CA GLU NC 151 -10.78 147.97 -158.62
C GLU NC 151 -9.35 147.51 -158.89
N ARG NC 152 -8.36 148.27 -158.41
CA ARG NC 152 -6.97 147.84 -158.59
C ARG NC 152 -6.70 146.54 -157.85
N LEU NC 153 -7.07 146.49 -156.57
CA LEU NC 153 -6.90 145.25 -155.82
C LEU NC 153 -7.75 144.13 -156.40
N ARG NC 154 -8.95 144.46 -156.89
CA ARG NC 154 -9.80 143.44 -157.50
C ARG NC 154 -9.12 142.81 -158.70
N HIS NC 155 -8.60 143.63 -159.61
CA HIS NC 155 -7.92 143.10 -160.78
C HIS NC 155 -6.68 142.31 -160.40
N ASP NC 156 -5.89 142.83 -159.45
CA ASP NC 156 -4.68 142.14 -159.05
C ASP NC 156 -5.01 140.77 -158.47
N VAL NC 157 -5.98 140.71 -157.57
CA VAL NC 157 -6.33 139.45 -156.94
C VAL NC 157 -6.93 138.49 -157.94
N MET NC 158 -7.73 138.99 -158.88
CA MET NC 158 -8.28 138.11 -159.91
C MET NC 158 -7.16 137.52 -160.77
N LEU NC 159 -6.17 138.34 -161.13
CA LEU NC 159 -5.04 137.84 -161.90
C LEU NC 159 -4.28 136.77 -161.12
N ARG NC 160 -4.08 137.00 -159.82
CA ARG NC 160 -3.41 135.99 -159.00
C ARG NC 160 -4.24 134.71 -158.94
N ILE NC 161 -5.57 134.84 -158.89
CA ILE NC 161 -6.44 133.66 -158.90
C ILE NC 161 -6.26 132.87 -160.19
N ALA NC 162 -6.17 133.58 -161.32
CA ALA NC 162 -6.06 132.90 -162.61
C ALA NC 162 -4.80 132.05 -162.68
N THR NC 163 -3.68 132.58 -162.20
CA THR NC 163 -2.38 131.91 -162.32
C THR NC 163 -1.87 131.36 -160.99
N PHE NC 164 -2.76 130.85 -160.15
CA PHE NC 164 -2.35 130.30 -158.86
C PHE NC 164 -1.44 129.09 -159.07
N GLY NC 165 -0.48 128.93 -158.16
CA GLY NC 165 0.51 127.88 -158.31
C GLY NC 165 0.71 126.99 -157.10
N GLY NC 166 -0.22 127.01 -156.16
CA GLY NC 166 -0.13 126.14 -155.01
C GLY NC 166 0.71 126.60 -153.83
N VAL NC 167 0.19 126.43 -152.62
CA VAL NC 167 0.87 126.87 -151.42
C VAL NC 167 1.72 125.84 -150.72
N GLN NC 168 2.75 126.29 -150.01
CA GLN NC 168 3.57 125.38 -149.23
C GLN NC 168 2.68 125.00 -148.06
N PRO NC 169 2.74 123.74 -147.62
CA PRO NC 169 1.91 123.32 -146.48
C PRO NC 169 2.21 124.11 -145.21
N ALA NC 170 3.46 124.48 -144.97
CA ALA NC 170 3.80 125.26 -143.79
C ALA NC 170 3.14 126.64 -143.83
N ALA NC 171 3.18 127.31 -144.98
CA ALA NC 171 2.56 128.61 -145.10
C ALA NC 171 1.04 128.52 -144.94
N LEU NC 172 0.43 127.49 -145.52
CA LEU NC 172 -1.00 127.31 -145.37
C LEU NC 172 -1.37 127.06 -143.91
N ALA NC 173 -0.60 126.23 -143.21
CA ALA NC 173 -0.85 126.00 -141.80
C ALA NC 173 -0.68 127.27 -140.99
N GLU NC 174 0.31 128.09 -141.34
CA GLU NC 174 0.53 129.34 -140.63
C GLU NC 174 -0.65 130.30 -140.82
N LEU NC 175 -1.13 130.42 -142.05
CA LEU NC 175 -2.31 131.25 -142.30
C LEU NC 175 -3.52 130.70 -141.55
N THR NC 176 -3.67 129.37 -141.57
CA THR NC 176 -4.82 128.75 -140.88
C THR NC 176 -4.79 129.14 -139.42
N GLU NC 177 -3.66 128.89 -138.75
CA GLU NC 177 -3.56 129.16 -137.28
C GLU NC 177 -3.76 130.66 -137.03
N VAL NC 178 -3.18 131.52 -137.87
CA VAL NC 178 -3.34 132.99 -137.71
C VAL NC 178 -4.84 133.31 -137.82
N LEU NC 179 -5.47 132.88 -138.92
CA LEU NC 179 -6.87 133.21 -139.13
C LEU NC 179 -7.75 132.65 -138.02
N ASN NC 180 -7.39 131.48 -137.48
CA ASN NC 180 -8.14 130.91 -136.37
C ASN NC 180 -8.08 131.81 -135.14
N GLY NC 181 -6.89 132.29 -134.80
CA GLY NC 181 -6.74 133.15 -133.64
C GLY NC 181 -7.51 134.45 -133.75
N LEU NC 182 -7.92 134.83 -134.96
CA LEU NC 182 -8.67 136.08 -135.14
C LEU NC 182 -10.17 135.83 -135.10
N LEU NC 183 -10.62 134.74 -135.72
CA LEU NC 183 -12.08 134.53 -135.84
C LEU NC 183 -12.63 133.68 -134.69
N ASP NC 184 -11.85 132.73 -134.16
CA ASP NC 184 -12.45 131.84 -133.12
C ASP NC 184 -12.85 132.69 -131.92
N GLY NC 185 -12.01 133.66 -131.52
CA GLY NC 185 -12.39 134.57 -130.42
C GLY NC 185 -13.58 135.43 -130.79
N GLN NC 186 -13.63 135.93 -132.02
CA GLN NC 186 -14.71 136.85 -132.44
C GLN NC 186 -16.07 136.12 -132.50
N ASN NC 187 -17.15 136.80 -132.11
CA ASN NC 187 -18.49 136.19 -132.28
C ASN NC 187 -18.73 136.08 -133.79
N LEU NC 188 -19.34 134.97 -134.26
CA LEU NC 188 -19.48 134.80 -135.72
C LEU NC 188 -20.95 134.51 -136.10
N LYS NC 189 -21.92 135.08 -135.37
CA LYS NC 189 -23.30 134.85 -135.81
C LYS NC 189 -24.14 136.09 -135.55
N ARG NC 190 -23.93 137.10 -136.40
CA ARG NC 190 -24.73 138.32 -136.34
C ARG NC 190 -26.19 138.01 -136.68
N SER NC 191 -27.06 138.09 -135.68
CA SER NC 191 -28.47 137.77 -135.88
C SER NC 191 -29.16 138.95 -136.57
N LYS NC 192 -29.77 138.69 -137.73
CA LYS NC 192 -30.45 139.73 -138.51
C LYS NC 192 -31.95 139.53 -138.31
N MET NC 193 -32.57 140.43 -137.56
CA MET NC 193 -34.00 140.39 -137.29
C MET NC 193 -34.61 141.71 -137.78
N GLY NC 194 -35.49 141.62 -138.77
CA GLY NC 194 -36.17 142.85 -139.27
C GLY NC 194 -35.49 143.40 -140.52
N GLY NC 195 -36.05 143.12 -141.70
CA GLY NC 195 -35.50 143.66 -142.93
C GLY NC 195 -36.48 144.63 -143.55
N VAL NC 196 -37.08 144.24 -144.66
CA VAL NC 196 -38.10 145.01 -145.34
C VAL NC 196 -39.53 144.43 -145.20
N ARG NC 197 -39.59 143.11 -145.00
CA ARG NC 197 -40.88 142.46 -144.76
C ARG NC 197 -41.37 143.03 -143.44
N THR NC 198 -40.49 143.08 -142.43
CA THR NC 198 -40.90 143.63 -141.14
C THR NC 198 -41.25 145.10 -141.25
N ALA NC 199 -40.48 145.87 -142.03
CA ALA NC 199 -40.78 147.27 -142.22
C ALA NC 199 -42.14 147.46 -142.90
N ALA NC 200 -42.42 146.64 -143.92
CA ALA NC 200 -43.72 146.74 -144.58
C ALA NC 200 -44.86 146.38 -143.64
N GLU NC 201 -44.67 145.33 -142.82
CA GLU NC 201 -45.69 144.97 -141.85
C GLU NC 201 -45.92 146.07 -140.84
N ILE NC 202 -44.85 146.72 -140.38
CA ILE NC 202 -44.98 147.83 -139.45
C ILE NC 202 -45.75 148.98 -140.10
N ILE NC 203 -45.40 149.30 -141.34
CA ILE NC 203 -46.03 150.41 -142.04
C ILE NC 203 -47.52 150.15 -142.24
N ASN NC 204 -47.87 148.91 -142.60
CA ASN NC 204 -49.25 148.58 -142.95
C ASN NC 204 -50.22 148.78 -141.80
N LEU NC 205 -49.75 148.84 -140.56
CA LEU NC 205 -50.62 148.91 -139.40
C LEU NC 205 -50.76 150.30 -138.79
N MET NC 206 -50.20 151.32 -139.40
CA MET NC 206 -50.30 152.68 -138.86
C MET NC 206 -51.21 153.54 -139.72
N LYS NC 207 -51.37 154.79 -139.31
CA LYS NC 207 -52.29 155.69 -139.98
C LYS NC 207 -51.88 156.00 -141.41
N THR NC 208 -52.86 156.31 -142.25
CA THR NC 208 -52.60 156.54 -143.66
C THR NC 208 -51.68 157.73 -143.89
N GLN NC 209 -51.88 158.82 -143.14
CA GLN NC 209 -51.03 159.99 -143.32
C GLN NC 209 -49.58 159.68 -142.95
N GLN NC 210 -49.37 159.01 -141.83
CA GLN NC 210 -48.02 158.58 -141.49
C GLN NC 210 -47.49 157.57 -142.50
N GLU NC 211 -48.36 156.72 -143.05
CA GLU NC 211 -47.93 155.76 -144.07
C GLU NC 211 -47.36 156.48 -145.28
N GLU NC 212 -48.12 157.46 -145.82
CA GLU NC 212 -47.63 158.18 -146.98
C GLU NC 212 -46.39 159.01 -146.66
N ALA NC 213 -46.33 159.59 -145.45
CA ALA NC 213 -45.14 160.35 -145.06
C ALA NC 213 -43.91 159.45 -145.05
N VAL NC 214 -44.01 158.28 -144.44
CA VAL NC 214 -42.83 157.42 -144.35
C VAL NC 214 -42.45 156.86 -145.72
N ILE NC 215 -43.43 156.51 -146.57
CA ILE NC 215 -43.06 155.95 -147.86
C ILE NC 215 -42.43 157.02 -148.75
N THR NC 216 -42.93 158.25 -148.67
CA THR NC 216 -42.29 159.31 -149.46
C THR NC 216 -40.92 159.65 -148.92
N ALA NC 217 -40.72 159.58 -147.61
CA ALA NC 217 -39.39 159.79 -147.04
C ALA NC 217 -38.42 158.72 -147.53
N VAL NC 218 -38.85 157.46 -147.54
CA VAL NC 218 -38.01 156.38 -148.03
C VAL NC 218 -37.69 156.59 -149.51
N ARG NC 219 -38.71 156.98 -150.29
CA ARG NC 219 -38.50 157.21 -151.71
C ARG NC 219 -37.49 158.34 -151.93
N GLU NC 220 -37.56 159.39 -151.11
CA GLU NC 220 -36.56 160.44 -151.16
C GLU NC 220 -35.17 159.88 -150.85
N PHE NC 221 -35.07 159.02 -149.84
CA PHE NC 221 -33.79 158.40 -149.54
C PHE NC 221 -33.29 157.47 -150.64
N ASP NC 222 -34.17 156.62 -151.17
CA ASP NC 222 -33.84 155.68 -152.21
C ASP NC 222 -35.15 155.16 -152.79
N GLY NC 223 -35.33 155.35 -154.10
CA GLY NC 223 -36.57 154.90 -154.72
C GLY NC 223 -36.74 153.39 -154.79
N GLU NC 224 -35.64 152.67 -154.99
CA GLU NC 224 -35.71 151.22 -155.08
C GLU NC 224 -36.20 150.61 -153.76
N LEU NC 225 -35.70 151.10 -152.64
CA LEU NC 225 -36.16 150.60 -151.35
C LEU NC 225 -37.63 150.88 -151.15
N ALA NC 226 -38.10 152.07 -151.54
CA ALA NC 226 -39.52 152.39 -151.44
C ALA NC 226 -40.39 151.46 -152.27
N GLN NC 227 -39.96 151.17 -153.51
CA GLN NC 227 -40.72 150.27 -154.34
C GLN NC 227 -40.74 148.85 -153.78
N LYS NC 228 -39.62 148.40 -153.24
CA LYS NC 228 -39.57 147.07 -152.64
C LYS NC 228 -40.48 147.02 -151.43
N ILE NC 229 -40.51 148.10 -150.63
CA ILE NC 229 -41.40 148.16 -149.49
C ILE NC 229 -42.85 148.11 -149.94
N ILE NC 230 -43.18 148.85 -151.00
CA ILE NC 230 -44.54 148.86 -151.52
C ILE NC 230 -44.97 147.49 -152.04
N ASP NC 231 -44.05 146.78 -152.70
CA ASP NC 231 -44.38 145.45 -153.21
C ASP NC 231 -44.57 144.46 -152.06
N GLU NC 232 -43.73 144.56 -151.03
CA GLU NC 232 -43.86 143.68 -149.88
C GLU NC 232 -45.10 144.11 -149.11
N MET NC 233 -45.56 145.35 -149.29
CA MET NC 233 -46.73 145.82 -148.57
C MET NC 233 -47.96 144.98 -148.87
N PHE NC 234 -48.24 144.74 -150.15
CA PHE NC 234 -49.38 143.95 -150.59
C PHE NC 234 -48.89 142.81 -151.48
N LEU NC 235 -48.80 141.62 -150.91
CA LEU NC 235 -48.37 140.45 -151.66
C LEU NC 235 -49.52 139.89 -152.50
N PHE NC 236 -49.20 138.93 -153.36
CA PHE NC 236 -50.22 138.31 -154.19
C PHE NC 236 -50.95 137.22 -153.43
N GLU NC 237 -51.42 137.54 -152.23
CA GLU NC 237 -52.23 136.64 -151.44
C GLU NC 237 -53.42 137.30 -150.77
N ASN NC 238 -53.47 138.63 -150.69
CA ASN NC 238 -54.59 139.35 -150.10
C ASN NC 238 -55.66 139.71 -151.11
N LEU NC 239 -55.49 139.31 -152.38
CA LEU NC 239 -56.49 139.60 -153.39
C LEU NC 239 -57.84 138.95 -153.07
N VAL NC 240 -57.84 137.89 -152.27
CA VAL NC 240 -59.10 137.29 -151.84
C VAL NC 240 -59.91 138.24 -150.98
N ASP NC 241 -59.25 139.18 -150.30
CA ASP NC 241 -59.95 140.15 -149.44
C ASP NC 241 -60.39 141.39 -150.21
N VAL NC 242 -60.12 141.47 -151.51
CA VAL NC 242 -60.54 142.62 -152.31
C VAL NC 242 -62.03 142.51 -152.59
N ASP NC 243 -62.70 143.66 -152.65
CA ASP NC 243 -64.13 143.68 -152.91
C ASP NC 243 -64.44 143.25 -154.33
N ASP NC 244 -65.65 142.72 -154.52
CA ASP NC 244 -66.07 142.29 -155.85
C ASP NC 244 -66.13 143.45 -156.83
N ARG NC 245 -66.61 144.61 -156.37
CA ARG NC 245 -66.65 145.78 -157.24
C ARG NC 245 -65.25 146.22 -157.64
N SER NC 246 -64.31 146.18 -156.71
CA SER NC 246 -62.93 146.52 -157.03
C SER NC 246 -62.34 145.54 -158.04
N ILE NC 247 -62.64 144.25 -157.87
CA ILE NC 247 -62.16 143.25 -158.81
C ILE NC 247 -62.73 143.48 -160.19
N GLN NC 248 -64.03 143.79 -160.29
CA GLN NC 248 -64.65 144.07 -161.58
C GLN NC 248 -64.04 145.31 -162.23
N ARG NC 249 -63.80 146.35 -161.43
CA ARG NC 249 -63.19 147.56 -161.97
C ARG NC 249 -61.77 147.30 -162.47
N LEU NC 250 -61.00 146.50 -161.74
CA LEU NC 250 -59.63 146.21 -162.15
C LEU NC 250 -59.60 145.25 -163.35
N LEU NC 251 -60.65 144.46 -163.53
CA LEU NC 251 -60.69 143.54 -164.66
C LEU NC 251 -60.68 144.28 -165.99
N GLN NC 252 -61.17 145.51 -166.02
CA GLN NC 252 -61.20 146.29 -167.26
C GLN NC 252 -59.81 146.69 -167.74
N GLU NC 253 -58.81 146.65 -166.87
CA GLU NC 253 -57.45 147.03 -167.25
C GLU NC 253 -56.46 145.88 -167.19
N VAL NC 254 -56.93 144.64 -166.99
CA VAL NC 254 -56.06 143.48 -166.88
C VAL NC 254 -56.14 142.69 -168.19
N ASP NC 255 -54.98 142.42 -168.79
CA ASP NC 255 -54.94 141.63 -170.00
C ASP NC 255 -55.33 140.19 -169.70
N SER NC 256 -56.08 139.58 -170.63
CA SER NC 256 -56.54 138.22 -170.42
C SER NC 256 -55.39 137.24 -170.32
N GLU NC 257 -54.39 137.37 -171.22
CA GLU NC 257 -53.25 136.47 -171.18
C GLU NC 257 -52.44 136.65 -169.90
N SER NC 258 -52.18 137.90 -169.51
CA SER NC 258 -51.42 138.14 -168.27
C SER NC 258 -52.18 137.65 -167.05
N LEU NC 259 -53.49 137.90 -167.02
CA LEU NC 259 -54.30 137.44 -165.89
C LEU NC 259 -54.30 135.91 -165.81
N LEU NC 260 -54.43 135.24 -166.96
CA LEU NC 260 -54.41 133.78 -166.97
C LEU NC 260 -53.06 133.25 -166.51
N ILE NC 261 -51.97 133.89 -166.96
CA ILE NC 261 -50.63 133.45 -166.55
C ILE NC 261 -50.47 133.63 -165.04
N ALA NC 262 -50.93 134.76 -164.50
CA ALA NC 262 -50.82 134.99 -163.07
C ALA NC 262 -51.66 134.00 -162.28
N LEU NC 263 -52.88 133.71 -162.75
CA LEU NC 263 -53.79 132.83 -162.03
C LEU NC 263 -53.53 131.34 -162.29
N LYS NC 264 -52.58 131.01 -163.17
CA LYS NC 264 -52.27 129.61 -163.42
C LYS NC 264 -51.74 128.94 -162.16
N GLY NC 265 -50.86 129.62 -161.42
CA GLY NC 265 -50.34 129.12 -160.17
C GLY NC 265 -51.01 129.65 -158.93
N ALA NC 266 -52.10 130.42 -159.08
CA ALA NC 266 -52.79 130.99 -157.93
C ALA NC 266 -53.65 129.94 -157.25
N GLU NC 267 -54.13 130.26 -156.05
CA GLU NC 267 -54.99 129.35 -155.30
C GLU NC 267 -56.34 129.23 -156.01
N PRO NC 268 -56.98 128.05 -155.93
CA PRO NC 268 -58.29 127.87 -156.57
C PRO NC 268 -59.30 128.85 -156.01
N PRO NC 269 -59.25 129.14 -154.71
CA PRO NC 269 -60.17 130.15 -154.16
C PRO NC 269 -60.00 131.52 -154.78
N LEU NC 270 -58.75 131.93 -155.04
CA LEU NC 270 -58.51 133.22 -155.67
C LEU NC 270 -59.06 133.24 -157.10
N ARG NC 271 -58.87 132.15 -157.85
CA ARG NC 271 -59.41 132.08 -159.20
C ARG NC 271 -60.93 132.12 -159.19
N GLU NC 272 -61.55 131.41 -158.24
CA GLU NC 272 -63.01 131.43 -158.15
C GLU NC 272 -63.52 132.83 -157.79
N LYS NC 273 -62.84 133.51 -156.86
CA LYS NC 273 -63.24 134.86 -156.49
C LYS NC 273 -63.08 135.83 -157.65
N PHE NC 274 -62.00 135.69 -158.41
CA PHE NC 274 -61.73 136.58 -159.54
C PHE NC 274 -62.55 136.24 -160.77
N LEU NC 275 -63.16 135.06 -160.82
CA LEU NC 275 -64.00 134.66 -161.94
C LEU NC 275 -65.45 135.05 -161.78
N ARG NC 276 -65.82 135.65 -160.65
CA ARG NC 276 -67.19 136.08 -160.41
C ARG NC 276 -67.45 137.52 -160.82
N ASN NC 277 -66.42 138.21 -161.34
CA ASN NC 277 -66.57 139.61 -161.76
C ASN NC 277 -66.80 139.76 -163.25
N MET NC 278 -66.44 138.77 -164.06
CA MET NC 278 -66.61 138.85 -165.50
C MET NC 278 -67.90 138.12 -165.91
N SER NC 279 -68.14 138.03 -167.21
CA SER NC 279 -69.32 137.35 -167.71
C SER NC 279 -69.16 135.84 -167.59
N GLN NC 280 -70.28 135.13 -167.71
CA GLN NC 280 -70.26 133.67 -167.65
C GLN NC 280 -69.44 133.09 -168.80
N ARG NC 281 -69.62 133.63 -170.01
CA ARG NC 281 -68.82 133.18 -171.14
C ARG NC 281 -67.34 133.50 -170.93
N ALA NC 282 -67.04 134.70 -170.40
CA ALA NC 282 -65.66 135.05 -170.12
C ALA NC 282 -65.06 134.14 -169.05
N ALA NC 283 -65.84 133.82 -168.01
CA ALA NC 283 -65.35 132.91 -166.98
C ALA NC 283 -65.09 131.52 -167.55
N ASP NC 284 -65.99 131.02 -168.40
CA ASP NC 284 -65.78 129.72 -169.02
C ASP NC 284 -64.56 129.72 -169.92
N ILE NC 285 -64.35 130.80 -170.67
CA ILE NC 285 -63.17 130.90 -171.54
C ILE NC 285 -61.90 130.93 -170.71
N LEU NC 286 -61.90 131.68 -169.60
CA LEU NC 286 -60.72 131.72 -168.73
C LEU NC 286 -60.45 130.36 -168.12
N ARG NC 287 -61.49 129.65 -167.69
CA ARG NC 287 -61.30 128.32 -167.13
C ARG NC 287 -60.74 127.36 -168.18
N ASP NC 288 -61.26 127.42 -169.39
CA ASP NC 288 -60.76 126.55 -170.46
C ASP NC 288 -59.31 126.87 -170.79
N ASP NC 289 -58.95 128.16 -170.83
CA ASP NC 289 -57.57 128.54 -171.10
C ASP NC 289 -56.65 128.07 -169.99
N LEU NC 290 -57.08 128.20 -168.73
CA LEU NC 290 -56.26 127.73 -167.61
C LEU NC 290 -56.08 126.22 -167.65
N ALA NC 291 -57.14 125.48 -167.99
CA ALA NC 291 -57.04 124.03 -168.08
C ALA NC 291 -56.10 123.63 -169.22
N ASN NC 292 -56.20 124.31 -170.36
CA ASN NC 292 -55.38 123.99 -171.51
C ASN NC 292 -53.96 124.51 -171.40
N ARG NC 293 -53.70 125.47 -170.52
CA ARG NC 293 -52.37 126.02 -170.37
C ARG NC 293 -51.45 125.02 -169.67
N GLY NC 294 -50.29 124.77 -170.27
CA GLY NC 294 -49.31 123.87 -169.69
C GLY NC 294 -48.49 124.56 -168.63
N PRO NC 295 -47.65 123.77 -167.96
CA PRO NC 295 -46.76 124.34 -166.94
C PRO NC 295 -45.79 125.34 -167.56
N VAL NC 296 -45.51 126.41 -166.81
CA VAL NC 296 -44.60 127.46 -167.26
C VAL NC 296 -43.68 127.83 -166.12
N ARG NC 297 -42.54 128.44 -166.47
CA ARG NC 297 -41.59 128.89 -165.46
C ARG NC 297 -42.20 130.01 -164.63
N LEU NC 298 -41.88 130.01 -163.34
CA LEU NC 298 -42.44 131.00 -162.42
C LEU NC 298 -41.92 132.41 -162.68
N SER NC 299 -40.86 132.56 -163.48
CA SER NC 299 -40.32 133.90 -163.73
C SER NC 299 -41.31 134.80 -164.45
N GLN NC 300 -42.00 134.28 -165.46
CA GLN NC 300 -42.99 135.07 -166.19
C GLN NC 300 -44.29 135.21 -165.43
N VAL NC 301 -44.71 134.18 -164.70
CA VAL NC 301 -45.93 134.28 -163.89
C VAL NC 301 -45.76 135.32 -162.80
N GLU NC 302 -44.57 135.36 -162.19
CA GLU NC 302 -44.30 136.37 -161.18
C GLU NC 302 -44.36 137.78 -161.76
N ASN NC 303 -43.81 137.97 -162.96
CA ASN NC 303 -43.87 139.28 -163.60
C ASN NC 303 -45.30 139.67 -163.92
N GLU NC 304 -46.10 138.72 -164.42
CA GLU NC 304 -47.51 139.01 -164.70
C GLU NC 304 -48.27 139.37 -163.44
N GLN NC 305 -48.04 138.63 -162.35
CA GLN NC 305 -48.68 138.94 -161.08
C GLN NC 305 -48.25 140.29 -160.56
N LYS NC 306 -46.97 140.63 -160.73
CA LYS NC 306 -46.48 141.94 -160.31
C LYS NC 306 -47.15 143.05 -161.11
N ALA NC 307 -47.31 142.87 -162.41
CA ALA NC 307 -47.99 143.86 -163.23
C ALA NC 307 -49.45 144.02 -162.79
N ILE NC 308 -50.12 142.90 -162.53
CA ILE NC 308 -51.52 142.96 -162.09
C ILE NC 308 -51.63 143.68 -160.75
N LEU NC 309 -50.72 143.37 -159.82
CA LEU NC 309 -50.72 144.02 -158.51
C LEU NC 309 -50.42 145.51 -158.65
N LEU NC 310 -49.50 145.89 -159.54
CA LEU NC 310 -49.21 147.30 -159.75
C LEU NC 310 -50.43 148.02 -160.30
N ILE NC 311 -51.15 147.40 -161.24
CA ILE NC 311 -52.36 148.02 -161.77
C ILE NC 311 -53.41 148.18 -160.68
N VAL NC 312 -53.57 147.14 -159.85
CA VAL NC 312 -54.57 147.19 -158.77
C VAL NC 312 -54.20 148.29 -157.77
N ARG NC 313 -52.91 148.39 -157.43
CA ARG NC 313 -52.45 149.41 -156.49
C ARG NC 313 -52.65 150.81 -157.07
N ARG NC 314 -52.38 150.98 -158.36
CA ARG NC 314 -52.62 152.27 -159.00
C ARG NC 314 -54.10 152.63 -158.96
N LEU NC 315 -54.97 151.66 -159.23
CA LEU NC 315 -56.41 151.91 -159.18
C LEU NC 315 -56.85 152.29 -157.78
N ALA NC 316 -56.32 151.59 -156.77
CA ALA NC 316 -56.67 151.90 -155.38
C ALA NC 316 -56.17 153.28 -154.98
N GLU NC 317 -54.94 153.64 -155.38
CA GLU NC 317 -54.39 154.94 -155.06
C GLU NC 317 -55.20 156.05 -155.72
N THR NC 318 -55.65 155.81 -156.95
CA THR NC 318 -56.50 156.78 -157.63
C THR NC 318 -57.80 156.98 -156.86
N GLY NC 319 -58.37 155.89 -156.33
CA GLY NC 319 -59.58 155.97 -155.55
C GLY NC 319 -60.75 155.24 -156.18
N GLU NC 320 -60.44 154.29 -157.07
CA GLU NC 320 -61.46 153.53 -157.79
C GLU NC 320 -61.46 152.05 -157.39
N MET NC 321 -61.01 151.73 -156.18
CA MET NC 321 -60.99 150.35 -155.71
C MET NC 321 -61.08 150.38 -154.18
N VAL NC 322 -61.51 149.26 -153.61
CA VAL NC 322 -61.65 149.13 -152.17
C VAL NC 322 -61.33 147.69 -151.76
N ILE NC 323 -61.30 147.43 -150.46
CA ILE NC 323 -61.01 146.11 -149.94
C ILE NC 323 -62.07 145.74 -148.90
N GLY NC 324 -62.10 144.47 -148.51
CA GLY NC 324 -63.06 144.01 -147.52
C GLY NC 324 -62.90 142.53 -147.18
N SER OC 33 44.80 180.49 -144.01
CA SER OC 33 44.30 179.95 -142.74
C SER OC 33 42.80 179.70 -142.82
N ASP OC 34 42.41 178.42 -142.68
CA ASP OC 34 41.00 178.05 -142.70
C ASP OC 34 40.45 178.23 -141.29
N ILE OC 35 39.45 179.10 -141.17
CA ILE OC 35 38.82 179.38 -139.89
C ILE OC 35 37.34 179.66 -140.13
N ARG OC 36 36.48 178.74 -139.71
CA ARG OC 36 35.05 178.89 -139.88
C ARG OC 36 34.37 178.73 -138.53
N PRO OC 37 33.18 179.37 -138.32
CA PRO OC 37 32.48 179.33 -137.01
C PRO OC 37 32.07 177.90 -136.67
N TYR OC 38 32.07 177.59 -135.38
CA TYR OC 38 31.67 176.27 -134.91
C TYR OC 38 30.15 176.15 -134.96
N ASP OC 39 29.67 175.18 -135.73
CA ASP OC 39 28.25 174.87 -135.81
C ASP OC 39 28.01 173.51 -135.21
N PRO OC 40 27.24 173.40 -134.12
CA PRO OC 40 26.92 172.09 -133.57
C PRO OC 40 26.10 171.26 -134.54
N ASN OC 41 25.86 170.01 -134.15
CA ASN OC 41 25.10 169.00 -134.89
C ASN OC 41 25.56 168.84 -136.34
N THR OC 42 26.77 169.26 -136.68
CA THR OC 42 27.30 169.03 -138.01
C THR OC 42 28.14 167.75 -138.03
N GLN OC 43 28.06 167.02 -139.15
CA GLN OC 43 28.77 165.75 -139.28
C GLN OC 43 30.26 166.05 -139.48
N ARG OC 44 30.96 166.24 -138.36
CA ARG OC 44 32.38 166.54 -138.38
C ARG OC 44 33.24 165.38 -137.90
N ARG OC 45 32.66 164.37 -137.28
CA ARG OC 45 33.40 163.21 -136.78
C ARG OC 45 33.46 162.17 -137.88
N VAL OC 46 34.65 161.98 -138.46
CA VAL OC 46 34.87 161.01 -139.53
C VAL OC 46 35.83 159.96 -139.00
N VAL OC 47 35.38 158.70 -138.96
CA VAL OC 47 36.18 157.58 -138.47
C VAL OC 47 36.11 156.51 -139.56
N ARG OC 48 37.11 156.49 -140.45
CA ARG OC 48 37.17 155.53 -141.53
C ARG OC 48 38.19 154.45 -141.15
N GLU OC 49 37.73 153.20 -141.17
CA GLU OC 49 38.60 152.09 -140.77
C GLU OC 49 38.14 150.87 -141.56
N ARG OC 50 39.07 150.27 -142.31
CA ARG OC 50 38.78 149.06 -143.04
C ARG OC 50 38.57 147.91 -142.06
N LEU OC 51 37.54 147.10 -142.29
CA LEU OC 51 37.18 146.00 -141.41
C LEU OC 51 37.20 144.70 -142.22
N GLN OC 52 38.39 144.09 -142.33
CA GLN OC 52 38.54 142.90 -143.15
C GLN OC 52 37.78 141.71 -142.56
N ALA OC 53 37.85 141.56 -141.23
CA ALA OC 53 37.17 140.43 -140.53
C ALA OC 53 35.68 140.51 -140.78
N LEU OC 54 35.05 141.69 -140.75
CA LEU OC 54 33.65 141.86 -141.13
C LEU OC 54 33.47 141.63 -142.62
N GLU OC 55 34.46 142.01 -143.42
CA GLU OC 55 34.37 141.82 -144.87
C GLU OC 55 34.29 140.34 -145.24
N ILE OC 56 34.84 139.46 -144.41
CA ILE OC 56 34.76 138.03 -144.73
C ILE OC 56 33.56 137.41 -144.03
N ILE OC 57 33.20 137.94 -142.85
CA ILE OC 57 32.00 137.46 -142.16
C ILE OC 57 30.77 137.72 -143.00
N ASN OC 58 30.75 138.85 -143.72
CA ASN OC 58 29.61 139.15 -144.58
C ASN OC 58 29.41 138.12 -145.68
N GLU OC 59 30.48 137.70 -146.35
CA GLU OC 59 30.36 136.67 -147.38
C GLU OC 59 29.99 135.33 -146.80
N ARG OC 60 30.55 134.98 -145.64
CA ARG OC 60 30.19 133.71 -145.02
C ARG OC 60 28.71 133.69 -144.69
N PHE OC 61 28.22 134.78 -144.10
CA PHE OC 61 26.80 134.89 -143.78
C PHE OC 61 25.95 134.89 -145.05
N ALA OC 62 26.45 135.54 -146.11
CA ALA OC 62 25.69 135.57 -147.35
C ALA OC 62 25.54 134.19 -147.94
N ARG OC 63 26.61 133.39 -147.92
CA ARG OC 63 26.52 132.02 -148.40
C ARG OC 63 25.54 131.20 -147.56
N GLN OC 64 25.63 131.34 -146.23
CA GLN OC 64 24.70 130.60 -145.37
C GLN OC 64 23.26 131.01 -145.62
N PHE OC 65 23.02 132.31 -145.78
CA PHE OC 65 21.67 132.81 -146.00
C PHE OC 65 21.14 132.41 -147.36
N ARG OC 66 22.00 132.36 -148.39
CA ARG OC 66 21.56 131.85 -149.68
C ARG OC 66 21.03 130.43 -149.72
N MET OC 67 21.73 129.50 -149.07
CA MET OC 67 21.20 128.13 -148.96
C MET OC 67 19.95 127.99 -148.06
N GLY OC 68 19.89 128.86 -147.05
CA GLY OC 68 18.74 128.87 -146.16
C GLY OC 68 17.57 129.33 -147.01
N LEU OC 69 17.77 130.37 -147.81
CA LEU OC 69 16.70 130.86 -148.69
C LEU OC 69 16.34 129.82 -149.74
N PHE OC 70 17.34 129.10 -150.26
CA PHE OC 70 17.04 128.01 -151.18
C PHE OC 70 16.22 126.94 -150.48
N ASN OC 71 16.59 126.60 -149.24
CA ASN OC 71 15.86 125.59 -148.50
C ASN OC 71 14.42 126.03 -148.25
N LEU OC 72 14.19 127.32 -148.02
CA LEU OC 72 12.85 127.78 -147.66
C LEU OC 72 11.98 128.04 -148.88
N LEU OC 73 12.42 128.97 -149.75
CA LEU OC 73 11.61 129.41 -150.87
C LEU OC 73 11.54 128.40 -152.01
N ARG OC 74 12.34 127.35 -151.96
CA ARG OC 74 12.44 126.38 -153.06
C ARG OC 74 12.80 127.07 -154.37
N ARG OC 75 13.65 128.09 -154.30
CA ARG OC 75 14.13 128.82 -155.46
C ARG OC 75 15.63 129.05 -155.29
N SER OC 76 16.23 129.71 -156.28
CA SER OC 76 17.67 129.94 -156.29
C SER OC 76 17.99 131.42 -156.17
N PRO OC 77 18.17 131.94 -154.96
CA PRO OC 77 18.62 133.33 -154.82
C PRO OC 77 20.10 133.58 -154.95
N ASP OC 78 20.46 134.79 -155.35
CA ASP OC 78 21.86 135.20 -155.36
C ASP OC 78 21.96 136.46 -154.52
N ILE OC 79 22.89 136.46 -153.57
CA ILE OC 79 23.08 137.55 -152.63
C ILE OC 79 24.43 138.19 -152.92
N THR OC 80 24.40 139.49 -153.24
CA THR OC 80 25.61 140.27 -153.47
C THR OC 80 25.84 141.14 -152.23
N VAL OC 81 27.02 141.04 -151.64
CA VAL OC 81 27.35 141.82 -150.47
C VAL OC 81 27.82 143.19 -150.90
N GLY OC 82 27.17 144.23 -150.40
CA GLY OC 82 27.57 145.59 -150.70
C GLY OC 82 28.73 146.04 -149.85
N ALA OC 83 29.22 147.24 -150.15
CA ALA OC 83 30.31 147.81 -149.38
C ALA OC 83 29.83 148.19 -147.98
N ILE OC 84 30.64 147.84 -146.98
CA ILE OC 84 30.33 148.20 -145.61
C ILE OC 84 30.39 149.71 -145.46
N ARG OC 85 29.33 150.29 -144.89
CA ARG OC 85 29.25 151.74 -144.72
C ARG OC 85 29.36 152.10 -143.24
N ILE OC 86 30.32 152.95 -142.91
CA ILE OC 86 30.50 153.46 -141.56
C ILE OC 86 29.95 154.87 -141.48
N GLN OC 87 28.76 155.02 -140.93
CA GLN OC 87 28.01 156.26 -141.08
C GLN OC 87 27.27 156.59 -139.79
N PRO OC 88 26.95 157.87 -139.57
CA PRO OC 88 26.14 158.23 -138.42
C PRO OC 88 24.75 157.60 -138.51
N TYR OC 89 24.18 157.32 -137.34
CA TYR OC 89 22.92 156.58 -137.30
C TYR OC 89 21.75 157.23 -138.03
N HIS OC 90 21.67 158.56 -138.00
CA HIS OC 90 20.55 159.31 -138.65
C HIS OC 90 20.68 159.27 -140.19
N GLU OC 91 21.87 158.99 -140.74
CA GLU OC 91 22.04 158.79 -142.17
C GLU OC 91 21.42 157.44 -142.50
N PHE OC 92 21.74 156.43 -141.70
CA PHE OC 92 21.16 155.11 -141.91
C PHE OC 92 19.65 155.15 -141.75
N ALA OC 93 19.16 155.89 -140.76
CA ALA OC 93 17.71 155.98 -140.55
C ALA OC 93 17.03 156.68 -141.72
N ARG OC 94 17.61 157.76 -142.21
CA ARG OC 94 16.95 158.52 -143.27
C ARG OC 94 17.01 157.79 -144.60
N ASN OC 95 18.05 156.99 -144.84
CA ASN OC 95 18.12 156.25 -146.10
C ASN OC 95 17.10 155.12 -146.13
N LEU OC 96 16.65 154.67 -144.97
CA LEU OC 96 15.68 153.57 -144.93
C LEU OC 96 14.32 154.04 -145.45
N PRO OC 97 13.56 153.15 -146.08
CA PRO OC 97 12.21 153.50 -146.51
C PRO OC 97 11.22 153.28 -145.38
N VAL OC 98 10.00 153.74 -145.60
CA VAL OC 98 8.94 153.63 -144.60
C VAL OC 98 7.68 153.09 -145.26
N PRO OC 99 7.07 152.03 -144.71
CA PRO OC 99 7.52 151.24 -143.57
C PRO OC 99 8.54 150.19 -143.99
N THR OC 100 9.33 149.69 -143.03
CA THR OC 100 10.31 148.63 -143.28
C THR OC 100 10.39 147.82 -142.01
N ASN OC 101 10.38 146.49 -142.09
CA ASN OC 101 10.59 145.62 -140.91
C ASN OC 101 11.99 145.75 -140.31
N LEU OC 102 12.10 146.18 -139.06
CA LEU OC 102 13.38 146.30 -138.31
C LEU OC 102 13.43 145.19 -137.26
N ASN OC 103 14.51 144.44 -137.08
CA ASN OC 103 14.55 143.29 -136.13
C ASN OC 103 15.63 143.56 -135.07
N LEU OC 104 15.27 144.10 -133.90
CA LEU OC 104 16.28 144.33 -132.88
C LEU OC 104 16.84 143.00 -132.43
N ILE OC 105 18.16 142.87 -132.44
CA ILE OC 105 18.81 141.62 -132.09
C ILE OC 105 19.90 141.89 -131.06
N HIS OC 106 20.11 140.93 -130.18
CA HIS OC 106 21.11 141.01 -129.13
C HIS OC 106 22.27 140.11 -129.51
N LEU OC 107 23.44 140.70 -129.69
CA LEU OC 107 24.66 139.92 -129.99
C LEU OC 107 25.48 139.71 -128.73
N LYS OC 108 24.90 138.97 -127.78
CA LYS OC 108 25.58 138.70 -126.53
C LYS OC 108 26.85 137.88 -126.77
N PRO OC 109 27.89 138.07 -125.95
CA PRO OC 109 27.96 138.92 -124.76
C PRO OC 109 28.29 140.38 -125.04
N LEU OC 110 28.27 140.81 -126.30
CA LEU OC 110 28.56 142.20 -126.62
C LEU OC 110 27.40 143.08 -126.18
N ARG OC 111 27.69 144.06 -125.34
CA ARG OC 111 26.64 144.94 -124.84
C ARG OC 111 26.20 145.90 -125.94
N GLY OC 112 24.90 145.92 -126.20
CA GLY OC 112 24.33 146.76 -127.23
C GLY OC 112 23.17 146.04 -127.90
N THR OC 113 22.69 146.61 -128.99
CA THR OC 113 21.55 146.06 -129.72
C THR OC 113 21.72 146.36 -131.20
N GLY OC 114 21.92 145.31 -131.99
CA GLY OC 114 22.01 145.47 -133.43
C GLY OC 114 20.66 145.43 -134.11
N LEU OC 115 20.67 145.68 -135.41
CA LEU OC 115 19.44 145.80 -136.19
C LEU OC 115 19.58 145.02 -137.48
N VAL OC 116 18.54 144.27 -137.83
CA VAL OC 116 18.45 143.57 -139.11
C VAL OC 116 17.26 144.15 -139.86
N VAL OC 117 17.53 144.75 -141.01
CA VAL OC 117 16.51 145.48 -141.76
C VAL OC 117 16.13 144.69 -142.99
N PHE OC 118 14.89 144.22 -143.04
CA PHE OC 118 14.31 143.57 -144.20
C PHE OC 118 13.47 144.56 -145.00
N SER OC 119 13.85 144.76 -146.26
CA SER OC 119 13.12 145.67 -147.12
C SER OC 119 11.72 145.16 -147.45
N PRO OC 120 10.74 146.07 -147.72
CA PRO OC 120 9.37 145.64 -148.14
C PRO OC 120 9.48 144.76 -149.38
N SER OC 121 10.45 145.06 -150.25
CA SER OC 121 10.57 144.29 -151.49
C SER OC 121 10.90 142.83 -151.18
N LEU OC 122 11.83 142.60 -150.27
CA LEU OC 122 12.25 141.23 -149.97
C LEU OC 122 11.12 140.44 -149.32
N VAL OC 123 10.43 141.02 -148.35
CA VAL OC 123 9.33 140.31 -147.70
C VAL OC 123 8.18 140.09 -148.69
N PHE OC 124 7.95 141.04 -149.58
CA PHE OC 124 6.94 140.86 -150.62
C PHE OC 124 7.30 139.68 -151.51
N ILE OC 125 8.57 139.59 -151.93
CA ILE OC 125 9.01 138.50 -152.77
C ILE OC 125 8.86 137.16 -152.05
N ALA OC 126 9.25 137.12 -150.78
CA ALA OC 126 9.16 135.87 -150.03
C ALA OC 126 7.72 135.42 -149.85
N VAL OC 127 6.83 136.35 -149.50
CA VAL OC 127 5.43 136.01 -149.32
C VAL OC 127 4.81 135.56 -150.64
N ASP OC 128 5.16 136.25 -151.73
CA ASP OC 128 4.66 135.88 -153.04
C ASP OC 128 5.10 134.47 -153.42
N ASN OC 129 6.38 134.16 -153.19
CA ASN OC 129 6.88 132.82 -153.54
C ASN OC 129 6.26 131.74 -152.67
N LEU OC 130 6.11 132.00 -151.38
CA LEU OC 130 5.53 131.00 -150.50
C LEU OC 130 4.07 130.72 -150.84
N PHE OC 131 3.30 131.75 -151.12
CA PHE OC 131 1.86 131.61 -151.29
C PHE OC 131 1.49 131.55 -152.78
N GLY OC 132 1.99 130.52 -153.43
CA GLY OC 132 1.59 130.18 -154.78
C GLY OC 132 1.80 131.28 -155.80
N GLY OC 133 2.98 131.90 -155.79
CA GLY OC 133 3.27 132.92 -156.77
C GLY OC 133 4.62 132.76 -157.44
N ASP OC 134 4.62 132.76 -158.77
CA ASP OC 134 5.89 132.62 -159.55
C ASP OC 134 6.47 134.01 -159.82
N GLY OC 135 6.13 135.00 -159.00
CA GLY OC 135 6.67 136.33 -159.18
C GLY OC 135 6.42 136.84 -160.58
N ARG OC 136 5.30 136.48 -161.20
CA ARG OC 136 4.94 137.00 -162.51
C ARG OC 136 4.67 138.51 -162.48
N PHE OC 137 3.77 138.91 -161.57
CA PHE OC 137 3.46 140.33 -161.45
C PHE OC 137 4.53 141.16 -160.74
N PRO OC 138 4.68 142.42 -161.11
CA PRO OC 138 5.68 143.27 -160.44
C PRO OC 138 5.32 143.48 -158.98
N THR OC 139 6.34 143.64 -158.15
CA THR OC 139 6.12 143.95 -156.74
C THR OC 139 5.63 145.38 -156.59
N LYS OC 140 4.53 145.55 -155.86
CA LYS OC 140 3.95 146.86 -155.62
C LYS OC 140 3.94 147.15 -154.12
N VAL OC 141 4.61 148.22 -153.71
CA VAL OC 141 4.64 148.65 -152.33
C VAL OC 141 4.19 150.11 -152.27
N GLU OC 142 3.16 150.38 -151.48
CA GLU OC 142 2.58 151.71 -151.36
C GLU OC 142 2.37 152.08 -149.90
N GLY OC 143 3.39 151.85 -149.08
CA GLY OC 143 3.26 152.13 -147.67
C GLY OC 143 2.42 151.14 -146.90
N ARG OC 144 2.13 149.99 -147.49
CA ARG OC 144 1.32 148.98 -146.84
C ARG OC 144 2.08 148.37 -145.67
N GLU OC 145 1.38 148.17 -144.56
CA GLU OC 145 1.98 147.60 -143.36
C GLU OC 145 2.07 146.08 -143.48
N PHE OC 146 2.51 145.44 -142.40
CA PHE OC 146 2.74 144.00 -142.37
C PHE OC 146 1.70 143.35 -141.46
N THR OC 147 0.99 142.35 -142.00
CA THR OC 147 0.00 141.63 -141.22
C THR OC 147 0.68 140.58 -140.35
N HIS OC 148 -0.15 139.83 -139.59
CA HIS OC 148 0.40 138.80 -138.72
C HIS OC 148 1.02 137.67 -139.52
N THR OC 149 0.39 137.29 -140.64
CA THR OC 149 0.97 136.25 -141.50
C THR OC 149 2.30 136.71 -142.09
N GLU OC 150 2.35 137.96 -142.56
CA GLU OC 150 3.61 138.50 -143.05
C GLU OC 150 4.66 138.54 -141.96
N GLN OC 151 4.25 138.91 -140.74
CA GLN OC 151 5.18 138.94 -139.63
C GLN OC 151 5.72 137.55 -139.32
N ARG OC 152 4.86 136.53 -139.42
CA ARG OC 152 5.31 135.16 -139.17
C ARG OC 152 6.27 134.69 -140.25
N VAL OC 153 6.00 135.05 -141.51
CA VAL OC 153 6.93 134.72 -142.59
C VAL OC 153 8.28 135.39 -142.37
N ILE OC 154 8.26 136.66 -141.93
CA ILE OC 154 9.50 137.37 -141.67
C ILE OC 154 10.24 136.76 -140.50
N ASN OC 155 9.51 136.30 -139.48
CA ASN OC 155 10.15 135.61 -138.37
C ASN OC 155 10.82 134.33 -138.84
N ARG OC 156 10.14 133.59 -139.73
CA ARG OC 156 10.73 132.37 -140.26
C ARG OC 156 11.99 132.66 -141.06
N MET OC 157 11.97 133.71 -141.87
CA MET OC 157 13.17 134.11 -142.61
C MET OC 157 14.28 134.57 -141.65
N LEU OC 158 13.91 135.35 -140.64
CA LEU OC 158 14.90 135.91 -139.73
C LEU OC 158 15.54 134.84 -138.87
N LYS OC 159 14.83 133.74 -138.63
CA LYS OC 159 15.46 132.63 -137.91
C LYS OC 159 16.66 132.10 -138.70
N LEU OC 160 16.46 131.86 -140.01
CA LEU OC 160 17.57 131.43 -140.85
C LEU OC 160 18.66 132.49 -140.94
N ALA OC 161 18.26 133.76 -141.05
CA ALA OC 161 19.25 134.84 -141.14
C ALA OC 161 20.12 134.90 -139.89
N LEU OC 162 19.49 134.79 -138.72
CA LEU OC 162 20.24 134.85 -137.47
C LEU OC 162 21.11 133.61 -137.29
N GLU OC 163 20.61 132.44 -137.68
CA GLU OC 163 21.44 131.24 -137.61
C GLU OC 163 22.68 131.39 -138.50
N GLY OC 164 22.49 131.88 -139.72
CA GLY OC 164 23.62 132.08 -140.60
C GLY OC 164 24.61 133.10 -140.07
N TYR OC 165 24.10 134.20 -139.52
CA TYR OC 165 24.99 135.22 -138.98
C TYR OC 165 25.78 134.68 -137.78
N SER OC 166 25.11 133.93 -136.90
CA SER OC 166 25.80 133.36 -135.75
C SER OC 166 26.87 132.38 -136.20
N ASP OC 167 26.56 131.54 -137.18
CA ASP OC 167 27.54 130.58 -137.69
C ASP OC 167 28.73 131.31 -138.32
N ALA OC 168 28.46 132.38 -139.07
CA ALA OC 168 29.55 133.14 -139.67
C ALA OC 168 30.43 133.78 -138.60
N TRP OC 169 29.82 134.33 -137.55
CA TRP OC 169 30.61 134.95 -136.49
C TRP OC 169 31.34 133.87 -135.71
N LYS OC 170 30.76 132.66 -135.65
CA LYS OC 170 31.36 131.58 -134.86
C LYS OC 170 32.82 131.31 -135.24
N ALA OC 171 33.15 131.45 -136.52
CA ALA OC 171 34.53 131.26 -136.95
C ALA OC 171 35.56 132.17 -136.29
N ILE OC 172 35.23 133.44 -136.10
CA ILE OC 172 36.16 134.40 -135.51
C ILE OC 172 35.91 134.52 -134.02
N ASN OC 173 34.70 134.96 -133.66
CA ASN OC 173 34.35 135.11 -132.26
C ASN OC 173 32.98 134.49 -132.00
N PRO OC 174 32.89 133.47 -131.16
CA PRO OC 174 31.59 132.80 -130.96
C PRO OC 174 30.59 133.70 -130.25
N LEU OC 175 29.53 134.06 -130.97
CA LEU OC 175 28.47 134.90 -130.44
C LEU OC 175 27.13 134.19 -130.58
N GLU OC 176 26.22 134.50 -129.68
CA GLU OC 176 24.85 134.00 -129.76
C GLU OC 176 23.92 135.15 -130.11
N VAL OC 177 23.07 134.93 -131.11
CA VAL OC 177 22.21 135.95 -131.66
C VAL OC 177 20.79 135.69 -131.20
N GLU OC 178 20.20 136.66 -130.52
CA GLU OC 178 18.84 136.55 -130.01
C GLU OC 178 17.97 137.64 -130.62
N TYR OC 179 16.81 137.22 -131.13
CA TYR OC 179 15.82 138.15 -131.66
C TYR OC 179 14.89 138.56 -130.54
N VAL OC 180 14.81 139.85 -130.27
CA VAL OC 180 14.09 140.36 -129.10
C VAL OC 180 12.79 141.05 -129.49
N ARG OC 181 12.76 141.73 -130.64
CA ARG OC 181 11.61 142.56 -130.97
C ARG OC 181 11.65 142.92 -132.44
N SER OC 182 10.47 143.11 -133.02
CA SER OC 182 10.36 143.57 -134.39
C SER OC 182 9.46 144.79 -134.40
N GLU OC 183 9.78 145.73 -135.28
CA GLU OC 183 9.07 146.99 -135.39
C GLU OC 183 8.97 147.35 -136.86
N MET OC 184 8.11 148.32 -137.17
CA MET OC 184 7.88 148.75 -138.54
C MET OC 184 8.30 150.19 -138.84
N GLN OC 185 8.30 151.05 -137.83
CA GLN OC 185 8.75 152.43 -138.00
C GLN OC 185 10.20 152.56 -137.57
N VAL OC 186 10.79 153.72 -137.85
CA VAL OC 186 12.18 153.96 -137.51
C VAL OC 186 12.35 154.54 -136.12
N LYS OC 187 11.36 155.29 -135.63
CA LYS OC 187 11.49 155.97 -134.35
C LYS OC 187 11.30 155.06 -133.15
N PHE OC 188 10.92 153.80 -133.36
CA PHE OC 188 10.77 152.86 -132.27
C PHE OC 188 12.04 152.14 -131.83
N THR OC 189 13.08 152.16 -132.65
CA THR OC 189 14.28 151.38 -132.33
C THR OC 189 15.24 152.14 -131.42
N ASN OC 190 15.76 153.26 -131.91
CA ASN OC 190 16.73 154.09 -131.17
C ASN OC 190 17.74 153.23 -130.41
N ILE OC 191 18.57 152.50 -131.18
CA ILE OC 191 19.63 151.63 -130.60
C ILE OC 191 20.89 152.47 -130.35
N THR OC 192 20.88 153.76 -130.73
CA THR OC 192 22.01 154.69 -130.55
C THR OC 192 21.61 155.75 -129.56
N THR OC 193 22.43 156.01 -128.53
CA THR OC 193 22.14 156.99 -127.46
C THR OC 193 21.81 158.31 -128.11
N SER OC 194 22.55 158.70 -129.16
CA SER OC 194 22.32 159.91 -129.90
C SER OC 194 22.25 159.62 -131.39
N PRO OC 195 21.49 160.41 -132.15
CA PRO OC 195 21.41 160.18 -133.60
C PRO OC 195 22.72 160.40 -134.34
N ASN OC 196 23.68 161.08 -133.72
CA ASN OC 196 24.97 161.32 -134.35
C ASN OC 196 25.98 160.22 -134.06
N ASP OC 197 25.58 159.16 -133.35
CA ASP OC 197 26.47 158.05 -133.08
C ASP OC 197 26.78 157.31 -134.38
N ILE OC 198 27.92 156.64 -134.39
CA ILE OC 198 28.44 156.01 -135.61
C ILE OC 198 28.07 154.53 -135.58
N VAL OC 199 27.56 154.03 -136.70
CA VAL OC 199 27.16 152.64 -136.83
C VAL OC 199 27.76 152.07 -138.11
N VAL OC 200 27.87 150.74 -138.14
CA VAL OC 200 28.43 150.00 -139.25
C VAL OC 200 27.33 149.30 -140.03
N ASN OC 201 27.14 149.71 -141.29
CA ASN OC 201 26.01 149.15 -142.09
C ASN OC 201 26.49 148.28 -143.26
N THR OC 202 25.96 147.07 -143.39
CA THR OC 202 26.24 146.17 -144.50
C THR OC 202 24.97 145.91 -145.27
N PRO OC 203 24.81 146.47 -146.47
CA PRO OC 203 23.64 146.15 -147.31
C PRO OC 203 23.93 144.96 -148.22
N PHE OC 204 23.02 143.99 -148.21
CA PHE OC 204 23.05 142.87 -149.14
C PHE OC 204 21.90 143.00 -150.12
N HIS OC 205 22.14 142.60 -151.37
CA HIS OC 205 21.13 142.60 -152.41
C HIS OC 205 20.80 141.16 -152.78
N VAL OC 206 19.54 140.77 -152.61
CA VAL OC 206 19.08 139.42 -152.90
C VAL OC 206 18.21 139.46 -154.15
N GLU OC 207 18.60 138.70 -155.16
CA GLU OC 207 17.84 138.61 -156.40
C GLU OC 207 17.28 137.22 -156.57
N ILE OC 208 15.99 137.14 -156.86
CA ILE OC 208 15.29 135.89 -157.16
C ILE OC 208 14.63 136.05 -158.51
N GLY OC 209 15.07 135.25 -159.49
CA GLY OC 209 14.58 135.42 -160.84
C GLY OC 209 14.86 136.84 -161.32
N ASN OC 210 13.82 137.48 -161.84
CA ASN OC 210 13.93 138.88 -162.22
C ASN OC 210 13.72 139.82 -161.04
N LEU OC 211 13.04 139.36 -160.00
CA LEU OC 211 12.75 140.20 -158.86
C LEU OC 211 13.99 140.44 -158.02
N THR OC 212 14.05 141.60 -157.39
CA THR OC 212 15.19 141.98 -156.57
C THR OC 212 14.70 142.62 -155.27
N GLY OC 213 15.55 142.55 -154.25
CA GLY OC 213 15.30 143.21 -152.99
C GLY OC 213 16.60 143.38 -152.25
N GLU OC 214 16.54 144.04 -151.10
CA GLU OC 214 17.74 144.29 -150.33
C GLU OC 214 17.44 144.18 -148.85
N PHE OC 215 18.48 143.93 -148.07
CA PHE OC 215 18.34 143.90 -146.62
C PHE OC 215 19.67 144.27 -145.99
N ASN OC 216 19.63 145.00 -144.88
CA ASN OC 216 20.81 145.53 -144.25
C ASN OC 216 21.03 144.91 -142.88
N ILE OC 217 22.29 144.90 -142.45
CA ILE OC 217 22.63 144.54 -141.08
C ILE OC 217 23.43 145.67 -140.46
N CYS OC 218 22.89 146.31 -139.43
CA CYS OC 218 23.50 147.47 -138.82
C CYS OC 218 23.89 147.17 -137.38
N LEU OC 219 25.14 147.45 -137.04
CA LEU OC 219 25.66 147.24 -135.71
C LEU OC 219 26.19 148.56 -135.16
N PRO OC 220 25.75 148.99 -133.98
CA PRO OC 220 26.33 150.19 -133.39
C PRO OC 220 27.81 149.98 -133.10
N PHE OC 221 28.60 151.03 -133.31
CA PHE OC 221 30.04 150.91 -133.11
C PHE OC 221 30.43 150.59 -131.68
N SER OC 222 29.54 150.84 -130.72
CA SER OC 222 29.85 150.52 -129.33
C SER OC 222 30.06 149.02 -129.15
N MET OC 223 29.23 148.21 -129.81
CA MET OC 223 29.38 146.77 -129.73
C MET OC 223 30.70 146.31 -130.36
N ILE OC 224 31.06 146.89 -131.49
CA ILE OC 224 32.25 146.46 -132.22
C ILE OC 224 33.52 146.93 -131.53
N GLU OC 225 33.46 148.06 -130.82
CA GLU OC 225 34.67 148.68 -130.28
C GLU OC 225 35.55 147.75 -129.44
N PRO OC 226 35.03 146.91 -128.54
CA PRO OC 226 35.92 145.99 -127.84
C PRO OC 226 36.59 144.98 -128.76
N LEU OC 227 36.06 144.76 -129.95
CA LEU OC 227 36.62 143.81 -130.91
C LEU OC 227 37.26 144.47 -132.12
N ARG OC 228 37.70 145.72 -131.99
CA ARG OC 228 38.23 146.45 -133.15
C ARG OC 228 39.52 145.84 -133.66
N GLU OC 229 40.44 145.49 -132.75
CA GLU OC 229 41.71 144.93 -133.17
C GLU OC 229 41.48 143.56 -133.82
N LEU OC 230 40.41 142.87 -133.43
CA LEU OC 230 40.07 141.61 -134.07
C LEU OC 230 39.44 141.83 -135.43
N LEU OC 231 38.58 142.85 -135.54
CA LEU OC 231 37.80 143.09 -136.79
C LEU OC 231 38.62 143.89 -137.81
N VAL OC 232 39.75 144.47 -137.40
CA VAL OC 232 40.55 145.33 -138.31
C VAL OC 232 41.47 144.44 -139.16
N ASN OC 233 42.35 143.63 -138.56
CA ASN OC 233 43.30 142.87 -139.37
C ASN OC 233 42.62 141.66 -140.00
N PRO OC 234 42.99 141.31 -141.23
CA PRO OC 234 42.44 140.11 -141.86
C PRO OC 234 42.78 138.87 -141.06
N PRO OC 235 41.87 137.90 -140.97
CA PRO OC 235 42.13 136.72 -140.15
C PRO OC 235 43.28 135.90 -140.69
N LEU OC 236 44.00 135.25 -139.78
CA LEU OC 236 45.12 134.39 -140.13
C LEU OC 236 44.82 132.96 -139.72
N GLU OC 237 45.36 132.01 -140.50
CA GLU OC 237 45.15 130.58 -140.25
C GLU OC 237 46.00 130.16 -139.06
N ASN OC 238 45.45 130.37 -137.87
CA ASN OC 238 46.14 130.03 -136.62
C ASN OC 238 45.13 129.32 -135.72
N SER OC 239 45.53 129.10 -134.47
CA SER OC 239 44.68 128.45 -133.49
C SER OC 239 44.64 129.29 -132.22
N ARG OC 240 43.62 129.03 -131.39
CA ARG OC 240 43.50 129.74 -130.14
C ARG OC 240 44.69 129.45 -129.23
N HIS OC 241 45.20 128.22 -129.26
CA HIS OC 241 46.42 127.90 -128.53
C HIS OC 241 47.59 128.73 -129.02
N GLU OC 242 47.73 128.87 -130.34
CA GLU OC 242 48.81 129.67 -130.88
C GLU OC 242 48.66 131.14 -130.50
N ASP OC 243 47.42 131.65 -130.53
CA ASP OC 243 47.19 133.04 -130.18
C ASP OC 243 47.52 133.31 -128.71
N GLN OC 244 47.07 132.43 -127.81
CA GLN OC 244 47.38 132.63 -126.41
C GLN OC 244 48.88 132.45 -126.14
N ASN OC 245 49.53 131.56 -126.87
CA ASN OC 245 50.98 131.43 -126.75
C ASN OC 245 51.68 132.71 -127.21
N TRP OC 246 51.18 133.31 -128.29
CA TRP OC 246 51.74 134.57 -128.77
C TRP OC 246 51.81 135.75 -127.80
N ARG OC 247 50.67 136.06 -127.19
CA ARG OC 247 50.62 137.19 -126.22
C ARG OC 247 51.37 136.77 -124.95
N ASP OC 248 51.35 135.48 -124.62
CA ASP OC 248 52.10 134.99 -123.43
C ASP OC 248 53.58 135.32 -123.61
N ASN OC 249 54.16 134.94 -124.75
CA ASN OC 249 55.59 135.23 -125.02
C ASN OC 249 55.79 136.75 -125.06
N LEU OC 250 54.88 137.47 -125.72
CA LEU OC 250 54.98 138.95 -125.80
C LEU OC 250 54.94 139.52 -124.37
N VAL OC 251 54.00 139.04 -123.55
CA VAL OC 251 53.91 139.50 -122.13
C VAL OC 251 55.28 139.27 -121.47
N ARG OC 252 55.85 138.07 -121.64
CA ARG OC 252 57.16 137.79 -121.05
C ARG OC 252 58.24 138.68 -121.64
N GLN OC 253 58.15 139.00 -122.93
CA GLN OC 253 59.13 139.92 -123.52
C GLN OC 253 58.98 141.33 -122.97
N VAL OC 254 57.75 141.74 -122.67
CA VAL OC 254 57.50 143.10 -122.18
C VAL OC 254 58.13 143.29 -120.80
N GLN OC 255 58.12 142.25 -119.98
CA GLN OC 255 58.58 142.38 -118.60
C GLN OC 255 60.00 142.91 -118.51
N HIS OC 256 60.84 142.61 -119.51
CA HIS OC 256 62.21 143.10 -119.50
C HIS OC 256 62.30 144.46 -120.21
N SER OC 257 61.53 145.43 -119.69
CA SER OC 257 61.53 146.83 -120.21
C SER OC 257 61.62 147.79 -119.02
N GLU OC 258 62.72 148.54 -118.90
CA GLU OC 258 62.94 149.48 -117.77
C GLU OC 258 61.90 150.61 -117.82
N LEU OC 259 61.41 151.06 -116.66
CA LEU OC 259 60.43 152.17 -116.57
C LEU OC 259 61.04 153.34 -115.80
N GLU OC 260 60.39 154.49 -115.77
CA GLU OC 260 60.81 155.62 -114.95
C GLU OC 260 59.76 155.87 -113.87
N LEU OC 261 60.12 155.64 -112.62
CA LEU OC 261 59.21 155.81 -111.50
C LEU OC 261 59.55 157.08 -110.74
N VAL OC 262 58.55 157.91 -110.49
CA VAL OC 262 58.72 159.21 -109.86
C VAL OC 262 57.92 159.26 -108.58
N ALA OC 263 58.56 159.63 -107.48
CA ALA OC 263 57.91 159.75 -106.18
C ALA OC 263 57.63 161.21 -105.88
N ASN OC 264 56.39 161.51 -105.50
CA ASN OC 264 55.98 162.86 -105.16
C ASN OC 264 55.89 162.97 -103.65
N PHE OC 265 56.78 163.79 -103.06
CA PHE OC 265 56.83 164.00 -101.58
C PHE OC 265 55.73 164.94 -101.13
N ALA OC 266 55.55 166.07 -101.82
CA ALA OC 266 54.52 167.09 -101.47
C ALA OC 266 54.03 167.85 -102.70
N ASP OC 267 52.86 168.51 -102.63
CA ASP OC 267 52.33 169.33 -103.71
C ASP OC 267 51.74 170.60 -103.09
N ILE OC 268 52.49 171.69 -103.14
CA ILE OC 268 52.13 172.93 -102.47
C ILE OC 268 51.57 173.89 -103.50
N PRO OC 269 50.43 174.58 -103.26
CA PRO OC 269 49.82 175.53 -104.25
C PRO OC 269 50.27 176.96 -103.99
N LEU OC 270 51.06 177.53 -104.91
CA LEU OC 270 51.49 178.94 -104.80
C LEU OC 270 51.02 179.76 -106.00
N ARG OC 271 50.78 181.04 -105.80
CA ARG OC 271 50.38 181.95 -106.91
C ARG OC 271 51.62 182.30 -107.73
N LEU OC 272 51.42 182.78 -108.95
CA LEU OC 272 52.55 183.21 -109.80
C LEU OC 272 53.34 184.32 -109.10
N SER OC 273 52.62 185.20 -108.39
CA SER OC 273 53.30 186.34 -107.72
C SER OC 273 54.31 185.82 -106.72
N GLN OC 274 53.95 184.78 -105.97
CA GLN OC 274 54.91 184.21 -105.01
C GLN OC 274 56.11 183.67 -105.80
N ILE OC 275 55.88 183.03 -106.95
CA ILE OC 275 57.03 182.40 -107.67
C ILE OC 275 58.09 183.41 -108.12
N LEU OC 276 57.68 184.55 -108.69
CA LEU OC 276 58.67 185.60 -109.04
C LEU OC 276 59.48 186.25 -107.91
N LYS OC 277 58.82 186.52 -106.78
CA LYS OC 277 59.51 187.03 -105.57
C LYS OC 277 60.29 185.87 -104.83
N LEU OC 278 59.92 184.66 -105.25
CA LEU OC 278 60.52 183.46 -104.60
C LEU OC 278 61.99 183.65 -104.95
N LYS OC 279 62.85 183.49 -103.95
CA LYS OC 279 64.31 183.62 -104.13
C LYS OC 279 64.94 182.67 -103.11
N PRO OC 280 66.21 182.22 -103.25
CA PRO OC 280 66.81 181.20 -102.33
C PRO OC 280 66.72 181.64 -100.87
N GLY OC 281 66.55 180.69 -99.94
CA GLY OC 281 66.46 180.93 -98.52
C GLY OC 281 65.06 180.96 -97.97
N ASP OC 282 64.04 181.06 -98.82
CA ASP OC 282 62.67 181.10 -98.35
C ASP OC 282 62.22 179.72 -97.85
N VAL OC 283 61.17 179.73 -97.04
CA VAL OC 283 60.57 178.49 -96.53
C VAL OC 283 59.11 178.47 -96.94
N LEU OC 284 58.72 177.42 -97.64
CA LEU OC 284 57.34 177.24 -98.09
C LEU OC 284 56.72 176.10 -97.29
N PRO OC 285 55.70 176.37 -96.47
CA PRO OC 285 55.20 175.34 -95.56
C PRO OC 285 54.48 174.24 -96.31
N ILE OC 286 54.69 173.00 -95.85
CA ILE OC 286 54.05 171.82 -96.42
C ILE OC 286 53.39 171.04 -95.29
N GLU OC 287 52.47 170.18 -95.67
CA GLU OC 287 51.71 169.37 -94.72
C GLU OC 287 52.36 168.01 -94.56
N LYS OC 288 51.84 167.23 -93.62
CA LYS OC 288 52.35 165.88 -93.38
C LYS OC 288 52.01 164.98 -94.56
N PRO OC 289 53.00 164.39 -95.24
CA PRO OC 289 52.69 163.30 -96.16
C PRO OC 289 52.59 161.97 -95.42
N ASP OC 290 51.37 161.46 -95.25
CA ASP OC 290 51.19 160.14 -94.60
C ASP OC 290 51.73 159.06 -95.55
N ARG OC 291 51.43 159.19 -96.85
CA ARG OC 291 51.90 158.25 -97.84
C ARG OC 291 52.42 159.00 -99.05
N ILE OC 292 53.35 158.36 -99.76
CA ILE OC 292 54.01 158.94 -100.92
C ILE OC 292 53.60 158.27 -102.22
N ILE OC 293 52.98 159.04 -103.11
CA ILE OC 293 52.54 158.50 -104.39
C ILE OC 293 53.69 158.37 -105.40
N ALA OC 294 53.80 157.20 -106.01
CA ALA OC 294 54.81 156.92 -107.02
C ALA OC 294 54.08 156.66 -108.33
N HIS OC 295 54.41 157.45 -109.34
CA HIS OC 295 53.73 157.45 -110.62
C HIS OC 295 54.73 157.31 -111.76
N VAL OC 296 54.31 156.68 -112.85
CA VAL OC 296 55.10 156.53 -114.05
C VAL OC 296 54.45 157.37 -115.12
N ASP OC 297 55.12 158.45 -115.53
CA ASP OC 297 54.62 159.35 -116.58
C ASP OC 297 53.23 159.88 -116.24
N GLY OC 298 53.00 160.14 -114.96
CA GLY OC 298 51.73 160.69 -114.53
C GLY OC 298 50.84 159.70 -113.83
N VAL OC 299 50.79 158.47 -114.34
CA VAL OC 299 49.87 157.46 -113.80
C VAL OC 299 50.41 156.92 -112.48
N PRO OC 300 49.67 157.06 -111.38
CA PRO OC 300 50.20 156.59 -110.09
C PRO OC 300 50.18 155.07 -110.00
N VAL OC 301 51.25 154.51 -109.47
CA VAL OC 301 51.42 153.06 -109.43
C VAL OC 301 51.56 152.56 -108.00
N LEU OC 302 52.12 153.39 -107.12
CA LEU OC 302 52.47 152.93 -105.78
C LEU OC 302 52.12 154.06 -104.84
N THR OC 303 51.84 153.69 -103.59
CA THR OC 303 51.87 154.62 -102.46
C THR OC 303 52.72 153.92 -101.41
N SER OC 304 53.72 154.62 -100.88
CA SER OC 304 54.74 154.01 -100.05
C SER OC 304 55.25 155.12 -99.15
N GLN OC 305 55.77 154.73 -97.99
CA GLN OC 305 56.17 155.66 -96.94
C GLN OC 305 57.62 155.99 -97.25
N TYR OC 306 57.98 157.25 -97.06
CA TYR OC 306 59.34 157.68 -97.36
C TYR OC 306 60.32 157.19 -96.29
N GLY OC 307 61.59 157.16 -96.66
CA GLY OC 307 62.62 156.74 -95.74
C GLY OC 307 63.99 156.92 -96.36
N THR OC 308 65.01 156.61 -95.56
CA THR OC 308 66.39 156.68 -96.01
C THR OC 308 67.07 155.35 -95.72
N VAL OC 309 67.66 154.74 -96.74
CA VAL OC 309 68.34 153.47 -96.61
C VAL OC 309 69.63 153.53 -97.42
N ASN OC 310 70.74 153.13 -96.79
CA ASN OC 310 72.05 153.07 -97.45
C ASN OC 310 72.44 154.43 -98.04
N GLY OC 311 72.09 155.50 -97.34
CA GLY OC 311 72.36 156.83 -97.84
C GLY OC 311 71.51 157.23 -99.03
N GLN OC 312 70.50 156.44 -99.37
CA GLN OC 312 69.64 156.70 -100.50
C GLN OC 312 68.23 157.01 -100.02
N TYR OC 313 67.54 157.89 -100.73
CA TYR OC 313 66.13 158.13 -100.47
C TYR OC 313 65.35 156.87 -100.80
N ALA OC 314 64.71 156.27 -99.80
CA ALA OC 314 64.04 154.99 -99.97
C ALA OC 314 62.54 155.15 -99.74
N LEU OC 315 61.79 154.18 -100.26
CA LEU OC 315 60.36 154.12 -100.07
C LEU OC 315 59.97 152.71 -99.63
N ARG OC 316 59.22 152.63 -98.53
CA ARG OC 316 58.70 151.36 -98.05
C ARG OC 316 57.34 151.15 -98.68
N VAL OC 317 57.27 150.24 -99.66
CA VAL OC 317 56.06 150.06 -100.44
C VAL OC 317 54.93 149.57 -99.54
N GLU OC 318 53.83 150.28 -99.55
CA GLU OC 318 52.66 149.90 -98.79
C GLU OC 318 51.54 149.28 -99.61
N HIS OC 319 51.29 149.78 -100.84
CA HIS OC 319 50.13 149.29 -101.60
C HIS OC 319 50.24 149.56 -103.10
N LEU OC 320 50.17 148.51 -103.92
CA LEU OC 320 50.10 148.67 -105.36
C LEU OC 320 48.70 149.12 -105.76
N ILE OC 321 48.61 150.20 -106.53
CA ILE OC 321 47.31 150.78 -106.83
C ILE OC 321 46.61 149.98 -107.90
N ASN OC 322 45.82 148.99 -107.49
CA ASN OC 322 45.02 148.22 -108.42
C ASN OC 322 43.76 149.01 -108.81
N PRO OC 323 43.24 148.78 -110.03
CA PRO OC 323 42.01 149.47 -110.47
C PRO OC 323 40.76 148.70 -110.08
N GLN PC 52 51.78 192.55 -124.64
CA GLN PC 52 52.71 192.19 -123.58
C GLN PC 52 52.25 192.74 -122.23
N ASP PC 53 51.26 192.09 -121.64
CA ASP PC 53 50.69 192.50 -120.38
C ASP PC 53 51.42 191.83 -119.22
N ILE PC 54 51.29 192.41 -118.04
CA ILE PC 54 52.00 191.89 -116.87
C ILE PC 54 51.02 191.62 -115.73
N ASP PC 55 50.15 192.58 -115.42
CA ASP PC 55 49.13 192.39 -114.37
C ASP PC 55 48.11 191.34 -114.81
N LEU PC 56 48.03 191.06 -116.11
CA LEU PC 56 47.03 190.11 -116.66
C LEU PC 56 47.27 188.70 -116.08
N ILE PC 57 48.52 188.27 -115.99
CA ILE PC 57 48.86 186.90 -115.50
C ILE PC 57 49.60 187.02 -114.17
N MET PC 58 49.57 188.18 -113.53
CA MET PC 58 50.30 188.39 -112.28
C MET PC 58 49.69 187.58 -111.14
N ASP PC 59 48.47 187.07 -111.33
CA ASP PC 59 47.71 186.43 -110.26
C ASP PC 59 47.38 184.95 -110.54
N ILE PC 60 47.77 184.43 -111.69
CA ILE PC 60 47.41 183.06 -112.07
C ILE PC 60 48.05 182.08 -111.10
N PRO PC 61 47.33 181.07 -110.60
CA PRO PC 61 47.94 180.11 -109.68
C PRO PC 61 48.69 179.02 -110.42
N VAL PC 62 49.71 178.49 -109.75
CA VAL PC 62 50.52 177.40 -110.29
C VAL PC 62 50.60 176.44 -109.11
N LYS PC 63 50.84 175.16 -109.44
CA LYS PC 63 50.98 174.09 -108.44
C LYS PC 63 52.44 173.63 -108.48
N LEU PC 64 53.10 173.53 -107.32
CA LEU PC 64 54.50 173.17 -107.24
C LEU PC 64 54.61 171.79 -106.62
N THR PC 65 55.43 170.93 -107.21
CA THR PC 65 55.63 169.58 -106.71
C THR PC 65 57.10 169.40 -106.37
N VAL PC 66 57.37 168.54 -105.39
CA VAL PC 66 58.72 168.19 -104.97
C VAL PC 66 58.87 166.68 -104.96
N GLU PC 67 60.03 166.20 -105.39
CA GLU PC 67 60.26 164.77 -105.53
C GLU PC 67 61.13 164.18 -104.46
N LEU PC 68 61.00 162.89 -104.21
CA LEU PC 68 61.98 162.21 -103.37
C LEU PC 68 63.20 161.94 -104.25
N GLY PC 69 62.99 161.35 -105.42
CA GLY PC 69 64.09 161.09 -106.32
C GLY PC 69 63.65 160.30 -107.53
N ARG PC 70 64.54 160.25 -108.52
CA ARG PC 70 64.36 159.44 -109.70
C ARG PC 70 64.71 158.00 -109.36
N THR PC 71 64.25 157.07 -110.21
CA THR PC 71 64.73 155.71 -110.21
C THR PC 71 64.12 155.13 -111.47
N ARG PC 72 64.77 154.13 -112.04
CA ARG PC 72 64.34 153.49 -113.27
C ARG PC 72 64.39 151.99 -112.98
N MET PC 73 63.26 151.31 -113.10
CA MET PC 73 63.13 149.95 -112.61
C MET PC 73 62.10 149.33 -113.55
N THR PC 74 62.32 148.07 -113.96
CA THR PC 74 61.53 147.43 -115.04
C THR PC 74 60.22 146.89 -114.53
N ILE PC 75 59.43 146.33 -115.44
CA ILE PC 75 58.11 145.74 -115.11
C ILE PC 75 58.33 144.58 -114.14
N LYS PC 76 59.38 143.77 -114.32
CA LYS PC 76 59.63 142.58 -113.45
C LYS PC 76 59.57 142.95 -111.96
N GLU PC 77 60.50 143.78 -111.45
CA GLU PC 77 60.57 144.21 -110.05
C GLU PC 77 59.32 144.93 -109.58
N LEU PC 78 58.71 145.74 -110.46
CA LEU PC 78 57.44 146.38 -110.11
C LEU PC 78 56.31 145.42 -109.80
N LEU PC 79 56.21 144.35 -110.57
CA LEU PC 79 55.18 143.35 -110.30
C LEU PC 79 55.40 142.48 -109.07
N ARG PC 80 56.65 142.24 -108.68
CA ARG PC 80 56.93 141.45 -107.49
C ARG PC 80 57.19 142.31 -106.21
N LEU PC 81 56.88 143.59 -106.32
CA LEU PC 81 56.99 144.48 -105.17
C LEU PC 81 55.81 144.04 -104.32
N THR PC 82 56.06 143.88 -103.02
CA THR PC 82 55.03 143.41 -102.10
C THR PC 82 54.93 144.46 -101.01
N GLN PC 83 54.01 144.26 -100.07
CA GLN PC 83 53.92 145.20 -98.94
C GLN PC 83 55.16 145.10 -98.09
N GLY PC 84 55.69 146.25 -97.65
CA GLY PC 84 56.87 146.26 -96.82
C GLY PC 84 58.16 146.24 -97.61
N SER PC 85 58.10 146.01 -98.91
CA SER PC 85 59.31 146.04 -99.73
C SER PC 85 59.86 147.45 -99.83
N VAL PC 86 61.18 147.56 -99.89
CA VAL PC 86 61.87 148.85 -99.89
C VAL PC 86 62.57 149.03 -101.23
N VAL PC 87 62.36 150.19 -101.85
CA VAL PC 87 63.00 150.55 -103.10
C VAL PC 87 63.75 151.86 -102.91
N ALA PC 88 64.97 151.95 -103.44
CA ALA PC 88 65.81 153.17 -103.30
C ALA PC 88 65.42 154.23 -104.33
N LEU PC 89 66.25 155.27 -104.49
CA LEU PC 89 66.02 156.39 -105.44
C LEU PC 89 67.42 156.75 -105.94
N ASP PC 90 67.56 157.62 -106.93
CA ASP PC 90 68.88 157.96 -107.55
C ASP PC 90 69.61 159.02 -106.72
N GLY PC 91 69.00 159.61 -105.69
CA GLY PC 91 69.61 160.65 -104.88
C GLY PC 91 70.11 160.27 -103.50
N LEU PC 92 71.32 160.73 -103.19
CA LEU PC 92 71.85 160.55 -101.84
C LEU PC 92 71.00 161.29 -100.84
N ALA PC 93 70.85 160.72 -99.65
CA ALA PC 93 70.07 161.35 -98.60
C ALA PC 93 70.78 162.61 -98.14
N GLY PC 94 70.32 163.77 -98.59
CA GLY PC 94 70.95 165.02 -98.25
C GLY PC 94 70.98 166.05 -99.36
N GLU PC 95 70.93 165.59 -100.63
CA GLU PC 95 70.89 166.56 -101.71
C GLU PC 95 69.56 167.30 -101.71
N PRO PC 96 69.54 168.53 -102.22
CA PRO PC 96 68.27 169.27 -102.30
C PRO PC 96 67.35 168.64 -103.34
N LEU PC 97 66.08 168.51 -102.97
CA LEU PC 97 65.09 167.95 -103.88
C LEU PC 97 64.77 168.95 -104.99
N ASP PC 98 64.25 168.43 -106.11
CA ASP PC 98 63.95 169.32 -107.27
C ASP PC 98 62.49 169.77 -107.21
N ILE PC 99 62.27 171.09 -107.26
CA ILE PC 99 60.88 171.65 -107.26
C ILE PC 99 60.47 171.85 -108.73
N LEU PC 100 59.26 171.44 -109.11
CA LEU PC 100 58.85 171.51 -110.53
C LEU PC 100 57.44 172.10 -110.66
N ILE PC 101 57.15 172.76 -111.78
CA ILE PC 101 55.77 173.29 -112.04
C ILE PC 101 55.33 172.79 -113.43
N ASN PC 102 54.15 172.16 -113.52
CA ASN PC 102 53.62 171.67 -114.83
C ASN PC 102 54.72 170.79 -115.44
N GLY PC 103 55.44 170.02 -114.61
CA GLY PC 103 56.47 169.08 -115.11
C GLY PC 103 57.72 169.80 -115.59
N TYR PC 104 57.90 171.07 -115.23
CA TYR PC 104 59.07 171.89 -115.68
C TYR PC 104 59.90 172.30 -114.48
N LEU PC 105 61.22 172.11 -114.53
CA LEU PC 105 62.07 172.38 -113.33
C LEU PC 105 61.94 173.87 -113.02
N ILE PC 106 61.85 174.21 -111.73
CA ILE PC 106 61.69 175.63 -111.30
C ILE PC 106 62.65 175.95 -110.15
N ALA PC 107 63.01 175.00 -109.28
CA ALA PC 107 63.80 175.34 -108.09
C ALA PC 107 64.42 174.08 -107.51
N GLN PC 108 65.15 174.25 -106.40
CA GLN PC 108 65.68 173.16 -105.61
C GLN PC 108 65.64 173.53 -104.13
N GLY PC 109 65.22 172.57 -103.30
CA GLY PC 109 65.17 172.79 -101.87
C GLY PC 109 64.90 171.48 -101.14
N GLU PC 110 65.20 171.50 -99.83
CA GLU PC 110 65.03 170.33 -98.99
C GLU PC 110 64.02 170.63 -97.88
N VAL PC 111 63.54 169.55 -97.27
CA VAL PC 111 62.57 169.66 -96.18
C VAL PC 111 63.30 170.01 -94.89
N VAL PC 112 62.69 170.88 -94.09
CA VAL PC 112 63.26 171.30 -92.80
C VAL PC 112 62.21 171.23 -91.71
N VAL PC 113 62.65 170.82 -90.51
CA VAL PC 113 61.78 170.73 -89.35
C VAL PC 113 62.02 171.90 -88.41
N VAL PC 114 61.01 172.75 -88.20
CA VAL PC 114 61.22 173.94 -87.38
C VAL PC 114 60.77 173.65 -85.96
N ALA PC 115 59.46 173.44 -85.81
CA ALA PC 115 58.90 173.03 -84.52
C ALA PC 115 58.18 171.67 -84.55
N ASP PC 116 56.98 171.65 -85.12
CA ASP PC 116 56.25 170.38 -85.34
C ASP PC 116 55.63 170.62 -86.71
N LYS PC 117 56.31 171.40 -87.57
CA LYS PC 117 55.76 171.78 -88.89
C LYS PC 117 56.82 171.56 -89.98
N TYR PC 118 56.39 171.36 -91.24
CA TYR PC 118 57.37 171.05 -92.31
C TYR PC 118 57.32 172.07 -93.43
N GLY PC 119 58.45 172.27 -94.12
CA GLY PC 119 58.52 173.16 -95.26
C GLY PC 119 59.79 172.94 -96.06
N VAL PC 120 59.81 173.50 -97.26
CA VAL PC 120 60.93 173.33 -98.18
C VAL PC 120 61.77 174.60 -98.07
N ARG PC 121 63.07 174.42 -97.90
CA ARG PC 121 64.03 175.52 -97.80
C ARG PC 121 64.74 175.55 -99.14
N ILE PC 122 64.34 176.48 -100.00
CA ILE PC 122 64.87 176.54 -101.35
C ILE PC 122 66.33 176.95 -101.32
N THR PC 123 67.17 176.21 -102.06
CA THR PC 123 68.60 176.47 -102.08
C THR PC 123 69.01 177.46 -103.15
N ASP PC 124 68.45 177.34 -104.36
CA ASP PC 124 68.84 178.23 -105.45
C ASP PC 124 67.76 178.19 -106.53
N ILE PC 125 67.94 179.05 -107.53
CA ILE PC 125 67.07 179.11 -108.70
C ILE PC 125 67.93 178.75 -109.91
N ILE PC 126 67.46 177.77 -110.68
CA ILE PC 126 68.24 177.26 -111.80
C ILE PC 126 68.13 178.19 -113.00
N THR PC 127 69.27 178.75 -113.41
CA THR PC 127 69.35 179.49 -114.64
C THR PC 127 69.27 178.53 -115.83
N PRO PC 128 68.92 179.04 -117.02
CA PRO PC 128 68.82 178.14 -118.19
C PRO PC 128 70.09 177.35 -118.46
N SER PC 129 71.26 177.97 -118.26
CA SER PC 129 72.52 177.29 -118.51
C SER PC 129 72.56 175.98 -117.72
N GLU PC 130 72.28 176.05 -116.43
CA GLU PC 130 72.15 174.83 -115.64
C GLU PC 130 71.09 173.89 -116.20
N ARG PC 131 69.93 174.42 -116.54
CA ARG PC 131 68.87 173.57 -117.16
C ARG PC 131 69.43 172.84 -118.39
N MET PC 132 70.24 173.53 -119.20
CA MET PC 132 70.76 172.93 -120.45
C MET PC 132 71.64 171.72 -120.10
N ARG PC 133 72.48 171.84 -119.07
CA ARG PC 133 73.37 170.72 -118.67
C ARG PC 133 72.53 169.63 -117.98
N ARG PC 134 71.36 170.02 -117.47
CA ARG PC 134 70.44 169.07 -116.78
C ARG PC 134 69.99 168.10 -117.90
N LEU PC 135 69.44 168.67 -118.97
CA LEU PC 135 69.08 167.86 -120.16
C LEU PC 135 70.26 167.13 -120.82
N SER PC 136 71.42 167.79 -120.87
CA SER PC 136 72.61 167.19 -121.53
C SER PC 136 73.16 166.02 -120.70
N ARG PC 137 73.02 166.07 -119.38
CA ARG PC 137 73.64 165.02 -118.58
C ARG PC 137 72.75 164.62 -117.41
N ASP QC 53 64.43 188.40 -113.92
CA ASP QC 53 63.48 187.56 -113.19
C ASP QC 53 62.23 187.26 -114.01
N ILE QC 54 61.91 188.15 -114.94
CA ILE QC 54 60.76 187.93 -115.82
C ILE QC 54 61.08 186.73 -116.69
N ASP QC 55 62.36 186.59 -117.08
CA ASP QC 55 62.76 185.47 -117.93
C ASP QC 55 62.44 184.11 -117.31
N LEU QC 56 62.54 183.99 -115.98
CA LEU QC 56 62.18 182.75 -115.31
C LEU QC 56 60.73 182.31 -115.48
N ILE QC 57 59.82 183.28 -115.40
CA ILE QC 57 58.36 182.97 -115.48
C ILE QC 57 57.83 183.38 -116.86
N MET QC 58 58.70 183.43 -117.88
CA MET QC 58 58.26 183.85 -119.20
C MET QC 58 58.25 182.54 -119.99
N ASP QC 59 58.82 181.47 -119.42
CA ASP QC 59 58.94 180.20 -120.19
C ASP QC 59 58.07 179.07 -119.61
N ILE QC 60 57.68 179.16 -118.33
CA ILE QC 60 56.93 178.08 -117.68
C ILE QC 60 55.63 177.62 -118.34
N PRO QC 61 55.39 176.29 -118.47
CA PRO QC 61 54.12 175.76 -119.02
C PRO QC 61 52.96 176.02 -118.04
N VAL QC 62 51.74 176.07 -118.54
CA VAL QC 62 50.56 176.29 -117.72
C VAL QC 62 49.44 175.60 -118.50
N LYS QC 63 48.36 175.26 -117.80
CA LYS QC 63 47.27 174.52 -118.40
C LYS QC 63 46.15 175.51 -118.69
N LEU QC 64 45.65 175.51 -119.93
CA LEU QC 64 44.61 176.43 -120.35
C LEU QC 64 43.36 175.61 -120.66
N THR QC 65 42.20 176.12 -120.27
CA THR QC 65 40.93 175.49 -120.56
C THR QC 65 39.94 176.56 -121.01
N VAL QC 66 38.90 176.13 -121.71
CA VAL QC 66 37.78 177.01 -122.06
C VAL QC 66 36.50 176.26 -121.79
N GLU QC 67 35.60 176.87 -121.02
CA GLU QC 67 34.39 176.18 -120.60
C GLU QC 67 33.21 176.69 -121.42
N LEU QC 68 32.39 175.77 -121.94
CA LEU QC 68 31.27 176.13 -122.85
C LEU QC 68 29.96 176.36 -122.08
N GLY QC 69 29.79 175.73 -120.90
CA GLY QC 69 28.51 175.78 -120.17
C GLY QC 69 28.70 175.91 -118.67
N ARG QC 70 27.63 176.33 -117.98
CA ARG QC 70 27.65 176.46 -116.50
C ARG QC 70 26.20 176.31 -115.99
N THR QC 71 25.95 175.33 -115.12
CA THR QC 71 24.60 175.07 -114.61
C THR QC 71 24.71 174.73 -113.14
N ARG QC 72 23.75 175.10 -112.31
CA ARG QC 72 23.65 174.73 -110.90
C ARG QC 72 22.57 173.69 -110.72
N MET QC 73 22.92 172.59 -110.04
CA MET QC 73 21.94 171.48 -109.90
C MET QC 73 22.01 170.83 -108.52
N THR QC 74 20.93 170.19 -108.11
CA THR QC 74 20.83 169.44 -106.86
C THR QC 74 21.13 168.00 -107.26
N ILE QC 75 21.08 167.09 -106.29
CA ILE QC 75 21.50 165.68 -106.61
C ILE QC 75 20.28 164.90 -107.11
N LYS QC 76 19.10 165.28 -106.64
CA LYS QC 76 17.90 164.67 -107.21
C LYS QC 76 18.10 164.83 -108.70
N GLU QC 77 18.40 166.06 -109.14
CA GLU QC 77 18.54 166.33 -110.58
C GLU QC 77 19.70 165.55 -111.20
N LEU QC 78 20.86 165.52 -110.55
CA LEU QC 78 22.04 164.86 -111.16
C LEU QC 78 21.80 163.35 -111.31
N LEU QC 79 21.24 162.73 -110.28
CA LEU QC 79 20.93 161.27 -110.30
C LEU QC 79 19.87 161.00 -111.37
N ARG QC 80 18.90 161.90 -111.51
CA ARG QC 80 17.78 161.71 -112.46
C ARG QC 80 18.36 161.63 -113.87
N LEU QC 81 19.37 162.45 -114.20
CA LEU QC 81 20.04 162.34 -115.52
C LEU QC 81 20.30 160.86 -115.81
N THR QC 82 19.99 160.35 -117.01
CA THR QC 82 20.33 158.97 -117.40
C THR QC 82 21.17 159.01 -118.65
N GLN QC 83 21.22 157.91 -119.40
CA GLN QC 83 21.94 157.95 -120.67
C GLN QC 83 21.09 158.64 -121.73
N GLY QC 84 21.69 159.59 -122.44
CA GLY QC 84 20.97 160.34 -123.44
C GLY QC 84 20.21 161.54 -122.91
N SER QC 85 20.21 161.77 -121.61
CA SER QC 85 19.51 162.93 -121.06
C SER QC 85 20.20 164.21 -121.48
N VAL QC 86 19.41 165.22 -121.82
CA VAL QC 86 19.91 166.52 -122.26
C VAL QC 86 19.86 167.46 -121.07
N VAL QC 87 20.99 168.09 -120.77
CA VAL QC 87 21.10 169.03 -119.66
C VAL QC 87 21.21 170.43 -120.24
N ALA QC 88 20.26 171.29 -119.90
CA ALA QC 88 20.29 172.66 -120.37
C ALA QC 88 21.37 173.49 -119.67
N LEU QC 89 21.92 174.44 -120.42
CA LEU QC 89 22.94 175.35 -119.91
C LEU QC 89 22.54 176.79 -119.67
N ASP QC 90 22.86 177.32 -118.49
CA ASP QC 90 22.49 178.70 -118.18
C ASP QC 90 22.98 179.70 -119.27
N GLY QC 91 24.19 179.43 -119.76
CA GLY QC 91 24.70 180.16 -120.90
C GLY QC 91 23.96 180.19 -122.22
N LEU QC 92 23.58 181.39 -122.68
CA LEU QC 92 22.89 181.52 -123.94
C LEU QC 92 23.84 181.24 -125.10
N ALA QC 93 23.27 180.92 -126.26
CA ALA QC 93 24.10 180.68 -127.44
C ALA QC 93 24.75 181.97 -127.90
N GLY QC 94 26.04 181.88 -128.25
CA GLY QC 94 26.77 183.01 -128.76
C GLY QC 94 27.44 183.89 -127.72
N GLU QC 95 27.15 183.68 -126.44
CA GLU QC 95 27.80 184.48 -125.41
C GLU QC 95 29.27 184.10 -125.30
N PRO QC 96 30.21 184.98 -124.90
CA PRO QC 96 31.65 184.62 -124.87
C PRO QC 96 31.93 183.51 -123.86
N LEU QC 97 32.58 182.41 -124.28
CA LEU QC 97 32.94 181.28 -123.40
C LEU QC 97 33.98 181.75 -122.37
N ASP QC 98 33.91 181.32 -121.12
CA ASP QC 98 35.00 181.69 -120.17
C ASP QC 98 36.29 180.98 -120.57
N ILE QC 99 37.45 181.60 -120.45
CA ILE QC 99 38.75 180.99 -120.65
C ILE QC 99 39.49 181.03 -119.32
N LEU QC 100 39.91 179.86 -118.84
CA LEU QC 100 40.49 179.71 -117.53
C LEU QC 100 41.93 179.23 -117.65
N ILE QC 101 42.76 179.68 -116.70
CA ILE QC 101 44.15 179.24 -116.61
C ILE QC 101 44.32 178.62 -115.24
N ASN QC 102 44.52 177.30 -115.20
CA ASN QC 102 44.59 176.55 -113.94
C ASN QC 102 43.35 176.80 -113.10
N GLY QC 103 42.20 176.92 -113.76
CA GLY QC 103 40.96 177.20 -113.07
C GLY QC 103 40.72 178.65 -112.73
N TYR QC 104 41.53 179.57 -113.24
CA TYR QC 104 41.40 180.99 -112.95
C TYR QC 104 40.95 181.72 -114.20
N LEU QC 105 39.83 182.41 -114.12
CA LEU QC 105 39.27 183.11 -115.28
C LEU QC 105 40.09 184.36 -115.59
N ILE QC 106 40.47 184.52 -116.84
CA ILE QC 106 41.24 185.69 -117.25
C ILE QC 106 40.60 186.39 -118.45
N ALA QC 107 39.80 185.65 -119.23
CA ALA QC 107 39.35 186.19 -120.50
C ALA QC 107 38.05 185.56 -120.93
N GLN QC 108 37.40 186.21 -121.90
CA GLN QC 108 36.17 185.72 -122.50
C GLN QC 108 36.31 185.74 -124.01
N GLY QC 109 35.81 184.70 -124.67
CA GLY QC 109 35.86 184.62 -126.11
C GLY QC 109 34.96 183.61 -126.79
N GLU QC 110 34.64 183.88 -128.04
CA GLU QC 110 33.77 182.99 -128.81
C GLU QC 110 34.38 181.72 -129.33
N VAL QC 111 33.53 180.76 -129.69
CA VAL QC 111 33.97 179.42 -130.05
C VAL QC 111 34.12 179.50 -131.56
N VAL QC 112 35.21 178.92 -132.05
CA VAL QC 112 35.48 178.82 -133.48
C VAL QC 112 36.34 177.59 -133.71
N VAL QC 113 36.13 176.92 -134.86
CA VAL QC 113 36.85 175.70 -135.18
C VAL QC 113 37.78 175.99 -136.35
N VAL QC 114 39.05 175.61 -136.18
CA VAL QC 114 40.09 175.88 -137.22
C VAL QC 114 40.78 174.56 -137.61
N ALA QC 115 40.79 174.22 -138.91
CA ALA QC 115 41.50 173.00 -139.38
C ALA QC 115 40.97 171.75 -138.68
N ASP QC 116 39.66 171.69 -138.43
CA ASP QC 116 39.00 170.49 -137.81
C ASP QC 116 39.45 170.29 -136.36
N LYS QC 117 39.98 171.32 -135.71
CA LYS QC 117 40.39 171.23 -134.29
C LYS QC 117 39.68 172.35 -133.53
N TYR QC 118 39.13 172.06 -132.34
CA TYR QC 118 38.45 173.11 -131.54
C TYR QC 118 39.34 174.32 -131.28
N GLY QC 119 38.74 175.50 -131.16
CA GLY QC 119 39.49 176.70 -130.86
C GLY QC 119 38.59 177.76 -130.25
N VAL QC 120 39.20 178.89 -129.93
CA VAL QC 120 38.48 180.01 -129.33
C VAL QC 120 39.20 181.29 -129.68
N ARG QC 121 38.42 182.31 -130.05
CA ARG QC 121 38.95 183.64 -130.32
C ARG QC 121 38.80 184.54 -129.11
N ILE QC 122 39.92 185.10 -128.64
CA ILE QC 122 39.90 185.91 -127.43
C ILE QC 122 39.19 187.24 -127.73
N THR QC 123 37.92 187.33 -127.36
CA THR QC 123 37.18 188.57 -127.56
C THR QC 123 37.71 189.66 -126.64
N ASP QC 124 37.88 189.35 -125.36
CA ASP QC 124 38.37 190.37 -124.44
C ASP QC 124 38.99 189.70 -123.22
N ILE QC 125 39.77 190.48 -122.48
CA ILE QC 125 40.30 190.06 -121.20
C ILE QC 125 39.55 190.80 -120.11
N ILE QC 126 38.98 190.05 -119.17
CA ILE QC 126 38.16 190.65 -118.14
C ILE QC 126 39.05 191.34 -117.11
N THR QC 127 38.76 192.61 -116.86
CA THR QC 127 39.32 193.39 -115.78
C THR QC 127 38.63 193.01 -114.47
N PRO QC 128 39.33 193.07 -113.32
CA PRO QC 128 38.75 192.54 -112.08
C PRO QC 128 37.49 193.26 -111.66
N SER QC 129 37.01 194.24 -112.42
CA SER QC 129 35.74 194.89 -112.09
C SER QC 129 34.63 193.85 -112.25
N GLU QC 130 34.74 192.98 -113.26
CA GLU QC 130 33.65 191.98 -113.53
C GLU QC 130 33.72 190.79 -112.55
N ARG QC 131 34.83 190.63 -111.84
CA ARG QC 131 35.02 189.50 -110.94
C ARG QC 131 34.05 189.59 -109.77
N MET QC 132 33.85 190.82 -109.26
CA MET QC 132 32.82 190.97 -108.20
C MET QC 132 31.51 190.42 -108.73
N ARG QC 133 31.13 190.81 -109.96
CA ARG QC 133 29.87 190.33 -110.58
C ARG QC 133 29.88 188.83 -110.93
N ARG QC 134 31.06 188.24 -111.06
CA ARG QC 134 31.17 186.78 -111.35
C ARG QC 134 30.66 186.00 -110.13
N LEU QC 135 30.46 186.69 -109.01
CA LEU QC 135 29.96 186.03 -107.78
C LEU QC 135 28.86 186.90 -107.14
N ALA RC 37 40.73 181.00 -74.39
CA ALA RC 37 40.55 179.63 -73.94
C ALA RC 37 39.09 179.23 -73.95
N VAL RC 38 38.27 179.98 -74.68
CA VAL RC 38 36.85 179.70 -74.77
C VAL RC 38 36.58 178.39 -75.50
N PHE RC 39 37.27 178.16 -76.62
CA PHE RC 39 37.06 176.94 -77.39
C PHE RC 39 37.57 175.74 -76.61
N GLN RC 40 36.83 174.64 -76.67
CA GLN RC 40 37.21 173.42 -75.96
C GLN RC 40 37.96 172.52 -76.93
N GLN RC 41 39.06 171.95 -76.45
CA GLN RC 41 39.94 171.18 -77.31
C GLN RC 41 39.43 169.79 -77.62
N LEU RC 42 39.00 169.57 -78.86
CA LEU RC 42 38.50 168.27 -79.30
C LEU RC 42 39.59 167.38 -79.89
N GLY RC 43 39.56 166.11 -79.51
CA GLY RC 43 40.54 165.17 -80.01
C GLY RC 43 40.05 163.75 -79.83
N GLY RC 44 40.69 162.84 -80.56
CA GLY RC 44 40.30 161.44 -80.51
C GLY RC 44 38.90 161.18 -81.00
N GLY RC 45 38.48 161.85 -82.07
CA GLY RC 45 37.15 161.69 -82.60
C GLY RC 45 37.07 160.77 -83.79
N ASP RC 46 38.16 160.04 -84.06
CA ASP RC 46 38.21 159.09 -85.16
C ASP RC 46 37.55 157.78 -84.73
N VAL RC 47 36.22 157.84 -84.59
CA VAL RC 47 35.47 156.67 -84.13
C VAL RC 47 35.46 155.59 -85.20
N SER RC 48 34.89 155.90 -86.37
CA SER RC 48 34.81 154.96 -87.47
C SER RC 48 34.36 155.73 -88.71
N GLY RC 49 34.32 155.03 -89.83
CA GLY RC 49 33.85 155.62 -91.07
C GLY RC 49 33.12 154.62 -91.94
N ALA RC 50 31.87 154.95 -92.32
CA ALA RC 50 31.09 154.08 -93.17
C ALA RC 50 30.10 154.93 -93.95
N MET RC 51 30.04 154.73 -95.27
CA MET RC 51 29.07 155.44 -96.09
C MET RC 51 27.66 155.09 -95.63
N GLN RC 52 26.83 156.13 -95.51
CA GLN RC 52 25.49 155.91 -94.98
C GLN RC 52 24.57 155.68 -96.17
N ASP RC 53 24.38 156.71 -96.99
CA ASP RC 53 23.51 156.67 -98.15
C ASP RC 53 23.65 158.02 -98.85
N ILE RC 54 23.19 158.09 -100.10
CA ILE RC 54 23.40 159.29 -100.91
C ILE RC 54 22.23 160.27 -100.87
N ASP RC 55 21.23 159.98 -100.03
CA ASP RC 55 20.09 160.87 -99.85
C ASP RC 55 20.17 161.76 -98.62
N LEU RC 56 21.11 161.49 -97.73
CA LEU RC 56 21.31 162.38 -96.56
C LEU RC 56 21.84 163.69 -97.12
N ILE RC 57 22.67 163.62 -98.16
CA ILE RC 57 23.35 164.80 -98.76
C ILE RC 57 22.64 165.23 -100.05
N MET RC 58 21.47 164.69 -100.39
CA MET RC 58 20.87 164.95 -101.71
C MET RC 58 20.62 166.38 -102.20
N ASP RC 59 19.79 167.14 -101.47
CA ASP RC 59 19.42 168.50 -101.91
C ASP RC 59 20.58 169.45 -101.60
N ILE RC 60 21.78 169.09 -102.04
CA ILE RC 60 22.94 170.00 -101.85
C ILE RC 60 23.31 170.50 -103.27
N PRO RC 61 23.44 171.83 -103.50
CA PRO RC 61 23.67 172.34 -104.87
C PRO RC 61 25.03 171.86 -105.38
N VAL RC 62 25.08 171.48 -106.66
CA VAL RC 62 26.37 171.04 -107.27
C VAL RC 62 26.72 172.09 -108.34
N LYS RC 63 28.00 172.26 -108.61
CA LYS RC 63 28.41 173.22 -109.63
C LYS RC 63 28.75 172.45 -110.90
N LEU RC 64 27.77 172.32 -111.79
CA LEU RC 64 27.99 171.58 -113.03
C LEU RC 64 28.56 172.51 -114.10
N THR RC 65 29.55 172.01 -114.83
CA THR RC 65 30.24 172.78 -115.84
C THR RC 65 30.67 171.87 -116.98
N VAL RC 66 30.30 172.24 -118.19
CA VAL RC 66 30.74 171.53 -119.39
C VAL RC 66 31.97 172.21 -119.99
N GLU RC 67 32.96 171.43 -120.38
CA GLU RC 67 34.21 171.97 -120.89
C GLU RC 67 34.39 171.79 -122.39
N LEU RC 68 34.72 172.88 -123.08
CA LEU RC 68 34.80 172.84 -124.54
C LEU RC 68 36.08 172.12 -124.94
N GLY RC 69 37.20 172.48 -124.33
CA GLY RC 69 38.46 171.87 -124.72
C GLY RC 69 39.60 172.20 -123.78
N ARG RC 70 40.75 171.60 -124.08
CA ARG RC 70 41.96 171.77 -123.29
C ARG RC 70 43.07 172.08 -124.27
N THR RC 71 44.19 172.55 -123.73
CA THR RC 71 45.40 172.78 -124.46
C THR RC 71 46.50 173.10 -123.48
N ARG RC 72 47.62 172.38 -123.57
CA ARG RC 72 48.79 172.68 -122.77
C ARG RC 72 49.61 173.72 -123.51
N MET RC 73 49.83 174.87 -122.88
CA MET RC 73 50.51 175.97 -123.52
C MET RC 73 51.29 176.73 -122.46
N THR RC 74 52.45 177.23 -122.83
CA THR RC 74 53.31 177.94 -121.90
C THR RC 74 53.04 179.44 -121.97
N ILE RC 75 53.67 180.17 -121.05
CA ILE RC 75 53.54 181.62 -121.01
C ILE RC 75 54.11 182.28 -122.26
N LYS RC 76 55.01 181.58 -122.96
CA LYS RC 76 55.59 182.07 -124.21
C LYS RC 76 54.51 182.61 -125.14
N GLU RC 77 53.62 181.75 -125.60
CA GLU RC 77 52.54 182.20 -126.46
C GLU RC 77 51.48 182.96 -125.67
N LEU RC 78 51.35 182.69 -124.37
CA LEU RC 78 50.35 183.40 -123.57
C LEU RC 78 50.25 184.91 -123.65
N LEU RC 79 51.38 185.62 -123.53
CA LEU RC 79 51.32 187.09 -123.68
C LEU RC 79 51.31 187.49 -125.19
N ARG RC 80 51.81 186.59 -126.02
CA ARG RC 80 51.76 186.87 -127.49
C ARG RC 80 50.30 187.07 -127.89
N LEU RC 81 49.38 186.46 -127.13
CA LEU RC 81 47.95 186.61 -127.41
C LEU RC 81 47.33 188.00 -127.36
N THR RC 82 46.70 188.40 -128.46
CA THR RC 82 46.01 189.67 -128.57
C THR RC 82 44.53 189.43 -128.84
N GLN RC 83 43.77 190.52 -128.89
CA GLN RC 83 42.36 190.41 -129.21
C GLN RC 83 42.17 189.94 -130.65
N GLY RC 84 41.24 189.02 -130.84
CA GLY RC 84 41.01 188.45 -132.15
C GLY RC 84 41.89 187.28 -132.50
N SER RC 85 42.87 186.94 -131.67
CA SER RC 85 43.70 185.78 -131.91
C SER RC 85 42.90 184.50 -131.69
N VAL RC 86 43.41 183.41 -132.26
CA VAL RC 86 42.74 182.12 -132.18
C VAL RC 86 43.69 181.12 -131.54
N VAL RC 87 43.21 180.42 -130.51
CA VAL RC 87 44.00 179.42 -129.80
C VAL RC 87 43.43 178.05 -130.13
N ALA RC 88 44.25 177.20 -130.74
CA ALA RC 88 43.82 175.85 -131.05
C ALA RC 88 43.78 175.01 -129.78
N LEU RC 89 42.75 174.18 -129.67
CA LEU RC 89 42.58 173.31 -128.51
C LEU RC 89 42.96 171.88 -128.87
N ASP RC 90 43.48 171.16 -127.88
CA ASP RC 90 43.89 169.78 -128.12
C ASP RC 90 42.74 168.89 -128.55
N GLY RC 91 41.54 169.12 -128.02
CA GLY RC 91 40.39 168.34 -128.38
C GLY RC 91 40.00 168.46 -129.84
N LEU RC 92 39.86 167.33 -130.52
CA LEU RC 92 39.42 167.34 -131.90
C LEU RC 92 37.97 167.79 -132.01
N ALA RC 93 37.66 168.50 -133.09
CA ALA RC 93 36.32 169.03 -133.26
C ALA RC 93 35.31 167.90 -133.42
N GLY RC 94 34.16 168.04 -132.75
CA GLY RC 94 33.12 167.04 -132.81
C GLY RC 94 33.26 165.92 -131.79
N GLU RC 95 34.35 165.89 -131.03
CA GLU RC 95 34.50 164.88 -130.00
C GLU RC 95 33.57 165.16 -128.84
N PRO RC 96 33.23 164.13 -128.05
CA PRO RC 96 32.40 164.37 -126.86
C PRO RC 96 33.08 165.32 -125.89
N LEU RC 97 32.30 166.23 -125.33
CA LEU RC 97 32.79 167.21 -124.38
C LEU RC 97 32.78 166.62 -122.97
N ASP RC 98 33.50 167.29 -122.08
CA ASP RC 98 33.68 166.82 -120.71
C ASP RC 98 32.71 167.53 -119.78
N ILE RC 99 32.17 166.79 -118.81
CA ILE RC 99 31.24 167.32 -117.83
C ILE RC 99 31.87 167.16 -116.46
N LEU RC 100 31.91 168.24 -115.68
CA LEU RC 100 32.48 168.22 -114.35
C LEU RC 100 31.46 168.73 -113.36
N ILE RC 101 31.49 168.20 -112.14
CA ILE RC 101 30.72 168.73 -111.04
C ILE RC 101 31.70 169.16 -109.95
N ASN RC 102 31.66 170.45 -109.60
CA ASN RC 102 32.63 171.03 -108.68
C ASN RC 102 34.07 170.80 -109.15
N GLY RC 103 34.26 170.82 -110.47
CA GLY RC 103 35.59 170.68 -111.05
C GLY RC 103 36.10 169.27 -111.13
N TYR RC 104 35.27 168.26 -110.89
CA TYR RC 104 35.68 166.86 -110.94
C TYR RC 104 35.00 166.22 -112.14
N LEU RC 105 35.80 165.62 -113.02
CA LEU RC 105 35.27 165.01 -114.23
C LEU RC 105 34.47 163.77 -113.86
N ILE RC 106 33.24 163.69 -114.36
CA ILE RC 106 32.36 162.55 -114.08
C ILE RC 106 31.92 161.87 -115.37
N ALA RC 107 31.59 162.64 -116.40
CA ALA RC 107 30.97 162.05 -117.58
C ALA RC 107 31.41 162.78 -118.83
N GLN RC 108 31.17 162.12 -119.96
CA GLN RC 108 31.40 162.70 -121.29
C GLN RC 108 30.06 162.77 -122.00
N GLY RC 109 29.76 163.95 -122.56
CA GLY RC 109 28.49 164.18 -123.22
C GLY RC 109 28.74 164.74 -124.60
N GLU RC 110 27.64 165.15 -125.25
CA GLU RC 110 27.69 165.71 -126.58
C GLU RC 110 26.82 166.98 -126.59
N VAL RC 111 27.31 168.01 -127.24
CA VAL RC 111 26.66 169.32 -127.24
C VAL RC 111 25.53 169.35 -128.26
N VAL RC 112 24.37 169.88 -127.84
CA VAL RC 112 23.20 170.02 -128.69
C VAL RC 112 22.59 171.39 -128.47
N VAL RC 113 21.82 171.85 -129.44
CA VAL RC 113 21.15 173.14 -129.38
C VAL RC 113 19.64 172.88 -129.32
N VAL RC 114 19.02 173.33 -128.23
CA VAL RC 114 17.55 173.15 -128.07
C VAL RC 114 16.89 174.51 -127.79
N ALA RC 115 16.00 174.95 -128.69
CA ALA RC 115 15.31 176.26 -128.54
C ALA RC 115 16.28 177.43 -128.40
N ASP RC 116 17.41 177.40 -129.12
CA ASP RC 116 18.38 178.54 -129.13
C ASP RC 116 19.13 178.58 -127.79
N LYS RC 117 19.08 177.50 -127.01
CA LYS RC 117 19.80 177.45 -125.72
C LYS RC 117 20.81 176.29 -125.76
N TYR RC 118 22.02 176.50 -125.26
CA TYR RC 118 23.02 175.44 -125.36
C TYR RC 118 22.71 174.33 -124.36
N GLY RC 119 22.90 173.10 -124.80
CA GLY RC 119 22.63 171.95 -123.95
C GLY RC 119 23.57 170.81 -124.28
N VAL RC 120 24.00 170.12 -123.24
CA VAL RC 120 24.83 168.93 -123.39
C VAL RC 120 23.94 167.70 -123.19
N ARG RC 121 24.26 166.64 -123.92
CA ARG RC 121 23.55 165.37 -123.82
C ARG RC 121 24.51 164.34 -123.25
N ILE RC 122 24.23 163.89 -122.02
CA ILE RC 122 25.12 162.94 -121.36
C ILE RC 122 25.16 161.65 -122.14
N THR RC 123 26.37 161.19 -122.48
CA THR RC 123 26.55 159.96 -123.24
C THR RC 123 27.11 158.82 -122.40
N ASP RC 124 28.19 159.04 -121.64
CA ASP RC 124 28.74 157.94 -120.87
C ASP RC 124 29.58 158.45 -119.71
N ILE RC 125 29.38 157.84 -118.54
CA ILE RC 125 30.24 158.13 -117.41
C ILE RC 125 31.63 157.58 -117.68
N ILE RC 126 32.65 158.42 -117.47
CA ILE RC 126 34.01 158.02 -117.79
C ILE RC 126 34.44 156.86 -116.89
N THR RC 127 35.41 156.11 -117.37
CA THR RC 127 36.02 154.98 -116.74
C THR RC 127 37.31 155.37 -116.04
N PRO RC 128 37.73 154.63 -115.00
CA PRO RC 128 39.02 154.96 -114.36
C PRO RC 128 40.19 154.94 -115.32
N SER RC 129 40.19 154.02 -116.29
CA SER RC 129 41.24 154.02 -117.30
C SER RC 129 41.36 155.28 -118.15
N GLU RC 130 40.23 155.81 -118.61
CA GLU RC 130 40.27 157.06 -119.38
C GLU RC 130 40.56 158.27 -118.48
N ARG RC 131 40.17 158.15 -117.20
CA ARG RC 131 40.50 159.18 -116.23
C ARG RC 131 42.02 159.33 -116.16
N MET RC 132 42.73 158.22 -115.97
CA MET RC 132 44.20 158.26 -115.96
C MET RC 132 44.84 158.58 -117.32
N ARG RC 133 44.15 158.22 -118.40
CA ARG RC 133 44.60 158.59 -119.74
C ARG RC 133 44.54 160.11 -119.78
N ARG RC 134 43.46 160.68 -119.26
CA ARG RC 134 43.36 162.14 -119.19
C ARG RC 134 44.48 162.72 -118.33
N LEU RC 135 44.80 162.06 -117.22
CA LEU RC 135 45.83 162.59 -116.32
C LEU RC 135 47.19 162.66 -117.00
N SER RC 136 47.56 161.63 -117.75
CA SER RC 136 48.84 161.61 -118.42
C SER RC 136 48.78 162.39 -119.73
N LYS SC 514 -32.50 81.14 -140.92
CA LYS SC 514 -32.50 82.37 -140.14
C LYS SC 514 -32.74 83.58 -141.02
N ASP SC 515 -32.23 83.51 -142.26
CA ASP SC 515 -32.41 84.62 -143.20
C ASP SC 515 -33.88 84.79 -143.55
N GLU SC 516 -34.60 83.69 -143.77
CA GLU SC 516 -36.02 83.77 -144.11
C GLU SC 516 -36.83 84.36 -142.95
N GLN SC 517 -36.53 83.94 -141.73
CA GLN SC 517 -37.23 84.49 -140.57
C GLN SC 517 -36.95 85.98 -140.41
N LEU SC 518 -35.70 86.39 -140.62
CA LEU SC 518 -35.36 87.81 -140.55
C LEU SC 518 -36.09 88.60 -141.63
N GLN SC 519 -36.17 88.04 -142.85
CA GLN SC 519 -36.90 88.72 -143.93
C GLN SC 519 -38.38 88.84 -143.60
N GLN SC 520 -38.98 87.79 -143.04
CA GLN SC 520 -40.39 87.86 -142.66
C GLN SC 520 -40.63 88.89 -141.56
N ARG SC 521 -39.73 88.94 -140.57
CA ARG SC 521 -39.84 89.94 -139.51
C ARG SC 521 -39.70 91.34 -140.08
N ARG SC 522 -38.77 91.54 -141.01
CA ARG SC 522 -38.60 92.84 -141.64
C ARG SC 522 -39.83 93.24 -142.44
N ALA SC 523 -40.45 92.28 -143.15
CA ALA SC 523 -41.66 92.58 -143.90
C ALA SC 523 -42.81 92.96 -142.97
N ASN SC 524 -42.96 92.23 -141.86
CA ASN SC 524 -44.00 92.59 -140.89
C ASN SC 524 -43.74 93.97 -140.30
N GLN SC 525 -42.48 94.27 -139.98
CA GLN SC 525 -42.14 95.58 -139.44
C GLN SC 525 -42.42 96.69 -140.46
N ARG SC 526 -42.11 96.43 -141.73
CA ARG SC 526 -42.31 97.42 -142.79
C ARG SC 526 -43.76 97.53 -143.23
N LEU SC 527 -44.60 96.56 -142.86
CA LEU SC 527 -46.05 96.57 -143.20
C LEU SC 527 -46.79 97.25 -142.06
N GLY SC 528 -46.58 96.82 -140.83
CA GLY SC 528 -47.23 97.41 -139.64
C GLY SC 528 -46.79 98.84 -139.40
N ALA SC 529 -45.55 99.18 -139.75
CA ALA SC 529 -45.05 100.57 -139.60
C ALA SC 529 -45.72 101.41 -140.68
N GLU SC 530 -45.87 100.85 -141.89
CA GLU SC 530 -46.53 101.58 -143.01
C GLU SC 530 -47.98 101.83 -142.61
N VAL SC 531 -48.57 100.80 -141.91
CA VAL SC 531 -49.95 100.93 -141.32
C VAL SC 531 -49.87 101.93 -140.16
N MET SC 532 -48.80 101.84 -139.35
CA MET SC 532 -48.63 102.75 -138.19
C MET SC 532 -48.49 104.19 -138.67
N SER SC 533 -47.74 104.41 -139.76
CA SER SC 533 -47.56 105.76 -140.32
C SER SC 533 -48.91 106.30 -140.78
N GLN SC 534 -49.72 105.45 -141.43
CA GLN SC 534 -51.09 105.84 -141.85
C GLN SC 534 -51.93 106.14 -140.60
N ARG SC 535 -51.77 105.33 -139.55
CA ARG SC 535 -52.53 105.49 -138.28
C ARG SC 535 -52.18 106.81 -137.62
N ILE SC 536 -50.90 107.22 -137.63
CA ILE SC 536 -50.44 108.45 -136.93
C ILE SC 536 -50.93 109.68 -137.70
N ARG SC 537 -51.21 109.56 -139.00
CA ARG SC 537 -51.69 110.65 -139.82
C ARG SC 537 -53.16 110.93 -139.55
N GLU SC 538 -53.98 109.88 -139.44
CA GLU SC 538 -55.39 110.07 -139.11
C GLU SC 538 -55.54 110.71 -137.73
N MET SC 539 -54.76 110.24 -136.75
CA MET SC 539 -54.86 110.79 -135.40
C MET SC 539 -54.43 112.25 -135.35
N SER SC 540 -53.35 112.60 -136.06
CA SER SC 540 -52.87 113.98 -136.07
C SER SC 540 -53.83 114.90 -136.82
N ASP SC 541 -54.45 114.42 -137.89
CA ASP SC 541 -55.50 115.19 -138.55
C ASP SC 541 -56.70 115.38 -137.63
N ASN SC 542 -57.02 114.38 -136.80
CA ASN SC 542 -58.09 114.55 -135.82
C ASN SC 542 -57.74 115.61 -134.79
N ASP SC 543 -56.50 115.59 -134.29
CA ASP SC 543 -56.05 116.52 -133.27
C ASP SC 543 -54.58 116.87 -133.51
N PRO SC 544 -54.32 118.03 -134.13
CA PRO SC 544 -52.91 118.40 -134.38
C PRO SC 544 -52.20 118.93 -133.16
N ARG SC 545 -52.89 119.70 -132.30
CA ARG SC 545 -52.24 120.28 -131.13
C ARG SC 545 -51.95 119.25 -130.05
N VAL SC 546 -52.75 118.18 -130.00
CA VAL SC 546 -52.53 117.14 -128.99
C VAL SC 546 -51.19 116.46 -129.19
N VAL SC 547 -50.82 116.20 -130.45
CA VAL SC 547 -49.53 115.59 -130.73
C VAL SC 547 -48.38 116.49 -130.31
N ALA SC 548 -48.49 117.78 -130.59
CA ALA SC 548 -47.44 118.72 -130.18
C ALA SC 548 -47.34 118.79 -128.66
N LEU SC 549 -48.49 118.81 -127.97
CA LEU SC 549 -48.48 118.84 -126.52
C LEU SC 549 -47.84 117.57 -125.95
N VAL SC 550 -48.14 116.41 -126.53
CA VAL SC 550 -47.54 115.16 -126.07
C VAL SC 550 -46.05 115.17 -126.31
N ILE SC 551 -45.61 115.70 -127.45
CA ILE SC 551 -44.18 115.79 -127.74
C ILE SC 551 -43.48 116.70 -126.74
N ARG SC 552 -44.10 117.84 -126.41
CA ARG SC 552 -43.52 118.75 -125.43
C ARG SC 552 -43.46 118.09 -124.05
N GLN SC 553 -44.50 117.35 -123.69
CA GLN SC 553 -44.50 116.64 -122.42
C GLN SC 553 -43.39 115.59 -122.37
N TRP SC 554 -43.16 114.91 -123.50
CA TRP SC 554 -42.08 113.92 -123.57
C TRP SC 554 -40.74 114.59 -123.36
N MET SC 555 -40.51 115.75 -123.98
CA MET SC 555 -39.27 116.47 -123.78
C MET SC 555 -39.12 116.95 -122.35
N SER SC 556 -40.21 117.43 -121.73
CA SER SC 556 -40.15 117.86 -120.34
C SER SC 556 -39.81 116.70 -119.41
N ASN SC 557 -40.41 115.53 -119.67
CA ASN SC 557 -40.10 114.36 -118.84
C ASN SC 557 -38.70 113.84 -119.11
N ASP SC 558 -38.16 114.11 -120.30
CA ASP SC 558 -36.80 113.66 -120.61
C ASP SC 558 -35.76 114.34 -119.73
N HIS SC 559 -36.07 115.52 -119.22
CA HIS SC 559 -35.16 116.25 -118.36
C HIS SC 559 -35.03 115.58 -117.00
N GLY TC 6 -36.69 110.73 -125.49
CA GLY TC 6 -37.99 110.88 -126.10
C GLY TC 6 -38.01 111.91 -127.22
N THR TC 7 -37.14 112.91 -127.11
CA THR TC 7 -37.06 113.95 -128.13
C THR TC 7 -36.59 113.37 -129.47
N ASP TC 8 -35.61 112.46 -129.44
CA ASP TC 8 -35.14 111.83 -130.67
C ASP TC 8 -36.26 111.00 -131.31
N LYS TC 9 -37.01 110.28 -130.48
CA LYS TC 9 -38.14 109.51 -131.01
C LYS TC 9 -39.20 110.43 -131.60
N SER TC 10 -39.46 111.57 -130.95
CA SER TC 10 -40.42 112.53 -131.49
C SER TC 10 -39.94 113.09 -132.82
N VAL TC 11 -38.65 113.40 -132.91
CA VAL TC 11 -38.09 113.90 -134.16
C VAL TC 11 -38.20 112.87 -135.27
N ILE TC 12 -37.91 111.60 -134.95
CA ILE TC 12 -38.02 110.53 -135.94
C ILE TC 12 -39.47 110.37 -136.40
N LEU TC 13 -40.42 110.42 -135.46
CA LEU TC 13 -41.83 110.31 -135.81
C LEU TC 13 -42.27 111.47 -136.70
N LEU TC 14 -41.82 112.69 -136.37
CA LEU TC 14 -42.15 113.85 -137.18
C LEU TC 14 -41.58 113.74 -138.59
N MET TC 15 -40.34 113.26 -138.69
CA MET TC 15 -39.74 113.05 -140.00
C MET TC 15 -40.49 112.01 -140.81
N THR TC 16 -40.90 110.92 -140.16
CA THR TC 16 -41.63 109.87 -140.84
C THR TC 16 -43.09 110.24 -141.13
N ILE TC 17 -43.61 111.28 -140.49
CA ILE TC 17 -45.00 111.65 -140.69
C ILE TC 17 -45.18 112.33 -142.04
N GLY TC 18 -44.39 113.38 -142.29
CA GLY TC 18 -44.51 114.12 -143.53
C GLY TC 18 -44.27 115.61 -143.35
N GLU TC 19 -44.06 116.33 -144.46
CA GLU TC 19 -43.75 117.75 -144.37
C GLU TC 19 -44.94 118.56 -143.85
N ASP TC 20 -46.14 118.26 -144.35
CA ASP TC 20 -47.32 119.06 -143.99
C ASP TC 20 -47.69 118.84 -142.52
N ARG TC 21 -47.73 117.58 -142.08
CA ARG TC 21 -48.06 117.29 -140.69
C ARG TC 21 -47.03 117.87 -139.74
N ALA TC 22 -45.75 117.73 -140.07
CA ALA TC 22 -44.70 118.30 -139.22
C ALA TC 22 -44.79 119.82 -139.18
N ALA TC 23 -45.09 120.45 -140.31
CA ALA TC 23 -45.23 121.91 -140.33
C ALA TC 23 -46.41 122.35 -139.47
N GLU TC 24 -47.54 121.64 -139.55
CA GLU TC 24 -48.68 121.96 -138.70
C GLU TC 24 -48.34 121.78 -137.22
N VAL TC 25 -47.64 120.70 -136.88
CA VAL TC 25 -47.27 120.46 -135.50
C VAL TC 25 -46.34 121.56 -135.00
N PHE TC 26 -45.37 121.97 -135.82
CA PHE TC 26 -44.47 123.05 -135.44
C PHE TC 26 -45.23 124.36 -135.25
N LYS TC 27 -46.19 124.64 -136.14
CA LYS TC 27 -47.05 125.81 -135.96
C LYS TC 27 -47.86 125.72 -134.69
N HIS TC 28 -48.17 124.51 -134.23
CA HIS TC 28 -48.84 124.29 -132.95
C HIS TC 28 -47.86 123.98 -131.83
N LEU TC 29 -46.60 124.36 -131.98
CA LEU TC 29 -45.56 124.06 -131.00
C LEU TC 29 -44.84 125.34 -130.61
N SER TC 30 -44.21 125.31 -129.44
CA SER TC 30 -43.48 126.45 -128.91
C SER TC 30 -42.19 126.66 -129.69
N THR TC 31 -41.60 127.86 -129.52
CA THR TC 31 -40.41 128.23 -130.26
C THR TC 31 -39.22 127.34 -129.93
N ARG TC 32 -38.96 127.13 -128.64
CA ARG TC 32 -37.85 126.29 -128.22
C ARG TC 32 -38.05 124.86 -128.68
N GLU TC 33 -39.27 124.34 -128.52
CA GLU TC 33 -39.57 122.97 -128.95
C GLU TC 33 -39.42 122.84 -130.47
N VAL TC 34 -39.91 123.83 -131.21
CA VAL TC 34 -39.82 123.77 -132.68
C VAL TC 34 -38.36 123.80 -133.11
N GLN TC 35 -37.56 124.66 -132.48
CA GLN TC 35 -36.15 124.75 -132.83
C GLN TC 35 -35.43 123.45 -132.52
N ALA TC 36 -35.70 122.86 -131.35
CA ALA TC 36 -35.07 121.61 -130.97
C ALA TC 36 -35.46 120.49 -131.93
N LEU TC 37 -36.74 120.42 -132.29
CA LEU TC 37 -37.20 119.39 -133.22
C LEU TC 37 -36.57 119.56 -134.60
N SER TC 38 -36.48 120.80 -135.09
CA SER TC 38 -35.87 121.04 -136.38
C SER TC 38 -34.39 120.67 -136.37
N THR TC 39 -33.69 121.01 -135.28
CA THR TC 39 -32.25 120.73 -135.21
C THR TC 39 -31.99 119.23 -135.11
N ALA TC 40 -32.69 118.55 -134.19
CA ALA TC 40 -32.41 117.15 -133.92
C ALA TC 40 -32.72 116.25 -135.11
N MET TC 41 -33.84 116.51 -135.79
CA MET TC 41 -34.28 115.67 -136.90
C MET TC 41 -33.24 115.65 -138.01
N ALA TC 42 -32.76 116.83 -138.41
CA ALA TC 42 -31.76 116.90 -139.47
C ALA TC 42 -30.37 116.56 -138.97
N ASN TC 43 -30.15 116.77 -137.66
CA ASN TC 43 -28.80 116.52 -137.08
C ASN TC 43 -28.36 115.06 -137.01
N VAL TC 44 -29.00 114.27 -136.15
CA VAL TC 44 -28.69 112.81 -136.08
C VAL TC 44 -30.07 112.17 -135.95
N ARG TC 45 -30.40 111.23 -136.83
CA ARG TC 45 -31.71 110.54 -136.76
C ARG TC 45 -31.45 109.05 -136.48
N GLN TC 46 -32.13 108.50 -135.47
CA GLN TC 46 -31.92 107.07 -135.10
C GLN TC 46 -33.24 106.31 -135.30
N ILE TC 47 -33.20 105.17 -135.99
CA ILE TC 47 -34.43 104.33 -136.18
C ILE TC 47 -34.19 102.97 -135.51
N SER TC 48 -35.12 102.54 -134.65
CA SER TC 48 -34.95 101.24 -133.93
C SER TC 48 -36.07 100.27 -134.35
N ASN TC 49 -35.70 99.04 -134.73
CA ASN TC 49 -36.71 98.05 -135.17
C ASN TC 49 -37.69 97.77 -134.03
N LYS TC 50 -37.19 97.75 -132.79
CA LYS TC 50 -38.07 97.40 -131.64
C LYS TC 50 -38.22 98.58 -130.68
N GLN TC 51 -37.11 99.22 -130.26
CA GLN TC 51 -37.25 100.25 -129.24
C GLN TC 51 -38.15 101.39 -129.70
N LEU TC 52 -38.03 101.82 -130.96
CA LEU TC 52 -38.87 102.88 -131.47
C LEU TC 52 -40.34 102.46 -131.48
N THR TC 53 -40.61 101.23 -131.91
CA THR TC 53 -41.99 100.74 -131.91
C THR TC 53 -42.55 100.64 -130.50
N ASP TC 54 -41.75 100.14 -129.55
CA ASP TC 54 -42.21 100.06 -128.17
C ASP TC 54 -42.51 101.44 -127.61
N VAL TC 55 -41.63 102.41 -127.88
CA VAL TC 55 -41.85 103.77 -127.39
C VAL TC 55 -43.09 104.37 -128.02
N LEU TC 56 -43.30 104.16 -129.32
CA LEU TC 56 -44.49 104.68 -129.99
C LEU TC 56 -45.76 104.08 -129.40
N SER TC 57 -45.75 102.76 -129.15
CA SER TC 57 -46.91 102.12 -128.55
C SER TC 57 -47.18 102.66 -127.15
N GLU TC 58 -46.13 102.84 -126.36
CA GLU TC 58 -46.30 103.38 -125.02
C GLU TC 58 -46.85 104.80 -125.06
N PHE TC 59 -46.36 105.63 -125.99
CA PHE TC 59 -46.87 106.99 -126.11
C PHE TC 59 -48.33 106.99 -126.54
N GLU TC 60 -48.69 106.12 -127.49
CA GLU TC 60 -50.07 106.07 -127.97
C GLU TC 60 -51.02 105.57 -126.90
N GLN TC 61 -50.50 104.78 -125.96
CA GLN TC 61 -51.39 104.20 -124.92
C GLN TC 61 -51.24 104.94 -123.59
N GLU TC 62 -50.29 105.88 -123.49
CA GLU TC 62 -50.05 106.50 -122.15
C GLU TC 62 -51.27 107.28 -121.62
N ALA TC 63 -51.96 108.08 -122.45
CA ALA TC 63 -53.21 108.73 -121.97
C ALA TC 63 -54.14 109.11 -123.11
N GLU TC 64 -55.45 109.22 -122.84
CA GLU TC 64 -56.39 109.75 -123.86
C GLU TC 64 -56.66 111.24 -123.57
N GLN TC 65 -56.07 111.77 -122.49
CA GLN TC 65 -56.34 113.17 -122.06
C GLN TC 65 -55.92 114.20 -123.12
N PHE TC 66 -54.78 113.98 -123.77
CA PHE TC 66 -54.23 114.99 -124.73
C PHE TC 66 -55.20 115.19 -125.89
N ALA TC 67 -55.85 114.13 -126.37
CA ALA TC 67 -56.68 114.26 -127.58
C ALA TC 67 -57.84 115.24 -127.37
N ALA TC 68 -58.49 115.24 -126.21
CA ALA TC 68 -59.71 116.08 -126.03
C ALA TC 68 -59.38 117.50 -125.55
N LEU TC 69 -58.83 117.65 -124.35
CA LEU TC 69 -58.61 118.96 -123.76
C LEU TC 69 -57.79 119.84 -124.70
N ASN TC 70 -56.75 119.28 -125.30
CA ASN TC 70 -55.89 120.04 -126.19
C ASN TC 70 -56.56 120.32 -127.54
N ILE TC 71 -57.59 119.56 -127.89
CA ILE TC 71 -58.29 119.75 -129.16
C ILE TC 71 -58.96 121.12 -129.17
N ASN TC 72 -59.64 121.47 -128.08
CA ASN TC 72 -60.32 122.75 -127.95
C ASN TC 72 -60.20 123.21 -126.50
N ALA TC 73 -59.22 124.12 -126.27
CA ALA TC 73 -59.03 124.69 -124.94
C ALA TC 73 -59.25 126.19 -124.95
N ASN TC 74 -58.53 126.90 -125.83
CA ASN TC 74 -58.65 128.36 -125.88
C ASN TC 74 -59.95 128.79 -126.54
N GLU TC 75 -60.37 128.09 -127.59
CA GLU TC 75 -61.62 128.47 -128.28
C GLU TC 75 -62.82 128.31 -127.34
N TYR TC 76 -62.85 127.21 -126.59
CA TYR TC 76 -63.95 127.00 -125.65
C TYR TC 76 -63.98 128.07 -124.57
N LEU TC 77 -62.81 128.43 -124.03
CA LEU TC 77 -62.74 129.48 -123.02
C LEU TC 77 -63.20 130.82 -123.58
N ARG TC 78 -62.79 131.14 -124.81
CA ARG TC 78 -63.22 132.38 -125.43
C ARG TC 78 -64.73 132.40 -125.66
N SER TC 79 -65.29 131.29 -126.13
CA SER TC 79 -66.73 131.22 -126.35
C SER TC 79 -67.49 131.37 -125.03
N VAL TC 80 -67.00 130.71 -123.97
CA VAL TC 80 -67.63 130.81 -122.67
C VAL TC 80 -67.57 132.24 -122.15
N LEU TC 81 -66.43 132.91 -122.31
CA LEU TC 81 -66.31 134.30 -121.87
C LEU TC 81 -67.26 135.20 -122.65
N VAL TC 82 -67.37 134.98 -123.96
CA VAL TC 82 -68.26 135.80 -124.78
C VAL TC 82 -69.72 135.60 -124.36
N LYS TC 83 -70.11 134.35 -124.15
CA LYS TC 83 -71.51 134.06 -123.86
C LYS TC 83 -71.87 134.39 -122.41
N ALA TC 84 -70.87 134.47 -121.54
CA ALA TC 84 -71.13 134.60 -120.10
C ALA TC 84 -71.62 136.00 -119.75
N LEU TC 85 -70.79 137.02 -120.00
CA LEU TC 85 -71.09 138.39 -119.61
C LEU TC 85 -71.35 139.26 -120.83
N GLY TC 86 -70.42 139.31 -121.78
CA GLY TC 86 -70.59 140.14 -122.96
C GLY TC 86 -69.28 140.27 -123.69
N GLU TC 87 -69.34 140.91 -124.87
CA GLU TC 87 -68.14 141.09 -125.68
C GLU TC 87 -67.11 141.95 -124.97
N GLU TC 88 -67.56 143.03 -124.31
CA GLU TC 88 -66.64 143.91 -123.61
C GLU TC 88 -65.94 143.20 -122.45
N ARG TC 89 -66.68 142.42 -121.68
CA ARG TC 89 -66.08 141.68 -120.58
C ARG TC 89 -65.25 140.50 -121.06
N ALA TC 90 -65.65 139.89 -122.18
CA ALA TC 90 -64.88 138.79 -122.75
C ALA TC 90 -63.51 139.26 -123.19
N SER TC 91 -63.43 140.46 -123.76
CA SER TC 91 -62.13 141.00 -124.16
C SER TC 91 -61.21 141.18 -122.95
N SER TC 92 -61.75 141.73 -121.86
CA SER TC 92 -60.95 141.90 -120.65
C SER TC 92 -60.51 140.57 -120.07
N LEU TC 93 -61.41 139.58 -120.05
CA LEU TC 93 -61.05 138.26 -119.53
C LEU TC 93 -59.97 137.62 -120.38
N LEU TC 94 -60.09 137.71 -121.71
CA LEU TC 94 -59.07 137.15 -122.59
C LEU TC 94 -57.74 137.86 -122.42
N GLU TC 95 -57.77 139.19 -122.25
CA GLU TC 95 -56.54 139.94 -122.02
C GLU TC 95 -55.87 139.51 -120.72
N ASP TC 96 -56.67 139.33 -119.66
CA ASP TC 96 -56.11 138.86 -118.40
C ASP TC 96 -55.51 137.46 -118.54
N ILE TC 97 -56.20 136.57 -119.25
CA ILE TC 97 -55.71 135.21 -119.44
C ILE TC 97 -54.40 135.23 -120.20
N LEU TC 98 -54.31 136.05 -121.25
CA LEU TC 98 -53.07 136.16 -122.02
C LEU TC 98 -51.96 136.76 -121.17
N GLU TC 99 -52.27 137.77 -120.37
CA GLU TC 99 -51.26 138.40 -119.53
C GLU TC 99 -50.80 137.48 -118.40
N THR TC 100 -51.60 136.45 -118.08
CA THR TC 100 -51.17 135.48 -117.08
C THR TC 100 -49.87 134.80 -117.50
N ARG TC 101 -49.66 134.61 -118.80
CA ARG TC 101 -48.41 134.07 -119.33
C ARG TC 101 -47.55 135.25 -119.77
N ASP TC 102 -46.53 135.55 -118.99
CA ASP TC 102 -45.65 136.69 -119.24
C ASP TC 102 -44.45 136.25 -120.06
N THR TC 103 -43.53 137.18 -120.31
CA THR TC 103 -42.34 136.93 -121.10
C THR TC 103 -41.10 137.19 -120.25
N THR TC 104 -40.07 136.38 -120.44
CA THR TC 104 -38.87 136.50 -119.62
C THR TC 104 -38.02 137.69 -120.06
N SER TC 105 -37.57 137.69 -121.31
CA SER TC 105 -36.74 138.77 -121.83
C SER TC 105 -37.54 140.07 -121.89
N GLY TC 106 -36.92 141.16 -121.42
CA GLY TC 106 -37.61 142.43 -121.31
C GLY TC 106 -38.06 143.00 -122.64
N ILE TC 107 -37.40 142.62 -123.74
CA ILE TC 107 -37.77 143.17 -125.04
C ILE TC 107 -39.21 142.80 -125.38
N GLU TC 108 -39.58 141.54 -125.17
CA GLU TC 108 -40.97 141.14 -125.39
C GLU TC 108 -41.90 141.75 -124.34
N THR TC 109 -41.42 141.97 -123.13
CA THR TC 109 -42.24 142.63 -122.12
C THR TC 109 -42.55 144.06 -122.52
N LEU TC 110 -41.70 144.68 -123.35
CA LEU TC 110 -42.00 146.01 -123.87
C LEU TC 110 -43.27 146.19 -124.68
N ASN TC 111 -43.73 145.13 -125.38
CA ASN TC 111 -45.02 145.20 -126.14
C ASN TC 111 -46.29 145.03 -125.30
N PHE TC 112 -46.15 144.80 -123.99
CA PHE TC 112 -47.33 144.71 -123.08
C PHE TC 112 -47.50 146.06 -122.40
N MET TC 113 -46.56 146.98 -122.63
CA MET TC 113 -46.59 148.30 -122.03
C MET TC 113 -47.46 149.14 -122.97
N GLU TC 114 -47.94 150.25 -122.43
CA GLU TC 114 -48.70 151.20 -123.24
C GLU TC 114 -47.80 151.82 -124.30
N PRO TC 115 -48.32 152.09 -125.49
CA PRO TC 115 -47.48 152.71 -126.54
C PRO TC 115 -46.74 153.97 -126.16
N GLN TC 116 -47.38 154.88 -125.42
CA GLN TC 116 -46.70 156.12 -125.04
C GLN TC 116 -45.59 155.90 -124.01
N SER TC 117 -45.80 154.95 -123.09
CA SER TC 117 -44.78 154.66 -122.09
C SER TC 117 -43.56 154.13 -122.82
N ALA TC 118 -43.76 153.19 -123.76
CA ALA TC 118 -42.63 152.66 -124.51
C ALA TC 118 -41.99 153.73 -125.38
N ALA TC 119 -42.81 154.58 -126.00
CA ALA TC 119 -42.26 155.65 -126.83
C ALA TC 119 -41.42 156.62 -126.01
N ASP TC 120 -41.88 156.96 -124.81
CA ASP TC 120 -41.08 157.80 -123.94
C ASP TC 120 -39.83 157.08 -123.46
N LEU TC 121 -39.91 155.78 -123.22
CA LEU TC 121 -38.77 155.03 -122.71
C LEU TC 121 -37.65 154.93 -123.75
N ILE TC 122 -38.00 154.69 -125.01
CA ILE TC 122 -36.98 154.42 -126.03
C ILE TC 122 -36.78 155.58 -126.98
N ARG TC 123 -37.36 156.75 -126.71
CA ARG TC 123 -37.16 157.89 -127.60
C ARG TC 123 -35.70 158.35 -127.59
N ASP TC 124 -35.08 158.36 -126.41
CA ASP TC 124 -33.73 158.91 -126.29
C ASP TC 124 -32.65 157.93 -126.74
N GLU TC 125 -33.02 156.66 -126.98
CA GLU TC 125 -32.03 155.67 -127.36
C GLU TC 125 -31.49 155.94 -128.76
N HIS TC 126 -30.38 155.29 -129.07
CA HIS TC 126 -29.79 155.40 -130.39
C HIS TC 126 -30.74 154.85 -131.44
N PRO TC 127 -30.82 155.47 -132.62
CA PRO TC 127 -31.81 155.02 -133.61
C PRO TC 127 -31.68 153.56 -133.99
N GLN TC 128 -30.45 153.04 -134.07
CA GLN TC 128 -30.28 151.62 -134.36
C GLN TC 128 -30.82 150.73 -133.26
N ILE TC 129 -30.65 151.14 -132.00
CA ILE TC 129 -31.20 150.36 -130.89
C ILE TC 129 -32.73 150.40 -130.92
N ILE TC 130 -33.30 151.55 -131.28
CA ILE TC 130 -34.75 151.65 -131.44
C ILE TC 130 -35.18 150.66 -132.50
N ALA TC 131 -34.47 150.64 -133.64
CA ALA TC 131 -34.83 149.76 -134.73
C ALA TC 131 -34.75 148.30 -134.29
N THR TC 132 -33.68 147.94 -133.56
CA THR TC 132 -33.54 146.57 -133.08
C THR TC 132 -34.70 146.20 -132.17
N ILE TC 133 -35.08 147.12 -131.27
CA ILE TC 133 -36.24 146.85 -130.38
C ILE TC 133 -37.49 146.61 -131.24
N LEU TC 134 -37.69 147.41 -132.29
CA LEU TC 134 -38.95 147.33 -133.09
C LEU TC 134 -39.13 145.98 -133.78
N VAL TC 135 -38.06 145.39 -134.36
CA VAL TC 135 -38.24 144.13 -135.14
C VAL TC 135 -38.44 143.02 -134.10
N HIS TC 136 -37.93 143.20 -132.88
CA HIS TC 136 -38.19 142.19 -131.81
C HIS TC 136 -39.57 142.45 -131.19
N LEU TC 137 -40.04 143.70 -131.26
CA LEU TC 137 -41.37 144.05 -130.68
C LEU TC 137 -42.47 143.60 -131.65
N LYS TC 138 -43.70 143.43 -131.12
CA LYS TC 138 -44.85 143.06 -131.97
C LYS TC 138 -45.07 144.17 -133.01
N ARG TC 139 -45.43 143.81 -134.24
CA ARG TC 139 -45.57 144.81 -135.32
C ARG TC 139 -46.62 145.87 -134.94
N SER TC 140 -47.78 145.46 -134.44
CA SER TC 140 -48.85 146.44 -134.14
C SER TC 140 -48.30 147.50 -133.17
N GLN TC 141 -47.62 147.06 -132.11
CA GLN TC 141 -47.11 148.00 -131.08
C GLN TC 141 -46.10 148.94 -131.75
N ALA TC 142 -45.16 148.37 -132.51
CA ALA TC 142 -44.12 149.17 -133.14
C ALA TC 142 -44.72 150.27 -134.02
N ALA TC 143 -45.81 149.95 -134.73
CA ALA TC 143 -46.46 150.96 -135.55
C ALA TC 143 -47.01 152.10 -134.71
N ASP TC 144 -47.64 151.77 -133.58
CA ASP TC 144 -48.13 152.80 -132.68
C ASP TC 144 -46.99 153.65 -132.13
N ILE TC 145 -45.89 153.00 -131.74
CA ILE TC 145 -44.74 153.73 -131.22
C ILE TC 145 -44.18 154.73 -132.23
N LEU TC 146 -44.03 154.30 -133.48
CA LEU TC 146 -43.53 155.21 -134.51
C LEU TC 146 -44.52 156.33 -134.80
N ALA TC 147 -45.81 156.03 -134.66
CA ALA TC 147 -46.83 157.08 -134.82
C ALA TC 147 -46.63 158.16 -133.78
N LEU TC 148 -46.29 157.76 -132.55
CA LEU TC 148 -46.06 158.74 -131.46
C LEU TC 148 -44.69 159.41 -131.63
N PHE TC 149 -43.82 158.84 -132.47
CA PHE TC 149 -42.44 159.38 -132.60
C PHE TC 149 -42.42 160.60 -133.51
N ASP TC 150 -41.51 161.55 -133.26
CA ASP TC 150 -41.36 162.69 -134.14
C ASP TC 150 -41.11 162.21 -135.57
N GLU TC 151 -41.50 163.05 -136.53
CA GLU TC 151 -41.42 162.65 -137.93
C GLU TC 151 -39.98 162.40 -138.38
N ARG TC 152 -39.02 163.20 -137.90
CA ARG TC 152 -37.63 162.95 -138.24
C ARG TC 152 -37.16 161.62 -137.70
N LEU TC 153 -37.39 161.38 -136.40
CA LEU TC 153 -37.02 160.09 -135.82
C LEU TC 153 -37.81 158.96 -136.46
N ARG TC 154 -39.08 159.20 -136.80
CA ARG TC 154 -39.87 158.17 -137.46
C ARG TC 154 -39.25 157.76 -138.78
N HIS TC 155 -38.91 158.73 -139.63
CA HIS TC 155 -38.30 158.42 -140.91
C HIS TC 155 -36.95 157.73 -140.74
N ASP TC 156 -36.13 158.22 -139.80
CA ASP TC 156 -34.82 157.64 -139.59
C ASP TC 156 -34.94 156.18 -139.15
N VAL TC 157 -35.82 155.91 -138.19
CA VAL TC 157 -35.97 154.56 -137.68
C VAL TC 157 -36.56 153.65 -138.74
N MET TC 158 -37.50 154.16 -139.55
CA MET TC 158 -38.04 153.34 -140.63
C MET TC 158 -36.97 152.99 -141.64
N LEU TC 159 -36.11 153.95 -141.98
CA LEU TC 159 -35.01 153.67 -142.90
C LEU TC 159 -34.08 152.61 -142.32
N ARG TC 160 -33.77 152.71 -141.03
CA ARG TC 160 -32.93 151.71 -140.39
C ARG TC 160 -33.60 150.33 -140.43
N ILE TC 161 -34.93 150.31 -140.25
CA ILE TC 161 -35.67 149.06 -140.32
C ILE TC 161 -35.55 148.45 -141.71
N ALA TC 162 -35.63 149.27 -142.74
CA ALA TC 162 -35.59 148.76 -144.11
C ALA TC 162 -34.25 148.07 -144.40
N THR TC 163 -33.15 148.66 -143.95
CA THR TC 163 -31.81 148.16 -144.26
C THR TC 163 -31.11 147.53 -143.06
N PHE TC 164 -31.86 146.83 -142.22
CA PHE TC 164 -31.27 146.19 -141.04
C PHE TC 164 -30.27 145.13 -141.47
N GLY TC 165 -29.21 144.97 -140.68
CA GLY TC 165 -28.13 144.07 -141.03
C GLY TC 165 -27.73 143.08 -139.97
N GLY TC 166 -28.56 142.90 -138.96
CA GLY TC 166 -28.27 141.91 -137.93
C GLY TC 166 -27.38 142.34 -136.78
N VAL TC 167 -27.76 141.97 -135.56
CA VAL TC 167 -27.01 142.34 -134.38
C VAL TC 167 -25.99 141.34 -133.88
N GLN TC 168 -24.95 141.83 -133.21
CA GLN TC 168 -23.97 140.93 -132.62
C GLN TC 168 -24.69 140.32 -131.43
N PRO TC 169 -24.46 139.03 -131.15
CA PRO TC 169 -25.13 138.41 -130.01
C PRO TC 169 -24.80 139.08 -128.67
N ALA TC 170 -23.57 139.56 -128.51
CA ALA TC 170 -23.20 140.23 -127.27
C ALA TC 170 -23.99 141.52 -127.09
N ALA TC 171 -24.14 142.32 -128.15
CA ALA TC 171 -24.91 143.55 -128.05
C ALA TC 171 -26.38 143.27 -127.77
N LEU TC 172 -26.93 142.24 -128.42
CA LEU TC 172 -28.32 141.88 -128.17
C LEU TC 172 -28.52 141.44 -126.73
N ALA TC 173 -27.60 140.62 -126.21
CA ALA TC 173 -27.69 140.21 -124.82
C ALA TC 173 -27.57 141.40 -123.87
N GLU TC 174 -26.70 142.35 -124.21
CA GLU TC 174 -26.55 143.54 -123.37
C GLU TC 174 -27.83 144.36 -123.34
N LEU TC 175 -28.44 144.57 -124.50
CA LEU TC 175 -29.72 145.28 -124.55
C LEU TC 175 -30.79 144.52 -123.77
N THR TC 176 -30.80 143.20 -123.94
CA THR TC 176 -31.81 142.37 -123.23
C THR TC 176 -31.67 142.59 -121.75
N GLU TC 177 -30.46 142.40 -121.21
CA GLU TC 177 -30.26 142.52 -119.73
C GLU TC 177 -30.58 143.95 -119.28
N VAL TC 178 -30.17 144.96 -120.07
CA VAL TC 178 -30.47 146.37 -119.71
C VAL TC 178 -31.99 146.52 -119.66
N LEU TC 179 -32.68 146.15 -120.73
CA LEU TC 179 -34.12 146.35 -120.79
C LEU TC 179 -34.83 145.56 -119.68
N ASN TC 180 -34.30 144.40 -119.33
CA ASN TC 180 -34.88 143.62 -118.23
C ASN TC 180 -34.79 144.37 -116.92
N GLY TC 181 -33.63 144.95 -116.62
CA GLY TC 181 -33.45 145.69 -115.38
C GLY TC 181 -34.36 146.89 -115.26
N LEU TC 182 -34.93 147.36 -116.38
CA LEU TC 182 -35.81 148.52 -116.34
C LEU TC 182 -37.27 148.11 -116.20
N LEU TC 183 -37.66 147.05 -116.92
CA LEU TC 183 -39.10 146.69 -116.93
C LEU TC 183 -39.45 145.65 -115.85
N ASP TC 184 -38.53 144.75 -115.51
CA ASP TC 184 -38.92 143.69 -114.55
C ASP TC 184 -39.29 144.35 -113.22
N GLY TC 185 -38.52 145.35 -112.77
CA GLY TC 185 -38.88 146.08 -111.54
C GLY TC 185 -40.18 146.84 -111.70
N GLN TC 186 -40.40 147.46 -112.86
CA GLN TC 186 -41.61 148.30 -113.07
C GLN TC 186 -42.88 147.43 -113.10
N ASN TC 187 -43.99 147.94 -112.54
CA ASN TC 187 -45.27 147.20 -112.67
C ASN TC 187 -45.64 147.23 -114.15
N LEU TC 188 -46.18 146.12 -114.69
CA LEU TC 188 -46.44 146.09 -116.15
C LEU TC 188 -47.90 145.69 -116.45
N LYS TC 189 -48.85 146.05 -115.57
CA LYS TC 189 -50.23 145.72 -115.92
C LYS TC 189 -51.17 146.83 -115.43
N ARG TC 190 -51.15 147.94 -116.17
CA ARG TC 190 -52.06 149.04 -115.90
C ARG TC 190 -53.50 148.61 -116.14
N SER TC 191 -54.28 148.48 -115.08
CA SER TC 191 -55.66 148.03 -115.19
C SER TC 191 -56.53 149.19 -115.67
N LYS TC 192 -57.22 148.99 -116.80
CA LYS TC 192 -58.08 150.02 -117.37
C LYS TC 192 -59.52 149.64 -117.09
N MET TC 193 -60.16 150.37 -116.17
CA MET TC 193 -61.55 150.14 -115.79
C MET TC 193 -62.33 151.42 -116.06
N GLY TC 194 -63.28 151.35 -116.99
CA GLY TC 194 -64.13 152.53 -117.27
C GLY TC 194 -63.65 153.30 -118.49
N GLY TC 195 -64.28 153.09 -119.65
CA GLY TC 195 -63.92 153.82 -120.84
C GLY TC 195 -65.05 154.74 -121.26
N VAL TC 196 -65.70 154.41 -122.36
CA VAL TC 196 -66.87 155.14 -122.84
C VAL TC 196 -68.20 154.38 -122.65
N ARG TC 197 -68.11 153.05 -122.62
CA ARG TC 197 -69.29 152.23 -122.35
C ARG TC 197 -69.71 152.60 -120.93
N THR TC 198 -68.75 152.64 -120.00
CA THR TC 198 -69.08 152.98 -118.62
C THR TC 198 -69.59 154.42 -118.52
N ALA TC 199 -68.98 155.34 -119.27
CA ALA TC 199 -69.45 156.72 -119.26
C ALA TC 199 -70.87 156.82 -119.79
N ALA TC 200 -71.17 156.09 -120.87
CA ALA TC 200 -72.53 156.12 -121.41
C ALA TC 200 -73.52 155.53 -120.43
N GLU TC 201 -73.15 154.43 -119.76
CA GLU TC 201 -74.02 153.84 -118.76
C GLU TC 201 -74.27 154.79 -117.60
N ILE TC 202 -73.23 155.49 -117.16
CA ILE TC 202 -73.39 156.48 -116.09
C ILE TC 202 -74.33 157.60 -116.53
N ILE TC 203 -74.13 158.09 -117.75
CA ILE TC 203 -74.95 159.19 -118.25
C ILE TC 203 -76.41 158.79 -118.35
N ASN TC 204 -76.66 157.57 -118.84
CA ASN TC 204 -78.04 157.13 -119.10
C ASN TC 204 -78.91 157.08 -117.85
N LEU TC 205 -78.32 157.05 -116.66
CA LEU TC 205 -79.07 156.90 -115.43
C LEU TC 205 -79.30 158.18 -114.64
N MET TC 206 -78.92 159.33 -115.18
CA MET TC 206 -79.09 160.59 -114.47
C MET TC 206 -80.17 161.44 -115.13
N LYS TC 207 -80.42 162.60 -114.56
CA LYS TC 207 -81.49 163.47 -115.04
C LYS TC 207 -81.24 163.97 -116.45
N THR TC 208 -82.33 164.27 -117.16
CA THR TC 208 -82.24 164.68 -118.55
C THR TC 208 -81.48 165.99 -118.71
N GLN TC 209 -81.71 166.96 -117.82
CA GLN TC 209 -81.00 168.22 -117.91
C GLN TC 209 -79.50 168.04 -117.72
N GLN TC 210 -79.11 167.27 -116.71
CA GLN TC 210 -77.70 166.97 -116.55
C GLN TC 210 -77.16 166.15 -117.71
N GLU TC 211 -78.00 165.27 -118.29
CA GLU TC 211 -77.58 164.49 -119.44
C GLU TC 211 -77.20 165.41 -120.61
N GLU TC 212 -78.10 166.34 -120.95
CA GLU TC 212 -77.81 167.24 -122.05
C GLU TC 212 -76.64 168.15 -121.73
N ALA TC 213 -76.52 168.60 -120.48
CA ALA TC 213 -75.38 169.44 -120.10
C ALA TC 213 -74.07 168.70 -120.31
N VAL TC 214 -73.99 167.46 -119.83
CA VAL TC 214 -72.72 166.73 -119.95
C VAL TC 214 -72.43 166.38 -121.41
N ILE TC 215 -73.44 166.03 -122.21
CA ILE TC 215 -73.14 165.65 -123.59
C ILE TC 215 -72.71 166.87 -124.38
N THR TC 216 -73.33 168.03 -124.12
CA THR TC 216 -72.89 169.24 -124.83
C THR TC 216 -71.52 169.68 -124.36
N ALA TC 217 -71.18 169.46 -123.08
CA ALA TC 217 -69.82 169.77 -122.61
C ALA TC 217 -68.80 168.88 -123.32
N VAL TC 218 -69.11 167.59 -123.43
CA VAL TC 218 -68.21 166.67 -124.13
C VAL TC 218 -68.06 167.07 -125.58
N ARG TC 219 -69.18 167.43 -126.22
CA ARG TC 219 -69.13 167.85 -127.62
C ARG TC 219 -68.28 169.10 -127.78
N GLU TC 220 -68.37 170.03 -126.84
CA GLU TC 220 -67.49 171.19 -126.85
C GLU TC 220 -66.04 170.77 -126.73
N PHE TC 221 -65.75 169.82 -125.85
CA PHE TC 221 -64.38 169.32 -125.73
C PHE TC 221 -63.91 168.58 -126.98
N ASP TC 222 -64.74 167.70 -127.52
CA ASP TC 222 -64.41 166.92 -128.70
C ASP TC 222 -65.71 166.33 -129.22
N GLY TC 223 -66.04 166.63 -130.48
CA GLY TC 223 -67.28 166.12 -131.05
C GLY TC 223 -67.30 164.62 -131.29
N GLU TC 224 -66.15 164.06 -131.66
CA GLU TC 224 -66.08 162.62 -131.92
C GLU TC 224 -66.38 161.82 -130.65
N LEU TC 225 -65.82 162.24 -129.53
CA LEU TC 225 -66.11 161.56 -128.27
C LEU TC 225 -67.58 161.64 -127.91
N ALA TC 226 -68.19 162.80 -128.12
CA ALA TC 226 -69.62 162.94 -127.85
C ALA TC 226 -70.47 162.02 -128.72
N GLN TC 227 -70.14 161.92 -130.01
CA GLN TC 227 -70.88 161.04 -130.89
C GLN TC 227 -70.69 159.57 -130.50
N LYS TC 228 -69.48 159.19 -130.11
CA LYS TC 228 -69.24 157.82 -129.69
C LYS TC 228 -70.03 157.53 -128.41
N ILE TC 229 -70.07 158.49 -127.50
CA ILE TC 229 -70.86 158.34 -126.28
C ILE TC 229 -72.33 158.18 -126.61
N ILE TC 230 -72.83 158.99 -127.55
CA ILE TC 230 -74.23 158.89 -127.94
C ILE TC 230 -74.57 157.55 -128.58
N ASP TC 231 -73.66 157.02 -129.39
CA ASP TC 231 -73.89 155.74 -130.04
C ASP TC 231 -73.87 154.61 -129.00
N GLU TC 232 -72.94 154.69 -128.05
CA GLU TC 232 -72.87 153.68 -127.00
C GLU TC 232 -74.06 153.88 -126.09
N MET TC 233 -74.66 155.06 -126.08
CA MET TC 233 -75.80 155.32 -125.20
C MET TC 233 -76.96 154.38 -125.50
N PHE TC 234 -77.33 154.25 -126.78
CA PHE TC 234 -78.42 153.40 -127.22
C PHE TC 234 -77.92 152.43 -128.27
N LEU TC 235 -77.65 151.20 -127.87
CA LEU TC 235 -77.17 150.16 -128.78
C LEU TC 235 -78.34 149.59 -129.58
N PHE TC 236 -78.00 148.77 -130.57
CA PHE TC 236 -79.03 148.14 -131.39
C PHE TC 236 -79.56 146.88 -130.71
N GLU TC 237 -79.95 147.02 -129.44
CA GLU TC 237 -80.58 145.94 -128.70
C GLU TC 237 -81.76 146.39 -127.85
N ASN TC 238 -81.95 147.69 -127.61
CA ASN TC 238 -83.06 148.20 -126.84
C ASN TC 238 -84.26 148.55 -127.71
N LEU TC 239 -84.17 148.31 -129.02
CA LEU TC 239 -85.29 148.60 -129.90
C LEU TC 239 -86.53 147.78 -129.56
N VAL TC 240 -86.35 146.64 -128.89
CA VAL TC 240 -87.48 145.85 -128.43
C VAL TC 240 -88.30 146.60 -127.40
N ASP TC 241 -87.69 147.53 -126.66
CA ASP TC 241 -88.39 148.31 -125.64
C ASP TC 241 -89.04 149.57 -126.21
N VAL TC 242 -88.90 149.82 -127.50
CA VAL TC 242 -89.50 150.99 -128.12
C VAL TC 242 -90.99 150.75 -128.30
N ASP TC 243 -91.78 151.82 -128.15
CA ASP TC 243 -93.23 151.71 -128.28
C ASP TC 243 -93.62 151.40 -129.72
N ASP TC 244 -94.79 150.78 -129.86
CA ASP TC 244 -95.29 150.44 -131.19
C ASP TC 244 -95.56 151.69 -132.02
N ARG TC 245 -96.12 152.73 -131.38
CA ARG TC 245 -96.37 153.98 -132.10
C ARG TC 245 -95.06 154.62 -132.56
N SER TC 246 -94.03 154.58 -131.72
CA SER TC 246 -92.73 155.11 -132.12
C SER TC 246 -92.15 154.32 -133.29
N ILE TC 247 -92.30 152.99 -133.24
CA ILE TC 247 -91.81 152.17 -134.34
C ILE TC 247 -92.54 152.49 -135.63
N GLN TC 248 -93.87 152.65 -135.57
CA GLN TC 248 -94.63 153.01 -136.77
C GLN TC 248 -94.22 154.37 -137.30
N ARG TC 249 -94.00 155.33 -136.41
CA ARG TC 249 -93.59 156.66 -136.85
C ARG TC 249 -92.20 156.62 -137.50
N LEU TC 250 -91.28 155.84 -136.94
CA LEU TC 250 -89.94 155.75 -137.50
C LEU TC 250 -89.92 154.94 -138.80
N LEU TC 251 -90.90 154.06 -138.99
CA LEU TC 251 -90.95 153.27 -140.22
C LEU TC 251 -91.15 154.15 -141.44
N GLN TC 252 -91.77 155.32 -141.27
CA GLN TC 252 -92.00 156.22 -142.40
C GLN TC 252 -90.72 156.84 -142.95
N GLU TC 253 -89.63 156.81 -142.19
CA GLU TC 253 -88.36 157.38 -142.62
C GLU TC 253 -87.25 156.34 -142.79
N VAL TC 254 -87.57 155.05 -142.71
CA VAL TC 254 -86.58 153.99 -142.82
C VAL TC 254 -86.71 153.36 -144.19
N ASP TC 255 -85.59 153.29 -144.92
CA ASP TC 255 -85.59 152.64 -146.22
C ASP TC 255 -85.79 151.15 -146.06
N SER TC 256 -86.56 150.56 -146.99
CA SER TC 256 -86.86 149.14 -146.91
C SER TC 256 -85.61 148.29 -147.03
N GLU TC 257 -84.73 148.63 -147.97
CA GLU TC 257 -83.49 147.87 -148.15
C GLU TC 257 -82.59 147.99 -146.93
N SER TC 258 -82.42 149.21 -146.41
CA SER TC 258 -81.57 149.40 -145.23
C SER TC 258 -82.17 148.71 -144.02
N LEU TC 259 -83.48 148.79 -143.85
CA LEU TC 259 -84.12 148.12 -142.72
C LEU TC 259 -83.97 146.61 -142.82
N LEU TC 260 -84.12 146.05 -144.03
CA LEU TC 260 -83.96 144.61 -144.22
C LEU TC 260 -82.52 144.20 -143.95
N ILE TC 261 -81.55 144.99 -144.40
CA ILE TC 261 -80.15 144.67 -144.16
C ILE TC 261 -79.85 144.70 -142.67
N ALA TC 262 -80.37 145.70 -141.96
CA ALA TC 262 -80.15 145.78 -140.52
C ALA TC 262 -80.80 144.62 -139.78
N LEU TC 263 -82.02 144.24 -140.18
CA LEU TC 263 -82.76 143.19 -139.50
C LEU TC 263 -82.38 141.79 -139.97
N LYS TC 264 -81.50 141.67 -140.96
CA LYS TC 264 -81.06 140.34 -141.40
C LYS TC 264 -80.34 139.60 -140.27
N GLY TC 265 -79.48 140.29 -139.54
CA GLY TC 265 -78.79 139.72 -138.41
C GLY TC 265 -79.39 140.03 -137.06
N ALA TC 266 -80.56 140.68 -137.02
CA ALA TC 266 -81.18 141.03 -135.76
C ALA TC 266 -81.87 139.82 -135.14
N GLU TC 267 -82.25 139.95 -133.87
CA GLU TC 267 -82.94 138.88 -133.18
C GLU TC 267 -84.33 138.67 -133.77
N PRO TC 268 -84.83 137.44 -133.78
CA PRO TC 268 -86.17 137.18 -134.33
C PRO TC 268 -87.22 137.96 -133.57
N PRO TC 269 -87.08 138.11 -132.25
CA PRO TC 269 -88.04 138.94 -131.51
C PRO TC 269 -88.06 140.39 -131.97
N LEU TC 270 -86.90 140.96 -132.28
CA LEU TC 270 -86.86 142.33 -132.77
C LEU TC 270 -87.55 142.45 -134.13
N ARG TC 271 -87.31 141.47 -135.01
CA ARG TC 271 -87.97 141.49 -136.32
C ARG TC 271 -89.48 141.36 -136.18
N GLU TC 272 -89.93 140.49 -135.27
CA GLU TC 272 -91.37 140.34 -135.06
C GLU TC 272 -91.98 141.60 -134.48
N LYS TC 273 -91.29 142.26 -133.54
CA LYS TC 273 -91.80 143.50 -132.97
C LYS TC 273 -91.85 144.61 -134.01
N PHE TC 274 -90.84 144.69 -134.88
CA PHE TC 274 -90.76 145.71 -135.91
C PHE TC 274 -91.67 145.42 -137.10
N LEU TC 275 -92.16 144.19 -137.24
CA LEU TC 275 -93.05 143.83 -138.33
C LEU TC 275 -94.52 144.03 -137.99
N ARG TC 276 -94.82 144.46 -136.78
CA ARG TC 276 -96.21 144.70 -136.37
C ARG TC 276 -96.65 146.13 -136.58
N ASN TC 277 -95.76 146.99 -137.09
CA ASN TC 277 -96.09 148.39 -137.32
C ASN TC 277 -96.48 148.69 -138.76
N MET TC 278 -96.10 147.85 -139.71
CA MET TC 278 -96.41 148.07 -141.12
C MET TC 278 -97.65 147.24 -141.50
N SER TC 279 -98.01 147.28 -142.78
CA SER TC 279 -99.16 146.53 -143.25
C SER TC 279 -98.83 145.03 -143.33
N GLN TC 280 -99.88 144.22 -143.44
CA GLN TC 280 -99.69 142.78 -143.57
C GLN TC 280 -98.94 142.43 -144.85
N ARG TC 281 -99.29 143.07 -145.96
CA ARG TC 281 -98.57 142.85 -147.20
C ARG TC 281 -97.12 143.31 -147.07
N ALA TC 282 -96.89 144.47 -146.43
CA ALA TC 282 -95.53 144.94 -146.23
C ALA TC 282 -94.74 143.99 -145.33
N ALA TC 283 -95.37 143.46 -144.28
CA ALA TC 283 -94.70 142.51 -143.40
C ALA TC 283 -94.35 141.23 -144.16
N ASP TC 284 -95.27 140.74 -144.99
CA ASP TC 284 -94.99 139.54 -145.78
C ASP TC 284 -93.87 139.78 -146.77
N ILE TC 285 -93.85 140.96 -147.40
CA ILE TC 285 -92.78 141.28 -148.34
C ILE TC 285 -91.45 141.36 -147.63
N LEU TC 286 -91.42 141.99 -146.44
CA LEU TC 286 -90.17 142.06 -145.68
C LEU TC 286 -89.69 140.67 -145.26
N ARG TC 287 -90.61 139.82 -144.84
CA ARG TC 287 -90.23 138.46 -144.46
C ARG TC 287 -89.69 137.69 -145.65
N ASP TC 288 -90.32 137.83 -146.81
CA ASP TC 288 -89.84 137.15 -148.02
C ASP TC 288 -88.47 137.67 -148.42
N ASP TC 289 -88.25 138.98 -148.34
CA ASP TC 289 -86.96 139.55 -148.67
C ASP TC 289 -85.88 139.06 -147.71
N LEU TC 290 -86.20 138.99 -146.41
CA LEU TC 290 -85.23 138.51 -145.44
C LEU TC 290 -84.90 137.04 -145.68
N ALA TC 291 -85.91 136.22 -146.00
CA ALA TC 291 -85.67 134.82 -146.28
C ALA TC 291 -84.81 134.65 -147.54
N ASN TC 292 -85.09 135.44 -148.57
CA ASN TC 292 -84.36 135.35 -149.82
C ASN TC 292 -82.99 136.01 -149.77
N ARG TC 293 -82.75 136.89 -148.80
CA ARG TC 293 -81.47 137.57 -148.71
C ARG TC 293 -80.39 136.61 -148.22
N GLY TC 294 -79.28 136.56 -148.93
CA GLY TC 294 -78.16 135.72 -148.54
C GLY TC 294 -77.31 136.37 -147.49
N PRO TC 295 -76.33 135.61 -146.99
CA PRO TC 295 -75.41 136.17 -145.99
C PRO TC 295 -74.61 137.33 -146.56
N VAL TC 296 -74.37 138.33 -145.71
CA VAL TC 296 -73.63 139.52 -146.11
C VAL TC 296 -72.64 139.87 -145.01
N ARG TC 297 -71.61 140.64 -145.38
CA ARG TC 297 -70.62 141.07 -144.41
C ARG TC 297 -71.25 142.02 -143.40
N LEU TC 298 -70.82 141.91 -142.15
CA LEU TC 298 -71.38 142.72 -141.08
C LEU TC 298 -71.04 144.20 -141.20
N SER TC 299 -70.09 144.57 -142.06
CA SER TC 299 -69.71 145.97 -142.19
C SER TC 299 -70.85 146.83 -142.71
N GLN TC 300 -71.58 146.35 -143.72
CA GLN TC 300 -72.71 147.10 -144.26
C GLN TC 300 -73.95 147.02 -143.38
N VAL TC 301 -74.18 145.86 -142.76
CA VAL TC 301 -75.31 145.73 -141.84
C VAL TC 301 -75.14 146.65 -140.65
N GLU TC 302 -73.92 146.76 -140.13
CA GLU TC 302 -73.65 147.67 -139.03
C GLU TC 302 -73.91 149.12 -139.43
N ASN TC 303 -73.51 149.51 -140.64
CA ASN TC 303 -73.76 150.86 -141.11
C ASN TC 303 -75.26 151.13 -141.26
N GLU TC 304 -76.00 150.15 -141.80
CA GLU TC 304 -77.44 150.31 -141.93
C GLU TC 304 -78.11 150.44 -140.56
N GLN TC 305 -77.69 149.61 -139.61
CA GLN TC 305 -78.25 149.70 -138.26
C GLN TC 305 -77.90 151.02 -137.61
N LYS TC 306 -76.69 151.52 -137.85
CA LYS TC 306 -76.30 152.82 -137.31
C LYS TC 306 -77.16 153.94 -137.90
N ALA TC 307 -77.42 153.88 -139.21
CA ALA TC 307 -78.28 154.88 -139.84
C ALA TC 307 -79.69 154.82 -139.26
N ILE TC 308 -80.23 153.62 -139.08
CA ILE TC 308 -81.57 153.46 -138.52
C ILE TC 308 -81.62 154.01 -137.10
N LEU TC 309 -80.59 153.69 -136.29
CA LEU TC 309 -80.53 154.20 -134.92
C LEU TC 309 -80.40 155.71 -134.89
N LEU TC 310 -79.62 156.29 -135.81
CA LEU TC 310 -79.50 157.74 -135.87
C LEU TC 310 -80.84 158.39 -136.23
N ILE TC 311 -81.57 157.79 -137.18
CA ILE TC 311 -82.89 158.32 -137.52
C ILE TC 311 -83.84 158.24 -136.33
N VAL TC 312 -83.81 157.10 -135.62
CA VAL TC 312 -84.69 156.92 -134.47
C VAL TC 312 -84.34 157.93 -133.37
N ARG TC 313 -83.04 158.14 -133.14
CA ARG TC 313 -82.60 159.09 -132.12
C ARG TC 313 -83.01 160.51 -132.50
N ARG TC 314 -82.88 160.86 -133.78
CA ARG TC 314 -83.31 162.18 -134.23
C ARG TC 314 -84.81 162.36 -134.03
N LEU TC 315 -85.60 161.34 -134.34
CA LEU TC 315 -87.04 161.41 -134.14
C LEU TC 315 -87.38 161.58 -132.66
N ALA TC 316 -86.69 160.84 -131.80
CA ALA TC 316 -86.92 160.94 -130.36
C ALA TC 316 -86.54 162.32 -129.84
N GLU TC 317 -85.40 162.85 -130.29
CA GLU TC 317 -84.96 164.17 -129.86
C GLU TC 317 -85.93 165.25 -130.32
N THR TC 318 -86.48 165.10 -131.53
CA THR TC 318 -87.49 166.03 -132.00
C THR TC 318 -88.72 165.99 -131.10
N GLY TC 319 -89.11 164.81 -130.68
CA GLY TC 319 -90.25 164.65 -129.78
C GLY TC 319 -91.39 163.87 -130.40
N GLU TC 320 -91.08 163.07 -131.42
CA GLU TC 320 -92.07 162.28 -132.14
C GLU TC 320 -91.89 160.78 -131.91
N MET TC 321 -91.29 160.38 -130.81
CA MET TC 321 -91.07 158.96 -130.51
C MET TC 321 -91.03 158.81 -128.99
N VAL TC 322 -91.28 157.59 -128.53
CA VAL TC 322 -91.26 157.29 -127.10
C VAL TC 322 -90.76 155.86 -126.90
N ILE TC 323 -90.58 155.46 -125.64
CA ILE TC 323 -90.10 154.13 -125.32
C ILE TC 323 -91.00 153.52 -124.24
N GLY TC 324 -90.87 152.22 -124.00
CA GLY TC 324 -91.67 151.54 -123.01
C GLY TC 324 -91.34 150.07 -122.86
N SER UC 33 11.67 199.45 -124.23
CA SER UC 33 11.36 198.72 -123.01
C SER UC 33 9.89 198.30 -122.98
N ASP UC 34 9.65 196.99 -122.97
CA ASP UC 34 8.29 196.46 -122.92
C ASP UC 34 7.87 196.41 -121.45
N ILE UC 35 6.80 197.14 -121.14
CA ILE UC 35 6.27 197.20 -119.79
C ILE UC 35 4.75 197.35 -119.87
N ARG UC 36 4.04 196.29 -119.48
CA ARG UC 36 2.59 196.29 -119.53
C ARG UC 36 2.06 195.91 -118.14
N PRO UC 37 0.84 196.38 -117.76
CA PRO UC 37 0.28 196.11 -116.41
C PRO UC 37 0.05 194.62 -116.22
N TYR UC 38 0.21 194.17 -114.98
CA TYR UC 38 0.00 192.77 -114.64
C TYR UC 38 -1.49 192.47 -114.57
N ASP UC 39 -1.94 191.55 -115.42
CA ASP UC 39 -3.33 191.10 -115.41
C ASP UC 39 -3.37 189.66 -114.96
N PRO UC 40 -4.01 189.35 -113.83
CA PRO UC 40 -4.14 187.94 -113.42
C PRO UC 40 -4.96 187.14 -114.41
N ASN UC 41 -5.03 185.84 -114.16
CA ASN UC 41 -5.75 184.83 -114.94
C ASN UC 41 -5.42 184.89 -116.43
N THR UC 42 -4.30 185.48 -116.82
CA THR UC 42 -3.88 185.46 -118.21
C THR UC 42 -2.92 184.31 -118.47
N GLN UC 43 -3.03 183.70 -119.65
CA GLN UC 43 -2.21 182.54 -120.00
C GLN UC 43 -0.79 183.03 -120.28
N ARG UC 44 -0.01 183.17 -119.21
CA ARG UC 44 1.37 183.62 -119.31
C ARG UC 44 2.39 182.53 -119.05
N ARG UC 45 1.97 181.39 -118.51
CA ARG UC 45 2.88 180.28 -118.22
C ARG UC 45 2.94 179.38 -119.45
N VAL UC 46 4.07 179.40 -120.15
CA VAL UC 46 4.28 178.58 -121.33
C VAL UC 46 5.40 177.59 -121.02
N VAL UC 47 5.08 176.30 -121.10
CA VAL UC 47 6.05 175.23 -120.82
C VAL UC 47 5.98 174.28 -122.02
N ARG UC 48 6.88 174.48 -122.98
CA ARG UC 48 6.94 173.66 -124.19
C ARG UC 48 8.09 172.67 -124.02
N GLU UC 49 7.77 171.38 -124.15
CA GLU UC 49 8.77 170.34 -123.97
C GLU UC 49 8.38 169.17 -124.85
N ARG UC 50 9.28 168.77 -125.75
CA ARG UC 50 9.04 167.62 -126.59
C ARG UC 50 9.06 166.34 -125.75
N LEU UC 51 8.09 165.46 -125.99
CA LEU UC 51 7.94 164.24 -125.22
C LEU UC 51 8.02 163.04 -126.18
N GLN UC 52 9.24 162.60 -126.46
CA GLN UC 52 9.44 161.53 -127.43
C GLN UC 52 8.86 160.20 -126.94
N ALA UC 53 9.07 159.91 -125.64
CA ALA UC 53 8.60 158.64 -125.03
C ALA UC 53 7.08 158.58 -125.13
N LEU UC 54 6.33 159.67 -124.91
CA LEU UC 54 4.90 159.72 -125.15
C LEU UC 54 4.60 159.64 -126.64
N GLU UC 55 5.46 160.22 -127.47
CA GLU UC 55 5.25 160.17 -128.91
C GLU UC 55 5.29 158.76 -129.45
N ILE UC 56 6.01 157.84 -128.78
CA ILE UC 56 6.04 156.47 -129.27
C ILE UC 56 4.98 155.64 -128.55
N ILE UC 57 4.68 156.00 -127.30
CA ILE UC 57 3.62 155.31 -126.57
C ILE UC 57 2.29 155.52 -127.26
N ASN UC 58 2.09 156.71 -127.83
CA ASN UC 58 0.84 156.97 -128.54
C ASN UC 58 0.64 156.04 -129.73
N GLU UC 59 1.68 155.84 -130.55
CA GLU UC 59 1.56 154.92 -131.68
C GLU UC 59 1.39 153.48 -131.24
N ARG UC 60 2.09 153.08 -130.18
CA ARG UC 60 1.95 151.71 -129.70
C ARG UC 60 0.50 151.50 -129.25
N PHE UC 61 -0.04 152.44 -128.48
CA PHE UC 61 -1.43 152.35 -128.04
C PHE UC 61 -2.39 152.40 -129.22
N ALA UC 62 -2.07 153.22 -130.23
CA ALA UC 62 -2.94 153.30 -131.39
C ALA UC 62 -2.99 151.98 -132.14
N ARG UC 63 -1.86 151.31 -132.29
CA ARG UC 63 -1.85 150.01 -132.93
C ARG UC 63 -2.67 149.00 -132.12
N GLN UC 64 -2.45 148.98 -130.79
CA GLN UC 64 -3.21 148.06 -129.96
C GLN UC 64 -4.71 148.34 -130.04
N PHE UC 65 -5.09 149.61 -130.02
CA PHE UC 65 -6.50 149.97 -130.06
C PHE UC 65 -7.11 149.66 -131.40
N ARG UC 66 -6.36 149.81 -132.50
CA ARG UC 66 -6.88 149.42 -133.80
C ARG UC 66 -7.26 147.96 -133.97
N MET UC 67 -6.40 147.04 -133.49
CA MET UC 67 -6.77 145.63 -133.51
C MET UC 67 -7.91 145.25 -132.53
N GLY UC 68 -7.95 145.98 -131.42
CA GLY UC 68 -9.02 145.76 -130.45
C GLY UC 68 -10.30 146.17 -131.13
N LEU UC 69 -10.29 147.31 -131.81
CA LEU UC 69 -11.48 147.77 -132.53
C LEU UC 69 -11.84 146.82 -133.66
N PHE UC 70 -10.83 146.29 -134.35
CA PHE UC 70 -11.10 145.28 -135.36
C PHE UC 70 -11.73 144.05 -134.74
N ASN UC 71 -11.21 143.62 -133.58
CA ASN UC 71 -11.76 142.46 -132.90
C ASN UC 71 -13.20 142.70 -132.49
N LEU UC 72 -13.54 143.92 -132.08
CA LEU UC 72 -14.87 144.19 -131.56
C LEU UC 72 -15.88 144.48 -132.67
N LEU UC 73 -15.63 145.54 -133.44
CA LEU UC 73 -16.59 146.01 -134.43
C LEU UC 73 -16.67 145.13 -135.67
N ARG UC 74 -15.75 144.18 -135.82
CA ARG UC 74 -15.67 143.36 -137.04
C ARG UC 74 -15.51 144.23 -138.28
N ARG UC 75 -14.77 145.33 -138.16
CA ARG UC 75 -14.48 146.22 -139.26
C ARG UC 75 -13.00 146.61 -139.19
N SER UC 76 -12.57 147.43 -140.13
CA SER UC 76 -11.17 147.83 -140.23
C SER UC 76 -11.00 149.31 -139.97
N PRO UC 77 -10.75 149.71 -138.73
CA PRO UC 77 -10.44 151.12 -138.45
C PRO UC 77 -9.00 151.55 -138.68
N ASP UC 78 -8.82 152.83 -138.95
CA ASP UC 78 -7.48 153.41 -139.04
C ASP UC 78 -7.43 154.57 -138.06
N ILE UC 79 -6.41 154.55 -137.19
CA ILE UC 79 -6.24 155.55 -136.15
C ILE UC 79 -5.01 156.37 -136.47
N THR UC 80 -5.20 157.68 -136.62
CA THR UC 80 -4.10 158.61 -136.86
C THR UC 80 -3.85 159.37 -135.55
N VAL UC 81 -2.60 159.33 -135.09
CA VAL UC 81 -2.25 160.01 -133.86
C VAL UC 81 -1.96 161.47 -134.15
N GLY UC 82 -2.67 162.36 -133.48
CA GLY UC 82 -2.44 163.77 -133.65
C GLY UC 82 -1.26 164.26 -132.84
N ALA UC 83 -0.93 165.54 -133.04
CA ALA UC 83 0.17 166.14 -132.30
C ALA UC 83 -0.20 166.30 -130.83
N ILE UC 84 0.73 165.93 -129.95
CA ILE UC 84 0.52 166.09 -128.52
C ILE UC 84 0.44 167.58 -128.19
N ARG UC 85 -0.61 167.98 -127.48
CA ARG UC 85 -0.82 169.37 -127.12
C ARG UC 85 -0.62 169.58 -125.62
N ILE UC 86 0.29 170.48 -125.27
CA ILE UC 86 0.54 170.85 -123.89
C ILE UC 86 -0.14 172.18 -123.60
N GLN UC 87 -1.28 172.13 -122.93
CA GLN UC 87 -2.16 173.28 -122.86
C GLN UC 87 -2.81 173.39 -121.49
N PRO UC 88 -3.23 174.59 -121.09
CA PRO UC 88 -3.96 174.72 -119.83
C PRO UC 88 -5.27 173.95 -119.88
N TYR UC 89 -5.71 173.47 -118.71
CA TYR UC 89 -6.87 172.60 -118.65
C TYR UC 89 -8.17 173.19 -119.19
N HIS UC 90 -8.37 174.49 -119.00
CA HIS UC 90 -9.62 175.18 -119.47
C HIS UC 90 -9.64 175.31 -121.00
N GLU UC 91 -8.49 175.25 -121.68
CA GLU UC 91 -8.44 175.23 -123.13
C GLU UC 91 -8.95 173.87 -123.57
N PHE UC 92 -8.44 172.81 -122.93
CA PHE UC 92 -8.91 171.46 -123.24
C PHE UC 92 -10.39 171.32 -122.96
N ALA UC 93 -10.86 171.87 -121.84
CA ALA UC 93 -12.28 171.78 -121.50
C ALA UC 93 -13.15 172.52 -122.51
N ARG UC 94 -12.72 173.72 -122.92
CA ARG UC 94 -13.56 174.51 -123.82
C ARG UC 94 -13.55 173.94 -125.23
N ASN UC 95 -12.46 173.30 -125.65
CA ASN UC 95 -12.44 172.71 -126.99
C ASN UC 95 -13.33 171.48 -127.08
N LEU UC 96 -13.62 170.85 -125.95
CA LEU UC 96 -14.47 169.66 -125.95
C LEU UC 96 -15.91 170.03 -126.30
N PRO UC 97 -16.63 169.14 -126.97
CA PRO UC 97 -18.05 169.37 -127.23
C PRO UC 97 -18.90 168.92 -126.06
N VAL UC 98 -20.18 169.26 -126.11
CA VAL UC 98 -21.11 168.91 -125.05
C VAL UC 98 -22.38 168.31 -125.66
N PRO UC 99 -22.81 167.13 -125.19
CA PRO UC 99 -22.17 166.27 -124.20
C PRO UC 99 -21.09 165.40 -124.84
N THR UC 100 -20.17 164.90 -124.01
CA THR UC 100 -19.11 163.98 -124.47
C THR UC 100 -18.83 163.05 -123.33
N ASN UC 101 -18.71 161.74 -123.56
CA ASN UC 101 -18.29 160.77 -122.51
C ASN UC 101 -16.86 161.00 -122.03
N LEU UC 102 -16.68 161.30 -120.75
CA LEU UC 102 -15.35 161.48 -120.10
C LEU UC 102 -15.08 160.27 -119.20
N ASN UC 103 -13.91 159.63 -119.21
CA ASN UC 103 -13.67 158.39 -118.41
C ASN UC 103 -12.52 158.67 -117.42
N LEU UC 104 -12.82 159.03 -116.17
CA LEU UC 104 -11.75 159.26 -115.22
C LEU UC 104 -11.01 157.95 -114.98
N ILE UC 105 -9.69 157.98 -115.12
CA ILE UC 105 -8.88 156.78 -114.99
C ILE UC 105 -7.73 157.06 -114.02
N HIS UC 106 -7.34 156.03 -113.28
CA HIS UC 106 -6.25 156.11 -112.33
C HIS UC 106 -5.05 155.39 -112.90
N LEU UC 107 -3.96 156.13 -113.11
CA LEU UC 107 -2.72 155.54 -113.61
C LEU UC 107 -1.76 155.27 -112.45
N LYS UC 108 -2.17 154.37 -111.56
CA LYS UC 108 -1.34 154.05 -110.41
C LYS UC 108 -0.02 153.41 -110.85
N PRO UC 109 1.06 153.62 -110.11
CA PRO UC 109 1.16 154.33 -108.83
C PRO UC 109 1.32 155.84 -108.96
N LEU UC 110 1.13 156.41 -110.15
CA LEU UC 110 1.25 157.85 -110.34
C LEU UC 110 0.05 158.53 -109.69
N ARG UC 111 0.31 159.45 -108.76
CA ARG UC 111 -0.77 160.14 -108.08
C ARG UC 111 -1.41 161.16 -109.01
N GLY UC 112 -2.72 161.07 -109.15
CA GLY UC 112 -3.48 161.93 -110.02
C GLY UC 112 -4.62 161.17 -110.67
N THR UC 113 -5.26 161.81 -111.64
CA THR UC 113 -6.40 161.22 -112.33
C THR UC 113 -6.41 161.69 -113.77
N GLY UC 114 -6.18 160.77 -114.70
CA GLY UC 114 -6.24 161.09 -116.10
C GLY UC 114 -7.64 160.97 -116.67
N LEU UC 115 -7.79 161.37 -117.93
CA LEU UC 115 -9.09 161.44 -118.57
C LEU UC 115 -9.00 160.83 -119.96
N VAL UC 116 -9.99 160.01 -120.31
CA VAL UC 116 -10.13 159.45 -121.65
C VAL UC 116 -11.43 159.97 -122.23
N VAL UC 117 -11.35 160.72 -123.31
CA VAL UC 117 -12.50 161.41 -123.88
C VAL UC 117 -12.91 160.73 -125.16
N PHE UC 118 -14.10 160.13 -125.15
CA PHE UC 118 -14.73 159.55 -126.33
C PHE UC 118 -15.74 160.52 -126.94
N SER UC 119 -15.50 160.90 -128.19
CA SER UC 119 -16.40 161.81 -128.87
C SER UC 119 -17.77 161.19 -129.14
N PRO UC 120 -18.85 162.00 -129.21
CA PRO UC 120 -20.20 161.48 -129.57
C PRO UC 120 -20.13 160.76 -130.90
N SER UC 121 -19.29 161.26 -131.81
CA SER UC 121 -19.22 160.65 -133.14
C SER UC 121 -18.71 159.22 -133.04
N LEU UC 122 -17.67 158.99 -132.24
CA LEU UC 122 -17.09 157.66 -132.15
C LEU UC 122 -18.05 156.66 -131.51
N VAL UC 123 -18.71 157.06 -130.43
CA VAL UC 123 -19.66 156.15 -129.78
C VAL UC 123 -20.87 155.92 -130.68
N PHE UC 124 -21.28 156.93 -131.43
CA PHE UC 124 -22.36 156.74 -132.39
C PHE UC 124 -21.96 155.72 -133.45
N ILE UC 125 -20.75 155.83 -133.97
CA ILE UC 125 -20.28 154.90 -134.98
C ILE UC 125 -20.23 153.48 -134.42
N ALA UC 126 -19.71 153.34 -133.20
CA ALA UC 126 -19.60 152.02 -132.60
C ALA UC 126 -20.96 151.39 -132.36
N VAL UC 127 -21.90 152.17 -131.82
CA VAL UC 127 -23.24 151.65 -131.56
C VAL UC 127 -23.92 151.29 -132.88
N ASP UC 128 -23.76 152.13 -133.90
CA ASP UC 128 -24.35 151.85 -135.20
C ASP UC 128 -23.80 150.55 -135.78
N ASN UC 129 -22.48 150.36 -135.70
CA ASN UC 129 -21.88 149.14 -136.26
C ASN UC 129 -22.30 147.91 -135.48
N LEU UC 130 -22.35 148.01 -134.15
CA LEU UC 130 -22.73 146.84 -133.35
C LEU UC 130 -24.18 146.44 -133.60
N PHE UC 131 -25.08 147.41 -133.68
CA PHE UC 131 -26.51 147.12 -133.75
C PHE UC 131 -27.01 147.18 -135.20
N GLY UC 132 -26.47 146.28 -136.01
CA GLY UC 132 -26.97 146.07 -137.35
C GLY UC 132 -26.96 147.29 -138.25
N GLY UC 133 -25.86 148.03 -138.26
CA GLY UC 133 -25.78 149.19 -139.12
C GLY UC 133 -24.49 149.26 -139.93
N ASP UC 134 -24.63 149.41 -141.24
CA ASP UC 134 -23.43 149.49 -142.13
C ASP UC 134 -23.03 150.97 -142.28
N GLY UC 135 -23.39 151.81 -141.32
CA GLY UC 135 -23.00 153.21 -141.39
C GLY UC 135 -23.44 153.84 -142.68
N ARG UC 136 -24.57 153.42 -143.24
CA ARG UC 136 -25.10 154.05 -144.45
C ARG UC 136 -25.54 155.50 -144.21
N PHE UC 137 -26.38 155.70 -143.19
CA PHE UC 137 -26.81 157.04 -142.87
C PHE UC 137 -25.77 157.91 -142.16
N PRO UC 138 -25.79 159.21 -142.38
CA PRO UC 138 -24.82 160.09 -141.70
C PRO UC 138 -25.06 160.10 -140.20
N THR UC 139 -23.98 160.28 -139.45
CA THR UC 139 -24.09 160.40 -138.00
C THR UC 139 -24.71 161.73 -137.63
N LYS UC 140 -25.74 161.70 -136.80
CA LYS UC 140 -26.43 162.90 -136.35
C LYS UC 140 -26.32 163.01 -134.83
N VAL UC 141 -25.73 164.10 -134.36
CA VAL UC 141 -25.61 164.38 -132.94
C VAL UC 141 -26.20 165.76 -132.67
N GLU UC 142 -27.17 165.82 -131.76
CA GLU UC 142 -27.87 167.06 -131.44
C GLU UC 142 -27.97 167.23 -129.93
N GLY UC 143 -26.86 167.02 -129.22
CA GLY UC 143 -26.88 167.13 -127.78
C GLY UC 143 -27.53 165.97 -127.07
N ARG UC 144 -27.77 164.88 -127.78
CA ARG UC 144 -28.40 163.71 -127.18
C ARG UC 144 -27.47 163.06 -126.17
N GLU UC 145 -28.03 162.66 -125.03
CA GLU UC 145 -27.25 162.03 -123.97
C GLU UC 145 -27.02 160.55 -124.28
N PHE UC 146 -26.42 159.86 -123.33
CA PHE UC 146 -26.04 158.46 -123.49
C PHE UC 146 -26.92 157.59 -122.58
N THR UC 147 -27.57 156.59 -123.17
CA THR UC 147 -28.40 155.68 -122.41
C THR UC 147 -27.54 154.61 -121.73
N HIS UC 148 -28.20 153.70 -121.02
CA HIS UC 148 -27.46 152.65 -120.32
C HIS UC 148 -26.81 151.68 -121.30
N THR UC 149 -27.50 151.36 -122.41
CA THR UC 149 -26.91 150.50 -123.43
C THR UC 149 -25.70 151.17 -124.07
N GLU UC 150 -25.82 152.46 -124.39
CA GLU UC 150 -24.67 153.19 -124.91
C GLU UC 150 -23.54 153.23 -123.91
N GLN UC 151 -23.87 153.42 -122.64
CA GLN UC 151 -22.83 153.43 -121.61
C GLN UC 151 -22.14 152.08 -121.51
N ARG UC 152 -22.88 150.99 -121.67
CA ARG UC 152 -22.27 149.67 -121.62
C ARG UC 152 -21.38 149.43 -122.83
N VAL UC 153 -21.80 149.89 -124.01
CA VAL UC 153 -20.96 149.80 -125.19
C VAL UC 153 -19.67 150.59 -125.01
N ILE UC 154 -19.78 151.78 -124.43
CA ILE UC 154 -18.61 152.61 -124.18
C ILE UC 154 -17.69 151.95 -123.16
N ASN UC 155 -18.26 151.29 -122.15
CA ASN UC 155 -17.45 150.56 -121.18
C ASN UC 155 -16.70 149.43 -121.87
N ARG UC 156 -17.38 148.73 -122.78
CA ARG UC 156 -16.73 147.64 -123.51
C ARG UC 156 -15.58 148.16 -124.37
N MET UC 157 -15.79 149.30 -125.04
CA MET UC 157 -14.71 149.90 -125.81
C MET UC 157 -13.58 150.37 -124.91
N LEU UC 158 -13.92 150.99 -123.79
CA LEU UC 158 -12.91 151.56 -122.90
C LEU UC 158 -12.08 150.47 -122.24
N LYS UC 159 -12.64 149.27 -122.06
CA LYS UC 159 -11.84 148.18 -121.56
C LYS UC 159 -10.68 147.88 -122.50
N LEU UC 160 -10.98 147.78 -123.80
CA LEU UC 160 -9.92 147.57 -124.79
C LEU UC 160 -8.96 148.74 -124.83
N ALA UC 161 -9.50 149.97 -124.76
CA ALA UC 161 -8.64 151.15 -124.79
C ALA UC 161 -7.66 151.17 -123.63
N LEU UC 162 -8.15 150.85 -122.43
CA LEU UC 162 -7.30 150.86 -121.25
C LEU UC 162 -6.29 149.72 -121.30
N GLU UC 163 -6.70 148.54 -121.78
CA GLU UC 163 -5.74 147.45 -121.93
C GLU UC 163 -4.63 147.84 -122.89
N GLY UC 164 -4.99 148.44 -124.03
CA GLY UC 164 -3.97 148.86 -124.97
C GLY UC 164 -3.05 149.92 -124.40
N TYR UC 165 -3.60 150.90 -123.69
CA TYR UC 165 -2.78 151.94 -123.09
C TYR UC 165 -1.83 151.37 -122.05
N SER UC 166 -2.32 150.45 -121.21
CA SER UC 166 -1.47 149.84 -120.20
C SER UC 166 -0.35 149.03 -120.85
N ASP UC 167 -0.67 148.28 -121.91
CA ASP UC 167 0.35 147.51 -122.61
C ASP UC 167 1.39 148.43 -123.24
N ALA UC 168 0.94 149.54 -123.83
CA ALA UC 168 1.87 150.48 -124.42
C ALA UC 168 2.79 151.09 -123.36
N TRP UC 169 2.24 151.44 -122.20
CA TRP UC 169 3.06 152.03 -121.15
C TRP UC 169 3.97 150.95 -120.57
N LYS UC 170 3.52 149.69 -120.60
CA LYS UC 170 4.30 148.60 -120.00
C LYS UC 170 5.73 148.55 -120.53
N ALA UC 171 5.93 148.88 -121.81
CA ALA UC 171 7.27 148.88 -122.38
C ALA UC 171 8.26 149.82 -121.71
N ILE UC 172 7.82 151.03 -121.33
CA ILE UC 172 8.70 152.01 -120.72
C ILE UC 172 8.58 151.94 -119.21
N ASN UC 173 7.38 152.19 -118.69
CA ASN UC 173 7.15 152.15 -117.26
C ASN UC 173 5.88 151.35 -116.97
N PRO UC 174 5.98 150.23 -116.25
CA PRO UC 174 4.79 149.39 -116.02
C PRO UC 174 3.77 150.10 -115.13
N LEU UC 175 2.61 150.41 -115.70
CA LEU UC 175 1.53 151.07 -114.99
C LEU UC 175 0.27 150.22 -115.10
N GLU UC 176 -0.59 150.32 -114.09
CA GLU UC 176 -1.90 149.68 -114.11
C GLU UC 176 -2.96 150.75 -114.24
N VAL UC 177 -3.88 150.54 -115.19
CA VAL UC 177 -4.89 151.52 -115.54
C VAL UC 177 -6.23 151.04 -114.99
N GLU UC 178 -6.85 151.87 -114.15
CA GLU UC 178 -8.13 151.54 -113.54
C GLU UC 178 -9.16 152.59 -113.94
N TYR UC 179 -10.32 152.11 -114.40
CA TYR UC 179 -11.44 152.97 -114.73
C TYR UC 179 -12.30 153.14 -113.49
N VAL UC 180 -12.49 154.38 -113.06
CA VAL UC 180 -13.14 154.66 -111.78
C VAL UC 180 -14.53 155.25 -111.97
N ARG UC 181 -14.74 156.04 -113.02
CA ARG UC 181 -15.99 156.76 -113.15
C ARG UC 181 -16.14 157.29 -114.57
N SER UC 182 -17.37 157.41 -115.02
CA SER UC 182 -17.68 158.00 -116.30
C SER UC 182 -18.70 159.11 -116.09
N GLU UC 183 -18.56 160.17 -116.87
CA GLU UC 183 -19.40 161.35 -116.77
C GLU UC 183 -19.68 161.86 -118.17
N MET UC 184 -20.67 162.75 -118.28
CA MET UC 184 -21.07 163.30 -119.56
C MET UC 184 -20.83 164.80 -119.72
N GLN UC 185 -20.82 165.54 -118.62
CA GLN UC 185 -20.53 166.96 -118.65
C GLN UC 185 -19.07 167.21 -118.34
N VAL UC 186 -18.64 168.46 -118.53
CA VAL UC 186 -17.25 168.82 -118.27
C VAL UC 186 -17.01 169.26 -116.84
N LYS UC 187 -18.01 169.82 -116.18
CA LYS UC 187 -17.83 170.37 -114.84
C LYS UC 187 -17.80 169.31 -113.75
N PHE UC 188 -18.07 168.05 -114.09
CA PHE UC 188 -18.02 166.98 -113.10
C PHE UC 188 -16.65 166.37 -112.87
N THR UC 189 -15.69 166.59 -113.76
CA THR UC 189 -14.40 165.92 -113.64
C THR UC 189 -13.43 166.68 -112.73
N ASN UC 190 -13.08 167.90 -113.12
CA ASN UC 190 -12.14 168.75 -112.37
C ASN UC 190 -10.97 167.93 -111.81
N ILE UC 191 -10.16 167.40 -112.73
CA ILE UC 191 -8.96 166.58 -112.36
C ILE UC 191 -7.78 167.54 -112.11
N THR UC 192 -7.95 168.85 -112.34
CA THR UC 192 -6.91 169.87 -112.14
C THR UC 192 -7.32 170.77 -110.99
N THR UC 193 -6.43 171.00 -110.02
CA THR UC 193 -6.72 171.81 -108.82
C THR UC 193 -7.24 173.16 -109.27
N SER UC 194 -6.65 173.73 -110.32
CA SER UC 194 -7.09 175.00 -110.88
C SER UC 194 -7.26 174.86 -112.39
N PRO UC 195 -8.17 175.64 -112.98
CA PRO UC 195 -8.37 175.57 -114.43
C PRO UC 195 -7.17 176.02 -115.24
N ASN UC 196 -6.23 176.73 -114.64
CA ASN UC 196 -5.03 177.18 -115.34
C ASN UC 196 -3.89 176.17 -115.26
N ASP UC 197 -4.12 175.01 -114.65
CA ASP UC 197 -3.09 173.98 -114.61
C ASP UC 197 -2.84 173.43 -116.01
N ILE UC 198 -1.64 172.91 -116.20
CA ILE UC 198 -1.18 172.48 -117.52
C ILE UC 198 -1.39 170.98 -117.65
N VAL UC 199 -1.95 170.54 -118.77
CA VAL UC 199 -2.21 169.13 -119.04
C VAL UC 199 -1.69 168.78 -120.42
N VAL UC 200 -1.44 167.49 -120.61
CA VAL UC 200 -0.92 166.95 -121.86
C VAL UC 200 -2.01 166.21 -122.62
N ASN UC 201 -2.37 166.74 -123.79
CA ASN UC 201 -3.51 166.15 -124.56
C ASN UC 201 -3.05 165.48 -125.86
N THR UC 202 -3.48 164.25 -126.09
CA THR UC 202 -3.21 163.51 -127.33
C THR UC 202 -4.52 163.20 -128.02
N PRO UC 203 -4.84 163.86 -129.12
CA PRO UC 203 -6.06 163.50 -129.89
C PRO UC 203 -5.74 162.47 -130.95
N PHE UC 204 -6.54 161.40 -130.99
CA PHE UC 204 -6.48 160.41 -132.05
C PHE UC 204 -7.73 160.52 -132.91
N HIS UC 205 -7.57 160.29 -134.21
CA HIS UC 205 -8.68 160.28 -135.15
C HIS UC 205 -8.89 158.87 -135.66
N VAL UC 206 -10.08 158.32 -135.45
CA VAL UC 206 -10.42 156.97 -135.85
C VAL UC 206 -11.41 157.05 -137.01
N GLU UC 207 -11.04 156.45 -138.14
CA GLU UC 207 -11.91 156.42 -139.31
C GLU UC 207 -12.34 155.00 -139.59
N ILE UC 208 -13.64 154.81 -139.78
CA ILE UC 208 -14.22 153.53 -140.17
C ILE UC 208 -15.03 153.76 -141.43
N GLY UC 209 -14.60 153.13 -142.53
CA GLY UC 209 -15.24 153.40 -143.81
C GLY UC 209 -15.16 154.88 -144.13
N ASN UC 210 -16.30 155.46 -144.48
CA ASN UC 210 -16.37 156.89 -144.71
C ASN UC 210 -16.56 157.66 -143.40
N LEU UC 211 -17.09 157.02 -142.37
CA LEU UC 211 -17.35 157.69 -141.11
C LEU UC 211 -16.07 157.97 -140.36
N THR UC 212 -16.07 159.05 -139.59
CA THR UC 212 -14.90 159.47 -138.83
C THR UC 212 -15.32 159.90 -137.44
N GLY UC 213 -14.37 159.81 -136.51
CA GLY UC 213 -14.56 160.29 -135.16
C GLY UC 213 -13.22 160.53 -134.52
N GLU UC 214 -13.24 161.04 -133.29
CA GLU UC 214 -11.99 161.33 -132.61
C GLU UC 214 -12.15 161.03 -131.12
N PHE UC 215 -11.01 160.82 -130.47
CA PHE UC 215 -11.00 160.61 -129.03
C PHE UC 215 -9.66 161.04 -128.48
N ASN UC 216 -9.67 161.65 -127.29
CA ASN UC 216 -8.49 162.23 -126.70
C ASN UC 216 -8.08 161.49 -125.44
N ILE UC 217 -6.80 161.58 -125.12
CA ILE UC 217 -6.28 161.09 -123.84
C ILE UC 217 -5.54 162.24 -123.16
N CYS UC 218 -6.05 162.69 -122.02
CA CYS UC 218 -5.50 163.85 -121.32
C CYS UC 218 -4.94 163.43 -119.97
N LEU UC 219 -3.70 163.80 -119.70
CA LEU UC 219 -3.04 163.51 -118.45
C LEU UC 219 -2.60 164.81 -117.79
N PRO UC 220 -2.96 165.06 -116.54
CA PRO UC 220 -2.44 166.24 -115.86
C PRO UC 220 -0.94 166.17 -115.73
N PHE UC 221 -0.28 167.32 -115.86
CA PHE UC 221 1.18 167.34 -115.81
C PHE UC 221 1.73 166.92 -114.46
N SER UC 222 0.92 166.96 -113.41
CA SER UC 222 1.40 166.52 -112.10
C SER UC 222 1.77 165.04 -112.13
N MET UC 223 0.97 164.22 -112.81
CA MET UC 223 1.29 162.79 -112.91
C MET UC 223 2.57 162.57 -113.70
N ILE UC 224 2.76 163.32 -114.79
CA ILE UC 224 3.91 163.11 -115.66
C ILE UC 224 5.18 163.64 -115.03
N GLU UC 225 5.08 164.66 -114.18
CA GLU UC 225 6.26 165.35 -113.67
C GLU UC 225 7.31 164.44 -113.04
N PRO UC 226 6.97 163.46 -112.20
CA PRO UC 226 8.02 162.56 -111.69
C PRO UC 226 8.69 161.74 -112.78
N LEU UC 227 8.07 161.60 -113.94
CA LEU UC 227 8.64 160.84 -115.06
C LEU UC 227 9.08 161.70 -116.23
N ARG UC 228 9.40 162.97 -115.99
CA ARG UC 228 9.74 163.87 -117.09
C ARG UC 228 11.03 163.48 -117.78
N GLU UC 229 12.06 163.14 -117.00
CA GLU UC 229 13.34 162.77 -117.59
C GLU UC 229 13.18 161.47 -118.37
N LEU UC 230 12.24 160.62 -117.98
CA LEU UC 230 11.97 159.41 -118.74
C LEU UC 230 11.19 159.70 -120.01
N LEU UC 231 10.23 160.63 -119.92
CA LEU UC 231 9.30 160.92 -121.05
C LEU UC 231 9.93 161.92 -122.04
N VAL UC 232 11.02 162.58 -121.66
CA VAL UC 232 11.65 163.61 -122.52
C VAL UC 232 12.57 162.94 -123.56
N ASN UC 233 13.58 162.17 -123.14
CA ASN UC 233 14.52 161.61 -124.11
C ASN UC 233 13.91 160.42 -124.82
N PRO UC 234 14.19 160.25 -126.11
CA PRO UC 234 13.70 159.07 -126.83
C PRO UC 234 14.25 157.79 -126.22
N PRO UC 235 13.46 156.73 -126.17
CA PRO UC 235 13.92 155.50 -125.52
C PRO UC 235 15.09 154.88 -126.25
N LEU UC 236 15.96 154.23 -125.50
CA LEU UC 236 17.12 153.54 -126.04
C LEU UC 236 17.01 152.04 -125.79
N GLU UC 237 17.57 151.26 -126.71
CA GLU UC 237 17.52 149.80 -126.63
C GLU UC 237 18.53 149.34 -125.58
N ASN UC 238 18.08 149.35 -124.32
CA ASN UC 238 18.91 148.95 -123.20
C ASN UC 238 18.09 148.03 -122.31
N SER UC 239 18.62 147.73 -121.12
CA SER UC 239 17.94 146.88 -120.16
C SER UC 239 17.94 147.56 -118.80
N ARG UC 240 17.03 147.10 -117.93
CA ARG UC 240 16.97 147.64 -116.58
C ARG UC 240 18.27 147.40 -115.83
N HIS UC 241 18.89 146.24 -116.06
CA HIS UC 241 20.20 145.98 -115.47
C HIS UC 241 21.23 146.99 -115.96
N GLU UC 242 21.22 147.29 -117.25
CA GLU UC 242 22.16 148.27 -117.78
C GLU UC 242 21.89 149.66 -117.22
N ASP UC 243 20.61 150.02 -117.08
CA ASP UC 243 20.27 151.32 -116.54
C ASP UC 243 20.71 151.47 -115.08
N GLN UC 244 20.45 150.45 -114.27
CA GLN UC 244 20.89 150.53 -112.87
C GLN UC 244 22.40 150.48 -112.76
N ASN UC 245 23.08 149.76 -113.65
CA ASN UC 245 24.54 149.79 -113.66
C ASN UC 245 25.05 151.18 -114.02
N TRP UC 246 24.39 151.83 -114.99
CA TRP UC 246 24.77 153.20 -115.35
C TRP UC 246 24.81 154.26 -114.26
N ARG UC 247 23.70 154.37 -113.51
CA ARG UC 247 23.63 155.37 -112.41
C ARG UC 247 24.54 154.90 -111.27
N ASP UC 248 24.69 153.58 -111.10
CA ASP UC 248 25.60 153.06 -110.04
C ASP UC 248 27.01 153.57 -110.31
N ASN UC 249 27.51 153.40 -111.53
CA ASN UC 249 28.87 153.88 -111.89
C ASN UC 249 28.92 155.40 -111.77
N LEU UC 250 27.87 156.08 -112.25
CA LEU UC 250 27.81 157.56 -112.15
C LEU UC 250 27.84 157.96 -110.67
N VAL UC 251 27.06 157.28 -109.83
CA VAL UC 251 27.06 157.57 -108.37
C VAL UC 251 28.50 157.43 -107.85
N ARG UC 252 29.16 156.32 -108.22
CA ARG UC 252 30.55 156.13 -107.79
C ARG UC 252 31.47 157.20 -108.34
N GLN UC 253 31.23 157.65 -109.57
CA GLN UC 253 32.05 158.73 -110.13
C GLN UC 253 31.79 160.04 -109.41
N VAL UC 254 30.56 160.28 -108.95
CA VAL UC 254 30.24 161.53 -108.29
C VAL UC 254 30.96 161.65 -106.95
N GLN UC 255 31.14 160.52 -106.26
CA GLN UC 255 31.72 160.54 -104.92
C GLN UC 255 33.09 161.23 -104.88
N HIS UC 256 33.84 161.13 -105.98
CA HIS UC 256 35.16 161.78 -106.04
C HIS UC 256 35.03 163.20 -106.57
N SER UC 257 34.22 164.01 -105.88
CA SER UC 257 34.03 165.45 -106.22
C SER UC 257 34.13 166.28 -104.93
N GLU UC 258 35.16 167.13 -104.82
CA GLU UC 258 35.38 167.96 -103.60
C GLU UC 258 34.23 168.96 -103.42
N LEU UC 259 33.81 169.23 -102.18
CA LEU UC 259 32.74 170.20 -101.87
C LEU UC 259 33.31 171.33 -101.03
N GLU UC 260 32.53 172.40 -100.79
CA GLU UC 260 32.91 173.47 -99.89
C GLU UC 260 31.96 173.47 -98.70
N LEU UC 261 32.46 173.15 -97.52
CA LEU UC 261 31.65 173.08 -96.31
C LEU UC 261 31.94 174.30 -95.44
N VAL UC 262 30.88 174.96 -95.00
CA VAL UC 262 30.98 176.20 -94.23
C VAL UC 262 30.31 176.01 -92.89
N ALA UC 263 31.01 176.33 -91.82
CA ALA UC 263 30.48 176.22 -90.46
C ALA UC 263 30.08 177.60 -89.97
N ASN UC 264 28.86 177.71 -89.45
CA ASN UC 264 28.34 178.97 -88.91
C ASN UC 264 28.39 178.90 -87.40
N PHE UC 265 29.25 179.73 -86.79
CA PHE UC 265 29.43 179.78 -85.31
C PHE UC 265 28.27 180.55 -84.66
N ALA UC 266 27.91 181.72 -85.18
CA ALA UC 266 26.83 182.55 -84.62
C ALA UC 266 26.15 183.39 -85.71
N ASP UC 267 24.92 183.90 -85.46
CA ASP UC 267 24.21 184.78 -86.38
C ASP UC 267 23.56 185.89 -85.56
N ILE UC 268 24.19 187.05 -85.54
CA ILE UC 268 23.76 188.17 -84.70
C ILE UC 268 23.01 189.16 -85.55
N PRO UC 269 21.83 189.69 -85.13
CA PRO UC 269 21.03 190.66 -85.94
C PRO UC 269 21.35 192.11 -85.55
N LEU UC 270 21.99 192.86 -86.46
CA LEU UC 270 22.29 194.29 -86.22
C LEU UC 270 21.61 195.18 -87.26
N ARG UC 271 21.26 196.39 -86.88
CA ARG UC 271 20.67 197.37 -87.83
C ARG UC 271 21.78 197.94 -88.72
N LEU UC 272 21.41 198.54 -89.85
CA LEU UC 272 22.40 199.18 -90.73
C LEU UC 272 23.14 200.29 -89.97
N SER UC 273 22.41 200.99 -89.10
CA SER UC 273 23.03 202.12 -88.36
C SER UC 273 24.18 201.61 -87.51
N GLN UC 274 24.00 200.46 -86.88
CA GLN UC 274 25.11 199.90 -86.07
C GLN UC 274 26.28 199.60 -87.02
N ILE UC 275 26.00 199.06 -88.21
CA ILE UC 275 27.13 198.66 -89.10
C ILE UC 275 28.03 199.82 -89.51
N LEU UC 276 27.44 200.97 -89.90
CA LEU UC 276 28.29 202.15 -90.20
C LEU UC 276 29.14 202.76 -89.08
N LYS UC 277 28.56 202.83 -87.87
CA LYS UC 277 29.31 203.27 -86.66
C LYS UC 277 30.28 202.14 -86.15
N LEU UC 278 29.99 200.94 -86.67
CA LEU UC 278 30.77 199.76 -86.23
C LEU UC 278 32.17 200.15 -86.68
N LYS UC 279 33.14 199.98 -85.78
CA LYS UC 279 34.57 200.28 -86.07
C LYS UC 279 35.39 199.31 -85.24
N PRO UC 280 36.67 199.02 -85.54
CA PRO UC 280 37.45 197.99 -84.80
C PRO UC 280 37.46 198.24 -83.29
N GLY UC 281 37.48 197.19 -82.47
CA GLY UC 281 37.51 197.25 -81.03
C GLY UC 281 36.17 197.07 -80.36
N ASP UC 282 35.07 197.14 -81.10
CA ASP UC 282 33.75 196.97 -80.52
C ASP UC 282 33.50 195.50 -80.16
N VAL UC 283 32.54 195.29 -79.26
CA VAL UC 283 32.13 193.96 -78.86
C VAL UC 283 30.64 193.81 -79.14
N LEU UC 284 30.30 192.81 -79.94
CA LEU UC 284 28.90 192.52 -80.28
C LEU UC 284 28.48 191.24 -79.58
N PRO UC 285 27.53 191.30 -78.65
CA PRO UC 285 27.24 190.12 -77.84
C PRO UC 285 26.56 189.04 -78.65
N ILE UC 286 26.93 187.79 -78.36
CA ILE UC 286 26.37 186.61 -79.02
C ILE UC 286 25.91 185.64 -77.94
N GLU UC 287 25.04 184.73 -78.33
CA GLU UC 287 24.47 183.74 -77.43
C GLU UC 287 25.28 182.45 -77.50
N LYS UC 288 24.93 181.52 -76.61
CA LYS UC 288 25.59 180.22 -76.59
C LYS UC 288 25.24 179.42 -77.84
N PRO UC 289 26.21 179.03 -78.66
CA PRO UC 289 25.93 178.01 -79.68
C PRO UC 289 26.04 176.61 -79.10
N ASP UC 290 24.89 175.95 -78.89
CA ASP UC 290 24.92 174.55 -78.40
C ASP UC 290 25.47 173.66 -79.51
N ARG UC 291 25.03 173.89 -80.75
CA ARG UC 291 25.49 173.13 -81.89
C ARG UC 291 25.82 174.07 -83.05
N ILE UC 292 26.74 173.62 -83.90
CA ILE UC 292 27.22 174.39 -85.03
C ILE UC 292 26.75 173.84 -86.37
N ILE UC 293 25.98 174.62 -87.10
CA ILE UC 293 25.47 174.18 -88.39
C ILE UC 293 26.51 174.29 -89.49
N ALA UC 294 26.68 173.23 -90.25
CA ALA UC 294 27.62 173.18 -91.37
C ALA UC 294 26.79 172.99 -92.64
N HIS UC 295 26.95 173.92 -93.58
CA HIS UC 295 26.15 173.98 -94.78
C HIS UC 295 27.05 174.08 -96.00
N VAL UC 296 26.58 173.53 -97.12
CA VAL UC 296 27.26 173.62 -98.40
C VAL UC 296 26.42 174.50 -99.31
N ASP UC 297 26.93 175.68 -99.64
CA ASP UC 297 26.25 176.62 -100.52
C ASP UC 297 24.85 176.95 -100.00
N GLY UC 298 24.72 177.04 -98.68
CA GLY UC 298 23.44 177.40 -98.08
C GLY UC 298 22.73 176.24 -97.43
N VAL UC 299 22.76 175.06 -98.07
CA VAL UC 299 22.02 173.90 -97.60
C VAL UC 299 22.73 173.29 -96.40
N PRO UC 300 22.10 173.22 -95.24
CA PRO UC 300 22.79 172.67 -94.05
C PRO UC 300 22.93 171.16 -94.17
N VAL UC 301 24.11 170.67 -93.79
CA VAL UC 301 24.43 169.26 -93.95
C VAL UC 301 24.76 168.62 -92.60
N LEU UC 302 25.31 169.39 -91.68
CA LEU UC 302 25.84 168.83 -90.45
C LEU UC 302 25.46 169.81 -89.34
N THR UC 303 25.35 169.27 -88.12
CA THR UC 303 25.39 170.07 -86.90
C THR UC 303 26.41 169.35 -86.01
N SER UC 304 27.38 170.10 -85.49
CA SER UC 304 28.53 169.52 -84.83
C SER UC 304 29.02 170.57 -83.86
N GLN UC 305 29.68 170.11 -82.80
CA GLN UC 305 30.08 170.95 -81.67
C GLN UC 305 31.45 171.49 -82.07
N TYR UC 306 31.70 172.74 -81.75
CA TYR UC 306 32.97 173.37 -82.12
C TYR UC 306 34.09 172.87 -81.20
N GLY UC 307 35.32 173.03 -81.68
CA GLY UC 307 36.48 172.63 -80.91
C GLY UC 307 37.74 173.03 -81.61
N THR UC 308 38.87 172.75 -80.95
CA THR UC 308 40.19 173.02 -81.49
C THR UC 308 41.01 171.76 -81.43
N VAL UC 309 41.57 171.34 -82.57
CA VAL UC 309 42.39 170.15 -82.65
C VAL UC 309 43.58 170.44 -83.55
N ASN UC 310 44.78 170.10 -83.08
CA ASN UC 310 46.02 170.27 -83.84
C ASN UC 310 46.20 171.72 -84.29
N GLY UC 311 45.82 172.66 -83.43
CA GLY UC 311 45.89 174.06 -83.80
C GLY UC 311 44.90 174.49 -84.85
N GLN UC 312 43.95 173.63 -85.20
CA GLN UC 312 42.95 173.92 -86.22
C GLN UC 312 41.57 174.01 -85.58
N TYR UC 313 40.74 174.87 -86.12
CA TYR UC 313 39.35 174.93 -85.72
C TYR UC 313 38.66 173.63 -86.13
N ALA UC 314 38.19 172.86 -85.15
CA ALA UC 314 37.65 171.54 -85.41
C ALA UC 314 36.18 171.49 -85.05
N LEU UC 315 35.47 170.51 -85.62
CA LEU UC 315 34.07 170.27 -85.31
C LEU UC 315 33.89 168.79 -85.01
N ARG UC 316 33.26 168.49 -83.89
CA ARG UC 316 32.92 167.13 -83.50
C ARG UC 316 31.53 166.83 -84.05
N VAL UC 317 31.46 166.04 -85.12
CA VAL UC 317 30.21 165.81 -85.81
C VAL UC 317 29.23 165.10 -84.89
N GLU UC 318 28.07 165.68 -84.72
CA GLU UC 318 27.03 165.07 -83.91
C GLU UC 318 25.89 164.44 -84.70
N HIS UC 319 25.48 165.03 -85.84
CA HIS UC 319 24.30 164.51 -86.55
C HIS UC 319 24.24 164.95 -88.00
N LEU UC 320 24.19 164.00 -88.94
CA LEU UC 320 23.97 164.31 -90.35
C LEU UC 320 22.50 164.63 -90.55
N ILE UC 321 22.23 165.77 -91.19
CA ILE UC 321 20.84 166.24 -91.30
C ILE UC 321 20.13 165.49 -92.40
N ASN UC 322 19.49 164.38 -92.04
CA ASN UC 322 18.69 163.64 -93.00
C ASN UC 322 17.32 164.31 -93.18
N PRO UC 323 16.71 164.17 -94.37
CA PRO UC 323 15.39 164.74 -94.61
C PRO UC 323 14.26 163.80 -94.21
N GLN VC 52 19.23 209.97 -104.20
CA GLN VC 52 20.29 209.60 -103.28
C GLN VC 52 19.91 209.95 -101.83
N ASP VC 53 19.06 209.13 -101.25
CA ASP VC 53 18.57 209.33 -99.90
C ASP VC 53 19.47 208.61 -98.90
N ILE VC 54 19.41 209.05 -97.65
CA ILE VC 54 20.27 208.49 -96.62
C ILE VC 54 19.45 207.98 -95.45
N ASP VC 55 18.52 208.79 -94.95
CA ASP VC 55 17.62 208.36 -93.83
C ASP VC 55 16.69 207.26 -94.32
N LEU VC 56 16.50 207.13 -95.63
CA LEU VC 56 15.56 206.13 -96.20
C LEU VC 56 16.00 204.71 -95.83
N ILE VC 57 17.30 204.41 -95.89
CA ILE VC 57 17.82 203.04 -95.60
C ILE VC 57 18.67 203.09 -94.33
N MET VC 58 18.58 204.16 -93.55
CA MET VC 58 19.39 204.32 -92.36
C MET VC 58 18.99 203.32 -91.28
N ASP VC 59 17.82 202.69 -91.42
CA ASP VC 59 17.24 201.85 -90.38
C ASP VC 59 17.03 200.40 -90.81
N ILE VC 60 17.36 200.06 -92.05
CA ILE VC 60 17.11 198.70 -92.56
C ILE VC 60 17.94 197.70 -91.77
N PRO VC 61 17.38 196.57 -91.34
CA PRO VC 61 18.17 195.59 -90.60
C PRO VC 61 18.95 194.67 -91.52
N VAL VC 62 20.09 194.19 -91.02
CA VAL VC 62 20.95 193.28 -91.75
C VAL VC 62 21.23 192.20 -90.71
N LYS VC 63 21.58 191.00 -91.21
CA LYS VC 63 21.92 189.84 -90.36
C LYS VC 63 23.41 189.56 -90.57
N LEU VC 64 24.19 189.41 -89.51
CA LEU VC 64 25.62 189.22 -89.60
C LEU VC 64 25.93 187.79 -89.15
N THR VC 65 26.77 187.10 -89.91
CA THR VC 65 27.16 185.73 -89.60
C THR VC 65 28.67 185.68 -89.41
N VAL VC 66 29.11 184.76 -88.56
CA VAL VC 66 30.53 184.52 -88.31
C VAL VC 66 30.83 183.04 -88.50
N GLU VC 67 31.99 182.75 -89.07
CA GLU VC 67 32.35 181.38 -89.42
C GLU VC 67 33.38 180.78 -88.50
N LEU VC 68 33.40 179.45 -88.39
CA LEU VC 68 34.53 178.80 -87.73
C LEU VC 68 35.68 178.78 -88.73
N GLY VC 69 35.41 178.30 -89.94
CA GLY VC 69 36.45 178.26 -90.96
C GLY VC 69 35.96 177.58 -92.21
N ARG VC 70 36.76 177.73 -93.27
CA ARG VC 70 36.55 177.05 -94.53
C ARG VC 70 37.08 175.63 -94.40
N THR VC 71 36.65 174.76 -95.32
CA THR VC 71 37.26 173.46 -95.52
C THR VC 71 36.59 172.96 -96.78
N ARG VC 72 37.28 172.12 -97.53
CA ARG VC 72 36.79 171.57 -98.78
C ARG VC 72 37.04 170.07 -98.68
N MET VC 73 35.97 169.28 -98.79
CA MET VC 73 36.02 167.87 -98.46
C MET VC 73 34.99 167.25 -99.38
N THR VC 74 35.30 166.08 -99.95
CA THR VC 74 34.47 165.48 -101.02
C THR VC 74 33.28 164.73 -100.49
N ILE VC 75 32.47 164.19 -101.39
CA ILE VC 75 31.25 163.42 -101.01
C ILE VC 75 31.69 162.19 -100.22
N LYS VC 76 32.78 161.54 -100.58
CA LYS VC 76 33.24 160.29 -99.90
C LYS VC 76 33.30 160.48 -98.36
N GLU VC 77 34.17 161.36 -97.84
CA GLU VC 77 34.33 161.62 -96.41
C GLU VC 77 33.06 162.14 -95.75
N LEU VC 78 32.29 162.97 -96.47
CA LEU VC 78 31.01 163.42 -95.94
C LEU VC 78 30.01 162.31 -95.66
N LEU VC 79 29.96 161.31 -96.54
CA LEU VC 79 29.07 160.18 -96.30
C LEU VC 79 29.49 159.21 -95.21
N ARG VC 80 30.80 159.08 -94.97
CA ARG VC 80 31.27 158.20 -93.91
C ARG VC 80 31.57 158.93 -92.55
N LEU VC 81 31.11 160.17 -92.48
CA LEU VC 81 31.24 160.94 -91.25
C LEU VC 81 30.20 160.27 -90.36
N THR VC 82 30.59 159.99 -89.11
CA THR VC 82 29.71 159.31 -88.18
C THR VC 82 29.61 160.22 -86.96
N GLN VC 83 28.81 159.81 -85.97
CA GLN VC 83 28.73 160.60 -84.73
C GLN VC 83 30.06 160.55 -84.01
N GLY VC 84 30.51 161.68 -83.48
CA GLY VC 84 31.76 161.75 -82.76
C GLY VC 84 32.96 161.96 -83.66
N SER VC 85 32.80 161.88 -84.97
CA SER VC 85 33.91 162.12 -85.87
C SER VC 85 34.29 163.60 -85.85
N VAL VC 86 35.58 163.86 -86.00
CA VAL VC 86 36.13 165.22 -85.91
C VAL VC 86 36.68 165.62 -87.27
N VAL VC 87 36.30 166.82 -87.72
CA VAL VC 87 36.77 167.38 -88.98
C VAL VC 87 37.40 168.73 -88.69
N ALA VC 88 38.54 169.03 -89.30
CA ALA VC 88 39.26 170.30 -89.08
C ALA VC 88 38.66 171.42 -89.94
N LEU VC 89 39.36 172.55 -90.04
CA LEU VC 89 38.93 173.75 -90.83
C LEU VC 89 40.23 174.32 -91.40
N ASP VC 90 40.18 175.30 -92.29
CA ASP VC 90 41.39 175.86 -92.96
C ASP VC 90 42.09 176.90 -92.08
N GLY VC 91 41.52 177.29 -90.93
CA GLY VC 91 42.10 178.30 -90.06
C GLY VC 91 42.77 177.83 -88.78
N LEU VC 92 43.94 178.39 -88.52
CA LEU VC 92 44.62 178.12 -87.26
C LEU VC 92 43.80 178.65 -86.11
N ALA VC 93 43.83 177.93 -84.98
CA ALA VC 93 43.09 178.35 -83.80
C ALA VC 93 43.71 179.62 -83.25
N GLY VC 94 43.09 180.76 -83.53
CA GLY VC 94 43.61 182.03 -83.08
C GLY VC 94 43.43 183.17 -84.06
N GLU VC 95 43.30 182.85 -85.36
CA GLU VC 95 43.07 183.92 -86.32
C GLU VC 95 41.68 184.51 -86.12
N PRO VC 96 41.47 185.77 -86.46
CA PRO VC 96 40.13 186.36 -86.34
C PRO VC 96 39.18 185.76 -87.37
N LEU VC 97 37.98 185.44 -86.92
CA LEU VC 97 36.97 184.88 -87.80
C LEU VC 97 36.43 185.96 -88.74
N ASP VC 98 35.86 185.52 -89.87
CA ASP VC 98 35.37 186.48 -90.88
C ASP VC 98 33.88 186.76 -90.66
N ILE VC 99 33.52 188.04 -90.51
CA ILE VC 99 32.10 188.43 -90.33
C ILE VC 99 31.53 188.75 -91.72
N LEU VC 100 30.33 188.25 -92.04
CA LEU VC 100 29.77 188.43 -93.41
C LEU VC 100 28.30 188.87 -93.35
N ILE VC 101 27.84 189.61 -94.35
CA ILE VC 101 26.39 190.00 -94.43
C ILE VC 101 25.88 189.62 -95.82
N ASN VC 102 24.75 188.88 -95.89
CA ASN VC 102 24.17 188.48 -97.21
C ASN VC 102 25.28 187.80 -98.01
N GLY VC 103 26.16 187.03 -97.35
CA GLY VC 103 27.22 186.27 -98.03
C GLY VC 103 28.34 187.18 -98.53
N TYR VC 104 28.42 188.42 -98.03
CA TYR VC 104 29.45 189.41 -98.48
C TYR VC 104 30.35 189.77 -97.31
N LEU VC 105 31.67 189.74 -97.49
CA LEU VC 105 32.60 189.97 -96.35
C LEU VC 105 32.35 191.38 -95.85
N ILE VC 106 32.35 191.57 -94.52
CA ILE VC 106 32.08 192.91 -93.91
C ILE VC 106 33.12 193.20 -92.82
N ALA VC 107 33.65 192.21 -92.10
CA ALA VC 107 34.52 192.51 -90.95
C ALA VC 107 35.32 191.26 -90.58
N GLN VC 108 36.13 191.39 -89.53
CA GLN VC 108 36.84 190.29 -88.92
C GLN VC 108 36.91 190.48 -87.42
N GLY VC 109 36.67 189.40 -86.67
CA GLY VC 109 36.74 189.43 -85.22
C GLY VC 109 36.68 188.05 -84.64
N GLU VC 110 37.11 187.95 -83.38
CA GLU VC 110 37.14 186.68 -82.66
C GLU VC 110 36.23 186.73 -81.46
N VAL VC 111 35.91 185.55 -80.93
CA VAL VC 111 35.05 185.42 -79.76
C VAL VC 111 35.86 185.70 -78.50
N VAL VC 112 35.25 186.40 -77.55
CA VAL VC 112 35.89 186.75 -76.28
C VAL VC 112 34.97 186.43 -75.12
N VAL VC 113 35.55 185.95 -74.02
CA VAL VC 113 34.82 185.62 -72.81
C VAL VC 113 35.03 186.71 -71.76
N VAL VC 114 33.96 187.40 -71.36
CA VAL VC 114 34.13 188.51 -70.43
C VAL VC 114 33.85 188.01 -69.02
N ALA VC 115 32.60 187.64 -68.79
CA ALA VC 115 32.21 187.03 -67.51
C ALA VC 115 31.64 185.61 -67.66
N ASP VC 116 30.39 185.52 -68.11
CA ASP VC 116 29.77 184.20 -68.43
C ASP VC 116 29.00 184.52 -69.69
N LYS VC 117 29.51 185.46 -70.51
CA LYS VC 117 28.80 185.92 -71.72
C LYS VC 117 29.77 185.95 -72.92
N TYR VC 118 29.24 185.84 -74.14
CA TYR VC 118 30.13 185.77 -75.33
C TYR VC 118 29.87 186.90 -76.31
N GLY VC 119 30.90 187.30 -77.06
CA GLY VC 119 30.77 188.31 -78.09
C GLY VC 119 31.97 188.33 -79.01
N VAL VC 120 31.81 189.02 -80.13
CA VAL VC 120 32.85 189.09 -81.15
C VAL VC 120 33.55 190.42 -80.95
N ARG VC 121 34.88 190.37 -80.92
CA ARG VC 121 35.72 191.55 -80.77
C ARG VC 121 36.30 191.82 -82.16
N ILE VC 122 35.73 192.78 -82.86
CA ILE VC 122 36.12 193.05 -84.24
C ILE VC 122 37.52 193.62 -84.28
N THR VC 123 38.35 193.07 -85.17
CA THR VC 123 39.75 193.49 -85.28
C THR VC 123 39.94 194.65 -86.26
N ASP VC 124 39.28 194.59 -87.42
CA ASP VC 124 39.46 195.63 -88.42
C ASP VC 124 38.29 195.59 -89.39
N ILE VC 125 38.29 196.57 -90.30
CA ILE VC 125 37.31 196.66 -91.37
C ILE VC 125 38.07 196.54 -92.69
N ILE VC 126 37.64 195.60 -93.53
CA ILE VC 126 38.36 195.31 -94.77
C ILE VC 126 38.03 196.36 -95.82
N THR VC 127 39.06 197.09 -96.26
CA THR VC 127 38.94 197.97 -97.40
C THR VC 127 38.84 197.14 -98.68
N PRO VC 128 38.33 197.73 -99.76
CA PRO VC 128 38.21 196.96 -101.01
C PRO VC 128 39.53 196.36 -101.49
N SER VC 129 40.64 197.09 -101.32
CA SER VC 129 41.94 196.58 -101.76
C SER VC 129 42.19 195.21 -101.15
N GLU VC 130 42.02 195.10 -99.83
CA GLU VC 130 42.10 193.79 -99.19
C GLU VC 130 41.10 192.81 -99.77
N ARG VC 131 39.85 193.23 -99.94
CA ARG VC 131 38.83 192.34 -100.56
C ARG VC 131 39.34 191.83 -101.92
N MET VC 132 39.99 192.69 -102.70
CA MET VC 132 40.45 192.30 -104.06
C MET VC 132 41.49 191.16 -103.94
N ARG VC 133 42.40 191.26 -102.97
CA ARG VC 133 43.43 190.21 -102.78
C ARG VC 133 42.78 188.97 -102.17
N ARG VC 134 41.63 189.16 -101.51
CA ARG VC 134 40.89 188.04 -100.87
C ARG VC 134 40.43 187.16 -102.06
N LEU VC 135 39.72 187.78 -103.00
CA LEU VC 135 39.34 187.07 -104.25
C LEU VC 135 40.52 186.56 -105.09
N SER VC 136 41.59 187.34 -105.15
CA SER VC 136 42.77 186.96 -105.99
C SER VC 136 43.51 185.78 -105.36
N ARG VC 137 43.50 185.66 -104.03
CA ARG VC 137 44.30 184.61 -103.42
C ARG VC 137 43.58 183.98 -102.23
N ASP WC 53 33.22 206.12 -95.18
CA ASP WC 53 32.45 205.10 -94.48
C ASP WC 53 31.16 204.75 -95.22
N ILE WC 54 30.65 205.70 -96.00
CA ILE WC 54 29.46 205.45 -96.81
C ILE WC 54 29.82 204.40 -97.84
N ASP WC 55 31.06 204.44 -98.34
CA ASP WC 55 31.49 203.48 -99.35
C ASP WC 55 31.36 202.04 -98.88
N LEU WC 56 31.60 201.78 -97.59
CA LEU WC 56 31.44 200.44 -97.05
C LEU WC 56 30.04 199.86 -97.15
N ILE WC 57 29.04 200.70 -96.87
CA ILE WC 57 27.62 200.25 -96.87
C ILE WC 57 26.92 200.75 -98.14
N MET WC 58 27.68 201.00 -99.21
CA MET WC 58 27.07 201.52 -100.43
C MET WC 58 27.12 200.32 -101.37
N ASP WC 59 27.84 199.26 -100.99
CA ASP WC 59 28.02 198.10 -101.92
C ASP WC 59 27.34 196.82 -101.41
N ILE WC 60 27.07 196.72 -100.10
CA ILE WC 60 26.50 195.50 -99.52
C ILE WC 60 25.20 194.97 -100.12
N PRO WC 61 25.09 193.65 -100.39
CA PRO WC 61 23.82 193.04 -100.89
C PRO WC 61 22.76 193.05 -99.80
N VAL WC 62 21.48 193.02 -100.18
CA VAL WC 62 20.37 193.01 -99.24
C VAL WC 62 19.26 192.29 -100.00
N LYS WC 63 18.30 191.76 -99.26
CA LYS WC 63 17.23 190.97 -99.85
C LYS WC 63 16.00 191.85 -99.92
N LEU WC 64 15.38 191.93 -101.09
CA LEU WC 64 14.21 192.76 -101.32
C LEU WC 64 13.03 191.85 -101.62
N THR WC 65 11.86 192.19 -101.07
CA THR WC 65 10.64 191.45 -101.32
C THR WC 65 9.52 192.44 -101.56
N VAL WC 66 8.45 191.98 -102.21
CA VAL WC 66 7.23 192.75 -102.36
C VAL WC 66 6.06 191.84 -102.07
N GLU WC 67 5.19 192.25 -101.16
CA GLU WC 67 4.09 191.39 -100.72
C GLU WC 67 2.79 191.85 -101.37
N LEU WC 68 2.03 190.90 -101.94
CA LEU WC 68 0.80 191.23 -102.69
C LEU WC 68 -0.45 191.22 -101.78
N GLY WC 69 -0.44 190.45 -100.69
CA GLY WC 69 -1.64 190.27 -99.86
C GLY WC 69 -1.32 190.25 -98.37
N ARG WC 70 -2.35 190.47 -97.55
CA ARG WC 70 -2.20 190.44 -96.07
C ARG WC 70 -3.57 190.07 -95.47
N THR WC 71 -3.64 188.98 -94.69
CA THR WC 71 -4.90 188.50 -94.11
C THR WC 71 -4.61 188.02 -92.71
N ARG WC 72 -5.52 188.18 -91.76
CA ARG WC 72 -5.43 187.65 -90.41
C ARG WC 72 -6.38 186.47 -90.25
N MET WC 73 -5.85 185.35 -89.75
CA MET WC 73 -6.69 184.13 -89.67
C MET WC 73 -6.43 183.34 -88.39
N THR WC 74 -7.39 182.53 -87.96
CA THR WC 74 -7.29 181.65 -86.81
C THR WC 74 -6.88 180.30 -87.41
N ILE WC 75 -6.74 179.29 -86.55
CA ILE WC 75 -6.22 177.99 -87.08
C ILE WC 75 -7.39 177.14 -87.57
N LYS WC 76 -8.56 177.32 -86.95
CA LYS WC 76 -9.74 176.64 -87.48
C LYS WC 76 -9.70 176.99 -88.96
N GLU WC 77 -9.57 178.29 -89.27
CA GLU WC 77 -9.60 178.75 -90.67
C GLU WC 77 -8.43 178.17 -91.48
N LEU WC 78 -7.21 178.19 -90.94
CA LEU WC 78 -6.03 177.74 -91.72
C LEU WC 78 -6.14 176.25 -92.03
N LEU WC 79 -6.53 175.45 -91.04
CA LEU WC 79 -6.69 173.98 -91.21
C LEU WC 79 -7.81 173.71 -92.21
N ARG WC 80 -8.88 174.51 -92.16
CA ARG WC 80 -10.05 174.29 -93.03
C ARG WC 80 -9.61 174.44 -94.49
N LEU WC 81 -8.73 175.40 -94.79
CA LEU WC 81 -8.19 175.52 -96.17
C LEU WC 81 -7.80 174.11 -96.66
N THR WC 82 -8.18 173.72 -97.89
CA THR WC 82 -7.73 172.43 -98.47
C THR WC 82 -7.02 172.71 -99.77
N GLN WC 83 -6.94 171.72 -100.66
CA GLN WC 83 -6.36 171.98 -101.97
C GLN WC 83 -7.37 172.69 -102.86
N GLY WC 84 -6.95 173.77 -103.49
CA GLY WC 84 -7.83 174.55 -104.33
C GLY WC 84 -8.65 175.58 -103.60
N SER WC 85 -8.55 175.67 -102.28
CA SER WC 85 -9.31 176.67 -101.54
C SER WC 85 -8.80 178.06 -101.85
N VAL WC 86 -9.72 179.00 -102.00
CA VAL WC 86 -9.40 180.38 -102.31
C VAL WC 86 -9.43 181.18 -101.02
N VAL WC 87 -8.35 181.90 -100.74
CA VAL WC 87 -8.23 182.71 -99.53
C VAL WC 87 -8.32 184.17 -99.96
N ALA WC 88 -9.32 184.88 -99.44
CA ALA WC 88 -9.48 186.28 -99.72
C ALA WC 88 -8.42 187.14 -99.04
N LEU WC 89 -8.05 188.23 -99.70
CA LEU WC 89 -7.08 189.19 -99.17
C LEU WC 89 -7.61 190.54 -98.73
N ASP WC 90 -7.23 190.96 -97.52
CA ASP WC 90 -7.70 192.25 -97.02
C ASP WC 90 -7.43 193.42 -98.02
N GLY WC 91 -6.25 193.35 -98.64
CA GLY WC 91 -5.93 194.25 -99.72
C GLY WC 91 -6.80 194.35 -100.95
N LEU WC 92 -7.34 195.53 -101.23
CA LEU WC 92 -8.16 195.72 -102.40
C LEU WC 92 -7.30 195.68 -103.67
N ALA WC 93 -7.94 195.43 -104.80
CA ALA WC 93 -7.22 195.41 -106.06
C ALA WC 93 -6.75 196.82 -106.43
N GLY WC 94 -5.50 196.92 -106.89
CA GLY WC 94 -4.94 198.17 -107.32
C GLY WC 94 -4.27 199.00 -106.24
N GLU WC 95 -4.42 198.62 -104.97
CA GLU WC 95 -3.75 199.37 -103.91
C GLU WC 95 -2.24 199.14 -103.98
N PRO WC 96 -1.37 200.07 -103.55
CA PRO WC 96 0.10 199.88 -103.68
C PRO WC 96 0.59 198.70 -102.85
N LEU WC 97 1.30 197.75 -103.45
CA LEU WC 97 1.87 196.57 -102.75
C LEU WC 97 2.94 197.04 -101.77
N ASP WC 98 3.05 196.45 -100.57
CA ASP WC 98 4.17 196.85 -99.68
C ASP WC 98 5.48 196.34 -100.27
N ILE WC 99 6.58 197.07 -100.18
CA ILE WC 99 7.92 196.63 -100.56
C ILE WC 99 8.77 196.61 -99.30
N LEU WC 100 9.36 195.45 -99.01
CA LEU WC 100 10.07 195.22 -97.77
C LEU WC 100 11.53 194.92 -98.06
N ILE WC 101 12.41 195.35 -97.15
CA ILE WC 101 13.83 195.07 -97.23
C ILE WC 101 14.20 194.33 -95.97
N ASN WC 102 14.53 193.04 -96.11
CA ASN WC 102 14.81 192.17 -94.96
C ASN WC 102 13.63 192.17 -93.99
N GLY WC 103 12.43 192.24 -94.54
CA GLY WC 103 11.23 192.30 -93.72
C GLY WC 103 10.88 193.67 -93.18
N TYR WC 104 11.53 194.72 -93.64
CA TYR WC 104 11.29 196.07 -93.16
C TYR WC 104 10.65 196.88 -94.29
N LEU WC 105 9.47 197.43 -94.02
CA LEU WC 105 8.74 198.19 -95.03
C LEU WC 105 9.39 199.54 -95.25
N ILE WC 106 9.63 199.89 -96.51
CA ILE WC 106 10.23 201.18 -96.84
C ILE WC 106 9.41 201.93 -97.89
N ALA WC 107 8.62 201.20 -98.68
CA ALA WC 107 7.99 201.83 -99.83
C ALA WC 107 6.72 201.09 -100.22
N GLN WC 108 5.92 201.77 -101.04
CA GLN WC 108 4.69 201.21 -101.59
C GLN WC 108 4.68 201.43 -103.10
N GLY WC 109 4.23 200.41 -103.83
CA GLY WC 109 4.14 200.50 -105.28
C GLY WC 109 3.29 199.48 -105.99
N GLU WC 110 2.82 199.85 -107.17
CA GLU WC 110 1.98 198.95 -107.96
C GLU WC 110 2.66 197.83 -108.68
N VAL WC 111 1.88 196.83 -109.09
CA VAL WC 111 2.42 195.59 -109.63
C VAL WC 111 2.42 195.86 -111.14
N VAL WC 112 3.51 195.46 -111.78
CA VAL WC 112 3.65 195.56 -113.24
C VAL WC 112 4.60 194.47 -113.69
N VAL WC 113 4.35 193.90 -114.88
CA VAL WC 113 5.15 192.83 -115.42
C VAL WC 113 5.94 193.34 -116.61
N VAL WC 114 7.25 193.10 -116.60
CA VAL WC 114 8.15 193.60 -117.68
C VAL WC 114 8.93 192.42 -118.29
N ALA WC 115 8.84 192.22 -119.61
CA ALA WC 115 9.63 191.16 -120.29
C ALA WC 115 9.31 189.78 -119.71
N ASP WC 116 8.04 189.54 -119.35
CA ASP WC 116 7.57 188.21 -118.83
C ASP WC 116 8.18 187.91 -117.46
N LYS WC 117 8.66 188.91 -116.73
CA LYS WC 117 9.21 188.71 -115.37
C LYS WC 117 8.46 189.65 -114.43
N TYR WC 118 8.07 189.17 -113.25
CA TYR WC 118 7.37 190.03 -112.27
C TYR WC 118 8.15 191.30 -111.94
N GLY WC 119 7.44 192.39 -111.62
CA GLY WC 119 8.09 193.63 -111.24
C GLY WC 119 7.16 194.50 -110.44
N VAL WC 120 7.67 195.65 -110.03
CA VAL WC 120 6.90 196.60 -109.23
C VAL WC 120 7.44 197.99 -109.49
N ARG WC 121 6.54 198.96 -109.66
CA ARG WC 121 6.89 200.35 -109.81
C ARG WC 121 6.78 201.09 -108.50
N ILE WC 122 7.86 201.72 -108.06
CA ILE WC 122 7.88 202.39 -106.76
C ILE WC 122 7.02 203.64 -106.84
N THR WC 123 5.78 203.55 -106.35
CA THR WC 123 4.90 204.71 -106.33
C THR WC 123 5.40 205.75 -105.33
N ASP WC 124 5.73 205.32 -104.12
CA ASP WC 124 6.20 206.27 -103.13
C ASP WC 124 7.00 205.54 -102.06
N ILE WC 125 7.77 206.32 -101.31
CA ILE WC 125 8.46 205.83 -100.13
C ILE WC 125 7.75 206.35 -98.90
N ILE WC 126 7.35 205.44 -98.01
CA ILE WC 126 6.58 205.82 -96.84
C ILE WC 126 7.49 206.48 -95.82
N THR WC 127 7.10 207.68 -95.39
CA THR WC 127 7.67 208.40 -94.28
C THR WC 127 7.16 207.80 -92.97
N PRO WC 128 7.97 207.81 -91.90
CA PRO WC 128 7.57 207.08 -90.68
C PRO WC 128 6.28 207.59 -90.06
N SER WC 129 5.62 208.60 -90.66
CA SER WC 129 4.34 209.05 -90.15
C SER WC 129 3.33 207.92 -90.33
N GLU WC 130 3.43 207.19 -91.45
CA GLU WC 130 2.43 206.11 -91.74
C GLU WC 130 2.71 204.84 -90.93
N ARG WC 131 3.90 204.72 -90.34
CA ARG WC 131 4.30 203.52 -89.60
C ARG WC 131 3.44 203.38 -88.36
N MET WC 132 3.17 204.50 -87.69
CA MET WC 132 2.24 204.43 -86.53
C MET WC 132 0.94 203.78 -87.01
N ARG WC 133 0.41 204.26 -88.15
CA ARG WC 133 -0.86 203.72 -88.72
C ARG WC 133 -0.73 202.27 -89.23
N ARG WC 134 0.50 201.84 -89.55
CA ARG WC 134 0.72 200.45 -90.02
C ARG WC 134 0.41 199.49 -88.86
N LEU WC 135 0.26 200.02 -87.65
CA LEU WC 135 -0.05 199.16 -86.47
C LEU WC 135 -1.16 199.84 -85.65
N ALA XC 37 14.38 191.70 -54.98
CA ALA XC 37 14.40 190.27 -54.68
C ALA XC 37 12.98 189.71 -54.61
N VAL XC 38 12.03 190.44 -55.18
CA VAL XC 38 10.64 190.02 -55.19
C VAL XC 38 10.44 188.77 -56.04
N PHE XC 39 11.03 188.75 -57.23
CA PHE XC 39 10.88 187.60 -58.12
C PHE XC 39 11.59 186.39 -57.55
N GLN XC 40 10.97 185.22 -57.68
CA GLN XC 40 11.53 183.99 -57.16
C GLN XC 40 12.27 183.30 -58.29
N GLN XC 41 13.47 182.80 -57.97
CA GLN XC 41 14.34 182.24 -59.01
C GLN XC 41 13.94 180.83 -59.42
N LEU XC 42 13.42 180.71 -60.64
CA LEU XC 42 13.01 179.42 -61.20
C LEU XC 42 14.12 178.74 -61.98
N GLY XC 43 14.27 177.43 -61.76
CA GLY XC 43 15.28 176.67 -62.45
C GLY XC 43 14.96 175.19 -62.40
N GLY XC 44 15.61 174.46 -63.29
CA GLY XC 44 15.38 173.02 -63.38
C GLY XC 44 13.97 172.65 -63.78
N GLY XC 45 13.39 173.40 -64.73
CA GLY XC 45 12.03 173.15 -65.14
C GLY XC 45 11.94 172.35 -66.43
N ASP XC 46 13.06 171.79 -66.88
CA ASP XC 46 13.10 170.98 -68.09
C ASP XC 46 12.62 169.57 -67.76
N VAL XC 47 11.31 169.46 -67.51
CA VAL XC 47 10.73 168.17 -67.13
C VAL XC 47 10.74 167.22 -68.32
N SER XC 48 10.02 167.58 -69.38
CA SER XC 48 9.94 166.77 -70.59
C SER XC 48 9.29 167.62 -71.68
N GLY XC 49 9.21 167.05 -72.87
CA GLY XC 49 8.56 167.71 -73.99
C GLY XC 49 7.86 166.75 -74.91
N ALA XC 50 6.56 166.98 -75.14
CA ALA XC 50 5.78 166.12 -76.02
C ALA XC 50 4.64 166.93 -76.60
N MET XC 51 4.48 166.88 -77.93
CA MET XC 51 3.36 167.56 -78.56
C MET XC 51 2.04 167.01 -78.03
N GLN XC 52 1.13 167.92 -77.72
CA GLN XC 52 -0.12 167.50 -77.11
C GLN XC 52 -1.13 167.30 -78.23
N ASP XC 53 -1.50 168.39 -78.91
CA ASP XC 53 -2.46 168.38 -79.99
C ASP XC 53 -2.54 169.79 -80.52
N ILE XC 54 -3.12 169.96 -81.71
CA ILE XC 54 -3.12 171.25 -82.37
C ILE XC 54 -4.38 172.08 -82.12
N ASP XC 55 -5.25 171.59 -81.24
CA ASP XC 55 -6.46 172.32 -80.86
C ASP XC 55 -6.35 173.07 -79.54
N LEU XC 56 -5.30 172.81 -78.77
CA LEU XC 56 -5.08 173.58 -77.52
C LEU XC 56 -4.75 175.00 -77.96
N ILE XC 57 -4.02 175.14 -79.07
CA ILE XC 57 -3.53 176.45 -79.58
C ILE XC 57 -4.40 176.94 -80.75
N MET XC 58 -5.53 176.30 -81.04
CA MET XC 58 -6.28 176.65 -82.28
C MET XC 58 -6.73 178.09 -82.56
N ASP XC 59 -7.55 178.65 -81.67
CA ASP XC 59 -8.10 180.01 -81.91
C ASP XC 59 -7.03 181.05 -81.59
N ILE XC 60 -5.84 180.88 -82.17
CA ILE XC 60 -4.77 181.89 -81.97
C ILE XC 60 -4.59 182.57 -83.34
N PRO XC 61 -4.63 183.93 -83.42
CA PRO XC 61 -4.57 184.62 -84.73
C PRO XC 61 -3.24 184.35 -85.40
N VAL XC 62 -3.27 184.12 -86.72
CA VAL XC 62 -2.01 183.90 -87.49
C VAL XC 62 -1.88 185.09 -88.45
N LYS XC 63 -0.65 185.44 -88.81
CA LYS XC 63 -0.45 186.56 -89.73
C LYS XC 63 -0.15 185.97 -91.11
N LEU XC 64 -1.19 185.83 -91.93
CA LEU XC 64 -1.02 185.27 -93.26
C LEU XC 64 -0.66 186.37 -94.25
N THR XC 65 0.30 186.07 -95.11
CA THR XC 65 0.81 187.03 -96.08
C THR XC 65 1.21 186.30 -97.35
N VAL XC 66 0.69 186.76 -98.48
CA VAL XC 66 1.09 186.23 -99.79
C VAL XC 66 2.17 187.13 -100.40
N GLU XC 67 3.19 186.50 -100.96
CA GLU XC 67 4.33 187.24 -101.52
C GLU XC 67 4.37 187.25 -103.03
N LEU XC 68 4.52 188.44 -103.61
CA LEU XC 68 4.47 188.57 -105.06
C LEU XC 68 5.76 188.06 -105.65
N GLY XC 69 6.90 188.47 -105.10
CA GLY XC 69 8.17 188.05 -105.67
C GLY XC 69 9.35 188.40 -104.80
N ARG XC 70 10.52 187.98 -105.26
CA ARG XC 70 11.78 188.20 -104.57
C ARG XC 70 12.76 188.75 -105.59
N THR XC 71 13.87 189.27 -105.10
CA THR XC 71 14.98 189.71 -105.90
C THR XC 71 16.13 190.04 -104.97
N ARG XC 72 17.30 189.47 -105.25
CA ARG XC 72 18.51 189.81 -104.52
C ARG XC 72 19.13 191.02 -105.20
N MET XC 73 19.29 192.10 -104.45
CA MET XC 73 19.79 193.34 -105.02
C MET XC 73 20.59 194.05 -103.93
N THR XC 74 21.65 194.73 -104.34
CA THR XC 74 22.51 195.42 -103.40
C THR XC 74 22.09 196.87 -103.26
N ILE XC 75 22.73 197.57 -102.32
CA ILE XC 75 22.45 198.98 -102.09
C ILE XC 75 22.83 199.83 -103.30
N LYS XC 76 23.72 199.32 -104.15
CA LYS XC 76 24.12 200.02 -105.37
C LYS XC 76 22.91 200.54 -106.14
N GLU XC 77 22.07 199.63 -106.62
CA GLU XC 77 20.87 200.05 -107.33
C GLU XC 77 19.82 200.59 -106.37
N LEU XC 78 19.85 200.16 -105.10
CA LEU XC 78 18.87 200.66 -104.14
C LEU XC 78 18.60 202.15 -104.02
N LEU XC 79 19.65 202.96 -103.91
CA LEU XC 79 19.44 204.42 -103.89
C LEU XC 79 19.23 204.99 -105.31
N ARG XC 80 19.75 204.25 -106.30
CA ARG XC 80 19.53 204.68 -107.71
C ARG XC 80 18.01 204.75 -107.95
N LEU XC 81 17.24 203.97 -107.20
CA LEU XC 81 15.78 203.99 -107.34
C LEU XC 81 15.04 205.28 -107.07
N THR XC 82 14.26 205.72 -108.06
CA THR XC 82 13.43 206.92 -107.95
C THR XC 82 11.97 206.54 -108.12
N GLN XC 83 11.10 207.54 -107.97
CA GLN XC 83 9.68 207.31 -108.18
C GLN XC 83 9.40 206.98 -109.64
N GLY XC 84 8.55 205.98 -109.87
CA GLY XC 84 8.26 205.54 -111.21
C GLY XC 84 9.22 204.53 -111.79
N SER XC 85 10.30 204.22 -111.08
CA SER XC 85 11.22 203.19 -111.54
C SER XC 85 10.59 201.81 -111.40
N VAL XC 86 11.14 200.85 -112.14
CA VAL XC 86 10.62 199.49 -112.16
C VAL XC 86 11.73 198.55 -111.73
N VAL XC 87 11.43 197.68 -110.76
CA VAL XC 87 12.38 196.71 -110.24
C VAL XC 87 11.92 195.33 -110.68
N ALA XC 88 12.76 194.65 -111.46
CA ALA XC 88 12.44 193.30 -111.90
C ALA XC 88 12.62 192.33 -110.74
N LEU XC 89 11.70 191.37 -110.64
CA LEU XC 89 11.72 190.37 -109.59
C LEU XC 89 12.22 189.04 -110.16
N ASP XC 90 12.90 188.27 -109.31
CA ASP XC 90 13.43 186.98 -109.74
C ASP XC 90 12.34 186.03 -110.19
N GLY XC 91 11.18 186.06 -109.52
CA GLY XC 91 10.08 185.20 -109.88
C GLY XC 91 9.55 185.44 -111.28
N LEU XC 92 9.45 184.38 -112.08
CA LEU XC 92 8.89 184.49 -113.41
C LEU XC 92 7.39 184.78 -113.33
N ALA XC 93 6.91 185.58 -114.29
CA ALA XC 93 5.50 185.96 -114.28
C ALA XC 93 4.62 184.74 -114.49
N GLY XC 94 3.53 184.68 -113.72
CA GLY XC 94 2.60 183.58 -113.81
C GLY XC 94 2.95 182.38 -112.95
N GLU XC 95 4.10 182.39 -112.29
CA GLU XC 95 4.46 181.29 -111.42
C GLU XC 95 3.62 181.34 -110.14
N PRO XC 96 3.46 180.20 -109.47
CA PRO XC 96 2.73 180.21 -108.19
C PRO XC 96 3.41 181.11 -107.18
N LEU XC 97 2.59 181.85 -106.43
CA LEU XC 97 3.07 182.77 -105.42
C LEU XC 97 3.25 182.03 -104.10
N ASP XC 98 3.99 182.68 -103.20
CA ASP XC 98 4.35 182.08 -101.91
C ASP XC 98 3.40 182.57 -100.83
N ILE XC 99 3.04 181.66 -99.92
CA ILE XC 99 2.16 181.98 -98.80
C ILE XC 99 2.93 181.72 -97.51
N LEU XC 100 2.94 182.71 -96.62
CA LEU XC 100 3.64 182.61 -95.36
C LEU XC 100 2.67 182.89 -94.22
N ILE XC 101 2.89 182.23 -93.09
CA ILE XC 101 2.16 182.54 -91.86
C ILE XC 101 3.20 182.96 -90.82
N ASN XC 102 3.07 184.19 -90.32
CA ASN XC 102 4.05 184.77 -89.42
C ASN XC 102 5.46 184.75 -90.03
N GLY XC 103 5.51 184.96 -91.35
CA GLY XC 103 6.78 185.02 -92.04
C GLY XC 103 7.44 183.70 -92.35
N TYR XC 104 6.74 182.58 -92.17
CA TYR XC 104 7.28 181.25 -92.42
C TYR XC 104 6.56 180.67 -93.63
N LEU XC 105 7.33 180.27 -94.64
CA LEU XC 105 6.74 179.74 -95.86
C LEU XC 105 6.11 178.39 -95.59
N ILE XC 106 4.86 178.22 -95.98
CA ILE XC 106 4.13 176.97 -95.77
C ILE XC 106 3.64 176.39 -97.09
N ALA XC 107 3.13 177.23 -97.98
CA ALA XC 107 2.46 176.70 -99.16
C ALA XC 107 2.70 177.62 -100.36
N GLN XC 108 2.42 177.07 -101.54
CA GLN XC 108 2.46 177.81 -102.79
C GLN XC 108 1.05 177.81 -103.37
N GLY XC 109 0.58 179.00 -103.76
CA GLY XC 109 -0.75 179.15 -104.28
C GLY XC 109 -0.71 179.89 -105.60
N GLU XC 110 -1.89 180.25 -106.09
CA GLU XC 110 -2.04 180.97 -107.35
C GLU XC 110 -3.03 182.11 -107.12
N VAL XC 111 -2.71 183.26 -107.70
CA VAL XC 111 -3.50 184.47 -107.47
C VAL XC 111 -4.72 184.50 -108.38
N VAL XC 112 -5.88 184.83 -107.80
CA VAL XC 112 -7.13 184.93 -108.53
C VAL XC 112 -7.85 186.19 -108.09
N VAL XC 113 -8.76 186.67 -108.93
CA VAL XC 113 -9.56 187.85 -108.65
C VAL XC 113 -11.01 187.42 -108.50
N VAL XC 114 -11.57 187.68 -107.32
CA VAL XC 114 -12.99 187.31 -107.05
C VAL XC 114 -13.75 188.55 -106.56
N ALA XC 115 -14.77 188.99 -107.32
CA ALA XC 115 -15.57 190.18 -106.95
C ALA XC 115 -14.72 191.43 -106.75
N ASP XC 116 -13.66 191.61 -107.57
CA ASP XC 116 -12.82 192.84 -107.52
C ASP XC 116 -11.96 192.83 -106.24
N LYS XC 117 -11.81 191.66 -105.61
CA LYS XC 117 -10.98 191.55 -104.40
C LYS XC 117 -9.86 190.52 -104.66
N TYR XC 118 -8.63 190.81 -104.25
CA TYR XC 118 -7.55 189.90 -104.56
C TYR XC 118 -7.64 188.65 -103.68
N GLY XC 119 -7.37 187.50 -104.28
CA GLY XC 119 -7.43 186.24 -103.56
C GLY XC 119 -6.42 185.26 -104.10
N VAL XC 120 -5.81 184.51 -103.20
CA VAL XC 120 -4.89 183.45 -103.56
C VAL XC 120 -5.62 182.11 -103.44
N ARG XC 121 -5.27 181.19 -104.31
CA ARG XC 121 -5.83 179.84 -104.31
C ARG XC 121 -4.73 178.87 -103.94
N ILE XC 122 -4.83 178.25 -102.77
CA ILE XC 122 -3.79 177.35 -102.31
C ILE XC 122 -3.69 176.16 -103.25
N THR XC 123 -2.48 175.89 -103.74
CA THR XC 123 -2.25 174.78 -104.65
C THR XC 123 -1.49 173.62 -104.00
N ASP XC 124 -0.38 173.88 -103.31
CA ASP XC 124 0.37 172.77 -102.75
C ASP XC 124 1.24 173.24 -101.59
N ILE XC 125 1.23 172.48 -100.50
CA ILE XC 125 2.16 172.74 -99.42
C ILE XC 125 3.57 172.38 -99.87
N ILE XC 126 4.51 173.30 -99.65
CA ILE XC 126 5.87 173.10 -100.13
C ILE XC 126 6.51 171.91 -99.42
N THR XC 127 7.49 171.34 -100.07
CA THR XC 127 8.28 170.20 -99.63
C THR XC 127 9.58 170.66 -99.00
N PRO XC 128 10.17 169.87 -98.11
CA PRO XC 128 11.47 170.26 -97.53
C PRO XC 128 12.54 170.48 -98.58
N SER XC 129 12.53 169.69 -99.65
CA SER XC 129 13.48 169.92 -100.75
C SER XC 129 13.39 171.27 -101.45
N GLU XC 130 12.17 171.72 -101.74
CA GLU XC 130 12.01 173.04 -102.35
C GLU XC 130 12.26 174.17 -101.33
N ARG XC 131 12.01 173.86 -100.06
CA ARG XC 131 12.33 174.80 -98.99
C ARG XC 131 13.82 175.12 -99.03
N MET XC 132 14.65 174.08 -99.04
CA MET XC 132 16.10 174.30 -99.16
C MET XC 132 16.57 174.84 -100.51
N ARG XC 133 15.82 174.52 -101.57
CA ARG XC 133 16.10 175.08 -102.88
C ARG XC 133 15.88 176.58 -102.74
N ARG XC 134 14.80 176.97 -102.06
CA ARG XC 134 14.56 178.38 -101.80
C ARG XC 134 15.70 178.99 -100.98
N LEU XC 135 16.19 178.26 -99.99
CA LEU XC 135 17.24 178.79 -99.12
C LEU XC 135 18.51 179.10 -99.90
N SER XC 136 18.91 178.20 -100.79
CA SER XC 136 20.12 178.40 -101.58
C SER XC 136 19.85 179.31 -102.77
N LYS YC 514 -54.30 92.15 -126.67
CA LYS YC 514 -54.35 93.27 -125.75
C LYS YC 514 -54.79 94.55 -126.46
N ASP YC 515 -54.40 94.67 -127.74
CA ASP YC 515 -54.79 95.84 -128.51
C ASP YC 515 -56.29 95.89 -128.72
N GLU YC 516 -56.91 94.75 -129.01
CA GLU YC 516 -58.36 94.71 -129.21
C GLU YC 516 -59.11 95.06 -127.94
N GLN YC 517 -58.65 94.55 -126.79
CA GLN YC 517 -59.29 94.88 -125.53
C GLN YC 517 -59.15 96.36 -125.21
N LEU YC 518 -57.97 96.94 -125.48
CA LEU YC 518 -57.77 98.37 -125.27
C LEU YC 518 -58.68 99.18 -126.17
N GLN YC 519 -58.83 98.76 -127.43
CA GLN YC 519 -59.73 99.46 -128.35
C GLN YC 519 -61.17 99.39 -127.89
N GLN YC 520 -61.61 98.22 -127.41
CA GLN YC 520 -62.97 98.08 -126.91
C GLN YC 520 -63.20 98.95 -125.68
N ARG YC 521 -62.22 98.99 -124.77
CA ARG YC 521 -62.33 99.84 -123.59
C ARG YC 521 -62.39 101.31 -123.99
N ARG YC 522 -61.58 101.71 -124.97
CA ARG YC 522 -61.61 103.09 -125.45
C ARG YC 522 -62.95 103.42 -126.08
N ALA YC 523 -63.52 102.48 -126.85
CA ALA YC 523 -64.84 102.73 -127.45
C ALA YC 523 -65.91 102.87 -126.39
N ASN YC 524 -65.89 102.01 -125.37
CA ASN YC 524 -66.85 102.14 -124.29
C ASN YC 524 -66.69 103.47 -123.55
N GLN YC 525 -65.44 103.87 -123.30
CA GLN YC 525 -65.18 105.15 -122.64
C GLN YC 525 -65.66 106.31 -123.49
N ARG YC 526 -65.46 106.24 -124.80
CA ARG YC 526 -65.86 107.31 -125.70
C ARG YC 526 -67.36 107.31 -126.01
N LEU YC 527 -68.05 106.21 -125.69
CA LEU YC 527 -69.51 106.09 -125.91
C LEU YC 527 -70.22 106.56 -124.63
N GLY YC 528 -69.83 106.01 -123.48
CA GLY YC 528 -70.42 106.39 -122.18
C GLY YC 528 -70.12 107.82 -121.81
N ALA YC 529 -68.97 108.35 -122.22
CA ALA YC 529 -68.59 109.76 -121.95
C ALA YC 529 -69.45 110.63 -122.86
N GLU YC 530 -69.65 110.20 -124.10
CA GLU YC 530 -70.49 110.97 -125.06
C GLU YC 530 -71.92 110.99 -124.51
N VAL YC 531 -72.33 109.84 -123.89
CA VAL YC 531 -73.64 109.75 -123.19
C VAL YC 531 -73.56 110.61 -121.92
N MET YC 532 -72.42 110.56 -121.22
CA MET YC 532 -72.22 111.33 -119.97
C MET YC 532 -72.27 112.83 -120.29
N SER YC 533 -71.66 113.25 -121.40
CA SER YC 533 -71.68 114.68 -121.81
C SER YC 533 -73.12 115.10 -122.08
N GLN YC 534 -73.90 114.24 -122.75
CA GLN YC 534 -75.34 114.52 -123.01
C GLN YC 534 -76.07 114.58 -121.67
N ARG YC 535 -75.73 113.68 -120.73
CA ARG YC 535 -76.37 113.61 -119.41
C ARG YC 535 -76.10 114.88 -118.61
N ILE YC 536 -74.88 115.42 -118.68
CA ILE YC 536 -74.48 116.62 -117.88
C ILE YC 536 -75.17 117.87 -118.45
N ARG YC 537 -75.56 117.86 -119.72
CA ARG YC 537 -76.22 118.98 -120.37
C ARG YC 537 -77.69 119.05 -119.93
N GLU YC 538 -78.37 117.91 -119.89
CA GLU YC 538 -79.75 117.89 -119.41
C GLU YC 538 -79.84 118.36 -117.97
N MET YC 539 -78.93 117.87 -117.12
CA MET YC 539 -78.95 118.25 -115.71
C MET YC 539 -78.67 119.75 -115.52
N SER YC 540 -77.71 120.30 -116.27
CA SER YC 540 -77.37 121.71 -116.15
C SER YC 540 -78.49 122.59 -116.70
N ASP YC 541 -79.16 122.16 -117.77
CA ASP YC 541 -80.34 122.87 -118.23
C ASP YC 541 -81.45 122.82 -117.20
N ASN YC 542 -81.59 121.71 -116.47
CA ASN YC 542 -82.57 121.64 -115.40
C ASN YC 542 -82.23 122.61 -114.27
N ASP YC 543 -80.96 122.68 -113.89
CA ASP YC 543 -80.50 123.53 -112.79
C ASP YC 543 -79.11 124.08 -113.12
N PRO YC 544 -79.03 125.32 -113.61
CA PRO YC 544 -77.70 125.87 -113.94
C PRO YC 544 -76.94 126.35 -112.72
N ARG YC 545 -77.61 126.93 -111.72
CA ARG YC 545 -76.91 127.44 -110.55
C ARG YC 545 -76.41 126.34 -109.63
N VAL YC 546 -77.08 125.17 -109.64
CA VAL YC 546 -76.67 124.07 -108.79
C VAL YC 546 -75.29 123.57 -109.18
N VAL YC 547 -75.03 123.50 -110.49
CA VAL YC 547 -73.70 123.07 -110.96
C VAL YC 547 -72.63 124.04 -110.52
N ALA YC 548 -72.88 125.35 -110.64
CA ALA YC 548 -71.91 126.34 -110.21
C ALA YC 548 -71.66 126.26 -108.70
N LEU YC 549 -72.74 126.07 -107.93
CA LEU YC 549 -72.59 125.93 -106.48
C LEU YC 549 -71.77 124.68 -106.13
N VAL YC 550 -72.01 123.58 -106.82
CA VAL YC 550 -71.24 122.36 -106.58
C VAL YC 550 -69.78 122.57 -106.94
N ILE YC 551 -69.52 123.27 -108.04
CA ILE YC 551 -68.14 123.55 -108.43
C ILE YC 551 -67.45 124.41 -107.38
N ARG YC 552 -68.14 125.43 -106.88
CA ARG YC 552 -67.57 126.28 -105.84
C ARG YC 552 -67.31 125.50 -104.57
N GLN YC 553 -68.22 124.60 -104.21
CA GLN YC 553 -68.02 123.75 -103.04
C GLN YC 553 -66.81 122.84 -103.22
N TRP YC 554 -66.63 122.32 -104.44
CA TRP YC 554 -65.46 121.47 -104.71
C TRP YC 554 -64.18 122.26 -104.54
N MET YC 555 -64.14 123.50 -105.03
CA MET YC 555 -62.97 124.34 -104.85
C MET YC 555 -62.72 124.66 -103.38
N SER YC 556 -63.79 124.94 -102.62
CA SER YC 556 -63.64 125.22 -101.21
C SER YC 556 -63.09 124.01 -100.45
N ASN YC 557 -63.59 122.81 -100.79
CA ASN YC 557 -63.09 121.61 -100.15
C ASN YC 557 -61.67 121.28 -100.60
N ASP YC 558 -61.28 121.74 -101.79
CA ASP YC 558 -59.92 121.49 -102.26
C ASP YC 558 -58.88 122.18 -101.40
N HIS YC 559 -59.26 123.26 -100.72
CA HIS YC 559 -58.34 123.98 -99.86
C HIS YC 559 -58.01 123.17 -98.61
N GLY ZC 6 -59.98 119.16 -107.46
CA GLY ZC 6 -61.35 119.23 -107.94
C GLY ZC 6 -61.58 120.36 -108.91
N THR ZC 7 -60.81 121.44 -108.75
CA THR ZC 7 -60.93 122.58 -109.65
C THR ZC 7 -60.55 122.22 -111.08
N ASP ZC 8 -59.48 121.43 -111.24
CA ASP ZC 8 -59.07 121.00 -112.58
C ASP ZC 8 -60.15 120.12 -113.21
N LYS ZC 9 -60.74 119.23 -112.42
CA LYS ZC 9 -61.84 118.40 -112.93
C LYS ZC 9 -63.03 119.26 -113.33
N SER ZC 10 -63.35 120.27 -112.52
CA SER ZC 10 -64.45 121.17 -112.85
C SER ZC 10 -64.17 121.93 -114.14
N VAL ZC 11 -62.92 122.39 -114.31
CA VAL ZC 11 -62.55 123.11 -115.53
C VAL ZC 11 -62.66 122.18 -116.74
N ILE ZC 12 -62.21 120.93 -116.61
CA ILE ZC 12 -62.31 119.98 -117.70
C ILE ZC 12 -63.76 119.70 -118.05
N LEU ZC 13 -64.62 119.54 -117.04
CA LEU ZC 13 -66.04 119.31 -117.28
C LEU ZC 13 -66.68 120.51 -117.97
N LEU ZC 14 -66.33 121.73 -117.54
CA LEU ZC 14 -66.86 122.93 -118.17
C LEU ZC 14 -66.42 123.03 -119.62
N MET ZC 15 -65.15 122.71 -119.90
CA MET ZC 15 -64.66 122.73 -121.27
C MET ZC 15 -65.38 121.70 -122.12
N THR ZC 16 -65.61 120.50 -121.58
CA THR ZC 16 -66.29 119.46 -122.32
C THR ZC 16 -67.79 119.68 -122.44
N ILE ZC 17 -68.35 120.59 -121.64
CA ILE ZC 17 -69.80 120.82 -121.67
C ILE ZC 17 -70.17 121.63 -122.90
N GLY ZC 18 -69.53 122.78 -123.09
CA GLY ZC 18 -69.84 123.64 -124.22
C GLY ZC 18 -69.74 125.11 -123.88
N GLU ZC 19 -69.71 125.96 -124.90
CA GLU ZC 19 -69.55 127.40 -124.67
C GLU ZC 19 -70.75 127.99 -123.96
N ASP ZC 20 -71.96 127.63 -124.39
CA ASP ZC 20 -73.17 128.24 -123.83
C ASP ZC 20 -73.37 127.82 -122.38
N ARG ZC 21 -73.24 126.52 -122.09
CA ARG ZC 21 -73.40 126.04 -120.72
C ARG ZC 21 -72.35 126.62 -119.79
N ALA ZC 22 -71.10 126.67 -120.25
CA ALA ZC 22 -70.04 127.25 -119.43
C ALA ZC 22 -70.28 128.74 -119.20
N ALA ZC 23 -70.75 129.46 -120.21
CA ALA ZC 23 -71.05 130.87 -120.04
C ALA ZC 23 -72.17 131.08 -119.03
N GLU ZC 24 -73.22 130.26 -119.11
CA GLU ZC 24 -74.31 130.36 -118.14
C GLU ZC 24 -73.81 130.05 -116.72
N VAL ZC 25 -72.96 129.02 -116.58
CA VAL ZC 25 -72.43 128.67 -115.27
C VAL ZC 25 -71.59 129.82 -114.72
N PHE ZC 26 -70.75 130.42 -115.57
CA PHE ZC 26 -69.93 131.55 -115.13
C PHE ZC 26 -70.80 132.74 -114.72
N LYS ZC 27 -71.86 132.99 -115.48
CA LYS ZC 27 -72.81 134.03 -115.10
C LYS ZC 27 -73.49 133.71 -113.77
N HIS ZC 28 -73.63 132.43 -113.44
CA HIS ZC 28 -74.14 132.00 -112.15
C HIS ZC 28 -73.03 131.66 -111.16
N LEU ZC 29 -71.83 132.21 -111.37
CA LEU ZC 29 -70.68 131.93 -110.52
C LEU ZC 29 -70.06 133.23 -110.05
N SER ZC 30 -69.32 133.14 -108.94
CA SER ZC 30 -68.66 134.28 -108.35
C SER ZC 30 -67.47 134.73 -109.20
N THR ZC 31 -67.01 135.95 -108.94
CA THR ZC 31 -65.94 136.55 -109.73
C THR ZC 31 -64.64 135.76 -109.61
N ARG ZC 32 -64.24 135.44 -108.38
CA ARG ZC 32 -63.00 134.68 -108.16
C ARG ZC 32 -63.10 133.30 -108.77
N GLU ZC 33 -64.24 132.63 -108.57
CA GLU ZC 33 -64.43 131.30 -109.14
C GLU ZC 33 -64.42 131.35 -110.67
N VAL ZC 34 -65.09 132.36 -111.24
CA VAL ZC 34 -65.13 132.48 -112.70
C VAL ZC 34 -63.72 132.71 -113.25
N GLN ZC 35 -62.96 133.60 -112.61
CA GLN ZC 35 -61.61 133.88 -113.05
C GLN ZC 35 -60.74 132.63 -112.96
N ALA ZC 36 -60.84 131.91 -111.85
CA ALA ZC 36 -60.03 130.69 -111.69
C ALA ZC 36 -60.40 129.65 -112.75
N LEU ZC 37 -61.70 129.48 -113.00
CA LEU ZC 37 -62.13 128.51 -114.00
C LEU ZC 37 -61.67 128.90 -115.40
N SER ZC 38 -61.75 130.18 -115.73
CA SER ZC 38 -61.29 130.65 -117.04
C SER ZC 38 -59.80 130.45 -117.20
N THR ZC 39 -59.03 130.74 -116.14
CA THR ZC 39 -57.58 130.62 -116.22
C THR ZC 39 -57.15 129.16 -116.33
N ALA ZC 40 -57.68 128.31 -115.44
CA ALA ZC 40 -57.22 126.92 -115.38
C ALA ZC 40 -57.57 126.13 -116.64
N MET ZC 41 -58.77 126.34 -117.18
CA MET ZC 41 -59.22 125.58 -118.34
C MET ZC 41 -58.30 125.81 -119.54
N ALA ZC 42 -57.99 127.07 -119.82
CA ALA ZC 42 -57.11 127.37 -120.96
C ALA ZC 42 -55.65 127.14 -120.61
N ASN ZC 43 -55.32 127.22 -119.31
CA ASN ZC 43 -53.90 127.06 -118.88
C ASN ZC 43 -53.30 125.67 -119.03
N VAL ZC 44 -53.78 124.71 -118.23
CA VAL ZC 44 -53.31 123.30 -118.36
C VAL ZC 44 -54.61 122.50 -118.18
N ARG ZC 45 -54.92 121.64 -119.15
CA ARG ZC 45 -56.13 120.80 -119.05
C ARG ZC 45 -55.70 119.32 -118.97
N GLN ZC 46 -56.21 118.59 -117.99
CA GLN ZC 46 -55.82 117.16 -117.81
C GLN ZC 46 -57.08 116.29 -118.00
N ILE ZC 47 -56.98 115.24 -118.81
CA ILE ZC 47 -58.13 114.29 -119.00
C ILE ZC 47 -57.69 112.90 -118.52
N SER ZC 48 -58.48 112.27 -117.65
CA SER ZC 48 -58.11 110.93 -117.10
C SER ZC 48 -59.16 109.89 -117.54
N ASN ZC 49 -58.70 108.77 -118.10
CA ASN ZC 49 -59.64 107.72 -118.58
C ASN ZC 49 -60.47 107.20 -117.40
N LYS ZC 50 -59.85 107.10 -116.22
CA LYS ZC 50 -60.58 106.53 -115.05
C LYS ZC 50 -60.75 107.57 -113.94
N GLN ZC 51 -59.68 108.27 -113.55
CA GLN ZC 51 -59.82 109.17 -112.40
C GLN ZC 51 -60.88 110.24 -112.63
N LEU ZC 52 -60.92 110.81 -113.84
CA LEU ZC 52 -61.92 111.83 -114.14
C LEU ZC 52 -63.33 111.25 -114.08
N THR ZC 53 -63.52 110.05 -114.63
CA THR ZC 53 -64.82 109.41 -114.58
C THR ZC 53 -65.23 109.08 -113.15
N ASP ZC 54 -64.30 108.58 -112.33
CA ASP ZC 54 -64.61 108.29 -110.94
C ASP ZC 54 -65.00 109.55 -110.18
N VAL ZC 55 -64.25 110.64 -110.41
CA VAL ZC 55 -64.56 111.91 -109.75
C VAL ZC 55 -65.91 112.43 -110.19
N LEU ZC 56 -66.23 112.35 -111.49
CA LEU ZC 56 -67.52 112.80 -111.98
C LEU ZC 56 -68.65 111.99 -111.37
N SER ZC 57 -68.49 110.67 -111.28
CA SER ZC 57 -69.51 109.84 -110.67
C SER ZC 57 -69.69 110.18 -109.20
N GLU ZC 58 -68.60 110.39 -108.47
CA GLU ZC 58 -68.69 110.75 -107.07
C GLU ZC 58 -69.40 112.10 -106.88
N PHE ZC 59 -69.09 113.07 -107.74
CA PHE ZC 59 -69.74 114.38 -107.67
C PHE ZC 59 -71.23 114.26 -107.96
N GLU ZC 60 -71.58 113.46 -108.98
CA GLU ZC 60 -72.99 113.31 -109.34
C GLU ZC 60 -73.77 112.59 -108.26
N GLN ZC 61 -73.08 111.75 -107.48
CA GLN ZC 61 -73.80 110.96 -106.45
C GLN ZC 61 -73.60 111.56 -105.05
N GLU ZC 62 -72.76 112.60 -104.91
CA GLU ZC 62 -72.45 113.09 -103.54
C GLU ZC 62 -73.68 113.65 -102.82
N ALA ZC 63 -74.53 114.45 -103.48
CA ALA ZC 63 -75.78 114.90 -102.81
C ALA ZC 63 -76.86 115.30 -103.82
N GLU ZC 64 -78.14 115.24 -103.43
CA GLU ZC 64 -79.23 115.76 -104.29
C GLU ZC 64 -79.62 117.17 -103.80
N GLN ZC 65 -78.98 117.65 -102.73
CA GLN ZC 65 -79.35 118.95 -102.09
C GLN ZC 65 -79.14 120.13 -103.06
N PHE ZC 66 -78.05 120.11 -103.83
CA PHE ZC 66 -77.71 121.28 -104.70
C PHE ZC 66 -78.82 121.49 -105.73
N ALA ZC 67 -79.38 120.43 -106.29
CA ALA ZC 67 -80.34 120.60 -107.40
C ALA ZC 67 -81.57 121.41 -106.97
N ALA ZC 68 -82.10 121.20 -105.77
CA ALA ZC 68 -83.37 121.87 -105.39
C ALA ZC 68 -83.15 123.26 -104.76
N LEU ZC 69 -82.51 123.33 -103.59
CA LEU ZC 69 -82.36 124.59 -102.88
C LEU ZC 69 -81.74 125.65 -103.78
N ASN ZC 70 -80.71 125.28 -104.52
CA ASN ZC 70 -80.02 126.24 -105.39
C ASN ZC 70 -80.84 126.59 -106.63
N ILE ZC 71 -81.81 125.76 -106.99
CA ILE ZC 71 -82.66 126.02 -108.15
C ILE ZC 71 -83.46 127.29 -107.94
N ASN ZC 72 -84.07 127.43 -106.76
CA ASN ZC 72 -84.86 128.60 -106.41
C ASN ZC 72 -84.65 128.92 -104.94
N ALA ZC 73 -83.74 129.89 -104.68
CA ALA ZC 73 -83.48 130.33 -103.32
C ALA ZC 73 -83.86 131.79 -103.13
N ASN ZC 74 -83.31 132.67 -103.97
CA ASN ZC 74 -83.57 134.09 -103.83
C ASN ZC 74 -84.98 134.45 -104.31
N GLU ZC 75 -85.43 133.84 -105.41
CA GLU ZC 75 -86.76 134.13 -105.93
C GLU ZC 75 -87.84 133.73 -104.93
N TYR ZC 76 -87.69 132.56 -104.31
CA TYR ZC 76 -88.66 132.13 -103.31
C TYR ZC 76 -88.70 133.06 -102.12
N LEU ZC 77 -87.52 133.49 -101.64
CA LEU ZC 77 -87.46 134.42 -100.52
C LEU ZC 77 -88.12 135.75 -100.87
N ARG ZC 78 -87.86 136.25 -102.08
CA ARG ZC 78 -88.47 137.51 -102.50
C ARG ZC 78 -89.99 137.38 -102.60
N SER ZC 79 -90.48 136.27 -103.16
CA SER ZC 79 -91.93 136.06 -103.25
C SER ZC 79 -92.55 135.97 -101.87
N VAL ZC 80 -91.89 135.26 -100.95
CA VAL ZC 80 -92.40 135.13 -99.59
C VAL ZC 80 -92.45 136.50 -98.90
N LEU ZC 81 -91.39 137.31 -99.08
CA LEU ZC 81 -91.39 138.64 -98.48
C LEU ZC 81 -92.49 139.52 -99.07
N VAL ZC 82 -92.71 139.43 -100.38
CA VAL ZC 82 -93.75 140.23 -101.02
C VAL ZC 82 -95.13 139.83 -100.51
N LYS ZC 83 -95.37 138.51 -100.41
CA LYS ZC 83 -96.70 138.04 -100.04
C LYS ZC 83 -96.95 138.16 -98.54
N ALA ZC 84 -95.88 138.25 -97.75
CA ALA ZC 84 -96.01 138.20 -96.29
C ALA ZC 84 -96.60 139.48 -95.74
N LEU ZC 85 -95.91 140.61 -95.92
CA LEU ZC 85 -96.32 141.89 -95.35
C LEU ZC 85 -96.78 142.85 -96.43
N GLY ZC 86 -95.95 143.11 -97.44
CA GLY ZC 86 -96.32 144.04 -98.49
C GLY ZC 86 -95.11 144.41 -99.31
N GLU ZC 87 -95.36 145.16 -100.39
CA GLU ZC 87 -94.27 145.56 -101.27
C GLU ZC 87 -93.27 146.46 -100.56
N GLU ZC 88 -93.75 147.39 -99.74
CA GLU ZC 88 -92.87 148.29 -99.00
C GLU ZC 88 -91.99 147.54 -98.02
N ARG ZC 89 -92.57 146.59 -97.27
CA ARG ZC 89 -91.79 145.81 -96.33
C ARG ZC 89 -90.90 144.80 -97.03
N ALA ZC 90 -91.34 144.28 -98.18
CA ALA ZC 90 -90.52 143.34 -98.93
C ALA ZC 90 -89.25 144.00 -99.42
N SER ZC 91 -89.34 145.26 -99.86
CA SER ZC 91 -88.15 145.99 -100.29
C SER ZC 91 -87.15 146.15 -99.15
N SER ZC 92 -87.64 146.49 -97.95
CA SER ZC 92 -86.74 146.62 -96.81
C SER ZC 92 -86.11 145.29 -96.44
N LEU ZC 93 -86.90 144.21 -96.45
CA LEU ZC 93 -86.35 142.89 -96.14
C LEU ZC 93 -85.30 142.47 -97.16
N LEU ZC 94 -85.56 142.70 -98.44
CA LEU ZC 94 -84.58 142.36 -99.47
C LEU ZC 94 -83.32 143.20 -99.32
N GLU ZC 95 -83.47 144.49 -99.00
CA GLU ZC 95 -82.31 145.34 -98.78
C GLU ZC 95 -81.48 144.85 -97.61
N ASP ZC 96 -82.14 144.46 -96.51
CA ASP ZC 96 -81.41 143.92 -95.36
C ASP ZC 96 -80.70 142.62 -95.72
N ILE ZC 97 -81.36 141.75 -96.48
CA ILE ZC 97 -80.75 140.48 -96.87
C ILE ZC 97 -79.52 140.73 -97.74
N LEU ZC 98 -79.63 141.67 -98.68
CA LEU ZC 98 -78.49 142.00 -99.53
C LEU ZC 98 -77.36 142.63 -98.72
N GLU ZC 99 -77.70 143.50 -97.77
CA GLU ZC 99 -76.68 144.14 -96.95
C GLU ZC 99 -76.02 143.16 -95.98
N THR ZC 100 -76.67 142.02 -95.73
CA THR ZC 100 -76.05 140.99 -94.89
C THR ZC 100 -74.73 140.51 -95.50
N ARG ZC 101 -74.63 140.50 -96.84
CA ARG ZC 101 -73.40 140.17 -97.52
C ARG ZC 101 -72.70 141.48 -97.89
N ASP ZC 102 -71.65 141.80 -97.17
CA ASP ZC 102 -70.92 143.05 -97.34
C ASP ZC 102 -69.76 142.84 -98.32
N THR ZC 103 -68.98 143.90 -98.52
CA THR ZC 103 -67.85 143.88 -99.44
C THR ZC 103 -66.57 144.19 -98.67
N THR ZC 104 -65.48 143.52 -99.04
CA THR ZC 104 -64.23 143.69 -98.32
C THR ZC 104 -63.56 145.02 -98.69
N SER ZC 105 -63.23 145.21 -99.96
CA SER ZC 105 -62.57 146.42 -100.41
C SER ZC 105 -63.49 147.62 -100.24
N GLY ZC 106 -62.95 148.71 -99.70
CA GLY ZC 106 -63.76 149.87 -99.38
C GLY ZC 106 -64.39 150.55 -100.59
N ILE ZC 107 -63.81 150.36 -101.77
CA ILE ZC 107 -64.35 151.00 -102.96
C ILE ZC 107 -65.77 150.52 -103.23
N GLU ZC 108 -66.00 149.21 -103.14
CA GLU ZC 108 -67.35 148.68 -103.29
C GLU ZC 108 -68.23 149.06 -102.10
N THR ZC 109 -67.66 149.19 -100.90
CA THR ZC 109 -68.44 149.64 -99.76
C THR ZC 109 -68.94 151.06 -99.95
N LEU ZC 110 -68.24 151.86 -100.77
CA LEU ZC 110 -68.72 153.19 -101.09
C LEU ZC 110 -70.08 153.32 -101.78
N ASN ZC 111 -70.50 152.30 -102.55
CA ASN ZC 111 -71.85 152.32 -103.19
C ASN ZC 111 -73.00 151.90 -102.27
N PHE ZC 112 -72.71 151.54 -101.02
CA PHE ZC 112 -73.78 151.22 -100.03
C PHE ZC 112 -74.03 152.46 -99.17
N MET ZC 113 -73.22 153.50 -99.37
CA MET ZC 113 -73.32 154.73 -98.62
C MET ZC 113 -74.36 155.56 -99.36
N GLU ZC 114 -74.90 156.54 -98.66
CA GLU ZC 114 -75.84 157.48 -99.27
C GLU ZC 114 -75.10 158.31 -100.32
N PRO ZC 115 -75.77 158.67 -101.42
CA PRO ZC 115 -75.10 159.48 -102.46
C PRO ZC 115 -74.46 160.77 -101.99
N GLN ZC 116 -75.11 161.51 -101.09
CA GLN ZC 116 -74.53 162.77 -100.62
C GLN ZC 116 -73.31 162.57 -99.73
N SER ZC 117 -73.33 161.51 -98.92
CA SER ZC 117 -72.20 161.22 -98.05
C SER ZC 117 -71.00 160.91 -98.93
N ALA ZC 118 -71.19 160.07 -99.96
CA ALA ZC 118 -70.09 159.76 -100.87
C ALA ZC 118 -69.66 160.99 -101.65
N ALA ZC 119 -70.61 161.81 -102.10
CA ALA ZC 119 -70.27 163.02 -102.83
C ALA ZC 119 -69.45 163.97 -101.98
N ASP ZC 120 -69.82 164.12 -100.71
CA ASP ZC 120 -69.03 164.94 -99.81
C ASP ZC 120 -67.67 164.32 -99.54
N LEU ZC 121 -67.60 163.00 -99.45
CA LEU ZC 121 -66.33 162.34 -99.14
C LEU ZC 121 -65.33 162.49 -100.26
N ILE ZC 122 -65.76 162.35 -101.52
CA ILE ZC 122 -64.83 162.31 -102.64
C ILE ZC 122 -64.84 163.59 -103.45
N ARG ZC 123 -65.51 164.64 -102.99
CA ARG ZC 123 -65.51 165.89 -103.75
C ARG ZC 123 -64.13 166.51 -103.80
N ASP ZC 124 -63.39 166.46 -102.69
CA ASP ZC 124 -62.10 167.14 -102.62
C ASP ZC 124 -60.98 166.35 -103.28
N GLU ZC 125 -61.24 165.09 -103.64
CA GLU ZC 125 -60.19 164.25 -104.22
C GLU ZC 125 -59.82 164.74 -105.62
N HIS ZC 126 -58.69 164.26 -106.09
CA HIS ZC 126 -58.24 164.59 -107.44
C HIS ZC 126 -59.22 164.05 -108.46
N PRO ZC 127 -59.49 164.79 -109.55
CA PRO ZC 127 -60.51 164.34 -110.50
C PRO ZC 127 -60.26 162.96 -111.06
N GLN ZC 128 -59.01 162.59 -111.31
CA GLN ZC 128 -58.72 161.24 -111.79
C GLN ZC 128 -59.05 160.18 -110.76
N ILE ZC 129 -58.81 160.46 -109.48
CA ILE ZC 129 -59.17 159.51 -108.43
C ILE ZC 129 -60.68 159.37 -108.32
N ILE ZC 130 -61.40 160.48 -108.48
CA ILE ZC 130 -62.86 160.43 -108.51
C ILE ZC 130 -63.29 159.54 -109.65
N ALA ZC 131 -62.70 159.73 -110.83
CA ALA ZC 131 -63.06 158.93 -111.99
C ALA ZC 131 -62.79 157.45 -111.75
N THR ZC 132 -61.64 157.13 -111.15
CA THR ZC 132 -61.30 155.75 -110.85
C THR ZC 132 -62.33 155.15 -109.90
N ILE ZC 133 -62.70 155.91 -108.88
CA ILE ZC 133 -63.74 155.41 -107.93
C ILE ZC 133 -65.04 155.13 -108.70
N LEU ZC 134 -65.43 156.02 -109.62
CA LEU ZC 134 -66.73 155.88 -110.31
C LEU ZC 134 -66.84 154.60 -111.15
N VAL ZC 135 -65.79 154.21 -111.88
CA VAL ZC 135 -65.91 153.04 -112.79
C VAL ZC 135 -65.89 151.79 -111.88
N HIS ZC 136 -65.28 151.90 -110.69
CA HIS ZC 136 -65.33 150.75 -109.75
C HIS ZC 136 -66.66 150.78 -108.98
N LEU ZC 137 -67.26 151.97 -108.86
CA LEU ZC 137 -68.55 152.09 -108.13
C LEU ZC 137 -69.70 151.63 -109.04
N LYS ZC 138 -70.84 151.27 -108.45
CA LYS ZC 138 -72.02 150.86 -109.23
C LYS ZC 138 -72.46 152.06 -110.10
N ARG ZC 139 -72.91 151.79 -111.33
CA ARG ZC 139 -73.26 152.89 -112.27
C ARG ZC 139 -74.36 153.78 -111.68
N SER ZC 140 -75.42 153.18 -111.13
CA SER ZC 140 -76.55 153.99 -110.63
C SER ZC 140 -76.02 154.99 -109.58
N GLN ZC 141 -75.20 154.52 -108.65
CA GLN ZC 141 -74.69 155.39 -107.55
C GLN ZC 141 -73.85 156.50 -108.18
N ALA ZC 142 -72.94 156.14 -109.09
CA ALA ZC 142 -72.05 157.12 -109.70
C ALA ZC 142 -72.85 158.23 -110.38
N ALA ZC 143 -73.97 157.87 -111.03
CA ALA ZC 143 -74.79 158.88 -111.67
C ALA ZC 143 -75.36 159.85 -110.65
N ASP ZC 144 -75.84 159.32 -109.52
CA ASP ZC 144 -76.35 160.19 -108.46
C ASP ZC 144 -75.26 161.08 -107.91
N ILE ZC 145 -74.05 160.53 -107.70
CA ILE ZC 145 -72.94 161.33 -107.20
C ILE ZC 145 -72.59 162.49 -108.11
N LEU ZC 146 -72.52 162.23 -109.42
CA LEU ZC 146 -72.22 163.29 -110.38
C LEU ZC 146 -73.35 164.33 -110.44
N ALA ZC 147 -74.59 163.87 -110.23
CA ALA ZC 147 -75.71 164.80 -110.17
C ALA ZC 147 -75.52 165.78 -109.03
N LEU ZC 148 -75.03 165.28 -107.89
CA LEU ZC 148 -74.80 166.15 -106.71
C LEU ZC 148 -73.52 166.99 -106.91
N PHE ZC 149 -72.68 166.62 -107.88
CA PHE ZC 149 -71.38 167.32 -108.06
C PHE ZC 149 -71.58 168.63 -108.82
N ASP ZC 150 -70.76 169.64 -108.52
CA ASP ZC 150 -70.81 170.89 -109.27
C ASP ZC 150 -70.65 170.61 -110.77
N GLU ZC 151 -71.21 171.50 -111.59
CA GLU ZC 151 -71.24 171.26 -113.03
C GLU ZC 151 -69.83 171.22 -113.62
N ARG ZC 152 -68.92 172.08 -113.13
CA ARG ZC 152 -67.55 172.03 -113.62
C ARG ZC 152 -66.89 170.70 -113.28
N LEU ZC 153 -66.96 170.30 -112.02
CA LEU ZC 153 -66.42 169.01 -111.62
C LEU ZC 153 -67.14 167.87 -112.32
N ARG ZC 154 -68.45 168.00 -112.53
CA ARG ZC 154 -69.20 166.96 -113.23
C ARG ZC 154 -68.67 166.78 -114.65
N HIS ZC 155 -68.51 167.86 -115.40
CA HIS ZC 155 -68.00 167.78 -116.76
C HIS ZC 155 -66.58 167.23 -116.78
N ASP ZC 156 -65.73 167.71 -115.86
CA ASP ZC 156 -64.34 167.25 -115.84
C ASP ZC 156 -64.28 165.75 -115.57
N VAL ZC 157 -65.03 165.28 -114.58
CA VAL ZC 157 -64.98 163.87 -114.23
C VAL ZC 157 -65.58 163.03 -115.34
N MET ZC 158 -66.63 163.50 -115.99
CA MET ZC 158 -67.20 162.76 -117.11
C MET ZC 158 -66.20 162.65 -118.25
N LEU ZC 159 -65.48 163.73 -118.54
CA LEU ZC 159 -64.45 163.69 -119.58
C LEU ZC 159 -63.36 162.69 -119.21
N ARG ZC 160 -62.94 162.67 -117.95
CA ARG ZC 160 -61.94 161.70 -117.51
C ARG ZC 160 -62.47 160.28 -117.66
N ILE ZC 161 -63.76 160.08 -117.37
CA ILE ZC 161 -64.37 158.77 -117.54
C ILE ZC 161 -64.32 158.33 -118.99
N ALA ZC 162 -64.60 159.25 -119.91
CA ALA ZC 162 -64.63 158.90 -121.33
C ALA ZC 162 -63.27 158.42 -121.81
N THR ZC 163 -62.19 159.07 -121.39
CA THR ZC 163 -60.85 158.77 -121.87
C THR ZC 163 -59.98 158.09 -120.81
N PHE ZC 164 -60.56 157.21 -120.00
CA PHE ZC 164 -59.80 156.52 -118.97
C PHE ZC 164 -58.74 155.63 -119.60
N GLY ZC 165 -57.60 155.51 -118.93
CA GLY ZC 165 -56.48 154.79 -119.49
C GLY ZC 165 -55.86 153.74 -118.59
N GLY ZC 166 -56.57 153.33 -117.54
CA GLY ZC 166 -56.08 152.28 -116.67
C GLY ZC 166 -55.13 152.67 -115.56
N VAL ZC 167 -55.34 152.14 -114.37
CA VAL ZC 167 -54.53 152.46 -113.21
C VAL ZC 167 -53.38 151.53 -112.93
N GLN ZC 168 -52.32 152.05 -112.30
CA GLN ZC 168 -51.20 151.22 -111.91
C GLN ZC 168 -51.74 150.39 -110.74
N PRO ZC 169 -51.35 149.12 -110.64
CA PRO ZC 169 -51.83 148.29 -109.52
C PRO ZC 169 -51.45 148.86 -108.16
N ALA ZC 170 -50.26 149.45 -108.05
CA ALA ZC 170 -49.85 150.02 -106.77
C ALA ZC 170 -50.75 151.17 -106.36
N ALA ZC 171 -51.08 152.07 -107.30
CA ALA ZC 171 -51.95 153.18 -106.99
C ALA ZC 171 -53.35 152.70 -106.62
N LEU ZC 172 -53.87 151.71 -107.34
CA LEU ZC 172 -55.18 151.17 -107.02
C LEU ZC 172 -55.18 150.54 -105.63
N ALA ZC 173 -54.14 149.79 -105.29
CA ALA ZC 173 -54.05 149.20 -103.95
C ALA ZC 173 -53.97 150.29 -102.89
N GLU ZC 174 -53.23 151.36 -103.18
CA GLU ZC 174 -53.12 152.46 -102.22
C GLU ZC 174 -54.47 153.12 -101.99
N LEU ZC 175 -55.21 153.39 -103.06
CA LEU ZC 175 -56.56 153.95 -102.90
C LEU ZC 175 -57.46 152.98 -102.14
N THR ZC 176 -57.35 151.70 -102.46
CA THR ZC 176 -58.19 150.69 -101.79
C THR ZC 176 -57.94 150.76 -100.29
N GLU ZC 177 -56.67 150.65 -99.89
CA GLU ZC 177 -56.33 150.62 -98.44
C GLU ZC 177 -56.76 151.95 -97.79
N VAL ZC 178 -56.53 153.07 -98.48
CA VAL ZC 178 -56.94 154.40 -97.93
C VAL ZC 178 -58.46 154.37 -97.72
N LEU ZC 179 -59.21 154.04 -98.77
CA LEU ZC 179 -60.66 154.08 -98.68
C LEU ZC 179 -61.17 153.11 -97.63
N ASN ZC 180 -60.48 151.97 -97.46
CA ASN ZC 180 -60.87 151.01 -96.43
C ASN ZC 180 -60.74 151.63 -95.03
N GLY ZC 181 -59.61 152.29 -94.77
CA GLY ZC 181 -59.40 152.90 -93.47
C GLY ZC 181 -60.41 153.97 -93.13
N LEU ZC 182 -61.13 154.49 -94.13
CA LEU ZC 182 -62.11 155.54 -93.88
C LEU ZC 182 -63.50 154.95 -93.67
N LEU ZC 183 -63.86 153.94 -94.47
CA LEU ZC 183 -65.24 153.42 -94.40
C LEU ZC 183 -65.37 152.24 -93.43
N ASP ZC 184 -64.34 151.41 -93.28
CA ASP ZC 184 -64.52 150.21 -92.42
C ASP ZC 184 -64.82 150.66 -90.99
N GLY ZC 185 -64.12 151.70 -90.50
CA GLY ZC 185 -64.43 152.24 -89.17
C GLY ZC 185 -65.81 152.85 -89.12
N GLN ZC 186 -66.21 153.58 -90.17
CA GLN ZC 186 -67.52 154.29 -90.16
C GLN ZC 186 -68.69 153.30 -90.21
N ASN ZC 187 -69.78 153.60 -89.49
CA ASN ZC 187 -70.99 152.75 -89.60
C ASN ZC 187 -71.50 152.89 -91.04
N LEU ZC 188 -71.97 151.80 -91.66
CA LEU ZC 188 -72.37 151.91 -93.08
C LEU ZC 188 -73.80 151.38 -93.29
N LYS ZC 189 -74.69 151.52 -92.30
CA LYS ZC 189 -76.06 151.08 -92.57
C LYS ZC 189 -77.06 152.01 -91.87
N ARG ZC 190 -77.23 153.19 -92.47
CA ARG ZC 190 -78.21 154.15 -91.99
C ARG ZC 190 -79.62 153.59 -92.17
N SER ZC 191 -80.27 153.25 -91.06
CA SER ZC 191 -81.61 152.66 -91.11
C SER ZC 191 -82.63 153.77 -91.38
N LYS ZC 192 -83.40 153.62 -92.45
CA LYS ZC 192 -84.42 154.60 -92.82
C LYS ZC 192 -85.78 154.02 -92.47
N MET ZC 193 -86.39 154.57 -91.42
CA MET ZC 193 -87.70 154.14 -90.95
C MET ZC 193 -88.64 155.35 -90.99
N GLY ZC 194 -89.67 155.28 -91.83
CA GLY ZC 194 -90.66 156.38 -91.90
C GLY ZC 194 -90.37 157.33 -93.05
N GLY ZC 195 -91.08 157.17 -94.17
CA GLY ZC 195 -90.93 158.08 -95.29
C GLY ZC 195 -92.18 158.90 -95.50
N VAL ZC 196 -92.90 158.62 -96.57
CA VAL ZC 196 -94.18 159.25 -96.86
C VAL ZC 196 -95.40 158.34 -96.65
N ARG ZC 197 -95.17 157.04 -96.79
CA ARG ZC 197 -96.23 156.07 -96.52
C ARG ZC 197 -96.54 156.22 -95.04
N THR ZC 198 -95.51 156.26 -94.19
CA THR ZC 198 -95.74 156.40 -92.76
C THR ZC 198 -96.38 157.75 -92.44
N ALA ZC 199 -95.93 158.81 -93.12
CA ALA ZC 199 -96.54 160.12 -92.90
C ALA ZC 199 -98.02 160.12 -93.29
N ALA ZC 200 -98.35 159.49 -94.43
CA ALA ZC 200 -99.74 159.42 -94.85
C ALA ZC 200 -100.57 158.62 -93.85
N GLU ZC 201 -100.02 157.50 -93.36
CA GLU ZC 201 -100.73 156.71 -92.37
C GLU ZC 201 -100.96 157.49 -91.09
N ILE ZC 202 -99.96 158.25 -90.66
CA ILE ZC 202 -100.11 159.08 -89.47
C ILE ZC 202 -101.20 160.13 -89.68
N ILE ZC 203 -101.18 160.78 -90.85
CA ILE ZC 203 -102.15 161.83 -91.14
C ILE ZC 203 -103.56 161.27 -91.17
N ASN ZC 204 -103.73 160.09 -91.77
CA ASN ZC 204 -105.07 159.54 -91.97
C ASN ZC 204 -105.80 159.25 -90.67
N LEU ZC 205 -105.11 159.15 -89.54
CA LEU ZC 205 -105.72 158.78 -88.28
C LEU ZC 205 -105.99 159.93 -87.32
N MET ZC 206 -105.79 161.17 -87.75
CA MET ZC 206 -106.02 162.32 -86.88
C MET ZC 206 -107.24 163.10 -87.34
N LYS ZC 207 -107.56 164.16 -86.61
CA LYS ZC 207 -108.75 164.95 -86.88
C LYS ZC 207 -108.69 165.63 -88.25
N THR ZC 208 -109.87 165.88 -88.81
CA THR ZC 208 -109.96 166.45 -90.15
C THR ZC 208 -109.35 167.85 -90.22
N GLN ZC 209 -109.60 168.68 -89.19
CA GLN ZC 209 -109.04 170.02 -89.19
C GLN ZC 209 -107.51 169.99 -89.15
N GLN ZC 210 -106.95 169.15 -88.28
CA GLN ZC 210 -105.50 169.00 -88.27
C GLN ZC 210 -105.01 168.37 -89.57
N GLU ZC 211 -105.79 167.49 -90.17
CA GLU ZC 211 -105.40 166.89 -91.45
C GLU ZC 211 -105.25 167.96 -92.52
N GLU ZC 212 -106.27 168.83 -92.67
CA GLU ZC 212 -106.18 169.87 -93.68
C GLU ZC 212 -105.08 170.87 -93.35
N ALA ZC 213 -104.89 171.19 -92.06
CA ALA ZC 213 -103.82 172.11 -91.68
C ALA ZC 213 -102.46 171.55 -92.08
N VAL ZC 214 -102.20 170.27 -91.78
CA VAL ZC 214 -100.88 169.72 -92.09
C VAL ZC 214 -100.70 169.57 -93.60
N ILE ZC 215 -101.74 169.18 -94.34
CA ILE ZC 215 -101.54 169.01 -95.78
C ILE ZC 215 -101.32 170.35 -96.46
N THR ZC 216 -102.03 171.40 -96.00
CA THR ZC 216 -101.78 172.71 -96.59
C THR ZC 216 -100.42 173.26 -96.19
N ALA ZC 217 -99.95 172.94 -94.98
CA ALA ZC 217 -98.59 173.34 -94.60
C ALA ZC 217 -97.55 172.65 -95.49
N VAL ZC 218 -97.74 171.36 -95.73
CA VAL ZC 218 -96.82 170.64 -96.61
C VAL ZC 218 -96.86 171.22 -98.02
N ARG ZC 219 -98.06 171.51 -98.52
CA ARG ZC 219 -98.20 172.09 -99.85
C ARG ZC 219 -97.49 173.44 -99.93
N GLU ZC 220 -97.59 174.24 -98.87
CA GLU ZC 220 -96.85 175.49 -98.81
C GLU ZC 220 -95.35 175.23 -98.87
N PHE ZC 221 -94.88 174.21 -98.13
CA PHE ZC 221 -93.46 173.86 -98.20
C PHE ZC 221 -93.03 173.33 -99.57
N ASP ZC 222 -93.82 172.43 -100.14
CA ASP ZC 222 -93.53 171.82 -101.42
C ASP ZC 222 -94.80 171.15 -101.91
N GLY ZC 223 -95.29 171.56 -103.08
CA GLY ZC 223 -96.52 170.97 -103.60
C GLY ZC 223 -96.41 169.52 -104.02
N GLU ZC 224 -95.25 169.13 -104.55
CA GLU ZC 224 -95.06 167.75 -104.99
C GLU ZC 224 -95.14 166.79 -103.82
N LEU ZC 225 -94.53 167.14 -102.69
CA LEU ZC 225 -94.61 166.29 -101.51
C LEU ZC 225 -96.05 166.16 -101.01
N ALA ZC 226 -96.79 167.27 -101.04
CA ALA ZC 226 -98.19 167.21 -100.63
C ALA ZC 226 -99.02 166.30 -101.52
N GLN ZC 227 -98.81 166.39 -102.84
CA GLN ZC 227 -99.54 165.52 -103.75
C GLN ZC 227 -99.17 164.06 -103.56
N LYS ZC 228 -97.89 163.78 -103.33
CA LYS ZC 228 -97.47 162.40 -103.11
C LYS ZC 228 -98.09 161.89 -101.82
N ILE ZC 229 -98.15 162.73 -100.78
CA ILE ZC 229 -98.79 162.34 -99.53
C ILE ZC 229 -100.27 162.06 -99.75
N ILE ZC 230 -100.94 162.90 -100.53
CA ILE ZC 230 -102.36 162.70 -100.82
C ILE ZC 230 -102.61 161.41 -101.59
N ASP ZC 231 -101.73 161.09 -102.54
CA ASP ZC 231 -101.90 159.86 -103.31
C ASP ZC 231 -101.65 158.64 -102.43
N GLU ZC 232 -100.65 158.71 -101.55
CA GLU ZC 232 -100.38 157.61 -100.65
C GLU ZC 232 -101.49 157.55 -99.61
N MET ZC 233 -102.20 158.66 -99.41
CA MET ZC 233 -103.27 158.69 -98.41
C MET ZC 233 -104.35 157.66 -98.73
N PHE ZC 234 -104.83 157.64 -99.97
CA PHE ZC 234 -105.87 156.72 -100.42
C PHE ZC 234 -105.36 155.94 -101.63
N LEU ZC 235 -104.93 154.71 -101.39
CA LEU ZC 235 -104.44 153.84 -102.46
C LEU ZC 235 -105.61 153.23 -103.23
N PHE ZC 236 -105.30 152.57 -104.33
CA PHE ZC 236 -106.33 151.92 -105.13
C PHE ZC 236 -106.66 150.55 -104.57
N GLU ZC 237 -106.93 150.49 -103.27
CA GLU ZC 237 -107.38 149.27 -102.60
C GLU ZC 237 -108.51 149.49 -101.62
N ASN ZC 238 -108.80 150.73 -101.21
CA ASN ZC 238 -109.88 151.02 -100.29
C ASN ZC 238 -111.19 151.33 -101.00
N LEU ZC 239 -111.21 151.25 -102.34
CA LEU ZC 239 -112.43 151.50 -103.08
C LEU ZC 239 -113.53 150.50 -102.73
N VAL ZC 240 -113.17 149.33 -102.23
CA VAL ZC 240 -114.17 148.37 -101.77
C VAL ZC 240 -114.96 148.90 -100.59
N ASP ZC 241 -114.37 149.81 -99.80
CA ASP ZC 241 -115.05 150.38 -98.64
C ASP ZC 241 -115.88 151.62 -98.99
N VAL ZC 242 -115.89 152.03 -100.25
CA VAL ZC 242 -116.67 153.19 -100.67
C VAL ZC 242 -118.14 152.80 -100.74
N ASP ZC 243 -119.02 153.74 -100.40
CA ASP ZC 243 -120.45 153.48 -100.42
C ASP ZC 243 -120.95 153.30 -101.85
N ASP ZC 244 -122.05 152.56 -101.97
CA ASP ZC 244 -122.65 152.32 -103.28
C ASP ZC 244 -123.12 153.62 -103.92
N ARG ZC 245 -123.72 154.51 -103.12
CA ARG ZC 245 -124.16 155.80 -103.65
C ARG ZC 245 -122.98 156.63 -104.15
N SER ZC 246 -121.87 156.61 -103.40
CA SER ZC 246 -120.68 157.33 -103.85
C SER ZC 246 -120.14 156.75 -105.14
N ILE ZC 247 -120.15 155.42 -105.25
CA ILE ZC 247 -119.68 154.77 -106.48
C ILE ZC 247 -120.57 155.16 -107.65
N GLN ZC 248 -121.89 155.16 -107.46
CA GLN ZC 248 -122.80 155.55 -108.54
C GLN ZC 248 -122.58 157.01 -108.94
N ARG ZC 249 -122.39 157.89 -107.95
CA ARG ZC 249 -122.15 159.30 -108.26
C ARG ZC 249 -120.84 159.48 -109.02
N LEU ZC 250 -119.80 158.75 -108.64
CA LEU ZC 250 -118.51 158.88 -109.32
C LEU ZC 250 -118.55 158.23 -110.70
N LEU ZC 251 -119.44 157.27 -110.91
CA LEU ZC 251 -119.52 156.62 -112.22
C LEU ZC 251 -119.93 157.61 -113.32
N GLN ZC 252 -120.65 158.67 -112.95
CA GLN ZC 252 -121.08 159.66 -113.94
C GLN ZC 252 -119.92 160.47 -114.51
N GLU ZC 253 -118.76 160.48 -113.86
CA GLU ZC 253 -117.61 161.24 -114.33
C GLU ZC 253 -116.44 160.37 -114.71
N VAL ZC 254 -116.61 159.05 -114.75
CA VAL ZC 254 -115.52 158.12 -115.07
C VAL ZC 254 -115.72 157.63 -116.51
N ASP ZC 255 -114.68 157.78 -117.32
CA ASP ZC 255 -114.73 157.28 -118.70
C ASP ZC 255 -114.77 155.77 -118.70
N SER ZC 256 -115.56 155.20 -119.62
CA SER ZC 256 -115.70 153.75 -119.69
C SER ZC 256 -114.38 153.08 -120.03
N GLU ZC 257 -113.64 153.63 -120.99
CA GLU ZC 257 -112.36 153.03 -121.37
C GLU ZC 257 -111.36 153.12 -120.22
N SER ZC 258 -111.25 154.28 -119.58
CA SER ZC 258 -110.33 154.43 -118.45
C SER ZC 258 -110.72 153.54 -117.29
N LEU ZC 259 -112.02 153.46 -116.99
CA LEU ZC 259 -112.47 152.59 -115.91
C LEU ZC 259 -112.17 151.13 -116.21
N LEU ZC 260 -112.39 150.70 -117.46
CA LEU ZC 260 -112.10 149.32 -117.83
C LEU ZC 260 -110.60 149.04 -117.74
N ILE ZC 261 -109.78 149.99 -118.18
CA ILE ZC 261 -108.33 149.81 -118.09
C ILE ZC 261 -107.89 149.70 -116.64
N ALA ZC 262 -108.44 150.55 -115.77
CA ALA ZC 262 -108.09 150.49 -114.35
C ALA ZC 262 -108.55 149.19 -113.71
N LEU ZC 263 -109.75 148.72 -114.05
CA LEU ZC 263 -110.30 147.52 -113.44
C LEU ZC 263 -109.83 146.23 -114.10
N LYS ZC 264 -109.04 146.33 -115.18
CA LYS ZC 264 -108.51 145.12 -115.81
C LYS ZC 264 -107.62 144.34 -114.85
N GLY ZC 265 -106.76 145.04 -114.11
CA GLY ZC 265 -105.91 144.42 -113.12
C GLY ZC 265 -106.40 144.52 -111.70
N ALA ZC 266 -107.62 145.02 -111.48
CA ALA ZC 266 -108.16 145.16 -110.14
C ALA ZC 266 -108.65 143.81 -109.62
N GLU ZC 267 -108.91 143.75 -108.32
CA GLU ZC 267 -109.42 142.54 -107.70
C GLU ZC 267 -110.83 142.23 -108.19
N PRO ZC 268 -111.21 140.97 -108.31
CA PRO ZC 268 -112.55 140.62 -108.77
C PRO ZC 268 -113.61 141.19 -107.83
N PRO ZC 269 -113.35 141.21 -106.53
CA PRO ZC 269 -114.31 141.84 -105.61
C PRO ZC 269 -114.53 143.31 -105.88
N LEU ZC 270 -113.47 144.04 -106.22
CA LEU ZC 270 -113.61 145.45 -106.54
C LEU ZC 270 -114.44 145.65 -107.81
N ARG ZC 271 -114.20 144.81 -108.83
CA ARG ZC 271 -114.97 144.89 -110.06
C ARG ZC 271 -116.44 144.58 -109.81
N GLU ZC 272 -116.71 143.57 -108.98
CA GLU ZC 272 -118.09 143.22 -108.66
C GLU ZC 272 -118.78 144.35 -107.89
N LYS ZC 273 -118.07 144.97 -106.94
CA LYS ZC 273 -118.64 146.08 -106.18
C LYS ZC 273 -118.91 147.27 -107.07
N PHE ZC 274 -118.00 147.56 -108.00
CA PHE ZC 274 -118.14 148.70 -108.90
C PHE ZC 274 -119.11 148.44 -110.04
N LEU ZC 275 -119.49 147.19 -110.29
CA LEU ZC 275 -120.43 146.85 -111.34
C LEU ZC 275 -121.88 146.85 -110.85
N ARG ZC 276 -122.11 147.09 -109.57
CA ARG ZC 276 -123.46 147.12 -109.02
C ARG ZC 276 -124.07 148.52 -109.01
N ASN ZC 277 -123.33 149.53 -109.49
CA ASN ZC 277 -123.82 150.90 -109.52
C ASN ZC 277 -124.38 151.31 -110.88
N MET ZC 278 -124.01 150.63 -111.95
CA MET ZC 278 -124.48 150.96 -113.29
C MET ZC 278 -125.66 150.05 -113.66
N SER ZC 279 -126.14 150.18 -114.89
CA SER ZC 279 -127.25 149.37 -115.35
C SER ZC 279 -126.78 147.94 -115.64
N GLN ZC 280 -127.74 147.03 -115.76
CA GLN ZC 280 -127.42 145.64 -116.07
C GLN ZC 280 -126.77 145.53 -117.44
N ARG ZC 281 -127.29 146.25 -118.44
CA ARG ZC 281 -126.67 146.25 -119.75
C ARG ZC 281 -125.28 146.86 -119.70
N ALA ZC 282 -125.10 147.95 -118.94
CA ALA ZC 282 -123.79 148.55 -118.80
C ALA ZC 282 -122.82 147.60 -118.09
N ALA ZC 283 -123.29 146.90 -117.06
CA ALA ZC 283 -122.44 145.93 -116.37
C ALA ZC 283 -122.03 144.79 -117.31
N ASP ZC 284 -122.98 144.29 -118.10
CA ASP ZC 284 -122.65 143.23 -119.05
C ASP ZC 284 -121.65 143.71 -120.11
N ILE ZC 285 -121.82 144.94 -120.59
CA ILE ZC 285 -120.89 145.50 -121.57
C ILE ZC 285 -119.51 145.64 -120.97
N LEU ZC 286 -119.43 146.13 -119.72
CA LEU ZC 286 -118.13 146.26 -119.06
C LEU ZC 286 -117.47 144.89 -118.86
N ARG ZC 287 -118.25 143.90 -118.46
CA ARG ZC 287 -117.70 142.55 -118.29
C ARG ZC 287 -117.19 141.98 -119.61
N ASP ZC 288 -117.95 142.18 -120.68
CA ASP ZC 288 -117.52 141.70 -121.99
C ASP ZC 288 -116.25 142.42 -122.45
N ASP ZC 289 -116.17 143.73 -122.23
CA ASP ZC 289 -114.98 144.47 -122.60
C ASP ZC 289 -113.77 144.01 -121.80
N LEU ZC 290 -113.95 143.77 -120.50
CA LEU ZC 290 -112.85 143.28 -119.67
C LEU ZC 290 -112.39 141.90 -120.12
N ALA ZC 291 -113.34 141.01 -120.46
CA ALA ZC 291 -112.98 139.68 -120.93
C ALA ZC 291 -112.24 139.76 -122.26
N ASN ZC 292 -112.70 140.63 -123.16
CA ASN ZC 292 -112.09 140.76 -124.47
C ASN ZC 292 -110.79 141.55 -124.45
N ARG ZC 293 -110.56 142.35 -123.41
CA ARG ZC 293 -109.34 143.14 -123.34
C ARG ZC 293 -108.13 142.27 -123.06
N GLY ZC 294 -107.10 142.43 -123.87
CA GLY ZC 294 -105.87 141.69 -123.69
C GLY ZC 294 -104.99 142.31 -122.64
N PRO ZC 295 -103.89 141.61 -122.32
CA PRO ZC 295 -102.94 142.16 -121.34
C PRO ZC 295 -102.33 143.45 -121.83
N VAL ZC 296 -102.10 144.38 -120.90
CA VAL ZC 296 -101.53 145.68 -121.20
C VAL ZC 296 -100.48 146.01 -120.16
N ARG ZC 297 -99.58 146.93 -120.52
CA ARG ZC 297 -98.55 147.37 -119.59
C ARG ZC 297 -99.18 148.11 -118.42
N LEU ZC 298 -98.60 147.92 -117.23
CA LEU ZC 298 -99.15 148.54 -116.03
C LEU ZC 298 -98.97 150.04 -116.00
N SER ZC 299 -98.15 150.62 -116.89
CA SER ZC 299 -97.93 152.06 -116.88
C SER ZC 299 -99.20 152.83 -117.19
N GLN ZC 300 -99.98 152.39 -118.18
CA GLN ZC 300 -101.22 153.06 -118.53
C GLN ZC 300 -102.35 152.74 -117.56
N VAL ZC 301 -102.40 151.49 -117.06
CA VAL ZC 301 -103.42 151.14 -116.08
C VAL ZC 301 -103.23 151.93 -114.80
N GLU ZC 302 -101.98 152.13 -114.39
CA GLU ZC 302 -101.71 152.93 -113.20
C GLU ZC 302 -102.15 154.37 -113.40
N ASN ZC 303 -101.91 154.94 -114.59
CA ASN ZC 303 -102.35 156.30 -114.86
C ASN ZC 303 -103.86 156.41 -114.85
N GLU ZC 304 -104.55 155.42 -115.44
CA GLU ZC 304 -106.01 155.43 -115.42
C GLU ZC 304 -106.55 155.33 -114.01
N GLN ZC 305 -105.97 154.45 -113.19
CA GLN ZC 305 -106.39 154.32 -111.80
C GLN ZC 305 -106.12 155.60 -111.03
N LYS ZC 306 -104.99 156.25 -111.30
CA LYS ZC 306 -104.69 157.53 -110.65
C LYS ZC 306 -105.71 158.59 -111.03
N ALA ZC 307 -106.09 158.65 -112.31
CA ALA ZC 307 -107.11 159.61 -112.73
C ALA ZC 307 -108.44 159.33 -112.05
N ILE ZC 308 -108.83 158.06 -111.97
CA ILE ZC 308 -110.09 157.69 -111.32
C ILE ZC 308 -110.05 158.07 -109.85
N LEU ZC 309 -108.93 157.78 -109.17
CA LEU ZC 309 -108.79 158.13 -107.76
C LEU ZC 309 -108.81 159.64 -107.56
N LEU ZC 310 -108.18 160.39 -108.46
CA LEU ZC 310 -108.23 161.86 -108.36
C LEU ZC 310 -109.65 162.37 -108.52
N ILE ZC 311 -110.41 161.81 -109.46
CA ILE ZC 311 -111.80 162.23 -109.63
C ILE ZC 311 -112.61 161.90 -108.38
N VAL ZC 312 -112.40 160.70 -107.82
CA VAL ZC 312 -113.14 160.29 -106.62
C VAL ZC 312 -112.79 161.21 -105.45
N ARG ZC 313 -111.50 161.54 -105.31
CA ARG ZC 313 -111.07 162.41 -104.22
C ARG ZC 313 -111.64 163.80 -104.38
N ARG ZC 314 -111.69 164.31 -105.62
CA ARG ZC 314 -112.30 165.61 -105.86
C ARG ZC 314 -113.77 165.60 -105.52
N LEU ZC 315 -114.48 164.53 -105.88
CA LEU ZC 315 -115.90 164.43 -105.55
C LEU ZC 315 -116.11 164.39 -104.04
N ALA ZC 316 -115.26 163.63 -103.34
CA ALA ZC 316 -115.37 163.55 -101.89
C ALA ZC 316 -115.07 164.90 -101.23
N GLU ZC 317 -114.05 165.60 -101.71
CA GLU ZC 317 -113.70 166.91 -101.17
C GLU ZC 317 -114.82 167.91 -101.40
N THR ZC 318 -115.46 167.83 -102.57
CA THR ZC 318 -116.61 168.69 -102.84
C THR ZC 318 -117.73 168.42 -101.85
N GLY ZC 319 -117.96 167.14 -101.54
CA GLY ZC 319 -118.98 166.77 -100.58
C GLY ZC 319 -120.08 165.94 -101.19
N GLU ZC 320 -119.80 165.29 -102.32
CA GLU ZC 320 -120.77 164.48 -103.03
C GLU ZC 320 -120.42 163.00 -103.02
N MET ZC 321 -119.67 162.54 -102.03
CA MET ZC 321 -119.28 161.14 -101.92
C MET ZC 321 -119.07 160.82 -100.44
N VAL ZC 322 -119.15 159.54 -100.11
CA VAL ZC 322 -118.96 159.08 -98.73
C VAL ZC 322 -118.30 157.71 -98.76
N ILE ZC 323 -117.95 157.19 -97.58
CA ILE ZC 323 -117.32 155.90 -97.46
C ILE ZC 323 -118.05 155.08 -96.39
N GLY ZC 324 -117.75 153.78 -96.33
CA GLY ZC 324 -118.38 152.90 -95.36
C GLY ZC 324 -117.88 151.48 -95.42
N SER AD 33 -21.13 212.09 -99.50
CA SER AD 33 -21.25 211.21 -98.35
C SER AD 33 -22.65 210.62 -98.25
N ASP AD 34 -22.76 209.30 -98.38
CA ASP AD 34 -24.05 208.61 -98.27
C ASP AD 34 -24.32 208.35 -96.79
N ILE AD 35 -25.42 208.92 -96.31
CA ILE AD 35 -25.82 208.77 -94.92
C ILE AD 35 -27.34 208.74 -94.85
N ARG AD 36 -27.90 207.58 -94.53
CA ARG AD 36 -29.34 207.42 -94.45
C ARG AD 36 -29.69 206.84 -93.10
N PRO AD 37 -30.91 207.11 -92.55
CA PRO AD 37 -31.31 206.63 -91.20
C PRO AD 37 -31.36 205.11 -91.17
N TYR AD 38 -31.04 204.55 -90.01
CA TYR AD 38 -31.06 203.11 -89.83
C TYR AD 38 -32.50 202.63 -89.68
N ASP AD 39 -32.93 201.76 -90.59
CA ASP AD 39 -34.26 201.17 -90.52
C ASP AD 39 -34.11 199.68 -90.24
N PRO AD 40 -34.61 199.18 -89.11
CA PRO AD 40 -34.55 197.73 -88.86
C PRO AD 40 -35.38 196.96 -89.87
N ASN AD 41 -35.28 195.64 -89.78
CA ASN AD 41 -35.97 194.65 -90.62
C ASN AD 41 -35.80 194.92 -92.11
N THR AD 42 -34.78 195.66 -92.52
CA THR AD 42 -34.50 195.85 -93.93
C THR AD 42 -33.46 194.84 -94.40
N GLN AD 43 -33.62 194.37 -95.64
CA GLN AD 43 -32.72 193.36 -96.20
C GLN AD 43 -31.40 194.03 -96.53
N ARG AD 44 -30.53 194.14 -95.52
CA ARG AD 44 -29.23 194.76 -95.69
C ARG AD 44 -28.07 193.76 -95.65
N ARG AD 45 -28.31 192.52 -95.21
CA ARG AD 45 -27.28 191.50 -95.15
C ARG AD 45 -27.25 190.77 -96.47
N VAL AD 46 -26.20 190.98 -97.25
CA VAL AD 46 -26.02 190.33 -98.54
C VAL AD 46 -24.78 189.45 -98.46
N VAL AD 47 -24.96 188.14 -98.66
CA VAL AD 47 -23.87 187.17 -98.60
C VAL AD 47 -23.96 186.37 -99.89
N ARG AD 48 -23.18 186.76 -100.91
CA ARG AD 48 -23.16 186.10 -102.19
C ARG AD 48 -21.90 185.24 -102.25
N GLU AD 49 -22.10 183.94 -102.51
CA GLU AD 49 -20.98 183.01 -102.54
C GLU AD 49 -21.34 181.90 -103.53
N ARG AD 50 -20.49 181.72 -104.53
CA ARG AD 50 -20.68 180.65 -105.50
C ARG AD 50 -20.46 179.30 -104.81
N LEU AD 51 -21.35 178.34 -105.08
CA LEU AD 51 -21.29 177.02 -104.45
C LEU AD 51 -21.19 175.97 -105.55
N GLN AD 52 -19.96 175.69 -105.99
CA GLN AD 52 -19.75 174.76 -107.09
C GLN AD 52 -20.14 173.34 -106.71
N ALA AD 53 -19.77 172.93 -105.50
CA ALA AD 53 -20.05 171.55 -105.00
C ALA AD 53 -21.56 171.33 -104.99
N LEU AD 54 -22.38 172.30 -104.57
CA LEU AD 54 -23.84 172.22 -104.68
C LEU AD 54 -24.27 172.27 -106.13
N GLU AD 55 -23.55 173.03 -106.95
CA GLU AD 55 -23.90 173.12 -108.37
C GLU AD 55 -23.77 171.78 -109.08
N ILE AD 56 -22.90 170.90 -108.60
CA ILE AD 56 -22.77 169.59 -109.24
C ILE AD 56 -23.66 168.58 -108.54
N ILE AD 57 -23.87 168.75 -107.23
CA ILE AD 57 -24.78 167.87 -106.51
C ILE AD 57 -26.19 168.00 -107.05
N ASN AD 58 -26.57 169.21 -107.45
CA ASN AD 58 -27.90 169.42 -108.02
C ASN AD 58 -28.12 168.62 -109.30
N GLU AD 59 -27.15 168.63 -110.22
CA GLU AD 59 -27.28 167.83 -111.44
C GLU AD 59 -27.25 166.34 -111.16
N ARG AD 60 -26.42 165.90 -110.22
CA ARG AD 60 -26.38 164.48 -109.90
C ARG AD 60 -27.74 164.05 -109.36
N PHE AD 61 -28.29 164.84 -108.44
CA PHE AD 61 -29.62 164.54 -107.90
C PHE AD 61 -30.68 164.61 -108.97
N ALA AD 62 -30.56 165.57 -109.90
CA ALA AD 62 -31.55 165.68 -110.96
C ALA AD 62 -31.53 164.45 -111.86
N ARG AD 63 -30.36 163.94 -112.19
CA ARG AD 63 -30.27 162.73 -112.98
C ARG AD 63 -30.90 161.55 -112.24
N GLN AD 64 -30.56 161.41 -110.94
CA GLN AD 64 -31.13 160.32 -110.17
C GLN AD 64 -32.65 160.43 -110.08
N PHE AD 65 -33.15 161.63 -109.87
CA PHE AD 65 -34.59 161.84 -109.75
C PHE AD 65 -35.30 161.61 -111.07
N ARG AD 66 -34.68 161.98 -112.19
CA ARG AD 66 -35.27 161.68 -113.49
C ARG AD 66 -35.52 160.20 -113.79
N MET AD 67 -34.53 159.35 -113.51
CA MET AD 67 -34.76 157.91 -113.67
C MET AD 67 -35.74 157.29 -112.65
N GLY AD 68 -35.75 157.88 -111.46
CA GLY AD 68 -36.68 157.44 -110.43
C GLY AD 68 -38.07 157.78 -110.95
N LEU AD 69 -38.25 158.99 -111.49
CA LEU AD 69 -39.54 159.38 -112.03
C LEU AD 69 -39.90 158.53 -113.25
N PHE AD 70 -38.92 158.20 -114.08
CA PHE AD 70 -39.18 157.28 -115.18
C PHE AD 70 -39.61 155.92 -114.65
N ASN AD 71 -38.94 155.43 -113.61
CA ASN AD 71 -39.30 154.15 -113.04
C ASN AD 71 -40.71 154.16 -112.46
N LEU AD 72 -41.14 155.30 -111.89
CA LEU AD 72 -42.43 155.35 -111.23
C LEU AD 72 -43.56 155.64 -112.21
N LEU AD 73 -43.50 156.80 -112.86
CA LEU AD 73 -44.60 157.28 -113.71
C LEU AD 73 -44.70 156.53 -115.03
N ARG AD 74 -43.72 155.71 -115.37
CA ARG AD 74 -43.67 155.05 -116.68
C ARG AD 74 -43.73 156.07 -117.81
N ARG AD 75 -43.09 157.22 -117.62
CA ARG AD 75 -43.00 158.27 -118.63
C ARG AD 75 -41.58 158.80 -118.63
N SER AD 76 -41.32 159.78 -119.51
CA SER AD 76 -39.98 160.33 -119.68
C SER AD 76 -39.95 161.79 -119.25
N PRO AD 77 -39.62 162.08 -117.99
CA PRO AD 77 -39.44 163.47 -117.57
C PRO AD 77 -38.07 164.07 -117.87
N ASP AD 78 -38.06 165.39 -118.00
CA ASP AD 78 -36.79 166.12 -118.12
C ASP AD 78 -36.77 167.17 -117.02
N ILE AD 79 -35.67 167.18 -116.26
CA ILE AD 79 -35.50 168.06 -115.11
C ILE AD 79 -34.40 169.04 -115.44
N THR AD 80 -34.74 170.33 -115.41
CA THR AD 80 -33.78 171.41 -115.63
C THR AD 80 -33.47 172.04 -114.27
N VAL AD 81 -32.19 172.09 -113.91
CA VAL AD 81 -31.79 172.66 -112.64
C VAL AD 81 -31.68 174.16 -112.78
N GLY AD 82 -32.42 174.89 -111.94
CA GLY AD 82 -32.34 176.33 -111.96
C GLY AD 82 -31.14 176.86 -111.21
N ALA AD 83 -30.97 178.17 -111.27
CA ALA AD 83 -29.88 178.81 -110.56
C ALA AD 83 -30.11 178.75 -109.05
N ILE AD 84 -29.07 178.41 -108.31
CA ILE AD 84 -29.16 178.39 -106.86
C ILE AD 84 -29.36 179.81 -106.35
N ARG AD 85 -30.37 180.00 -105.50
CA ARG AD 85 -30.68 181.31 -104.96
C ARG AD 85 -30.35 181.37 -103.47
N ILE AD 86 -29.52 182.33 -103.10
CA ILE AD 86 -29.17 182.57 -101.70
C ILE AD 86 -29.95 183.77 -101.20
N GLN AD 87 -31.01 183.51 -100.44
CA GLN AD 87 -32.00 184.54 -100.16
C GLN AD 87 -32.51 184.42 -98.73
N PRO AD 88 -33.01 185.51 -98.16
CA PRO AD 88 -33.63 185.42 -96.84
C PRO AD 88 -34.86 184.51 -96.87
N TYR AD 89 -35.13 183.86 -95.73
CA TYR AD 89 -36.18 182.86 -95.68
C TYR AD 89 -37.57 183.35 -96.03
N HIS AD 90 -37.89 184.60 -95.67
CA HIS AD 90 -39.25 185.19 -95.94
C HIS AD 90 -39.44 185.49 -97.43
N GLU AD 91 -38.35 185.63 -98.21
CA GLU AD 91 -38.44 185.79 -99.66
C GLU AD 91 -38.84 184.43 -100.21
N PHE AD 92 -38.18 183.37 -99.75
CA PHE AD 92 -38.53 182.02 -100.18
C PHE AD 92 -39.95 181.67 -99.80
N ALA AD 93 -40.37 182.05 -98.58
CA ALA AD 93 -41.72 181.75 -98.14
C ALA AD 93 -42.76 182.50 -98.98
N ARG AD 94 -42.51 183.77 -99.27
CA ARG AD 94 -43.50 184.56 -99.99
C ARG AD 94 -43.57 184.16 -101.46
N ASN AD 95 -42.47 183.70 -102.04
CA ASN AD 95 -42.52 183.28 -103.44
C ASN AD 95 -43.29 181.97 -103.60
N LEU AD 96 -43.39 181.18 -102.54
CA LEU AD 96 -44.11 179.92 -102.61
C LEU AD 96 -45.61 180.15 -102.79
N PRO AD 97 -46.30 179.27 -103.50
CA PRO AD 97 -47.75 179.36 -103.61
C PRO AD 97 -48.42 178.69 -102.43
N VAL AD 98 -49.73 178.89 -102.34
CA VAL AD 98 -50.52 178.32 -101.25
C VAL AD 98 -51.77 177.64 -101.81
N PRO AD 99 -52.03 176.39 -101.47
CA PRO AD 99 -51.21 175.50 -100.64
C PRO AD 99 -50.11 174.83 -101.47
N THR AD 100 -49.07 174.35 -100.79
CA THR AD 100 -47.97 173.61 -101.45
C THR AD 100 -47.49 172.59 -100.45
N ASN AD 101 -47.26 171.34 -100.85
CA ASN AD 101 -46.64 170.32 -99.97
C ASN AD 101 -45.20 170.65 -99.59
N LEU AD 102 -44.93 170.81 -98.29
CA LEU AD 102 -43.56 171.08 -97.75
C LEU AD 102 -43.09 169.81 -97.03
N ASN AD 103 -41.87 169.32 -97.22
CA ASN AD 103 -41.42 168.03 -96.60
C ASN AD 103 -40.22 168.33 -95.68
N LEU AD 104 -40.42 168.51 -94.38
CA LEU AD 104 -39.30 168.75 -93.49
C LEU AD 104 -38.41 167.51 -93.48
N ILE AD 105 -37.12 167.71 -93.73
CA ILE AD 105 -36.17 166.60 -93.82
C ILE AD 105 -34.98 166.90 -92.92
N HIS AD 106 -34.41 165.85 -92.35
CA HIS AD 106 -33.25 165.94 -91.49
C HIS AD 106 -32.04 165.43 -92.24
N LEU AD 107 -31.06 166.31 -92.46
CA LEU AD 107 -29.82 165.93 -93.12
C LEU AD 107 -28.73 165.65 -92.09
N LYS AD 108 -28.95 164.61 -91.30
CA LYS AD 108 -27.99 164.25 -90.27
C LYS AD 108 -26.67 163.83 -90.89
N PRO AD 109 -25.53 164.07 -90.22
CA PRO AD 109 -25.39 164.64 -88.87
C PRO AD 109 -25.40 166.16 -88.84
N LEU AD 110 -25.76 166.83 -89.92
CA LEU AD 110 -25.82 168.29 -89.94
C LEU AD 110 -27.01 168.76 -89.12
N ARG AD 111 -26.74 169.59 -88.12
CA ARG AD 111 -27.82 170.07 -87.25
C ARG AD 111 -28.65 171.10 -88.00
N GLY AD 112 -29.95 170.88 -88.05
CA GLY AD 112 -30.88 171.75 -88.73
C GLY AD 112 -31.99 170.94 -89.37
N THR AD 113 -32.78 171.60 -90.20
CA THR AD 113 -33.92 170.97 -90.85
C THR AD 113 -34.12 171.60 -92.22
N GLY AD 114 -33.89 170.82 -93.27
CA GLY AD 114 -34.12 171.29 -94.62
C GLY AD 114 -35.55 171.07 -95.07
N LEU AD 115 -35.86 171.59 -96.25
CA LEU AD 115 -37.22 171.58 -96.78
C LEU AD 115 -37.20 171.15 -98.23
N VAL AD 116 -38.12 170.26 -98.59
CA VAL AD 116 -38.34 169.84 -99.97
C VAL AD 116 -39.74 170.28 -100.37
N VAL AD 117 -39.84 171.14 -101.36
CA VAL AD 117 -41.11 171.76 -101.72
C VAL AD 117 -41.57 171.18 -103.05
N PHE AD 118 -42.69 170.46 -103.02
CA PHE AD 118 -43.36 169.95 -104.20
C PHE AD 118 -44.51 170.85 -104.60
N SER AD 119 -44.45 171.39 -105.80
CA SER AD 119 -45.50 172.27 -106.29
C SER AD 119 -46.82 171.53 -106.51
N PRO AD 120 -47.98 172.22 -106.40
CA PRO AD 120 -49.29 171.58 -106.69
C PRO AD 120 -49.27 171.03 -108.12
N SER AD 121 -48.59 171.73 -109.02
CA SER AD 121 -48.58 171.27 -110.41
C SER AD 121 -47.92 169.91 -110.54
N LEU AD 122 -46.79 169.72 -109.86
CA LEU AD 122 -46.06 168.45 -109.99
C LEU AD 122 -46.86 167.29 -109.39
N VAL AD 123 -47.45 167.49 -108.22
CA VAL AD 123 -48.22 166.42 -107.61
C VAL AD 123 -49.49 166.14 -108.42
N PHE AD 124 -50.08 167.19 -109.01
CA PHE AD 124 -51.22 166.98 -109.88
C PHE AD 124 -50.83 166.14 -111.09
N ILE AD 125 -49.68 166.45 -111.70
CA ILE AD 125 -49.21 165.69 -112.85
C ILE AD 125 -48.97 164.23 -112.47
N ALA AD 126 -48.32 164.02 -111.33
CA ALA AD 126 -48.01 162.65 -110.91
C ALA AD 126 -49.28 161.85 -110.63
N VAL AD 127 -50.23 162.45 -109.92
CA VAL AD 127 -51.48 161.76 -109.62
C VAL AD 127 -52.25 161.47 -110.90
N ASP AD 128 -52.27 162.43 -111.82
CA ASP AD 128 -52.95 162.24 -113.09
C ASP AD 128 -52.33 161.08 -113.87
N ASN AD 129 -51.00 161.03 -113.93
CA ASN AD 129 -50.34 159.97 -114.67
C ASN AD 129 -50.55 158.62 -114.02
N LEU AD 130 -50.48 158.55 -112.69
CA LEU AD 130 -50.65 157.27 -112.01
C LEU AD 130 -52.08 156.74 -112.18
N PHE AD 131 -53.08 157.60 -112.07
CA PHE AD 131 -54.46 157.16 -112.05
C PHE AD 131 -55.11 157.34 -113.44
N GLY AD 132 -54.56 156.60 -114.39
CA GLY AD 132 -55.17 156.48 -115.70
C GLY AD 132 -55.37 157.79 -116.44
N GLY AD 133 -54.36 158.64 -116.46
CA GLY AD 133 -54.48 159.89 -117.18
C GLY AD 133 -53.29 160.19 -118.07
N ASP AD 134 -53.56 160.47 -119.34
CA ASP AD 134 -52.49 160.80 -120.31
C ASP AD 134 -52.24 162.31 -120.32
N GLY AD 135 -52.60 163.00 -119.23
CA GLY AD 135 -52.37 164.43 -119.15
C GLY AD 135 -52.99 165.15 -120.32
N ARG AD 136 -54.13 164.67 -120.83
CA ARG AD 136 -54.84 165.37 -121.91
C ARG AD 136 -55.39 166.72 -121.45
N PHE AD 137 -56.14 166.71 -120.35
CA PHE AD 137 -56.68 167.95 -119.84
C PHE AD 137 -55.67 168.84 -119.12
N PRO AD 138 -55.84 170.15 -119.17
CA PRO AD 138 -54.91 171.04 -118.47
C PRO AD 138 -55.00 170.86 -116.97
N THR AD 139 -53.88 171.07 -116.29
CA THR AD 139 -53.86 171.01 -114.84
C THR AD 139 -54.57 172.23 -114.26
N LYS AD 140 -55.51 171.99 -113.35
CA LYS AD 140 -56.27 173.04 -112.70
C LYS AD 140 -56.02 172.99 -111.20
N VAL AD 141 -55.50 174.08 -110.64
CA VAL AD 141 -55.27 174.21 -109.22
C VAL AD 141 -55.97 175.47 -108.73
N GLU AD 142 -56.86 175.32 -107.74
CA GLU AD 142 -57.64 176.43 -107.22
C GLU AD 142 -57.61 176.42 -105.70
N GLY AD 143 -56.42 176.26 -105.12
CA GLY AD 143 -56.32 176.21 -103.68
C GLY AD 143 -56.77 174.91 -103.06
N ARG AD 144 -56.96 173.88 -103.87
CA ARG AD 144 -57.41 172.59 -103.37
C ARG AD 144 -56.32 171.94 -102.52
N GLU AD 145 -56.72 171.35 -101.41
CA GLU AD 145 -55.79 170.70 -100.50
C GLU AD 145 -55.43 169.30 -101.01
N PHE AD 146 -54.68 168.57 -100.19
CA PHE AD 146 -54.17 167.26 -100.56
C PHE AD 146 -54.86 166.20 -99.70
N THR AD 147 -55.45 165.20 -100.35
CA THR AD 147 -56.11 164.13 -99.63
C THR AD 147 -55.08 163.09 -99.16
N HIS AD 148 -55.57 162.04 -98.51
CA HIS AD 148 -54.67 161.00 -98.02
C HIS AD 148 -54.02 160.24 -99.15
N THR AD 149 -54.78 159.97 -100.23
CA THR AD 149 -54.21 159.30 -101.39
C THR AD 149 -53.14 160.17 -102.05
N GLU AD 150 -53.42 161.46 -102.19
CA GLU AD 150 -52.41 162.38 -102.73
C GLU AD 150 -51.19 162.43 -101.83
N GLN AD 151 -51.41 162.44 -100.52
CA GLN AD 151 -50.29 162.44 -99.58
C GLN AD 151 -49.45 161.18 -99.71
N ARG AD 152 -50.09 160.04 -99.93
CA ARG AD 152 -49.35 158.80 -100.10
C ARG AD 152 -48.56 158.81 -101.40
N VAL AD 153 -49.15 159.35 -102.48
CA VAL AD 153 -48.41 159.48 -103.73
C VAL AD 153 -47.20 160.39 -103.57
N ILE AD 154 -47.38 161.49 -102.83
CA ILE AD 154 -46.28 162.41 -102.59
C ILE AD 154 -45.19 161.75 -101.74
N ASN AD 155 -45.60 160.92 -100.77
CA ASN AD 155 -44.63 160.19 -99.97
C ASN AD 155 -43.84 159.23 -100.85
N ARG AD 156 -44.52 158.55 -101.78
CA ARG AD 156 -43.83 157.64 -102.69
C ARG AD 156 -42.84 158.38 -103.57
N MET AD 157 -43.23 159.55 -104.08
CA MET AD 157 -42.30 160.36 -104.86
C MET AD 157 -41.14 160.85 -104.01
N LEU AD 158 -41.43 161.30 -102.80
CA LEU AD 158 -40.40 161.87 -101.94
C LEU AD 158 -39.40 160.82 -101.49
N LYS AD 159 -39.82 159.56 -101.41
CA LYS AD 159 -38.86 158.50 -101.11
C LYS AD 159 -37.78 158.45 -102.17
N LEU AD 160 -38.18 158.46 -103.45
CA LEU AD 160 -37.21 158.48 -104.54
C LEU AD 160 -36.39 159.77 -104.52
N ALA AD 161 -37.04 160.91 -104.25
CA ALA AD 161 -36.31 162.17 -104.23
C ALA AD 161 -35.23 162.17 -103.15
N LEU AD 162 -35.58 161.67 -101.95
CA LEU AD 162 -34.61 161.64 -100.86
C LEU AD 162 -33.50 160.63 -101.13
N GLU AD 163 -33.84 159.49 -101.72
CA GLU AD 163 -32.79 158.53 -102.08
C GLU AD 163 -31.82 159.14 -103.08
N GLY AD 164 -32.35 159.82 -104.10
CA GLY AD 164 -31.47 160.46 -105.07
C GLY AD 164 -30.61 161.55 -104.46
N TYR AD 165 -31.20 162.37 -103.59
CA TYR AD 165 -30.43 163.42 -102.94
C TYR AD 165 -29.33 162.85 -102.05
N SER AD 166 -29.65 161.80 -101.29
CA SER AD 166 -28.63 161.17 -100.45
C SER AD 166 -27.51 160.59 -101.28
N ASP AD 167 -27.86 159.93 -102.39
CA ASP AD 167 -26.84 159.35 -103.26
C ASP AD 167 -25.95 160.45 -103.86
N ALA AD 168 -26.57 161.56 -104.27
CA ALA AD 168 -25.80 162.66 -104.83
C ALA AD 168 -24.86 163.26 -103.78
N TRP AD 169 -25.32 163.40 -102.54
CA TRP AD 169 -24.48 163.97 -101.50
C TRP AD 169 -23.41 162.94 -101.13
N LYS AD 170 -23.71 161.64 -101.28
CA LYS AD 170 -22.78 160.60 -100.89
C LYS AD 170 -21.41 160.76 -101.54
N ALA AD 171 -21.37 161.25 -102.79
CA ALA AD 171 -20.10 161.48 -103.46
C ALA AD 171 -19.15 162.44 -102.77
N ILE AD 172 -19.67 163.53 -102.20
CA ILE AD 172 -18.84 164.54 -101.56
C ILE AD 172 -18.81 164.28 -100.06
N ASN AD 173 -19.97 164.34 -99.42
CA ASN AD 173 -20.06 164.11 -97.98
C ASN AD 173 -21.20 163.15 -97.69
N PRO AD 174 -20.91 161.97 -97.12
CA PRO AD 174 -21.99 160.99 -96.90
C PRO AD 174 -22.97 161.45 -95.84
N LEU AD 175 -24.22 161.71 -96.27
CA LEU AD 175 -25.29 162.15 -95.39
C LEU AD 175 -26.46 161.19 -95.51
N GLU AD 176 -27.21 161.07 -94.42
CA GLU AD 176 -28.45 160.30 -94.40
C GLU AD 176 -29.63 161.25 -94.32
N VAL AD 177 -30.61 161.04 -95.20
CA VAL AD 177 -31.74 161.93 -95.34
C VAL AD 177 -32.96 161.25 -94.74
N GLU AD 178 -33.58 161.89 -93.75
CA GLU AD 178 -34.76 161.36 -93.09
C GLU AD 178 -35.93 162.32 -93.26
N TYR AD 179 -37.06 161.76 -93.69
CA TYR AD 179 -38.29 162.52 -93.81
C TYR AD 179 -39.04 162.45 -92.48
N VAL AD 180 -39.31 163.61 -91.90
CA VAL AD 180 -39.86 163.66 -90.54
C VAL AD 180 -41.33 164.11 -90.54
N ARG AD 181 -41.71 164.99 -91.46
CA ARG AD 181 -43.04 165.57 -91.39
C ARG AD 181 -43.37 166.23 -92.72
N SER AD 182 -44.66 166.26 -93.04
CA SER AD 182 -45.14 166.96 -94.22
C SER AD 182 -46.25 167.91 -93.79
N GLU AD 183 -46.30 169.06 -94.44
CA GLU AD 183 -47.24 170.12 -94.13
C GLU AD 183 -47.71 170.75 -95.42
N MET AD 184 -48.78 171.52 -95.34
CA MET AD 184 -49.36 172.17 -96.51
C MET AD 184 -49.29 173.69 -96.51
N GLN AD 185 -49.25 174.30 -95.33
CA GLN AD 185 -49.12 175.74 -95.20
C GLN AD 185 -47.67 176.12 -94.99
N VAL AD 186 -47.39 177.42 -95.06
CA VAL AD 186 -46.02 177.90 -94.89
C VAL AD 186 -45.69 178.20 -93.43
N LYS AD 187 -46.68 178.57 -92.63
CA LYS AD 187 -46.43 178.99 -91.25
C LYS AD 187 -46.18 177.82 -90.31
N PHE AD 188 -46.35 176.58 -90.76
CA PHE AD 188 -46.10 175.42 -89.92
C PHE AD 188 -44.65 174.95 -89.88
N THR AD 189 -43.82 175.38 -90.83
CA THR AD 189 -42.45 174.85 -90.90
C THR AD 189 -41.48 175.60 -89.99
N ASN AD 190 -41.30 176.90 -90.26
CA ASN AD 190 -40.38 177.75 -89.49
C ASN AD 190 -39.09 177.02 -89.14
N ILE AD 191 -38.31 176.68 -90.18
CA ILE AD 191 -37.01 175.98 -90.02
C ILE AD 191 -35.92 177.03 -89.75
N THR AD 192 -36.25 178.33 -89.80
CA THR AD 192 -35.29 179.43 -89.57
C THR AD 192 -35.69 180.14 -88.28
N THR AD 193 -34.74 180.36 -87.37
CA THR AD 193 -34.99 181.00 -86.06
C THR AD 193 -35.69 182.32 -86.30
N SER AD 194 -35.27 183.07 -87.32
CA SER AD 194 -35.88 184.33 -87.68
C SER AD 194 -36.19 184.34 -89.17
N PRO AD 195 -37.23 185.08 -89.59
CA PRO AD 195 -37.56 185.15 -91.02
C PRO AD 195 -36.50 185.81 -91.86
N ASN AD 196 -35.58 186.56 -91.26
CA ASN AD 196 -34.51 187.22 -92.00
C ASN AD 196 -33.27 186.35 -92.14
N ASP AD 197 -33.31 185.11 -91.67
CA ASP AD 197 -32.18 184.20 -91.83
C ASP AD 197 -32.01 183.85 -93.31
N ILE AD 198 -30.79 183.49 -93.66
CA ILE AD 198 -30.42 183.26 -95.06
C ILE AD 198 -30.48 181.77 -95.35
N VAL AD 199 -31.11 181.41 -96.47
CA VAL AD 199 -31.24 180.01 -96.88
C VAL AD 199 -30.83 179.88 -98.33
N VAL AD 200 -30.47 178.66 -98.70
CA VAL AD 200 -30.02 178.32 -100.05
C VAL AD 200 -31.09 177.55 -100.80
N ASN AD 201 -31.63 178.17 -101.86
CA ASN AD 201 -32.77 177.54 -102.59
C ASN AD 201 -32.37 177.08 -104.00
N THR AD 202 -32.68 175.83 -104.34
CA THR AD 202 -32.46 175.27 -105.68
C THR AD 202 -33.79 174.89 -106.29
N PRO AD 203 -34.29 175.64 -107.28
CA PRO AD 203 -35.53 175.23 -107.98
C PRO AD 203 -35.21 174.36 -109.18
N PHE AD 204 -35.89 173.22 -109.28
CA PHE AD 204 -35.84 172.36 -110.44
C PHE AD 204 -37.18 172.43 -111.18
N HIS AD 205 -37.12 172.36 -112.50
CA HIS AD 205 -38.31 172.34 -113.34
C HIS AD 205 -38.42 170.98 -114.00
N VAL AD 206 -39.52 170.29 -113.76
CA VAL AD 206 -39.76 168.95 -114.29
C VAL AD 206 -40.86 169.05 -115.34
N GLU AD 207 -40.55 168.63 -116.56
CA GLU AD 207 -41.51 168.63 -117.65
C GLU AD 207 -41.82 167.21 -118.07
N ILE AD 208 -43.11 166.89 -118.17
CA ILE AD 208 -43.59 165.60 -118.66
C ILE AD 208 -44.53 165.89 -119.81
N GLY AD 209 -44.16 165.44 -121.01
CA GLY AD 209 -44.94 165.77 -122.20
C GLY AD 209 -45.05 167.28 -122.33
N ASN AD 210 -46.27 167.76 -122.52
CA ASN AD 210 -46.51 169.20 -122.55
C ASN AD 210 -46.65 169.78 -121.15
N LEU AD 211 -47.00 168.96 -120.17
CA LEU AD 211 -47.21 169.46 -118.82
C LEU AD 211 -45.89 169.80 -118.15
N THR AD 212 -45.93 170.79 -117.27
CA THR AD 212 -44.75 171.24 -116.55
C THR AD 212 -45.06 171.46 -115.09
N GLY AD 213 -44.03 171.39 -114.27
CA GLY AD 213 -44.14 171.68 -112.85
C GLY AD 213 -42.77 172.00 -112.30
N GLU AD 214 -42.71 172.37 -111.04
CA GLU AD 214 -41.45 172.72 -110.42
C GLU AD 214 -41.42 172.23 -108.97
N PHE AD 215 -40.21 172.08 -108.46
CA PHE AD 215 -40.05 171.72 -107.05
C PHE AD 215 -38.71 172.24 -106.57
N ASN AD 216 -38.67 172.70 -105.32
CA ASN AD 216 -37.49 173.34 -104.77
C ASN AD 216 -36.89 172.51 -103.64
N ILE AD 217 -35.60 172.71 -103.42
CA ILE AD 217 -34.92 172.15 -102.26
C ILE AD 217 -34.24 173.30 -101.52
N CYS AD 218 -34.67 173.55 -100.28
CA CYS AD 218 -34.18 174.68 -99.51
C CYS AD 218 -33.46 174.18 -98.26
N LEU AD 219 -32.24 174.65 -98.06
CA LEU AD 219 -31.43 174.31 -96.91
C LEU AD 219 -31.06 175.56 -96.14
N PRO AD 220 -31.32 175.62 -94.85
CA PRO AD 220 -30.87 176.78 -94.07
C PRO AD 220 -29.35 176.86 -94.08
N PHE AD 221 -28.84 178.08 -94.12
CA PHE AD 221 -27.39 178.27 -94.20
C PHE AD 221 -26.66 177.76 -92.96
N SER AD 222 -27.37 177.58 -91.85
CA SER AD 222 -26.72 177.06 -90.65
C SER AD 222 -26.20 175.64 -90.88
N MET AD 223 -26.98 174.83 -91.59
CA MET AD 223 -26.54 173.47 -91.89
C MET AD 223 -25.32 173.47 -92.81
N ILE AD 224 -25.32 174.36 -93.81
CA ILE AD 224 -24.24 174.38 -94.79
C ILE AD 224 -22.97 174.98 -94.21
N GLU AD 225 -23.10 175.88 -93.25
CA GLU AD 225 -21.95 176.64 -92.75
C GLU AD 225 -20.75 175.79 -92.33
N PRO AD 226 -20.91 174.69 -91.59
CA PRO AD 226 -19.72 173.87 -91.29
C PRO AD 226 -19.08 173.26 -92.52
N LEU AD 227 -19.79 173.18 -93.64
CA LEU AD 227 -19.27 172.61 -94.87
C LEU AD 227 -19.03 173.65 -95.97
N ARG AD 228 -18.81 174.90 -95.60
CA ARG AD 228 -18.69 175.96 -96.60
C ARG AD 228 -17.44 175.80 -97.45
N GLU AD 229 -16.30 175.49 -96.81
CA GLU AD 229 -15.06 175.34 -97.55
C GLU AD 229 -15.16 174.13 -98.46
N LEU AD 230 -15.97 173.14 -98.10
CA LEU AD 230 -16.17 171.99 -98.97
C LEU AD 230 -17.11 172.34 -100.13
N LEU AD 231 -18.15 173.14 -99.84
CA LEU AD 231 -19.20 173.44 -100.85
C LEU AD 231 -18.78 174.60 -101.76
N VAL AD 232 -17.73 175.34 -101.39
CA VAL AD 232 -17.30 176.53 -102.18
C VAL AD 232 -16.42 176.08 -103.36
N ASN AD 233 -15.30 175.39 -103.12
CA ASN AD 233 -14.41 175.07 -104.23
C ASN AD 233 -14.95 173.89 -105.03
N PRO AD 234 -14.78 173.89 -106.34
CA PRO AD 234 -15.22 172.76 -107.16
C PRO AD 234 -14.48 171.50 -106.76
N PRO AD 235 -15.15 170.35 -106.78
CA PRO AD 235 -14.51 169.11 -106.32
C PRO AD 235 -13.35 168.72 -107.23
N LEU AD 236 -12.35 168.08 -106.63
CA LEU AD 236 -11.19 167.61 -107.36
C LEU AD 236 -11.11 166.08 -107.27
N GLU AD 237 -10.57 165.47 -108.33
CA GLU AD 237 -10.46 164.02 -108.42
C GLU AD 237 -9.31 163.56 -107.52
N ASN AD 238 -9.63 163.38 -106.24
CA ASN AD 238 -8.66 162.96 -105.24
C ASN AD 238 -9.30 161.86 -104.41
N SER AD 239 -8.62 161.49 -103.32
CA SER AD 239 -9.12 160.46 -102.41
C SER AD 239 -9.06 160.99 -100.99
N ARG AD 240 -9.81 160.33 -100.11
CA ARG AD 240 -9.81 160.70 -98.70
C ARG AD 240 -8.42 160.52 -98.10
N HIS AD 241 -7.71 159.48 -98.52
CA HIS AD 241 -6.33 159.31 -98.08
C HIS AD 241 -5.46 160.48 -98.52
N GLU AD 242 -5.61 160.91 -99.77
CA GLU AD 242 -4.84 162.05 -100.26
C GLU AD 242 -5.20 163.33 -99.50
N ASP AD 243 -6.49 163.52 -99.21
CA ASP AD 243 -6.91 164.71 -98.49
C ASP AD 243 -6.34 164.74 -97.07
N GLN AD 244 -6.42 163.61 -96.36
CA GLN AD 244 -5.86 163.58 -95.01
C GLN AD 244 -4.34 163.71 -95.04
N ASN AD 245 -3.69 163.16 -96.06
CA ASN AD 245 -2.25 163.36 -96.19
C ASN AD 245 -1.92 164.83 -96.43
N TRP AD 246 -2.74 165.51 -97.24
CA TRP AD 246 -2.54 166.94 -97.47
C TRP AD 246 -2.50 167.87 -96.26
N ARG AD 247 -3.54 167.77 -95.41
CA ARG AD 247 -3.60 168.63 -94.20
C ARG AD 247 -2.54 168.13 -93.20
N ASP AD 248 -2.24 166.83 -93.22
CA ASP AD 248 -1.18 166.30 -92.31
C ASP AD 248 0.14 167.00 -92.63
N ASN AD 249 0.53 167.02 -93.90
CA ASN AD 249 1.80 167.68 -94.31
C ASN AD 249 1.69 169.18 -94.01
N LEU AD 250 0.54 169.79 -94.31
CA LEU AD 250 0.34 171.23 -94.03
C LEU AD 250 0.48 171.46 -92.51
N VAL AD 251 -0.15 170.61 -91.70
CA VAL AD 251 -0.04 170.73 -90.22
C VAL AD 251 1.45 170.69 -89.85
N ARG AD 252 2.19 169.73 -90.42
CA ARG AD 252 3.62 169.64 -90.12
C ARG AD 252 4.38 170.87 -90.61
N GLN AD 253 3.97 171.43 -91.76
CA GLN AD 253 4.61 172.64 -92.25
C GLN AD 253 4.29 173.83 -91.35
N VAL AD 254 3.10 173.87 -90.77
CA VAL AD 254 2.71 175.00 -89.93
C VAL AD 254 3.55 175.04 -88.65
N GLN AD 255 3.90 173.88 -88.12
CA GLN AD 255 4.61 173.81 -86.85
C GLN AD 255 5.89 174.64 -86.84
N HIS AD 256 6.54 174.75 -88.00
CA HIS AD 256 7.77 175.54 -88.09
C HIS AD 256 7.45 177.00 -88.44
N SER AD 257 6.63 177.63 -87.59
CA SER AD 257 6.26 179.07 -87.73
C SER AD 257 6.41 179.75 -86.36
N GLU AD 258 7.34 180.70 -86.24
CA GLU AD 258 7.59 181.41 -84.95
C GLU AD 258 6.37 182.25 -84.56
N LEU AD 259 6.06 182.32 -83.26
CA LEU AD 259 4.92 183.12 -82.74
C LEU AD 259 5.44 184.21 -81.82
N GLU AD 260 4.59 185.14 -81.39
CA GLU AD 260 4.95 186.14 -80.39
C GLU AD 260 4.11 185.91 -79.14
N LEU AD 261 4.76 185.51 -78.05
CA LEU AD 261 4.09 185.22 -76.80
C LEU AD 261 4.33 186.35 -75.81
N VAL AD 262 3.25 186.84 -75.20
CA VAL AD 262 3.30 187.99 -74.31
C VAL AD 262 2.78 187.58 -72.94
N ALA AD 263 3.55 187.85 -71.90
CA ALA AD 263 3.18 187.53 -70.54
C ALA AD 263 2.68 188.79 -69.84
N ASN AD 264 1.52 188.71 -69.21
CA ASN AD 264 0.93 189.83 -68.48
C ASN AD 264 1.13 189.60 -67.00
N PHE AD 265 1.95 190.45 -66.37
CA PHE AD 265 2.27 190.35 -64.91
C PHE AD 265 1.12 190.89 -64.08
N ALA AD 266 0.58 192.07 -64.43
CA ALA AD 266 -0.52 192.72 -63.68
C ALA AD 266 -1.39 193.59 -64.58
N ASP AD 267 -2.63 193.92 -64.17
CA ASP AD 267 -3.51 194.81 -64.92
C ASP AD 267 -4.19 195.73 -63.92
N ILE AD 268 -3.69 196.96 -63.80
CA ILE AD 268 -4.14 197.91 -62.80
C ILE AD 268 -5.07 198.91 -63.47
N PRO AD 269 -6.26 199.25 -62.88
CA PRO AD 269 -7.22 200.21 -63.50
C PRO AD 269 -7.01 201.63 -62.96
N LEU AD 270 -6.56 202.54 -63.82
CA LEU AD 270 -6.39 203.95 -63.43
C LEU AD 270 -7.25 204.87 -64.30
N ARG AD 271 -7.68 205.99 -63.75
CA ARG AD 271 -8.46 207.00 -64.52
C ARG AD 271 -7.50 207.78 -65.41
N LEU AD 272 -8.04 208.46 -66.43
CA LEU AD 272 -7.21 209.30 -67.31
C LEU AD 272 -6.52 210.39 -66.48
N SER AD 273 -7.23 210.91 -65.48
CA SER AD 273 -6.67 212.01 -64.66
C SER AD 273 -5.39 211.54 -63.98
N GLN AD 274 -5.39 210.32 -63.48
CA GLN AD 274 -4.15 209.80 -62.85
C GLN AD 274 -3.06 209.74 -63.92
N ILE AD 275 -3.39 209.31 -65.14
CA ILE AD 275 -2.33 209.14 -66.16
C ILE AD 275 -1.60 210.45 -66.50
N LEU AD 276 -2.33 211.56 -66.69
CA LEU AD 276 -1.65 212.85 -66.92
C LEU AD 276 -0.76 213.42 -65.81
N LYS AD 277 -1.22 213.29 -64.56
CA LYS AD 277 -0.39 213.68 -63.38
C LYS AD 277 0.72 212.61 -63.09
N LEU AD 278 0.52 211.45 -63.73
CA LEU AD 278 1.45 210.32 -63.50
C LEU AD 278 2.75 210.92 -64.01
N LYS AD 279 3.81 210.76 -63.23
CA LYS AD 279 5.16 211.26 -63.60
C LYS AD 279 6.16 210.29 -62.96
N PRO AD 280 7.43 210.20 -63.41
CA PRO AD 280 8.39 209.18 -62.86
C PRO AD 280 8.52 209.26 -61.35
N GLY AD 281 8.72 208.12 -60.67
CA GLY AD 281 8.88 208.04 -59.24
C GLY AD 281 7.64 207.63 -58.48
N ASP AD 282 6.47 207.66 -59.12
CA ASP AD 282 5.25 207.27 -58.45
C ASP AD 282 5.18 205.76 -58.25
N VAL AD 283 4.34 205.34 -57.31
CA VAL AD 283 4.10 203.93 -57.03
C VAL AD 283 2.63 203.65 -57.21
N LEU AD 284 2.31 202.70 -58.08
CA LEU AD 284 0.93 202.30 -58.34
C LEU AD 284 0.71 200.91 -57.77
N PRO AD 285 -0.15 200.75 -56.76
CA PRO AD 285 -0.24 199.47 -56.07
C PRO AD 285 -0.88 198.41 -56.95
N ILE AD 286 -0.35 197.19 -56.85
CA ILE AD 286 -0.85 196.04 -57.60
C ILE AD 286 -1.09 194.90 -56.61
N GLU AD 287 -1.90 193.94 -57.03
CA GLU AD 287 -2.28 192.81 -56.22
C GLU AD 287 -1.35 191.63 -56.51
N LYS AD 288 -1.51 190.57 -55.72
CA LYS AD 288 -0.72 189.37 -55.91
C LYS AD 288 -1.11 188.67 -57.21
N PRO AD 289 -0.19 188.49 -58.15
CA PRO AD 289 -0.46 187.58 -59.26
C PRO AD 289 -0.15 186.14 -58.87
N ASP AD 290 -1.20 185.34 -58.65
CA ASP AD 290 -0.98 183.89 -58.33
C ASP AD 290 -0.46 183.21 -59.59
N ARG AD 291 -1.03 183.53 -60.75
CA ARG AD 291 -0.60 182.95 -62.01
C ARG AD 291 -0.49 184.04 -63.07
N ILE AD 292 0.38 183.80 -64.04
CA ILE AD 292 0.67 184.75 -65.11
C ILE AD 292 0.13 184.29 -66.45
N ILE AD 293 -0.79 185.06 -67.02
CA ILE AD 293 -1.38 184.72 -68.31
C ILE AD 293 -0.45 185.07 -69.48
N ALA AD 294 -0.25 184.12 -70.37
CA ALA AD 294 0.57 184.30 -71.56
C ALA AD 294 -0.35 184.16 -72.77
N HIS AD 295 -0.39 185.20 -73.59
CA HIS AD 295 -1.31 185.31 -74.71
C HIS AD 295 -0.55 185.64 -75.98
N VAL AD 296 -1.06 185.18 -77.11
CA VAL AD 296 -0.52 185.48 -78.43
C VAL AD 296 -1.53 186.36 -79.14
N ASP AD 297 -1.17 187.62 -79.37
CA ASP AD 297 -2.04 188.57 -80.07
C ASP AD 297 -3.40 188.68 -79.40
N GLY AD 298 -3.42 188.61 -78.07
CA GLY AD 298 -4.65 188.74 -77.32
C GLY AD 298 -5.18 187.44 -76.77
N VAL AD 299 -5.09 186.36 -77.55
CA VAL AD 299 -5.66 185.08 -77.15
C VAL AD 299 -4.77 184.42 -76.10
N PRO AD 300 -5.27 184.15 -74.91
CA PRO AD 300 -4.42 183.55 -73.86
C PRO AD 300 -4.13 182.09 -74.17
N VAL AD 301 -2.89 181.70 -73.96
CA VAL AD 301 -2.44 180.36 -74.31
C VAL AD 301 -1.92 179.61 -73.08
N LEU AD 302 -1.36 180.34 -72.13
CA LEU AD 302 -0.65 179.71 -71.02
C LEU AD 302 -1.03 180.49 -69.77
N THR AD 303 -0.96 179.82 -68.63
CA THR AD 303 -0.88 180.47 -67.32
C THR AD 303 0.29 179.78 -66.63
N SER AD 304 1.22 180.58 -66.10
CA SER AD 304 2.49 180.05 -65.62
C SER AD 304 2.95 181.04 -64.56
N GLN AD 305 3.76 180.55 -63.63
CA GLN AD 305 4.18 181.30 -62.45
C GLN AD 305 5.45 182.03 -62.89
N TYR AD 306 5.59 183.26 -62.45
CA TYR AD 306 6.75 184.05 -62.83
C TYR AD 306 8.00 183.59 -62.08
N GLY AD 307 9.15 183.95 -62.64
CA GLY AD 307 10.41 183.59 -62.02
C GLY AD 307 11.56 184.21 -62.78
N THR AD 308 12.76 183.99 -62.26
CA THR AD 308 14.00 184.47 -62.87
C THR AD 308 14.94 183.31 -63.04
N VAL AD 309 15.42 183.08 -64.26
CA VAL AD 309 16.35 182.01 -64.56
C VAL AD 309 17.41 182.54 -65.52
N ASN AD 310 18.68 182.29 -65.19
CA ASN AD 310 19.81 182.68 -66.03
C ASN AD 310 19.81 184.18 -66.31
N GLY AD 311 19.41 184.97 -65.32
CA GLY AD 311 19.31 186.40 -65.51
C GLY AD 311 18.18 186.83 -66.42
N GLN AD 312 17.29 185.92 -66.79
CA GLN AD 312 16.17 186.21 -67.68
C GLN AD 312 14.86 186.06 -66.92
N TYR AD 313 13.89 186.88 -67.27
CA TYR AD 313 12.54 186.73 -66.74
C TYR AD 313 11.96 185.42 -67.25
N ALA AD 314 11.68 184.49 -66.35
CA ALA AD 314 11.25 183.16 -66.71
C ALA AD 314 9.82 182.90 -66.24
N LEU AD 315 9.18 181.92 -66.86
CA LEU AD 315 7.85 181.49 -66.47
C LEU AD 315 7.84 179.97 -66.34
N ARG AD 316 7.36 179.48 -65.20
CA ARG AD 316 7.21 178.05 -64.97
C ARG AD 316 5.80 177.66 -65.42
N VAL AD 317 5.72 176.99 -66.57
CA VAL AD 317 4.43 176.70 -67.18
C VAL AD 317 3.63 175.79 -66.27
N GLU AD 318 2.43 176.21 -65.93
CA GLU AD 318 1.54 175.39 -65.11
C GLU AD 318 0.41 174.73 -65.88
N HIS AD 319 -0.17 175.40 -66.90
CA HIS AD 319 -1.35 174.82 -67.56
C HIS AD 319 -1.60 175.42 -68.95
N LEU AD 320 -1.64 174.58 -69.98
CA LEU AD 320 -2.03 175.02 -71.32
C LEU AD 320 -3.54 175.19 -71.36
N ILE AD 321 -3.99 176.35 -71.82
CA ILE AD 321 -5.41 176.68 -71.76
C ILE AD 321 -6.15 175.97 -72.88
N ASN AD 322 -6.64 174.77 -72.61
CA ASN AD 322 -7.45 174.05 -73.57
C ASN AD 322 -8.88 174.58 -73.56
N PRO AD 323 -9.59 174.50 -74.69
CA PRO AD 323 -10.99 174.95 -74.75
C PRO AD 323 -11.97 173.85 -74.37
N GLN BD 52 -12.79 221.11 -79.04
CA GLN BD 52 -11.60 220.76 -78.27
C GLN BD 52 -11.88 220.90 -76.77
N ASP BD 53 -12.58 219.92 -76.22
CA ASP BD 53 -12.95 219.91 -74.81
C ASP BD 53 -11.89 219.20 -73.98
N ILE BD 54 -11.88 219.48 -72.69
CA ILE BD 54 -10.86 218.91 -71.82
C ILE BD 54 -11.50 218.18 -70.65
N ASP BD 55 -12.47 218.83 -69.98
CA ASP BD 55 -13.20 218.18 -68.85
C ASP BD 55 -14.05 217.04 -69.39
N LEU BD 56 -14.35 217.03 -70.69
CA LEU BD 56 -15.24 216.00 -71.29
C LEU BD 56 -14.63 214.61 -71.13
N ILE BD 57 -13.32 214.46 -71.34
CA ILE BD 57 -12.62 213.14 -71.28
C ILE BD 57 -11.66 213.15 -70.08
N MET BD 58 -11.80 214.11 -69.17
CA MET BD 58 -10.88 214.22 -68.03
C MET BD 58 -11.07 213.06 -67.06
N ASP BD 59 -12.19 212.33 -67.17
CA ASP BD 59 -12.57 211.32 -66.20
C ASP BD 59 -12.66 209.91 -66.79
N ILE BD 60 -12.43 209.74 -68.07
CA ILE BD 60 -12.58 208.44 -68.73
C ILE BD 60 -11.58 207.45 -68.14
N PRO BD 61 -11.98 206.23 -67.81
CA PRO BD 61 -11.02 205.27 -67.26
C PRO BD 61 -10.24 204.55 -68.36
N VAL BD 62 -9.02 204.15 -68.01
CA VAL BD 62 -8.15 203.42 -68.92
C VAL BD 62 -7.65 202.28 -68.04
N LYS BD 63 -7.24 201.19 -68.71
CA LYS BD 63 -6.69 200.00 -68.05
C LYS BD 63 -5.21 199.91 -68.41
N LEU BD 64 -4.32 199.73 -67.44
CA LEU BD 64 -2.88 199.70 -67.68
C LEU BD 64 -2.39 198.28 -67.44
N THR BD 65 -1.56 197.79 -68.34
CA THR BD 65 -1.00 196.45 -68.24
C THR BD 65 0.51 196.55 -68.17
N VAL BD 66 1.12 195.59 -67.49
CA VAL BD 66 2.57 195.48 -67.39
C VAL BD 66 3.01 194.09 -67.79
N GLU BD 67 4.14 193.99 -68.49
CA GLU BD 67 4.60 192.72 -69.03
C GLU BD 67 5.76 192.14 -68.27
N LEU BD 68 5.94 190.82 -68.33
CA LEU BD 68 7.19 190.23 -67.86
C LEU BD 68 8.23 190.45 -68.95
N GLY BD 69 7.90 190.08 -70.18
CA GLY BD 69 8.83 190.28 -71.28
C GLY BD 69 8.29 189.69 -72.57
N ARG BD 70 8.96 190.05 -73.66
CA ARG BD 70 8.69 189.49 -74.97
C ARG BD 70 9.39 188.14 -75.06
N THR BD 71 8.95 187.33 -76.03
CA THR BD 71 9.67 186.15 -76.44
C THR BD 71 8.94 185.72 -77.69
N ARG BD 72 9.64 185.04 -78.59
CA ARG BD 72 9.09 184.59 -79.86
C ARG BD 72 9.50 183.13 -79.97
N MET BD 73 8.51 182.24 -80.08
CA MET BD 73 8.74 180.81 -79.93
C MET BD 73 7.69 180.18 -80.82
N THR BD 74 8.06 179.13 -81.56
CA THR BD 74 7.20 178.56 -82.62
C THR BD 74 6.15 177.63 -82.09
N ILE BD 75 5.32 177.10 -82.98
CA ILE BD 75 4.23 176.17 -82.59
C ILE BD 75 4.86 174.91 -81.99
N LYS BD 76 5.98 174.43 -82.52
CA LYS BD 76 6.63 173.18 -82.03
C LYS BD 76 6.81 173.20 -80.51
N GLU BD 77 7.64 174.10 -79.96
CA GLU BD 77 7.91 174.22 -78.53
C GLU BD 77 6.67 174.52 -77.70
N LEU BD 78 5.75 175.33 -78.24
CA LEU BD 78 4.49 175.57 -77.55
C LEU BD 78 3.64 174.33 -77.32
N LEU BD 79 3.60 173.44 -78.31
CA LEU BD 79 2.86 172.19 -78.14
C LEU BD 79 3.49 171.16 -77.22
N ARG BD 80 4.81 171.15 -77.10
CA ARG BD 80 5.48 170.21 -76.20
C ARG BD 80 5.83 170.82 -74.80
N LEU BD 81 5.26 171.99 -74.54
CA LEU BD 81 5.42 172.62 -73.24
C LEU BD 81 4.55 171.74 -72.35
N THR BD 82 5.09 171.37 -71.18
CA THR BD 82 4.38 170.49 -70.27
C THR BD 82 4.31 171.24 -68.95
N GLN BD 83 3.66 170.64 -67.95
CA GLN BD 83 3.61 171.27 -66.62
C GLN BD 83 5.00 171.29 -66.02
N GLY BD 84 5.38 172.41 -65.40
CA GLY BD 84 6.68 172.53 -64.79
C GLY BD 84 7.76 172.97 -65.75
N SER BD 85 7.48 173.02 -67.05
CA SER BD 85 8.46 173.50 -68.00
C SER BD 85 8.70 174.99 -67.83
N VAL BD 86 9.93 175.41 -68.06
CA VAL BD 86 10.34 176.80 -67.84
C VAL BD 86 10.71 177.41 -69.19
N VAL BD 87 10.17 178.60 -69.46
CA VAL BD 87 10.46 179.35 -70.67
C VAL BD 87 10.97 180.73 -70.28
N ALA BD 88 12.01 181.22 -70.95
CA ALA BD 88 12.61 182.54 -70.64
C ALA BD 88 11.81 183.67 -71.29
N LEU BD 89 12.38 184.88 -71.32
CA LEU BD 89 11.76 186.09 -71.91
C LEU BD 89 12.93 186.87 -72.51
N ASP BD 90 12.69 187.94 -73.28
CA ASP BD 90 13.76 188.70 -73.97
C ASP BD 90 14.43 189.71 -73.04
N GLY BD 91 13.94 189.91 -71.80
CA GLY BD 91 14.50 190.86 -70.87
C GLY BD 91 15.33 190.33 -69.72
N LEU BD 92 16.46 190.98 -69.49
CA LEU BD 92 17.29 190.65 -68.34
C LEU BD 92 16.53 190.96 -67.06
N ALA BD 93 16.75 190.12 -66.03
CA ALA BD 93 16.08 190.32 -64.75
C ALA BD 93 16.62 191.59 -64.11
N GLY BD 94 15.86 192.67 -64.18
CA GLY BD 94 16.29 193.94 -63.63
C GLY BD 94 15.90 195.15 -64.45
N GLU BD 95 15.68 194.96 -65.76
CA GLU BD 95 15.24 196.10 -66.56
C GLU BD 95 13.82 196.49 -66.17
N PRO BD 96 13.46 197.76 -66.34
CA PRO BD 96 12.09 198.18 -66.04
C PRO BD 96 11.11 197.59 -67.05
N LEU BD 97 9.99 197.09 -66.54
CA LEU BD 97 8.96 196.52 -67.39
C LEU BD 97 8.23 197.63 -68.15
N ASP BD 98 7.60 197.25 -69.27
CA ASP BD 98 6.92 198.26 -70.11
C ASP BD 98 5.43 198.35 -69.73
N ILE BD 99 4.96 199.54 -69.40
CA ILE BD 99 3.53 199.75 -69.05
C ILE BD 99 2.80 200.15 -70.34
N LEU BD 100 1.63 199.56 -70.62
CA LEU BD 100 0.92 199.83 -71.90
C LEU BD 100 -0.57 200.09 -71.65
N ILE BD 101 -1.21 200.88 -72.52
CA ILE BD 101 -2.68 201.11 -72.43
C ILE BD 101 -3.29 200.83 -73.80
N ASN BD 102 -4.33 199.98 -73.87
CA ASN BD 102 -5.00 199.67 -75.17
C ASN BD 102 -3.91 199.22 -76.14
N GLY BD 103 -2.90 198.48 -75.65
CA GLY BD 103 -1.83 197.93 -76.51
C GLY BD 103 -0.87 199.01 -76.98
N TYR BD 104 -0.86 200.18 -76.35
CA TYR BD 104 0.01 201.33 -76.76
C TYR BD 104 0.98 201.66 -75.64
N LEU BD 105 2.27 201.79 -75.93
CA LEU BD 105 3.28 202.01 -74.86
C LEU BD 105 2.93 203.32 -74.17
N ILE BD 106 3.04 203.35 -72.84
CA ILE BD 106 2.71 204.57 -72.05
C ILE BD 106 3.80 204.86 -71.01
N ALA BD 107 4.51 203.85 -70.47
CA ALA BD 107 5.45 204.12 -69.37
C ALA BD 107 6.40 202.94 -69.22
N GLN BD 108 7.29 203.05 -68.24
CA GLN BD 108 8.17 201.96 -67.83
C GLN BD 108 8.37 202.00 -66.33
N GLY BD 109 8.32 200.82 -65.70
CA GLY BD 109 8.52 200.71 -64.27
C GLY BD 109 8.66 199.25 -63.86
N GLU BD 110 9.22 199.06 -62.66
CA GLU BD 110 9.45 197.73 -62.11
C GLU BD 110 8.66 197.55 -60.83
N VAL BD 111 8.51 196.29 -60.43
CA VAL BD 111 7.80 195.93 -59.22
C VAL BD 111 8.69 196.16 -58.01
N VAL BD 112 8.11 196.68 -56.92
CA VAL BD 112 8.83 196.95 -55.68
C VAL BD 112 8.06 196.40 -54.50
N VAL BD 113 8.80 195.87 -53.52
CA VAL BD 113 8.22 195.33 -52.29
C VAL BD 113 8.42 196.30 -51.14
N VAL BD 114 7.33 196.83 -50.57
CA VAL BD 114 7.48 197.83 -49.53
C VAL BD 114 7.39 197.16 -48.17
N ALA BD 115 6.21 196.61 -47.89
CA ALA BD 115 6.01 195.82 -46.66
C ALA BD 115 5.58 194.37 -46.93
N ASP BD 116 4.31 194.19 -47.28
CA ASP BD 116 3.81 192.86 -47.70
C ASP BD 116 2.89 193.23 -48.86
N LYS BD 117 3.21 194.30 -49.59
CA LYS BD 117 2.34 194.82 -50.67
C LYS BD 117 3.17 195.09 -51.93
N TYR BD 118 2.55 195.06 -53.11
CA TYR BD 118 3.32 195.22 -54.37
C TYR BD 118 2.85 196.43 -55.18
N GLY BD 119 3.76 197.01 -55.96
CA GLY BD 119 3.42 198.11 -56.84
C GLY BD 119 4.52 198.37 -57.85
N VAL BD 120 4.18 199.16 -58.86
CA VAL BD 120 5.10 199.46 -59.96
C VAL BD 120 5.69 200.83 -59.66
N ARG BD 121 7.01 200.93 -59.75
CA ARG BD 121 7.73 202.17 -59.52
C ARG BD 121 8.14 202.66 -60.91
N ILE BD 122 7.40 203.62 -61.44
CA ILE BD 122 7.63 204.09 -62.80
C ILE BD 122 8.96 204.81 -62.89
N THR BD 123 9.74 204.47 -63.91
CA THR BD 123 11.07 205.05 -64.09
C THR BD 123 11.05 206.32 -64.92
N ASP BD 124 10.28 206.33 -66.02
CA ASP BD 124 10.27 207.48 -66.91
C ASP BD 124 9.02 207.42 -67.78
N ILE BD 125 8.83 208.48 -68.55
CA ILE BD 125 7.74 208.59 -69.52
C ILE BD 125 8.38 208.70 -70.90
N ILE BD 126 7.96 207.83 -71.81
CA ILE BD 126 8.58 207.75 -73.13
C ILE BD 126 8.05 208.87 -74.02
N THR BD 127 8.95 209.75 -74.44
CA THR BD 127 8.63 210.73 -75.46
C THR BD 127 8.50 210.05 -76.82
N PRO BD 128 7.82 210.71 -77.77
CA PRO BD 128 7.66 210.06 -79.10
C PRO BD 128 8.97 209.68 -79.75
N SER BD 129 10.02 210.50 -79.59
CA SER BD 129 11.31 210.20 -80.20
C SER BD 129 11.76 208.80 -79.77
N GLU BD 130 11.73 208.53 -78.47
CA GLU BD 130 12.01 207.18 -78.01
C GLU BD 130 11.06 206.16 -78.61
N ARG BD 131 9.77 206.46 -78.62
CA ARG BD 131 8.80 205.53 -79.26
C ARG BD 131 9.22 205.23 -80.71
N MET BD 132 9.69 206.25 -81.43
CA MET BD 132 10.06 206.05 -82.86
C MET BD 132 11.21 205.04 -82.96
N ARG BD 133 12.19 205.14 -82.08
CA ARG BD 133 13.36 204.20 -82.11
C ARG BD 133 12.89 202.83 -81.59
N ARG BD 134 11.80 202.81 -80.83
CA ARG BD 134 11.25 201.55 -80.27
C ARG BD 134 10.77 200.76 -81.51
N LEU BD 135 9.90 201.40 -82.30
CA LEU BD 135 9.48 200.79 -83.59
C LEU BD 135 10.62 200.51 -84.59
N SER BD 136 11.60 201.42 -84.66
CA SER BD 136 12.71 201.27 -85.61
C SER BD 136 13.64 200.12 -85.20
N ARG BD 137 13.77 199.85 -83.90
CA ARG BD 137 14.72 198.83 -83.50
C ARG BD 137 14.19 198.00 -82.34
N ASP CD 53 2.34 217.89 -71.78
CA ASP CD 53 1.76 216.71 -71.16
C ASP CD 53 0.44 216.30 -71.81
N ILE CD 54 -0.23 217.27 -72.43
CA ILE CD 54 -1.47 216.98 -73.15
C ILE CD 54 -1.10 216.10 -74.33
N ASP CD 55 0.06 216.34 -74.93
CA ASP CD 55 0.49 215.55 -76.08
C ASP CD 55 0.56 214.06 -75.78
N LEU CD 56 0.95 213.69 -74.56
CA LEU CD 56 0.99 212.29 -74.18
C LEU CD 56 -0.35 211.56 -74.23
N ILE CD 57 -1.40 212.25 -73.76
CA ILE CD 57 -2.76 211.64 -73.69
C ILE CD 57 -3.62 212.19 -74.83
N MET CD 58 -3.01 212.65 -75.92
CA MET CD 58 -3.78 213.23 -77.01
C MET CD 58 -3.70 212.16 -78.10
N ASP CD 59 -2.83 211.15 -77.91
CA ASP CD 59 -2.63 210.13 -78.98
C ASP CD 59 -3.13 208.74 -78.57
N ILE CD 60 -3.26 208.45 -77.27
CA ILE CD 60 -3.64 207.12 -76.80
C ILE CD 60 -4.93 206.52 -77.35
N PRO CD 61 -4.93 205.23 -77.77
CA PRO CD 61 -6.17 204.55 -78.22
C PRO CD 61 -7.12 204.32 -77.06
N VAL CD 62 -8.41 204.17 -77.32
CA VAL CD 62 -9.42 203.94 -76.31
C VAL CD 62 -10.51 203.18 -77.05
N LYS CD 63 -11.35 202.47 -76.30
CA LYS CD 63 -12.38 201.63 -76.89
C LYS CD 63 -13.70 202.37 -76.75
N LEU CD 64 -14.43 202.50 -77.85
CA LEU CD 64 -15.69 203.22 -77.88
C LEU CD 64 -16.80 202.22 -78.18
N THR CD 65 -17.93 202.36 -77.50
CA THR CD 65 -19.09 201.51 -77.73
C THR CD 65 -20.33 202.40 -77.75
N VAL CD 66 -21.40 201.89 -78.36
CA VAL CD 66 -22.71 202.54 -78.31
C VAL CD 66 -23.74 201.46 -78.03
N GLU CD 67 -24.56 201.67 -77.00
CA GLU CD 67 -25.51 200.65 -76.59
C GLU CD 67 -26.91 201.03 -77.06
N LEU CD 68 -27.62 200.07 -77.67
CA LEU CD 68 -28.96 200.34 -78.27
C LEU CD 68 -30.09 200.08 -77.28
N GLY CD 69 -29.89 199.20 -76.29
CA GLY CD 69 -30.99 198.80 -75.38
C GLY CD 69 -30.52 198.65 -73.94
N ARG CD 70 -31.48 198.65 -73.01
CA ARG CD 70 -31.19 198.47 -71.57
C ARG CD 70 -32.45 197.88 -70.90
N THR CD 71 -32.33 196.71 -70.27
CA THR CD 71 -33.47 196.03 -69.63
C THR CD 71 -32.99 195.44 -68.34
N ARG CD 72 -33.82 195.39 -67.30
CA ARG CD 72 -33.55 194.71 -66.03
C ARG CD 72 -34.36 193.43 -65.94
N MET CD 73 -33.67 192.33 -65.63
CA MET CD 73 -34.36 191.02 -65.62
C MET CD 73 -33.89 190.13 -64.48
N THR CD 74 -34.72 189.17 -64.07
CA THR CD 74 -34.42 188.18 -63.05
C THR CD 74 -33.93 186.97 -63.84
N ILE CD 75 -33.60 185.88 -63.13
CA ILE CD 75 -33.00 184.72 -63.85
C ILE CD 75 -34.12 183.80 -64.34
N LYS CD 76 -35.24 183.78 -63.62
CA LYS CD 76 -36.39 183.03 -64.12
C LYS CD 76 -36.53 183.55 -65.54
N GLU CD 77 -36.57 184.88 -65.70
CA GLU CD 77 -36.78 185.48 -67.02
C GLU CD 77 -35.64 185.13 -68.00
N LEU CD 78 -34.39 185.25 -67.56
CA LEU CD 78 -33.25 185.01 -68.49
C LEU CD 78 -33.24 183.56 -68.97
N LEU CD 79 -33.44 182.62 -68.06
CA LEU CD 79 -33.46 181.18 -68.40
C LEU CD 79 -34.64 180.90 -69.32
N ARG CD 80 -35.77 181.55 -69.07
CA ARG CD 80 -37.00 181.30 -69.86
C ARG CD 80 -36.72 181.66 -71.33
N LEU CD 81 -35.98 182.74 -71.58
CA LEU CD 81 -35.58 183.08 -72.99
C LEU CD 81 -35.11 181.78 -73.66
N THR CD 82 -35.56 181.49 -74.90
CA THR CD 82 -35.04 180.33 -75.66
C THR CD 82 -34.50 180.84 -76.98
N GLN CD 83 -34.40 179.96 -77.98
CA GLN CD 83 -33.98 180.44 -79.29
C GLN CD 83 -35.14 181.11 -80.00
N GLY CD 84 -34.89 182.30 -80.54
CA GLY CD 84 -35.93 183.06 -81.20
C GLY CD 84 -36.78 183.91 -80.28
N SER CD 85 -36.56 183.86 -78.97
CA SER CD 85 -37.34 184.68 -78.05
C SER CD 85 -37.01 186.14 -78.23
N VAL CD 86 -38.04 186.99 -78.19
CA VAL CD 86 -37.89 188.43 -78.35
C VAL CD 86 -37.88 189.07 -76.97
N VAL CD 87 -36.85 189.86 -76.71
CA VAL CD 87 -36.70 190.55 -75.43
C VAL CD 87 -36.98 192.02 -75.66
N ALA CD 88 -37.99 192.55 -74.97
CA ALA CD 88 -38.31 193.96 -75.08
C ALA CD 88 -37.30 194.85 -74.38
N LEU CD 89 -37.10 196.04 -74.93
CA LEU CD 89 -36.20 197.03 -74.37
C LEU CD 89 -36.81 198.26 -73.73
N ASP CD 90 -36.37 198.58 -72.52
CA ASP CD 90 -36.91 199.74 -71.82
C ASP CD 90 -36.86 201.03 -72.69
N GLY CD 91 -35.75 201.17 -73.41
CA GLY CD 91 -35.64 202.22 -74.40
C GLY CD 91 -36.63 202.35 -75.53
N LEU CD 92 -37.31 203.49 -75.61
CA LEU CD 92 -38.25 203.72 -76.68
C LEU CD 92 -37.53 203.92 -78.01
N ALA CD 93 -38.24 203.73 -79.11
CA ALA CD 93 -37.64 203.94 -80.42
C ALA CD 93 -37.37 205.42 -80.65
N GLY CD 94 -36.19 205.71 -81.20
CA GLY CD 94 -35.80 207.06 -81.51
C GLY CD 94 -35.11 207.83 -80.41
N GLU CD 95 -35.09 207.30 -79.19
CA GLU CD 95 -34.41 207.99 -78.10
C GLU CD 95 -32.90 207.95 -78.32
N PRO CD 96 -32.09 208.92 -77.86
CA PRO CD 96 -30.63 208.91 -78.15
C PRO CD 96 -29.94 207.71 -77.50
N LEU CD 97 -29.20 206.91 -78.28
CA LEU CD 97 -28.45 205.73 -77.77
C LEU CD 97 -27.33 206.21 -76.83
N ASP CD 98 -27.06 205.52 -75.74
CA ASP CD 98 -25.89 205.93 -74.90
C ASP CD 98 -24.60 205.64 -75.66
N ILE CD 99 -23.58 206.48 -75.57
CA ILE CD 99 -22.25 206.24 -76.11
C ILE CD 99 -21.28 206.17 -74.95
N LEU CD 100 -20.55 205.06 -74.84
CA LEU CD 100 -19.70 204.78 -73.71
C LEU CD 100 -18.25 204.69 -74.16
N ILE CD 101 -17.34 205.11 -73.28
CA ILE CD 101 -15.91 205.01 -73.51
C ILE CD 101 -15.34 204.16 -72.38
N ASN CD 102 -14.89 202.95 -72.71
CA ASN CD 102 -14.42 202.00 -71.71
C ASN CD 102 -15.49 201.76 -70.64
N GLY CD 103 -16.74 201.74 -71.07
CA GLY CD 103 -17.85 201.57 -70.16
C GLY CD 103 -18.30 202.83 -69.43
N TYR CD 104 -17.79 203.99 -69.81
CA TYR CD 104 -18.13 205.25 -69.16
C TYR CD 104 -18.96 206.10 -70.11
N LEU CD 105 -20.16 206.47 -69.68
CA LEU CD 105 -21.06 207.25 -70.52
C LEU CD 105 -20.58 208.69 -70.63
N ILE CD 106 -20.49 209.20 -71.86
CA ILE CD 106 -20.08 210.58 -72.07
C ILE CD 106 -21.06 211.34 -72.95
N ALA CD 107 -21.85 210.62 -73.75
CA ALA CD 107 -22.65 211.30 -74.77
C ALA CD 107 -23.86 210.48 -75.14
N GLN CD 108 -24.81 211.14 -75.79
CA GLN CD 108 -26.02 210.52 -76.30
C GLN CD 108 -26.19 210.89 -77.76
N GLY CD 109 -26.62 209.92 -78.57
CA GLY CD 109 -26.85 210.16 -79.98
C GLY CD 109 -27.65 209.13 -80.74
N GLU CD 110 -28.27 209.58 -81.82
CA GLU CD 110 -29.09 208.69 -82.64
C GLU CD 110 -28.37 207.73 -83.55
N VAL CD 111 -29.07 206.70 -84.01
CA VAL CD 111 -28.47 205.60 -84.75
C VAL CD 111 -28.64 206.03 -86.20
N VAL CD 112 -27.59 205.84 -86.99
CA VAL CD 112 -27.61 206.12 -88.42
C VAL CD 112 -26.59 205.20 -89.08
N VAL CD 113 -26.90 204.75 -90.30
CA VAL CD 113 -26.04 203.83 -91.03
C VAL CD 113 -25.44 204.57 -92.22
N VAL CD 114 -24.11 204.47 -92.35
CA VAL CD 114 -23.38 205.19 -93.43
C VAL CD 114 -22.55 204.18 -94.25
N ALA CD 115 -22.74 204.12 -95.56
CA ALA CD 115 -21.92 203.24 -96.43
C ALA CD 115 -22.04 201.79 -96.00
N ASP CD 116 -23.24 201.36 -95.57
CA ASP CD 116 -23.51 199.94 -95.18
C ASP CD 116 -22.74 199.55 -93.92
N LYS CD 117 -22.31 200.52 -93.11
CA LYS CD 117 -21.61 200.23 -91.83
C LYS CD 117 -22.35 200.97 -90.73
N TYR CD 118 -22.57 200.32 -89.58
CA TYR CD 118 -23.26 200.98 -88.45
C TYR CD 118 -22.58 202.28 -88.03
N GLY CD 119 -23.36 203.24 -87.52
CA GLY CD 119 -22.81 204.49 -87.06
C GLY CD 119 -23.75 205.16 -86.08
N VAL CD 120 -23.32 206.31 -85.58
CA VAL CD 120 -24.10 207.06 -84.61
C VAL CD 120 -23.73 208.54 -84.74
N ARG CD 121 -24.74 209.39 -84.71
CA ARG CD 121 -24.55 210.84 -84.73
C ARG CD 121 -24.61 211.40 -83.32
N ILE CD 122 -23.56 212.09 -82.90
CA ILE CD 122 -23.49 212.61 -81.54
C ILE CD 122 -24.48 213.77 -81.39
N THR CD 123 -25.64 213.47 -80.82
CA THR CD 123 -26.64 214.52 -80.58
C THR CD 123 -26.15 215.49 -79.52
N ASP CD 124 -25.66 214.97 -78.39
CA ASP CD 124 -25.19 215.85 -77.33
C ASP CD 124 -24.22 215.10 -76.43
N ILE CD 125 -23.47 215.88 -75.66
CA ILE CD 125 -22.61 215.33 -74.62
C ILE CD 125 -23.26 215.63 -73.27
N ILE CD 126 -23.47 214.58 -72.47
CA ILE CD 126 -24.16 214.75 -71.20
C ILE CD 126 -23.23 215.38 -70.18
N THR CD 127 -23.70 216.48 -69.58
CA THR CD 127 -23.09 217.13 -68.45
C THR CD 127 -23.41 216.33 -67.18
N PRO CD 128 -22.51 216.31 -66.19
CA PRO CD 128 -22.71 215.40 -65.03
C PRO CD 128 -23.98 215.70 -64.26
N SER CD 129 -24.78 216.68 -64.67
CA SER CD 129 -26.05 216.93 -64.00
C SER CD 129 -26.96 215.72 -64.23
N GLU CD 130 -26.89 215.13 -65.43
CA GLU CD 130 -27.80 213.98 -65.77
C GLU CD 130 -27.31 212.67 -65.15
N ARG CD 131 -26.06 212.62 -64.68
CA ARG CD 131 -25.47 211.41 -64.14
C ARG CD 131 -26.18 211.02 -62.84
N MET CD 132 -26.50 212.02 -62.01
CA MET CD 132 -27.31 211.72 -60.80
C MET CD 132 -28.58 210.99 -61.25
N ARG CD 133 -29.26 211.53 -62.27
CA ARG CD 133 -30.51 210.91 -62.79
C ARG CD 133 -30.29 209.57 -63.49
N ARG CD 134 -29.06 209.31 -63.95
CA ARG CD 134 -28.74 208.01 -64.61
C ARG CD 134 -28.83 206.90 -63.56
N LEU CD 135 -28.92 207.26 -62.28
CA LEU CD 135 -29.02 206.26 -61.19
C LEU CD 135 -30.11 206.70 -60.20
N ALA DD 37 -10.89 197.00 -32.19
CA ALA DD 37 -10.70 195.56 -32.07
C ALA DD 37 -12.03 194.84 -31.95
N VAL DD 38 -13.11 195.51 -32.34
CA VAL DD 38 -14.44 194.94 -32.28
C VAL DD 38 -14.60 193.78 -33.26
N PHE DD 39 -14.13 193.96 -34.49
CA PHE DD 39 -14.25 192.91 -35.50
C PHE DD 39 -13.36 191.73 -35.14
N GLN DD 40 -13.87 190.52 -35.35
CA GLN DD 40 -13.14 189.31 -35.04
C GLN DD 40 -12.44 188.83 -36.30
N GLN DD 41 -11.17 188.45 -36.16
CA GLN DD 41 -10.35 188.11 -37.32
C GLN DD 41 -10.64 186.72 -37.87
N LEU DD 42 -11.27 186.68 -39.05
CA LEU DD 42 -11.59 185.43 -39.72
C LEU DD 42 -10.50 184.97 -40.66
N GLY DD 43 -10.21 183.67 -40.62
CA GLY DD 43 -9.18 183.10 -41.49
C GLY DD 43 -9.34 181.60 -41.59
N GLY DD 44 -8.71 181.05 -42.61
CA GLY DD 44 -8.80 179.61 -42.86
C GLY DD 44 -10.19 179.14 -43.18
N GLY DD 45 -10.94 179.91 -43.97
CA GLY DD 45 -12.30 179.56 -44.31
C GLY DD 45 -12.44 178.91 -45.66
N ASP DD 46 -11.31 178.53 -46.27
CA ASP DD 46 -11.31 177.88 -47.57
C ASP DD 46 -11.60 176.38 -47.37
N VAL DD 47 -12.86 176.10 -47.03
CA VAL DD 47 -13.26 174.72 -46.77
C VAL DD 47 -13.28 173.92 -48.06
N SER DD 48 -14.13 174.31 -49.00
CA SER DD 48 -14.25 173.64 -50.29
C SER DD 48 -15.08 174.52 -51.20
N GLY DD 49 -15.22 174.09 -52.45
CA GLY DD 49 -16.04 174.80 -53.41
C GLY DD 49 -16.73 173.86 -54.38
N ALA DD 50 -18.06 173.97 -54.47
CA ALA DD 50 -18.82 173.13 -55.38
C ALA DD 50 -20.09 173.87 -55.76
N MET DD 51 -20.38 173.94 -57.06
CA MET DD 51 -21.61 174.56 -57.52
C MET DD 51 -22.81 173.80 -56.95
N GLN DD 52 -23.78 174.56 -56.44
CA GLN DD 52 -24.92 173.94 -55.79
C GLN DD 52 -25.99 173.76 -56.85
N ASP DD 53 -26.55 174.86 -57.35
CA ASP DD 53 -27.61 174.87 -58.33
C ASP DD 53 -27.88 176.31 -58.68
N ILE DD 54 -28.59 176.55 -59.78
CA ILE DD 54 -28.79 177.90 -60.29
C ILE DD 54 -30.09 178.54 -59.83
N ASP DD 55 -30.82 177.86 -58.94
CA ASP DD 55 -32.05 178.40 -58.38
C ASP DD 55 -31.89 179.01 -56.99
N LEU DD 56 -30.75 178.79 -56.35
CA LEU DD 56 -30.49 179.43 -55.04
C LEU DD 56 -30.35 180.92 -55.33
N ILE DD 57 -29.74 181.25 -56.47
CA ILE DD 57 -29.45 182.67 -56.85
C ILE DD 57 -30.48 183.19 -57.87
N MET DD 58 -31.56 182.46 -58.15
CA MET DD 58 -32.46 182.85 -59.26
C MET DD 58 -33.08 184.25 -59.33
N ASP DD 59 -33.87 184.61 -58.31
CA ASP DD 59 -34.58 185.92 -58.34
C ASP DD 59 -33.58 187.03 -57.98
N ILE DD 60 -32.45 187.06 -58.68
CA ILE DD 60 -31.47 188.16 -58.45
C ILE DD 60 -31.50 189.01 -59.73
N PRO DD 61 -31.68 190.35 -59.64
CA PRO DD 61 -31.83 191.19 -60.87
C PRO DD 61 -30.55 191.15 -61.68
N VAL DD 62 -30.69 191.07 -63.00
CA VAL DD 62 -29.49 191.09 -63.90
C VAL DD 62 -29.58 192.38 -64.71
N LYS DD 63 -28.43 192.90 -65.13
CA LYS DD 63 -28.43 194.13 -65.92
C LYS DD 63 -28.22 193.74 -67.38
N LEU DD 64 -29.31 193.58 -68.12
CA LEU DD 64 -29.22 193.19 -69.52
C LEU DD 64 -29.07 194.43 -70.40
N THR DD 65 -28.17 194.34 -71.36
CA THR DD 65 -27.86 195.45 -72.26
C THR DD 65 -27.52 194.92 -73.63
N VAL DD 66 -28.18 195.44 -74.65
CA VAL DD 66 -27.86 195.11 -76.04
C VAL DD 66 -26.95 196.19 -76.62
N GLU DD 67 -25.93 195.76 -77.35
CA GLU DD 67 -24.93 196.66 -77.90
C GLU DD 67 -25.04 196.85 -79.40
N LEU DD 68 -25.06 198.11 -79.84
CA LEU DD 68 -25.28 198.39 -81.25
C LEU DD 68 -24.00 198.09 -82.01
N GLY DD 69 -22.86 198.57 -81.51
CA GLY DD 69 -21.61 198.37 -82.24
C GLY DD 69 -20.40 198.76 -81.43
N ARG DD 70 -19.24 198.53 -82.04
CA ARG DD 70 -17.95 198.80 -81.43
C ARG DD 70 -17.14 199.57 -82.46
N THR DD 71 -16.05 200.17 -82.00
CA THR DD 71 -15.07 200.82 -82.84
C THR DD 71 -13.88 201.17 -81.98
N ARG DD 72 -12.69 200.76 -82.42
CA ARG DD 72 -11.45 201.16 -81.76
C ARG DD 72 -11.02 202.50 -82.34
N MET DD 73 -10.90 203.50 -81.48
CA MET DD 73 -10.59 204.84 -81.92
C MET DD 73 -9.78 205.51 -80.83
N THR DD 74 -8.83 206.35 -81.24
CA THR DD 74 -7.95 207.03 -80.31
C THR DD 74 -8.51 208.40 -79.96
N ILE DD 75 -7.85 209.05 -79.00
CA ILE DD 75 -8.25 210.39 -78.57
C ILE DD 75 -8.09 211.41 -79.70
N LYS DD 76 -7.23 211.10 -80.68
CA LYS DD 76 -7.03 211.97 -81.84
C LYS DD 76 -8.36 212.43 -82.43
N GLU DD 77 -9.15 211.49 -82.94
CA GLU DD 77 -10.44 211.85 -83.49
C GLU DD 77 -11.44 212.15 -82.38
N LEU DD 78 -11.25 211.60 -81.19
CA LEU DD 78 -12.18 211.87 -80.09
C LEU DD 78 -12.59 213.29 -79.77
N LEU DD 79 -11.62 214.21 -79.65
CA LEU DD 79 -11.98 215.61 -79.43
C LEU DD 79 -12.38 216.31 -80.76
N ARG DD 80 -11.88 215.75 -81.86
CA ARG DD 80 -12.29 216.32 -83.19
C ARG DD 80 -13.82 216.24 -83.29
N LEU DD 81 -14.43 215.29 -82.57
CA LEU DD 81 -15.88 215.15 -82.59
C LEU DD 81 -16.73 216.32 -82.10
N THR DD 82 -17.65 216.79 -82.96
CA THR DD 82 -18.57 217.85 -82.63
C THR DD 82 -20.00 217.33 -82.73
N GLN DD 83 -20.95 218.20 -82.38
CA GLN DD 83 -22.36 217.84 -82.49
C GLN DD 83 -22.74 217.65 -83.96
N GLY DD 84 -23.49 216.59 -84.23
CA GLY DD 84 -23.88 216.27 -85.59
C GLY DD 84 -22.88 215.45 -86.36
N SER DD 85 -21.70 215.17 -85.79
CA SER DD 85 -20.73 214.32 -86.45
C SER DD 85 -21.20 212.87 -86.43
N VAL DD 86 -20.62 212.07 -87.32
CA VAL DD 86 -21.00 210.67 -87.47
C VAL DD 86 -19.76 209.82 -87.25
N VAL DD 87 -19.88 208.82 -86.37
CA VAL DD 87 -18.79 207.91 -86.06
C VAL DD 87 -19.14 206.55 -86.63
N ALA DD 88 -18.31 206.06 -87.55
CA ALA DD 88 -18.53 204.74 -88.12
C ALA DD 88 -18.15 203.67 -87.11
N LEU DD 89 -18.95 202.61 -87.05
CA LEU DD 89 -18.72 201.51 -86.13
C LEU DD 89 -18.15 200.32 -86.89
N ASP DD 90 -17.31 199.53 -86.21
CA ASP DD 90 -16.70 198.38 -86.84
C ASP DD 90 -17.72 197.35 -87.30
N GLY DD 91 -18.80 197.18 -86.55
CA GLY DD 91 -19.84 196.24 -86.91
C GLY DD 91 -20.53 196.58 -88.22
N LEU DD 92 -20.60 195.61 -89.12
CA LEU DD 92 -21.29 195.80 -90.38
C LEU DD 92 -22.80 195.92 -90.14
N ALA DD 93 -23.45 196.75 -90.95
CA ALA DD 93 -24.88 196.97 -90.78
C ALA DD 93 -25.66 195.69 -91.05
N GLY DD 94 -26.65 195.43 -90.21
CA GLY DD 94 -27.47 194.23 -90.35
C GLY DD 94 -26.92 192.99 -89.68
N GLU DD 95 -25.70 193.06 -89.13
CA GLU DD 95 -25.15 191.92 -88.43
C GLU DD 95 -25.87 191.73 -87.09
N PRO DD 96 -25.84 190.51 -86.54
CA PRO DD 96 -26.44 190.29 -85.23
C PRO DD 96 -25.76 191.15 -84.17
N LEU DD 97 -26.57 191.71 -83.28
CA LEU DD 97 -26.09 192.55 -82.20
C LEU DD 97 -25.71 191.70 -80.99
N ASP DD 98 -24.96 192.31 -80.08
CA ASP DD 98 -24.41 191.62 -78.92
C ASP DD 98 -25.30 191.88 -77.71
N ILE DD 99 -25.47 190.84 -76.88
CA ILE DD 99 -26.27 190.93 -75.67
C ILE DD 99 -25.35 190.62 -74.49
N LEU DD 100 -25.36 191.50 -73.49
CA LEU DD 100 -24.53 191.33 -72.32
C LEU DD 100 -25.41 191.37 -71.08
N ILE DD 101 -25.02 190.61 -70.05
CA ILE DD 101 -25.64 190.71 -68.74
C ILE DD 101 -24.56 191.11 -67.74
N ASN DD 102 -24.77 192.25 -67.09
CA ASN DD 102 -23.77 192.85 -66.21
C ASN DD 102 -22.44 193.06 -66.94
N GLY DD 103 -22.53 193.40 -68.22
CA GLY DD 103 -21.35 193.70 -69.01
C GLY DD 103 -20.59 192.49 -69.53
N TYR DD 104 -21.15 191.29 -69.42
CA TYR DD 104 -20.50 190.08 -69.88
C TYR DD 104 -21.27 189.56 -71.09
N LEU DD 105 -20.57 189.36 -72.20
CA LEU DD 105 -21.22 188.91 -73.43
C LEU DD 105 -21.67 187.47 -73.27
N ILE DD 106 -22.94 187.21 -73.56
CA ILE DD 106 -23.50 185.87 -73.46
C ILE DD 106 -24.06 185.39 -74.78
N ALA DD 107 -24.74 186.25 -75.53
CA ALA DD 107 -25.46 185.80 -76.70
C ALA DD 107 -25.44 186.86 -77.79
N GLN DD 108 -25.77 186.42 -79.00
CA GLN DD 108 -25.93 187.29 -80.14
C GLN DD 108 -27.38 187.20 -80.61
N GLY DD 109 -28.00 188.36 -80.81
CA GLY DD 109 -29.40 188.42 -81.18
C GLY DD 109 -29.55 189.30 -82.41
N GLU DD 110 -30.81 189.57 -82.75
CA GLU DD 110 -31.16 190.40 -83.89
C GLU DD 110 -32.23 191.39 -83.45
N VAL DD 111 -32.09 192.63 -83.90
CA VAL DD 111 -32.97 193.71 -83.46
C VAL DD 111 -34.28 193.70 -84.25
N VAL DD 112 -35.40 193.84 -83.54
CA VAL DD 112 -36.72 193.87 -84.15
C VAL DD 112 -37.53 194.98 -83.49
N VAL DD 113 -38.56 195.44 -84.18
CA VAL DD 113 -39.43 196.50 -83.70
C VAL DD 113 -40.81 195.89 -83.48
N VAL DD 114 -41.27 195.94 -82.23
CA VAL DD 114 -42.61 195.39 -81.90
C VAL DD 114 -43.46 196.47 -81.19
N ALA DD 115 -44.57 196.87 -81.81
CA ALA DD 115 -45.46 197.91 -81.22
C ALA DD 115 -44.72 199.22 -80.95
N ASP DD 116 -43.78 199.62 -81.82
CA ASP DD 116 -43.07 200.92 -81.69
C ASP DD 116 -42.08 200.86 -80.52
N LYS DD 117 -41.76 199.66 -80.04
CA LYS DD 117 -40.81 199.50 -78.93
C LYS DD 117 -39.62 198.65 -79.41
N TYR DD 118 -38.40 199.02 -79.07
CA TYR DD 118 -37.26 198.28 -79.57
C TYR DD 118 -37.13 196.95 -78.85
N GLY DD 119 -36.80 195.90 -79.60
CA GLY DD 119 -36.66 194.57 -79.04
C GLY DD 119 -35.62 193.77 -79.78
N VAL DD 120 -34.85 193.01 -79.03
CA VAL DD 120 -33.86 192.11 -79.60
C VAL DD 120 -34.44 190.69 -79.58
N ARG DD 121 -34.07 189.91 -80.59
CA ARG DD 121 -34.50 188.52 -80.70
C ARG DD 121 -33.26 187.65 -80.56
N ILE DD 122 -33.19 186.89 -79.46
CA ILE DD 122 -32.01 186.07 -79.20
C ILE DD 122 -31.89 185.01 -80.28
N THR DD 123 -30.72 184.93 -80.90
CA THR DD 123 -30.46 183.96 -81.95
C THR DD 123 -29.53 182.85 -81.52
N ASP DD 124 -28.39 183.15 -80.91
CA ASP DD 124 -27.48 182.07 -80.54
C ASP DD 124 -26.54 182.50 -79.42
N ILE DD 125 -26.38 181.63 -78.43
CA ILE DD 125 -25.38 181.87 -77.41
C ILE DD 125 -23.99 181.73 -78.02
N ILE DD 126 -23.13 182.72 -77.76
CA ILE DD 126 -21.82 182.73 -78.37
C ILE DD 126 -20.99 181.54 -77.88
N THR DD 127 -20.01 181.16 -78.68
CA THR DD 127 -19.07 180.08 -78.45
C THR DD 127 -17.78 180.62 -77.87
N PRO DD 128 -17.02 179.80 -77.14
CA PRO DD 128 -15.72 180.28 -76.64
C PRO DD 128 -14.79 180.73 -77.74
N SER DD 129 -14.81 180.07 -78.90
CA SER DD 129 -14.01 180.52 -80.03
C SER DD 129 -14.31 181.92 -80.54
N GLU DD 130 -15.58 182.27 -80.68
CA GLU DD 130 -15.95 183.62 -81.10
C GLU DD 130 -15.71 184.65 -79.98
N ARG DD 131 -15.80 184.17 -78.73
CA ARG DD 131 -15.48 185.02 -77.60
C ARG DD 131 -14.04 185.50 -77.73
N MET DD 132 -13.10 184.58 -77.94
CA MET DD 132 -11.71 184.97 -78.15
C MET DD 132 -11.43 185.71 -79.46
N ARG DD 133 -12.24 185.42 -80.47
CA ARG DD 133 -12.15 186.16 -81.73
C ARG DD 133 -12.51 187.59 -81.39
N ARG DD 134 -13.55 187.78 -80.58
CA ARG DD 134 -13.91 189.12 -80.13
C ARG DD 134 -12.77 189.76 -79.34
N LEU DD 135 -12.11 188.98 -78.49
CA LEU DD 135 -11.04 189.53 -77.65
C LEU DD 135 -9.89 190.06 -78.50
N SER DD 136 -9.49 189.32 -79.53
CA SER DD 136 -8.39 189.75 -80.38
C SER DD 136 -8.86 190.75 -81.42
N LYS ED 514 -75.62 99.00 -109.45
CA LYS ED 514 -75.69 100.00 -108.40
C LYS ED 514 -76.33 101.28 -108.91
N ASP ED 515 -76.08 101.59 -110.18
CA ASP ED 515 -76.66 102.80 -110.77
C ASP ED 515 -78.18 102.70 -110.85
N GLU ED 516 -78.70 101.53 -111.21
CA GLU ED 516 -80.15 101.35 -111.30
C GLU ED 516 -80.81 101.47 -109.93
N GLN ED 517 -80.18 100.88 -108.90
CA GLN ED 517 -80.73 101.00 -107.56
C GLN ED 517 -80.71 102.45 -107.08
N LEU ED 518 -79.63 103.17 -107.36
CA LEU ED 518 -79.56 104.58 -107.00
C LEU ED 518 -80.64 105.39 -107.72
N GLN ED 519 -80.86 105.09 -109.00
CA GLN ED 519 -81.91 105.79 -109.75
C GLN ED 519 -83.29 105.49 -109.18
N GLN ED 520 -83.55 104.24 -108.82
CA GLN ED 520 -84.84 103.89 -108.22
C GLN ED 520 -85.03 104.59 -106.88
N ARG ED 521 -83.97 104.63 -106.06
CA ARG ED 521 -84.06 105.33 -104.78
C ARG ED 521 -84.31 106.82 -104.99
N ARG ED 522 -83.64 107.42 -105.98
CA ARG ED 522 -83.86 108.83 -106.29
C ARG ED 522 -85.29 109.08 -106.76
N ALA ED 523 -85.84 108.18 -107.58
CA ALA ED 523 -87.21 108.33 -108.04
C ALA ED 523 -88.19 108.23 -106.87
N ASN ED 524 -87.98 107.27 -105.98
CA ASN ED 524 -88.84 107.16 -104.80
C ASN ED 524 -88.74 108.41 -103.93
N GLN ED 525 -87.53 108.92 -103.74
CA GLN ED 525 -87.33 110.14 -102.95
C GLN ED 525 -88.02 111.33 -103.60
N ARG ED 526 -87.94 111.44 -104.93
CA ARG ED 526 -88.54 112.55 -105.66
C ARG ED 526 -90.05 112.40 -105.82
N LEU ED 527 -90.59 111.20 -105.59
CA LEU ED 527 -92.04 110.94 -105.70
C LEU ED 527 -92.66 111.18 -104.32
N GLY ED 528 -92.11 110.55 -103.28
CA GLY ED 528 -92.61 110.72 -101.91
C GLY ED 528 -92.42 112.13 -101.38
N ALA ED 529 -91.37 112.83 -101.82
CA ALA ED 529 -91.12 114.22 -101.41
C ALA ED 529 -92.15 115.09 -102.13
N GLU ED 530 -92.42 114.78 -103.41
CA GLU ED 530 -93.42 115.54 -104.19
C GLU ED 530 -94.79 115.36 -103.52
N VAL ED 531 -95.02 114.10 -103.01
CA VAL ED 531 -96.23 113.78 -102.21
C VAL ED 531 -96.12 114.51 -100.86
N MET ED 532 -94.92 114.50 -100.27
CA MET ED 532 -94.67 115.14 -98.96
C MET ED 532 -94.91 116.65 -99.09
N SER ED 533 -94.47 117.26 -100.19
CA SER ED 533 -94.67 118.72 -100.41
C SER ED 533 -96.17 119.01 -100.51
N GLN ED 534 -96.92 118.14 -101.21
CA GLN ED 534 -98.39 118.28 -101.31
C GLN ED 534 -98.99 118.10 -99.91
N ARG ED 535 -98.47 117.15 -99.13
CA ARG ED 535 -98.97 116.86 -97.77
C ARG ED 535 -98.76 118.06 -96.85
N ILE ED 536 -97.61 118.74 -96.96
CA ILE ED 536 -97.26 119.88 -96.05
C ILE ED 536 -98.13 121.09 -96.41
N ARG ED 537 -98.63 121.18 -97.64
CA ARG ED 537 -99.47 122.28 -98.08
C ARG ED 537 -100.88 122.14 -97.53
N GLU ED 538 -101.43 120.93 -97.56
CA GLU ED 538 -102.76 120.70 -96.97
C GLU ED 538 -102.75 120.99 -95.48
N MET ED 539 -101.71 120.52 -94.77
CA MET ED 539 -101.63 120.74 -93.33
C MET ED 539 -101.49 122.21 -92.99
N SER ED 540 -100.67 122.96 -93.75
CA SER ED 540 -100.47 124.38 -93.48
C SER ED 540 -101.73 125.18 -93.82
N ASP ED 541 -102.44 124.80 -94.87
CA ASP ED 541 -103.73 125.41 -95.14
C ASP ED 541 -104.73 125.13 -94.04
N ASN ED 542 -104.68 123.93 -93.44
CA ASN ED 542 -105.54 123.63 -92.30
C ASN ED 542 -105.20 124.50 -91.10
N ASP ED 543 -103.91 124.67 -90.82
CA ASP ED 543 -103.44 125.45 -89.67
C ASP ED 543 -102.15 126.18 -90.05
N PRO ED 544 -102.24 127.46 -90.39
CA PRO ED 544 -101.01 128.20 -90.76
C PRO ED 544 -100.18 128.62 -89.56
N ARG ED 545 -100.81 129.00 -88.45
CA ARG ED 545 -100.07 129.47 -87.28
C ARG ED 545 -99.37 128.33 -86.55
N VAL ED 546 -99.91 127.11 -86.65
CA VAL ED 546 -99.31 125.96 -85.97
C VAL ED 546 -97.92 125.67 -86.54
N VAL ED 547 -97.79 125.78 -87.86
CA VAL ED 547 -96.48 125.56 -88.49
C VAL ED 547 -95.47 126.60 -88.03
N ALA ED 548 -95.87 127.87 -87.97
CA ALA ED 548 -94.96 128.91 -87.51
C ALA ED 548 -94.57 128.69 -86.05
N LEU ED 549 -95.54 128.29 -85.21
CA LEU ED 549 -95.23 128.00 -83.81
C LEU ED 549 -94.26 126.83 -83.68
N VAL ED 550 -94.45 125.79 -84.49
CA VAL ED 550 -93.54 124.64 -84.45
C VAL ED 550 -92.15 125.05 -84.91
N ILE ED 551 -92.07 125.90 -85.93
CA ILE ED 551 -90.77 126.38 -86.40
C ILE ED 551 -90.07 127.19 -85.32
N ARG ED 552 -90.82 128.06 -84.64
CA ARG ED 552 -90.24 128.86 -83.56
C ARG ED 552 -89.77 127.96 -82.41
N GLN ED 553 -90.55 126.93 -82.10
CA GLN ED 553 -90.15 125.99 -81.06
C GLN ED 553 -88.88 125.24 -81.44
N TRP ED 554 -88.77 124.89 -82.73
CA TRP ED 554 -87.55 124.22 -83.20
C TRP ED 554 -86.34 125.12 -83.05
N MET ED 555 -86.48 126.40 -83.38
CA MET ED 555 -85.38 127.35 -83.21
C MET ED 555 -85.04 127.53 -81.73
N SER ED 556 -86.04 127.60 -80.86
CA SER ED 556 -85.79 127.73 -79.43
C SER ED 556 -85.05 126.52 -78.89
N ASN ED 557 -85.45 125.32 -79.32
CA ASN ED 557 -84.76 124.11 -78.88
C ASN ED 557 -83.38 123.99 -79.48
N ASP ED 558 -83.14 124.63 -80.64
CA ASP ED 558 -81.82 124.59 -81.26
C ASP ED 558 -80.77 125.29 -80.40
N HIS ED 559 -81.20 126.24 -79.57
CA HIS ED 559 -80.29 126.97 -78.71
C HIS ED 559 -79.75 126.07 -77.59
N GLY FD 6 -82.15 122.86 -86.66
CA GLY FD 6 -83.56 122.83 -87.02
C GLY FD 6 -84.00 124.04 -87.82
N THR FD 7 -83.33 125.17 -87.60
CA THR FD 7 -83.66 126.38 -88.34
C THR FD 7 -83.38 126.22 -89.83
N ASP FD 8 -82.26 125.59 -90.18
CA ASP FD 8 -81.94 125.35 -91.58
C ASP FD 8 -82.98 124.44 -92.23
N LYS FD 9 -83.40 123.41 -91.50
CA LYS FD 9 -84.44 122.52 -92.02
C LYS FD 9 -85.76 123.27 -92.20
N SER FD 10 -86.09 124.15 -91.25
CA SER FD 10 -87.31 124.95 -91.38
C SER FD 10 -87.24 125.88 -92.58
N VAL FD 11 -86.07 126.49 -92.80
CA VAL FD 11 -85.88 127.37 -93.95
C VAL FD 11 -86.02 126.58 -95.25
N ILE FD 12 -85.43 125.38 -95.31
CA ILE FD 12 -85.54 124.56 -96.50
C ILE FD 12 -86.99 124.16 -96.76
N LEU FD 13 -87.71 123.78 -95.70
CA LEU FD 13 -89.12 123.42 -95.85
C LEU FD 13 -89.94 124.61 -96.33
N LEU FD 14 -89.68 125.80 -95.79
CA LEU FD 14 -90.39 127.00 -96.22
C LEU FD 14 -90.11 127.31 -97.68
N MET FD 15 -88.85 127.18 -98.10
CA MET FD 15 -88.50 127.40 -99.50
C MET FD 15 -89.18 126.40 -100.41
N THR FD 16 -89.24 125.13 -99.99
CA THR FD 16 -89.88 124.11 -100.79
C THR FD 16 -91.39 124.17 -100.76
N ILE FD 17 -91.97 124.91 -99.81
CA ILE FD 17 -93.43 124.98 -99.69
C ILE FD 17 -94.00 125.87 -100.78
N GLY FD 18 -93.50 127.10 -100.88
CA GLY FD 18 -94.01 128.04 -101.86
C GLY FD 18 -94.02 129.46 -101.35
N GLU FD 19 -94.19 130.43 -102.27
CA GLU FD 19 -94.14 131.83 -101.88
C GLU FD 19 -95.33 132.21 -100.99
N ASP FD 20 -96.53 131.76 -101.36
CA ASP FD 20 -97.74 132.16 -100.63
C ASP FD 20 -97.75 131.55 -99.23
N ARG FD 21 -97.46 130.26 -99.12
CA ARG FD 21 -97.44 129.61 -97.81
C ARG FD 21 -96.36 130.20 -96.91
N ALA FD 22 -95.18 130.45 -97.46
CA ALA FD 22 -94.11 131.05 -96.67
C ALA FD 22 -94.48 132.46 -96.24
N ALA FD 23 -95.11 133.23 -97.11
CA ALA FD 23 -95.53 134.58 -96.75
C ALA FD 23 -96.58 134.54 -95.62
N GLU FD 24 -97.53 133.62 -95.71
CA GLU FD 24 -98.53 133.48 -94.64
C GLU FD 24 -97.86 133.08 -93.33
N VAL FD 25 -96.91 132.15 -93.38
CA VAL FD 25 -96.22 131.72 -92.18
C VAL FD 25 -95.44 132.88 -91.56
N PHE FD 26 -94.77 133.66 -92.40
CA PHE FD 26 -94.02 134.82 -91.91
C PHE FD 26 -94.96 135.85 -91.28
N LYS FD 27 -96.12 136.07 -91.91
CA LYS FD 27 -97.13 136.95 -91.32
C LYS FD 27 -97.64 136.40 -89.99
N HIS FD 28 -97.60 135.07 -89.81
CA HIS FD 28 -97.95 134.45 -88.54
C HIS FD 28 -96.71 134.14 -87.70
N LEU FD 29 -95.61 134.84 -87.94
CA LEU FD 29 -94.36 134.59 -87.24
C LEU FD 29 -93.83 135.89 -86.66
N SER FD 30 -92.98 135.77 -85.64
CA SER FD 30 -92.39 136.91 -84.97
C SER FD 30 -91.34 137.57 -85.86
N THR FD 31 -90.98 138.81 -85.49
CA THR FD 31 -90.06 139.61 -86.29
C THR FD 31 -88.68 138.97 -86.37
N ARG FD 32 -88.14 138.56 -85.23
CA ARG FD 32 -86.81 137.93 -85.21
C ARG FD 32 -86.83 136.62 -85.98
N GLU FD 33 -87.87 135.81 -85.77
CA GLU FD 33 -87.98 134.53 -86.47
C GLU FD 33 -88.12 134.75 -87.97
N VAL FD 34 -88.94 135.74 -88.36
CA VAL FD 34 -89.13 136.02 -89.80
C VAL FD 34 -87.82 136.48 -90.43
N GLN FD 35 -87.10 137.35 -89.74
CA GLN FD 35 -85.83 137.84 -90.27
C GLN FD 35 -84.82 136.70 -90.41
N ALA FD 36 -84.73 135.84 -89.39
CA ALA FD 36 -83.80 134.72 -89.45
C ALA FD 36 -84.16 133.77 -90.58
N LEU FD 37 -85.45 133.48 -90.74
CA LEU FD 37 -85.89 132.58 -91.81
C LEU FD 37 -85.60 133.18 -93.19
N SER FD 38 -85.85 134.47 -93.36
CA SER FD 38 -85.57 135.13 -94.64
C SER FD 38 -84.08 135.12 -94.95
N THR FD 39 -83.25 135.38 -93.93
CA THR FD 39 -81.80 135.44 -94.14
C THR FD 39 -81.24 134.05 -94.46
N ALA FD 40 -81.59 133.06 -93.65
CA ALA FD 40 -81.00 131.73 -93.79
C ALA FD 40 -81.38 131.05 -95.10
N MET FD 41 -82.64 131.18 -95.51
CA MET FD 41 -83.11 130.50 -96.71
C MET FD 41 -82.35 130.97 -97.95
N ALA FD 42 -82.20 132.29 -98.10
CA ALA FD 42 -81.47 132.81 -99.25
C ALA FD 42 -79.96 132.71 -99.07
N ASN FD 43 -79.53 132.69 -97.81
CA ASN FD 43 -78.07 132.64 -97.51
C ASN FD 43 -77.34 131.34 -97.89
N VAL FD 44 -77.64 130.26 -97.16
CA VAL FD 44 -77.04 128.94 -97.51
C VAL FD 44 -78.22 127.98 -97.32
N ARG FD 45 -78.54 127.19 -98.35
CA ARG FD 45 -79.64 126.22 -98.26
C ARG FD 45 -79.05 124.80 -98.40
N GLN FD 46 -79.39 123.90 -97.46
CA GLN FD 46 -78.84 122.52 -97.50
C GLN FD 46 -80.01 121.54 -97.68
N ILE FD 47 -79.89 120.60 -98.63
CA ILE FD 47 -80.94 119.56 -98.83
C ILE FD 47 -80.32 118.19 -98.57
N SER FD 48 -80.95 117.38 -97.71
CA SER FD 48 -80.39 116.04 -97.37
C SER FD 48 -81.36 114.94 -97.84
N ASN FD 49 -80.85 113.95 -98.57
CA ASN FD 49 -81.72 112.86 -99.09
C ASN FD 49 -82.38 112.12 -97.92
N LYS FD 50 -81.64 111.96 -96.81
CA LYS FD 50 -82.17 111.18 -95.67
C LYS FD 50 -82.35 112.06 -94.42
N GLN FD 51 -81.33 112.83 -94.04
CA GLN FD 51 -81.44 113.57 -92.79
C GLN FD 51 -82.62 114.53 -92.80
N LEU FD 52 -82.85 115.23 -93.91
CA LEU FD 52 -83.97 116.15 -94.00
C LEU FD 52 -85.29 115.41 -93.90
N THR FD 53 -85.41 114.27 -94.57
CA THR FD 53 -86.64 113.49 -94.49
C THR FD 53 -86.87 112.96 -93.08
N ASP FD 54 -85.82 112.48 -92.41
CA ASP FD 54 -85.96 112.00 -91.04
C ASP FD 54 -86.39 113.12 -90.11
N VAL FD 55 -85.79 114.30 -90.26
CA VAL FD 55 -86.16 115.44 -89.43
C VAL FD 55 -87.60 115.86 -89.69
N LEU FD 56 -88.03 115.87 -90.95
CA LEU FD 56 -89.40 116.23 -91.28
C LEU FD 56 -90.38 115.23 -90.67
N SER FD 57 -90.07 113.94 -90.76
CA SER FD 57 -90.93 112.93 -90.17
C SER FD 57 -91.01 113.09 -88.66
N GLU FD 58 -89.88 113.34 -88.01
CA GLU FD 58 -89.87 113.53 -86.56
C GLU FD 58 -90.69 114.76 -86.16
N PHE FD 59 -90.56 115.85 -86.92
CA PHE FD 59 -91.33 117.05 -86.63
C PHE FD 59 -92.82 116.80 -86.82
N GLU FD 60 -93.20 116.09 -87.88
CA GLU FD 60 -94.61 115.83 -88.15
C GLU FD 60 -95.21 114.90 -87.09
N GLN FD 61 -94.36 114.07 -86.48
CA GLN FD 61 -94.89 113.09 -85.49
C GLN FD 61 -94.61 113.55 -84.06
N GLU FD 62 -93.87 114.65 -83.87
CA GLU FD 62 -93.48 115.02 -82.48
C GLU FD 62 -94.70 115.35 -81.59
N ALA FD 63 -95.68 116.12 -82.08
CA ALA FD 63 -96.90 116.35 -81.26
C ALA FD 63 -98.10 116.73 -82.10
N GLU FD 64 -99.33 116.47 -81.62
CA GLU FD 64 -100.54 116.97 -82.32
C GLU FD 64 -101.03 118.25 -81.62
N GLN FD 65 -100.34 118.68 -80.56
CA GLN FD 65 -100.78 119.85 -79.75
C GLN FD 65 -100.79 121.15 -80.58
N PHE FD 66 -99.79 121.34 -81.43
CA PHE FD 66 -99.65 122.62 -82.18
C PHE FD 66 -100.87 122.84 -83.08
N ALA FD 67 -101.37 121.78 -83.71
CA ALA FD 67 -102.44 121.96 -84.71
C ALA FD 67 -103.70 122.57 -84.09
N ALA FD 68 -104.09 122.18 -82.88
CA ALA FD 68 -105.39 122.65 -82.31
C ALA FD 68 -105.24 123.98 -81.54
N LEU FD 69 -104.50 123.98 -80.43
CA LEU FD 69 -104.42 125.17 -79.58
C LEU FD 69 -104.00 126.39 -80.39
N ASN FD 70 -103.01 126.22 -81.27
CA ASN FD 70 -102.51 127.34 -82.06
C ASN FD 70 -103.49 127.74 -83.17
N ILE FD 71 -104.40 126.84 -83.54
CA ILE FD 71 -105.37 127.12 -84.60
C ILE FD 71 -106.27 128.27 -84.16
N ASN FD 72 -106.77 128.21 -82.93
CA ASN FD 72 -107.64 129.24 -82.38
C ASN FD 72 -107.33 129.41 -80.90
N ALA FD 73 -106.51 130.45 -80.60
CA ALA FD 73 -106.16 130.75 -79.21
C ALA FD 73 -106.66 132.13 -78.82
N ASN FD 74 -106.29 133.15 -79.60
CA ASN FD 74 -106.69 134.52 -79.26
C ASN FD 74 -108.16 134.77 -79.58
N GLU FD 75 -108.66 134.23 -80.69
CA GLU FD 75 -110.06 134.43 -81.06
C GLU FD 75 -110.98 133.81 -80.03
N TYR FD 76 -110.65 132.60 -79.57
CA TYR FD 76 -111.47 131.94 -78.56
C TYR FD 76 -111.49 132.73 -77.26
N LEU FD 77 -110.32 133.23 -76.84
CA LEU FD 77 -110.25 134.03 -75.61
C LEU FD 77 -111.06 135.30 -75.74
N ARG FD 78 -110.98 135.97 -76.91
CA ARG FD 78 -111.76 137.18 -77.12
C ARG FD 78 -113.26 136.89 -77.10
N SER FD 79 -113.69 135.81 -77.75
CA SER FD 79 -115.10 135.44 -77.74
C SER FD 79 -115.58 135.12 -76.33
N VAL FD 80 -114.76 134.40 -75.57
CA VAL FD 80 -115.13 134.07 -74.19
C VAL FD 80 -115.24 135.33 -73.35
N LEU FD 81 -114.30 136.27 -73.51
CA LEU FD 81 -114.37 137.52 -72.76
C LEU FD 81 -115.60 138.32 -73.14
N VAL FD 82 -115.95 138.36 -74.42
CA VAL FD 82 -117.12 139.10 -74.87
C VAL FD 82 -118.40 138.49 -74.29
N LYS FD 83 -118.49 137.16 -74.35
CA LYS FD 83 -119.72 136.49 -73.91
C LYS FD 83 -119.83 136.41 -72.39
N ALA FD 84 -118.70 136.54 -71.70
CA ALA FD 84 -118.69 136.31 -70.25
C ALA FD 84 -119.36 137.45 -69.49
N LEU FD 85 -118.80 138.66 -69.60
CA LEU FD 85 -119.29 139.81 -68.84
C LEU FD 85 -119.95 140.84 -69.75
N GLY FD 86 -119.25 141.30 -70.79
CA GLY FD 86 -119.81 142.29 -71.68
C GLY FD 86 -118.73 142.88 -72.56
N GLU FD 87 -119.16 143.72 -73.52
CA GLU FD 87 -118.20 144.33 -74.43
C GLU FD 87 -117.24 145.25 -73.69
N GLU FD 88 -117.74 146.02 -72.72
CA GLU FD 88 -116.88 146.93 -71.97
C GLU FD 88 -115.84 146.18 -71.15
N ARG FD 89 -116.24 145.10 -70.49
CA ARG FD 89 -115.29 144.31 -69.71
C ARG FD 89 -114.37 143.49 -70.61
N ALA FD 90 -114.88 143.05 -71.77
CA ALA FD 90 -114.04 142.30 -72.70
C ALA FD 90 -112.89 143.16 -73.21
N SER FD 91 -113.16 144.45 -73.48
CA SER FD 91 -112.11 145.35 -73.92
C SER FD 91 -111.01 145.48 -72.86
N SER FD 92 -111.41 145.64 -71.60
CA SER FD 92 -110.43 145.74 -70.52
C SER FD 92 -109.63 144.46 -70.36
N LEU FD 93 -110.30 143.30 -70.45
CA LEU FD 93 -109.60 142.03 -70.34
C LEU FD 93 -108.61 141.84 -71.49
N LEU FD 94 -109.01 142.18 -72.71
CA LEU FD 94 -108.11 142.07 -73.85
C LEU FD 94 -106.93 143.03 -73.72
N GLU FD 95 -107.18 144.25 -73.22
CA GLU FD 95 -106.10 145.20 -73.00
C GLU FD 95 -105.11 144.68 -71.97
N ASP FD 96 -105.62 144.09 -70.88
CA ASP FD 96 -104.73 143.52 -69.88
C ASP FD 96 -103.92 142.36 -70.45
N ILE FD 97 -104.57 141.50 -71.24
CA ILE FD 97 -103.86 140.36 -71.84
C ILE FD 97 -102.77 140.86 -72.78
N LEU FD 98 -103.06 141.87 -73.58
CA LEU FD 98 -102.05 142.42 -74.47
C LEU FD 98 -100.91 143.07 -73.69
N GLU FD 99 -101.24 143.79 -72.62
CA GLU FD 99 -100.22 144.45 -71.82
C GLU FD 99 -99.38 143.45 -71.04
N THR FD 100 -99.88 142.22 -70.86
CA THR FD 100 -99.07 141.19 -70.22
C THR FD 100 -97.79 140.93 -70.99
N ARG FD 101 -97.82 141.08 -72.32
CA ARG FD 101 -96.62 140.98 -73.15
C ARG FD 101 -96.11 142.38 -73.41
N ASP FD 102 -95.03 142.74 -72.74
CA ASP FD 102 -94.45 144.08 -72.83
C ASP FD 102 -93.38 144.12 -73.91
N THR FD 103 -92.73 145.27 -74.06
CA THR FD 103 -91.71 145.48 -75.05
C THR FD 103 -90.40 145.84 -74.37
N THR FD 104 -89.29 145.35 -74.91
CA THR FD 104 -87.99 145.58 -74.28
C THR FD 104 -87.50 147.01 -74.54
N SER FD 105 -87.31 147.37 -75.81
CA SER FD 105 -86.83 148.69 -76.15
C SER FD 105 -87.86 149.76 -75.77
N GLY FD 106 -87.38 150.83 -75.14
CA GLY FD 106 -88.27 151.85 -74.62
C GLY FD 106 -89.08 152.58 -75.68
N ILE FD 107 -88.60 152.60 -76.92
CA ILE FD 107 -89.32 153.30 -77.97
C ILE FD 107 -90.71 152.69 -78.16
N GLU FD 108 -90.78 151.36 -78.22
CA GLU FD 108 -92.08 150.70 -78.32
C GLU FD 108 -92.87 150.85 -77.03
N THR FD 109 -92.21 150.90 -75.88
CA THR FD 109 -92.92 151.13 -74.62
C THR FD 109 -93.57 152.50 -74.60
N LEU FD 110 -93.04 153.46 -75.37
CA LEU FD 110 -93.69 154.75 -75.49
C LEU FD 110 -95.11 154.80 -76.03
N ASN FD 111 -95.49 153.84 -76.89
CA ASN FD 111 -96.90 153.77 -77.40
C ASN FD 111 -97.90 153.12 -76.45
N PHE FD 112 -97.46 152.66 -75.26
CA PHE FD 112 -98.39 152.12 -74.25
C PHE FD 112 -98.68 153.21 -73.22
N MET FD 113 -98.00 154.35 -73.36
CA MET FD 113 -98.16 155.48 -72.46
C MET FD 113 -99.34 156.26 -73.01
N GLU FD 114 -99.91 157.09 -72.14
CA GLU FD 114 -100.99 157.97 -72.56
C GLU FD 114 -100.46 159.00 -73.55
N PRO FD 115 -101.25 159.40 -74.55
CA PRO FD 115 -100.78 160.39 -75.53
C PRO FD 115 -100.23 161.68 -74.96
N GLN FD 116 -100.87 162.24 -73.93
CA GLN FD 116 -100.38 163.50 -73.36
C GLN FD 116 -99.06 163.33 -72.60
N SER FD 117 -98.89 162.19 -71.93
CA SER FD 117 -97.66 161.94 -71.20
C SER FD 117 -96.52 161.87 -72.22
N ALA FD 118 -96.73 161.13 -73.32
CA ALA FD 118 -95.70 161.05 -74.35
C ALA FD 118 -95.47 162.41 -75.01
N ALA FD 119 -96.55 163.16 -75.27
CA ALA FD 119 -96.40 164.47 -75.88
C ALA FD 119 -95.61 165.41 -74.97
N ASP FD 120 -95.86 165.38 -73.67
CA ASP FD 120 -95.08 166.18 -72.75
C ASP FD 120 -93.64 165.69 -72.68
N LEU FD 121 -93.42 164.38 -72.76
CA LEU FD 121 -92.08 163.84 -72.63
C LEU FD 121 -91.20 164.22 -73.82
N ILE FD 122 -91.74 164.18 -75.04
CA ILE FD 122 -90.93 164.37 -76.23
C ILE FD 122 -91.15 165.73 -76.88
N ARG FD 123 -91.88 166.64 -76.24
CA ARG FD 123 -92.09 167.95 -76.83
C ARG FD 123 -90.78 168.73 -76.93
N ASP FD 124 -89.94 168.64 -75.90
CA ASP FD 124 -88.72 169.45 -75.86
C ASP FD 124 -87.59 168.86 -76.70
N GLU FD 125 -87.75 167.63 -77.19
CA GLU FD 125 -86.69 166.99 -77.95
C GLU FD 125 -86.51 167.67 -79.30
N HIS FD 126 -85.38 167.38 -79.93
CA HIS FD 126 -85.10 167.91 -81.26
C HIS FD 126 -86.12 167.38 -82.26
N PRO FD 127 -86.57 168.20 -83.21
CA PRO FD 127 -87.63 167.75 -84.13
C PRO FD 127 -87.29 166.47 -84.86
N GLN FD 128 -86.04 166.28 -85.27
CA GLN FD 128 -85.67 165.04 -85.93
C GLN FD 128 -85.78 163.83 -85.00
N ILE FD 129 -85.44 164.00 -83.74
CA ILE FD 129 -85.60 162.90 -82.78
C ILE FD 129 -87.07 162.58 -82.56
N ILE FD 130 -87.91 163.62 -82.53
CA ILE FD 130 -89.36 163.40 -82.43
C ILE FD 130 -89.80 162.59 -83.63
N ALA FD 131 -89.35 162.97 -84.83
CA ALA FD 131 -89.74 162.28 -86.04
C ALA FD 131 -89.29 160.83 -86.01
N THR FD 132 -88.06 160.58 -85.56
CA THR FD 132 -87.56 159.21 -85.46
C THR FD 132 -88.42 158.39 -84.50
N ILE FD 133 -88.77 158.99 -83.35
CA ILE FD 133 -89.65 158.27 -82.39
C ILE FD 133 -90.99 157.94 -83.08
N LEU FD 134 -91.54 158.87 -83.85
CA LEU FD 134 -92.90 158.67 -84.44
C LEU FD 134 -92.95 157.48 -85.42
N VAL FD 135 -91.94 157.30 -86.27
CA VAL FD 135 -92.03 156.23 -87.31
C VAL FD 135 -91.80 154.90 -86.56
N HIS FD 136 -91.09 154.94 -85.43
CA HIS FD 136 -90.93 153.70 -84.63
C HIS FD 136 -92.16 153.48 -83.75
N LEU FD 137 -92.87 154.57 -83.43
CA LEU FD 137 -94.10 154.48 -82.59
C LEU FD 137 -95.27 153.99 -83.46
N LYS FD 138 -96.31 153.44 -82.80
CA LYS FD 138 -97.51 152.99 -83.53
C LYS FD 138 -98.15 154.21 -84.21
N ARG FD 139 -98.69 154.04 -85.42
CA ARG FD 139 -99.24 155.19 -86.18
C ARG FD 139 -100.36 155.88 -85.40
N SER FD 140 -101.29 155.10 -84.84
CA SER FD 140 -102.45 155.72 -84.14
C SER FD 140 -101.93 156.65 -83.04
N GLN FD 141 -100.97 156.18 -82.25
CA GLN FD 141 -100.45 156.96 -81.10
C GLN FD 141 -99.80 158.24 -81.65
N ALA FD 142 -98.95 158.07 -82.67
CA ALA FD 142 -98.23 159.22 -83.24
C ALA FD 142 -99.20 160.29 -83.71
N ALA FD 143 -100.33 159.89 -84.30
CA ALA FD 143 -101.31 160.87 -84.74
C ALA FD 143 -101.88 161.64 -83.56
N ASP FD 144 -102.19 160.94 -82.47
CA ASP FD 144 -102.68 161.62 -81.27
C ASP FD 144 -101.63 162.57 -80.71
N ILE FD 145 -100.37 162.14 -80.68
CA ILE FD 145 -99.30 162.99 -80.17
C ILE FD 145 -99.16 164.28 -80.97
N LEU FD 146 -99.19 164.18 -82.30
CA LEU FD 146 -99.10 165.37 -83.14
C LEU FD 146 -100.33 166.26 -82.97
N ALA FD 147 -101.49 165.65 -82.72
CA ALA FD 147 -102.68 166.43 -82.45
C ALA FD 147 -102.49 167.30 -81.22
N LEU FD 148 -101.83 166.73 -80.20
CA LEU FD 148 -101.58 167.49 -78.94
C LEU FD 148 -100.43 168.48 -79.15
N PHE FD 149 -99.66 168.32 -80.23
CA PHE FD 149 -98.46 169.18 -80.43
C PHE FD 149 -98.86 170.54 -81.00
N ASP FD 150 -98.12 171.60 -80.66
CA ASP FD 150 -98.38 172.90 -81.24
C ASP FD 150 -98.34 172.81 -82.76
N GLU FD 151 -99.07 173.72 -83.42
CA GLU FD 151 -99.21 173.64 -84.87
C GLU FD 151 -97.86 173.83 -85.58
N ARG FD 152 -97.00 174.72 -85.06
CA ARG FD 152 -95.69 174.88 -85.67
C ARG FD 152 -94.87 173.62 -85.56
N LEU FD 153 -94.78 173.06 -84.35
CA LEU FD 153 -94.06 171.81 -84.16
C LEU FD 153 -94.73 170.68 -84.94
N ARG FD 154 -96.06 170.68 -85.01
CA ARG FD 154 -96.76 169.65 -85.77
C ARG FD 154 -96.35 169.68 -87.24
N HIS FD 155 -96.39 170.86 -87.86
CA HIS FD 155 -96.00 170.98 -89.25
C HIS FD 155 -94.54 170.61 -89.46
N ASP FD 156 -93.66 171.07 -88.57
CA ASP FD 156 -92.24 170.78 -88.72
C ASP FD 156 -91.99 169.28 -88.65
N VAL FD 157 -92.59 168.62 -87.66
CA VAL FD 157 -92.37 167.19 -87.49
C VAL FD 157 -92.98 166.42 -88.64
N MET FD 158 -94.14 166.84 -89.13
CA MET FD 158 -94.73 166.17 -90.29
C MET FD 158 -93.84 166.30 -91.51
N LEU FD 159 -93.27 167.48 -91.73
CA LEU FD 159 -92.34 167.66 -92.85
C LEU FD 159 -91.13 166.76 -92.70
N ARG FD 160 -90.58 166.65 -91.49
CA ARG FD 160 -89.46 165.76 -91.26
C ARG FD 160 -89.85 164.31 -91.53
N ILE FD 161 -91.08 163.94 -91.17
CA ILE FD 161 -91.56 162.59 -91.44
C ILE FD 161 -91.61 162.33 -92.93
N ALA FD 162 -92.07 163.31 -93.70
CA ALA FD 162 -92.20 163.12 -95.14
C ALA FD 162 -90.85 162.85 -95.80
N THR FD 163 -89.81 163.57 -95.39
CA THR FD 163 -88.49 163.48 -96.02
C THR FD 163 -87.46 162.79 -95.13
N PHE FD 164 -87.88 161.77 -94.38
CA PHE FD 164 -86.95 161.05 -93.51
C PHE FD 164 -85.86 160.37 -94.34
N GLY FD 165 -84.66 160.31 -93.79
CA GLY FD 165 -83.52 159.77 -94.52
C GLY FD 165 -82.72 158.71 -93.81
N GLY FD 166 -83.28 158.12 -92.76
CA GLY FD 166 -82.61 157.04 -92.07
C GLY FD 166 -81.59 157.41 -91.00
N VAL FD 167 -81.63 156.72 -89.87
CA VAL FD 167 -80.74 157.00 -88.76
C VAL FD 167 -79.48 156.19 -88.70
N GLN FD 168 -78.44 156.75 -88.09
CA GLN FD 168 -77.20 156.00 -87.90
C GLN FD 168 -77.53 155.00 -86.80
N PRO FD 169 -77.00 153.78 -86.90
CA PRO FD 169 -77.29 152.79 -85.85
C PRO FD 169 -76.83 153.22 -84.47
N ALA FD 170 -75.71 153.94 -84.38
CA ALA FD 170 -75.23 154.40 -83.08
C ALA FD 170 -76.21 155.40 -82.46
N ALA FD 171 -76.71 156.34 -83.25
CA ALA FD 171 -77.66 157.31 -82.74
C ALA FD 171 -78.96 156.64 -82.31
N LEU FD 172 -79.44 155.68 -83.10
CA LEU FD 172 -80.65 154.96 -82.74
C LEU FD 172 -80.46 154.18 -81.44
N ALA FD 173 -79.31 153.52 -81.29
CA ALA FD 173 -79.03 152.80 -80.04
C ALA FD 173 -78.95 153.77 -78.87
N GLU FD 174 -78.37 154.95 -79.08
CA GLU FD 174 -78.28 155.94 -78.02
C GLU FD 174 -79.67 156.41 -77.58
N LEU FD 175 -80.53 156.71 -78.55
CA LEU FD 175 -81.90 157.09 -78.22
C LEU FD 175 -82.62 155.95 -77.50
N THR FD 176 -82.41 154.73 -77.98
CA THR FD 176 -83.08 153.56 -77.37
C THR FD 176 -82.68 153.49 -75.91
N GLU FD 177 -81.38 153.48 -75.63
CA GLU FD 177 -80.90 153.33 -74.22
C GLU FD 177 -81.39 154.52 -73.38
N VAL FD 178 -81.35 155.74 -73.94
CA VAL FD 178 -81.84 156.94 -73.21
C VAL FD 178 -83.32 156.71 -72.88
N LEU FD 179 -84.12 156.42 -73.90
CA LEU FD 179 -85.56 156.28 -73.68
C LEU FD 179 -85.87 155.14 -72.71
N ASN FD 180 -85.06 154.08 -72.74
CA ASN FD 180 -85.24 152.98 -71.80
C ASN FD 180 -85.03 153.44 -70.36
N GLY FD 181 -83.96 154.19 -70.11
CA GLY FD 181 -83.68 154.67 -68.77
C GLY FD 181 -84.76 155.58 -68.22
N LEU FD 182 -85.62 156.12 -69.09
CA LEU FD 182 -86.69 157.02 -68.62
C LEU FD 182 -87.97 156.25 -68.37
N LEU FD 183 -88.30 155.31 -69.26
CA LEU FD 183 -89.61 154.62 -69.13
C LEU FD 183 -89.52 153.34 -68.31
N ASP FD 184 -88.40 152.63 -68.35
CA ASP FD 184 -88.38 151.32 -67.63
C ASP FD 184 -88.58 151.57 -66.13
N GLY FD 185 -87.94 152.62 -65.58
CA GLY FD 185 -88.18 152.98 -64.17
C GLY FD 185 -89.61 153.41 -63.92
N GLN FD 186 -90.18 154.20 -64.84
CA GLN FD 186 -91.54 154.75 -64.65
C GLN FD 186 -92.60 153.65 -64.71
N ASN FD 187 -93.65 153.74 -63.87
CA ASN FD 187 -94.76 152.77 -63.98
C ASN FD 187 -95.42 153.02 -65.34
N LEU FD 188 -95.85 151.96 -66.05
CA LEU FD 188 -96.38 152.17 -67.41
C LEU FD 188 -97.77 151.51 -67.56
N LYS FD 189 -98.57 151.44 -66.49
CA LYS FD 189 -99.91 150.88 -66.69
C LYS FD 189 -100.92 151.61 -65.80
N ARG FD 190 -101.26 152.82 -66.24
CA ARG FD 190 -102.29 153.60 -65.56
C ARG FD 190 -103.64 152.90 -65.68
N SER FD 191 -104.15 152.38 -64.58
CA SER FD 191 -105.41 151.65 -64.59
C SER FD 191 -106.57 152.65 -64.62
N LYS FD 192 -107.42 152.53 -65.64
CA LYS FD 192 -108.56 153.43 -65.80
C LYS FD 192 -109.82 152.67 -65.40
N MET FD 193 -110.37 153.02 -64.25
CA MET FD 193 -111.59 152.40 -63.73
C MET FD 193 -112.64 153.49 -63.54
N GLY FD 194 -113.74 153.40 -64.29
CA GLY FD 194 -114.83 154.38 -64.15
C GLY FD 194 -114.76 155.47 -65.19
N GLY FD 195 -115.56 155.36 -66.25
CA GLY FD 195 -115.61 156.40 -67.26
C GLY FD 195 -116.95 157.10 -67.27
N VAL FD 196 -117.74 156.85 -68.29
CA VAL FD 196 -119.10 157.37 -68.40
C VAL FD 196 -120.20 156.31 -68.20
N ARG FD 197 -119.84 155.06 -68.52
CA ARG FD 197 -120.76 153.95 -68.28
C ARG FD 197 -120.94 153.90 -66.77
N THR FD 198 -119.84 153.96 -66.02
CA THR FD 198 -119.94 153.92 -64.57
C THR FD 198 -120.68 155.14 -64.03
N ALA FD 199 -120.43 156.31 -64.60
CA ALA FD 199 -121.14 157.51 -64.18
C ALA FD 199 -122.64 157.39 -64.45
N ALA FD 200 -123.01 156.86 -65.61
CA ALA FD 200 -124.43 156.68 -65.92
C ALA FD 200 -125.06 155.67 -64.96
N GLU FD 201 -124.37 154.59 -64.66
CA GLU FD 201 -124.89 153.61 -63.72
C GLU FD 201 -125.06 154.21 -62.34
N ILE FD 202 -124.12 155.03 -61.89
CA ILE FD 202 -124.23 155.70 -60.60
C ILE FD 202 -125.44 156.63 -60.60
N ILE FD 203 -125.59 157.40 -61.67
CA ILE FD 203 -126.69 158.36 -61.75
C ILE FD 203 -128.03 157.65 -61.73
N ASN FD 204 -128.15 156.54 -62.45
CA ASN FD 204 -129.44 155.86 -62.61
C ASN FD 204 -130.00 155.34 -61.29
N LEU FD 205 -129.19 155.20 -60.25
CA LEU FD 205 -129.64 154.62 -58.99
C LEU FD 205 -129.93 155.62 -57.89
N MET FD 206 -129.89 156.92 -58.17
CA MET FD 206 -130.16 157.92 -57.15
C MET FD 206 -131.49 158.61 -57.41
N LYS FD 207 -131.84 159.54 -56.53
CA LYS FD 207 -133.13 160.21 -56.61
C LYS FD 207 -133.28 161.04 -57.87
N THR FD 208 -134.53 161.23 -58.30
CA THR FD 208 -134.80 161.92 -59.55
C THR FD 208 -134.35 163.38 -59.50
N GLN FD 209 -134.58 164.06 -58.36
CA GLN FD 209 -134.17 165.45 -58.24
C GLN FD 209 -132.66 165.59 -58.34
N GLN FD 210 -131.93 164.73 -57.63
CA GLN FD 210 -130.48 164.75 -57.76
C GLN FD 210 -130.05 164.33 -59.16
N GLU FD 211 -130.79 163.43 -59.80
CA GLU FD 211 -130.47 163.03 -61.16
C GLU FD 211 -130.53 164.23 -62.11
N GLU FD 212 -131.64 164.97 -62.06
CA GLU FD 212 -131.76 166.12 -62.94
C GLU FD 212 -130.75 167.20 -62.58
N ALA FD 213 -130.47 167.40 -61.29
CA ALA FD 213 -129.46 168.38 -60.90
C ALA FD 213 -128.09 168.03 -61.48
N VAL FD 214 -127.68 166.76 -61.36
CA VAL FD 214 -126.35 166.41 -61.84
C VAL FD 214 -126.30 166.44 -63.37
N ILE FD 215 -127.36 166.03 -64.06
CA ILE FD 215 -127.29 166.04 -65.52
C ILE FD 215 -127.28 167.46 -66.04
N THR FD 216 -128.04 168.36 -65.40
CA THR FD 216 -127.99 169.76 -65.85
C THR FD 216 -126.66 170.40 -65.50
N ALA FD 217 -126.04 170.01 -64.39
CA ALA FD 217 -124.69 170.52 -64.07
C ALA FD 217 -123.69 170.06 -65.12
N VAL FD 218 -123.76 168.79 -65.51
CA VAL FD 218 -122.86 168.28 -66.54
C VAL FD 218 -123.09 169.00 -67.86
N ARG FD 219 -124.36 169.21 -68.21
CA ARG FD 219 -124.69 169.92 -69.45
C ARG FD 219 -124.14 171.33 -69.42
N GLU FD 220 -124.22 172.00 -68.27
CA GLU FD 220 -123.60 173.31 -68.13
C GLU FD 220 -122.09 173.23 -68.34
N PHE FD 221 -121.45 172.20 -67.78
CA PHE FD 221 -120.02 172.02 -68.00
C PHE FD 221 -119.68 171.70 -69.45
N ASP FD 222 -120.42 170.78 -70.06
CA ASP FD 222 -120.20 170.36 -71.44
C ASP FD 222 -121.43 169.60 -71.88
N GLY FD 223 -122.07 170.08 -72.95
CA GLY FD 223 -123.28 169.43 -73.44
C GLY FD 223 -123.06 168.04 -74.04
N GLU FD 224 -121.92 167.86 -74.71
CA GLU FD 224 -121.64 166.56 -75.33
C GLU FD 224 -121.51 165.47 -74.27
N LEU FD 225 -120.83 165.76 -73.17
CA LEU FD 225 -120.70 164.78 -72.11
C LEU FD 225 -122.06 164.44 -71.51
N ALA FD 226 -122.92 165.45 -71.33
CA ALA FD 226 -124.26 165.19 -70.81
C ALA FD 226 -125.08 164.30 -71.75
N GLN FD 227 -125.01 164.55 -73.05
CA GLN FD 227 -125.73 163.72 -74.00
C GLN FD 227 -125.19 162.29 -74.02
N LYS FD 228 -123.87 162.14 -73.94
CA LYS FD 228 -123.29 160.80 -73.91
C LYS FD 228 -123.73 160.07 -72.64
N ILE FD 229 -123.78 160.79 -71.51
CA ILE FD 229 -124.25 160.20 -70.27
C ILE FD 229 -125.69 159.77 -70.40
N ILE FD 230 -126.53 160.62 -71.02
CA ILE FD 230 -127.93 160.29 -71.21
C ILE FD 230 -128.13 159.06 -72.10
N ASP FD 231 -127.31 158.95 -73.15
CA ASP FD 231 -127.43 157.81 -74.04
C ASP FD 231 -126.97 156.53 -73.34
N GLU FD 232 -125.91 156.62 -72.55
CA GLU FD 232 -125.43 155.45 -71.82
C GLU FD 232 -126.43 155.16 -70.70
N MET FD 233 -127.23 156.16 -70.32
CA MET FD 233 -128.19 155.94 -69.24
C MET FD 233 -129.19 154.85 -69.58
N PHE FD 234 -129.78 154.91 -70.77
CA PHE FD 234 -130.76 153.93 -71.23
C PHE FD 234 -130.29 153.36 -72.57
N LEU FD 235 -129.72 152.16 -72.52
CA LEU FD 235 -129.26 151.49 -73.73
C LEU FD 235 -130.42 150.83 -74.46
N PHE FD 236 -130.15 150.34 -75.66
CA PHE FD 236 -131.18 149.67 -76.45
C PHE FD 236 -131.31 148.21 -76.02
N GLU FD 237 -131.45 147.99 -74.72
CA GLU FD 237 -131.70 146.65 -74.18
C GLU FD 237 -132.74 146.63 -73.08
N ASN FD 238 -133.12 147.77 -72.50
CA ASN FD 238 -134.13 147.83 -71.46
C ASN FD 238 -135.52 148.07 -72.02
N LEU FD 239 -135.67 148.14 -73.35
CA LEU FD 239 -136.97 148.33 -73.95
C LEU FD 239 -137.93 147.19 -73.63
N VAL FD 240 -137.40 146.01 -73.31
CA VAL FD 240 -138.25 144.90 -72.89
C VAL FD 240 -138.97 145.21 -71.58
N ASP FD 241 -138.40 146.07 -70.74
CA ASP FD 241 -139.02 146.44 -69.47
C ASP FD 241 -139.99 147.59 -69.60
N VAL FD 242 -140.17 148.14 -70.79
CA VAL FD 242 -141.11 149.24 -71.00
C VAL FD 242 -142.53 148.70 -70.99
N ASP FD 243 -143.46 149.49 -70.47
CA ASP FD 243 -144.85 149.08 -70.39
C ASP FD 243 -145.47 149.00 -71.78
N ASP FD 244 -146.50 148.16 -71.90
CA ASP FD 244 -147.19 148.01 -73.18
C ASP FD 244 -147.86 149.30 -73.61
N ARG FD 245 -148.45 150.03 -72.67
CA ARG FD 245 -149.08 151.30 -72.99
C ARG FD 245 -148.05 152.31 -73.48
N SER FD 246 -146.88 152.34 -72.84
CA SER FD 246 -145.82 153.24 -73.30
C SER FD 246 -145.34 152.86 -74.70
N ILE FD 247 -145.22 151.56 -74.97
CA ILE FD 247 -144.82 151.11 -76.29
C ILE FD 247 -145.85 151.53 -77.33
N GLN FD 248 -147.14 151.36 -77.03
CA GLN FD 248 -148.19 151.76 -77.97
C GLN FD 248 -148.16 153.27 -78.20
N ARG FD 249 -147.96 154.05 -77.15
CA ARG FD 249 -147.89 155.51 -77.29
C ARG FD 249 -146.70 155.92 -78.14
N LEU FD 250 -145.55 155.28 -77.94
CA LEU FD 250 -144.36 155.62 -78.70
C LEU FD 250 -144.46 155.13 -80.15
N LEU FD 251 -145.27 154.11 -80.40
CA LEU FD 251 -145.41 153.60 -81.77
C LEU FD 251 -146.02 154.65 -82.69
N GLN FD 252 -146.81 155.58 -82.14
CA GLN FD 252 -147.43 156.62 -82.96
C GLN FD 252 -146.43 157.62 -83.52
N GLU FD 253 -145.22 157.68 -82.97
CA GLU FD 253 -144.20 158.62 -83.45
C GLU FD 253 -142.98 157.93 -84.03
N VAL FD 254 -143.02 156.61 -84.22
CA VAL FD 254 -141.89 155.86 -84.74
C VAL FD 254 -142.16 155.51 -86.20
N ASP FD 255 -141.23 155.87 -87.08
CA ASP FD 255 -141.37 155.53 -88.49
C ASP FD 255 -141.25 154.03 -88.68
N SER FD 256 -142.07 153.49 -89.60
CA SER FD 256 -142.07 152.05 -89.82
C SER FD 256 -140.72 151.56 -90.35
N GLU FD 257 -140.14 152.30 -91.30
CA GLU FD 257 -138.85 151.90 -91.85
C GLU FD 257 -137.75 151.97 -90.79
N SER FD 258 -137.71 153.05 -90.02
CA SER FD 258 -136.69 153.19 -88.98
C SER FD 258 -136.88 152.13 -87.90
N LEU FD 259 -138.13 151.87 -87.50
CA LEU FD 259 -138.38 150.84 -86.50
C LEU FD 259 -137.96 149.47 -87.00
N LEU FD 260 -138.26 149.15 -88.27
CA LEU FD 260 -137.86 147.87 -88.83
C LEU FD 260 -136.34 147.75 -88.90
N ILE FD 261 -135.66 148.83 -89.28
CA ILE FD 261 -134.20 148.81 -89.35
C ILE FD 261 -133.62 148.59 -87.96
N ALA FD 262 -134.16 149.27 -86.95
CA ALA FD 262 -133.67 149.09 -85.59
C ALA FD 262 -133.92 147.68 -85.08
N LEU FD 263 -135.10 147.12 -85.36
CA LEU FD 263 -135.47 145.81 -84.86
C LEU FD 263 -134.94 144.66 -85.71
N LYS FD 264 -134.26 144.97 -86.83
CA LYS FD 264 -133.68 143.90 -87.64
C LYS FD 264 -132.63 143.13 -86.86
N GLY FD 265 -131.77 143.83 -86.13
CA GLY FD 265 -130.77 143.22 -85.30
C GLY FD 265 -131.13 143.08 -83.83
N ALA FD 266 -132.37 143.42 -83.46
CA ALA FD 266 -132.78 143.35 -82.07
C ALA FD 266 -133.07 141.90 -81.67
N GLU FD 267 -133.21 141.67 -80.36
CA GLU FD 267 -133.52 140.34 -79.87
C GLU FD 267 -134.94 139.95 -80.27
N PRO FD 268 -135.18 138.66 -80.51
CA PRO FD 268 -136.53 138.21 -80.88
C PRO FD 268 -137.54 138.56 -79.81
N PRO FD 269 -137.16 138.45 -78.53
CA PRO FD 269 -138.09 138.85 -77.46
C PRO FD 269 -138.49 140.32 -77.54
N LEU FD 270 -137.54 141.20 -77.88
CA LEU FD 270 -137.86 142.62 -78.01
C LEU FD 270 -138.82 142.85 -79.17
N ARG FD 271 -138.60 142.17 -80.30
CA ARG FD 271 -139.49 142.30 -81.44
C ARG FD 271 -140.89 141.80 -81.10
N GLU FD 272 -140.97 140.68 -80.39
CA GLU FD 272 -142.28 140.15 -80.00
C GLU FD 272 -142.99 141.10 -79.04
N LYS FD 273 -142.25 141.67 -78.08
CA LYS FD 273 -142.86 142.61 -77.15
C LYS FD 273 -143.34 143.87 -77.87
N PHE FD 274 -142.57 144.36 -78.83
CA PHE FD 274 -142.90 145.57 -79.56
C PHE FD 274 -143.95 145.34 -80.64
N LEU FD 275 -144.22 144.07 -81.00
CA LEU FD 275 -145.23 143.76 -82.00
C LEU FD 275 -146.60 143.54 -81.40
N ARG FD 276 -146.74 143.61 -80.08
CA ARG FD 276 -148.02 143.42 -79.42
C ARG FD 276 -148.76 144.73 -79.20
N ASN FD 277 -148.19 145.86 -79.60
CA ASN FD 277 -148.82 147.16 -79.42
C ASN FD 277 -149.54 147.66 -80.67
N MET FD 278 -149.21 147.14 -81.84
CA MET FD 278 -149.84 147.57 -83.08
C MET FD 278 -150.95 146.58 -83.46
N SER FD 279 -151.56 146.80 -84.63
CA SER FD 279 -152.62 145.92 -85.09
C SER FD 279 -152.03 144.60 -85.59
N GLN FD 280 -152.91 143.60 -85.73
CA GLN FD 280 -152.48 142.30 -86.24
C GLN FD 280 -151.95 142.41 -87.67
N ARG FD 281 -152.64 143.18 -88.52
CA ARG FD 281 -152.15 143.40 -89.87
C ARG FD 281 -150.83 144.14 -89.86
N ALA FD 282 -150.70 145.16 -88.99
CA ALA FD 282 -149.44 145.88 -88.89
C ALA FD 282 -148.32 144.98 -88.39
N ALA FD 283 -148.61 144.12 -87.42
CA ALA FD 283 -147.60 143.18 -86.92
C ALA FD 283 -147.18 142.21 -88.02
N ASP FD 284 -148.13 141.69 -88.79
CA ASP FD 284 -147.80 140.79 -89.88
C ASP FD 284 -146.96 141.50 -90.95
N ILE FD 285 -147.30 142.75 -91.27
CA ILE FD 285 -146.53 143.51 -92.24
C ILE FD 285 -145.12 143.75 -91.75
N LEU FD 286 -144.97 144.10 -90.46
CA LEU FD 286 -143.63 144.29 -89.91
C LEU FD 286 -142.83 143.01 -89.93
N ARG FD 287 -143.45 141.88 -89.59
CA ARG FD 287 -142.75 140.61 -89.63
C ARG FD 287 -142.32 140.25 -91.05
N ASP FD 288 -143.19 140.48 -92.02
CA ASP FD 288 -142.85 140.21 -93.42
C ASP FD 288 -141.72 141.10 -93.89
N ASP FD 289 -141.74 142.38 -93.51
CA ASP FD 289 -140.68 143.29 -93.89
C ASP FD 289 -139.35 142.88 -93.26
N LEU FD 290 -139.38 142.47 -91.99
CA LEU FD 290 -138.16 142.03 -91.32
C LEU FD 290 -137.60 140.77 -91.98
N ALA FD 291 -138.49 139.82 -92.33
CA ALA FD 291 -138.04 138.61 -92.99
C ALA FD 291 -137.45 138.91 -94.36
N ASN FD 292 -138.08 139.82 -95.11
CA ASN FD 292 -137.61 140.17 -96.44
C ASN FD 292 -136.41 141.09 -96.44
N ARG FD 293 -136.16 141.78 -95.32
CA ARG FD 293 -135.03 142.71 -95.27
C ARG FD 293 -133.72 141.95 -95.20
N GLY FD 294 -132.79 142.32 -96.07
CA GLY FD 294 -131.47 141.69 -96.08
C GLY FD 294 -130.57 142.29 -95.04
N PRO FD 295 -129.38 141.70 -94.90
CA PRO FD 295 -128.40 142.23 -93.95
C PRO FD 295 -127.97 143.64 -94.33
N VAL FD 296 -127.76 144.47 -93.31
CA VAL FD 296 -127.35 145.86 -93.50
C VAL FD 296 -126.25 146.19 -92.52
N ARG FD 297 -125.48 147.23 -92.83
CA ARG FD 297 -124.42 147.68 -91.95
C ARG FD 297 -125.00 148.21 -90.66
N LEU FD 298 -124.30 147.96 -89.55
CA LEU FD 298 -124.78 148.37 -88.24
C LEU FD 298 -124.76 149.88 -88.04
N SER FD 299 -124.09 150.62 -88.92
CA SER FD 299 -124.02 152.07 -88.76
C SER FD 299 -125.40 152.73 -88.85
N GLN FD 300 -126.21 152.32 -89.82
CA GLN FD 300 -127.55 152.88 -89.98
C GLN FD 300 -128.54 152.32 -88.97
N VAL FD 301 -128.42 151.04 -88.62
CA VAL FD 301 -129.29 150.45 -87.61
C VAL FD 301 -129.05 151.11 -86.26
N GLU FD 302 -127.80 151.41 -85.94
CA GLU FD 302 -127.50 152.10 -84.69
C GLU FD 302 -128.10 153.49 -84.67
N ASN FD 303 -128.03 154.21 -85.80
CA ASN FD 303 -128.63 155.54 -85.87
C ASN FD 303 -130.15 155.47 -85.72
N GLU FD 304 -130.79 154.49 -86.36
CA GLU FD 304 -132.23 154.32 -86.22
C GLU FD 304 -132.62 154.00 -84.78
N GLN FD 305 -131.86 153.11 -84.14
CA GLN FD 305 -132.13 152.78 -82.74
C GLN FD 305 -131.93 153.99 -81.84
N LYS FD 306 -130.90 154.79 -82.13
CA LYS FD 306 -130.67 156.01 -81.36
C LYS FD 306 -131.82 156.99 -81.52
N ALA FD 307 -132.34 157.15 -82.74
CA ALA FD 307 -133.48 158.03 -82.96
C ALA FD 307 -134.71 157.52 -82.20
N ILE FD 308 -134.95 156.21 -82.25
CA ILE FD 308 -136.10 155.64 -81.54
C ILE FD 308 -135.96 155.84 -80.04
N LEU FD 309 -134.76 155.61 -79.50
CA LEU FD 309 -134.51 155.82 -78.07
C LEU FD 309 -134.67 157.28 -77.69
N LEU FD 310 -134.22 158.20 -78.55
CA LEU FD 310 -134.39 159.62 -78.26
C LEU FD 310 -135.87 159.99 -78.23
N ILE FD 311 -136.66 159.45 -79.17
CA ILE FD 311 -138.09 159.72 -79.18
C ILE FD 311 -138.74 159.17 -77.91
N VAL FD 312 -138.36 157.95 -77.52
CA VAL FD 312 -138.93 157.33 -76.33
C VAL FD 312 -138.56 158.14 -75.08
N ARG FD 313 -137.31 158.59 -75.00
CA ARG FD 313 -136.86 159.38 -73.86
C ARG FD 313 -137.59 160.72 -73.81
N ARG FD 314 -137.81 161.35 -74.96
CA ARG FD 314 -138.57 162.60 -75.00
C ARG FD 314 -139.99 162.38 -74.53
N LEU FD 315 -140.62 161.28 -74.95
CA LEU FD 315 -141.98 160.97 -74.52
C LEU FD 315 -142.03 160.74 -73.02
N ALA FD 316 -141.04 160.02 -72.49
CA ALA FD 316 -141.00 159.76 -71.05
C ALA FD 316 -140.79 161.05 -70.26
N GLU FD 317 -139.89 161.92 -70.74
CA GLU FD 317 -139.63 163.19 -70.07
C GLU FD 317 -140.87 164.07 -70.08
N THR FD 318 -141.60 164.06 -71.19
CA THR FD 318 -142.85 164.81 -71.27
C THR FD 318 -143.84 164.29 -70.22
N GLY FD 319 -143.91 162.97 -70.04
CA GLY FD 319 -144.78 162.38 -69.06
C GLY FD 319 -145.86 161.51 -69.67
N GLU FD 320 -145.61 161.03 -70.89
CA GLU FD 320 -146.56 160.19 -71.62
C GLU FD 320 -146.06 158.77 -71.81
N MET FD 321 -145.17 158.29 -70.95
CA MET FD 321 -144.64 156.94 -71.05
C MET FD 321 -144.25 156.49 -69.64
N VAL FD 322 -144.17 155.18 -69.46
CA VAL FD 322 -143.80 154.59 -68.17
C VAL FD 322 -143.00 153.31 -68.42
N ILE FD 323 -142.49 152.71 -67.34
CA ILE FD 323 -141.71 151.49 -67.44
C ILE FD 323 -142.24 150.48 -66.43
N GLY FD 324 -141.81 149.22 -66.55
CA GLY FD 324 -142.25 148.18 -65.64
C GLY FD 324 -141.61 146.83 -65.92
N SER GD 33 -52.50 218.14 -70.76
CA SER GD 33 -52.41 217.12 -69.73
C SER GD 33 -53.73 216.37 -69.58
N ASP GD 34 -53.71 215.07 -69.86
CA ASP GD 34 -54.90 214.24 -69.73
C ASP GD 34 -55.00 213.78 -68.27
N ILE GD 35 -56.10 214.16 -67.63
CA ILE GD 35 -56.34 213.81 -66.24
C ILE GD 35 -57.84 213.61 -66.05
N ARG GD 36 -58.25 212.36 -65.83
CA ARG GD 36 -59.64 212.02 -65.65
C ARG GD 36 -59.80 211.25 -64.35
N PRO GD 37 -60.98 211.33 -63.67
CA PRO GD 37 -61.19 210.66 -62.37
C PRO GD 37 -61.09 209.15 -62.51
N TYR GD 38 -60.59 208.50 -61.46
CA TYR GD 38 -60.46 207.05 -61.46
C TYR GD 38 -61.82 206.41 -61.24
N ASP GD 39 -62.24 205.60 -62.21
CA ASP GD 39 -63.49 204.85 -62.09
C ASP GD 39 -63.16 203.37 -62.02
N PRO GD 40 -63.49 202.69 -60.93
CA PRO GD 40 -63.26 201.25 -60.85
C PRO GD 40 -64.09 200.50 -61.88
N ASN GD 41 -63.86 199.19 -61.96
CA ASN GD 41 -64.52 198.24 -62.85
C ASN GD 41 -64.52 198.68 -64.30
N THR GD 42 -63.63 199.58 -64.71
CA THR GD 42 -63.51 199.95 -66.11
C THR GD 42 -62.42 199.13 -66.78
N GLN GD 43 -62.65 198.78 -68.04
CA GLN GD 43 -61.71 197.96 -68.80
C GLN GD 43 -60.50 198.81 -69.16
N ARG GD 44 -59.56 198.90 -68.22
CA ARG GD 44 -58.35 199.67 -68.41
C ARG GD 44 -57.10 198.82 -68.60
N ARG GD 45 -57.17 197.53 -68.30
CA ARG GD 45 -56.03 196.62 -68.45
C ARG GD 45 -56.06 196.05 -69.85
N VAL GD 46 -55.11 196.47 -70.69
CA VAL GD 46 -54.99 195.99 -72.06
C VAL GD 46 -53.67 195.25 -72.19
N VAL GD 47 -53.74 193.96 -72.53
CA VAL GD 47 -52.55 193.12 -72.68
C VAL GD 47 -52.68 192.46 -74.05
N ARG GD 48 -52.05 193.06 -75.06
CA ARG GD 48 -52.08 192.55 -76.43
C ARG GD 48 -50.76 191.84 -76.69
N GLU GD 49 -50.84 190.57 -77.09
CA GLU GD 49 -49.64 189.78 -77.33
C GLU GD 49 -49.98 188.76 -78.41
N ARG GD 50 -49.23 188.79 -79.50
CA ARG GD 50 -49.39 187.81 -80.56
C ARG GD 50 -48.96 186.43 -80.07
N LEU GD 51 -49.77 185.42 -80.38
CA LEU GD 51 -49.52 184.05 -79.92
C LEU GD 51 -49.42 183.15 -81.15
N GLN GD 52 -48.21 183.06 -81.72
CA GLN GD 52 -48.02 182.30 -82.95
C GLN GD 52 -48.23 180.81 -82.71
N ALA GD 53 -47.69 180.30 -81.58
CA ALA GD 53 -47.79 178.86 -81.24
C ALA GD 53 -49.25 178.47 -81.12
N LEU GD 54 -50.13 179.28 -80.52
CA LEU GD 54 -51.57 179.04 -80.51
C LEU GD 54 -52.14 179.20 -81.92
N GLU GD 55 -51.59 180.14 -82.70
CA GLU GD 55 -52.08 180.34 -84.06
C GLU GD 55 -51.89 179.12 -84.93
N ILE GD 56 -50.88 178.29 -84.63
CA ILE GD 56 -50.69 177.08 -85.44
C ILE GD 56 -51.40 175.89 -84.80
N ILE GD 57 -51.50 175.90 -83.46
CA ILE GD 57 -52.23 174.85 -82.78
C ILE GD 57 -53.70 174.89 -83.18
N ASN GD 58 -54.24 176.09 -83.40
CA ASN GD 58 -55.63 176.19 -83.82
C ASN GD 58 -55.89 175.52 -85.16
N GLU GD 59 -55.01 175.74 -86.15
CA GLU GD 59 -55.19 175.08 -87.45
C GLU GD 59 -54.98 173.58 -87.35
N ARG GD 60 -54.01 173.13 -86.55
CA ARG GD 60 -53.79 171.69 -86.40
C ARG GD 60 -55.05 171.07 -85.81
N PHE GD 61 -55.59 171.67 -84.75
CA PHE GD 61 -56.81 171.17 -84.15
C PHE GD 61 -57.99 171.24 -85.11
N ALA GD 62 -58.05 172.30 -85.92
CA ALA GD 62 -59.14 172.42 -86.87
C ALA GD 62 -59.09 171.31 -87.91
N ARG GD 63 -57.90 170.98 -88.41
CA ARG GD 63 -57.78 169.87 -89.34
C ARG GD 63 -58.19 168.56 -88.70
N GLN GD 64 -57.72 168.32 -87.46
CA GLN GD 64 -58.10 167.08 -86.78
C GLN GD 64 -59.60 167.00 -86.55
N PHE GD 65 -60.21 168.12 -86.15
CA PHE GD 65 -61.63 168.14 -85.88
C PHE GD 65 -62.45 167.99 -87.16
N ARG GD 66 -61.98 168.55 -88.27
CA ARG GD 66 -62.66 168.32 -89.54
C ARG GD 66 -62.79 166.88 -90.00
N MET GD 67 -61.69 166.11 -89.91
CA MET GD 67 -61.78 164.69 -90.23
C MET GD 67 -62.59 163.85 -89.21
N GLY GD 68 -62.55 164.30 -87.95
CA GLY GD 68 -63.33 163.64 -86.92
C GLY GD 68 -64.78 163.87 -87.27
N LEU GD 69 -65.13 165.10 -87.65
CA LEU GD 69 -66.50 165.41 -88.03
C LEU GD 69 -66.89 164.66 -89.30
N PHE GD 70 -65.97 164.54 -90.25
CA PHE GD 70 -66.24 163.73 -91.42
C PHE GD 70 -66.48 162.28 -91.03
N ASN GD 71 -65.66 161.76 -90.12
CA ASN GD 71 -65.83 160.38 -89.67
C ASN GD 71 -67.17 160.18 -88.99
N LEU GD 72 -67.65 161.17 -88.25
CA LEU GD 72 -68.88 161.00 -87.47
C LEU GD 72 -70.12 161.28 -88.31
N LEU GD 73 -70.25 162.51 -88.82
CA LEU GD 73 -71.46 162.94 -89.50
C LEU GD 73 -71.62 162.34 -90.89
N ARG GD 74 -70.59 161.69 -91.42
CA ARG GD 74 -70.60 161.19 -92.80
C ARG GD 74 -70.87 162.31 -93.79
N ARG GD 75 -70.34 163.50 -93.51
CA ARG GD 75 -70.47 164.65 -94.38
C ARG GD 75 -69.11 165.35 -94.46
N SER GD 76 -69.04 166.44 -95.22
CA SER GD 76 -67.79 167.15 -95.43
C SER GD 76 -67.86 168.55 -94.83
N PRO GD 77 -67.45 168.73 -93.58
CA PRO GD 77 -67.36 170.08 -93.01
C PRO GD 77 -66.11 170.86 -93.34
N ASP GD 78 -66.24 172.18 -93.32
CA ASP GD 78 -65.08 173.06 -93.46
C ASP GD 78 -65.05 173.97 -92.24
N ILE GD 79 -63.90 174.02 -91.58
CA ILE GD 79 -63.71 174.78 -90.35
C ILE GD 79 -62.75 175.92 -90.65
N THR GD 80 -63.21 177.15 -90.44
CA THR GD 80 -62.39 178.34 -90.60
C THR GD 80 -62.02 178.84 -89.20
N VAL GD 81 -60.72 179.00 -88.96
CA VAL GD 81 -60.26 179.47 -87.67
C VAL GD 81 -60.33 180.98 -87.63
N GLY GD 82 -61.04 181.53 -86.65
CA GLY GD 82 -61.12 182.95 -86.50
C GLY GD 82 -59.92 183.53 -85.79
N ALA GD 83 -59.89 184.86 -85.71
CA ALA GD 83 -58.80 185.53 -85.02
C ALA GD 83 -58.89 185.28 -83.51
N ILE GD 84 -57.74 184.97 -82.91
CA ILE GD 84 -57.69 184.78 -81.47
C ILE GD 84 -57.98 186.09 -80.77
N ARG GD 85 -58.92 186.07 -79.82
CA ARG GD 85 -59.31 187.27 -79.10
C ARG GD 85 -58.84 187.21 -77.66
N ILE GD 86 -58.08 188.20 -77.23
CA ILE GD 86 -57.62 188.32 -75.86
C ILE GD 86 -58.47 189.36 -75.15
N GLN GD 87 -59.42 188.90 -74.34
CA GLN GD 87 -60.48 189.78 -73.85
C GLN GD 87 -60.83 189.44 -72.41
N PRO GD 88 -61.38 190.39 -71.67
CA PRO GD 88 -61.86 190.08 -70.32
C PRO GD 88 -62.98 189.05 -70.37
N TYR GD 89 -63.06 188.26 -69.30
CA TYR GD 89 -64.01 187.15 -69.28
C TYR GD 89 -65.47 187.51 -69.45
N HIS GD 90 -65.88 188.66 -68.90
CA HIS GD 90 -67.30 189.11 -68.98
C HIS GD 90 -67.67 189.56 -70.41
N GLU GD 91 -66.69 189.91 -71.25
CA GLU GD 91 -66.92 190.21 -72.66
C GLU GD 91 -67.24 188.89 -73.34
N PHE GD 92 -66.43 187.86 -73.06
CA PHE GD 92 -66.68 186.54 -73.63
C PHE GD 92 -68.02 186.00 -73.17
N ALA GD 93 -68.35 186.19 -71.89
CA ALA GD 93 -69.62 185.69 -71.37
C ALA GD 93 -70.80 186.40 -72.02
N ARG GD 94 -70.71 187.72 -72.17
CA ARG GD 94 -71.85 188.47 -72.71
C ARG GD 94 -72.02 188.22 -74.20
N ASN GD 95 -70.94 187.96 -74.93
CA ASN GD 95 -71.08 187.69 -76.36
C ASN GD 95 -71.72 186.33 -76.61
N LEU GD 96 -71.65 185.43 -75.64
CA LEU GD 96 -72.22 184.10 -75.82
C LEU GD 96 -73.75 184.19 -75.84
N PRO GD 97 -74.41 183.31 -76.59
CA PRO GD 97 -75.87 183.26 -76.56
C PRO GD 97 -76.36 182.38 -75.41
N VAL GD 98 -77.66 182.42 -75.20
CA VAL GD 98 -78.28 181.65 -74.12
C VAL GD 98 -79.50 180.90 -74.65
N PRO GD 99 -79.59 179.59 -74.44
CA PRO GD 99 -78.61 178.71 -73.80
C PRO GD 99 -77.54 178.28 -74.79
N THR GD 100 -76.39 177.84 -74.27
CA THR GD 100 -75.29 177.31 -75.10
C THR GD 100 -74.61 176.25 -74.28
N ASN GD 101 -74.29 175.09 -74.85
CA ASN GD 101 -73.49 174.04 -74.16
C ASN GD 101 -72.06 174.49 -73.86
N LEU GD 102 -71.67 174.55 -72.59
CA LEU GD 102 -70.30 174.90 -72.13
C LEU GD 102 -69.63 173.62 -71.61
N ASN GD 103 -68.39 173.30 -71.96
CA ASN GD 103 -67.75 172.01 -71.54
C ASN GD 103 -66.51 172.33 -70.71
N LEU GD 104 -66.60 172.34 -69.37
CA LEU GD 104 -65.42 172.61 -68.57
C LEU GD 104 -64.42 171.49 -68.78
N ILE GD 105 -63.18 171.86 -69.11
CA ILE GD 105 -62.15 170.88 -69.41
C ILE GD 105 -60.90 171.22 -68.59
N HIS GD 106 -60.18 170.18 -68.21
CA HIS GD 106 -58.96 170.31 -67.44
C HIS GD 106 -57.77 170.03 -68.36
N LEU GD 107 -56.92 171.02 -68.54
CA LEU GD 107 -55.71 170.86 -69.36
C LEU GD 107 -54.50 170.59 -68.46
N LYS GD 108 -54.53 169.45 -67.77
CA LYS GD 108 -53.45 169.10 -66.88
C LYS GD 108 -52.15 168.89 -67.67
N PRO GD 109 -51.00 169.19 -67.07
CA PRO GD 109 -50.78 169.62 -65.68
C PRO GD 109 -50.94 171.12 -65.46
N LEU GD 110 -51.48 171.87 -66.42
CA LEU GD 110 -51.68 173.29 -66.25
C LEU GD 110 -52.83 173.52 -65.28
N ARG GD 111 -52.56 174.26 -64.21
CA ARG GD 111 -53.59 174.52 -63.21
C ARG GD 111 -54.60 175.54 -63.75
N GLY GD 112 -55.87 175.17 -63.71
CA GLY GD 112 -56.93 176.00 -64.21
C GLY GD 112 -58.01 175.14 -64.85
N THR GD 113 -58.95 175.80 -65.51
CA THR GD 113 -60.08 175.12 -66.14
C THR GD 113 -60.47 175.87 -67.40
N GLY GD 114 -60.26 175.24 -68.55
CA GLY GD 114 -60.67 175.83 -69.81
C GLY GD 114 -62.10 175.50 -70.16
N LEU GD 115 -62.58 176.11 -71.25
CA LEU GD 115 -63.97 176.01 -71.65
C LEU GD 115 -64.06 175.75 -73.13
N VAL GD 116 -64.92 174.80 -73.52
CA VAL GD 116 -65.22 174.53 -74.92
C VAL GD 116 -66.69 174.83 -75.14
N VAL GD 117 -66.98 175.79 -76.01
CA VAL GD 117 -68.34 176.30 -76.19
C VAL GD 117 -68.86 175.82 -77.52
N PHE GD 118 -69.88 174.97 -77.49
CA PHE GD 118 -70.61 174.53 -78.67
C PHE GD 118 -71.89 175.34 -78.85
N SER GD 119 -71.99 176.01 -79.98
CA SER GD 119 -73.18 176.81 -80.26
C SER GD 119 -74.42 175.96 -80.47
N PRO GD 120 -75.63 176.49 -80.17
CA PRO GD 120 -76.90 175.74 -80.43
C PRO GD 120 -76.96 175.36 -81.90
N SER GD 121 -76.44 176.23 -82.78
CA SER GD 121 -76.52 175.94 -84.20
C SER GD 121 -75.74 174.68 -84.55
N LEU GD 122 -74.53 174.54 -84.00
CA LEU GD 122 -73.70 173.39 -84.34
C LEU GD 122 -74.32 172.09 -83.82
N VAL GD 123 -74.80 172.08 -82.58
CA VAL GD 123 -75.40 170.87 -82.05
C VAL GD 123 -76.69 170.54 -82.78
N PHE GD 124 -77.45 171.58 -83.18
CA PHE GD 124 -78.64 171.34 -83.98
C PHE GD 124 -78.29 170.69 -85.31
N ILE GD 125 -77.25 171.19 -85.97
CA ILE GD 125 -76.82 170.63 -87.24
C ILE GD 125 -76.38 169.17 -87.06
N ALA GD 126 -75.61 168.91 -86.02
CA ALA GD 126 -75.12 167.55 -85.79
C ALA GD 126 -76.26 166.58 -85.51
N VAL GD 127 -77.20 166.99 -84.65
CA VAL GD 127 -78.34 166.13 -84.33
C VAL GD 127 -79.20 165.90 -85.56
N ASP GD 128 -79.40 166.95 -86.36
CA ASP GD 128 -80.18 166.82 -87.59
C ASP GD 128 -79.53 165.84 -88.55
N ASN GD 129 -78.21 165.95 -88.72
CA ASN GD 129 -77.52 165.06 -89.65
C ASN GD 129 -77.52 163.62 -89.15
N LEU GD 130 -77.31 163.42 -87.85
CA LEU GD 130 -77.29 162.06 -87.32
C LEU GD 130 -78.66 161.39 -87.43
N PHE GD 131 -79.73 162.12 -87.13
CA PHE GD 131 -81.06 161.53 -87.05
C PHE GD 131 -81.85 161.77 -88.33
N GLY GD 132 -81.32 161.22 -89.42
CA GLY GD 132 -82.03 161.18 -90.68
C GLY GD 132 -82.45 162.53 -91.23
N GLY GD 133 -81.54 163.49 -91.23
CA GLY GD 133 -81.85 164.79 -91.78
C GLY GD 133 -80.79 165.32 -92.73
N ASP GD 134 -81.22 165.71 -93.92
CA ASP GD 134 -80.27 166.26 -94.94
C ASP GD 134 -80.19 167.79 -94.78
N GLY GD 135 -80.51 168.30 -93.59
CA GLY GD 135 -80.42 169.73 -93.36
C GLY GD 135 -81.23 170.51 -94.38
N ARG GD 136 -82.35 169.96 -94.84
CA ARG GD 136 -83.23 170.68 -95.76
C ARG GD 136 -83.87 171.90 -95.10
N PHE GD 137 -84.50 171.68 -93.96
CA PHE GD 137 -85.12 172.79 -93.24
C PHE GD 137 -84.14 173.70 -92.50
N PRO GD 138 -84.45 174.98 -92.39
CA PRO GD 138 -83.55 175.90 -91.67
C PRO GD 138 -83.47 175.53 -90.19
N THR GD 139 -82.32 175.79 -89.59
CA THR GD 139 -82.15 175.58 -88.16
C THR GD 139 -82.93 176.64 -87.38
N LYS GD 140 -83.74 176.18 -86.44
CA LYS GD 140 -84.55 177.06 -85.60
C LYS GD 140 -84.15 176.87 -84.13
N VAL GD 141 -83.69 177.95 -83.50
CA VAL GD 141 -83.34 177.93 -82.09
C VAL GD 141 -84.11 179.05 -81.40
N GLU GD 142 -84.87 178.70 -80.37
CA GLU GD 142 -85.71 179.65 -79.65
C GLU GD 142 -85.54 179.46 -78.14
N GLY GD 143 -84.28 179.38 -77.70
CA GLY GD 143 -84.03 179.17 -76.28
C GLY GD 143 -84.29 177.77 -75.79
N ARG GD 144 -84.45 176.83 -76.71
CA ARG GD 144 -84.71 175.45 -76.33
C ARG GD 144 -83.48 174.84 -75.67
N GLU GD 145 -83.71 174.07 -74.59
CA GLU GD 145 -82.63 173.45 -73.86
C GLU GD 145 -82.19 172.16 -74.56
N PHE GD 146 -81.28 171.44 -73.91
CA PHE GD 146 -80.69 170.24 -74.48
C PHE GD 146 -81.16 169.01 -73.69
N THR GD 147 -81.72 168.04 -74.41
CA THR GD 147 -82.18 166.81 -73.78
C THR GD 147 -81.02 165.86 -73.52
N HIS GD 148 -81.33 164.70 -72.96
CA HIS GD 148 -80.28 163.72 -72.68
C HIS GD 148 -79.68 163.17 -73.96
N THR GD 149 -80.50 162.93 -74.98
CA THR GD 149 -79.98 162.47 -76.26
C THR GD 149 -79.08 163.52 -76.90
N GLU GD 150 -79.50 164.78 -76.86
CA GLU GD 150 -78.65 165.86 -77.36
C GLU GD 150 -77.37 165.96 -76.57
N GLN GD 151 -77.45 165.78 -75.25
CA GLN GD 151 -76.25 165.82 -74.43
C GLN GD 151 -75.30 164.68 -74.78
N ARG GD 152 -75.85 163.50 -75.08
CA ARG GD 152 -74.99 162.38 -75.46
C ARG GD 152 -74.34 162.63 -76.82
N VAL GD 153 -75.08 163.21 -77.76
CA VAL GD 153 -74.49 163.57 -79.06
C VAL GD 153 -73.37 164.57 -78.87
N ILE GD 154 -73.58 165.57 -78.01
CA ILE GD 154 -72.56 166.57 -77.75
C ILE GD 154 -71.34 165.95 -77.08
N ASN GD 155 -71.56 164.98 -76.18
CA ASN GD 155 -70.45 164.28 -75.57
C ASN GD 155 -69.65 163.52 -76.63
N ARG GD 156 -70.36 162.88 -77.56
CA ARG GD 156 -69.67 162.16 -78.63
C ARG GD 156 -68.85 163.10 -79.49
N MET GD 157 -69.40 164.27 -79.83
CA MET GD 157 -68.64 165.26 -80.58
C MET GD 157 -67.46 165.79 -79.78
N LEU GD 158 -67.67 166.05 -78.50
CA LEU GD 158 -66.63 166.64 -77.66
C LEU GD 158 -65.49 165.67 -77.43
N LYS GD 159 -65.77 164.37 -77.47
CA LYS GD 159 -64.68 163.40 -77.38
C LYS GD 159 -63.70 163.59 -78.54
N LEU GD 160 -64.24 163.69 -79.76
CA LEU GD 160 -63.38 163.96 -80.92
C LEU GD 160 -62.70 165.31 -80.81
N ALA GD 161 -63.43 166.32 -80.36
CA ALA GD 161 -62.84 167.66 -80.23
C ALA GD 161 -61.67 167.65 -79.26
N LEU GD 162 -61.83 166.99 -78.11
CA LEU GD 162 -60.77 166.95 -77.12
C LEU GD 162 -59.60 166.12 -77.60
N GLU GD 163 -59.86 165.00 -78.29
CA GLU GD 163 -58.77 164.22 -78.85
C GLU GD 163 -57.97 165.05 -79.86
N GLY GD 164 -58.66 165.78 -80.74
CA GLY GD 164 -57.96 166.62 -81.69
C GLY GD 164 -57.15 167.72 -81.03
N TYR GD 165 -57.74 168.36 -80.01
CA TYR GD 165 -57.02 169.42 -79.31
C TYR GD 165 -55.79 168.88 -78.60
N SER GD 166 -55.91 167.72 -77.95
CA SER GD 166 -54.77 167.13 -77.27
C SER GD 166 -53.67 166.76 -78.26
N ASP GD 167 -54.05 166.19 -79.41
CA ASP GD 167 -53.07 165.85 -80.43
C ASP GD 167 -52.38 167.10 -80.97
N ALA GD 168 -53.14 168.17 -81.18
CA ALA GD 168 -52.54 169.40 -81.66
C ALA GD 168 -51.57 169.98 -80.64
N TRP GD 169 -51.93 169.94 -79.35
CA TRP GD 169 -51.04 170.46 -78.33
C TRP GD 169 -49.84 169.54 -78.18
N LYS GD 170 -50.03 168.24 -78.46
CA LYS GD 170 -48.95 167.27 -78.27
C LYS GD 170 -47.67 167.67 -79.02
N ALA GD 171 -47.82 168.29 -80.19
CA ALA GD 171 -46.65 168.73 -80.94
C ALA GD 171 -45.73 169.71 -80.21
N ILE GD 172 -46.31 170.67 -79.48
CA ILE GD 172 -45.53 171.68 -78.79
C ILE GD 172 -45.33 171.28 -77.34
N ASN GD 173 -46.42 171.12 -76.61
CA ASN GD 173 -46.34 170.72 -75.21
C ASN GD 173 -47.34 169.61 -74.94
N PRO GD 174 -46.88 168.42 -74.55
CA PRO GD 174 -47.83 167.30 -74.35
C PRO GD 174 -48.75 167.54 -73.17
N LEU GD 175 -50.04 167.68 -73.46
CA LEU GD 175 -51.06 167.91 -72.44
C LEU GD 175 -52.13 166.83 -72.57
N GLU GD 176 -52.76 166.51 -71.44
CA GLU GD 176 -53.90 165.60 -71.42
C GLU GD 176 -55.16 166.40 -71.12
N VAL GD 177 -56.18 166.18 -71.93
CA VAL GD 177 -57.43 166.95 -71.86
C VAL GD 177 -58.50 166.06 -71.25
N GLU GD 178 -59.08 166.52 -70.15
CA GLU GD 178 -60.12 165.79 -69.46
C GLU GD 178 -61.40 166.62 -69.41
N TYR GD 179 -62.50 165.99 -69.80
CA TYR GD 179 -63.82 166.61 -69.73
C TYR GD 179 -64.42 166.31 -68.36
N VAL GD 180 -64.76 167.35 -67.61
CA VAL GD 180 -65.17 167.20 -66.22
C VAL GD 180 -66.66 167.47 -66.04
N ARG GD 181 -67.23 168.39 -66.82
CA ARG GD 181 -68.60 168.81 -66.56
C ARG GD 181 -69.12 169.57 -67.76
N SER GD 182 -70.43 169.50 -67.97
CA SER GD 182 -71.09 170.25 -69.01
C SER GD 182 -72.24 171.02 -68.37
N GLU GD 183 -72.48 172.23 -68.87
CA GLU GD 183 -73.48 173.12 -68.35
C GLU GD 183 -74.14 173.84 -69.52
N MET GD 184 -75.27 174.47 -69.26
CA MET GD 184 -76.03 175.17 -70.28
C MET GD 184 -76.12 176.68 -70.09
N GLN GD 185 -76.03 177.16 -68.86
CA GLN GD 185 -76.04 178.59 -68.57
C GLN GD 185 -74.61 179.10 -68.44
N VAL GD 186 -74.47 180.42 -68.38
CA VAL GD 186 -73.16 181.04 -68.26
C VAL GD 186 -72.72 181.21 -66.81
N LYS GD 187 -73.65 181.37 -65.89
CA LYS GD 187 -73.31 181.66 -64.50
C LYS GD 187 -72.87 180.43 -63.72
N PHE GD 188 -72.94 179.23 -64.32
CA PHE GD 188 -72.49 178.02 -63.65
C PHE GD 188 -71.01 177.72 -63.79
N THR GD 189 -70.32 178.35 -64.74
CA THR GD 189 -68.92 177.98 -64.99
C THR GD 189 -67.95 178.74 -64.08
N ASN GD 190 -67.93 180.06 -64.20
CA ASN GD 190 -67.03 180.92 -63.42
C ASN GD 190 -65.65 180.31 -63.27
N ILE GD 191 -64.95 180.18 -64.40
CA ILE GD 191 -63.56 179.62 -64.44
C ILE GD 191 -62.56 180.75 -64.15
N THR GD 192 -63.02 182.00 -64.01
CA THR GD 192 -62.18 183.17 -63.72
C THR GD 192 -62.51 183.69 -62.34
N THR GD 193 -61.50 183.90 -61.49
CA THR GD 193 -61.70 184.36 -60.09
C THR GD 193 -62.55 185.61 -60.10
N SER GD 194 -62.31 186.52 -61.05
CA SER GD 194 -63.08 187.73 -61.21
C SER GD 194 -63.53 187.88 -62.66
N PRO GD 195 -64.68 188.53 -62.89
CA PRO GD 195 -65.15 188.72 -64.26
C PRO GD 195 -64.25 189.60 -65.11
N ASN GD 196 -63.35 190.36 -64.50
CA ASN GD 196 -62.44 191.21 -65.24
C ASN GD 196 -61.14 190.52 -65.60
N ASP GD 197 -61.01 189.24 -65.27
CA ASP GD 197 -59.81 188.49 -65.65
C ASP GD 197 -59.75 188.32 -67.16
N ILE GD 198 -58.54 188.14 -67.66
CA ILE GD 198 -58.28 188.11 -69.10
C ILE GD 198 -58.22 186.67 -69.56
N VAL GD 199 -58.91 186.37 -70.66
CA VAL GD 199 -58.95 185.03 -71.22
C VAL GD 199 -58.66 185.11 -72.71
N VAL GD 200 -58.22 183.98 -73.26
CA VAL GD 200 -57.86 183.84 -74.67
C VAL GD 200 -58.93 183.05 -75.41
N ASN GD 201 -59.61 183.71 -76.35
CA ASN GD 201 -60.75 183.04 -77.05
C ASN GD 201 -60.45 182.79 -78.53
N THR GD 202 -60.67 181.57 -79.00
CA THR GD 202 -60.51 181.19 -80.40
C THR GD 202 -61.86 180.73 -80.94
N PRO GD 203 -62.52 181.52 -81.79
CA PRO GD 203 -63.78 181.06 -82.42
C PRO GD 203 -63.49 180.37 -83.74
N PHE GD 204 -64.06 179.18 -83.92
CA PHE GD 204 -64.03 178.48 -85.19
C PHE GD 204 -65.43 178.47 -85.79
N HIS GD 205 -65.49 178.56 -87.12
CA HIS GD 205 -66.75 178.48 -87.84
C HIS GD 205 -66.78 177.21 -88.66
N VAL GD 206 -67.78 176.37 -88.40
CA VAL GD 206 -67.93 175.08 -89.07
C VAL GD 206 -69.13 175.18 -90.01
N GLU GD 207 -68.90 174.92 -91.29
CA GLU GD 207 -69.97 174.94 -92.28
C GLU GD 207 -70.16 173.55 -92.84
N ILE GD 208 -71.41 173.10 -92.87
CA ILE GD 208 -71.81 171.83 -93.48
C ILE GD 208 -72.88 172.14 -94.51
N GLY GD 209 -72.58 171.86 -95.77
CA GLY GD 209 -73.51 172.24 -96.83
C GLY GD 209 -73.77 173.73 -96.78
N ASN GD 210 -75.06 174.09 -96.80
CA ASN GD 210 -75.44 175.48 -96.64
C ASN GD 210 -75.51 175.89 -95.17
N LEU GD 211 -75.68 174.94 -94.27
CA LEU GD 211 -75.80 175.25 -92.85
C LEU GD 211 -74.46 175.65 -92.26
N THR GD 212 -74.52 176.53 -91.27
CA THR GD 212 -73.32 177.03 -90.61
C THR GD 212 -73.52 177.05 -89.11
N GLY GD 213 -72.40 177.00 -88.39
CA GLY GD 213 -72.41 177.12 -86.94
C GLY GD 213 -71.03 177.52 -86.48
N GLU GD 214 -70.89 177.76 -85.18
CA GLU GD 214 -69.61 178.17 -84.64
C GLU GD 214 -69.40 177.54 -83.28
N PHE GD 215 -68.13 177.47 -82.88
CA PHE GD 215 -67.79 176.97 -81.56
C PHE GD 215 -66.47 177.58 -81.12
N ASN GD 216 -66.36 177.90 -79.83
CA ASN GD 216 -65.22 178.61 -79.31
C ASN GD 216 -64.42 177.73 -78.35
N ILE GD 217 -63.14 178.06 -78.22
CA ILE GD 217 -62.29 177.45 -77.20
C ILE GD 217 -61.66 178.57 -76.38
N CYS GD 218 -62.00 178.63 -75.09
CA CYS GD 218 -61.56 179.72 -74.22
C CYS GD 218 -60.66 179.17 -73.12
N LEU GD 219 -59.49 179.76 -72.97
CA LEU GD 219 -58.54 179.37 -71.94
C LEU GD 219 -58.24 180.57 -71.05
N PRO GD 220 -58.37 180.45 -69.74
CA PRO GD 220 -57.96 181.56 -68.87
C PRO GD 220 -56.47 181.81 -69.00
N PHE GD 221 -56.09 183.08 -68.94
CA PHE GD 221 -54.68 183.44 -69.11
C PHE GD 221 -53.80 182.89 -68.01
N SER GD 222 -54.36 182.50 -66.87
CA SER GD 222 -53.55 181.93 -65.81
C SER GD 222 -52.92 180.62 -66.26
N MET GD 223 -53.67 179.80 -66.99
CA MET GD 223 -53.12 178.54 -67.49
C MET GD 223 -52.01 178.79 -68.50
N ILE GD 224 -52.19 179.77 -69.38
CA ILE GD 224 -51.23 180.03 -70.44
C ILE GD 224 -49.97 180.70 -69.90
N GLU GD 225 -50.10 181.47 -68.82
CA GLU GD 225 -48.98 182.29 -68.34
C GLU GD 225 -47.67 181.54 -68.13
N PRO GD 226 -47.64 180.35 -67.52
CA PRO GD 226 -46.36 179.64 -67.42
C PRO GD 226 -45.77 179.25 -68.78
N LEU GD 227 -46.59 179.22 -69.82
CA LEU GD 227 -46.13 178.86 -71.16
C LEU GD 227 -46.11 180.03 -72.14
N ARG GD 228 -45.99 181.25 -71.64
CA ARG GD 228 -46.07 182.42 -72.51
C ARG GD 228 -44.89 182.49 -73.48
N GLU GD 229 -43.68 182.26 -72.97
CA GLU GD 229 -42.50 182.33 -73.83
C GLU GD 229 -42.57 181.22 -74.87
N LEU GD 230 -43.23 180.11 -74.57
CA LEU GD 230 -43.41 179.05 -75.55
C LEU GD 230 -44.47 179.41 -76.57
N LEU GD 231 -45.56 180.06 -76.11
CA LEU GD 231 -46.73 180.35 -76.97
C LEU GD 231 -46.52 181.65 -77.77
N VAL GD 232 -45.52 182.45 -77.41
CA VAL GD 232 -45.30 183.77 -78.07
C VAL GD 232 -44.50 183.56 -79.37
N ASN GD 233 -43.29 182.98 -79.32
CA ASN GD 233 -42.48 182.88 -80.53
C ASN GD 233 -42.98 181.75 -81.41
N PRO GD 234 -42.94 181.92 -82.73
CA PRO GD 234 -43.34 180.84 -83.64
C PRO GD 234 -42.44 179.64 -83.46
N PRO GD 235 -42.99 178.43 -83.56
CA PRO GD 235 -42.17 177.23 -83.31
C PRO GD 235 -41.08 177.07 -84.35
N LEU GD 236 -39.96 176.49 -83.92
CA LEU GD 236 -38.83 176.23 -84.80
C LEU GD 236 -38.60 174.73 -84.91
N GLU GD 237 -38.10 174.31 -86.07
CA GLU GD 237 -37.85 172.90 -86.35
C GLU GD 237 -36.58 172.48 -85.62
N ASN GD 238 -36.75 172.11 -84.35
CA ASN GD 238 -35.65 171.70 -83.49
C ASN GD 238 -36.08 170.45 -82.75
N SER GD 239 -35.27 170.04 -81.77
CA SER GD 239 -35.56 168.86 -80.96
C SER GD 239 -35.42 169.22 -79.49
N ARG GD 240 -36.02 168.39 -78.63
CA ARG GD 240 -35.91 168.61 -77.20
C ARG GD 240 -34.46 168.53 -76.74
N HIS GD 241 -33.69 167.62 -77.34
CA HIS GD 241 -32.26 167.55 -77.05
C HIS GD 241 -31.57 168.86 -77.42
N GLU GD 242 -31.89 169.41 -78.59
CA GLU GD 242 -31.29 170.67 -78.99
C GLU GD 242 -31.70 171.81 -78.06
N ASP GD 243 -32.97 171.82 -77.64
CA ASP GD 243 -33.44 172.87 -76.75
C ASP GD 243 -32.74 172.80 -75.39
N GLN GD 244 -32.63 171.60 -74.82
CA GLN GD 244 -31.94 171.48 -73.54
C GLN GD 244 -30.46 171.78 -73.67
N ASN GD 245 -29.85 171.43 -74.81
CA ASN GD 245 -28.46 171.81 -75.04
C ASN GD 245 -28.31 173.32 -75.12
N TRP GD 246 -29.26 173.99 -75.77
CA TRP GD 246 -29.24 175.45 -75.84
C TRP GD 246 -29.18 176.24 -74.53
N ARG GD 247 -30.10 175.92 -73.62
CA ARG GD 247 -30.15 176.63 -72.31
C ARG GD 247 -28.95 176.16 -71.48
N ASP GD 248 -28.52 174.90 -71.66
CA ASP GD 248 -27.33 174.39 -70.93
C ASP GD 248 -26.12 175.27 -71.27
N ASN GD 249 -25.86 175.48 -72.56
CA ASN GD 249 -24.72 176.32 -72.99
C ASN GD 249 -24.95 177.76 -72.49
N LEU GD 250 -26.17 178.26 -72.63
CA LEU GD 250 -26.51 179.63 -72.15
C LEU GD 250 -26.24 179.71 -70.65
N VAL GD 251 -26.69 178.71 -69.89
CA VAL GD 251 -26.45 178.67 -68.42
C VAL GD 251 -24.93 178.76 -68.19
N ARG GD 252 -24.16 177.95 -68.92
CA ARG GD 252 -22.71 178.00 -68.76
C ARG GD 252 -22.13 179.36 -69.16
N GLN GD 253 -22.71 179.98 -70.19
CA GLN GD 253 -22.25 181.31 -70.58
C GLN GD 253 -22.59 182.35 -69.53
N VAL GD 254 -23.73 182.18 -68.84
CA VAL GD 254 -24.14 183.16 -67.85
C VAL GD 254 -23.19 183.16 -66.65
N GLN GD 255 -22.66 181.98 -66.29
CA GLN GD 255 -21.83 181.86 -65.11
C GLN GD 255 -20.65 182.82 -65.10
N HIS GD 256 -20.13 183.14 -66.29
CA HIS GD 256 -19.00 184.07 -66.39
C HIS GD 256 -19.51 185.51 -66.53
N SER GD 257 -20.30 185.94 -65.54
CA SER GD 257 -20.83 187.33 -65.47
C SER GD 257 -20.62 187.87 -64.05
N GLU GD 258 -19.78 188.90 -63.89
CA GLU GD 258 -19.47 189.48 -62.56
C GLU GD 258 -20.73 190.12 -61.96
N LEU GD 259 -20.93 190.02 -60.64
CA LEU GD 259 -22.09 190.63 -59.93
C LEU GD 259 -21.59 191.65 -58.93
N GLU GD 260 -22.48 192.43 -58.32
CA GLU GD 260 -22.14 193.35 -57.25
C GLU GD 260 -22.82 192.88 -55.96
N LEU GD 261 -22.02 192.45 -55.00
CA LEU GD 261 -22.54 191.93 -53.73
C LEU GD 261 -22.33 192.97 -52.64
N VAL GD 262 -23.38 193.27 -51.89
CA VAL GD 262 -23.36 194.30 -50.86
C VAL GD 262 -23.70 193.68 -49.52
N ALA GD 263 -22.87 193.93 -48.52
CA ALA GD 263 -23.08 193.41 -47.17
C ALA GD 263 -23.62 194.53 -46.30
N ASN GD 264 -24.71 194.24 -45.58
CA ASN GD 264 -25.33 195.19 -44.68
C ASN GD 264 -24.96 194.82 -43.25
N PHE GD 265 -24.17 195.69 -42.60
CA PHE GD 265 -23.72 195.47 -41.20
C PHE GD 265 -24.83 195.78 -40.21
N ALA GD 266 -25.51 196.92 -40.36
CA ALA GD 266 -26.60 197.34 -39.45
C ALA GD 266 -27.64 198.20 -40.16
N ASP GD 267 -28.86 198.35 -39.61
CA ASP GD 267 -29.90 199.21 -40.17
C ASP GD 267 -30.56 199.93 -39.01
N ILE GD 268 -30.19 201.19 -38.79
CA ILE GD 268 -30.63 201.96 -37.64
C ILE GD 268 -31.72 202.92 -38.10
N PRO GD 269 -32.87 203.05 -37.38
CA PRO GD 269 -33.99 203.96 -37.79
C PRO GD 269 -33.87 205.32 -37.11
N LEU GD 270 -33.59 206.37 -37.89
CA LEU GD 270 -33.54 207.74 -37.34
C LEU GD 270 -34.56 208.65 -38.01
N ARG GD 271 -35.07 209.64 -37.29
CA ARG GD 271 -36.01 210.63 -37.87
C ARG GD 271 -35.23 211.62 -38.74
N LEU GD 272 -35.94 212.34 -39.62
CA LEU GD 272 -35.28 213.37 -40.46
C LEU GD 272 -34.64 214.42 -39.56
N SER GD 273 -35.29 214.74 -38.45
CA SER GD 273 -34.77 215.81 -37.55
C SER GD 273 -33.38 215.41 -37.04
N GLN GD 274 -33.21 214.15 -36.70
CA GLN GD 274 -31.87 213.70 -36.24
C GLN GD 274 -30.89 213.89 -37.40
N ILE GD 275 -31.29 213.56 -38.63
CA ILE GD 275 -30.32 213.64 -39.75
C ILE GD 275 -29.77 215.05 -39.99
N LEU GD 276 -30.62 216.07 -39.99
CA LEU GD 276 -30.11 217.45 -40.11
C LEU GD 276 -29.18 218.00 -39.02
N LYS GD 277 -29.49 217.68 -37.76
CA LYS GD 277 -28.60 218.01 -36.61
C LYS GD 277 -27.36 217.05 -36.55
N LEU GD 278 -27.51 215.96 -37.30
CA LEU GD 278 -26.44 214.93 -37.29
C LEU GD 278 -25.27 215.73 -37.84
N LYS GD 279 -24.12 215.61 -37.19
CA LYS GD 279 -22.88 216.29 -37.59
C LYS GD 279 -21.73 215.37 -37.16
N PRO GD 280 -20.50 215.47 -37.72
CA PRO GD 280 -19.40 214.52 -37.40
C PRO GD 280 -19.13 214.45 -35.90
N GLY GD 281 -18.74 213.27 -35.38
CA GLY GD 281 -18.43 213.04 -33.99
C GLY GD 281 -19.55 212.40 -33.19
N ASP GD 282 -20.77 212.38 -33.71
CA ASP GD 282 -21.88 211.79 -33.00
C ASP GD 282 -21.77 210.27 -32.97
N VAL GD 283 -22.47 209.65 -32.02
CA VAL GD 283 -22.52 208.19 -31.90
C VAL GD 283 -23.98 207.77 -31.99
N LEU GD 284 -24.28 206.90 -32.94
CA LEU GD 284 -25.63 206.38 -33.13
C LEU GD 284 -25.65 204.92 -32.71
N PRO GD 285 -26.38 204.55 -31.66
CA PRO GD 285 -26.27 203.19 -31.13
C PRO GD 285 -26.87 202.17 -32.08
N ILE GD 286 -26.22 201.02 -32.17
CA ILE GD 286 -26.67 199.90 -33.00
C ILE GD 286 -26.70 198.65 -32.14
N GLU GD 287 -27.45 197.66 -32.61
CA GLU GD 287 -27.62 196.40 -31.91
C GLU GD 287 -26.62 195.38 -32.42
N LYS GD 288 -26.59 194.23 -31.75
CA LYS GD 288 -25.69 193.14 -32.16
C LYS GD 288 -26.14 192.56 -33.49
N PRO GD 289 -25.30 192.60 -34.53
CA PRO GD 289 -25.58 191.78 -35.71
C PRO GD 289 -25.09 190.36 -35.53
N ASP GD 290 -26.01 189.42 -35.32
CA ASP GD 290 -25.62 187.98 -35.20
C ASP GD 290 -25.15 187.50 -36.57
N ARG GD 291 -25.87 187.89 -37.63
CA ARG GD 291 -25.51 187.51 -38.98
C ARG GD 291 -25.62 188.71 -39.90
N ILE GD 292 -24.82 188.69 -40.97
CA ILE GD 292 -24.74 189.77 -41.94
C ILE GD 292 -25.35 189.41 -43.28
N ILE GD 293 -26.40 190.13 -43.67
CA ILE GD 293 -27.07 189.86 -44.93
C ILE GD 293 -26.32 190.46 -46.12
N ALA GD 294 -26.10 189.64 -47.14
CA ALA GD 294 -25.42 190.04 -48.36
C ALA GD 294 -26.44 189.93 -49.50
N HIS GD 295 -26.66 191.05 -50.18
CA HIS GD 295 -27.69 191.18 -51.20
C HIS GD 295 -27.10 191.74 -52.47
N VAL GD 296 -27.67 191.35 -53.61
CA VAL GD 296 -27.29 191.85 -54.92
C VAL GD 296 -28.45 192.68 -55.43
N ASP GD 297 -28.25 193.99 -55.53
CA ASP GD 297 -29.27 194.91 -56.04
C ASP GD 297 -30.57 194.79 -55.24
N GLY GD 298 -30.45 194.57 -53.94
CA GLY GD 298 -31.61 194.47 -53.08
C GLY GD 298 -31.94 193.07 -52.64
N VAL GD 299 -31.82 192.10 -53.55
CA VAL GD 299 -32.22 190.73 -53.27
C VAL GD 299 -31.16 190.06 -52.39
N PRO GD 300 -31.52 189.61 -51.20
CA PRO GD 300 -30.51 188.99 -50.31
C PRO GD 300 -30.11 187.62 -50.81
N VAL GD 301 -28.81 187.34 -50.76
CA VAL GD 301 -28.26 186.11 -51.31
C VAL GD 301 -27.55 185.30 -50.23
N LEU GD 302 -26.98 185.97 -49.24
CA LEU GD 302 -26.10 185.31 -48.29
C LEU GD 302 -26.43 185.91 -46.93
N THR GD 303 -26.19 185.12 -45.88
CA THR GD 303 -26.05 185.63 -44.52
C THR GD 303 -24.76 185.00 -44.01
N SER GD 304 -23.86 185.83 -43.48
CA SER GD 304 -22.51 185.41 -43.17
C SER GD 304 -22.04 186.32 -42.04
N GLN GD 305 -21.11 185.82 -41.24
CA GLN GD 305 -20.64 186.47 -40.02
C GLN GD 305 -19.52 187.39 -40.48
N TYR GD 306 -19.46 188.57 -39.90
CA TYR GD 306 -18.43 189.53 -40.29
C TYR GD 306 -17.07 189.14 -39.71
N GLY GD 307 -16.02 189.67 -40.31
CA GLY GD 307 -14.67 189.39 -39.85
C GLY GD 307 -13.68 190.22 -40.63
N THR GD 308 -12.41 190.08 -40.23
CA THR GD 308 -11.30 190.78 -40.89
C THR GD 308 -10.26 189.75 -41.28
N VAL GD 309 -9.88 189.72 -42.55
CA VAL GD 309 -8.88 188.79 -43.06
C VAL GD 309 -7.98 189.55 -44.03
N ASN GD 310 -6.67 189.41 -43.84
CA ASN GD 310 -5.66 190.01 -44.72
C ASN GD 310 -5.86 191.53 -44.82
N GLY GD 311 -6.22 192.15 -43.71
CA GLY GD 311 -6.50 193.57 -43.71
C GLY GD 311 -7.75 193.97 -44.46
N GLN GD 312 -8.57 193.01 -44.87
CA GLN GD 312 -9.79 193.26 -45.61
C GLN GD 312 -11.00 192.89 -44.77
N TYR GD 313 -12.08 193.64 -44.95
CA TYR GD 313 -13.35 193.26 -44.32
C TYR GD 313 -13.84 191.97 -44.94
N ALA GD 314 -13.94 190.91 -44.12
CA ALA GD 314 -14.26 189.59 -44.61
C ALA GD 314 -15.59 189.12 -44.06
N LEU GD 315 -16.20 188.15 -44.74
CA LEU GD 315 -17.43 187.52 -44.29
C LEU GD 315 -17.26 186.01 -44.35
N ARG GD 316 -17.58 185.35 -43.24
CA ARG GD 316 -17.56 183.89 -43.17
C ARG GD 316 -18.95 183.40 -43.55
N VAL GD 317 -19.08 182.85 -44.76
CA VAL GD 317 -20.38 182.48 -45.29
C VAL GD 317 -21.00 181.39 -44.43
N GLU GD 318 -22.19 181.63 -43.95
CA GLU GD 318 -22.92 180.64 -43.16
C GLU GD 318 -24.04 179.94 -43.90
N HIS GD 319 -24.78 180.64 -44.77
CA HIS GD 319 -25.96 180.02 -45.40
C HIS GD 319 -26.40 180.74 -46.68
N LEU GD 320 -26.45 180.02 -47.80
CA LEU GD 320 -27.01 180.55 -49.03
C LEU GD 320 -28.53 180.56 -48.93
N ILE GD 321 -29.14 181.71 -49.21
CA ILE GD 321 -30.58 181.86 -48.98
C ILE GD 321 -31.35 181.21 -50.11
N ASN GD 322 -31.68 179.93 -49.95
CA ASN GD 322 -32.50 179.24 -50.92
C ASN GD 322 -33.97 179.59 -50.72
N PRO GD 323 -34.78 179.57 -51.79
CA PRO GD 323 -36.21 179.85 -51.67
C PRO GD 323 -37.03 178.61 -51.35
N GLN HD 52 -43.17 225.70 -50.15
CA GLN HD 52 -41.89 225.40 -49.51
C GLN HD 52 -42.02 225.34 -48.00
N ASP HD 53 -42.56 224.23 -47.51
CA ASP HD 53 -42.79 224.02 -46.09
C ASP HD 53 -41.58 223.35 -45.46
N ILE HD 54 -41.48 223.48 -44.14
CA ILE HD 54 -40.32 222.93 -43.43
C ILE HD 54 -40.78 222.02 -42.30
N ASP HD 55 -41.73 222.46 -41.49
CA ASP HD 55 -42.27 221.62 -40.39
C ASP HD 55 -43.06 220.46 -40.98
N LEU HD 56 -43.48 220.56 -42.25
CA LEU HD 56 -44.31 219.51 -42.89
C LEU HD 56 -43.54 218.18 -42.96
N ILE HD 57 -42.25 218.22 -43.29
CA ILE HD 57 -41.42 216.98 -43.45
C ILE HD 57 -40.35 216.95 -42.35
N MET HD 58 -40.49 217.79 -41.32
CA MET HD 58 -39.49 217.88 -40.27
C MET HD 58 -39.47 216.60 -39.42
N ASP HD 59 -40.51 215.77 -39.53
CA ASP HD 59 -40.68 214.62 -38.66
C ASP HD 59 -40.69 213.28 -39.40
N ILE HD 60 -40.57 213.29 -40.71
CA ILE HD 60 -40.64 212.06 -41.51
C ILE HD 60 -39.50 211.13 -41.13
N PRO HD 61 -39.73 209.84 -40.92
CA PRO HD 61 -38.63 208.94 -40.57
C PRO HD 61 -37.90 208.45 -41.81
N VAL HD 62 -36.61 208.15 -41.62
CA VAL HD 62 -35.76 207.63 -42.68
C VAL HD 62 -35.07 206.46 -41.99
N LYS HD 63 -34.61 205.52 -42.83
CA LYS HD 63 -33.88 204.32 -42.36
C LYS HD 63 -32.44 204.44 -42.86
N LEU HD 64 -31.45 204.26 -41.99
CA LEU HD 64 -30.05 204.42 -42.35
C LEU HD 64 -29.39 203.04 -42.33
N THR HD 65 -28.60 202.75 -43.36
CA THR HD 65 -27.91 201.48 -43.46
C THR HD 65 -26.41 201.75 -43.52
N VAL HD 66 -25.64 200.80 -43.02
CA VAL HD 66 -24.18 200.85 -43.05
C VAL HD 66 -23.64 199.56 -43.65
N GLU HD 67 -22.59 199.67 -44.46
CA GLU HD 67 -22.05 198.53 -45.17
C GLU HD 67 -20.77 198.00 -44.60
N LEU HD 68 -20.46 196.73 -44.84
CA LEU HD 68 -19.12 196.24 -44.54
C LEU HD 68 -18.22 196.69 -45.68
N GLY HD 69 -18.63 196.43 -46.92
CA GLY HD 69 -17.84 196.86 -48.06
C GLY HD 69 -18.43 196.36 -49.36
N ARG HD 70 -17.91 196.91 -50.45
CA ARG HD 70 -18.24 196.48 -51.79
C ARG HD 70 -17.44 195.23 -52.10
N THR HD 71 -17.88 194.49 -53.13
CA THR HD 71 -17.08 193.45 -53.74
C THR HD 71 -17.89 193.08 -54.96
N ARG HD 72 -17.20 192.59 -56.00
CA ARG HD 72 -17.82 192.22 -57.26
C ARG HD 72 -17.28 190.84 -57.58
N MET HD 73 -18.18 189.86 -57.72
CA MET HD 73 -17.79 188.46 -57.76
C MET HD 73 -18.86 187.82 -58.62
N THR HD 74 -18.45 186.92 -59.52
CA THR HD 74 -19.35 186.37 -60.57
C THR HD 74 -20.23 185.27 -60.06
N ILE HD 75 -21.10 184.76 -60.93
CA ILE HD 75 -22.04 183.67 -60.57
C ILE HD 75 -21.22 182.43 -60.19
N LYS HD 76 -20.12 182.13 -60.87
CA LYS HD 76 -19.30 180.93 -60.59
C LYS HD 76 -18.97 180.79 -59.09
N GLU HD 77 -18.19 181.71 -58.51
CA GLU HD 77 -17.79 181.71 -57.11
C GLU HD 77 -18.98 181.77 -56.15
N LEU HD 78 -20.02 182.52 -56.50
CA LEU HD 78 -21.23 182.54 -55.69
C LEU HD 78 -21.91 181.19 -55.54
N LEU HD 79 -21.96 180.42 -56.62
CA LEU HD 79 -22.55 179.08 -56.54
C LEU HD 79 -21.73 178.03 -55.80
N ARG HD 80 -20.41 178.16 -55.80
CA ARG HD 80 -19.57 177.21 -55.08
C ARG HD 80 -19.14 177.70 -53.66
N LEU HD 81 -19.80 178.75 -53.21
CA LEU HD 81 -19.58 179.25 -51.86
C LEU HD 81 -20.26 178.18 -51.02
N THR HD 82 -19.58 177.76 -49.96
CA THR HD 82 -20.10 176.70 -49.09
C THR HD 82 -20.12 177.28 -47.68
N GLN HD 83 -20.61 176.50 -46.72
CA GLN HD 83 -20.59 176.97 -45.33
C GLN HD 83 -19.15 177.08 -44.85
N GLY HD 84 -18.83 178.16 -44.13
CA GLY HD 84 -17.50 178.36 -43.62
C GLY HD 84 -16.57 179.02 -44.61
N SER HD 85 -16.98 179.19 -45.86
CA SER HD 85 -16.14 179.87 -46.83
C SER HD 85 -16.05 181.36 -46.50
N VAL HD 86 -14.90 181.95 -46.79
CA VAL HD 86 -14.60 183.33 -46.44
C VAL HD 86 -14.45 184.14 -47.72
N VAL HD 87 -15.12 185.27 -47.80
CA VAL HD 87 -15.03 186.19 -48.93
C VAL HD 87 -14.64 187.56 -48.41
N ALA HD 88 -13.72 188.23 -49.10
CA ALA HD 88 -13.24 189.57 -48.69
C ALA HD 88 -14.20 190.67 -49.13
N LEU HD 89 -13.76 191.93 -49.05
CA LEU HD 89 -14.56 193.12 -49.45
C LEU HD 89 -13.55 194.09 -50.04
N ASP HD 90 -13.96 195.20 -50.64
CA ASP HD 90 -13.05 196.15 -51.33
C ASP HD 90 -12.40 197.12 -50.34
N GLY HD 91 -12.78 197.12 -49.05
CA GLY HD 91 -12.24 198.02 -48.06
C GLY HD 91 -11.25 197.48 -47.06
N LEU HD 92 -10.17 198.22 -46.85
CA LEU HD 92 -9.21 197.86 -45.82
C LEU HD 92 -9.87 197.92 -44.45
N ALA HD 93 -9.46 197.01 -43.57
CA ALA HD 93 -10.01 196.99 -42.22
C ALA HD 93 -9.56 198.23 -41.47
N GLY HD 94 -10.43 199.22 -41.35
CA GLY HD 94 -10.07 200.46 -40.69
C GLY HD 94 -10.67 201.70 -41.31
N GLU HD 95 -11.00 201.65 -42.62
CA GLU HD 95 -11.62 202.80 -43.23
C GLU HD 95 -13.03 202.99 -42.68
N PRO HD 96 -13.54 204.21 -42.66
CA PRO HD 96 -14.92 204.44 -42.19
C PRO HD 96 -15.92 203.86 -43.18
N LEU HD 97 -16.92 203.18 -42.64
CA LEU HD 97 -17.97 202.60 -43.47
C LEU HD 97 -18.88 203.69 -44.01
N ASP HD 98 -19.57 203.37 -45.11
CA ASP HD 98 -20.44 204.39 -45.77
C ASP HD 98 -21.87 204.25 -45.25
N ILE HD 99 -22.43 205.35 -44.74
CA ILE HD 99 -23.84 205.35 -44.24
C ILE HD 99 -24.73 205.82 -45.42
N LEU HD 100 -25.85 205.12 -45.67
CA LEU HD 100 -26.70 205.46 -46.84
C LEU HD 100 -28.19 205.52 -46.44
N ILE HD 101 -28.98 206.32 -47.14
CA ILE HD 101 -30.46 206.37 -46.89
C ILE HD 101 -31.16 206.17 -48.24
N ASN HD 102 -32.11 205.22 -48.32
CA ASN HD 102 -32.87 204.98 -49.58
C ASN HD 102 -31.83 204.77 -50.69
N GLY HD 103 -30.71 204.11 -50.39
CA GLY HD 103 -29.69 203.78 -51.40
C GLY HD 103 -28.89 205.00 -51.81
N TYR HD 104 -28.93 206.10 -51.05
CA TYR HD 104 -28.24 207.37 -51.39
C TYR HD 104 -27.21 207.68 -50.32
N LEU HD 105 -25.97 208.00 -50.70
CA LEU HD 105 -24.88 208.20 -49.70
C LEU HD 105 -25.30 209.38 -48.82
N ILE HD 106 -25.06 209.27 -47.51
CA ILE HD 106 -25.44 210.35 -46.55
C ILE HD 106 -24.29 210.64 -45.59
N ALA HD 107 -23.43 209.68 -45.24
CA ALA HD 107 -22.42 209.92 -44.20
C ALA HD 107 -21.34 208.85 -44.28
N GLN HD 108 -20.37 208.95 -43.36
CA GLN HD 108 -19.35 207.93 -43.17
C GLN HD 108 -19.02 207.82 -41.69
N GLY HD 109 -18.88 206.57 -41.22
CA GLY HD 109 -18.53 206.33 -39.83
C GLY HD 109 -18.21 204.87 -39.61
N GLU HD 110 -17.52 204.61 -38.49
CA GLU HD 110 -17.10 203.26 -38.13
C GLU HD 110 -17.74 202.84 -36.82
N VAL HD 111 -17.70 201.54 -36.57
CA VAL HD 111 -18.27 200.97 -35.35
C VAL HD 111 -17.28 201.16 -34.20
N VAL HD 112 -17.80 201.48 -33.02
CA VAL HD 112 -17.00 201.69 -31.82
C VAL HD 112 -17.58 200.93 -30.65
N VAL HD 113 -16.70 200.38 -29.81
CA VAL HD 113 -17.10 199.64 -28.62
C VAL HD 113 -16.89 200.50 -27.37
N VAL HD 114 -17.97 200.82 -26.66
CA VAL HD 114 -17.83 201.72 -25.51
C VAL HD 114 -17.71 200.89 -24.24
N ALA HD 115 -18.79 200.19 -23.93
CA ALA HD 115 -18.79 199.25 -22.80
C ALA HD 115 -19.09 197.80 -23.20
N ASP HD 116 -20.37 197.51 -23.47
CA ASP HD 116 -20.77 196.19 -24.00
C ASP HD 116 -21.83 196.58 -25.02
N LYS HD 117 -21.69 197.76 -25.64
CA LYS HD 117 -22.72 198.29 -26.57
C LYS HD 117 -22.04 198.79 -27.86
N TYR HD 118 -22.77 198.82 -28.97
CA TYR HD 118 -22.14 199.21 -30.27
C TYR HD 118 -22.81 200.43 -30.88
N GLY HD 119 -22.05 201.21 -31.66
CA GLY HD 119 -22.58 202.35 -32.37
C GLY HD 119 -21.62 202.85 -33.43
N VAL HD 120 -22.14 203.70 -34.30
CA VAL HD 120 -21.37 204.22 -35.42
C VAL HD 120 -20.90 205.62 -35.01
N ARG HD 121 -19.61 205.87 -35.19
CA ARG HD 121 -19.00 207.15 -34.89
C ARG HD 121 -18.77 207.83 -36.24
N ILE HD 122 -19.66 208.76 -36.58
CA ILE HD 122 -19.62 209.40 -37.89
C ILE HD 122 -18.39 210.28 -38.00
N THR HD 123 -17.67 210.13 -39.11
CA THR HD 123 -16.43 210.88 -39.34
C THR HD 123 -16.67 212.24 -40.01
N ASP HD 124 -17.53 212.28 -41.03
CA ASP HD 124 -17.75 213.51 -41.76
C ASP HD 124 -19.08 213.41 -42.52
N ILE HD 125 -19.45 214.52 -43.14
CA ILE HD 125 -20.63 214.61 -43.99
C ILE HD 125 -20.14 214.95 -45.39
N ILE HD 126 -20.56 214.14 -46.36
CA ILE HD 126 -20.06 214.28 -47.73
C ILE HD 126 -20.79 215.43 -48.43
N THR HD 127 -20.03 216.45 -48.83
CA THR HD 127 -20.55 217.50 -49.68
C THR HD 127 -20.74 216.96 -51.10
N PRO HD 128 -21.57 217.63 -51.90
CA PRO HD 128 -21.80 217.13 -53.27
C PRO HD 128 -20.52 216.97 -54.08
N SER HD 129 -19.55 217.88 -53.91
CA SER HD 129 -18.30 217.80 -54.66
C SER HD 129 -17.67 216.42 -54.45
N GLU HD 130 -17.54 216.01 -53.19
CA GLU HD 130 -17.08 214.66 -52.92
C GLU HD 130 -17.97 213.60 -53.57
N ARG HD 131 -19.28 213.75 -53.43
CA ARG HD 131 -20.22 212.80 -54.09
C ARG HD 131 -19.91 212.72 -55.60
N MET HD 132 -19.61 213.85 -56.23
CA MET HD 132 -19.38 213.86 -57.69
C MET HD 132 -18.14 213.00 -58.02
N ARG HD 133 -17.09 213.11 -57.21
CA ARG HD 133 -15.85 212.32 -57.46
C ARG HD 133 -16.11 210.85 -57.07
N ARG HD 134 -17.12 210.63 -56.23
CA ARG HD 134 -17.48 209.26 -55.78
C ARG HD 134 -18.00 208.57 -57.06
N LEU HD 135 -18.99 209.19 -57.70
CA LEU HD 135 -19.47 208.68 -59.01
C LEU HD 135 -18.42 208.65 -60.11
N SER HD 136 -17.55 209.66 -60.16
CA SER HD 136 -16.52 209.75 -61.23
C SER HD 136 -15.45 208.67 -61.03
N ARG HD 137 -15.17 208.28 -59.79
CA ARG HD 137 -14.07 207.33 -59.60
C ARG HD 137 -14.40 206.32 -58.51
N ASP ID 53 -27.15 223.43 -44.64
CA ASP ID 53 -27.55 222.13 -44.11
C ASP ID 53 -28.87 221.65 -44.71
N ILE ID 54 -29.70 222.60 -45.14
CA ILE ID 54 -30.96 222.25 -45.78
C ILE ID 54 -30.62 221.55 -47.09
N ASP ID 55 -29.55 221.99 -47.75
CA ASP ID 55 -29.16 221.40 -49.02
C ASP ID 55 -28.90 219.89 -48.91
N LEU ID 56 -28.37 219.44 -47.78
CA LEU ID 56 -28.15 218.01 -47.57
C LEU ID 56 -29.41 217.15 -47.59
N ILE ID 57 -30.46 217.66 -46.96
CA ILE ID 57 -31.74 216.89 -46.86
C ILE ID 57 -32.77 217.47 -47.84
N MET ID 58 -32.31 218.12 -48.92
CA MET ID 58 -33.24 218.72 -49.85
C MET ID 58 -33.15 217.79 -51.07
N ASP ID 59 -32.18 216.87 -51.08
CA ASP ID 59 -31.97 216.01 -52.28
C ASP ID 59 -32.29 214.53 -52.01
N ILE ID 60 -32.26 214.10 -50.74
CA ILE ID 60 -32.45 212.68 -50.41
C ILE ID 60 -33.72 212.00 -50.91
N PRO ID 61 -33.63 210.77 -51.48
CA PRO ID 61 -34.83 210.01 -51.91
C PRO ID 61 -35.63 209.53 -50.70
N VAL ID 62 -36.92 209.29 -50.89
CA VAL ID 62 -37.80 208.83 -49.82
C VAL ID 62 -38.88 208.04 -50.55
N LYS ID 63 -39.55 207.15 -49.83
CA LYS ID 63 -40.54 206.28 -50.43
C LYS ID 63 -41.91 206.84 -50.08
N LEU ID 64 -42.76 207.01 -51.09
CA LEU ID 64 -44.09 207.58 -50.92
C LEU ID 64 -45.11 206.50 -51.24
N THR ID 65 -46.17 206.42 -50.46
CA THR ID 65 -47.27 205.50 -50.70
C THR ID 65 -48.58 206.22 -50.50
N VAL ID 66 -49.64 205.67 -51.09
CA VAL ID 66 -51.00 206.15 -50.84
C VAL ID 66 -51.89 204.95 -50.61
N GLU ID 67 -52.62 204.94 -49.50
CA GLU ID 67 -53.41 203.77 -49.13
C GLU ID 67 -54.88 204.04 -49.44
N LEU ID 68 -55.55 203.08 -50.09
CA LEU ID 68 -56.95 203.27 -50.55
C LEU ID 68 -57.96 202.78 -49.49
N GLY ID 69 -57.57 201.81 -48.64
CA GLY ID 69 -58.52 201.19 -47.70
C GLY ID 69 -57.90 200.93 -46.33
N ARG ID 70 -58.77 200.72 -45.33
CA ARG ID 70 -58.32 200.42 -43.95
C ARG ID 70 -59.44 199.62 -43.26
N THR ID 71 -59.14 198.41 -42.78
CA THR ID 71 -60.14 197.53 -42.14
C THR ID 71 -59.47 196.86 -40.98
N ARG ID 72 -60.19 196.60 -39.88
CA ARG ID 72 -59.72 195.82 -38.73
C ARG ID 72 -60.39 194.46 -38.74
N MET ID 73 -59.56 193.41 -38.61
CA MET ID 73 -60.11 192.04 -38.71
C MET ID 73 -59.44 191.08 -37.72
N THR ID 74 -60.12 190.00 -37.37
CA THR ID 74 -59.63 188.94 -36.50
C THR ID 74 -59.09 187.88 -37.48
N ILE ID 75 -58.59 186.77 -36.94
CA ILE ID 75 -57.95 185.78 -37.85
C ILE ID 75 -59.01 184.79 -38.34
N LYS ID 76 -60.04 184.57 -37.54
CA LYS ID 76 -61.14 183.75 -38.03
C LYS ID 76 -61.48 184.41 -39.35
N GLU ID 77 -61.67 185.73 -39.34
CA GLU ID 77 -62.07 186.45 -40.57
C GLU ID 77 -61.01 186.35 -41.66
N LEU ID 78 -59.73 186.55 -41.33
CA LEU ID 78 -58.68 186.56 -42.37
C LEU ID 78 -58.55 185.18 -43.03
N LEU ID 79 -58.57 184.13 -42.22
CA LEU ID 79 -58.47 182.72 -42.72
C LEU ID 79 -59.71 182.43 -43.58
N ARG ID 80 -60.87 182.91 -43.15
CA ARG ID 80 -62.14 182.62 -43.86
C ARG ID 80 -62.04 183.16 -45.29
N LEU ID 81 -61.44 184.35 -45.48
CA LEU ID 81 -61.22 184.87 -46.85
C LEU ID 81 -60.69 183.73 -47.72
N THR ID 82 -61.22 183.53 -48.95
CA THR ID 82 -60.67 182.54 -49.88
C THR ID 82 -60.31 183.24 -51.17
N GLN ID 83 -60.21 182.50 -52.28
CA GLN ID 83 -59.97 183.16 -53.55
C GLN ID 83 -61.26 183.78 -54.07
N GLY ID 84 -61.20 185.04 -54.47
CA GLY ID 84 -62.36 185.75 -54.95
C GLY ID 84 -63.20 186.38 -53.87
N SER ID 85 -62.85 186.22 -52.60
CA SER ID 85 -63.62 186.83 -51.52
C SER ID 85 -63.46 188.34 -51.55
N VAL ID 86 -64.57 189.05 -51.31
CA VAL ID 86 -64.58 190.50 -51.32
C VAL ID 86 -64.49 190.98 -49.88
N VAL ID 87 -63.53 191.85 -49.60
CA VAL ID 87 -63.33 192.40 -48.27
C VAL ID 87 -63.78 193.85 -48.29
N ALA ID 88 -64.77 194.18 -47.46
CA ALA ID 88 -65.25 195.54 -47.36
C ALA ID 88 -64.27 196.46 -46.65
N LEU ID 89 -64.25 197.72 -47.07
CA LEU ID 89 -63.40 198.74 -46.48
C LEU ID 89 -64.07 199.81 -45.64
N ASP ID 90 -63.54 200.04 -44.44
CA ASP ID 90 -64.14 201.05 -43.55
C ASP ID 90 -64.30 202.42 -44.27
N GLY ID 91 -63.29 202.77 -45.05
CA GLY ID 91 -63.38 203.93 -45.92
C GLY ID 91 -64.48 204.08 -46.94
N LEU ID 92 -65.28 205.13 -46.82
CA LEU ID 92 -66.35 205.37 -47.77
C LEU ID 92 -65.78 205.80 -49.12
N ALA ID 93 -66.58 205.65 -50.17
CA ALA ID 93 -66.14 206.07 -51.49
C ALA ID 93 -66.03 207.59 -51.56
N GLY ID 94 -64.95 208.07 -52.17
CA GLY ID 94 -64.73 209.48 -52.35
C GLY ID 94 -64.03 210.20 -51.22
N GLU ID 95 -63.83 209.54 -50.08
CA GLU ID 95 -63.13 210.18 -48.98
C GLU ID 95 -61.65 210.34 -49.33
N PRO ID 96 -60.90 211.33 -48.82
CA PRO ID 96 -59.48 211.53 -49.23
C PRO ID 96 -58.61 210.34 -48.80
N LEU ID 97 -57.87 209.72 -49.72
CA LEU ID 97 -56.96 208.59 -49.43
C LEU ID 97 -55.81 209.08 -48.54
N ASP ID 98 -55.36 208.31 -47.56
CA ASP ID 98 -54.17 208.75 -46.78
C ASP ID 98 -52.93 208.70 -47.68
N ILE ID 99 -52.00 209.64 -47.58
CA ILE ID 99 -50.71 209.61 -48.26
C ILE ID 99 -49.63 209.53 -47.19
N LEU ID 100 -48.79 208.50 -47.28
CA LEU ID 100 -47.80 208.19 -46.27
C LEU ID 100 -46.41 208.32 -46.85
N ILE ID 101 -45.46 208.74 -46.01
CA ILE ID 101 -44.05 208.83 -46.38
C ILE ID 101 -43.30 207.93 -45.40
N ASN ID 102 -42.76 206.82 -45.91
CA ASN ID 102 -42.10 205.83 -45.08
C ASN ID 102 -43.03 205.35 -43.96
N GLY ID 103 -44.31 205.24 -44.28
CA GLY ID 103 -45.30 204.84 -43.31
C GLY ID 103 -45.80 205.94 -42.40
N TYR ID 104 -45.46 207.19 -42.68
CA TYR ID 104 -45.86 208.33 -41.84
C TYR ID 104 -46.86 209.18 -42.62
N LEU ID 105 -48.04 209.36 -42.04
CA LEU ID 105 -49.09 210.12 -42.71
C LEU ID 105 -48.78 211.61 -42.68
N ILE ID 106 -48.87 212.26 -43.84
CA ILE ID 106 -48.61 213.69 -43.91
C ILE ID 106 -49.76 214.43 -44.60
N ALA ID 107 -50.53 213.72 -45.42
CA ALA ID 107 -51.50 214.41 -46.27
C ALA ID 107 -52.65 213.50 -46.63
N GLN ID 108 -53.72 214.12 -47.13
CA GLN ID 108 -54.90 213.43 -47.60
C GLN ID 108 -55.26 213.94 -48.99
N GLY ID 109 -55.66 213.02 -49.87
CA GLY ID 109 -56.05 213.39 -51.21
C GLY ID 109 -56.81 212.37 -52.02
N GLU ID 110 -57.57 212.87 -52.99
CA GLU ID 110 -58.38 211.98 -53.83
C GLU ID 110 -57.65 211.23 -54.91
N VAL ID 111 -58.28 210.18 -55.43
CA VAL ID 111 -57.65 209.24 -56.34
C VAL ID 111 -58.00 209.81 -57.72
N VAL ID 112 -57.02 209.83 -58.61
CA VAL ID 112 -57.21 210.26 -59.99
C VAL ID 112 -56.17 209.55 -60.84
N VAL ID 113 -56.55 209.21 -62.08
CA VAL ID 113 -55.68 208.48 -62.98
C VAL ID 113 -55.27 209.41 -64.12
N VAL ID 114 -53.96 209.48 -64.37
CA VAL ID 114 -53.41 210.38 -65.42
C VAL ID 114 -52.57 209.58 -66.41
N ALA ID 115 -52.88 209.65 -67.71
CA ALA ID 115 -52.06 208.97 -68.75
C ALA ID 115 -51.99 207.47 -68.48
N ASP ID 116 -53.09 206.86 -68.00
CA ASP ID 116 -53.18 205.39 -67.77
C ASP ID 116 -52.25 204.94 -66.63
N LYS ID 117 -51.84 205.86 -65.75
CA LYS ID 117 -50.99 205.51 -64.59
C LYS ID 117 -51.69 206.03 -63.34
N TYR ID 118 -51.73 205.23 -62.27
CA TYR ID 118 -52.37 205.68 -61.01
C TYR ID 118 -51.80 207.01 -60.50
N GLY ID 119 -52.62 207.80 -59.81
CA GLY ID 119 -52.16 209.05 -59.24
C GLY ID 119 -53.06 209.49 -58.12
N VAL ID 120 -52.70 210.62 -57.52
CA VAL ID 120 -53.46 211.17 -56.40
C VAL ID 120 -53.26 212.68 -56.38
N ARG ID 121 -54.34 213.41 -56.17
CA ARG ID 121 -54.31 214.85 -56.01
C ARG ID 121 -54.29 215.24 -54.55
N ILE ID 122 -53.28 216.00 -54.14
CA ILE ID 122 -53.13 216.37 -52.74
C ILE ID 122 -54.21 217.38 -52.37
N THR ID 123 -55.28 216.89 -51.73
CA THR ID 123 -56.34 217.79 -51.29
C THR ID 123 -55.86 218.68 -50.16
N ASP ID 124 -55.21 218.09 -49.16
CA ASP ID 124 -54.74 218.91 -48.05
C ASP ID 124 -53.61 218.18 -47.33
N ILE ID 125 -52.87 218.94 -46.53
CA ILE ID 125 -51.87 218.38 -45.63
C ILE ID 125 -52.41 218.45 -44.21
N ILE ID 126 -52.43 217.31 -43.54
CA ILE ID 126 -53.01 217.25 -42.20
C ILE ID 126 -52.05 217.87 -41.19
N THR ID 127 -52.57 218.83 -40.43
CA THR ID 127 -51.92 219.41 -39.28
C THR ID 127 -52.03 218.45 -38.09
N PRO ID 128 -51.04 218.42 -37.19
CA PRO ID 128 -51.03 217.37 -36.15
C PRO ID 128 -52.24 217.43 -35.23
N SER ID 129 -53.18 218.35 -35.45
CA SER ID 129 -54.40 218.37 -34.65
C SER ID 129 -55.19 217.11 -34.95
N GLU ID 130 -55.18 216.66 -36.21
CA GLU ID 130 -56.00 215.47 -36.62
C GLU ID 130 -55.32 214.16 -36.20
N ARG ID 131 -54.03 214.20 -35.84
CA ARG ID 131 -53.26 213.01 -35.51
C ARG ID 131 -53.81 212.40 -34.21
N MET ID 132 -54.15 213.27 -33.25
CA MET ID 132 -54.79 212.73 -32.02
C MET ID 132 -56.02 211.92 -32.44
N ARG ID 133 -56.84 212.49 -33.33
CA ARG ID 133 -58.07 211.79 -33.81
C ARG ID 133 -57.78 210.57 -34.68
N ARG ID 134 -56.58 210.51 -35.28
CA ARG ID 134 -56.20 209.34 -36.12
C ARG ID 134 -56.07 208.11 -35.20
N LEU ID 135 -56.07 208.32 -33.89
CA LEU ID 135 -55.96 207.19 -32.92
C LEU ID 135 -56.99 207.40 -31.80
N ALA JD 37 -34.23 196.88 -6.91
CA ALA JD 37 -33.88 195.46 -6.98
C ALA JD 37 -35.12 194.58 -6.84
N VAL JD 38 -36.29 195.17 -7.05
CA VAL JD 38 -37.54 194.43 -6.95
C VAL JD 38 -37.67 193.39 -8.05
N PHE JD 39 -37.35 193.76 -9.28
CA PHE JD 39 -37.45 192.82 -10.40
C PHE JD 39 -36.42 191.72 -10.26
N GLN JD 40 -36.82 190.49 -10.58
CA GLN JD 40 -35.94 189.34 -10.47
C GLN JD 40 -35.32 189.09 -11.84
N GLN JD 41 -34.02 188.84 -11.86
CA GLN JD 41 -33.28 188.73 -13.11
C GLN JD 41 -33.48 187.38 -13.80
N LEU JD 42 -34.21 187.41 -14.92
CA LEU JD 42 -34.47 186.21 -15.71
C LEU JD 42 -33.43 185.98 -16.80
N GLY JD 43 -33.00 184.73 -16.93
CA GLY JD 43 -32.02 184.39 -17.94
C GLY JD 43 -32.03 182.90 -18.21
N GLY JD 44 -31.44 182.54 -19.34
CA GLY JD 44 -31.41 181.14 -19.76
C GLY JD 44 -32.77 180.55 -20.01
N GLY JD 45 -33.67 181.31 -20.64
CA GLY JD 45 -35.01 180.85 -20.90
C GLY JD 45 -35.21 180.35 -22.31
N ASP JD 46 -34.12 180.17 -23.05
CA ASP JD 46 -34.17 179.66 -24.42
C ASP JD 46 -34.29 178.14 -24.38
N VAL JD 47 -35.47 177.67 -23.97
CA VAL JD 47 -35.71 176.24 -23.84
C VAL JD 47 -35.77 175.59 -25.22
N SER JD 48 -36.73 175.98 -26.03
CA SER JD 48 -36.91 175.45 -27.37
C SER JD 48 -37.92 176.33 -28.10
N GLY JD 49 -38.13 176.02 -29.37
CA GLY JD 49 -39.11 176.74 -30.17
C GLY JD 49 -39.79 175.86 -31.18
N ALA JD 50 -41.12 175.81 -31.14
CA ALA JD 50 -41.89 175.01 -32.09
C ALA JD 50 -43.26 175.63 -32.26
N MET JD 51 -43.67 175.80 -33.51
CA MET JD 51 -45.00 176.33 -33.79
C MET JD 51 -46.05 175.39 -33.22
N GLN JD 52 -47.05 175.97 -32.53
CA GLN JD 52 -48.04 175.15 -31.87
C GLN JD 52 -49.20 174.97 -32.85
N ASP JD 53 -49.90 176.05 -33.16
CA ASP JD 53 -51.05 176.04 -34.04
C ASP JD 53 -51.50 177.48 -34.19
N ILE JD 54 -52.33 177.75 -35.19
CA ILE JD 54 -52.71 179.12 -35.51
C ILE JD 54 -54.03 179.55 -34.86
N ASP JD 55 -54.60 178.70 -34.01
CA ASP JD 55 -55.81 179.03 -33.28
C ASP JD 55 -55.58 179.49 -31.85
N LEU JD 56 -54.37 179.32 -31.34
CA LEU JD 56 -54.05 179.85 -29.99
C LEU JD 56 -54.10 181.37 -30.10
N ILE JD 57 -53.64 181.90 -31.24
CA ILE JD 57 -53.54 183.37 -31.47
C ILE JD 57 -54.70 183.87 -32.33
N MET JD 58 -55.72 183.07 -32.61
CA MET JD 58 -56.77 183.48 -33.58
C MET JD 58 -57.53 184.80 -33.42
N ASP JD 59 -58.24 184.95 -32.30
CA ASP JD 59 -59.08 186.17 -32.12
C ASP JD 59 -58.19 187.34 -31.71
N ILE JD 60 -57.13 187.57 -32.48
CA ILE JD 60 -56.26 188.75 -32.22
C ILE JD 60 -56.49 189.72 -33.37
N PRO JD 61 -56.81 191.01 -33.10
CA PRO JD 61 -57.16 191.96 -34.20
C PRO JD 61 -55.96 192.16 -35.12
N VAL JD 62 -56.23 192.21 -36.42
CA VAL JD 62 -55.13 192.46 -37.41
C VAL JD 62 -55.43 193.82 -38.05
N LYS JD 63 -54.39 194.52 -38.50
CA LYS JD 63 -54.59 195.82 -39.13
C LYS JD 63 -54.48 195.62 -40.64
N LEU JD 64 -55.62 195.42 -41.30
CA LEU JD 64 -55.62 195.20 -42.74
C LEU JD 64 -55.69 196.53 -43.47
N THR JD 65 -54.88 196.66 -44.51
CA THR JD 65 -54.79 197.89 -45.28
C THR JD 65 -54.51 197.56 -46.74
N VAL JD 66 -55.32 198.11 -47.63
CA VAL JD 66 -55.12 197.99 -49.07
C VAL JD 66 -54.38 199.21 -49.59
N GLU JD 67 -53.40 198.98 -50.44
CA GLU JD 67 -52.56 200.06 -50.96
C GLU JD 67 -52.82 200.40 -52.42
N LEU JD 68 -53.02 201.69 -52.70
CA LEU JD 68 -53.41 202.10 -54.03
C LEU JD 68 -52.18 202.04 -54.93
N GLY JD 69 -51.05 202.59 -54.49
CA GLY JD 69 -49.87 202.60 -55.32
C GLY JD 69 -48.62 203.03 -54.58
N ARG JD 70 -47.52 203.01 -55.32
CA ARG JD 70 -46.21 203.36 -54.79
C ARG JD 70 -45.58 204.32 -55.78
N THR JD 71 -44.52 204.98 -55.34
CA THR JD 71 -43.71 205.83 -56.18
C THR JD 71 -42.47 206.21 -55.39
N ARG JD 72 -41.30 206.00 -55.97
CA ARG JD 72 -40.06 206.46 -55.37
C ARG JD 72 -39.82 207.89 -55.82
N MET JD 73 -39.72 208.80 -54.86
CA MET JD 73 -39.60 210.21 -55.16
C MET JD 73 -38.75 210.84 -54.07
N THR JD 74 -37.94 211.82 -54.45
CA THR JD 74 -37.05 212.49 -53.52
C THR JD 74 -37.72 213.74 -52.96
N ILE JD 75 -37.04 214.35 -51.98
CA ILE JD 75 -37.52 215.57 -51.37
C ILE JD 75 -37.57 216.73 -52.37
N LYS JD 76 -36.80 216.63 -53.45
CA LYS JD 76 -36.79 217.64 -54.51
C LYS JD 76 -38.22 218.01 -54.93
N GLU JD 77 -38.95 217.05 -55.48
CA GLU JD 77 -40.33 217.32 -55.86
C GLU JD 77 -41.24 217.38 -54.65
N LEU JD 78 -40.87 216.72 -53.55
CA LEU JD 78 -41.71 216.76 -52.36
C LEU JD 78 -42.23 218.09 -51.83
N LEU JD 79 -41.35 219.09 -51.69
CA LEU JD 79 -41.83 220.41 -51.26
C LEU JD 79 -42.44 221.21 -52.46
N ARG JD 80 -42.00 220.83 -53.67
CA ARG JD 80 -42.58 221.48 -54.87
C ARG JD 80 -44.10 221.24 -54.85
N LEU JD 81 -44.53 220.16 -54.21
CA LEU JD 81 -45.97 219.86 -54.11
C LEU JD 81 -46.88 220.87 -53.42
N THR JD 82 -47.91 221.31 -54.13
CA THR JD 82 -48.91 222.23 -53.61
C THR JD 82 -50.28 221.56 -53.63
N GLN JD 83 -51.27 222.27 -53.11
CA GLN JD 83 -52.64 221.77 -53.14
C GLN JD 83 -53.14 221.70 -54.58
N GLY JD 84 -53.80 220.60 -54.92
CA GLY JD 84 -54.28 220.39 -56.26
C GLY JD 84 -53.28 219.77 -57.21
N SER JD 85 -52.04 219.59 -56.78
CA SER JD 85 -51.05 218.93 -57.62
C SER JD 85 -51.36 217.44 -57.74
N VAL JD 86 -50.80 216.81 -58.76
CA VAL JD 86 -51.04 215.40 -59.05
C VAL JD 86 -49.71 214.68 -59.04
N VAL JD 87 -49.64 213.58 -58.29
CA VAL JD 87 -48.43 212.77 -58.18
C VAL JD 87 -48.69 211.44 -58.88
N ALA JD 88 -47.92 211.16 -59.92
CA ALA JD 88 -48.05 209.90 -60.62
C ALA JD 88 -47.46 208.78 -59.79
N LEU JD 89 -48.14 207.63 -59.79
CA LEU JD 89 -47.71 206.46 -59.04
C LEU JD 89 -47.10 205.44 -59.99
N ASP JD 90 -46.12 204.69 -59.48
CA ASP JD 90 -45.45 203.68 -60.30
C ASP JD 90 -46.41 202.61 -60.79
N GLY JD 91 -47.39 202.23 -59.97
CA GLY JD 91 -48.36 201.23 -60.36
C GLY JD 91 -49.20 201.64 -61.55
N LEU JD 92 -49.25 200.77 -62.56
CA LEU JD 92 -50.08 201.02 -63.72
C LEU JD 92 -51.56 200.93 -63.34
N ALA JD 93 -52.38 201.77 -63.98
CA ALA JD 93 -53.79 201.80 -63.66
C ALA JD 93 -54.46 200.49 -64.03
N GLY JD 94 -55.33 200.02 -63.15
CA GLY JD 94 -56.03 198.76 -63.35
C GLY JD 94 -55.29 197.52 -62.89
N GLU JD 95 -54.05 197.67 -62.44
CA GLU JD 95 -53.31 196.52 -61.93
C GLU JD 95 -53.87 196.11 -60.57
N PRO JD 96 -53.67 194.85 -60.18
CA PRO JD 96 -54.10 194.41 -58.86
C PRO JD 96 -53.42 195.21 -57.76
N LEU JD 97 -54.19 195.57 -56.74
CA LEU JD 97 -53.70 196.34 -55.62
C LEU JD 97 -53.12 195.42 -54.57
N ASP JD 98 -52.34 196.00 -53.65
CA ASP JD 98 -51.63 195.25 -52.63
C ASP JD 98 -52.40 195.26 -51.33
N ILE JD 99 -52.39 194.13 -50.63
CA ILE JD 99 -53.07 193.98 -49.35
C ILE JD 99 -52.02 193.66 -48.29
N LEU JD 100 -52.02 194.41 -47.20
CA LEU JD 100 -51.07 194.21 -46.12
C LEU JD 100 -51.82 194.01 -44.82
N ILE JD 101 -51.25 193.20 -43.94
CA ILE JD 101 -51.75 193.06 -42.57
C ILE JD 101 -50.62 193.48 -41.64
N ASN JD 102 -50.88 194.51 -40.83
CA ASN JD 102 -49.87 195.11 -39.97
C ASN JD 102 -48.65 195.55 -40.78
N GLY JD 103 -48.90 196.03 -42.00
CA GLY JD 103 -47.84 196.55 -42.84
C GLY JD 103 -47.02 195.50 -43.56
N TYR JD 104 -47.43 194.24 -43.56
CA TYR JD 104 -46.70 193.16 -44.22
C TYR JD 104 -47.53 192.69 -45.40
N LEU JD 105 -46.93 192.71 -46.59
CA LEU JD 105 -47.65 192.33 -47.80
C LEU JD 105 -47.93 190.83 -47.78
N ILE JD 106 -49.18 190.46 -48.00
CA ILE JD 106 -49.60 189.07 -48.00
C ILE JD 106 -50.23 188.67 -49.33
N ALA JD 107 -51.07 189.53 -49.90
CA ALA JD 107 -51.84 189.13 -51.06
C ALA JD 107 -52.04 190.30 -52.01
N GLN JD 108 -52.44 189.97 -53.23
CA GLN JD 108 -52.80 190.94 -54.25
C GLN JD 108 -54.26 190.74 -54.59
N GLY JD 109 -55.03 191.83 -54.59
CA GLY JD 109 -56.45 191.78 -54.84
C GLY JD 109 -56.81 192.77 -55.93
N GLU JD 110 -58.12 192.92 -56.12
CA GLU JD 110 -58.66 193.84 -57.12
C GLU JD 110 -59.78 194.64 -56.47
N VAL JD 111 -59.81 195.93 -56.78
CA VAL JD 111 -60.75 196.85 -56.14
C VAL JD 111 -62.12 196.77 -56.81
N VAL JD 112 -63.18 196.70 -56.00
CA VAL JD 112 -64.54 196.65 -56.48
C VAL JD 112 -65.39 197.59 -55.63
N VAL JD 113 -66.53 198.00 -56.17
CA VAL JD 113 -67.46 198.89 -55.49
C VAL JD 113 -68.74 198.11 -55.23
N VAL JD 114 -69.08 197.97 -53.95
CA VAL JD 114 -70.32 197.23 -53.57
C VAL JD 114 -71.20 198.12 -52.66
N ALA JD 115 -72.40 198.46 -53.13
CA ALA JD 115 -73.33 199.32 -52.35
C ALA JD 115 -72.71 200.67 -51.98
N ASP JD 116 -71.91 201.26 -52.88
CA ASP JD 116 -71.32 202.62 -52.66
C ASP JD 116 -70.23 202.54 -51.58
N LYS JD 117 -69.73 201.33 -51.29
CA LYS JD 117 -68.66 201.16 -50.28
C LYS JD 117 -67.45 200.51 -50.96
N TYR JD 118 -66.24 200.98 -50.69
CA TYR JD 118 -65.08 200.43 -51.37
C TYR JD 118 -64.75 199.05 -50.83
N GLY JD 119 -64.39 198.15 -51.74
CA GLY JD 119 -64.07 196.79 -51.35
C GLY JD 119 -63.02 196.20 -52.27
N VAL JD 120 -62.11 195.44 -51.69
CA VAL JD 120 -61.09 194.73 -52.44
C VAL JD 120 -61.52 193.27 -52.55
N ARG JD 121 -61.17 192.65 -53.67
CA ARG JD 121 -61.46 191.24 -53.92
C ARG JD 121 -60.13 190.50 -53.98
N ILE JD 122 -59.88 189.65 -52.99
CA ILE JD 122 -58.60 188.93 -52.94
C ILE JD 122 -58.47 188.03 -54.15
N THR JD 123 -57.37 188.16 -54.87
CA THR JD 123 -57.12 187.34 -56.05
C THR JD 123 -56.04 186.29 -55.84
N ASP JD 124 -54.88 186.66 -55.29
CA ASP JD 124 -53.83 185.65 -55.14
C ASP JD 124 -52.84 186.07 -54.06
N ILE JD 125 -52.49 185.11 -53.20
CA ILE JD 125 -51.42 185.34 -52.24
C ILE JD 125 -50.09 185.43 -52.98
N ILE JD 126 -49.33 186.48 -52.67
CA ILE JD 126 -48.08 186.71 -53.40
C ILE JD 126 -47.10 185.58 -53.12
N THR JD 127 -46.17 185.40 -54.04
CA THR JD 127 -45.11 184.42 -54.02
C THR JD 127 -43.82 185.03 -53.50
N PRO JD 128 -42.91 184.23 -52.94
CA PRO JD 128 -41.62 184.79 -52.49
C PRO JD 128 -40.85 185.47 -53.61
N SER JD 129 -40.92 184.93 -54.83
CA SER JD 129 -40.29 185.60 -55.96
C SER JD 129 -40.78 187.01 -56.28
N GLU JD 130 -42.09 187.22 -56.26
CA GLU JD 130 -42.63 188.56 -56.48
C GLU JD 130 -42.40 189.47 -55.26
N ARG JD 131 -42.31 188.86 -54.09
CA ARG JD 131 -41.97 189.61 -52.89
C ARG JD 131 -40.61 190.26 -53.07
N MET JD 132 -39.61 189.47 -53.47
CA MET JD 132 -38.29 190.04 -53.75
C MET JD 132 -38.22 190.95 -54.99
N ARG JD 133 -39.10 190.69 -55.95
CA ARG JD 133 -39.20 191.57 -57.11
C ARG JD 133 -39.67 192.91 -56.57
N ARG JD 134 -40.64 192.88 -55.66
CA ARG JD 134 -41.09 194.12 -55.03
C ARG JD 134 -39.95 194.79 -54.25
N LEU JD 135 -39.13 193.99 -53.57
CA LEU JD 135 -38.05 194.57 -52.77
C LEU JD 135 -37.05 195.31 -53.63
N SER JD 136 -36.68 194.75 -54.77
CA SER JD 136 -35.71 195.38 -55.66
C SER JD 136 -36.39 196.44 -56.53
N LYS KD 514 -95.74 101.36 -89.74
CA LYS KD 514 -95.81 102.23 -88.58
C LYS KD 514 -96.63 103.49 -88.87
N ASP KD 515 -96.54 103.96 -90.12
CA ASP KD 515 -97.30 105.15 -90.50
C ASP KD 515 -98.79 104.89 -90.46
N GLU KD 516 -99.22 103.72 -90.93
CA GLU KD 516 -100.65 103.38 -90.90
C GLU KD 516 -101.18 103.27 -89.48
N GLN KD 517 -100.40 102.65 -88.59
CA GLN KD 517 -100.81 102.55 -87.20
C GLN KD 517 -100.90 103.92 -86.55
N LEU KD 518 -99.93 104.80 -86.84
CA LEU KD 518 -99.98 106.16 -86.31
C LEU KD 518 -101.19 106.92 -86.84
N GLN KD 519 -101.51 106.74 -88.12
CA GLN KD 519 -102.70 107.39 -88.68
C GLN KD 519 -103.97 106.88 -88.04
N GLN KD 520 -104.07 105.57 -87.80
CA GLN KD 520 -105.25 105.02 -87.15
C GLN KD 520 -105.38 105.53 -85.73
N ARG KD 521 -104.27 105.60 -84.99
CA ARG KD 521 -104.29 106.14 -83.64
C ARG KD 521 -104.72 107.60 -83.65
N ARG KD 522 -104.21 108.38 -84.61
CA ARG KD 522 -104.61 109.77 -84.71
C ARG KD 522 -106.08 109.92 -85.04
N ALA KD 523 -106.61 109.05 -85.91
CA ALA KD 523 -108.04 109.11 -86.23
C ALA KD 523 -108.89 108.77 -85.01
N ASN KD 524 -108.49 107.74 -84.25
CA ASN KD 524 -109.22 107.40 -83.03
C ASN KD 524 -109.16 108.55 -82.02
N GLN KD 525 -107.99 109.18 -81.88
CA GLN KD 525 -107.85 110.31 -80.97
C GLN KD 525 -108.71 111.47 -81.41
N ARG KD 526 -108.77 111.74 -82.72
CA ARG KD 526 -109.55 112.84 -83.25
C ARG KD 526 -111.05 112.55 -83.30
N LEU KD 527 -111.44 111.28 -83.18
CA LEU KD 527 -112.86 110.87 -83.19
C LEU KD 527 -113.37 110.89 -81.74
N GLY KD 528 -112.65 110.21 -80.84
CA GLY KD 528 -113.03 110.17 -79.42
C GLY KD 528 -112.93 111.52 -78.74
N ALA KD 529 -112.01 112.37 -79.19
CA ALA KD 529 -111.87 113.74 -78.63
C ALA KD 529 -113.04 114.56 -79.15
N GLU KD 530 -113.41 114.36 -80.41
CA GLU KD 530 -114.56 115.09 -81.01
C GLU KD 530 -115.83 114.68 -80.26
N VAL KD 531 -115.87 113.35 -79.89
CA VAL KD 531 -116.97 112.81 -79.04
C VAL KD 531 -116.79 113.38 -77.63
N MET KD 532 -115.54 113.45 -77.15
CA MET KD 532 -115.25 113.97 -75.79
C MET KD 532 -115.65 115.45 -75.71
N SER KD 533 -115.37 116.22 -76.76
CA SER KD 533 -115.74 117.65 -76.79
C SER KD 533 -117.26 117.78 -76.73
N GLN KD 534 -117.99 116.92 -77.46
CA GLN KD 534 -119.48 116.90 -77.42
C GLN KD 534 -119.91 116.50 -76.00
N ARG KD 535 -119.22 115.54 -75.39
CA ARG KD 535 -119.55 115.04 -74.04
C ARG KD 535 -119.38 116.14 -73.00
N ILE KD 536 -118.32 116.95 -73.12
CA ILE KD 536 -118.01 118.01 -72.11
C ILE KD 536 -119.02 119.16 -72.25
N ARG KD 537 -119.65 119.33 -73.41
CA ARG KD 537 -120.64 120.37 -73.64
C ARG KD 537 -121.97 120.01 -72.99
N GLU KD 538 -122.39 118.75 -73.12
CA GLU KD 538 -123.62 118.32 -72.46
C GLU KD 538 -123.50 118.43 -70.95
N MET KD 539 -122.36 118.00 -70.39
CA MET KD 539 -122.16 118.07 -68.95
C MET KD 539 -122.14 119.51 -68.44
N SER KD 540 -121.48 120.41 -69.16
CA SER KD 540 -121.40 121.81 -68.75
C SER KD 540 -122.76 122.49 -68.88
N ASP KD 541 -123.53 122.15 -69.91
CA ASP KD 541 -124.89 122.65 -69.99
C ASP KD 541 -125.75 122.12 -68.84
N ASN KD 542 -125.52 120.88 -68.41
CA ASN KD 542 -126.23 120.37 -67.24
C ASN KD 542 -125.86 121.13 -65.98
N ASP KD 543 -124.57 121.41 -65.79
CA ASP KD 543 -124.07 122.10 -64.60
C ASP KD 543 -122.91 123.01 -65.00
N PRO KD 544 -123.16 124.31 -65.17
CA PRO KD 544 -122.06 125.21 -65.54
C PRO KD 544 -121.17 125.59 -64.38
N ARG KD 545 -121.72 125.76 -63.18
CA ARG KD 545 -120.92 126.18 -62.04
C ARG KD 545 -120.04 125.05 -61.50
N VAL KD 546 -120.46 123.80 -61.71
CA VAL KD 546 -119.68 122.67 -61.23
C VAL KD 546 -118.33 122.60 -61.95
N VAL KD 547 -118.33 122.87 -63.25
CA VAL KD 547 -117.08 122.87 -64.01
C VAL KD 547 -116.14 123.95 -63.52
N ALA KD 548 -116.66 125.16 -63.27
CA ALA KD 548 -115.82 126.23 -62.76
C ALA KD 548 -115.28 125.90 -61.38
N LEU KD 549 -116.11 125.30 -60.52
CA LEU KD 549 -115.64 124.90 -59.19
C LEU KD 549 -114.55 123.84 -59.29
N VAL KD 550 -114.70 122.88 -60.19
CA VAL KD 550 -113.68 121.84 -60.38
C VAL KD 550 -112.40 122.46 -60.90
N ILE KD 551 -112.50 123.42 -61.81
CA ILE KD 551 -111.31 124.10 -62.33
C ILE KD 551 -110.60 124.85 -61.22
N ARG KD 552 -111.36 125.55 -60.37
CA ARG KD 552 -110.76 126.28 -59.26
C ARG KD 552 -110.10 125.33 -58.27
N GLN KD 553 -110.73 124.18 -58.02
CA GLN KD 553 -110.14 123.18 -57.14
C GLN KD 553 -108.84 122.63 -57.72
N TRP KD 554 -108.80 122.44 -59.05
CA TRP KD 554 -107.59 121.97 -59.71
C TRP KD 554 -106.46 122.98 -59.54
N MET KD 555 -106.77 124.27 -59.71
CA MET KD 555 -105.77 125.31 -59.51
C MET KD 555 -105.30 125.36 -58.06
N SER KD 556 -106.21 125.21 -57.10
CA SER KD 556 -105.84 125.22 -55.70
C SER KD 556 -104.92 124.04 -55.37
N ASN KD 557 -105.25 122.86 -55.91
CA ASN KD 557 -104.40 121.70 -55.68
C ASN KD 557 -103.07 121.81 -56.41
N ASP KD 558 -103.02 122.59 -57.49
CA ASP KD 558 -101.76 122.77 -58.22
C ASP KD 558 -100.72 123.49 -57.37
N HIS KD 559 -101.16 124.28 -56.40
CA HIS KD 559 -100.24 125.00 -55.54
C HIS KD 559 -99.51 124.05 -54.59
N GLY LD 6 -102.44 121.64 -63.75
CA GLY LD 6 -103.86 121.48 -63.98
C GLY LD 6 -104.51 122.71 -64.60
N THR LD 7 -103.94 123.88 -64.29
CA THR LD 7 -104.46 125.13 -64.85
C THR LD 7 -104.31 125.17 -66.37
N ASP LD 8 -103.17 124.71 -66.88
CA ASP LD 8 -102.97 124.67 -68.33
C ASP LD 8 -103.96 123.71 -68.99
N LYS LD 9 -104.20 122.56 -68.36
CA LYS LD 9 -105.20 121.64 -68.89
C LYS LD 9 -106.59 122.25 -68.87
N SER LD 10 -106.93 122.97 -67.79
CA SER LD 10 -108.22 123.63 -67.72
C SER LD 10 -108.36 124.70 -68.80
N VAL LD 11 -107.29 125.46 -69.04
CA VAL LD 11 -107.31 126.47 -70.09
C VAL LD 11 -107.49 125.83 -71.46
N ILE LD 12 -106.79 124.72 -71.72
CA ILE LD 12 -106.93 124.02 -72.98
C ILE LD 12 -108.34 123.50 -73.17
N LEU LD 13 -108.92 122.92 -72.11
CA LEU LD 13 -110.30 122.42 -72.17
C LEU LD 13 -111.28 123.55 -72.43
N LEU LD 14 -111.09 124.70 -71.78
CA LEU LD 14 -111.96 125.85 -71.99
C LEU LD 14 -111.86 126.36 -73.43
N MET LD 15 -110.63 126.41 -73.96
CA MET LD 15 -110.45 126.83 -75.35
C MET LD 15 -111.11 125.86 -76.31
N THR LD 16 -110.99 124.56 -76.05
CA THR LD 16 -111.59 123.56 -76.92
C THR LD 16 -113.10 123.45 -76.74
N ILE LD 17 -113.66 124.01 -75.66
CA ILE LD 17 -115.09 123.90 -75.41
C ILE LD 17 -115.86 124.83 -76.33
N GLY LD 18 -115.50 126.11 -76.33
CA GLY LD 18 -116.20 127.09 -77.14
C GLY LD 18 -116.31 128.45 -76.47
N GLU LD 19 -116.65 129.48 -77.24
CA GLU LD 19 -116.73 130.83 -76.68
C GLU LD 19 -117.86 130.97 -75.67
N ASP LD 20 -119.03 130.43 -75.98
CA ASP LD 20 -120.19 130.59 -75.11
C ASP LD 20 -120.01 129.85 -73.79
N ARG LD 21 -119.57 128.59 -73.87
CA ARG LD 21 -119.36 127.81 -72.66
C ARG LD 21 -118.27 128.41 -71.78
N ALA LD 22 -117.18 128.85 -72.40
CA ALA LD 22 -116.10 129.48 -71.63
C ALA LD 22 -116.57 130.77 -71.00
N ALA LD 23 -117.37 131.57 -71.72
CA ALA LD 23 -117.88 132.81 -71.15
C ALA LD 23 -118.80 132.52 -69.96
N GLU LD 24 -119.66 131.52 -70.08
CA GLU LD 24 -120.52 131.15 -68.96
C GLU LD 24 -119.70 130.68 -67.76
N VAL LD 25 -118.66 129.87 -68.01
CA VAL LD 25 -117.82 129.39 -66.93
C VAL LD 25 -117.11 130.55 -66.25
N PHE LD 26 -116.60 131.50 -67.03
CA PHE LD 26 -115.94 132.68 -66.46
C PHE LD 26 -116.91 133.51 -65.65
N LYS LD 27 -118.14 133.67 -66.14
CA LYS LD 27 -119.17 134.35 -65.37
C LYS LD 27 -119.49 133.60 -64.07
N HIS LD 28 -119.31 132.28 -64.06
CA HIS LD 28 -119.45 131.48 -62.85
C HIS LD 28 -118.12 131.22 -62.16
N LEU LD 29 -117.12 132.07 -62.41
CA LEU LD 29 -115.78 131.89 -61.85
C LEU LD 29 -115.35 133.17 -61.17
N SER LD 30 -114.39 133.02 -60.25
CA SER LD 30 -113.85 134.14 -59.49
C SER LD 30 -112.98 135.02 -60.38
N THR LD 31 -112.71 136.24 -59.90
CA THR LD 31 -111.96 137.22 -60.66
C THR LD 31 -110.54 136.76 -60.95
N ARG LD 32 -109.84 136.29 -59.91
CA ARG LD 32 -108.47 135.81 -60.08
C ARG LD 32 -108.42 134.60 -61.00
N GLU LD 33 -109.34 133.66 -60.80
CA GLU LD 33 -109.39 132.47 -61.64
C GLU LD 33 -109.70 132.84 -63.09
N VAL LD 34 -110.65 133.76 -63.29
CA VAL LD 34 -111.01 134.17 -64.65
C VAL LD 34 -109.82 134.85 -65.33
N GLN LD 35 -109.13 135.72 -64.61
CA GLN LD 35 -107.97 136.41 -65.18
C GLN LD 35 -106.88 135.41 -65.54
N ALA LD 36 -106.60 134.45 -64.64
CA ALA LD 36 -105.57 133.46 -64.91
C ALA LD 36 -105.94 132.61 -66.12
N LEU LD 37 -107.20 132.19 -66.21
CA LEU LD 37 -107.64 131.38 -67.34
C LEU LD 37 -107.55 132.15 -68.65
N SER LD 38 -107.95 133.43 -68.64
CA SER LD 38 -107.86 134.25 -69.85
C SER LD 38 -106.42 134.44 -70.28
N THR LD 39 -105.52 134.67 -69.31
CA THR LD 39 -104.13 134.93 -69.64
C THR LD 39 -103.46 133.66 -70.18
N ALA LD 40 -103.62 132.54 -69.47
CA ALA LD 40 -102.91 131.31 -69.81
C ALA LD 40 -103.34 130.75 -71.16
N MET LD 41 -104.65 130.78 -71.44
CA MET LD 41 -105.16 130.19 -72.67
C MET LD 41 -104.57 130.88 -73.90
N ALA LD 42 -104.57 132.22 -73.91
CA ALA LD 42 -104.02 132.94 -75.04
C ALA LD 42 -102.50 132.99 -75.01
N ASN LD 43 -101.94 132.87 -73.79
CA ASN LD 43 -100.46 132.96 -73.64
C ASN LD 43 -99.65 131.81 -74.22
N VAL LD 44 -99.76 130.62 -73.61
CA VAL LD 44 -99.06 129.43 -74.17
C VAL LD 44 -100.12 128.32 -74.00
N ARG LD 45 -100.45 127.63 -75.09
CA ARG LD 45 -101.43 126.52 -75.02
C ARG LD 45 -100.72 125.21 -75.38
N GLN LD 46 -100.87 124.19 -74.54
CA GLN LD 46 -100.19 122.89 -74.79
C GLN LD 46 -101.26 121.81 -74.99
N ILE LD 47 -101.13 121.01 -76.05
CA ILE LD 47 -102.09 119.87 -76.28
C ILE LD 47 -101.31 118.56 -76.25
N SER LD 48 -101.76 117.59 -75.45
CA SER LD 48 -101.04 116.30 -75.32
C SER LD 48 -101.94 115.16 -75.84
N ASN LD 49 -101.40 114.31 -76.72
CA ASN LD 49 -102.20 113.19 -77.29
C ASN LD 49 -102.66 112.27 -76.17
N LYS LD 50 -101.80 112.06 -75.16
CA LYS LD 50 -102.14 111.10 -74.07
C LYS LD 50 -102.29 111.83 -72.73
N GLN LD 51 -101.31 112.65 -72.34
CA GLN LD 51 -101.38 113.23 -71.00
C GLN LD 51 -102.65 114.05 -70.80
N LEU LD 52 -103.05 114.84 -71.79
CA LEU LD 52 -104.27 115.63 -71.67
C LEU LD 52 -105.49 114.74 -71.55
N THR LD 53 -105.55 113.66 -72.34
CA THR LD 53 -106.68 112.74 -72.25
C THR LD 53 -106.72 112.03 -70.89
N ASP LD 54 -105.56 111.61 -70.39
CA ASP LD 54 -105.51 110.96 -69.08
C ASP LD 54 -105.97 111.92 -67.98
N VAL LD 55 -105.51 113.18 -68.04
CA VAL LD 55 -105.91 114.16 -67.05
C VAL LD 55 -107.41 114.44 -67.13
N LEU LD 56 -107.95 114.54 -68.35
CA LEU LD 56 -109.38 114.78 -68.50
C LEU LD 56 -110.20 113.62 -67.94
N SER LD 57 -109.76 112.38 -68.22
CA SER LD 57 -110.46 111.23 -67.68
C SER LD 57 -110.40 111.20 -66.16
N GLU LD 58 -109.24 111.50 -65.59
CA GLU LD 58 -109.11 111.53 -64.14
C GLU LD 58 -110.00 112.61 -63.52
N PHE LD 59 -110.07 113.79 -64.15
CA PHE LD 59 -110.93 114.85 -63.64
C PHE LD 59 -112.39 114.45 -63.73
N GLU LD 60 -112.80 113.83 -64.84
CA GLU LD 60 -114.19 113.44 -65.02
C GLU LD 60 -114.58 112.33 -64.04
N GLN LD 61 -113.60 111.54 -63.60
CA GLN LD 61 -113.93 110.41 -62.71
C GLN LD 61 -113.56 110.73 -61.25
N GLU LD 62 -112.92 111.87 -60.99
CA GLU LD 62 -112.44 112.13 -59.61
C GLU LD 62 -113.59 112.22 -58.58
N ALA LD 63 -114.69 112.92 -58.88
CA ALA LD 63 -115.84 112.91 -57.94
C ALA LD 63 -117.15 113.25 -58.64
N GLU LD 64 -118.29 112.81 -58.09
CA GLU LD 64 -119.62 113.24 -58.61
C GLU LD 64 -120.16 114.37 -57.72
N GLN LD 65 -119.42 114.76 -56.68
CA GLN LD 65 -119.89 115.77 -55.70
C GLN LD 65 -120.12 117.14 -56.36
N PHE LD 66 -119.22 117.54 -57.27
CA PHE LD 66 -119.30 118.91 -57.86
C PHE LD 66 -120.61 119.07 -58.62
N ALA LD 67 -121.06 118.04 -59.33
CA ALA LD 67 -122.25 118.21 -60.20
C ALA LD 67 -123.49 118.61 -59.41
N ALA LD 68 -123.72 118.03 -58.22
CA ALA LD 68 -124.99 118.29 -57.49
C ALA LD 68 -124.92 119.53 -56.58
N LEU LD 69 -124.07 119.50 -55.55
CA LEU LD 69 -124.03 120.58 -54.58
C LEU LD 69 -123.81 121.92 -55.26
N ASN LD 70 -122.91 121.97 -56.23
CA ASN LD 70 -122.61 123.22 -56.92
C ASN LD 70 -123.72 123.62 -57.89
N ILE LD 71 -124.57 122.68 -58.29
CA ILE LD 71 -125.66 122.97 -59.21
C ILE LD 71 -126.64 123.95 -58.57
N ASN LD 72 -127.00 123.69 -57.32
CA ASN LD 72 -127.91 124.55 -56.57
C ASN LD 72 -127.47 124.58 -55.11
N ALA LD 73 -126.74 125.67 -54.77
CA ALA LD 73 -126.30 125.86 -53.38
C ALA LD 73 -126.90 127.12 -52.78
N ASN LD 74 -126.71 128.26 -53.46
CA ASN LD 74 -127.21 129.52 -52.92
C ASN LD 74 -128.72 129.63 -53.08
N GLU LD 75 -129.26 129.17 -54.22
CA GLU LD 75 -130.71 129.25 -54.43
C GLU LD 75 -131.46 128.41 -53.41
N TYR LD 76 -130.96 127.20 -53.13
CA TYR LD 76 -131.61 126.35 -52.14
C TYR LD 76 -131.57 126.97 -50.75
N LEU LD 77 -130.43 127.56 -50.38
CA LEU LD 77 -130.33 128.22 -49.08
C LEU LD 77 -131.28 129.40 -48.98
N ARG LD 78 -131.37 130.19 -50.05
CA ARG LD 78 -132.30 131.33 -50.05
C ARG LD 78 -133.75 130.87 -49.94
N SER LD 79 -134.12 129.82 -50.68
CA SER LD 79 -135.48 129.30 -50.60
C SER LD 79 -135.79 128.78 -49.20
N VAL LD 80 -134.83 128.07 -48.60
CA VAL LD 80 -135.02 127.54 -47.25
C VAL LD 80 -135.18 128.68 -46.25
N LEU LD 81 -134.36 129.74 -46.38
CA LEU LD 81 -134.49 130.88 -45.48
C LEU LD 81 -135.83 131.57 -45.65
N VAL LD 82 -136.30 131.71 -46.89
CA VAL LD 82 -137.58 132.36 -47.13
C VAL LD 82 -138.72 131.55 -46.53
N LYS LD 83 -138.69 130.23 -46.73
CA LYS LD 83 -139.79 129.38 -46.29
C LYS LD 83 -139.73 129.12 -44.79
N ALA LD 84 -138.57 129.30 -44.18
CA ALA LD 84 -138.39 128.91 -42.78
C ALA LD 84 -139.09 129.88 -41.84
N LEU LD 85 -138.68 131.14 -41.84
CA LEU LD 85 -139.20 132.14 -40.91
C LEU LD 85 -140.05 133.18 -41.62
N GLY LD 86 -139.52 133.83 -42.65
CA GLY LD 86 -140.26 134.85 -43.37
C GLY LD 86 -139.34 135.65 -44.26
N GLU LD 87 -139.94 136.53 -45.06
CA GLU LD 87 -139.15 137.37 -45.97
C GLU LD 87 -138.21 138.28 -45.21
N GLU LD 88 -138.69 138.89 -44.12
CA GLU LD 88 -137.87 139.80 -43.34
C GLU LD 88 -136.68 139.08 -42.71
N ARG LD 89 -136.90 137.89 -42.15
CA ARG LD 89 -135.80 137.14 -41.56
C ARG LD 89 -134.90 136.53 -42.62
N ALA LD 90 -135.46 136.17 -43.78
CA ALA LD 90 -134.64 135.63 -44.87
C ALA LD 90 -133.65 136.67 -45.37
N SER LD 91 -134.08 137.93 -45.45
CA SER LD 91 -133.16 138.99 -45.87
C SER LD 91 -132.00 139.13 -44.89
N SER LD 92 -132.28 139.10 -43.59
CA SER LD 92 -131.22 139.19 -42.60
C SER LD 92 -130.28 138.00 -42.67
N LEU LD 93 -130.83 136.79 -42.84
CA LEU LD 93 -129.99 135.60 -42.94
C LEU LD 93 -129.10 135.66 -44.18
N LEU LD 94 -129.66 136.09 -45.32
CA LEU LD 94 -128.86 136.21 -46.54
C LEU LD 94 -127.79 137.27 -46.39
N GLU LD 95 -128.11 138.39 -45.73
CA GLU LD 95 -127.12 139.43 -45.49
C GLU LD 95 -125.99 138.91 -44.61
N ASP LD 96 -126.32 138.15 -43.56
CA ASP LD 96 -125.28 137.57 -42.71
C ASP LD 96 -124.43 136.58 -43.49
N ILE LD 97 -125.04 135.75 -44.32
CA ILE LD 97 -124.29 134.78 -45.11
C ILE LD 97 -123.34 135.49 -46.07
N LEU LD 98 -123.82 136.55 -46.72
CA LEU LD 98 -122.96 137.31 -47.63
C LEU LD 98 -121.83 138.00 -46.86
N GLU LD 99 -122.13 138.55 -45.69
CA GLU LD 99 -121.10 139.22 -44.90
C GLU LD 99 -120.09 138.25 -44.32
N THR LD 100 -120.45 136.96 -44.26
CA THR LD 100 -119.48 135.95 -43.82
C THR LD 100 -118.25 135.93 -44.72
N ARG LD 101 -118.43 136.22 -46.01
CA ARG LD 101 -117.31 136.35 -46.95
C ARG LD 101 -116.98 137.83 -47.08
N ASP LD 102 -115.88 138.23 -46.46
CA ASP LD 102 -115.46 139.62 -46.43
C ASP LD 102 -114.50 139.91 -47.60
N THR LD 103 -114.00 141.14 -47.65
CA THR LD 103 -113.09 141.57 -48.70
C THR LD 103 -111.77 142.00 -48.08
N THR LD 104 -110.68 141.70 -48.78
CA THR LD 104 -109.35 142.01 -48.25
C THR LD 104 -109.03 143.50 -48.37
N SER LD 105 -109.02 144.02 -49.58
CA SER LD 105 -108.71 145.43 -49.81
C SER LD 105 -109.80 146.31 -49.21
N GLY LD 106 -109.37 147.35 -48.50
CA GLY LD 106 -110.31 148.20 -47.78
C GLY LD 106 -111.29 148.95 -48.67
N ILE LD 107 -110.94 149.16 -49.94
CA ILE LD 107 -111.83 149.90 -50.83
C ILE LD 107 -113.15 149.15 -50.99
N GLU LD 108 -113.09 147.84 -51.19
CA GLU LD 108 -114.32 147.05 -51.26
C GLU LD 108 -114.99 146.95 -49.90
N THR LD 109 -114.23 146.96 -48.81
CA THR LD 109 -114.83 146.96 -47.48
C THR LD 109 -115.62 148.24 -47.23
N LEU LD 110 -115.26 149.33 -47.93
CA LEU LD 110 -116.05 150.55 -47.83
C LEU LD 110 -117.52 150.50 -48.24
N ASN LD 111 -117.88 149.59 -49.17
CA ASN LD 111 -119.32 149.43 -49.57
C ASN LD 111 -120.16 148.57 -48.62
N PHE LD 112 -119.55 148.03 -47.55
CA PHE LD 112 -120.32 147.27 -46.52
C PHE LD 112 -120.62 148.21 -45.36
N MET LD 113 -120.07 149.42 -45.41
CA MET LD 113 -120.26 150.41 -44.37
C MET LD 113 -121.57 151.12 -44.72
N GLU LD 114 -122.13 151.77 -43.71
CA GLU LD 114 -123.33 152.57 -43.92
C GLU LD 114 -123.00 153.76 -44.83
N PRO LD 115 -123.93 154.17 -45.70
CA PRO LD 115 -123.66 155.31 -46.58
C PRO LD 115 -123.19 156.59 -45.91
N GLN LD 116 -123.78 156.96 -44.76
CA GLN LD 116 -123.37 158.19 -44.09
C GLN LD 116 -121.98 158.09 -43.47
N SER LD 117 -121.63 156.90 -42.96
CA SER LD 117 -120.30 156.71 -42.38
C SER LD 117 -119.28 156.89 -43.49
N ALA LD 118 -119.52 156.26 -44.64
CA ALA LD 118 -118.59 156.42 -45.76
C ALA LD 118 -118.57 157.85 -46.27
N ALA LD 119 -119.73 158.50 -46.35
CA ALA LD 119 -119.78 159.88 -46.80
C ALA LD 119 -119.01 160.80 -45.86
N ASP LD 120 -119.13 160.59 -44.56
CA ASP LD 120 -118.35 161.37 -43.61
C ASP LD 120 -116.87 161.04 -43.72
N LEU LD 121 -116.52 159.78 -43.98
CA LEU LD 121 -115.12 159.38 -44.03
C LEU LD 121 -114.41 160.00 -45.24
N ILE LD 122 -115.06 160.02 -46.40
CA ILE LD 122 -114.39 160.44 -47.62
C ILE LD 122 -114.81 161.82 -48.09
N ARG LD 123 -115.56 162.57 -47.28
CA ARG LD 123 -115.96 163.91 -47.69
C ARG LD 123 -114.75 164.84 -47.80
N ASP LD 124 -113.81 164.73 -46.86
CA ASP LD 124 -112.69 165.67 -46.82
C ASP LD 124 -111.59 165.30 -47.82
N GLU LD 125 -111.68 164.13 -48.44
CA GLU LD 125 -110.63 163.71 -49.36
C GLU LD 125 -110.65 164.55 -50.64
N HIS LD 126 -109.57 164.46 -51.39
CA HIS LD 126 -109.47 165.16 -52.66
C HIS LD 126 -110.53 164.63 -53.62
N PRO LD 127 -111.15 165.50 -54.43
CA PRO LD 127 -112.24 165.04 -55.30
C PRO LD 127 -111.85 163.89 -56.22
N GLN LD 128 -110.62 163.89 -56.75
CA GLN LD 128 -110.19 162.79 -57.58
C GLN LD 128 -110.10 161.48 -56.80
N ILE LD 129 -109.65 161.54 -55.56
CA ILE LD 129 -109.60 160.33 -54.73
C ILE LD 129 -111.01 159.82 -54.43
N ILE LD 130 -111.95 160.74 -54.19
CA ILE LD 130 -113.34 160.35 -54.01
C ILE LD 130 -113.81 159.64 -55.26
N ALA LD 131 -113.52 160.21 -56.43
CA ALA LD 131 -113.96 159.61 -57.68
C ALA LD 131 -113.36 158.22 -57.87
N THR LD 132 -112.07 158.07 -57.55
CA THR LD 132 -111.42 156.76 -57.66
C THR LD 132 -112.10 155.75 -56.74
N ILE LD 133 -112.39 156.17 -55.51
CA ILE LD 133 -113.10 155.26 -54.57
C ILE LD 133 -114.45 154.85 -55.18
N LEU LD 134 -115.18 155.80 -55.78
CA LEU LD 134 -116.56 155.51 -56.28
C LEU LD 134 -116.58 154.45 -57.38
N VAL LD 135 -115.64 154.47 -58.33
CA VAL LD 135 -115.72 153.52 -59.48
C VAL LD 135 -115.28 152.16 -58.92
N HIS LD 136 -114.47 152.15 -57.86
CA HIS LD 136 -114.10 150.84 -57.23
C HIS LD 136 -115.23 150.40 -56.29
N LEU LD 137 -116.01 151.36 -55.78
CA LEU LD 137 -117.12 151.03 -54.86
C LEU LD 137 -118.33 150.51 -55.66
N LYS LD 138 -119.23 149.78 -55.01
CA LYS LD 138 -120.45 149.27 -55.68
C LYS LD 138 -121.27 150.49 -56.15
N ARG LD 139 -121.90 150.39 -57.32
CA ARG LD 139 -122.64 151.55 -57.89
C ARG LD 139 -123.75 152.01 -56.93
N SER LD 140 -124.53 151.08 -56.40
CA SER LD 140 -125.68 151.48 -55.53
C SER LD 140 -125.15 152.33 -54.36
N GLN LD 141 -124.07 151.88 -53.72
CA GLN LD 141 -123.53 152.59 -52.54
C GLN LD 141 -123.06 153.98 -52.99
N ALA LD 142 -122.31 154.04 -54.08
CA ALA LD 142 -121.77 155.31 -54.56
C ALA LD 142 -122.88 156.31 -54.82
N ALA LD 143 -124.02 155.85 -55.36
CA ALA LD 143 -125.14 156.75 -55.59
C ALA LD 143 -125.67 157.32 -54.27
N ASP LD 144 -125.79 156.47 -53.25
CA ASP LD 144 -126.23 156.95 -51.95
C ASP LD 144 -125.24 157.95 -51.37
N ILE LD 145 -123.94 157.66 -51.49
CA ILE LD 145 -122.92 158.57 -50.98
C ILE LD 145 -123.00 159.95 -51.62
N LEU LD 146 -123.13 159.99 -52.95
CA LEU LD 146 -123.26 161.27 -53.64
C LEU LD 146 -124.55 162.00 -53.26
N ALA LD 147 -125.60 161.23 -52.99
CA ALA LD 147 -126.85 161.84 -52.53
C ALA LD 147 -126.62 162.57 -51.22
N LEU LD 148 -125.82 161.97 -50.33
CA LEU LD 148 -125.52 162.61 -49.02
C LEU LD 148 -124.50 163.74 -49.21
N PHE LD 149 -123.83 163.79 -50.35
CA PHE LD 149 -122.75 164.80 -50.55
C PHE LD 149 -123.34 166.16 -50.91
N ASP LD 150 -122.68 167.25 -50.51
CA ASP LD 150 -123.13 168.58 -50.91
C ASP LD 150 -123.23 168.66 -52.43
N GLU LD 151 -124.10 169.54 -52.91
CA GLU LD 151 -124.38 169.62 -54.34
C GLU LD 151 -123.14 170.04 -55.12
N ARG LD 152 -122.33 170.95 -54.59
CA ARG LD 152 -121.11 171.35 -55.28
C ARG LD 152 -120.15 170.16 -55.39
N LEU LD 153 -119.89 169.50 -54.27
CA LEU LD 153 -119.03 168.32 -54.29
C LEU LD 153 -119.65 167.21 -55.14
N ARG LD 154 -120.98 167.07 -55.10
CA ARG LD 154 -121.64 166.06 -55.93
C ARG LD 154 -121.38 166.30 -57.40
N HIS LD 155 -121.60 167.53 -57.87
CA HIS LD 155 -121.37 167.85 -59.27
C HIS LD 155 -119.90 167.67 -59.65
N ASP LD 156 -118.99 168.14 -58.78
CA ASP LD 156 -117.57 168.02 -59.08
C ASP LD 156 -117.17 166.56 -59.22
N VAL LD 157 -117.59 165.73 -58.27
CA VAL LD 157 -117.20 164.32 -58.29
C VAL LD 157 -117.83 163.61 -59.48
N MET LD 158 -119.08 163.96 -59.81
CA MET LD 158 -119.71 163.36 -60.99
C MET LD 158 -118.96 163.73 -62.25
N LEU LD 159 -118.54 164.98 -62.38
CA LEU LD 159 -117.76 165.40 -63.53
C LEU LD 159 -116.44 164.63 -63.61
N ARG LD 160 -115.78 164.45 -62.47
CA ARG LD 160 -114.54 163.67 -62.44
C ARG LD 160 -114.81 162.22 -62.85
N ILE LD 161 -115.95 161.67 -62.44
CA ILE LD 161 -116.32 160.32 -62.82
C ILE LD 161 -116.48 160.21 -64.33
N ALA LD 162 -117.12 161.23 -64.94
CA ALA LD 162 -117.36 161.19 -66.38
C ALA LD 162 -116.07 161.14 -67.16
N THR LD 163 -115.07 161.93 -66.76
CA THR LD 163 -113.82 162.05 -67.51
C THR LD 163 -112.64 161.39 -66.80
N PHE LD 164 -112.87 160.26 -66.15
CA PHE LD 164 -111.79 159.56 -65.46
C PHE LD 164 -110.73 159.09 -66.45
N GLY LD 165 -109.48 159.10 -66.01
CA GLY LD 165 -108.38 158.80 -66.90
C GLY LD 165 -107.40 157.76 -66.39
N GLY LD 166 -107.78 156.99 -65.39
CA GLY LD 166 -106.94 155.93 -64.89
C GLY LD 166 -105.88 156.29 -63.88
N VAL LD 167 -105.73 155.48 -62.84
CA VAL LD 167 -104.78 155.73 -61.78
C VAL LD 167 -103.43 155.06 -61.92
N GLN LD 168 -102.39 155.67 -61.34
CA GLN LD 168 -101.07 155.05 -61.35
C GLN LD 168 -101.19 153.91 -60.36
N PRO LD 169 -100.55 152.76 -60.65
CA PRO LD 169 -100.64 151.64 -59.71
C PRO LD 169 -100.09 151.97 -58.33
N ALA LD 170 -99.05 152.79 -58.24
CA ALA LD 170 -98.49 153.16 -56.95
C ALA LD 170 -99.50 153.95 -56.13
N ALA LD 171 -100.17 154.92 -56.76
CA ALA LD 171 -101.16 155.71 -56.05
C ALA LD 171 -102.34 154.85 -55.60
N LEU LD 172 -102.79 153.94 -56.46
CA LEU LD 172 -103.87 153.04 -56.08
C LEU LD 172 -103.48 152.16 -54.91
N ALA LD 173 -102.26 151.62 -54.94
CA ALA LD 173 -101.79 150.81 -53.82
C ALA LD 173 -101.70 151.64 -52.55
N GLU LD 174 -101.27 152.89 -52.66
CA GLU LD 174 -101.17 153.75 -51.49
C GLU LD 174 -102.55 154.01 -50.89
N LEU LD 175 -103.53 154.32 -51.73
CA LEU LD 175 -104.90 154.50 -51.24
C LEU LD 175 -105.43 153.22 -50.61
N THR LD 176 -105.13 152.09 -51.26
CA THR LD 176 -105.61 150.79 -50.73
C THR LD 176 -105.07 150.61 -49.33
N GLU LD 177 -103.75 150.71 -49.17
CA GLU LD 177 -103.13 150.46 -47.84
C GLU LD 177 -103.66 151.49 -46.82
N VAL LD 178 -103.79 152.75 -47.23
CA VAL LD 178 -104.33 153.80 -46.31
C VAL LD 178 -105.74 153.37 -45.89
N LEU LD 179 -106.61 153.11 -46.86
CA LEU LD 179 -108.00 152.78 -46.54
C LEU LD 179 -108.08 151.51 -45.70
N ASN LD 180 -107.17 150.56 -45.92
CA ASN LD 180 -107.16 149.34 -45.11
C ASN LD 180 -106.85 149.66 -43.65
N GLY LD 181 -105.85 150.50 -43.41
CA GLY LD 181 -105.49 150.86 -42.05
C GLY LD 181 -106.59 151.56 -41.30
N LEU LD 182 -107.59 152.10 -42.01
CA LEU LD 182 -108.68 152.81 -41.36
C LEU LD 182 -109.86 151.88 -41.09
N LEU LD 183 -110.17 151.01 -42.06
CA LEU LD 183 -111.39 150.18 -41.91
C LEU LD 183 -111.09 148.82 -41.26
N ASP LD 184 -109.90 148.25 -41.48
CA ASP LD 184 -109.68 146.89 -40.93
C ASP LD 184 -109.76 146.95 -39.40
N GLY LD 185 -109.19 147.99 -38.78
CA GLY LD 185 -109.31 148.15 -37.32
C GLY LD 185 -110.76 148.40 -36.91
N GLN LD 186 -111.48 149.21 -37.67
CA GLN LD 186 -112.87 149.58 -37.30
C GLN LD 186 -113.81 148.37 -37.40
N ASN LD 187 -114.78 148.26 -36.47
CA ASN LD 187 -115.79 147.18 -36.60
C ASN LD 187 -116.61 147.50 -37.86
N LEU LD 188 -116.98 146.49 -38.65
CA LEU LD 188 -117.67 146.79 -39.92
C LEU LD 188 -118.99 146.00 -40.04
N LYS LD 189 -119.67 145.72 -38.92
CA LYS LD 189 -120.95 145.04 -39.08
C LYS LD 189 -121.94 145.54 -38.03
N ARG LD 190 -122.46 146.75 -38.27
CA ARG LD 190 -123.49 147.32 -37.42
C ARG LD 190 -124.76 146.50 -37.52
N SER LD 191 -125.10 145.79 -36.44
CA SER LD 191 -126.28 144.94 -36.44
C SER LD 191 -127.53 145.79 -36.25
N LYS LD 192 -128.46 145.69 -37.19
CA LYS LD 192 -129.70 146.47 -37.15
C LYS LD 192 -130.82 145.53 -36.74
N MET LD 193 -131.30 145.68 -35.51
CA MET LD 193 -132.38 144.87 -34.97
C MET LD 193 -133.52 145.81 -34.57
N GLY LD 194 -134.67 145.67 -35.23
CA GLY LD 194 -135.84 146.50 -34.86
C GLY LD 194 -135.99 147.71 -35.77
N GLY LD 195 -136.87 147.63 -36.77
CA GLY LD 195 -137.12 148.76 -37.64
C GLY LD 195 -138.52 149.30 -37.44
N VAL LD 196 -139.38 149.08 -38.42
CA VAL LD 196 -140.79 149.44 -38.34
C VAL LD 196 -141.75 148.25 -38.18
N ARG LD 197 -141.30 147.09 -38.68
CA ARG LD 197 -142.07 145.87 -38.51
C ARG LD 197 -142.09 145.63 -37.00
N THR LD 198 -140.94 145.73 -36.34
CA THR LD 198 -140.90 145.52 -34.90
C THR LD 198 -141.70 146.58 -34.17
N ALA LD 199 -141.62 147.83 -34.61
CA ALA LD 199 -142.41 148.89 -33.99
C ALA LD 199 -143.91 148.62 -34.13
N ALA LD 200 -144.33 148.19 -35.32
CA ALA LD 200 -145.75 147.88 -35.52
C ALA LD 200 -146.19 146.71 -34.64
N GLU LD 201 -145.35 145.68 -34.54
CA GLU LD 201 -145.66 144.55 -33.69
C GLU LD 201 -145.77 144.97 -32.23
N ILE LD 202 -144.88 145.83 -31.77
CA ILE LD 202 -144.93 146.33 -30.40
C ILE LD 202 -146.22 147.12 -30.19
N ILE LD 203 -146.57 147.99 -31.14
CA ILE LD 203 -147.76 148.82 -31.01
C ILE LD 203 -149.01 147.96 -30.95
N ASN LD 204 -149.08 146.93 -31.79
CA ASN LD 204 -150.30 146.13 -31.92
C ASN LD 204 -150.67 145.41 -30.64
N LEU LD 205 -149.76 145.25 -29.70
CA LEU LD 205 -150.02 144.49 -28.48
C LEU LD 205 -150.30 145.31 -27.25
N MET LD 206 -150.43 146.63 -27.37
CA MET LD 206 -150.70 147.47 -26.21
C MET LD 206 -152.11 148.03 -26.28
N LYS LD 207 -152.46 148.81 -25.27
CA LYS LD 207 -153.82 149.34 -25.15
C LYS LD 207 -154.17 150.28 -26.28
N THR LD 208 -155.48 150.36 -26.58
CA THR LD 208 -155.94 151.17 -27.71
C THR LD 208 -155.64 152.64 -27.51
N GLN LD 209 -155.82 153.16 -26.29
CA GLN LD 209 -155.55 154.57 -26.04
C GLN LD 209 -154.07 154.89 -26.24
N GLN LD 210 -153.19 154.05 -25.70
CA GLN LD 210 -151.77 154.24 -25.96
C GLN LD 210 -151.44 154.04 -27.43
N GLU LD 211 -152.14 153.13 -28.11
CA GLU LD 211 -151.92 152.93 -29.54
C GLU LD 211 -152.20 154.21 -30.31
N GLU LD 212 -153.36 154.82 -30.08
CA GLU LD 212 -153.69 156.04 -30.80
C GLU LD 212 -152.76 157.17 -30.41
N ALA LD 213 -152.37 157.25 -29.13
CA ALA LD 213 -151.44 158.29 -28.71
C ALA LD 213 -150.11 158.17 -29.44
N VAL LD 214 -149.56 156.95 -29.51
CA VAL LD 214 -148.26 156.81 -30.14
C VAL LD 214 -148.36 157.02 -31.66
N ILE LD 215 -149.43 156.57 -32.30
CA ILE LD 215 -149.51 156.75 -33.75
C ILE LD 215 -149.69 158.22 -34.09
N THR LD 216 -150.47 158.95 -33.28
CA THR LD 216 -150.61 160.38 -33.56
C THR LD 216 -149.32 161.13 -33.25
N ALA LD 217 -148.57 160.69 -32.25
CA ALA LD 217 -147.26 161.31 -31.98
C ALA LD 217 -146.32 161.08 -33.17
N VAL LD 218 -146.29 159.86 -33.70
CA VAL LD 218 -145.45 159.58 -34.86
C VAL LD 218 -145.89 160.42 -36.05
N ARG LD 219 -147.20 160.52 -36.26
CA ARG LD 219 -147.71 161.32 -37.37
C ARG LD 219 -147.32 162.78 -37.23
N GLU LD 220 -147.36 163.29 -36.00
CA GLU LD 220 -146.86 164.64 -35.75
C GLU LD 220 -145.38 164.76 -36.10
N PHE LD 221 -144.59 163.75 -35.72
CA PHE LD 221 -143.17 163.76 -36.09
C PHE LD 221 -142.94 163.64 -37.59
N ASP LD 222 -143.64 162.72 -38.25
CA ASP LD 222 -143.51 162.49 -39.67
C ASP LD 222 -144.70 161.65 -40.10
N GLY LD 223 -145.48 162.17 -41.05
CA GLY LD 223 -146.66 161.44 -41.51
C GLY LD 223 -146.36 160.17 -42.27
N GLU LD 224 -145.29 160.19 -43.07
CA GLU LD 224 -144.93 159.02 -43.86
C GLU LD 224 -144.58 157.83 -42.97
N LEU LD 225 -143.83 158.07 -41.89
CA LEU LD 225 -143.50 156.99 -40.97
C LEU LD 225 -144.75 156.44 -40.30
N ALA LD 226 -145.69 157.31 -39.93
CA ALA LD 226 -146.94 156.85 -39.34
C ALA LD 226 -147.75 155.99 -40.30
N GLN LD 227 -147.83 156.39 -41.57
CA GLN LD 227 -148.55 155.59 -42.55
C GLN LD 227 -147.88 154.25 -42.79
N LYS LD 228 -146.54 154.23 -42.84
CA LYS LD 228 -145.83 152.97 -43.02
C LYS LD 228 -146.06 152.06 -41.82
N ILE LD 229 -146.07 152.64 -40.61
CA ILE LD 229 -146.35 151.85 -39.41
C ILE LD 229 -147.76 151.29 -39.47
N ILE LD 230 -148.73 152.10 -39.91
CA ILE LD 230 -150.11 151.64 -40.01
C ILE LD 230 -150.27 150.51 -41.03
N ASP LD 231 -149.55 150.61 -42.15
CA ASP LD 231 -149.63 149.56 -43.17
C ASP LD 231 -148.98 148.28 -42.67
N GLU LD 232 -147.86 148.40 -41.96
CA GLU LD 232 -147.19 147.22 -41.43
C GLU LD 232 -148.03 146.69 -40.27
N MET LD 233 -148.90 147.54 -39.69
CA MET LD 233 -149.72 147.10 -38.58
C MET LD 233 -150.63 145.94 -38.96
N PHE LD 234 -151.34 146.07 -40.08
CA PHE LD 234 -152.25 145.05 -40.58
C PHE LD 234 -151.86 144.68 -42.01
N LEU LD 235 -151.16 143.56 -42.16
CA LEU LD 235 -150.75 143.08 -43.47
C LEU LD 235 -151.91 142.38 -44.17
N PHE LD 236 -151.71 142.07 -45.44
CA PHE LD 236 -152.73 141.38 -46.22
C PHE LD 236 -152.68 139.87 -45.96
N GLU LD 237 -152.66 139.49 -44.69
CA GLU LD 237 -152.72 138.08 -44.29
C GLU LD 237 -153.65 137.82 -43.13
N ASN LD 238 -154.07 138.83 -42.38
CA ASN LD 238 -154.99 138.67 -41.26
C ASN LD 238 -156.44 138.81 -41.67
N LEU LD 239 -156.72 139.00 -42.95
CA LEU LD 239 -158.10 139.12 -43.42
C LEU LD 239 -158.89 137.84 -43.16
N VAL LD 240 -158.21 136.69 -43.03
CA VAL LD 240 -158.89 135.46 -42.68
C VAL LD 240 -159.51 135.53 -41.29
N ASP LD 241 -158.96 136.36 -40.40
CA ASP LD 241 -159.48 136.51 -39.05
C ASP LD 241 -160.58 137.56 -38.95
N VAL LD 242 -160.94 138.21 -40.04
CA VAL LD 242 -162.00 139.21 -40.03
C VAL LD 242 -163.34 138.51 -39.98
N ASP LD 243 -164.29 139.13 -39.29
CA ASP LD 243 -165.62 138.55 -39.14
C ASP LD 243 -166.36 138.56 -40.48
N ASP LD 244 -167.30 137.63 -40.61
CA ASP LD 244 -168.09 137.54 -41.83
C ASP LD 244 -168.94 138.79 -42.04
N ARG LD 245 -169.51 139.34 -40.97
CA ARG LD 245 -170.29 140.55 -41.08
C ARG LD 245 -169.42 141.72 -41.53
N SER LD 246 -168.21 141.83 -40.99
CA SER LD 246 -167.29 142.88 -41.43
C SER LD 246 -166.92 142.72 -42.89
N ILE LD 247 -166.69 141.48 -43.33
CA ILE LD 247 -166.38 141.24 -44.73
C ILE LD 247 -167.54 141.64 -45.62
N GLN LD 248 -168.77 141.29 -45.24
CA GLN LD 248 -169.94 141.67 -46.03
C GLN LD 248 -170.09 143.19 -46.07
N ARG LD 249 -169.87 143.87 -44.95
CA ARG LD 249 -169.96 145.32 -44.92
C ARG LD 249 -168.92 145.97 -45.81
N LEU LD 250 -167.69 145.43 -45.79
CA LEU LD 250 -166.62 146.00 -46.61
C LEU LD 250 -166.81 145.68 -48.08
N LEU LD 251 -167.53 144.59 -48.39
CA LEU LD 251 -167.75 144.23 -49.79
C LEU LD 251 -168.55 145.30 -50.52
N GLN LD 252 -169.38 146.07 -49.80
CA GLN LD 252 -170.18 147.11 -50.43
C GLN LD 252 -169.34 148.27 -50.95
N GLU LD 253 -168.10 148.42 -50.50
CA GLU LD 253 -167.24 149.51 -50.94
C GLU LD 253 -166.01 149.04 -51.71
N VAL LD 254 -165.93 147.75 -52.06
CA VAL LD 254 -164.79 147.19 -52.75
C VAL LD 254 -165.17 146.98 -54.21
N ASP LD 255 -164.37 147.54 -55.12
CA ASP LD 255 -164.60 147.35 -56.54
C ASP LD 255 -164.35 145.90 -56.93
N SER LD 256 -165.19 145.37 -57.83
CA SER LD 256 -165.07 143.98 -58.23
C SER LD 256 -163.74 143.71 -58.92
N GLU LD 257 -163.33 144.61 -59.83
CA GLU LD 257 -162.07 144.42 -60.52
C GLU LD 257 -160.88 144.50 -59.57
N SER LD 258 -160.87 145.49 -58.68
CA SER LD 258 -159.79 145.62 -57.71
C SER LD 258 -159.75 144.43 -56.76
N LEU LD 259 -160.92 143.99 -56.29
CA LEU LD 259 -160.97 142.83 -55.40
C LEU LD 259 -160.46 141.58 -56.10
N LEU LD 260 -160.84 141.38 -57.36
CA LEU LD 260 -160.38 140.22 -58.12
C LEU LD 260 -158.87 140.28 -58.32
N ILE LD 261 -158.34 141.47 -58.63
CA ILE LD 261 -156.90 141.62 -58.83
C ILE LD 261 -156.17 141.31 -57.52
N ALA LD 262 -156.67 141.81 -56.40
CA ALA LD 262 -156.04 141.54 -55.12
C ALA LD 262 -156.10 140.06 -54.76
N LEU LD 263 -157.23 139.41 -55.01
CA LEU LD 263 -157.41 138.02 -54.65
C LEU LD 263 -156.84 137.04 -55.68
N LYS LD 264 -156.32 137.54 -56.79
CA LYS LD 264 -155.72 136.65 -57.78
C LYS LD 264 -154.51 135.91 -57.20
N GLY LD 265 -153.66 136.63 -56.46
CA GLY LD 265 -152.53 136.04 -55.79
C GLY LD 265 -152.73 135.70 -54.33
N ALA LD 266 -153.95 135.85 -53.81
CA ALA LD 266 -154.22 135.58 -52.41
C ALA LD 266 -154.32 134.07 -52.17
N GLU LD 267 -154.30 133.69 -50.90
CA GLU LD 267 -154.42 132.28 -50.53
C GLU LD 267 -155.83 131.77 -50.86
N PRO LD 268 -155.97 130.50 -51.24
CA PRO LD 268 -157.29 129.95 -51.56
C PRO LD 268 -158.21 130.05 -50.35
N PRO LD 269 -157.70 129.85 -49.14
CA PRO LD 269 -158.56 130.03 -47.96
C PRO LD 269 -159.11 131.44 -47.82
N LEU LD 270 -158.30 132.45 -48.12
CA LEU LD 270 -158.78 133.82 -48.05
C LEU LD 270 -159.86 134.08 -49.10
N ARG LD 271 -159.68 133.55 -50.31
CA ARG LD 271 -160.70 133.72 -51.35
C ARG LD 271 -161.99 133.01 -50.96
N GLU LD 272 -161.89 131.82 -50.38
CA GLU LD 272 -163.08 131.11 -49.95
C GLU LD 272 -163.79 131.85 -48.83
N LYS LD 273 -163.04 132.40 -47.87
CA LYS LD 273 -163.64 133.16 -46.78
C LYS LD 273 -164.32 134.43 -47.29
N PHE LD 274 -163.69 135.11 -48.25
CA PHE LD 274 -164.22 136.34 -48.80
C PHE LD 274 -165.35 136.11 -49.81
N LEU LD 275 -165.52 134.87 -50.29
CA LEU LD 275 -166.57 134.56 -51.24
C LEU LD 275 -167.86 134.12 -50.56
N ARG LD 276 -167.86 134.02 -49.23
CA ARG LD 276 -169.06 133.62 -48.49
C ARG LD 276 -169.90 134.80 -48.05
N ASN LD 277 -169.49 136.04 -48.36
CA ASN LD 277 -170.23 137.22 -47.97
C ASN LD 277 -171.12 137.77 -49.08
N MET LD 278 -170.86 137.43 -50.33
CA MET LD 278 -171.65 137.92 -51.45
C MET LD 278 -172.68 136.86 -51.85
N SER LD 279 -173.42 137.13 -52.93
CA SER LD 279 -174.42 136.19 -53.40
C SER LD 279 -173.75 135.01 -54.11
N GLN LD 280 -174.54 133.95 -54.29
CA GLN LD 280 -174.02 132.76 -54.99
C GLN LD 280 -173.65 133.09 -56.43
N ARG LD 281 -174.49 133.87 -57.12
CA ARG LD 281 -174.16 134.29 -58.48
C ARG LD 281 -172.93 135.18 -58.49
N ALA LD 282 -172.82 136.10 -57.52
CA ALA LD 282 -171.64 136.95 -57.43
C ALA LD 282 -170.38 136.13 -57.15
N ALA LD 283 -170.49 135.14 -56.27
CA ALA LD 283 -169.35 134.28 -55.98
C ALA LD 283 -168.93 133.48 -57.22
N ASP LD 284 -169.91 132.95 -57.96
CA ASP LD 284 -169.58 132.22 -59.18
C ASP LD 284 -168.94 133.13 -60.22
N ILE LD 285 -169.44 134.36 -60.34
CA ILE LD 285 -168.85 135.31 -61.29
C ILE LD 285 -167.42 135.65 -60.89
N LEU LD 286 -167.17 135.87 -59.59
CA LEU LD 286 -165.82 136.16 -59.12
C LEU LD 286 -164.89 134.98 -59.38
N ARG LD 287 -165.36 133.76 -59.12
CA ARG LD 287 -164.54 132.58 -59.38
C ARG LD 287 -164.22 132.44 -60.86
N ASP LD 288 -165.21 132.68 -61.72
CA ASP LD 288 -164.97 132.60 -63.17
C ASP LD 288 -163.99 133.67 -63.62
N ASP LD 289 -164.12 134.89 -63.08
CA ASP LD 289 -163.19 135.95 -63.44
C ASP LD 289 -161.77 135.62 -62.98
N LEU LD 290 -161.63 135.08 -61.77
CA LEU LD 290 -160.31 134.70 -61.27
C LEU LD 290 -159.70 133.59 -62.11
N ALA LD 291 -160.51 132.59 -62.50
CA ALA LD 291 -160.00 131.52 -63.35
C ALA LD 291 -159.58 132.04 -64.72
N ASN LD 292 -160.37 132.95 -65.28
CA ASN LD 292 -160.07 133.49 -66.60
C ASN LD 292 -158.98 134.55 -66.59
N ARG LD 293 -158.70 135.14 -65.43
CA ARG LD 293 -157.67 136.17 -65.35
C ARG LD 293 -156.29 135.56 -65.49
N GLY LD 294 -155.49 136.12 -66.38
CA GLY LD 294 -154.13 135.66 -66.58
C GLY LD 294 -153.18 136.24 -65.56
N PRO LD 295 -151.94 135.77 -65.59
CA PRO LD 295 -150.93 136.30 -64.67
C PRO LD 295 -150.69 137.79 -64.91
N VAL LD 296 -150.47 138.52 -63.82
CA VAL LD 296 -150.22 139.95 -63.87
C VAL LD 296 -149.07 140.29 -62.95
N ARG LD 297 -148.44 141.45 -63.21
CA ARG LD 297 -147.35 141.91 -62.37
C ARG LD 297 -147.86 142.22 -60.97
N LEU LD 298 -147.03 141.93 -59.97
CA LEU LD 298 -147.42 142.14 -58.58
C LEU LD 298 -147.54 143.60 -58.20
N SER LD 299 -147.04 144.52 -59.04
CA SER LD 299 -147.10 145.94 -58.70
C SER LD 299 -148.54 146.44 -58.61
N GLN LD 300 -149.40 146.05 -59.54
CA GLN LD 300 -150.80 146.47 -59.52
C GLN LD 300 -151.62 145.69 -58.51
N VAL LD 301 -151.33 144.40 -58.33
CA VAL LD 301 -152.03 143.61 -57.32
C VAL LD 301 -151.74 144.14 -55.93
N GLU LD 302 -150.49 144.53 -55.68
CA GLU LD 302 -150.15 145.11 -54.39
C GLU LD 302 -150.89 146.42 -54.15
N ASN LD 303 -151.01 147.26 -55.18
CA ASN LD 303 -151.74 148.51 -55.03
C ASN LD 303 -153.22 148.25 -54.76
N GLU LD 304 -153.81 147.28 -55.46
CA GLU LD 304 -155.22 146.94 -55.22
C GLU LD 304 -155.43 146.42 -53.81
N GLN LD 305 -154.52 145.55 -53.34
CA GLN LD 305 -154.62 145.04 -51.98
C GLN LD 305 -154.45 146.15 -50.96
N LYS LD 306 -153.55 147.10 -51.24
CA LYS LD 306 -153.36 148.24 -50.34
C LYS LD 306 -154.63 149.10 -50.28
N ALA LD 307 -155.26 149.32 -51.43
CA ALA LD 307 -156.51 150.09 -51.44
C ALA LD 307 -157.60 149.36 -50.65
N ILE LD 308 -157.71 148.05 -50.83
CA ILE LD 308 -158.71 147.27 -50.12
C ILE LD 308 -158.45 147.32 -48.61
N LEU LD 309 -157.19 147.18 -48.21
CA LEU LD 309 -156.83 147.25 -46.79
C LEU LD 309 -157.10 148.62 -46.22
N LEU LD 310 -156.82 149.68 -46.99
CA LEU LD 310 -157.12 151.04 -46.53
C LEU LD 310 -158.63 151.23 -46.32
N ILE LD 311 -159.43 150.72 -47.25
CA ILE LD 311 -160.88 150.82 -47.10
C ILE LD 311 -161.34 150.05 -45.86
N VAL LD 312 -160.80 148.86 -45.65
CA VAL LD 312 -161.18 148.04 -44.50
C VAL LD 312 -160.79 148.75 -43.20
N ARG LD 313 -159.58 149.32 -43.18
CA ARG LD 313 -159.11 150.03 -41.99
C ARG LD 313 -159.97 151.25 -41.71
N ARG LD 314 -160.36 151.98 -42.77
CA ARG LD 314 -161.24 153.13 -42.58
C ARG LD 314 -162.59 152.70 -42.02
N LEU LD 315 -163.13 151.60 -42.52
CA LEU LD 315 -164.40 151.08 -42.02
C LEU LD 315 -164.29 150.68 -40.56
N ALA LD 316 -163.19 150.02 -40.20
CA ALA LD 316 -162.98 149.61 -38.82
C ALA LD 316 -162.82 150.82 -37.90
N GLU LD 317 -162.07 151.83 -38.34
CA GLU LD 317 -161.87 153.03 -37.54
C GLU LD 317 -163.19 153.78 -37.35
N THR LD 318 -164.03 153.80 -38.38
CA THR LD 318 -165.35 154.40 -38.25
C THR LD 318 -166.17 153.67 -37.21
N GLY LD 319 -166.08 152.34 -37.19
CA GLY LD 319 -166.79 151.54 -36.20
C GLY LD 319 -167.82 150.62 -36.83
N GLU LD 320 -167.65 150.32 -38.11
CA GLU LD 320 -168.58 149.47 -38.85
C GLU LD 320 -167.95 148.14 -39.26
N MET LD 321 -166.94 147.67 -38.54
CA MET LD 321 -166.27 146.42 -38.84
C MET LD 321 -165.72 145.85 -37.54
N VAL LD 322 -165.47 144.54 -37.53
CA VAL LD 322 -164.92 143.87 -36.37
C VAL LD 322 -164.03 142.73 -36.83
N ILE LD 323 -163.36 142.07 -35.89
CA ILE LD 323 -162.47 140.95 -36.19
C ILE LD 323 -162.79 139.78 -35.27
N GLY LD 324 -162.25 138.61 -35.58
CA GLY LD 324 -162.49 137.43 -34.76
C GLY LD 324 -161.75 136.20 -35.26
N SER MD 33 -81.35 217.28 -38.92
CA SER MD 33 -81.06 216.17 -38.03
C SER MD 33 -82.27 215.27 -37.86
N ASP MD 34 -82.15 214.02 -38.30
CA ASP MD 34 -83.23 213.04 -38.17
C ASP MD 34 -83.14 212.42 -36.78
N ILE MD 35 -84.21 212.60 -36.00
CA ILE MD 35 -84.27 212.07 -34.66
C ILE MD 35 -85.71 211.67 -34.36
N ARG MD 36 -85.97 210.37 -34.27
CA ARG MD 36 -87.30 209.87 -34.01
C ARG MD 36 -87.24 208.94 -32.80
N PRO MD 37 -88.36 208.81 -32.02
CA PRO MD 37 -88.37 207.98 -30.79
C PRO MD 37 -88.12 206.50 -31.13
N TYR MD 38 -87.47 205.81 -30.21
CA TYR MD 38 -87.18 204.39 -30.40
C TYR MD 38 -88.44 203.58 -30.15
N ASP MD 39 -88.87 202.84 -31.16
CA ASP MD 39 -90.02 201.94 -31.04
C ASP MD 39 -89.53 200.51 -31.17
N PRO MD 40 -89.68 199.68 -30.15
CA PRO MD 40 -89.30 198.27 -30.27
C PRO MD 40 -90.15 197.55 -31.31
N ASN MD 41 -89.79 196.30 -31.56
CA ASN MD 41 -90.43 195.38 -32.50
C ASN MD 41 -90.62 195.99 -33.89
N THR MD 42 -89.88 197.02 -34.25
CA THR MD 42 -89.93 197.56 -35.60
C THR MD 42 -88.83 196.95 -36.46
N GLN MD 43 -89.14 196.71 -37.73
CA GLN MD 43 -88.20 196.08 -38.66
C GLN MD 43 -87.13 197.11 -39.01
N ARG MD 44 -86.12 197.20 -38.16
CA ARG MD 44 -85.01 198.13 -38.36
C ARG MD 44 -83.71 197.44 -38.75
N ARG MD 45 -83.62 196.13 -38.61
CA ARG MD 45 -82.41 195.38 -38.96
C ARG MD 45 -82.51 194.97 -40.42
N VAL MD 46 -81.70 195.59 -41.27
CA VAL MD 46 -81.66 195.29 -42.70
C VAL MD 46 -80.29 194.71 -43.02
N VAL MD 47 -80.27 193.48 -43.51
CA VAL MD 47 -79.02 192.79 -43.87
C VAL MD 47 -79.21 192.28 -45.29
N ARG MD 48 -78.75 193.06 -46.28
CA ARG MD 48 -78.86 192.70 -47.68
C ARG MD 48 -77.50 192.19 -48.14
N GLU MD 49 -77.50 190.97 -48.68
CA GLU MD 49 -76.25 190.35 -49.11
C GLU MD 49 -76.58 189.42 -50.28
N ARG MD 50 -75.95 189.66 -51.42
CA ARG MD 50 -76.12 188.79 -52.57
C ARG MD 50 -75.50 187.43 -52.29
N LEU MD 51 -76.22 186.37 -52.65
CA LEU MD 51 -75.79 185.00 -52.39
C LEU MD 51 -75.71 184.25 -53.73
N GLN MD 52 -74.57 184.37 -54.39
CA GLN MD 52 -74.42 183.77 -55.72
C GLN MD 52 -74.44 182.26 -55.65
N ALA MD 53 -73.75 181.68 -54.64
CA ALA MD 53 -73.67 180.21 -54.47
C ALA MD 53 -75.07 179.65 -54.28
N LEU MD 54 -75.96 180.28 -53.51
CA LEU MD 54 -77.36 179.89 -53.42
C LEU MD 54 -78.08 180.14 -54.73
N GLU MD 55 -77.71 181.21 -55.43
CA GLU MD 55 -78.35 181.51 -56.71
C GLU MD 55 -78.11 180.42 -57.75
N ILE MD 56 -77.01 179.68 -57.63
CA ILE MD 56 -76.76 178.60 -58.60
C ILE MD 56 -77.28 177.28 -58.04
N ILE MD 57 -77.25 177.13 -56.72
CA ILE MD 57 -77.80 175.92 -56.11
C ILE MD 57 -79.29 175.84 -56.38
N ASN MD 58 -79.97 176.98 -56.40
CA ASN MD 58 -81.41 176.98 -56.69
C ASN MD 58 -81.72 176.44 -58.08
N GLU MD 59 -80.98 176.86 -59.09
CA GLU MD 59 -81.21 176.34 -60.44
C GLU MD 59 -80.84 174.86 -60.55
N ARG MD 60 -79.76 174.46 -59.90
CA ARG MD 60 -79.38 173.04 -59.95
C ARG MD 60 -80.50 172.21 -59.32
N PHE MD 61 -81.00 172.63 -58.16
CA PHE MD 61 -82.09 171.92 -57.52
C PHE MD 61 -83.35 171.97 -58.36
N ALA MD 62 -83.60 173.10 -59.03
CA ALA MD 62 -84.79 173.20 -59.87
C ALA MD 62 -84.73 172.23 -61.03
N ARG MD 63 -83.56 172.09 -61.66
CA ARG MD 63 -83.42 171.11 -62.73
C ARG MD 63 -83.63 169.69 -62.21
N GLN MD 64 -83.02 169.37 -61.07
CA GLN MD 64 -83.19 168.03 -60.51
C GLN MD 64 -84.66 167.76 -60.17
N PHE MD 65 -85.34 168.75 -59.58
CA PHE MD 65 -86.73 168.58 -59.20
C PHE MD 65 -87.63 168.48 -60.40
N ARG MD 66 -87.34 169.21 -61.49
CA ARG MD 66 -88.12 169.05 -62.71
C ARG MD 66 -88.13 167.66 -63.33
N MET MD 67 -86.96 167.02 -63.43
CA MET MD 67 -86.93 165.64 -63.90
C MET MD 67 -87.55 164.61 -62.93
N GLY MD 68 -87.43 164.91 -61.64
CA GLY MD 68 -88.04 164.06 -60.62
C GLY MD 68 -89.54 164.17 -60.82
N LEU MD 69 -90.04 165.38 -61.01
CA LEU MD 69 -91.47 165.56 -61.24
C LEU MD 69 -91.91 164.93 -62.55
N PHE MD 70 -91.06 165.02 -63.58
CA PHE MD 70 -91.37 164.32 -64.82
C PHE MD 70 -91.42 162.82 -64.59
N ASN MD 71 -90.46 162.29 -63.82
CA ASN MD 71 -90.45 160.86 -63.53
C ASN MD 71 -91.68 160.43 -62.77
N LEU MD 72 -92.19 161.28 -61.88
CA LEU MD 72 -93.31 160.89 -61.02
C LEU MD 72 -94.65 161.11 -61.72
N LEU MD 73 -94.95 162.36 -62.06
CA LEU MD 73 -96.27 162.73 -62.58
C LEU MD 73 -96.50 162.28 -64.02
N ARG MD 74 -95.46 161.81 -64.70
CA ARG MD 74 -95.56 161.47 -66.12
C ARG MD 74 -96.04 162.66 -66.95
N ARG MD 75 -95.61 163.86 -66.57
CA ARG MD 75 -95.94 165.08 -67.28
C ARG MD 75 -94.67 165.93 -67.38
N SER MD 76 -94.79 167.09 -68.01
CA SER MD 76 -93.65 167.98 -68.24
C SER MD 76 -93.80 169.28 -67.47
N PRO MD 77 -93.29 169.36 -66.25
CA PRO MD 77 -93.29 170.64 -65.52
C PRO MD 77 -92.16 171.59 -65.87
N ASP MD 78 -92.42 172.88 -65.66
CA ASP MD 78 -91.38 173.89 -65.80
C ASP MD 78 -91.32 174.65 -64.48
N ILE MD 79 -90.12 174.76 -63.92
CA ILE MD 79 -89.89 175.40 -62.64
C ILE MD 79 -89.09 176.66 -62.87
N THR MD 80 -89.65 177.80 -62.48
CA THR MD 80 -88.99 179.09 -62.55
C THR MD 80 -88.53 179.47 -61.14
N VAL MD 81 -87.24 179.75 -60.99
CA VAL MD 81 -86.70 180.12 -59.69
C VAL MD 81 -86.92 181.60 -59.47
N GLY MD 82 -87.59 181.94 -58.37
CA GLY MD 82 -87.81 183.33 -58.04
C GLY MD 82 -86.60 183.95 -57.37
N ALA MD 83 -86.69 185.25 -57.13
CA ALA MD 83 -85.62 185.97 -56.46
C ALA MD 83 -85.53 185.55 -55.00
N ILE MD 84 -84.32 185.30 -54.54
CA ILE MD 84 -84.10 184.95 -53.14
C ILE MD 84 -84.46 186.15 -52.26
N ARG MD 85 -85.29 185.91 -51.26
CA ARG MD 85 -85.73 186.97 -50.36
C ARG MD 85 -85.12 186.79 -48.97
N ILE MD 86 -84.42 187.82 -48.50
CA ILE MD 86 -83.85 187.84 -47.17
C ILE MD 86 -84.73 188.69 -46.26
N GLN MD 87 -85.55 188.03 -45.44
CA GLN MD 87 -86.63 188.72 -44.76
C GLN MD 87 -86.81 188.19 -43.35
N PRO MD 88 -87.38 188.99 -42.45
CA PRO MD 88 -87.69 188.47 -41.11
C PRO MD 88 -88.70 187.33 -41.18
N TYR MD 89 -88.59 186.42 -40.22
CA TYR MD 89 -89.40 185.21 -40.26
C TYR MD 89 -90.91 185.42 -40.26
N HIS MD 90 -91.39 186.45 -39.54
CA HIS MD 90 -92.85 186.74 -39.44
C HIS MD 90 -93.40 187.31 -40.77
N GLU MD 91 -92.54 187.85 -41.64
CA GLU MD 91 -92.94 188.28 -42.98
C GLU MD 91 -93.19 187.02 -43.79
N PHE MD 92 -92.25 186.08 -43.71
CA PHE MD 92 -92.42 184.80 -44.41
C PHE MD 92 -93.64 184.06 -43.91
N ALA MD 93 -93.86 184.06 -42.59
CA ALA MD 93 -95.02 183.38 -42.03
C ALA MD 93 -96.32 184.01 -42.48
N ARG MD 94 -96.39 185.34 -42.48
CA ARG MD 94 -97.64 186.00 -42.82
C ARG MD 94 -97.94 185.92 -44.31
N ASN MD 95 -96.90 185.86 -45.16
CA ASN MD 95 -97.16 185.74 -46.59
C ASN MD 95 -97.67 184.36 -46.96
N LEU MD 96 -97.41 183.36 -46.12
CA LEU MD 96 -97.87 182.01 -46.40
C LEU MD 96 -99.38 181.91 -46.28
N PRO MD 97 -100.02 181.06 -47.07
CA PRO MD 97 -101.46 180.83 -46.93
C PRO MD 97 -101.74 179.79 -45.86
N VAL MD 98 -103.01 179.66 -45.53
CA VAL MD 98 -103.44 178.70 -44.50
C VAL MD 98 -104.62 177.89 -45.02
N PRO MD 99 -104.56 176.55 -44.97
CA PRO MD 99 -103.43 175.73 -44.53
C PRO MD 99 -102.42 175.53 -45.64
N THR MD 100 -101.19 175.17 -45.28
CA THR MD 100 -100.13 174.88 -46.26
C THR MD 100 -99.26 173.81 -45.64
N ASN MD 101 -98.89 172.77 -46.37
CA ASN MD 101 -97.92 171.75 -45.88
C ASN MD 101 -96.52 172.32 -45.65
N LEU MD 102 -96.03 172.27 -44.41
CA LEU MD 102 -94.66 172.73 -44.04
C LEU MD 102 -93.80 171.49 -43.74
N ASN MD 103 -92.59 171.34 -44.22
CA ASN MD 103 -91.78 170.10 -44.03
C ASN MD 103 -90.49 170.46 -43.27
N LEU MD 104 -90.46 170.32 -41.94
CA LEU MD 104 -89.24 170.63 -41.21
C LEU MD 104 -88.15 169.66 -41.65
N ILE MD 105 -87.00 170.19 -42.03
CA ILE MD 105 -85.90 169.38 -42.53
C ILE MD 105 -84.63 169.76 -41.78
N HIS MD 106 -83.77 168.77 -41.59
CA HIS MD 106 -82.49 168.96 -40.92
C HIS MD 106 -81.38 168.91 -41.96
N LEU MD 107 -80.65 170.01 -42.10
CA LEU MD 107 -79.52 170.09 -43.02
C LEU MD 107 -78.21 169.86 -42.27
N LYS MD 108 -78.06 168.65 -41.73
CA LYS MD 108 -76.87 168.33 -40.98
C LYS MD 108 -75.64 168.36 -41.90
N PRO MD 109 -74.46 168.72 -41.36
CA PRO MD 109 -74.15 169.01 -39.96
C PRO MD 109 -74.45 170.45 -39.55
N LEU MD 110 -75.15 171.23 -40.36
CA LEU MD 110 -75.48 172.60 -40.00
C LEU MD 110 -76.55 172.59 -38.91
N ARG MD 111 -76.26 173.22 -37.78
CA ARG MD 111 -77.20 173.25 -36.68
C ARG MD 111 -78.35 174.20 -37.00
N GLY MD 112 -79.57 173.69 -36.90
CA GLY MD 112 -80.76 174.44 -37.21
C GLY MD 112 -81.80 173.54 -37.85
N THR MD 113 -82.86 174.17 -38.35
CA THR MD 113 -83.97 173.43 -38.96
C THR MD 113 -84.56 174.27 -40.08
N GLY MD 114 -84.40 173.81 -41.31
CA GLY MD 114 -84.99 174.48 -42.45
C GLY MD 114 -86.41 174.03 -42.71
N LEU MD 115 -87.05 174.70 -43.67
CA LEU MD 115 -88.46 174.49 -43.97
C LEU MD 115 -88.66 174.38 -45.45
N VAL MD 116 -89.45 173.40 -45.88
CA VAL MD 116 -89.86 173.24 -47.27
C VAL MD 116 -91.37 173.41 -47.33
N VAL MD 117 -91.83 174.42 -48.05
CA VAL MD 117 -93.25 174.79 -48.05
C VAL MD 117 -93.85 174.40 -49.38
N PHE MD 118 -94.77 173.45 -49.36
CA PHE MD 118 -95.56 173.05 -50.51
C PHE MD 118 -96.93 173.73 -50.50
N SER MD 119 -97.21 174.51 -51.53
CA SER MD 119 -98.49 175.20 -51.60
C SER MD 119 -99.66 174.23 -51.80
N PRO MD 120 -100.88 174.59 -51.34
CA PRO MD 120 -102.09 173.74 -51.59
C PRO MD 120 -102.25 173.51 -53.08
N SER MD 121 -101.91 174.53 -53.88
CA SER MD 121 -102.10 174.39 -55.32
C SER MD 121 -101.23 173.29 -55.88
N LEU MD 122 -99.97 173.22 -55.46
CA LEU MD 122 -99.06 172.22 -56.01
C LEU MD 122 -99.48 170.81 -55.61
N VAL MD 123 -99.84 170.61 -54.34
CA VAL MD 123 -100.26 169.28 -53.90
C VAL MD 123 -101.58 168.90 -54.56
N PHE MD 124 -102.46 169.87 -54.76
CA PHE MD 124 -103.70 169.60 -55.48
C PHE MD 124 -103.41 169.14 -56.91
N ILE MD 125 -102.49 169.82 -57.59
CA ILE MD 125 -102.14 169.45 -58.95
C ILE MD 125 -101.55 168.05 -58.99
N ALA MD 126 -100.64 167.76 -58.05
CA ALA MD 126 -100.00 166.45 -58.03
C ALA MD 126 -101.01 165.33 -57.77
N VAL MD 127 -101.89 165.53 -56.79
CA VAL MD 127 -102.89 164.51 -56.49
C VAL MD 127 -103.84 164.34 -57.67
N ASP MD 128 -104.23 165.43 -58.31
CA ASP MD 128 -105.11 165.36 -59.46
C ASP MD 128 -104.45 164.56 -60.59
N ASN MD 129 -103.18 164.85 -60.87
CA ASN MD 129 -102.50 164.15 -61.95
C ASN MD 129 -102.31 162.68 -61.62
N LEU MD 130 -101.95 162.35 -60.38
CA LEU MD 130 -101.73 160.95 -60.03
C LEU MD 130 -103.03 160.15 -60.11
N PHE MD 131 -104.13 160.71 -59.63
CA PHE MD 131 -105.38 159.96 -59.50
C PHE MD 131 -106.31 160.26 -60.68
N GLY MD 132 -105.84 159.90 -61.87
CA GLY MD 132 -106.67 159.92 -63.06
C GLY MD 132 -107.27 161.27 -63.41
N GLY MD 133 -106.46 162.32 -63.37
CA GLY MD 133 -106.96 163.63 -63.72
C GLY MD 133 -106.07 164.38 -64.68
N ASP MD 134 -106.64 164.85 -65.79
CA ASP MD 134 -105.86 165.61 -66.80
C ASP MD 134 -105.92 167.11 -66.47
N GLY MD 135 -106.17 167.45 -65.20
CA GLY MD 135 -106.22 168.85 -64.80
C GLY MD 135 -107.19 169.63 -65.65
N ARG MD 136 -108.29 169.01 -66.08
CA ARG MD 136 -109.33 169.73 -66.82
C ARG MD 136 -110.02 170.80 -65.97
N PHE MD 137 -110.52 170.37 -64.80
CA PHE MD 137 -111.17 171.32 -63.91
C PHE MD 137 -110.22 172.25 -63.16
N PRO MD 138 -110.64 173.47 -62.87
CA PRO MD 138 -109.78 174.39 -62.11
C PRO MD 138 -109.52 173.88 -60.71
N THR MD 139 -108.34 174.20 -60.18
CA THR MD 139 -108.02 173.85 -58.81
C THR MD 139 -108.82 174.71 -57.84
N LYS MD 140 -109.49 174.07 -56.89
CA LYS MD 140 -110.29 174.75 -55.89
C LYS MD 140 -109.73 174.44 -54.50
N VAL MD 141 -109.33 175.48 -53.77
CA VAL MD 141 -108.85 175.36 -52.42
C VAL MD 141 -109.66 176.30 -51.53
N GLU MD 142 -110.27 175.74 -50.49
CA GLU MD 142 -111.13 176.49 -49.59
C GLU MD 142 -110.79 176.17 -48.14
N GLY MD 143 -109.50 176.18 -47.81
CA GLY MD 143 -109.09 175.84 -46.46
C GLY MD 143 -109.16 174.38 -46.13
N ARG MD 144 -109.30 173.53 -47.13
CA ARG MD 144 -109.38 172.09 -46.91
C ARG MD 144 -108.04 171.55 -46.43
N GLU MD 145 -108.08 170.67 -45.44
CA GLU MD 145 -106.88 170.08 -44.88
C GLU MD 145 -106.37 168.94 -45.77
N PHE MD 146 -105.34 168.26 -45.29
CA PHE MD 146 -104.68 167.20 -46.04
C PHE MD 146 -104.96 165.86 -45.38
N THR MD 147 -105.47 164.90 -46.16
CA THR MD 147 -105.75 163.58 -45.64
C THR MD 147 -104.47 162.74 -45.61
N HIS MD 148 -104.60 161.49 -45.17
CA HIS MD 148 -103.44 160.62 -45.10
C HIS MD 148 -102.90 160.28 -46.48
N THR MD 149 -103.80 160.08 -47.46
CA THR MD 149 -103.35 159.82 -48.82
C THR MD 149 -102.63 161.03 -49.40
N GLU MD 150 -103.18 162.23 -49.17
CA GLU MD 150 -102.50 163.44 -49.60
C GLU MD 150 -101.16 163.59 -48.92
N GLN MD 151 -101.09 163.26 -47.63
CA GLN MD 151 -99.83 163.34 -46.91
C GLN MD 151 -98.81 162.36 -47.48
N ARG MD 152 -99.26 161.17 -47.88
CA ARG MD 152 -98.33 160.21 -48.46
C ARG MD 152 -97.84 160.68 -49.83
N VAL MD 153 -98.72 161.27 -50.63
CA VAL MD 153 -98.31 161.84 -51.91
C VAL MD 153 -97.29 162.94 -51.71
N ILE MD 154 -97.51 163.79 -50.71
CA ILE MD 154 -96.58 164.87 -50.42
C ILE MD 154 -95.25 164.32 -49.93
N ASN MD 155 -95.28 163.24 -49.14
CA ASN MD 155 -94.04 162.61 -48.72
C ASN MD 155 -93.28 162.08 -49.93
N ARG MD 156 -94.00 161.46 -50.87
CA ARG MD 156 -93.35 160.95 -52.07
C ARG MD 156 -92.72 162.07 -52.88
N MET MD 157 -93.42 163.20 -53.02
CA MET MD 157 -92.85 164.35 -53.71
C MET MD 157 -91.65 164.91 -52.95
N LEU MD 158 -91.77 165.01 -51.63
CA LEU MD 158 -90.71 165.62 -50.83
C LEU MD 158 -89.46 164.76 -50.81
N LYS MD 159 -89.60 163.43 -50.99
CA LYS MD 159 -88.42 162.61 -51.11
C LYS MD 159 -87.58 163.02 -52.31
N LEU MD 160 -88.24 163.21 -53.47
CA LEU MD 160 -87.54 163.69 -54.65
C LEU MD 160 -86.99 165.09 -54.44
N ALA MD 161 -87.77 165.97 -53.81
CA ALA MD 161 -87.31 167.33 -53.57
C ALA MD 161 -86.06 167.35 -52.70
N LEU MD 162 -86.04 166.56 -51.64
CA LEU MD 162 -84.89 166.52 -50.76
C LEU MD 162 -83.69 165.89 -51.43
N GLU MD 163 -83.91 164.84 -52.23
CA GLU MD 163 -82.80 164.26 -52.97
C GLU MD 163 -82.18 165.27 -53.92
N GLY MD 164 -83.03 166.01 -54.64
CA GLY MD 164 -82.52 167.02 -55.55
C GLY MD 164 -81.77 168.13 -54.82
N TYR MD 165 -82.31 168.58 -53.69
CA TYR MD 165 -81.65 169.63 -52.94
C TYR MD 165 -80.30 169.16 -52.40
N SER MD 166 -80.24 167.93 -51.89
CA SER MD 166 -78.98 167.40 -51.39
C SER MD 166 -77.96 167.27 -52.50
N ASP MD 167 -78.39 166.79 -53.67
CA ASP MD 167 -77.48 166.68 -54.81
C ASP MD 167 -76.97 168.05 -55.25
N ALA MD 168 -77.86 169.05 -55.26
CA ALA MD 168 -77.44 170.40 -55.64
C ALA MD 168 -76.44 170.96 -54.64
N TRP MD 169 -76.66 170.73 -53.34
CA TRP MD 169 -75.74 171.23 -52.34
C TRP MD 169 -74.43 170.44 -52.41
N LYS MD 170 -74.52 169.17 -52.83
CA LYS MD 170 -73.33 168.31 -52.86
C LYS MD 170 -72.18 168.93 -53.65
N ALA MD 171 -72.50 169.66 -54.72
CA ALA MD 171 -71.47 170.32 -55.51
C ALA MD 171 -70.59 171.31 -54.75
N ILE MD 172 -71.19 172.11 -53.86
CA ILE MD 172 -70.45 173.12 -53.12
C ILE MD 172 -70.07 172.57 -51.75
N ASN MD 173 -71.06 172.21 -50.95
CA ASN MD 173 -70.80 171.67 -49.62
C ASN MD 173 -71.66 170.43 -49.40
N PRO MD 174 -71.04 169.26 -49.20
CA PRO MD 174 -71.84 168.03 -49.07
C PRO MD 174 -72.66 168.02 -47.79
N LEU MD 175 -73.99 168.06 -47.95
CA LEU MD 175 -74.92 168.04 -46.83
C LEU MD 175 -75.88 166.88 -46.99
N GLU MD 176 -76.36 166.36 -45.87
CA GLU MD 176 -77.39 165.33 -45.86
C GLU MD 176 -78.70 165.94 -45.36
N VAL MD 177 -79.77 165.70 -46.10
CA VAL MD 177 -81.07 166.31 -45.84
C VAL MD 177 -81.97 165.25 -45.25
N GLU MD 178 -82.49 165.51 -44.05
CA GLU MD 178 -83.39 164.59 -43.36
C GLU MD 178 -84.72 165.26 -43.11
N TYR MD 179 -85.79 164.56 -43.48
CA TYR MD 179 -87.15 165.01 -43.22
C TYR MD 179 -87.58 164.49 -41.86
N VAL MD 180 -87.94 165.40 -40.96
CA VAL MD 180 -88.20 165.04 -39.57
C VAL MD 180 -89.69 165.12 -39.23
N ARG MD 181 -90.42 166.05 -39.84
CA ARG MD 181 -91.79 166.28 -39.42
C ARG MD 181 -92.52 167.11 -40.47
N SER MD 182 -93.82 166.91 -40.57
CA SER MD 182 -94.66 167.70 -41.45
C SER MD 182 -95.81 168.26 -40.62
N GLU MD 183 -96.22 169.48 -40.96
CA GLU MD 183 -97.26 170.19 -40.25
C GLU MD 183 -98.09 170.95 -41.26
N MET MD 184 -99.25 171.42 -40.82
CA MET MD 184 -100.18 172.14 -41.69
C MET MD 184 -100.41 173.60 -41.31
N GLN MD 185 -100.23 173.94 -40.04
CA GLN MD 185 -100.36 175.31 -39.59
C GLN MD 185 -98.99 175.97 -39.51
N VAL MD 186 -98.99 177.28 -39.30
CA VAL MD 186 -97.74 178.03 -39.22
C VAL MD 186 -97.17 178.08 -37.81
N LYS MD 187 -98.03 178.03 -36.79
CA LYS MD 187 -97.59 178.20 -35.41
C LYS MD 187 -96.94 176.95 -34.84
N PHE MD 188 -96.96 175.83 -35.56
CA PHE MD 188 -96.32 174.61 -35.08
C PHE MD 188 -94.83 174.49 -35.39
N THR MD 189 -94.31 175.30 -36.31
CA THR MD 189 -92.91 175.13 -36.72
C THR MD 189 -91.94 175.88 -35.81
N ASN MD 190 -92.07 177.20 -35.77
CA ASN MD 190 -91.20 178.07 -34.96
C ASN MD 190 -89.74 177.61 -35.01
N ILE MD 191 -89.15 177.68 -36.21
CA ILE MD 191 -87.72 177.29 -36.43
C ILE MD 191 -86.82 178.48 -36.08
N THR MD 192 -87.40 179.65 -35.75
CA THR MD 192 -86.64 180.88 -35.40
C THR MD 192 -86.90 181.19 -33.94
N THR MD 193 -85.84 181.42 -33.16
CA THR MD 193 -85.94 181.69 -31.70
C THR MD 193 -86.91 182.83 -31.50
N SER MD 194 -86.86 183.87 -32.35
CA SER MD 194 -87.76 184.99 -32.29
C SER MD 194 -88.37 185.24 -33.66
N PRO MD 195 -89.59 185.79 -33.72
CA PRO MD 195 -90.21 186.07 -35.02
C PRO MD 195 -89.49 187.13 -35.82
N ASN MD 196 -88.63 187.93 -35.20
CA ASN MD 196 -87.89 188.96 -35.90
C ASN MD 196 -86.56 188.46 -36.45
N ASP MD 197 -86.26 187.16 -36.30
CA ASP MD 197 -85.04 186.61 -36.86
C ASP MD 197 -85.11 186.62 -38.38
N ILE MD 198 -83.94 186.64 -39.00
CA ILE MD 198 -83.83 186.80 -40.44
C ILE MD 198 -83.66 185.43 -41.09
N VAL MD 199 -84.42 185.18 -42.15
CA VAL MD 199 -84.37 183.91 -42.87
C VAL MD 199 -84.24 184.19 -44.36
N VAL MD 200 -83.74 183.19 -45.07
CA VAL MD 200 -83.51 183.26 -46.51
C VAL MD 200 -84.56 182.44 -47.25
N ASN MD 201 -85.40 183.11 -48.03
CA ASN MD 201 -86.52 182.41 -48.72
C ASN MD 201 -86.35 182.36 -50.24
N THR MD 202 -86.47 181.17 -50.84
CA THR MD 202 -86.43 180.98 -52.28
C THR MD 202 -87.75 180.43 -52.76
N PRO MD 203 -88.58 181.23 -53.44
CA PRO MD 203 -89.83 180.69 -54.01
C PRO MD 203 -89.61 180.20 -55.43
N PHE MD 204 -90.07 178.99 -55.71
CA PHE MD 204 -90.09 178.43 -57.04
C PHE MD 204 -91.53 178.33 -57.53
N HIS MD 205 -91.74 178.56 -58.82
CA HIS MD 205 -93.05 178.43 -59.43
C HIS MD 205 -93.03 177.26 -60.40
N VAL MD 206 -93.90 176.28 -60.16
CA VAL MD 206 -93.98 175.07 -60.98
C VAL MD 206 -95.27 175.13 -61.78
N GLU MD 207 -95.14 175.06 -63.10
CA GLU MD 207 -96.30 175.06 -63.99
C GLU MD 207 -96.40 173.73 -64.71
N ILE MD 208 -97.59 173.15 -64.68
CA ILE MD 208 -97.92 171.92 -65.39
C ILE MD 208 -99.11 172.21 -66.28
N GLY MD 209 -98.90 172.12 -67.60
CA GLY MD 209 -99.96 172.50 -68.52
C GLY MD 209 -100.37 173.93 -68.27
N ASN MD 210 -101.69 174.14 -68.12
CA ASN MD 210 -102.19 175.46 -67.77
C ASN MD 210 -102.16 175.69 -66.26
N LEU MD 211 -102.14 174.62 -65.47
CA LEU MD 211 -102.16 174.76 -64.02
C LEU MD 211 -100.82 175.24 -63.50
N THR MD 212 -100.87 176.00 -62.40
CA THR MD 212 -99.67 176.56 -61.79
C THR MD 212 -99.72 176.38 -60.28
N GLY MD 213 -98.54 176.38 -59.68
CA GLY MD 213 -98.42 176.34 -58.23
C GLY MD 213 -97.05 176.84 -57.85
N GLU MD 214 -96.81 176.94 -56.55
CA GLU MD 214 -95.54 177.44 -56.06
C GLU MD 214 -95.12 176.69 -54.81
N PHE MD 215 -93.82 176.71 -54.54
CA PHE MD 215 -93.31 176.11 -53.32
C PHE MD 215 -92.02 176.82 -52.93
N ASN MD 216 -91.82 177.00 -51.62
CA ASN MD 216 -90.71 177.78 -51.12
C ASN MD 216 -89.73 176.89 -50.34
N ILE MD 217 -88.48 177.34 -50.29
CA ILE MD 217 -87.49 176.72 -49.42
C ILE MD 217 -86.90 177.80 -48.52
N CYS MD 218 -87.11 177.69 -47.21
CA CYS MD 218 -86.70 178.71 -46.26
C CYS MD 218 -85.65 178.14 -45.31
N LEU MD 219 -84.53 178.84 -45.19
CA LEU MD 219 -83.45 178.46 -44.30
C LEU MD 219 -83.19 179.58 -43.31
N PRO MD 220 -83.18 179.30 -42.01
CA PRO MD 220 -82.81 180.33 -41.05
C PRO MD 220 -81.37 180.76 -41.27
N PHE MD 221 -81.12 182.06 -41.09
CA PHE MD 221 -79.79 182.60 -41.33
C PHE MD 221 -78.74 182.03 -40.39
N SER MD 222 -79.15 181.46 -39.26
CA SER MD 222 -78.18 180.86 -38.35
C SER MD 222 -77.47 179.70 -39.01
N MET MD 223 -78.20 178.88 -39.77
CA MET MD 223 -77.57 177.76 -40.46
C MET MD 223 -76.59 178.24 -41.52
N ILE MD 224 -76.96 179.29 -42.26
CA ILE MD 224 -76.14 179.77 -43.36
C ILE MD 224 -74.91 180.51 -42.85
N GLU MD 225 -75.01 181.14 -41.68
CA GLU MD 225 -73.95 182.03 -41.20
C GLU MD 225 -72.55 181.41 -41.19
N PRO MD 226 -72.34 180.17 -40.73
CA PRO MD 226 -70.99 179.60 -40.83
C PRO MD 226 -70.50 179.44 -42.27
N LEU MD 227 -71.40 179.43 -43.24
CA LEU MD 227 -71.04 179.27 -44.64
C LEU MD 227 -71.23 180.54 -45.47
N ARG MD 228 -71.19 181.71 -44.84
CA ARG MD 228 -71.48 182.95 -45.56
C ARG MD 228 -70.42 183.27 -46.60
N GLU MD 229 -69.14 183.11 -46.23
CA GLU MD 229 -68.07 183.41 -47.17
C GLU MD 229 -68.12 182.43 -48.34
N LEU MD 230 -68.63 181.22 -48.10
CA LEU MD 230 -68.80 180.28 -49.20
C LEU MD 230 -69.99 180.63 -50.07
N LEU MD 231 -71.09 181.08 -49.44
CA LEU MD 231 -72.36 181.34 -50.16
C LEU MD 231 -72.36 182.73 -50.81
N VAL MD 232 -71.42 183.60 -50.44
CA VAL MD 232 -71.40 184.99 -50.95
C VAL MD 232 -70.71 185.02 -52.33
N ASN MD 233 -69.45 184.58 -52.45
CA ASN MD 233 -68.76 184.71 -53.72
C ASN MD 233 -69.22 183.63 -54.70
N PRO MD 234 -69.33 183.96 -55.99
CA PRO MD 234 -69.70 182.95 -56.98
C PRO MD 234 -68.66 181.84 -57.03
N PRO MD 235 -69.09 180.60 -57.23
CA PRO MD 235 -68.14 179.47 -57.20
C PRO MD 235 -67.14 179.55 -58.34
N LEU MD 236 -65.94 179.07 -58.08
CA LEU MD 236 -64.88 179.04 -59.07
C LEU MD 236 -64.50 177.59 -59.39
N GLU MD 237 -64.08 177.37 -60.63
CA GLU MD 237 -63.71 176.03 -61.10
C GLU MD 237 -62.34 175.68 -60.53
N ASN MD 238 -62.35 175.17 -59.31
CA ASN MD 238 -61.13 174.78 -58.61
C ASN MD 238 -61.36 173.41 -57.98
N SER MD 239 -60.42 172.99 -57.14
CA SER MD 239 -60.51 171.70 -56.45
C SER MD 239 -60.26 171.92 -54.96
N ARG MD 240 -60.69 170.93 -54.17
CA ARG MD 240 -60.46 170.99 -52.73
C ARG MD 240 -58.97 171.03 -52.42
N HIS MD 241 -58.17 170.29 -53.19
CA HIS MD 241 -56.73 170.36 -53.02
C HIS MD 241 -56.21 171.76 -53.29
N GLU MD 242 -56.69 172.40 -54.35
CA GLU MD 242 -56.27 173.76 -54.65
C GLU MD 242 -56.70 174.73 -53.56
N ASP MD 243 -57.92 174.55 -53.03
CA ASP MD 243 -58.41 175.43 -51.98
C ASP MD 243 -57.58 175.29 -50.70
N GLN MD 244 -57.29 174.06 -50.30
CA GLN MD 244 -56.47 173.88 -49.09
C GLN MD 244 -55.05 174.35 -49.32
N ASN MD 245 -54.52 174.20 -50.54
CA ASN MD 245 -53.20 174.77 -50.84
C ASN MD 245 -53.22 176.28 -50.74
N TRP MD 246 -54.30 176.91 -51.23
CA TRP MD 246 -54.43 178.35 -51.12
C TRP MD 246 -54.32 179.00 -49.74
N ARG MD 247 -55.12 178.48 -48.80
CA ARG MD 247 -55.10 179.02 -47.41
C ARG MD 247 -53.78 178.60 -46.75
N ASP MD 248 -53.25 177.43 -47.12
CA ASP MD 248 -51.95 176.98 -46.56
C ASP MD 248 -50.88 178.03 -46.89
N ASN MD 249 -50.76 178.41 -48.17
CA ASN MD 249 -49.76 179.42 -48.59
C ASN MD 249 -50.09 180.75 -47.90
N LEU MD 250 -51.37 181.12 -47.86
CA LEU MD 250 -51.79 182.38 -47.20
C LEU MD 250 -51.38 182.32 -45.72
N VAL MD 251 -51.66 181.20 -45.06
CA VAL MD 251 -51.27 181.02 -43.63
C VAL MD 251 -49.76 181.26 -43.52
N ARG MD 252 -48.98 180.63 -44.41
CA ARG MD 252 -47.53 180.82 -44.37
C ARG MD 252 -47.14 182.27 -44.65
N GLN MD 253 -47.88 182.94 -45.54
CA GLN MD 253 -47.59 184.35 -45.81
C GLN MD 253 -47.94 185.22 -44.60
N VAL MD 254 -48.98 184.85 -43.85
CA VAL MD 254 -49.40 185.66 -42.70
C VAL MD 254 -48.34 185.63 -41.61
N GLN MD 255 -47.66 184.48 -41.44
CA GLN MD 255 -46.71 184.33 -40.35
C GLN MD 255 -45.64 185.42 -40.34
N HIS MD 256 -45.27 185.91 -41.51
CA HIS MD 256 -44.26 186.98 -41.60
C HIS MD 256 -44.92 188.35 -41.51
N SER MD 257 -45.66 188.59 -40.42
CA SER MD 257 -46.32 189.89 -40.14
C SER MD 257 -46.02 190.28 -38.68
N GLU MD 258 -45.29 191.38 -38.47
CA GLU MD 258 -44.92 191.84 -37.10
C GLU MD 258 -46.17 192.26 -36.33
N LEU MD 259 -46.22 191.98 -35.02
CA LEU MD 259 -47.36 192.37 -34.15
C LEU MD 259 -46.88 193.33 -33.08
N GLU MD 260 -47.78 193.93 -32.30
CA GLU MD 260 -47.43 194.76 -31.15
C GLU MD 260 -47.93 194.07 -29.89
N LEU MD 261 -47.01 193.63 -29.05
CA LEU MD 261 -47.34 192.92 -27.82
C LEU MD 261 -47.13 193.85 -26.63
N VAL MD 262 -48.12 193.93 -25.76
CA VAL MD 262 -48.11 194.84 -24.63
C VAL MD 262 -48.26 194.04 -23.34
N ALA MD 263 -47.36 194.26 -22.39
CA ALA MD 263 -47.37 193.58 -21.11
C ALA MD 263 -47.95 194.52 -20.05
N ASN MD 264 -48.93 194.03 -19.29
CA ASN MD 264 -49.56 194.81 -18.23
C ASN MD 264 -49.01 194.32 -16.90
N PHE MD 265 -48.26 195.19 -16.21
CA PHE MD 265 -47.64 194.87 -14.89
C PHE MD 265 -48.68 194.94 -13.77
N ALA MD 266 -49.49 196.00 -13.73
CA ALA MD 266 -50.52 196.20 -12.69
C ALA MD 266 -51.71 197.01 -13.20
N ASP MD 267 -52.87 196.95 -12.54
CA ASP MD 267 -54.05 197.74 -12.89
C ASP MD 267 -54.67 198.25 -11.60
N ILE MD 268 -54.40 199.51 -11.27
CA ILE MD 268 -54.81 200.10 -10.00
C ILE MD 268 -56.03 200.97 -10.24
N PRO MD 269 -57.11 200.89 -9.42
CA PRO MD 269 -58.35 201.70 -9.61
C PRO MD 269 -58.31 202.98 -8.79
N LEU MD 270 -58.22 204.13 -9.45
CA LEU MD 270 -58.25 205.44 -8.75
C LEU MD 270 -59.43 206.29 -9.22
N ARG MD 271 -59.95 207.14 -8.34
CA ARG MD 271 -61.05 208.07 -8.71
C ARG MD 271 -60.47 209.23 -9.51
N LEU MD 272 -61.33 209.95 -10.23
CA LEU MD 272 -60.86 211.14 -11.00
C LEU MD 272 -60.24 212.16 -10.04
N SER MD 273 -60.82 212.27 -8.84
CA SER MD 273 -60.32 213.28 -7.86
C SER MD 273 -58.87 213.00 -7.53
N GLN MD 274 -58.52 211.72 -7.36
CA GLN MD 274 -57.11 211.39 -7.07
C GLN MD 274 -56.27 211.81 -8.28
N ILE MD 275 -56.76 211.59 -9.50
CA ILE MD 275 -55.91 211.89 -10.69
C ILE MD 275 -55.53 213.37 -10.80
N LEU MD 276 -56.49 214.29 -10.59
CA LEU MD 276 -56.12 215.72 -10.60
C LEU MD 276 -55.16 216.25 -9.52
N LYS MD 277 -55.31 215.75 -8.29
CA LYS MD 277 -54.36 216.06 -7.20
C LYS MD 277 -53.02 215.25 -7.36
N LEU MD 278 -53.13 214.23 -8.22
CA LEU MD 278 -51.97 213.33 -8.43
C LEU MD 278 -50.94 214.32 -8.98
N LYS MD 279 -49.73 214.25 -8.43
CA LYS MD 279 -48.60 215.11 -8.86
C LYS MD 279 -47.33 214.30 -8.65
N PRO MD 280 -46.18 214.60 -9.29
CA PRO MD 280 -44.96 213.74 -9.18
C PRO MD 280 -44.54 213.53 -7.73
N GLY MD 281 -43.98 212.36 -7.39
CA GLY MD 281 -43.52 212.01 -6.07
C GLY MD 281 -44.48 211.17 -5.26
N ASP MD 282 -45.74 211.06 -5.68
CA ASP MD 282 -46.71 210.26 -4.94
C ASP MD 282 -46.43 208.77 -5.12
N VAL MD 283 -46.97 207.98 -4.20
CA VAL MD 283 -46.86 206.52 -4.26
C VAL MD 283 -48.27 205.95 -4.26
N LEU MD 284 -48.57 205.17 -5.29
CA LEU MD 284 -49.87 204.51 -5.42
C LEU MD 284 -49.70 203.02 -5.18
N PRO MD 285 -50.29 202.46 -4.12
CA PRO MD 285 -49.98 201.07 -3.77
C PRO MD 285 -50.57 200.10 -4.79
N ILE MD 286 -49.81 199.05 -5.08
CA ILE MD 286 -50.22 197.99 -5.99
C ILE MD 286 -50.04 196.65 -5.30
N GLU MD 287 -50.72 195.65 -5.82
CA GLU MD 287 -50.69 194.30 -5.26
C GLU MD 287 -49.64 193.46 -5.98
N LYS MD 288 -49.43 192.26 -5.46
CA LYS MD 288 -48.48 191.34 -6.07
C LYS MD 288 -48.98 190.86 -7.43
N PRO MD 289 -48.26 191.11 -8.52
CA PRO MD 289 -48.57 190.41 -9.76
C PRO MD 289 -47.92 189.03 -9.80
N ASP MD 290 -48.73 187.98 -9.62
CA ASP MD 290 -48.17 186.59 -9.71
C ASP MD 290 -47.79 186.32 -11.16
N ARG MD 291 -48.64 186.74 -12.11
CA ARG MD 291 -48.38 186.56 -13.53
C ARG MD 291 -48.70 187.84 -14.28
N ILE MD 292 -48.02 188.02 -15.40
CA ILE MD 292 -48.15 189.21 -16.23
C ILE MD 292 -48.84 188.94 -17.56
N ILE MD 293 -49.99 189.56 -17.75
CA ILE MD 293 -50.75 189.37 -18.98
C ILE MD 293 -50.17 190.18 -20.16
N ALA MD 294 -49.98 189.51 -21.28
CA ALA MD 294 -49.47 190.12 -22.49
C ALA MD 294 -50.57 190.02 -23.54
N HIS MD 295 -50.98 191.18 -24.06
CA HIS MD 295 -52.11 191.30 -24.97
C HIS MD 295 -51.71 192.07 -26.21
N VAL MD 296 -52.34 191.73 -27.33
CA VAL MD 296 -52.15 192.43 -28.59
C VAL MD 296 -53.43 193.17 -28.90
N ASP MD 297 -53.38 194.50 -28.86
CA ASP MD 297 -54.53 195.34 -29.16
C ASP MD 297 -55.73 194.99 -28.28
N GLY MD 298 -55.45 194.64 -27.03
CA GLY MD 298 -56.52 194.33 -26.10
C GLY MD 298 -56.65 192.85 -25.81
N VAL MD 299 -56.53 192.01 -26.83
CA VAL MD 299 -56.75 190.58 -26.69
C VAL MD 299 -55.55 189.94 -25.99
N PRO MD 300 -55.74 189.31 -24.83
CA PRO MD 300 -54.59 188.72 -24.12
C PRO MD 300 -54.10 187.48 -24.82
N VAL MD 301 -52.78 187.34 -24.91
CA VAL MD 301 -52.17 186.24 -25.65
C VAL MD 301 -51.27 185.41 -24.74
N LEU MD 302 -50.68 186.03 -23.73
CA LEU MD 302 -49.65 185.36 -22.94
C LEU MD 302 -49.90 185.76 -21.50
N THR MD 303 -49.48 184.89 -20.58
CA THR MD 303 -49.25 185.26 -19.18
C THR MD 303 -47.87 184.73 -18.86
N SER MD 304 -47.01 185.60 -18.31
CA SER MD 304 -45.60 185.30 -18.17
C SER MD 304 -45.12 186.12 -16.99
N GLN MD 305 -44.07 185.65 -16.34
CA GLN MD 305 -43.56 186.20 -15.09
C GLN MD 305 -42.58 187.28 -15.53
N TYR MD 306 -42.59 188.41 -14.82
CA TYR MD 306 -41.71 189.51 -15.16
C TYR MD 306 -40.27 189.20 -14.76
N GLY MD 307 -39.34 189.92 -15.38
CA GLY MD 307 -37.94 189.76 -15.07
C GLY MD 307 -37.11 190.77 -15.82
N THR MD 308 -35.80 190.74 -15.56
CA THR MD 308 -34.84 191.61 -16.21
C THR MD 308 -33.74 190.76 -16.81
N VAL MD 309 -33.49 190.93 -18.11
CA VAL MD 309 -32.45 190.18 -18.80
C VAL MD 309 -31.73 191.13 -19.75
N ASN MD 310 -30.40 191.13 -19.69
CA ASN MD 310 -29.55 191.94 -20.58
C ASN MD 310 -29.91 193.42 -20.47
N GLY MD 311 -30.23 193.86 -19.27
CA GLY MD 311 -30.65 195.24 -19.07
C GLY MD 311 -32.01 195.57 -19.65
N GLN MD 312 -32.75 194.58 -20.11
CA GLN MD 312 -34.06 194.77 -20.71
C GLN MD 312 -35.14 194.17 -19.82
N TYR MD 313 -36.30 194.80 -19.81
CA TYR MD 313 -37.46 194.22 -19.13
C TYR MD 313 -37.87 192.96 -19.86
N ALA MD 314 -37.78 191.82 -19.18
CA ALA MD 314 -38.01 190.53 -19.80
C ALA MD 314 -39.23 189.85 -19.18
N LEU MD 315 -39.79 188.89 -19.93
CA LEU MD 315 -40.90 188.09 -19.46
C LEU MD 315 -40.59 186.62 -19.70
N ARG MD 316 -40.72 185.80 -18.67
CA ARG MD 316 -40.55 184.36 -18.78
C ARG MD 316 -41.91 183.76 -19.09
N VAL MD 317 -42.10 183.34 -20.35
CA VAL MD 317 -43.41 182.90 -20.80
C VAL MD 317 -43.82 181.65 -20.03
N GLU MD 318 -44.97 181.69 -19.43
CA GLU MD 318 -45.51 180.54 -18.71
C GLU MD 318 -46.62 179.81 -19.43
N HIS MD 319 -47.52 180.52 -20.14
CA HIS MD 319 -48.68 179.84 -20.74
C HIS MD 319 -49.31 180.64 -21.89
N LEU MD 320 -49.40 180.05 -23.07
CA LEU MD 320 -50.14 180.65 -24.18
C LEU MD 320 -51.62 180.47 -23.95
N ILE MD 321 -52.38 181.57 -24.03
CA ILE MD 321 -53.79 181.52 -23.66
C ILE MD 321 -54.59 180.92 -24.80
N ASN MD 322 -54.77 179.60 -24.77
CA ASN MD 322 -55.61 178.93 -25.74
C ASN MD 322 -57.08 179.10 -25.38
N PRO MD 323 -57.98 179.09 -26.37
CA PRO MD 323 -59.42 179.20 -26.10
C PRO MD 323 -60.07 177.84 -25.86
N GLN ND 52 -70.88 223.50 -18.40
CA GLN ND 52 -69.53 223.29 -17.93
C GLN ND 52 -69.50 223.04 -16.42
N ASP ND 53 -69.87 221.82 -16.03
CA ASP ND 53 -69.95 221.44 -14.63
C ASP ND 53 -68.61 220.83 -14.19
N ILE ND 54 -68.39 220.84 -12.87
CA ILE ND 54 -67.13 220.34 -12.34
C ILE ND 54 -67.37 219.26 -11.30
N ASP ND 55 -68.28 219.50 -10.36
CA ASP ND 55 -68.62 218.48 -9.32
C ASP ND 55 -69.34 217.31 -10.00
N LEU ND 56 -69.89 217.50 -11.19
CA LEU ND 56 -70.67 216.45 -11.89
C LEU ND 56 -69.79 215.24 -12.18
N ILE ND 57 -68.54 215.44 -12.61
CA ILE ND 57 -67.61 214.34 -12.99
C ILE ND 57 -66.44 214.32 -12.00
N MET ND 58 -66.57 215.01 -10.87
CA MET ND 58 -65.47 215.09 -9.90
C MET ND 58 -65.24 213.74 -9.22
N ASP ND 59 -66.19 212.82 -9.34
CA ASP ND 59 -66.16 211.56 -8.60
C ASP ND 59 -66.10 210.32 -9.50
N ILE ND 60 -66.11 210.49 -10.81
CA ILE ND 60 -66.14 209.35 -11.74
C ILE ND 60 -64.87 208.53 -11.58
N PRO ND 61 -64.95 207.21 -11.50
CA PRO ND 61 -63.73 206.40 -11.37
C PRO ND 61 -63.08 206.13 -12.70
N VAL ND 62 -61.76 205.97 -12.66
CA VAL ND 62 -60.96 205.67 -13.85
C VAL ND 62 -60.09 204.51 -13.38
N LYS ND 63 -59.62 203.73 -14.36
CA LYS ND 63 -58.72 202.58 -14.10
C LYS ND 63 -57.37 202.93 -14.70
N LEU ND 64 -56.28 202.75 -13.95
CA LEU ND 64 -54.95 203.11 -14.40
C LEU ND 64 -54.15 201.83 -14.61
N THR ND 65 -53.44 201.75 -15.73
CA THR ND 65 -52.63 200.58 -16.04
C THR ND 65 -51.19 201.02 -16.19
N VAL ND 66 -50.27 200.11 -15.87
CA VAL ND 66 -48.84 200.34 -16.03
C VAL ND 66 -48.23 199.19 -16.82
N GLU ND 67 -47.28 199.51 -17.69
CA GLU ND 67 -46.70 198.52 -18.59
C GLU ND 67 -45.32 198.09 -18.19
N LEU ND 68 -44.91 196.89 -18.61
CA LEU ND 68 -43.50 196.53 -18.50
C LEU ND 68 -42.76 197.21 -19.65
N GLY ND 69 -43.26 197.04 -20.86
CA GLY ND 69 -42.64 197.68 -22.01
C GLY ND 69 -43.30 197.26 -23.30
N ARG ND 70 -42.95 197.99 -24.35
CA ARG ND 70 -43.37 197.67 -25.71
C ARG ND 70 -42.46 196.56 -26.24
N THR ND 71 -42.92 195.90 -27.30
CA THR ND 71 -42.08 195.04 -28.11
C THR ND 71 -42.97 194.72 -29.29
N ARG ND 72 -42.35 194.43 -30.43
CA ARG ND 72 -43.04 194.14 -31.67
C ARG ND 72 -42.39 192.87 -32.20
N MET ND 73 -43.20 191.82 -32.38
CA MET ND 73 -42.67 190.48 -32.63
C MET ND 73 -43.74 189.83 -33.48
N THR ND 74 -43.34 189.08 -34.50
CA THR ND 74 -44.27 188.56 -35.53
C THR ND 74 -44.99 187.31 -35.08
N ILE ND 75 -45.87 186.80 -35.94
CA ILE ND 75 -46.66 185.58 -35.63
C ILE ND 75 -45.69 184.41 -35.47
N LYS ND 76 -44.63 184.32 -36.27
CA LYS ND 76 -43.67 183.19 -36.22
C LYS ND 76 -43.18 182.93 -34.78
N GLU ND 77 -42.44 183.86 -34.16
CA GLU ND 77 -41.91 183.74 -32.80
C GLU ND 77 -43.00 183.56 -31.74
N LEU ND 78 -44.14 184.22 -31.92
CA LEU ND 78 -45.26 184.01 -31.01
C LEU ND 78 -45.79 182.59 -30.97
N LEU ND 79 -45.86 181.94 -32.13
CA LEU ND 79 -46.29 180.55 -32.16
C LEU ND 79 -45.31 179.52 -31.64
N ARG ND 80 -44.00 179.80 -31.73
CA ARG ND 80 -43.01 178.88 -31.21
C ARG ND 80 -42.50 179.24 -29.77
N LEU ND 81 -43.22 180.16 -29.14
CA LEU ND 81 -42.91 180.53 -27.77
C LEU ND 81 -43.40 179.30 -27.00
N THR ND 82 -42.57 178.84 -26.06
CA THR ND 82 -42.90 177.63 -25.30
C THR ND 82 -42.84 178.06 -23.83
N GLN ND 83 -43.14 177.12 -22.94
CA GLN ND 83 -43.04 177.43 -21.50
C GLN ND 83 -41.59 177.65 -21.13
N GLY ND 84 -41.31 178.66 -20.32
CA GLY ND 84 -39.96 178.96 -19.90
C GLY ND 84 -39.21 179.83 -20.88
N SER ND 85 -39.75 180.09 -22.06
CA SER ND 85 -39.09 180.97 -23.01
C SER ND 85 -39.12 182.41 -22.51
N VAL ND 86 -38.06 183.15 -22.82
CA VAL ND 86 -37.88 184.51 -22.32
C VAL ND 86 -37.93 185.46 -23.51
N VAL ND 87 -38.73 186.52 -23.39
CA VAL ND 87 -38.84 187.56 -24.41
C VAL ND 87 -38.54 188.90 -23.76
N ALA ND 88 -37.77 189.75 -24.44
CA ALA ND 88 -37.40 191.08 -23.90
C ALA ND 88 -38.50 192.11 -24.13
N LEU ND 89 -38.19 193.39 -23.94
CA LEU ND 89 -39.15 194.52 -24.11
C LEU ND 89 -38.29 195.66 -24.67
N ASP ND 90 -38.88 196.77 -25.09
CA ASP ND 90 -38.14 197.89 -25.73
C ASP ND 90 -37.50 198.82 -24.69
N GLY ND 91 -37.75 198.63 -23.39
CA GLY ND 91 -37.22 199.47 -22.34
C GLY ND 91 -36.08 198.92 -21.50
N LEU ND 92 -35.07 199.76 -21.30
CA LEU ND 92 -33.98 199.39 -20.40
C LEU ND 92 -34.51 199.24 -18.99
N ALA ND 93 -33.92 198.28 -18.26
CA ALA ND 93 -34.33 198.04 -16.88
C ALA ND 93 -33.93 199.23 -16.03
N GLY ND 94 -34.89 200.10 -15.71
CA GLY ND 94 -34.60 201.29 -14.94
C GLY ND 94 -35.38 202.52 -15.35
N GLU ND 95 -35.83 202.57 -16.63
CA GLU ND 95 -36.62 203.71 -17.03
C GLU ND 95 -37.99 203.67 -16.34
N PRO ND 96 -38.61 204.83 -16.14
CA PRO ND 96 -39.95 204.84 -15.53
C PRO ND 96 -40.98 204.26 -16.49
N LEU ND 97 -41.85 203.42 -15.96
CA LEU ND 97 -42.90 202.81 -16.75
C LEU ND 97 -43.98 203.86 -17.09
N ASP ND 98 -44.74 203.58 -18.15
CA ASP ND 98 -45.76 204.56 -18.60
C ASP ND 98 -47.12 204.20 -17.98
N ILE ND 99 -47.73 205.17 -17.30
CA ILE ND 99 -49.08 204.96 -16.69
C ILE ND 99 -50.13 205.44 -17.72
N LEU ND 100 -51.19 204.66 -17.95
CA LEU ND 100 -52.18 205.02 -19.00
C LEU ND 100 -53.62 204.86 -18.46
N ILE ND 101 -54.55 205.65 -19.00
CA ILE ND 101 -56.00 205.51 -18.62
C ILE ND 101 -56.80 205.38 -19.92
N ASN ND 102 -57.65 204.34 -20.03
CA ASN ND 102 -58.50 204.16 -21.25
C ASN ND 102 -57.56 204.19 -22.46
N GLY ND 103 -56.35 203.63 -22.34
CA GLY ND 103 -55.40 203.54 -23.46
C GLY ND 103 -54.78 204.89 -23.79
N TYR ND 104 -54.86 205.87 -22.90
CA TYR ND 104 -54.34 207.25 -23.14
C TYR ND 104 -53.25 207.55 -22.12
N LEU ND 105 -52.09 208.04 -22.57
CA LEU ND 105 -50.94 208.25 -21.65
C LEU ND 105 -51.39 209.27 -20.60
N ILE ND 106 -51.01 209.05 -19.34
CA ILE ND 106 -51.41 209.96 -18.23
C ILE ND 106 -50.20 210.28 -17.33
N ALA ND 107 -49.22 209.37 -17.18
CA ALA ND 107 -48.14 209.62 -16.21
C ALA ND 107 -46.97 208.70 -16.50
N GLN ND 108 -45.93 208.80 -15.68
CA GLN ND 108 -44.80 207.89 -15.69
C GLN ND 108 -44.31 207.64 -14.27
N GLY ND 109 -44.00 206.38 -13.97
CA GLY ND 109 -43.49 206.03 -12.66
C GLY ND 109 -43.00 204.59 -12.64
N GLU ND 110 -42.18 204.30 -11.63
CA GLU ND 110 -41.59 202.98 -11.47
C GLU ND 110 -42.05 202.34 -10.17
N VAL ND 111 -41.86 201.03 -10.09
CA VAL ND 111 -42.24 200.27 -8.90
C VAL ND 111 -41.18 200.44 -7.83
N VAL ND 112 -41.62 200.56 -6.58
CA VAL ND 112 -40.72 200.73 -5.43
C VAL ND 112 -41.10 199.77 -4.31
N VAL ND 113 -40.09 199.24 -3.63
CA VAL ND 113 -40.30 198.34 -2.50
C VAL ND 113 -40.06 199.06 -1.18
N VAL ND 114 -41.08 199.18 -0.35
CA VAL ND 114 -40.92 199.95 0.88
C VAL ND 114 -40.60 199.01 2.02
N ALA ND 115 -41.57 198.16 2.35
CA ALA ND 115 -41.36 197.10 3.35
C ALA ND 115 -41.55 195.68 2.79
N ASP ND 116 -42.81 195.28 2.61
CA ASP ND 116 -43.12 193.99 1.95
C ASP ND 116 -44.31 194.37 1.08
N LYS ND 117 -44.35 195.62 0.60
CA LYS ND 117 -45.51 196.13 -0.17
C LYS ND 117 -45.02 196.84 -1.44
N TYR ND 118 -45.85 196.91 -2.48
CA TYR ND 118 -45.40 197.52 -3.76
C TYR ND 118 -46.25 198.72 -4.16
N GLY ND 119 -45.65 199.66 -4.90
CA GLY ND 119 -46.36 200.81 -5.42
C GLY ND 119 -45.57 201.52 -6.49
N VAL ND 120 -46.26 202.41 -7.20
CA VAL ND 120 -45.65 203.13 -8.31
C VAL ND 120 -45.29 204.52 -7.78
N ARG ND 121 -44.06 204.93 -8.03
CA ARG ND 121 -43.56 206.24 -7.63
C ARG ND 121 -43.54 207.08 -8.90
N ILE ND 122 -44.54 207.94 -9.05
CA ILE ND 122 -44.70 208.72 -10.27
C ILE ND 122 -43.58 209.74 -10.38
N THR ND 123 -42.97 209.81 -11.56
CA THR ND 123 -41.84 210.71 -11.79
C THR ND 123 -42.28 212.09 -12.27
N ASP ND 124 -43.24 212.14 -13.20
CA ASP ND 124 -43.65 213.42 -13.76
C ASP ND 124 -45.02 213.25 -14.41
N ILE ND 125 -45.57 214.38 -14.85
CA ILE ND 125 -46.83 214.43 -15.58
C ILE ND 125 -46.52 214.97 -16.97
N ILE ND 126 -46.94 214.24 -18.00
CA ILE ND 126 -46.60 214.59 -19.37
C ILE ND 126 -47.51 215.71 -19.86
N THR ND 127 -46.90 216.85 -20.19
CA THR ND 127 -47.60 217.92 -20.86
C THR ND 127 -47.88 217.53 -22.31
N PRO ND 128 -48.85 218.19 -22.96
CA PRO ND 128 -49.15 217.83 -24.36
C PRO ND 128 -47.95 217.90 -25.28
N SER ND 129 -47.07 218.90 -25.08
CA SER ND 129 -45.90 219.04 -25.94
C SER ND 129 -45.12 217.73 -25.96
N GLU ND 130 -44.82 217.19 -24.77
CA GLU ND 130 -44.20 215.88 -24.71
C GLU ND 130 -45.03 214.81 -25.40
N ARG ND 131 -46.34 214.79 -25.13
CA ARG ND 131 -47.22 213.82 -25.82
C ARG ND 131 -47.06 213.94 -27.35
N MET ND 132 -46.94 215.17 -27.86
CA MET ND 132 -46.85 215.37 -29.33
C MET ND 132 -45.57 214.70 -29.86
N ARG ND 133 -44.46 214.84 -29.14
CA ARG ND 133 -43.18 214.22 -29.58
C ARG ND 133 -43.25 212.70 -29.36
N ARG ND 134 -44.14 212.27 -28.46
CA ARG ND 134 -44.32 210.83 -28.16
C ARG ND 134 -44.88 210.22 -29.47
N LEU ND 135 -45.99 210.80 -29.94
CA LEU ND 135 -46.54 210.39 -31.25
C LEU ND 135 -45.61 210.61 -32.44
N SER ND 136 -44.85 211.70 -32.43
CA SER ND 136 -43.95 212.03 -33.57
C SER ND 136 -42.76 211.07 -33.60
N ARG ND 137 -42.31 210.57 -32.44
CA ARG ND 137 -41.11 209.74 -32.46
C ARG ND 137 -41.23 208.58 -31.48
N ASP OD 53 -54.25 222.46 -14.59
CA ASP OD 53 -54.47 221.08 -14.20
C ASP OD 53 -55.79 220.53 -14.73
N ILE OD 54 -56.74 221.42 -14.98
CA ILE OD 54 -58.02 220.99 -15.54
C ILE OD 54 -57.75 220.50 -16.95
N ASP OD 55 -56.79 221.12 -17.64
CA ASP OD 55 -56.46 220.72 -19.01
C ASP OD 55 -56.05 219.25 -19.10
N LEU OD 56 -55.36 218.74 -18.09
CA LEU OD 56 -54.97 217.33 -18.08
C LEU OD 56 -56.13 216.34 -18.09
N ILE OD 57 -57.18 216.66 -17.31
CA ILE OD 57 -58.35 215.74 -17.19
C ILE OD 57 -59.52 216.30 -18.01
N MET OD 58 -59.24 217.11 -19.03
CA MET OD 58 -60.32 217.71 -19.81
C MET OD 58 -60.25 216.94 -21.13
N ASP OD 59 -59.19 216.15 -21.34
CA ASP OD 59 -59.01 215.45 -22.65
C ASP OD 59 -59.14 213.92 -22.54
N ILE OD 60 -58.94 213.35 -21.34
CA ILE OD 60 -58.96 211.89 -21.16
C ILE OD 60 -60.19 211.14 -21.64
N PRO OD 61 -60.04 210.00 -22.35
CA PRO OD 61 -61.19 209.15 -22.77
C PRO OD 61 -61.81 208.46 -21.57
N VAL OD 62 -63.08 208.09 -21.67
CA VAL OD 62 -63.80 207.42 -20.59
C VAL OD 62 -64.86 206.60 -21.33
N LYS OD 63 -65.36 205.57 -20.66
CA LYS OD 63 -66.32 204.66 -21.27
C LYS OD 63 -67.70 205.02 -20.75
N LEU OD 64 -68.65 205.20 -21.66
CA LEU OD 64 -70.01 205.60 -21.30
C LEU OD 64 -70.93 204.45 -21.67
N THR OD 65 -71.91 204.17 -20.81
CA THR OD 65 -72.91 203.15 -21.07
C THR OD 65 -74.28 203.70 -20.67
N VAL OD 66 -75.32 203.10 -21.23
CA VAL OD 66 -76.69 203.39 -20.81
C VAL OD 66 -77.42 202.07 -20.65
N GLU OD 67 -78.03 201.86 -19.50
CA GLU OD 67 -78.67 200.58 -19.21
C GLU OD 67 -80.18 200.71 -19.35
N LEU OD 68 -80.80 199.76 -20.06
CA LEU OD 68 -82.25 199.83 -20.37
C LEU OD 68 -83.10 199.12 -19.30
N GLY OD 69 -82.54 198.11 -18.60
CA GLY OD 69 -83.32 197.28 -17.67
C GLY OD 69 -82.55 196.95 -16.40
N ARG OD 70 -83.29 196.53 -15.36
CA ARG OD 70 -82.67 196.13 -14.07
C ARG OD 70 -83.63 195.13 -13.39
N THR OD 71 -83.16 193.91 -13.09
CA THR OD 71 -84.00 192.87 -12.48
C THR OD 71 -83.16 192.14 -11.46
N ARG OD 72 -83.73 191.68 -10.36
CA ARG OD 72 -83.08 190.85 -9.36
C ARG OD 72 -83.60 189.42 -9.47
N MET OD 73 -82.66 188.47 -9.54
CA MET OD 73 -83.07 187.06 -9.76
C MET OD 73 -82.22 186.08 -8.96
N THR OD 74 -82.74 184.90 -8.69
CA THR OD 74 -82.05 183.81 -8.00
C THR OD 74 -81.51 182.93 -9.14
N ILE OD 75 -80.85 181.84 -8.78
CA ILE OD 75 -80.20 181.03 -9.85
C ILE OD 75 -81.19 179.99 -10.38
N LYS OD 76 -82.11 179.56 -9.52
CA LYS OD 76 -83.18 178.69 -10.00
C LYS OD 76 -83.70 179.45 -11.22
N GLU OD 77 -84.03 180.73 -11.03
CA GLU OD 77 -84.61 181.53 -12.12
C GLU OD 77 -83.66 181.68 -13.30
N LEU OD 78 -82.38 181.98 -13.06
CA LEU OD 78 -81.44 182.22 -14.17
C LEU OD 78 -81.24 180.95 -15.00
N LEU OD 79 -81.07 179.82 -14.33
CA LEU OD 79 -80.88 178.51 -15.01
C LEU OD 79 -82.16 178.16 -15.78
N ARG OD 80 -83.32 178.47 -15.21
CA ARG OD 80 -84.61 178.11 -15.84
C ARG OD 80 -84.71 178.82 -17.19
N LEU OD 81 -84.25 180.08 -17.28
CA LEU OD 81 -84.23 180.78 -18.59
C LEU OD 81 -83.67 179.81 -19.64
N THR OD 82 -84.29 179.68 -20.83
CA THR OD 82 -83.73 178.87 -21.92
C THR OD 82 -83.58 179.75 -23.14
N GLN OD 83 -83.52 179.16 -24.33
CA GLN OD 83 -83.47 179.98 -25.54
C GLN OD 83 -84.86 180.50 -25.86
N GLY OD 84 -84.96 181.80 -26.12
CA GLY OD 84 -86.24 182.42 -26.40
C GLY OD 84 -87.03 182.82 -25.18
N SER OD 85 -86.54 182.56 -23.97
CA SER OD 85 -87.25 182.95 -22.77
C SER OD 85 -87.27 184.47 -22.63
N VAL OD 86 -88.40 185.01 -22.21
CA VAL OD 86 -88.57 186.44 -22.04
C VAL OD 86 -88.40 186.77 -20.56
N VAL OD 87 -87.51 187.71 -20.26
CA VAL OD 87 -87.23 188.13 -18.90
C VAL OD 87 -87.83 189.50 -18.70
N ALA OD 88 -88.76 189.62 -17.76
CA ALA OD 88 -89.37 190.91 -17.46
C ALA OD 88 -88.42 191.84 -16.73
N LEU OD 89 -88.57 193.13 -16.99
CA LEU OD 89 -87.78 194.18 -16.35
C LEU OD 89 -88.47 195.06 -15.33
N ASP OD 90 -87.86 195.21 -14.15
CA ASP OD 90 -88.47 196.05 -13.11
C ASP OD 90 -88.84 197.46 -13.64
N GLY OD 91 -87.95 198.01 -14.46
CA GLY OD 91 -88.24 199.24 -15.16
C GLY OD 91 -89.45 199.37 -16.06
N LEU OD 92 -90.33 200.31 -15.75
CA LEU OD 92 -91.51 200.53 -16.57
C LEU OD 92 -91.12 201.17 -17.89
N ALA OD 93 -92.00 201.05 -18.89
CA ALA OD 93 -91.73 201.66 -20.18
C ALA OD 93 -91.79 203.18 -20.07
N GLY OD 94 -90.83 203.84 -20.70
CA GLY OD 94 -90.78 205.28 -20.73
C GLY OD 94 -90.05 205.95 -19.59
N GLU OD 95 -89.67 205.19 -18.56
CA GLU OD 95 -88.92 205.78 -17.46
C GLU OD 95 -87.52 206.14 -17.90
N PRO OD 96 -86.83 207.15 -17.34
CA PRO OD 96 -85.48 207.55 -17.83
C PRO OD 96 -84.46 206.43 -17.63
N LEU OD 97 -83.75 206.01 -18.69
CA LEU OD 97 -82.71 204.96 -18.61
C LEU OD 97 -81.53 205.48 -17.77
N ASP OD 98 -80.91 204.66 -16.94
CA ASP OD 98 -79.70 205.15 -16.21
C ASP OD 98 -78.56 205.33 -17.21
N ILE OD 99 -77.72 206.35 -17.07
CA ILE OD 99 -76.52 206.55 -17.86
C ILE OD 99 -75.33 206.47 -16.90
N LEU OD 100 -74.40 205.57 -17.20
CA LEU OD 100 -73.29 205.25 -16.32
C LEU OD 100 -71.98 205.61 -17.00
N ILE OD 101 -71.01 206.04 -16.19
CA ILE OD 101 -69.66 206.32 -16.66
C ILE OD 101 -68.72 205.41 -15.87
N ASN OD 102 -68.13 204.44 -16.55
CA ASN OD 102 -67.28 203.43 -15.91
C ASN OD 102 -68.05 202.73 -14.78
N GLY OD 103 -69.34 202.51 -15.00
CA GLY OD 103 -70.18 201.90 -14.01
C GLY OD 103 -70.69 202.84 -12.93
N TYR OD 104 -70.51 204.13 -13.08
CA TYR OD 104 -70.95 205.12 -12.09
C TYR OD 104 -72.10 205.93 -12.66
N LEU OD 105 -73.24 205.92 -11.97
CA LEU OD 105 -74.42 206.61 -12.45
C LEU OD 105 -74.26 208.12 -12.26
N ILE OD 106 -74.53 208.88 -13.32
CA ILE OD 106 -74.43 210.33 -13.24
C ILE OD 106 -75.70 211.00 -13.74
N ALA OD 107 -76.48 210.30 -14.57
CA ALA OD 107 -77.59 210.97 -15.24
C ALA OD 107 -78.67 209.99 -15.62
N GLN OD 108 -79.84 210.53 -15.93
CA GLN OD 108 -80.99 209.76 -16.39
C GLN OD 108 -81.53 210.39 -17.67
N GLY OD 109 -81.91 209.54 -18.62
CA GLY OD 109 -82.47 210.00 -19.87
C GLY OD 109 -83.20 209.00 -20.73
N GLU OD 110 -84.11 209.51 -21.55
CA GLU OD 110 -84.88 208.64 -22.43
C GLU OD 110 -84.20 208.10 -23.65
N VAL OD 111 -84.76 207.04 -24.24
CA VAL OD 111 -84.13 206.30 -25.32
C VAL OD 111 -84.67 206.97 -26.56
N VAL OD 112 -83.79 207.20 -27.53
CA VAL OD 112 -84.15 207.77 -28.83
C VAL OD 112 -83.14 207.27 -29.84
N VAL OD 113 -83.60 207.03 -31.07
CA VAL OD 113 -82.74 206.51 -32.14
C VAL OD 113 -82.55 207.60 -33.18
N VAL OD 114 -81.29 207.85 -33.53
CA VAL OD 114 -80.94 208.93 -34.50
C VAL OD 114 -80.12 208.33 -35.66
N ALA OD 115 -80.56 208.52 -36.90
CA ALA OD 115 -79.78 208.05 -38.08
C ALA OD 115 -79.53 206.55 -38.01
N ASP OD 116 -80.51 205.78 -37.52
CA ASP OD 116 -80.41 204.28 -37.47
C ASP OD 116 -79.34 203.82 -36.47
N LYS OD 117 -78.95 204.68 -35.52
CA LYS OD 117 -77.95 204.29 -34.49
C LYS OD 117 -78.59 204.59 -33.13
N TYR OD 118 -78.44 203.68 -32.16
CA TYR OD 118 -79.00 203.91 -30.80
C TYR OD 118 -78.52 205.22 -30.19
N GLY OD 119 -79.34 205.84 -29.34
CA GLY OD 119 -78.96 207.05 -28.67
C GLY OD 119 -79.79 207.26 -27.42
N VAL OD 120 -79.49 208.35 -26.73
CA VAL OD 120 -80.19 208.68 -25.49
C VAL OD 120 -80.14 210.19 -25.30
N ARG OD 121 -81.27 210.77 -24.91
CA ARG OD 121 -81.37 212.19 -24.59
C ARG OD 121 -81.25 212.41 -23.09
N ILE OD 122 -80.27 213.23 -22.69
CA ILE OD 122 -80.03 213.46 -21.26
C ILE OD 122 -81.17 214.28 -20.68
N THR OD 123 -82.12 213.61 -20.02
CA THR OD 123 -83.22 214.32 -19.39
C THR OD 123 -82.73 215.13 -18.19
N ASP OD 124 -81.93 214.51 -17.33
CA ASP OD 124 -81.43 215.25 -16.17
C ASP OD 124 -80.17 214.57 -15.65
N ILE OD 125 -79.44 215.31 -14.83
CA ILE OD 125 -78.30 214.78 -14.10
C ILE OD 125 -78.70 214.62 -12.64
N ILE OD 126 -78.53 213.43 -12.10
CA ILE OD 126 -78.97 213.15 -10.75
C ILE OD 126 -77.99 213.76 -9.76
N THR OD 127 -78.53 214.55 -8.83
CA THR OD 127 -77.83 215.08 -7.67
C THR OD 127 -77.74 213.98 -6.62
N PRO OD 128 -76.66 213.96 -5.81
CA PRO OD 128 -76.45 212.82 -4.91
C PRO OD 128 -77.57 212.64 -3.89
N SER OD 129 -78.61 213.47 -3.92
CA SER OD 129 -79.74 213.25 -3.01
C SER OD 129 -80.41 211.95 -3.41
N GLU OD 130 -80.49 211.66 -4.71
CA GLU OD 130 -81.20 210.43 -5.18
C GLU OD 130 -80.36 209.16 -4.99
N ARG OD 131 -79.05 209.31 -4.74
CA ARG OD 131 -78.14 208.18 -4.62
C ARG OD 131 -78.49 207.38 -3.37
N MET OD 132 -78.82 208.08 -2.28
CA MET OD 132 -79.28 207.35 -1.08
C MET OD 132 -80.46 206.46 -1.49
N ARG OD 133 -81.42 207.02 -2.22
CA ARG OD 133 -82.61 206.25 -2.68
C ARG OD 133 -82.28 205.17 -3.72
N ARG OD 134 -81.15 205.31 -4.42
CA ARG OD 134 -80.73 204.30 -5.42
C ARG OD 134 -80.38 202.99 -4.68
N LEU OD 135 -80.28 203.05 -3.35
CA LEU OD 135 -79.97 201.85 -2.54
C LEU OD 135 -80.89 201.80 -1.32
N ALA PD 37 -54.85 191.22 20.07
CA ALA PD 37 -54.36 189.87 19.80
C ALA PD 37 -55.48 188.85 19.95
N VAL PD 38 -56.72 189.32 19.90
CA VAL PD 38 -57.88 188.44 20.03
C VAL PD 38 -58.00 187.52 18.82
N PHE PD 39 -57.84 188.06 17.61
CA PHE PD 39 -57.96 187.25 16.41
C PHE PD 39 -56.81 186.26 16.32
N GLN PD 40 -57.11 185.03 15.90
CA GLN PD 40 -56.11 183.98 15.79
C GLN PD 40 -55.61 183.97 14.34
N GLN PD 41 -54.29 183.87 14.19
CA GLN PD 41 -53.68 183.98 12.87
C GLN PD 41 -53.79 182.72 12.04
N LEU PD 42 -54.62 182.77 11.01
CA LEU PD 42 -54.84 181.65 10.09
C LEU PD 42 -53.89 181.66 8.90
N GLY PD 43 -53.36 180.50 8.58
CA GLY PD 43 -52.44 180.38 7.46
C GLY PD 43 -52.33 178.94 7.00
N GLY PD 44 -51.82 178.78 5.79
CA GLY PD 44 -51.68 177.45 5.21
C GLY PD 44 -53.01 176.74 5.01
N GLY PD 45 -54.03 177.46 4.56
CA GLY PD 45 -55.33 176.87 4.36
C GLY PD 45 -55.62 176.52 2.92
N ASP PD 46 -54.60 176.55 2.08
CA ASP PD 46 -54.73 176.20 0.66
C ASP PD 46 -54.68 174.68 0.52
N VAL PD 47 -55.76 174.04 0.98
CA VAL PD 47 -55.84 172.58 0.94
C VAL PD 47 -55.96 172.08 -0.49
N SER PD 48 -57.04 172.46 -1.17
CA SER PD 48 -57.29 172.06 -2.54
C SER PD 48 -58.45 172.90 -3.06
N GLY PD 49 -58.75 172.71 -4.35
CA GLY PD 49 -59.87 173.40 -4.96
C GLY PD 49 -60.55 172.55 -6.02
N ALA PD 50 -61.87 172.35 -5.87
CA ALA PD 50 -62.63 171.58 -6.84
C ALA PD 50 -64.07 172.05 -6.82
N MET PD 51 -64.62 172.33 -8.00
CA MET PD 51 -66.02 172.72 -8.09
C MET PD 51 -66.90 171.61 -7.55
N GLN PD 52 -67.88 172.00 -6.73
CA GLN PD 52 -68.72 171.00 -6.08
C GLN PD 52 -69.94 170.79 -6.96
N ASP PD 53 -70.78 171.81 -7.09
CA ASP PD 53 -72.00 171.78 -7.86
C ASP PD 53 -72.61 173.17 -7.80
N ILE PD 54 -73.55 173.44 -8.69
CA ILE PD 54 -74.11 174.79 -8.80
C ILE PD 54 -75.39 175.00 -8.00
N ASP PD 55 -75.78 174.00 -7.21
CA ASP PD 55 -76.94 174.10 -6.35
C ASP PD 55 -76.62 174.42 -4.90
N LEU PD 56 -75.36 174.35 -4.51
CA LEU PD 56 -74.97 174.74 -3.14
C LEU PD 56 -75.18 176.26 -3.06
N ILE PD 57 -74.90 176.95 -4.16
CA ILE PD 57 -74.96 178.44 -4.22
C ILE PD 57 -76.26 178.90 -4.91
N MET PD 58 -77.21 178.02 -5.19
CA MET PD 58 -78.37 178.42 -6.01
C MET PD 58 -79.25 179.61 -5.63
N ASP PD 59 -79.87 179.56 -4.45
CA ASP PD 59 -80.81 180.65 -4.04
C ASP PD 59 -80.00 181.85 -3.58
N ILE PD 60 -79.06 182.29 -4.40
CA ILE PD 60 -78.28 183.52 -4.07
C ILE PD 60 -78.73 184.58 -5.07
N PRO PD 61 -79.14 185.80 -4.63
CA PRO PD 61 -79.70 186.81 -5.56
C PRO PD 61 -78.62 187.24 -6.55
N VAL PD 62 -79.02 187.42 -7.81
CA VAL PD 62 -78.06 187.90 -8.85
C VAL PD 62 -78.56 189.29 -9.29
N LYS PD 63 -77.64 190.14 -9.74
CA LYS PD 63 -78.04 191.47 -10.18
C LYS PD 63 -78.05 191.45 -11.71
N LEU PD 64 -79.23 191.20 -12.29
CA LEU PD 64 -79.35 191.14 -13.74
C LEU PD 64 -79.62 192.53 -14.29
N THR PD 65 -78.94 192.87 -15.38
CA THR PD 65 -79.05 194.18 -15.99
C THR PD 65 -78.89 194.06 -17.50
N VAL PD 66 -79.83 194.60 -18.24
CA VAL PD 66 -79.75 194.66 -19.70
C VAL PD 66 -79.20 196.01 -20.13
N GLU PD 67 -78.28 195.99 -21.09
CA GLU PD 67 -77.62 197.21 -21.54
C GLU PD 67 -78.06 197.68 -22.92
N LEU PD 68 -78.41 198.96 -23.02
CA LEU PD 68 -78.97 199.47 -24.26
C LEU PD 68 -77.83 199.66 -25.26
N GLY PD 69 -76.74 200.27 -24.84
CA GLY PD 69 -75.65 200.52 -25.77
C GLY PD 69 -74.39 201.00 -25.09
N ARG PD 70 -73.36 201.19 -25.91
CA ARG PD 70 -72.05 201.62 -25.46
C ARG PD 70 -71.62 202.75 -26.38
N THR PD 71 -70.60 203.48 -25.96
CA THR PD 71 -69.96 204.50 -26.75
C THR PD 71 -68.71 204.93 -26.02
N ARG PD 72 -67.57 204.92 -26.73
CA ARG PD 72 -66.33 205.44 -26.18
C ARG PD 72 -66.29 206.94 -26.47
N MET PD 73 -66.19 207.74 -25.42
CA MET PD 73 -66.25 209.18 -25.56
C MET PD 73 -65.37 209.78 -24.47
N THR PD 74 -64.71 210.88 -24.80
CA THR PD 74 -63.80 211.53 -23.87
C THR PD 74 -64.53 212.63 -23.11
N ILE PD 75 -63.83 213.20 -22.13
CA ILE PD 75 -64.38 214.29 -21.33
C ILE PD 75 -64.64 215.53 -22.18
N LYS PD 76 -63.97 215.65 -23.32
CA LYS PD 76 -64.17 216.76 -24.24
C LYS PD 76 -65.66 217.01 -24.49
N GLU PD 77 -66.33 216.04 -25.10
CA GLU PD 77 -67.77 216.19 -25.32
C GLU PD 77 -68.56 216.02 -24.03
N LEU PD 78 -68.02 215.28 -23.07
CA LEU PD 78 -68.74 215.09 -21.80
C LEU PD 78 -69.34 216.28 -21.08
N LEU PD 79 -68.56 217.35 -20.89
CA LEU PD 79 -69.13 218.55 -20.26
C LEU PD 79 -69.92 219.40 -21.30
N ARG PD 80 -69.57 219.22 -22.57
CA ARG PD 80 -70.33 219.93 -23.64
C ARG PD 80 -71.81 219.53 -23.52
N LEU PD 81 -72.06 218.33 -22.98
CA LEU PD 81 -73.43 217.87 -22.80
C LEU PD 81 -74.38 218.67 -21.91
N THR PD 82 -75.52 219.07 -22.48
CA THR PD 82 -76.54 219.81 -21.75
C THR PD 82 -77.83 218.99 -21.76
N GLN PD 83 -78.84 219.53 -21.07
CA GLN PD 83 -80.15 218.87 -21.04
C GLN PD 83 -80.77 218.92 -22.43
N GLY PD 84 -81.35 217.79 -22.84
CA GLY PD 84 -81.93 217.68 -24.16
C GLY PD 84 -80.97 217.29 -25.26
N SER PD 85 -79.68 217.19 -24.96
CA SER PD 85 -78.72 216.75 -25.95
C SER PD 85 -78.88 215.27 -26.22
N VAL PD 86 -78.37 214.82 -27.36
CA VAL PD 86 -78.49 213.44 -27.80
C VAL PD 86 -77.10 212.87 -27.99
N VAL PD 87 -76.84 211.72 -27.38
CA VAL PD 87 -75.54 211.04 -27.48
C VAL PD 87 -75.74 209.78 -28.31
N ALA PD 88 -75.04 209.70 -29.45
CA ALA PD 88 -75.11 208.52 -30.28
C ALA PD 88 -74.33 207.38 -29.64
N LEU PD 89 -74.88 206.17 -29.72
CA LEU PD 89 -74.26 204.99 -29.16
C LEU PD 89 -73.65 204.16 -30.28
N ASP PD 90 -72.56 203.47 -29.94
CA ASP PD 90 -71.87 202.64 -30.93
C ASP PD 90 -72.75 201.53 -31.47
N GLY PD 91 -73.61 200.96 -30.63
CA GLY PD 91 -74.50 199.90 -31.05
C GLY PD 91 -75.49 200.34 -32.11
N LEU PD 92 -75.55 199.59 -33.21
CA LEU PD 92 -76.51 199.87 -34.25
C LEU PD 92 -77.93 199.57 -33.76
N ALA PD 93 -78.88 200.37 -34.22
CA ALA PD 93 -80.26 200.22 -33.79
C ALA PD 93 -80.82 198.88 -34.25
N GLY PD 94 -81.55 198.21 -33.36
CA GLY PD 94 -82.13 196.92 -33.66
C GLY PD 94 -81.23 195.74 -33.41
N GLU PD 95 -79.97 195.97 -33.06
CA GLU PD 95 -79.07 194.86 -32.75
C GLU PD 95 -79.44 194.23 -31.42
N PRO PD 96 -79.08 192.97 -31.20
CA PRO PD 96 -79.34 192.34 -29.91
C PRO PD 96 -78.64 193.10 -28.79
N LEU PD 97 -79.33 193.25 -27.67
CA LEU PD 97 -78.82 193.93 -26.50
C LEU PD 97 -78.04 192.96 -25.63
N ASP PD 98 -77.25 193.53 -24.71
CA ASP PD 98 -76.36 192.77 -23.86
C ASP PD 98 -77.00 192.53 -22.50
N ILE PD 99 -76.81 191.34 -21.94
CA ILE PD 99 -77.34 190.98 -20.64
C ILE PD 99 -76.17 190.66 -19.73
N LEU PD 100 -76.13 191.28 -18.56
CA LEU PD 100 -75.06 191.07 -17.60
C LEU PD 100 -75.66 190.63 -16.27
N ILE PD 101 -74.94 189.80 -15.53
CA ILE PD 101 -75.28 189.46 -14.17
C ILE PD 101 -74.12 189.89 -13.28
N ASN PD 102 -74.40 190.79 -12.34
CA ASN PD 102 -73.37 191.40 -11.51
C ASN PD 102 -72.29 192.07 -12.35
N GLY PD 103 -72.70 192.65 -13.48
CA GLY PD 103 -71.79 193.37 -14.34
C GLY PD 103 -70.94 192.51 -15.25
N TYR PD 104 -71.23 191.22 -15.36
CA TYR PD 104 -70.46 190.31 -16.20
C TYR PD 104 -71.34 189.89 -17.37
N LEU PD 105 -70.87 190.10 -18.59
CA LEU PD 105 -71.65 189.78 -19.77
C LEU PD 105 -71.78 188.28 -19.91
N ILE PD 106 -73.00 187.79 -20.07
CA ILE PD 106 -73.26 186.36 -20.21
C ILE PD 106 -73.98 186.06 -21.52
N ALA PD 107 -74.95 186.87 -21.90
CA ALA PD 107 -75.79 186.52 -23.03
C ALA PD 107 -76.20 187.76 -23.81
N GLN PD 108 -76.68 187.52 -25.02
CA GLN PD 108 -77.24 188.55 -25.88
C GLN PD 108 -78.70 188.21 -26.12
N GLY PD 109 -79.57 189.21 -25.93
CA GLY PD 109 -81.00 189.03 -26.06
C GLY PD 109 -81.56 190.09 -26.98
N GLU PD 110 -82.90 190.12 -27.05
CA GLU PD 110 -83.62 191.06 -27.87
C GLU PD 110 -84.74 191.66 -27.04
N VAL PD 111 -84.94 192.96 -27.18
CA VAL PD 111 -85.90 193.69 -26.36
C VAL PD 111 -87.31 193.54 -26.92
N VAL PD 112 -88.28 193.25 -26.03
CA VAL PD 112 -89.67 193.10 -26.40
C VAL PD 112 -90.52 193.84 -25.37
N VAL PD 113 -91.74 194.17 -25.76
CA VAL PD 113 -92.70 194.87 -24.89
C VAL PD 113 -93.85 193.92 -24.63
N VAL PD 114 -94.06 193.60 -23.35
CA VAL PD 114 -95.17 192.69 -22.96
C VAL PD 114 -96.03 193.37 -21.88
N ALA PD 115 -97.31 193.61 -22.20
CA ALA PD 115 -98.24 194.28 -21.25
C ALA PD 115 -97.72 195.64 -20.77
N ASP PD 116 -97.08 196.41 -21.65
CA ASP PD 116 -96.62 197.79 -21.31
C ASP PD 116 -95.42 197.72 -20.35
N LYS PD 117 -94.79 196.55 -20.24
CA LYS PD 117 -93.60 196.39 -19.37
C LYS PD 117 -92.41 195.96 -20.23
N TYR PD 118 -91.23 196.53 -20.00
CA TYR PD 118 -90.10 196.20 -20.84
C TYR PD 118 -89.57 194.81 -20.50
N GLY PD 119 -89.21 194.06 -21.54
CA GLY PD 119 -88.72 192.72 -21.34
C GLY PD 119 -87.71 192.36 -22.42
N VAL PD 120 -86.67 191.65 -22.01
CA VAL PD 120 -85.66 191.14 -22.93
C VAL PD 120 -85.94 189.66 -23.17
N ARG PD 121 -85.65 189.22 -24.39
CA ARG PD 121 -85.82 187.83 -24.78
C ARG PD 121 -84.43 187.25 -25.05
N ILE PD 122 -83.98 186.32 -24.20
CA ILE PD 122 -82.65 185.76 -24.34
C ILE PD 122 -82.55 185.02 -25.66
N THR PD 123 -81.53 185.35 -26.45
CA THR PD 123 -81.32 184.71 -27.73
C THR PD 123 -80.12 183.77 -27.75
N ASP PD 124 -78.95 184.20 -27.26
CA ASP PD 124 -77.81 183.32 -27.32
C ASP PD 124 -76.76 183.71 -26.29
N ILE PD 125 -76.22 182.71 -25.58
CA ILE PD 125 -75.10 182.95 -24.70
C ILE PD 125 -73.87 183.28 -25.53
N ILE PD 126 -73.19 184.36 -25.17
CA ILE PD 126 -72.04 184.81 -25.97
C ILE PD 126 -70.93 183.78 -25.91
N THR PD 127 -70.09 183.82 -26.91
CA THR PD 127 -68.93 182.96 -27.11
C THR PD 127 -67.66 183.65 -26.63
N PRO PD 128 -66.63 182.90 -26.25
CA PRO PD 128 -65.37 183.55 -25.84
C PRO PD 128 -64.79 184.43 -26.93
N SER PD 129 -64.92 184.04 -28.20
CA SER PD 129 -64.47 184.90 -29.29
C SER PD 129 -65.13 186.27 -29.39
N GLU PD 130 -66.45 186.32 -29.23
CA GLU PD 130 -67.15 187.61 -29.24
C GLU PD 130 -66.89 188.40 -27.95
N ARG PD 131 -66.63 187.67 -26.87
CA ARG PD 131 -66.25 188.31 -25.61
C ARG PD 131 -64.99 189.13 -25.83
N MET PD 132 -63.95 188.52 -26.42
CA MET PD 132 -62.74 189.26 -26.73
C MET PD 132 -62.88 190.31 -27.85
N ARG PD 133 -63.81 190.05 -28.76
CA ARG PD 133 -64.12 191.03 -29.80
C ARG PD 133 -64.67 192.25 -29.05
N ARG PD 134 -65.54 192.01 -28.07
CA ARG PD 134 -66.05 193.10 -27.26
C ARG PD 134 -64.92 193.81 -26.52
N LEU PD 135 -63.95 193.04 -26.01
CA LEU PD 135 -62.86 193.64 -25.23
C LEU PD 135 -62.04 194.60 -26.08
N SER PD 136 -61.72 194.20 -27.31
CA SER PD 136 -60.92 195.04 -28.18
C SER PD 136 -61.78 196.10 -28.86
N LYS QD 514 -113.99 99.20 -68.24
CA LYS QD 514 -114.04 99.91 -66.97
C LYS QD 514 -115.01 101.09 -67.04
N ASP QD 515 -115.09 101.71 -68.22
CA ASP QD 515 -115.99 102.84 -68.39
C ASP QD 515 -117.44 102.40 -68.26
N GLU QD 516 -117.80 101.25 -68.82
CA GLU QD 516 -119.17 100.76 -68.72
C GLU QD 516 -119.54 100.43 -67.28
N GLN QD 517 -118.62 99.80 -66.54
CA GLN QD 517 -118.89 99.50 -65.14
C GLN QD 517 -119.05 100.78 -64.32
N LEU QD 518 -118.21 101.78 -64.59
CA LEU QD 518 -118.34 103.06 -63.89
C LEU QD 518 -119.68 103.72 -64.22
N GLN QD 519 -120.10 103.66 -65.49
CA GLN QD 519 -121.39 104.23 -65.86
C GLN QD 519 -122.55 103.51 -65.18
N GLN QD 520 -122.48 102.18 -65.10
CA GLN QD 520 -123.53 101.43 -64.42
C GLN QD 520 -123.57 101.75 -62.94
N ARG QD 521 -122.40 101.87 -62.30
CA ARG QD 521 -122.35 102.25 -60.89
C ARG QD 521 -122.93 103.65 -60.68
N ARG QD 522 -122.60 104.58 -61.58
CA ARG QD 522 -123.14 105.93 -61.49
C ARG QD 522 -124.65 105.93 -61.66
N ALA QD 523 -125.17 105.12 -62.58
CA ALA QD 523 -126.62 105.04 -62.77
C ALA QD 523 -127.30 104.48 -61.54
N ASN QD 524 -126.73 103.43 -60.95
CA ASN QD 524 -127.30 102.87 -59.72
C ASN QD 524 -127.26 103.90 -58.59
N GLN QD 525 -126.15 104.62 -58.47
CA GLN QD 525 -126.04 105.66 -57.44
C GLN QD 525 -127.06 106.77 -57.66
N ARG QD 526 -127.28 107.16 -58.91
CA ARG QD 526 -128.21 108.23 -59.24
C ARG QD 526 -129.67 107.78 -59.20
N LEU QD 527 -129.91 106.46 -59.20
CA LEU QD 527 -131.28 105.89 -59.14
C LEU QD 527 -131.64 105.69 -57.67
N GLY QD 528 -130.78 105.00 -56.91
CA GLY QD 528 -131.00 104.76 -55.48
C GLY QD 528 -130.98 106.02 -54.66
N ALA QD 529 -130.20 107.02 -55.07
CA ALA QD 529 -130.14 108.32 -54.36
C ALA QD 529 -131.44 109.06 -54.68
N GLU QD 530 -131.91 108.96 -55.93
CA GLU QD 530 -133.18 109.63 -56.33
C GLU QD 530 -134.32 108.98 -55.53
N VAL QD 531 -134.19 107.63 -55.33
CA VAL QD 531 -135.13 106.88 -54.46
C VAL QD 531 -134.88 107.30 -53.00
N MET QD 532 -133.61 107.46 -52.63
CA MET QD 532 -133.24 107.86 -51.24
C MET QD 532 -133.78 109.26 -50.95
N SER QD 533 -133.69 110.17 -51.92
CA SER QD 533 -134.21 111.55 -51.74
C SER QD 533 -135.72 111.48 -51.53
N GLN QD 534 -136.42 110.64 -52.30
CA GLN QD 534 -137.88 110.44 -52.14
C GLN QD 534 -138.13 109.84 -50.75
N ARG QD 535 -137.29 108.90 -50.33
CA ARG QD 535 -137.44 108.22 -49.02
C ARG QD 535 -137.28 109.22 -47.87
N ILE QD 536 -136.33 110.16 -47.98
CA ILE QD 536 -136.02 111.12 -46.88
C ILE QD 536 -137.16 112.15 -46.78
N ARG QD 537 -137.92 112.38 -47.86
CA ARG QD 537 -139.03 113.32 -47.88
C ARG QD 537 -140.24 112.73 -47.17
N GLU QD 538 -140.54 111.46 -47.41
CA GLU QD 538 -141.65 110.81 -46.71
C GLU QD 538 -141.39 110.78 -45.21
N MET QD 539 -140.16 110.42 -44.81
CA MET QD 539 -139.83 110.34 -43.39
C MET QD 539 -139.90 111.71 -42.72
N SER QD 540 -139.42 112.76 -43.38
CA SER QD 540 -139.45 114.11 -42.81
C SER QD 540 -140.88 114.64 -42.73
N ASP QD 541 -141.70 114.33 -43.73
CA ASP QD 541 -143.11 114.67 -43.63
C ASP QD 541 -143.80 113.93 -42.49
N ASN QD 542 -143.40 112.68 -42.23
CA ASN QD 542 -143.93 111.96 -41.08
C ASN QD 542 -143.52 112.62 -39.77
N ASP QD 543 -142.25 113.01 -39.66
CA ASP QD 543 -141.72 113.63 -38.44
C ASP QD 543 -140.70 114.70 -38.81
N PRO QD 544 -141.10 115.97 -38.81
CA PRO QD 544 -140.14 117.03 -39.17
C PRO QD 544 -139.18 117.37 -38.05
N ARG QD 545 -139.63 117.35 -36.79
CA ARG QD 545 -138.76 117.73 -35.68
C ARG QD 545 -137.73 116.65 -35.36
N VAL QD 546 -138.03 115.39 -35.68
CA VAL QD 546 -137.09 114.30 -35.41
C VAL QD 546 -135.83 114.47 -36.24
N VAL QD 547 -135.99 114.89 -37.50
CA VAL QD 547 -134.82 115.11 -38.36
C VAL QD 547 -133.95 116.23 -37.81
N ALA QD 548 -134.57 117.33 -37.38
CA ALA QD 548 -133.81 118.44 -36.81
C ALA QD 548 -133.09 118.01 -35.53
N LEU QD 549 -133.76 117.23 -34.68
CA LEU QD 549 -133.13 116.74 -33.47
C LEU QD 549 -131.95 115.83 -33.78
N VAL QD 550 -132.10 114.96 -34.78
CA VAL QD 550 -131.00 114.08 -35.17
C VAL QD 550 -129.84 114.90 -35.72
N ILE QD 551 -130.13 115.93 -36.50
CA ILE QD 551 -129.07 116.79 -37.04
C ILE QD 551 -128.33 117.50 -35.90
N ARG QD 552 -129.08 118.00 -34.92
CA ARG QD 552 -128.45 118.67 -33.78
C ARG QD 552 -127.60 117.69 -32.98
N GLN QD 553 -128.08 116.46 -32.81
CA GLN QD 553 -127.31 115.44 -32.11
C GLN QD 553 -126.03 115.12 -32.87
N TRP QD 554 -126.10 115.07 -34.20
CA TRP QD 554 -124.91 114.83 -35.01
C TRP QD 554 -123.89 115.93 -34.83
N MET QD 555 -124.34 117.19 -34.80
CA MET QD 555 -123.43 118.30 -34.57
C MET QD 555 -122.83 118.25 -33.17
N SER QD 556 -123.63 117.90 -32.16
CA SER QD 556 -123.12 117.78 -30.80
C SER QD 556 -122.07 116.68 -30.69
N ASN QD 557 -122.31 115.54 -31.36
CA ASN QD 557 -121.32 114.46 -31.33
C ASN QD 557 -120.09 114.81 -32.16
N ASP QD 558 -120.23 115.71 -33.14
CA ASP QD 558 -119.08 116.11 -33.94
C ASP QD 558 -118.04 116.85 -33.11
N HIS QD 559 -118.46 117.47 -32.01
CA HIS QD 559 -117.54 118.18 -31.15
C HIS QD 559 -116.63 117.23 -30.39
N GLY RD 6 -120.18 115.53 -39.49
CA GLY RD 6 -121.59 115.25 -39.62
C GLY RD 6 -122.41 116.46 -40.02
N THR RD 7 -121.94 117.64 -39.63
CA THR RD 7 -122.64 118.87 -39.98
C THR RD 7 -122.65 119.10 -41.49
N ASP RD 8 -121.52 118.83 -42.15
CA ASP RD 8 -121.45 118.98 -43.60
C ASP RD 8 -122.41 118.00 -44.29
N LYS RD 9 -122.46 116.77 -43.79
CA LYS RD 9 -123.40 115.79 -44.34
C LYS RD 9 -124.84 116.23 -44.13
N SER RD 10 -125.14 116.79 -42.95
CA SER RD 10 -126.49 117.29 -42.68
C SER RD 10 -126.84 118.44 -43.61
N VAL RD 11 -125.88 119.34 -43.85
CA VAL RD 11 -126.11 120.46 -44.76
C VAL RD 11 -126.36 119.96 -46.17
N ILE RD 12 -125.58 118.97 -46.62
CA ILE RD 12 -125.76 118.41 -47.95
C ILE RD 12 -127.13 117.75 -48.07
N LEU RD 13 -127.54 117.00 -47.05
CA LEU RD 13 -128.85 116.35 -47.06
C LEU RD 13 -129.97 117.39 -47.09
N LEU RD 14 -129.83 118.47 -46.32
CA LEU RD 14 -130.84 119.54 -46.32
C LEU RD 14 -130.93 120.21 -47.69
N MET RD 15 -129.77 120.45 -48.31
CA MET RD 15 -129.77 121.05 -49.64
C MET RD 15 -130.41 120.13 -50.67
N THR RD 16 -130.14 118.82 -50.57
CA THR RD 16 -130.72 117.86 -51.50
C THR RD 16 -132.19 117.57 -51.21
N ILE RD 17 -132.68 117.93 -50.03
CA ILE RD 17 -134.07 117.63 -49.68
C ILE RD 17 -135.02 118.57 -50.41
N GLY RD 18 -134.79 119.88 -50.27
CA GLY RD 18 -135.67 120.85 -50.90
C GLY RD 18 -135.85 122.10 -50.06
N GLU RD 19 -136.37 123.17 -50.66
CA GLU RD 19 -136.52 124.42 -49.95
C GLU RD 19 -137.56 124.32 -48.83
N ASP RD 20 -138.70 123.69 -49.10
CA ASP RD 20 -139.78 123.63 -48.12
C ASP RD 20 -139.39 122.76 -46.93
N ARG RD 21 -138.83 121.58 -47.19
CA ARG RD 21 -138.43 120.69 -46.11
C ARG RD 21 -137.33 121.31 -45.26
N ALA RD 22 -136.35 121.94 -45.91
CA ALA RD 22 -135.27 122.60 -45.17
C ALA RD 22 -135.81 123.76 -44.34
N ALA RD 23 -136.75 124.53 -44.89
CA ALA RD 23 -137.33 125.63 -44.14
C ALA RD 23 -138.10 125.12 -42.92
N GLU RD 24 -138.85 124.03 -43.09
CA GLU RD 24 -139.56 123.44 -41.95
C GLU RD 24 -138.58 122.94 -40.89
N VAL RD 25 -137.50 122.30 -41.32
CA VAL RD 25 -136.50 121.79 -40.38
C VAL RD 25 -135.86 122.95 -39.63
N PHE RD 26 -135.53 124.03 -40.33
CA PHE RD 26 -134.93 125.20 -39.69
C PHE RD 26 -135.90 125.82 -38.69
N LYS RD 27 -137.19 125.89 -39.06
CA LYS RD 27 -138.21 126.36 -38.11
C LYS RD 27 -138.31 125.44 -36.91
N HIS RD 28 -138.00 124.16 -37.06
CA HIS RD 28 -137.95 123.22 -35.95
C HIS RD 28 -136.53 123.04 -35.42
N LEU RD 29 -135.65 124.01 -35.65
CA LEU RD 29 -134.26 123.93 -35.23
C LEU RD 29 -133.88 125.15 -34.43
N SER RD 30 -132.83 125.02 -33.62
CA SER RD 30 -132.34 126.10 -32.79
C SER RD 30 -131.66 127.17 -33.63
N THR RD 31 -131.47 128.35 -33.03
CA THR RD 31 -130.91 129.49 -33.73
C THR RD 31 -129.47 129.22 -34.18
N ARG RD 32 -128.63 128.72 -33.29
CA ARG RD 32 -127.25 128.44 -33.62
C ARG RD 32 -127.16 127.35 -34.68
N GLU RD 33 -127.96 126.29 -34.52
CA GLU RD 33 -127.97 125.20 -35.49
C GLU RD 33 -128.45 125.69 -36.85
N VAL RD 34 -129.50 126.51 -36.86
CA VAL RD 34 -130.04 127.03 -38.12
C VAL RD 34 -129.00 127.91 -38.82
N GLN RD 35 -128.33 128.77 -38.06
CA GLN RD 35 -127.31 129.64 -38.63
C GLN RD 35 -126.16 128.83 -39.21
N ALA RD 36 -125.70 127.82 -38.46
CA ALA RD 36 -124.61 126.98 -38.93
C ALA RD 36 -125.00 126.23 -40.20
N LEU RD 37 -126.22 125.69 -40.23
CA LEU RD 37 -126.68 124.96 -41.41
C LEU RD 37 -126.80 125.89 -42.62
N SER RD 38 -127.33 127.10 -42.42
CA SER RD 38 -127.44 128.05 -43.52
C SER RD 38 -126.08 128.46 -44.05
N THR RD 39 -125.12 128.68 -43.14
CA THR RD 39 -123.79 129.12 -43.55
C THR RD 39 -123.04 128.00 -44.29
N ALA RD 40 -123.02 126.80 -43.71
CA ALA RD 40 -122.23 125.71 -44.26
C ALA RD 40 -122.73 125.25 -45.63
N MET RD 41 -124.05 125.17 -45.79
CA MET RD 41 -124.63 124.67 -47.04
C MET RD 41 -124.23 125.55 -48.22
N ALA RD 42 -124.37 126.87 -48.06
CA ALA RD 42 -124.01 127.78 -49.15
C ALA RD 42 -122.51 128.00 -49.22
N ASN RD 43 -121.82 127.81 -48.10
CA ASN RD 43 -120.35 128.05 -48.05
C ASN RD 43 -119.48 127.07 -48.84
N VAL RD 44 -119.41 125.82 -48.38
CA VAL RD 44 -118.65 124.78 -49.13
C VAL RD 44 -119.57 123.55 -49.01
N ARG RD 45 -119.92 122.95 -50.15
CA ARG RD 45 -120.78 121.73 -50.12
C ARG RD 45 -119.97 120.56 -50.70
N GLN RD 46 -119.94 119.44 -49.98
CA GLN RD 46 -119.15 118.27 -50.45
C GLN RD 46 -120.12 117.09 -50.69
N ILE RD 47 -120.01 116.43 -51.84
CA ILE RD 47 -120.87 115.24 -52.13
C ILE RD 47 -119.96 114.02 -52.31
N SER RD 48 -120.23 112.92 -51.61
CA SER RD 48 -119.37 111.71 -51.70
C SER RD 48 -120.19 110.54 -52.27
N ASN RD 49 -119.66 109.87 -53.30
CA ASN RD 49 -120.38 108.75 -53.94
C ASN RD 49 -120.63 107.64 -52.90
N LYS RD 50 -119.67 107.43 -51.99
CA LYS RD 50 -119.80 106.32 -51.01
C LYS RD 50 -119.88 106.86 -49.58
N GLN RD 51 -118.96 107.75 -49.17
CA GLN RD 51 -118.97 108.17 -47.78
C GLN RD 51 -120.29 108.81 -47.36
N LEU RD 52 -120.86 109.65 -48.23
CA LEU RD 52 -122.13 110.28 -47.90
C LEU RD 52 -123.24 109.24 -47.78
N THR RD 53 -123.28 108.27 -48.69
CA THR RD 53 -124.28 107.22 -48.62
C THR RD 53 -124.11 106.36 -47.37
N ASP RD 54 -122.87 106.02 -47.01
CA ASP RD 54 -122.63 105.25 -45.81
C ASP RD 54 -123.08 106.01 -44.56
N VAL RD 55 -122.76 107.31 -44.51
CA VAL RD 55 -123.16 108.12 -43.37
C VAL RD 55 -124.68 108.24 -43.29
N LEU RD 56 -125.35 108.42 -44.43
CA LEU RD 56 -126.80 108.50 -44.44
C LEU RD 56 -127.43 107.21 -43.96
N SER RD 57 -126.90 106.07 -44.42
CA SER RD 57 -127.42 104.78 -43.97
C SER RD 57 -127.21 104.59 -42.47
N GLU RD 58 -126.03 104.97 -41.97
CA GLU RD 58 -125.78 104.84 -40.54
C GLU RD 58 -126.71 105.73 -39.72
N PHE RD 59 -126.96 106.95 -40.19
CA PHE RD 59 -127.87 107.85 -39.49
C PHE RD 59 -129.28 107.30 -39.50
N GLU RD 60 -129.73 106.77 -40.64
CA GLU RD 60 -131.09 106.24 -40.74
C GLU RD 60 -131.26 105.00 -39.88
N GLN RD 61 -130.17 104.28 -39.63
CA GLN RD 61 -130.29 103.03 -38.85
C GLN RD 61 -129.82 103.22 -37.40
N GLU RD 62 -129.27 104.39 -37.06
CA GLU RD 62 -128.69 104.55 -35.71
C GLU RD 62 -129.74 104.39 -34.58
N ALA RD 63 -130.93 104.99 -34.70
CA ALA RD 63 -131.97 104.75 -33.68
C ALA RD 63 -133.38 105.01 -34.21
N GLU RD 64 -134.40 104.38 -33.62
CA GLU RD 64 -135.81 104.71 -33.98
C GLU RD 64 -136.38 105.66 -32.91
N GLN RD 65 -135.58 106.01 -31.89
CA GLN RD 65 -136.06 106.85 -30.76
C GLN RD 65 -136.49 108.25 -31.22
N PHE RD 66 -135.74 108.85 -32.15
CA PHE RD 66 -136.01 110.26 -32.57
C PHE RD 66 -137.40 110.36 -33.19
N ALA RD 67 -137.81 109.37 -33.98
CA ALA RD 67 -139.09 109.50 -34.71
C ALA RD 67 -140.28 109.66 -33.77
N ALA RD 68 -140.33 108.93 -32.66
CA ALA RD 68 -141.54 108.96 -31.80
C ALA RD 68 -141.51 110.09 -30.75
N LEU RD 69 -140.57 110.05 -29.80
CA LEU RD 69 -140.54 111.01 -28.71
C LEU RD 69 -140.53 112.43 -29.24
N ASN RD 70 -139.73 112.69 -30.28
CA ASN RD 70 -139.64 114.04 -30.83
C ASN RD 70 -140.87 114.41 -31.65
N ILE RD 71 -141.65 113.44 -32.09
CA ILE RD 71 -142.86 113.69 -32.87
C ILE RD 71 -143.86 114.48 -32.03
N ASN RD 72 -144.06 114.05 -30.79
CA ASN RD 72 -144.99 114.70 -29.88
C ASN RD 72 -144.42 114.62 -28.46
N ALA RD 73 -143.76 115.73 -28.05
CA ALA RD 73 -143.21 115.82 -26.70
C ALA RD 73 -143.88 116.93 -25.90
N ASN RD 74 -143.87 118.15 -26.44
CA ASN RD 74 -144.45 119.28 -25.72
C ASN RD 74 -145.98 119.24 -25.73
N GLU RD 75 -146.57 118.85 -26.86
CA GLU RD 75 -148.03 118.78 -26.95
C GLU RD 75 -148.59 117.76 -25.97
N TYR RD 76 -147.94 116.59 -25.89
CA TYR RD 76 -148.40 115.56 -24.96
C TYR RD 76 -148.30 116.03 -23.51
N LEU RD 77 -147.19 116.70 -23.17
CA LEU RD 77 -147.02 117.21 -21.81
C LEU RD 77 -148.08 118.27 -21.49
N ARG RD 78 -148.36 119.15 -22.44
CA ARG RD 78 -149.39 120.17 -22.22
C ARG RD 78 -150.77 119.54 -22.05
N SER RD 79 -151.10 118.54 -22.87
CA SER RD 79 -152.39 117.87 -22.74
C SER RD 79 -152.50 117.16 -21.40
N VAL RD 80 -151.42 116.49 -20.97
CA VAL RD 80 -151.42 115.81 -19.69
C VAL RD 80 -151.60 116.80 -18.55
N LEU RD 81 -150.91 117.95 -18.61
CA LEU RD 81 -151.06 118.96 -17.57
C LEU RD 81 -152.48 119.52 -17.54
N VAL RD 82 -153.08 119.73 -18.71
CA VAL RD 82 -154.44 120.27 -18.77
C VAL RD 82 -155.42 119.25 -18.18
N LYS RD 83 -155.28 117.98 -18.54
CA LYS RD 83 -156.24 116.97 -18.10
C LYS RD 83 -156.02 116.56 -16.66
N ALA RD 84 -154.81 116.79 -16.14
CA ALA RD 84 -154.46 116.27 -14.81
C ALA RD 84 -155.16 117.04 -13.70
N LEU RD 85 -154.89 118.35 -13.59
CA LEU RD 85 -155.42 119.16 -12.49
C LEU RD 85 -156.43 120.17 -13.01
N GLY RD 86 -156.07 120.99 -13.99
CA GLY RD 86 -156.98 121.99 -14.51
C GLY RD 86 -156.24 122.99 -15.38
N GLU RD 87 -157.01 123.88 -16.01
CA GLU RD 87 -156.39 124.88 -16.87
C GLU RD 87 -155.49 125.82 -16.09
N GLU RD 88 -155.92 126.23 -14.90
CA GLU RD 88 -155.12 127.14 -14.08
C GLU RD 88 -153.81 126.50 -13.65
N ARG RD 89 -153.85 125.24 -13.22
CA ARG RD 89 -152.63 124.55 -12.83
C ARG RD 89 -151.77 124.18 -14.03
N ALA RD 90 -152.41 123.88 -15.16
CA ALA RD 90 -151.66 123.57 -16.37
C ALA RD 90 -150.83 124.77 -16.83
N SER RD 91 -151.39 125.97 -16.72
CA SER RD 91 -150.63 127.16 -17.08
C SER RD 91 -149.39 127.33 -16.20
N SER RD 92 -149.54 127.11 -14.89
CA SER RD 92 -148.40 127.22 -13.99
C SER RD 92 -147.36 126.15 -14.29
N LEU RD 93 -147.80 124.92 -14.55
CA LEU RD 93 -146.86 123.85 -14.87
C LEU RD 93 -146.11 124.15 -16.17
N LEU RD 94 -146.81 124.63 -17.19
CA LEU RD 94 -146.15 124.98 -18.44
C LEU RD 94 -145.18 126.14 -18.26
N GLU RD 95 -145.55 127.13 -17.44
CA GLU RD 95 -144.65 128.24 -17.16
C GLU RD 95 -143.39 127.76 -16.46
N ASP RD 96 -143.55 126.86 -15.48
CA ASP RD 96 -142.38 126.31 -14.80
C ASP RD 96 -141.50 125.51 -15.76
N ILE RD 97 -142.10 124.72 -16.64
CA ILE RD 97 -141.34 123.93 -17.60
C ILE RD 97 -140.57 124.85 -18.54
N LEU RD 98 -141.22 125.91 -19.01
CA LEU RD 98 -140.53 126.87 -19.89
C LEU RD 98 -139.40 127.58 -19.15
N GLU RD 99 -139.64 127.96 -17.89
CA GLU RD 99 -138.63 128.66 -17.12
C GLU RD 99 -137.47 127.74 -16.75
N THR RD 100 -137.68 126.42 -16.82
CA THR RD 100 -136.57 125.50 -16.59
C THR RD 100 -135.44 125.72 -17.59
N ARG RD 101 -135.77 126.13 -18.82
CA ARG RD 101 -134.77 126.48 -19.82
C ARG RD 101 -134.61 127.99 -19.79
N ASP RD 102 -133.50 128.44 -19.23
CA ASP RD 102 -133.22 129.87 -19.07
C ASP RD 102 -132.43 130.39 -20.26
N THR RD 103 -132.06 131.67 -20.21
CA THR RD 103 -131.31 132.32 -21.28
C THR RD 103 -129.98 132.82 -20.72
N THR RD 104 -128.93 132.73 -21.54
CA THR RD 104 -127.60 133.12 -21.09
C THR RD 104 -127.45 134.64 -21.05
N SER RD 105 -127.61 135.30 -22.19
CA SER RD 105 -127.48 136.75 -22.27
C SER RD 105 -128.58 137.42 -21.48
N GLY RD 106 -128.20 138.43 -20.68
CA GLY RD 106 -129.15 139.08 -19.79
C GLY RD 106 -130.27 139.79 -20.50
N ILE RD 107 -130.08 140.19 -21.76
CA ILE RD 107 -131.12 140.91 -22.48
C ILE RD 107 -132.36 140.04 -22.61
N GLU RD 108 -132.19 138.78 -22.98
CA GLU RD 108 -133.33 137.87 -23.03
C GLU RD 108 -133.86 137.55 -21.64
N THR RD 109 -132.99 137.52 -20.63
CA THR RD 109 -133.47 137.30 -19.26
C THR RD 109 -134.36 138.45 -18.79
N LEU RD 110 -134.18 139.64 -19.37
CA LEU RD 110 -135.08 140.74 -19.06
C LEU RD 110 -136.56 140.57 -19.35
N ASN RD 111 -136.92 139.74 -20.35
CA ASN RD 111 -138.35 139.46 -20.65
C ASN RD 111 -139.01 138.41 -19.74
N PHE RD 112 -138.26 137.83 -18.80
CA PHE RD 112 -138.83 136.87 -17.81
C PHE RD 112 -139.11 137.63 -16.52
N MET RD 113 -138.71 138.90 -16.46
CA MET RD 113 -138.89 139.74 -15.30
C MET RD 113 -140.29 140.32 -15.44
N GLU RD 114 -140.82 140.80 -14.32
CA GLU RD 114 -142.11 141.47 -14.33
C GLU RD 114 -141.99 142.78 -15.12
N PRO RD 115 -143.04 143.17 -15.84
CA PRO RD 115 -142.97 144.43 -16.60
C PRO RD 115 -142.58 145.68 -15.82
N GLN RD 116 -143.09 145.84 -14.60
CA GLN RD 116 -142.74 147.03 -13.82
C GLN RD 116 -141.29 147.02 -13.34
N SER RD 117 -140.78 145.84 -13.00
CA SER RD 117 -139.39 145.73 -12.56
C SER RD 117 -138.50 146.15 -13.72
N ALA RD 118 -138.78 145.63 -14.93
CA ALA RD 118 -137.99 146.02 -16.09
C ALA RD 118 -138.17 147.49 -16.41
N ALA RD 119 -139.39 148.00 -16.31
CA ALA RD 119 -139.63 149.41 -16.59
C ALA RD 119 -138.86 150.30 -15.62
N ASP RD 120 -138.83 149.93 -14.34
CA ASP RD 120 -138.05 150.69 -13.39
C ASP RD 120 -136.56 150.55 -13.65
N LEU RD 121 -136.11 149.37 -14.09
CA LEU RD 121 -134.69 149.15 -14.32
C LEU RD 121 -134.17 149.96 -15.49
N ILE RD 122 -134.93 150.05 -16.58
CA ILE RD 122 -134.43 150.68 -17.80
C ILE RD 122 -135.04 152.05 -18.05
N ARG RD 123 -135.77 152.61 -17.09
CA ARG RD 123 -136.35 153.93 -17.30
C ARG RD 123 -135.26 154.99 -17.40
N ASP RD 124 -134.23 154.89 -16.57
CA ASP RD 124 -133.21 155.94 -16.51
C ASP RD 124 -132.19 155.82 -17.64
N GLU RD 125 -132.20 154.72 -18.38
CA GLU RD 125 -131.22 154.52 -19.44
C GLU RD 125 -131.45 155.49 -20.59
N HIS RD 126 -130.44 155.61 -21.44
CA HIS RD 126 -130.54 156.45 -22.62
C HIS RD 126 -131.62 155.92 -23.55
N PRO RD 127 -132.41 156.80 -24.19
CA PRO RD 127 -133.53 156.31 -25.01
C PRO RD 127 -133.11 155.34 -26.09
N GLN RD 128 -131.95 155.54 -26.71
CA GLN RD 128 -131.49 154.58 -27.71
C GLN RD 128 -131.18 153.21 -27.11
N ILE RD 129 -130.63 153.18 -25.91
CA ILE RD 129 -130.37 151.90 -25.25
C ILE RD 129 -131.68 151.21 -24.89
N ILE RD 130 -132.68 151.98 -24.47
CA ILE RD 130 -134.00 151.42 -24.21
C ILE RD 130 -134.52 150.81 -25.49
N ALA RD 131 -134.41 151.53 -26.61
CA ALA RD 131 -134.90 151.03 -27.88
C ALA RD 131 -134.18 149.74 -28.28
N THR RD 132 -132.86 149.71 -28.10
CA THR RD 132 -132.09 148.50 -28.42
C THR RD 132 -132.56 147.33 -27.59
N ILE RD 133 -132.78 147.57 -26.29
CA ILE RD 133 -133.29 146.48 -25.41
C ILE RD 133 -134.65 145.99 -25.94
N LEU RD 134 -135.53 146.92 -26.36
CA LEU RD 134 -136.90 146.53 -26.77
C LEU RD 134 -136.93 145.60 -27.99
N VAL RD 135 -136.10 145.84 -29.01
CA VAL RD 135 -136.19 145.02 -30.26
C VAL RD 135 -135.56 143.66 -29.91
N HIS RD 136 -134.66 143.62 -28.92
CA HIS RD 136 -134.09 142.31 -28.50
C HIS RD 136 -135.07 141.64 -27.52
N LEU RD 137 -135.89 142.44 -26.83
CA LEU RD 137 -136.87 141.89 -25.87
C LEU RD 137 -138.09 141.32 -26.63
N LYS RD 138 -138.84 140.42 -25.99
CA LYS RD 138 -140.06 139.86 -26.61
C LYS RD 138 -141.04 141.02 -26.86
N ARG RD 139 -141.78 140.99 -27.97
CA ARG RD 139 -142.68 142.11 -28.33
C ARG RD 139 -143.73 142.33 -27.23
N SER RD 140 -144.37 141.26 -26.75
CA SER RD 140 -145.45 141.42 -25.75
C SER RD 140 -144.90 142.20 -24.54
N GLN RD 141 -143.73 141.81 -24.05
CA GLN RD 141 -143.14 142.44 -22.84
C GLN RD 141 -142.87 143.91 -23.15
N ALA RD 142 -142.24 144.17 -24.29
CA ALA RD 142 -141.88 145.54 -24.66
C ALA RD 142 -143.12 146.43 -24.69
N ALA RD 143 -144.24 145.91 -25.18
CA ALA RD 143 -145.47 146.70 -25.20
C ALA RD 143 -145.92 147.06 -23.80
N ASP RD 144 -145.86 146.09 -22.88
CA ASP RD 144 -146.22 146.37 -21.50
C ASP RD 144 -145.28 147.40 -20.88
N ILE RD 145 -143.97 147.27 -21.15
CA ILE RD 145 -143.01 148.23 -20.62
C ILE RD 145 -143.29 149.65 -21.08
N LEU RD 146 -143.56 149.83 -22.37
CA LEU RD 146 -143.88 151.16 -22.89
C LEU RD 146 -145.20 151.68 -22.32
N ALA RD 147 -146.13 150.78 -22.06
CA ALA RD 147 -147.39 151.18 -21.42
C ALA RD 147 -147.11 151.79 -20.05
N LEU RD 148 -146.17 151.19 -19.32
CA LEU RD 148 -145.81 151.70 -17.97
C LEU RD 148 -144.93 152.96 -18.10
N PHE RD 149 -144.38 153.22 -19.29
CA PHE RD 149 -143.44 154.36 -19.45
C PHE RD 149 -144.20 155.67 -19.60
N ASP RD 150 -143.62 156.78 -19.12
CA ASP RD 150 -144.24 158.08 -19.31
C ASP RD 150 -144.49 158.32 -20.80
N GLU RD 151 -145.50 159.16 -21.08
CA GLU RD 151 -145.92 159.35 -22.47
C GLU RD 151 -144.81 159.99 -23.30
N ARG RD 152 -144.06 160.93 -22.72
CA ARG RD 152 -142.96 161.53 -23.46
C ARG RD 152 -141.89 160.49 -23.80
N LEU RD 153 -141.45 159.73 -22.79
CA LEU RD 153 -140.48 158.66 -23.04
C LEU RD 153 -141.07 157.61 -23.96
N ARG RD 154 -142.36 157.31 -23.82
CA ARG RD 154 -143.00 156.32 -24.70
C ARG RD 154 -142.91 156.76 -26.16
N HIS RD 155 -143.29 158.00 -26.45
CA HIS RD 155 -143.23 158.50 -27.82
C HIS RD 155 -141.81 158.53 -28.34
N ASP RD 156 -140.87 158.99 -27.50
CA ASP RD 156 -139.48 159.08 -27.94
C ASP RD 156 -138.94 157.70 -28.28
N VAL RD 157 -139.18 156.72 -27.40
CA VAL RD 157 -138.66 155.38 -27.63
C VAL RD 157 -139.33 154.75 -28.84
N MET RD 158 -140.63 154.98 -29.02
CA MET RD 158 -141.30 154.44 -30.20
C MET RD 158 -140.72 155.04 -31.48
N LEU RD 159 -140.44 156.34 -31.48
CA LEU RD 159 -139.82 156.96 -32.64
C LEU RD 159 -138.45 156.36 -32.91
N ARG RD 160 -137.66 156.13 -31.87
CA ARG RD 160 -136.36 155.50 -32.04
C ARG RD 160 -136.52 154.09 -32.60
N ILE RD 161 -137.54 153.37 -32.16
CA ILE RD 161 -137.81 152.03 -32.68
C ILE RD 161 -138.11 152.09 -34.17
N ALA RD 162 -138.90 153.08 -34.59
CA ALA RD 162 -139.28 153.17 -36.00
C ALA RD 162 -138.07 153.36 -36.90
N THR RD 163 -137.12 154.21 -36.49
CA THR RD 163 -135.98 154.56 -37.31
C THR RD 163 -134.67 153.96 -36.79
N PHE RD 164 -134.71 152.74 -36.28
CA PHE RD 164 -133.51 152.09 -35.76
C PHE RD 164 -132.51 151.87 -36.89
N GLY RD 165 -131.23 151.98 -36.57
CA GLY RD 165 -130.19 151.90 -37.57
C GLY RD 165 -129.07 150.93 -37.28
N GLY RD 166 -129.27 150.01 -36.34
CA GLY RD 166 -128.28 149.00 -36.05
C GLY RD 166 -127.16 149.36 -35.09
N VAL RD 167 -126.83 148.46 -34.18
CA VAL RD 167 -125.81 148.70 -33.18
C VAL RD 167 -124.42 148.21 -33.52
N GLN RD 168 -123.40 148.86 -32.97
CA GLN RD 168 -122.03 148.41 -33.16
C GLN RD 168 -121.93 147.15 -32.31
N PRO RD 169 -121.21 146.13 -32.79
CA PRO RD 169 -121.09 144.90 -31.99
C PRO RD 169 -120.44 145.14 -30.63
N ALA RD 170 -119.49 146.06 -30.54
CA ALA RD 170 -118.85 146.34 -29.25
C ALA RD 170 -119.85 146.92 -28.26
N ALA RD 171 -120.68 147.87 -28.71
CA ALA RD 171 -121.67 148.45 -27.82
C ALA RD 171 -122.70 147.42 -27.39
N LEU RD 172 -123.14 146.57 -28.32
CA LEU RD 172 -124.09 145.52 -27.95
C LEU RD 172 -123.49 144.56 -26.94
N ALA RD 173 -122.23 144.17 -27.14
CA ALA RD 173 -121.57 143.29 -26.17
C ALA RD 173 -121.44 143.98 -24.82
N GLU RD 174 -121.16 145.28 -24.81
CA GLU RD 174 -121.03 146.01 -23.56
C GLU RD 174 -122.36 146.04 -22.82
N LEU RD 175 -123.45 146.33 -23.53
CA LEU RD 175 -124.77 146.30 -22.90
C LEU RD 175 -125.10 144.90 -22.39
N THR RD 176 -124.76 143.89 -23.19
CA THR RD 176 -125.05 142.50 -22.80
C THR RD 176 -124.35 142.21 -21.48
N GLU RD 177 -123.04 142.45 -21.41
CA GLU RD 177 -122.27 142.12 -20.18
C GLU RD 177 -122.81 142.96 -19.00
N VAL RD 178 -123.11 144.24 -19.24
CA VAL RD 178 -123.66 145.11 -18.16
C VAL RD 178 -124.98 144.49 -17.67
N LEU RD 179 -125.90 144.23 -18.60
CA LEU RD 179 -127.20 143.72 -18.20
C LEU RD 179 -127.07 142.36 -17.52
N ASN RD 180 -126.10 141.55 -17.94
CA ASN RD 180 -125.88 140.26 -17.28
C ASN RD 180 -125.47 140.45 -15.83
N GLY RD 181 -124.54 141.36 -15.57
CA GLY RD 181 -124.08 141.60 -14.20
C GLY RD 181 -125.18 142.09 -13.28
N LEU RD 182 -126.29 142.59 -13.84
CA LEU RD 182 -127.38 143.09 -13.02
C LEU RD 182 -128.43 142.01 -12.76
N LEU RD 183 -128.74 141.22 -13.79
CA LEU RD 183 -129.84 140.25 -13.65
C LEU RD 183 -129.35 138.86 -13.19
N ASP RD 184 -128.13 138.46 -13.58
CA ASP RD 184 -127.71 137.08 -13.23
C ASP RD 184 -127.65 136.96 -11.71
N GLY RD 185 -127.13 137.98 -11.01
CA GLY RD 185 -127.13 137.97 -9.53
C GLY RD 185 -128.54 138.00 -8.98
N GLN RD 186 -129.42 138.80 -9.57
CA GLN RD 186 -130.80 138.97 -9.03
C GLN RD 186 -131.62 137.68 -9.20
N ASN RD 187 -132.47 137.35 -8.22
CA ASN RD 187 -133.38 136.19 -8.39
C ASN RD 187 -134.33 136.55 -9.53
N LEU RD 188 -134.68 135.60 -10.40
CA LEU RD 188 -135.52 135.97 -11.57
C LEU RD 188 -136.75 135.05 -11.67
N LYS RD 189 -137.29 134.57 -10.53
CA LYS RD 189 -138.51 133.76 -10.66
C LYS RD 189 -139.44 134.03 -9.48
N ARG RD 190 -140.09 135.19 -9.53
CA ARG RD 190 -141.08 135.54 -8.53
C ARG RD 190 -142.27 134.59 -8.62
N SER RD 191 -142.43 133.73 -7.61
CA SER RD 191 -143.50 132.76 -7.61
C SER RD 191 -144.81 133.44 -7.22
N LYS RD 192 -145.82 133.34 -8.09
CA LYS RD 192 -147.12 133.96 -7.85
C LYS RD 192 -148.09 132.86 -7.46
N MET RD 193 -148.46 132.82 -6.18
CA MET RD 193 -149.40 131.84 -5.65
C MET RD 193 -150.59 132.59 -5.04
N GLY RD 194 -151.77 132.40 -5.61
CA GLY RD 194 -152.98 133.04 -5.05
C GLY RD 194 -153.33 134.31 -5.79
N GLY RD 195 -154.30 134.25 -6.71
CA GLY RD 195 -154.74 135.44 -7.42
C GLY RD 195 -156.17 135.78 -7.04
N VAL RD 196 -157.09 135.59 -7.96
CA VAL RD 196 -158.51 135.77 -7.72
C VAL RD 196 -159.33 134.47 -7.62
N ARG RD 197 -158.82 133.43 -8.29
CA ARG RD 197 -159.44 132.12 -8.21
C ARG RD 197 -159.29 131.70 -6.74
N THR RD 198 -158.10 131.87 -6.18
CA THR RD 198 -157.89 131.50 -4.79
C THR RD 198 -158.72 132.37 -3.86
N ALA RD 199 -158.81 133.67 -4.15
CA ALA RD 199 -159.65 134.55 -3.34
C ALA RD 199 -161.11 134.13 -3.39
N ALA RD 200 -161.61 133.79 -4.58
CA ALA RD 200 -162.99 133.35 -4.70
C ALA RD 200 -163.22 132.05 -3.94
N GLU RD 201 -162.27 131.11 -4.03
CA GLU RD 201 -162.39 129.86 -3.29
C GLU RD 201 -162.40 130.10 -1.79
N ILE RD 202 -161.55 131.01 -1.32
CA ILE RD 202 -161.53 131.34 0.11
C ILE RD 202 -162.86 131.95 0.53
N ILE RD 203 -163.38 132.87 -0.29
CA ILE RD 203 -164.64 133.54 0.05
C ILE RD 203 -165.78 132.55 0.11
N ASN RD 204 -165.82 131.62 -0.85
CA ASN RD 204 -166.96 130.70 -0.97
C ASN RD 204 -167.14 129.81 0.25
N LEU RD 205 -166.12 129.64 1.08
CA LEU RD 205 -166.18 128.72 2.21
C LEU RD 205 -166.43 129.37 3.56
N MET RD 206 -166.70 130.67 3.61
CA MET RD 206 -166.95 131.34 4.88
C MET RD 206 -168.41 131.74 5.00
N LYS RD 207 -168.74 132.35 6.13
CA LYS RD 207 -170.12 132.70 6.43
C LYS RD 207 -170.68 133.72 5.45
N THR RD 208 -172.00 133.69 5.28
CA THR RD 208 -172.66 134.56 4.30
C THR RD 208 -172.50 136.03 4.65
N GLN RD 209 -172.61 136.39 5.93
CA GLN RD 209 -172.46 137.77 6.33
C GLN RD 209 -171.04 138.28 6.04
N GLN RD 210 -170.03 137.49 6.39
CA GLN RD 210 -168.67 137.87 6.04
C GLN RD 210 -168.47 137.87 4.54
N GLU RD 211 -169.14 136.97 3.81
CA GLU RD 211 -169.04 136.96 2.36
C GLU RD 211 -169.52 138.28 1.77
N GLU RD 212 -170.72 138.72 2.17
CA GLU RD 212 -171.24 139.97 1.63
C GLU RD 212 -170.40 141.16 2.09
N ALA RD 213 -169.90 141.13 3.34
CA ALA RD 213 -169.04 142.22 3.80
C ALA RD 213 -167.78 142.32 2.94
N VAL RD 214 -167.12 141.20 2.68
CA VAL RD 214 -165.87 141.27 1.92
C VAL RD 214 -166.14 141.64 0.47
N ILE RD 215 -167.22 141.14 -0.13
CA ILE RD 215 -167.46 141.48 -1.54
C ILE RD 215 -167.82 142.95 -1.68
N THR RD 216 -168.60 143.49 -0.73
CA THR RD 216 -168.90 144.91 -0.82
C THR RD 216 -167.68 145.77 -0.52
N ALA RD 217 -166.78 145.31 0.34
CA ALA RD 217 -165.53 146.03 0.57
C ALA RD 217 -164.70 146.06 -0.71
N VAL RD 218 -164.59 144.92 -1.39
CA VAL RD 218 -163.84 144.86 -2.64
C VAL RD 218 -164.48 145.77 -3.68
N ARG RD 219 -165.80 145.75 -3.78
CA ARG RD 219 -166.50 146.60 -4.73
C ARG RD 219 -166.25 148.06 -4.43
N GLU RD 220 -166.22 148.43 -3.16
CA GLU RD 220 -165.84 149.80 -2.79
C GLU RD 220 -164.42 150.11 -3.25
N PHE RD 221 -163.50 149.17 -3.06
CA PHE RD 221 -162.14 149.38 -3.53
C PHE RD 221 -162.04 149.46 -5.06
N ASP RD 222 -162.71 148.54 -5.76
CA ASP RD 222 -162.69 148.49 -7.21
C ASP RD 222 -163.83 147.57 -7.63
N GLY RD 223 -164.75 148.11 -8.44
CA GLY RD 223 -165.88 147.29 -8.88
C GLY RD 223 -165.52 146.17 -9.83
N GLU RD 224 -164.54 146.40 -10.70
CA GLU RD 224 -164.14 145.37 -11.66
C GLU RD 224 -163.59 144.14 -10.95
N LEU RD 225 -162.77 144.35 -9.93
CA LEU RD 225 -162.24 143.21 -9.16
C LEU RD 225 -163.36 142.45 -8.47
N ALA RD 226 -164.34 143.16 -7.92
CA ALA RD 226 -165.47 142.50 -7.28
C ALA RD 226 -166.27 141.65 -8.26
N GLN RD 227 -166.52 142.19 -9.47
CA GLN RD 227 -167.25 141.43 -10.47
C GLN RD 227 -166.46 140.21 -10.93
N LYS RD 228 -165.15 140.34 -11.08
CA LYS RD 228 -164.33 139.20 -11.49
C LYS RD 228 -164.35 138.16 -10.39
N ILE RD 229 -164.30 138.58 -9.13
CA ILE RD 229 -164.39 137.65 -8.01
C ILE RD 229 -165.72 136.92 -8.02
N ILE RD 230 -166.81 137.66 -8.26
CA ILE RD 230 -168.13 137.06 -8.32
C ILE RD 230 -168.27 136.05 -9.44
N ASP RD 231 -167.68 136.35 -10.60
CA ASP RD 231 -167.76 135.43 -11.73
C ASP RD 231 -166.93 134.17 -11.44
N GLU RD 232 -165.77 134.34 -10.82
CA GLU RD 232 -164.93 133.19 -10.49
C GLU RD 232 -165.60 132.45 -9.34
N MET RD 233 -166.49 133.13 -8.60
CA MET RD 233 -167.15 132.47 -7.48
C MET RD 233 -167.96 131.26 -7.92
N PHE RD 234 -168.79 131.44 -8.96
CA PHE RD 234 -169.63 130.38 -9.49
C PHE RD 234 -169.34 130.22 -10.99
N LEU RD 235 -168.56 129.21 -11.33
CA LEU RD 235 -168.23 128.93 -12.72
C LEU RD 235 -169.37 128.19 -13.40
N PHE RD 236 -169.26 128.04 -14.72
CA PHE RD 236 -170.28 127.33 -15.48
C PHE RD 236 -170.05 125.83 -15.42
N GLU RD 237 -169.87 125.31 -14.20
CA GLU RD 237 -169.74 123.87 -13.98
C GLU RD 237 -170.51 123.36 -12.77
N ASN RD 238 -170.97 124.24 -11.88
CA ASN RD 238 -171.75 123.84 -10.71
C ASN RD 238 -173.25 123.86 -10.97
N LEU RD 239 -173.67 124.17 -12.20
CA LEU RD 239 -175.08 124.17 -12.52
C LEU RD 239 -175.71 122.79 -12.36
N VAL RD 240 -174.91 121.73 -12.43
CA VAL RD 240 -175.43 120.39 -12.17
C VAL RD 240 -175.91 120.24 -10.74
N ASP RD 241 -175.36 121.02 -9.81
CA ASP RD 241 -175.76 120.95 -8.40
C ASP RD 241 -176.95 121.85 -8.08
N VAL RD 242 -177.47 122.57 -9.06
CA VAL RD 242 -178.62 123.45 -8.84
C VAL RD 242 -179.88 122.60 -8.75
N ASP RD 243 -180.82 123.02 -7.91
CA ASP RD 243 -182.06 122.28 -7.73
C ASP RD 243 -182.92 122.36 -8.98
N ASP RD 244 -183.77 121.34 -9.14
CA ASP RD 244 -184.67 121.31 -10.30
C ASP RD 244 -185.64 122.47 -10.29
N ARG RD 245 -186.16 122.81 -9.11
CA ARG RD 245 -187.07 123.95 -9.01
C ARG RD 245 -186.38 125.25 -9.38
N SER RD 246 -185.13 125.42 -8.94
CA SER RD 246 -184.38 126.61 -9.31
C SER RD 246 -184.13 126.66 -10.82
N ILE RD 247 -183.83 125.52 -11.43
CA ILE RD 247 -183.63 125.46 -12.87
C ILE RD 247 -184.90 125.83 -13.60
N GLN RD 248 -186.05 125.31 -13.16
CA GLN RD 248 -187.32 125.65 -13.80
C GLN RD 248 -187.64 127.13 -13.64
N ARG RD 249 -187.37 127.69 -12.46
CA ARG RD 249 -187.62 129.12 -12.25
C ARG RD 249 -186.73 129.97 -13.14
N LEU RD 250 -185.47 129.59 -13.28
CA LEU RD 250 -184.54 130.36 -14.12
C LEU RD 250 -184.83 130.18 -15.60
N LEU RD 251 -185.47 129.07 -15.98
CA LEU RD 251 -185.79 128.84 -17.39
C LEU RD 251 -186.77 129.88 -17.91
N GLN RD 252 -187.59 130.47 -17.04
CA GLN RD 252 -188.55 131.47 -17.45
C GLN RD 252 -187.90 132.78 -17.90
N GLU RD 253 -186.64 133.01 -17.54
CA GLU RD 253 -185.94 134.23 -17.92
C GLU RD 253 -184.76 133.99 -18.84
N VAL RD 254 -184.58 132.77 -19.35
CA VAL RD 254 -183.45 132.44 -20.21
C VAL RD 254 -183.95 132.35 -21.65
N ASP RD 255 -183.30 133.09 -22.55
CA ASP RD 255 -183.66 133.03 -23.94
C ASP RD 255 -183.30 131.67 -24.53
N SER RD 256 -184.17 131.16 -25.41
CA SER RD 256 -183.93 129.84 -26.00
C SER RD 256 -182.66 129.81 -26.82
N GLU RD 257 -182.43 130.84 -27.64
CA GLU RD 257 -181.23 130.87 -28.46
C GLU RD 257 -179.97 130.98 -27.60
N SER RD 258 -179.98 131.86 -26.60
CA SER RD 258 -178.82 132.01 -25.73
C SER RD 258 -178.57 130.73 -24.93
N LEU RD 259 -179.64 130.11 -24.43
CA LEU RD 259 -179.48 128.85 -23.68
C LEU RD 259 -178.92 127.76 -24.57
N LEU RD 260 -179.40 127.66 -25.81
CA LEU RD 260 -178.88 126.65 -26.74
C LEU RD 260 -177.42 126.91 -27.07
N ILE RD 261 -177.06 128.18 -27.27
CA ILE RD 261 -175.67 128.51 -27.56
C ILE RD 261 -174.78 128.15 -26.38
N ALA RD 262 -175.22 128.45 -25.16
CA ALA RD 262 -174.44 128.11 -23.97
C ALA RD 262 -174.31 126.61 -23.80
N LEU RD 263 -175.39 125.87 -24.04
CA LEU RD 263 -175.39 124.42 -23.82
C LEU RD 263 -174.83 123.64 -25.01
N LYS RD 264 -174.47 124.31 -26.10
CA LYS RD 264 -173.88 123.62 -27.24
C LYS RD 264 -172.55 122.97 -26.85
N GLY RD 265 -171.71 123.68 -26.10
CA GLY RD 265 -170.46 123.16 -25.61
C GLY RD 265 -170.48 122.64 -24.19
N ALA RD 266 -171.65 122.59 -23.56
CA ALA RD 266 -171.76 122.13 -22.18
C ALA RD 266 -171.68 120.60 -22.12
N GLU RD 267 -171.50 120.08 -20.90
CA GLU RD 267 -171.44 118.64 -20.71
C GLU RD 267 -172.81 118.01 -20.98
N PRO RD 268 -172.85 116.78 -21.49
CA PRO RD 268 -174.13 116.13 -21.76
C PRO RD 268 -174.94 116.00 -20.48
N PRO RD 269 -174.30 115.72 -19.35
CA PRO RD 269 -175.05 115.65 -18.09
C PRO RD 269 -175.73 116.97 -17.73
N LEU RD 270 -175.06 118.09 -17.98
CA LEU RD 270 -175.67 119.39 -17.70
C LEU RD 270 -176.86 119.63 -18.61
N ARG RD 271 -176.75 119.28 -19.89
CA ARG RD 271 -177.87 119.43 -20.81
C ARG RD 271 -179.04 118.55 -20.40
N GLU RD 272 -178.77 117.32 -19.98
CA GLU RD 272 -179.84 116.43 -19.54
C GLU RD 272 -180.50 116.96 -18.28
N LYS RD 273 -179.71 117.48 -17.33
CA LYS RD 273 -180.29 118.04 -16.11
C LYS RD 273 -181.14 119.27 -16.41
N PHE RD 274 -180.68 120.12 -17.32
CA PHE RD 274 -181.39 121.34 -17.67
C PHE RD 274 -182.57 121.10 -18.60
N LEU RD 275 -182.66 119.91 -19.22
CA LEU RD 275 -183.77 119.58 -20.10
C LEU RD 275 -184.93 118.93 -19.37
N ARG RD 276 -184.80 118.68 -18.07
CA ARG RD 276 -185.86 118.07 -17.28
C ARG RD 276 -186.78 119.09 -16.62
N ASN RD 277 -186.53 120.39 -16.82
CA ASN RD 277 -187.34 121.43 -16.23
C ASN RD 277 -188.39 122.00 -17.18
N MET RD 278 -188.21 121.83 -18.49
CA MET RD 278 -189.16 122.35 -19.47
C MET RD 278 -190.11 121.24 -19.91
N SER RD 279 -190.98 121.54 -20.87
CA SER RD 279 -191.91 120.55 -21.37
C SER RD 279 -191.20 119.54 -22.27
N GLN RD 280 -191.88 118.42 -22.52
CA GLN RD 280 -191.32 117.39 -23.40
C GLN RD 280 -191.13 117.92 -24.81
N ARG RD 281 -192.11 118.67 -25.33
CA ARG RD 281 -191.96 119.27 -26.64
C ARG RD 281 -190.83 120.29 -26.65
N ALA RD 282 -190.73 121.10 -25.59
CA ALA RD 282 -189.63 122.06 -25.50
C ALA RD 282 -188.28 121.36 -25.42
N ALA RD 283 -188.20 120.27 -24.66
CA ALA RD 283 -186.95 119.52 -24.58
C ALA RD 283 -186.58 118.93 -25.94
N ASP RD 284 -187.56 118.37 -26.66
CA ASP RD 284 -187.28 117.83 -27.98
C ASP RD 284 -186.84 118.91 -28.95
N ILE RD 285 -187.47 120.09 -28.89
CA ILE RD 285 -187.07 121.20 -29.75
C ILE RD 285 -185.67 121.66 -29.44
N LEU RD 286 -185.32 121.75 -28.14
CA LEU RD 286 -183.96 122.13 -27.77
C LEU RD 286 -182.94 121.11 -28.24
N ARG RD 287 -183.27 119.82 -28.09
CA ARG RD 287 -182.35 118.77 -28.56
C ARG RD 287 -182.16 118.84 -30.07
N ASP RD 288 -183.24 119.06 -30.81
CA ASP RD 288 -183.15 119.17 -32.27
C ASP RD 288 -182.33 120.39 -32.67
N ASP RD 289 -182.53 121.52 -31.98
CA ASP RD 289 -181.75 122.71 -32.28
C ASP RD 289 -180.27 122.50 -31.99
N LEU RD 290 -179.96 121.84 -30.87
CA LEU RD 290 -178.56 121.56 -30.53
C LEU RD 290 -177.92 120.63 -31.55
N ALA RD 291 -178.66 119.61 -31.99
CA ALA RD 291 -178.14 118.69 -33.00
C ALA RD 291 -177.91 119.41 -34.33
N ASN RD 292 -178.84 120.28 -34.72
CA ASN RD 292 -178.72 120.99 -35.98
C ASN RD 292 -177.76 122.16 -35.92
N ARG RD 293 -177.42 122.64 -34.72
CA ARG RD 293 -176.50 123.77 -34.61
C ARG RD 293 -175.08 123.34 -34.94
N GLY RD 294 -174.43 124.09 -35.83
CA GLY RD 294 -173.06 123.82 -36.19
C GLY RD 294 -172.08 124.38 -35.19
N PRO RD 295 -170.81 124.06 -35.38
CA PRO RD 295 -169.77 124.59 -34.49
C PRO RD 295 -169.71 126.11 -34.56
N VAL RD 296 -169.46 126.73 -33.42
CA VAL RD 296 -169.38 128.18 -33.32
C VAL RD 296 -168.18 128.55 -32.47
N ARG RD 297 -167.70 129.79 -32.63
CA ARG RD 297 -166.59 130.29 -31.84
C ARG RD 297 -166.99 130.38 -30.37
N LEU RD 298 -166.04 130.07 -29.49
CA LEU RD 298 -166.31 130.07 -28.06
C LEU RD 298 -166.54 131.46 -27.50
N SER RD 299 -166.22 132.52 -28.26
CA SER RD 299 -166.40 133.87 -27.74
C SER RD 299 -167.86 134.19 -27.47
N GLN RD 300 -168.76 133.82 -28.37
CA GLN RD 300 -170.19 134.06 -28.17
C GLN RD 300 -170.82 133.09 -27.20
N VAL RD 301 -170.38 131.83 -27.20
CA VAL RD 301 -170.90 130.86 -26.24
C VAL RD 301 -170.54 131.26 -24.82
N GLU RD 302 -169.32 131.76 -24.64
CA GLU RD 302 -168.91 132.24 -23.32
C GLU RD 302 -169.75 133.41 -22.86
N ASN RD 303 -170.06 134.34 -23.77
CA ASN RD 303 -170.90 135.47 -23.41
C ASN RD 303 -172.31 135.02 -23.05
N GLU RD 304 -172.86 134.07 -23.80
CA GLU RD 304 -174.19 133.55 -23.50
C GLU RD 304 -174.21 132.85 -22.14
N GLN RD 305 -173.17 132.04 -21.87
CA GLN RD 305 -173.09 131.38 -20.57
C GLN RD 305 -172.94 132.39 -19.44
N LYS RD 306 -172.17 133.45 -19.67
CA LYS RD 306 -172.02 134.49 -18.66
C LYS RD 306 -173.35 135.19 -18.39
N ALA RD 307 -174.12 135.47 -19.44
CA ALA RD 307 -175.43 136.08 -19.25
C ALA RD 307 -176.36 135.16 -18.48
N ILE RD 308 -176.35 133.87 -18.81
CA ILE RD 308 -177.19 132.91 -18.10
C ILE RD 308 -176.79 132.82 -16.63
N LEU RD 309 -175.48 132.77 -16.37
CA LEU RD 309 -174.99 132.73 -14.99
C LEU RD 309 -175.35 133.99 -14.23
N LEU RD 310 -175.26 135.15 -14.88
CA LEU RD 310 -175.66 136.41 -14.23
C LEU RD 310 -177.13 136.40 -13.88
N ILE RD 311 -177.97 135.91 -14.79
CA ILE RD 311 -179.41 135.82 -14.51
C ILE RD 311 -179.66 134.88 -13.34
N VAL RD 312 -178.99 133.73 -13.32
CA VAL RD 312 -179.17 132.75 -12.24
C VAL RD 312 -178.72 133.35 -10.92
N ARG RD 313 -177.58 134.05 -10.92
CA ARG RD 313 -177.08 134.67 -9.70
C ARG RD 313 -178.02 135.76 -9.20
N ARG RD 314 -178.59 136.54 -10.12
CA ARG RD 314 -179.56 137.56 -9.72
C ARG RD 314 -180.79 136.91 -9.10
N LEU RD 315 -181.27 135.82 -9.69
CA LEU RD 315 -182.43 135.12 -9.15
C LEU RD 315 -182.13 134.57 -7.76
N ALA RD 316 -180.94 134.00 -7.58
CA ALA RD 316 -180.55 133.47 -6.28
C ALA RD 316 -180.43 134.57 -5.24
N GLU RD 317 -179.83 135.71 -5.62
CA GLU RD 317 -179.68 136.83 -4.71
C GLU RD 317 -181.04 137.39 -4.31
N THR RD 318 -181.97 137.44 -5.25
CA THR RD 318 -183.33 137.86 -4.94
C THR RD 318 -183.98 136.93 -3.92
N GLY RD 319 -183.75 135.63 -4.07
CA GLY RD 319 -184.28 134.65 -3.14
C GLY RD 319 -185.25 133.69 -3.78
N GLU RD 320 -185.18 133.55 -5.10
CA GLU RD 320 -186.08 132.69 -5.86
C GLU RD 320 -185.36 131.50 -6.48
N MET RD 321 -184.24 131.07 -5.90
CA MET RD 321 -183.49 129.94 -6.42
C MET RD 321 -182.74 129.30 -5.25
N VAL RD 322 -182.37 128.04 -5.42
CA VAL RD 322 -181.65 127.29 -4.39
C VAL RD 322 -180.68 126.32 -5.07
N ILE RD 323 -179.86 125.65 -4.27
CA ILE RD 323 -178.90 124.68 -4.78
C ILE RD 323 -179.01 123.39 -3.99
N GLY RD 324 -178.38 122.33 -4.48
CA GLY RD 324 -178.41 121.04 -3.81
C GLY RD 324 -177.60 119.97 -4.50
N SER SD 33 -106.74 209.57 -5.06
CA SER SD 33 -106.25 208.41 -4.34
C SER SD 33 -107.34 207.36 -4.18
N ASP SD 34 -107.12 206.19 -4.78
CA ASP SD 34 -108.08 205.09 -4.68
C ASP SD 34 -107.80 204.33 -3.39
N ILE SD 35 -108.79 204.29 -2.51
CA ILE SD 35 -108.67 203.62 -1.23
C ILE SD 35 -110.03 203.03 -0.87
N ARG SD 36 -110.13 201.70 -0.91
CA ARG SD 36 -111.38 201.02 -0.60
C ARG SD 36 -111.12 199.98 0.48
N PRO SD 37 -112.13 199.63 1.32
CA PRO SD 37 -111.93 198.67 2.44
C PRO SD 37 -111.57 197.30 1.90
N TYR SD 38 -110.75 196.57 2.67
CA TYR SD 38 -110.35 195.23 2.29
C TYR SD 38 -111.48 194.25 2.54
N ASP SD 39 -111.94 193.59 1.49
CA ASP SD 39 -112.96 192.56 1.60
C ASP SD 39 -112.35 191.22 1.25
N PRO SD 40 -112.31 190.27 2.18
CA PRO SD 40 -111.79 188.94 1.85
C PRO SD 40 -112.67 188.25 0.81
N ASN SD 41 -112.20 187.08 0.37
CA ASN SD 41 -112.84 186.20 -0.61
C ASN SD 41 -113.22 186.93 -1.89
N THR SD 42 -112.63 188.08 -2.19
CA THR SD 42 -112.86 188.75 -3.46
C THR SD 42 -111.80 188.37 -4.47
N GLN SD 43 -112.21 188.25 -5.73
CA GLN SD 43 -111.31 187.84 -6.81
C GLN SD 43 -110.38 189.01 -7.12
N ARG SD 44 -109.31 189.12 -6.35
CA ARG SD 44 -108.32 190.19 -6.53
C ARG SD 44 -107.00 189.70 -7.12
N ARG SD 45 -106.77 188.39 -7.13
CA ARG SD 45 -105.53 187.84 -7.68
C ARG SD 45 -105.73 187.58 -9.17
N VAL SD 46 -105.07 188.38 -10.01
CA VAL SD 46 -105.15 188.24 -11.45
C VAL SD 46 -103.76 187.87 -11.95
N VAL SD 47 -103.66 186.71 -12.60
CA VAL SD 47 -102.38 186.22 -13.13
C VAL SD 47 -102.66 185.85 -14.59
N ARG SD 48 -102.38 186.78 -15.51
CA ARG SD 48 -102.59 186.57 -16.93
C ARG SD 48 -101.24 186.27 -17.56
N GLU SD 49 -101.15 185.12 -18.25
CA GLU SD 49 -99.90 184.71 -18.86
C GLU SD 49 -100.24 183.88 -20.10
N ARG SD 50 -99.75 184.32 -21.25
CA ARG SD 50 -99.95 183.58 -22.48
C ARG SD 50 -99.17 182.26 -22.42
N LEU SD 51 -99.81 181.17 -22.85
CA LEU SD 51 -99.22 179.84 -22.79
C LEU SD 51 -99.20 179.27 -24.21
N GLN SD 52 -98.14 179.59 -24.96
CA GLN SD 52 -98.06 179.17 -26.35
C GLN SD 52 -97.91 177.65 -26.46
N ALA SD 53 -97.08 177.06 -25.59
CA ALA SD 53 -96.82 175.60 -25.61
C ALA SD 53 -98.13 174.86 -25.38
N LEU SD 54 -99.00 175.30 -24.47
CA LEU SD 54 -100.34 174.74 -24.29
C LEU SD 54 -101.21 175.05 -25.51
N GLU SD 55 -101.02 176.22 -26.11
CA GLU SD 55 -101.81 176.59 -27.27
C GLU SD 55 -101.56 175.66 -28.45
N ILE SD 56 -100.38 175.04 -28.52
CA ILE SD 56 -100.13 174.12 -29.63
C ILE SD 56 -100.45 172.69 -29.20
N ILE SD 57 -100.27 172.39 -27.91
CA ILE SD 57 -100.64 171.07 -27.40
C ILE SD 57 -102.13 170.85 -27.55
N ASN SD 58 -102.92 171.90 -27.37
CA ASN SD 58 -104.37 171.78 -27.54
C ASN SD 58 -104.76 171.35 -28.95
N GLU SD 59 -104.17 171.97 -29.97
CA GLU SD 59 -104.47 171.58 -31.35
C GLU SD 59 -103.97 170.18 -31.67
N ARG SD 60 -102.79 169.83 -31.16
CA ARG SD 60 -102.27 168.48 -31.42
C ARG SD 60 -103.23 167.45 -30.81
N PHE SD 61 -103.66 167.69 -29.57
CA PHE SD 61 -104.61 166.80 -28.92
C PHE SD 61 -105.94 166.79 -29.65
N ALA SD 62 -106.37 167.95 -30.15
CA ALA SD 62 -107.64 168.01 -30.86
C ALA SD 62 -107.59 167.19 -32.14
N ARG SD 63 -106.49 167.25 -32.87
CA ARG SD 63 -106.34 166.43 -34.06
C ARG SD 63 -106.37 164.94 -33.71
N GLN SD 64 -105.61 164.57 -32.67
CA GLN SD 64 -105.59 163.16 -32.26
C GLN SD 64 -106.97 162.69 -31.83
N PHE SD 65 -107.69 163.52 -31.08
CA PHE SD 65 -109.02 163.16 -30.60
C PHE SD 65 -110.02 163.09 -31.73
N ARG SD 66 -109.91 163.96 -32.73
CA ARG SD 66 -110.77 163.85 -33.89
C ARG SD 66 -110.72 162.55 -34.67
N MET SD 67 -109.50 162.06 -34.95
CA MET SD 67 -109.38 160.76 -35.59
C MET SD 67 -109.78 159.56 -34.70
N GLY SD 68 -109.57 159.73 -33.40
CA GLY SD 68 -109.99 158.71 -32.45
C GLY SD 68 -111.50 158.65 -32.50
N LEU SD 69 -112.14 159.82 -32.50
CA LEU SD 69 -113.60 159.86 -32.58
C LEU SD 69 -114.10 159.34 -33.92
N PHE SD 70 -113.37 159.63 -35.00
CA PHE SD 70 -113.72 159.05 -36.29
C PHE SD 70 -113.59 157.54 -36.24
N ASN SD 71 -112.51 157.04 -35.62
CA ASN SD 71 -112.33 155.60 -35.52
C ASN SD 71 -113.43 154.95 -34.70
N LEU SD 72 -113.93 155.63 -33.67
CA LEU SD 72 -114.92 155.02 -32.78
C LEU SD 72 -116.34 155.16 -33.32
N LEU SD 73 -116.79 156.40 -33.49
CA LEU SD 73 -118.18 156.67 -33.84
C LEU SD 73 -118.51 156.36 -35.30
N ARG SD 74 -117.50 156.09 -36.12
CA ARG SD 74 -117.70 155.90 -37.56
C ARG SD 74 -118.38 157.11 -38.19
N ARG SD 75 -118.04 158.31 -37.71
CA ARG SD 75 -118.56 159.56 -38.24
C ARG SD 75 -117.40 160.55 -38.34
N SER SD 76 -117.70 161.76 -38.81
CA SER SD 76 -116.69 162.78 -39.02
C SER SD 76 -116.89 163.95 -38.09
N PRO SD 77 -116.27 163.97 -36.92
CA PRO SD 77 -116.34 165.14 -36.04
C PRO SD 77 -115.36 166.25 -36.36
N ASP SD 78 -115.73 167.47 -35.99
CA ASP SD 78 -114.81 168.60 -36.08
C ASP SD 78 -114.71 169.21 -34.69
N ILE SD 79 -113.48 169.40 -34.23
CA ILE SD 79 -113.19 169.91 -32.89
C ILE SD 79 -112.55 171.27 -33.04
N THR SD 80 -113.18 172.29 -32.46
CA THR SD 80 -112.66 173.65 -32.44
C THR SD 80 -112.12 173.92 -31.04
N VAL SD 81 -110.85 174.32 -30.96
CA VAL SD 81 -110.23 174.60 -29.68
C VAL SD 81 -110.58 176.02 -29.26
N GLY SD 82 -111.17 176.15 -28.08
CA GLY SD 82 -111.49 177.46 -27.56
C GLY SD 82 -110.30 178.14 -26.93
N ALA SD 83 -110.50 179.39 -26.53
CA ALA SD 83 -109.45 180.14 -25.86
C ALA SD 83 -109.17 179.57 -24.48
N ILE SD 84 -107.90 179.42 -24.15
CA ILE SD 84 -107.51 178.94 -22.83
C ILE SD 84 -107.90 179.98 -21.79
N ARG SD 85 -108.60 179.54 -20.75
CA ARG SD 85 -109.06 180.43 -19.70
C ARG SD 85 -108.30 180.17 -18.40
N ILE SD 86 -107.68 181.22 -17.87
CA ILE SD 86 -106.98 181.14 -16.59
C ILE SD 86 -107.85 181.78 -15.53
N GLN SD 87 -108.51 180.96 -14.72
CA GLN SD 87 -109.59 181.43 -13.87
C GLN SD 87 -109.57 180.73 -12.53
N PRO SD 88 -110.13 181.35 -11.49
CA PRO SD 88 -110.25 180.65 -10.20
C PRO SD 88 -111.14 179.42 -10.33
N TYR SD 89 -110.85 178.42 -9.49
CA TYR SD 89 -111.53 177.14 -9.61
C TYR SD 89 -113.04 177.19 -9.46
N HIS SD 90 -113.55 178.06 -8.58
CA HIS SD 90 -115.01 178.18 -8.34
C HIS SD 90 -115.74 178.82 -9.53
N GLU SD 91 -115.04 179.55 -10.39
CA GLU SD 91 -115.62 180.09 -11.63
C GLU SD 91 -115.80 178.89 -12.56
N PHE SD 92 -114.77 178.06 -12.68
CA PHE SD 92 -114.87 176.86 -13.51
C PHE SD 92 -115.96 175.93 -13.00
N ALA SD 93 -116.05 175.77 -11.68
CA ALA SD 93 -117.07 174.89 -11.12
C ALA SD 93 -118.47 175.42 -11.37
N ARG SD 94 -118.68 176.73 -11.20
CA ARG SD 94 -120.01 177.28 -11.36
C ARG SD 94 -120.45 177.33 -12.81
N ASN SD 95 -119.50 177.48 -13.74
CA ASN SD 95 -119.88 177.50 -15.16
C ASN SD 95 -120.29 176.11 -15.64
N LEU SD 96 -119.84 175.06 -14.95
CA LEU SD 96 -120.18 173.71 -15.36
C LEU SD 96 -121.66 173.42 -15.12
N PRO SD 97 -122.28 172.60 -15.95
CA PRO SD 97 -123.67 172.20 -15.72
C PRO SD 97 -123.73 171.01 -14.76
N VAL SD 98 -124.95 170.70 -14.34
CA VAL SD 98 -125.17 169.60 -13.41
C VAL SD 98 -126.30 168.72 -13.92
N PRO SD 99 -126.10 167.40 -14.03
CA PRO SD 99 -124.86 166.67 -13.79
C PRO SD 99 -123.94 166.71 -15.02
N THR SD 100 -122.65 166.46 -14.81
CA THR SD 100 -121.67 166.39 -15.90
C THR SD 100 -120.64 165.37 -15.48
N ASN SD 101 -120.23 164.47 -16.37
CA ASN SD 101 -119.12 163.52 -16.09
C ASN SD 101 -117.77 164.21 -15.91
N LEU SD 102 -117.15 164.09 -14.74
CA LEU SD 102 -115.81 164.65 -14.43
C LEU SD 102 -114.81 163.49 -14.35
N ASN SD 103 -113.63 163.53 -14.96
CA ASN SD 103 -112.69 162.38 -14.98
C ASN SD 103 -111.39 162.80 -14.29
N LEU SD 104 -111.20 162.50 -13.00
CA LEU SD 104 -109.96 162.87 -12.35
C LEU SD 104 -108.82 162.09 -12.99
N ILE SD 105 -107.78 162.80 -13.40
CA ILE SD 105 -106.66 162.17 -14.08
C ILE SD 105 -105.36 162.61 -13.41
N HIS SD 106 -104.38 161.71 -13.42
CA HIS SD 106 -103.07 161.96 -12.84
C HIS SD 106 -102.08 162.17 -13.96
N LEU SD 107 -101.48 163.35 -14.03
CA LEU SD 107 -100.46 163.65 -15.03
C LEU SD 107 -99.07 163.49 -14.43
N LYS SD 108 -98.74 162.26 -14.05
CA LYS SD 108 -97.45 161.99 -13.46
C LYS SD 108 -96.33 162.26 -14.45
N PRO SD 109 -95.15 162.70 -13.99
CA PRO SD 109 -94.74 162.86 -12.59
C PRO SD 109 -95.14 164.20 -11.98
N LEU SD 110 -95.99 164.98 -12.63
CA LEU SD 110 -96.42 166.25 -12.08
C LEU SD 110 -97.37 166.00 -10.92
N ARG SD 111 -97.04 166.54 -9.75
CA ARG SD 111 -97.87 166.33 -8.57
C ARG SD 111 -99.14 167.17 -8.67
N GLY SD 112 -100.28 166.51 -8.53
CA GLY SD 112 -101.57 167.16 -8.64
C GLY SD 112 -102.57 166.23 -9.29
N THR SD 113 -103.73 166.77 -9.63
CA THR SD 113 -104.81 165.99 -10.22
C THR SD 113 -105.59 166.88 -11.18
N GLY SD 114 -105.51 166.58 -12.47
CA GLY SD 114 -106.27 167.30 -13.45
C GLY SD 114 -107.66 166.73 -13.65
N LEU SD 115 -108.45 167.42 -14.46
CA LEU SD 115 -109.85 167.08 -14.66
C LEU SD 115 -110.19 167.12 -16.13
N VAL SD 116 -110.90 166.11 -16.61
CA VAL SD 116 -111.44 166.07 -17.97
C VAL SD 116 -112.95 166.06 -17.87
N VAL SD 117 -113.59 167.09 -18.42
CA VAL SD 117 -115.02 167.29 -18.26
C VAL SD 117 -115.71 167.00 -19.58
N PHE SD 118 -116.52 165.93 -19.59
CA PHE SD 118 -117.38 165.59 -20.72
C PHE SD 118 -118.79 166.09 -20.50
N SER SD 119 -119.25 166.95 -21.40
CA SER SD 119 -120.60 167.50 -21.28
C SER SD 119 -121.68 166.44 -21.49
N PRO SD 120 -122.88 166.59 -20.89
CA PRO SD 120 -124.00 165.64 -21.14
C PRO SD 120 -124.30 165.57 -22.62
N SER SD 121 -124.14 166.71 -23.33
CA SER SD 121 -124.45 166.71 -24.75
C SER SD 121 -123.53 165.77 -25.51
N LEU SD 122 -122.24 165.81 -25.21
CA LEU SD 122 -121.29 164.98 -25.95
C LEU SD 122 -121.52 163.50 -25.69
N VAL SD 123 -121.73 163.12 -24.43
CA VAL SD 123 -121.96 161.71 -24.13
C VAL SD 123 -123.30 161.25 -24.71
N PHE SD 124 -124.29 162.14 -24.72
CA PHE SD 124 -125.56 161.80 -25.36
C PHE SD 124 -125.37 161.55 -26.84
N ILE SD 125 -124.60 162.41 -27.52
CA ILE SD 125 -124.34 162.24 -28.94
C ILE SD 125 -123.61 160.93 -29.20
N ALA SD 126 -122.60 160.63 -28.38
CA ALA SD 126 -121.82 159.41 -28.58
C ALA SD 126 -122.68 158.17 -28.37
N VAL SD 127 -123.48 158.14 -27.30
CA VAL SD 127 -124.33 156.99 -27.04
C VAL SD 127 -125.37 156.84 -28.15
N ASP SD 128 -125.93 157.96 -28.61
CA ASP SD 128 -126.91 157.91 -29.69
C ASP SD 128 -126.29 157.33 -30.96
N ASN SD 129 -125.08 157.79 -31.31
CA ASN SD 129 -124.43 157.29 -32.52
C ASN SD 129 -124.06 155.83 -32.40
N LEU SD 130 -123.56 155.41 -31.24
CA LEU SD 130 -123.17 154.01 -31.07
C LEU SD 130 -124.37 153.08 -31.14
N PHE SD 131 -125.47 153.45 -30.51
CA PHE SD 131 -126.62 152.56 -30.36
C PHE SD 131 -127.69 152.88 -31.42
N GLY SD 132 -127.30 152.71 -32.67
CA GLY SD 132 -128.24 152.77 -33.78
C GLY SD 132 -129.01 154.06 -33.90
N GLY SD 133 -128.32 155.19 -33.80
CA GLY SD 133 -128.98 156.47 -33.96
C GLY SD 133 -128.26 157.42 -34.89
N ASP SD 134 -128.99 157.94 -35.88
CA ASP SD 134 -128.39 158.89 -36.85
C ASP SD 134 -128.58 160.33 -36.33
N GLY SD 135 -128.73 160.50 -35.02
CA GLY SD 135 -128.88 161.83 -34.45
C GLY SD 135 -130.01 162.59 -35.11
N ARG SD 136 -131.07 161.90 -35.52
CA ARG SD 136 -132.24 162.57 -36.08
C ARG SD 136 -132.96 163.45 -35.05
N PHE SD 137 -133.29 162.84 -33.90
CA PHE SD 137 -133.95 163.60 -32.85
C PHE SD 137 -133.03 164.54 -32.07
N PRO SD 138 -133.55 165.66 -31.59
CA PRO SD 138 -132.72 166.59 -30.81
C PRO SD 138 -132.27 165.95 -29.51
N THR SD 139 -131.09 166.35 -29.05
CA THR SD 139 -130.60 165.88 -27.76
C THR SD 139 -131.39 166.53 -26.63
N LYS SD 140 -131.88 165.72 -25.71
CA LYS SD 140 -132.65 166.19 -24.57
C LYS SD 140 -131.93 165.79 -23.28
N VAL SD 141 -131.57 166.79 -22.48
CA VAL SD 141 -130.95 166.57 -21.19
C VAL SD 141 -131.76 167.30 -20.12
N GLU SD 142 -132.21 166.56 -19.11
CA GLU SD 142 -133.05 167.11 -18.05
C GLU SD 142 -132.54 166.67 -16.70
N GLY SD 143 -131.23 166.78 -16.47
CA GLY SD 143 -130.66 166.36 -15.22
C GLY SD 143 -130.54 164.86 -15.06
N ARG SD 144 -130.69 164.12 -16.15
CA ARG SD 144 -130.60 162.66 -16.09
C ARG SD 144 -129.17 162.23 -15.79
N GLU SD 145 -129.03 161.23 -14.92
CA GLU SD 145 -127.72 160.74 -14.54
C GLU SD 145 -127.19 159.77 -15.60
N PHE SD 146 -126.04 159.16 -15.31
CA PHE SD 146 -125.36 158.28 -16.24
C PHE SD 146 -125.43 156.84 -15.72
N THR SD 147 -125.91 155.93 -16.56
CA THR SD 147 -126.00 154.53 -16.19
C THR SD 147 -124.65 153.85 -16.37
N HIS SD 148 -124.61 152.55 -16.07
CA HIS SD 148 -123.36 151.81 -16.21
C HIS SD 148 -122.93 151.70 -17.66
N THR SD 149 -123.89 151.50 -18.57
CA THR SD 149 -123.56 151.45 -20.00
C THR SD 149 -123.03 152.80 -20.48
N GLU SD 150 -123.67 153.88 -20.06
CA GLU SD 150 -123.16 155.21 -20.40
C GLU SD 150 -121.78 155.43 -19.82
N GLN SD 151 -121.56 154.97 -18.59
CA GLN SD 151 -120.24 155.11 -17.97
C GLN SD 151 -119.19 154.33 -18.74
N ARG SD 152 -119.55 153.15 -19.24
CA ARG SD 152 -118.59 152.37 -20.02
C ARG SD 152 -118.29 153.04 -21.35
N VAL SD 153 -119.30 153.61 -22.00
CA VAL SD 153 -119.07 154.36 -23.23
C VAL SD 153 -118.15 155.54 -22.98
N ILE SD 154 -118.37 156.26 -21.87
CA ILE SD 154 -117.53 157.40 -21.53
C ILE SD 154 -116.11 156.94 -21.22
N ASN SD 155 -115.95 155.79 -20.58
CA ASN SD 155 -114.62 155.25 -20.34
C ASN SD 155 -113.93 154.94 -21.66
N ARG SD 156 -114.67 154.37 -22.62
CA ARG SD 156 -114.09 154.06 -23.92
C ARG SD 156 -113.66 155.33 -24.63
N MET SD 157 -114.48 156.38 -24.58
CA MET SD 157 -114.10 157.66 -25.17
C MET SD 157 -112.90 158.27 -24.46
N LEU SD 158 -112.90 158.20 -23.12
CA LEU SD 158 -111.84 158.83 -22.34
C LEU SD 158 -110.51 158.13 -22.53
N LYS SD 159 -110.53 156.83 -22.86
CA LYS SD 159 -109.28 156.16 -23.19
C LYS SD 159 -108.62 156.80 -24.39
N LEU SD 160 -109.40 157.04 -25.46
CA LEU SD 160 -108.87 157.72 -26.63
C LEU SD 160 -108.45 159.15 -26.30
N ALA SD 161 -109.25 159.85 -25.50
CA ALA SD 161 -108.91 161.22 -25.14
C ALA SD 161 -107.59 161.29 -24.38
N LEU SD 162 -107.39 160.39 -23.43
CA LEU SD 162 -106.16 160.38 -22.65
C LEU SD 162 -104.97 159.97 -23.50
N GLU SD 163 -105.15 158.99 -24.40
CA GLU SD 163 -104.07 158.64 -25.30
C GLU SD 163 -103.67 159.81 -26.17
N GLY SD 164 -104.65 160.52 -26.72
CA GLY SD 164 -104.33 161.69 -27.54
C GLY SD 164 -103.64 162.78 -26.75
N TYR SD 165 -104.11 163.05 -25.53
CA TYR SD 165 -103.48 164.06 -24.71
C TYR SD 165 -102.04 163.69 -24.35
N SER SD 166 -101.81 162.42 -23.99
CA SER SD 166 -100.46 161.99 -23.68
C SER SD 166 -99.55 162.11 -24.88
N ASP SD 167 -100.04 161.73 -26.06
CA ASP SD 167 -99.23 161.84 -27.28
C ASP SD 167 -98.92 163.30 -27.58
N ALA SD 168 -99.90 164.19 -27.40
CA ALA SD 168 -99.66 165.60 -27.65
C ALA SD 168 -98.63 166.16 -26.67
N TRP SD 169 -98.70 165.77 -25.40
CA TRP SD 169 -97.74 166.26 -24.42
C TRP SD 169 -96.38 165.63 -24.70
N LYS SD 170 -96.37 164.42 -25.27
CA LYS SD 170 -95.12 163.70 -25.49
C LYS SD 170 -94.11 164.53 -26.31
N ALA SD 171 -94.61 165.34 -27.25
CA ALA SD 171 -93.73 166.19 -28.03
C ALA SD 171 -92.89 167.19 -27.23
N ILE SD 172 -93.47 167.81 -26.21
CA ILE SD 172 -92.78 168.81 -25.41
C ILE SD 172 -92.20 168.16 -24.16
N ASN SD 173 -93.07 167.59 -23.33
CA ASN SD 173 -92.64 166.94 -22.10
C ASN SD 173 -93.33 165.60 -21.97
N PRO SD 174 -92.58 164.49 -21.96
CA PRO SD 174 -93.23 163.17 -21.91
C PRO SD 174 -93.92 162.93 -20.57
N LEU SD 175 -95.25 162.83 -20.61
CA LEU SD 175 -96.06 162.59 -19.44
C LEU SD 175 -96.91 161.34 -19.66
N GLU SD 176 -97.22 160.65 -18.57
CA GLU SD 176 -98.14 159.52 -18.59
C GLU SD 176 -99.44 159.91 -17.91
N VAL SD 177 -100.55 159.63 -18.58
CA VAL SD 177 -101.87 160.06 -18.14
C VAL SD 177 -102.60 158.84 -17.61
N GLU SD 178 -103.02 158.90 -16.35
CA GLU SD 178 -103.75 157.82 -15.71
C GLU SD 178 -105.12 158.30 -15.27
N TYR SD 179 -106.15 157.53 -15.63
CA TYR SD 179 -107.51 157.80 -15.20
C TYR SD 179 -107.75 157.07 -13.87
N VAL SD 180 -108.11 157.83 -12.84
CA VAL SD 180 -108.20 157.30 -11.49
C VAL SD 180 -109.64 157.17 -11.03
N ARG SD 181 -110.52 158.06 -11.44
CA ARG SD 181 -111.86 158.09 -10.88
C ARG SD 181 -112.76 158.94 -11.76
N SER SD 182 -114.04 158.61 -11.78
CA SER SD 182 -115.04 159.40 -12.48
C SER SD 182 -116.15 159.72 -11.50
N GLU SD 183 -116.72 160.91 -11.64
CA GLU SD 183 -117.75 161.42 -10.77
C GLU SD 183 -118.75 162.18 -11.60
N MET SD 184 -119.91 162.47 -11.02
CA MET SD 184 -120.99 163.18 -11.71
C MET SD 184 -121.32 164.54 -11.14
N GLN SD 185 -121.07 164.76 -9.85
CA GLN SD 185 -121.29 166.06 -9.22
C GLN SD 185 -120.00 166.84 -9.19
N VAL SD 186 -120.11 168.12 -8.81
CA VAL SD 186 -118.94 168.99 -8.75
C VAL SD 186 -118.25 168.95 -7.40
N LYS SD 187 -119.00 168.69 -6.32
CA LYS SD 187 -118.44 168.75 -4.98
C LYS SD 187 -117.61 167.52 -4.62
N PHE SD 188 -117.58 166.50 -5.47
CA PHE SD 188 -116.78 165.31 -5.20
C PHE SD 188 -115.32 165.40 -5.64
N THR SD 189 -114.97 166.36 -6.50
CA THR SD 189 -113.62 166.40 -7.05
C THR SD 189 -112.65 167.15 -6.14
N ASN SD 190 -112.90 168.43 -5.92
CA ASN SD 190 -112.05 169.30 -5.10
C ASN SD 190 -110.56 169.01 -5.32
N ILE SD 191 -110.10 169.29 -6.55
CA ILE SD 191 -108.67 169.09 -6.93
C ILE SD 191 -107.87 170.33 -6.52
N THR SD 192 -108.52 171.38 -6.01
CA THR SD 192 -107.88 172.64 -5.57
C THR SD 192 -108.01 172.75 -4.07
N THR SD 193 -106.91 173.02 -3.36
CA THR SD 193 -106.90 173.11 -1.88
C THR SD 193 -107.96 174.10 -1.45
N SER SD 194 -108.10 175.22 -2.17
CA SER SD 194 -109.11 176.23 -1.90
C SER SD 194 -109.86 176.56 -3.17
N PRO SD 195 -111.13 176.96 -3.06
CA PRO SD 195 -111.91 177.31 -4.25
C PRO SD 195 -111.38 178.54 -4.98
N ASN SD 196 -110.55 179.35 -4.34
CA ASN SD 196 -109.99 180.53 -4.98
C ASN SD 196 -108.67 180.24 -5.69
N ASP SD 197 -108.23 178.99 -5.73
CA ASP SD 197 -107.02 178.64 -6.45
C ASP SD 197 -107.24 178.82 -7.95
N ILE SD 198 -106.15 179.04 -8.66
CA ILE SD 198 -106.19 179.37 -10.08
C ILE SD 198 -105.94 178.11 -10.90
N VAL SD 199 -106.77 177.89 -11.92
CA VAL SD 199 -106.67 176.73 -12.78
C VAL SD 199 -106.72 177.19 -14.23
N VAL SD 200 -106.18 176.33 -15.11
CA VAL SD 200 -106.11 176.59 -16.53
C VAL SD 200 -107.13 175.74 -17.28
N ASN SD 201 -108.10 176.40 -17.90
CA ASN SD 201 -109.22 175.65 -18.56
C ASN SD 201 -109.18 175.80 -20.09
N THR SD 202 -109.25 174.68 -20.81
CA THR SD 202 -109.32 174.65 -22.27
C THR SD 202 -110.63 174.01 -22.69
N PRO SD 203 -111.59 174.78 -23.20
CA PRO SD 203 -112.84 174.18 -23.72
C PRO SD 203 -112.69 173.88 -25.21
N PHE SD 204 -113.05 172.65 -25.59
CA PHE SD 204 -113.15 172.25 -26.98
C PHE SD 204 -114.61 172.05 -27.35
N HIS SD 205 -114.96 172.39 -28.58
CA HIS SD 205 -116.31 172.18 -29.09
C HIS SD 205 -116.26 171.14 -30.19
N VAL SD 206 -117.00 170.05 -30.00
CA VAL SD 206 -117.03 168.94 -30.95
C VAL SD 206 -118.40 168.94 -31.63
N GLU SD 207 -118.39 169.03 -32.95
CA GLU SD 207 -119.63 169.01 -33.73
C GLU SD 207 -119.66 167.75 -34.59
N ILE SD 208 -120.78 167.04 -34.53
CA ILE SD 208 -121.04 165.87 -35.37
C ILE SD 208 -122.33 166.12 -36.11
N GLY SD 209 -122.26 166.20 -37.43
CA GLY SD 209 -123.43 166.56 -38.21
C GLY SD 209 -123.96 167.90 -37.75
N ASN SD 210 -125.27 167.94 -37.48
CA ASN SD 210 -125.88 169.14 -36.92
C ASN SD 210 -125.72 169.20 -35.40
N LEU SD 211 -125.50 168.07 -34.76
CA LEU SD 211 -125.40 168.04 -33.30
C LEU SD 211 -124.07 168.61 -32.85
N THR SD 212 -124.09 169.22 -31.67
CA THR SD 212 -122.91 169.85 -31.09
C THR SD 212 -122.79 169.50 -29.62
N GLY SD 213 -121.56 169.56 -29.11
CA GLY SD 213 -121.29 169.37 -27.70
C GLY SD 213 -119.95 169.99 -27.38
N GLU SD 214 -119.60 169.96 -26.10
CA GLU SD 214 -118.34 170.54 -25.67
C GLU SD 214 -117.74 169.71 -24.56
N PHE SD 215 -116.42 169.85 -24.39
CA PHE SD 215 -115.73 169.18 -23.31
C PHE SD 215 -114.49 169.98 -22.95
N ASN SD 216 -114.18 170.04 -21.65
CA ASN SD 216 -113.11 170.86 -21.15
C ASN SD 216 -111.98 170.02 -20.57
N ILE SD 217 -110.79 170.60 -20.57
CA ILE SD 217 -109.65 170.00 -19.87
C ILE SD 217 -109.10 171.05 -18.90
N CYS SD 218 -109.16 170.76 -17.60
CA CYS SD 218 -108.77 171.71 -16.57
C CYS SD 218 -107.58 171.16 -15.79
N LEU SD 219 -106.53 171.96 -15.68
CA LEU SD 219 -105.34 171.61 -14.94
C LEU SD 219 -105.10 172.64 -13.84
N PRO SD 220 -104.93 172.21 -12.59
CA PRO SD 220 -104.58 173.17 -11.55
C PRO SD 220 -103.22 173.79 -11.84
N PHE SD 221 -103.08 175.08 -11.53
CA PHE SD 221 -101.84 175.78 -11.81
C PHE SD 221 -100.66 175.24 -11.04
N SER SD 222 -100.90 174.49 -9.95
CA SER SD 222 -99.79 173.92 -9.21
C SER SD 222 -99.02 172.92 -10.06
N MET SD 223 -99.73 172.11 -10.85
CA MET SD 223 -99.07 171.16 -11.73
C MET SD 223 -98.26 171.87 -12.80
N ILE SD 224 -98.80 172.94 -13.37
CA ILE SD 224 -98.14 173.63 -14.47
C ILE SD 224 -96.95 174.44 -13.98
N GLU SD 225 -97.00 174.92 -12.74
CA GLU SD 225 -95.99 175.86 -12.25
C GLU SD 225 -94.55 175.42 -12.43
N PRO SD 226 -94.16 174.16 -12.14
CA PRO SD 226 -92.77 173.77 -12.43
C PRO SD 226 -92.42 173.82 -13.90
N LEU SD 227 -93.40 173.82 -14.80
CA LEU SD 227 -93.17 173.87 -16.23
C LEU SD 227 -93.57 175.19 -16.88
N ARG SD 228 -93.59 176.28 -16.12
CA ARG SD 228 -94.07 177.55 -16.65
C ARG SD 228 -93.16 178.10 -17.73
N GLU SD 229 -91.84 178.05 -17.50
CA GLU SD 229 -90.90 178.58 -18.48
C GLU SD 229 -90.97 177.73 -19.74
N LEU SD 230 -91.33 176.46 -19.62
CA LEU SD 230 -91.49 175.62 -20.81
C LEU SD 230 -92.79 175.93 -21.52
N LEU SD 231 -93.86 176.18 -20.75
CA LEU SD 231 -95.22 176.37 -21.32
C LEU SD 231 -95.44 177.82 -21.79
N VAL SD 232 -94.55 178.74 -21.40
CA VAL SD 232 -94.73 180.18 -21.74
C VAL SD 232 -94.19 180.44 -23.16
N ASN SD 233 -92.90 180.15 -23.44
CA ASN SD 233 -92.36 180.51 -24.75
C ASN SD 233 -92.80 179.50 -25.80
N PRO SD 234 -93.07 179.95 -27.02
CA PRO SD 234 -93.42 179.03 -28.10
C PRO SD 234 -92.30 178.06 -28.36
N PRO SD 235 -92.61 176.80 -28.68
CA PRO SD 235 -91.54 175.80 -28.87
C PRO SD 235 -90.68 176.12 -30.07
N LEU SD 236 -89.41 175.76 -29.98
CA LEU SD 236 -88.45 175.95 -31.05
C LEU SD 236 -87.96 174.61 -31.57
N GLU SD 237 -87.65 174.57 -32.86
CA GLU SD 237 -87.19 173.34 -33.52
C GLU SD 237 -85.74 173.09 -33.12
N ASN SD 238 -85.57 172.44 -31.97
CA ASN SD 238 -84.26 172.12 -31.42
C ASN SD 238 -84.28 170.67 -30.96
N SER SD 239 -83.22 170.27 -30.25
CA SER SD 239 -83.11 168.92 -29.73
C SER SD 239 -82.75 168.98 -28.25
N ARG SD 240 -82.99 167.87 -27.55
CA ARG SD 240 -82.63 167.81 -26.15
C ARG SD 240 -81.13 167.97 -25.95
N HIS SD 241 -80.33 167.42 -26.87
CA HIS SD 241 -78.89 167.63 -26.82
C HIS SD 241 -78.55 169.10 -26.96
N GLU SD 242 -79.21 169.80 -27.88
CA GLU SD 242 -78.95 171.22 -28.06
C GLU SD 242 -79.38 172.01 -26.81
N ASP SD 243 -80.51 171.63 -26.21
CA ASP SD 243 -80.98 172.34 -25.03
C ASP SD 243 -80.02 172.15 -23.85
N GLN SD 244 -79.56 170.92 -23.63
CA GLN SD 244 -78.62 170.70 -22.53
C GLN SD 244 -77.28 171.36 -22.82
N ASN SD 245 -76.87 171.40 -24.08
CA ASN SD 245 -75.65 172.14 -24.42
C ASN SD 245 -75.81 173.62 -24.15
N TRP SD 246 -76.99 174.17 -24.45
CA TRP SD 246 -77.26 175.58 -24.15
C TRP SD 246 -77.08 176.07 -22.72
N ARG SD 247 -77.73 175.36 -21.79
CA ARG SD 247 -77.63 175.74 -20.35
C ARG SD 247 -76.23 175.40 -19.86
N ASP SD 248 -75.61 174.36 -20.42
CA ASP SD 248 -74.21 173.99 -20.03
C ASP SD 248 -73.30 175.18 -20.32
N ASN SD 249 -73.35 175.71 -21.54
CA ASN SD 249 -72.50 176.87 -21.92
C ASN SD 249 -72.90 178.07 -21.05
N LEU SD 250 -74.20 178.30 -20.86
CA LEU SD 250 -74.68 179.42 -20.02
C LEU SD 250 -74.13 179.24 -18.60
N VAL SD 251 -74.22 178.01 -18.05
CA VAL SD 251 -73.68 177.73 -16.69
C VAL SD 251 -72.20 178.13 -16.68
N ARG SD 252 -71.45 177.70 -17.70
CA ARG SD 252 -70.03 178.04 -17.76
C ARG SD 252 -69.82 179.55 -17.90
N GLN SD 253 -70.71 180.23 -18.64
CA GLN SD 253 -70.60 181.68 -18.75
C GLN SD 253 -70.91 182.36 -17.43
N VAL SD 254 -71.83 181.79 -16.64
CA VAL SD 254 -72.21 182.41 -15.37
C VAL SD 254 -71.06 182.38 -14.38
N GLN SD 255 -70.25 181.32 -14.41
CA GLN SD 255 -69.19 181.14 -13.44
C GLN SD 255 -68.23 182.34 -13.38
N HIS SD 256 -68.04 183.01 -14.51
CA HIS SD 256 -67.16 184.18 -14.55
C HIS SD 256 -67.95 185.45 -14.24
N SER SD 257 -68.58 185.47 -13.07
CA SER SD 257 -69.35 186.65 -12.58
C SER SD 257 -68.96 186.91 -11.12
N GLU SD 258 -68.32 188.05 -10.83
CA GLU SD 258 -67.86 188.39 -9.46
C GLU SD 258 -69.08 188.59 -8.53
N LEU SD 259 -68.97 188.16 -7.27
CA LEU SD 259 -70.05 188.31 -6.27
C LEU SD 259 -69.57 189.20 -5.13
N GLU SD 260 -70.45 189.60 -4.21
CA GLU SD 260 -70.08 190.32 -3.00
C GLU SD 260 -70.37 189.45 -1.79
N LEU SD 261 -69.34 189.02 -1.10
CA LEU SD 261 -69.48 188.15 0.06
C LEU SD 261 -69.24 188.96 1.33
N VAL SD 262 -70.15 188.83 2.28
CA VAL SD 262 -70.12 189.61 3.51
C VAL SD 262 -70.05 188.65 4.70
N ALA SD 263 -69.10 188.87 5.59
CA ALA SD 263 -68.92 188.05 6.78
C ALA SD 263 -69.48 188.79 7.98
N ASN SD 264 -70.33 188.12 8.76
CA ASN SD 264 -70.92 188.69 9.95
C ASN SD 264 -70.20 188.12 11.17
N PHE SD 265 -69.48 188.99 11.90
CA PHE SD 265 -68.70 188.59 13.11
C PHE SD 265 -69.64 188.42 14.31
N ALA SD 266 -70.54 189.37 14.54
CA ALA SD 266 -71.48 189.34 15.69
C ALA SD 266 -72.79 190.06 15.38
N ASP SD 267 -73.87 189.78 16.13
CA ASP SD 267 -75.15 190.48 15.98
C ASP SD 267 -75.69 190.77 17.37
N ILE SD 268 -75.53 192.00 17.83
CA ILE SD 268 -75.86 192.39 19.19
C ILE SD 268 -77.19 193.14 19.16
N PRO SD 269 -78.17 192.85 20.06
CA PRO SD 269 -79.50 193.53 20.07
C PRO SD 269 -79.51 194.70 21.04
N LEU SD 270 -79.60 195.93 20.52
CA LEU SD 270 -79.70 197.13 21.37
C LEU SD 270 -81.00 197.89 21.12
N ARG SD 271 -81.52 198.57 22.13
CA ARG SD 271 -82.74 199.41 21.97
C ARG SD 271 -82.36 200.71 21.26
N LEU SD 272 -83.35 201.41 20.71
CA LEU SD 272 -83.10 202.72 20.06
C LEU SD 272 -82.50 203.68 21.09
N SER SD 273 -82.95 203.59 22.34
CA SER SD 273 -82.47 204.54 23.37
C SER SD 273 -80.96 204.38 23.55
N GLN SD 274 -80.49 203.15 23.54
CA GLN SD 274 -79.02 202.95 23.66
C GLN SD 274 -78.36 203.60 22.44
N ILE SD 275 -78.93 203.45 21.25
CA ILE SD 275 -78.23 203.98 20.04
C ILE SD 275 -78.02 205.50 20.08
N LEU SD 276 -79.05 206.28 20.47
CA LEU SD 276 -78.84 207.74 20.62
C LEU SD 276 -77.82 208.24 21.66
N LYS SD 277 -77.81 207.60 22.83
CA LYS SD 277 -76.79 207.88 23.87
C LYS SD 277 -75.40 207.25 23.50
N LEU SD 278 -75.48 206.34 22.53
CA LEU SD 278 -74.26 205.60 22.12
C LEU SD 278 -73.40 206.76 21.61
N LYS SD 279 -72.14 206.76 22.04
CA LYS SD 279 -71.16 207.79 21.62
C LYS SD 279 -69.79 207.11 21.62
N PRO SD 280 -68.75 207.61 20.93
CA PRO SD 280 -67.44 206.89 20.84
C PRO SD 280 -66.86 206.57 22.21
N GLY SD 281 -66.16 205.44 22.35
CA GLY SD 281 -65.53 205.00 23.57
C GLY SD 281 -66.32 203.96 24.35
N ASP SD 282 -67.59 203.77 24.03
CA ASP SD 282 -68.40 202.79 24.74
C ASP SD 282 -67.99 201.36 24.36
N VAL SD 283 -68.35 200.41 25.23
CA VAL SD 283 -68.10 199.00 24.99
C VAL SD 283 -69.43 198.27 25.02
N LEU SD 284 -69.75 197.58 23.94
CA LEU SD 284 -70.98 196.80 23.84
C LEU SD 284 -70.64 195.33 23.88
N PRO SD 285 -71.05 194.58 24.90
CA PRO SD 285 -70.58 193.21 25.05
C PRO SD 285 -71.16 192.29 23.99
N ILE SD 286 -70.32 191.38 23.50
CA ILE SD 286 -70.71 190.39 22.50
C ILE SD 286 -70.34 189.01 23.02
N GLU SD 287 -70.95 188.00 22.43
CA GLU SD 287 -70.74 186.61 22.82
C GLU SD 287 -69.68 185.99 21.92
N LYS SD 288 -69.29 184.76 22.26
CA LYS SD 288 -68.31 184.02 21.47
C LYS SD 288 -68.89 183.64 20.12
N PRO SD 289 -68.31 184.10 19.00
CA PRO SD 289 -68.66 183.50 17.72
C PRO SD 289 -67.89 182.23 17.46
N ASP SD 290 -68.55 181.07 17.57
CA ASP SD 290 -67.88 179.78 17.27
C ASP SD 290 -67.61 179.72 15.76
N ARG SD 291 -68.59 180.15 14.95
CA ARG SD 291 -68.45 180.15 13.51
C ARG SD 291 -68.97 181.47 12.95
N ILE SD 292 -68.43 181.85 11.80
CA ILE SD 292 -68.76 183.11 11.13
C ILE SD 292 -69.55 182.90 9.86
N ILE SD 293 -70.77 183.42 9.83
CA ILE SD 293 -71.62 183.28 8.66
C ILE SD 293 -71.25 184.26 7.55
N ALA SD 294 -71.09 183.74 6.34
CA ALA SD 294 -70.77 184.55 5.16
C ALA SD 294 -71.96 184.45 4.21
N HIS SD 295 -72.53 185.60 3.87
CA HIS SD 295 -73.75 185.69 3.09
C HIS SD 295 -73.55 186.63 1.92
N VAL SD 296 -74.25 186.36 0.82
CA VAL SD 296 -74.26 187.21 -0.36
C VAL SD 296 -75.63 187.83 -0.47
N ASP SD 297 -75.71 189.14 -0.27
CA ASP SD 297 -76.98 189.88 -0.36
C ASP SD 297 -78.03 189.30 0.56
N GLY SD 298 -77.61 188.84 1.74
CA GLY SD 298 -78.53 188.30 2.72
C GLY SD 298 -78.49 186.80 2.83
N VAL SD 299 -78.37 186.10 1.70
CA VAL SD 299 -78.43 184.64 1.69
C VAL SD 299 -77.11 184.07 2.20
N PRO SD 300 -77.12 183.30 3.29
CA PRO SD 300 -75.86 182.77 3.83
C PRO SD 300 -75.30 181.66 2.94
N VAL SD 301 -74.00 181.70 2.72
CA VAL SD 301 -73.35 180.78 1.80
C VAL SD 301 -72.29 179.94 2.52
N LEU SD 302 -71.66 180.51 3.54
CA LEU SD 302 -70.50 179.88 4.16
C LEU SD 302 -70.65 180.09 5.65
N THR SD 303 -70.06 179.18 6.42
CA THR SD 303 -69.73 179.40 7.83
C THR SD 303 -68.27 179.00 7.97
N SER SD 304 -67.47 179.89 8.55
CA SER SD 304 -66.02 179.75 8.52
C SER SD 304 -65.52 180.48 9.75
N GLN SD 305 -64.36 180.05 10.24
CA GLN SD 305 -63.79 180.53 11.51
C GLN SD 305 -62.98 181.75 11.13
N TYR SD 306 -63.03 182.78 11.97
CA TYR SD 306 -62.31 184.01 11.68
C TYR SD 306 -60.81 183.83 11.92
N GLY SD 307 -60.03 184.71 11.32
CA GLY SD 307 -58.59 184.66 11.48
C GLY SD 307 -57.95 185.85 10.80
N THR SD 308 -56.62 185.94 10.94
CA THR SD 308 -55.83 186.99 10.32
C THR SD 308 -54.71 186.34 9.53
N VAL SD 309 -54.61 186.67 8.25
CA VAL SD 309 -53.57 186.13 7.37
C VAL SD 309 -53.05 187.26 6.49
N ASN SD 310 -51.73 187.40 6.44
CA ASN SD 310 -51.06 188.40 5.60
C ASN SD 310 -51.55 189.81 5.90
N GLY SD 311 -51.80 190.08 7.18
CA GLY SD 311 -52.33 191.36 7.57
C GLY SD 311 -53.77 191.60 7.16
N GLN SD 312 -54.45 190.58 6.65
CA GLN SD 312 -55.82 190.70 6.19
C GLN SD 312 -56.74 189.88 7.08
N TYR SD 313 -57.96 190.37 7.27
CA TYR SD 313 -58.98 189.59 7.97
C TYR SD 313 -59.32 188.37 7.13
N ALA SD 314 -59.05 187.18 7.66
CA ALA SD 314 -59.21 185.95 6.91
C ALA SD 314 -60.28 185.07 7.54
N LEU SD 315 -60.81 184.16 6.74
CA LEU SD 315 -61.78 183.18 7.20
C LEU SD 315 -61.35 181.80 6.74
N ARG SD 316 -61.30 180.86 7.68
CA ARG SD 316 -60.98 179.46 7.38
C ARG SD 316 -62.30 178.75 7.11
N VAL SD 317 -62.57 178.46 5.83
CA VAL SD 317 -63.86 177.91 5.44
C VAL SD 317 -64.07 176.55 6.09
N GLU SD 318 -65.15 176.40 6.79
CA GLU SD 318 -65.50 175.12 7.40
C GLU SD 318 -66.59 174.35 6.69
N HIS SD 319 -67.62 175.02 6.15
CA HIS SD 319 -68.76 174.29 5.58
C HIS SD 319 -69.58 175.13 4.59
N LEU SD 320 -69.72 174.68 3.36
CA LEU SD 320 -70.62 175.31 2.40
C LEU SD 320 -72.05 174.94 2.73
N ILE SD 321 -72.92 175.95 2.85
CA ILE SD 321 -74.28 175.70 3.32
C ILE SD 321 -75.12 175.14 2.20
N ASN SD 322 -75.16 173.82 2.09
CA ASN SD 322 -76.01 173.17 1.11
C ASN SD 322 -77.45 173.12 1.62
N PRO SD 323 -78.44 173.13 0.71
CA PRO SD 323 -79.85 173.05 1.11
C PRO SD 323 -80.33 171.61 1.23
N GLN TD 52 -95.01 214.60 15.10
CA GLN TD 52 -93.60 214.50 15.43
C GLN TD 52 -93.41 214.09 16.89
N ASP TD 53 -93.61 212.80 17.16
CA ASP TD 53 -93.50 212.25 18.50
C ASP TD 53 -92.08 211.76 18.75
N ILE TD 54 -91.73 211.64 20.04
CA ILE TD 54 -90.38 211.24 20.39
C ILE TD 54 -90.40 210.02 21.30
N ASP TD 55 -91.24 210.06 22.35
CA ASP TD 55 -91.37 208.90 23.27
C ASP TD 55 -92.03 207.73 22.53
N LEU TD 56 -92.71 207.99 21.41
CA LEU TD 56 -93.44 206.94 20.66
C LEU TD 56 -92.46 205.87 20.15
N ILE TD 57 -91.29 206.27 19.64
CA ILE TD 57 -90.30 205.33 19.06
C ILE TD 57 -89.04 205.33 19.94
N MET TD 58 -89.12 205.86 21.15
CA MET TD 58 -87.96 205.97 22.03
C MET TD 58 -87.52 204.59 22.51
N ASP TD 59 -88.38 203.57 22.36
CA ASP TD 59 -88.15 202.25 22.94
C ASP TD 59 -88.06 201.15 21.88
N ILE TD 60 -88.21 201.46 20.62
CA ILE TD 60 -88.21 200.43 19.57
C ILE TD 60 -86.85 199.75 19.51
N PRO TD 61 -86.78 198.42 19.44
CA PRO TD 61 -85.49 197.75 19.36
C PRO TD 61 -84.94 197.72 17.95
N VAL TD 62 -83.61 197.69 17.86
CA VAL TD 62 -82.91 197.62 16.59
C VAL TD 62 -81.88 196.53 16.84
N LYS TD 63 -81.43 195.92 15.73
CA LYS TD 63 -80.40 194.85 15.77
C LYS TD 63 -79.15 195.41 15.10
N LEU TD 64 -77.98 195.29 15.73
CA LEU TD 64 -76.75 195.85 15.21
C LEU TD 64 -75.84 194.69 14.79
N THR TD 65 -75.24 194.82 13.61
CA THR TD 65 -74.35 193.79 13.09
C THR TD 65 -72.98 194.41 12.87
N VAL TD 66 -71.95 193.58 12.99
CA VAL TD 66 -70.57 193.98 12.75
C VAL TD 66 -69.93 193.01 11.77
N GLU TD 67 -69.10 193.53 10.87
CA GLU TD 67 -68.52 192.72 9.82
C GLU TD 67 -67.06 192.41 10.03
N LEU TD 68 -66.57 191.33 9.44
CA LEU TD 68 -65.14 191.10 9.40
C LEU TD 68 -64.59 191.99 8.28
N GLY TD 69 -65.18 191.91 7.09
CA GLY TD 69 -64.74 192.74 5.99
C GLY TD 69 -65.47 192.40 4.71
N ARG TD 70 -65.31 193.27 3.73
CA ARG TD 70 -65.82 193.06 2.39
C ARG TD 70 -64.87 192.13 1.65
N THR TD 71 -65.36 191.54 0.56
CA THR TD 71 -64.51 190.87 -0.41
C THR TD 71 -65.47 190.59 -1.55
N ARG TD 72 -64.94 190.51 -2.77
CA ARG TD 72 -65.72 190.27 -3.97
C ARG TD 72 -64.99 189.15 -4.70
N MET TD 73 -65.70 188.05 -4.94
CA MET TD 73 -65.07 186.82 -5.39
C MET TD 73 -66.14 186.14 -6.21
N THR TD 74 -65.76 185.56 -7.36
CA THR TD 74 -66.74 185.05 -8.35
C THR TD 74 -67.27 183.69 -8.00
N ILE TD 75 -68.18 183.19 -8.84
CA ILE TD 75 -68.80 181.86 -8.63
C ILE TD 75 -67.70 180.79 -8.69
N LYS TD 76 -66.72 180.92 -9.58
CA LYS TD 76 -65.65 179.90 -9.74
C LYS TD 76 -65.00 179.54 -8.40
N GLU TD 77 -64.31 180.48 -7.73
CA GLU TD 77 -63.64 180.27 -6.45
C GLU TD 77 -64.60 179.85 -5.34
N LEU TD 78 -65.81 180.39 -5.33
CA LEU TD 78 -66.81 179.96 -4.36
C LEU TD 78 -67.18 178.48 -4.45
N LEU TD 79 -67.30 177.96 -5.66
CA LEU TD 79 -67.59 176.54 -5.83
C LEU TD 79 -66.45 175.58 -5.52
N ARG TD 80 -65.20 176.01 -5.69
CA ARG TD 80 -64.07 175.16 -5.37
C ARG TD 80 -63.46 175.42 -3.95
N LEU TD 81 -64.21 176.18 -3.15
CA LEU TD 81 -63.80 176.41 -1.77
C LEU TD 81 -64.08 175.06 -1.13
N THR TD 82 -63.13 174.60 -0.33
CA THR TD 82 -63.26 173.29 0.32
C THR TD 82 -63.10 173.55 1.81
N GLN TD 83 -63.21 172.49 2.61
CA GLN TD 83 -62.99 172.64 4.05
C GLN TD 83 -61.55 172.98 4.32
N GLY TD 84 -61.30 173.92 5.23
CA GLY TD 84 -59.95 174.32 5.56
C GLY TD 84 -59.39 175.38 4.64
N SER TD 85 -60.07 175.70 3.54
CA SER TD 85 -59.60 176.75 2.65
C SER TD 85 -59.74 178.12 3.33
N VAL TD 86 -58.79 179.00 3.03
CA VAL TD 86 -58.71 180.31 3.67
C VAL TD 86 -58.97 181.38 2.61
N VAL TD 87 -59.86 182.32 2.93
CA VAL TD 87 -60.18 183.44 2.06
C VAL TD 87 -59.96 184.73 2.84
N ALA TD 88 -59.35 185.73 2.20
CA ALA TD 88 -59.05 187.03 2.86
C ALA TD 88 -60.28 187.94 2.85
N LEU TD 89 -60.08 189.22 3.18
CA LEU TD 89 -61.17 190.25 3.23
C LEU TD 89 -60.49 191.53 2.75
N ASP TD 90 -61.23 192.62 2.50
CA ASP TD 90 -60.67 193.88 1.94
C ASP TD 90 -60.03 194.74 3.03
N GLY TD 91 -60.14 194.38 4.32
CA GLY TD 91 -59.59 195.16 5.42
C GLY TD 91 -58.33 194.66 6.08
N LEU TD 92 -57.39 195.57 6.30
CA LEU TD 92 -56.19 195.23 7.05
C LEU TD 92 -56.56 194.86 8.47
N ALA TD 93 -55.81 193.90 9.03
CA ALA TD 93 -56.06 193.47 10.40
C ALA TD 93 -55.70 194.60 11.35
N GLY TD 94 -56.71 195.30 11.86
CA GLY TD 94 -56.47 196.42 12.74
C GLY TD 94 -57.41 197.59 12.55
N GLU TD 95 -57.98 197.74 11.33
CA GLU TD 95 -58.92 198.82 11.13
C GLU TD 95 -60.20 198.55 11.92
N PRO TD 96 -60.92 199.60 12.33
CA PRO TD 96 -62.18 199.38 13.04
C PRO TD 96 -63.24 198.80 12.11
N LEU TD 97 -63.97 197.81 12.61
CA LEU TD 97 -65.02 197.18 11.83
C LEU TD 97 -66.22 198.12 11.72
N ASP TD 98 -67.05 197.89 10.69
CA ASP TD 98 -68.21 198.79 10.46
C ASP TD 98 -69.46 198.21 11.14
N ILE TD 99 -70.10 199.02 11.99
CA ILE TD 99 -71.35 198.59 12.68
C ILE TD 99 -72.53 199.06 11.82
N LEU TD 100 -73.52 198.19 11.58
CA LEU TD 100 -74.65 198.56 10.67
C LEU TD 100 -76.00 198.18 11.30
N ILE TD 101 -77.06 198.91 10.95
CA ILE TD 101 -78.44 198.55 11.42
C ILE TD 101 -79.35 198.49 10.19
N ASN TD 102 -80.10 197.38 10.03
CA ASN TD 102 -81.04 197.24 8.87
C ASN TD 102 -80.22 197.51 7.60
N GLY TD 103 -78.96 197.08 7.55
CA GLY TD 103 -78.12 197.23 6.34
C GLY TD 103 -77.67 198.67 6.13
N TYR TD 104 -77.78 199.53 7.15
CA TYR TD 104 -77.42 200.97 7.03
C TYR TD 104 -76.27 201.29 7.97
N LEU TD 105 -75.22 201.95 7.50
CA LEU TD 105 -74.02 202.19 8.34
C LEU TD 105 -74.46 203.03 9.53
N ILE TD 106 -73.94 202.71 10.72
CA ILE TD 106 -74.32 203.44 11.97
C ILE TD 106 -73.07 203.79 12.79
N ALA TD 107 -71.99 202.99 12.75
CA ALA TD 107 -70.85 203.25 13.64
C ALA TD 107 -69.63 202.50 13.14
N GLN TD 108 -68.53 202.62 13.88
CA GLN TD 108 -67.31 201.86 13.66
C GLN TD 108 -66.66 201.52 14.99
N GLY TD 109 -66.20 200.27 15.12
CA GLY TD 109 -65.54 199.83 16.33
C GLY TD 109 -64.90 198.47 16.12
N GLU TD 110 -63.96 198.15 17.02
CA GLU TD 110 -63.22 196.90 16.96
C GLU TD 110 -63.49 196.08 18.21
N VAL TD 111 -63.15 194.79 18.12
CA VAL TD 111 -63.34 193.87 19.23
C VAL TD 111 -62.19 194.03 20.22
N VAL TD 112 -62.52 193.97 21.51
CA VAL TD 112 -61.54 194.11 22.59
C VAL TD 112 -61.71 193.00 23.61
N VAL TD 113 -60.59 192.51 24.14
CA VAL TD 113 -60.58 191.47 25.16
C VAL TD 113 -60.29 192.06 26.52
N VAL TD 114 -61.24 191.97 27.46
CA VAL TD 114 -61.05 192.61 28.76
C VAL TD 114 -60.51 191.58 29.74
N ALA TD 115 -61.35 190.60 30.04
CA ALA TD 115 -60.94 189.47 30.88
C ALA TD 115 -61.03 188.11 30.18
N ASP TD 116 -62.26 187.60 30.05
CA ASP TD 116 -62.50 186.35 29.27
C ASP TD 116 -63.80 186.70 28.56
N LYS TD 117 -64.02 187.98 28.24
CA LYS TD 117 -65.29 188.44 27.63
C LYS TD 117 -65.00 189.33 26.43
N TYR TD 118 -65.94 189.43 25.48
CA TYR TD 118 -65.68 190.22 24.25
C TYR TD 118 -66.68 191.35 24.07
N GLY TD 119 -66.25 192.42 23.40
CA GLY TD 119 -67.14 193.54 23.09
C GLY TD 119 -66.52 194.45 22.05
N VAL TD 120 -67.36 195.33 21.51
CA VAL TD 120 -66.96 196.24 20.46
C VAL TD 120 -66.69 197.59 21.12
N ARG TD 121 -65.53 198.17 20.81
CA ARG TD 121 -65.13 199.47 21.33
C ARG TD 121 -65.33 200.45 20.17
N ILE TD 122 -66.42 201.19 20.22
CA ILE TD 122 -66.78 202.09 19.12
C ILE TD 122 -65.78 203.23 19.04
N THR TD 123 -65.29 203.50 17.83
CA THR TD 123 -64.30 204.54 17.62
C THR TD 123 -64.92 205.90 17.35
N ASP TD 124 -65.97 205.96 16.52
CA ASP TD 124 -66.56 207.23 16.16
C ASP TD 124 -67.97 206.99 15.60
N ILE TD 125 -68.67 208.09 15.36
CA ILE TD 125 -69.99 208.07 14.74
C ILE TD 125 -69.88 208.81 13.41
N ILE TD 126 -70.32 208.14 12.34
CA ILE TD 126 -70.15 208.68 10.99
C ILE TD 126 -71.21 209.74 10.72
N THR TD 127 -70.76 210.97 10.48
CA THR TD 127 -71.63 212.03 10.02
C THR TD 127 -72.01 211.77 8.55
N PRO TD 128 -73.09 212.38 8.08
CA PRO TD 128 -73.49 212.14 6.67
C PRO TD 128 -72.40 212.46 5.67
N SER TD 129 -71.61 213.52 5.91
CA SER TD 129 -70.55 213.88 4.98
C SER TD 129 -69.64 212.69 4.74
N GLU TD 130 -69.17 212.06 5.82
CA GLU TD 130 -68.43 210.83 5.67
C GLU TD 130 -69.21 209.75 4.93
N ARG TD 131 -70.47 209.56 5.30
CA ARG TD 131 -71.32 208.58 4.57
C ARG TD 131 -71.31 208.88 3.07
N MET TD 132 -71.37 210.17 2.69
CA MET TD 132 -71.45 210.53 1.26
C MET TD 132 -70.16 210.08 0.55
N ARG TD 133 -69.01 210.26 1.18
CA ARG TD 133 -67.72 209.85 0.56
C ARG TD 133 -67.62 208.32 0.60
N ARG TD 134 -68.37 207.70 1.51
CA ARG TD 134 -68.35 206.21 1.65
C ARG TD 134 -68.98 205.70 0.33
N LEU TD 135 -70.18 206.20 0.03
CA LEU TD 135 -70.82 205.88 -1.27
C LEU TD 135 -70.03 206.33 -2.51
N SER TD 136 -69.40 207.50 -2.42
CA SER TD 136 -68.64 208.05 -3.58
C SER TD 136 -67.37 207.24 -3.84
N ARG TD 137 -66.77 206.67 -2.78
CA ARG TD 137 -65.49 205.99 -3.01
C ARG TD 137 -65.40 204.72 -2.16
N ASP UD 53 -78.07 215.05 17.33
CA ASP UD 53 -78.10 213.61 17.57
C ASP UD 53 -79.40 212.98 17.09
N ILE UD 54 -80.47 213.78 17.04
CA ILE UD 54 -81.74 213.27 16.53
C ILE UD 54 -81.55 212.97 15.05
N ASP UD 55 -80.74 213.78 14.37
CA ASP UD 55 -80.51 213.57 12.94
C ASP UD 55 -79.95 212.18 12.63
N LEU UD 56 -79.12 211.64 13.51
CA LEU UD 56 -78.59 210.29 13.33
C LEU UD 56 -79.64 209.19 13.28
N ILE UD 57 -80.62 209.30 14.18
CA ILE UD 57 -81.68 208.24 14.28
C ILE UD 57 -82.97 208.75 13.63
N MET UD 58 -82.88 209.70 12.71
CA MET UD 58 -84.09 210.25 12.10
C MET UD 58 -84.07 209.64 10.70
N ASP UD 59 -82.96 209.00 10.30
CA ASP UD 59 -82.85 208.49 8.91
C ASP UD 59 -82.80 206.95 8.86
N ILE UD 60 -82.43 206.28 9.95
CA ILE UD 60 -82.28 204.81 9.95
C ILE UD 60 -83.47 203.98 9.49
N PRO UD 61 -83.26 202.96 8.62
CA PRO UD 61 -84.36 202.04 8.20
C PRO UD 61 -84.79 201.15 9.36
N VAL UD 62 -86.02 200.65 9.33
CA VAL UD 62 -86.56 199.78 10.37
C VAL UD 62 -87.59 198.93 9.64
N LYS UD 63 -87.91 197.78 10.21
CA LYS UD 63 -88.83 196.85 9.58
C LYS UD 63 -90.18 196.98 10.26
N LEU UD 64 -91.23 197.16 9.46
CA LEU UD 64 -92.58 197.36 9.98
C LEU UD 64 -93.41 196.16 9.55
N THR UD 65 -94.26 195.67 10.45
CA THR UD 65 -95.18 194.58 10.15
C THR UD 65 -96.54 194.92 10.73
N VAL UD 66 -97.58 194.28 10.20
CA VAL UD 66 -98.92 194.37 10.76
C VAL UD 66 -99.50 192.96 10.81
N GLU UD 67 -99.97 192.55 11.99
CA GLU UD 67 -100.43 191.18 12.17
C GLU UD 67 -101.95 191.15 12.17
N LEU UD 68 -102.54 190.22 11.41
CA LEU UD 68 -104.02 190.16 11.24
C LEU UD 68 -104.67 189.24 12.28
N GLY UD 69 -103.95 188.24 12.79
CA GLY UD 69 -104.54 187.23 13.68
C GLY UD 69 -103.63 186.84 14.83
N ARG UD 70 -104.20 186.23 15.86
CA ARG UD 70 -103.44 185.76 17.05
C ARG UD 70 -104.21 184.59 17.68
N THR UD 71 -103.60 183.41 17.79
CA THR UD 71 -104.25 182.21 18.33
C THR UD 71 -103.26 181.48 19.18
N ARG UD 72 -103.67 180.83 20.26
CA ARG UD 72 -102.84 179.97 21.10
C ARG UD 72 -103.20 178.52 20.85
N MET UD 73 -102.19 177.69 20.58
CA MET UD 73 -102.47 176.28 20.23
C MET UD 73 -101.44 175.32 20.83
N THR UD 74 -101.82 174.06 21.01
CA THR UD 74 -100.96 172.99 21.49
C THR UD 74 -100.45 172.31 20.22
N ILE UD 75 -99.64 171.26 20.38
CA ILE UD 75 -99.02 170.66 19.17
C ILE UD 75 -99.95 169.58 18.60
N LYS UD 76 -100.73 168.96 19.48
CA LYS UD 76 -101.74 168.03 18.98
C LYS UD 76 -102.45 168.86 17.92
N GLU UD 77 -102.89 170.06 18.29
CA GLU UD 77 -103.67 170.91 17.36
C GLU UD 77 -102.85 171.29 16.13
N LEU UD 78 -101.59 171.70 16.30
CA LEU UD 78 -100.79 172.18 15.14
C LEU UD 78 -100.55 171.04 14.16
N LEU UD 79 -100.20 169.87 14.67
CA LEU UD 79 -99.94 168.67 13.82
C LEU UD 79 -101.24 168.27 13.12
N ARG UD 80 -102.37 168.37 13.83
CA ARG UD 80 -103.67 167.94 13.27
C ARG UD 80 -103.97 168.79 12.02
N LEU UD 81 -103.66 170.09 12.04
CA LEU UD 81 -103.83 170.93 10.83
C LEU UD 81 -103.29 170.16 9.63
N THR UD 82 -104.00 170.10 8.50
CA THR UD 82 -103.47 169.47 7.26
C THR UD 82 -103.53 170.50 6.15
N GLN UD 83 -103.52 170.06 4.89
CA GLN UD 83 -103.68 171.01 3.81
C GLN UD 83 -105.14 171.40 3.66
N GLY UD 84 -105.40 172.69 3.58
CA GLY UD 84 -106.75 173.19 3.49
C GLY UD 84 -107.46 173.37 4.81
N SER UD 85 -106.83 173.03 5.93
CA SER UD 85 -107.46 173.20 7.23
C SER UD 85 -107.61 174.68 7.55
N VAL UD 86 -108.76 175.05 8.12
CA VAL UD 86 -109.05 176.42 8.49
C VAL UD 86 -108.77 176.59 9.97
N VAL UD 87 -107.96 177.59 10.31
CA VAL UD 87 -107.59 177.88 11.69
C VAL UD 87 -108.31 179.15 12.10
N ALA UD 88 -109.15 179.05 13.12
CA ALA UD 88 -109.86 180.22 13.63
C ALA UD 88 -108.94 181.17 14.39
N LEU UD 89 -109.25 182.46 14.29
CA LEU UD 89 -108.51 183.50 14.99
C LEU UD 89 -109.19 184.18 16.16
N ASP UD 90 -108.49 184.27 17.30
CA ASP UD 90 -109.07 184.91 18.47
C ASP UD 90 -109.63 186.33 18.16
N GLY UD 91 -108.89 187.06 17.34
CA GLY UD 91 -109.37 188.31 16.82
C GLY UD 91 -110.67 188.41 16.05
N LEU UD 92 -111.61 189.20 16.56
CA LEU UD 92 -112.88 189.37 15.86
C LEU UD 92 -112.69 190.19 14.59
N ALA UD 93 -113.64 190.09 13.67
CA ALA UD 93 -113.57 190.87 12.45
C ALA UD 93 -113.78 192.35 12.75
N GLY UD 94 -112.95 193.19 12.12
CA GLY UD 94 -113.05 194.62 12.26
C GLY UD 94 -112.28 195.22 13.41
N GLU UD 95 -111.74 194.41 14.31
CA GLU UD 95 -110.95 194.95 15.41
C GLU UD 95 -109.63 195.52 14.89
N PRO UD 96 -109.00 196.53 15.50
CA PRO UD 96 -107.76 197.14 14.95
C PRO UD 96 -106.61 196.12 14.93
N LEU UD 97 -105.98 195.91 13.78
CA LEU UD 97 -104.82 194.98 13.63
C LEU UD 97 -103.63 195.53 14.43
N ASP UD 98 -102.85 194.70 15.10
CA ASP UD 98 -101.63 195.23 15.78
C ASP UD 98 -100.62 195.66 14.72
N ILE UD 99 -99.89 196.75 14.91
CA ILE UD 99 -98.78 197.17 14.06
C ILE UD 99 -97.51 197.12 14.88
N LEU UD 100 -96.53 196.36 14.41
CA LEU UD 100 -95.31 196.09 15.14
C LEU UD 100 -94.11 196.66 14.40
N ILE UD 101 -93.11 197.10 15.17
CA ILE UD 101 -91.86 197.59 14.63
C ILE UD 101 -90.76 196.72 15.22
N ASN UD 102 -90.13 195.89 14.37
CA ASN UD 102 -89.13 194.93 14.81
C ASN UD 102 -89.71 194.03 15.90
N GLY UD 103 -90.98 193.68 15.77
CA GLY UD 103 -91.66 192.87 16.75
C GLY UD 103 -92.16 193.61 17.98
N TYR UD 104 -92.13 194.94 17.96
CA TYR UD 104 -92.56 195.74 19.11
C TYR UD 104 -93.84 196.48 18.73
N LEU UD 105 -94.90 196.25 19.52
CA LEU UD 105 -96.19 196.87 19.23
C LEU UD 105 -96.16 198.35 19.58
N ILE UD 106 -96.61 199.19 18.64
CA ILE UD 106 -96.66 200.62 18.90
C ILE UD 106 -98.03 201.20 18.59
N ALA UD 107 -98.82 200.51 17.76
CA ALA UD 107 -100.04 201.12 17.27
C ALA UD 107 -101.05 200.06 16.87
N GLN UD 108 -102.30 200.51 16.72
CA GLN UD 108 -103.40 199.67 16.27
C GLN UD 108 -104.13 200.36 15.14
N GLY UD 109 -104.51 199.59 14.12
CA GLY UD 109 -105.23 200.13 12.99
C GLY UD 109 -105.93 199.15 12.08
N GLU UD 110 -106.97 199.65 11.40
CA GLU UD 110 -107.73 198.79 10.49
C GLU UD 110 -107.11 198.47 9.15
N VAL UD 111 -107.63 197.44 8.50
CA VAL UD 111 -107.03 196.89 7.29
C VAL UD 111 -107.75 197.64 6.19
N VAL UD 112 -106.99 198.06 5.18
CA VAL UD 112 -107.54 198.73 4.00
C VAL UD 112 -106.58 198.47 2.85
N VAL UD 113 -107.13 198.31 1.64
CA VAL UD 113 -106.34 198.02 0.45
C VAL UD 113 -106.37 199.24 -0.46
N VAL UD 114 -105.17 199.66 -0.88
CA VAL UD 114 -105.04 200.88 -1.75
C VAL UD 114 -104.28 200.52 -3.03
N ALA UD 115 -104.85 200.78 -4.21
CA ALA UD 115 -104.15 200.55 -5.49
C ALA UD 115 -103.73 199.08 -5.62
N ASP UD 116 -104.58 198.16 -5.16
CA ASP UD 116 -104.33 196.68 -5.28
C ASP UD 116 -103.13 196.24 -4.45
N LYS UD 117 -102.72 197.03 -3.44
CA LYS UD 117 -101.60 196.64 -2.55
C LYS UD 117 -102.12 196.71 -1.12
N TYR UD 118 -101.79 195.72 -0.28
CA TYR UD 118 -102.23 195.74 1.13
C TYR UD 118 -101.83 197.01 1.86
N GLY UD 119 -102.63 197.43 2.85
CA GLY UD 119 -102.31 198.60 3.63
C GLY UD 119 -103.04 198.58 4.96
N VAL UD 120 -102.78 199.60 5.76
CA VAL UD 120 -103.39 199.71 7.07
C VAL UD 120 -103.48 201.19 7.44
N ARG UD 121 -104.61 201.58 8.00
CA ARG UD 121 -104.83 202.93 8.50
C ARG UD 121 -104.59 203.00 9.99
N ILE UD 122 -103.67 203.88 10.42
CA ILE UD 122 -103.30 203.97 11.82
C ILE UD 122 -104.47 204.59 12.59
N THR UD 123 -105.27 203.74 13.24
CA THR UD 123 -106.37 204.25 14.06
C THR UD 123 -105.85 204.98 15.29
N ASP UD 124 -104.92 204.36 16.00
CA ASP UD 124 -104.38 205.00 17.20
C ASP UD 124 -103.02 204.42 17.53
N ILE UD 125 -102.29 205.15 18.36
CA ILE UD 125 -101.03 204.67 18.92
C ILE UD 125 -101.27 204.31 20.38
N ILE UD 126 -100.93 203.09 20.75
CA ILE UD 126 -101.20 202.60 22.10
C ILE UD 126 -100.20 203.21 23.07
N THR UD 127 -100.72 203.83 24.12
CA THR UD 127 -99.97 204.30 25.27
C THR UD 127 -99.66 203.11 26.17
N PRO UD 128 -98.52 203.12 26.88
CA PRO UD 128 -98.10 201.91 27.61
C PRO UD 128 -99.08 201.49 28.69
N SER UD 129 -100.21 202.20 28.86
CA SER UD 129 -101.22 201.77 29.81
C SER UD 129 -101.79 200.44 29.33
N GLU UD 130 -101.95 200.28 28.01
CA GLU UD 130 -102.59 199.05 27.46
C GLU UD 130 -101.60 197.87 27.42
N ARG UD 131 -100.30 198.14 27.57
CA ARG UD 131 -99.27 197.11 27.48
C ARG UD 131 -99.41 196.14 28.65
N MET UD 132 -99.70 196.68 29.84
CA MET UD 132 -99.96 195.77 30.98
C MET UD 132 -101.08 194.80 30.56
N ARG UD 133 -102.16 195.32 29.98
CA ARG UD 133 -103.31 194.48 29.54
C ARG UD 133 -102.97 193.57 28.35
N ARG UD 134 -101.93 193.91 27.58
CA ARG UD 134 -101.51 193.07 26.43
C ARG UD 134 -100.96 191.74 26.98
N LEU UD 135 -100.74 191.67 28.29
CA LEU UD 135 -100.22 190.42 28.91
C LEU UD 135 -101.01 190.13 30.19
N ALA VD 37 -72.05 180.26 47.86
CA ALA VD 37 -71.46 179.01 47.38
C ALA VD 37 -72.45 177.85 47.49
N VAL VD 38 -73.72 178.18 47.61
CA VAL VD 38 -74.77 177.18 47.72
C VAL VD 38 -74.92 176.38 46.43
N PHE VD 39 -74.93 177.07 45.29
CA PHE VD 39 -75.08 176.39 44.01
C PHE VD 39 -73.85 175.55 43.70
N GLN VD 40 -74.06 174.36 43.15
CA GLN VD 40 -72.98 173.45 42.84
C GLN VD 40 -72.62 173.65 41.36
N GLN VD 41 -71.31 173.72 41.09
CA GLN VD 41 -70.85 174.05 39.75
C GLN VD 41 -70.92 172.88 38.78
N LEU VD 42 -71.85 172.96 37.83
CA LEU VD 42 -72.04 171.93 36.82
C LEU VD 42 -71.21 172.18 35.56
N GLY VD 43 -70.59 171.13 35.05
CA GLY VD 43 -69.79 171.24 33.85
C GLY VD 43 -69.57 169.89 33.22
N GLY VD 44 -69.17 169.92 31.96
CA GLY VD 44 -68.95 168.69 31.20
C GLY VD 44 -70.20 167.86 31.03
N GLY VD 45 -71.34 168.51 30.76
CA GLY VD 45 -72.59 167.80 30.60
C GLY VD 45 -72.98 167.57 29.16
N ASP VD 46 -72.04 167.81 28.24
CA ASP VD 46 -72.28 167.61 26.82
C ASP VD 46 -72.09 166.13 26.49
N VAL VD 47 -73.05 165.32 26.95
CA VAL VD 47 -72.98 163.88 26.74
C VAL VD 47 -73.19 163.54 25.27
N SER VD 48 -74.36 163.86 24.75
CA SER VD 48 -74.70 163.60 23.35
C SER VD 48 -75.99 164.35 23.04
N GLY VD 49 -76.40 164.28 21.78
CA GLY VD 49 -77.63 164.89 21.34
C GLY VD 49 -78.32 164.10 20.26
N ALA VD 50 -79.59 163.74 20.49
CA ALA VD 50 -80.36 162.99 19.51
C ALA VD 50 -81.83 163.29 19.71
N MET VD 51 -82.52 163.64 18.62
CA MET VD 51 -83.95 163.88 18.68
C MET VD 51 -84.66 162.61 19.16
N GLN VD 52 -85.59 162.80 20.11
CA GLN VD 52 -86.26 161.64 20.70
C GLN VD 52 -87.52 161.40 19.90
N ASP VD 53 -88.47 162.32 19.98
CA ASP VD 53 -89.75 162.24 19.31
C ASP VD 53 -90.49 163.53 19.60
N ILE VD 54 -91.55 163.80 18.83
CA ILE VD 54 -92.24 165.08 18.93
C ILE VD 54 -93.46 165.05 19.86
N ASP VD 55 -93.66 163.92 20.55
CA ASP VD 55 -94.74 163.79 21.52
C ASP VD 55 -94.31 163.99 22.96
N LEU VD 56 -93.02 164.01 23.23
CA LEU VD 56 -92.53 164.30 24.59
C LEU VD 56 -92.89 165.76 24.87
N ILE VD 57 -92.79 166.60 23.85
CA ILE VD 57 -93.02 168.08 23.97
C ILE VD 57 -94.41 168.45 23.46
N MET VD 58 -95.30 167.51 23.16
CA MET VD 58 -96.57 167.86 22.49
C MET VD 58 -97.52 168.90 23.09
N ASP VD 59 -98.01 168.64 24.30
CA ASP VD 59 -99.01 169.56 24.92
C ASP VD 59 -98.29 170.79 25.46
N ILE VD 60 -97.49 171.43 24.61
CA ILE VD 60 -96.81 172.69 25.03
C ILE VD 60 -97.47 173.81 24.20
N PRO VD 61 -97.96 174.90 24.83
CA PRO VD 61 -98.70 175.95 24.07
C PRO VD 61 -97.78 176.62 23.06
N VAL VD 62 -98.31 176.87 21.86
CA VAL VD 62 -97.50 177.57 20.81
C VAL VD 62 -98.18 178.93 20.59
N LYS VD 63 -97.42 179.93 20.18
CA LYS VD 63 -97.99 181.25 19.93
C LYS VD 63 -98.15 181.40 18.41
N LEU VD 64 -99.34 181.08 17.91
CA LEU VD 64 -99.60 181.18 16.48
C LEU VD 64 -100.07 182.58 16.13
N THR VD 65 -99.53 183.12 15.04
CA THR VD 65 -99.83 184.47 14.60
C THR VD 65 -99.81 184.53 13.08
N VAL VD 66 -100.87 185.04 12.49
CA VAL VD 66 -100.95 185.27 11.05
C VAL VD 66 -100.58 186.72 10.75
N GLU VD 67 -99.76 186.91 9.72
CA GLU VD 67 -99.27 188.24 9.36
C GLU VD 67 -99.89 188.80 8.10
N LEU VD 68 -100.38 190.04 8.18
CA LEU VD 68 -101.11 190.63 7.06
C LEU VD 68 -100.10 191.05 6.00
N GLY VD 69 -99.03 191.73 6.39
CA GLY VD 69 -98.07 192.20 5.41
C GLY VD 69 -96.82 192.74 6.04
N ARG VD 70 -95.90 193.13 5.16
CA ARG VD 70 -94.59 193.66 5.55
C ARG VD 70 -94.38 194.93 4.74
N THR VD 71 -93.41 195.71 5.17
CA THR VD 71 -92.95 196.88 4.46
C THR VD 71 -91.68 197.37 5.12
N ARG VD 72 -90.63 197.57 4.32
CA ARG VD 72 -89.41 198.17 4.82
C ARG VD 72 -89.54 199.68 4.71
N MET VD 73 -89.43 200.36 5.84
CA MET VD 73 -89.64 201.80 5.88
C MET VD 73 -88.72 202.36 6.96
N THR VD 74 -88.21 203.57 6.70
CA THR VD 74 -87.30 204.21 7.63
C THR VD 74 -88.06 205.12 8.58
N ILE VD 75 -87.33 205.66 9.56
CA ILE VD 75 -87.91 206.57 10.53
C ILE VD 75 -88.38 207.87 9.87
N LYS VD 76 -87.83 208.19 8.69
CA LYS VD 76 -88.24 209.37 7.93
C LYS VD 76 -89.77 209.47 7.85
N GLU VD 77 -90.39 208.50 7.19
CA GLU VD 77 -91.85 208.52 7.10
C GLU VD 77 -92.48 208.11 8.42
N LEU VD 78 -91.78 207.34 9.24
CA LEU VD 78 -92.35 206.93 10.53
C LEU VD 78 -93.00 207.96 11.44
N LEU VD 79 -92.32 209.08 11.69
CA LEU VD 79 -92.95 210.12 12.51
C LEU VD 79 -93.92 211.00 11.65
N ARG VD 80 -93.67 210.99 10.34
CA ARG VD 80 -94.61 211.73 9.44
C ARG VD 80 -96.01 211.15 9.63
N LEU VD 81 -96.09 209.88 10.04
CA LEU VD 81 -97.39 209.25 10.29
C LEU VD 81 -98.31 209.83 11.34
N THR VD 82 -99.54 210.16 10.93
CA THR VD 82 -100.56 210.69 11.82
C THR VD 82 -101.76 209.74 11.82
N GLN VD 83 -102.74 210.07 12.66
CA GLN VD 83 -103.96 209.28 12.71
C GLN VD 83 -104.72 209.41 11.40
N GLY VD 84 -105.22 208.28 10.91
CA GLY VD 84 -105.91 208.25 9.63
C GLY VD 84 -105.03 208.10 8.42
N SER VD 85 -103.71 208.12 8.59
CA SER VD 85 -102.81 207.90 7.47
C SER VD 85 -102.84 206.44 7.05
N VAL VD 86 -102.41 206.19 5.82
CA VAL VD 86 -102.42 204.86 5.23
C VAL VD 86 -100.99 204.48 4.84
N VAL VD 87 -100.57 203.30 5.29
CA VAL VD 87 -99.22 202.79 4.99
C VAL VD 87 -99.37 201.61 4.04
N ALA VD 88 -98.78 201.75 2.86
CA ALA VD 88 -98.81 200.66 1.89
C ALA VD 88 -97.86 199.56 2.32
N LEU VD 89 -98.29 198.32 2.13
CA LEU VD 89 -97.50 197.15 2.49
C LEU VD 89 -96.91 196.52 1.24
N ASP VD 90 -95.73 195.93 1.39
CA ASP VD 90 -95.06 195.30 0.25
C ASP VD 90 -95.87 194.17 -0.34
N GLY VD 91 -96.57 193.40 0.50
CA GLY VD 91 -97.39 192.31 0.02
C GLY VD 91 -98.52 192.75 -0.88
N LEU VD 92 -98.61 192.13 -2.06
CA LEU VD 92 -99.69 192.41 -2.98
C LEU VD 92 -101.02 191.90 -2.41
N ALA VD 93 -102.09 192.64 -2.69
CA ALA VD 93 -103.40 192.27 -2.15
C ALA VD 93 -103.86 190.95 -2.73
N GLY VD 94 -104.42 190.11 -1.87
CA GLY VD 94 -104.90 188.80 -2.28
C GLY VD 94 -103.86 187.70 -2.25
N GLU VD 95 -102.59 188.03 -1.98
CA GLU VD 95 -101.56 187.01 -1.89
C GLU VD 95 -101.74 186.20 -0.61
N PRO VD 96 -101.22 184.97 -0.59
CA PRO VD 96 -101.29 184.17 0.64
C PRO VD 96 -100.57 184.87 1.78
N LEU VD 97 -101.17 184.81 2.97
CA LEU VD 97 -100.61 185.43 4.15
C LEU VD 97 -99.65 184.45 4.84
N ASP VD 98 -98.84 185.00 5.74
CA ASP VD 98 -97.80 184.24 6.42
C ASP VD 98 -98.28 183.80 7.79
N ILE VD 99 -97.91 182.58 8.18
CA ILE VD 99 -98.27 182.02 9.47
C ILE VD 99 -96.98 181.73 10.23
N LEU VD 100 -96.90 182.22 11.46
CA LEU VD 100 -95.73 182.02 12.30
C LEU VD 100 -96.14 181.38 13.60
N ILE VD 101 -95.27 180.56 14.17
CA ILE VD 101 -95.44 180.03 15.51
C ILE VD 101 -94.24 180.49 16.34
N ASN VD 102 -94.53 181.23 17.41
CA ASN VD 102 -93.49 181.86 18.21
C ASN VD 102 -92.57 182.74 17.37
N GLY VD 103 -93.15 183.39 16.36
CA GLY VD 103 -92.40 184.30 15.52
C GLY VD 103 -91.56 183.65 14.45
N TYR VD 104 -91.72 182.36 14.20
CA TYR VD 104 -90.95 181.65 13.19
C TYR VD 104 -91.90 181.26 12.07
N LEU VD 105 -91.57 181.66 10.84
CA LEU VD 105 -92.43 181.38 9.70
C LEU VD 105 -92.41 179.90 9.38
N ILE VD 106 -93.58 179.29 9.28
CA ILE VD 106 -93.71 177.88 8.98
C ILE VD 106 -94.52 177.64 7.72
N ALA VD 107 -95.60 178.38 7.52
CA ALA VD 107 -96.51 178.06 6.42
C ALA VD 107 -97.12 179.32 5.85
N GLN VD 108 -97.69 179.17 4.66
CA GLN VD 108 -98.43 180.22 3.98
C GLN VD 108 -99.87 179.75 3.83
N GLY VD 109 -100.81 180.62 4.22
CA GLY VD 109 -102.21 180.27 4.19
C GLY VD 109 -102.97 181.36 3.45
N GLU VD 110 -104.30 181.25 3.50
CA GLU VD 110 -105.19 182.19 2.86
C GLU VD 110 -106.29 182.56 3.85
N VAL VD 111 -106.63 183.84 3.89
CA VAL VD 111 -107.59 184.36 4.87
C VAL VD 111 -109.02 184.11 4.42
N VAL VD 112 -109.86 183.62 5.34
CA VAL VD 112 -111.25 183.36 5.08
C VAL VD 112 -112.07 183.87 6.25
N VAL VD 113 -113.36 184.11 6.02
CA VAL VD 113 -114.27 184.59 7.04
C VAL VD 113 -115.30 183.50 7.29
N VAL VD 114 -115.34 183.00 8.53
CA VAL VD 114 -116.31 181.94 8.90
C VAL VD 114 -117.14 182.38 10.13
N ALA VD 115 -118.45 182.52 9.95
CA ALA VD 115 -119.36 182.96 11.05
C ALA VD 115 -118.94 184.31 11.64
N ASP VD 116 -118.47 185.25 10.81
CA ASP VD 116 -118.11 186.62 11.27
C ASP VD 116 -116.83 186.58 12.11
N LYS VD 117 -116.07 185.49 12.02
CA LYS VD 117 -114.79 185.37 12.77
C LYS VD 117 -113.66 185.17 11.76
N TYR VD 118 -112.53 185.84 11.96
CA TYR VD 118 -111.45 185.74 10.99
C TYR VD 118 -110.76 184.39 11.11
N GLY VD 119 -110.43 183.81 9.97
CA GLY VD 119 -109.77 182.51 9.95
C GLY VD 119 -108.85 182.40 8.76
N VAL VD 120 -107.71 181.77 8.99
CA VAL VD 120 -106.74 181.49 7.93
C VAL VD 120 -106.89 180.02 7.53
N ARG VD 121 -106.67 179.75 6.25
CA ARG VD 121 -106.73 178.40 5.71
C ARG VD 121 -105.33 178.02 5.25
N ILE VD 122 -104.71 177.06 5.94
CA ILE VD 122 -103.35 176.67 5.63
C ILE VD 122 -103.29 176.10 4.22
N THR VD 123 -102.41 176.64 3.40
CA THR VD 123 -102.25 176.17 2.02
C THR VD 123 -100.97 175.38 1.79
N ASP VD 124 -99.82 175.88 2.23
CA ASP VD 124 -98.59 175.15 1.97
C ASP VD 124 -97.50 175.54 2.95
N ILE VD 125 -96.79 174.54 3.47
CA ILE VD 125 -95.62 174.81 4.29
C ILE VD 125 -94.52 175.36 3.40
N ILE VD 126 -93.92 176.47 3.83
CA ILE VD 126 -92.91 177.13 3.00
C ILE VD 126 -91.69 176.23 2.84
N THR VD 127 -90.96 176.47 1.77
CA THR VD 127 -89.75 175.79 1.38
C THR VD 127 -88.52 176.56 1.83
N PRO VD 128 -87.38 175.89 2.03
CA PRO VD 128 -86.16 176.63 2.40
C PRO VD 128 -85.78 177.69 1.38
N SER VD 129 -86.00 177.43 0.09
CA SER VD 129 -85.75 178.45 -0.92
C SER VD 129 -86.55 179.73 -0.79
N GLU VD 130 -87.84 179.62 -0.52
CA GLU VD 130 -88.67 180.81 -0.31
C GLU VD 130 -88.37 181.48 1.04
N ARG VD 131 -87.93 180.67 2.00
CA ARG VD 131 -87.50 181.20 3.28
C ARG VD 131 -86.35 182.18 3.05
N MET VD 132 -85.33 181.75 2.33
CA MET VD 132 -84.23 182.67 1.99
C MET VD 132 -84.58 183.81 1.03
N ARG VD 133 -85.57 183.55 0.17
CA ARG VD 133 -86.09 184.61 -0.70
C ARG VD 133 -86.68 185.65 0.23
N ARG VD 134 -87.42 185.21 1.25
CA ARG VD 134 -87.96 186.14 2.23
C ARG VD 134 -86.84 186.89 2.95
N LEU VD 135 -85.75 186.17 3.28
CA LEU VD 135 -84.66 186.81 4.02
C LEU VD 135 -84.02 187.94 3.24
N SER VD 136 -83.79 187.73 1.94
CA SER VD 136 -83.17 188.74 1.11
C SER VD 136 -84.20 189.77 0.65
N LYS WD 514 -129.70 92.58 -45.72
CA LYS WD 514 -129.70 93.13 -44.38
C LYS WD 514 -130.78 94.19 -44.22
N ASP WD 515 -131.04 94.93 -45.31
CA ASP WD 515 -132.07 95.96 -45.26
C ASP WD 515 -133.45 95.35 -45.06
N GLU WD 516 -133.74 94.23 -45.73
CA GLU WD 516 -135.03 93.58 -45.58
C GLU WD 516 -135.23 93.05 -44.16
N GLN WD 517 -134.18 92.46 -43.58
CA GLN WD 517 -134.27 91.97 -42.21
C GLN WD 517 -134.49 93.12 -41.23
N LEU WD 518 -133.79 94.23 -41.44
CA LEU WD 518 -133.98 95.41 -40.59
C LEU WD 518 -135.40 95.94 -40.71
N GLN WD 519 -135.94 95.97 -41.94
CA GLN WD 519 -137.31 96.43 -42.13
C GLN WD 519 -138.32 95.52 -41.45
N GLN WD 520 -138.10 94.21 -41.54
CA GLN WD 520 -139.00 93.26 -40.87
C GLN WD 520 -138.93 93.41 -39.36
N ARG WD 521 -137.72 93.60 -38.81
CA ARG WD 521 -137.57 93.81 -37.38
C ARG WD 521 -138.26 95.10 -36.95
N ARG WD 522 -138.12 96.16 -37.76
CA ARG WD 522 -138.79 97.42 -37.45
C ARG WD 522 -140.30 97.27 -37.49
N ALA WD 523 -140.83 96.51 -38.46
CA ALA WD 523 -142.26 96.29 -38.54
C ALA WD 523 -142.77 95.51 -37.32
N ASN WD 524 -142.04 94.47 -36.91
CA ASN WD 524 -142.43 93.73 -35.72
C ASN WD 524 -142.38 94.62 -34.48
N GLN WD 525 -141.35 95.45 -34.36
CA GLN WD 525 -141.24 96.37 -33.24
C GLN WD 525 -142.39 97.37 -33.23
N ARG WD 526 -142.76 97.88 -34.40
CA ARG WD 526 -143.83 98.87 -34.52
C ARG WD 526 -145.22 98.24 -34.41
N LEU WD 527 -145.32 96.92 -34.55
CA LEU WD 527 -146.61 96.20 -34.45
C LEU WD 527 -146.80 95.79 -32.98
N GLY WD 528 -145.81 95.12 -32.40
CA GLY WD 528 -145.87 94.70 -30.99
C GLY WD 528 -145.89 95.85 -30.02
N ALA WD 529 -145.26 96.98 -30.37
CA ALA WD 529 -145.27 98.19 -29.52
C ALA WD 529 -146.66 98.80 -29.63
N GLU WD 530 -147.24 98.80 -30.84
CA GLU WD 530 -148.61 99.35 -31.05
C GLU WD 530 -149.59 98.50 -30.24
N VAL WD 531 -149.30 97.16 -30.21
CA VAL WD 531 -150.08 96.20 -29.36
C VAL WD 531 -149.72 96.48 -27.89
N MET WD 532 -148.45 96.75 -27.61
CA MET WD 532 -147.98 97.03 -26.22
C MET WD 532 -148.64 98.31 -25.72
N SER WD 533 -148.74 99.33 -26.57
CA SER WD 533 -149.38 100.62 -26.19
C SER WD 533 -150.84 100.36 -25.86
N GLN WD 534 -151.52 99.53 -26.67
CA GLN WD 534 -152.93 99.15 -26.40
C GLN WD 534 -152.99 98.38 -25.09
N ARG WD 535 -152.02 97.50 -24.85
CA ARG WD 535 -151.96 96.65 -23.62
C ARG WD 535 -151.79 97.53 -22.39
N ILE WD 536 -150.96 98.58 -22.46
CA ILE WD 536 -150.66 99.45 -21.28
C ILE WD 536 -151.88 100.32 -20.96
N ARG WD 537 -152.75 100.58 -21.94
CA ARG WD 537 -153.95 101.38 -21.75
C ARG WD 537 -155.02 100.59 -21.01
N GLU WD 538 -155.21 99.33 -21.38
CA GLU WD 538 -156.17 98.48 -20.67
C GLU WD 538 -155.77 98.30 -19.21
N MET WD 539 -154.47 98.05 -18.97
CA MET WD 539 -154.00 97.85 -17.60
C MET WD 539 -154.15 99.12 -16.76
N SER WD 540 -153.84 100.28 -17.33
CA SER WD 540 -153.95 101.54 -16.59
C SER WD 540 -155.41 101.90 -16.34
N ASP WD 541 -156.30 101.61 -17.28
CA ASP WD 541 -157.72 101.78 -17.03
C ASP WD 541 -158.21 100.85 -15.94
N ASN WD 542 -157.65 99.63 -15.87
CA ASN WD 542 -158.00 98.72 -14.77
C ASN WD 542 -157.53 99.27 -13.43
N ASP WD 543 -156.31 99.80 -13.37
CA ASP WD 543 -155.72 100.32 -12.15
C ASP WD 543 -154.86 101.54 -12.47
N PRO WD 544 -155.39 102.75 -12.28
CA PRO WD 544 -154.58 103.94 -12.58
C PRO WD 544 -153.56 104.26 -11.51
N ARG WD 545 -153.88 104.05 -10.23
CA ARG WD 545 -152.95 104.39 -9.16
C ARG WD 545 -151.78 103.42 -9.07
N VAL WD 546 -151.99 102.17 -9.51
CA VAL WD 546 -150.92 101.18 -9.46
C VAL WD 546 -149.77 101.58 -10.36
N VAL WD 547 -150.09 102.11 -11.55
CA VAL WD 547 -149.03 102.56 -12.46
C VAL WD 547 -148.24 103.71 -11.87
N ALA WD 548 -148.93 104.68 -11.24
CA ALA WD 548 -148.23 105.79 -10.62
C ALA WD 548 -147.35 105.31 -9.47
N LEU WD 549 -147.86 104.37 -8.66
CA LEU WD 549 -147.06 103.82 -7.57
C LEU WD 549 -145.83 103.09 -8.10
N VAL WD 550 -145.98 102.33 -9.18
CA VAL WD 550 -144.84 101.63 -9.77
C VAL WD 550 -143.82 102.62 -10.31
N ILE WD 551 -144.30 103.71 -10.93
CA ILE WD 551 -143.39 104.73 -11.45
C ILE WD 551 -142.63 105.39 -10.30
N ARG WD 552 -143.32 105.69 -9.20
CA ARG WD 552 -142.66 106.29 -8.04
C ARG WD 552 -141.63 105.33 -7.44
N GLN WD 553 -141.97 104.04 -7.39
CA GLN WD 553 -141.03 103.05 -6.89
C GLN WD 553 -139.80 102.96 -7.78
N TRP WD 554 -140.00 103.06 -9.11
CA TRP WD 554 -138.87 103.04 -10.03
C TRP WD 554 -137.96 104.23 -9.80
N MET WD 555 -138.53 105.41 -9.59
CA MET WD 555 -137.73 106.59 -9.29
C MET WD 555 -136.99 106.44 -7.97
N SER WD 556 -137.65 105.89 -6.95
CA SER WD 556 -136.99 105.69 -5.67
C SER WD 556 -135.83 104.71 -5.78
N ASN WD 557 -136.01 103.63 -6.55
CA ASN WD 557 -134.93 102.68 -6.75
C ASN WD 557 -133.83 103.25 -7.62
N ASP WD 558 -134.15 104.23 -8.47
CA ASP WD 558 -133.13 104.85 -9.31
C ASP WD 558 -132.10 105.60 -8.49
N HIS WD 559 -132.46 106.05 -7.29
CA HIS WD 559 -131.55 106.76 -6.43
C HIS WD 559 -130.47 105.83 -5.88
N GLY XD 6 -134.70 104.78 -14.78
CA GLY XD 6 -136.09 104.35 -14.82
C GLY XD 6 -137.06 105.49 -15.00
N THR XD 7 -136.68 106.66 -14.50
CA THR XD 7 -137.53 107.85 -14.65
C THR XD 7 -137.71 108.24 -16.11
N ASP XD 8 -136.63 108.18 -16.90
CA ASP XD 8 -136.72 108.49 -18.31
C ASP XD 8 -137.64 107.50 -19.03
N LYS XD 9 -137.52 106.22 -18.68
CA LYS XD 9 -138.39 105.20 -19.27
C LYS XD 9 -139.85 105.45 -18.88
N SER XD 10 -140.08 105.84 -17.62
CA SER XD 10 -141.44 106.15 -17.19
C SER XD 10 -142.00 107.35 -17.93
N VAL XD 11 -141.17 108.38 -18.13
CA VAL XD 11 -141.60 109.55 -18.88
C VAL XD 11 -141.93 109.19 -20.32
N ILE XD 12 -141.10 108.35 -20.95
CA ILE XD 12 -141.35 107.93 -22.32
C ILE XD 12 -142.65 107.13 -22.40
N LEU XD 13 -142.88 106.23 -21.45
CA LEU XD 13 -144.11 105.45 -21.42
C LEU XD 13 -145.33 106.34 -21.24
N LEU XD 14 -145.23 107.34 -20.36
CA LEU XD 14 -146.33 108.28 -20.15
C LEU XD 14 -146.62 109.08 -21.40
N MET XD 15 -145.56 109.53 -22.09
CA MET XD 15 -145.76 110.26 -23.33
C MET XD 15 -146.40 109.40 -24.40
N THR XD 16 -145.99 108.13 -24.49
CA THR XD 16 -146.55 107.23 -25.48
C THR XD 16 -147.94 106.73 -25.10
N ILE XD 17 -148.36 106.90 -23.84
CA ILE XD 17 -149.66 106.41 -23.42
C ILE XD 17 -150.77 107.31 -23.94
N GLY XD 18 -150.67 108.61 -23.67
CA GLY XD 18 -151.69 109.55 -24.10
C GLY XD 18 -151.92 110.66 -23.09
N GLU XD 19 -152.61 111.71 -23.52
CA GLU XD 19 -152.82 112.86 -22.64
C GLU XD 19 -153.72 112.52 -21.47
N ASP XD 20 -154.81 111.80 -21.72
CA ASP XD 20 -155.78 111.50 -20.66
C ASP XD 20 -155.19 110.56 -19.62
N ARG XD 21 -154.54 109.48 -20.07
CA ARG XD 21 -153.94 108.53 -19.15
C ARG XD 21 -152.84 109.18 -18.32
N ALA XD 22 -151.99 109.98 -18.98
CA ALA XD 22 -150.92 110.67 -18.25
C ALA XD 22 -151.49 111.66 -17.25
N ALA XD 23 -152.56 112.37 -17.62
CA ALA XD 23 -153.18 113.31 -16.69
C ALA XD 23 -153.76 112.59 -15.48
N GLU XD 24 -154.42 111.44 -15.71
CA GLU XD 24 -154.94 110.65 -14.60
C GLU XD 24 -153.82 110.15 -13.70
N VAL XD 25 -152.72 109.68 -14.29
CA VAL XD 25 -151.59 109.19 -13.51
C VAL XD 25 -151.00 110.32 -12.68
N PHE XD 26 -150.85 111.51 -13.28
CA PHE XD 26 -150.33 112.66 -12.54
C PHE XD 26 -151.25 113.05 -11.40
N LYS XD 27 -152.57 113.01 -11.64
CA LYS XD 27 -153.52 113.25 -10.57
C LYS XD 27 -153.42 112.20 -9.48
N HIS XD 28 -152.99 110.99 -9.82
CA HIS XD 28 -152.74 109.94 -8.84
C HIS XD 28 -151.26 109.87 -8.45
N LEU XD 29 -150.51 110.95 -8.63
CA LEU XD 29 -149.09 110.98 -8.35
C LEU XD 29 -148.76 112.15 -7.44
N SER XD 30 -147.63 112.05 -6.74
CA SER XD 30 -147.18 113.07 -5.82
C SER XD 30 -146.69 114.30 -6.59
N THR XD 31 -146.57 115.41 -5.86
CA THR XD 31 -146.19 116.68 -6.47
C THR XD 31 -144.80 116.63 -7.07
N ARG XD 32 -143.82 116.14 -6.32
CA ARG XD 32 -142.46 116.05 -6.80
C ARG XD 32 -142.36 115.11 -7.99
N GLU XD 33 -143.03 113.95 -7.89
CA GLU XD 33 -143.02 112.99 -8.99
C GLU XD 33 -143.68 113.56 -10.23
N VAL XD 34 -144.81 114.27 -10.05
CA VAL XD 34 -145.52 114.86 -11.18
C VAL XD 34 -144.64 115.91 -11.85
N GLN XD 35 -144.00 116.75 -11.05
CA GLN XD 35 -143.13 117.79 -11.61
C GLN XD 35 -141.96 117.18 -12.37
N ALA XD 36 -141.34 116.16 -11.79
CA ALA XD 36 -140.22 115.51 -12.45
C ALA XD 36 -140.65 114.86 -13.77
N LEU XD 37 -141.79 114.19 -13.76
CA LEU XD 37 -142.29 113.56 -14.98
C LEU XD 37 -142.63 114.59 -16.05
N SER XD 38 -143.25 115.70 -15.66
CA SER XD 38 -143.57 116.75 -16.62
C SER XD 38 -142.32 117.37 -17.21
N THR XD 39 -141.31 117.60 -16.36
CA THR XD 39 -140.07 118.23 -16.83
C THR XD 39 -139.29 117.29 -17.76
N ALA XD 40 -139.10 116.05 -17.34
CA ALA XD 40 -138.24 115.13 -18.09
C ALA XD 40 -138.82 114.77 -19.45
N MET XD 41 -140.14 114.55 -19.51
CA MET XD 41 -140.78 114.13 -20.75
C MET XD 41 -140.60 115.18 -21.84
N ALA XD 42 -140.85 116.45 -21.52
CA ALA XD 42 -140.70 117.51 -22.51
C ALA XD 42 -139.24 117.90 -22.69
N ASN XD 43 -138.44 117.67 -21.65
CA ASN XD 43 -137.00 118.07 -21.71
C ASN XD 43 -136.12 117.29 -22.68
N VAL XD 44 -135.87 116.01 -22.37
CA VAL XD 44 -135.08 115.15 -23.31
C VAL XD 44 -135.85 113.82 -23.26
N ARG XD 45 -136.26 113.32 -24.44
CA ARG XD 45 -136.97 112.02 -24.49
C ARG XD 45 -136.11 111.02 -25.27
N GLN XD 46 -135.89 109.83 -24.69
CA GLN XD 46 -135.04 108.82 -25.37
C GLN XD 46 -135.90 107.57 -25.66
N ILE XD 47 -135.84 107.06 -26.89
CA ILE XD 47 -136.59 105.82 -27.26
C ILE XD 47 -135.57 104.75 -27.67
N SER XD 48 -135.66 103.55 -27.08
CA SER XD 48 -134.70 102.47 -27.39
C SER XD 48 -135.45 101.28 -28.03
N ASN XD 49 -134.95 100.79 -29.17
CA ASN XD 49 -135.62 99.67 -29.87
C ASN XD 49 -135.65 98.44 -28.95
N LYS XD 50 -134.58 98.24 -28.18
CA LYS XD 50 -134.50 97.02 -27.33
C LYS XD 50 -134.50 97.39 -25.83
N GLN XD 51 -133.65 98.32 -25.40
CA GLN XD 51 -133.55 98.57 -23.97
C GLN XD 51 -134.89 99.00 -23.38
N LEU XD 52 -135.62 99.87 -24.07
CA LEU XD 52 -136.92 100.31 -23.57
C LEU XD 52 -137.90 99.14 -23.49
N THR XD 53 -137.91 98.28 -24.50
CA THR XD 53 -138.80 97.13 -24.47
C THR XD 53 -138.42 96.16 -23.35
N ASP XD 54 -137.12 95.92 -23.15
CA ASP XD 54 -136.69 95.05 -22.07
C ASP XD 54 -137.09 95.61 -20.71
N VAL XD 55 -136.90 96.93 -20.53
CA VAL XD 55 -137.27 97.56 -19.26
C VAL XD 55 -138.78 97.49 -19.04
N LEU XD 56 -139.57 97.72 -20.09
CA LEU XD 56 -141.02 97.64 -19.97
C LEU XD 56 -141.46 96.23 -19.60
N SER XD 57 -140.86 95.22 -20.24
CA SER XD 57 -141.20 93.84 -19.90
C SER XD 57 -140.83 93.51 -18.46
N GLU XD 58 -139.65 93.95 -18.02
CA GLU XD 58 -139.24 93.70 -16.64
C GLU XD 58 -140.17 94.38 -15.65
N PHE XD 59 -140.59 95.61 -15.95
CA PHE XD 59 -141.52 96.32 -15.07
C PHE XD 59 -142.87 95.62 -15.02
N GLU XD 60 -143.36 95.17 -16.18
CA GLU XD 60 -144.66 94.50 -16.23
C GLU XD 60 -144.63 93.16 -15.51
N GLN XD 61 -143.44 92.55 -15.44
CA GLN XD 61 -143.36 91.20 -14.81
C GLN XD 61 -142.77 91.29 -13.40
N GLU XD 62 -142.32 92.47 -12.96
CA GLU XD 62 -141.62 92.54 -11.66
C GLU XD 62 -142.54 92.14 -10.47
N ALA XD 63 -143.78 92.61 -10.42
CA ALA XD 63 -144.70 92.14 -9.34
C ALA XD 63 -146.17 92.29 -9.71
N GLU XD 64 -147.06 91.48 -9.13
CA GLU XD 64 -148.51 91.69 -9.32
C GLU XD 64 -149.08 92.46 -8.10
N GLN XD 65 -148.22 92.77 -7.12
CA GLN XD 65 -148.68 93.42 -5.86
C GLN XD 65 -149.29 94.81 -6.11
N PHE XD 66 -148.69 95.59 -7.02
CA PHE XD 66 -149.15 96.99 -7.23
C PHE XD 66 -150.59 97.00 -7.72
N ALA XD 67 -150.98 96.07 -8.58
CA ALA XD 67 -152.33 96.14 -9.19
C ALA XD 67 -153.43 96.05 -8.14
N ALA XD 68 -153.30 95.20 -7.11
CA ALA XD 68 -154.42 95.00 -6.16
C ALA XD 68 -154.39 96.00 -4.99
N LEU XD 69 -153.38 95.95 -4.14
CA LEU XD 69 -153.34 96.78 -2.95
C LEU XD 69 -153.53 98.25 -3.29
N ASN XD 70 -152.86 98.71 -4.36
CA ASN XD 70 -152.96 100.11 -4.75
C ASN XD 70 -154.30 100.43 -5.40
N ILE XD 71 -155.02 99.43 -5.89
CA ILE XD 71 -156.31 99.64 -6.54
C ILE XD 71 -157.30 100.21 -5.52
N ASN XD 72 -157.34 99.62 -4.33
CA ASN XD 72 -158.24 100.05 -3.27
C ASN XD 72 -157.52 99.89 -1.93
N ALA XD 73 -156.95 101.01 -1.43
CA ALA XD 73 -156.28 101.00 -0.14
C ALA XD 73 -156.98 101.94 0.84
N ASN XD 74 -157.15 103.20 0.46
CA ASN XD 74 -157.77 104.17 1.36
C ASN XD 74 -159.27 103.95 1.46
N GLU XD 75 -159.94 103.63 0.36
CA GLU XD 75 -161.38 103.42 0.38
C GLU XD 75 -161.73 102.22 1.27
N TYR XD 76 -160.97 101.13 1.16
CA TYR XD 76 -161.21 99.97 1.99
C TYR XD 76 -161.03 100.28 3.47
N LEU XD 77 -159.96 101.03 3.80
CA LEU XD 77 -159.72 101.40 5.19
C LEU XD 77 -160.84 102.28 5.72
N ARG XD 78 -161.31 103.24 4.91
CA ARG XD 78 -162.41 104.09 5.34
C ARG XD 78 -163.69 103.29 5.56
N SER XD 79 -164.00 102.36 4.65
CA SER XD 79 -165.19 101.54 4.80
C SER XD 79 -165.10 100.67 6.05
N VAL XD 80 -163.92 100.09 6.30
CA VAL XD 80 -163.73 99.27 7.50
C VAL XD 80 -163.89 100.10 8.76
N LEU XD 81 -163.33 101.32 8.77
CA LEU XD 81 -163.49 102.19 9.93
C LEU XD 81 -164.95 102.58 10.15
N VAL XD 82 -165.67 102.85 9.08
CA VAL XD 82 -167.08 103.23 9.19
C VAL XD 82 -167.90 102.05 9.74
N LYS XD 83 -167.65 100.85 9.22
CA LYS XD 83 -168.46 99.70 9.60
C LYS XD 83 -168.05 99.15 10.96
N ALA XD 84 -166.84 99.46 11.41
CA ALA XD 84 -166.31 98.85 12.63
C ALA XD 84 -166.97 99.39 13.88
N LEU XD 85 -166.82 100.70 14.13
CA LEU XD 85 -167.32 101.32 15.35
C LEU XD 85 -168.48 102.26 15.04
N GLY XD 86 -168.30 103.21 14.15
CA GLY XD 86 -169.36 104.16 13.83
C GLY XD 86 -168.81 105.32 13.04
N GLU XD 87 -169.72 106.19 12.58
CA GLU XD 87 -169.31 107.35 11.80
C GLU XD 87 -168.44 108.30 12.61
N GLU XD 88 -168.79 108.52 13.88
CA GLU XD 88 -168.00 109.41 14.73
C GLU XD 88 -166.60 108.88 14.97
N ARG XD 89 -166.47 107.59 15.24
CA ARG XD 89 -165.15 106.99 15.45
C ARG XD 89 -164.38 106.86 14.14
N ALA XD 90 -165.09 106.62 13.03
CA ALA XD 90 -164.43 106.54 11.73
C ALA XD 90 -163.78 107.86 11.36
N SER XD 91 -164.44 108.98 11.66
CA SER XD 91 -163.85 110.28 11.39
C SER XD 91 -162.56 110.49 12.17
N SER XD 92 -162.56 110.11 13.45
CA SER XD 92 -161.35 110.24 14.26
C SER XD 92 -160.23 109.34 13.75
N LEU XD 93 -160.57 108.10 13.37
CA LEU XD 93 -159.56 107.20 12.84
C LEU XD 93 -158.97 107.71 11.54
N LEU XD 94 -159.82 108.23 10.64
CA LEU XD 94 -159.33 108.79 9.39
C LEU XD 94 -158.47 110.02 9.63
N GLU XD 95 -158.86 110.87 10.59
CA GLU XD 95 -158.06 112.04 10.93
C GLU XD 95 -156.69 111.62 11.46
N ASP XD 96 -156.65 110.61 12.33
CA ASP XD 96 -155.38 110.12 12.84
C ASP XD 96 -154.52 109.55 11.71
N ILE XD 97 -155.12 108.79 10.80
CA ILE XD 97 -154.38 108.20 9.69
C ILE XD 97 -153.80 109.30 8.81
N LEU XD 98 -154.59 110.34 8.52
CA LEU XD 98 -154.10 111.45 7.72
C LEU XD 98 -152.99 112.21 8.44
N GLU XD 99 -153.14 112.41 9.75
CA GLU XD 99 -152.13 113.13 10.51
C GLU XD 99 -150.85 112.32 10.66
N THR XD 100 -150.93 111.00 10.45
CA THR XD 100 -149.72 110.18 10.48
C THR XD 100 -148.72 110.64 9.42
N ARG XD 101 -149.20 111.14 8.29
CA ARG XD 101 -148.35 111.72 7.25
C ARG XD 101 -148.34 113.23 7.45
N ASP XD 102 -147.24 113.74 7.96
CA ASP XD 102 -147.10 115.16 8.27
C ASP XD 102 -146.47 115.89 7.09
N THR XD 103 -146.23 117.19 7.26
CA THR XD 103 -145.67 118.03 6.23
C THR XD 103 -144.36 118.62 6.73
N THR XD 104 -143.38 118.74 5.81
CA THR XD 104 -142.06 119.23 6.20
C THR XD 104 -142.07 120.74 6.41
N SER XD 105 -142.41 121.50 5.37
CA SER XD 105 -142.43 122.95 5.46
C SER XD 105 -143.52 123.41 6.42
N GLY XD 106 -143.17 124.36 7.29
CA GLY XD 106 -144.08 124.79 8.34
C GLY XD 106 -145.35 125.45 7.82
N ILE XD 107 -145.31 126.00 6.61
CA ILE XD 107 -146.48 126.68 6.07
C ILE XD 107 -147.64 125.69 5.95
N GLU XD 108 -147.38 124.51 5.40
CA GLU XD 108 -148.42 123.48 5.34
C GLU XD 108 -148.77 122.96 6.72
N THR XD 109 -147.81 122.91 7.65
CA THR XD 109 -148.13 122.49 9.01
C THR XD 109 -149.08 123.47 9.68
N LEU XD 110 -149.08 124.72 9.24
CA LEU XD 110 -150.05 125.67 9.76
C LEU XD 110 -151.53 125.37 9.58
N ASN XD 111 -151.90 124.62 8.52
CA ASN XD 111 -153.32 124.21 8.32
C ASN XD 111 -153.77 123.00 9.15
N PHE XD 112 -152.87 122.41 9.94
CA PHE XD 112 -153.25 121.30 10.85
C PHE XD 112 -153.47 121.86 12.24
N MET XD 113 -153.20 123.16 12.41
CA MET XD 113 -153.36 123.84 13.69
C MET XD 113 -154.82 124.27 13.73
N GLU XD 114 -155.28 124.55 14.94
CA GLU XD 114 -156.62 125.07 15.12
C GLU XD 114 -156.72 126.46 14.50
N PRO XD 115 -157.87 126.81 13.92
CA PRO XD 115 -158.01 128.15 13.31
C PRO XD 115 -157.67 129.33 14.21
N GLN XD 116 -158.07 129.29 15.48
CA GLN XD 116 -157.78 130.43 16.37
C GLN XD 116 -156.29 130.52 16.71
N SER XD 117 -155.62 129.38 16.86
CA SER XD 117 -154.20 129.38 17.16
C SER XD 117 -153.47 130.03 15.99
N ALA XD 118 -153.82 129.62 14.76
CA ALA XD 118 -153.19 130.22 13.59
C ALA XD 118 -153.54 131.69 13.46
N ALA XD 119 -154.80 132.04 13.73
CA ALA XD 119 -155.21 133.44 13.65
C ALA XD 119 -154.45 134.30 14.65
N ASP XD 120 -154.26 133.80 15.87
CA ASP XD 120 -153.47 134.52 16.85
C ASP XD 120 -152.00 134.58 16.43
N LEU XD 121 -151.48 133.52 15.82
CA LEU XD 121 -150.08 133.49 15.45
C LEU XD 121 -149.75 134.48 14.35
N ILE XD 122 -150.62 134.60 13.34
CA ILE XD 122 -150.31 135.42 12.17
C ILE XD 122 -151.07 136.73 12.14
N ARG XD 123 -151.78 137.09 13.21
CA ARG XD 123 -152.50 138.35 13.22
C ARG XD 123 -151.54 139.55 13.15
N ASP XD 124 -150.42 139.46 13.88
CA ASP XD 124 -149.52 140.60 13.98
C ASP XD 124 -148.61 140.73 12.77
N GLU XD 125 -148.58 139.73 11.89
CA GLU XD 125 -147.69 139.76 10.75
C GLU XD 125 -148.13 140.82 9.74
N HIS XD 126 -147.23 141.16 8.83
CA HIS XD 126 -147.53 142.10 7.78
C HIS XD 126 -148.64 141.56 6.89
N PRO XD 127 -149.56 142.41 6.42
CA PRO XD 127 -150.70 141.89 5.65
C PRO XD 127 -150.30 141.10 4.42
N GLN XD 128 -149.23 141.49 3.73
CA GLN XD 128 -148.77 140.72 2.59
C GLN XD 128 -148.27 139.33 2.99
N ILE XD 129 -147.60 139.23 4.13
CA ILE XD 129 -147.15 137.93 4.61
C ILE XD 129 -148.34 137.05 4.98
N ILE XD 130 -149.36 137.65 5.58
CA ILE XD 130 -150.59 136.92 5.88
C ILE XD 130 -151.16 136.40 4.58
N ALA XD 131 -151.24 137.25 3.56
CA ALA XD 131 -151.80 136.84 2.28
C ALA XD 131 -150.99 135.70 1.66
N THR XD 132 -149.66 135.79 1.73
CA THR XD 132 -148.82 134.73 1.20
C THR XD 132 -149.08 133.42 1.93
N ILE XD 133 -149.19 133.49 3.25
CA ILE XD 133 -149.50 132.26 4.03
C ILE XD 133 -150.84 131.68 3.56
N LEU XD 134 -151.85 132.54 3.33
CA LEU XD 134 -153.21 132.04 3.00
C LEU XD 134 -153.26 131.26 1.68
N VAL XD 135 -152.56 131.71 0.63
CA VAL XD 135 -152.69 131.02 -0.69
C VAL XD 135 -151.89 129.71 -0.56
N HIS XD 136 -150.89 129.67 0.33
CA HIS XD 136 -150.16 128.39 0.54
C HIS XD 136 -150.97 127.51 1.51
N LEU XD 137 -151.79 128.13 2.35
CA LEU XD 137 -152.61 127.36 3.33
C LEU XD 137 -153.83 126.76 2.60
N LYS XD 138 -154.42 125.71 3.19
CA LYS XD 138 -155.63 125.09 2.62
C LYS XD 138 -156.75 126.15 2.59
N ARG XD 139 -157.58 126.16 1.55
CA ARG XD 139 -158.62 127.20 1.41
C ARG XD 139 -159.58 127.17 2.61
N SER XD 140 -160.05 125.99 3.01
CA SER XD 140 -161.04 125.92 4.11
C SER XD 140 -160.46 126.61 5.36
N GLN XD 141 -159.21 126.30 5.70
CA GLN XD 141 -158.58 126.86 6.92
C GLN XD 141 -158.49 128.37 6.77
N ALA XD 142 -158.00 128.84 5.61
CA ALA XD 142 -157.83 130.27 5.39
C ALA XD 142 -159.14 131.01 5.57
N ALA XD 143 -160.25 130.42 5.12
CA ALA XD 143 -161.55 131.06 5.30
C ALA XD 143 -161.90 131.21 6.77
N ASP XD 144 -161.64 130.15 7.55
CA ASP XD 144 -161.90 130.24 8.99
C ASP XD 144 -161.01 131.29 9.64
N ILE XD 145 -159.74 131.35 9.25
CA ILE XD 145 -158.83 132.34 9.80
C ILE XD 145 -159.29 133.76 9.56
N LEU XD 146 -159.71 134.05 8.32
CA LEU XD 146 -160.21 135.38 8.00
C LEU XD 146 -161.51 135.69 8.73
N ALA XD 147 -162.33 134.66 8.97
CA ALA XD 147 -163.54 134.84 9.75
C ALA XD 147 -163.20 135.32 11.15
N LEU XD 148 -162.13 134.75 11.72
CA LEU XD 148 -161.70 135.15 13.09
C LEU XD 148 -160.97 136.51 13.03
N PHE XD 149 -160.57 136.96 11.85
CA PHE XD 149 -159.77 138.21 11.75
C PHE XD 149 -160.68 139.43 11.83
N ASP XD 150 -160.17 140.54 12.39
CA ASP XD 150 -160.93 141.77 12.41
C ASP XD 150 -161.36 142.15 10.99
N GLU XD 151 -162.47 142.89 10.89
CA GLU XD 151 -163.04 143.19 9.59
C GLU XD 151 -162.09 144.04 8.74
N ARG XD 152 -161.38 145.00 9.36
CA ARG XD 152 -160.42 145.79 8.61
C ARG XD 152 -159.30 144.93 8.06
N LEU XD 153 -158.68 144.11 8.93
CA LEU XD 153 -157.65 143.20 8.48
C LEU XD 153 -158.20 142.19 7.48
N ARG XD 154 -159.43 141.73 7.69
CA ARG XD 154 -160.05 140.79 6.76
C ARG XD 154 -160.15 141.39 5.37
N HIS XD 155 -160.69 142.61 5.26
CA HIS XD 155 -160.81 143.26 3.96
C HIS XD 155 -159.45 143.51 3.33
N ASP XD 156 -158.49 143.98 4.13
CA ASP XD 156 -157.16 144.27 3.60
C ASP XD 156 -156.52 143.00 3.04
N VAL XD 157 -156.57 141.91 3.81
CA VAL XD 157 -155.94 140.68 3.37
C VAL XD 157 -156.65 140.11 2.16
N MET XD 158 -157.99 140.22 2.12
CA MET XD 158 -158.71 139.75 0.94
C MET XD 158 -158.32 140.53 -0.30
N LEU XD 159 -158.19 141.85 -0.15
CA LEU XD 159 -157.74 142.67 -1.29
C LEU XD 159 -156.36 142.26 -1.74
N ARG XD 160 -155.45 142.01 -0.80
CA ARG XD 160 -154.11 141.55 -1.17
C ARG XD 160 -154.17 140.20 -1.88
N ILE XD 161 -155.08 139.33 -1.45
CA ILE XD 161 -155.25 138.04 -2.09
C ILE XD 161 -155.70 138.23 -3.54
N ALA XD 162 -156.62 139.16 -3.76
CA ALA XD 162 -157.15 139.36 -5.11
C ALA XD 162 -156.06 139.79 -6.08
N THR XD 163 -155.17 140.69 -5.65
CA THR XD 163 -154.15 141.26 -6.53
C THR XD 163 -152.74 140.75 -6.19
N PHE XD 164 -152.61 139.48 -5.82
CA PHE XD 164 -151.30 138.93 -5.50
C PHE XD 164 -150.40 138.95 -6.73
N GLY XD 165 -149.11 139.17 -6.51
CA GLY XD 165 -148.17 139.32 -7.60
C GLY XD 165 -146.93 138.45 -7.52
N GLY XD 166 -146.95 137.42 -6.68
CA GLY XD 166 -145.83 136.51 -6.61
C GLY XD 166 -144.66 136.89 -5.72
N VAL XD 167 -144.16 135.93 -4.94
CA VAL XD 167 -143.08 136.17 -4.02
C VAL XD 167 -141.69 135.88 -4.53
N GLN XD 168 -140.69 136.58 -3.99
CA GLN XD 168 -139.31 136.31 -4.35
C GLN XD 168 -139.00 134.98 -3.67
N PRO XD 169 -138.23 134.12 -4.33
CA PRO XD 169 -137.90 132.82 -3.70
C PRO XD 169 -137.15 132.98 -2.38
N ALA XD 170 -136.29 133.98 -2.26
CA ALA XD 170 -135.56 134.19 -1.01
C ALA XD 170 -136.52 134.54 0.13
N ALA XD 171 -137.47 135.43 -0.13
CA ALA XD 171 -138.43 135.79 0.90
C ALA XD 171 -139.31 134.62 1.30
N LEU XD 172 -139.74 133.82 0.31
CA LEU XD 172 -140.53 132.64 0.62
C LEU XD 172 -139.75 131.65 1.46
N ALA XD 173 -138.48 131.42 1.10
CA ALA XD 173 -137.64 130.53 1.90
C ALA XD 173 -137.45 131.06 3.31
N GLU XD 174 -137.30 132.38 3.44
CA GLU XD 174 -137.13 132.98 4.77
C GLU XD 174 -138.38 132.78 5.62
N LEU XD 175 -139.56 133.02 5.04
CA LEU XD 175 -140.80 132.76 5.77
C LEU XD 175 -140.93 131.29 6.13
N THR XD 176 -140.57 130.42 5.19
CA THR XD 176 -140.67 128.97 5.43
C THR XD 176 -139.83 128.62 6.64
N GLU XD 177 -138.55 129.00 6.63
CA GLU XD 177 -137.63 128.63 7.75
C GLU XD 177 -138.13 129.26 9.05
N VAL XD 178 -138.59 130.51 9.00
CA VAL XD 178 -139.11 131.19 10.22
C VAL XD 178 -140.30 130.37 10.73
N LEU XD 179 -141.28 130.12 9.86
CA LEU XD 179 -142.48 129.41 10.31
C LEU XD 179 -142.15 128.01 10.81
N ASN XD 180 -141.14 127.37 10.21
CA ASN XD 180 -140.72 126.06 10.68
C ASN XD 180 -140.19 126.12 12.11
N GLY XD 181 -139.34 127.10 12.40
CA GLY XD 181 -138.79 127.24 13.74
C GLY XD 181 -139.84 127.49 14.80
N LEU XD 182 -141.03 127.91 14.40
CA LEU XD 182 -142.09 128.19 15.38
C LEU XD 182 -142.99 126.98 15.58
N LEU XD 183 -143.32 126.29 14.49
CA LEU XD 183 -144.29 125.17 14.62
C LEU XD 183 -143.61 123.82 14.84
N ASP XD 184 -142.41 123.60 14.31
CA ASP XD 184 -141.82 122.25 14.46
C ASP XD 184 -141.60 121.96 15.95
N GLY XD 185 -141.11 122.95 16.71
CA GLY XD 185 -140.97 122.77 18.17
C GLY XD 185 -142.31 122.58 18.85
N GLN XD 186 -143.33 123.34 18.44
CA GLN XD 186 -144.65 123.29 19.10
C GLN XD 186 -145.35 121.94 18.84
N ASN XD 187 -146.05 121.41 19.85
CA ASN XD 187 -146.86 120.18 19.61
C ASN XD 187 -147.96 120.56 18.62
N LEU XD 188 -148.29 119.68 17.66
CA LEU XD 188 -149.27 120.07 16.63
C LEU XD 188 -150.40 119.03 16.53
N LYS XD 189 -150.78 118.38 17.63
CA LYS XD 189 -151.91 117.46 17.51
C LYS XD 189 -152.74 117.48 18.79
N ARG XD 190 -153.51 118.57 18.93
CA ARG XD 190 -154.43 118.68 20.05
C ARG XD 190 -155.52 117.62 19.95
N SER XD 191 -155.49 116.65 20.85
CA SER XD 191 -156.45 115.56 20.82
C SER XD 191 -157.78 116.04 21.40
N LYS XD 192 -158.85 115.92 20.63
CA LYS XD 192 -160.18 116.36 21.05
C LYS XD 192 -161.00 115.12 21.38
N MET XD 193 -161.22 114.89 22.66
CA MET XD 193 -162.01 113.76 23.16
C MET XD 193 -163.19 114.29 23.95
N GLY XD 194 -164.41 114.03 23.46
CA GLY XD 194 -165.60 114.47 24.19
C GLY XD 194 -166.17 115.77 23.65
N GLY XD 195 -167.20 115.70 22.81
CA GLY XD 195 -167.84 116.90 22.30
C GLY XD 195 -169.25 117.03 22.84
N VAL XD 196 -170.23 116.83 21.98
CA VAL XD 196 -171.63 116.83 22.36
C VAL XD 196 -172.29 115.44 22.36
N ARG XD 197 -171.74 114.55 21.54
CA ARG XD 197 -172.21 113.17 21.51
C ARG XD 197 -171.89 112.62 22.90
N THR XD 198 -170.66 112.85 23.38
CA THR XD 198 -170.29 112.36 24.69
C THR XD 198 -171.11 113.02 25.78
N ALA XD 199 -171.37 114.33 25.66
CA ALA XD 199 -172.19 115.00 26.64
C ALA XD 199 -173.61 114.43 26.66
N ALA XD 200 -174.18 114.17 25.49
CA ALA XD 200 -175.52 113.59 25.44
C ALA XD 200 -175.54 112.20 26.05
N GLU XD 201 -174.51 111.39 25.76
CA GLU XD 201 -174.43 110.06 26.35
C GLU XD 201 -174.31 110.13 27.86
N ILE XD 202 -173.53 111.07 28.37
CA ILE XD 202 -173.40 111.24 29.82
C ILE XD 202 -174.74 111.64 30.42
N ILE XD 203 -175.43 112.58 29.77
CA ILE XD 203 -176.70 113.07 30.29
C ILE XD 203 -177.73 111.95 30.32
N ASN XD 204 -177.77 111.13 29.27
CA ASN XD 204 -178.81 110.11 29.13
C ASN XD 204 -178.78 109.06 30.25
N LEU XD 205 -177.67 108.93 30.97
CA LEU XD 205 -177.52 107.88 31.97
C LEU XD 205 -177.71 108.35 33.41
N MET XD 206 -178.11 109.59 33.64
CA MET XD 206 -178.29 110.09 34.99
C MET XD 206 -179.77 110.30 35.29
N LYS XD 207 -180.05 110.74 36.51
CA LYS XD 207 -181.42 110.90 36.96
C LYS XD 207 -182.18 111.95 36.17
N THR XD 208 -183.50 111.79 36.09
CA THR XD 208 -184.33 112.68 35.29
C THR XD 208 -184.29 114.11 35.81
N GLN XD 209 -184.31 114.30 37.13
CA GLN XD 209 -184.27 115.65 37.68
C GLN XD 209 -182.95 116.34 37.34
N GLN XD 210 -181.83 115.64 37.50
CA GLN XD 210 -180.56 116.20 37.10
C GLN XD 210 -180.50 116.40 35.58
N GLU XD 211 -181.15 115.51 34.82
CA GLU XD 211 -181.19 115.68 33.37
C GLU XD 211 -181.85 116.99 32.98
N GLU XD 212 -183.05 117.24 33.53
CA GLU XD 212 -183.74 118.48 33.20
C GLU XD 212 -182.99 119.70 33.73
N ALA XD 213 -182.37 119.60 34.91
CA ALA XD 213 -181.59 120.71 35.43
C ALA XD 213 -180.44 121.05 34.49
N VAL XD 214 -179.69 120.04 34.04
CA VAL XD 214 -178.54 120.35 33.19
C VAL XD 214 -178.99 120.85 31.82
N ILE XD 215 -180.07 120.29 31.26
CA ILE XD 215 -180.47 120.75 29.93
C ILE XD 215 -181.00 122.18 30.00
N THR XD 216 -181.72 122.52 31.06
CA THR XD 216 -182.18 123.90 31.18
C THR XD 216 -181.03 124.85 31.46
N ALA XD 217 -180.01 124.40 32.20
CA ALA XD 217 -178.83 125.24 32.40
C ALA XD 217 -178.12 125.49 31.07
N VAL XD 218 -177.97 124.45 30.25
CA VAL XD 218 -177.34 124.62 28.94
C VAL XD 218 -178.17 125.57 28.08
N ARG XD 219 -179.49 125.40 28.10
CA ARG XD 219 -180.37 126.27 27.32
C ARG XD 219 -180.24 127.72 27.77
N GLU XD 220 -180.11 127.94 29.07
CA GLU XD 220 -179.85 129.29 29.57
C GLU XD 220 -178.52 129.81 29.04
N PHE XD 221 -177.49 128.97 29.02
CA PHE XD 221 -176.21 129.38 28.46
C PHE XD 221 -176.28 129.64 26.96
N ASP XD 222 -176.91 128.75 26.21
CA ASP XD 222 -177.02 128.85 24.78
C ASP XD 222 -178.10 127.87 24.34
N GLY XD 223 -179.14 128.37 23.68
CA GLY XD 223 -180.23 127.50 23.25
C GLY XD 223 -179.85 126.53 22.14
N GLU XD 224 -178.98 126.97 21.22
CA GLU XD 224 -178.57 126.11 20.11
C GLU XD 224 -177.83 124.87 20.62
N LEU XD 225 -176.94 125.06 21.59
CA LEU XD 225 -176.23 123.91 22.16
C LEU XD 225 -177.19 122.96 22.84
N ALA XD 226 -178.17 123.49 23.56
CA ALA XD 226 -179.17 122.63 24.21
C ALA XD 226 -179.97 121.82 23.20
N GLN XD 227 -180.39 122.45 22.10
CA GLN XD 227 -181.12 121.73 21.08
C GLN XD 227 -180.27 120.67 20.40
N LYS XD 228 -179.00 120.97 20.15
CA LYS XD 228 -178.11 119.98 19.55
C LYS XD 228 -177.92 118.82 20.50
N ILE XD 229 -177.79 119.10 21.80
CA ILE XD 229 -177.66 118.04 22.80
C ILE XD 229 -178.91 117.19 22.82
N ILE XD 230 -180.09 117.82 22.75
CA ILE XD 230 -181.34 117.08 22.75
C ILE XD 230 -181.48 116.18 21.52
N ASP XD 231 -181.05 116.68 20.36
CA ASP XD 231 -181.13 115.88 19.14
C ASP XD 231 -180.16 114.71 19.20
N GLU XD 232 -178.96 114.94 19.73
CA GLU XD 232 -177.99 113.87 19.85
C GLU XD 232 -178.46 112.93 20.95
N MET XD 233 -179.33 113.41 21.84
CA MET XD 233 -179.81 112.56 22.93
C MET XD 233 -180.54 111.33 22.41
N PHE XD 234 -181.47 111.52 21.48
CA PHE XD 234 -182.25 110.44 20.89
C PHE XD 234 -182.10 110.48 19.37
N LEU XD 235 -181.24 109.62 18.84
CA LEU XD 235 -181.03 109.54 17.41
C LEU XD 235 -182.16 108.75 16.74
N PHE XD 236 -182.16 108.76 15.41
CA PHE XD 236 -183.17 108.03 14.66
C PHE XD 236 -182.77 106.56 14.52
N GLU XD 237 -182.43 105.94 15.64
CA GLU XD 237 -182.13 104.50 15.67
C GLU XD 237 -182.72 103.78 16.87
N ASN XD 238 -183.18 104.49 17.90
CA ASN XD 238 -183.79 103.89 19.07
C ASN XD 238 -185.30 103.76 18.94
N LEU XD 239 -185.87 104.15 17.80
CA LEU XD 239 -187.30 104.04 17.60
C LEU XD 239 -187.77 102.59 17.65
N VAL XD 240 -186.87 101.63 17.38
CA VAL XD 240 -187.22 100.22 17.52
C VAL XD 240 -187.54 99.85 18.96
N ASP XD 241 -186.99 100.59 19.93
CA ASP XD 241 -187.24 100.31 21.34
C ASP XD 241 -188.48 101.03 21.87
N VAL XD 242 -189.17 101.80 21.03
CA VAL XD 242 -190.37 102.50 21.45
C VAL XD 242 -191.52 101.51 21.54
N ASP XD 243 -192.42 101.73 22.51
CA ASP XD 243 -193.55 100.84 22.71
C ASP XD 243 -194.53 100.95 21.55
N ASP XD 244 -195.29 99.87 21.34
CA ASP XD 244 -196.28 99.86 20.26
C ASP XD 244 -197.37 100.90 20.50
N ARG XD 245 -197.80 101.05 21.76
CA ARG XD 245 -198.81 102.05 22.07
C ARG XD 245 -198.29 103.46 21.80
N SER XD 246 -197.04 103.73 22.15
CA SER XD 246 -196.44 105.03 21.86
C SER XD 246 -196.36 105.27 20.36
N ILE XD 247 -195.99 104.24 19.60
CA ILE XD 247 -195.94 104.38 18.15
C ILE XD 247 -197.30 104.67 17.58
N GLN XD 248 -198.34 103.98 18.04
CA GLN XD 248 -199.70 104.24 17.56
C GLN XD 248 -200.14 105.65 17.92
N ARG XD 249 -199.83 106.10 19.14
CA ARG XD 249 -200.20 107.45 19.54
C ARG XD 249 -199.50 108.50 18.69
N LEU XD 250 -198.21 108.28 18.38
CA LEU XD 250 -197.47 109.24 17.58
C LEU XD 250 -197.89 109.20 16.12
N LEU XD 251 -198.43 108.07 15.67
CA LEU XD 251 -198.86 107.97 14.27
C LEU XD 251 -199.99 108.94 13.96
N GLN XD 252 -200.77 109.33 14.96
CA GLN XD 252 -201.87 110.26 14.76
C GLN XD 252 -201.40 111.67 14.42
N GLU XD 253 -200.15 112.01 14.70
CA GLU XD 253 -199.61 113.33 14.41
C GLU XD 253 -198.51 113.33 13.37
N VAL XD 254 -198.26 112.21 12.71
CA VAL XD 254 -197.19 112.10 11.72
C VAL XD 254 -197.82 112.11 10.33
N ASP XD 255 -197.34 113.02 9.48
CA ASP XD 255 -197.83 113.08 8.10
C ASP XD 255 -197.38 111.84 7.34
N SER XD 256 -198.27 111.34 6.47
CA SER XD 256 -197.97 110.12 5.73
C SER XD 256 -196.78 110.34 4.79
N GLU XD 257 -196.74 111.47 4.09
CA GLU XD 257 -195.64 111.74 3.18
C GLU XD 257 -194.31 111.89 3.93
N SER XD 258 -194.32 112.64 5.03
CA SER XD 258 -193.10 112.82 5.82
C SER XD 258 -192.65 111.49 6.43
N LEU XD 259 -193.59 110.70 6.94
CA LEU XD 259 -193.23 109.41 7.51
C LEU XD 259 -192.65 108.49 6.45
N LEU XD 260 -193.24 108.47 5.26
CA LEU XD 260 -192.72 107.63 4.18
C LEU XD 260 -191.32 108.09 3.76
N ILE XD 261 -191.11 109.42 3.68
CA ILE XD 261 -189.80 109.94 3.31
C ILE XD 261 -188.76 109.54 4.36
N ALA XD 262 -189.11 109.65 5.64
CA ALA XD 262 -188.19 109.28 6.70
C ALA XD 262 -187.89 107.79 6.69
N LEU XD 263 -188.91 106.96 6.45
CA LEU XD 263 -188.73 105.51 6.48
C LEU XD 263 -188.21 104.93 5.17
N LYS XD 264 -188.04 105.77 4.14
CA LYS XD 264 -187.49 105.27 2.88
C LYS XD 264 -186.08 104.74 3.08
N GLY XD 265 -185.25 105.46 3.83
CA GLY XD 265 -183.90 105.02 4.14
C GLY XD 265 -183.73 104.35 5.49
N ALA XD 266 -184.83 104.09 6.21
CA ALA XD 266 -184.75 103.48 7.52
C ALA XD 266 -184.50 101.97 7.39
N GLU XD 267 -184.16 101.34 8.51
CA GLU XD 267 -183.93 99.91 8.52
C GLU XD 267 -185.25 99.16 8.30
N PRO XD 268 -185.21 98.00 7.64
CA PRO XD 268 -186.44 97.24 7.41
C PRO XD 268 -187.10 96.87 8.72
N PRO XD 269 -186.32 96.54 9.75
CA PRO XD 269 -186.94 96.25 11.06
C PRO XD 269 -187.71 97.44 11.63
N LEU XD 270 -187.19 98.65 11.47
CA LEU XD 270 -187.90 99.83 11.95
C LEU XD 270 -189.20 100.04 11.18
N ARG XD 271 -189.18 99.84 9.86
CA ARG XD 271 -190.39 99.97 9.07
C ARG XD 271 -191.42 98.92 9.47
N GLU XD 272 -190.97 97.68 9.71
CA GLU XD 272 -191.89 96.63 10.12
C GLU XD 272 -192.49 96.93 11.50
N LYS XD 273 -191.67 97.44 12.42
CA LYS XD 273 -192.18 97.78 13.75
C LYS XD 273 -193.17 98.94 13.68
N PHE XD 274 -192.89 99.93 12.83
CA PHE XD 274 -193.76 101.10 12.70
C PHE XD 274 -194.99 100.82 11.86
N LEU XD 275 -195.03 99.72 11.11
CA LEU XD 275 -196.17 99.36 10.29
C LEU XD 275 -197.18 98.51 11.03
N ARG XD 276 -196.90 98.13 12.28
CA ARG XD 276 -197.81 97.32 13.06
C ARG XD 276 -198.76 98.14 13.92
N ASN XD 277 -198.66 99.47 13.86
CA ASN XD 277 -199.52 100.35 14.65
C ASN XD 277 -200.71 100.90 13.86
N MET XD 278 -200.65 100.90 12.54
CA MET XD 278 -201.73 101.41 11.71
C MET XD 278 -202.60 100.25 11.22
N SER XD 279 -203.58 100.56 10.37
CA SER XD 279 -204.46 99.53 9.84
C SER XD 279 -203.73 98.72 8.77
N GLN XD 280 -204.32 97.56 8.44
CA GLN XD 280 -203.74 96.71 7.40
C GLN XD 280 -203.75 97.41 6.05
N ARG XD 281 -204.85 98.09 5.71
CA ARG XD 281 -204.89 98.85 4.48
C ARG XD 281 -203.88 99.99 4.49
N ALA XD 282 -203.75 100.68 5.64
CA ALA XD 282 -202.76 101.75 5.74
C ALA XD 282 -201.34 101.20 5.63
N ALA XD 283 -201.07 100.05 6.23
CA ALA XD 283 -199.75 99.44 6.12
C ALA XD 283 -199.45 99.05 4.67
N ASP XD 284 -200.44 98.47 3.98
CA ASP XD 284 -200.24 98.12 2.58
C ASP XD 284 -200.00 99.34 1.72
N ILE XD 285 -200.74 100.43 1.97
CA ILE XD 285 -200.56 101.66 1.22
C ILE XD 285 -199.17 102.23 1.47
N LEU XD 286 -198.71 102.22 2.72
CA LEU XD 286 -197.38 102.72 3.03
C LEU XD 286 -196.30 101.87 2.35
N ARG XD 287 -196.48 100.55 2.37
CA ARG XD 287 -195.51 99.68 1.70
C ARG XD 287 -195.48 99.93 0.20
N ASP XD 288 -196.64 100.10 -0.41
CA ASP XD 288 -196.70 100.39 -1.85
C ASP XD 288 -196.05 101.72 -2.17
N ASP XD 289 -196.29 102.74 -1.34
CA ASP XD 289 -195.68 104.04 -1.55
C ASP XD 289 -194.17 103.97 -1.41
N LEU XD 290 -193.68 103.23 -0.41
CA LEU XD 290 -192.24 103.08 -0.23
C LEU XD 290 -191.61 102.35 -1.41
N ALA XD 291 -192.28 101.30 -1.91
CA ALA XD 291 -191.76 100.57 -3.06
C ALA XD 291 -191.74 101.45 -4.30
N ASN XD 292 -192.79 102.25 -4.50
CA ASN XD 292 -192.88 103.11 -5.67
C ASN XD 292 -192.02 104.35 -5.55
N ARG XD 293 -191.62 104.74 -4.34
CA ARG XD 293 -190.83 105.95 -4.17
C ARG XD 293 -189.41 105.73 -4.66
N GLY XD 294 -188.93 106.64 -5.51
CA GLY XD 294 -187.58 106.56 -6.02
C GLY XD 294 -186.58 107.11 -5.04
N PRO XD 295 -185.30 106.97 -5.38
CA PRO XD 295 -184.24 107.52 -4.53
C PRO XD 295 -184.34 109.02 -4.42
N VAL XD 296 -184.04 109.55 -3.23
CA VAL XD 296 -184.10 110.98 -2.96
C VAL XD 296 -182.86 111.38 -2.18
N ARG XD 297 -182.54 112.68 -2.23
CA ARG XD 297 -181.42 113.20 -1.48
C ARG XD 297 -181.67 113.08 0.02
N LEU XD 298 -180.61 112.78 0.77
CA LEU XD 298 -180.75 112.59 2.21
C LEU XD 298 -181.06 113.88 2.96
N SER XD 299 -180.94 115.04 2.32
CA SER XD 299 -181.20 116.30 3.00
C SER XD 299 -182.65 116.42 3.43
N GLN XD 300 -183.59 116.05 2.58
CA GLN XD 300 -185.01 116.11 2.92
C GLN XD 300 -185.44 114.97 3.82
N VAL XD 301 -184.88 113.78 3.62
CA VAL XD 301 -185.20 112.65 4.49
C VAL XD 301 -184.74 112.92 5.91
N GLU XD 302 -183.56 113.54 6.06
CA GLU XD 302 -183.08 113.90 7.38
C GLU XD 302 -183.99 114.92 8.05
N ASN XD 303 -184.48 115.91 7.29
CA ASN XD 303 -185.39 116.88 7.86
C ASN XD 303 -186.71 116.24 8.28
N GLU XD 304 -187.23 115.32 7.46
CA GLU XD 304 -188.46 114.63 7.82
C GLU XD 304 -188.27 113.78 9.07
N GLN XD 305 -187.14 113.07 9.16
CA GLN XD 305 -186.86 112.27 10.35
C GLN XD 305 -186.70 113.16 11.58
N LYS XD 306 -186.08 114.32 11.42
CA LYS XD 306 -185.94 115.26 12.53
C LYS XD 306 -187.30 115.76 13.00
N ALA XD 307 -188.19 116.07 12.06
CA ALA XD 307 -189.54 116.51 12.43
C ALA XD 307 -190.28 115.40 13.16
N ILE XD 308 -190.17 114.16 12.67
CA ILE XD 308 -190.83 113.03 13.33
C ILE XD 308 -190.29 112.84 14.73
N LEU XD 309 -188.96 112.90 14.89
CA LEU XD 309 -188.34 112.76 16.20
C LEU XD 309 -188.75 113.89 17.14
N LEU XD 310 -188.85 115.11 16.62
CA LEU XD 310 -189.30 116.23 17.45
C LEU XD 310 -190.73 116.02 17.92
N ILE XD 311 -191.61 115.54 17.03
CA ILE XD 311 -192.98 115.26 17.43
C ILE XD 311 -193.03 114.17 18.50
N VAL XD 312 -192.23 113.11 18.31
CA VAL XD 312 -192.21 112.00 19.27
C VAL XD 312 -191.69 112.50 20.62
N ARG XD 313 -190.64 113.32 20.61
CA ARG XD 313 -190.08 113.85 21.84
C ARG XD 313 -191.08 114.76 22.54
N ARG XD 314 -191.82 115.58 21.79
CA ARG XD 314 -192.84 116.42 22.38
C ARG XD 314 -193.94 115.58 23.02
N LEU XD 315 -194.35 114.51 22.34
CA LEU XD 315 -195.37 113.63 22.89
C LEU XD 315 -194.88 112.96 24.18
N ALA XD 316 -193.63 112.52 24.18
CA ALA XD 316 -193.07 111.89 25.37
C ALA XD 316 -192.95 112.87 26.52
N GLU XD 317 -192.52 114.11 26.23
CA GLU XD 317 -192.40 115.13 27.27
C GLU XD 317 -193.77 115.48 27.85
N THR XD 318 -194.79 115.52 26.99
CA THR XD 318 -196.14 115.76 27.47
C THR XD 318 -196.58 114.65 28.42
N GLY XD 319 -196.23 113.41 28.09
CA GLY XD 319 -196.56 112.27 28.94
C GLY XD 319 -197.50 111.29 28.27
N GLU XD 320 -197.54 111.31 26.94
CA GLU XD 320 -198.42 110.44 26.16
C GLU XD 320 -197.64 109.42 25.34
N MET XD 321 -196.44 109.06 25.77
CA MET XD 321 -195.62 108.08 25.05
C MET XD 321 -194.71 107.41 26.07
N VAL XD 322 -194.22 106.22 25.72
CA VAL XD 322 -193.33 105.46 26.58
C VAL XD 322 -192.35 104.68 25.71
N ILE XD 323 -191.39 104.02 26.35
CA ILE XD 323 -190.38 103.24 25.64
C ILE XD 323 -190.28 101.86 26.28
N GLY XD 324 -189.59 100.93 25.61
CA GLY XD 324 -189.43 99.59 26.12
C GLY XD 324 -188.59 98.70 25.23
N SER YD 33 -127.73 195.29 29.60
CA SER YD 33 -127.05 194.11 30.13
C SER YD 33 -128.01 192.93 30.25
N ASP YD 34 -127.74 191.87 29.50
CA ASP YD 34 -128.56 190.66 29.54
C ASP YD 34 -128.08 189.80 30.70
N ILE YD 35 -128.97 189.55 31.65
CA ILE YD 35 -128.65 188.75 32.82
C ILE YD 35 -129.90 187.98 33.23
N ARG YD 36 -129.88 186.66 33.03
CA ARG YD 36 -131.01 185.82 33.36
C ARG YD 36 -130.53 184.69 34.28
N PRO YD 37 -131.42 184.14 35.15
CA PRO YD 37 -131.01 183.09 36.13
C PRO YD 37 -130.56 181.83 35.40
N TYR YD 38 -129.61 181.12 36.00
CA TYR YD 38 -129.10 179.89 35.42
C TYR YD 38 -130.10 178.77 35.65
N ASP YD 39 -130.58 178.18 34.57
CA ASP YD 39 -131.48 177.04 34.63
C ASP YD 39 -130.78 175.82 34.08
N PRO YD 40 -130.55 174.78 34.88
CA PRO YD 40 -129.92 173.57 34.34
C PRO YD 40 -130.82 172.89 33.30
N ASN YD 41 -130.29 171.84 32.70
CA ASN YD 41 -130.92 171.02 31.66
C ASN YD 41 -131.50 171.84 30.52
N THR YD 42 -131.06 173.07 30.31
CA THR YD 42 -131.50 173.86 29.17
C THR YD 42 -130.49 173.72 28.02
N GLN YD 43 -131.01 173.68 26.80
CA GLN YD 43 -130.18 173.50 25.61
C GLN YD 43 -129.42 174.80 25.36
N ARG YD 44 -128.29 174.94 26.05
CA ARG YD 44 -127.45 176.13 25.92
C ARG YD 44 -126.15 175.87 25.17
N ARG YD 45 -125.77 174.60 24.96
CA ARG YD 45 -124.55 174.26 24.26
C ARG YD 45 -124.86 174.15 22.77
N VAL YD 46 -124.38 175.11 21.99
CA VAL YD 46 -124.58 175.12 20.54
C VAL YD 46 -123.22 174.98 19.87
N VAL YD 47 -123.06 173.91 19.09
CA VAL YD 47 -121.80 173.63 18.40
C VAL YD 47 -122.18 173.40 16.94
N ARG YD 48 -122.08 174.45 16.11
CA ARG YD 48 -122.41 174.38 14.70
C ARG YD 48 -121.10 174.31 13.92
N GLU YD 49 -120.97 173.27 13.10
CA GLU YD 49 -119.74 173.06 12.34
C GLU YD 49 -120.12 172.34 11.04
N ARG YD 50 -119.79 172.96 9.92
CA ARG YD 50 -120.03 172.34 8.63
C ARG YD 50 -119.12 171.14 8.45
N LEU YD 51 -119.68 170.03 7.95
CA LEU YD 51 -118.95 168.77 7.81
C LEU YD 51 -119.01 168.36 6.33
N GLN YD 52 -118.07 168.89 5.54
CA GLN YD 52 -118.08 168.64 4.10
C GLN YD 52 -117.79 167.17 3.79
N ALA YD 53 -116.82 166.58 4.51
CA ALA YD 53 -116.42 165.17 4.29
C ALA YD 53 -117.62 164.27 4.54
N LEU YD 54 -118.43 164.50 5.57
CA LEU YD 54 -119.68 163.77 5.79
C LEU YD 54 -120.70 164.12 4.71
N GLU YD 55 -120.69 165.37 4.24
CA GLU YD 55 -121.62 165.77 3.20
C GLU YD 55 -121.40 165.01 1.90
N ILE YD 56 -120.18 164.55 1.65
CA ILE YD 56 -119.93 163.78 0.42
C ILE YD 56 -120.06 162.29 0.70
N ILE YD 57 -119.73 161.87 1.93
CA ILE YD 57 -119.90 160.47 2.30
C ILE YD 57 -121.37 160.10 2.24
N ASN YD 58 -122.25 161.03 2.61
CA ASN YD 58 -123.68 160.75 2.56
C ASN YD 58 -124.16 160.45 1.14
N GLU YD 59 -123.74 161.25 0.16
CA GLU YD 59 -124.14 160.98 -1.23
C GLU YD 59 -123.52 159.69 -1.75
N ARG YD 60 -122.27 159.41 -1.39
CA ARG YD 60 -121.65 158.17 -1.85
C ARG YD 60 -122.43 156.99 -1.30
N PHE YD 61 -122.76 157.04 -0.01
CA PHE YD 61 -123.54 155.96 0.60
C PHE YD 61 -124.94 155.90 0.00
N ALA YD 62 -125.53 157.04 -0.31
CA ALA YD 62 -126.86 157.04 -0.90
C ALA YD 62 -126.85 156.38 -2.27
N ARG YD 63 -125.83 156.64 -3.09
CA ARG YD 63 -125.72 155.98 -4.37
C ARG YD 63 -125.56 154.48 -4.21
N GLN YD 64 -124.66 154.07 -3.29
CA GLN YD 64 -124.47 152.65 -3.06
C GLN YD 64 -125.74 151.97 -2.57
N PHE YD 65 -126.47 152.63 -1.66
CA PHE YD 65 -127.69 152.06 -1.12
C PHE YD 65 -128.79 152.01 -2.16
N ARG YD 66 -128.87 152.99 -3.06
CA ARG YD 66 -129.83 152.92 -4.14
C ARG YD 66 -129.71 151.73 -5.09
N MET YD 67 -128.49 151.42 -5.52
CA MET YD 67 -128.29 150.21 -6.32
C MET YD 67 -128.48 148.89 -5.56
N GLY YD 68 -128.17 148.93 -4.26
CA GLY YD 68 -128.37 147.77 -3.41
C GLY YD 68 -129.87 147.55 -3.35
N LEU YD 69 -130.63 148.63 -3.15
CA LEU YD 69 -132.08 148.51 -3.09
C LEU YD 69 -132.65 148.08 -4.44
N PHE YD 70 -132.07 148.58 -5.53
CA PHE YD 70 -132.48 148.11 -6.85
C PHE YD 70 -132.19 146.62 -7.00
N ASN YD 71 -131.02 146.20 -6.54
CA ASN YD 71 -130.67 144.78 -6.62
C ASN YD 71 -131.62 143.91 -5.81
N LEU YD 72 -132.08 144.41 -4.66
CA LEU YD 72 -132.91 143.60 -3.78
C LEU YD 72 -134.38 143.64 -4.17
N LEU YD 73 -134.98 144.83 -4.14
CA LEU YD 73 -136.41 144.98 -4.35
C LEU YD 73 -136.85 144.80 -5.79
N ARG YD 74 -135.90 144.74 -6.73
CA ARG YD 74 -136.22 144.69 -8.15
C ARG YD 74 -137.08 145.88 -8.57
N ARG YD 75 -136.82 147.04 -7.98
CA ARG YD 75 -137.51 148.28 -8.31
C ARG YD 75 -136.48 149.40 -8.38
N SER YD 76 -136.95 150.60 -8.67
CA SER YD 76 -136.07 151.76 -8.84
C SER YD 76 -136.31 152.80 -7.76
N PRO YD 77 -135.58 152.74 -6.65
CA PRO YD 77 -135.68 153.80 -5.65
C PRO YD 77 -134.86 155.05 -5.91
N ASP YD 78 -135.31 156.16 -5.36
CA ASP YD 78 -134.53 157.39 -5.39
C ASP YD 78 -134.35 157.86 -3.95
N ILE YD 79 -133.11 158.13 -3.57
CA ILE YD 79 -132.75 158.51 -2.22
C ILE YD 79 -132.27 159.95 -2.25
N THR YD 80 -132.94 160.81 -1.50
CA THR YD 80 -132.56 162.21 -1.36
C THR YD 80 -131.91 162.38 0.02
N VAL YD 81 -130.69 162.91 0.03
CA VAL YD 81 -129.99 163.12 1.28
C VAL YD 81 -130.43 164.43 1.90
N GLY YD 82 -130.92 164.37 3.13
CA GLY YD 82 -131.32 165.57 3.83
C GLY YD 82 -130.15 166.30 4.44
N ALA YD 83 -130.43 167.46 5.01
CA ALA YD 83 -129.41 168.24 5.67
C ALA YD 83 -128.94 167.56 6.94
N ILE YD 84 -127.63 167.52 7.14
CA ILE YD 84 -127.06 166.95 8.35
C ILE YD 84 -127.46 167.81 9.54
N ARG YD 85 -128.01 167.18 10.58
CA ARG YD 85 -128.46 167.89 11.77
C ARG YD 85 -127.55 167.57 12.95
N ILE YD 86 -126.99 168.61 13.56
CA ILE YD 86 -126.16 168.48 14.74
C ILE YD 86 -126.98 168.89 15.96
N GLN YD 87 -127.48 167.91 16.71
CA GLN YD 87 -128.51 168.16 17.69
C GLN YD 87 -128.28 167.33 18.93
N PRO YD 88 -128.80 167.75 20.08
CA PRO YD 88 -128.73 166.91 21.29
C PRO YD 88 -129.49 165.61 21.09
N TYR YD 89 -129.01 164.56 21.76
CA TYR YD 89 -129.57 163.23 21.55
C TYR YD 89 -131.06 163.09 21.84
N HIS YD 90 -131.56 163.80 22.85
CA HIS YD 90 -133.00 163.71 23.24
C HIS YD 90 -133.91 164.40 22.20
N GLU YD 91 -133.38 165.30 21.37
CA GLU YD 91 -134.12 165.90 20.26
C GLU YD 91 -134.28 164.81 19.21
N PHE YD 92 -133.18 164.11 18.91
CA PHE YD 92 -133.23 163.01 17.94
C PHE YD 92 -134.17 161.91 18.43
N ALA YD 93 -134.11 161.60 19.72
CA ALA YD 93 -134.97 160.55 20.26
C ALA YD 93 -136.44 160.94 20.19
N ARG YD 94 -136.75 162.18 20.53
CA ARG YD 94 -138.16 162.60 20.56
C ARG YD 94 -138.72 162.76 19.16
N ASN YD 95 -137.90 163.13 18.18
CA ASN YD 95 -138.42 163.25 16.82
C ASN YD 95 -138.72 161.89 16.21
N LEU YD 96 -138.10 160.83 16.72
CA LEU YD 96 -138.34 159.50 16.18
C LEU YD 96 -139.76 159.03 16.51
N PRO YD 97 -140.37 158.24 15.64
CA PRO YD 97 -141.67 157.65 15.94
C PRO YD 97 -141.52 156.37 16.74
N VAL YD 98 -142.65 155.87 17.22
CA VAL YD 98 -142.67 154.66 18.03
C VAL YD 98 -143.75 153.71 17.51
N PRO YD 99 -143.43 152.45 17.23
CA PRO YD 99 -142.10 151.85 17.27
C PRO YD 99 -141.31 152.12 15.99
N THR YD 100 -139.99 152.00 16.05
CA THR YD 100 -139.12 152.17 14.89
C THR YD 100 -137.95 151.23 15.08
N ASN YD 101 -137.54 150.48 14.06
CA ASN YD 101 -136.32 149.64 14.13
C ASN YD 101 -135.04 150.47 14.28
N LEU YD 102 -134.29 150.28 15.36
CA LEU YD 102 -132.99 150.95 15.63
C LEU YD 102 -131.88 149.91 15.47
N ASN YD 103 -130.78 150.16 14.78
CA ASN YD 103 -129.72 149.13 14.53
C ASN YD 103 -128.41 149.62 15.16
N LEU YD 104 -128.07 149.20 16.38
CA LEU YD 104 -126.81 149.63 16.97
C LEU YD 104 -125.67 149.06 16.14
N ILE YD 105 -124.74 149.92 15.73
CA ILE YD 105 -123.64 149.51 14.88
C ILE YD 105 -122.33 150.01 15.49
N HIS YD 106 -121.28 149.24 15.30
CA HIS YD 106 -119.95 149.57 15.79
C HIS YD 106 -119.10 150.01 14.62
N LEU YD 107 -118.64 151.26 14.65
CA LEU YD 107 -117.76 151.78 13.61
C LEU YD 107 -116.30 151.71 14.06
N LYS YD 108 -115.81 150.50 14.26
CA LYS YD 108 -114.45 150.30 14.71
C LYS YD 108 -113.46 150.82 13.65
N PRO YD 109 -112.30 151.32 14.07
CA PRO YD 109 -111.77 151.38 15.44
C PRO YD 109 -112.24 152.59 16.24
N LEU YD 110 -113.23 153.33 15.77
CA LEU YD 110 -113.74 154.48 16.50
C LEU YD 110 -114.54 154.00 17.70
N ARG YD 111 -114.15 154.43 18.90
CA ARG YD 111 -114.84 154.00 20.10
C ARG YD 111 -116.19 154.69 20.21
N GLY YD 112 -117.24 153.90 20.37
CA GLY YD 112 -118.59 154.40 20.45
C GLY YD 112 -119.55 153.44 19.78
N THR YD 113 -120.79 153.89 19.61
CA THR YD 113 -121.83 153.06 19.02
C THR YD 113 -122.79 153.95 18.25
N GLY YD 114 -122.80 153.81 16.92
CA GLY YD 114 -123.73 154.54 16.10
C GLY YD 114 -125.06 153.85 15.95
N LEU YD 115 -126.00 154.54 15.30
CA LEU YD 115 -127.37 154.06 15.19
C LEU YD 115 -127.85 154.23 13.76
N VAL YD 116 -128.50 153.20 13.24
CA VAL YD 116 -129.16 153.25 11.93
C VAL YD 116 -130.64 153.06 12.15
N VAL YD 117 -131.44 154.06 11.79
CA VAL YD 117 -132.86 154.08 12.09
C VAL YD 117 -133.64 153.86 10.81
N PHE YD 118 -134.34 152.72 10.74
CA PHE YD 118 -135.25 152.41 9.65
C PHE YD 118 -136.69 152.72 10.05
N SER YD 119 -137.32 153.62 9.31
CA SER YD 119 -138.70 153.99 9.60
C SER YD 119 -139.68 152.83 9.36
N PRO YD 120 -140.82 152.79 10.07
CA PRO YD 120 -141.87 151.76 9.81
C PRO YD 120 -142.29 151.82 8.35
N SER YD 121 -142.32 153.03 7.78
CA SER YD 121 -142.77 153.16 6.40
C SER YD 121 -141.83 152.42 5.45
N LEU YD 122 -140.52 152.57 5.64
CA LEU YD 122 -139.57 151.95 4.74
C LEU YD 122 -139.63 150.43 4.83
N VAL YD 123 -139.67 149.89 6.05
CA VAL YD 123 -139.73 148.44 6.20
C VAL YD 123 -141.06 147.90 5.68
N PHE YD 124 -142.14 148.66 5.87
CA PHE YD 124 -143.42 148.26 5.30
C PHE YD 124 -143.35 148.19 3.78
N ILE YD 125 -142.74 149.20 3.16
CA ILE YD 125 -142.60 149.23 1.70
C ILE YD 125 -141.77 148.04 1.23
N ALA YD 126 -140.66 147.77 1.91
CA ALA YD 126 -139.79 146.68 1.51
C ALA YD 126 -140.48 145.33 1.63
N VAL YD 127 -141.17 145.10 2.75
CA VAL YD 127 -141.87 143.84 2.94
C VAL YD 127 -142.99 143.69 1.92
N ASP YD 128 -143.71 144.78 1.64
CA ASP YD 128 -144.77 144.74 0.65
C ASP YD 128 -144.22 144.39 -0.73
N ASN YD 129 -143.10 145.01 -1.12
CA ASN YD 129 -142.54 144.73 -2.43
C ASN YD 129 -142.01 143.31 -2.52
N LEU YD 130 -141.34 142.83 -1.47
CA LEU YD 130 -140.80 141.48 -1.51
C LEU YD 130 -141.90 140.43 -1.59
N PHE YD 131 -142.98 140.60 -0.82
CA PHE YD 131 -144.00 139.57 -0.69
C PHE YD 131 -145.20 139.89 -1.60
N GLY YD 132 -144.91 139.90 -2.90
CA GLY YD 132 -145.96 139.98 -3.90
C GLY YD 132 -146.87 141.18 -3.81
N GLY YD 133 -146.29 142.36 -3.63
CA GLY YD 133 -147.09 143.56 -3.57
C GLY YD 133 -146.57 144.69 -4.43
N ASP YD 134 -147.44 145.24 -5.29
CA ASP YD 134 -147.04 146.35 -6.18
C ASP YD 134 -147.32 147.69 -5.48
N GLY YD 135 -147.37 147.69 -4.15
CA GLY YD 135 -147.60 148.92 -3.41
C GLY YD 135 -148.86 149.61 -3.87
N ARG YD 136 -149.88 148.86 -4.27
CA ARG YD 136 -151.16 149.46 -4.65
C ARG YD 136 -151.86 150.12 -3.45
N PHE YD 137 -152.02 149.36 -2.37
CA PHE YD 137 -152.64 149.91 -1.18
C PHE YD 137 -151.75 150.86 -0.38
N PRO YD 138 -152.34 151.86 0.28
CA PRO YD 138 -151.53 152.77 1.10
C PRO YD 138 -150.90 152.06 2.27
N THR YD 139 -149.72 152.53 2.67
CA THR YD 139 -149.06 151.98 3.85
C THR YD 139 -149.79 152.41 5.11
N LYS YD 140 -150.12 151.44 5.96
CA LYS YD 140 -150.81 151.69 7.22
C LYS YD 140 -149.94 151.24 8.38
N VAL YD 141 -149.60 152.16 9.27
CA VAL YD 141 -148.84 151.88 10.47
C VAL YD 141 -149.61 152.39 11.67
N GLU YD 142 -149.88 151.50 12.62
CA GLU YD 142 -150.66 151.82 13.80
C GLU YD 142 -149.98 151.30 15.05
N GLY YD 143 -148.67 151.53 15.17
CA GLY YD 143 -147.95 151.03 16.32
C GLY YD 143 -147.66 149.56 16.28
N ARG YD 144 -147.84 148.92 15.13
CA ARG YD 144 -147.59 147.50 14.99
C ARG YD 144 -146.10 147.19 15.12
N GLU YD 145 -145.77 146.13 15.84
CA GLU YD 145 -144.39 145.75 16.04
C GLU YD 145 -143.87 144.97 14.84
N PHE YD 146 -142.65 144.46 14.96
CA PHE YD 146 -141.97 143.77 13.88
C PHE YD 146 -141.84 142.29 14.22
N THR YD 147 -142.30 141.44 13.31
CA THR YD 147 -142.22 140.00 13.52
C THR YD 147 -140.82 139.51 13.14
N HIS YD 148 -140.61 138.19 13.26
CA HIS YD 148 -139.32 137.62 12.94
C HIS YD 148 -139.02 137.72 11.45
N THR YD 149 -140.03 137.51 10.61
CA THR YD 149 -139.84 137.66 9.17
C THR YD 149 -139.51 139.10 8.81
N GLU YD 150 -140.21 140.06 9.41
CA GLU YD 150 -139.88 141.47 9.19
C GLU YD 150 -138.48 141.78 9.68
N GLN YD 151 -138.09 141.21 10.82
CA GLN YD 151 -136.75 141.43 11.34
C GLN YD 151 -135.70 140.87 10.39
N ARG YD 152 -135.97 139.71 9.78
CA ARG YD 152 -135.02 139.14 8.83
C ARG YD 152 -134.93 139.99 7.57
N VAL YD 153 -136.05 140.51 7.09
CA VAL YD 153 -136.02 141.41 5.95
C VAL YD 153 -135.21 142.65 6.26
N ILE YD 154 -135.39 143.20 7.46
CA ILE YD 154 -134.64 144.39 7.86
C ILE YD 154 -133.16 144.07 7.99
N ASN YD 155 -132.82 142.88 8.48
CA ASN YD 155 -131.42 142.47 8.52
C ASN YD 155 -130.84 142.40 7.13
N ARG YD 156 -131.61 141.85 6.18
CA ARG YD 156 -131.12 141.76 4.80
C ARG YD 156 -130.90 143.15 4.21
N MET YD 157 -131.82 144.08 4.47
CA MET YD 157 -131.63 145.45 4.01
C MET YD 157 -130.43 146.11 4.69
N LEU YD 158 -130.30 145.89 6.00
CA LEU YD 158 -129.23 146.55 6.75
C LEU YD 158 -127.86 146.02 6.36
N LYS YD 159 -127.78 144.78 5.88
CA LYS YD 159 -126.51 144.29 5.37
C LYS YD 159 -126.04 145.14 4.20
N LEU YD 160 -126.94 145.40 3.25
CA LEU YD 160 -126.60 146.27 2.13
C LEU YD 160 -126.30 147.69 2.59
N ALA YD 161 -127.09 148.20 3.55
CA ALA YD 161 -126.86 149.56 4.04
C ALA YD 161 -125.48 149.69 4.68
N LEU YD 162 -125.10 148.71 5.49
CA LEU YD 162 -123.80 148.76 6.15
C LEU YD 162 -122.67 148.58 5.17
N GLU YD 163 -122.84 147.71 4.17
CA GLU YD 163 -121.81 147.57 3.14
C GLU YD 163 -121.62 148.87 2.39
N GLY YD 164 -122.72 149.53 2.02
CA GLY YD 164 -122.61 150.81 1.33
C GLY YD 164 -121.96 151.88 2.18
N TYR YD 165 -122.33 151.94 3.46
CA TYR YD 165 -121.74 152.93 4.35
C TYR YD 165 -120.24 152.68 4.53
N SER YD 166 -119.84 151.43 4.70
CA SER YD 166 -118.43 151.11 4.85
C SER YD 166 -117.65 151.46 3.60
N ASP YD 167 -118.21 151.16 2.43
CA ASP YD 167 -117.55 151.50 1.18
C ASP YD 167 -117.42 153.02 1.02
N ALA YD 168 -118.46 153.76 1.39
CA ALA YD 168 -118.40 155.21 1.30
C ALA YD 168 -117.33 155.77 2.24
N TRP YD 169 -117.24 155.23 3.46
CA TRP YD 169 -116.25 155.72 4.40
C TRP YD 169 -114.86 155.28 3.94
N LYS YD 170 -114.79 154.14 3.23
CA LYS YD 170 -113.49 153.61 2.81
C LYS YD 170 -112.67 154.64 2.03
N ALA YD 171 -113.33 155.48 1.24
CA ALA YD 171 -112.62 156.51 0.49
C ALA YD 171 -111.81 157.50 1.33
N ILE YD 172 -112.36 157.93 2.46
CA ILE YD 172 -111.69 158.90 3.32
C ILE YD 172 -110.94 158.20 4.43
N ASN YD 173 -111.66 157.45 5.25
CA ASN YD 173 -111.04 156.72 6.35
C ASN YD 173 -111.57 155.29 6.38
N PRO YD 174 -110.72 154.29 6.18
CA PRO YD 174 -111.22 152.90 6.13
C PRO YD 174 -111.74 152.43 7.48
N LEU YD 175 -113.06 152.19 7.54
CA LEU YD 175 -113.72 151.72 8.75
C LEU YD 175 -114.45 150.42 8.45
N GLU YD 176 -114.58 149.58 9.47
CA GLU YD 176 -115.38 148.37 9.37
C GLU YD 176 -116.64 148.53 10.21
N VAL YD 177 -117.77 148.20 9.61
CA VAL YD 177 -119.08 148.43 10.21
C VAL YD 177 -119.63 147.07 10.65
N GLU YD 178 -119.93 146.96 11.93
CA GLU YD 178 -120.47 145.73 12.50
C GLU YD 178 -121.84 146.00 13.12
N TYR YD 179 -122.81 145.16 12.75
CA TYR YD 179 -124.14 145.21 13.33
C TYR YD 179 -124.17 144.33 14.57
N VAL YD 180 -124.52 144.92 15.71
CA VAL YD 180 -124.41 144.23 16.99
C VAL YD 180 -125.79 143.88 17.56
N ARG YD 181 -126.79 144.73 17.33
CA ARG YD 181 -128.07 144.54 18.00
C ARG YD 181 -129.13 145.37 17.31
N SER YD 182 -130.36 144.90 17.36
CA SER YD 182 -131.50 145.63 16.85
C SER YD 182 -132.54 145.72 17.95
N GLU YD 183 -133.24 146.85 18.00
CA GLU YD 183 -134.23 147.13 19.02
C GLU YD 183 -135.38 147.87 18.37
N MET YD 184 -136.50 147.95 19.08
CA MET YD 184 -137.70 148.60 18.58
C MET YD 184 -138.12 149.85 19.34
N GLN YD 185 -137.76 149.95 20.62
CA GLN YD 185 -138.05 151.13 21.40
C GLN YD 185 -136.85 152.05 21.44
N VAL YD 186 -137.06 153.26 21.97
CA VAL YD 186 -135.98 154.25 22.03
C VAL YD 186 -135.17 154.14 23.31
N LYS YD 187 -135.77 153.67 24.40
CA LYS YD 187 -135.09 153.64 25.69
C LYS YD 187 -134.12 152.48 25.84
N PHE YD 188 -134.06 151.57 24.87
CA PHE YD 188 -133.12 150.47 24.92
C PHE YD 188 -131.73 150.77 24.37
N THR YD 189 -131.56 151.84 23.60
CA THR YD 189 -130.28 152.10 22.95
C THR YD 189 -129.30 152.85 23.86
N ASN YD 190 -129.67 154.06 24.25
CA ASN YD 190 -128.84 154.92 25.10
C ASN YD 190 -127.36 154.83 24.72
N ILE YD 191 -127.05 155.30 23.50
CA ILE YD 191 -125.65 155.30 22.98
C ILE YD 191 -124.95 156.58 23.46
N THR YD 192 -125.65 157.48 24.16
CA THR YD 192 -125.10 158.75 24.68
C THR YD 192 -125.10 158.68 26.20
N THR YD 193 -123.97 158.98 26.85
CA THR YD 193 -123.82 158.91 28.32
C THR YD 193 -124.92 159.72 28.95
N SER YD 194 -125.25 160.89 28.38
CA SER YD 194 -126.32 161.74 28.86
C SER YD 194 -127.24 162.12 27.71
N PRO YD 195 -128.52 162.36 27.98
CA PRO YD 195 -129.44 162.76 26.90
C PRO YD 195 -129.12 164.11 26.28
N ASN YD 196 -128.31 164.93 26.94
CA ASN YD 196 -127.94 166.23 26.41
C ASN YD 196 -126.68 166.18 25.56
N ASP YD 197 -126.12 165.00 25.33
CA ASP YD 197 -124.96 164.87 24.48
C ASP YD 197 -125.34 165.18 23.03
N ILE YD 198 -124.35 165.61 22.26
CA ILE YD 198 -124.57 166.09 20.91
C ILE YD 198 -124.27 164.97 19.93
N VAL YD 199 -125.17 164.77 18.96
CA VAL YD 199 -125.03 163.74 17.96
C VAL YD 199 -125.26 164.34 16.58
N VAL YD 200 -124.74 163.66 15.57
CA VAL YD 200 -124.82 164.08 14.17
C VAL YD 200 -125.82 163.20 13.42
N ASN YD 201 -126.92 163.82 12.97
CA ASN YD 201 -128.00 163.04 12.31
C ASN YD 201 -128.13 163.35 10.82
N THR YD 202 -128.15 162.32 9.98
CA THR YD 202 -128.37 162.44 8.54
C THR YD 202 -129.64 161.71 8.16
N PRO YD 203 -130.71 162.42 7.83
CA PRO YD 203 -131.94 161.75 7.34
C PRO YD 203 -131.92 161.62 5.83
N PHE YD 204 -132.18 160.42 5.33
CA PHE YD 204 -132.37 160.17 3.91
C PHE YD 204 -133.83 159.83 3.66
N HIS YD 205 -134.34 160.27 2.51
CA HIS YD 205 -135.70 159.98 2.09
C HIS YD 205 -135.65 159.06 0.87
N VAL YD 206 -136.25 157.89 0.99
CA VAL YD 206 -136.26 156.90 -0.08
C VAL YD 206 -137.67 156.82 -0.64
N GLU YD 207 -137.81 157.05 -1.94
CA GLU YD 207 -139.10 156.98 -2.61
C GLU YD 207 -139.09 155.83 -3.61
N ILE YD 208 -140.12 155.00 -3.54
CA ILE YD 208 -140.34 153.91 -4.48
C ILE YD 208 -141.72 154.08 -5.08
N GLY YD 209 -141.78 154.33 -6.39
CA GLY YD 209 -143.06 154.64 -7.01
C GLY YD 209 -143.68 155.85 -6.35
N ASN YD 210 -144.94 155.70 -5.96
CA ASN YD 210 -145.61 156.75 -5.21
C ASN YD 210 -145.31 156.67 -3.72
N LEU YD 211 -144.93 155.50 -3.23
CA LEU YD 211 -144.68 155.32 -1.81
C LEU YD 211 -143.38 155.99 -1.40
N THR YD 212 -143.34 156.45 -0.16
CA THR YD 212 -142.18 157.14 0.38
C THR YD 212 -141.89 156.64 1.79
N GLY YD 213 -140.63 156.79 2.19
CA GLY YD 213 -140.20 156.48 3.53
C GLY YD 213 -138.90 157.19 3.83
N GLU YD 214 -138.43 157.07 5.06
CA GLU YD 214 -137.20 157.74 5.44
C GLU YD 214 -136.40 156.86 6.39
N PHE YD 215 -135.11 157.13 6.46
CA PHE YD 215 -134.25 156.43 7.39
C PHE YD 215 -133.07 157.32 7.75
N ASN YD 216 -132.64 157.27 9.00
CA ASN YD 216 -131.62 158.15 9.51
C ASN YD 216 -130.36 157.38 9.88
N ILE YD 217 -129.24 158.09 9.86
CA ILE YD 217 -127.98 157.55 10.38
C ILE YD 217 -127.44 158.53 11.42
N CYS YD 218 -127.35 158.10 12.67
CA CYS YD 218 -126.96 158.96 13.77
C CYS YD 218 -125.65 158.47 14.38
N LEU YD 219 -124.69 159.37 14.50
CA LEU YD 219 -123.39 159.07 15.08
C LEU YD 219 -123.16 159.99 16.27
N PRO YD 220 -122.83 159.45 17.44
CA PRO YD 220 -122.47 160.32 18.56
C PRO YD 220 -121.22 161.12 18.23
N PHE YD 221 -121.19 162.36 18.69
CA PHE YD 221 -120.06 163.24 18.38
C PHE YD 221 -118.75 162.74 18.99
N SER YD 222 -118.81 161.87 19.98
CA SER YD 222 -117.58 161.34 20.56
C SER YD 222 -116.80 160.53 19.53
N MET YD 223 -117.50 159.75 18.71
CA MET YD 223 -116.83 158.98 17.66
C MET YD 223 -116.19 159.89 16.62
N ILE YD 224 -116.91 160.96 16.24
CA ILE YD 224 -116.43 161.83 15.18
C ILE YD 224 -115.30 162.73 15.66
N GLU YD 225 -115.27 163.05 16.96
CA GLU YD 225 -114.33 164.04 17.47
C GLU YD 225 -112.86 163.77 17.12
N PRO YD 226 -112.32 162.56 17.20
CA PRO YD 226 -110.94 162.36 16.76
C PRO YD 226 -110.73 162.61 15.28
N LEU YD 227 -111.79 162.60 14.48
CA LEU YD 227 -111.71 162.83 13.04
C LEU YD 227 -112.31 164.17 12.60
N ARG YD 228 -112.37 165.15 13.49
CA ARG YD 228 -113.02 166.41 13.16
C ARG YD 228 -112.28 167.19 12.08
N GLU YD 229 -110.95 167.25 12.20
CA GLU YD 229 -110.17 167.98 11.21
C GLU YD 229 -110.27 167.29 9.85
N LEU YD 230 -110.48 165.97 9.85
CA LEU YD 230 -110.67 165.26 8.60
C LEU YD 230 -112.06 165.50 8.03
N LEU YD 231 -113.08 165.54 8.92
CA LEU YD 231 -114.50 165.63 8.49
C LEU YD 231 -114.90 167.09 8.22
N VAL YD 232 -114.09 168.06 8.65
CA VAL YD 232 -114.44 169.50 8.49
C VAL YD 232 -114.07 169.98 7.09
N ASN YD 233 -112.80 169.88 6.66
CA ASN YD 233 -112.43 170.43 5.37
C ASN YD 233 -112.86 169.50 4.24
N PRO YD 234 -113.29 170.05 3.11
CA PRO YD 234 -113.65 169.23 1.96
C PRO YD 234 -112.46 168.42 1.49
N PRO YD 235 -112.67 167.19 1.04
CA PRO YD 235 -111.54 166.34 0.65
C PRO YD 235 -110.83 166.89 -0.58
N LEU YD 236 -109.52 166.66 -0.63
CA LEU YD 236 -108.70 167.09 -1.76
C LEU YD 236 -108.12 165.87 -2.48
N GLU YD 237 -107.94 166.01 -3.78
CA GLU YD 237 -107.42 164.93 -4.62
C GLU YD 237 -105.93 164.80 -4.38
N ASN YD 238 -105.58 164.05 -3.34
CA ASN YD 238 -104.19 163.82 -2.95
C ASN YD 238 -104.02 162.33 -2.66
N SER YD 239 -102.86 161.98 -2.10
CA SER YD 239 -102.57 160.60 -1.76
C SER YD 239 -102.07 160.55 -0.31
N ARG YD 240 -102.12 159.35 0.26
CA ARG YD 240 -101.62 159.16 1.61
C ARG YD 240 -100.13 159.47 1.69
N HIS YD 241 -99.38 159.12 0.65
CA HIS YD 241 -97.97 159.48 0.60
C HIS YD 241 -97.79 160.99 0.62
N GLU YD 242 -98.61 161.71 -0.16
CA GLU YD 242 -98.52 163.16 -0.17
C GLU YD 242 -98.90 163.76 1.18
N ASP YD 243 -99.92 163.18 1.83
CA ASP YD 243 -100.35 163.69 3.13
C ASP YD 243 -99.26 163.49 4.18
N GLN YD 244 -98.67 162.30 4.22
CA GLN YD 244 -97.59 162.06 5.19
C GLN YD 244 -96.36 162.89 4.88
N ASN YD 245 -96.08 163.14 3.59
CA ASN YD 245 -94.99 164.03 3.25
C ASN YD 245 -95.28 165.46 3.72
N TRP YD 246 -96.53 165.90 3.58
CA TRP YD 246 -96.91 167.22 4.07
C TRP YD 246 -96.65 167.56 5.54
N ARG YD 247 -97.13 166.69 6.43
CA ARG YD 247 -96.92 166.92 7.88
C ARG YD 247 -95.45 166.68 8.21
N ASP YD 248 -94.78 165.78 7.47
CA ASP YD 248 -93.33 165.54 7.70
C ASP YD 248 -92.57 166.84 7.48
N ASN YD 249 -92.80 167.50 6.34
CA ASN YD 249 -92.12 168.79 6.04
C ASN YD 249 -92.55 169.83 7.08
N LEU YD 250 -93.84 169.88 7.40
CA LEU YD 250 -94.35 170.84 8.41
C LEU YD 250 -93.65 170.56 9.75
N VAL YD 251 -93.55 169.28 10.15
CA VAL YD 251 -92.86 168.91 11.41
C VAL YD 251 -91.43 169.47 11.34
N ARG YD 252 -90.75 169.25 10.21
CA ARG YD 252 -89.38 169.76 10.07
C ARG YD 252 -89.35 171.28 10.11
N GLN YD 253 -90.36 171.94 9.54
CA GLN YD 253 -90.41 173.39 9.59
C GLN YD 253 -90.67 173.88 11.01
N VAL YD 254 -91.44 173.13 11.80
CA VAL YD 254 -91.76 173.55 13.16
C VAL YD 254 -90.51 173.54 14.04
N GLN YD 255 -89.61 172.59 13.80
CA GLN YD 255 -88.44 172.43 14.66
C GLN YD 255 -87.63 173.71 14.78
N HIS YD 256 -87.60 174.52 13.73
CA HIS YD 256 -86.86 175.78 13.76
C HIS YD 256 -87.74 176.92 14.28
N SER YD 257 -88.26 176.73 15.51
CA SER YD 257 -89.09 177.76 16.19
C SER YD 257 -88.59 177.90 17.64
N GLU YD 258 -88.05 179.06 18.01
CA GLU YD 258 -87.49 179.29 19.37
C GLU YD 258 -88.63 179.24 20.41
N LEU YD 259 -88.35 178.69 21.60
CA LEU YD 259 -89.35 178.61 22.70
C LEU YD 259 -88.85 179.42 23.89
N GLU YD 260 -89.67 179.60 24.93
CA GLU YD 260 -89.25 180.23 26.17
C GLU YD 260 -89.34 179.20 27.29
N LEU YD 261 -88.20 178.81 27.84
CA LEU YD 261 -88.13 177.80 28.88
C LEU YD 261 -87.86 178.48 30.22
N VAL YD 262 -88.65 178.15 31.23
CA VAL YD 262 -88.59 178.77 32.54
C VAL YD 262 -88.31 177.71 33.59
N ALA YD 263 -87.30 177.94 34.41
CA ALA YD 263 -86.92 177.01 35.48
C ALA YD 263 -87.43 177.54 36.80
N ASN YD 264 -88.12 176.70 37.56
CA ASN YD 264 -88.65 177.06 38.86
C ASN YD 264 -87.77 176.45 39.94
N PHE YD 265 -87.07 177.31 40.69
CA PHE YD 265 -86.15 176.87 41.78
C PHE YD 265 -86.93 176.46 43.02
N ALA YD 266 -87.90 177.27 43.45
CA ALA YD 266 -88.71 176.99 44.66
C ALA YD 266 -90.12 177.60 44.55
N ASP YD 267 -91.08 177.12 45.35
CA ASP YD 267 -92.44 177.68 45.39
C ASP YD 267 -92.87 177.74 46.85
N ILE YD 268 -92.79 178.93 47.45
CA ILE YD 268 -93.03 179.12 48.86
C ILE YD 268 -94.42 179.71 49.04
N PRO YD 269 -95.27 179.21 49.98
CA PRO YD 269 -96.66 179.72 50.18
C PRO YD 269 -96.70 180.78 51.29
N LEU YD 270 -96.97 182.04 50.92
CA LEU YD 270 -97.11 183.12 51.93
C LEU YD 270 -98.49 183.75 51.88
N ARG YD 271 -98.98 184.25 53.00
CA ARG YD 271 -100.28 184.95 53.05
C ARG YD 271 -100.11 186.36 52.48
N LEU YD 272 -101.22 186.99 52.11
CA LEU YD 272 -101.17 188.39 51.61
C LEU YD 272 -100.57 189.30 52.68
N SER YD 273 -100.89 189.02 53.94
CA SER YD 273 -100.41 189.89 55.05
C SER YD 273 -98.89 189.89 55.07
N GLN YD 274 -98.28 188.72 54.87
CA GLN YD 274 -96.81 188.69 54.84
C GLN YD 274 -96.33 189.54 53.66
N ILE YD 275 -97.00 189.46 52.51
CA ILE YD 275 -96.49 190.20 51.32
C ILE YD 275 -96.44 191.72 51.53
N LEU YD 276 -97.48 192.32 52.09
CA LEU YD 276 -97.41 193.77 52.40
C LEU YD 276 -96.36 194.26 53.41
N LYS YD 277 -96.17 193.51 54.48
CA LYS YD 277 -95.08 193.78 55.47
C LYS YD 277 -93.68 193.36 54.90
N LEU YD 278 -93.76 192.56 53.83
CA LEU YD 278 -92.52 192.02 53.24
C LEU YD 278 -91.83 193.31 52.80
N LYS YD 279 -90.55 193.41 53.12
CA LYS YD 279 -89.72 194.59 52.75
C LYS YD 279 -88.30 194.07 52.55
N PRO YD 280 -87.39 194.76 51.84
CA PRO YD 280 -86.02 194.20 51.55
C PRO YD 280 -85.29 193.81 52.81
N GLY YD 281 -84.46 192.75 52.76
CA GLY YD 281 -83.68 192.25 53.86
C GLY YD 281 -84.27 191.06 54.57
N ASP YD 282 -85.54 190.75 54.33
CA ASP YD 282 -86.17 189.61 54.99
C ASP YD 282 -85.65 188.29 54.40
N VAL YD 283 -85.83 187.23 55.17
CA VAL YD 283 -85.47 185.88 54.74
C VAL YD 283 -86.70 185.00 54.81
N LEU YD 284 -87.04 184.40 53.67
CA LEU YD 284 -88.20 183.51 53.59
C LEU YD 284 -87.70 182.08 53.42
N PRO YD 285 -87.94 181.19 54.37
CA PRO YD 285 -87.31 179.87 54.32
C PRO YD 285 -87.89 179.02 53.20
N ILE YD 286 -87.02 178.27 52.54
CA ILE YD 286 -87.40 177.36 51.46
C ILE YD 286 -86.83 175.98 51.77
N GLU YD 287 -87.40 174.98 51.12
CA GLU YD 287 -87.00 173.59 51.31
C GLU YD 287 -85.97 173.19 50.26
N LYS YD 288 -85.44 171.99 50.42
CA LYS YD 288 -84.47 171.47 49.46
C LYS YD 288 -85.14 171.18 48.12
N PRO YD 289 -84.71 171.81 47.03
CA PRO YD 289 -85.13 171.33 45.71
C PRO YD 289 -84.25 170.19 45.23
N ASP YD 290 -84.78 168.96 45.27
CA ASP YD 290 -84.01 167.81 44.74
C ASP YD 290 -83.89 167.94 43.23
N ARG YD 291 -84.98 168.34 42.56
CA ARG YD 291 -84.98 168.52 41.13
C ARG YD 291 -85.69 169.82 40.77
N ILE YD 292 -85.30 170.39 39.65
CA ILE YD 292 -85.82 171.66 39.16
C ILE YD 292 -86.71 171.52 37.94
N ILE YD 293 -87.98 171.89 38.08
CA ILE YD 293 -88.92 171.79 36.97
C ILE YD 293 -88.76 172.93 35.97
N ALA YD 294 -88.67 172.57 34.70
CA ALA YD 294 -88.55 173.53 33.61
C ALA YD 294 -89.81 173.40 32.75
N HIS YD 295 -90.53 174.51 32.61
CA HIS YD 295 -91.82 174.56 31.95
C HIS YD 295 -91.83 175.64 30.88
N VAL YD 296 -92.61 175.41 29.83
CA VAL YD 296 -92.81 176.38 28.76
C VAL YD 296 -94.25 176.85 28.85
N ASP YD 297 -94.44 178.11 29.21
CA ASP YD 297 -95.77 178.70 29.32
C ASP YD 297 -96.67 177.90 30.25
N GLY YD 298 -96.09 177.37 31.32
CA GLY YD 298 -96.85 176.62 32.30
C GLY YD 298 -96.64 175.13 32.23
N VAL YD 299 -96.57 174.58 31.02
CA VAL YD 299 -96.48 173.14 30.83
C VAL YD 299 -95.06 172.66 31.16
N PRO YD 300 -94.89 171.78 32.14
CA PRO YD 300 -93.53 171.35 32.49
C PRO YD 300 -92.96 170.42 31.44
N VAL YD 301 -91.68 170.62 31.12
CA VAL YD 301 -91.04 169.88 30.04
C VAL YD 301 -89.83 169.11 30.56
N LEU YD 302 -89.18 169.62 31.59
CA LEU YD 302 -87.90 169.06 32.02
C LEU YD 302 -87.92 169.08 33.54
N THR YD 303 -87.16 168.17 34.13
CA THR YD 303 -86.73 168.27 35.53
C THR YD 303 -85.24 168.03 35.49
N SER YD 304 -84.47 168.93 36.11
CA SER YD 304 -83.02 168.95 35.93
C SER YD 304 -82.48 169.60 37.20
N GLN YD 305 -81.24 169.26 37.54
CA GLN YD 305 -80.61 169.65 38.80
C GLN YD 305 -79.97 170.99 38.50
N TYR YD 306 -80.04 171.90 39.46
CA TYR YD 306 -79.48 173.23 39.26
C TYR YD 306 -77.95 173.20 39.35
N GLY YD 307 -77.33 174.23 38.80
CA GLY YD 307 -75.88 174.33 38.83
C GLY YD 307 -75.44 175.64 38.24
N THR YD 308 -74.13 175.86 38.29
CA THR YD 308 -73.51 177.07 37.73
C THR YD 308 -72.41 176.63 36.78
N VAL YD 309 -72.46 177.11 35.54
CA VAL YD 309 -71.47 176.80 34.53
C VAL YD 309 -71.16 178.07 33.75
N ASN YD 310 -69.86 178.37 33.59
CA ASN YD 310 -69.39 179.53 32.83
C ASN YD 310 -70.00 180.83 33.35
N GLY YD 311 -70.14 180.92 34.67
CA GLY YD 311 -70.77 182.08 35.26
C GLY YD 311 -72.25 182.20 34.99
N GLN YD 312 -72.87 181.18 34.42
CA GLN YD 312 -74.28 181.18 34.10
C GLN YD 312 -75.02 180.17 34.97
N TYR YD 313 -76.26 180.49 35.32
CA TYR YD 313 -77.11 179.54 35.99
C TYR YD 313 -77.41 178.38 35.05
N ALA YD 314 -76.98 177.19 35.40
CA ALA YD 314 -77.07 176.03 34.52
C ALA YD 314 -77.98 174.97 35.13
N LEU YD 315 -78.50 174.10 34.26
CA LEU YD 315 -79.31 172.98 34.68
C LEU YD 315 -78.78 171.71 34.03
N ARG YD 316 -78.55 170.68 34.84
CA ARG YD 316 -78.13 169.38 34.35
C ARG YD 316 -79.38 168.55 34.11
N VAL YD 317 -79.74 168.38 32.83
CA VAL YD 317 -81.00 167.74 32.49
C VAL YD 317 -81.00 166.30 32.97
N GLU YD 318 -81.99 165.94 33.74
CA GLU YD 318 -82.14 164.58 34.22
C GLU YD 318 -83.21 163.77 33.52
N HIS YD 319 -84.35 164.38 33.15
CA HIS YD 319 -85.46 163.59 32.59
C HIS YD 319 -86.45 164.43 31.80
N LEU YD 320 -86.67 164.10 30.53
CA LEU YD 320 -87.71 164.74 29.73
C LEU YD 320 -89.06 164.17 30.14
N ILE YD 321 -90.01 165.05 30.46
CA ILE YD 321 -91.28 164.61 31.00
C ILE YD 321 -92.18 164.08 29.89
N ASN YD 322 -92.09 162.78 29.63
CA ASN YD 322 -92.96 162.16 28.65
C ASN YD 322 -94.33 161.88 29.27
N PRO YD 323 -95.40 161.88 28.46
CA PRO YD 323 -96.75 161.59 28.97
C PRO YD 323 -97.06 160.10 28.96
N GLN ZD 52 -114.67 199.33 49.15
CA GLN ZD 52 -113.22 199.34 49.34
C GLN ZD 52 -112.85 198.80 50.72
N ASP ZD 53 -112.90 197.47 50.85
CA ASP ZD 53 -112.60 196.80 52.09
C ASP ZD 53 -111.12 196.44 52.17
N ILE ZD 54 -110.63 196.22 53.39
CA ILE ZD 54 -109.22 195.93 53.58
C ILE ZD 54 -109.03 194.63 54.34
N ASP ZD 55 -109.75 194.45 55.44
CA ASP ZD 55 -109.68 193.19 56.23
C ASP ZD 55 -110.28 192.04 55.41
N LEU ZD 56 -111.08 192.35 54.39
CA LEU ZD 56 -111.78 191.32 53.58
C LEU ZD 56 -110.75 190.43 52.87
N ILE ZD 57 -109.69 191.02 52.31
CA ILE ZD 57 -108.66 190.26 51.53
C ILE ZD 57 -107.33 190.31 52.30
N MET ZD 58 -107.35 190.70 53.57
CA MET ZD 58 -106.12 190.83 54.35
C MET ZD 58 -105.50 189.47 54.63
N ASP ZD 59 -106.26 188.38 54.42
CA ASP ZD 59 -105.84 187.04 54.82
C ASP ZD 59 -105.73 186.07 53.63
N ILE ZD 60 -106.04 186.50 52.43
CA ILE ZD 60 -106.03 185.61 51.26
C ILE ZD 60 -104.63 185.10 51.01
N PRO ZD 61 -104.44 183.80 50.77
CA PRO ZD 61 -103.09 183.30 50.51
C PRO ZD 61 -102.68 183.48 49.06
N VAL ZD 62 -101.37 183.62 48.85
CA VAL ZD 62 -100.80 183.78 47.53
C VAL ZD 62 -99.64 182.79 47.55
N LYS ZD 63 -99.24 182.35 46.35
CA LYS ZD 63 -98.10 181.42 46.17
C LYS ZD 63 -96.99 182.19 45.47
N LEU ZD 64 -95.76 182.13 45.98
CA LEU ZD 64 -94.64 182.87 45.43
C LEU ZD 64 -93.68 181.89 44.79
N THR ZD 65 -93.21 182.21 43.60
CA THR ZD 65 -92.27 181.36 42.88
C THR ZD 65 -90.99 182.14 42.62
N VAL ZD 66 -89.88 181.44 42.55
CA VAL ZD 66 -88.58 182.01 42.24
C VAL ZD 66 -87.94 181.24 41.10
N GLU ZD 67 -87.26 181.94 40.20
CA GLU ZD 67 -86.71 181.34 39.02
C GLU ZD 67 -85.21 181.17 39.06
N LEU ZD 68 -84.67 180.21 38.31
CA LEU ZD 68 -83.23 180.17 38.11
C LEU ZD 68 -82.89 181.24 37.07
N GLY ZD 69 -83.58 181.21 35.94
CA GLY ZD 69 -83.34 182.20 34.91
C GLY ZD 69 -84.15 181.93 33.66
N ARG ZD 70 -84.18 182.92 32.78
CA ARG ZD 70 -84.79 182.80 31.48
C ARG ZD 70 -83.82 182.08 30.55
N THR ZD 71 -84.36 181.56 29.44
CA THR ZD 71 -83.55 181.11 28.33
C THR ZD 71 -84.58 180.85 27.26
N ARG ZD 72 -84.16 180.96 26.00
CA ARG ZD 72 -85.03 180.78 24.84
C ARG ZD 72 -84.27 179.84 23.92
N MET ZD 73 -84.87 178.69 23.61
CA MET ZD 73 -84.17 177.60 22.96
C MET ZD 73 -85.25 176.91 22.15
N THR ZD 74 -84.92 176.50 20.93
CA THR ZD 74 -85.93 176.00 19.96
C THR ZD 74 -86.28 174.56 20.18
N ILE ZD 75 -87.21 174.05 19.38
CA ILE ZD 75 -87.66 172.64 19.47
C ILE ZD 75 -86.48 171.72 19.19
N LYS ZD 76 -85.61 172.05 18.24
CA LYS ZD 76 -84.46 171.20 17.86
C LYS ZD 76 -83.65 170.76 19.09
N GLU ZD 77 -82.99 171.69 19.81
CA GLU ZD 77 -82.18 171.42 21.00
C GLU ZD 77 -82.98 170.77 22.13
N LEU ZD 78 -84.23 171.16 22.30
CA LEU ZD 78 -85.08 170.51 23.29
C LEU ZD 78 -85.30 169.03 23.05
N LEU ZD 79 -85.49 168.64 21.80
CA LEU ZD 79 -85.65 167.23 21.48
C LEU ZD 79 -84.39 166.37 21.58
N ARG ZD 80 -83.22 166.96 21.36
CA ARG ZD 80 -81.97 166.21 21.47
C ARG ZD 80 -81.26 166.37 22.86
N LEU ZD 81 -82.00 166.94 23.80
CA LEU ZD 81 -81.50 167.07 25.16
C LEU ZD 81 -81.57 165.63 25.66
N THR ZD 82 -80.49 165.19 26.32
CA THR ZD 82 -80.42 163.81 26.80
C THR ZD 82 -80.15 163.92 28.30
N GLN ZD 83 -80.07 162.76 28.96
CA GLN ZD 83 -79.73 162.79 30.39
C GLN ZD 83 -78.30 163.25 30.58
N GLY ZD 84 -78.07 164.11 31.56
CA GLY ZD 84 -76.75 164.62 31.83
C GLY ZD 84 -76.39 165.84 31.00
N SER ZD 85 -77.20 166.19 30.01
CA SER ZD 85 -76.93 167.39 29.23
C SER ZD 85 -77.14 168.64 30.07
N VAL ZD 86 -76.33 169.66 29.80
CA VAL ZD 86 -76.32 170.89 30.58
C VAL ZD 86 -76.79 172.03 29.69
N VAL ZD 87 -77.73 172.82 30.19
CA VAL ZD 87 -78.26 173.99 29.50
C VAL ZD 87 -78.09 175.20 30.41
N ALA ZD 88 -77.65 176.33 29.85
CA ALA ZD 88 -77.43 177.57 30.63
C ALA ZD 88 -78.74 178.33 30.85
N LEU ZD 89 -78.65 179.59 31.31
CA LEU ZD 89 -79.82 180.47 31.57
C LEU ZD 89 -79.33 181.86 31.19
N ASP ZD 90 -80.19 182.88 31.15
CA ASP ZD 90 -79.83 184.25 30.70
C ASP ZD 90 -79.18 185.05 31.84
N GLY ZD 91 -79.12 184.54 33.07
CA GLY ZD 91 -78.55 185.24 34.20
C GLY ZD 91 -77.19 184.82 34.70
N LEU ZD 92 -76.33 185.80 34.94
CA LEU ZD 92 -75.03 185.53 35.53
C LEU ZD 92 -75.22 184.95 36.93
N ALA ZD 93 -74.33 184.03 37.31
CA ALA ZD 93 -74.40 183.42 38.63
C ALA ZD 93 -74.06 184.47 39.67
N GLY ZD 94 -75.08 185.00 40.34
CA GLY ZD 94 -74.87 186.03 41.33
C GLY ZD 94 -75.95 187.10 41.37
N GLU ZD 95 -76.64 187.31 40.23
CA GLU ZD 95 -77.71 188.30 40.24
C GLU ZD 95 -78.87 187.80 41.10
N PRO ZD 96 -79.65 188.70 41.69
CA PRO ZD 96 -80.81 188.27 42.48
C PRO ZD 96 -81.88 187.68 41.57
N LEU ZD 97 -82.45 186.56 42.01
CA LEU ZD 97 -83.51 185.91 41.25
C LEU ZD 97 -84.81 186.72 41.37
N ASP ZD 98 -85.70 186.51 40.39
CA ASP ZD 98 -86.96 187.29 40.36
C ASP ZD 98 -88.07 186.50 41.07
N ILE ZD 99 -88.71 187.13 42.06
CA ILE ZD 99 -89.83 186.48 42.80
C ILE ZD 99 -91.14 186.91 42.10
N LEU ZD 100 -92.05 185.97 41.85
CA LEU ZD 100 -93.29 186.30 41.09
C LEU ZD 100 -94.53 185.71 41.78
N ILE ZD 101 -95.69 186.34 41.61
CA ILE ZD 101 -96.97 185.79 42.15
C ILE ZD 101 -97.98 185.75 41.01
N ASN ZD 102 -98.62 184.59 40.77
CA ASN ZD 102 -99.65 184.48 39.69
C ASN ZD 102 -99.01 184.99 38.40
N GLY ZD 103 -97.71 184.70 38.19
CA GLY ZD 103 -97.01 185.08 36.95
C GLY ZD 103 -96.74 186.57 36.87
N TYR ZD 104 -96.84 187.30 37.99
CA TYR ZD 104 -96.64 188.78 38.02
C TYR ZD 104 -95.44 189.11 38.90
N LEU ZD 105 -94.52 189.94 38.42
CA LEU ZD 105 -93.27 190.22 39.18
C LEU ZD 105 -93.68 190.86 40.50
N ILE ZD 106 -93.02 190.48 41.58
CA ILE ZD 106 -93.34 191.01 42.94
C ILE ZD 106 -92.06 191.41 43.68
N ALA ZD 107 -90.91 190.75 43.46
CA ALA ZD 107 -89.73 191.03 44.28
C ALA ZD 107 -88.48 190.49 43.58
N GLN ZD 108 -87.34 190.65 44.24
CA GLN ZD 108 -86.08 190.06 43.83
C GLN ZD 108 -85.28 189.65 45.05
N GLY ZD 109 -84.67 188.46 44.98
CA GLY ZD 109 -83.85 187.96 46.07
C GLY ZD 109 -83.10 186.72 45.64
N GLU ZD 110 -82.05 186.41 46.41
CA GLU ZD 110 -81.20 185.26 46.14
C GLU ZD 110 -81.25 184.28 47.30
N VAL ZD 111 -80.80 183.05 47.02
CA VAL ZD 111 -80.77 182.00 48.02
C VAL ZD 111 -79.57 182.19 48.93
N VAL ZD 112 -79.75 181.94 50.22
CA VAL ZD 112 -78.69 182.07 51.22
C VAL ZD 112 -78.65 180.83 52.11
N VAL ZD 113 -77.44 180.42 52.47
CA VAL ZD 113 -77.22 179.28 53.36
C VAL ZD 113 -76.86 179.75 54.76
N VAL ZD 114 -77.70 179.44 55.75
CA VAL ZD 114 -77.45 179.95 57.10
C VAL ZD 114 -76.72 178.89 57.90
N ALA ZD 115 -77.42 177.79 58.14
CA ALA ZD 115 -76.81 176.62 58.81
C ALA ZD 115 -76.83 175.35 57.95
N ASP ZD 116 -78.01 174.72 57.87
CA ASP ZD 116 -78.20 173.55 56.97
C ASP ZD 116 -79.59 173.82 56.42
N LYS ZD 117 -79.96 175.10 56.27
CA LYS ZD 117 -81.33 175.47 55.84
C LYS ZD 117 -81.25 176.53 54.73
N TYR ZD 118 -82.29 176.62 53.88
CA TYR ZD 118 -82.22 177.57 52.73
C TYR ZD 118 -83.36 178.59 52.79
N GLY ZD 119 -83.12 179.79 52.22
CA GLY ZD 119 -84.12 180.81 52.12
C GLY ZD 119 -83.72 181.90 51.15
N VAL ZD 120 -84.69 182.73 50.80
CA VAL ZD 120 -84.48 183.79 49.83
C VAL ZD 120 -84.29 185.08 50.63
N ARG ZD 121 -83.24 185.82 50.29
CA ARG ZD 121 -82.92 187.09 50.93
C ARG ZD 121 -83.33 188.16 49.92
N ILE ZD 122 -84.49 188.77 50.15
CA ILE ZD 122 -85.04 189.73 49.21
C ILE ZD 122 -84.19 190.99 49.19
N THR ZD 123 -83.84 191.44 47.97
CA THR ZD 123 -82.98 192.61 47.81
C THR ZD 123 -83.77 193.92 47.76
N ASP ZD 124 -84.89 193.94 47.03
CA ASP ZD 124 -85.65 195.17 46.89
C ASP ZD 124 -87.06 194.83 46.43
N ILE ZD 125 -87.90 195.87 46.37
CA ILE ZD 125 -89.26 195.77 45.88
C ILE ZD 125 -89.36 196.65 44.64
N ILE ZD 126 -89.83 196.07 43.54
CA ILE ZD 126 -89.85 196.77 42.26
C ILE ZD 126 -91.04 197.73 42.21
N THR ZD 127 -90.74 199.02 42.09
CA THR ZD 127 -91.75 200.01 41.82
C THR ZD 127 -92.24 199.88 40.38
N PRO ZD 128 -93.43 200.41 40.07
CA PRO ZD 128 -93.94 200.29 38.69
C PRO ZD 128 -92.99 200.84 37.65
N SER ZD 129 -92.30 201.95 37.95
CA SER ZD 129 -91.37 202.53 36.98
C SER ZD 129 -90.37 201.48 36.52
N GLU ZD 130 -89.75 200.80 37.47
CA GLU ZD 130 -88.89 199.68 37.11
C GLU ZD 130 -89.62 198.61 36.31
N ARG ZD 131 -90.81 198.24 36.76
CA ARG ZD 131 -91.62 197.25 35.99
C ARG ZD 131 -91.80 197.73 34.54
N MET ZD 132 -92.03 199.03 34.34
CA MET ZD 132 -92.28 199.55 32.97
C MET ZD 132 -91.03 199.32 32.10
N ARG ZD 133 -89.84 199.56 32.65
CA ARG ZD 133 -88.58 199.37 31.88
C ARG ZD 133 -88.32 197.86 31.73
N ARG ZD 134 -88.91 197.06 32.61
CA ARG ZD 134 -88.73 195.58 32.57
C ARG ZD 134 -89.43 195.16 31.26
N LEU ZD 135 -90.70 195.54 31.11
CA LEU ZD 135 -91.43 195.30 29.85
C LEU ZD 135 -90.81 195.97 28.62
N SER ZD 136 -90.29 197.19 28.78
CA SER ZD 136 -89.72 197.95 27.64
C SER ZD 136 -88.40 197.32 27.19
N ARG ZD 137 -87.64 196.70 28.11
CA ARG ZD 137 -86.34 196.21 27.70
C ARG ZD 137 -86.02 194.87 28.36
N ASP AE 53 -97.73 201.45 49.97
CA ASP AE 53 -97.59 200.00 50.04
C ASP AE 53 -98.85 199.27 49.60
N ILE AE 54 -100.00 199.95 49.74
CA ILE AE 54 -101.26 199.36 49.28
C ILE AE 54 -101.19 199.25 47.77
N ASP AE 55 -100.53 200.22 47.12
CA ASP AE 55 -100.42 200.19 45.66
C ASP AE 55 -99.76 198.92 45.14
N LEU AE 56 -98.79 198.39 45.88
CA LEU AE 56 -98.14 197.14 45.47
C LEU AE 56 -99.07 195.93 45.39
N ILE AE 57 -99.97 195.82 46.38
CA ILE AE 57 -100.90 194.65 46.44
C ILE AE 57 -102.30 195.08 45.97
N MET AE 58 -102.39 196.13 45.16
CA MET AE 58 -103.70 196.61 44.73
C MET AE 58 -103.76 196.16 43.27
N ASP AE 59 -102.64 195.70 42.71
CA ASP AE 59 -102.60 195.36 41.26
C ASP AE 59 -102.40 193.86 41.01
N ILE AE 60 -101.87 193.11 41.98
CA ILE AE 60 -101.56 191.69 41.78
C ILE AE 60 -102.70 190.79 41.33
N PRO AE 61 -102.47 189.88 40.33
CA PRO AE 61 -103.51 188.90 39.90
C PRO AE 61 -103.73 187.85 40.98
N VAL AE 62 -104.90 187.22 40.99
CA VAL AE 62 -105.24 186.19 41.95
C VAL AE 62 -106.24 185.32 41.21
N LYS AE 63 -106.39 184.08 41.66
CA LYS AE 63 -107.26 183.12 41.00
C LYS AE 63 -108.54 183.03 41.80
N LEU AE 64 -109.68 183.17 41.13
CA LEU AE 64 -110.99 183.15 41.78
C LEU AE 64 -111.73 181.93 41.27
N THR AE 65 -112.43 181.24 42.18
CA THR AE 65 -113.26 180.09 41.83
C THR AE 65 -114.59 180.21 42.56
N VAL AE 66 -115.59 179.51 42.05
CA VAL AE 66 -116.88 179.38 42.73
C VAL AE 66 -117.29 177.93 42.65
N GLU AE 67 -117.61 177.34 43.81
CA GLU AE 67 -117.91 175.92 43.86
C GLU AE 67 -119.41 175.71 43.99
N LEU AE 68 -119.97 174.81 43.17
CA LEU AE 68 -121.44 174.61 43.11
C LEU AE 68 -121.89 173.51 44.09
N GLY AE 69 -121.02 172.54 44.41
CA GLY AE 69 -121.43 171.37 45.22
C GLY AE 69 -120.36 170.97 46.23
N ARG AE 70 -120.77 170.18 47.23
CA ARG AE 70 -119.85 169.67 48.28
C ARG AE 70 -120.43 168.35 48.82
N THR AE 71 -119.69 167.25 48.74
CA THR AE 71 -120.17 165.94 49.18
C THR AE 71 -119.02 165.23 49.84
N ARG AE 72 -119.25 164.43 50.87
CA ARG AE 72 -118.26 163.57 51.53
C ARG AE 72 -118.50 162.12 51.14
N MET AE 73 -117.43 161.46 50.68
CA MET AE 73 -117.60 160.07 50.19
C MET AE 73 -116.43 159.17 50.58
N THR AE 74 -116.65 157.86 50.63
CA THR AE 74 -115.65 156.85 50.90
C THR AE 74 -115.20 156.39 49.52
N ILE AE 75 -114.27 155.43 49.48
CA ILE AE 75 -113.71 155.04 48.15
C ILE AE 75 -114.58 153.93 47.55
N LYS AE 76 -115.20 153.13 48.40
CA LYS AE 76 -116.15 152.15 47.88
C LYS AE 76 -117.05 153.01 46.99
N GLU AE 77 -117.56 154.10 47.54
CA GLU AE 77 -118.51 154.95 46.80
C GLU AE 77 -117.87 155.56 45.55
N LEU AE 78 -116.65 156.10 45.67
CA LEU AE 78 -116.01 156.78 44.51
C LEU AE 78 -115.75 155.79 43.38
N LEU AE 79 -115.23 154.62 43.71
CA LEU AE 79 -114.94 153.56 42.70
C LEU AE 79 -116.25 153.10 42.07
N ARG AE 80 -117.31 153.00 42.87
CA ARG AE 80 -118.61 152.48 42.39
C ARG AE 80 -119.12 153.42 41.29
N LEU AE 81 -118.94 154.74 41.44
CA LEU AE 81 -119.32 155.69 40.36
C LEU AE 81 -118.81 155.13 39.02
N THR AE 82 -119.63 155.11 37.96
CA THR AE 82 -119.16 154.69 36.62
C THR AE 82 -119.43 155.82 35.66
N GLN AE 83 -119.50 155.52 34.35
CA GLN AE 83 -119.86 156.57 33.41
C GLN AE 83 -121.36 156.80 33.44
N GLY AE 84 -121.76 158.06 33.53
CA GLY AE 84 -123.16 158.42 33.62
C GLY AE 84 -123.75 158.36 35.01
N SER AE 85 -122.98 157.97 36.01
CA SER AE 85 -123.50 157.92 37.38
C SER AE 85 -123.76 159.33 37.88
N VAL AE 86 -124.88 159.49 38.60
CA VAL AE 86 -125.28 160.78 39.15
C VAL AE 86 -124.87 160.81 40.61
N VAL AE 87 -124.14 161.85 40.99
CA VAL AE 87 -123.67 162.02 42.36
C VAL AE 87 -124.47 163.15 42.99
N ALA AE 88 -125.20 162.84 44.06
CA ALA AE 88 -125.96 163.86 44.76
C ALA AE 88 -125.08 164.81 45.55
N LEU AE 89 -125.53 166.07 45.64
CA LEU AE 89 -124.84 167.10 46.40
C LEU AE 89 -125.46 167.56 47.70
N ASP AE 90 -124.67 167.61 48.77
CA ASP AE 90 -125.19 168.03 50.06
C ASP AE 90 -125.93 169.40 49.97
N GLY AE 91 -125.34 170.30 49.18
CA GLY AE 91 -126.01 171.54 48.87
C GLY AE 91 -127.37 171.58 48.23
N LEU AE 92 -128.34 172.19 48.89
CA LEU AE 92 -129.68 172.29 48.35
C LEU AE 92 -129.70 173.27 47.18
N ALA AE 93 -130.72 173.17 46.34
CA ALA AE 93 -130.85 174.08 45.21
C ALA AE 93 -131.18 175.49 45.71
N GLY AE 94 -130.51 176.47 45.12
CA GLY AE 94 -130.74 177.86 45.44
C GLY AE 94 -129.93 178.42 46.58
N GLU AE 95 -129.23 177.57 47.33
CA GLU AE 95 -128.40 178.08 48.42
C GLU AE 95 -127.20 178.84 47.86
N PRO AE 96 -126.62 179.85 48.54
CA PRO AE 96 -125.50 180.65 47.96
C PRO AE 96 -124.27 179.78 47.72
N LEU AE 97 -123.72 179.77 46.49
CA LEU AE 97 -122.50 179.00 46.15
C LEU AE 97 -121.30 179.59 46.90
N ASP AE 98 -120.38 178.78 47.40
CA ASP AE 98 -119.16 179.38 48.02
C ASP AE 98 -118.30 180.04 46.94
N ILE AE 99 -117.67 181.17 47.20
CA ILE AE 99 -116.71 181.81 46.31
C ILE AE 99 -115.37 181.81 47.02
N LEU AE 100 -114.36 181.24 46.37
CA LEU AE 100 -113.05 181.01 46.96
C LEU AE 100 -112.00 181.79 46.20
N ILE AE 101 -110.98 182.26 46.93
CA ILE AE 101 -109.84 182.94 46.35
C ILE AE 101 -108.60 182.14 46.72
N ASN AE 102 -107.99 181.50 45.74
CA ASN AE 102 -106.85 180.60 45.97
C ASN AE 102 -107.22 179.52 46.99
N GLY AE 103 -108.46 179.06 46.92
CA GLY AE 103 -108.95 178.07 47.85
C GLY AE 103 -109.40 178.60 49.19
N TYR AE 104 -109.51 179.92 49.35
CA TYR AE 104 -109.91 180.54 50.61
C TYR AE 104 -111.29 181.16 50.44
N LEU AE 105 -112.23 180.73 51.27
CA LEU AE 105 -113.60 181.22 51.18
C LEU AE 105 -113.69 182.65 51.70
N ILE AE 106 -114.32 183.53 50.92
CA ILE AE 106 -114.49 184.91 51.34
C ILE AE 106 -115.94 185.35 51.23
N ALA AE 107 -116.73 184.69 50.39
CA ALA AE 107 -118.05 185.20 50.08
C ALA AE 107 -118.98 184.08 49.65
N GLN AE 108 -120.28 184.41 49.66
CA GLN AE 108 -121.32 183.50 49.21
C GLN AE 108 -122.22 184.23 48.22
N GLY AE 109 -122.62 183.53 47.16
CA GLY AE 109 -123.51 184.11 46.17
C GLY AE 109 -124.19 183.17 45.21
N GLU AE 110 -125.32 183.61 44.68
CA GLU AE 110 -126.07 182.79 43.75
C GLU AE 110 -125.56 182.69 42.33
N VAL AE 111 -126.03 181.68 41.60
CA VAL AE 111 -125.50 181.35 40.29
C VAL AE 111 -126.40 182.13 39.35
N VAL AE 112 -125.79 182.75 38.34
CA VAL AE 112 -126.52 183.47 37.30
C VAL AE 112 -125.66 183.46 36.05
N VAL AE 113 -126.31 183.37 34.89
CA VAL AE 113 -125.60 183.31 33.60
C VAL AE 113 -125.84 184.61 32.85
N VAL AE 114 -124.75 185.21 32.39
CA VAL AE 114 -124.82 186.52 31.67
C VAL AE 114 -124.15 186.39 30.29
N ALA AE 115 -124.87 186.73 29.21
CA ALA AE 115 -124.28 186.72 27.85
C ALA AE 115 -123.73 185.33 27.51
N ASP AE 116 -124.42 184.26 27.93
CA ASP AE 116 -124.04 182.86 27.60
C ASP AE 116 -122.71 182.46 28.27
N LYS AE 117 -122.30 183.17 29.33
CA LYS AE 117 -121.07 182.82 30.07
C LYS AE 117 -121.45 182.67 31.54
N TYR AE 118 -120.94 181.64 32.21
CA TYR AE 118 -121.24 181.44 33.65
C TYR AE 118 -120.90 182.66 34.49
N GLY AE 119 -121.64 182.88 35.58
CA GLY AE 119 -121.36 183.98 36.47
C GLY AE 119 -121.94 183.72 37.85
N VAL AE 120 -121.72 184.68 38.74
CA VAL AE 120 -122.21 184.58 40.11
C VAL AE 120 -122.42 185.98 40.66
N ARG AE 121 -123.52 186.17 41.36
CA ARG AE 121 -123.83 187.43 42.03
C ARG AE 121 -123.45 187.35 43.50
N ILE AE 122 -122.59 188.28 43.94
CA ILE AE 122 -122.11 188.25 45.33
C ILE AE 122 -123.25 188.64 46.26
N THR AE 123 -123.89 187.64 46.86
CA THR AE 123 -124.95 187.93 47.82
C THR AE 123 -124.39 188.56 49.08
N ASP AE 124 -123.33 187.98 49.64
CA ASP AE 124 -122.75 188.55 50.85
C ASP AE 124 -121.31 188.09 50.99
N ILE AE 125 -120.58 188.80 51.85
CA ILE AE 125 -119.23 188.40 52.23
C ILE AE 125 -119.29 187.86 53.65
N ILE AE 126 -118.79 186.65 53.84
CA ILE AE 126 -118.88 185.99 55.14
C ILE AE 126 -117.86 186.60 56.08
N THR AE 127 -118.33 187.04 57.24
CA THR AE 127 -117.52 187.45 58.38
C THR AE 127 -117.00 186.21 59.10
N PRO AE 128 -115.81 186.28 59.70
CA PRO AE 128 -115.19 185.05 60.24
C PRO AE 128 -116.03 184.41 61.34
N SER AE 129 -117.19 184.94 61.69
CA SER AE 129 -118.05 184.30 62.67
C SER AE 129 -118.53 182.98 62.07
N GLU AE 130 -118.81 182.96 60.76
CA GLU AE 130 -119.36 181.73 60.12
C GLU AE 130 -118.26 180.68 59.85
N ARG AE 131 -116.99 181.07 59.93
CA ARG AE 131 -115.87 180.19 59.62
C ARG AE 131 -115.80 179.09 60.67
N MET AE 132 -116.03 179.44 61.94
CA MET AE 132 -116.08 178.38 62.98
C MET AE 132 -117.12 177.35 62.54
N ARG AE 133 -118.30 177.81 62.12
CA ARG AE 133 -119.40 176.90 61.68
C ARG AE 133 -119.09 176.17 60.37
N ARG AE 134 -118.17 176.72 59.57
CA ARG AE 134 -117.78 176.06 58.29
C ARG AE 134 -117.04 174.75 58.61
N LEU AE 135 -116.68 174.55 59.88
CA LEU AE 135 -115.98 173.32 60.30
C LEU AE 135 -116.61 172.79 61.61
N ALA BE 37 -85.21 164.37 75.41
CA ALA BE 37 -84.53 163.26 74.74
C ALA BE 37 -85.38 161.99 74.78
N VAL BE 38 -86.67 162.15 75.05
CA VAL BE 38 -87.59 161.03 75.13
C VAL BE 38 -87.78 160.37 73.77
N PHE BE 39 -87.97 161.18 72.72
CA PHE BE 39 -88.18 160.63 71.39
C PHE BE 39 -86.90 159.98 70.88
N GLN BE 40 -87.05 158.84 70.22
CA GLN BE 40 -85.90 158.10 69.69
C GLN BE 40 -85.72 158.51 68.23
N GLN BE 41 -84.46 158.76 67.86
CA GLN BE 41 -84.17 159.29 66.53
C GLN BE 41 -84.21 158.23 65.44
N LEU BE 42 -85.23 158.30 64.59
CA LEU BE 42 -85.41 157.38 63.48
C LEU BE 42 -84.74 157.87 62.19
N GLY BE 43 -84.07 156.95 61.51
CA GLY BE 43 -83.40 157.29 60.27
C GLY BE 43 -83.11 156.05 59.46
N GLY BE 44 -82.84 156.27 58.18
CA GLY BE 44 -82.57 155.16 57.27
C GLY BE 44 -83.74 154.22 57.10
N GLY BE 45 -84.95 154.76 57.01
CA GLY BE 45 -86.14 153.94 56.88
C GLY BE 45 -86.64 153.84 55.45
N ASP BE 46 -85.83 154.28 54.49
CA ASP BE 46 -86.18 154.22 53.08
C ASP BE 46 -85.87 152.81 52.55
N VAL BE 47 -86.69 151.85 52.99
CA VAL BE 47 -86.49 150.46 52.61
C VAL BE 47 -86.81 150.26 51.14
N SER BE 48 -88.06 150.50 50.76
CA SER BE 48 -88.51 150.36 49.38
C SER BE 48 -89.88 151.00 49.26
N GLY BE 49 -90.40 151.02 48.04
CA GLY BE 49 -91.73 151.53 47.79
C GLY BE 49 -92.44 150.79 46.68
N ALA BE 50 -93.64 150.27 46.97
CA ALA BE 50 -94.41 149.56 45.97
C ALA BE 50 -95.89 149.66 46.34
N MET BE 51 -96.71 150.04 45.36
CA MET BE 51 -98.14 150.11 45.58
C MET BE 51 -98.67 148.73 45.96
N GLN BE 52 -99.51 148.70 46.99
CA GLN BE 52 -100.00 147.42 47.48
C GLN BE 52 -101.30 147.12 46.77
N ASP BE 53 -102.34 147.92 47.05
CA ASP BE 53 -103.65 147.76 46.48
C ASP BE 53 -104.50 148.93 46.99
N ILE BE 54 -105.64 149.15 46.35
CA ILE BE 54 -106.45 150.33 46.66
C ILE BE 54 -107.56 150.05 47.68
N ASP BE 55 -107.57 148.84 48.24
CA ASP BE 55 -108.54 148.48 49.28
C ASP BE 55 -108.00 148.56 50.70
N LEU BE 56 -106.69 148.70 50.85
CA LEU BE 56 -106.11 148.88 52.20
C LEU BE 56 -106.59 150.25 52.68
N ILE BE 57 -106.67 151.21 51.76
CA ILE BE 57 -107.03 152.63 52.08
C ILE BE 57 -108.51 152.90 51.74
N MET BE 58 -109.31 151.90 51.40
CA MET BE 58 -110.67 152.18 50.89
C MET BE 58 -111.66 153.03 51.69
N ASP BE 59 -112.01 152.59 52.90
CA ASP BE 59 -113.03 153.31 53.71
C ASP BE 59 -112.39 154.55 54.33
N ILE BE 60 -111.74 155.36 53.50
CA ILE BE 60 -111.16 156.63 54.01
C ILE BE 60 -112.01 157.75 53.39
N PRO BE 61 -112.55 158.71 54.18
CA PRO BE 61 -113.47 159.75 53.63
C PRO BE 61 -112.72 160.62 52.63
N VAL BE 62 -113.38 160.95 51.52
CA VAL BE 62 -112.76 161.85 50.50
C VAL BE 62 -113.60 163.14 50.50
N LYS BE 63 -112.98 164.26 50.15
CA LYS BE 63 -113.71 165.52 50.11
C LYS BE 63 -114.03 165.82 48.65
N LEU BE 64 -115.22 165.43 48.21
CA LEU BE 64 -115.63 165.66 46.83
C LEU BE 64 -116.28 167.03 46.70
N THR BE 65 -115.91 167.74 45.63
CA THR BE 65 -116.38 169.08 45.39
C THR BE 65 -116.51 169.31 43.89
N VAL BE 66 -117.68 169.77 43.47
CA VAL BE 66 -117.92 170.15 42.08
C VAL BE 66 -117.74 171.65 41.92
N GLU BE 67 -117.04 172.05 40.86
CA GLU BE 67 -116.73 173.46 40.62
C GLU BE 67 -117.53 174.08 39.50
N LEU BE 68 -118.13 175.24 39.77
CA LEU BE 68 -119.01 175.86 38.80
C LEU BE 68 -118.17 176.51 37.71
N GLY BE 69 -117.15 177.26 38.10
CA GLY BE 69 -116.34 177.94 37.11
C GLY BE 69 -115.08 178.55 37.68
N ARG BE 70 -114.30 179.14 36.78
CA ARG BE 70 -113.03 179.77 37.12
C ARG BE 70 -113.03 181.14 36.46
N THR BE 71 -112.10 181.98 36.88
CA THR BE 71 -111.85 183.27 36.29
C THR BE 71 -110.57 183.82 36.89
N ARG BE 72 -109.64 184.22 36.05
CA ARG BE 72 -108.43 184.89 36.51
C ARG BE 72 -108.73 186.38 36.59
N MET BE 73 -108.58 186.94 37.79
CA MET BE 73 -108.93 188.32 38.02
C MET BE 73 -107.98 188.88 39.07
N THR BE 74 -107.63 190.14 38.93
CA THR BE 74 -106.70 190.78 39.85
C THR BE 74 -107.45 191.50 40.96
N ILE BE 75 -106.68 191.99 41.93
CA ILE BE 75 -107.25 192.72 43.05
C ILE BE 75 -107.92 194.02 42.60
N LYS BE 76 -107.53 194.53 41.43
CA LYS BE 76 -108.13 195.73 40.86
C LYS BE 76 -109.65 195.67 40.91
N GLU BE 77 -110.25 194.71 40.20
CA GLU BE 77 -111.70 194.58 40.23
C GLU BE 77 -112.16 193.95 41.54
N LEU BE 78 -111.30 193.17 42.21
CA LEU BE 78 -111.70 192.56 43.47
C LEU BE 78 -112.35 193.41 44.55
N LEU BE 79 -111.77 194.56 44.89
CA LEU BE 79 -112.42 195.43 45.87
C LEU BE 79 -113.55 196.27 45.21
N ARG BE 80 -113.44 196.45 43.89
CA ARG BE 80 -114.53 197.17 43.17
C ARG BE 80 -115.84 196.42 43.41
N LEU BE 81 -115.75 195.11 43.67
CA LEU BE 81 -116.94 194.31 43.94
C LEU BE 81 -117.82 194.67 45.13
N THR BE 82 -119.10 194.89 44.87
CA THR BE 82 -120.08 195.20 45.90
C THR BE 82 -121.17 194.13 45.89
N GLN BE 83 -122.09 194.25 46.84
CA GLN BE 83 -123.21 193.32 46.90
C GLN BE 83 -124.10 193.51 45.69
N GLY BE 84 -124.53 192.39 45.10
CA GLY BE 84 -125.34 192.42 43.90
C GLY BE 84 -124.57 192.51 42.61
N SER BE 85 -123.25 192.67 42.66
CA SER BE 85 -122.44 192.67 41.46
C SER BE 85 -122.37 191.28 40.86
N VAL BE 86 -122.03 191.22 39.58
CA VAL BE 86 -121.96 189.97 38.84
C VAL BE 86 -120.55 189.80 38.28
N VAL BE 87 -119.96 188.63 38.54
CA VAL BE 87 -118.61 188.32 38.08
C VAL BE 87 -118.72 187.24 37.00
N ALA BE 88 -118.27 187.58 35.79
CA ALA BE 88 -118.28 186.61 34.70
C ALA BE 88 -117.18 185.58 34.92
N LEU BE 89 -117.50 184.33 34.62
CA LEU BE 89 -116.56 183.22 34.77
C LEU BE 89 -116.04 182.81 33.40
N ASP BE 90 -114.79 182.35 33.38
CA ASP BE 90 -114.18 181.94 32.12
C ASP BE 90 -114.92 180.78 31.47
N GLY BE 91 -115.46 179.86 32.26
CA GLY BE 91 -116.20 178.74 31.73
C GLY BE 91 -117.45 179.14 30.97
N LEU BE 92 -117.59 178.65 29.75
CA LEU BE 92 -118.79 178.91 28.97
C LEU BE 92 -119.98 178.19 29.58
N ALA BE 93 -121.15 178.83 29.48
CA ALA BE 93 -122.36 178.26 30.08
C ALA BE 93 -122.72 176.96 29.39
N GLY BE 94 -123.12 175.97 30.18
CA GLY BE 94 -123.49 174.67 29.66
C GLY BE 94 -122.34 173.70 29.46
N GLU BE 95 -121.10 174.14 29.67
CA GLU BE 95 -119.97 173.25 29.54
C GLU BE 95 -119.94 172.28 30.73
N PRO BE 96 -119.30 171.12 30.55
CA PRO BE 96 -119.16 170.19 31.68
C PRO BE 96 -118.40 170.83 32.83
N LEU BE 97 -118.87 170.58 34.04
CA LEU BE 97 -118.27 171.11 35.24
C LEU BE 97 -117.16 170.18 35.73
N ASP BE 98 -116.32 170.72 36.61
CA ASP BE 98 -115.15 170.01 37.11
C ASP BE 98 -115.45 169.37 38.45
N ILE BE 99 -114.91 168.16 38.65
CA ILE BE 99 -115.09 167.42 39.89
C ILE BE 99 -113.71 167.19 40.50
N LEU BE 100 -113.56 167.54 41.77
CA LEU BE 100 -112.30 167.40 42.47
C LEU BE 100 -112.51 166.57 43.72
N ILE BE 101 -111.51 165.79 44.10
CA ILE BE 101 -111.49 165.10 45.38
C ILE BE 101 -110.28 165.60 46.16
N ASN BE 102 -110.53 166.19 47.32
CA ASN BE 102 -109.49 166.83 48.11
C ASN BE 102 -108.75 167.89 47.31
N GLY BE 103 -109.49 168.58 46.44
CA GLY BE 103 -108.92 169.66 45.65
C GLY BE 103 -108.13 169.24 44.44
N TYR BE 104 -108.17 167.96 44.05
CA TYR BE 104 -107.44 167.47 42.90
C TYR BE 104 -108.45 167.10 41.82
N LEU BE 105 -108.28 167.67 40.63
CA LEU BE 105 -109.22 167.44 39.54
C LEU BE 105 -109.08 166.00 39.05
N ILE BE 106 -110.18 165.28 38.97
CA ILE BE 106 -110.20 163.90 38.52
C ILE BE 106 -111.09 163.72 37.30
N ALA BE 107 -112.26 164.35 37.29
CA ALA BE 107 -113.23 164.05 36.24
C ALA BE 107 -114.02 165.29 35.88
N GLN BE 108 -114.69 165.21 34.73
CA GLN BE 108 -115.60 166.24 34.26
C GLN BE 108 -116.98 165.63 34.16
N GLY BE 109 -117.97 166.34 34.73
CA GLY BE 109 -119.33 165.84 34.79
C GLY BE 109 -120.27 166.91 34.25
N GLU BE 110 -121.56 166.64 34.40
CA GLU BE 110 -122.60 167.54 33.96
C GLU BE 110 -123.63 167.67 35.08
N VAL BE 111 -124.10 168.89 35.31
CA VAL BE 111 -124.99 169.18 36.41
C VAL BE 111 -126.43 168.82 36.06
N VAL BE 112 -127.12 168.14 36.99
CA VAL BE 112 -128.51 167.75 36.81
C VAL BE 112 -129.25 168.03 38.11
N VAL BE 113 -130.57 168.15 38.01
CA VAL BE 113 -131.44 168.40 39.15
C VAL BE 113 -132.32 167.17 39.35
N VAL BE 114 -132.18 166.55 40.53
CA VAL BE 114 -133.00 165.35 40.85
C VAL BE 114 -133.74 165.56 42.18
N ALA BE 115 -135.08 165.57 42.13
CA ALA BE 115 -135.90 165.77 43.35
C ALA BE 115 -135.57 167.08 44.06
N ASP BE 116 -135.28 168.15 43.32
CA ASP BE 116 -135.03 169.50 43.91
C ASP BE 116 -133.67 169.51 44.63
N LYS BE 117 -132.82 168.53 44.35
CA LYS BE 117 -131.48 168.48 44.96
C LYS BE 117 -130.42 168.53 43.85
N TYR BE 118 -129.36 169.29 44.03
CA TYR BE 118 -128.37 169.42 42.97
C TYR BE 118 -127.53 168.16 42.86
N GLY BE 119 -127.26 167.74 41.63
CA GLY BE 119 -126.47 166.54 41.40
C GLY BE 119 -125.66 166.67 40.13
N VAL BE 120 -124.45 166.15 40.19
CA VAL BE 120 -123.57 166.11 39.02
C VAL BE 120 -123.61 164.68 38.46
N ARG BE 121 -123.49 164.59 37.14
CA ARG BE 121 -123.45 163.30 36.44
C ARG BE 121 -122.07 163.14 35.83
N ILE BE 122 -121.30 162.19 36.34
CA ILE BE 122 -119.94 162.00 35.87
C ILE BE 122 -119.97 161.59 34.41
N THR BE 123 -119.22 162.31 33.57
CA THR BE 123 -119.15 162.02 32.15
C THR BE 123 -117.82 161.42 31.72
N ASP BE 124 -116.69 161.99 32.11
CA ASP BE 124 -115.43 161.44 31.66
C ASP BE 124 -114.29 161.85 32.58
N ILE BE 125 -113.44 160.87 32.93
CA ILE BE 125 -112.23 161.18 33.66
C ILE BE 125 -111.28 161.95 32.75
N ILE BE 126 -110.76 163.07 33.27
CA ILE BE 126 -109.91 163.93 32.45
C ILE BE 126 -108.63 163.20 32.06
N THR BE 127 -108.03 163.64 30.98
CA THR BE 127 -106.80 163.14 30.41
C THR BE 127 -105.62 164.00 30.84
N PRO BE 128 -104.41 163.44 30.86
CA PRO BE 128 -103.24 164.27 31.22
C PRO BE 128 -103.07 165.47 30.30
N SER BE 129 -103.38 165.33 29.01
CA SER BE 129 -103.34 166.48 28.12
C SER BE 129 -104.25 167.64 28.47
N GLU BE 130 -105.50 167.36 28.83
CA GLU BE 130 -106.41 168.41 29.25
C GLU BE 130 -106.06 168.96 30.65
N ARG BE 131 -105.44 168.09 31.46
CA ARG BE 131 -104.95 168.53 32.75
C ARG BE 131 -103.94 169.66 32.55
N MET BE 132 -102.95 169.44 31.69
CA MET BE 132 -101.98 170.49 31.39
C MET BE 132 -102.55 171.69 30.60
N ARG BE 133 -103.59 171.42 29.81
CA ARG BE 133 -104.28 172.50 29.11
C ARG BE 133 -104.89 173.36 30.20
N ARG BE 134 -105.47 172.73 31.22
CA ARG BE 134 -106.01 173.47 32.36
C ARG BE 134 -104.91 174.26 33.06
N LEU BE 135 -103.73 173.64 33.21
CA LEU BE 135 -102.65 174.30 33.94
C LEU BE 135 -102.20 175.58 33.24
N SER BE 136 -102.08 175.55 31.91
CA SER BE 136 -101.65 176.71 31.16
C SER BE 136 -102.82 177.65 30.92
N LYS CE 514 -142.41 81.74 -22.90
CA LYS CE 514 -142.33 82.13 -21.50
C LYS CE 514 -143.50 83.04 -21.12
N ASP CE 515 -143.94 83.86 -22.08
CA ASP CE 515 -145.07 84.75 -21.83
C ASP CE 515 -146.34 83.97 -21.58
N GLU CE 516 -146.58 82.91 -22.36
CA GLU CE 516 -147.78 82.10 -22.18
C GLU CE 516 -147.78 81.40 -20.82
N GLN CE 517 -146.62 80.86 -20.42
CA GLN CE 517 -146.53 80.22 -19.11
C GLN CE 517 -146.77 81.22 -17.99
N LEU CE 518 -146.21 82.43 -18.11
CA LEU CE 518 -146.44 83.47 -17.11
C LEU CE 518 -147.91 83.85 -17.05
N GLN CE 519 -148.57 83.96 -18.21
CA GLN CE 519 -149.99 84.28 -18.24
C GLN CE 519 -150.82 83.18 -17.59
N GLN CE 520 -150.49 81.92 -17.85
CA GLN CE 520 -151.21 80.82 -17.23
C GLN CE 520 -151.01 80.80 -15.72
N ARG CE 521 -149.78 81.06 -15.26
CA ARG CE 521 -149.51 81.12 -13.82
C ARG CE 521 -150.29 82.27 -13.19
N ARG CE 522 -150.34 83.42 -13.87
CA ARG CE 522 -151.10 84.56 -13.35
C ARG CE 522 -152.59 84.25 -13.29
N ALA CE 523 -153.12 83.54 -14.29
CA ALA CE 523 -154.53 83.17 -14.27
C ALA CE 523 -154.83 82.21 -13.12
N ASN CE 524 -153.96 81.22 -12.91
CA ASN CE 524 -154.15 80.31 -11.78
C ASN CE 524 -154.08 81.05 -10.45
N GLN CE 525 -153.12 81.98 -10.33
CA GLN CE 525 -153.00 82.77 -9.11
C GLN CE 525 -154.24 83.64 -8.89
N ARG CE 526 -154.78 84.22 -9.95
CA ARG CE 526 -155.95 85.08 -9.85
C ARG CE 526 -157.25 84.30 -9.71
N LEU CE 527 -157.23 83.00 -9.99
CA LEU CE 527 -158.42 82.12 -9.87
C LEU CE 527 -158.42 81.54 -8.46
N GLY CE 528 -157.32 80.93 -8.04
CA GLY CE 528 -157.19 80.34 -6.70
C GLY CE 528 -157.24 81.37 -5.60
N ALA CE 529 -156.77 82.60 -5.86
CA ALA CE 529 -156.82 83.70 -4.87
C ALA CE 529 -158.27 84.15 -4.79
N GLU CE 530 -158.97 84.22 -5.93
CA GLU CE 530 -160.39 84.63 -5.96
C GLU CE 530 -161.19 83.59 -5.18
N VAL CE 531 -160.77 82.29 -5.34
CA VAL CE 531 -161.35 81.17 -4.55
C VAL CE 531 -160.89 81.32 -3.09
N MET CE 532 -159.63 81.69 -2.89
CA MET CE 532 -159.06 81.87 -1.53
C MET CE 532 -159.79 83.01 -0.81
N SER CE 533 -160.08 84.10 -1.52
CA SER CE 533 -160.81 85.26 -0.93
C SER CE 533 -162.20 84.79 -0.51
N GLN CE 534 -162.87 83.99 -1.36
CA GLN CE 534 -164.20 83.42 -1.02
C GLN CE 534 -164.04 82.51 0.19
N ARG CE 535 -162.97 81.72 0.24
CA ARG CE 535 -162.71 80.76 1.34
C ARG CE 535 -162.51 81.50 2.66
N ILE CE 536 -161.80 82.64 2.64
CA ILE CE 536 -161.47 83.39 3.89
C ILE CE 536 -162.74 84.09 4.41
N ARG CE 537 -163.73 84.35 3.56
CA ARG CE 537 -164.98 84.98 3.95
C ARG CE 537 -165.88 83.99 4.67
N GLU CE 538 -165.98 82.77 4.16
CA GLU CE 538 -166.77 81.75 4.84
C GLU CE 538 -166.22 81.46 6.23
N MET CE 539 -164.88 81.32 6.33
CA MET CE 539 -164.26 81.03 7.62
C MET CE 539 -164.46 82.17 8.62
N SER CE 540 -164.33 83.42 8.17
CA SER CE 540 -164.50 84.57 9.06
C SER CE 540 -165.95 84.72 9.48
N ASP CE 541 -166.89 84.44 8.58
CA ASP CE 541 -168.29 84.42 8.97
C ASP CE 541 -168.57 83.31 9.99
N ASN CE 542 -167.89 82.17 9.86
CA ASN CE 542 -168.03 81.12 10.86
C ASN CE 542 -167.49 81.56 12.21
N ASP CE 543 -166.33 82.22 12.22
CA ASP CE 543 -165.69 82.66 13.45
C ASP CE 543 -164.99 84.00 13.21
N PRO CE 544 -165.62 85.11 13.60
CA PRO CE 544 -164.97 86.41 13.38
C PRO CE 544 -163.89 86.73 14.39
N ARG CE 545 -164.06 86.34 15.65
CA ARG CE 545 -163.08 86.66 16.68
C ARG CE 545 -161.81 85.82 16.54
N VAL CE 546 -161.93 84.61 15.98
CA VAL CE 546 -160.76 83.75 15.82
C VAL CE 546 -159.75 84.38 14.87
N VAL CE 547 -160.24 85.00 13.79
CA VAL CE 547 -159.33 85.67 12.85
C VAL CE 547 -158.60 86.83 13.51
N ALA CE 548 -159.32 87.63 14.30
CA ALA CE 548 -158.68 88.74 15.00
C ALA CE 548 -157.65 88.24 16.01
N LEU CE 549 -157.98 87.16 16.72
CA LEU CE 549 -157.03 86.59 17.68
C LEU CE 549 -155.79 86.07 16.96
N VAL CE 550 -155.96 85.42 15.81
CA VAL CE 550 -154.81 84.92 15.04
C VAL CE 550 -153.97 86.08 14.54
N ILE CE 551 -154.61 87.17 14.11
CA ILE CE 551 -153.87 88.33 13.64
C ILE CE 551 -153.07 88.95 14.79
N ARG CE 552 -153.68 89.04 15.98
CA ARG CE 552 -152.97 89.58 17.14
C ARG CE 552 -151.79 88.68 17.52
N GLN CE 553 -151.99 87.37 17.45
CA GLN CE 553 -150.91 86.44 17.74
C GLN CE 553 -149.77 86.58 16.74
N TRP CE 554 -150.11 86.81 15.46
CA TRP CE 554 -149.08 87.02 14.45
C TRP CE 554 -148.27 88.27 14.74
N MET CE 555 -148.94 89.36 15.15
CA MET CE 555 -148.24 90.58 15.51
C MET CE 555 -147.36 90.37 16.74
N SER CE 556 -147.86 89.64 17.74
CA SER CE 556 -147.07 89.37 18.93
C SER CE 556 -145.82 88.55 18.60
N ASN CE 557 -145.97 87.54 17.72
CA ASN CE 557 -144.82 86.74 17.32
C ASN CE 557 -143.87 87.54 16.43
N ASP CE 558 -144.38 88.56 15.74
CA ASP CE 558 -143.52 89.38 14.90
C ASP CE 558 -142.49 90.16 15.71
N HIS CE 559 -142.78 90.41 16.99
CA HIS CE 559 -141.86 91.13 17.85
C HIS CE 559 -140.65 90.27 18.20
N GLY DE 6 -145.59 89.75 9.61
CA GLY DE 6 -146.92 89.17 9.64
C GLY DE 6 -148.02 90.20 9.68
N THR DE 7 -147.72 91.36 10.28
CA THR DE 7 -148.70 92.44 10.36
C THR DE 7 -149.06 92.97 8.98
N ASP DE 8 -148.06 93.12 8.10
CA ASP DE 8 -148.32 93.58 6.74
C ASP DE 8 -149.19 92.57 5.99
N LYS DE 9 -148.91 91.29 6.17
CA LYS DE 9 -149.73 90.25 5.54
C LYS DE 9 -151.16 90.29 6.08
N SER DE 10 -151.31 90.50 7.39
CA SER DE 10 -152.64 90.60 7.97
C SER DE 10 -153.39 91.81 7.42
N VAL DE 11 -152.69 92.94 7.28
CA VAL DE 11 -153.32 94.14 6.73
C VAL DE 11 -153.75 93.91 5.28
N ILE DE 12 -152.89 93.24 4.48
CA ILE DE 12 -153.24 92.94 3.11
C ILE DE 12 -154.45 92.02 3.04
N LEU DE 13 -154.49 91.00 3.89
CA LEU DE 13 -155.63 90.09 3.92
C LEU DE 13 -156.91 90.81 4.32
N LEU DE 14 -156.83 91.71 5.31
CA LEU DE 14 -157.99 92.48 5.72
C LEU DE 14 -158.48 93.38 4.60
N MET DE 15 -157.55 94.02 3.89
CA MET DE 15 -157.94 94.87 2.76
C MET DE 15 -158.59 94.05 1.66
N THR DE 16 -158.05 92.86 1.37
CA THR DE 16 -158.62 92.01 0.34
C THR DE 16 -159.91 91.33 0.77
N ILE DE 17 -160.22 91.31 2.06
CA ILE DE 17 -161.42 90.62 2.55
C ILE DE 17 -162.65 91.44 2.22
N GLY DE 18 -162.67 92.71 2.64
CA GLY DE 18 -163.82 93.56 2.42
C GLY DE 18 -164.06 94.52 3.56
N GLU DE 19 -164.89 95.54 3.34
CA GLU DE 19 -165.13 96.55 4.36
C GLU DE 19 -165.88 95.97 5.56
N ASP DE 20 -166.91 95.17 5.31
CA ASP DE 20 -167.73 94.65 6.40
C ASP DE 20 -166.95 93.66 7.27
N ARG DE 21 -166.24 92.73 6.63
CA ARG DE 21 -165.46 91.75 7.39
C ARG DE 21 -164.34 92.43 8.18
N ALA DE 22 -163.66 93.38 7.57
CA ALA DE 22 -162.60 94.11 8.27
C ALA DE 22 -163.16 94.91 9.43
N ALA DE 23 -164.33 95.53 9.25
CA ALA DE 23 -164.95 96.29 10.33
C ALA DE 23 -165.33 95.36 11.49
N GLU DE 24 -165.88 94.18 11.18
CA GLU DE 24 -166.22 93.23 12.23
C GLU DE 24 -164.96 92.75 12.96
N VAL DE 25 -163.89 92.48 12.22
CA VAL DE 25 -162.65 92.05 12.84
C VAL DE 25 -162.09 93.13 13.75
N PHE DE 26 -162.13 94.39 13.29
CA PHE DE 26 -161.66 95.50 14.12
C PHE DE 26 -162.50 95.66 15.37
N LYS DE 27 -163.83 95.49 15.24
CA LYS DE 27 -164.70 95.51 16.41
C LYS DE 27 -164.38 94.35 17.35
N HIS DE 28 -163.86 93.25 16.83
CA HIS DE 28 -163.40 92.12 17.65
C HIS DE 28 -161.89 92.18 17.90
N LEU DE 29 -161.29 93.36 17.79
CA LEU DE 29 -159.85 93.52 17.95
C LEU DE 29 -159.56 94.60 18.97
N SER DE 30 -158.36 94.55 19.54
CA SER DE 30 -157.93 95.51 20.54
C SER DE 30 -157.65 96.87 19.89
N THR DE 31 -157.57 97.90 20.74
CA THR DE 31 -157.39 99.26 20.26
C THR DE 31 -156.06 99.44 19.53
N ARG DE 32 -154.97 98.98 20.15
CA ARG DE 32 -153.65 99.10 19.53
C ARG DE 32 -153.58 98.32 18.23
N GLU DE 33 -154.11 97.08 18.25
CA GLU DE 33 -154.11 96.26 17.05
C GLU DE 33 -154.95 96.90 15.94
N VAL DE 34 -156.12 97.43 16.31
CA VAL DE 34 -156.99 98.06 15.31
C VAL DE 34 -156.30 99.28 14.71
N GLN DE 35 -155.67 100.09 15.55
CA GLN DE 35 -154.98 101.28 15.06
C GLN DE 35 -153.83 100.90 14.13
N ALA DE 36 -153.05 99.89 14.52
CA ALA DE 36 -151.93 99.45 13.69
C ALA DE 36 -152.42 98.91 12.35
N LEU DE 37 -153.49 98.12 12.37
CA LEU DE 37 -154.03 97.57 11.13
C LEU DE 37 -154.57 98.68 10.23
N SER DE 38 -155.28 99.66 10.80
CA SER DE 38 -155.79 100.77 10.00
C SER DE 38 -154.67 101.58 9.39
N THR DE 39 -153.61 101.83 10.17
CA THR DE 39 -152.50 102.64 9.68
C THR DE 39 -151.73 101.91 8.59
N ALA DE 40 -151.35 100.66 8.83
CA ALA DE 40 -150.49 99.93 7.90
C ALA DE 40 -151.17 99.67 6.57
N MET DE 41 -152.45 99.31 6.59
CA MET DE 41 -153.16 98.96 5.36
C MET DE 41 -153.19 100.13 4.39
N ALA DE 42 -153.55 101.33 4.89
CA ALA DE 42 -153.60 102.50 4.03
C ALA DE 42 -152.22 103.08 3.78
N ASN DE 43 -151.29 102.82 4.71
CA ASN DE 43 -149.92 103.39 4.58
C ASN DE 43 -149.06 102.82 3.45
N VAL DE 44 -148.65 101.56 3.57
CA VAL DE 44 -147.87 100.90 2.47
C VAL DE 44 -148.49 99.50 2.42
N ARG DE 45 -148.96 99.08 1.25
CA ARG DE 45 -149.54 97.73 1.09
C ARG DE 45 -148.66 96.92 0.12
N GLN DE 46 -148.26 95.72 0.52
CA GLN DE 46 -147.38 94.88 -0.34
C GLN DE 46 -148.13 93.59 -0.71
N ILE DE 47 -148.14 93.24 -1.99
CA ILE DE 47 -148.79 91.96 -2.43
C ILE DE 47 -147.71 91.06 -3.06
N SER DE 48 -147.62 89.80 -2.61
CA SER DE 48 -146.58 88.88 -3.14
C SER DE 48 -147.27 87.70 -3.85
N ASN DE 49 -146.84 87.40 -5.08
CA ASN DE 49 -147.45 86.29 -5.86
C ASN DE 49 -147.26 84.97 -5.11
N LYS DE 50 -146.11 84.80 -4.44
CA LYS DE 50 -145.82 83.52 -3.75
C LYS DE 50 -145.72 83.71 -2.23
N GLN DE 51 -144.92 84.68 -1.77
CA GLN DE 51 -144.72 84.78 -0.33
C GLN DE 51 -146.02 84.98 0.43
N LEU DE 52 -146.91 85.83 -0.09
CA LEU DE 52 -148.19 86.07 0.56
C LEU DE 52 -149.03 84.80 0.59
N THR DE 53 -149.05 84.06 -0.52
CA THR DE 53 -149.81 82.81 -0.56
C THR DE 53 -149.23 81.78 0.40
N ASP DE 54 -147.89 81.67 0.46
CA ASP DE 54 -147.27 80.73 1.39
C ASP DE 54 -147.59 81.10 2.83
N VAL DE 55 -147.52 82.39 3.16
CA VAL DE 55 -147.83 82.83 4.52
C VAL DE 55 -149.29 82.57 4.85
N LEU DE 56 -150.21 82.83 3.91
CA LEU DE 56 -151.62 82.56 4.15
C LEU DE 56 -151.88 81.08 4.38
N SER DE 57 -151.25 80.22 3.58
CA SER DE 57 -151.40 78.78 3.77
C SER DE 57 -150.86 78.34 5.12
N GLU DE 58 -149.70 78.86 5.51
CA GLU DE 58 -149.13 78.51 6.81
C GLU DE 58 -150.02 78.96 7.95
N PHE DE 59 -150.60 80.16 7.84
CA PHE DE 59 -151.50 80.65 8.88
C PHE DE 59 -152.76 79.81 8.95
N GLU DE 60 -153.31 79.43 7.79
CA GLU DE 60 -154.54 78.63 7.78
C GLU DE 60 -154.29 77.23 8.31
N GLN DE 61 -153.06 76.75 8.22
CA GLN DE 61 -152.76 75.37 8.66
C GLN DE 61 -152.06 75.36 10.02
N GLU DE 62 -151.69 76.53 10.55
CA GLU DE 62 -150.88 76.53 11.80
C GLU DE 62 -151.63 75.90 13.00
N ALA DE 63 -152.91 76.21 13.22
CA ALA DE 63 -153.65 75.52 14.30
C ALA DE 63 -155.16 75.56 14.07
N GLU DE 64 -155.91 74.59 14.63
CA GLU DE 64 -157.39 74.65 14.59
C GLU DE 64 -157.90 75.20 15.93
N GLN DE 65 -156.99 75.50 16.87
CA GLN DE 65 -157.39 75.95 18.24
C GLN DE 65 -158.16 77.27 18.21
N PHE DE 66 -157.74 78.22 17.36
CA PHE DE 66 -158.36 79.57 17.36
C PHE DE 66 -159.84 79.47 17.00
N ALA DE 67 -160.21 78.60 16.06
CA ALA DE 67 -161.61 78.58 15.59
C ALA DE 67 -162.59 78.26 16.71
N ALA DE 68 -162.27 77.32 17.60
CA ALA DE 68 -163.27 76.88 18.62
C ALA DE 68 -163.23 77.74 19.89
N LEU DE 69 -162.13 77.72 20.64
CA LEU DE 69 -162.07 78.41 21.92
C LEU DE 69 -162.44 79.87 21.78
N ASN DE 70 -161.93 80.52 20.73
CA ASN DE 70 -162.21 81.94 20.52
C ASN DE 70 -163.64 82.18 20.02
N ILE DE 71 -164.28 81.16 19.47
CA ILE DE 71 -165.65 81.29 18.98
C ILE DE 71 -166.59 81.63 20.13
N ASN DE 72 -166.46 80.90 21.24
CA ASN DE 72 -167.28 81.12 22.42
C ASN DE 72 -166.43 80.89 23.66
N ALA DE 73 -165.93 82.01 24.24
CA ALA DE 73 -165.14 81.93 25.47
C ALA DE 73 -165.83 82.66 26.61
N ASN DE 74 -166.17 83.93 26.40
CA ASN DE 74 -166.79 84.72 27.45
C ASN DE 74 -168.24 84.32 27.66
N GLU DE 75 -168.98 84.05 26.58
CA GLU DE 75 -170.38 83.66 26.71
C GLU DE 75 -170.52 82.35 27.47
N TYR DE 76 -169.67 81.38 27.16
CA TYR DE 76 -169.71 80.10 27.87
C TYR DE 76 -169.41 80.27 29.35
N LEU DE 77 -168.41 81.09 29.67
CA LEU DE 77 -168.07 81.33 31.07
C LEU DE 77 -169.22 82.01 31.80
N ARG DE 78 -169.85 82.99 31.16
CA ARG DE 78 -170.98 83.66 31.78
C ARG DE 78 -172.15 82.71 32.00
N SER DE 79 -172.44 81.85 31.01
CA SER DE 79 -173.53 80.89 31.17
C SER DE 79 -173.23 79.90 32.29
N VAL DE 80 -171.97 79.44 32.37
CA VAL DE 80 -171.58 78.52 33.43
C VAL DE 80 -171.71 79.18 34.79
N LEU DE 81 -171.28 80.45 34.91
CA LEU DE 81 -171.41 81.15 36.18
C LEU DE 81 -172.87 81.34 36.57
N VAL DE 82 -173.72 81.65 35.60
CA VAL DE 82 -175.14 81.85 35.88
C VAL DE 82 -175.78 80.53 36.35
N LYS DE 83 -175.46 79.44 35.66
CA LYS DE 83 -176.11 78.16 35.97
C LYS DE 83 -175.51 77.51 37.21
N ALA DE 84 -174.30 77.91 37.59
CA ALA DE 84 -173.60 77.22 38.67
C ALA DE 84 -174.18 77.55 40.04
N LEU DE 85 -174.14 78.83 40.42
CA LEU DE 85 -174.59 79.24 41.75
C LEU DE 85 -175.87 80.08 41.67
N GLY DE 86 -175.87 81.15 40.88
CA GLY DE 86 -177.04 81.99 40.77
C GLY DE 86 -176.70 83.29 40.08
N GLU DE 87 -177.74 84.09 39.82
CA GLU DE 87 -177.52 85.38 39.15
C GLU DE 87 -176.68 86.31 39.99
N GLU DE 88 -176.92 86.35 41.31
CA GLU DE 88 -176.16 87.23 42.19
C GLU DE 88 -174.69 86.84 42.24
N ARG DE 89 -174.40 85.54 42.34
CA ARG DE 89 -173.02 85.09 42.36
C ARG DE 89 -172.36 85.18 40.98
N ALA DE 90 -173.15 85.00 39.92
CA ALA DE 90 -172.61 85.13 38.57
C ALA DE 90 -172.14 86.55 38.30
N SER DE 91 -172.89 87.55 38.80
CA SER DE 91 -172.47 88.94 38.63
C SER DE 91 -171.13 89.19 39.32
N SER DE 92 -170.96 88.68 40.55
CA SER DE 92 -169.71 88.86 41.26
C SER DE 92 -168.56 88.15 40.55
N LEU DE 93 -168.80 86.94 40.05
CA LEU DE 93 -167.76 86.21 39.34
C LEU DE 93 -167.36 86.94 38.06
N LEU DE 94 -168.34 87.46 37.31
CA LEU DE 94 -168.03 88.20 36.10
C LEU DE 94 -167.28 89.48 36.41
N GLU DE 95 -167.66 90.17 37.50
CA GLU DE 95 -166.95 91.37 37.91
C GLU DE 95 -165.51 91.07 38.27
N ASP DE 96 -165.28 89.98 38.99
CA ASP DE 96 -163.91 89.57 39.33
C ASP DE 96 -163.11 89.23 38.07
N ILE DE 97 -163.73 88.52 37.13
CA ILE DE 97 -163.03 88.15 35.90
C ILE DE 97 -162.66 89.40 35.11
N LEU DE 98 -163.59 90.37 35.02
CA LEU DE 98 -163.29 91.61 34.32
C LEU DE 98 -162.20 92.41 35.03
N GLU DE 99 -162.24 92.44 36.37
CA GLU DE 99 -161.24 93.18 37.12
C GLU DE 99 -159.87 92.50 37.06
N THR DE 100 -159.84 91.22 36.70
CA THR DE 100 -158.55 90.54 36.52
C THR DE 100 -157.71 91.23 35.45
N ARG DE 101 -158.36 91.79 34.43
CA ARG DE 101 -157.68 92.58 33.41
C ARG DE 101 -157.80 94.05 33.78
N ASP DE 102 -156.71 94.62 34.26
CA ASP DE 102 -156.68 96.00 34.73
C ASP DE 102 -156.26 96.93 33.59
N THR DE 103 -156.14 98.22 33.91
CA THR DE 103 -155.76 99.24 32.93
C THR DE 103 -154.48 99.91 33.39
N THR DE 104 -153.62 100.24 32.42
CA THR DE 104 -152.33 100.83 32.75
C THR DE 104 -152.47 102.30 33.14
N SER DE 105 -152.98 103.13 32.23
CA SER DE 105 -153.14 104.54 32.50
C SER DE 105 -154.17 104.76 33.60
N GLY DE 106 -153.84 105.64 34.55
CA GLY DE 106 -154.68 105.85 35.70
C GLY DE 106 -156.05 106.41 35.39
N ILE DE 107 -156.19 107.10 34.25
CA ILE DE 107 -157.48 107.69 33.90
C ILE DE 107 -158.54 106.60 33.76
N GLU DE 108 -158.21 105.53 33.06
CA GLU DE 108 -159.14 104.40 32.95
C GLU DE 108 -159.30 103.68 34.29
N THR DE 109 -158.25 103.64 35.11
CA THR DE 109 -158.39 103.04 36.44
C THR DE 109 -159.36 103.82 37.30
N LEU DE 110 -159.54 105.11 37.02
CA LEU DE 110 -160.55 105.88 37.74
C LEU DE 110 -162.00 105.43 37.65
N ASN DE 111 -162.39 104.77 36.54
CA ASN DE 111 -163.77 104.22 36.40
C ASN DE 111 -164.01 102.88 37.11
N PHE DE 112 -162.99 102.33 37.75
CA PHE DE 112 -163.15 101.07 38.54
C PHE DE 112 -163.30 101.45 40.01
N MET DE 113 -163.15 102.74 40.31
CA MET DE 113 -163.24 103.25 41.67
C MET DE 113 -164.73 103.50 41.88
N GLU DE 114 -165.10 103.60 43.17
CA GLU DE 114 -166.47 103.94 43.52
C GLU DE 114 -166.77 105.37 43.08
N PRO DE 115 -168.00 105.65 42.64
CA PRO DE 115 -168.34 107.02 42.23
C PRO DE 115 -168.03 108.13 43.22
N GLN DE 116 -168.30 107.90 44.51
CA GLN DE 116 -168.04 108.95 45.51
C GLN DE 116 -166.55 109.18 45.73
N SER DE 117 -165.75 108.11 45.68
CA SER DE 117 -164.32 108.24 45.86
C SER DE 117 -163.78 109.09 44.72
N ALA DE 118 -164.20 108.78 43.48
CA ALA DE 118 -163.75 109.58 42.34
C ALA DE 118 -164.27 111.02 42.43
N ALA DE 119 -165.53 111.19 42.84
CA ALA DE 119 -166.08 112.53 42.97
C ALA DE 119 -165.31 113.35 44.00
N ASP DE 120 -164.96 112.74 45.13
CA ASP DE 120 -164.15 113.44 46.10
C ASP DE 120 -162.75 113.71 45.58
N LEU DE 121 -162.18 112.78 44.80
CA LEU DE 121 -160.82 112.96 44.31
C LEU DE 121 -160.72 114.10 43.32
N ILE DE 122 -161.68 114.23 42.41
CA ILE DE 122 -161.58 115.20 41.32
C ILE DE 122 -162.47 116.41 41.52
N ARG DE 123 -163.10 116.57 42.69
CA ARG DE 123 -163.94 117.74 42.90
C ARG DE 123 -163.12 119.02 42.91
N ASP DE 124 -161.94 118.99 43.52
CA ASP DE 124 -161.15 120.21 43.68
C ASP DE 124 -160.38 120.57 42.42
N GLU DE 125 -160.34 119.68 41.43
CA GLU DE 125 -159.57 119.95 40.22
C GLU DE 125 -160.21 121.06 39.39
N HIS DE 126 -159.44 121.58 38.46
CA HIS DE 126 -159.94 122.61 37.56
C HIS DE 126 -161.07 122.04 36.71
N PRO DE 127 -162.11 122.83 36.43
CA PRO DE 127 -163.27 122.28 35.70
C PRO DE 127 -162.90 121.67 34.36
N GLN DE 128 -161.95 122.26 33.63
CA GLN DE 128 -161.53 121.68 32.37
C GLN DE 128 -160.86 120.33 32.55
N ILE DE 129 -160.07 120.18 33.62
CA ILE DE 129 -159.44 118.89 33.89
C ILE DE 129 -160.49 117.85 34.25
N ILE DE 130 -161.51 118.26 35.00
CA ILE DE 130 -162.62 117.35 35.32
C ILE DE 130 -163.26 116.92 34.01
N ALA DE 131 -163.52 117.87 33.11
CA ALA DE 131 -164.16 117.54 31.85
C ALA DE 131 -163.31 116.57 31.04
N THR DE 132 -161.99 116.81 30.99
CA THR DE 132 -161.10 115.93 30.27
C THR DE 132 -161.15 114.52 30.84
N ILE DE 133 -161.14 114.43 32.18
CA ILE DE 133 -161.24 113.08 32.83
C ILE DE 133 -162.55 112.41 32.40
N LEU DE 134 -163.66 113.17 32.36
CA LEU DE 134 -164.99 112.57 32.09
C LEU DE 134 -165.09 111.93 30.70
N VAL DE 135 -164.54 112.57 29.65
CA VAL DE 135 -164.73 112.04 28.27
C VAL DE 135 -163.80 110.82 28.17
N HIS DE 136 -162.71 110.79 28.96
CA HIS DE 136 -161.84 109.58 28.96
C HIS DE 136 -162.44 108.51 29.87
N LEU DE 137 -163.25 108.93 30.86
CA LEU DE 137 -163.88 107.97 31.79
C LEU DE 137 -165.10 107.32 31.11
N LYS DE 138 -165.52 106.16 31.61
CA LYS DE 138 -166.71 105.47 31.07
C LYS DE 138 -167.93 106.38 31.27
N ARG DE 139 -168.84 106.41 30.31
CA ARG DE 139 -170.00 107.34 30.38
C ARG DE 139 -170.83 107.07 31.65
N SER DE 140 -171.13 105.81 31.95
CA SER DE 140 -172.00 105.51 33.10
C SER DE 140 -171.38 106.12 34.37
N GLN DE 141 -170.07 105.91 34.57
CA GLN DE 141 -169.39 106.40 35.79
C GLN DE 141 -169.47 107.92 35.82
N ALA DE 142 -169.15 108.57 34.69
CA ALA DE 142 -169.15 110.02 34.63
C ALA DE 142 -170.51 110.59 35.01
N ALA DE 143 -171.59 109.93 34.58
CA ALA DE 143 -172.92 110.39 34.95
C ALA DE 143 -173.14 110.33 36.45
N ASP DE 144 -172.70 109.23 37.08
CA ASP DE 144 -172.82 109.12 38.53
C ASP DE 144 -171.98 110.19 39.23
N ILE DE 145 -170.77 110.43 38.74
CA ILE DE 145 -169.92 111.46 39.34
C ILE DE 145 -170.56 112.84 39.30
N LEU DE 146 -171.11 113.22 38.14
CA LEU DE 146 -171.78 114.51 38.03
C LEU DE 146 -173.02 114.58 38.91
N ALA DE 147 -173.70 113.45 39.08
CA ALA DE 147 -174.84 113.40 39.98
C ALA DE 147 -174.42 113.75 41.39
N LEU DE 148 -173.25 113.25 41.80
CA LEU DE 148 -172.73 113.54 43.17
C LEU DE 148 -172.16 114.97 43.23
N PHE DE 149 -171.92 115.59 42.07
CA PHE DE 149 -171.27 116.93 42.06
C PHE DE 149 -172.28 118.02 42.36
N ASP DE 150 -171.84 119.11 43.00
CA ASP DE 150 -172.72 120.24 43.24
C ASP DE 150 -173.32 120.72 41.92
N GLU DE 151 -174.51 121.33 42.01
CA GLU DE 151 -175.22 121.71 40.80
C GLU DE 151 -174.46 122.77 39.99
N ARG DE 152 -173.79 123.71 40.66
CA ARG DE 152 -172.99 124.69 39.93
C ARG DE 152 -171.85 124.02 39.19
N LEU DE 153 -171.07 123.19 39.89
CA LEU DE 153 -170.00 122.46 39.24
C LEU DE 153 -170.54 121.51 38.18
N ARG DE 154 -171.69 120.90 38.44
CA ARG DE 154 -172.29 120.00 37.46
C ARG DE 154 -172.60 120.74 36.16
N HIS DE 155 -173.27 121.89 36.25
CA HIS DE 155 -173.58 122.67 35.05
C HIS DE 155 -172.32 123.14 34.35
N ASP DE 156 -171.33 123.63 35.11
CA ASP DE 156 -170.11 124.12 34.51
C ASP DE 156 -169.40 123.01 33.75
N VAL DE 157 -169.25 121.84 34.38
CA VAL DE 157 -168.55 120.74 33.75
C VAL DE 157 -169.32 120.23 32.54
N MET DE 158 -170.65 120.19 32.62
CA MET DE 158 -171.43 119.77 31.46
C MET DE 158 -171.25 120.73 30.30
N LEU DE 159 -171.23 122.03 30.59
CA LEU DE 159 -171.00 123.02 29.53
C LEU DE 159 -169.62 122.83 28.91
N ARG DE 160 -168.61 122.58 29.73
CA ARG DE 160 -167.27 122.32 29.20
C ARG DE 160 -167.27 121.06 28.34
N ILE DE 161 -168.02 120.04 28.74
CA ILE DE 161 -168.13 118.82 27.96
C ILE DE 161 -168.73 119.12 26.59
N ALA DE 162 -169.77 119.96 26.56
CA ALA DE 162 -170.44 120.25 25.30
C ALA DE 162 -169.49 120.91 24.30
N THR DE 163 -168.67 121.84 24.76
CA THR DE 163 -167.80 122.62 23.88
C THR DE 163 -166.33 122.25 24.02
N PHE DE 164 -166.02 120.96 24.22
CA PHE DE 164 -164.64 120.54 24.36
C PHE DE 164 -163.87 120.80 23.07
N GLY DE 165 -162.59 121.13 23.21
CA GLY DE 165 -161.78 121.51 22.07
C GLY DE 165 -160.46 120.79 21.93
N GLY DE 166 -160.29 119.67 22.64
CA GLY DE 166 -159.08 118.89 22.50
C GLY DE 166 -157.89 119.29 23.34
N VAL DE 167 -157.21 118.32 23.94
CA VAL DE 167 -156.07 118.58 24.80
C VAL DE 167 -154.72 118.51 24.14
N GLN DE 168 -153.75 119.25 24.68
CA GLN DE 168 -152.39 119.19 24.16
C GLN DE 168 -151.88 117.84 24.65
N PRO DE 169 -151.09 117.14 23.83
CA PRO DE 169 -150.57 115.83 24.26
C PRO DE 169 -149.72 115.92 25.52
N ALA DE 170 -148.95 116.99 25.69
CA ALA DE 170 -148.13 117.13 26.89
C ALA DE 170 -149.00 117.25 28.13
N ALA DE 171 -150.07 118.05 28.07
CA ALA DE 171 -150.96 118.19 29.22
C ALA DE 171 -151.66 116.88 29.54
N LEU DE 172 -152.10 116.16 28.50
CA LEU DE 172 -152.74 114.86 28.73
C LEU DE 172 -151.78 113.88 29.37
N ALA DE 173 -150.53 113.85 28.89
CA ALA DE 173 -149.53 112.97 29.50
C ALA DE 173 -149.26 113.36 30.94
N GLU DE 174 -149.23 114.66 31.23
CA GLU DE 174 -149.00 115.12 32.59
C GLU DE 174 -150.14 114.69 33.52
N LEU DE 175 -151.38 114.86 33.07
CA LEU DE 175 -152.51 114.38 33.86
C LEU DE 175 -152.45 112.87 34.05
N THR DE 176 -152.10 112.16 32.98
CA THR DE 176 -152.03 110.68 33.06
C THR DE 176 -151.04 110.31 34.14
N GLU DE 177 -149.81 110.82 34.06
CA GLU DE 177 -148.75 110.44 35.04
C GLU DE 177 -149.18 110.86 36.46
N VAL DE 178 -149.77 112.05 36.59
CA VAL DE 178 -150.25 112.52 37.93
C VAL DE 178 -151.29 111.52 38.44
N LEU DE 179 -152.32 111.25 37.64
CA LEU DE 179 -153.38 110.37 38.09
C LEU DE 179 -152.86 108.97 38.38
N ASN DE 180 -151.86 108.52 37.64
CA ASN DE 180 -151.26 107.21 37.90
C ASN DE 180 -150.61 107.18 39.27
N GLY DE 181 -149.84 108.21 39.61
CA GLY DE 181 -149.17 108.26 40.90
C GLY DE 181 -150.13 108.27 42.07
N LEU DE 182 -151.40 108.60 41.83
CA LEU DE 182 -152.38 108.65 42.91
C LEU DE 182 -153.12 107.32 43.05
N LEU DE 183 -153.48 106.72 41.91
CA LEU DE 183 -154.32 105.50 41.98
C LEU DE 183 -153.48 104.21 41.99
N ASP DE 184 -152.33 104.20 41.33
CA ASP DE 184 -151.58 102.91 41.26
C ASP DE 184 -151.20 102.49 42.69
N GLY DE 185 -150.74 103.44 43.51
CA GLY DE 185 -150.44 103.11 44.92
C GLY DE 185 -151.68 102.69 45.69
N GLN DE 186 -152.81 103.38 45.46
CA GLN DE 186 -154.05 103.10 46.22
C GLN DE 186 -154.62 101.71 45.86
N ASN DE 187 -155.17 101.00 46.85
CA ASN DE 187 -155.86 99.72 46.54
C ASN DE 187 -157.08 100.08 45.69
N LEU DE 188 -157.41 99.28 44.67
CA LEU DE 188 -158.52 99.67 43.77
C LEU DE 188 -159.55 98.53 43.64
N LYS DE 189 -159.75 97.72 44.69
CA LYS DE 189 -160.78 96.69 44.55
C LYS DE 189 -161.48 96.48 45.89
N ARG DE 190 -162.34 97.44 46.23
CA ARG DE 190 -163.17 97.33 47.43
C ARG DE 190 -164.14 96.16 47.29
N SER DE 191 -163.91 95.11 48.06
CA SER DE 191 -164.76 93.93 47.98
C SER DE 191 -166.07 94.19 48.73
N LYS DE 192 -167.20 94.05 48.03
CA LYS DE 192 -168.51 94.27 48.62
C LYS DE 192 -169.16 92.91 48.86
N MET DE 193 -169.24 92.53 50.13
CA MET DE 193 -169.84 91.26 50.53
C MET DE 193 -171.00 91.57 51.49
N GLY DE 194 -172.22 91.23 51.08
CA GLY DE 194 -173.39 91.44 51.96
C GLY DE 194 -174.12 92.72 51.62
N GLY DE 195 -175.22 92.62 50.88
CA GLY DE 195 -176.03 93.79 50.57
C GLY DE 195 -177.38 93.70 51.24
N VAL DE 196 -178.42 93.50 50.45
CA VAL DE 196 -179.78 93.29 50.95
C VAL DE 196 -180.28 91.84 50.83
N ARG DE 197 -179.73 91.12 49.86
CA ARG DE 197 -180.05 89.69 49.71
C ARG DE 197 -179.53 89.03 50.98
N THR DE 198 -178.30 89.36 51.38
CA THR DE 198 -177.74 88.76 52.59
C THR DE 198 -178.52 89.20 53.82
N ALA DE 199 -178.92 90.47 53.88
CA ALA DE 199 -179.72 90.94 55.00
C ALA DE 199 -181.06 90.21 55.08
N ALA DE 200 -181.72 90.02 53.93
CA ALA DE 200 -182.98 89.30 53.92
C ALA DE 200 -182.80 87.85 54.36
N GLU DE 201 -181.72 87.20 53.89
CA GLU DE 201 -181.45 85.83 54.30
C GLU DE 201 -181.20 85.75 55.80
N ILE DE 202 -180.46 86.71 56.34
CA ILE DE 202 -180.21 86.74 57.79
C ILE DE 202 -181.52 86.91 58.54
N ILE DE 203 -182.36 87.83 58.08
CA ILE DE 203 -183.63 88.10 58.76
C ILE DE 203 -184.53 86.88 58.75
N ASN DE 204 -184.58 86.18 57.61
CA ASN DE 204 -185.53 85.08 57.44
C ASN DE 204 -185.27 83.92 58.40
N LEU DE 205 -184.09 83.83 59.00
CA LEU DE 205 -183.74 82.71 59.86
C LEU DE 205 -183.83 82.98 61.35
N MET DE 206 -184.33 84.14 61.77
CA MET DE 206 -184.43 84.46 63.18
C MET DE 206 -185.88 84.47 63.62
N LYS DE 207 -186.09 84.74 64.91
CA LYS DE 207 -187.42 84.68 65.49
C LYS DE 207 -188.36 85.72 64.90
N THR DE 208 -189.66 85.42 64.92
CA THR DE 208 -190.65 86.29 64.31
C THR DE 208 -190.70 87.66 64.98
N GLN DE 209 -190.62 87.69 66.32
CA GLN DE 209 -190.66 88.97 67.02
C GLN DE 209 -189.46 89.84 66.66
N GLN DE 210 -188.27 89.25 66.65
CA GLN DE 210 -187.10 90.00 66.19
C GLN DE 210 -187.22 90.37 64.73
N GLU DE 211 -187.83 89.51 63.91
CA GLU DE 211 -188.03 89.82 62.50
C GLU DE 211 -188.87 91.09 62.34
N GLU DE 212 -190.02 91.14 63.02
CA GLU DE 212 -190.87 92.32 62.90
C GLU DE 212 -190.20 93.55 63.50
N ALA DE 213 -189.46 93.39 64.60
CA ALA DE 213 -188.75 94.51 65.19
C ALA DE 213 -187.74 95.09 64.21
N VAL DE 214 -186.93 94.23 63.57
CA VAL DE 214 -185.91 94.75 62.68
C VAL DE 214 -186.54 95.35 61.41
N ILE DE 215 -187.61 94.75 60.88
CA ILE DE 215 -188.18 95.30 59.66
C ILE DE 215 -188.84 96.64 59.94
N THR DE 216 -189.49 96.78 61.10
CA THR DE 216 -190.08 98.08 61.43
C THR DE 216 -189.01 99.11 61.73
N ALA DE 217 -187.89 98.70 62.32
CA ALA DE 217 -186.77 99.64 62.50
C ALA DE 217 -186.24 100.12 61.17
N VAL DE 218 -186.06 99.21 60.22
CA VAL DE 218 -185.58 99.59 58.89
C VAL DE 218 -186.58 100.52 58.22
N ARG DE 219 -187.87 100.21 58.33
CA ARG DE 219 -188.91 101.05 57.74
C ARG DE 219 -188.88 102.45 58.35
N GLU DE 220 -188.66 102.54 59.66
CA GLU DE 220 -188.48 103.84 60.29
C GLU DE 220 -187.28 104.56 59.72
N PHE DE 221 -186.17 103.85 59.52
CA PHE DE 221 -185.00 104.48 58.90
C PHE DE 221 -185.24 104.89 57.45
N ASP DE 222 -185.84 104.01 56.65
CA ASP DE 222 -186.11 104.26 55.26
C ASP DE 222 -187.12 103.23 54.79
N GLY DE 223 -188.27 103.68 54.30
CA GLY DE 223 -189.28 102.74 53.84
C GLY DE 223 -188.93 101.95 52.60
N GLU DE 224 -188.20 102.58 51.68
CA GLU DE 224 -187.82 101.90 50.45
C GLU DE 224 -186.91 100.72 50.73
N LEU DE 225 -185.95 100.89 51.64
CA LEU DE 225 -185.07 99.78 52.00
C LEU DE 225 -185.85 98.65 52.64
N ALA DE 226 -186.82 98.98 53.51
CA ALA DE 226 -187.65 97.94 54.12
C ALA DE 226 -188.45 97.16 53.09
N GLN DE 227 -189.04 97.86 52.12
CA GLN DE 227 -189.80 97.18 51.08
C GLN DE 227 -188.90 96.30 50.21
N LYS DE 228 -187.71 96.78 49.89
CA LYS DE 228 -186.78 95.98 49.10
C LYS DE 228 -186.37 94.73 49.89
N ILE DE 229 -186.15 94.89 51.20
CA ILE DE 229 -185.83 93.75 52.04
C ILE DE 229 -186.97 92.75 52.06
N ILE DE 230 -188.20 93.25 52.18
CA ILE DE 230 -189.37 92.38 52.18
C ILE DE 230 -189.54 91.62 50.87
N ASP DE 231 -189.27 92.29 49.74
CA ASP DE 231 -189.39 91.63 48.45
C ASP DE 231 -188.31 90.58 48.28
N GLU DE 232 -187.09 90.88 48.73
CA GLU DE 232 -186.00 89.92 48.64
C GLU DE 232 -186.27 88.82 49.66
N MET DE 233 -187.09 89.08 50.67
CA MET DE 233 -187.37 88.07 51.69
C MET DE 233 -188.01 86.83 51.08
N PHE DE 234 -189.05 87.02 50.27
CA PHE DE 234 -189.76 85.93 49.62
C PHE DE 234 -189.77 86.16 48.11
N LEU DE 235 -188.89 85.46 47.41
CA LEU DE 235 -188.81 85.57 45.96
C LEU DE 235 -189.90 84.73 45.30
N PHE DE 236 -190.04 84.90 43.98
CA PHE DE 236 -191.04 84.14 43.24
C PHE DE 236 -190.50 82.76 42.88
N GLU DE 237 -189.98 82.05 43.89
CA GLU DE 237 -189.54 80.67 43.72
C GLU DE 237 -189.94 79.76 44.87
N ASN DE 238 -190.36 80.29 46.01
CA ASN DE 238 -190.79 79.49 47.14
C ASN DE 238 -192.29 79.21 47.13
N LEU DE 239 -193.00 79.66 46.10
CA LEU DE 239 -194.43 79.40 46.01
C LEU DE 239 -194.74 77.92 45.92
N VAL DE 240 -193.77 77.10 45.46
CA VAL DE 240 -193.96 75.65 45.45
C VAL DE 240 -194.10 75.09 46.86
N ASP DE 241 -193.53 75.77 47.86
CA ASP DE 241 -193.62 75.32 49.25
C ASP DE 241 -194.87 75.83 49.96
N VAL DE 242 -195.71 76.60 49.29
CA VAL DE 242 -196.93 77.11 49.89
C VAL DE 242 -197.96 75.99 49.96
N ASP DE 243 -198.77 75.99 51.02
CA ASP DE 243 -199.79 74.97 51.19
C ASP DE 243 -200.88 75.09 50.15
N ASP DE 244 -201.53 73.97 49.87
CA ASP DE 244 -202.62 73.96 48.89
C ASP DE 244 -203.78 74.83 49.35
N ARG DE 245 -204.11 74.79 50.65
CA ARG DE 245 -205.18 75.64 51.16
C ARG DE 245 -204.83 77.11 51.02
N SER DE 246 -203.58 77.48 51.30
CA SER DE 246 -203.16 78.86 51.12
C SER DE 246 -203.25 79.29 49.65
N ILE DE 247 -202.85 78.39 48.74
CA ILE DE 247 -202.95 78.69 47.32
C ILE DE 247 -204.39 78.90 46.91
N GLN DE 248 -205.30 78.03 47.38
CA GLN DE 248 -206.72 78.20 47.05
C GLN DE 248 -207.27 79.49 47.62
N ARG DE 249 -206.90 79.85 48.84
CA ARG DE 249 -207.37 81.10 49.43
C ARG DE 249 -206.85 82.30 48.66
N LEU DE 250 -205.59 82.26 48.23
CA LEU DE 250 -205.02 83.39 47.48
C LEU DE 250 -205.58 83.45 46.07
N LEU DE 251 -206.04 82.33 45.53
CA LEU DE 251 -206.60 82.34 44.18
C LEU DE 251 -207.84 83.21 44.08
N GLN DE 252 -208.57 83.39 45.19
CA GLN DE 252 -209.77 84.21 45.19
C GLN DE 252 -209.48 85.69 44.99
N GLU DE 253 -208.24 86.13 45.20
CA GLU DE 253 -207.89 87.54 45.04
C GLU DE 253 -206.89 87.78 43.91
N VAL DE 254 -206.59 86.77 43.10
CA VAL DE 254 -205.62 86.89 42.01
C VAL DE 254 -206.38 86.99 40.70
N ASP DE 255 -206.08 88.04 39.92
CA ASP DE 255 -206.70 88.20 38.61
C ASP DE 255 -206.21 87.11 37.67
N SER DE 256 -207.13 86.61 36.83
CA SER DE 256 -206.77 85.53 35.91
C SER DE 256 -205.71 85.98 34.91
N GLU DE 257 -205.86 87.18 34.35
CA GLU DE 257 -204.88 87.68 33.39
C GLU DE 257 -203.51 87.88 34.05
N SER DE 258 -203.49 88.51 35.23
CA SER DE 258 -202.22 88.73 35.92
C SER DE 258 -201.58 87.41 36.33
N LEU DE 259 -202.38 86.47 36.81
CA LEU DE 259 -201.84 85.17 37.19
C LEU DE 259 -201.26 84.43 35.98
N LEU DE 260 -201.96 84.49 34.84
CA LEU DE 260 -201.46 83.85 33.62
C LEU DE 260 -200.18 84.51 33.16
N ILE DE 261 -200.11 85.83 33.22
CA ILE DE 261 -198.90 86.54 32.81
C ILE DE 261 -197.73 86.15 33.71
N ALA DE 262 -197.97 86.08 35.02
CA ALA DE 262 -196.91 85.70 35.95
C ALA DE 262 -196.46 84.26 35.72
N LEU DE 263 -197.40 83.35 35.47
CA LEU DE 263 -197.09 81.94 35.32
C LEU DE 263 -196.64 81.58 33.90
N LYS DE 264 -196.65 82.54 32.97
CA LYS DE 264 -196.18 82.25 31.62
C LYS DE 264 -194.70 81.87 31.62
N GLY DE 265 -193.88 82.58 32.39
CA GLY DE 265 -192.48 82.27 32.53
C GLY DE 265 -192.11 81.47 33.77
N ALA DE 266 -193.09 81.01 34.54
CA ALA DE 266 -192.82 80.27 35.75
C ALA DE 266 -192.44 78.82 35.42
N GLU DE 267 -191.92 78.12 36.42
CA GLU DE 267 -191.55 76.72 36.24
C GLU DE 267 -192.80 75.87 36.04
N PRO DE 268 -192.71 74.80 35.25
CA PRO DE 268 -193.86 73.93 35.02
C PRO DE 268 -194.36 73.34 36.34
N PRO DE 269 -193.45 72.99 37.25
CA PRO DE 269 -193.90 72.49 38.56
C PRO DE 269 -194.73 73.51 39.33
N LEU DE 270 -194.36 74.79 39.28
CA LEU DE 270 -195.13 75.81 39.96
C LEU DE 270 -196.52 75.96 39.34
N ARG DE 271 -196.60 75.91 38.00
CA ARG DE 271 -197.90 75.99 37.34
C ARG DE 271 -198.77 74.80 37.69
N GLU DE 272 -198.17 73.60 37.73
CA GLU DE 272 -198.94 72.41 38.10
C GLU DE 272 -199.42 72.49 39.54
N LYS DE 273 -198.58 72.97 40.46
CA LYS DE 273 -198.99 73.11 41.85
C LYS DE 273 -200.09 74.14 42.01
N PHE DE 274 -200.01 75.25 41.27
CA PHE DE 274 -200.99 76.32 41.35
C PHE DE 274 -202.27 76.00 40.59
N LEU DE 275 -202.26 74.99 39.71
CA LEU DE 275 -203.44 74.60 38.96
C LEU DE 275 -204.28 73.55 39.68
N ARG DE 276 -203.83 73.08 40.83
CA ARG DE 276 -204.58 72.08 41.60
C ARG DE 276 -205.52 72.70 42.62
N ASN DE 277 -205.57 74.03 42.72
CA ASN DE 277 -206.43 74.70 43.67
C ASN DE 277 -207.74 75.19 43.06
N MET DE 278 -207.80 75.36 41.74
CA MET DE 278 -209.01 75.83 41.08
C MET DE 278 -209.80 74.64 40.53
N SER DE 279 -210.88 74.93 39.81
CA SER DE 279 -211.70 73.88 39.24
C SER DE 279 -211.01 73.27 38.02
N GLN DE 280 -211.49 72.10 37.60
CA GLN DE 280 -210.94 71.44 36.42
C GLN DE 280 -211.15 72.28 35.17
N ARG DE 281 -212.34 72.87 35.02
CA ARG DE 281 -212.59 73.76 33.89
C ARG DE 281 -211.69 74.99 33.96
N ALA DE 282 -211.53 75.56 35.16
CA ALA DE 282 -210.65 76.71 35.32
C ALA DE 282 -209.20 76.35 35.01
N ALA DE 283 -208.75 75.17 35.45
CA ALA DE 283 -207.40 74.74 35.15
C ALA DE 283 -207.20 74.54 33.65
N ASP DE 284 -208.18 73.94 32.97
CA ASP DE 284 -208.09 73.76 31.53
C ASP DE 284 -208.07 75.10 30.81
N ILE DE 285 -208.88 76.06 31.25
CA ILE DE 285 -208.90 77.38 30.65
C ILE DE 285 -207.57 78.08 30.84
N LEU DE 286 -206.98 77.98 32.04
CA LEU DE 286 -205.69 78.59 32.30
C LEU DE 286 -204.60 77.95 31.43
N ARG DE 287 -204.63 76.62 31.29
CA ARG DE 287 -203.66 75.95 30.45
C ARG DE 287 -203.80 76.37 28.99
N ASP DE 288 -205.03 76.48 28.51
CA ASP DE 288 -205.25 76.91 27.13
C ASP DE 288 -204.78 78.34 26.92
N ASP DE 289 -205.05 79.22 27.89
CA ASP DE 289 -204.59 80.60 27.78
C ASP DE 289 -203.07 80.69 27.78
N LEU DE 290 -202.42 79.89 28.65
CA LEU DE 290 -200.96 79.89 28.68
C LEU DE 290 -200.38 79.37 27.37
N ALA DE 291 -200.97 78.31 26.81
CA ALA DE 291 -200.50 77.79 25.54
C ALA DE 291 -200.69 78.80 24.41
N ASN DE 292 -201.83 79.49 24.41
CA ASN DE 292 -202.12 80.46 23.36
C ASN DE 292 -201.40 81.78 23.55
N ARG DE 293 -200.92 82.06 24.76
CA ARG DE 293 -200.24 83.33 25.01
C ARG DE 293 -198.85 83.32 24.37
N GLY DE 294 -198.56 84.38 23.61
CA GLY DE 294 -197.27 84.51 22.98
C GLY DE 294 -196.23 85.06 23.93
N PRO DE 295 -194.99 85.10 23.47
CA PRO DE 295 -193.91 85.66 24.30
C PRO DE 295 -194.16 87.13 24.59
N VAL DE 296 -193.80 87.54 25.81
CA VAL DE 296 -193.98 88.92 26.25
C VAL DE 296 -192.72 89.37 26.97
N ARG DE 297 -192.54 90.70 27.05
CA ARG DE 297 -191.41 91.25 27.76
C ARG DE 297 -191.50 90.94 29.25
N LEU DE 298 -190.35 90.68 29.87
CA LEU DE 298 -190.32 90.31 31.28
C LEU DE 298 -190.69 91.47 32.20
N SER DE 299 -190.75 92.71 31.70
CA SER DE 299 -191.08 93.84 32.55
C SER DE 299 -192.48 93.74 33.11
N GLN DE 300 -193.45 93.36 32.30
CA GLN DE 300 -194.83 93.23 32.76
C GLN DE 300 -195.05 91.94 33.55
N VAL DE 301 -194.40 90.85 33.17
CA VAL DE 301 -194.51 89.61 33.92
C VAL DE 301 -193.94 89.78 35.32
N GLU DE 302 -192.83 90.50 35.44
CA GLU DE 302 -192.25 90.77 36.75
C GLU DE 302 -193.20 91.59 37.61
N ASN DE 303 -193.86 92.60 37.02
CA ASN DE 303 -194.81 93.40 37.78
C ASN DE 303 -196.01 92.56 38.23
N GLU DE 304 -196.50 91.69 37.35
CA GLU DE 304 -197.62 90.82 37.73
C GLU DE 304 -197.22 89.86 38.85
N GLN DE 305 -196.02 89.28 38.75
CA GLN DE 305 -195.54 88.40 39.81
C GLN DE 305 -195.36 89.15 41.12
N LYS DE 306 -194.87 90.39 41.04
CA LYS DE 306 -194.73 91.21 42.25
C LYS DE 306 -196.08 91.50 42.89
N ALA DE 307 -197.09 91.81 42.07
CA ALA DE 307 -198.43 92.03 42.61
C ALA DE 307 -198.98 90.78 43.26
N ILE DE 308 -198.79 89.62 42.62
CA ILE DE 308 -199.27 88.36 43.18
C ILE DE 308 -198.57 88.07 44.50
N LEU DE 309 -197.25 88.27 44.55
CA LEU DE 309 -196.49 88.05 45.78
C LEU DE 309 -196.92 89.01 46.88
N LEU DE 310 -197.20 90.27 46.52
CA LEU DE 310 -197.68 91.23 47.52
C LEU DE 310 -199.02 90.80 48.08
N ILE DE 311 -199.92 90.33 47.21
CA ILE DE 311 -201.23 89.86 47.69
C ILE DE 311 -201.04 88.65 48.61
N VAL DE 312 -200.17 87.73 48.23
CA VAL DE 312 -199.94 86.53 49.04
C VAL DE 312 -199.35 86.92 50.40
N ARG DE 313 -198.40 87.86 50.39
CA ARG DE 313 -197.78 88.31 51.64
C ARG DE 313 -198.79 89.01 52.52
N ARG DE 314 -199.68 89.82 51.93
CA ARG DE 314 -200.72 90.46 52.72
C ARG DE 314 -201.65 89.44 53.34
N LEU DE 315 -202.02 88.41 52.57
CA LEU DE 315 -202.89 87.36 53.10
C LEU DE 315 -202.21 86.62 54.24
N ALA DE 316 -200.92 86.32 54.08
CA ALA DE 316 -200.18 85.63 55.14
C ALA DE 316 -200.06 86.48 56.39
N GLU DE 317 -199.79 87.79 56.22
CA GLU DE 317 -199.67 88.69 57.35
C GLU DE 317 -201.00 88.82 58.09
N THR DE 318 -202.11 88.84 57.33
CA THR DE 318 -203.42 88.86 57.95
C THR DE 318 -203.65 87.61 58.79
N GLY DE 319 -203.21 86.46 58.28
CA GLY DE 319 -203.34 85.21 59.01
C GLY DE 319 -204.23 84.21 58.31
N GLU DE 320 -204.40 84.38 57.00
CA GLU DE 320 -205.26 83.50 56.21
C GLU DE 320 -204.47 82.67 55.20
N MET DE 321 -203.20 82.41 55.47
CA MET DE 321 -202.35 81.61 54.57
C MET DE 321 -201.28 80.94 55.42
N VAL DE 322 -200.72 79.87 54.89
CA VAL DE 322 -199.66 79.11 55.57
C VAL DE 322 -198.69 78.56 54.54
N ILE DE 323 -197.61 77.94 55.01
CA ILE DE 323 -196.61 77.36 54.12
C ILE DE 323 -196.30 75.94 54.58
N GLY DE 324 -195.59 75.18 53.75
CA GLY DE 324 -195.24 73.82 54.07
C GLY DE 324 -194.40 73.14 53.01
N SER EE 33 -143.69 174.92 63.95
CA SER EE 33 -142.85 173.78 64.27
C SER EE 33 -143.66 172.50 64.33
N ASP EE 34 -143.35 171.55 63.43
CA ASP EE 34 -144.05 170.26 63.40
C ASP EE 34 -143.36 169.35 64.40
N ILE EE 35 -144.13 168.89 65.39
CA ILE EE 35 -143.62 168.00 66.42
C ILE EE 35 -144.73 167.05 66.83
N ARG EE 36 -144.59 165.78 66.47
CA ARG EE 36 -145.59 164.77 66.79
C ARG EE 36 -144.92 163.62 67.52
N PRO EE 37 -145.64 162.88 68.39
CA PRO EE 37 -145.05 161.78 69.19
C PRO EE 37 -144.54 160.67 68.28
N TYR EE 38 -143.47 160.01 68.71
CA TYR EE 38 -142.89 158.92 67.94
C TYR EE 38 -143.75 157.67 68.12
N ASP EE 39 -144.27 157.15 67.01
CA ASP EE 39 -145.04 155.92 67.01
C ASP EE 39 -144.26 154.85 66.26
N PRO EE 40 -143.85 153.77 66.90
CA PRO EE 40 -143.16 152.69 66.17
C PRO EE 40 -144.09 152.05 65.14
N ASN EE 41 -143.51 151.14 64.37
CA ASN EE 41 -144.15 150.38 63.30
C ASN EE 41 -144.92 151.24 62.32
N THR EE 42 -144.63 152.53 62.23
CA THR EE 42 -145.25 153.39 61.23
C THR EE 42 -144.36 153.49 59.99
N GLN EE 43 -144.99 153.54 58.82
CA GLN EE 43 -144.27 153.59 57.55
C GLN EE 43 -143.66 154.98 57.40
N ARG EE 44 -142.49 155.17 58.00
CA ARG EE 44 -141.80 156.45 57.94
C ARG EE 44 -140.56 156.43 57.06
N ARG EE 45 -140.08 155.25 56.68
CA ARG EE 45 -138.89 155.12 55.82
C ARG EE 45 -139.34 155.14 54.38
N VAL EE 46 -139.04 156.23 53.68
CA VAL EE 46 -139.38 156.39 52.26
C VAL EE 46 -138.08 156.47 51.47
N VAL EE 47 -137.89 155.52 50.55
CA VAL EE 47 -136.68 155.47 49.72
C VAL EE 47 -137.17 155.36 48.28
N ARG EE 48 -137.27 156.50 47.59
CA ARG EE 48 -137.73 156.55 46.21
C ARG EE 48 -136.50 156.72 45.33
N GLU EE 49 -136.34 155.80 44.37
CA GLU EE 49 -135.18 155.82 43.49
C GLU EE 49 -135.61 155.22 42.15
N ARG EE 50 -135.46 155.99 41.08
CA ARG EE 50 -135.75 155.50 39.75
C ARG EE 50 -134.74 154.42 39.36
N LEU EE 51 -135.24 153.33 38.78
CA LEU EE 51 -134.39 152.19 38.41
C LEU EE 51 -134.56 151.94 36.91
N GLN EE 52 -133.76 152.66 36.11
CA GLN EE 52 -133.88 152.57 34.66
C GLN EE 52 -133.48 151.19 34.15
N ALA EE 53 -132.38 150.64 34.70
CA ALA EE 53 -131.86 149.32 34.28
C ALA EE 53 -132.93 148.26 34.53
N LEU EE 54 -133.66 148.28 35.64
CA LEU EE 54 -134.80 147.40 35.87
C LEU EE 54 -135.95 147.74 34.93
N GLU EE 55 -136.11 149.03 34.62
CA GLU EE 55 -137.18 149.44 33.71
C GLU EE 55 -137.00 148.86 32.32
N ILE EE 56 -135.77 148.57 31.92
CA ILE EE 56 -135.57 147.97 30.59
C ILE EE 56 -135.52 146.46 30.69
N ILE EE 57 -135.02 145.95 31.82
CA ILE EE 57 -135.02 144.50 32.03
C ILE EE 57 -136.44 143.97 32.07
N ASN EE 58 -137.37 144.75 32.62
CA ASN EE 58 -138.76 144.32 32.65
C ASN EE 58 -139.35 144.13 31.25
N GLU EE 59 -139.11 145.07 30.34
CA GLU EE 59 -139.61 144.91 28.98
C GLU EE 59 -138.92 143.77 28.24
N ARG EE 60 -137.62 143.61 28.45
CA ARG EE 60 -136.92 142.50 27.80
C ARG EE 60 -137.51 141.17 28.27
N PHE EE 61 -137.71 141.04 29.58
CA PHE EE 61 -138.33 139.83 30.13
C PHE EE 61 -139.75 139.67 29.63
N ALA EE 62 -140.49 140.77 29.51
CA ALA EE 62 -141.87 140.68 29.04
C ALA EE 62 -141.92 140.18 27.61
N ARG EE 63 -141.02 140.66 26.75
CA ARG EE 63 -140.98 140.16 25.38
C ARG EE 63 -140.63 138.67 25.35
N GLN EE 64 -139.62 138.27 26.14
CA GLN EE 64 -139.26 136.86 26.17
C GLN EE 64 -140.40 136.00 26.68
N PHE EE 65 -141.10 136.46 27.72
CA PHE EE 65 -142.19 135.70 28.29
C PHE EE 65 -143.38 135.63 27.35
N ARG EE 66 -143.64 136.69 26.59
CA ARG EE 66 -144.70 136.63 25.59
C ARG EE 66 -144.55 135.58 24.50
N MET EE 67 -143.34 135.46 23.93
CA MET EE 67 -143.10 134.38 22.97
C MET EE 67 -143.09 132.96 23.59
N GLY EE 68 -142.65 132.90 24.85
CA GLY EE 68 -142.66 131.64 25.56
C GLY EE 68 -144.10 131.24 25.73
N LEU EE 69 -144.95 132.20 26.12
CA LEU EE 69 -146.37 131.92 26.28
C LEU EE 69 -147.02 131.58 24.94
N PHE EE 70 -146.60 132.26 23.87
CA PHE EE 70 -147.09 131.89 22.55
C PHE EE 70 -146.67 130.47 22.20
N ASN EE 71 -145.41 130.13 22.50
CA ASN EE 71 -144.93 128.78 22.21
C ASN EE 71 -145.70 127.73 23.00
N LEU EE 72 -146.10 128.04 24.23
CA LEU EE 72 -146.75 127.04 25.07
C LEU EE 72 -148.25 126.96 24.81
N LEU EE 73 -148.96 128.06 25.05
CA LEU EE 73 -150.42 128.08 24.98
C LEU EE 73 -150.97 128.00 23.57
N ARG EE 74 -150.12 128.16 22.55
CA ARG EE 74 -150.56 128.24 21.15
C ARG EE 74 -151.58 129.36 20.97
N ARG EE 75 -151.39 130.47 21.67
CA ARG EE 75 -152.23 131.65 21.56
C ARG EE 75 -151.33 132.88 21.53
N SER EE 76 -151.95 134.06 21.43
CA SER EE 76 -151.21 135.31 21.33
C SER EE 76 -151.45 136.18 22.54
N PRO EE 77 -150.62 136.09 23.57
CA PRO EE 77 -150.72 137.01 24.71
C PRO EE 77 -150.06 138.36 24.53
N ASP EE 78 -150.57 139.34 25.25
CA ASP EE 78 -149.93 140.66 25.30
C ASP EE 78 -149.66 140.97 26.76
N ILE EE 79 -148.42 141.34 27.06
CA ILE EE 79 -147.97 141.61 28.42
C ILE EE 79 -147.65 143.09 28.53
N THR EE 80 -148.33 143.77 29.43
CA THR EE 80 -148.09 145.18 29.71
C THR EE 80 -147.33 145.27 31.03
N VAL EE 81 -146.17 145.94 31.00
CA VAL EE 81 -145.37 146.08 32.21
C VAL EE 81 -145.89 147.26 33.02
N GLY EE 82 -146.24 146.99 34.28
CA GLY EE 82 -146.70 148.05 35.15
C GLY EE 82 -145.55 148.85 35.73
N ALA EE 83 -145.91 149.90 36.47
CA ALA EE 83 -144.90 150.71 37.12
C ALA EE 83 -144.25 149.95 38.26
N ILE EE 84 -142.92 150.03 38.33
CA ILE EE 84 -142.19 149.39 39.42
C ILE EE 84 -142.56 150.08 40.74
N ARG EE 85 -142.93 149.27 41.73
CA ARG EE 85 -143.33 149.79 43.03
C ARG EE 85 -142.28 149.45 44.09
N ILE EE 86 -141.77 150.47 44.76
CA ILE EE 86 -140.83 150.30 45.86
C ILE EE 86 -141.57 150.48 47.17
N GLN EE 87 -141.87 149.37 47.83
CA GLN EE 87 -142.83 149.39 48.94
C GLN EE 87 -142.40 148.44 50.04
N PRO EE 88 -142.85 148.68 51.28
CA PRO EE 88 -142.56 147.73 52.35
C PRO EE 88 -143.20 146.38 52.05
N TYR EE 89 -142.57 145.33 52.56
CA TYR EE 89 -143.00 143.97 52.24
C TYR EE 89 -144.43 143.62 52.63
N HIS EE 90 -144.90 144.16 53.75
CA HIS EE 90 -146.28 143.86 54.25
C HIS EE 90 -147.35 144.55 53.38
N GLU EE 91 -146.99 145.59 52.63
CA GLU EE 91 -147.89 146.23 51.67
C GLU EE 91 -148.04 145.25 50.52
N PHE EE 92 -146.92 144.72 50.03
CA PHE EE 92 -146.96 143.74 48.95
C PHE EE 92 -147.72 142.50 49.38
N ALA EE 93 -147.50 142.04 50.61
CA ALA EE 93 -148.19 140.85 51.09
C ALA EE 93 -149.69 141.08 51.19
N ARG EE 94 -150.10 142.24 51.71
CA ARG EE 94 -151.53 142.47 51.91
C ARG EE 94 -152.24 142.73 50.59
N ASN EE 95 -151.56 143.29 49.60
CA ASN EE 95 -152.21 143.51 48.30
C ASN EE 95 -152.44 142.20 47.57
N LEU EE 96 -151.66 141.17 47.89
CA LEU EE 96 -151.82 139.89 47.22
C LEU EE 96 -153.14 139.23 47.60
N PRO EE 97 -153.75 138.47 46.69
CA PRO EE 97 -154.94 137.71 47.03
C PRO EE 97 -154.59 136.37 47.66
N VAL EE 98 -155.61 135.71 48.17
CA VAL EE 98 -155.42 134.41 48.82
C VAL EE 98 -156.45 133.42 48.29
N PRO EE 99 -156.02 132.24 47.82
CA PRO EE 99 -154.63 131.79 47.67
C PRO EE 99 -154.02 132.29 46.38
N THR EE 100 -152.69 132.31 46.31
CA THR EE 100 -151.95 132.71 45.10
C THR EE 100 -150.69 131.89 45.09
N ASN EE 101 -150.30 131.31 43.95
CA ASN EE 101 -149.00 130.62 43.81
C ASN EE 101 -147.80 131.56 43.94
N LEU EE 102 -146.94 131.34 44.93
CA LEU EE 102 -145.69 132.12 45.17
C LEU EE 102 -144.50 131.23 44.79
N ASN EE 103 -143.50 131.69 44.05
CA ASN EE 103 -142.38 130.82 43.59
C ASN EE 103 -141.06 131.38 44.16
N LEU EE 104 -140.57 130.87 45.28
CA LEU EE 104 -139.31 131.37 45.81
C LEU EE 104 -138.20 131.03 44.83
N ILE EE 105 -137.42 132.03 44.46
CA ILE EE 105 -136.36 131.85 43.46
C ILE EE 105 -135.06 132.42 44.02
N HIS EE 106 -133.96 131.80 43.64
CA HIS EE 106 -132.63 132.22 44.06
C HIS EE 106 -131.94 132.89 42.87
N LEU EE 107 -131.61 134.16 43.02
CA LEU EE 107 -130.89 134.90 41.98
C LEU EE 107 -129.40 134.95 42.29
N LYS EE 108 -128.77 133.77 42.30
CA LYS EE 108 -127.36 133.70 42.60
C LYS EE 108 -126.54 134.43 41.54
N PRO EE 109 -125.40 135.02 41.93
CA PRO EE 109 -124.74 134.98 43.23
C PRO EE 109 -125.26 136.03 44.21
N LEU EE 110 -126.37 136.70 43.92
CA LEU EE 110 -126.92 137.70 44.83
C LEU EE 110 -127.54 136.99 46.03
N ARG EE 111 -127.08 137.33 47.23
CA ARG EE 111 -127.60 136.70 48.43
C ARG EE 111 -129.00 137.21 48.73
N GLY EE 112 -129.94 136.30 48.88
CA GLY EE 112 -131.32 136.62 49.14
C GLY EE 112 -132.24 135.64 48.43
N THR EE 113 -133.53 135.97 48.43
CA THR EE 113 -134.53 135.10 47.83
C THR EE 113 -135.65 135.96 47.26
N GLY EE 114 -135.77 135.95 45.93
CA GLY EE 114 -136.85 136.67 45.29
C GLY EE 114 -138.11 135.84 45.17
N LEU EE 115 -139.17 136.49 44.69
CA LEU EE 115 -140.49 135.87 44.63
C LEU EE 115 -141.12 136.15 43.29
N VAL EE 116 -141.71 135.12 42.69
CA VAL EE 116 -142.49 135.24 41.46
C VAL EE 116 -143.92 134.86 41.78
N VAL EE 117 -144.84 135.79 41.62
CA VAL EE 117 -146.23 135.62 42.04
C VAL EE 117 -147.11 135.46 40.81
N PHE EE 118 -147.68 134.27 40.66
CA PHE EE 118 -148.66 133.97 39.63
C PHE EE 118 -150.07 134.07 40.19
N SER EE 119 -150.87 134.97 39.61
CA SER EE 119 -152.24 135.14 40.06
C SER EE 119 -153.12 133.93 39.76
N PRO EE 120 -154.18 133.67 40.56
CA PRO EE 120 -155.12 132.55 40.26
C PRO EE 120 -155.69 132.73 38.86
N SER EE 121 -155.91 133.99 38.46
CA SER EE 121 -156.50 134.22 37.14
C SER EE 121 -155.59 133.71 36.04
N LEU EE 122 -154.29 133.98 36.14
CA LEU EE 122 -153.37 133.57 35.08
C LEU EE 122 -153.26 132.06 34.99
N VAL EE 123 -153.13 131.39 36.13
CA VAL EE 123 -153.02 129.93 36.10
C VAL EE 123 -154.33 129.30 35.64
N PHE EE 124 -155.46 129.91 36.01
CA PHE EE 124 -156.75 129.43 35.51
C PHE EE 124 -156.82 129.55 33.99
N ILE EE 125 -156.38 130.68 33.45
CA ILE EE 125 -156.39 130.88 32.01
C ILE EE 125 -155.49 129.86 31.32
N ALA EE 126 -154.30 129.65 31.87
CA ALA EE 126 -153.35 128.71 31.26
C ALA EE 126 -153.90 127.29 31.27
N VAL EE 127 -154.45 126.86 32.42
CA VAL EE 127 -154.99 125.51 32.51
C VAL EE 127 -156.19 125.36 31.57
N ASP EE 128 -157.03 126.37 31.50
CA ASP EE 128 -158.18 126.33 30.60
C ASP EE 128 -157.74 126.20 29.15
N ASN EE 129 -156.73 126.98 28.74
CA ASN EE 129 -156.27 126.92 27.37
C ASN EE 129 -155.60 125.59 27.05
N LEU EE 130 -154.80 125.06 27.98
CA LEU EE 130 -154.12 123.79 27.73
C LEU EE 130 -155.12 122.64 27.62
N PHE EE 131 -156.11 122.61 28.49
CA PHE EE 131 -157.02 121.46 28.58
C PHE EE 131 -158.32 121.73 27.82
N GLY EE 132 -158.17 121.93 26.51
CA GLY EE 132 -159.31 122.00 25.62
C GLY EE 132 -160.32 123.08 25.94
N GLY EE 133 -159.85 124.28 26.21
CA GLY EE 133 -160.76 125.38 26.48
C GLY EE 133 -160.45 126.64 25.72
N ASP EE 134 -161.45 127.17 25.02
CA ASP EE 134 -161.26 128.42 24.23
C ASP EE 134 -161.60 129.63 25.11
N GLY EE 135 -161.52 129.48 26.43
CA GLY EE 135 -161.80 130.58 27.33
C GLY EE 135 -163.16 131.18 27.06
N ARG EE 136 -164.14 130.37 26.66
CA ARG EE 136 -165.50 130.85 26.48
C ARG EE 136 -166.15 131.29 27.80
N PHE EE 137 -166.12 130.40 28.79
CA PHE EE 137 -166.68 130.74 30.09
C PHE EE 137 -165.82 131.69 30.93
N PRO EE 138 -166.44 132.54 31.74
CA PRO EE 138 -165.65 133.44 32.59
C PRO EE 138 -164.83 132.66 33.62
N THR EE 139 -163.68 133.23 33.97
CA THR EE 139 -162.85 132.62 35.01
C THR EE 139 -163.51 132.82 36.37
N LYS EE 140 -163.64 131.74 37.12
CA LYS EE 140 -164.23 131.76 38.45
C LYS EE 140 -163.20 131.29 39.47
N VAL EE 141 -162.88 132.14 40.44
CA VAL EE 141 -161.97 131.81 41.52
C VAL EE 141 -162.68 132.09 42.84
N GLU EE 142 -162.76 131.08 43.70
CA GLU EE 142 -163.46 131.18 44.97
C GLU EE 142 -162.60 130.59 46.08
N GLY EE 143 -161.32 130.96 46.12
CA GLY EE 143 -160.44 130.42 47.13
C GLY EE 143 -160.00 129.00 46.89
N ARG EE 144 -160.23 128.49 45.68
CA ARG EE 144 -159.85 127.12 45.36
C ARG EE 144 -158.33 126.98 45.31
N GLU EE 145 -157.83 125.88 45.88
CA GLU EE 145 -156.40 125.64 45.91
C GLU EE 145 -155.92 125.06 44.58
N PHE EE 146 -154.64 124.69 44.53
CA PHE EE 146 -154.01 124.21 43.33
C PHE EE 146 -153.69 122.72 43.47
N THR EE 147 -154.16 121.93 42.51
CA THR EE 147 -153.90 120.50 42.53
C THR EE 147 -152.50 120.21 41.98
N HIS EE 148 -152.16 118.92 41.93
CA HIS EE 148 -150.84 118.54 41.43
C HIS EE 148 -150.70 118.84 39.94
N THR EE 149 -151.77 118.61 39.17
CA THR EE 149 -151.74 118.95 37.75
C THR EE 149 -151.58 120.44 37.53
N GLU EE 150 -152.32 121.24 38.30
CA GLU EE 150 -152.16 122.70 38.23
C GLU EE 150 -150.76 123.11 38.63
N GLN EE 151 -150.21 122.46 39.66
CA GLN EE 151 -148.84 122.77 40.08
C GLN EE 151 -147.84 122.44 38.98
N ARG EE 152 -148.06 121.34 38.27
CA ARG EE 152 -147.15 120.98 37.18
C ARG EE 152 -147.26 121.97 36.03
N VAL EE 153 -148.48 122.42 35.71
CA VAL EE 153 -148.66 123.44 34.69
C VAL EE 153 -147.95 124.73 35.08
N ILE EE 154 -148.07 125.11 36.36
CA ILE EE 154 -147.41 126.32 36.83
C ILE EE 154 -145.89 126.17 36.78
N ASN EE 155 -145.39 124.97 37.10
CA ASN EE 155 -143.95 124.73 36.97
C ASN EE 155 -143.51 124.87 35.54
N ARG EE 156 -144.31 124.35 34.60
CA ARG EE 156 -143.95 124.47 33.19
C ARG EE 156 -143.93 125.93 32.75
N MET EE 157 -144.91 126.72 33.20
CA MET EE 157 -144.92 128.15 32.90
C MET EE 157 -143.72 128.85 33.54
N LEU EE 158 -143.44 128.51 34.80
CA LEU EE 158 -142.38 129.20 35.53
C LEU EE 158 -141.01 128.88 34.97
N LYS EE 159 -140.85 127.71 34.34
CA LYS EE 159 -139.59 127.43 33.67
C LYS EE 159 -139.33 128.46 32.57
N LEU EE 160 -140.34 128.72 31.74
CA LEU EE 160 -140.20 129.74 30.71
C LEU EE 160 -140.00 131.12 31.32
N ALA EE 161 -140.75 131.43 32.38
CA ALA EE 161 -140.61 132.74 33.02
C ALA EE 161 -139.20 132.96 33.55
N LEU EE 162 -138.64 131.94 34.21
CA LEU EE 162 -137.30 132.07 34.75
C LEU EE 162 -136.25 132.13 33.65
N GLU EE 163 -136.42 131.35 32.59
CA GLU EE 163 -135.50 131.45 31.47
C GLU EE 163 -135.51 132.85 30.86
N GLY EE 164 -136.71 133.41 30.67
CA GLY EE 164 -136.79 134.76 30.13
C GLY EE 164 -136.18 135.79 31.05
N TYR EE 165 -136.43 135.68 32.35
CA TYR EE 165 -135.85 136.62 33.29
C TYR EE 165 -134.33 136.53 33.32
N SER EE 166 -133.79 135.31 33.31
CA SER EE 166 -132.35 135.14 33.30
C SER EE 166 -131.74 135.72 32.03
N ASP EE 167 -132.37 135.49 30.88
CA ASP EE 167 -131.88 136.04 29.63
C ASP EE 167 -131.91 137.57 29.65
N ALA EE 168 -132.99 138.14 30.20
CA ALA EE 168 -133.09 139.59 30.28
C ALA EE 168 -132.00 140.16 31.19
N TRP EE 169 -131.73 139.50 32.32
CA TRP EE 169 -130.71 139.99 33.23
C TRP EE 169 -129.33 139.77 32.59
N LYS EE 170 -129.21 138.73 31.76
CA LYS EE 170 -127.91 138.41 31.16
C LYS EE 170 -127.28 139.59 30.44
N ALA EE 171 -128.10 140.44 29.82
CA ALA EE 171 -127.58 141.63 29.14
C ALA EE 171 -126.80 142.59 30.03
N ILE EE 172 -127.28 142.83 31.25
CA ILE EE 172 -126.64 143.78 32.16
C ILE EE 172 -125.70 143.03 33.10
N ASN EE 173 -126.26 142.12 33.90
CA ASN EE 173 -125.46 141.35 34.83
C ASN EE 173 -125.84 139.88 34.73
N PRO EE 174 -124.91 139.00 34.35
CA PRO EE 174 -125.27 137.58 34.17
C PRO EE 174 -125.61 136.91 35.49
N LEU EE 175 -126.88 136.52 35.63
CA LEU EE 175 -127.36 135.85 36.82
C LEU EE 175 -127.99 134.51 36.43
N GLU EE 176 -127.94 133.56 37.34
CA GLU EE 176 -128.60 132.28 37.18
C GLU EE 176 -129.78 132.20 38.13
N VAL EE 177 -130.94 131.82 37.59
CA VAL EE 177 -132.19 131.82 38.32
C VAL EE 177 -132.56 130.38 38.64
N GLU EE 178 -132.72 130.08 39.92
CA GLU EE 178 -133.07 128.74 40.38
C GLU EE 178 -134.39 128.78 41.14
N TYR EE 179 -135.29 127.88 40.75
CA TYR EE 179 -136.56 127.72 41.45
C TYR EE 179 -136.39 126.70 42.57
N VAL EE 180 -136.67 127.12 43.79
CA VAL EE 180 -136.37 126.31 44.97
C VAL EE 180 -137.65 125.75 45.61
N ARG EE 181 -138.75 126.49 45.57
CA ARG EE 181 -139.93 126.08 46.32
C ARG EE 181 -141.13 126.86 45.82
N SER EE 182 -142.30 126.25 45.92
CA SER EE 182 -143.55 126.90 45.60
C SER EE 182 -144.48 126.75 46.78
N GLU EE 183 -145.28 127.78 47.04
CA GLU EE 183 -146.19 127.83 48.16
C GLU EE 183 -147.47 128.50 47.71
N MET EE 184 -148.52 128.38 48.51
CA MET EE 184 -149.82 128.93 48.20
C MET EE 184 -150.29 130.04 49.13
N GLN EE 185 -149.83 130.03 50.39
CA GLN EE 185 -150.16 131.07 51.34
C GLN EE 185 -149.06 132.12 51.37
N VAL EE 186 -149.33 133.23 52.06
CA VAL EE 186 -148.37 134.31 52.16
C VAL EE 186 -147.43 134.15 53.34
N LYS EE 187 -147.87 133.50 54.41
CA LYS EE 187 -147.06 133.41 55.63
C LYS EE 187 -145.97 132.36 55.54
N PHE EE 188 -145.91 131.58 54.47
CA PHE EE 188 -144.87 130.59 54.31
C PHE EE 188 -143.57 131.10 53.68
N THR EE 189 -143.59 132.27 53.05
CA THR EE 189 -142.41 132.74 52.32
C THR EE 189 -141.44 133.49 53.23
N ASN EE 190 -141.89 134.61 53.79
CA ASN EE 190 -141.07 135.46 54.67
C ASN EE 190 -139.63 135.58 54.16
N ILE EE 191 -139.49 136.21 52.98
CA ILE EE 191 -138.16 136.43 52.34
C ILE EE 191 -137.55 137.72 52.92
N THR EE 192 -138.27 138.45 53.78
CA THR EE 192 -137.80 139.70 54.40
C THR EE 192 -137.65 139.47 55.89
N THR EE 193 -136.50 139.82 56.47
CA THR EE 193 -136.20 139.60 57.91
C THR EE 193 -137.32 140.21 58.72
N SER EE 194 -137.81 141.38 58.34
CA SER EE 194 -138.92 142.05 59.01
C SER EE 194 -139.98 142.46 57.99
N PRO EE 195 -141.24 142.51 58.39
CA PRO EE 195 -142.30 142.92 57.46
C PRO EE 195 -142.17 144.35 56.99
N ASN EE 196 -141.40 145.19 57.67
CA ASN EE 196 -141.21 146.57 57.27
C ASN EE 196 -140.05 146.76 56.32
N ASP EE 197 -139.39 145.68 55.90
CA ASP EE 197 -138.31 145.78 54.94
C ASP EE 197 -138.86 146.21 53.58
N ILE EE 198 -138.00 146.83 52.79
CA ILE EE 198 -138.40 147.44 51.53
C ILE EE 198 -138.09 146.47 50.39
N VAL EE 199 -139.05 146.28 49.49
CA VAL EE 199 -138.90 145.38 48.36
C VAL EE 199 -139.33 146.11 47.09
N VAL EE 200 -138.84 145.61 45.96
CA VAL EE 200 -139.10 146.17 44.64
C VAL EE 200 -140.07 145.28 43.87
N ASN EE 201 -141.27 145.81 43.60
CA ASN EE 201 -142.32 144.99 42.94
C ASN EE 201 -142.64 145.45 41.52
N THR EE 202 -142.63 144.52 40.56
CA THR EE 202 -142.99 144.79 39.17
C THR EE 202 -144.21 143.96 38.81
N PRO EE 203 -145.38 144.57 38.66
CA PRO EE 203 -146.57 143.82 38.20
C PRO EE 203 -146.68 143.87 36.68
N PHE EE 204 -146.87 142.71 36.07
CA PHE EE 204 -147.17 142.60 34.65
C PHE EE 204 -148.61 142.13 34.48
N HIS EE 205 -149.27 142.64 33.44
CA HIS EE 205 -150.62 142.23 33.11
C HIS EE 205 -150.60 141.48 31.79
N VAL EE 206 -151.06 140.24 31.81
CA VAL EE 206 -151.08 139.37 30.64
C VAL EE 206 -152.52 139.20 30.20
N GLU EE 207 -152.81 139.56 28.95
CA GLU EE 207 -154.14 139.41 28.39
C GLU EE 207 -154.11 138.40 27.26
N ILE EE 208 -155.04 137.45 27.31
CA ILE EE 208 -155.24 136.45 26.26
C ILE EE 208 -156.68 136.54 25.81
N GLY EE 209 -156.89 136.92 24.56
CA GLY EE 209 -158.25 137.14 24.08
C GLY EE 209 -158.93 138.20 24.94
N ASN EE 210 -160.13 137.87 25.41
CA ASN EE 210 -160.82 138.75 26.34
C ASN EE 210 -160.37 138.53 27.78
N LEU EE 211 -159.82 137.36 28.09
CA LEU EE 211 -159.42 137.06 29.45
C LEU EE 211 -158.16 137.82 29.82
N THR EE 212 -158.04 138.14 31.11
CA THR EE 212 -156.91 138.89 31.63
C THR EE 212 -156.43 138.28 32.93
N GLY EE 213 -155.16 138.52 33.23
CA GLY EE 213 -154.58 138.11 34.50
C GLY EE 213 -153.35 138.94 34.76
N GLU EE 214 -152.74 138.73 35.92
CA GLU EE 214 -151.56 139.49 36.28
C GLU EE 214 -150.59 138.61 37.04
N PHE EE 215 -149.32 139.00 37.03
CA PHE EE 215 -148.30 138.30 37.80
C PHE EE 215 -147.19 139.28 38.15
N ASN EE 216 -146.64 139.14 39.36
CA ASN EE 216 -145.67 140.06 39.88
C ASN EE 216 -144.31 139.41 40.05
N ILE EE 217 -143.27 140.24 40.01
CA ILE EE 217 -141.93 139.79 40.36
C ILE EE 217 -141.39 140.70 41.46
N CYS EE 218 -141.13 140.15 42.63
CA CYS EE 218 -140.73 140.92 43.79
C CYS EE 218 -139.32 140.52 44.22
N LEU EE 219 -138.45 141.50 44.37
CA LEU EE 219 -137.09 141.29 44.81
C LEU EE 219 -136.82 142.09 46.07
N PRO EE 220 -136.33 141.46 47.14
CA PRO EE 220 -135.96 142.24 48.32
C PRO EE 220 -134.83 143.20 47.99
N PHE EE 221 -134.89 144.40 48.59
CA PHE EE 221 -133.89 145.42 48.29
C PHE EE 221 -132.48 145.01 48.71
N SER EE 222 -132.35 144.02 49.61
CA SER EE 222 -131.02 143.57 50.01
C SER EE 222 -130.27 142.99 48.82
N MET EE 223 -130.97 142.23 47.97
CA MET EE 223 -130.32 141.66 46.79
C MET EE 223 -129.89 142.75 45.82
N ILE EE 224 -130.75 143.76 45.63
CA ILE EE 224 -130.47 144.80 44.65
C ILE EE 224 -129.39 145.75 45.14
N GLU EE 225 -129.27 145.93 46.45
CA GLU EE 225 -128.38 146.96 47.00
C GLU EE 225 -126.95 146.91 46.50
N PRO EE 226 -126.27 145.75 46.39
CA PRO EE 226 -124.92 145.76 45.81
C PRO EE 226 -124.89 146.20 44.35
N LEU EE 227 -126.02 146.16 43.65
CA LEU EE 227 -126.11 146.56 42.25
C LEU EE 227 -126.87 147.85 42.03
N ARG EE 228 -126.94 148.72 43.04
CA ARG EE 228 -127.77 149.93 42.92
C ARG EE 228 -127.21 150.90 41.88
N GLU EE 229 -125.89 151.11 41.89
CA GLU EE 229 -125.29 152.04 40.94
C GLU EE 229 -125.45 151.49 39.52
N LEU EE 230 -125.52 150.16 39.37
CA LEU EE 230 -125.76 149.57 38.07
C LEU EE 230 -127.22 149.71 37.66
N LEU EE 231 -128.14 149.54 38.62
CA LEU EE 231 -129.60 149.52 38.33
C LEU EE 231 -130.17 150.94 38.28
N VAL EE 232 -129.42 151.94 38.74
CA VAL EE 232 -129.94 153.34 38.81
C VAL EE 232 -129.76 154.01 37.43
N ASN EE 233 -128.53 154.11 36.90
CA ASN EE 233 -128.35 154.85 35.65
C ASN EE 233 -128.79 154.01 34.46
N PRO EE 234 -129.38 154.62 33.45
CA PRO EE 234 -129.77 153.89 32.25
C PRO EE 234 -128.55 153.29 31.57
N PRO EE 235 -128.67 152.09 31.00
CA PRO EE 235 -127.51 151.43 30.42
C PRO EE 235 -126.98 152.19 29.21
N LEU EE 236 -125.67 152.12 29.01
CA LEU EE 236 -125.01 152.76 27.88
C LEU EE 236 -124.39 151.71 26.97
N GLU EE 237 -124.34 152.01 25.68
CA GLU EE 237 -123.79 151.10 24.67
C GLU EE 237 -122.28 151.12 24.78
N ASN EE 238 -121.76 150.30 25.69
CA ASN EE 238 -120.32 150.19 25.92
C ASN EE 238 -119.98 148.71 26.01
N SER EE 239 -118.74 148.42 26.43
CA SER EE 239 -118.26 147.06 26.57
C SER EE 239 -117.62 146.89 27.95
N ARG EE 240 -117.49 145.64 28.37
CA ARG EE 240 -116.86 145.36 29.65
C ARG EE 240 -115.41 145.83 29.64
N HIS EE 241 -114.73 145.69 28.50
CA HIS EE 241 -113.37 146.21 28.38
C HIS EE 241 -113.35 147.72 28.56
N GLU EE 242 -114.31 148.42 27.95
CA GLU EE 242 -114.37 149.87 28.11
C GLU EE 242 -114.68 150.26 29.55
N ASP EE 243 -115.57 149.51 30.21
CA ASP EE 243 -115.91 149.82 31.59
C ASP EE 243 -114.71 149.62 32.52
N GLN EE 244 -113.99 148.50 32.36
CA GLN EE 244 -112.83 148.29 33.21
C GLN EE 244 -111.72 149.29 32.89
N ASN EE 245 -111.59 149.69 31.63
CA ASN EE 245 -110.63 150.75 31.29
C ASN EE 245 -111.01 152.06 31.96
N TRP EE 246 -112.32 152.37 31.98
CA TRP EE 246 -112.78 153.58 32.66
C TRP EE 246 -112.41 153.78 34.12
N ARG EE 247 -112.71 152.77 34.94
CA ARG EE 247 -112.39 152.85 36.39
C ARG EE 247 -110.87 152.75 36.57
N ASP EE 248 -110.20 152.02 35.67
CA ASP EE 248 -108.71 151.92 35.74
C ASP EE 248 -108.12 153.33 35.62
N ASN EE 249 -108.52 154.07 34.59
CA ASN EE 249 -108.01 155.45 34.39
C ASN EE 249 -108.44 156.32 35.59
N LEU EE 250 -109.69 156.18 36.02
CA LEU EE 250 -110.19 156.95 37.18
C LEU EE 250 -109.34 156.61 38.41
N VAL EE 251 -109.08 155.32 38.64
CA VAL EE 251 -108.23 154.89 39.78
C VAL EE 251 -106.88 155.61 39.66
N ARG EE 252 -106.29 155.60 38.46
CA ARG EE 252 -105.01 156.27 38.28
C ARG EE 252 -105.12 157.78 38.49
N GLN EE 253 -106.25 158.37 38.08
CA GLN EE 253 -106.45 159.79 38.33
C GLN EE 253 -106.61 160.10 39.81
N VAL EE 254 -107.22 159.18 40.56
CA VAL EE 254 -107.45 159.41 41.98
C VAL EE 254 -106.13 159.44 42.75
N GLN EE 255 -105.16 158.63 42.32
CA GLN EE 255 -103.91 158.50 43.06
C GLN EE 255 -103.22 159.85 43.26
N HIS EE 256 -103.38 160.76 42.31
CA HIS EE 256 -102.77 162.09 42.43
C HIS EE 256 -103.71 163.05 43.16
N SER EE 257 -104.09 162.67 44.40
CA SER EE 257 -104.95 163.52 45.28
C SER EE 257 -104.32 163.55 46.68
N GLU EE 258 -103.87 164.72 47.14
CA GLU EE 258 -103.21 164.86 48.46
C GLU EE 258 -104.23 164.57 49.58
N LEU EE 259 -103.78 163.91 50.67
CA LEU EE 259 -104.65 163.60 51.83
C LEU EE 259 -104.12 164.32 53.06
N GLU EE 260 -104.85 164.29 54.18
CA GLU EE 260 -104.38 164.82 55.45
C GLU EE 260 -104.26 163.66 56.44
N LEU EE 261 -103.04 163.35 56.84
CA LEU EE 261 -102.77 162.25 57.75
C LEU EE 261 -102.43 162.80 59.13
N VAL EE 262 -103.09 162.27 60.15
CA VAL EE 262 -102.96 162.75 61.52
C VAL EE 262 -102.47 161.61 62.40
N ALA EE 263 -101.41 161.86 63.15
CA ALA EE 263 -100.84 160.87 64.07
C ALA EE 263 -101.27 161.19 65.49
N ASN EE 264 -101.79 160.19 66.19
CA ASN EE 264 -102.23 160.35 67.57
C ASN EE 264 -101.18 159.72 68.48
N PHE EE 265 -100.50 160.56 69.27
CA PHE EE 265 -99.44 160.11 70.21
C PHE EE 265 -100.05 159.47 71.46
N ALA EE 266 -101.06 160.12 72.07
CA ALA EE 266 -101.71 159.62 73.30
C ALA EE 266 -103.18 160.06 73.39
N ASP EE 267 -104.01 159.40 74.20
CA ASP EE 267 -105.40 159.79 74.42
C ASP EE 267 -105.69 159.64 75.91
N ILE EE 268 -105.67 160.75 76.64
CA ILE EE 268 -105.79 160.75 78.08
C ILE EE 268 -107.22 161.16 78.45
N PRO EE 269 -107.91 160.46 79.38
CA PRO EE 269 -109.32 160.79 79.77
C PRO EE 269 -109.36 161.71 80.99
N LEU EE 270 -109.79 162.96 80.81
CA LEU EE 270 -109.94 163.89 81.95
C LEU EE 270 -111.38 164.37 82.08
N ARG EE 271 -111.81 164.68 83.30
CA ARG EE 271 -113.17 165.21 83.55
C ARG EE 271 -113.20 166.70 83.14
N LEU EE 272 -114.40 167.24 82.94
CA LEU EE 272 -114.53 168.67 82.61
C LEU EE 272 -113.93 169.52 83.74
N SER EE 273 -114.10 169.07 84.98
CA SER EE 273 -113.61 169.85 86.14
C SER EE 273 -112.10 170.02 86.03
N GLN EE 274 -111.40 168.97 85.64
CA GLN EE 274 -109.93 169.10 85.47
C GLN EE 274 -109.66 170.12 84.37
N ILE EE 275 -110.44 170.10 83.29
CA ILE EE 275 -110.12 171.03 82.15
C ILE EE 275 -110.20 172.51 82.54
N LEU EE 276 -111.24 172.91 83.27
CA LEU EE 276 -111.30 174.32 83.74
C LEU EE 276 -110.21 174.82 84.70
N LYS EE 277 -109.83 173.96 85.66
CA LYS EE 277 -108.70 174.26 86.57
C LYS EE 277 -107.31 174.06 85.84
N LEU EE 278 -107.42 173.38 84.70
CA LEU EE 278 -106.19 173.06 83.93
C LEU EE 278 -105.69 174.46 83.60
N LYS EE 279 -104.39 174.68 83.82
CA LYS EE 279 -103.74 175.97 83.53
C LYS EE 279 -102.29 175.64 83.15
N PRO EE 280 -101.53 176.50 82.45
CA PRO EE 280 -100.16 176.15 81.97
C PRO EE 280 -99.26 175.69 83.12
N GLY EE 281 -98.34 174.75 82.87
CA GLY EE 281 -97.40 174.22 83.83
C GLY EE 281 -97.80 172.89 84.44
N ASP EE 282 -99.05 172.48 84.27
CA ASP EE 282 -99.49 171.20 84.84
C ASP EE 282 -98.90 170.03 84.06
N VAL EE 283 -98.89 168.87 84.70
CA VAL EE 283 -98.42 167.63 84.07
C VAL EE 283 -99.55 166.62 84.13
N LEU EE 284 -99.95 166.12 82.97
CA LEU EE 284 -101.00 165.11 82.88
C LEU EE 284 -100.38 163.78 82.49
N PRO EE 285 -100.44 162.76 83.35
CA PRO EE 285 -99.68 161.54 83.08
C PRO EE 285 -100.28 160.76 81.92
N ILE EE 286 -99.39 160.18 81.10
CA ILE EE 286 -99.79 159.37 79.96
C ILE EE 286 -99.05 158.04 80.04
N GLU EE 287 -99.57 157.06 79.33
CA GLU EE 287 -99.02 155.72 79.32
C GLU EE 287 -98.07 155.56 78.14
N LYS EE 288 -97.39 154.41 78.10
CA LYS EE 288 -96.47 154.11 77.01
C LYS EE 288 -97.24 153.90 75.71
N PRO EE 289 -96.99 154.69 74.67
CA PRO EE 289 -97.48 154.33 73.34
C PRO EE 289 -96.54 153.35 72.66
N ASP EE 290 -96.93 152.07 72.58
CA ASP EE 290 -96.10 151.07 71.86
C ASP EE 290 -96.14 151.39 70.37
N ARG EE 291 -97.32 151.73 69.85
CA ARG EE 291 -97.50 152.07 68.46
C ARG EE 291 -98.36 153.32 68.32
N ILE EE 292 -98.15 154.05 67.24
CA ILE EE 292 -98.84 155.30 66.97
C ILE EE 292 -99.82 155.19 65.81
N ILE EE 293 -101.10 155.40 66.10
CA ILE EE 293 -102.13 155.31 65.08
C ILE EE 293 -102.19 156.57 64.21
N ALA EE 294 -102.19 156.38 62.90
CA ALA EE 294 -102.27 157.45 61.93
C ALA EE 294 -103.59 157.28 61.17
N HIS EE 295 -104.43 158.31 61.23
CA HIS EE 295 -105.77 158.28 60.69
C HIS EE 295 -106.00 159.47 59.77
N VAL EE 296 -106.85 159.27 58.77
CA VAL EE 296 -107.25 160.32 57.84
C VAL EE 296 -108.72 160.61 58.11
N ASP EE 297 -109.01 161.80 58.64
CA ASP EE 297 -110.38 162.23 58.94
C ASP EE 297 -111.10 161.22 59.84
N GLY EE 298 -110.35 160.64 60.78
CA GLY EE 298 -110.94 159.71 61.72
C GLY EE 298 -110.58 158.27 61.45
N VAL EE 299 -110.57 157.87 60.18
CA VAL EE 299 -110.35 156.47 59.81
C VAL EE 299 -108.87 156.13 59.95
N PRO EE 300 -108.51 155.17 60.80
CA PRO EE 300 -107.09 154.86 60.99
C PRO EE 300 -106.53 154.13 59.78
N VAL EE 301 -105.32 154.51 59.38
CA VAL EE 301 -104.71 153.97 58.17
C VAL EE 301 -103.39 153.29 58.49
N LEU EE 302 -102.69 153.76 59.51
CA LEU EE 302 -101.33 153.30 59.76
C LEU EE 302 -101.21 153.14 61.27
N THR EE 303 -100.29 152.26 61.68
CA THR EE 303 -99.74 152.25 63.04
C THR EE 303 -98.24 152.19 62.84
N SER EE 304 -97.51 153.11 63.49
CA SER EE 304 -96.10 153.30 63.21
C SER EE 304 -95.51 153.86 64.49
N GLN EE 305 -94.22 153.63 64.68
CA GLN EE 305 -93.51 153.94 65.92
C GLN EE 305 -93.03 155.38 65.73
N TYR EE 306 -93.11 156.16 66.79
CA TYR EE 306 -92.71 157.56 66.71
C TYR EE 306 -91.19 157.69 66.68
N GLY EE 307 -90.73 158.83 66.20
CA GLY EE 307 -89.31 159.10 66.12
C GLY EE 307 -89.06 160.51 65.66
N THR EE 308 -87.78 160.87 65.62
CA THR EE 308 -87.35 162.20 65.16
C THR EE 308 -86.31 162.00 64.08
N VAL EE 309 -86.53 162.61 62.92
CA VAL EE 309 -85.61 162.53 61.79
C VAL EE 309 -85.51 163.90 61.15
N ASN EE 310 -84.28 164.36 60.93
CA ASN EE 310 -84.00 165.64 60.26
C ASN EE 310 -84.68 166.80 60.99
N GLY EE 311 -84.71 166.72 62.32
CA GLY EE 311 -85.39 167.75 63.09
C GLY EE 311 -86.90 167.72 62.98
N GLN EE 312 -87.46 166.70 62.34
CA GLN EE 312 -88.90 166.58 62.14
C GLN EE 312 -89.43 165.40 62.93
N TYR EE 313 -90.66 165.54 63.43
CA TYR EE 313 -91.34 164.42 64.05
C TYR EE 313 -91.61 163.35 63.00
N ALA EE 314 -91.01 162.18 63.17
CA ALA EE 314 -91.09 161.13 62.17
C ALA EE 314 -91.82 159.92 62.72
N LEU EE 315 -92.32 159.09 61.80
CA LEU EE 315 -92.97 157.84 62.15
C LEU EE 315 -92.37 156.72 61.29
N ARG EE 316 -91.96 155.64 61.95
CA ARG EE 316 -91.45 154.46 61.27
C ARG EE 316 -92.64 153.53 61.04
N VAL EE 317 -93.09 153.46 59.78
CA VAL EE 317 -94.31 152.72 59.48
C VAL EE 317 -94.11 151.25 59.78
N GLU EE 318 -94.98 150.70 60.58
CA GLU EE 318 -94.94 149.28 60.90
C GLU EE 318 -95.99 148.44 60.20
N HIS EE 319 -97.22 148.95 60.01
CA HIS EE 319 -98.28 148.11 59.45
C HIS EE 319 -99.44 148.92 58.85
N LEU EE 320 -99.74 148.71 57.58
CA LEU EE 320 -100.92 149.31 56.95
C LEU EE 320 -102.16 148.55 57.41
N ILE EE 321 -103.16 149.28 57.90
CA ILE EE 321 -104.32 148.62 58.50
C ILE EE 321 -105.25 148.13 57.41
N ASN EE 322 -105.06 146.89 56.99
CA ASN EE 322 -105.96 146.28 56.02
C ASN EE 322 -107.22 145.79 56.72
N PRO EE 323 -108.35 145.76 56.00
CA PRO EE 323 -109.61 145.26 56.58
C PRO EE 323 -109.77 143.76 56.41
N GLN FE 52 -129.27 178.21 82.67
CA GLN FE 52 -127.82 178.36 82.74
C GLN FE 52 -127.26 177.71 84.00
N ASP FE 53 -127.16 176.39 83.97
CA ASP FE 53 -126.67 175.61 85.10
C ASP FE 53 -125.16 175.43 85.00
N ILE FE 54 -124.55 175.12 86.13
CA ILE FE 54 -123.09 174.99 86.17
C ILE FE 54 -122.70 173.64 86.74
N ASP FE 55 -123.29 173.24 87.88
CA ASP FE 55 -123.02 171.92 88.50
C ASP FE 55 -123.57 170.82 87.60
N LEU FE 56 -124.49 171.15 86.69
CA LEU FE 56 -125.15 170.13 85.83
C LEU FE 56 -124.11 169.46 84.93
N ILE FE 57 -123.17 170.22 84.36
CA ILE FE 57 -122.16 169.68 83.41
C ILE FE 57 -120.77 169.79 84.06
N MET FE 58 -120.71 170.02 85.37
CA MET FE 58 -119.43 170.21 86.05
C MET FE 58 -118.64 168.90 86.10
N ASP FE 59 -119.30 167.77 85.83
CA ASP FE 59 -118.71 166.45 86.01
C ASP FE 59 -118.62 165.64 84.73
N ILE FE 60 -119.09 166.17 83.61
CA ILE FE 60 -119.10 165.41 82.35
C ILE FE 60 -117.68 165.09 81.92
N PRO FE 61 -117.38 163.87 81.50
CA PRO FE 61 -116.02 163.55 81.06
C PRO FE 61 -115.78 163.94 79.63
N VAL FE 62 -114.51 164.25 79.32
CA VAL FE 62 -114.09 164.62 77.98
C VAL FE 62 -112.85 163.78 77.79
N LYS FE 63 -112.52 163.52 76.51
CA LYS FE 63 -111.32 162.75 76.13
C LYS FE 63 -110.36 163.71 75.44
N LEU FE 64 -109.09 163.74 75.83
CA LEU FE 64 -108.12 164.67 75.28
C LEU FE 64 -107.12 163.87 74.45
N THR FE 65 -106.80 164.38 73.26
CA THR FE 65 -105.86 163.73 72.36
C THR FE 65 -104.71 164.68 72.10
N VAL FE 66 -103.53 164.10 71.85
CA VAL FE 66 -102.33 164.86 71.50
C VAL FE 66 -101.73 164.30 70.23
N GLU FE 67 -101.23 165.17 69.37
CA GLU FE 67 -100.72 164.76 68.07
C GLU FE 67 -99.22 164.76 67.98
N LEU FE 68 -98.67 163.97 67.06
CA LEU FE 68 -97.25 164.11 66.74
C LEU FE 68 -97.13 165.31 65.82
N GLY FE 69 -97.92 165.34 64.75
CA GLY FE 69 -97.89 166.46 63.84
C GLY FE 69 -98.79 166.24 62.64
N ARG FE 70 -99.00 167.32 61.90
CA ARG FE 70 -99.72 167.28 60.63
C ARG FE 70 -98.78 166.77 59.55
N THR FE 71 -99.37 166.33 58.44
CA THR FE 71 -98.62 166.10 57.21
C THR FE 71 -99.72 165.84 56.21
N ARG FE 72 -99.44 166.14 54.94
CA ARG FE 72 -100.39 166.00 53.85
C ARG FE 72 -99.63 165.25 52.76
N MET FE 73 -100.14 164.08 52.36
CA MET FE 73 -99.39 163.17 51.53
C MET FE 73 -100.47 162.45 50.73
N THR FE 74 -100.22 162.22 49.44
CA THR FE 74 -101.27 161.73 48.51
C THR FE 74 -101.45 160.24 48.59
N ILE FE 75 -102.39 159.71 47.80
CA ILE FE 75 -102.69 158.26 47.77
C ILE FE 75 -101.44 157.52 47.27
N LYS FE 76 -100.71 158.06 46.30
CA LYS FE 76 -99.52 157.38 45.72
C LYS FE 76 -98.55 156.91 46.82
N GLU FE 77 -97.92 157.81 47.59
CA GLU FE 77 -96.99 157.51 48.66
C GLU FE 77 -97.59 156.64 49.77
N LEU FE 78 -98.86 156.87 50.10
CA LEU FE 78 -99.54 156.02 51.07
C LEU FE 78 -99.63 154.56 50.68
N LEU FE 79 -99.89 154.30 49.40
CA LEU FE 79 -99.93 152.91 48.93
C LEU FE 79 -98.59 152.20 48.81
N ARG FE 80 -97.51 152.94 48.56
CA ARG FE 80 -96.19 152.34 48.48
C ARG FE 80 -95.37 152.42 49.81
N LEU FE 81 -96.07 152.79 50.88
CA LEU FE 81 -95.45 152.83 52.20
C LEU FE 81 -95.33 151.34 52.52
N THR FE 82 -94.15 150.96 53.02
CA THR FE 82 -93.89 149.55 53.32
C THR FE 82 -93.48 149.52 54.79
N GLN FE 83 -93.22 148.32 55.30
CA GLN FE 83 -92.76 148.21 56.70
C GLN FE 83 -91.37 148.82 56.82
N GLY FE 84 -91.13 149.58 57.87
CA GLY FE 84 -89.85 150.21 58.09
C GLY FE 84 -89.70 151.53 57.38
N SER FE 85 -90.63 151.90 56.52
CA SER FE 85 -90.56 153.20 55.86
C SER FE 85 -90.82 154.32 56.88
N VAL FE 86 -90.15 155.45 56.66
CA VAL FE 86 -90.19 156.58 57.58
C VAL FE 86 -90.86 157.75 56.88
N VAL FE 87 -91.83 158.37 57.55
CA VAL FE 87 -92.53 159.54 57.05
C VAL FE 87 -92.40 160.65 58.08
N ALA FE 88 -92.14 161.88 57.63
CA ALA FE 88 -91.97 163.04 58.54
C ALA FE 88 -93.33 163.63 58.95
N LEU FE 89 -93.32 164.81 59.55
CA LEU FE 89 -94.54 165.52 60.02
C LEU FE 89 -94.24 167.00 59.78
N ASP FE 90 -95.20 167.90 59.93
CA ASP FE 90 -95.03 169.35 59.63
C ASP FE 90 -94.36 170.09 60.79
N GLY FE 91 -94.13 169.46 61.94
CA GLY FE 91 -93.52 170.09 63.09
C GLY FE 91 -92.08 169.77 63.42
N LEU FE 92 -91.32 170.81 63.71
CA LEU FE 92 -89.94 170.62 64.15
C LEU FE 92 -89.93 169.88 65.48
N ALA FE 93 -88.92 169.03 65.66
CA ALA FE 93 -88.79 168.27 66.89
C ALA FE 93 -88.47 169.23 68.03
N GLY FE 94 -89.46 169.56 68.84
CA GLY FE 94 -89.27 170.49 69.94
C GLY FE 94 -90.44 171.42 70.19
N GLU FE 95 -91.26 171.68 69.15
CA GLU FE 95 -92.42 172.52 69.38
C GLU FE 95 -93.43 171.80 70.26
N PRO FE 96 -94.24 172.54 71.02
CA PRO FE 96 -95.26 171.89 71.85
C PRO FE 96 -96.36 171.29 70.97
N LEU FE 97 -96.76 170.08 71.31
CA LEU FE 97 -97.81 169.40 70.58
C LEU FE 97 -99.17 170.03 70.89
N ASP FE 98 -100.13 169.83 69.98
CA ASP FE 98 -101.46 170.46 70.16
C ASP FE 98 -102.41 169.48 70.85
N ILE FE 99 -103.01 169.91 71.96
CA ILE FE 99 -103.99 169.07 72.71
C ILE FE 99 -105.39 169.42 72.18
N LEU FE 100 -106.22 168.41 71.89
CA LEU FE 100 -107.55 168.68 71.29
C LEU FE 100 -108.65 167.88 72.00
N ILE FE 101 -109.88 168.40 72.01
CA ILE FE 101 -111.04 167.64 72.59
C ILE FE 101 -112.15 167.62 71.54
N ASN FE 102 -112.69 166.42 71.22
CA ASN FE 102 -113.80 166.32 70.23
C ASN FE 102 -113.34 167.04 68.95
N GLY FE 103 -112.05 166.93 68.60
CA GLY FE 103 -111.52 167.52 67.36
C GLY FE 103 -111.41 169.03 67.45
N TYR FE 104 -111.47 169.62 68.65
CA TYR FE 104 -111.42 171.10 68.84
C TYR FE 104 -110.19 171.46 69.65
N LEU FE 105 -109.40 172.44 69.20
CA LEU FE 105 -108.12 172.78 69.87
C LEU FE 105 -108.46 173.21 71.29
N ILE FE 106 -107.66 172.78 72.27
CA ILE FE 106 -107.91 173.13 73.70
C ILE FE 106 -106.61 173.58 74.37
N ALA FE 107 -105.43 173.08 73.97
CA ALA FE 107 -104.21 173.41 74.72
C ALA FE 107 -102.98 173.09 73.86
N GLN FE 108 -101.80 173.31 74.43
CA GLN FE 108 -100.53 172.91 73.84
C GLN FE 108 -99.58 172.46 74.93
N GLY FE 109 -98.87 171.36 74.67
CA GLY FE 109 -97.89 170.84 75.61
C GLY FE 109 -97.06 169.74 74.98
N GLU FE 110 -95.92 169.48 75.61
CA GLU FE 110 -94.98 168.48 75.13
C GLU FE 110 -94.82 167.36 76.16
N VAL FE 111 -94.27 166.24 75.70
CA VAL FE 111 -94.05 165.09 76.56
C VAL FE 111 -92.77 165.31 77.37
N VAL FE 112 -92.81 164.90 78.64
CA VAL FE 112 -91.68 165.04 79.56
C VAL FE 112 -91.42 163.72 80.28
N VAL FE 113 -90.14 163.41 80.49
CA VAL FE 113 -89.73 162.21 81.20
C VAL FE 113 -89.28 162.56 82.61
N VAL FE 114 -89.98 162.05 83.63
CA VAL FE 114 -89.65 162.44 85.00
C VAL FE 114 -88.74 161.38 85.60
N ALA FE 115 -89.30 160.18 85.77
CA ALA FE 115 -88.51 159.02 86.23
C ALA FE 115 -88.49 157.86 85.24
N ASP FE 116 -89.59 157.11 85.17
CA ASP FE 116 -89.74 156.04 84.16
C ASP FE 116 -91.21 156.21 83.76
N LYS FE 117 -91.73 157.44 83.81
CA LYS FE 117 -93.15 157.70 83.54
C LYS FE 117 -93.30 158.89 82.56
N TYR FE 118 -94.41 158.95 81.83
CA TYR FE 118 -94.57 160.02 80.80
C TYR FE 118 -95.78 160.90 81.08
N GLY FE 119 -95.71 162.16 80.64
CA GLY FE 119 -96.84 163.07 80.75
C GLY FE 119 -96.64 164.31 79.90
N VAL FE 120 -97.73 165.06 79.72
CA VAL FE 120 -97.72 166.23 78.88
C VAL FE 120 -97.58 167.43 79.81
N ARG FE 121 -96.66 168.32 79.48
CA ARG FE 121 -96.41 169.55 80.24
C ARG FE 121 -97.02 170.67 79.41
N ILE FE 122 -98.21 171.11 79.81
CA ILE FE 122 -98.94 172.10 79.04
C ILE FE 122 -98.23 173.45 79.09
N THR FE 123 -98.06 174.07 77.92
CA THR FE 123 -97.34 175.33 77.83
C THR FE 123 -98.26 176.54 78.00
N ASP FE 124 -99.44 176.51 77.39
CA ASP FE 124 -100.33 177.67 77.45
C ASP FE 124 -101.75 177.22 77.08
N ILE FE 125 -102.69 178.15 77.22
CA ILE FE 125 -104.08 177.95 76.84
C ILE FE 125 -104.38 178.96 75.73
N ILE FE 126 -104.90 178.45 74.61
CA ILE FE 126 -105.12 179.28 73.44
C ILE FE 126 -106.39 180.10 73.60
N THR FE 127 -106.24 181.42 73.61
CA THR FE 127 -107.37 182.32 73.56
C THR FE 127 -107.98 182.29 72.16
N PRO FE 128 -109.24 182.71 72.02
CA PRO FE 128 -109.87 182.69 70.68
C PRO FE 128 -109.09 183.46 69.63
N SER FE 129 -108.49 184.59 70.01
CA SER FE 129 -107.72 185.39 69.04
C SER FE 129 -106.67 184.51 68.38
N GLU FE 130 -105.88 183.80 69.17
CA GLU FE 130 -104.96 182.84 68.62
C GLU FE 130 -105.66 181.80 67.75
N ARG FE 131 -106.75 181.23 68.26
CA ARG FE 131 -107.53 180.25 67.44
C ARG FE 131 -107.89 180.87 66.08
N MET FE 132 -108.27 182.14 66.06
CA MET FE 132 -108.71 182.78 64.79
C MET FE 132 -107.54 182.80 63.80
N ARG FE 133 -106.33 183.11 64.28
CA ARG FE 133 -105.15 183.15 63.38
C ARG FE 133 -104.73 181.72 63.01
N ARG FE 134 -105.15 180.76 63.85
CA ARG FE 134 -104.83 179.32 63.61
C ARG FE 134 -105.60 178.97 62.31
N LEU FE 135 -106.92 179.22 62.33
CA LEU FE 135 -107.73 179.04 61.11
C LEU FE 135 -107.31 179.91 59.92
N SER FE 136 -106.91 181.15 60.19
CA SER FE 136 -106.53 182.10 59.11
C SER FE 136 -105.20 181.68 58.47
N ARG FE 137 -104.30 181.06 59.24
CA ARG FE 137 -103.00 180.76 58.66
C ARG FE 137 -102.48 179.40 59.13
N ASP GE 53 -112.64 182.13 82.30
CA ASP GE 53 -112.35 180.71 82.18
C ASP GE 53 -113.57 179.90 81.75
N ILE GE 54 -114.75 180.43 82.07
CA ILE GE 54 -115.98 179.75 81.66
C ILE GE 54 -116.05 179.83 80.15
N ASP GE 55 -115.57 180.92 79.57
CA ASP GE 55 -115.59 181.08 78.11
C ASP GE 55 -114.86 179.96 77.38
N LEU GE 56 -113.77 179.46 77.96
CA LEU GE 56 -113.05 178.34 77.37
C LEU GE 56 -113.85 177.05 77.21
N ILE GE 57 -114.64 176.73 78.25
CA ILE GE 57 -115.42 175.46 78.24
C ILE GE 57 -116.89 175.77 77.96
N MET GE 58 -117.18 176.90 77.29
CA MET GE 58 -118.57 177.27 77.03
C MET GE 58 -118.72 176.99 75.53
N ASP GE 59 -117.61 176.73 74.83
CA ASP GE 59 -117.69 176.55 73.35
C ASP GE 59 -117.36 175.12 72.90
N ILE GE 60 -116.65 174.34 73.72
CA ILE GE 60 -116.22 172.99 73.33
C ILE GE 60 -117.31 172.01 72.87
N PRO GE 61 -117.09 171.27 71.76
CA PRO GE 61 -118.05 170.23 71.29
C PRO GE 61 -118.06 169.05 72.25
N VAL GE 62 -119.14 168.29 72.28
CA VAL GE 62 -119.28 167.11 73.15
C VAL GE 62 -120.26 166.23 72.39
N LYS GE 63 -120.23 164.93 72.70
CA LYS GE 63 -121.06 163.97 72.00
C LYS GE 63 -122.24 163.63 72.89
N LEU GE 64 -123.44 163.72 72.34
CA LEU GE 64 -124.67 163.49 73.08
C LEU GE 64 -125.33 162.24 72.50
N THR GE 65 -125.88 161.40 73.38
CA THR GE 65 -126.61 160.21 72.97
C THR GE 65 -127.86 160.09 73.81
N VAL GE 66 -128.84 159.34 73.30
CA VAL GE 66 -130.03 158.99 74.07
C VAL GE 66 -130.30 157.52 73.85
N GLU GE 67 -130.43 156.77 74.95
CA GLU GE 67 -130.58 155.32 74.86
C GLU GE 67 -132.04 154.94 75.08
N LEU GE 68 -132.58 154.07 74.21
CA LEU GE 68 -134.02 153.71 74.26
C LEU GE 68 -134.26 152.46 75.12
N GLY GE 69 -133.26 151.57 75.26
CA GLY GE 69 -133.45 150.28 75.94
C GLY GE 69 -132.27 149.89 76.80
N ARG GE 70 -132.49 148.95 77.73
CA ARG GE 70 -131.42 148.44 78.62
C ARG GE 70 -131.82 147.02 79.06
N THR GE 71 -130.98 146.02 78.77
CA THR GE 71 -131.27 144.61 79.09
C THR GE 71 -129.99 143.97 79.56
N ARG GE 72 -130.04 143.04 80.51
CA ARG GE 72 -128.91 142.24 80.95
C ARG GE 72 -129.03 140.82 80.42
N MET GE 73 -127.95 140.33 79.80
CA MET GE 73 -128.03 139.00 79.16
C MET GE 73 -126.73 138.21 79.33
N THR GE 74 -126.82 136.89 79.24
CA THR GE 74 -125.69 135.97 79.30
C THR GE 74 -125.33 135.72 77.83
N ILE GE 75 -124.32 134.87 77.61
CA ILE GE 75 -123.85 134.71 76.20
C ILE GE 75 -124.65 133.58 75.54
N LYS GE 76 -125.10 132.62 76.34
CA LYS GE 76 -126.00 131.61 75.78
C LYS GE 76 -127.07 132.45 75.08
N GLU GE 77 -127.63 133.41 75.80
CA GLU GE 77 -128.73 134.23 75.25
C GLU GE 77 -128.27 135.04 74.04
N LEU GE 78 -127.11 135.69 74.12
CA LEU GE 78 -126.67 136.58 73.01
C LEU GE 78 -126.42 135.76 71.74
N LEU GE 79 -125.75 134.62 71.88
CA LEU GE 79 -125.45 133.73 70.73
C LEU GE 79 -126.77 133.19 70.17
N ARG GE 80 -127.72 132.88 71.03
CA ARG GE 80 -129.00 132.28 70.60
C ARG GE 80 -129.71 133.26 69.66
N LEU GE 81 -129.65 134.57 69.96
CA LEU GE 81 -130.23 135.58 69.04
C LEU GE 81 -129.80 135.24 67.61
N THR GE 82 -130.71 135.24 66.62
CA THR GE 82 -130.34 135.04 65.21
C THR GE 82 -130.82 136.23 64.41
N GLN GE 83 -130.98 136.07 63.10
CA GLN GE 83 -131.54 137.17 62.32
C GLN GE 83 -133.04 137.23 62.51
N GLY GE 84 -133.56 138.42 62.79
CA GLY GE 84 -134.97 138.59 63.03
C GLY GE 84 -135.41 138.31 64.45
N SER GE 85 -134.51 137.90 65.34
CA SER GE 85 -134.89 137.65 66.72
C SER GE 85 -135.25 138.95 67.42
N VAL GE 86 -136.30 138.90 68.24
CA VAL GE 86 -136.77 140.07 68.97
C VAL GE 86 -136.24 139.98 70.39
N VAL GE 87 -135.57 141.05 70.83
CA VAL GE 87 -135.00 141.12 72.17
C VAL GE 87 -135.85 142.07 72.99
N ALA GE 88 -136.43 141.57 74.07
CA ALA GE 88 -137.22 142.40 74.96
C ALA GE 88 -136.37 143.35 75.78
N LEU GE 89 -136.94 144.53 76.06
CA LEU GE 89 -136.28 145.54 76.87
C LEU GE 89 -136.82 145.78 78.27
N ASP GE 90 -135.93 145.80 79.26
CA ASP GE 90 -136.37 146.02 80.64
C ASP GE 90 -137.25 147.29 80.79
N GLY GE 91 -136.84 148.33 80.06
CA GLY GE 91 -137.66 149.52 79.96
C GLY GE 91 -139.07 149.47 79.45
N LEU GE 92 -140.03 149.89 80.26
CA LEU GE 92 -141.42 149.91 79.85
C LEU GE 92 -141.66 151.00 78.81
N ALA GE 93 -142.75 150.87 78.06
CA ALA GE 93 -143.07 151.89 77.06
C ALA GE 93 -143.49 153.18 77.76
N GLY GE 94 -142.98 154.30 77.23
CA GLY GE 94 -143.34 155.61 77.75
C GLY GE 94 -142.47 156.11 78.88
N GLU GE 95 -141.61 155.28 79.45
CA GLU GE 95 -140.74 155.75 80.51
C GLU GE 95 -139.69 156.71 79.95
N PRO GE 96 -139.15 157.68 80.70
CA PRO GE 96 -138.19 158.67 80.12
C PRO GE 96 -136.89 157.98 79.68
N LEU GE 97 -136.48 158.17 78.42
CA LEU GE 97 -135.22 157.60 77.88
C LEU GE 97 -134.03 158.22 78.60
N ASP GE 98 -132.97 157.47 78.91
CA ASP GE 98 -131.77 158.13 79.50
C ASP GE 98 -131.10 159.00 78.43
N ILE GE 99 -130.56 160.16 78.77
CA ILE GE 99 -129.77 161.00 77.89
C ILE GE 99 -128.36 161.07 78.48
N LEU GE 100 -127.36 160.69 77.68
CA LEU GE 100 -126.00 160.55 78.13
C LEU GE 100 -125.11 161.54 77.38
N ILE GE 101 -124.07 162.02 78.07
CA ILE GE 101 -123.08 162.90 77.48
C ILE GE 101 -121.73 162.20 77.65
N ASN GE 102 -121.15 161.75 76.54
CA ASN GE 102 -119.92 160.97 76.57
C ASN GE 102 -120.07 159.75 77.48
N GLY GE 103 -121.25 159.16 77.46
CA GLY GE 103 -121.54 158.01 78.31
C GLY GE 103 -121.92 158.35 79.74
N TYR GE 104 -122.14 159.61 80.06
CA TYR GE 104 -122.48 160.03 81.41
C TYR GE 104 -123.93 160.51 81.44
N LEU GE 105 -124.73 159.89 82.29
CA LEU GE 105 -126.15 160.23 82.36
C LEU GE 105 -126.34 161.57 83.07
N ILE GE 106 -127.13 162.46 82.46
CA ILE GE 106 -127.39 163.75 83.06
C ILE GE 106 -128.88 164.03 83.13
N ALA GE 107 -129.68 163.39 82.28
CA ALA GE 107 -131.07 163.78 82.14
C ALA GE 107 -131.92 162.62 81.66
N GLN GE 108 -133.23 162.78 81.82
CA GLN GE 108 -134.22 161.82 81.36
C GLN GE 108 -135.28 162.55 80.55
N GLY GE 109 -135.71 161.93 79.44
CA GLY GE 109 -136.74 162.51 78.61
C GLY GE 109 -137.41 161.61 77.60
N GLU GE 110 -138.63 161.98 77.24
CA GLU GE 110 -139.39 161.19 76.27
C GLU GE 110 -139.01 161.31 74.83
N VAL GE 111 -139.44 160.34 74.01
CA VAL GE 111 -139.00 160.21 72.63
C VAL GE 111 -140.07 160.99 71.86
N VAL GE 112 -139.63 161.79 70.90
CA VAL GE 112 -140.53 162.53 70.02
C VAL GE 112 -139.79 162.75 68.71
N VAL GE 113 -140.54 162.74 67.60
CA VAL GE 113 -139.97 162.89 66.27
C VAL GE 113 -140.41 164.23 65.70
N VAL GE 114 -139.43 165.00 65.22
CA VAL GE 114 -139.71 166.36 64.68
C VAL GE 114 -139.17 166.47 63.24
N ALA GE 115 -140.02 166.84 62.27
CA ALA GE 115 -139.57 167.06 60.88
C ALA GE 115 -138.91 165.79 60.32
N ASP GE 116 -139.45 164.61 60.67
CA ASP GE 116 -138.95 163.30 60.14
C ASP GE 116 -137.54 162.98 60.64
N LYS GE 117 -137.09 163.61 61.74
CA LYS GE 117 -135.77 163.32 62.33
C LYS GE 117 -135.98 162.97 63.79
N TYR GE 118 -135.30 161.93 64.29
CA TYR GE 118 -135.44 161.54 65.72
C TYR GE 118 -135.15 162.70 66.67
N GLY GE 119 -135.80 162.70 67.83
CA GLY GE 119 -135.55 163.72 68.83
C GLY GE 119 -135.97 163.25 70.20
N VAL GE 120 -135.77 164.11 71.19
CA VAL GE 120 -136.09 163.80 72.56
C VAL GE 120 -136.39 165.10 73.30
N ARG GE 121 -137.45 165.09 74.10
CA ARG GE 121 -137.81 166.22 74.95
C ARG GE 121 -137.28 166.02 76.36
N ILE GE 122 -136.49 166.98 76.84
CA ILE GE 122 -135.87 166.85 78.15
C ILE GE 122 -136.94 167.01 79.23
N THR GE 123 -137.41 165.88 79.76
CA THR GE 123 -138.41 165.93 80.84
C THR GE 123 -137.79 166.48 82.11
N ASP GE 124 -136.62 165.97 82.50
CA ASP GE 124 -136.00 166.46 83.71
C ASP GE 124 -134.50 166.16 83.67
N ILE GE 125 -133.77 166.84 84.55
CA ILE GE 125 -132.36 166.56 84.77
C ILE GE 125 -132.22 165.85 86.11
N ILE GE 126 -131.59 164.69 86.10
CA ILE GE 126 -131.48 163.90 87.31
C ILE GE 126 -130.44 164.50 88.24
N THR GE 127 -130.84 164.75 89.48
CA THR GE 127 -129.98 165.12 90.57
C THR GE 127 -129.26 163.88 91.10
N PRO GE 128 -128.03 164.02 91.60
CA PRO GE 128 -127.23 162.81 91.93
C PRO GE 128 -127.89 161.96 93.02
N SER GE 129 -129.06 162.32 93.52
CA SER GE 129 -129.75 161.47 94.48
C SER GE 129 -130.15 160.18 93.78
N GLU GE 130 -130.55 160.28 92.51
CA GLU GE 130 -131.04 159.07 91.76
C GLU GE 130 -129.86 158.19 91.29
N ARG GE 131 -128.64 158.73 91.29
CA ARG GE 131 -127.47 158.01 90.79
C ARG GE 131 -127.17 156.81 91.68
N MET GE 132 -127.31 156.99 93.00
CA MET GE 132 -127.17 155.82 93.91
C MET GE 132 -128.12 154.74 93.43
N ARG GE 133 -129.38 155.10 93.18
CA ARG GE 133 -130.41 154.12 92.73
C ARG GE 133 -130.16 153.59 91.31
N ARG GE 134 -129.39 154.32 90.50
CA ARG GE 134 -129.06 153.86 89.13
C ARG GE 134 -128.17 152.62 89.23
N LEU GE 135 -127.66 152.32 90.43
CA LEU GE 135 -126.80 151.13 90.64
C LEU GE 135 -127.24 150.40 91.91
N ALA HE 37 -93.94 144.11 101.87
CA ALA HE 37 -93.22 143.17 101.01
C ALA HE 37 -93.93 141.81 100.98
N VAL HE 38 -95.20 141.80 101.37
CA VAL HE 38 -95.98 140.57 101.39
C VAL HE 38 -96.23 140.06 99.98
N PHE HE 39 -96.61 140.94 99.06
CA PHE HE 39 -96.89 140.54 97.69
C PHE HE 39 -95.61 140.10 97.00
N GLN HE 40 -95.70 139.03 96.22
CA GLN HE 40 -94.54 138.49 95.51
C GLN HE 40 -94.54 139.08 94.10
N GLN HE 41 -93.36 139.50 93.65
CA GLN HE 41 -93.25 140.21 92.38
C GLN HE 41 -93.30 139.28 91.18
N LEU HE 42 -94.39 139.34 90.43
CA LEU HE 42 -94.58 138.52 89.23
C LEU HE 42 -94.10 139.22 87.97
N GLY HE 43 -93.40 138.48 87.12
CA GLY HE 43 -92.90 139.03 85.88
C GLY HE 43 -92.57 137.93 84.91
N GLY HE 44 -92.44 138.32 83.64
CA GLY HE 44 -92.15 137.35 82.59
C GLY HE 44 -93.23 136.31 82.40
N GLY HE 45 -94.50 136.72 82.48
CA GLY HE 45 -95.59 135.78 82.35
C GLY HE 45 -96.22 135.79 80.97
N ASP HE 46 -95.56 136.42 80.01
CA ASP HE 46 -96.04 136.47 78.63
C ASP HE 46 -95.63 135.19 77.91
N VAL HE 47 -96.31 134.10 78.31
CA VAL HE 47 -96.00 132.79 77.73
C VAL HE 47 -96.44 132.73 76.28
N SER HE 48 -97.74 132.87 76.04
CA SER HE 48 -98.30 132.82 74.70
C SER HE 48 -99.74 133.31 74.77
N GLY HE 49 -100.38 133.41 73.61
CA GLY HE 49 -101.77 133.79 73.54
C GLY HE 49 -102.50 133.11 72.42
N ALA HE 50 -103.60 132.41 72.74
CA ALA HE 50 -104.40 131.73 71.73
C ALA HE 50 -105.84 131.64 72.23
N MET HE 51 -106.78 132.03 71.38
CA MET HE 51 -108.19 131.91 71.73
C MET HE 51 -108.53 130.44 71.98
N GLN HE 52 -109.26 130.19 73.07
CA GLN HE 52 -109.55 128.82 73.44
C GLN HE 52 -110.89 128.46 72.81
N ASP HE 53 -111.97 129.10 73.27
CA ASP HE 53 -113.31 128.86 72.81
C ASP HE 53 -114.21 129.85 73.52
N ILE HE 54 -115.43 130.01 73.02
CA ILE HE 54 -116.33 131.05 73.53
C ILE HE 54 -117.30 130.54 74.60
N ASP HE 55 -117.13 129.28 75.01
CA ASP HE 55 -117.95 128.70 76.07
C ASP HE 55 -117.28 128.68 77.44
N LEU HE 56 -115.99 128.95 77.49
CA LEU HE 56 -115.30 129.05 78.80
C LEU HE 56 -115.87 130.29 79.48
N ILE HE 57 -116.14 131.33 78.70
CA ILE HE 57 -116.61 132.65 79.22
C ILE HE 57 -118.13 132.79 79.04
N MET HE 58 -118.85 131.75 78.65
CA MET HE 58 -120.28 131.93 78.30
C MET HE 58 -121.28 132.56 79.28
N ASP HE 59 -121.45 131.95 80.45
CA ASP HE 59 -122.46 132.45 81.42
C ASP HE 59 -121.89 133.68 82.13
N ILE HE 60 -121.42 134.65 81.36
CA ILE HE 60 -120.92 135.92 81.97
C ILE HE 60 -121.94 137.00 81.56
N PRO HE 61 -122.49 137.79 82.50
CA PRO HE 61 -123.56 138.77 82.16
C PRO HE 61 -123.01 139.82 81.21
N VAL HE 62 -123.81 140.20 80.22
CA VAL HE 62 -123.39 141.28 79.27
C VAL HE 62 -124.35 142.46 79.50
N LYS HE 63 -123.88 143.67 79.23
CA LYS HE 63 -124.74 144.83 79.41
C LYS HE 63 -125.24 145.27 78.03
N LEU HE 64 -126.42 144.78 77.65
CA LEU HE 64 -126.98 145.12 76.35
C LEU HE 64 -127.77 146.41 76.43
N THR HE 65 -127.58 147.27 75.44
CA THR HE 65 -128.22 148.58 75.41
C THR HE 65 -128.51 148.96 73.96
N VAL HE 66 -129.76 149.32 73.70
CA VAL HE 66 -130.17 149.83 72.38
C VAL HE 66 -130.15 151.35 72.40
N GLU HE 67 -129.62 151.94 71.34
CA GLU HE 67 -129.47 153.39 71.25
C GLU HE 67 -130.43 154.05 70.28
N LEU HE 68 -131.13 155.08 70.75
CA LEU HE 68 -132.17 155.71 69.93
C LEU HE 68 -131.50 156.56 68.87
N GLY HE 69 -130.53 157.38 69.25
CA GLY HE 69 -129.90 158.26 68.28
C GLY HE 69 -128.66 158.94 68.82
N ARG HE 70 -128.04 159.71 67.94
CA ARG HE 70 -126.81 160.43 68.24
C ARG HE 70 -127.02 161.86 67.76
N THR HE 71 -126.14 162.75 68.20
CA THR HE 71 -126.08 164.11 67.75
C THR HE 71 -124.82 164.74 68.31
N ARG HE 72 -124.01 165.33 67.44
CA ARG HE 72 -122.84 166.08 67.87
C ARG HE 72 -123.28 167.51 68.17
N MET HE 73 -123.07 167.94 69.40
CA MET HE 73 -123.55 169.25 69.83
C MET HE 73 -122.55 169.78 70.86
N THR HE 74 -122.35 171.08 70.84
CA THR HE 74 -121.40 171.72 71.74
C THR HE 74 -122.11 172.21 72.99
N ILE HE 75 -121.32 172.69 73.96
CA ILE HE 75 -121.85 173.22 75.20
C ILE HE 75 -122.69 174.47 74.97
N LYS HE 76 -122.47 175.15 73.83
CA LYS HE 76 -123.24 176.34 73.47
C LYS HE 76 -124.74 176.09 73.65
N GLU HE 77 -125.29 175.17 72.87
CA GLU HE 77 -126.71 174.85 73.02
C GLU HE 77 -126.97 174.04 74.27
N LEU HE 78 -125.98 173.30 74.75
CA LEU HE 78 -126.18 172.50 75.97
C LEU HE 78 -126.81 173.14 77.20
N LEU HE 79 -126.32 174.31 77.61
CA LEU HE 79 -126.96 174.99 78.75
C LEU HE 79 -128.24 175.77 78.30
N ARG HE 80 -128.27 176.10 77.01
CA ARG HE 80 -129.49 176.77 76.48
C ARG HE 80 -130.69 175.84 76.73
N LEU HE 81 -130.44 174.54 76.82
CA LEU HE 81 -131.51 173.58 77.10
C LEU HE 81 -132.30 173.70 78.39
N THR HE 82 -133.62 173.81 78.27
CA THR HE 82 -134.52 173.88 79.41
C THR HE 82 -135.48 172.69 79.36
N GLN HE 83 -136.32 172.61 80.39
CA GLN HE 83 -137.33 171.56 80.43
C GLN HE 83 -138.35 171.77 79.33
N GLY HE 84 -138.71 170.69 78.65
CA GLY HE 84 -139.63 170.76 77.54
C GLY HE 84 -139.01 171.09 76.20
N SER HE 85 -137.71 171.38 76.16
CA SER HE 85 -137.03 171.62 74.91
C SER HE 85 -136.87 170.31 74.14
N VAL HE 86 -136.65 170.44 72.83
CA VAL HE 86 -136.53 169.30 71.93
C VAL HE 86 -135.17 169.35 71.26
N VAL HE 87 -134.44 168.24 71.32
CA VAL HE 87 -133.12 168.13 70.71
C VAL HE 87 -133.22 167.18 69.52
N ALA HE 88 -132.93 167.69 68.33
CA ALA HE 88 -132.95 166.87 67.14
C ALA HE 88 -131.74 165.95 67.13
N LEU HE 89 -131.95 164.70 66.70
CA LEU HE 89 -130.90 163.71 66.64
C LEU HE 89 -130.47 163.52 65.19
N ASP HE 90 -129.18 163.20 65.00
CA ASP HE 90 -128.66 163.00 63.65
C ASP HE 90 -129.33 161.85 62.93
N GLY HE 91 -129.70 160.79 63.65
CA GLY HE 91 -130.37 159.66 63.06
C GLY HE 91 -131.72 160.00 62.47
N LEU HE 92 -131.92 159.63 61.20
CA LEU HE 92 -133.20 159.84 60.56
C LEU HE 92 -134.27 158.93 61.18
N ALA HE 93 -135.49 159.43 61.27
CA ALA HE 93 -136.57 158.67 61.88
C ALA HE 93 -136.87 157.42 61.07
N GLY HE 94 -137.08 156.31 61.78
CA GLY HE 94 -137.36 155.05 61.13
C GLY HE 94 -136.16 154.25 60.72
N GLU HE 95 -134.94 154.80 60.87
CA GLU HE 95 -133.74 154.05 60.54
C GLU HE 95 -133.49 152.97 61.59
N PRO HE 96 -132.76 151.92 61.23
CA PRO HE 96 -132.42 150.89 62.22
C PRO HE 96 -131.62 151.48 63.37
N LEU HE 97 -131.94 151.04 64.57
CA LEU HE 97 -131.29 151.50 65.79
C LEU HE 97 -130.04 150.66 66.05
N ASP HE 98 -129.19 151.18 66.92
CA ASP HE 98 -127.90 150.56 67.22
C ASP HE 98 -128.00 149.74 68.49
N ILE HE 99 -127.33 148.59 68.50
CA ILE HE 99 -127.29 147.69 69.64
C ILE HE 99 -125.85 147.56 70.11
N LEU HE 100 -125.62 147.79 71.39
CA LEU HE 100 -124.28 147.70 71.96
C LEU HE 100 -124.29 146.72 73.12
N ILE HE 101 -123.17 146.03 73.31
CA ILE HE 101 -122.96 145.20 74.49
C ILE HE 101 -121.73 145.75 75.21
N ASN HE 102 -121.93 146.16 76.47
CA ASN HE 102 -120.89 146.83 77.24
C ASN HE 102 -120.35 148.06 76.51
N GLY HE 103 -121.24 148.75 75.79
CA GLY HE 103 -120.87 149.96 75.11
C GLY HE 103 -120.16 149.78 73.78
N TYR HE 104 -120.11 148.56 73.25
CA TYR HE 104 -119.44 148.28 71.98
C TYR HE 104 -120.51 147.92 70.96
N LEU HE 105 -120.51 148.64 69.84
CA LEU HE 105 -121.53 148.42 68.81
C LEU HE 105 -121.28 147.08 68.14
N ILE HE 106 -122.32 146.25 68.07
CA ILE HE 106 -122.23 144.94 67.45
C ILE HE 106 -123.21 144.79 66.29
N ALA HE 107 -124.44 145.27 66.46
CA ALA HE 107 -125.47 144.99 65.48
C ALA HE 107 -126.42 146.17 65.33
N GLN HE 108 -127.18 146.14 64.25
CA GLN HE 108 -128.23 147.11 63.98
C GLN HE 108 -129.55 146.36 63.93
N GLY HE 109 -130.54 146.87 64.67
CA GLY HE 109 -131.83 146.23 64.77
C GLY HE 109 -132.92 147.23 64.46
N GLU HE 110 -134.16 146.81 64.68
CA GLU HE 110 -135.34 147.63 64.44
C GLU HE 110 -136.25 147.52 65.65
N VAL HE 111 -136.82 148.64 66.06
CA VAL HE 111 -137.63 148.70 67.27
C VAL HE 111 -139.04 148.23 66.99
N VAL HE 112 -139.57 147.37 67.89
CA VAL HE 112 -140.92 146.85 67.78
C VAL HE 112 -141.56 146.89 69.17
N VAL HE 113 -142.88 146.87 69.19
CA VAL HE 113 -143.66 146.89 70.43
C VAL HE 113 -144.38 145.56 70.55
N VAL HE 114 -144.07 144.83 71.63
CA VAL HE 114 -144.72 143.50 71.87
C VAL HE 114 -145.34 143.48 73.27
N ALA HE 115 -146.68 143.34 73.33
CA ALA HE 115 -147.40 143.31 74.64
C ALA HE 115 -147.13 144.56 75.48
N ASP HE 116 -147.02 145.74 74.84
CA ASP HE 116 -146.86 147.03 75.58
C ASP HE 116 -145.45 147.12 76.17
N LYS HE 117 -144.53 146.28 75.70
CA LYS HE 117 -143.13 146.31 76.18
C LYS HE 117 -142.21 146.60 75.00
N TYR HE 118 -141.21 147.47 75.18
CA TYR HE 118 -140.35 147.82 74.06
C TYR HE 118 -139.40 146.68 73.73
N GLY HE 119 -139.21 146.44 72.45
CA GLY HE 119 -138.34 145.37 72.01
C GLY HE 119 -137.67 145.72 70.70
N VAL HE 120 -136.40 145.35 70.58
CA VAL HE 120 -135.65 145.53 69.35
C VAL HE 120 -135.59 144.19 68.63
N ARG HE 121 -135.59 144.26 67.30
CA ARG HE 121 -135.50 143.07 66.46
C ARG HE 121 -134.17 143.14 65.71
N ILE HE 122 -133.25 142.22 66.04
CA ILE HE 122 -131.94 142.25 65.42
C ILE HE 122 -132.06 142.00 63.94
N THR HE 123 -131.49 142.89 63.14
CA THR HE 123 -131.52 142.78 61.68
C THR HE 123 -130.19 142.38 61.08
N ASP HE 124 -129.08 143.03 61.44
CA ASP HE 124 -127.82 142.68 60.81
C ASP HE 124 -126.65 143.10 61.68
N ILE HE 125 -125.68 142.20 61.83
CA ILE HE 125 -124.44 142.56 62.49
C ILE HE 125 -123.67 143.54 61.60
N ILE HE 126 -123.21 144.64 62.20
CA ILE HE 126 -122.54 145.67 61.42
C ILE HE 126 -121.23 145.14 60.85
N THR HE 127 -120.80 145.77 59.79
CA THR HE 127 -119.58 145.48 59.05
C THR HE 127 -118.46 146.41 59.48
N PRO HE 128 -117.20 146.00 59.33
CA PRO HE 128 -116.09 146.91 59.68
C PRO HE 128 -116.13 148.22 58.91
N SER HE 129 -116.56 148.19 57.65
CA SER HE 129 -116.72 149.43 56.90
C SER HE 129 -117.72 150.44 57.46
N GLU HE 130 -118.88 149.97 57.89
CA GLU HE 130 -119.86 150.86 58.51
C GLU HE 130 -119.42 151.28 59.93
N ARG HE 131 -118.64 150.41 60.57
CA ARG HE 131 -118.07 150.75 61.87
C ARG HE 131 -117.21 152.00 61.72
N MET HE 132 -116.29 151.99 60.75
CA MET HE 132 -115.47 153.18 60.50
C MET HE 132 -116.23 154.38 59.92
N ARG HE 133 -117.32 154.09 59.19
CA ARG HE 133 -118.18 155.15 58.69
C ARG HE 133 -118.76 155.80 59.94
N ARG HE 134 -119.18 155.00 60.91
CA ARG HE 134 -119.67 155.55 62.17
C ARG HE 134 -118.59 156.37 62.87
N LEU HE 135 -117.35 155.88 62.84
CA LEU HE 135 -116.27 156.57 63.55
C LEU HE 135 -116.04 157.97 62.98
N SER HE 136 -116.04 158.09 61.65
CA SER HE 136 -115.81 159.39 61.01
C SER HE 136 -117.09 160.21 60.99
N LYS IE 514 -151.59 67.02 -0.62
CA LYS IE 514 -151.42 67.27 0.80
C LYS IE 514 -152.63 67.98 1.39
N ASP IE 515 -153.24 68.85 0.58
CA ASP IE 515 -154.42 69.58 1.03
C ASP IE 515 -155.59 68.63 1.29
N GLU IE 516 -155.78 67.64 0.41
CA GLU IE 516 -156.87 66.69 0.60
C GLU IE 516 -156.67 65.85 1.85
N GLN IE 517 -155.43 65.40 2.09
CA GLN IE 517 -155.15 64.64 3.30
C GLN IE 517 -155.38 65.47 4.55
N LEU IE 518 -154.95 66.74 4.52
CA LEU IE 518 -155.19 67.62 5.66
C LEU IE 518 -156.68 67.83 5.89
N GLN IE 519 -157.46 67.99 4.81
CA GLN IE 519 -158.90 68.14 4.95
C GLN IE 519 -159.55 66.89 5.53
N GLN IE 520 -159.11 65.71 5.09
CA GLN IE 520 -159.65 64.47 5.63
C GLN IE 520 -159.31 64.32 7.11
N ARG IE 521 -158.07 64.65 7.48
CA ARG IE 521 -157.67 64.59 8.89
C ARG IE 521 -158.50 65.57 9.72
N ARG IE 522 -158.73 66.77 9.19
CA ARG IE 522 -159.55 67.75 9.90
C ARG IE 522 -160.98 67.26 10.06
N ALA IE 523 -161.53 66.62 9.02
CA ALA IE 523 -162.89 66.09 9.13
C ALA IE 523 -162.98 64.98 10.16
N ASN IE 524 -161.99 64.08 10.18
CA ASN IE 524 -161.97 63.03 11.20
C ASN IE 524 -161.86 63.62 12.60
N GLN IE 525 -160.99 64.63 12.75
CA GLN IE 525 -160.84 65.29 14.05
C GLN IE 525 -162.13 65.98 14.47
N ARG IE 526 -162.83 66.61 13.54
CA ARG IE 526 -164.07 67.32 13.84
C ARG IE 526 -165.26 66.38 14.00
N LEU IE 527 -165.13 65.14 13.56
CA LEU IE 527 -166.22 64.13 13.68
C LEU IE 527 -166.01 63.38 15.00
N GLY IE 528 -164.81 62.87 15.24
CA GLY IE 528 -164.49 62.14 16.49
C GLY IE 528 -164.54 63.04 17.71
N ALA IE 529 -164.23 64.32 17.55
CA ALA IE 529 -164.30 65.30 18.68
C ALA IE 529 -165.77 65.57 18.94
N GLU IE 530 -166.57 65.69 17.87
CA GLU IE 530 -168.03 65.93 18.01
C GLU IE 530 -168.65 64.73 18.73
N VAL IE 531 -168.11 63.50 18.38
CA VAL IE 531 -168.49 62.25 19.07
C VAL IE 531 -167.91 62.29 20.49
N MET IE 532 -166.67 62.77 20.63
CA MET IE 532 -165.99 62.86 21.94
C MET IE 532 -166.78 63.82 22.86
N SER IE 533 -167.24 64.95 22.31
CA SER IE 533 -168.02 65.94 23.10
C SER IE 533 -169.31 65.28 23.57
N GLN IE 534 -169.97 64.50 22.70
CA GLN IE 534 -171.20 63.76 23.08
C GLN IE 534 -170.83 62.73 24.15
N ARG IE 535 -169.68 62.07 24.01
CA ARG IE 535 -169.22 61.03 24.96
C ARG IE 535 -168.97 61.64 26.33
N ILE IE 536 -168.39 62.85 26.40
CA ILE IE 536 -168.02 63.49 27.69
C ILE IE 536 -169.29 63.96 28.40
N ARG IE 537 -170.38 64.21 27.67
CA ARG IE 537 -171.64 64.64 28.24
C ARG IE 537 -172.37 63.49 28.91
N GLU IE 538 -172.39 62.33 28.27
CA GLU IE 538 -173.00 61.15 28.89
C GLU IE 538 -172.28 60.78 30.17
N MET IE 539 -170.94 60.78 30.15
CA MET IE 539 -170.17 60.42 31.33
C MET IE 539 -170.38 61.41 32.47
N SER IE 540 -170.43 62.70 32.17
CA SER IE 540 -170.62 63.72 33.21
C SER IE 540 -172.04 63.67 33.76
N ASP IE 541 -173.03 63.38 32.92
CA ASP IE 541 -174.37 63.15 33.42
C ASP IE 541 -174.44 61.91 34.32
N ASN IE 542 -173.66 60.88 33.99
CA ASN IE 542 -173.59 59.71 34.87
C ASN IE 542 -172.97 60.06 36.21
N ASP IE 543 -171.89 60.83 36.21
CA ASP IE 543 -171.18 61.22 37.42
C ASP IE 543 -170.66 62.64 37.28
N PRO IE 544 -171.35 63.62 37.85
CA PRO IE 544 -170.87 65.01 37.74
C PRO IE 544 -169.73 65.32 38.69
N ARG IE 545 -169.73 64.79 39.90
CA ARG IE 545 -168.69 65.10 40.87
C ARG IE 545 -167.36 64.43 40.53
N VAL IE 546 -167.41 63.29 39.83
CA VAL IE 546 -166.18 62.59 39.47
C VAL IE 546 -165.34 63.43 38.53
N VAL IE 547 -165.99 64.11 37.57
CA VAL IE 547 -165.26 64.97 36.65
C VAL IE 547 -164.59 66.13 37.39
N ALA IE 548 -165.30 66.75 38.33
CA ALA IE 548 -164.72 67.84 39.10
C ALA IE 548 -163.55 67.35 39.94
N LEU IE 549 -163.69 66.16 40.55
CA LEU IE 549 -162.60 65.60 41.33
C LEU IE 549 -161.39 65.31 40.47
N VAL IE 550 -161.60 64.78 39.26
CA VAL IE 550 -160.49 64.50 38.35
C VAL IE 550 -159.83 65.80 37.92
N ILE IE 551 -160.62 66.85 37.67
CA ILE IE 551 -160.05 68.14 37.30
C ILE IE 551 -159.20 68.70 38.44
N ARG IE 552 -159.70 68.60 39.67
CA ARG IE 552 -158.94 69.08 40.82
C ARG IE 552 -157.65 68.28 41.00
N GLN IE 553 -157.71 66.97 40.78
CA GLN IE 553 -156.52 66.14 40.87
C GLN IE 553 -155.51 66.54 39.80
N TRP IE 554 -155.99 66.86 38.60
CA TRP IE 554 -155.09 67.30 37.53
C TRP IE 554 -154.39 68.59 37.91
N MET IE 555 -155.13 69.53 38.49
CA MET IE 555 -154.52 70.78 38.95
C MET IE 555 -153.51 70.54 40.06
N SER IE 556 -153.83 69.65 41.00
CA SER IE 556 -152.91 69.34 42.08
C SER IE 556 -151.63 68.71 41.55
N ASN IE 557 -151.76 67.80 40.57
CA ASN IE 557 -150.57 67.19 39.98
C ASN IE 557 -149.80 68.17 39.12
N ASP IE 558 -150.47 69.21 38.59
CA ASP IE 558 -149.78 70.21 37.79
C ASP IE 558 -148.77 71.00 38.61
N HIS IE 559 -148.96 71.08 39.91
CA HIS IE 559 -148.04 71.79 40.78
C HIS IE 559 -146.71 71.05 40.90
N GLY JE 6 -152.39 70.93 32.78
CA GLY JE 6 -153.65 70.20 32.85
C GLY JE 6 -154.84 71.09 33.11
N THR JE 7 -154.60 72.19 33.83
CA THR JE 7 -155.67 73.14 34.12
C THR JE 7 -156.22 73.78 32.84
N ASP JE 8 -155.33 74.14 31.91
CA ASP JE 8 -155.77 74.72 30.64
C ASP JE 8 -156.61 73.71 29.85
N LYS JE 9 -156.17 72.45 29.85
CA LYS JE 9 -156.95 71.41 29.17
C LYS JE 9 -158.31 71.23 29.82
N SER JE 10 -158.35 71.27 31.16
CA SER JE 10 -159.62 71.15 31.87
C SER JE 10 -160.54 72.32 31.53
N VAL JE 11 -159.98 73.53 31.47
CA VAL JE 11 -160.77 74.70 31.12
C VAL JE 11 -161.31 74.58 29.70
N ILE JE 12 -160.48 74.11 28.76
CA ILE JE 12 -160.92 73.94 27.39
C ILE JE 12 -162.04 72.90 27.31
N LEU JE 13 -161.89 71.79 28.04
CA LEU JE 13 -162.92 70.75 28.05
C LEU JE 13 -164.22 71.28 28.64
N LEU JE 14 -164.13 72.06 29.71
CA LEU JE 14 -165.32 72.64 30.32
C LEU JE 14 -166.02 73.61 29.36
N MET JE 15 -165.23 74.42 28.66
CA MET JE 15 -165.80 75.33 27.68
C MET JE 15 -166.48 74.59 26.54
N THR JE 16 -165.86 73.50 26.08
CA THR JE 16 -166.43 72.72 24.99
C THR JE 16 -167.59 71.84 25.44
N ILE JE 17 -167.76 71.64 26.75
CA ILE JE 17 -168.84 70.78 27.24
C ILE JE 17 -170.18 71.48 27.13
N GLY JE 18 -170.27 72.68 27.70
CA GLY JE 18 -171.53 73.42 27.68
C GLY JE 18 -171.76 74.22 28.95
N GLU JE 19 -172.70 75.15 28.92
CA GLU JE 19 -172.95 76.01 30.07
C GLU JE 19 -173.50 75.22 31.25
N ASP JE 20 -174.47 74.33 31.00
CA ASP JE 20 -175.13 73.60 32.09
C ASP JE 20 -174.16 72.63 32.75
N ARG JE 21 -173.43 71.85 31.95
CA ARG JE 21 -172.47 70.89 32.51
C ARG JE 21 -171.37 71.59 33.29
N ALA JE 22 -170.85 72.69 32.74
CA ALA JE 22 -169.81 73.44 33.44
C ALA JE 22 -170.34 74.04 34.73
N ALA JE 23 -171.57 74.54 34.72
CA ALA JE 23 -172.16 75.09 35.94
C ALA JE 23 -172.33 74.01 36.99
N GLU JE 24 -172.79 72.82 36.59
CA GLU JE 24 -172.92 71.72 37.54
C GLU JE 24 -171.56 71.31 38.11
N VAL JE 25 -170.53 71.25 37.24
CA VAL JE 25 -169.20 70.89 37.70
C VAL JE 25 -168.67 71.93 38.69
N PHE JE 26 -168.89 73.21 38.39
CA PHE JE 26 -168.45 74.27 39.30
C PHE JE 26 -169.17 74.18 40.63
N LYS JE 27 -170.48 73.90 40.59
CA LYS JE 27 -171.23 73.68 41.82
C LYS JE 27 -170.71 72.47 42.59
N HIS JE 28 -170.12 71.49 41.89
CA HIS JE 28 -169.48 70.35 42.53
C HIS JE 28 -167.97 70.54 42.66
N LEU JE 29 -167.50 71.78 42.64
CA LEU JE 29 -166.07 72.08 42.70
C LEU JE 29 -165.81 73.08 43.81
N SER JE 30 -164.56 73.10 44.27
CA SER JE 30 -164.13 73.99 45.34
C SER JE 30 -164.06 75.43 44.84
N THR JE 31 -164.00 76.36 45.80
CA THR JE 31 -164.01 77.78 45.47
C THR JE 31 -162.78 78.19 44.67
N ARG JE 32 -161.60 77.79 45.12
CA ARG JE 32 -160.36 78.12 44.42
C ARG JE 32 -160.34 77.51 43.03
N GLU JE 33 -160.73 76.23 42.94
CA GLU JE 33 -160.77 75.55 41.65
C GLU JE 33 -161.77 76.20 40.71
N VAL JE 34 -162.94 76.56 41.23
CA VAL JE 34 -163.97 77.19 40.40
C VAL JE 34 -163.47 78.55 39.90
N GLN JE 35 -162.85 79.33 40.77
CA GLN JE 35 -162.34 80.64 40.37
C GLN JE 35 -161.25 80.49 39.31
N ALA JE 36 -160.34 79.54 39.51
CA ALA JE 36 -159.27 79.33 38.53
C ALA JE 36 -159.83 78.90 37.18
N LEU JE 37 -160.80 77.98 37.20
CA LEU JE 37 -161.41 77.52 35.96
C LEU JE 37 -162.14 78.64 35.25
N SER JE 38 -162.88 79.48 35.98
CA SER JE 38 -163.59 80.59 35.38
C SER JE 38 -162.62 81.61 34.77
N THR JE 39 -161.51 81.88 35.48
CA THR JE 39 -160.55 82.86 35.00
C THR JE 39 -159.82 82.35 33.77
N ALA JE 40 -159.29 81.13 33.83
CA ALA JE 40 -158.46 80.61 32.75
C ALA JE 40 -159.23 80.43 31.45
N MET JE 41 -160.47 79.93 31.55
CA MET JE 41 -161.25 79.63 30.35
C MET JE 41 -161.49 80.90 29.53
N ALA JE 42 -161.92 81.98 30.20
CA ALA JE 42 -162.18 83.23 29.49
C ALA JE 42 -160.89 83.98 29.20
N ASN JE 43 -159.86 83.74 30.01
CA ASN JE 43 -158.57 84.46 29.84
C ASN JE 43 -157.77 84.13 28.58
N VAL JE 44 -157.23 82.91 28.51
CA VAL JE 44 -156.50 82.48 27.27
C VAL JE 44 -156.98 81.03 27.11
N ARG JE 45 -157.51 80.69 25.93
CA ARG JE 45 -157.96 79.31 25.67
C ARG JE 45 -157.10 78.73 24.53
N GLN JE 46 -156.54 77.53 24.75
CA GLN JE 46 -155.67 76.91 23.73
C GLN JE 46 -156.31 75.58 23.26
N ILE JE 47 -156.41 75.37 21.95
CA ILE JE 47 -156.97 74.10 21.41
C ILE JE 47 -155.86 73.39 20.59
N SER JE 48 -155.60 72.12 20.87
CA SER JE 48 -154.53 71.38 20.15
C SER JE 48 -155.15 70.22 19.36
N ASN JE 49 -154.82 70.11 18.07
CA ASN JE 49 -155.38 69.03 17.22
C ASN JE 49 -154.99 67.67 17.79
N LYS JE 50 -153.77 67.56 18.33
CA LYS JE 50 -153.28 66.25 18.82
C LYS JE 50 -153.05 66.28 20.34
N GLN JE 51 -152.32 67.27 20.85
CA GLN JE 51 -151.98 67.24 22.26
C GLN JE 51 -153.22 67.20 23.15
N LEU JE 52 -154.24 68.00 22.82
CA LEU JE 52 -155.47 68.01 23.61
C LEU JE 52 -156.17 66.66 23.55
N THR JE 53 -156.23 66.05 22.36
CA THR JE 53 -156.85 64.73 22.24
C THR JE 53 -156.07 63.68 23.01
N ASP JE 54 -154.73 63.71 22.94
CA ASP JE 54 -153.93 62.76 23.69
C ASP JE 54 -154.14 62.92 25.19
N VAL JE 55 -154.18 64.17 25.67
CA VAL JE 55 -154.40 64.42 27.09
C VAL JE 55 -155.78 63.95 27.51
N LEU JE 56 -156.80 64.20 26.69
CA LEU JE 56 -158.16 63.76 27.02
C LEU JE 56 -158.23 62.24 27.09
N SER JE 57 -157.59 61.55 26.13
CA SER JE 57 -157.58 60.10 26.15
C SER JE 57 -156.87 59.57 27.39
N GLU JE 58 -155.73 60.17 27.74
CA GLU JE 58 -155.01 59.74 28.93
C GLU JE 58 -155.83 59.96 30.20
N PHE JE 59 -156.53 61.09 30.29
CA PHE JE 59 -157.38 61.36 31.45
C PHE JE 59 -158.53 60.37 31.52
N GLU JE 60 -159.15 60.06 30.39
CA GLU JE 60 -160.28 59.13 30.37
C GLU JE 60 -159.84 57.72 30.71
N GLN JE 61 -158.58 57.40 30.45
CA GLN JE 61 -158.10 56.01 30.70
C GLN JE 61 -157.27 55.94 31.98
N GLU JE 62 -156.97 57.08 32.62
CA GLU JE 62 -156.05 57.03 33.78
C GLU JE 62 -156.60 56.19 34.95
N ALA JE 63 -157.88 56.33 35.31
CA ALA JE 63 -158.45 55.44 36.36
C ALA JE 63 -159.97 55.33 36.27
N GLU JE 64 -160.55 54.22 36.77
CA GLU JE 64 -162.03 54.12 36.87
C GLU JE 64 -162.46 54.45 38.30
N GLN JE 65 -161.50 54.75 39.19
CA GLN JE 65 -161.80 55.00 40.63
C GLN JE 65 -162.71 56.22 40.83
N PHE JE 66 -162.47 57.29 40.06
CA PHE JE 66 -163.22 58.56 40.28
C PHE JE 66 -164.71 58.33 40.04
N ALA JE 67 -165.08 57.54 39.04
CA ALA JE 67 -166.51 57.42 38.68
C ALA JE 67 -167.34 56.85 39.84
N ALA JE 68 -166.84 55.86 40.58
CA ALA JE 68 -167.68 55.21 41.62
C ALA JE 68 -167.61 55.91 42.98
N LEU JE 69 -166.45 55.93 43.62
CA LEU JE 69 -166.33 56.48 44.97
C LEU JE 69 -166.86 57.89 45.04
N ASN JE 70 -166.53 58.72 44.03
CA ASN JE 70 -166.97 60.10 44.02
C ASN JE 70 -168.45 60.23 43.68
N ILE JE 71 -169.04 59.21 43.08
CA ILE JE 71 -170.47 59.25 42.72
C ILE JE 71 -171.31 59.34 43.97
N ASN JE 72 -171.00 58.52 44.97
CA ASN JE 72 -171.72 58.50 46.23
C ASN JE 72 -170.73 58.23 47.36
N ALA JE 73 -170.30 59.33 48.03
CA ALA JE 73 -169.39 59.20 49.16
C ALA JE 73 -170.04 59.72 50.44
N ASN JE 74 -170.52 60.96 50.41
CA ASN JE 74 -171.11 61.55 51.61
C ASN JE 74 -172.50 60.97 51.90
N GLU JE 75 -173.30 60.74 50.85
CA GLU JE 75 -174.63 60.18 51.05
C GLU JE 75 -174.56 58.79 51.65
N TYR JE 76 -173.64 57.96 51.15
CA TYR JE 76 -173.49 56.62 51.69
C TYR JE 76 -173.06 56.65 53.16
N LEU JE 77 -172.12 57.53 53.50
CA LEU JE 77 -171.67 57.65 54.88
C LEU JE 77 -172.81 58.11 55.79
N ARG JE 78 -173.60 59.08 55.32
CA ARG JE 78 -174.74 59.55 56.12
C ARG JE 78 -175.77 58.45 56.31
N SER JE 79 -176.07 57.68 55.26
CA SER JE 79 -177.03 56.58 55.39
C SER JE 79 -176.52 55.52 56.36
N VAL JE 80 -175.22 55.19 56.27
CA VAL JE 80 -174.63 54.22 57.17
C VAL JE 80 -174.70 54.70 58.61
N LEU JE 81 -174.39 55.98 58.85
CA LEU JE 81 -174.47 56.52 60.20
C LEU JE 81 -175.90 56.50 60.73
N VAL JE 82 -176.86 56.82 59.88
CA VAL JE 82 -178.27 56.82 60.31
C VAL JE 82 -178.71 55.39 60.66
N LYS JE 83 -178.35 54.43 59.81
CA LYS JE 83 -178.83 53.06 60.02
C LYS JE 83 -178.05 52.35 61.13
N ALA JE 84 -176.85 52.84 61.44
CA ALA JE 84 -175.98 52.12 62.37
C ALA JE 84 -176.47 52.22 63.80
N LEU JE 85 -176.52 53.45 64.35
CA LEU JE 85 -176.87 53.66 65.75
C LEU JE 85 -178.22 54.34 65.87
N GLY JE 86 -178.42 55.49 65.22
CA GLY JE 86 -179.68 56.20 65.31
C GLY JE 86 -179.54 57.60 64.77
N GLU JE 87 -180.67 58.29 64.69
CA GLU JE 87 -180.66 59.66 64.17
C GLU JE 87 -179.84 60.59 65.04
N GLU JE 88 -179.96 60.46 66.37
CA GLU JE 88 -179.20 61.31 67.28
C GLU JE 88 -177.71 61.09 67.15
N ARG JE 89 -177.27 59.83 67.07
CA ARG JE 89 -175.86 59.54 66.92
C ARG JE 89 -175.35 59.86 65.52
N ALA JE 90 -176.22 59.71 64.51
CA ALA JE 90 -175.83 60.05 63.14
C ALA JE 90 -175.54 61.54 63.02
N SER JE 91 -176.33 62.38 63.69
CA SER JE 91 -176.08 63.82 63.66
C SER JE 91 -174.71 64.14 64.27
N SER JE 92 -174.37 63.52 65.40
CA SER JE 92 -173.08 63.76 66.01
C SER JE 92 -171.94 63.27 65.13
N LEU JE 93 -172.10 62.10 64.51
CA LEU JE 93 -171.06 61.58 63.62
C LEU JE 93 -170.87 62.49 62.42
N LEU JE 94 -171.97 62.97 61.82
CA LEU JE 94 -171.86 63.88 60.68
C LEU JE 94 -171.22 65.19 61.09
N GLU JE 95 -171.56 65.71 62.28
CA GLU JE 95 -170.94 66.93 62.77
C GLU JE 95 -169.44 66.76 62.96
N ASP JE 96 -169.03 65.62 63.53
CA ASP JE 96 -167.60 65.35 63.69
C ASP JE 96 -166.90 65.24 62.35
N ILE JE 97 -167.53 64.57 61.38
CA ILE JE 97 -166.93 64.43 60.06
C ILE JE 97 -166.77 65.79 59.40
N LEU JE 98 -167.78 66.64 59.51
CA LEU JE 98 -167.69 67.98 58.94
C LEU JE 98 -166.62 68.81 59.65
N GLU JE 99 -166.54 68.70 60.98
CA GLU JE 99 -165.54 69.45 61.73
C GLU JE 99 -164.13 68.95 61.47
N THR JE 100 -164.00 67.72 60.96
CA THR JE 100 -162.67 67.22 60.59
C THR JE 100 -162.02 68.12 59.54
N ARG JE 101 -162.82 68.72 58.66
CA ARG JE 101 -162.32 69.68 57.68
C ARG JE 101 -162.56 71.08 58.24
N ASP JE 102 -161.49 71.71 58.69
CA ASP JE 102 -161.56 73.02 59.32
C ASP JE 102 -161.35 74.12 58.27
N THR JE 103 -161.33 75.36 58.73
CA THR JE 103 -161.16 76.52 57.87
C THR JE 103 -159.91 77.29 58.28
N THR JE 104 -159.19 77.82 57.29
CA THR JE 104 -157.94 78.51 57.58
C THR JE 104 -158.20 79.90 58.16
N SER JE 105 -158.87 80.76 57.40
CA SER JE 105 -159.16 82.11 57.86
C SER JE 105 -160.09 82.09 59.05
N GLY JE 106 -159.76 82.89 60.07
CA GLY JE 106 -160.50 82.86 61.32
C GLY JE 106 -161.95 83.31 61.19
N ILE JE 107 -162.27 84.09 60.16
CA ILE JE 107 -163.64 84.56 60.00
C ILE JE 107 -164.59 83.39 59.81
N GLU JE 108 -164.22 82.44 58.96
CA GLU JE 108 -165.03 81.23 58.80
C GLU JE 108 -164.98 80.36 60.05
N THR JE 109 -163.86 80.34 60.77
CA THR JE 109 -163.80 79.59 62.01
C THR JE 109 -164.76 80.15 63.05
N LEU JE 110 -165.10 81.44 62.94
CA LEU JE 110 -166.11 82.00 63.83
C LEU JE 110 -167.52 81.40 63.81
N ASN JE 111 -167.94 80.83 62.66
CA ASN JE 111 -169.27 80.15 62.58
C ASN JE 111 -169.29 78.72 63.14
N PHE JE 112 -168.16 78.20 63.62
CA PHE JE 112 -168.12 76.86 64.26
C PHE JE 112 -168.15 77.06 65.77
N MET JE 113 -168.11 78.32 66.21
CA MET JE 113 -168.12 78.66 67.62
C MET JE 113 -169.60 78.71 68.00
N GLU JE 114 -169.85 78.62 69.30
CA GLU JE 114 -171.21 78.76 69.81
C GLU JE 114 -171.69 80.18 69.58
N PRO JE 115 -172.99 80.37 69.29
CA PRO JE 115 -173.50 81.73 69.07
C PRO JE 115 -173.22 82.75 70.16
N GLN JE 116 -173.33 82.35 71.44
CA GLN JE 116 -173.09 83.31 72.52
C GLN JE 116 -171.61 83.68 72.66
N SER JE 117 -170.72 82.71 72.40
CA SER JE 117 -169.29 83.00 72.47
C SER JE 117 -168.96 84.02 71.40
N ALA JE 118 -169.46 83.81 70.17
CA ALA JE 118 -169.21 84.77 69.11
C ALA JE 118 -169.86 86.11 69.41
N ALA JE 119 -171.08 86.10 69.94
CA ALA JE 119 -171.75 87.35 70.28
C ALA JE 119 -170.99 88.13 71.33
N ASP JE 120 -170.46 87.44 72.34
CA ASP JE 120 -169.64 88.12 73.33
C ASP JE 120 -168.33 88.60 72.73
N LEU JE 121 -167.75 87.84 71.80
CA LEU JE 121 -166.47 88.21 71.22
C LEU JE 121 -166.58 89.47 70.36
N ILE JE 122 -167.64 89.59 69.56
CA ILE JE 122 -167.74 90.68 68.61
C ILE JE 122 -168.73 91.75 69.02
N ARG JE 123 -169.25 91.70 70.24
CA ARG JE 123 -170.19 92.73 70.68
C ARG JE 123 -169.51 94.10 70.77
N ASP JE 124 -168.27 94.14 71.27
CA ASP JE 124 -167.60 95.41 71.50
C ASP JE 124 -167.00 96.00 70.23
N GLU JE 125 -166.96 95.24 69.14
CA GLU JE 125 -166.35 95.72 67.92
C GLU JE 125 -167.18 96.83 67.30
N HIS JE 126 -166.56 97.55 66.37
CA HIS JE 126 -167.26 98.61 65.64
C HIS JE 126 -168.39 98.01 64.83
N PRO JE 127 -169.54 98.70 64.74
CA PRO JE 127 -170.69 98.11 64.04
C PRO JE 127 -170.40 97.70 62.61
N GLN JE 128 -169.60 98.48 61.89
CA GLN JE 128 -169.24 98.08 60.53
C GLN JE 128 -168.41 96.81 60.49
N ILE JE 129 -167.51 96.62 61.46
CA ILE JE 129 -166.74 95.40 61.51
C ILE JE 129 -167.63 94.20 61.84
N ILE JE 130 -168.61 94.41 62.72
CA ILE JE 130 -169.59 93.37 63.01
C ILE JE 130 -170.30 93.01 61.73
N ALA JE 131 -170.74 94.01 60.97
CA ALA JE 131 -171.46 93.76 59.73
C ALA JE 131 -170.61 93.00 58.74
N THR JE 132 -169.33 93.38 58.61
CA THR JE 132 -168.42 92.69 57.71
C THR JE 132 -168.27 91.23 58.12
N ILE JE 133 -168.12 90.99 59.42
CA ILE JE 133 -168.02 89.58 59.92
C ILE JE 133 -169.30 88.82 59.52
N LEU JE 134 -170.47 89.44 59.68
CA LEU JE 134 -171.75 88.73 59.44
C LEU JE 134 -171.92 88.25 57.99
N VAL JE 135 -171.54 89.05 56.99
CA VAL JE 135 -171.81 88.66 55.58
C VAL JE 135 -170.77 87.57 55.25
N HIS JE 136 -169.62 87.58 55.93
CA HIS JE 136 -168.62 86.49 55.71
C HIS JE 136 -169.03 85.26 56.54
N LEU JE 137 -169.77 85.48 57.63
CA LEU JE 137 -170.21 84.35 58.49
C LEU JE 137 -171.41 83.65 57.84
N LYS JE 138 -171.65 82.39 58.23
CA LYS JE 138 -172.82 81.64 57.71
C LYS JE 138 -174.10 82.38 58.13
N ARG JE 139 -175.11 82.41 57.25
CA ARG JE 139 -176.34 83.19 57.54
C ARG JE 139 -177.01 82.69 58.83
N SER JE 140 -177.16 81.38 59.00
CA SER JE 140 -177.87 80.84 60.18
C SER JE 140 -177.19 81.38 61.45
N GLN JE 141 -175.85 81.29 61.51
CA GLN JE 141 -175.11 81.72 62.72
C GLN JE 141 -175.35 83.22 62.94
N ALA JE 142 -175.21 84.01 61.88
CA ALA JE 142 -175.36 85.46 62.00
C ALA JE 142 -176.72 85.82 62.55
N ALA JE 143 -177.77 85.09 62.15
CA ALA JE 143 -179.10 85.36 62.67
C ALA JE 143 -179.16 85.10 64.17
N ASP JE 144 -178.55 83.99 64.62
CA ASP JE 144 -178.51 83.72 66.05
C ASP JE 144 -177.74 84.79 66.80
N ILE JE 145 -176.60 85.22 66.24
CA ILE JE 145 -175.80 86.26 66.89
C ILE JE 145 -176.58 87.56 67.07
N LEU JE 146 -177.28 87.99 66.03
CA LEU JE 146 -178.09 89.20 66.12
C LEU JE 146 -179.25 89.04 67.11
N ALA JE 147 -179.78 87.82 67.20
CA ALA JE 147 -180.82 87.54 68.18
C ALA JE 147 -180.30 87.78 69.59
N LEU JE 148 -179.05 87.38 69.83
CA LEU JE 148 -178.43 87.57 71.17
C LEU JE 148 -178.00 89.03 71.35
N PHE JE 149 -177.94 89.80 70.26
CA PHE JE 149 -177.44 91.20 70.35
C PHE JE 149 -178.52 92.13 70.88
N ASP JE 150 -178.14 93.19 71.61
CA ASP JE 150 -179.11 94.18 72.05
C ASP JE 150 -179.87 94.73 70.85
N GLU JE 151 -181.10 95.19 71.11
CA GLU JE 151 -181.97 95.62 70.03
C GLU JE 151 -181.40 96.83 69.29
N ARG JE 152 -180.77 97.76 70.02
CA ARG JE 152 -180.16 98.90 69.35
C ARG JE 152 -179.03 98.46 68.43
N LEU JE 153 -178.11 97.66 68.96
CA LEU JE 153 -177.02 97.12 68.14
C LEU JE 153 -177.57 96.25 67.03
N ARG JE 154 -178.62 95.47 67.31
CA ARG JE 154 -179.22 94.64 66.27
C ARG JE 154 -179.72 95.47 65.11
N HIS JE 155 -180.50 96.53 65.39
CA HIS JE 155 -181.00 97.39 64.33
C HIS JE 155 -179.87 98.08 63.58
N ASP JE 156 -178.87 98.58 64.32
CA ASP JE 156 -177.77 99.28 63.67
C ASP JE 156 -177.03 98.34 62.73
N VAL JE 157 -176.71 97.13 63.20
CA VAL JE 157 -175.95 96.20 62.38
C VAL JE 157 -176.77 95.75 61.18
N MET JE 158 -178.08 95.55 61.37
CA MET JE 158 -178.93 95.17 60.24
C MET JE 158 -178.96 96.27 59.20
N LEU JE 159 -179.06 97.53 59.64
CA LEU JE 159 -179.03 98.64 58.70
C LEU JE 159 -177.70 98.68 57.94
N ARG JE 160 -176.59 98.46 58.64
CA ARG JE 160 -175.29 98.42 57.97
C ARG JE 160 -175.24 97.27 56.96
N ILE JE 161 -175.85 96.14 57.30
CA ILE JE 161 -175.91 95.00 56.39
C ILE JE 161 -176.67 95.38 55.12
N ALA JE 162 -177.78 96.10 55.27
CA ALA JE 162 -178.60 96.45 54.12
C ALA JE 162 -177.82 97.31 53.13
N THR JE 163 -177.06 98.29 53.63
CA THR JE 163 -176.37 99.25 52.79
C THR JE 163 -174.85 99.04 52.75
N PHE JE 164 -174.41 97.78 52.77
CA PHE JE 164 -172.98 97.50 52.74
C PHE JE 164 -172.37 97.99 51.43
N GLY JE 165 -171.13 98.44 51.51
CA GLY JE 165 -170.48 99.04 50.35
C GLY JE 165 -169.11 98.49 50.02
N GLY JE 166 -168.76 97.34 50.56
CA GLY JE 166 -167.50 96.72 50.23
C GLY JE 166 -166.26 97.15 51.01
N VAL JE 167 -165.44 96.21 51.42
CA VAL JE 167 -164.26 96.50 52.20
C VAL JE 167 -162.97 96.66 51.42
N GLN JE 168 -162.04 97.44 51.97
CA GLN JE 168 -160.73 97.58 51.34
C GLN JE 168 -160.04 96.25 51.61
N PRO JE 169 -159.27 95.75 50.65
CA PRO JE 169 -158.57 94.46 50.87
C PRO JE 169 -157.62 94.51 52.06
N ALA JE 170 -156.96 95.64 52.29
CA ALA JE 170 -156.04 95.74 53.42
C ALA JE 170 -156.79 95.61 54.74
N ALA JE 171 -157.94 96.29 54.87
CA ALA JE 171 -158.72 96.20 56.09
C ALA JE 171 -159.25 94.78 56.32
N LEU JE 172 -159.71 94.14 55.24
CA LEU JE 172 -160.19 92.77 55.36
C LEU JE 172 -159.07 91.83 55.79
N ALA JE 173 -157.88 91.99 55.21
CA ALA JE 173 -156.74 91.17 55.62
C ALA JE 173 -156.37 91.43 57.07
N GLU JE 174 -156.45 92.68 57.50
CA GLU JE 174 -156.14 93.01 58.88
C GLU JE 174 -157.12 92.35 59.84
N LEU JE 175 -158.41 92.43 59.53
CA LEU JE 175 -159.41 91.74 60.35
C LEU JE 175 -159.18 90.24 60.35
N THR JE 176 -158.86 89.69 59.18
CA THR JE 176 -158.63 88.23 59.07
C THR JE 176 -157.50 87.85 60.01
N GLU JE 177 -156.35 88.51 59.89
CA GLU JE 177 -155.17 88.14 60.72
C GLU JE 177 -155.50 88.35 62.21
N VAL JE 178 -156.19 89.45 62.54
CA VAL JE 178 -156.58 89.70 63.96
C VAL JE 178 -157.46 88.54 64.43
N LEU JE 179 -158.52 88.25 63.69
CA LEU JE 179 -159.45 87.21 64.12
C LEU JE 179 -158.76 85.86 64.19
N ASN JE 180 -157.79 85.60 63.31
CA ASN JE 180 -157.05 84.36 63.37
C ASN JE 180 -156.26 84.24 64.67
N GLY JE 181 -155.57 85.31 65.06
CA GLY JE 181 -154.78 85.28 66.28
C GLY JE 181 -155.62 85.06 67.53
N LEU JE 182 -156.94 85.27 67.43
CA LEU JE 182 -157.80 85.08 68.59
C LEU JE 182 -158.39 83.67 68.63
N LEU JE 183 -158.80 83.17 67.46
CA LEU JE 183 -159.50 81.86 67.45
C LEU JE 183 -158.54 80.69 67.23
N ASP JE 184 -157.45 80.87 66.48
CA ASP JE 184 -156.59 79.70 66.19
C ASP JE 184 -156.02 79.16 67.51
N GLY JE 185 -155.59 80.06 68.41
CA GLY JE 185 -155.12 79.61 69.74
C GLY JE 185 -156.23 78.97 70.54
N GLN JE 186 -157.44 79.55 70.50
CA GLN JE 186 -158.56 79.04 71.32
C GLN JE 186 -159.02 77.65 70.86
N ASN JE 187 -159.40 76.77 71.80
CA ASN JE 187 -159.98 75.47 71.38
C ASN JE 187 -161.31 75.78 70.69
N LEU JE 188 -161.65 75.06 69.61
CA LEU JE 188 -162.88 75.43 68.87
C LEU JE 188 -163.79 74.20 68.68
N LYS JE 189 -163.79 73.25 69.64
CA LYS JE 189 -164.73 72.14 69.47
C LYS JE 189 -165.27 71.70 70.82
N ARG JE 190 -166.19 72.51 71.35
CA ARG JE 190 -166.87 72.18 72.59
C ARG JE 190 -167.73 70.93 72.39
N SER JE 191 -167.32 69.83 73.01
CA SER JE 191 -168.05 68.57 72.87
C SER JE 191 -169.29 68.60 73.74
N LYS JE 192 -170.46 68.40 73.13
CA LYS JE 192 -171.73 68.41 73.85
C LYS JE 192 -172.21 66.98 73.98
N MET JE 193 -172.13 66.44 75.19
CA MET JE 193 -172.55 65.07 75.49
C MET JE 193 -173.64 65.14 76.57
N GLY JE 194 -174.85 64.71 76.22
CA GLY JE 194 -175.94 64.68 77.22
C GLY JE 194 -176.84 65.91 77.11
N GLY JE 195 -178.00 65.77 76.46
CA GLY JE 195 -178.93 66.87 76.36
C GLY JE 195 -180.20 66.55 77.12
N VAL JE 196 -181.28 66.31 76.41
CA VAL JE 196 -182.56 65.90 76.99
C VAL JE 196 -182.91 64.43 76.74
N ARG JE 197 -182.39 63.88 75.65
CA ARG JE 197 -182.58 62.46 75.35
C ARG JE 197 -181.87 61.73 76.48
N THR JE 198 -180.65 62.14 76.81
CA THR JE 198 -179.92 61.48 77.89
C THR JE 198 -180.61 61.68 79.23
N ALA JE 199 -181.14 62.89 79.47
CA ALA JE 199 -181.86 63.13 80.71
C ALA JE 199 -183.11 62.26 80.81
N ALA JE 200 -183.85 62.12 79.71
CA ALA JE 200 -185.03 61.26 79.71
C ALA JE 200 -184.65 59.81 79.95
N GLU JE 201 -183.57 59.35 79.32
CA GLU JE 201 -183.12 57.98 79.54
C GLU JE 201 -182.71 57.75 80.98
N ILE JE 202 -182.03 58.72 81.58
CA ILE JE 202 -181.64 58.61 82.99
C ILE JE 202 -182.88 58.55 83.87
N ILE JE 203 -183.86 59.42 83.60
CA ILE JE 203 -185.07 59.47 84.41
C ILE JE 203 -185.84 58.16 84.32
N ASN JE 204 -185.94 57.60 83.12
CA ASN JE 204 -186.77 56.42 82.89
C ASN JE 204 -186.30 55.20 83.68
N LEU JE 205 -185.06 55.17 84.16
CA LEU JE 205 -184.52 54.00 84.85
C LEU JE 205 -184.49 54.10 86.36
N MET JE 206 -185.07 55.14 86.96
CA MET JE 206 -185.06 55.29 88.41
C MET JE 206 -186.45 55.07 88.97
N LYS JE 207 -186.56 55.17 90.28
CA LYS JE 207 -187.82 54.91 90.97
C LYS JE 207 -188.91 55.89 90.59
N THR JE 208 -190.16 55.44 90.69
CA THR JE 208 -191.29 56.26 90.27
C THR JE 208 -191.42 57.52 91.11
N GLN JE 209 -191.21 57.42 92.43
CA GLN JE 209 -191.32 58.59 93.28
C GLN JE 209 -190.25 59.63 92.93
N GLN JE 210 -189.02 59.19 92.74
CA GLN JE 210 -187.98 60.11 92.29
C GLN JE 210 -188.27 60.63 90.88
N GLU JE 211 -188.88 59.80 90.03
CA GLU JE 211 -189.24 60.25 88.69
C GLU JE 211 -190.22 61.42 88.76
N GLU JE 212 -191.30 61.26 89.53
CA GLU JE 212 -192.27 62.34 89.63
C GLU JE 212 -191.67 63.57 90.31
N ALA JE 213 -190.82 63.37 91.32
CA ALA JE 213 -190.17 64.49 91.98
C ALA JE 213 -189.33 65.29 91.00
N VAL JE 214 -188.51 64.60 90.20
CA VAL JE 214 -187.64 65.34 89.28
C VAL JE 214 -188.44 65.99 88.16
N ILE JE 215 -189.49 65.34 87.65
CA ILE JE 215 -190.23 65.96 86.56
C ILE JE 215 -191.00 67.17 87.06
N THR JE 216 -191.54 67.10 88.28
CA THR JE 216 -192.23 68.28 88.81
C THR JE 216 -191.24 69.39 89.14
N ALA JE 217 -190.03 69.05 89.57
CA ALA JE 217 -189.01 70.08 89.79
C ALA JE 217 -188.66 70.77 88.48
N VAL JE 218 -188.48 69.99 87.41
CA VAL JE 218 -188.17 70.57 86.11
C VAL JE 218 -189.33 71.45 85.64
N ARG JE 219 -190.56 70.98 85.82
CA ARG JE 219 -191.73 71.77 85.43
C ARG JE 219 -191.79 73.08 86.19
N GLU JE 220 -191.45 73.04 87.49
CA GLU JE 220 -191.35 74.28 88.25
C GLU JE 220 -190.29 75.20 87.68
N PHE JE 221 -189.14 74.64 87.29
CA PHE JE 221 -188.11 75.46 86.66
C PHE JE 221 -188.53 76.01 85.30
N ASP JE 222 -189.11 75.16 84.45
CA ASP JE 222 -189.54 75.53 83.13
C ASP JE 222 -190.47 74.44 82.63
N GLY JE 223 -191.70 74.82 82.29
CA GLY JE 223 -192.67 73.83 81.82
C GLY JE 223 -192.35 73.23 80.46
N GLU JE 224 -191.79 74.03 79.56
CA GLU JE 224 -191.46 73.55 78.23
C GLU JE 224 -190.40 72.45 78.29
N LEU JE 225 -189.38 72.62 79.13
CA LEU JE 225 -188.37 71.59 79.27
C LEU JE 225 -188.96 70.31 79.83
N ALA JE 226 -189.86 70.42 80.81
CA ALA JE 226 -190.51 69.24 81.36
C ALA JE 226 -191.34 68.50 80.32
N GLN JE 227 -192.08 69.23 79.49
CA GLN JE 227 -192.87 68.59 78.45
C GLN JE 227 -191.98 67.93 77.40
N LYS JE 228 -190.87 68.56 77.05
CA LYS JE 228 -189.95 67.96 76.09
C LYS JE 228 -189.34 66.70 76.67
N ILE JE 229 -189.01 66.73 77.97
CA ILE JE 229 -188.48 65.54 78.64
C ILE JE 229 -189.52 64.43 78.64
N ILE JE 230 -190.77 64.76 78.92
CA ILE JE 230 -191.83 63.77 78.91
C ILE JE 230 -192.06 63.15 77.54
N ASP JE 231 -191.97 63.97 76.49
CA ASP JE 231 -192.15 63.45 75.13
C ASP JE 231 -190.97 62.55 74.74
N GLU JE 232 -189.76 62.93 75.13
CA GLU JE 232 -188.60 62.13 74.82
C GLU JE 232 -188.65 60.89 75.72
N MET JE 233 -189.39 60.95 76.82
CA MET JE 233 -189.47 59.81 77.73
C MET JE 233 -190.03 58.57 77.04
N PHE JE 234 -191.16 58.74 76.34
CA PHE JE 234 -191.81 57.65 75.62
C PHE JE 234 -191.99 58.04 74.16
N LEU JE 235 -191.11 57.53 73.30
CA LEU JE 235 -191.19 57.81 71.88
C LEU JE 235 -192.25 56.94 71.21
N PHE JE 236 -192.53 57.23 69.95
CA PHE JE 236 -193.51 56.46 69.21
C PHE JE 236 -192.88 55.18 68.64
N GLU JE 237 -192.19 54.44 69.50
CA GLU JE 237 -191.62 53.14 69.13
C GLU JE 237 -191.82 52.07 70.19
N ASN JE 238 -192.18 52.42 71.42
CA ASN JE 238 -192.41 51.45 72.48
C ASN JE 238 -193.86 51.01 72.56
N LEU JE 239 -194.71 51.49 71.65
CA LEU JE 239 -196.11 51.08 71.65
C LEU JE 239 -196.27 49.58 71.41
N VAL JE 240 -195.28 48.94 70.78
CA VAL JE 240 -195.32 47.50 70.60
C VAL JE 240 -195.26 46.77 71.93
N ASP JE 241 -194.67 47.39 72.97
CA ASP JE 241 -194.57 46.78 74.29
C ASP JE 241 -195.79 47.06 75.16
N VAL JE 242 -196.77 47.80 74.66
CA VAL JE 242 -197.97 48.09 75.43
C VAL JE 242 -198.87 46.86 75.45
N ASP JE 243 -199.57 46.66 76.56
CA ASP JE 243 -200.45 45.51 76.69
C ASP JE 243 -201.65 45.63 75.77
N ASP JE 244 -202.21 44.47 75.42
CA ASP JE 244 -203.38 44.46 74.54
C ASP JE 244 -204.57 45.13 75.19
N ARG JE 245 -204.76 44.91 76.50
CA ARG JE 245 -205.86 45.56 77.20
C ARG JE 245 -205.68 47.07 77.21
N SER JE 246 -204.46 47.55 77.42
CA SER JE 246 -204.20 48.98 77.39
C SER JE 246 -204.47 49.55 75.99
N ILE JE 247 -204.08 48.82 74.95
CA ILE JE 247 -204.34 49.26 73.59
C ILE JE 247 -205.84 49.35 73.33
N GLN JE 248 -206.60 48.34 73.77
CA GLN JE 248 -208.06 48.37 73.58
C GLN JE 248 -208.68 49.53 74.35
N ARG JE 249 -208.22 49.78 75.57
CA ARG JE 249 -208.76 50.89 76.35
C ARG JE 249 -208.44 52.23 75.69
N LEU JE 250 -207.23 52.39 75.14
CA LEU JE 250 -206.87 53.64 74.51
C LEU JE 250 -207.56 53.81 73.15
N LEU JE 251 -207.96 52.70 72.53
CA LEU JE 251 -208.64 52.79 71.24
C LEU JE 251 -209.97 53.52 71.36
N GLN JE 252 -210.60 53.50 72.53
CA GLN JE 252 -211.87 54.17 72.74
C GLN JE 252 -211.76 55.69 72.69
N GLU JE 253 -210.56 56.24 72.84
CA GLU JE 253 -210.36 57.68 72.83
C GLU JE 253 -209.52 58.16 71.66
N VAL JE 254 -209.19 57.29 70.71
CA VAL JE 254 -208.36 57.65 69.57
C VAL JE 254 -209.24 57.81 68.34
N ASP JE 255 -209.13 58.96 67.68
CA ASP JE 255 -209.89 59.19 66.45
C ASP JE 255 -209.38 58.28 65.34
N SER JE 256 -210.32 57.77 64.53
CA SER JE 256 -209.94 56.85 63.46
C SER JE 256 -209.03 57.53 62.44
N GLU JE 257 -209.36 58.76 62.05
CA GLU JE 257 -208.54 59.47 61.07
C GLU JE 257 -207.15 59.76 61.63
N SER JE 258 -207.08 60.24 62.87
CA SER JE 258 -205.77 60.53 63.48
C SER JE 258 -204.96 59.25 63.66
N LEU JE 259 -205.61 58.17 64.10
CA LEU JE 259 -204.90 56.91 64.26
C LEU JE 259 -204.38 56.39 62.93
N LEU JE 260 -205.19 56.49 61.87
CA LEU JE 260 -204.75 56.05 60.55
C LEU JE 260 -203.58 56.90 60.05
N ILE JE 261 -203.64 58.21 60.27
CA ILE JE 261 -202.56 59.09 59.85
C ILE JE 261 -201.28 58.74 60.59
N ALA JE 262 -201.38 58.51 61.90
CA ALA JE 262 -200.20 58.14 62.68
C ALA JE 262 -199.63 56.80 62.25
N LEU JE 263 -200.49 55.82 61.97
CA LEU JE 263 -200.04 54.48 61.61
C LEU JE 263 -199.71 54.33 60.14
N LYS JE 264 -199.91 55.38 59.33
CA LYS JE 264 -199.54 55.30 57.92
C LYS JE 264 -198.04 55.09 57.75
N GLY JE 265 -197.23 55.80 58.53
CA GLY JE 265 -195.79 55.64 58.51
C GLY JE 265 -195.23 54.76 59.60
N ALA JE 266 -196.08 54.10 60.40
CA ALA JE 266 -195.62 53.27 61.48
C ALA JE 266 -195.12 51.92 60.94
N GLU JE 267 -194.44 51.18 61.80
CA GLU JE 267 -193.94 49.86 61.42
C GLU JE 267 -195.10 48.89 61.23
N PRO JE 268 -194.98 47.94 60.30
CA PRO JE 268 -196.06 46.97 60.08
C PRO JE 268 -196.36 46.19 61.35
N PRO JE 269 -195.34 45.84 62.13
CA PRO JE 269 -195.61 45.15 63.40
C PRO JE 269 -196.46 45.97 64.36
N LEU JE 270 -196.22 47.28 64.43
CA LEU JE 270 -197.03 48.13 65.30
C LEU JE 270 -198.48 48.18 64.82
N ARG JE 271 -198.68 48.28 63.49
CA ARG JE 271 -200.04 48.28 62.96
C ARG JE 271 -200.74 46.96 63.23
N GLU JE 272 -200.03 45.84 63.09
CA GLU JE 272 -200.63 44.55 63.36
C GLU JE 272 -200.98 44.41 64.84
N LYS JE 273 -200.10 44.88 65.73
CA LYS JE 273 -200.38 44.81 67.16
C LYS JE 273 -201.57 45.69 67.54
N PHE JE 274 -201.67 46.87 66.93
CA PHE JE 274 -202.75 47.81 67.23
C PHE JE 274 -204.06 47.43 66.55
N LEU JE 275 -204.02 46.53 65.55
CA LEU JE 275 -205.22 46.10 64.86
C LEU JE 275 -205.87 44.89 65.51
N ARG JE 276 -205.27 44.34 66.57
CA ARG JE 276 -205.83 43.19 67.26
C ARG JE 276 -206.73 43.57 68.43
N ASN JE 277 -206.90 44.87 68.69
CA ASN JE 277 -207.74 45.33 69.79
C ASN JE 277 -209.14 45.74 69.35
N MET JE 278 -209.36 46.04 68.08
CA MET JE 278 -210.66 46.44 67.59
C MET JE 278 -211.37 45.24 66.96
N SER JE 279 -212.54 45.48 66.38
CA SER JE 279 -213.30 44.41 65.75
C SER JE 279 -212.67 44.04 64.41
N GLN JE 280 -213.08 42.87 63.90
CA GLN JE 280 -212.57 42.41 62.60
C GLN JE 280 -212.98 43.36 61.49
N ARG JE 281 -214.24 43.82 61.51
CA ARG JE 281 -214.68 44.80 60.52
C ARG JE 281 -213.93 46.11 60.67
N ALA JE 282 -213.70 46.56 61.91
CA ALA JE 282 -212.93 47.77 62.13
C ALA JE 282 -211.49 47.61 61.65
N ALA JE 283 -210.89 46.45 61.91
CA ALA JE 283 -209.52 46.21 61.44
C ALA JE 283 -209.46 46.21 59.92
N ASP JE 284 -210.44 45.58 59.26
CA ASP JE 284 -210.46 45.58 57.80
C ASP JE 284 -210.65 46.98 57.25
N ILE JE 285 -211.52 47.78 57.88
CA ILE JE 285 -211.73 49.16 57.44
C ILE JE 285 -210.46 49.97 57.61
N LEU JE 286 -209.76 49.81 58.74
CA LEU JE 286 -208.51 50.52 58.95
C LEU JE 286 -207.45 50.12 57.92
N ARG JE 287 -207.37 48.82 57.64
CA ARG JE 287 -206.41 48.36 56.63
C ARG JE 287 -206.73 48.92 55.25
N ASP JE 288 -208.01 48.94 54.89
CA ASP JE 288 -208.41 49.49 53.60
C ASP JE 288 -208.11 50.99 53.53
N ASP JE 289 -208.37 51.72 54.62
CA ASP JE 289 -208.08 53.15 54.64
C ASP JE 289 -206.59 53.40 54.53
N LEU JE 290 -205.77 52.60 55.22
CA LEU JE 290 -204.32 52.76 55.13
C LEU JE 290 -203.82 52.46 53.73
N ALA JE 291 -204.35 51.41 53.09
CA ALA JE 291 -203.96 51.09 51.73
C ALA JE 291 -204.35 52.19 50.75
N ASN JE 292 -205.56 52.74 50.93
CA ASN JE 292 -206.04 53.78 50.04
C ASN JE 292 -205.45 55.15 50.32
N ARG JE 293 -204.89 55.35 51.52
CA ARG JE 293 -204.32 56.64 51.87
C ARG JE 293 -203.01 56.87 51.12
N GLY JE 294 -202.90 58.02 50.46
CA GLY JE 294 -201.70 58.37 49.75
C GLY JE 294 -200.64 58.93 50.67
N PRO JE 295 -199.45 59.16 50.10
CA PRO JE 295 -198.37 59.75 50.90
C PRO JE 295 -198.73 61.14 51.40
N VAL JE 296 -198.30 61.45 52.62
CA VAL JE 296 -198.58 62.74 53.24
C VAL JE 296 -197.31 63.25 53.90
N ARG JE 297 -197.26 64.56 54.13
CA ARG JE 297 -196.12 65.16 54.80
C ARG JE 297 -196.04 64.67 56.24
N LEU JE 298 -194.82 64.49 56.72
CA LEU JE 298 -194.61 63.97 58.07
C LEU JE 298 -195.01 64.96 59.16
N SER JE 299 -195.24 66.23 58.81
CA SER JE 299 -195.59 67.22 59.81
C SER JE 299 -196.92 66.90 60.48
N GLN JE 300 -197.93 66.51 59.72
CA GLN JE 300 -199.23 66.16 60.28
C GLN JE 300 -199.24 64.79 60.92
N VAL JE 301 -198.51 63.83 60.35
CA VAL JE 301 -198.43 62.50 60.95
C VAL JE 301 -197.74 62.57 62.31
N GLU JE 302 -196.70 63.40 62.42
CA GLU JE 302 -196.03 63.58 63.69
C GLU JE 302 -196.97 64.19 64.73
N ASN JE 303 -197.79 65.17 64.33
CA ASN JE 303 -198.74 65.77 65.26
C ASN JE 303 -199.79 64.76 65.70
N GLU JE 304 -200.28 63.94 64.77
CA GLU JE 304 -201.26 62.91 65.13
C GLU JE 304 -200.65 61.89 66.08
N GLN JE 305 -199.41 61.46 65.82
CA GLN JE 305 -198.75 60.52 66.72
C GLN JE 305 -198.52 61.14 68.09
N LYS JE 306 -198.17 62.43 68.12
CA LYS JE 306 -197.99 63.12 69.40
C LYS JE 306 -199.30 63.18 70.18
N ALA JE 307 -200.41 63.46 69.50
CA ALA JE 307 -201.71 63.48 70.17
C ALA JE 307 -202.06 62.10 70.72
N ILE JE 308 -201.81 61.05 69.92
CA ILE JE 308 -202.11 59.69 70.36
C ILE JE 308 -201.25 59.33 71.57
N LEU JE 309 -199.96 59.68 71.53
CA LEU JE 309 -199.07 59.41 72.66
C LEU JE 309 -199.48 60.19 73.89
N LEU JE 310 -199.93 61.44 73.72
CA LEU JE 310 -200.39 62.22 74.86
C LEU JE 310 -201.63 61.58 75.49
N ILE JE 311 -202.56 61.11 74.64
CA ILE JE 311 -203.75 60.44 75.17
C ILE JE 311 -203.36 59.17 75.92
N VAL JE 312 -202.43 58.39 75.35
CA VAL JE 312 -202.01 57.14 76.00
C VAL JE 312 -201.33 57.45 77.33
N ARG JE 313 -200.48 58.48 77.36
CA ARG JE 313 -199.80 58.85 78.59
C ARG JE 313 -200.78 59.33 79.65
N ARG JE 314 -201.80 60.09 79.24
CA ARG JE 314 -202.82 60.53 80.17
C ARG JE 314 -203.58 59.34 80.74
N LEU JE 315 -203.92 58.37 79.89
CA LEU JE 315 -204.61 57.17 80.35
C LEU JE 315 -203.75 56.39 81.34
N ALA JE 316 -202.46 56.27 81.04
CA ALA JE 316 -201.55 55.54 81.93
C ALA JE 316 -201.40 56.27 83.26
N GLU JE 317 -201.28 57.60 83.23
CA GLU JE 317 -201.15 58.37 84.46
C GLU JE 317 -202.41 58.27 85.30
N THR JE 318 -203.58 58.25 84.65
CA THR JE 318 -204.83 58.06 85.38
C THR JE 318 -204.84 56.70 86.08
N GLY JE 319 -204.34 55.67 85.40
CA GLY JE 319 -204.26 54.34 85.98
C GLY JE 319 -205.10 53.33 85.24
N GLU JE 320 -205.42 53.62 83.97
CA GLU JE 320 -206.25 52.75 83.15
C GLU JE 320 -205.48 52.13 81.99
N MET JE 321 -204.18 51.99 82.13
CA MET JE 321 -203.35 51.40 81.07
C MET JE 321 -202.13 50.76 81.73
N VAL JE 322 -201.51 49.83 81.03
CA VAL JE 322 -200.33 49.13 81.52
C VAL JE 322 -199.42 48.81 80.34
N ILE JE 323 -198.23 48.27 80.64
CA ILE JE 323 -197.26 47.90 79.61
C ILE JE 323 -196.77 46.49 79.87
N GLY JE 324 -196.07 45.91 78.89
CA GLY JE 324 -195.55 44.57 79.02
C GLY JE 324 -194.75 44.11 77.81
N SER KE 33 -153.98 149.14 96.73
CA SER KE 33 -153.00 148.06 96.85
C SER KE 33 -153.67 146.70 96.82
N ASP KE 34 -153.35 145.91 95.79
CA ASP KE 34 -153.91 144.56 95.66
C ASP KE 34 -153.04 143.62 96.47
N ILE KE 35 -153.65 142.98 97.46
CA ILE KE 35 -152.96 142.04 98.33
C ILE KE 35 -153.92 140.92 98.71
N ARG KE 36 -153.69 139.73 98.20
CA ARG KE 36 -154.54 138.59 98.47
C ARG KE 36 -153.68 137.45 98.99
N PRO KE 37 -154.24 136.53 99.83
CA PRO KE 37 -153.45 135.42 100.44
C PRO KE 37 -152.93 134.49 99.36
N TYR KE 38 -151.76 133.91 99.61
CA TYR KE 38 -151.15 132.98 98.67
C TYR KE 38 -151.86 131.63 98.77
N ASP KE 39 -152.42 131.19 97.65
CA ASP KE 39 -153.05 129.88 97.57
C ASP KE 39 -152.25 129.00 96.63
N PRO KE 40 -151.67 127.90 97.10
CA PRO KE 40 -150.95 127.00 96.18
C PRO KE 40 -151.90 126.38 95.17
N ASN KE 41 -151.31 125.64 94.24
CA ASN KE 41 -151.97 124.92 93.14
C ASN KE 41 -152.92 125.81 92.35
N THR KE 42 -152.77 127.12 92.38
CA THR KE 42 -153.57 128.00 91.55
C THR KE 42 -152.82 128.34 90.27
N GLN KE 43 -153.57 128.46 89.17
CA GLN KE 43 -152.97 128.73 87.86
C GLN KE 43 -152.54 130.19 87.83
N ARG KE 44 -151.34 130.45 88.35
CA ARG KE 44 -150.79 131.79 88.39
C ARG KE 44 -149.65 132.01 87.41
N ARG KE 45 -149.09 130.94 86.84
CA ARG KE 45 -147.99 131.05 85.88
C ARG KE 45 -148.57 131.18 84.49
N VAL KE 46 -148.45 132.37 83.90
CA VAL KE 46 -148.94 132.65 82.56
C VAL KE 46 -147.75 132.96 81.68
N VAL KE 47 -147.54 132.15 80.63
CA VAL KE 47 -146.42 132.32 79.71
C VAL KE 47 -147.04 132.32 78.31
N ARG KE 48 -147.32 133.52 77.77
CA ARG KE 48 -147.92 133.67 76.46
C ARG KE 48 -146.81 134.08 75.49
N GLU KE 49 -146.65 133.29 74.43
CA GLU KE 49 -145.59 133.55 73.46
C GLU KE 49 -146.08 133.05 72.10
N ARG KE 50 -146.11 133.95 71.12
CA ARG KE 50 -146.49 133.58 69.77
C ARG KE 50 -145.41 132.68 69.16
N LEU KE 51 -145.84 131.61 68.50
CA LEU KE 51 -144.94 130.62 67.93
C LEU KE 51 -145.21 130.52 66.43
N GLN KE 52 -144.57 131.41 65.65
CA GLN KE 52 -144.83 131.47 64.22
C GLN KE 52 -144.34 130.20 63.52
N ALA KE 53 -143.15 129.73 63.90
CA ALA KE 53 -142.53 128.53 63.28
C ALA KE 53 -143.45 127.33 63.49
N LEU KE 54 -144.08 127.14 64.65
CA LEU KE 54 -145.09 126.12 64.87
C LEU KE 54 -146.35 126.44 64.07
N GLU KE 55 -146.68 127.73 63.94
CA GLU KE 55 -147.87 128.11 63.19
C GLU KE 55 -147.77 127.71 61.72
N ILE KE 56 -146.55 127.61 61.17
CA ILE KE 56 -146.43 127.20 59.78
C ILE KE 56 -146.21 125.69 59.69
N ILE KE 57 -145.55 125.12 60.70
CA ILE KE 57 -145.39 123.67 60.74
C ILE KE 57 -146.73 122.98 60.82
N ASN KE 58 -147.68 123.58 61.54
CA ASN KE 58 -149.01 122.99 61.64
C ASN KE 58 -149.71 122.89 60.29
N GLU KE 59 -149.66 123.96 59.48
CA GLU KE 59 -150.26 123.90 58.15
C GLU KE 59 -149.54 122.94 57.23
N ARG KE 60 -148.21 122.89 57.31
CA ARG KE 60 -147.46 121.95 56.47
C ARG KE 60 -147.88 120.53 56.82
N PHE KE 61 -147.93 120.22 58.12
CA PHE KE 61 -148.36 118.90 58.56
C PHE KE 61 -149.81 118.63 58.17
N ALA KE 62 -150.66 119.65 58.26
CA ALA KE 62 -152.05 119.45 57.89
C ALA KE 62 -152.20 119.11 56.42
N ARG KE 63 -151.44 119.78 55.55
CA ARG KE 63 -151.48 119.45 54.14
C ARG KE 63 -150.99 118.02 53.89
N GLN KE 64 -149.87 117.66 54.54
CA GLN KE 64 -149.36 116.29 54.37
C GLN KE 64 -150.35 115.26 54.86
N PHE KE 65 -150.99 115.52 56.01
CA PHE KE 65 -151.94 114.58 56.56
C PHE KE 65 -153.20 114.49 55.73
N ARG KE 66 -153.65 115.59 55.13
CA ARG KE 66 -154.78 115.52 54.22
C ARG KE 66 -154.63 114.62 53.00
N MET KE 67 -153.48 114.71 52.33
CA MET KE 67 -153.23 113.77 51.23
C MET KE 67 -153.00 112.31 51.66
N GLY KE 68 -152.44 112.15 52.86
CA GLY KE 68 -152.24 110.82 53.41
C GLY KE 68 -153.63 110.25 53.65
N LEU KE 69 -154.52 111.05 54.23
CA LEU KE 69 -155.88 110.59 54.48
C LEU KE 69 -156.62 110.34 53.16
N PHE KE 70 -156.38 111.18 52.15
CA PHE KE 70 -156.95 110.91 50.84
C PHE KE 70 -156.42 109.59 50.29
N ASN KE 71 -155.12 109.36 50.44
CA ASN KE 71 -154.53 108.12 49.95
C ASN KE 71 -155.11 106.91 50.66
N LEU KE 72 -155.42 107.03 51.95
CA LEU KE 72 -155.87 105.88 52.72
C LEU KE 72 -157.37 105.66 52.58
N LEU KE 73 -158.17 106.64 53.00
CA LEU KE 73 -159.62 106.49 53.06
C LEU KE 73 -160.30 106.52 51.70
N ARG KE 74 -159.57 106.88 50.65
CA ARG KE 74 -160.15 107.06 49.32
C ARG KE 74 -161.29 108.07 49.35
N ARG KE 75 -161.15 109.12 50.16
CA ARG KE 75 -162.12 110.20 50.27
C ARG KE 75 -161.36 111.51 50.32
N SER KE 76 -162.10 112.61 50.42
CA SER KE 76 -161.51 113.95 50.40
C SER KE 76 -161.71 114.65 51.72
N PRO KE 77 -160.78 114.53 52.66
CA PRO KE 77 -160.87 115.31 53.91
C PRO KE 77 -160.37 116.73 53.84
N ASP KE 78 -160.91 117.57 54.72
CA ASP KE 78 -160.40 118.94 54.88
C ASP KE 78 -160.03 119.11 56.34
N ILE KE 79 -158.80 119.58 56.57
CA ILE KE 79 -158.26 119.74 57.92
C ILE KE 79 -158.08 121.23 58.17
N THR KE 80 -158.74 121.73 59.20
CA THR KE 80 -158.62 123.12 59.63
C THR KE 80 -157.74 123.14 60.88
N VAL KE 81 -156.67 123.93 60.85
CA VAL KE 81 -155.77 124.03 61.98
C VAL KE 81 -156.33 125.03 62.97
N GLY KE 82 -156.53 124.60 64.21
CA GLY KE 82 -157.00 125.50 65.23
C GLY KE 82 -155.89 126.34 65.82
N ALA KE 83 -156.28 127.26 66.71
CA ALA KE 83 -155.30 128.11 67.36
C ALA KE 83 -154.47 127.30 68.34
N ILE KE 84 -153.16 127.53 68.32
CA ILE KE 84 -152.26 126.86 69.24
C ILE KE 84 -152.56 127.34 70.66
N ARG KE 85 -152.75 126.39 71.57
CA ARG KE 85 -153.08 126.72 72.96
C ARG KE 85 -151.90 126.37 73.88
N ILE KE 86 -151.44 127.37 74.63
CA ILE KE 86 -150.38 127.19 75.60
C ILE KE 86 -151.00 127.13 76.99
N GLN KE 87 -151.12 125.93 77.53
CA GLN KE 87 -151.96 125.71 78.71
C GLN KE 87 -151.33 124.71 79.65
N PRO KE 88 -151.68 124.75 80.94
CA PRO KE 88 -151.20 123.72 81.86
C PRO KE 88 -151.72 122.35 81.46
N TYR KE 89 -150.93 121.32 81.77
CA TYR KE 89 -151.25 119.98 81.32
C TYR KE 89 -152.59 119.42 81.79
N HIS KE 90 -153.00 119.77 83.01
CA HIS KE 90 -154.29 119.27 83.58
C HIS KE 90 -155.50 119.93 82.90
N GLU KE 91 -155.33 121.08 82.25
CA GLU KE 91 -156.39 121.71 81.46
C GLU KE 91 -156.54 120.85 80.21
N PHE KE 92 -155.42 120.52 79.56
CA PHE KE 92 -155.46 119.66 78.38
C PHE KE 92 -156.04 118.30 78.72
N ALA KE 93 -155.66 117.74 79.86
CA ALA KE 93 -156.18 116.43 80.25
C ALA KE 93 -157.68 116.48 80.51
N ARG KE 94 -158.16 117.52 81.20
CA ARG KE 94 -159.57 117.57 81.54
C ARG KE 94 -160.43 117.88 80.33
N ASN KE 95 -159.91 118.63 79.35
CA ASN KE 95 -160.71 118.92 78.17
C ASN KE 95 -160.87 117.68 77.29
N LEU KE 96 -159.97 116.71 77.42
CA LEU KE 96 -160.04 115.50 76.61
C LEU KE 96 -161.25 114.66 77.02
N PRO KE 97 -161.87 113.95 76.09
CA PRO KE 97 -162.94 113.03 76.43
C PRO KE 97 -162.39 111.67 76.85
N VAL KE 98 -163.28 110.84 77.36
CA VAL KE 98 -162.90 109.51 77.83
C VAL KE 98 -163.86 108.46 77.27
N PRO KE 99 -163.36 107.40 76.63
CA PRO KE 99 -161.96 107.13 76.31
C PRO KE 99 -161.52 107.85 75.04
N THR KE 100 -160.22 108.02 74.87
CA THR KE 100 -159.65 108.64 73.65
C THR KE 100 -158.32 107.98 73.43
N ASN KE 101 -157.98 107.57 72.21
CA ASN KE 101 -156.63 107.05 71.87
C ASN KE 101 -155.53 108.10 72.02
N LEU KE 102 -154.57 107.87 72.90
CA LEU KE 102 -153.39 108.77 73.12
C LEU KE 102 -152.15 108.06 72.54
N ASN KE 103 -151.28 108.70 71.78
CA ASN KE 103 -150.13 108.02 71.12
C ASN KE 103 -148.82 108.67 71.63
N LEU KE 104 -148.18 108.09 72.65
CA LEU KE 104 -146.93 108.67 73.12
C LEU KE 104 -145.89 108.57 72.01
N ILE KE 105 -145.26 109.69 71.70
CA ILE KE 105 -144.29 109.75 70.61
C ILE KE 105 -143.01 110.40 71.12
N HIS KE 106 -141.89 109.95 70.57
CA HIS KE 106 -140.58 110.47 70.93
C HIS KE 106 -140.08 111.34 69.78
N LEU KE 107 -139.87 112.62 70.05
CA LEU KE 107 -139.34 113.55 69.05
C LEU KE 107 -137.84 113.73 69.24
N LYS KE 108 -137.09 112.64 69.05
CA LYS KE 108 -135.65 112.69 69.22
C LYS KE 108 -135.02 113.63 68.19
N PRO KE 109 -133.92 114.30 68.54
CA PRO KE 109 -133.13 114.19 69.77
C PRO KE 109 -133.66 115.05 70.92
N LEU KE 110 -134.85 115.63 70.80
CA LEU KE 110 -135.41 116.44 71.87
C LEU KE 110 -135.84 115.54 73.02
N ARG KE 111 -135.30 115.79 74.21
CA ARG KE 111 -135.63 114.97 75.36
C ARG KE 111 -137.04 115.29 75.85
N GLY KE 112 -137.87 114.26 75.96
CA GLY KE 112 -139.24 114.40 76.38
C GLY KE 112 -140.11 113.41 75.63
N THR KE 113 -141.42 113.58 75.78
CA THR KE 113 -142.39 112.67 75.16
C THR KE 113 -143.63 113.45 74.80
N GLY KE 114 -143.89 113.59 73.50
CA GLY KE 114 -145.09 114.25 73.04
C GLY KE 114 -146.27 113.31 72.93
N LEU KE 115 -147.43 113.87 72.63
CA LEU KE 115 -148.68 113.12 72.61
C LEU KE 115 -149.46 113.47 71.36
N VAL KE 116 -150.00 112.45 70.70
CA VAL KE 116 -150.90 112.62 69.56
C VAL KE 116 -152.25 112.04 69.96
N VAL KE 117 -153.27 112.88 69.98
CA VAL KE 117 -154.59 112.50 70.50
C VAL KE 117 -155.55 112.37 69.34
N PHE KE 118 -156.01 111.15 69.09
CA PHE KE 118 -157.06 110.87 68.12
C PHE KE 118 -158.42 110.75 68.80
N SER KE 119 -159.35 111.60 68.41
CA SER KE 119 -160.68 111.57 69.00
C SER KE 119 -161.45 110.30 68.62
N PRO KE 120 -162.39 109.83 69.47
CA PRO KE 120 -163.25 108.66 69.13
C PRO KE 120 -163.97 108.94 67.81
N SER KE 121 -164.34 110.19 67.58
CA SER KE 121 -165.09 110.50 66.36
C SER KE 121 -164.24 110.23 65.12
N LEU KE 122 -162.97 110.63 65.14
CA LEU KE 122 -162.13 110.45 63.97
C LEU KE 122 -161.86 108.98 63.69
N VAL KE 123 -161.55 108.20 64.73
CA VAL KE 123 -161.30 106.78 64.51
C VAL KE 123 -162.58 106.06 64.09
N PHE KE 124 -163.73 106.50 64.62
CA PHE KE 124 -164.99 105.93 64.18
C PHE KE 124 -165.22 106.20 62.70
N ILE KE 125 -164.96 107.43 62.26
CA ILE KE 125 -165.13 107.79 60.86
C ILE KE 125 -164.21 106.97 59.98
N ALA KE 126 -162.94 106.82 60.40
CA ALA KE 126 -161.98 106.08 59.60
C ALA KE 126 -162.37 104.61 59.49
N VAL KE 127 -162.75 103.99 60.61
CA VAL KE 127 -163.15 102.59 60.59
C VAL KE 127 -164.40 102.41 59.74
N ASP KE 128 -165.36 103.33 59.86
CA ASP KE 128 -166.57 103.26 59.06
C ASP KE 128 -166.26 103.34 57.58
N ASN KE 129 -165.38 104.26 57.19
CA ASN KE 129 -165.05 104.41 55.77
C ASN KE 129 -164.29 103.21 55.25
N LEU KE 130 -163.35 102.68 56.04
CA LEU KE 130 -162.58 101.54 55.57
C LEU KE 130 -163.45 100.30 55.41
N PHE KE 131 -164.35 100.05 56.35
CA PHE KE 131 -165.12 98.81 56.37
C PHE KE 131 -166.51 99.02 55.76
N GLY KE 132 -166.51 99.37 54.49
CA GLY KE 132 -167.72 99.40 53.70
C GLY KE 132 -168.81 100.31 54.24
N GLY KE 133 -168.44 101.53 54.62
CA GLY KE 133 -169.43 102.48 55.10
C GLY KE 133 -169.32 103.85 54.46
N ASP KE 134 -170.45 104.34 53.93
CA ASP KE 134 -170.46 105.68 53.29
C ASP KE 134 -170.84 106.74 54.34
N GLY KE 135 -170.61 106.45 55.61
CA GLY KE 135 -170.92 107.41 56.66
C GLY KE 135 -172.35 107.87 56.58
N ARG KE 136 -173.27 106.99 56.18
CA ARG KE 136 -174.69 107.33 56.17
C ARG KE 136 -175.25 107.56 57.58
N PHE KE 137 -175.03 106.57 58.45
CA PHE KE 137 -175.49 106.70 59.82
C PHE KE 137 -174.66 107.64 60.69
N PRO KE 138 -175.27 108.31 61.65
CA PRO KE 138 -174.50 109.20 62.53
C PRO KE 138 -173.52 108.42 63.38
N THR KE 139 -172.40 109.06 63.71
CA THR KE 139 -171.42 108.44 64.58
C THR KE 139 -171.95 108.41 66.02
N LYS KE 140 -171.90 107.24 66.64
CA LYS KE 140 -172.35 107.05 68.01
C LYS KE 140 -171.19 106.58 68.87
N VAL KE 141 -170.87 107.35 69.90
CA VAL KE 141 -169.83 107.01 70.85
C VAL KE 141 -170.43 107.06 72.25
N GLU KE 142 -170.32 105.95 72.98
CA GLU KE 142 -170.89 105.83 74.32
C GLU KE 142 -169.88 105.23 75.27
N GLY KE 143 -168.64 105.73 75.24
CA GLY KE 143 -167.62 105.19 76.11
C GLY KE 143 -167.06 103.86 75.65
N ARG KE 144 -167.35 103.46 74.42
CA ARG KE 144 -166.87 102.19 73.90
C ARG KE 144 -165.35 102.23 73.71
N GLU KE 145 -164.69 101.15 74.09
CA GLU KE 145 -163.24 101.06 73.97
C GLU KE 145 -162.84 100.70 72.55
N PHE KE 146 -161.55 100.48 72.35
CA PHE KE 146 -160.98 100.21 71.03
C PHE KE 146 -160.51 98.77 70.97
N THR KE 147 -160.97 98.03 69.96
CA THR KE 147 -160.57 96.65 69.79
C THR KE 147 -159.21 96.58 69.09
N HIS KE 148 -158.74 95.36 68.85
CA HIS KE 148 -157.45 95.18 68.20
C HIS KE 148 -157.49 95.66 66.76
N THR KE 149 -158.60 95.41 66.05
CA THR KE 149 -158.74 95.90 64.69
C THR KE 149 -158.76 97.42 64.65
N GLU KE 150 -159.50 98.03 65.57
CA GLU KE 150 -159.50 99.50 65.66
C GLU KE 150 -158.11 100.02 65.98
N GLN KE 151 -157.40 99.33 66.88
CA GLN KE 151 -156.04 99.74 67.21
C GLN KE 151 -155.12 99.66 66.01
N ARG KE 152 -155.29 98.62 65.18
CA ARG KE 152 -154.47 98.50 63.99
C ARG KE 152 -154.79 99.59 62.98
N VAL KE 153 -156.07 99.92 62.82
CA VAL KE 153 -156.45 101.03 61.94
C VAL KE 153 -155.85 102.34 62.44
N ILE KE 154 -155.87 102.57 63.75
CA ILE KE 154 -155.30 103.77 64.31
C ILE KE 154 -153.79 103.80 64.12
N ASN KE 155 -153.13 102.64 64.23
CA ASN KE 155 -151.70 102.57 63.97
C ASN KE 155 -151.42 102.94 62.53
N ARG KE 156 -152.24 102.43 61.60
CA ARG KE 156 -152.05 102.75 60.20
C ARG KE 156 -152.22 104.24 59.94
N MET KE 157 -153.23 104.86 60.55
CA MET KE 157 -153.41 106.30 60.43
C MET KE 157 -152.24 107.06 61.06
N LEU KE 158 -151.80 106.62 62.23
CA LEU KE 158 -150.75 107.33 62.96
C LEU KE 158 -149.42 107.24 62.24
N LYS KE 159 -149.20 106.17 61.47
CA LYS KE 159 -147.99 106.12 60.66
C LYS KE 159 -147.94 107.28 59.68
N LEU KE 160 -149.05 107.51 58.96
CA LEU KE 160 -149.12 108.66 58.06
C LEU KE 160 -149.00 109.97 58.81
N ALA KE 161 -149.66 110.07 59.97
CA ALA KE 161 -149.61 111.31 60.74
C ALA KE 161 -148.18 111.63 61.18
N LEU KE 162 -147.46 110.61 61.66
CA LEU KE 162 -146.09 110.83 62.10
C LEU KE 162 -145.17 111.13 60.94
N GLU KE 163 -145.36 110.46 59.80
CA GLU KE 163 -144.56 110.80 58.62
C GLU KE 163 -144.78 112.24 58.20
N GLY KE 164 -146.04 112.68 58.17
CA GLY KE 164 -146.32 114.06 57.82
C GLY KE 164 -145.73 115.06 58.80
N TYR KE 165 -145.83 114.76 60.09
CA TYR KE 165 -145.27 115.65 61.09
C TYR KE 165 -143.75 115.73 60.98
N SER KE 166 -143.09 114.58 60.78
CA SER KE 166 -141.65 114.59 60.62
C SER KE 166 -141.22 115.38 59.38
N ASP KE 167 -141.95 115.20 58.28
CA ASP KE 167 -141.63 115.94 57.06
C ASP KE 167 -141.82 117.45 57.27
N ALA KE 168 -142.90 117.83 57.97
CA ALA KE 168 -143.13 119.24 58.24
C ALA KE 168 -142.03 119.82 59.12
N TRP KE 169 -141.58 119.07 60.13
CA TRP KE 169 -140.53 119.57 61.01
C TRP KE 169 -139.21 119.58 60.24
N LYS KE 170 -139.06 118.67 59.26
CA LYS KE 170 -137.81 118.56 58.53
C LYS KE 170 -137.38 119.89 57.91
N ALA KE 171 -138.33 120.69 57.47
CA ALA KE 171 -138.00 121.99 56.90
C ALA KE 171 -137.25 122.94 57.83
N ILE KE 172 -137.62 122.99 59.10
CA ILE KE 172 -136.99 123.89 60.05
C ILE KE 172 -135.91 123.16 60.82
N ASN KE 173 -136.28 122.11 61.54
CA ASN KE 173 -135.33 121.33 62.31
C ASN KE 173 -135.56 119.84 62.07
N PRO KE 174 -134.58 119.14 61.49
CA PRO KE 174 -134.81 117.72 61.17
C PRO KE 174 -134.95 116.87 62.43
N LEU KE 175 -136.15 116.31 62.63
CA LEU KE 175 -136.45 115.46 63.77
C LEU KE 175 -136.97 114.12 63.27
N GLU KE 176 -136.73 113.08 64.05
CA GLU KE 176 -137.27 111.75 63.79
C GLU KE 176 -138.33 111.43 64.82
N VAL KE 177 -139.49 110.99 64.34
CA VAL KE 177 -140.67 110.77 65.17
C VAL KE 177 -140.84 109.26 65.34
N GLU KE 178 -140.85 108.81 66.59
CA GLU KE 178 -141.01 107.40 66.90
C GLU KE 178 -142.24 107.20 67.77
N TYR KE 179 -143.09 106.25 67.36
CA TYR KE 179 -144.26 105.88 68.12
C TYR KE 179 -143.87 104.77 69.09
N VAL KE 180 -144.08 105.01 70.39
CA VAL KE 180 -143.58 104.11 71.42
C VAL KE 180 -144.72 103.34 72.09
N ARG KE 181 -145.90 103.95 72.24
CA ARG KE 181 -146.95 103.33 73.03
C ARG KE 181 -148.26 104.02 72.73
N SER KE 182 -149.35 103.27 72.86
CA SER KE 182 -150.69 103.81 72.73
C SER KE 182 -151.48 103.42 73.96
N GLU KE 183 -152.35 104.31 74.40
CA GLU KE 183 -153.14 104.13 75.59
C GLU KE 183 -154.52 104.70 75.34
N MET KE 184 -155.47 104.37 76.21
CA MET KE 184 -156.85 104.80 76.08
C MET KE 184 -157.33 105.73 77.17
N GLN KE 185 -156.75 105.64 78.37
CA GLN KE 185 -157.10 106.53 79.47
C GLN KE 185 -156.12 107.68 79.54
N VAL KE 186 -156.44 108.67 80.38
CA VAL KE 186 -155.58 109.84 80.52
C VAL KE 186 -154.51 109.65 81.59
N LYS KE 187 -154.78 108.84 82.61
CA LYS KE 187 -153.85 108.71 83.73
C LYS KE 187 -152.67 107.81 83.43
N PHE KE 188 -152.64 107.16 82.27
CA PHE KE 188 -151.52 106.32 81.90
C PHE KE 188 -150.35 107.04 81.23
N THR KE 189 -150.55 108.26 80.75
CA THR KE 189 -149.50 108.94 79.99
C THR KE 189 -148.53 109.70 80.90
N ASN KE 190 -149.04 110.68 81.64
CA ASN KE 190 -148.23 111.52 82.53
C ASN KE 190 -146.86 111.86 81.91
N ILE KE 191 -146.91 112.63 80.82
CA ILE KE 191 -145.68 113.07 80.10
C ILE KE 191 -145.14 114.35 80.77
N THR KE 192 -145.85 114.89 81.78
CA THR KE 192 -145.46 116.11 82.51
C THR KE 192 -145.13 115.73 83.94
N THR KE 193 -143.97 116.14 84.46
CA THR KE 193 -143.51 115.80 85.82
C THR KE 193 -144.60 116.18 86.80
N SER KE 194 -145.26 117.33 86.60
CA SER KE 194 -146.36 117.79 87.44
C SER KE 194 -147.53 118.18 86.57
N PRO KE 195 -148.76 118.04 87.09
CA PRO KE 195 -149.94 118.43 86.30
C PRO KE 195 -150.02 119.92 86.00
N ASN KE 196 -149.27 120.75 86.71
CA ASN KE 196 -149.27 122.19 86.47
C ASN KE 196 -148.22 122.61 85.44
N ASP KE 197 -147.49 121.66 84.85
CA ASP KE 197 -146.54 122.00 83.82
C ASP KE 197 -147.25 122.50 82.58
N ILE KE 198 -146.54 123.30 81.79
CA ILE KE 198 -147.12 124.00 80.65
C ILE KE 198 -146.82 123.20 79.39
N VAL KE 199 -147.85 123.01 78.55
CA VAL KE 199 -147.72 122.27 77.31
C VAL KE 199 -148.34 123.08 76.19
N VAL KE 200 -147.91 122.77 74.96
CA VAL KE 200 -148.36 123.44 73.75
C VAL KE 200 -149.30 122.54 72.97
N ASN KE 201 -150.57 122.96 72.86
CA ASN KE 201 -151.59 122.09 72.20
C ASN KE 201 -152.09 122.67 70.87
N THR KE 202 -152.08 121.87 69.81
CA THR KE 202 -152.60 122.24 68.50
C THR KE 202 -153.76 121.32 68.15
N PRO KE 203 -155.00 121.81 68.18
CA PRO KE 203 -156.14 120.99 67.73
C PRO KE 203 -156.41 121.20 66.25
N PHE KE 204 -156.53 120.10 65.52
CA PHE KE 204 -156.95 120.11 64.13
C PHE KE 204 -158.35 119.51 64.02
N HIS KE 205 -159.15 120.05 63.11
CA HIS KE 205 -160.49 119.54 62.85
C HIS KE 205 -160.52 118.94 61.45
N VAL KE 206 -160.84 117.66 61.36
CA VAL KE 206 -160.89 116.94 60.10
C VAL KE 206 -162.34 116.64 59.76
N GLU KE 207 -162.78 117.11 58.60
CA GLU KE 207 -164.14 116.88 58.13
C GLU KE 207 -164.12 116.00 56.89
N ILE KE 208 -164.93 114.96 56.90
CA ILE KE 208 -165.12 114.07 55.76
C ILE KE 208 -166.61 114.04 55.45
N GLY KE 209 -166.98 114.53 54.27
CA GLY KE 209 -168.39 114.65 53.95
C GLY KE 209 -169.08 115.52 54.98
N ASN KE 210 -170.20 115.01 55.51
CA ASN KE 210 -170.89 115.69 56.59
C ASN KE 210 -170.28 115.37 57.95
N LEU KE 211 -169.58 114.24 58.06
CA LEU KE 211 -169.01 113.83 59.34
C LEU KE 211 -167.81 114.68 59.69
N THR KE 212 -167.61 114.88 61.00
CA THR KE 212 -166.51 115.69 61.50
C THR KE 212 -165.85 114.99 62.68
N GLY KE 213 -164.58 115.34 62.90
CA GLY KE 213 -163.85 114.85 64.06
C GLY KE 213 -162.68 115.78 64.31
N GLU KE 214 -161.94 115.52 65.38
CA GLU KE 214 -160.82 116.36 65.73
C GLU KE 214 -159.69 115.51 66.29
N PHE KE 215 -158.48 116.06 66.22
CA PHE KE 215 -157.33 115.39 66.81
C PHE KE 215 -156.30 116.44 67.19
N ASN KE 216 -155.62 116.23 68.31
CA ASN KE 216 -154.70 117.20 68.86
C ASN KE 216 -153.27 116.68 68.83
N ILE KE 217 -152.34 117.63 68.81
CA ILE KE 217 -150.92 117.30 68.98
C ILE KE 217 -150.37 118.14 70.13
N CYS KE 218 -149.96 117.49 71.20
CA CYS KE 218 -149.51 118.17 72.41
C CYS KE 218 -148.04 117.89 72.67
N LEU KE 219 -147.26 118.94 72.86
CA LEU KE 219 -145.84 118.83 73.15
C LEU KE 219 -145.55 119.51 74.48
N PRO KE 220 -144.89 118.83 75.41
CA PRO KE 220 -144.49 119.51 76.64
C PRO KE 220 -143.50 120.63 76.33
N PHE KE 221 -143.62 121.72 77.08
CA PHE KE 221 -142.77 122.88 76.84
C PHE KE 221 -141.30 122.59 77.08
N SER KE 222 -140.98 121.53 77.83
CA SER KE 222 -139.58 121.20 78.05
C SER KE 222 -138.89 120.84 76.75
N MET KE 223 -139.57 120.10 75.88
CA MET KE 223 -139.00 119.74 74.59
C MET KE 223 -138.78 120.98 73.72
N ILE KE 224 -139.74 121.90 73.73
CA ILE KE 224 -139.67 123.07 72.86
C ILE KE 224 -138.65 124.07 73.37
N GLU KE 225 -138.43 124.12 74.68
CA GLU KE 225 -137.60 125.17 75.27
C GLU KE 225 -136.22 125.35 74.64
N PRO KE 226 -135.45 124.29 74.34
CA PRO KE 226 -134.17 124.52 73.65
C PRO KE 226 -134.33 125.12 72.26
N LEU KE 227 -135.52 125.03 71.67
CA LEU KE 227 -135.77 125.57 70.34
C LEU KE 227 -136.69 126.79 70.34
N ARG KE 228 -136.75 127.53 71.44
CA ARG KE 228 -137.69 128.63 71.55
C ARG KE 228 -137.35 129.77 70.59
N GLU KE 229 -136.06 130.13 70.52
CA GLU KE 229 -135.65 131.22 69.63
C GLU KE 229 -135.89 130.81 68.18
N LEU KE 230 -135.85 129.51 67.88
CA LEU KE 230 -136.16 129.06 66.53
C LEU KE 230 -137.65 129.07 66.27
N LEU KE 231 -138.45 128.69 67.28
CA LEU KE 231 -139.92 128.54 67.11
C LEU KE 231 -140.64 129.88 67.28
N VAL KE 232 -139.95 130.90 67.81
CA VAL KE 232 -140.60 132.21 68.08
C VAL KE 232 -140.62 133.05 66.79
N ASN KE 233 -139.47 133.34 66.16
CA ASN KE 233 -139.49 134.23 65.01
C ASN KE 233 -139.95 133.48 63.77
N PRO KE 234 -140.70 134.15 62.89
CA PRO KE 234 -141.13 133.51 61.64
C PRO KE 234 -139.93 133.14 60.80
N PRO KE 235 -139.98 132.00 60.10
CA PRO KE 235 -138.81 131.55 59.34
C PRO KE 235 -138.50 132.50 58.20
N LEU KE 236 -137.21 132.59 57.88
CA LEU KE 236 -136.73 133.42 56.79
C LEU KE 236 -136.09 132.56 55.71
N GLU KE 237 -136.20 133.01 54.46
CA GLU KE 237 -135.67 132.29 53.31
C GLU KE 237 -134.16 132.46 53.28
N ASN KE 238 -133.48 131.60 54.04
CA ASN KE 238 -132.02 131.63 54.14
C ASN KE 238 -131.51 130.20 54.02
N SER KE 239 -130.22 130.03 54.28
CA SER KE 239 -129.60 128.72 54.22
C SER KE 239 -128.81 128.47 55.51
N ARG KE 240 -128.51 127.20 55.77
CA ARG KE 240 -127.73 126.86 56.94
C ARG KE 240 -126.33 127.48 56.86
N HIS KE 241 -125.76 127.54 55.67
CA HIS KE 241 -124.48 128.22 55.49
C HIS KE 241 -124.61 129.70 55.86
N GLU KE 242 -125.68 130.36 55.41
CA GLU KE 242 -125.88 131.76 55.76
C GLU KE 242 -126.08 131.94 57.26
N ASP KE 243 -126.82 131.02 57.89
CA ASP KE 243 -127.06 131.14 59.33
C ASP KE 243 -125.77 130.98 60.12
N GLN KE 244 -124.95 129.97 59.76
CA GLN KE 244 -123.68 129.81 60.47
C GLN KE 244 -122.73 130.95 60.19
N ASN KE 245 -122.77 131.51 58.98
CA ASN KE 245 -121.96 132.69 58.70
C ASN KE 245 -122.41 133.87 59.55
N TRP KE 246 -123.72 134.03 59.72
CA TRP KE 246 -124.25 135.09 60.58
C TRP KE 246 -123.76 135.17 62.02
N ARG KE 247 -123.87 134.04 62.73
CA ARG KE 247 -123.42 134.00 64.15
C ARG KE 247 -121.89 134.06 64.18
N ASP KE 248 -121.23 133.51 63.14
CA ASP KE 248 -119.74 133.57 63.08
C ASP KE 248 -119.31 135.04 63.08
N ASN KE 249 -119.89 135.85 62.19
CA ASN KE 249 -119.55 137.29 62.11
C ASN KE 249 -119.94 137.96 63.43
N LEU KE 250 -121.12 137.64 63.95
CA LEU KE 250 -121.59 138.21 65.24
C LEU KE 250 -120.59 137.83 66.34
N VAL KE 251 -120.18 136.56 66.39
CA VAL KE 251 -119.18 136.11 67.39
C VAL KE 251 -117.93 136.99 67.24
N ARG KE 252 -117.46 137.17 66.01
CA ARG KE 252 -116.27 138.01 65.79
C ARG KE 252 -116.53 139.46 66.20
N GLN KE 253 -117.75 139.95 65.98
CA GLN KE 253 -118.06 141.32 66.40
C GLN KE 253 -118.11 141.42 67.91
N VAL KE 254 -118.55 140.37 68.60
CA VAL KE 254 -118.66 140.40 70.06
C VAL KE 254 -117.28 140.51 70.70
N GLN KE 255 -116.27 139.85 70.10
CA GLN KE 255 -114.95 139.80 70.70
C GLN KE 255 -114.38 141.18 71.01
N HIS KE 256 -114.74 142.18 70.20
CA HIS KE 256 -114.26 143.54 70.43
C HIS KE 256 -115.21 144.30 71.34
N SER KE 257 -115.43 143.75 72.56
CA SER KE 257 -116.28 144.38 73.59
C SER KE 257 -115.53 144.33 74.94
N GLU KE 258 -115.15 145.48 75.49
CA GLU KE 258 -114.39 145.55 76.77
C GLU KE 258 -115.25 145.02 77.92
N LEU KE 259 -114.64 144.30 78.88
CA LEU KE 259 -115.36 143.77 80.07
C LEU KE 259 -114.78 144.39 81.33
N GLU KE 260 -115.40 144.16 82.49
CA GLU KE 260 -114.86 144.59 83.78
C GLU KE 260 -114.53 143.36 84.60
N LEU KE 261 -113.24 143.15 84.85
CA LEU KE 261 -112.77 141.98 85.59
C LEU KE 261 -112.37 142.41 87.00
N VAL KE 262 -112.86 141.70 87.99
CA VAL KE 262 -112.65 142.03 89.40
C VAL KE 262 -111.96 140.87 90.09
N ALA KE 263 -110.86 141.15 90.78
CA ALA KE 263 -110.11 140.14 91.51
C ALA KE 263 -110.43 140.24 92.98
N ASN KE 264 -110.77 139.11 93.61
CA ASN KE 264 -111.09 139.06 95.03
C ASN KE 264 -109.90 138.46 95.76
N PHE KE 265 -109.24 139.28 96.59
CA PHE KE 265 -108.05 138.85 97.38
C PHE KE 265 -108.46 138.02 98.58
N ALA KE 266 -109.46 138.47 99.34
CA ALA KE 266 -109.94 137.76 100.55
C ALA KE 266 -111.43 138.03 100.82
N ASP KE 267 -112.10 137.18 101.62
CA ASP KE 267 -113.49 137.39 102.00
C ASP KE 267 -113.62 137.04 103.48
N ILE KE 268 -113.65 138.06 104.33
CA ILE KE 268 -113.63 137.89 105.77
C ILE KE 268 -115.05 138.08 106.31
N PRO KE 269 -115.57 137.21 107.20
CA PRO KE 269 -116.96 137.33 107.74
C PRO KE 269 -116.97 138.09 109.07
N LEU KE 270 -117.54 139.30 109.08
CA LEU KE 270 -117.68 140.08 110.32
C LEU KE 270 -119.14 140.37 110.65
N ARG KE 271 -119.47 140.48 111.93
CA ARG KE 271 -120.85 140.84 112.35
C ARG KE 271 -121.08 142.33 112.13
N LEU KE 272 -122.34 142.76 112.10
CA LEU KE 272 -122.66 144.20 111.96
C LEU KE 272 -122.03 144.97 113.13
N SER KE 273 -122.04 144.37 114.31
CA SER KE 273 -121.51 145.07 115.51
C SER KE 273 -120.05 145.42 115.30
N GLN KE 274 -119.29 144.51 114.73
CA GLN KE 274 -117.86 144.82 114.45
C GLN KE 274 -117.82 145.99 113.46
N ILE KE 275 -118.68 146.00 112.45
CA ILE KE 275 -118.57 147.07 111.42
C ILE KE 275 -118.77 148.49 111.99
N LEU KE 276 -119.77 148.69 112.84
CA LEU KE 276 -119.93 150.02 113.48
C LEU KE 276 -118.81 150.52 114.41
N LYS KE 277 -118.25 149.62 115.22
CA LYS KE 277 -117.06 149.94 116.06
C LYS KE 277 -115.75 149.97 115.20
N LEU KE 278 -115.89 149.42 113.99
CA LEU KE 278 -114.72 149.33 113.09
C LEU KE 278 -114.40 150.81 112.89
N LYS KE 279 -113.12 151.14 113.03
CA LYS KE 279 -112.62 152.52 112.84
C LYS KE 279 -111.20 152.41 112.30
N PRO KE 280 -110.60 153.42 111.65
CA PRO KE 280 -109.25 153.28 111.03
C PRO KE 280 -108.21 152.81 112.02
N GLY KE 281 -107.22 152.01 111.58
CA GLY KE 281 -106.15 151.49 112.39
C GLY KE 281 -106.34 150.07 112.86
N ASP KE 282 -107.56 149.53 112.76
CA ASP KE 282 -107.80 148.16 113.19
C ASP KE 282 -107.18 147.16 112.23
N VAL KE 283 -106.98 145.94 112.72
CA VAL KE 283 -106.46 144.84 111.91
C VAL KE 283 -107.47 143.71 111.95
N LEU KE 284 -107.92 143.29 110.78
CA LEU KE 284 -108.87 142.20 110.64
C LEU KE 284 -108.15 140.99 110.04
N PRO KE 285 -108.02 139.89 110.77
CA PRO KE 285 -107.17 138.80 110.29
C PRO KE 285 -107.79 138.09 109.10
N ILE KE 286 -106.94 137.71 108.14
CA ILE KE 286 -107.36 136.99 106.95
C ILE KE 286 -106.48 135.75 106.81
N GLU KE 287 -106.97 134.81 106.02
CA GLU KE 287 -106.28 133.54 105.81
C GLU KE 287 -105.44 133.63 104.54
N LYS KE 288 -104.65 132.57 104.31
CA LYS KE 288 -103.82 132.51 103.11
C LYS KE 288 -104.69 132.36 101.87
N PRO KE 289 -104.62 133.29 100.91
CA PRO KE 289 -105.20 133.02 99.60
C PRO KE 289 -104.23 132.23 98.72
N ASP KE 290 -104.51 130.94 98.52
CA ASP KE 290 -103.64 130.13 97.61
C ASP KE 290 -103.86 130.60 96.19
N ARG KE 291 -105.12 130.86 95.82
CA ARG KE 291 -105.46 131.34 94.48
C ARG KE 291 -106.45 132.48 94.58
N ILE KE 292 -106.43 133.35 93.59
CA ILE KE 292 -107.27 134.54 93.53
C ILE KE 292 -108.34 134.45 92.46
N ILE KE 293 -109.60 134.47 92.88
CA ILE KE 293 -110.71 134.39 91.94
C ILE KE 293 -110.98 135.72 91.24
N ALA KE 294 -111.09 135.67 89.92
CA ALA KE 294 -111.38 136.84 89.10
C ALA KE 294 -112.74 136.60 88.44
N HIS KE 295 -113.67 137.52 88.70
CA HIS KE 295 -115.05 137.39 88.27
C HIS KE 295 -115.49 138.64 87.53
N VAL KE 296 -116.41 138.46 86.58
CA VAL KE 296 -117.01 139.56 85.83
C VAL KE 296 -118.47 139.65 86.26
N ASP KE 297 -118.82 140.72 86.96
CA ASP KE 297 -120.19 140.96 87.41
C ASP KE 297 -120.71 139.79 88.24
N GLY KE 298 -119.82 139.19 89.04
CA GLY KE 298 -120.22 138.10 89.90
C GLY KE 298 -119.74 136.75 89.43
N VAL KE 299 -119.81 136.50 88.12
CA VAL KE 299 -119.48 135.19 87.57
C VAL KE 299 -117.97 135.01 87.55
N PRO KE 300 -117.43 134.00 88.23
CA PRO KE 300 -115.97 133.83 88.26
C PRO KE 300 -115.46 133.31 86.93
N VAL KE 301 -114.34 133.86 86.48
CA VAL KE 301 -113.81 133.54 85.17
C VAL KE 301 -112.39 132.98 85.28
N LEU KE 302 -111.65 133.41 86.29
CA LEU KE 302 -110.22 133.08 86.37
C LEU KE 302 -109.94 132.77 87.83
N THR KE 303 -108.91 131.96 88.05
CA THR KE 303 -108.23 131.86 89.35
C THR KE 303 -106.76 132.00 89.01
N SER KE 304 -106.07 132.91 89.71
CA SER KE 304 -104.72 133.30 89.34
C SER KE 304 -104.07 133.77 90.62
N GLN KE 305 -102.74 133.67 90.67
CA GLN KE 305 -101.95 133.92 91.87
C GLN KE 305 -101.65 135.41 91.82
N TYR KE 306 -101.70 136.05 92.98
CA TYR KE 306 -101.46 137.49 93.03
C TYR KE 306 -99.97 137.79 92.89
N GLY KE 307 -99.68 139.04 92.51
CA GLY KE 307 -98.31 139.46 92.35
C GLY KE 307 -98.26 140.94 92.05
N THR KE 308 -97.02 141.45 91.93
CA THR KE 308 -96.78 142.85 91.61
C THR KE 308 -95.83 142.90 90.43
N VAL KE 309 -96.23 143.60 89.37
CA VAL KE 309 -95.42 143.76 88.16
C VAL KE 309 -95.53 145.19 87.69
N ASN KE 310 -94.37 145.81 87.42
CA ASN KE 310 -94.30 147.18 86.90
C ASN KE 310 -95.03 148.17 87.82
N GLY KE 311 -94.92 147.94 89.13
CA GLY KE 311 -95.62 148.79 90.07
C GLY KE 311 -97.11 148.60 90.08
N GLN KE 312 -97.64 147.61 89.38
CA GLN KE 312 -99.06 147.34 89.29
C GLN KE 312 -99.39 146.03 89.97
N TYR KE 313 -100.57 145.97 90.58
CA TYR KE 313 -101.07 144.71 91.12
C TYR KE 313 -101.33 143.75 89.98
N ALA KE 314 -100.61 142.64 89.95
CA ALA KE 314 -100.66 141.72 88.84
C ALA KE 314 -101.21 140.37 89.29
N LEU KE 315 -101.71 139.60 88.32
CA LEU KE 315 -102.19 138.25 88.57
C LEU KE 315 -101.57 137.31 87.54
N ARG KE 316 -100.98 136.22 88.02
CA ARG KE 316 -100.43 135.19 87.16
C ARG KE 316 -101.52 134.16 86.92
N VAL KE 317 -102.09 134.17 85.71
CA VAL KE 317 -103.25 133.35 85.42
C VAL KE 317 -102.87 131.87 85.52
N GLU KE 318 -103.60 131.15 86.33
CA GLU KE 318 -103.38 129.71 86.47
C GLU KE 318 -104.40 128.84 85.76
N HIS KE 319 -105.69 129.23 85.74
CA HIS KE 319 -106.71 128.34 85.17
C HIS KE 319 -108.00 129.08 84.78
N LEU KE 320 -108.40 128.98 83.51
CA LEU KE 320 -109.69 129.50 83.08
C LEU KE 320 -110.79 128.56 83.53
N ILE KE 321 -111.81 129.11 84.20
CA ILE KE 321 -112.83 128.27 84.80
C ILE KE 321 -113.81 127.80 83.75
N ASN KE 322 -113.53 126.64 83.16
CA ASN KE 322 -114.45 126.05 82.20
C ASN KE 322 -115.58 125.34 82.94
N PRO KE 323 -116.77 125.26 82.32
CA PRO KE 323 -117.90 124.56 82.94
C PRO KE 323 -117.93 123.08 82.61
N GLN LE 52 -138.21 151.92 114.42
CA GLN LE 52 -136.80 152.24 114.40
C GLN LE 52 -136.05 151.52 115.52
N ASP LE 53 -135.82 150.23 115.32
CA ASP LE 53 -135.14 149.40 116.29
C ASP LE 53 -133.64 149.39 116.04
N ILE LE 54 -132.88 149.03 117.07
CA ILE LE 54 -131.43 149.06 116.97
C ILE LE 54 -130.84 147.70 117.35
N ASP LE 55 -131.28 147.13 118.47
CA ASP LE 55 -130.80 145.78 118.89
C ASP LE 55 -131.33 144.73 117.92
N LEU LE 56 -132.37 145.05 117.14
CA LEU LE 56 -133.00 144.07 116.22
C LEU LE 56 -131.99 143.63 115.15
N ILE LE 57 -131.20 144.55 114.61
CA ILE LE 57 -130.23 144.24 113.51
C ILE LE 57 -128.81 144.43 114.05
N MET LE 58 -128.63 144.53 115.37
CA MET LE 58 -127.32 144.77 115.96
C MET LE 58 -126.40 143.56 115.79
N ASP LE 59 -126.96 142.41 115.43
CA ASP LE 59 -126.23 141.15 115.42
C ASP LE 59 -126.18 140.50 114.02
N ILE LE 60 -126.80 141.09 113.03
CA ILE LE 60 -126.87 140.50 111.69
C ILE LE 60 -125.47 140.38 111.10
N PRO LE 61 -125.09 139.26 110.52
CA PRO LE 61 -123.75 139.14 109.94
C PRO LE 61 -123.69 139.72 108.54
N VAL LE 62 -122.50 140.21 108.17
CA VAL LE 62 -122.25 140.77 106.85
C VAL LE 62 -120.94 140.09 106.45
N LYS LE 63 -120.72 140.02 105.13
CA LYS LE 63 -119.49 139.44 104.56
C LYS LE 63 -118.71 140.58 103.90
N LEU LE 64 -117.42 140.71 104.18
CA LEU LE 64 -116.60 141.79 103.68
C LEU LE 64 -115.62 141.22 102.67
N THR LE 65 -115.47 141.89 101.53
CA THR LE 65 -114.56 141.45 100.49
C THR LE 65 -113.54 142.55 100.24
N VAL LE 66 -112.34 142.15 99.83
CA VAL LE 66 -111.26 143.06 99.48
C VAL LE 66 -110.74 142.72 98.10
N GLU LE 67 -110.41 143.74 97.30
CA GLU LE 67 -110.00 143.54 95.93
C GLU LE 67 -108.52 143.72 95.71
N LEU LE 68 -107.98 143.10 94.67
CA LEU LE 68 -106.63 143.44 94.24
C LEU LE 68 -106.72 144.75 93.46
N GLY LE 69 -107.62 144.80 92.48
CA GLY LE 69 -107.78 146.02 91.71
C GLY LE 69 -108.76 145.82 90.58
N ARG LE 70 -109.16 146.94 89.99
CA ARG LE 70 -110.00 146.97 88.81
C ARG LE 70 -109.11 146.70 87.59
N THR LE 71 -109.75 146.32 86.48
CA THR LE 71 -109.12 146.31 85.18
C THR LE 71 -110.28 146.05 84.24
N ARG LE 72 -110.16 146.51 83.01
CA ARG LE 72 -111.19 146.38 82.00
C ARG LE 72 -110.47 145.87 80.76
N MET LE 73 -110.89 144.70 80.26
CA MET LE 73 -110.13 143.97 79.27
C MET LE 73 -111.20 143.22 78.48
N THR LE 74 -111.06 143.17 77.16
CA THR LE 74 -112.13 142.67 76.26
C THR LE 74 -112.16 141.17 76.17
N ILE LE 75 -113.11 140.63 75.42
CA ILE LE 75 -113.26 139.17 75.23
C ILE LE 75 -112.00 138.64 74.55
N LYS LE 76 -111.42 139.36 73.59
CA LYS LE 76 -110.24 138.89 72.83
C LYS LE 76 -109.12 138.40 73.78
N GLU LE 77 -108.52 139.29 74.59
CA GLU LE 77 -107.45 138.98 75.53
C GLU LE 77 -107.85 137.93 76.58
N LEU LE 78 -109.10 137.98 77.04
CA LEU LE 78 -109.59 136.95 77.95
C LEU LE 78 -109.56 135.54 77.39
N LEU LE 79 -109.92 135.39 76.12
CA LEU LE 79 -109.87 134.08 75.49
C LEU LE 79 -108.48 133.54 75.17
N ARG LE 80 -107.51 134.43 74.93
CA ARG LE 80 -106.15 133.98 74.66
C ARG LE 80 -105.22 134.01 75.92
N LEU LE 81 -105.84 134.18 77.08
CA LEU LE 81 -105.10 134.13 78.33
C LEU LE 81 -104.79 132.65 78.45
N THR LE 82 -103.55 132.34 78.81
CA THR LE 82 -103.11 130.95 78.91
C THR LE 82 -102.56 130.80 80.33
N GLN LE 83 -102.13 129.58 80.67
CA GLN LE 83 -101.52 129.38 81.99
C GLN LE 83 -100.20 130.12 82.06
N GLY LE 84 -99.94 130.79 83.19
CA GLY LE 84 -98.71 131.52 83.37
C GLY LE 84 -98.77 132.93 82.82
N SER LE 85 -99.82 133.29 82.09
CA SER LE 85 -99.95 134.66 81.59
C SER LE 85 -100.21 135.62 82.74
N VAL LE 86 -99.68 136.83 82.61
CA VAL LE 86 -99.76 137.84 83.67
C VAL LE 86 -100.61 139.00 83.17
N VAL LE 87 -101.56 139.42 84.00
CA VAL LE 87 -102.42 140.55 83.71
C VAL LE 87 -102.32 141.55 84.85
N ALA LE 88 -102.23 142.84 84.53
CA ALA LE 88 -102.09 143.90 85.56
C ALA LE 88 -103.45 144.28 86.15
N LEU LE 89 -103.51 145.39 86.89
CA LEU LE 89 -104.75 145.90 87.54
C LEU LE 89 -104.62 147.42 87.45
N ASP LE 90 -105.66 148.19 87.80
CA ASP LE 90 -105.66 149.66 87.66
C ASP LE 90 -104.96 150.34 88.84
N GLY LE 91 -104.56 149.61 89.89
CA GLY LE 91 -103.92 150.18 91.06
C GLY LE 91 -102.42 149.99 91.21
N LEU LE 92 -101.74 151.07 91.56
CA LEU LE 92 -100.32 150.99 91.86
C LEU LE 92 -100.10 150.11 93.07
N ALA LE 93 -98.99 149.37 93.07
CA ALA LE 93 -98.67 148.49 94.18
C ALA LE 93 -98.33 149.34 95.40
N GLY LE 94 -99.27 149.46 96.32
CA GLY LE 94 -99.07 150.29 97.50
C GLY LE 94 -100.30 151.05 97.96
N GLU LE 95 -101.24 151.32 97.04
CA GLU LE 95 -102.45 152.00 97.47
C GLU LE 95 -103.29 151.07 98.34
N PRO LE 96 -104.09 151.62 99.25
CA PRO LE 96 -104.96 150.78 100.06
C PRO LE 96 -106.07 150.16 99.23
N LEU LE 97 -106.31 148.87 99.45
CA LEU LE 97 -107.35 148.17 98.72
C LEU LE 97 -108.73 148.60 99.24
N ASP LE 98 -109.75 148.40 98.38
CA ASP LE 98 -111.11 148.85 98.75
C ASP LE 98 -111.89 147.70 99.40
N ILE LE 99 -112.41 147.93 100.61
CA ILE LE 99 -113.22 146.90 101.32
C ILE LE 99 -114.70 147.14 100.96
N LEU LE 100 -115.44 146.09 100.62
CA LEU LE 100 -116.85 146.28 100.17
C LEU LE 100 -117.78 145.27 100.87
N ILE LE 101 -119.06 145.64 101.05
CA ILE LE 101 -120.06 144.70 101.63
C ILE LE 101 -121.27 144.67 100.68
N ASN LE 102 -121.70 143.46 100.27
CA ASN LE 102 -122.89 143.34 99.37
C ASN LE 102 -122.63 144.24 98.15
N GLY LE 103 -121.39 144.33 97.69
CA GLY LE 103 -121.04 145.11 96.49
C GLY LE 103 -121.08 146.61 96.74
N TYR LE 104 -121.07 147.04 98.00
CA TYR LE 104 -121.17 148.48 98.38
C TYR LE 104 -119.90 148.89 99.10
N LEU LE 105 -119.27 150.01 98.71
CA LEU LE 105 -117.98 150.40 99.32
C LEU LE 105 -118.22 150.64 100.80
N ILE LE 106 -117.28 150.19 101.65
CA ILE LE 106 -117.43 150.34 103.13
C ILE LE 106 -116.12 150.86 103.74
N ALA LE 107 -114.94 150.56 103.18
CA ALA LE 107 -113.68 150.92 103.86
C ALA LE 107 -112.53 150.85 102.87
N GLN LE 108 -111.33 151.14 103.36
CA GLN LE 108 -110.09 150.96 102.61
C GLN LE 108 -108.99 150.50 103.56
N GLY LE 109 -108.20 149.53 103.10
CA GLY LE 109 -107.08 149.01 103.89
C GLY LE 109 -106.21 148.10 103.06
N GLU LE 110 -104.99 147.89 103.56
CA GLU LE 110 -104.01 147.06 102.87
C GLU LE 110 -103.64 145.87 103.75
N VAL LE 111 -103.02 144.88 103.11
CA VAL LE 111 -102.60 143.67 103.80
C VAL LE 111 -101.29 143.94 104.53
N VAL LE 112 -101.15 143.39 105.73
CA VAL LE 112 -99.95 143.55 106.55
C VAL LE 112 -99.49 142.20 107.09
N VAL LE 113 -98.18 142.02 107.15
CA VAL LE 113 -97.57 140.80 107.68
C VAL LE 113 -97.03 141.03 109.08
N VAL LE 114 -97.58 140.34 110.08
CA VAL LE 114 -97.15 140.60 111.45
C VAL LE 114 -96.08 139.60 111.84
N ALA LE 115 -96.49 138.33 111.91
CA ALA LE 115 -95.55 137.24 112.16
C ALA LE 115 -95.50 136.19 111.02
N ASP LE 116 -96.52 135.34 110.97
CA ASP LE 116 -96.66 134.38 109.84
C ASP LE 116 -98.16 134.42 109.60
N LYS LE 117 -98.80 135.58 109.84
CA LYS LE 117 -100.27 135.70 109.72
C LYS LE 117 -100.63 136.96 108.92
N TYR LE 118 -101.81 136.98 108.29
CA TYR LE 118 -102.17 138.13 107.43
C TYR LE 118 -103.44 138.83 107.90
N GLY LE 119 -103.55 140.13 107.62
CA GLY LE 119 -104.74 140.90 107.94
C GLY LE 119 -104.76 142.23 107.23
N VAL LE 120 -105.92 142.87 107.23
CA VAL LE 120 -106.12 144.13 106.54
C VAL LE 120 -106.02 145.22 107.60
N ARG LE 121 -105.22 146.23 107.31
CA ARG LE 121 -105.04 147.39 108.18
C ARG LE 121 -105.84 148.52 107.55
N ILE LE 122 -107.02 148.78 108.10
CA ILE LE 122 -107.92 149.76 107.52
C ILE LE 122 -107.35 151.16 107.68
N THR LE 123 -107.35 151.92 106.58
CA THR LE 123 -106.79 153.27 106.59
C THR LE 123 -107.81 154.34 106.99
N ASP LE 124 -109.03 154.24 106.47
CA ASP LE 124 -110.03 155.27 106.75
C ASP LE 124 -111.42 154.71 106.45
N ILE LE 125 -112.42 155.51 106.78
CA ILE LE 125 -113.82 155.19 106.50
C ILE LE 125 -114.33 156.27 105.55
N ILE LE 126 -114.90 155.84 104.42
CA ILE LE 126 -115.32 156.77 103.38
C ILE LE 126 -116.65 157.41 103.75
N THR LE 127 -116.64 158.73 103.91
CA THR LE 127 -117.86 159.50 104.07
C THR LE 127 -118.60 159.56 102.73
N PRO LE 128 -119.90 159.85 102.75
CA PRO LE 128 -120.65 159.90 101.48
C PRO LE 128 -120.05 160.86 100.47
N SER LE 129 -119.53 162.01 100.92
CA SER LE 129 -118.96 162.99 100.00
C SER LE 129 -117.90 162.33 99.15
N GLU LE 130 -116.96 161.62 99.79
CA GLU LE 130 -116.00 160.84 99.04
C GLU LE 130 -116.67 159.83 98.11
N ARG LE 131 -117.65 159.09 98.64
CA ARG LE 131 -118.40 158.13 97.78
C ARG LE 131 -118.95 158.84 96.54
N MET LE 132 -119.46 160.06 96.71
CA MET LE 132 -120.09 160.78 95.57
C MET LE 132 -119.02 161.04 94.49
N ARG LE 133 -117.81 161.44 94.89
CA ARG LE 133 -116.73 161.72 93.91
C ARG LE 133 -116.21 160.38 93.34
N ARG LE 134 -116.44 159.30 94.08
CA ARG LE 134 -116.01 157.94 93.65
C ARG LE 134 -116.86 157.65 92.38
N LEU LE 135 -118.18 157.74 92.55
CA LEU LE 135 -119.09 157.61 91.38
C LEU LE 135 -118.87 158.66 90.28
N SER LE 136 -118.58 159.90 90.67
CA SER LE 136 -118.42 160.99 89.68
C SER LE 136 -117.11 160.80 88.88
N ARG LE 137 -116.09 160.21 89.49
CA ARG LE 137 -114.82 160.12 88.77
C ARG LE 137 -114.13 158.79 89.03
N ASP ME 53 -122.20 157.74 113.14
CA ASP ME 53 -121.77 156.39 112.81
C ASP ME 53 -122.94 155.49 112.40
N ILE ME 54 -124.13 155.83 112.88
CA ILE ME 54 -125.33 155.08 112.49
C ILE ME 54 -125.55 155.31 111.01
N ASP ME 55 -125.24 156.51 110.53
CA ASP ME 55 -125.42 156.82 109.12
C ASP ME 55 -124.65 155.88 108.19
N LEU ME 56 -123.46 155.45 108.62
CA LEU ME 56 -122.69 154.49 107.82
C LEU ME 56 -123.37 153.15 107.58
N ILE ME 57 -124.01 152.63 108.63
CA ILE ME 57 -124.66 151.29 108.54
C ILE ME 57 -126.18 151.47 108.42
N MET ME 58 -126.64 152.61 107.92
CA MET ME 58 -128.08 152.85 107.83
C MET ME 58 -128.35 152.72 106.33
N ASP ME 59 -127.29 152.67 105.51
CA ASP ME 59 -127.50 152.65 104.03
C ASP ME 59 -127.07 151.32 103.38
N ILE ME 60 -126.20 150.54 104.04
CA ILE ME 60 -125.68 149.30 103.45
C ILE ME 60 -126.69 148.27 102.97
N PRO ME 61 -126.51 147.68 101.76
CA PRO ME 61 -127.40 146.60 101.26
C PRO ME 61 -127.19 145.32 102.06
N VAL ME 62 -128.19 144.44 102.10
CA VAL ME 62 -128.11 143.18 102.81
C VAL ME 62 -129.07 142.28 102.04
N LYS ME 63 -128.88 140.97 102.19
CA LYS ME 63 -129.66 139.99 101.44
C LYS ME 63 -130.71 139.44 102.39
N LEU ME 64 -131.97 139.45 101.96
CA LEU ME 64 -133.09 138.99 102.77
C LEU ME 64 -133.67 137.75 102.10
N THR ME 65 -134.04 136.76 102.90
CA THR ME 65 -134.68 135.55 102.41
C THR ME 65 -135.82 135.19 103.34
N VAL ME 66 -136.76 134.40 102.83
CA VAL ME 66 -137.83 133.83 103.65
C VAL ME 66 -137.96 132.37 103.28
N GLU ME 67 -137.91 131.50 104.28
CA GLU ME 67 -137.92 130.06 104.02
C GLU ME 67 -139.30 129.49 104.33
N LEU ME 68 -139.84 128.68 103.40
CA LEU ME 68 -141.21 128.14 103.53
C LEU ME 68 -141.23 126.79 104.25
N GLY ME 69 -140.15 126.01 104.19
CA GLY ME 69 -140.14 124.64 104.72
C GLY ME 69 -138.85 124.29 105.43
N ARG ME 70 -138.88 123.24 106.25
CA ARG ME 70 -137.68 122.75 106.98
C ARG ME 70 -137.87 121.25 107.27
N THR ME 71 -136.97 120.40 106.79
CA THR ME 71 -137.08 118.94 106.96
C THR ME 71 -135.71 118.40 107.24
N ARG ME 72 -135.57 117.37 108.06
CA ARG ME 72 -134.32 116.65 108.32
C ARG ME 72 -134.35 115.30 107.62
N MET ME 73 -133.30 115.02 106.86
CA MET ME 73 -133.29 113.76 106.07
C MET ME 73 -131.91 113.10 106.04
N THR ME 74 -131.86 111.80 105.79
CA THR ME 74 -130.65 111.01 105.64
C THR ME 74 -130.41 110.97 104.14
N ILE ME 75 -129.34 110.28 103.72
CA ILE ME 75 -129.01 110.33 102.26
C ILE ME 75 -129.75 109.20 101.54
N LYS ME 76 -130.01 108.12 102.25
CA LYS ME 76 -130.85 107.07 101.66
C LYS ME 76 -132.05 107.86 101.16
N GLU ME 77 -132.65 108.66 102.04
CA GLU ME 77 -133.87 109.40 101.68
C GLU ME 77 -133.63 110.40 100.55
N LEU ME 78 -132.54 111.17 100.60
CA LEU ME 78 -132.30 112.21 99.57
C LEU ME 78 -132.08 111.58 98.20
N LEU ME 79 -131.30 110.51 98.15
CA LEU ME 79 -131.02 109.79 96.88
C LEU ME 79 -132.32 109.16 96.36
N ARG ME 80 -133.15 108.66 97.26
CA ARG ME 80 -134.40 107.97 96.87
C ARG ME 80 -135.29 108.97 96.13
N LEU ME 81 -135.34 110.23 96.58
CA LEU ME 81 -136.11 111.27 95.84
C LEU ME 81 -135.79 111.14 94.35
N THR ME 82 -136.78 111.14 93.45
CA THR ME 82 -136.53 111.15 91.99
C THR ME 82 -137.20 112.36 91.39
N GLN ME 83 -137.48 112.33 90.08
CA GLN ME 83 -138.22 113.44 89.49
C GLN ME 83 -139.70 113.30 89.81
N GLY ME 84 -140.30 114.38 90.28
CA GLY ME 84 -141.70 114.37 90.66
C GLY ME 84 -141.97 113.89 92.08
N SER ME 85 -140.95 113.48 92.82
CA SER ME 85 -141.16 113.03 94.19
C SER ME 85 -141.58 114.20 95.07
N VAL ME 86 -142.54 113.94 95.96
CA VAL ME 86 -143.05 114.95 96.87
C VAL ME 86 -142.37 114.77 98.21
N VAL ME 87 -141.79 115.85 98.73
CA VAL ME 87 -141.09 115.83 100.01
C VAL ME 87 -141.95 116.59 101.01
N ALA ME 88 -142.36 115.90 102.07
CA ALA ME 88 -143.15 116.54 103.11
C ALA ME 88 -142.33 117.48 103.97
N LEU ME 89 -142.98 118.54 104.44
CA LEU ME 89 -142.35 119.53 105.31
C LEU ME 89 -142.78 119.55 106.77
N ASP ME 90 -141.80 119.56 107.67
CA ASP ME 90 -142.13 119.57 109.10
C ASP ME 90 -143.11 120.71 109.48
N GLY ME 91 -142.89 121.87 108.85
CA GLY ME 91 -143.83 122.96 108.96
C GLY ME 91 -145.28 122.80 108.57
N LEU ME 92 -146.19 123.02 109.51
CA LEU ME 92 -147.61 122.93 109.22
C LEU ME 92 -148.05 124.09 108.35
N ALA ME 93 -149.19 123.93 107.67
CA ALA ME 93 -149.72 125.00 106.85
C ALA ME 93 -150.19 126.15 107.72
N GLY ME 94 -149.86 127.37 107.30
CA GLY ME 94 -150.29 128.57 107.99
C GLY ME 94 -149.38 129.04 109.11
N GLU ME 95 -148.38 128.25 109.49
CA GLU ME 95 -147.46 128.69 110.53
C GLU ME 95 -146.58 129.82 110.01
N PRO ME 96 -146.08 130.76 110.82
CA PRO ME 96 -145.28 131.91 110.29
C PRO ME 96 -143.97 131.42 109.66
N LEU ME 97 -143.70 131.80 108.40
CA LEU ME 97 -142.45 131.43 107.69
C LEU ME 97 -141.26 132.11 108.36
N ASP ME 98 -140.12 131.46 108.50
CA ASP ME 98 -138.93 132.18 109.06
C ASP ME 98 -138.47 133.23 108.06
N ILE ME 99 -138.02 134.40 108.49
CA ILE ME 99 -137.40 135.42 107.65
C ILE ME 99 -135.96 135.59 108.12
N LEU ME 100 -135.01 135.40 107.20
CA LEU ME 100 -133.60 135.38 107.51
C LEU ME 100 -132.90 136.53 106.82
N ILE ME 101 -131.86 137.06 107.47
CA ILE ME 101 -131.02 138.10 106.91
C ILE ME 101 -129.60 137.55 106.88
N ASN ME 102 -129.08 137.29 105.67
CA ASN ME 102 -127.78 136.66 105.51
C ASN ME 102 -127.71 135.34 106.26
N GLY ME 103 -128.83 134.62 106.28
CA GLY ME 103 -128.91 133.36 107.00
C GLY ME 103 -129.17 133.49 108.48
N TYR ME 104 -129.50 134.68 108.97
CA TYR ME 104 -129.74 134.90 110.39
C TYR ME 104 -131.22 135.21 110.60
N LEU ME 105 -131.88 134.41 111.44
CA LEU ME 105 -133.31 134.56 111.68
C LEU ME 105 -133.56 135.79 112.55
N ILE ME 106 -134.49 136.65 112.12
CA ILE ME 106 -134.83 137.82 112.90
C ILE ME 106 -136.34 137.93 113.13
N ALA ME 107 -137.13 137.29 112.27
CA ALA ME 107 -138.57 137.53 112.31
C ALA ME 107 -139.33 136.35 111.76
N GLN ME 108 -140.63 136.34 112.04
CA GLN ME 108 -141.56 135.33 111.55
C GLN ME 108 -142.76 136.02 110.94
N GLY ME 109 -143.23 135.49 109.80
CA GLY ME 109 -144.39 136.04 109.13
C GLY ME 109 -145.06 135.19 108.08
N GLU ME 110 -146.34 135.45 107.87
CA GLU ME 110 -147.11 134.68 106.89
C GLU ME 110 -146.88 135.01 105.43
N VAL ME 111 -147.28 134.10 104.55
CA VAL ME 111 -146.98 134.19 103.13
C VAL ME 111 -148.19 134.91 102.57
N VAL ME 112 -147.93 135.85 101.67
CA VAL ME 112 -148.98 136.59 100.97
C VAL ME 112 -148.41 137.04 99.63
N VAL ME 113 -149.25 137.06 98.60
CA VAL ME 113 -148.83 137.42 97.26
C VAL ME 113 -149.45 138.76 96.89
N VAL ME 114 -148.62 139.69 96.43
CA VAL ME 114 -149.09 141.06 96.08
C VAL ME 114 -148.70 141.39 94.63
N ALA ME 115 -149.68 141.76 93.79
CA ALA ME 115 -149.39 142.19 92.39
C ALA ME 115 -148.66 141.06 91.64
N ASP ME 116 -149.03 139.80 91.88
CA ASP ME 116 -148.47 138.63 91.15
C ASP ME 116 -146.99 138.42 91.50
N LYS ME 117 -146.50 138.97 92.61
CA LYS ME 117 -145.10 138.77 93.05
C LYS ME 117 -145.14 138.23 94.47
N TYR ME 118 -144.31 137.22 94.78
CA TYR ME 118 -144.27 136.67 96.16
C TYR ME 118 -144.01 137.73 97.21
N GLY ME 119 -144.53 137.54 98.42
CA GLY ME 119 -144.29 138.46 99.50
C GLY ME 119 -144.52 137.79 100.84
N VAL ME 120 -144.32 138.56 101.90
CA VAL ME 120 -144.48 138.06 103.26
C VAL ME 120 -144.83 139.22 104.17
N ARG ME 121 -145.79 139.00 105.06
CA ARG ME 121 -146.18 139.98 106.05
C ARG ME 121 -145.51 139.70 107.38
N ILE ME 122 -144.78 140.68 107.91
CA ILE ME 122 -144.02 140.47 109.14
C ILE ME 122 -144.99 140.38 110.31
N THR ME 123 -145.29 139.15 110.74
CA THR ME 123 -146.17 138.97 111.89
C THR ME 123 -145.50 139.45 113.17
N ASP ME 124 -144.26 139.03 113.39
CA ASP ME 124 -143.56 139.44 114.60
C ASP ME 124 -142.06 139.32 114.40
N ILE ME 125 -141.32 139.98 115.29
CA ILE ME 125 -139.87 139.85 115.35
C ILE ME 125 -139.53 139.01 116.58
N ILE ME 126 -138.79 137.94 116.37
CA ILE ME 126 -138.48 137.03 117.46
C ILE ME 126 -137.42 137.64 118.37
N THR ME 127 -137.72 137.70 119.65
CA THR ME 127 -136.80 138.04 120.72
C THR ME 127 -135.91 136.84 121.02
N PRO ME 128 -134.65 137.06 121.43
CA PRO ME 128 -133.72 135.93 121.54
C PRO ME 128 -134.16 134.88 122.56
N SER ME 129 -135.31 135.05 123.20
CA SER ME 129 -135.81 134.03 124.12
C SER ME 129 -136.14 132.79 123.29
N GLU ME 130 -136.67 132.97 122.08
CA GLU ME 130 -137.10 131.81 121.24
C GLU ME 130 -135.90 131.14 120.56
N ARG ME 131 -134.74 131.79 120.53
CA ARG ME 131 -133.56 131.28 119.85
C ARG ME 131 -133.06 130.03 120.56
N MET ME 132 -133.09 130.05 121.90
CA MET ME 132 -132.73 128.81 122.63
C MET ME 132 -133.61 127.68 122.12
N ARG ME 133 -134.92 127.93 122.02
CA ARG ME 133 -135.89 126.90 121.53
C ARG ME 133 -135.72 126.56 120.04
N ARG ME 134 -135.10 127.46 119.27
CA ARG ME 134 -134.87 127.20 117.83
C ARG ME 134 -133.85 126.06 117.70
N LEU ME 135 -133.20 125.69 118.81
CA LEU ME 135 -132.20 124.59 118.79
C LEU ME 135 -132.44 123.68 120.01
N ALA NE 37 -97.85 120.14 126.26
CA ALA NE 37 -97.13 119.39 125.23
C ALA NE 37 -97.69 117.98 125.09
N VAL NE 38 -98.91 117.78 125.60
CA VAL NE 38 -99.56 116.47 125.53
C VAL NE 38 -99.89 116.09 124.09
N PHE NE 39 -100.45 117.03 123.32
CA PHE NE 39 -100.82 116.75 121.94
C PHE NE 39 -99.57 116.54 121.09
N GLN NE 40 -99.63 115.56 120.20
CA GLN NE 40 -98.50 115.24 119.34
C GLN NE 40 -98.69 115.97 118.02
N GLN NE 41 -97.61 116.57 117.53
CA GLN NE 41 -97.70 117.43 116.35
C GLN NE 41 -97.76 116.64 115.04
N LEU NE 42 -98.93 116.65 114.41
CA LEU NE 42 -99.15 115.97 113.13
C LEU NE 42 -98.87 116.86 111.93
N GLY NE 43 -98.18 116.29 110.94
CA GLY NE 43 -97.86 117.03 109.74
C GLY NE 43 -97.51 116.09 108.61
N GLY NE 44 -97.56 116.63 107.40
CA GLY NE 44 -97.27 115.83 106.21
C GLY NE 44 -98.25 114.70 106.00
N GLY NE 45 -99.54 114.95 106.23
CA GLY NE 45 -100.54 113.92 106.08
C GLY NE 45 -101.30 114.00 104.78
N ASP NE 46 -100.80 114.82 103.84
CA ASP NE 46 -101.41 114.97 102.53
C ASP NE 46 -100.96 113.82 101.63
N VAL NE 47 -101.47 112.63 101.94
CA VAL NE 47 -101.09 111.43 101.19
C VAL NE 47 -101.66 111.48 99.78
N SER NE 48 -102.99 111.50 99.67
CA SER NE 48 -103.66 111.54 98.38
C SER NE 48 -105.14 111.85 98.64
N GLY NE 49 -105.89 112.01 97.56
CA GLY NE 49 -107.32 112.23 97.66
C GLY NE 49 -108.08 111.60 96.52
N ALA NE 50 -109.06 110.76 96.85
CA ALA NE 50 -109.88 110.11 95.84
C ALA NE 50 -111.24 109.79 96.44
N MET NE 51 -112.30 110.16 95.73
CA MET NE 51 -113.64 109.84 96.17
C MET NE 51 -113.81 108.33 96.27
N GLN NE 52 -114.40 107.89 97.38
CA GLN NE 52 -114.51 106.45 97.61
C GLN NE 52 -115.86 106.02 97.06
N ASP NE 53 -116.95 106.47 97.67
CA ASP NE 53 -118.30 106.14 97.30
C ASP NE 53 -119.23 106.93 98.20
N ILE NE 54 -120.50 107.01 97.83
CA ILE NE 54 -121.44 107.87 98.55
C ILE NE 54 -122.24 107.13 99.62
N ASP NE 55 -121.90 105.86 99.86
CA ASP NE 55 -122.55 105.09 100.90
C ASP NE 55 -121.76 104.99 102.20
N LEU NE 56 -120.50 105.40 102.17
CA LEU NE 56 -119.70 105.42 103.42
C LEU NE 56 -120.32 106.50 104.30
N ILE NE 57 -120.77 107.59 103.67
CA ILE NE 57 -121.33 108.77 104.39
C ILE NE 57 -122.86 108.77 104.36
N MET NE 58 -123.51 107.70 103.91
CA MET NE 58 -124.98 107.75 103.70
C MET NE 58 -125.93 108.16 104.83
N ASP NE 59 -125.92 107.40 105.93
CA ASP NE 59 -126.88 107.67 107.04
C ASP NE 59 -126.38 108.87 107.84
N ILE NE 60 -126.08 109.97 107.15
CA ILE NE 60 -125.67 111.21 107.87
C ILE NE 60 -126.82 112.20 107.68
N PRO NE 61 -127.36 112.82 108.76
CA PRO NE 61 -128.55 113.70 108.63
C PRO NE 61 -128.20 114.91 107.78
N VAL NE 62 -129.14 115.31 106.91
CA VAL NE 62 -128.92 116.52 106.06
C VAL NE 62 -129.97 117.54 106.52
N LYS NE 63 -129.66 118.83 106.36
CA LYS NE 63 -130.61 119.86 106.75
C LYS NE 63 -131.28 120.39 105.48
N LEU NE 64 -132.44 119.82 105.15
CA LEU NE 64 -133.15 120.23 103.95
C LEU NE 64 -134.07 121.41 104.26
N THR NE 65 -134.07 122.39 103.37
CA THR NE 65 -134.83 123.61 103.54
C THR NE 65 -135.31 124.11 102.19
N VAL NE 66 -136.60 124.36 102.08
CA VAL NE 66 -137.18 124.96 100.88
C VAL NE 66 -137.33 126.46 101.08
N GLU NE 67 -136.96 127.23 100.05
CA GLU NE 67 -136.98 128.68 100.13
C GLU NE 67 -138.10 129.33 99.33
N LEU NE 68 -138.84 130.23 99.98
CA LEU NE 68 -140.01 130.81 99.34
C LEU NE 68 -139.54 131.85 98.33
N GLY NE 69 -138.63 132.72 98.73
CA GLY NE 69 -138.18 133.78 97.82
C GLY NE 69 -136.98 134.53 98.33
N ARG NE 70 -136.53 135.46 97.50
CA ARG NE 70 -135.36 136.28 97.79
C ARG NE 70 -135.76 137.72 97.50
N THR NE 71 -134.94 138.64 97.97
CA THR NE 71 -135.06 140.04 97.69
C THR NE 71 -133.82 140.74 98.20
N ARG NE 72 -133.17 141.52 97.36
CA ARG NE 72 -132.05 142.35 97.77
C ARG NE 72 -132.61 143.67 98.27
N MET NE 73 -132.33 143.99 99.54
CA MET NE 73 -132.89 145.17 100.16
C MET NE 73 -131.86 145.69 101.16
N THR NE 74 -131.78 147.01 101.27
CA THR NE 74 -130.83 147.64 102.17
C THR NE 74 -131.46 147.90 103.53
N ILE NE 75 -130.63 148.36 104.46
CA ILE NE 75 -131.09 148.68 105.81
C ILE NE 75 -132.07 149.85 105.80
N LYS NE 76 -132.03 150.67 104.74
CA LYS NE 76 -132.95 151.79 104.59
C LYS NE 76 -134.39 151.36 104.86
N GLU NE 77 -134.92 150.48 104.03
CA GLU NE 77 -136.28 149.99 104.25
C GLU NE 77 -136.33 149.02 105.42
N LEU NE 78 -135.22 148.34 105.73
CA LEU NE 78 -135.23 147.40 106.85
C LEU NE 78 -135.80 147.82 108.19
N LEU NE 79 -135.39 148.98 108.71
CA LEU NE 79 -135.98 149.45 109.97
C LEU NE 79 -137.37 150.13 109.73
N ARG NE 80 -137.56 150.59 108.49
CA ARG NE 80 -138.90 151.18 108.15
C ARG NE 80 -139.96 150.10 108.39
N LEU NE 81 -139.57 148.82 108.30
CA LEU NE 81 -140.50 147.72 108.53
C LEU NE 81 -141.16 147.60 109.91
N THR NE 82 -142.50 147.58 109.90
CA THR NE 82 -143.29 147.42 111.11
C THR NE 82 -144.12 146.15 111.01
N GLN NE 83 -144.84 145.85 112.09
CA GLN NE 83 -145.73 144.69 112.09
C GLN NE 83 -146.87 144.91 111.11
N GLY NE 84 -147.18 143.87 110.33
CA GLY NE 84 -148.21 143.97 109.32
C GLY NE 84 -147.75 144.51 107.99
N SER NE 85 -146.50 144.96 107.88
CA SER NE 85 -145.98 145.41 106.61
C SER NE 85 -145.76 144.22 105.66
N VAL NE 86 -145.68 144.52 104.38
CA VAL NE 86 -145.54 143.50 103.35
C VAL NE 86 -144.27 143.79 102.57
N VAL NE 87 -143.42 142.77 102.42
CA VAL NE 87 -142.16 142.88 101.70
C VAL NE 87 -142.28 142.06 100.42
N ALA NE 88 -142.16 142.74 99.28
CA ALA NE 88 -142.21 142.05 98.00
C ALA NE 88 -140.92 141.28 97.78
N LEU NE 89 -141.04 140.08 97.22
CA LEU NE 89 -139.90 139.22 96.95
C LEU NE 89 -139.60 139.25 95.46
N ASP NE 90 -138.31 139.10 95.13
CA ASP NE 90 -137.90 139.11 93.73
C ASP NE 90 -138.53 137.99 92.92
N GLY NE 91 -138.70 136.81 93.54
CA GLY NE 91 -139.30 135.68 92.87
C GLY NE 91 -140.74 135.94 92.44
N LEU NE 92 -141.03 135.70 91.16
CA LEU NE 92 -142.38 135.83 90.66
C LEU NE 92 -143.27 134.73 91.25
N ALA NE 93 -144.53 135.08 91.51
CA ALA NE 93 -145.46 134.13 92.12
C ALA NE 93 -145.71 132.96 91.18
N GLY NE 94 -145.73 131.76 91.76
CA GLY NE 94 -145.94 130.55 91.00
C GLY NE 94 -144.70 129.94 90.39
N GLU NE 95 -143.55 130.61 90.50
CA GLU NE 95 -142.32 130.05 89.98
C GLU NE 95 -141.86 128.89 90.87
N PRO NE 96 -141.06 127.98 90.32
CA PRO NE 96 -140.52 126.90 91.13
C PRO NE 96 -139.67 127.43 92.28
N LEU NE 97 -139.83 126.83 93.45
CA LEU NE 97 -139.11 127.22 94.64
C LEU NE 97 -137.77 126.50 94.70
N ASP NE 98 -136.89 127.02 95.55
CA ASP NE 98 -135.52 126.53 95.67
C ASP NE 98 -135.40 125.56 96.83
N ILE NE 99 -134.62 124.50 96.63
CA ILE NE 99 -134.40 123.49 97.67
C ILE NE 99 -132.90 123.48 97.98
N LEU NE 100 -132.56 123.58 99.26
CA LEU NE 100 -131.18 123.58 99.70
C LEU NE 100 -130.97 122.48 100.72
N ILE NE 101 -129.78 121.90 100.74
CA ILE NE 101 -129.37 120.98 101.78
C ILE NE 101 -128.15 121.57 102.47
N ASN NE 102 -128.26 121.83 103.76
CA ASN NE 102 -127.22 122.52 104.52
C ASN NE 102 -126.89 123.87 103.90
N GLY NE 103 -127.90 124.53 103.36
CA GLY NE 103 -127.73 125.86 102.78
C GLY NE 103 -127.14 125.89 101.40
N TYR NE 104 -127.02 124.76 100.72
CA TYR NE 104 -126.45 124.70 99.38
C TYR NE 104 -127.57 124.35 98.41
N LEU NE 105 -127.75 125.17 97.39
CA LEU NE 105 -128.83 124.96 96.43
C LEU NE 105 -128.52 123.74 95.58
N ILE NE 106 -129.47 122.81 95.50
CA ILE NE 106 -129.31 121.59 94.73
C ILE NE 106 -130.38 121.46 93.65
N ALA NE 107 -131.62 121.79 93.97
CA ALA NE 107 -132.72 121.49 93.06
C ALA NE 107 -133.78 122.57 93.14
N GLN NE 108 -134.64 122.58 92.12
CA GLN NE 108 -135.81 123.43 92.07
C GLN NE 108 -137.04 122.55 92.04
N GLY NE 109 -138.00 122.87 92.92
CA GLY NE 109 -139.20 122.07 93.05
C GLY NE 109 -140.42 122.98 92.95
N GLU NE 110 -141.58 122.39 93.22
CA GLU NE 110 -142.85 123.09 93.19
C GLU NE 110 -143.63 122.74 94.44
N VAL NE 111 -144.27 123.74 95.04
CA VAL NE 111 -144.96 123.57 96.32
C VAL NE 111 -146.33 122.97 96.10
N VAL NE 112 -146.67 121.96 96.93
CA VAL NE 112 -147.96 121.30 96.87
C VAL NE 112 -148.47 121.12 98.30
N VAL NE 113 -149.78 120.95 98.44
CA VAL NE 113 -150.43 120.75 99.73
C VAL NE 113 -150.99 119.33 99.74
N VAL NE 114 -150.50 118.53 100.69
CA VAL NE 114 -150.99 117.12 100.82
C VAL NE 114 -151.47 116.87 102.26
N ALA NE 115 -152.77 116.57 102.42
CA ALA NE 115 -153.35 116.32 103.77
C ALA NE 115 -153.13 117.49 104.73
N ASP NE 116 -153.22 118.74 104.24
CA ASP NE 116 -153.11 119.94 105.10
C ASP NE 116 -151.67 120.12 105.59
N LYS NE 117 -150.71 119.45 104.93
CA LYS NE 117 -149.28 119.58 105.30
C LYS NE 117 -148.51 120.11 104.09
N TYR NE 118 -147.60 121.06 104.29
CA TYR NE 118 -146.90 121.63 103.16
C TYR NE 118 -145.87 120.65 102.61
N GLY NE 119 -145.78 120.58 101.29
CA GLY NE 119 -144.85 119.67 100.65
C GLY NE 119 -144.35 120.25 99.34
N VAL NE 120 -143.08 120.04 99.07
CA VAL NE 120 -142.46 120.43 97.82
C VAL NE 120 -142.34 119.20 96.93
N ARG NE 121 -142.48 119.42 95.63
CA ARG NE 121 -142.34 118.35 94.63
C ARG NE 121 -141.11 118.64 93.80
N ILE NE 122 -140.08 117.82 93.93
CA ILE NE 122 -138.83 118.05 93.21
C ILE NE 122 -139.08 117.97 91.73
N THR NE 123 -138.67 119.00 90.99
CA THR NE 123 -138.84 119.05 89.54
C THR NE 123 -137.55 118.87 88.78
N ASP NE 124 -136.49 119.60 89.13
CA ASP NE 124 -135.25 119.46 88.36
C ASP NE 124 -134.05 119.92 89.17
N ILE NE 125 -132.98 119.13 89.12
CA ILE NE 125 -131.73 119.55 89.72
C ILE NE 125 -131.15 120.70 88.89
N ILE NE 126 -130.76 121.77 89.58
CA ILE NE 126 -130.28 122.96 88.88
C ILE NE 126 -128.98 122.65 88.13
N THR NE 127 -128.72 123.43 87.12
CA THR NE 127 -127.56 123.37 86.26
C THR NE 127 -126.51 124.37 86.71
N PRO NE 128 -125.23 124.12 86.40
CA PRO NE 128 -124.19 125.10 86.76
C PRO NE 128 -124.45 126.48 86.17
N SER NE 129 -124.98 126.54 84.95
CA SER NE 129 -125.35 127.83 84.37
C SER NE 129 -126.38 128.65 85.13
N GLU NE 130 -127.44 128.01 85.60
CA GLU NE 130 -128.44 128.71 86.41
C GLU NE 130 -127.92 129.02 87.83
N ARG NE 131 -126.99 128.16 88.29
CA ARG NE 131 -126.34 128.43 89.57
C ARG NE 131 -125.62 129.77 89.50
N MET NE 132 -124.80 129.97 88.46
CA MET NE 132 -124.15 131.27 88.29
C MET NE 132 -125.08 132.43 87.92
N ARG NE 133 -126.19 132.11 87.26
CA ARG NE 133 -127.20 133.11 86.97
C ARG NE 133 -127.73 133.56 88.32
N ARG NE 134 -127.97 132.61 89.23
CA ARG NE 134 -128.39 132.95 90.58
C ARG NE 134 -127.33 133.80 91.28
N LEU NE 135 -126.06 133.47 91.09
CA LEU NE 135 -124.99 134.19 91.78
C LEU NE 135 -124.96 135.66 91.36
N SER NE 136 -125.10 135.93 90.07
CA SER NE 136 -125.07 137.30 89.58
C SER NE 136 -126.42 137.98 89.75
N LYS OE 514 -157.07 49.04 20.43
CA LYS OE 514 -156.79 49.14 21.85
C LYS OE 514 -158.01 49.65 22.62
N ASP OE 515 -158.78 50.52 21.97
CA ASP OE 515 -159.98 51.05 22.61
C ASP OE 515 -161.01 49.96 22.85
N GLU OE 516 -161.19 49.07 21.87
CA GLU OE 516 -162.15 47.97 22.04
C GLU OE 516 -161.73 47.02 23.15
N GLN OE 517 -160.45 46.70 23.24
CA GLN OE 517 -159.96 45.83 24.31
C GLN OE 517 -160.15 46.50 25.67
N LEU OE 518 -159.87 47.80 25.76
CA LEU OE 518 -160.09 48.52 27.01
C LEU OE 518 -161.56 48.52 27.39
N GLN OE 519 -162.46 48.72 26.42
CA GLN OE 519 -163.89 48.69 26.70
C GLN OE 519 -164.34 47.33 27.16
N GLN OE 520 -163.82 46.25 26.54
CA GLN OE 520 -164.18 44.90 26.97
C GLN OE 520 -163.68 44.62 28.39
N ARG OE 521 -162.45 45.05 28.70
CA ARG OE 521 -161.92 44.89 30.05
C ARG OE 521 -162.76 45.67 31.05
N ARG OE 522 -163.16 46.89 30.70
CA ARG OE 522 -164.00 47.67 31.60
C ARG OE 522 -165.36 47.01 31.81
N ALA OE 523 -165.93 46.43 30.76
CA ALA OE 523 -167.21 45.74 30.90
C ALA OE 523 -167.09 44.52 31.80
N ASN OE 524 -166.02 43.74 31.63
CA ASN OE 524 -165.79 42.59 32.51
C ASN OE 524 -165.59 43.04 33.95
N GLN OE 525 -164.83 44.11 34.16
CA GLN OE 525 -164.62 44.64 35.50
C GLN OE 525 -165.92 45.12 36.11
N ARG OE 526 -166.77 45.77 35.33
CA ARG OE 526 -168.04 46.30 35.81
C ARG OE 526 -169.11 45.22 35.97
N LEU OE 527 -168.90 44.04 35.37
CA LEU OE 527 -169.86 42.91 35.45
C LEU OE 527 -169.45 42.06 36.65
N GLY OE 528 -168.19 41.66 36.72
CA GLY OE 528 -167.67 40.84 37.84
C GLY OE 528 -167.70 41.58 39.16
N ALA OE 529 -167.54 42.90 39.14
CA ALA OE 529 -167.59 43.73 40.37
C ALA OE 529 -169.06 43.80 40.79
N GLU OE 530 -169.96 43.95 39.82
CA GLU OE 530 -171.42 44.01 40.11
C GLU OE 530 -171.83 42.66 40.72
N VAL OE 531 -171.21 41.57 40.18
CA VAL OE 531 -171.39 40.19 40.75
C VAL OE 531 -170.68 40.15 42.10
N MET OE 532 -169.50 40.76 42.20
CA MET OE 532 -168.70 40.76 43.46
C MET OE 532 -169.48 41.52 44.54
N SER OE 533 -170.12 42.65 44.17
CA SER OE 533 -170.91 43.45 45.14
C SER OE 533 -172.08 42.60 45.64
N GLN OE 534 -172.73 41.85 44.73
CA GLN OE 534 -173.84 40.93 45.12
C GLN OE 534 -173.26 39.84 46.03
N ARG OE 535 -172.06 39.33 45.71
CA ARG OE 535 -171.41 38.26 46.48
C ARG OE 535 -171.10 38.73 47.90
N ILE OE 536 -170.63 39.98 48.06
CA ILE OE 536 -170.21 40.52 49.38
C ILE OE 536 -171.45 40.76 50.25
N ARG OE 537 -172.62 40.96 49.65
CA ARG OE 537 -173.86 41.19 50.38
C ARG OE 537 -174.39 39.88 50.96
N GLU OE 538 -174.36 38.80 50.19
CA GLU OE 538 -174.79 37.51 50.70
C GLU OE 538 -173.90 37.06 51.87
N MET OE 539 -172.59 37.24 51.73
CA MET OE 539 -171.67 36.83 52.79
C MET OE 539 -171.87 37.65 54.06
N SER OE 540 -172.07 38.96 53.92
CA SER OE 540 -172.27 39.83 55.09
C SER OE 540 -173.61 39.55 55.75
N ASP OE 541 -174.65 39.26 54.97
CA ASP OE 541 -175.91 38.82 55.56
C ASP OE 541 -175.76 37.50 56.29
N ASN OE 542 -174.91 36.59 55.78
CA ASN OE 542 -174.64 35.35 56.49
C ASN OE 542 -173.93 35.61 57.81
N ASP OE 543 -172.94 36.50 57.81
CA ASP OE 543 -172.15 36.82 59.00
C ASP OE 543 -171.79 38.30 58.99
N PRO OE 544 -172.54 39.13 59.74
CA PRO OE 544 -172.20 40.56 59.75
C PRO OE 544 -171.02 40.90 60.63
N ARG OE 545 -170.84 40.23 61.76
CA ARG OE 545 -169.75 40.55 62.67
C ARG OE 545 -168.40 40.08 62.14
N VAL OE 546 -168.40 39.03 61.31
CA VAL OE 546 -167.15 38.51 60.77
C VAL OE 546 -166.49 39.55 59.86
N VAL OE 547 -167.30 40.26 59.06
CA VAL OE 547 -166.76 41.29 58.19
C VAL OE 547 -166.14 42.42 59.00
N ALA OE 548 -166.82 42.85 60.07
CA ALA OE 548 -166.28 43.90 60.92
C ALA OE 548 -164.99 43.46 61.59
N LEU OE 549 -164.95 42.21 62.06
CA LEU OE 549 -163.73 41.68 62.68
C LEU OE 549 -162.59 41.63 61.68
N VAL OE 550 -162.86 41.22 60.44
CA VAL OE 550 -161.83 41.18 59.41
C VAL OE 550 -161.34 42.59 59.09
N ILE OE 551 -162.25 43.56 59.03
CA ILE OE 551 -161.86 44.94 58.77
C ILE OE 551 -160.97 45.46 59.90
N ARG OE 552 -161.33 45.17 61.15
CA ARG OE 552 -160.52 45.60 62.28
C ARG OE 552 -159.14 44.93 62.25
N GLN OE 553 -159.09 43.66 61.88
CA GLN OE 553 -157.81 42.96 61.77
C GLN OE 553 -156.95 43.58 60.67
N TRP OE 554 -157.59 43.99 59.56
CA TRP OE 554 -156.84 44.64 58.48
C TRP OE 554 -156.25 45.96 58.95
N MET OE 555 -157.02 46.75 59.71
CA MET OE 555 -156.50 47.99 60.26
C MET OE 555 -155.37 47.74 61.25
N SER OE 556 -155.50 46.71 62.10
CA SER OE 556 -154.45 46.40 63.04
C SER OE 556 -153.16 45.98 62.33
N ASN OE 557 -153.30 45.18 61.27
CA ASN OE 557 -152.12 44.78 60.50
C ASN OE 557 -151.54 45.94 59.70
N ASP OE 558 -152.36 46.94 59.37
CA ASP OE 558 -151.86 48.09 58.64
C ASP OE 558 -150.86 48.89 59.46
N HIS OE 559 -150.94 48.81 60.78
CA HIS OE 559 -150.01 49.52 61.65
C HIS OE 559 -148.61 48.92 61.57
N GLY PE 6 -155.01 49.06 54.00
CA GLY PE 6 -156.17 48.19 54.08
C GLY PE 6 -157.42 48.92 54.55
N THR PE 7 -157.23 49.95 55.37
CA THR PE 7 -158.35 50.73 55.86
C THR PE 7 -159.09 51.45 54.73
N ASP PE 8 -158.34 52.00 53.77
CA ASP PE 8 -158.95 52.66 52.63
C ASP PE 8 -159.76 51.67 51.79
N LYS PE 9 -159.20 50.47 51.60
CA LYS PE 9 -159.92 49.43 50.87
C LYS PE 9 -161.18 49.02 51.61
N SER PE 10 -161.10 48.90 52.94
CA SER PE 10 -162.28 48.57 53.73
C SER PE 10 -163.34 49.65 53.63
N VAL PE 11 -162.92 50.92 53.66
CA VAL PE 11 -163.86 52.02 53.53
C VAL PE 11 -164.52 52.01 52.15
N ILE PE 12 -163.74 51.75 51.10
CA ILE PE 12 -164.30 51.68 49.76
C ILE PE 12 -165.30 50.53 49.65
N LEU PE 13 -164.96 49.37 50.21
CA LEU PE 13 -165.88 48.23 50.19
C LEU PE 13 -167.16 48.53 50.94
N LEU PE 14 -167.05 49.20 52.10
CA LEU PE 14 -168.23 49.56 52.87
C LEU PE 14 -169.11 50.54 52.11
N MET PE 15 -168.49 51.52 51.44
CA MET PE 15 -169.25 52.47 50.63
C MET PE 15 -169.94 51.77 49.47
N THR PE 16 -169.26 50.82 48.83
CA THR PE 16 -169.84 50.10 47.71
C THR PE 16 -170.87 49.06 48.15
N ILE PE 17 -170.89 48.70 49.43
CA ILE PE 17 -171.81 47.67 49.89
C ILE PE 17 -173.23 48.23 49.99
N GLY PE 18 -173.39 49.34 50.70
CA GLY PE 18 -174.71 49.92 50.89
C GLY PE 18 -174.89 50.54 52.26
N GLU PE 19 -175.93 51.35 52.42
CA GLU PE 19 -176.15 52.04 53.68
C GLU PE 19 -176.50 51.07 54.80
N ASP PE 20 -177.39 50.12 54.52
CA ASP PE 20 -177.86 49.20 55.57
C ASP PE 20 -176.74 48.26 56.03
N ARG PE 21 -176.01 47.68 55.07
CA ARG PE 21 -174.91 46.78 55.43
C ARG PE 21 -173.81 47.51 56.19
N ALA PE 22 -173.47 48.72 55.73
CA ALA PE 22 -172.45 49.50 56.43
C ALA PE 22 -172.91 49.87 57.83
N ALA PE 23 -174.18 50.24 57.98
CA ALA PE 23 -174.70 50.57 59.30
C ALA PE 23 -174.65 49.37 60.23
N GLU PE 24 -175.02 48.19 59.72
CA GLU PE 24 -174.94 46.98 60.55
C GLU PE 24 -173.50 46.67 60.94
N VAL PE 25 -172.56 46.82 59.99
CA VAL PE 25 -171.16 46.57 60.28
C VAL PE 25 -170.66 47.54 61.34
N PHE PE 26 -171.03 48.82 61.23
CA PHE PE 26 -170.61 49.81 62.22
C PHE PE 26 -171.20 49.49 63.59
N LYS PE 27 -172.46 49.06 63.62
CA LYS PE 27 -173.06 48.62 64.87
C LYS PE 27 -172.34 47.40 65.44
N HIS PE 28 -171.73 46.58 64.59
CA HIS PE 28 -170.91 45.45 65.02
C HIS PE 28 -169.42 45.80 65.04
N LEU PE 29 -169.09 47.09 65.13
CA LEU PE 29 -167.71 47.54 65.11
C LEU PE 29 -167.44 48.43 66.30
N SER PE 30 -166.15 48.54 66.66
CA SER PE 30 -165.72 49.34 67.79
C SER PE 30 -165.84 50.84 67.46
N THR PE 31 -165.79 51.66 68.51
CA THR PE 31 -165.98 53.09 68.37
C THR PE 31 -164.88 53.73 67.52
N ARG PE 32 -163.63 53.41 67.82
CA ARG PE 32 -162.51 53.97 67.06
C ARG PE 32 -162.56 53.51 65.62
N GLU PE 33 -162.82 52.21 65.40
CA GLU PE 33 -162.91 51.68 64.04
C GLU PE 33 -164.06 52.32 63.27
N VAL PE 34 -165.21 52.48 63.94
CA VAL PE 34 -166.38 53.08 63.28
C VAL PE 34 -166.07 54.54 62.90
N GLN PE 35 -165.45 55.27 63.81
CA GLN PE 35 -165.11 56.67 63.53
C GLN PE 35 -164.13 56.77 62.37
N ALA PE 36 -163.10 55.91 62.37
CA ALA PE 36 -162.12 55.93 61.30
C ALA PE 36 -162.76 55.59 59.96
N LEU PE 37 -163.63 54.58 59.95
CA LEU PE 37 -164.31 54.20 58.71
C LEU PE 37 -165.22 55.30 58.20
N SER PE 38 -165.96 55.95 59.10
CA SER PE 38 -166.84 57.05 58.70
C SER PE 38 -166.04 58.22 58.14
N THR PE 39 -164.91 58.54 58.78
CA THR PE 39 -164.10 59.67 58.35
C THR PE 39 -163.44 59.39 57.00
N ALA PE 40 -162.80 58.24 56.86
CA ALA PE 40 -162.01 57.94 55.66
C ALA PE 40 -162.88 57.80 54.42
N MET PE 41 -164.05 57.17 54.55
CA MET PE 41 -164.92 56.93 53.41
C MET PE 41 -165.36 58.24 52.77
N ALA PE 42 -165.84 59.18 53.60
CA ALA PE 42 -166.28 60.46 53.08
C ALA PE 42 -165.12 61.39 52.77
N ASN PE 43 -163.99 61.17 53.45
CA ASN PE 43 -162.81 62.05 53.26
C ASN PE 43 -162.11 61.96 51.91
N VAL PE 44 -161.44 60.82 51.64
CA VAL PE 44 -160.80 60.61 50.31
C VAL PE 44 -161.14 59.14 50.01
N ARG PE 45 -161.74 58.89 48.85
CA ARG PE 45 -162.07 57.49 48.46
C ARG PE 45 -161.27 57.15 47.19
N GLN PE 46 -160.58 56.01 47.21
CA GLN PE 46 -159.75 55.61 46.04
C GLN PE 46 -160.30 54.29 45.48
N ILE PE 47 -160.50 54.21 44.17
CA ILE PE 47 -160.98 52.94 43.53
C ILE PE 47 -159.90 52.48 42.54
N SER PE 48 -159.48 51.21 42.64
CA SER PE 48 -158.41 50.68 41.74
C SER PE 48 -158.98 49.55 40.88
N ASN PE 49 -158.77 49.63 39.56
CA ASN PE 49 -159.30 48.60 38.63
C ASN PE 49 -158.71 47.23 39.00
N LYS PE 50 -157.44 47.20 39.41
CA LYS PE 50 -156.78 45.91 39.70
C LYS PE 50 -156.40 45.79 41.18
N GLN PE 51 -155.73 46.81 41.75
CA GLN PE 51 -155.26 46.64 43.12
C GLN PE 51 -156.39 46.38 44.10
N LEU PE 52 -157.52 47.09 43.95
CA LEU PE 52 -158.65 46.87 44.83
C LEU PE 52 -159.21 45.46 44.67
N THR PE 53 -159.32 44.98 43.43
CA THR PE 53 -159.81 43.63 43.20
C THR PE 53 -158.86 42.58 43.76
N ASP PE 54 -157.54 42.77 43.59
CA ASP PE 54 -156.57 41.83 44.15
C ASP PE 54 -156.66 41.81 45.67
N VAL PE 55 -156.77 42.98 46.29
CA VAL PE 55 -156.88 43.04 47.75
C VAL PE 55 -158.16 42.38 48.23
N LEU PE 56 -159.28 42.61 47.53
CA LEU PE 56 -160.54 41.98 47.91
C LEU PE 56 -160.45 40.47 47.80
N SER PE 57 -159.84 39.96 46.72
CA SER PE 57 -159.68 38.52 46.57
C SER PE 57 -158.80 37.94 47.67
N GLU PE 58 -157.70 38.63 47.99
CA GLU PE 58 -156.82 38.15 49.05
C GLU PE 58 -157.54 38.14 50.40
N PHE PE 59 -158.34 39.16 50.69
CA PHE PE 59 -159.09 39.20 51.94
C PHE PE 59 -160.12 38.08 52.00
N GLU PE 60 -160.81 37.84 50.87
CA GLU PE 60 -161.84 36.80 50.85
C GLU PE 60 -161.23 35.42 50.98
N GLN PE 61 -159.97 35.27 50.56
CA GLN PE 61 -159.33 33.93 50.60
C GLN PE 61 -158.38 33.81 51.79
N GLU PE 62 -158.14 34.89 52.54
CA GLU PE 62 -157.11 34.82 53.61
C GLU PE 62 -157.45 33.79 54.71
N ALA PE 63 -158.70 33.74 55.19
CA ALA PE 63 -159.07 32.69 56.17
C ALA PE 63 -160.56 32.41 56.19
N GLU PE 64 -160.97 31.20 56.60
CA GLU PE 64 -162.42 30.91 56.81
C GLU PE 64 -162.74 31.04 58.30
N GLN PE 65 -161.74 31.35 59.14
CA GLN PE 65 -161.92 31.38 60.62
C GLN PE 65 -162.92 32.48 61.03
N PHE PE 66 -162.88 33.64 60.39
CA PHE PE 66 -163.72 34.78 60.82
C PHE PE 66 -165.20 34.42 60.69
N ALA PE 67 -165.58 33.70 59.63
CA ALA PE 67 -167.02 33.46 59.39
C ALA PE 67 -167.67 32.68 60.53
N ALA PE 68 -167.00 31.68 61.10
CA ALA PE 68 -167.66 30.82 62.12
C ALA PE 68 -167.53 31.38 63.55
N LEU PE 69 -166.32 31.45 64.09
CA LEU PE 69 -166.12 31.85 65.47
C LEU PE 69 -166.80 33.19 65.75
N ASN PE 70 -166.65 34.14 64.84
CA ASN PE 70 -167.23 35.47 65.03
C ASN PE 70 -168.75 35.47 64.83
N ILE PE 71 -169.29 34.46 64.16
CA ILE PE 71 -170.72 34.36 63.93
C ILE PE 71 -171.46 34.23 65.26
N ASN PE 72 -170.96 33.33 66.12
CA ASN PE 72 -171.55 33.10 67.43
C ASN PE 72 -170.43 32.81 68.43
N ALA PE 73 -170.05 33.87 69.18
CA ALA PE 73 -169.03 33.73 70.21
C ALA PE 73 -169.60 34.02 71.60
N ASN PE 74 -170.21 35.19 71.76
CA ASN PE 74 -170.74 35.57 73.07
C ASN PE 74 -172.02 34.81 73.39
N GLU PE 75 -172.89 34.61 72.40
CA GLU PE 75 -174.14 33.88 72.65
C GLU PE 75 -173.87 32.45 73.06
N TYR PE 76 -172.92 31.79 72.39
CA TYR PE 76 -172.58 30.42 72.76
C TYR PE 76 -172.02 30.34 74.16
N LEU PE 77 -171.14 31.28 74.53
CA LEU PE 77 -170.57 31.29 75.87
C LEU PE 77 -171.65 31.51 76.92
N ARG PE 78 -172.59 32.43 76.65
CA ARG PE 78 -173.68 32.68 77.58
C ARG PE 78 -174.57 31.45 77.73
N SER PE 79 -174.89 30.78 76.63
CA SER PE 79 -175.71 29.57 76.70
C SER PE 79 -175.00 28.48 77.48
N VAL PE 80 -173.70 28.31 77.24
CA VAL PE 80 -172.92 27.31 77.96
C VAL PE 80 -172.89 27.62 79.45
N LEU PE 81 -172.71 28.89 79.82
CA LEU PE 81 -172.70 29.27 81.23
C LEU PE 81 -174.06 29.02 81.87
N VAL PE 82 -175.14 29.32 81.15
CA VAL PE 82 -176.48 29.11 81.69
C VAL PE 82 -176.74 27.62 81.91
N LYS PE 83 -176.38 26.80 80.93
CA LYS PE 83 -176.68 25.37 81.01
C LYS PE 83 -175.73 24.63 81.94
N ALA PE 84 -174.57 25.22 82.21
CA ALA PE 84 -173.53 24.50 82.96
C ALA PE 84 -173.89 24.39 84.44
N LEU PE 85 -174.01 25.53 85.13
CA LEU PE 85 -174.25 25.54 86.57
C LEU PE 85 -175.64 26.05 86.89
N GLY PE 86 -176.02 27.23 86.40
CA GLY PE 86 -177.33 27.78 86.70
C GLY PE 86 -177.39 29.23 86.31
N GLU PE 87 -178.60 29.81 86.41
CA GLU PE 87 -178.77 31.22 86.06
C GLU PE 87 -177.96 32.13 86.97
N GLU PE 88 -177.94 31.83 88.28
CA GLU PE 88 -177.20 32.66 89.22
C GLU PE 88 -175.70 32.62 88.94
N ARG PE 89 -175.15 31.44 88.67
CA ARG PE 89 -173.74 31.34 88.36
C ARG PE 89 -173.41 31.86 86.97
N ALA PE 90 -174.35 31.73 86.03
CA ALA PE 90 -174.13 32.27 84.69
C ALA PE 90 -174.00 33.78 84.72
N SER PE 91 -174.81 34.44 85.55
CA SER PE 91 -174.71 35.89 85.68
C SER PE 91 -173.33 36.30 86.20
N SER PE 92 -172.82 35.60 87.21
CA SER PE 92 -171.50 35.91 87.74
C SER PE 92 -170.41 35.67 86.71
N LEU PE 93 -170.52 34.56 85.98
CA LEU PE 93 -169.52 34.27 84.94
C LEU PE 93 -169.54 35.31 83.84
N LEU PE 94 -170.73 35.73 83.40
CA LEU PE 94 -170.83 36.77 82.38
C LEU PE 94 -170.30 38.10 82.89
N GLU PE 95 -170.57 38.43 84.16
CA GLU PE 95 -170.04 39.66 84.74
C GLU PE 95 -168.52 39.63 84.79
N ASP PE 96 -167.94 38.49 85.17
CA ASP PE 96 -166.48 38.36 85.19
C ASP PE 96 -165.90 38.49 83.78
N ILE PE 97 -166.55 37.86 82.80
CA ILE PE 97 -166.07 37.94 81.42
C ILE PE 97 -166.11 39.38 80.92
N LEU PE 98 -167.19 40.09 81.21
CA LEU PE 98 -167.30 41.49 80.81
C LEU PE 98 -166.25 42.34 81.52
N GLU PE 99 -166.03 42.09 82.82
CA GLU PE 99 -165.05 42.87 83.56
C GLU PE 99 -163.63 42.56 83.13
N THR PE 100 -163.42 41.42 82.46
CA THR PE 100 -162.09 41.12 81.92
C THR PE 100 -161.64 42.20 80.94
N ARG PE 101 -162.57 42.80 80.20
CA ARG PE 101 -162.28 43.92 79.31
C ARG PE 101 -162.61 45.21 80.06
N ASP PE 102 -161.57 45.91 80.49
CA ASP PE 102 -161.71 47.12 81.28
C ASP PE 102 -161.72 48.34 80.36
N THR PE 103 -161.79 49.53 80.96
CA THR PE 103 -161.82 50.79 80.23
C THR PE 103 -160.62 51.63 80.63
N THR PE 104 -160.06 52.35 79.66
CA THR PE 104 -158.86 53.14 79.92
C THR PE 104 -159.21 54.42 80.68
N SER PE 105 -160.04 55.28 80.10
CA SER PE 105 -160.41 56.53 80.74
C SER PE 105 -161.22 56.26 82.00
N GLY PE 106 -160.86 56.97 83.07
CA GLY PE 106 -161.49 56.73 84.37
C GLY PE 106 -162.98 57.02 84.41
N ILE PE 107 -163.47 57.87 83.52
CA ILE PE 107 -164.90 58.21 83.53
C ILE PE 107 -165.72 56.95 83.29
N GLU PE 108 -165.35 56.15 82.29
CA GLU PE 108 -166.05 54.89 82.06
C GLU PE 108 -165.79 53.89 83.18
N THR PE 109 -164.61 53.93 83.80
CA THR PE 109 -164.35 53.05 84.93
C THR PE 109 -165.26 53.37 86.11
N LEU PE 110 -165.73 54.62 86.19
CA LEU PE 110 -166.71 54.97 87.21
C LEU PE 110 -168.03 54.21 87.24
N ASN PE 111 -168.50 53.73 86.08
CA ASN PE 111 -169.76 52.92 86.03
C ASN PE 111 -169.59 51.44 86.41
N PHE PE 112 -168.36 51.01 86.71
CA PHE PE 112 -168.12 49.61 87.19
C PHE PE 112 -168.03 49.63 88.71
N MET PE 113 -168.07 50.83 89.30
CA MET PE 113 -167.98 51.00 90.74
C MET PE 113 -169.41 50.85 91.23
N GLU PE 114 -169.52 50.58 92.54
CA GLU PE 114 -170.83 50.51 93.18
C GLU PE 114 -171.48 51.89 93.15
N PRO PE 115 -172.81 51.96 93.00
CA PRO PE 115 -173.48 53.27 92.99
C PRO PE 115 -173.20 54.18 94.18
N GLN PE 116 -173.15 53.64 95.40
CA GLN PE 116 -172.89 54.49 96.56
C GLN PE 116 -171.46 55.00 96.61
N SER PE 117 -170.50 54.19 96.17
CA SER PE 117 -169.11 54.61 96.16
C SER PE 117 -168.99 55.78 95.19
N ALA PE 118 -169.59 55.66 93.99
CA ALA PE 118 -169.55 56.76 93.04
C ALA PE 118 -170.30 57.97 93.56
N ALA PE 119 -171.46 57.76 94.19
CA ALA PE 119 -172.22 58.88 94.73
C ALA PE 119 -171.43 59.62 95.80
N ASP PE 120 -170.73 58.88 96.67
CA ASP PE 120 -169.89 59.52 97.66
C ASP PE 120 -168.71 60.23 97.01
N LEU PE 121 -168.15 59.64 95.95
CA LEU PE 121 -166.98 60.22 95.31
C LEU PE 121 -167.30 61.55 94.63
N ILE PE 122 -168.44 61.64 93.94
CA ILE PE 122 -168.74 62.81 93.13
C ILE PE 122 -169.80 63.71 93.76
N ARG PE 123 -170.18 63.47 95.01
CA ARG PE 123 -171.18 64.34 95.64
C ARG PE 123 -170.64 65.74 95.84
N ASP PE 124 -169.37 65.86 96.24
CA ASP PE 124 -168.81 67.17 96.57
C ASP PE 124 -168.40 67.97 95.33
N GLU PE 125 -168.39 67.34 94.16
CA GLU PE 125 -167.95 68.02 92.96
C GLU PE 125 -168.95 69.10 92.54
N HIS PE 126 -168.51 69.98 91.66
CA HIS PE 126 -169.37 71.02 91.13
C HIS PE 126 -170.51 70.39 90.35
N PRO PE 127 -171.72 70.95 90.44
CA PRO PE 127 -172.88 70.32 89.78
C PRO PE 127 -172.69 70.11 88.30
N GLN PE 128 -172.03 71.04 87.60
CA GLN PE 128 -171.77 70.85 86.18
C GLN PE 128 -170.83 69.69 85.92
N ILE PE 129 -169.83 69.51 86.77
CA ILE PE 129 -168.92 68.37 86.61
C ILE PE 129 -169.66 67.06 86.87
N ILE PE 130 -170.56 67.06 87.84
CA ILE PE 130 -171.39 65.88 88.08
C ILE PE 130 -172.19 65.59 86.83
N ALA PE 131 -172.80 66.61 86.25
CA ALA PE 131 -173.61 66.42 85.06
C ALA PE 131 -172.78 65.88 83.91
N THR PE 132 -171.57 66.41 83.72
CA THR PE 132 -170.69 65.94 82.67
C THR PE 132 -170.34 64.46 82.88
N ILE PE 133 -170.05 64.10 84.13
CA ILE PE 133 -169.76 62.67 84.43
C ILE PE 133 -170.98 61.82 84.06
N LEU PE 134 -172.19 62.27 84.39
CA LEU PE 134 -173.41 61.45 84.18
C LEU PE 134 -173.67 61.12 82.70
N VAL PE 135 -173.48 62.08 81.77
CA VAL PE 135 -173.84 61.81 80.35
C VAL PE 135 -172.72 60.89 79.81
N HIS PE 136 -171.52 60.96 80.39
CA HIS PE 136 -170.45 60.02 79.95
C HIS PE 136 -170.64 58.67 80.65
N LEU PE 137 -171.29 58.68 81.82
CA LEU PE 137 -171.52 57.41 82.58
C LEU PE 137 -172.70 56.66 81.94
N LYS PE 138 -172.78 55.34 82.19
CA LYS PE 138 -173.90 54.52 81.69
C LYS PE 138 -175.21 55.07 82.30
N ARG PE 139 -176.29 55.08 81.52
CA ARG PE 139 -177.57 55.68 82.01
C ARG PE 139 -178.05 54.96 83.29
N SER PE 140 -178.04 53.63 83.29
CA SER PE 140 -178.58 52.89 84.46
C SER PE 140 -177.83 53.35 85.73
N GLN PE 141 -176.51 53.42 85.66
CA GLN PE 141 -175.69 53.79 86.84
C GLN PE 141 -176.06 55.21 87.26
N ALA PE 142 -176.10 56.13 86.30
CA ALA PE 142 -176.38 57.52 86.60
C ALA PE 142 -177.72 57.66 87.32
N ALA PE 143 -178.72 56.87 86.91
CA ALA PE 143 -180.02 56.93 87.58
C ALA PE 143 -179.90 56.50 89.04
N ASP PE 144 -179.15 55.43 89.30
CA ASP PE 144 -178.94 54.99 90.67
C ASP PE 144 -178.21 56.06 91.48
N ILE PE 145 -177.18 56.67 90.89
CA ILE PE 145 -176.44 57.72 91.58
C ILE PE 145 -177.32 58.89 91.99
N LEU PE 146 -178.16 59.35 91.07
CA LEU PE 146 -179.08 60.45 91.39
C LEU PE 146 -180.11 60.04 92.43
N ALA PE 147 -180.50 58.77 92.42
CA ALA PE 147 -181.41 58.27 93.44
C ALA PE 147 -180.78 58.41 94.81
N LEU PE 148 -179.48 58.13 94.90
CA LEU PE 148 -178.75 58.23 96.20
C LEU PE 148 -178.47 59.71 96.51
N PHE PE 149 -178.59 60.59 95.53
CA PHE PE 149 -178.23 62.02 95.75
C PHE PE 149 -179.35 62.76 96.48
N ASP PE 150 -179.01 63.76 97.29
CA ASP PE 150 -180.02 64.58 97.94
C ASP PE 150 -180.95 65.18 96.88
N GLU PE 151 -182.19 65.46 97.30
CA GLU PE 151 -183.20 65.91 96.35
C GLU PE 151 -182.84 67.26 95.73
N ARG PE 152 -182.24 68.16 96.50
CA ARG PE 152 -181.81 69.43 95.93
C ARG PE 152 -180.73 69.22 94.87
N LEU PE 153 -179.68 68.47 95.22
CA LEU PE 153 -178.65 68.17 94.25
C LEU PE 153 -179.20 67.36 93.09
N ARG PE 154 -180.14 66.45 93.36
CA ARG PE 154 -180.74 65.67 92.28
C ARG PE 154 -181.44 66.57 91.28
N HIS PE 155 -182.28 67.49 91.75
CA HIS PE 155 -182.98 68.40 90.85
C HIS PE 155 -182.01 69.29 90.10
N ASP PE 156 -181.00 69.83 90.80
CA ASP PE 156 -180.04 70.72 90.16
C ASP PE 156 -179.30 69.98 89.05
N VAL PE 157 -178.81 68.77 89.34
CA VAL PE 157 -178.05 68.02 88.35
C VAL PE 157 -178.94 67.61 87.19
N MET PE 158 -180.19 67.25 87.46
CA MET PE 158 -181.10 66.91 86.36
C MET PE 158 -181.35 68.11 85.47
N LEU PE 159 -181.52 69.29 86.06
CA LEU PE 159 -181.70 70.50 85.26
C LEU PE 159 -180.47 70.77 84.41
N ARG PE 160 -179.28 70.60 84.98
CA ARG PE 160 -178.06 70.78 84.20
C ARG PE 160 -177.99 69.77 83.06
N ILE PE 161 -178.44 68.54 83.31
CA ILE PE 161 -178.46 67.51 82.27
C ILE PE 161 -179.38 67.94 81.13
N ALA PE 162 -180.53 68.50 81.47
CA ALA PE 162 -181.50 68.89 80.44
C ALA PE 162 -180.92 69.95 79.50
N THR PE 163 -180.22 70.93 80.05
CA THR PE 163 -179.71 72.06 79.27
C THR PE 163 -178.20 72.03 79.08
N PHE PE 164 -177.62 70.84 78.90
CA PHE PE 164 -176.18 70.72 78.72
C PHE PE 164 -175.75 71.42 77.43
N GLY PE 165 -174.57 72.01 77.45
CA GLY PE 165 -174.09 72.79 76.34
C GLY PE 165 -172.72 72.45 75.82
N GLY PE 166 -172.20 71.28 76.19
CA GLY PE 166 -170.91 70.85 75.68
C GLY PE 166 -169.67 71.34 76.39
N VAL PE 167 -168.71 70.45 76.62
CA VAL PE 167 -167.49 70.78 77.33
C VAL PE 167 -166.31 71.17 76.47
N GLN PE 168 -165.41 71.99 77.02
CA GLN PE 168 -164.20 72.35 76.31
C GLN PE 168 -163.35 71.08 76.36
N PRO PE 169 -162.63 70.78 75.28
CA PRO PE 169 -161.79 69.58 75.28
C PRO PE 169 -160.74 69.60 76.38
N ALA PE 170 -160.17 70.76 76.69
CA ALA PE 170 -159.17 70.84 77.74
C ALA PE 170 -159.77 70.48 79.10
N ALA PE 171 -160.96 71.00 79.40
CA ALA PE 171 -161.60 70.68 80.67
C ALA PE 171 -161.96 69.20 80.76
N LEU PE 172 -162.45 68.63 79.65
CA LEU PE 172 -162.77 67.21 79.65
C LEU PE 172 -161.53 66.37 79.87
N ALA PE 173 -160.43 66.73 79.21
CA ALA PE 173 -159.18 66.00 79.42
C ALA PE 173 -158.69 66.13 80.85
N GLU PE 174 -158.86 67.32 81.44
CA GLU PE 174 -158.45 67.52 82.82
C GLU PE 174 -159.26 66.65 83.78
N LEU PE 175 -160.58 66.61 83.58
CA LEU PE 175 -161.41 65.73 84.40
C LEU PE 175 -161.03 64.27 84.19
N THR PE 176 -160.77 63.90 82.94
CA THR PE 176 -160.41 62.51 82.63
C THR PE 176 -159.16 62.14 83.43
N GLU PE 177 -158.10 62.94 83.29
CA GLU PE 177 -156.81 62.61 83.96
C GLU PE 177 -157.02 62.62 85.49
N VAL PE 178 -157.78 63.59 86.00
CA VAL PE 178 -158.05 63.64 87.47
C VAL PE 178 -158.75 62.33 87.87
N LEU PE 179 -159.85 62.02 87.19
CA LEU PE 179 -160.62 60.83 87.58
C LEU PE 179 -159.79 59.56 87.43
N ASN PE 180 -158.89 59.52 86.44
CA ASN PE 180 -158.01 58.37 86.28
C ASN PE 180 -157.10 58.20 87.48
N GLY PE 181 -156.49 59.30 87.94
CA GLY PE 181 -155.59 59.22 89.08
C GLY PE 181 -156.27 58.76 90.35
N LEU PE 182 -157.61 58.83 90.40
CA LEU PE 182 -158.33 58.41 91.60
C LEU PE 182 -158.76 56.95 91.51
N LEU PE 183 -159.22 56.54 90.33
CA LEU PE 183 -159.78 55.17 90.22
C LEU PE 183 -158.74 54.14 89.78
N ASP PE 184 -157.76 54.54 88.97
CA ASP PE 184 -156.81 53.50 88.46
C ASP PE 184 -156.06 52.90 89.66
N GLY PE 185 -155.64 53.73 90.62
CA GLY PE 185 -155.00 53.20 91.84
C GLY PE 185 -155.95 52.34 92.65
N GLN PE 186 -157.21 52.78 92.78
CA GLN PE 186 -158.20 52.06 93.63
C GLN PE 186 -158.55 50.69 93.04
N ASN PE 187 -158.74 49.67 93.89
CA ASN PE 187 -159.22 48.37 93.37
C ASN PE 187 -160.64 48.59 92.84
N LEU PE 188 -161.01 47.98 91.71
CA LEU PE 188 -162.33 48.28 91.12
C LEU PE 188 -163.12 46.98 90.87
N LYS PE 189 -162.95 45.94 91.70
CA LYS PE 189 -163.77 44.76 91.47
C LYS PE 189 -164.13 44.10 92.81
N ARG PE 190 -165.07 44.74 93.50
CA ARG PE 190 -165.59 44.20 94.75
C ARG PE 190 -166.33 42.90 94.47
N SER PE 191 -165.76 41.78 94.92
CA SER PE 191 -166.36 40.48 94.68
C SER PE 191 -167.50 40.26 95.66
N LYS PE 192 -168.70 40.00 95.13
CA LYS PE 192 -169.89 39.79 95.95
C LYS PE 192 -170.20 38.29 95.94
N MET PE 193 -169.94 37.64 97.07
CA MET PE 193 -170.20 36.22 97.23
C MET PE 193 -171.17 36.03 98.40
N GLY PE 194 -172.36 35.51 98.11
CA GLY PE 194 -173.34 35.25 99.18
C GLY PE 194 -174.36 36.36 99.30
N GLY PE 195 -175.56 36.17 98.73
CA GLY PE 195 -176.61 37.16 98.85
C GLY PE 195 -177.77 36.62 99.69
N VAL PE 196 -178.88 36.34 99.03
CA VAL PE 196 -180.04 35.73 99.66
C VAL PE 196 -180.27 34.25 99.27
N ARG PE 197 -179.79 33.91 98.07
CA ARG PE 197 -179.86 32.51 97.62
C ARG PE 197 -178.98 31.74 98.60
N THR PE 198 -177.78 32.24 98.87
CA THR PE 198 -176.88 31.56 99.79
C THR PE 198 -177.46 31.53 101.20
N ALA PE 199 -178.08 32.64 101.63
CA ALA PE 199 -178.71 32.65 102.95
C ALA PE 199 -179.84 31.64 103.04
N ALA PE 200 -180.67 31.55 102.00
CA ALA PE 200 -181.74 30.56 102.00
C ALA PE 200 -181.20 29.15 102.03
N GLU PE 201 -180.14 28.88 101.25
CA GLU PE 201 -179.53 27.55 101.27
C GLU PE 201 -178.96 27.21 102.63
N ILE PE 202 -178.33 28.18 103.29
CA ILE PE 202 -177.80 27.97 104.63
C ILE PE 202 -178.94 27.67 105.60
N ILE PE 203 -180.02 28.44 105.52
CA ILE PE 203 -181.14 28.26 106.43
C ILE PE 203 -181.77 26.88 106.25
N ASN PE 204 -181.92 26.45 105.00
CA ASN PE 204 -182.65 25.22 104.70
C ASN PE 204 -181.99 23.98 105.30
N LEU PE 205 -180.72 24.04 105.67
CA LEU PE 205 -179.99 22.88 106.15
C LEU PE 205 -179.82 22.80 107.66
N MET PE 206 -180.44 23.70 108.42
CA MET PE 206 -180.31 23.68 109.87
C MET PE 206 -181.61 23.25 110.52
N LYS PE 207 -181.60 23.19 111.84
CA LYS PE 207 -182.75 22.70 112.60
C LYS PE 207 -183.97 23.60 112.43
N THR PE 208 -185.15 23.00 112.58
CA THR PE 208 -186.40 23.73 112.36
C THR PE 208 -186.57 24.86 113.36
N GLN PE 209 -186.22 24.63 114.63
CA GLN PE 209 -186.36 25.69 115.63
C GLN PE 209 -185.45 26.87 115.31
N GLN PE 210 -184.21 26.60 114.97
CA GLN PE 210 -183.32 27.68 114.55
C GLN PE 210 -183.80 28.31 113.25
N GLU PE 211 -184.40 27.52 112.36
CA GLU PE 211 -184.94 28.07 111.12
C GLU PE 211 -186.01 29.11 111.40
N GLU PE 212 -186.99 28.75 112.24
CA GLU PE 212 -188.05 29.69 112.56
C GLU PE 212 -187.52 30.89 113.33
N ALA PE 213 -186.55 30.67 114.23
CA ALA PE 213 -185.97 31.79 114.97
C ALA PE 213 -185.32 32.78 114.02
N VAL PE 214 -184.51 32.29 113.07
CA VAL PE 214 -183.81 33.22 112.18
C VAL PE 214 -184.79 33.89 111.23
N ILE PE 215 -185.81 33.19 110.73
CA ILE PE 215 -186.71 33.84 109.79
C ILE PE 215 -187.55 34.90 110.49
N THR PE 216 -187.96 34.62 111.74
CA THR PE 216 -188.71 35.65 112.47
C THR PE 216 -187.81 36.82 112.84
N ALA PE 217 -186.53 36.57 113.13
CA ALA PE 217 -185.61 37.68 113.38
C ALA PE 217 -185.46 38.55 112.13
N VAL PE 218 -185.31 37.92 110.97
CA VAL PE 218 -185.20 38.68 109.72
C VAL PE 218 -186.47 39.46 109.47
N ARG PE 219 -187.63 38.84 109.70
CA ARG PE 219 -188.91 39.53 109.50
C ARG PE 219 -189.02 40.73 110.43
N GLU PE 220 -188.55 40.59 111.67
CA GLU PE 220 -188.50 41.73 112.57
C GLU PE 220 -187.61 42.83 112.02
N PHE PE 221 -186.45 42.46 111.48
CA PHE PE 221 -185.57 43.44 110.86
C PHE PE 221 -186.17 44.09 109.62
N ASP PE 222 -186.75 43.28 108.73
CA ASP PE 222 -187.34 43.75 107.50
C ASP PE 222 -188.20 42.62 106.96
N GLY PE 223 -189.50 42.90 106.77
CA GLY PE 223 -190.39 41.86 106.26
C GLY PE 223 -190.14 41.45 104.82
N GLU PE 224 -189.76 42.41 103.98
CA GLU PE 224 -189.51 42.12 102.58
C GLU PE 224 -188.35 41.15 102.41
N LEU PE 225 -187.28 41.34 103.17
CA LEU PE 225 -186.15 40.42 103.11
C LEU PE 225 -186.55 39.03 103.55
N ALA PE 226 -187.36 38.93 104.62
CA ALA PE 226 -187.83 37.62 105.07
C ALA PE 226 -188.67 36.92 104.01
N GLN PE 227 -189.57 37.64 103.35
CA GLN PE 227 -190.38 37.04 102.31
C GLN PE 227 -189.53 36.60 101.12
N LYS PE 228 -188.53 37.39 100.75
CA LYS PE 228 -187.66 37.02 99.64
C LYS PE 228 -186.87 35.78 100.02
N ILE PE 229 -186.42 35.70 101.28
CA ILE PE 229 -185.71 34.51 101.75
C ILE PE 229 -186.61 33.29 101.71
N ILE PE 230 -187.87 33.46 102.13
CA ILE PE 230 -188.81 32.35 102.10
C ILE PE 230 -189.10 31.87 100.67
N ASP PE 231 -189.20 32.80 99.73
CA ASP PE 231 -189.46 32.42 98.34
C ASP PE 231 -188.25 31.71 97.75
N GLU PE 232 -187.05 32.19 98.07
CA GLU PE 232 -185.84 31.55 97.57
C GLU PE 232 -185.67 30.23 98.31
N MET PE 233 -186.31 30.08 99.47
CA MET PE 233 -186.18 28.84 100.23
C MET PE 233 -186.67 27.63 99.45
N PHE PE 234 -187.88 27.75 98.88
CA PHE PE 234 -188.49 26.68 98.09
C PHE PE 234 -188.84 27.21 96.71
N LEU PE 235 -188.00 26.90 95.72
CA LEU PE 235 -188.25 27.33 94.35
C LEU PE 235 -189.27 26.42 93.69
N PHE PE 236 -189.70 26.82 92.49
CA PHE PE 236 -190.67 26.03 91.74
C PHE PE 236 -189.97 24.91 90.98
N GLU PE 237 -189.13 24.15 91.68
CA GLU PE 237 -188.48 22.98 91.11
C GLU PE 237 -188.44 21.77 92.04
N ASN PE 238 -188.72 21.94 93.33
CA ASN PE 238 -188.75 20.84 94.28
C ASN PE 238 -190.12 20.23 94.42
N LEU PE 239 -191.11 20.70 93.66
CA LEU PE 239 -192.45 20.15 93.73
C LEU PE 239 -192.48 18.68 93.32
N VAL PE 240 -191.50 18.23 92.54
CA VAL PE 240 -191.39 16.82 92.19
C VAL PE 240 -191.14 15.95 93.42
N ASP PE 241 -190.52 16.52 94.46
CA ASP PE 241 -190.22 15.78 95.68
C ASP PE 241 -191.37 15.82 96.69
N VAL PE 242 -192.47 16.49 96.36
CA VAL PE 242 -193.62 16.56 97.26
C VAL PE 242 -194.38 15.25 97.20
N ASP PE 243 -194.94 14.84 98.33
CA ASP PE 243 -195.68 13.59 98.41
C ASP PE 243 -196.96 13.68 97.60
N ASP PE 244 -197.43 12.51 97.16
CA ASP PE 244 -198.68 12.46 96.39
C ASP PE 244 -199.87 12.91 97.22
N ARG PE 245 -199.90 12.52 98.50
CA ARG PE 245 -200.99 12.96 99.38
C ARG PE 245 -200.97 14.48 99.55
N SER PE 246 -199.78 15.06 99.71
CA SER PE 246 -199.69 16.51 99.83
C SER PE 246 -200.15 17.20 98.55
N ILE PE 247 -199.78 16.64 97.39
CA ILE PE 247 -200.23 17.20 96.13
C ILE PE 247 -201.74 17.14 96.00
N GLN PE 248 -202.35 16.01 96.38
CA GLN PE 248 -203.80 15.90 96.32
C GLN PE 248 -204.47 16.88 97.27
N ARG PE 249 -203.92 17.04 98.47
CA ARG PE 249 -204.49 18.00 99.42
C ARG PE 249 -204.39 19.43 98.90
N LEU PE 250 -203.25 19.78 98.28
CA LEU PE 250 -203.08 21.14 97.77
C LEU PE 250 -203.92 21.36 96.52
N LEU PE 251 -204.26 20.31 95.79
CA LEU PE 251 -205.07 20.47 94.59
C LEU PE 251 -206.45 21.02 94.91
N GLN PE 252 -206.96 20.79 96.13
CA GLN PE 252 -208.27 21.28 96.51
C GLN PE 252 -208.31 22.80 96.64
N GLU PE 253 -207.17 23.47 96.76
CA GLU PE 253 -207.12 24.92 96.90
C GLU PE 253 -206.45 25.61 95.73
N VAL PE 254 -206.13 24.90 94.65
CA VAL PE 254 -205.45 25.47 93.50
C VAL PE 254 -206.47 25.67 92.39
N ASP PE 255 -206.53 26.88 91.86
CA ASP PE 255 -207.43 27.17 90.75
C ASP PE 255 -206.94 26.45 89.50
N SER PE 256 -207.90 25.94 88.71
CA SER PE 256 -207.54 25.19 87.51
C SER PE 256 -206.81 26.07 86.51
N GLU PE 257 -207.30 27.30 86.29
CA GLU PE 257 -206.65 28.20 85.34
C GLU PE 257 -205.24 28.58 85.81
N SER PE 258 -205.10 28.93 87.09
CA SER PE 258 -203.79 29.29 87.62
C SER PE 258 -202.83 28.10 87.57
N LEU PE 259 -203.32 26.91 87.93
CA LEU PE 259 -202.47 25.73 87.88
C LEU PE 259 -202.03 25.43 86.45
N LEU PE 260 -202.95 25.55 85.49
CA LEU PE 260 -202.60 25.32 84.09
C LEU PE 260 -201.58 26.34 83.60
N ILE PE 261 -201.76 27.61 83.98
CA ILE PE 261 -200.81 28.64 83.58
C ILE PE 261 -199.44 28.37 84.17
N ALA PE 262 -199.38 27.96 85.44
CA ALA PE 262 -198.10 27.65 86.06
C ALA PE 262 -197.44 26.44 85.42
N LEU PE 263 -198.22 25.41 85.10
CA LEU PE 263 -197.68 24.18 84.55
C LEU PE 263 -197.47 24.24 83.04
N LYS PE 264 -197.85 25.33 82.40
CA LYS PE 264 -197.62 25.46 80.96
C LYS PE 264 -196.13 25.44 80.64
N GLY PE 265 -195.32 26.15 81.43
CA GLY PE 265 -193.89 26.16 81.26
C GLY PE 265 -193.13 25.23 82.19
N ALA PE 266 -193.83 24.40 82.96
CA ALA PE 266 -193.17 23.50 83.90
C ALA PE 266 -192.61 22.30 83.16
N GLU PE 267 -191.76 21.53 83.86
CA GLU PE 267 -191.17 20.33 83.28
C GLU PE 267 -192.25 19.27 83.07
N PRO PE 268 -192.12 18.45 82.03
CA PRO PE 268 -193.11 17.39 81.78
C PRO PE 268 -193.20 16.45 82.96
N PRO PE 269 -192.08 16.13 83.61
CA PRO PE 269 -192.15 15.28 84.81
C PRO PE 269 -192.98 15.88 85.92
N LEU PE 270 -192.88 17.20 86.13
CA LEU PE 270 -193.68 17.85 87.16
C LEU PE 270 -195.16 17.78 86.82
N ARG PE 271 -195.50 18.01 85.54
CA ARG PE 271 -196.90 17.91 85.12
C ARG PE 271 -197.44 16.50 85.30
N GLU PE 272 -196.63 15.50 84.95
CA GLU PE 272 -197.05 14.11 85.12
C GLU PE 272 -197.24 13.77 86.59
N LYS PE 273 -196.34 14.24 87.46
CA LYS PE 273 -196.47 13.98 88.89
C LYS PE 273 -197.70 14.67 89.47
N PHE PE 274 -197.98 15.89 89.02
CA PHE PE 274 -199.11 16.66 89.52
C PHE PE 274 -200.43 16.21 88.91
N LEU PE 275 -200.41 15.44 87.82
CA LEU PE 275 -201.62 14.96 87.18
C LEU PE 275 -202.07 13.62 87.73
N ARG PE 276 -201.32 13.02 88.66
CA ARG PE 276 -201.69 11.74 89.25
C ARG PE 276 -202.50 11.89 90.52
N ASN PE 277 -202.78 13.12 90.96
CA ASN PE 277 -203.54 13.36 92.17
C ASN PE 277 -205.02 13.65 91.92
N MET PE 278 -205.39 14.07 90.70
CA MET PE 278 -206.77 14.37 90.38
C MET PE 278 -207.41 13.18 89.67
N SER PE 279 -208.66 13.34 89.23
CA SER PE 279 -209.35 12.27 88.54
C SER PE 279 -208.82 12.11 87.11
N GLN PE 280 -209.15 10.98 86.50
CA GLN PE 280 -208.74 10.74 85.12
C GLN PE 280 -209.35 11.75 84.17
N ARG PE 281 -210.64 12.05 84.35
CA ARG PE 281 -211.27 13.08 83.53
C ARG PE 281 -210.64 14.44 83.77
N ALA PE 282 -210.35 14.77 85.04
CA ALA PE 282 -209.69 16.03 85.34
C ALA PE 282 -208.29 16.10 84.72
N ALA PE 283 -207.55 14.99 84.79
CA ALA PE 283 -206.22 14.96 84.18
C ALA PE 283 -206.31 15.13 82.66
N ASP PE 284 -207.27 14.47 82.02
CA ASP PE 284 -207.44 14.63 80.58
C ASP PE 284 -207.83 16.06 80.22
N ILE PE 285 -208.71 16.68 81.02
CA ILE PE 285 -209.10 18.06 80.77
C ILE PE 285 -207.91 19.00 80.93
N LEU PE 286 -207.09 18.78 81.96
CA LEU PE 286 -205.90 19.62 82.15
C LEU PE 286 -204.92 19.44 81.00
N ARG PE 287 -204.73 18.21 80.54
CA ARG PE 287 -203.83 17.97 79.42
C ARG PE 287 -204.34 18.65 78.15
N ASP PE 288 -205.65 18.56 77.90
CA ASP PE 288 -206.23 19.21 76.73
C ASP PE 288 -206.09 20.72 76.81
N ASP PE 289 -206.31 21.29 78.00
CA ASP PE 289 -206.17 22.73 78.17
C ASP PE 289 -204.73 23.17 77.96
N LEU PE 290 -203.77 22.39 78.48
CA LEU PE 290 -202.36 22.72 78.29
C LEU PE 290 -201.96 22.64 76.82
N ALA PE 291 -202.46 21.61 76.11
CA ALA PE 291 -202.16 21.48 74.69
C ALA PE 291 -202.76 22.65 73.89
N ASN PE 292 -203.99 23.03 74.23
CA ASN PE 292 -204.67 24.10 73.52
C ASN PE 292 -204.19 25.49 73.92
N ARG PE 293 -203.54 25.61 75.08
CA ARG PE 293 -203.08 26.92 75.53
C ARG PE 293 -201.88 27.37 74.71
N GLY PE 294 -201.95 28.60 74.19
CA GLY PE 294 -200.87 29.17 73.43
C GLY PE 294 -199.79 29.73 74.32
N PRO PE 295 -198.69 30.15 73.69
CA PRO PE 295 -197.61 30.77 74.46
C PRO PE 295 -198.06 32.05 75.14
N VAL PE 296 -197.54 32.26 76.35
CA VAL PE 296 -197.89 33.43 77.15
C VAL PE 296 -196.62 34.01 77.76
N ARG PE 297 -196.69 35.29 78.14
CA ARG PE 297 -195.56 35.94 78.78
C ARG PE 297 -195.28 35.30 80.13
N LEU PE 298 -194.01 35.20 80.49
CA LEU PE 298 -193.62 34.56 81.74
C LEU PE 298 -194.01 35.37 82.97
N SER PE 299 -194.40 36.64 82.80
CA SER PE 299 -194.76 37.47 83.94
C SER PE 299 -195.98 36.93 84.68
N GLN PE 300 -197.00 36.50 83.96
CA GLN PE 300 -198.20 35.95 84.58
C GLN PE 300 -198.01 34.52 85.05
N VAL PE 301 -197.24 33.72 84.31
CA VAL PE 301 -196.96 32.35 84.73
C VAL PE 301 -196.17 32.35 86.02
N GLU PE 302 -195.21 33.28 86.15
CA GLU PE 302 -194.44 33.39 87.38
C GLU PE 302 -195.33 33.77 88.56
N ASN PE 303 -196.27 34.69 88.35
CA ASN PE 303 -197.19 35.07 89.42
C ASN PE 303 -198.08 33.90 89.82
N GLU PE 304 -198.57 33.14 88.84
CA GLU PE 304 -199.40 31.98 89.15
C GLU PE 304 -198.60 30.92 89.93
N GLN PE 305 -197.36 30.67 89.51
CA GLN PE 305 -196.52 29.72 90.23
C GLN PE 305 -196.21 30.20 91.63
N LYS PE 306 -196.01 31.51 91.80
CA LYS PE 306 -195.77 32.08 93.12
C LYS PE 306 -196.99 31.89 94.02
N ALA PE 307 -198.19 32.13 93.47
CA ALA PE 307 -199.41 31.92 94.25
C ALA PE 307 -199.57 30.46 94.65
N ILE PE 308 -199.29 29.54 93.71
CA ILE PE 308 -199.40 28.11 94.01
C ILE PE 308 -198.40 27.72 95.09
N LEU PE 309 -197.16 28.21 94.98
CA LEU PE 309 -196.14 27.92 95.99
C LEU PE 309 -196.50 28.50 97.34
N LEU PE 310 -197.09 29.70 97.37
CA LEU PE 310 -197.53 30.30 98.63
C LEU PE 310 -198.62 29.46 99.26
N ILE PE 311 -199.57 28.97 98.46
CA ILE PE 311 -200.63 28.12 98.99
C ILE PE 311 -200.05 26.83 99.55
N VAL PE 312 -199.10 26.23 98.82
CA VAL PE 312 -198.49 24.98 99.26
C VAL PE 312 -197.72 25.20 100.57
N ARG PE 313 -196.98 26.31 100.65
CA ARG PE 313 -196.22 26.62 101.85
C ARG PE 313 -197.15 26.87 103.04
N ARG PE 314 -198.27 27.55 102.80
CA ARG PE 314 -199.23 27.75 103.88
C ARG PE 314 -199.82 26.43 104.36
N LEU PE 315 -200.13 25.54 103.42
CA LEU PE 315 -200.65 24.22 103.80
C LEU PE 315 -199.61 23.44 104.60
N ALA PE 316 -198.36 23.49 104.18
CA ALA PE 316 -197.29 22.78 104.90
C ALA PE 316 -197.10 23.37 106.30
N GLU PE 317 -197.11 24.70 106.41
CA GLU PE 317 -196.94 25.34 107.71
C GLU PE 317 -198.10 25.01 108.64
N THR PE 318 -199.31 24.92 108.09
CA THR PE 318 -200.45 24.51 108.89
C THR PE 318 -200.26 23.09 109.42
N GLY PE 319 -199.72 22.20 108.58
CA GLY PE 319 -199.46 20.84 108.99
C GLY PE 319 -200.26 19.82 108.20
N GLU PE 320 -200.73 20.22 107.02
CA GLU PE 320 -201.54 19.36 106.16
C GLU PE 320 -200.83 18.97 104.88
N MET PE 321 -199.50 18.96 104.88
CA MET PE 321 -198.73 18.59 103.69
C MET PE 321 -197.39 18.02 104.17
N VAL PE 322 -196.75 17.25 103.30
CA VAL PE 322 -195.47 16.64 103.61
C VAL PE 322 -194.64 16.55 102.33
N ILE PE 323 -193.39 16.13 102.46
CA ILE PE 323 -192.49 16.00 101.31
C ILE PE 323 -191.83 14.62 101.35
N GLY PE 324 -191.17 14.25 100.25
CA GLY PE 324 -190.51 12.96 100.17
C GLY PE 324 -189.79 12.73 98.86
N SER QE 33 -158.40 118.93 126.91
CA SER QE 33 -157.31 117.98 126.81
C SER QE 33 -157.83 116.56 126.67
N ASP QE 34 -157.54 115.93 125.53
CA ASP QE 34 -157.97 114.55 125.28
C ASP QE 34 -156.92 113.62 125.90
N ILE QE 35 -157.37 112.81 126.85
CA ILE QE 35 -156.50 111.86 127.54
C ILE QE 35 -157.30 110.62 127.86
N ARG QE 36 -156.99 109.51 127.19
CA ARG QE 36 -157.69 108.26 127.39
C ARG QE 36 -156.68 107.17 127.70
N PRO QE 37 -157.06 106.11 128.46
CA PRO QE 37 -156.10 105.04 128.85
C PRO QE 37 -155.60 104.29 127.63
N TYR QE 38 -154.35 103.84 127.70
CA TYR QE 38 -153.75 103.09 126.62
C TYR QE 38 -154.29 101.67 126.60
N ASP QE 39 -154.92 101.29 125.50
CA ASP QE 39 -155.42 99.93 125.31
C ASP QE 39 -154.62 99.27 124.20
N PRO QE 40 -153.89 98.20 124.48
CA PRO QE 40 -153.18 97.49 123.41
C PRO QE 40 -154.15 96.88 122.41
N ASN QE 41 -153.58 96.32 121.35
CA ASN QE 41 -154.26 95.66 120.24
C ASN QE 41 -155.37 96.52 119.63
N THR QE 42 -155.36 97.83 119.82
CA THR QE 42 -156.32 98.70 119.18
C THR QE 42 -155.74 99.27 117.89
N GLN QE 43 -156.60 99.41 116.88
CA GLN QE 43 -156.17 99.90 115.57
C GLN QE 43 -155.89 101.39 115.67
N ARG QE 44 -154.68 101.73 116.12
CA ARG QE 44 -154.27 103.11 116.27
C ARG QE 44 -153.25 103.56 115.23
N ARG QE 45 -152.65 102.64 114.50
CA ARG QE 45 -151.66 102.97 113.47
C ARG QE 45 -152.39 103.20 112.15
N VAL QE 46 -152.45 104.44 111.71
CA VAL QE 46 -153.10 104.82 110.46
C VAL QE 46 -152.03 105.36 109.52
N VAL QE 47 -151.85 104.70 108.37
CA VAL QE 47 -150.85 105.11 107.38
C VAL QE 47 -151.60 105.19 106.05
N ARG QE 48 -152.06 106.40 105.69
CA ARG QE 48 -152.78 106.62 104.46
C ARG QE 48 -151.82 107.26 103.46
N GLU QE 49 -151.68 106.62 102.29
CA GLU QE 49 -150.76 107.10 101.28
C GLU QE 49 -151.33 106.71 99.92
N ARG QE 50 -151.55 107.70 99.07
CA ARG QE 50 -152.01 107.45 97.71
C ARG QE 50 -150.91 106.75 96.92
N LEU QE 51 -151.29 105.71 96.16
CA LEU QE 51 -150.35 104.90 95.40
C LEU QE 51 -150.76 104.95 93.93
N GLN QE 52 -150.29 105.98 93.22
CA GLN QE 52 -150.69 106.17 91.83
C GLN QE 52 -150.15 105.06 90.93
N ALA QE 53 -148.88 104.69 91.15
CA ALA QE 53 -148.21 103.64 90.35
C ALA QE 53 -148.98 102.33 90.48
N LEU QE 54 -149.46 101.95 91.66
CA LEU QE 54 -150.34 100.79 91.83
C LEU QE 54 -151.70 101.05 91.20
N GLU QE 55 -152.16 102.30 91.25
CA GLU QE 55 -153.45 102.63 90.65
C GLU QE 55 -153.46 102.41 89.14
N ILE QE 56 -152.30 102.50 88.49
CA ILE QE 56 -152.27 102.28 87.04
C ILE QE 56 -151.91 100.82 86.76
N ILE QE 57 -151.10 100.21 87.64
CA ILE QE 57 -150.78 98.80 87.48
C ILE QE 57 -152.04 97.96 87.59
N ASN QE 58 -152.96 98.36 88.46
CA ASN QE 58 -154.21 97.62 88.60
C ASN QE 58 -155.02 97.59 87.31
N GLU QE 59 -155.16 98.74 86.63
CA GLU QE 59 -155.88 98.76 85.36
C GLU QE 59 -155.16 98.00 84.27
N ARG QE 60 -153.83 98.09 84.23
CA ARG QE 60 -153.08 97.35 83.22
C ARG QE 60 -153.30 95.85 83.43
N PHE QE 61 -153.20 95.40 84.68
CA PHE QE 61 -153.44 94.00 84.99
C PHE QE 61 -154.88 93.60 84.70
N ALA QE 62 -155.82 94.50 84.98
CA ALA QE 62 -157.23 94.20 84.72
C ALA QE 62 -157.47 94.01 83.22
N ARG QE 63 -156.88 94.85 82.39
CA ARG QE 63 -157.02 94.68 80.95
C ARG QE 63 -156.42 93.35 80.50
N GLN QE 64 -155.20 93.05 80.99
CA GLN QE 64 -154.58 91.78 80.62
C GLN QE 64 -155.41 90.59 81.06
N PHE QE 65 -155.95 90.64 82.28
CA PHE QE 65 -156.74 89.55 82.80
C PHE QE 65 -158.06 89.41 82.07
N ARG QE 66 -158.68 90.52 81.65
CA ARG QE 66 -159.88 90.42 80.84
C ARG QE 66 -159.75 89.68 79.51
N MET QE 67 -158.69 89.97 78.75
CA MET QE 67 -158.45 89.21 77.53
C MET QE 67 -158.04 87.74 77.76
N GLY QE 68 -157.35 87.51 78.88
CA GLY QE 68 -156.96 86.15 79.25
C GLY QE 68 -158.24 85.40 79.54
N LEU QE 69 -159.16 86.03 80.28
CA LEU QE 69 -160.43 85.40 80.58
C LEU QE 69 -161.27 85.21 79.32
N PHE QE 70 -161.22 86.18 78.40
CA PHE QE 70 -161.88 85.99 77.12
C PHE QE 70 -161.28 84.82 76.37
N ASN QE 71 -159.95 84.73 76.37
CA ASN QE 71 -159.29 83.62 75.69
C ASN QE 71 -159.66 82.28 76.29
N LEU QE 72 -159.85 82.22 77.62
CA LEU QE 72 -160.11 80.94 78.27
C LEU QE 72 -161.59 80.56 78.23
N LEU QE 73 -162.43 81.40 78.84
CA LEU QE 73 -163.85 81.08 79.01
C LEU QE 73 -164.66 81.19 77.72
N ARG QE 74 -164.07 81.74 76.65
CA ARG QE 74 -164.80 82.00 75.41
C ARG QE 74 -166.03 82.87 75.66
N ARG QE 75 -165.91 83.82 76.58
CA ARG QE 75 -166.97 84.76 76.90
C ARG QE 75 -166.36 86.15 77.05
N SER QE 76 -167.20 87.14 77.34
CA SER QE 76 -166.75 88.53 77.44
C SER QE 76 -166.89 89.05 78.85
N PRO QE 77 -165.87 88.94 79.69
CA PRO QE 77 -165.92 89.55 81.02
C PRO QE 77 -165.57 91.02 81.09
N ASP QE 78 -166.10 91.69 82.10
CA ASP QE 78 -165.73 93.08 82.38
C ASP QE 78 -165.23 93.12 83.82
N ILE QE 79 -164.04 93.70 84.00
CA ILE QE 79 -163.39 93.78 85.30
C ILE QE 79 -163.34 95.23 85.71
N THR QE 80 -163.95 95.54 86.86
CA THR QE 80 -163.93 96.87 87.44
C THR QE 80 -162.95 96.86 88.61
N VAL QE 81 -161.96 97.76 88.57
CA VAL QE 81 -160.98 97.84 89.63
C VAL QE 81 -161.54 98.66 90.78
N GLY QE 82 -161.57 98.07 91.97
CA GLY QE 82 -162.03 98.79 93.13
C GLY QE 82 -160.96 99.68 93.72
N ALA QE 83 -161.35 100.44 94.74
CA ALA QE 83 -160.41 101.31 95.41
C ALA QE 83 -159.40 100.50 96.21
N ILE QE 84 -158.13 100.88 96.10
CA ILE QE 84 -157.08 100.21 96.86
C ILE QE 84 -157.29 100.49 98.35
N ARG QE 85 -157.30 99.43 99.16
CA ARG QE 85 -157.52 99.57 100.59
C ARG QE 85 -156.22 99.26 101.36
N ILE QE 86 -155.80 100.21 102.17
CA ILE QE 86 -154.64 100.04 103.04
C ILE QE 86 -155.11 99.76 104.46
N GLN QE 87 -155.06 98.50 104.85
CA GLN QE 87 -155.75 98.06 106.05
C GLN QE 87 -154.93 97.03 106.81
N PRO QE 88 -155.15 96.89 108.12
CA PRO QE 88 -154.48 95.83 108.86
C PRO QE 88 -154.89 94.46 108.34
N TYR QE 89 -153.98 93.50 108.47
CA TYR QE 89 -154.20 92.18 107.88
C TYR QE 89 -155.42 91.43 108.39
N HIS QE 90 -155.75 91.59 109.68
CA HIS QE 90 -156.92 90.89 110.29
C HIS QE 90 -158.24 91.47 109.79
N GLU QE 91 -158.26 92.71 109.28
CA GLU QE 91 -159.45 93.29 108.66
C GLU QE 91 -159.63 92.57 107.33
N PHE QE 92 -158.56 92.44 106.57
CA PHE QE 92 -158.62 91.72 105.29
C PHE QE 92 -159.02 90.27 105.51
N ALA QE 93 -158.48 89.64 106.54
CA ALA QE 93 -158.82 88.24 106.81
C ALA QE 93 -160.28 88.09 107.19
N ARG QE 94 -160.79 88.98 108.04
CA ARG QE 94 -162.16 88.83 108.51
C ARG QE 94 -163.17 89.18 107.42
N ASN QE 95 -162.82 90.09 106.51
CA ASN QE 95 -163.76 90.41 105.44
C ASN QE 95 -163.87 89.28 104.43
N LEU QE 96 -162.87 88.40 104.37
CA LEU QE 96 -162.91 87.30 103.43
C LEU QE 96 -163.97 86.28 103.83
N PRO QE 97 -164.60 85.61 102.87
CA PRO QE 97 -165.53 84.54 103.19
C PRO QE 97 -164.80 83.22 103.39
N VAL QE 98 -165.55 82.23 103.88
CA VAL QE 98 -164.98 80.91 104.14
C VAL QE 98 -165.89 79.84 103.54
N PRO QE 99 -165.35 78.92 102.74
CA PRO QE 99 -163.96 78.84 102.27
C PRO QE 99 -163.74 79.74 101.07
N THR QE 100 -162.47 80.08 100.81
CA THR QE 100 -162.09 80.90 99.63
C THR QE 100 -160.73 80.42 99.22
N ASN QE 101 -160.48 80.20 97.93
CA ASN QE 101 -159.12 79.87 97.42
C ASN QE 101 -158.12 81.01 97.60
N LEU QE 102 -157.05 80.80 98.36
CA LEU QE 102 -155.96 81.78 98.59
C LEU QE 102 -154.72 81.30 97.82
N ASN QE 103 -154.00 82.12 97.07
CA ASN QE 103 -152.85 81.65 96.24
C ASN QE 103 -151.58 82.38 96.72
N LEU QE 104 -150.77 81.77 97.60
CA LEU QE 104 -149.56 82.43 98.03
C LEU QE 104 -148.62 82.58 96.84
N ILE QE 105 -148.14 83.79 96.60
CA ILE QE 105 -147.30 84.08 95.45
C ILE QE 105 -146.05 84.81 95.93
N HIS QE 106 -144.94 84.55 95.24
CA HIS QE 106 -143.67 85.19 95.54
C HIS QE 106 -143.38 86.22 94.47
N LEU QE 107 -143.27 87.48 94.87
CA LEU QE 107 -142.93 88.57 93.95
C LEU QE 107 -141.46 88.90 94.04
N LYS QE 108 -140.63 87.94 93.65
CA LYS QE 108 -139.19 88.12 93.71
C LYS QE 108 -138.76 89.23 92.75
N PRO QE 109 -137.70 89.99 93.08
CA PRO QE 109 -136.80 89.82 94.22
C PRO QE 109 -137.29 90.48 95.50
N LEU QE 110 -138.54 90.94 95.56
CA LEU QE 110 -139.08 91.56 96.76
C LEU QE 110 -139.29 90.49 97.82
N ARG QE 111 -138.67 90.67 98.99
CA ARG QE 111 -138.80 89.69 100.05
C ARG QE 111 -140.18 89.79 100.70
N GLY QE 112 -140.88 88.66 100.75
CA GLY QE 112 -142.21 88.60 101.29
C GLY QE 112 -143.05 87.60 100.51
N THR QE 113 -144.35 87.60 100.79
CA THR QE 113 -145.27 86.66 100.15
C THR QE 113 -146.63 87.34 100.00
N GLY QE 114 -147.01 87.59 98.74
CA GLY QE 114 -148.32 88.16 98.48
C GLY QE 114 -149.39 87.10 98.35
N LEU QE 115 -150.63 87.56 98.22
CA LEU QE 115 -151.79 86.68 98.21
C LEU QE 115 -152.72 87.08 97.08
N VAL QE 116 -153.22 86.08 96.36
CA VAL QE 116 -154.24 86.28 95.33
C VAL QE 116 -155.48 85.51 95.76
N VAL QE 117 -156.57 86.22 95.98
CA VAL QE 117 -157.78 85.63 96.55
C VAL QE 117 -158.84 85.54 95.47
N PHE QE 118 -159.20 84.30 95.12
CA PHE QE 118 -160.30 84.01 94.21
C PHE QE 118 -161.56 83.66 94.99
N SER QE 119 -162.61 84.45 94.78
CA SER QE 119 -163.86 84.19 95.46
C SER QE 119 -164.54 82.89 95.01
N PRO QE 120 -165.34 82.23 95.88
CA PRO QE 120 -166.10 81.02 95.46
C PRO QE 120 -166.96 81.35 94.25
N SER QE 121 -167.49 82.58 94.21
CA SER QE 121 -168.38 82.93 93.11
C SER QE 121 -167.64 82.89 91.78
N LEU QE 122 -166.42 83.43 91.74
CA LEU QE 122 -165.67 83.49 90.49
C LEU QE 122 -165.29 82.09 90.01
N VAL QE 123 -164.80 81.24 90.91
CA VAL QE 123 -164.43 79.89 90.51
C VAL QE 123 -165.66 79.09 90.11
N PHE QE 124 -166.78 79.33 90.78
CA PHE QE 124 -168.03 78.67 90.38
C PHE QE 124 -168.43 79.09 88.97
N ILE QE 125 -168.33 80.37 88.67
CA ILE QE 125 -168.68 80.87 87.34
C ILE QE 125 -167.76 80.26 86.29
N ALA QE 126 -166.46 80.21 86.58
CA ALA QE 126 -165.51 79.67 85.62
C ALA QE 126 -165.75 78.19 85.36
N VAL QE 127 -165.96 77.42 86.43
CA VAL QE 127 -166.21 75.99 86.27
C VAL QE 127 -167.51 75.75 85.52
N ASP QE 128 -168.54 76.55 85.82
CA ASP QE 128 -169.81 76.42 85.13
C ASP QE 128 -169.66 76.71 83.64
N ASN QE 129 -168.93 77.77 83.30
CA ASN QE 129 -168.76 78.11 81.89
C ASN QE 129 -167.92 77.07 81.16
N LEU QE 130 -166.86 76.56 81.80
CA LEU QE 130 -166.02 75.57 81.14
C LEU QE 130 -166.78 74.27 80.89
N PHE QE 131 -167.55 73.82 81.87
CA PHE QE 131 -168.17 72.50 81.81
C PHE QE 131 -169.63 72.62 81.35
N GLY QE 132 -169.79 73.11 80.12
CA GLY QE 132 -171.08 73.09 79.46
C GLY QE 132 -172.20 73.81 80.19
N GLY QE 133 -171.93 75.01 80.69
CA GLY QE 133 -172.95 75.77 81.36
C GLY QE 133 -173.05 77.21 80.89
N ASP QE 134 -174.26 77.63 80.51
CA ASP QE 134 -174.48 79.03 80.05
C ASP QE 134 -174.86 79.91 81.24
N GLY QE 135 -174.48 79.50 82.46
CA GLY QE 135 -174.78 80.30 83.63
C GLY QE 135 -176.25 80.60 83.73
N ARG QE 136 -177.12 79.68 83.30
CA ARG QE 136 -178.55 79.86 83.45
C ARG QE 136 -178.98 79.85 84.92
N PHE QE 137 -178.59 78.80 85.65
CA PHE QE 137 -178.92 78.72 87.06
C PHE QE 137 -178.11 79.65 87.96
N PRO QE 138 -178.70 80.13 89.05
CA PRO QE 138 -177.94 81.00 89.96
C PRO QE 138 -176.80 80.24 90.63
N THR QE 139 -175.73 80.97 90.92
CA THR QE 139 -174.60 80.37 91.63
C THR QE 139 -174.99 80.12 93.09
N LYS QE 140 -174.76 78.90 93.57
CA LYS QE 140 -175.06 78.51 94.93
C LYS QE 140 -173.77 78.08 95.63
N VAL QE 141 -173.43 78.77 96.71
CA VAL QE 141 -172.27 78.44 97.52
C VAL QE 141 -172.73 78.27 98.97
N GLU QE 142 -172.44 77.11 99.54
CA GLU QE 142 -172.87 76.77 100.90
C GLU QE 142 -171.71 76.18 101.68
N GLY QE 143 -170.54 76.83 101.61
CA GLY QE 143 -169.38 76.31 102.31
C GLY QE 143 -168.74 75.11 101.65
N ARG QE 144 -169.11 74.82 100.41
CA ARG QE 144 -168.55 73.68 99.70
C ARG QE 144 -167.07 73.92 99.39
N GLU QE 145 -166.26 72.87 99.57
CA GLU QE 145 -164.83 72.96 99.33
C GLU QE 145 -164.55 72.82 97.84
N PHE QE 146 -163.26 72.77 97.51
CA PHE QE 146 -162.80 72.71 96.12
C PHE QE 146 -162.18 71.35 95.84
N THR QE 147 -162.67 70.69 94.80
CA THR QE 147 -162.15 69.39 94.43
C THR QE 147 -160.86 69.56 93.61
N HIS QE 148 -160.30 68.43 93.19
CA HIS QE 148 -159.06 68.48 92.41
C HIS QE 148 -159.29 69.10 91.04
N THR QE 149 -160.43 68.80 90.41
CA THR QE 149 -160.75 69.43 89.12
C THR QE 149 -160.94 70.93 89.28
N GLU QE 150 -161.64 71.35 90.33
CA GLU QE 150 -161.78 72.78 90.60
C GLU QE 150 -160.43 73.41 90.86
N GLN QE 151 -159.57 72.72 91.60
CA GLN QE 151 -158.24 73.25 91.88
C GLN QE 151 -157.43 73.39 90.59
N ARG QE 152 -157.57 72.45 89.66
CA ARG QE 152 -156.86 72.56 88.40
C ARG QE 152 -157.39 73.71 87.56
N VAL QE 153 -158.71 73.91 87.55
CA VAL QE 153 -159.28 75.06 86.86
C VAL QE 153 -158.77 76.36 87.44
N ILE QE 154 -158.70 76.43 88.77
CA ILE QE 154 -158.20 77.63 89.43
C ILE QE 154 -156.72 77.85 89.11
N ASN QE 155 -155.95 76.77 89.04
CA ASN QE 155 -154.55 76.90 88.64
C ASN QE 155 -154.44 77.44 87.23
N ARG QE 156 -155.29 76.96 86.33
CA ARG QE 156 -155.27 77.46 84.95
C ARG QE 156 -155.63 78.94 84.90
N MET QE 157 -156.62 79.36 85.67
CA MET QE 157 -156.96 80.78 85.74
C MET QE 157 -155.82 81.59 86.35
N LEU QE 158 -155.22 81.07 87.42
CA LEU QE 158 -154.19 81.81 88.13
C LEU QE 158 -152.93 81.95 87.30
N LYS QE 159 -152.68 81.01 86.38
CA LYS QE 159 -151.55 81.18 85.48
C LYS QE 159 -151.73 82.45 84.65
N LEU QE 160 -152.91 82.63 84.07
CA LEU QE 160 -153.19 83.86 83.32
C LEU QE 160 -153.14 85.08 84.22
N ALA QE 161 -153.70 84.98 85.43
CA ALA QE 161 -153.69 86.12 86.34
C ALA QE 161 -152.26 86.54 86.69
N LEU QE 162 -151.40 85.58 86.97
CA LEU QE 162 -150.02 85.89 87.32
C LEU QE 162 -149.25 86.43 86.12
N GLU QE 163 -149.49 85.88 84.93
CA GLU QE 163 -148.85 86.42 83.75
C GLU QE 163 -149.26 87.87 83.53
N GLY QE 164 -150.55 88.16 83.66
CA GLY QE 164 -151.00 89.54 83.50
C GLY QE 164 -150.42 90.47 84.54
N TYR QE 165 -150.37 90.02 85.80
CA TYR QE 165 -149.81 90.86 86.84
C TYR QE 165 -148.32 91.13 86.61
N SER QE 166 -147.57 90.09 86.21
CA SER QE 166 -146.16 90.28 85.94
C SER QE 166 -145.94 91.24 84.78
N ASP QE 167 -146.75 91.11 83.72
CA ASP QE 167 -146.63 92.01 82.59
C ASP QE 167 -146.95 93.45 82.99
N ALA QE 168 -147.98 93.62 83.82
CA ALA QE 168 -148.34 94.96 84.29
C ALA QE 168 -147.22 95.57 85.12
N TRP QE 169 -146.60 94.76 86.00
CA TRP QE 169 -145.53 95.27 86.83
C TRP QE 169 -144.30 95.53 85.96
N LYS QE 170 -144.15 94.75 84.87
CA LYS QE 170 -142.97 94.87 84.03
C LYS QE 170 -142.74 96.30 83.54
N ALA QE 171 -143.81 97.03 83.28
CA ALA QE 171 -143.68 98.42 82.85
C ALA QE 171 -142.93 99.34 83.81
N ILE QE 172 -143.19 99.20 85.12
CA ILE QE 172 -142.57 100.06 86.12
C ILE QE 172 -141.33 99.37 86.69
N ASN QE 173 -141.53 98.20 87.31
CA ASN QE 173 -140.43 97.46 87.90
C ASN QE 173 -140.53 96.00 87.49
N PRO QE 174 -139.55 95.47 86.76
CA PRO QE 174 -139.66 94.07 86.29
C PRO QE 174 -139.58 93.08 87.44
N LEU QE 175 -140.70 92.38 87.67
CA LEU QE 175 -140.80 91.38 88.72
C LEU QE 175 -141.21 90.04 88.11
N GLU QE 176 -140.79 88.96 88.73
CA GLU QE 176 -141.21 87.62 88.35
C GLU QE 176 -142.14 87.07 89.42
N VAL QE 177 -143.28 86.55 88.99
CA VAL QE 177 -144.35 86.10 89.89
C VAL QE 177 -144.35 84.58 89.89
N GLU QE 178 -144.18 84.00 91.06
CA GLU QE 178 -144.17 82.55 91.22
C GLU QE 178 -145.29 82.12 92.16
N TYR QE 179 -146.07 81.13 91.71
CA TYR QE 179 -147.11 80.54 92.52
C TYR QE 179 -146.52 79.38 93.32
N VAL QE 180 -146.62 79.44 94.64
CA VAL QE 180 -145.94 78.50 95.51
C VAL QE 180 -146.92 77.53 96.18
N ARG QE 181 -148.13 77.99 96.49
CA ARG QE 181 -149.03 77.16 97.28
C ARG QE 181 -150.43 77.73 97.19
N SER QE 182 -151.42 76.85 97.32
CA SER QE 182 -152.81 77.25 97.37
C SER QE 182 -153.43 76.63 98.60
N GLU QE 183 -154.34 77.37 99.22
CA GLU QE 183 -155.00 76.97 100.45
C GLU QE 183 -156.45 77.41 100.38
N MET QE 184 -157.26 76.86 101.29
CA MET QE 184 -158.69 77.16 101.32
C MET QE 184 -159.16 77.90 102.57
N GLN QE 185 -158.45 77.74 103.68
CA GLN QE 185 -158.78 78.45 104.91
C GLN QE 185 -157.92 79.69 105.04
N VAL QE 186 -158.26 80.53 106.02
CA VAL QE 186 -157.52 81.77 106.23
C VAL QE 186 -156.33 81.59 107.17
N LYS QE 187 -156.42 80.65 108.11
CA LYS QE 187 -155.39 80.50 109.12
C LYS QE 187 -154.14 79.77 108.61
N PHE QE 188 -154.16 79.27 107.37
CA PHE QE 188 -153.00 78.61 106.81
C PHE QE 188 -151.99 79.53 106.15
N THR QE 189 -152.36 80.77 105.83
CA THR QE 189 -151.47 81.65 105.08
C THR QE 189 -150.49 82.39 105.98
N ASN QE 190 -151.01 83.23 106.87
CA ASN QE 190 -150.21 84.04 107.79
C ASN QE 190 -148.96 84.61 107.11
N ILE QE 191 -149.19 85.48 106.12
CA ILE QE 191 -148.08 86.14 105.36
C ILE QE 191 -147.62 87.38 106.14
N THR QE 192 -148.28 87.72 107.25
CA THR QE 192 -147.95 88.89 108.09
C THR QE 192 -147.45 88.39 109.44
N THR QE 193 -146.29 88.88 109.90
CA THR QE 193 -145.67 88.44 111.17
C THR QE 193 -146.69 88.58 112.27
N SER QE 194 -147.47 89.66 112.28
CA SER QE 194 -148.53 89.90 113.25
C SER QE 194 -149.83 90.24 112.54
N PRO QE 195 -150.97 89.92 113.14
CA PRO QE 195 -152.25 90.26 112.51
C PRO QE 195 -152.51 91.74 112.40
N ASN QE 196 -151.79 92.57 113.14
CA ASN QE 196 -151.95 94.01 113.07
C ASN QE 196 -151.07 94.66 112.03
N ASP QE 197 -150.31 93.88 111.26
CA ASP QE 197 -149.49 94.44 110.20
C ASP QE 197 -150.39 95.00 109.09
N ILE QE 198 -149.84 95.95 108.36
CA ILE QE 198 -150.59 96.70 107.36
C ILE QE 198 -150.34 96.09 105.99
N VAL QE 199 -151.41 95.88 105.23
CA VAL QE 199 -151.33 95.30 103.89
C VAL QE 199 -152.14 96.15 102.93
N VAL QE 200 -151.80 96.04 101.65
CA VAL QE 200 -152.44 96.78 100.58
C VAL QE 200 -153.35 95.86 99.77
N ASN QE 201 -154.66 96.15 99.82
CA ASN QE 201 -155.64 95.25 99.15
C ASN QE 201 -156.32 95.92 97.95
N THR QE 202 -156.33 95.24 96.80
CA THR QE 202 -157.02 95.70 95.60
C THR QE 202 -158.11 94.71 95.23
N PRO QE 203 -159.38 95.04 95.43
CA PRO QE 203 -160.48 94.16 94.98
C PRO QE 203 -160.90 94.49 93.56
N PHE QE 204 -160.98 93.47 92.71
CA PHE QE 204 -161.54 93.59 91.38
C PHE QE 204 -162.87 92.86 91.32
N HIS QE 205 -163.80 93.39 90.55
CA HIS QE 205 -165.10 92.77 90.34
C HIS QE 205 -165.20 92.33 88.89
N VAL QE 206 -165.41 91.04 88.67
CA VAL QE 206 -165.49 90.46 87.33
C VAL QE 206 -166.94 90.05 87.09
N GLU QE 207 -167.53 90.60 86.03
CA GLU QE 207 -168.90 90.25 85.67
C GLU QE 207 -168.91 89.54 84.33
N ILE QE 208 -169.61 88.41 84.29
CA ILE QE 208 -169.82 87.63 83.06
C ILE QE 208 -171.32 87.47 82.88
N GLY QE 209 -171.84 88.05 81.79
CA GLY QE 209 -173.29 88.04 81.62
C GLY QE 209 -173.96 88.70 82.80
N ASN QE 210 -174.96 88.01 83.36
CA ASN QE 210 -175.61 88.49 84.57
C ASN QE 210 -174.83 88.08 85.82
N LEU QE 211 -174.02 87.04 85.74
CA LEU QE 211 -173.29 86.56 86.90
C LEU QE 211 -172.16 87.50 87.26
N THR QE 212 -171.85 87.56 88.55
CA THR QE 212 -170.79 88.42 89.06
C THR QE 212 -169.95 87.69 90.08
N GLY QE 213 -168.72 88.15 90.23
CA GLY QE 213 -167.82 87.63 91.25
C GLY QE 213 -166.74 88.65 91.51
N GLU QE 214 -165.88 88.35 92.48
CA GLU QE 214 -164.82 89.27 92.83
C GLU QE 214 -163.56 88.50 93.19
N PHE QE 215 -162.43 89.18 93.09
CA PHE QE 215 -161.16 88.59 93.49
C PHE QE 215 -160.21 89.70 93.90
N ASN QE 216 -159.41 89.44 94.93
CA ASN QE 216 -158.54 90.45 95.51
C ASN QE 216 -157.08 90.10 95.30
N ILE QE 217 -156.24 91.14 95.31
CA ILE QE 217 -154.80 90.96 95.32
C ILE QE 217 -154.23 91.72 96.52
N CYS QE 218 -153.64 91.00 97.47
CA CYS QE 218 -153.16 91.59 98.70
C CYS QE 218 -151.65 91.45 98.80
N LEU QE 219 -150.97 92.56 99.06
CA LEU QE 219 -149.53 92.59 99.20
C LEU QE 219 -149.17 93.14 100.57
N PRO QE 220 -148.36 92.44 101.35
CA PRO QE 220 -147.91 93.01 102.63
C PRO QE 220 -147.08 94.26 102.38
N PHE QE 221 -147.24 95.25 103.25
CA PHE QE 221 -146.54 96.52 103.08
C PHE QE 221 -145.03 96.37 103.16
N SER QE 222 -144.53 95.28 103.75
CA SER QE 222 -143.08 95.08 103.81
C SER QE 222 -142.49 94.95 102.42
N MET QE 223 -143.19 94.25 101.52
CA MET QE 223 -142.70 94.10 100.15
C MET QE 223 -142.70 95.44 99.43
N ILE QE 224 -143.74 96.24 99.63
CA ILE QE 224 -143.88 97.50 98.91
C ILE QE 224 -142.92 98.56 99.44
N GLU QE 225 -142.58 98.48 100.73
CA GLU QE 225 -141.81 99.55 101.38
C GLU QE 225 -140.52 99.94 100.65
N PRO QE 226 -139.69 99.03 100.17
CA PRO QE 226 -138.51 99.47 99.40
C PRO QE 226 -138.86 100.20 98.12
N LEU QE 227 -140.08 100.05 97.61
CA LEU QE 227 -140.52 100.70 96.39
C LEU QE 227 -141.56 101.80 96.62
N ARG QE 228 -141.58 102.39 97.81
CA ARG QE 228 -142.62 103.37 98.12
C ARG QE 228 -142.49 104.64 97.28
N GLU QE 229 -141.26 105.14 97.14
CA GLU QE 229 -141.05 106.36 96.37
C GLU QE 229 -141.39 106.10 94.91
N LEU QE 230 -141.24 104.86 94.44
CA LEU QE 230 -141.63 104.52 93.09
C LEU QE 230 -143.14 104.40 92.95
N LEU QE 231 -143.79 103.81 93.97
CA LEU QE 231 -145.25 103.52 93.91
C LEU QE 231 -146.08 104.74 94.31
N VAL QE 232 -145.46 105.77 94.89
CA VAL QE 232 -146.21 106.96 95.38
C VAL QE 232 -146.45 107.92 94.21
N ASN QE 233 -145.40 108.42 93.52
CA ASN QE 233 -145.61 109.42 92.49
C ASN QE 233 -146.12 108.77 91.21
N PRO QE 234 -147.02 109.43 90.49
CA PRO QE 234 -147.49 108.90 89.21
C PRO QE 234 -146.34 108.75 88.23
N PRO QE 235 -146.36 107.71 87.41
CA PRO QE 235 -145.23 107.48 86.50
C PRO QE 235 -145.11 108.58 85.46
N LEU QE 236 -143.89 108.86 85.05
CA LEU QE 236 -143.61 109.86 84.03
C LEU QE 236 -142.99 109.20 82.80
N GLU QE 237 -143.27 109.77 81.64
CA GLU QE 237 -142.78 109.24 80.37
C GLU QE 237 -141.30 109.59 80.23
N ASN QE 238 -140.46 108.74 80.81
CA ASN QE 238 -139.02 108.93 80.79
C ASN QE 238 -138.37 107.58 80.45
N SER QE 239 -137.05 107.52 80.59
CA SER QE 239 -136.31 106.31 80.31
C SER QE 239 -135.37 106.02 81.49
N ARG QE 240 -134.93 104.76 81.57
CA ARG QE 240 -134.00 104.38 82.62
C ARG QE 240 -132.70 105.16 82.50
N HIS QE 241 -132.25 105.43 81.27
CA HIS QE 241 -131.07 106.27 81.07
C HIS QE 241 -131.31 107.67 81.63
N GLU QE 242 -132.49 108.24 81.36
CA GLU QE 242 -132.79 109.56 81.88
C GLU QE 242 -132.87 109.56 83.41
N ASP QE 243 -133.44 108.50 83.99
CA ASP QE 243 -133.55 108.41 85.44
C ASP QE 243 -132.17 108.31 86.09
N GLN QE 244 -131.30 107.46 85.55
CA GLN QE 244 -129.96 107.35 86.12
C GLN QE 244 -129.16 108.63 85.90
N ASN QE 245 -129.37 109.32 84.77
CA ASN QE 245 -128.72 110.61 84.57
C ASN QE 245 -129.20 111.62 85.60
N TRP QE 246 -130.51 111.61 85.90
CA TRP QE 246 -131.05 112.50 86.92
C TRP QE 246 -130.44 112.47 88.32
N ARG QE 247 -130.35 111.26 88.88
CA ARG QE 247 -129.77 111.12 90.25
C ARG QE 247 -128.25 111.34 90.15
N ASP QE 248 -127.65 110.99 89.01
CA ASP QE 248 -126.19 111.23 88.82
C ASP QE 248 -125.91 112.73 88.97
N ASN QE 249 -126.65 113.56 88.23
CA ASN QE 249 -126.47 115.04 88.30
C ASN QE 249 -126.81 115.50 89.73
N LEU QE 250 -127.89 114.99 90.30
CA LEU QE 250 -128.28 115.36 91.68
C LEU QE 250 -127.15 114.98 92.64
N VAL QE 251 -126.60 113.77 92.49
CA VAL QE 251 -125.47 113.32 93.35
C VAL QE 251 -124.34 114.34 93.21
N ARG QE 252 -124.01 114.72 91.97
CA ARG QE 252 -122.95 115.70 91.76
C ARG QE 252 -123.30 117.05 92.36
N GLN QE 253 -124.59 117.44 92.30
CA GLN QE 253 -125.00 118.69 92.91
C GLN QE 253 -124.91 118.63 94.43
N VAL QE 254 -125.16 117.45 95.01
CA VAL QE 254 -125.14 117.32 96.46
C VAL QE 254 -123.72 117.50 97.00
N GLN QE 255 -122.72 117.04 96.24
CA GLN QE 255 -121.34 117.07 96.72
C GLN QE 255 -120.89 118.46 97.14
N HIS QE 256 -121.43 119.50 96.50
CA HIS QE 256 -121.07 120.88 96.85
C HIS QE 256 -122.00 121.41 97.92
N SER QE 257 -122.04 120.71 99.07
CA SER QE 257 -122.85 121.12 100.25
C SER QE 257 -121.97 121.00 101.51
N GLU QE 258 -121.66 122.12 102.16
CA GLU QE 258 -120.79 122.14 103.36
C GLU QE 258 -121.47 121.38 104.51
N LEU QE 259 -120.71 120.64 105.32
CA LEU QE 259 -121.24 119.89 106.50
C LEU QE 259 -120.61 120.44 107.77
N GLU QE 260 -121.08 120.01 108.94
CA GLU QE 260 -120.48 120.35 110.23
C GLU QE 260 -119.93 119.08 110.86
N LEU QE 261 -118.61 118.99 110.97
CA LEU QE 261 -117.96 117.81 111.52
C LEU QE 261 -117.46 118.12 112.93
N VAL QE 262 -117.78 117.25 113.87
CA VAL QE 262 -117.47 117.45 115.28
C VAL QE 262 -116.60 116.30 115.77
N ALA QE 263 -115.47 116.62 116.39
CA ALA QE 263 -114.55 115.62 116.92
C ALA QE 263 -114.74 115.53 118.42
N ASN QE 264 -114.90 114.31 118.93
CA ASN QE 264 -115.07 114.06 120.36
C ASN QE 264 -113.75 113.52 120.90
N PHE QE 265 -113.10 114.31 121.77
CA PHE QE 265 -111.80 113.93 122.40
C PHE QE 265 -112.02 112.93 123.52
N ALA QE 266 -112.98 113.18 124.42
CA ALA QE 266 -113.26 112.29 125.57
C ALA QE 266 -114.73 112.35 125.99
N ASP QE 267 -115.24 111.35 126.73
CA ASP QE 267 -116.60 111.35 127.26
C ASP QE 267 -116.54 110.82 128.68
N ILE QE 268 -116.60 111.73 129.65
CA ILE QE 268 -116.42 111.40 131.06
C ILE QE 268 -117.78 111.38 131.72
N PRO QE 269 -118.13 110.36 132.55
CA PRO QE 269 -119.46 110.27 133.22
C PRO QE 269 -119.42 110.86 134.62
N LEU QE 270 -120.11 111.99 134.83
CA LEU QE 270 -120.21 112.61 136.17
C LEU QE 270 -121.65 112.69 136.64
N ARG QE 271 -121.87 112.62 137.95
CA ARG QE 271 -123.23 112.76 138.53
C ARG QE 271 -123.63 114.24 138.52
N LEU QE 272 -124.92 114.52 138.64
CA LEU QE 272 -125.40 115.92 138.71
C LEU QE 272 -124.75 116.63 139.90
N SER QE 273 -124.57 115.90 141.00
CA SER QE 273 -124.01 116.52 142.23
C SER QE 273 -122.62 117.06 141.93
N GLN QE 274 -121.82 116.29 141.20
CA GLN QE 274 -120.48 116.81 140.84
C GLN QE 274 -120.64 118.07 140.00
N ILE QE 275 -121.59 118.10 139.08
CA ILE QE 275 -121.71 119.29 138.18
C ILE QE 275 -121.99 120.60 138.93
N LEU QE 276 -122.92 120.58 139.89
CA LEU QE 276 -123.15 121.81 140.70
C LEU QE 276 -122.00 122.33 141.58
N LYS QE 277 -121.28 121.40 142.22
CA LYS QE 277 -120.06 121.76 143.00
C LYS QE 277 -118.84 122.05 142.04
N LEU QE 278 -119.04 121.62 140.78
CA LEU QE 278 -117.96 121.76 139.79
C LEU QE 278 -117.81 123.28 139.74
N LYS QE 279 -116.57 123.74 139.80
CA LYS QE 279 -116.24 125.18 139.75
C LYS QE 279 -114.87 125.29 139.08
N PRO QE 280 -114.45 126.44 138.50
CA PRO QE 280 -113.16 126.52 137.76
C PRO QE 280 -111.97 126.05 138.60
N GLY QE 281 -110.97 125.44 137.98
CA GLY QE 281 -109.77 124.95 138.62
C GLY QE 281 -109.77 123.47 138.93
N ASP QE 282 -110.92 122.82 138.86
CA ASP QE 282 -110.99 121.38 139.15
C ASP QE 282 -110.35 120.58 138.02
N VAL QE 283 -109.99 119.33 138.35
CA VAL QE 283 -109.44 118.40 137.37
C VAL QE 283 -110.31 117.17 137.35
N LEU QE 284 -110.83 116.84 136.17
CA LEU QE 284 -111.67 115.66 135.98
C LEU QE 284 -110.90 114.62 135.19
N PRO QE 285 -110.58 113.47 135.77
CA PRO QE 285 -109.68 112.53 135.09
C PRO QE 285 -110.34 111.91 133.88
N ILE QE 286 -109.55 111.73 132.82
CA ILE QE 286 -110.00 111.10 131.57
C ILE QE 286 -109.02 110.00 131.22
N GLU QE 287 -109.48 109.09 130.37
CA GLU QE 287 -108.69 107.95 129.93
C GLU QE 287 -107.99 108.27 128.62
N LYS QE 288 -107.13 107.35 128.20
CA LYS QE 288 -106.41 107.51 126.94
C LYS QE 288 -107.37 107.40 125.76
N PRO QE 289 -107.50 108.43 124.93
CA PRO QE 289 -108.18 108.25 123.64
C PRO QE 289 -107.22 107.69 122.59
N ASP QE 290 -107.38 106.40 122.27
CA ASP QE 290 -106.53 105.80 121.20
C ASP QE 290 -106.93 106.40 119.86
N ARG QE 291 -108.24 106.56 119.63
CA ARG QE 291 -108.75 107.13 118.40
C ARG QE 291 -109.85 108.14 118.72
N ILE QE 292 -110.00 109.12 117.83
CA ILE QE 292 -110.97 110.20 118.00
C ILE QE 292 -112.13 110.10 117.02
N ILE QE 293 -113.33 109.94 117.55
CA ILE QE 293 -114.52 109.84 116.70
C ILE QE 293 -114.99 111.20 116.19
N ALA QE 294 -115.22 111.28 114.89
CA ALA QE 294 -115.71 112.49 114.26
C ALA QE 294 -117.10 112.18 113.69
N HIS QE 295 -118.09 112.95 114.12
CA HIS QE 295 -119.48 112.71 113.81
C HIS QE 295 -120.12 113.98 113.26
N VAL QE 296 -121.10 113.81 112.38
CA VAL QE 296 -121.88 114.90 111.83
C VAL QE 296 -123.29 114.78 112.38
N ASP QE 297 -123.68 115.72 113.23
CA ASP QE 297 -125.02 115.74 113.83
C ASP QE 297 -125.33 114.44 114.55
N GLY QE 298 -124.31 113.87 115.19
CA GLY QE 298 -124.50 112.64 115.95
C GLY QE 298 -123.94 111.41 115.28
N VAL QE 299 -124.12 111.31 113.96
CA VAL QE 299 -123.71 110.11 113.23
C VAL QE 299 -122.19 110.11 113.04
N PRO QE 300 -121.49 109.10 113.56
CA PRO QE 300 -120.03 109.10 113.44
C PRO QE 300 -119.59 108.79 112.02
N VAL QE 301 -118.59 109.52 111.54
CA VAL QE 301 -118.15 109.40 110.16
C VAL QE 301 -116.68 109.00 110.09
N LEU QE 302 -115.89 109.39 111.08
CA LEU QE 302 -114.44 109.22 110.99
C LEU QE 302 -113.99 108.79 112.38
N THR QE 303 -112.87 108.08 112.41
CA THR QE 303 -112.06 107.92 113.61
C THR QE 303 -110.64 108.26 113.18
N SER QE 304 -109.99 109.15 113.92
CA SER QE 304 -108.72 109.73 113.48
C SER QE 304 -108.01 110.13 114.76
N GLN QE 305 -106.68 110.17 114.68
CA GLN QE 305 -105.81 110.38 115.84
C GLN QE 305 -105.66 111.89 115.94
N TYR QE 306 -105.67 112.40 117.16
CA TYR QE 306 -105.57 113.83 117.38
C TYR QE 306 -104.15 114.32 117.14
N GLY QE 307 -104.02 115.61 116.90
CA GLY QE 307 -102.73 116.21 116.67
C GLY QE 307 -102.85 117.71 116.55
N THR QE 308 -101.70 118.37 116.40
CA THR QE 308 -101.63 119.81 116.22
C THR QE 308 -100.82 120.11 114.98
N VAL QE 309 -101.39 120.87 114.06
CA VAL QE 309 -100.72 121.24 112.81
C VAL QE 309 -101.02 122.71 112.53
N ASN QE 310 -99.97 123.48 112.24
CA ASN QE 310 -100.08 124.90 111.88
C ASN QE 310 -100.81 125.69 112.97
N GLY QE 311 -100.55 125.33 114.23
CA GLY QE 311 -101.24 125.97 115.33
C GLY QE 311 -102.71 125.62 115.44
N GLN QE 312 -103.18 124.65 114.67
CA GLN QE 312 -104.57 124.24 114.67
C GLN QE 312 -104.71 122.83 115.22
N TYR QE 313 -105.81 122.58 115.91
CA TYR QE 313 -106.12 121.22 116.33
C TYR QE 313 -106.39 120.37 115.11
N ALA QE 314 -105.56 119.35 114.88
CA ALA QE 314 -105.62 118.55 113.67
C ALA QE 314 -105.98 117.11 114.01
N LEU QE 315 -106.49 116.41 112.99
CA LEU QE 315 -106.80 114.99 113.12
C LEU QE 315 -106.20 114.25 111.94
N ARG QE 316 -105.46 113.20 112.23
CA ARG QE 316 -104.88 112.32 111.21
C ARG QE 316 -105.89 111.22 110.94
N VAL QE 317 -106.57 111.30 109.78
CA VAL QE 317 -107.66 110.38 109.49
C VAL QE 317 -107.13 108.97 109.38
N GLU QE 318 -107.69 108.08 110.15
CA GLU QE 318 -107.32 106.67 110.10
C GLU QE 318 -108.30 105.77 109.37
N HIS QE 319 -109.62 106.01 109.51
CA HIS QE 319 -110.60 105.08 108.93
C HIS QE 319 -111.98 105.70 108.75
N LEU QE 320 -112.49 105.70 107.52
CA LEU QE 320 -113.87 106.12 107.25
C LEU QE 320 -114.82 105.02 107.68
N ILE QE 321 -115.81 105.37 108.49
CA ILE QE 321 -116.68 104.35 109.08
C ILE QE 321 -117.70 103.89 108.06
N ASN QE 322 -117.37 102.85 107.31
CA ASN QE 322 -118.31 102.27 106.38
C ASN QE 322 -119.29 101.36 107.11
N PRO QE 323 -120.52 101.21 106.60
CA PRO QE 323 -121.51 100.32 107.22
C PRO QE 323 -121.41 98.90 106.71
N GLN RE 52 -141.35 121.50 143.41
CA GLN RE 52 -139.99 121.98 143.29
C GLN RE 52 -139.07 121.23 144.25
N ASP RE 53 -138.72 120.00 143.88
CA ASP RE 53 -137.87 119.14 144.69
C ASP RE 53 -136.41 119.34 144.31
N ILE RE 54 -135.53 118.96 145.23
CA ILE RE 54 -134.09 119.16 145.01
C ILE RE 54 -133.34 117.85 145.16
N ASP RE 55 -133.60 117.11 146.23
CA ASP RE 55 -132.96 115.79 146.44
C ASP RE 55 -133.46 114.79 145.40
N LEU RE 56 -134.60 115.08 144.76
CA LEU RE 56 -135.21 114.14 143.78
C LEU RE 56 -134.27 113.93 142.59
N ILE RE 57 -133.63 114.99 142.09
CA ILE RE 57 -132.74 114.92 140.89
C ILE RE 57 -131.30 115.22 141.33
N MET RE 58 -131.02 115.18 142.63
CA MET RE 58 -129.69 115.51 143.14
C MET RE 58 -128.67 114.44 142.73
N ASP RE 59 -129.14 113.27 142.29
CA ASP RE 59 -128.28 112.11 142.05
C ASP RE 59 -128.31 111.64 140.60
N ILE RE 60 -129.08 112.27 139.74
CA ILE RE 60 -129.22 111.81 138.35
C ILE RE 60 -127.88 111.93 137.63
N PRO RE 61 -127.43 110.92 136.89
CA PRO RE 61 -126.16 111.03 136.18
C PRO RE 61 -126.29 111.77 134.86
N VAL RE 62 -125.20 112.42 134.46
CA VAL RE 62 -125.14 113.15 133.20
C VAL RE 62 -123.82 112.67 132.62
N LYS RE 63 -123.72 112.79 131.28
CA LYS RE 63 -122.50 112.41 130.54
C LYS RE 63 -121.91 113.70 129.97
N LEU RE 64 -120.61 113.94 130.15
CA LEU RE 64 -119.97 115.16 129.71
C LEU RE 64 -119.03 114.82 128.56
N THR RE 65 -119.07 115.63 127.50
CA THR RE 65 -118.22 115.41 126.35
C THR RE 65 -117.35 116.64 126.15
N VAL RE 66 -116.16 116.42 125.59
CA VAL RE 66 -115.23 117.49 125.26
C VAL RE 66 -114.80 117.37 123.81
N GLU RE 67 -114.66 118.50 123.12
CA GLU RE 67 -114.37 118.50 121.71
C GLU RE 67 -112.95 118.88 121.38
N LEU RE 68 -112.45 118.45 120.23
CA LEU RE 68 -111.19 118.98 119.74
C LEU RE 68 -111.48 120.34 119.13
N GLY RE 69 -112.47 120.41 118.24
CA GLY RE 69 -112.84 121.68 117.64
C GLY RE 69 -113.90 121.50 116.58
N ARG RE 70 -114.46 122.62 116.17
CA ARG RE 70 -115.41 122.69 115.07
C ARG RE 70 -114.63 122.66 113.77
N THR RE 71 -115.33 122.33 112.68
CA THR RE 71 -114.83 122.55 111.33
C THR RE 71 -116.04 122.26 110.48
N ARG RE 72 -116.09 122.87 109.30
CA ARG RE 72 -117.20 122.74 108.37
C ARG RE 72 -116.55 122.44 107.02
N MET RE 73 -116.90 121.29 106.43
CA MET RE 73 -116.17 120.78 105.29
C MET RE 73 -117.23 120.01 104.51
N THR RE 74 -117.21 120.12 103.18
CA THR RE 74 -118.31 119.60 102.33
C THR RE 74 -118.18 118.13 102.06
N ILE RE 75 -119.15 117.58 101.33
CA ILE RE 75 -119.16 116.14 100.98
C ILE RE 75 -117.93 115.83 100.13
N LYS RE 76 -117.53 116.72 99.22
CA LYS RE 76 -116.37 116.47 98.31
C LYS RE 76 -115.12 116.02 99.10
N GLU RE 77 -114.54 116.86 99.96
CA GLU RE 77 -113.36 116.57 100.76
C GLU RE 77 -113.55 115.38 101.70
N LEU RE 78 -114.74 115.23 102.26
CA LEU RE 78 -115.04 114.06 103.09
C LEU RE 78 -114.92 112.73 102.35
N LEU RE 79 -115.39 112.69 101.11
CA LEU RE 79 -115.25 111.47 100.32
C LEU RE 79 -113.86 111.13 99.83
N ARG RE 80 -113.01 112.13 99.61
CA ARG RE 80 -111.64 111.89 99.17
C ARG RE 80 -110.60 111.88 100.35
N LEU RE 81 -111.12 111.85 101.56
CA LEU RE 81 -110.26 111.75 102.73
C LEU RE 81 -109.80 110.30 102.66
N THR RE 82 -108.49 110.10 102.86
CA THR RE 82 -107.91 108.76 102.76
C THR RE 82 -107.21 108.52 104.09
N GLN RE 83 -106.63 107.33 104.24
CA GLN RE 83 -105.87 107.05 105.48
C GLN RE 83 -104.63 107.92 105.52
N GLY RE 84 -104.34 108.48 106.70
CA GLY RE 84 -103.18 109.34 106.85
C GLY RE 84 -103.43 110.78 106.49
N SER RE 85 -104.59 111.10 105.90
CA SER RE 85 -104.90 112.48 105.59
C SER RE 85 -105.15 113.27 106.87
N VAL RE 86 -104.77 114.54 106.84
CA VAL RE 86 -104.83 115.41 108.01
C VAL RE 86 -105.85 116.52 107.73
N VAL RE 87 -106.75 116.73 108.69
CA VAL RE 87 -107.76 117.79 108.61
C VAL RE 87 -107.63 118.65 109.85
N ALA RE 88 -107.71 119.97 109.69
CA ALA RE 88 -107.59 120.92 110.82
C ALA RE 88 -108.91 121.07 111.56
N LEU RE 89 -109.02 122.08 112.44
CA LEU RE 89 -110.23 122.37 113.24
C LEU RE 89 -110.28 123.89 113.34
N ASP RE 90 -111.34 124.50 113.86
CA ASP RE 90 -111.51 125.97 113.90
C ASP RE 90 -110.77 126.59 115.09
N GLY RE 91 -110.19 125.80 116.00
CA GLY RE 91 -109.50 126.29 117.18
C GLY RE 91 -107.98 126.26 117.18
N LEU RE 92 -107.39 127.37 117.60
CA LEU RE 92 -105.94 127.42 117.76
C LEU RE 92 -105.52 126.44 118.84
N ALA RE 93 -104.35 125.83 118.65
CA ALA RE 93 -103.83 124.87 119.62
C ALA RE 93 -103.47 125.62 120.89
N GLY RE 94 -104.32 125.53 121.91
CA GLY RE 94 -104.09 126.23 123.15
C GLY RE 94 -105.34 126.79 123.81
N GLU RE 95 -106.39 127.06 123.00
CA GLU RE 95 -107.62 127.54 123.61
C GLU RE 95 -108.27 126.44 124.44
N PRO RE 96 -109.03 126.78 125.47
CA PRO RE 96 -109.72 125.75 126.25
C PRO RE 96 -110.83 125.12 125.43
N LEU RE 97 -110.92 123.80 125.52
CA LEU RE 97 -111.95 123.06 124.81
C LEU RE 97 -113.31 123.28 125.47
N ASP RE 98 -114.37 123.05 124.70
CA ASP RE 98 -115.74 123.30 125.23
C ASP RE 98 -116.32 122.00 125.80
N ILE RE 99 -116.75 122.04 127.07
CA ILE RE 99 -117.37 120.85 127.71
C ILE RE 99 -118.89 120.96 127.52
N LEU RE 100 -119.56 119.88 127.11
CA LEU RE 100 -121.02 119.95 126.81
C LEU RE 100 -121.77 118.78 127.46
N ILE RE 101 -123.04 118.98 127.79
CA ILE RE 101 -123.89 117.86 128.33
C ILE RE 101 -125.17 117.80 127.49
N ASN RE 102 -125.53 116.61 126.98
CA ASN RE 102 -126.78 116.46 126.17
C ASN RE 102 -126.73 117.51 125.06
N GLY RE 103 -125.54 117.79 124.50
CA GLY RE 103 -125.40 118.74 123.38
C GLY RE 103 -125.57 120.18 123.82
N TYR RE 104 -125.49 120.47 125.12
CA TYR RE 104 -125.69 121.84 125.67
C TYR RE 104 -124.41 122.31 126.34
N LEU RE 105 -123.94 123.52 126.03
CA LEU RE 105 -122.64 124.00 126.56
C LEU RE 105 -122.75 124.03 128.08
N ILE RE 106 -121.71 123.60 128.79
CA ILE RE 106 -121.72 123.57 130.28
C ILE RE 106 -120.41 124.16 130.84
N ALA RE 107 -119.27 124.05 130.15
CA ALA RE 107 -118.00 124.49 130.76
C ALA RE 107 -116.95 124.65 129.67
N GLN RE 108 -115.74 125.02 130.09
CA GLN RE 108 -114.57 125.06 129.23
C GLN RE 108 -113.34 124.64 130.01
N GLY RE 109 -112.50 123.81 129.38
CA GLY RE 109 -111.27 123.35 129.99
C GLY RE 109 -110.39 122.64 128.99
N GLU RE 110 -109.11 122.52 129.35
CA GLU RE 110 -108.12 121.89 128.49
C GLU RE 110 -107.55 120.66 129.18
N VAL RE 111 -106.90 119.82 128.38
CA VAL RE 111 -106.28 118.59 128.87
C VAL RE 111 -104.94 118.93 129.51
N VAL RE 112 -104.64 118.27 130.63
CA VAL RE 112 -103.38 118.47 131.36
C VAL RE 112 -102.74 117.14 131.68
N VAL RE 113 -101.40 117.09 131.60
CA VAL RE 113 -100.63 115.89 131.93
C VAL RE 113 -99.99 116.04 133.30
N VAL RE 114 -100.36 115.18 134.25
CA VAL RE 114 -99.83 115.34 135.60
C VAL RE 114 -98.63 114.42 135.77
N ALA RE 115 -98.90 113.11 135.72
CA ALA RE 115 -97.83 112.11 135.75
C ALA RE 115 -97.79 111.21 134.51
N ASP RE 116 -98.72 110.26 134.44
CA ASP RE 116 -98.87 109.42 133.21
C ASP RE 116 -100.38 109.32 133.10
N LYS RE 117 -101.10 110.36 133.54
CA LYS RE 117 -102.58 110.33 133.57
C LYS RE 117 -103.15 111.62 132.95
N TYR RE 118 -104.38 111.58 132.43
CA TYR RE 118 -104.94 112.77 131.75
C TYR RE 118 -106.22 113.26 132.41
N GLY RE 119 -106.49 114.57 132.30
CA GLY RE 119 -107.72 115.15 132.81
C GLY RE 119 -107.94 116.54 132.27
N VAL RE 120 -109.16 117.03 132.45
CA VAL RE 120 -109.56 118.34 131.94
C VAL RE 120 -109.46 119.31 133.11
N ARG RE 121 -108.81 120.44 132.87
CA ARG RE 121 -108.65 121.49 133.87
C ARG RE 121 -109.63 122.59 133.45
N ILE RE 122 -110.77 122.65 134.13
CA ILE RE 122 -111.82 123.58 133.75
C ILE RE 122 -111.38 125.01 134.02
N THR RE 123 -111.58 125.89 133.04
CA THR RE 123 -111.15 127.28 133.16
C THR RE 123 -112.22 128.17 133.76
N ASP RE 124 -113.48 128.00 133.35
CA ASP RE 124 -114.55 128.87 133.84
C ASP RE 124 -115.89 128.19 133.59
N ILE RE 125 -116.95 128.82 134.10
CA ILE RE 125 -118.32 128.40 133.89
C ILE RE 125 -119.03 129.50 133.14
N ILE RE 126 -119.66 129.14 132.01
CA ILE RE 126 -120.27 130.13 131.14
C ILE RE 126 -121.61 130.56 131.69
N THR RE 127 -121.72 131.85 132.01
CA THR RE 127 -123.00 132.45 132.36
C THR RE 127 -123.86 132.58 131.10
N PRO RE 128 -125.18 132.71 131.28
CA PRO RE 128 -126.05 132.83 130.08
C PRO RE 128 -125.66 133.96 129.15
N SER RE 129 -125.23 135.10 129.70
CA SER RE 129 -124.85 136.23 128.87
C SER RE 129 -123.80 135.79 127.84
N GLU RE 130 -122.75 135.13 128.31
CA GLU RE 130 -121.79 134.55 127.39
C GLU RE 130 -122.43 133.58 126.41
N ARG RE 131 -123.28 132.68 126.93
CA ARG RE 131 -124.00 131.75 126.02
C ARG RE 131 -124.74 132.53 124.93
N MET RE 132 -125.36 133.66 125.29
CA MET RE 132 -126.16 134.42 124.30
C MET RE 132 -125.24 134.92 123.18
N ARG RE 133 -124.05 135.40 123.52
CA ARG RE 133 -123.09 135.91 122.49
C ARG RE 133 -122.50 134.71 121.72
N ARG RE 134 -122.55 133.53 122.34
CA ARG RE 134 -122.01 132.30 121.70
C ARG RE 134 -122.96 132.05 120.50
N LEU RE 135 -124.25 131.97 120.78
CA LEU RE 135 -125.25 131.87 119.69
C LEU RE 135 -125.26 133.05 118.71
N SER RE 136 -125.06 134.26 119.22
CA SER RE 136 -125.10 135.48 118.36
C SER RE 136 -123.88 135.52 117.44
N ARG RE 137 -122.74 134.98 117.88
CA ARG RE 137 -121.55 135.13 117.05
C ARG RE 137 -120.69 133.86 117.09
N ASP SE 53 -126.23 129.21 141.48
CA ASP SE 53 -125.69 127.95 140.96
C ASP SE 53 -126.80 126.98 140.55
N ILE SE 54 -127.98 127.14 141.16
CA ILE SE 54 -129.11 126.30 140.79
C ILE SE 54 -129.50 126.67 139.37
N ASP SE 55 -129.36 127.95 139.01
CA ASP SE 55 -129.72 128.39 137.67
C ASP SE 55 -128.95 127.65 136.58
N LEU SE 56 -127.68 127.31 136.84
CA LEU SE 56 -126.89 126.54 135.87
C LEU SE 56 -127.45 125.17 135.53
N ILE SE 57 -127.93 124.46 136.55
CA ILE SE 57 -128.44 123.08 136.36
C ILE SE 57 -129.98 123.09 136.40
N MET SE 58 -130.60 124.23 136.08
CA MET SE 58 -132.06 124.31 136.14
C MET SE 58 -132.46 124.32 134.67
N ASP SE 59 -131.49 124.48 133.76
CA ASP SE 59 -131.83 124.60 132.31
C ASP SE 59 -131.34 123.42 131.47
N ILE SE 60 -130.34 122.66 131.96
CA ILE SE 60 -129.75 121.56 131.18
C ILE SE 60 -130.69 120.48 130.66
N PRO SE 61 -130.56 120.06 129.38
CA PRO SE 61 -131.38 118.95 128.82
C PRO SE 61 -130.97 117.62 129.44
N VAL SE 62 -131.86 116.64 129.45
CA VAL SE 62 -131.59 115.32 129.99
C VAL SE 62 -132.51 114.40 129.21
N LYS SE 63 -132.18 113.12 129.18
CA LYS SE 63 -132.92 112.15 128.39
C LYS SE 63 -133.82 111.37 129.35
N LEU SE 64 -135.10 111.29 129.02
CA LEU SE 64 -136.09 110.62 129.87
C LEU SE 64 -136.60 109.41 129.10
N THR SE 65 -136.77 108.29 129.81
CA THR SE 65 -137.33 107.08 129.23
C THR SE 65 -138.34 106.49 130.20
N VAL SE 66 -139.24 105.66 129.69
CA VAL SE 66 -140.16 104.90 130.51
C VAL SE 66 -140.18 103.47 129.98
N GLU SE 67 -139.94 102.50 130.86
CA GLU SE 67 -139.83 101.12 130.43
C GLU SE 67 -141.10 100.36 130.77
N LEU SE 68 -141.63 99.60 129.81
CA LEU SE 68 -142.94 98.90 129.99
C LEU SE 68 -142.75 97.49 130.53
N GLY SE 69 -141.60 96.85 130.29
CA GLY SE 69 -141.40 95.43 130.65
C GLY SE 69 -140.00 95.16 131.20
N ARG SE 70 -139.85 94.02 131.89
CA ARG SE 70 -138.55 93.60 132.44
C ARG SE 70 -138.56 92.06 132.56
N THR SE 71 -137.62 91.37 131.91
CA THR SE 71 -137.56 89.90 131.92
C THR SE 71 -136.12 89.50 132.00
N ARG SE 72 -135.80 88.40 132.68
CA ARG SE 72 -134.46 87.81 132.74
C ARG SE 72 -134.42 86.55 131.89
N MET SE 73 -133.42 86.47 131.01
CA MET SE 73 -133.36 85.32 130.07
C MET SE 73 -131.93 84.83 129.84
N THR SE 74 -131.78 83.58 129.44
CA THR SE 74 -130.51 82.96 129.10
C THR SE 74 -130.42 83.11 127.58
N ILE SE 75 -129.33 82.60 126.99
CA ILE SE 75 -129.14 82.85 125.53
C ILE SE 75 -129.83 81.73 124.74
N LYS SE 76 -129.91 80.55 125.33
CA LYS SE 76 -130.69 79.49 124.69
C LYS SE 76 -132.01 80.18 124.40
N GLU SE 77 -132.59 80.81 125.41
CA GLU SE 77 -133.92 81.44 125.26
C GLU SE 77 -133.88 82.58 124.23
N LEU SE 78 -132.88 83.46 124.29
CA LEU SE 78 -132.86 84.63 123.38
C LEU SE 78 -132.71 84.18 121.93
N LEU SE 79 -131.83 83.23 121.68
CA LEU SE 79 -131.60 82.69 120.31
C LEU SE 79 -132.87 81.99 119.83
N ARG SE 80 -133.56 81.29 120.74
CA ARG SE 80 -134.76 80.50 120.37
C ARG SE 80 -135.82 81.48 119.82
N LEU SE 81 -135.95 82.66 120.43
CA LEU SE 81 -136.90 83.69 119.89
C LEU SE 81 -136.70 83.75 118.37
N THR SE 82 -137.78 83.76 117.57
CA THR SE 82 -137.67 83.94 116.11
C THR SE 82 -138.52 85.13 115.72
N GLN SE 83 -138.92 85.22 114.45
CA GLN SE 83 -139.83 86.29 114.07
C GLN SE 83 -141.25 85.95 114.49
N GLY SE 84 -141.92 86.91 115.14
CA GLY SE 84 -143.25 86.69 115.63
C GLY SE 84 -143.34 86.03 116.99
N SER SE 85 -142.21 85.66 117.59
CA SER SE 85 -142.24 85.04 118.91
C SER SE 85 -142.69 86.04 119.96
N VAL SE 86 -143.52 85.59 120.88
CA VAL SE 86 -144.05 86.41 121.95
C VAL SE 86 -143.22 86.17 123.20
N VAL SE 87 -142.70 87.24 123.79
CA VAL SE 87 -141.89 87.17 124.99
C VAL SE 87 -142.72 87.70 126.15
N ALA SE 88 -142.95 86.85 127.15
CA ALA SE 88 -143.70 87.27 128.32
C ALA SE 88 -142.90 88.21 129.22
N LEU SE 89 -143.61 89.12 129.87
CA LEU SE 89 -143.01 90.08 130.80
C LEU SE 89 -143.29 89.89 132.28
N ASP SE 90 -142.23 89.89 133.10
CA ASP SE 90 -142.41 89.70 134.53
C ASP SE 90 -143.47 90.68 135.12
N GLY SE 91 -143.43 91.92 134.63
CA GLY SE 91 -144.46 92.88 134.95
C GLY SE 91 -145.92 92.60 134.67
N LEU SE 92 -146.76 92.62 135.70
CA LEU SE 92 -148.17 92.39 135.52
C LEU SE 92 -148.82 93.59 134.84
N ALA SE 93 -149.99 93.36 134.25
CA ALA SE 93 -150.70 94.46 133.61
C ALA SE 93 -151.22 95.45 134.65
N GLY SE 94 -151.05 96.74 134.36
CA GLY SE 94 -151.53 97.78 135.23
C GLY SE 94 -150.57 98.23 136.31
N GLU SE 95 -149.47 97.53 136.51
CA GLU SE 95 -148.50 97.95 137.51
C GLU SE 95 -147.79 99.23 137.05
N PRO SE 96 -147.31 100.12 137.93
CA PRO SE 96 -146.69 101.40 137.48
C PRO SE 96 -145.41 101.15 136.68
N LEU SE 97 -145.30 101.69 135.46
CA LEU SE 97 -144.09 101.55 134.60
C LEU SE 97 -142.92 102.27 135.26
N ASP SE 98 -141.71 101.74 135.22
CA ASP SE 98 -140.56 102.53 135.75
C ASP SE 98 -140.29 103.73 134.85
N ILE SE 99 -139.93 104.89 135.39
CA ILE SE 99 -139.51 106.05 134.62
C ILE SE 99 -138.05 106.34 134.98
N LEU SE 100 -137.20 106.37 133.98
CA LEU SE 100 -135.76 106.47 134.16
C LEU SE 100 -135.25 107.76 133.55
N ILE SE 101 -134.21 108.33 134.18
CA ILE SE 101 -133.54 109.52 133.67
C ILE SE 101 -132.08 109.13 133.47
N ASN SE 102 -131.66 109.08 132.20
CA ASN SE 102 -130.32 108.62 131.84
C ASN SE 102 -130.05 107.23 132.42
N GLY SE 103 -131.07 106.39 132.44
CA GLY SE 103 -130.96 105.07 133.01
C GLY SE 103 -131.09 105.00 134.51
N TYR SE 104 -131.49 106.07 135.18
CA TYR SE 104 -131.61 106.11 136.63
C TYR SE 104 -133.08 106.22 136.99
N LEU SE 105 -133.57 105.26 137.79
CA LEU SE 105 -134.98 105.23 138.16
C LEU SE 105 -135.27 106.31 139.19
N ILE SE 106 -136.32 107.10 138.95
CA ILE SE 106 -136.70 108.14 139.89
C ILE SE 106 -138.18 108.04 140.26
N ALA SE 107 -138.98 107.42 139.40
CA ALA SE 107 -140.43 107.49 139.59
C ALA SE 107 -141.12 106.30 138.97
N GLN SE 108 -142.37 106.11 139.36
CA GLN SE 108 -143.23 105.06 138.83
C GLN SE 108 -144.56 105.67 138.41
N GLY SE 109 -145.07 105.22 137.26
CA GLY SE 109 -146.34 105.71 136.76
C GLY SE 109 -147.02 104.90 135.68
N GLU SE 110 -148.34 105.05 135.60
CA GLU SE 110 -149.12 104.32 134.61
C GLU SE 110 -149.07 104.82 133.19
N VAL SE 111 -149.46 103.98 132.25
CA VAL SE 111 -149.30 104.25 130.82
C VAL SE 111 -150.63 104.90 130.45
N VAL SE 112 -150.56 105.97 129.66
CA VAL SE 112 -151.74 106.65 129.14
C VAL SE 112 -151.35 107.31 127.83
N VAL SE 113 -152.30 107.34 126.88
CA VAL SE 113 -152.04 107.90 125.56
C VAL SE 113 -152.84 109.19 125.41
N VAL SE 114 -152.15 110.26 125.00
CA VAL SE 114 -152.79 111.60 124.87
C VAL SE 114 -152.58 112.13 123.44
N ALA SE 115 -153.67 112.48 122.74
CA ALA SE 115 -153.56 113.08 121.39
C ALA SE 115 -152.80 112.15 120.43
N ASP SE 116 -153.02 110.83 120.56
CA ASP SE 116 -152.40 109.82 119.64
C ASP SE 116 -150.88 109.74 119.83
N LYS SE 117 -150.35 110.21 120.97
CA LYS SE 117 -148.90 110.12 121.25
C LYS SE 117 -148.75 109.43 122.60
N TYR SE 118 -147.79 108.50 122.70
CA TYR SE 118 -147.55 107.79 124.00
C TYR SE 118 -147.30 108.76 125.15
N GLY SE 119 -147.69 108.37 126.37
CA GLY SE 119 -147.45 109.19 127.54
C GLY SE 119 -147.47 108.35 128.79
N VAL SE 120 -147.24 109.01 129.92
CA VAL SE 120 -147.21 108.35 131.21
C VAL SE 120 -147.60 109.36 132.28
N ARG SE 121 -148.44 108.94 133.21
CA ARG SE 121 -148.83 109.74 134.36
C ARG SE 121 -148.00 109.38 135.57
N ILE SE 122 -147.32 110.38 136.15
CA ILE SE 122 -146.44 110.12 137.28
C ILE SE 122 -147.27 109.80 138.51
N THR SE 123 -147.41 108.50 138.81
CA THR SE 123 -148.15 108.10 140.00
C THR SE 123 -147.40 108.49 141.26
N ASP SE 124 -146.11 108.20 141.33
CA ASP SE 124 -145.35 108.55 142.51
C ASP SE 124 -143.86 108.63 142.17
N ILE SE 125 -143.12 109.27 143.06
CA ILE SE 125 -141.66 109.29 142.98
C ILE SE 125 -141.12 108.36 144.08
N ILE SE 126 -140.29 107.41 143.68
CA ILE SE 126 -139.78 106.43 144.62
C ILE SE 126 -138.71 107.05 145.49
N THR SE 127 -138.89 106.93 146.80
CA THR SE 127 -137.91 107.25 147.82
C THR SE 127 -136.88 106.14 147.90
N PRO SE 128 -135.61 106.45 148.22
CA PRO SE 128 -134.56 105.42 148.12
C PRO SE 128 -134.79 104.22 149.03
N SER SE 129 -135.89 104.20 149.79
CA SER SE 129 -136.19 103.02 150.60
C SER SE 129 -136.46 101.85 149.67
N GLU SE 130 -137.13 102.12 148.54
CA GLU SE 130 -137.52 101.01 147.59
C GLU SE 130 -136.32 100.55 146.74
N ARG SE 131 -135.25 101.35 146.69
CA ARG SE 131 -134.09 101.05 145.85
C ARG SE 131 -133.40 99.79 146.37
N MET SE 132 -133.30 99.66 147.69
CA MET SE 132 -132.74 98.39 148.24
C MET SE 132 -133.55 97.23 147.67
N ARG SE 133 -134.88 97.33 147.71
CA ARG SE 133 -135.78 96.26 147.19
C ARG SE 133 -135.72 96.11 145.66
N ARG SE 134 -135.28 97.16 144.95
CA ARG SE 134 -135.16 97.09 143.48
C ARG SE 134 -134.05 96.10 143.13
N LEU SE 135 -133.26 95.68 144.12
CA LEU SE 135 -132.16 94.71 143.89
C LEU SE 135 -132.18 93.64 144.99
N ALA TE 37 -96.97 93.39 147.81
CA ALA TE 37 -96.28 92.84 146.65
C ALA TE 37 -96.71 91.40 146.39
N VAL TE 38 -97.84 91.01 146.96
CA VAL TE 38 -98.35 89.65 146.79
C VAL TE 38 -98.79 89.40 145.35
N PHE TE 39 -99.51 90.35 144.75
CA PHE TE 39 -99.97 90.18 143.38
C PHE TE 39 -98.80 90.21 142.41
N GLN TE 40 -98.84 89.34 141.41
CA GLN TE 40 -97.78 89.26 140.43
C GLN TE 40 -98.18 90.10 139.23
N GLN TE 41 -97.22 90.88 138.72
CA GLN TE 41 -97.51 91.84 137.66
C GLN TE 41 -97.62 91.20 136.29
N LEU TE 42 -98.83 91.16 135.76
CA LEU TE 42 -99.11 90.60 134.44
C LEU TE 42 -99.03 91.64 133.33
N GLY TE 43 -98.40 91.27 132.23
CA GLY TE 43 -98.28 92.17 131.10
C GLY TE 43 -97.94 91.41 129.84
N GLY TE 44 -98.15 92.07 128.71
CA GLY TE 44 -97.91 91.45 127.42
C GLY TE 44 -98.78 90.25 127.15
N GLY TE 45 -100.06 90.31 127.52
CA GLY TE 45 -100.97 89.21 127.33
C GLY TE 45 -101.84 89.34 126.11
N ASP TE 46 -101.53 90.31 125.24
CA ASP TE 46 -102.28 90.54 124.02
C ASP TE 46 -101.79 89.55 122.95
N VAL TE 47 -102.15 88.29 123.15
CA VAL TE 47 -101.73 87.23 122.24
C VAL TE 47 -102.43 87.37 120.90
N SER TE 48 -103.75 87.25 120.90
CA SER TE 48 -104.56 87.36 119.69
C SER TE 48 -106.02 87.46 120.11
N GLY TE 49 -106.88 87.65 119.12
CA GLY TE 49 -108.32 87.71 119.37
C GLY TE 49 -109.11 87.12 118.23
N ALA TE 50 -109.97 86.15 118.53
CA ALA TE 50 -110.81 85.52 117.53
C ALA TE 50 -112.06 84.99 118.20
N MET TE 51 -113.22 85.32 117.63
CA MET TE 51 -114.48 84.80 118.15
C MET TE 51 -114.48 83.27 118.07
N GLN TE 52 -114.91 82.64 119.17
CA GLN TE 52 -114.85 81.19 119.23
C GLN TE 52 -116.19 80.67 118.74
N ASP TE 53 -117.25 80.93 119.50
CA ASP TE 53 -118.60 80.48 119.21
C ASP TE 53 -119.51 81.06 120.27
N ILE TE 54 -120.81 81.03 120.02
CA ILE TE 54 -121.76 81.69 120.92
C ILE TE 54 -122.37 80.76 121.96
N ASP TE 55 -121.89 79.52 122.01
CA ASP TE 55 -122.34 78.55 123.00
C ASP TE 55 -121.42 78.40 124.20
N LEU TE 56 -120.22 78.96 124.12
CA LEU TE 56 -119.31 78.93 125.29
C LEU TE 56 -119.95 79.83 126.34
N ILE TE 57 -120.57 80.93 125.89
CA ILE TE 57 -121.17 81.95 126.79
C ILE TE 57 -122.70 81.77 126.90
N MET TE 58 -123.27 80.69 126.37
CA MET TE 58 -124.75 80.60 126.30
C MET TE 58 -125.62 80.77 127.54
N ASP TE 59 -125.43 79.89 128.54
CA ASP TE 59 -126.30 79.93 129.75
C ASP TE 59 -125.85 81.08 130.65
N ILE TE 60 -125.73 82.28 130.07
CA ILE TE 60 -125.38 83.47 130.90
C ILE TE 60 -126.64 84.34 130.93
N PRO TE 61 -127.13 84.76 132.12
CA PRO TE 61 -128.42 85.52 132.20
C PRO TE 61 -128.28 86.85 131.48
N VAL TE 62 -129.33 87.23 130.74
CA VAL TE 62 -129.33 88.54 130.04
C VAL TE 62 -130.42 89.39 130.70
N LYS TE 63 -130.26 90.71 130.67
CA LYS TE 63 -131.28 91.57 131.27
C LYS TE 63 -132.11 92.15 130.13
N LEU TE 64 -133.24 91.50 129.84
CA LEU TE 64 -134.11 91.96 128.76
C LEU TE 64 -135.09 92.99 129.28
N THR TE 65 -135.28 94.06 128.52
CA THR TE 65 -136.15 95.15 128.91
C THR TE 65 -136.81 95.75 127.67
N VAL TE 66 -138.12 95.86 127.70
CA VAL TE 66 -138.88 96.51 126.64
C VAL TE 66 -139.16 97.96 127.02
N GLU TE 67 -138.97 98.87 126.08
CA GLU TE 67 -139.13 100.29 126.34
C GLU TE 67 -140.38 100.89 125.72
N LEU TE 68 -141.15 101.62 126.54
CA LEU TE 68 -142.42 102.15 126.06
C LEU TE 68 -142.17 103.33 125.16
N GLY TE 69 -141.32 104.26 125.58
CA GLY TE 69 -141.08 105.44 124.78
C GLY TE 69 -139.91 106.27 125.27
N ARG TE 70 -139.64 107.33 124.52
CA ARG TE 70 -138.54 108.24 124.81
C ARG TE 70 -139.11 109.65 124.73
N THR TE 71 -138.35 110.60 125.24
CA THR TE 71 -138.64 112.01 125.14
C THR TE 71 -137.43 112.77 125.63
N ARG TE 72 -136.95 113.71 124.83
CA ARG TE 72 -135.89 114.61 125.25
C ARG TE 72 -136.53 115.80 125.96
N MET TE 73 -136.16 116.01 127.21
CA MET TE 73 -136.78 117.04 128.02
C MET TE 73 -135.72 117.56 128.99
N THR TE 74 -135.77 118.85 129.26
CA THR TE 74 -134.80 119.48 130.14
C THR TE 74 -135.32 119.52 131.57
N ILE TE 75 -134.44 119.95 132.48
CA ILE TE 75 -134.80 120.07 133.88
C ILE TE 75 -135.90 121.12 134.11
N LYS TE 76 -136.05 122.05 133.16
CA LYS TE 76 -137.09 123.07 133.22
C LYS TE 76 -138.45 122.46 133.56
N GLU TE 77 -138.96 121.61 132.67
CA GLU TE 77 -140.23 120.95 132.95
C GLU TE 77 -140.07 119.85 133.99
N LEU TE 78 -138.87 119.28 134.11
CA LEU TE 78 -138.67 118.23 135.10
C LEU TE 78 -139.15 118.42 136.54
N LEU TE 79 -138.82 119.56 137.15
CA LEU TE 79 -139.33 119.81 138.51
C LEU TE 79 -140.79 120.34 138.47
N ARG TE 80 -141.16 120.93 137.32
CA ARG TE 80 -142.56 121.38 137.17
C ARG TE 80 -143.48 120.18 137.37
N LEU TE 81 -142.98 118.97 137.09
CA LEU TE 81 -143.77 117.76 137.27
C LEU TE 81 -144.27 117.41 138.66
N THR TE 82 -145.59 117.24 138.77
CA THR TE 82 -146.24 116.85 140.02
C THR TE 82 -146.94 115.51 139.83
N GLN TE 83 -147.52 115.02 140.92
CA GLN TE 83 -148.28 113.77 140.86
C GLN TE 83 -149.53 113.97 140.01
N GLY TE 84 -149.80 113.00 139.14
CA GLY TE 84 -150.93 113.08 138.24
C GLY TE 84 -150.66 113.82 136.95
N SER TE 85 -149.48 114.41 136.79
CA SER TE 85 -149.13 115.06 135.54
C SER TE 85 -148.89 114.02 134.45
N VAL TE 86 -148.97 114.47 133.20
CA VAL TE 86 -148.81 113.59 132.05
C VAL TE 86 -147.66 114.11 131.20
N VAL TE 87 -146.73 113.22 130.87
CA VAL TE 87 -145.57 113.55 130.06
C VAL TE 87 -145.73 112.87 128.70
N ALA TE 88 -145.79 113.68 127.65
CA ALA TE 88 -145.90 113.14 126.30
C ALA TE 88 -144.56 112.55 125.88
N LEU TE 89 -144.60 111.41 125.19
CA LEU TE 89 -143.42 110.73 124.72
C LEU TE 89 -143.27 110.95 123.22
N ASP TE 90 -142.01 110.99 122.76
CA ASP TE 90 -141.74 111.20 121.35
C ASP TE 90 -142.33 110.11 120.48
N GLY TE 91 -142.32 108.87 120.95
CA GLY TE 91 -142.87 107.76 120.20
C GLY TE 91 -144.34 107.89 119.93
N LEU TE 92 -144.74 107.76 118.67
CA LEU TE 92 -146.14 107.80 118.30
C LEU TE 92 -146.85 106.55 118.83
N ALA TE 93 -148.12 106.73 119.23
CA ALA TE 93 -148.87 105.62 119.79
C ALA TE 93 -149.09 104.53 118.75
N GLY TE 94 -148.93 103.28 119.18
CA GLY TE 94 -149.10 102.15 118.30
C GLY TE 94 -147.86 101.76 117.51
N GLU TE 95 -146.78 102.53 117.61
CA GLU TE 95 -145.55 102.17 116.92
C GLU TE 95 -144.89 100.98 117.61
N PRO TE 96 -144.06 100.24 116.89
CA PRO TE 96 -143.33 99.13 117.52
C PRO TE 96 -142.44 99.64 118.65
N LEU TE 97 -142.42 98.90 119.74
CA LEU TE 97 -141.62 99.22 120.91
C LEU TE 97 -140.22 98.67 120.77
N ASP TE 98 -139.32 99.17 121.60
CA ASP TE 98 -137.90 98.83 121.53
C ASP TE 98 -137.58 97.77 122.55
N ILE TE 99 -136.71 96.82 122.17
CA ILE TE 99 -136.28 95.74 123.04
C ILE TE 99 -134.77 95.86 123.23
N LEU TE 100 -134.32 95.86 124.48
CA LEU TE 100 -132.91 95.97 124.79
C LEU TE 100 -132.49 94.79 125.66
N ILE TE 101 -131.25 94.35 125.50
CA ILE TE 101 -130.64 93.37 126.38
C ILE TE 101 -129.42 94.02 127.03
N ASN TE 102 -129.44 94.11 128.35
CA ASN TE 102 -128.41 94.83 129.09
C ASN TE 102 -128.27 96.27 128.62
N GLY TE 103 -129.40 96.88 128.25
CA GLY TE 103 -129.42 98.26 127.83
C GLY TE 103 -128.98 98.53 126.41
N TYR TE 104 -128.81 97.49 125.59
CA TYR TE 104 -128.37 97.65 124.21
C TYR TE 104 -129.54 97.28 123.31
N LEU TE 105 -129.91 98.19 122.41
CA LEU TE 105 -131.05 97.97 121.53
C LEU TE 105 -130.69 96.88 120.51
N ILE TE 106 -131.54 95.87 120.40
CA ILE TE 106 -131.33 94.77 119.47
C ILE TE 106 -132.49 94.64 118.49
N ALA TE 107 -133.72 94.79 118.96
CA ALA TE 107 -134.86 94.48 118.10
C ALA TE 107 -136.02 95.41 118.40
N GLN TE 108 -136.97 95.43 117.48
CA GLN TE 108 -138.22 96.15 117.62
C GLN TE 108 -139.35 95.14 117.59
N GLY TE 109 -140.26 95.25 118.58
CA GLY TE 109 -141.35 94.31 118.72
C GLY TE 109 -142.65 95.08 118.83
N GLU TE 110 -143.71 94.34 119.13
CA GLU TE 110 -145.05 94.88 119.29
C GLU TE 110 -145.66 94.31 120.55
N VAL TE 111 -146.33 95.16 121.31
CA VAL TE 111 -146.88 94.78 122.61
C VAL TE 111 -148.20 94.04 122.46
N VAL TE 112 -148.35 92.92 123.17
CA VAL TE 112 -149.57 92.13 123.15
C VAL TE 112 -149.91 91.73 124.58
N VAL TE 113 -151.18 91.39 124.81
CA VAL TE 113 -151.67 90.97 126.11
C VAL TE 113 -152.08 89.52 126.00
N VAL TE 114 -151.42 88.67 126.80
CA VAL TE 114 -151.74 87.22 126.80
C VAL TE 114 -152.05 86.75 128.23
N ALA TE 115 -153.29 86.29 128.47
CA ALA TE 115 -153.71 85.82 129.82
C ALA TE 115 -153.52 86.89 130.89
N ASP TE 116 -153.77 88.17 130.56
CA ASP TE 116 -153.71 89.28 131.56
C ASP TE 116 -152.26 89.57 131.93
N LYS TE 117 -151.30 89.08 131.12
CA LYS TE 117 -149.88 89.34 131.38
C LYS TE 117 -149.28 90.09 130.18
N TYR TE 118 -148.46 91.10 130.43
CA TYR TE 118 -147.93 91.87 129.31
C TYR TE 118 -146.87 91.08 128.56
N GLY TE 119 -146.90 91.17 127.24
CA GLY TE 119 -145.94 90.45 126.41
C GLY TE 119 -145.64 91.22 125.15
N VAL TE 120 -144.38 91.18 124.75
CA VAL TE 120 -143.94 91.79 123.51
C VAL TE 120 -143.77 90.68 122.46
N ARG TE 121 -144.06 91.03 121.21
CA ARG TE 121 -143.91 90.10 120.09
C ARG TE 121 -142.81 90.63 119.20
N ILE TE 122 -141.68 89.91 119.14
CA ILE TE 122 -140.54 90.37 118.36
C ILE TE 122 -140.93 90.42 116.89
N THR TE 123 -140.70 91.57 116.26
CA THR TE 123 -141.02 91.76 114.85
C THR TE 123 -139.79 91.82 113.96
N ASP TE 124 -138.78 92.62 114.30
CA ASP TE 124 -137.62 92.71 113.42
C ASP TE 124 -136.40 93.21 114.18
N ILE TE 125 -135.27 92.55 113.95
CA ILE TE 125 -134.01 93.05 114.47
C ILE TE 125 -133.64 94.33 113.76
N ILE TE 126 -133.29 95.36 114.53
CA ILE TE 126 -133.01 96.67 113.94
C ILE TE 126 -131.77 96.59 113.07
N THR TE 127 -131.69 97.51 112.13
CA THR TE 127 -130.61 97.67 111.17
C THR TE 127 -129.63 98.73 111.64
N PRO TE 128 -128.37 98.67 111.20
CA PRO TE 128 -127.41 99.72 111.60
C PRO TE 128 -127.86 101.11 111.20
N SER TE 129 -128.52 101.25 110.04
CA SER TE 129 -129.06 102.54 109.66
C SER TE 129 -130.10 103.15 110.61
N GLU TE 130 -131.04 102.34 111.08
CA GLU TE 130 -132.02 102.83 112.04
C GLU TE 130 -131.39 103.04 113.43
N ARG TE 131 -130.35 102.25 113.72
CA ARG TE 131 -129.60 102.44 114.96
C ARG TE 131 -129.04 103.85 114.98
N MET TE 132 -128.35 104.26 113.92
CA MET TE 132 -127.85 105.64 113.85
C MET TE 132 -128.93 106.72 113.71
N ARG TE 133 -130.06 106.35 113.10
CA ARG TE 133 -131.20 107.25 113.03
C ARG TE 133 -131.63 107.48 114.47
N ARG TE 134 -131.67 106.41 115.26
CA ARG TE 134 -132.00 106.56 116.68
C ARG TE 134 -130.97 107.44 117.39
N LEU TE 135 -129.69 107.27 117.05
CA LEU TE 135 -128.65 108.04 117.73
C LEU TE 135 -128.80 109.54 117.49
N SER TE 136 -129.10 109.93 116.26
CA SER TE 136 -129.26 111.34 115.94
C SER TE 136 -130.65 111.83 116.31
N LYS UE 514 -158.54 28.23 39.52
CA LYS UE 514 -158.14 28.21 40.91
C LYS UE 514 -159.32 28.49 41.83
N ASP UE 515 -160.24 29.33 41.37
CA ASP UE 515 -161.42 29.65 42.17
C ASP UE 515 -162.30 28.43 42.36
N GLU UE 516 -162.48 27.63 41.30
CA GLU UE 516 -163.31 26.43 41.41
C GLU UE 516 -162.69 25.41 42.36
N GLN UE 517 -161.36 25.23 42.29
CA GLN UE 517 -160.70 24.32 43.20
C GLN UE 517 -160.82 24.79 44.65
N LEU UE 518 -160.67 26.10 44.88
CA LEU UE 518 -160.84 26.65 46.22
C LEU UE 518 -162.26 26.44 46.72
N GLN UE 519 -163.25 26.64 45.85
CA GLN UE 519 -164.64 26.42 46.25
C GLN UE 519 -164.90 24.96 46.59
N GLN UE 520 -164.35 24.03 45.80
CA GLN UE 520 -164.52 22.62 46.09
C GLN UE 520 -163.85 22.24 47.40
N ARG UE 521 -162.65 22.77 47.67
CA ARG UE 521 -161.97 22.50 48.93
C ARG UE 521 -162.79 23.07 50.10
N ARG UE 522 -163.34 24.26 49.93
CA ARG UE 522 -164.17 24.84 50.98
C ARG UE 522 -165.43 24.02 51.23
N ALA UE 523 -166.05 23.50 50.17
CA ALA UE 523 -167.22 22.66 50.33
C ALA UE 523 -166.88 21.37 51.07
N ASN UE 524 -165.76 20.74 50.71
CA ASN UE 524 -165.33 19.53 51.41
C ASN UE 524 -165.04 19.83 52.88
N GLN UE 525 -164.38 20.95 53.15
CA GLN UE 525 -164.09 21.35 54.53
C GLN UE 525 -165.37 21.60 55.31
N ARG UE 526 -166.36 22.24 54.68
CA ARG UE 526 -167.62 22.56 55.33
C ARG UE 526 -168.56 21.35 55.44
N LEU UE 527 -168.28 20.29 54.68
CA LEU UE 527 -169.10 19.05 54.71
C LEU UE 527 -168.49 18.11 55.76
N GLY UE 528 -167.19 17.86 55.67
CA GLY UE 528 -166.50 16.98 56.64
C GLY UE 528 -166.47 17.57 58.04
N ALA UE 529 -166.44 18.90 58.16
CA ALA UE 529 -166.46 19.57 59.48
C ALA UE 529 -167.88 19.42 60.03
N GLU UE 530 -168.89 19.57 59.16
CA GLU UE 530 -170.31 19.43 59.59
C GLU UE 530 -170.52 17.99 60.07
N VAL UE 531 -169.84 17.04 59.34
CA VAL UE 531 -169.82 15.60 59.75
C VAL UE 531 -168.98 15.48 61.03
N MET UE 532 -167.87 16.21 61.09
CA MET UE 532 -166.96 16.17 62.27
C MET UE 532 -167.71 16.71 63.50
N SER UE 533 -168.48 17.78 63.32
CA SER UE 533 -169.25 18.37 64.45
C SER UE 533 -170.27 17.35 64.93
N GLN UE 534 -170.93 16.64 64.00
CA GLN UE 534 -171.89 15.56 64.37
C GLN UE 534 -171.12 14.45 65.09
N ARG UE 535 -169.92 14.12 64.60
CA ARG UE 535 -169.08 13.04 65.19
C ARG UE 535 -168.68 13.39 66.61
N ILE UE 536 -168.34 14.66 66.89
CA ILE UE 536 -167.84 15.09 68.23
C ILE UE 536 -169.01 15.09 69.22
N ARG UE 537 -170.25 15.22 68.75
CA ARG UE 537 -171.43 15.22 69.60
C ARG UE 537 -171.77 13.81 70.07
N GLU UE 538 -171.70 12.83 69.17
CA GLU UE 538 -171.94 11.45 69.56
C GLU UE 538 -170.91 10.99 70.58
N MET UE 539 -169.63 11.32 70.35
CA MET UE 539 -168.58 10.91 71.27
C MET UE 539 -168.73 11.55 72.64
N SER UE 540 -169.09 12.83 72.69
CA SER UE 540 -169.26 13.54 73.96
C SER UE 540 -170.50 13.03 74.70
N ASP UE 541 -171.57 12.71 73.97
CA ASP UE 541 -172.71 12.07 74.61
C ASP UE 541 -172.35 10.70 75.16
N ASN UE 542 -171.47 9.96 74.47
CA ASN UE 542 -171.00 8.69 75.01
C ASN UE 542 -170.20 8.88 76.28
N ASP UE 543 -169.31 9.87 76.31
CA ASP UE 543 -168.45 10.13 77.45
C ASP UE 543 -168.24 11.65 77.59
N PRO UE 544 -168.99 12.29 78.49
CA PRO UE 544 -168.81 13.75 78.65
C PRO UE 544 -167.59 14.12 79.46
N ARG UE 545 -167.24 13.35 80.50
CA ARG UE 545 -166.10 13.69 81.34
C ARG UE 545 -164.77 13.43 80.64
N VAL UE 546 -164.74 12.49 79.69
CA VAL UE 546 -163.50 12.19 78.98
C VAL UE 546 -163.04 13.38 78.16
N VAL UE 547 -163.99 14.07 77.52
CA VAL UE 547 -163.65 15.26 76.74
C VAL UE 547 -163.08 16.36 77.63
N ALA UE 548 -163.69 16.59 78.79
CA ALA UE 548 -163.18 17.59 79.71
C ALA UE 548 -161.79 17.22 80.22
N LEU UE 549 -161.57 15.94 80.52
CA LEU UE 549 -160.25 15.49 80.97
C LEU UE 549 -159.21 15.68 79.87
N VAL UE 550 -159.56 15.38 78.62
CA VAL UE 550 -158.63 15.58 77.51
C VAL UE 550 -158.33 17.05 77.32
N ILE UE 551 -159.34 17.91 77.47
CA ILE UE 551 -159.12 19.35 77.35
C ILE UE 551 -158.18 19.84 78.45
N ARG UE 552 -158.39 19.37 79.68
CA ARG UE 552 -157.51 19.76 80.78
C ARG UE 552 -156.09 19.27 80.56
N GLN UE 553 -155.95 18.05 80.03
CA GLN UE 553 -154.62 17.53 79.72
C GLN UE 553 -153.93 18.36 78.64
N TRP UE 554 -154.71 18.81 77.64
CA TRP UE 554 -154.16 19.67 76.59
C TRP UE 554 -153.66 20.98 77.17
N MET UE 555 -154.42 21.58 78.08
CA MET UE 555 -153.99 22.81 78.73
C MET UE 555 -152.74 22.57 79.58
N SER UE 556 -152.68 21.46 80.31
CA SER UE 556 -151.51 21.15 81.12
C SER UE 556 -150.27 20.97 80.25
N ASN UE 557 -150.42 20.28 79.11
CA ASN UE 557 -149.29 20.11 78.20
C ASN UE 557 -148.92 21.41 77.51
N ASP UE 558 -149.86 22.33 77.38
CA ASP UE 558 -149.56 23.62 76.75
C ASP UE 558 -148.57 24.43 77.58
N HIS UE 559 -148.50 24.19 78.87
CA HIS UE 559 -147.58 24.90 79.74
C HIS UE 559 -146.14 24.48 79.47
N GLY VE 6 -153.23 24.73 72.55
CA GLY VE 6 -154.28 23.74 72.62
C GLY VE 6 -155.54 24.26 73.27
N THR VE 7 -155.38 25.21 74.20
CA THR VE 7 -156.53 25.79 74.88
C THR VE 7 -157.43 26.54 73.91
N ASP VE 8 -156.85 27.29 72.97
CA ASP VE 8 -157.64 27.99 71.96
C ASP VE 8 -158.40 27.01 71.08
N LYS VE 9 -157.75 25.92 70.70
CA LYS VE 9 -158.43 24.89 69.91
C LYS VE 9 -159.56 24.25 70.70
N SER VE 10 -159.35 24.00 72.00
CA SER VE 10 -160.39 23.45 72.83
C SER VE 10 -161.57 24.41 72.95
N VAL VE 11 -161.28 25.71 73.11
CA VAL VE 11 -162.34 26.71 73.19
C VAL VE 11 -163.13 26.77 71.89
N ILE VE 12 -162.43 26.71 70.74
CA ILE VE 12 -163.11 26.73 69.46
C ILE VE 12 -163.98 25.50 69.29
N LEU VE 13 -163.48 24.32 69.69
CA LEU VE 13 -164.27 23.10 69.60
C LEU VE 13 -165.50 23.18 70.49
N LEU VE 14 -165.35 23.71 71.71
CA LEU VE 14 -166.48 23.85 72.62
C LEU VE 14 -167.52 24.80 72.05
N MET VE 15 -167.07 25.91 71.46
CA MET VE 15 -168.00 26.86 70.83
C MET VE 15 -168.73 26.22 69.67
N THR VE 16 -168.03 25.44 68.85
CA THR VE 16 -168.64 24.79 67.71
C THR VE 16 -169.50 23.58 68.10
N ILE VE 17 -169.36 23.09 69.32
CA ILE VE 17 -170.12 21.91 69.74
C ILE VE 17 -171.57 22.29 70.02
N GLY VE 18 -171.78 23.28 70.88
CA GLY VE 18 -173.12 23.69 71.24
C GLY VE 18 -173.23 24.12 72.69
N GLU VE 19 -174.32 24.79 73.04
CA GLU VE 19 -174.49 25.31 74.39
C GLU VE 19 -174.63 24.18 75.40
N ASP VE 20 -175.43 23.17 75.09
CA ASP VE 20 -175.70 22.09 76.05
C ASP VE 20 -174.45 21.25 76.29
N ARG VE 21 -173.77 20.85 75.22
CA ARG VE 21 -172.56 20.05 75.38
C ARG VE 21 -171.47 20.82 76.12
N ALA VE 22 -171.29 22.10 75.78
CA ALA VE 22 -170.29 22.91 76.48
C ALA VE 22 -170.65 23.08 77.94
N ALA VE 23 -171.93 23.27 78.25
CA ALA VE 23 -172.36 23.39 79.65
C ALA VE 23 -172.09 22.10 80.41
N GLU VE 24 -172.39 20.95 79.80
CA GLU VE 24 -172.11 19.68 80.46
C GLU VE 24 -170.60 19.50 80.68
N VAL VE 25 -169.79 19.86 79.69
CA VAL VE 25 -168.35 19.73 79.83
C VAL VE 25 -167.84 20.63 80.94
N PHE VE 26 -168.35 21.86 81.02
CA PHE VE 26 -167.94 22.78 82.08
C PHE VE 26 -168.35 22.24 83.45
N LYS VE 27 -169.56 21.67 83.54
CA LYS VE 27 -169.98 21.02 84.78
C LYS VE 27 -169.09 19.85 85.13
N HIS VE 28 -168.49 19.20 84.13
CA HIS VE 28 -167.52 18.14 84.35
C HIS VE 28 -166.08 18.64 84.29
N LEU VE 29 -165.88 19.94 84.51
CA LEU VE 29 -164.56 20.55 84.42
C LEU VE 29 -164.26 21.32 85.69
N SER VE 30 -162.97 21.54 85.95
CA SER VE 30 -162.52 22.25 87.12
C SER VE 30 -162.81 23.74 86.99
N THR VE 31 -162.76 24.44 88.13
CA THR VE 31 -163.10 25.86 88.17
C THR VE 31 -162.16 26.70 87.32
N ARG VE 32 -160.86 26.50 87.47
CA ARG VE 32 -159.88 27.26 86.70
C ARG VE 32 -160.02 26.97 85.21
N GLU VE 33 -160.18 25.68 84.87
CA GLU VE 33 -160.34 25.30 83.47
C GLU VE 33 -161.62 25.88 82.88
N VAL VE 34 -162.71 25.84 83.66
CA VAL VE 34 -163.99 26.37 83.18
C VAL VE 34 -163.87 27.88 82.95
N GLN VE 35 -163.25 28.59 83.89
CA GLN VE 35 -163.08 30.03 83.75
C GLN VE 35 -162.23 30.37 82.54
N ALA VE 36 -161.13 29.64 82.35
CA ALA VE 36 -160.27 29.90 81.20
C ALA VE 36 -160.99 29.63 79.89
N LEU VE 37 -161.75 28.53 79.83
CA LEU VE 37 -162.50 28.22 78.62
C LEU VE 37 -163.57 29.26 78.33
N SER VE 38 -164.28 29.72 79.35
CA SER VE 38 -165.30 30.75 79.17
C SER VE 38 -164.69 32.06 78.69
N THR VE 39 -163.53 32.43 79.27
CA THR VE 39 -162.89 33.69 78.91
C THR VE 39 -162.35 33.64 77.48
N ALA VE 40 -161.60 32.59 77.16
CA ALA VE 40 -160.92 32.51 75.87
C ALA VE 40 -161.88 32.43 74.70
N MET VE 41 -162.96 31.64 74.85
CA MET VE 41 -163.90 31.44 73.76
C MET VE 41 -164.55 32.75 73.33
N ALA VE 42 -165.02 33.54 74.30
CA ALA VE 42 -165.65 34.81 73.98
C ALA VE 42 -164.62 35.89 73.69
N ASN VE 43 -163.42 35.73 74.24
CA ASN VE 43 -162.36 36.75 74.06
C ASN VE 43 -161.78 36.89 72.65
N VAL VE 44 -161.05 35.88 72.19
CA VAL VE 44 -160.52 35.90 70.80
C VAL VE 44 -160.73 34.44 70.35
N ARG VE 45 -161.41 34.24 69.22
CA ARG VE 45 -161.63 32.88 68.69
C ARG VE 45 -160.93 32.77 67.33
N GLN VE 46 -160.12 31.73 67.15
CA GLN VE 46 -159.37 31.55 65.88
C GLN VE 46 -159.83 30.25 65.21
N ILE VE 47 -160.15 30.30 63.91
CA ILE VE 47 -160.55 29.06 63.17
C ILE VE 47 -159.54 28.83 62.04
N SER VE 48 -158.98 27.62 61.95
CA SER VE 48 -157.95 27.32 60.91
C SER VE 48 -158.49 26.24 59.96
N ASN VE 49 -158.41 26.49 58.65
CA ASN VE 49 -158.93 25.51 57.66
C ASN VE 49 -158.17 24.19 57.80
N LYS VE 50 -156.87 24.26 58.10
CA LYS VE 50 -156.05 23.02 58.17
C LYS VE 50 -155.52 22.79 59.59
N GLN VE 51 -154.90 23.79 60.21
CA GLN VE 51 -154.28 23.54 61.51
C GLN VE 51 -155.28 23.03 62.54
N LEU VE 52 -156.49 23.63 62.57
CA LEU VE 52 -157.50 23.18 63.51
C LEU VE 52 -157.92 21.74 63.23
N THR VE 53 -158.11 21.40 61.96
CA THR VE 53 -158.48 20.04 61.60
C THR VE 53 -157.37 19.05 61.96
N ASP VE 54 -156.11 19.40 61.70
CA ASP VE 54 -155.00 18.53 62.05
C ASP VE 54 -154.92 18.32 63.56
N VAL VE 55 -155.10 19.40 64.33
CA VAL VE 55 -155.07 19.29 65.78
C VAL VE 55 -156.22 18.43 66.29
N LEU VE 56 -157.42 18.61 65.72
CA LEU VE 56 -158.56 17.79 66.13
C LEU VE 56 -158.33 16.33 65.82
N SER VE 57 -157.79 16.02 64.65
CA SER VE 57 -157.49 14.64 64.30
C SER VE 57 -156.45 14.04 65.25
N GLU VE 58 -155.41 14.81 65.56
CA GLU VE 58 -154.38 14.32 66.48
C GLU VE 58 -154.95 14.06 67.87
N PHE VE 59 -155.83 14.96 68.35
CA PHE VE 59 -156.45 14.77 69.65
C PHE VE 59 -157.35 13.54 69.65
N GLU VE 60 -158.13 13.35 68.58
CA GLU VE 60 -159.03 12.20 68.51
C GLU VE 60 -158.27 10.90 68.42
N GLN VE 61 -157.05 10.94 67.89
CA GLN VE 61 -156.28 9.69 67.71
C GLN VE 61 -155.20 9.54 68.79
N GLU VE 62 -155.01 10.56 69.64
CA GLU VE 62 -153.87 10.48 70.59
C GLU VE 62 -154.00 9.31 71.59
N ALA VE 63 -155.18 9.06 72.17
CA ALA VE 63 -155.34 7.87 73.04
C ALA VE 63 -156.80 7.42 73.15
N GLU VE 64 -157.04 6.14 73.45
CA GLU VE 64 -158.42 5.67 73.73
C GLU VE 64 -158.60 5.59 75.26
N GLN VE 65 -157.56 5.90 76.03
CA GLN VE 65 -157.60 5.76 77.52
C GLN VE 65 -158.66 6.67 78.15
N PHE VE 66 -158.80 7.90 77.66
CA PHE VE 66 -159.72 8.89 78.29
C PHE VE 66 -161.16 8.37 78.24
N ALA VE 67 -161.56 7.74 77.14
CA ALA VE 67 -162.98 7.36 76.99
C ALA VE 67 -163.43 6.39 78.08
N ALA VE 68 -162.61 5.42 78.47
CA ALA VE 68 -163.08 4.38 79.43
C ALA VE 68 -162.87 4.78 80.90
N LEU VE 69 -161.62 4.94 81.33
CA LEU VE 69 -161.33 5.20 82.73
C LEU VE 69 -162.11 6.40 83.23
N ASN VE 70 -162.15 7.47 82.43
CA ASN VE 70 -162.85 8.69 82.84
C ASN VE 70 -164.37 8.53 82.77
N ILE VE 71 -164.86 7.56 82.02
CA ILE VE 71 -166.30 7.33 81.91
C ILE VE 71 -166.88 6.96 83.27
N ASN VE 72 -166.21 6.03 83.97
CA ASN VE 72 -166.65 5.59 85.29
C ASN VE 72 -165.41 5.32 86.14
N ALA VE 73 -165.07 6.33 86.98
CA ALA VE 73 -163.94 6.18 87.90
C ALA VE 73 -164.40 6.25 89.35
N ASN VE 74 -165.11 7.32 89.70
CA ASN VE 74 -165.55 7.49 91.09
C ASN VE 74 -166.70 6.55 91.43
N GLU VE 75 -167.64 6.37 90.49
CA GLU VE 75 -168.78 5.49 90.75
C GLU VE 75 -168.32 4.05 90.97
N TYR VE 76 -167.38 3.59 90.14
CA TYR VE 76 -166.86 2.23 90.30
C TYR VE 76 -166.16 2.07 91.64
N LEU VE 77 -165.35 3.05 92.04
CA LEU VE 77 -164.66 2.97 93.33
C LEU VE 77 -165.66 2.95 94.49
N ARG VE 78 -166.71 3.79 94.40
CA ARG VE 78 -167.72 3.80 95.45
C ARG VE 78 -168.46 2.47 95.53
N SER VE 79 -168.82 1.89 94.38
CA SER VE 79 -169.50 0.60 94.37
C SER VE 79 -168.60 -0.49 94.95
N VAL VE 80 -167.32 -0.48 94.58
CA VAL VE 80 -166.38 -1.46 95.11
C VAL VE 80 -166.24 -1.32 96.62
N LEU VE 81 -166.15 -0.08 97.12
CA LEU VE 81 -166.05 0.13 98.56
C LEU VE 81 -167.30 -0.33 99.27
N VAL VE 82 -168.47 -0.08 98.69
CA VAL VE 82 -169.72 -0.51 99.32
C VAL VE 82 -169.81 -2.03 99.38
N LYS VE 83 -169.45 -2.69 98.27
CA LYS VE 83 -169.60 -4.14 98.20
C LYS VE 83 -168.49 -4.86 98.95
N ALA VE 84 -167.38 -4.19 99.20
CA ALA VE 84 -166.20 -4.86 99.76
C ALA VE 84 -166.40 -5.17 101.24
N LEU VE 85 -166.57 -4.15 102.07
CA LEU VE 85 -166.66 -4.31 103.51
C LEU VE 85 -168.08 -4.01 104.02
N GLY VE 86 -168.62 -2.84 103.72
CA GLY VE 86 -169.94 -2.48 104.18
C GLY VE 86 -170.19 -1.00 103.98
N GLU VE 87 -171.43 -0.58 104.25
CA GLU VE 87 -171.78 0.83 104.09
C GLU VE 87 -170.99 1.72 105.03
N GLU VE 88 -170.81 1.29 106.28
CA GLU VE 88 -170.06 2.08 107.26
C GLU VE 88 -168.61 2.24 106.85
N ARG VE 89 -167.97 1.17 106.39
CA ARG VE 89 -166.58 1.25 105.95
C ARG VE 89 -166.45 1.98 104.61
N ALA VE 90 -167.46 1.84 103.75
CA ALA VE 90 -167.43 2.54 102.47
C ALA VE 90 -167.46 4.05 102.67
N SER VE 91 -168.24 4.51 103.65
CA SER VE 91 -168.28 5.95 103.94
C SER VE 91 -166.90 6.45 104.39
N SER VE 92 -166.24 5.70 105.27
CA SER VE 92 -164.91 6.10 105.71
C SER VE 92 -163.90 6.09 104.57
N LEU VE 93 -163.96 5.07 103.72
CA LEU VE 93 -163.05 5.01 102.58
C LEU VE 93 -163.28 6.17 101.61
N LEU VE 94 -164.55 6.50 101.34
CA LEU VE 94 -164.84 7.62 100.45
C LEU VE 94 -164.40 8.93 101.08
N GLU VE 95 -164.59 9.09 102.40
CA GLU VE 95 -164.13 10.30 103.07
C GLU VE 95 -162.61 10.43 102.99
N ASP VE 96 -161.89 9.34 103.18
CA ASP VE 96 -160.44 9.38 103.05
C ASP VE 96 -160.01 9.72 101.63
N ILE VE 97 -160.68 9.14 100.63
CA ILE VE 97 -160.35 9.43 99.24
C ILE VE 97 -160.59 10.90 98.92
N LEU VE 98 -161.71 11.45 99.40
CA LEU VE 98 -162.00 12.86 99.17
C LEU VE 98 -160.98 13.75 99.89
N GLU VE 99 -160.61 13.38 101.13
CA GLU VE 99 -159.65 14.17 101.88
C GLU VE 99 -158.24 14.08 101.29
N THR VE 100 -157.99 13.05 100.47
CA THR VE 100 -156.69 12.97 99.79
C THR VE 100 -156.45 14.19 98.91
N ARG VE 101 -157.51 14.76 98.34
CA ARG VE 101 -157.42 16.00 97.57
C ARG VE 101 -157.81 17.15 98.49
N ASP VE 102 -156.81 17.90 98.92
CA ASP VE 102 -157.00 19.01 99.85
C ASP VE 102 -157.22 20.31 99.10
N THR VE 103 -157.35 21.41 99.84
CA THR VE 103 -157.59 22.72 99.27
C THR VE 103 -156.45 23.65 99.67
N THR VE 104 -156.07 24.53 98.75
CA THR VE 104 -154.94 25.43 99.00
C THR VE 104 -155.32 26.56 99.94
N SER VE 105 -156.30 27.38 99.54
CA SER VE 105 -156.73 28.50 100.35
C SER VE 105 -157.38 28.01 101.64
N GLY VE 106 -157.01 28.63 102.76
CA GLY VE 106 -157.46 28.17 104.06
C GLY VE 106 -158.96 28.28 104.26
N ILE VE 107 -159.63 29.16 103.53
CA ILE VE 107 -161.07 29.33 103.71
C ILE VE 107 -161.79 28.02 103.38
N GLU VE 108 -161.43 27.39 102.26
CA GLU VE 108 -162.02 26.10 101.94
C GLU VE 108 -161.55 25.02 102.90
N THR VE 109 -160.32 25.11 103.42
CA THR VE 109 -159.86 24.14 104.41
C THR VE 109 -160.68 24.23 105.69
N LEU VE 110 -161.27 25.40 105.96
CA LEU VE 110 -162.17 25.51 107.10
C LEU VE 110 -163.40 24.62 107.15
N ASN VE 111 -163.93 24.22 105.98
CA ASN VE 111 -165.10 23.27 105.94
C ASN VE 111 -164.73 21.79 106.12
N PHE VE 112 -163.45 21.48 106.27
CA PHE VE 112 -163.02 20.07 106.55
C PHE VE 112 -162.79 19.93 108.04
N MET VE 113 -162.89 21.05 108.77
CA MET VE 113 -162.68 21.07 110.21
C MET VE 113 -164.03 20.69 110.81
N GLU VE 114 -163.99 20.27 112.07
CA GLU VE 114 -165.21 19.98 112.80
C GLU VE 114 -166.00 21.27 113.01
N PRO VE 115 -167.34 21.21 112.98
CA PRO VE 115 -168.14 22.43 113.18
C PRO VE 115 -167.84 23.23 114.44
N GLN VE 116 -167.61 22.55 115.58
CA GLN VE 116 -167.34 23.29 116.81
C GLN VE 116 -165.96 23.96 116.80
N SER VE 117 -164.97 23.31 116.18
CA SER VE 117 -163.65 23.89 116.11
C SER VE 117 -163.74 25.18 115.28
N ALA VE 118 -164.43 25.10 114.14
CA ALA VE 118 -164.59 26.30 113.32
C ALA VE 118 -165.42 27.36 114.05
N ALA VE 119 -166.47 26.95 114.74
CA ALA VE 119 -167.30 27.91 115.48
C ALA VE 119 -166.48 28.60 116.56
N ASP VE 120 -165.65 27.87 117.28
CA ASP VE 120 -164.77 28.49 118.25
C ASP VE 120 -163.74 29.38 117.60
N LEU VE 121 -163.23 29.00 116.43
CA LEU VE 121 -162.19 29.77 115.78
C LEU VE 121 -162.71 31.12 115.29
N ILE VE 122 -163.92 31.14 114.72
CA ILE VE 122 -164.42 32.37 114.08
C ILE VE 122 -165.49 33.06 114.90
N ARG VE 123 -165.73 32.63 116.15
CA ARG VE 123 -166.74 33.31 116.96
C ARG VE 123 -166.33 34.74 117.28
N ASP VE 124 -165.05 34.96 117.58
CA ASP VE 124 -164.60 36.27 118.02
C ASP VE 124 -164.39 37.24 116.86
N GLU VE 125 -164.43 36.76 115.62
CA GLU VE 125 -164.19 37.62 114.48
C GLU VE 125 -165.33 38.61 114.28
N HIS VE 126 -165.06 39.63 113.48
CA HIS VE 126 -166.08 40.62 113.16
C HIS VE 126 -167.22 39.96 112.41
N PRO VE 127 -168.48 40.36 112.68
CA PRO VE 127 -169.61 39.67 112.04
C PRO VE 127 -169.55 39.66 110.52
N GLN VE 128 -169.07 40.74 109.90
CA GLN VE 128 -168.93 40.74 108.45
C GLN VE 128 -167.90 39.72 107.97
N ILE VE 129 -166.81 39.56 108.71
CA ILE VE 129 -165.80 38.56 108.33
C ILE VE 129 -166.37 37.16 108.48
N ILE VE 130 -167.18 36.94 109.53
CA ILE VE 130 -167.85 35.65 109.70
C ILE VE 130 -168.73 35.41 108.49
N ALA VE 131 -169.50 36.43 108.08
CA ALA VE 131 -170.40 36.28 106.95
C ALA VE 131 -169.63 35.97 105.68
N THR VE 132 -168.51 36.65 105.46
CA THR VE 132 -167.68 36.40 104.28
C THR VE 132 -167.18 34.96 104.28
N ILE VE 133 -166.72 34.50 105.45
CA ILE VE 133 -166.25 33.08 105.55
C ILE VE 133 -167.42 32.15 105.18
N LEU VE 134 -168.63 32.43 105.66
CA LEU VE 134 -169.77 31.49 105.46
C LEU VE 134 -170.13 31.30 103.98
N VAL VE 135 -170.14 32.36 103.17
CA VAL VE 135 -170.61 32.23 101.75
C VAL VE 135 -169.46 31.51 101.00
N HIS VE 136 -168.22 31.64 101.49
CA HIS VE 136 -167.10 30.89 100.85
C HIS VE 136 -167.08 29.45 101.40
N LEU VE 137 -167.62 29.26 102.61
CA LEU VE 137 -167.64 27.90 103.22
C LEU VE 137 -168.80 27.09 102.61
N LYS VE 138 -168.71 25.75 102.70
CA LYS VE 138 -169.79 24.89 102.19
C LYS VE 138 -171.08 25.20 102.98
N ARG VE 139 -172.23 25.18 102.31
CA ARG VE 139 -173.51 25.56 102.97
C ARG VE 139 -173.78 24.66 104.18
N SER VE 140 -173.63 23.35 104.02
CA SER VE 140 -173.97 22.42 105.14
C SER VE 140 -173.17 22.82 106.39
N GLN VE 141 -171.86 23.05 106.21
CA GLN VE 141 -170.97 23.37 107.36
C GLN VE 141 -171.45 24.69 107.97
N ALA VE 142 -171.68 25.69 107.14
CA ALA VE 142 -172.08 27.00 107.64
C ALA VE 142 -173.35 26.91 108.47
N ALA VE 143 -174.30 26.06 108.06
CA ALA VE 143 -175.52 25.90 108.84
C ALA VE 143 -175.22 25.32 110.22
N ASP VE 144 -174.33 24.32 110.28
CA ASP VE 144 -173.95 23.76 111.57
C ASP VE 144 -173.25 24.80 112.43
N ILE VE 145 -172.36 25.60 111.84
CA ILE VE 145 -171.66 26.64 112.58
C ILE VE 145 -172.62 27.65 113.21
N LEU VE 146 -173.59 28.11 112.42
CA LEU VE 146 -174.58 29.06 112.95
C LEU VE 146 -175.45 28.42 114.02
N ALA VE 147 -175.71 27.11 113.89
CA ALA VE 147 -176.45 26.41 114.91
C ALA VE 147 -175.71 26.46 116.23
N LEU VE 148 -174.39 26.32 116.17
CA LEU VE 148 -173.55 26.37 117.41
C LEU VE 148 -173.40 27.82 117.88
N PHE VE 149 -173.71 28.79 117.02
CA PHE VE 149 -173.47 30.21 117.39
C PHE VE 149 -174.58 30.73 118.29
N ASP VE 150 -174.27 31.67 119.19
CA ASP VE 150 -175.29 32.29 120.01
C ASP VE 150 -176.38 32.89 119.12
N GLU VE 151 -177.60 32.98 119.67
CA GLU VE 151 -178.73 33.41 118.88
C GLU VE 151 -178.57 34.85 118.39
N ARG VE 152 -178.00 35.73 119.21
CA ARG VE 152 -177.76 37.09 118.76
C ARG VE 152 -176.78 37.13 117.61
N LEU VE 153 -175.63 36.47 117.77
CA LEU VE 153 -174.66 36.40 116.68
C LEU VE 153 -175.24 35.67 115.48
N ARG VE 154 -176.05 34.64 115.72
CA ARG VE 154 -176.67 33.91 114.61
C ARG VE 154 -177.56 34.84 113.79
N HIS VE 155 -178.44 35.60 114.44
CA HIS VE 155 -179.31 36.51 113.72
C HIS VE 155 -178.51 37.59 113.00
N ASP VE 156 -177.50 38.16 113.68
CA ASP VE 156 -176.70 39.21 113.06
C ASP VE 156 -176.01 38.70 111.81
N VAL VE 157 -175.37 37.52 111.91
CA VAL VE 157 -174.64 36.99 110.77
C VAL VE 157 -175.58 36.61 109.65
N MET VE 158 -176.76 36.07 109.98
CA MET VE 158 -177.73 35.76 108.94
C MET VE 158 -178.19 37.02 108.22
N LEU VE 159 -178.43 38.10 108.97
CA LEU VE 159 -178.80 39.36 108.34
C LEU VE 159 -177.70 39.86 107.42
N ARG VE 160 -176.45 39.76 107.87
CA ARG VE 160 -175.33 40.17 107.02
C ARG VE 160 -175.27 39.31 105.76
N ILE VE 161 -175.56 38.02 105.89
CA ILE VE 161 -175.59 37.12 104.74
C ILE VE 161 -176.64 37.56 103.74
N ALA VE 162 -177.82 37.95 104.24
CA ALA VE 162 -178.92 38.34 103.36
C ALA VE 162 -178.54 39.55 102.51
N THR VE 163 -177.89 40.54 103.11
CA THR VE 163 -177.58 41.80 102.43
C THR VE 163 -176.09 41.96 102.11
N PHE VE 164 -175.43 40.87 101.75
CA PHE VE 164 -174.01 40.95 101.43
C PHE VE 164 -173.78 41.83 100.20
N GLY VE 165 -172.65 42.53 100.20
CA GLY VE 165 -172.39 43.49 99.15
C GLY VE 165 -171.04 43.37 98.48
N GLY VE 166 -170.37 42.23 98.65
CA GLY VE 166 -169.10 42.00 97.99
C GLY VE 166 -167.85 42.55 98.65
N VAL VE 167 -166.78 41.75 98.69
CA VAL VE 167 -165.55 42.15 99.32
C VAL VE 167 -164.50 42.76 98.42
N GLN VE 168 -163.65 43.61 98.99
CA GLN VE 168 -162.55 44.18 98.23
C GLN VE 168 -161.58 43.03 98.05
N PRO VE 169 -160.93 42.93 96.88
CA PRO VE 169 -159.97 41.83 96.66
C PRO VE 169 -158.82 41.85 97.66
N ALA VE 170 -158.37 43.03 98.07
CA ALA VE 170 -157.27 43.10 99.04
C ALA VE 170 -157.69 42.52 100.38
N ALA VE 171 -158.89 42.86 100.85
CA ALA VE 171 -159.38 42.34 102.12
C ALA VE 171 -159.57 40.84 102.05
N LEU VE 172 -160.11 40.34 100.94
CA LEU VE 172 -160.28 38.90 100.78
C LEU VE 172 -158.94 38.18 100.79
N ALA VE 173 -157.95 38.73 100.09
CA ALA VE 173 -156.62 38.14 100.10
C ALA VE 173 -156.01 38.17 101.49
N GLU VE 174 -156.24 39.24 102.23
CA GLU VE 174 -155.72 39.34 103.59
C GLU VE 174 -156.34 38.28 104.50
N LEU VE 175 -157.66 38.11 104.41
CA LEU VE 175 -158.32 37.05 105.19
C LEU VE 175 -157.81 35.68 104.77
N THR VE 176 -157.63 35.49 103.46
CA THR VE 176 -157.16 34.19 102.96
C THR VE 176 -155.81 33.89 103.59
N GLU VE 177 -154.86 34.81 103.46
CA GLU VE 177 -153.48 34.56 103.98
C GLU VE 177 -153.54 34.37 105.51
N VAL VE 178 -154.34 35.18 106.20
CA VAL VE 178 -154.47 35.03 107.68
C VAL VE 178 -154.99 33.62 107.97
N LEU VE 179 -156.11 33.26 107.36
CA LEU VE 179 -156.71 31.96 107.66
C LEU VE 179 -155.77 30.81 107.28
N ASN VE 180 -154.98 30.99 106.23
CA ASN VE 180 -154.01 29.97 105.85
C ASN VE 180 -152.97 29.77 106.95
N GLY VE 181 -152.43 30.87 107.48
CA GLY VE 181 -151.43 30.77 108.53
C GLY VE 181 -151.93 30.10 109.79
N LEU VE 182 -153.25 30.00 109.95
CA LEU VE 182 -153.81 29.38 111.15
C LEU VE 182 -154.09 27.90 110.92
N LEU VE 183 -154.62 27.57 109.74
CA LEU VE 183 -155.05 26.17 109.51
C LEU VE 183 -153.95 25.33 108.86
N ASP VE 184 -153.10 25.92 108.03
CA ASP VE 184 -152.10 25.06 107.32
C ASP VE 184 -151.19 24.41 108.37
N GLY VE 185 -150.75 25.17 109.38
CA GLY VE 185 -149.95 24.58 110.47
C GLY VE 185 -150.73 23.54 111.25
N GLN VE 186 -152.01 23.81 111.54
CA GLN VE 186 -152.83 22.90 112.37
C GLN VE 186 -153.10 21.57 111.65
N ASN VE 187 -153.09 20.45 112.38
CA ASN VE 187 -153.48 19.16 111.75
C ASN VE 187 -154.96 19.29 111.38
N LEU VE 188 -155.37 18.76 110.21
CA LEU VE 188 -156.77 18.97 109.78
C LEU VE 188 -157.45 17.63 109.44
N LYS VE 189 -157.08 16.53 110.12
CA LYS VE 189 -157.79 15.29 109.82
C LYS VE 189 -157.96 14.46 111.09
N ARG VE 190 -158.88 14.90 111.94
CA ARG VE 190 -159.22 14.17 113.14
C ARG VE 190 -159.85 12.83 112.78
N SER VE 191 -159.12 11.74 113.03
CA SER VE 191 -159.60 10.42 112.68
C SER VE 191 -160.62 9.96 113.72
N LYS VE 192 -161.83 9.63 113.28
CA LYS VE 192 -162.91 9.19 114.16
C LYS VE 192 -163.06 7.68 114.00
N MET VE 193 -162.63 6.94 115.01
CA MET VE 193 -162.72 5.48 115.02
C MET VE 193 -163.55 5.06 116.24
N GLY VE 194 -164.70 4.45 115.98
CA GLY VE 194 -165.54 3.96 117.10
C GLY VE 194 -166.65 4.92 117.44
N GLY VE 195 -167.88 4.67 116.95
CA GLY VE 195 -169.01 5.51 117.28
C GLY VE 195 -170.01 4.75 118.13
N VAL VE 196 -171.15 4.42 117.56
CA VAL VE 196 -172.17 3.61 118.20
C VAL VE 196 -172.28 2.17 117.65
N ARG VE 197 -171.90 2.02 116.38
CA ARG VE 197 -171.87 0.69 115.78
C ARG VE 197 -170.82 -0.09 116.57
N THR VE 198 -169.65 0.52 116.80
CA THR VE 198 -168.61 -0.16 117.55
C THR VE 198 -169.04 -0.41 118.99
N ALA VE 199 -169.72 0.56 119.61
CA ALA VE 199 -170.21 0.36 120.96
C ALA VE 199 -171.22 -0.79 121.03
N ALA VE 200 -172.12 -0.86 120.05
CA ALA VE 200 -173.10 -1.94 120.03
C ALA VE 200 -172.41 -3.28 119.84
N GLU VE 201 -171.41 -3.34 118.94
CA GLU VE 201 -170.67 -4.58 118.75
C GLU VE 201 -169.93 -5.01 120.01
N ILE VE 202 -169.34 -4.05 120.72
CA ILE VE 202 -168.67 -4.36 121.98
C ILE VE 202 -169.67 -4.89 123.00
N ILE VE 203 -170.82 -4.24 123.10
CA ILE VE 203 -171.83 -4.65 124.08
C ILE VE 203 -172.34 -6.05 123.78
N ASN VE 204 -172.56 -6.36 122.51
CA ASN VE 204 -173.18 -7.62 122.12
C ASN VE 204 -172.34 -8.84 122.51
N LEU VE 205 -171.06 -8.67 122.77
CA LEU VE 205 -170.16 -9.79 123.04
C LEU VE 205 -169.84 -10.01 124.51
N MET VE 206 -170.47 -9.29 125.43
CA MET VE 206 -170.20 -9.46 126.85
C MET VE 206 -171.38 -10.10 127.55
N LYS VE 207 -171.24 -10.30 128.85
CA LYS VE 207 -172.25 -11.00 129.63
C LYS VE 207 -173.57 -10.24 129.68
N THR VE 208 -174.66 -10.98 129.85
CA THR VE 208 -175.98 -10.38 129.83
C THR VE 208 -176.18 -9.39 130.97
N GLN VE 209 -175.69 -9.72 132.18
CA GLN VE 209 -175.84 -8.81 133.30
C GLN VE 209 -175.10 -7.50 133.06
N GLN VE 210 -173.86 -7.59 132.58
CA GLN VE 210 -173.14 -6.37 132.22
C GLN VE 210 -173.81 -5.65 131.05
N GLU VE 211 -174.40 -6.41 130.12
CA GLU VE 211 -175.11 -5.78 129.01
C GLU VE 211 -176.25 -4.92 129.51
N GLU VE 212 -177.11 -5.48 130.38
CA GLU VE 212 -178.22 -4.71 130.90
C GLU VE 212 -177.74 -3.55 131.76
N ALA VE 213 -176.68 -3.75 132.55
CA ALA VE 213 -176.15 -2.66 133.36
C ALA VE 213 -175.68 -1.50 132.48
N VAL VE 214 -174.93 -1.79 131.42
CA VAL VE 214 -174.42 -0.70 130.60
C VAL VE 214 -175.55 -0.04 129.81
N ILE VE 215 -176.53 -0.79 129.33
CA ILE VE 215 -177.59 -0.15 128.55
C ILE VE 215 -178.45 0.72 129.44
N THR VE 216 -178.71 0.27 130.68
CA THR VE 216 -179.49 1.11 131.58
C THR VE 216 -178.70 2.33 132.02
N ALA VE 217 -177.37 2.20 132.17
CA ALA VE 217 -176.54 3.37 132.47
C ALA VE 217 -176.61 4.39 131.34
N VAL VE 218 -176.50 3.91 130.10
CA VAL VE 218 -176.60 4.81 128.95
C VAL VE 218 -177.97 5.48 128.90
N ARG VE 219 -179.02 4.70 129.15
CA ARG VE 219 -180.37 5.25 129.14
C ARG VE 219 -180.53 6.32 130.22
N GLU VE 220 -179.93 6.10 131.39
CA GLU VE 220 -179.91 7.13 132.42
C GLU VE 220 -179.19 8.37 131.93
N PHE VE 221 -178.06 8.20 131.25
CA PHE VE 221 -177.35 9.35 130.69
C PHE VE 221 -178.13 10.05 129.58
N ASP VE 222 -178.70 9.29 128.66
CA ASP VE 222 -179.46 9.82 127.55
C ASP VE 222 -180.25 8.68 126.94
N GLY VE 223 -181.58 8.82 126.90
CA GLY VE 223 -182.41 7.75 126.35
C GLY VE 223 -182.26 7.53 124.85
N GLU VE 224 -182.06 8.62 124.11
CA GLU VE 224 -181.92 8.52 122.66
C GLU VE 224 -180.69 7.71 122.28
N LEU VE 225 -179.58 7.94 122.97
CA LEU VE 225 -178.37 7.16 122.70
C LEU VE 225 -178.58 5.69 123.01
N ALA VE 226 -179.27 5.39 124.10
CA ALA VE 226 -179.56 4.00 124.44
C ALA VE 226 -180.41 3.31 123.38
N GLN VE 227 -181.44 4.01 122.88
CA GLN VE 227 -182.29 3.44 121.85
C GLN VE 227 -181.51 3.23 120.55
N LYS VE 228 -180.65 4.17 120.20
CA LYS VE 228 -179.85 4.02 118.99
C LYS VE 228 -178.90 2.84 119.15
N ILE VE 229 -178.33 2.68 120.34
CA ILE VE 229 -177.45 1.53 120.60
C ILE VE 229 -178.23 0.23 120.47
N ILE VE 230 -179.45 0.19 121.03
CA ILE VE 230 -180.27 -0.99 120.94
C ILE VE 230 -180.64 -1.34 119.50
N ASP VE 231 -180.93 -0.33 118.69
CA ASP VE 231 -181.29 -0.58 117.29
C ASP VE 231 -180.07 -1.07 116.51
N GLU VE 232 -178.90 -0.51 116.79
CA GLU VE 232 -177.69 -0.94 116.12
C GLU VE 232 -177.31 -2.31 116.67
N MET VE 233 -177.82 -2.66 117.86
CA MET VE 233 -177.48 -3.95 118.45
C MET VE 233 -177.92 -5.11 117.56
N PHE VE 234 -179.19 -5.07 117.11
CA PHE VE 234 -179.75 -6.11 116.26
C PHE VE 234 -180.29 -5.47 114.98
N LEU VE 235 -179.54 -5.56 113.90
CA LEU VE 235 -179.95 -5.02 112.62
C LEU VE 235 -180.94 -5.96 111.94
N PHE VE 236 -181.52 -5.47 110.84
CA PHE VE 236 -182.46 -6.29 110.08
C PHE VE 236 -181.73 -7.23 109.13
N GLU VE 237 -180.76 -7.96 109.66
CA GLU VE 237 -180.04 -8.98 108.90
C GLU VE 237 -179.80 -10.26 109.67
N ASN VE 238 -179.96 -10.27 110.99
CA ASN VE 238 -179.78 -11.47 111.80
C ASN VE 238 -181.07 -12.25 111.99
N LEU VE 239 -182.17 -11.80 111.37
CA LEU VE 239 -183.43 -12.52 111.48
C LEU VE 239 -183.35 -13.92 110.90
N VAL VE 240 -182.40 -14.17 109.99
CA VAL VE 240 -182.19 -15.51 109.46
C VAL VE 240 -181.73 -16.47 110.55
N ASP VE 241 -181.07 -15.96 111.60
CA ASP VE 241 -180.59 -16.80 112.69
C ASP VE 241 -181.62 -17.00 113.78
N VAL VE 242 -182.81 -16.42 113.64
CA VAL VE 242 -183.87 -16.58 114.64
C VAL VE 242 -184.49 -17.96 114.48
N ASP VE 243 -184.89 -18.56 115.60
CA ASP VE 243 -185.49 -19.89 115.59
C ASP VE 243 -186.86 -19.85 114.91
N ASP VE 244 -187.24 -21.01 114.37
CA ASP VE 244 -188.54 -21.12 113.71
C ASP VE 244 -189.69 -20.89 114.68
N ARG VE 245 -189.56 -21.42 115.91
CA ARG VE 245 -190.59 -21.21 116.91
C ARG VE 245 -190.71 -19.73 117.28
N SER VE 246 -189.58 -19.04 117.41
CA SER VE 246 -189.62 -17.61 117.68
C SER VE 246 -190.27 -16.85 116.54
N ILE VE 247 -189.97 -17.23 115.30
CA ILE VE 247 -190.59 -16.58 114.15
C ILE VE 247 -192.09 -16.80 114.16
N GLN VE 248 -192.54 -18.02 114.44
CA GLN VE 248 -193.98 -18.30 114.49
C GLN VE 248 -194.65 -17.50 115.61
N ARG VE 249 -194.00 -17.41 116.77
CA ARG VE 249 -194.57 -16.65 117.88
C ARG VE 249 -194.67 -15.16 117.53
N LEU VE 250 -193.64 -14.62 116.87
CA LEU VE 250 -193.66 -13.21 116.50
C LEU VE 250 -194.64 -12.93 115.36
N LEU VE 251 -194.94 -13.93 114.55
CA LEU VE 251 -195.87 -13.74 113.44
C LEU VE 251 -197.26 -13.38 113.95
N GLN VE 252 -197.62 -13.80 115.16
CA GLN VE 252 -198.93 -13.51 115.72
C GLN VE 252 -199.12 -12.03 116.03
N GLU VE 253 -198.05 -11.25 116.13
CA GLU VE 253 -198.14 -9.84 116.45
C GLU VE 253 -197.65 -8.94 115.32
N VAL VE 254 -197.37 -9.49 114.14
CA VAL VE 254 -196.87 -8.71 113.02
C VAL VE 254 -198.00 -8.51 112.02
N ASP VE 255 -198.25 -7.26 111.66
CA ASP VE 255 -199.27 -6.96 110.66
C ASP VE 255 -198.84 -7.47 109.30
N SER VE 256 -199.81 -8.00 108.54
CA SER VE 256 -199.50 -8.55 107.23
C SER VE 256 -198.96 -7.50 106.28
N GLU VE 257 -199.59 -6.32 106.26
CA GLU VE 257 -199.14 -5.25 105.38
C GLU VE 257 -197.74 -4.76 105.76
N SER VE 258 -197.51 -4.55 107.06
CA SER VE 258 -196.19 -4.10 107.52
C SER VE 258 -195.13 -5.15 107.25
N LEU VE 259 -195.45 -6.43 107.50
CA LEU VE 259 -194.49 -7.49 107.23
C LEU VE 259 -194.17 -7.58 105.74
N LEU VE 260 -195.18 -7.45 104.88
CA LEU VE 260 -194.94 -7.50 103.44
C LEU VE 260 -194.09 -6.31 103.00
N ILE VE 261 -194.37 -5.12 103.55
CA ILE VE 261 -193.57 -3.95 103.20
C ILE VE 261 -192.12 -4.14 103.63
N ALA VE 262 -191.91 -4.66 104.83
CA ALA VE 262 -190.54 -4.89 105.30
C ALA VE 262 -189.83 -5.94 104.46
N LEU VE 263 -190.53 -7.01 104.09
CA LEU VE 263 -189.92 -8.11 103.35
C LEU VE 263 -189.86 -7.86 101.84
N LYS VE 264 -190.42 -6.74 101.36
CA LYS VE 264 -190.34 -6.43 99.94
C LYS VE 264 -188.90 -6.25 99.50
N GLY VE 265 -188.09 -5.54 100.29
CA GLY VE 265 -186.69 -5.35 100.01
C GLY VE 265 -185.76 -6.29 100.75
N ALA VE 266 -186.28 -7.27 101.47
CA ALA VE 266 -185.45 -8.19 102.23
C ALA VE 266 -184.83 -9.24 101.31
N GLU VE 267 -183.86 -9.97 101.84
CA GLU VE 267 -183.20 -11.01 101.06
C GLU VE 267 -184.17 -12.17 100.82
N PRO VE 268 -184.07 -12.85 99.68
CA PRO VE 268 -184.97 -13.97 99.39
C PRO VE 268 -184.84 -15.06 100.45
N PRO VE 269 -183.63 -15.31 100.95
CA PRO VE 269 -183.49 -16.29 102.04
C PRO VE 269 -184.27 -15.91 103.29
N LEU VE 270 -184.29 -14.63 103.65
CA LEU VE 270 -185.05 -14.19 104.81
C LEU VE 270 -186.55 -14.38 104.59
N ARG VE 271 -187.03 -14.06 103.39
CA ARG VE 271 -188.44 -14.26 103.07
C ARG VE 271 -188.81 -15.74 103.12
N GLU VE 272 -187.94 -16.61 102.59
CA GLU VE 272 -188.21 -18.04 102.63
C GLU VE 272 -188.22 -18.56 104.06
N LYS VE 273 -187.28 -18.09 104.89
CA LYS VE 273 -187.25 -18.53 106.29
C LYS VE 273 -188.48 -18.05 107.04
N PHE VE 274 -188.92 -16.83 106.78
CA PHE VE 274 -190.07 -16.25 107.46
C PHE VE 274 -191.40 -16.77 106.92
N LEU VE 275 -191.40 -17.41 105.74
CA LEU VE 275 -192.61 -17.96 105.16
C LEU VE 275 -192.87 -19.39 105.58
N ARG VE 276 -191.98 -19.99 106.36
CA ARG VE 276 -192.15 -21.36 106.81
C ARG VE 276 -192.85 -21.46 108.17
N ASN VE 277 -193.20 -20.32 108.76
CA ASN VE 277 -193.87 -20.31 110.06
C ASN VE 277 -195.38 -20.16 109.96
N MET VE 278 -195.90 -19.66 108.84
CA MET VE 278 -197.33 -19.48 108.68
C MET VE 278 -197.92 -20.65 107.89
N SER VE 279 -199.21 -20.58 107.59
CA SER VE 279 -199.85 -21.64 106.83
C SER VE 279 -199.45 -21.57 105.35
N GLN VE 280 -199.73 -22.66 104.63
CA GLN VE 280 -199.42 -22.70 103.21
C GLN VE 280 -200.23 -21.66 102.44
N ARG VE 281 -201.51 -21.53 102.77
CA ARG VE 281 -202.33 -20.49 102.13
C ARG VE 281 -201.82 -19.11 102.48
N ALA VE 282 -201.44 -18.89 103.75
CA ALA VE 282 -200.89 -17.60 104.14
C ALA VE 282 -199.58 -17.31 103.43
N ALA VE 283 -198.72 -18.33 103.29
CA ALA VE 283 -197.46 -18.14 102.58
C ALA VE 283 -197.72 -17.80 101.11
N ASP VE 284 -198.66 -18.49 100.47
CA ASP VE 284 -198.99 -18.20 99.09
C ASP VE 284 -199.55 -16.79 98.93
N ILE VE 285 -200.40 -16.37 99.87
CA ILE VE 285 -200.96 -15.02 99.83
C ILE VE 285 -199.87 -13.98 99.99
N LEU VE 286 -198.93 -14.21 100.92
CA LEU VE 286 -197.82 -13.28 101.11
C LEU VE 286 -196.95 -13.20 99.87
N ARG VE 287 -196.67 -14.36 99.25
CA ARG VE 287 -195.86 -14.36 98.03
C ARG VE 287 -196.57 -13.61 96.90
N ASP VE 288 -197.87 -13.81 96.75
CA ASP VE 288 -198.63 -13.11 95.73
C ASP VE 288 -198.64 -11.61 95.98
N ASP VE 289 -198.81 -11.21 97.25
CA ASP VE 289 -198.80 -9.79 97.58
C ASP VE 289 -197.43 -9.17 97.30
N LEU VE 290 -196.35 -9.89 97.64
CA LEU VE 290 -195.01 -9.38 97.38
C LEU VE 290 -194.76 -9.25 95.88
N ALA VE 291 -195.20 -10.24 95.09
CA ALA VE 291 -195.04 -10.17 93.65
C ALA VE 291 -195.83 -9.01 93.05
N ASN VE 292 -197.06 -8.80 93.54
CA ASN VE 292 -197.91 -7.74 93.03
C ASN VE 292 -197.54 -6.36 93.55
N ARG VE 293 -196.79 -6.30 94.65
CA ARG VE 293 -196.42 -5.00 95.22
C ARG VE 293 -195.37 -4.33 94.36
N GLY VE 294 -195.61 -3.07 94.01
CA GLY VE 294 -194.67 -2.30 93.22
C GLY VE 294 -193.58 -1.72 94.08
N PRO VE 295 -192.60 -1.10 93.42
CA PRO VE 295 -191.51 -0.46 94.16
C PRO VE 295 -192.02 0.67 95.03
N VAL VE 296 -191.42 0.81 96.22
CA VAL VE 296 -191.81 1.83 97.18
C VAL VE 296 -190.54 2.48 97.73
N ARG VE 297 -190.71 3.69 98.27
CA ARG VE 297 -189.59 4.39 98.89
C ARG VE 297 -189.12 3.64 100.13
N LEU VE 298 -187.81 3.64 100.36
CA LEU VE 298 -187.24 2.92 101.49
C LEU VE 298 -187.59 3.54 102.83
N SER VE 299 -188.13 4.77 102.85
CA SER VE 299 -188.45 5.41 104.12
C SER VE 299 -189.53 4.65 104.89
N GLN VE 300 -190.57 4.21 104.20
CA GLN VE 300 -191.65 3.46 104.86
C GLN VE 300 -191.26 2.01 105.13
N VAL VE 301 -190.50 1.40 104.23
CA VAL VE 301 -190.03 0.02 104.46
C VAL VE 301 -189.12 -0.03 105.67
N GLU VE 302 -188.26 0.98 105.82
CA GLU VE 302 -187.39 1.04 106.99
C GLU VE 302 -188.19 1.18 108.28
N ASN VE 303 -189.24 2.00 108.26
CA ASN VE 303 -190.08 2.15 109.44
C ASN VE 303 -190.80 0.85 109.78
N GLU VE 304 -191.31 0.15 108.76
CA GLU VE 304 -191.98 -1.12 108.99
C GLU VE 304 -191.01 -2.15 109.56
N GLN VE 305 -189.79 -2.21 109.01
CA GLN VE 305 -188.79 -3.13 109.54
C GLN VE 305 -188.40 -2.78 110.95
N LYS VE 306 -188.31 -1.48 111.26
CA LYS VE 306 -188.01 -1.06 112.63
C LYS VE 306 -189.11 -1.47 113.58
N ALA VE 307 -190.37 -1.32 113.17
CA ALA VE 307 -191.48 -1.75 114.02
C ALA VE 307 -191.45 -3.25 114.25
N ILE VE 308 -191.17 -4.02 113.20
CA ILE VE 308 -191.10 -5.48 113.32
C ILE VE 308 -189.96 -5.87 114.26
N LEU VE 309 -188.80 -5.23 114.11
CA LEU VE 309 -187.66 -5.52 114.98
C LEU VE 309 -187.95 -5.14 116.42
N LEU VE 310 -188.65 -4.02 116.64
CA LEU VE 310 -189.02 -3.63 118.00
C LEU VE 310 -189.96 -4.65 118.62
N ILE VE 311 -190.93 -5.14 117.84
CA ILE VE 311 -191.84 -6.17 118.36
C ILE VE 311 -191.07 -7.44 118.70
N VAL VE 312 -190.15 -7.84 117.82
CA VAL VE 312 -189.36 -9.06 118.05
C VAL VE 312 -188.50 -8.89 119.31
N ARG VE 313 -187.88 -7.71 119.46
CA ARG VE 313 -187.03 -7.46 120.62
C ARG VE 313 -187.86 -7.46 121.91
N ARG VE 314 -189.07 -6.88 121.86
CA ARG VE 314 -189.94 -6.91 123.02
C ARG VE 314 -190.33 -8.34 123.39
N LEU VE 315 -190.64 -9.16 122.38
CA LEU VE 315 -190.98 -10.55 122.63
C LEU VE 315 -189.80 -11.30 123.24
N ALA VE 316 -188.60 -11.06 122.73
CA ALA VE 316 -187.41 -11.72 123.27
C ALA VE 316 -187.13 -11.27 124.69
N GLU VE 317 -187.27 -9.97 124.97
CA GLU VE 317 -187.05 -9.46 126.32
C GLU VE 317 -188.06 -10.03 127.30
N THR VE 318 -189.32 -10.19 126.85
CA THR VE 318 -190.32 -10.83 127.69
C THR VE 318 -189.94 -12.26 128.03
N GLY VE 319 -189.39 -12.98 127.04
CA GLY VE 319 -188.95 -14.33 127.25
C GLY VE 319 -189.72 -15.34 126.42
N GLU VE 320 -190.34 -14.88 125.34
CA GLU VE 320 -191.13 -15.73 124.46
C GLU VE 320 -190.51 -15.89 123.08
N MET VE 321 -189.20 -15.74 122.97
CA MET VE 321 -188.51 -15.89 121.68
C MET VE 321 -187.08 -16.35 121.97
N VAL VE 322 -186.46 -16.95 120.96
CA VAL VE 322 -185.09 -17.43 121.08
C VAL VE 322 -184.39 -17.28 119.74
N ILE VE 323 -183.08 -17.57 119.70
CA ILE VE 323 -182.30 -17.47 118.48
C ILE VE 323 -181.50 -18.75 118.29
N GLY VE 324 -180.92 -18.93 117.11
CA GLY VE 324 -180.14 -20.11 116.81
C GLY VE 324 -179.53 -20.11 115.43
N SER WE 33 -156.67 85.16 153.46
CA SER WE 33 -155.49 84.35 153.14
C SER WE 33 -155.88 82.91 152.88
N ASP WE 34 -155.64 82.45 151.65
CA ASP WE 34 -155.94 81.07 151.27
C ASP WE 34 -154.75 80.20 151.68
N ILE WE 35 -155.02 79.24 152.56
CA ILE WE 35 -154.00 78.33 153.06
C ILE WE 35 -154.63 76.97 153.29
N ARG WE 36 -154.28 75.99 152.46
CA ARG WE 36 -154.82 74.65 152.57
C ARG WE 36 -153.67 73.66 152.65
N PRO WE 37 -153.87 72.49 153.31
CA PRO WE 37 -152.77 71.49 153.49
C PRO WE 37 -152.31 70.95 152.14
N TYR WE 38 -151.03 70.63 152.06
CA TYR WE 38 -150.45 70.09 150.83
C TYR WE 38 -150.86 68.62 150.70
N ASP WE 39 -151.54 68.30 149.61
CA ASP WE 39 -151.91 66.93 149.31
C ASP WE 39 -151.17 66.49 148.06
N PRO WE 40 -150.30 65.48 148.14
CA PRO WE 40 -149.63 64.99 146.93
C PRO WE 40 -150.63 64.38 145.96
N ASN WE 41 -150.10 64.01 144.79
CA ASN WE 41 -150.82 63.41 143.67
C ASN WE 41 -152.07 64.19 143.27
N THR WE 42 -152.17 65.47 143.61
CA THR WE 42 -153.28 66.29 143.16
C THR WE 42 -152.89 67.06 141.91
N GLN WE 43 -153.85 67.22 140.99
CA GLN WE 43 -153.61 67.90 139.72
C GLN WE 43 -153.48 69.39 139.99
N ARG WE 44 -152.26 69.80 140.37
CA ARG WE 44 -151.99 71.20 140.66
C ARG WE 44 -151.13 71.88 139.59
N ARG WE 45 -150.51 71.12 138.70
CA ARG WE 45 -149.66 71.68 137.64
C ARG WE 45 -150.54 71.96 136.44
N VAL WE 46 -150.77 73.24 136.15
CA VAL WE 46 -151.57 73.67 135.01
C VAL WE 46 -150.66 74.44 134.06
N VAL WE 47 -150.53 73.94 132.83
CA VAL WE 47 -149.68 74.56 131.82
C VAL WE 47 -150.55 74.70 130.58
N ARG WE 48 -151.17 75.89 130.41
CA ARG WE 48 -152.03 76.16 129.27
C ARG WE 48 -151.24 77.01 128.29
N GLU WE 49 -151.16 76.53 127.04
CA GLU WE 49 -150.38 77.22 126.01
C GLU WE 49 -151.04 76.92 124.67
N ARG WE 50 -151.45 77.97 123.97
CA ARG WE 50 -152.01 77.82 122.64
C ARG WE 50 -150.93 77.35 121.67
N LEU WE 51 -151.27 76.36 120.83
CA LEU WE 51 -150.33 75.76 119.90
C LEU WE 51 -150.88 75.92 118.48
N GLN WE 52 -150.60 77.08 117.87
CA GLN WE 52 -151.15 77.37 116.55
C GLN WE 52 -150.58 76.43 115.49
N ALA WE 53 -149.26 76.18 115.55
CA ALA WE 53 -148.57 75.32 114.57
C ALA WE 53 -149.19 73.93 114.61
N LEU WE 54 -149.51 73.35 115.77
CA LEU WE 54 -150.24 72.10 115.87
C LEU WE 54 -151.67 72.27 115.39
N GLU WE 55 -152.26 73.44 115.63
CA GLU WE 55 -153.63 73.69 115.19
C GLU WE 55 -153.76 73.64 113.67
N ILE WE 56 -152.69 73.95 112.94
CA ILE WE 56 -152.77 73.88 111.48
C ILE WE 56 -152.29 72.52 110.99
N ILE WE 57 -151.35 71.91 111.72
CA ILE WE 57 -150.90 70.58 111.36
C ILE WE 57 -152.04 69.58 111.47
N ASN WE 58 -152.92 69.77 112.46
CA ASN WE 58 -154.06 68.89 112.61
C ASN WE 58 -154.99 68.92 111.40
N GLU WE 59 -155.31 70.10 110.88
CA GLU WE 59 -156.15 70.18 109.69
C GLU WE 59 -155.46 69.64 108.46
N ARG WE 60 -154.16 69.89 108.32
CA ARG WE 60 -153.44 69.35 107.17
C ARG WE 60 -153.49 67.82 107.21
N PHE WE 61 -153.22 67.25 108.38
CA PHE WE 61 -153.28 65.80 108.54
C PHE WE 61 -154.70 65.28 108.33
N ALA WE 62 -155.70 66.04 108.79
CA ALA WE 62 -157.08 65.60 108.62
C ALA WE 62 -157.45 65.55 107.14
N ARG WE 63 -157.03 66.55 106.36
CA ARG WE 63 -157.28 66.52 104.93
C ARG WE 63 -156.59 65.34 104.26
N GLN WE 64 -155.32 65.12 104.62
CA GLN WE 64 -154.60 63.97 104.04
C GLN WE 64 -155.26 62.66 104.40
N PHE WE 65 -155.68 62.52 105.66
CA PHE WE 65 -156.30 61.28 106.11
C PHE WE 65 -157.66 61.07 105.48
N ARG WE 66 -158.43 62.14 105.26
CA ARG WE 66 -159.69 62.01 104.54
C ARG WE 66 -159.61 61.43 103.13
N MET WE 67 -158.67 61.92 102.33
CA MET WE 67 -158.48 61.34 101.00
C MET WE 67 -157.89 59.91 101.02
N GLY WE 68 -157.08 59.64 102.03
CA GLY WE 68 -156.52 58.31 102.20
C GLY WE 68 -157.68 57.39 102.50
N LEU WE 69 -158.58 57.82 103.40
CA LEU WE 69 -159.75 57.01 103.73
C LEU WE 69 -160.68 56.88 102.52
N PHE WE 70 -160.82 57.94 101.73
CA PHE WE 70 -161.58 57.82 100.50
C PHE WE 70 -160.93 56.82 99.55
N ASN WE 71 -159.60 56.87 99.43
CA ASN WE 71 -158.91 55.94 98.57
C ASN WE 71 -159.08 54.50 99.04
N LEU WE 72 -159.13 54.28 100.35
CA LEU WE 72 -159.19 52.91 100.87
C LEU WE 72 -160.62 52.37 100.91
N LEU WE 73 -161.49 53.03 101.68
CA LEU WE 73 -162.84 52.54 101.92
C LEU WE 73 -163.77 52.70 100.73
N ARG WE 74 -163.36 53.43 99.70
CA ARG WE 74 -164.23 53.74 98.57
C ARG WE 74 -165.51 54.43 99.03
N ARG WE 75 -165.40 55.28 100.04
CA ARG WE 75 -166.51 56.06 100.56
C ARG WE 75 -166.03 57.47 100.83
N SER WE 76 -166.93 58.32 101.31
CA SER WE 76 -166.63 59.74 101.53
C SER WE 76 -166.69 60.08 103.01
N PRO WE 77 -165.58 59.99 103.73
CA PRO WE 77 -165.56 60.44 105.13
C PRO WE 77 -165.36 61.92 105.34
N ASP WE 78 -165.86 62.41 106.48
CA ASP WE 78 -165.60 63.78 106.89
C ASP WE 78 -164.98 63.74 108.27
N ILE WE 79 -163.85 64.42 108.42
CA ILE WE 79 -163.08 64.42 109.66
C ILE WE 79 -163.14 65.81 110.24
N THR WE 80 -163.66 65.92 111.47
CA THR WE 80 -163.72 67.17 112.20
C THR WE 80 -162.63 67.14 113.27
N VAL WE 81 -161.76 68.15 113.26
CA VAL WE 81 -160.69 68.21 114.24
C VAL WE 81 -161.21 68.84 115.52
N GLY WE 82 -161.06 68.12 116.63
CA GLY WE 82 -161.48 68.64 117.91
C GLY WE 82 -160.46 69.58 118.50
N ALA WE 83 -160.82 70.17 119.63
CA ALA WE 83 -159.92 71.06 120.33
C ALA WE 83 -158.76 70.28 120.94
N ILE WE 84 -157.55 70.82 120.76
CA ILE WE 84 -156.37 70.20 121.35
C ILE WE 84 -156.47 70.29 122.87
N ARG WE 85 -156.27 69.15 123.54
CA ARG WE 85 -156.36 69.09 124.99
C ARG WE 85 -154.98 68.85 125.60
N ILE WE 86 -154.58 69.74 126.49
CA ILE WE 86 -153.33 69.61 127.22
C ILE WE 86 -153.62 69.12 128.63
N GLN WE 87 -153.41 67.84 128.86
CA GLN WE 87 -153.93 67.19 130.06
C GLN WE 87 -152.94 66.19 130.62
N PRO WE 88 -153.02 65.88 131.91
CA PRO WE 88 -152.17 64.82 132.46
C PRO WE 88 -152.48 63.48 131.81
N TYR WE 89 -151.47 62.62 131.74
CA TYR WE 89 -151.61 61.36 131.02
C TYR WE 89 -152.69 60.43 131.54
N HIS WE 90 -152.91 60.40 132.86
CA HIS WE 90 -153.93 59.50 133.48
C HIS WE 90 -155.36 59.99 133.17
N GLU WE 91 -155.55 61.26 132.81
CA GLU WE 91 -156.85 61.78 132.37
C GLU WE 91 -157.09 61.20 130.99
N PHE WE 92 -156.07 61.26 130.12
CA PHE WE 92 -156.19 60.70 128.78
C PHE WE 92 -156.42 59.20 128.85
N ALA WE 93 -155.71 58.51 129.75
CA ALA WE 93 -155.88 57.07 129.87
C ALA WE 93 -157.27 56.71 130.35
N ARG WE 94 -157.79 57.43 131.35
CA ARG WE 94 -159.08 57.08 131.91
C ARG WE 94 -160.22 57.43 130.96
N ASN WE 95 -160.06 58.47 130.14
CA ASN WE 95 -161.13 58.80 129.19
C ASN WE 95 -161.22 57.78 128.07
N LEU WE 96 -160.15 57.04 127.82
CA LEU WE 96 -160.16 56.05 126.75
C LEU WE 96 -161.06 54.88 127.12
N PRO WE 97 -161.71 54.25 126.14
CA PRO WE 97 -162.50 53.06 126.41
C PRO WE 97 -161.62 51.81 126.39
N VAL WE 98 -162.21 50.70 126.81
CA VAL WE 98 -161.49 49.43 126.86
C VAL WE 98 -162.33 48.33 126.21
N PRO WE 99 -161.78 47.58 125.26
CA PRO WE 99 -160.45 47.72 124.67
C PRO WE 99 -160.43 48.76 123.57
N THR WE 100 -159.24 49.27 123.25
CA THR WE 100 -159.07 50.25 122.15
C THR WE 100 -157.70 49.98 121.57
N ASN WE 101 -157.56 49.94 120.25
CA ASN WE 101 -156.23 49.82 119.59
C ASN WE 101 -155.34 51.04 119.82
N LEU WE 102 -154.19 50.87 120.45
CA LEU WE 102 -153.19 51.94 120.71
C LEU WE 102 -151.99 51.69 119.79
N ASN WE 103 -151.43 52.67 119.08
CA ASN WE 103 -150.32 52.42 118.11
C ASN WE 103 -149.09 53.23 118.56
N LEU WE 104 -148.15 52.63 119.29
CA LEU WE 104 -146.97 53.37 119.70
C LEU WE 104 -146.18 53.75 118.45
N ILE WE 105 -145.85 55.03 118.32
CA ILE WE 105 -145.16 55.54 117.15
C ILE WE 105 -143.95 56.35 117.60
N HIS WE 106 -142.89 56.31 116.80
CA HIS WE 106 -141.67 57.03 117.07
C HIS WE 106 -141.59 58.21 116.11
N LEU WE 107 -141.58 59.42 116.65
CA LEU WE 107 -141.45 60.63 115.85
C LEU WE 107 -140.00 61.12 115.85
N LYS WE 108 -139.12 60.30 115.28
CA LYS WE 108 -137.71 60.65 115.23
C LYS WE 108 -137.50 61.91 114.38
N PRO WE 109 -136.49 62.72 114.71
CA PRO WE 109 -135.47 62.54 115.74
C PRO WE 109 -135.91 63.00 117.13
N LEU WE 110 -137.18 63.29 117.35
CA LEU WE 110 -137.66 63.71 118.66
C LEU WE 110 -137.66 62.51 119.60
N ARG WE 111 -136.95 62.63 120.72
CA ARG WE 111 -136.87 61.53 121.67
C ARG WE 111 -138.18 61.40 122.43
N GLY WE 112 -138.76 60.21 122.40
CA GLY WE 112 -140.02 59.93 123.05
C GLY WE 112 -140.82 58.93 122.23
N THR WE 113 -142.08 58.76 122.61
CA THR WE 113 -142.96 57.80 121.95
C THR WE 113 -144.38 58.33 121.99
N GLY WE 114 -144.92 58.67 120.82
CA GLY WE 114 -146.29 59.11 120.72
C GLY WE 114 -147.26 57.96 120.57
N LEU WE 115 -148.55 58.29 120.60
CA LEU WE 115 -149.61 57.29 120.58
C LEU WE 115 -150.68 57.70 119.59
N VAL WE 116 -151.14 56.74 118.79
CA VAL WE 116 -152.27 56.94 117.89
C VAL WE 116 -153.37 55.99 118.33
N VAL WE 117 -154.51 56.54 118.72
CA VAL WE 117 -155.59 55.76 119.32
C VAL WE 117 -156.73 55.66 118.33
N PHE WE 118 -157.00 54.44 117.86
CA PHE WE 118 -158.14 54.13 117.02
C PHE WE 118 -159.27 53.55 117.85
N SER WE 119 -160.41 54.23 117.83
CA SER WE 119 -161.56 53.77 118.58
C SER WE 119 -162.14 52.46 118.03
N PRO WE 120 -162.78 51.61 118.88
CA PRO WE 120 -163.45 50.37 118.39
C PRO WE 120 -164.46 50.74 117.30
N SER WE 121 -165.11 51.90 117.45
CA SER WE 121 -166.13 52.27 116.48
C SER WE 121 -165.52 52.46 115.10
N LEU WE 122 -164.38 53.14 115.03
CA LEU WE 122 -163.77 53.42 113.73
C LEU WE 122 -163.29 52.14 113.06
N VAL WE 123 -162.64 51.26 113.80
CA VAL WE 123 -162.16 50.01 113.20
C VAL WE 123 -163.34 49.13 112.81
N PHE WE 124 -164.41 49.15 113.61
CA PHE WE 124 -165.61 48.41 113.24
C PHE WE 124 -166.19 48.93 111.93
N ILE WE 125 -166.26 50.25 111.78
CA ILE WE 125 -166.78 50.84 110.55
C ILE WE 125 -165.91 50.46 109.36
N ALA WE 126 -164.59 50.54 109.53
CA ALA WE 126 -163.69 50.23 108.43
C ALA WE 126 -163.80 48.76 108.02
N VAL WE 127 -163.83 47.85 109.00
CA VAL WE 127 -163.93 46.44 108.68
C VAL WE 127 -165.27 46.14 108.02
N ASP WE 128 -166.34 46.77 108.51
CA ASP WE 128 -167.66 46.58 107.92
C ASP WE 128 -167.68 47.04 106.47
N ASN WE 129 -167.10 48.21 106.20
CA ASN WE 129 -167.11 48.73 104.84
C ASN WE 129 -166.25 47.87 103.92
N LEU WE 130 -165.08 47.43 104.39
CA LEU WE 130 -164.21 46.62 103.54
C LEU WE 130 -164.85 45.27 103.21
N PHE WE 131 -165.47 44.63 104.19
CA PHE WE 131 -165.96 43.26 104.02
C PHE WE 131 -167.46 43.26 103.70
N GLY WE 132 -167.79 43.87 102.57
CA GLY WE 132 -169.13 43.78 102.02
C GLY WE 132 -170.23 44.28 102.92
N GLY WE 133 -170.04 45.44 103.54
CA GLY WE 133 -171.07 46.00 104.38
C GLY WE 133 -171.36 47.46 104.10
N ASP WE 134 -172.63 47.78 103.87
CA ASP WE 134 -173.04 49.18 103.61
C ASP WE 134 -173.40 49.88 104.93
N GLY WE 135 -172.86 49.38 106.05
CA GLY WE 135 -173.12 50.01 107.33
C GLY WE 135 -174.60 50.12 107.59
N ARG WE 136 -175.40 49.17 107.13
CA ARG WE 136 -176.83 49.15 107.42
C ARG WE 136 -177.12 48.94 108.92
N PHE WE 137 -176.54 47.87 109.47
CA PHE WE 137 -176.73 47.59 110.88
C PHE WE 137 -175.93 48.50 111.82
N PRO WE 138 -176.46 48.79 113.01
CA PRO WE 138 -175.71 49.63 113.95
C PRO WE 138 -174.43 48.93 114.42
N THR WE 139 -173.42 49.74 114.71
CA THR WE 139 -172.18 49.21 115.25
C THR WE 139 -172.39 48.75 116.69
N LYS WE 140 -171.99 47.52 116.99
CA LYS WE 140 -172.11 46.94 118.31
C LYS WE 140 -170.72 46.59 118.84
N VAL WE 141 -170.36 47.19 119.98
CA VAL WE 141 -169.09 46.90 120.63
C VAL WE 141 -169.39 46.51 122.08
N GLU WE 142 -168.93 45.34 122.49
CA GLU WE 142 -169.18 44.80 123.82
C GLU WE 142 -167.90 44.26 124.43
N GLY WE 143 -166.82 45.04 124.34
CA GLY WE 143 -165.55 44.59 124.86
C GLY WE 143 -164.85 43.55 124.01
N ARG WE 144 -165.31 43.37 122.78
CA ARG WE 144 -164.70 42.38 121.89
C ARG WE 144 -163.30 42.82 121.49
N GLU WE 145 -162.37 41.86 121.47
CA GLU WE 145 -160.99 42.14 121.12
C GLU WE 145 -160.83 42.20 119.60
N PHE WE 146 -159.59 42.33 119.16
CA PHE WE 146 -159.26 42.48 117.75
C PHE WE 146 -158.54 41.24 117.26
N THR WE 147 -159.06 40.64 116.19
CA THR WE 147 -158.44 39.46 115.60
C THR WE 147 -157.27 39.86 114.72
N HIS WE 148 -156.62 38.86 114.10
CA HIS WE 148 -155.49 39.14 113.24
C HIS WE 148 -155.91 39.89 111.98
N THR WE 149 -157.08 39.53 111.42
CA THR WE 149 -157.58 40.25 110.26
C THR WE 149 -157.90 41.70 110.60
N GLU WE 150 -158.54 41.92 111.75
CA GLU WE 150 -158.80 43.28 112.20
C GLU WE 150 -157.50 44.03 112.43
N GLN WE 151 -156.51 43.36 113.01
CA GLN WE 151 -155.21 44.00 113.22
C GLN WE 151 -154.56 44.39 111.90
N ARG WE 152 -154.70 43.54 110.89
CA ARG WE 152 -154.12 43.87 109.59
C ARG WE 152 -154.85 45.04 108.93
N VAL WE 153 -156.18 45.09 109.07
CA VAL WE 153 -156.92 46.23 108.56
C VAL WE 153 -156.50 47.51 109.27
N ILE WE 154 -156.30 47.44 110.59
CA ILE WE 154 -155.87 48.61 111.34
C ILE WE 154 -154.46 49.03 110.93
N ASN WE 155 -153.59 48.06 110.65
CA ASN WE 155 -152.26 48.39 110.16
C ASN WE 155 -152.35 49.10 108.82
N ARG WE 156 -153.23 48.63 107.94
CA ARG WE 156 -153.39 49.27 106.64
C ARG WE 156 -153.90 50.70 106.80
N MET WE 157 -154.86 50.91 107.70
CA MET WE 157 -155.33 52.27 107.97
C MET WE 157 -154.23 53.14 108.58
N LEU WE 158 -153.48 52.57 109.52
CA LEU WE 158 -152.46 53.33 110.23
C LEU WE 158 -151.31 53.71 109.31
N LYS WE 159 -151.06 52.92 108.27
CA LYS WE 159 -150.05 53.32 107.30
C LYS WE 159 -150.42 54.63 106.65
N LEU WE 160 -151.68 54.75 106.19
CA LEU WE 160 -152.15 56.01 105.63
C LEU WE 160 -152.14 57.12 106.66
N ALA WE 161 -152.56 56.82 107.89
CA ALA WE 161 -152.58 57.85 108.93
C ALA WE 161 -151.18 58.39 109.21
N LEU WE 162 -150.20 57.50 109.30
CA LEU WE 162 -148.83 57.93 109.57
C LEU WE 162 -148.25 58.68 108.39
N GLU WE 163 -148.54 58.24 107.16
CA GLU WE 163 -148.07 58.98 106.00
C GLU WE 163 -148.64 60.39 105.99
N GLY WE 164 -149.95 60.53 106.26
CA GLY WE 164 -150.55 61.85 106.31
C GLY WE 164 -149.97 62.72 107.40
N TYR WE 165 -149.75 62.14 108.59
CA TYR WE 165 -149.18 62.91 109.68
C TYR WE 165 -147.75 63.37 109.35
N SER WE 166 -146.95 62.48 108.78
CA SER WE 166 -145.59 62.85 108.40
C SER WE 166 -145.59 63.96 107.36
N ASP WE 167 -146.48 63.85 106.36
CA ASP WE 167 -146.57 64.89 105.33
C ASP WE 167 -147.00 66.23 105.94
N ALA WE 168 -147.96 66.19 106.88
CA ALA WE 168 -148.40 67.42 107.52
C ALA WE 168 -147.27 68.05 108.33
N TRP WE 169 -146.49 67.23 109.05
CA TRP WE 169 -145.40 67.76 109.84
C TRP WE 169 -144.29 68.25 108.90
N LYS WE 170 -144.17 67.61 107.73
CA LYS WE 170 -143.10 67.96 106.80
C LYS WE 170 -143.06 69.45 106.47
N ALA WE 171 -144.23 70.09 106.40
CA ALA WE 171 -144.28 71.52 106.14
C ALA WE 171 -143.54 72.40 107.14
N ILE WE 172 -143.65 72.10 108.43
CA ILE WE 172 -143.03 72.90 109.48
C ILE WE 172 -141.68 72.29 109.86
N ASN WE 173 -141.70 71.06 110.33
CA ASN WE 173 -140.47 70.38 110.73
C ASN WE 173 -140.46 68.97 110.16
N PRO WE 174 -139.50 68.64 109.28
CA PRO WE 174 -139.52 67.31 108.66
C PRO WE 174 -139.23 66.20 109.67
N LEU WE 175 -140.24 65.35 109.91
CA LEU WE 175 -140.12 64.24 110.83
C LEU WE 175 -140.46 62.95 110.10
N GLU WE 176 -139.87 61.85 110.55
CA GLU WE 176 -140.20 60.53 110.05
C GLU WE 176 -140.95 59.75 111.12
N VAL WE 177 -142.07 59.16 110.73
CA VAL WE 177 -142.99 58.50 111.65
C VAL WE 177 -142.84 57.00 111.46
N GLU WE 178 -142.50 56.31 112.54
CA GLU WE 178 -142.32 54.86 112.51
C GLU WE 178 -143.29 54.20 113.48
N TYR WE 179 -144.00 53.19 112.99
CA TYR WE 179 -144.89 52.39 113.81
C TYR WE 179 -144.11 51.23 114.40
N VAL WE 180 -144.09 51.14 115.72
CA VAL WE 180 -143.23 50.18 116.41
C VAL WE 180 -144.04 49.05 117.03
N ARG WE 181 -145.25 49.32 117.50
CA ARG WE 181 -145.98 48.32 118.27
C ARG WE 181 -147.44 48.72 118.37
N SER WE 182 -148.31 47.73 118.46
CA SER WE 182 -149.72 47.96 118.68
C SER WE 182 -150.15 47.14 119.89
N GLU WE 183 -151.07 47.70 120.66
CA GLU WE 183 -151.56 47.09 121.88
C GLU WE 183 -153.05 47.35 122.00
N MET WE 184 -153.71 46.63 122.89
CA MET WE 184 -155.14 46.75 123.08
C MET WE 184 -155.57 47.29 124.44
N GLN WE 185 -154.74 47.09 125.47
CA GLN WE 185 -155.02 47.62 126.79
C GLN WE 185 -154.28 48.93 126.99
N VAL WE 186 -154.61 49.61 128.10
CA VAL WE 186 -153.98 50.89 128.40
C VAL WE 186 -152.70 50.75 129.20
N LYS WE 187 -152.59 49.70 130.02
CA LYS WE 187 -151.46 49.55 130.92
C LYS WE 187 -150.20 49.04 130.21
N PHE WE 188 -150.29 48.67 128.94
CA PHE WE 188 -149.12 48.22 128.20
C PHE WE 188 -148.28 49.32 127.57
N THR WE 189 -148.81 50.54 127.44
CA THR WE 189 -148.09 51.59 126.72
C THR WE 189 -147.11 52.33 127.63
N ASN WE 190 -147.63 52.99 128.66
CA ASN WE 190 -146.83 53.79 129.60
C ASN WE 190 -145.72 54.57 128.89
N ILE WE 191 -146.14 55.52 128.04
CA ILE WE 191 -145.18 56.37 127.27
C ILE WE 191 -144.78 57.56 128.16
N THR WE 192 -145.36 57.71 129.35
CA THR WE 192 -145.06 58.81 130.30
C THR WE 192 -144.38 58.22 131.52
N THR WE 193 -143.25 58.78 131.94
CA THR WE 193 -142.46 58.28 133.09
C THR WE 193 -143.38 58.17 134.29
N SER WE 194 -144.27 59.15 134.49
CA SER WE 194 -145.23 59.14 135.57
C SER WE 194 -146.63 59.43 135.02
N PRO WE 195 -147.67 58.90 135.67
CA PRO WE 195 -149.03 59.16 135.19
C PRO WE 195 -149.45 60.61 135.29
N ASN WE 196 -148.74 61.43 136.06
CA ASN WE 196 -149.07 62.84 136.18
C ASN WE 196 -148.36 63.70 135.15
N ASP WE 197 -147.60 63.10 134.24
CA ASP WE 197 -146.96 63.86 133.19
C ASP WE 197 -148.00 64.44 132.24
N ILE WE 198 -147.63 65.52 131.58
CA ILE WE 198 -148.56 66.29 130.75
C ILE WE 198 -148.38 65.87 129.30
N VAL WE 199 -149.49 65.62 128.61
CA VAL WE 199 -149.48 65.22 127.22
C VAL WE 199 -150.47 66.08 126.44
N VAL WE 200 -150.24 66.13 125.13
CA VAL WE 200 -151.04 66.91 124.20
C VAL WE 200 -151.94 66.01 123.37
N ASN WE 201 -153.26 66.13 123.57
CA ASN WE 201 -154.21 65.21 122.88
C ASN WE 201 -155.07 65.92 121.83
N THR WE 202 -155.12 65.38 120.62
CA THR WE 202 -155.96 65.89 119.54
C THR WE 202 -156.97 64.83 119.15
N PRO WE 203 -158.25 64.99 119.49
CA PRO WE 203 -159.28 64.04 119.04
C PRO WE 203 -159.88 64.49 117.71
N PHE WE 204 -159.94 63.56 116.75
CA PHE WE 204 -160.63 63.77 115.49
C PHE WE 204 -161.87 62.89 115.46
N HIS WE 205 -162.93 63.40 114.85
CA HIS WE 205 -164.17 62.67 114.67
C HIS WE 205 -164.37 62.39 113.19
N VAL WE 206 -164.45 61.11 112.83
CA VAL WE 206 -164.62 60.68 111.45
C VAL WE 206 -166.03 60.14 111.28
N GLU WE 207 -166.77 60.72 110.35
CA GLU WE 207 -168.13 60.28 110.06
C GLU WE 207 -168.20 59.71 108.65
N ILE WE 208 -168.77 58.53 108.53
CA ILE WE 208 -169.02 57.87 107.25
C ILE WE 208 -170.51 57.57 107.17
N GLY WE 209 -171.19 58.19 106.22
CA GLY WE 209 -172.64 58.04 106.16
C GLY WE 209 -173.27 58.49 107.47
N ASN WE 210 -174.13 57.63 108.02
CA ASN WE 210 -174.69 57.89 109.33
C ASN WE 210 -173.77 57.44 110.46
N LEU WE 211 -172.86 56.51 110.18
CA LEU WE 211 -171.98 55.99 111.21
C LEU WE 211 -170.91 57.00 111.57
N THR WE 212 -170.49 56.95 112.83
CA THR WE 212 -169.49 57.88 113.35
C THR WE 212 -168.48 57.12 114.20
N GLY WE 213 -167.29 57.70 114.31
CA GLY WE 213 -166.25 57.18 115.17
C GLY WE 213 -165.26 58.28 115.47
N GLU WE 214 -164.28 57.97 116.31
CA GLU WE 214 -163.29 58.96 116.68
C GLU WE 214 -161.93 58.30 116.83
N PHE WE 215 -160.89 59.13 116.72
CA PHE WE 215 -159.53 58.64 116.94
C PHE WE 215 -158.67 59.80 117.40
N ASN WE 216 -157.74 59.52 118.31
CA ASN WE 216 -156.94 60.54 118.94
C ASN WE 216 -155.47 60.40 118.57
N ILE WE 217 -154.76 61.51 118.64
CA ILE WE 217 -153.31 61.51 118.50
C ILE WE 217 -152.71 62.18 119.73
N CYS WE 218 -151.96 61.43 120.52
CA CYS WE 218 -151.42 61.93 121.79
C CYS WE 218 -149.89 61.95 121.73
N LEU WE 219 -149.31 63.09 122.06
CA LEU WE 219 -147.87 63.27 122.09
C LEU WE 219 -147.45 63.70 123.48
N PRO WE 220 -146.49 63.01 124.10
CA PRO WE 220 -145.98 63.48 125.39
C PRO WE 220 -145.32 64.84 125.23
N PHE WE 221 -145.49 65.70 126.23
CA PHE WE 221 -144.94 67.05 126.14
C PHE WE 221 -143.42 67.07 126.08
N SER WE 222 -142.76 65.98 126.49
CA SER WE 222 -141.30 65.94 126.41
C SER WE 222 -140.84 66.04 124.96
N MET WE 223 -141.54 65.37 124.05
CA MET WE 223 -141.18 65.44 122.64
C MET WE 223 -141.38 66.84 122.08
N ILE WE 224 -142.49 67.49 122.47
CA ILE WE 224 -142.83 68.80 121.92
C ILE WE 224 -141.93 69.88 122.50
N GLU WE 225 -141.45 69.70 123.73
CA GLU WE 225 -140.74 70.77 124.43
C GLU WE 225 -139.58 71.39 123.66
N PRO WE 226 -138.70 70.63 122.99
CA PRO WE 226 -137.66 71.30 122.19
C PRO WE 226 -138.21 72.12 121.04
N LEU WE 227 -139.45 71.88 120.63
CA LEU WE 227 -140.07 72.62 119.53
C LEU WE 227 -141.18 73.55 119.97
N ARG WE 228 -141.16 74.01 121.23
CA ARG WE 228 -142.25 74.81 121.75
C ARG WE 228 -142.34 76.18 121.06
N GLU WE 229 -141.19 76.84 120.88
CA GLU WE 229 -141.18 78.14 120.25
C GLU WE 229 -141.63 78.01 118.79
N LEU WE 230 -141.40 76.85 118.18
CA LEU WE 230 -141.89 76.63 116.82
C LEU WE 230 -143.38 76.35 116.81
N LEU WE 231 -143.86 75.58 117.80
CA LEU WE 231 -145.28 75.14 117.82
C LEU WE 231 -146.19 76.20 118.44
N VAL WE 232 -145.63 77.23 119.09
CA VAL WE 232 -146.44 78.26 119.77
C VAL WE 232 -146.89 79.32 118.76
N ASN WE 233 -145.97 80.00 118.05
CA ASN WE 233 -146.39 81.09 117.17
C ASN WE 233 -146.95 80.52 115.87
N PRO WE 234 -147.98 81.16 115.31
CA PRO WE 234 -148.52 80.72 114.02
C PRO WE 234 -147.46 80.81 112.94
N PRO WE 235 -147.44 79.88 112.00
CA PRO WE 235 -146.39 79.89 110.98
C PRO WE 235 -146.50 81.10 110.08
N LEU WE 236 -145.35 81.55 109.60
CA LEU WE 236 -145.27 82.69 108.69
C LEU WE 236 -144.71 82.24 107.34
N GLU WE 237 -145.16 82.91 106.28
CA GLU WE 237 -144.74 82.59 104.91
C GLU WE 237 -143.33 83.11 104.70
N ASN WE 238 -142.36 82.31 105.10
CA ASN WE 238 -140.95 82.65 104.99
C ASN WE 238 -140.21 81.44 104.43
N SER WE 239 -138.89 81.52 104.45
CA SER WE 239 -138.05 80.43 103.96
C SER WE 239 -136.98 80.12 105.01
N ARG WE 240 -136.40 78.92 104.89
CA ARG WE 240 -135.34 78.54 105.80
C ARG WE 240 -134.14 79.47 105.67
N HIS WE 241 -133.85 79.92 104.46
CA HIS WE 241 -132.79 80.90 104.27
C HIS WE 241 -133.11 82.19 105.00
N GLU WE 242 -134.36 82.65 104.91
CA GLU WE 242 -134.75 83.86 105.61
C GLU WE 242 -134.67 83.68 107.13
N ASP WE 243 -135.08 82.51 107.62
CA ASP WE 243 -135.03 82.25 109.06
C ASP WE 243 -133.59 82.24 109.57
N GLN WE 244 -132.70 81.55 108.85
CA GLN WE 244 -131.30 81.54 109.29
C GLN WE 244 -130.66 82.91 109.16
N ASN WE 245 -131.05 83.69 108.15
CA ASN WE 245 -130.56 85.07 108.06
C ASN WE 245 -131.04 85.89 109.23
N TRP WE 246 -132.30 85.70 109.63
CA TRP WE 246 -132.83 86.40 110.80
C TRP WE 246 -132.09 86.29 112.12
N ARG WE 247 -131.82 85.05 112.53
CA ARG WE 247 -131.10 84.81 113.81
C ARG WE 247 -129.63 85.22 113.62
N ASP WE 248 -129.11 85.07 112.40
CA ASP WE 248 -127.71 85.49 112.12
C ASP WE 248 -127.58 86.99 112.42
N ASN WE 249 -128.47 87.80 111.86
CA ASN WE 249 -128.43 89.27 112.09
C ASN WE 249 -128.67 89.54 113.59
N LEU WE 250 -129.64 88.84 114.18
CA LEU WE 250 -129.93 89.01 115.63
C LEU WE 250 -128.67 88.66 116.43
N VAL WE 251 -128.02 87.53 116.10
CA VAL WE 251 -126.77 87.12 116.79
C VAL WE 251 -125.77 88.28 116.68
N ARG WE 252 -125.60 88.83 115.47
CA ARG WE 252 -124.68 89.95 115.29
C ARG WE 252 -125.11 91.17 116.08
N GLN WE 253 -126.42 91.41 116.18
CA GLN WE 253 -126.90 92.53 116.97
C GLN WE 253 -126.66 92.31 118.45
N VAL WE 254 -126.73 91.06 118.91
CA VAL WE 254 -126.55 90.76 120.33
C VAL WE 254 -125.11 91.05 120.76
N GLN WE 255 -124.15 90.80 119.87
CA GLN WE 255 -122.74 90.92 120.23
C GLN WE 255 -122.40 92.31 120.77
N HIS WE 256 -123.10 93.34 120.30
CA HIS WE 256 -122.85 94.69 120.79
C HIS WE 256 -123.72 95.00 122.00
N SER WE 257 -123.58 94.17 123.05
CA SER WE 257 -124.30 94.35 124.34
C SER WE 257 -123.29 94.19 125.49
N GLU WE 258 -123.04 95.26 126.25
CA GLU WE 258 -122.07 95.24 127.37
C GLU WE 258 -122.55 94.28 128.48
N LEU WE 259 -121.63 93.55 129.12
CA LEU WE 259 -121.98 92.63 130.23
C LEU WE 259 -121.29 93.09 131.51
N GLU WE 260 -121.60 92.49 132.65
CA GLU WE 260 -120.90 92.74 133.91
C GLU WE 260 -120.17 91.48 134.33
N LEU WE 261 -118.84 91.53 134.32
CA LEU WE 261 -118.02 90.38 134.67
C LEU WE 261 -117.43 90.59 136.05
N VAL WE 262 -117.56 89.58 136.91
CA VAL WE 262 -117.13 89.65 138.30
C VAL WE 262 -116.11 88.57 138.57
N ALA WE 263 -114.97 88.95 139.12
CA ALA WE 263 -113.90 88.01 139.45
C ALA WE 263 -113.92 87.72 140.95
N ASN WE 264 -113.91 86.44 141.31
CA ASN WE 264 -113.91 86.02 142.70
C ASN WE 264 -112.51 85.57 143.07
N PHE WE 265 -111.86 86.33 143.97
CA PHE WE 265 -110.47 86.04 144.43
C PHE WE 265 -110.46 84.89 145.44
N ALA WE 266 -111.36 84.93 146.44
CA ALA WE 266 -111.43 83.89 147.49
C ALA WE 266 -112.85 83.73 148.04
N ASP WE 267 -113.18 82.61 148.69
CA ASP WE 267 -114.48 82.40 149.32
C ASP WE 267 -114.23 81.73 150.67
N ILE WE 268 -114.27 82.51 151.74
CA ILE WE 268 -113.93 82.05 153.08
C ILE WE 268 -115.21 81.79 153.84
N PRO WE 269 -115.37 80.65 154.57
CA PRO WE 269 -116.62 80.33 155.33
C PRO WE 269 -116.51 80.77 156.80
N LEU WE 270 -117.28 81.78 157.19
CA LEU WE 270 -117.30 82.22 158.60
C LEU WE 270 -118.70 82.08 159.20
N ARG WE 271 -118.78 81.85 160.51
CA ARG WE 271 -120.08 81.78 161.21
C ARG WE 271 -120.63 83.19 161.41
N LEU WE 272 -121.93 83.30 161.68
CA LEU WE 272 -122.54 84.63 161.95
C LEU WE 272 -121.85 85.26 163.17
N SER WE 273 -121.49 84.44 164.15
CA SER WE 273 -120.88 84.97 165.40
C SER WE 273 -119.59 85.70 165.05
N GLN WE 274 -118.80 85.13 164.15
CA GLN WE 274 -117.55 85.82 163.75
C GLN WE 274 -117.92 87.14 163.09
N ILE WE 275 -118.96 87.16 162.26
CA ILE WE 275 -119.28 88.43 161.53
C ILE WE 275 -119.62 89.59 162.46
N LEU WE 276 -120.45 89.38 163.48
CA LEU WE 276 -120.72 90.47 164.45
C LEU WE 276 -119.55 91.01 165.28
N LYS WE 277 -118.68 90.12 165.74
CA LYS WE 277 -117.43 90.52 166.45
C LYS WE 277 -116.35 91.05 165.43
N LEU WE 278 -116.64 90.75 164.16
CA LEU WE 278 -115.67 91.12 163.10
C LEU WE 278 -115.68 92.63 163.23
N LYS WE 279 -114.50 93.23 163.24
CA LYS WE 279 -114.32 94.69 163.33
C LYS WE 279 -113.05 95.03 162.57
N PRO WE 280 -112.81 96.27 162.11
CA PRO WE 280 -111.61 96.58 161.27
C PRO WE 280 -110.30 96.16 161.94
N GLY WE 281 -109.30 95.74 161.16
CA GLY WE 281 -108.00 95.33 161.64
C GLY WE 281 -107.82 93.83 161.77
N ASP WE 282 -108.90 93.05 161.72
CA ASP WE 282 -108.79 91.61 161.84
C ASP WE 282 -108.20 91.01 160.57
N VAL WE 283 -107.67 89.79 160.70
CA VAL WE 283 -107.13 89.04 159.58
C VAL WE 283 -107.87 87.73 159.48
N LEU WE 284 -108.46 87.47 158.32
CA LEU WE 284 -109.19 86.23 158.07
C LEU WE 284 -108.39 85.39 157.09
N PRO WE 285 -107.90 84.22 157.49
CA PRO WE 285 -106.98 83.48 156.62
C PRO WE 285 -107.68 82.91 155.40
N ILE WE 286 -106.99 82.95 154.27
CA ILE WE 286 -107.49 82.42 153.01
C ILE WE 286 -106.45 81.48 152.43
N GLU WE 287 -106.89 80.63 151.52
CA GLU WE 287 -106.03 79.64 150.89
C GLU WE 287 -105.50 80.19 149.57
N LYS WE 288 -104.59 79.42 148.96
CA LYS WE 288 -104.03 79.80 147.68
C LYS WE 288 -105.08 79.72 146.58
N PRO WE 289 -105.39 80.81 145.89
CA PRO WE 289 -106.17 80.70 144.66
C PRO WE 289 -105.27 80.37 143.47
N ASP WE 290 -105.32 79.12 143.00
CA ASP WE 290 -104.52 78.74 141.80
C ASP WE 290 -105.12 79.44 140.59
N ARG WE 291 -106.46 79.47 140.49
CA ARG WE 291 -107.14 80.12 139.39
C ARG WE 291 -108.30 80.96 139.92
N ILE WE 292 -108.64 82.00 139.18
CA ILE WE 292 -109.68 82.94 139.55
C ILE WE 292 -110.92 82.82 138.67
N ILE WE 293 -112.04 82.46 139.27
CA ILE WE 293 -113.29 82.32 138.53
C ILE WE 293 -113.95 83.67 138.23
N ALA WE 294 -114.31 83.87 136.97
CA ALA WE 294 -114.99 85.08 136.53
C ALA WE 294 -116.38 84.68 136.05
N HIS WE 295 -117.39 85.27 136.66
CA HIS WE 295 -118.78 84.92 136.44
C HIS WE 295 -119.60 86.16 136.11
N VAL WE 296 -120.63 85.97 135.30
CA VAL WE 296 -121.57 87.03 134.95
C VAL WE 296 -122.90 86.69 135.60
N ASP WE 297 -123.30 87.48 136.59
CA ASP WE 297 -124.58 87.28 137.30
C ASP WE 297 -124.67 85.87 137.87
N GLY WE 298 -123.55 85.35 138.36
CA GLY WE 298 -123.53 84.04 138.97
C GLY WE 298 -122.91 82.96 138.10
N VAL WE 299 -123.21 83.00 136.80
CA VAL WE 299 -122.76 81.94 135.90
C VAL WE 299 -121.27 82.13 135.60
N PRO WE 300 -120.42 81.16 135.92
CA PRO WE 300 -118.98 81.33 135.68
C PRO WE 300 -118.66 81.23 134.20
N VAL WE 301 -117.80 82.12 133.74
CA VAL WE 301 -117.48 82.21 132.32
C VAL WE 301 -115.99 81.99 132.07
N LEU WE 302 -115.15 82.35 133.03
CA LEU WE 302 -113.71 82.37 132.80
C LEU WE 302 -113.09 81.83 134.08
N THR WE 303 -111.90 81.25 133.93
CA THR WE 303 -110.95 81.05 135.03
C THR WE 303 -109.63 81.59 134.53
N SER WE 304 -109.00 82.47 135.31
CA SER WE 304 -107.86 83.24 134.84
C SER WE 304 -107.06 83.57 136.09
N GLN WE 305 -105.76 83.78 135.90
CA GLN WE 305 -104.80 83.94 136.99
C GLN WE 305 -104.82 85.44 137.27
N TYR WE 306 -104.75 85.80 138.54
CA TYR WE 306 -104.78 87.20 138.92
C TYR WE 306 -103.44 87.88 138.62
N GLY WE 307 -103.48 89.20 138.53
CA GLY WE 307 -102.28 89.96 138.27
C GLY WE 307 -102.57 91.44 138.35
N THR WE 308 -101.51 92.24 138.18
CA THR WE 308 -101.60 93.68 138.18
C THR WE 308 -100.95 94.21 136.91
N VAL WE 309 -101.69 95.00 136.14
CA VAL WE 309 -101.19 95.59 134.91
C VAL WE 309 -101.65 97.03 134.82
N ASN WE 310 -100.73 97.94 134.55
CA ASN WE 310 -101.02 99.37 134.38
C ASN WE 310 -101.72 99.94 135.61
N GLY WE 311 -101.30 99.48 136.79
CA GLY WE 311 -101.94 99.91 138.01
C GLY WE 311 -103.35 99.39 138.20
N GLN WE 312 -103.79 98.46 137.37
CA GLN WE 312 -105.13 97.91 137.43
C GLN WE 312 -105.06 96.43 137.81
N TYR WE 313 -106.05 95.98 138.56
CA TYR WE 313 -106.18 94.56 138.84
C TYR WE 313 -106.48 93.82 137.54
N ALA WE 314 -105.57 92.94 137.12
CA ALA WE 314 -105.68 92.28 135.84
C ALA WE 314 -105.85 90.77 136.02
N LEU WE 315 -106.39 90.14 134.98
CA LEU WE 315 -106.54 88.70 134.95
C LEU WE 315 -105.97 88.16 133.64
N ARG WE 316 -105.10 87.16 133.74
CA ARG WE 316 -104.54 86.49 132.57
C ARG WE 316 -105.45 85.31 132.25
N VAL WE 317 -106.25 85.44 131.20
CA VAL WE 317 -107.26 84.45 130.88
C VAL WE 317 -106.59 83.12 130.56
N GLU WE 318 -106.99 82.10 131.25
CA GLU WE 318 -106.48 80.75 131.00
C GLU WE 318 -107.43 79.83 130.26
N HIS WE 319 -108.75 79.90 130.53
CA HIS WE 319 -109.67 78.94 129.93
C HIS WE 319 -111.13 79.42 129.94
N LEU WE 320 -111.76 79.50 128.76
CA LEU WE 320 -113.19 79.79 128.67
C LEU WE 320 -113.97 78.54 129.04
N ILE WE 321 -114.91 78.68 129.98
CA ILE WE 321 -115.61 77.52 130.50
C ILE WE 321 -116.67 77.06 129.53
N ASN WE 322 -116.31 76.15 128.63
CA ASN WE 322 -117.27 75.58 127.71
C ASN WE 322 -118.07 74.48 128.41
N PRO WE 323 -119.32 74.25 127.99
CA PRO WE 323 -120.15 73.19 128.58
C PRO WE 323 -119.96 71.85 127.90
N GLN XE 52 -138.45 87.79 168.64
CA GLN XE 52 -137.16 88.43 168.47
C GLN XE 52 -136.07 87.69 169.25
N ASP XE 53 -135.64 86.56 168.69
CA ASP XE 53 -134.63 85.72 169.32
C ASP XE 53 -133.24 86.12 168.85
N ILE XE 54 -132.24 85.73 169.63
CA ILE XE 54 -130.86 86.12 169.31
C ILE XE 54 -129.97 84.90 169.24
N ASP XE 55 -130.04 84.02 170.24
CA ASP XE 55 -129.24 82.76 170.23
C ASP XE 55 -129.75 81.84 169.12
N LEU XE 56 -130.97 82.07 168.62
CA LEU XE 56 -131.57 81.18 167.59
C LEU XE 56 -130.73 81.22 166.30
N ILE XE 57 -130.26 82.40 165.89
CA ILE XE 57 -129.49 82.56 164.61
C ILE XE 57 -128.05 82.96 164.96
N MET XE 58 -127.64 82.81 166.21
CA MET XE 58 -126.31 83.24 166.65
C MET XE 58 -125.23 82.34 166.04
N ASP XE 59 -125.62 81.18 165.50
CA ASP XE 59 -124.67 80.17 165.04
C ASP XE 59 -124.79 79.85 163.55
N ILE XE 60 -125.70 80.48 162.84
CA ILE XE 60 -125.93 80.18 161.42
C ILE XE 60 -124.68 80.52 160.62
N PRO XE 61 -124.22 79.67 159.72
CA PRO XE 61 -123.03 79.99 158.93
C PRO XE 61 -123.37 80.85 157.72
N VAL XE 62 -122.40 81.67 157.31
CA VAL XE 62 -122.53 82.54 156.15
C VAL XE 62 -121.23 82.28 155.40
N LYS XE 63 -121.28 82.55 154.09
CA LYS XE 63 -120.10 82.40 153.20
C LYS XE 63 -119.71 83.81 152.75
N LEU XE 64 -118.43 84.17 152.85
CA LEU XE 64 -117.96 85.50 152.50
C LEU XE 64 -117.11 85.40 151.24
N THR XE 65 -117.33 86.30 150.30
CA THR XE 65 -116.58 86.32 149.05
C THR XE 65 -115.86 87.66 148.93
N VAL XE 66 -114.73 87.65 148.26
CA VAL XE 66 -113.94 88.84 147.99
C VAL XE 66 -113.65 88.93 146.49
N GLU XE 67 -113.69 90.14 145.95
CA GLU XE 67 -113.55 90.33 144.52
C GLU XE 67 -112.21 90.90 144.12
N LEU XE 68 -111.78 90.65 142.89
CA LEU XE 68 -110.63 91.38 142.36
C LEU XE 68 -111.13 92.77 141.95
N GLY XE 69 -112.20 92.81 141.17
CA GLY XE 69 -112.75 94.09 140.76
C GLY XE 69 -113.90 93.92 139.78
N ARG XE 70 -114.60 95.01 139.55
CA ARG XE 70 -115.66 95.09 138.56
C ARG XE 70 -115.00 95.29 137.20
N THR XE 71 -115.78 95.02 136.15
CA THR XE 71 -115.43 95.43 134.80
C THR XE 71 -116.68 95.10 134.02
N ARG XE 72 -116.91 95.84 132.93
CA ARG XE 72 -118.08 95.68 132.09
C ARG XE 72 -117.54 95.62 130.67
N MET XE 73 -117.83 94.51 129.97
CA MET XE 73 -117.17 94.21 128.71
C MET XE 73 -118.20 93.41 127.95
N THR XE 74 -118.34 93.68 126.64
CA THR XE 74 -119.45 93.14 125.83
C THR XE 74 -119.20 91.73 125.36
N ILE XE 75 -120.17 91.16 124.66
CA ILE XE 75 -120.07 89.77 124.14
C ILE XE 75 -118.89 89.70 123.15
N LYS XE 76 -118.68 90.73 122.33
CA LYS XE 76 -117.60 90.72 121.31
C LYS XE 76 -116.24 90.32 121.92
N GLU XE 77 -115.68 91.13 122.83
CA GLU XE 77 -114.39 90.88 123.49
C GLU XE 77 -114.37 89.59 124.29
N LEU XE 78 -115.48 89.23 124.93
CA LEU XE 78 -115.56 87.95 125.62
C LEU XE 78 -115.39 86.74 124.73
N LEU XE 79 -115.96 86.78 123.53
CA LEU XE 79 -115.79 85.68 122.59
C LEU XE 79 -114.41 85.56 121.94
N ARG XE 80 -113.70 86.68 121.78
CA ARG XE 80 -112.37 86.64 121.20
C ARG XE 80 -111.22 86.62 122.27
N LEU XE 81 -111.62 86.39 123.51
CA LEU XE 81 -110.63 86.25 124.58
C LEU XE 81 -110.03 84.88 124.29
N THR XE 82 -108.70 84.81 124.36
CA THR XE 82 -108.00 83.58 124.05
C THR XE 82 -107.15 83.27 125.27
N GLN XE 83 -106.44 82.14 125.23
CA GLN XE 83 -105.54 81.82 126.35
C GLN XE 83 -104.40 82.81 126.40
N GLY XE 84 -104.05 83.27 127.60
CA GLY XE 84 -102.98 84.22 127.77
C GLY XE 84 -103.42 85.65 127.61
N SER XE 85 -104.64 85.90 127.16
CA SER XE 85 -105.13 87.27 127.04
C SER XE 85 -105.33 87.88 128.42
N VAL XE 86 -105.08 89.18 128.52
CA VAL XE 86 -105.13 89.90 129.80
C VAL XE 86 -106.27 90.91 129.74
N VAL XE 87 -107.09 90.91 130.78
CA VAL XE 87 -108.20 91.84 130.92
C VAL XE 87 -108.05 92.58 132.24
N ALA XE 88 -108.28 93.89 132.25
CA ALA XE 88 -108.14 94.71 133.47
C ALA XE 88 -109.40 94.63 134.34
N LEU XE 89 -109.52 95.51 135.33
CA LEU XE 89 -110.67 95.56 136.28
C LEU XE 89 -110.87 97.05 136.56
N ASP XE 90 -111.93 97.47 137.24
CA ASP XE 90 -112.25 98.90 137.47
C ASP XE 90 -111.46 99.46 138.66
N GLY XE 91 -110.72 98.64 139.41
CA GLY XE 91 -109.98 99.08 140.58
C GLY XE 91 -108.47 99.23 140.44
N LEU XE 92 -107.95 100.34 140.95
CA LEU XE 92 -106.51 100.53 140.99
C LEU XE 92 -105.88 99.49 141.91
N ALA XE 93 -104.68 99.05 141.54
CA ALA XE 93 -103.97 98.05 142.34
C ALA XE 93 -103.57 98.69 143.66
N GLY XE 94 -104.30 98.39 144.72
CA GLY XE 94 -104.02 98.97 146.02
C GLY XE 94 -105.26 99.31 146.84
N GLU XE 95 -106.40 99.55 146.16
CA GLU XE 95 -107.61 99.81 146.93
C GLU XE 95 -108.06 98.55 147.67
N PRO XE 96 -108.74 98.70 148.79
CA PRO XE 96 -109.25 97.51 149.50
C PRO XE 96 -110.36 96.84 148.71
N LEU XE 97 -110.30 95.52 148.64
CA LEU XE 97 -111.32 94.76 147.94
C LEU XE 97 -112.62 94.74 148.74
N ASP XE 98 -113.73 94.49 148.04
CA ASP XE 98 -115.05 94.52 148.71
C ASP XE 98 -115.44 93.10 149.16
N ILE XE 99 -115.74 92.95 150.45
CA ILE XE 99 -116.17 91.64 151.00
C ILE XE 99 -117.71 91.60 150.95
N LEU XE 100 -118.30 90.49 150.48
CA LEU XE 100 -119.77 90.43 150.31
C LEU XE 100 -120.34 89.11 150.87
N ILE XE 101 -121.59 89.13 151.33
CA ILE XE 101 -122.26 87.87 151.80
C ILE XE 101 -123.60 87.77 151.07
N ASN XE 102 -123.88 86.61 150.44
CA ASN XE 102 -125.18 86.40 149.73
C ASN XE 102 -125.35 87.58 148.76
N GLY XE 103 -124.26 88.04 148.14
CA GLY XE 103 -124.33 89.12 147.14
C GLY XE 103 -124.60 90.48 147.76
N TYR XE 104 -124.43 90.63 149.08
CA TYR XE 104 -124.72 91.90 149.81
C TYR XE 104 -123.42 92.43 150.41
N LEU XE 105 -123.12 93.71 150.23
CA LEU XE 105 -121.82 94.27 150.69
C LEU XE 105 -121.80 94.12 152.21
N ILE XE 106 -120.64 93.74 152.76
CA ILE XE 106 -120.50 93.54 154.24
C ILE XE 106 -119.22 94.21 154.76
N ALA XE 107 -118.14 94.31 153.96
CA ALA XE 107 -116.87 94.82 154.50
C ALA XE 107 -115.96 95.22 153.36
N GLN XE 108 -114.76 95.67 153.72
CA GLN XE 108 -113.69 95.95 152.78
C GLN XE 108 -112.35 95.57 153.39
N GLY XE 109 -111.49 94.93 152.59
CA GLY XE 109 -110.17 94.54 153.05
C GLY XE 109 -109.33 94.05 151.89
N GLU XE 110 -108.01 94.04 152.12
CA GLU XE 110 -107.05 93.62 151.11
C GLU XE 110 -106.28 92.40 151.59
N VAL XE 111 -105.64 91.73 150.64
CA VAL XE 111 -104.85 90.54 150.93
C VAL XE 111 -103.49 90.96 151.49
N VAL XE 112 -103.01 90.21 152.48
CA VAL XE 112 -101.73 90.47 153.13
C VAL XE 112 -100.91 89.18 153.23
N VAL XE 113 -99.61 89.31 153.04
CA VAL XE 113 -98.68 88.18 153.15
C VAL XE 113 -97.92 88.24 154.46
N VAL XE 114 -98.11 87.24 155.33
CA VAL XE 114 -97.47 87.31 156.64
C VAL XE 114 -96.17 86.51 156.60
N ALA XE 115 -96.31 85.20 156.42
CA ALA XE 115 -95.14 84.33 156.23
C ALA XE 115 -95.13 83.59 154.89
N ASP XE 116 -95.96 82.56 154.77
CA ASP XE 116 -96.14 81.85 153.47
C ASP XE 116 -97.64 81.58 153.48
N LYS XE 117 -98.41 82.48 154.10
CA LYS XE 117 -99.88 82.28 154.25
C LYS XE 117 -100.63 83.55 153.85
N TYR XE 118 -101.90 83.43 153.44
CA TYR XE 118 -102.64 84.63 152.95
C TYR XE 118 -103.89 84.89 153.77
N GLY XE 119 -104.30 86.16 153.84
CA GLY XE 119 -105.53 86.54 154.52
C GLY XE 119 -105.95 87.95 154.18
N VAL XE 120 -107.19 88.28 154.53
CA VAL XE 120 -107.76 89.57 154.21
C VAL XE 120 -107.66 90.41 155.48
N ARG XE 121 -107.15 91.62 155.33
CA ARG XE 121 -107.01 92.58 156.43
C ARG XE 121 -108.13 93.60 156.23
N ILE XE 122 -109.19 93.45 157.00
CA ILE XE 122 -110.37 94.29 156.83
C ILE XE 122 -110.06 95.71 157.24
N THR XE 123 -110.44 96.67 156.39
CA THR XE 123 -110.15 98.08 156.64
C THR XE 123 -111.25 98.77 157.45
N ASP XE 124 -112.51 98.50 157.11
CA ASP XE 124 -113.61 99.18 157.80
C ASP XE 124 -114.89 98.39 157.58
N ILE XE 125 -115.95 98.84 158.26
CA ILE XE 125 -117.29 98.28 158.12
C ILE XE 125 -118.18 99.38 157.56
N ILE XE 126 -118.87 99.08 156.46
CA ILE XE 126 -119.67 100.08 155.76
C ILE XE 126 -120.98 100.30 156.48
N THR XE 127 -121.20 101.53 156.96
CA THR XE 127 -122.48 101.93 157.48
C THR XE 127 -123.48 102.09 156.33
N PRO XE 128 -124.78 102.06 156.63
CA PRO XE 128 -125.77 102.20 155.55
C PRO XE 128 -125.59 103.47 154.73
N SER XE 129 -125.22 104.59 155.37
CA SER XE 129 -125.05 105.84 154.65
C SER XE 129 -124.07 105.64 153.50
N GLU XE 130 -122.91 105.06 153.79
CA GLU XE 130 -121.99 104.69 152.73
C GLU XE 130 -122.62 103.76 151.70
N ARG XE 131 -123.31 102.73 152.16
CA ARG XE 131 -124.02 101.83 151.22
C ARG XE 131 -124.95 102.63 150.30
N MET XE 132 -125.64 103.64 150.84
CA MET XE 132 -126.60 104.41 150.03
C MET XE 132 -125.85 105.14 148.90
N ARG XE 133 -124.69 105.71 149.19
CA ARG XE 133 -123.91 106.44 148.16
C ARG XE 133 -123.27 105.41 147.20
N ARG XE 134 -123.14 104.17 147.68
CA ARG XE 134 -122.54 103.08 146.85
C ARG XE 134 -123.56 102.86 145.71
N LEU XE 135 -124.81 102.61 146.09
CA LEU XE 135 -125.89 102.51 145.08
C LEU XE 135 -126.12 103.78 144.26
N SER XE 136 -126.00 104.95 144.89
CA SER XE 136 -126.25 106.24 144.20
C SER XE 136 -125.13 106.53 143.18
N ARG XE 137 -123.90 106.08 143.46
CA ARG XE 137 -122.81 106.45 142.55
C ARG XE 137 -121.85 105.29 142.36
N ASP YE 53 -124.46 97.34 166.39
CA ASP YE 53 -123.85 96.22 165.67
C ASP YE 53 -124.89 95.18 165.24
N ILE YE 54 -126.00 95.13 165.96
CA ILE YE 54 -127.08 94.21 165.59
C ILE YE 54 -127.63 94.69 164.26
N ASP YE 55 -127.67 96.01 164.06
CA ASP YE 55 -128.20 96.56 162.81
C ASP YE 55 -127.47 96.04 161.58
N LEU YE 56 -126.16 95.82 161.69
CA LEU YE 56 -125.39 95.26 160.57
C LEU YE 56 -125.84 93.88 160.12
N ILE YE 57 -126.14 93.01 161.09
CA ILE YE 57 -126.52 91.60 160.76
C ILE YE 57 -128.03 91.44 160.93
N MET YE 58 -128.80 92.53 160.81
CA MET YE 58 -130.24 92.43 161.00
C MET YE 58 -130.79 92.56 159.58
N ASP YE 59 -129.94 92.93 158.62
CA ASP YE 59 -130.43 93.18 157.23
C ASP YE 59 -129.90 92.16 156.21
N ILE YE 60 -128.78 91.47 156.52
CA ILE YE 60 -128.16 90.54 155.56
C ILE YE 60 -129.03 89.43 155.00
N PRO YE 61 -128.99 89.17 153.67
CA PRO YE 61 -129.74 88.04 153.06
C PRO YE 61 -129.13 86.71 153.47
N VAL YE 62 -129.92 85.64 153.44
CA VAL YE 62 -129.45 84.30 153.79
C VAL YE 62 -130.35 83.38 152.98
N LYS YE 63 -129.89 82.16 152.76
CA LYS YE 63 -130.60 81.20 151.93
C LYS YE 63 -131.32 80.23 152.86
N LEU YE 64 -132.62 80.04 152.64
CA LEU YE 64 -133.43 79.16 153.47
C LEU YE 64 -133.89 77.99 152.61
N THR YE 65 -133.88 76.79 153.19
CA THR YE 65 -134.36 75.60 152.51
C THR YE 65 -135.21 74.79 153.49
N VAL YE 66 -136.07 73.94 152.95
CA VAL YE 66 -136.82 72.98 153.75
C VAL YE 66 -136.74 71.63 153.06
N GLU YE 67 -136.31 70.60 153.79
CA GLU YE 67 -136.10 69.29 153.19
C GLU YE 67 -137.26 68.37 153.55
N LEU YE 68 -137.80 67.66 152.55
CA LEU YE 68 -139.00 66.81 152.74
C LEU YE 68 -138.61 65.37 153.10
N GLY YE 69 -137.43 64.89 152.68
CA GLY YE 69 -137.05 63.47 152.85
C GLY YE 69 -135.59 63.31 153.23
N ARG YE 70 -135.25 62.12 153.77
CA ARG YE 70 -133.86 61.79 154.15
C ARG YE 70 -133.70 60.26 154.08
N THR YE 71 -132.77 59.76 153.28
CA THR YE 71 -132.56 58.31 153.10
C THR YE 71 -131.08 58.07 153.01
N ARG YE 72 -130.58 56.95 153.52
CA ARG YE 72 -129.20 56.51 153.40
C ARG YE 72 -129.10 55.36 152.40
N MET YE 73 -128.19 55.50 151.43
CA MET YE 73 -128.11 54.47 150.36
C MET YE 73 -126.67 54.18 149.95
N THR YE 74 -126.42 53.01 149.39
CA THR YE 74 -125.14 52.58 148.86
C THR YE 74 -125.21 52.91 147.38
N ILE YE 75 -124.14 52.59 146.64
CA ILE YE 75 -124.12 53.02 145.21
C ILE YE 75 -124.76 51.93 144.35
N LYS YE 76 -124.66 50.68 144.80
CA LYS YE 76 -125.39 49.63 144.10
C LYS YE 76 -126.80 50.19 144.01
N GLU YE 77 -127.34 50.63 145.14
CA GLU YE 77 -128.73 51.13 145.17
C GLU YE 77 -128.92 52.36 144.30
N LEU YE 78 -128.00 53.34 144.37
CA LEU YE 78 -128.19 54.60 143.61
C LEU YE 78 -128.15 54.34 142.11
N LEU YE 79 -127.19 53.52 141.67
CA LEU YE 79 -127.05 53.17 140.23
C LEU YE 79 -128.28 52.39 139.78
N ARG YE 80 -128.80 51.52 140.64
CA ARG YE 80 -129.95 50.66 140.29
C ARG YE 80 -131.15 51.55 139.96
N LEU YE 81 -131.35 52.64 140.72
CA LEU YE 81 -132.44 53.60 140.39
C LEU YE 81 -132.40 53.86 138.88
N THR YE 82 -133.54 53.83 138.18
CA THR YE 82 -133.60 54.19 136.75
C THR YE 82 -134.60 55.31 136.58
N GLN YE 83 -135.13 55.49 135.37
CA GLN YE 83 -136.17 56.49 135.20
C GLN YE 83 -137.50 55.95 135.70
N GLY YE 84 -138.19 56.74 136.51
CA GLY YE 84 -139.45 56.32 137.08
C GLY YE 84 -139.33 55.50 138.35
N SER YE 85 -138.12 55.20 138.80
CA SER YE 85 -137.95 54.43 140.04
C SER YE 85 -138.40 55.26 141.23
N VAL YE 86 -139.09 54.61 142.17
CA VAL YE 86 -139.60 55.25 143.37
C VAL YE 86 -138.63 54.96 144.50
N VAL YE 87 -138.17 56.01 145.17
CA VAL YE 87 -137.23 55.89 146.28
C VAL YE 87 -138.00 56.20 147.56
N ALA YE 88 -138.05 55.22 148.47
CA ALA YE 88 -138.71 55.42 149.75
C ALA YE 88 -137.93 56.34 150.67
N LEU YE 89 -138.66 57.09 151.49
CA LEU YE 89 -138.07 57.99 152.47
C LEU YE 89 -138.18 57.60 153.94
N ASP YE 90 -137.07 57.65 154.66
CA ASP YE 90 -137.08 57.28 156.07
C ASP YE 90 -138.18 58.06 156.86
N GLY YE 91 -138.31 59.33 156.53
CA GLY YE 91 -139.40 60.13 157.05
C GLY YE 91 -140.84 59.73 156.85
N LEU YE 92 -141.57 59.53 157.95
CA LEU YE 92 -142.96 59.15 157.87
C LEU YE 92 -143.79 60.34 157.39
N ALA YE 93 -144.99 60.06 156.88
CA ALA YE 93 -145.87 61.13 156.44
C ALA YE 93 -146.37 61.92 157.64
N GLY YE 94 -146.38 63.25 157.49
CA GLY YE 94 -146.87 64.14 158.52
C GLY YE 94 -145.87 64.57 159.56
N GLU YE 95 -144.68 63.97 159.58
CA GLU YE 95 -143.67 64.39 160.54
C GLU YE 95 -143.15 65.78 160.18
N PRO YE 96 -142.68 66.62 161.12
CA PRO YE 96 -142.24 68.00 160.77
C PRO YE 96 -141.02 67.99 159.85
N LEU YE 97 -141.09 68.67 158.70
CA LEU YE 97 -139.97 68.77 157.73
C LEU YE 97 -138.81 69.55 158.37
N ASP YE 98 -137.56 69.17 158.15
CA ASP YE 98 -136.45 70.01 158.68
C ASP YE 98 -136.40 71.32 157.92
N ILE YE 99 -136.11 72.45 158.55
CA ILE YE 99 -135.89 73.74 157.91
C ILE YE 99 -134.44 74.14 158.18
N LEU YE 100 -133.69 74.38 157.12
CA LEU YE 100 -132.26 74.62 157.19
C LEU YE 100 -131.95 76.03 156.70
N ILE YE 101 -130.92 76.64 157.29
CA ILE YE 101 -130.42 77.93 156.89
C ILE YE 101 -128.96 77.75 156.50
N ASN YE 102 -128.67 77.88 155.21
CA ASN YE 102 -127.32 77.62 154.69
C ASN YE 102 -126.86 76.23 155.08
N GLY YE 103 -127.78 75.28 155.08
CA GLY YE 103 -127.48 73.91 155.47
C GLY YE 103 -127.46 73.66 156.96
N TYR YE 104 -127.90 74.61 157.77
CA TYR YE 104 -127.88 74.47 159.23
C TYR YE 104 -129.32 74.37 159.73
N LEU YE 105 -129.62 73.28 160.43
CA LEU YE 105 -130.97 73.04 160.92
C LEU YE 105 -131.27 73.96 162.10
N ILE YE 106 -132.42 74.65 162.04
CA ILE YE 106 -132.81 75.52 163.13
C ILE YE 106 -134.22 75.22 163.61
N ALA YE 107 -135.04 74.61 162.75
CA ALA YE 107 -136.46 74.49 163.07
C ALA YE 107 -137.08 73.30 162.37
N GLN YE 108 -138.26 72.93 162.84
CA GLN YE 108 -139.06 71.86 162.26
C GLN YE 108 -140.48 72.36 162.03
N GLY YE 109 -141.05 71.98 160.88
CA GLY YE 109 -142.41 72.38 160.56
C GLY YE 109 -143.11 71.63 159.45
N GLU YE 110 -144.43 71.63 159.51
CA GLU YE 110 -145.22 70.92 158.50
C GLU YE 110 -145.37 71.60 157.16
N VAL YE 111 -145.76 70.82 156.15
CA VAL YE 111 -145.76 71.27 154.76
C VAL YE 111 -147.19 71.79 154.59
N VAL YE 112 -147.30 72.94 153.93
CA VAL YE 112 -148.59 73.53 153.60
C VAL YE 112 -148.40 74.38 152.35
N VAL YE 113 -149.43 74.42 151.49
CA VAL YE 113 -149.37 75.15 150.24
C VAL YE 113 -150.30 76.34 150.32
N VAL YE 114 -149.77 77.52 149.98
CA VAL YE 114 -150.56 78.79 150.06
C VAL YE 114 -150.55 79.49 148.70
N ALA YE 115 -151.73 79.80 148.14
CA ALA YE 115 -151.82 80.55 146.87
C ALA YE 115 -151.06 79.83 145.75
N ASP YE 116 -151.12 78.48 145.73
CA ASP YE 116 -150.50 77.66 144.65
C ASP YE 116 -148.97 77.74 144.69
N LYS YE 117 -148.39 78.13 145.83
CA LYS YE 117 -146.91 78.18 145.98
C LYS YE 117 -146.55 77.36 147.22
N TYR YE 118 -145.50 76.54 147.13
CA TYR YE 118 -145.07 75.73 148.29
C TYR YE 118 -144.80 76.58 149.53
N GLY YE 119 -145.03 76.02 150.72
CA GLY YE 119 -144.76 76.72 151.95
C GLY YE 119 -144.58 75.75 153.10
N VAL YE 120 -144.30 76.30 154.27
CA VAL YE 120 -144.08 75.51 155.46
C VAL YE 120 -144.46 76.34 156.68
N ARG YE 121 -145.17 75.72 157.62
CA ARG YE 121 -145.52 76.35 158.89
C ARG YE 121 -144.54 75.95 159.97
N ILE YE 122 -143.92 76.94 160.61
CA ILE YE 122 -142.91 76.67 161.62
C ILE YE 122 -143.58 76.11 162.87
N THR YE 123 -143.55 74.79 163.02
CA THR YE 123 -144.12 74.17 164.21
C THR YE 123 -143.30 74.50 165.44
N ASP YE 124 -141.98 74.35 165.36
CA ASP YE 124 -141.15 74.66 166.51
C ASP YE 124 -139.73 74.93 166.06
N ILE YE 125 -138.96 75.54 166.95
CA ILE YE 125 -137.54 75.74 166.76
C ILE YE 125 -136.80 74.77 167.68
N ILE YE 126 -135.92 73.97 167.10
CA ILE YE 126 -135.22 72.95 167.86
C ILE YE 126 -134.14 73.59 168.72
N THR YE 127 -134.17 73.31 170.01
CA THR YE 127 -133.14 73.63 170.97
C THR YE 127 -131.99 72.63 170.82
N PRO YE 128 -130.74 73.04 171.07
CA PRO YE 128 -129.60 72.16 170.76
C PRO YE 128 -129.62 70.86 171.53
N SER YE 129 -130.63 70.61 172.38
CA SER YE 129 -130.73 69.33 173.06
C SER YE 129 -130.98 68.26 172.02
N GLU YE 130 -131.76 68.56 170.99
CA GLU YE 130 -132.13 67.53 169.95
C GLU YE 130 -130.98 67.31 168.95
N ARG YE 131 -130.00 68.22 168.91
CA ARG YE 131 -128.91 68.15 167.95
C ARG YE 131 -128.04 66.93 168.24
N MET YE 132 -127.80 66.66 169.53
CA MET YE 132 -127.07 65.42 169.87
C MET YE 132 -127.80 64.24 169.23
N ARG YE 133 -129.13 64.19 169.39
CA ARG YE 133 -129.96 63.09 168.83
C ARG YE 133 -130.03 63.12 167.29
N ARG YE 134 -129.78 64.28 166.68
CA ARG YE 134 -129.80 64.39 165.20
C ARG YE 134 -128.63 63.57 164.64
N LEU YE 135 -127.71 63.14 165.51
CA LEU YE 135 -126.54 62.34 165.06
C LEU YE 135 -126.34 61.15 166.03
N ALA ZE 37 -91.18 64.60 165.80
CA ALA ZE 37 -90.56 64.27 164.52
C ALA ZE 37 -90.86 62.83 164.12
N VAL ZE 38 -91.88 62.25 164.73
CA VAL ZE 38 -92.27 60.87 164.45
C VAL ZE 38 -92.81 60.73 163.03
N PHE ZE 39 -93.68 61.65 162.61
CA PHE ZE 39 -94.26 61.59 161.28
C PHE ZE 39 -93.20 61.86 160.23
N GLN ZE 40 -93.25 61.11 159.14
CA GLN ZE 40 -92.29 61.25 158.06
C GLN ZE 40 -92.88 62.18 157.00
N GLN ZE 41 -92.06 63.11 156.52
CA GLN ZE 41 -92.55 64.14 155.62
C GLN ZE 41 -92.72 63.65 154.19
N LEU ZE 42 -93.97 63.53 153.76
CA LEU ZE 42 -94.32 63.10 152.41
C LEU ZE 42 -94.46 64.26 151.44
N GLY ZE 43 -93.90 64.09 150.25
CA GLY ZE 43 -93.98 65.12 149.23
C GLY ZE 43 -93.69 64.54 147.86
N GLY ZE 44 -94.08 65.30 146.85
CA GLY ZE 44 -93.91 64.86 145.47
C GLY ZE 44 -94.68 63.60 145.14
N GLY ZE 45 -95.91 63.48 145.62
CA GLY ZE 45 -96.71 62.30 145.37
C GLY ZE 45 -97.71 62.48 144.26
N ASP ZE 46 -97.59 63.57 143.49
CA ASP ZE 46 -98.47 63.84 142.37
C ASP ZE 46 -97.99 63.04 141.15
N VAL ZE 47 -98.20 61.73 141.23
CA VAL ZE 47 -97.75 60.84 140.16
C VAL ZE 47 -98.60 61.05 138.91
N SER ZE 48 -99.89 60.78 139.01
CA SER ZE 48 -100.82 60.94 137.89
C SER ZE 48 -102.24 60.83 138.45
N GLY ZE 49 -103.21 61.02 137.57
CA GLY ZE 49 -104.60 60.88 137.93
C GLY ZE 49 -105.45 60.34 136.81
N ALA ZE 50 -106.17 59.25 137.06
CA ALA ZE 50 -107.03 58.65 136.07
C ALA ZE 50 -108.16 57.90 136.77
N MET ZE 51 -109.39 58.16 136.34
CA MET ZE 51 -110.53 57.44 136.90
C MET ZE 51 -110.38 55.95 136.64
N GLN ZE 52 -110.62 55.15 137.68
CA GLN ZE 52 -110.42 53.72 137.57
C GLN ZE 52 -111.73 53.10 137.13
N ASP ZE 53 -112.75 53.16 138.00
CA ASP ZE 53 -114.05 52.60 137.77
C ASP ZE 53 -114.91 52.95 138.97
N ILE ZE 54 -116.22 52.80 138.83
CA ILE ZE 54 -117.14 53.24 139.87
C ILE ZE 54 -117.55 52.13 140.84
N ASP ZE 55 -116.94 50.95 140.70
CA ASP ZE 55 -117.20 49.85 141.61
C ASP ZE 55 -116.15 49.67 142.69
N LEU ZE 56 -115.02 50.35 142.58
CA LEU ZE 56 -114.00 50.30 143.66
C LEU ZE 56 -114.63 51.01 144.86
N ILE ZE 57 -115.40 52.06 144.60
CA ILE ZE 57 -116.02 52.91 145.67
C ILE ZE 57 -117.49 52.54 145.88
N MET ZE 58 -118.01 51.47 145.28
CA MET ZE 58 -119.47 51.22 145.32
C MET ZE 58 -120.23 51.14 146.65
N ASP ZE 59 -119.85 50.20 147.51
CA ASP ZE 59 -120.60 50.00 148.78
C ASP ZE 59 -120.17 51.09 149.77
N ILE ZE 60 -120.24 52.35 149.34
CA ILE ZE 60 -119.94 53.47 150.27
C ILE ZE 60 -121.27 54.18 150.53
N PRO ZE 61 -121.69 54.41 151.79
CA PRO ZE 61 -123.03 54.99 152.07
C PRO ZE 61 -123.10 56.40 151.50
N VAL ZE 62 -124.25 56.75 150.91
CA VAL ZE 62 -124.44 58.12 150.37
C VAL ZE 62 -125.56 58.76 151.23
N LYS ZE 63 -125.54 60.08 151.35
CA LYS ZE 63 -126.57 60.75 152.13
C LYS ZE 63 -127.58 61.36 151.15
N LEU ZE 64 -128.65 60.62 150.87
CA LEU ZE 64 -129.65 61.09 149.93
C LEU ZE 64 -130.69 61.93 150.66
N THR ZE 65 -131.06 63.05 150.05
CA THR ZE 65 -132.00 64.00 150.64
C THR ZE 65 -132.83 64.65 149.55
N VAL ZE 66 -134.14 64.60 149.70
CA VAL ZE 66 -135.06 65.28 148.79
C VAL ZE 66 -135.45 66.63 149.38
N GLU ZE 67 -135.45 67.66 148.54
CA GLU ZE 67 -135.73 69.02 148.98
C GLU ZE 67 -137.08 69.54 148.55
N LEU ZE 68 -137.84 70.08 149.50
CA LEU ZE 68 -139.21 70.50 149.22
C LEU ZE 68 -139.16 71.81 148.44
N GLY ZE 69 -138.37 72.77 148.90
CA GLY ZE 69 -138.34 74.06 148.23
C GLY ZE 69 -137.22 74.95 148.72
N ARG ZE 70 -137.13 76.11 148.09
CA ARG ZE 70 -136.11 77.10 148.38
C ARG ZE 70 -136.83 78.43 148.53
N THR ZE 71 -136.12 79.41 149.09
CA THR ZE 71 -136.56 80.77 149.18
C THR ZE 71 -135.41 81.62 149.66
N ARG ZE 72 -135.10 82.68 148.94
CA ARG ZE 72 -134.10 83.64 149.38
C ARG ZE 72 -134.78 84.66 150.27
N MET ZE 73 -134.32 84.77 151.51
CA MET ZE 73 -134.96 85.63 152.49
C MET ZE 73 -133.87 86.16 153.42
N THR ZE 74 -134.03 87.39 153.85
CA THR ZE 74 -133.05 88.03 154.72
C THR ZE 74 -133.43 87.85 156.18
N ILE ZE 75 -132.52 88.27 157.06
CA ILE ZE 75 -132.75 88.20 158.49
C ILE ZE 75 -133.92 89.08 158.93
N LYS ZE 76 -134.25 90.08 158.12
CA LYS ZE 76 -135.39 90.97 158.39
C LYS ZE 76 -136.63 90.17 158.76
N GLU ZE 77 -137.14 89.37 157.83
CA GLU ZE 77 -138.30 88.54 158.14
C GLU ZE 77 -137.93 87.36 159.01
N LEU ZE 78 -136.68 86.91 158.97
CA LEU ZE 78 -136.27 85.79 159.80
C LEU ZE 78 -136.61 85.76 161.28
N LEU ZE 79 -136.35 86.86 162.00
CA LEU ZE 79 -136.74 86.89 163.42
C LEU ZE 79 -138.25 87.26 163.57
N ARG ZE 80 -138.78 87.92 162.54
CA ARG ZE 80 -140.24 88.23 162.56
C ARG ZE 80 -141.01 86.91 162.69
N LEU ZE 81 -140.41 85.81 162.21
CA LEU ZE 81 -141.05 84.51 162.31
C LEU ZE 81 -141.38 83.95 163.69
N THR ZE 82 -142.65 83.61 163.90
CA THR ZE 82 -143.13 83.02 165.13
C THR ZE 82 -143.71 81.64 164.85
N GLN ZE 83 -144.12 80.96 165.91
CA GLN ZE 83 -144.75 79.65 165.76
C GLN ZE 83 -146.09 79.80 165.05
N GLY ZE 84 -146.35 78.91 164.10
CA GLY ZE 84 -147.56 78.97 163.32
C GLY ZE 84 -147.50 79.87 162.10
N SER ZE 85 -146.41 80.61 161.92
CA SER ZE 85 -146.25 81.43 160.73
C SER ZE 85 -146.01 80.55 159.51
N VAL ZE 86 -146.26 81.12 158.34
CA VAL ZE 86 -146.13 80.41 157.07
C VAL ZE 86 -145.12 81.14 156.20
N VAL ZE 87 -144.14 80.40 155.68
CA VAL ZE 87 -143.10 80.96 154.82
C VAL ZE 87 -143.32 80.42 153.41
N ALA ZE 88 -143.57 81.33 152.47
CA ALA ZE 88 -143.75 80.93 151.09
C ALA ZE 88 -142.41 80.56 150.47
N LEU ZE 89 -142.41 79.50 149.67
CA LEU ZE 89 -141.20 79.02 149.02
C LEU ZE 89 -141.22 79.42 147.55
N ASP ZE 90 -140.03 79.65 147.00
CA ASP ZE 90 -139.93 80.05 145.60
C ASP ZE 90 -140.47 79.00 144.65
N GLY ZE 91 -140.29 77.73 144.97
CA GLY ZE 91 -140.79 76.66 144.14
C GLY ZE 91 -142.30 76.64 144.01
N LEU ZE 92 -142.79 76.61 142.77
CA LEU ZE 92 -144.23 76.53 142.54
C LEU ZE 92 -144.75 75.16 142.97
N ALA ZE 93 -145.98 75.15 143.49
CA ALA ZE 93 -146.55 73.90 143.98
C ALA ZE 93 -146.76 72.92 142.84
N GLY ZE 94 -146.44 71.66 143.09
CA GLY ZE 94 -146.56 70.61 142.09
C GLY ZE 94 -145.38 70.46 141.17
N GLU ZE 95 -144.38 71.33 141.27
CA GLU ZE 95 -143.19 71.20 140.44
C GLU ZE 95 -142.35 70.03 140.92
N PRO ZE 96 -141.52 69.46 140.05
CA PRO ZE 96 -140.63 68.39 140.48
C PRO ZE 96 -139.69 68.86 141.58
N LEU ZE 97 -139.48 68.00 142.56
CA LEU ZE 97 -138.62 68.30 143.69
C LEU ZE 97 -137.18 67.91 143.36
N ASP ZE 98 -136.26 68.43 144.17
CA ASP ZE 98 -134.83 68.25 143.95
C ASP ZE 98 -134.30 67.12 144.80
N ILE ZE 99 -133.38 66.34 144.23
CA ILE ZE 99 -132.76 65.22 144.92
C ILE ZE 99 -131.25 65.49 144.99
N LEU ZE 100 -130.69 65.39 146.19
CA LEU ZE 100 -129.27 65.63 146.40
C LEU ZE 100 -128.65 64.42 147.07
N ILE ZE 101 -127.39 64.15 146.75
CA ILE ZE 101 -126.61 63.15 147.46
C ILE ZE 101 -125.41 63.86 148.08
N ASN ZE 102 -125.30 63.80 149.40
CA ASN ZE 102 -124.28 64.53 150.13
C ASN ZE 102 -124.34 66.03 149.82
N GLY ZE 103 -125.56 66.54 149.63
CA GLY ZE 103 -125.77 67.95 149.39
C GLY ZE 103 -125.49 68.42 147.98
N TYR ZE 104 -125.29 67.52 147.02
CA TYR ZE 104 -125.02 67.88 145.64
C TYR ZE 104 -126.22 67.47 144.81
N LEU ZE 105 -126.77 68.43 144.07
CA LEU ZE 105 -127.95 68.17 143.26
C LEU ZE 105 -127.60 67.27 142.09
N ILE ZE 106 -128.34 66.18 141.93
CA ILE ZE 106 -128.11 65.22 140.86
C ILE ZE 106 -129.33 65.07 139.96
N ALA ZE 107 -130.52 65.02 140.55
CA ALA ZE 107 -131.71 64.69 139.77
C ALA ZE 107 -132.92 65.43 140.28
N GLN ZE 108 -133.95 65.46 139.44
CA GLN ZE 108 -135.25 66.01 139.78
C GLN ZE 108 -136.27 64.89 139.73
N GLY ZE 109 -137.08 64.78 140.79
CA GLY ZE 109 -138.05 63.72 140.90
C GLY ZE 109 -139.41 64.31 141.22
N GLU ZE 110 -140.35 63.42 141.51
CA GLU ZE 110 -141.71 63.80 141.85
C GLU ZE 110 -142.13 63.02 143.08
N VAL ZE 111 -142.82 63.70 144.00
CA VAL ZE 111 -143.19 63.10 145.28
C VAL ZE 111 -144.44 62.25 145.14
N VAL ZE 112 -144.40 61.05 145.72
CA VAL ZE 112 -145.53 60.13 145.71
C VAL ZE 112 -145.69 59.54 147.11
N VAL ZE 113 -146.89 59.03 147.41
CA VAL ZE 113 -147.20 58.42 148.68
C VAL ZE 113 -147.46 56.94 148.44
N VAL ZE 114 -146.65 56.09 149.06
CA VAL ZE 114 -146.82 54.62 148.91
C VAL ZE 114 -146.94 53.97 150.30
N ALA ZE 115 -148.09 53.34 150.58
CA ALA ZE 115 -148.33 52.68 151.90
C ALA ZE 115 -148.15 53.64 153.07
N ASP ZE 116 -148.56 54.91 152.92
CA ASP ZE 116 -148.52 55.90 154.04
C ASP ZE 116 -147.07 56.30 154.32
N LYS ZE 117 -146.15 56.03 153.38
CA LYS ZE 117 -144.74 56.41 153.55
C LYS ZE 117 -144.35 57.36 152.40
N TYR ZE 118 -143.61 58.42 152.69
CA TYR ZE 118 -143.28 59.37 151.64
C TYR ZE 118 -142.22 58.79 150.71
N GLY ZE 119 -142.39 59.03 149.42
CA GLY ZE 119 -141.45 58.52 148.43
C GLY ZE 119 -141.35 59.46 147.25
N VAL ZE 120 -140.13 59.61 146.74
CA VAL ZE 120 -139.88 60.39 145.55
C VAL ZE 120 -139.71 59.44 144.38
N ARG ZE 121 -140.15 59.88 143.21
CA ARG ZE 121 -140.02 59.11 141.97
C ARG ZE 121 -139.07 59.86 141.06
N ILE ZE 122 -137.89 59.28 140.82
CA ILE ZE 122 -136.89 59.96 140.00
C ILE ZE 122 -137.41 60.12 138.59
N THR ZE 123 -137.37 61.35 138.09
CA THR ZE 123 -137.84 61.67 136.74
C THR ZE 123 -136.71 61.97 135.77
N ASP ZE 124 -135.76 62.83 136.11
CA ASP ZE 124 -134.71 63.15 135.15
C ASP ZE 124 -133.48 63.70 135.86
N ILE ZE 125 -132.32 63.21 135.46
CA ILE ZE 125 -131.07 63.78 135.93
C ILE ZE 125 -130.90 65.17 135.35
N ILE ZE 126 -130.59 66.14 136.21
CA ILE ZE 126 -130.50 67.53 135.76
C ILE ZE 126 -129.36 67.69 134.78
N THR ZE 127 -129.46 68.71 133.96
CA THR ZE 127 -128.51 69.10 132.94
C THR ZE 127 -127.59 70.20 133.45
N PRO ZE 128 -126.38 70.34 132.90
CA PRO ZE 128 -125.50 71.43 133.33
C PRO ZE 128 -126.14 72.81 133.15
N SER ZE 129 -126.91 72.99 132.09
CA SER ZE 129 -127.63 74.25 131.91
C SER ZE 129 -128.62 74.63 133.00
N GLU ZE 130 -129.42 73.67 133.46
CA GLU ZE 130 -130.35 73.93 134.55
C GLU ZE 130 -129.61 74.05 135.90
N ARG ZE 131 -128.47 73.36 135.99
CA ARG ZE 131 -127.63 73.50 137.17
C ARG ZE 131 -127.21 74.95 137.33
N MET ZE 132 -126.68 75.56 136.27
CA MET ZE 132 -126.34 76.98 136.32
C MET ZE 132 -127.53 77.95 136.41
N ARG ZE 133 -128.67 77.51 135.86
CA ARG ZE 133 -129.89 78.28 135.99
C ARG ZE 133 -130.20 78.30 137.48
N ARG ZE 134 -130.06 77.15 138.15
CA ARG ZE 134 -130.26 77.10 139.59
C ARG ZE 134 -129.26 78.00 140.31
N LEU ZE 135 -128.01 78.02 139.85
CA LEU ZE 135 -126.99 78.82 140.53
C LEU ZE 135 -127.32 80.31 140.48
N SER ZE 136 -127.78 80.80 139.34
CA SER ZE 136 -128.11 82.22 139.20
C SER ZE 136 -129.50 82.50 139.75
N LYS AF 514 -155.96 5.35 55.98
CA LYS AF 514 -155.42 5.22 57.33
C LYS AF 514 -156.53 5.26 58.37
N ASP AF 515 -157.57 6.04 58.09
CA ASP AF 515 -158.70 6.13 59.02
C ASP AF 515 -159.42 4.79 59.14
N GLU AF 516 -159.62 4.11 58.01
CA GLU AF 516 -160.31 2.81 58.05
C GLU AF 516 -159.50 1.78 58.81
N GLN AF 517 -158.18 1.76 58.60
CA GLN AF 517 -157.33 0.82 59.34
C GLN AF 517 -157.37 1.12 60.84
N LEU AF 518 -157.33 2.40 61.21
CA LEU AF 518 -157.41 2.77 62.61
C LEU AF 518 -158.75 2.35 63.21
N GLN AF 519 -159.84 2.53 62.46
CA GLN AF 519 -161.16 2.11 62.94
C GLN AF 519 -161.23 0.61 63.12
N GLN AF 520 -160.66 -0.16 62.18
CA GLN AF 520 -160.65 -1.61 62.31
C GLN AF 520 -159.83 -2.06 63.51
N ARG AF 521 -158.67 -1.43 63.73
CA ARG AF 521 -157.85 -1.75 64.89
C ARG AF 521 -158.59 -1.42 66.18
N ARG AF 522 -159.29 -0.28 66.21
CA ARG AF 522 -160.07 0.08 67.39
C ARG AF 522 -161.20 -0.90 67.64
N ALA AF 523 -161.86 -1.37 66.57
CA ALA AF 523 -162.93 -2.36 66.75
C ALA AF 523 -162.38 -3.67 67.28
N ASN AF 524 -161.24 -4.12 66.75
CA ASN AF 524 -160.62 -5.34 67.26
C ASN AF 524 -160.22 -5.18 68.73
N GLN AF 525 -159.65 -4.03 69.08
CA GLN AF 525 -159.28 -3.76 70.46
C GLN AF 525 -160.50 -3.74 71.37
N ARG AF 526 -161.60 -3.15 70.91
CA ARG AF 526 -162.82 -3.06 71.71
C ARG AF 526 -163.61 -4.36 71.74
N LEU AF 527 -163.30 -5.29 70.84
CA LEU AF 527 -163.98 -6.62 70.78
C LEU AF 527 -163.18 -7.59 71.66
N GLY AF 528 -161.88 -7.68 71.43
CA GLY AF 528 -161.01 -8.58 72.22
C GLY AF 528 -160.90 -8.16 73.67
N ALA AF 529 -161.00 -6.85 73.96
CA ALA AF 529 -160.96 -6.35 75.35
C ALA AF 529 -162.29 -6.70 75.99
N GLU AF 530 -163.39 -6.57 75.23
CA GLU AF 530 -164.74 -6.93 75.76
C GLU AF 530 -164.75 -8.42 76.07
N VAL AF 531 -164.05 -9.21 75.18
CA VAL AF 531 -163.85 -10.67 75.41
C VAL AF 531 -162.88 -10.83 76.58
N MET AF 532 -161.84 -10.00 76.65
CA MET AF 532 -160.82 -10.07 77.73
C MET AF 532 -161.50 -9.76 79.07
N SER AF 533 -162.39 -8.76 79.10
CA SER AF 533 -163.12 -8.39 80.35
C SER AF 533 -163.96 -9.58 80.79
N GLN AF 534 -164.64 -10.25 79.84
CA GLN AF 534 -165.44 -11.46 80.15
C GLN AF 534 -164.49 -12.55 80.65
N ARG AF 535 -163.32 -12.69 80.03
CA ARG AF 535 -162.32 -13.72 80.41
C ARG AF 535 -161.82 -13.49 81.83
N ILE AF 536 -161.59 -12.23 82.22
CA ILE AF 536 -161.00 -11.90 83.56
C ILE AF 536 -162.07 -12.14 84.64
N ARG AF 537 -163.36 -12.11 84.30
CA ARG AF 537 -164.44 -12.33 85.24
C ARG AF 537 -164.59 -13.81 85.56
N GLU AF 538 -164.50 -14.67 84.55
CA GLU AF 538 -164.55 -16.11 84.78
C GLU AF 538 -163.38 -16.57 85.65
N MET AF 539 -162.18 -16.07 85.35
CA MET AF 539 -161.01 -16.45 86.13
C MET AF 539 -161.09 -15.99 87.57
N SER AF 540 -161.57 -14.76 87.80
CA SER AF 540 -161.70 -14.24 89.16
C SER AF 540 -162.79 -14.96 89.94
N ASP AF 541 -163.89 -15.31 89.27
CA ASP AF 541 -164.89 -16.15 89.92
C ASP AF 541 -164.35 -17.53 90.26
N ASN AF 542 -163.46 -18.07 89.42
CA ASN AF 542 -162.81 -19.34 89.75
C ASN AF 542 -161.91 -19.20 90.97
N ASP AF 543 -161.14 -18.12 91.04
CA ASP AF 543 -160.19 -17.89 92.13
C ASP AF 543 -160.14 -16.39 92.44
N PRO AF 544 -160.85 -15.94 93.47
CA PRO AF 544 -160.81 -14.51 93.80
C PRO AF 544 -159.56 -14.08 94.53
N ARG AF 545 -159.02 -14.92 95.42
CA ARG AF 545 -157.86 -14.55 96.20
C ARG AF 545 -156.59 -14.58 95.37
N VAL AF 546 -156.54 -15.40 94.32
CA VAL AF 546 -155.36 -15.47 93.47
C VAL AF 546 -155.11 -14.14 92.77
N VAL AF 547 -156.19 -13.51 92.31
CA VAL AF 547 -156.04 -12.21 91.65
C VAL AF 547 -155.50 -11.16 92.61
N ALA AF 548 -156.02 -11.14 93.84
CA ALA AF 548 -155.52 -10.19 94.83
C ALA AF 548 -154.06 -10.45 95.17
N LEU AF 549 -153.69 -11.72 95.29
CA LEU AF 549 -152.29 -12.07 95.56
C LEU AF 549 -151.39 -11.63 94.42
N VAL AF 550 -151.83 -11.83 93.18
CA VAL AF 550 -151.04 -11.41 92.02
C VAL AF 550 -150.90 -9.90 91.99
N ILE AF 551 -151.98 -9.18 92.32
CA ILE AF 551 -151.92 -7.72 92.37
C ILE AF 551 -150.94 -7.25 93.42
N ARG AF 552 -150.97 -7.88 94.60
CA ARG AF 552 -150.04 -7.52 95.67
C ARG AF 552 -148.60 -7.81 95.26
N GLN AF 553 -148.39 -8.94 94.59
CA GLN AF 553 -147.05 -9.27 94.10
C GLN AF 553 -146.57 -8.25 93.07
N TRP AF 554 -147.48 -7.78 92.21
CA TRP AF 554 -147.12 -6.76 91.24
C TRP AF 554 -146.70 -5.47 91.92
N MET AF 555 -147.43 -5.06 92.96
CA MET AF 555 -147.06 -3.88 93.71
C MET AF 555 -145.73 -4.06 94.43
N SER AF 556 -145.48 -5.25 94.99
CA SER AF 556 -144.21 -5.50 95.66
C SER AF 556 -143.05 -5.44 94.68
N ASN AF 557 -143.23 -6.01 93.48
CA ASN AF 557 -142.19 -5.95 92.46
C ASN AF 557 -142.01 -4.55 91.91
N ASP AF 558 -143.06 -3.73 91.97
CA ASP AF 558 -142.97 -2.36 91.48
C ASP AF 558 -141.99 -1.53 92.30
N HIS AF 559 -141.77 -1.90 93.56
CA HIS AF 559 -140.84 -1.19 94.42
C HIS AF 559 -139.40 -1.42 93.99
N GLY BF 6 -147.12 -1.19 87.77
CA GLY BF 6 -148.04 -2.31 87.81
C GLY BF 6 -149.29 -2.02 88.63
N THR BF 7 -149.13 -1.16 89.65
CA THR BF 7 -150.26 -0.79 90.49
C THR BF 7 -151.33 -0.05 89.69
N ASP BF 8 -150.92 0.86 88.80
CA ASP BF 8 -151.87 1.59 87.97
C ASP BF 8 -152.61 0.63 87.04
N LYS BF 9 -151.89 -0.34 86.47
CA LYS BF 9 -152.54 -1.34 85.63
C LYS BF 9 -153.52 -2.18 86.43
N SER BF 10 -153.15 -2.55 87.65
CA SER BF 10 -154.05 -3.31 88.51
C SER BF 10 -155.30 -2.51 88.84
N VAL BF 11 -155.13 -1.22 89.13
CA VAL BF 11 -156.27 -0.36 89.42
C VAL BF 11 -157.18 -0.24 88.21
N ILE BF 12 -156.60 -0.09 87.00
CA ILE BF 12 -157.39 -0.01 85.79
C ILE BF 12 -158.16 -1.30 85.56
N LEU BF 13 -157.50 -2.45 85.76
CA LEU BF 13 -158.16 -3.74 85.59
C LEU BF 13 -159.30 -3.91 86.58
N LEU BF 14 -159.09 -3.49 87.84
CA LEU BF 14 -160.13 -3.58 88.85
C LEU BF 14 -161.32 -2.70 88.50
N MET BF 15 -161.04 -1.49 88.01
CA MET BF 15 -162.12 -0.60 87.59
C MET BF 15 -162.89 -1.18 86.42
N THR BF 16 -162.19 -1.77 85.45
CA THR BF 16 -162.85 -2.36 84.30
C THR BF 16 -163.53 -3.69 84.62
N ILE BF 17 -163.22 -4.30 85.75
CA ILE BF 17 -163.81 -5.60 86.09
C ILE BF 17 -165.26 -5.42 86.53
N GLY BF 18 -165.48 -4.56 87.52
CA GLY BF 18 -166.83 -4.34 88.04
C GLY BF 18 -166.83 -4.09 89.53
N GLU BF 19 -167.96 -3.60 90.05
CA GLU BF 19 -168.04 -3.26 91.47
C GLU BF 19 -167.97 -4.50 92.35
N ASP BF 20 -168.69 -5.55 91.98
CA ASP BF 20 -168.74 -6.76 92.82
C ASP BF 20 -167.40 -7.47 92.85
N ARG BF 21 -166.79 -7.66 91.69
CA ARG BF 21 -165.49 -8.34 91.63
C ARG BF 21 -164.41 -7.54 92.37
N ALA BF 22 -164.41 -6.23 92.18
CA ALA BF 22 -163.43 -5.38 92.88
C ALA BF 22 -163.66 -5.42 94.38
N ALA BF 23 -164.92 -5.42 94.82
CA ALA BF 23 -165.22 -5.49 96.25
C ALA BF 23 -164.75 -6.82 96.83
N GLU BF 24 -164.98 -7.92 96.11
CA GLU BF 24 -164.50 -9.22 96.57
C GLU BF 24 -162.98 -9.25 96.65
N VAL BF 25 -162.32 -8.70 95.63
CA VAL BF 25 -160.85 -8.68 95.64
C VAL BF 25 -160.33 -7.86 96.82
N PHE BF 26 -160.96 -6.70 97.08
CA PHE BF 26 -160.55 -5.87 98.21
C PHE BF 26 -160.77 -6.61 99.53
N LYS BF 27 -161.89 -7.31 99.65
CA LYS BF 27 -162.12 -8.14 100.83
C LYS BF 27 -161.08 -9.24 100.96
N HIS BF 28 -160.53 -9.69 99.85
CA HIS BF 28 -159.44 -10.66 99.86
C HIS BF 28 -158.07 -9.99 99.72
N LEU BF 29 -157.97 -8.71 100.09
CA LEU BF 29 -156.74 -7.95 99.96
C LEU BF 29 -156.40 -7.30 101.29
N SER BF 30 -155.12 -6.97 101.46
CA SER BF 30 -154.63 -6.34 102.67
C SER BF 30 -155.09 -4.89 102.75
N THR BF 31 -154.99 -4.31 103.96
CA THR BF 31 -155.48 -2.96 104.20
C THR BF 31 -154.71 -1.93 103.37
N ARG BF 32 -153.39 -2.00 103.40
CA ARG BF 32 -152.58 -1.04 102.64
C ARG BF 32 -152.83 -1.18 101.14
N GLU BF 33 -152.88 -2.43 100.66
CA GLU BF 33 -153.14 -2.67 99.24
C GLU BF 33 -154.53 -2.17 98.84
N VAL BF 34 -155.53 -2.43 99.70
CA VAL BF 34 -156.90 -2.00 99.40
C VAL BF 34 -156.96 -0.47 99.35
N GLN BF 35 -156.32 0.19 100.31
CA GLN BF 35 -156.32 1.65 100.34
C GLN BF 35 -155.63 2.22 99.10
N ALA BF 36 -154.48 1.65 98.73
CA ALA BF 36 -153.76 2.12 97.55
C ALA BF 36 -154.59 1.93 96.29
N LEU BF 37 -155.23 0.77 96.15
CA LEU BF 37 -156.05 0.50 94.98
C LEU BF 37 -157.25 1.45 94.92
N SER BF 38 -157.90 1.71 96.05
CA SER BF 38 -159.03 2.62 96.07
C SER BF 38 -158.61 4.04 95.72
N THR BF 39 -157.45 4.47 96.24
CA THR BF 39 -156.99 5.83 95.98
C THR BF 39 -156.58 6.00 94.51
N ALA BF 40 -155.76 5.08 94.00
CA ALA BF 40 -155.20 5.23 92.66
C ALA BF 40 -156.27 5.17 91.57
N MET BF 41 -157.24 4.26 91.72
CA MET BF 41 -158.25 4.07 90.69
C MET BF 41 -159.07 5.34 90.48
N ALA BF 42 -159.52 5.95 91.58
CA ALA BF 42 -160.31 7.17 91.47
C ALA BF 42 -159.44 8.40 91.23
N ASN BF 43 -158.17 8.30 91.65
CA ASN BF 43 -157.24 9.46 91.51
C ASN BF 43 -156.82 9.81 90.08
N VAL BF 44 -156.04 8.96 89.44
CA VAL BF 44 -155.64 9.18 88.02
C VAL BF 44 -155.75 7.78 87.41
N ARG BF 45 -156.52 7.64 86.34
CA ARG BF 45 -156.65 6.32 85.66
C ARG BF 45 -156.08 6.44 84.25
N GLN BF 46 -155.18 5.52 83.87
CA GLN BF 46 -154.54 5.57 82.53
C GLN BF 46 -154.94 4.31 81.75
N ILE BF 47 -155.39 4.47 80.50
CA ILE BF 47 -155.73 3.29 79.65
C ILE BF 47 -154.80 3.30 78.42
N SER BF 48 -154.14 2.19 78.13
CA SER BF 48 -153.20 2.13 76.98
C SER BF 48 -153.71 1.10 75.95
N ASN BF 49 -153.78 1.50 74.68
CA ASN BF 49 -154.29 0.59 73.63
C ASN BF 49 -153.39 -0.65 73.54
N LYS BF 50 -152.07 -0.46 73.73
CA LYS BF 50 -151.13 -1.60 73.59
C LYS BF 50 -150.44 -1.93 74.91
N GLN BF 51 -149.88 -0.93 75.61
CA GLN BF 51 -149.11 -1.26 76.80
C GLN BF 51 -149.95 -1.99 77.84
N LEU BF 52 -151.20 -1.54 78.05
CA LEU BF 52 -152.06 -2.20 79.01
C LEU BF 52 -152.36 -3.64 78.59
N THR BF 53 -152.63 -3.86 77.31
CA THR BF 53 -152.89 -5.21 76.82
C THR BF 53 -151.66 -6.10 76.96
N ASP BF 54 -150.47 -5.57 76.63
CA ASP BF 54 -149.25 -6.35 76.79
C ASP BF 54 -149.01 -6.72 78.24
N VAL BF 55 -149.22 -5.76 79.16
CA VAL BF 55 -149.04 -6.03 80.58
C VAL BF 55 -150.03 -7.06 81.06
N LEU BF 56 -151.30 -6.96 80.63
CA LEU BF 56 -152.30 -7.94 81.03
C LEU BF 56 -151.95 -9.33 80.54
N SER BF 57 -151.50 -9.43 79.28
CA SER BF 57 -151.10 -10.73 78.75
C SER BF 57 -149.92 -11.31 79.52
N GLU BF 58 -148.92 -10.46 79.83
CA GLU BF 58 -147.77 -10.93 80.59
C GLU BF 58 -148.19 -11.41 81.98
N PHE BF 59 -149.09 -10.68 82.64
CA PHE BF 59 -149.56 -11.08 83.97
C PHE BF 59 -150.33 -12.40 83.89
N GLU BF 60 -151.17 -12.55 82.87
CA GLU BF 60 -151.96 -13.77 82.74
C GLU BF 60 -151.08 -14.97 82.43
N GLN BF 61 -149.93 -14.73 81.81
CA GLN BF 61 -149.06 -15.86 81.40
C GLN BF 61 -147.87 -16.00 82.36
N GLU BF 62 -147.70 -15.07 83.32
CA GLU BF 62 -146.47 -15.13 84.15
C GLU BF 62 -146.38 -16.41 85.01
N ALA BF 63 -147.47 -16.85 85.65
CA ALA BF 63 -147.42 -18.14 86.38
C ALA BF 63 -148.80 -18.76 86.56
N GLU BF 64 -148.88 -20.09 86.72
CA GLU BF 64 -150.17 -20.74 87.06
C GLU BF 64 -150.19 -21.02 88.58
N GLN BF 65 -149.12 -20.67 89.29
CA GLN BF 65 -149.00 -20.99 90.75
C GLN BF 65 -150.08 -20.27 91.57
N PHE BF 66 -150.40 -19.02 91.25
CA PHE BF 66 -151.35 -18.22 92.07
C PHE BF 66 -152.71 -18.89 92.08
N ALA BF 67 -153.16 -19.43 90.95
CA ALA BF 67 -154.54 -19.95 90.87
C ALA BF 67 -154.78 -21.09 91.87
N ALA BF 68 -153.83 -22.00 92.07
CA ALA BF 68 -154.10 -23.19 92.93
C ALA BF 68 -153.79 -22.92 94.41
N LEU BF 69 -152.52 -22.68 94.75
CA LEU BF 69 -152.13 -22.55 96.15
C LEU BF 69 -152.98 -21.50 96.86
N ASN BF 70 -153.20 -20.37 96.20
CA ASN BF 70 -153.98 -19.28 96.80
C ASN BF 70 -155.47 -19.60 96.85
N ILE BF 71 -155.94 -20.55 96.03
CA ILE BF 71 -157.35 -20.91 96.01
C ILE BF 71 -157.75 -21.50 97.37
N ASN BF 72 -156.93 -22.42 97.88
CA ASN BF 72 -157.17 -23.06 99.17
C ASN BF 72 -155.85 -23.26 99.88
N ALA BF 73 -155.53 -22.34 100.81
CA ALA BF 73 -154.31 -22.44 101.59
C ALA BF 73 -154.63 -22.59 103.08
N ASN BF 74 -155.40 -21.66 103.62
CA ASN BF 74 -155.72 -21.70 105.05
C ASN BF 74 -156.73 -22.79 105.36
N GLU BF 75 -157.73 -22.98 104.50
CA GLU BF 75 -158.75 -24.01 104.75
C GLU BF 75 -158.12 -25.40 104.74
N TYR BF 76 -157.22 -25.66 103.80
CA TYR BF 76 -156.56 -26.95 103.74
C TYR BF 76 -155.72 -27.19 104.99
N LEU BF 77 -154.97 -26.17 105.43
CA LEU BF 77 -154.17 -26.31 106.63
C LEU BF 77 -155.03 -26.57 107.86
N ARG BF 78 -156.16 -25.86 107.97
CA ARG BF 78 -157.06 -26.09 109.09
C ARG BF 78 -157.65 -27.49 109.07
N SER BF 79 -158.06 -27.97 107.90
CA SER BF 79 -158.60 -29.32 107.79
C SER BF 79 -157.55 -30.37 108.15
N VAL BF 80 -156.31 -30.16 107.69
CA VAL BF 80 -155.23 -31.08 108.01
C VAL BF 80 -154.95 -31.10 109.50
N LEU BF 81 -154.94 -29.91 110.14
CA LEU BF 81 -154.72 -29.85 111.58
C LEU BF 81 -155.85 -30.54 112.34
N VAL BF 82 -157.10 -30.36 111.89
CA VAL BF 82 -158.23 -30.99 112.57
C VAL BF 82 -158.14 -32.51 112.44
N LYS BF 83 -157.83 -33.00 111.24
CA LYS BF 83 -157.84 -34.44 111.01
C LYS BF 83 -156.60 -35.11 111.57
N ALA BF 84 -155.54 -34.35 111.80
CA ALA BF 84 -154.25 -34.94 112.18
C ALA BF 84 -154.26 -35.44 113.62
N LEU BF 85 -154.47 -34.53 114.58
CA LEU BF 85 -154.40 -34.87 116.00
C LEU BF 85 -155.77 -34.78 116.64
N GLY BF 86 -156.46 -33.65 116.53
CA GLY BF 86 -157.77 -33.50 117.15
C GLY BF 86 -158.17 -32.05 117.15
N GLU BF 87 -159.42 -31.81 117.58
CA GLU BF 87 -159.93 -30.44 117.63
C GLU BF 87 -159.15 -29.58 118.60
N GLU BF 88 -158.81 -30.13 119.76
CA GLU BF 88 -158.06 -29.36 120.76
C GLU BF 88 -156.67 -29.00 120.26
N ARG BF 89 -155.97 -29.93 119.61
CA ARG BF 89 -154.64 -29.64 119.07
C ARG BF 89 -154.72 -28.76 117.83
N ALA BF 90 -155.79 -28.91 117.04
CA ALA BF 90 -155.97 -28.07 115.86
C ALA BF 90 -156.12 -26.61 116.25
N SER BF 91 -156.85 -26.35 117.33
CA SER BF 91 -157.01 -24.97 117.80
C SER BF 91 -155.66 -24.37 118.18
N SER BF 92 -154.83 -25.13 118.91
CA SER BF 92 -153.51 -24.63 119.29
C SER BF 92 -152.63 -24.40 118.07
N LEU BF 93 -152.66 -25.32 117.10
CA LEU BF 93 -151.87 -25.15 115.89
C LEU BF 93 -152.31 -23.92 115.11
N LEU BF 94 -153.62 -23.72 114.98
CA LEU BF 94 -154.13 -22.54 114.27
C LEU BF 94 -153.76 -21.26 115.00
N GLU BF 95 -153.84 -21.28 116.34
CA GLU BF 95 -153.43 -20.11 117.12
C GLU BF 95 -151.96 -19.79 116.93
N ASP BF 96 -151.11 -20.82 116.91
CA ASP BF 96 -149.68 -20.59 116.67
C ASP BF 96 -149.45 -20.04 115.28
N ILE BF 97 -150.14 -20.58 114.28
CA ILE BF 97 -149.97 -20.11 112.90
C ILE BF 97 -150.40 -18.65 112.79
N LEU BF 98 -151.52 -18.29 113.42
CA LEU BF 98 -151.97 -16.90 113.40
C LEU BF 98 -150.99 -15.99 114.13
N GLU BF 99 -150.45 -16.45 115.27
CA GLU BF 99 -149.51 -15.64 116.03
C GLU BF 99 -148.17 -15.50 115.32
N THR BF 100 -147.89 -16.39 114.36
CA THR BF 100 -146.67 -16.26 113.57
C THR BF 100 -146.65 -14.93 112.82
N ARG BF 101 -147.82 -14.43 112.42
CA ARG BF 101 -147.92 -13.10 111.81
C ARG BF 101 -148.33 -12.12 112.88
N ASP BF 102 -147.39 -11.30 113.32
CA ASP BF 102 -147.59 -10.35 114.40
C ASP BF 102 -148.02 -8.99 113.82
N THR BF 103 -148.19 -8.01 114.71
CA THR BF 103 -148.61 -6.67 114.33
C THR BF 103 -147.54 -5.67 114.73
N THR BF 104 -147.34 -4.65 113.90
CA THR BF 104 -146.29 -3.67 114.16
C THR BF 104 -146.70 -2.70 115.26
N SER BF 105 -147.79 -1.96 115.05
CA SER BF 105 -148.26 -0.99 116.03
C SER BF 105 -148.73 -1.70 117.28
N GLY BF 106 -148.30 -1.17 118.44
CA GLY BF 106 -148.59 -1.82 119.71
C GLY BF 106 -150.05 -1.91 120.06
N ILE BF 107 -150.88 -1.03 119.49
CA ILE BF 107 -152.30 -1.05 119.81
C ILE BF 107 -152.92 -2.38 119.39
N GLU BF 108 -152.60 -2.83 118.18
CA GLU BF 108 -153.08 -4.15 117.75
C GLU BF 108 -152.41 -5.27 118.53
N THR BF 109 -151.16 -5.09 118.94
CA THR BF 109 -150.52 -6.11 119.77
C THR BF 109 -151.21 -6.26 121.12
N LEU BF 110 -151.89 -5.21 121.58
CA LEU BF 110 -152.67 -5.32 122.80
C LEU BF 110 -153.79 -6.35 122.84
N ASN BF 111 -154.39 -6.68 121.68
CA ASN BF 111 -155.44 -7.74 121.62
C ASN BF 111 -154.92 -9.17 121.58
N PHE BF 112 -153.60 -9.36 121.59
CA PHE BF 112 -153.01 -10.73 121.65
C PHE BF 112 -152.62 -11.00 123.10
N MET BF 113 -152.76 -10.00 123.96
CA MET BF 113 -152.41 -10.12 125.37
C MET BF 113 -153.66 -10.70 126.03
N GLU BF 114 -153.45 -11.26 127.23
CA GLU BF 114 -154.55 -11.77 128.02
C GLU BF 114 -155.45 -10.60 128.45
N PRO BF 115 -156.77 -10.81 128.52
CA PRO BF 115 -157.66 -9.73 128.94
C PRO BF 115 -157.32 -9.05 130.26
N GLN BF 116 -156.92 -9.81 131.28
CA GLN BF 116 -156.60 -9.19 132.57
C GLN BF 116 -155.31 -8.37 132.52
N SER BF 117 -154.34 -8.83 131.74
CA SER BF 117 -153.08 -8.09 131.62
C SER BF 117 -153.38 -6.75 130.97
N ALA BF 118 -154.18 -6.77 129.90
CA ALA BF 118 -154.55 -5.50 129.25
C ALA BF 118 -155.40 -4.64 130.17
N ALA BF 119 -156.33 -5.25 130.89
CA ALA BF 119 -157.17 -4.47 131.81
C ALA BF 119 -156.34 -3.81 132.89
N ASP BF 120 -155.36 -4.54 133.44
CA ASP BF 120 -154.47 -3.92 134.41
C ASP BF 120 -153.59 -2.85 133.78
N LEU BF 121 -153.17 -3.05 132.54
CA LEU BF 121 -152.28 -2.09 131.90
C LEU BF 121 -152.98 -0.77 131.62
N ILE BF 122 -154.23 -0.81 131.16
CA ILE BF 122 -154.92 0.41 130.73
C ILE BF 122 -155.98 0.89 131.72
N ARG BF 123 -156.04 0.30 132.91
CA ARG BF 123 -157.03 0.75 133.88
C ARG BF 123 -156.74 2.18 134.34
N ASP BF 124 -155.47 2.50 134.56
CA ASP BF 124 -155.12 3.81 135.11
C ASP BF 124 -155.13 4.92 134.07
N GLU BF 125 -155.24 4.57 132.79
CA GLU BF 125 -155.19 5.58 131.74
C GLU BF 125 -156.45 6.45 131.77
N HIS BF 126 -156.37 7.57 131.07
CA HIS BF 126 -157.51 8.48 130.96
C HIS BF 126 -158.64 7.77 130.24
N PRO BF 127 -159.90 8.00 130.66
CA PRO BF 127 -161.01 7.27 130.04
C PRO BF 127 -161.09 7.42 128.53
N GLN BF 128 -160.80 8.61 128.01
CA GLN BF 128 -160.80 8.80 126.56
C GLN BF 128 -159.72 7.96 125.87
N ILE BF 129 -158.55 7.85 126.49
CA ILE BF 129 -157.50 7.01 125.91
C ILE BF 129 -157.90 5.54 125.94
N ILE BF 130 -158.56 5.12 127.01
CA ILE BF 130 -159.08 3.76 127.07
C ILE BF 130 -160.05 3.56 125.93
N ALA BF 131 -160.95 4.51 125.72
CA ALA BF 131 -161.94 4.39 124.66
C ALA BF 131 -161.27 4.31 123.29
N THR BF 132 -160.25 5.14 123.07
CA THR BF 132 -159.52 5.11 121.81
C THR BF 132 -158.87 3.75 121.59
N ILE BF 133 -158.26 3.22 122.64
CA ILE BF 133 -157.65 1.86 122.53
C ILE BF 133 -158.73 0.84 122.15
N LEU BF 134 -159.92 0.93 122.77
CA LEU BF 134 -160.97 -0.09 122.54
C LEU BF 134 -161.46 -0.16 121.09
N VAL BF 135 -161.65 0.98 120.42
CA VAL BF 135 -162.23 0.94 119.05
C VAL BF 135 -161.11 0.46 118.13
N HIS BF 136 -159.84 0.68 118.51
CA HIS BF 136 -158.72 0.13 117.69
C HIS BF 136 -158.50 -1.35 118.05
N LEU BF 137 -158.88 -1.74 119.27
CA LEU BF 137 -158.72 -3.14 119.72
C LEU BF 137 -159.83 -4.01 119.10
N LYS BF 138 -159.60 -5.33 119.03
CA LYS BF 138 -160.63 -6.26 118.51
C LYS BF 138 -161.85 -6.18 119.43
N ARG BF 139 -163.06 -6.26 118.87
CA ARG BF 139 -164.29 -6.10 119.67
C ARG BF 139 -164.36 -7.16 120.79
N SER BF 140 -164.10 -8.42 120.47
CA SER BF 140 -164.23 -9.49 121.48
C SER BF 140 -163.34 -9.15 122.69
N GLN BF 141 -162.10 -8.75 122.44
CA GLN BF 141 -161.14 -8.47 123.54
C GLN BF 141 -161.68 -7.29 124.35
N ALA BF 142 -162.10 -6.22 123.66
CA ALA BF 142 -162.58 -5.03 124.35
C ALA BF 142 -163.74 -5.36 125.27
N ALA BF 143 -164.64 -6.26 124.84
CA ALA BF 143 -165.75 -6.65 125.69
C ALA BF 143 -165.26 -7.34 126.96
N ASP BF 144 -164.28 -8.23 126.82
CA ASP BF 144 -163.71 -8.89 128.00
C ASP BF 144 -163.04 -7.88 128.92
N ILE BF 145 -162.30 -6.93 128.35
CA ILE BF 145 -161.65 -5.90 129.16
C ILE BF 145 -162.63 -5.09 129.98
N LEU BF 146 -163.73 -4.64 129.34
CA LEU BF 146 -164.75 -3.89 130.06
C LEU BF 146 -165.45 -4.73 131.12
N ALA BF 147 -165.58 -6.03 130.85
CA ALA BF 147 -166.14 -6.94 131.84
C ALA BF 147 -165.28 -6.95 133.10
N LEU BF 148 -163.96 -6.93 132.90
CA LEU BF 148 -163.02 -6.93 134.06
C LEU BF 148 -162.97 -5.53 134.69
N PHE BF 149 -163.46 -4.51 133.99
CA PHE BF 149 -163.34 -3.11 134.50
C PHE BF 149 -164.41 -2.83 135.55
N ASP BF 150 -164.10 -1.98 136.53
CA ASP BF 150 -165.09 -1.57 137.50
C ASP BF 150 -166.32 -1.00 136.79
N GLU BF 151 -167.48 -1.11 137.45
CA GLU BF 151 -168.74 -0.72 136.81
C GLU BF 151 -168.77 0.77 136.49
N ARG BF 152 -168.21 1.61 137.37
CA ARG BF 152 -168.16 3.03 137.07
C ARG BF 152 -167.30 3.32 135.84
N LEU BF 153 -166.08 2.77 135.82
CA LEU BF 153 -165.23 2.94 134.66
C LEU BF 153 -165.84 2.28 133.43
N ARG BF 154 -166.51 1.14 133.61
CA ARG BF 154 -167.16 0.48 132.48
C ARG BF 154 -168.21 1.39 131.85
N HIS BF 155 -169.10 1.96 132.66
CA HIS BF 155 -170.12 2.85 132.14
C HIS BF 155 -169.52 4.09 131.49
N ASP BF 156 -168.50 4.68 132.14
CA ASP BF 156 -167.89 5.88 131.60
C ASP BF 156 -167.26 5.59 130.24
N VAL BF 157 -166.51 4.50 130.14
CA VAL BF 157 -165.83 4.18 128.88
C VAL BF 157 -166.84 3.83 127.81
N MET BF 158 -167.92 3.13 128.17
CA MET BF 158 -168.96 2.83 127.19
C MET BF 158 -169.60 4.09 126.67
N LEU BF 159 -169.88 5.04 127.56
CA LEU BF 159 -170.44 6.32 127.13
C LEU BF 159 -169.49 7.05 126.18
N ARG BF 160 -168.20 7.04 126.50
CA ARG BF 160 -167.22 7.67 125.61
C ARG BF 160 -167.19 6.96 124.26
N ILE BF 161 -167.33 5.63 124.26
CA ILE BF 161 -167.38 4.87 123.02
C ILE BF 161 -168.57 5.31 122.18
N ALA BF 162 -169.72 5.50 122.82
CA ALA BF 162 -170.93 5.86 122.08
C ALA BF 162 -170.77 7.19 121.35
N THR BF 163 -170.17 8.18 122.01
CA THR BF 163 -170.07 9.53 121.47
C THR BF 163 -168.64 9.89 121.06
N PHE BF 164 -167.89 8.93 120.50
CA PHE BF 164 -166.53 9.20 120.07
C PHE BF 164 -166.51 10.23 118.95
N GLY BF 165 -165.48 11.06 118.93
CA GLY BF 165 -165.41 12.16 117.99
C GLY BF 165 -164.13 12.26 117.19
N GLY BF 166 -163.33 11.20 117.18
CA GLY BF 166 -162.12 11.20 116.38
C GLY BF 166 -160.87 11.81 117.00
N VAL BF 167 -159.73 11.13 116.85
CA VAL BF 167 -158.49 11.59 117.42
C VAL BF 167 -157.60 12.42 116.52
N GLN BF 168 -156.79 13.29 117.11
CA GLN BF 168 -155.84 14.07 116.33
C GLN BF 168 -154.77 13.05 115.93
N PRO BF 169 -154.24 13.16 114.70
CA PRO BF 169 -153.20 12.21 114.28
C PRO BF 169 -151.96 12.24 115.17
N ALA BF 170 -151.59 13.42 115.68
CA ALA BF 170 -150.42 13.51 116.55
C ALA BF 170 -150.65 12.74 117.84
N ALA BF 171 -151.83 12.89 118.45
CA ALA BF 171 -152.13 12.17 119.68
C ALA BF 171 -152.17 10.66 119.45
N LEU BF 172 -152.77 10.24 118.34
CA LEU BF 172 -152.80 8.82 118.02
C LEU BF 172 -151.39 8.26 117.82
N ALA BF 173 -150.54 9.00 117.12
CA ALA BF 173 -149.16 8.56 116.94
C ALA BF 173 -148.42 8.50 118.27
N GLU BF 174 -148.69 9.46 119.15
CA GLU BF 174 -148.05 9.46 120.46
C GLU BF 174 -148.47 8.24 121.28
N LEU BF 175 -149.77 7.94 121.29
CA LEU BF 175 -150.23 6.73 121.98
C LEU BF 175 -149.63 5.48 121.36
N THR BF 176 -149.56 5.46 120.02
CA THR BF 176 -149.00 4.27 119.33
C THR BF 176 -147.58 4.07 119.80
N GLU BF 177 -146.74 5.09 119.71
CA GLU BF 177 -145.31 4.95 120.07
C GLU BF 177 -145.19 4.59 121.56
N VAL BF 178 -146.00 5.22 122.42
CA VAL BF 178 -145.97 4.90 123.88
C VAL BF 178 -146.31 3.40 124.04
N LEU BF 179 -147.45 2.98 123.48
CA LEU BF 179 -147.88 1.60 123.66
C LEU BF 179 -146.87 0.63 123.08
N ASN BF 180 -146.20 1.01 121.99
CA ASN BF 180 -145.17 0.15 121.41
C ASN BF 180 -144.02 -0.05 122.37
N GLY BF 181 -143.54 1.03 123.00
CA GLY BF 181 -142.45 0.94 123.93
C GLY BF 181 -142.75 0.08 125.14
N LEU BF 182 -144.03 -0.19 125.41
CA LEU BF 182 -144.40 -1.00 126.56
C LEU BF 182 -144.55 -2.47 126.18
N LEU BF 183 -145.16 -2.72 125.01
CA LEU BF 183 -145.45 -4.14 124.66
C LEU BF 183 -144.34 -4.76 123.82
N ASP BF 184 -143.64 -3.99 122.99
CA ASP BF 184 -142.63 -4.64 122.10
C ASP BF 184 -141.56 -5.30 122.98
N GLY BF 185 -141.12 -4.61 124.05
CA GLY BF 185 -140.15 -5.22 124.97
C GLY BF 185 -140.73 -6.43 125.69
N GLN BF 186 -142.00 -6.34 126.11
CA GLN BF 186 -142.63 -7.42 126.90
C GLN BF 186 -142.84 -8.68 126.04
N ASN BF 187 -142.64 -9.88 126.63
CA ASN BF 187 -142.96 -11.13 125.88
C ASN BF 187 -144.47 -11.12 125.65
N LEU BF 188 -144.94 -11.56 124.48
CA LEU BF 188 -146.39 -11.46 124.19
C LEU BF 188 -146.95 -12.83 123.74
N LYS BF 189 -146.41 -13.95 124.24
CA LYS BF 189 -147.03 -15.22 123.85
C LYS BF 189 -146.96 -16.19 125.03
N ARG BF 190 -147.85 -15.95 126.00
CA ARG BF 190 -147.99 -16.86 127.14
C ARG BF 190 -148.50 -18.21 126.66
N SER BF 191 -147.65 -19.23 126.72
CA SER BF 191 -148.03 -20.56 126.26
C SER BF 191 -148.88 -21.24 127.32
N LYS BF 192 -150.10 -21.65 126.93
CA LYS BF 192 -151.03 -22.31 127.85
C LYS BF 192 -151.04 -23.79 127.52
N MET BF 193 -150.44 -24.59 128.39
CA MET BF 193 -150.37 -26.04 128.23
C MET BF 193 -151.03 -26.68 129.45
N GLY BF 194 -152.14 -27.39 129.23
CA GLY BF 194 -152.81 -28.10 130.34
C GLY BF 194 -153.98 -27.31 130.89
N GLY BF 195 -155.21 -27.65 130.48
CA GLY BF 195 -156.38 -26.98 131.00
C GLY BF 195 -157.21 -27.95 131.84
N VAL BF 196 -158.37 -28.34 131.32
CA VAL BF 196 -159.22 -29.32 131.95
C VAL BF 196 -159.25 -30.69 131.24
N ARG BF 197 -158.97 -30.66 129.94
CA ARG BF 197 -158.86 -31.90 129.17
C ARG BF 197 -157.66 -32.64 129.77
N THR BF 198 -156.56 -31.93 129.96
CA THR BF 198 -155.38 -32.56 130.54
C THR BF 198 -155.64 -33.02 131.97
N ALA BF 199 -156.36 -32.21 132.75
CA ALA BF 199 -156.68 -32.62 134.12
C ALA BF 199 -157.56 -33.86 134.13
N ALA BF 200 -158.54 -33.93 133.23
CA ALA BF 200 -159.39 -35.11 133.16
C ALA BF 200 -158.59 -36.34 132.75
N GLU BF 201 -157.68 -36.18 131.77
CA GLU BF 201 -156.85 -37.30 131.35
C GLU BF 201 -155.95 -37.77 132.49
N ILE BF 202 -155.39 -36.84 133.26
CA ILE BF 202 -154.57 -37.21 134.41
C ILE BF 202 -155.40 -37.97 135.44
N ILE BF 203 -156.61 -37.47 135.72
CA ILE BF 203 -157.47 -38.09 136.73
C ILE BF 203 -157.85 -39.50 136.30
N ASN BF 204 -158.17 -39.68 135.02
CA ASN BF 204 -158.69 -40.97 134.55
C ASN BF 204 -157.70 -42.11 134.69
N LEU BF 205 -156.41 -41.83 134.88
CA LEU BF 205 -155.39 -42.86 134.94
C LEU BF 205 -154.90 -43.22 136.33
N MET BF 206 -155.51 -42.67 137.38
CA MET BF 206 -155.09 -42.96 138.74
C MET BF 206 -156.12 -43.82 139.46
N LYS BF 207 -155.82 -44.15 140.71
CA LYS BF 207 -156.68 -45.03 141.48
C LYS BF 207 -158.06 -44.43 141.73
N THR BF 208 -159.05 -45.32 141.90
CA THR BF 208 -160.42 -44.87 142.07
C THR BF 208 -160.61 -44.04 143.34
N GLN BF 209 -159.97 -44.44 144.44
CA GLN BF 209 -160.11 -43.69 145.68
C GLN BF 209 -159.53 -42.28 145.52
N GLN BF 210 -158.34 -42.17 144.94
CA GLN BF 210 -157.78 -40.85 144.67
C GLN BF 210 -158.63 -40.10 143.67
N GLU BF 211 -159.23 -40.80 142.70
CA GLU BF 211 -160.11 -40.14 141.74
C GLU BF 211 -161.28 -39.47 142.44
N GLU BF 212 -161.98 -40.22 143.30
CA GLU BF 212 -163.12 -39.63 144.00
C GLU BF 212 -162.69 -38.54 144.96
N ALA BF 213 -161.53 -38.71 145.62
CA ALA BF 213 -161.03 -37.66 146.51
C ALA BF 213 -160.79 -36.37 145.75
N VAL BF 214 -160.11 -36.45 144.60
CA VAL BF 214 -159.80 -35.23 143.87
C VAL BF 214 -161.06 -34.60 143.27
N ILE BF 215 -162.01 -35.41 142.78
CA ILE BF 215 -163.19 -34.81 142.18
C ILE BF 215 -164.05 -34.15 143.25
N THR BF 216 -164.14 -34.76 144.44
CA THR BF 216 -164.91 -34.12 145.50
C THR BF 216 -164.20 -32.88 146.02
N ALA BF 217 -162.86 -32.88 146.03
CA ALA BF 217 -162.14 -31.66 146.40
C ALA BF 217 -162.42 -30.54 145.41
N VAL BF 218 -162.38 -30.85 144.12
CA VAL BF 218 -162.68 -29.84 143.10
C VAL BF 218 -164.11 -29.34 143.24
N ARG BF 219 -165.05 -30.26 143.49
CA ARG BF 219 -166.45 -29.86 143.66
C ARG BF 219 -166.61 -28.94 144.87
N GLU BF 220 -165.87 -29.23 145.95
CA GLU BF 220 -165.87 -28.32 147.10
C GLU BF 220 -165.32 -26.95 146.70
N PHE BF 221 -164.25 -26.93 145.91
CA PHE BF 221 -163.73 -25.64 145.44
C PHE BF 221 -164.69 -24.91 144.50
N ASP BF 222 -165.26 -25.63 143.54
CA ASP BF 222 -166.18 -25.06 142.58
C ASP BF 222 -166.90 -26.22 141.90
N GLY BF 223 -168.23 -26.24 141.98
CA GLY BF 223 -168.99 -27.32 141.39
C GLY BF 223 -168.97 -27.34 139.86
N GLU BF 224 -168.96 -26.16 139.24
CA GLU BF 224 -168.95 -26.09 137.79
C GLU BF 224 -167.69 -26.71 137.20
N LEU BF 225 -166.53 -26.42 137.82
CA LEU BF 225 -165.29 -27.02 137.35
C LEU BF 225 -165.31 -28.54 137.50
N ALA BF 226 -165.86 -29.04 138.61
CA ALA BF 226 -165.97 -30.48 138.79
C ALA BF 226 -166.85 -31.13 137.73
N GLN BF 227 -167.99 -30.51 137.42
CA GLN BF 227 -168.86 -31.05 136.40
C GLN BF 227 -168.21 -31.03 135.02
N LYS BF 228 -167.48 -29.95 134.71
CA LYS BF 228 -166.79 -29.87 133.43
C LYS BF 228 -165.71 -30.96 133.36
N ILE BF 229 -165.01 -31.18 134.47
CA ILE BF 229 -164.01 -32.24 134.52
C ILE BF 229 -164.66 -33.60 134.31
N ILE BF 230 -165.80 -33.83 134.94
CA ILE BF 230 -166.50 -35.10 134.78
C ILE BF 230 -166.98 -35.33 133.35
N ASP BF 231 -167.45 -34.26 132.69
CA ASP BF 231 -167.91 -34.39 131.31
C ASP BF 231 -166.73 -34.66 130.39
N GLU BF 232 -165.60 -33.99 130.62
CA GLU BF 232 -164.42 -34.21 129.80
C GLU BF 232 -163.86 -35.58 130.15
N MET BF 233 -164.20 -36.12 131.32
CA MET BF 233 -163.68 -37.42 131.72
C MET BF 233 -164.08 -38.51 130.74
N PHE BF 234 -165.38 -38.57 130.41
CA PHE BF 234 -165.92 -39.56 129.49
C PHE BF 234 -166.65 -38.85 128.35
N LEU BF 235 -165.99 -38.73 127.21
CA LEU BF 235 -166.58 -38.10 126.04
C LEU BF 235 -167.53 -39.06 125.33
N PHE BF 236 -168.26 -38.54 124.36
CA PHE BF 236 -169.19 -39.36 123.59
C PHE BF 236 -168.46 -40.10 122.48
N GLU BF 237 -167.36 -40.77 122.82
CA GLU BF 237 -166.63 -41.60 121.88
C GLU BF 237 -166.18 -42.93 122.47
N ASN BF 238 -166.21 -43.11 123.79
CA ASN BF 238 -165.83 -44.35 124.43
C ASN BF 238 -167.01 -45.30 124.63
N LEU BF 239 -168.20 -44.92 124.17
CA LEU BF 239 -169.37 -45.78 124.30
C LEU BF 239 -169.19 -47.09 123.54
N VAL BF 240 -168.32 -47.12 122.53
CA VAL BF 240 -168.03 -48.36 121.84
C VAL BF 240 -167.37 -49.38 122.75
N ASP BF 241 -166.67 -48.91 123.79
CA ASP BF 241 -165.99 -49.80 124.73
C ASP BF 241 -166.90 -50.25 125.87
N VAL BF 242 -168.14 -49.79 125.90
CA VAL BF 242 -169.08 -50.19 126.96
C VAL BF 242 -169.56 -51.60 126.68
N ASP BF 243 -169.79 -52.36 127.76
CA ASP BF 243 -170.25 -53.74 127.63
C ASP BF 243 -171.67 -53.79 127.08
N ASP BF 244 -171.98 -54.91 126.44
CA ASP BF 244 -173.33 -55.09 125.88
C ASP BF 244 -174.38 -55.11 126.97
N ARG BF 245 -174.09 -55.76 128.10
CA ARG BF 245 -175.03 -55.78 129.21
C ARG BF 245 -175.26 -54.37 129.76
N SER BF 246 -174.20 -53.58 129.88
CA SER BF 246 -174.36 -52.20 130.33
C SER BF 246 -175.20 -51.39 129.35
N ILE BF 247 -174.98 -51.59 128.05
CA ILE BF 247 -175.77 -50.90 127.05
C ILE BF 247 -177.25 -51.28 127.14
N GLN BF 248 -177.53 -52.57 127.32
CA GLN BF 248 -178.92 -53.01 127.46
C GLN BF 248 -179.56 -52.44 128.71
N ARG BF 249 -178.81 -52.40 129.82
CA ARG BF 249 -179.34 -51.83 131.05
C ARG BF 249 -179.63 -50.34 130.91
N LEU BF 250 -178.74 -49.61 130.23
CA LEU BF 250 -178.93 -48.18 130.05
C LEU BF 250 -180.04 -47.89 129.03
N LEU BF 251 -180.31 -48.83 128.12
CA LEU BF 251 -181.36 -48.61 127.14
C LEU BF 251 -182.74 -48.48 127.79
N GLN BF 252 -182.92 -49.07 128.98
CA GLN BF 252 -184.19 -48.99 129.68
C GLN BF 252 -184.50 -47.59 130.19
N GLU BF 253 -183.51 -46.71 130.29
CA GLU BF 253 -183.72 -45.35 130.78
C GLU BF 253 -183.44 -44.29 129.74
N VAL BF 254 -183.22 -44.67 128.48
CA VAL BF 254 -182.91 -43.72 127.41
C VAL BF 254 -184.15 -43.54 126.55
N ASP BF 255 -184.56 -42.29 126.37
CA ASP BF 255 -185.70 -42.00 125.50
C ASP BF 255 -185.36 -42.30 124.05
N SER BF 256 -186.33 -42.84 123.32
CA SER BF 256 -186.09 -43.22 121.93
C SER BF 256 -185.77 -41.99 121.08
N GLU BF 257 -186.51 -40.91 121.26
CA GLU BF 257 -186.26 -39.70 120.48
C GLU BF 257 -184.89 -39.11 120.80
N SER BF 258 -184.55 -39.01 122.09
CA SER BF 258 -183.26 -38.48 122.48
C SER BF 258 -182.12 -39.37 122.00
N LEU BF 259 -182.29 -40.68 122.12
CA LEU BF 259 -181.25 -41.59 121.64
C LEU BF 259 -181.06 -41.48 120.13
N LEU BF 260 -182.16 -41.37 119.38
CA LEU BF 260 -182.07 -41.22 117.93
C LEU BF 260 -181.39 -39.91 117.57
N ILE BF 261 -181.72 -38.83 118.27
CA ILE BF 261 -181.10 -37.54 118.01
C ILE BF 261 -179.61 -37.60 118.29
N ALA BF 262 -179.21 -38.23 119.39
CA ALA BF 262 -177.79 -38.36 119.71
C ALA BF 262 -177.06 -39.22 118.70
N LEU BF 263 -177.68 -40.32 118.25
CA LEU BF 263 -177.04 -41.24 117.33
C LEU BF 263 -177.16 -40.82 115.88
N LYS BF 264 -177.87 -39.73 115.59
CA LYS BF 264 -177.96 -39.26 114.21
C LYS BF 264 -176.59 -38.87 113.67
N GLY BF 265 -175.80 -38.17 114.47
CA GLY BF 265 -174.45 -37.79 114.10
C GLY BF 265 -173.36 -38.68 114.63
N ALA BF 266 -173.71 -39.80 115.28
CA ALA BF 266 -172.72 -40.69 115.84
C ALA BF 266 -172.09 -41.55 114.76
N GLU BF 267 -170.99 -42.22 115.10
CA GLU BF 267 -170.32 -43.10 114.16
C GLU BF 267 -171.18 -44.32 113.85
N PRO BF 268 -171.12 -44.85 112.63
CA PRO BF 268 -171.92 -46.03 112.29
C PRO BF 268 -171.58 -47.20 113.19
N PRO BF 269 -170.31 -47.37 113.56
CA PRO BF 269 -169.96 -48.45 114.50
C PRO BF 269 -170.65 -48.30 115.84
N LEU BF 270 -170.76 -47.08 116.36
CA LEU BF 270 -171.44 -46.86 117.63
C LEU BF 270 -172.93 -47.20 117.52
N ARG BF 271 -173.56 -46.80 116.40
CA ARG BF 271 -174.97 -47.12 116.20
C ARG BF 271 -175.18 -48.63 116.09
N GLU BF 272 -174.28 -49.32 115.38
CA GLU BF 272 -174.39 -50.77 115.27
C GLU BF 272 -174.21 -51.44 116.62
N LYS BF 273 -173.25 -50.98 117.42
CA LYS BF 273 -173.03 -51.55 118.74
C LYS BF 273 -174.22 -51.31 119.66
N PHE BF 274 -174.81 -50.12 119.58
CA PHE BF 274 -175.95 -49.77 120.42
C PHE BF 274 -177.26 -50.36 119.93
N LEU BF 275 -177.32 -50.86 118.70
CA LEU BF 275 -178.51 -51.48 118.15
C LEU BF 275 -178.58 -52.98 118.40
N ARG BF 276 -177.56 -53.56 119.03
CA ARG BF 276 -177.54 -54.97 119.34
C ARG BF 276 -178.08 -55.30 120.72
N ASN BF 277 -178.51 -54.28 121.48
CA ASN BF 277 -179.03 -54.49 122.82
C ASN BF 277 -180.56 -54.50 122.87
N MET BF 278 -181.24 -53.94 121.88
CA MET BF 278 -182.69 -53.91 121.86
C MET BF 278 -183.22 -55.05 120.98
N SER BF 279 -184.53 -55.10 120.79
CA SER BF 279 -185.14 -56.12 119.97
C SER BF 279 -184.89 -55.84 118.49
N GLN BF 280 -185.12 -56.88 117.67
CA GLN BF 280 -184.95 -56.72 116.22
C GLN BF 280 -185.93 -55.70 115.66
N ARG BF 281 -187.19 -55.75 116.11
CA ARG BF 281 -188.17 -54.75 115.68
C ARG BF 281 -187.77 -53.36 116.15
N ALA BF 282 -187.30 -53.25 117.40
CA ALA BF 282 -186.84 -51.96 117.90
C ALA BF 282 -185.64 -51.44 117.12
N ALA BF 283 -184.70 -52.33 116.79
CA ALA BF 283 -183.55 -51.93 115.99
C ALA BF 283 -183.97 -51.45 114.60
N ASP BF 284 -184.90 -52.17 113.97
CA ASP BF 284 -185.39 -51.76 112.66
C ASP BF 284 -186.11 -50.42 112.73
N ILE BF 285 -186.91 -50.21 113.78
CA ILE BF 285 -187.60 -48.93 113.95
C ILE BF 285 -186.61 -47.80 114.15
N LEU BF 286 -185.56 -48.03 114.96
CA LEU BF 286 -184.55 -47.00 115.17
C LEU BF 286 -183.81 -46.69 113.87
N ARG BF 287 -183.48 -47.72 113.10
CA ARG BF 287 -182.80 -47.50 111.82
C ARG BF 287 -183.68 -46.71 110.86
N ASP BF 288 -184.97 -47.05 110.80
CA ASP BF 288 -185.89 -46.32 109.93
C ASP BF 288 -186.03 -44.87 110.37
N ASP BF 289 -186.12 -44.63 111.68
CA ASP BF 289 -186.22 -43.27 112.19
C ASP BF 289 -184.96 -42.47 111.87
N LEU BF 290 -183.78 -43.10 112.02
CA LEU BF 290 -182.53 -42.41 111.71
C LEU BF 290 -182.44 -42.09 110.22
N ALA BF 291 -182.86 -43.03 109.36
CA ALA BF 291 -182.84 -42.78 107.93
C ALA BF 291 -183.80 -41.65 107.55
N ASN BF 292 -185.00 -41.65 108.17
CA ASN BF 292 -185.99 -40.64 107.85
C ASN BF 292 -185.71 -39.30 108.51
N ARG BF 293 -184.88 -39.27 109.54
CA ARG BF 293 -184.60 -38.01 110.23
C ARG BF 293 -183.70 -37.13 109.37
N GLY BF 294 -184.11 -35.87 109.20
CA GLY BF 294 -183.34 -34.92 108.44
C GLY BF 294 -182.22 -34.32 109.26
N PRO BF 295 -181.38 -33.52 108.60
CA PRO BF 295 -180.30 -32.85 109.32
C PRO BF 295 -180.84 -31.88 110.36
N VAL BF 296 -180.14 -31.82 111.50
CA VAL BF 296 -180.53 -30.96 112.61
C VAL BF 296 -179.30 -30.23 113.13
N ARG BF 297 -179.53 -29.13 113.82
CA ARG BF 297 -178.44 -28.37 114.43
C ARG BF 297 -177.78 -29.19 115.52
N LEU BF 298 -176.46 -29.07 115.64
CA LEU BF 298 -175.71 -29.84 116.62
C LEU BF 298 -175.99 -29.42 118.05
N SER BF 299 -176.64 -28.27 118.27
CA SER BF 299 -176.90 -27.82 119.62
C SER BF 299 -177.82 -28.77 120.38
N GLN BF 300 -178.88 -29.26 119.75
CA GLN BF 300 -179.79 -30.19 120.38
C GLN BF 300 -179.24 -31.61 120.45
N VAL BF 301 -178.51 -32.03 119.42
CA VAL BF 301 -177.88 -33.36 119.44
C VAL BF 301 -176.85 -33.44 120.55
N GLU BF 302 -176.09 -32.36 120.76
CA GLU BF 302 -175.12 -32.34 121.84
C GLU BF 302 -175.80 -32.43 123.20
N ASN BF 303 -176.92 -31.74 123.37
CA ASN BF 303 -177.66 -31.81 124.63
C ASN BF 303 -178.21 -33.23 124.87
N GLU BF 304 -178.73 -33.85 123.81
CA GLU BF 304 -179.24 -35.22 123.95
C GLU BF 304 -178.12 -36.19 124.30
N GLN BF 305 -176.96 -36.05 123.65
CA GLN BF 305 -175.83 -36.91 123.96
C GLN BF 305 -175.34 -36.67 125.38
N LYS BF 306 -175.36 -35.41 125.84
CA LYS BF 306 -174.97 -35.10 127.21
C LYS BF 306 -175.92 -35.75 128.21
N ALA BF 307 -177.22 -35.70 127.92
CA ALA BF 307 -178.20 -36.34 128.80
C ALA BF 307 -177.99 -37.85 128.84
N ILE BF 308 -177.74 -38.46 127.68
CA ILE BF 308 -177.51 -39.90 127.63
C ILE BF 308 -176.24 -40.27 128.41
N LEU BF 309 -175.18 -39.49 128.24
CA LEU BF 309 -173.94 -39.74 128.96
C LEU BF 309 -174.12 -39.55 130.46
N LEU BF 310 -174.90 -38.55 130.87
CA LEU BF 310 -175.18 -38.36 132.29
C LEU BF 310 -175.94 -39.55 132.86
N ILE BF 311 -176.93 -40.06 132.12
CA ILE BF 311 -177.67 -41.22 132.58
C ILE BF 311 -176.74 -42.43 132.70
N VAL BF 312 -175.88 -42.63 131.70
CA VAL BF 312 -174.96 -43.77 131.73
C VAL BF 312 -174.00 -43.65 132.91
N ARG BF 313 -173.49 -42.43 133.15
CA ARG BF 313 -172.57 -42.21 134.26
C ARG BF 313 -173.25 -42.45 135.59
N ARG BF 314 -174.51 -42.02 135.72
CA ARG BF 314 -175.26 -42.27 136.94
C ARG BF 314 -175.46 -43.76 137.16
N LEU BF 315 -175.78 -44.50 136.09
CA LEU BF 315 -175.95 -45.94 136.20
C LEU BF 315 -174.65 -46.61 136.61
N ALA BF 316 -173.53 -46.18 136.03
CA ALA BF 316 -172.23 -46.75 136.38
C ALA BF 316 -171.87 -46.45 137.83
N GLU BF 317 -172.12 -45.22 138.27
CA GLU BF 317 -171.81 -44.83 139.65
C GLU BF 317 -172.66 -45.62 140.63
N THR BF 318 -173.93 -45.86 140.28
CA THR BF 318 -174.78 -46.70 141.11
C THR BF 318 -174.22 -48.11 141.23
N GLY BF 319 -173.71 -48.65 140.13
CA GLY BF 319 -173.09 -49.97 140.13
C GLY BF 319 -173.84 -50.95 139.26
N GLU BF 320 -174.60 -50.45 138.28
CA GLU BF 320 -175.39 -51.27 137.39
C GLU BF 320 -174.89 -51.20 135.95
N MET BF 321 -173.63 -50.90 135.75
CA MET BF 321 -173.05 -50.82 134.40
C MET BF 321 -171.56 -51.14 134.51
N VAL BF 322 -170.98 -51.55 133.39
CA VAL BF 322 -169.56 -51.89 133.32
C VAL BF 322 -169.01 -51.50 131.95
N ILE BF 323 -167.70 -51.64 131.78
CA ILE BF 323 -167.05 -51.32 130.52
C ILE BF 323 -166.15 -52.47 130.10
N GLY BF 324 -165.67 -52.45 128.86
CA GLY BF 324 -164.80 -53.49 128.36
C GLY BF 324 -164.33 -53.26 126.93
N SER CF 33 -148.85 49.00 175.45
CA SER CF 33 -147.64 48.38 174.94
C SER CF 33 -147.90 46.94 174.53
N ASP CF 34 -147.72 46.64 173.24
CA ASP CF 34 -147.92 45.29 172.72
C ASP CF 34 -146.61 44.52 172.92
N ILE CF 35 -146.69 43.44 173.70
CA ILE CF 35 -145.54 42.61 173.99
C ILE CF 35 -146.00 41.16 174.11
N ARG CF 36 -145.63 40.34 173.14
CA ARG CF 36 -146.02 38.94 173.13
C ARG CF 36 -144.77 38.08 172.99
N PRO CF 37 -144.78 36.82 173.52
CA PRO CF 37 -143.58 35.95 173.48
C PRO CF 37 -143.20 35.61 172.05
N TYR CF 38 -141.90 35.46 171.81
CA TYR CF 38 -141.40 35.11 170.49
C TYR CF 38 -141.65 33.64 170.21
N ASP CF 39 -142.41 33.37 169.16
CA ASP CF 39 -142.67 32.01 168.71
C ASP CF 39 -142.00 31.79 167.36
N PRO CF 40 -141.03 30.89 167.25
CA PRO CF 40 -140.43 30.61 165.94
C PRO CF 40 -141.46 30.02 164.98
N ASN CF 41 -141.01 29.84 163.74
CA ASN CF 41 -141.77 29.29 162.61
C ASN CF 41 -143.13 29.96 162.42
N THR CF 42 -143.33 31.17 162.92
CA THR CF 42 -144.56 31.92 162.68
C THR CF 42 -144.37 32.86 161.50
N GLN CF 43 -145.42 33.01 160.70
CA GLN CF 43 -145.38 33.84 159.50
C GLN CF 43 -145.38 35.30 159.94
N ARG CF 44 -144.19 35.81 160.26
CA ARG CF 44 -144.02 37.18 160.69
C ARG CF 44 -143.35 38.08 159.65
N ARG CF 45 -142.74 37.49 158.62
CA ARG CF 45 -142.07 38.26 157.57
C ARG CF 45 -143.08 38.58 156.48
N VAL CF 46 -143.47 39.84 156.38
CA VAL CF 46 -144.42 40.31 155.37
C VAL CF 46 -143.69 41.27 154.45
N VAL CF 47 -143.63 40.93 153.16
CA VAL CF 47 -142.94 41.75 152.16
C VAL CF 47 -143.95 41.93 151.03
N ARG CF 48 -144.69 43.05 151.05
CA ARG CF 48 -145.69 43.36 150.04
C ARG CF 48 -145.09 44.39 149.10
N GLU CF 49 -145.08 44.06 147.80
CA GLU CF 49 -144.49 44.95 146.81
C GLU CF 49 -145.24 44.74 145.50
N ARG CF 50 -145.82 45.80 144.96
CA ARG CF 50 -146.48 45.73 143.67
C ARG CF 50 -145.46 45.50 142.57
N LEU CF 51 -145.79 44.58 141.66
CA LEU CF 51 -144.88 44.20 140.58
C LEU CF 51 -145.58 44.45 139.24
N GLN CF 52 -145.48 45.69 138.75
CA GLN CF 52 -146.19 46.07 137.53
C GLN CF 52 -145.63 45.33 136.31
N ALA CF 53 -144.29 45.22 136.24
CA ALA CF 53 -143.62 44.56 135.10
C ALA CF 53 -144.08 43.12 135.01
N LEU CF 54 -144.23 42.38 136.13
CA LEU CF 54 -144.81 41.05 136.14
C LEU CF 54 -146.29 41.11 135.81
N GLU CF 55 -146.97 42.17 136.24
CA GLU CF 55 -148.39 42.31 135.95
C GLU CF 55 -148.67 42.41 134.46
N ILE CF 56 -147.70 42.92 133.67
CA ILE CF 56 -147.93 43.01 132.23
C ILE CF 56 -147.36 41.77 131.54
N ILE CF 57 -146.29 41.21 132.10
CA ILE CF 57 -145.74 39.97 131.55
C ILE CF 57 -146.76 38.85 131.64
N ASN CF 58 -147.55 38.83 132.71
CA ASN CF 58 -148.58 37.81 132.85
C ASN CF 58 -149.62 37.87 131.73
N GLU CF 59 -150.11 39.06 131.39
CA GLU CF 59 -151.07 39.18 130.30
C GLU CF 59 -150.45 38.85 128.95
N ARG CF 60 -149.19 39.26 128.73
CA ARG CF 60 -148.55 38.95 127.47
C ARG CF 60 -148.43 37.42 127.33
N PHE CF 61 -147.99 36.76 128.40
CA PHE CF 61 -147.88 35.30 128.38
C PHE CF 61 -149.25 34.66 128.23
N ALA CF 62 -150.28 35.24 128.86
CA ALA CF 62 -151.62 34.67 128.75
C ALA CF 62 -152.12 34.74 127.32
N ARG CF 63 -151.89 35.86 126.64
CA ARG CF 63 -152.28 35.96 125.24
C ARG CF 63 -151.53 34.94 124.38
N GLN CF 64 -150.21 34.83 124.59
CA GLN CF 64 -149.44 33.86 123.82
C GLN CF 64 -149.92 32.44 124.07
N PHE CF 65 -150.20 32.11 125.33
CA PHE CF 65 -150.65 30.77 125.69
C PHE CF 65 -152.03 30.48 125.15
N ARG CF 66 -152.92 31.48 125.12
CA ARG CF 66 -154.22 31.28 124.50
C ARG CF 66 -154.24 30.88 123.03
N MET CF 67 -153.43 31.56 122.22
CA MET CF 67 -153.30 31.15 120.82
C MET CF 67 -152.57 29.80 120.61
N GLY CF 68 -151.64 29.52 121.52
CA GLY CF 68 -150.94 28.25 121.47
C GLY CF 68 -151.97 27.18 121.77
N LEU CF 69 -152.81 27.40 122.77
CA LEU CF 69 -153.85 26.44 123.10
C LEU CF 69 -154.87 26.33 121.96
N PHE CF 70 -155.20 27.45 121.33
CA PHE CF 70 -156.06 27.38 120.16
C PHE CF 70 -155.41 26.57 119.05
N ASN CF 71 -154.12 26.79 118.83
CA ASN CF 71 -153.41 26.04 117.79
C ASN CF 71 -153.39 24.55 118.10
N LEU CF 72 -153.29 24.17 119.37
CA LEU CF 72 -153.16 22.77 119.72
C LEU CF 72 -154.51 22.07 119.82
N LEU CF 73 -155.36 22.54 120.73
CA LEU CF 73 -156.63 21.87 121.04
C LEU CF 73 -157.68 22.05 119.95
N ARG CF 74 -157.45 22.94 118.98
CA ARG CF 74 -158.45 23.27 117.97
C ARG CF 74 -159.75 23.76 118.62
N ARG CF 75 -159.63 24.49 119.72
CA ARG CF 75 -160.76 25.07 120.42
C ARG CF 75 -160.40 26.50 120.81
N SER CF 76 -161.34 27.18 121.47
CA SER CF 76 -161.16 28.58 121.85
C SER CF 76 -161.10 28.74 123.34
N PRO CF 77 -159.93 28.70 123.96
CA PRO CF 77 -159.82 28.99 125.40
C PRO CF 77 -159.76 30.46 125.77
N ASP CF 78 -160.19 30.76 126.99
CA ASP CF 78 -160.04 32.09 127.54
C ASP CF 78 -159.28 31.96 128.86
N ILE CF 79 -158.21 32.75 128.99
CA ILE CF 79 -157.33 32.70 130.15
C ILE CF 79 -157.47 34.01 130.90
N THR CF 80 -157.89 33.92 132.16
CA THR CF 80 -158.00 35.06 133.05
C THR CF 80 -156.81 35.04 134.01
N VAL CF 81 -156.06 36.13 134.06
CA VAL CF 81 -154.90 36.21 134.93
C VAL CF 81 -155.37 36.61 136.33
N GLY CF 82 -155.04 35.80 137.32
CA GLY CF 82 -155.38 36.12 138.68
C GLY CF 82 -154.40 37.10 139.30
N ALA CF 83 -154.72 37.52 140.53
CA ALA CF 83 -153.85 38.43 141.24
C ALA CF 83 -152.55 37.72 141.64
N ILE CF 84 -151.43 38.40 141.44
CA ILE CF 84 -150.15 37.86 141.85
C ILE CF 84 -150.10 37.77 143.37
N ARG CF 85 -149.73 36.59 143.88
CA ARG CF 85 -149.67 36.35 145.31
C ARG CF 85 -148.22 36.21 145.77
N ILE CF 86 -147.82 37.04 146.72
CA ILE CF 86 -146.50 36.98 147.32
C ILE CF 86 -146.60 36.30 148.68
N GLN CF 87 -146.23 35.02 148.74
CA GLN CF 87 -146.56 34.19 149.88
C GLN CF 87 -145.43 33.26 150.23
N PRO CF 88 -145.35 32.79 151.47
CA PRO CF 88 -144.34 31.78 151.82
C PRO CF 88 -144.58 30.50 151.04
N TYR CF 89 -143.49 29.78 150.78
CA TYR CF 89 -143.58 28.60 149.93
C TYR CF 89 -144.50 27.49 150.41
N HIS CF 90 -144.58 27.30 151.73
CA HIS CF 90 -145.44 26.22 152.32
C HIS CF 90 -146.93 26.57 152.20
N GLU CF 91 -147.29 27.85 152.02
CA GLU CF 91 -148.67 28.25 151.76
C GLU CF 91 -148.98 27.81 150.34
N PHE CF 92 -148.08 28.10 149.40
CA PHE CF 92 -148.26 27.67 148.02
C PHE CF 92 -148.33 26.15 147.92
N ALA CF 93 -147.47 25.45 148.67
CA ALA CF 93 -147.47 24.00 148.62
C ALA CF 93 -148.77 23.44 149.18
N ARG CF 94 -149.26 23.98 150.30
CA ARG CF 94 -150.45 23.42 150.92
C ARG CF 94 -151.70 23.74 150.12
N ASN CF 95 -151.73 24.87 149.42
CA ASN CF 95 -152.91 25.19 148.62
C ASN CF 95 -153.01 24.29 147.39
N LEU CF 96 -151.89 23.72 146.96
CA LEU CF 96 -151.91 22.85 145.78
C LEU CF 96 -152.65 21.56 146.08
N PRO CF 97 -153.32 20.97 145.09
CA PRO CF 97 -153.95 19.67 145.27
C PRO CF 97 -152.95 18.55 145.03
N VAL CF 98 -153.39 17.34 145.36
CA VAL CF 98 -152.54 16.16 145.20
C VAL CF 98 -153.31 15.05 144.49
N PRO CF 99 -152.79 14.48 143.41
CA PRO CF 99 -151.54 14.83 142.74
C PRO CF 99 -151.74 15.99 141.77
N THR CF 100 -150.65 16.67 141.41
CA THR CF 100 -150.68 17.77 140.44
C THR CF 100 -149.36 17.72 139.71
N ASN CF 101 -149.34 17.84 138.38
CA ASN CF 101 -148.07 17.96 137.60
C ASN CF 101 -147.30 19.24 137.92
N LEU CF 102 -146.09 19.13 138.42
CA LEU CF 102 -145.18 20.27 138.72
C LEU CF 102 -144.04 20.26 137.67
N ASN CF 103 -143.67 21.37 137.05
CA ASN CF 103 -142.65 21.37 135.96
C ASN CF 103 -141.47 22.25 136.40
N LEU CF 104 -140.40 21.68 136.96
CA LEU CF 104 -139.27 22.50 137.36
C LEU CF 104 -138.64 23.11 136.11
N ILE CF 105 -138.47 24.43 136.11
CA ILE CF 105 -137.94 25.14 134.95
C ILE CF 105 -136.79 26.02 135.40
N HIS CF 106 -135.81 26.19 134.50
CA HIS CF 106 -134.65 27.02 134.75
C HIS CF 106 -134.79 28.29 133.95
N LEU CF 107 -134.85 29.43 134.63
CA LEU CF 107 -134.92 30.73 133.97
C LEU CF 107 -133.55 31.37 133.91
N LYS CF 108 -132.65 30.74 133.17
CA LYS CF 108 -131.29 31.24 133.04
C LYS CF 108 -131.29 32.60 132.34
N PRO CF 109 -130.35 33.49 132.68
CA PRO CF 109 -129.22 33.31 133.60
C PRO CF 109 -129.56 33.55 135.06
N LEU CF 110 -130.84 33.68 135.42
CA LEU CF 110 -131.21 33.88 136.81
C LEU CF 110 -131.00 32.60 137.59
N ARG CF 111 -130.20 32.67 138.65
CA ARG CF 111 -129.92 31.48 139.45
C ARG CF 111 -131.13 31.13 140.29
N GLY CF 112 -131.58 29.88 140.18
CA GLY CF 112 -132.73 29.39 140.88
C GLY CF 112 -133.50 28.42 140.01
N THR CF 113 -134.70 28.06 140.48
CA THR CF 113 -135.53 27.08 139.78
C THR CF 113 -136.99 27.44 140.01
N GLY CF 114 -137.67 27.84 138.94
CA GLY CF 114 -139.09 28.13 139.02
C GLY CF 114 -139.94 26.90 138.81
N LEU CF 115 -141.25 27.08 138.98
CA LEU CF 115 -142.19 25.98 138.93
C LEU CF 115 -143.39 26.37 138.10
N VAL CF 116 -143.83 25.46 137.23
CA VAL CF 116 -145.06 25.62 136.45
C VAL CF 116 -146.01 24.52 136.87
N VAL CF 117 -147.15 24.88 137.43
CA VAL CF 117 -148.08 23.92 138.01
C VAL CF 117 -149.29 23.81 137.11
N PHE CF 118 -149.48 22.63 136.53
CA PHE CF 118 -150.66 22.29 135.75
C PHE CF 118 -151.65 21.49 136.61
N SER CF 119 -152.85 22.03 136.77
CA SER CF 119 -153.87 21.35 137.55
C SER CF 119 -154.35 20.06 136.90
N PRO CF 120 -154.82 19.06 137.68
CA PRO CF 120 -155.40 17.81 137.09
C PRO CF 120 -156.54 18.18 136.16
N SER CF 121 -157.29 19.24 136.50
CA SER CF 121 -158.44 19.60 135.67
C SER CF 121 -157.99 20.02 134.28
N LEU CF 122 -156.93 20.82 134.19
CA LEU CF 122 -156.48 21.31 132.89
C LEU CF 122 -155.94 20.17 132.02
N VAL CF 123 -155.13 19.29 132.60
CA VAL CF 123 -154.60 18.19 131.82
C VAL CF 123 -155.71 17.22 131.43
N PHE CF 124 -156.69 17.03 132.30
CA PHE CF 124 -157.84 16.20 131.95
C PHE CF 124 -158.59 16.80 130.77
N ILE CF 125 -158.81 18.11 130.78
CA ILE CF 125 -159.51 18.78 129.69
C ILE CF 125 -158.73 18.63 128.39
N ALA CF 126 -157.41 18.84 128.46
CA ALA CF 126 -156.59 18.76 127.25
C ALA CF 126 -156.59 17.34 126.68
N VAL CF 127 -156.42 16.33 127.54
CA VAL CF 127 -156.42 14.96 127.06
C VAL CF 127 -157.79 14.59 126.49
N ASP CF 128 -158.85 15.03 127.14
CA ASP CF 128 -160.19 14.75 126.65
C ASP CF 128 -160.41 15.38 125.27
N ASN CF 129 -159.98 16.63 125.10
CA ASN CF 129 -160.17 17.29 123.81
C ASN CF 129 -159.32 16.64 122.73
N LEU CF 130 -158.07 16.28 123.04
CA LEU CF 130 -157.21 15.68 122.02
C LEU CF 130 -157.74 14.32 121.58
N PHE CF 131 -158.19 13.50 122.53
CA PHE CF 131 -158.55 12.11 122.24
C PHE CF 131 -160.07 11.98 122.05
N GLY CF 132 -160.57 12.67 121.02
CA GLY CF 132 -161.94 12.49 120.59
C GLY CF 132 -163.00 12.76 121.64
N GLY CF 133 -162.86 13.86 122.37
CA GLY CF 133 -163.86 14.20 123.36
C GLY CF 133 -164.33 15.64 123.29
N ASP CF 134 -165.64 15.83 123.21
CA ASP CF 134 -166.22 17.20 123.15
C ASP CF 134 -166.51 17.70 124.58
N GLY CF 135 -165.81 17.15 125.57
CA GLY CF 135 -166.01 17.59 126.94
C GLY CF 135 -167.47 17.51 127.34
N ARG CF 136 -168.20 16.52 126.83
CA ARG CF 136 -169.59 16.32 127.25
C ARG CF 136 -169.71 15.91 128.72
N PHE CF 137 -168.97 14.85 129.09
CA PHE CF 137 -168.99 14.40 130.47
C PHE CF 137 -168.20 15.29 131.43
N PRO CF 138 -168.64 15.37 132.69
CA PRO CF 138 -167.89 16.18 133.67
C PRO CF 138 -166.51 15.59 133.93
N THR CF 139 -165.56 16.47 134.23
CA THR CF 139 -164.23 16.02 134.59
C THR CF 139 -164.25 15.38 135.98
N LYS CF 140 -163.69 14.18 136.09
CA LYS CF 140 -163.63 13.45 137.34
C LYS CF 140 -162.16 13.20 137.70
N VAL CF 141 -161.75 13.70 138.87
CA VAL CF 141 -160.40 13.49 139.38
C VAL CF 141 -160.52 12.92 140.78
N GLU CF 142 -159.90 11.76 141.00
CA GLU CF 142 -159.97 11.05 142.28
C GLU CF 142 -158.58 10.61 142.70
N GLY CF 143 -157.60 11.50 142.61
CA GLY CF 143 -156.24 11.14 142.97
C GLY CF 143 -155.53 10.29 141.95
N ARG CF 144 -156.08 10.20 140.74
CA ARG CF 144 -155.47 9.39 139.69
C ARG CF 144 -154.17 10.02 139.23
N GLU CF 145 -153.15 9.19 139.02
CA GLU CF 145 -151.85 9.67 138.58
C GLU CF 145 -151.85 9.91 137.08
N PHE CF 146 -150.67 10.23 136.55
CA PHE CF 146 -150.50 10.58 135.15
C PHE CF 146 -149.71 9.48 134.44
N THR CF 147 -150.26 8.96 133.35
CA THR CF 147 -149.58 7.92 132.59
C THR CF 147 -148.55 8.56 131.65
N HIS CF 148 -147.88 7.71 130.88
CA HIS CF 148 -146.86 8.21 129.96
C HIS CF 148 -147.48 9.04 128.85
N THR CF 149 -148.65 8.62 128.34
CA THR CF 149 -149.34 9.40 127.32
C THR CF 149 -149.77 10.76 127.87
N GLU CF 150 -150.32 10.77 129.09
CA GLU CF 150 -150.67 12.03 129.73
C GLU CF 150 -149.44 12.90 129.93
N GLN CF 151 -148.33 12.29 130.33
CA GLN CF 151 -147.09 13.04 130.51
C GLN CF 151 -146.61 13.65 129.20
N ARG CF 152 -146.76 12.91 128.10
CA ARG CF 152 -146.35 13.44 126.80
C ARG CF 152 -147.25 14.59 126.37
N VAL CF 153 -148.56 14.46 126.62
CA VAL CF 153 -149.47 15.57 126.33
C VAL CF 153 -149.12 16.80 127.14
N ILE CF 154 -148.78 16.61 128.42
CA ILE CF 154 -148.40 17.73 129.27
C ILE CF 154 -147.09 18.35 128.79
N ASN CF 155 -146.15 17.52 128.32
CA ASN CF 155 -144.92 18.05 127.77
C ASN CF 155 -145.21 18.89 126.54
N ARG CF 156 -146.12 18.42 125.69
CA ARG CF 156 -146.48 19.18 124.49
C ARG CF 156 -147.11 20.52 124.87
N MET CF 157 -147.99 20.53 125.87
CA MET CF 157 -148.58 21.78 126.33
C MET CF 157 -147.51 22.69 126.95
N LEU CF 158 -146.63 22.11 127.75
CA LEU CF 158 -145.63 22.91 128.46
C LEU CF 158 -144.61 23.51 127.50
N LYS CF 159 -144.38 22.87 126.35
CA LYS CF 159 -143.52 23.49 125.36
C LYS CF 159 -144.09 24.82 124.90
N LEU CF 160 -145.39 24.84 124.58
CA LEU CF 160 -146.04 26.10 124.20
C LEU CF 160 -146.05 27.08 125.37
N ALA CF 161 -146.30 26.59 126.58
CA ALA CF 161 -146.33 27.49 127.74
C ALA CF 161 -144.98 28.15 127.96
N LEU CF 162 -143.90 27.37 127.86
CA LEU CF 162 -142.57 27.92 128.06
C LEU CF 162 -142.18 28.86 126.93
N GLU CF 163 -142.55 28.54 125.69
CA GLU CF 163 -142.28 29.46 124.59
C GLU CF 163 -142.99 30.79 124.80
N GLY CF 164 -144.26 30.73 125.20
CA GLY CF 164 -144.99 31.96 125.46
C GLY CF 164 -144.40 32.77 126.60
N TYR CF 165 -144.01 32.10 127.68
CA TYR CF 165 -143.42 32.79 128.80
C TYR CF 165 -142.09 33.44 128.43
N SER CF 166 -141.25 32.72 127.67
CA SER CF 166 -139.98 33.29 127.23
C SER CF 166 -140.20 34.50 126.33
N ASP CF 167 -141.16 34.41 125.41
CA ASP CF 167 -141.46 35.52 124.53
C ASP CF 167 -141.96 36.73 125.33
N ALA CF 168 -142.82 36.48 126.32
CA ALA CF 168 -143.32 37.57 127.15
C ALA CF 168 -142.18 38.22 127.94
N TRP CF 169 -141.26 37.43 128.48
CA TRP CF 169 -140.15 37.99 129.24
C TRP CF 169 -139.20 38.70 128.28
N LYS CF 170 -139.14 38.23 127.02
CA LYS CF 170 -138.19 38.79 126.06
C LYS CF 170 -138.35 40.30 125.92
N ALA CF 171 -139.58 40.81 126.02
CA ALA CF 171 -139.80 42.25 125.93
C ALA CF 171 -139.06 43.09 126.97
N ILE CF 172 -139.01 42.62 128.22
CA ILE CF 172 -138.38 43.38 129.29
C ILE CF 172 -136.95 42.88 129.49
N ASN CF 173 -136.79 41.61 129.81
CA ASN CF 173 -135.46 41.04 130.01
C ASN CF 173 -135.36 39.72 129.28
N PRO CF 174 -134.47 39.59 128.30
CA PRO CF 174 -134.40 38.34 127.51
C PRO CF 174 -133.91 37.18 128.35
N LEU CF 175 -134.79 36.19 128.57
CA LEU CF 175 -134.47 35.00 129.33
C LEU CF 175 -134.76 33.78 128.48
N GLU CF 176 -134.01 32.71 128.75
CA GLU CF 176 -134.24 31.42 128.12
C GLU CF 176 -134.80 30.45 129.15
N VAL CF 177 -135.89 29.78 128.78
CA VAL CF 177 -136.64 28.92 129.68
C VAL CF 177 -136.35 27.48 129.30
N GLU CF 178 -135.84 26.71 130.26
CA GLU CF 178 -135.52 25.31 130.04
C GLU CF 178 -136.31 24.44 131.00
N TYR CF 179 -136.96 23.41 130.45
CA TYR CF 179 -137.69 22.44 131.24
C TYR CF 179 -136.74 21.31 131.62
N VAL CF 180 -136.57 21.07 132.91
CA VAL CF 180 -135.56 20.15 133.41
C VAL CF 180 -136.18 18.87 133.95
N ARG CF 181 -137.36 18.94 134.56
CA ARG CF 181 -137.90 17.79 135.24
C ARG CF 181 -139.38 18.01 135.52
N SER CF 182 -140.13 16.92 135.57
CA SER CF 182 -141.53 16.96 135.93
C SER CF 182 -141.76 15.97 137.06
N GLU CF 183 -142.65 16.33 137.97
CA GLU CF 183 -142.95 15.53 139.14
C GLU CF 183 -144.43 15.61 139.41
N MET CF 184 -144.93 14.73 140.27
CA MET CF 184 -146.35 14.66 140.60
C MET CF 184 -146.69 14.99 142.04
N GLN CF 185 -145.75 14.78 142.96
CA GLN CF 185 -145.95 15.11 144.36
C GLN CF 185 -145.33 16.47 144.66
N VAL CF 186 -145.61 16.98 145.85
CA VAL CF 186 -145.10 18.29 146.25
C VAL CF 186 -143.74 18.19 146.93
N LYS CF 187 -143.45 17.08 147.60
CA LYS CF 187 -142.22 16.96 148.37
C LYS CF 187 -140.99 16.68 147.51
N PHE CF 188 -141.17 16.45 146.21
CA PHE CF 188 -140.03 16.22 145.32
C PHE CF 188 -139.38 17.47 144.76
N THR CF 189 -140.04 18.62 144.83
CA THR CF 189 -139.51 19.83 144.19
C THR CF 189 -138.52 20.58 145.08
N ASN CF 190 -139.01 21.05 146.23
CA ASN CF 190 -138.21 21.82 147.19
C ASN CF 190 -137.25 22.79 146.48
N ILE CF 191 -137.84 23.78 145.80
CA ILE CF 191 -137.06 24.82 145.06
C ILE CF 191 -136.70 25.95 146.05
N THR CF 192 -137.18 25.89 147.30
CA THR CF 192 -136.90 26.89 148.34
C THR CF 192 -136.05 26.26 149.42
N THR CF 193 -134.94 26.89 149.81
CA THR CF 193 -134.00 26.36 150.82
C THR CF 193 -134.78 26.01 152.07
N SER CF 194 -135.74 26.86 152.46
CA SER CF 194 -136.59 26.62 153.61
C SER CF 194 -138.05 26.80 153.22
N PRO CF 195 -138.96 26.09 153.89
CA PRO CF 195 -140.39 26.25 153.57
C PRO CF 195 -140.95 27.63 153.87
N ASN CF 196 -140.26 28.43 154.68
CA ASN CF 196 -140.71 29.77 155.00
C ASN CF 196 -140.20 30.81 154.03
N ASP CF 197 -139.48 30.41 152.98
CA ASP CF 197 -139.02 31.35 151.98
C ASP CF 197 -140.21 31.91 151.20
N ILE CF 198 -140.01 33.09 150.65
CA ILE CF 198 -141.09 33.84 150.00
C ILE CF 198 -141.01 33.61 148.50
N VAL CF 199 -142.16 33.31 147.88
CA VAL CF 199 -142.24 33.06 146.45
C VAL CF 199 -143.38 33.90 145.87
N VAL CF 200 -143.29 34.12 144.57
CA VAL CF 200 -144.26 34.90 143.81
C VAL CF 200 -145.13 34.00 142.96
N ASN CF 201 -146.43 33.94 143.28
CA ASN CF 201 -147.34 33.01 142.57
C ASN CF 201 -148.37 33.74 141.69
N THR CF 202 -148.48 33.33 140.42
CA THR CF 202 -149.48 33.86 139.49
C THR CF 202 -150.40 32.74 139.07
N PRO CF 203 -151.65 32.71 139.53
CA PRO CF 203 -152.62 31.71 139.05
C PRO CF 203 -153.38 32.23 137.85
N PHE CF 204 -153.44 31.41 136.79
CA PHE CF 204 -154.27 31.68 135.63
C PHE CF 204 -155.42 30.68 135.60
N HIS CF 205 -156.58 31.14 135.14
CA HIS CF 205 -157.74 30.28 134.98
C HIS CF 205 -158.05 30.15 133.50
N VAL CF 206 -158.05 28.92 133.00
CA VAL CF 206 -158.29 28.63 131.59
C VAL CF 206 -159.65 27.96 131.48
N GLU CF 207 -160.54 28.55 130.70
CA GLU CF 207 -161.87 27.99 130.47
C GLU CF 207 -162.01 27.58 129.01
N ILE CF 208 -162.47 26.35 128.80
CA ILE CF 208 -162.78 25.83 127.46
C ILE CF 208 -164.22 25.37 127.48
N GLY CF 209 -165.06 26.01 126.67
CA GLY CF 209 -166.48 25.71 126.72
C GLY CF 209 -167.01 25.92 128.13
N ASN CF 210 -167.72 24.92 128.63
CA ASN CF 210 -168.19 24.97 130.01
C ASN CF 210 -167.12 24.50 130.99
N LEU CF 211 -166.15 23.72 130.53
CA LEU CF 211 -165.12 23.18 131.41
C LEU CF 211 -164.13 24.27 131.80
N THR CF 212 -163.59 24.13 133.01
CA THR CF 212 -162.64 25.10 133.54
C THR CF 212 -161.48 24.37 134.21
N GLY CF 213 -160.35 25.07 134.28
CA GLY CF 213 -159.19 24.58 134.99
C GLY CF 213 -158.28 25.73 135.33
N GLU CF 214 -157.21 25.46 136.04
CA GLU CF 214 -156.29 26.50 136.44
C GLU CF 214 -154.87 25.99 136.40
N PHE CF 215 -153.93 26.93 136.30
CA PHE CF 215 -152.51 26.58 136.34
C PHE CF 215 -151.73 27.77 136.87
N ASN CF 216 -150.70 27.50 137.66
CA ASN CF 216 -149.95 28.53 138.34
C ASN CF 216 -148.51 28.59 137.82
N ILE CF 217 -147.92 29.77 137.97
CA ILE CF 217 -146.49 29.94 137.71
C ILE CF 217 -145.85 30.54 138.95
N CYS CF 218 -144.95 29.80 139.58
CA CYS CF 218 -144.35 30.21 140.84
C CYS CF 218 -142.85 30.41 140.67
N LEU CF 219 -142.36 31.57 141.08
CA LEU CF 219 -140.95 31.90 141.01
C LEU CF 219 -140.43 32.22 142.40
N PRO CF 220 -139.36 31.58 142.85
CA PRO CF 220 -138.78 31.96 144.14
C PRO CF 220 -138.27 33.40 144.08
N PHE CF 221 -138.43 34.11 145.20
CA PHE CF 221 -138.04 35.52 145.23
C PHE CF 221 -136.54 35.71 145.05
N SER CF 222 -135.74 34.68 145.25
CA SER CF 222 -134.30 34.81 145.05
C SER CF 222 -133.99 35.12 143.59
N MET CF 223 -134.70 34.47 142.66
CA MET CF 223 -134.49 34.74 141.24
C MET CF 223 -134.89 36.16 140.89
N ILE CF 224 -136.01 36.64 141.44
CA ILE CF 224 -136.53 37.95 141.09
C ILE CF 224 -135.71 39.06 141.72
N GLU CF 225 -135.09 38.80 142.87
CA GLU CF 225 -134.43 39.85 143.64
C GLU CF 225 -133.42 40.68 142.85
N PRO CF 226 -132.54 40.12 142.02
CA PRO CF 226 -131.65 40.97 141.22
C PRO CF 226 -132.40 41.86 140.23
N LEU CF 227 -133.64 41.53 139.90
CA LEU CF 227 -134.44 42.30 138.96
C LEU CF 227 -135.59 43.05 139.61
N ARG CF 228 -135.49 43.36 140.90
CA ARG CF 228 -136.61 43.98 141.61
C ARG CF 228 -136.90 45.39 141.10
N GLU CF 229 -135.85 46.19 140.90
CA GLU CF 229 -136.04 47.56 140.43
C GLU CF 229 -136.61 47.53 139.02
N LEU CF 230 -136.33 46.49 138.25
CA LEU CF 230 -136.91 46.36 136.93
C LEU CF 230 -138.36 45.91 137.00
N LEU CF 231 -138.66 45.00 137.93
CA LEU CF 231 -140.02 44.39 138.02
C LEU CF 231 -140.98 45.28 138.83
N VAL CF 232 -140.46 46.28 139.55
CA VAL CF 232 -141.30 47.13 140.43
C VAL CF 232 -141.95 48.23 139.58
N ASN CF 233 -141.18 49.08 138.90
CA ASN CF 233 -141.79 50.21 138.19
C ASN CF 233 -142.42 49.74 136.89
N PRO CF 234 -143.55 50.31 136.50
CA PRO CF 234 -144.17 49.96 135.22
C PRO CF 234 -143.24 50.30 134.07
N PRO CF 235 -143.22 49.48 133.02
CA PRO CF 235 -142.27 49.72 131.92
C PRO CF 235 -142.59 51.00 131.18
N LEU CF 236 -141.55 51.65 130.67
CA LEU CF 236 -141.68 52.87 129.90
C LEU CF 236 -141.22 52.65 128.47
N GLU CF 237 -141.84 53.37 127.54
CA GLU CF 237 -141.52 53.25 126.12
C GLU CF 237 -140.20 53.96 125.85
N ASN CF 238 -139.11 53.22 126.07
CA ASN CF 238 -137.76 53.75 125.87
C ASN CF 238 -136.96 52.69 125.12
N SER CF 239 -135.65 52.92 125.02
CA SER CF 239 -134.76 51.99 124.34
C SER CF 239 -133.57 51.69 125.24
N ARG CF 240 -132.88 50.59 124.94
CA ARG CF 240 -131.70 50.22 125.70
C ARG CF 240 -130.62 51.29 125.59
N HIS CF 241 -130.50 51.91 124.41
CA HIS CF 241 -129.58 53.03 124.25
C HIS CF 241 -129.95 54.18 125.17
N GLU CF 242 -131.24 54.50 125.23
CA GLU CF 242 -131.69 55.57 126.12
C GLU CF 242 -131.45 55.24 127.58
N ASP CF 243 -131.68 53.98 127.96
CA ASP CF 243 -131.47 53.56 129.35
C ASP CF 243 -129.99 53.66 129.73
N GLN CF 244 -129.10 53.16 128.86
CA GLN CF 244 -127.67 53.26 129.17
C GLN CF 244 -127.19 54.70 129.16
N ASN CF 245 -127.76 55.53 128.29
CA ASN CF 245 -127.43 56.96 128.32
C ASN CF 245 -127.88 57.60 129.63
N TRP CF 246 -129.07 57.22 130.11
CA TRP CF 246 -129.54 57.72 131.39
C TRP CF 246 -128.67 57.55 132.62
N ARG CF 247 -128.24 56.29 132.86
CA ARG CF 247 -127.37 56.01 134.03
C ARG CF 247 -125.98 56.60 133.76
N ASP CF 248 -125.57 56.65 132.50
CA ASP CF 248 -124.25 57.26 132.15
C ASP CF 248 -124.25 58.71 132.62
N ASN CF 249 -125.26 59.48 132.24
CA ASN CF 249 -125.36 60.91 132.65
C ASN CF 249 -125.48 60.98 134.17
N LEU CF 250 -126.30 60.11 134.76
CA LEU CF 250 -126.47 60.08 136.23
C LEU CF 250 -125.11 59.79 136.88
N VAL CF 251 -124.38 58.79 136.36
CA VAL CF 251 -123.04 58.45 136.88
C VAL CF 251 -122.18 59.73 136.83
N ARG CF 252 -122.19 60.42 135.69
CA ARG CF 252 -121.40 61.64 135.57
C ARG CF 252 -121.88 62.71 136.54
N GLN CF 253 -123.19 62.79 136.77
CA GLN CF 253 -123.71 63.76 137.74
C GLN CF 253 -123.29 63.39 139.15
N VAL CF 254 -123.19 62.10 139.46
CA VAL CF 254 -122.85 61.67 140.82
C VAL CF 254 -121.41 62.06 141.15
N GLN CF 255 -120.52 62.03 140.15
CA GLN CF 255 -119.10 62.27 140.41
C GLN CF 255 -118.85 63.62 141.09
N HIS CF 256 -119.69 64.60 140.81
CA HIS CF 256 -119.55 65.92 141.44
C HIS CF 256 -120.32 65.98 142.75
N SER CF 257 -119.99 65.06 143.68
CA SER CF 257 -120.60 65.02 145.03
C SER CF 257 -119.48 64.85 146.07
N GLU CF 258 -119.26 65.85 146.92
CA GLU CF 258 -118.18 65.80 147.95
C GLU CF 258 -118.46 64.70 148.96
N LEU CF 259 -117.41 64.00 149.43
CA LEU CF 259 -117.54 62.92 150.45
C LEU CF 259 -116.79 63.32 151.70
N GLU CF 260 -116.92 62.55 152.79
CA GLU CF 260 -116.13 62.75 154.00
C GLU CF 260 -115.24 61.54 154.21
N LEU CF 261 -113.93 61.73 154.09
CA LEU CF 261 -112.97 60.65 154.23
C LEU CF 261 -112.26 60.77 155.57
N VAL CF 262 -112.21 59.67 156.31
CA VAL CF 262 -111.65 59.63 157.65
C VAL CF 262 -110.50 58.65 157.70
N ALA CF 263 -109.35 59.09 158.19
CA ALA CF 263 -108.17 58.25 158.31
C ALA CF 263 -108.02 57.79 159.76
N ASN CF 264 -107.84 56.49 159.96
CA ASN CF 264 -107.66 55.92 161.28
C ASN CF 264 -106.19 55.60 161.47
N PHE CF 265 -105.54 56.32 162.40
CA PHE CF 265 -104.09 56.15 162.70
C PHE CF 265 -103.87 54.89 163.56
N ALA CF 266 -104.65 54.71 164.63
CA ALA CF 266 -104.52 53.57 165.55
C ALA CF 266 -105.86 53.19 166.19
N ASP CF 267 -106.00 51.97 166.73
CA ASP CF 267 -107.20 51.53 167.44
C ASP CF 267 -106.76 50.76 168.67
N ILE CF 268 -106.78 51.40 169.83
CA ILE CF 268 -106.26 50.83 171.07
C ILE CF 268 -107.43 50.35 171.91
N PRO CF 269 -107.39 49.12 172.49
CA PRO CF 269 -108.51 48.58 173.31
C PRO CF 269 -108.31 48.86 174.80
N LEU CF 270 -109.15 49.72 175.39
CA LEU CF 270 -109.08 50.01 176.83
C LEU CF 270 -110.38 49.64 177.53
N ARG CF 271 -110.31 49.26 178.80
CA ARG CF 271 -111.53 48.95 179.60
C ARG CF 271 -112.19 50.27 180.01
N LEU CF 272 -113.46 50.20 180.40
CA LEU CF 272 -114.18 51.41 180.88
C LEU CF 272 -113.44 51.98 182.11
N SER CF 273 -112.91 51.09 182.95
CA SER CF 273 -112.24 51.56 184.19
C SER CF 273 -111.06 52.45 183.83
N GLN CF 274 -110.31 52.08 182.80
CA GLN CF 274 -109.18 52.94 182.39
C GLN CF 274 -109.76 54.29 181.93
N ILE CF 275 -110.87 54.28 181.20
CA ILE CF 275 -111.38 55.58 180.65
C ILE CF 275 -111.75 56.59 181.74
N LEU CF 276 -112.45 56.16 182.80
CA LEU CF 276 -112.74 57.10 183.91
C LEU CF 276 -111.55 57.68 184.70
N LYS CF 277 -110.55 56.84 184.98
CA LYS CF 277 -109.29 57.30 185.62
C LYS CF 277 -108.38 58.06 184.59
N LEU CF 278 -108.75 57.87 183.32
CA LEU CF 278 -107.94 58.47 182.23
C LEU CF 278 -108.10 59.95 182.54
N LYS CF 279 -106.98 60.67 182.53
CA LYS CF 279 -106.95 62.12 182.78
C LYS CF 279 -105.79 62.69 181.96
N PRO CF 280 -105.73 63.99 181.64
CA PRO CF 280 -104.66 64.54 180.74
C PRO CF 280 -103.26 64.20 181.24
N GLY CF 281 -102.30 63.97 180.34
CA GLY CF 281 -100.92 63.65 180.65
C GLY CF 281 -100.57 62.19 180.58
N ASP CF 282 -101.56 61.31 180.52
CA ASP CF 282 -101.30 59.88 180.46
C ASP CF 282 -100.77 59.49 179.08
N VAL CF 283 -100.11 58.34 179.01
CA VAL CF 283 -99.61 57.79 177.77
C VAL CF 283 -100.21 56.41 177.57
N LEU CF 284 -100.89 56.23 176.45
CA LEU CF 284 -101.51 54.95 176.11
C LEU CF 284 -100.73 54.31 174.97
N PRO CF 285 -100.08 53.17 175.18
CA PRO CF 285 -99.17 52.64 174.16
C PRO CF 285 -99.94 52.14 172.94
N ILE CF 286 -99.37 52.38 171.77
CA ILE CF 286 -99.94 51.94 170.50
C ILE CF 286 -98.85 51.20 169.72
N GLU CF 287 -99.30 50.42 168.76
CA GLU CF 287 -98.41 49.60 167.94
C GLU CF 287 -98.06 50.35 166.65
N LYS CF 288 -97.14 49.77 165.88
CA LYS CF 288 -96.75 50.35 164.61
C LYS CF 288 -97.89 50.27 163.61
N PRO CF 289 -98.38 51.39 163.09
CA PRO CF 289 -99.26 51.33 161.92
C PRO CF 289 -98.45 51.24 160.62
N ASP CF 290 -98.41 50.05 160.01
CA ASP CF 290 -97.70 49.90 158.71
C ASP CF 290 -98.49 50.67 157.64
N ARG CF 291 -99.82 50.55 157.67
CA ARG CF 291 -100.67 51.24 156.72
C ARG CF 291 -101.85 51.87 157.44
N ILE CF 292 -102.37 52.94 156.86
CA ILE CF 292 -103.47 53.71 157.44
C ILE CF 292 -104.76 53.55 156.65
N ILE CF 293 -105.78 53.01 157.30
CA ILE CF 293 -107.07 52.81 156.66
C ILE CF 293 -107.89 54.10 156.58
N ALA CF 294 -108.40 54.40 155.40
CA ALA CF 294 -109.23 55.57 155.16
C ALA CF 294 -110.61 55.06 154.75
N HIS CF 295 -111.62 55.47 155.51
CA HIS CF 295 -112.98 54.98 155.37
C HIS CF 295 -113.94 56.15 155.26
N VAL CF 296 -115.03 55.93 154.53
CA VAL CF 296 -116.11 56.91 154.39
C VAL CF 296 -117.32 56.36 155.11
N ASP CF 297 -117.71 56.98 156.21
CA ASP CF 297 -118.87 56.56 157.00
C ASP CF 297 -118.77 55.10 157.41
N GLY CF 298 -117.56 54.65 157.73
CA GLY CF 298 -117.35 53.29 158.17
C GLY CF 298 -116.71 52.40 157.13
N VAL CF 299 -117.13 52.53 155.87
CA VAL CF 299 -116.66 51.64 154.82
C VAL CF 299 -115.24 52.04 154.41
N PRO CF 300 -114.27 51.13 154.54
CA PRO CF 300 -112.88 51.50 154.20
C PRO CF 300 -112.70 51.61 152.69
N VAL CF 301 -111.98 52.63 152.27
CA VAL CF 301 -111.82 52.93 150.85
C VAL CF 301 -110.34 52.90 150.45
N LEU CF 302 -109.45 53.24 151.38
CA LEU CF 302 -108.06 53.45 151.03
C LEU CF 302 -107.25 52.85 152.18
N THR CF 303 -106.03 52.43 151.86
CA THR CF 303 -104.97 52.21 152.85
C THR CF 303 -103.77 52.95 152.30
N SER CF 304 -103.16 53.80 153.13
CA SER CF 304 -102.16 54.74 152.67
C SER CF 304 -101.28 55.02 153.87
N GLN CF 305 -100.02 55.39 153.59
CA GLN CF 305 -98.99 55.55 154.62
C GLN CF 305 -99.13 56.99 155.07
N TYR CF 306 -98.97 57.21 156.37
CA TYR CF 306 -99.12 58.55 156.92
C TYR CF 306 -97.88 59.40 156.59
N GLY CF 307 -98.07 60.71 156.66
CA GLY CF 307 -96.99 61.63 156.40
C GLY CF 307 -97.42 63.06 156.67
N THR CF 308 -96.47 63.97 156.52
CA THR CF 308 -96.71 65.40 156.71
C THR CF 308 -96.24 66.13 155.46
N VAL CF 309 -97.13 66.91 154.86
CA VAL CF 309 -96.81 67.68 153.66
C VAL CF 309 -97.43 69.07 153.80
N ASN CF 310 -96.63 70.11 153.55
CA ASN CF 310 -97.09 71.50 153.58
C ASN CF 310 -97.72 71.85 154.94
N GLY CF 311 -97.15 71.31 156.01
CA GLY CF 311 -97.71 71.53 157.33
C GLY CF 311 -99.02 70.82 157.57
N GLN CF 312 -99.45 69.96 156.66
CA GLN CF 312 -100.71 69.25 156.78
C GLN CF 312 -100.45 67.76 156.97
N TYR CF 313 -101.32 67.11 157.74
CA TYR CF 313 -101.27 65.66 157.85
C TYR CF 313 -101.61 65.05 156.50
N ALA CF 314 -100.67 64.32 155.91
CA ALA CF 314 -100.83 63.81 154.57
C ALA CF 314 -100.83 62.29 154.58
N LEU CF 315 -101.39 61.71 153.51
CA LEU CF 315 -101.39 60.27 153.32
C LEU CF 315 -100.91 59.96 151.92
N ARG CF 316 -99.94 59.06 151.82
CA ARG CF 316 -99.43 58.59 150.53
C ARG CF 316 -100.23 57.35 150.15
N VAL CF 317 -101.14 57.52 149.18
CA VAL CF 317 -102.07 56.46 148.84
C VAL CF 317 -101.30 55.25 148.30
N GLU CF 318 -101.52 54.11 148.90
CA GLU CF 318 -100.90 52.87 148.44
C GLU CF 318 -101.83 51.95 147.68
N HIS CF 319 -103.11 51.84 148.07
CA HIS CF 319 -103.99 50.84 147.43
C HIS CF 319 -105.48 51.16 147.62
N LEU CF 320 -106.22 51.29 146.53
CA LEU CF 320 -107.67 51.42 146.59
C LEU CF 320 -108.28 50.06 146.87
N ILE CF 321 -109.14 49.99 147.89
CA ILE CF 321 -109.66 48.70 148.33
C ILE CF 321 -110.76 48.23 147.40
N ASN CF 322 -110.39 47.48 146.37
CA ASN CF 322 -111.37 46.90 145.47
C ASN CF 322 -111.99 45.65 146.11
N PRO CF 323 -113.24 45.33 145.76
CA PRO CF 323 -113.89 44.13 146.29
C PRO CF 323 -113.63 42.90 145.42
N GLN DF 52 -129.60 51.97 189.24
CA GLN DF 52 -128.40 52.77 189.03
C GLN DF 52 -127.18 52.07 189.62
N ASP DF 53 -126.69 51.07 188.90
CA ASP DF 53 -125.54 50.28 189.33
C ASP DF 53 -124.25 50.88 188.80
N ILE DF 54 -123.14 50.54 189.43
CA ILE DF 54 -121.86 51.12 189.05
C ILE DF 54 -120.85 50.02 188.76
N ASP DF 55 -120.73 49.02 189.64
CA ASP DF 55 -119.82 47.88 189.41
C ASP DF 55 -120.32 47.04 188.24
N LEU DF 56 -121.60 47.17 187.88
CA LEU DF 56 -122.21 46.35 186.81
C LEU DF 56 -121.51 46.62 185.47
N ILE DF 57 -121.21 47.89 185.16
CA ILE DF 57 -120.59 48.28 183.86
C ILE DF 57 -119.17 48.80 184.13
N MET DF 58 -118.62 48.56 185.32
CA MET DF 58 -117.31 49.08 185.68
C MET DF 58 -116.20 48.38 184.87
N ASP DF 59 -116.53 47.26 184.24
CA ASP DF 59 -115.53 46.41 183.58
C ASP DF 59 -115.76 46.26 182.07
N ILE DF 60 -116.80 46.86 181.52
CA ILE DF 60 -117.12 46.69 180.10
C ILE DF 60 -116.01 47.26 179.25
N PRO DF 61 -115.54 46.57 178.21
CA PRO DF 61 -114.48 47.12 177.37
C PRO DF 61 -115.02 48.06 176.31
N VAL DF 62 -114.18 49.02 175.92
CA VAL DF 62 -114.52 49.99 174.89
C VAL DF 62 -113.28 49.98 174.01
N LYS DF 63 -113.48 50.38 172.75
CA LYS DF 63 -112.39 50.47 171.75
C LYS DF 63 -112.19 51.95 171.44
N LEU DF 64 -110.96 52.44 171.47
CA LEU DF 64 -110.66 53.85 171.26
C LEU DF 64 -109.92 53.98 169.93
N THR DF 65 -110.34 54.96 169.13
CA THR DF 65 -109.72 55.21 167.83
C THR DF 65 -109.16 56.62 167.82
N VAL DF 66 -108.10 56.81 167.05
CA VAL DF 66 -107.47 58.11 166.86
C VAL DF 66 -107.33 58.40 165.37
N GLU DF 67 -107.55 59.65 164.98
CA GLU DF 67 -107.57 60.02 163.58
C GLU DF 67 -106.34 60.77 163.14
N LEU DF 68 -106.01 60.72 161.86
CA LEU DF 68 -105.00 61.63 161.32
C LEU DF 68 -105.68 62.99 161.13
N GLY DF 69 -106.82 63.00 160.45
CA GLY DF 69 -107.54 64.24 160.25
C GLY DF 69 -108.74 64.05 159.35
N ARG DF 70 -109.59 65.07 159.33
CA ARG DF 70 -110.73 65.14 158.44
C ARG DF 70 -110.24 65.56 157.07
N THR DF 71 -111.07 65.33 156.05
CA THR DF 71 -110.91 65.92 154.74
C THR DF 71 -112.19 65.55 154.04
N ARG DF 72 -112.60 66.37 153.07
CA ARG DF 72 -113.82 66.18 152.32
C ARG DF 72 -113.42 66.33 150.86
N MET DF 73 -113.65 65.28 150.06
CA MET DF 73 -113.10 65.21 148.73
C MET DF 73 -114.12 64.39 147.96
N THR DF 74 -114.40 64.78 146.71
CA THR DF 74 -115.53 64.20 145.94
C THR DF 74 -115.18 62.90 145.29
N ILE DF 75 -116.15 62.30 144.60
CA ILE DF 75 -115.96 61.00 143.91
C ILE DF 75 -114.89 61.18 142.83
N LYS DF 76 -114.86 62.31 142.12
CA LYS DF 76 -113.89 62.54 141.02
C LYS DF 76 -112.44 62.23 141.46
N GLU DF 77 -111.88 62.99 142.41
CA GLU DF 77 -110.52 62.82 142.92
C GLU DF 77 -110.28 61.45 143.54
N LEU DF 78 -111.28 60.91 144.24
CA LEU DF 78 -111.16 59.55 144.77
C LEU DF 78 -110.95 58.47 143.72
N LEU DF 79 -111.64 58.59 142.59
CA LEU DF 79 -111.45 57.63 141.52
C LEU DF 79 -110.14 57.73 140.74
N ARG DF 80 -109.56 58.94 140.65
CA ARG DF 80 -108.29 59.11 139.97
C ARG DF 80 -107.05 59.11 140.92
N LEU DF 81 -107.30 58.69 142.16
CA LEU DF 81 -106.22 58.56 143.12
C LEU DF 81 -105.51 57.31 142.61
N THR DF 82 -104.17 57.38 142.55
CA THR DF 82 -103.38 56.27 142.03
C THR DF 82 -102.39 55.93 143.14
N GLN DF 83 -101.57 54.90 142.90
CA GLN DF 83 -100.54 54.55 143.89
C GLN DF 83 -99.51 55.66 143.97
N GLY DF 84 -99.09 56.02 145.18
CA GLY DF 84 -98.11 57.06 145.36
C GLY DF 84 -98.71 58.45 145.42
N SER DF 85 -99.99 58.60 145.11
CA SER DF 85 -100.63 59.91 145.21
C SER DF 85 -100.75 60.33 146.67
N VAL DF 86 -100.63 61.63 146.90
CA VAL DF 86 -100.63 62.19 148.25
C VAL DF 86 -101.87 63.07 148.41
N VAL DF 87 -102.58 62.85 149.51
CA VAL DF 87 -103.77 63.64 149.86
C VAL DF 87 -103.56 64.23 151.24
N ALA DF 88 -103.92 65.50 151.43
CA ALA DF 88 -103.75 66.19 152.73
C ALA DF 88 -104.90 65.87 153.69
N LEU DF 89 -105.01 66.61 154.78
CA LEU DF 89 -106.07 66.43 155.83
C LEU DF 89 -106.38 67.85 156.29
N ASP DF 90 -107.41 68.06 157.11
CA ASP DF 90 -107.86 69.41 157.55
C ASP DF 90 -107.02 69.92 158.72
N GLY DF 91 -106.13 69.12 159.30
CA GLY DF 91 -105.32 69.51 160.44
C GLY DF 91 -103.86 69.83 160.21
N LEU DF 92 -103.41 70.93 160.79
CA LEU DF 92 -102.00 71.28 160.74
C LEU DF 92 -101.18 70.22 161.46
N ALA DF 93 -99.98 69.96 160.94
CA ALA DF 93 -99.10 68.98 161.55
C ALA DF 93 -98.63 69.50 162.90
N GLY DF 94 -99.23 69.00 163.98
CA GLY DF 94 -98.89 69.46 165.31
C GLY DF 94 -100.06 69.56 166.27
N GLU DF 95 -101.29 69.73 165.73
CA GLU DF 95 -102.43 69.78 166.62
C GLU DF 95 -102.68 68.41 167.23
N PRO DF 96 -103.27 68.34 168.42
CA PRO DF 96 -103.57 67.03 169.02
C PRO DF 96 -104.68 66.34 168.25
N LEU DF 97 -104.49 65.05 168.01
CA LEU DF 97 -105.49 64.25 167.31
C LEU DF 97 -106.69 64.00 168.21
N ASP DF 98 -107.84 63.70 167.58
CA ASP DF 98 -109.08 63.51 168.36
C ASP DF 98 -109.27 62.01 168.67
N ILE DF 99 -109.43 61.68 169.95
CA ILE DF 99 -109.67 60.28 170.37
C ILE DF 99 -111.20 60.07 170.45
N LEU DF 100 -111.71 58.97 169.90
CA LEU DF 100 -113.18 58.75 169.85
C LEU DF 100 -113.55 57.33 170.29
N ILE DF 101 -114.75 57.15 170.85
CA ILE DF 101 -115.23 55.78 171.22
C ILE DF 101 -116.61 55.60 170.60
N ASN DF 102 -116.83 54.50 169.86
CA ASN DF 102 -118.16 54.22 169.24
C ASN DF 102 -118.55 55.47 168.45
N GLY DF 103 -117.59 56.13 167.79
CA GLY DF 103 -117.86 57.29 166.94
C GLY DF 103 -118.20 58.54 167.74
N TYR DF 104 -117.92 58.56 169.05
CA TYR DF 104 -118.27 59.70 169.95
C TYR DF 104 -116.98 60.30 170.50
N LEU DF 105 -116.83 61.62 170.44
CA LEU DF 105 -115.56 62.27 170.86
C LEU DF 105 -115.37 61.95 172.35
N ILE DF 106 -114.14 61.65 172.75
CA ILE DF 106 -113.84 61.30 174.18
C ILE DF 106 -112.59 62.05 174.66
N ALA DF 107 -111.61 62.36 173.79
CA ALA DF 107 -110.35 62.95 174.28
C ALA DF 107 -109.59 63.57 173.12
N GLN DF 108 -108.42 64.12 173.43
CA GLN DF 108 -107.48 64.62 172.44
C GLN DF 108 -106.05 64.33 172.89
N GLY DF 109 -105.23 63.89 171.95
CA GLY DF 109 -103.82 63.60 172.23
C GLY DF 109 -103.05 63.34 170.96
N GLU DF 110 -101.73 63.45 171.08
CA GLU DF 110 -100.83 63.27 169.95
C GLU DF 110 -99.90 62.09 170.21
N VAL DF 111 -99.29 61.61 169.13
CA VAL DF 111 -98.35 60.50 169.20
C VAL DF 111 -97.00 60.99 169.70
N VAL DF 112 -96.35 60.20 170.55
CA VAL DF 112 -95.04 60.54 171.10
C VAL DF 112 -94.10 59.35 170.98
N VAL DF 113 -92.83 59.64 170.69
CA VAL DF 113 -91.79 58.62 170.59
C VAL DF 113 -90.91 58.61 171.83
N VAL DF 114 -90.91 57.51 172.59
CA VAL DF 114 -90.15 57.50 173.83
C VAL DF 114 -88.80 56.88 173.58
N ALA DF 115 -88.82 55.59 173.25
CA ALA DF 115 -87.59 54.87 172.86
C ALA DF 115 -87.63 54.29 171.44
N ASP DF 116 -88.35 53.19 171.27
CA ASP DF 116 -88.58 52.62 169.92
C ASP DF 116 -90.04 52.19 170.03
N LYS DF 117 -90.84 52.91 170.81
CA LYS DF 117 -92.26 52.53 171.06
C LYS DF 117 -93.17 53.75 170.88
N TYR DF 118 -94.45 53.53 170.57
CA TYR DF 118 -95.36 54.68 170.29
C TYR DF 118 -96.55 54.71 171.25
N GLY DF 119 -97.08 55.90 171.51
CA GLY DF 119 -98.27 56.06 172.33
C GLY DF 119 -98.86 57.45 172.19
N VAL DF 120 -100.08 57.59 172.68
CA VAL DF 120 -100.82 58.84 172.58
C VAL DF 120 -100.68 59.53 173.93
N ARG DF 121 -100.32 60.81 173.89
CA ARG DF 121 -100.16 61.64 175.07
C ARG DF 121 -101.39 62.54 175.10
N ILE DF 122 -102.36 62.19 175.93
CA ILE DF 122 -103.63 62.91 175.96
C ILE DF 122 -103.43 64.31 176.52
N THR DF 123 -103.98 65.30 175.82
CA THR DF 123 -103.82 66.69 176.22
C THR DF 123 -104.90 67.16 177.20
N ASP DF 124 -106.16 66.79 176.95
CA ASP DF 124 -107.24 67.26 177.79
C ASP DF 124 -108.46 66.35 177.60
N ILE DF 125 -109.48 66.61 178.40
CA ILE DF 125 -110.76 65.92 178.31
C ILE DF 125 -111.81 66.97 177.97
N ILE DF 126 -112.58 66.71 176.91
CA ILE DF 126 -113.53 67.69 176.40
C ILE DF 126 -114.79 67.66 177.25
N THR DF 127 -115.08 68.80 177.90
CA THR DF 127 -116.34 68.99 178.58
C THR DF 127 -117.46 69.17 177.54
N PRO DF 128 -118.71 68.95 177.95
CA PRO DF 128 -119.82 69.11 176.97
C PRO DF 128 -119.84 70.47 176.30
N SER DF 129 -119.54 71.54 177.04
CA SER DF 129 -119.55 72.88 176.46
C SER DF 129 -118.69 72.92 175.22
N GLU DF 130 -117.45 72.44 175.34
CA GLU DF 130 -116.61 72.31 174.17
C GLU DF 130 -117.24 71.45 173.09
N ARG DF 131 -117.77 70.29 173.48
CA ARG DF 131 -118.47 69.42 172.49
C ARG DF 131 -119.55 70.21 171.76
N MET DF 132 -120.29 71.06 172.48
CA MET DF 132 -121.41 71.81 171.85
C MET DF 132 -120.85 72.74 170.76
N ARG DF 133 -119.72 73.40 171.02
CA ARG DF 133 -119.12 74.32 170.02
C ARG DF 133 -118.48 73.49 168.90
N ARG DF 134 -118.17 72.23 169.20
CA ARG DF 134 -117.56 71.31 168.21
C ARG DF 134 -118.65 71.11 167.13
N LEU DF 135 -119.83 70.68 167.58
CA LEU DF 135 -120.99 70.58 166.67
C LEU DF 135 -121.43 71.90 166.02
N SER DF 136 -121.37 72.99 166.79
CA SER DF 136 -121.81 74.31 166.28
C SER DF 136 -120.83 74.84 165.22
N ARG DF 137 -119.54 74.50 165.33
CA ARG DF 137 -118.59 75.09 164.38
C ARG DF 137 -117.54 74.08 163.97
N ASP EF 53 -116.96 63.25 186.98
CA ASP EF 53 -116.31 62.28 186.09
C ASP EF 53 -117.27 61.20 185.62
N ILE EF 54 -118.29 60.93 186.43
CA ILE EF 54 -119.30 59.95 186.04
C ILE EF 54 -120.03 60.50 184.83
N ASP EF 55 -120.22 61.82 184.79
CA ASP EF 55 -120.93 62.44 183.67
C ASP EF 55 -120.27 62.16 182.33
N LEU EF 56 -118.94 62.07 182.30
CA LEU EF 56 -118.24 61.74 181.06
C LEU EF 56 -118.57 60.37 180.48
N ILE EF 57 -118.69 59.37 181.35
CA ILE EF 57 -118.95 57.98 180.90
C ILE EF 57 -120.42 57.62 181.18
N MET EF 58 -121.30 58.62 181.25
CA MET EF 58 -122.70 58.34 181.55
C MET EF 58 -123.39 58.57 180.21
N ASP EF 59 -122.68 59.14 179.23
CA ASP EF 59 -123.33 59.48 177.93
C ASP EF 59 -122.80 58.65 176.75
N ILE EF 60 -121.60 58.07 176.87
CA ILE EF 60 -120.97 57.33 175.76
C ILE EF 60 -121.78 56.18 175.15
N PRO EF 61 -121.85 56.09 173.79
CA PRO EF 61 -122.53 54.95 173.11
C PRO EF 61 -121.74 53.66 173.31
N VAL EF 62 -122.42 52.52 173.21
CA VAL EF 62 -121.78 51.21 173.36
C VAL EF 62 -122.66 50.29 172.52
N LYS EF 63 -122.10 49.16 172.12
CA LYS EF 63 -122.79 48.23 171.24
C LYS EF 63 -123.30 47.08 172.10
N LEU EF 64 -124.59 46.77 171.97
CA LEU EF 64 -125.22 45.72 172.76
C LEU EF 64 -125.64 44.61 171.81
N THR EF 65 -125.46 43.37 172.23
CA THR EF 65 -125.88 42.21 171.46
C THR EF 65 -126.53 41.21 172.39
N VAL EF 66 -127.34 40.32 171.83
CA VAL EF 66 -127.91 39.20 172.57
C VAL EF 66 -127.76 37.95 171.71
N GLU EF 67 -127.17 36.91 172.27
CA GLU EF 67 -126.87 35.71 171.49
C GLU EF 67 -127.89 34.62 171.84
N LEU EF 68 -128.45 33.97 170.81
CA LEU EF 68 -129.53 32.97 171.00
C LEU EF 68 -128.96 31.55 171.14
N GLY EF 69 -127.79 31.27 170.57
CA GLY EF 69 -127.25 29.90 170.54
C GLY EF 69 -125.75 29.85 170.77
N ARG EF 70 -125.24 28.66 171.12
CA ARG EF 70 -123.79 28.45 171.35
C ARG EF 70 -123.48 26.96 171.08
N THR EF 71 -122.58 26.67 170.14
CA THR EF 71 -122.25 25.28 169.77
C THR EF 71 -120.76 25.22 169.53
N ARG EF 72 -120.11 24.11 169.86
CA ARG EF 72 -118.71 23.85 169.56
C ARG EF 72 -118.59 22.84 168.42
N MET EF 73 -117.79 23.19 167.41
CA MET EF 73 -117.72 22.31 166.22
C MET EF 73 -116.30 22.23 165.65
N THR EF 74 -116.00 21.16 164.92
CA THR EF 74 -114.73 20.95 164.26
C THR EF 74 -114.97 21.43 162.82
N ILE EF 75 -113.95 21.32 161.97
CA ILE EF 75 -114.12 21.90 160.61
C ILE EF 75 -114.72 20.84 159.68
N LYS EF 76 -114.46 19.59 159.96
CA LYS EF 76 -115.14 18.53 159.19
C LYS EF 76 -116.60 18.94 159.30
N GLU EF 77 -117.07 19.18 160.52
CA GLU EF 77 -118.49 19.51 160.73
C GLU EF 77 -118.89 20.81 160.03
N LEU EF 78 -118.08 21.87 160.15
CA LEU EF 78 -118.47 23.18 159.57
C LEU EF 78 -118.54 23.09 158.04
N LEU EF 79 -117.56 22.44 157.43
CA LEU EF 79 -117.52 22.28 155.95
C LEU EF 79 -118.71 21.41 155.52
N ARG EF 80 -119.04 20.39 156.31
CA ARG EF 80 -120.12 19.45 155.95
C ARG EF 80 -121.44 20.24 155.84
N LEU EF 81 -121.68 21.20 156.73
CA LEU EF 81 -122.88 22.07 156.62
C LEU EF 81 -123.02 22.49 155.15
N THR EF 82 -124.22 22.42 154.56
CA THR EF 82 -124.45 22.93 153.18
C THR EF 82 -125.58 23.94 153.24
N GLN EF 83 -126.24 24.19 152.11
CA GLN EF 83 -127.39 25.08 152.15
C GLN EF 83 -128.60 24.34 152.69
N GLY EF 84 -129.29 24.95 153.65
CA GLY EF 84 -130.43 24.32 154.27
C GLY EF 84 -130.10 23.39 155.42
N SER EF 85 -128.82 23.18 155.73
CA SER EF 85 -128.47 22.31 156.84
C SER EF 85 -128.88 22.93 158.16
N VAL EF 86 -129.39 22.10 159.06
CA VAL EF 86 -129.84 22.54 160.37
C VAL EF 86 -128.75 22.24 161.38
N VAL EF 87 -128.34 23.26 162.13
CA VAL EF 87 -127.30 23.13 163.13
C VAL EF 87 -127.96 23.20 164.50
N ALA EF 88 -127.81 22.13 165.28
CA ALA EF 88 -128.37 22.10 166.63
C ALA EF 88 -127.60 22.99 167.59
N LEU EF 89 -128.32 23.56 168.55
CA LEU EF 89 -127.74 24.41 169.58
C LEU EF 89 -127.67 23.84 170.99
N ASP EF 90 -126.49 23.94 171.61
CA ASP EF 90 -126.33 23.41 172.97
C ASP EF 90 -127.41 23.96 173.94
N GLY EF 91 -127.71 25.25 173.77
CA GLY EF 91 -128.82 25.86 174.48
C GLY EF 91 -130.22 25.31 174.36
N LEU EF 92 -130.81 24.90 175.48
CA LEU EF 92 -132.17 24.40 175.47
C LEU EF 92 -133.16 25.52 175.22
N ALA EF 93 -134.36 25.16 174.78
CA ALA EF 93 -135.39 26.17 174.55
C ALA EF 93 -135.86 26.77 175.88
N GLY EF 94 -136.01 28.09 175.89
CA GLY EF 94 -136.49 28.79 177.05
C GLY EF 94 -135.43 29.21 178.05
N GLU EF 95 -134.20 28.77 177.90
CA GLU EF 95 -133.14 29.18 178.81
C GLU EF 95 -132.80 30.65 178.58
N PRO EF 96 -132.34 31.43 179.57
CA PRO EF 96 -132.08 32.89 179.36
C PRO EF 96 -130.96 33.11 178.34
N LEU EF 97 -131.21 33.91 177.29
CA LEU EF 97 -130.20 34.24 176.25
C LEU EF 97 -129.08 35.07 176.88
N ASP EF 98 -127.82 34.86 176.51
CA ASP EF 98 -126.76 35.76 177.05
C ASP EF 98 -126.92 37.15 176.45
N ILE EF 99 -126.69 38.23 177.19
CA ILE EF 99 -126.66 39.59 176.69
C ILE EF 99 -125.25 40.12 176.89
N LEU EF 100 -124.63 40.57 175.80
CA LEU EF 100 -123.24 40.96 175.78
C LEU EF 100 -123.12 42.44 175.44
N ILE EF 101 -122.10 43.09 176.02
CA ILE EF 101 -121.79 44.47 175.73
C ILE EF 101 -120.36 44.49 175.21
N ASN EF 102 -120.21 44.80 173.92
CA ASN EF 102 -118.91 44.76 173.26
C ASN EF 102 -118.26 43.39 173.42
N GLY EF 103 -119.08 42.35 173.39
CA GLY EF 103 -118.60 41.00 173.59
C GLY EF 103 -118.40 40.58 175.03
N TYR EF 104 -118.85 41.38 175.98
CA TYR EF 104 -118.69 41.08 177.41
C TYR EF 104 -120.04 40.75 178.01
N LEU EF 105 -120.16 39.56 178.60
CA LEU EF 105 -121.43 39.13 179.16
C LEU EF 105 -121.71 39.87 180.47
N ILE EF 106 -122.92 40.42 180.60
CA ILE EF 106 -123.29 41.12 181.81
C ILE EF 106 -124.61 40.61 182.37
N ALA EF 107 -125.45 40.01 181.52
CA ALA EF 107 -126.80 39.70 181.94
C ALA EF 107 -127.36 38.53 181.15
N GLN EF 108 -128.45 37.97 181.68
CA GLN EF 108 -129.19 36.89 181.04
C GLN EF 108 -130.66 37.25 180.99
N GLY EF 109 -131.30 36.94 179.86
CA GLY EF 109 -132.72 37.21 179.71
C GLY EF 109 -133.44 36.51 178.57
N GLU EF 110 -134.74 36.35 178.74
CA GLU EF 110 -135.55 35.69 177.72
C GLU EF 110 -135.89 36.48 176.49
N VAL EF 111 -136.31 35.79 175.43
CA VAL EF 111 -136.50 36.38 174.12
C VAL EF 111 -137.97 36.75 174.13
N VAL EF 112 -138.27 37.95 173.62
CA VAL EF 112 -139.64 38.43 173.48
C VAL EF 112 -139.66 39.43 172.33
N VAL EF 113 -140.76 39.44 171.58
CA VAL EF 113 -140.90 40.30 170.42
C VAL EF 113 -141.95 41.38 170.73
N VAL EF 114 -141.57 42.64 170.48
CA VAL EF 114 -142.47 43.78 170.79
C VAL EF 114 -142.66 44.63 169.53
N ALA EF 115 -143.92 44.86 169.11
CA ALA EF 115 -144.21 45.74 167.95
C ALA EF 115 -143.50 45.24 166.69
N ASP EF 116 -143.42 43.91 166.52
CA ASP EF 116 -142.82 43.28 165.29
C ASP EF 116 -141.31 43.53 165.22
N LYS EF 117 -140.66 43.86 166.34
CA LYS EF 117 -139.20 44.06 166.37
C LYS EF 117 -138.63 43.15 167.46
N TYR EF 118 -137.52 42.47 167.18
CA TYR EF 118 -136.90 41.59 168.21
C TYR EF 118 -136.61 42.32 169.51
N GLY EF 119 -136.64 41.60 170.64
CA GLY EF 119 -136.33 42.19 171.92
C GLY EF 119 -135.94 41.12 172.92
N VAL EF 120 -135.62 41.57 174.12
CA VAL EF 120 -135.20 40.68 175.18
C VAL EF 120 -135.54 41.32 176.52
N ARG EF 121 -136.08 40.53 177.43
CA ARG EF 121 -136.37 40.96 178.79
C ARG EF 121 -135.26 40.56 179.74
N ILE EF 122 -134.68 41.54 180.43
CA ILE EF 122 -133.55 41.27 181.31
C ILE EF 122 -134.04 40.50 182.54
N THR EF 123 -133.85 39.18 182.52
CA THR EF 123 -134.24 38.36 183.67
C THR EF 123 -133.35 38.66 184.87
N ASP EF 124 -132.04 38.67 184.65
CA ASP EF 124 -131.13 38.93 185.76
C ASP EF 124 -129.79 39.42 185.22
N ILE EF 125 -129.01 40.01 186.12
CA ILE EF 125 -127.63 40.39 185.83
C ILE EF 125 -126.72 39.42 186.55
N ILE EF 126 -125.82 38.79 185.80
CA ILE EF 126 -124.95 37.78 186.38
C ILE EF 126 -123.86 38.43 187.21
N THR EF 127 -123.74 38.01 188.46
CA THR EF 127 -122.66 38.33 189.36
C THR EF 127 -121.43 37.50 188.99
N PRO EF 128 -120.21 38.02 189.19
CA PRO EF 128 -119.02 37.31 188.67
C PRO EF 128 -118.83 35.93 189.29
N SER EF 129 -119.72 35.48 190.16
CA SER EF 129 -119.62 34.13 190.70
C SER EF 129 -119.86 33.15 189.56
N GLU EF 130 -120.77 33.48 188.64
CA GLU EF 130 -121.13 32.54 187.53
C GLU EF 130 -120.06 32.57 186.41
N ARG EF 131 -119.19 33.58 186.40
CA ARG EF 131 -118.20 33.75 185.34
C ARG EF 131 -117.18 32.60 185.41
N MET EF 132 -116.80 32.22 186.64
CA MET EF 132 -115.91 31.04 186.76
C MET EF 132 -116.58 29.87 186.04
N ARG EF 133 -117.87 29.65 186.31
CA ARG EF 133 -118.63 28.53 185.69
C ARG EF 133 -118.87 28.72 184.17
N ARG EF 134 -118.78 29.97 183.70
CA ARG EF 134 -118.95 30.24 182.24
C ARG EF 134 -117.77 29.63 181.48
N LEU EF 135 -116.73 29.21 182.22
CA LEU EF 135 -115.54 28.60 181.58
C LEU EF 135 -115.13 27.35 182.38
N ALA FF 37 -80.70 34.78 179.58
CA ALA FF 37 -80.17 34.67 178.23
C ALA FF 37 -80.36 33.25 177.69
N VAL FF 38 -81.26 32.50 178.31
CA VAL FF 38 -81.52 31.12 177.88
C VAL FF 38 -82.19 31.09 176.51
N PHE FF 39 -83.18 31.94 176.29
CA PHE FF 39 -83.88 31.96 175.01
C PHE FF 39 -82.96 32.47 173.91
N GLN FF 40 -83.04 31.84 172.75
CA GLN FF 40 -82.20 32.21 171.61
C GLN FF 40 -82.99 33.18 170.73
N GLN FF 41 -82.32 34.25 170.30
CA GLN FF 41 -83.00 35.32 169.57
C GLN FF 41 -83.26 34.97 168.12
N LEU FF 42 -84.53 34.75 167.79
CA LEU FF 42 -84.96 34.43 166.43
C LEU FF 42 -85.32 35.67 165.61
N GLY FF 43 -84.86 35.71 164.37
CA GLY FF 43 -85.15 36.83 163.50
C GLY FF 43 -84.93 36.44 162.06
N GLY FF 44 -85.50 37.26 161.17
CA GLY FF 44 -85.40 37.00 159.75
C GLY FF 44 -86.07 35.71 159.32
N GLY FF 45 -87.23 35.40 159.89
CA GLY FF 45 -87.92 34.17 159.57
C GLY FF 45 -89.05 34.36 158.58
N ASP FF 46 -89.11 35.53 157.94
CA ASP FF 46 -90.13 35.82 156.93
C ASP FF 46 -89.70 35.22 155.60
N VAL FF 47 -89.75 33.90 155.53
CA VAL FF 47 -89.32 33.19 154.33
C VAL FF 47 -90.30 33.44 153.19
N SER FF 48 -91.54 33.01 153.37
CA SER FF 48 -92.58 33.18 152.36
C SER FF 48 -93.92 32.85 153.02
N GLY FF 49 -94.99 33.04 152.25
CA GLY FF 49 -96.32 32.70 152.72
C GLY FF 49 -97.22 32.19 151.60
N ALA FF 50 -97.78 31.00 151.79
CA ALA FF 50 -98.68 30.42 150.80
C ALA FF 50 -99.64 29.48 151.50
N MET FF 51 -100.93 29.65 151.21
CA MET FF 51 -101.93 28.75 151.77
C MET FF 51 -101.66 27.31 151.33
N GLN FF 52 -101.72 26.39 152.27
CA GLN FF 52 -101.38 25.01 151.97
C GLN FF 52 -102.66 24.30 151.58
N ASP FF 53 -103.58 24.14 152.53
CA ASP FF 53 -104.83 23.46 152.34
C ASP FF 53 -105.60 23.57 153.65
N ILE FF 54 -106.91 23.30 153.60
CA ILE FF 54 -107.76 23.51 154.76
C ILE FF 54 -107.95 22.26 155.62
N ASP FF 55 -107.24 21.19 155.29
CA ASP FF 55 -107.30 19.96 156.06
C ASP FF 55 -106.13 19.78 157.04
N LEU FF 56 -105.10 20.60 156.91
CA LEU FF 56 -103.98 20.55 157.88
C LEU FF 56 -104.55 21.03 159.21
N ILE FF 57 -105.45 22.01 159.15
CA ILE FF 57 -106.04 22.66 160.36
C ILE FF 57 -107.45 22.11 160.65
N MET FF 58 -107.90 21.06 159.97
CA MET FF 58 -109.32 20.64 160.10
C MET FF 58 -109.93 20.34 161.46
N ASP FF 59 -109.38 19.35 162.18
CA ASP FF 59 -109.97 18.92 163.47
C ASP FF 59 -109.57 19.93 164.55
N ILE FF 60 -109.80 21.21 164.28
CA ILE FF 60 -109.53 22.25 165.32
C ILE FF 60 -110.90 22.78 165.76
N PRO FF 61 -111.21 22.81 167.07
CA PRO FF 61 -112.57 23.21 167.54
C PRO FF 61 -112.84 24.65 167.16
N VAL FF 62 -114.07 24.92 166.71
CA VAL FF 62 -114.46 26.32 166.36
C VAL FF 62 -115.55 26.73 167.38
N LYS FF 63 -115.66 28.03 167.66
CA LYS FF 63 -116.67 28.48 168.60
C LYS FF 63 -117.82 29.07 167.79
N LEU FF 64 -118.83 28.25 167.51
CA LEU FF 64 -119.97 28.72 166.73
C LEU FF 64 -121.01 29.34 167.65
N THR FF 65 -121.55 30.48 167.21
CA THR FF 65 -122.52 31.23 167.98
C THR FF 65 -123.51 31.90 167.06
N VAL FF 66 -124.79 31.69 167.31
CA VAL FF 66 -125.86 32.36 166.57
C VAL FF 66 -126.33 33.59 167.35
N GLU FF 67 -126.52 34.69 166.65
CA GLU FF 67 -126.89 35.95 167.27
C GLU FF 67 -128.33 36.36 167.02
N LEU FF 68 -129.04 36.69 168.10
CA LEU FF 68 -130.47 36.99 167.98
C LEU FF 68 -130.63 38.38 167.37
N GLY FF 69 -129.91 39.36 167.88
CA GLY FF 69 -130.06 40.71 167.37
C GLY FF 69 -129.00 41.66 167.87
N ARG FF 70 -129.10 42.89 167.38
CA ARG FF 70 -128.16 43.95 167.71
C ARG FF 70 -128.99 45.17 168.07
N THR FF 71 -128.34 46.15 168.68
CA THR FF 71 -128.92 47.43 168.98
C THR FF 71 -127.80 48.35 169.45
N ARG FF 72 -127.69 49.52 168.85
CA ARG FF 72 -126.75 50.53 169.31
C ARG FF 72 -127.45 51.36 170.38
N MET FF 73 -126.87 51.37 171.58
CA MET FF 73 -127.50 52.04 172.70
C MET FF 73 -126.39 52.59 173.59
N THR FF 74 -126.63 53.74 174.18
CA THR FF 74 -125.64 54.38 175.04
C THR FF 74 -125.86 53.99 176.49
N ILE FF 75 -124.91 54.42 177.33
CA ILE FF 75 -124.99 54.16 178.76
C ILE FF 75 -126.19 54.85 179.40
N LYS FF 76 -126.71 55.89 178.75
CA LYS FF 76 -127.89 56.60 179.22
C LYS FF 76 -129.01 55.63 179.61
N GLU FF 77 -129.52 54.89 178.63
CA GLU FF 77 -130.56 53.91 178.93
C GLU FF 77 -129.98 52.68 179.62
N LEU FF 78 -128.70 52.39 179.41
CA LEU FF 78 -128.10 51.24 180.07
C LEU FF 78 -128.29 51.00 181.56
N LEU FF 79 -128.07 52.04 182.38
CA LEU FF 79 -128.33 51.88 183.81
C LEU FF 79 -129.84 52.04 184.13
N ARG FF 80 -130.54 52.75 183.24
CA ARG FF 80 -132.01 52.89 183.42
C ARG FF 80 -132.62 51.48 183.45
N LEU FF 81 -131.97 50.52 182.81
CA LEU FF 81 -132.45 49.14 182.80
C LEU FF 81 -132.58 48.40 184.12
N THR FF 82 -133.79 47.90 184.39
CA THR FF 82 -134.09 47.12 185.58
C THR FF 82 -134.54 45.73 185.17
N GLN FF 83 -134.78 44.89 186.18
CA GLN FF 83 -135.28 43.55 185.92
C GLN FF 83 -136.69 43.62 185.36
N GLY FF 84 -136.95 42.81 184.33
CA GLY FF 84 -138.23 42.82 183.67
C GLY FF 84 -138.38 43.85 182.57
N SER FF 85 -137.39 44.72 182.38
CA SER FF 85 -137.44 45.69 181.30
C SER FF 85 -137.23 44.98 179.95
N VAL FF 86 -137.65 45.65 178.89
CA VAL FF 86 -137.57 45.10 177.54
C VAL FF 86 -136.73 46.04 176.68
N VAL FF 87 -135.73 45.48 176.00
CA VAL FF 87 -134.85 46.24 175.13
C VAL FF 87 -135.15 45.85 173.69
N ALA FF 88 -135.59 46.82 172.89
CA ALA FF 88 -135.85 46.56 171.49
C ALA FF 88 -134.54 46.41 170.72
N LEU FF 89 -134.52 45.46 169.80
CA LEU FF 89 -133.34 45.19 168.99
C LEU FF 89 -133.54 45.75 167.59
N ASP FF 90 -132.43 46.18 166.97
CA ASP FF 90 -132.51 46.74 165.63
C ASP FF 90 -133.04 45.75 164.61
N GLY FF 91 -132.70 44.47 164.76
CA GLY FF 91 -133.16 43.46 163.84
C GLY FF 91 -134.67 43.29 163.85
N LEU FF 92 -135.28 43.34 162.66
CA LEU FF 92 -136.70 43.11 162.55
C LEU FF 92 -137.04 41.65 162.85
N ALA FF 93 -138.20 41.44 163.47
CA ALA FF 93 -138.60 40.09 163.84
C ALA FF 93 -138.81 39.23 162.61
N GLY FF 94 -138.33 37.99 162.68
CA GLY FF 94 -138.45 37.06 161.58
C GLY FF 94 -137.36 37.15 160.54
N GLU FF 95 -136.45 38.11 160.66
CA GLU FF 95 -135.34 38.21 159.73
C GLU FF 95 -134.34 37.09 159.99
N PRO FF 96 -133.54 36.73 158.98
CA PRO FF 96 -132.50 35.72 159.20
C PRO FF 96 -131.52 36.17 160.27
N LEU FF 97 -131.13 35.24 161.13
CA LEU FF 97 -130.19 35.50 162.20
C LEU FF 97 -128.76 35.32 161.70
N ASP FF 98 -127.83 35.85 162.49
CA ASP FF 98 -126.42 35.87 162.13
C ASP FF 98 -125.69 34.71 162.79
N ILE FF 99 -124.75 34.10 162.05
CA ILE FF 99 -123.95 32.99 162.54
C ILE FF 99 -122.49 33.42 162.52
N LEU FF 100 -121.81 33.26 163.65
CA LEU FF 100 -120.41 33.64 163.76
C LEU FF 100 -119.61 32.43 164.23
N ILE FF 101 -118.36 32.34 163.77
CA ILE FF 101 -117.41 31.36 164.28
C ILE FF 101 -116.23 32.13 164.87
N ASN FF 102 -115.99 31.94 166.16
CA ASN FF 102 -114.99 32.70 166.90
C ASN FF 102 -115.23 34.20 166.78
N GLY FF 103 -116.51 34.59 166.75
CA GLY FF 103 -116.88 35.98 166.70
C GLY FF 103 -116.79 36.64 165.34
N TYR FF 104 -116.60 35.87 164.27
CA TYR FF 104 -116.49 36.41 162.93
C TYR FF 104 -117.72 35.98 162.14
N LEU FF 105 -118.44 36.95 161.58
CA LEU FF 105 -119.67 36.64 160.85
C LEU FF 105 -119.33 35.91 159.56
N ILE FF 106 -119.98 34.78 159.33
CA ILE FF 106 -119.75 33.98 158.13
C ILE FF 106 -121.04 33.79 157.34
N ALA FF 107 -122.16 33.55 158.01
CA ALA FF 107 -123.36 33.17 157.29
C ALA FF 107 -124.59 33.71 157.99
N GLN FF 108 -125.70 33.71 157.25
CA GLN FF 108 -127.01 34.07 157.77
C GLN FF 108 -127.91 32.85 157.66
N GLY FF 109 -128.59 32.54 158.77
CA GLY FF 109 -129.43 31.36 158.83
C GLY FF 109 -130.80 31.75 159.34
N GLU FF 110 -131.62 30.74 159.60
CA GLU FF 110 -132.97 30.91 160.10
C GLU FF 110 -133.19 29.96 161.26
N VAL FF 111 -133.85 30.45 162.29
CA VAL FF 111 -134.03 29.68 163.52
C VAL FF 111 -135.19 28.71 163.39
N VAL FF 112 -134.98 27.46 163.82
CA VAL FF 112 -136.00 26.43 163.79
C VAL FF 112 -135.95 25.66 165.12
N VAL FF 113 -137.06 25.00 165.44
CA VAL FF 113 -137.18 24.22 166.65
C VAL FF 113 -137.32 22.75 166.26
N VAL FF 114 -136.36 21.94 166.71
CA VAL FF 114 -136.39 20.48 166.39
C VAL FF 114 -136.31 19.67 167.70
N ALA FF 115 -137.36 18.88 168.00
CA ALA FF 115 -137.39 18.06 169.23
C ALA FF 115 -137.20 18.90 170.49
N ASP FF 116 -137.76 20.12 170.54
CA ASP FF 116 -137.70 20.97 171.76
C ASP FF 116 -136.28 21.51 171.96
N LYS FF 117 -135.45 21.45 170.93
CA LYS FF 117 -134.06 21.97 171.02
C LYS FF 117 -133.88 23.07 169.96
N TYR FF 118 -133.24 24.18 170.32
CA TYR FF 118 -133.11 25.27 169.36
C TYR FF 118 -132.09 24.92 168.28
N GLY FF 119 -132.41 25.28 167.06
CA GLY FF 119 -131.52 25.00 165.93
C GLY FF 119 -131.65 26.06 164.88
N VAL FF 120 -130.50 26.41 164.29
CA VAL FF 120 -130.45 27.36 163.18
C VAL FF 120 -130.29 26.55 161.89
N ARG FF 121 -130.89 27.07 160.82
CA ARG FF 121 -130.80 26.47 159.50
C ARG FF 121 -130.03 27.42 158.60
N ILE FF 122 -128.83 27.01 158.19
CA ILE FF 122 -127.98 27.87 157.39
C ILE FF 122 -128.66 28.15 156.06
N THR FF 123 -128.79 29.42 155.71
CA THR FF 123 -129.42 29.82 154.45
C THR FF 123 -128.43 30.35 153.43
N ASP FF 124 -127.54 31.28 153.80
CA ASP FF 124 -126.63 31.82 152.80
C ASP FF 124 -125.41 32.42 153.46
N ILE FF 125 -124.24 32.12 152.90
CA ILE FF 125 -123.02 32.77 153.34
C ILE FF 125 -123.06 34.23 152.91
N ILE FF 126 -122.76 35.12 153.85
CA ILE FF 126 -122.86 36.55 153.58
C ILE FF 126 -121.83 36.95 152.52
N THR FF 127 -122.12 38.04 151.85
CA THR FF 127 -121.31 38.65 150.81
C THR FF 127 -120.48 39.79 151.38
N PRO FF 128 -119.35 40.12 150.74
CA PRO FF 128 -118.55 41.25 151.23
C PRO FF 128 -119.33 42.55 151.26
N SER FF 129 -120.23 42.77 150.30
CA SER FF 129 -121.07 43.95 150.34
C SER FF 129 -121.99 44.09 151.55
N GLU FF 130 -122.64 43.00 151.95
CA GLU FF 130 -123.48 43.03 153.15
C GLU FF 130 -122.63 43.08 154.43
N ARG FF 131 -121.42 42.52 154.34
CA ARG FF 131 -120.48 42.61 155.45
C ARG FF 131 -120.22 44.09 155.76
N MET FF 132 -119.85 44.86 154.73
CA MET FF 132 -119.65 46.29 154.93
C MET FF 132 -120.92 47.10 155.24
N ARG FF 133 -122.06 46.60 154.74
CA ARG FF 133 -123.34 47.22 155.06
C ARG FF 133 -123.50 47.02 156.57
N ARG FF 134 -123.18 45.83 157.07
CA ARG FF 134 -123.23 45.60 158.51
C ARG FF 134 -122.27 46.53 159.25
N LEU FF 135 -121.07 46.74 158.69
CA LEU FF 135 -120.07 47.57 159.36
C LEU FF 135 -120.57 49.01 159.53
N SER FF 136 -121.17 49.57 158.50
CA SER FF 136 -121.66 50.93 158.57
C SER FF 136 -123.02 51.00 159.27
N LYS GF 514 -149.46 -18.74 69.24
CA LYS GF 514 -148.78 -18.96 70.51
C LYS GF 514 -149.78 -19.17 71.65
N ASP GF 515 -150.92 -18.49 71.56
CA ASP GF 515 -151.95 -18.63 72.57
C ASP GF 515 -152.52 -20.04 72.59
N GLU GF 516 -152.76 -20.62 71.41
CA GLU GF 516 -153.29 -21.97 71.33
C GLU GF 516 -152.32 -22.99 71.90
N GLN GF 517 -151.02 -22.84 71.58
CA GLN GF 517 -150.02 -23.75 72.13
C GLN GF 517 -149.93 -23.63 73.64
N LEU GF 518 -149.99 -22.40 74.17
CA LEU GF 518 -149.98 -22.20 75.61
C LEU GF 518 -151.20 -22.83 76.26
N GLN GF 519 -152.38 -22.69 75.63
CA GLN GF 519 -153.59 -23.31 76.16
C GLN GF 519 -153.48 -24.83 76.16
N GLN GF 520 -152.94 -25.40 75.09
CA GLN GF 520 -152.77 -26.86 75.05
C GLN GF 520 -151.79 -27.33 76.11
N ARG GF 521 -150.68 -26.61 76.30
CA ARG GF 521 -149.73 -26.96 77.34
C ARG GF 521 -150.37 -26.87 78.72
N ARG GF 522 -151.18 -25.83 78.95
CA ARG GF 522 -151.87 -25.69 80.23
C ARG GF 522 -152.86 -26.82 80.45
N ALA GF 523 -153.57 -27.23 79.39
CA ALA GF 523 -154.51 -28.34 79.53
C ALA GF 523 -153.78 -29.65 79.85
N ASN GF 524 -152.65 -29.90 79.18
CA ASN GF 524 -151.87 -31.09 79.49
C ASN GF 524 -151.35 -31.05 80.92
N GLN GF 525 -150.87 -29.89 81.36
CA GLN GF 525 -150.39 -29.73 82.73
C GLN GF 525 -151.51 -29.96 83.73
N ARG GF 526 -152.71 -29.45 83.44
CA ARG GF 526 -153.84 -29.58 84.34
C ARG GF 526 -154.49 -30.96 84.29
N LEU GF 527 -154.18 -31.75 83.26
CA LEU GF 527 -154.72 -33.12 83.10
C LEU GF 527 -153.74 -34.09 83.78
N GLY GF 528 -152.46 -34.01 83.44
CA GLY GF 528 -151.43 -34.89 84.02
C GLY GF 528 -151.23 -34.62 85.50
N ALA GF 529 -151.43 -33.38 85.95
CA ALA GF 529 -151.31 -33.02 87.39
C ALA GF 529 -152.54 -33.60 88.09
N GLU GF 530 -153.70 -33.52 87.45
CA GLU GF 530 -154.95 -34.08 88.04
C GLU GF 530 -154.77 -35.59 88.17
N VAL GF 531 -154.09 -36.19 87.14
CA VAL GF 531 -153.72 -37.63 87.16
C VAL GF 531 -152.63 -37.81 88.23
N MET GF 532 -151.68 -36.88 88.30
CA MET GF 532 -150.56 -36.95 89.28
C MET GF 532 -151.13 -36.87 90.70
N SER GF 533 -152.11 -35.99 90.92
CA SER GF 533 -152.74 -35.85 92.26
C SER GF 533 -153.42 -37.17 92.63
N GLN GF 534 -154.11 -37.80 91.67
CA GLN GF 534 -154.75 -39.12 91.90
C GLN GF 534 -153.65 -40.14 92.18
N ARG GF 535 -152.54 -40.08 91.45
CA ARG GF 535 -151.40 -41.03 91.61
C ARG GF 535 -150.79 -40.90 93.00
N ILE GF 536 -150.65 -39.68 93.52
CA ILE GF 536 -149.98 -39.43 94.84
C ILE GF 536 -150.90 -39.92 95.97
N ARG GF 537 -152.22 -39.98 95.74
CA ARG GF 537 -153.17 -40.44 96.74
C ARG GF 537 -153.13 -41.96 96.89
N GLU GF 538 -153.06 -42.67 95.76
CA GLU GF 538 -152.94 -44.13 95.84
C GLU GF 538 -151.65 -44.55 96.54
N MET GF 539 -150.54 -43.88 96.20
CA MET GF 539 -149.26 -44.22 96.82
C MET GF 539 -149.26 -43.93 98.32
N SER GF 540 -149.83 -42.80 98.73
CA SER GF 540 -149.88 -42.45 100.15
C SER GF 540 -150.81 -43.36 100.92
N ASP GF 541 -151.92 -43.77 100.31
CA ASP GF 541 -152.76 -44.78 100.94
C ASP GF 541 -152.05 -46.12 101.05
N ASN GF 542 -151.20 -46.47 100.09
CA ASN GF 542 -150.40 -47.67 100.21
C ASN GF 542 -149.40 -47.58 101.35
N ASP GF 543 -148.74 -46.42 101.48
CA ASP GF 543 -147.73 -46.21 102.52
C ASP GF 543 -147.79 -44.77 103.00
N PRO GF 544 -148.44 -44.52 104.13
CA PRO GF 544 -148.52 -43.13 104.63
C PRO GF 544 -147.25 -42.65 105.30
N ARG GF 545 -146.56 -43.52 106.04
CA ARG GF 545 -145.35 -43.11 106.75
C ARG GF 545 -144.18 -42.90 105.81
N VAL GF 546 -144.16 -43.58 104.68
CA VAL GF 546 -143.05 -43.43 103.72
C VAL GF 546 -143.02 -42.01 103.17
N VAL GF 547 -144.19 -41.45 102.88
CA VAL GF 547 -144.24 -40.07 102.37
C VAL GF 547 -143.73 -39.09 103.41
N ALA GF 548 -144.12 -39.26 104.67
CA ALA GF 548 -143.63 -38.37 105.73
C ALA GF 548 -142.12 -38.50 105.90
N LEU GF 549 -141.61 -39.74 105.84
CA LEU GF 549 -140.18 -39.95 105.95
C LEU GF 549 -139.43 -39.29 104.79
N VAL GF 550 -139.96 -39.40 103.58
CA VAL GF 550 -139.34 -38.77 102.42
C VAL GF 550 -139.37 -37.25 102.56
N ILE GF 551 -140.47 -36.71 103.06
CA ILE GF 551 -140.56 -35.26 103.28
C ILE GF 551 -139.53 -34.81 104.30
N ARG GF 552 -139.38 -35.56 105.40
CA ARG GF 552 -138.39 -35.21 106.41
C ARG GF 552 -136.98 -35.30 105.86
N GLN GF 553 -136.72 -36.31 105.03
CA GLN GF 553 -135.40 -36.43 104.40
C GLN GF 553 -135.14 -35.26 103.47
N TRP GF 554 -136.17 -34.79 102.74
CA TRP GF 554 -136.01 -33.64 101.87
C TRP GF 554 -135.66 -32.40 102.67
N MET GF 555 -136.33 -32.20 103.82
CA MET GF 555 -136.01 -31.06 104.67
C MET GF 555 -134.60 -31.17 105.24
N SER GF 556 -134.19 -32.38 105.64
CA SER GF 556 -132.83 -32.55 106.16
C SER GF 556 -131.78 -32.25 105.09
N ASN GF 557 -132.03 -32.70 103.86
CA ASN GF 557 -131.10 -32.42 102.77
C ASN GF 557 -131.13 -30.95 102.37
N ASP GF 558 -132.24 -30.26 102.63
CA ASP GF 558 -132.34 -28.84 102.30
C ASP GF 558 -131.37 -28.01 103.13
N HIS GF 559 -130.99 -28.50 104.31
CA HIS GF 559 -130.07 -27.78 105.17
C HIS GF 559 -128.65 -27.80 104.59
N GLY HF 6 -136.92 -27.75 99.12
CA GLY HF 6 -137.73 -28.97 99.11
C GLY HF 6 -138.91 -28.91 100.06
N THR HF 7 -138.74 -28.16 101.15
CA THR HF 7 -139.82 -28.01 102.13
C THR HF 7 -141.03 -27.31 101.52
N ASP HF 8 -140.80 -26.27 100.72
CA ASP HF 8 -141.90 -25.57 100.06
C ASP HF 8 -142.63 -26.50 99.09
N LYS HF 9 -141.86 -27.31 98.35
CA LYS HF 9 -142.49 -28.27 97.45
C LYS HF 9 -143.29 -29.31 98.22
N SER HF 10 -142.77 -29.77 99.36
CA SER HF 10 -143.50 -30.72 100.19
C SER HF 10 -144.78 -30.11 100.72
N VAL HF 11 -144.72 -28.84 101.15
CA VAL HF 11 -145.92 -28.16 101.63
C VAL HF 11 -146.95 -28.01 100.53
N ILE HF 12 -146.51 -27.65 99.31
CA ILE HF 12 -147.42 -27.53 98.19
C ILE HF 12 -148.06 -28.88 97.86
N LEU HF 13 -147.27 -29.95 97.87
CA LEU HF 13 -147.81 -31.28 97.60
C LEU HF 13 -148.82 -31.69 98.66
N LEU HF 14 -148.53 -31.40 99.93
CA LEU HF 14 -149.46 -31.71 101.01
C LEU HF 14 -150.76 -30.94 100.87
N MET HF 15 -150.66 -29.66 100.51
CA MET HF 15 -151.86 -28.85 100.29
C MET HF 15 -152.68 -29.38 99.13
N THR HF 16 -152.01 -29.79 98.05
CA THR HF 16 -152.72 -30.31 96.88
C THR HF 16 -153.23 -31.74 97.09
N ILE HF 17 -152.75 -32.43 98.12
CA ILE HF 17 -153.17 -33.81 98.35
C ILE HF 17 -154.57 -33.85 98.92
N GLY HF 18 -154.78 -33.14 100.03
CA GLY HF 18 -156.08 -33.14 100.68
C GLY HF 18 -155.98 -33.05 102.19
N GLU HF 19 -157.10 -32.75 102.86
CA GLU HF 19 -157.06 -32.59 104.31
C GLU HF 19 -156.77 -33.91 105.02
N ASP HF 20 -157.42 -34.99 104.59
CA ASP HF 20 -157.27 -36.28 105.28
C ASP HF 20 -155.86 -36.83 105.11
N ARG HF 21 -155.34 -36.82 103.87
CA ARG HF 21 -154.00 -37.33 103.64
C ARG HF 21 -152.94 -36.51 104.37
N ALA HF 22 -153.09 -35.18 104.34
CA ALA HF 22 -152.15 -34.33 105.05
C ALA HF 22 -152.22 -34.56 106.56
N ALA HF 23 -153.43 -34.74 107.10
CA ALA HF 23 -153.57 -35.01 108.53
C ALA HF 23 -152.91 -36.33 108.90
N GLU HF 24 -153.10 -37.37 108.07
CA GLU HF 24 -152.45 -38.65 108.33
C GLU HF 24 -150.93 -38.52 108.27
N VAL HF 25 -150.42 -37.78 107.28
CA VAL HF 25 -148.98 -37.58 107.17
C VAL HF 25 -148.44 -36.85 108.39
N PHE HF 26 -149.15 -35.81 108.84
CA PHE HF 26 -148.72 -35.08 110.03
C PHE HF 26 -148.74 -35.96 111.25
N LYS HF 27 -149.76 -36.80 111.38
CA LYS HF 27 -149.79 -37.77 112.47
C LYS HF 27 -148.63 -38.77 112.38
N HIS HF 28 -148.14 -39.03 111.17
CA HIS HF 28 -146.96 -39.86 110.97
C HIS HF 28 -145.70 -39.03 110.80
N LEU HF 29 -145.69 -37.79 111.31
CA LEU HF 29 -144.57 -36.89 111.17
C LEU HF 29 -144.16 -36.35 112.54
N SER HF 30 -142.92 -35.90 112.64
CA SER HF 30 -142.38 -35.35 113.87
C SER HF 30 -142.98 -33.98 114.17
N THR HF 31 -142.82 -33.55 115.42
CA THR HF 31 -143.41 -32.29 115.87
C THR HF 31 -142.85 -31.09 115.12
N ARG HF 32 -141.53 -31.01 115.01
CA ARG HF 32 -140.90 -29.89 114.31
C ARG HF 32 -141.28 -29.89 112.84
N GLU HF 33 -141.25 -31.07 112.21
CA GLU HF 33 -141.62 -31.18 110.81
C GLU HF 33 -143.09 -30.81 110.59
N VAL HF 34 -143.96 -31.27 111.49
CA VAL HF 34 -145.39 -30.96 111.36
C VAL HF 34 -145.62 -29.46 111.50
N GLN HF 35 -144.96 -28.83 112.48
CA GLN HF 35 -145.10 -27.40 112.68
C GLN HF 35 -144.60 -26.62 111.47
N ALA HF 36 -143.44 -27.02 110.94
CA ALA HF 36 -142.89 -26.33 109.77
C ALA HF 36 -143.81 -26.47 108.56
N LEU HF 37 -144.34 -27.68 108.35
CA LEU HF 37 -145.24 -27.90 107.22
C LEU HF 37 -146.54 -27.11 107.37
N SER HF 38 -147.09 -27.05 108.59
CA SER HF 38 -148.32 -26.28 108.82
C SER HF 38 -148.07 -24.78 108.60
N THR HF 39 -146.91 -24.29 109.06
CA THR HF 39 -146.62 -22.87 108.93
C THR HF 39 -146.37 -22.48 107.47
N ALA HF 40 -145.52 -23.24 106.78
CA ALA HF 40 -145.11 -22.88 105.43
C ALA HF 40 -146.27 -22.94 104.44
N MET HF 41 -147.11 -23.96 104.56
CA MET HF 41 -148.20 -24.15 103.60
C MET HF 41 -149.16 -22.97 103.62
N ALA HF 42 -149.57 -22.54 104.82
CA ALA HF 42 -150.49 -21.42 104.92
C ALA HF 42 -149.77 -20.08 104.76
N ASN HF 43 -148.47 -20.07 105.06
CA ASN HF 43 -147.68 -18.81 104.98
C ASN HF 43 -147.45 -18.26 103.57
N VAL HF 44 -146.63 -18.94 102.78
CA VAL HF 44 -146.42 -18.51 101.37
C VAL HF 44 -146.43 -19.84 100.60
N ARG HF 45 -147.28 -19.95 99.58
CA ARG HF 45 -147.34 -21.18 98.77
C ARG HF 45 -146.92 -20.84 97.33
N GLN HF 46 -145.98 -21.61 96.78
CA GLN HF 46 -145.49 -21.33 95.40
C GLN HF 46 -145.82 -22.54 94.51
N ILE HF 47 -146.41 -22.29 93.34
CA ILE HF 47 -146.71 -23.40 92.38
C ILE HF 47 -145.92 -23.14 91.08
N SER HF 48 -145.16 -24.14 90.60
CA SER HF 48 -144.34 -23.96 89.38
C SER HF 48 -144.84 -24.92 88.28
N ASN HF 49 -145.08 -24.39 87.08
CA ASN HF 49 -145.59 -25.22 85.96
C ASN HF 49 -144.58 -26.34 85.65
N LYS HF 50 -143.28 -26.02 85.75
CA LYS HF 50 -142.24 -27.02 85.39
C LYS HF 50 -141.39 -27.42 86.60
N GLN HF 51 -140.87 -26.45 87.36
CA GLN HF 51 -139.97 -26.82 88.44
C GLN HF 51 -140.62 -27.75 89.45
N LEU HF 52 -141.88 -27.48 89.82
CA LEU HF 52 -142.58 -28.33 90.76
C LEU HF 52 -142.76 -29.74 90.20
N THR HF 53 -143.14 -29.84 88.92
CA THR HF 53 -143.30 -31.15 88.30
C THR HF 53 -141.97 -31.90 88.22
N ASP HF 54 -140.89 -31.21 87.87
CA ASP HF 54 -139.58 -31.86 87.82
C ASP HF 54 -139.16 -32.35 89.19
N VAL HF 55 -139.37 -31.54 90.23
CA VAL HF 55 -139.03 -31.94 91.59
C VAL HF 55 -139.87 -33.13 92.03
N LEU HF 56 -141.17 -33.13 91.72
CA LEU HF 56 -142.03 -34.25 92.09
C LEU HF 56 -141.58 -35.53 91.39
N SER HF 57 -141.24 -35.44 90.11
CA SER HF 57 -140.77 -36.61 89.38
C SER HF 57 -139.46 -37.14 89.97
N GLU HF 58 -138.54 -36.23 90.31
CA GLU HF 58 -137.27 -36.64 90.90
C GLU HF 58 -137.50 -37.32 92.25
N PHE HF 59 -138.40 -36.76 93.07
CA PHE HF 59 -138.70 -37.36 94.37
C PHE HF 59 -139.33 -38.75 94.19
N GLU HF 60 -140.25 -38.88 93.25
CA GLU HF 60 -140.92 -40.16 93.04
C GLU HF 60 -139.95 -41.21 92.49
N GLN HF 61 -138.90 -40.76 91.82
CA GLN HF 61 -137.96 -41.74 91.21
C GLN HF 61 -136.67 -41.85 92.04
N GLU HF 62 -136.51 -41.02 93.08
CA GLU HF 62 -135.20 -41.03 93.80
C GLU HF 62 -134.90 -42.38 94.47
N ALA HF 63 -135.87 -43.01 95.15
CA ALA HF 63 -135.61 -44.36 95.71
C ALA HF 63 -136.90 -45.15 95.93
N GLU HF 64 -136.83 -46.49 95.93
CA GLU HF 64 -138.00 -47.32 96.30
C GLU HF 64 -137.85 -47.76 97.76
N GLN HF 65 -136.75 -47.38 98.43
CA GLN HF 65 -136.46 -47.84 99.82
C GLN HF 65 -137.52 -47.35 100.81
N PHE HF 66 -137.99 -46.12 100.67
CA PHE HF 66 -138.93 -45.53 101.66
C PHE HF 66 -140.23 -46.34 101.71
N ALA HF 67 -140.72 -46.81 100.56
CA ALA HF 67 -142.04 -47.46 100.54
C ALA HF 67 -142.06 -48.72 101.40
N ALA HF 68 -141.01 -49.54 101.41
CA ALA HF 68 -141.06 -50.84 102.14
C ALA HF 68 -140.64 -50.71 103.61
N LEU HF 69 -139.38 -50.37 103.88
CA LEU HF 69 -138.87 -50.34 105.23
C LEU HF 69 -139.75 -49.48 106.14
N ASN HF 70 -140.16 -48.31 105.64
CA ASN HF 70 -140.97 -47.41 106.44
C ASN HF 70 -142.41 -47.90 106.57
N ILE HF 71 -142.86 -48.79 105.69
CA ILE HF 71 -144.22 -49.31 105.74
C ILE HF 71 -144.42 -50.08 107.04
N ASN HF 72 -143.46 -50.96 107.37
CA ASN HF 72 -143.52 -51.75 108.59
C ASN HF 72 -142.11 -51.89 109.15
N ALA HF 73 -141.80 -51.04 110.16
CA ALA HF 73 -140.50 -51.09 110.82
C ALA HF 73 -140.66 -51.44 112.29
N ASN HF 74 -141.47 -50.67 113.01
CA ASN HF 74 -141.64 -50.91 114.44
C ASN HF 74 -142.50 -52.14 114.71
N GLU HF 75 -143.55 -52.34 113.92
CA GLU HF 75 -144.43 -53.50 114.12
C GLU HF 75 -143.67 -54.80 113.90
N TYR HF 76 -142.84 -54.85 112.85
CA TYR HF 76 -142.06 -56.05 112.58
C TYR HF 76 -141.07 -56.33 113.71
N LEU HF 77 -140.41 -55.28 114.22
CA LEU HF 77 -139.47 -55.46 115.31
C LEU HF 77 -140.18 -55.96 116.57
N ARG HF 78 -141.36 -55.40 116.86
CA ARG HF 78 -142.12 -55.84 118.02
C ARG HF 78 -142.56 -57.30 117.88
N SER HF 79 -143.03 -57.68 116.69
CA SER HF 79 -143.43 -59.07 116.47
C SER HF 79 -142.26 -60.01 116.60
N VAL HF 80 -141.09 -59.62 116.07
CA VAL HF 80 -139.89 -60.45 116.18
C VAL HF 80 -139.48 -60.60 117.64
N LEU HF 81 -139.53 -59.50 118.41
CA LEU HF 81 -139.17 -59.58 119.82
C LEU HF 81 -140.14 -60.47 120.58
N VAL HF 82 -141.44 -60.38 120.27
CA VAL HF 82 -142.43 -61.21 120.96
C VAL HF 82 -142.21 -62.69 120.64
N LYS HF 83 -141.96 -62.99 119.37
CA LYS HF 83 -141.85 -64.40 118.96
C LYS HF 83 -140.49 -64.99 119.33
N ALA HF 84 -139.49 -64.13 119.56
CA ALA HF 84 -138.13 -64.61 119.75
C ALA HF 84 -137.95 -65.26 121.12
N LEU HF 85 -138.15 -64.50 122.19
CA LEU HF 85 -137.91 -64.98 123.55
C LEU HF 85 -139.21 -65.14 124.32
N GLY HF 86 -140.01 -64.08 124.40
CA GLY HF 86 -141.26 -64.15 125.14
C GLY HF 86 -141.82 -62.77 125.36
N GLU HF 87 -143.03 -62.71 125.91
CA GLU HF 87 -143.68 -61.43 126.17
C GLU HF 87 -142.90 -60.59 127.17
N GLU HF 88 -142.39 -61.23 128.23
CA GLU HF 88 -141.63 -60.51 129.25
C GLU HF 88 -140.34 -59.92 128.67
N ARG HF 89 -139.62 -60.70 127.87
CA ARG HF 89 -138.39 -60.20 127.26
C ARG HF 89 -138.67 -59.21 126.14
N ALA HF 90 -139.79 -59.38 125.43
CA ALA HF 90 -140.17 -58.44 124.38
C ALA HF 90 -140.44 -57.06 124.95
N SER HF 91 -141.08 -57.00 126.12
CA SER HF 91 -141.33 -55.71 126.76
C SER HF 91 -140.03 -55.01 127.10
N SER HF 92 -139.05 -55.75 127.65
CA SER HF 92 -137.76 -55.15 127.98
C SER HF 92 -137.03 -54.68 126.73
N LEU HF 93 -137.07 -55.48 125.66
CA LEU HF 93 -136.42 -55.10 124.41
C LEU HF 93 -137.06 -53.84 123.82
N LEU HF 94 -138.39 -53.77 123.84
CA LEU HF 94 -139.08 -52.59 123.32
C LEU HF 94 -138.78 -51.37 124.18
N GLU HF 95 -138.71 -51.55 125.50
CA GLU HF 95 -138.37 -50.42 126.38
C GLU HF 95 -136.95 -49.93 126.10
N ASP HF 96 -136.01 -50.84 125.89
CA ASP HF 96 -134.65 -50.44 125.56
C ASP HF 96 -134.60 -49.70 124.22
N ILE HF 97 -135.33 -50.21 123.23
CA ILE HF 97 -135.35 -49.57 121.92
C ILE HF 97 -135.93 -48.16 122.02
N LEU HF 98 -137.01 -48.00 122.78
CA LEU HF 98 -137.60 -46.68 122.97
C LEU HF 98 -136.65 -45.76 123.72
N GLU HF 99 -135.97 -46.27 124.74
CA GLU HF 99 -135.05 -45.45 125.52
C GLU HF 99 -133.81 -45.08 124.72
N THR HF 100 -133.53 -45.82 123.63
CA THR HF 100 -132.41 -45.46 122.76
C THR HF 100 -132.60 -44.07 122.19
N ARG HF 101 -133.85 -43.66 121.95
CA ARG HF 101 -134.15 -42.29 121.51
C ARG HF 101 -134.55 -41.49 122.73
N ASP HF 102 -133.65 -40.62 123.18
CA ASP HF 102 -133.85 -39.82 124.38
C ASP HF 102 -134.47 -38.47 124.02
N THR HF 103 -134.65 -37.62 125.03
CA THR HF 103 -135.25 -36.31 124.85
C THR HF 103 -134.26 -35.24 125.29
N THR HF 104 -134.23 -34.12 124.56
CA THR HF 104 -133.28 -33.06 124.86
C THR HF 104 -133.68 -32.27 126.09
N SER HF 105 -134.84 -31.65 126.07
CA SER HF 105 -135.32 -30.85 127.20
C SER HF 105 -135.59 -31.74 128.39
N GLY HF 106 -135.10 -31.30 129.56
CA GLY HF 106 -135.20 -32.12 130.76
C GLY HF 106 -136.60 -32.41 131.21
N ILE HF 107 -137.57 -31.57 130.83
CA ILE HF 107 -138.95 -31.78 131.27
C ILE HF 107 -139.46 -33.12 130.74
N GLU HF 108 -139.22 -33.41 129.47
CA GLU HF 108 -139.60 -34.70 128.92
C GLU HF 108 -138.74 -35.82 129.49
N THR HF 109 -137.49 -35.56 129.83
CA THR HF 109 -136.66 -36.57 130.46
C THR HF 109 -137.20 -36.95 131.83
N LEU HF 110 -137.93 -36.04 132.47
CA LEU HF 110 -138.58 -36.38 133.74
C LEU HF 110 -139.58 -37.53 133.75
N ASN HF 111 -140.25 -37.79 132.61
CA ASN HF 111 -141.19 -38.94 132.51
C ASN HF 111 -140.53 -40.30 132.27
N PHE HF 112 -139.20 -40.34 132.13
CA PHE HF 112 -138.47 -41.63 131.96
C PHE HF 112 -137.91 -42.02 133.33
N MET HF 113 -138.06 -41.14 134.32
CA MET HF 113 -137.57 -41.38 135.67
C MET HF 113 -138.68 -42.16 136.36
N GLU HF 114 -138.30 -42.83 137.46
CA GLU HF 114 -139.27 -43.54 138.27
C GLU HF 114 -140.24 -42.54 138.91
N PRO HF 115 -141.51 -42.91 139.07
CA PRO HF 115 -142.46 -41.99 139.70
C PRO HF 115 -142.07 -41.42 141.06
N GLN HF 116 -141.49 -42.24 141.93
CA GLN HF 116 -141.12 -41.74 143.25
C GLN HF 116 -139.94 -40.78 143.21
N SER HF 117 -138.99 -41.04 142.29
CA SER HF 117 -137.83 -40.16 142.16
C SER HF 117 -138.34 -38.79 141.71
N ALA HF 118 -139.23 -38.77 140.70
CA ALA HF 118 -139.79 -37.50 140.25
C ALA HF 118 -140.63 -36.85 141.33
N ALA HF 119 -141.42 -37.63 142.06
CA ALA HF 119 -142.24 -37.07 143.13
C ALA HF 119 -141.37 -36.44 144.21
N ASP HF 120 -140.29 -37.11 144.58
CA ASP HF 120 -139.37 -36.51 145.55
C ASP HF 120 -138.67 -35.29 144.98
N LEU HF 121 -138.36 -35.28 143.69
CA LEU HF 121 -137.64 -34.17 143.09
C LEU HF 121 -138.50 -32.91 143.04
N ILE HF 122 -139.78 -33.04 142.69
CA ILE HF 122 -140.62 -31.87 142.46
C ILE HF 122 -141.61 -31.63 143.59
N ARG HF 123 -141.51 -32.35 144.70
CA ARG HF 123 -142.44 -32.13 145.81
C ARG HF 123 -142.25 -30.74 146.41
N ASP HF 124 -141.00 -30.29 146.55
CA ASP HF 124 -140.74 -29.03 147.23
C ASP HF 124 -140.97 -27.82 146.33
N GLU HF 125 -141.16 -28.03 145.03
CA GLU HF 125 -141.33 -26.91 144.12
C GLU HF 125 -142.66 -26.20 144.35
N HIS HF 126 -142.76 -25.00 143.80
CA HIS HF 126 -143.98 -24.23 143.90
C HIS HF 126 -145.12 -24.97 143.19
N PRO HF 127 -146.34 -24.94 143.74
CA PRO HF 127 -147.43 -25.72 143.13
C PRO HF 127 -147.67 -25.40 141.67
N GLN HF 128 -147.55 -24.14 141.27
CA GLN HF 128 -147.71 -23.80 139.85
C GLN HF 128 -146.63 -24.42 138.99
N ILE HF 129 -145.40 -24.46 139.49
CA ILE HF 129 -144.32 -25.10 138.73
C ILE HF 129 -144.56 -26.60 138.61
N ILE HF 130 -145.08 -27.22 139.68
CA ILE HF 130 -145.45 -28.63 139.62
C ILE HF 130 -146.49 -28.82 138.53
N ALA HF 131 -147.51 -27.94 138.52
CA ALA HF 131 -148.57 -28.06 137.55
C ALA HF 131 -148.04 -27.91 136.13
N THR HF 132 -147.13 -26.95 135.93
CA THR HF 132 -146.54 -26.76 134.60
C THR HF 132 -145.77 -27.99 134.17
N ILE HF 133 -145.01 -28.57 135.09
CA ILE HF 133 -144.26 -29.83 134.76
C ILE HF 133 -145.27 -30.91 134.36
N LEU HF 134 -146.40 -31.03 135.07
CA LEU HF 134 -147.36 -32.14 134.83
C LEU HF 134 -147.97 -32.10 133.42
N VAL HF 135 -148.35 -30.92 132.91
CA VAL HF 135 -149.05 -30.86 131.60
C VAL HF 135 -147.97 -31.12 130.53
N HIS HF 136 -146.71 -30.80 130.82
CA HIS HF 136 -145.62 -31.12 129.86
C HIS HF 136 -145.22 -32.60 130.02
N LEU HF 137 -145.44 -33.16 131.21
CA LEU HF 137 -145.09 -34.58 131.47
C LEU HF 137 -146.16 -35.49 130.85
N LYS HF 138 -145.80 -36.76 130.60
CA LYS HF 138 -146.78 -37.74 130.05
C LYS HF 138 -147.91 -37.90 131.08
N ARG HF 139 -149.15 -38.05 130.61
CA ARG HF 139 -150.31 -38.12 131.54
C ARG HF 139 -150.16 -39.30 132.52
N SER HF 140 -149.80 -40.48 132.01
CA SER HF 140 -149.72 -41.67 132.90
C SER HF 140 -148.76 -41.36 134.07
N GLN HF 141 -147.59 -40.81 133.76
CA GLN HF 141 -146.57 -40.53 134.80
C GLN HF 141 -147.15 -39.53 135.80
N ALA HF 142 -147.73 -38.45 135.28
CA ALA HF 142 -148.26 -37.40 136.14
C ALA HF 142 -149.29 -37.96 137.12
N ALA HF 143 -150.12 -38.90 136.65
CA ALA HF 143 -151.11 -39.51 137.54
C ALA HF 143 -150.42 -40.27 138.67
N ASP HF 144 -149.38 -41.03 138.35
CA ASP HF 144 -148.63 -41.74 139.38
C ASP HF 144 -147.98 -40.77 140.35
N ILE HF 145 -147.40 -39.68 139.85
CA ILE HF 145 -146.78 -38.69 140.71
C ILE HF 145 -147.77 -38.09 141.71
N LEU HF 146 -148.95 -37.71 141.23
CA LEU HF 146 -149.97 -37.15 142.11
C LEU HF 146 -150.48 -38.19 143.11
N ALA HF 147 -150.49 -39.46 142.70
CA ALA HF 147 -150.86 -40.53 143.63
C ALA HF 147 -149.89 -40.58 144.79
N LEU HF 148 -148.60 -40.38 144.49
CA LEU HF 148 -147.56 -40.41 145.56
C LEU HF 148 -147.58 -39.09 146.34
N PHE HF 149 -148.24 -38.06 145.81
CA PHE HF 149 -148.22 -36.73 146.48
C PHE HF 149 -149.21 -36.69 147.63
N ASP HF 150 -148.90 -35.92 148.68
CA ASP HF 150 -149.83 -35.74 149.79
C ASP HF 150 -151.17 -35.24 149.25
N GLU HF 151 -152.24 -35.55 149.99
CA GLU HF 151 -153.58 -35.25 149.52
C GLU HF 151 -153.80 -33.74 149.38
N ARG HF 152 -153.25 -32.94 150.29
CA ARG HF 152 -153.38 -31.49 150.18
C ARG HF 152 -152.68 -30.98 148.93
N LEU HF 153 -151.42 -31.38 148.74
CA LEU HF 153 -150.70 -30.99 147.54
C LEU HF 153 -151.36 -31.57 146.30
N ARG HF 154 -151.89 -32.79 146.39
CA ARG HF 154 -152.57 -33.38 145.24
C ARG HF 154 -153.77 -32.54 144.82
N HIS HF 155 -154.63 -32.17 145.77
CA HIS HF 155 -155.78 -31.35 145.45
C HIS HF 155 -155.37 -29.98 144.91
N ASP HF 156 -154.37 -29.36 145.54
CA ASP HF 156 -153.94 -28.04 145.10
C ASP HF 156 -153.42 -28.10 143.66
N VAL HF 157 -152.57 -29.09 143.36
CA VAL HF 157 -151.99 -29.18 142.03
C VAL HF 157 -153.07 -29.53 141.01
N MET HF 158 -154.03 -30.39 141.37
CA MET HF 158 -155.11 -30.69 140.44
C MET HF 158 -155.94 -29.46 140.14
N LEU HF 159 -156.22 -28.64 141.17
CA LEU HF 159 -156.95 -27.40 140.94
C LEU HF 159 -156.17 -26.47 140.01
N ARG HF 160 -154.86 -26.37 140.23
CA ARG HF 160 -154.04 -25.54 139.34
C ARG HF 160 -154.07 -26.07 137.91
N ILE HF 161 -154.08 -27.41 137.76
CA ILE HF 161 -154.16 -28.01 136.44
C ILE HF 161 -155.47 -27.63 135.76
N ALA HF 162 -156.57 -27.64 136.52
CA ALA HF 162 -157.88 -27.34 135.93
C ALA HF 162 -157.92 -25.93 135.36
N THR HF 163 -157.37 -24.96 136.09
CA THR HF 163 -157.45 -23.55 135.71
C THR HF 163 -156.12 -22.99 135.22
N PHE HF 164 -155.34 -23.79 134.50
CA PHE HF 164 -154.06 -23.32 133.99
C PHE HF 164 -154.26 -22.17 133.00
N GLY HF 165 -153.32 -21.24 133.00
CA GLY HF 165 -153.46 -20.04 132.19
C GLY HF 165 -152.28 -19.70 131.31
N GLY HF 166 -151.38 -20.66 131.09
CA GLY HF 166 -150.26 -20.43 130.20
C GLY HF 166 -149.03 -19.76 130.79
N VAL HF 167 -147.85 -20.28 130.45
CA VAL HF 167 -146.60 -19.75 130.97
C VAL HF 167 -145.90 -18.73 130.10
N GLN HF 168 -145.13 -17.84 130.72
CA GLN HF 168 -144.35 -16.88 129.97
C GLN HF 168 -143.22 -17.72 129.35
N PRO HF 169 -142.83 -17.41 128.12
CA PRO HF 169 -141.75 -18.18 127.50
C PRO HF 169 -140.43 -18.11 128.28
N ALA HF 170 -140.14 -16.96 128.89
CA ALA HF 170 -138.90 -16.85 129.66
C ALA HF 170 -138.92 -17.77 130.87
N ALA HF 171 -140.05 -17.82 131.58
CA ALA HF 171 -140.15 -18.71 132.74
C ALA HF 171 -140.06 -20.17 132.33
N LEU HF 172 -140.71 -20.53 131.22
CA LEU HF 172 -140.63 -21.90 130.74
C LEU HF 172 -139.20 -22.27 130.36
N ALA HF 173 -138.50 -21.37 129.68
CA ALA HF 173 -137.11 -21.63 129.33
C ALA HF 173 -136.24 -21.75 130.58
N GLU HF 174 -136.52 -20.93 131.60
CA GLU HF 174 -135.76 -21.00 132.83
C GLU HF 174 -135.96 -22.35 133.53
N LEU HF 175 -137.22 -22.80 133.61
CA LEU HF 175 -137.49 -24.12 134.19
C LEU HF 175 -136.82 -25.21 133.37
N THR HF 176 -136.88 -25.08 132.04
CA THR HF 176 -136.28 -26.10 131.16
C THR HF 176 -134.80 -26.21 131.49
N GLU HF 177 -134.09 -25.07 131.45
CA GLU HF 177 -132.61 -25.11 131.66
C GLU HF 177 -132.32 -25.61 133.09
N VAL HF 178 -133.10 -25.18 134.08
CA VAL HF 178 -132.90 -25.66 135.48
C VAL HF 178 -133.07 -27.18 135.49
N LEU HF 179 -134.20 -27.67 134.98
CA LEU HF 179 -134.46 -29.10 135.03
C LEU HF 179 -133.42 -29.89 134.25
N ASN HF 180 -132.91 -29.31 133.16
CA ASN HF 180 -131.85 -29.97 132.39
C ASN HF 180 -130.60 -30.15 133.23
N GLY HF 181 -130.18 -29.09 133.93
CA GLY HF 181 -128.99 -29.17 134.75
C GLY HF 181 -129.08 -30.19 135.87
N LEU HF 182 -130.29 -30.62 136.20
CA LEU HF 182 -130.47 -31.60 137.28
C LEU HF 182 -130.51 -33.02 136.74
N LEU HF 183 -131.19 -33.21 135.61
CA LEU HF 183 -131.38 -34.59 135.11
C LEU HF 183 -130.29 -35.00 134.11
N ASP HF 184 -129.76 -34.06 133.32
CA ASP HF 184 -128.78 -34.49 132.27
C ASP HF 184 -127.56 -35.11 132.97
N GLY HF 185 -127.09 -34.51 134.07
CA GLY HF 185 -125.98 -35.10 134.84
C GLY HF 185 -126.36 -36.44 135.44
N GLN HF 186 -127.59 -36.54 135.98
CA GLN HF 186 -128.03 -37.78 136.68
C GLN HF 186 -128.18 -38.95 135.69
N ASN HF 187 -127.81 -40.16 136.12
CA ASN HF 187 -128.07 -41.35 135.24
C ASN HF 187 -129.59 -41.50 135.16
N LEU HF 188 -130.12 -41.85 133.98
CA LEU HF 188 -131.59 -41.88 133.83
C LEU HF 188 -132.05 -43.24 133.27
N LYS HF 189 -131.36 -44.35 133.59
CA LYS HF 189 -131.87 -45.63 133.10
C LYS HF 189 -131.59 -46.72 134.13
N ARG HF 190 -132.40 -46.69 135.20
CA ARG HF 190 -132.33 -47.72 136.22
C ARG HF 190 -132.75 -49.07 135.63
N SER HF 191 -131.80 -49.98 135.49
CA SER HF 191 -132.08 -51.28 134.90
C SER HF 191 -132.75 -52.17 135.94
N LYS HF 192 -133.94 -52.67 135.61
CA LYS HF 192 -134.70 -53.53 136.52
C LYS HF 192 -134.60 -54.96 136.01
N MET HF 193 -133.84 -55.78 136.73
CA MET HF 193 -133.64 -57.18 136.39
C MET HF 193 -134.10 -58.03 137.57
N GLY HF 194 -135.15 -58.83 137.35
CA GLY HF 194 -135.63 -59.73 138.43
C GLY HF 194 -136.81 -59.15 139.16
N GLY HF 195 -138.03 -59.58 138.82
CA GLY HF 195 -139.21 -59.11 139.52
C GLY HF 195 -139.85 -60.24 140.29
N VAL HF 196 -141.01 -60.70 139.83
CA VAL HF 196 -141.70 -61.85 140.41
C VAL HF 196 -141.64 -63.12 139.55
N ARG HF 197 -141.50 -62.91 138.24
CA ARG HF 197 -141.34 -64.04 137.32
C ARG HF 197 -140.03 -64.69 137.72
N THR HF 198 -138.99 -63.90 137.91
CA THR HF 198 -137.69 -64.45 138.30
C THR HF 198 -137.77 -65.09 139.68
N ALA HF 199 -138.48 -64.47 140.61
CA ALA HF 199 -138.63 -65.05 141.94
C ALA HF 199 -139.36 -66.38 141.87
N ALA HF 200 -140.42 -66.46 141.06
CA ALA HF 200 -141.14 -67.72 140.92
C ALA HF 200 -140.26 -68.79 140.29
N GLU HF 201 -139.48 -68.42 139.27
CA GLU HF 201 -138.58 -69.38 138.65
C GLU HF 201 -137.53 -69.87 139.65
N ILE HF 202 -137.00 -68.98 140.47
CA ILE HF 202 -136.03 -69.38 141.49
C ILE HF 202 -136.69 -70.33 142.49
N ILE HF 203 -137.91 -70.01 142.92
CA ILE HF 203 -138.59 -70.84 143.91
C ILE HF 203 -138.86 -72.23 143.36
N ASN HF 204 -139.28 -72.30 142.10
CA ASN HF 204 -139.71 -73.57 141.51
C ASN HF 204 -138.60 -74.61 141.44
N LEU HF 205 -137.33 -74.20 141.55
CA LEU HF 205 -136.21 -75.12 141.39
C LEU HF 205 -135.56 -75.56 142.69
N MET HF 206 -136.11 -75.20 143.84
CA MET HF 206 -135.53 -75.59 145.11
C MET HF 206 -136.40 -76.63 145.80
N LYS HF 207 -135.95 -77.07 146.97
CA LYS HF 207 -136.63 -78.13 147.70
C LYS HF 207 -138.03 -77.73 148.14
N THR HF 208 -138.91 -78.73 148.29
CA THR HF 208 -140.29 -78.47 148.63
C THR HF 208 -140.44 -77.80 149.99
N GLN HF 209 -139.65 -78.26 150.98
CA GLN HF 209 -139.75 -77.66 152.31
C GLN HF 209 -139.34 -76.20 152.28
N GLN HF 210 -138.23 -75.89 151.62
CA GLN HF 210 -137.84 -74.49 151.47
C GLN HF 210 -138.86 -73.73 150.64
N GLU HF 211 -139.47 -74.38 149.64
CA GLU HF 211 -140.50 -73.72 148.85
C GLU HF 211 -141.67 -73.27 149.72
N GLU HF 212 -142.20 -74.19 150.54
CA GLU HF 212 -143.31 -73.82 151.40
C GLU HF 212 -142.90 -72.79 152.45
N ALA HF 213 -141.68 -72.90 152.98
CA ALA HF 213 -141.21 -71.92 153.95
C ALA HF 213 -141.17 -70.52 153.33
N VAL HF 214 -140.61 -70.40 152.13
CA VAL HF 214 -140.50 -69.07 151.54
C VAL HF 214 -141.86 -68.54 151.12
N ILE HF 215 -142.77 -69.38 150.62
CA ILE HF 215 -144.06 -68.85 150.20
C ILE HF 215 -144.87 -68.43 151.41
N THR HF 216 -144.78 -69.18 152.52
CA THR HF 216 -145.51 -68.75 153.72
C THR HF 216 -144.89 -67.50 154.32
N ALA HF 217 -143.56 -67.34 154.21
CA ALA HF 217 -142.94 -66.10 154.67
C ALA HF 217 -143.42 -64.91 153.85
N VAL HF 218 -143.48 -65.08 152.53
CA VAL HF 218 -143.98 -64.00 151.67
C VAL HF 218 -145.43 -63.69 152.00
N ARG HF 219 -146.24 -64.72 152.20
CA ARG HF 219 -147.65 -64.51 152.55
C ARG HF 219 -147.78 -63.76 153.87
N GLU HF 220 -146.92 -64.07 154.83
CA GLU HF 220 -146.89 -63.31 156.08
C GLU HF 220 -146.54 -61.85 155.81
N PHE HF 221 -145.56 -61.62 154.94
CA PHE HF 221 -145.21 -60.24 154.58
C PHE HF 221 -146.33 -59.52 153.82
N ASP HF 222 -146.92 -60.19 152.83
CA ASP HF 222 -147.98 -59.62 152.03
C ASP HF 222 -148.64 -60.77 151.27
N GLY HF 223 -149.95 -60.95 151.48
CA GLY HF 223 -150.64 -62.03 150.81
C GLY HF 223 -150.78 -61.89 149.31
N GLU HF 224 -150.95 -60.64 148.83
CA GLU HF 224 -151.09 -60.41 147.40
C GLU HF 224 -149.83 -60.82 146.64
N LEU HF 225 -148.66 -60.47 147.19
CA LEU HF 225 -147.41 -60.87 146.55
C LEU HF 225 -147.27 -62.38 146.51
N ALA HF 226 -147.64 -63.06 147.59
CA ALA HF 226 -147.58 -64.52 147.60
C ALA HF 226 -148.50 -65.15 146.56
N GLN HF 227 -149.72 -64.62 146.42
CA GLN HF 227 -150.62 -65.15 145.42
C GLN HF 227 -150.11 -64.90 144.01
N LYS HF 228 -149.54 -63.72 143.77
CA LYS HF 228 -148.99 -63.42 142.45
C LYS HF 228 -147.82 -64.35 142.16
N ILE HF 229 -146.99 -64.62 143.17
CA ILE HF 229 -145.88 -65.56 143.00
C ILE HF 229 -146.40 -66.95 142.68
N ILE HF 230 -147.45 -67.38 143.38
CA ILE HF 230 -148.04 -68.69 143.13
C ILE HF 230 -148.62 -68.81 141.72
N ASP HF 231 -149.26 -67.74 141.24
CA ASP HF 231 -149.83 -67.77 139.90
C ASP HF 231 -148.73 -67.79 138.85
N GLU HF 232 -147.66 -67.03 139.07
CA GLU HF 232 -146.55 -67.02 138.13
C GLU HF 232 -145.81 -68.35 138.26
N MET HF 233 -145.99 -69.05 139.39
CA MET HF 233 -145.30 -70.32 139.58
C MET HF 233 -145.69 -71.33 138.52
N PHE HF 234 -146.99 -71.51 138.29
CA PHE HF 234 -147.51 -72.44 137.30
C PHE HF 234 -148.42 -71.69 136.32
N LEU HF 235 -147.88 -71.38 135.14
CA LEU HF 235 -148.65 -70.69 134.12
C LEU HF 235 -149.56 -71.67 133.38
N PHE HF 236 -150.44 -71.12 132.54
CA PHE HF 236 -151.34 -71.96 131.77
C PHE HF 236 -150.66 -72.47 130.51
N GLU HF 237 -149.47 -73.04 130.68
CA GLU HF 237 -148.74 -73.69 129.59
C GLU HF 237 -148.10 -75.01 129.97
N ASN HF 238 -147.99 -75.33 131.25
CA ASN HF 238 -147.42 -76.60 131.70
C ASN HF 238 -148.47 -77.69 131.88
N LEU HF 239 -149.73 -77.38 131.57
CA LEU HF 239 -150.79 -78.38 131.70
C LEU HF 239 -150.56 -79.57 130.77
N VAL HF 240 -149.79 -79.40 129.70
CA VAL HF 240 -149.44 -80.51 128.84
C VAL HF 240 -148.59 -81.54 129.56
N ASP HF 241 -147.84 -81.12 130.58
CA ASP HF 241 -146.99 -82.02 131.35
C ASP HF 241 -147.73 -82.69 132.51
N VAL HF 242 -149.00 -82.40 132.69
CA VAL HF 242 -149.78 -83.01 133.76
C VAL HF 242 -150.14 -84.43 133.37
N ASP HF 243 -150.19 -85.33 134.36
CA ASP HF 243 -150.51 -86.72 134.09
C ASP HF 243 -151.97 -86.87 133.67
N ASP HF 244 -152.23 -87.94 132.92
CA ASP HF 244 -153.59 -88.21 132.46
C ASP HF 244 -154.53 -88.47 133.63
N ARG HF 245 -154.06 -89.21 134.64
CA ARG HF 245 -154.88 -89.45 135.82
C ARG HF 245 -155.20 -88.16 136.55
N SER HF 246 -154.23 -87.26 136.68
CA SER HF 246 -154.48 -85.97 137.31
C SER HF 246 -155.49 -85.16 136.51
N ILE HF 247 -155.38 -85.19 135.18
CA ILE HF 247 -156.34 -84.48 134.34
C ILE HF 247 -157.74 -85.04 134.52
N GLN HF 248 -157.87 -86.37 134.55
CA GLN HF 248 -159.19 -86.97 134.75
C GLN HF 248 -159.76 -86.61 136.12
N ARG HF 249 -158.91 -86.62 137.15
CA ARG HF 249 -159.38 -86.26 138.49
C ARG HF 249 -159.83 -84.80 138.54
N LEU HF 250 -159.09 -83.90 137.89
CA LEU HF 250 -159.45 -82.49 137.91
C LEU HF 250 -160.67 -82.22 137.02
N LEU HF 251 -160.93 -83.08 136.04
CA LEU HF 251 -162.10 -82.87 135.18
C LEU HF 251 -163.40 -82.97 135.96
N GLN HF 252 -163.40 -83.71 137.08
CA GLN HF 252 -164.61 -83.85 137.88
C GLN HF 252 -165.01 -82.55 138.58
N GLU HF 253 -164.11 -81.59 138.71
CA GLU HF 253 -164.40 -80.33 139.38
C GLU HF 253 -164.34 -79.13 138.46
N VAL HF 254 -164.21 -79.33 137.14
CA VAL HF 254 -164.10 -78.25 136.18
C VAL HF 254 -165.43 -78.12 135.46
N ASP HF 255 -165.98 -76.91 135.46
CA ASP HF 255 -167.23 -76.65 134.74
C ASP HF 255 -167.00 -76.75 133.24
N SER HF 256 -167.98 -77.31 132.53
CA SER HF 256 -167.84 -77.50 131.10
C SER HF 256 -167.73 -76.16 130.37
N GLU HF 257 -168.56 -75.19 130.74
CA GLU HF 257 -168.51 -73.89 130.10
C GLU HF 257 -167.18 -73.18 130.38
N SER HF 258 -166.74 -73.19 131.63
CA SER HF 258 -165.47 -72.55 131.97
C SER HF 258 -164.30 -73.25 131.29
N LEU HF 259 -164.31 -74.58 131.26
CA LEU HF 259 -163.25 -75.31 130.59
C LEU HF 259 -163.22 -75.00 129.10
N LEU HF 260 -164.39 -74.95 128.46
CA LEU HF 260 -164.45 -74.63 127.04
C LEU HF 260 -163.95 -73.20 126.78
N ILE HF 261 -164.33 -72.26 127.64
CA ILE HF 261 -163.87 -70.88 127.48
C ILE HF 261 -162.35 -70.81 127.61
N ALA HF 262 -161.79 -71.51 128.60
CA ALA HF 262 -160.35 -71.51 128.79
C ALA HF 262 -159.62 -72.16 127.61
N LEU HF 263 -160.17 -73.27 127.10
CA LEU HF 263 -159.53 -74.01 126.02
C LEU HF 263 -159.83 -73.44 124.64
N LYS HF 264 -160.68 -72.41 124.55
CA LYS HF 264 -160.95 -71.80 123.25
C LYS HF 264 -159.69 -71.19 122.65
N GLY HF 265 -158.90 -70.50 123.45
CA GLY HF 265 -157.64 -69.93 123.02
C GLY HF 265 -156.42 -70.76 123.34
N ALA HF 266 -156.59 -71.97 123.88
CA ALA HF 266 -155.46 -72.81 124.25
C ALA HF 266 -154.85 -73.46 123.01
N GLU HF 267 -153.66 -74.03 123.18
CA GLU HF 267 -152.99 -74.71 122.08
C GLU HF 267 -153.76 -75.99 121.70
N PRO HF 268 -153.76 -76.37 120.43
CA PRO HF 268 -154.46 -77.59 120.01
C PRO HF 268 -153.91 -78.80 120.73
N PRO HF 269 -152.60 -78.86 120.96
CA PRO HF 269 -152.06 -80.00 121.74
C PRO HF 269 -152.63 -80.08 123.15
N LEU HF 270 -152.81 -78.93 123.81
CA LEU HF 270 -153.38 -78.95 125.15
C LEU HF 270 -154.83 -79.44 125.12
N ARG HF 271 -155.60 -78.99 124.12
CA ARG HF 271 -156.98 -79.45 124.00
C ARG HF 271 -157.05 -80.94 123.73
N GLU HF 272 -156.16 -81.45 122.88
CA GLU HF 272 -156.13 -82.88 122.59
C GLU HF 272 -155.75 -83.68 123.83
N LYS HF 273 -154.77 -83.20 124.59
CA LYS HF 273 -154.36 -83.88 125.81
C LYS HF 273 -155.48 -83.88 126.85
N PHE HF 274 -156.19 -82.77 126.97
CA PHE HF 274 -157.27 -82.64 127.94
C PHE HF 274 -158.56 -83.32 127.49
N LEU HF 275 -158.68 -83.68 126.22
CA LEU HF 275 -159.85 -84.36 125.70
C LEU HF 275 -159.75 -85.88 125.78
N ARG HF 276 -158.61 -86.41 126.24
CA ARG HF 276 -158.41 -87.85 126.37
C ARG HF 276 -158.79 -88.38 127.74
N ASN HF 277 -159.24 -87.51 128.65
CA ASN HF 277 -159.60 -87.92 130.00
C ASN HF 277 -161.11 -88.11 130.18
N MET HF 278 -161.93 -87.53 129.32
CA MET HF 278 -163.37 -87.66 129.42
C MET HF 278 -163.87 -88.74 128.46
N SER HF 279 -165.18 -88.92 128.39
CA SER HF 279 -165.76 -89.91 127.50
C SER HF 279 -165.69 -89.44 126.05
N GLN HF 280 -165.88 -90.40 125.13
CA GLN HF 280 -165.88 -90.06 123.71
C GLN HF 280 -167.01 -89.10 123.35
N ARG HF 281 -168.20 -89.34 123.90
CA ARG HF 281 -169.31 -88.43 123.68
C ARG HF 281 -169.02 -87.06 124.28
N ALA HF 282 -168.44 -87.04 125.49
CA ALA HF 282 -168.07 -85.77 126.10
C ALA HF 282 -167.01 -85.03 125.29
N ALA HF 283 -166.03 -85.76 124.77
CA ALA HF 283 -165.00 -85.14 123.93
C ALA HF 283 -165.61 -84.56 122.66
N ASP HF 284 -166.51 -85.31 122.02
CA ASP HF 284 -167.17 -84.81 120.82
C ASP HF 284 -168.01 -83.58 121.12
N ILE HF 285 -168.73 -83.59 122.24
CA ILE HF 285 -169.52 -82.42 122.63
C ILE HF 285 -168.63 -81.21 122.88
N LEU HF 286 -167.51 -81.40 123.57
CA LEU HF 286 -166.58 -80.30 123.81
C LEU HF 286 -166.00 -79.77 122.51
N ARG HF 287 -165.65 -80.66 121.58
CA ARG HF 287 -165.13 -80.22 120.29
C ARG HF 287 -166.17 -79.43 119.51
N ASP HF 288 -167.42 -79.91 119.52
CA ASP HF 288 -168.49 -79.20 118.82
C ASP HF 288 -168.74 -77.84 119.45
N ASP HF 289 -168.71 -77.75 120.78
CA ASP HF 289 -168.91 -76.47 121.45
C ASP HF 289 -167.77 -75.51 121.13
N LEU HF 290 -166.53 -76.01 121.12
CA LEU HF 290 -165.39 -75.15 120.78
C LEU HF 290 -165.48 -74.66 119.34
N ALA HF 291 -165.89 -75.53 118.41
CA ALA HF 291 -166.03 -75.12 117.01
C ALA HF 291 -167.14 -74.09 116.87
N ASN HF 292 -168.26 -74.29 117.57
CA ASN HF 292 -169.38 -73.36 117.47
C ASN HF 292 -169.18 -72.08 118.26
N ARG HF 293 -168.26 -72.08 119.22
CA ARG HF 293 -168.03 -70.88 120.03
C ARG HF 293 -167.32 -69.81 119.21
N GLY HF 294 -167.88 -68.60 119.23
CA GLY HF 294 -167.28 -67.49 118.53
C GLY HF 294 -166.16 -66.86 119.32
N PRO HF 295 -165.48 -65.90 118.69
CA PRO HF 295 -164.40 -65.19 119.38
C PRO HF 295 -164.93 -64.43 120.59
N VAL HF 296 -164.14 -64.40 121.65
CA VAL HF 296 -164.51 -63.72 122.89
C VAL HF 296 -163.31 -62.93 123.39
N ARG HF 297 -163.59 -61.93 124.23
CA ARG HF 297 -162.52 -61.14 124.83
C ARG HF 297 -161.68 -62.00 125.76
N LEU HF 298 -160.38 -61.73 125.77
CA LEU HF 298 -159.45 -62.52 126.58
C LEU HF 298 -159.64 -62.29 128.08
N SER HF 299 -160.38 -61.26 128.49
CA SER HF 299 -160.56 -60.99 129.91
C SER HF 299 -161.29 -62.13 130.62
N GLN HF 300 -162.35 -62.66 130.02
CA GLN HF 300 -163.09 -63.75 130.61
C GLN HF 300 -162.39 -65.09 130.46
N VAL HF 301 -161.72 -65.32 129.33
CA VAL HF 301 -160.98 -66.55 129.14
C VAL HF 301 -159.83 -66.64 130.14
N GLU HF 302 -159.17 -65.51 130.40
CA GLU HF 302 -158.11 -65.50 131.40
C GLU HF 302 -158.64 -65.82 132.78
N ASN HF 303 -159.81 -65.29 133.14
CA ASN HF 303 -160.40 -65.59 134.44
C ASN HF 303 -160.78 -67.06 134.54
N GLU HF 304 -161.34 -67.62 133.47
CA GLU HF 304 -161.68 -69.05 133.47
C GLU HF 304 -160.44 -69.92 133.62
N GLN HF 305 -159.37 -69.57 132.88
CA GLN HF 305 -158.13 -70.33 133.00
C GLN HF 305 -157.53 -70.20 134.39
N LYS HF 306 -157.63 -69.01 134.99
CA LYS HF 306 -157.15 -68.82 136.36
C LYS HF 306 -157.93 -69.67 137.34
N ALA HF 307 -159.25 -69.74 137.18
CA ALA HF 307 -160.07 -70.58 138.06
C ALA HF 307 -159.69 -72.05 137.89
N ILE HF 308 -159.50 -72.49 136.65
CA ILE HF 308 -159.12 -73.89 136.40
C ILE HF 308 -157.76 -74.19 137.01
N LEU HF 309 -156.80 -73.28 136.86
CA LEU HF 309 -155.48 -73.47 137.44
C LEU HF 309 -155.54 -73.48 138.96
N LEU HF 310 -156.38 -72.62 139.56
CA LEU HF 310 -156.53 -72.62 141.01
C LEU HF 310 -157.10 -73.95 141.49
N ILE HF 311 -158.10 -74.48 140.77
CA ILE HF 311 -158.67 -75.77 141.15
C ILE HF 311 -157.62 -76.87 141.04
N VAL HF 312 -156.84 -76.86 139.96
CA VAL HF 312 -155.80 -77.88 139.76
C VAL HF 312 -154.75 -77.77 140.87
N ARG HF 313 -154.35 -76.55 141.21
CA ARG HF 313 -153.35 -76.35 142.26
C ARG HF 313 -153.88 -76.81 143.61
N ARG HF 314 -155.16 -76.54 143.89
CA ARG HF 314 -155.75 -77.01 145.13
C ARG HF 314 -155.77 -78.54 145.19
N LEU HF 315 -156.12 -79.17 144.06
CA LEU HF 315 -156.13 -80.63 144.01
C LEU HF 315 -154.72 -81.19 144.22
N ALA HF 316 -153.72 -80.57 143.61
CA ALA HF 316 -152.35 -81.03 143.78
C ALA HF 316 -151.87 -80.84 145.20
N GLU HF 317 -152.21 -79.71 145.82
CA GLU HF 317 -151.81 -79.45 147.20
C GLU HF 317 -152.47 -80.44 148.16
N THR HF 318 -153.73 -80.78 147.87
CA THR HF 318 -154.41 -81.80 148.68
C THR HF 318 -153.69 -83.14 148.57
N GLY HF 319 -153.24 -83.49 147.37
CA GLY HF 319 -152.50 -84.72 147.16
C GLY HF 319 -153.22 -85.68 146.24
N GLU HF 320 -154.13 -85.15 145.40
CA GLU HF 320 -154.91 -85.96 144.49
C GLU HF 320 -154.56 -85.68 143.03
N MET HF 321 -153.35 -85.21 142.75
CA MET HF 321 -152.93 -84.92 141.39
C MET HF 321 -151.42 -85.07 141.33
N VAL HF 322 -150.90 -85.29 140.13
CA VAL HF 322 -149.47 -85.45 139.90
C VAL HF 322 -149.11 -84.85 138.55
N ILE HF 323 -147.80 -84.82 138.24
CA ILE HF 323 -147.32 -84.29 136.98
C ILE HF 323 -146.35 -85.27 136.35
N GLY HF 324 -146.00 -85.06 135.09
CA GLY HF 324 -145.08 -85.94 134.39
C GLY HF 324 -144.78 -85.50 132.97
N SER IF 33 -135.25 11.79 192.10
CA SER IF 33 -134.03 11.36 191.41
C SER IF 33 -134.18 9.95 190.86
N ASP IF 34 -134.12 9.83 189.54
CA ASP IF 34 -134.21 8.53 188.88
C ASP IF 34 -132.83 7.89 188.86
N ILE IF 35 -132.72 6.74 189.51
CA ILE IF 35 -131.46 6.01 189.60
C ILE IF 35 -131.76 4.52 189.58
N ARG IF 36 -131.40 3.85 188.49
CA ARG IF 36 -131.64 2.42 188.34
C ARG IF 36 -130.34 1.74 187.99
N PRO IF 37 -130.16 0.44 188.36
CA PRO IF 37 -128.88 -0.28 188.12
C PRO IF 37 -128.61 -0.40 186.62
N TYR IF 38 -127.34 -0.40 186.26
CA TYR IF 38 -126.93 -0.52 184.87
C TYR IF 38 -127.06 -1.97 184.43
N ASP IF 39 -127.88 -2.21 183.42
CA ASP IF 39 -128.03 -3.53 182.84
C ASP IF 39 -127.49 -3.52 181.42
N PRO IF 40 -126.45 -4.29 181.12
CA PRO IF 40 -125.96 -4.34 179.74
C PRO IF 40 -127.00 -4.94 178.81
N ASN IF 41 -126.66 -4.93 177.52
CA ASN IF 41 -127.47 -5.43 176.40
C ASN IF 41 -128.90 -4.91 176.40
N THR IF 42 -129.18 -3.78 177.07
CA THR IF 42 -130.49 -3.16 177.02
C THR IF 42 -130.52 -2.08 175.96
N GLN IF 43 -131.65 -1.96 175.27
CA GLN IF 43 -131.81 -1.00 174.18
C GLN IF 43 -131.92 0.39 174.79
N ARG IF 44 -130.76 1.00 175.07
CA ARG IF 44 -130.70 2.33 175.65
C ARG IF 44 -130.23 3.39 174.67
N ARG IF 45 -129.66 3.00 173.53
CA ARG IF 45 -129.18 3.95 172.54
C ARG IF 45 -130.32 4.26 171.58
N VAL IF 46 -130.85 5.49 171.67
CA VAL IF 46 -131.93 5.95 170.81
C VAL IF 46 -131.40 7.09 169.95
N VAL IF 47 -131.42 6.90 168.63
CA VAL IF 47 -130.94 7.90 167.68
C VAL IF 47 -132.06 8.10 166.67
N ARG IF 48 -132.91 9.11 166.90
CA ARG IF 48 -134.03 9.42 166.02
C ARG IF 48 -133.63 10.61 165.16
N GLU IF 49 -133.71 10.43 163.84
CA GLU IF 49 -133.32 11.49 162.91
C GLU IF 49 -134.17 11.34 161.66
N ARG IF 50 -134.89 12.38 161.30
CA ARG IF 50 -135.68 12.38 160.08
C ARG IF 50 -134.75 12.39 158.88
N LEU IF 51 -135.06 11.55 157.88
CA LEU IF 51 -134.23 11.40 156.69
C LEU IF 51 -135.09 11.72 155.46
N GLN IF 52 -135.16 13.01 155.12
CA GLN IF 52 -136.02 13.44 154.02
C GLN IF 52 -135.51 12.91 152.68
N ALA IF 53 -134.19 12.96 152.48
CA ALA IF 53 -133.56 12.52 151.21
C ALA IF 53 -133.88 11.03 150.99
N LEU IF 54 -133.83 10.18 152.02
CA LEU IF 54 -134.27 8.79 151.92
C LEU IF 54 -135.78 8.72 151.71
N GLU IF 55 -136.51 9.64 152.33
CA GLU IF 55 -137.97 9.65 152.18
C GLU IF 55 -138.39 9.89 150.74
N ILE IF 56 -137.57 10.58 149.95
CA ILE IF 56 -137.95 10.81 148.56
C ILE IF 56 -137.33 9.74 147.67
N ILE IF 57 -136.15 9.23 148.07
CA ILE IF 57 -135.53 8.14 147.32
C ILE IF 57 -136.42 6.90 147.37
N ASN IF 58 -137.09 6.68 148.48
CA ASN IF 58 -137.99 5.53 148.58
C ASN IF 58 -139.14 5.60 147.58
N GLU IF 59 -139.77 6.75 147.43
CA GLU IF 59 -140.85 6.89 146.44
C GLU IF 59 -140.33 6.78 145.02
N ARG IF 60 -139.16 7.36 144.75
CA ARG IF 60 -138.60 7.26 143.40
C ARG IF 60 -138.35 5.79 143.06
N PHE IF 61 -137.73 5.07 144.01
CA PHE IF 61 -137.49 3.64 143.80
C PHE IF 61 -138.78 2.86 143.69
N ALA IF 62 -139.80 3.25 144.46
CA ALA IF 62 -141.07 2.55 144.40
C ALA IF 62 -141.73 2.72 143.03
N ARG IF 63 -141.66 3.93 142.48
CA ARG IF 63 -142.21 4.14 141.15
C ARG IF 63 -141.45 3.31 140.11
N GLN IF 64 -140.12 3.33 140.19
CA GLN IF 64 -139.32 2.55 139.25
C GLN IF 64 -139.62 1.06 139.37
N PHE IF 65 -139.75 0.56 140.60
CA PHE IF 65 -140.01 -0.85 140.82
C PHE IF 65 -141.42 -1.24 140.37
N ARG IF 66 -142.39 -0.35 140.54
CA ARG IF 66 -143.73 -0.63 140.02
C ARG IF 66 -143.84 -0.85 138.52
N MET IF 67 -143.19 0.01 137.72
CA MET IF 67 -143.16 -0.22 136.28
C MET IF 67 -142.32 -1.45 135.85
N GLY IF 68 -141.28 -1.73 136.63
CA GLY IF 68 -140.45 -2.90 136.37
C GLY IF 68 -141.33 -4.10 136.61
N LEU IF 69 -142.09 -4.10 137.71
CA LEU IF 69 -142.99 -5.20 138.00
C LEU IF 69 -144.10 -5.30 136.95
N PHE IF 70 -144.60 -4.16 136.49
CA PHE IF 70 -145.56 -4.19 135.40
C PHE IF 70 -144.94 -4.79 134.15
N ASN IF 71 -143.70 -4.40 133.84
CA ASN IF 71 -143.03 -4.95 132.68
C ASN IF 71 -142.83 -6.46 132.78
N LEU IF 72 -142.56 -6.95 133.99
CA LEU IF 72 -142.25 -8.37 134.16
C LEU IF 72 -143.51 -9.22 134.29
N LEU IF 73 -144.32 -8.96 135.32
CA LEU IF 73 -145.47 -9.79 135.64
C LEU IF 73 -146.64 -9.61 134.68
N ARG IF 74 -146.59 -8.61 133.82
CA ARG IF 74 -147.72 -8.27 132.94
C ARG IF 74 -148.98 -8.01 133.75
N ARG IF 75 -148.84 -7.40 134.92
CA ARG IF 75 -149.95 -7.03 135.78
C ARG IF 75 -149.70 -5.63 136.31
N SER IF 76 -150.63 -5.14 137.12
CA SER IF 76 -150.57 -3.77 137.64
C SER IF 76 -150.38 -3.78 139.15
N PRO IF 77 -149.15 -3.76 139.65
CA PRO IF 77 -148.94 -3.62 141.10
C PRO IF 77 -148.99 -2.21 141.63
N ASP IF 78 -149.33 -2.10 142.92
CA ASP IF 78 -149.26 -0.81 143.61
C ASP IF 78 -148.37 -1.01 144.83
N ILE IF 79 -147.38 -0.13 144.97
CA ILE IF 79 -146.40 -0.20 146.04
C ILE IF 79 -146.60 0.98 146.96
N THR IF 80 -146.87 0.71 148.22
CA THR IF 80 -147.01 1.73 149.25
C THR IF 80 -145.75 1.72 150.09
N VAL IF 81 -145.11 2.89 150.20
CA VAL IF 81 -143.89 3.00 150.99
C VAL IF 81 -144.24 3.19 152.45
N GLY IF 82 -143.74 2.32 153.30
CA GLY IF 82 -143.98 2.45 154.73
C GLY IF 82 -143.05 3.45 155.37
N ALA IF 83 -143.29 3.69 156.66
CA ALA IF 83 -142.45 4.60 157.41
C ALA IF 83 -141.06 4.01 157.61
N ILE IF 84 -140.03 4.83 157.40
CA ILE IF 84 -138.67 4.40 157.62
C ILE IF 84 -138.47 4.14 159.11
N ARG IF 85 -137.93 2.96 159.44
CA ARG IF 85 -137.70 2.58 160.82
C ARG IF 85 -136.21 2.55 161.13
N ILE IF 86 -135.80 3.31 162.15
CA ILE IF 86 -134.43 3.33 162.61
C ILE IF 86 -134.34 2.50 163.89
N GLN IF 87 -133.83 1.27 163.76
CA GLN IF 87 -133.96 0.29 164.82
C GLN IF 87 -132.71 -0.55 164.95
N PRO IF 88 -132.46 -1.13 166.12
CA PRO IF 88 -131.33 -2.05 166.25
C PRO IF 88 -131.51 -3.26 165.35
N TYR IF 89 -130.38 -3.82 164.91
CA TYR IF 89 -130.42 -4.90 163.92
C TYR IF 89 -131.18 -6.15 164.35
N HIS IF 90 -131.12 -6.51 165.64
CA HIS IF 90 -131.79 -7.72 166.16
C HIS IF 90 -133.31 -7.54 166.21
N GLU IF 91 -133.81 -6.30 166.22
CA GLU IF 91 -135.25 -6.02 166.13
C GLU IF 91 -135.65 -6.34 164.69
N PHE IF 92 -134.88 -5.85 163.73
CA PHE IF 92 -135.15 -6.14 162.32
C PHE IF 92 -135.07 -7.64 162.05
N ALA IF 93 -134.08 -8.30 162.63
CA ALA IF 93 -133.93 -9.74 162.41
C ALA IF 93 -135.10 -10.51 163.00
N ARG IF 94 -135.53 -10.14 164.21
CA ARG IF 94 -136.59 -10.91 164.86
C ARG IF 94 -137.94 -10.65 164.22
N ASN IF 95 -138.16 -9.45 163.66
CA ASN IF 95 -139.44 -9.18 163.01
C ASN IF 95 -139.57 -9.94 161.69
N LEU IF 96 -138.44 -10.33 161.10
CA LEU IF 96 -138.48 -11.05 159.84
C LEU IF 96 -139.05 -12.46 160.04
N PRO IF 97 -139.75 -12.99 159.04
CA PRO IF 97 -140.22 -14.37 159.11
C PRO IF 97 -139.15 -15.34 158.65
N VAL IF 98 -139.42 -16.62 158.87
CA VAL IF 98 -138.47 -17.67 158.49
C VAL IF 98 -139.20 -18.77 157.73
N PRO IF 99 -138.72 -19.16 156.54
CA PRO IF 99 -137.59 -18.60 155.81
C PRO IF 99 -137.99 -17.37 155.02
N THR IF 100 -137.03 -16.54 154.64
CA THR IF 100 -137.26 -15.34 153.82
C THR IF 100 -136.02 -15.15 152.99
N ASN IF 101 -136.14 -14.89 151.69
CA ASN IF 101 -134.98 -14.53 150.82
C ASN IF 101 -134.32 -13.22 151.22
N LEU IF 102 -133.05 -13.25 151.61
CA LEU IF 102 -132.25 -12.05 151.96
C LEU IF 102 -131.22 -11.81 150.83
N ASN IF 103 -131.03 -10.61 150.32
CA ASN IF 103 -130.12 -10.37 149.15
C ASN IF 103 -129.00 -9.41 149.59
N LEU IF 104 -127.83 -9.91 150.00
CA LEU IF 104 -126.76 -9.01 150.38
C LEU IF 104 -126.32 -8.21 149.18
N ILE IF 105 -126.28 -6.89 149.32
CA ILE IF 105 -125.95 -6.00 148.22
C ILE IF 105 -124.86 -5.05 148.67
N HIS IF 106 -124.00 -4.67 147.72
CA HIS IF 106 -122.91 -3.74 147.97
C HIS IF 106 -123.25 -2.41 147.34
N LEU IF 107 -123.36 -1.38 148.16
CA LEU IF 107 -123.64 -0.02 147.67
C LEU IF 107 -122.34 0.78 147.57
N LYS IF 108 -121.46 0.33 146.69
CA LYS IF 108 -120.19 1.00 146.52
C LYS IF 108 -120.40 2.42 145.97
N PRO IF 109 -119.52 3.36 146.35
CA PRO IF 109 -118.29 3.21 147.13
C PRO IF 109 -118.51 3.25 148.64
N LEU IF 110 -119.75 3.18 149.11
CA LEU IF 110 -120.02 3.20 150.55
C LEU IF 110 -119.59 1.86 151.15
N ARG IF 111 -118.70 1.90 152.13
CA ARG IF 111 -118.22 0.67 152.76
C ARG IF 111 -119.31 0.09 153.65
N GLY IF 112 -119.63 -1.17 153.42
CA GLY IF 112 -120.66 -1.87 154.15
C GLY IF 112 -121.40 -2.83 153.25
N THR IF 113 -122.50 -3.37 153.76
CA THR IF 113 -123.29 -4.34 153.02
C THR IF 113 -124.76 -4.19 153.42
N GLY IF 114 -125.58 -3.74 152.47
CA GLY IF 114 -127.00 -3.63 152.71
C GLY IF 114 -127.74 -4.92 152.41
N LEU IF 115 -129.03 -4.91 152.72
CA LEU IF 115 -129.86 -6.11 152.62
C LEU IF 115 -131.17 -5.76 151.95
N VAL IF 116 -131.59 -6.61 151.01
CA VAL IF 116 -132.89 -6.50 150.37
C VAL IF 116 -133.68 -7.75 150.72
N VAL IF 117 -134.80 -7.57 151.41
CA VAL IF 117 -135.56 -8.70 151.96
C VAL IF 117 -136.84 -8.85 151.16
N PHE IF 118 -136.96 -9.97 150.45
CA PHE IF 118 -138.17 -10.35 149.74
C PHE IF 118 -138.98 -11.34 150.57
N SER IF 119 -140.21 -10.97 150.89
CA SER IF 119 -141.07 -11.83 151.68
C SER IF 119 -141.48 -13.09 150.91
N PRO IF 120 -141.77 -14.23 151.60
CA PRO IF 120 -142.27 -15.45 150.92
C PRO IF 120 -143.53 -15.12 150.14
N SER IF 121 -144.35 -14.20 150.67
CA SER IF 121 -145.59 -13.88 149.99
C SER IF 121 -145.34 -13.27 148.62
N LEU IF 122 -144.37 -12.34 148.55
CA LEU IF 122 -144.12 -11.66 147.28
C LEU IF 122 -143.55 -12.61 146.25
N VAL IF 123 -142.59 -13.46 146.64
CA VAL IF 123 -142.02 -14.41 145.68
C VAL IF 123 -143.06 -15.45 145.27
N PHE IF 124 -143.93 -15.84 146.20
CA PHE IF 124 -145.02 -16.74 145.85
C PHE IF 124 -145.94 -16.11 144.81
N ILE IF 125 -146.30 -14.84 145.01
CA ILE IF 125 -147.16 -14.14 144.07
C ILE IF 125 -146.49 -14.05 142.70
N ALA IF 126 -145.21 -13.70 142.68
CA ALA IF 126 -144.50 -13.56 141.41
C ALA IF 126 -144.41 -14.89 140.67
N VAL IF 127 -144.06 -15.96 141.38
CA VAL IF 127 -143.96 -17.27 140.75
C VAL IF 127 -145.33 -17.73 140.25
N ASP IF 128 -146.38 -17.48 141.04
CA ASP IF 128 -147.72 -17.85 140.62
C ASP IF 128 -148.13 -17.11 139.36
N ASN IF 129 -147.85 -15.80 139.30
CA ASN IF 129 -148.23 -15.03 138.13
C ASN IF 129 -147.43 -15.45 136.89
N LEU IF 130 -146.13 -15.70 137.07
CA LEU IF 130 -145.31 -16.08 135.91
C LEU IF 130 -145.74 -17.43 135.36
N PHE IF 131 -146.01 -18.40 136.23
CA PHE IF 131 -146.26 -19.77 135.80
C PHE IF 131 -147.76 -20.06 135.73
N GLY IF 132 -148.42 -19.33 134.85
CA GLY IF 132 -149.80 -19.61 134.51
C GLY IF 132 -150.77 -19.58 135.67
N GLY IF 133 -150.69 -18.56 136.51
CA GLY IF 133 -151.61 -18.45 137.62
C GLY IF 133 -152.22 -17.08 137.76
N ASP IF 134 -153.55 -17.02 137.82
CA ASP IF 134 -154.28 -15.73 137.98
C ASP IF 134 -154.48 -15.43 139.47
N GLY IF 135 -153.63 -16.01 140.33
CA GLY IF 135 -153.74 -15.75 141.76
C GLY IF 135 -155.13 -16.04 142.27
N ARG IF 136 -155.81 -17.04 141.70
CA ARG IF 136 -157.12 -17.45 142.21
C ARG IF 136 -157.05 -18.04 143.61
N PHE IF 137 -156.17 -19.03 143.79
CA PHE IF 137 -156.01 -19.63 145.10
C PHE IF 137 -155.23 -18.78 146.10
N PRO IF 138 -155.55 -18.88 147.39
CA PRO IF 138 -154.80 -18.10 148.39
C PRO IF 138 -153.35 -18.56 148.46
N THR IF 139 -152.46 -17.62 148.79
CA THR IF 139 -151.06 -17.96 148.98
C THR IF 139 -150.89 -18.74 150.28
N LYS IF 140 -150.20 -19.87 150.19
CA LYS IF 140 -149.94 -20.73 151.33
C LYS IF 140 -148.44 -20.86 151.54
N VAL IF 141 -147.95 -20.43 152.71
CA VAL IF 141 -146.55 -20.55 153.08
C VAL IF 141 -146.48 -21.29 154.40
N GLU IF 142 -145.73 -22.39 154.43
CA GLU IF 142 -145.58 -23.23 155.61
C GLU IF 142 -144.13 -23.56 155.86
N GLY IF 143 -143.26 -22.56 155.80
CA GLY IF 143 -141.84 -22.80 155.99
C GLY IF 143 -141.15 -23.44 154.82
N ARG IF 144 -141.81 -23.47 153.66
CA ARG IF 144 -141.22 -24.07 152.47
C ARG IF 144 -140.03 -23.25 151.98
N GLU IF 145 -138.96 -23.94 151.59
CA GLU IF 145 -137.77 -23.26 151.11
C GLU IF 145 -137.94 -22.86 149.64
N PHE IF 146 -136.86 -22.35 149.06
CA PHE IF 146 -136.86 -21.83 147.70
C PHE IF 146 -136.03 -22.74 146.81
N THR IF 147 -136.63 -23.20 145.71
CA THR IF 147 -135.93 -24.05 144.77
C THR IF 147 -135.07 -23.20 143.84
N HIS IF 148 -134.38 -23.88 142.91
CA HIS IF 148 -133.52 -23.17 141.97
C HIS IF 148 -134.33 -22.30 141.02
N THR IF 149 -135.49 -22.78 140.57
CA THR IF 149 -136.36 -21.98 139.72
C THR IF 149 -136.87 -20.75 140.47
N GLU IF 150 -137.29 -20.94 141.72
CA GLU IF 150 -137.71 -19.80 142.53
C GLU IF 150 -136.56 -18.83 142.74
N GLN IF 151 -135.36 -19.35 142.96
CA GLN IF 151 -134.20 -18.49 143.13
C GLN IF 151 -133.92 -17.70 141.86
N ARG IF 152 -134.10 -18.31 140.69
CA ARG IF 152 -133.87 -17.59 139.45
C ARG IF 152 -134.92 -16.52 139.24
N VAL IF 153 -136.17 -16.81 139.58
CA VAL IF 153 -137.22 -15.79 139.50
C VAL IF 153 -136.92 -14.62 140.42
N ILE IF 154 -136.45 -14.91 141.64
CA ILE IF 154 -136.10 -13.86 142.58
C ILE IF 154 -134.91 -13.06 142.08
N ASN IF 155 -133.95 -13.71 141.43
CA ASN IF 155 -132.83 -12.98 140.84
C ASN IF 155 -133.32 -12.05 139.75
N ARG IF 156 -134.26 -12.52 138.93
CA ARG IF 156 -134.82 -11.68 137.87
C ARG IF 156 -135.54 -10.47 138.46
N MET IF 157 -136.31 -10.68 139.52
CA MET IF 157 -136.97 -9.56 140.19
C MET IF 157 -135.95 -8.61 140.82
N LEU IF 158 -134.93 -9.17 141.46
CA LEU IF 158 -133.96 -8.35 142.18
C LEU IF 158 -133.11 -7.54 141.22
N LYS IF 159 -132.93 -8.01 139.99
CA LYS IF 159 -132.24 -7.19 139.00
C LYS IF 159 -132.98 -5.89 138.76
N LEU IF 160 -134.31 -5.98 138.56
CA LEU IF 160 -135.11 -4.77 138.39
C LEU IF 160 -135.11 -3.93 139.66
N ALA IF 161 -135.20 -4.58 140.83
CA ALA IF 161 -135.21 -3.83 142.08
C ALA IF 161 -133.91 -3.05 142.26
N LEU IF 162 -132.77 -3.67 141.98
CA LEU IF 162 -131.49 -3.00 142.13
C LEU IF 162 -131.31 -1.90 141.10
N GLU IF 163 -131.76 -2.13 139.86
CA GLU IF 163 -131.70 -1.07 138.86
C GLU IF 163 -132.52 0.13 139.30
N GLY IF 164 -133.74 -0.10 139.79
CA GLY IF 164 -134.57 1.00 140.25
C GLY IF 164 -133.95 1.73 141.43
N TYR IF 165 -133.39 0.98 142.39
CA TYR IF 165 -132.76 1.62 143.54
C TYR IF 165 -131.54 2.45 143.12
N SER IF 166 -130.72 1.93 142.22
CA SER IF 166 -129.57 2.68 141.75
C SER IF 166 -129.99 3.94 141.03
N ASP IF 167 -131.03 3.85 140.19
CA ASP IF 167 -131.52 5.02 139.48
C ASP IF 167 -132.07 6.07 140.46
N ALA IF 168 -132.78 5.61 141.48
CA ALA IF 168 -133.31 6.53 142.48
C ALA IF 168 -132.18 7.23 143.23
N TRP IF 169 -131.15 6.48 143.59
CA TRP IF 169 -130.03 7.08 144.32
C TRP IF 169 -129.26 7.99 143.37
N LYS IF 170 -129.25 7.67 142.08
CA LYS IF 170 -128.48 8.44 141.11
C LYS IF 170 -128.80 9.94 141.17
N ALA IF 171 -130.06 10.29 141.44
CA ALA IF 171 -130.44 11.69 141.55
C ALA IF 171 -129.69 12.48 142.61
N ILE IF 172 -129.47 11.88 143.78
CA ILE IF 172 -128.81 12.58 144.88
C ILE IF 172 -127.33 12.24 144.89
N ASN IF 173 -127.01 10.97 145.04
CA ASN IF 173 -125.61 10.53 145.06
C ASN IF 173 -125.45 9.32 144.17
N PRO IF 174 -124.66 9.40 143.10
CA PRO IF 174 -124.53 8.27 142.17
C PRO IF 174 -123.85 7.09 142.82
N LEU IF 175 -124.59 5.99 142.98
CA LEU IF 175 -124.08 4.76 143.57
C LEU IF 175 -124.31 3.61 142.60
N GLU IF 176 -123.44 2.62 142.67
CA GLU IF 176 -123.60 1.39 141.91
C GLU IF 176 -123.96 0.25 142.86
N VAL IF 177 -125.00 -0.49 142.51
CA VAL IF 177 -125.57 -1.52 143.36
C VAL IF 177 -125.17 -2.88 142.79
N GLU IF 178 -124.49 -3.68 143.59
CA GLU IF 178 -124.04 -5.01 143.17
C GLU IF 178 -124.65 -6.06 144.09
N TYR IF 179 -125.24 -7.08 143.47
CA TYR IF 179 -125.78 -8.23 144.20
C TYR IF 179 -124.69 -9.26 144.35
N VAL IF 180 -124.38 -9.62 145.59
CA VAL IF 180 -123.24 -10.48 145.88
C VAL IF 180 -123.66 -11.88 146.32
N ARG IF 181 -124.77 -12.01 147.02
CA ARG IF 181 -125.13 -13.29 147.60
C ARG IF 181 -126.58 -13.26 148.03
N SER IF 182 -127.21 -14.43 148.01
CA SER IF 182 -128.57 -14.60 148.48
C SER IF 182 -128.57 -15.72 149.50
N GLU IF 183 -129.40 -15.57 150.52
CA GLU IF 183 -129.51 -16.51 151.62
C GLU IF 183 -130.96 -16.64 152.02
N MET IF 184 -131.28 -17.67 152.80
CA MET IF 184 -132.64 -17.93 153.23
C MET IF 184 -132.87 -17.80 154.73
N GLN IF 185 -131.83 -18.02 155.53
CA GLN IF 185 -131.93 -17.86 156.97
C GLN IF 185 -131.43 -16.48 157.39
N VAL IF 186 -131.64 -16.14 158.65
CA VAL IF 186 -131.23 -14.84 159.16
C VAL IF 186 -129.81 -14.85 159.71
N LYS IF 187 -129.34 -15.99 160.21
CA LYS IF 187 -128.03 -16.06 160.86
C LYS IF 187 -126.88 -16.10 159.87
N PHE IF 188 -127.14 -16.20 158.56
CA PHE IF 188 -126.10 -16.20 157.57
C PHE IF 188 -125.62 -14.83 157.11
N THR IF 189 -126.39 -13.77 157.37
CA THR IF 189 -126.05 -12.45 156.84
C THR IF 189 -125.07 -11.70 157.74
N ASN IF 190 -125.49 -11.41 158.96
CA ASN IF 190 -124.67 -10.67 159.94
C ASN IF 190 -123.90 -9.53 159.28
N ILE IF 191 -124.65 -8.54 158.77
CA ILE IF 191 -124.06 -7.34 158.11
C ILE IF 191 -123.73 -6.30 159.19
N THR IF 192 -124.06 -6.55 160.45
CA THR IF 192 -123.79 -5.65 161.59
C THR IF 192 -122.79 -6.29 162.50
N THR IF 193 -121.71 -5.59 162.87
CA THR IF 193 -120.63 -6.13 163.73
C THR IF 193 -121.24 -6.69 164.99
N SER IF 194 -122.24 -6.01 165.55
CA SER IF 194 -122.94 -6.47 166.74
C SER IF 194 -124.45 -6.41 166.50
N PRO IF 195 -125.21 -7.29 167.14
CA PRO IF 195 -126.67 -7.26 166.97
C PRO IF 195 -127.33 -6.00 167.49
N ASN IF 196 -126.66 -5.23 168.32
CA ASN IF 196 -127.21 -3.99 168.85
C ASN IF 196 -126.91 -2.79 167.96
N ASP IF 197 -126.25 -2.99 166.82
CA ASP IF 197 -125.99 -1.89 165.90
C ASP IF 197 -127.30 -1.39 165.30
N ILE IF 198 -127.29 -0.14 164.89
CA ILE IF 198 -128.49 0.55 164.43
C ILE IF 198 -128.54 0.50 162.91
N VAL IF 199 -129.70 0.15 162.36
CA VAL IF 199 -129.90 0.05 160.92
C VAL IF 199 -131.17 0.80 160.54
N VAL IF 200 -131.23 1.18 159.27
CA VAL IF 200 -132.34 1.93 158.71
C VAL IF 200 -133.20 1.03 157.83
N ASN IF 201 -134.44 0.80 158.25
CA ASN IF 201 -135.32 -0.15 157.51
C ASN IF 201 -136.50 0.55 156.81
N THR IF 202 -136.70 0.27 155.52
CA THR IF 202 -137.82 0.79 154.75
C THR IF 202 -138.66 -0.38 154.27
N PRO IF 203 -139.86 -0.59 154.83
CA PRO IF 203 -140.75 -1.64 154.31
C PRO IF 203 -141.68 -1.09 153.26
N PHE IF 204 -141.76 -1.77 152.11
CA PHE IF 204 -142.72 -1.47 151.07
C PHE IF 204 -143.75 -2.59 151.01
N HIS IF 205 -145.00 -2.22 150.72
CA HIS IF 205 -146.08 -3.18 150.55
C HIS IF 205 -146.52 -3.18 149.10
N VAL IF 206 -146.43 -4.34 148.45
CA VAL IF 206 -146.78 -4.49 147.05
C VAL IF 206 -148.07 -5.30 146.97
N GLU IF 207 -149.10 -4.73 146.34
CA GLU IF 207 -150.37 -5.41 146.16
C GLU IF 207 -150.61 -5.66 144.68
N ILE IF 208 -150.96 -6.90 144.35
CA ILE IF 208 -151.34 -7.30 143.01
C ILE IF 208 -152.72 -7.93 143.08
N GLY IF 209 -153.70 -7.29 142.44
CA GLY IF 209 -155.07 -7.77 142.57
C GLY IF 209 -155.48 -7.77 144.03
N ASN IF 210 -156.02 -8.90 144.47
CA ASN IF 210 -156.35 -9.05 145.88
C ASN IF 210 -155.15 -9.51 146.70
N LEU IF 211 -154.17 -10.12 146.06
CA LEU IF 211 -153.00 -10.63 146.78
C LEU IF 211 -152.10 -9.48 147.22
N THR IF 212 -151.42 -9.69 148.35
CA THR IF 212 -150.54 -8.69 148.92
C THR IF 212 -149.25 -9.35 149.39
N GLY IF 213 -148.20 -8.54 149.45
CA GLY IF 213 -146.92 -8.97 149.98
C GLY IF 213 -146.11 -7.77 150.39
N GLU IF 214 -144.95 -8.00 150.97
CA GLU IF 214 -144.11 -6.91 151.42
C GLU IF 214 -142.65 -7.25 151.19
N PHE IF 215 -141.83 -6.20 151.12
CA PHE IF 215 -140.39 -6.39 151.00
C PHE IF 215 -139.68 -5.18 151.60
N ASN IF 216 -138.56 -5.43 152.26
CA ASN IF 216 -137.85 -4.40 153.00
C ASN IF 216 -136.49 -4.11 152.37
N ILE IF 217 -136.01 -2.90 152.61
CA ILE IF 217 -134.64 -2.54 152.25
C ILE IF 217 -133.94 -2.02 153.50
N CYS IF 218 -132.92 -2.71 153.97
CA CYS IF 218 -132.24 -2.39 155.21
C CYS IF 218 -130.79 -1.99 154.93
N LEU IF 219 -130.39 -0.84 155.44
CA LEU IF 219 -129.04 -0.35 155.28
C LEU IF 219 -128.42 -0.13 156.66
N PRO IF 220 -127.25 -0.69 156.94
CA PRO IF 220 -126.58 -0.38 158.20
C PRO IF 220 -126.24 1.10 158.28
N PHE IF 221 -126.36 1.66 159.49
CA PHE IF 221 -126.12 3.08 159.65
C PHE IF 221 -124.68 3.46 159.37
N SER IF 222 -123.75 2.51 159.39
CA SER IF 222 -122.36 2.84 159.07
C SER IF 222 -122.23 3.34 157.64
N MET IF 223 -122.96 2.72 156.71
CA MET IF 223 -122.91 3.17 155.32
C MET IF 223 -123.49 4.57 155.18
N ILE IF 224 -124.59 4.84 155.86
CA ILE IF 224 -125.28 6.13 155.72
C ILE IF 224 -124.51 7.25 156.41
N GLU IF 225 -123.77 6.93 157.47
CA GLU IF 225 -123.14 7.96 158.30
C GLU IF 225 -122.31 8.98 157.53
N PRO IF 226 -121.45 8.61 156.58
CA PRO IF 226 -120.74 9.65 155.82
C PRO IF 226 -121.67 10.55 155.01
N LEU IF 227 -122.90 10.12 154.74
CA LEU IF 227 -123.86 10.89 153.98
C LEU IF 227 -125.01 11.44 154.80
N ARG IF 228 -124.82 11.61 156.11
CA ARG IF 228 -125.92 12.00 156.98
C ARG IF 228 -126.41 13.43 156.68
N GLU IF 229 -125.46 14.36 156.49
CA GLU IF 229 -125.84 15.73 156.21
C GLU IF 229 -126.55 15.81 154.86
N LEU IF 230 -126.23 14.89 153.95
CA LEU IF 230 -126.93 14.85 152.67
C LEU IF 230 -128.31 14.24 152.81
N LEU IF 231 -128.43 13.19 153.64
CA LEU IF 231 -129.69 12.42 153.78
C LEU IF 231 -130.65 13.10 154.77
N VAL IF 232 -130.18 14.06 155.55
CA VAL IF 232 -131.01 14.71 156.60
C VAL IF 232 -131.85 15.82 155.96
N ASN IF 233 -131.24 16.83 155.31
CA ASN IF 233 -132.03 17.95 154.80
C ASN IF 233 -132.73 17.56 153.51
N PRO IF 234 -133.95 18.04 153.29
CA PRO IF 234 -134.65 17.76 152.04
C PRO IF 234 -133.88 18.33 150.86
N PRO IF 235 -133.87 17.64 149.73
CA PRO IF 235 -133.07 18.11 148.59
C PRO IF 235 -133.59 19.43 148.04
N LEU IF 236 -132.67 20.24 147.52
CA LEU IF 236 -133.01 21.52 146.93
C LEU IF 236 -132.66 21.51 145.44
N GLU IF 237 -133.44 22.26 144.67
CA GLU IF 237 -133.25 22.33 143.22
C GLU IF 237 -132.05 23.21 142.92
N ASN IF 238 -130.87 22.59 142.96
CA ASN IF 238 -129.61 23.27 142.72
C ASN IF 238 -128.78 22.41 141.77
N SER IF 239 -127.52 22.80 141.59
CA SER IF 239 -126.60 22.06 140.73
C SER IF 239 -125.31 21.80 141.49
N ARG IF 240 -124.54 20.83 140.98
CA ARG IF 240 -123.26 20.51 141.60
C ARG IF 240 -122.32 21.70 141.53
N HIS IF 241 -122.37 22.45 140.43
CA HIS IF 241 -121.58 23.68 140.33
C HIS IF 241 -121.99 24.68 141.40
N GLU IF 242 -123.30 24.84 141.62
CA GLU IF 242 -123.76 25.75 142.66
C GLU IF 242 -123.35 25.28 144.05
N ASP IF 243 -123.40 23.96 144.29
CA ASP IF 243 -123.01 23.43 145.59
C ASP IF 243 -121.53 23.65 145.85
N GLN IF 244 -120.68 23.36 144.86
CA GLN IF 244 -119.25 23.57 145.06
C GLN IF 244 -118.92 25.05 145.18
N ASN IF 245 -119.66 25.92 144.47
CA ASN IF 245 -119.47 27.35 144.65
C ASN IF 245 -119.86 27.79 146.06
N TRP IF 246 -120.94 27.22 146.59
CA TRP IF 246 -121.35 27.52 147.96
C TRP IF 246 -120.34 27.31 149.08
N ARG IF 247 -119.77 26.10 149.12
CA ARG IF 247 -118.76 25.78 150.17
C ARG IF 247 -117.47 26.55 149.86
N ASP IF 248 -117.19 26.79 148.58
CA ASP IF 248 -115.98 27.57 148.20
C ASP IF 248 -116.08 28.96 148.84
N ASN IF 249 -117.21 29.65 148.65
CA ASN IF 249 -117.40 31.00 149.23
C ASN IF 249 -117.38 30.89 150.76
N LEU IF 250 -118.05 29.87 151.31
CA LEU IF 250 -118.07 29.66 152.77
C LEU IF 250 -116.63 29.45 153.26
N VAL IF 251 -115.87 28.61 152.55
CA VAL IF 251 -114.44 28.36 152.93
C VAL IF 251 -113.72 29.73 152.96
N ARG IF 252 -113.92 30.53 151.91
CA ARG IF 252 -113.27 31.85 151.88
C ARG IF 252 -113.77 32.75 153.01
N GLN IF 253 -115.05 32.64 153.36
CA GLN IF 253 -115.57 33.43 154.47
C GLN IF 253 -114.98 32.96 155.79
N VAL IF 254 -114.72 31.66 155.93
CA VAL IF 254 -114.20 31.13 157.19
C VAL IF 254 -112.79 31.64 157.45
N GLN IF 255 -111.99 31.82 156.38
CA GLN IF 255 -110.60 32.19 156.54
C GLN IF 255 -110.43 33.47 157.35
N HIS IF 256 -111.38 34.38 157.28
CA HIS IF 256 -111.30 35.63 158.04
C HIS IF 256 -111.96 35.46 159.41
N SER IF 257 -111.45 34.48 160.19
CA SER IF 257 -111.91 34.21 161.58
C SER IF 257 -110.68 34.06 162.48
N GLU IF 258 -110.49 34.98 163.43
CA GLU IF 258 -109.31 34.94 164.35
C GLU IF 258 -109.37 33.70 165.24
N LEU IF 259 -108.22 33.08 165.53
CA LEU IF 259 -108.14 31.88 166.42
C LEU IF 259 -107.30 32.22 167.64
N GLU IF 260 -107.25 31.33 168.64
CA GLU IF 260 -106.38 31.48 169.79
C GLU IF 260 -105.35 30.36 169.76
N LEU IF 261 -104.09 30.71 169.57
CA LEU IF 261 -103.01 29.75 169.49
C LEU IF 261 -102.19 29.80 170.77
N VAL IF 262 -101.95 28.63 171.36
CA VAL IF 262 -101.27 28.51 172.64
C VAL IF 262 -100.02 27.66 172.47
N ALA IF 263 -98.88 28.17 172.91
CA ALA IF 263 -97.61 27.45 172.84
C ALA IF 263 -97.28 26.87 174.19
N ASN IF 264 -96.94 25.58 174.22
CA ASN IF 264 -96.58 24.89 175.44
C ASN IF 264 -95.06 24.72 175.46
N PHE IF 265 -94.41 25.40 176.42
CA PHE IF 265 -92.92 25.35 176.57
C PHE IF 265 -92.50 24.05 177.25
N ALA IF 266 -93.16 23.66 178.34
CA ALA IF 266 -92.81 22.44 179.11
C ALA IF 266 -94.03 21.85 179.81
N ASP IF 267 -93.99 20.57 180.20
CA ASP IF 267 -95.07 19.92 180.95
C ASP IF 267 -94.43 19.06 182.04
N ILE IF 268 -94.40 19.57 183.26
CA ILE IF 268 -93.71 18.93 184.38
C ILE IF 268 -94.73 18.23 185.24
N PRO IF 269 -94.51 16.95 185.67
CA PRO IF 269 -95.49 16.20 186.51
C PRO IF 269 -95.17 16.33 188.00
N LEU IF 270 -96.03 17.02 188.75
CA LEU IF 270 -95.85 17.15 190.21
C LEU IF 270 -97.04 16.57 190.98
N ARG IF 271 -96.80 16.05 192.17
CA ARG IF 271 -97.90 15.52 193.03
C ARG IF 271 -98.66 16.69 193.66
N LEU IF 272 -99.87 16.44 194.14
CA LEU IF 272 -100.65 17.49 194.83
C LEU IF 272 -99.86 18.00 196.04
N SER IF 273 -99.16 17.10 196.73
CA SER IF 273 -98.43 17.49 197.95
C SER IF 273 -97.39 18.56 197.60
N GLN IF 274 -96.71 18.39 196.48
CA GLN IF 274 -95.72 19.42 196.08
C GLN IF 274 -96.47 20.73 195.83
N ILE IF 275 -97.64 20.68 195.21
CA ILE IF 275 -98.35 21.95 194.86
C ILE IF 275 -98.70 22.79 196.10
N LEU IF 276 -99.24 22.18 197.15
CA LEU IF 276 -99.52 22.94 198.39
C LEU IF 276 -98.32 23.56 199.15
N LYS IF 277 -97.23 22.81 199.22
CA LYS IF 277 -95.96 23.34 199.81
C LYS IF 277 -95.23 24.31 198.80
N LEU IF 278 -95.70 24.22 197.56
CA LEU IF 278 -95.07 25.02 196.49
C LEU IF 278 -95.35 26.43 196.99
N LYS IF 279 -94.32 27.28 196.97
CA LYS IF 279 -94.42 28.68 197.39
C LYS IF 279 -93.42 29.46 196.55
N PRO IF 280 -93.50 30.80 196.38
CA PRO IF 280 -92.60 31.56 195.48
C PRO IF 280 -91.13 31.33 195.82
N GLY IF 281 -90.24 31.32 194.81
CA GLY IF 281 -88.82 31.13 194.96
C GLY IF 281 -88.33 29.72 194.69
N ASP IF 282 -89.23 28.75 194.61
CA ASP IF 282 -88.82 27.37 194.35
C ASP IF 282 -88.39 27.21 192.88
N VAL IF 283 -87.63 26.15 192.64
CA VAL IF 283 -87.19 25.80 191.29
C VAL IF 283 -87.66 24.39 190.98
N LEU IF 284 -88.42 24.26 189.90
CA LEU IF 284 -88.94 22.97 189.46
C LEU IF 284 -88.21 22.56 188.19
N PRO IF 285 -87.43 21.48 188.20
CA PRO IF 285 -86.58 21.17 187.05
C PRO IF 285 -87.40 20.72 185.85
N ILE IF 286 -86.98 21.17 184.67
CA ILE IF 286 -87.62 20.81 183.41
C ILE IF 286 -86.55 20.28 182.46
N GLU IF 287 -87.00 19.57 181.45
CA GLU IF 287 -86.12 18.96 180.46
C GLU IF 287 -85.98 19.88 179.25
N LYS IF 288 -85.09 19.50 178.35
CA LYS IF 288 -84.88 20.26 177.12
C LYS IF 288 -86.10 20.16 176.22
N PRO IF 289 -86.75 21.28 175.88
CA PRO IF 289 -87.72 21.24 174.79
C PRO IF 289 -87.04 21.39 173.44
N ASP IF 290 -86.94 20.29 172.69
CA ASP IF 290 -86.36 20.37 171.32
C ASP IF 290 -87.31 21.14 170.43
N ARG IF 291 -88.62 20.89 170.54
CA ARG IF 291 -89.62 21.57 169.76
C ARG IF 291 -90.78 21.98 170.66
N ILE IF 292 -91.46 23.04 170.26
CA ILE IF 292 -92.58 23.62 171.01
C ILE IF 292 -93.92 23.40 170.33
N ILE IF 293 -94.81 22.67 170.99
CA ILE IF 293 -96.12 22.40 170.44
C ILE IF 293 -97.07 23.58 170.59
N ALA IF 294 -97.72 23.96 169.50
CA ALA IF 294 -98.69 25.05 169.47
C ALA IF 294 -100.05 24.44 169.13
N HIS IF 295 -101.01 24.64 170.02
CA HIS IF 295 -102.32 24.02 169.93
C HIS IF 295 -103.41 25.08 170.05
N VAL IF 296 -104.54 24.83 169.39
CA VAL IF 296 -105.71 25.68 169.46
C VAL IF 296 -106.78 24.90 170.20
N ASP IF 297 -107.13 25.36 171.41
CA ASP IF 297 -108.16 24.73 172.23
C ASP IF 297 -107.87 23.24 172.45
N GLY IF 298 -106.59 22.91 172.61
CA GLY IF 298 -106.20 21.54 172.86
C GLY IF 298 -105.59 20.83 171.67
N VAL IF 299 -106.12 21.07 170.48
CA VAL IF 299 -105.68 20.37 169.29
C VAL IF 299 -104.35 20.96 168.81
N PRO IF 300 -103.28 20.17 168.75
CA PRO IF 300 -101.98 20.72 168.34
C PRO IF 300 -101.96 21.01 166.84
N VAL IF 301 -101.39 22.16 166.49
CA VAL IF 301 -101.40 22.62 165.11
C VAL IF 301 -99.98 22.81 164.59
N LEU IF 302 -99.04 23.15 165.47
CA LEU IF 302 -97.71 23.55 165.04
C LEU IF 302 -96.74 22.92 166.02
N THR IF 303 -95.53 22.69 165.55
CA THR IF 303 -94.36 22.48 166.42
C THR IF 303 -93.30 23.41 165.86
N SER IF 304 -92.70 24.22 166.74
CA SER IF 304 -91.85 25.32 166.30
C SER IF 304 -90.89 25.55 167.46
N GLN IF 305 -89.71 26.09 167.13
CA GLN IF 305 -88.61 26.26 168.07
C GLN IF 305 -88.84 27.61 168.71
N TYR IF 306 -88.60 27.70 170.01
CA TYR IF 306 -88.82 28.95 170.73
C TYR IF 306 -87.72 29.96 170.40
N GLY IF 307 -88.03 31.23 170.65
CA GLY IF 307 -87.07 32.28 170.40
C GLY IF 307 -87.63 33.61 170.89
N THR IF 308 -86.79 34.64 170.76
CA THR IF 308 -87.17 35.99 171.13
C THR IF 308 -86.90 36.92 169.96
N VAL IF 309 -87.91 37.66 169.54
CA VAL IF 309 -87.80 38.59 168.42
C VAL IF 309 -88.54 39.87 168.78
N ASN IF 310 -87.88 41.01 168.59
CA ASN IF 310 -88.48 42.33 168.84
C ASN IF 310 -89.00 42.46 170.26
N GLY IF 311 -88.28 41.87 171.21
CA GLY IF 311 -88.72 41.87 172.59
C GLY IF 311 -89.93 41.00 172.86
N GLN IF 312 -90.35 40.19 171.89
CA GLN IF 312 -91.51 39.34 172.02
C GLN IF 312 -91.08 37.88 172.00
N TYR IF 313 -91.80 37.05 172.76
CA TYR IF 313 -91.59 35.61 172.69
C TYR IF 313 -92.01 35.12 171.31
N ALA IF 314 -91.05 34.58 170.56
CA ALA IF 314 -91.29 34.20 169.18
C ALA IF 314 -91.13 32.70 169.00
N LEU IF 315 -91.73 32.18 167.94
CA LEU IF 315 -91.60 30.79 167.57
C LEU IF 315 -91.23 30.68 166.10
N ARG IF 316 -90.18 29.93 165.81
CA ARG IF 316 -89.75 29.66 164.44
C ARG IF 316 -90.46 28.39 163.98
N VAL IF 317 -91.47 28.56 163.12
CA VAL IF 317 -92.32 27.44 162.73
C VAL IF 317 -91.49 26.41 161.99
N GLU IF 318 -91.52 25.19 162.45
CA GLU IF 318 -90.83 24.09 161.80
C GLU IF 318 -91.72 23.15 161.01
N HIS IF 319 -92.94 22.86 161.49
CA HIS IF 319 -93.78 21.84 160.81
C HIS IF 319 -95.25 21.96 161.16
N LEU IF 320 -96.11 22.14 160.16
CA LEU IF 320 -97.56 22.10 160.36
C LEU IF 320 -97.99 20.64 160.53
N ILE IF 321 -98.74 20.36 161.60
CA ILE IF 321 -99.07 18.98 161.92
C ILE IF 321 -100.21 18.50 161.04
N ASN IF 322 -99.86 17.91 159.89
CA ASN IF 322 -100.87 17.33 159.03
C ASN IF 322 -101.28 15.96 159.55
N PRO IF 323 -102.53 15.54 159.28
CA PRO IF 323 -103.00 14.22 159.71
C PRO IF 323 -102.69 13.14 158.68
N GLN JF 52 -115.16 15.36 204.46
CA GLN JF 52 -114.07 16.31 204.25
C GLN JF 52 -112.74 15.69 204.64
N ASP JF 53 -112.21 14.84 203.77
CA ASP JF 53 -110.96 14.15 204.00
C ASP JF 53 -109.80 14.96 203.44
N ILE JF 54 -108.60 14.66 203.94
CA ILE JF 54 -107.43 15.42 203.53
C ILE JF 54 -106.34 14.48 203.01
N ASP JF 55 -106.04 13.42 203.75
CA ASP JF 55 -105.03 12.41 203.31
C ASP JF 55 -105.57 11.66 202.10
N LEU JF 56 -106.88 11.69 201.86
CA LEU JF 56 -107.50 10.92 200.75
C LEU JF 56 -106.97 11.42 199.39
N ILE JF 57 -106.83 12.74 199.22
CA ILE JF 57 -106.38 13.35 197.93
C ILE JF 57 -105.01 13.99 198.13
N MET JF 58 -104.33 13.68 199.24
CA MET JF 58 -103.04 14.31 199.54
C MET JF 58 -101.96 13.84 198.58
N ASP JF 59 -102.22 12.76 197.83
CA ASP JF 59 -101.21 12.10 196.99
C ASP JF 59 -101.56 12.10 195.51
N ILE JF 60 -102.71 12.63 195.13
CA ILE JF 60 -103.15 12.59 193.73
C ILE JF 60 -102.19 13.38 192.86
N PRO JF 61 -101.76 12.86 191.71
CA PRO JF 61 -100.85 13.62 190.85
C PRO JF 61 -101.59 14.61 189.97
N VAL JF 62 -100.90 15.69 189.63
CA VAL JF 62 -101.44 16.73 188.76
C VAL JF 62 -100.29 16.95 187.78
N LYS JF 63 -100.65 17.47 186.60
CA LYS JF 63 -99.68 17.80 185.53
C LYS JF 63 -99.66 19.32 185.38
N LEU JF 64 -98.49 19.93 185.37
CA LEU JF 64 -98.36 21.38 185.31
C LEU JF 64 -97.78 21.75 183.95
N THR JF 65 -98.36 22.76 183.31
CA THR JF 65 -97.91 23.22 182.01
C THR JF 65 -97.49 24.67 182.12
N VAL JF 66 -96.53 25.07 181.29
CA VAL JF 66 -96.07 26.45 181.20
C VAL JF 66 -96.11 26.91 179.76
N GLU JF 67 -96.50 28.17 179.54
CA GLU JF 67 -96.69 28.68 178.20
C GLU JF 67 -95.58 29.62 177.76
N LEU JF 68 -95.39 29.75 176.45
CA LEU JF 68 -94.53 30.82 175.96
C LEU JF 68 -95.36 32.10 175.99
N GLY JF 69 -96.56 32.06 175.40
CA GLY JF 69 -97.41 33.23 175.43
C GLY JF 69 -98.67 33.00 174.62
N ARG JF 70 -99.61 33.92 174.79
CA ARG JF 70 -100.84 33.96 174.02
C ARG JF 70 -100.53 34.58 172.67
N THR JF 71 -101.44 34.37 171.71
CA THR JF 71 -101.46 35.12 170.47
C THR JF 71 -102.76 34.68 169.84
N ARG JF 72 -103.34 35.55 169.02
CA ARG JF 72 -104.61 35.31 168.35
C ARG JF 72 -104.38 35.67 166.89
N MET JF 73 -104.58 34.71 166.00
CA MET JF 73 -104.14 34.84 164.62
C MET JF 73 -105.15 33.99 163.84
N THR JF 74 -105.59 34.49 162.68
CA THR JF 74 -106.72 33.89 161.93
C THR JF 74 -106.30 32.71 161.11
N ILE JF 75 -107.27 32.09 160.44
CA ILE JF 75 -107.01 30.90 159.58
C ILE JF 75 -106.08 31.32 158.45
N LYS JF 76 -106.23 32.51 157.89
CA LYS JF 76 -105.40 32.98 156.73
C LYS JF 76 -103.90 32.79 157.02
N GLU JF 77 -103.32 33.50 157.99
CA GLU JF 77 -101.91 33.44 158.36
C GLU JF 77 -101.47 32.04 158.80
N LEU JF 78 -102.34 31.30 159.50
CA LEU JF 78 -102.03 29.92 159.85
C LEU JF 78 -101.81 29.00 158.67
N LEU JF 79 -102.62 29.16 157.62
CA LEU JF 79 -102.43 28.35 156.42
C LEU JF 79 -101.23 28.70 155.56
N ARG JF 80 -100.79 29.96 155.57
CA ARG JF 80 -99.62 30.35 154.81
C ARG JF 80 -98.29 30.38 155.65
N LEU JF 81 -98.38 29.81 156.84
CA LEU JF 81 -97.19 29.69 157.68
C LEU JF 81 -96.42 28.60 156.96
N THR JF 82 -95.10 28.82 156.80
CA THR JF 82 -94.26 27.88 156.09
C THR JF 82 -93.13 27.52 157.06
N GLN JF 83 -92.24 26.64 156.62
CA GLN JF 83 -91.09 26.30 157.47
C GLN JF 83 -90.18 27.49 157.59
N GLY JF 84 -89.67 27.76 158.80
CA GLY JF 84 -88.80 28.88 159.03
C GLY JF 84 -89.52 30.18 159.30
N SER JF 85 -90.84 30.22 159.13
CA SER JF 85 -91.60 31.43 159.43
C SER JF 85 -91.62 31.66 160.94
N VAL JF 86 -91.61 32.93 161.32
CA VAL JF 86 -91.54 33.34 162.72
C VAL JF 86 -92.83 34.04 163.10
N VAL JF 87 -93.42 33.63 164.22
CA VAL JF 87 -94.63 34.23 164.75
C VAL JF 87 -94.36 34.68 166.18
N ALA JF 88 -94.83 35.87 166.55
CA ALA JF 88 -94.60 36.43 167.90
C ALA JF 88 -95.61 35.87 168.91
N LEU JF 89 -95.70 36.48 170.09
CA LEU JF 89 -96.61 36.06 171.18
C LEU JF 89 -97.03 37.36 171.85
N ASP JF 90 -98.00 37.37 172.77
CA ASP JF 90 -98.53 38.60 173.41
C ASP JF 90 -97.64 39.07 174.56
N GLY JF 91 -96.61 38.31 174.96
CA GLY JF 91 -95.74 38.66 176.06
C GLY JF 91 -94.35 39.17 175.75
N LEU JF 92 -93.96 40.25 176.42
CA LEU JF 92 -92.61 40.75 176.30
C LEU JF 92 -91.62 39.73 176.80
N ALA JF 93 -90.46 39.66 176.17
CA ALA JF 93 -89.42 38.72 176.57
C ALA JF 93 -88.89 39.14 177.93
N GLY JF 94 -89.32 38.46 178.99
CA GLY JF 94 -88.90 38.80 180.33
C GLY JF 94 -89.97 38.66 181.38
N GLU JF 95 -91.25 38.75 180.97
CA GLU JF 95 -92.31 38.56 181.97
C GLU JF 95 -92.35 37.12 182.42
N PRO JF 96 -92.81 36.85 183.64
CA PRO JF 96 -92.92 35.46 184.10
C PRO JF 96 -94.02 34.73 183.35
N LEU JF 97 -93.72 33.50 182.94
CA LEU JF 97 -94.70 32.69 182.24
C LEU JF 97 -95.77 32.20 183.20
N ASP JF 98 -96.93 31.85 182.63
CA ASP JF 98 -98.08 31.42 183.49
C ASP JF 98 -98.08 29.89 183.63
N ILE JF 99 -98.08 29.41 184.87
CA ILE JF 99 -98.12 27.94 185.13
C ILE JF 99 -99.60 27.55 185.31
N LEU JF 100 -100.06 26.47 184.67
CA LEU JF 100 -101.50 26.10 184.72
C LEU JF 100 -101.67 24.60 185.02
N ILE JF 101 -102.78 24.22 185.66
CA ILE JF 101 -103.08 22.77 185.90
C ILE JF 101 -104.51 22.50 185.37
N ASN JF 102 -104.67 21.48 184.53
CA ASN JF 102 -106.02 21.13 184.00
C ASN JF 102 -106.62 22.41 183.39
N GLY JF 103 -105.79 23.23 182.75
CA GLY JF 103 -106.26 24.46 182.06
C GLY JF 103 -106.65 25.55 183.04
N TYR JF 104 -106.25 25.46 184.31
CA TYR JF 104 -106.61 26.44 185.37
C TYR JF 104 -105.36 27.11 185.89
N LEU JF 105 -105.35 28.44 185.97
CA LEU JF 105 -104.12 29.18 186.35
C LEU JF 105 -103.75 28.73 187.78
N ILE JF 106 -102.46 28.52 188.03
CA ILE JF 106 -101.98 28.05 189.37
C ILE JF 106 -100.78 28.88 189.83
N ALA JF 107 -99.92 29.39 188.93
CA ALA JF 107 -98.70 30.05 189.38
C ALA JF 107 -98.13 30.90 188.25
N GLN JF 108 -96.99 31.54 188.52
CA GLN JF 108 -96.20 32.25 187.52
C GLN JF 108 -94.72 32.07 187.81
N GLY JF 109 -93.94 31.83 186.75
CA GLY JF 109 -92.50 31.69 186.88
C GLY JF 109 -91.84 31.66 185.53
N GLU JF 110 -90.53 31.91 185.55
CA GLU JF 110 -89.72 31.95 184.33
C GLU JF 110 -88.66 30.86 184.36
N VAL JF 111 -88.11 30.58 183.19
CA VAL JF 111 -87.06 29.58 183.04
C VAL JF 111 -85.73 30.17 183.47
N VAL JF 112 -84.92 29.37 184.16
CA VAL JF 112 -83.60 29.78 184.64
C VAL JF 112 -82.56 28.73 184.30
N VAL JF 113 -81.36 29.18 183.94
CA VAL JF 113 -80.24 28.31 183.63
C VAL JF 113 -79.25 28.27 184.77
N VAL JF 114 -79.06 27.10 185.39
CA VAL JF 114 -78.20 27.03 186.55
C VAL JF 114 -76.79 26.60 186.11
N ALA JF 115 -76.72 25.36 185.63
CA ALA JF 115 -75.47 24.84 185.06
C ALA JF 115 -75.59 24.43 183.59
N ASP JF 116 -76.21 23.27 183.35
CA ASP JF 116 -76.51 22.83 181.96
C ASP JF 116 -77.91 22.23 182.13
N LYS JF 117 -78.69 22.77 183.07
CA LYS JF 117 -80.03 22.19 183.38
C LYS JF 117 -81.07 23.32 183.44
N TYR JF 118 -82.35 22.99 183.21
CA TYR JF 118 -83.39 24.05 183.15
C TYR JF 118 -84.48 23.84 184.20
N GLY JF 119 -85.10 24.93 184.65
CA GLY JF 119 -86.21 24.86 185.59
C GLY JF 119 -86.95 26.17 185.67
N VAL JF 120 -88.14 26.12 186.28
CA VAL JF 120 -89.00 27.28 186.39
C VAL JF 120 -88.80 27.83 187.79
N ARG JF 121 -88.58 29.14 187.88
CA ARG JF 121 -88.40 29.84 189.14
C ARG JF 121 -89.71 30.59 189.38
N ILE JF 122 -90.55 30.04 190.25
CA ILE JF 122 -91.87 30.60 190.47
C ILE JF 122 -91.76 31.93 191.17
N THR JF 123 -92.48 32.94 190.65
CA THR JF 123 -92.43 34.29 191.20
C THR JF 123 -93.45 34.51 192.30
N ASP JF 124 -94.68 34.04 192.12
CA ASP JF 124 -95.72 34.28 193.11
C ASP JF 124 -96.85 33.27 192.91
N ILE JF 125 -97.81 33.32 193.83
CA ILE JF 125 -99.02 32.49 193.77
C ILE JF 125 -100.20 33.45 193.65
N ILE JF 126 -101.02 33.23 192.62
CA ILE JF 126 -102.13 34.14 192.33
C ILE JF 126 -103.29 33.88 193.28
N THR JF 127 -103.62 34.89 194.07
CA THR JF 127 -104.83 34.87 194.87
C THR JF 127 -106.05 35.03 193.96
N PRO JF 128 -107.23 34.63 194.44
CA PRO JF 128 -108.44 34.77 193.59
C PRO JF 128 -108.67 36.18 193.10
N SER JF 129 -108.40 37.19 193.93
CA SER JF 129 -108.62 38.58 193.53
C SER JF 129 -107.88 38.85 192.23
N GLU JF 130 -106.60 38.51 192.18
CA GLU JF 130 -105.86 38.61 190.94
C GLU JF 130 -106.50 37.79 189.82
N ARG JF 131 -106.87 36.55 190.11
CA ARG JF 131 -107.57 35.73 189.09
C ARG JF 131 -108.80 36.47 188.56
N MET JF 132 -109.55 37.15 189.43
CA MET JF 132 -110.79 37.83 188.99
C MET JF 132 -110.44 38.93 187.98
N ARG JF 133 -109.37 39.68 188.23
CA ARG JF 133 -108.97 40.77 187.30
C ARG JF 133 -108.36 40.15 186.03
N ARG JF 134 -107.90 38.91 186.15
CA ARG JF 134 -107.28 38.18 185.00
C ARG JF 134 -108.45 37.98 184.01
N LEU JF 135 -109.53 37.36 184.50
CA LEU JF 135 -110.76 37.23 183.68
C LEU JF 135 -111.39 38.56 183.25
N SER JF 136 -111.36 39.56 184.12
CA SER JF 136 -111.99 40.87 183.82
C SER JF 136 -111.18 41.62 182.75
N ARG JF 137 -109.86 41.42 182.72
CA ARG JF 137 -109.08 42.22 181.78
C ARG JF 137 -107.96 41.39 181.15
N ASP KF 53 -104.02 28.18 202.54
CA ASP KF 53 -103.37 27.41 201.48
C ASP KF 53 -104.25 26.27 200.97
N ILE KF 54 -105.16 25.80 201.82
CA ILE KF 54 -106.10 24.77 201.40
C ILE KF 54 -107.00 25.36 200.33
N ASP KF 55 -107.34 26.65 200.47
CA ASP KF 55 -108.20 27.31 199.50
C ASP KF 55 -107.64 27.25 198.08
N LEU KF 56 -106.32 27.32 197.93
CA LEU KF 56 -105.71 27.21 196.61
C LEU KF 56 -105.96 25.89 195.89
N ILE KF 57 -105.89 24.79 196.65
CA ILE KF 57 -106.05 23.43 196.05
C ILE KF 57 -107.44 22.89 196.40
N MET KF 58 -108.41 23.76 196.67
CA MET KF 58 -109.74 23.29 197.06
C MET KF 58 -110.58 23.59 195.82
N ASP KF 59 -110.02 24.34 194.85
CA ASP KF 59 -110.83 24.76 193.66
C ASP KF 59 -110.33 24.13 192.36
N ILE KF 60 -109.07 23.68 192.30
CA ILE KF 60 -108.49 23.14 191.06
C ILE KF 60 -109.23 21.99 190.38
N PRO KF 61 -109.41 22.04 189.04
CA PRO KF 61 -110.04 20.92 188.29
C PRO KF 61 -109.12 19.71 188.26
N VAL KF 62 -109.66 18.51 188.07
CA VAL KF 62 -108.90 17.28 188.01
C VAL KF 62 -109.75 16.37 187.14
N LYS KF 63 -109.11 15.36 186.56
CA LYS KF 63 -109.79 14.46 185.63
C LYS KF 63 -110.09 13.17 186.39
N LEU KF 64 -111.35 12.73 186.33
CA LEU KF 64 -111.79 11.54 187.03
C LEU KF 64 -112.19 10.50 185.99
N THR KF 65 -111.83 9.24 186.24
CA THR KF 65 -112.20 8.14 185.38
C THR KF 65 -112.66 6.97 186.24
N VAL KF 66 -113.42 6.06 185.64
CA VAL KF 66 -113.79 4.81 186.28
C VAL KF 66 -113.61 3.69 185.27
N GLU KF 67 -112.85 2.67 185.64
CA GLU KF 67 -112.52 1.60 184.71
C GLU KF 67 -113.37 0.38 185.00
N LEU KF 68 -113.97 -0.21 183.94
CA LEU KF 68 -114.91 -1.35 184.11
C LEU KF 68 -114.19 -2.69 184.03
N GLY KF 69 -113.06 -2.77 183.33
CA GLY KF 69 -112.38 -4.07 183.08
C GLY KF 69 -110.88 -3.97 183.18
N ARG KF 70 -110.21 -5.12 183.34
CA ARG KF 70 -108.73 -5.20 183.41
C ARG KF 70 -108.30 -6.59 182.94
N THR KF 71 -107.47 -6.69 181.90
CA THR KF 71 -107.03 -7.96 181.33
C THR KF 71 -105.58 -7.83 180.96
N ARG KF 72 -104.78 -8.89 181.09
CA ARG KF 72 -103.39 -8.96 180.65
C ARG KF 72 -103.30 -9.81 179.40
N MET KF 73 -102.64 -9.26 178.37
CA MET KF 73 -102.59 -9.99 177.08
C MET KF 73 -101.23 -9.85 176.39
N THR KF 74 -100.89 -10.79 175.51
CA THR KF 74 -99.68 -10.78 174.72
C THR KF 74 -100.11 -10.16 173.38
N ILE KF 75 -99.17 -10.06 172.44
CA ILE KF 75 -99.53 -9.35 171.17
C ILE KF 75 -100.11 -10.36 170.17
N LYS KF 76 -99.69 -11.61 170.28
CA LYS KF 76 -100.33 -12.64 169.45
C LYS KF 76 -101.81 -12.42 169.73
N GLU KF 77 -102.18 -12.36 171.00
CA GLU KF 77 -103.60 -12.23 171.38
C GLU KF 77 -104.19 -10.91 170.87
N LEU KF 78 -103.49 -9.79 171.05
CA LEU KF 78 -104.07 -8.47 170.67
C LEU KF 78 -104.28 -8.39 169.16
N LEU KF 79 -103.30 -8.86 168.39
CA LEU KF 79 -103.39 -8.85 166.90
C LEU KF 79 -104.52 -9.79 166.47
N ARG KF 80 -104.66 -10.93 167.16
CA ARG KF 80 -105.68 -11.93 166.77
C ARG KF 80 -107.07 -11.30 166.87
N LEU KF 81 -107.32 -10.47 167.89
CA LEU KF 81 -108.61 -9.74 167.99
C LEU KF 81 -108.94 -9.18 166.61
N THR KF 82 -110.18 -9.32 166.11
CA THR KF 82 -110.58 -8.69 164.84
C THR KF 82 -111.80 -7.83 165.10
N GLN KF 83 -112.59 -7.52 164.08
CA GLN KF 83 -113.82 -6.78 164.33
C GLN KF 83 -114.89 -7.71 164.87
N GLY KF 84 -115.53 -7.29 165.94
CA GLY KF 84 -116.54 -8.11 166.59
C GLY KF 84 -116.01 -9.13 167.58
N SER KF 85 -114.70 -9.22 167.75
CA SER KF 85 -114.14 -10.17 168.71
C SER KF 85 -114.49 -9.75 170.13
N VAL KF 86 -114.83 -10.72 170.96
CA VAL KF 86 -115.19 -10.48 172.35
C VAL KF 86 -113.97 -10.77 173.22
N VAL KF 87 -113.59 -9.80 174.04
CA VAL KF 87 -112.45 -9.93 174.94
C VAL KF 87 -112.98 -10.09 176.35
N ALA KF 88 -112.66 -11.21 176.99
CA ALA KF 88 -113.07 -11.45 178.36
C ALA KF 88 -112.30 -10.59 179.35
N LEU KF 89 -112.98 -10.22 180.43
CA LEU KF 89 -112.39 -9.43 181.50
C LEU KF 89 -112.13 -10.14 182.83
N ASP KF 90 -110.91 -9.98 183.35
CA ASP KF 90 -110.57 -10.64 184.61
C ASP KF 90 -111.60 -10.32 185.74
N GLY KF 91 -112.05 -9.07 185.74
CA GLY KF 91 -113.14 -8.68 186.62
C GLY KF 91 -114.48 -9.37 186.55
N LEU KF 92 -114.91 -9.96 187.66
CA LEU KF 92 -116.21 -10.61 187.71
C LEU KF 92 -117.33 -9.58 187.68
N ALA KF 93 -118.52 -10.02 187.31
CA ALA KF 93 -119.66 -9.13 187.29
C ALA KF 93 -120.06 -8.73 188.71
N GLY KF 94 -120.34 -7.45 188.89
CA GLY KF 94 -120.78 -6.94 190.18
C GLY KF 94 -119.68 -6.51 191.12
N GLU KF 95 -118.43 -6.80 190.81
CA GLU KF 95 -117.33 -6.37 191.68
C GLU KF 95 -117.17 -4.85 191.60
N PRO KF 96 -116.69 -4.14 192.63
CA PRO KF 96 -116.61 -2.66 192.58
C PRO KF 96 -115.63 -2.19 191.50
N LEU KF 97 -116.07 -1.32 190.59
CA LEU KF 97 -115.19 -0.76 189.51
C LEU KF 97 -114.11 0.12 190.14
N ASP KF 98 -112.87 0.09 189.65
CA ASP KF 98 -111.86 1.04 190.20
C ASP KF 98 -112.23 2.47 189.78
N ILE KF 99 -112.03 3.47 190.63
CA ILE KF 99 -112.20 4.88 190.30
C ILE KF 99 -110.84 5.54 190.44
N LEU KF 100 -110.38 6.17 189.36
CA LEU KF 100 -109.04 6.72 189.27
C LEU KF 100 -109.11 8.23 189.10
N ILE KF 101 -108.12 8.92 189.66
CA ILE KF 101 -107.97 10.36 189.53
C ILE KF 101 -106.61 10.61 188.89
N ASN KF 102 -106.62 11.07 187.64
CA ASN KF 102 -105.39 11.25 186.88
C ASN KF 102 -104.59 9.95 186.82
N GLY KF 103 -105.30 8.84 186.73
CA GLY KF 103 -104.66 7.53 186.72
C GLY KF 103 -104.29 6.97 188.07
N TYR KF 104 -104.72 7.60 189.16
CA TYR KF 104 -104.38 7.18 190.51
C TYR KF 104 -105.64 6.63 191.18
N LEU KF 105 -105.58 5.38 191.63
CA LEU KF 105 -106.73 4.74 192.24
C LEU KF 105 -106.96 5.29 193.65
N ILE KF 106 -108.19 5.68 193.94
CA ILE KF 106 -108.52 6.20 195.26
C ILE KF 106 -109.72 5.48 195.86
N ALA KF 107 -110.56 4.88 195.02
CA ALA KF 107 -111.84 4.38 195.51
C ALA KF 107 -112.36 3.25 194.64
N GLN KF 108 -113.32 2.52 195.17
CA GLN KF 108 -114.00 1.44 194.49
C GLN KF 108 -115.50 1.63 194.60
N GLY KF 109 -116.21 1.38 193.50
CA GLY KF 109 -117.66 1.50 193.50
C GLY KF 109 -118.41 0.86 192.36
N GLU KF 110 -119.67 0.53 192.62
CA GLU KF 110 -120.50 -0.10 191.60
C GLU KF 110 -121.05 0.77 190.50
N VAL KF 111 -121.48 0.17 189.41
CA VAL KF 111 -121.86 0.88 188.19
C VAL KF 111 -123.36 1.08 188.38
N VAL KF 112 -123.82 2.28 188.06
CA VAL KF 112 -125.24 2.61 188.09
C VAL KF 112 -125.47 3.72 187.06
N VAL KF 113 -126.64 3.70 186.42
CA VAL KF 113 -126.98 4.67 185.39
C VAL KF 113 -128.09 5.57 185.92
N VAL KF 114 -127.88 6.88 185.80
CA VAL KF 114 -128.86 7.88 186.32
C VAL KF 114 -129.26 8.84 185.19
N ALA KF 115 -130.57 8.97 184.91
CA ALA KF 115 -131.06 9.94 183.90
C ALA KF 115 -130.42 9.66 182.53
N ASP KF 116 -130.23 8.37 182.18
CA ASP KF 116 -129.70 7.96 180.85
C ASP KF 116 -128.23 8.38 180.68
N LYS KF 117 -127.51 8.66 181.77
CA LYS KF 117 -126.08 9.02 181.70
C LYS KF 117 -125.32 8.06 182.62
N TYR KF 118 -124.17 7.55 182.17
CA TYR KF 118 -123.36 6.64 183.02
C TYR KF 118 -123.03 7.25 184.38
N GLY KF 119 -122.89 6.40 185.40
CA GLY KF 119 -122.51 6.88 186.72
C GLY KF 119 -121.91 5.76 187.54
N VAL KF 120 -121.51 6.10 188.76
CA VAL KF 120 -120.90 5.14 189.67
C VAL KF 120 -121.18 5.60 191.09
N ARG KF 121 -121.54 4.65 191.95
CA ARG KF 121 -121.75 4.89 193.37
C ARG KF 121 -120.51 4.52 194.16
N ILE KF 122 -119.97 5.47 194.92
CA ILE KF 122 -118.74 5.24 195.66
C ILE KF 122 -119.02 4.28 196.82
N THR KF 123 -118.71 3.00 196.62
CA THR KF 123 -118.90 2.02 197.69
C THR KF 123 -117.92 2.28 198.83
N ASP KF 124 -116.65 2.47 198.51
CA ASP KF 124 -115.66 2.70 199.56
C ASP KF 124 -114.45 3.40 198.98
N ILE KF 125 -113.64 3.97 199.87
CA ILE KF 125 -112.35 4.54 199.51
C ILE KF 125 -111.27 3.60 200.03
N ILE KF 126 -110.39 3.17 199.14
CA ILE KF 126 -109.37 2.20 199.52
C ILE KF 126 -108.28 2.88 200.32
N THR KF 127 -108.00 2.33 201.50
CA THR KF 127 -106.87 2.68 202.33
C THR KF 127 -105.60 2.03 201.76
N PRO KF 128 -104.43 2.66 201.92
CA PRO KF 128 -103.24 2.16 201.22
C PRO KF 128 -102.84 0.75 201.64
N SER KF 129 -103.60 0.11 202.54
CA SER KF 129 -103.30 -1.27 202.89
C SER KF 129 -103.54 -2.13 201.66
N GLU KF 130 -104.57 -1.82 200.87
CA GLU KF 130 -104.94 -2.66 199.69
C GLU KF 130 -104.00 -2.38 198.50
N ARG KF 131 -103.24 -1.30 198.53
CA ARG KF 131 -102.37 -0.90 197.42
C ARG KF 131 -101.25 -1.92 197.27
N MET KF 132 -100.70 -2.39 198.40
CA MET KF 132 -99.69 -3.47 198.30
C MET KF 132 -100.31 -4.61 197.50
N ARG KF 133 -101.53 -5.01 197.86
CA ARG KF 133 -102.23 -6.13 197.16
C ARG KF 133 -102.63 -5.80 195.71
N ARG KF 134 -102.73 -4.51 195.39
CA ARG KF 134 -103.06 -4.10 194.00
C ARG KF 134 -101.90 -4.48 193.07
N LEU KF 135 -100.76 -4.86 193.66
CA LEU KF 135 -99.58 -5.25 192.86
C LEU KF 135 -98.96 -6.53 193.45
N ALA LF 37 -65.93 5.04 188.68
CA ALA LF 37 -65.52 5.13 187.27
C ALA LF 37 -65.62 3.78 186.58
N VAL LF 38 -66.36 2.86 187.18
CA VAL LF 38 -66.53 1.53 186.61
C VAL LF 38 -67.32 1.57 185.32
N PHE LF 39 -68.40 2.32 185.28
CA PHE LF 39 -69.23 2.41 184.08
C PHE LF 39 -68.47 3.14 182.97
N GLN LF 40 -68.60 2.64 181.75
CA GLN LF 40 -67.92 3.23 180.60
C GLN LF 40 -68.89 4.19 179.92
N GLN LF 41 -68.38 5.37 179.57
CA GLN LF 41 -69.23 6.43 179.04
C GLN LF 41 -69.60 6.22 177.57
N LEU LF 42 -70.87 5.89 177.34
CA LEU LF 42 -71.38 5.68 175.99
C LEU LF 42 -71.95 6.95 175.36
N GLY LF 43 -71.62 7.18 174.10
CA GLY LF 43 -72.11 8.35 173.40
C GLY LF 43 -71.99 8.16 171.90
N GLY LF 44 -72.73 8.99 171.18
CA GLY LF 44 -72.75 8.91 169.72
C GLY LF 44 -73.31 7.62 169.20
N GLY LF 45 -74.38 7.11 169.83
CA GLY LF 45 -74.97 5.85 169.42
C GLY LF 45 -76.19 6.02 168.55
N ASP LF 46 -76.43 7.24 168.07
CA ASP LF 46 -77.58 7.53 167.20
C ASP LF 46 -77.21 7.14 165.77
N VAL LF 47 -77.14 5.83 165.55
CA VAL LF 47 -76.76 5.32 164.23
C VAL LF 47 -77.87 5.58 163.23
N SER LF 48 -79.04 5.00 163.45
CA SER LF 48 -80.19 5.16 162.57
C SER LF 48 -81.41 4.61 163.29
N GLY LF 49 -82.56 4.76 162.64
CA GLY LF 49 -83.80 4.21 163.18
C GLY LF 49 -84.74 3.73 162.09
N ALA LF 50 -85.16 2.48 162.18
CA ALA LF 50 -86.08 1.92 161.20
C ALA LF 50 -86.87 0.80 161.86
N MET LF 51 -88.19 0.84 161.71
CA MET LF 51 -89.04 -0.22 162.24
C MET LF 51 -88.66 -1.55 161.60
N GLN LF 52 -88.53 -2.58 162.43
CA GLN LF 52 -88.08 -3.87 161.92
C GLN LF 52 -89.32 -4.66 161.56
N ASP LF 53 -90.11 -5.04 162.56
CA ASP LF 53 -91.31 -5.84 162.40
C ASP LF 53 -91.95 -5.95 163.77
N ILE LF 54 -93.22 -6.37 163.80
CA ILE LF 54 -93.97 -6.39 165.05
C ILE LF 54 -93.95 -7.74 165.77
N ASP LF 55 -93.17 -8.68 165.24
CA ASP LF 55 -93.02 -9.99 165.86
C ASP LF 55 -91.75 -10.14 166.70
N LEU LF 56 -90.83 -9.20 166.59
CA LEU LF 56 -89.62 -9.23 167.45
C LEU LF 56 -90.11 -8.96 168.87
N ILE LF 57 -91.10 -8.10 169.01
CA ILE LF 57 -91.64 -7.66 170.34
C ILE LF 57 -92.94 -8.40 170.67
N MET LF 58 -93.35 -9.41 169.91
CA MET LF 58 -94.71 -10.00 170.11
C MET LF 58 -95.14 -10.52 171.47
N ASP LF 59 -94.42 -11.51 172.01
CA ASP LF 59 -94.84 -12.14 173.29
C ASP LF 59 -94.44 -11.22 174.44
N ILE LF 60 -94.83 -9.95 174.36
CA ILE LF 60 -94.57 -9.01 175.48
C ILE LF 60 -95.93 -8.70 176.10
N PRO LF 61 -96.12 -8.85 177.43
CA PRO LF 61 -97.46 -8.67 178.05
C PRO LF 61 -97.91 -7.23 177.88
N VAL LF 62 -99.20 -7.05 177.58
CA VAL LF 62 -99.77 -5.67 177.43
C VAL LF 62 -100.78 -5.51 178.58
N LYS LF 63 -100.99 -4.28 179.02
CA LYS LF 63 -101.95 -4.04 180.09
C LYS LF 63 -103.23 -3.50 179.46
N LEU LF 64 -104.17 -4.39 179.18
CA LEU LF 64 -105.42 -3.98 178.55
C LEU LF 64 -106.43 -3.58 179.62
N THR LF 65 -107.13 -2.47 179.38
CA THR LF 65 -108.09 -1.92 180.32
C THR LF 65 -109.23 -1.27 179.56
N VAL LF 66 -110.46 -1.66 179.89
CA VAL LF 66 -111.65 -1.03 179.34
C VAL LF 66 -112.16 0.03 180.31
N GLU LF 67 -112.54 1.18 179.76
CA GLU LF 67 -112.97 2.32 180.56
C GLU LF 67 -114.46 2.59 180.49
N LEU LF 68 -115.10 2.72 181.65
CA LEU LF 68 -116.54 2.85 181.69
C LEU LF 68 -116.92 4.27 181.27
N GLY LF 69 -116.24 5.27 181.82
CA GLY LF 69 -116.60 6.65 181.51
C GLY LF 69 -115.59 7.65 182.02
N ARG LF 70 -115.86 8.90 181.70
CA ARG LF 70 -115.02 10.02 182.07
C ARG LF 70 -115.92 11.09 182.65
N THR LF 71 -115.32 12.06 183.32
CA THR LF 71 -115.99 13.23 183.82
C THR LF 71 -114.94 14.20 184.31
N ARG LF 72 -115.01 15.44 183.83
CA ARG LF 72 -114.13 16.50 184.34
C ARG LF 72 -114.81 17.11 185.55
N MET LF 73 -114.12 17.06 186.70
CA MET LF 73 -114.70 17.53 187.94
C MET LF 73 -113.57 18.08 188.80
N THR LF 74 -113.87 19.13 189.54
CA THR LF 74 -112.87 19.79 190.38
C THR LF 74 -112.90 19.21 191.79
N ILE LF 75 -111.93 19.65 192.60
CA ILE LF 75 -111.84 19.22 193.98
C ILE LF 75 -113.04 19.69 194.79
N LYS LF 76 -113.73 20.74 194.33
CA LYS LF 76 -114.92 21.25 194.99
C LYS LF 76 -115.89 20.12 195.33
N GLU LF 77 -116.42 19.44 194.32
CA GLU LF 77 -117.31 18.32 194.59
C GLU LF 77 -116.55 17.10 195.07
N LEU LF 78 -115.26 16.98 194.72
CA LEU LF 78 -114.49 15.84 195.18
C LEU LF 78 -114.52 15.42 196.64
N LEU LF 79 -114.32 16.37 197.55
CA LEU LF 79 -114.43 16.01 198.97
C LEU LF 79 -115.91 15.97 199.45
N ARG LF 80 -116.76 16.68 198.70
CA ARG LF 80 -118.21 16.64 199.03
C ARG LF 80 -118.66 15.18 198.94
N LEU LF 81 -117.98 14.38 198.13
CA LEU LF 81 -118.32 12.96 197.99
C LEU LF 81 -118.25 12.07 199.22
N THR LF 82 -119.36 11.40 199.53
CA THR LF 82 -119.46 10.48 200.64
C THR LF 82 -119.80 9.09 200.11
N GLN LF 83 -119.85 8.12 201.02
CA GLN LF 83 -120.23 6.77 200.65
C GLN LF 83 -121.70 6.75 200.21
N GLY LF 84 -121.97 6.04 199.11
CA GLY LF 84 -123.30 5.97 198.58
C GLY LF 84 -123.66 7.09 197.63
N SER LF 85 -122.79 8.09 197.46
CA SER LF 85 -123.04 9.16 196.51
C SER LF 85 -122.89 8.63 195.08
N VAL LF 86 -123.48 9.36 194.15
CA VAL LF 86 -123.48 8.99 192.74
C VAL LF 86 -122.83 10.10 191.94
N VAL LF 87 -121.85 9.73 191.10
CA VAL LF 87 -121.14 10.69 190.26
C VAL LF 87 -121.54 10.42 188.81
N ALA LF 88 -122.15 11.42 188.17
CA ALA LF 88 -122.53 11.29 186.78
C ALA LF 88 -121.29 11.38 185.90
N LEU LF 89 -121.25 10.55 184.87
CA LEU LF 89 -120.14 10.51 183.93
C LEU LF 89 -120.53 11.20 182.63
N ASP LF 90 -119.54 11.81 181.98
CA ASP LF 90 -119.81 12.51 180.74
C ASP LF 90 -120.33 11.59 179.64
N GLY LF 91 -119.84 10.35 179.61
CA GLY LF 91 -120.29 9.39 178.61
C GLY LF 91 -121.76 9.05 178.73
N LEU LF 92 -122.48 9.17 177.61
CA LEU LF 92 -123.89 8.80 177.59
C LEU LF 92 -124.04 7.29 177.75
N ALA LF 93 -125.10 6.87 178.43
CA ALA LF 93 -125.33 5.46 178.67
C ALA LF 93 -125.56 4.72 177.36
N GLY LF 94 -124.96 3.54 177.24
CA GLY LF 94 -125.09 2.73 176.05
C GLY LF 94 -124.11 3.06 174.94
N GLU LF 95 -123.30 4.10 175.10
CA GLU LF 95 -122.31 4.43 174.09
C GLU LF 95 -121.17 3.41 174.14
N PRO LF 96 -120.44 3.25 173.02
CA PRO LF 96 -119.29 2.35 173.03
C PRO LF 96 -118.26 2.79 174.05
N LEU LF 97 -117.69 1.81 174.76
CA LEU LF 97 -116.69 2.06 175.77
C LEU LF 97 -115.30 2.10 175.14
N ASP LF 98 -114.35 2.64 175.90
CA ASP LF 98 -113.00 2.85 175.41
C ASP LF 98 -112.09 1.73 175.86
N ILE LF 99 -111.18 1.32 174.99
CA ILE LF 99 -110.22 0.26 175.28
C ILE LF 99 -108.82 0.85 175.17
N LEU LF 100 -108.01 0.64 176.21
CA LEU LF 100 -106.65 1.15 176.25
C LEU LF 100 -105.69 0.01 176.50
N ILE LF 101 -104.50 0.11 175.93
CA ILE LF 101 -103.41 -0.80 176.24
C ILE LF 101 -102.27 0.03 176.81
N ASN LF 102 -101.87 -0.28 178.05
CA ASN LF 102 -100.89 0.51 178.78
C ASN LF 102 -101.29 1.97 178.87
N GLY LF 103 -102.60 2.20 179.00
CA GLY LF 103 -103.12 3.56 179.15
C GLY LF 103 -103.23 4.36 177.88
N TYR LF 104 -103.06 3.75 176.71
CA TYR LF 104 -103.15 4.44 175.44
C TYR LF 104 -104.40 3.96 174.71
N LEU LF 105 -105.26 4.89 174.34
CA LEU LF 105 -106.52 4.54 173.68
C LEU LF 105 -106.24 4.01 172.29
N ILE LF 106 -106.78 2.84 171.98
CA ILE LF 106 -106.59 2.20 170.68
C ILE LF 106 -107.92 1.96 169.97
N ALA LF 107 -108.94 1.52 170.70
CA ALA LF 107 -110.16 1.08 170.05
C ALA LF 107 -111.37 1.40 170.91
N GLN LF 108 -112.54 1.36 170.28
CA GLN LF 108 -113.83 1.50 170.94
C GLN LF 108 -114.59 0.21 170.77
N GLY LF 109 -115.13 -0.30 171.88
CA GLY LF 109 -115.83 -1.56 171.86
C GLY LF 109 -117.19 -1.39 172.53
N GLU LF 110 -117.86 -2.52 172.74
CA GLU LF 110 -119.18 -2.55 173.36
C GLU LF 110 -119.17 -3.65 174.41
N VAL LF 111 -119.78 -3.36 175.56
CA VAL LF 111 -119.75 -4.27 176.69
C VAL LF 111 -120.82 -5.35 176.55
N VAL LF 112 -120.44 -6.60 176.80
CA VAL LF 112 -121.34 -7.74 176.73
C VAL LF 112 -121.09 -8.63 177.94
N VAL LF 113 -122.08 -9.44 178.27
CA VAL LF 113 -122.00 -10.38 179.40
C VAL LF 113 -122.03 -11.79 178.83
N VAL LF 114 -120.95 -12.53 179.09
CA VAL LF 114 -120.86 -13.94 178.61
C VAL LF 114 -120.57 -14.88 179.79
N ALA LF 115 -121.50 -15.80 180.08
CA ALA LF 115 -121.33 -16.76 181.21
C ALA LF 115 -121.10 -16.06 182.54
N ASP LF 116 -121.78 -14.91 182.78
CA ASP LF 116 -121.70 -14.20 184.08
C ASP LF 116 -120.32 -13.54 184.24
N LYS LF 117 -119.58 -13.38 183.13
CA LYS LF 117 -118.26 -12.72 183.16
C LYS LF 117 -118.30 -11.49 182.24
N TYR LF 118 -117.74 -10.37 182.67
CA TYR LF 118 -117.82 -9.17 181.85
C TYR LF 118 -116.88 -9.28 180.66
N GLY LF 119 -117.35 -8.82 179.51
CA GLY LF 119 -116.56 -8.88 178.30
C GLY LF 119 -116.88 -7.72 177.38
N VAL LF 120 -115.86 -7.18 176.75
CA VAL LF 120 -116.01 -6.12 175.76
C VAL LF 120 -115.89 -6.75 174.38
N ARG LF 121 -116.65 -6.19 173.43
CA ARG LF 121 -116.63 -6.63 172.05
C ARG LF 121 -116.04 -5.49 171.22
N ILE LF 122 -114.85 -5.71 170.66
CA ILE LF 122 -114.18 -4.68 169.89
C ILE LF 122 -115.01 -4.33 168.67
N THR LF 123 -115.31 -3.05 168.49
CA THR LF 123 -116.09 -2.59 167.35
C THR LF 123 -115.27 -1.84 166.32
N ASP LF 124 -114.45 -0.86 166.72
CA ASP LF 124 -113.71 -0.12 165.72
C ASP LF 124 -112.49 0.55 166.35
N ILE LF 125 -111.35 0.44 165.65
CA ILE LF 125 -110.17 1.18 166.06
C ILE LF 125 -110.40 2.66 165.82
N ILE LF 126 -110.10 3.47 166.84
CA ILE LF 126 -110.37 4.90 166.75
C ILE LF 126 -109.50 5.53 165.66
N THR LF 127 -109.97 6.65 165.16
CA THR LF 127 -109.34 7.47 164.13
C THR LF 127 -108.57 8.61 164.76
N PRO LF 128 -107.55 9.14 164.08
CA PRO LF 128 -106.83 10.29 164.64
C PRO LF 128 -107.73 11.49 164.89
N SER LF 129 -108.74 11.71 164.04
CA SER LF 129 -109.70 12.78 164.30
C SER LF 129 -110.50 12.67 165.59
N GLU LF 130 -110.99 11.47 165.90
CA GLU LF 130 -111.70 11.27 167.16
C GLU LF 130 -110.74 11.28 168.36
N ARG LF 131 -109.49 10.87 168.11
CA ARG LF 131 -108.47 10.94 169.15
C ARG LF 131 -108.33 12.39 169.60
N MET LF 132 -108.15 13.31 168.65
CA MET LF 132 -108.08 14.73 168.99
C MET LF 132 -109.39 15.35 169.51
N ARG LF 133 -110.50 14.78 169.06
CA ARG LF 133 -111.81 15.21 169.57
C ARG LF 133 -111.80 14.83 171.04
N ARG LF 134 -111.31 13.64 171.36
CA ARG LF 134 -111.19 13.24 172.76
C ARG LF 134 -110.27 14.19 173.52
N LEU LF 135 -109.16 14.59 172.89
CA LEU LF 135 -108.19 15.44 173.58
C LEU LF 135 -108.81 16.79 173.96
N SER LF 136 -109.57 17.39 173.06
CA SER LF 136 -110.20 18.68 173.33
C SER LF 136 -111.47 18.51 174.15
N LYS MF 514 -139.28 -43.20 78.84
CA LYS MF 514 -138.46 -43.48 80.01
C LYS MF 514 -139.32 -43.92 81.18
N ASP MF 515 -140.53 -43.37 81.28
CA ASP MF 515 -141.43 -43.73 82.36
C ASP MF 515 -141.85 -45.19 82.25
N GLU MF 516 -142.15 -45.66 81.02
CA GLU MF 516 -142.54 -47.05 80.84
C GLU MF 516 -141.41 -48.01 81.18
N GLN MF 517 -140.18 -47.68 80.79
CA GLN MF 517 -139.04 -48.51 81.12
C GLN MF 517 -138.82 -48.55 82.63
N LEU MF 518 -138.95 -47.41 83.30
CA LEU MF 518 -138.82 -47.38 84.76
C LEU MF 518 -139.90 -48.21 85.42
N GLN MF 519 -141.14 -48.13 84.91
CA GLN MF 519 -142.22 -48.95 85.48
C GLN MF 519 -141.96 -50.43 85.28
N GLN MF 520 -141.47 -50.82 84.10
CA GLN MF 520 -141.15 -52.23 83.86
C GLN MF 520 -140.03 -52.71 84.78
N ARG MF 521 -139.00 -51.88 84.96
CA ARG MF 521 -137.91 -52.24 85.87
C ARG MF 521 -138.42 -52.38 87.30
N ARG MF 522 -139.30 -51.47 87.72
CA ARG MF 522 -139.88 -51.55 89.06
C ARG MF 522 -140.72 -52.80 89.22
N ALA MF 523 -141.48 -53.18 88.19
CA ALA MF 523 -142.28 -54.40 88.27
C ALA MF 523 -141.40 -55.63 88.37
N ASN MF 524 -140.33 -55.68 87.58
CA ASN MF 524 -139.40 -56.80 87.67
C ASN MF 524 -138.74 -56.87 89.05
N GLN MF 525 -138.34 -55.71 89.58
CA GLN MF 525 -137.75 -55.66 90.91
C GLN MF 525 -138.74 -56.12 91.97
N ARG MF 526 -140.01 -55.72 91.84
CA ARG MF 526 -141.03 -56.08 92.82
C ARG MF 526 -141.53 -57.51 92.66
N LEU MF 527 -141.24 -58.14 91.51
CA LEU MF 527 -141.65 -59.53 91.23
C LEU MF 527 -140.52 -60.46 91.71
N GLY MF 528 -139.30 -60.19 91.26
CA GLY MF 528 -138.13 -61.01 91.65
C GLY MF 528 -137.81 -60.88 93.13
N ALA MF 529 -138.09 -59.73 93.74
CA ALA MF 529 -137.87 -59.53 95.20
C ALA MF 529 -138.95 -60.32 95.93
N GLU MF 530 -140.18 -60.30 95.41
CA GLU MF 530 -141.30 -61.06 96.03
C GLU MF 530 -140.96 -62.55 95.95
N VAL MF 531 -140.33 -62.94 94.80
CA VAL MF 531 -139.80 -64.32 94.62
C VAL MF 531 -138.60 -64.50 95.56
N MET MF 532 -137.75 -63.48 95.66
CA MET MF 532 -136.54 -63.53 96.53
C MET MF 532 -136.97 -63.68 97.99
N SER MF 533 -138.01 -62.95 98.40
CA SER MF 533 -138.53 -63.03 99.80
C SER MF 533 -139.02 -64.45 100.06
N GLN MF 534 -139.73 -65.05 99.08
CA GLN MF 534 -140.21 -66.45 99.20
C GLN MF 534 -138.99 -67.37 99.27
N ARG MF 535 -137.96 -67.09 98.46
CA ARG MF 535 -136.72 -67.92 98.41
C ARG MF 535 -136.00 -67.88 99.75
N ILE MF 536 -135.94 -66.72 100.40
CA ILE MF 536 -135.16 -66.54 101.67
C ILE MF 536 -135.92 -67.25 102.81
N ARG MF 537 -137.24 -67.44 102.68
CA ARG MF 537 -138.04 -68.11 103.70
C ARG MF 537 -137.82 -69.62 103.65
N GLU MF 538 -137.79 -70.19 102.45
CA GLU MF 538 -137.52 -71.62 102.33
C GLU MF 538 -136.13 -71.97 102.87
N MET MF 539 -135.12 -71.15 102.52
CA MET MF 539 -133.76 -71.40 102.98
C MET MF 539 -133.65 -71.29 104.50
N SER MF 540 -134.29 -70.28 105.10
CA SER MF 540 -134.24 -70.10 106.54
C SER MF 540 -134.99 -71.20 107.27
N ASP MF 541 -136.11 -71.66 106.72
CA ASP MF 541 -136.78 -72.82 107.29
C ASP MF 541 -135.92 -74.08 107.18
N ASN MF 542 -135.14 -74.21 106.11
CA ASN MF 542 -134.21 -75.33 106.01
C ASN MF 542 -133.12 -75.24 107.07
N ASP MF 543 -132.57 -74.05 107.29
CA ASP MF 543 -131.49 -73.84 108.25
C ASP MF 543 -131.65 -72.47 108.90
N PRO MF 544 -132.21 -72.42 110.11
CA PRO MF 544 -132.39 -71.12 110.78
C PRO MF 544 -131.11 -70.58 111.39
N ARG MF 545 -130.26 -71.44 111.96
CA ARG MF 545 -129.04 -70.98 112.61
C ARG MF 545 -128.00 -70.53 111.61
N VAL MF 546 -128.01 -71.08 110.40
CA VAL MF 546 -127.02 -70.69 109.38
C VAL MF 546 -127.19 -69.23 109.01
N VAL MF 547 -128.45 -68.77 108.89
CA VAL MF 547 -128.68 -67.36 108.55
C VAL MF 547 -128.17 -66.45 109.66
N ALA MF 548 -128.42 -66.80 110.92
CA ALA MF 548 -127.93 -66.00 112.02
C ALA MF 548 -126.40 -65.97 112.06
N LEU MF 549 -125.77 -67.12 111.80
CA LEU MF 549 -124.32 -67.18 111.76
C LEU MF 549 -123.76 -66.32 110.63
N VAL MF 550 -124.40 -66.35 109.47
CA VAL MF 550 -123.96 -65.52 108.35
C VAL MF 550 -124.13 -64.04 108.68
N ILE MF 551 -125.24 -63.68 109.33
CA ILE MF 551 -125.44 -62.29 109.72
C ILE MF 551 -124.38 -61.84 110.71
N ARG MF 552 -124.04 -62.70 111.69
CA ARG MF 552 -123.01 -62.36 112.66
C ARG MF 552 -121.65 -62.21 111.97
N GLN MF 553 -121.36 -63.09 111.01
CA GLN MF 553 -120.12 -62.99 110.25
C GLN MF 553 -120.06 -61.69 109.45
N TRP MF 554 -121.20 -61.28 108.88
CA TRP MF 554 -121.24 -60.02 108.15
C TRP MF 554 -120.96 -58.84 109.06
N MET MF 555 -121.53 -58.85 110.28
CA MET MF 555 -121.25 -57.79 111.24
C MET MF 555 -119.78 -57.80 111.66
N SER MF 556 -119.21 -58.98 111.87
CA SER MF 556 -117.80 -59.07 112.25
C SER MF 556 -116.89 -58.53 111.15
N ASN MF 557 -117.21 -58.86 109.89
CA ASN MF 557 -116.43 -58.36 108.77
C ASN MF 557 -116.65 -56.86 108.56
N ASP MF 558 -117.79 -56.35 108.99
CA ASP MF 558 -118.06 -54.92 108.84
C ASP MF 558 -117.11 -54.08 109.69
N HIS MF 559 -116.57 -54.64 110.76
CA HIS MF 559 -115.64 -53.94 111.62
C HIS MF 559 -114.30 -53.71 110.92
N GLY NF 6 -123.03 -54.01 106.23
CA GLY NF 6 -123.70 -55.29 106.14
C GLY NF 6 -124.78 -55.48 107.17
N THR NF 7 -124.58 -54.84 108.34
CA THR NF 7 -125.57 -54.93 109.41
C THR NF 7 -126.90 -54.31 109.00
N ASP NF 8 -126.86 -53.16 108.32
CA ASP NF 8 -128.09 -52.52 107.84
C ASP NF 8 -128.80 -53.42 106.83
N LYS NF 9 -128.04 -54.04 105.93
CA LYS NF 9 -128.64 -54.97 104.98
C LYS NF 9 -129.26 -56.17 105.68
N SER NF 10 -128.58 -56.68 106.71
CA SER NF 10 -129.12 -57.80 107.47
C SER NF 10 -130.41 -57.40 108.18
N VAL NF 11 -130.44 -56.19 108.76
CA VAL NF 11 -131.64 -55.72 109.42
C VAL NF 11 -132.79 -55.56 108.43
N ILE NF 12 -132.50 -55.02 107.24
CA ILE NF 12 -133.53 -54.87 106.22
C ILE NF 12 -134.06 -56.24 105.79
N LEU NF 13 -133.17 -57.21 105.59
CA LEU NF 13 -133.59 -58.56 105.21
C LEU NF 13 -134.45 -59.19 106.30
N LEU NF 14 -134.06 -59.01 107.56
CA LEU NF 14 -134.84 -59.56 108.67
C LEU NF 14 -136.22 -58.92 108.73
N MET NF 15 -136.29 -57.60 108.52
CA MET NF 15 -137.58 -56.92 108.51
C MET NF 15 -138.45 -57.40 107.37
N THR NF 16 -137.86 -57.61 106.19
CA THR NF 16 -138.62 -58.08 105.03
C THR NF 16 -138.96 -59.56 105.11
N ILE NF 17 -138.31 -60.31 106.00
CA ILE NF 17 -138.56 -61.75 106.09
C ILE NF 17 -139.89 -62.01 106.78
N GLY NF 18 -140.06 -61.45 107.97
CA GLY NF 18 -141.28 -61.67 108.73
C GLY NF 18 -141.04 -61.75 110.23
N GLU NF 19 -142.11 -61.66 111.01
CA GLU NF 19 -141.96 -61.64 112.47
C GLU NF 19 -141.46 -63.00 112.98
N ASP NF 20 -142.04 -64.09 112.48
CA ASP NF 20 -141.69 -65.41 112.99
C ASP NF 20 -140.25 -65.79 112.64
N ARG NF 21 -139.86 -65.58 111.39
CA ARG NF 21 -138.50 -65.91 110.97
C ARG NF 21 -137.47 -65.05 111.70
N ALA NF 22 -137.76 -63.76 111.85
CA ALA NF 22 -136.85 -62.89 112.58
C ALA NF 22 -136.74 -63.29 114.04
N ALA NF 23 -137.87 -63.67 114.65
CA ALA NF 23 -137.84 -64.11 116.05
C ALA NF 23 -137.02 -65.39 116.20
N GLU NF 24 -137.18 -66.33 115.27
CA GLU NF 24 -136.37 -67.55 115.31
C GLU NF 24 -134.89 -67.24 115.15
N VAL NF 25 -134.57 -66.35 114.22
CA VAL NF 25 -133.16 -65.98 114.00
C VAL NF 25 -132.58 -65.33 115.25
N PHE NF 26 -133.35 -64.43 115.88
CA PHE NF 26 -132.89 -63.79 117.12
C PHE NF 26 -132.69 -64.82 118.22
N LYS NF 27 -133.61 -65.78 118.34
CA LYS NF 27 -133.43 -66.86 119.30
C LYS NF 27 -132.19 -67.69 118.98
N HIS NF 28 -131.79 -67.76 117.71
CA HIS NF 28 -130.56 -68.42 117.31
C HIS NF 28 -129.41 -67.44 117.14
N LEU NF 29 -129.48 -66.27 117.80
CA LEU NF 29 -128.47 -65.24 117.67
C LEU NF 29 -128.00 -64.82 119.06
N SER NF 30 -126.80 -64.23 119.11
CA SER NF 30 -126.20 -63.77 120.34
C SER NF 30 -126.91 -62.53 120.86
N THR NF 31 -126.68 -62.22 122.14
CA THR NF 31 -127.35 -61.10 122.78
C THR NF 31 -126.99 -59.77 122.14
N ARG NF 32 -125.70 -59.52 121.93
CA ARG NF 32 -125.26 -58.27 121.32
C ARG NF 32 -125.77 -58.15 119.89
N GLU NF 33 -125.69 -59.24 119.13
CA GLU NF 33 -126.18 -59.23 117.76
C GLU NF 33 -127.69 -59.00 117.71
N VAL NF 34 -128.42 -59.66 118.62
CA VAL NF 34 -129.88 -59.50 118.65
C VAL NF 34 -130.25 -58.06 118.98
N GLN NF 35 -129.56 -57.49 119.98
CA GLN NF 35 -129.84 -56.10 120.37
C GLN NF 35 -129.54 -55.14 119.22
N ALA NF 36 -128.40 -55.34 118.55
CA ALA NF 36 -128.04 -54.47 117.44
C ALA NF 36 -129.06 -54.58 116.30
N LEU NF 37 -129.47 -55.81 115.98
CA LEU NF 37 -130.46 -56.00 114.93
C LEU NF 37 -131.81 -55.38 115.28
N SER NF 38 -132.24 -55.52 116.53
CA SER NF 38 -133.50 -54.93 116.95
C SER NF 38 -133.43 -53.40 116.90
N THR NF 39 -132.30 -52.83 117.32
CA THR NF 39 -132.18 -51.38 117.34
C THR NF 39 -132.11 -50.81 115.93
N ALA NF 40 -131.25 -51.38 115.08
CA ALA NF 40 -131.02 -50.83 113.75
C ALA NF 40 -132.25 -50.91 112.86
N MET NF 41 -132.98 -52.03 112.92
CA MET NF 41 -134.12 -52.24 112.05
C MET NF 41 -135.20 -51.18 112.30
N ALA NF 42 -135.53 -50.94 113.57
CA ALA NF 42 -136.54 -49.94 113.88
C ALA NF 42 -135.98 -48.52 113.82
N ASN NF 43 -134.67 -48.40 114.02
CA ASN NF 43 -134.03 -47.05 114.02
C ASN NF 43 -133.99 -46.33 112.68
N VAL NF 44 -133.19 -46.82 111.73
CA VAL NF 44 -133.15 -46.21 110.37
C VAL NF 44 -133.11 -47.44 109.46
N ARG NF 45 -134.04 -47.53 108.51
CA ARG NF 45 -134.05 -48.67 107.56
C ARG NF 45 -133.81 -48.12 106.15
N GLN NF 46 -132.85 -48.71 105.42
CA GLN NF 46 -132.53 -48.22 104.05
C GLN NF 46 -132.82 -49.36 103.05
N ILE NF 47 -133.54 -49.04 101.97
CA ILE NF 47 -133.81 -50.07 100.90
C ILE NF 47 -133.19 -49.57 99.59
N SER NF 48 -132.39 -50.42 98.94
CA SER NF 48 -131.71 -50.02 97.68
C SER NF 48 -132.21 -50.89 96.52
N ASN NF 49 -132.62 -50.27 95.42
CA ASN NF 49 -133.15 -51.03 94.25
C ASN NF 49 -132.07 -51.97 93.73
N LYS NF 50 -130.80 -51.53 93.75
CA LYS NF 50 -129.71 -52.35 93.18
C LYS NF 50 -128.71 -52.78 94.27
N GLN NF 51 -128.22 -51.85 95.09
CA GLN NF 51 -127.18 -52.23 96.03
C GLN NF 51 -127.63 -53.34 96.97
N LEU NF 52 -128.87 -53.25 97.48
CA LEU NF 52 -129.37 -54.29 98.36
C LEU NF 52 -129.47 -55.63 97.65
N THR NF 53 -129.96 -55.63 96.41
CA THR NF 53 -130.04 -56.87 95.65
C THR NF 53 -128.66 -57.45 95.37
N ASP NF 54 -127.69 -56.60 95.01
CA ASP NF 54 -126.34 -57.09 94.77
C ASP NF 54 -125.73 -57.70 96.04
N VAL NF 55 -125.93 -57.02 97.18
CA VAL NF 55 -125.42 -57.54 98.44
C VAL NF 55 -126.08 -58.85 98.81
N LEU NF 56 -127.40 -58.96 98.61
CA LEU NF 56 -128.10 -60.21 98.90
C LEU NF 56 -127.59 -61.35 98.03
N SER NF 57 -127.39 -61.07 96.73
CA SER NF 57 -126.87 -62.10 95.84
C SER NF 57 -125.47 -62.53 96.24
N GLU NF 58 -124.61 -61.56 96.61
CA GLU NF 58 -123.26 -61.90 97.04
C GLU NF 58 -123.28 -62.74 98.31
N PHE NF 59 -124.16 -62.39 99.27
CA PHE NF 59 -124.26 -63.16 100.50
C PHE NF 59 -124.76 -64.58 100.22
N GLU NF 60 -125.75 -64.70 99.34
CA GLU NF 60 -126.30 -66.03 99.03
C GLU NF 60 -125.28 -66.89 98.29
N GLN NF 61 -124.36 -66.25 97.58
CA GLN NF 61 -123.39 -67.04 96.78
C GLN NF 61 -122.02 -67.10 97.48
N GLU NF 62 -121.83 -66.38 98.59
CA GLU NF 62 -120.47 -66.32 99.20
C GLU NF 62 -119.97 -67.69 99.67
N ALA NF 63 -120.79 -68.50 100.34
CA ALA NF 63 -120.35 -69.87 100.71
C ALA NF 63 -121.52 -70.83 100.95
N GLU NF 64 -121.31 -72.13 100.77
CA GLU NF 64 -122.35 -73.13 101.14
C GLU NF 64 -122.02 -73.71 102.52
N GLN NF 65 -120.91 -73.28 103.13
CA GLN NF 65 -120.43 -73.86 104.42
C GLN NF 65 -121.44 -73.61 105.55
N PHE NF 66 -122.04 -72.43 105.61
CA PHE NF 66 -122.94 -72.07 106.74
C PHE NF 66 -124.13 -73.02 106.79
N ALA NF 67 -124.68 -73.40 105.64
CA ALA NF 67 -125.92 -74.20 105.65
C ALA NF 67 -125.73 -75.55 106.36
N ALA NF 68 -124.60 -76.23 106.17
CA ALA NF 68 -124.45 -77.60 106.74
C ALA NF 68 -123.90 -77.59 108.17
N LEU NF 69 -122.67 -77.14 108.38
CA LEU NF 69 -122.03 -77.22 109.69
C LEU NF 69 -122.89 -76.56 110.75
N ASN NF 70 -123.47 -75.40 110.43
CA ASN NF 70 -124.29 -74.68 111.40
C ASN NF 70 -125.66 -75.35 111.60
N ILE NF 71 -126.09 -76.18 110.66
CA ILE NF 71 -127.37 -76.86 110.76
C ILE NF 71 -127.37 -77.79 111.96
N ASN NF 72 -126.31 -78.57 112.11
CA ASN NF 72 -126.16 -79.51 113.22
C ASN NF 72 -124.70 -79.55 113.64
N ALA NF 73 -124.38 -78.78 114.71
CA ALA NF 73 -123.02 -78.77 115.24
C ALA NF 73 -123.00 -79.29 116.68
N ASN NF 74 -123.82 -78.70 117.55
CA ASN NF 74 -123.82 -79.11 118.96
C ASN NF 74 -124.51 -80.46 119.14
N GLU NF 75 -125.62 -80.69 118.42
CA GLU NF 75 -126.34 -81.95 118.56
C GLU NF 75 -125.47 -83.13 118.11
N TYR NF 76 -124.75 -82.96 117.00
CA TYR NF 76 -123.89 -84.02 116.52
C TYR NF 76 -122.77 -84.32 117.52
N LEU NF 77 -122.16 -83.27 118.09
CA LEU NF 77 -121.11 -83.46 119.07
C LEU NF 77 -121.64 -84.17 120.32
N ARG NF 78 -122.84 -83.79 120.78
CA ARG NF 78 -123.44 -84.45 121.93
C ARG NF 78 -123.73 -85.91 121.65
N SER NF 79 -124.27 -86.21 120.47
CA SER NF 79 -124.56 -87.60 120.11
C SER NF 79 -123.28 -88.41 120.03
N VAL NF 80 -122.22 -87.83 119.45
CA VAL NF 80 -120.94 -88.53 119.36
C VAL NF 80 -120.37 -88.79 120.75
N LEU NF 81 -120.45 -87.80 121.65
CA LEU NF 81 -119.95 -88.00 123.01
C LEU NF 81 -120.75 -89.07 123.74
N VAL NF 82 -122.07 -89.09 123.54
CA VAL NF 82 -122.90 -90.10 124.21
C VAL NF 82 -122.56 -91.49 123.69
N LYS NF 83 -122.41 -91.63 122.38
CA LYS NF 83 -122.19 -92.96 121.80
C LYS NF 83 -120.75 -93.42 121.97
N ALA NF 84 -119.83 -92.49 122.21
CA ALA NF 84 -118.40 -92.84 122.24
C ALA NF 84 -118.03 -93.62 123.49
N LEU NF 85 -118.20 -93.00 124.66
CA LEU NF 85 -117.78 -93.60 125.92
C LEU NF 85 -118.98 -93.99 126.77
N GLY NF 86 -119.88 -93.05 127.06
CA GLY NF 86 -121.03 -93.34 127.89
C GLY NF 86 -121.71 -92.06 128.32
N GLU NF 87 -122.86 -92.21 128.98
CA GLU NF 87 -123.61 -91.04 129.44
C GLU NF 87 -122.82 -90.24 130.46
N GLU NF 88 -122.15 -90.94 131.39
CA GLU NF 88 -121.37 -90.24 132.42
C GLU NF 88 -120.21 -89.46 131.81
N ARG NF 89 -119.49 -90.05 130.86
CA ARG NF 89 -118.39 -89.34 130.21
C ARG NF 89 -118.89 -88.27 129.25
N ALA NF 90 -120.04 -88.50 128.62
CA ALA NF 90 -120.61 -87.50 127.74
C ALA NF 90 -120.97 -86.23 128.49
N SER NF 91 -121.50 -86.37 129.71
CA SER NF 91 -121.82 -85.20 130.52
C SER NF 91 -120.56 -84.40 130.83
N SER NF 92 -119.46 -85.07 131.20
CA SER NF 92 -118.22 -84.37 131.49
C SER NF 92 -117.67 -83.69 130.25
N LEU NF 93 -117.72 -84.37 129.10
CA LEU NF 93 -117.24 -83.77 127.86
C LEU NF 93 -118.06 -82.53 127.48
N LEU NF 94 -119.38 -82.62 127.61
CA LEU NF 94 -120.24 -81.48 127.31
C LEU NF 94 -119.98 -80.33 128.28
N GLU NF 95 -119.78 -80.65 129.56
CA GLU NF 95 -119.46 -79.60 130.54
C GLU NF 95 -118.15 -78.92 130.21
N ASP NF 96 -117.13 -79.70 129.80
CA ASP NF 96 -115.85 -79.09 129.41
C ASP NF 96 -116.02 -78.22 128.17
N ILE NF 97 -116.79 -78.68 127.19
CA ILE NF 97 -117.00 -77.91 125.98
C ILE NF 97 -117.71 -76.60 126.30
N LEU NF 98 -118.72 -76.65 127.16
CA LEU NF 98 -119.43 -75.43 127.56
C LEU NF 98 -118.51 -74.50 128.34
N GLU NF 99 -117.68 -75.05 129.23
CA GLU NF 99 -116.77 -74.22 130.01
C GLU NF 99 -115.66 -73.63 129.16
N THR NF 100 -115.41 -74.21 127.97
CA THR NF 100 -114.43 -73.62 127.07
C THR NF 100 -114.82 -72.20 126.68
N ARG NF 101 -116.12 -71.90 126.60
CA ARG NF 101 -116.60 -70.55 126.36
C ARG NF 101 -116.96 -69.94 127.70
N ASP NF 102 -116.12 -69.02 128.17
CA ASP NF 102 -116.28 -68.39 129.47
C ASP NF 102 -117.06 -67.09 129.32
N THR NF 103 -117.23 -66.39 130.44
CA THR NF 103 -117.97 -65.14 130.48
C THR NF 103 -117.06 -64.02 130.95
N THR NF 104 -117.23 -62.83 130.38
CA THR NF 104 -116.35 -61.71 130.71
C THR NF 104 -116.71 -61.12 132.07
N SER NF 105 -117.94 -60.63 132.22
CA SER NF 105 -118.38 -60.01 133.46
C SER NF 105 -118.43 -61.07 134.56
N GLY NF 106 -117.89 -60.70 135.74
CA GLY NF 106 -117.78 -61.66 136.83
C GLY NF 106 -119.11 -62.15 137.37
N ILE NF 107 -120.18 -61.40 137.18
CA ILE NF 107 -121.48 -61.81 137.69
C ILE NF 107 -121.89 -63.13 137.05
N GLU NF 108 -121.75 -63.24 135.73
CA GLU NF 108 -122.05 -64.50 135.07
C GLU NF 108 -121.03 -65.58 135.43
N THR NF 109 -119.78 -65.21 135.68
CA THR NF 109 -118.80 -66.19 136.11
C THR NF 109 -119.16 -66.78 137.47
N LEU NF 110 -119.92 -66.04 138.28
CA LEU NF 110 -120.40 -66.58 139.54
C LEU NF 110 -121.27 -67.83 139.50
N ASN NF 111 -122.02 -68.04 138.40
CA ASN NF 111 -122.84 -69.27 138.24
C ASN NF 111 -122.06 -70.52 137.77
N PHE NF 112 -120.76 -70.38 137.52
CA PHE NF 112 -119.92 -71.56 137.15
C PHE NF 112 -119.19 -72.03 138.40
N MET NF 113 -119.34 -71.29 139.50
CA MET NF 113 -118.71 -71.62 140.77
C MET NF 113 -119.65 -72.60 141.44
N GLU NF 114 -119.09 -73.33 142.41
CA GLU NF 114 -119.90 -74.24 143.21
C GLU NF 114 -120.89 -73.44 144.05
N PRO NF 115 -122.11 -73.96 144.27
CA PRO NF 115 -123.09 -73.23 145.08
C PRO NF 115 -122.62 -72.78 146.46
N GLN NF 116 -121.88 -73.62 147.18
CA GLN NF 116 -121.43 -73.22 148.52
C GLN NF 116 -120.36 -72.14 148.48
N SER NF 117 -119.49 -72.19 147.47
CA SER NF 117 -118.45 -71.17 147.35
C SER NF 117 -119.13 -69.83 147.11
N ALA NF 118 -120.12 -69.80 146.20
CA ALA NF 118 -120.84 -68.56 145.95
C ALA NF 118 -121.64 -68.12 147.17
N ALA NF 119 -122.27 -69.07 147.86
CA ALA NF 119 -123.03 -68.73 149.05
C ALA NF 119 -122.14 -68.14 150.13
N ASP NF 120 -120.96 -68.71 150.32
CA ASP NF 120 -120.01 -68.12 151.27
C ASP NF 120 -119.51 -66.76 150.80
N LEU NF 121 -119.31 -66.59 149.49
CA LEU NF 121 -118.79 -65.34 148.99
C LEU NF 121 -119.77 -64.19 149.16
N ILE NF 122 -121.05 -64.42 148.90
CA ILE NF 122 -122.03 -63.34 148.89
C ILE NF 122 -122.93 -63.34 150.12
N ARG NF 123 -122.64 -64.17 151.13
CA ARG NF 123 -123.48 -64.17 152.33
C ARG NF 123 -123.39 -62.84 153.07
N ASP NF 124 -122.18 -62.29 153.16
CA ASP NF 124 -121.98 -61.08 153.97
C ASP NF 124 -122.42 -59.81 153.24
N GLU NF 125 -122.72 -59.89 151.95
CA GLU NF 125 -123.08 -58.71 151.19
C GLU NF 125 -124.45 -58.19 151.63
N HIS NF 126 -124.72 -56.95 151.23
CA HIS NF 126 -126.01 -56.34 151.53
C HIS NF 126 -127.13 -57.13 150.84
N PRO NF 127 -128.28 -57.29 151.49
CA PRO NF 127 -129.33 -58.12 150.89
C PRO NF 127 -129.75 -57.67 149.50
N GLN NF 128 -129.80 -56.35 149.24
CA GLN NF 128 -130.14 -55.89 147.90
C GLN NF 128 -129.08 -56.27 146.87
N ILE NF 129 -127.81 -56.24 147.26
CA ILE NF 129 -126.76 -56.66 146.34
C ILE NF 129 -126.85 -58.16 146.06
N ILE NF 130 -127.19 -58.94 147.08
CA ILE NF 130 -127.42 -60.37 146.88
C ILE NF 130 -128.54 -60.55 145.88
N ALA NF 131 -129.64 -59.81 146.06
CA ALA NF 131 -130.78 -59.93 145.18
C ALA NF 131 -130.39 -59.57 143.74
N THR NF 132 -129.63 -58.48 143.58
CA THR NF 132 -129.19 -58.08 142.24
C THR NF 132 -128.34 -59.17 141.60
N ILE NF 133 -127.44 -59.77 142.38
CA ILE NF 133 -126.61 -60.87 141.84
C ILE NF 133 -127.53 -62.02 141.40
N LEU NF 134 -128.56 -62.34 142.18
CA LEU NF 134 -129.42 -63.52 141.88
C LEU NF 134 -130.17 -63.39 140.55
N VAL NF 135 -130.71 -62.21 140.22
CA VAL NF 135 -131.54 -62.09 138.99
C VAL NF 135 -130.56 -62.10 137.81
N HIS NF 136 -129.32 -61.68 138.04
CA HIS NF 136 -128.29 -61.76 136.95
C HIS NF 136 -127.73 -63.19 136.90
N LEU NF 137 -127.77 -63.90 138.02
CA LEU NF 137 -127.25 -65.29 138.07
C LEU NF 137 -128.28 -66.25 137.44
N LYS NF 138 -127.81 -67.42 137.00
CA LYS NF 138 -128.74 -68.44 136.43
C LYS NF 138 -129.73 -68.85 137.52
N ARG NF 139 -130.99 -69.09 137.15
CA ARG NF 139 -132.05 -69.39 138.15
C ARG NF 139 -131.68 -70.64 138.96
N SER NF 140 -131.25 -71.71 138.29
CA SER NF 140 -130.96 -72.98 139.01
C SER NF 140 -129.93 -72.70 140.12
N GLN NF 141 -128.86 -71.98 139.79
CA GLN NF 141 -127.77 -71.71 140.76
C GLN NF 141 -128.35 -70.89 141.92
N ALA NF 142 -129.09 -69.84 141.59
CA ALA NF 142 -129.64 -68.96 142.61
C ALA NF 142 -130.51 -69.74 143.60
N ALA NF 143 -131.28 -70.71 143.10
CA ALA NF 143 -132.11 -71.53 143.98
C ALA NF 143 -131.23 -72.33 144.95
N ASP NF 144 -130.16 -72.91 144.45
CA ASP NF 144 -129.24 -73.65 145.32
C ASP NF 144 -128.61 -72.73 146.35
N ILE NF 145 -128.20 -71.53 145.93
CA ILE NF 145 -127.60 -70.57 146.86
C ILE NF 145 -128.54 -70.21 148.00
N LEU NF 146 -129.80 -69.91 147.67
CA LEU NF 146 -130.78 -69.58 148.70
C LEU NF 146 -131.07 -70.77 149.60
N ALA NF 147 -131.00 -71.98 149.04
CA ALA NF 147 -131.17 -73.17 149.86
C ALA NF 147 -130.08 -73.25 150.92
N LEU NF 148 -128.85 -72.88 150.54
CA LEU NF 148 -127.71 -72.90 151.49
C LEU NF 148 -127.80 -71.69 152.44
N PHE NF 149 -128.61 -70.70 152.10
CA PHE NF 149 -128.66 -69.45 152.92
C PHE NF 149 -129.53 -69.65 154.15
N ASP NF 150 -129.21 -68.97 155.25
CA ASP NF 150 -130.03 -69.03 156.44
C ASP NF 150 -131.47 -68.62 156.09
N GLU NF 151 -132.42 -69.14 156.88
CA GLU NF 151 -133.82 -68.93 156.55
C GLU NF 151 -134.21 -67.45 156.63
N ARG NF 152 -133.67 -66.71 157.58
CA ARG NF 152 -133.95 -65.28 157.65
C ARG NF 152 -133.43 -64.56 156.42
N LEU NF 153 -132.16 -64.79 156.07
CA LEU NF 153 -131.60 -64.18 154.88
C LEU NF 153 -132.32 -64.69 153.63
N ARG NF 154 -132.71 -65.96 153.62
CA ARG NF 154 -133.44 -66.51 152.48
C ARG NF 154 -134.75 -65.76 152.26
N HIS NF 155 -135.54 -65.60 153.31
CA HIS NF 155 -136.80 -64.88 153.19
C HIS NF 155 -136.59 -63.43 152.79
N ASP NF 156 -135.60 -62.77 153.40
CA ASP NF 156 -135.35 -61.36 153.09
C ASP NF 156 -134.97 -61.22 151.62
N VAL NF 157 -134.06 -62.04 151.13
CA VAL NF 157 -133.60 -61.94 149.76
C VAL NF 157 -134.73 -62.28 148.79
N MET NF 158 -135.56 -63.28 149.13
CA MET NF 158 -136.69 -63.60 148.27
C MET NF 158 -137.67 -62.43 148.19
N LEU NF 159 -137.93 -61.79 149.32
CA LEU NF 159 -138.80 -60.61 149.32
C LEU NF 159 -138.22 -59.50 148.45
N ARG NF 160 -136.92 -59.27 148.56
CA ARG NF 160 -136.27 -58.27 147.71
C ARG NF 160 -136.38 -58.64 146.23
N ILE NF 161 -136.28 -59.94 145.92
CA ILE NF 161 -136.42 -60.40 144.55
C ILE NF 161 -137.82 -60.09 144.04
N ALA NF 162 -138.83 -60.31 144.88
CA ALA NF 162 -140.22 -60.11 144.45
C ALA NF 162 -140.46 -58.65 144.07
N THR NF 163 -139.94 -57.71 144.85
CA THR NF 163 -140.21 -56.29 144.66
C THR NF 163 -139.00 -55.53 144.13
N PHE NF 164 -138.21 -56.15 143.25
CA PHE NF 164 -137.04 -55.48 142.69
C PHE NF 164 -137.46 -54.26 141.88
N GLY NF 165 -136.63 -53.23 141.91
CA GLY NF 165 -136.96 -51.98 141.27
C GLY NF 165 -135.91 -51.41 140.34
N GLY NF 166 -134.95 -52.23 139.93
CA GLY NF 166 -133.95 -51.78 138.99
C GLY NF 166 -132.74 -51.04 139.54
N VAL NF 167 -131.56 -51.38 139.04
CA VAL NF 167 -130.32 -50.77 139.52
C VAL NF 167 -129.82 -49.58 138.73
N GLN NF 168 -129.08 -48.69 139.38
CA GLN NF 168 -128.48 -47.57 138.68
C GLN NF 168 -127.35 -48.20 137.87
N PRO NF 169 -127.11 -47.71 136.66
CA PRO NF 169 -126.01 -48.28 135.85
C PRO NF 169 -124.65 -48.14 136.52
N ALA NF 170 -124.41 -47.05 137.24
CA ALA NF 170 -123.13 -46.88 137.92
C ALA NF 170 -122.93 -47.93 139.00
N ALA NF 171 -123.98 -48.19 139.80
CA ALA NF 171 -123.87 -49.20 140.84
C ALA NF 171 -123.67 -50.59 140.25
N LEU NF 172 -124.38 -50.90 139.17
CA LEU NF 172 -124.21 -52.19 138.52
C LEU NF 172 -122.80 -52.35 137.98
N ALA NF 173 -122.26 -51.30 137.35
CA ALA NF 173 -120.89 -51.36 136.85
C ALA NF 173 -119.90 -51.52 138.01
N GLU NF 174 -120.16 -50.86 139.13
CA GLU NF 174 -119.27 -50.99 140.29
C GLU NF 174 -119.28 -52.41 140.83
N LEU NF 175 -120.45 -53.01 140.96
CA LEU NF 175 -120.54 -54.40 141.39
C LEU NF 175 -119.84 -55.32 140.39
N THR NF 176 -120.05 -55.05 139.10
CA THR NF 176 -119.43 -55.89 138.06
C THR NF 176 -117.93 -55.85 138.23
N GLU NF 177 -117.34 -54.66 138.28
CA GLU NF 177 -115.86 -54.54 138.36
C GLU NF 177 -115.37 -55.17 139.68
N VAL NF 178 -116.09 -54.94 140.78
CA VAL NF 178 -115.71 -55.55 142.09
C VAL NF 178 -115.72 -57.07 141.93
N LEU NF 179 -116.84 -57.62 141.46
CA LEU NF 179 -116.95 -59.07 141.37
C LEU NF 179 -115.91 -59.64 140.40
N ASN NF 180 -115.56 -58.90 139.35
CA ASN NF 180 -114.53 -59.34 138.42
C ASN NF 180 -113.20 -59.46 139.12
N GLY NF 181 -112.81 -58.46 139.91
CA GLY NF 181 -111.55 -58.49 140.61
C GLY NF 181 -111.42 -59.63 141.60
N LEU NF 182 -112.55 -60.23 141.99
CA LEU NF 182 -112.52 -61.34 142.95
C LEU NF 182 -112.46 -62.68 142.24
N LEU NF 183 -113.22 -62.82 141.15
CA LEU NF 183 -113.32 -64.15 140.50
C LEU NF 183 -112.30 -64.32 139.37
N ASP NF 184 -111.94 -63.25 138.66
CA ASP NF 184 -111.04 -63.44 137.50
C ASP NF 184 -109.70 -64.00 138.01
N GLY NF 185 -109.19 -63.46 139.12
CA GLY NF 185 -107.95 -64.01 139.71
C GLY NF 185 -108.14 -65.44 140.19
N GLN NF 186 -109.29 -65.73 140.81
CA GLN NF 186 -109.52 -67.09 141.39
C GLN NF 186 -109.64 -68.15 140.28
N ASN NF 187 -109.12 -69.36 140.52
CA ASN NF 187 -109.34 -70.46 139.54
C ASN NF 187 -110.83 -70.76 139.55
N LEU NF 188 -111.44 -71.05 138.39
CA LEU NF 188 -112.90 -71.24 138.37
C LEU NF 188 -113.28 -72.57 137.69
N LYS NF 189 -112.44 -73.61 137.81
CA LYS NF 189 -112.86 -74.88 137.21
C LYS NF 189 -112.37 -76.04 138.09
N ARG NF 190 -113.08 -76.22 139.21
CA ARG NF 190 -112.80 -77.35 140.09
C ARG NF 190 -113.14 -78.65 139.38
N SER NF 191 -112.11 -79.43 139.04
CA SER NF 191 -112.31 -80.68 138.33
C SER NF 191 -112.79 -81.75 139.31
N LYS NF 192 -113.94 -82.35 139.01
CA LYS NF 192 -114.53 -83.38 139.88
C LYS NF 192 -114.33 -84.72 139.19
N MET NF 193 -113.42 -85.52 139.73
CA MET NF 193 -113.11 -86.85 139.21
C MET NF 193 -113.36 -87.87 140.31
N GLY NF 194 -114.34 -88.76 140.09
CA GLY NF 194 -114.61 -89.82 141.08
C GLY NF 194 -115.78 -89.46 141.98
N GLY NF 195 -116.97 -89.98 141.70
CA GLY NF 195 -118.12 -89.74 142.55
C GLY NF 195 -118.56 -91.02 143.23
N VAL NF 196 -119.70 -91.56 142.81
CA VAL NF 196 -120.21 -92.82 143.30
C VAL NF 196 -120.11 -93.98 142.29
N ARG NF 197 -120.12 -93.62 141.01
CA ARG NF 197 -119.94 -94.60 139.95
C ARG NF 197 -118.52 -95.15 140.16
N THR NF 198 -117.56 -94.26 140.35
CA THR NF 198 -116.18 -94.70 140.56
C THR NF 198 -116.05 -95.49 141.85
N ALA NF 199 -116.74 -95.06 142.90
CA ALA NF 199 -116.70 -95.80 144.16
C ALA NF 199 -117.29 -97.20 143.99
N ALA NF 200 -118.41 -97.31 143.28
CA ALA NF 200 -119.01 -98.62 143.04
C ALA NF 200 -118.09 -99.50 142.22
N GLU NF 201 -117.45 -98.93 141.19
CA GLU NF 201 -116.52 -99.71 140.38
C GLU NF 201 -115.34 -100.19 141.22
N ILE NF 202 -114.82 -99.34 142.10
CA ILE NF 202 -113.73 -99.73 142.97
C ILE NF 202 -114.17 -100.86 143.90
N ILE NF 203 -115.37 -100.73 144.47
CA ILE NF 203 -115.86 -101.74 145.40
C ILE NF 203 -116.04 -103.08 144.71
N ASN NF 204 -116.58 -103.06 143.49
CA ASN NF 204 -116.93 -104.29 142.79
C ASN NF 204 -115.73 -105.19 142.50
N LEU NF 205 -114.51 -104.65 142.55
CA LEU NF 205 -113.31 -105.41 142.18
C LEU NF 205 -112.50 -105.91 143.36
N MET NF 206 -112.97 -105.76 144.59
CA MET NF 206 -112.23 -106.22 145.75
C MET NF 206 -112.92 -107.43 146.39
N LYS NF 207 -112.31 -107.94 147.45
CA LYS NF 207 -112.81 -109.14 148.10
C LYS NF 207 -114.19 -108.95 148.70
N THR NF 208 -114.94 -110.05 148.80
CA THR NF 208 -116.31 -109.98 149.29
C THR NF 208 -116.38 -109.51 150.73
N GLN NF 209 -115.47 -109.98 151.59
CA GLN NF 209 -115.49 -109.55 152.98
C GLN NF 209 -115.24 -108.05 153.10
N GLN NF 210 -114.23 -107.55 152.38
CA GLN NF 210 -114.01 -106.10 152.36
C GLN NF 210 -115.18 -105.37 151.73
N GLU NF 211 -115.82 -105.98 150.72
CA GLU NF 211 -116.98 -105.36 150.10
C GLU NF 211 -118.10 -105.14 151.12
N GLU NF 212 -118.45 -106.20 151.86
CA GLU NF 212 -119.50 -106.06 152.85
C GLU NF 212 -119.10 -105.12 153.98
N ALA NF 213 -117.82 -105.15 154.38
CA ALA NF 213 -117.36 -104.22 155.42
C ALA NF 213 -117.53 -102.77 154.97
N VAL NF 214 -117.11 -102.45 153.75
CA VAL NF 214 -117.19 -101.06 153.31
C VAL NF 214 -118.64 -100.65 153.09
N ILE NF 215 -119.49 -101.53 152.57
CA ILE NF 215 -120.87 -101.11 152.33
C ILE NF 215 -121.61 -100.91 153.65
N THR NF 216 -121.33 -101.76 154.64
CA THR NF 216 -121.97 -101.55 155.94
C THR NF 216 -121.43 -100.31 156.63
N ALA NF 217 -120.14 -100.00 156.44
CA ALA NF 217 -119.61 -98.76 156.99
C ALA NF 217 -120.29 -97.55 156.37
N VAL NF 218 -120.46 -97.57 155.04
CA VAL NF 218 -121.15 -96.47 154.37
C VAL NF 218 -122.58 -96.36 154.86
N ARG NF 219 -123.26 -97.50 155.00
CA ARG NF 219 -124.64 -97.49 155.48
C ARG NF 219 -124.72 -96.91 156.89
N GLU NF 220 -123.74 -97.24 157.74
CA GLU NF 220 -123.68 -96.61 159.05
C GLU NF 220 -123.50 -95.10 158.94
N PHE NF 221 -122.64 -94.66 158.02
CA PHE NF 221 -122.47 -93.23 157.81
C PHE NF 221 -123.73 -92.56 157.24
N ASP NF 222 -124.35 -93.17 156.24
CA ASP NF 222 -125.52 -92.64 155.59
C ASP NF 222 -126.13 -93.76 154.77
N GLY NF 223 -127.39 -94.12 155.05
CA GLY NF 223 -128.03 -95.19 154.33
C GLY NF 223 -128.32 -94.89 152.86
N GLU NF 224 -128.67 -93.63 152.57
CA GLU NF 224 -128.97 -93.26 151.19
C GLU NF 224 -127.76 -93.43 150.29
N LEU NF 225 -126.58 -93.03 150.77
CA LEU NF 225 -125.36 -93.20 149.97
C LEU NF 225 -125.07 -94.67 149.75
N ALA NF 226 -125.27 -95.51 150.76
CA ALA NF 226 -125.06 -96.94 150.60
C ALA NF 226 -126.00 -97.54 149.56
N GLN NF 227 -127.28 -97.15 149.58
CA GLN NF 227 -128.22 -97.66 148.61
C GLN NF 227 -127.88 -97.19 147.20
N LYS NF 228 -127.45 -95.95 147.06
CA LYS NF 228 -127.06 -95.44 145.74
C LYS NF 228 -125.84 -96.19 145.25
N ILE NF 229 -124.90 -96.47 146.14
CA ILE NF 229 -123.71 -97.26 145.77
C ILE NF 229 -124.12 -98.65 145.33
N ILE NF 230 -125.05 -99.28 146.05
CA ILE NF 230 -125.51 -100.61 145.69
C ILE NF 230 -126.21 -100.63 144.34
N ASP NF 231 -127.00 -99.60 144.05
CA ASP NF 231 -127.70 -99.54 142.77
C ASP NF 231 -126.71 -99.32 141.63
N GLU NF 232 -125.71 -98.47 141.86
CA GLU NF 232 -124.70 -98.22 140.83
C GLU NF 232 -123.83 -99.47 140.73
N MET NF 233 -123.82 -100.30 141.78
CA MET NF 233 -122.98 -101.50 141.75
C MET NF 233 -123.36 -102.43 140.61
N PHE NF 234 -124.66 -102.72 140.47
CA PHE NF 234 -125.18 -103.59 139.42
C PHE NF 234 -126.25 -102.85 138.63
N LEU NF 235 -125.87 -102.35 137.46
CA LEU NF 235 -126.80 -101.64 136.59
C LEU NF 235 -127.67 -102.63 135.83
N PHE NF 236 -128.67 -102.09 135.14
CA PHE NF 236 -129.56 -102.93 134.34
C PHE NF 236 -128.95 -103.22 132.98
N GLU NF 237 -127.70 -103.67 132.98
CA GLU NF 237 -127.02 -104.10 131.76
C GLU NF 237 -126.21 -105.39 131.92
N ASN NF 238 -125.94 -105.83 133.14
CA ASN NF 238 -125.21 -107.06 133.38
C ASN NF 238 -126.12 -108.27 133.51
N LEU NF 239 -127.43 -108.09 133.35
CA LEU NF 239 -128.35 -109.21 133.45
C LEU NF 239 -128.09 -110.26 132.36
N VAL NF 240 -127.46 -109.87 131.26
CA VAL NF 240 -127.08 -110.83 130.24
C VAL NF 240 -126.06 -111.83 130.75
N ASP NF 241 -125.26 -111.45 131.76
CA ASP NF 241 -124.26 -112.34 132.33
C ASP NF 241 -124.81 -113.21 133.46
N VAL NF 242 -126.08 -113.07 133.79
CA VAL NF 242 -126.69 -113.89 134.84
C VAL NF 242 -126.93 -115.29 134.30
N ASP NF 243 -126.79 -116.29 135.17
CA ASP NF 243 -126.99 -117.67 134.77
C ASP NF 243 -128.45 -117.94 134.46
N ASP NF 244 -128.68 -118.94 133.61
CA ASP NF 244 -130.05 -119.32 133.24
C ASP NF 244 -130.83 -119.81 134.44
N ARG NF 245 -130.19 -120.60 135.32
CA ARG NF 245 -130.87 -121.06 136.52
C ARG NF 245 -131.25 -119.90 137.43
N SER NF 246 -130.36 -118.92 137.57
CA SER NF 246 -130.68 -117.75 138.38
C SER NF 246 -131.85 -116.97 137.77
N ILE NF 247 -131.86 -116.84 136.44
CA ILE NF 247 -132.96 -116.15 135.78
C ILE NF 247 -134.28 -116.89 136.01
N GLN NF 248 -134.27 -118.21 135.89
CA GLN NF 248 -135.49 -118.98 136.12
C GLN NF 248 -135.96 -118.84 137.57
N ARG NF 249 -135.01 -118.87 138.52
CA ARG NF 249 -135.39 -118.72 139.93
C ARG NF 249 -135.97 -117.33 140.19
N LEU NF 250 -135.40 -116.29 139.59
CA LEU NF 250 -135.90 -114.94 139.81
C LEU NF 250 -137.22 -114.71 139.08
N LEU NF 251 -137.49 -115.48 138.02
CA LEU NF 251 -138.75 -115.32 137.30
C LEU NF 251 -139.95 -115.64 138.17
N GLN NF 252 -139.77 -116.50 139.18
CA GLN NF 252 -140.87 -116.87 140.06
C GLN NF 252 -141.33 -115.72 140.95
N GLU NF 253 -140.52 -114.68 141.12
CA GLU NF 253 -140.88 -113.54 141.96
C GLU NF 253 -141.04 -112.24 141.18
N VAL NF 254 -141.01 -112.29 139.85
CA VAL NF 254 -141.11 -111.09 139.02
C VAL NF 254 -142.51 -111.03 138.43
N ASP NF 255 -143.19 -109.90 138.63
CA ASP NF 255 -144.51 -109.71 138.05
C ASP NF 255 -144.42 -109.61 136.54
N SER NF 256 -145.40 -110.21 135.86
CA SER NF 256 -145.39 -110.20 134.40
C SER NF 256 -145.48 -108.79 133.84
N GLU NF 257 -146.37 -107.97 134.40
CA GLU NF 257 -146.52 -106.60 133.91
C GLU NF 257 -145.25 -105.79 134.16
N SER NF 258 -144.68 -105.89 135.36
CA SER NF 258 -143.47 -105.15 135.67
C SER NF 258 -142.29 -105.63 134.81
N LEU NF 259 -142.18 -106.94 134.62
CA LEU NF 259 -141.11 -107.47 133.77
C LEU NF 259 -141.26 -106.99 132.33
N LEU NF 260 -142.49 -107.00 131.81
CA LEU NF 260 -142.72 -106.53 130.45
C LEU NF 260 -142.39 -105.05 130.33
N ILE NF 261 -142.78 -104.25 131.33
CA ILE NF 261 -142.48 -102.82 131.29
C ILE NF 261 -140.98 -102.59 131.31
N ALA NF 262 -140.26 -103.34 132.16
CA ALA NF 262 -138.81 -103.19 132.22
C ALA NF 262 -138.14 -103.62 130.91
N LEU NF 263 -138.62 -104.71 130.31
CA LEU NF 263 -138.01 -105.24 129.10
C LEU NF 263 -138.51 -104.56 127.83
N LYS NF 264 -139.46 -103.64 127.94
CA LYS NF 264 -139.93 -102.92 126.75
C LYS NF 264 -138.79 -102.11 126.12
N GLY NF 265 -138.00 -101.43 126.94
CA GLY NF 265 -136.85 -100.68 126.47
C GLY NF 265 -135.53 -101.39 126.59
N ALA NF 266 -135.52 -102.66 126.99
CA ALA NF 266 -134.28 -103.40 127.15
C ALA NF 266 -133.73 -103.83 125.79
N GLU NF 267 -132.48 -104.29 125.79
CA GLU NF 267 -131.86 -104.76 124.57
C GLU NF 267 -132.52 -106.06 124.10
N PRO NF 268 -132.60 -106.30 122.79
CA PRO NF 268 -133.22 -107.52 122.29
C PRO NF 268 -132.48 -108.75 122.81
N PRO NF 269 -131.15 -108.68 122.92
CA PRO NF 269 -130.42 -109.83 123.51
C PRO NF 269 -130.84 -110.13 124.94
N LEU NF 270 -131.07 -109.11 125.75
CA LEU NF 270 -131.51 -109.33 127.12
C LEU NF 270 -132.89 -109.97 127.15
N ARG NF 271 -133.81 -109.50 126.28
CA ARG NF 271 -135.14 -110.10 126.22
C ARG NF 271 -135.06 -111.56 125.78
N GLU NF 272 -134.22 -111.86 124.80
CA GLU NF 272 -134.07 -113.23 124.34
C GLU NF 272 -133.48 -114.12 125.43
N LYS NF 273 -132.49 -113.61 126.16
CA LYS NF 273 -131.90 -114.39 127.26
C LYS NF 273 -132.91 -114.63 128.38
N PHE NF 274 -133.72 -113.62 128.69
CA PHE NF 274 -134.70 -113.73 129.76
C PHE NF 274 -135.95 -114.50 129.34
N LEU NF 275 -136.15 -114.72 128.04
CA LEU NF 275 -137.30 -115.47 127.55
C LEU NF 275 -137.03 -116.97 127.44
N ARG NF 276 -135.81 -117.41 127.73
CA ARG NF 276 -135.45 -118.81 127.66
C ARG NF 276 -135.63 -119.54 128.99
N ASN NF 277 -136.07 -118.84 130.03
CA ASN NF 277 -136.26 -119.43 131.35
C ASN NF 277 -137.71 -119.82 131.62
N MET NF 278 -138.68 -119.24 130.92
CA MET NF 278 -140.08 -119.54 131.13
C MET NF 278 -140.55 -120.56 130.09
N SER NF 279 -141.84 -120.87 130.10
CA SER NF 279 -142.40 -121.82 129.15
C SER NF 279 -142.51 -121.19 127.77
N GLN NF 280 -142.70 -122.04 126.76
CA GLN NF 280 -142.87 -121.56 125.39
C GLN NF 280 -144.12 -120.70 125.26
N ARG NF 281 -145.23 -121.14 125.87
CA ARG NF 281 -146.44 -120.32 125.86
C ARG NF 281 -146.23 -119.01 126.59
N ALA NF 282 -145.55 -119.06 127.74
CA ALA NF 282 -145.25 -117.84 128.47
C ALA NF 282 -144.36 -116.90 127.67
N ALA NF 283 -143.35 -117.45 126.99
CA ALA NF 283 -142.49 -116.63 126.14
C ALA NF 283 -143.27 -115.98 125.00
N ASP NF 284 -144.15 -116.76 124.37
CA ASP NF 284 -144.97 -116.21 123.29
C ASP NF 284 -145.90 -115.12 123.80
N ILE NF 285 -146.50 -115.32 124.98
CA ILE NF 285 -147.37 -114.31 125.57
C ILE NF 285 -146.59 -113.05 125.89
N LEU NF 286 -145.39 -113.18 126.45
CA LEU NF 286 -144.56 -112.02 126.75
C LEU NF 286 -144.17 -111.28 125.47
N ARG NF 287 -143.81 -112.01 124.42
CA ARG NF 287 -143.47 -111.37 123.15
C ARG NF 287 -144.67 -110.63 122.56
N ASP NF 288 -145.85 -111.24 122.62
CA ASP NF 288 -147.05 -110.59 122.12
C ASP NF 288 -147.37 -109.33 122.92
N ASP NF 289 -147.23 -109.40 124.24
CA ASP NF 289 -147.49 -108.23 125.08
C ASP NF 289 -146.50 -107.12 124.79
N LEU NF 290 -145.22 -107.47 124.60
CA LEU NF 290 -144.22 -106.45 124.27
C LEU NF 290 -144.49 -105.82 122.92
N ALA NF 291 -144.89 -106.63 121.92
CA ALA NF 291 -145.21 -106.08 120.61
C ALA NF 291 -146.44 -105.17 120.69
N ASN NF 292 -147.45 -105.56 121.45
CA ASN NF 292 -148.67 -104.78 121.57
C ASN NF 292 -148.52 -103.58 122.48
N ARG NF 293 -147.52 -103.57 123.36
CA ARG NF 293 -147.34 -102.46 124.27
C ARG NF 293 -146.83 -101.23 123.54
N GLY NF 294 -147.50 -100.10 123.75
CA GLY NF 294 -147.09 -98.85 123.14
C GLY NF 294 -145.97 -98.19 123.91
N PRO NF 295 -145.45 -97.10 123.35
CA PRO NF 295 -144.40 -96.35 124.03
C PRO NF 295 -144.88 -95.80 125.36
N VAL NF 296 -144.00 -95.80 126.35
CA VAL NF 296 -144.31 -95.30 127.68
C VAL NF 296 -143.15 -94.45 128.17
N ARG NF 297 -143.45 -93.59 129.14
CA ARG NF 297 -142.42 -92.75 129.75
C ARG NF 297 -141.41 -93.61 130.50
N LEU NF 298 -140.14 -93.20 130.43
CA LEU NF 298 -139.07 -93.96 131.05
C LEU NF 298 -139.12 -93.93 132.57
N SER NF 299 -139.93 -93.04 133.17
CA SER NF 299 -139.99 -92.95 134.62
C SER NF 299 -140.53 -94.24 135.25
N GLN NF 300 -141.58 -94.81 134.68
CA GLN NF 300 -142.15 -96.05 135.20
C GLN NF 300 -141.33 -97.27 134.82
N VAL NF 301 -140.76 -97.29 133.62
CA VAL NF 301 -139.91 -98.40 133.21
C VAL NF 301 -138.67 -98.47 134.10
N GLU NF 302 -138.10 -97.31 134.44
CA GLU NF 302 -136.96 -97.28 135.33
C GLU NF 302 -137.31 -97.83 136.71
N ASN NF 303 -138.49 -97.46 137.22
CA ASN NF 303 -138.92 -97.98 138.52
C ASN NF 303 -139.13 -99.49 138.47
N GLU NF 304 -139.74 -99.98 137.40
CA GLU NF 304 -139.93 -101.43 137.26
C GLU NF 304 -138.59 -102.16 137.18
N GLN NF 305 -137.65 -101.62 136.42
CA GLN NF 305 -136.33 -102.23 136.33
C GLN NF 305 -135.61 -102.19 137.67
N LYS NF 306 -135.78 -101.10 138.42
CA LYS NF 306 -135.18 -101.01 139.76
C LYS NF 306 -135.77 -102.05 140.69
N ALA NF 307 -137.08 -102.25 140.63
CA ALA NF 307 -137.72 -103.28 141.47
C ALA NF 307 -137.21 -104.67 141.09
N ILE NF 308 -137.10 -104.94 139.80
CA ILE NF 308 -136.61 -106.25 139.34
C ILE NF 308 -135.17 -106.46 139.80
N LEU NF 309 -134.33 -105.43 139.67
CA LEU NF 309 -132.94 -105.53 140.11
C LEU NF 309 -132.85 -105.71 141.62
N LEU NF 310 -133.71 -105.03 142.38
CA LEU NF 310 -133.72 -105.22 143.84
C LEU NF 310 -134.11 -106.64 144.20
N ILE NF 311 -135.11 -107.20 143.52
CA ILE NF 311 -135.50 -108.58 143.77
C ILE NF 311 -134.36 -109.54 143.45
N VAL NF 312 -133.69 -109.32 142.31
CA VAL NF 312 -132.59 -110.18 141.91
C VAL NF 312 -131.45 -110.08 142.92
N ARG NF 313 -131.13 -108.86 143.37
CA ARG NF 313 -130.07 -108.67 144.35
C ARG NF 313 -130.41 -109.34 145.67
N ARG NF 314 -131.68 -109.25 146.09
CA ARG NF 314 -132.10 -109.93 147.32
C ARG NF 314 -131.96 -111.43 147.18
N LEU NF 315 -132.34 -111.98 146.03
CA LEU NF 315 -132.21 -113.42 145.80
C LEU NF 315 -130.74 -113.84 145.82
N ALA NF 316 -129.88 -113.04 145.20
CA ALA NF 316 -128.45 -113.35 145.20
C ALA NF 316 -127.86 -113.27 146.60
N GLU NF 317 -128.24 -112.26 147.37
CA GLU NF 317 -127.74 -112.11 148.73
C GLU NF 317 -128.20 -113.27 149.61
N THR NF 318 -129.45 -113.72 149.40
CA THR NF 318 -129.93 -114.89 150.12
C THR NF 318 -129.10 -116.12 149.80
N GLY NF 319 -128.73 -116.28 148.52
CA GLY NF 319 -127.89 -117.39 148.11
C GLY NF 319 -128.59 -118.31 147.14
N GLU NF 320 -129.63 -117.81 146.45
CA GLU NF 320 -130.41 -118.59 145.51
C GLU NF 320 -130.24 -118.10 144.08
N MET NF 321 -129.12 -117.47 143.76
CA MET NF 321 -128.86 -116.98 142.41
C MET NF 321 -127.35 -116.96 142.20
N VAL NF 322 -126.93 -116.97 140.94
CA VAL NF 322 -125.52 -116.95 140.58
C VAL NF 322 -125.35 -116.17 139.28
N ILE NF 323 -124.10 -115.96 138.88
CA ILE NF 323 -123.80 -115.23 137.65
C ILE NF 323 -122.79 -116.03 136.83
N GLY NF 324 -122.60 -115.64 135.57
CA GLY NF 324 -121.66 -116.32 134.70
C GLY NF 324 -121.55 -115.69 133.32
N SER OF 33 -116.37 -25.19 202.84
CA SER OF 33 -115.19 -25.39 202.01
C SER OF 33 -115.24 -26.73 201.30
N ASP OF 34 -115.29 -26.70 199.98
CA ASP OF 34 -115.32 -27.92 199.17
C ASP OF 34 -113.89 -28.40 198.97
N ILE OF 35 -113.59 -29.60 199.46
CA ILE OF 35 -112.26 -30.18 199.35
C ILE OF 35 -112.41 -31.68 199.17
N ARG OF 36 -112.09 -32.18 197.98
CA ARG OF 36 -112.20 -33.59 197.68
C ARG OF 36 -110.87 -34.09 197.14
N PRO OF 37 -110.52 -35.39 197.33
CA PRO OF 37 -109.21 -35.93 196.89
C PRO OF 37 -109.07 -35.86 195.38
N TYR OF 38 -107.85 -35.66 194.91
CA TYR OF 38 -107.57 -35.58 193.49
C TYR OF 38 -107.59 -36.98 192.90
N ASP OF 39 -108.48 -37.19 191.93
CA ASP OF 39 -108.56 -38.45 191.21
C ASP OF 39 -108.16 -38.22 189.77
N PRO OF 40 -107.07 -38.83 189.29
CA PRO OF 40 -106.71 -38.67 187.87
C PRO OF 40 -107.77 -39.27 186.96
N ASN OF 41 -107.57 -39.08 185.66
CA ASN OF 41 -108.43 -39.54 184.57
C ASN OF 41 -109.90 -39.18 184.75
N THR OF 42 -110.21 -38.19 185.57
CA THR OF 42 -111.59 -37.72 185.71
C THR OF 42 -111.83 -36.53 184.79
N GLN OF 43 -113.04 -36.47 184.23
CA GLN OF 43 -113.39 -35.42 183.28
C GLN OF 43 -113.59 -34.12 184.06
N ARG OF 44 -112.47 -33.43 184.31
CA ARG OF 44 -112.50 -32.17 185.04
C ARG OF 44 -112.23 -30.96 184.16
N ARG OF 45 -111.74 -31.14 182.94
CA ARG OF 45 -111.46 -30.04 182.03
C ARG OF 45 -112.72 -29.76 181.22
N VAL OF 46 -113.36 -28.61 181.50
CA VAL OF 46 -114.56 -28.19 180.79
C VAL OF 46 -114.23 -26.91 180.05
N VAL OF 47 -114.37 -26.95 178.72
CA VAL OF 47 -114.09 -25.80 177.85
C VAL OF 47 -115.32 -25.62 176.98
N ARG OF 48 -116.23 -24.74 177.40
CA ARG OF 48 -117.46 -24.47 176.66
C ARG OF 48 -117.27 -23.15 175.92
N GLU OF 49 -117.47 -23.19 174.61
CA GLU OF 49 -117.28 -21.99 173.79
C GLU OF 49 -118.22 -22.10 172.59
N ARG OF 50 -119.08 -21.11 172.43
CA ARG OF 50 -119.98 -21.07 171.30
C ARG OF 50 -119.18 -20.81 170.02
N LEU OF 51 -119.50 -21.57 168.96
CA LEU OF 51 -118.77 -21.49 167.70
C LEU OF 51 -119.77 -21.14 166.59
N GLN OF 52 -120.02 -19.83 166.42
CA GLN OF 52 -121.01 -19.39 165.46
C GLN OF 52 -120.59 -19.70 164.03
N ALA OF 53 -119.30 -19.47 163.72
CA ALA OF 53 -118.76 -19.70 162.36
C ALA OF 53 -118.95 -21.18 161.99
N LEU OF 54 -118.71 -22.13 162.89
CA LEU OF 54 -119.01 -23.53 162.66
C LEU OF 54 -120.52 -23.75 162.58
N GLU OF 55 -121.28 -23.00 163.36
CA GLU OF 55 -122.74 -23.14 163.34
C GLU OF 55 -123.32 -22.79 161.98
N ILE OF 56 -122.66 -21.92 161.21
CA ILE OF 56 -123.19 -21.58 159.89
C ILE OF 56 -122.54 -22.48 158.83
N ILE OF 57 -121.30 -22.89 159.07
CA ILE OF 57 -120.64 -23.81 158.14
C ILE OF 57 -121.39 -25.13 158.11
N ASN OF 58 -121.92 -25.56 159.25
CA ASN OF 58 -122.68 -26.80 159.28
C ASN OF 58 -123.92 -26.76 158.39
N GLU OF 59 -124.69 -25.67 158.45
CA GLU OF 59 -125.86 -25.55 157.57
C GLU OF 59 -125.47 -25.44 156.11
N ARG OF 60 -124.40 -24.70 155.81
CA ARG OF 60 -123.97 -24.58 154.42
C ARG OF 60 -123.60 -25.98 153.88
N PHE OF 61 -122.83 -26.72 154.67
CA PHE OF 61 -122.45 -28.08 154.28
C PHE OF 61 -123.67 -28.98 154.19
N ALA OF 62 -124.64 -28.80 155.08
CA ALA OF 62 -125.84 -29.63 155.05
C ALA OF 62 -126.63 -29.38 153.77
N ARG OF 63 -126.75 -28.12 153.37
CA ARG OF 63 -127.44 -27.82 152.12
C ARG OF 63 -126.70 -28.43 150.93
N GLN OF 64 -125.38 -28.28 150.90
CA GLN OF 64 -124.61 -28.86 149.80
C GLN OF 64 -124.74 -30.37 149.77
N PHE OF 65 -124.69 -31.01 150.93
CA PHE OF 65 -124.78 -32.46 150.99
C PHE OF 65 -126.18 -32.96 150.63
N ARG OF 66 -127.22 -32.21 150.99
CA ARG OF 66 -128.55 -32.57 150.54
C ARG OF 66 -128.80 -32.64 149.05
N MET OF 67 -128.32 -31.63 148.31
CA MET OF 67 -128.40 -31.71 146.85
C MET OF 67 -127.49 -32.76 146.20
N GLY OF 68 -126.35 -33.01 146.86
CA GLY OF 68 -125.44 -34.03 146.38
C GLY OF 68 -126.17 -35.36 146.56
N LEU OF 69 -126.82 -35.55 147.70
CA LEU OF 69 -127.56 -36.79 147.93
C LEU OF 69 -128.75 -36.89 146.98
N PHE OF 70 -129.41 -35.77 146.70
CA PHE OF 70 -130.47 -35.78 145.70
C PHE OF 70 -129.91 -36.17 144.34
N ASN OF 71 -128.75 -35.61 143.98
CA ASN OF 71 -128.15 -35.94 142.70
C ASN OF 71 -127.78 -37.42 142.61
N LEU OF 72 -127.35 -38.02 143.73
CA LEU OF 72 -126.88 -39.39 143.68
C LEU OF 72 -128.03 -40.39 143.82
N LEU OF 73 -128.74 -40.34 144.93
CA LEU OF 73 -129.77 -41.34 145.25
C LEU OF 73 -131.04 -41.18 144.42
N ARG OF 74 -131.19 -40.08 143.69
CA ARG OF 74 -132.42 -39.79 142.96
C ARG OF 74 -133.62 -39.77 143.90
N ARG OF 75 -133.42 -39.27 145.11
CA ARG OF 75 -134.48 -39.14 146.11
C ARG OF 75 -134.32 -37.78 146.78
N SER OF 76 -135.22 -37.49 147.72
CA SER OF 76 -135.24 -36.19 148.40
C SER OF 76 -134.91 -36.34 149.87
N PRO OF 77 -133.65 -36.24 150.25
CA PRO OF 77 -133.30 -36.24 151.69
C PRO OF 77 -133.46 -34.91 152.40
N ASP OF 78 -133.67 -34.99 153.71
CA ASP OF 78 -133.67 -33.79 154.55
C ASP OF 78 -132.65 -34.02 155.66
N ILE OF 79 -131.75 -33.05 155.81
CA ILE OF 79 -130.66 -33.13 156.78
C ILE OF 79 -130.89 -32.09 157.84
N THR OF 80 -131.01 -32.53 159.09
CA THR OF 80 -131.16 -31.66 160.25
C THR OF 80 -129.83 -31.62 160.97
N VAL OF 81 -129.30 -30.41 161.17
CA VAL OF 81 -128.02 -30.25 161.86
C VAL OF 81 -128.26 -30.26 163.35
N GLY OF 82 -127.58 -31.16 164.05
CA GLY OF 82 -127.69 -31.22 165.49
C GLY OF 82 -126.82 -30.20 166.17
N ALA OF 83 -126.95 -30.12 167.49
CA ALA OF 83 -126.14 -29.21 168.27
C ALA OF 83 -124.68 -29.66 168.28
N ILE OF 84 -123.78 -28.71 168.08
CA ILE OF 84 -122.35 -29.01 168.13
C ILE OF 84 -121.98 -29.41 169.56
N ARG OF 85 -121.30 -30.55 169.70
CA ARG OF 85 -120.90 -31.06 171.00
C ARG OF 85 -119.40 -30.95 171.17
N ILE OF 86 -118.96 -30.27 172.23
CA ILE OF 86 -117.56 -30.15 172.59
C ILE OF 86 -117.26 -31.10 173.74
N GLN OF 87 -116.65 -32.23 173.42
CA GLN OF 87 -116.57 -33.34 174.36
C GLN OF 87 -115.23 -34.04 174.28
N PRO OF 88 -114.81 -34.71 175.34
CA PRO OF 88 -113.58 -35.51 175.26
C PRO OF 88 -113.72 -36.62 174.24
N TYR OF 89 -112.59 -37.00 173.64
CA TYR OF 89 -112.62 -37.96 172.55
C TYR OF 89 -113.20 -39.32 172.87
N HIS OF 90 -112.98 -39.81 174.10
CA HIS OF 90 -113.47 -41.15 174.53
C HIS OF 90 -114.99 -41.15 174.73
N GLU OF 91 -115.61 -39.98 174.93
CA GLU OF 91 -117.07 -39.86 174.99
C GLU OF 91 -117.57 -40.06 173.57
N PHE OF 92 -116.96 -39.38 172.60
CA PHE OF 92 -117.33 -39.54 171.21
C PHE OF 92 -117.12 -40.97 170.74
N ALA OF 93 -116.02 -41.58 171.15
CA ALA OF 93 -115.74 -42.96 170.75
C ALA OF 93 -116.77 -43.92 171.34
N ARG OF 94 -117.11 -43.76 172.62
CA ARG OF 94 -118.02 -44.69 173.25
C ARG OF 94 -119.44 -44.52 172.76
N ASN OF 95 -119.84 -43.30 172.38
CA ASN OF 95 -121.20 -43.11 171.88
C ASN OF 95 -121.37 -43.73 170.50
N LEU OF 96 -120.27 -43.92 169.76
CA LEU OF 96 -120.36 -44.49 168.43
C LEU OF 96 -120.76 -45.97 168.51
N PRO OF 97 -121.50 -46.46 167.51
CA PRO OF 97 -121.82 -47.89 167.47
C PRO OF 97 -120.70 -48.67 166.79
N VAL OF 98 -120.80 -49.99 166.87
CA VAL OF 98 -119.80 -50.87 166.29
C VAL OF 98 -120.48 -51.96 165.46
N PRO OF 99 -120.09 -52.15 164.21
CA PRO OF 99 -119.09 -51.38 163.45
C PRO OF 99 -119.70 -50.13 162.85
N THR OF 100 -118.87 -49.15 162.50
CA THR OF 100 -119.30 -47.91 161.85
C THR OF 100 -118.18 -47.49 160.95
N ASN OF 101 -118.45 -47.09 159.71
CA ASN OF 101 -117.42 -46.52 158.80
C ASN OF 101 -116.86 -45.19 159.29
N LEU OF 102 -115.56 -45.12 159.56
CA LEU OF 102 -114.86 -43.89 159.99
C LEU OF 102 -113.98 -43.40 158.81
N ASN OF 103 -113.96 -42.13 158.44
CA ASN OF 103 -113.20 -41.67 157.24
C ASN OF 103 -112.16 -40.64 157.69
N LEU OF 104 -110.90 -41.05 157.93
CA LEU OF 104 -109.89 -40.09 158.34
C LEU OF 104 -109.66 -39.10 157.20
N ILE OF 105 -109.74 -37.82 157.50
CA ILE OF 105 -109.61 -36.78 156.50
C ILE OF 105 -108.59 -35.76 156.96
N HIS OF 106 -107.87 -35.19 156.01
CA HIS OF 106 -106.86 -34.18 156.27
C HIS OF 106 -107.40 -32.82 155.83
N LEU OF 107 -107.53 -31.91 156.78
CA LEU OF 107 -107.99 -30.55 156.49
C LEU OF 107 -106.81 -29.60 156.38
N LYS OF 108 -105.97 -29.84 155.38
CA LYS OF 108 -104.79 -29.02 155.17
C LYS OF 108 -105.20 -27.59 154.83
N PRO OF 109 -104.39 -26.60 155.24
CA PRO OF 109 -103.08 -26.69 155.90
C PRO OF 109 -103.16 -26.85 157.41
N LEU OF 110 -104.33 -27.11 157.97
CA LEU OF 110 -104.46 -27.28 159.42
C LEU OF 110 -103.84 -28.63 159.81
N ARG OF 111 -102.87 -28.59 160.72
CA ARG OF 111 -102.22 -29.82 161.15
C ARG OF 111 -103.13 -30.62 162.05
N GLY OF 112 -103.35 -31.88 161.69
CA GLY OF 112 -104.22 -32.77 162.42
C GLY OF 112 -104.95 -33.69 161.47
N THR OF 113 -105.93 -34.42 162.01
CA THR OF 113 -106.68 -35.38 161.23
C THR OF 113 -108.11 -35.43 161.75
N GLY OF 114 -109.06 -34.98 160.94
CA GLY OF 114 -110.45 -35.06 161.31
C GLY OF 114 -111.08 -36.38 160.92
N LEU OF 115 -112.34 -36.55 161.34
CA LEU OF 115 -113.04 -37.82 161.17
C LEU OF 115 -114.44 -37.55 160.65
N VAL OF 116 -114.86 -38.33 159.66
CA VAL OF 116 -116.23 -38.30 159.15
C VAL OF 116 -116.84 -39.66 159.41
N VAL OF 117 -117.90 -39.70 160.21
CA VAL OF 117 -118.48 -40.95 160.67
C VAL OF 117 -119.81 -41.16 159.98
N PHE OF 118 -119.88 -42.19 159.15
CA PHE OF 118 -121.11 -42.63 158.51
C PHE OF 118 -121.73 -43.80 159.27
N SER OF 119 -122.96 -43.60 159.74
CA SER OF 119 -123.64 -44.65 160.49
C SER OF 119 -124.00 -45.85 159.61
N PRO OF 120 -124.10 -47.07 160.17
CA PRO OF 120 -124.52 -48.27 159.40
C PRO OF 120 -125.88 -47.99 158.77
N SER OF 121 -126.74 -47.24 159.48
CA SER OF 121 -128.07 -46.99 158.95
C SER OF 121 -128.01 -46.20 157.65
N LEU OF 122 -127.17 -45.17 157.61
CA LEU OF 122 -127.11 -44.33 156.42
C LEU OF 122 -126.54 -45.10 155.23
N VAL OF 123 -125.47 -45.86 155.43
CA VAL OF 123 -124.90 -46.62 154.33
C VAL OF 123 -125.87 -47.72 153.88
N PHE OF 124 -126.60 -48.30 154.83
CA PHE OF 124 -127.61 -49.29 154.46
C PHE OF 124 -128.69 -48.65 153.59
N ILE OF 125 -129.16 -47.46 153.97
CA ILE OF 125 -130.17 -46.77 153.20
C ILE OF 125 -129.66 -46.44 151.80
N ALA OF 126 -128.42 -45.96 151.71
CA ALA OF 126 -127.87 -45.59 150.42
C ALA OF 126 -127.71 -46.80 149.51
N VAL OF 127 -127.18 -47.91 150.06
CA VAL OF 127 -127.01 -49.11 149.26
C VAL OF 127 -128.36 -49.66 148.82
N ASP OF 128 -129.35 -49.63 149.72
CA ASP OF 128 -130.68 -50.10 149.39
C ASP OF 128 -131.29 -49.27 148.26
N ASN OF 129 -131.16 -47.95 148.34
CA ASN OF 129 -131.72 -47.10 147.30
C ASN OF 129 -131.02 -47.28 145.97
N LEU OF 130 -129.68 -47.39 145.99
CA LEU OF 130 -128.95 -47.55 144.75
C LEU OF 130 -129.28 -48.88 144.06
N PHE OF 131 -129.36 -49.96 144.83
CA PHE OF 131 -129.51 -51.29 144.26
C PHE OF 131 -130.97 -51.74 144.28
N GLY OF 132 -131.79 -50.99 143.56
CA GLY OF 132 -133.16 -51.39 143.31
C GLY OF 132 -134.01 -51.60 144.53
N GLY OF 133 -133.95 -50.68 145.49
CA GLY OF 133 -134.77 -50.80 146.67
C GLY OF 133 -135.50 -49.53 147.03
N ASP OF 134 -136.82 -49.64 147.21
CA ASP OF 134 -137.65 -48.46 147.58
C ASP OF 134 -137.73 -48.36 149.11
N GLY OF 135 -136.75 -48.92 149.82
CA GLY OF 135 -136.74 -48.84 151.27
C GLY OF 135 -138.04 -49.34 151.86
N ARG OF 136 -138.67 -50.34 151.24
CA ARG OF 136 -139.87 -50.95 151.80
C ARG OF 136 -139.61 -51.68 153.11
N PHE OF 137 -138.62 -52.58 153.09
CA PHE OF 137 -138.28 -53.30 154.31
C PHE OF 137 -137.49 -52.49 155.33
N PRO OF 138 -137.66 -52.76 156.61
CA PRO OF 138 -136.90 -52.03 157.63
C PRO OF 138 -135.41 -52.33 157.53
N THR OF 139 -134.61 -51.33 157.89
CA THR OF 139 -133.16 -51.53 157.92
C THR OF 139 -132.78 -52.42 159.09
N LYS OF 140 -132.00 -53.45 158.81
CA LYS OF 140 -131.53 -54.39 159.82
C LYS OF 140 -130.02 -54.37 159.87
N VAL OF 141 -129.47 -54.03 161.04
CA VAL OF 141 -128.04 -54.02 161.27
C VAL OF 141 -127.76 -54.90 162.48
N GLU OF 142 -126.89 -55.90 162.31
CA GLU OF 142 -126.56 -56.84 163.37
C GLU OF 142 -125.05 -57.04 163.45
N GLY OF 143 -124.30 -55.94 163.44
CA GLY OF 143 -122.86 -56.04 163.48
C GLY OF 143 -122.22 -56.46 162.18
N ARG OF 144 -122.98 -56.43 161.09
CA ARG OF 144 -122.45 -56.84 159.80
C ARG OF 144 -121.42 -55.83 159.31
N GLU OF 145 -120.32 -56.33 158.74
CA GLU OF 145 -119.25 -55.49 158.25
C GLU OF 145 -119.60 -54.94 156.87
N PHE OF 146 -118.65 -54.25 156.26
CA PHE OF 146 -118.84 -53.58 154.98
C PHE OF 146 -118.01 -54.29 153.91
N THR OF 147 -118.66 -54.69 152.83
CA THR OF 147 -117.97 -55.35 151.73
C THR OF 147 -117.29 -54.31 150.84
N HIS OF 148 -116.64 -54.79 149.78
CA HIS OF 148 -115.95 -53.88 148.87
C HIS OF 148 -116.94 -53.01 148.10
N THR OF 149 -118.08 -53.58 147.70
CA THR OF 149 -119.10 -52.78 147.03
C THR OF 149 -119.66 -51.72 147.96
N GLU OF 150 -119.93 -52.09 149.21
CA GLU OF 150 -120.38 -51.10 150.18
C GLU OF 150 -119.34 -50.03 150.41
N GLN OF 151 -118.07 -50.44 150.47
CA GLN OF 151 -116.98 -49.47 150.64
C GLN OF 151 -116.92 -48.52 149.46
N ARG OF 152 -117.14 -49.02 148.24
CA ARG OF 152 -117.11 -48.14 147.08
C ARG OF 152 -118.28 -47.17 147.09
N VAL OF 153 -119.46 -47.64 147.50
CA VAL OF 153 -120.61 -46.75 147.63
C VAL OF 153 -120.34 -45.66 148.67
N ILE OF 154 -119.72 -46.04 149.79
CA ILE OF 154 -119.39 -45.07 150.82
C ILE OF 154 -118.35 -44.07 150.32
N ASN OF 155 -117.40 -44.54 149.52
CA ASN OF 155 -116.42 -43.63 148.93
C ASN OF 155 -117.11 -42.64 148.01
N ARG OF 156 -118.08 -43.12 147.22
CA ARG OF 156 -118.81 -42.24 146.32
C ARG OF 156 -119.59 -41.19 147.11
N MET OF 157 -120.24 -41.60 148.20
CA MET OF 157 -120.94 -40.64 149.05
C MET OF 157 -119.97 -39.66 149.71
N LEU OF 158 -118.84 -40.17 150.19
CA LEU OF 158 -117.89 -39.34 150.91
C LEU OF 158 -117.23 -38.32 149.99
N LYS OF 159 -117.12 -38.63 148.70
CA LYS OF 159 -116.61 -37.63 147.77
C LYS OF 159 -117.51 -36.40 147.75
N LEU OF 160 -118.83 -36.62 147.65
CA LEU OF 160 -119.77 -35.51 147.71
C LEU OF 160 -119.73 -34.81 149.06
N ALA OF 161 -119.64 -35.59 150.14
CA ALA OF 161 -119.60 -35.00 151.47
C ALA OF 161 -118.38 -34.10 151.63
N LEU OF 162 -117.22 -34.56 151.19
CA LEU OF 162 -116.00 -33.76 151.31
C LEU OF 162 -116.04 -32.54 150.41
N GLU OF 163 -116.58 -32.69 149.20
CA GLU OF 163 -116.72 -31.52 148.33
C GLU OF 163 -117.62 -30.47 148.98
N GLY OF 164 -118.75 -30.90 149.54
CA GLY OF 164 -119.64 -29.96 150.20
C GLY OF 164 -118.99 -29.29 151.40
N TYR OF 165 -118.27 -30.07 152.21
CA TYR OF 165 -117.59 -29.50 153.37
C TYR OF 165 -116.52 -28.50 152.96
N SER OF 166 -115.74 -28.82 151.93
CA SER OF 166 -114.72 -27.90 151.46
C SER OF 166 -115.34 -26.61 150.94
N ASP OF 167 -116.44 -26.73 150.18
CA ASP OF 167 -117.12 -25.55 149.67
C ASP OF 167 -117.67 -24.69 150.81
N ALA OF 168 -118.23 -25.34 151.83
CA ALA OF 168 -118.75 -24.60 152.97
C ALA OF 168 -117.64 -23.87 153.71
N TRP OF 169 -116.49 -24.54 153.88
CA TRP OF 169 -115.37 -23.90 154.58
C TRP OF 169 -114.80 -22.81 153.68
N LYS OF 170 -114.89 -22.97 152.37
CA LYS OF 170 -114.29 -22.01 151.44
C LYS OF 170 -114.76 -20.58 151.71
N ALA OF 171 -116.02 -20.41 152.12
CA ALA OF 171 -116.53 -19.08 152.43
C ALA OF 171 -115.77 -18.33 153.52
N ILE OF 172 -115.38 -19.02 154.59
CA ILE OF 172 -114.68 -18.38 155.70
C ILE OF 172 -113.18 -18.55 155.55
N ASN OF 173 -112.72 -19.79 155.52
CA ASN OF 173 -111.29 -20.07 155.36
C ASN OF 173 -111.09 -21.15 154.31
N PRO OF 174 -110.42 -20.85 153.20
CA PRO OF 174 -110.27 -21.85 152.13
C PRO OF 174 -109.41 -23.02 152.57
N LEU OF 175 -110.01 -24.20 152.67
CA LEU OF 175 -109.33 -25.42 153.05
C LEU OF 175 -109.53 -26.48 151.98
N GLU OF 176 -108.56 -27.37 151.85
CA GLU OF 176 -108.66 -28.52 150.96
C GLU OF 176 -108.81 -29.78 151.79
N VAL OF 177 -109.80 -30.59 151.44
CA VAL OF 177 -110.17 -31.77 152.20
C VAL OF 177 -109.69 -33.00 151.43
N GLU OF 178 -108.85 -33.80 152.07
CA GLU OF 178 -108.32 -35.02 151.47
C GLU OF 178 -108.72 -36.23 152.29
N TYR OF 179 -109.27 -37.23 151.61
CA TYR OF 179 -109.62 -38.50 152.24
C TYR OF 179 -108.40 -39.42 152.16
N VAL OF 180 -107.94 -39.88 153.32
CA VAL OF 180 -106.69 -40.63 153.40
C VAL OF 180 -106.92 -42.10 153.70
N ARG OF 181 -107.95 -42.44 154.48
CA ARG OF 181 -108.11 -43.81 154.93
C ARG OF 181 -109.51 -44.00 155.48
N SER OF 182 -110.01 -45.21 155.36
CA SER OF 182 -111.30 -45.59 155.93
C SER OF 182 -111.09 -46.82 156.81
N GLU OF 183 -111.83 -46.87 157.90
CA GLU OF 183 -111.72 -47.94 158.88
C GLU OF 183 -113.11 -48.27 159.38
N MET OF 184 -113.23 -49.41 160.05
CA MET OF 184 -114.51 -49.88 160.56
C MET OF 184 -114.61 -49.94 162.08
N GLN OF 185 -113.48 -50.13 162.77
CA GLN OF 185 -113.45 -50.15 164.21
C GLN OF 185 -113.06 -48.77 164.75
N VAL OF 186 -113.19 -48.60 166.06
CA VAL OF 186 -112.86 -47.33 166.69
C VAL OF 186 -111.40 -47.24 167.10
N LYS OF 187 -110.77 -48.37 167.42
CA LYS OF 187 -109.40 -48.35 167.94
C LYS OF 187 -108.35 -48.15 166.86
N PHE OF 188 -108.74 -48.14 165.59
CA PHE OF 188 -107.79 -47.91 164.50
C PHE OF 188 -107.52 -46.45 164.18
N THR OF 189 -108.36 -45.52 164.63
CA THR OF 189 -108.20 -44.12 164.24
C THR OF 189 -107.22 -43.37 165.13
N ASN OF 190 -107.55 -43.26 166.42
CA ASN OF 190 -106.73 -42.55 167.41
C ASN OF 190 -106.14 -41.26 166.83
N ILE OF 191 -107.04 -40.32 166.50
CA ILE OF 191 -106.65 -38.99 165.95
C ILE OF 191 -106.31 -38.04 167.11
N THR OF 192 -106.49 -38.48 168.37
CA THR OF 192 -106.21 -37.68 169.57
C THR OF 192 -105.06 -38.31 170.32
N THR OF 193 -104.03 -37.53 170.67
CA THR OF 193 -102.82 -38.03 171.37
C THR OF 193 -103.24 -38.79 172.59
N SER OF 194 -104.24 -38.30 173.32
CA SER OF 194 -104.79 -38.97 174.50
C SER OF 194 -106.30 -39.05 174.39
N PRO OF 195 -106.90 -40.09 174.99
CA PRO OF 195 -108.36 -40.21 174.94
C PRO OF 195 -109.10 -39.09 175.66
N ASN OF 196 -108.43 -38.34 176.53
CA ASN OF 196 -109.06 -37.24 177.24
C ASN OF 196 -108.97 -35.92 176.50
N ASP OF 197 -108.41 -35.93 175.28
CA ASP OF 197 -108.36 -34.70 174.49
C ASP OF 197 -109.76 -34.29 174.07
N ILE OF 198 -109.92 -33.00 173.81
CA ILE OF 198 -111.22 -32.41 173.54
C ILE OF 198 -111.41 -32.30 172.04
N VAL OF 199 -112.58 -32.72 171.54
CA VAL OF 199 -112.90 -32.67 170.12
C VAL OF 199 -114.28 -32.04 169.95
N VAL OF 200 -114.50 -31.52 168.74
CA VAL OF 200 -115.74 -30.84 168.37
C VAL OF 200 -116.57 -31.74 167.47
N ASN OF 201 -117.74 -32.16 167.96
CA ASN OF 201 -118.59 -33.11 167.19
C ASN OF 201 -119.89 -32.48 166.69
N THR OF 202 -120.19 -32.62 165.39
CA THR OF 202 -121.43 -32.16 164.79
C THR OF 202 -122.19 -33.35 164.24
N PRO OF 203 -123.29 -33.76 164.88
CA PRO OF 203 -124.12 -34.84 164.31
C PRO OF 203 -125.20 -34.27 163.41
N PHE OF 204 -125.32 -34.84 162.21
CA PHE OF 204 -126.40 -34.53 161.29
C PHE OF 204 -127.32 -35.75 161.18
N HIS OF 205 -128.61 -35.49 161.04
CA HIS OF 205 -129.60 -36.54 160.85
C HIS OF 205 -130.18 -36.43 159.46
N VAL OF 206 -130.04 -37.49 158.66
CA VAL OF 206 -130.51 -37.52 157.29
C VAL OF 206 -131.70 -38.46 157.22
N GLU OF 207 -132.84 -37.95 156.76
CA GLU OF 207 -134.05 -38.74 156.61
C GLU OF 207 -134.40 -38.85 155.13
N ILE OF 208 -134.66 -40.08 154.68
CA ILE OF 208 -135.11 -40.37 153.33
C ILE OF 208 -136.42 -41.16 153.45
N GLY OF 209 -137.51 -40.56 152.97
CA GLY OF 209 -138.81 -41.20 153.17
C GLY OF 209 -139.07 -41.41 154.64
N ASN OF 210 -139.45 -42.63 154.99
CA ASN OF 210 -139.62 -42.99 156.39
C ASN OF 210 -138.30 -43.38 157.04
N LEU OF 211 -137.32 -43.82 156.25
CA LEU OF 211 -136.06 -44.26 156.81
C LEU OF 211 -135.23 -43.08 157.30
N THR OF 212 -134.44 -43.33 158.33
CA THR OF 212 -133.60 -42.31 158.94
C THR OF 212 -132.21 -42.86 159.21
N GLY OF 213 -131.24 -41.96 159.29
CA GLY OF 213 -129.89 -42.30 159.66
C GLY OF 213 -129.18 -41.05 160.13
N GLU OF 214 -127.95 -41.22 160.58
CA GLU OF 214 -127.18 -40.10 161.09
C GLU OF 214 -125.72 -40.23 160.70
N PHE OF 215 -125.03 -39.11 160.69
CA PHE OF 215 -123.59 -39.12 160.43
C PHE OF 215 -122.96 -37.91 161.10
N ASN OF 216 -121.77 -38.10 161.63
CA ASN OF 216 -121.09 -37.08 162.42
C ASN OF 216 -119.84 -36.58 161.73
N ILE OF 217 -119.46 -35.35 162.07
CA ILE OF 217 -118.18 -34.80 161.65
C ILE OF 217 -117.42 -34.35 162.89
N CYS OF 218 -116.29 -34.97 163.17
CA CYS OF 218 -115.53 -34.70 164.39
C CYS OF 218 -114.16 -34.13 164.03
N LEU OF 219 -113.83 -33.00 164.64
CA LEU OF 219 -112.56 -32.34 164.43
C LEU OF 219 -111.83 -32.20 165.77
N PRO OF 220 -110.59 -32.66 165.88
CA PRO OF 220 -109.85 -32.42 167.11
C PRO OF 220 -109.65 -30.93 167.34
N PHE OF 221 -109.71 -30.52 168.61
CA PHE OF 221 -109.60 -29.11 168.92
C PHE OF 221 -108.24 -28.53 168.56
N SER OF 222 -107.22 -29.37 168.38
CA SER OF 222 -105.91 -28.86 168.00
C SER OF 222 -105.97 -28.19 166.64
N MET OF 223 -106.72 -28.78 165.70
CA MET OF 223 -106.85 -28.17 164.38
C MET OF 223 -107.59 -26.85 164.45
N ILE OF 224 -108.65 -26.78 165.27
CA ILE OF 224 -109.46 -25.58 165.34
C ILE OF 224 -108.75 -24.46 166.09
N GLU OF 225 -107.89 -24.80 167.04
CA GLU OF 225 -107.29 -23.81 167.93
C GLU OF 225 -106.65 -22.62 167.22
N PRO OF 226 -105.85 -22.78 166.16
CA PRO OF 226 -105.33 -21.59 165.47
C PRO OF 226 -106.42 -20.71 164.86
N LEU OF 227 -107.61 -21.25 164.65
CA LEU OF 227 -108.72 -20.50 164.07
C LEU OF 227 -109.85 -20.20 165.06
N ARG OF 228 -109.54 -20.15 166.35
CA ARG OF 228 -110.59 -19.98 167.36
C ARG OF 228 -111.24 -18.60 167.26
N GLU OF 229 -110.42 -17.56 167.12
CA GLU OF 229 -110.97 -16.20 167.04
C GLU OF 229 -111.80 -16.06 165.77
N LEU OF 230 -111.48 -16.82 164.73
CA LEU OF 230 -112.30 -16.80 163.52
C LEU OF 230 -113.59 -17.57 163.70
N LEU OF 231 -113.51 -18.72 164.40
CA LEU OF 231 -114.67 -19.64 164.56
C LEU OF 231 -115.59 -19.19 165.70
N VAL OF 232 -115.14 -18.28 166.55
CA VAL OF 232 -115.94 -17.85 167.74
C VAL OF 232 -116.95 -16.77 167.31
N ASN OF 233 -116.51 -15.63 166.75
CA ASN OF 233 -117.46 -14.56 166.44
C ASN OF 233 -118.24 -14.88 165.18
N PRO OF 234 -119.52 -14.52 165.13
CA PRO OF 234 -120.30 -14.73 163.90
C PRO OF 234 -119.71 -13.96 162.75
N PRO OF 235 -119.74 -14.50 161.54
CA PRO OF 235 -119.11 -13.83 160.40
C PRO OF 235 -119.81 -12.52 160.07
N LEU OF 236 -119.04 -11.57 159.58
CA LEU OF 236 -119.56 -10.27 159.17
C LEU OF 236 -119.36 -10.08 157.67
N GLU OF 237 -120.29 -9.33 157.06
CA GLU OF 237 -120.25 -9.08 155.62
C GLU OF 237 -119.17 -8.04 155.34
N ASN OF 238 -117.94 -8.52 155.19
CA ASN OF 238 -116.79 -7.67 154.93
C ASN OF 238 -115.97 -8.33 153.81
N SER OF 239 -114.78 -7.79 153.58
CA SER OF 239 -113.88 -8.31 152.56
C SER OF 239 -112.50 -8.51 153.18
N ARG OF 240 -111.68 -9.33 152.49
CA ARG OF 240 -110.32 -9.56 152.95
C ARG OF 240 -109.53 -8.26 152.95
N HIS OF 241 -109.76 -7.41 151.96
CA HIS OF 241 -109.12 -6.10 151.94
C HIS OF 241 -109.52 -5.28 153.16
N GLU OF 242 -110.81 -5.30 153.51
CA GLU OF 242 -111.26 -4.56 154.68
C GLU OF 242 -110.66 -5.14 155.96
N ASP OF 243 -110.56 -6.47 156.05
CA ASP OF 243 -110.00 -7.09 157.23
C ASP OF 243 -108.52 -6.74 157.40
N GLN OF 244 -107.75 -6.82 156.31
CA GLN OF 244 -106.35 -6.47 156.41
C GLN OF 244 -106.15 -4.98 156.68
N ASN OF 245 -107.04 -4.14 156.14
CA ASN OF 245 -106.99 -2.72 156.48
C ASN OF 245 -107.27 -2.49 157.96
N TRP OF 246 -108.24 -3.23 158.50
CA TRP OF 246 -108.53 -3.13 159.93
C TRP OF 246 -107.41 -3.36 160.94
N ARG OF 247 -106.71 -4.48 160.77
CA ARG OF 247 -105.58 -4.81 161.69
C ARG OF 247 -104.41 -3.87 161.37
N ASP OF 248 -104.29 -3.45 160.10
CA ASP OF 248 -103.20 -2.49 159.73
C ASP OF 248 -103.39 -1.21 160.54
N ASN OF 249 -104.59 -0.63 160.52
CA ASN OF 249 -104.87 0.61 161.28
C ASN OF 249 -104.68 0.33 162.77
N LEU OF 250 -105.19 -0.81 163.25
CA LEU OF 250 -105.05 -1.19 164.68
C LEU OF 250 -103.55 -1.29 165.01
N VAL OF 251 -102.77 -1.95 164.14
CA VAL OF 251 -101.30 -2.07 164.37
C VAL OF 251 -100.73 -0.65 164.50
N ARG OF 252 -101.11 0.25 163.58
CA ARG OF 252 -100.61 1.62 163.65
C ARG OF 252 -101.09 2.32 164.92
N GLN OF 253 -102.31 2.03 165.35
CA GLN OF 253 -102.79 2.64 166.60
C GLN OF 253 -102.03 2.09 167.81
N VAL OF 254 -101.62 0.81 167.76
CA VAL OF 254 -100.93 0.21 168.89
C VAL OF 254 -99.56 0.85 169.09
N GLN OF 255 -98.90 1.22 168.00
CA GLN OF 255 -97.54 1.74 168.08
C GLN OF 255 -97.42 2.93 169.02
N HIS OF 256 -98.47 3.73 169.14
CA HIS OF 256 -98.45 4.89 170.04
C HIS OF 256 -98.94 4.49 171.44
N SER OF 257 -98.26 3.50 172.03
CA SER OF 257 -98.55 3.03 173.41
C SER OF 257 -97.23 2.92 174.18
N GLU OF 258 -97.04 3.73 175.23
CA GLU OF 258 -95.79 3.73 176.02
C GLU OF 258 -95.63 2.39 176.77
N LEU OF 259 -94.40 1.88 176.88
CA LEU OF 259 -94.11 0.61 177.60
C LEU OF 259 -93.20 0.90 178.78
N GLU OF 260 -92.96 -0.08 179.65
CA GLU OF 260 -92.00 0.04 180.74
C GLU OF 260 -90.87 -0.95 180.49
N LEU OF 261 -89.67 -0.43 180.23
CA LEU OF 261 -88.51 -1.25 179.94
C LEU OF 261 -87.58 -1.26 181.15
N VAL OF 262 -87.16 -2.45 181.57
CA VAL OF 262 -86.36 -2.64 182.76
C VAL OF 262 -85.04 -3.32 182.38
N ALA OF 263 -83.93 -2.73 182.79
CA ALA OF 263 -82.61 -3.28 182.51
C ALA OF 263 -82.08 -3.98 183.76
N ASN OF 264 -81.62 -5.20 183.59
CA ASN OF 264 -81.07 -5.99 184.69
C ASN OF 264 -79.55 -5.99 184.56
N PHE OF 265 -78.87 -5.34 185.53
CA PHE OF 265 -77.39 -5.24 185.55
C PHE OF 265 -76.76 -6.55 186.03
N ALA OF 266 -77.27 -7.13 187.12
CA ALA OF 266 -76.73 -8.38 187.70
C ALA OF 266 -77.80 -9.19 188.42
N ASP OF 267 -77.59 -10.49 188.65
CA ASP OF 267 -78.52 -11.34 189.41
C ASP OF 267 -77.69 -12.23 190.32
N ILE OF 268 -77.60 -11.87 191.60
CA ILE OF 268 -76.74 -12.54 192.55
C ILE OF 268 -77.60 -13.45 193.41
N PRO OF 269 -77.21 -14.73 193.67
CA PRO OF 269 -78.02 -15.68 194.49
C PRO OF 269 -77.56 -15.68 195.95
N LEU OF 270 -78.42 -15.18 196.85
CA LEU OF 270 -78.10 -15.20 198.29
C LEU OF 270 -79.15 -15.99 199.07
N ARG OF 271 -78.74 -16.61 200.17
CA ARG OF 271 -79.69 -17.35 201.05
C ARG OF 271 -80.49 -16.36 201.88
N LEU OF 272 -81.62 -16.80 202.43
CA LEU OF 272 -82.44 -15.92 203.30
C LEU OF 272 -81.60 -15.46 204.50
N SER OF 273 -80.74 -16.35 205.00
CA SER OF 273 -79.94 -16.02 206.20
C SER OF 273 -79.05 -14.81 205.91
N GLN OF 274 -78.47 -14.77 204.71
CA GLN OF 274 -77.64 -13.60 204.36
C GLN OF 274 -78.53 -12.37 204.34
N ILE OF 275 -79.75 -12.48 203.81
CA ILE OF 275 -80.61 -11.27 203.69
C ILE OF 275 -80.94 -10.61 205.04
N LEU OF 276 -81.30 -11.40 206.05
CA LEU OF 276 -81.53 -10.81 207.40
C LEU OF 276 -80.34 -10.15 208.12
N LYS OF 277 -79.17 -10.78 208.01
CA LYS OF 277 -77.91 -10.17 208.55
C LYS OF 277 -77.39 -9.02 207.61
N LEU OF 278 -77.97 -9.03 206.41
CA LEU OF 278 -77.53 -8.04 205.39
C LEU OF 278 -77.90 -6.73 206.08
N LYS OF 279 -76.98 -5.78 206.08
CA LYS OF 279 -77.18 -4.45 206.67
C LYS OF 279 -76.34 -3.48 205.85
N PRO OF 280 -76.59 -2.14 205.86
CA PRO OF 280 -75.85 -1.19 204.98
C PRO OF 280 -74.35 -1.30 205.16
N GLY OF 281 -73.56 -1.09 204.09
CA GLY OF 281 -72.12 -1.13 204.10
C GLY OF 281 -71.51 -2.43 203.61
N ASP OF 282 -72.31 -3.49 203.49
CA ASP OF 282 -71.79 -4.77 203.03
C ASP OF 282 -71.49 -4.72 201.53
N VAL OF 283 -70.66 -5.65 201.09
CA VAL OF 283 -70.32 -5.79 199.67
C VAL OF 283 -70.68 -7.20 199.24
N LEU OF 284 -71.52 -7.30 198.22
CA LEU OF 284 -71.93 -8.59 197.67
C LEU OF 284 -71.30 -8.76 196.30
N PRO OF 285 -70.41 -9.74 196.12
CA PRO OF 285 -69.65 -9.82 194.87
C PRO OF 285 -70.54 -10.22 193.70
N ILE OF 286 -70.28 -9.60 192.55
CA ILE OF 286 -71.00 -9.89 191.32
C ILE OF 286 -69.98 -10.17 190.22
N GLU OF 287 -70.44 -10.82 189.17
CA GLU OF 287 -69.61 -11.21 188.05
C GLU OF 287 -69.69 -10.16 186.95
N LYS OF 288 -68.85 -10.33 185.93
CA LYS OF 288 -68.84 -9.42 184.80
C LYS OF 288 -70.13 -9.55 183.99
N PRO OF 289 -70.92 -8.49 183.85
CA PRO OF 289 -71.99 -8.51 182.85
C PRO OF 289 -71.46 -8.13 181.47
N ASP OF 290 -71.32 -9.12 180.59
CA ASP OF 290 -70.88 -8.82 179.20
C ASP OF 290 -72.00 -8.06 178.49
N ARG OF 291 -73.25 -8.48 178.68
CA ARG OF 291 -74.39 -7.84 178.08
C ARG OF 291 -75.49 -7.66 179.11
N ILE OF 292 -76.32 -6.65 178.91
CA ILE OF 292 -77.40 -6.29 179.81
C ILE OF 292 -78.77 -6.58 179.23
N ILE OF 293 -79.52 -7.47 179.87
CA ILE OF 293 -80.85 -7.83 179.40
C ILE OF 293 -81.89 -6.79 179.77
N ALA OF 294 -82.68 -6.37 178.79
CA ALA OF 294 -83.76 -5.41 178.99
C ALA OF 294 -85.07 -6.12 178.69
N HIS OF 295 -85.96 -6.13 179.67
CA HIS OF 295 -87.20 -6.88 179.62
C HIS OF 295 -88.37 -5.98 179.96
N VAL OF 296 -89.53 -6.28 179.37
CA VAL OF 296 -90.77 -5.58 179.65
C VAL OF 296 -91.68 -6.54 180.38
N ASP OF 297 -91.95 -6.27 181.66
CA ASP OF 297 -92.82 -7.12 182.48
C ASP OF 297 -92.37 -8.56 182.49
N GLY OF 298 -91.05 -8.77 182.49
CA GLY OF 298 -90.50 -10.10 182.55
C GLY OF 298 -89.93 -10.59 181.23
N VAL OF 299 -90.61 -10.29 180.13
CA VAL OF 299 -90.21 -10.80 178.82
C VAL OF 299 -89.00 -10.01 178.31
N PRO OF 300 -87.87 -10.66 178.07
CA PRO OF 300 -86.68 -9.92 177.61
C PRO OF 300 -86.84 -9.47 176.17
N VAL OF 301 -86.42 -8.23 175.92
CA VAL OF 301 -86.61 -7.62 174.61
C VAL OF 301 -85.27 -7.22 173.99
N LEU OF 302 -84.30 -6.87 174.83
CA LEU OF 302 -83.06 -6.28 174.33
C LEU OF 302 -81.94 -6.90 175.15
N THR OF 303 -80.76 -6.94 174.55
CA THR OF 303 -79.50 -7.11 175.29
C THR OF 303 -78.60 -6.01 174.76
N SER OF 304 -78.00 -5.23 175.67
CA SER OF 304 -77.32 -4.01 175.31
C SER OF 304 -76.28 -3.79 176.39
N GLN OF 305 -75.21 -3.08 176.03
CA GLN OF 305 -74.04 -2.91 176.89
C GLN OF 305 -74.35 -1.67 177.71
N TYR OF 306 -73.98 -1.70 178.98
CA TYR OF 306 -74.26 -0.58 179.86
C TYR OF 306 -73.31 0.59 179.57
N GLY OF 307 -73.72 1.78 180.00
CA GLY OF 307 -72.91 2.96 179.80
C GLY OF 307 -73.54 4.15 180.48
N THR OF 308 -72.84 5.28 180.42
CA THR OF 308 -73.32 6.53 180.98
C THR OF 308 -73.25 7.60 179.91
N VAL OF 309 -74.38 8.27 179.67
CA VAL OF 309 -74.47 9.33 178.67
C VAL OF 309 -75.30 10.45 179.25
N ASN OF 310 -74.78 11.68 179.15
CA ASN OF 310 -75.48 12.89 179.59
C ASN OF 310 -75.87 12.79 181.07
N GLY OF 311 -75.01 12.19 181.87
CA GLY OF 311 -75.31 11.98 183.27
C GLY OF 311 -76.39 10.96 183.54
N GLN OF 312 -76.83 10.23 182.52
CA GLN OF 312 -77.87 9.23 182.64
C GLN OF 312 -77.30 7.84 182.41
N TYR OF 313 -77.85 6.86 183.12
CA TYR OF 313 -77.49 5.47 182.86
C TYR OF 313 -78.00 5.09 181.47
N ALA OF 314 -77.07 4.76 180.57
CA ALA OF 314 -77.40 4.51 179.18
C ALA OF 314 -77.10 3.06 178.81
N LEU OF 315 -77.74 2.60 177.74
CA LEU OF 315 -77.51 1.27 177.20
C LEU OF 315 -77.27 1.38 175.71
N ARG OF 316 -76.19 0.79 175.24
CA ARG OF 316 -75.88 0.73 173.82
C ARG OF 316 -76.49 -0.55 173.26
N VAL OF 317 -77.59 -0.41 172.52
CA VAL OF 317 -78.34 -1.56 172.06
C VAL OF 317 -77.49 -2.40 171.13
N GLU OF 318 -77.36 -3.66 171.46
CA GLU OF 318 -76.62 -4.60 170.61
C GLU OF 318 -77.49 -5.53 169.80
N HIS OF 319 -78.61 -6.02 170.33
CA HIS OF 319 -79.40 -7.05 169.61
C HIS OF 319 -80.84 -7.13 170.10
N LEU OF 320 -81.81 -6.95 169.21
CA LEU OF 320 -83.21 -7.18 169.52
C LEU OF 320 -83.49 -8.67 169.54
N ILE OF 321 -84.08 -9.16 170.63
CA ILE OF 321 -84.25 -10.59 170.81
C ILE OF 321 -85.41 -11.09 169.98
N ASN OF 322 -85.12 -11.50 168.74
CA ASN OF 322 -86.14 -12.10 167.90
C ASN OF 322 -86.36 -13.56 168.29
N PRO OF 323 -87.57 -14.09 168.07
CA PRO OF 323 -87.86 -15.49 168.37
C PRO OF 323 -87.54 -16.41 167.20
N GLN PF 52 -95.64 -20.76 213.80
CA GLN PF 52 -94.68 -19.67 213.62
C GLN PF 52 -93.26 -20.18 213.82
N ASP PF 53 -92.74 -20.85 212.80
CA ASP PF 53 -91.40 -21.43 212.85
C ASP PF 53 -90.39 -20.43 212.29
N ILE PF 54 -89.12 -20.64 212.64
CA ILE PF 54 -88.08 -19.71 212.22
C ILE PF 54 -86.96 -20.46 211.51
N ASP PF 55 -86.49 -21.56 212.09
CA ASP PF 55 -85.43 -22.39 211.44
C ASP PF 55 -86.00 -23.05 210.20
N LEU PF 56 -87.32 -23.15 210.08
CA LEU PF 56 -87.97 -23.84 208.94
C LEU PF 56 -87.63 -23.14 207.61
N ILE PF 57 -87.63 -21.81 207.60
CA ILE PF 57 -87.38 -21.02 206.35
C ILE PF 57 -86.08 -20.25 206.52
N MET PF 58 -85.26 -20.59 207.51
CA MET PF 58 -84.02 -19.87 207.78
C MET PF 58 -83.00 -20.09 206.67
N ASP PF 59 -83.21 -21.12 205.83
CA ASP PF 59 -82.24 -21.54 204.84
C ASP PF 59 -82.72 -21.43 203.40
N ILE PF 60 -83.95 -20.98 203.18
CA ILE PF 60 -84.52 -20.93 201.83
C ILE PF 60 -83.73 -19.94 200.98
N PRO PF 61 -83.37 -20.28 199.75
CA PRO PF 61 -82.63 -19.32 198.91
C PRO PF 61 -83.54 -18.34 198.23
N VAL PF 62 -83.01 -17.14 197.96
CA VAL PF 62 -83.73 -16.08 197.28
C VAL PF 62 -82.72 -15.62 196.24
N LYS PF 63 -83.25 -15.02 195.17
CA LYS PF 63 -82.41 -14.47 194.06
C LYS PF 63 -82.57 -12.95 194.11
N LEU PF 64 -81.47 -12.21 194.06
CA LEU PF 64 -81.50 -10.75 194.17
C LEU PF 64 -81.10 -10.18 192.83
N THR PF 65 -81.84 -9.18 192.36
CA THR PF 65 -81.56 -8.53 191.09
C THR PF 65 -81.29 -7.06 191.34
N VAL PF 66 -80.47 -6.46 190.49
CA VAL PF 66 -80.16 -5.04 190.54
C VAL PF 66 -80.39 -4.42 189.17
N GLU PF 67 -80.92 -3.20 189.14
CA GLU PF 67 -81.30 -2.57 187.89
C GLU PF 67 -80.34 -1.47 187.47
N LEU PF 68 -80.29 -1.16 186.18
CA LEU PF 68 -79.60 0.04 185.75
C LEU PF 68 -80.55 1.21 186.01
N GLY PF 69 -81.79 1.09 185.53
CA GLY PF 69 -82.75 2.15 185.76
C GLY PF 69 -84.05 1.87 185.04
N ARG PF 70 -85.06 2.66 185.40
CA ARG PF 70 -86.36 2.64 184.75
C ARG PF 70 -86.25 3.45 183.46
N THR PF 71 -87.22 3.24 182.56
CA THR PF 71 -87.44 4.12 181.44
C THR PF 71 -88.74 3.61 180.86
N ARG PF 72 -89.49 4.49 180.21
CA ARG PF 72 -90.78 4.18 179.63
C ARG PF 72 -90.73 4.73 178.21
N MET PF 73 -90.91 3.85 177.22
CA MET PF 73 -90.63 4.19 175.84
C MET PF 73 -91.62 3.32 175.06
N THR PF 74 -92.22 3.90 174.00
CA THR PF 74 -93.35 3.25 173.29
C THR PF 74 -92.89 2.23 172.30
N ILE PF 75 -93.85 1.58 171.64
CA ILE PF 75 -93.57 0.53 170.63
C ILE PF 75 -92.78 1.19 169.47
N LYS PF 76 -93.12 2.41 169.07
CA LYS PF 76 -92.46 3.09 167.92
C LYS PF 76 -90.93 3.05 168.05
N GLU PF 77 -90.32 3.69 169.06
CA GLU PF 77 -88.89 3.74 169.30
C GLU PF 77 -88.27 2.37 169.52
N LEU PF 78 -88.98 1.48 170.19
CA LEU PF 78 -88.50 0.11 170.35
C LEU PF 78 -88.31 -0.64 169.04
N LEU PF 79 -89.22 -0.47 168.10
CA LEU PF 79 -89.07 -1.11 166.80
C LEU PF 79 -87.99 -0.54 165.89
N ARG PF 80 -87.70 0.76 166.02
CA ARG PF 80 -86.65 1.37 165.21
C ARG PF 80 -85.26 1.45 165.93
N LEU PF 81 -85.16 0.75 167.04
CA LEU PF 81 -83.90 0.66 167.77
C LEU PF 81 -83.08 -0.24 166.85
N THR PF 82 -81.84 0.15 166.61
CA THR PF 82 -80.96 -0.61 165.72
C THR PF 82 -79.71 -0.95 166.54
N GLN PF 83 -78.79 -1.67 165.93
CA GLN PF 83 -77.53 -1.96 166.63
C GLN PF 83 -76.74 -0.69 166.81
N GLY PF 84 -76.15 -0.51 168.00
CA GLY PF 84 -75.37 0.67 168.29
C GLY PF 84 -76.21 1.84 168.78
N SER PF 85 -77.52 1.75 168.72
CA SER PF 85 -78.37 2.82 169.24
C SER PF 85 -78.27 2.89 170.75
N VAL PF 86 -78.36 4.09 171.29
CA VAL PF 86 -78.18 4.35 172.71
C VAL PF 86 -79.51 4.85 173.28
N VAL PF 87 -79.93 4.26 174.39
CA VAL PF 87 -81.14 4.65 175.09
C VAL PF 87 -80.78 4.97 176.53
N ALA PF 88 -81.33 6.05 177.08
CA ALA PF 88 -81.03 6.47 178.47
C ALA PF 88 -81.88 5.70 179.48
N LEU PF 89 -81.91 6.14 180.74
CA LEU PF 89 -82.67 5.51 181.85
C LEU PF 89 -83.15 6.68 182.70
N ASP PF 90 -84.01 6.47 183.69
CA ASP PF 90 -84.60 7.56 184.51
C ASP PF 90 -83.66 7.99 185.64
N GLY PF 91 -82.52 7.31 185.85
CA GLY PF 91 -81.59 7.63 186.92
C GLY PF 91 -80.30 8.33 186.54
N LEU PF 92 -79.96 9.35 187.31
CA LEU PF 92 -78.69 10.03 187.14
C LEU PF 92 -77.55 9.07 187.43
N ALA PF 93 -76.45 9.21 186.68
CA ALA PF 93 -75.30 8.36 186.89
C ALA PF 93 -74.67 8.67 188.24
N GLY PF 94 -74.93 7.84 189.23
CA GLY PF 94 -74.42 8.07 190.56
C GLY PF 94 -75.37 7.69 191.69
N GLU PF 95 -76.68 7.68 191.41
CA GLU PF 95 -77.61 7.27 192.45
C GLU PF 95 -77.46 5.78 192.72
N PRO PF 96 -77.76 5.33 193.94
CA PRO PF 96 -77.69 3.90 194.23
C PRO PF 96 -78.78 3.13 193.50
N LEU PF 97 -78.40 2.00 192.92
CA LEU PF 97 -79.34 1.16 192.20
C LEU PF 97 -80.26 0.46 193.18
N ASP PF 98 -81.43 0.03 192.68
CA ASP PF 98 -82.44 -0.60 193.57
C ASP PF 98 -82.26 -2.13 193.52
N ILE PF 99 -82.09 -2.76 194.69
CA ILE PF 99 -81.96 -4.24 194.78
C ILE PF 99 -83.38 -4.80 195.03
N LEU PF 100 -83.77 -5.86 194.31
CA LEU PF 100 -85.15 -6.39 194.44
C LEU PF 100 -85.14 -7.92 194.55
N ILE PF 101 -86.14 -8.49 195.23
CA ILE PF 101 -86.27 -9.99 195.32
C ILE PF 101 -87.69 -10.36 194.89
N ASN PF 102 -87.83 -11.29 193.94
CA ASN PF 102 -89.19 -11.73 193.49
C ASN PF 102 -89.97 -10.48 193.10
N GLY PF 103 -89.30 -9.48 192.49
CA GLY PF 103 -89.96 -8.26 192.01
C GLY PF 103 -90.37 -7.34 193.15
N TYR PF 104 -89.83 -7.52 194.35
CA TYR PF 104 -90.19 -6.71 195.55
C TYR PF 104 -88.96 -5.96 196.03
N LEU PF 105 -89.08 -4.65 196.28
CA LEU PF 105 -87.90 -3.84 196.64
C LEU PF 105 -87.35 -4.39 197.96
N ILE PF 106 -86.03 -4.48 198.08
CA ILE PF 106 -85.38 -5.04 199.30
C ILE PF 106 -84.23 -4.13 199.76
N ALA PF 107 -83.53 -3.42 198.86
CA ALA PF 107 -82.33 -2.69 199.28
C ALA PF 107 -81.96 -1.66 198.22
N GLN PF 108 -80.88 -0.93 198.46
CA GLN PF 108 -80.27 -0.03 197.49
C GLN PF 108 -78.75 -0.07 197.64
N GLY PF 109 -78.07 -0.10 196.50
CA GLY PF 109 -76.62 -0.09 196.49
C GLY PF 109 -76.09 0.10 195.09
N GLU PF 110 -74.81 0.50 195.02
CA GLU PF 110 -74.14 0.76 193.76
C GLU PF 110 -72.97 -0.19 193.56
N VAL PF 111 -72.51 -0.27 192.32
CA VAL PF 111 -71.39 -1.13 191.97
C VAL PF 111 -70.08 -0.44 192.36
N VAL PF 112 -69.14 -1.22 192.87
CA VAL PF 112 -67.83 -0.71 193.29
C VAL PF 112 -66.71 -1.60 192.73
N VAL PF 113 -65.62 -0.96 192.33
CA VAL PF 113 -64.44 -1.67 191.81
C VAL PF 113 -63.34 -1.72 192.86
N VAL PF 114 -62.98 -2.92 193.31
CA VAL PF 114 -62.01 -3.03 194.38
C VAL PF 114 -60.62 -3.24 193.78
N ALA PF 115 -60.46 -4.40 193.14
CA ALA PF 115 -59.23 -4.71 192.41
C ALA PF 115 -59.45 -4.96 190.91
N ASP PF 116 -59.96 -6.16 190.59
CA ASP PF 116 -60.35 -6.47 189.18
C ASP PF 116 -61.65 -7.24 189.40
N LYS PF 117 -62.40 -6.90 190.46
CA LYS PF 117 -63.63 -7.66 190.81
C LYS PF 117 -64.77 -6.67 191.10
N TYR PF 118 -66.03 -7.11 190.94
CA TYR PF 118 -67.18 -6.17 191.10
C TYR PF 118 -68.12 -6.63 192.20
N GLY PF 119 -68.81 -5.67 192.83
CA GLY PF 119 -69.81 -5.98 193.84
C GLY PF 119 -70.67 -4.77 194.15
N VAL PF 120 -71.77 -5.03 194.84
CA VAL PF 120 -72.74 -3.99 195.16
C VAL PF 120 -72.46 -3.58 196.60
N ARG PF 121 -72.37 -2.27 196.83
CA ARG PF 121 -72.14 -1.70 198.15
C ARG PF 121 -73.49 -1.13 198.58
N ILE PF 122 -74.19 -1.87 199.45
CA ILE PF 122 -75.53 -1.50 199.85
C ILE PF 122 -75.49 -0.24 200.70
N THR PF 123 -76.35 0.72 200.36
CA THR PF 123 -76.39 2.00 201.07
C THR PF 123 -77.31 1.98 202.27
N ASP PF 124 -78.50 1.40 202.15
CA ASP PF 124 -79.46 1.41 203.24
C ASP PF 124 -80.49 0.30 203.01
N ILE PF 125 -81.36 0.13 204.00
CA ILE PF 125 -82.47 -0.80 203.94
C ILE PF 125 -83.75 0.01 204.04
N ILE PF 126 -84.65 -0.19 203.08
CA ILE PF 126 -85.86 0.62 202.99
C ILE PF 126 -86.89 0.13 203.99
N THR PF 127 -87.25 1.01 204.93
CA THR PF 127 -88.36 0.75 205.82
C THR PF 127 -89.68 0.88 205.05
N PRO PF 128 -90.76 0.29 205.57
CA PRO PF 128 -92.04 0.38 204.84
C PRO PF 128 -92.48 1.81 204.55
N SER PF 129 -92.23 2.74 205.48
CA SER PF 129 -92.63 4.13 205.27
C SER PF 129 -92.06 4.63 203.96
N GLU PF 130 -90.75 4.44 203.76
CA GLU PF 130 -90.15 4.76 202.47
C GLU PF 130 -90.82 4.02 201.32
N ARG PF 131 -91.02 2.71 201.50
CA ARG PF 131 -91.73 1.93 200.44
C ARG PF 131 -93.08 2.59 200.10
N MET PF 132 -93.80 3.07 201.12
CA MET PF 132 -95.15 3.65 200.88
C MET PF 132 -95.01 4.89 199.97
N ARG PF 133 -94.00 5.73 200.22
CA ARG PF 133 -93.80 6.95 199.40
C ARG PF 133 -93.26 6.55 198.02
N ARG PF 134 -92.66 5.36 197.95
CA ARG PF 134 -92.10 4.84 196.67
C ARG PF 134 -93.33 4.62 195.77
N LEU PF 135 -94.29 3.84 196.27
CA LEU PF 135 -95.56 3.66 195.55
C LEU PF 135 -96.37 4.95 195.33
N SER PF 136 -96.37 5.84 196.32
CA SER PF 136 -97.16 7.09 196.23
C SER PF 136 -96.53 8.05 195.20
N ARG PF 137 -95.20 8.01 195.02
CA ARG PF 137 -94.60 8.99 194.13
C ARG PF 137 -93.47 8.36 193.32
N ASP QF 53 -86.12 -6.62 212.52
CA ASP QF 53 -85.51 -7.19 211.33
C ASP QF 53 -86.31 -8.35 210.76
N ILE QF 54 -87.09 -9.01 211.62
CA ILE QF 54 -87.95 -10.10 211.16
C ILE QF 54 -89.01 -9.49 210.25
N ASP QF 55 -89.45 -8.27 210.56
CA ASP QF 55 -90.47 -7.61 209.76
C ASP QF 55 -90.05 -7.45 208.30
N LEU QF 56 -88.76 -7.21 208.05
CA LEU QF 56 -88.28 -7.10 206.68
C LEU QF 56 -88.46 -8.36 205.83
N ILE QF 57 -88.20 -9.52 206.44
CA ILE QF 57 -88.28 -10.81 205.69
C ILE QF 57 -89.57 -11.55 206.10
N MET QF 58 -90.59 -10.82 206.55
CA MET QF 58 -91.82 -11.48 206.99
C MET QF 58 -92.80 -11.14 205.86
N ASP QF 59 -92.42 -10.23 204.96
CA ASP QF 59 -93.38 -9.78 203.90
C ASP QF 59 -92.94 -10.21 202.49
N ILE QF 60 -91.66 -10.50 202.28
CA ILE QF 60 -91.15 -10.82 200.94
C ILE QF 60 -91.83 -11.96 200.19
N PRO QF 61 -92.15 -11.78 198.87
CA PRO QF 61 -92.72 -12.88 198.05
C PRO QF 61 -91.68 -13.96 197.79
N VAL QF 62 -92.12 -15.19 197.51
CA VAL QF 62 -91.25 -16.31 197.24
C VAL QF 62 -92.08 -17.21 196.34
N LYS QF 63 -91.40 -18.07 195.58
CA LYS QF 63 -92.07 -18.93 194.62
C LYS QF 63 -92.17 -20.31 195.23
N LEU QF 64 -93.36 -20.89 195.23
CA LEU QF 64 -93.62 -22.20 195.82
C LEU QF 64 -94.00 -23.15 194.69
N THR QF 65 -93.49 -24.38 194.76
CA THR QF 65 -93.83 -25.42 193.80
C THR QF 65 -94.08 -26.71 194.55
N VAL QF 66 -94.81 -27.63 193.91
CA VAL QF 66 -94.98 -28.98 194.42
C VAL QF 66 -94.78 -29.95 193.27
N GLU QF 67 -93.89 -30.92 193.45
CA GLU QF 67 -93.54 -31.83 192.37
C GLU QF 67 -94.23 -33.16 192.58
N LEU QF 68 -94.86 -33.69 191.52
CA LEU QF 68 -95.67 -34.94 191.62
C LEU QF 68 -94.82 -36.19 191.31
N GLY QF 69 -93.75 -36.05 190.51
CA GLY QF 69 -92.98 -37.22 190.05
C GLY QF 69 -91.48 -36.97 190.03
N ARG QF 70 -90.70 -38.05 190.00
CA ARG QF 70 -89.21 -37.96 189.93
C ARG QF 70 -88.69 -39.24 189.26
N THR QF 71 -87.96 -39.12 188.15
CA THR QF 71 -87.45 -40.27 187.40
C THR QF 71 -86.07 -39.93 186.92
N ARG QF 72 -85.15 -40.90 186.85
CA ARG QF 72 -83.82 -40.76 186.29
C ARG QF 72 -83.75 -41.44 184.94
N MET QF 73 -83.26 -40.71 183.93
CA MET QF 73 -83.26 -41.28 182.56
C MET QF 73 -82.00 -40.91 181.78
N THR QF 74 -81.65 -41.71 180.78
CA THR QF 74 -80.53 -41.47 179.89
C THR QF 74 -81.15 -40.76 178.68
N ILE QF 75 -80.33 -40.45 177.68
CA ILE QF 75 -80.87 -39.64 176.54
C ILE QF 75 -81.44 -40.60 175.49
N LYS QF 76 -80.89 -41.79 175.40
CA LYS QF 76 -81.49 -42.80 174.51
C LYS QF 76 -82.96 -42.77 174.93
N GLU QF 77 -83.21 -42.90 176.24
CA GLU QF 77 -84.59 -42.97 176.74
C GLU QF 77 -85.37 -41.68 176.45
N LEU QF 78 -84.77 -40.51 176.71
CA LEU QF 78 -85.51 -39.24 176.54
C LEU QF 78 -85.88 -39.02 175.07
N LEU QF 79 -84.93 -39.28 174.17
CA LEU QF 79 -85.17 -39.11 172.71
C LEU QF 79 -86.23 -40.12 172.26
N ARG QF 80 -86.19 -41.33 172.82
CA ARG QF 80 -87.12 -42.41 172.40
C ARG QF 80 -88.55 -41.94 172.70
N LEU QF 81 -88.79 -41.27 173.83
CA LEU QF 81 -90.13 -40.71 174.12
C LEU QF 81 -90.66 -40.03 172.85
N THR QF 82 -91.91 -40.26 172.44
CA THR QF 82 -92.51 -39.54 171.30
C THR QF 82 -93.78 -38.86 171.77
N GLN QF 83 -94.68 -38.53 170.86
CA GLN QF 83 -95.95 -37.97 171.30
C GLN QF 83 -96.86 -39.07 171.81
N GLY QF 84 -97.44 -38.86 172.99
CA GLY QF 84 -98.29 -39.85 173.60
C GLY QF 84 -97.57 -40.90 174.42
N SER QF 85 -96.24 -40.86 174.47
CA SER QF 85 -95.50 -41.84 175.25
C SER QF 85 -95.74 -41.62 176.73
N VAL QF 86 -95.90 -42.72 177.47
CA VAL QF 86 -96.15 -42.67 178.90
C VAL QF 86 -94.83 -42.92 179.62
N VAL QF 87 -94.47 -42.01 180.53
CA VAL QF 87 -93.24 -42.11 181.30
C VAL QF 87 -93.61 -42.49 182.72
N ALA QF 88 -93.11 -43.63 183.18
CA ALA QF 88 -93.36 -44.06 184.55
C ALA QF 88 -92.59 -43.25 185.57
N LEU QF 89 -93.20 -43.07 186.73
CA LEU QF 89 -92.59 -42.35 187.84
C LEU QF 89 -92.12 -43.16 189.04
N ASP QF 90 -90.88 -42.93 189.47
CA ASP QF 90 -90.36 -43.67 190.62
C ASP QF 90 -91.30 -43.61 191.86
N GLY QF 91 -91.88 -42.42 192.05
CA GLY QF 91 -92.91 -42.26 193.06
C GLY QF 91 -94.18 -43.09 193.02
N LEU QF 92 -94.43 -43.84 194.09
CA LEU QF 92 -95.64 -44.64 194.16
C LEU QF 92 -96.86 -43.75 194.35
N ALA QF 93 -98.03 -44.27 194.03
CA ALA QF 93 -99.26 -43.52 194.22
C ALA QF 93 -99.55 -43.34 195.70
N GLY QF 94 -99.95 -42.12 196.07
CA GLY QF 94 -100.31 -41.80 197.44
C GLY QF 94 -99.17 -41.37 198.33
N GLU QF 95 -97.93 -41.47 197.88
CA GLU QF 95 -96.81 -41.02 198.70
C GLU QF 95 -96.81 -39.50 198.79
N PRO QF 96 -96.31 -38.86 199.86
CA PRO QF 96 -96.38 -37.37 199.98
C PRO QF 96 -95.57 -36.68 198.89
N LEU QF 97 -96.17 -35.77 198.12
CA LEU QF 97 -95.48 -34.99 197.06
C LEU QF 97 -94.43 -34.08 197.70
N ASP QF 98 -93.26 -33.91 197.10
CA ASP QF 98 -92.30 -32.92 197.67
C ASP QF 98 -92.85 -31.51 197.47
N ILE QF 99 -92.67 -30.59 198.40
CA ILE QF 99 -93.01 -29.18 198.26
C ILE QF 99 -91.71 -28.39 198.37
N LEU QF 100 -91.43 -27.60 197.35
CA LEU QF 100 -90.18 -26.89 197.21
C LEU QF 100 -90.42 -25.39 197.24
N ILE QF 101 -89.46 -24.66 197.79
CA ILE QF 101 -89.47 -23.20 197.82
C ILE QF 101 -88.21 -22.73 197.10
N ASN QF 102 -88.38 -22.14 195.92
CA ASN QF 102 -87.26 -21.73 195.08
C ASN QF 102 -86.34 -22.92 194.80
N GLY QF 103 -86.94 -24.09 194.64
CA GLY QF 103 -86.18 -25.30 194.41
C GLY QF 103 -85.62 -25.96 195.65
N TYR QF 104 -86.01 -25.51 196.84
CA TYR QF 104 -85.49 -26.05 198.09
C TYR QF 104 -86.62 -26.80 198.80
N LEU QF 105 -86.38 -28.08 199.09
CA LEU QF 105 -87.40 -28.92 199.71
C LEU QF 105 -87.54 -28.55 201.19
N ILE QF 106 -88.78 -28.34 201.63
CA ILE QF 106 -89.03 -28.01 203.03
C ILE QF 106 -90.08 -28.93 203.63
N ALA QF 107 -90.94 -29.52 202.80
CA ALA QF 107 -92.09 -30.22 203.33
C ALA QF 107 -92.58 -31.29 202.37
N GLN QF 108 -93.41 -32.19 202.90
CA GLN QF 108 -94.03 -33.25 202.13
C GLN QF 108 -95.54 -33.24 202.41
N GLY QF 109 -96.31 -33.45 201.35
CA GLY QF 109 -97.76 -33.50 201.49
C GLY QF 109 -98.54 -34.09 200.34
N GLU QF 110 -99.73 -34.58 200.66
CA GLU QF 110 -100.59 -35.18 199.64
C GLU QF 110 -101.33 -34.26 198.71
N VAL QF 111 -101.80 -34.79 197.59
CA VAL QF 111 -102.37 -34.00 196.52
C VAL QF 111 -103.85 -33.98 196.85
N VAL QF 112 -104.47 -32.82 196.71
CA VAL QF 112 -105.91 -32.65 196.91
C VAL QF 112 -106.35 -31.47 196.06
N VAL QF 113 -107.57 -31.56 195.51
CA VAL QF 113 -108.11 -30.52 194.64
C VAL QF 113 -109.24 -29.82 195.36
N VAL QF 114 -109.18 -28.49 195.39
CA VAL QF 114 -110.20 -27.67 196.11
C VAL QF 114 -110.82 -26.64 195.15
N ALA QF 115 -112.14 -26.64 195.00
CA ALA QF 115 -112.83 -25.62 194.15
C ALA QF 115 -112.30 -25.67 192.71
N ASP QF 116 -112.02 -26.87 192.20
CA ASP QF 116 -111.57 -27.07 190.78
C ASP QF 116 -110.18 -26.47 190.54
N LYS QF 117 -109.40 -26.24 191.60
CA LYS QF 117 -108.02 -25.71 191.44
C LYS QF 117 -107.08 -26.67 192.18
N TYR QF 118 -105.93 -26.99 191.57
CA TYR QF 118 -104.96 -27.90 192.23
C TYR QF 118 -104.55 -27.42 193.62
N GLY QF 119 -104.23 -28.35 194.51
CA GLY QF 119 -103.77 -27.98 195.84
C GLY QF 119 -102.98 -29.11 196.47
N VAL QF 120 -102.51 -28.86 197.68
CA VAL QF 120 -101.72 -29.83 198.41
C VAL QF 120 -101.91 -29.58 199.90
N ARG QF 121 -102.08 -30.65 200.66
CA ARG QF 121 -102.17 -30.60 202.11
C ARG QF 121 -100.82 -30.92 202.75
N ILE QF 122 -100.32 -30.00 203.57
CA ILE QF 122 -99.00 -30.17 204.17
C ILE QF 122 -99.07 -31.27 205.22
N THR QF 123 -98.65 -32.48 204.85
CA THR QF 123 -98.63 -33.59 205.80
C THR QF 123 -97.58 -33.36 206.87
N ASP QF 124 -96.37 -32.99 206.47
CA ASP QF 124 -95.32 -32.76 207.46
C ASP QF 124 -94.24 -31.86 206.86
N ILE QF 125 -93.42 -31.31 207.75
CA ILE QF 125 -92.23 -30.57 207.35
C ILE QF 125 -91.02 -31.43 207.66
N ILE QF 126 -90.19 -31.66 206.66
CA ILE QF 126 -89.04 -32.54 206.82
C ILE QF 126 -87.95 -31.82 207.60
N THR QF 127 -87.50 -32.47 208.68
CA THR QF 127 -86.33 -32.10 209.44
C THR QF 127 -85.08 -32.53 208.70
N PRO QF 128 -83.97 -31.78 208.83
CA PRO QF 128 -82.79 -32.07 207.97
C PRO QF 128 -82.22 -33.46 208.19
N SER QF 129 -82.81 -34.28 209.06
CA SER QF 129 -82.34 -35.65 209.21
C SER QF 129 -82.61 -36.40 207.91
N GLU QF 130 -83.75 -36.10 207.26
CA GLU QF 130 -84.13 -36.85 206.02
C GLU QF 130 -83.35 -36.34 204.80
N ARG QF 131 -82.72 -35.17 204.89
CA ARG QF 131 -82.00 -34.56 203.78
C ARG QF 131 -80.80 -35.42 203.41
N MET QF 132 -80.10 -35.95 204.42
CA MET QF 132 -78.99 -36.89 204.10
C MET QF 132 -79.56 -38.00 203.23
N ARG QF 133 -80.70 -38.58 203.63
CA ARG QF 133 -81.35 -39.69 202.87
C ARG QF 133 -81.91 -39.24 201.50
N ARG QF 134 -82.18 -37.94 201.35
CA ARG QF 134 -82.69 -37.41 200.06
C ARG QF 134 -81.59 -37.56 199.00
N LEU QF 135 -80.36 -37.86 199.43
CA LEU QF 135 -79.23 -38.03 198.49
C LEU QF 135 -78.43 -39.29 198.87
N ALA RF 37 -47.39 -23.58 192.76
CA ALA RF 37 -47.14 -23.28 191.35
C ALA RF 37 -47.15 -24.55 190.51
N VAL RF 38 -47.74 -25.61 191.05
CA VAL RF 38 -47.82 -26.88 190.34
C VAL RF 38 -48.73 -26.79 189.13
N PHE RF 39 -49.90 -26.16 189.28
CA PHE RF 39 -50.83 -26.04 188.17
C PHE RF 39 -50.27 -25.11 187.10
N GLN RF 40 -50.47 -25.47 185.84
CA GLN RF 40 -49.96 -24.69 184.72
C GLN RF 40 -51.08 -23.78 184.25
N GLN RF 41 -50.73 -22.51 184.00
CA GLN RF 41 -51.74 -21.51 183.68
C GLN RF 41 -52.22 -21.59 182.24
N LEU RF 42 -53.47 -22.02 182.06
CA LEU RF 42 -54.09 -22.14 180.75
C LEU RF 42 -54.85 -20.89 180.34
N GLY RF 43 -54.67 -20.48 179.09
CA GLY RF 43 -55.34 -19.30 178.58
C GLY RF 43 -55.36 -19.31 177.07
N GLY RF 44 -56.24 -18.48 176.51
CA GLY RF 44 -56.39 -18.41 175.07
C GLY RF 44 -56.86 -19.69 174.44
N GLY RF 45 -57.81 -20.39 175.10
CA GLY RF 45 -58.30 -21.65 174.59
C GLY RF 45 -59.62 -21.53 173.85
N ASP RF 46 -60.03 -20.29 173.54
CA ASP RF 46 -61.27 -20.04 172.82
C ASP RF 46 -61.02 -20.22 171.32
N VAL RF 47 -60.82 -21.49 170.94
CA VAL RF 47 -60.53 -21.80 169.55
C VAL RF 47 -61.74 -21.55 168.67
N SER RF 48 -62.82 -22.29 168.92
CA SER RF 48 -64.06 -22.16 168.17
C SER RF 48 -65.15 -22.92 168.91
N GLY RF 49 -66.36 -22.84 168.39
CA GLY RF 49 -67.48 -23.57 168.96
C GLY RF 49 -68.47 -24.03 167.90
N ALA RF 50 -68.75 -25.33 167.87
CA ALA RF 50 -69.70 -25.88 166.92
C ALA RF 50 -70.30 -27.14 167.50
N MET RF 51 -71.63 -27.23 167.46
CA MET RF 51 -72.30 -28.44 167.93
C MET RF 51 -71.85 -29.64 167.10
N GLN RF 52 -71.55 -30.73 167.80
CA GLN RF 52 -71.01 -31.90 167.10
C GLN RF 52 -72.18 -32.79 166.74
N ASP RF 53 -72.84 -33.36 167.76
CA ASP RF 53 -73.95 -34.26 167.60
C ASP RF 53 -74.45 -34.60 169.00
N ILE RF 54 -75.66 -35.16 169.09
CA ILE RF 54 -76.28 -35.40 170.39
C ILE RF 54 -76.05 -36.81 170.92
N ASP RF 55 -75.23 -37.60 170.23
CA ASP RF 55 -74.88 -38.94 170.66
C ASP RF 55 -73.54 -39.04 171.38
N LEU RF 56 -72.72 -37.99 171.29
CA LEU RF 56 -71.44 -37.98 172.04
C LEU RF 56 -71.81 -37.94 173.52
N ILE RF 57 -72.88 -37.20 173.85
CA ILE RF 57 -73.32 -36.98 175.25
C ILE RF 57 -74.50 -37.90 175.61
N MET RF 58 -74.88 -38.85 174.76
CA MET RF 58 -76.13 -39.62 175.00
C MET RF 58 -76.38 -40.34 176.33
N ASP RF 59 -75.51 -41.29 176.67
CA ASP RF 59 -75.73 -42.11 177.90
C ASP RF 59 -75.32 -41.28 179.12
N ILE RF 60 -75.85 -40.06 179.22
CA ILE RF 60 -75.57 -39.23 180.42
C ILE RF 60 -76.90 -39.15 181.19
N PRO RF 61 -76.94 -39.46 182.50
CA PRO RF 61 -78.22 -39.50 183.26
C PRO RF 61 -78.84 -38.12 183.29
N VAL RF 62 -80.16 -38.05 183.12
CA VAL RF 62 -80.88 -36.74 183.21
C VAL RF 62 -81.79 -36.83 184.44
N LYS RF 63 -82.08 -35.68 185.05
CA LYS RF 63 -82.95 -35.68 186.23
C LYS RF 63 -84.33 -35.22 185.77
N LEU RF 64 -85.20 -36.17 185.46
CA LEU RF 64 -86.54 -35.84 185.00
C LEU RF 64 -87.48 -35.68 186.20
N THR RF 65 -88.30 -34.64 186.14
CA THR RF 65 -89.22 -34.31 187.22
C THR RF 65 -90.49 -33.71 186.65
N VAL RF 66 -91.63 -34.28 187.04
CA VAL RF 66 -92.93 -33.73 186.67
C VAL RF 66 -93.46 -32.84 187.79
N GLU RF 67 -94.00 -31.69 187.42
CA GLU RF 67 -94.46 -30.71 188.39
C GLU RF 67 -95.98 -30.60 188.48
N LEU RF 68 -96.51 -30.68 189.70
CA LEU RF 68 -97.95 -30.71 189.88
C LEU RF 68 -98.51 -29.32 189.66
N GLY RF 69 -97.89 -28.31 190.29
CA GLY RF 69 -98.40 -26.96 190.16
C GLY RF 69 -97.47 -25.91 190.71
N ARG RF 70 -97.89 -24.66 190.56
CA ARG RF 70 -97.14 -23.51 190.99
C ARG RF 70 -98.09 -22.62 191.78
N THR RF 71 -97.53 -21.66 192.50
CA THR RF 71 -98.26 -20.64 193.20
C THR RF 71 -97.27 -19.62 193.71
N ARG RF 72 -97.52 -18.36 193.40
CA ARG RF 72 -96.71 -17.27 193.96
C ARG RF 72 -97.33 -16.88 195.29
N MET RF 73 -96.52 -16.98 196.35
CA MET RF 73 -97.02 -16.72 197.69
C MET RF 73 -95.87 -16.14 198.51
N THR RF 74 -96.21 -15.22 199.40
CA THR RF 74 -95.21 -14.55 200.22
C THR RF 74 -95.04 -15.28 201.55
N ILE RF 75 -94.05 -14.82 202.31
CA ILE RF 75 -93.78 -15.40 203.63
C ILE RF 75 -94.94 -15.16 204.60
N LYS RF 76 -95.77 -14.16 204.32
CA LYS RF 76 -96.94 -13.86 205.13
C LYS RF 76 -97.75 -15.12 205.42
N GLU RF 77 -98.30 -15.74 204.38
CA GLU RF 77 -99.04 -16.97 204.58
C GLU RF 77 -98.11 -18.14 204.85
N LEU RF 78 -96.86 -18.08 204.38
CA LEU RF 78 -95.94 -19.18 204.62
C LEU RF 78 -95.77 -19.75 206.01
N LEU RF 79 -95.59 -18.89 207.03
CA LEU RF 79 -95.52 -19.42 208.40
C LEU RF 79 -96.94 -19.67 208.98
N ARG RF 80 -97.93 -18.99 208.41
CA ARG RF 80 -99.32 -19.23 208.84
C ARG RF 80 -99.64 -20.71 208.62
N LEU RF 81 -98.95 -21.34 207.66
CA LEU RF 81 -99.15 -22.76 207.38
C LEU RF 81 -98.87 -23.77 208.49
N THR RF 82 -99.88 -24.59 208.80
CA THR RF 82 -99.77 -25.64 209.79
C THR RF 82 -100.02 -26.98 209.13
N GLN RF 83 -99.87 -28.05 209.92
CA GLN RF 83 -100.16 -29.38 209.41
C GLN RF 83 -101.64 -29.53 209.10
N GLY RF 84 -101.94 -30.14 207.96
CA GLY RF 84 -103.31 -30.29 207.53
C GLY RF 84 -103.87 -29.12 206.76
N SER RF 85 -103.13 -28.02 206.64
CA SER RF 85 -103.58 -26.89 205.85
C SER RF 85 -103.52 -27.23 204.36
N VAL RF 86 -104.27 -26.47 203.58
CA VAL RF 86 -104.36 -26.69 202.14
C VAL RF 86 -103.92 -25.42 201.42
N VAL RF 87 -103.00 -25.58 200.47
CA VAL RF 87 -102.47 -24.46 199.70
C VAL RF 87 -102.98 -24.60 198.27
N ALA RF 88 -103.75 -23.62 197.81
CA ALA RF 88 -104.25 -23.64 196.45
C ALA RF 88 -103.11 -23.30 195.48
N LEU RF 89 -103.09 -24.00 194.35
CA LEU RF 89 -102.08 -23.82 193.33
C LEU RF 89 -102.66 -23.03 192.17
N ASP RF 90 -101.81 -22.25 191.51
CA ASP RF 90 -102.27 -21.44 190.38
C ASP RF 90 -102.80 -22.29 189.24
N GLY RF 91 -102.19 -23.46 189.00
CA GLY RF 91 -102.63 -24.34 187.95
C GLY RF 91 -104.03 -24.86 188.15
N LEU RF 92 -104.87 -24.70 187.12
CA LEU RF 92 -106.23 -25.22 187.16
C LEU RF 92 -106.21 -26.75 187.15
N ALA RF 93 -107.15 -27.35 187.86
CA ALA RF 93 -107.20 -28.80 187.95
C ALA RF 93 -107.49 -29.42 186.59
N GLY RF 94 -106.78 -30.49 186.28
CA GLY RF 94 -106.95 -31.17 185.01
C GLY RF 94 -106.12 -30.62 183.87
N GLU RF 95 -105.40 -29.51 184.08
CA GLU RF 95 -104.55 -28.96 183.04
C GLU RF 95 -103.32 -29.84 182.86
N PRO RF 96 -102.69 -29.79 181.68
CA PRO RF 96 -101.46 -30.55 181.48
C PRO RF 96 -100.38 -30.12 182.46
N LEU RF 97 -99.65 -31.09 182.98
CA LEU RF 97 -98.58 -30.85 183.94
C LEU RF 97 -97.28 -30.57 183.20
N ASP RF 98 -96.32 -30.03 183.94
CA ASP RF 98 -95.05 -29.60 183.37
C ASP RF 98 -93.99 -30.66 183.60
N ILE RF 99 -93.13 -30.87 182.61
CA ILE RF 99 -92.05 -31.84 182.68
C ILE RF 99 -90.74 -31.08 182.53
N LEU RF 100 -89.81 -31.31 183.47
CA LEU RF 100 -88.52 -30.65 183.46
C LEU RF 100 -87.42 -31.70 183.47
N ILE RF 101 -86.30 -31.41 182.82
CA ILE RF 101 -85.10 -32.21 182.93
C ILE RF 101 -84.00 -31.33 183.49
N ASN RF 102 -83.46 -31.73 184.65
CA ASN RF 102 -82.49 -30.92 185.39
C ASN RF 102 -83.04 -29.53 185.68
N GLY RF 103 -84.34 -29.46 185.94
CA GLY RF 103 -84.98 -28.21 186.31
C GLY RF 103 -85.30 -27.28 185.16
N TYR RF 104 -85.19 -27.74 183.92
CA TYR RF 104 -85.46 -26.92 182.75
C TYR RF 104 -86.72 -27.46 182.08
N LEU RF 105 -87.71 -26.59 181.89
CA LEU RF 105 -88.98 -27.01 181.31
C LEU RF 105 -88.78 -27.35 179.85
N ILE RF 106 -89.23 -28.53 179.44
CA ILE RF 106 -89.11 -28.98 178.06
C ILE RF 106 -90.46 -29.30 177.45
N ALA RF 107 -91.36 -29.93 178.20
CA ALA RF 107 -92.58 -30.43 177.60
C ALA RF 107 -93.73 -30.35 178.60
N GLN RF 108 -94.94 -30.46 178.07
CA GLN RF 108 -96.17 -30.54 178.85
C GLN RF 108 -96.82 -31.87 178.59
N GLY RF 109 -97.18 -32.57 179.67
CA GLY RF 109 -97.75 -33.89 179.57
C GLY RF 109 -99.04 -33.95 180.36
N GLU RF 110 -99.57 -35.16 180.48
CA GLU RF 110 -100.81 -35.42 181.20
C GLU RF 110 -100.59 -36.61 182.11
N VAL RF 111 -101.11 -36.52 183.33
CA VAL RF 111 -100.88 -37.55 184.34
C VAL RF 111 -101.84 -38.72 184.16
N VAL RF 112 -101.30 -39.94 184.22
CA VAL RF 112 -102.09 -41.15 184.09
C VAL RF 112 -101.64 -42.14 185.16
N VAL RF 113 -102.49 -43.11 185.47
CA VAL RF 113 -102.21 -44.13 186.45
C VAL RF 113 -102.15 -45.47 185.73
N VAL RF 114 -100.98 -46.11 185.81
CA VAL RF 114 -100.79 -47.44 185.15
C VAL RF 114 -100.29 -48.46 186.17
N ALA RF 115 -101.09 -49.51 186.43
CA ALA RF 115 -100.71 -50.56 187.42
C ALA RF 115 -100.43 -49.99 188.80
N ASP RF 116 -101.19 -48.97 189.23
CA ASP RF 116 -101.06 -48.41 190.60
C ASP RF 116 -99.75 -47.60 190.72
N LYS RF 117 -99.15 -47.24 189.58
CA LYS RF 117 -97.91 -46.45 189.59
C LYS RF 117 -98.15 -45.14 188.82
N TYR RF 118 -97.67 -44.01 189.34
CA TYR RF 118 -97.96 -42.74 188.68
C TYR RF 118 -97.13 -42.61 187.41
N GLY RF 119 -97.76 -42.09 186.37
CA GLY RF 119 -97.09 -41.92 185.09
C GLY RF 119 -97.62 -40.71 184.37
N VAL RF 120 -96.71 -39.99 183.71
CA VAL RF 120 -97.07 -38.85 182.87
C VAL RF 120 -97.03 -39.29 181.42
N ARG RF 121 -97.93 -38.73 180.62
CA ARG RF 121 -97.99 -39.00 179.19
C ARG RF 121 -97.61 -37.72 178.46
N ILE RF 122 -96.46 -37.74 177.78
CA ILE RF 122 -95.98 -36.55 177.09
C ILE RF 122 -96.96 -36.18 176.00
N THR RF 123 -97.41 -34.92 175.99
CA THR RF 123 -98.34 -34.42 174.99
C THR RF 123 -97.71 -33.47 174.00
N ASP RF 124 -96.95 -32.47 174.45
CA ASP RF 124 -96.39 -31.54 173.48
C ASP RF 124 -95.19 -30.81 174.08
N ILE RF 125 -94.12 -30.71 173.28
CA ILE RF 125 -92.98 -29.89 173.67
C ILE RF 125 -93.39 -28.43 173.64
N ILE RF 126 -93.09 -27.71 174.72
CA ILE RF 126 -93.51 -26.32 174.83
C ILE RF 126 -92.82 -25.48 173.76
N THR RF 127 -93.44 -24.36 173.43
CA THR RF 127 -93.01 -23.38 172.47
C THR RF 127 -92.30 -22.23 173.16
N PRO RF 128 -91.41 -21.51 172.46
CA PRO RF 128 -90.76 -20.36 173.09
C PRO RF 128 -91.75 -19.31 173.57
N SER RF 129 -92.85 -19.11 172.84
CA SER RF 129 -93.89 -18.20 173.31
C SER RF 129 -94.54 -18.53 174.64
N GLU RF 130 -94.88 -19.81 174.84
CA GLU RF 130 -95.44 -20.23 176.12
C GLU RF 130 -94.37 -20.25 177.24
N ARG RF 131 -93.12 -20.48 176.83
CA ARG RF 131 -92.02 -20.40 177.78
C ARG RF 131 -91.98 -19.01 178.39
N MET RF 132 -91.98 -17.98 177.55
CA MET RF 132 -92.03 -16.61 178.05
C MET RF 132 -93.34 -16.20 178.75
N ARG RF 133 -94.43 -16.83 178.32
CA ARG RF 133 -95.71 -16.62 178.99
C ARG RF 133 -95.52 -17.15 180.40
N ARG RF 134 -94.88 -18.31 180.53
CA ARG RF 134 -94.59 -18.85 181.85
C ARG RF 134 -93.70 -17.90 182.64
N LEU RF 135 -92.71 -17.30 181.98
CA LEU RF 135 -91.77 -16.43 182.69
C LEU RF 135 -92.48 -15.21 183.28
N SER RF 136 -93.39 -14.60 182.53
CA SER RF 136 -94.12 -13.43 183.00
C SER RF 136 -95.27 -13.84 183.90
N LYS SF 514 -125.73 -67.35 84.55
CA LYS SF 514 -124.77 -67.67 85.60
C LYS SF 514 -125.46 -68.34 86.79
N ASP SF 515 -126.71 -67.94 87.04
CA ASP SF 515 -127.45 -68.53 88.15
C ASP SF 515 -127.73 -70.01 87.90
N GLU SF 516 -128.10 -70.36 86.66
CA GLU SF 516 -128.36 -71.76 86.34
C GLU SF 516 -127.11 -72.61 86.47
N GLN SF 517 -125.97 -72.10 86.01
CA GLN SF 517 -124.72 -72.84 86.14
C GLN SF 517 -124.34 -73.02 87.61
N LEU SF 518 -124.53 -71.98 88.43
CA LEU SF 518 -124.26 -72.09 89.85
C LEU SF 518 -125.19 -73.12 90.51
N GLN SF 519 -126.46 -73.13 90.12
CA GLN SF 519 -127.40 -74.11 90.66
C GLN SF 519 -127.01 -75.52 90.27
N GLN SF 520 -126.59 -75.72 89.01
CA GLN SF 520 -126.16 -77.05 88.58
C GLN SF 520 -124.91 -77.50 89.33
N ARG SF 521 -123.95 -76.59 89.52
CA ARG SF 521 -122.75 -76.92 90.29
C ARG SF 521 -123.11 -77.27 91.73
N ARG SF 522 -124.03 -76.52 92.33
CA ARG SF 522 -124.46 -76.82 93.68
C ARG SF 522 -125.14 -78.17 93.77
N ALA SF 523 -125.96 -78.51 92.77
CA ALA SF 523 -126.62 -79.81 92.76
C ALA SF 523 -125.61 -80.95 92.64
N ASN SF 524 -124.62 -80.78 91.75
CA ASN SF 524 -123.57 -81.79 91.63
C ASN SF 524 -122.79 -81.93 92.93
N GLN SF 525 -122.46 -80.81 93.57
CA GLN SF 525 -121.75 -80.84 94.84
C GLN SF 525 -122.58 -81.52 95.92
N ARG SF 526 -123.89 -81.27 95.95
CA ARG SF 526 -124.76 -81.84 96.96
C ARG SF 526 -125.13 -83.29 96.66
N LEU SF 527 -124.89 -83.75 95.42
CA LEU SF 527 -125.18 -85.14 95.02
C LEU SF 527 -123.92 -85.99 95.28
N GLY SF 528 -122.78 -85.53 94.77
CA GLY SF 528 -121.50 -86.25 94.96
C GLY SF 528 -121.05 -86.25 96.41
N ALA SF 529 -121.39 -85.22 97.18
CA ALA SF 529 -121.05 -85.15 98.61
C ALA SF 529 -121.96 -86.14 99.34
N GLU SF 530 -123.24 -86.20 98.93
CA GLU SF 530 -124.21 -87.14 99.55
C GLU SF 530 -123.73 -88.56 99.26
N VAL SF 531 -123.17 -88.75 98.02
CA VAL SF 531 -122.53 -90.04 97.63
C VAL SF 531 -121.22 -90.19 98.43
N MET SF 532 -120.47 -89.09 98.58
CA MET SF 532 -119.19 -89.10 99.33
C MET SF 532 -119.46 -89.46 100.80
N SER SF 533 -120.52 -88.91 101.38
CA SER SF 533 -120.89 -89.19 102.79
C SER SF 533 -121.21 -90.68 102.92
N GLN SF 534 -121.95 -91.24 101.95
CA GLN SF 534 -122.26 -92.70 101.93
C GLN SF 534 -120.95 -93.48 101.78
N ARG SF 535 -120.04 -92.99 100.93
CA ARG SF 535 -118.73 -93.66 100.67
C ARG SF 535 -117.89 -93.69 101.94
N ILE SF 536 -117.89 -92.61 102.72
CA ILE SF 536 -117.02 -92.49 103.94
C ILE SF 536 -117.58 -93.41 105.04
N ARG SF 537 -118.88 -93.73 105.00
CA ARG SF 537 -119.50 -94.60 105.99
C ARG SF 537 -119.14 -96.05 105.74
N GLU SF 538 -119.16 -96.49 104.49
CA GLU SF 538 -118.75 -97.85 104.16
C GLU SF 538 -117.30 -98.09 104.54
N MET SF 539 -116.42 -97.13 104.21
CA MET SF 539 -115.01 -97.28 104.52
C MET SF 539 -114.75 -97.32 106.02
N SER SF 540 -115.43 -96.47 106.79
CA SER SF 540 -115.25 -96.45 108.23
C SER SF 540 -115.81 -97.70 108.89
N ASP SF 541 -116.93 -98.21 108.38
CA ASP SF 541 -117.42 -99.51 108.86
C ASP SF 541 -116.45 -100.63 108.53
N ASN SF 542 -115.77 -100.56 107.39
CA ASN SF 542 -114.74 -101.54 107.07
C ASN SF 542 -113.57 -101.46 108.04
N ASP SF 543 -113.12 -100.23 108.35
CA ASP SF 543 -111.98 -100.01 109.24
C ASP SF 543 -112.22 -98.75 110.06
N PRO SF 544 -112.66 -98.91 111.31
CA PRO SF 544 -112.91 -97.71 112.14
C PRO SF 544 -111.64 -97.11 112.71
N ARG SF 545 -110.65 -97.92 113.09
CA ARG SF 545 -109.43 -97.40 113.69
C ARG SF 545 -108.53 -96.72 112.66
N VAL SF 546 -108.62 -97.13 111.40
CA VAL SF 546 -107.78 -96.53 110.37
C VAL SF 546 -108.13 -95.06 110.18
N VAL SF 547 -109.43 -94.74 110.23
CA VAL SF 547 -109.85 -93.34 110.09
C VAL SF 547 -109.33 -92.50 111.25
N ALA SF 548 -109.41 -93.02 112.48
CA ALA SF 548 -108.90 -92.29 113.62
C ALA SF 548 -107.39 -92.10 113.53
N LEU SF 549 -106.67 -93.13 113.09
CA LEU SF 549 -105.23 -93.02 112.91
C LEU SF 549 -104.88 -91.97 111.86
N VAL SF 550 -105.63 -91.94 110.76
CA VAL SF 550 -105.38 -90.95 109.71
C VAL SF 550 -105.67 -89.55 110.23
N ILE SF 551 -106.73 -89.41 111.02
CA ILE SF 551 -107.05 -88.10 111.60
C ILE SF 551 -105.94 -87.64 112.53
N ARG SF 552 -105.43 -88.55 113.37
CA ARG SF 552 -104.34 -88.21 114.27
C ARG SF 552 -103.08 -87.83 113.50
N GLN SF 553 -102.80 -88.56 112.42
CA GLN SF 553 -101.65 -88.23 111.58
C GLN SF 553 -101.81 -86.86 110.94
N TRP SF 554 -103.03 -86.52 110.52
CA TRP SF 554 -103.28 -85.20 109.95
C TRP SF 554 -103.03 -84.10 110.98
N MET SF 555 -103.46 -84.31 112.22
CA MET SF 555 -103.20 -83.34 113.27
C MET SF 555 -101.71 -83.23 113.57
N SER SF 556 -101.00 -84.36 113.59
CA SER SF 556 -99.56 -84.32 113.84
C SER SF 556 -98.83 -83.57 112.73
N ASN SF 557 -99.23 -83.79 111.47
CA ASN SF 557 -98.62 -83.07 110.36
C ASN SF 557 -99.00 -81.60 110.35
N ASP SF 558 -100.16 -81.27 110.94
CA ASP SF 558 -100.59 -79.87 110.99
C ASP SF 558 -99.65 -79.03 111.85
N HIS SF 559 -98.95 -79.65 112.80
CA HIS SF 559 -98.02 -78.94 113.66
C HIS SF 559 -96.78 -78.49 112.88
N GLY TF 6 -105.85 -79.24 108.94
CA GLY TF 6 -106.39 -80.58 108.75
C GLY TF 6 -107.34 -81.01 109.84
N THR TF 7 -107.10 -80.49 111.06
CA THR TF 7 -107.96 -80.80 112.19
C THR TF 7 -109.38 -80.29 111.97
N ASP TF 8 -109.53 -79.09 111.43
CA ASP TF 8 -110.85 -78.54 111.15
C ASP TF 8 -111.57 -79.39 110.10
N LYS TF 9 -110.83 -79.82 109.07
CA LYS TF 9 -111.43 -80.69 108.06
C LYS TF 9 -111.85 -82.03 108.67
N SER TF 10 -111.02 -82.58 109.56
CA SER TF 10 -111.37 -83.83 110.22
C SER TF 10 -112.61 -83.66 111.08
N VAL TF 11 -112.71 -82.53 111.80
CA VAL TF 11 -113.90 -82.27 112.62
C VAL TF 11 -115.13 -82.14 111.76
N ILE TF 12 -115.02 -81.44 110.62
CA ILE TF 12 -116.15 -81.30 109.72
C ILE TF 12 -116.58 -82.65 109.16
N LEU TF 13 -115.62 -83.49 108.78
CA LEU TF 13 -115.94 -84.82 108.28
C LEU TF 13 -116.61 -85.67 109.34
N LEU TF 14 -116.13 -85.60 110.59
CA LEU TF 14 -116.73 -86.34 111.68
C LEU TF 14 -118.16 -85.88 111.94
N MET TF 15 -118.39 -84.56 111.91
CA MET TF 15 -119.73 -84.03 112.08
C MET TF 15 -120.65 -84.49 110.96
N THR TF 16 -120.17 -84.48 109.72
CA THR TF 16 -120.97 -84.91 108.59
C THR TF 16 -121.16 -86.42 108.51
N ILE TF 17 -120.34 -87.19 109.24
CA ILE TF 17 -120.43 -88.64 109.17
C ILE TF 17 -121.66 -89.13 109.94
N GLY TF 18 -121.78 -88.73 111.21
CA GLY TF 18 -122.89 -89.17 112.03
C GLY TF 18 -122.48 -89.40 113.47
N GLU TF 19 -123.48 -89.51 114.36
CA GLU TF 19 -123.19 -89.64 115.79
C GLU TF 19 -122.51 -90.98 116.09
N ASP TF 20 -123.01 -92.07 115.50
CA ASP TF 20 -122.48 -93.39 115.82
C ASP TF 20 -121.06 -93.56 115.31
N ARG TF 21 -120.81 -93.17 114.06
CA ARG TF 21 -119.47 -93.29 113.49
C ARG TF 21 -118.48 -92.41 114.23
N ALA TF 22 -118.88 -91.18 114.56
CA ALA TF 22 -117.99 -90.30 115.31
C ALA TF 22 -117.71 -90.85 116.70
N ALA TF 23 -118.72 -91.42 117.36
CA ALA TF 23 -118.51 -92.01 118.68
C ALA TF 23 -117.55 -93.19 118.60
N GLU TF 24 -117.70 -94.04 117.58
CA GLU TF 24 -116.78 -95.16 117.41
C GLU TF 24 -115.36 -94.67 117.16
N VAL TF 25 -115.21 -93.64 116.31
CA VAL TF 25 -113.89 -93.09 116.03
C VAL TF 25 -113.26 -92.53 117.29
N PHE TF 26 -114.05 -91.80 118.09
CA PHE TF 26 -113.53 -91.25 119.34
C PHE TF 26 -113.13 -92.36 120.30
N LYS TF 27 -113.93 -93.42 120.38
CA LYS TF 27 -113.54 -94.58 121.18
C LYS TF 27 -112.27 -95.23 120.66
N HIS TF 28 -111.98 -95.11 119.36
CA HIS TF 28 -110.74 -95.58 118.79
C HIS TF 28 -109.72 -94.46 118.64
N LEU TF 29 -109.84 -93.39 119.43
CA LEU TF 29 -108.96 -92.24 119.35
C LEU TF 29 -108.41 -91.92 120.73
N SER TF 30 -107.27 -91.22 120.75
CA SER TF 30 -106.61 -90.83 121.98
C SER TF 30 -107.39 -89.74 122.70
N THR TF 31 -107.06 -89.55 123.98
CA THR TF 31 -107.77 -88.60 124.81
C THR TF 31 -107.62 -87.16 124.31
N ARG TF 32 -106.39 -86.75 124.02
CA ARG TF 32 -106.14 -85.39 123.53
C ARG TF 32 -106.81 -85.18 122.18
N GLU TF 33 -106.69 -86.16 121.28
CA GLU TF 33 -107.31 -86.05 119.97
C GLU TF 33 -108.83 -85.99 120.08
N VAL TF 34 -109.40 -86.83 120.96
CA VAL TF 34 -110.85 -86.85 121.14
C VAL TF 34 -111.33 -85.51 121.67
N GLN TF 35 -110.62 -84.96 122.67
CA GLN TF 35 -110.99 -83.68 123.25
C GLN TF 35 -110.91 -82.57 122.21
N ALA TF 36 -109.82 -82.55 121.41
CA ALA TF 36 -109.67 -81.53 120.39
C ALA TF 36 -110.77 -81.63 119.33
N LEU TF 37 -111.09 -82.85 118.92
CA LEU TF 37 -112.15 -83.04 117.93
C LEU TF 37 -113.51 -82.61 118.46
N SER TF 38 -113.80 -82.95 119.72
CA SER TF 38 -115.08 -82.55 120.32
C SER TF 38 -115.17 -81.04 120.45
N THR TF 39 -114.07 -80.39 120.85
CA THR TF 39 -114.09 -78.94 121.02
C THR TF 39 -114.22 -78.22 119.69
N ALA TF 40 -113.39 -78.59 118.71
CA ALA TF 40 -113.35 -77.86 117.44
C ALA TF 40 -114.65 -77.98 116.65
N MET TF 41 -115.24 -79.18 116.64
CA MET TF 41 -116.45 -79.41 115.85
C MET TF 41 -117.59 -78.52 116.32
N ALA TF 42 -117.83 -78.46 117.63
CA ALA TF 42 -118.91 -77.63 118.15
C ALA TF 42 -118.49 -76.16 118.22
N ASN TF 43 -117.19 -75.91 118.31
CA ASN TF 43 -116.69 -74.51 118.43
C ASN TF 43 -116.87 -73.63 117.18
N VAL TF 44 -116.11 -73.93 116.12
CA VAL TF 44 -116.27 -73.16 114.85
C VAL TF 44 -116.19 -74.28 113.79
N ARG TF 45 -117.20 -74.36 112.92
CA ARG TF 45 -117.18 -75.38 111.84
C ARG TF 45 -117.14 -74.65 110.49
N GLN TF 46 -116.21 -75.04 109.62
CA GLN TF 46 -116.07 -74.37 108.30
C GLN TF 46 -116.34 -75.41 107.20
N ILE TF 47 -117.18 -75.07 106.22
CA ILE TF 47 -117.45 -75.99 105.07
C ILE TF 47 -117.01 -75.28 103.78
N SER TF 48 -116.20 -75.96 102.96
CA SER TF 48 -115.69 -75.34 101.71
C SER TF 48 -116.21 -76.13 100.50
N ASN TF 49 -116.79 -75.43 99.52
CA ASN TF 49 -117.35 -76.11 98.32
C ASN TF 49 -116.22 -76.86 97.59
N LYS TF 50 -115.02 -76.29 97.57
CA LYS TF 50 -113.91 -76.91 96.80
C LYS TF 50 -112.77 -77.34 97.74
N GLN TF 51 -112.30 -76.46 98.63
CA GLN TF 51 -111.14 -76.83 99.42
C GLN TF 51 -111.38 -78.07 100.26
N LEU TF 52 -112.56 -78.19 100.87
CA LEU TF 52 -112.87 -79.37 101.67
C LEU TF 52 -112.90 -80.62 100.80
N THR TF 53 -113.50 -80.53 99.62
CA THR TF 53 -113.53 -81.69 98.72
C THR TF 53 -112.13 -82.08 98.26
N ASP TF 54 -111.29 -81.09 97.93
CA ASP TF 54 -109.92 -81.39 97.51
C ASP TF 54 -109.15 -82.05 98.64
N VAL TF 55 -109.30 -81.55 99.87
CA VAL TF 55 -108.61 -82.13 101.01
C VAL TF 55 -109.09 -83.55 101.26
N LEU TF 56 -110.40 -83.79 101.17
CA LEU TF 56 -110.94 -85.13 101.37
C LEU TF 56 -110.41 -86.09 100.32
N SER TF 57 -110.37 -85.66 99.06
CA SER TF 57 -109.84 -86.51 98.00
C SER TF 57 -108.36 -86.82 98.23
N GLU TF 58 -107.57 -85.81 98.63
CA GLU TF 58 -106.16 -86.04 98.91
C GLU TF 58 -105.97 -87.01 100.07
N PHE TF 59 -106.78 -86.87 101.13
CA PHE TF 59 -106.68 -87.78 102.26
C PHE TF 59 -107.06 -89.21 101.85
N GLU TF 60 -108.11 -89.35 101.05
CA GLU TF 60 -108.55 -90.68 100.64
C GLU TF 60 -107.53 -91.34 99.71
N GLN TF 61 -106.75 -90.52 99.01
CA GLN TF 61 -105.78 -91.10 98.03
C GLN TF 61 -104.35 -91.08 98.61
N GLU TF 62 -104.14 -90.47 99.78
CA GLU TF 62 -102.74 -90.32 100.26
C GLU TF 62 -102.05 -91.68 100.53
N ALA TF 63 -102.72 -92.64 101.17
CA ALA TF 63 -102.10 -93.99 101.32
C ALA TF 63 -103.14 -95.09 101.54
N GLU TF 64 -102.81 -96.34 101.19
CA GLU TF 64 -103.70 -97.48 101.52
C GLU TF 64 -103.18 -98.17 102.79
N GLN TF 65 -102.06 -97.68 103.34
CA GLN TF 65 -101.41 -98.35 104.51
C GLN TF 65 -102.32 -98.34 105.75
N PHE TF 66 -103.04 -97.25 105.99
CA PHE TF 66 -103.85 -97.13 107.24
C PHE TF 66 -104.92 -98.21 107.27
N ALA TF 67 -105.55 -98.52 106.14
CA ALA TF 67 -106.69 -99.45 106.16
C ALA TF 67 -106.30 -100.83 106.68
N ALA TF 68 -105.12 -101.36 106.31
CA ALA TF 68 -104.78 -102.76 106.69
C ALA TF 68 -104.09 -102.85 108.06
N LEU TF 69 -102.90 -102.28 108.21
CA LEU TF 69 -102.13 -102.43 109.44
C LEU TF 69 -102.96 -102.00 110.65
N ASN TF 70 -103.67 -100.88 110.53
CA ASN TF 70 -104.46 -100.39 111.64
C ASN TF 70 -105.72 -101.21 111.87
N ILE TF 71 -106.16 -101.98 110.87
CA ILE TF 71 -107.36 -102.81 111.00
C ILE TF 71 -107.14 -103.86 112.08
N ASN TF 72 -105.99 -104.53 112.04
CA ASN TF 72 -105.64 -105.56 113.01
C ASN TF 72 -104.14 -105.48 113.29
N ALA TF 73 -103.81 -104.81 114.42
CA ALA TF 73 -102.42 -104.70 114.84
C ALA TF 73 -102.19 -105.38 116.19
N ASN TF 74 -102.98 -104.98 117.19
CA ASN TF 74 -102.80 -105.55 118.52
C ASN TF 74 -103.33 -106.97 118.61
N GLU TF 75 -104.47 -107.25 117.96
CA GLU TF 75 -105.04 -108.59 118.00
C GLU TF 75 -104.12 -109.60 117.35
N TYR TF 76 -103.52 -109.23 116.21
CA TYR TF 76 -102.60 -110.13 115.53
C TYR TF 76 -101.36 -110.40 116.39
N LEU TF 77 -100.83 -109.36 117.03
CA LEU TF 77 -99.67 -109.55 117.89
C LEU TF 77 -100.00 -110.44 119.08
N ARG TF 78 -101.17 -110.25 119.68
CA ARG TF 78 -101.59 -111.10 120.79
C ARG TF 78 -101.76 -112.54 120.36
N SER TF 79 -102.37 -112.78 119.20
CA SER TF 79 -102.55 -114.14 118.71
C SER TF 79 -101.20 -114.79 118.41
N VAL TF 80 -100.27 -114.04 117.82
CA VAL TF 80 -98.94 -114.56 117.54
C VAL TF 80 -98.21 -114.91 118.83
N LEU TF 81 -98.31 -114.04 119.85
CA LEU TF 81 -97.67 -114.33 121.13
C LEU TF 81 -98.27 -115.56 121.79
N VAL TF 82 -99.59 -115.72 121.70
CA VAL TF 82 -100.25 -116.88 122.30
C VAL TF 82 -99.81 -118.16 121.60
N LYS TF 83 -99.78 -118.13 120.27
CA LYS TF 83 -99.48 -119.35 119.51
C LYS TF 83 -97.99 -119.66 119.51
N ALA TF 84 -97.16 -118.66 119.78
CA ALA TF 84 -95.71 -118.85 119.64
C ALA TF 84 -95.13 -119.71 120.75
N LEU TF 85 -95.25 -119.26 122.01
CA LEU TF 85 -94.65 -119.95 123.14
C LEU TF 85 -95.71 -120.56 124.04
N GLY TF 86 -96.67 -119.77 124.51
CA GLY TF 86 -97.70 -120.28 125.39
C GLY TF 86 -98.47 -119.14 126.03
N GLU TF 87 -99.52 -119.49 126.76
CA GLU TF 87 -100.34 -118.48 127.42
C GLU TF 87 -99.54 -117.71 128.47
N GLU TF 88 -98.71 -118.42 129.24
CA GLU TF 88 -97.92 -117.76 130.28
C GLU TF 88 -96.90 -116.79 129.68
N ARG TF 89 -96.22 -117.18 128.60
CA ARG TF 89 -95.27 -116.29 127.95
C ARG TF 89 -95.97 -115.18 127.18
N ALA TF 90 -97.15 -115.47 126.63
CA ALA TF 90 -97.91 -114.44 125.92
C ALA TF 90 -98.31 -113.31 126.85
N SER TF 91 -98.71 -113.66 128.09
CA SER TF 91 -99.06 -112.62 129.06
C SER TF 91 -97.87 -111.72 129.36
N SER TF 92 -96.68 -112.31 129.55
CA SER TF 92 -95.49 -111.52 129.81
C SER TF 92 -95.14 -110.63 128.62
N LEU TF 93 -95.24 -111.17 127.41
CA LEU TF 93 -94.94 -110.39 126.21
C LEU TF 93 -95.91 -109.23 126.06
N LEU TF 94 -97.20 -109.48 126.29
CA LEU TF 94 -98.19 -108.41 126.20
C LEU TF 94 -97.97 -107.36 127.28
N GLU TF 95 -97.60 -107.79 128.49
CA GLU TF 95 -97.30 -106.83 129.55
C GLU TF 95 -96.11 -105.97 129.20
N ASP TF 96 -95.06 -106.58 128.62
CA ASP TF 96 -93.90 -105.80 128.20
C ASP TF 96 -94.27 -104.81 127.09
N ILE TF 97 -95.08 -105.25 126.13
CA ILE TF 97 -95.49 -104.37 125.04
C ILE TF 97 -96.29 -103.19 125.58
N LEU TF 98 -97.21 -103.45 126.51
CA LEU TF 98 -97.99 -102.38 127.11
C LEU TF 98 -97.10 -101.43 127.91
N GLU TF 99 -96.14 -101.98 128.66
CA GLU TF 99 -95.25 -101.15 129.46
C GLU TF 99 -94.29 -100.35 128.59
N THR TF 100 -94.10 -100.76 127.33
CA THR TF 100 -93.28 -99.96 126.42
C THR TF 100 -93.85 -98.56 126.25
N ARG TF 101 -95.17 -98.41 126.31
CA ARG TF 101 -95.81 -97.09 126.28
C ARG TF 101 -96.11 -96.68 127.71
N ASP TF 102 -95.31 -95.74 128.22
CA ASP TF 102 -95.41 -95.28 129.60
C ASP TF 102 -96.34 -94.08 129.68
N THR TF 103 -96.47 -93.52 130.88
CA THR TF 103 -97.33 -92.37 131.13
C THR TF 103 -96.50 -91.22 131.67
N THR TF 104 -96.84 -90.00 131.25
CA THR TF 104 -96.06 -88.84 131.65
C THR TF 104 -96.35 -88.44 133.10
N SER TF 105 -97.59 -88.11 133.40
CA SER TF 105 -97.97 -87.70 134.74
C SER TF 105 -97.81 -88.87 135.71
N GLY TF 106 -97.19 -88.58 136.87
CA GLY TF 106 -96.88 -89.63 137.82
C GLY TF 106 -98.08 -90.33 138.41
N ILE TF 107 -99.25 -89.68 138.40
CA ILE TF 107 -100.44 -90.30 138.98
C ILE TF 107 -100.78 -91.58 138.22
N GLU TF 108 -100.75 -91.52 136.88
CA GLU TF 108 -100.98 -92.73 136.09
C GLU TF 108 -99.83 -93.71 136.24
N THR TF 109 -98.60 -93.23 136.43
CA THR TF 109 -97.48 -94.14 136.64
C THR TF 109 -97.65 -94.91 137.95
N LEU TF 110 -98.40 -94.36 138.90
CA LEU TF 110 -98.69 -95.10 140.13
C LEU TF 110 -99.43 -96.42 140.01
N ASN TF 111 -100.27 -96.59 138.96
CA ASN TF 111 -100.96 -97.88 138.72
C ASN TF 111 -100.12 -98.96 138.04
N PHE TF 112 -98.86 -98.65 137.69
CA PHE TF 112 -97.94 -99.68 137.11
C PHE TF 112 -97.05 -100.20 138.23
N MET TF 113 -97.17 -99.62 139.42
CA MET TF 113 -96.38 -100.01 140.58
C MET TF 113 -97.15 -101.16 141.21
N GLU TF 114 -96.44 -101.92 142.03
CA GLU TF 114 -97.06 -103.00 142.78
C GLU TF 114 -98.04 -102.42 143.79
N PRO TF 115 -99.16 -103.11 144.05
CA PRO TF 115 -100.13 -102.58 145.02
C PRO TF 115 -99.59 -102.24 146.40
N GLN TF 116 -98.69 -103.07 146.95
CA GLN TF 116 -98.16 -102.78 148.28
C GLN TF 116 -97.21 -101.58 148.29
N SER TF 117 -96.45 -101.42 147.20
CA SER TF 117 -95.54 -100.27 147.13
C SER TF 117 -96.37 -99.00 147.11
N ALA TF 118 -97.44 -98.98 146.29
CA ALA TF 118 -98.30 -97.81 146.26
C ALA TF 118 -99.02 -97.61 147.59
N ALA TF 119 -99.48 -98.70 148.21
CA ALA TF 119 -100.16 -98.58 149.50
C ALA TF 119 -99.23 -98.01 150.56
N ASP TF 120 -97.98 -98.46 150.57
CA ASP TF 120 -97.01 -97.88 151.50
C ASP TF 120 -96.70 -96.43 151.16
N LEU TF 121 -96.65 -96.09 149.88
CA LEU TF 121 -96.30 -94.74 149.48
C LEU TF 121 -97.38 -93.74 149.88
N ILE TF 122 -98.65 -94.09 149.70
CA ILE TF 122 -99.73 -93.13 149.91
C ILE TF 122 -100.50 -93.37 151.20
N ARG TF 123 -100.04 -94.26 152.07
CA ARG TF 123 -100.75 -94.50 153.33
C ARG TF 123 -100.71 -93.26 154.21
N ASP TF 124 -99.57 -92.57 154.27
CA ASP TF 124 -99.42 -91.46 155.19
C ASP TF 124 -100.06 -90.18 154.67
N GLU TF 125 -100.46 -90.15 153.41
CA GLU TF 125 -101.03 -88.93 152.84
C GLU TF 125 -102.40 -88.62 153.45
N HIS TF 126 -102.83 -87.39 153.24
CA HIS TF 126 -104.13 -86.96 153.71
C HIS TF 126 -105.23 -87.79 153.02
N PRO TF 127 -106.29 -88.15 153.74
CA PRO TF 127 -107.31 -89.02 153.13
C PRO TF 127 -107.90 -88.47 151.85
N GLN TF 128 -108.11 -87.16 151.77
CA GLN TF 128 -108.63 -86.59 150.53
C GLN TF 128 -107.64 -86.73 149.38
N ILE TF 129 -106.35 -86.59 149.65
CA ILE TF 129 -105.35 -86.78 148.60
C ILE TF 129 -105.32 -88.24 148.15
N ILE TF 130 -105.47 -89.17 149.09
CA ILE TF 130 -105.57 -90.58 148.74
C ILE TF 130 -106.77 -90.77 147.82
N ALA TF 131 -107.91 -90.19 148.19
CA ALA TF 131 -109.11 -90.34 147.39
C ALA TF 131 -108.91 -89.78 145.99
N THR TF 132 -108.27 -88.61 145.89
CA THR TF 132 -108.01 -88.00 144.58
C THR TF 132 -107.12 -88.91 143.74
N ILE TF 133 -106.09 -89.48 144.36
CA ILE TF 133 -105.21 -90.42 143.63
C ILE TF 133 -106.05 -91.61 143.12
N LEU TF 134 -106.96 -92.13 143.95
CA LEU TF 134 -107.72 -93.35 143.58
C LEU TF 134 -108.60 -93.16 142.34
N VAL TF 135 -109.29 -92.03 142.21
CA VAL TF 135 -110.25 -91.86 141.07
C VAL TF 135 -109.38 -91.63 139.82
N HIS TF 136 -108.18 -91.10 139.99
CA HIS TF 136 -107.26 -90.94 138.82
C HIS TF 136 -106.56 -92.28 138.55
N LEU TF 137 -106.42 -93.12 139.57
CA LEU TF 137 -105.75 -94.43 139.40
C LEU TF 137 -106.74 -95.42 138.75
N LYS TF 138 -106.20 -96.49 138.14
CA LYS TF 138 -107.06 -97.54 137.53
C LYS TF 138 -107.90 -98.17 138.65
N ARG TF 139 -109.16 -98.50 138.35
CA ARG TF 139 -110.07 -99.03 139.39
C ARG TF 139 -109.50 -100.32 140.02
N SER TF 140 -109.03 -101.26 139.19
CA SER TF 140 -108.54 -102.55 139.72
C SER TF 140 -107.44 -102.28 140.76
N GLN TF 141 -106.49 -101.42 140.43
CA GLN TF 141 -105.35 -101.13 141.34
C GLN TF 141 -105.90 -100.52 142.63
N ALA TF 142 -106.77 -99.52 142.50
CA ALA TF 142 -107.31 -98.83 143.66
C ALA TF 142 -107.98 -99.82 144.61
N ALA TF 143 -108.70 -100.81 144.06
CA ALA TF 143 -109.35 -101.81 144.91
C ALA TF 143 -108.31 -102.60 145.69
N ASP TF 144 -107.22 -103.01 145.03
CA ASP TF 144 -106.16 -103.72 145.73
C ASP TF 144 -105.53 -102.86 146.81
N ILE TF 145 -105.28 -101.59 146.51
CA ILE TF 145 -104.70 -100.67 147.49
C ILE TF 145 -105.56 -100.54 148.74
N LEU TF 146 -106.87 -100.36 148.55
CA LEU TF 146 -107.77 -100.26 149.70
C LEU TF 146 -107.85 -101.58 150.47
N ALA TF 147 -107.71 -102.69 149.77
CA ALA TF 147 -107.67 -103.99 150.44
C ALA TF 147 -106.48 -104.05 151.39
N LEU TF 148 -105.34 -103.50 150.95
CA LEU TF 148 -104.12 -103.51 151.80
C LEU TF 148 -104.24 -102.42 152.88
N PHE TF 149 -105.18 -101.49 152.74
CA PHE TF 149 -105.28 -100.37 153.71
C PHE TF 149 -106.00 -100.80 154.98
N ASP TF 150 -105.64 -100.21 156.12
CA ASP TF 150 -106.33 -100.50 157.36
C ASP TF 150 -107.83 -100.22 157.18
N GLU TF 151 -108.64 -100.93 157.98
CA GLU TF 151 -110.09 -100.84 157.81
C GLU TF 151 -110.61 -99.44 158.09
N ARG TF 152 -110.05 -98.75 159.08
CA ARG TF 152 -110.47 -97.38 159.34
C ARG TF 152 -110.16 -96.47 158.17
N LEU TF 153 -108.91 -96.51 157.69
CA LEU TF 153 -108.54 -95.72 156.53
C LEU TF 153 -109.31 -96.16 155.30
N ARG TF 154 -109.57 -97.46 155.17
CA ARG TF 154 -110.35 -97.95 154.03
C ARG TF 154 -111.74 -97.34 154.02
N HIS TF 155 -112.44 -97.39 155.16
CA HIS TF 155 -113.78 -96.81 155.23
C HIS TF 155 -113.76 -95.31 154.99
N ASP TF 156 -112.78 -94.61 155.59
CA ASP TF 156 -112.71 -93.16 155.43
C ASP TF 156 -112.50 -92.80 153.97
N VAL TF 157 -111.56 -93.47 153.31
CA VAL TF 157 -111.26 -93.15 151.92
C VAL TF 157 -112.43 -93.52 151.02
N MET TF 158 -113.11 -94.63 151.30
CA MET TF 158 -114.28 -94.98 150.50
C MET TF 158 -115.38 -93.93 150.65
N LEU TF 159 -115.59 -93.45 151.88
CA LEU TF 159 -116.58 -92.39 152.09
C LEU TF 159 -116.20 -91.13 151.31
N ARG TF 160 -114.92 -90.76 151.34
CA ARG TF 160 -114.47 -89.60 150.57
C ARG TF 160 -114.69 -89.83 149.08
N ILE TF 161 -114.48 -91.06 148.60
CA ILE TF 161 -114.71 -91.38 147.20
C ILE TF 161 -116.17 -91.17 146.85
N ALA TF 162 -117.07 -91.61 147.74
CA ALA TF 162 -118.50 -91.51 147.46
C ALA TF 162 -118.93 -90.06 147.28
N THR TF 163 -118.44 -89.16 148.12
CA THR TF 163 -118.87 -87.76 148.12
C THR TF 163 -117.80 -86.81 147.59
N PHE TF 164 -117.05 -87.23 146.58
CA PHE TF 164 -116.01 -86.38 146.02
C PHE TF 164 -116.63 -85.13 145.39
N GLY TF 165 -115.90 -84.02 145.47
CA GLY TF 165 -116.43 -82.75 145.02
C GLY TF 165 -115.54 -81.97 144.08
N GLY TF 166 -114.54 -82.62 143.50
CA GLY TF 166 -113.69 -81.96 142.53
C GLY TF 166 -112.52 -81.15 143.07
N VAL TF 167 -111.36 -81.31 142.44
CA VAL TF 167 -110.16 -80.61 142.87
C VAL TF 167 -109.85 -79.29 142.19
N GLN TF 168 -109.15 -78.41 142.89
CA GLN TF 168 -108.74 -77.14 142.28
C GLN TF 168 -107.64 -77.55 141.31
N PRO TF 169 -107.56 -76.90 140.14
CA PRO TF 169 -106.50 -77.25 139.19
C PRO TF 169 -105.10 -77.04 139.76
N ALA TF 170 -104.91 -76.01 140.58
CA ALA TF 170 -103.59 -75.77 141.15
C ALA TF 170 -103.19 -76.90 142.08
N ALA TF 171 -104.11 -77.37 142.93
CA ALA TF 171 -103.80 -78.47 143.83
C ALA TF 171 -103.51 -79.76 143.06
N LEU TF 172 -104.30 -80.02 142.01
CA LEU TF 172 -104.05 -81.20 141.19
C LEU TF 172 -102.69 -81.14 140.52
N ALA TF 173 -102.33 -79.97 139.98
CA ALA TF 173 -101.01 -79.82 139.37
C ALA TF 173 -99.91 -80.00 140.41
N GLU TF 174 -100.12 -79.50 141.62
CA GLU TF 174 -99.12 -79.65 142.67
C GLU TF 174 -98.93 -81.12 143.04
N LEU TF 175 -100.01 -81.86 143.19
CA LEU TF 175 -99.91 -83.29 143.45
C LEU TF 175 -99.22 -84.01 142.29
N THR TF 176 -99.58 -83.62 141.07
CA THR TF 176 -98.99 -84.26 139.88
C THR TF 176 -97.48 -84.07 139.93
N GLU TF 177 -97.02 -82.83 140.07
CA GLU TF 177 -95.56 -82.56 140.04
C GLU TF 177 -94.88 -83.27 141.23
N VAL TF 178 -95.51 -83.25 142.40
CA VAL TF 178 -94.94 -83.95 143.59
C VAL TF 178 -94.81 -85.43 143.25
N LEU TF 179 -95.91 -86.05 142.82
CA LEU TF 179 -95.88 -87.49 142.55
C LEU TF 179 -94.89 -87.83 141.44
N ASN TF 180 -94.73 -86.94 140.47
CA ASN TF 180 -93.75 -87.15 139.41
C ASN TF 180 -92.34 -87.20 139.97
N GLY TF 181 -91.99 -86.24 140.84
CA GLY TF 181 -90.67 -86.22 141.42
C GLY TF 181 -90.33 -87.44 142.24
N LEU TF 182 -91.34 -88.21 142.65
CA LEU TF 182 -91.10 -89.40 143.46
C LEU TF 182 -90.97 -90.64 142.59
N LEU TF 183 -91.83 -90.74 141.57
CA LEU TF 183 -91.84 -92.00 140.77
C LEU TF 183 -90.93 -91.91 139.55
N ASP TF 184 -90.76 -90.74 138.95
CA ASP TF 184 -89.95 -90.70 137.69
C ASP TF 184 -88.52 -91.15 138.02
N GLY TF 185 -87.96 -90.69 139.14
CA GLY TF 185 -86.63 -91.16 139.56
C GLY TF 185 -86.61 -92.65 139.86
N GLN TF 186 -87.65 -93.14 140.54
CA GLN TF 186 -87.69 -94.56 140.97
C GLN TF 186 -87.82 -95.51 139.75
N ASN TF 187 -87.15 -96.65 139.80
CA ASN TF 187 -87.35 -97.66 138.71
C ASN TF 187 -88.80 -98.13 138.82
N LEU TF 188 -89.48 -98.35 137.69
CA LEU TF 188 -90.91 -98.70 137.77
C LEU TF 188 -91.21 -99.98 136.96
N LYS TF 189 -90.26 -100.93 136.87
CA LYS TF 189 -90.61 -102.17 136.18
C LYS TF 189 -89.92 -103.35 136.85
N ARG TF 190 -90.48 -103.73 138.00
CA ARG TF 190 -90.02 -104.92 138.71
C ARG TF 190 -90.28 -106.17 137.87
N SER TF 191 -89.21 -106.78 137.36
CA SER TF 191 -89.36 -107.97 136.52
C SER TF 191 -89.62 -109.18 137.40
N LYS TF 192 -90.74 -109.87 137.14
CA LYS TF 192 -91.12 -111.05 137.91
C LYS TF 192 -90.85 -112.27 137.05
N MET TF 193 -89.81 -113.02 137.41
CA MET TF 193 -89.42 -114.24 136.71
C MET TF 193 -89.46 -115.40 137.70
N GLY TF 194 -90.36 -116.36 137.45
CA GLY TF 194 -90.43 -117.55 138.32
C GLY TF 194 -91.53 -117.42 139.36
N GLY TF 195 -92.69 -118.05 139.12
CA GLY TF 195 -93.77 -118.03 140.07
C GLY TF 195 -94.00 -119.43 140.64
N VAL TF 196 -95.12 -120.03 140.25
CA VAL TF 196 -95.44 -121.40 140.63
C VAL TF 196 -95.32 -122.41 139.48
N ARG TF 197 -95.50 -121.91 138.25
CA ARG TF 197 -95.31 -122.75 137.07
C ARG TF 197 -93.84 -123.15 137.09
N THR TF 198 -92.95 -122.18 137.31
CA THR TF 198 -91.53 -122.49 137.35
C THR TF 198 -91.19 -123.40 138.51
N ALA TF 199 -91.81 -123.17 139.67
CA ALA TF 199 -91.57 -124.04 140.82
C ALA TF 199 -92.03 -125.46 140.53
N ALA TF 200 -93.20 -125.62 139.90
CA ALA TF 200 -93.68 -126.95 139.56
C ALA TF 200 -92.76 -127.63 138.56
N GLU TF 201 -92.28 -126.88 137.56
CA GLU TF 201 -91.36 -127.46 136.59
C GLU TF 201 -90.07 -127.88 137.25
N ILE TF 202 -89.55 -127.08 138.18
CA ILE TF 202 -88.34 -127.45 138.92
C ILE TF 202 -88.57 -128.71 139.72
N ILE TF 203 -89.72 -128.79 140.41
CA ILE TF 203 -90.01 -129.94 141.26
C ILE TF 203 -90.12 -131.20 140.42
N ASN TF 204 -90.78 -131.11 139.25
CA ASN TF 204 -91.06 -132.29 138.45
C ASN TF 204 -89.80 -133.00 137.95
N LEU TF 205 -88.65 -132.34 137.96
CA LEU TF 205 -87.43 -132.92 137.40
C LEU TF 205 -86.45 -133.45 138.43
N MET TF 206 -86.81 -133.50 139.72
CA MET TF 206 -85.92 -133.99 140.74
C MET TF 206 -86.41 -135.34 141.27
N LYS TF 207 -85.66 -135.88 142.22
CA LYS TF 207 -85.96 -137.20 142.76
C LYS TF 207 -87.29 -137.24 143.50
N THR TF 208 -87.90 -138.43 143.52
CA THR TF 208 -89.22 -138.57 144.13
C THR TF 208 -89.21 -138.27 145.62
N GLN TF 209 -88.17 -138.72 146.32
CA GLN TF 209 -88.09 -138.46 147.76
C GLN TF 209 -87.99 -136.96 148.03
N GLN TF 210 -87.12 -136.27 147.30
CA GLN TF 210 -87.04 -134.82 147.45
C GLN TF 210 -88.34 -134.15 147.00
N GLU TF 211 -89.01 -134.72 145.99
CA GLU TF 211 -90.29 -134.16 145.55
C GLU TF 211 -91.31 -134.20 146.68
N GLU TF 212 -91.48 -135.36 147.31
CA GLU TF 212 -92.44 -135.45 148.39
C GLU TF 212 -92.03 -134.60 149.59
N ALA TF 213 -90.72 -134.53 149.89
CA ALA TF 213 -90.27 -133.69 150.98
C ALA TF 213 -90.62 -132.22 150.73
N VAL TF 214 -90.35 -131.72 149.52
CA VAL TF 214 -90.62 -130.31 149.27
C VAL TF 214 -92.13 -130.04 149.23
N ILE TF 215 -92.93 -130.95 148.68
CA ILE TF 215 -94.36 -130.66 148.60
C ILE TF 215 -94.98 -130.70 149.99
N THR TF 216 -94.52 -131.62 150.85
CA THR TF 216 -95.05 -131.63 152.21
C THR TF 216 -94.57 -130.43 153.00
N ALA TF 217 -93.35 -129.95 152.74
CA ALA TF 217 -92.89 -128.73 153.39
C ALA TF 217 -93.75 -127.54 152.98
N VAL TF 218 -94.06 -127.44 151.68
CA VAL TF 218 -94.91 -126.34 151.20
C VAL TF 218 -96.29 -126.45 151.82
N ARG TF 219 -96.84 -127.67 151.88
CA ARG TF 219 -98.15 -127.88 152.48
C ARG TF 219 -98.16 -127.47 153.95
N GLU TF 220 -97.07 -127.77 154.67
CA GLU TF 220 -96.94 -127.29 156.04
C GLU TF 220 -96.94 -125.78 156.10
N PHE TF 221 -96.21 -125.14 155.17
CA PHE TF 221 -96.22 -123.68 155.12
C PHE TF 221 -97.59 -123.10 154.75
N ASP TF 222 -98.23 -123.66 153.73
CA ASP TF 222 -99.52 -123.20 153.25
C ASP TF 222 -100.08 -124.29 152.35
N GLY TF 223 -101.27 -124.81 152.70
CA GLY TF 223 -101.86 -125.86 151.90
C GLY TF 223 -102.32 -125.44 150.52
N GLU TF 224 -102.82 -124.20 150.41
CA GLU TF 224 -103.29 -123.72 149.12
C GLU TF 224 -102.17 -123.64 148.10
N LEU TF 225 -101.00 -123.15 148.53
CA LEU TF 225 -99.86 -123.10 147.63
C LEU TF 225 -99.43 -124.50 147.18
N ALA TF 226 -99.45 -125.46 148.11
CA ALA TF 226 -99.11 -126.83 147.75
C ALA TF 226 -100.07 -127.42 146.73
N GLN TF 227 -101.37 -127.18 146.92
CA GLN TF 227 -102.35 -127.69 145.96
C GLN TF 227 -102.20 -127.02 144.61
N LYS TF 228 -101.91 -125.72 144.58
CA LYS TF 228 -101.72 -125.03 143.31
C LYS TF 228 -100.47 -125.58 142.62
N ILE TF 229 -99.42 -125.86 143.39
CA ILE TF 229 -98.21 -126.45 142.82
C ILE TF 229 -98.51 -127.82 142.25
N ILE TF 230 -99.29 -128.62 142.97
CA ILE TF 230 -99.65 -129.95 142.49
C ILE TF 230 -100.48 -129.90 141.21
N ASP TF 231 -101.39 -128.94 141.12
CA ASP TF 231 -102.22 -128.82 139.92
C ASP TF 231 -101.37 -128.36 138.74
N GLU TF 232 -100.44 -127.44 138.98
CA GLU TF 232 -99.57 -126.97 137.90
C GLU TF 232 -98.59 -128.08 137.59
N MET TF 233 -98.39 -129.02 138.52
CA MET TF 233 -97.43 -130.11 138.27
C MET TF 233 -97.84 -130.95 137.06
N PHE TF 234 -99.10 -131.36 137.00
CA PHE TF 234 -99.62 -132.16 135.90
C PHE TF 234 -100.83 -131.46 135.30
N LEU TF 235 -100.63 -130.79 134.17
CA LEU TF 235 -101.71 -130.10 133.48
C LEU TF 235 -102.54 -131.09 132.67
N PHE TF 236 -103.66 -130.60 132.14
CA PHE TF 236 -104.53 -131.43 131.33
C PHE TF 236 -104.02 -131.50 129.89
N GLU TF 237 -102.74 -131.80 129.73
CA GLU TF 237 -102.14 -132.01 128.41
C GLU TF 237 -101.20 -133.20 128.35
N ASN TF 238 -100.77 -133.75 129.48
CA ASN TF 238 -99.89 -134.91 129.50
C ASN TF 238 -100.65 -136.22 129.56
N LEU TF 239 -101.99 -136.17 129.54
CA LEU TF 239 -102.77 -137.40 129.57
C LEU TF 239 -102.52 -138.28 128.36
N VAL TF 240 -102.03 -137.70 127.25
CA VAL TF 240 -101.66 -138.50 126.10
C VAL TF 240 -100.49 -139.43 126.40
N ASP TF 241 -99.66 -139.07 127.37
CA ASP TF 241 -98.51 -139.89 127.75
C ASP TF 241 -98.85 -140.94 128.80
N VAL TF 242 -100.09 -140.99 129.25
CA VAL TF 242 -100.50 -141.98 130.23
C VAL TF 242 -100.65 -143.34 129.56
N ASP TF 243 -100.33 -144.41 130.29
CA ASP TF 243 -100.43 -145.74 129.74
C ASP TF 243 -101.87 -146.14 129.52
N ASP TF 244 -102.08 -147.07 128.57
CA ASP TF 244 -103.43 -147.55 128.28
C ASP TF 244 -104.03 -148.26 129.48
N ARG TF 245 -103.24 -149.05 130.19
CA ARG TF 245 -103.74 -149.73 131.38
C ARG TF 245 -104.16 -148.73 132.45
N SER TF 246 -103.36 -147.67 132.65
CA SER TF 246 -103.72 -146.64 133.61
C SER TF 246 -105.00 -145.93 133.20
N ILE TF 247 -105.16 -145.67 131.90
CA ILE TF 247 -106.39 -145.04 131.43
C ILE TF 247 -107.60 -145.94 131.67
N GLN TF 248 -107.46 -147.23 131.40
CA GLN TF 248 -108.57 -148.16 131.64
C GLN TF 248 -108.90 -148.24 133.12
N ARG TF 249 -107.88 -148.26 133.98
CA ARG TF 249 -108.12 -148.31 135.42
C ARG TF 249 -108.82 -147.04 135.90
N LEU TF 250 -108.41 -145.89 135.39
CA LEU TF 250 -109.03 -144.63 135.80
C LEU TF 250 -110.44 -144.47 135.23
N LEU TF 251 -110.73 -145.14 134.11
CA LEU TF 251 -112.06 -145.04 133.53
C LEU TF 251 -113.13 -145.60 134.45
N GLN TF 252 -112.76 -146.54 135.33
CA GLN TF 252 -113.72 -147.12 136.25
C GLN TF 252 -114.22 -146.14 137.31
N GLU TF 253 -113.51 -145.04 137.53
CA GLU TF 253 -113.90 -144.05 138.53
C GLU TF 253 -114.26 -142.70 137.93
N VAL TF 254 -114.36 -142.59 136.61
CA VAL TF 254 -114.67 -141.33 135.93
C VAL TF 254 -116.11 -141.37 135.49
N ASP TF 255 -116.88 -140.35 135.88
CA ASP TF 255 -118.27 -140.24 135.44
C ASP TF 255 -118.33 -139.97 133.95
N SER TF 256 -119.31 -140.59 133.29
CA SER TF 256 -119.43 -140.43 131.84
C SER TF 256 -119.73 -138.98 131.46
N GLU TF 257 -120.64 -138.34 132.19
CA GLU TF 257 -120.97 -136.95 131.89
C GLU TF 257 -119.78 -136.02 132.13
N SER TF 258 -119.09 -136.19 133.26
CA SER TF 258 -117.93 -135.36 133.55
C SER TF 258 -116.81 -135.61 132.55
N LEU TF 259 -116.58 -136.86 132.18
CA LEU TF 259 -115.55 -137.18 131.19
C LEU TF 259 -115.88 -136.56 129.84
N LEU TF 260 -117.15 -136.64 129.43
CA LEU TF 260 -117.56 -136.05 128.16
C LEU TF 260 -117.41 -134.54 128.19
N ILE TF 261 -117.78 -133.90 129.31
CA ILE TF 261 -117.64 -132.46 129.42
C ILE TF 261 -116.17 -132.06 129.35
N ALA TF 262 -115.30 -132.81 130.02
CA ALA TF 262 -113.87 -132.50 129.98
C ALA TF 262 -113.29 -132.71 128.58
N LEU TF 263 -113.70 -133.77 127.89
CA LEU TF 263 -113.16 -134.10 126.58
C LEU TF 263 -113.84 -133.34 125.44
N LYS TF 264 -114.88 -132.54 125.74
CA LYS TF 264 -115.53 -131.75 124.70
C LYS TF 264 -114.55 -130.76 124.09
N GLY TF 265 -113.76 -130.09 124.90
CA GLY TF 265 -112.75 -129.16 124.44
C GLY TF 265 -111.35 -129.73 124.36
N ALA TF 266 -111.17 -131.02 124.59
CA ALA TF 266 -109.85 -131.63 124.56
C ALA TF 266 -109.40 -131.84 123.12
N GLU TF 267 -108.11 -132.15 122.95
CA GLU TF 267 -107.57 -132.41 121.63
C GLU TF 267 -108.13 -133.72 121.07
N PRO TF 268 -108.31 -133.81 119.76
CA PRO TF 268 -108.84 -135.04 119.16
C PRO TF 268 -107.94 -136.22 119.46
N PRO TF 269 -106.62 -136.03 119.47
CA PRO TF 269 -105.73 -137.13 119.85
C PRO TF 269 -105.97 -137.64 121.25
N LEU TF 270 -106.22 -136.74 122.20
CA LEU TF 270 -106.50 -137.17 123.56
C LEU TF 270 -107.81 -137.96 123.65
N ARG TF 271 -108.83 -137.52 122.92
CA ARG TF 271 -110.10 -138.24 122.90
C ARG TF 271 -109.92 -139.62 122.28
N GLU TF 272 -109.15 -139.71 121.20
CA GLU TF 272 -108.90 -141.00 120.56
C GLU TF 272 -108.13 -141.93 121.49
N LYS TF 273 -107.13 -141.40 122.19
CA LYS TF 273 -106.36 -142.22 123.11
C LYS TF 273 -107.23 -142.70 124.28
N PHE TF 274 -108.09 -141.83 124.79
CA PHE TF 274 -108.96 -142.17 125.92
C PHE TF 274 -110.14 -143.03 125.52
N LEU TF 275 -110.45 -143.12 124.22
CA LEU TF 275 -111.55 -143.94 123.74
C LEU TF 275 -111.15 -145.37 123.42
N ARG TF 276 -109.87 -145.70 123.55
CA ARG TF 276 -109.37 -147.04 123.29
C ARG TF 276 -109.35 -147.92 124.53
N ASN TF 277 -109.75 -147.41 125.68
CA ASN TF 277 -109.76 -148.16 126.92
C ASN TF 277 -111.12 -148.74 127.27
N MET TF 278 -112.21 -148.19 126.73
CA MET TF 278 -113.54 -148.67 127.02
C MET TF 278 -114.00 -149.62 125.90
N SER TF 279 -115.25 -150.07 125.99
CA SER TF 279 -115.80 -150.97 124.98
C SER TF 279 -116.11 -150.20 123.70
N GLN TF 280 -116.31 -150.95 122.62
CA GLN TF 280 -116.66 -150.33 121.34
C GLN TF 280 -117.99 -149.62 121.42
N ARG TF 281 -118.98 -150.24 122.06
CA ARG TF 281 -120.27 -149.59 122.25
C ARG TF 281 -120.13 -148.35 123.13
N ALA TF 282 -119.33 -148.44 124.19
CA ALA TF 282 -119.10 -147.28 125.05
C ALA TF 282 -118.39 -146.16 124.29
N ALA TF 283 -117.40 -146.52 123.46
CA ALA TF 283 -116.72 -145.51 122.65
C ALA TF 283 -117.67 -144.84 121.67
N ASP TF 284 -118.52 -145.63 121.02
CA ASP TF 284 -119.50 -145.06 120.09
C ASP TF 284 -120.47 -144.15 120.81
N ILE TF 285 -120.93 -144.55 122.00
CA ILE TF 285 -121.84 -143.71 122.78
C ILE TF 285 -121.17 -142.42 123.18
N LEU TF 286 -119.90 -142.48 123.62
CA LEU TF 286 -119.18 -141.26 123.99
C LEU TF 286 -119.00 -140.35 122.78
N ARG TF 287 -118.67 -140.92 121.62
CA ARG TF 287 -118.52 -140.11 120.41
C ARG TF 287 -119.84 -139.44 120.02
N ASP TF 288 -120.94 -140.19 120.10
CA ASP TF 288 -122.24 -139.62 119.79
C ASP TF 288 -122.61 -138.51 120.76
N ASP TF 289 -122.34 -138.71 122.05
CA ASP TF 289 -122.63 -137.68 123.05
C ASP TF 289 -121.79 -136.43 122.80
N LEU TF 290 -120.51 -136.61 122.47
CA LEU TF 290 -119.65 -135.46 122.19
C LEU TF 290 -120.12 -134.71 120.95
N ALA TF 291 -120.53 -135.45 119.90
CA ALA TF 291 -121.04 -134.79 118.70
C ALA TF 291 -122.33 -134.04 118.99
N ASN TF 292 -123.22 -134.63 119.78
CA ASN TF 292 -124.50 -134.01 120.09
C ASN TF 292 -124.39 -132.91 121.13
N ARG TF 293 -123.31 -132.88 121.91
CA ARG TF 293 -123.16 -131.87 122.95
C ARG TF 293 -122.85 -130.51 122.32
N GLY TF 294 -123.61 -129.50 122.73
CA GLY TF 294 -123.39 -128.15 122.24
C GLY TF 294 -122.27 -127.46 122.98
N PRO TF 295 -121.93 -126.26 122.51
CA PRO TF 295 -120.89 -125.48 123.20
C PRO TF 295 -121.30 -125.13 124.61
N VAL TF 296 -120.33 -125.15 125.53
CA VAL TF 296 -120.56 -124.84 126.93
C VAL TF 296 -119.46 -123.92 127.42
N ARG TF 297 -119.75 -123.21 128.51
CA ARG TF 297 -118.76 -122.33 129.12
C ARG TF 297 -117.59 -123.15 129.66
N LEU TF 298 -116.39 -122.59 129.54
CA LEU TF 298 -115.19 -123.29 129.98
C LEU TF 298 -115.10 -123.44 131.49
N SER TF 299 -115.92 -122.72 132.25
CA SER TF 299 -115.85 -122.81 133.71
C SER TF 299 -116.20 -124.21 134.22
N GLN TF 300 -117.23 -124.82 133.67
CA GLN TF 300 -117.62 -126.17 134.08
C GLN TF 300 -116.72 -127.24 133.50
N VAL TF 301 -116.27 -127.05 132.25
CA VAL TF 301 -115.35 -128.02 131.64
C VAL TF 301 -114.03 -128.04 132.40
N GLU TF 302 -113.56 -126.88 132.84
CA GLU TF 302 -112.33 -126.82 133.63
C GLU TF 302 -112.49 -127.55 134.96
N ASN TF 303 -113.65 -127.38 135.61
CA ASN TF 303 -113.89 -128.08 136.86
C ASN TF 303 -113.95 -129.59 136.65
N GLU TF 304 -114.60 -130.04 135.58
CA GLU TF 304 -114.66 -131.46 135.29
C GLU TF 304 -113.27 -132.02 135.00
N GLN TF 305 -112.46 -131.30 134.23
CA GLN TF 305 -111.11 -131.74 133.96
C GLN TF 305 -110.27 -131.77 135.23
N LYS TF 306 -110.47 -130.79 136.12
CA LYS TF 306 -109.76 -130.79 137.39
C LYS TF 306 -110.15 -131.99 138.24
N ALA TF 307 -111.44 -132.33 138.27
CA ALA TF 307 -111.87 -133.51 139.02
C ALA TF 307 -111.27 -134.78 138.44
N ILE TF 308 -111.25 -134.89 137.11
CA ILE TF 308 -110.68 -136.07 136.47
C ILE TF 308 -109.18 -136.17 136.78
N LEU TF 309 -108.47 -135.05 136.70
CA LEU TF 309 -107.05 -135.04 137.01
C LEU TF 309 -106.79 -135.37 138.48
N LEU TF 310 -107.64 -134.89 139.38
CA LEU TF 310 -107.48 -135.23 140.79
C LEU TF 310 -107.68 -136.73 141.01
N ILE TF 311 -108.69 -137.31 140.35
CA ILE TF 311 -108.91 -138.75 140.47
C ILE TF 311 -107.70 -139.52 139.93
N VAL TF 312 -107.18 -139.10 138.78
CA VAL TF 312 -106.04 -139.78 138.18
C VAL TF 312 -104.81 -139.67 139.10
N ARG TF 313 -104.61 -138.49 139.67
CA ARG TF 313 -103.47 -138.29 140.57
C ARG TF 313 -103.60 -139.13 141.82
N ARG TF 314 -104.82 -139.24 142.36
CA ARG TF 314 -105.05 -140.08 143.52
C ARG TF 314 -104.77 -141.54 143.20
N LEU TF 315 -105.21 -141.99 142.02
CA LEU TF 315 -104.95 -143.37 141.60
C LEU TF 315 -103.45 -143.62 141.46
N ALA TF 316 -102.74 -142.67 140.86
CA ALA TF 316 -101.29 -142.81 140.70
C ALA TF 316 -100.58 -142.83 142.04
N GLU TF 317 -101.00 -141.96 142.96
CA GLU TF 317 -100.38 -141.91 144.29
C GLU TF 317 -100.62 -143.20 145.05
N THR TF 318 -101.83 -143.77 144.90
CA THR TF 318 -102.12 -145.05 145.51
C THR TF 318 -101.20 -146.14 144.96
N GLY TF 319 -100.95 -146.11 143.66
CA GLY TF 319 -100.05 -147.07 143.04
C GLY TF 319 -100.73 -147.95 142.03
N GLU TF 320 -101.87 -147.49 141.50
CA GLU TF 320 -102.66 -148.24 140.54
C GLU TF 320 -102.68 -147.58 139.17
N MET TF 321 -101.66 -146.80 138.83
CA MET TF 321 -101.59 -146.13 137.53
C MET TF 321 -100.12 -145.92 137.20
N VAL TF 322 -99.84 -145.75 135.92
CA VAL TF 322 -98.48 -145.51 135.44
C VAL TF 322 -98.51 -144.59 134.25
N ILE TF 323 -97.34 -144.18 133.76
CA ILE TF 323 -97.23 -143.30 132.61
C ILE TF 323 -96.23 -143.87 131.61
N GLY TF 324 -96.21 -143.32 130.41
CA GLY TF 324 -95.29 -143.80 129.38
C GLY TF 324 -95.38 -143.01 128.08
N SER UF 33 -92.80 -60.86 207.43
CA SER UF 33 -91.68 -60.84 206.49
C SER UF 33 -91.67 -62.08 205.63
N ASP UF 34 -91.85 -61.91 204.32
CA ASP UF 34 -91.84 -63.03 203.38
C ASP UF 34 -90.38 -63.31 203.00
N ILE UF 35 -89.92 -64.51 203.31
CA ILE UF 35 -88.56 -64.92 203.01
C ILE UF 35 -88.56 -66.40 202.67
N ARG UF 36 -88.32 -66.72 201.41
CA ARG UF 36 -88.31 -68.10 200.95
C ARG UF 36 -86.99 -68.38 200.24
N PRO UF 37 -86.50 -69.65 200.25
CA PRO UF 37 -85.18 -69.99 199.63
C PRO UF 37 -85.20 -69.72 198.13
N TYR UF 38 -84.06 -69.34 197.59
CA TYR UF 38 -83.93 -69.07 196.18
C TYR UF 38 -83.86 -70.39 195.41
N ASP UF 39 -84.81 -70.59 194.51
CA ASP UF 39 -84.83 -71.76 193.65
C ASP UF 39 -84.60 -71.32 192.21
N PRO UF 40 -83.51 -71.75 191.57
CA PRO UF 40 -83.31 -71.39 190.16
C PRO UF 40 -84.39 -72.01 189.28
N ASN UF 41 -84.33 -71.65 188.00
CA ASN UF 41 -85.23 -72.08 186.93
C ASN UF 41 -86.71 -71.91 187.28
N THR UF 42 -87.05 -71.06 188.25
CA THR UF 42 -88.44 -70.77 188.55
C THR UF 42 -88.89 -69.52 187.81
N GLN UF 43 -90.15 -69.53 187.36
CA GLN UF 43 -90.70 -68.42 186.59
C GLN UF 43 -90.95 -67.26 187.53
N ARG UF 44 -89.90 -66.47 187.77
CA ARG UF 44 -89.98 -65.31 188.64
C ARG UF 44 -89.93 -63.99 187.90
N ARG UF 45 -89.55 -63.99 186.64
CA ARG UF 45 -89.47 -62.76 185.84
C ARG UF 45 -90.82 -62.53 185.18
N VAL UF 46 -91.54 -61.51 185.66
CA VAL UF 46 -92.85 -61.15 185.11
C VAL UF 46 -92.73 -59.76 184.50
N VAL UF 47 -92.99 -59.67 183.19
CA VAL UF 47 -92.91 -58.41 182.45
C VAL UF 47 -94.23 -58.28 181.72
N ARG UF 48 -95.19 -57.55 182.31
CA ARG UF 48 -96.51 -57.34 181.72
C ARG UF 48 -96.53 -55.94 181.14
N GLU UF 49 -96.84 -55.85 179.85
CA GLU UF 49 -96.86 -54.56 179.17
C GLU UF 49 -97.90 -54.64 178.05
N ARG UF 50 -98.87 -53.74 178.09
CA ARG UF 50 -99.87 -53.66 177.04
C ARG UF 50 -99.24 -53.19 175.75
N LEU UF 51 -99.58 -53.85 174.64
CA LEU UF 51 -98.99 -53.55 173.33
C LEU UF 51 -100.13 -53.18 172.37
N GLN UF 52 -100.51 -51.91 172.37
CA GLN UF 52 -101.64 -51.47 171.56
C GLN UF 52 -101.33 -51.57 170.07
N ALA UF 53 -100.11 -51.17 169.69
CA ALA UF 53 -99.68 -51.18 168.27
C ALA UF 53 -99.75 -52.61 167.74
N LEU UF 54 -99.33 -53.63 168.50
CA LEU UF 54 -99.51 -55.03 168.12
C LEU UF 54 -100.98 -55.41 168.15
N GLU UF 55 -101.74 -54.83 169.08
CA GLU UF 55 -103.17 -55.13 169.16
C GLU UF 55 -103.92 -54.71 167.91
N ILE UF 56 -103.42 -53.69 167.20
CA ILE UF 56 -104.11 -53.27 165.98
C ILE UF 56 -103.48 -53.96 164.76
N ILE UF 57 -102.18 -54.24 164.84
CA ILE UF 57 -101.53 -54.98 163.76
C ILE UF 57 -102.14 -56.37 163.63
N ASN UF 58 -102.52 -56.98 164.75
CA ASN UF 58 -103.14 -58.30 164.70
C ASN UF 58 -104.45 -58.29 163.92
N GLU UF 59 -105.32 -57.30 164.17
CA GLU UF 59 -106.57 -57.23 163.43
C GLU UF 59 -106.35 -56.90 161.96
N ARG UF 60 -105.38 -56.03 161.66
CA ARG UF 60 -105.11 -55.70 160.26
C ARG UF 60 -104.65 -56.98 159.53
N PHE UF 61 -103.74 -57.71 160.16
CA PHE UF 61 -103.27 -58.96 159.57
C PHE UF 61 -104.39 -59.99 159.47
N ALA UF 62 -105.28 -60.02 160.46
CA ALA UF 62 -106.38 -60.97 160.43
C ALA UF 62 -107.32 -60.68 159.27
N ARG UF 63 -107.61 -59.40 159.03
CA ARG UF 63 -108.43 -59.04 157.89
C ARG UF 63 -107.76 -59.42 156.57
N GLN UF 64 -106.47 -59.12 156.45
CA GLN UF 64 -105.75 -59.48 155.23
C GLN UF 64 -105.73 -60.99 155.02
N PHE UF 65 -105.50 -61.74 156.09
CA PHE UF 65 -105.44 -63.20 155.99
C PHE UF 65 -106.80 -63.80 155.68
N ARG UF 66 -107.88 -63.22 156.22
CA ARG UF 66 -109.21 -63.68 155.85
C ARG UF 66 -109.58 -63.61 154.38
N MET UF 67 -109.28 -62.48 153.74
CA MET UF 67 -109.50 -62.39 152.29
C MET UF 67 -108.55 -63.26 151.44
N GLY UF 68 -107.34 -63.44 151.96
CA GLY UF 68 -106.38 -64.31 151.30
C GLY UF 68 -106.94 -65.71 151.35
N LEU UF 69 -107.45 -66.11 152.52
CA LEU UF 69 -108.04 -67.43 152.67
C LEU UF 69 -109.30 -67.57 151.82
N PHE UF 70 -110.10 -66.50 151.73
CA PHE UF 70 -111.24 -66.53 150.83
C PHE UF 70 -110.78 -66.69 149.39
N ASN UF 71 -109.73 -65.97 149.00
CA ASN UF 71 -109.22 -66.08 147.65
C ASN UF 71 -108.71 -67.49 147.34
N LEU UF 72 -108.11 -68.15 148.33
CA LEU UF 72 -107.51 -69.46 148.09
C LEU UF 72 -108.53 -70.59 148.19
N LEU UF 73 -109.14 -70.74 149.37
CA LEU UF 73 -110.02 -71.88 149.64
C LEU UF 73 -111.37 -71.78 148.95
N ARG UF 74 -111.70 -70.63 148.38
CA ARG UF 74 -113.02 -70.39 147.79
C ARG UF 74 -114.13 -70.62 148.83
N ARG UF 75 -113.86 -70.24 150.07
CA ARG UF 75 -114.82 -70.34 151.15
C ARG UF 75 -114.75 -69.05 151.98
N SER UF 76 -115.57 -68.97 153.02
CA SER UF 76 -115.66 -67.77 153.85
C SER UF 76 -115.18 -68.05 155.26
N PRO UF 77 -113.90 -67.85 155.55
CA PRO UF 77 -113.42 -67.97 156.94
C PRO UF 77 -113.63 -66.76 157.81
N ASP UF 78 -113.71 -67.00 159.12
CA ASP UF 78 -113.75 -65.92 160.09
C ASP UF 78 -112.61 -66.14 161.07
N ILE UF 79 -111.80 -65.11 161.27
CA ILE UF 79 -110.62 -65.17 162.12
C ILE UF 79 -110.86 -64.29 163.33
N THR UF 80 -110.80 -64.88 164.51
CA THR UF 80 -110.93 -64.16 165.77
C THR UF 80 -109.54 -64.05 166.38
N VAL UF 81 -109.13 -62.81 166.68
CA VAL UF 81 -107.81 -62.59 167.27
C VAL UF 81 -107.90 -62.79 168.77
N GLY UF 82 -107.07 -63.69 169.30
CA GLY UF 82 -107.03 -63.92 170.72
C GLY UF 82 -106.20 -62.89 171.45
N ALA UF 83 -106.21 -62.99 172.77
CA ALA UF 83 -105.43 -62.07 173.59
C ALA UF 83 -103.94 -62.35 173.42
N ILE UF 84 -103.16 -61.29 173.26
CA ILE UF 84 -101.72 -61.43 173.16
C ILE UF 84 -101.17 -61.94 174.49
N ARG UF 85 -100.36 -62.99 174.42
CA ARG UF 85 -99.79 -63.60 175.62
C ARG UF 85 -98.29 -63.35 175.67
N ILE UF 86 -97.83 -62.74 176.77
CA ILE UF 86 -96.42 -62.50 177.01
C ILE UF 86 -95.91 -63.54 178.01
N GLN UF 87 -95.21 -64.55 177.50
CA GLN UF 87 -94.94 -65.74 178.29
C GLN UF 87 -93.55 -66.27 178.01
N PRO UF 88 -92.95 -67.01 178.94
CA PRO UF 88 -91.67 -67.64 178.67
C PRO UF 88 -91.79 -68.65 177.53
N TYR UF 89 -90.69 -68.82 176.79
CA TYR UF 89 -90.72 -69.65 175.59
C TYR UF 89 -91.13 -71.10 175.81
N HIS UF 90 -90.74 -71.69 176.93
CA HIS UF 90 -91.04 -73.11 177.23
C HIS UF 90 -92.53 -73.31 177.56
N GLU UF 91 -93.25 -72.25 177.96
CA GLU UF 91 -94.69 -72.31 178.16
C GLU UF 91 -95.31 -72.40 176.77
N PHE UF 92 -94.87 -71.55 175.85
CA PHE UF 92 -95.35 -71.59 174.48
C PHE UF 92 -95.05 -72.93 173.83
N ALA UF 93 -93.84 -73.46 174.06
CA ALA UF 93 -93.48 -74.74 173.48
C ALA UF 93 -94.34 -75.87 174.03
N ARG UF 94 -94.57 -75.88 175.34
CA ARG UF 94 -95.31 -76.99 175.94
C ARG UF 94 -96.79 -76.93 175.60
N ASN UF 95 -97.33 -75.72 175.39
CA ASN UF 95 -98.75 -75.64 175.03
C ASN UF 95 -98.99 -76.10 173.60
N LEU UF 96 -97.96 -76.09 172.77
CA LEU UF 96 -98.12 -76.52 171.39
C LEU UF 96 -98.35 -78.02 171.31
N PRO UF 97 -99.13 -78.49 170.33
CA PRO UF 97 -99.30 -79.92 170.13
C PRO UF 97 -98.18 -80.50 169.29
N VAL UF 98 -98.14 -81.82 169.21
CA VAL UF 98 -97.11 -82.52 168.45
C VAL UF 98 -97.76 -83.57 167.56
N PRO UF 99 -97.47 -83.58 166.25
CA PRO UF 99 -96.64 -82.61 165.52
C PRO UF 99 -97.43 -81.38 165.13
N THR UF 100 -96.73 -80.29 164.83
CA THR UF 100 -97.36 -79.03 164.38
C THR UF 100 -96.38 -78.38 163.43
N ASN UF 101 -96.81 -77.89 162.28
CA ASN UF 101 -95.94 -77.10 161.36
C ASN UF 101 -95.47 -75.79 161.97
N LEU UF 102 -94.17 -75.59 162.13
CA LEU UF 102 -93.56 -74.35 162.64
C LEU UF 102 -92.85 -73.64 161.47
N ASN UF 103 -93.00 -72.34 161.25
CA ASN UF 103 -92.41 -71.66 160.06
C ASN UF 103 -91.44 -70.58 160.54
N LEU UF 104 -90.13 -70.87 160.63
CA LEU UF 104 -89.19 -69.85 161.05
C LEU UF 104 -89.18 -68.73 160.03
N ILE UF 105 -89.36 -67.49 160.50
CA ILE UF 105 -89.44 -66.34 159.61
C ILE UF 105 -88.48 -65.27 160.11
N HIS UF 106 -87.92 -64.52 159.17
CA HIS UF 106 -87.00 -63.43 159.47
C HIS UF 106 -87.72 -62.12 159.26
N LEU UF 107 -87.85 -61.33 160.31
CA LEU UF 107 -88.48 -60.01 160.23
C LEU UF 107 -87.41 -58.93 160.14
N LYS UF 108 -86.66 -58.95 159.04
CA LYS UF 108 -85.60 -57.99 158.85
C LYS UF 108 -86.18 -56.58 158.72
N PRO UF 109 -85.44 -55.55 159.17
CA PRO UF 109 -84.08 -55.57 159.70
C PRO UF 109 -83.98 -55.91 161.18
N LEU UF 110 -85.07 -56.36 161.80
CA LEU UF 110 -85.03 -56.71 163.22
C LEU UF 110 -84.25 -58.00 163.40
N ARG UF 111 -83.20 -57.97 164.22
CA ARG UF 111 -82.37 -59.15 164.43
C ARG UF 111 -83.11 -60.15 165.30
N GLY UF 112 -83.23 -61.37 164.82
CA GLY UF 112 -83.94 -62.43 165.50
C GLY UF 112 -84.65 -63.32 164.51
N THR UF 113 -85.50 -64.20 165.04
CA THR UF 113 -86.22 -65.16 164.21
C THR UF 113 -87.58 -65.43 164.85
N GLY UF 114 -88.64 -65.00 164.18
CA GLY UF 114 -89.97 -65.28 164.65
C GLY UF 114 -90.50 -66.62 164.16
N LEU UF 115 -91.68 -66.97 164.66
CA LEU UF 115 -92.27 -68.28 164.40
C LEU UF 115 -93.73 -68.12 164.04
N VAL UF 116 -94.16 -68.82 163.00
CA VAL UF 116 -95.57 -68.89 162.61
C VAL UF 116 -96.01 -70.33 162.76
N VAL UF 117 -96.97 -70.58 163.63
CA VAL UF 117 -97.38 -71.94 163.99
C VAL UF 117 -98.74 -72.21 163.39
N PHE UF 118 -98.79 -73.15 162.45
CA PHE UF 118 -100.02 -73.65 161.86
C PHE UF 118 -100.44 -74.96 162.53
N SER UF 119 -101.63 -74.96 163.12
CA SER UF 119 -102.12 -76.15 163.79
C SER UF 119 -102.44 -77.28 162.81
N PRO UF 120 -102.35 -78.57 163.23
CA PRO UF 120 -102.73 -79.71 162.36
C PRO UF 120 -104.17 -79.52 161.88
N SER UF 121 -105.01 -78.95 162.74
CA SER UF 121 -106.42 -78.80 162.37
C SER UF 121 -106.57 -77.87 161.16
N LEU UF 122 -105.84 -76.75 161.18
CA LEU UF 122 -105.98 -75.78 160.10
C LEU UF 122 -105.46 -76.33 158.78
N VAL UF 123 -104.30 -76.99 158.80
CA VAL UF 123 -103.77 -77.55 157.56
C VAL UF 123 -104.65 -78.69 157.07
N PHE UF 124 -105.22 -79.47 158.00
CA PHE UF 124 -106.17 -80.51 157.60
C PHE UF 124 -107.38 -79.91 156.91
N ILE UF 125 -107.93 -78.83 157.48
CA ILE UF 125 -109.08 -78.17 156.88
C ILE UF 125 -108.75 -77.64 155.50
N ALA UF 126 -107.58 -77.01 155.36
CA ALA UF 126 -107.19 -76.44 154.07
C ALA UF 126 -107.00 -77.52 153.02
N VAL UF 127 -106.31 -78.61 153.38
CA VAL UF 127 -106.10 -79.69 152.43
C VAL UF 127 -107.42 -80.34 152.05
N ASP UF 128 -108.31 -80.52 153.03
CA ASP UF 128 -109.61 -81.10 152.75
C ASP UF 128 -110.41 -80.22 151.78
N ASN UF 129 -110.41 -78.90 152.01
CA ASN UF 129 -111.16 -78.01 151.14
C ASN UF 129 -110.56 -77.97 149.74
N LEU UF 130 -109.23 -77.93 149.64
CA LEU UF 130 -108.61 -77.86 148.32
C LEU UF 130 -108.87 -79.13 147.51
N PHE UF 131 -108.77 -80.30 148.14
CA PHE UF 131 -108.83 -81.56 147.43
C PHE UF 131 -110.23 -82.18 147.53
N GLY UF 132 -111.19 -81.45 146.96
CA GLY UF 132 -112.53 -81.97 146.78
C GLY UF 132 -113.23 -82.42 148.05
N GLY UF 133 -113.17 -81.60 149.09
CA GLY UF 133 -113.85 -81.95 150.32
C GLY UF 133 -114.67 -80.81 150.90
N ASP UF 134 -115.95 -81.09 151.17
CA ASP UF 134 -116.85 -80.06 151.75
C ASP UF 134 -116.80 -80.14 153.29
N GLY UF 135 -115.70 -80.67 153.84
CA GLY UF 135 -115.57 -80.75 155.28
C GLY UF 135 -116.74 -81.46 155.91
N ARG UF 136 -117.32 -82.45 155.23
CA ARG UF 136 -118.39 -83.25 155.81
C ARG UF 136 -117.93 -84.09 156.99
N PHE UF 137 -116.86 -84.86 156.78
CA PHE UF 137 -116.32 -85.67 157.86
C PHE UF 137 -115.52 -84.89 158.90
N PRO UF 138 -115.54 -85.33 160.16
CA PRO UF 138 -114.77 -84.63 161.19
C PRO UF 138 -113.28 -84.74 160.93
N THR UF 139 -112.54 -83.71 161.34
CA THR UF 139 -111.09 -83.73 161.22
C THR UF 139 -110.50 -84.71 162.23
N LYS UF 140 -109.65 -85.61 161.77
CA LYS UF 140 -108.99 -86.60 162.60
C LYS UF 140 -107.50 -86.40 162.53
N VAL UF 141 -106.87 -86.14 163.69
CA VAL UF 141 -105.43 -86.00 163.80
C VAL UF 141 -104.94 -86.97 164.87
N GLU UF 142 -104.00 -87.84 164.50
CA GLU UF 142 -103.47 -88.85 165.40
C GLU UF 142 -101.95 -88.88 165.33
N GLY UF 143 -101.32 -87.70 165.40
CA GLY UF 143 -99.88 -87.65 165.30
C GLY UF 143 -99.34 -87.84 163.91
N ARG UF 144 -100.19 -87.78 162.89
CA ARG UF 144 -99.76 -87.97 161.52
C ARG UF 144 -98.88 -86.81 161.08
N GLU UF 145 -97.80 -87.12 160.36
CA GLU UF 145 -96.88 -86.10 159.88
C GLU UF 145 -97.42 -85.45 158.61
N PHE UF 146 -96.61 -84.59 158.01
CA PHE UF 146 -96.99 -83.81 156.84
C PHE UF 146 -96.19 -84.29 155.63
N THR UF 147 -96.90 -84.64 154.56
CA THR UF 147 -96.26 -85.09 153.35
C THR UF 147 -95.78 -83.89 152.53
N HIS UF 148 -95.19 -84.17 151.37
CA HIS UF 148 -94.69 -83.10 150.52
C HIS UF 148 -95.84 -82.26 149.95
N THR UF 149 -96.94 -82.90 149.58
CA THR UF 149 -98.10 -82.16 149.10
C THR UF 149 -98.68 -81.27 150.20
N GLU UF 150 -98.79 -81.81 151.42
CA GLU UF 150 -99.24 -80.99 152.54
C GLU UF 150 -98.29 -79.85 152.80
N GLN UF 151 -96.98 -80.11 152.70
CA GLN UF 151 -96.00 -79.06 152.90
C GLN UF 151 -96.15 -77.97 151.84
N ARG UF 152 -96.44 -78.36 150.60
CA ARG UF 152 -96.61 -77.35 149.55
C ARG UF 152 -97.87 -76.54 149.78
N VAL UF 153 -98.94 -77.18 150.23
CA VAL UF 153 -100.16 -76.45 150.57
C VAL UF 153 -99.90 -75.46 151.69
N ILE UF 154 -99.14 -75.88 152.70
CA ILE UF 154 -98.82 -75.00 153.82
C ILE UF 154 -97.95 -73.85 153.36
N ASN UF 155 -97.02 -74.11 152.43
CA ASN UF 155 -96.21 -73.03 151.87
C ASN UF 155 -97.08 -72.03 151.15
N ARG UF 156 -98.06 -72.53 150.38
CA ARG UF 156 -98.98 -71.64 149.67
C ARG UF 156 -99.78 -70.78 150.64
N MET UF 157 -100.27 -71.38 151.73
CA MET UF 157 -100.98 -70.61 152.74
C MET UF 157 -100.05 -69.61 153.43
N LEU UF 158 -98.84 -70.04 153.75
CA LEU UF 158 -97.91 -69.18 154.48
C LEU UF 158 -97.45 -68.01 153.65
N LYS UF 159 -97.44 -68.16 152.31
CA LYS UF 159 -97.13 -67.00 151.47
C LYS UF 159 -98.15 -65.89 151.69
N LEU UF 160 -99.45 -66.25 151.67
CA LEU UF 160 -100.48 -65.26 151.94
C LEU UF 160 -100.38 -64.72 153.36
N ALA UF 161 -100.10 -65.60 154.32
CA ALA UF 161 -100.00 -65.16 155.70
C ALA UF 161 -98.87 -64.15 155.88
N LEU UF 162 -97.71 -64.42 155.28
CA LEU UF 162 -96.58 -63.52 155.40
C LEU UF 162 -96.83 -62.21 154.65
N GLU UF 163 -97.47 -62.27 153.48
CA GLU UF 163 -97.81 -61.05 152.78
C GLU UF 163 -98.75 -60.18 153.62
N GLY UF 164 -99.77 -60.80 154.23
CA GLY UF 164 -100.68 -60.04 155.07
C GLY UF 164 -99.99 -59.45 156.28
N TYR UF 165 -99.12 -60.23 156.92
CA TYR UF 165 -98.39 -59.72 158.08
C TYR UF 165 -97.47 -58.56 157.72
N SER UF 166 -96.77 -58.68 156.59
CA SER UF 166 -95.91 -57.59 156.15
C SER UF 166 -96.70 -56.34 155.84
N ASP UF 167 -97.85 -56.49 155.18
CA ASP UF 167 -98.69 -55.34 154.87
C ASP UF 167 -99.21 -54.69 156.14
N ALA UF 168 -99.60 -55.51 157.12
CA ALA UF 168 -100.09 -54.96 158.39
C ALA UF 168 -98.98 -54.20 159.12
N TRP UF 169 -97.76 -54.75 159.10
CA TRP UF 169 -96.66 -54.07 159.78
C TRP UF 169 -96.29 -52.82 158.98
N LYS UF 170 -96.49 -52.85 157.66
CA LYS UF 170 -96.09 -51.73 156.81
C LYS UF 170 -96.67 -50.40 157.29
N ALA UF 171 -97.90 -50.42 157.83
CA ALA UF 171 -98.51 -49.20 158.34
C ALA UF 171 -97.73 -48.49 159.44
N ILE UF 172 -97.16 -49.26 160.38
CA ILE UF 172 -96.43 -48.67 161.50
C ILE UF 172 -94.95 -48.65 161.20
N ASN UF 173 -94.36 -49.82 160.98
CA ASN UF 173 -92.94 -49.90 160.67
C ASN UF 173 -92.73 -50.84 159.48
N PRO UF 174 -92.20 -50.34 158.37
CA PRO UF 174 -92.06 -51.19 157.18
C PRO UF 174 -91.03 -52.29 157.39
N LEU UF 175 -91.51 -53.54 157.40
CA LEU UF 175 -90.67 -54.71 157.57
C LEU UF 175 -90.86 -55.66 156.39
N GLU UF 176 -89.82 -56.41 156.08
CA GLU UF 176 -89.89 -57.45 155.06
C GLU UF 176 -89.82 -58.82 155.74
N VAL UF 177 -90.76 -59.68 155.38
CA VAL UF 177 -90.92 -60.98 156.03
C VAL UF 177 -90.40 -62.05 155.07
N GLU UF 178 -89.43 -62.83 155.54
CA GLU UF 178 -88.83 -63.90 154.75
C GLU UF 178 -89.03 -65.22 155.45
N TYR UF 179 -89.52 -66.21 154.69
CA TYR UF 179 -89.67 -67.57 155.19
C TYR UF 179 -88.39 -68.33 154.90
N VAL UF 180 -87.77 -68.86 155.95
CA VAL UF 180 -86.46 -69.47 155.84
C VAL UF 180 -86.50 -70.97 155.97
N ARG UF 181 -87.40 -71.51 156.78
CA ARG UF 181 -87.38 -72.94 157.08
C ARG UF 181 -88.69 -73.35 157.72
N SER UF 182 -89.07 -74.59 157.50
CA SER UF 182 -90.25 -75.17 158.12
C SER UF 182 -89.83 -76.45 158.82
N GLU UF 183 -90.45 -76.72 159.97
CA GLU UF 183 -90.14 -77.87 160.79
C GLU UF 183 -91.43 -78.41 161.36
N MET UF 184 -91.37 -79.62 161.89
CA MET UF 184 -92.54 -80.29 162.46
C MET UF 184 -92.49 -80.53 163.96
N GLN UF 185 -91.28 -80.66 164.51
CA GLN UF 185 -91.11 -80.84 165.94
C GLN UF 185 -90.81 -79.50 166.61
N VAL UF 186 -90.82 -79.49 167.94
CA VAL UF 186 -90.56 -78.28 168.68
C VAL UF 186 -89.09 -78.06 168.98
N LYS UF 187 -88.31 -79.13 169.10
CA LYS UF 187 -86.92 -79.03 169.50
C LYS UF 187 -86.00 -78.59 168.37
N PHE UF 188 -86.52 -78.47 167.14
CA PHE UF 188 -85.70 -78.02 166.02
C PHE UF 188 -85.61 -76.51 165.85
N THR UF 189 -86.50 -75.75 166.49
CA THR UF 189 -86.53 -74.30 166.26
C THR UF 189 -85.55 -73.55 167.15
N ASN UF 190 -85.76 -73.62 168.46
CA ASN UF 190 -84.92 -72.93 169.46
C ASN UF 190 -84.53 -71.53 168.99
N ILE UF 191 -85.55 -70.66 168.86
CA ILE UF 191 -85.35 -69.25 168.44
C ILE UF 191 -85.00 -68.41 169.68
N THR UF 192 -85.01 -69.00 170.88
CA THR UF 192 -84.70 -68.31 172.15
C THR UF 192 -83.41 -68.89 172.71
N THR UF 193 -82.45 -68.03 173.07
CA THR UF 193 -81.13 -68.47 173.58
C THR UF 193 -81.35 -69.41 174.74
N SER UF 194 -82.33 -69.12 175.61
CA SER UF 194 -82.68 -69.97 176.74
C SER UF 194 -84.18 -70.22 176.75
N PRO UF 195 -84.61 -71.37 177.27
CA PRO UF 195 -86.05 -71.65 177.33
C PRO UF 195 -86.82 -70.72 178.24
N ASN UF 196 -86.15 -69.99 179.13
CA ASN UF 196 -86.82 -69.05 180.02
C ASN UF 196 -86.93 -67.66 179.44
N ASP UF 197 -86.50 -67.46 178.20
CA ASP UF 197 -86.65 -66.17 177.55
C ASP UF 197 -88.12 -65.87 177.30
N ILE UF 198 -88.43 -64.59 177.22
CA ILE UF 198 -89.81 -64.13 177.13
C ILE UF 198 -90.16 -63.86 175.67
N VAL UF 199 -91.32 -64.36 175.25
CA VAL UF 199 -91.79 -64.19 173.88
C VAL UF 199 -93.23 -63.70 173.90
N VAL UF 200 -93.63 -63.08 172.79
CA VAL UF 200 -94.95 -62.51 172.61
C VAL UF 200 -95.78 -63.38 171.67
N ASN UF 201 -96.84 -63.99 172.21
CA ASN UF 201 -97.66 -64.94 171.40
C ASN UF 201 -99.06 -64.41 171.09
N THR UF 202 -99.47 -64.44 169.81
CA THR UF 202 -100.80 -64.05 169.38
C THR UF 202 -101.48 -65.26 168.76
N PRO UF 203 -102.47 -65.86 169.43
CA PRO UF 203 -103.23 -66.96 168.81
C PRO UF 203 -104.45 -66.42 168.08
N PHE UF 204 -104.63 -66.85 166.83
CA PHE UF 204 -105.82 -66.57 166.05
C PHE UF 204 -106.61 -67.87 165.88
N HIS UF 205 -107.93 -67.74 165.88
CA HIS UF 205 -108.82 -68.87 165.65
C HIS UF 205 -109.54 -68.67 164.32
N VAL UF 206 -109.37 -69.61 163.41
CA VAL UF 206 -109.96 -69.54 162.08
C VAL UF 206 -111.06 -70.61 162.00
N GLU UF 207 -112.28 -70.17 161.70
CA GLU UF 207 -113.41 -71.07 161.55
C GLU UF 207 -113.90 -71.05 160.11
N ILE UF 208 -114.07 -72.25 159.54
CA ILE UF 208 -114.63 -72.43 158.22
C ILE UF 208 -115.82 -73.37 158.34
N GLY UF 209 -117.01 -72.86 158.04
CA GLY UF 209 -118.20 -73.65 158.25
C GLY UF 209 -118.30 -74.06 159.71
N ASN UF 210 -118.52 -75.35 159.94
CA ASN UF 210 -118.52 -75.88 161.30
C ASN UF 210 -117.11 -76.19 161.78
N LEU UF 211 -116.17 -76.41 160.86
CA LEU UF 211 -114.81 -76.76 161.25
C LEU UF 211 -114.07 -75.57 161.82
N THR UF 212 -113.15 -75.84 162.73
CA THR UF 212 -112.37 -74.81 163.39
C THR UF 212 -110.92 -75.23 163.48
N GLY UF 213 -110.05 -74.23 163.58
CA GLY UF 213 -108.63 -74.45 163.79
C GLY UF 213 -108.01 -73.19 164.35
N GLU UF 214 -106.73 -73.27 164.67
CA GLU UF 214 -106.04 -72.13 165.24
C GLU UF 214 -104.62 -72.06 164.71
N PHE UF 215 -104.04 -70.86 164.78
CA PHE UF 215 -102.66 -70.68 164.40
C PHE UF 215 -102.09 -69.50 165.17
N ASN UF 216 -100.83 -69.61 165.56
CA ASN UF 216 -100.19 -68.62 166.42
C ASN UF 216 -99.07 -67.89 165.68
N ILE UF 217 -98.79 -66.68 166.14
CA ILE UF 217 -97.62 -65.94 165.68
C ILE UF 217 -96.79 -65.55 166.89
N CYS UF 218 -95.58 -66.06 167.00
CA CYS UF 218 -94.74 -65.85 168.17
C CYS UF 218 -93.48 -65.08 167.77
N LEU UF 219 -93.21 -64.00 168.49
CA LEU UF 219 -92.04 -63.18 168.25
C LEU UF 219 -91.20 -63.12 169.53
N PRO UF 220 -89.92 -63.43 169.48
CA PRO UF 220 -89.08 -63.26 170.66
C PRO UF 220 -89.02 -61.79 171.06
N PHE UF 221 -89.00 -61.54 172.36
CA PHE UF 221 -89.00 -60.17 172.84
C PHE UF 221 -87.75 -59.40 172.44
N SER UF 222 -86.67 -60.09 172.08
CA SER UF 222 -85.46 -59.39 171.64
C SER UF 222 -85.72 -58.59 170.38
N MET UF 223 -86.50 -59.14 169.45
CA MET UF 223 -86.83 -58.42 168.22
C MET UF 223 -87.68 -57.19 168.52
N ILE UF 224 -88.66 -57.34 169.43
CA ILE UF 224 -89.58 -56.26 169.71
C ILE UF 224 -88.93 -55.15 170.54
N GLU UF 225 -87.93 -55.51 171.35
CA GLU UF 225 -87.36 -54.55 172.30
C GLU UF 225 -86.92 -53.23 171.70
N PRO UF 226 -86.21 -53.17 170.56
CA PRO UF 226 -85.89 -51.86 169.99
C PRO UF 226 -87.12 -51.06 169.58
N LEU UF 227 -88.26 -51.70 169.41
CA LEU UF 227 -89.50 -51.02 169.01
C LEU UF 227 -90.54 -50.96 170.12
N ARG UF 228 -90.11 -51.03 171.38
CA ARG UF 228 -91.08 -51.08 172.48
C ARG UF 228 -91.86 -49.79 172.62
N GLU UF 229 -91.18 -48.64 172.53
CA GLU UF 229 -91.87 -47.36 172.66
C GLU UF 229 -92.84 -47.18 171.50
N LEU UF 230 -92.54 -47.78 170.35
CA LEU UF 230 -93.47 -47.71 169.22
C LEU UF 230 -94.64 -48.65 169.42
N LEU UF 231 -94.39 -49.85 169.97
CA LEU UF 231 -95.43 -50.90 170.10
C LEU UF 231 -96.27 -50.69 171.36
N VAL UF 232 -95.84 -49.83 172.28
CA VAL UF 232 -96.55 -49.63 173.57
C VAL UF 232 -97.71 -48.63 173.37
N ASN UF 233 -97.44 -47.40 172.91
CA ASN UF 233 -98.52 -46.42 172.82
C ASN UF 233 -99.38 -46.68 171.60
N PRO UF 234 -100.69 -46.47 171.70
CA PRO UF 234 -101.57 -46.62 170.54
C PRO UF 234 -101.18 -45.66 169.44
N PRO UF 235 -101.27 -46.07 168.18
CA PRO UF 235 -100.82 -45.20 167.08
C PRO UF 235 -101.69 -43.96 166.97
N LEU UF 236 -101.07 -42.86 166.53
CA LEU UF 236 -101.75 -41.61 166.33
C LEU UF 236 -101.73 -41.22 164.86
N GLU UF 237 -102.78 -40.53 164.43
CA GLU UF 237 -102.91 -40.11 163.03
C GLU UF 237 -101.98 -38.92 162.78
N ASN UF 238 -100.72 -39.25 162.48
CA ASN UF 238 -99.69 -38.25 162.22
C ASN UF 238 -98.93 -38.68 160.97
N SER UF 239 -97.82 -37.99 160.71
CA SER UF 239 -96.98 -38.28 159.56
C SER UF 239 -95.53 -38.39 160.02
N ARG UF 240 -94.71 -39.03 159.18
CA ARG UF 240 -93.30 -39.16 159.49
C ARG UF 240 -92.64 -37.79 159.57
N HIS UF 241 -93.06 -36.86 158.72
CA HIS UF 241 -92.56 -35.48 158.81
C HIS UF 241 -92.92 -34.86 160.15
N GLU UF 242 -94.16 -35.06 160.60
CA GLU UF 242 -94.57 -34.52 161.89
C GLU UF 242 -93.79 -35.17 163.03
N ASP UF 243 -93.55 -36.47 162.94
CA ASP UF 243 -92.81 -37.17 164.00
C ASP UF 243 -91.36 -36.67 164.07
N GLN UF 244 -90.70 -36.54 162.93
CA GLN UF 244 -89.34 -36.04 162.95
C GLN UF 244 -89.27 -34.59 163.38
N ASN UF 245 -90.29 -33.78 163.03
CA ASN UF 245 -90.36 -32.42 163.53
C ASN UF 245 -90.51 -32.39 165.04
N TRP UF 246 -91.34 -33.30 165.58
CA TRP UF 246 -91.50 -33.39 167.02
C TRP UF 246 -90.27 -33.59 167.89
N ARG UF 247 -89.47 -34.62 167.54
CA ARG UF 247 -88.23 -34.91 168.31
C ARG UF 247 -87.21 -33.80 168.00
N ASP UF 248 -87.25 -33.24 166.79
CA ASP UF 248 -86.31 -32.13 166.44
C ASP UF 248 -86.55 -30.98 167.42
N ASN UF 249 -87.80 -30.54 167.58
CA ASN UF 249 -88.13 -29.43 168.50
C ASN UF 249 -87.77 -29.86 169.93
N LEU UF 250 -88.11 -31.09 170.30
CA LEU UF 250 -87.79 -31.60 171.66
C LEU UF 250 -86.26 -31.57 171.85
N VAL UF 251 -85.51 -32.04 170.84
CA VAL UF 251 -84.02 -32.01 170.92
C VAL UF 251 -83.59 -30.56 171.18
N ARG UF 252 -84.15 -29.62 170.41
CA ARG UF 252 -83.79 -28.21 170.61
C ARG UF 252 -84.21 -27.71 171.98
N GLN UF 253 -85.35 -28.18 172.49
CA GLN UF 253 -85.76 -27.80 173.84
C GLN UF 253 -84.84 -28.38 174.90
N VAL UF 254 -84.31 -29.58 174.66
CA VAL UF 254 -83.45 -30.22 175.65
C VAL UF 254 -82.14 -29.46 175.81
N GLN UF 255 -81.63 -28.89 174.71
CA GLN UF 255 -80.33 -28.24 174.74
C GLN UF 255 -80.24 -27.16 175.81
N HIS UF 256 -81.35 -26.49 176.11
CA HIS UF 256 -81.36 -25.46 177.14
C HIS UF 256 -81.67 -26.06 178.51
N SER UF 257 -80.83 -27.03 178.93
CA SER UF 257 -80.94 -27.68 180.26
C SER UF 257 -79.55 -27.73 180.90
N GLU UF 258 -79.35 -27.02 182.01
CA GLU UF 258 -78.03 -26.96 182.70
C GLU UF 258 -77.66 -28.35 183.24
N LEU UF 259 -76.37 -28.73 183.19
CA LEU UF 259 -75.88 -30.03 183.72
C LEU UF 259 -74.90 -29.78 184.85
N GLU UF 260 -74.47 -30.81 185.57
CA GLU UF 260 -73.43 -30.71 186.58
C GLU UF 260 -72.23 -31.53 186.12
N LEU UF 261 -71.13 -30.85 185.82
CA LEU UF 261 -69.92 -31.50 185.34
C LEU UF 261 -68.88 -31.53 186.45
N VAL UF 262 -68.31 -32.71 186.69
CA VAL UF 262 -67.37 -32.94 187.78
C VAL UF 262 -66.04 -33.40 187.20
N ALA UF 263 -64.96 -32.75 187.59
CA ALA UF 263 -63.61 -33.11 187.13
C ALA UF 263 -62.91 -33.88 188.23
N ASN UF 264 -62.33 -35.02 187.88
CA ASN UF 264 -61.60 -35.86 188.83
C ASN UF 264 -60.11 -35.66 188.57
N PHE UF 265 -59.41 -35.07 189.55
CA PHE UF 265 -57.95 -34.79 189.45
C PHE UF 265 -57.15 -36.07 189.71
N ALA UF 266 -57.49 -36.82 190.77
CA ALA UF 266 -56.76 -38.06 191.14
C ALA UF 266 -57.68 -39.06 191.85
N ASP UF 267 -57.31 -40.35 191.90
CA ASP UF 267 -58.07 -41.37 192.63
C ASP UF 267 -57.07 -42.26 193.35
N ILE UF 268 -56.89 -42.03 194.64
CA ILE UF 268 -55.87 -42.71 195.43
C ILE UF 268 -56.55 -43.80 196.25
N PRO UF 269 -56.01 -45.05 196.31
CA PRO UF 269 -56.62 -46.18 197.08
C PRO UF 269 -56.03 -46.28 198.48
N LEU UF 270 -56.84 -45.99 199.51
CA LEU UF 270 -56.39 -46.13 200.90
C LEU UF 270 -57.26 -47.13 201.67
N ARG UF 271 -56.70 -47.81 202.65
CA ARG UF 271 -57.47 -48.75 203.51
C ARG UF 271 -58.29 -47.94 204.51
N LEU UF 272 -59.31 -48.57 205.10
CA LEU UF 272 -60.12 -47.90 206.15
C LEU UF 272 -59.22 -47.48 207.31
N SER UF 273 -58.23 -48.32 207.63
CA SER UF 273 -57.35 -48.04 208.78
C SER UF 273 -56.62 -46.71 208.56
N GLN UF 274 -56.16 -46.48 207.34
CA GLN UF 274 -55.50 -45.19 207.06
C GLN UF 274 -56.52 -44.07 207.27
N ILE UF 275 -57.76 -44.25 206.84
CA ILE UF 275 -58.76 -43.14 206.94
C ILE UF 275 -59.01 -42.68 208.38
N LEU UF 276 -59.19 -43.62 209.32
CA LEU UF 276 -59.35 -43.21 210.74
C LEU UF 276 -58.17 -42.50 211.43
N LYS UF 277 -56.95 -42.98 211.15
CA LYS UF 277 -55.71 -42.30 211.64
C LYS UF 277 -55.41 -40.99 210.81
N LEU UF 278 -56.10 -40.93 209.67
CA LEU UF 278 -55.87 -39.79 208.75
C LEU UF 278 -56.30 -38.63 209.63
N LYS UF 279 -55.48 -37.58 209.65
CA LYS UF 279 -55.76 -36.36 210.42
C LYS UF 279 -55.13 -35.20 209.66
N PRO UF 280 -55.50 -33.92 209.85
CA PRO UF 280 -54.95 -32.80 209.03
C PRO UF 280 -53.43 -32.75 209.08
N GLY UF 281 -52.78 -32.34 207.97
CA GLY UF 281 -51.35 -32.21 207.85
C GLY UF 281 -50.67 -33.37 207.16
N ASP UF 282 -51.36 -34.50 206.99
CA ASP UF 282 -50.76 -35.65 206.33
C ASP UF 282 -50.61 -35.40 204.82
N VAL UF 283 -49.73 -36.17 204.20
CA VAL UF 283 -49.52 -36.12 202.76
C VAL UF 283 -49.77 -37.50 202.19
N LEU UF 284 -50.70 -37.58 201.24
CA LEU UF 284 -51.03 -38.83 200.57
C LEU UF 284 -50.51 -38.78 199.14
N PRO UF 285 -49.56 -39.63 198.77
CA PRO UF 285 -48.92 -39.48 197.46
C PRO UF 285 -49.87 -39.85 196.33
N ILE UF 286 -49.78 -39.08 195.25
CA ILE UF 286 -50.59 -39.30 194.05
C ILE UF 286 -49.66 -39.34 192.85
N GLU UF 287 -50.15 -39.92 191.76
CA GLU UF 287 -49.39 -40.08 190.54
C GLU UF 287 -49.69 -38.93 189.59
N LYS UF 288 -48.94 -38.89 188.49
CA LYS UF 288 -49.14 -37.86 187.48
C LYS UF 288 -50.47 -38.04 186.77
N PRO UF 289 -51.39 -37.07 186.83
CA PRO UF 289 -52.53 -37.11 185.93
C PRO UF 289 -52.19 -36.51 184.57
N ASP UF 290 -52.04 -37.38 183.56
CA ASP UF 290 -51.76 -36.88 182.18
C ASP UF 290 -53.01 -36.17 181.67
N ARG UF 291 -54.19 -36.76 181.92
CA ARG UF 291 -55.45 -36.17 181.50
C ARG UF 291 -56.46 -36.25 182.63
N ILE UF 292 -57.40 -35.32 182.63
CA ILE UF 292 -58.42 -35.20 183.66
C ILE UF 292 -59.81 -35.57 183.16
N ILE UF 293 -60.39 -36.61 183.75
CA ILE UF 293 -61.71 -37.05 183.35
C ILE UF 293 -62.82 -36.19 183.94
N ALA UF 294 -63.74 -35.75 183.09
CA ALA UF 294 -64.87 -34.95 183.48
C ALA UF 294 -66.14 -35.77 183.21
N HIS UF 295 -66.92 -35.99 184.26
CA HIS UF 295 -68.08 -36.87 184.23
C HIS UF 295 -69.30 -36.14 184.76
N VAL UF 296 -70.47 -36.51 184.25
CA VAL UF 296 -71.74 -35.99 184.71
C VAL UF 296 -72.48 -37.13 185.40
N ASP UF 297 -72.64 -37.04 186.72
CA ASP UF 297 -73.35 -38.05 187.50
C ASP UF 297 -72.73 -39.44 187.29
N GLY UF 298 -71.41 -39.49 187.16
CA GLY UF 298 -70.72 -40.75 187.01
C GLY UF 298 -70.24 -41.02 185.60
N VAL UF 299 -71.04 -40.67 184.60
CA VAL UF 299 -70.72 -40.99 183.21
C VAL UF 299 -69.66 -40.02 182.71
N PRO UF 300 -68.50 -40.50 182.29
CA PRO UF 300 -67.45 -39.58 181.83
C PRO UF 300 -67.79 -38.99 180.47
N VAL UF 301 -67.52 -37.69 180.33
CA VAL UF 301 -67.91 -36.96 179.13
C VAL UF 301 -66.69 -36.34 178.46
N LEU UF 302 -65.68 -35.99 179.24
CA LEU UF 302 -64.56 -35.21 178.72
C LEU UF 302 -63.31 -35.78 179.36
N THR UF 303 -62.19 -35.62 178.66
CA THR UF 303 -60.85 -35.73 179.25
C THR UF 303 -60.13 -34.47 178.79
N SER UF 304 -59.53 -33.75 179.74
CA SER UF 304 -59.02 -32.42 179.47
C SER UF 304 -57.90 -32.20 180.48
N GLN UF 305 -56.95 -31.35 180.12
CA GLN UF 305 -55.72 -31.14 180.89
C GLN UF 305 -56.08 -30.04 181.88
N TYR UF 306 -55.58 -30.17 183.10
CA TYR UF 306 -55.89 -29.19 184.13
C TYR UF 306 -55.10 -27.91 183.91
N GLY UF 307 -55.59 -26.82 184.51
CA GLY UF 307 -54.93 -25.54 184.40
C GLY UF 307 -55.61 -24.52 185.27
N THR UF 308 -55.04 -23.32 185.28
CA THR UF 308 -55.59 -22.20 186.03
C THR UF 308 -55.74 -21.01 185.10
N VAL UF 309 -56.94 -20.46 185.04
CA VAL UF 309 -57.24 -19.31 184.18
C VAL UF 309 -58.13 -18.35 184.96
N ASN UF 310 -57.75 -17.07 184.97
CA ASN UF 310 -58.52 -16.01 185.62
C ASN UF 310 -58.75 -16.32 187.09
N GLY UF 311 -57.75 -16.90 187.74
CA GLY UF 311 -57.89 -17.30 189.12
C GLY UF 311 -58.83 -18.46 189.36
N GLN UF 312 -59.29 -19.12 188.30
CA GLN UF 312 -60.21 -20.23 188.39
C GLN UF 312 -59.52 -21.52 187.94
N TYR UF 313 -59.90 -22.62 188.57
CA TYR UF 313 -59.43 -23.93 188.11
C TYR UF 313 -60.02 -24.20 186.73
N ALA UF 314 -59.15 -24.33 185.73
CA ALA UF 314 -59.59 -24.46 184.35
C ALA UF 314 -59.18 -25.81 183.78
N LEU UF 315 -59.87 -26.21 182.72
CA LEU UF 315 -59.56 -27.44 182.00
C LEU UF 315 -59.48 -27.14 180.51
N ARG UF 316 -58.39 -27.55 179.89
CA ARG UF 316 -58.21 -27.42 178.45
C ARG UF 316 -58.75 -28.68 177.80
N VAL UF 317 -59.92 -28.59 177.17
CA VAL UF 317 -60.60 -29.76 176.66
C VAL UF 317 -59.76 -30.39 175.56
N GLU UF 318 -59.47 -31.66 175.71
CA GLU UF 318 -58.72 -32.40 174.70
C GLU UF 318 -59.56 -33.33 173.84
N HIS UF 319 -60.57 -34.00 174.42
CA HIS UF 319 -61.32 -35.02 173.64
C HIS UF 319 -62.69 -35.33 174.24
N LEU UF 320 -63.75 -35.15 173.45
CA LEU UF 320 -65.08 -35.58 173.87
C LEU UF 320 -65.19 -37.08 173.73
N ILE UF 321 -65.64 -37.74 174.79
CA ILE UF 321 -65.63 -39.20 174.81
C ILE UF 321 -66.80 -39.74 174.02
N ASN UF 322 -66.59 -39.98 172.73
CA ASN UF 322 -67.63 -40.58 171.91
C ASN UF 322 -67.66 -42.09 172.12
N PRO UF 323 -68.83 -42.72 171.96
CA PRO UF 323 -68.93 -44.18 172.11
C PRO UF 323 -68.64 -44.92 170.81
N GLN VF 52 -71.67 -55.36 217.06
CA GLN VF 52 -70.85 -54.16 216.93
C GLN VF 52 -69.37 -54.52 216.93
N ASP VF 53 -68.88 -55.01 215.81
CA ASP VF 53 -67.49 -55.43 215.66
C ASP VF 53 -66.65 -54.27 215.15
N ILE VF 54 -65.34 -54.37 215.37
CA ILE VF 54 -64.44 -53.28 214.98
C ILE VF 54 -63.32 -53.81 214.08
N ASP VF 55 -62.68 -54.91 214.48
CA ASP VF 55 -61.62 -55.53 213.66
C ASP VF 55 -62.23 -56.12 212.39
N LEU VF 56 -63.55 -56.35 212.38
CA LEU VF 56 -64.22 -56.99 211.22
C LEU VF 56 -64.10 -56.11 209.97
N ILE VF 57 -64.24 -54.79 210.11
CA ILE VF 57 -64.19 -53.83 208.95
C ILE VF 57 -62.95 -52.95 209.09
N MET VF 58 -62.01 -53.31 209.97
CA MET VF 58 -60.83 -52.48 210.22
C MET VF 58 -59.91 -52.47 209.01
N ASP VF 59 -60.10 -53.40 208.07
CA ASP VF 59 -59.18 -53.60 206.95
C ASP VF 59 -59.83 -53.37 205.59
N ILE VF 60 -61.11 -53.06 205.53
CA ILE VF 60 -61.81 -52.91 204.25
C ILE VF 60 -61.22 -51.75 203.47
N PRO VF 61 -60.94 -51.90 202.17
CA PRO VF 61 -60.38 -50.79 201.40
C PRO VF 61 -61.46 -49.83 200.92
N VAL VF 62 -61.07 -48.58 200.76
CA VAL VF 62 -61.97 -47.54 200.27
C VAL VF 62 -61.11 -46.85 199.21
N LYS VF 63 -61.80 -46.19 198.27
CA LYS VF 63 -61.15 -45.43 197.18
C LYS VF 63 -61.45 -43.95 197.42
N LEU VF 64 -60.45 -43.09 197.37
CA LEU VF 64 -60.62 -41.67 197.66
C LEU VF 64 -60.41 -40.90 196.36
N THR VF 65 -61.29 -39.95 196.09
CA THR VF 65 -61.20 -39.13 194.89
C THR VF 65 -61.07 -37.68 195.30
N VAL VF 66 -60.40 -36.90 194.46
CA VAL VF 66 -60.23 -35.46 194.64
C VAL VF 66 -60.65 -34.73 193.38
N GLU VF 67 -61.31 -33.59 193.55
CA GLU VF 67 -61.87 -32.86 192.43
C GLU VF 67 -61.08 -31.62 192.07
N LEU VF 68 -61.18 -31.17 190.83
CA LEU VF 68 -60.67 -29.85 190.48
C LEU VF 68 -61.70 -28.83 190.96
N GLY VF 69 -62.96 -29.03 190.58
CA GLY VF 69 -64.01 -28.13 191.02
C GLY VF 69 -65.34 -28.47 190.39
N ARG VF 70 -66.38 -27.85 190.93
CA ARG VF 70 -67.73 -27.95 190.39
C ARG VF 70 -67.82 -26.99 189.20
N THR VF 71 -68.85 -27.21 188.37
CA THR VF 71 -69.27 -26.24 187.39
C THR VF 71 -70.56 -26.83 186.86
N ARG VF 72 -71.45 -25.96 186.39
CA ARG VF 72 -72.76 -26.36 185.89
C ARG VF 72 -72.91 -25.65 184.54
N MET VF 73 -73.09 -26.43 183.48
CA MET VF 73 -72.98 -25.91 182.13
C MET VF 73 -73.95 -26.78 181.33
N THR VF 74 -74.71 -26.17 180.41
CA THR VF 74 -75.83 -26.85 179.72
C THR VF 74 -75.37 -27.70 178.58
N ILE VF 75 -76.31 -28.38 177.93
CA ILE VF 75 -76.02 -29.26 176.77
C ILE VF 75 -75.43 -28.40 175.65
N LYS VF 76 -75.92 -27.19 175.43
CA LYS VF 76 -75.46 -26.31 174.32
C LYS VF 76 -73.91 -26.20 174.31
N GLU VF 77 -73.29 -25.60 175.34
CA GLU VF 77 -71.85 -25.41 175.46
C GLU VF 77 -71.07 -26.72 175.45
N LEU VF 78 -71.62 -27.77 176.08
CA LEU VF 78 -70.99 -29.08 176.02
C LEU VF 78 -70.84 -29.65 174.62
N LEU VF 79 -71.86 -29.48 173.79
CA LEU VF 79 -71.78 -29.95 172.41
C LEU VF 79 -70.86 -29.15 171.49
N ARG VF 80 -70.68 -27.86 171.75
CA ARG VF 80 -69.78 -27.04 170.93
C ARG VF 80 -68.35 -26.88 171.53
N LEU VF 81 -68.07 -27.70 172.55
CA LEU VF 81 -66.75 -27.71 173.14
C LEU VF 81 -65.94 -28.41 172.06
N THR VF 82 -64.76 -27.86 171.77
CA THR VF 82 -63.90 -28.41 170.71
C THR VF 82 -62.56 -28.68 171.38
N GLN VF 83 -61.62 -29.23 170.60
CA GLN VF 83 -60.27 -29.45 171.15
C GLN VF 83 -59.61 -28.13 171.43
N GLY VF 84 -58.93 -28.01 172.57
CA GLY VF 84 -58.25 -26.79 172.93
C GLY VF 84 -59.15 -25.79 173.63
N SER VF 85 -60.45 -26.03 173.68
CA SER VF 85 -61.35 -25.11 174.39
C SER VF 85 -61.11 -25.22 175.89
N VAL VF 86 -61.27 -24.09 176.57
CA VAL VF 86 -60.99 -23.97 178.00
C VAL VF 86 -62.29 -23.70 178.73
N VAL VF 87 -62.54 -24.46 179.79
CA VAL VF 87 -63.71 -24.29 180.64
C VAL VF 87 -63.24 -24.09 182.08
N ALA VF 88 -63.84 -23.15 182.79
CA ALA VF 88 -63.46 -22.85 184.20
C ALA VF 88 -64.12 -23.83 185.17
N LEU VF 89 -64.07 -23.53 186.47
CA LEU VF 89 -64.65 -24.36 187.56
C LEU VF 89 -65.17 -23.36 188.58
N ASP VF 90 -65.90 -23.78 189.61
CA ASP VF 90 -66.52 -22.87 190.61
C ASP VF 90 -65.52 -22.45 191.69
N GLY VF 91 -64.30 -23.02 191.72
CA GLY VF 91 -63.31 -22.72 192.73
C GLY VF 91 -62.14 -21.84 192.34
N LEU VF 92 -61.83 -20.87 193.19
CA LEU VF 92 -60.66 -20.04 193.00
C LEU VF 92 -59.41 -20.89 193.08
N ALA VF 93 -58.41 -20.55 192.26
CA ALA VF 93 -57.16 -21.28 192.26
C ALA VF 93 -56.44 -21.05 193.58
N GLY VF 94 -56.51 -22.01 194.48
CA GLY VF 94 -55.89 -21.87 195.78
C GLY VF 94 -56.68 -22.48 196.93
N GLU VF 95 -58.02 -22.60 196.76
CA GLU VF 95 -58.79 -23.24 197.82
C GLU VF 95 -58.46 -24.72 197.90
N PRO VF 96 -58.59 -25.34 199.07
CA PRO VF 96 -58.34 -26.78 199.18
C PRO VF 96 -59.42 -27.57 198.45
N LEU VF 97 -58.98 -28.58 197.70
CA LEU VF 97 -59.90 -29.44 196.98
C LEU VF 97 -60.65 -30.35 197.94
N ASP VF 98 -61.81 -30.85 197.49
CA ASP VF 98 -62.65 -31.69 198.38
C ASP VF 98 -62.33 -33.17 198.13
N ILE VF 99 -61.98 -33.90 199.20
CA ILE VF 99 -61.69 -35.36 199.09
C ILE VF 99 -63.00 -36.11 199.39
N LEU VF 100 -63.35 -37.11 198.58
CA LEU VF 100 -64.65 -37.81 198.76
C LEU VF 100 -64.47 -39.33 198.69
N ILE VF 101 -65.33 -40.08 199.38
CA ILE VF 101 -65.30 -41.58 199.30
C ILE VF 101 -66.72 -42.06 198.94
N ASN VF 102 -66.85 -42.90 197.91
CA ASN VF 102 -68.19 -43.44 197.52
C ASN VF 102 -69.13 -42.23 197.35
N GLY VF 103 -68.62 -41.12 196.82
CA GLY VF 103 -69.46 -39.92 196.54
C GLY VF 103 -69.84 -39.19 197.81
N TYR VF 104 -69.18 -39.45 198.94
CA TYR VF 104 -69.50 -38.83 200.25
C TYR VF 104 -68.32 -38.00 200.72
N LEU VF 105 -68.54 -36.75 201.13
CA LEU VF 105 -67.43 -35.85 201.49
C LEU VF 105 -66.69 -36.48 202.68
N ILE VF 106 -65.36 -36.43 202.67
CA ILE VF 106 -64.54 -37.04 203.76
C ILE VF 106 -63.45 -36.08 204.23
N ALA VF 107 -62.91 -35.19 203.36
CA ALA VF 107 -61.78 -34.38 203.77
C ALA VF 107 -61.62 -33.20 202.81
N GLN VF 108 -60.59 -32.39 203.05
CA GLN VF 108 -60.18 -31.32 202.15
C GLN VF 108 -58.66 -31.20 202.16
N GLY VF 109 -58.09 -31.03 200.97
CA GLY VF 109 -56.65 -30.86 200.84
C GLY VF 109 -56.28 -30.44 199.43
N GLU VF 110 -55.07 -29.90 199.31
CA GLU VF 110 -54.55 -29.42 198.03
C GLU VF 110 -53.32 -30.20 197.62
N VAL VF 111 -52.98 -30.09 196.35
CA VAL VF 111 -51.81 -30.77 195.80
C VAL VF 111 -50.56 -29.98 196.16
N VAL VF 112 -49.48 -30.71 196.49
CA VAL VF 112 -48.20 -30.10 196.85
C VAL VF 112 -47.06 -30.79 196.10
N VAL VF 113 -46.08 -30.00 195.68
CA VAL VF 113 -44.90 -30.49 194.99
C VAL VF 113 -43.70 -30.54 195.93
N VAL VF 114 -43.17 -31.73 196.19
CA VAL VF 114 -42.09 -31.85 197.15
C VAL VF 114 -40.76 -31.84 196.42
N ALA VF 115 -40.55 -32.89 195.64
CA ALA VF 115 -39.36 -32.97 194.76
C ALA VF 115 -39.69 -33.08 193.27
N ASP VF 116 -40.12 -34.28 192.85
CA ASP VF 116 -40.61 -34.47 191.46
C ASP VF 116 -41.80 -35.41 191.68
N LYS VF 117 -42.47 -35.28 192.84
CA LYS VF 117 -43.57 -36.20 193.20
C LYS VF 117 -44.78 -35.39 193.70
N TYR VF 118 -45.99 -35.95 193.59
CA TYR VF 118 -47.20 -35.18 193.96
C TYR VF 118 -47.99 -35.86 195.08
N GLY VF 119 -48.71 -35.06 195.88
CA GLY VF 119 -49.56 -35.58 196.92
C GLY VF 119 -50.52 -34.53 197.45
N VAL VF 120 -51.51 -34.98 198.19
CA VAL VF 120 -52.55 -34.10 198.73
C VAL VF 120 -52.17 -33.83 200.17
N ARG VF 121 -52.19 -32.56 200.55
CA ARG VF 121 -51.90 -32.11 201.90
C ARG VF 121 -53.25 -31.75 202.51
N ILE VF 122 -53.77 -32.66 203.34
CA ILE VF 122 -55.10 -32.49 203.89
C ILE VF 122 -55.11 -31.34 204.88
N THR VF 123 -56.09 -30.45 204.75
CA THR VF 123 -56.19 -29.27 205.60
C THR VF 123 -57.00 -29.53 206.87
N ASP VF 124 -58.12 -30.23 206.77
CA ASP VF 124 -58.97 -30.45 207.94
C ASP VF 124 -59.89 -31.63 207.66
N ILE VF 125 -60.64 -32.01 208.70
CA ILE VF 125 -61.64 -33.06 208.62
C ILE VF 125 -62.99 -32.40 208.92
N ILE VF 126 -63.95 -32.60 208.02
CA ILE VF 126 -65.24 -31.92 208.13
C ILE VF 126 -66.11 -32.64 209.15
N THR VF 127 -66.46 -31.92 210.22
CA THR VF 127 -67.46 -32.40 211.16
C THR VF 127 -68.85 -32.34 210.53
N PRO VF 128 -69.81 -33.10 211.07
CA PRO VF 128 -71.16 -33.07 210.47
C PRO VF 128 -71.76 -31.68 210.39
N SER VF 129 -71.52 -30.84 211.40
CA SER VF 129 -72.08 -29.49 211.39
C SER VF 129 -71.69 -28.78 210.11
N GLU VF 130 -70.40 -28.79 209.78
CA GLU VF 130 -69.97 -28.27 208.50
C GLU VF 130 -70.66 -28.95 207.32
N ARG VF 131 -70.72 -30.27 207.35
CA ARG VF 131 -71.43 -31.01 206.27
C ARG VF 131 -72.87 -30.48 206.13
N MET VF 132 -73.54 -30.20 207.26
CA MET VF 132 -74.95 -29.75 207.20
C MET VF 132 -75.03 -28.41 206.45
N ARG VF 133 -74.10 -27.50 206.71
CA ARG VF 133 -74.11 -26.18 206.04
C ARG VF 133 -73.67 -26.36 204.58
N ARG VF 134 -72.95 -27.46 204.30
CA ARG VF 134 -72.47 -27.76 202.94
C ARG VF 134 -73.75 -28.02 202.12
N LEU VF 135 -74.57 -28.96 202.60
CA LEU VF 135 -75.89 -29.20 201.97
C LEU VF 135 -76.84 -27.99 201.98
N SER VF 136 -76.83 -27.22 203.07
CA SER VF 136 -77.75 -26.06 203.19
C SER VF 136 -77.33 -24.93 202.25
N ARG VF 137 -76.03 -24.80 201.96
CA ARG VF 137 -75.62 -23.67 201.13
C ARG VF 137 -74.52 -24.07 200.16
N ASP WF 53 -63.83 -40.17 216.70
CA ASP WF 53 -63.27 -40.53 215.40
C ASP WF 53 -64.01 -41.70 214.76
N ILE WF 54 -64.62 -42.54 215.60
CA ILE WF 54 -65.40 -43.66 215.08
C ILE WF 54 -66.61 -43.08 214.35
N ASP WF 55 -67.14 -41.96 214.85
CA ASP WF 55 -68.29 -41.33 214.22
C ASP WF 55 -68.04 -40.97 212.76
N LEU WF 56 -66.81 -40.56 212.43
CA LEU WF 56 -66.48 -40.24 211.04
C LEU WF 56 -66.61 -41.40 210.07
N ILE WF 57 -66.18 -42.58 210.51
CA ILE WF 57 -66.20 -43.78 209.62
C ILE WF 57 -67.35 -44.71 210.04
N MET WF 58 -68.40 -44.16 210.67
CA MET WF 58 -69.50 -45.00 211.12
C MET WF 58 -70.62 -44.64 210.13
N ASP WF 59 -70.42 -43.61 209.32
CA ASP WF 59 -71.52 -43.15 208.41
C ASP WF 59 -71.19 -43.36 206.93
N ILE WF 60 -69.90 -43.48 206.57
CA ILE WF 60 -69.49 -43.59 205.16
C ILE WF 60 -70.13 -44.70 204.34
N PRO WF 61 -70.59 -44.43 203.09
CA PRO WF 61 -71.13 -45.48 202.18
C PRO WF 61 -70.02 -46.40 201.72
N VAL WF 62 -70.35 -47.63 201.33
CA VAL WF 62 -69.39 -48.60 200.84
C VAL WF 62 -70.21 -49.49 199.91
N LYS WF 63 -69.52 -50.18 199.00
CA LYS WF 63 -70.19 -50.99 198.00
C LYS WF 63 -70.08 -52.45 198.45
N LEU WF 64 -71.21 -53.15 198.48
CA LEU WF 64 -71.27 -54.53 198.92
C LEU WF 64 -71.66 -55.38 197.72
N THR WF 65 -71.02 -56.55 197.60
CA THR WF 65 -71.35 -57.51 196.55
C THR WF 65 -71.39 -58.89 197.15
N VAL WF 66 -72.07 -59.81 196.47
CA VAL WF 66 -72.05 -61.23 196.83
C VAL WF 66 -71.87 -62.02 195.55
N GLU WF 67 -70.87 -62.90 195.54
CA GLU WF 67 -70.54 -63.64 194.33
C GLU WF 67 -71.06 -65.06 194.43
N LEU WF 68 -71.73 -65.54 193.37
CA LEU WF 68 -72.39 -66.87 193.39
C LEU WF 68 -71.46 -67.97 192.87
N GLY WF 69 -70.49 -67.64 192.00
CA GLY WF 69 -69.65 -68.65 191.33
C GLY WF 69 -68.20 -68.22 191.22
N ARG WF 70 -67.31 -69.19 190.98
CA ARG WF 70 -65.86 -68.94 190.81
C ARG WF 70 -65.28 -70.07 189.94
N THR WF 71 -64.68 -69.73 188.80
CA THR WF 71 -64.12 -70.72 187.86
C THR WF 71 -62.83 -70.19 187.32
N ARG WF 72 -61.84 -71.02 187.06
CA ARG WF 72 -60.59 -70.66 186.41
C ARG WF 72 -60.58 -71.19 184.98
N MET WF 73 -60.27 -70.30 184.03
CA MET WF 73 -60.34 -70.71 182.61
C MET WF 73 -59.21 -70.11 181.77
N THR WF 74 -58.88 -70.74 180.65
CA THR WF 74 -57.88 -70.28 179.70
C THR WF 74 -58.68 -69.52 178.65
N ILE WF 75 -58.00 -69.00 177.62
CA ILE WF 75 -58.73 -68.14 176.65
C ILE WF 75 -59.31 -69.03 175.54
N LYS WF 76 -58.64 -70.14 175.26
CA LYS WF 76 -59.23 -71.09 174.31
C LYS WF 76 -60.64 -71.28 174.85
N GLU WF 77 -60.73 -71.59 176.15
CA GLU WF 77 -62.05 -71.87 176.75
C GLU WF 77 -62.98 -70.65 176.69
N LEU WF 78 -62.48 -69.47 177.04
CA LEU WF 78 -63.37 -68.27 177.09
C LEU WF 78 -63.90 -67.93 175.70
N LEU WF 79 -63.02 -67.97 174.69
CA LEU WF 79 -63.41 -67.68 173.29
C LEU WF 79 -64.40 -68.75 172.81
N ARG WF 80 -64.19 -70.00 173.21
CA ARG WF 80 -65.04 -71.12 172.75
C ARG WF 80 -66.48 -70.86 173.22
N LEU WF 81 -66.67 -70.35 174.43
CA LEU WF 81 -68.03 -69.98 174.91
C LEU WF 81 -68.74 -69.23 173.78
N THR WF 82 -70.00 -69.55 173.46
CA THR WF 82 -70.78 -68.78 172.46
C THR WF 82 -72.05 -68.31 173.12
N GLN WF 83 -73.08 -67.98 172.34
CA GLN WF 83 -74.35 -67.62 172.95
C GLN WF 83 -75.08 -68.87 173.40
N GLY WF 84 -75.56 -68.85 174.63
CA GLY WF 84 -76.25 -70.00 175.20
C GLY WF 84 -75.33 -71.05 175.81
N SER WF 85 -74.02 -70.86 175.75
CA SER WF 85 -73.11 -71.83 176.34
C SER WF 85 -73.23 -71.81 177.86
N VAL WF 86 -73.20 -72.99 178.46
CA VAL WF 86 -73.31 -73.14 179.91
C VAL WF 86 -71.91 -73.31 180.48
N VAL WF 87 -71.56 -72.48 181.45
CA VAL WF 87 -70.26 -72.52 182.10
C VAL WF 87 -70.45 -73.09 183.49
N ALA WF 88 -69.79 -74.22 183.76
CA ALA WF 88 -69.86 -74.83 185.08
C ALA WF 88 -69.09 -74.04 186.13
N LEU WF 89 -69.59 -74.08 187.36
CA LEU WF 89 -68.95 -73.41 188.49
C LEU WF 89 -68.29 -74.30 189.54
N ASP WF 90 -67.05 -73.98 189.89
CA ASP WF 90 -66.33 -74.78 190.88
C ASP WF 90 -67.16 -74.96 192.19
N GLY WF 91 -67.83 -73.88 192.58
CA GLY WF 91 -68.76 -73.95 193.68
C GLY WF 91 -69.94 -74.90 193.65
N LEU WF 92 -70.02 -75.79 194.64
CA LEU WF 92 -71.12 -76.73 194.72
C LEU WF 92 -72.40 -76.01 195.12
N ALA WF 93 -73.53 -76.63 194.83
CA ALA WF 93 -74.81 -76.04 195.22
C ALA WF 93 -74.97 -76.06 196.73
N GLY WF 94 -75.45 -74.94 197.28
CA GLY WF 94 -75.71 -74.83 198.70
C GLY WF 94 -74.54 -74.37 199.54
N GLU WF 95 -73.34 -74.28 198.97
CA GLU WF 95 -72.20 -73.80 199.74
C GLU WF 95 -72.35 -72.31 200.02
N PRO WF 96 -71.82 -71.74 201.11
CA PRO WF 96 -72.04 -70.29 201.42
C PRO WF 96 -71.40 -69.40 200.36
N LEU WF 97 -72.17 -68.48 199.76
CA LEU WF 97 -71.67 -67.51 198.74
C LEU WF 97 -70.66 -66.57 199.40
N ASP WF 98 -69.58 -66.19 198.73
CA ASP WF 98 -68.68 -65.17 199.33
C ASP WF 98 -69.39 -63.82 199.36
N ILE WF 99 -69.21 -63.00 200.38
CA ILE WF 99 -69.72 -61.63 200.44
C ILE WF 99 -68.50 -60.71 200.53
N LEU WF 100 -68.40 -59.78 199.59
CA LEU WF 100 -67.24 -58.92 199.43
C LEU WF 100 -67.63 -57.47 199.66
N ILE WF 101 -66.70 -56.71 200.22
CA ILE WF 101 -66.86 -55.28 200.43
C ILE WF 101 -65.74 -54.59 199.67
N ASN WF 102 -66.09 -53.89 198.59
CA ASN WF 102 -65.10 -53.27 197.71
C ASN WF 102 -64.10 -54.30 197.21
N GLY WF 103 -64.58 -55.51 196.95
CA GLY WF 103 -63.73 -56.59 196.52
C GLY WF 103 -62.98 -57.31 197.61
N TYR WF 104 -63.30 -57.05 198.88
CA TYR WF 104 -62.61 -57.66 200.01
C TYR WF 104 -63.57 -58.61 200.71
N LEU WF 105 -63.18 -59.88 200.82
CA LEU WF 105 -64.04 -60.89 201.42
C LEU WF 105 -64.07 -60.71 202.93
N ILE WF 106 -65.28 -60.69 203.51
CA ILE WF 106 -65.41 -60.56 204.95
C ILE WF 106 -66.31 -61.65 205.53
N ALA WF 107 -67.18 -62.23 204.70
CA ALA WF 107 -68.20 -63.12 205.25
C ALA WF 107 -68.66 -64.12 204.20
N GLN WF 108 -69.34 -65.16 204.69
CA GLN WF 108 -69.92 -66.19 203.86
C GLN WF 108 -71.38 -66.39 204.25
N GLY WF 109 -72.24 -66.57 203.25
CA GLY WF 109 -73.65 -66.79 203.50
C GLY WF 109 -74.48 -67.34 202.36
N GLU WF 110 -75.57 -68.00 202.73
CA GLU WF 110 -76.46 -68.58 201.72
C GLU WF 110 -77.38 -67.64 200.97
N VAL WF 111 -77.90 -68.09 199.84
CA VAL WF 111 -78.65 -67.25 198.91
C VAL WF 111 -80.08 -67.45 199.37
N VAL WF 112 -80.82 -66.35 199.43
CA VAL WF 112 -82.25 -66.37 199.77
C VAL WF 112 -82.89 -65.16 199.11
N VAL WF 113 -84.14 -65.33 198.66
CA VAL WF 113 -84.87 -64.27 197.97
C VAL WF 113 -85.99 -63.79 198.87
N VAL WF 114 -86.07 -62.46 199.05
CA VAL WF 114 -87.09 -61.85 199.95
C VAL WF 114 -87.90 -60.80 199.17
N ALA WF 115 -89.23 -60.92 199.13
CA ALA WF 115 -90.09 -59.91 198.48
C ALA WF 115 -89.71 -59.74 197.01
N ASP WF 116 -89.35 -60.84 196.33
CA ASP WF 116 -89.03 -60.82 194.88
C ASP WF 116 -87.74 -60.04 194.59
N LYS WF 117 -86.88 -59.84 195.59
CA LYS WF 117 -85.59 -59.15 195.39
C LYS WF 117 -84.49 -60.07 195.92
N TYR WF 118 -83.38 -60.20 195.18
CA TYR WF 118 -82.26 -61.05 195.64
C TYR WF 118 -81.77 -60.68 197.03
N GLY WF 119 -81.27 -61.67 197.78
CA GLY WF 119 -80.72 -61.40 199.10
C GLY WF 119 -79.77 -62.48 199.52
N VAL WF 120 -79.20 -62.33 200.71
CA VAL WF 120 -78.25 -63.29 201.25
C VAL WF 120 -78.31 -63.22 202.76
N ARG WF 121 -78.30 -64.39 203.40
CA ARG WF 121 -78.25 -64.50 204.85
C ARG WF 121 -76.83 -64.74 205.32
N ILE WF 122 -76.34 -63.87 206.20
CA ILE WF 122 -74.96 -63.95 206.66
C ILE WF 122 -74.82 -65.17 207.58
N THR WF 123 -74.30 -66.27 207.02
CA THR WF 123 -74.08 -67.47 207.83
C THR WF 123 -72.96 -67.23 208.83
N ASP WF 124 -71.84 -66.69 208.37
CA ASP WF 124 -70.73 -66.45 209.28
C ASP WF 124 -69.81 -65.38 208.71
N ILE WF 125 -68.97 -64.84 209.59
CA ILE WF 125 -67.91 -63.93 209.19
C ILE WF 125 -66.59 -64.67 209.28
N ILE WF 126 -65.84 -64.69 208.19
CA ILE WF 126 -64.59 -65.45 208.15
C ILE WF 126 -63.51 -64.72 208.92
N THR WF 127 -62.90 -65.42 209.86
CA THR WF 127 -61.70 -65.00 210.57
C THR WF 127 -60.48 -65.20 209.67
N PRO WF 128 -59.45 -64.35 209.80
CA PRO WF 128 -58.35 -64.41 208.82
C PRO WF 128 -57.61 -65.74 208.81
N SER WF 129 -58.03 -66.72 209.62
CA SER WF 129 -57.41 -68.03 209.57
C SER WF 129 -57.73 -68.65 208.22
N GLU WF 130 -58.94 -68.42 207.71
CA GLU WF 130 -59.37 -69.06 206.41
C GLU WF 130 -58.77 -68.33 205.21
N ARG WF 131 -58.25 -67.12 205.39
CA ARG WF 131 -57.72 -66.30 204.30
C ARG WF 131 -56.47 -66.98 203.72
N MET WF 132 -55.63 -67.53 204.60
CA MET WF 132 -54.47 -68.29 204.08
C MET WF 132 -55.00 -69.37 203.13
N ARG WF 133 -56.03 -70.11 203.56
CA ARG WF 133 -56.62 -71.19 202.72
C ARG WF 133 -57.37 -70.66 201.47
N ARG WF 134 -57.78 -69.39 201.50
CA ARG WF 134 -58.47 -68.79 200.33
C ARG WF 134 -57.47 -68.69 199.17
N LEU WF 135 -56.18 -68.89 199.46
CA LEU WF 135 -55.13 -68.82 198.41
C LEU WF 135 -54.17 -70.02 198.57
N ALA XF 37 -25.66 -50.29 191.80
CA ALA XF 37 -25.58 -49.81 190.43
C ALA XF 37 -25.55 -50.96 189.43
N VAL XF 38 -25.97 -52.14 189.90
CA VAL XF 38 -25.99 -53.33 189.05
C VAL XF 38 -27.01 -53.20 187.93
N PHE XF 39 -28.22 -52.73 188.26
CA PHE XF 39 -29.27 -52.59 187.26
C PHE XF 39 -28.91 -51.50 186.27
N GLN XF 40 -29.18 -51.74 184.99
CA GLN XF 40 -28.88 -50.78 183.94
C GLN XF 40 -30.13 -49.95 183.68
N GLN XF 41 -29.94 -48.63 183.55
CA GLN XF 41 -31.07 -47.72 183.44
C GLN XF 41 -31.68 -47.70 182.05
N LEU XF 42 -32.89 -48.25 181.93
CA LEU XF 42 -33.62 -48.29 180.68
C LEU XF 42 -34.54 -47.09 180.48
N GLY XF 43 -34.52 -46.53 179.28
CA GLY XF 43 -35.35 -45.38 178.97
C GLY XF 43 -35.52 -45.22 177.48
N GLY XF 44 -36.53 -44.45 177.11
CA GLY XF 44 -36.83 -44.23 175.70
C GLY XF 44 -37.23 -45.48 174.97
N GLY XF 45 -38.03 -46.35 175.61
CA GLY XF 45 -38.44 -47.58 174.99
C GLY XF 45 -39.82 -47.53 174.39
N ASP XF 46 -40.39 -46.34 174.28
CA ASP XF 46 -41.72 -46.15 173.69
C ASP XF 46 -41.59 -46.13 172.17
N VAL XF 47 -41.31 -47.30 171.62
CA VAL XF 47 -41.12 -47.43 170.18
C VAL XF 47 -42.44 -47.22 169.44
N SER XF 48 -43.40 -48.10 169.70
CA SER XF 48 -44.71 -48.03 169.07
C SER XF 48 -45.64 -48.99 169.81
N GLY XF 49 -46.90 -48.99 169.41
CA GLY XF 49 -47.88 -49.90 169.97
C GLY XF 49 -48.92 -50.35 168.96
N ALA XF 50 -49.06 -51.66 168.80
CA ALA XF 50 -50.04 -52.20 167.86
C ALA XF 50 -50.44 -53.58 168.33
N MET XF 51 -51.75 -53.83 168.40
CA MET XF 51 -52.25 -55.14 168.77
C MET XF 51 -51.76 -56.18 167.77
N GLN XF 52 -51.27 -57.31 168.29
CA GLN XF 52 -50.69 -58.32 167.41
C GLN XF 52 -51.80 -59.29 167.05
N ASP XF 53 -52.29 -60.04 168.05
CA ASP XF 53 -53.32 -61.04 167.88
C ASP XF 53 -53.63 -61.59 169.26
N ILE XF 54 -54.76 -62.29 169.38
CA ILE XF 54 -55.22 -62.74 170.68
C ILE XF 54 -54.80 -64.17 171.03
N ASP XF 55 -53.98 -64.77 170.17
CA ASP XF 55 -53.46 -66.11 170.41
C ASP XF 55 -52.04 -66.13 170.99
N LEU XF 56 -51.36 -65.00 170.97
CA LEU XF 56 -50.01 -64.93 171.60
C LEU XF 56 -50.24 -65.09 173.10
N ILE XF 57 -51.34 -64.53 173.61
CA ILE XF 57 -51.66 -64.51 175.06
C ILE XF 57 -52.70 -65.59 175.40
N MET XF 58 -53.05 -66.49 174.48
CA MET XF 58 -54.20 -67.41 174.73
C MET XF 58 -54.24 -68.29 175.97
N ASP XF 59 -53.25 -69.18 176.12
CA ASP XF 59 -53.26 -70.14 177.25
C ASP XF 59 -52.82 -69.42 178.52
N ILE XF 60 -53.46 -68.29 178.82
CA ILE XF 60 -53.15 -67.57 180.09
C ILE XF 60 -54.40 -67.72 180.97
N PRO XF 61 -54.28 -68.19 182.23
CA PRO XF 61 -55.47 -68.46 183.08
C PRO XF 61 -56.22 -67.16 183.34
N VAL XF 62 -57.55 -67.23 183.29
CA VAL XF 62 -58.39 -66.03 183.60
C VAL XF 62 -59.15 -66.36 184.88
N LYS XF 63 -59.51 -65.32 185.65
CA LYS XF 63 -60.25 -65.56 186.88
C LYS XF 63 -61.72 -65.21 186.61
N LEU XF 64 -62.51 -66.21 186.26
CA LEU XF 64 -63.92 -65.98 185.96
C LEU XF 64 -64.74 -66.07 187.24
N THR XF 65 -65.67 -65.12 187.38
CA THR XF 65 -66.50 -65.03 188.57
C THR XF 65 -67.88 -64.52 188.18
N VAL XF 66 -68.92 -65.25 188.59
CA VAL XF 66 -70.30 -64.81 188.41
C VAL XF 66 -70.79 -64.12 189.67
N GLU XF 67 -71.49 -63.00 189.49
CA GLU XF 67 -71.95 -62.20 190.61
C GLU XF 67 -73.46 -62.27 190.83
N LEU XF 68 -73.85 -62.55 192.09
CA LEU XF 68 -75.26 -62.76 192.38
C LEU XF 68 -75.97 -61.42 192.38
N GLY XF 69 -75.41 -60.43 193.06
CA GLY XF 69 -76.07 -59.14 193.15
C GLY XF 69 -75.20 -58.06 193.74
N ARG XF 70 -75.77 -56.86 193.79
CA ARG XF 70 -75.09 -55.68 194.28
C ARG XF 70 -76.04 -55.00 195.25
N THR XF 71 -75.52 -54.08 196.04
CA THR XF 71 -76.28 -53.23 196.91
C THR XF 71 -75.36 -52.16 197.46
N ARG XF 72 -75.76 -50.91 197.33
CA ARG XF 72 -75.02 -49.81 197.95
C ARG XF 72 -75.54 -49.64 199.36
N MET XF 73 -74.63 -49.76 200.33
CA MET XF 73 -75.02 -49.72 201.73
C MET XF 73 -73.87 -49.10 202.51
N THR XF 74 -74.21 -48.33 203.53
CA THR XF 74 -73.20 -47.66 204.34
C THR XF 74 -72.83 -48.50 205.55
N ILE XF 75 -71.81 -48.03 206.28
CA ILE XF 75 -71.36 -48.72 207.48
C ILE XF 75 -72.44 -48.72 208.57
N LYS XF 76 -73.40 -47.78 208.48
CA LYS XF 76 -74.51 -47.72 209.43
C LYS XF 76 -75.15 -49.09 209.62
N GLU XF 77 -75.73 -49.65 208.57
CA GLU XF 77 -76.32 -50.97 208.68
C GLU XF 77 -75.26 -52.05 208.73
N LEU XF 78 -74.07 -51.80 208.17
CA LEU XF 78 -73.01 -52.80 208.19
C LEU XF 78 -72.66 -53.50 209.49
N LEU XF 79 -72.46 -52.75 210.57
CA LEU XF 79 -72.21 -53.41 211.86
C LEU XF 79 -73.53 -53.89 212.53
N ARG XF 80 -74.64 -53.26 212.13
CA ARG XF 80 -75.95 -53.71 212.65
C ARG XF 80 -76.13 -55.18 212.27
N LEU XF 81 -75.48 -55.62 211.19
CA LEU XF 81 -75.56 -57.01 210.75
C LEU XF 81 -75.07 -58.10 211.70
N THR XF 82 -75.95 -59.06 212.00
CA THR XF 82 -75.64 -60.20 212.84
C THR XF 82 -75.81 -61.48 212.04
N GLN XF 83 -75.48 -62.60 212.68
CA GLN XF 83 -75.67 -63.89 212.04
C GLN XF 83 -77.15 -64.17 211.84
N GLY XF 84 -77.51 -64.68 210.67
CA GLY XF 84 -78.88 -64.93 210.33
C GLY XF 84 -79.64 -63.76 209.77
N SER XF 85 -79.03 -62.58 209.72
CA SER XF 85 -79.67 -61.42 209.12
C SER XF 85 -79.72 -61.59 207.60
N VAL XF 86 -80.62 -60.82 206.98
CA VAL XF 86 -80.83 -60.89 205.54
C VAL XF 86 -80.59 -59.51 204.95
N VAL XF 87 -79.75 -59.45 203.91
CA VAL XF 87 -79.42 -58.21 203.23
C VAL XF 87 -80.05 -58.24 201.84
N ALA XF 88 -80.95 -57.31 201.58
CA ALA XF 88 -81.58 -57.23 200.27
C ALA XF 88 -80.58 -56.66 199.26
N LEU XF 89 -80.60 -57.23 198.06
CA LEU XF 89 -79.72 -56.82 196.98
C LEU XF 89 -80.49 -55.98 195.97
N ASP XF 90 -79.80 -55.03 195.36
CA ASP XF 90 -80.44 -54.16 194.38
C ASP XF 90 -80.98 -54.94 193.18
N GLY XF 91 -80.29 -55.98 192.76
CA GLY XF 91 -80.74 -56.80 191.64
C GLY XF 91 -82.06 -57.48 191.89
N LEU XF 92 -83.00 -57.31 190.97
CA LEU XF 92 -84.29 -57.98 191.06
C LEU XF 92 -84.11 -59.48 190.86
N ALA XF 93 -84.91 -60.27 191.57
CA ALA XF 93 -84.80 -61.71 191.49
C ALA XF 93 -85.16 -62.20 190.09
N GLY XF 94 -84.37 -63.15 189.59
CA GLY XF 94 -84.59 -63.69 188.26
C GLY XF 94 -83.94 -62.92 187.14
N GLU XF 95 -83.33 -61.78 187.42
CA GLU XF 95 -82.65 -61.02 186.39
C GLU XF 95 -81.35 -61.73 186.00
N PRO XF 96 -80.85 -61.48 184.79
CA PRO XF 96 -79.57 -62.06 184.39
C PRO XF 96 -78.45 -61.62 185.32
N LEU XF 97 -77.58 -62.56 185.66
CA LEU XF 97 -76.45 -62.31 186.54
C LEU XF 97 -75.26 -61.81 185.73
N ASP XF 98 -74.30 -61.23 186.44
CA ASP XF 98 -73.14 -60.61 185.82
C ASP XF 98 -71.96 -61.56 185.84
N ILE XF 99 -71.18 -61.56 184.76
CA ILE XF 99 -70.00 -62.40 184.62
C ILE XF 99 -68.79 -61.49 184.45
N LEU XF 100 -67.76 -61.71 185.27
CA LEU XF 100 -66.56 -60.91 185.23
C LEU XF 100 -65.36 -61.83 185.03
N ILE XF 101 -64.35 -61.33 184.32
CA ILE XF 101 -63.06 -62.00 184.23
C ILE XF 101 -62.01 -61.07 184.80
N ASN XF 102 -61.32 -61.53 185.85
CA ASN XF 102 -60.37 -60.71 186.60
C ASN XF 102 -61.03 -59.43 187.11
N GLY XF 103 -62.31 -59.54 187.49
CA GLY XF 103 -63.03 -58.42 188.05
C GLY XF 103 -63.55 -57.41 187.06
N TYR XF 104 -63.51 -57.71 185.76
CA TYR XF 104 -63.99 -56.80 184.73
C TYR XF 104 -65.24 -57.40 184.11
N LEU XF 105 -66.32 -56.64 184.11
CA LEU XF 105 -67.60 -57.13 183.60
C LEU XF 105 -67.51 -57.28 182.08
N ILE XF 106 -67.87 -58.45 181.58
CA ILE XF 106 -67.84 -58.73 180.15
C ILE XF 106 -69.21 -59.12 179.62
N ALA XF 107 -69.95 -59.94 180.36
CA ALA XF 107 -71.18 -60.50 179.82
C ALA XF 107 -72.22 -60.66 180.91
N GLN XF 108 -73.46 -60.84 180.47
CA GLN XF 108 -74.59 -61.15 181.33
C GLN XF 108 -75.12 -62.52 180.97
N GLY XF 109 -75.30 -63.37 181.99
CA GLY XF 109 -75.74 -64.73 181.77
C GLY XF 109 -76.94 -65.02 182.66
N GLU XF 110 -77.33 -66.28 182.68
CA GLU XF 110 -78.46 -66.76 183.46
C GLU XF 110 -78.03 -68.02 184.20
N VAL XF 111 -78.42 -68.13 185.45
CA VAL XF 111 -77.99 -69.23 186.32
C VAL XF 111 -78.84 -70.46 186.07
N VAL XF 112 -78.18 -71.62 185.94
CA VAL XF 112 -78.85 -72.90 185.73
C VAL XF 112 -78.18 -73.94 186.62
N VAL XF 113 -78.91 -75.02 186.89
CA VAL XF 113 -78.43 -76.11 187.72
C VAL XF 113 -78.30 -77.34 186.83
N VAL XF 114 -77.07 -77.86 186.73
CA VAL XF 114 -76.82 -79.07 185.90
C VAL XF 114 -76.10 -80.14 186.75
N ALA XF 115 -76.77 -81.29 186.95
CA ALA XF 115 -76.18 -82.40 187.75
C ALA XF 115 -75.84 -81.96 189.17
N ASP XF 116 -76.64 -81.09 189.79
CA ASP XF 116 -76.44 -80.67 191.20
C ASP XF 116 -75.22 -79.73 191.30
N LYS XF 117 -74.77 -79.19 190.17
CA LYS XF 117 -73.62 -78.25 190.16
C LYS XF 117 -74.08 -76.91 189.59
N TYR XF 118 -73.67 -75.80 190.19
CA TYR XF 118 -74.14 -74.51 189.72
C TYR XF 118 -73.47 -74.14 188.41
N GLY XF 119 -74.24 -73.58 187.50
CA GLY XF 119 -73.72 -73.18 186.20
C GLY XF 119 -74.43 -71.97 185.67
N VAL XF 120 -73.68 -71.09 185.04
CA VAL XF 120 -74.24 -69.92 184.38
C VAL XF 120 -74.29 -70.18 182.89
N ARG XF 121 -75.32 -69.64 182.24
CA ARG XF 121 -75.49 -69.75 180.80
C ARG XF 121 -75.32 -68.37 180.20
N ILE XF 122 -74.24 -68.19 179.43
CA ILE XF 122 -73.96 -66.87 178.85
C ILE XF 122 -75.07 -66.49 177.90
N THR XF 123 -75.64 -65.31 178.09
CA THR XF 123 -76.72 -64.81 177.24
C THR XF 123 -76.28 -63.69 176.31
N ASP XF 124 -75.60 -62.65 176.81
CA ASP XF 124 -75.24 -61.56 175.93
C ASP XF 124 -74.06 -60.78 176.50
N ILE XF 125 -73.09 -60.47 175.64
CA ILE XF 125 -72.01 -59.58 176.03
C ILE XF 125 -72.57 -58.17 176.21
N ILE XF 126 -72.23 -57.55 177.34
CA ILE XF 126 -72.78 -56.23 177.64
C ILE XF 126 -72.29 -55.20 176.63
N THR XF 127 -73.06 -54.14 176.50
CA THR XF 127 -72.82 -53.01 175.63
C THR XF 127 -72.17 -51.87 176.40
N PRO XF 128 -71.43 -50.99 175.72
CA PRO XF 128 -70.85 -49.84 176.42
C PRO XF 128 -71.89 -48.98 177.11
N SER XF 129 -73.07 -48.82 176.51
CA SER XF 129 -74.14 -48.09 177.17
C SER XF 129 -74.63 -48.65 178.50
N GLU XF 130 -74.81 -49.97 178.58
CA GLU XF 130 -75.21 -50.59 179.84
C GLU XF 130 -74.03 -50.61 180.85
N ARG XF 131 -72.81 -50.65 180.31
CA ARG XF 131 -71.63 -50.55 181.16
C ARG XF 131 -71.68 -49.24 181.93
N MET XF 132 -71.87 -48.13 181.22
CA MET XF 132 -72.01 -46.85 181.90
C MET XF 132 -73.28 -46.66 182.75
N ARG XF 133 -74.34 -47.36 182.34
CA ARG XF 133 -75.56 -47.38 183.13
C ARG XF 133 -75.18 -48.05 184.45
N ARG XF 134 -74.42 -49.13 184.39
CA ARG XF 134 -73.94 -49.77 185.60
C ARG XF 134 -73.07 -48.82 186.43
N LEU XF 135 -72.23 -48.04 185.75
CA LEU XF 135 -71.31 -47.15 186.48
C LEU XF 135 -72.09 -46.10 187.27
N SER XF 136 -73.12 -45.51 186.68
CA SER XF 136 -73.91 -44.50 187.35
C SER XF 136 -74.94 -45.13 188.29
N LYS YF 514 -109.24 -90.26 86.05
CA LYS YF 514 -108.16 -90.58 86.97
C LYS YF 514 -108.65 -91.46 88.11
N ASP YF 515 -109.90 -91.23 88.53
CA ASP YF 515 -110.48 -92.03 89.61
C ASP YF 515 -110.63 -93.48 89.20
N GLU YF 516 -111.07 -93.74 87.96
CA GLU YF 516 -111.21 -95.12 87.50
C GLU YF 516 -109.88 -95.83 87.41
N GLN YF 517 -108.84 -95.14 86.93
CA GLN YF 517 -107.52 -95.74 86.87
C GLN YF 517 -106.98 -96.05 88.26
N LEU YF 518 -107.20 -95.13 89.21
CA LEU YF 518 -106.78 -95.37 90.59
C LEU YF 518 -107.52 -96.56 91.19
N GLN YF 519 -108.83 -96.67 90.91
CA GLN YF 519 -109.60 -97.81 91.41
C GLN YF 519 -109.10 -99.12 90.81
N GLN YF 520 -108.80 -99.13 89.52
CA GLN YF 520 -108.27 -100.34 88.89
C GLN YF 520 -106.92 -100.72 89.46
N ARG YF 521 -106.04 -99.73 89.68
CA ARG YF 521 -104.75 -100.01 90.30
C ARG YF 521 -104.92 -100.56 91.71
N ARG YF 522 -105.85 -99.99 92.47
CA ARG YF 522 -106.11 -100.49 93.81
C ARG YF 522 -106.65 -101.91 93.80
N ALA YF 523 -107.52 -102.22 92.83
CA ALA YF 523 -108.03 -103.59 92.72
C ALA YF 523 -106.93 -104.57 92.37
N ASN YF 524 -106.05 -104.20 91.44
CA ASN YF 524 -104.92 -105.07 91.11
C ASN YF 524 -104.01 -105.26 92.31
N GLN YF 525 -103.74 -104.18 93.05
CA GLN YF 525 -102.90 -104.27 94.24
C GLN YF 525 -103.55 -105.17 95.30
N ARG YF 526 -104.87 -105.06 95.46
CA ARG YF 526 -105.58 -105.85 96.46
C ARG YF 526 -105.82 -107.29 96.02
N LEU YF 527 -105.66 -107.57 94.73
CA LEU YF 527 -105.83 -108.95 94.18
C LEU YF 527 -104.48 -109.65 94.22
N GLY YF 528 -103.45 -109.02 93.68
CA GLY YF 528 -102.09 -109.60 93.67
C GLY YF 528 -101.50 -109.71 95.06
N ALA YF 529 -101.87 -108.82 95.98
CA ALA YF 529 -101.40 -108.88 97.39
C ALA YF 529 -102.13 -110.04 98.06
N GLU YF 530 -103.43 -110.19 97.75
CA GLU YF 530 -104.23 -111.31 98.33
C GLU YF 530 -103.63 -112.62 97.83
N VAL YF 531 -103.18 -112.61 96.54
CA VAL YF 531 -102.45 -113.77 95.94
C VAL YF 531 -101.07 -113.85 96.61
N MET YF 532 -100.43 -112.70 96.83
CA MET YF 532 -99.09 -112.64 97.45
C MET YF 532 -99.17 -113.18 98.88
N SER YF 533 -100.22 -112.84 99.62
CA SER YF 533 -100.41 -113.32 101.01
C SER YF 533 -100.56 -114.84 100.98
N GLN YF 534 -101.33 -115.37 100.01
CA GLN YF 534 -101.49 -116.83 99.84
C GLN YF 534 -100.13 -117.44 99.50
N ARG YF 535 -99.37 -116.77 98.63
CA ARG YF 535 -98.04 -117.25 98.18
C ARG YF 535 -97.07 -117.32 99.36
N ILE YF 536 -97.10 -116.34 100.26
CA ILE YF 536 -96.13 -116.27 101.41
C ILE YF 536 -96.49 -117.35 102.43
N ARG YF 537 -97.74 -117.82 102.47
CA ARG YF 537 -98.17 -118.85 103.39
C ARG YF 537 -97.69 -120.22 102.94
N GLU YF 538 -97.79 -120.51 101.65
CA GLU YF 538 -97.28 -121.77 101.13
C GLU YF 538 -95.77 -121.89 101.35
N MET YF 539 -95.04 -120.80 101.06
CA MET YF 539 -93.59 -120.82 101.24
C MET YF 539 -93.19 -121.00 102.70
N SER YF 540 -93.88 -120.33 103.62
CA SER YF 540 -93.56 -120.44 105.03
C SER YF 540 -93.92 -121.82 105.58
N ASP YF 541 -95.02 -122.40 105.10
CA ASP YF 541 -95.33 -123.78 105.46
C ASP YF 541 -94.29 -124.74 104.91
N ASN YF 542 -93.73 -124.46 103.73
CA ASN YF 542 -92.64 -125.29 103.21
C ASN YF 542 -91.39 -125.17 104.09
N ASP YF 543 -91.05 -123.96 104.50
CA ASP YF 543 -89.85 -123.70 105.30
C ASP YF 543 -90.15 -122.59 106.29
N PRO YF 544 -90.44 -122.92 107.55
CA PRO YF 544 -90.72 -121.86 108.54
C PRO YF 544 -89.48 -121.18 109.07
N ARG YF 545 -88.38 -121.92 109.25
CA ARG YF 545 -87.17 -121.33 109.81
C ARG YF 545 -86.45 -120.45 108.81
N VAL YF 546 -86.61 -120.71 107.51
CA VAL YF 546 -85.95 -119.91 106.49
C VAL YF 546 -86.46 -118.48 106.52
N VAL YF 547 -87.77 -118.31 106.71
CA VAL YF 547 -88.35 -116.98 106.78
C VAL YF 547 -87.81 -116.21 107.99
N ALA YF 548 -87.72 -116.87 109.14
CA ALA YF 548 -87.17 -116.21 110.33
C ALA YF 548 -85.71 -115.84 110.13
N LEU YF 549 -84.93 -116.73 109.51
CA LEU YF 549 -83.54 -116.44 109.22
C LEU YF 549 -83.39 -115.25 108.27
N VAL YF 550 -84.25 -115.18 107.26
CA VAL YF 550 -84.21 -114.06 106.32
C VAL YF 550 -84.58 -112.77 107.03
N ILE YF 551 -85.58 -112.83 107.92
CA ILE YF 551 -85.97 -111.64 108.67
C ILE YF 551 -84.83 -111.17 109.56
N ARG YF 552 -84.16 -112.10 110.23
CA ARG YF 552 -83.02 -111.74 111.08
C ARG YF 552 -81.88 -111.14 110.25
N GLN YF 553 -81.63 -111.71 109.07
CA GLN YF 553 -80.61 -111.16 108.18
C GLN YF 553 -80.98 -109.75 107.73
N TRP YF 554 -82.26 -109.51 107.47
CA TRP YF 554 -82.70 -108.17 107.09
C TRP YF 554 -82.45 -107.17 108.21
N MET YF 555 -82.76 -107.56 109.45
CA MET YF 555 -82.49 -106.70 110.59
C MET YF 555 -80.99 -106.45 110.77
N SER YF 556 -80.18 -107.49 110.59
CA SER YF 556 -78.73 -107.31 110.71
C SER YF 556 -78.20 -106.37 109.65
N ASN YF 557 -78.69 -106.49 108.41
CA ASN YF 557 -78.27 -105.58 107.35
C ASN YF 557 -78.80 -104.18 107.56
N ASP YF 558 -79.92 -104.04 108.28
CA ASP YF 558 -80.48 -102.71 108.53
C ASP YF 558 -79.55 -101.88 109.40
N HIS YF 559 -78.71 -102.52 110.20
CA HIS YF 559 -77.77 -101.80 111.06
C HIS YF 559 -76.67 -101.14 110.24
N GLY ZF 6 -85.95 -102.48 107.03
CA GLY ZF 6 -86.37 -103.83 106.72
C GLY ZF 6 -87.16 -104.49 107.83
N THR ZF 7 -86.85 -104.07 109.07
CA THR ZF 7 -87.56 -104.61 110.22
C THR ZF 7 -89.05 -104.24 110.20
N ASP ZF 8 -89.37 -103.01 109.82
CA ASP ZF 8 -90.76 -102.59 109.72
C ASP ZF 8 -91.49 -103.40 108.64
N LYS ZF 9 -90.82 -103.61 107.51
CA LYS ZF 9 -91.41 -104.44 106.45
C LYS ZF 9 -91.63 -105.87 106.92
N SER ZF 10 -90.67 -106.42 107.67
CA SER ZF 10 -90.82 -107.76 108.20
C SER ZF 10 -91.99 -107.84 109.19
N VAL ZF 11 -92.13 -106.81 110.03
CA VAL ZF 11 -93.25 -106.79 110.98
C VAL ZF 11 -94.57 -106.69 110.25
N ILE ZF 12 -94.64 -105.87 109.19
CA ILE ZF 12 -95.87 -105.76 108.42
C ILE ZF 12 -96.20 -107.08 107.74
N LEU ZF 13 -95.20 -107.75 107.18
CA LEU ZF 13 -95.43 -109.05 106.54
C LEU ZF 13 -95.91 -110.09 107.56
N LEU ZF 14 -95.31 -110.09 108.75
CA LEU ZF 14 -95.73 -111.02 109.79
C LEU ZF 14 -97.17 -110.75 110.23
N MET ZF 15 -97.52 -109.48 110.37
CA MET ZF 15 -98.89 -109.13 110.72
C MET ZF 15 -99.87 -109.55 109.64
N THR ZF 16 -99.50 -109.36 108.37
CA THR ZF 16 -100.38 -109.74 107.27
C THR ZF 16 -100.41 -111.24 107.02
N ILE ZF 17 -99.46 -111.99 107.59
CA ILE ZF 17 -99.40 -113.43 107.35
C ILE ZF 17 -100.49 -114.14 108.15
N GLY ZF 18 -100.52 -113.90 109.46
CA GLY ZF 18 -101.50 -114.56 110.32
C GLY ZF 18 -100.94 -114.89 111.69
N GLU ZF 19 -101.82 -115.22 112.63
CA GLU ZF 19 -101.38 -115.48 114.00
C GLU ZF 19 -100.55 -116.75 114.08
N ASP ZF 20 -100.98 -117.82 113.41
CA ASP ZF 20 -100.29 -119.10 113.52
C ASP ZF 20 -98.91 -119.05 112.87
N ARG ZF 21 -98.83 -118.49 111.65
CA ARG ZF 21 -97.56 -118.40 110.97
C ARG ZF 21 -96.58 -117.50 111.72
N ALA ZF 22 -97.07 -116.36 112.23
CA ALA ZF 22 -96.22 -115.48 113.01
C ALA ZF 22 -95.74 -116.15 114.29
N ALA ZF 23 -96.61 -116.90 114.95
CA ALA ZF 23 -96.23 -117.61 116.17
C ALA ZF 23 -95.15 -118.65 115.87
N GLU ZF 24 -95.32 -119.39 114.77
CA GLU ZF 24 -94.31 -120.37 114.39
C GLU ZF 24 -92.98 -119.70 114.06
N VAL ZF 25 -93.02 -118.57 113.35
CA VAL ZF 25 -91.80 -117.85 113.03
C VAL ZF 25 -91.11 -117.35 114.30
N PHE ZF 26 -91.88 -116.82 115.24
CA PHE ZF 26 -91.31 -116.36 116.51
C PHE ZF 26 -90.70 -117.52 117.28
N LYS ZF 27 -91.37 -118.67 117.30
CA LYS ZF 27 -90.80 -119.85 117.91
C LYS ZF 27 -89.52 -120.29 117.21
N HIS ZF 28 -89.38 -119.99 115.92
CA HIS ZF 28 -88.15 -120.25 115.18
C HIS ZF 28 -87.27 -119.01 115.09
N LEU ZF 29 -87.43 -118.07 116.01
CA LEU ZF 29 -86.68 -116.82 116.00
C LEU ZF 29 -86.02 -116.60 117.36
N SER ZF 30 -84.98 -115.77 117.36
CA SER ZF 30 -84.23 -115.46 118.57
C SER ZF 30 -85.05 -114.54 119.48
N THR ZF 31 -84.62 -114.46 120.74
CA THR ZF 31 -85.35 -113.69 121.74
C THR ZF 31 -85.39 -112.21 121.41
N ARG ZF 32 -84.25 -111.63 121.07
CA ARG ZF 32 -84.19 -110.21 120.73
C ARG ZF 32 -85.00 -109.92 119.47
N GLU ZF 33 -84.86 -110.78 118.46
CA GLU ZF 33 -85.62 -110.59 117.23
C GLU ZF 33 -87.11 -110.72 117.47
N VAL ZF 34 -87.51 -111.71 118.29
CA VAL ZF 34 -88.94 -111.91 118.59
C VAL ZF 34 -89.49 -110.70 119.32
N GLN ZF 35 -88.74 -110.20 120.31
CA GLN ZF 35 -89.19 -109.03 121.07
C GLN ZF 35 -89.32 -107.81 120.17
N ALA ZF 36 -88.33 -107.59 119.30
CA ALA ZF 36 -88.38 -106.44 118.39
C ALA ZF 36 -89.57 -106.55 117.44
N LEU ZF 37 -89.80 -107.74 116.90
CA LEU ZF 37 -90.93 -107.94 115.99
C LEU ZF 37 -92.26 -107.74 116.68
N SER ZF 38 -92.40 -108.24 117.91
CA SER ZF 38 -93.64 -108.06 118.65
C SER ZF 38 -93.88 -106.59 118.98
N THR ZF 39 -92.81 -105.86 119.36
CA THR ZF 39 -92.96 -104.46 119.71
C THR ZF 39 -93.30 -103.61 118.50
N ALA ZF 40 -92.54 -103.77 117.41
CA ALA ZF 40 -92.70 -102.91 116.24
C ALA ZF 40 -94.04 -103.09 115.56
N MET ZF 41 -94.51 -104.34 115.45
CA MET ZF 41 -95.75 -104.62 114.74
C MET ZF 41 -96.94 -103.92 115.41
N ALA ZF 42 -97.04 -104.04 116.74
CA ALA ZF 42 -98.14 -103.40 117.44
C ALA ZF 42 -97.88 -101.90 117.65
N ASN ZF 43 -96.61 -101.52 117.66
CA ASN ZF 43 -96.25 -100.09 117.90
C ASN ZF 43 -96.64 -99.11 116.80
N VAL ZF 44 -95.96 -99.19 115.65
CA VAL ZF 44 -96.33 -98.32 114.50
C VAL ZF 44 -96.23 -99.28 113.30
N ARG ZF 45 -97.30 -99.39 112.52
CA ARG ZF 45 -97.29 -100.27 111.33
C ARG ZF 45 -97.45 -99.40 110.08
N GLN ZF 46 -96.57 -99.58 109.09
CA GLN ZF 46 -96.63 -98.75 107.86
C GLN ZF 46 -96.90 -99.68 106.65
N ILE ZF 47 -97.87 -99.33 105.81
CA ILE ZF 47 -98.16 -100.14 104.59
C ILE ZF 47 -97.91 -99.25 103.36
N SER ZF 48 -97.12 -99.73 102.39
CA SER ZF 48 -96.80 -98.93 101.19
C SER ZF 48 -97.35 -99.63 99.93
N ASN ZF 49 -98.09 -98.90 99.10
CA ASN ZF 49 -98.69 -99.50 97.88
C ASN ZF 49 -97.58 -100.04 96.98
N LYS ZF 50 -96.44 -99.32 96.92
CA LYS ZF 50 -95.35 -99.73 95.99
C LYS ZF 50 -94.09 -100.13 96.77
N GLN ZF 51 -93.63 -99.30 97.71
CA GLN ZF 51 -92.37 -99.62 98.36
C GLN ZF 51 -92.40 -100.98 99.06
N LEU ZF 52 -93.49 -101.29 99.74
CA LEU ZF 52 -93.60 -102.57 100.42
C LEU ZF 52 -93.58 -103.72 99.41
N THR ZF 53 -94.30 -103.58 98.30
CA THR ZF 53 -94.30 -104.61 97.28
C THR ZF 53 -92.93 -104.79 96.65
N ASP ZF 54 -92.23 -103.68 96.37
CA ASP ZF 54 -90.89 -103.77 95.81
C ASP ZF 54 -89.93 -104.46 96.78
N VAL ZF 55 -90.02 -104.11 98.07
CA VAL ZF 55 -89.16 -104.74 99.06
C VAL ZF 55 -89.47 -106.23 99.19
N LEU ZF 56 -90.76 -106.59 99.17
CA LEU ZF 56 -91.13 -108.01 99.26
C LEU ZF 56 -90.61 -108.78 98.05
N SER ZF 57 -90.73 -108.20 96.85
CA SER ZF 57 -90.22 -108.87 95.66
C SER ZF 57 -88.71 -109.03 95.73
N GLU ZF 58 -87.99 -107.99 96.18
CA GLU ZF 58 -86.55 -108.09 96.31
C GLU ZF 58 -86.14 -109.15 97.31
N PHE ZF 59 -86.85 -109.23 98.45
CA PHE ZF 59 -86.55 -110.24 99.45
C PHE ZF 59 -86.82 -111.65 98.91
N GLU ZF 60 -87.92 -111.82 98.19
CA GLU ZF 60 -88.26 -113.14 97.65
C GLU ZF 60 -87.27 -113.57 96.57
N GLN ZF 61 -86.65 -112.59 95.91
CA GLN ZF 61 -85.73 -112.95 94.80
C GLN ZF 61 -84.26 -112.83 95.24
N GLU ZF 62 -84.00 -112.33 96.46
CA GLU ZF 62 -82.58 -112.08 96.83
C GLU ZF 62 -81.74 -113.37 96.87
N ALA ZF 63 -82.24 -114.48 97.44
CA ALA ZF 63 -81.47 -115.74 97.38
C ALA ZF 63 -82.36 -116.97 97.54
N GLU ZF 64 -81.94 -118.13 97.01
CA GLU ZF 64 -82.68 -119.39 97.28
C GLU ZF 64 -81.96 -120.16 98.41
N GLN ZF 65 -80.85 -119.62 98.92
CA GLN ZF 65 -80.02 -120.32 99.94
C GLN ZF 65 -80.80 -120.57 101.24
N PHE ZF 66 -81.61 -119.59 101.68
CA PHE ZF 66 -82.30 -119.70 102.99
C PHE ZF 66 -83.24 -120.90 102.98
N ALA ZF 67 -83.94 -121.14 101.88
CA ALA ZF 67 -84.98 -122.20 101.87
C ALA ZF 67 -84.40 -123.58 102.18
N ALA ZF 68 -83.22 -123.93 101.66
CA ALA ZF 68 -82.69 -125.30 101.84
C ALA ZF 68 -81.87 -125.48 103.12
N LEU ZF 69 -80.73 -124.80 103.25
CA LEU ZF 69 -79.84 -124.99 104.38
C LEU ZF 69 -80.58 -124.80 105.69
N ASN ZF 70 -81.41 -123.76 105.77
CA ASN ZF 70 -82.14 -123.49 107.01
C ASN ZF 70 -83.28 -124.47 107.23
N ILE ZF 71 -83.74 -125.17 106.19
CA ILE ZF 71 -84.81 -126.14 106.32
C ILE ZF 71 -84.39 -127.27 107.24
N ASN ZF 72 -83.18 -127.80 107.01
CA ASN ZF 72 -82.64 -128.87 107.82
C ASN ZF 72 -81.13 -128.66 107.99
N ALA ZF 73 -80.76 -128.09 109.15
CA ALA ZF 73 -79.36 -127.86 109.46
C ALA ZF 73 -78.93 -128.66 110.69
N ASN ZF 74 -79.65 -128.48 111.80
CA ASN ZF 74 -79.29 -129.16 113.04
C ASN ZF 74 -79.66 -130.64 112.99
N GLU ZF 75 -80.82 -130.97 112.42
CA GLU ZF 75 -81.25 -132.36 112.34
C GLU ZF 75 -80.29 -133.18 111.49
N TYR ZF 76 -79.85 -132.62 110.36
CA TYR ZF 76 -78.91 -133.33 109.49
C TYR ZF 76 -77.58 -133.55 110.21
N LEU ZF 77 -77.09 -132.53 110.93
CA LEU ZF 77 -75.84 -132.68 111.66
C LEU ZF 77 -75.96 -133.74 112.74
N ARG ZF 78 -77.08 -133.75 113.47
CA ARG ZF 78 -77.29 -134.75 114.50
C ARG ZF 78 -77.35 -136.16 113.91
N SER ZF 79 -78.06 -136.33 112.79
CA SER ZF 79 -78.13 -137.63 112.14
C SER ZF 79 -76.76 -138.10 111.67
N VAL ZF 80 -75.98 -137.17 111.09
CA VAL ZF 80 -74.63 -137.50 110.64
C VAL ZF 80 -73.75 -137.91 111.81
N LEU ZF 81 -73.85 -137.19 112.93
CA LEU ZF 81 -73.05 -137.53 114.10
C LEU ZF 81 -73.45 -138.90 114.65
N VAL ZF 82 -74.76 -139.19 114.67
CA VAL ZF 82 -75.23 -140.48 115.17
C VAL ZF 82 -74.74 -141.61 114.29
N LYS ZF 83 -74.83 -141.43 112.97
CA LYS ZF 83 -74.49 -142.51 112.05
C LYS ZF 83 -72.98 -142.66 111.89
N ALA ZF 84 -72.22 -141.62 112.21
CA ALA ZF 84 -70.80 -141.61 111.92
C ALA ZF 84 -70.03 -142.52 112.87
N LEU ZF 85 -70.07 -142.22 114.17
CA LEU ZF 85 -69.29 -142.96 115.15
C LEU ZF 85 -70.19 -143.79 116.06
N GLY ZF 86 -71.17 -143.17 116.70
CA GLY ZF 86 -72.06 -143.89 117.60
C GLY ZF 86 -72.86 -142.92 118.43
N GLU ZF 87 -73.81 -143.48 119.21
CA GLU ZF 87 -74.66 -142.64 120.05
C GLU ZF 87 -73.84 -141.91 121.11
N GLU ZF 88 -72.88 -142.60 121.72
CA GLU ZF 88 -72.05 -141.98 122.76
C GLU ZF 88 -71.21 -140.83 122.19
N ARG ZF 89 -70.60 -141.03 121.02
CA ARG ZF 89 -69.81 -139.97 120.42
C ARG ZF 89 -70.69 -138.86 119.84
N ALA ZF 90 -71.88 -139.22 119.36
CA ALA ZF 90 -72.80 -138.21 118.84
C ALA ZF 90 -73.24 -137.25 119.95
N SER ZF 91 -73.46 -137.77 121.15
CA SER ZF 91 -73.83 -136.90 122.27
C SER ZF 91 -72.71 -135.91 122.58
N SER ZF 92 -71.47 -136.38 122.59
CA SER ZF 92 -70.34 -135.47 122.85
C SER ZF 92 -70.19 -134.44 121.75
N LEU ZF 93 -70.36 -134.86 120.49
CA LEU ZF 93 -70.26 -133.91 119.38
C LEU ZF 93 -71.36 -132.85 119.46
N LEU ZF 94 -72.59 -133.27 119.76
CA LEU ZF 94 -73.68 -132.32 119.89
C LEU ZF 94 -73.47 -131.38 121.06
N GLU ZF 95 -72.95 -131.90 122.18
CA GLU ZF 95 -72.64 -131.04 123.32
C GLU ZF 95 -71.58 -130.01 122.96
N ASP ZF 96 -70.54 -130.42 122.24
CA ASP ZF 96 -69.51 -129.47 121.82
C ASP ZF 96 -70.08 -128.43 120.88
N ILE ZF 97 -70.94 -128.84 119.95
CA ILE ZF 97 -71.54 -127.90 119.01
C ILE ZF 97 -72.40 -126.89 119.75
N LEU ZF 98 -73.19 -127.35 120.72
CA LEU ZF 98 -74.01 -126.45 121.50
C LEU ZF 98 -73.16 -125.50 122.35
N GLU ZF 99 -72.07 -126.02 122.93
CA GLU ZF 99 -71.20 -125.18 123.75
C GLU ZF 99 -70.42 -124.19 122.90
N THR ZF 100 -70.32 -124.43 121.60
CA THR ZF 100 -69.68 -123.45 120.71
C THR ZF 100 -70.39 -122.12 120.77
N ARG ZF 101 -71.72 -122.12 120.96
CA ARG ZF 101 -72.50 -120.90 121.15
C ARG ZF 101 -72.68 -120.68 122.64
N ASP ZF 102 -71.95 -119.72 123.19
CA ASP ZF 102 -71.95 -119.43 124.61
C ASP ZF 102 -72.99 -118.35 124.91
N THR ZF 103 -73.07 -117.96 126.19
CA THR ZF 103 -74.01 -116.94 126.65
C THR ZF 103 -73.24 -115.77 127.24
N THR ZF 104 -73.75 -114.56 127.02
CA THR ZF 104 -73.06 -113.37 127.48
C THR ZF 104 -73.24 -113.17 128.99
N SER ZF 105 -74.49 -113.03 129.43
CA SER ZF 105 -74.76 -112.81 130.84
C SER ZF 105 -74.39 -114.05 131.64
N GLY ZF 106 -73.70 -113.83 132.76
CA GLY ZF 106 -73.18 -114.93 133.56
C GLY ZF 106 -74.25 -115.83 134.15
N ILE ZF 107 -75.47 -115.32 134.33
CA ILE ZF 107 -76.53 -116.13 134.92
C ILE ZF 107 -76.80 -117.35 134.04
N GLU ZF 108 -76.91 -117.14 132.73
CA GLU ZF 108 -77.10 -118.27 131.82
C GLU ZF 108 -75.84 -119.13 131.74
N THR ZF 109 -74.66 -118.52 131.88
CA THR ZF 109 -73.43 -119.32 131.90
C THR ZF 109 -73.40 -120.25 133.11
N LEU ZF 110 -74.10 -119.89 134.18
CA LEU ZF 110 -74.19 -120.79 135.33
C LEU ZF 110 -74.80 -122.18 135.11
N ASN ZF 111 -75.70 -122.32 134.12
CA ASN ZF 111 -76.29 -123.65 133.79
C ASN ZF 111 -75.40 -124.54 132.91
N PHE ZF 112 -74.23 -124.05 132.50
CA PHE ZF 112 -73.28 -124.90 131.72
C PHE ZF 112 -72.23 -125.43 132.69
N MET ZF 113 -72.29 -125.01 133.95
CA MET ZF 113 -71.36 -125.43 134.98
C MET ZF 113 -71.93 -126.73 135.53
N GLU ZF 114 -71.07 -127.50 136.19
CA GLU ZF 114 -71.50 -128.72 136.85
C GLU ZF 114 -72.43 -128.36 138.00
N PRO ZF 115 -73.46 -129.20 138.26
CA PRO ZF 115 -74.36 -128.90 139.38
C PRO ZF 115 -73.73 -128.65 140.73
N GLN ZF 116 -72.70 -129.43 141.10
CA GLN ZF 116 -72.08 -129.23 142.40
C GLN ZF 116 -71.26 -127.94 142.48
N SER ZF 117 -70.63 -127.57 141.37
CA SER ZF 117 -69.85 -126.33 141.35
C SER ZF 117 -70.82 -125.18 141.56
N ALA ZF 118 -71.95 -125.18 140.85
CA ALA ZF 118 -72.93 -124.12 141.02
C ALA ZF 118 -73.53 -124.15 142.43
N ALA ZF 119 -73.81 -125.34 142.95
CA ALA ZF 119 -74.36 -125.45 144.29
C ALA ZF 119 -73.40 -124.90 145.33
N ASP ZF 120 -72.11 -125.21 145.18
CA ASP ZF 120 -71.13 -124.63 146.09
C ASP ZF 120 -71.00 -123.12 145.91
N LEU ZF 121 -71.12 -122.63 144.67
CA LEU ZF 121 -70.95 -121.22 144.42
C LEU ZF 121 -72.08 -120.39 145.02
N ILE ZF 122 -73.32 -120.87 144.92
CA ILE ZF 122 -74.47 -120.07 145.33
C ILE ZF 122 -75.08 -120.54 146.64
N ARG ZF 123 -74.44 -121.46 147.36
CA ARG ZF 123 -75.00 -121.91 148.62
C ARG ZF 123 -75.01 -120.79 149.66
N ASP ZF 124 -73.94 -119.99 149.69
CA ASP ZF 124 -73.81 -118.98 150.74
C ASP ZF 124 -74.63 -117.72 150.42
N GLU ZF 125 -75.16 -117.60 149.22
CA GLU ZF 125 -75.89 -116.40 148.85
C GLU ZF 125 -77.22 -116.32 149.60
N HIS ZF 126 -77.80 -115.12 149.58
CA HIS ZF 126 -79.09 -114.90 150.21
C HIS ZF 126 -80.15 -115.77 149.52
N PRO ZF 127 -81.10 -116.33 150.28
CA PRO ZF 127 -82.08 -117.24 149.67
C PRO ZF 127 -82.85 -116.62 148.51
N GLN ZF 128 -83.20 -115.34 148.60
CA GLN ZF 128 -83.88 -114.69 147.49
C GLN ZF 128 -83.01 -114.60 146.25
N ILE ZF 129 -81.72 -114.34 146.43
CA ILE ZF 129 -80.81 -114.29 145.28
C ILE ZF 129 -80.67 -115.68 144.66
N ILE ZF 130 -80.64 -116.72 145.49
CA ILE ZF 130 -80.62 -118.09 144.98
C ILE ZF 130 -81.88 -118.31 144.15
N ALA ZF 131 -83.03 -117.91 144.68
CA ALA ZF 131 -84.28 -118.10 143.96
C ALA ZF 131 -84.28 -117.36 142.63
N THR ZF 132 -83.78 -116.12 142.63
CA THR ZF 132 -83.71 -115.35 141.39
C THR ZF 132 -82.82 -116.05 140.37
N ILE ZF 133 -81.68 -116.57 140.83
CA ILE ZF 133 -80.77 -117.32 139.90
C ILE ZF 133 -81.53 -118.52 139.33
N LEU ZF 134 -82.30 -119.24 140.17
CA LEU ZF 134 -82.96 -120.49 139.72
C LEU ZF 134 -83.98 -120.26 138.59
N VAL ZF 135 -84.79 -119.20 138.65
CA VAL ZF 135 -85.87 -119.02 137.64
C VAL ZF 135 -85.16 -118.55 136.36
N HIS ZF 136 -84.01 -117.91 136.48
CA HIS ZF 136 -83.23 -117.52 135.27
C HIS ZF 136 -82.42 -118.73 134.77
N LEU ZF 137 -82.10 -119.66 135.68
CA LEU ZF 137 -81.32 -120.87 135.29
C LEU ZF 137 -82.26 -121.87 134.61
N LYS ZF 138 -81.68 -122.79 133.83
CA LYS ZF 138 -82.48 -123.86 133.17
C LYS ZF 138 -83.14 -124.71 134.27
N ARG ZF 139 -84.38 -125.15 134.05
CA ARG ZF 139 -85.12 -125.90 135.09
C ARG ZF 139 -84.37 -127.17 135.50
N SER ZF 140 -83.88 -127.95 134.52
CA SER ZF 140 -83.21 -129.23 134.85
C SER ZF 140 -82.06 -128.96 135.82
N GLN ZF 141 -81.23 -127.95 135.52
CA GLN ZF 141 -80.04 -127.65 136.35
C GLN ZF 141 -80.51 -127.25 137.75
N ALA ZF 142 -81.50 -126.35 137.82
CA ALA ZF 142 -81.99 -125.87 139.09
C ALA ZF 142 -82.46 -127.01 139.97
N ALA ZF 143 -83.13 -128.01 139.37
CA ALA ZF 143 -83.58 -129.17 140.14
C ALA ZF 143 -82.39 -129.92 140.74
N ASP ZF 144 -81.34 -130.12 139.94
CA ASP ZF 144 -80.15 -130.79 140.45
C ASP ZF 144 -79.51 -129.99 141.57
N ILE ZF 145 -79.42 -128.66 141.40
CA ILE ZF 145 -78.84 -127.81 142.43
C ILE ZF 145 -79.58 -127.91 143.76
N LEU ZF 146 -80.92 -127.86 143.71
CA LEU ZF 146 -81.71 -128.00 144.94
C LEU ZF 146 -81.58 -129.39 145.54
N ALA ZF 147 -81.39 -130.40 144.70
CA ALA ZF 147 -81.16 -131.75 145.20
C ALA ZF 147 -79.89 -131.78 146.04
N LEU ZF 148 -78.85 -131.06 145.57
CA LEU ZF 148 -77.56 -131.02 146.31
C LEU ZF 148 -77.68 -130.09 147.52
N PHE ZF 149 -78.73 -129.26 147.58
CA PHE ZF 149 -78.84 -128.26 148.67
C PHE ZF 149 -79.39 -128.92 149.94
N ASP ZF 150 -78.97 -128.43 151.11
CA ASP ZF 150 -79.51 -128.93 152.36
C ASP ZF 150 -81.04 -128.81 152.35
N GLU ZF 151 -81.70 -129.68 153.12
CA GLU ZF 151 -83.15 -129.75 153.07
C GLU ZF 151 -83.80 -128.45 153.57
N ARG ZF 152 -83.21 -127.82 154.58
CA ARG ZF 152 -83.74 -126.55 155.05
C ARG ZF 152 -83.64 -125.47 153.97
N LEU ZF 153 -82.44 -125.33 153.39
CA LEU ZF 153 -82.27 -124.37 152.31
C LEU ZF 153 -83.11 -124.75 151.11
N ARG ZF 154 -83.25 -126.05 150.84
CA ARG ZF 154 -84.08 -126.49 149.72
C ARG ZF 154 -85.52 -126.05 149.90
N HIS ZF 155 -86.10 -126.30 151.08
CA HIS ZF 155 -87.48 -125.90 151.33
C HIS ZF 155 -87.63 -124.39 151.28
N ASP ZF 156 -86.68 -123.66 151.88
CA ASP ZF 156 -86.77 -122.20 151.89
C ASP ZF 156 -86.74 -121.65 150.46
N VAL ZF 157 -85.80 -122.13 149.65
CA VAL ZF 157 -85.67 -121.63 148.29
C VAL ZF 157 -86.89 -122.02 147.46
N MET ZF 158 -87.42 -123.22 147.65
CA MET ZF 158 -88.62 -123.62 146.92
C MET ZF 158 -89.80 -122.73 147.29
N LEU ZF 159 -89.94 -122.41 148.58
CA LEU ZF 159 -91.00 -121.50 149.00
C LEU ZF 159 -90.84 -120.13 148.36
N ARG ZF 160 -89.60 -119.62 148.32
CA ARG ZF 160 -89.36 -118.34 147.67
C ARG ZF 160 -89.69 -118.42 146.18
N ILE ZF 161 -89.41 -119.55 145.54
CA ILE ZF 161 -89.74 -119.74 144.13
C ILE ZF 161 -91.24 -119.67 143.94
N ALA ZF 162 -92.00 -120.29 144.84
CA ALA ZF 162 -93.46 -120.32 144.69
C ALA ZF 162 -94.05 -118.93 144.72
N THR ZF 163 -93.57 -118.07 145.63
CA THR ZF 163 -94.14 -116.75 145.84
C THR ZF 163 -93.22 -115.63 145.34
N PHE ZF 164 -92.54 -115.84 144.22
CA PHE ZF 164 -91.66 -114.82 143.68
C PHE ZF 164 -92.46 -113.59 143.27
N GLY ZF 165 -91.85 -112.42 143.42
CA GLY ZF 165 -92.54 -111.17 143.18
C GLY ZF 165 -91.84 -110.20 142.27
N GLY ZF 166 -90.84 -110.66 141.53
CA GLY ZF 166 -90.16 -109.80 140.58
C GLY ZF 166 -89.03 -108.93 141.11
N VAL ZF 167 -87.93 -108.88 140.37
CA VAL ZF 167 -86.76 -108.10 140.78
C VAL ZF 167 -86.67 -106.70 140.24
N GLN ZF 168 -86.00 -105.81 140.98
CA GLN ZF 168 -85.78 -104.46 140.50
C GLN ZF 168 -84.74 -104.63 139.40
N PRO ZF 169 -84.85 -103.85 138.32
CA PRO ZF 169 -83.85 -103.96 137.24
C PRO ZF 169 -82.44 -103.66 137.70
N ALA ZF 170 -82.27 -102.71 138.63
CA ALA ZF 170 -80.93 -102.39 139.12
C ALA ZF 170 -80.32 -103.57 139.86
N ALA ZF 171 -81.10 -104.23 140.71
CA ALA ZF 171 -80.59 -105.39 141.45
C ALA ZF 171 -80.26 -106.53 140.50
N LEU ZF 172 -81.11 -106.76 139.50
CA LEU ZF 172 -80.82 -107.81 138.53
C LEU ZF 172 -79.55 -107.52 137.76
N ALA ZF 173 -79.37 -106.27 137.34
CA ALA ZF 173 -78.14 -105.89 136.64
C ALA ZF 173 -76.93 -106.06 137.55
N GLU ZF 174 -77.07 -105.73 138.83
CA GLU ZF 174 -75.96 -105.88 139.76
C GLU ZF 174 -75.58 -107.35 139.93
N LEU ZF 175 -76.57 -108.22 140.07
CA LEU ZF 175 -76.29 -109.65 140.15
C LEU ZF 175 -75.65 -110.14 138.87
N THR ZF 176 -76.16 -109.67 137.73
CA THR ZF 176 -75.62 -110.10 136.43
C THR ZF 176 -74.15 -109.76 136.38
N GLU ZF 177 -73.81 -108.49 136.63
CA GLU ZF 177 -72.39 -108.06 136.51
C GLU ZF 177 -71.53 -108.81 137.54
N VAL ZF 178 -72.04 -108.99 138.75
CA VAL ZF 178 -71.29 -109.75 139.80
C VAL ZF 178 -71.04 -111.17 139.26
N LEU ZF 179 -72.10 -111.86 138.86
CA LEU ZF 179 -71.95 -113.24 138.41
C LEU ZF 179 -71.05 -113.33 137.19
N ASN ZF 180 -71.07 -112.33 136.32
CA ASN ZF 180 -70.18 -112.32 135.17
C ASN ZF 180 -68.73 -112.26 135.59
N GLY ZF 181 -68.40 -111.38 136.54
CA GLY ZF 181 -67.04 -111.26 137.01
C GLY ZF 181 -66.49 -112.52 137.65
N LEU ZF 182 -67.38 -113.44 138.04
CA LEU ZF 182 -66.94 -114.68 138.68
C LEU ZF 182 -66.77 -115.79 137.65
N LEU ZF 183 -67.70 -115.88 136.70
CA LEU ZF 183 -67.67 -117.03 135.76
C LEU ZF 183 -66.89 -116.71 134.48
N ASP ZF 184 -66.90 -115.46 134.02
CA ASP ZF 184 -66.23 -115.18 132.72
C ASP ZF 184 -64.73 -115.50 132.86
N GLY ZF 185 -64.12 -115.12 133.97
CA GLY ZF 185 -62.71 -115.47 134.21
C GLY ZF 185 -62.51 -116.97 134.34
N GLN ZF 186 -63.43 -117.65 135.03
CA GLN ZF 186 -63.29 -119.12 135.29
C GLN ZF 186 -63.42 -119.92 133.99
N ASN ZF 187 -62.64 -120.98 133.83
CA ASN ZF 187 -62.84 -121.88 132.66
C ASN ZF 187 -64.21 -122.52 132.83
N LEU ZF 188 -64.97 -122.68 131.73
CA LEU ZF 188 -66.36 -123.21 131.89
C LEU ZF 188 -66.59 -124.42 130.97
N LYS ZF 189 -65.56 -125.23 130.68
CA LYS ZF 189 -65.85 -126.41 129.87
C LYS ZF 189 -64.98 -127.58 130.34
N ARG ZF 190 -65.39 -128.16 131.47
CA ARG ZF 190 -64.73 -129.35 131.99
C ARG ZF 190 -64.94 -130.52 131.04
N SER ZF 191 -63.88 -130.94 130.37
CA SER ZF 191 -63.98 -132.03 129.39
C SER ZF 191 -64.03 -133.36 130.14
N LYS ZF 192 -65.08 -134.14 129.90
CA LYS ZF 192 -65.27 -135.43 130.55
C LYS ZF 192 -64.95 -136.51 129.52
N MET ZF 193 -63.82 -137.18 129.71
CA MET ZF 193 -63.37 -138.25 128.82
C MET ZF 193 -63.20 -139.51 129.66
N GLY ZF 194 -64.00 -140.54 129.38
CA GLY ZF 194 -63.88 -141.82 130.10
C GLY ZF 194 -64.87 -141.93 131.24
N GLY ZF 195 -65.98 -142.65 131.02
CA GLY ZF 195 -66.96 -142.87 132.06
C GLY ZF 195 -66.99 -144.33 132.47
N VAL ZF 196 -68.07 -145.02 132.11
CA VAL ZF 196 -68.21 -146.44 132.34
C VAL ZF 196 -68.10 -147.31 131.07
N ARG ZF 197 -68.45 -146.69 129.93
CA ARG ZF 197 -68.29 -147.37 128.65
C ARG ZF 197 -66.79 -147.60 128.49
N THR ZF 198 -65.99 -146.57 128.75
CA THR ZF 198 -64.55 -146.70 128.63
C THR ZF 198 -64.00 -147.70 129.64
N ALA ZF 199 -64.53 -147.68 130.87
CA ALA ZF 199 -64.09 -148.63 131.87
C ALA ZF 199 -64.43 -150.06 131.46
N ALA ZF 200 -65.63 -150.27 130.92
CA ALA ZF 200 -66.01 -151.61 130.46
C ALA ZF 200 -65.11 -152.06 129.31
N GLU ZF 201 -64.82 -151.16 128.37
CA GLU ZF 201 -63.95 -151.50 127.25
C GLU ZF 201 -62.56 -151.86 127.75
N ILE ZF 202 -62.03 -151.11 128.73
CA ILE ZF 202 -60.72 -151.42 129.30
C ILE ZF 202 -60.75 -152.78 129.97
N ILE ZF 203 -61.80 -153.07 130.74
CA ILE ZF 203 -61.90 -154.33 131.46
C ILE ZF 203 -61.95 -155.50 130.49
N ASN ZF 204 -62.73 -155.35 129.40
CA ASN ZF 204 -62.97 -156.45 128.48
C ASN ZF 204 -61.70 -156.96 127.80
N LEU ZF 205 -60.62 -156.17 127.79
CA LEU ZF 205 -59.41 -156.54 127.06
C LEU ZF 205 -58.28 -157.08 127.94
N MET ZF 206 -58.52 -157.29 129.22
CA MET ZF 206 -57.48 -157.80 130.10
C MET ZF 206 -57.78 -159.24 130.51
N LYS ZF 207 -56.88 -159.81 131.32
CA LYS ZF 207 -56.99 -161.20 131.71
C LYS ZF 207 -58.23 -161.48 132.55
N THR ZF 208 -58.72 -162.72 132.48
CA THR ZF 208 -59.95 -163.08 133.18
C THR ZF 208 -59.81 -162.95 134.68
N GLN ZF 209 -58.68 -163.35 135.24
CA GLN ZF 209 -58.49 -163.24 136.69
C GLN ZF 209 -58.51 -161.79 137.14
N GLN ZF 210 -57.79 -160.93 136.42
CA GLN ZF 210 -57.86 -159.50 136.74
C GLN ZF 210 -59.25 -158.94 136.48
N GLU ZF 211 -59.95 -159.46 135.48
CA GLU ZF 211 -61.32 -159.01 135.21
C GLU ZF 211 -62.21 -159.29 136.41
N GLU ZF 212 -62.20 -160.53 136.91
CA GLU ZF 212 -63.04 -160.85 138.06
C GLU ZF 212 -62.60 -160.10 139.30
N ALA ZF 213 -61.28 -159.91 139.49
CA ALA ZF 213 -60.82 -159.15 140.63
C ALA ZF 213 -61.34 -157.71 140.60
N VAL ZF 214 -61.25 -157.05 139.45
CA VAL ZF 214 -61.68 -155.66 139.39
C VAL ZF 214 -63.20 -155.56 139.51
N ILE ZF 215 -63.96 -156.49 138.92
CA ILE ZF 215 -65.41 -156.36 139.01
C ILE ZF 215 -65.88 -156.63 140.43
N THR ZF 216 -65.25 -157.57 141.12
CA THR ZF 216 -65.64 -157.80 142.51
C THR ZF 216 -65.21 -156.64 143.40
N ALA ZF 217 -64.08 -156.01 143.10
CA ALA ZF 217 -63.69 -154.81 143.85
C ALA ZF 217 -64.71 -153.69 143.66
N VAL ZF 218 -65.15 -153.48 142.41
CA VAL ZF 218 -66.15 -152.45 142.16
C VAL ZF 218 -67.44 -152.79 142.87
N ARG ZF 219 -67.86 -154.06 142.82
CA ARG ZF 219 -69.07 -154.48 143.50
C ARG ZF 219 -68.97 -154.23 145.00
N GLU ZF 220 -67.80 -154.50 145.59
CA GLU ZF 220 -67.58 -154.17 146.99
C GLU ZF 220 -67.73 -152.67 147.22
N PHE ZF 221 -67.18 -151.85 146.33
CA PHE ZF 221 -67.34 -150.41 146.46
C PHE ZF 221 -68.78 -149.94 146.28
N ASP ZF 222 -69.46 -150.46 145.25
CA ASP ZF 222 -70.84 -150.10 144.95
C ASP ZF 222 -71.37 -151.14 143.97
N GLY ZF 223 -72.45 -151.83 144.35
CA GLY ZF 223 -73.01 -152.85 143.49
C GLY ZF 223 -73.64 -152.32 142.21
N GLU ZF 224 -74.27 -151.15 142.30
CA GLU ZF 224 -74.92 -150.57 141.12
C GLU ZF 224 -73.91 -150.26 140.02
N LEU ZF 225 -72.76 -149.69 140.41
CA LEU ZF 225 -71.72 -149.41 139.42
C LEU ZF 225 -71.21 -150.70 138.78
N ALA ZF 226 -71.02 -151.75 139.58
CA ALA ZF 226 -70.59 -153.02 139.03
C ALA ZF 226 -71.58 -153.60 138.03
N GLN ZF 227 -72.87 -153.53 138.35
CA GLN ZF 227 -73.89 -154.03 137.44
C GLN ZF 227 -73.93 -153.21 136.15
N LYS ZF 228 -73.79 -151.89 136.27
CA LYS ZF 228 -73.79 -151.05 135.08
C LYS ZF 228 -72.57 -151.37 134.23
N ILE ZF 229 -71.42 -151.61 134.86
CA ILE ZF 229 -70.22 -151.99 134.13
C ILE ZF 229 -70.43 -153.32 133.42
N ILE ZF 230 -71.05 -154.28 134.10
CA ILE ZF 230 -71.32 -155.57 133.50
C ILE ZF 230 -72.26 -155.48 132.30
N ASP ZF 231 -73.28 -154.62 132.41
CA ASP ZF 231 -74.22 -154.46 131.31
C ASP ZF 231 -73.54 -153.78 130.12
N GLU ZF 232 -72.70 -152.79 130.39
CA GLU ZF 232 -72.00 -152.11 129.31
C GLU ZF 232 -70.94 -153.06 128.79
N MET ZF 233 -70.54 -154.07 129.57
CA MET ZF 233 -69.52 -155.01 129.12
C MET ZF 233 -69.95 -155.75 127.84
N PHE ZF 234 -71.16 -156.29 127.85
CA PHE ZF 234 -71.70 -157.02 126.71
C PHE ZF 234 -73.04 -156.39 126.30
N LEU ZF 235 -73.01 -155.58 125.25
CA LEU ZF 235 -74.21 -154.95 124.74
C LEU ZF 235 -75.02 -155.93 123.89
N PHE ZF 236 -76.23 -155.51 123.52
CA PHE ZF 236 -77.09 -156.35 122.70
C PHE ZF 236 -76.72 -156.19 121.22
N GLU ZF 237 -75.43 -156.33 120.91
CA GLU ZF 237 -74.95 -156.32 119.53
C GLU ZF 237 -73.89 -157.38 119.24
N ASN ZF 238 -73.30 -158.00 120.26
CA ASN ZF 238 -72.30 -159.05 120.06
C ASN ZF 238 -72.92 -160.44 120.04
N LEU ZF 239 -74.25 -160.54 120.13
CA LEU ZF 239 -74.90 -161.83 120.08
C LEU ZF 239 -74.67 -162.54 118.75
N VAL ZF 240 -74.37 -161.79 117.69
CA VAL ZF 240 -74.02 -162.41 116.41
C VAL ZF 240 -72.74 -163.23 116.50
N ASP ZF 241 -71.86 -162.89 117.43
CA ASP ZF 241 -70.60 -163.61 117.61
C ASP ZF 241 -70.72 -164.80 118.54
N VAL ZF 242 -71.91 -165.05 119.09
CA VAL ZF 242 -72.11 -166.18 119.98
C VAL ZF 242 -72.20 -167.45 119.16
N ASP ZF 243 -71.69 -168.55 119.73
CA ASP ZF 243 -71.69 -169.83 119.02
C ASP ZF 243 -73.12 -170.36 118.89
N ASP ZF 244 -73.32 -171.19 117.85
CA ASP ZF 244 -74.63 -171.78 117.61
C ASP ZF 244 -75.04 -172.69 118.77
N ARG ZF 245 -74.10 -173.46 119.30
CA ARG ZF 245 -74.41 -174.32 120.44
C ARG ZF 245 -74.82 -173.51 121.66
N SER ZF 246 -74.12 -172.39 121.91
CA SER ZF 246 -74.49 -171.53 123.02
C SER ZF 246 -75.87 -170.93 122.81
N ILE ZF 247 -76.19 -170.53 121.58
CA ILE ZF 247 -77.51 -170.00 121.29
C ILE ZF 247 -78.59 -171.05 121.52
N GLN ZF 248 -78.35 -172.28 121.08
CA GLN ZF 248 -79.33 -173.35 121.30
C GLN ZF 248 -79.50 -173.63 122.78
N ARG ZF 249 -78.40 -173.64 123.55
CA ARG ZF 249 -78.49 -173.87 124.98
C ARG ZF 249 -79.27 -172.76 125.68
N LEU ZF 250 -79.04 -171.51 125.28
CA LEU ZF 250 -79.74 -170.39 125.89
C LEU ZF 250 -81.21 -170.33 125.46
N LEU ZF 251 -81.53 -170.90 124.29
CA LEU ZF 251 -82.91 -170.88 123.84
C LEU ZF 251 -83.83 -171.66 124.77
N GLN ZF 252 -83.29 -172.64 125.50
CA GLN ZF 252 -84.08 -173.44 126.42
C GLN ZF 252 -84.57 -172.64 127.63
N GLU ZF 253 -83.96 -171.49 127.92
CA GLU ZF 253 -84.35 -170.68 129.06
C GLU ZF 253 -84.91 -169.32 128.67
N VAL ZF 254 -85.15 -169.07 127.39
CA VAL ZF 254 -85.65 -167.79 126.90
C VAL ZF 254 -87.12 -167.93 126.57
N ASP ZF 255 -87.94 -167.06 127.15
CA ASP ZF 255 -89.37 -167.07 126.86
C ASP ZF 255 -89.62 -166.64 125.41
N SER ZF 256 -90.58 -167.28 124.76
CA SER ZF 256 -90.86 -166.98 123.36
C SER ZF 256 -91.33 -165.54 123.20
N GLU ZF 257 -92.23 -165.09 124.07
CA GLU ZF 257 -92.73 -163.72 123.97
C GLU ZF 257 -91.63 -162.70 124.22
N SER ZF 258 -90.82 -162.91 125.25
CA SER ZF 258 -89.72 -162.00 125.54
C SER ZF 258 -88.69 -162.00 124.42
N LEU ZF 259 -88.36 -163.17 123.89
CA LEU ZF 259 -87.41 -163.26 122.79
C LEU ZF 259 -87.94 -162.53 121.56
N LEU ZF 260 -89.23 -162.71 121.25
CA LEU ZF 260 -89.82 -162.03 120.10
C LEU ZF 260 -89.82 -160.52 120.30
N ILE ZF 261 -90.13 -160.07 121.51
CA ILE ZF 261 -90.13 -158.64 121.79
C ILE ZF 261 -88.73 -158.07 121.64
N ALA ZF 262 -87.73 -158.79 122.14
CA ALA ZF 262 -86.34 -158.31 122.01
C ALA ZF 262 -85.89 -158.29 120.56
N LEU ZF 263 -86.26 -159.31 119.78
CA LEU ZF 263 -85.82 -159.42 118.40
C LEU ZF 263 -86.69 -158.63 117.43
N LYS ZF 264 -87.75 -157.99 117.91
CA LYS ZF 264 -88.58 -157.17 117.03
C LYS ZF 264 -87.78 -156.01 116.46
N GLY ZF 265 -86.98 -155.36 117.29
CA GLY ZF 265 -86.12 -154.27 116.85
C GLY ZF 265 -84.69 -154.66 116.58
N ALA ZF 266 -84.36 -155.94 116.64
CA ALA ZF 266 -82.99 -156.39 116.42
C ALA ZF 266 -82.66 -156.38 114.93
N GLU ZF 267 -81.37 -156.52 114.62
CA GLU ZF 267 -80.93 -156.57 113.24
C GLU ZF 267 -81.41 -157.86 112.57
N PRO ZF 268 -81.72 -157.82 111.28
CA PRO ZF 268 -82.18 -159.03 110.58
C PRO ZF 268 -81.12 -160.13 110.66
N PRO ZF 269 -79.84 -159.78 110.58
CA PRO ZF 269 -78.80 -160.82 110.74
C PRO ZF 269 -78.85 -161.51 112.09
N LEU ZF 270 -79.10 -160.75 113.16
CA LEU ZF 270 -79.21 -161.36 114.48
C LEU ZF 270 -80.40 -162.30 114.57
N ARG ZF 271 -81.54 -161.89 114.00
CA ARG ZF 271 -82.72 -162.76 114.00
C ARG ZF 271 -82.46 -164.03 113.20
N GLU ZF 272 -81.79 -163.90 112.05
CA GLU ZF 272 -81.48 -165.09 111.25
C GLU ZF 272 -80.52 -166.02 111.99
N LYS ZF 273 -79.52 -165.46 112.66
CA LYS ZF 273 -78.58 -166.29 113.41
C LYS ZF 273 -79.27 -166.99 114.57
N PHE ZF 274 -80.17 -166.29 115.26
CA PHE ZF 274 -80.88 -166.84 116.40
C PHE ZF 274 -82.02 -167.77 116.00
N LEU ZF 275 -82.44 -167.76 114.74
CA LEU ZF 275 -83.49 -168.64 114.26
C LEU ZF 275 -82.97 -169.97 113.73
N ARG ZF 276 -81.65 -170.16 113.71
CA ARG ZF 276 -81.05 -171.41 113.25
C ARG ZF 276 -80.82 -172.41 114.36
N ASN ZF 277 -81.16 -172.07 115.60
CA ASN ZF 277 -80.96 -172.95 116.74
C ASN ZF 277 -82.22 -173.72 117.13
N MET ZF 278 -83.40 -173.24 116.75
CA MET ZF 278 -84.64 -173.91 117.09
C MET ZF 278 -85.12 -174.77 115.92
N SER ZF 279 -86.30 -175.36 116.05
CA SER ZF 279 -86.84 -176.20 114.99
C SER ZF 279 -87.35 -175.33 113.84
N GLN ZF 280 -87.58 -175.98 112.69
CA GLN ZF 280 -88.11 -175.26 111.53
C GLN ZF 280 -89.50 -174.72 111.81
N ARG ZF 281 -90.36 -175.52 112.46
CA ARG ZF 281 -91.68 -175.04 112.84
C ARG ZF 281 -91.58 -173.90 113.84
N ALA ZF 282 -90.68 -174.02 114.81
CA ALA ZF 282 -90.49 -172.94 115.78
C ALA ZF 282 -89.97 -171.67 115.10
N ALA ZF 283 -89.04 -171.82 114.15
CA ALA ZF 283 -88.55 -170.65 113.43
C ALA ZF 283 -89.65 -170.00 112.62
N ASP ZF 284 -90.47 -170.80 111.95
CA ASP ZF 284 -91.59 -170.25 111.18
C ASP ZF 284 -92.58 -169.53 112.09
N ILE ZF 285 -92.87 -170.12 113.25
CA ILE ZF 285 -93.79 -169.48 114.21
C ILE ZF 285 -93.22 -168.16 114.71
N LEU ZF 286 -91.92 -168.13 115.02
CA LEU ZF 286 -91.29 -166.89 115.47
C LEU ZF 286 -91.32 -165.83 114.38
N ARG ZF 287 -91.05 -166.23 113.13
CA ARG ZF 287 -91.10 -165.27 112.03
C ARG ZF 287 -92.51 -164.73 111.83
N ASP ZF 288 -93.53 -165.60 111.92
CA ASP ZF 288 -94.90 -165.15 111.78
C ASP ZF 288 -95.29 -164.20 112.91
N ASP ZF 289 -94.87 -164.51 114.14
CA ASP ZF 289 -95.17 -163.65 115.28
C ASP ZF 289 -94.49 -162.29 115.12
N LEU ZF 290 -93.23 -162.28 114.65
CA LEU ZF 290 -92.53 -161.02 114.44
C LEU ZF 290 -93.20 -160.19 113.35
N ALA ZF 291 -93.63 -160.85 112.26
CA ALA ZF 291 -94.31 -160.13 111.19
C ALA ZF 291 -95.64 -159.56 111.67
N ASN ZF 292 -96.38 -160.33 112.47
CA ASN ZF 292 -97.68 -159.90 112.96
C ASN ZF 292 -97.59 -158.92 114.11
N ARG ZF 293 -96.44 -158.86 114.79
CA ARG ZF 293 -96.30 -157.95 115.92
C ARG ZF 293 -96.20 -156.51 115.44
N GLY ZF 294 -97.00 -155.64 116.03
CA GLY ZF 294 -96.98 -154.24 115.70
C GLY ZF 294 -95.88 -153.51 116.43
N PRO ZF 295 -95.70 -152.23 116.08
CA PRO ZF 295 -94.69 -151.42 116.76
C PRO ZF 295 -95.00 -151.28 118.24
N VAL ZF 296 -93.94 -151.28 119.05
CA VAL ZF 296 -94.06 -151.17 120.50
C VAL ZF 296 -93.02 -150.19 121.01
N ARG ZF 297 -93.28 -149.65 122.20
CA ARG ZF 297 -92.32 -148.74 122.81
C ARG ZF 297 -91.03 -149.47 123.17
N LEU ZF 298 -89.90 -148.77 123.01
CA LEU ZF 298 -88.60 -149.38 123.25
C LEU ZF 298 -88.35 -149.68 124.72
N SER ZF 299 -89.17 -149.14 125.63
CA SER ZF 299 -88.95 -149.38 127.05
C SER ZF 299 -89.09 -150.86 127.42
N GLN ZF 300 -90.11 -151.54 126.88
CA GLN ZF 300 -90.31 -152.95 127.17
C GLN ZF 300 -89.37 -153.84 126.37
N VAL ZF 301 -89.06 -153.46 125.13
CA VAL ZF 301 -88.11 -154.24 124.33
C VAL ZF 301 -86.73 -154.20 124.97
N GLU ZF 302 -86.34 -153.04 125.51
CA GLU ZF 302 -85.06 -152.93 126.18
C GLU ZF 302 -85.02 -153.82 127.43
N ASN ZF 303 -86.11 -153.86 128.19
CA ASN ZF 303 -86.16 -154.72 129.37
C ASN ZF 303 -86.08 -156.19 128.98
N GLU ZF 304 -86.78 -156.58 127.91
CA GLU ZF 304 -86.72 -157.97 127.45
C GLU ZF 304 -85.31 -158.34 126.99
N GLN ZF 305 -84.67 -157.43 126.25
CA GLN ZF 305 -83.30 -157.70 125.81
C GLN ZF 305 -82.35 -157.77 126.99
N LYS ZF 306 -82.57 -156.92 128.01
CA LYS ZF 306 -81.74 -156.98 129.21
C LYS ZF 306 -81.91 -158.31 129.93
N ALA ZF 307 -83.15 -158.80 130.03
CA ALA ZF 307 -83.39 -160.08 130.67
C ALA ZF 307 -82.71 -161.21 129.89
N ILE ZF 308 -82.82 -161.17 128.56
CA ILE ZF 308 -82.19 -162.20 127.73
C ILE ZF 308 -80.67 -162.16 127.90
N LEU ZF 309 -80.09 -160.96 127.90
CA LEU ZF 309 -78.65 -160.83 128.08
C LEU ZF 309 -78.21 -161.29 129.46
N LEU ZF 310 -79.02 -161.01 130.50
CA LEU ZF 310 -78.69 -161.49 131.84
C LEU ZF 310 -78.72 -163.01 131.89
N ILE ZF 311 -79.71 -163.63 131.24
CA ILE ZF 311 -79.77 -165.09 131.22
C ILE ZF 311 -78.56 -165.66 130.49
N VAL ZF 312 -78.20 -165.05 129.35
CA VAL ZF 312 -77.04 -165.53 128.57
C VAL ZF 312 -75.76 -165.38 129.39
N ARG ZF 313 -75.61 -164.26 130.08
CA ARG ZF 313 -74.42 -164.02 130.89
C ARG ZF 313 -74.35 -165.01 132.05
N ARG ZF 314 -75.49 -165.31 132.67
CA ARG ZF 314 -75.51 -166.31 133.74
C ARG ZF 314 -75.12 -167.68 133.21
N LEU ZF 315 -75.62 -168.04 132.03
CA LEU ZF 315 -75.27 -169.33 131.43
C LEU ZF 315 -73.77 -169.39 131.13
N ALA ZF 316 -73.22 -168.29 130.59
CA ALA ZF 316 -71.79 -168.25 130.29
C ALA ZF 316 -70.95 -168.34 131.56
N GLU ZF 317 -71.36 -167.63 132.61
CA GLU ZF 317 -70.63 -167.66 133.87
C GLU ZF 317 -70.67 -169.05 134.49
N THR ZF 318 -71.81 -169.73 134.37
CA THR ZF 318 -71.91 -171.11 134.85
C THR ZF 318 -70.94 -172.01 134.09
N GLY ZF 319 -70.82 -171.80 132.78
CA GLY ZF 319 -69.89 -172.57 131.98
C GLY ZF 319 -70.58 -173.41 130.93
N GLU ZF 320 -71.81 -173.03 130.56
CA GLU ZF 320 -72.60 -173.76 129.59
C GLU ZF 320 -72.82 -172.96 128.31
N MET ZF 321 -71.93 -172.03 127.99
CA MET ZF 321 -72.06 -171.22 126.78
C MET ZF 321 -70.65 -170.80 126.35
N VAL ZF 322 -70.52 -170.46 125.08
CA VAL ZF 322 -69.24 -170.02 124.53
C VAL ZF 322 -69.49 -168.96 123.46
N ILE ZF 323 -68.41 -168.39 122.93
CA ILE ZF 323 -68.52 -167.37 121.89
C ILE ZF 323 -67.56 -167.72 120.75
N GLY ZF 324 -67.71 -167.03 119.63
CA GLY ZF 324 -66.86 -167.28 118.47
C GLY ZF 324 -67.15 -166.37 117.30
N SER AG 33 -65.31 -93.86 205.56
CA SER AG 33 -64.31 -93.61 204.54
C SER AG 33 -64.25 -94.74 203.53
N ASP AG 34 -64.57 -94.44 202.27
CA ASP AG 34 -64.53 -95.44 201.20
C ASP AG 34 -63.11 -95.51 200.67
N ILE AG 35 -62.49 -96.67 200.79
CA ILE AG 35 -61.13 -96.89 200.34
C ILE AG 35 -61.01 -98.33 199.82
N ARG AG 36 -60.86 -98.47 198.51
CA ARG AG 36 -60.76 -99.78 197.89
C ARG AG 36 -59.50 -99.82 197.04
N PRO AG 37 -58.87 -101.02 196.85
CA PRO AG 37 -57.59 -101.13 196.09
C PRO AG 37 -57.79 -100.71 194.64
N TYR AG 38 -56.75 -100.13 194.05
CA TYR AG 38 -56.78 -99.70 192.67
C TYR AG 38 -56.66 -100.90 191.75
N ASP AG 39 -57.67 -101.11 190.92
CA ASP AG 39 -57.65 -102.17 189.92
C ASP AG 39 -57.60 -101.55 188.53
N PRO AG 40 -56.55 -101.78 187.76
CA PRO AG 40 -56.52 -101.25 186.39
C PRO AG 40 -57.61 -101.88 185.54
N ASN AG 41 -57.72 -101.37 184.31
CA ASN AG 41 -58.67 -101.78 183.28
C ASN AG 41 -60.12 -101.83 183.78
N THR AG 42 -60.45 -101.13 184.86
CA THR AG 42 -61.83 -101.04 185.32
C THR AG 42 -62.47 -99.77 184.77
N GLN AG 43 -63.76 -99.87 184.43
CA GLN AG 43 -64.50 -98.76 183.85
C GLN AG 43 -64.77 -97.74 184.94
N ARG AG 44 -63.79 -96.87 185.19
CA ARG AG 44 -63.90 -95.84 186.20
C ARG AG 44 -64.06 -94.44 185.62
N ARG AG 45 -63.80 -94.25 184.33
CA ARG AG 45 -63.93 -92.95 183.70
C ARG AG 45 -65.36 -92.80 183.18
N VAL AG 46 -66.13 -91.92 183.84
CA VAL AG 46 -67.51 -91.65 183.46
C VAL AG 46 -67.60 -90.20 183.01
N VAL AG 47 -67.99 -89.99 181.75
CA VAL AG 47 -68.12 -88.66 181.17
C VAL AG 47 -69.51 -88.59 180.56
N ARG AG 48 -70.48 -88.05 181.32
CA ARG AG 48 -71.85 -87.93 180.87
C ARG AG 48 -72.08 -86.48 180.47
N GLU AG 49 -72.53 -86.29 179.24
CA GLU AG 49 -72.74 -84.94 178.72
C GLU AG 49 -73.87 -85.01 177.70
N ARG AG 50 -74.92 -84.24 177.92
CA ARG AG 50 -76.03 -84.16 176.98
C ARG AG 50 -75.56 -83.48 175.70
N LEU AG 51 -75.94 -84.04 174.56
CA LEU AG 51 -75.53 -83.53 173.25
C LEU AG 51 -76.78 -83.20 172.44
N GLN AG 52 -77.30 -81.98 172.64
CA GLN AG 52 -78.54 -81.59 171.99
C GLN AG 52 -78.37 -81.48 170.47
N ALA AG 53 -77.23 -80.90 170.04
CA ALA AG 53 -76.95 -80.70 168.59
C ALA AG 53 -76.92 -82.07 167.90
N LEU AG 54 -76.33 -83.11 168.49
CA LEU AG 54 -76.39 -84.47 167.96
C LEU AG 54 -77.81 -85.02 168.07
N GLU AG 55 -78.53 -84.64 169.13
CA GLU AG 55 -79.91 -85.11 169.29
C GLU AG 55 -80.81 -84.63 168.17
N ILE AG 56 -80.50 -83.49 167.55
CA ILE AG 56 -81.34 -83.02 166.45
C ILE AG 56 -80.77 -83.49 165.11
N ILE AG 57 -79.44 -83.64 165.04
CA ILE AG 57 -78.83 -84.16 163.83
C ILE AG 57 -79.30 -85.58 163.58
N ASN AG 58 -79.50 -86.35 164.65
CA ASN AG 58 -79.98 -87.72 164.49
C ASN AG 58 -81.35 -87.78 163.84
N GLU AG 59 -82.30 -86.94 164.28
CA GLU AG 59 -83.62 -86.92 163.66
C GLU AG 59 -83.57 -86.40 162.22
N ARG AG 60 -82.74 -85.40 161.96
CA ARG AG 60 -82.64 -84.90 160.59
C ARG AG 60 -82.13 -86.02 159.68
N PHE AG 61 -81.08 -86.71 160.13
CA PHE AG 61 -80.54 -87.83 159.35
C PHE AG 61 -81.56 -88.95 159.22
N ALA AG 62 -82.33 -89.20 160.27
CA ALA AG 62 -83.33 -90.25 160.22
C ALA AG 62 -84.40 -89.94 159.18
N ARG AG 63 -84.85 -88.69 159.13
CA ARG AG 63 -85.81 -88.29 158.11
C ARG AG 63 -85.24 -88.46 156.71
N GLN AG 64 -84.01 -87.99 156.51
CA GLN AG 64 -83.37 -88.13 155.20
C GLN AG 64 -83.22 -89.59 154.81
N PHE AG 65 -82.81 -90.44 155.76
CA PHE AG 65 -82.61 -91.84 155.48
C PHE AG 65 -83.92 -92.56 155.21
N ARG AG 66 -85.00 -92.18 155.91
CA ARG AG 66 -86.30 -92.75 155.60
C ARG AG 66 -86.82 -92.55 154.19
N MET AG 67 -86.71 -91.32 153.66
CA MET AG 67 -87.08 -91.10 152.26
C MET AG 67 -86.13 -91.76 151.23
N GLY AG 68 -84.85 -91.86 151.62
CA GLY AG 68 -83.88 -92.52 150.78
C GLY AG 68 -84.29 -93.99 150.72
N LEU AG 69 -84.63 -94.57 151.86
CA LEU AG 69 -85.07 -95.95 151.89
C LEU AG 69 -86.39 -96.13 151.14
N PHE AG 70 -87.29 -95.17 151.25
CA PHE AG 70 -88.51 -95.22 150.46
C PHE AG 70 -88.18 -95.16 148.97
N ASN AG 71 -87.25 -94.29 148.59
CA ASN AG 71 -86.86 -94.19 147.19
C ASN AG 71 -86.25 -95.49 146.68
N LEU AG 72 -85.49 -96.19 147.53
CA LEU AG 72 -84.78 -97.38 147.08
C LEU AG 72 -85.67 -98.63 147.13
N LEU AG 73 -86.14 -98.98 148.33
CA LEU AG 73 -86.87 -100.23 148.53
C LEU AG 73 -88.28 -100.21 147.97
N ARG AG 74 -88.78 -99.04 147.57
CA ARG AG 74 -90.17 -98.90 147.13
C ARG AG 74 -91.14 -99.36 148.22
N ARG AG 75 -90.80 -99.10 149.48
CA ARG AG 75 -91.63 -99.42 150.62
C ARG AG 75 -91.61 -98.24 151.58
N SER AG 76 -92.33 -98.37 152.69
CA SER AG 76 -92.45 -97.29 153.66
C SER AG 76 -91.81 -97.67 154.98
N PRO AG 77 -90.54 -97.35 155.19
CA PRO AG 77 -89.92 -97.57 156.50
C PRO AG 77 -90.17 -96.50 157.54
N ASP AG 78 -90.10 -96.90 158.81
CA ASP AG 78 -90.15 -95.95 159.91
C ASP AG 78 -88.90 -96.14 160.74
N ILE AG 79 -88.19 -95.05 161.01
CA ILE AG 79 -86.93 -95.08 161.74
C ILE AG 79 -87.14 -94.36 163.06
N THR AG 80 -86.91 -95.07 164.15
CA THR AG 80 -86.99 -94.52 165.50
C THR AG 80 -85.57 -94.32 166.00
N VAL AG 81 -85.26 -93.09 166.41
CA VAL AG 81 -83.92 -92.78 166.91
C VAL AG 81 -83.84 -93.16 168.37
N GLY AG 82 -82.87 -94.01 168.72
CA GLY AG 82 -82.67 -94.39 170.09
C GLY AG 82 -81.89 -93.36 170.86
N ALA AG 83 -81.76 -93.60 172.17
CA ALA AG 83 -80.99 -92.72 173.02
C ALA AG 83 -79.51 -92.80 172.69
N ILE AG 84 -78.86 -91.64 172.59
CA ILE AG 84 -77.43 -91.60 172.35
C ILE AG 84 -76.70 -92.19 173.55
N ARG AG 85 -75.80 -93.13 173.29
CA ARG AG 85 -75.05 -93.80 174.35
C ARG AG 85 -73.59 -93.39 174.31
N ILE AG 86 -73.10 -92.87 175.44
CA ILE AG 86 -71.70 -92.49 175.58
C ILE AG 86 -70.99 -93.57 176.40
N GLN AG 87 -70.25 -94.42 175.71
CA GLN AG 87 -69.77 -95.66 176.32
C GLN AG 87 -68.37 -95.99 175.87
N PRO AG 88 -67.62 -96.76 176.65
CA PRO AG 88 -66.30 -97.21 176.19
C PRO AG 88 -66.43 -98.09 174.95
N TYR AG 89 -65.40 -98.05 174.11
CA TYR AG 89 -65.46 -98.74 172.82
C TYR AG 89 -65.69 -100.24 172.89
N HIS AG 90 -65.13 -100.91 173.90
CA HIS AG 90 -65.26 -102.38 174.06
C HIS AG 90 -66.69 -102.78 174.48
N GLU AG 91 -67.46 -101.86 175.06
CA GLU AG 91 -68.86 -102.10 175.38
C GLU AG 91 -69.61 -102.11 174.04
N PHE AG 92 -69.34 -101.12 173.20
CA PHE AG 92 -69.96 -101.06 171.88
C PHE AG 92 -69.58 -102.28 171.05
N ALA AG 93 -68.31 -102.69 171.11
CA ALA AG 93 -67.87 -103.84 170.35
C ALA AG 93 -68.55 -105.11 170.82
N ARG AG 94 -68.64 -105.30 172.14
CA ARG AG 94 -69.21 -106.55 172.66
C ARG AG 94 -70.71 -106.61 172.45
N ASN AG 95 -71.40 -105.47 172.45
CA ASN AG 95 -72.85 -105.50 172.22
C ASN AG 95 -73.17 -105.83 170.78
N LEU AG 96 -72.24 -105.61 169.86
CA LEU AG 96 -72.48 -105.90 168.46
C LEU AG 96 -72.57 -107.39 168.22
N PRO AG 97 -73.38 -107.83 167.26
CA PRO AG 97 -73.43 -109.25 166.91
C PRO AG 97 -72.34 -109.59 165.90
N VAL AG 98 -72.18 -110.89 165.67
CA VAL AG 98 -71.16 -111.36 164.73
C VAL AG 98 -71.77 -112.38 163.78
N PRO AG 99 -71.61 -112.21 162.46
CA PRO AG 99 -70.96 -111.09 161.79
C PRO AG 99 -71.92 -109.91 161.60
N THR AG 100 -71.37 -108.73 161.40
CA THR AG 100 -72.15 -107.50 161.15
C THR AG 100 -71.34 -106.64 160.22
N ASN AG 101 -71.94 -106.07 159.17
CA ASN AG 101 -71.25 -105.10 158.29
C ASN AG 101 -70.86 -103.81 159.01
N LEU AG 102 -69.58 -103.49 159.08
CA LEU AG 102 -69.05 -102.25 159.69
C LEU AG 102 -68.54 -101.33 158.55
N ASN AG 103 -68.83 -100.05 158.51
CA ASN AG 103 -68.44 -99.18 157.36
C ASN AG 103 -67.54 -98.06 157.89
N LEU AG 104 -66.21 -98.20 157.82
CA LEU AG 104 -65.35 -97.13 158.30
C LEU AG 104 -65.55 -95.91 157.42
N ILE AG 105 -65.81 -94.76 158.04
CA ILE AG 105 -66.09 -93.54 157.32
C ILE AG 105 -65.21 -92.43 157.86
N HIS AG 106 -64.82 -91.52 156.97
CA HIS AG 106 -64.00 -90.38 157.33
C HIS AG 106 -64.86 -89.13 157.33
N LEU AG 107 -64.97 -88.49 158.49
CA LEU AG 107 -65.73 -87.24 158.62
C LEU AG 107 -64.79 -86.04 158.56
N LYS AG 108 -64.15 -85.87 157.41
CA LYS AG 108 -63.22 -84.77 157.25
C LYS AG 108 -63.96 -83.43 157.35
N PRO AG 109 -63.30 -82.38 157.86
CA PRO AG 109 -61.89 -82.31 158.26
C PRO AG 109 -61.62 -82.79 159.68
N LEU AG 110 -62.58 -83.44 160.33
CA LEU AG 110 -62.37 -83.93 161.69
C LEU AG 110 -61.44 -85.14 161.64
N ARG AG 111 -60.33 -85.07 162.37
CA ARG AG 111 -59.37 -86.17 162.36
C ARG AG 111 -59.92 -87.34 163.17
N GLY AG 112 -59.95 -88.51 162.54
CA GLY AG 112 -60.48 -89.71 163.16
C GLY AG 112 -61.18 -90.56 162.12
N THR AG 113 -61.88 -91.59 162.61
CA THR AG 113 -62.58 -92.52 161.74
C THR AG 113 -63.82 -93.02 162.45
N GLY AG 114 -64.99 -92.63 161.93
CA GLY AG 114 -66.24 -93.11 162.48
C GLY AG 114 -66.68 -94.44 161.88
N LEU AG 115 -67.75 -94.98 162.42
CA LEU AG 115 -68.23 -96.31 162.05
C LEU AG 115 -69.73 -96.28 161.84
N VAL AG 116 -70.18 -96.90 160.76
CA VAL AG 116 -71.60 -97.10 160.49
C VAL AG 116 -71.88 -98.58 160.50
N VAL AG 117 -72.73 -99.03 161.41
CA VAL AG 117 -72.95 -100.45 161.64
C VAL AG 117 -74.33 -100.82 161.13
N PHE AG 118 -74.37 -101.64 160.08
CA PHE AG 118 -75.59 -102.22 159.55
C PHE AG 118 -75.81 -103.62 160.08
N SER AG 119 -76.93 -103.83 160.77
CA SER AG 119 -77.23 -105.14 161.33
C SER AG 119 -77.51 -106.17 160.24
N PRO AG 120 -77.27 -107.48 160.50
CA PRO AG 120 -77.61 -108.55 159.53
C PRO AG 120 -79.09 -108.48 159.20
N SER AG 121 -79.91 -108.11 160.20
CA SER AG 121 -81.35 -108.08 159.96
C SER AG 121 -81.70 -107.04 158.90
N LEU AG 122 -81.10 -105.85 158.99
CA LEU AG 122 -81.45 -104.79 158.05
C LEU AG 122 -81.00 -105.13 156.63
N VAL AG 123 -79.79 -105.65 156.47
CA VAL AG 123 -79.33 -106.01 155.14
C VAL AG 123 -80.13 -107.18 154.59
N PHE AG 124 -80.53 -108.12 155.46
CA PHE AG 124 -81.39 -109.21 155.03
C PHE AG 124 -82.72 -108.67 154.52
N ILE AG 125 -83.31 -107.73 155.25
CA ILE AG 125 -84.58 -107.14 154.83
C ILE AG 125 -84.44 -106.43 153.50
N ALA AG 126 -83.37 -105.65 153.35
CA ALA AG 126 -83.17 -104.91 152.12
C ALA AG 126 -82.97 -105.83 150.92
N VAL AG 127 -82.14 -106.87 151.09
CA VAL AG 127 -81.91 -107.81 149.99
C VAL AG 127 -83.19 -108.56 149.66
N ASP AG 128 -83.95 -108.95 150.68
CA ASP AG 128 -85.21 -109.63 150.44
C ASP AG 128 -86.18 -108.75 149.66
N ASN AG 129 -86.29 -107.48 150.05
CA ASN AG 129 -87.21 -106.58 149.35
C ASN AG 129 -86.77 -106.32 147.93
N LEU AG 130 -85.47 -106.12 147.71
CA LEU AG 130 -84.99 -105.84 146.36
C LEU AG 130 -85.19 -107.02 145.44
N PHE AG 131 -84.91 -108.23 145.92
CA PHE AG 131 -84.90 -109.41 145.06
C PHE AG 131 -86.23 -110.18 145.20
N GLY AG 132 -87.30 -109.52 144.81
CA GLY AG 132 -88.59 -110.16 144.68
C GLY AG 132 -89.12 -110.83 145.94
N GLY AG 133 -89.05 -110.13 147.07
CA GLY AG 133 -89.55 -110.68 148.30
C GLY AG 133 -90.43 -109.72 149.08
N ASP AG 134 -91.64 -110.17 149.42
CA ASP AG 134 -92.58 -109.33 150.20
C ASP AG 134 -92.37 -109.57 151.70
N GLY AG 135 -91.18 -110.03 152.09
CA GLY AG 135 -90.89 -110.25 153.49
C GLY AG 135 -91.92 -111.16 154.13
N ARG AG 136 -92.45 -112.13 153.38
CA ARG AG 136 -93.38 -113.10 153.95
C ARG AG 136 -92.72 -114.01 154.99
N PHE AG 137 -91.60 -114.62 154.58
CA PHE AG 137 -90.88 -115.48 155.51
C PHE AG 137 -90.07 -114.74 156.57
N PRO AG 138 -89.93 -115.31 157.76
CA PRO AG 138 -89.13 -114.65 158.80
C PRO AG 138 -87.66 -114.56 158.40
N THR AG 139 -87.00 -113.51 158.87
CA THR AG 139 -85.58 -113.35 158.62
C THR AG 139 -84.80 -114.36 159.46
N LYS AG 140 -83.90 -115.10 158.81
CA LYS AG 140 -83.07 -116.10 159.47
C LYS AG 140 -81.61 -115.73 159.29
N VAL AG 141 -80.91 -115.53 160.41
CA VAL AG 141 -79.49 -115.23 160.42
C VAL AG 141 -78.80 -116.25 161.32
N GLU AG 142 -77.82 -116.96 160.76
CA GLU AG 142 -77.09 -118.00 161.48
C GLU AG 142 -75.60 -117.85 161.28
N GLY AG 143 -75.09 -116.63 161.44
CA GLY AG 143 -73.67 -116.39 161.22
C GLY AG 143 -73.25 -116.37 159.79
N ARG AG 144 -74.21 -116.30 158.85
CA ARG AG 144 -73.88 -116.27 157.44
C ARG AG 144 -73.19 -114.98 157.07
N GLU AG 145 -72.16 -115.09 156.23
CA GLU AG 145 -71.40 -113.92 155.81
C GLU AG 145 -72.12 -113.20 154.68
N PHE AG 146 -71.46 -112.19 154.11
CA PHE AG 146 -72.04 -111.34 153.09
C PHE AG 146 -71.31 -111.58 151.76
N THR AG 147 -72.09 -111.89 150.73
CA THR AG 147 -71.52 -112.12 149.41
C THR AG 147 -71.26 -110.79 148.72
N HIS AG 148 -70.76 -110.87 147.49
CA HIS AG 148 -70.45 -109.66 146.73
C HIS AG 148 -71.73 -108.90 146.36
N THR AG 149 -72.79 -109.62 146.02
CA THR AG 149 -74.06 -108.96 145.73
C THR AG 149 -74.61 -108.28 146.97
N GLU AG 150 -74.55 -108.95 148.12
CA GLU AG 150 -74.98 -108.34 149.36
C GLU AG 150 -74.12 -107.12 149.68
N GLN AG 151 -72.82 -107.22 149.44
CA GLN AG 151 -71.93 -106.09 149.69
C GLN AG 151 -72.29 -104.91 148.79
N ARG AG 152 -72.66 -105.19 147.53
CA ARG AG 152 -73.04 -104.10 146.63
C ARG AG 152 -74.35 -103.46 147.07
N VAL AG 153 -75.31 -104.27 147.52
CA VAL AG 153 -76.55 -103.72 148.05
C VAL AG 153 -76.28 -102.84 149.26
N ILE AG 154 -75.39 -103.29 150.15
CA ILE AG 154 -75.05 -102.51 151.33
C ILE AG 154 -74.35 -101.22 150.94
N ASN AG 155 -73.50 -101.27 149.91
CA ASN AG 155 -72.86 -100.05 149.43
C ASN AG 155 -73.91 -99.08 148.89
N ARG AG 156 -74.90 -99.59 148.17
CA ARG AG 156 -75.96 -98.74 147.65
C ARG AG 156 -76.75 -98.09 148.78
N MET AG 157 -77.06 -98.86 149.82
CA MET AG 157 -77.74 -98.30 150.98
C MET AG 157 -76.87 -97.28 151.70
N LEU AG 158 -75.59 -97.60 151.86
CA LEU AG 158 -74.70 -96.74 152.62
C LEU AG 158 -74.44 -95.43 151.88
N LYS AG 159 -74.54 -95.42 150.56
CA LYS AG 159 -74.43 -94.15 149.84
C LYS AG 159 -75.53 -93.20 150.27
N LEU AG 160 -76.78 -93.70 150.32
CA LEU AG 160 -77.88 -92.87 150.80
C LEU AG 160 -77.69 -92.49 152.26
N ALA AG 161 -77.24 -93.43 153.08
CA ALA AG 161 -77.05 -93.14 154.50
C ALA AG 161 -76.02 -92.03 154.70
N LEU AG 162 -74.90 -92.10 153.97
CA LEU AG 162 -73.86 -91.09 154.10
C LEU AG 162 -74.32 -89.75 153.55
N GLU AG 163 -75.06 -89.76 152.44
CA GLU AG 163 -75.59 -88.50 151.92
C GLU AG 163 -76.52 -87.85 152.94
N GLY AG 164 -77.41 -88.64 153.54
CA GLY AG 164 -78.31 -88.09 154.55
C GLY AG 164 -77.57 -87.56 155.76
N TYR AG 165 -76.56 -88.31 156.23
CA TYR AG 165 -75.79 -87.85 157.38
C TYR AG 165 -75.03 -86.56 157.07
N SER AG 166 -74.43 -86.47 155.89
CA SER AG 166 -73.73 -85.25 155.51
C SER AG 166 -74.68 -84.07 155.43
N ASP AG 167 -75.86 -84.28 154.84
CA ASP AG 167 -76.85 -83.21 154.75
C ASP AG 167 -77.30 -82.76 156.14
N ALA AG 168 -77.52 -83.72 157.04
CA ALA AG 168 -77.92 -83.38 158.39
C ALA AG 168 -76.84 -82.59 159.12
N TRP AG 169 -75.57 -82.98 158.93
CA TRP AG 169 -74.48 -82.26 159.59
C TRP AG 169 -74.33 -80.90 158.92
N LYS AG 170 -74.65 -80.80 157.63
CA LYS AG 170 -74.45 -79.56 156.90
C LYS AG 170 -75.13 -78.36 157.58
N ALA AG 171 -76.28 -78.59 158.21
CA ALA AG 171 -76.95 -77.51 158.92
C ALA AG 171 -76.15 -76.84 160.03
N ILE AG 172 -75.42 -77.63 160.81
CA ILE AG 172 -74.65 -77.10 161.94
C ILE AG 172 -73.21 -76.87 161.51
N ASN AG 173 -72.53 -77.94 161.10
CA ASN AG 173 -71.15 -77.83 160.67
C ASN AG 173 -70.96 -78.59 159.36
N PRO AG 174 -70.60 -77.92 158.27
CA PRO AG 174 -70.48 -78.61 156.98
C PRO AG 174 -69.33 -79.61 156.97
N LEU AG 175 -69.68 -80.89 156.86
CA LEU AG 175 -68.70 -81.97 156.82
C LEU AG 175 -68.92 -82.79 155.56
N GLU AG 176 -67.84 -83.38 155.06
CA GLU AG 176 -67.90 -84.31 153.94
C GLU AG 176 -67.63 -85.71 154.44
N VAL AG 177 -68.49 -86.64 154.05
CA VAL AG 177 -68.46 -88.01 154.55
C VAL AG 177 -67.93 -88.90 153.43
N GLU AG 178 -66.84 -89.61 153.72
CA GLU AG 178 -66.22 -90.51 152.75
C GLU AG 178 -66.21 -91.93 153.30
N TYR AG 179 -66.67 -92.86 152.48
CA TYR AG 179 -66.64 -94.28 152.81
C TYR AG 179 -65.31 -94.86 152.33
N VAL AG 180 -64.53 -95.43 153.24
CA VAL AG 180 -63.18 -95.86 152.95
C VAL AG 180 -63.05 -97.38 152.90
N ARG AG 181 -63.83 -98.10 153.72
CA ARG AG 181 -63.62 -99.53 153.83
C ARG AG 181 -64.81 -100.15 154.52
N SER AG 182 -65.08 -101.40 154.19
CA SER AG 182 -66.14 -102.18 154.84
C SER AG 182 -65.51 -103.48 155.33
N GLU AG 183 -65.98 -103.94 156.48
CA GLU AG 183 -65.48 -105.14 157.13
C GLU AG 183 -66.65 -105.87 157.74
N MET AG 184 -66.42 -107.12 158.12
CA MET AG 184 -67.45 -107.98 158.70
C MET AG 184 -67.22 -108.38 160.14
N GLN AG 185 -65.96 -108.44 160.57
CA GLN AG 185 -65.63 -108.75 161.95
C GLN AG 185 -65.41 -107.47 162.74
N VAL AG 186 -65.29 -107.61 164.06
CA VAL AG 186 -65.10 -106.46 164.92
C VAL AG 186 -63.63 -106.11 165.12
N LYS AG 187 -62.74 -107.10 165.04
CA LYS AG 187 -61.32 -106.88 165.33
C LYS AG 187 -60.58 -106.21 164.19
N PHE AG 188 -61.21 -106.02 163.03
CA PHE AG 188 -60.56 -105.36 161.91
C PHE AG 188 -60.65 -103.83 161.93
N THR AG 189 -61.55 -103.25 162.73
CA THR AG 189 -61.74 -101.81 162.67
C THR AG 189 -60.76 -101.05 163.56
N ASN AG 190 -60.83 -101.30 164.87
CA ASN AG 190 -59.98 -100.64 165.87
C ASN AG 190 -59.79 -99.15 165.54
N ILE AG 191 -60.90 -98.40 165.60
CA ILE AG 191 -60.88 -96.92 165.34
C ILE AG 191 -60.50 -96.20 166.64
N THR AG 192 -60.33 -96.92 167.76
CA THR AG 192 -59.98 -96.34 169.08
C THR AG 192 -58.59 -96.83 169.45
N THR AG 193 -57.68 -95.92 169.83
CA THR AG 193 -56.28 -96.25 170.17
C THR AG 193 -56.29 -97.34 171.21
N SER AG 194 -57.20 -97.26 172.20
CA SER AG 194 -57.35 -98.26 173.23
C SER AG 194 -58.81 -98.68 173.35
N PRO AG 195 -59.07 -99.93 173.76
CA PRO AG 195 -60.46 -100.37 173.91
C PRO AG 195 -61.23 -99.65 174.99
N ASN AG 196 -60.55 -98.96 175.90
CA ASN AG 196 -61.22 -98.21 176.95
C ASN AG 196 -61.54 -96.77 176.55
N ASP AG 197 -61.25 -96.39 175.31
CA ASP AG 197 -61.60 -95.06 174.84
C ASP AG 197 -63.11 -94.91 174.76
N ILE AG 198 -63.56 -93.66 174.86
CA ILE AG 198 -64.98 -93.36 174.95
C ILE AG 198 -65.50 -92.97 173.57
N VAL AG 199 -66.64 -93.54 173.18
CA VAL AG 199 -67.25 -93.28 171.88
C VAL AG 199 -68.73 -92.97 172.08
N VAL AG 200 -69.28 -92.27 171.10
CA VAL AG 200 -70.68 -91.84 171.10
C VAL AG 200 -71.49 -92.69 170.14
N ASN AG 201 -72.43 -93.47 170.69
CA ASN AG 201 -73.22 -94.41 169.84
C ASN AG 201 -74.69 -94.01 169.72
N THR AG 202 -75.22 -93.95 168.49
CA THR AG 202 -76.62 -93.66 168.22
C THR AG 202 -77.24 -94.86 167.52
N PRO AG 203 -78.08 -95.64 168.19
CA PRO AG 203 -78.79 -96.75 167.51
C PRO AG 203 -80.12 -96.27 166.95
N PHE AG 204 -80.37 -96.58 165.68
CA PHE AG 204 -81.65 -96.36 165.05
C PHE AG 204 -82.32 -97.70 164.78
N HIS AG 205 -83.64 -97.73 164.91
CA HIS AG 205 -84.43 -98.92 164.63
C HIS AG 205 -85.29 -98.65 163.40
N VAL AG 206 -85.11 -99.46 162.36
CA VAL AG 206 -85.84 -99.31 161.11
C VAL AG 206 -86.82 -100.47 160.99
N GLU AG 207 -88.11 -100.15 160.85
CA GLU AG 207 -89.14 -101.16 160.69
C GLU AG 207 -89.76 -101.04 159.31
N ILE AG 208 -89.87 -102.16 158.62
CA ILE AG 208 -90.53 -102.26 157.33
C ILE AG 208 -91.60 -103.34 157.44
N GLY AG 209 -92.86 -102.93 157.31
CA GLY AG 209 -93.94 -103.88 157.52
C GLY AG 209 -93.86 -104.45 158.93
N ASN AG 210 -93.92 -105.78 159.01
CA ASN AG 210 -93.72 -106.45 160.29
C ASN AG 210 -92.25 -106.66 160.61
N LEU AG 211 -91.40 -106.66 159.59
CA LEU AG 211 -89.97 -106.90 159.82
C LEU AG 211 -89.31 -105.70 160.46
N THR AG 212 -88.28 -105.97 161.26
CA THR AG 212 -87.56 -104.93 161.97
C THR AG 212 -86.06 -105.19 161.88
N GLY AG 213 -85.29 -104.11 162.02
CA GLY AG 213 -83.85 -104.19 162.08
C GLY AG 213 -83.31 -102.95 162.74
N GLU AG 214 -81.99 -102.91 162.94
CA GLU AG 214 -81.38 -101.77 163.58
C GLU AG 214 -80.03 -101.49 162.96
N PHE AG 215 -79.58 -100.24 163.12
CA PHE AG 215 -78.26 -99.86 162.65
C PHE AG 215 -77.75 -98.71 163.50
N ASN AG 216 -76.45 -98.72 163.77
CA ASN AG 216 -75.84 -97.76 164.68
C ASN AG 216 -74.88 -96.85 163.94
N ILE AG 217 -74.67 -95.66 164.52
CA ILE AG 217 -73.64 -94.75 164.05
C ILE AG 217 -72.75 -94.41 165.23
N CYS AG 218 -71.47 -94.79 165.17
CA CYS AG 218 -70.55 -94.62 166.29
C CYS AG 218 -69.43 -93.67 165.88
N LEU AG 219 -69.20 -92.65 166.70
CA LEU AG 219 -68.15 -91.68 166.47
C LEU AG 219 -67.21 -91.67 167.66
N PRO AG 220 -65.90 -91.83 167.47
CA PRO AG 220 -64.97 -91.69 168.59
C PRO AG 220 -65.02 -90.27 169.14
N PHE AG 221 -64.90 -90.17 170.47
CA PHE AG 221 -65.00 -88.87 171.10
C PHE AG 221 -63.89 -87.93 170.70
N SER AG 222 -62.78 -88.45 170.17
CA SER AG 222 -61.70 -87.57 169.72
C SER AG 222 -62.16 -86.66 168.60
N MET AG 223 -62.96 -87.20 167.67
CA MET AG 223 -63.48 -86.38 166.57
C MET AG 223 -64.42 -85.31 167.10
N ILE AG 224 -65.29 -85.66 168.05
CA ILE AG 224 -66.29 -84.73 168.55
C ILE AG 224 -65.67 -83.65 169.44
N GLU AG 225 -64.56 -83.98 170.12
CA GLU AG 225 -64.00 -83.09 171.13
C GLU AG 225 -63.77 -81.66 170.66
N PRO AG 226 -63.19 -81.40 169.47
CA PRO AG 226 -63.05 -80.01 169.04
C PRO AG 226 -64.39 -79.31 168.84
N LEU AG 227 -65.48 -80.04 168.69
CA LEU AG 227 -66.81 -79.47 168.49
C LEU AG 227 -67.74 -79.65 169.68
N ARG AG 228 -67.19 -79.81 170.88
CA ARG AG 228 -68.03 -80.10 172.05
C ARG AG 228 -68.94 -78.93 172.41
N GLU AG 229 -68.38 -77.71 172.39
CA GLU AG 229 -69.17 -76.54 172.74
C GLU AG 229 -70.26 -76.34 171.69
N LEU AG 230 -70.03 -76.77 170.46
CA LEU AG 230 -71.06 -76.69 169.44
C LEU AG 230 -72.11 -77.76 169.62
N LEU AG 231 -71.68 -78.98 169.99
CA LEU AG 231 -72.58 -80.15 170.08
C LEU AG 231 -73.32 -80.18 171.43
N VAL AG 232 -72.89 -79.39 172.40
CA VAL AG 232 -73.49 -79.41 173.76
C VAL AG 232 -74.76 -78.54 173.78
N ASN AG 233 -74.67 -77.24 173.46
CA ASN AG 233 -75.85 -76.38 173.58
C ASN AG 233 -76.80 -76.60 172.42
N PRO AG 234 -78.10 -76.55 172.65
CA PRO AG 234 -79.07 -76.68 171.56
C PRO AG 234 -78.88 -75.55 170.55
N PRO AG 235 -79.06 -75.83 169.26
CA PRO AG 235 -78.81 -74.80 168.25
C PRO AG 235 -79.81 -73.66 168.36
N LEU AG 236 -79.34 -72.47 168.01
CA LEU AG 236 -80.18 -71.27 168.03
C LEU AG 236 -80.33 -70.73 166.61
N GLU AG 237 -81.48 -70.11 166.35
CA GLU AG 237 -81.79 -69.56 165.04
C GLU AG 237 -81.02 -68.26 164.86
N ASN AG 238 -79.77 -68.40 164.41
CA ASN AG 238 -78.88 -67.27 164.19
C ASN AG 238 -78.20 -67.46 162.84
N SER AG 239 -77.21 -66.62 162.57
CA SER AG 239 -76.46 -66.69 161.32
C SER AG 239 -74.96 -66.69 161.65
N ARG AG 240 -74.17 -67.13 160.66
CA ARG AG 240 -72.73 -67.12 160.84
C ARG AG 240 -72.21 -65.71 161.03
N HIS AG 241 -72.80 -64.74 160.34
CA HIS AG 241 -72.44 -63.35 160.55
C HIS AG 241 -72.73 -62.92 161.98
N GLU AG 242 -73.90 -63.30 162.51
CA GLU AG 242 -74.22 -62.97 163.88
C GLU AG 242 -73.28 -63.64 164.87
N ASP AG 243 -72.92 -64.90 164.61
CA ASP AG 243 -72.00 -65.62 165.50
C ASP AG 243 -70.62 -64.97 165.51
N GLN AG 244 -70.09 -64.63 164.34
CA GLN AG 244 -68.78 -63.99 164.30
C GLN AG 244 -68.84 -62.59 164.91
N ASN AG 245 -69.96 -61.88 164.74
CA ASN AG 245 -70.11 -60.59 165.40
C ASN AG 245 -70.12 -60.75 166.91
N TRP AG 246 -70.80 -61.80 167.41
CA TRP AG 246 -70.81 -62.07 168.84
C TRP AG 246 -69.48 -62.23 169.56
N ARG AG 247 -68.62 -63.11 169.03
CA ARG AG 247 -67.29 -63.34 169.65
C ARG AG 247 -66.42 -62.10 169.39
N ASP AG 248 -66.63 -61.42 168.27
CA ASP AG 248 -65.85 -60.17 167.98
C ASP AG 248 -66.11 -59.17 169.11
N ASN AG 249 -67.38 -58.90 169.42
CA ASN AG 249 -67.73 -57.95 170.50
C ASN AG 249 -67.19 -58.49 171.83
N LEU AG 250 -67.37 -59.79 172.08
CA LEU AG 250 -66.86 -60.41 173.33
C LEU AG 250 -65.34 -60.22 173.39
N VAL AG 251 -64.65 -60.49 172.28
CA VAL AG 251 -63.16 -60.30 172.23
C VAL AG 251 -62.85 -58.85 172.62
N ARG AG 252 -63.58 -57.89 172.03
CA ARG AG 252 -63.35 -56.49 172.36
C ARG AG 252 -63.69 -56.19 173.81
N GLN AG 253 -64.72 -56.85 174.36
CA GLN AG 253 -65.03 -56.66 175.77
C GLN AG 253 -63.96 -57.24 176.67
N VAL AG 254 -63.33 -58.35 176.25
CA VAL AG 254 -62.32 -59.00 177.07
C VAL AG 254 -61.08 -58.11 177.21
N GLN AG 255 -60.75 -57.36 176.15
CA GLN AG 255 -59.52 -56.58 176.15
C GLN AG 255 -59.44 -55.63 177.33
N HIS AG 256 -60.58 -55.13 177.80
CA HIS AG 256 -60.60 -54.22 178.95
C HIS AG 256 -60.71 -55.00 180.26
N SER AG 257 -59.74 -55.91 180.49
CA SER AG 257 -59.65 -56.72 181.73
C SER AG 257 -58.20 -56.68 182.24
N GLU AG 258 -57.96 -56.08 183.40
CA GLU AG 258 -56.60 -55.96 183.98
C GLU AG 258 -56.04 -57.34 184.32
N LEU AG 259 -54.74 -57.55 184.11
CA LEU AG 259 -54.07 -58.85 184.44
C LEU AG 259 -53.00 -58.61 185.50
N GLU AG 260 -52.40 -59.67 186.05
CA GLU AG 260 -51.28 -59.56 186.97
C GLU AG 260 -50.06 -60.18 186.32
N LEU AG 261 -49.06 -59.35 186.01
CA LEU AG 261 -47.85 -59.80 185.35
C LEU AG 261 -46.71 -59.84 186.36
N VAL AG 262 -45.99 -60.96 186.40
CA VAL AG 262 -44.94 -61.20 187.37
C VAL AG 262 -43.63 -61.46 186.63
N ALA AG 263 -42.59 -60.73 187.00
CA ALA AG 263 -41.27 -60.88 186.39
C ALA AG 263 -40.38 -61.67 187.33
N ASN AG 264 -39.73 -62.70 186.79
CA ASN AG 264 -38.83 -63.54 187.57
C ASN AG 264 -37.39 -63.16 187.21
N PHE AG 265 -36.67 -62.60 188.19
CA PHE AG 265 -35.26 -62.15 188.01
C PHE AG 265 -34.31 -63.35 188.04
N ALA AG 266 -34.46 -64.25 189.01
CA ALA AG 266 -33.58 -65.43 189.17
C ALA AG 266 -34.32 -66.60 189.84
N ASP AG 267 -33.82 -67.84 189.70
CA ASP AG 267 -34.39 -69.01 190.35
C ASP AG 267 -33.23 -69.86 190.86
N ILE AG 268 -32.96 -69.76 192.16
CA ILE AG 268 -31.80 -70.40 192.78
C ILE AG 268 -32.28 -71.65 193.51
N PRO AG 269 -31.61 -72.82 193.37
CA PRO AG 269 -32.03 -74.09 194.04
C PRO AG 269 -31.30 -74.29 195.37
N LEU AG 270 -32.03 -74.20 196.49
CA LEU AG 270 -31.43 -74.45 197.81
C LEU AG 270 -32.12 -75.62 198.52
N ARG AG 271 -31.39 -76.33 199.36
CA ARG AG 271 -31.97 -77.45 200.15
C ARG AG 271 -32.77 -76.86 201.32
N LEU AG 272 -33.66 -77.65 201.91
CA LEU AG 272 -34.43 -77.20 203.09
C LEU AG 272 -33.46 -76.82 204.22
N SER AG 273 -32.37 -77.57 204.35
CA SER AG 273 -31.42 -77.32 205.45
C SER AG 273 -30.85 -75.90 205.33
N GLN AG 274 -30.54 -75.49 204.11
CA GLN AG 274 -30.04 -74.10 203.93
C GLN AG 274 -31.15 -73.13 204.36
N ILE AG 275 -32.41 -73.42 204.02
CA ILE AG 275 -33.49 -72.43 204.34
C ILE AG 275 -33.65 -72.17 205.85
N LEU AG 276 -33.64 -73.23 206.68
CA LEU AG 276 -33.70 -73.00 208.14
C LEU AG 276 -32.53 -72.25 208.81
N LYS AG 277 -31.31 -72.54 208.37
CA LYS AG 277 -30.11 -71.79 208.84
C LYS AG 277 -30.03 -70.38 208.15
N LEU AG 278 -30.82 -70.26 207.09
CA LEU AG 278 -30.80 -69.01 206.30
C LEU AG 278 -31.27 -68.01 207.35
N LYS AG 279 -30.56 -66.89 207.44
CA LYS AG 279 -30.89 -65.79 208.37
C LYS AG 279 -30.44 -64.50 207.70
N PRO AG 280 -30.94 -63.30 208.08
CA PRO AG 280 -30.59 -62.04 207.35
C PRO AG 280 -29.08 -61.82 207.27
N GLY AG 281 -28.59 -61.21 206.18
CA GLY AG 281 -27.19 -60.91 205.95
C GLY AG 281 -26.47 -61.91 205.07
N ASP AG 282 -27.06 -63.07 204.81
CA ASP AG 282 -26.41 -64.06 203.97
C ASP AG 282 -26.43 -63.64 202.51
N VAL AG 283 -25.54 -64.23 201.72
CA VAL AG 283 -25.48 -63.98 200.28
C VAL AG 283 -25.65 -65.32 199.56
N LEU AG 284 -26.65 -65.40 198.69
CA LEU AG 284 -26.90 -66.60 197.92
C LEU AG 284 -26.55 -66.33 196.47
N PRO AG 285 -25.55 -67.01 195.92
CA PRO AG 285 -25.05 -66.64 194.59
C PRO AG 285 -26.07 -66.99 193.50
N ILE AG 286 -26.16 -66.10 192.51
CA ILE AG 286 -27.06 -66.27 191.37
C ILE AG 286 -26.25 -66.09 190.10
N GLU AG 287 -26.79 -66.58 189.00
CA GLU AG 287 -26.14 -66.52 187.70
C GLU AG 287 -26.64 -65.31 186.92
N LYS AG 288 -26.02 -65.07 185.78
CA LYS AG 288 -26.42 -63.95 184.93
C LYS AG 288 -27.79 -64.21 184.32
N PRO AG 289 -28.78 -63.36 184.58
CA PRO AG 289 -30.01 -63.42 183.77
C PRO AG 289 -29.85 -62.65 182.48
N ASP AG 290 -29.72 -63.37 181.36
CA ASP AG 290 -29.63 -62.69 180.04
C ASP AG 290 -30.99 -62.08 179.71
N ARG AG 291 -32.07 -62.82 180.00
CA ARG AG 291 -33.42 -62.34 179.76
C ARG AG 291 -34.30 -62.66 180.96
N ILE AG 292 -35.33 -61.84 181.14
CA ILE AG 292 -36.25 -61.95 182.26
C ILE AG 292 -37.64 -62.42 181.84
N ILE AG 293 -38.04 -63.58 182.34
CA ILE AG 293 -39.35 -64.13 182.01
C ILE AG 293 -40.47 -63.47 182.79
N ALA AG 294 -41.51 -63.04 182.07
CA ALA AG 294 -42.68 -62.43 182.67
C ALA AG 294 -43.87 -63.35 182.40
N HIS AG 295 -44.52 -63.78 183.48
CA HIS AG 295 -45.58 -64.76 183.44
C HIS AG 295 -46.81 -64.25 184.17
N VAL AG 296 -47.98 -64.69 183.71
CA VAL AG 296 -49.26 -64.37 184.34
C VAL AG 296 -49.79 -65.65 184.94
N ASP AG 297 -49.84 -65.73 186.27
CA ASP AG 297 -50.35 -66.91 186.98
C ASP AG 297 -49.63 -68.18 186.56
N GLY AG 298 -48.33 -68.06 186.31
CA GLY AG 298 -47.52 -69.21 185.94
C GLY AG 298 -47.16 -69.27 184.47
N VAL AG 299 -48.09 -68.91 183.60
CA VAL AG 299 -47.88 -69.02 182.16
C VAL AG 299 -46.98 -67.88 181.69
N PRO AG 300 -45.81 -68.18 181.11
CA PRO AG 300 -44.90 -67.11 180.68
C PRO AG 300 -45.44 -66.41 179.44
N VAL AG 301 -45.33 -65.08 179.44
CA VAL AG 301 -45.90 -64.27 178.37
C VAL AG 301 -44.82 -63.45 177.68
N LEU AG 302 -43.78 -63.07 178.41
CA LEU AG 302 -42.81 -62.11 177.90
C LEU AG 302 -41.45 -62.61 178.36
N THR AG 303 -40.43 -62.25 177.59
CA THR AG 303 -39.04 -62.26 178.06
C THR AG 303 -38.49 -60.90 177.69
N SER AG 304 -37.88 -60.21 178.66
CA SER AG 304 -37.53 -58.81 178.51
C SER AG 304 -36.35 -58.59 179.44
N GLN AG 305 -35.53 -57.60 179.11
CA GLN AG 305 -34.26 -57.33 179.79
C GLN AG 305 -34.64 -56.40 180.93
N TYR AG 306 -34.02 -56.61 182.09
CA TYR AG 306 -34.32 -55.79 183.25
C TYR AG 306 -33.69 -54.40 183.12
N GLY AG 307 -34.23 -53.47 183.89
CA GLY AG 307 -33.72 -52.11 183.87
C GLY AG 307 -34.42 -51.27 184.92
N THR AG 308 -33.97 -50.02 185.03
CA THR AG 308 -34.55 -49.07 185.96
C THR AG 308 -34.92 -47.81 185.19
N VAL AG 309 -36.17 -47.39 185.30
CA VAL AG 309 -36.66 -46.20 184.62
C VAL AG 309 -37.56 -45.44 185.58
N ASN AG 310 -37.33 -44.13 185.71
CA ASN AG 310 -38.13 -43.25 186.55
C ASN AG 310 -38.19 -43.74 187.99
N GLY AG 311 -37.08 -44.28 188.48
CA GLY AG 311 -37.04 -44.83 189.81
C GLY AG 311 -37.83 -46.12 189.97
N GLN AG 312 -38.31 -46.70 188.88
CA GLN AG 312 -39.10 -47.92 188.91
C GLN AG 312 -38.33 -49.05 188.25
N TYR AG 313 -38.53 -50.26 188.77
CA TYR AG 313 -37.98 -51.44 188.12
C TYR AG 313 -38.67 -51.63 186.77
N ALA AG 314 -37.89 -51.54 185.70
CA ALA AG 314 -38.45 -51.57 184.35
C ALA AG 314 -37.96 -52.79 183.60
N LEU AG 315 -38.71 -53.15 182.55
CA LEU AG 315 -38.34 -54.24 181.67
C LEU AG 315 -38.44 -53.76 180.23
N ARG AG 316 -37.38 -53.98 179.47
CA ARG AG 316 -37.36 -53.66 178.04
C ARG AG 316 -37.81 -54.91 177.30
N VAL AG 317 -39.05 -54.87 176.79
CA VAL AG 317 -39.65 -56.05 176.18
C VAL AG 317 -38.86 -56.46 174.94
N GLU AG 318 -38.43 -57.68 174.92
CA GLU AG 318 -37.71 -58.22 173.77
C GLU AG 318 -38.53 -59.14 172.88
N HIS AG 319 -39.41 -59.98 173.46
CA HIS AG 319 -40.12 -60.99 172.62
C HIS AG 319 -41.39 -61.51 173.30
N LEU AG 320 -42.53 -61.37 172.63
CA LEU AG 320 -43.77 -61.98 173.10
C LEU AG 320 -43.73 -63.48 172.79
N ILE AG 321 -43.99 -64.30 173.80
CA ILE AG 321 -43.83 -65.74 173.63
C ILE AG 321 -45.02 -66.32 172.89
N ASN AG 322 -44.92 -66.38 171.56
CA ASN AG 322 -45.96 -67.00 170.77
C ASN AG 322 -45.81 -68.52 170.80
N PRO AG 323 -46.92 -69.26 170.65
CA PRO AG 323 -46.86 -70.72 170.63
C PRO AG 323 -46.62 -71.28 169.24
N GLN BG 52 -44.02 -87.10 213.95
CA GLN BG 52 -43.35 -85.81 213.90
C GLN BG 52 -41.84 -85.99 213.74
N ASP BG 53 -41.42 -86.30 212.53
CA ASP BG 53 -40.02 -86.54 212.22
C ASP BG 53 -39.35 -85.24 211.78
N ILE BG 54 -38.03 -85.21 211.87
CA ILE BG 54 -37.29 -84.00 211.54
C ILE BG 54 -36.22 -84.30 210.50
N ASP BG 55 -35.43 -85.35 210.70
CA ASP BG 55 -34.39 -85.75 209.72
C ASP BG 55 -35.07 -86.25 208.45
N LEU BG 56 -36.34 -86.64 208.50
CA LEU BG 56 -37.06 -87.22 207.34
C LEU BG 56 -37.14 -86.18 206.21
N ILE BG 57 -37.41 -84.91 206.52
CA ILE BG 57 -37.57 -83.84 205.49
C ILE BG 57 -36.43 -82.85 205.64
N MET BG 58 -35.37 -83.18 206.38
CA MET BG 58 -34.27 -82.27 206.62
C MET BG 58 -33.47 -82.01 205.35
N ASP BG 59 -33.66 -82.84 204.33
CA ASP BG 59 -32.84 -82.82 203.12
C ASP BG 59 -33.63 -82.51 201.85
N ILE BG 60 -34.93 -82.34 201.95
CA ILE BG 60 -35.77 -82.14 200.74
C ILE BG 60 -35.38 -80.83 200.07
N PRO BG 61 -35.21 -80.81 198.75
CA PRO BG 61 -34.86 -79.56 198.08
C PRO BG 61 -36.06 -78.69 197.80
N VAL BG 62 -35.83 -77.37 197.77
CA VAL BG 62 -36.87 -76.40 197.49
C VAL BG 62 -36.19 -75.50 196.45
N LYS BG 63 -37.04 -74.82 195.65
CA LYS BG 63 -36.58 -73.88 194.61
C LYS BG 63 -37.01 -72.49 195.05
N LEU BG 64 -36.11 -71.52 195.04
CA LEU BG 64 -36.39 -70.16 195.50
C LEU BG 64 -36.39 -69.23 194.30
N THR BG 65 -37.39 -68.36 194.22
CA THR BG 65 -37.51 -67.41 193.13
C THR BG 65 -37.48 -66.01 193.69
N VAL BG 66 -36.97 -65.07 192.90
CA VAL BG 66 -36.94 -63.65 193.25
C VAL BG 66 -37.56 -62.84 192.13
N GLU BG 67 -38.31 -61.81 192.49
CA GLU BG 67 -39.05 -61.02 191.52
C GLU BG 67 -38.43 -59.67 191.25
N LEU BG 68 -38.70 -59.09 190.07
CA LEU BG 68 -38.36 -57.70 189.85
C LEU BG 68 -39.44 -56.87 190.54
N GLY BG 69 -40.70 -57.17 190.24
CA GLY BG 69 -41.79 -56.43 190.88
C GLY BG 69 -43.13 -56.85 190.32
N ARG BG 70 -44.18 -56.43 191.03
CA ARG BG 70 -45.55 -56.61 190.59
C ARG BG 70 -45.86 -55.55 189.55
N THR BG 71 -46.93 -55.78 188.78
CA THR BG 71 -47.55 -54.77 187.96
C THR BG 71 -48.82 -55.43 187.49
N ARG BG 72 -49.83 -54.63 187.19
CA ARG BG 72 -51.14 -55.11 186.76
C ARG BG 72 -51.49 -54.28 185.53
N MET BG 73 -51.70 -54.95 184.40
CA MET BG 73 -51.77 -54.27 183.11
C MET BG 73 -52.71 -55.16 182.30
N THR BG 74 -53.62 -54.53 181.53
CA THR BG 74 -54.73 -55.26 180.87
C THR BG 74 -54.29 -55.92 179.60
N ILE BG 75 -55.22 -56.61 178.95
CA ILE BG 75 -54.96 -57.33 177.67
C ILE BG 75 -54.57 -56.29 176.62
N LYS BG 76 -55.20 -55.12 176.59
CA LYS BG 76 -54.94 -54.08 175.56
C LYS BG 76 -53.43 -53.79 175.43
N GLU BG 77 -52.77 -53.24 176.47
CA GLU BG 77 -51.36 -52.90 176.49
C GLU BG 77 -50.45 -54.11 176.26
N LEU BG 78 -50.82 -55.27 176.79
CA LEU BG 78 -50.07 -56.49 176.52
C LEU BG 78 -50.00 -56.88 175.05
N LEU BG 79 -51.11 -56.73 174.34
CA LEU BG 79 -51.11 -57.03 172.91
C LEU BG 79 -50.37 -56.04 172.02
N ARG BG 80 -50.31 -54.77 172.42
CA ARG BG 80 -49.59 -53.78 171.63
C ARG BG 80 -48.12 -53.52 172.13
N LEU BG 81 -47.66 -54.40 173.01
CA LEU BG 81 -46.29 -54.34 173.48
C LEU BG 81 -45.51 -54.82 172.25
N THR BG 82 -44.44 -54.10 171.93
CA THR BG 82 -43.65 -54.43 170.76
C THR BG 82 -42.21 -54.62 171.26
N GLN BG 83 -41.31 -54.97 170.35
CA GLN BG 83 -39.90 -55.09 170.76
C GLN BG 83 -39.35 -53.75 171.13
N GLY BG 84 -38.57 -53.68 172.22
CA GLY BG 84 -38.00 -52.43 172.66
C GLY BG 84 -38.92 -51.63 173.56
N SER BG 85 -40.18 -52.01 173.68
CA SER BG 85 -41.09 -51.30 174.57
C SER BG 85 -40.70 -51.54 176.03
N VAL BG 86 -40.91 -50.52 176.85
CA VAL BG 86 -40.50 -50.53 178.25
C VAL BG 86 -41.75 -50.49 179.12
N VAL BG 87 -41.81 -51.39 180.10
CA VAL BG 87 -42.91 -51.44 181.06
C VAL BG 87 -42.32 -51.36 182.45
N ALA BG 88 -42.95 -50.58 183.34
CA ALA BG 88 -42.46 -50.40 184.73
C ALA BG 88 -42.91 -51.56 185.63
N LEU BG 89 -42.77 -51.40 186.95
CA LEU BG 89 -43.15 -52.41 187.96
C LEU BG 89 -43.66 -51.59 189.15
N ASP BG 90 -44.24 -52.21 190.17
CA ASP BG 90 -44.86 -51.48 191.32
C ASP BG 90 -43.80 -51.08 192.36
N GLY BG 91 -42.54 -51.51 192.22
CA GLY BG 91 -41.49 -51.21 193.17
C GLY BG 91 -40.46 -50.16 192.79
N LEU BG 92 -40.18 -49.27 193.73
CA LEU BG 92 -39.12 -48.29 193.53
C LEU BG 92 -37.78 -49.00 193.40
N ALA BG 93 -36.90 -48.45 192.55
CA ALA BG 93 -35.59 -49.05 192.36
C ALA BG 93 -34.78 -48.87 193.63
N GLY BG 94 -34.66 -49.93 194.41
CA GLY BG 94 -33.94 -49.87 195.66
C GLY BG 94 -34.55 -50.69 196.79
N GLU BG 95 -35.87 -50.95 196.72
CA GLU BG 95 -36.47 -51.78 197.76
C GLU BG 95 -35.98 -53.22 197.63
N PRO BG 96 -35.93 -53.97 198.72
CA PRO BG 96 -35.53 -55.37 198.63
C PRO BG 96 -36.58 -56.19 197.90
N LEU BG 97 -36.11 -57.06 197.01
CA LEU BG 97 -37.01 -57.92 196.26
C LEU BG 97 -37.56 -59.03 197.17
N ASP BG 98 -38.70 -59.58 196.76
CA ASP BG 98 -39.35 -60.63 197.61
C ASP BG 98 -38.91 -62.02 197.15
N ILE BG 99 -38.38 -62.82 198.09
CA ILE BG 99 -37.96 -64.21 197.78
C ILE BG 99 -39.15 -65.13 198.10
N LEU BG 100 -39.47 -66.07 197.20
CA LEU BG 100 -40.67 -66.94 197.41
C LEU BG 100 -40.35 -68.40 197.14
N ILE BG 101 -41.06 -69.33 197.80
CA ILE BG 101 -40.87 -70.79 197.53
C ILE BG 101 -42.26 -71.39 197.24
N ASN BG 102 -42.42 -72.10 196.13
CA ASN BG 102 -43.72 -72.76 195.80
C ASN BG 102 -44.79 -71.66 195.86
N GLY BG 103 -44.46 -70.44 195.42
CA GLY BG 103 -45.43 -69.32 195.36
C GLY BG 103 -45.76 -68.78 196.74
N TYR BG 104 -44.97 -69.08 197.77
CA TYR BG 104 -45.22 -68.65 199.17
C TYR BG 104 -44.09 -67.75 199.63
N LEU BG 105 -44.40 -66.60 200.21
CA LEU BG 105 -43.36 -65.61 200.58
C LEU BG 105 -42.45 -66.30 201.62
N ILE BG 106 -41.14 -66.09 201.51
CA ILE BG 106 -40.16 -66.72 202.44
C ILE BG 106 -39.13 -65.69 202.92
N ALA BG 107 -38.78 -64.67 202.13
CA ALA BG 107 -37.69 -63.78 202.53
C ALA BG 107 -37.75 -62.49 201.71
N GLN BG 108 -36.79 -61.60 201.97
CA GLN BG 108 -36.58 -60.40 201.17
C GLN BG 108 -35.09 -60.11 201.07
N GLY BG 109 -34.66 -59.74 199.86
CA GLY BG 109 -33.27 -59.39 199.63
C GLY BG 109 -33.09 -58.78 198.26
N GLU BG 110 -31.95 -58.10 198.10
CA GLU BG 110 -31.62 -57.42 196.85
C GLU BG 110 -30.35 -58.00 196.25
N VAL BG 111 -30.15 -57.71 194.97
CA VAL BG 111 -28.98 -58.19 194.25
C VAL BG 111 -27.78 -57.31 194.59
N VAL BG 112 -26.61 -57.94 194.74
CA VAL BG 112 -25.37 -57.24 195.06
C VAL BG 112 -24.25 -57.70 194.14
N VAL BG 113 -23.40 -56.76 193.74
CA VAL BG 113 -22.25 -57.04 192.90
C VAL BG 113 -20.96 -57.06 193.72
N VAL BG 114 -20.29 -58.20 193.78
CA VAL BG 114 -19.12 -58.29 194.63
C VAL BG 114 -17.87 -58.05 193.79
N ALA BG 115 -17.62 -58.98 192.86
CA ALA BG 115 -16.53 -58.83 191.89
C ALA BG 115 -16.99 -58.81 190.43
N ASP BG 116 -17.33 -59.99 189.91
CA ASP BG 116 -17.93 -60.09 188.56
C ASP BG 116 -18.99 -61.17 188.76
N LYS BG 117 -19.55 -61.25 189.97
CA LYS BG 117 -20.53 -62.32 190.32
C LYS BG 117 -21.75 -61.71 191.01
N TYR BG 118 -22.90 -62.39 190.94
CA TYR BG 118 -24.14 -61.81 191.50
C TYR BG 118 -24.75 -62.69 192.59
N GLY BG 119 -25.46 -62.08 193.54
CA GLY BG 119 -26.15 -62.81 194.58
C GLY BG 119 -27.15 -61.93 195.31
N VAL BG 120 -28.02 -62.58 196.07
CA VAL BG 120 -29.08 -61.89 196.80
C VAL BG 120 -28.59 -61.75 198.23
N ARG BG 121 -28.71 -60.53 198.75
CA ARG BG 121 -28.33 -60.21 200.13
C ARG BG 121 -29.64 -60.08 200.89
N ILE BG 122 -29.99 -61.13 201.64
CA ILE BG 122 -31.27 -61.17 202.32
C ILE BG 122 -31.30 -60.14 203.44
N THR BG 123 -32.38 -59.36 203.50
CA THR BG 123 -32.51 -58.31 204.49
C THR BG 123 -33.16 -58.80 205.79
N ASP BG 124 -34.21 -59.60 205.70
CA ASP BG 124 -34.90 -60.05 206.90
C ASP BG 124 -35.73 -61.29 206.56
N ILE BG 125 -36.32 -61.87 207.60
CA ILE BG 125 -37.23 -63.00 207.48
C ILE BG 125 -38.60 -62.54 207.97
N ILE BG 126 -39.61 -62.74 207.14
CA ILE BG 126 -40.95 -62.23 207.44
C ILE BG 126 -41.64 -63.15 208.44
N THR BG 127 -41.96 -62.62 209.61
CA THR BG 127 -42.80 -63.30 210.57
C THR BG 127 -44.24 -63.33 210.07
N PRO BG 128 -45.06 -64.25 210.59
CA PRO BG 128 -46.46 -64.31 210.12
C PRO BG 128 -47.21 -63.00 210.26
N SER BG 129 -46.96 -62.25 211.34
CA SER BG 129 -47.65 -60.98 211.54
C SER BG 129 -47.46 -60.10 210.33
N GLU BG 130 -46.22 -59.92 209.89
CA GLU BG 130 -45.97 -59.21 208.65
C GLU BG 130 -46.70 -59.83 207.46
N ARG BG 131 -46.61 -61.15 207.34
CA ARG BG 131 -47.36 -61.84 206.24
C ARG BG 131 -48.85 -61.46 206.29
N MET BG 132 -49.42 -61.38 207.49
CA MET BG 132 -50.88 -61.10 207.62
C MET BG 132 -51.17 -59.70 207.04
N ARG BG 133 -50.31 -58.72 207.33
CA ARG BG 133 -50.52 -57.34 206.82
C ARG BG 133 -50.21 -57.31 205.32
N ARG BG 134 -49.42 -58.27 204.86
CA ARG BG 134 -49.04 -58.37 203.42
C ARG BG 134 -50.37 -58.67 202.69
N LEU BG 135 -51.03 -59.75 203.12
CA LEU BG 135 -52.37 -60.07 202.58
C LEU BG 135 -53.44 -58.99 202.82
N SER BG 136 -53.39 -58.36 203.99
CA SER BG 136 -54.42 -57.33 204.33
C SER BG 136 -54.21 -56.06 203.50
N ARG BG 137 -52.96 -55.75 203.11
CA ARG BG 137 -52.76 -54.48 202.41
C ARG BG 137 -51.72 -54.64 201.30
N ASP CG 53 -37.86 -71.18 214.79
CA ASP CG 53 -37.40 -71.31 213.41
C ASP CG 53 -38.07 -72.49 212.70
N ILE CG 54 -38.51 -73.48 213.48
CA ILE CG 54 -39.22 -74.62 212.90
C ILE CG 54 -40.54 -74.10 212.35
N ASP CG 55 -41.14 -73.12 213.02
CA ASP CG 55 -42.41 -72.55 212.58
C ASP CG 55 -42.34 -72.00 211.16
N LEU CG 56 -41.20 -71.42 210.78
CA LEU CG 56 -41.03 -70.92 209.41
C LEU CG 56 -41.14 -71.97 208.32
N ILE CG 57 -40.54 -73.14 208.57
CA ILE CG 57 -40.52 -74.23 207.55
C ILE CG 57 -41.54 -75.31 207.95
N MET CG 58 -42.57 -74.97 208.72
CA MET CG 58 -43.52 -75.96 209.16
C MET CG 58 -44.77 -75.64 208.33
N ASP CG 59 -44.76 -74.49 207.63
CA ASP CG 59 -45.99 -74.06 206.88
C ASP CG 59 -45.77 -74.07 205.36
N ILE CG 60 -44.52 -74.01 204.88
CA ILE CG 60 -44.25 -73.91 203.44
C ILE CG 60 -44.84 -75.00 202.53
N PRO CG 61 -45.45 -74.63 201.38
CA PRO CG 61 -45.96 -75.63 200.41
C PRO CG 61 -44.81 -76.36 199.73
N VAL CG 62 -45.05 -77.56 199.23
CA VAL CG 62 -44.05 -78.37 198.55
C VAL CG 62 -44.86 -79.22 197.59
N LYS CG 63 -44.20 -79.72 196.55
CA LYS CG 63 -44.87 -80.49 195.52
C LYS CG 63 -44.58 -81.96 195.77
N LEU CG 64 -45.61 -82.79 195.81
CA LEU CG 64 -45.49 -84.21 196.08
C LEU CG 64 -45.90 -84.97 194.84
N THR CG 65 -45.16 -86.03 194.51
CA THR CG 65 -45.49 -86.89 193.38
C THR CG 65 -45.33 -88.33 193.82
N VAL CG 66 -45.98 -89.23 193.09
CA VAL CG 66 -45.78 -90.67 193.26
C VAL CG 66 -45.64 -91.30 191.89
N GLU CG 67 -44.56 -92.05 191.69
CA GLU CG 67 -44.27 -92.60 190.37
C GLU CG 67 -44.63 -94.08 190.34
N LEU CG 68 -45.35 -94.51 189.30
CA LEU CG 68 -45.86 -95.91 189.21
C LEU CG 68 -44.87 -96.82 188.47
N GLY CG 69 -44.04 -96.28 187.57
CA GLY CG 69 -43.17 -97.12 186.73
C GLY CG 69 -41.80 -96.52 186.54
N ARG CG 70 -40.83 -97.35 186.11
CA ARG CG 70 -39.44 -96.91 185.85
C ARG CG 70 -38.83 -97.86 184.80
N THR CG 71 -38.38 -97.33 183.66
CA THR CG 71 -37.83 -98.14 182.58
C THR CG 71 -36.65 -97.40 181.99
N ARG CG 72 -35.61 -98.09 181.55
CA ARG CG 72 -34.47 -97.52 180.84
C ARG CG 72 -34.55 -97.88 179.35
N MET CG 73 -34.42 -96.86 178.50
CA MET CG 73 -34.59 -97.12 177.06
C MET CG 73 -33.62 -96.30 176.21
N THR CG 74 -33.34 -96.76 174.99
CA THR CG 74 -32.48 -96.08 174.03
C THR CG 74 -33.47 -95.30 173.15
N ILE CG 75 -32.94 -94.61 172.13
CA ILE CG 75 -33.85 -93.73 171.33
C ILE CG 75 -34.44 -94.55 170.17
N LYS CG 76 -33.69 -95.54 169.72
CA LYS CG 76 -34.26 -96.44 168.71
C LYS CG 76 -35.58 -96.85 169.34
N GLU CG 77 -35.52 -97.30 170.59
CA GLU CG 77 -36.75 -97.80 171.26
C GLU CG 77 -37.79 -96.70 171.44
N LEU CG 78 -37.39 -95.50 171.88
CA LEU CG 78 -38.38 -94.43 172.15
C LEU CG 78 -39.08 -94.00 170.86
N LEU CG 79 -38.31 -93.83 169.78
CA LEU CG 79 -38.86 -93.43 168.47
C LEU CG 79 -39.77 -94.54 167.95
N ARG CG 80 -39.39 -95.80 168.18
CA ARG CG 80 -40.17 -96.95 167.66
C ARG CG 80 -41.57 -96.91 168.27
N LEU CG 81 -41.69 -96.56 169.56
CA LEU CG 81 -43.03 -96.40 170.18
C LEU CG 81 -43.93 -95.62 169.22
N THR CG 82 -45.17 -96.04 168.97
CA THR CG 82 -46.11 -95.26 168.14
C THR CG 82 -47.36 -95.01 168.96
N GLN CG 83 -48.49 -94.72 168.31
CA GLN CG 83 -49.72 -94.57 169.07
C GLN CG 83 -50.28 -95.94 169.43
N GLY CG 84 -50.64 -96.11 170.69
CA GLY CG 84 -51.13 -97.39 171.16
C GLY CG 84 -50.07 -98.38 171.57
N SER CG 85 -48.79 -98.06 171.42
CA SER CG 85 -47.73 -98.97 171.81
C SER CG 85 -47.70 -99.13 173.32
N VAL CG 86 -47.50 -100.36 173.76
CA VAL CG 86 -47.44 -100.69 175.19
C VAL CG 86 -45.98 -100.76 175.61
N VAL CG 87 -45.63 -100.01 176.65
CA VAL CG 87 -44.27 -99.97 177.17
C VAL CG 87 -44.26 -100.71 178.49
N ALA CG 88 -43.47 -101.78 178.57
CA ALA CG 88 -43.35 -102.53 179.80
C ALA CG 88 -42.56 -101.80 180.87
N LEU CG 89 -42.93 -102.02 182.13
CA LEU CG 89 -42.26 -101.42 183.27
C LEU CG 89 -41.42 -102.34 184.14
N ASP CG 90 -40.19 -101.92 184.43
CA ASP CG 90 -39.30 -102.74 185.25
C ASP CG 90 -39.96 -103.16 186.59
N GLY CG 91 -40.70 -102.21 187.17
CA GLY CG 91 -41.51 -102.50 188.32
C GLY CG 91 -42.58 -103.58 188.28
N LEU CG 92 -42.47 -104.58 189.15
CA LEU CG 92 -43.46 -105.64 189.20
C LEU CG 92 -44.76 -105.11 189.80
N ALA CG 93 -45.86 -105.83 189.53
CA ALA CG 93 -47.14 -105.42 190.10
C ALA CG 93 -47.14 -105.64 191.61
N GLY CG 94 -47.68 -104.66 192.33
CA GLY CG 94 -47.81 -104.74 193.77
C GLY CG 94 -46.62 -104.23 194.55
N GLU CG 95 -45.50 -103.95 193.90
CA GLU CG 95 -44.34 -103.43 194.63
C GLU CG 95 -44.62 -102.01 195.10
N PRO CG 96 -44.04 -101.50 196.20
CA PRO CG 96 -44.37 -100.14 196.70
C PRO CG 96 -43.94 -99.06 195.71
N LEU CG 97 -44.86 -98.18 195.30
CA LEU CG 97 -44.56 -97.06 194.36
C LEU CG 97 -43.60 -96.07 195.03
N ASP CG 98 -42.63 -95.51 194.34
CA ASP CG 98 -41.78 -94.46 194.97
C ASP CG 98 -42.63 -93.21 195.23
N ILE CG 99 -42.44 -92.50 196.33
CA ILE CG 99 -43.07 -91.21 196.59
C ILE CG 99 -41.95 -90.18 196.69
N LEU CG 100 -42.04 -89.14 195.87
CA LEU CG 100 -41.00 -88.15 195.71
C LEU CG 100 -41.51 -86.78 196.15
N ILE CG 101 -40.61 -85.99 196.71
CA ILE CG 101 -40.90 -84.62 197.11
C ILE CG 101 -39.93 -83.73 196.35
N ASN CG 102 -40.46 -82.95 195.40
CA ASN CG 102 -39.63 -82.13 194.52
C ASN CG 102 -38.58 -82.97 193.82
N GLY CG 103 -38.96 -84.19 193.46
CA GLY CG 103 -38.04 -85.12 192.82
C GLY CG 103 -37.13 -85.87 193.75
N TYR CG 104 -37.34 -85.78 195.06
CA TYR CG 104 -36.49 -86.44 196.05
C TYR CG 104 -37.27 -87.57 196.71
N LEU CG 105 -36.74 -88.78 196.62
CA LEU CG 105 -37.43 -89.94 197.17
C LEU CG 105 -37.34 -89.94 198.70
N ILE CG 106 -38.48 -90.13 199.36
CA ILE CG 106 -38.49 -90.17 200.82
C ILE CG 106 -39.21 -91.42 201.33
N ALA CG 107 -40.08 -92.00 200.52
CA ALA CG 107 -40.95 -93.04 201.04
C ALA CG 107 -41.40 -93.98 199.92
N GLN CG 108 -41.92 -95.13 200.33
CA GLN CG 108 -42.46 -96.12 199.43
C GLN CG 108 -43.85 -96.53 199.92
N GLY CG 109 -44.78 -96.69 198.98
CA GLY CG 109 -46.13 -97.10 199.32
C GLY CG 109 -47.01 -97.59 198.20
N GLU CG 110 -47.99 -98.41 198.57
CA GLU CG 110 -48.90 -98.98 197.58
C GLU CG 110 -49.98 -98.07 197.03
N VAL CG 111 -50.56 -98.45 195.90
CA VAL CG 111 -51.48 -97.61 195.16
C VAL CG 111 -52.83 -98.02 195.71
N VAL CG 112 -53.68 -97.02 195.97
CA VAL CG 112 -55.05 -97.24 196.41
C VAL CG 112 -55.88 -96.06 195.96
N VAL CG 113 -57.14 -96.30 195.60
CA VAL CG 113 -58.04 -95.26 195.12
C VAL CG 113 -59.11 -95.02 196.16
N VAL CG 114 -59.30 -93.74 196.50
CA VAL CG 114 -60.29 -93.36 197.56
C VAL CG 114 -61.27 -92.32 196.98
N ALA CG 115 -62.58 -92.59 197.04
CA ALA CG 115 -63.61 -91.62 196.60
C ALA CG 115 -63.39 -91.23 195.13
N ASP CG 116 -62.99 -92.21 194.30
CA ASP CG 116 -62.81 -91.99 192.83
C ASP CG 116 -61.64 -91.04 192.53
N LYS CG 117 -60.72 -90.87 193.47
CA LYS CG 117 -59.53 -90.01 193.25
C LYS CG 117 -58.29 -90.85 193.56
N TYR CG 118 -57.26 -90.77 192.72
CA TYR CG 118 -56.01 -91.53 192.98
C TYR CG 118 -55.43 -91.26 194.36
N GLY CG 119 -54.76 -92.26 194.94
CA GLY CG 119 -54.12 -92.08 196.23
C GLY CG 119 -53.02 -93.10 196.43
N VAL CG 120 -52.37 -93.01 197.58
CA VAL CG 120 -51.27 -93.91 197.91
C VAL CG 120 -51.19 -94.02 199.42
N ARG CG 121 -50.99 -95.24 199.90
CA ARG CG 121 -50.79 -95.51 201.32
C ARG CG 121 -49.31 -95.63 201.64
N ILE CG 122 -48.84 -94.82 202.58
CA ILE CG 122 -47.41 -94.80 202.91
C ILE CG 122 -47.05 -96.09 203.65
N THR CG 123 -46.48 -97.05 202.92
CA THR CG 123 -46.07 -98.29 203.56
C THR CG 123 -44.89 -98.05 204.48
N ASP CG 124 -43.87 -97.33 204.00
CA ASP CG 124 -42.71 -97.08 204.84
C ASP CG 124 -41.97 -95.85 204.33
N ILE CG 125 -41.10 -95.32 205.18
CA ILE CG 125 -40.19 -94.26 204.81
C ILE CG 125 -38.79 -94.86 204.70
N ILE CG 126 -38.16 -94.66 203.56
CA ILE CG 126 -36.86 -95.26 203.31
C ILE CG 126 -35.78 -94.49 204.07
N THR CG 127 -35.01 -95.23 204.87
CA THR CG 127 -33.80 -94.76 205.52
C THR CG 127 -32.67 -94.71 204.51
N PRO CG 128 -31.72 -93.78 204.64
CA PRO CG 128 -30.71 -93.60 203.57
C PRO CG 128 -29.85 -94.83 203.34
N SER CG 129 -30.09 -95.93 204.07
CA SER CG 129 -29.34 -97.15 203.80
C SER CG 129 -29.72 -97.65 202.41
N GLU CG 130 -31.01 -97.51 202.03
CA GLU CG 130 -31.48 -98.04 200.72
C GLU CG 130 -31.07 -97.12 199.56
N ARG CG 131 -30.67 -95.88 199.84
CA ARG CG 131 -30.33 -94.89 198.81
C ARG CG 131 -29.09 -95.35 198.06
N MET CG 132 -28.12 -95.90 198.78
CA MET CG 132 -26.93 -96.46 198.08
C MET CG 132 -27.45 -97.48 197.05
N ARG CG 133 -28.34 -98.36 197.48
CA ARG CG 133 -28.90 -99.41 196.57
C ARG CG 133 -29.82 -98.84 195.47
N ARG CG 134 -30.34 -97.63 195.68
CA ARG CG 134 -31.21 -96.99 194.66
C ARG CG 134 -30.34 -96.63 193.43
N LEU CG 135 -29.01 -96.73 193.59
CA LEU CG 135 -28.09 -96.43 192.47
C LEU CG 135 -27.00 -97.51 192.40
N ALA DG 37 -1.48 -74.04 185.69
CA ALA DG 37 -1.58 -73.40 184.39
C ALA DG 37 -1.52 -74.43 183.27
N VAL DG 38 -1.77 -75.69 183.61
CA VAL DG 38 -1.75 -76.77 182.64
C VAL DG 38 -2.90 -76.63 181.64
N PHE DG 39 -4.10 -76.34 182.11
CA PHE DG 39 -5.25 -76.21 181.22
C PHE DG 39 -5.11 -74.97 180.35
N GLN DG 40 -5.48 -75.10 179.08
CA GLN DG 40 -5.38 -74.00 178.14
C GLN DG 40 -6.73 -73.30 178.08
N GLN DG 41 -6.69 -71.97 178.09
CA GLN DG 41 -7.91 -71.18 178.20
C GLN DG 41 -8.66 -71.07 176.88
N LEU DG 42 -9.80 -71.74 176.80
CA LEU DG 42 -10.64 -71.72 175.61
C LEU DG 42 -11.69 -70.62 175.64
N GLY DG 43 -11.85 -69.93 174.53
CA GLY DG 43 -12.83 -68.86 174.44
C GLY DG 43 -13.15 -68.55 172.98
N GLY DG 44 -14.27 -67.86 172.80
CA GLY DG 44 -14.73 -67.52 171.47
C GLY DG 44 -15.07 -68.73 170.61
N GLY DG 45 -15.71 -69.74 171.21
CA GLY DG 45 -16.04 -70.94 170.48
C GLY DG 45 -17.48 -70.98 170.02
N ASP DG 46 -18.17 -69.84 170.10
CA ASP DG 46 -19.56 -69.74 169.65
C ASP DG 46 -19.59 -69.54 168.14
N VAL DG 47 -19.24 -70.61 167.42
CA VAL DG 47 -19.18 -70.55 165.97
C VAL DG 47 -20.57 -70.42 165.38
N SER DG 48 -21.41 -71.42 165.61
CA SER DG 48 -22.78 -71.43 165.11
C SER DG 48 -23.53 -72.57 165.80
N GLY DG 49 -24.82 -72.67 165.51
CA GLY DG 49 -25.64 -73.74 166.05
C GLY DG 49 -26.71 -74.19 165.07
N ALA DG 50 -26.73 -75.48 164.76
CA ALA DG 50 -27.74 -76.02 163.86
C ALA DG 50 -27.96 -77.49 164.19
N MET DG 51 -29.21 -77.88 164.34
CA MET DG 51 -29.54 -79.27 164.59
C MET DG 51 -29.04 -80.13 163.43
N GLN DG 52 -28.40 -81.25 163.76
CA GLN DG 52 -27.80 -82.08 162.73
C GLN DG 52 -28.84 -83.13 162.34
N ASP DG 53 -29.15 -84.03 163.27
CA ASP DG 53 -30.08 -85.12 163.07
C ASP DG 53 -30.20 -85.85 164.39
N ILE DG 54 -31.23 -86.68 164.53
CA ILE DG 54 -31.51 -87.33 165.80
C ILE DG 54 -30.91 -88.73 165.92
N ASP DG 55 -30.12 -89.13 164.94
CA ASP DG 55 -29.44 -90.43 164.97
C ASP DG 55 -27.98 -90.35 165.41
N LEU DG 56 -27.42 -89.14 165.48
CA LEU DG 56 -26.04 -89.00 166.00
C LEU DG 56 -26.10 -89.35 167.48
N ILE DG 57 -27.20 -88.97 168.14
CA ILE DG 57 -27.38 -89.16 169.61
C ILE DG 57 -28.26 -90.38 169.90
N MET DG 58 -28.61 -91.20 168.92
CA MET DG 58 -29.62 -92.27 169.14
C MET DG 58 -29.45 -93.29 170.27
N ASP DG 59 -28.36 -94.06 170.23
CA ASP DG 59 -28.17 -95.15 171.23
C ASP DG 59 -27.68 -94.53 172.54
N ILE DG 60 -28.40 -93.51 173.03
CA ILE DG 60 -28.05 -92.91 174.34
C ILE DG 60 -29.17 -93.31 175.29
N PRO DG 61 -28.89 -93.89 176.48
CA PRO DG 61 -29.96 -94.39 177.38
C PRO DG 61 -30.81 -93.22 177.86
N VAL DG 62 -32.12 -93.44 177.92
CA VAL DG 62 -33.04 -92.38 178.43
C VAL DG 62 -33.65 -92.92 179.73
N LYS DG 63 -34.03 -92.04 180.65
CA LYS DG 63 -34.62 -92.49 181.89
C LYS DG 63 -36.13 -92.29 181.80
N LEU DG 64 -36.85 -93.32 181.39
CA LEU DG 64 -38.30 -93.23 181.25
C LEU DG 64 -38.97 -93.55 182.57
N THR DG 65 -39.98 -92.74 182.91
CA THR DG 65 -40.70 -92.87 184.17
C THR DG 65 -42.15 -92.48 183.96
N VAL DG 66 -43.06 -93.36 184.37
CA VAL DG 66 -44.48 -93.07 184.35
C VAL DG 66 -44.94 -92.59 185.73
N GLU DG 67 -45.74 -91.54 185.74
CA GLU DG 67 -46.19 -90.92 186.99
C GLU DG 67 -47.64 -91.20 187.34
N LEU DG 68 -47.88 -91.65 188.57
CA LEU DG 68 -49.23 -92.06 188.95
C LEU DG 68 -50.07 -90.82 189.17
N GLY DG 69 -49.55 -89.85 189.93
CA GLY DG 69 -50.32 -88.66 190.23
C GLY DG 69 -49.51 -87.56 190.87
N ARG DG 70 -50.19 -86.45 191.10
CA ARG DG 70 -49.60 -85.26 191.69
C ARG DG 70 -50.52 -84.81 192.81
N THR DG 71 -50.01 -83.93 193.65
CA THR DG 71 -50.77 -83.28 194.68
C THR DG 71 -49.92 -82.18 195.28
N ARG DG 72 -50.46 -80.97 195.34
CA ARG DG 72 -49.78 -79.87 196.02
C ARG DG 72 -50.17 -79.92 197.48
N MET DG 73 -49.17 -80.05 198.35
CA MET DG 73 -49.42 -80.20 199.77
C MET DG 73 -48.26 -79.55 200.52
N THR DG 74 -48.58 -78.94 201.65
CA THR DG 74 -47.58 -78.26 202.45
C THR DG 74 -47.01 -79.18 203.52
N ILE DG 75 -45.98 -78.68 204.20
CA ILE DG 75 -45.34 -79.44 205.28
C ILE DG 75 -46.31 -79.69 206.44
N LYS DG 76 -47.36 -78.87 206.56
CA LYS DG 76 -48.37 -79.03 207.58
C LYS DG 76 -48.84 -80.49 207.67
N GLU DG 77 -49.46 -80.98 206.61
CA GLU DG 77 -49.90 -82.37 206.60
C GLU DG 77 -48.73 -83.32 206.42
N LEU DG 78 -47.64 -82.86 205.80
CA LEU DG 78 -46.49 -83.73 205.62
C LEU DG 78 -45.93 -84.55 206.78
N LEU DG 79 -45.72 -83.90 207.93
CA LEU DG 79 -45.27 -84.67 209.10
C LEU DG 79 -46.46 -85.36 209.82
N ARG DG 80 -47.66 -84.82 209.59
CA ARG DG 80 -48.86 -85.47 210.16
C ARG DG 80 -48.93 -86.90 209.62
N LEU DG 81 -48.35 -87.13 208.44
CA LEU DG 81 -48.33 -88.47 207.86
C LEU DG 81 -47.63 -89.60 208.62
N THR DG 82 -48.37 -90.67 208.86
CA THR DG 82 -47.87 -91.86 209.53
C THR DG 82 -47.99 -93.06 208.61
N GLN DG 83 -47.49 -94.20 209.07
CA GLN DG 83 -47.60 -95.42 208.29
C GLN DG 83 -49.06 -95.84 208.19
N GLY DG 84 -49.47 -96.25 206.99
CA GLY DG 84 -50.83 -96.63 206.75
C GLY DG 84 -51.76 -95.49 206.40
N SER DG 85 -51.28 -94.25 206.45
CA SER DG 85 -52.10 -93.11 206.05
C SER DG 85 -52.28 -93.11 204.53
N VAL DG 86 -53.30 -92.40 204.07
CA VAL DG 86 -53.66 -92.32 202.66
C VAL DG 86 -53.60 -90.87 202.23
N VAL DG 87 -52.89 -90.60 201.14
CA VAL DG 87 -52.76 -89.25 200.58
C VAL DG 87 -53.51 -89.21 199.27
N ALA DG 88 -54.53 -88.35 199.19
CA ALA DG 88 -55.28 -88.20 197.96
C ALA DG 88 -54.45 -87.41 196.95
N LEU DG 89 -54.53 -87.84 195.69
CA LEU DG 89 -53.80 -87.21 194.61
C LEU DG 89 -54.75 -86.36 193.78
N ASP DG 90 -54.23 -85.27 193.22
CA ASP DG 90 -55.05 -84.38 192.42
C ASP DG 90 -55.62 -85.07 191.19
N GLY DG 91 -54.86 -85.99 190.58
CA GLY DG 91 -55.34 -86.71 189.42
C GLY DG 91 -56.55 -87.57 189.69
N LEU DG 92 -57.59 -87.40 188.88
CA LEU DG 92 -58.78 -88.23 189.00
C LEU DG 92 -58.47 -89.66 188.60
N ALA DG 93 -59.12 -90.61 189.28
CA ALA DG 93 -58.87 -92.01 189.01
C ALA DG 93 -59.30 -92.37 187.60
N GLY DG 94 -58.48 -93.16 186.92
CA GLY DG 94 -58.77 -93.58 185.56
C GLY DG 94 -58.32 -92.62 184.49
N GLU DG 95 -57.80 -91.45 184.85
CA GLU DG 95 -57.30 -90.51 183.87
C GLU DG 95 -55.99 -91.03 183.28
N PRO DG 96 -55.64 -90.58 182.08
CA PRO DG 96 -54.34 -90.96 181.50
C PRO DG 96 -53.19 -90.51 182.38
N LEU DG 97 -52.19 -91.37 182.53
CA LEU DG 97 -51.02 -91.09 183.33
C LEU DG 97 -49.97 -90.37 182.49
N ASP DG 98 -49.01 -89.77 183.19
CA ASP DG 98 -47.99 -88.96 182.56
C ASP DG 98 -46.72 -89.76 182.35
N ILE DG 99 -46.05 -89.54 181.21
CA ILE DG 99 -44.82 -90.23 180.88
C ILE DG 99 -43.74 -89.17 180.72
N LEU DG 100 -42.61 -89.37 181.41
CA LEU DG 100 -41.50 -88.44 181.37
C LEU DG 100 -40.24 -89.18 180.96
N ILE DG 101 -39.36 -88.51 180.24
CA ILE DG 101 -38.03 -89.01 179.95
C ILE DG 101 -37.02 -88.04 180.54
N ASN DG 102 -36.19 -88.53 181.47
CA ASN DG 102 -35.27 -87.69 182.22
C ASN DG 102 -36.00 -86.57 182.93
N GLY DG 103 -37.21 -86.86 183.41
CA GLY DG 103 -37.99 -85.90 184.16
C GLY DG 103 -38.70 -84.84 183.34
N TYR DG 104 -38.76 -85.00 182.03
CA TYR DG 104 -39.43 -84.03 181.15
C TYR DG 104 -40.66 -84.70 180.58
N LEU DG 105 -41.82 -84.07 180.77
CA LEU DG 105 -43.08 -84.64 180.31
C LEU DG 105 -43.13 -84.61 178.78
N ILE DG 106 -43.41 -85.75 178.17
CA ILE DG 106 -43.49 -85.86 176.72
C ILE DG 106 -44.86 -86.35 176.27
N ALA DG 107 -45.44 -87.33 176.96
CA ALA DG 107 -46.65 -87.97 176.46
C ALA DG 107 -47.55 -88.36 177.61
N GLN DG 108 -48.80 -88.63 177.26
CA GLN DG 108 -49.81 -89.15 178.17
C GLN DG 108 -50.23 -90.53 177.69
N GLY DG 109 -50.22 -91.50 178.61
CA GLY DG 109 -50.53 -92.87 178.27
C GLY DG 109 -51.60 -93.39 179.21
N GLU DG 110 -51.86 -94.69 179.11
CA GLU DG 110 -52.85 -95.37 179.92
C GLU DG 110 -52.22 -96.65 180.46
N VAL DG 111 -52.48 -96.94 181.72
CA VAL DG 111 -51.86 -98.07 182.40
C VAL DG 111 -52.59 -99.37 182.07
N VAL DG 112 -51.83 -100.42 181.75
CA VAL DG 112 -52.38 -101.73 181.44
C VAL DG 112 -51.53 -102.78 182.14
N VAL DG 113 -52.11 -103.96 182.34
CA VAL DG 113 -51.45 -105.08 182.99
C VAL DG 113 -51.28 -106.17 181.95
N VAL DG 114 -50.02 -106.53 181.68
CA VAL DG 114 -49.72 -107.61 180.69
C VAL DG 114 -48.82 -108.68 181.34
N ALA DG 115 -49.34 -109.92 181.45
CA ALA DG 115 -48.57 -111.03 182.06
C ALA DG 115 -48.13 -110.72 183.49
N ASP DG 116 -48.96 -110.01 184.27
CA ASP DG 116 -48.67 -109.73 185.70
C ASP DG 116 -47.54 -108.69 185.81
N LYS DG 117 -47.26 -107.97 184.72
CA LYS DG 117 -46.22 -106.92 184.73
C LYS DG 117 -46.87 -105.58 184.37
N TYR DG 118 -46.52 -104.51 185.07
CA TYR DG 118 -47.18 -103.23 184.79
C TYR DG 118 -46.67 -102.64 183.49
N GLY DG 119 -47.58 -102.07 182.73
CA GLY DG 119 -47.22 -101.49 181.44
C GLY DG 119 -48.12 -100.31 181.13
N VAL DG 120 -47.52 -99.28 180.55
CA VAL DG 120 -48.26 -98.11 180.09
C VAL DG 120 -48.43 -98.21 178.58
N ARG DG 121 -49.56 -97.71 178.10
CA ARG DG 121 -49.87 -97.69 176.67
C ARG DG 121 -49.90 -96.24 176.22
N ILE DG 122 -48.93 -95.84 175.40
CA ILE DG 122 -48.84 -94.46 174.96
C ILE DG 122 -50.07 -94.10 174.15
N THR DG 123 -50.74 -93.01 174.54
CA THR DG 123 -51.93 -92.55 173.85
C THR DG 123 -51.71 -91.29 173.04
N ASP DG 124 -51.10 -90.25 173.61
CA ASP DG 124 -50.93 -89.03 172.82
C ASP DG 124 -49.80 -88.18 173.39
N ILE DG 125 -48.95 -87.67 172.50
CA ILE DG 125 -47.94 -86.72 172.90
C ILE DG 125 -48.61 -85.41 173.29
N ILE DG 126 -48.23 -84.89 174.46
CA ILE DG 126 -48.90 -83.69 174.96
C ILE DG 126 -48.60 -82.50 174.06
N THR DG 127 -49.48 -81.53 174.11
CA THR DG 127 -49.45 -80.28 173.38
C THR DG 127 -48.86 -79.17 174.22
N PRO DG 128 -48.28 -78.14 173.58
CA PRO DG 128 -47.75 -77.02 174.39
C PRO DG 128 -48.80 -76.36 175.25
N SER DG 129 -50.04 -76.27 174.77
CA SER DG 129 -51.12 -75.74 175.61
C SER DG 129 -51.41 -76.51 176.90
N GLU DG 130 -51.45 -77.83 176.83
CA GLU DG 130 -51.65 -78.63 178.03
C GLU DG 130 -50.39 -78.64 178.93
N ARG DG 131 -49.23 -78.47 178.29
CA ARG DG 131 -47.99 -78.34 179.04
C ARG DG 131 -48.09 -77.14 179.97
N MET DG 132 -48.47 -75.98 179.43
CA MET DG 132 -48.68 -74.79 180.25
C MET DG 132 -49.86 -74.87 181.22
N ARG DG 133 -50.88 -75.63 180.83
CA ARG DG 133 -52.01 -75.87 181.71
C ARG DG 133 -51.45 -76.63 182.91
N ARG DG 134 -50.58 -77.61 182.63
CA ARG DG 134 -49.92 -78.33 183.72
C ARG DG 134 -49.09 -77.39 184.57
N LEU DG 135 -48.38 -76.44 183.94
CA LEU DG 135 -47.52 -75.54 184.68
C LEU DG 135 -48.30 -74.68 185.67
N SER DG 136 -49.45 -74.15 185.24
CA SER DG 136 -50.26 -73.32 186.10
C SER DG 136 -51.12 -74.16 187.04
N LYS EG 514 -90.43 -111.20 83.38
CA LYS EG 514 -89.23 -111.50 84.15
C LYS EG 514 -89.52 -112.54 85.22
N ASP EG 515 -90.75 -112.51 85.77
CA ASP EG 515 -91.13 -113.48 86.79
C ASP EG 515 -91.16 -114.89 86.22
N GLU EG 516 -91.69 -115.06 85.00
CA GLU EG 516 -91.75 -116.37 84.39
C GLU EG 516 -90.35 -116.92 84.10
N GLN EG 517 -89.45 -116.07 83.62
CA GLN EG 517 -88.08 -116.50 83.38
C GLN EG 517 -87.39 -116.90 84.67
N LEU EG 518 -87.60 -116.12 85.74
CA LEU EG 518 -87.03 -116.47 87.04
C LEU EG 518 -87.58 -117.80 87.55
N GLN EG 519 -88.89 -118.02 87.37
CA GLN EG 519 -89.48 -119.29 87.79
C GLN EG 519 -88.91 -120.46 86.99
N GLN EG 520 -88.73 -120.29 85.68
CA GLN EG 520 -88.15 -121.35 84.87
C GLN EG 520 -86.72 -121.64 85.28
N ARG EG 521 -85.93 -120.59 85.55
CA ARG EG 521 -84.57 -120.79 86.00
C ARG EG 521 -84.54 -121.50 87.35
N ARG EG 522 -85.45 -121.13 88.26
CA ARG EG 522 -85.52 -121.81 89.55
C ARG EG 522 -85.91 -123.27 89.40
N ALA EG 523 -86.83 -123.57 88.48
CA ALA EG 523 -87.21 -124.97 88.25
C ALA EG 523 -86.05 -125.77 87.69
N ASN EG 524 -85.31 -125.20 86.74
CA ASN EG 524 -84.14 -125.89 86.21
C ASN EG 524 -83.10 -126.11 87.29
N GLN EG 525 -82.87 -125.09 88.13
CA GLN EG 525 -81.92 -125.23 89.22
C GLN EG 525 -82.36 -126.29 90.22
N ARG EG 526 -83.66 -126.37 90.51
CA ARG EG 526 -84.19 -127.33 91.46
C ARG EG 526 -84.31 -128.73 90.87
N LEU EG 527 -84.25 -128.85 89.55
CA LEU EG 527 -84.34 -130.16 88.86
C LEU EG 527 -82.92 -130.71 88.69
N GLY EG 528 -82.02 -129.91 88.15
CA GLY EG 528 -80.61 -130.33 87.96
C GLY EG 528 -79.88 -130.53 89.27
N ALA EG 529 -80.25 -129.79 90.31
CA ALA EG 529 -79.64 -129.95 91.66
C ALA EG 529 -80.19 -131.25 92.24
N GLU EG 530 -81.48 -131.52 92.03
CA GLU EG 530 -82.10 -132.78 92.53
C GLU EG 530 -81.42 -133.96 91.83
N VAL EG 531 -81.10 -133.74 90.51
CA VAL EG 531 -80.32 -134.73 89.72
C VAL EG 531 -78.88 -134.73 90.25
N MET EG 532 -78.34 -133.55 90.55
CA MET EG 532 -76.95 -133.42 91.06
C MET EG 532 -76.84 -134.12 92.41
N SER EG 533 -77.86 -133.98 93.28
CA SER EG 533 -77.85 -134.63 94.61
C SER EG 533 -77.86 -136.15 94.40
N GLN EG 534 -78.65 -136.64 93.45
CA GLN EG 534 -78.68 -138.09 93.13
C GLN EG 534 -77.29 -138.50 92.59
N ARG EG 535 -76.70 -137.65 91.75
CA ARG EG 535 -75.38 -137.92 91.13
C ARG EG 535 -74.29 -138.02 92.21
N ILE EG 536 -74.33 -137.15 93.22
CA ILE EG 536 -73.27 -137.10 94.29
C ILE EG 536 -73.41 -138.33 95.20
N ARG EG 537 -74.60 -138.93 95.28
CA ARG EG 537 -74.83 -140.11 96.11
C ARG EG 537 -74.26 -141.35 95.46
N GLU EG 538 -74.45 -141.49 94.15
CA GLU EG 538 -73.86 -142.64 93.44
C GLU EG 538 -72.34 -142.60 93.50
N MET EG 539 -71.76 -141.41 93.30
CA MET EG 539 -70.30 -141.29 93.34
C MET EG 539 -69.75 -141.58 94.73
N SER EG 540 -70.40 -141.10 95.78
CA SER EG 540 -69.94 -141.33 97.14
C SER EG 540 -70.11 -142.79 97.54
N ASP EG 541 -71.18 -143.44 97.10
CA ASP EG 541 -71.31 -144.88 97.31
C ASP EG 541 -70.23 -145.65 96.55
N ASN EG 542 -69.82 -145.18 95.38
CA ASN EG 542 -68.71 -145.81 94.67
C ASN EG 542 -67.40 -145.65 95.44
N ASP EG 543 -67.14 -144.45 95.97
CA ASP EG 543 -65.91 -144.16 96.70
C ASP EG 543 -66.22 -143.20 97.83
N PRO EG 544 -66.36 -143.70 99.07
CA PRO EG 544 -66.65 -142.80 100.20
C PRO EG 544 -65.43 -142.05 100.69
N ARG EG 545 -64.25 -142.68 100.70
CA ARG EG 545 -63.06 -142.01 101.22
C ARG EG 545 -62.53 -140.95 100.26
N VAL EG 546 -62.79 -141.09 98.97
CA VAL EG 546 -62.32 -140.11 98.01
C VAL EG 546 -62.97 -138.75 98.25
N VAL EG 547 -64.27 -138.76 98.57
CA VAL EG 547 -64.98 -137.51 98.85
C VAL EG 547 -64.39 -136.83 100.09
N ALA EG 548 -64.12 -137.60 101.15
CA ALA EG 548 -63.54 -137.03 102.36
C ALA EG 548 -62.14 -136.48 102.08
N LEU EG 549 -61.35 -137.19 101.28
CA LEU EG 549 -60.02 -136.71 100.92
C LEU EG 549 -60.10 -135.42 100.12
N VAL EG 550 -61.04 -135.33 99.18
CA VAL EG 550 -61.21 -134.11 98.40
C VAL EG 550 -61.65 -132.96 99.29
N ILE EG 551 -62.54 -133.23 100.24
CA ILE EG 551 -62.98 -132.19 101.17
C ILE EG 551 -61.82 -131.69 102.01
N ARG EG 552 -60.99 -132.61 102.50
CA ARG EG 552 -59.81 -132.22 103.29
C ARG EG 552 -58.83 -131.41 102.45
N GLN EG 553 -58.65 -131.80 101.18
CA GLN EG 553 -57.78 -131.05 100.29
C GLN EG 553 -58.32 -129.65 100.04
N TRP EG 554 -59.65 -129.52 99.93
CA TRP EG 554 -60.26 -128.20 99.75
C TRP EG 554 -60.01 -127.32 100.96
N MET EG 555 -60.14 -127.89 102.16
CA MET EG 555 -59.86 -127.13 103.37
C MET EG 555 -58.39 -126.73 103.45
N SER EG 556 -57.49 -127.65 103.09
CA SER EG 556 -56.06 -127.32 103.10
C SER EG 556 -55.73 -126.21 102.11
N ASN EG 557 -56.33 -126.24 100.92
CA ASN EG 557 -56.10 -125.19 99.95
C ASN EG 557 -56.77 -123.88 100.37
N ASP EG 558 -57.81 -123.96 101.19
CA ASP EG 558 -58.48 -122.74 101.65
C ASP EG 558 -57.57 -121.90 102.54
N HIS EG 559 -56.59 -122.53 103.17
CA HIS EG 559 -55.65 -121.81 104.04
C HIS EG 559 -54.70 -120.94 103.22
N GLY FG 6 -64.07 -122.95 100.66
CA GLY FG 6 -64.38 -124.31 100.22
C GLY FG 6 -64.98 -125.16 101.31
N THR FG 7 -64.60 -124.87 102.56
CA THR FG 7 -65.14 -125.61 103.70
C THR FG 7 -66.64 -125.41 103.84
N ASP FG 8 -67.12 -124.19 103.65
CA ASP FG 8 -68.55 -123.92 103.71
C ASP FG 8 -69.30 -124.67 102.61
N LYS FG 9 -68.73 -124.69 101.40
CA LYS FG 9 -69.33 -125.45 100.32
C LYS FG 9 -69.35 -126.94 100.63
N SER FG 10 -68.27 -127.46 101.22
CA SER FG 10 -68.23 -128.86 101.59
C SER FG 10 -69.28 -129.17 102.65
N VAL FG 11 -69.44 -128.28 103.63
CA VAL FG 11 -70.46 -128.48 104.66
C VAL FG 11 -71.86 -128.46 104.05
N ILE FG 12 -72.12 -127.54 103.13
CA ILE FG 12 -73.41 -127.48 102.48
C ILE FG 12 -73.68 -128.75 101.68
N LEU FG 13 -72.67 -129.24 100.96
CA LEU FG 13 -72.82 -130.47 100.18
C LEU FG 13 -73.09 -131.66 101.10
N LEU FG 14 -72.38 -131.74 102.22
CA LEU FG 14 -72.60 -132.81 103.19
C LEU FG 14 -74.01 -132.77 103.77
N MET FG 15 -74.48 -131.56 104.09
CA MET FG 15 -75.83 -131.42 104.60
C MET FG 15 -76.86 -131.82 103.57
N THR FG 16 -76.64 -131.45 102.30
CA THR FG 16 -77.58 -131.80 101.24
C THR FG 16 -77.47 -133.26 100.81
N ILE FG 17 -76.40 -133.95 101.20
CA ILE FG 17 -76.22 -135.34 100.79
C ILE FG 17 -77.15 -136.25 101.58
N GLY FG 18 -77.08 -136.17 102.91
CA GLY FG 18 -77.88 -137.02 103.76
C GLY FG 18 -77.16 -137.44 105.02
N GLU FG 19 -77.92 -137.96 105.99
CA GLU FG 19 -77.32 -138.33 107.28
C GLU FG 19 -76.35 -139.50 107.13
N ASP FG 20 -76.74 -140.53 106.37
CA ASP FG 20 -75.91 -141.73 106.27
C ASP FG 20 -74.62 -141.45 105.52
N ARG FG 21 -74.72 -140.75 104.38
CA ARG FG 21 -73.53 -140.43 103.59
C ARG FG 21 -72.59 -139.53 104.37
N ALA FG 22 -73.13 -138.52 105.06
CA ALA FG 22 -72.30 -137.63 105.86
C ALA FG 22 -71.64 -138.37 107.01
N ALA FG 23 -72.37 -139.30 107.65
CA ALA FG 23 -71.79 -140.09 108.73
C ALA FG 23 -70.65 -140.96 108.22
N GLU FG 24 -70.84 -141.59 107.05
CA GLU FG 24 -69.77 -142.40 106.46
C GLU FG 24 -68.56 -141.55 106.11
N VAL FG 25 -68.79 -140.36 105.55
CA VAL FG 25 -67.68 -139.47 105.21
C VAL FG 25 -66.93 -139.04 106.47
N PHE FG 26 -67.66 -138.71 107.54
CA PHE FG 26 -67.02 -138.33 108.79
C PHE FG 26 -66.21 -139.50 109.37
N LYS FG 27 -66.76 -140.71 109.29
CA LYS FG 27 -66.01 -141.88 109.72
C LYS FG 27 -64.77 -142.09 108.86
N HIS FG 28 -64.79 -141.64 107.61
CA HIS FG 28 -63.61 -141.66 106.74
C HIS FG 28 -62.88 -140.33 106.72
N LEU FG 29 -63.05 -139.52 107.77
CA LEU FG 29 -62.43 -138.21 107.85
C LEU FG 29 -61.68 -138.06 109.16
N SER FG 30 -60.72 -137.12 109.18
CA SER FG 30 -59.90 -136.87 110.35
C SER FG 30 -60.71 -136.16 111.42
N THR FG 31 -60.18 -136.17 112.65
CA THR FG 31 -60.88 -135.61 113.80
C THR FG 31 -61.11 -134.11 113.64
N ARG FG 32 -60.07 -133.37 113.29
CA ARG FG 32 -60.19 -131.93 113.12
C ARG FG 32 -61.15 -131.59 111.97
N GLU FG 33 -61.02 -132.31 110.86
CA GLU FG 33 -61.90 -132.08 109.73
C GLU FG 33 -63.35 -132.40 110.08
N VAL FG 34 -63.56 -133.51 110.80
CA VAL FG 34 -64.92 -133.90 111.19
C VAL FG 34 -65.53 -132.85 112.11
N GLN FG 35 -64.74 -132.38 113.09
CA GLN FG 35 -65.23 -131.36 114.02
C GLN FG 35 -65.57 -130.08 113.29
N ALA FG 36 -64.70 -129.64 112.37
CA ALA FG 36 -64.96 -128.42 111.62
C ALA FG 36 -66.21 -128.55 110.76
N LEU FG 37 -66.37 -129.70 110.10
CA LEU FG 37 -67.55 -129.91 109.27
C LEU FG 37 -68.83 -129.95 110.10
N SER FG 38 -68.79 -130.60 111.27
CA SER FG 38 -69.97 -130.65 112.13
C SER FG 38 -70.32 -129.25 112.64
N THR FG 39 -69.30 -128.46 113.02
CA THR FG 39 -69.56 -127.14 113.56
C THR FG 39 -70.10 -126.20 112.48
N ALA FG 40 -69.44 -126.15 111.32
CA ALA FG 40 -69.80 -125.19 110.29
C ALA FG 40 -71.18 -125.44 109.71
N MET FG 41 -71.53 -126.71 109.49
CA MET FG 41 -72.80 -127.05 108.86
C MET FG 41 -73.98 -126.56 109.70
N ALA FG 42 -73.93 -126.85 111.01
CA ALA FG 42 -75.03 -126.41 111.88
C ALA FG 42 -74.91 -124.94 112.25
N ASN FG 43 -73.68 -124.41 112.19
CA ASN FG 43 -73.45 -122.99 112.58
C ASN FG 43 -74.04 -121.94 111.64
N VAL FG 44 -73.47 -121.82 110.43
CA VAL FG 44 -74.03 -120.87 109.43
C VAL FG 44 -73.96 -121.67 108.13
N ARG FG 45 -75.09 -121.81 107.43
CA ARG FG 45 -75.11 -122.55 106.14
C ARG FG 45 -75.47 -121.57 105.03
N GLN FG 46 -74.68 -121.53 103.95
CA GLN FG 46 -74.95 -120.59 102.83
C GLN FG 46 -75.23 -121.40 101.56
N ILE FG 47 -76.31 -121.07 100.85
CA ILE FG 47 -76.63 -121.77 99.57
C ILE FG 47 -76.60 -120.73 98.44
N SER FG 48 -75.86 -121.00 97.36
CA SER FG 48 -75.75 -120.03 96.24
C SER FG 48 -76.34 -120.65 94.96
N ASN FG 49 -77.23 -119.92 94.29
CA ASN FG 49 -77.88 -120.45 93.06
C ASN FG 49 -76.81 -120.74 92.00
N LYS FG 50 -75.77 -119.90 91.93
CA LYS FG 50 -74.73 -120.07 90.88
C LYS FG 50 -73.37 -120.42 91.49
N GLN FG 51 -72.91 -119.66 92.49
CA GLN FG 51 -71.56 -119.89 92.98
C GLN FG 51 -71.38 -121.31 93.50
N LEU FG 52 -72.37 -121.83 94.24
CA LEU FG 52 -72.28 -123.18 94.76
C LEU FG 52 -72.24 -124.20 93.62
N THR FG 53 -73.08 -124.01 92.61
CA THR FG 53 -73.07 -124.93 91.47
C THR FG 53 -71.75 -124.86 90.71
N ASP FG 54 -71.20 -123.67 90.51
CA ASP FG 54 -69.91 -123.54 89.83
C ASP FG 54 -68.81 -124.22 90.62
N VAL FG 55 -68.80 -124.03 91.94
CA VAL FG 55 -67.80 -124.66 92.78
C VAL FG 55 -67.93 -126.18 92.75
N LEU FG 56 -69.16 -126.69 92.80
CA LEU FG 56 -69.38 -128.13 92.73
C LEU FG 56 -68.91 -128.71 91.41
N SER FG 57 -69.21 -128.01 90.31
CA SER FG 57 -68.74 -128.48 89.00
C SER FG 57 -67.22 -128.48 88.92
N GLU FG 58 -66.58 -127.42 89.43
CA GLU FG 58 -65.12 -127.36 89.42
C GLU FG 58 -64.52 -128.48 90.26
N PHE FG 59 -65.10 -128.76 91.42
CA PHE FG 59 -64.60 -129.84 92.27
C PHE FG 59 -64.78 -131.20 91.58
N GLU FG 60 -65.92 -131.41 90.95
CA GLU FG 60 -66.17 -132.69 90.28
C GLU FG 60 -65.26 -132.88 89.07
N GLN FG 61 -64.80 -131.77 88.48
CA GLN FG 61 -63.97 -131.89 87.27
C GLN FG 61 -62.48 -131.66 87.60
N GLU FG 62 -62.15 -131.27 88.84
CA GLU FG 62 -60.74 -130.91 89.12
C GLU FG 62 -59.76 -132.09 88.93
N ALA FG 63 -60.09 -133.30 89.40
CA ALA FG 63 -59.21 -134.46 89.12
C ALA FG 63 -59.94 -135.79 89.20
N GLU FG 64 -59.46 -136.83 88.50
CA GLU FG 64 -60.04 -138.19 88.68
C GLU FG 64 -59.14 -138.99 89.64
N GLN FG 65 -58.05 -138.39 90.12
CA GLN FG 65 -57.05 -139.10 90.97
C GLN FG 65 -57.67 -139.58 92.30
N PHE FG 66 -58.52 -138.76 92.91
CA PHE FG 66 -59.07 -139.09 94.26
C PHE FG 66 -59.89 -140.38 94.19
N ALA FG 67 -60.66 -140.58 93.12
CA ALA FG 67 -61.58 -141.74 93.07
C ALA FG 67 -60.82 -143.07 93.16
N ALA FG 68 -59.68 -143.22 92.51
CA ALA FG 68 -58.99 -144.54 92.47
C ALA FG 68 -58.04 -144.76 93.64
N LEU FG 69 -56.96 -143.97 93.75
CA LEU FG 69 -55.95 -144.18 94.77
C LEU FG 69 -56.57 -144.23 96.16
N ASN FG 70 -57.50 -143.31 96.43
CA ASN FG 70 -58.13 -143.26 97.75
C ASN FG 70 -59.14 -144.39 97.95
N ILE FG 71 -59.62 -145.01 96.88
CA ILE FG 71 -60.58 -146.10 96.98
C ILE FG 71 -59.94 -147.27 97.71
N ASN FG 72 -58.72 -147.63 97.32
CA ASN FG 72 -57.98 -148.73 97.94
C ASN FG 72 -56.51 -148.36 98.01
N ALA FG 73 -56.08 -147.89 99.20
CA ALA FG 73 -54.68 -147.54 99.41
C ALA FG 73 -54.06 -148.41 100.49
N ASN FG 74 -54.68 -148.44 101.68
CA ASN FG 74 -54.13 -149.21 102.79
C ASN FG 74 -54.36 -150.71 102.59
N GLU FG 75 -55.52 -151.10 102.08
CA GLU FG 75 -55.81 -152.52 101.87
C GLU FG 75 -54.86 -153.12 100.84
N TYR FG 76 -54.60 -152.39 99.76
CA TYR FG 76 -53.67 -152.88 98.74
C TYR FG 76 -52.26 -153.03 99.31
N LEU FG 77 -51.81 -152.06 100.10
CA LEU FG 77 -50.49 -152.14 100.69
C LEU FG 77 -50.40 -153.32 101.65
N ARG FG 78 -51.44 -153.54 102.46
CA ARG FG 78 -51.44 -154.67 103.37
C ARG FG 78 -51.41 -156.00 102.63
N SER FG 79 -52.21 -156.11 101.55
CA SER FG 79 -52.20 -157.34 100.77
C SER FG 79 -50.85 -157.59 100.13
N VAL FG 80 -50.22 -156.52 99.60
CA VAL FG 80 -48.90 -156.65 98.99
C VAL FG 80 -47.88 -157.08 100.03
N LEU FG 81 -47.93 -156.50 101.23
CA LEU FG 81 -46.99 -156.89 102.29
C LEU FG 81 -47.20 -158.34 102.70
N VAL FG 82 -48.46 -158.79 102.79
CA VAL FG 82 -48.75 -160.16 103.17
C VAL FG 82 -48.22 -161.13 102.11
N LYS FG 83 -48.47 -160.82 100.85
CA LYS FG 83 -48.10 -161.73 99.76
C LYS FG 83 -46.61 -161.68 99.46
N ALA FG 84 -45.94 -160.60 99.85
CA ALA FG 84 -44.55 -160.41 99.43
C ALA FG 84 -43.60 -161.33 100.20
N LEU FG 85 -43.54 -161.19 101.52
CA LEU FG 85 -42.60 -161.94 102.34
C LEU FG 85 -43.32 -162.96 103.22
N GLY FG 86 -44.30 -162.52 104.01
CA GLY FG 86 -45.01 -163.44 104.88
C GLY FG 86 -45.83 -162.68 105.90
N GLU FG 87 -46.63 -163.41 106.67
CA GLU FG 87 -47.48 -162.77 107.68
C GLU FG 87 -46.64 -162.08 108.75
N GLU FG 88 -45.55 -162.72 109.18
CA GLU FG 88 -44.70 -162.13 110.22
C GLU FG 88 -44.04 -160.85 109.73
N ARG FG 89 -43.53 -160.84 108.50
CA ARG FG 89 -42.92 -159.63 107.96
C ARG FG 89 -43.96 -158.57 107.60
N ALA FG 90 -45.15 -159.00 107.18
CA ALA FG 90 -46.22 -158.06 106.88
C ALA FG 90 -46.63 -157.28 108.11
N SER FG 91 -46.69 -157.96 109.26
CA SER FG 91 -47.03 -157.27 110.51
C SER FG 91 -46.00 -156.20 110.84
N SER FG 92 -44.71 -156.52 110.69
CA SER FG 92 -43.67 -155.53 110.96
C SER FG 92 -43.74 -154.36 109.99
N LEU FG 93 -43.98 -154.65 108.70
CA LEU FG 93 -44.09 -153.58 107.71
C LEU FG 93 -45.28 -152.67 108.01
N LEU FG 94 -46.42 -153.26 108.36
CA LEU FG 94 -47.60 -152.46 108.70
C LEU FG 94 -47.35 -151.64 109.95
N GLU FG 95 -46.68 -152.22 110.95
CA GLU FG 95 -46.35 -151.47 112.15
C GLU FG 95 -45.45 -150.29 111.84
N ASP FG 96 -44.44 -150.50 110.99
CA ASP FG 96 -43.56 -149.39 110.60
C ASP FG 96 -44.34 -148.31 109.85
N ILE FG 97 -45.22 -148.72 108.94
CA ILE FG 97 -46.01 -147.75 108.18
C ILE FG 97 -46.90 -146.94 109.12
N LEU FG 98 -47.53 -147.59 110.08
CA LEU FG 98 -48.37 -146.88 111.04
C LEU FG 98 -47.53 -145.94 111.91
N GLU FG 99 -46.35 -146.39 112.33
CA GLU FG 99 -45.49 -145.57 113.17
C GLU FG 99 -44.91 -144.40 112.39
N THR FG 100 -44.91 -144.47 111.06
CA THR FG 100 -44.46 -143.34 110.26
C THR FG 100 -45.31 -142.11 110.54
N ARG FG 101 -46.59 -142.28 110.84
CA ARG FG 101 -47.47 -141.19 111.23
C ARG FG 101 -47.53 -141.16 112.75
N ASP FG 102 -46.85 -140.19 113.35
CA ASP FG 102 -46.75 -140.07 114.80
C ASP FG 102 -47.86 -139.16 115.31
N THR FG 103 -47.85 -138.91 116.62
CA THR FG 103 -48.83 -138.07 117.28
C THR FG 103 -48.14 -136.90 117.96
N THR FG 104 -48.79 -135.74 117.92
CA THR FG 104 -48.19 -134.53 118.47
C THR FG 104 -48.24 -134.53 119.99
N SER FG 105 -49.45 -134.57 120.55
CA SER FG 105 -49.60 -134.55 122.00
C SER FG 105 -49.03 -135.82 122.61
N GLY FG 106 -48.26 -135.65 123.69
CA GLY FG 106 -47.55 -136.77 124.30
C GLY FG 106 -48.46 -137.84 124.87
N ILE FG 107 -49.70 -137.49 125.20
CA ILE FG 107 -50.61 -138.49 125.78
C ILE FG 107 -50.84 -139.62 124.78
N GLU FG 108 -51.10 -139.28 123.52
CA GLU FG 108 -51.26 -140.31 122.50
C GLU FG 108 -49.93 -141.01 122.21
N THR FG 109 -48.81 -140.30 122.33
CA THR FG 109 -47.51 -140.95 122.14
C THR FG 109 -47.26 -141.99 123.22
N LEU FG 110 -47.89 -141.84 124.38
CA LEU FG 110 -47.78 -142.87 125.41
C LEU FG 110 -48.26 -144.27 125.08
N ASN FG 111 -49.24 -144.41 124.17
CA ASN FG 111 -49.71 -145.75 123.72
C ASN FG 111 -48.83 -146.44 122.67
N PHE FG 112 -47.76 -145.77 122.22
CA PHE FG 112 -46.80 -146.40 121.27
C PHE FG 112 -45.61 -146.93 122.07
N MET FG 113 -45.59 -146.65 123.38
CA MET FG 113 -44.52 -147.08 124.26
C MET FG 113 -44.90 -148.49 124.69
N GLU FG 114 -43.90 -149.22 125.17
CA GLU FG 114 -44.14 -150.55 125.72
C GLU FG 114 -45.00 -150.44 126.99
N PRO FG 115 -45.89 -151.41 127.22
CA PRO FG 115 -46.72 -151.33 128.44
C PRO FG 115 -45.98 -151.18 129.76
N GLN FG 116 -44.85 -151.87 129.95
CA GLN FG 116 -44.13 -151.75 131.21
C GLN FG 116 -43.45 -150.39 131.37
N SER FG 117 -42.96 -149.82 130.25
CA SER FG 117 -42.32 -148.51 130.33
C SER FG 117 -43.38 -147.51 130.75
N ALA FG 118 -44.57 -147.56 130.15
CA ALA FG 118 -45.63 -146.64 130.54
C ALA FG 118 -46.08 -146.90 131.97
N ALA FG 119 -46.19 -148.17 132.36
CA ALA FG 119 -46.59 -148.48 133.72
C ALA FG 119 -45.59 -147.95 134.74
N ASP FG 120 -44.31 -148.09 134.45
CA ASP FG 120 -43.29 -147.51 135.33
C ASP FG 120 -43.35 -145.99 135.33
N LEU FG 121 -43.63 -145.38 134.17
CA LEU FG 121 -43.64 -143.94 134.08
C LEU FG 121 -44.78 -143.32 134.88
N ILE FG 122 -45.97 -143.92 134.82
CA ILE FG 122 -47.15 -143.30 135.41
C ILE FG 122 -47.58 -143.98 136.71
N ARG FG 123 -46.78 -144.90 137.25
CA ARG FG 123 -47.16 -145.55 138.50
C ARG FG 123 -47.18 -144.56 139.65
N ASP FG 124 -46.21 -143.66 139.70
CA ASP FG 124 -46.08 -142.76 140.84
C ASP FG 124 -47.05 -141.58 140.76
N GLU FG 125 -47.71 -141.37 139.62
CA GLU FG 125 -48.60 -140.24 139.47
C GLU FG 125 -49.84 -140.39 140.33
N HIS FG 126 -50.54 -139.28 140.50
CA HIS FG 126 -51.78 -139.28 141.27
C HIS FG 126 -52.81 -140.18 140.57
N PRO FG 127 -53.61 -140.92 141.33
CA PRO FG 127 -54.55 -141.86 140.69
C PRO FG 127 -55.48 -141.21 139.70
N GLN FG 128 -55.96 -139.99 139.97
CA GLN FG 128 -56.82 -139.31 139.01
C GLN FG 128 -56.08 -138.98 137.72
N ILE FG 129 -54.80 -138.59 137.81
CA ILE FG 129 -54.03 -138.33 136.62
C ILE FG 129 -53.81 -139.60 135.81
N ILE FG 130 -53.58 -140.72 136.51
CA ILE FG 130 -53.47 -142.01 135.83
C ILE FG 130 -54.78 -142.28 135.09
N ALA FG 131 -55.91 -142.07 135.76
CA ALA FG 131 -57.20 -142.33 135.14
C ALA FG 131 -57.40 -141.44 133.91
N THR FG 132 -57.04 -140.16 134.02
CA THR FG 132 -57.17 -139.26 132.87
C THR FG 132 -56.31 -139.73 131.71
N ILE FG 133 -55.09 -140.17 132.01
CA ILE FG 133 -54.21 -140.70 130.93
C ILE FG 133 -54.89 -141.91 130.28
N LEU FG 134 -55.49 -142.79 131.08
CA LEU FG 134 -56.06 -144.06 130.54
C LEU FG 134 -57.20 -143.83 129.54
N VAL FG 135 -58.11 -142.88 129.80
CA VAL FG 135 -59.29 -142.71 128.90
C VAL FG 135 -58.77 -142.02 127.64
N HIS FG 136 -57.67 -141.28 127.74
CA HIS FG 136 -57.06 -140.66 126.52
C HIS FG 136 -56.19 -141.71 125.82
N LEU FG 137 -55.68 -142.69 126.57
CA LEU FG 137 -54.83 -143.74 125.97
C LEU FG 137 -55.71 -144.78 125.26
N LYS FG 138 -55.12 -145.53 124.32
CA LYS FG 138 -55.88 -146.60 123.61
C LYS FG 138 -56.33 -147.64 124.65
N ARG FG 139 -57.53 -148.19 124.48
CA ARG FG 139 -58.09 -149.13 125.48
C ARG FG 139 -57.17 -150.34 125.67
N SER FG 140 -56.71 -150.95 124.56
CA SER FG 140 -55.89 -152.17 124.68
C SER FG 140 -54.68 -151.88 125.57
N GLN FG 141 -53.99 -150.76 125.33
CA GLN FG 141 -52.76 -150.41 126.09
C GLN FG 141 -53.14 -150.23 127.56
N ALA FG 142 -54.19 -149.46 127.81
CA ALA FG 142 -54.61 -149.19 129.18
C ALA FG 142 -54.87 -150.47 129.95
N ALA FG 143 -55.47 -151.47 129.29
CA ALA FG 143 -55.74 -152.74 129.95
C ALA FG 143 -54.42 -153.42 130.34
N ASP FG 144 -53.44 -153.41 129.44
CA ASP FG 144 -52.14 -153.99 129.76
C ASP FG 144 -51.47 -153.24 130.91
N ILE FG 145 -51.55 -151.91 130.91
CA ILE FG 145 -50.97 -151.12 131.98
C ILE FG 145 -51.55 -151.46 133.34
N LEU FG 146 -52.88 -151.55 133.41
CA LEU FG 146 -53.54 -151.91 134.67
C LEU FG 146 -53.20 -153.34 135.09
N ALA FG 147 -53.00 -154.22 134.12
CA ALA FG 147 -52.58 -155.58 134.43
C ALA FG 147 -51.23 -155.57 135.15
N LEU FG 148 -50.33 -154.68 134.69
CA LEU FG 148 -48.98 -154.58 135.31
C LEU FG 148 -49.08 -153.81 136.63
N PHE FG 149 -50.20 -153.11 136.88
CA PHE FG 149 -50.30 -152.27 138.10
C PHE FG 149 -50.65 -153.12 139.31
N ASP FG 150 -50.18 -152.72 140.49
CA ASP FG 150 -50.54 -153.41 141.72
C ASP FG 150 -52.07 -153.46 141.85
N GLU FG 151 -52.55 -154.49 142.55
CA GLU FG 151 -53.99 -154.72 142.64
C GLU FG 151 -54.71 -153.56 143.33
N ARG FG 152 -54.10 -152.99 144.37
CA ARG FG 152 -54.71 -151.84 145.03
C ARG FG 152 -54.82 -150.65 144.08
N LEU FG 153 -53.72 -150.31 143.43
CA LEU FG 153 -53.74 -149.22 142.46
C LEU FG 153 -54.66 -149.56 141.30
N ARG FG 154 -54.69 -150.83 140.88
CA ARG FG 154 -55.57 -151.24 139.79
C ARG FG 154 -57.03 -150.98 140.14
N HIS FG 155 -57.46 -151.43 141.33
CA HIS FG 155 -58.84 -151.21 141.74
C HIS FG 155 -59.15 -149.73 141.89
N ASP FG 156 -58.22 -148.97 142.49
CA ASP FG 156 -58.46 -147.54 142.68
C ASP FG 156 -58.63 -146.84 141.34
N VAL FG 157 -57.74 -147.11 140.40
CA VAL FG 157 -57.79 -146.45 139.11
C VAL FG 157 -59.03 -146.88 138.33
N MET FG 158 -59.41 -148.16 138.43
CA MET FG 158 -60.64 -148.60 137.77
C MET FG 158 -61.85 -147.90 138.33
N LEU FG 159 -61.90 -147.73 139.66
CA LEU FG 159 -63.01 -147.01 140.27
C LEU FG 159 -63.05 -145.56 139.79
N ARG FG 160 -61.88 -144.92 139.71
CA ARG FG 160 -61.83 -143.55 139.20
C ARG FG 160 -62.31 -143.50 137.75
N ILE FG 161 -61.97 -144.52 136.96
CA ILE FG 161 -62.41 -144.58 135.57
C ILE FG 161 -63.93 -144.66 135.52
N ALA FG 162 -64.53 -145.46 136.39
CA ALA FG 162 -65.98 -145.65 136.37
C ALA FG 162 -66.71 -144.34 136.61
N THR FG 163 -66.23 -143.54 137.58
CA THR FG 163 -66.91 -142.32 138.00
C THR FG 163 -66.17 -141.06 137.56
N PHE FG 164 -65.58 -141.07 136.37
CA PHE FG 164 -64.87 -139.89 135.89
C PHE FG 164 -65.82 -138.73 135.69
N GLY FG 165 -65.33 -137.52 135.94
CA GLY FG 165 -66.17 -136.34 135.91
C GLY FG 165 -65.66 -135.19 135.07
N GLY FG 166 -64.69 -135.45 134.19
CA GLY FG 166 -64.20 -134.42 133.30
C GLY FG 166 -63.12 -133.49 133.83
N VAL FG 167 -62.11 -133.23 133.02
CA VAL FG 167 -61.00 -132.39 133.42
C VAL FG 167 -61.10 -130.93 133.05
N GLN FG 168 -60.45 -130.06 133.83
CA GLN FG 168 -60.43 -128.64 133.51
C GLN FG 168 -59.49 -128.56 132.30
N PRO FG 169 -59.78 -127.69 131.34
CA PRO FG 169 -58.89 -127.57 130.18
C PRO FG 169 -57.47 -127.16 130.55
N ALA FG 170 -57.31 -126.31 131.57
CA ALA FG 170 -55.98 -125.89 131.98
C ALA FG 170 -55.17 -127.07 132.52
N ALA FG 171 -55.80 -127.91 133.36
CA ALA FG 171 -55.11 -129.07 133.89
C ALA FG 171 -54.74 -130.06 132.79
N LEU FG 172 -55.66 -130.27 131.84
CA LEU FG 172 -55.37 -131.17 130.73
C LEU FG 172 -54.21 -130.64 129.89
N ALA FG 173 -54.20 -129.34 129.62
CA ALA FG 173 -53.09 -128.76 128.86
C ALA FG 173 -51.78 -128.88 129.63
N GLU FG 174 -51.83 -128.71 130.96
CA GLU FG 174 -50.63 -128.85 131.77
C GLU FG 174 -50.09 -130.27 131.72
N LEU FG 175 -50.96 -131.26 131.84
CA LEU FG 175 -50.53 -132.65 131.72
C LEU FG 175 -49.97 -132.92 130.34
N THR FG 176 -50.64 -132.38 129.31
CA THR FG 176 -50.19 -132.60 127.93
C THR FG 176 -48.77 -132.08 127.80
N GLU FG 177 -48.54 -130.82 128.16
CA GLU FG 177 -47.19 -130.21 127.98
C GLU FG 177 -46.16 -130.98 128.83
N VAL FG 178 -46.53 -131.36 130.06
CA VAL FG 178 -45.60 -132.14 130.94
C VAL FG 178 -45.26 -133.45 130.21
N LEU FG 179 -46.28 -134.20 129.81
CA LEU FG 179 -46.04 -135.49 129.20
C LEU FG 179 -45.25 -135.36 127.90
N ASN FG 180 -45.47 -134.26 127.17
CA ASN FG 180 -44.70 -134.02 125.95
C ASN FG 180 -43.22 -133.85 126.25
N GLY FG 181 -42.89 -133.05 127.27
CA GLY FG 181 -41.51 -132.83 127.63
C GLY FG 181 -40.78 -134.08 128.07
N LEU FG 182 -41.53 -135.14 128.41
CA LEU FG 182 -40.90 -136.38 128.85
C LEU FG 182 -40.72 -137.35 127.69
N LEU FG 183 -41.73 -137.44 126.82
CA LEU FG 183 -41.67 -138.46 125.75
C LEU FG 183 -41.05 -137.91 124.45
N ASP FG 184 -41.24 -136.62 124.15
CA ASP FG 184 -40.73 -136.13 122.84
C ASP FG 184 -39.20 -136.30 122.82
N GLY FG 185 -38.52 -135.97 123.91
CA GLY FG 185 -37.06 -136.18 123.99
C GLY FG 185 -36.71 -137.65 123.92
N GLN FG 186 -37.47 -138.51 124.60
CA GLN FG 186 -37.16 -139.97 124.65
C GLN FG 186 -37.34 -140.62 123.28
N ASN FG 187 -36.46 -141.58 122.93
CA ASN FG 187 -36.69 -142.34 121.67
C ASN FG 187 -37.96 -143.16 121.88
N LEU FG 188 -38.80 -143.28 120.84
CA LEU FG 188 -40.11 -143.98 121.06
C LEU FG 188 -40.30 -145.09 120.01
N LYS FG 189 -39.23 -145.75 119.55
CA LYS FG 189 -39.47 -146.85 118.62
C LYS FG 189 -38.45 -147.96 118.87
N ARG FG 190 -38.68 -148.70 119.95
CA ARG FG 190 -37.85 -149.85 120.27
C ARG FG 190 -38.04 -150.93 119.20
N SER FG 191 -37.01 -151.15 118.39
CA SER FG 191 -37.09 -152.13 117.31
C SER FG 191 -36.92 -153.54 117.89
N LYS FG 192 -37.92 -154.39 117.65
CA LYS FG 192 -37.90 -155.76 118.14
C LYS FG 192 -37.58 -156.68 116.97
N MET FG 193 -36.37 -157.23 116.97
CA MET FG 193 -35.90 -158.14 115.93
C MET FG 193 -35.52 -159.46 116.60
N GLY FG 194 -36.24 -160.53 116.26
CA GLY FG 194 -35.91 -161.86 116.80
C GLY FG 194 -36.77 -162.22 118.00
N GLY FG 195 -37.81 -163.03 117.79
CA GLY FG 195 -38.66 -163.48 118.87
C GLY FG 195 -38.50 -164.96 119.10
N VAL FG 196 -39.53 -165.73 118.76
CA VAL FG 196 -39.50 -167.17 118.82
C VAL FG 196 -39.43 -167.87 117.46
N ARG FG 197 -39.95 -167.18 116.43
CA ARG FG 197 -39.85 -167.68 115.06
C ARG FG 197 -38.36 -167.71 114.76
N THR FG 198 -37.64 -166.64 115.06
CA THR FG 198 -36.21 -166.60 114.81
C THR FG 198 -35.47 -167.63 115.64
N ALA FG 199 -35.88 -167.81 116.91
CA ALA FG 199 -35.24 -168.82 117.75
C ALA FG 199 -35.48 -170.22 117.19
N ALA FG 200 -36.69 -170.50 116.73
CA ALA FG 200 -36.97 -171.81 116.15
C ALA FG 200 -36.16 -172.02 114.88
N GLU FG 201 -36.05 -171.00 114.03
CA GLU FG 201 -35.25 -171.12 112.82
C GLU FG 201 -33.79 -171.36 113.14
N ILE FG 202 -33.26 -170.68 114.16
CA ILE FG 202 -31.88 -170.89 114.58
C ILE FG 202 -31.69 -172.32 115.07
N ILE FG 203 -32.64 -172.80 115.88
CA ILE FG 203 -32.52 -174.14 116.45
C ILE FG 203 -32.56 -175.19 115.36
N ASN FG 204 -33.45 -175.02 114.37
CA ASN FG 204 -33.66 -176.03 113.35
C ASN FG 204 -32.42 -176.30 112.50
N LEU FG 205 -31.44 -175.40 112.49
CA LEU FG 205 -30.27 -175.55 111.63
C LEU FG 205 -29.01 -176.04 112.33
N MET FG 206 -29.09 -176.44 113.60
CA MET FG 206 -27.93 -176.92 114.32
C MET FG 206 -28.03 -178.42 114.56
N LYS FG 207 -27.01 -178.96 115.22
CA LYS FG 207 -26.93 -180.40 115.45
C LYS FG 207 -28.06 -180.90 116.35
N THR FG 208 -28.42 -182.18 116.17
CA THR FG 208 -29.52 -182.75 116.91
C THR FG 208 -29.26 -182.77 118.41
N GLN FG 209 -28.04 -183.11 118.83
CA GLN FG 209 -27.72 -183.14 120.25
C GLN FG 209 -27.85 -181.76 120.87
N GLN FG 210 -27.30 -180.74 120.21
CA GLN FG 210 -27.48 -179.38 120.70
C GLN FG 210 -28.94 -178.96 120.64
N GLU FG 211 -29.68 -179.43 119.63
CA GLU FG 211 -31.11 -179.11 119.54
C GLU FG 211 -31.85 -179.62 120.77
N GLU FG 212 -31.66 -180.90 121.12
CA GLU FG 212 -32.34 -181.44 122.27
C GLU FG 212 -31.86 -180.79 123.56
N ALA FG 213 -30.56 -180.48 123.66
CA ALA FG 213 -30.06 -179.81 124.85
C ALA FG 213 -30.74 -178.44 125.04
N VAL FG 214 -30.82 -177.65 123.97
CA VAL FG 214 -31.40 -176.32 124.12
C VAL FG 214 -32.91 -176.40 124.38
N ILE FG 215 -33.62 -177.34 123.74
CA ILE FG 215 -35.06 -177.39 123.97
C ILE FG 215 -35.36 -177.86 125.38
N THR FG 216 -34.56 -178.81 125.90
CA THR FG 216 -34.79 -179.23 127.28
C THR FG 216 -34.40 -178.15 128.26
N ALA FG 217 -33.38 -177.35 127.95
CA ALA FG 217 -33.04 -176.21 128.80
C ALA FG 217 -34.18 -175.20 128.84
N VAL FG 218 -34.76 -174.90 127.66
CA VAL FG 218 -35.88 -173.97 127.61
C VAL FG 218 -37.06 -174.52 128.39
N ARG FG 219 -37.34 -175.83 128.23
CA ARG FG 219 -38.44 -176.45 128.96
C ARG FG 219 -38.22 -176.37 130.46
N GLU FG 220 -36.98 -176.55 130.91
CA GLU FG 220 -36.65 -176.37 132.32
C GLU FG 220 -36.93 -174.93 132.75
N PHE FG 221 -36.55 -173.96 131.91
CA PHE FG 221 -36.85 -172.57 132.23
C PHE FG 221 -38.35 -172.26 132.23
N ASP FG 222 -39.07 -172.73 131.21
CA ASP FG 222 -40.49 -172.50 131.06
C ASP FG 222 -41.01 -173.48 130.02
N GLY FG 223 -41.97 -174.31 130.41
CA GLY FG 223 -42.50 -175.28 129.48
C GLY FG 223 -43.31 -174.70 128.33
N GLU FG 224 -44.05 -173.62 128.61
CA GLU FG 224 -44.86 -173.00 127.58
C GLU FG 224 -44.00 -172.45 126.44
N LEU FG 225 -42.88 -171.81 126.79
CA LEU FG 225 -41.98 -171.30 125.76
C LEU FG 225 -41.40 -172.44 124.93
N ALA FG 226 -41.04 -173.54 125.58
CA ALA FG 226 -40.52 -174.69 124.84
C ALA FG 226 -41.55 -175.26 123.87
N GLN FG 227 -42.80 -175.38 124.31
CA GLN FG 227 -43.84 -175.89 123.41
C GLN FG 227 -44.10 -174.93 122.26
N LYS FG 228 -44.08 -173.63 122.52
CA LYS FG 228 -44.28 -172.66 121.45
C LYS FG 228 -43.13 -172.74 120.46
N ILE FG 229 -41.90 -172.92 120.96
CA ILE FG 229 -40.74 -173.08 120.08
C ILE FG 229 -40.88 -174.34 119.24
N ILE FG 230 -41.34 -175.43 119.86
CA ILE FG 230 -41.53 -176.67 119.12
C ILE FG 230 -42.58 -176.55 118.03
N ASP FG 231 -43.67 -175.84 118.32
CA ASP FG 231 -44.73 -175.66 117.33
C ASP FG 231 -44.25 -174.78 116.19
N GLU FG 232 -43.48 -173.73 116.51
CA GLU FG 232 -42.96 -172.86 115.46
C GLU FG 232 -41.86 -173.62 114.73
N MET FG 233 -41.30 -174.65 115.35
CA MET FG 233 -40.23 -175.42 114.71
C MET FG 233 -40.71 -176.05 113.39
N PHE FG 234 -41.85 -176.72 113.43
CA PHE FG 234 -42.42 -177.38 112.26
C PHE FG 234 -43.85 -176.87 112.05
N LEU FG 235 -44.00 -175.95 111.10
CA LEU FG 235 -45.31 -175.40 110.78
C LEU FG 235 -46.09 -176.36 109.88
N PHE FG 236 -47.36 -176.05 109.68
CA PHE FG 236 -48.21 -176.88 108.83
C PHE FG 236 -48.00 -176.53 107.36
N GLU FG 237 -46.75 -176.47 106.93
CA GLU FG 237 -46.40 -176.26 105.53
C GLU FG 237 -45.28 -177.15 105.02
N ASN FG 238 -44.53 -177.81 105.90
CA ASN FG 238 -43.46 -178.70 105.49
C ASN FG 238 -43.92 -180.15 105.35
N LEU FG 239 -45.22 -180.41 105.54
CA LEU FG 239 -45.74 -181.76 105.39
C LEU FG 239 -45.57 -182.28 103.97
N VAL FG 240 -45.44 -181.39 102.98
CA VAL FG 240 -45.17 -181.81 101.61
C VAL FG 240 -43.81 -182.48 101.50
N ASP FG 241 -42.87 -182.15 102.38
CA ASP FG 241 -41.53 -182.74 102.36
C ASP FG 241 -41.45 -184.04 103.16
N VAL FG 242 -42.54 -184.47 103.76
CA VAL FG 242 -42.54 -185.72 104.53
C VAL FG 242 -42.57 -186.89 103.56
N ASP FG 243 -41.90 -187.98 103.95
CA ASP FG 243 -41.84 -189.16 103.10
C ASP FG 243 -43.20 -189.83 103.01
N ASP FG 244 -43.42 -190.56 101.91
CA ASP FG 244 -44.68 -191.27 101.71
C ASP FG 244 -44.88 -192.34 102.78
N ARG FG 245 -43.82 -193.06 103.14
CA ARG FG 245 -43.92 -194.07 104.18
C ARG FG 245 -44.30 -193.44 105.52
N SER FG 246 -43.70 -192.29 105.85
CA SER FG 246 -44.04 -191.60 107.08
C SER FG 246 -45.49 -191.15 107.06
N ILE FG 247 -45.97 -190.65 105.92
CA ILE FG 247 -47.36 -190.25 105.81
C ILE FG 247 -48.29 -191.43 106.00
N GLN FG 248 -47.97 -192.57 105.39
CA GLN FG 248 -48.81 -193.77 105.57
C GLN FG 248 -48.81 -194.23 107.02
N ARG FG 249 -47.64 -194.20 107.68
CA ARG FG 249 -47.57 -194.60 109.07
C ARG FG 249 -48.39 -193.66 109.96
N LEU FG 250 -48.33 -192.35 109.70
CA LEU FG 250 -49.08 -191.41 110.50
C LEU FG 250 -50.57 -191.46 110.21
N LEU FG 251 -50.95 -191.93 109.02
CA LEU FG 251 -52.37 -192.02 108.69
C LEU FG 251 -53.10 -193.00 109.59
N GLN FG 252 -52.40 -193.99 110.15
CA GLN FG 252 -53.01 -194.96 111.03
C GLN FG 252 -53.46 -194.36 112.36
N GLU FG 253 -52.94 -193.20 112.74
CA GLU FG 253 -53.30 -192.56 113.99
C GLU FG 253 -54.03 -191.24 113.82
N VAL FG 254 -54.42 -190.88 112.60
CA VAL FG 254 -55.10 -189.62 112.32
C VAL FG 254 -56.57 -189.89 112.10
N ASP FG 255 -57.42 -189.19 112.85
CA ASP FG 255 -58.86 -189.33 112.68
C ASP FG 255 -59.28 -188.77 111.33
N SER FG 256 -60.23 -189.45 110.68
CA SER FG 256 -60.68 -189.02 109.37
C SER FG 256 -61.32 -187.63 109.41
N GLU FG 257 -62.17 -187.39 110.41
CA GLU FG 257 -62.82 -186.08 110.52
C GLU FG 257 -61.80 -184.98 110.80
N SER FG 258 -60.87 -185.22 111.73
CA SER FG 258 -59.86 -184.21 112.03
C SER FG 258 -58.95 -183.97 110.84
N LEU FG 259 -58.55 -185.04 110.14
CA LEU FG 259 -57.71 -184.89 108.96
C LEU FG 259 -58.43 -184.09 107.88
N LEU FG 260 -59.71 -184.38 107.66
CA LEU FG 260 -60.48 -183.65 106.64
C LEU FG 260 -60.61 -182.19 107.03
N ILE FG 261 -60.86 -181.91 108.31
CA ILE FG 261 -60.98 -180.53 108.76
C ILE FG 261 -59.66 -179.79 108.56
N ALA FG 262 -58.54 -180.44 108.89
CA ALA FG 262 -57.24 -179.80 108.71
C ALA FG 262 -56.93 -179.56 107.23
N LEU FG 263 -57.27 -180.53 106.37
CA LEU FG 263 -56.96 -180.43 104.95
C LEU FG 263 -57.99 -179.63 104.16
N LYS FG 264 -59.07 -179.18 104.81
CA LYS FG 264 -60.05 -178.37 104.10
C LYS FG 264 -59.44 -177.06 103.61
N GLY FG 265 -58.64 -176.42 104.44
CA GLY FG 265 -57.94 -175.20 104.07
C GLY FG 265 -56.51 -175.39 103.64
N ALA FG 266 -56.04 -176.63 103.51
CA ALA FG 266 -54.66 -176.89 103.13
C ALA FG 266 -54.48 -176.69 101.62
N GLU FG 267 -53.22 -176.64 101.19
CA GLU FG 267 -52.92 -176.48 99.78
C GLU FG 267 -53.32 -177.73 99.00
N PRO FG 268 -53.76 -177.59 97.76
CA PRO FG 268 -54.15 -178.75 96.96
C PRO FG 268 -52.99 -179.73 96.81
N PRO FG 269 -51.77 -179.23 96.67
CA PRO FG 269 -50.62 -180.15 96.61
C PRO FG 269 -50.46 -180.99 97.87
N LEU FG 270 -50.68 -180.40 99.04
CA LEU FG 270 -50.60 -181.15 100.28
C LEU FG 270 -51.67 -182.23 100.36
N ARG FG 271 -52.90 -181.88 99.93
CA ARG FG 271 -53.97 -182.88 99.93
C ARG FG 271 -53.67 -184.01 98.96
N GLU FG 272 -53.13 -183.69 97.78
CA GLU FG 272 -52.78 -184.72 96.82
C GLU FG 272 -51.66 -185.62 97.36
N LYS FG 273 -50.66 -185.03 98.00
CA LYS FG 273 -49.57 -185.82 98.56
C LYS FG 273 -50.07 -186.72 99.69
N PHE FG 274 -50.97 -186.21 100.53
CA PHE FG 274 -51.50 -186.97 101.66
C PHE FG 274 -52.56 -187.98 101.24
N LEU FG 275 -53.10 -187.87 100.02
CA LEU FG 275 -54.11 -188.80 99.53
C LEU FG 275 -53.50 -190.00 98.80
N ARG FG 276 -52.18 -190.04 98.65
CA ARG FG 276 -51.51 -191.14 97.99
C ARG FG 276 -51.06 -192.23 98.95
N ASN FG 277 -51.32 -192.07 100.24
CA ASN FG 277 -50.92 -193.05 101.25
C ASN FG 277 -52.04 -194.00 101.65
N MET FG 278 -53.30 -193.62 101.43
CA MET FG 278 -54.44 -194.45 101.80
C MET FG 278 -54.92 -195.21 100.56
N SER FG 279 -56.01 -195.96 100.72
CA SER FG 279 -56.58 -196.73 99.62
C SER FG 279 -57.29 -195.79 98.63
N GLN FG 280 -57.54 -196.34 97.44
CA GLN FG 280 -58.26 -195.57 96.42
C GLN FG 280 -59.67 -195.21 96.88
N ARG FG 281 -60.37 -196.17 97.49
CA ARG FG 281 -61.69 -195.89 98.04
C ARG FG 281 -61.61 -194.87 99.16
N ALA FG 282 -60.61 -194.99 100.03
CA ALA FG 282 -60.44 -194.01 101.10
C ALA FG 282 -60.12 -192.63 100.55
N ALA FG 283 -59.28 -192.56 99.52
CA ALA FG 283 -58.98 -191.28 98.89
C ALA FG 283 -60.22 -190.65 98.26
N ASP FG 284 -61.03 -191.47 97.58
CA ASP FG 284 -62.26 -190.96 96.98
C ASP FG 284 -63.23 -190.47 98.05
N ILE FG 285 -63.34 -191.22 99.16
CA ILE FG 285 -64.22 -190.80 100.25
C ILE FG 285 -63.74 -189.49 100.86
N LEU FG 286 -62.42 -189.34 101.06
CA LEU FG 286 -61.89 -188.10 101.61
C LEU FG 286 -62.13 -186.93 100.65
N ARG FG 287 -61.95 -187.16 99.36
CA ARG FG 287 -62.20 -186.10 98.38
C ARG FG 287 -63.68 -185.69 98.38
N ASP FG 288 -64.58 -186.68 98.43
CA ASP FG 288 -66.00 -186.37 98.48
C ASP FG 288 -66.37 -185.61 99.74
N ASP FG 289 -65.81 -186.01 100.89
CA ASP FG 289 -66.07 -185.31 102.13
C ASP FG 289 -65.56 -183.88 102.09
N LEU FG 290 -64.36 -183.68 101.52
CA LEU FG 290 -63.82 -182.33 101.41
C LEU FG 290 -64.68 -181.46 100.49
N ALA FG 291 -65.14 -182.04 99.37
CA ALA FG 291 -65.99 -181.29 98.46
C ALA FG 291 -67.32 -180.93 99.12
N ASN FG 292 -67.90 -181.87 99.86
CA ASN FG 292 -69.18 -181.65 100.52
C ASN FG 292 -69.07 -180.79 101.76
N ARG FG 293 -67.88 -180.68 102.35
CA ARG FG 293 -67.72 -179.90 103.57
C ARG FG 293 -67.82 -178.41 103.26
N GLY FG 294 -68.65 -177.71 104.02
CA GLY FG 294 -68.80 -176.28 103.86
C GLY FG 294 -67.72 -175.51 104.57
N PRO FG 295 -67.71 -174.20 104.37
CA PRO FG 295 -66.72 -173.36 105.06
C PRO FG 295 -66.89 -173.42 106.57
N VAL FG 296 -65.77 -173.40 107.28
CA VAL FG 296 -65.76 -173.46 108.74
C VAL FG 296 -64.78 -172.43 109.26
N ARG FG 297 -64.97 -172.06 110.54
CA ARG FG 297 -64.07 -171.12 111.17
C ARG FG 297 -62.67 -171.73 111.31
N LEU FG 298 -61.65 -170.89 111.15
CA LEU FG 298 -60.27 -171.37 111.21
C LEU FG 298 -59.85 -171.80 112.60
N SER FG 299 -60.63 -171.48 113.64
CA SER FG 299 -60.24 -171.84 115.00
C SER FG 299 -60.20 -173.36 115.19
N GLN FG 300 -61.20 -174.08 114.67
CA GLN FG 300 -61.21 -175.53 114.79
C GLN FG 300 -60.27 -176.22 113.82
N VAL FG 301 -60.12 -175.67 112.61
CA VAL FG 301 -59.19 -176.24 111.64
C VAL FG 301 -57.76 -176.12 112.17
N GLU FG 302 -57.43 -174.99 112.80
CA GLU FG 302 -56.11 -174.81 113.37
C GLU FG 302 -55.85 -175.82 114.49
N ASN FG 303 -56.87 -176.07 115.34
CA ASN FG 303 -56.70 -177.06 116.40
C ASN FG 303 -56.51 -178.46 115.83
N GLU FG 304 -57.27 -178.80 114.78
CA GLU FG 304 -57.12 -180.11 114.16
C GLU FG 304 -55.73 -180.26 113.54
N GLN FG 305 -55.26 -179.22 112.86
CA GLN FG 305 -53.92 -179.27 112.27
C GLN FG 305 -52.85 -179.37 113.36
N LYS FG 306 -53.05 -178.67 114.48
CA LYS FG 306 -52.11 -178.76 115.59
C LYS FG 306 -52.08 -180.18 116.17
N ALA FG 307 -53.24 -180.81 116.30
CA ALA FG 307 -53.28 -182.19 116.80
C ALA FG 307 -52.58 -183.13 115.83
N ILE FG 308 -52.81 -182.94 114.53
CA ILE FG 308 -52.16 -183.80 113.53
C ILE FG 308 -50.65 -183.61 113.57
N LEU FG 309 -50.19 -182.36 113.67
CA LEU FG 309 -48.77 -182.08 113.75
C LEU FG 309 -48.16 -182.64 115.01
N LEU FG 310 -48.87 -182.58 116.14
CA LEU FG 310 -48.38 -183.17 117.38
C LEU FG 310 -48.24 -184.68 117.25
N ILE FG 311 -49.22 -185.33 116.62
CA ILE FG 311 -49.13 -186.77 116.42
C ILE FG 311 -47.94 -187.11 115.52
N VAL FG 312 -47.76 -186.35 114.45
CA VAL FG 312 -46.65 -186.60 113.53
C VAL FG 312 -45.31 -186.40 114.23
N ARG FG 313 -45.21 -185.35 115.05
CA ARG FG 313 -43.98 -185.07 115.77
C ARG FG 313 -43.69 -186.17 116.79
N ARG FG 314 -44.73 -186.67 117.47
CA ARG FG 314 -44.55 -187.77 118.40
C ARG FG 314 -44.07 -189.02 117.68
N LEU FG 315 -44.64 -189.31 116.51
CA LEU FG 315 -44.21 -190.46 115.73
C LEU FG 315 -42.76 -190.32 115.30
N ALA FG 316 -42.38 -189.12 114.86
CA ALA FG 316 -41.00 -188.89 114.44
C ALA FG 316 -40.04 -189.01 115.62
N GLU FG 317 -40.41 -188.48 116.78
CA GLU FG 317 -39.56 -188.57 117.96
C GLU FG 317 -39.40 -190.01 118.40
N THR FG 318 -40.47 -190.80 118.30
CA THR FG 318 -40.38 -192.22 118.61
C THR FG 318 -39.40 -192.92 117.67
N GLY FG 319 -39.43 -192.55 116.39
CA GLY FG 319 -38.51 -193.12 115.42
C GLY FG 319 -39.20 -193.91 114.34
N GLU FG 320 -40.50 -193.63 114.13
CA GLU FG 320 -41.30 -194.32 113.15
C GLU FG 320 -41.73 -193.43 112.00
N MET FG 321 -40.97 -192.37 111.72
CA MET FG 321 -41.30 -191.45 110.63
C MET FG 321 -39.99 -190.84 110.15
N VAL FG 322 -40.02 -190.33 108.91
CA VAL FG 322 -38.85 -189.69 108.32
C VAL FG 322 -39.32 -188.56 107.41
N ILE FG 323 -38.36 -187.80 106.86
CA ILE FG 323 -38.67 -186.69 105.97
C ILE FG 323 -37.80 -186.80 104.72
N GLY FG 324 -38.12 -186.02 103.69
CA GLY FG 324 -37.37 -186.03 102.45
C GLY FG 324 -37.87 -185.03 101.43
N SER GG 33 -34.90 -123.14 197.40
CA SER GG 33 -34.04 -122.65 196.33
C SER GG 33 -33.95 -123.66 195.19
N ASP GG 34 -34.43 -123.26 194.01
CA ASP GG 34 -34.39 -124.12 192.83
C ASP GG 34 -33.03 -123.96 192.18
N ILE GG 35 -32.29 -125.07 192.10
CA ILE GG 35 -30.96 -125.07 191.51
C ILE GG 35 -30.75 -126.41 190.81
N ARG GG 36 -30.72 -126.39 189.48
CA ARG GG 36 -30.53 -127.60 188.70
C ARG GG 36 -29.36 -127.40 187.75
N PRO GG 37 -28.64 -128.49 187.36
CA PRO GG 37 -27.44 -128.37 186.49
C PRO GG 37 -27.82 -127.81 185.13
N TYR GG 38 -26.91 -127.06 184.53
CA TYR GG 38 -27.12 -126.48 183.22
C TYR GG 38 -26.96 -127.56 182.15
N ASP GG 39 -28.02 -127.79 181.39
CA ASP GG 39 -27.99 -128.72 180.27
C ASP GG 39 -28.14 -127.94 178.97
N PRO GG 40 -27.15 -127.96 178.09
CA PRO GG 40 -27.31 -127.28 176.79
C PRO GG 40 -28.41 -127.93 175.96
N ASN GG 41 -28.68 -127.31 174.82
CA ASN GG 41 -29.69 -127.71 173.84
C ASN GG 41 -31.07 -127.97 174.44
N THR GG 42 -31.35 -127.44 175.63
CA THR GG 42 -32.68 -127.55 176.21
C THR GG 42 -33.51 -126.32 175.87
N GLN GG 43 -34.81 -126.53 175.63
CA GLN GG 43 -35.72 -125.44 175.26
C GLN GG 43 -35.98 -124.59 176.49
N ARG GG 44 -35.07 -123.65 176.75
CA ARG GG 44 -35.20 -122.76 177.90
C ARG GG 44 -35.55 -121.34 177.51
N ARG GG 45 -35.44 -120.97 176.23
CA ARG GG 45 -35.77 -119.62 175.77
C ARG GG 45 -37.25 -119.59 175.41
N VAL GG 46 -38.04 -118.89 176.23
CA VAL GG 46 -39.47 -118.73 176.00
C VAL GG 46 -39.75 -117.26 175.74
N VAL GG 47 -40.28 -116.96 174.55
CA VAL GG 47 -40.60 -115.58 174.15
C VAL GG 47 -42.05 -115.61 173.68
N ARG GG 48 -42.98 -115.28 174.58
CA ARG GG 48 -44.40 -115.26 174.27
C ARG GG 48 -44.81 -113.81 174.07
N GLU GG 49 -45.40 -113.53 172.90
CA GLU GG 49 -45.80 -112.17 172.58
C GLU GG 49 -47.01 -112.25 171.65
N ARG GG 50 -48.11 -111.64 172.06
CA ARG GG 50 -49.30 -111.58 171.23
C ARG GG 50 -49.04 -110.70 170.01
N LEU GG 51 -49.47 -111.18 168.85
CA LEU GG 51 -49.24 -110.48 167.58
C LEU GG 51 -50.59 -110.20 166.92
N GLN GG 52 -51.21 -109.09 167.31
CA GLN GG 52 -52.54 -108.76 166.81
C GLN GG 52 -52.53 -108.47 165.32
N ALA GG 53 -51.51 -107.72 164.86
CA ALA GG 53 -51.39 -107.33 163.44
C ALA GG 53 -51.28 -108.60 162.58
N LEU GG 54 -50.53 -109.63 162.99
CA LEU GG 54 -50.51 -110.91 162.30
C LEU GG 54 -51.85 -111.63 162.47
N GLU GG 55 -52.50 -111.45 163.61
CA GLU GG 55 -53.79 -112.09 163.84
C GLU GG 55 -54.85 -111.59 162.86
N ILE GG 56 -54.72 -110.36 162.36
CA ILE GG 56 -55.71 -109.87 161.40
C ILE GG 56 -55.23 -110.13 159.98
N ILE GG 57 -53.90 -110.11 159.78
CA ILE GG 57 -53.36 -110.43 158.46
C ILE GG 57 -53.70 -111.86 158.08
N ASN GG 58 -53.71 -112.76 159.06
CA ASN GG 58 -54.07 -114.15 158.78
C ASN GG 58 -55.49 -114.29 158.24
N GLU GG 59 -56.46 -113.61 158.85
CA GLU GG 59 -57.84 -113.67 158.36
C GLU GG 59 -57.98 -113.00 157.00
N ARG GG 60 -57.29 -111.88 156.78
CA ARG GG 60 -57.38 -111.23 155.48
C ARG GG 60 -56.84 -112.17 154.40
N PHE GG 61 -55.68 -112.79 154.68
CA PHE GG 61 -55.12 -113.74 153.73
C PHE GG 61 -56.02 -114.94 153.55
N ALA GG 62 -56.66 -115.40 154.62
CA ALA GG 62 -57.54 -116.55 154.53
C ALA GG 62 -58.74 -116.25 153.63
N ARG GG 63 -59.31 -115.05 153.77
CA ARG GG 63 -60.41 -114.67 152.89
C ARG GG 63 -59.95 -114.60 151.44
N GLN GG 64 -58.80 -113.98 151.19
CA GLN GG 64 -58.29 -113.89 149.83
C GLN GG 64 -58.02 -115.28 149.25
N PHE GG 65 -57.44 -116.17 150.05
CA PHE GG 65 -57.12 -117.51 149.58
C PHE GG 65 -58.38 -118.33 149.34
N ARG GG 66 -59.42 -118.15 150.17
CA ARG GG 66 -60.67 -118.83 149.91
C ARG GG 66 -61.35 -118.53 148.58
N MET GG 67 -61.42 -117.25 148.20
CA MET GG 67 -61.94 -116.92 146.87
C MET GG 67 -61.03 -117.35 145.70
N GLY GG 68 -59.72 -117.34 145.96
CA GLY GG 68 -58.77 -117.79 144.96
C GLY GG 68 -59.03 -119.27 144.76
N LEU GG 69 -59.21 -120.02 145.85
CA LEU GG 69 -59.49 -121.44 145.74
C LEU GG 69 -60.85 -121.68 145.10
N PHE GG 70 -61.83 -120.85 145.40
CA PHE GG 70 -63.11 -120.94 144.71
C PHE GG 70 -62.93 -120.69 143.22
N ASN GG 71 -62.14 -119.67 142.87
CA ASN GG 71 -61.90 -119.38 141.47
C ASN GG 71 -61.22 -120.54 140.75
N LEU GG 72 -60.31 -121.23 141.43
CA LEU GG 72 -59.53 -122.27 140.78
C LEU GG 72 -60.27 -123.61 140.76
N LEU GG 73 -60.58 -124.15 141.94
CA LEU GG 73 -61.15 -125.49 142.05
C LEU GG 73 -62.61 -125.57 141.63
N ARG GG 74 -63.27 -124.43 141.40
CA ARG GG 74 -64.70 -124.40 141.12
C ARG GG 74 -65.50 -125.08 142.22
N ARG GG 75 -65.07 -124.93 143.47
CA ARG GG 75 -65.74 -125.47 144.62
C ARG GG 75 -65.75 -124.41 145.72
N SER GG 76 -66.35 -124.75 146.85
CA SER GG 76 -66.49 -123.81 147.97
C SER GG 76 -65.68 -124.25 149.17
N PRO GG 77 -64.44 -123.81 149.31
CA PRO GG 77 -63.67 -124.11 150.52
C PRO GG 77 -63.93 -123.19 151.70
N ASP GG 78 -63.70 -123.72 152.90
CA ASP GG 78 -63.74 -122.90 154.11
C ASP GG 78 -62.40 -123.06 154.81
N ILE GG 79 -61.78 -121.93 155.14
CA ILE GG 79 -60.46 -121.89 155.75
C ILE GG 79 -60.61 -121.36 157.16
N THR GG 80 -60.20 -122.16 158.14
CA THR GG 80 -60.20 -121.76 159.54
C THR GG 80 -58.77 -121.46 159.94
N VAL GG 81 -58.55 -120.26 160.47
CA VAL GG 81 -57.21 -119.86 160.89
C VAL GG 81 -56.94 -120.39 162.28
N GLY GG 82 -55.87 -121.15 162.43
CA GLY GG 82 -55.50 -121.67 163.73
C GLY GG 82 -54.76 -120.64 164.56
N ALA GG 83 -54.47 -121.02 165.79
CA ALA GG 83 -53.72 -120.14 166.69
C ALA GG 83 -52.28 -120.02 166.23
N ILE GG 84 -51.76 -118.79 166.22
CA ILE GG 84 -50.38 -118.56 165.86
C ILE GG 84 -49.48 -119.20 166.91
N ARG GG 85 -48.51 -120.00 166.47
CA ARG GG 85 -47.60 -120.69 167.38
C ARG GG 85 -46.21 -120.11 167.26
N ILE GG 86 -45.66 -119.67 168.38
CA ILE GG 86 -44.29 -119.16 168.46
C ILE GG 86 -43.40 -120.23 169.08
N GLN GG 87 -42.64 -120.91 168.23
CA GLN GG 87 -41.99 -122.14 168.64
C GLN GG 87 -40.61 -122.26 168.03
N PRO GG 88 -39.71 -123.02 168.65
CA PRO GG 88 -38.40 -123.27 168.02
C PRO GG 88 -38.57 -124.01 166.71
N TYR GG 89 -37.63 -123.76 165.79
CA TYR GG 89 -37.75 -124.30 164.44
C TYR GG 89 -37.81 -125.82 164.35
N HIS GG 90 -37.09 -126.52 165.21
CA HIS GG 90 -37.05 -128.01 165.20
C HIS GG 90 -38.38 -128.62 165.69
N GLU GG 91 -39.18 -127.86 166.45
CA GLU GG 91 -40.52 -128.29 166.84
C GLU GG 91 -41.38 -128.24 165.60
N PHE GG 92 -41.30 -127.13 164.85
CA PHE GG 92 -42.05 -126.99 163.61
C PHE GG 92 -41.63 -128.07 162.60
N ALA GG 93 -40.33 -128.33 162.51
CA ALA GG 93 -39.85 -129.34 161.57
C ALA GG 93 -40.34 -130.73 161.95
N ARG GG 94 -40.29 -131.07 163.24
CA ARG GG 94 -40.67 -132.42 163.64
C ARG GG 94 -42.17 -132.63 163.57
N ASN GG 95 -42.97 -131.58 163.76
CA ASN GG 95 -44.42 -131.75 163.65
C ASN GG 95 -44.85 -131.95 162.21
N LEU GG 96 -44.04 -131.51 161.25
CA LEU GG 96 -44.39 -131.67 159.85
C LEU GG 96 -44.34 -133.15 159.44
N PRO GG 97 -45.19 -133.56 158.51
CA PRO GG 97 -45.12 -134.92 157.98
C PRO GG 97 -44.11 -135.02 156.86
N VAL GG 98 -43.84 -136.25 156.45
CA VAL GG 98 -42.87 -136.51 155.39
C VAL GG 98 -43.47 -137.47 154.37
N PRO GG 99 -43.46 -137.14 153.07
CA PRO GG 99 -43.00 -135.89 152.49
C PRO GG 99 -44.08 -134.82 152.54
N THR GG 100 -43.68 -133.55 152.42
CA THR GG 100 -44.61 -132.41 152.40
C THR GG 100 -43.98 -131.37 151.51
N ASN GG 101 -44.74 -130.75 150.60
CA ASN GG 101 -44.23 -129.62 149.78
C ASN GG 101 -43.92 -128.38 150.62
N LEU GG 102 -42.67 -127.92 150.63
CA LEU GG 102 -42.22 -126.71 151.33
C LEU GG 102 -41.92 -125.62 150.28
N ASN GG 103 -42.35 -124.38 150.41
CA ASN GG 103 -42.16 -123.34 149.35
C ASN GG 103 -41.34 -122.19 149.93
N LEU GG 104 -40.01 -122.18 149.74
CA LEU GG 104 -39.21 -121.08 150.27
C LEU GG 104 -39.63 -119.79 149.56
N ILE GG 105 -39.94 -118.77 150.34
CA ILE GG 105 -40.42 -117.50 149.79
C ILE GG 105 -39.60 -116.37 150.38
N HIS GG 106 -39.40 -115.32 149.60
CA HIS GG 106 -38.67 -114.14 150.01
C HIS GG 106 -39.65 -113.01 150.24
N LEU GG 107 -39.72 -112.52 151.48
CA LEU GG 107 -40.59 -111.40 151.82
C LEU GG 107 -39.79 -110.10 151.83
N LYS GG 108 -39.28 -109.72 150.67
CA LYS GG 108 -38.49 -108.50 150.55
C LYS GG 108 -39.35 -107.29 150.87
N PRO GG 109 -38.75 -106.23 151.45
CA PRO GG 109 -37.32 -106.04 151.74
C PRO GG 109 -36.87 -106.64 153.07
N LEU GG 110 -37.70 -107.47 153.71
CA LEU GG 110 -37.29 -108.09 154.97
C LEU GG 110 -36.26 -109.17 154.70
N ARG GG 111 -35.09 -109.05 155.33
CA ARG GG 111 -34.04 -110.03 155.11
C ARG GG 111 -34.38 -111.33 155.81
N GLY GG 112 -34.35 -112.42 155.06
CA GLY GG 112 -34.68 -113.74 155.56
C GLY GG 112 -35.40 -114.54 154.50
N THR GG 113 -35.94 -115.69 154.91
CA THR GG 113 -36.62 -116.59 153.99
C THR GG 113 -37.73 -117.30 154.74
N GLY GG 114 -38.98 -117.00 154.37
CA GLY GG 114 -40.11 -117.67 154.96
C GLY GG 114 -40.46 -118.97 154.24
N LEU GG 115 -41.42 -119.69 154.81
CA LEU GG 115 -41.79 -121.01 154.32
C LEU GG 115 -43.30 -121.13 154.24
N VAL GG 116 -43.78 -121.68 153.14
CA VAL GG 116 -45.20 -122.00 152.97
C VAL GG 116 -45.32 -123.49 152.82
N VAL GG 117 -46.02 -124.15 153.74
CA VAL GG 117 -46.07 -125.60 153.81
C VAL GG 117 -47.45 -126.05 153.37
N PHE GG 118 -47.51 -126.75 152.25
CA PHE GG 118 -48.72 -127.40 151.76
C PHE GG 118 -48.73 -128.88 152.13
N SER GG 119 -49.75 -129.28 152.88
CA SER GG 119 -49.86 -130.67 153.30
C SER GG 119 -50.14 -131.61 152.12
N PRO GG 120 -49.74 -132.90 152.19
CA PRO GG 120 -50.05 -133.88 151.13
C PRO GG 120 -51.56 -133.94 150.94
N SER GG 121 -52.31 -133.79 152.04
CA SER GG 121 -53.76 -133.89 151.93
C SER GG 121 -54.33 -132.79 151.04
N LEU GG 122 -53.85 -131.56 151.23
CA LEU GG 122 -54.39 -130.44 150.45
C LEU GG 122 -54.05 -130.57 148.98
N VAL GG 123 -52.81 -130.93 148.65
CA VAL GG 123 -52.45 -131.08 147.24
C VAL GG 123 -53.18 -132.26 146.62
N PHE GG 124 -53.38 -133.33 147.40
CA PHE GG 124 -54.17 -134.45 146.91
C PHE GG 124 -55.60 -134.02 146.60
N ILE GG 125 -56.21 -133.24 147.48
CA ILE GG 125 -57.56 -132.77 147.26
C ILE GG 125 -57.63 -131.89 146.01
N ALA GG 126 -56.65 -130.99 145.86
CA ALA GG 126 -56.66 -130.09 144.72
C ALA GG 126 -56.49 -130.85 143.41
N VAL GG 127 -55.54 -131.79 143.37
CA VAL GG 127 -55.32 -132.57 142.15
C VAL GG 127 -56.55 -133.41 141.84
N ASP GG 128 -57.16 -134.00 142.86
CA ASP GG 128 -58.36 -134.80 142.66
C ASP GG 128 -59.48 -133.95 142.07
N ASN GG 129 -59.69 -132.75 142.62
CA ASN GG 129 -60.76 -131.89 142.12
C ASN GG 129 -60.49 -131.42 140.71
N LEU GG 130 -59.24 -131.05 140.41
CA LEU GG 130 -58.93 -130.57 139.07
C LEU GG 130 -59.09 -131.65 138.02
N PHE GG 131 -58.65 -132.87 138.33
CA PHE GG 131 -58.60 -133.94 137.34
C PHE GG 131 -59.81 -134.87 137.49
N GLY GG 132 -61.00 -134.29 137.28
CA GLY GG 132 -62.21 -135.06 137.18
C GLY GG 132 -62.55 -135.91 138.38
N GLY GG 133 -62.43 -135.34 139.58
CA GLY GG 133 -62.76 -136.09 140.78
C GLY GG 133 -63.65 -135.33 141.74
N ASP GG 134 -64.76 -135.95 142.13
CA ASP GG 134 -65.71 -135.31 143.08
C ASP GG 134 -65.33 -135.69 144.52
N GLY GG 135 -64.06 -136.05 144.74
CA GLY GG 135 -63.62 -136.40 146.08
C GLY GG 135 -64.48 -137.48 146.69
N ARG GG 136 -64.99 -138.41 145.88
CA ARG GG 136 -65.74 -139.54 146.40
C ARG GG 136 -64.90 -140.48 147.26
N PHE GG 137 -63.76 -140.92 146.69
CA PHE GG 137 -62.87 -141.79 147.44
C PHE GG 137 -62.04 -141.08 148.51
N PRO GG 138 -61.72 -141.76 149.60
CA PRO GG 138 -60.90 -141.14 150.64
C PRO GG 138 -59.50 -140.83 150.13
N THR GG 139 -58.91 -139.77 150.67
CA THR GG 139 -57.54 -139.43 150.32
C THR GG 139 -56.58 -140.43 150.96
N LYS GG 140 -55.68 -140.98 150.16
CA LYS GG 140 -54.69 -141.94 150.61
C LYS GG 140 -53.30 -141.40 150.36
N VAL GG 141 -52.52 -141.25 151.43
CA VAL GG 141 -51.14 -140.79 151.35
C VAL GG 141 -50.27 -141.83 152.06
N GLU GG 142 -49.27 -142.35 151.34
CA GLU GG 142 -48.39 -143.37 151.87
C GLU GG 142 -46.94 -143.03 151.56
N GLY GG 143 -46.54 -141.78 151.82
CA GLY GG 143 -45.19 -141.37 151.52
C GLY GG 143 -44.91 -141.13 150.06
N ARG GG 144 -45.96 -141.07 149.23
CA ARG GG 144 -45.78 -140.85 147.81
C ARG GG 144 -45.26 -139.44 147.53
N GLU GG 145 -44.31 -139.35 146.60
CA GLU GG 145 -43.71 -138.06 146.27
C GLU GG 145 -44.62 -137.30 145.29
N PHE GG 146 -44.13 -136.17 144.81
CA PHE GG 146 -44.88 -135.28 143.94
C PHE GG 146 -44.27 -135.29 142.55
N THR GG 147 -45.11 -135.56 141.55
CA THR GG 147 -44.66 -135.57 140.17
C THR GG 147 -44.60 -134.15 139.62
N HIS GG 148 -44.21 -134.04 138.35
CA HIS GG 148 -44.11 -132.73 137.73
C HIS GG 148 -45.48 -132.08 137.57
N THR GG 149 -46.50 -132.87 137.23
CA THR GG 149 -47.85 -132.34 137.13
C THR GG 149 -48.35 -131.86 138.49
N GLU GG 150 -48.11 -132.65 139.54
CA GLU GG 150 -48.47 -132.23 140.88
C GLU GG 150 -47.71 -130.97 141.27
N GLN GG 151 -46.43 -130.89 140.91
CA GLN GG 151 -45.65 -129.69 141.21
C GLN GG 151 -46.22 -128.48 140.49
N ARG GG 152 -46.68 -128.65 139.26
CA ARG GG 152 -47.25 -127.52 138.53
C ARG GG 152 -48.57 -127.09 139.15
N VAL GG 153 -49.39 -128.05 139.58
CA VAL GG 153 -50.63 -127.70 140.28
C VAL GG 153 -50.34 -126.95 141.56
N ILE GG 154 -49.32 -127.39 142.31
CA ILE GG 154 -48.95 -126.70 143.54
C ILE GG 154 -48.42 -125.31 143.26
N ASN GG 155 -47.68 -125.15 142.15
CA ASN GG 155 -47.22 -123.82 141.78
C ASN GG 155 -48.41 -122.92 141.45
N ARG GG 156 -49.40 -123.46 140.76
CA ARG GG 156 -50.59 -122.67 140.43
C ARG GG 156 -51.33 -122.26 141.70
N MET GG 157 -51.46 -123.17 142.66
CA MET GG 157 -52.08 -122.82 143.93
C MET GG 157 -51.25 -121.79 144.70
N LEU GG 158 -49.93 -121.98 144.71
CA LEU GG 158 -49.06 -121.11 145.48
C LEU GG 158 -49.02 -119.71 144.90
N LYS GG 159 -49.24 -119.57 143.60
CA LYS GG 159 -49.34 -118.22 143.03
C LYS GG 159 -50.49 -117.45 143.67
N LEU GG 160 -51.67 -118.09 143.76
CA LEU GG 160 -52.80 -117.45 144.43
C LEU GG 160 -52.51 -117.22 145.91
N ALA GG 161 -51.88 -118.19 146.57
CA ALA GG 161 -51.58 -118.04 147.98
C ALA GG 161 -50.66 -116.85 148.22
N LEU GG 162 -49.62 -116.71 147.41
CA LEU GG 162 -48.68 -115.60 147.57
C LEU GG 162 -49.32 -114.27 147.23
N GLU GG 163 -50.17 -114.24 146.19
CA GLU GG 163 -50.88 -113.00 145.88
C GLU GG 163 -51.76 -112.59 147.05
N GLY GG 164 -52.50 -113.53 147.62
CA GLY GG 164 -53.35 -113.21 148.76
C GLY GG 164 -52.55 -112.74 149.96
N TYR GG 165 -51.43 -113.41 150.24
CA TYR GG 165 -50.60 -113.00 151.37
C TYR GG 165 -50.02 -111.60 151.17
N SER GG 166 -49.54 -111.31 149.95
CA SER GG 166 -49.02 -109.98 149.67
C SER GG 166 -50.08 -108.92 149.81
N ASP GG 167 -51.29 -109.20 149.30
CA ASP GG 167 -52.38 -108.24 149.43
C ASP GG 167 -52.75 -108.01 150.89
N ALA GG 168 -52.77 -109.08 151.69
CA ALA GG 168 -53.07 -108.94 153.10
C ALA GG 168 -52.01 -108.12 153.82
N TRP GG 169 -50.74 -108.34 153.49
CA TRP GG 169 -49.67 -107.58 154.14
C TRP GG 169 -49.72 -106.14 153.62
N LYS GG 170 -50.17 -105.94 152.38
CA LYS GG 170 -50.18 -104.61 151.79
C LYS GG 170 -50.90 -103.58 152.67
N ALA GG 171 -51.96 -104.00 153.37
CA ALA GG 171 -52.67 -103.09 154.26
C ALA GG 171 -51.83 -102.47 155.37
N ILE GG 172 -50.95 -103.26 155.98
CA ILE GG 172 -50.14 -102.77 157.10
C ILE GG 172 -48.77 -102.34 156.58
N ASN GG 173 -48.03 -103.26 155.99
CA ASN GG 173 -46.72 -102.95 155.46
C ASN GG 173 -46.58 -103.53 154.05
N PRO GG 174 -46.40 -102.70 153.02
CA PRO GG 174 -46.34 -103.22 151.66
C PRO GG 174 -45.11 -104.08 151.42
N LEU GG 175 -45.32 -105.37 151.19
CA LEU GG 175 -44.26 -106.33 150.94
C LEU GG 175 -44.50 -107.02 149.61
N GLU GG 176 -43.42 -107.43 148.96
CA GLU GG 176 -43.49 -108.22 147.74
C GLU GG 176 -43.02 -109.64 148.04
N VAL GG 177 -43.83 -110.61 147.61
CA VAL GG 177 -43.61 -112.01 147.93
C VAL GG 177 -43.10 -112.70 146.68
N GLU GG 178 -41.92 -113.31 146.78
CA GLU GG 178 -41.30 -114.02 145.66
C GLU GG 178 -41.10 -115.48 146.03
N TYR GG 179 -41.53 -116.36 145.14
CA TYR GG 179 -41.33 -117.79 145.30
C TYR GG 179 -40.00 -118.15 144.64
N VAL GG 180 -39.08 -118.73 145.41
CA VAL GG 180 -37.72 -118.97 144.94
C VAL GG 180 -37.45 -120.45 144.70
N ARG GG 181 -38.06 -121.34 145.48
CA ARG GG 181 -37.70 -122.75 145.41
C ARG GG 181 -38.75 -123.58 146.12
N SER GG 182 -38.92 -124.81 145.66
CA SER GG 182 -39.82 -125.76 146.30
C SER GG 182 -39.02 -127.02 146.57
N GLU GG 183 -39.32 -127.67 147.70
CA GLU GG 183 -38.64 -128.86 148.14
C GLU GG 183 -39.66 -129.79 148.76
N MET GG 184 -39.26 -131.04 148.96
CA MET GG 184 -40.14 -132.06 149.51
C MET GG 184 -39.73 -132.60 150.87
N GLN GG 185 -38.44 -132.56 151.19
CA GLN GG 185 -37.95 -132.99 152.48
C GLN GG 185 -37.78 -131.78 153.41
N VAL GG 186 -37.52 -132.06 154.68
CA VAL GG 186 -37.37 -131.00 155.66
C VAL GG 186 -35.92 -130.51 155.77
N LYS GG 187 -34.95 -131.38 155.50
CA LYS GG 187 -33.54 -131.03 155.69
C LYS GG 187 -32.99 -130.16 154.58
N PHE GG 188 -33.75 -129.91 153.51
CA PHE GG 188 -33.28 -129.06 152.43
C PHE GG 188 -33.52 -127.56 152.64
N THR GG 189 -34.39 -127.18 153.57
CA THR GG 189 -34.74 -125.77 153.71
C THR GG 189 -33.76 -125.01 154.61
N ASN GG 190 -33.68 -125.41 155.87
CA ASN GG 190 -32.80 -124.77 156.86
C ASN GG 190 -32.80 -123.25 156.71
N ILE GG 191 -33.97 -122.64 156.95
CA ILE GG 191 -34.13 -121.15 156.88
C ILE GG 191 -33.71 -120.54 158.22
N THR GG 192 -33.36 -121.35 159.23
CA THR GG 192 -32.93 -120.89 160.56
C THR GG 192 -31.47 -121.25 160.75
N THR GG 193 -30.64 -120.29 161.16
CA THR GG 193 -29.18 -120.51 161.34
C THR GG 193 -28.98 -121.70 162.25
N SER GG 194 -29.78 -121.83 163.30
CA SER GG 194 -29.73 -122.95 164.22
C SER GG 194 -31.12 -123.55 164.41
N PRO GG 195 -31.20 -124.85 164.68
CA PRO GG 195 -32.52 -125.47 164.89
C PRO GG 195 -33.26 -124.95 166.11
N ASN GG 196 -32.56 -124.30 167.03
CA ASN GG 196 -33.20 -123.75 168.23
C ASN GG 196 -33.71 -122.33 168.04
N ASP GG 197 -33.58 -121.78 166.83
CA ASP GG 197 -34.11 -120.46 166.56
C ASP GG 197 -35.63 -120.46 166.62
N ILE GG 198 -36.19 -119.30 166.91
CA ILE GG 198 -37.62 -119.17 167.16
C ILE GG 198 -38.30 -118.69 165.88
N VAL GG 199 -39.41 -119.35 165.53
CA VAL GG 199 -40.17 -119.01 164.33
C VAL GG 199 -41.65 -118.89 164.69
N VAL GG 200 -42.37 -118.16 163.85
CA VAL GG 200 -43.79 -117.89 164.02
C VAL GG 200 -44.61 -118.71 163.04
N ASN GG 201 -45.40 -119.65 163.57
CA ASN GG 201 -46.16 -120.57 162.68
C ASN GG 201 -47.68 -120.33 162.73
N THR GG 202 -48.32 -120.20 161.56
CA THR GG 202 -49.77 -120.05 161.46
C THR GG 202 -50.32 -121.22 160.67
N PRO GG 203 -51.01 -122.16 161.30
CA PRO GG 203 -51.66 -123.26 160.56
C PRO GG 203 -53.08 -122.88 160.18
N PHE GG 204 -53.42 -123.07 158.91
CA PHE GG 204 -54.78 -122.91 158.42
C PHE GG 204 -55.33 -124.30 158.05
N HIS GG 205 -56.62 -124.48 158.28
CA HIS GG 205 -57.30 -125.72 157.92
C HIS GG 205 -58.30 -125.42 156.82
N VAL GG 206 -58.15 -126.08 155.68
CA VAL GG 206 -59.00 -125.88 154.52
C VAL GG 206 -59.87 -127.12 154.35
N GLU GG 207 -61.18 -126.93 154.35
CA GLU GG 207 -62.12 -128.03 154.17
C GLU GG 207 -62.89 -127.82 152.87
N ILE GG 208 -62.94 -128.88 152.05
CA ILE GG 208 -63.72 -128.90 150.82
C ILE GG 208 -64.65 -130.10 150.89
N GLY GG 209 -65.96 -129.82 150.90
CA GLY GG 209 -66.90 -130.91 151.10
C GLY GG 209 -66.62 -131.62 152.41
N ASN GG 210 -66.54 -132.95 152.34
CA ASN GG 210 -66.15 -133.73 153.50
C ASN GG 210 -64.64 -133.79 153.67
N LEU GG 211 -63.90 -133.59 152.59
CA LEU GG 211 -62.44 -133.69 152.66
C LEU GG 211 -61.84 -132.50 153.39
N THR GG 212 -60.72 -132.74 154.06
CA THR GG 212 -60.04 -131.72 154.83
C THR GG 212 -58.54 -131.78 154.58
N GLY GG 213 -57.87 -130.65 154.79
CA GLY GG 213 -56.43 -130.58 154.72
C GLY GG 213 -55.97 -129.36 155.47
N GLU GG 214 -54.65 -129.19 155.56
CA GLU GG 214 -54.09 -128.08 156.29
C GLU GG 214 -52.84 -127.56 155.58
N PHE GG 215 -52.51 -126.31 155.86
CA PHE GG 215 -51.30 -125.73 155.33
C PHE GG 215 -50.82 -124.63 156.27
N ASN GG 216 -49.50 -124.52 156.42
CA ASN GG 216 -48.92 -123.61 157.39
C ASN GG 216 -48.13 -122.51 156.68
N ILE GG 217 -48.00 -121.38 157.39
CA ILE GG 217 -47.11 -120.31 156.95
C ILE GG 217 -46.15 -120.01 158.08
N CYS GG 218 -44.86 -120.23 157.87
CA CYS GG 218 -43.85 -120.07 158.91
C CYS GG 218 -42.87 -118.97 158.53
N LEU GG 219 -42.67 -118.03 159.45
CA LEU GG 219 -41.76 -116.93 159.25
C LEU GG 219 -40.71 -116.95 160.35
N PRO GG 220 -39.42 -116.93 160.03
CA PRO GG 220 -38.41 -116.82 161.08
C PRO GG 220 -38.55 -115.48 161.81
N PHE GG 221 -38.31 -115.52 163.11
CA PHE GG 221 -38.48 -114.32 163.92
C PHE GG 221 -37.51 -113.21 163.53
N SER GG 222 -36.41 -113.53 162.84
CA SER GG 222 -35.48 -112.50 162.42
C SER GG 222 -36.14 -111.53 161.45
N MET GG 223 -36.97 -112.05 160.54
CA MET GG 223 -37.67 -111.18 159.60
C MET GG 223 -38.67 -110.28 160.32
N ILE GG 224 -39.39 -110.83 161.30
CA ILE GG 224 -40.43 -110.08 162.00
C ILE GG 224 -39.84 -109.06 162.95
N GLU GG 225 -38.65 -109.33 163.49
CA GLU GG 225 -38.09 -108.50 164.56
C GLU GG 225 -38.04 -107.01 164.24
N PRO GG 226 -37.61 -106.56 163.05
CA PRO GG 226 -37.67 -105.11 162.78
C PRO GG 226 -39.08 -104.55 162.78
N LEU GG 227 -40.10 -105.39 162.62
CA LEU GG 227 -41.49 -104.95 162.62
C LEU GG 227 -42.28 -105.37 163.85
N ARG GG 228 -41.60 -105.60 164.98
CA ARG GG 228 -42.29 -106.11 166.17
C ARG GG 228 -43.27 -105.09 166.74
N GLU GG 229 -42.85 -103.83 166.83
CA GLU GG 229 -43.72 -102.81 167.38
C GLU GG 229 -44.93 -102.61 166.47
N LEU GG 230 -44.76 -102.87 165.17
CA LEU GG 230 -45.90 -102.78 164.26
C LEU GG 230 -46.80 -103.99 164.39
N LEU GG 231 -46.22 -105.19 164.58
CA LEU GG 231 -46.99 -106.46 164.60
C LEU GG 231 -47.58 -106.72 166.00
N VAL GG 232 -47.14 -106.00 167.01
CA VAL GG 232 -47.60 -106.24 168.41
C VAL GG 232 -48.94 -105.53 168.65
N ASN GG 233 -49.02 -104.20 168.48
CA ASN GG 233 -50.26 -103.50 168.80
C ASN GG 233 -51.29 -103.69 167.70
N PRO GG 234 -52.56 -103.82 168.05
CA PRO GG 234 -53.61 -103.93 167.03
C PRO GG 234 -53.64 -102.69 166.16
N PRO GG 235 -53.91 -102.84 164.87
CA PRO GG 235 -53.88 -101.68 163.96
C PRO GG 235 -54.97 -100.68 164.31
N LEU GG 236 -54.67 -99.41 164.06
CA LEU GG 236 -55.61 -98.33 164.28
C LEU GG 236 -55.96 -97.64 162.98
N GLU GG 237 -57.19 -97.14 162.89
CA GLU GG 237 -57.68 -96.48 161.69
C GLU GG 237 -57.07 -95.09 161.60
N ASN GG 238 -55.86 -95.04 161.04
CA ASN GG 238 -55.12 -93.80 160.89
C ASN GG 238 -54.56 -93.76 159.47
N SER GG 239 -53.69 -92.79 159.21
CA SER GG 239 -53.05 -92.63 157.92
C SER GG 239 -51.55 -92.49 158.09
N ARG GG 240 -50.82 -92.73 157.01
CA ARG GG 240 -49.37 -92.58 157.06
C ARG GG 240 -48.98 -91.14 157.38
N HIS GG 241 -49.73 -90.18 156.86
CA HIS GG 241 -49.50 -88.78 157.22
C HIS GG 241 -49.69 -88.55 158.70
N GLU GG 242 -50.75 -89.13 159.28
CA GLU GG 242 -50.98 -88.99 160.71
C GLU GG 242 -49.88 -89.65 161.52
N ASP GG 243 -49.41 -90.82 161.07
CA ASP GG 243 -48.36 -91.52 161.79
C ASP GG 243 -47.05 -90.73 161.77
N GLN GG 244 -46.68 -90.20 160.60
CA GLN GG 244 -45.45 -89.42 160.53
C GLN GG 244 -45.59 -88.11 161.31
N ASN GG 245 -46.78 -87.52 161.32
CA ASN GG 245 -47.01 -86.34 162.15
C ASN GG 245 -46.85 -86.67 163.63
N TRP GG 246 -47.37 -87.84 164.05
CA TRP GG 246 -47.21 -88.27 165.42
C TRP GG 246 -45.80 -88.36 166.02
N ARG GG 247 -44.92 -89.06 165.30
CA ARG GG 247 -43.52 -89.21 165.78
C ARG GG 247 -42.80 -87.86 165.60
N ASP GG 248 -43.20 -87.08 164.59
CA ASP GG 248 -42.59 -85.73 164.39
C ASP GG 248 -42.84 -84.89 165.65
N ASN GG 249 -44.08 -84.82 166.10
CA ASN GG 249 -44.43 -84.03 167.31
C ASN GG 249 -43.70 -84.65 168.51
N LEU GG 250 -43.72 -85.98 168.62
CA LEU GG 250 -43.03 -86.68 169.73
C LEU GG 250 -41.54 -86.33 169.69
N VAL GG 251 -40.93 -86.39 168.50
CA VAL GG 251 -39.49 -86.03 168.35
C VAL GG 251 -39.30 -84.59 168.89
N ARG GG 252 -40.17 -83.68 168.48
CA ARG GG 252 -40.06 -82.30 168.96
C ARG GG 252 -40.28 -82.21 170.46
N GLN GG 253 -41.17 -83.04 171.00
CA GLN GG 253 -41.38 -83.04 172.46
C GLN GG 253 -40.16 -83.60 173.17
N VAL GG 254 -39.47 -84.57 172.57
CA VAL GG 254 -38.32 -85.19 173.22
C VAL GG 254 -37.18 -84.19 173.35
N GLN GG 255 -37.02 -83.30 172.38
CA GLN GG 255 -35.89 -82.38 172.37
C GLN GG 255 -35.79 -81.56 173.65
N HIS GG 256 -36.93 -81.25 174.27
CA HIS GG 256 -36.92 -80.48 175.52
C HIS GG 256 -36.82 -81.42 176.73
N SER GG 257 -35.75 -82.23 176.75
CA SER GG 257 -35.46 -83.16 177.88
C SER GG 257 -33.98 -83.01 178.27
N GLU GG 258 -33.69 -82.52 179.47
CA GLU GG 258 -32.29 -82.30 179.94
C GLU GG 258 -31.57 -83.65 180.06
N LEU GG 259 -30.27 -83.70 179.71
CA LEU GG 259 -29.45 -84.93 179.83
C LEU GG 259 -28.31 -84.69 180.82
N GLU GG 260 -27.57 -85.73 181.18
CA GLU GG 260 -26.37 -85.59 182.01
C GLU GG 260 -25.16 -86.00 181.17
N LEU GG 261 -24.29 -85.03 180.90
CA LEU GG 261 -23.10 -85.25 180.08
C LEU GG 261 -21.87 -85.29 180.99
N VAL GG 262 -21.05 -86.31 180.82
CA VAL GG 262 -19.88 -86.54 181.67
C VAL GG 262 -18.64 -86.56 180.79
N ALA GG 263 -17.64 -85.76 181.15
CA ALA GG 263 -16.38 -85.69 180.42
C ALA GG 263 -15.32 -86.48 181.18
N ASN GG 264 -14.63 -87.36 180.47
CA ASN GG 264 -13.57 -88.18 181.05
C ASN GG 264 -12.23 -87.59 180.63
N PHE GG 265 -11.47 -87.06 181.60
CA PHE GG 265 -10.14 -86.44 181.35
C PHE GG 265 -9.07 -87.52 181.16
N ALA GG 266 -9.04 -88.54 182.03
CA ALA GG 266 -8.03 -89.62 181.97
C ALA GG 266 -8.57 -90.93 182.54
N ASP GG 267 -7.96 -92.08 182.21
CA ASP GG 267 -8.34 -93.38 182.76
C ASP GG 267 -7.06 -94.14 183.07
N ILE GG 268 -6.67 -94.16 184.34
CA ILE GG 268 -5.40 -94.73 184.78
C ILE GG 268 -5.67 -96.09 185.39
N PRO GG 269 -4.90 -97.17 185.05
CA PRO GG 269 -5.12 -98.54 185.59
C PRO GG 269 -4.25 -98.80 186.82
N LEU GG 270 -4.87 -98.92 188.00
CA LEU GG 270 -4.13 -99.25 189.24
C LEU GG 270 -4.62 -100.56 189.85
N ARG GG 271 -3.74 -101.28 190.53
CA ARG GG 271 -4.12 -102.53 191.23
C ARG GG 271 -4.86 -102.17 192.52
N LEU GG 272 -5.59 -103.13 193.08
CA LEU GG 272 -6.29 -102.90 194.36
C LEU GG 272 -5.26 -102.54 195.45
N SER GG 273 -4.09 -103.17 195.39
CA SER GG 273 -3.07 -102.94 196.43
C SER GG 273 -2.67 -101.46 196.44
N GLN GG 274 -2.52 -100.87 195.25
CA GLN GG 274 -2.19 -99.43 195.21
C GLN GG 274 -3.34 -98.65 195.84
N ILE GG 275 -4.59 -99.04 195.58
CA ILE GG 275 -5.73 -98.23 196.10
C ILE GG 275 -5.77 -98.16 197.64
N LEU GG 276 -5.58 -99.28 198.33
CA LEU GG 276 -5.51 -99.24 199.81
C LEU GG 276 -4.37 -98.43 200.47
N LYS GG 277 -3.17 -98.54 199.89
CA LYS GG 277 -2.01 -97.70 200.35
C LYS GG 277 -2.14 -96.23 199.83
N LEU GG 278 -3.05 -96.08 198.86
CA LEU GG 278 -3.23 -94.76 198.23
C LEU GG 278 -3.69 -93.94 199.42
N LYS GG 279 -3.10 -92.76 199.59
CA LYS GG 279 -3.45 -91.82 200.67
C LYS GG 279 -3.21 -90.42 200.13
N PRO GG 280 -3.78 -89.33 200.70
CA PRO GG 280 -3.63 -87.97 200.10
C PRO GG 280 -2.18 -87.57 199.92
N GLY GG 281 -1.86 -86.79 198.87
CA GLY GG 281 -0.53 -86.32 198.57
C GLY GG 281 0.21 -87.11 197.51
N ASP GG 282 -0.28 -88.31 197.16
CA ASP GG 282 0.38 -89.11 196.16
C ASP GG 282 0.16 -88.52 194.77
N VAL GG 283 1.04 -88.92 193.84
CA VAL GG 283 0.93 -88.52 192.44
C VAL GG 283 0.83 -89.77 191.59
N LEU GG 284 -0.23 -89.87 190.80
CA LEU GG 284 -0.44 -90.99 189.90
C LEU GG 284 -0.25 -90.52 188.47
N PRO GG 285 0.75 -91.02 187.76
CA PRO GG 285 1.07 -90.46 186.45
C PRO GG 285 -0.01 -90.79 185.42
N ILE GG 286 -0.29 -89.81 184.56
CA ILE GG 286 -1.26 -89.96 183.48
C ILE GG 286 -0.61 -89.53 182.18
N GLU GG 287 -1.20 -89.97 181.08
CA GLU GG 287 -0.69 -89.68 179.75
C GLU GG 287 -1.39 -88.46 179.17
N LYS GG 288 -0.91 -88.02 178.01
CA LYS GG 288 -1.50 -86.87 177.34
C LYS GG 288 -2.89 -87.21 176.83
N PRO GG 289 -3.94 -86.51 177.27
CA PRO GG 289 -5.22 -86.63 176.57
C PRO GG 289 -5.27 -85.71 175.37
N ASP GG 290 -5.17 -86.28 174.16
CA ASP GG 290 -5.29 -85.45 172.93
C ASP GG 290 -6.73 -84.96 172.81
N ARG GG 291 -7.70 -85.84 173.08
CA ARG GG 291 -9.11 -85.50 173.02
C ARG GG 291 -9.83 -86.04 174.24
N ILE GG 292 -10.91 -85.38 174.61
CA ILE GG 292 -11.70 -85.72 175.79
C ILE GG 292 -13.07 -86.29 175.43
N ILE GG 293 -13.30 -87.54 175.82
CA ILE GG 293 -14.57 -88.19 175.53
C ILE GG 293 -15.68 -87.75 176.48
N ALA GG 294 -16.81 -87.37 175.91
CA ALA GG 294 -17.99 -86.97 176.67
C ALA GG 294 -19.09 -87.98 176.40
N HIS GG 295 -19.58 -88.60 177.47
CA HIS GG 295 -20.53 -89.69 177.40
C HIS GG 295 -21.74 -89.41 178.29
N VAL GG 296 -22.89 -89.92 177.88
CA VAL GG 296 -24.12 -89.82 178.65
C VAL GG 296 -24.47 -91.22 179.13
N ASP GG 297 -24.37 -91.44 180.44
CA ASP GG 297 -24.69 -92.74 181.04
C ASP GG 297 -23.88 -93.87 180.40
N GLY GG 298 -22.63 -93.58 180.07
CA GLY GG 298 -21.76 -94.58 179.50
C GLY GG 298 -21.53 -94.42 178.00
N VAL GG 299 -22.58 -94.08 177.26
CA VAL GG 299 -22.50 -94.00 175.81
C VAL GG 299 -21.76 -92.73 175.41
N PRO GG 300 -20.64 -92.83 174.70
CA PRO GG 300 -19.90 -91.62 174.32
C PRO GG 300 -20.62 -90.85 173.23
N VAL GG 301 -20.65 -89.53 173.39
CA VAL GG 301 -21.39 -88.67 172.47
C VAL GG 301 -20.48 -87.65 171.80
N LEU GG 302 -19.41 -87.24 172.48
CA LEU GG 302 -18.61 -86.13 172.01
C LEU GG 302 -17.16 -86.52 172.28
N THR GG 303 -16.26 -85.96 171.48
CA THR GG 303 -14.83 -85.87 171.82
C THR GG 303 -14.48 -84.41 171.58
N SER GG 304 -13.85 -83.78 172.57
CA SER GG 304 -13.66 -82.34 172.56
C SER GG 304 -12.43 -82.09 173.41
N GLN GG 305 -11.75 -80.98 173.14
CA GLN GG 305 -10.46 -80.66 173.73
C GLN GG 305 -10.81 -79.90 175.00
N TYR GG 306 -10.06 -80.16 176.07
CA TYR GG 306 -10.33 -79.52 177.35
C TYR GG 306 -9.87 -78.08 177.32
N GLY GG 307 -10.42 -77.29 178.25
CA GLY GG 307 -10.05 -75.89 178.36
C GLY GG 307 -10.72 -75.26 179.55
N THR GG 308 -10.41 -73.99 179.77
CA THR GG 308 -10.98 -73.22 180.86
C THR GG 308 -11.55 -71.93 180.29
N VAL GG 309 -12.83 -71.67 180.55
CA VAL GG 309 -13.51 -70.47 180.07
C VAL GG 309 -14.38 -69.94 181.19
N ASN GG 310 -14.27 -68.63 181.46
CA ASN GG 310 -15.07 -67.94 182.46
C ASN GG 310 -14.95 -68.60 183.83
N GLY GG 311 -13.74 -69.06 184.15
CA GLY GG 311 -13.51 -69.76 185.40
C GLY GG 311 -14.14 -71.13 185.47
N GLN GG 312 -14.67 -71.64 184.37
CA GLN GG 312 -15.32 -72.93 184.32
C GLN GG 312 -14.51 -73.89 183.47
N TYR GG 313 -14.52 -75.16 183.84
CA TYR GG 313 -13.92 -76.19 183.01
C TYR GG 313 -14.72 -76.31 181.71
N ALA GG 314 -14.07 -76.01 180.59
CA ALA GG 314 -14.74 -75.95 179.30
C ALA GG 314 -14.21 -77.01 178.37
N LEU GG 315 -15.01 -77.34 177.35
CA LEU GG 315 -14.62 -78.28 176.31
C LEU GG 315 -14.91 -77.66 174.95
N ARG GG 316 -13.91 -77.66 174.09
CA ARG GG 316 -14.07 -77.19 172.72
C ARG GG 316 -14.46 -78.39 171.86
N VAL GG 317 -15.74 -78.43 171.47
CA VAL GG 317 -16.27 -79.60 170.78
C VAL GG 317 -15.57 -79.77 169.44
N GLU GG 318 -15.01 -80.93 169.23
CA GLU GG 318 -14.36 -81.25 167.97
C GLU GG 318 -15.16 -82.15 167.04
N HIS GG 319 -15.89 -83.15 167.58
CA HIS GG 319 -16.57 -84.13 166.70
C HIS GG 319 -17.70 -84.86 167.40
N LEU GG 320 -18.92 -84.79 166.86
CA LEU GG 320 -20.03 -85.58 167.36
C LEU GG 320 -19.88 -87.01 166.86
N ILE GG 321 -19.95 -87.97 167.78
CA ILE GG 321 -19.66 -89.35 167.44
C ILE GG 321 -20.85 -89.97 166.73
N ASN GG 322 -20.87 -89.88 165.40
CA ASN GG 322 -21.91 -90.52 164.62
C ASN GG 322 -21.61 -92.01 164.47
N PRO GG 323 -22.64 -92.85 164.32
CA PRO GG 323 -22.43 -94.28 164.11
C PRO GG 323 -22.28 -94.66 162.64
N GLN HG 52 -13.71 -114.97 204.72
CA GLN HG 52 -13.18 -113.62 204.77
C GLN HG 52 -11.69 -113.61 204.46
N ASP HG 53 -11.35 -113.73 203.18
CA ASP HG 53 -9.98 -113.77 202.73
C ASP HG 53 -9.49 -112.36 202.40
N ILE HG 54 -8.17 -112.20 202.37
CA ILE HG 54 -7.60 -110.88 202.14
C ILE HG 54 -6.61 -110.93 200.98
N ASP HG 55 -5.70 -111.91 200.99
CA ASP HG 55 -4.73 -112.08 199.88
C ASP HG 55 -5.46 -112.51 198.61
N LEU HG 56 -6.69 -113.04 198.74
CA LEU HG 56 -7.45 -113.56 197.58
C LEU HG 56 -7.75 -112.43 196.59
N ILE HG 57 -8.11 -111.23 197.07
CA ILE HG 57 -8.48 -110.08 196.20
C ILE HG 57 -7.44 -108.97 196.37
N MET HG 58 -6.29 -109.28 196.97
CA MET HG 58 -5.27 -108.28 197.23
C MET HG 58 -4.62 -107.79 195.94
N ASP HG 59 -4.82 -108.51 194.83
CA ASP HG 59 -4.13 -108.27 193.58
C ASP HG 59 -5.07 -107.91 192.43
N ILE HG 60 -6.37 -107.90 192.65
CA ILE HG 60 -7.34 -107.66 191.56
C ILE HG 60 -7.15 -106.25 191.02
N PRO HG 61 -7.12 -106.06 189.70
CA PRO HG 61 -6.96 -104.71 189.16
C PRO HG 61 -8.27 -103.96 189.10
N VAL HG 62 -8.18 -102.63 189.20
CA VAL HG 62 -9.34 -101.75 189.13
C VAL HG 62 -8.86 -100.68 188.16
N LYS HG 63 -9.85 -100.02 187.53
CA LYS HG 63 -9.59 -98.91 186.57
C LYS HG 63 -10.12 -97.64 187.21
N LEU HG 64 -9.33 -96.57 187.23
CA LEU HG 64 -9.70 -95.32 187.89
C LEU HG 64 -9.91 -94.27 186.80
N THR HG 65 -11.00 -93.51 186.92
CA THR HG 65 -11.32 -92.47 185.97
C THR HG 65 -11.39 -91.14 186.70
N VAL HG 66 -11.05 -90.07 185.98
CA VAL HG 66 -11.14 -88.70 186.50
C VAL HG 66 -11.94 -87.85 185.55
N GLU HG 67 -12.76 -86.96 186.08
CA GLU HG 67 -13.66 -86.15 185.28
C GLU HG 67 -13.22 -84.71 185.13
N LEU HG 68 -13.66 -84.05 184.06
CA LEU HG 68 -13.49 -82.61 183.99
C LEU HG 68 -14.58 -81.98 184.86
N GLY HG 69 -15.83 -82.39 184.64
CA GLY HG 69 -16.92 -81.87 185.45
C GLY HG 69 -18.25 -82.38 184.96
N ARG HG 70 -19.26 -82.14 185.79
CA ARG HG 70 -20.65 -82.44 185.45
C ARG HG 70 -21.17 -81.31 184.57
N THR HG 71 -22.28 -81.57 183.89
CA THR HG 71 -23.07 -80.54 183.25
C THR HG 71 -24.31 -81.29 182.81
N ARG HG 72 -25.42 -80.59 182.70
CA ARG HG 72 -26.71 -81.16 182.34
C ARG HG 72 -27.25 -80.24 181.24
N MET HG 73 -27.50 -80.80 180.06
CA MET HG 73 -27.77 -80.00 178.88
C MET HG 73 -28.69 -80.89 178.05
N THR HG 74 -29.73 -80.29 177.44
CA THR HG 74 -30.81 -81.06 176.79
C THR HG 74 -30.44 -81.51 175.41
N ILE HG 75 -31.36 -82.23 174.77
CA ILE HG 75 -31.14 -82.77 173.39
C ILE HG 75 -30.97 -81.58 172.43
N LYS HG 76 -31.72 -80.50 172.62
CA LYS HG 76 -31.66 -79.32 171.70
C LYS HG 76 -30.21 -78.85 171.48
N GLU HG 77 -29.52 -78.34 172.52
CA GLU HG 77 -28.15 -77.86 172.46
C GLU HG 77 -27.16 -78.92 172.01
N LEU HG 78 -27.36 -80.16 172.42
CA LEU HG 78 -26.50 -81.25 171.95
C LEU HG 78 -26.54 -81.47 170.44
N LEU HG 79 -27.72 -81.37 169.85
CA LEU HG 79 -27.83 -81.50 168.40
C LEU HG 79 -27.30 -80.35 167.57
N ARG HG 80 -27.32 -79.13 168.11
CA ARG HG 80 -26.78 -77.98 167.40
C ARG HG 80 -25.31 -77.61 167.80
N LEU HG 81 -24.68 -78.53 168.52
CA LEU HG 81 -23.28 -78.36 168.88
C LEU HG 81 -22.59 -78.61 167.55
N THR HG 82 -21.63 -77.74 167.22
CA THR HG 82 -20.92 -77.84 165.95
C THR HG 82 -19.44 -77.93 166.31
N GLN HG 83 -18.59 -78.06 165.29
CA GLN HG 83 -17.14 -78.07 165.55
C GLN HG 83 -16.71 -76.72 166.04
N GLY HG 84 -15.84 -76.70 167.05
CA GLY HG 84 -15.35 -75.45 167.60
C GLY HG 84 -16.26 -74.85 168.66
N SER HG 85 -17.46 -75.39 168.85
CA SER HG 85 -18.34 -74.89 169.89
C SER HG 85 -17.79 -75.24 171.27
N VAL HG 86 -18.02 -74.35 172.22
CA VAL HG 86 -17.47 -74.48 173.57
C VAL HG 86 -18.63 -74.68 174.55
N VAL HG 87 -18.51 -75.68 175.40
CA VAL HG 87 -19.49 -75.98 176.44
C VAL HG 87 -18.78 -75.97 177.78
N ALA HG 88 -19.40 -75.37 178.81
CA ALA HG 88 -18.80 -75.30 180.16
C ALA HG 88 -19.04 -76.59 180.95
N LEU HG 89 -18.78 -76.56 182.26
CA LEU HG 89 -18.96 -77.72 183.17
C LEU HG 89 -19.44 -77.10 184.48
N ASP HG 90 -19.85 -77.89 185.47
CA ASP HG 90 -20.41 -77.37 186.75
C ASP HG 90 -19.31 -76.98 187.74
N GLY HG 91 -18.03 -77.24 187.44
CA GLY HG 91 -16.93 -76.93 188.33
C GLY HG 91 -16.06 -75.74 187.99
N LEU HG 92 -15.77 -74.93 189.01
CA LEU HG 92 -14.85 -73.82 188.84
C LEU HG 92 -13.46 -74.35 188.51
N ALA HG 93 -12.74 -73.62 187.67
CA ALA HG 93 -11.40 -74.03 187.29
C ALA HG 93 -10.48 -73.91 188.49
N GLY HG 94 -10.18 -75.04 189.13
CA GLY HG 94 -9.35 -75.03 190.32
C GLY HG 94 -9.75 -76.04 191.38
N GLU HG 95 -11.05 -76.44 191.39
CA GLU HG 95 -11.45 -77.43 192.36
C GLU HG 95 -10.83 -78.78 192.02
N PRO HG 96 -10.61 -79.64 193.01
CA PRO HG 96 -10.06 -80.98 192.72
C PRO HG 96 -11.09 -81.83 191.97
N LEU HG 97 -10.63 -82.52 190.96
CA LEU HG 97 -11.50 -83.40 190.18
C LEU HG 97 -11.84 -84.64 190.99
N ASP HG 98 -12.95 -85.29 190.62
CA ASP HG 98 -13.42 -86.48 191.38
C ASP HG 98 -12.87 -87.76 190.73
N ILE HG 99 -12.19 -88.59 191.52
CA ILE HG 99 -11.65 -89.88 190.99
C ILE HG 99 -12.70 -90.96 191.30
N LEU HG 100 -13.01 -91.83 190.33
CA LEU HG 100 -14.09 -92.83 190.53
C LEU HG 100 -13.63 -94.22 190.06
N ILE HG 101 -14.19 -95.29 190.65
CA ILE HG 101 -13.88 -96.68 190.20
C ILE HG 101 -15.22 -97.40 189.96
N ASN HG 102 -15.40 -98.00 188.79
CA ASN HG 102 -16.66 -98.75 188.48
C ASN HG 102 -17.83 -97.79 188.76
N GLY HG 103 -17.67 -96.50 188.46
CA GLY HG 103 -18.75 -95.51 188.62
C GLY HG 103 -19.00 -95.16 190.07
N TYR HG 104 -18.08 -95.49 190.98
CA TYR HG 104 -18.24 -95.25 192.44
C TYR HG 104 -17.17 -94.28 192.92
N LEU HG 105 -17.54 -93.23 193.66
CA LEU HG 105 -16.57 -92.20 194.06
C LEU HG 105 -15.50 -92.88 194.92
N ILE HG 106 -14.24 -92.51 194.72
CA ILE HG 106 -13.11 -93.13 195.48
C ILE HG 106 -12.15 -92.06 196.00
N ALA HG 107 -11.98 -90.91 195.32
CA ALA HG 107 -10.96 -89.95 195.73
C ALA HG 107 -11.23 -88.60 195.07
N GLN HG 108 -10.34 -87.64 195.36
CA GLN HG 108 -10.35 -86.34 194.70
C GLN HG 108 -8.91 -85.87 194.51
N GLY HG 109 -8.64 -85.32 193.32
CA GLY HG 109 -7.32 -84.80 193.01
C GLY HG 109 -7.34 -84.01 191.72
N GLU HG 110 -6.30 -83.19 191.55
CA GLU HG 110 -6.16 -82.35 190.37
C GLU HG 110 -4.91 -82.72 189.59
N VAL HG 111 -4.86 -82.26 188.35
CA VAL HG 111 -3.72 -82.52 187.48
C VAL HG 111 -2.59 -81.55 187.82
N VAL HG 112 -1.36 -82.05 187.79
CA VAL HG 112 -0.16 -81.26 188.09
C VAL HG 112 0.90 -81.48 187.03
N VAL HG 113 1.60 -80.41 186.68
CA VAL HG 113 2.69 -80.46 185.71
C VAL HG 113 4.04 -80.43 186.41
N VAL HG 114 4.84 -81.49 186.28
CA VAL HG 114 6.09 -81.55 187.01
C VAL HG 114 7.22 -81.07 186.10
N ALA HG 115 7.46 -81.85 185.06
CA ALA HG 115 8.44 -81.47 184.02
C ALA HG 115 7.83 -81.34 182.62
N ASP HG 116 7.57 -82.48 181.98
CA ASP HG 116 6.85 -82.49 180.68
C ASP HG 116 5.94 -83.71 180.84
N LYS HG 117 5.51 -83.98 182.08
CA LYS HG 117 4.69 -85.19 182.37
C LYS HG 117 3.48 -84.81 183.23
N TYR HG 118 2.41 -85.60 183.18
CA TYR HG 118 1.17 -85.24 183.92
C TYR HG 118 0.78 -86.30 184.93
N GLY HG 119 0.10 -85.88 186.00
CA GLY HG 119 -0.41 -86.80 187.00
C GLY HG 119 -1.42 -86.12 187.91
N VAL HG 120 -2.13 -86.95 188.67
CA VAL HG 120 -3.19 -86.47 189.56
C VAL HG 120 -2.59 -86.43 190.95
N ARG HG 121 -2.77 -85.30 191.63
CA ARG HG 121 -2.29 -85.10 192.99
C ARG HG 121 -3.53 -85.20 193.87
N ILE HG 122 -3.69 -86.36 194.51
CA ILE HG 122 -4.90 -86.63 195.29
C ILE HG 122 -4.92 -85.74 196.53
N THR HG 123 -6.06 -85.11 196.77
CA THR HG 123 -6.21 -84.19 197.90
C THR HG 123 -6.67 -84.88 199.17
N ASP HG 124 -7.63 -85.79 199.08
CA ASP HG 124 -8.16 -86.44 200.26
C ASP HG 124 -8.88 -87.73 199.85
N ILE HG 125 -9.31 -88.47 200.86
CA ILE HG 125 -10.10 -89.69 200.68
C ILE HG 125 -11.45 -89.45 201.33
N ILE HG 126 -12.52 -89.67 200.58
CA ILE HG 126 -13.86 -89.36 201.05
C ILE HG 126 -14.35 -90.45 201.98
N THR HG 127 -14.62 -90.09 203.23
CA THR HG 127 -15.28 -90.96 204.17
C THR HG 127 -16.75 -91.11 203.79
N PRO HG 128 -17.42 -92.17 204.26
CA PRO HG 128 -18.85 -92.33 203.91
C PRO HG 128 -19.71 -91.13 204.27
N SER HG 129 -19.43 -90.49 205.41
CA SER HG 129 -20.22 -89.34 205.83
C SER HG 129 -20.25 -88.30 204.72
N GLU HG 130 -19.08 -87.94 204.20
CA GLU HG 130 -19.03 -87.07 203.04
C GLU HG 130 -19.80 -87.63 201.85
N ARG HG 131 -19.60 -88.92 201.55
CA ARG HG 131 -20.37 -89.55 200.45
C ARG HG 131 -21.87 -89.36 200.68
N MET HG 132 -22.33 -89.48 201.92
CA MET HG 132 -23.79 -89.37 202.20
C MET HG 132 -24.28 -87.97 201.84
N ARG HG 133 -23.51 -86.94 202.16
CA ARG HG 133 -23.91 -85.54 201.84
C ARG HG 133 -23.75 -85.30 200.34
N ARG HG 134 -22.91 -86.12 199.70
CA ARG HG 134 -22.67 -86.00 198.24
C ARG HG 134 -24.02 -86.38 197.59
N LEU HG 135 -24.52 -87.56 197.94
CA LEU HG 135 -25.87 -87.97 197.48
C LEU HG 135 -27.01 -87.05 197.94
N SER HG 136 -26.93 -86.54 199.17
CA SER HG 136 -28.00 -85.69 199.71
C SER HG 136 -28.01 -84.33 199.03
N ARG HG 137 -26.86 -83.82 198.58
CA ARG HG 137 -26.85 -82.48 198.02
C ARG HG 137 -25.91 -82.40 196.82
N ASP IG 53 -9.17 -98.65 206.96
CA ASP IG 53 -8.84 -98.59 205.55
C ASP IG 53 -9.44 -99.74 204.75
N ILE IG 54 -9.70 -100.85 205.44
CA ILE IG 54 -10.35 -101.99 204.79
C ILE IG 54 -11.76 -101.57 204.42
N ASP IG 55 -12.38 -100.74 205.26
CA ASP IG 55 -13.74 -100.28 204.99
C ASP IG 55 -13.87 -99.56 203.64
N LEU IG 56 -12.84 -98.82 203.25
CA LEU IG 56 -12.86 -98.16 201.95
C LEU IG 56 -12.97 -99.08 200.74
N ILE IG 57 -12.23 -100.20 200.80
CA ILE IG 57 -12.20 -101.15 199.66
C ILE IG 57 -13.05 -102.39 200.01
N MET IG 58 -14.04 -102.24 200.89
CA MET IG 58 -14.84 -103.39 201.30
C MET IG 58 -16.17 -103.11 200.62
N ASP IG 59 -16.35 -101.91 200.06
CA ASP IG 59 -17.68 -101.54 199.48
C ASP IG 59 -17.62 -101.35 197.95
N ILE IG 60 -16.45 -101.08 197.39
CA ILE IG 60 -16.32 -100.81 195.95
C ILE IG 60 -16.88 -101.84 194.97
N PRO IG 61 -17.63 -101.43 193.92
CA PRO IG 61 -18.13 -102.35 192.88
C PRO IG 61 -16.98 -102.87 192.03
N VAL IG 62 -17.15 -104.03 191.41
CA VAL IG 62 -16.14 -104.63 190.55
C VAL IG 62 -16.95 -105.47 189.57
N LYS IG 63 -16.34 -105.77 188.43
CA LYS IG 63 -17.03 -106.48 187.36
C LYS IG 63 -16.56 -107.93 187.41
N LEU IG 64 -17.50 -108.87 187.43
CA LEU IG 64 -17.20 -110.29 187.52
C LEU IG 64 -17.65 -110.95 186.23
N THR IG 65 -16.85 -111.87 185.72
CA THR IG 65 -17.19 -112.64 184.53
C THR IG 65 -16.84 -114.09 184.76
N VAL IG 66 -17.46 -114.97 183.99
CA VAL IG 66 -17.09 -116.39 183.97
C VAL IG 66 -17.03 -116.84 182.53
N GLU IG 67 -15.90 -117.44 182.14
CA GLU IG 67 -15.68 -117.81 180.75
C GLU IG 67 -15.89 -119.30 180.57
N LEU IG 68 -16.67 -119.68 179.54
CA LEU IG 68 -17.04 -121.11 179.33
C LEU IG 68 -16.04 -121.81 178.40
N GLY IG 69 -15.36 -121.09 177.51
CA GLY IG 69 -14.49 -121.72 176.50
C GLY IG 69 -13.21 -120.95 176.27
N ARG IG 70 -12.21 -121.61 175.66
CA ARG IG 70 -10.91 -120.99 175.34
C ARG IG 70 -10.30 -121.74 174.14
N THR IG 71 -10.03 -121.04 173.03
CA THR IG 71 -9.50 -121.66 171.81
C THR IG 71 -8.47 -120.73 171.23
N ARG IG 72 -7.41 -121.24 170.62
CA ARG IG 72 -6.40 -120.47 169.88
C ARG IG 72 -6.60 -120.67 168.38
N MET IG 73 -6.66 -119.55 167.66
CA MET IG 73 -6.94 -119.66 166.20
C MET IG 73 -6.14 -118.65 165.39
N THR IG 74 -5.94 -118.93 164.10
CA THR IG 74 -5.26 -118.06 163.16
C THR IG 74 -6.39 -117.30 162.46
N ILE IG 75 -6.05 -116.44 161.50
CA ILE IG 75 -7.12 -115.60 160.90
C ILE IG 75 -7.73 -116.34 159.70
N LYS IG 76 -6.93 -117.17 159.06
CA LYS IG 76 -7.50 -118.02 158.01
C LYS IG 76 -8.70 -118.64 158.69
N GLU IG 77 -8.48 -119.23 159.87
CA GLU IG 77 -9.57 -119.94 160.58
C GLU IG 77 -10.70 -118.98 160.97
N LEU IG 78 -10.38 -117.81 161.52
CA LEU IG 78 -11.45 -116.89 162.01
C LEU IG 78 -12.30 -116.40 160.84
N LEU IG 79 -11.68 -116.03 159.73
CA LEU IG 79 -12.39 -115.54 158.53
C LEU IG 79 -13.23 -116.68 157.96
N ARG IG 80 -12.70 -117.91 157.99
CA ARG IG 80 -13.40 -119.07 157.41
C ARG IG 80 -14.73 -119.26 158.14
N LEU IG 81 -14.76 -119.08 159.46
CA LEU IG 81 -16.04 -119.15 160.22
C LEU IG 81 -17.10 -118.36 159.43
N THR IG 82 -18.31 -118.90 159.24
CA THR IG 82 -19.41 -118.14 158.59
C THR IG 82 -20.59 -118.13 159.54
N GLN IG 83 -21.80 -117.90 159.02
CA GLN IG 83 -22.96 -117.98 159.90
C GLN IG 83 -23.33 -119.43 160.13
N GLY IG 84 -23.55 -119.78 161.40
CA GLY IG 84 -23.87 -121.15 161.75
C GLY IG 84 -22.67 -122.06 161.94
N SER IG 85 -21.45 -121.57 161.72
CA SER IG 85 -20.27 -122.40 161.91
C SER IG 85 -20.08 -122.72 163.38
N VAL IG 86 -19.71 -123.97 163.65
CA VAL IG 86 -19.48 -124.43 165.01
C VAL IG 86 -17.99 -124.39 165.31
N VAL IG 87 -17.62 -123.73 166.39
CA VAL IG 87 -16.22 -123.59 166.79
C VAL IG 87 -16.01 -124.47 168.02
N ALA IG 88 -15.10 -125.44 167.89
CA ALA IG 88 -14.78 -126.31 169.01
C ALA IG 88 -13.98 -125.61 170.09
N LEU IG 89 -14.20 -126.02 171.33
CA LEU IG 89 -13.49 -125.48 172.48
C LEU IG 89 -12.47 -126.39 173.15
N ASP IG 90 -11.26 -125.86 173.38
CA ASP IG 90 -10.22 -126.66 174.02
C ASP IG 90 -10.71 -127.31 175.36
N GLY IG 91 -11.48 -126.52 176.10
CA GLY IG 91 -12.14 -127.03 177.28
C GLY IG 91 -13.10 -128.20 177.20
N LEU IG 92 -12.79 -129.28 177.93
CA LEU IG 92 -13.66 -130.44 177.93
C LEU IG 92 -14.94 -130.13 178.70
N ALA IG 93 -15.98 -130.94 178.44
CA ALA IG 93 -17.23 -130.75 179.15
C ALA IG 93 -17.06 -131.13 180.62
N GLY IG 94 -17.64 -130.30 181.50
CA GLY IG 94 -17.61 -130.55 182.92
C GLY IG 94 -16.40 -130.02 183.66
N GLU IG 95 -15.39 -129.54 182.96
CA GLU IG 95 -14.23 -128.98 183.64
C GLU IG 95 -14.61 -127.65 184.31
N PRO IG 96 -13.98 -127.21 185.41
CA PRO IG 96 -14.40 -125.96 186.10
C PRO IG 96 -14.17 -124.74 185.21
N LEU IG 97 -15.22 -123.92 184.98
CA LEU IG 97 -15.13 -122.68 184.18
C LEU IG 97 -14.21 -121.67 184.88
N ASP IG 98 -13.38 -120.92 184.17
CA ASP IG 98 -12.58 -119.87 184.86
C ASP IG 98 -13.52 -118.75 185.33
N ILE IG 99 -13.31 -118.15 186.49
CA ILE IG 99 -14.03 -116.98 186.96
C ILE IG 99 -13.02 -115.85 187.09
N LEU IG 100 -13.31 -114.74 186.41
CA LEU IG 100 -12.39 -113.63 186.30
C LEU IG 100 -12.99 -112.39 186.94
N ILE IG 101 -12.13 -111.56 187.51
CA ILE IG 101 -12.52 -110.28 188.10
C ILE IG 101 -11.73 -109.21 187.37
N ASN IG 102 -12.41 -108.39 186.57
CA ASN IG 102 -11.77 -107.40 185.73
C ASN IG 102 -10.70 -108.03 184.84
N GLY IG 103 -10.99 -109.24 184.37
CA GLY IG 103 -10.05 -109.98 183.55
C GLY IG 103 -8.98 -110.71 184.30
N TYR IG 104 -9.07 -110.80 185.63
CA TYR IG 104 -8.06 -111.46 186.45
C TYR IG 104 -8.66 -112.74 187.04
N LEU IG 105 -8.02 -113.87 186.76
CA LEU IG 105 -8.53 -115.16 187.22
C LEU IG 105 -8.28 -115.31 188.71
N ILE IG 106 -9.33 -115.70 189.45
CA ILE IG 106 -9.19 -115.90 190.88
C ILE IG 106 -9.73 -117.28 191.29
N ALA IG 107 -10.61 -117.86 190.50
CA ALA IG 107 -11.31 -119.05 190.96
C ALA IG 107 -11.77 -119.89 189.77
N GLN IG 108 -12.13 -121.14 190.09
CA GLN IG 108 -12.66 -122.08 189.13
C GLN IG 108 -13.94 -122.70 189.67
N GLY IG 109 -14.93 -122.85 188.81
CA GLY IG 109 -16.19 -123.45 189.20
C GLY IG 109 -17.12 -123.92 188.11
N GLU IG 110 -17.97 -124.88 188.46
CA GLU IG 110 -18.91 -125.43 187.49
C GLU IG 110 -20.13 -124.59 187.15
N VAL IG 111 -20.77 -124.91 186.04
CA VAL IG 111 -21.84 -124.10 185.47
C VAL IG 111 -23.09 -124.72 186.09
N VAL IG 112 -24.00 -123.86 186.54
CA VAL IG 112 -25.29 -124.29 187.07
C VAL IG 112 -26.29 -123.15 186.84
N VAL IG 113 -27.54 -123.50 186.57
CA VAL IG 113 -28.57 -122.52 186.28
C VAL IG 113 -29.57 -122.51 187.43
N VAL IG 114 -29.85 -121.32 187.95
CA VAL IG 114 -30.77 -121.17 189.12
C VAL IG 114 -31.90 -120.20 188.76
N ALA IG 115 -33.16 -120.62 188.90
CA ALA IG 115 -34.32 -119.72 188.67
C ALA IG 115 -34.29 -119.15 187.24
N ASP IG 116 -33.87 -119.98 186.26
CA ASP IG 116 -33.86 -119.58 184.82
C ASP IG 116 -32.84 -118.47 184.54
N LYS IG 117 -31.85 -118.30 185.42
CA LYS IG 117 -30.78 -117.29 185.20
C LYS IG 117 -29.44 -118.02 185.30
N TYR IG 118 -28.51 -117.73 184.39
CA TYR IG 118 -27.17 -118.37 184.45
C TYR IG 118 -26.49 -118.19 185.80
N GLY IG 119 -25.66 -119.16 186.19
CA GLY IG 119 -24.92 -119.06 187.44
C GLY IG 119 -23.70 -119.96 187.42
N VAL IG 120 -22.95 -119.93 188.51
CA VAL IG 120 -21.74 -120.73 188.64
C VAL IG 120 -21.50 -121.00 190.11
N ARG IG 121 -21.14 -122.24 190.43
CA ARG IG 121 -20.78 -122.64 191.78
C ARG IG 121 -19.27 -122.63 191.95
N ILE IG 122 -18.79 -121.87 192.93
CA ILE IG 122 -17.35 -121.73 193.15
C ILE IG 122 -16.79 -123.04 193.69
N THR IG 123 -16.20 -123.84 192.81
CA THR IG 123 -15.59 -125.10 193.25
C THR IG 123 -14.36 -124.83 194.09
N ASP IG 124 -13.48 -123.95 193.62
CA ASP IG 124 -12.27 -123.66 194.37
C ASP IG 124 -11.71 -122.30 193.95
N ILE IG 125 -10.83 -121.77 194.79
CA ILE IG 125 -10.07 -120.58 194.48
C ILE IG 125 -8.63 -121.00 194.18
N ILE IG 126 -8.14 -120.61 193.01
CA ILE IG 126 -6.81 -121.03 192.59
C ILE IG 126 -5.75 -120.24 193.35
N THR IG 127 -4.83 -120.96 193.98
CA THR IG 127 -3.63 -120.43 194.57
C THR IG 127 -2.60 -120.15 193.49
N PRO IG 128 -1.74 -119.13 193.65
CA PRO IG 128 -0.88 -118.71 192.53
C PRO IG 128 0.08 -119.80 192.08
N SER IG 129 0.04 -121.00 192.67
CA SER IG 129 0.87 -122.09 192.20
C SER IG 129 0.41 -122.47 190.80
N GLU IG 130 -0.91 -122.43 190.55
CA GLU IG 130 -1.46 -122.86 189.23
C GLU IG 130 -1.27 -121.77 188.16
N ARG IG 131 -0.97 -120.54 188.56
CA ARG IG 131 -0.83 -119.42 187.63
C ARG IG 131 0.37 -119.64 186.73
N MET IG 132 1.46 -120.16 187.29
CA MET IG 132 2.62 -120.50 186.43
C MET IG 132 2.12 -121.44 185.33
N ARG IG 133 1.37 -122.47 185.71
CA ARG IG 133 0.83 -123.46 184.75
C ARG IG 133 -0.24 -122.88 183.80
N ARG IG 134 -0.87 -121.77 184.20
CA ARG IG 134 -1.89 -121.11 183.34
C ARG IG 134 -1.19 -120.53 182.10
N LEU IG 135 0.15 -120.49 182.12
CA LEU IG 135 0.93 -119.96 180.98
C LEU IG 135 2.11 -120.90 180.69
N ALA JG 37 24.30 -94.07 174.75
CA ALA JG 37 24.01 -93.30 173.55
C ALA JG 37 24.06 -94.19 172.31
N VAL JG 38 23.98 -95.51 172.52
CA VAL JG 38 24.01 -96.46 171.42
C VAL JG 38 22.77 -96.34 170.54
N PHE JG 39 21.60 -96.25 171.15
CA PHE JG 39 20.36 -96.15 170.39
C PHE JG 39 20.29 -94.82 169.66
N GLN JG 40 19.81 -94.84 168.43
CA GLN JG 40 19.70 -93.64 167.61
C GLN JG 40 18.29 -93.09 167.76
N GLN JG 41 18.18 -91.78 167.94
CA GLN JG 41 16.91 -91.15 168.24
C GLN JG 41 16.03 -90.97 167.01
N LEU JG 42 14.96 -91.76 166.94
CA LEU JG 42 14.00 -91.70 165.84
C LEU JG 42 12.85 -90.73 166.10
N GLY JG 43 12.52 -89.95 165.09
CA GLY JG 43 11.43 -88.98 165.21
C GLY JG 43 10.93 -88.56 163.85
N GLY JG 44 9.74 -87.99 163.84
CA GLY JG 44 9.13 -87.56 162.60
C GLY JG 44 8.82 -88.69 161.64
N GLY JG 45 8.36 -89.82 162.16
CA GLY JG 45 8.08 -90.97 161.33
C GLY JG 45 6.61 -91.12 160.98
N ASP JG 46 5.82 -90.09 161.26
CA ASP JG 46 4.39 -90.10 160.95
C ASP JG 46 4.20 -89.73 159.47
N VAL JG 47 4.58 -90.67 158.61
CA VAL JG 47 4.49 -90.44 157.17
C VAL JG 47 3.04 -90.40 156.73
N SER JG 48 2.34 -91.51 156.90
CA SER JG 48 0.93 -91.62 156.52
C SER JG 48 0.38 -92.90 157.12
N GLY JG 49 -0.92 -93.11 156.94
CA GLY JG 49 -1.56 -94.33 157.40
C GLY JG 49 -2.68 -94.79 156.49
N ALA JG 50 -2.59 -96.03 156.02
CA ALA JG 50 -3.62 -96.57 155.14
C ALA JG 50 -3.66 -98.08 155.31
N MET JG 51 -4.84 -98.63 155.52
CA MET JG 51 -5.00 -100.07 155.62
C MET JG 51 -4.54 -100.74 154.33
N GLN JG 52 -3.75 -101.80 154.46
CA GLN JG 52 -3.18 -102.44 153.30
C GLN JG 52 -4.13 -103.55 152.87
N ASP JG 53 -4.25 -104.58 153.71
CA ASP JG 53 -5.08 -105.74 153.45
C ASP JG 53 -4.99 -106.62 154.69
N ILE JG 54 -5.91 -107.57 154.80
CA ILE JG 54 -6.00 -108.39 156.01
C ILE JG 54 -5.25 -109.71 155.91
N ASP JG 55 -4.52 -109.92 154.82
CA ASP JG 55 -3.71 -111.12 154.64
C ASP JG 55 -2.24 -110.92 154.95
N LEU JG 56 -1.79 -109.68 155.12
CA LEU JG 56 -0.39 -109.43 155.54
C LEU JG 56 -0.28 -109.95 156.96
N ILE JG 57 -1.33 -109.78 157.75
CA ILE JG 57 -1.35 -110.15 159.21
C ILE JG 57 -2.07 -111.49 159.41
N MET JG 58 -2.43 -112.22 158.37
CA MET JG 58 -3.30 -113.42 158.55
C MET JG 58 -2.91 -114.54 159.53
N ASP JG 59 -1.76 -115.17 159.30
CA ASP JG 59 -1.36 -116.33 160.14
C ASP JG 59 -0.81 -115.81 161.47
N ILE JG 60 -1.58 -114.95 162.13
CA ILE JG 60 -1.17 -114.45 163.47
C ILE JG 60 -2.15 -115.08 164.47
N PRO JG 61 -1.69 -115.76 165.54
CA PRO JG 61 -2.60 -116.47 166.47
C PRO JG 61 -3.52 -115.47 167.16
N VAL JG 62 -4.79 -115.84 167.30
CA VAL JG 62 -5.76 -114.96 168.01
C VAL JG 62 -6.18 -115.72 169.29
N LYS JG 63 -6.55 -114.99 170.33
CA LYS JG 63 -6.98 -115.65 171.56
C LYS JG 63 -8.50 -115.59 171.61
N LEU JG 64 -9.14 -116.66 171.15
CA LEU JG 64 -10.60 -116.71 171.14
C LEU JG 64 -11.11 -117.25 172.47
N THR JG 65 -12.16 -116.61 172.99
CA THR JG 65 -12.73 -116.96 174.27
C THR JG 65 -14.23 -116.72 174.25
N VAL JG 66 -15.00 -117.74 174.62
CA VAL JG 66 -16.44 -117.61 174.75
C VAL JG 66 -16.80 -117.34 176.21
N GLU JG 67 -17.71 -116.40 176.43
CA GLU JG 67 -18.09 -115.98 177.77
C GLU JG 67 -19.46 -116.46 178.20
N LEU JG 68 -19.54 -117.07 179.38
CA LEU JG 68 -20.78 -117.67 179.83
C LEU JG 68 -21.73 -116.56 180.27
N GLY JG 69 -21.23 -115.63 181.09
CA GLY JG 69 -22.10 -114.58 181.59
C GLY JG 69 -21.35 -113.48 182.30
N ARG JG 70 -22.12 -112.48 182.73
CA ARG JG 70 -21.59 -111.30 183.39
C ARG JG 70 -22.44 -111.09 184.64
N THR JG 71 -21.95 -110.25 185.53
CA THR JG 71 -22.67 -109.81 186.70
C THR JG 71 -21.88 -108.70 187.35
N ARG JG 72 -22.53 -107.57 187.60
CA ARG JG 72 -21.91 -106.48 188.35
C ARG JG 72 -22.15 -106.74 189.83
N MET JG 73 -21.06 -106.85 190.58
CA MET JG 73 -21.15 -107.19 191.99
C MET JG 73 -19.99 -106.51 192.71
N THR JG 74 -20.26 -106.07 193.93
CA THR JG 74 -19.27 -105.36 194.71
C THR JG 74 -18.50 -106.33 195.61
N ILE JG 75 -17.46 -105.79 196.27
CA ILE JG 75 -16.65 -106.59 197.18
C ILE JG 75 -17.47 -107.08 198.38
N LYS JG 76 -18.57 -106.40 198.68
CA LYS JG 76 -19.46 -106.80 199.77
C LYS JG 76 -19.77 -108.28 199.72
N GLU JG 77 -20.44 -108.73 198.66
CA GLU JG 77 -20.73 -110.15 198.52
C GLU JG 77 -19.50 -110.94 198.12
N LEU JG 78 -18.52 -110.29 197.48
CA LEU JG 78 -17.31 -111.00 197.09
C LEU JG 78 -16.57 -111.86 198.10
N LEU JG 79 -16.31 -111.33 199.29
CA LEU JG 79 -15.67 -112.17 200.32
C LEU JG 79 -16.70 -113.08 201.05
N ARG JG 80 -17.97 -112.64 200.98
CA ARG JG 80 -19.04 -113.49 201.57
C ARG JG 80 -19.00 -114.86 200.87
N LEU JG 81 -18.53 -114.88 199.62
CA LEU JG 81 -18.42 -116.14 198.88
C LEU JG 81 -17.55 -117.25 199.44
N THR JG 82 -18.15 -118.43 199.62
CA THR JG 82 -17.46 -119.61 200.09
C THR JG 82 -17.54 -120.71 199.04
N GLN JG 83 -16.88 -121.83 199.31
CA GLN JG 83 -16.94 -122.97 198.41
C GLN JG 83 -18.35 -123.54 198.38
N GLY JG 84 -18.83 -123.85 197.18
CA GLY JG 84 -20.17 -124.35 197.01
C GLY JG 84 -21.24 -123.30 196.88
N SER JG 85 -20.89 -122.02 197.04
CA SER JG 85 -21.85 -120.94 196.85
C SER JG 85 -22.18 -120.79 195.36
N VAL JG 86 -23.32 -120.16 195.09
CA VAL JG 86 -23.80 -119.97 193.73
C VAL JG 86 -23.95 -118.47 193.47
N VAL JG 87 -23.37 -118.00 192.37
CA VAL JG 87 -23.44 -116.60 191.98
C VAL JG 87 -24.31 -116.49 190.74
N ALA JG 88 -25.42 -115.76 190.86
CA ALA JG 88 -26.30 -115.55 189.72
C ALA JG 88 -25.66 -114.58 188.75
N LEU JG 89 -25.81 -114.86 187.46
CA LEU JG 89 -25.27 -114.04 186.41
C LEU JG 89 -26.38 -113.20 185.77
N ASP JG 90 -26.02 -112.01 185.31
CA ASP JG 90 -27.01 -111.14 184.68
C ASP JG 90 -27.62 -111.74 183.44
N GLY JG 91 -26.84 -112.49 182.66
CA GLY JG 91 -27.34 -113.13 181.46
C GLY JG 91 -28.43 -114.15 181.73
N LEU JG 92 -29.56 -114.01 181.04
CA LEU JG 92 -30.64 -114.97 181.15
C LEU JG 92 -30.22 -116.31 180.56
N ALA JG 93 -30.70 -117.39 181.17
CA ALA JG 93 -30.33 -118.73 180.71
C ALA JG 93 -30.87 -118.97 179.31
N GLY JG 94 -30.03 -119.59 178.47
CA GLY JG 94 -30.40 -119.88 177.10
C GLY JG 94 -30.17 -118.75 176.12
N GLU JG 95 -29.74 -117.58 176.58
CA GLU JG 95 -29.43 -116.49 175.68
C GLU JG 95 -28.15 -116.78 174.92
N PRO JG 96 -27.95 -116.16 173.75
CA PRO JG 96 -26.69 -116.33 173.03
C PRO JG 96 -25.51 -115.84 173.85
N LEU JG 97 -24.42 -116.61 173.81
CA LEU JG 97 -23.21 -116.29 174.54
C LEU JG 97 -22.34 -115.36 173.72
N ASP JG 98 -21.37 -114.74 174.39
CA ASP JG 98 -20.51 -113.75 173.78
C ASP JG 98 -19.19 -114.38 173.37
N ILE JG 99 -18.67 -113.96 172.22
CA ILE JG 99 -17.40 -114.45 171.70
C ILE JG 99 -16.46 -113.27 171.58
N LEU JG 100 -15.26 -113.42 172.14
CA LEU JG 100 -14.25 -112.36 172.11
C LEU JG 100 -12.97 -112.91 171.51
N ILE JG 101 -12.24 -112.05 170.81
CA ILE JG 101 -10.89 -112.37 170.35
C ILE JG 101 -9.95 -111.36 170.97
N ASN JG 102 -8.98 -111.86 171.75
CA ASN JG 102 -8.08 -111.01 172.52
C ASN JG 102 -8.85 -110.06 173.42
N GLY JG 103 -9.97 -110.54 173.97
CA GLY JG 103 -10.78 -109.77 174.89
C GLY JG 103 -11.67 -108.72 174.27
N TYR JG 104 -11.84 -108.72 172.95
CA TYR JG 104 -12.68 -107.75 172.27
C TYR JG 104 -13.89 -108.49 171.72
N LEU JG 105 -15.09 -108.01 172.08
CA LEU JG 105 -16.31 -108.68 171.66
C LEU JG 105 -16.51 -108.47 170.16
N ILE JG 106 -16.73 -109.57 169.44
CA ILE JG 106 -16.94 -109.53 168.01
C ILE JG 106 -18.29 -110.11 167.61
N ALA JG 107 -18.70 -111.22 168.22
CA ALA JG 107 -19.88 -111.92 167.75
C ALA JG 107 -20.62 -112.55 168.92
N GLN JG 108 -21.87 -112.92 168.65
CA GLN JG 108 -22.72 -113.65 169.57
C GLN JG 108 -23.04 -115.01 168.96
N GLY JG 109 -22.84 -116.07 169.75
CA GLY JG 109 -23.04 -117.41 169.27
C GLY JG 109 -23.96 -118.15 170.23
N GLU JG 110 -24.08 -119.45 169.99
CA GLU JG 110 -24.92 -120.34 170.81
C GLU JG 110 -24.11 -121.59 171.12
N VAL JG 111 -24.21 -122.05 172.36
CA VAL JG 111 -23.42 -123.17 172.84
C VAL JG 111 -24.04 -124.49 172.42
N VAL JG 112 -23.21 -125.40 171.91
CA VAL JG 112 -23.64 -126.73 171.49
C VAL JG 112 -22.63 -127.75 171.98
N VAL JG 113 -23.07 -129.00 172.09
CA VAL JG 113 -22.23 -130.10 172.53
C VAL JG 113 -22.05 -131.05 171.36
N VAL JG 114 -20.78 -131.23 170.94
CA VAL JG 114 -20.48 -132.15 169.80
C VAL JG 114 -19.42 -133.17 170.24
N ALA JG 115 -19.80 -134.46 170.24
CA ALA JG 115 -18.86 -135.54 170.64
C ALA JG 115 -18.32 -135.34 172.06
N ASP JG 116 -19.14 -134.83 172.99
CA ASP JG 116 -18.73 -134.69 174.41
C ASP JG 116 -17.71 -133.54 174.55
N LYS JG 117 -17.62 -132.67 173.54
CA LYS JG 117 -16.69 -131.52 173.59
C LYS JG 117 -17.51 -130.23 173.45
N TYR JG 118 -17.20 -129.22 174.25
CA TYR JG 118 -18.01 -128.00 174.18
C TYR JG 118 -17.70 -127.21 172.92
N GLY JG 119 -18.73 -126.67 172.31
CA GLY JG 119 -18.57 -125.90 171.09
C GLY JG 119 -19.60 -124.81 170.99
N VAL JG 120 -19.18 -123.66 170.49
CA VAL JG 120 -20.07 -122.54 170.25
C VAL JG 120 -20.38 -122.48 168.75
N ARG JG 121 -21.60 -122.07 168.43
CA ARG JG 121 -22.04 -121.92 167.05
C ARG JG 121 -22.27 -120.44 166.78
N ILE JG 122 -21.43 -119.85 165.94
CA ILE JG 122 -21.52 -118.42 165.67
C ILE JG 122 -22.86 -118.12 165.02
N THR JG 123 -23.59 -117.16 165.59
CA THR JG 123 -24.89 -116.77 165.06
C THR JG 123 -24.88 -115.40 164.40
N ASP JG 124 -24.32 -114.37 165.03
CA ASP JG 124 -24.36 -113.07 164.40
C ASP JG 124 -23.28 -112.16 164.96
N ILE JG 125 -22.58 -111.46 164.07
CA ILE JG 125 -21.63 -110.45 164.50
C ILE JG 125 -22.40 -109.28 165.11
N ILE JG 126 -21.96 -108.85 166.29
CA ILE JG 126 -22.69 -107.80 166.99
C ILE JG 126 -22.62 -106.49 166.21
N THR JG 127 -23.58 -105.63 166.47
CA THR JG 127 -23.74 -104.32 165.88
C THR JG 127 -23.19 -103.25 166.80
N PRO JG 128 -22.79 -102.10 166.25
CA PRO JG 128 -22.31 -101.01 167.13
C PRO JG 128 -23.33 -100.58 168.17
N SER JG 129 -24.61 -100.58 167.80
CA SER JG 129 -25.65 -100.28 168.78
C SER JG 129 -25.73 -101.21 169.99
N GLU JG 130 -25.64 -102.51 169.76
CA GLU JG 130 -25.64 -103.46 170.87
C GLU JG 130 -24.30 -103.42 171.65
N ARG JG 131 -23.24 -103.06 170.94
CA ARG JG 131 -21.94 -102.87 171.59
C ARG JG 131 -22.08 -101.79 172.67
N MET JG 132 -22.63 -100.64 172.30
CA MET JG 132 -22.87 -99.59 173.29
C MET JG 132 -23.95 -99.90 174.34
N ARG JG 133 -24.91 -100.73 173.94
CA ARG JG 133 -25.93 -101.20 174.89
C ARG JG 133 -25.16 -102.01 175.91
N ARG JG 134 -24.24 -102.85 175.46
CA ARG JG 134 -23.40 -103.60 176.39
C ARG JG 134 -22.59 -102.67 177.27
N LEU JG 135 -22.06 -101.59 176.71
CA LEU JG 135 -21.21 -100.69 177.47
C LEU JG 135 -21.99 -100.04 178.62
N SER JG 136 -23.21 -99.60 178.36
CA SER JG 136 -24.03 -98.97 179.38
C SER JG 136 -24.70 -99.99 180.27
N LYS KG 514 -69.88 -129.42 76.54
CA LYS KG 514 -68.59 -129.66 77.17
C LYS KG 514 -68.66 -130.84 78.13
N ASP KG 515 -69.82 -131.01 78.77
CA ASP KG 515 -70.00 -132.12 79.70
C ASP KG 515 -69.94 -133.46 78.96
N GLU KG 516 -70.58 -133.55 77.79
CA GLU KG 516 -70.55 -134.79 77.02
C GLU KG 516 -69.14 -135.13 76.56
N GLN KG 517 -68.38 -134.13 76.10
CA GLN KG 517 -67.00 -134.38 75.69
C GLN KG 517 -66.16 -134.84 76.87
N LEU KG 518 -66.34 -134.22 78.04
CA LEU KG 518 -65.61 -134.64 79.23
C LEU KG 518 -65.97 -136.07 79.61
N GLN KG 519 -67.26 -136.42 79.52
CA GLN KG 519 -67.68 -137.78 79.84
C GLN KG 519 -67.07 -138.79 78.86
N GLN KG 520 -67.04 -138.44 77.57
CA GLN KG 520 -66.44 -139.34 76.59
C GLN KG 520 -64.94 -139.51 76.83
N ARG KG 521 -64.25 -138.42 77.17
CA ARG KG 521 -62.83 -138.51 77.47
C ARG KG 521 -62.60 -139.36 78.71
N ARG KG 522 -63.45 -139.20 79.73
CA ARG KG 522 -63.32 -140.02 80.93
C ARG KG 522 -63.57 -141.48 80.64
N ALA KG 523 -64.54 -141.79 79.78
CA ALA KG 523 -64.80 -143.18 79.41
C ALA KG 523 -63.62 -143.78 78.66
N ASN KG 524 -63.04 -143.03 77.73
CA ASN KG 524 -61.86 -143.52 77.02
C ASN KG 524 -60.71 -143.74 77.97
N GLN KG 525 -60.50 -142.80 78.91
CA GLN KG 525 -59.44 -142.95 79.89
C GLN KG 525 -59.66 -144.16 80.78
N ARG KG 526 -60.92 -144.41 81.18
CA ARG KG 526 -61.25 -145.54 82.04
C ARG KG 526 -61.29 -146.87 81.30
N LEU KG 527 -61.34 -146.82 79.96
CA LEU KG 527 -61.37 -148.05 79.13
C LEU KG 527 -59.92 -148.42 78.78
N GLY KG 528 -59.16 -147.46 78.26
CA GLY KG 528 -57.75 -147.68 77.90
C GLY KG 528 -56.87 -147.96 79.11
N ALA KG 529 -57.21 -147.38 80.27
CA ALA KG 529 -56.46 -147.63 81.53
C ALA KG 529 -56.81 -149.04 81.99
N GLU KG 530 -58.08 -149.43 81.86
CA GLU KG 530 -58.51 -150.79 82.25
C GLU KG 530 -57.79 -151.80 81.36
N VAL KG 531 -57.63 -151.40 80.05
CA VAL KG 531 -56.83 -152.20 79.08
C VAL KG 531 -55.35 -152.10 79.49
N MET KG 532 -54.91 -150.90 79.88
CA MET KG 532 -53.51 -150.67 80.29
C MET KG 532 -53.19 -151.51 81.53
N SER KG 533 -54.12 -151.58 82.48
CA SER KG 533 -53.92 -152.37 83.72
C SER KG 533 -53.79 -153.84 83.33
N GLN KG 534 -54.62 -154.32 82.41
CA GLN KG 534 -54.52 -155.72 81.91
C GLN KG 534 -53.17 -155.90 81.21
N ARG KG 535 -52.74 -154.90 80.43
CA ARG KG 535 -51.47 -154.94 79.67
C ARG KG 535 -50.28 -155.03 80.64
N ILE KG 536 -50.32 -154.30 81.75
CA ILE KG 536 -49.17 -154.24 82.71
C ILE KG 536 -49.08 -155.58 83.48
N ARG KG 537 -50.20 -156.31 83.59
CA ARG KG 537 -50.22 -157.59 84.28
C ARG KG 537 -49.58 -158.69 83.43
N GLU KG 538 -49.89 -158.71 82.14
CA GLU KG 538 -49.26 -159.68 81.25
C GLU KG 538 -47.75 -159.48 81.20
N MET KG 539 -47.31 -158.22 81.08
CA MET KG 539 -45.88 -157.93 81.01
C MET KG 539 -45.17 -158.32 82.31
N SER KG 540 -45.76 -158.04 83.46
CA SER KG 540 -45.15 -158.37 84.74
C SER KG 540 -45.12 -159.87 84.97
N ASP KG 541 -46.16 -160.58 84.54
CA ASP KG 541 -46.12 -162.04 84.58
C ASP KG 541 -45.05 -162.59 83.66
N ASN KG 542 -44.80 -161.95 82.52
CA ASN KG 542 -43.71 -162.37 81.64
C ASN KG 542 -42.36 -162.15 82.32
N ASP KG 543 -42.18 -161.00 82.97
CA ASP KG 543 -40.92 -160.65 83.62
C ASP KG 543 -41.21 -159.87 84.89
N PRO KG 544 -41.17 -160.52 86.05
CA PRO KG 544 -41.44 -159.79 87.30
C PRO KG 544 -40.27 -158.96 87.78
N ARG KG 545 -39.03 -159.45 87.61
CA ARG KG 545 -37.87 -158.71 88.11
C ARG KG 545 -37.55 -157.50 87.25
N VAL KG 546 -37.92 -157.52 85.97
CA VAL KG 546 -37.65 -156.38 85.09
C VAL KG 546 -38.41 -155.16 85.56
N VAL KG 547 -39.66 -155.34 85.98
CA VAL KG 547 -40.46 -154.22 86.47
C VAL KG 547 -39.83 -153.63 87.74
N ALA KG 548 -39.39 -154.47 88.67
CA ALA KG 548 -38.74 -153.98 89.88
C ALA KG 548 -37.45 -153.24 89.55
N LEU KG 549 -36.66 -153.76 88.60
CA LEU KG 549 -35.44 -153.10 88.20
C LEU KG 549 -35.73 -151.74 87.57
N VAL KG 550 -36.77 -151.66 86.74
CA VAL KG 550 -37.14 -150.39 86.12
C VAL KG 550 -37.60 -149.40 87.18
N ILE KG 551 -38.37 -149.88 88.17
CA ILE KG 551 -38.81 -149.00 89.25
C ILE KG 551 -37.62 -148.47 90.04
N ARG KG 552 -36.66 -149.34 90.34
CA ARG KG 552 -35.46 -148.91 91.06
C ARG KG 552 -34.66 -147.90 90.25
N GLN KG 553 -34.56 -148.12 88.95
CA GLN KG 553 -33.86 -147.18 88.08
C GLN KG 553 -34.58 -145.83 88.05
N TRP KG 554 -35.90 -145.85 88.06
CA TRP KG 554 -36.66 -144.60 88.09
C TRP KG 554 -36.39 -143.83 89.37
N MET KG 555 -36.35 -144.53 90.51
CA MET KG 555 -36.03 -143.89 91.78
C MET KG 555 -34.60 -143.35 91.78
N SER KG 556 -33.65 -144.10 91.23
CA SER KG 556 -32.27 -143.63 91.16
C SER KG 556 -32.17 -142.37 90.30
N ASN KG 557 -32.86 -142.34 89.16
CA ASN KG 557 -32.85 -141.16 88.31
C ASN KG 557 -33.59 -140.00 88.94
N ASP KG 558 -34.54 -140.29 89.84
CA ASP KG 558 -35.28 -139.21 90.50
C ASP KG 558 -34.38 -138.38 91.40
N HIS KG 559 -33.28 -138.97 91.87
CA HIS KG 559 -32.34 -138.25 92.73
C HIS KG 559 -31.58 -137.18 91.94
N GLY LG 6 -40.90 -139.95 89.96
CA GLY LG 6 -41.10 -141.27 89.38
C GLY LG 6 -41.50 -142.31 90.42
N THR LG 7 -41.04 -142.11 91.65
CA THR LG 7 -41.37 -143.03 92.73
C THR LG 7 -42.87 -143.03 93.02
N ASP LG 8 -43.49 -141.85 93.02
CA ASP LG 8 -44.93 -141.76 93.25
C ASP LG 8 -45.70 -142.46 92.12
N LYS LG 9 -45.25 -142.29 90.88
CA LYS LG 9 -45.87 -142.97 89.76
C LYS LG 9 -45.71 -144.48 89.89
N SER LG 10 -44.53 -144.93 90.32
CA SER LG 10 -44.31 -146.36 90.52
C SER LG 10 -45.21 -146.90 91.61
N VAL LG 11 -45.37 -146.15 92.71
CA VAL LG 11 -46.26 -146.58 93.78
C VAL LG 11 -47.70 -146.66 93.30
N ILE LG 12 -48.14 -145.66 92.52
CA ILE LG 12 -49.49 -145.68 92.00
C ILE LG 12 -49.70 -146.88 91.08
N LEU LG 13 -48.73 -147.16 90.21
CA LEU LG 13 -48.82 -148.31 89.32
C LEU LG 13 -48.87 -149.62 90.10
N LEU LG 14 -48.06 -149.74 91.14
CA LEU LG 14 -48.07 -150.93 91.98
C LEU LG 14 -49.41 -151.11 92.68
N MET LG 15 -49.97 -150.02 93.19
CA MET LG 15 -51.28 -150.08 93.82
C MET LG 15 -52.35 -150.49 92.84
N THR LG 16 -52.30 -149.95 91.61
CA THR LG 16 -53.29 -150.28 90.60
C THR LG 16 -53.08 -151.67 90.00
N ILE LG 17 -51.91 -152.27 90.20
CA ILE LG 17 -51.63 -153.57 89.61
C ILE LG 17 -52.37 -154.67 90.36
N GLY LG 18 -52.18 -154.73 91.67
CA GLY LG 18 -52.82 -155.75 92.48
C GLY LG 18 -51.94 -156.22 93.62
N GLU LG 19 -52.53 -156.94 94.58
CA GLU LG 19 -51.77 -157.38 95.76
C GLU LG 19 -50.71 -158.40 95.38
N ASP LG 20 -51.07 -159.38 94.54
CA ASP LG 20 -50.13 -160.46 94.23
C ASP LG 20 -48.95 -159.95 93.41
N ARG LG 21 -49.23 -159.14 92.37
CA ARG LG 21 -48.16 -158.61 91.53
C ARG LG 21 -47.25 -157.70 92.33
N ALA LG 22 -47.83 -156.84 93.19
CA ALA LG 22 -47.02 -155.96 94.01
C ALA LG 22 -46.17 -156.75 95.00
N ALA LG 23 -46.73 -157.81 95.58
CA ALA LG 23 -45.97 -158.65 96.50
C ALA LG 23 -44.81 -159.32 95.80
N GLU LG 24 -45.05 -159.83 94.58
CA GLU LG 24 -43.96 -160.45 93.82
C GLU LG 24 -42.89 -159.42 93.47
N VAL LG 25 -43.29 -158.21 93.08
CA VAL LG 25 -42.32 -157.17 92.76
C VAL LG 25 -41.49 -156.81 93.98
N PHE LG 26 -42.15 -156.68 95.15
CA PHE LG 26 -41.42 -156.37 96.38
C PHE LG 26 -40.46 -157.49 96.73
N LYS LG 27 -40.88 -158.74 96.56
CA LYS LG 27 -39.97 -159.87 96.77
C LYS LG 27 -38.81 -159.84 95.79
N HIS LG 28 -38.99 -159.25 94.61
CA HIS LG 28 -37.91 -159.05 93.65
C HIS LG 28 -37.33 -157.65 93.74
N LEU LG 29 -37.47 -156.99 94.89
CA LEU LG 29 -37.00 -155.62 95.07
C LEU LG 29 -36.14 -155.54 96.33
N SER LG 30 -35.28 -154.51 96.37
CA SER LG 30 -34.38 -154.29 97.48
C SER LG 30 -35.16 -153.81 98.71
N THR LG 31 -34.51 -153.89 99.87
CA THR LG 31 -35.15 -153.55 101.14
C THR LG 31 -35.54 -152.08 101.19
N ARG LG 32 -34.62 -151.19 100.84
CA ARG LG 32 -34.91 -149.76 100.86
C ARG LG 32 -36.01 -149.42 99.86
N GLU LG 33 -35.91 -149.98 98.65
CA GLU LG 33 -36.92 -149.72 97.63
C GLU LG 33 -38.28 -150.25 98.07
N VAL LG 34 -38.31 -151.45 98.66
CA VAL LG 34 -39.58 -152.03 99.11
C VAL LG 34 -40.19 -151.17 100.20
N GLN LG 35 -39.36 -150.72 101.16
CA GLN LG 35 -39.86 -149.88 102.24
C GLN LG 35 -40.41 -148.57 101.71
N ALA LG 36 -39.68 -147.94 100.78
CA ALA LG 36 -40.13 -146.68 100.21
C ALA LG 36 -41.45 -146.85 99.45
N LEU LG 37 -41.55 -147.93 98.68
CA LEU LG 37 -42.78 -148.18 97.93
C LEU LG 37 -43.96 -148.45 98.85
N SER LG 38 -43.74 -149.22 99.92
CA SER LG 38 -44.81 -149.50 100.87
C SER LG 38 -45.25 -148.23 101.58
N THR LG 39 -44.29 -147.37 101.95
CA THR LG 39 -44.63 -146.15 102.67
C THR LG 39 -45.37 -145.16 101.77
N ALA LG 40 -44.84 -144.92 100.57
CA ALA LG 40 -45.39 -143.89 99.70
C ALA LG 40 -46.79 -144.22 99.21
N MET LG 41 -47.02 -145.50 98.86
CA MET LG 41 -48.31 -145.90 98.31
C MET LG 41 -49.44 -145.65 99.30
N ALA LG 42 -49.24 -146.08 100.56
CA ALA LG 42 -50.28 -145.87 101.56
C ALA LG 42 -50.27 -144.44 102.09
N ASN LG 43 -49.12 -143.77 102.00
CA ASN LG 43 -49.01 -142.39 102.54
C ASN LG 43 -49.79 -141.32 101.79
N VAL LG 44 -49.36 -140.99 100.56
CA VAL LG 44 -50.12 -140.00 99.73
C VAL LG 44 -50.08 -140.65 98.35
N ARG LG 45 -51.25 -140.84 97.74
CA ARG LG 45 -51.32 -141.42 96.37
C ARG LG 45 -51.89 -140.37 95.42
N GLN LG 46 -51.21 -140.12 94.29
CA GLN LG 46 -51.69 -139.10 93.32
C GLN LG 46 -52.01 -139.80 91.99
N ILE LG 47 -53.18 -139.51 91.42
CA ILE LG 47 -53.55 -140.09 90.09
C ILE LG 47 -53.74 -138.93 89.10
N SER LG 48 -53.08 -138.99 87.94
CA SER LG 48 -53.18 -137.90 86.93
C SER LG 48 -53.83 -138.44 85.65
N ASN LG 49 -54.85 -137.74 85.14
CA ASN LG 49 -55.56 -138.19 83.92
C ASN LG 49 -54.58 -138.25 82.76
N LYS LG 50 -53.64 -137.29 82.70
CA LYS LG 50 -52.70 -137.23 81.55
C LYS LG 50 -51.25 -137.48 82.00
N GLN LG 51 -50.78 -136.78 83.03
CA GLN LG 51 -49.37 -136.92 83.37
C GLN LG 51 -49.00 -138.36 83.71
N LEU LG 52 -49.85 -139.06 84.45
CA LEU LG 52 -49.57 -140.45 84.79
C LEU LG 52 -49.54 -141.33 83.55
N THR LG 53 -50.48 -141.12 82.63
CA THR LG 53 -50.49 -141.88 81.39
C THR LG 53 -49.26 -141.60 80.53
N ASP LG 54 -48.87 -140.32 80.44
CA ASP LG 54 -47.67 -139.98 79.68
C ASP LG 54 -46.43 -140.61 80.28
N VAL LG 55 -46.31 -140.57 81.61
CA VAL LG 55 -45.17 -141.18 82.27
C VAL LG 55 -45.15 -142.69 82.08
N LEU LG 56 -46.32 -143.34 82.17
CA LEU LG 56 -46.39 -144.78 81.95
C LEU LG 56 -45.98 -145.14 80.52
N SER LG 57 -46.46 -144.37 79.54
CA SER LG 57 -46.09 -144.63 78.16
C SER LG 57 -44.59 -144.45 77.95
N GLU LG 58 -44.01 -143.39 78.53
CA GLU LG 58 -42.58 -143.16 78.40
C GLU LG 58 -41.78 -144.29 79.04
N PHE LG 59 -42.22 -144.77 80.21
CA PHE LG 59 -41.52 -145.88 80.87
C PHE LG 59 -41.62 -147.16 80.04
N GLU LG 60 -42.80 -147.42 79.48
CA GLU LG 60 -42.98 -148.64 78.69
C GLU LG 60 -42.17 -148.59 77.39
N GLN LG 61 -41.90 -147.38 76.91
CA GLN LG 61 -41.17 -147.26 75.61
C GLN LG 61 -39.69 -146.90 75.84
N GLU LG 62 -39.29 -146.62 77.09
CA GLU LG 62 -37.90 -146.14 77.30
C GLU LG 62 -36.83 -147.16 76.88
N ALA LG 63 -36.99 -148.45 77.23
CA ALA LG 63 -36.02 -149.46 76.73
C ALA LG 63 -36.61 -150.87 76.72
N GLU LG 64 -36.09 -151.76 75.86
CA GLU LG 64 -36.50 -153.19 75.92
C GLU LG 64 -35.43 -153.99 76.69
N GLN LG 65 -34.37 -153.32 77.15
CA GLN LG 65 -33.22 -154.01 77.82
C GLN LG 65 -33.66 -154.70 79.12
N PHE LG 66 -34.53 -154.05 79.90
CA PHE LG 66 -34.90 -154.59 81.24
C PHE LG 66 -35.59 -155.95 81.08
N ALA LG 67 -36.42 -156.12 80.06
CA ALA LG 67 -37.23 -157.36 79.96
C ALA LG 67 -36.33 -158.60 79.82
N ALA LG 68 -35.24 -158.55 79.05
CA ALA LG 68 -34.44 -159.76 78.80
C ALA LG 68 -33.36 -160.00 79.86
N LEU LG 69 -32.37 -159.12 79.97
CA LEU LG 69 -31.24 -159.33 80.86
C LEU LG 69 -31.71 -159.60 82.28
N ASN LG 70 -32.70 -158.82 82.74
CA ASN LG 70 -33.21 -158.99 84.11
C ASN LG 70 -34.06 -160.24 84.25
N ILE LG 71 -34.58 -160.79 83.15
CA ILE LG 71 -35.40 -161.98 83.20
C ILE LG 71 -34.59 -163.16 83.73
N ASN LG 72 -33.38 -163.33 83.20
CA ASN LG 72 -32.47 -164.40 83.61
C ASN LG 72 -31.05 -163.88 83.60
N ALA LG 73 -30.56 -163.48 84.80
CA ALA LG 73 -29.19 -163.01 84.94
C ALA LG 73 -28.38 -163.92 85.85
N ASN LG 74 -28.87 -164.15 87.06
CA ASN LG 74 -28.14 -164.98 88.02
C ASN LG 74 -28.23 -166.46 87.67
N GLU LG 75 -29.39 -166.92 87.20
CA GLU LG 75 -29.55 -168.33 86.85
C GLU LG 75 -28.64 -168.71 85.68
N TYR LG 76 -28.56 -167.83 84.68
CA TYR LG 76 -27.70 -168.09 83.53
C TYR LG 76 -26.23 -168.15 83.96
N LEU LG 77 -25.81 -167.22 84.81
CA LEU LG 77 -24.44 -167.22 85.28
C LEU LG 77 -24.12 -168.48 86.07
N ARG LG 78 -25.05 -168.90 86.94
CA ARG LG 78 -24.85 -170.13 87.70
C ARG LG 78 -24.76 -171.35 86.81
N SER LG 79 -25.64 -171.44 85.79
CA SER LG 79 -25.59 -172.56 84.87
C SER LG 79 -24.28 -172.58 84.08
N VAL LG 80 -23.83 -171.39 83.65
CA VAL LG 80 -22.57 -171.30 82.92
C VAL LG 80 -21.40 -171.72 83.80
N LEU LG 81 -21.40 -171.29 85.06
CA LEU LG 81 -20.33 -171.68 85.98
C LEU LG 81 -20.34 -173.19 86.23
N VAL LG 82 -21.54 -173.77 86.37
CA VAL LG 82 -21.64 -175.21 86.60
C VAL LG 82 -21.13 -175.99 85.40
N LYS LG 83 -21.52 -175.57 84.20
CA LYS LG 83 -21.17 -176.31 82.99
C LYS LG 83 -19.73 -176.07 82.57
N ALA LG 84 -19.15 -174.96 83.03
CA ALA LG 84 -17.83 -174.56 82.52
C ALA LG 84 -16.72 -175.44 83.09
N LEU LG 85 -16.54 -175.45 84.41
CA LEU LG 85 -15.46 -176.18 85.05
C LEU LG 85 -15.98 -177.37 85.85
N GLY LG 86 -16.92 -177.14 86.77
CA GLY LG 86 -17.44 -178.22 87.59
C GLY LG 86 -18.23 -177.67 88.75
N GLU LG 87 -18.87 -178.57 89.50
CA GLU LG 87 -19.67 -178.16 90.64
C GLU LG 87 -18.81 -177.50 91.71
N GLU LG 88 -17.63 -178.05 91.97
CA GLU LG 88 -16.74 -177.48 92.99
C GLU LG 88 -16.27 -176.08 92.61
N ARG LG 89 -15.89 -175.88 91.35
CA ARG LG 89 -15.46 -174.56 90.91
C ARG LG 89 -16.63 -173.60 90.77
N ALA LG 90 -17.81 -174.11 90.41
CA ALA LG 90 -19.00 -173.26 90.31
C ALA LG 90 -19.36 -172.69 91.67
N SER LG 91 -19.23 -173.49 92.72
CA SER LG 91 -19.52 -172.98 94.07
C SER LG 91 -18.59 -171.85 94.44
N SER LG 92 -17.29 -172.00 94.14
CA SER LG 92 -16.33 -170.94 94.44
C SER LG 92 -16.62 -169.68 93.63
N LEU LG 93 -16.95 -169.85 92.34
CA LEU LG 93 -17.27 -168.69 91.50
C LEU LG 93 -18.51 -167.97 92.01
N LEU LG 94 -19.55 -168.72 92.39
CA LEU LG 94 -20.75 -168.10 92.92
C LEU LG 94 -20.48 -167.40 94.24
N GLU LG 95 -19.65 -168.01 95.09
CA GLU LG 95 -19.29 -167.36 96.35
C GLU LG 95 -18.55 -166.06 96.11
N ASP LG 96 -17.62 -166.06 95.15
CA ASP LG 96 -16.90 -164.82 94.83
C ASP LG 96 -17.84 -163.77 94.28
N ILE LG 97 -18.77 -164.16 93.41
CA ILE LG 97 -19.72 -163.21 92.84
C ILE LG 97 -20.60 -162.61 93.94
N LEU LG 98 -21.06 -163.45 94.87
CA LEU LG 98 -21.87 -162.94 95.98
C LEU LG 98 -21.05 -162.02 96.88
N GLU LG 99 -19.79 -162.38 97.15
CA GLU LG 99 -18.95 -161.56 98.00
C GLU LG 99 -18.57 -160.25 97.33
N THR LG 100 -18.69 -160.18 96.00
CA THR LG 100 -18.44 -158.92 95.30
C THR LG 100 -19.38 -157.82 95.79
N ARG LG 101 -20.60 -158.19 96.18
CA ARG LG 101 -21.55 -157.24 96.79
C ARG LG 101 -21.46 -157.40 98.29
N ASP LG 102 -20.83 -156.42 98.94
CA ASP LG 102 -20.60 -156.46 100.39
C ASP LG 102 -21.74 -155.74 101.10
N THR LG 103 -21.63 -155.65 102.42
CA THR LG 103 -22.63 -155.01 103.27
C THR LG 103 -22.00 -153.83 104.01
N THR LG 104 -22.77 -152.76 104.17
CA THR LG 104 -22.24 -151.56 104.81
C THR LG 104 -22.14 -151.73 106.33
N SER LG 105 -23.27 -151.98 106.98
CA SER LG 105 -23.29 -152.14 108.43
C SER LG 105 -22.52 -153.40 108.82
N GLY LG 106 -21.68 -153.27 109.85
CA GLY LG 106 -20.81 -154.35 110.25
C GLY LG 106 -21.54 -155.58 110.76
N ILE LG 107 -22.77 -155.42 111.24
CA ILE LG 107 -23.51 -156.56 111.76
C ILE LG 107 -23.73 -157.60 110.67
N GLU LG 108 -24.14 -157.15 109.48
CA GLU LG 108 -24.28 -158.07 108.35
C GLU LG 108 -22.93 -158.57 107.87
N THR LG 109 -21.88 -157.76 107.98
CA THR LG 109 -20.54 -158.23 107.60
C THR LG 109 -20.08 -159.36 108.52
N LEU LG 110 -20.61 -159.40 109.74
CA LEU LG 110 -20.30 -160.52 110.63
C LEU LG 110 -20.66 -161.93 110.17
N ASN LG 111 -21.70 -162.07 109.33
CA ASN LG 111 -22.07 -163.40 108.77
C ASN LG 111 -21.23 -163.86 107.57
N PHE LG 112 -20.28 -163.03 107.11
CA PHE LG 112 -19.36 -163.45 106.01
C PHE LG 112 -18.06 -163.91 106.64
N MET LG 113 -17.94 -163.78 107.97
CA MET LG 113 -16.75 -164.18 108.70
C MET LG 113 -16.94 -165.66 108.98
N GLU LG 114 -15.83 -166.33 109.29
CA GLU LG 114 -15.88 -167.73 109.69
C GLU LG 114 -16.60 -167.86 111.02
N PRO LG 115 -17.37 -168.94 111.22
CA PRO LG 115 -18.08 -169.10 112.51
C PRO LG 115 -17.23 -169.00 113.76
N GLN LG 116 -16.03 -169.58 113.77
CA GLN LG 116 -15.20 -169.53 114.96
C GLN LG 116 -14.64 -168.12 115.23
N SER LG 117 -14.34 -167.39 114.16
CA SER LG 117 -13.83 -166.02 114.33
C SER LG 117 -14.94 -165.19 114.97
N ALA LG 118 -16.17 -165.32 114.47
CA ALA LG 118 -17.28 -164.58 115.06
C ALA LG 118 -17.56 -165.04 116.48
N ALA LG 119 -17.50 -166.35 116.72
CA ALA LG 119 -17.73 -166.86 118.06
C ALA LG 119 -16.70 -166.33 119.04
N ASP LG 120 -15.43 -166.29 118.63
CA ASP LG 120 -14.41 -165.71 119.49
C ASP LG 120 -14.61 -164.21 119.67
N LEU LG 121 -15.07 -163.52 118.63
CA LEU LG 121 -15.24 -162.07 118.72
C LEU LG 121 -16.36 -161.69 119.68
N ILE LG 122 -17.48 -162.41 119.65
CA ILE LG 122 -18.65 -162.00 120.41
C ILE LG 122 -18.87 -162.87 121.64
N ARG LG 123 -17.93 -163.75 121.99
CA ARG LG 123 -18.13 -164.57 123.18
C ARG LG 123 -18.14 -163.73 124.45
N ASP LG 124 -17.26 -162.72 124.53
CA ASP LG 124 -17.12 -161.95 125.76
C ASP LG 124 -18.20 -160.89 125.90
N GLU LG 125 -18.99 -160.64 124.86
CA GLU LG 125 -20.00 -159.59 124.91
C GLU LG 125 -21.13 -159.99 125.86
N HIS LG 126 -21.93 -158.98 126.22
CA HIS LG 126 -23.08 -159.22 127.09
C HIS LG 126 -24.08 -160.14 126.38
N PRO LG 127 -24.71 -161.05 127.10
CA PRO LG 127 -25.61 -162.01 126.44
C PRO LG 127 -26.70 -161.36 125.61
N GLN LG 128 -27.27 -160.25 126.07
CA GLN LG 128 -28.28 -159.56 125.27
C GLN LG 128 -27.71 -159.00 123.97
N ILE LG 129 -26.48 -158.50 124.01
CA ILE LG 129 -25.85 -158.01 122.79
C ILE LG 129 -25.58 -159.15 121.82
N ILE LG 130 -25.18 -160.31 122.35
CA ILE LG 130 -25.01 -161.49 121.52
C ILE LG 130 -26.33 -161.83 120.86
N ALA LG 131 -27.41 -161.82 121.65
CA ALA LG 131 -28.72 -162.16 121.11
C ALA LG 131 -29.13 -161.17 120.03
N THR LG 132 -28.89 -159.87 120.25
CA THR LG 132 -29.23 -158.87 119.24
C THR LG 132 -28.45 -159.11 117.96
N ILE LG 133 -27.16 -159.43 118.10
CA ILE LG 133 -26.34 -159.73 116.89
C ILE LG 133 -26.95 -160.94 116.16
N LEU LG 134 -27.38 -161.96 116.89
CA LEU LG 134 -27.87 -163.22 116.25
C LEU LG 134 -29.12 -163.01 115.39
N VAL LG 135 -30.09 -162.20 115.85
CA VAL LG 135 -31.37 -162.07 115.08
C VAL LG 135 -31.04 -161.19 113.86
N HIS LG 136 -30.02 -160.34 113.97
CA HIS LG 136 -29.61 -159.52 112.78
C HIS LG 136 -28.70 -160.38 111.88
N LEU LG 137 -28.03 -161.38 112.47
CA LEU LG 137 -27.12 -162.26 111.68
C LEU LG 137 -27.97 -163.29 110.91
N LYS LG 138 -27.39 -163.87 109.85
CA LYS LG 138 -28.10 -164.93 109.08
C LYS LG 138 -28.34 -166.12 110.01
N ARG LG 139 -29.49 -166.78 109.88
CA ARG LG 139 -29.85 -167.88 110.81
C ARG LG 139 -28.80 -169.00 110.77
N SER LG 140 -28.39 -169.41 109.56
CA SER LG 140 -27.43 -170.55 109.46
C SER LG 140 -26.17 -170.22 110.27
N GLN LG 141 -25.63 -169.01 110.11
CA GLN LG 141 -24.38 -168.62 110.80
C GLN LG 141 -24.62 -168.64 112.30
N ALA LG 142 -25.73 -168.03 112.74
CA ALA LG 142 -26.03 -167.96 114.17
C ALA LG 142 -26.08 -169.34 114.79
N ALA LG 143 -26.65 -170.32 114.07
CA ALA LG 143 -26.70 -171.68 114.58
C ALA LG 143 -25.30 -172.25 114.78
N ASP LG 144 -24.41 -172.02 113.80
CA ASP LG 144 -23.04 -172.49 113.95
C ASP LG 144 -22.34 -171.80 115.11
N ILE LG 145 -22.56 -170.49 115.28
CA ILE LG 145 -21.95 -169.77 116.39
C ILE LG 145 -22.37 -170.32 117.74
N LEU LG 146 -23.67 -170.58 117.91
CA LEU LG 146 -24.16 -171.14 119.17
C LEU LG 146 -23.63 -172.57 119.38
N ALA LG 147 -23.44 -173.30 118.30
CA ALA LG 147 -22.86 -174.63 118.40
C ALA LG 147 -21.45 -174.54 118.99
N LEU LG 148 -20.70 -173.51 118.57
CA LEU LG 148 -19.31 -173.33 119.09
C LEU LG 148 -19.36 -172.73 120.50
N PHE LG 149 -20.51 -172.20 120.92
CA PHE LG 149 -20.59 -171.51 122.24
C PHE LG 149 -20.72 -172.53 123.36
N ASP LG 150 -20.19 -172.21 124.55
CA ASP LG 150 -20.35 -173.07 125.70
C ASP LG 150 -21.84 -173.31 125.95
N GLU LG 151 -22.15 -174.45 126.57
CA GLU LG 151 -23.54 -174.85 126.74
C GLU LG 151 -24.30 -173.88 127.63
N ARG LG 152 -23.65 -173.35 128.67
CA ARG LG 152 -24.31 -172.37 129.52
C ARG LG 152 -24.64 -171.10 128.74
N LEU LG 153 -23.65 -170.55 128.03
CA LEU LG 153 -23.88 -169.37 127.21
C LEU LG 153 -24.87 -169.69 126.10
N ARG LG 154 -24.80 -170.90 125.54
CA ARG LG 154 -25.74 -171.28 124.49
C ARG LG 154 -27.17 -171.23 124.99
N HIS LG 155 -27.43 -171.86 126.14
CA HIS LG 155 -28.79 -171.85 126.69
C HIS LG 155 -29.23 -170.44 127.05
N ASP LG 156 -28.34 -169.65 127.66
CA ASP LG 156 -28.70 -168.29 128.04
C ASP LG 156 -29.07 -167.46 126.81
N VAL LG 157 -28.25 -167.53 125.78
CA VAL LG 157 -28.50 -166.74 124.58
C VAL LG 157 -29.76 -167.22 123.87
N MET LG 158 -30.00 -168.53 123.85
CA MET LG 158 -31.22 -169.03 123.23
C MET LG 158 -32.44 -168.54 123.99
N LEU LG 159 -32.38 -168.54 125.32
CA LEU LG 159 -33.50 -168.00 126.11
C LEU LG 159 -33.72 -166.54 125.82
N ARG LG 160 -32.65 -165.76 125.71
CA ARG LG 160 -32.79 -164.34 125.37
C ARG LG 160 -33.40 -164.18 123.98
N ILE LG 161 -33.04 -165.06 123.04
CA ILE LG 161 -33.61 -165.02 121.71
C ILE LG 161 -35.11 -165.27 121.77
N ALA LG 162 -35.53 -166.22 122.59
CA ALA LG 162 -36.95 -166.56 122.66
C ALA LG 162 -37.79 -165.39 123.14
N THR LG 163 -37.30 -164.65 124.14
CA THR LG 163 -38.06 -163.57 124.76
C THR LG 163 -37.50 -162.19 124.42
N PHE LG 164 -37.03 -162.00 123.19
CA PHE LG 164 -36.49 -160.71 122.80
C PHE LG 164 -37.58 -159.64 122.83
N GLY LG 165 -37.19 -158.42 123.18
CA GLY LG 165 -38.14 -157.35 123.37
C GLY LG 165 -37.84 -156.07 122.63
N GLY LG 166 -36.94 -156.12 121.65
CA GLY LG 166 -36.65 -154.94 120.86
C GLY LG 166 -35.62 -153.96 121.40
N VAL LG 167 -34.73 -153.49 120.54
CA VAL LG 167 -33.67 -152.57 120.94
C VAL LG 167 -33.97 -151.11 120.77
N GLN LG 168 -33.34 -150.26 121.59
CA GLN LG 168 -33.49 -148.83 121.44
C GLN LG 168 -32.68 -148.51 120.18
N PRO LG 169 -33.16 -147.57 119.36
CA PRO LG 169 -32.40 -147.21 118.15
C PRO LG 169 -31.01 -146.70 118.45
N ALA LG 170 -30.83 -145.95 119.54
CA ALA LG 170 -29.51 -145.44 119.89
C ALA LG 170 -28.55 -146.57 120.21
N ALA LG 171 -29.00 -147.56 120.99
CA ALA LG 171 -28.14 -148.69 121.32
C ALA LG 171 -27.79 -149.50 120.08
N LEU LG 172 -28.77 -149.71 119.19
CA LEU LG 172 -28.49 -150.42 117.96
C LEU LG 172 -27.49 -149.69 117.10
N ALA LG 173 -27.64 -148.37 116.98
CA ALA LG 173 -26.67 -147.59 116.21
C ALA LG 173 -25.28 -147.64 116.84
N GLU LG 174 -25.23 -147.64 118.18
CA GLU LG 174 -23.94 -147.72 118.87
C GLU LG 174 -23.26 -149.05 118.59
N LEU LG 175 -24.02 -150.15 118.68
CA LEU LG 175 -23.45 -151.46 118.35
C LEU LG 175 -23.00 -151.51 116.90
N THR LG 176 -23.82 -150.94 116.01
CA THR LG 176 -23.49 -150.94 114.57
C THR LG 176 -22.15 -150.26 114.38
N GLU LG 177 -22.02 -149.03 114.88
CA GLU LG 177 -20.77 -148.26 114.66
C GLU LG 177 -19.59 -148.99 115.33
N VAL LG 178 -19.79 -149.54 116.52
CA VAL LG 178 -18.71 -150.30 117.21
C VAL LG 178 -18.31 -151.48 116.31
N LEU LG 179 -19.28 -152.29 115.91
CA LEU LG 179 -18.96 -153.48 115.12
C LEU LG 179 -18.32 -153.10 113.78
N ASN LG 180 -18.72 -151.96 113.21
CA ASN LG 180 -18.11 -151.50 111.98
C ASN LG 180 -16.63 -151.20 112.17
N GLY LG 181 -16.29 -150.48 113.24
CA GLY LG 181 -14.91 -150.15 113.51
C GLY LG 181 -14.02 -151.35 113.73
N LEU LG 182 -14.61 -152.52 114.01
CA LEU LG 182 -13.82 -153.73 114.24
C LEU LG 182 -13.65 -154.53 112.96
N LEU LG 183 -14.73 -154.63 112.17
CA LEU LG 183 -14.67 -155.51 110.98
C LEU LG 183 -14.24 -154.75 109.72
N ASP LG 184 -14.59 -153.47 109.59
CA ASP LG 184 -14.26 -152.79 108.31
C ASP LG 184 -12.73 -152.77 108.13
N GLY LG 185 -11.99 -152.49 109.20
CA GLY LG 185 -10.52 -152.55 109.13
C GLY LG 185 -10.02 -153.94 108.84
N GLN LG 186 -10.62 -154.96 109.48
CA GLN LG 186 -10.15 -156.36 109.32
C GLN LG 186 -10.40 -156.88 107.91
N ASN LG 187 -9.46 -157.68 107.37
CA ASN LG 187 -9.73 -158.33 106.05
C ASN LG 187 -10.89 -159.29 106.26
N LEU LG 188 -11.81 -159.40 105.30
CA LEU LG 188 -13.01 -160.25 105.53
C LEU LG 188 -13.19 -161.26 104.39
N LYS LG 189 -12.11 -161.74 103.76
CA LYS LG 189 -12.33 -162.75 102.72
C LYS LG 189 -11.17 -163.76 102.74
N ARG LG 190 -11.22 -164.63 103.74
CA ARG LG 190 -10.25 -165.72 103.85
C ARG LG 190 -10.43 -166.68 102.68
N SER LG 191 -9.46 -166.69 101.77
CA SER LG 191 -9.55 -167.55 100.58
C SER LG 191 -9.18 -168.97 100.96
N LYS LG 192 -10.10 -169.91 100.70
CA LYS LG 192 -9.90 -171.32 101.02
C LYS LG 192 -9.60 -172.05 99.73
N MET LG 193 -8.35 -172.46 99.57
CA MET LG 193 -7.89 -173.19 98.39
C MET LG 193 -7.31 -174.52 98.85
N GLY LG 194 -7.95 -175.62 98.44
CA GLY LG 194 -7.43 -176.96 98.79
C GLY LG 194 -8.12 -177.55 100.00
N GLY LG 195 -9.09 -178.44 99.78
CA GLY LG 195 -9.78 -179.10 100.87
C GLY LG 195 -9.45 -180.57 100.91
N VAL LG 196 -10.42 -181.40 100.56
CA VAL LG 196 -10.24 -182.84 100.44
C VAL LG 196 -10.23 -183.37 99.00
N ARG LG 197 -10.91 -182.63 98.12
CA ARG LG 197 -10.90 -182.96 96.70
C ARG LG 197 -9.45 -182.78 96.26
N THR LG 198 -8.82 -181.68 96.64
CA THR LG 198 -7.43 -181.44 96.26
C THR LG 198 -6.52 -182.47 96.91
N ALA LG 199 -6.77 -182.83 98.16
CA ALA LG 199 -5.96 -183.85 98.83
C ALA LG 199 -6.10 -185.20 98.12
N ALA LG 200 -7.32 -185.57 97.73
CA ALA LG 200 -7.52 -186.82 97.02
C ALA LG 200 -6.82 -186.80 95.67
N GLU LG 201 -6.90 -185.68 94.95
CA GLU LG 201 -6.22 -185.57 93.67
C GLU LG 201 -4.71 -185.68 93.83
N ILE LG 202 -4.16 -185.06 94.87
CA ILE LG 202 -2.72 -185.17 95.15
C ILE LG 202 -2.35 -186.61 95.45
N ILE LG 203 -3.15 -187.28 96.27
CA ILE LG 203 -2.85 -188.65 96.66
C ILE LG 203 -2.88 -189.57 95.44
N ASN LG 204 -3.87 -189.39 94.57
CA ASN LG 204 -4.07 -190.30 93.45
C ASN LG 204 -2.91 -190.33 92.48
N LEU LG 205 -2.02 -189.33 92.49
CA LEU LG 205 -0.94 -189.25 91.52
C LEU LG 205 0.43 -189.67 92.05
N MET LG 206 0.51 -190.21 93.26
CA MET LG 206 1.78 -190.63 93.82
C MET LG 206 1.85 -192.15 93.89
N LYS LG 207 2.99 -192.64 94.38
CA LYS LG 207 3.23 -194.08 94.43
C LYS LG 207 2.27 -194.80 95.35
N THR LG 208 2.02 -196.09 95.05
CA THR LG 208 1.05 -196.86 95.82
C THR LG 208 1.47 -197.03 97.27
N GLN LG 209 2.75 -197.26 97.52
CA GLN LG 209 3.21 -197.42 98.90
C GLN LG 209 3.00 -196.14 99.70
N GLN LG 210 3.38 -194.99 99.12
CA GLN LG 210 3.11 -193.72 99.79
C GLN LG 210 1.61 -193.47 99.90
N GLU LG 211 0.82 -193.91 98.92
CA GLU LG 211 -0.63 -193.75 98.99
C GLU LG 211 -1.19 -194.48 100.21
N GLU LG 212 -0.83 -195.75 100.37
CA GLU LG 212 -1.34 -196.49 101.51
C GLU LG 212 -0.81 -195.94 102.83
N ALA LG 213 0.45 -195.49 102.85
CA ALA LG 213 0.99 -194.90 104.06
C ALA LG 213 0.21 -193.66 104.47
N VAL LG 214 -0.06 -192.76 103.52
CA VAL LG 214 -0.76 -191.54 103.88
C VAL LG 214 -2.22 -191.82 104.25
N ILE LG 215 -2.88 -192.76 103.57
CA ILE LG 215 -4.28 -192.99 103.91
C ILE LG 215 -4.39 -193.65 105.27
N THR LG 216 -3.46 -194.55 105.60
CA THR LG 216 -3.51 -195.15 106.94
C THR LG 216 -3.13 -194.14 108.01
N ALA LG 217 -2.23 -193.20 107.70
CA ALA LG 217 -1.94 -192.14 108.66
C ALA LG 217 -3.17 -191.27 108.92
N VAL LG 218 -3.89 -190.91 107.84
CA VAL LG 218 -5.09 -190.12 108.00
C VAL LG 218 -6.13 -190.88 108.81
N ARG LG 219 -6.29 -192.19 108.51
CA ARG LG 219 -7.24 -193.01 109.25
C ARG LG 219 -6.89 -193.07 110.73
N GLU LG 220 -5.59 -193.17 111.04
CA GLU LG 220 -5.16 -193.10 112.43
C GLU LG 220 -5.54 -191.76 113.05
N PHE LG 221 -5.35 -190.66 112.31
CA PHE LG 221 -5.75 -189.36 112.82
C PHE LG 221 -7.26 -189.23 112.98
N ASP LG 222 -8.03 -189.66 111.98
CA ASP LG 222 -9.48 -189.58 111.99
C ASP LG 222 -9.99 -190.49 110.88
N GLY LG 223 -10.82 -191.46 111.24
CA GLY LG 223 -11.33 -192.38 110.25
C GLY LG 223 -12.31 -191.77 109.26
N GLU LG 224 -13.12 -190.82 109.72
CA GLU LG 224 -14.09 -190.18 108.85
C GLU LG 224 -13.40 -189.42 107.72
N LEU LG 225 -12.33 -188.69 108.04
CA LEU LG 225 -11.59 -187.97 107.02
C LEU LG 225 -10.98 -188.93 106.00
N ALA LG 226 -10.44 -190.05 106.48
CA ALA LG 226 -9.89 -191.04 105.56
C ALA LG 226 -10.94 -191.62 104.62
N GLN LG 227 -12.12 -191.93 105.15
CA GLN LG 227 -13.20 -192.44 104.30
C GLN LG 227 -13.65 -191.41 103.29
N LYS LG 228 -13.75 -190.14 103.70
CA LYS LG 228 -14.15 -189.08 102.77
C LYS LG 228 -13.09 -188.93 101.69
N ILE LG 229 -11.81 -189.03 102.07
CA ILE LG 229 -10.74 -188.95 101.08
C ILE LG 229 -10.83 -190.11 100.11
N ILE LG 230 -11.10 -191.31 100.62
CA ILE LG 230 -11.24 -192.48 99.75
C ILE LG 230 -12.40 -192.36 98.78
N ASP LG 231 -13.52 -191.80 99.25
CA ASP LG 231 -14.68 -191.65 98.38
C ASP LG 231 -14.41 -190.59 97.32
N GLU LG 232 -13.73 -189.51 97.69
CA GLU LG 232 -13.40 -188.47 96.72
C GLU LG 232 -12.31 -189.01 95.81
N MET LG 233 -11.59 -190.04 96.25
CA MET LG 233 -10.52 -190.60 95.43
C MET LG 233 -11.05 -191.13 94.10
N PHE LG 234 -12.10 -191.93 94.15
CA PHE LG 234 -12.72 -192.51 92.96
C PHE LG 234 -14.20 -192.14 92.93
N LEU LG 235 -14.55 -191.15 92.12
CA LEU LG 235 -15.93 -190.72 91.98
C LEU LG 235 -16.68 -191.66 91.05
N PHE LG 236 -18.00 -191.47 90.98
CA PHE LG 236 -18.83 -192.29 90.12
C PHE LG 236 -18.81 -191.75 88.69
N GLU LG 237 -17.61 -191.52 88.16
CA GLU LG 237 -17.43 -191.10 86.77
C GLU LG 237 -16.28 -191.80 86.07
N ASN LG 238 -15.38 -192.46 86.79
CA ASN LG 238 -14.27 -193.18 86.20
C ASN LG 238 -14.59 -194.64 85.91
N LEU LG 239 -15.83 -195.06 86.18
CA LEU LG 239 -16.22 -196.44 85.91
C LEU LG 239 -16.14 -196.77 84.43
N VAL LG 240 -16.21 -195.77 83.55
CA VAL LG 240 -16.02 -196.00 82.13
C VAL LG 240 -14.62 -196.50 81.81
N ASP LG 241 -13.63 -196.17 82.64
CA ASP LG 241 -12.25 -196.59 82.44
C ASP LG 241 -11.96 -197.94 83.06
N VAL LG 242 -12.94 -198.58 83.71
CA VAL LG 242 -12.73 -199.89 84.30
C VAL LG 242 -12.73 -200.95 83.22
N ASP LG 243 -11.92 -201.98 83.40
CA ASP LG 243 -11.82 -203.05 82.41
C ASP LG 243 -13.11 -203.86 82.37
N ASP LG 244 -13.35 -204.48 81.20
CA ASP LG 244 -14.55 -205.30 81.03
C ASP LG 244 -14.54 -206.49 81.97
N ARG LG 245 -13.37 -207.13 82.14
CA ARG LG 245 -13.28 -208.25 83.07
C ARG LG 245 -13.58 -207.83 84.49
N SER LG 246 -13.07 -206.66 84.91
CA SER LG 246 -13.36 -206.15 86.24
C SER LG 246 -14.85 -205.87 86.41
N ILE LG 247 -15.48 -205.30 85.37
CA ILE LG 247 -16.91 -205.04 85.43
C ILE LG 247 -17.70 -206.35 85.56
N GLN LG 248 -17.32 -207.37 84.79
CA GLN LG 248 -18.00 -208.66 84.89
C GLN LG 248 -17.82 -209.29 86.27
N ARG LG 249 -16.60 -209.19 86.81
CA ARG LG 249 -16.35 -209.74 88.15
C ARG LG 249 -17.18 -209.01 89.21
N LEU LG 250 -17.28 -207.68 89.10
CA LEU LG 250 -18.04 -206.91 90.07
C LEU LG 250 -19.53 -207.11 89.91
N LEU LG 251 -19.99 -207.48 88.71
CA LEU LG 251 -21.40 -207.69 88.48
C LEU LG 251 -21.94 -208.84 89.32
N GLN LG 252 -21.09 -209.79 89.69
CA GLN LG 252 -21.51 -210.93 90.49
C GLN LG 252 -21.89 -210.54 91.92
N GLU LG 253 -21.46 -209.38 92.40
CA GLU LG 253 -21.75 -208.93 93.75
C GLU LG 253 -22.63 -207.68 93.80
N VAL LG 254 -23.17 -207.24 92.67
CA VAL LG 254 -24.00 -206.04 92.60
C VAL LG 254 -25.45 -206.46 92.48
N ASP LG 255 -26.28 -205.94 93.37
CA ASP LG 255 -27.72 -206.22 93.31
C ASP LG 255 -28.33 -205.57 92.08
N SER LG 256 -29.26 -206.27 91.44
CA SER LG 256 -29.88 -205.75 90.23
C SER LG 256 -30.64 -204.47 90.49
N GLU LG 257 -31.42 -204.43 91.58
CA GLU LG 257 -32.18 -203.23 91.91
C GLU LG 257 -31.26 -202.05 92.23
N SER LG 258 -30.22 -202.29 93.04
CA SER LG 258 -29.30 -201.22 93.38
C SER LG 258 -28.54 -200.74 92.15
N LEU LG 259 -28.10 -201.67 91.30
CA LEU LG 259 -27.40 -201.29 90.08
C LEU LG 259 -28.30 -200.47 89.17
N LEU LG 260 -29.56 -200.88 89.02
CA LEU LG 260 -30.49 -200.14 88.18
C LEU LG 260 -30.74 -198.74 88.75
N ILE LG 261 -30.89 -198.64 90.07
CA ILE LG 261 -31.10 -197.34 90.69
C ILE LG 261 -29.89 -196.44 90.47
N ALA LG 262 -28.69 -196.99 90.62
CA ALA LG 262 -27.48 -196.19 90.41
C ALA LG 262 -27.35 -195.75 88.95
N LEU LG 263 -27.66 -196.65 88.01
CA LEU LG 263 -27.50 -196.36 86.59
C LEU LG 263 -28.69 -195.60 86.00
N LYS LG 264 -29.74 -195.35 86.78
CA LYS LG 264 -30.87 -194.58 86.27
C LYS LG 264 -30.45 -193.16 85.89
N GLY LG 265 -29.63 -192.53 86.72
CA GLY LG 265 -29.11 -191.21 86.45
C GLY LG 265 -27.71 -191.19 85.87
N ALA LG 266 -27.13 -192.34 85.56
CA ALA LG 266 -25.78 -192.40 85.03
C ALA LG 266 -25.77 -192.00 83.55
N GLU LG 267 -24.57 -191.77 83.02
CA GLU LG 267 -24.42 -191.42 81.61
C GLU LG 267 -24.77 -192.62 80.73
N PRO LG 268 -25.33 -192.38 79.55
CA PRO LG 268 -25.68 -193.49 78.65
C PRO LG 268 -24.45 -194.30 78.30
N PRO LG 269 -23.30 -193.65 78.10
CA PRO LG 269 -22.07 -194.43 77.84
C PRO LG 269 -21.70 -195.37 78.96
N LEU LG 270 -21.88 -194.95 80.22
CA LEU LG 270 -21.59 -195.83 81.34
C LEU LG 270 -22.53 -197.01 81.37
N ARG LG 271 -23.82 -196.77 81.11
CA ARG LG 271 -24.79 -197.87 81.07
C ARG LG 271 -24.46 -198.84 79.95
N GLU LG 272 -24.08 -198.33 78.78
CA GLU LG 272 -23.72 -199.21 77.67
C GLU LG 272 -22.47 -200.02 77.99
N LYS LG 273 -21.48 -199.40 78.62
CA LYS LG 273 -20.27 -200.12 78.99
C LYS LG 273 -20.56 -201.20 80.04
N PHE LG 274 -21.42 -200.88 81.01
CA PHE LG 274 -21.75 -201.82 82.07
C PHE LG 274 -22.74 -202.89 81.63
N LEU LG 275 -23.41 -202.70 80.48
CA LEU LG 275 -24.35 -203.69 79.97
C LEU LG 275 -23.70 -204.72 79.06
N ARG LG 276 -22.40 -204.59 78.78
CA ARG LG 276 -21.69 -205.53 77.94
C ARG LG 276 -21.04 -206.66 78.71
N ASN LG 277 -21.18 -206.68 80.04
CA ASN LG 277 -20.59 -207.71 80.87
C ASN LG 277 -21.57 -208.82 81.25
N MET LG 278 -22.87 -208.57 81.19
CA MET LG 278 -23.87 -209.56 81.54
C MET LG 278 -24.39 -210.23 80.27
N SER LG 279 -25.38 -211.11 80.43
CA SER LG 279 -25.97 -211.81 79.30
C SER LG 279 -26.86 -210.86 78.50
N GLN LG 280 -27.19 -211.29 77.27
CA GLN LG 280 -28.07 -210.49 76.42
C GLN LG 280 -29.45 -210.36 77.04
N ARG LG 281 -29.99 -211.46 77.59
CA ARG LG 281 -31.27 -211.39 78.27
C ARG LG 281 -31.20 -210.49 79.50
N ALA LG 282 -30.10 -210.60 80.26
CA ALA LG 282 -29.93 -209.73 81.42
C ALA LG 282 -29.81 -208.26 81.02
N ALA LG 283 -29.09 -207.99 79.94
CA ALA LG 283 -28.98 -206.61 79.45
C ALA LG 283 -30.33 -206.07 79.01
N ASP LG 284 -31.12 -206.89 78.30
CA ASP LG 284 -32.45 -206.46 77.88
C ASP LG 284 -33.35 -206.21 79.07
N ILE LG 285 -33.28 -207.08 80.09
CA ILE LG 285 -34.08 -206.89 81.30
C ILE LG 285 -33.68 -205.61 82.02
N LEU LG 286 -32.38 -205.34 82.13
CA LEU LG 286 -31.92 -204.12 82.77
C LEU LG 286 -32.38 -202.89 82.00
N ARG LG 287 -32.30 -202.94 80.66
CA ARG LG 287 -32.76 -201.81 79.85
C ARG LG 287 -34.26 -201.58 80.02
N ASP LG 288 -35.04 -202.66 80.03
CA ASP LG 288 -36.48 -202.53 80.23
C ASP LG 288 -36.80 -201.96 81.61
N ASP LG 289 -36.09 -202.42 82.64
CA ASP LG 289 -36.30 -201.90 83.99
C ASP LG 289 -35.95 -200.42 84.07
N LEU LG 290 -34.84 -200.03 83.44
CA LEU LG 290 -34.45 -198.62 83.44
C LEU LG 290 -35.47 -197.76 82.71
N ALA LG 291 -35.98 -198.25 81.56
CA ALA LG 291 -37.00 -197.50 80.83
C ALA LG 291 -38.29 -197.37 81.64
N ASN LG 292 -38.69 -198.45 82.32
CA ASN LG 292 -39.91 -198.45 83.10
C ASN LG 292 -39.77 -197.74 84.42
N ARG LG 293 -38.54 -197.55 84.91
CA ARG LG 293 -38.35 -196.90 86.21
C ARG LG 293 -38.63 -195.41 86.09
N GLY LG 294 -39.46 -194.90 87.00
CA GLY LG 294 -39.76 -193.49 87.03
C GLY LG 294 -38.70 -192.69 87.73
N PRO LG 295 -38.84 -191.37 87.69
CA PRO LG 295 -37.89 -190.50 88.39
C PRO LG 295 -37.91 -190.75 89.89
N VAL LG 296 -36.72 -190.67 90.50
CA VAL LG 296 -36.57 -190.90 91.92
C VAL LG 296 -35.66 -189.83 92.50
N ARG LG 297 -35.75 -189.63 93.81
CA ARG LG 297 -34.89 -188.67 94.48
C ARG LG 297 -33.44 -189.13 94.43
N LEU LG 298 -32.52 -188.17 94.28
CA LEU LG 298 -31.11 -188.50 94.17
C LEU LG 298 -30.51 -189.02 95.46
N SER LG 299 -31.21 -188.91 96.59
CA SER LG 299 -30.66 -189.38 97.86
C SER LG 299 -30.44 -190.89 97.85
N GLN LG 300 -31.41 -191.66 97.33
CA GLN LG 300 -31.26 -193.11 97.28
C GLN LG 300 -30.35 -193.57 96.15
N VAL LG 301 -30.38 -192.88 95.02
CA VAL LG 301 -29.49 -193.23 93.91
C VAL LG 301 -28.04 -193.00 94.32
N GLU LG 302 -27.77 -191.92 95.05
CA GLU LG 302 -26.42 -191.66 95.53
C GLU LG 302 -25.96 -192.75 96.50
N ASN LG 303 -26.85 -193.20 97.38
CA ASN LG 303 -26.49 -194.28 98.30
C ASN LG 303 -26.21 -195.58 97.55
N GLU LG 304 -27.02 -195.89 96.54
CA GLU LG 304 -26.80 -197.09 95.75
C GLU LG 304 -25.47 -197.01 95.00
N GLN LG 305 -25.17 -195.85 94.41
CA GLN LG 305 -23.91 -195.68 93.72
C GLN LG 305 -22.73 -195.78 94.68
N LYS LG 306 -22.89 -195.25 95.90
CA LYS LG 306 -21.84 -195.36 96.90
C LYS LG 306 -21.60 -196.81 97.30
N ALA LG 307 -22.68 -197.59 97.45
CA ALA LG 307 -22.53 -199.00 97.78
C ALA LG 307 -21.83 -199.74 96.65
N ILE LG 308 -22.20 -199.45 95.40
CA ILE LG 308 -21.58 -200.10 94.26
C ILE LG 308 -20.09 -199.75 94.19
N LEU LG 309 -19.77 -198.47 94.41
CA LEU LG 309 -18.37 -198.04 94.39
C LEU LG 309 -17.59 -198.67 95.53
N LEU LG 310 -18.19 -198.81 96.71
CA LEU LG 310 -17.52 -199.47 97.82
C LEU LG 310 -17.24 -200.93 97.50
N ILE LG 311 -18.21 -201.62 96.88
CA ILE LG 311 -17.98 -203.01 96.49
C ILE LG 311 -16.86 -203.11 95.47
N VAL LG 312 -16.86 -202.21 94.48
CA VAL LG 312 -15.83 -202.23 93.44
C VAL LG 312 -14.46 -201.96 94.06
N ARG LG 313 -14.39 -201.00 94.98
CA ARG LG 313 -13.13 -200.68 95.63
C ARG LG 313 -12.63 -201.84 96.48
N ARG LG 314 -13.54 -202.52 97.17
CA ARG LG 314 -13.15 -203.70 97.94
C ARG LG 314 -12.62 -204.80 97.04
N LEU LG 315 -13.28 -205.01 95.90
CA LEU LG 315 -12.80 -206.02 94.95
C LEU LG 315 -11.42 -205.66 94.41
N ALA LG 316 -11.21 -204.38 94.09
CA ALA LG 316 -9.91 -203.94 93.59
C ALA LG 316 -8.83 -204.10 94.65
N GLU LG 317 -9.14 -203.74 95.89
CA GLU LG 317 -8.18 -203.86 96.99
C GLU LG 317 -7.82 -205.32 97.23
N THR LG 318 -8.81 -206.21 97.13
CA THR LG 318 -8.54 -207.63 97.25
C THR LG 318 -7.60 -208.11 96.16
N GLY LG 319 -7.78 -207.61 94.94
CA GLY LG 319 -6.91 -207.96 93.84
C GLY LG 319 -7.63 -208.70 92.73
N GLU LG 320 -8.96 -208.54 92.67
CA GLU LG 320 -9.77 -209.21 91.67
C GLU LG 320 -10.41 -208.25 90.68
N MET LG 321 -9.80 -207.08 90.48
CA MET LG 321 -10.31 -206.09 89.54
C MET LG 321 -9.13 -205.27 89.02
N VAL LG 322 -9.34 -204.65 87.87
CA VAL LG 322 -8.30 -203.81 87.25
C VAL LG 322 -8.97 -202.64 86.53
N ILE LG 323 -8.15 -201.73 86.00
CA ILE LG 323 -8.66 -200.57 85.28
C ILE LG 323 -7.91 -200.43 83.95
N GLY LG 324 -8.41 -199.58 83.07
CA GLY LG 324 -7.78 -199.38 81.77
C GLY LG 324 -8.49 -198.34 80.93
N SER MG 33 -2.55 -147.64 183.12
CA SER MG 33 -1.85 -146.94 182.06
C SER MG 33 -1.78 -147.80 180.80
N ASP MG 34 -2.40 -147.33 179.72
CA ASP MG 34 -2.39 -148.04 178.45
C ASP MG 34 -1.12 -147.65 177.70
N ILE MG 35 -0.28 -148.65 177.43
CA ILE MG 35 0.97 -148.44 176.73
C ILE MG 35 1.26 -149.66 175.86
N ARG MG 36 1.16 -149.49 174.55
CA ARG MG 36 1.38 -150.58 173.61
C ARG MG 36 2.42 -150.14 172.60
N PRO MG 37 3.21 -151.08 172.02
CA PRO MG 37 4.30 -150.73 171.07
C PRO MG 37 3.74 -150.08 169.82
N TYR MG 38 4.51 -149.17 169.24
CA TYR MG 38 4.11 -148.46 168.03
C TYR MG 38 4.28 -149.39 166.83
N ASP MG 39 3.18 -149.66 166.14
CA ASP MG 39 3.20 -150.45 164.92
C ASP MG 39 2.84 -149.55 163.75
N PRO MG 40 3.74 -149.36 162.78
CA PRO MG 40 3.37 -148.56 161.60
C PRO MG 40 2.27 -149.23 160.80
N ASN MG 41 1.82 -148.52 159.77
CA ASN MG 41 0.77 -148.92 158.83
C ASN MG 41 -0.50 -149.40 159.51
N THR MG 42 -0.72 -149.04 160.77
CA THR MG 42 -1.97 -149.38 161.45
C THR MG 42 -2.95 -148.21 161.34
N GLN MG 43 -4.24 -148.54 161.18
CA GLN MG 43 -5.28 -147.53 161.02
C GLN MG 43 -5.51 -146.86 162.37
N ARG MG 44 -4.69 -145.86 162.67
CA ARG MG 44 -4.78 -145.11 163.91
C ARG MG 44 -5.32 -143.70 163.73
N ARG MG 45 -5.37 -143.19 162.51
CA ARG MG 45 -5.88 -141.84 162.24
C ARG MG 45 -7.39 -141.94 162.01
N VAL MG 46 -8.16 -141.42 162.97
CA VAL MG 46 -9.61 -141.41 162.88
C VAL MG 46 -10.07 -139.96 162.83
N VAL MG 47 -10.74 -139.60 161.74
CA VAL MG 47 -11.25 -138.24 161.55
C VAL MG 47 -12.72 -138.37 161.20
N ARG MG 48 -13.59 -138.25 162.21
CA ARG MG 48 -15.03 -138.36 162.02
C ARG MG 48 -15.60 -136.95 162.03
N GLU MG 49 -16.33 -136.60 160.96
CA GLU MG 49 -16.89 -135.28 160.84
C GLU MG 49 -18.17 -135.39 160.02
N ARG MG 50 -19.28 -134.96 160.59
CA ARG MG 50 -20.55 -134.94 159.88
C ARG MG 50 -20.50 -133.91 158.76
N LEU MG 51 -20.99 -134.30 157.58
CA LEU MG 51 -20.95 -133.44 156.40
C LEU MG 51 -22.39 -133.25 155.90
N GLN MG 52 -23.07 -132.26 156.46
CA GLN MG 52 -24.48 -132.03 156.13
C GLN MG 52 -24.64 -131.58 154.69
N ALA MG 53 -23.76 -130.67 154.24
CA ALA MG 53 -23.81 -130.12 152.87
C ALA MG 53 -23.67 -131.26 151.86
N LEU MG 54 -22.78 -132.23 152.07
CA LEU MG 54 -22.69 -133.43 151.24
C LEU MG 54 -23.93 -134.29 151.42
N GLU MG 55 -24.48 -134.33 152.64
CA GLU MG 55 -25.67 -135.13 152.89
C GLU MG 55 -26.85 -134.65 152.07
N ILE MG 56 -26.90 -133.37 151.72
CA ILE MG 56 -28.03 -132.89 150.92
C ILE MG 56 -27.67 -132.92 149.44
N ILE MG 57 -26.38 -132.73 149.13
CA ILE MG 57 -25.94 -132.84 147.74
C ILE MG 57 -26.16 -134.25 147.22
N ASN MG 58 -25.98 -135.25 148.08
CA ASN MG 58 -26.22 -136.63 147.66
C ASN MG 58 -27.66 -136.87 147.23
N GLU MG 59 -28.64 -136.38 148.01
CA GLU MG 59 -30.04 -136.54 147.62
C GLU MG 59 -30.38 -135.74 146.37
N ARG MG 60 -29.83 -134.53 146.24
CA ARG MG 60 -30.11 -133.75 145.03
C ARG MG 60 -29.59 -134.50 143.81
N PHE MG 61 -28.36 -135.00 143.90
CA PHE MG 61 -27.79 -135.77 142.81
C PHE MG 61 -28.58 -137.04 142.56
N ALA MG 62 -29.06 -137.69 143.62
CA ALA MG 62 -29.83 -138.91 143.46
C ALA MG 62 -31.13 -138.65 142.71
N ARG MG 63 -31.81 -137.55 143.04
CA ARG MG 63 -33.03 -137.20 142.32
C ARG MG 63 -32.72 -136.92 140.85
N GLN MG 64 -31.66 -136.14 140.59
CA GLN MG 64 -31.30 -135.85 139.20
C GLN MG 64 -30.95 -137.12 138.44
N PHE MG 65 -30.20 -138.03 139.07
CA PHE MG 65 -29.80 -139.26 138.42
C PHE MG 65 -30.98 -140.19 138.19
N ARG MG 66 -31.94 -140.22 139.11
CA ARG MG 66 -33.14 -141.00 138.88
C ARG MG 66 -33.97 -140.64 137.65
N MET MG 67 -34.21 -139.34 137.44
CA MET MG 67 -34.88 -138.93 136.22
C MET MG 67 -34.06 -139.11 134.92
N GLY MG 68 -32.74 -138.99 135.07
CA GLY MG 68 -31.85 -139.21 133.95
C GLY MG 68 -31.98 -140.68 133.59
N LEU MG 69 -31.97 -141.56 134.59
CA LEU MG 69 -32.11 -142.98 134.34
C LEU MG 69 -33.49 -143.31 133.79
N PHE MG 70 -34.52 -142.62 134.27
CA PHE MG 70 -35.85 -142.79 133.69
C PHE MG 70 -35.84 -142.34 132.23
N ASN MG 71 -35.19 -141.22 131.94
CA ASN MG 71 -35.13 -140.75 130.57
C ASN MG 71 -34.40 -141.72 129.66
N LEU MG 72 -33.37 -142.39 130.17
CA LEU MG 72 -32.54 -143.26 129.34
C LEU MG 72 -33.14 -144.66 129.21
N LEU MG 73 -33.28 -145.35 130.34
CA LEU MG 73 -33.70 -146.75 130.34
C LEU MG 73 -35.17 -146.95 130.03
N ARG MG 74 -35.97 -145.88 130.00
CA ARG MG 74 -37.41 -145.98 129.85
C ARG MG 74 -38.03 -146.87 130.92
N ARG MG 75 -37.49 -146.80 132.14
CA ARG MG 75 -38.00 -147.55 133.27
C ARG MG 75 -38.00 -146.62 134.48
N SER MG 76 -38.46 -147.15 135.62
CA SER MG 76 -38.58 -146.35 136.84
C SER MG 76 -37.62 -146.85 137.91
N PRO MG 77 -36.42 -146.29 137.99
CA PRO MG 77 -35.50 -146.63 139.10
C PRO MG 77 -35.74 -145.89 140.39
N ASP MG 78 -35.33 -146.51 141.49
CA ASP MG 78 -35.34 -145.85 142.79
C ASP MG 78 -33.93 -145.93 143.35
N ILE MG 79 -33.41 -144.77 143.77
CA ILE MG 79 -32.05 -144.65 144.26
C ILE MG 79 -32.11 -144.31 145.73
N THR MG 80 -31.53 -145.15 146.57
CA THR MG 80 -31.43 -144.93 148.00
C THR MG 80 -30.01 -144.51 148.31
N VAL MG 81 -29.86 -143.36 148.96
CA VAL MG 81 -28.54 -142.86 149.32
C VAL MG 81 -28.08 -143.50 150.61
N GLY MG 82 -26.92 -144.15 150.56
CA GLY MG 82 -26.38 -144.76 151.75
C GLY MG 82 -25.66 -143.76 152.64
N ALA MG 83 -25.23 -144.24 153.79
CA ALA MG 83 -24.49 -143.39 154.72
C ALA MG 83 -23.11 -143.05 154.15
N ILE MG 84 -22.74 -141.78 154.25
CA ILE MG 84 -21.42 -141.36 153.82
C ILE MG 84 -20.37 -142.00 154.70
N ARG MG 85 -19.37 -142.63 154.08
CA ARG MG 85 -18.31 -143.31 154.81
C ARG MG 85 -16.99 -142.57 154.65
N ILE MG 86 -16.39 -142.19 155.77
CA ILE MG 86 -15.09 -141.54 155.79
C ILE MG 86 -14.03 -142.56 156.20
N GLN MG 87 -13.29 -143.07 155.21
CA GLN MG 87 -12.47 -144.25 155.41
C GLN MG 87 -11.16 -144.13 154.68
N PRO MG 88 -10.13 -144.86 155.12
CA PRO MG 88 -8.87 -144.88 154.36
C PRO MG 88 -9.09 -145.48 152.99
N TYR MG 89 -8.27 -145.02 152.02
CA TYR MG 89 -8.46 -145.42 150.64
C TYR MG 89 -8.38 -146.92 150.36
N HIS MG 90 -7.51 -147.63 151.08
CA HIS MG 90 -7.32 -149.09 150.88
C HIS MG 90 -8.52 -149.90 151.39
N GLU MG 91 -9.32 -149.33 152.31
CA GLU MG 91 -10.57 -149.95 152.76
C GLU MG 91 -11.55 -149.85 151.60
N PHE MG 92 -11.66 -148.67 151.00
CA PHE MG 92 -12.53 -148.48 149.85
C PHE MG 92 -12.10 -149.38 148.69
N ALA MG 93 -10.79 -149.48 148.46
CA ALA MG 93 -10.31 -150.31 147.36
C ALA MG 93 -10.61 -151.78 147.61
N ARG MG 94 -10.41 -152.25 148.84
CA ARG MG 94 -10.60 -153.68 149.11
C ARG MG 94 -12.07 -154.05 149.13
N ASN MG 95 -12.95 -153.12 149.52
CA ASN MG 95 -14.38 -153.44 149.51
C ASN MG 95 -14.93 -153.53 148.10
N LEU MG 96 -14.26 -152.90 147.13
CA LEU MG 96 -14.73 -152.94 145.76
C LEU MG 96 -14.57 -154.35 145.17
N PRO MG 97 -15.46 -154.75 144.27
CA PRO MG 97 -15.30 -156.03 143.58
C PRO MG 97 -14.40 -155.88 142.37
N VAL MG 98 -14.04 -157.02 141.79
CA VAL MG 98 -13.17 -157.04 140.63
C VAL MG 98 -13.76 -157.95 139.55
N PRO MG 99 -13.91 -157.48 138.32
CA PRO MG 99 -13.64 -156.11 137.84
C PRO MG 99 -14.81 -155.19 138.12
N THR MG 100 -14.56 -153.88 138.13
CA THR MG 100 -15.60 -152.86 138.32
C THR MG 100 -15.18 -151.66 137.52
N ASN MG 101 -16.07 -151.04 136.76
CA ASN MG 101 -15.77 -149.76 136.04
C ASN MG 101 -15.50 -148.60 136.99
N LEU MG 102 -14.31 -148.01 136.94
CA LEU MG 102 -13.93 -146.83 137.76
C LEU MG 102 -13.84 -145.61 136.82
N ASN MG 103 -14.39 -144.45 137.14
CA ASN MG 103 -14.41 -143.29 136.21
C ASN MG 103 -13.65 -142.13 136.85
N LEU MG 104 -12.36 -141.94 136.55
CA LEU MG 104 -11.64 -140.82 137.14
C LEU MG 104 -12.24 -139.52 136.63
N ILE MG 105 -12.58 -138.63 137.55
CA ILE MG 105 -13.24 -137.38 137.21
C ILE MG 105 -12.50 -136.23 137.87
N HIS MG 106 -12.49 -135.09 137.20
CA HIS MG 106 -11.84 -133.88 137.68
C HIS MG 106 -12.91 -132.90 138.13
N LEU MG 107 -12.89 -132.57 139.41
CA LEU MG 107 -13.84 -131.60 139.97
C LEU MG 107 -13.18 -130.22 140.07
N LYS MG 108 -12.83 -129.66 138.92
CA LYS MG 108 -12.19 -128.36 138.90
C LYS MG 108 -13.13 -127.29 139.43
N PRO MG 109 -12.59 -126.24 140.08
CA PRO MG 109 -11.16 -125.93 140.26
C PRO MG 109 -10.53 -126.62 141.46
N LEU MG 110 -11.20 -127.60 142.08
CA LEU MG 110 -10.61 -128.30 143.21
C LEU MG 110 -9.50 -129.22 142.72
N ARG MG 111 -8.30 -129.05 143.26
CA ARG MG 111 -7.18 -129.87 142.84
C ARG MG 111 -7.31 -131.27 143.39
N GLY MG 112 -7.24 -132.26 142.52
CA GLY MG 112 -7.39 -133.65 142.88
C GLY MG 112 -8.12 -134.41 141.80
N THR MG 113 -8.50 -135.65 142.11
CA THR MG 113 -9.16 -136.51 141.15
C THR MG 113 -10.12 -137.43 141.90
N GLY MG 114 -11.42 -137.23 141.68
CA GLY MG 114 -12.42 -138.09 142.27
C GLY MG 114 -12.70 -139.32 141.43
N LEU MG 115 -13.52 -140.21 141.99
CA LEU MG 115 -13.79 -141.50 141.37
C LEU MG 115 -15.28 -141.79 141.41
N VAL MG 116 -15.81 -142.26 140.29
CA VAL MG 116 -17.21 -142.71 140.21
C VAL MG 116 -17.18 -144.19 139.88
N VAL MG 117 -17.72 -145.02 140.77
CA VAL MG 117 -17.62 -146.46 140.68
C VAL MG 117 -18.97 -147.02 140.30
N PHE MG 118 -19.06 -147.59 139.10
CA PHE MG 118 -20.24 -148.32 138.64
C PHE MG 118 -20.07 -149.81 138.84
N SER MG 119 -20.96 -150.41 139.61
CA SER MG 119 -20.89 -151.84 139.86
C SER MG 119 -21.18 -152.67 138.61
N PRO MG 120 -20.64 -153.90 138.48
CA PRO MG 120 -20.96 -154.79 137.34
C PRO MG 120 -22.47 -155.00 137.28
N SER MG 121 -23.12 -155.05 138.45
CA SER MG 121 -24.55 -155.31 138.45
C SER MG 121 -25.31 -154.20 137.76
N LEU MG 122 -24.95 -152.94 138.05
CA LEU MG 122 -25.67 -151.82 137.46
C LEU MG 122 -25.47 -151.74 135.96
N VAL MG 123 -24.23 -151.92 135.49
CA VAL MG 123 -24.00 -151.86 134.05
C VAL MG 123 -24.66 -153.05 133.35
N PHE MG 124 -24.67 -154.21 134.02
CA PHE MG 124 -25.39 -155.35 133.46
C PHE MG 124 -26.87 -155.05 133.32
N ILE MG 125 -27.48 -154.45 134.34
CA ILE MG 125 -28.89 -154.11 134.29
C ILE MG 125 -29.16 -153.12 133.17
N ALA MG 126 -28.31 -152.09 133.05
CA ALA MG 126 -28.52 -151.08 132.03
C ALA MG 126 -28.39 -151.66 130.63
N VAL MG 127 -27.36 -152.48 130.40
CA VAL MG 127 -27.18 -153.10 129.08
C VAL MG 127 -28.34 -154.03 128.77
N ASP MG 128 -28.79 -154.80 129.77
CA ASP MG 128 -29.92 -155.69 129.57
C ASP MG 128 -31.18 -154.92 129.19
N ASN MG 129 -31.44 -153.82 129.89
CA ASN MG 129 -32.64 -153.04 129.59
C ASN MG 129 -32.57 -152.38 128.23
N LEU MG 130 -31.39 -151.84 127.87
CA LEU MG 130 -31.26 -151.18 126.58
C LEU MG 130 -31.41 -152.16 125.43
N PHE MG 131 -30.82 -153.34 125.54
CA PHE MG 131 -30.76 -154.28 124.42
C PHE MG 131 -31.86 -155.35 124.57
N GLY MG 132 -33.10 -154.89 124.52
CA GLY MG 132 -34.24 -155.78 124.45
C GLY MG 132 -34.36 -156.79 125.56
N GLY MG 133 -34.19 -156.35 126.80
CA GLY MG 133 -34.32 -157.26 127.92
C GLY MG 133 -35.18 -156.72 129.04
N ASP MG 134 -36.19 -157.50 129.45
CA ASP MG 134 -37.09 -157.08 130.54
C ASP MG 134 -36.54 -157.58 131.88
N GLY MG 135 -35.23 -157.81 131.96
CA GLY MG 135 -34.62 -158.26 133.20
C GLY MG 135 -35.31 -159.48 133.74
N ARG MG 136 -35.78 -160.37 132.87
CA ARG MG 136 -36.37 -161.64 133.31
C ARG MG 136 -35.35 -162.56 133.97
N PHE MG 137 -34.24 -162.80 133.26
CA PHE MG 137 -33.19 -163.64 133.82
C PHE MG 137 -32.34 -162.97 134.90
N PRO MG 138 -31.85 -163.73 135.86
CA PRO MG 138 -31.00 -163.13 136.90
C PRO MG 138 -29.69 -162.62 136.31
N THR MG 139 -29.16 -161.56 136.92
CA THR MG 139 -27.88 -161.03 136.51
C THR MG 139 -26.76 -161.98 136.94
N LYS MG 140 -25.90 -162.33 136.00
CA LYS MG 140 -24.77 -163.22 136.25
C LYS MG 140 -23.47 -162.49 135.94
N VAL MG 141 -22.61 -162.38 136.96
CA VAL MG 141 -21.30 -161.76 136.81
C VAL MG 141 -20.26 -162.76 137.32
N GLU MG 142 -19.30 -163.08 136.46
CA GLU MG 142 -18.25 -164.05 136.78
C GLU MG 142 -16.89 -163.52 136.40
N GLY MG 143 -16.61 -162.26 136.77
CA GLY MG 143 -15.33 -161.67 136.40
C GLY MG 143 -15.23 -161.24 134.97
N ARG MG 144 -16.36 -161.20 134.25
CA ARG MG 144 -16.34 -160.81 132.85
C ARG MG 144 -15.99 -159.34 132.71
N GLU MG 145 -15.16 -159.03 131.72
CA GLU MG 145 -14.73 -157.66 131.49
C GLU MG 145 -15.80 -156.89 130.70
N PHE MG 146 -15.47 -155.67 130.32
CA PHE MG 146 -16.40 -154.77 129.64
C PHE MG 146 -15.93 -154.56 128.20
N THR MG 147 -16.83 -154.81 127.25
CA THR MG 147 -16.51 -154.63 125.85
C THR MG 147 -16.65 -153.15 125.47
N HIS MG 148 -16.40 -152.86 124.19
CA HIS MG 148 -16.50 -151.47 123.73
C HIS MG 148 -17.94 -150.98 123.77
N THR MG 149 -18.90 -151.84 123.42
CA THR MG 149 -20.31 -151.45 123.51
C THR MG 149 -20.72 -151.19 124.95
N GLU MG 150 -20.29 -152.06 125.87
CA GLU MG 150 -20.57 -151.84 127.28
C GLU MG 150 -19.91 -150.54 127.76
N GLN MG 151 -18.68 -150.29 127.30
CA GLN MG 151 -18.00 -149.05 127.68
C GLN MG 151 -18.76 -147.83 127.16
N ARG MG 152 -19.32 -147.91 125.96
CA ARG MG 152 -20.07 -146.79 125.43
C ARG MG 152 -21.36 -146.58 126.20
N VAL MG 153 -22.04 -147.67 126.58
CA VAL MG 153 -23.23 -147.54 127.42
C VAL MG 153 -22.89 -146.90 128.76
N ILE MG 154 -21.77 -147.31 129.36
CA ILE MG 154 -21.35 -146.74 130.63
C ILE MG 154 -21.00 -145.26 130.47
N ASN MG 155 -20.39 -144.90 129.34
CA ASN MG 155 -20.11 -143.49 129.08
C ASN MG 155 -21.41 -142.70 128.98
N ARG MG 156 -22.41 -143.27 128.31
CA ARG MG 156 -23.69 -142.60 128.19
C ARG MG 156 -24.34 -142.41 129.55
N MET MG 157 -24.29 -143.43 130.41
CA MET MG 157 -24.81 -143.30 131.76
C MET MG 157 -24.02 -142.27 132.56
N LEU MG 158 -22.70 -142.31 132.44
CA LEU MG 158 -21.85 -141.44 133.24
C LEU MG 158 -22.01 -139.99 132.83
N LYS MG 159 -22.37 -139.72 131.58
CA LYS MG 159 -22.66 -138.35 131.19
C LYS MG 159 -23.81 -137.79 132.01
N LEU MG 160 -24.90 -138.56 132.13
CA LEU MG 160 -26.03 -138.14 132.96
C LEU MG 160 -25.62 -138.04 134.43
N ALA MG 161 -24.83 -139.00 134.91
CA ALA MG 161 -24.41 -138.97 136.30
C ALA MG 161 -23.60 -137.72 136.60
N LEU MG 162 -22.66 -137.38 135.73
CA LEU MG 162 -21.83 -136.20 135.95
C LEU MG 162 -22.64 -134.92 135.82
N GLU MG 163 -23.58 -134.86 134.87
CA GLU MG 163 -24.44 -133.69 134.78
C GLU MG 163 -25.24 -133.50 136.05
N GLY MG 164 -25.82 -134.59 136.57
CA GLY MG 164 -26.58 -134.50 137.80
C GLY MG 164 -25.73 -134.07 138.98
N TYR MG 165 -24.52 -134.64 139.09
CA TYR MG 165 -23.63 -134.27 140.19
C TYR MG 165 -23.22 -132.80 140.10
N SER MG 166 -22.89 -132.32 138.89
CA SER MG 166 -22.53 -130.92 138.73
C SER MG 166 -23.69 -130.00 139.09
N ASP MG 167 -24.91 -130.36 138.66
CA ASP MG 167 -26.08 -129.55 139.00
C ASP MG 167 -26.32 -129.54 140.50
N ALA MG 168 -26.15 -130.69 141.16
CA ALA MG 168 -26.33 -130.74 142.60
C ALA MG 168 -25.29 -129.88 143.32
N TRP MG 169 -24.04 -129.92 142.85
CA TRP MG 169 -23.00 -129.12 143.50
C TRP MG 169 -23.24 -127.65 143.16
N LYS MG 170 -23.84 -127.36 142.01
CA LYS MG 170 -24.04 -125.98 141.58
C LYS MG 170 -24.77 -125.15 142.63
N ALA MG 171 -25.71 -125.76 143.37
CA ALA MG 171 -26.42 -125.05 144.42
C ALA MG 171 -25.55 -124.46 145.52
N ILE MG 172 -24.53 -125.21 145.96
CA ILE MG 172 -23.67 -124.76 147.05
C ILE MG 172 -22.41 -124.11 146.48
N ASN MG 173 -21.64 -124.87 145.71
CA ASN MG 173 -20.42 -124.36 145.11
C ASN MG 173 -20.36 -124.76 143.64
N PRO MG 174 -20.37 -123.80 142.71
CA PRO MG 174 -20.39 -124.17 141.29
C PRO MG 174 -19.10 -124.84 140.85
N LEU MG 175 -19.21 -126.12 140.49
CA LEU MG 175 -18.08 -126.91 140.02
C LEU MG 175 -18.38 -127.47 138.65
N GLU MG 176 -17.33 -127.67 137.86
CA GLU MG 176 -17.45 -128.33 136.57
C GLU MG 176 -16.81 -129.71 136.65
N VAL MG 177 -17.54 -130.72 136.18
CA VAL MG 177 -17.14 -132.11 136.31
C VAL MG 177 -16.69 -132.59 134.94
N GLU MG 178 -15.45 -133.07 134.87
CA GLU MG 178 -14.88 -133.57 133.62
C GLU MG 178 -14.49 -135.03 133.78
N TYR MG 179 -14.92 -135.85 132.84
CA TYR MG 179 -14.55 -137.26 132.79
C TYR MG 179 -13.26 -137.39 131.99
N VAL MG 180 -12.22 -137.95 132.61
CA VAL MG 180 -10.90 -137.98 132.01
C VAL MG 180 -10.50 -139.37 131.56
N ARG MG 181 -10.93 -140.42 132.28
CA ARG MG 181 -10.43 -141.75 132.00
C ARG MG 181 -11.32 -142.77 132.69
N SER MG 182 -11.41 -143.95 132.10
CA SER MG 182 -12.13 -145.07 132.69
C SER MG 182 -11.19 -146.26 132.74
N GLU MG 183 -11.32 -147.05 133.80
CA GLU MG 183 -10.48 -148.19 134.04
C GLU MG 183 -11.33 -149.30 134.62
N MET MG 184 -10.79 -150.52 134.64
CA MET MG 184 -11.50 -151.69 135.13
C MET MG 184 -10.90 -152.32 136.38
N GLN MG 185 -9.59 -152.16 136.58
CA GLN MG 185 -8.94 -152.68 137.77
C GLN MG 185 -8.80 -151.58 138.81
N VAL MG 186 -8.40 -151.96 140.02
CA VAL MG 186 -8.26 -151.01 141.10
C VAL MG 186 -6.86 -150.38 141.15
N LYS MG 187 -5.84 -151.09 140.69
CA LYS MG 187 -4.46 -150.61 140.80
C LYS MG 187 -4.11 -149.56 139.76
N PHE MG 188 -4.99 -149.28 138.80
CA PHE MG 188 -4.73 -148.27 137.80
C PHE MG 188 -5.09 -146.84 138.20
N THR MG 189 -5.91 -146.67 139.25
CA THR MG 189 -6.39 -145.33 139.59
C THR MG 189 -5.40 -144.56 140.48
N ASN MG 190 -5.16 -145.09 141.68
CA ASN MG 190 -4.27 -144.47 142.66
C ASN MG 190 -4.43 -142.95 142.70
N ILE MG 191 -5.63 -142.51 143.12
CA ILE MG 191 -5.95 -141.06 143.24
C ILE MG 191 -5.46 -140.55 144.60
N THR MG 192 -4.93 -141.43 145.46
CA THR MG 192 -4.43 -141.07 146.80
C THR MG 192 -2.93 -141.29 146.83
N THR MG 193 -2.16 -140.29 147.27
CA THR MG 193 -0.68 -140.35 147.31
C THR MG 193 -0.26 -141.61 148.04
N SER MG 194 -0.95 -141.95 149.14
CA SER MG 194 -0.69 -143.16 149.90
C SER MG 194 -1.98 -143.92 150.13
N PRO MG 195 -1.91 -145.24 150.25
CA PRO MG 195 -3.13 -146.03 150.49
C PRO MG 195 -3.79 -145.74 151.83
N ASN MG 196 -3.08 -145.12 152.76
CA ASN MG 196 -3.65 -144.79 154.06
C ASN MG 196 -4.31 -143.42 154.08
N ASP MG 197 -4.37 -142.73 152.95
CA ASP MG 197 -5.06 -141.45 152.89
C ASP MG 197 -6.55 -141.64 153.08
N ILE MG 198 -7.20 -140.59 153.56
CA ILE MG 198 -8.60 -140.65 153.93
C ILE MG 198 -9.45 -140.11 152.79
N VAL MG 199 -10.52 -140.84 152.46
CA VAL MG 199 -11.42 -140.46 151.38
C VAL MG 199 -12.86 -140.55 151.87
N VAL MG 200 -13.73 -139.82 151.19
CA VAL MG 200 -15.14 -139.74 151.52
C VAL MG 200 -15.97 -140.53 150.51
N ASN MG 201 -16.61 -141.60 150.98
CA ASN MG 201 -17.35 -142.50 150.06
C ASN MG 201 -18.87 -142.45 150.27
N THR MG 202 -19.64 -142.26 149.20
CA THR MG 202 -21.09 -142.26 149.22
C THR MG 202 -21.60 -143.39 148.35
N PRO MG 203 -22.12 -144.47 148.92
CA PRO MG 203 -22.73 -145.54 148.11
C PRO MG 203 -24.21 -145.28 147.90
N PHE MG 204 -24.65 -145.37 146.64
CA PHE MG 204 -26.06 -145.32 146.30
C PHE MG 204 -26.49 -146.70 145.81
N HIS MG 205 -27.73 -147.06 146.12
CA HIS MG 205 -28.31 -148.32 145.67
C HIS MG 205 -29.44 -148.01 144.70
N VAL MG 206 -29.33 -148.52 143.48
CA VAL MG 206 -30.31 -148.29 142.43
C VAL MG 206 -31.06 -149.60 142.18
N GLU MG 207 -32.38 -149.56 142.33
CA GLU MG 207 -33.22 -150.72 142.09
C GLU MG 207 -34.12 -150.46 140.89
N ILE MG 208 -34.14 -151.42 139.96
CA ILE MG 208 -35.02 -151.39 138.80
C ILE MG 208 -35.82 -152.69 138.81
N GLY MG 209 -37.14 -152.57 138.96
CA GLY MG 209 -37.95 -153.77 139.12
C GLY MG 209 -37.47 -154.58 140.30
N ASN MG 210 -37.26 -155.88 140.06
CA ASN MG 210 -36.68 -156.74 141.08
C ASN MG 210 -35.16 -156.66 141.11
N LEU MG 211 -34.55 -156.24 140.00
CA LEU MG 211 -33.08 -156.19 139.94
C LEU MG 211 -32.55 -155.02 140.75
N THR MG 212 -31.35 -155.21 141.29
CA THR MG 212 -30.70 -154.21 142.12
C THR MG 212 -29.24 -154.07 141.74
N GLY MG 213 -28.68 -152.90 142.03
CA GLY MG 213 -27.27 -152.66 141.84
C GLY MG 213 -26.85 -151.49 142.70
N GLU MG 214 -25.56 -151.19 142.69
CA GLU MG 214 -25.05 -150.10 143.50
C GLU MG 214 -23.94 -149.37 142.76
N PHE MG 215 -23.71 -148.13 143.16
CA PHE MG 215 -22.62 -147.35 142.60
C PHE MG 215 -22.17 -146.33 143.62
N ASN MG 216 -20.87 -146.08 143.68
CA ASN MG 216 -20.28 -145.22 144.69
C ASN MG 216 -19.69 -143.97 144.07
N ILE MG 217 -19.60 -142.92 144.88
CA ILE MG 217 -18.87 -141.71 144.50
C ILE MG 217 -17.85 -141.43 145.59
N CYS MG 218 -16.57 -141.48 145.24
CA CYS MG 218 -15.48 -141.33 146.21
C CYS MG 218 -14.67 -140.08 145.88
N LEU MG 219 -14.48 -139.23 146.88
CA LEU MG 219 -13.70 -138.02 146.73
C LEU MG 219 -12.56 -138.04 147.74
N PRO MG 220 -11.31 -137.84 147.31
CA PRO MG 220 -10.22 -137.72 148.27
C PRO MG 220 -10.42 -136.52 149.17
N PHE MG 221 -10.06 -136.66 150.44
CA PHE MG 221 -10.27 -135.59 151.39
C PHE MG 221 -9.46 -134.35 151.07
N SER MG 222 -8.41 -134.47 150.26
CA SER MG 222 -7.63 -133.29 149.88
C SER MG 222 -8.48 -132.30 149.10
N MET MG 223 -9.34 -132.80 148.21
CA MET MG 223 -10.21 -131.92 147.45
C MET MG 223 -11.23 -131.23 148.35
N ILE MG 224 -11.78 -131.97 149.31
CA ILE MG 224 -12.82 -131.42 150.18
C ILE MG 224 -12.25 -130.45 151.20
N GLU MG 225 -10.99 -130.64 151.60
CA GLU MG 225 -10.42 -129.87 152.70
C GLU MG 225 -10.56 -128.36 152.57
N PRO MG 226 -10.29 -127.73 151.42
CA PRO MG 226 -10.53 -126.28 151.32
C PRO MG 226 -11.99 -125.89 151.52
N LEU MG 227 -12.93 -126.82 151.35
CA LEU MG 227 -14.34 -126.54 151.51
C LEU MG 227 -14.96 -127.18 152.75
N ARG MG 228 -14.16 -127.46 153.78
CA ARG MG 228 -14.66 -128.18 154.94
C ARG MG 228 -15.68 -127.35 155.72
N GLU MG 229 -15.39 -126.06 155.93
CA GLU MG 229 -16.31 -125.21 156.68
C GLU MG 229 -17.60 -125.05 155.89
N LEU MG 230 -17.55 -125.14 154.57
CA LEU MG 230 -18.76 -125.10 153.77
C LEU MG 230 -19.53 -126.40 153.83
N LEU MG 231 -18.80 -127.54 153.82
CA LEU MG 231 -19.43 -128.88 153.75
C LEU MG 231 -19.86 -129.36 155.15
N VAL MG 232 -19.39 -128.71 156.21
CA VAL MG 232 -19.69 -129.17 157.60
C VAL MG 232 -21.07 -128.63 158.03
N ASN MG 233 -21.30 -127.31 158.03
CA ASN MG 233 -22.56 -126.81 158.55
C ASN MG 233 -23.67 -126.99 157.52
N PRO MG 234 -24.89 -127.29 157.96
CA PRO MG 234 -26.01 -127.41 157.03
C PRO MG 234 -26.26 -126.09 156.32
N PRO MG 235 -26.63 -126.13 155.05
CA PRO MG 235 -26.82 -124.88 154.29
C PRO MG 235 -27.96 -124.05 154.84
N LEU MG 236 -27.82 -122.74 154.73
CA LEU MG 236 -28.85 -121.80 155.17
C LEU MG 236 -29.38 -121.02 153.98
N GLU MG 237 -30.66 -120.65 154.08
CA GLU MG 237 -31.34 -119.92 153.00
C GLU MG 237 -30.88 -118.47 153.03
N ASN MG 238 -29.75 -118.22 152.38
CA ASN MG 238 -29.15 -116.89 152.31
C ASN MG 238 -28.74 -116.63 150.87
N SER MG 239 -28.01 -115.55 150.66
CA SER MG 239 -27.52 -115.17 149.34
C SER MG 239 -26.03 -114.89 149.41
N ARG MG 240 -25.39 -114.92 148.25
CA ARG MG 240 -23.96 -114.60 148.19
C ARG MG 240 -23.69 -113.18 148.65
N HIS MG 241 -24.59 -112.25 148.32
CA HIS MG 241 -24.47 -110.89 148.82
C HIS MG 241 -24.53 -110.86 150.34
N GLU MG 242 -25.47 -111.61 150.93
CA GLU MG 242 -25.57 -111.65 152.38
C GLU MG 242 -24.33 -112.28 153.00
N ASP MG 243 -23.79 -113.32 152.38
CA ASP MG 243 -22.60 -113.98 152.91
C ASP MG 243 -21.40 -113.04 152.88
N GLN MG 244 -21.19 -112.35 151.75
CA GLN MG 244 -20.07 -111.43 151.68
C GLN MG 244 -20.26 -110.24 152.62
N ASN MG 245 -21.51 -109.79 152.80
CA ASN MG 245 -21.77 -108.75 153.78
C ASN MG 245 -21.44 -109.22 155.20
N TRP MG 246 -21.78 -110.48 155.51
CA TRP MG 246 -21.45 -111.04 156.81
C TRP MG 246 -19.99 -111.03 157.26
N ARG MG 247 -19.12 -111.55 156.40
CA ARG MG 247 -17.66 -111.59 156.72
C ARG MG 247 -17.11 -110.16 156.66
N ASP MG 248 -17.69 -109.32 155.79
CA ASP MG 248 -17.23 -107.90 155.70
C ASP MG 248 -17.45 -107.24 157.06
N ASN MG 249 -18.64 -107.35 157.63
CA ASN MG 249 -18.94 -106.75 158.95
C ASN MG 249 -18.05 -107.42 160.01
N LEU MG 250 -17.92 -108.74 159.95
CA LEU MG 250 -17.06 -109.48 160.91
C LEU MG 250 -15.62 -108.96 160.78
N VAL MG 251 -15.13 -108.81 159.54
CA VAL MG 251 -13.76 -108.28 159.32
C VAL MG 251 -13.66 -106.91 160.01
N ARG MG 252 -14.66 -106.05 159.79
CA ARG MG 252 -14.64 -104.73 160.42
C ARG MG 252 -14.72 -104.84 161.94
N GLN MG 253 -15.47 -105.82 162.45
CA GLN MG 253 -15.53 -106.01 163.90
C GLN MG 253 -14.20 -106.50 164.45
N VAL MG 254 -13.47 -107.31 163.66
CA VAL MG 254 -12.20 -107.86 164.14
C VAL MG 254 -11.16 -106.77 164.30
N GLN MG 255 -11.19 -105.75 163.42
CA GLN MG 255 -10.17 -104.72 163.43
C GLN MG 255 -10.04 -104.04 164.79
N HIS MG 256 -11.12 -103.94 165.54
CA HIS MG 256 -11.08 -103.32 166.87
C HIS MG 256 -10.77 -104.36 167.93
N SER MG 257 -9.62 -105.04 167.77
CA SER MG 257 -9.13 -106.06 168.75
C SER MG 257 -7.64 -105.78 169.02
N GLU MG 258 -7.29 -105.40 170.25
CA GLU MG 258 -5.88 -105.08 170.62
C GLU MG 258 -5.01 -106.34 170.52
N LEU MG 259 -3.76 -106.21 170.06
CA LEU MG 259 -2.81 -107.34 169.94
C LEU MG 259 -1.61 -107.08 170.86
N GLU MG 260 -0.73 -108.07 171.03
CA GLU MG 260 0.53 -107.89 171.77
C GLU MG 260 1.69 -108.05 170.79
N LEU MG 261 2.42 -106.97 170.56
CA LEU MG 261 3.53 -106.96 169.63
C LEU MG 261 4.84 -106.95 170.41
N VAL MG 262 5.75 -107.85 170.05
CA VAL MG 262 7.01 -108.04 170.76
C VAL MG 262 8.15 -107.82 169.78
N ALA MG 263 9.09 -106.96 170.16
CA ALA MG 263 10.26 -106.67 169.34
C ALA MG 263 11.47 -107.41 169.90
N ASN MG 264 12.19 -108.12 169.03
CA ASN MG 264 13.37 -108.87 169.41
C ASN MG 264 14.59 -108.10 168.95
N PHE MG 265 15.38 -107.59 169.92
CA PHE MG 265 16.61 -106.81 169.64
C PHE MG 265 17.76 -107.72 169.22
N ALA MG 266 17.98 -108.82 169.95
CA ALA MG 266 19.09 -109.77 169.68
C ALA MG 266 18.75 -111.19 170.12
N ASP MG 267 19.43 -112.21 169.61
CA ASP MG 267 19.24 -113.60 170.03
C ASP MG 267 20.62 -114.25 170.13
N ILE MG 268 21.13 -114.36 171.35
CA ILE MG 268 22.49 -114.83 171.60
C ILE MG 268 22.43 -116.28 172.06
N PRO MG 269 23.27 -117.21 171.53
CA PRO MG 269 23.24 -118.64 171.93
C PRO MG 269 24.24 -118.94 173.03
N LEU MG 270 23.76 -119.26 174.24
CA LEU MG 270 24.66 -119.64 175.35
C LEU MG 270 24.36 -121.06 175.85
N ARG MG 271 25.37 -121.75 176.35
CA ARG MG 271 25.19 -123.10 176.93
C ARG MG 271 24.55 -122.97 178.31
N LEU MG 272 23.98 -124.07 178.81
CA LEU MG 272 23.39 -124.07 180.17
C LEU MG 272 24.48 -123.71 181.19
N SER MG 273 25.70 -124.19 180.96
CA SER MG 273 26.78 -123.97 181.93
C SER MG 273 27.02 -122.47 182.09
N GLN MG 274 27.00 -121.74 180.98
CA GLN MG 274 27.17 -120.27 181.08
C GLN MG 274 26.01 -119.70 181.91
N ILE MG 275 24.78 -120.19 181.69
CA ILE MG 275 23.63 -119.59 182.41
C ILE MG 275 23.74 -119.69 183.94
N LEU MG 276 24.11 -120.86 184.47
CA LEU MG 276 24.32 -120.97 185.93
C LEU MG 276 25.42 -120.12 186.59
N LYS MG 277 26.56 -120.02 185.90
CA LYS MG 277 27.67 -119.12 186.35
C LYS MG 277 27.34 -117.62 186.04
N LEU MG 278 26.33 -117.47 185.17
CA LEU MG 278 25.95 -116.11 184.72
C LEU MG 278 25.53 -115.49 186.05
N LYS MG 279 26.01 -114.28 186.30
CA LYS MG 279 25.68 -113.51 187.52
C LYS MG 279 25.72 -112.04 187.13
N PRO MG 280 25.09 -111.09 187.87
CA PRO MG 280 25.03 -109.66 187.44
C PRO MG 280 26.42 -109.08 187.18
N GLY MG 281 26.56 -108.17 186.22
CA GLY MG 281 27.79 -107.51 185.86
C GLY MG 281 28.50 -108.09 184.65
N ASP MG 282 28.10 -109.29 184.21
CA ASP MG 282 28.75 -109.90 183.06
C ASP MG 282 28.34 -109.19 181.77
N VAL MG 283 29.15 -109.37 180.73
CA VAL MG 283 28.87 -108.83 179.41
C VAL MG 283 28.81 -109.98 178.42
N LEU MG 284 27.69 -110.11 177.72
CA LEU MG 284 27.51 -111.15 176.72
C LEU MG 284 27.51 -110.50 175.34
N PRO MG 285 28.49 -110.80 174.49
CA PRO MG 285 28.61 -110.05 173.24
C PRO MG 285 27.49 -110.39 172.26
N ILE MG 286 27.02 -109.36 171.56
CA ILE MG 286 25.96 -109.50 170.56
C ILE MG 286 26.44 -108.86 169.27
N GLU MG 287 25.80 -109.24 168.18
CA GLU MG 287 26.14 -108.75 166.86
C GLU MG 287 25.27 -107.55 166.49
N LYS MG 288 25.58 -106.93 165.35
CA LYS MG 288 24.81 -105.79 164.89
C LYS MG 288 23.42 -106.24 164.45
N PRO MG 289 22.36 -105.71 165.06
CA PRO MG 289 21.03 -105.88 164.47
C PRO MG 289 20.76 -104.85 163.39
N ASP MG 290 20.81 -105.27 162.12
CA ASP MG 290 20.48 -104.32 161.01
C ASP MG 290 19.00 -103.99 161.07
N ARG MG 291 18.16 -105.00 161.32
CA ARG MG 291 16.73 -104.82 161.42
C ARG MG 291 16.19 -105.58 162.62
N ILE MG 292 15.08 -105.08 163.16
CA ILE MG 292 14.45 -105.64 164.35
C ILE MG 292 13.12 -106.32 164.04
N ILE MG 293 13.06 -107.62 164.30
CA ILE MG 293 11.84 -108.39 164.03
C ILE MG 293 10.79 -108.18 165.12
N ALA MG 294 9.57 -107.87 164.71
CA ALA MG 294 8.44 -107.69 165.61
C ALA MG 294 7.43 -108.78 165.31
N HIS MG 295 7.11 -109.57 166.33
CA HIS MG 295 6.28 -110.75 166.21
C HIS MG 295 5.14 -110.70 167.22
N VAL MG 296 4.01 -111.30 166.85
CA VAL MG 296 2.86 -111.43 167.74
C VAL MG 296 2.70 -112.90 168.06
N ASP MG 297 2.96 -113.26 169.32
CA ASP MG 297 2.83 -114.64 169.79
C ASP MG 297 3.68 -115.59 168.96
N GLY MG 298 4.86 -115.12 168.55
CA GLY MG 298 5.77 -115.95 167.79
C GLY MG 298 5.83 -115.61 166.32
N VAL MG 299 4.69 -115.30 165.71
CA VAL MG 299 4.62 -115.05 164.28
C VAL MG 299 5.17 -113.66 163.97
N PRO MG 300 6.23 -113.56 163.17
CA PRO MG 300 6.80 -112.24 162.88
C PRO MG 300 5.90 -111.43 161.95
N VAL MG 301 5.75 -110.15 162.27
CA VAL MG 301 4.83 -109.29 161.54
C VAL MG 301 5.57 -108.11 160.92
N LEU MG 302 6.65 -107.66 161.55
CA LEU MG 302 7.29 -106.41 161.15
C LEU MG 302 8.79 -106.67 161.25
N THR MG 303 9.54 -105.92 160.45
CA THR MG 303 10.98 -105.71 160.68
C THR MG 303 11.16 -104.20 160.58
N SER MG 304 11.81 -103.62 161.59
CA SER MG 304 11.85 -102.17 161.74
C SER MG 304 13.12 -101.88 162.51
N GLN MG 305 13.65 -100.67 162.31
CA GLN MG 305 14.96 -100.28 162.83
C GLN MG 305 14.65 -99.72 164.21
N TYR MG 306 15.52 -100.01 165.17
CA TYR MG 306 15.32 -99.55 166.53
C TYR MG 306 15.62 -98.06 166.65
N GLY MG 307 15.09 -97.45 167.71
CA GLY MG 307 15.32 -96.04 167.95
C GLY MG 307 14.71 -95.64 169.27
N THR MG 308 14.91 -94.37 169.61
CA THR MG 308 14.36 -93.79 170.84
C THR MG 308 13.62 -92.52 170.47
N VAL MG 309 12.34 -92.44 170.87
CA VAL MG 309 11.51 -91.28 170.60
C VAL MG 309 10.69 -90.97 171.85
N ASN MG 310 10.70 -89.70 172.26
CA ASN MG 310 9.93 -89.23 173.41
C ASN MG 310 10.26 -90.02 174.67
N GLY MG 311 11.53 -90.36 174.82
CA GLY MG 311 11.94 -91.17 175.96
C GLY MG 311 11.48 -92.60 175.91
N GLN MG 312 10.90 -93.04 174.80
CA GLN MG 312 10.38 -94.38 174.65
C GLN MG 312 11.20 -95.14 173.62
N TYR MG 313 11.35 -96.45 173.84
CA TYR MG 313 11.98 -97.30 172.84
C TYR MG 313 11.07 -97.36 171.61
N ALA MG 314 11.57 -96.87 170.49
CA ALA MG 314 10.77 -96.74 169.28
C ALA MG 314 11.32 -97.62 168.17
N LEU MG 315 10.45 -97.92 167.21
CA LEU MG 315 10.84 -98.69 166.03
C LEU MG 315 10.35 -97.96 164.79
N ARG MG 316 11.26 -97.75 163.84
CA ARG MG 316 10.93 -97.15 162.56
C ARG MG 316 10.57 -98.27 161.60
N VAL MG 317 9.27 -98.42 161.31
CA VAL MG 317 8.81 -99.56 160.54
C VAL MG 317 9.39 -99.50 159.13
N GLU MG 318 10.04 -100.56 158.73
CA GLU MG 318 10.59 -100.65 157.38
C GLU MG 318 9.80 -101.54 156.44
N HIS MG 319 9.23 -102.66 156.91
CA HIS MG 319 8.58 -103.61 155.98
C HIS MG 319 7.60 -104.54 156.68
N LEU MG 320 6.33 -104.54 156.25
CA LEU MG 320 5.36 -105.51 156.74
C LEU MG 320 5.62 -106.85 156.06
N ILE MG 321 5.73 -107.90 156.86
CA ILE MG 321 6.13 -109.20 156.32
C ILE MG 321 4.95 -109.87 155.65
N ASN MG 322 4.79 -109.63 154.35
CA ASN MG 322 3.74 -110.29 153.59
C ASN MG 322 4.18 -111.71 153.23
N PRO MG 323 3.24 -112.64 153.07
CA PRO MG 323 3.57 -114.01 152.67
C PRO MG 323 3.61 -114.19 151.15
N GLN NG 52 18.30 -137.99 189.56
CA GLN NG 52 18.69 -136.60 189.73
C GLN NG 52 20.14 -136.39 189.30
N ASP NG 53 20.36 -136.33 188.00
CA ASP NG 53 21.68 -136.16 187.42
C ASP NG 53 21.99 -134.68 187.22
N ILE NG 54 23.27 -134.36 187.12
CA ILE NG 54 23.67 -132.96 186.99
C ILE NG 54 24.55 -132.77 185.76
N ASP NG 55 25.55 -133.63 185.57
CA ASP NG 55 26.42 -133.57 184.37
C ASP NG 55 25.61 -133.93 183.13
N LEU NG 56 24.47 -134.61 183.29
CA LEU NG 56 23.65 -135.08 182.13
C LEU NG 56 23.14 -133.88 181.32
N ILE NG 57 22.71 -132.80 181.99
CA ILE NG 57 22.14 -131.61 181.29
C ILE NG 57 23.07 -130.42 181.50
N MET NG 58 24.30 -130.65 181.96
CA MET NG 58 25.24 -129.58 182.26
C MET NG 58 25.70 -128.88 180.98
N ASP NG 59 25.46 -129.49 179.82
CA ASP NG 59 26.00 -129.03 178.55
C ASP NG 59 24.92 -128.66 177.53
N ILE NG 60 23.65 -128.82 177.87
CA ILE NG 60 22.57 -128.57 176.90
C ILE NG 60 22.56 -127.10 176.52
N PRO NG 61 22.43 -126.75 175.24
CA PRO NG 61 22.40 -125.34 174.86
C PRO NG 61 21.02 -124.75 175.00
N VAL NG 62 20.98 -123.44 175.26
CA VAL NG 62 19.75 -122.70 175.39
C VAL NG 62 20.01 -121.47 174.52
N LYS NG 63 18.90 -120.86 174.06
CA LYS NG 63 18.95 -119.63 173.23
C LYS NG 63 18.36 -118.51 174.06
N LEU NG 64 19.03 -117.37 174.15
CA LEU NG 64 18.60 -116.25 174.98
C LEU NG 64 18.18 -115.11 174.05
N THR NG 65 17.03 -114.50 174.36
CA THR NG 65 16.51 -113.40 173.57
C THR NG 65 16.38 -112.18 174.46
N VAL NG 66 16.53 -111.01 173.85
CA VAL NG 66 16.36 -109.73 174.54
C VAL NG 66 15.38 -108.86 173.76
N GLU NG 67 14.53 -108.14 174.48
CA GLU NG 67 13.47 -107.36 173.86
C GLU NG 67 13.76 -105.87 173.84
N LEU NG 68 13.15 -105.15 172.90
CA LEU NG 68 13.16 -103.70 173.00
C LEU NG 68 12.10 -103.30 174.03
N GLY NG 69 10.88 -103.82 173.86
CA GLY NG 69 9.83 -103.53 174.81
C GLY NG 69 8.52 -104.11 174.39
N ARG NG 70 7.58 -104.10 175.32
CA ARG NG 70 6.20 -104.51 175.07
C ARG NG 70 5.47 -103.35 174.38
N THR NG 71 4.34 -103.66 173.77
CA THR NG 71 3.39 -102.67 173.33
C THR NG 71 2.20 -103.50 172.91
N ARG NG 72 1.01 -102.91 172.98
CA ARG NG 72 -0.23 -103.58 172.65
C ARG NG 72 -0.98 -102.62 171.73
N MET NG 73 -1.28 -103.07 170.52
CA MET NG 73 -1.75 -102.18 169.47
C MET NG 73 -2.65 -103.07 168.62
N THR NG 74 -3.80 -102.52 168.18
CA THR NG 74 -4.85 -103.33 167.53
C THR NG 74 -4.57 -103.58 166.08
N ILE NG 75 -5.47 -104.33 165.44
CA ILE NG 75 -5.33 -104.68 163.99
C ILE NG 75 -5.38 -103.38 163.18
N LYS NG 76 -6.22 -102.41 163.55
CA LYS NG 76 -6.37 -101.14 162.78
C LYS NG 76 -5.01 -100.49 162.51
N GLU NG 77 -4.27 -100.03 163.53
CA GLU NG 77 -2.97 -99.38 163.41
C GLU NG 77 -1.92 -100.27 162.75
N LEU NG 78 -1.95 -101.57 163.04
CA LEU NG 78 -1.04 -102.49 162.36
C LEU NG 78 -1.20 -102.54 160.85
N LEU NG 79 -2.44 -102.50 160.37
CA LEU NG 79 -2.68 -102.49 158.93
C LEU NG 79 -2.35 -101.19 158.20
N ARG NG 80 -2.45 -100.06 158.89
CA ARG NG 80 -2.10 -98.78 158.29
C ARG NG 80 -0.64 -98.29 158.60
N LEU NG 81 0.14 -99.21 159.14
CA LEU NG 81 1.55 -98.92 159.40
C LEU NG 81 2.13 -98.94 157.99
N THR NG 82 2.97 -97.94 157.70
CA THR NG 82 3.55 -97.81 156.36
C THR NG 82 5.06 -97.77 156.58
N GLN NG 83 5.81 -97.69 155.48
CA GLN NG 83 7.28 -97.57 155.62
C GLN NG 83 7.62 -96.24 156.23
N GLY NG 84 8.57 -96.23 157.16
CA GLY NG 84 8.98 -95.00 157.82
C GLY NG 84 8.12 -94.63 159.01
N SER NG 85 7.01 -95.33 159.24
CA SER NG 85 6.18 -95.04 160.40
C SER NG 85 6.90 -95.49 161.67
N VAL NG 86 6.67 -94.74 162.75
CA VAL NG 86 7.35 -94.95 164.02
C VAL NG 86 6.33 -95.39 165.05
N VAL NG 87 6.64 -96.46 165.78
CA VAL NG 87 5.79 -96.98 166.84
C VAL NG 87 6.63 -97.06 168.11
N ALA NG 88 6.06 -96.65 169.25
CA ALA NG 88 6.77 -96.65 170.55
C ALA NG 88 6.74 -98.04 171.19
N LEU NG 89 7.13 -98.13 172.47
CA LEU NG 89 7.16 -99.40 173.24
C LEU NG 89 6.75 -98.99 174.66
N ASP NG 90 6.52 -99.93 175.58
CA ASP NG 90 6.03 -99.62 176.95
C ASP NG 90 7.18 -99.22 177.88
N GLY NG 91 8.45 -99.30 177.45
CA GLY NG 91 9.59 -98.96 178.27
C GLY NG 91 10.30 -97.65 178.01
N LEU NG 92 10.59 -96.93 179.08
CA LEU NG 92 11.38 -95.72 178.98
C LEU NG 92 12.78 -96.05 178.47
N ALA NG 93 13.33 -95.15 177.66
CA ALA NG 93 14.67 -95.36 177.12
C ALA NG 93 15.68 -95.27 178.26
N GLY NG 94 16.16 -96.42 178.72
CA GLY NG 94 17.09 -96.45 179.83
C GLY NG 94 16.90 -97.60 180.78
N GLU NG 95 15.66 -98.15 180.86
CA GLU NG 95 15.46 -99.29 181.74
C GLU NG 95 16.18 -100.51 181.17
N PRO NG 96 16.59 -101.45 182.03
CA PRO NG 96 17.24 -102.67 181.53
C PRO NG 96 16.24 -103.55 180.79
N LEU NG 97 16.66 -104.07 179.65
CA LEU NG 97 15.81 -104.95 178.85
C LEU NG 97 15.69 -106.30 179.53
N ASP NG 98 14.61 -107.02 179.17
CA ASP NG 98 14.35 -108.34 179.82
C ASP NG 98 14.96 -109.46 178.97
N ILE NG 99 15.81 -110.29 179.59
CA ILE NG 99 16.41 -111.45 178.88
C ILE NG 99 15.52 -112.67 179.14
N LEU NG 100 15.20 -113.45 178.10
CA LEU NG 100 14.25 -114.59 178.27
C LEU NG 100 14.81 -115.86 177.59
N ILE NG 101 14.43 -117.04 178.09
CA ILE NG 101 14.83 -118.32 177.45
C ILE NG 101 13.56 -119.16 177.24
N ASN NG 102 13.32 -119.64 176.02
CA ASN NG 102 12.12 -120.49 175.74
C ASN NG 102 10.89 -119.71 176.23
N GLY NG 103 10.89 -118.38 176.07
CA GLY NG 103 9.74 -117.55 176.45
C GLY NG 103 9.59 -117.40 177.95
N TYR NG 104 10.63 -117.72 178.73
CA TYR NG 104 10.58 -117.66 180.22
C TYR NG 104 11.59 -116.63 180.71
N LEU NG 105 11.19 -115.73 181.61
CA LEU NG 105 12.08 -114.64 182.04
C LEU NG 105 13.29 -115.29 182.73
N ILE NG 106 14.49 -114.76 182.46
CA ILE NG 106 15.74 -115.32 183.04
C ILE NG 106 16.63 -114.21 183.61
N ALA NG 107 16.62 -112.99 183.05
CA ALA NG 107 17.56 -111.97 183.49
C ALA NG 107 17.09 -110.59 183.03
N GLN NG 108 17.89 -109.57 183.36
CA GLN NG 108 17.70 -108.22 182.87
C GLN NG 108 19.05 -107.56 182.61
N GLY NG 109 19.15 -106.86 181.48
CA GLY NG 109 20.37 -106.16 181.12
C GLY NG 109 20.15 -105.25 179.94
N GLU NG 110 21.08 -104.30 179.79
CA GLU NG 110 21.01 -103.31 178.71
C GLU NG 110 22.21 -103.45 177.79
N VAL NG 111 22.10 -102.86 176.62
CA VAL NG 111 23.16 -102.88 175.62
C VAL NG 111 24.21 -101.84 175.99
N VAL NG 112 25.48 -102.19 175.79
CA VAL NG 112 26.61 -101.30 176.09
C VAL NG 112 27.58 -101.29 174.92
N VAL NG 113 28.13 -100.11 174.64
CA VAL NG 113 29.12 -99.92 173.58
C VAL NG 113 30.52 -99.82 174.17
N VAL NG 114 31.41 -100.76 173.84
CA VAL NG 114 32.73 -100.75 174.44
C VAL NG 114 33.70 -100.05 173.51
N ALA NG 115 33.93 -100.68 172.36
CA ALA NG 115 34.75 -100.08 171.31
C ALA NG 115 34.00 -99.86 169.98
N ASP NG 116 33.80 -100.94 169.23
CA ASP NG 116 32.95 -100.89 168.01
C ASP NG 116 32.20 -102.22 168.10
N LYS NG 117 31.92 -102.67 169.32
CA LYS NG 117 31.27 -104.00 169.53
C LYS NG 117 30.11 -103.85 170.54
N TYR NG 118 29.12 -104.74 170.48
CA TYR NG 118 27.93 -104.61 171.36
C TYR NG 118 27.75 -105.82 172.26
N GLY NG 119 27.14 -105.60 173.43
CA GLY NG 119 26.83 -106.68 174.36
C GLY NG 119 25.85 -106.23 175.42
N VAL NG 120 25.30 -107.21 176.13
CA VAL NG 120 24.30 -106.96 177.15
C VAL NG 120 25.03 -107.01 178.49
N ARG NG 121 24.79 -105.99 179.31
CA ARG NG 121 25.38 -105.88 180.64
C ARG NG 121 24.25 -106.23 181.60
N ILE NG 122 24.27 -107.46 182.11
CA ILE NG 122 23.18 -107.95 182.95
C ILE NG 122 23.19 -107.21 184.28
N THR NG 123 22.02 -106.75 184.70
CA THR NG 123 21.88 -105.98 185.94
C THR NG 123 21.63 -106.86 187.15
N ASP NG 124 20.76 -107.85 187.03
CA ASP NG 124 20.42 -108.69 188.16
C ASP NG 124 19.79 -109.99 187.66
N ILE NG 125 19.55 -110.90 188.60
CA ILE NG 125 18.87 -112.17 188.35
C ILE NG 125 17.57 -112.16 189.13
N ILE NG 126 16.46 -112.41 188.45
CA ILE NG 126 15.15 -112.30 189.07
C ILE NG 126 14.87 -113.55 189.90
N THR NG 127 14.68 -113.36 191.21
CA THR NG 127 14.22 -114.41 192.08
C THR NG 127 12.73 -114.66 191.82
N PRO NG 128 12.23 -115.85 192.21
CA PRO NG 128 10.81 -116.13 191.96
C PRO NG 128 9.87 -115.09 192.54
N SER NG 129 10.19 -114.54 193.72
CA SER NG 129 9.31 -113.54 194.34
C SER NG 129 9.07 -112.40 193.37
N GLU NG 130 10.14 -111.86 192.81
CA GLU NG 130 9.99 -110.86 191.76
C GLU NG 130 9.17 -111.37 190.58
N ARG NG 131 9.48 -112.59 190.11
CA ARG NG 131 8.68 -113.18 189.01
C ARG NG 131 7.18 -113.18 189.38
N MET NG 132 6.87 -113.49 190.63
CA MET NG 132 5.44 -113.59 191.05
C MET NG 132 4.77 -112.21 190.90
N ARG NG 133 5.47 -111.14 191.28
CA ARG NG 133 4.89 -109.78 191.18
C ARG NG 133 4.88 -109.35 189.70
N ARG NG 134 5.73 -109.99 188.90
CA ARG NG 134 5.82 -109.68 187.44
C ARG NG 134 4.45 -110.14 186.87
N LEU NG 135 4.12 -111.40 187.12
CA LEU NG 135 2.78 -111.91 186.73
C LEU NG 135 1.60 -111.18 187.39
N SER NG 136 1.75 -110.81 188.66
CA SER NG 136 0.64 -110.15 189.41
C SER NG 136 0.43 -108.72 188.89
N ARG NG 137 1.48 -108.05 188.41
CA ARG NG 137 1.29 -106.66 188.02
C ARG NG 137 2.10 -106.34 186.76
N ASP OG 53 21.33 -121.61 193.39
CA ASP OG 53 21.52 -121.35 191.97
C ASP OG 53 20.95 -122.47 191.09
N ILE OG 54 20.88 -123.67 191.66
CA ILE OG 54 20.30 -124.80 190.93
C ILE OG 54 18.82 -124.50 190.73
N ASP OG 55 18.20 -123.85 191.71
CA ASP OG 55 16.79 -123.52 191.62
C ASP OG 55 16.45 -122.68 190.40
N LEU OG 56 17.36 -121.78 190.00
CA LEU OG 56 17.14 -120.98 188.81
C LEU OG 56 17.01 -121.77 187.51
N ILE OG 57 17.86 -122.80 187.37
CA ILE OG 57 17.88 -123.61 186.11
C ILE OG 57 17.19 -124.95 186.38
N MET OG 58 16.30 -125.03 187.36
CA MET OG 58 15.66 -126.29 187.69
C MET OG 58 14.24 -126.10 187.16
N ASP OG 59 13.88 -124.87 186.78
CA ASP OG 59 12.48 -124.60 186.36
C ASP OG 59 12.36 -124.23 184.87
N ILE OG 60 13.45 -123.77 184.24
CA ILE OG 60 13.40 -123.32 182.84
C ILE OG 60 12.86 -124.30 181.80
N PRO OG 61 11.96 -123.85 180.88
CA PRO OG 61 11.47 -124.71 179.78
C PRO OG 61 12.58 -124.99 178.77
N VAL OG 62 12.47 -126.09 178.03
CA VAL OG 62 13.45 -126.47 177.02
C VAL OG 62 12.63 -127.27 176.02
N LYS OG 63 13.15 -127.38 174.80
CA LYS OG 63 12.44 -128.05 173.72
C LYS OG 63 13.07 -129.43 173.55
N LEU OG 64 12.23 -130.45 173.54
CA LEU OG 64 12.68 -131.84 173.42
C LEU OG 64 12.17 -132.39 172.11
N THR OG 65 13.02 -133.15 171.42
CA THR OG 65 12.64 -133.82 170.18
C THR OG 65 13.16 -135.24 170.21
N VAL OG 66 12.57 -136.10 169.38
CA VAL OG 66 13.07 -137.45 169.16
C VAL OG 66 13.05 -137.72 167.67
N GLU OG 67 14.18 -138.14 167.12
CA GLU OG 67 14.30 -138.32 165.68
C GLU OG 67 14.22 -139.80 165.34
N LEU OG 68 13.40 -140.16 164.34
CA LEU OG 68 13.16 -141.57 163.98
C LEU OG 68 14.13 -142.06 162.90
N GLY OG 69 14.64 -141.17 162.06
CA GLY OG 69 15.47 -141.58 160.90
C GLY OG 69 16.63 -140.65 160.66
N ARG OG 70 17.63 -141.12 159.90
CA ARG OG 70 18.82 -140.32 159.54
C ARG OG 70 19.38 -140.86 158.21
N THR OG 71 19.48 -140.01 157.18
CA THR OG 71 19.95 -140.43 155.85
C THR OG 71 20.81 -139.33 155.30
N ARG OG 72 21.85 -139.64 154.54
CA ARG OG 72 22.69 -138.69 153.83
C ARG OG 72 22.37 -138.74 152.34
N MET OG 73 22.12 -137.55 151.76
CA MET OG 73 21.72 -137.53 150.33
C MET OG 73 22.33 -136.35 149.58
N THR OG 74 22.43 -136.47 148.26
CA THR OG 74 22.92 -135.42 147.37
C THR OG 74 21.65 -134.72 146.87
N ILE OG 75 21.81 -133.73 146.00
CA ILE OG 75 20.60 -132.95 145.60
C ILE OG 75 19.96 -133.61 144.37
N LYS OG 76 20.79 -134.28 143.57
CA LYS OG 76 20.19 -135.05 142.47
C LYS OG 76 19.13 -135.88 143.18
N GLU OG 77 19.54 -136.57 144.25
CA GLU OG 77 18.60 -137.48 144.96
C GLU OG 77 17.42 -136.71 145.56
N LEU OG 78 17.67 -135.57 146.22
CA LEU OG 78 16.57 -134.84 146.90
C LEU OG 78 15.56 -134.32 145.87
N LEU OG 79 16.03 -133.76 144.77
CA LEU OG 79 15.16 -133.23 143.71
C LEU OG 79 14.38 -134.38 143.07
N ARG OG 80 15.04 -135.54 142.92
CA ARG OG 80 14.41 -136.71 142.25
C ARG OG 80 13.18 -137.12 143.06
N LEU OG 81 13.26 -137.09 144.39
CA LEU OG 81 12.08 -137.39 145.25
C LEU OG 81 10.87 -136.65 144.65
N THR OG 82 9.71 -137.30 144.50
CA THR OG 82 8.48 -136.60 144.05
C THR OG 82 7.40 -136.82 145.09
N GLN OG 83 6.13 -136.68 144.71
CA GLN OG 83 5.08 -136.99 145.66
C GLN OG 83 4.88 -138.49 145.75
N GLY OG 84 4.83 -139.01 146.97
CA GLY OG 84 4.69 -140.43 147.18
C GLY OG 84 5.99 -141.22 147.15
N SER OG 85 7.12 -140.57 146.89
CA SER OG 85 8.39 -141.27 146.88
C SER OG 85 8.75 -141.73 148.28
N VAL OG 86 9.28 -142.95 148.36
CA VAL OG 86 9.68 -143.54 149.64
C VAL OG 86 11.18 -143.35 149.80
N VAL OG 87 11.59 -142.78 150.92
CA VAL OG 87 12.99 -142.53 151.22
C VAL OG 87 13.42 -143.52 152.31
N ALA OG 88 14.40 -144.36 151.99
CA ALA OG 88 14.92 -145.31 152.96
C ALA OG 88 15.75 -144.64 154.04
N LEU OG 89 15.69 -145.21 155.25
CA LEU OG 89 16.45 -144.73 156.39
C LEU OG 89 17.61 -145.58 156.85
N ASP OG 90 18.79 -144.95 157.04
CA ASP OG 90 19.96 -145.69 157.49
C ASP OG 90 19.67 -146.53 158.77
N GLY OG 91 18.91 -145.93 159.67
CA GLY OG 91 18.41 -146.64 160.83
C GLY OG 91 17.59 -147.90 160.68
N LEU OG 92 18.06 -149.00 161.24
CA LEU OG 92 17.33 -150.25 161.18
C LEU OG 92 16.10 -150.19 162.09
N ALA OG 93 15.13 -151.07 161.82
CA ALA OG 93 13.95 -151.10 162.66
C ALA OG 93 14.29 -151.62 164.05
N GLY OG 94 13.73 -150.97 165.07
CA GLY OG 94 13.92 -151.37 166.44
C GLY OG 94 15.13 -150.79 167.14
N GLU OG 95 16.02 -150.12 166.41
CA GLU OG 95 17.17 -149.51 167.06
C GLU OG 95 16.73 -148.32 167.91
N PRO OG 96 17.42 -147.93 168.99
CA PRO OG 96 16.93 -146.82 169.87
C PRO OG 96 16.94 -145.50 169.12
N LEU OG 97 15.80 -144.78 169.08
CA LEU OG 97 15.69 -143.45 168.42
C LEU OG 97 16.56 -142.44 169.17
N ASP OG 98 17.23 -141.52 168.49
CA ASP OG 98 17.98 -140.47 169.24
C ASP OG 98 16.98 -139.52 169.91
N ILE OG 99 17.25 -139.04 171.11
CA ILE OG 99 16.45 -138.02 171.79
C ILE OG 99 17.34 -136.79 171.97
N LEU OG 100 16.89 -135.66 171.46
CA LEU OG 100 17.67 -134.44 171.40
C LEU OG 100 17.01 -133.36 172.23
N ILE OG 101 17.83 -132.51 172.84
CA ILE OG 101 17.37 -131.36 173.60
C ILE OG 101 17.98 -130.13 172.94
N ASN OG 102 17.13 -129.32 172.31
CA ASN OG 102 17.58 -128.16 171.55
C ASN OG 102 18.61 -128.56 170.50
N GLY OG 103 18.41 -129.74 169.91
CA GLY OG 103 19.34 -130.26 168.93
C GLY OG 103 20.56 -130.96 169.49
N TYR OG 104 20.60 -131.21 170.80
CA TYR OG 104 21.74 -131.84 171.45
C TYR OG 104 21.34 -133.23 171.92
N LEU OG 105 22.07 -134.25 171.45
CA LEU OG 105 21.74 -135.62 171.79
C LEU OG 105 22.15 -135.92 173.23
N ILE OG 106 21.22 -136.50 174.00
CA ILE OG 106 21.51 -136.84 175.39
C ILE OG 106 21.17 -138.31 175.67
N ALA OG 107 20.28 -138.89 174.89
CA ALA OG 107 19.75 -140.20 175.25
C ALA OG 107 19.26 -140.96 174.02
N GLN OG 108 19.08 -142.26 174.20
CA GLN OG 108 18.55 -143.14 173.19
C GLN OG 108 17.40 -143.95 173.76
N GLY OG 109 16.34 -144.12 172.97
CA GLY OG 109 15.21 -144.90 173.40
C GLY OG 109 14.22 -145.35 172.35
N GLU OG 110 13.52 -146.43 172.64
CA GLU OG 110 12.55 -146.97 171.69
C GLU OG 110 11.22 -146.25 171.56
N VAL OG 111 10.51 -146.51 170.48
CA VAL OG 111 9.31 -145.76 170.11
C VAL OG 111 8.21 -146.59 170.75
N VAL OG 112 7.25 -145.89 171.37
CA VAL OG 112 6.08 -146.52 171.95
C VAL OG 112 4.95 -145.49 171.95
N VAL OG 113 3.72 -145.95 171.74
CA VAL OG 113 2.56 -145.07 171.68
C VAL OG 113 1.69 -145.31 172.90
N VAL OG 114 1.34 -144.21 173.58
CA VAL OG 114 0.53 -144.30 174.83
C VAL OG 114 -0.72 -143.43 174.69
N ALA OG 115 -1.92 -144.01 174.88
CA ALA OG 115 -3.19 -143.22 174.86
C ALA OG 115 -3.35 -142.51 173.52
N ASP OG 116 -2.95 -143.16 172.41
CA ASP OG 116 -3.12 -142.60 171.03
C ASP OG 116 -2.25 -141.36 170.81
N LYS OG 117 -1.20 -141.17 171.61
CA LYS OG 117 -0.26 -140.03 171.43
C LYS OG 117 1.14 -140.61 171.33
N TYR OG 118 1.95 -140.12 170.39
CA TYR OG 118 3.35 -140.60 170.25
C TYR OG 118 4.14 -140.50 171.55
N GLY OG 119 5.09 -141.41 171.75
CA GLY OG 119 5.94 -141.36 172.93
C GLY OG 119 7.23 -142.12 172.69
N VAL OG 120 8.08 -142.11 173.71
CA VAL OG 120 9.37 -142.78 173.64
C VAL OG 120 9.78 -143.18 175.04
N ARG OG 121 10.30 -144.40 175.17
CA ARG OG 121 10.84 -144.91 176.43
C ARG OG 121 12.34 -144.74 176.47
N ILE OG 122 12.83 -144.05 177.50
CA ILE OG 122 14.26 -143.77 177.60
C ILE OG 122 15.01 -145.06 177.93
N THR OG 123 15.59 -145.69 176.91
CA THR OG 123 16.35 -146.91 177.14
C THR OG 123 17.64 -146.60 177.90
N ASP OG 124 18.38 -145.58 177.47
CA ASP OG 124 19.61 -145.24 178.15
C ASP OG 124 19.99 -143.80 177.86
N ILE OG 125 20.88 -143.27 178.68
CA ILE OG 125 21.48 -141.96 178.44
C ILE OG 125 22.91 -142.17 177.97
N ILE OG 126 23.25 -141.61 176.83
CA ILE OG 126 24.58 -141.82 176.24
C ILE OG 126 25.61 -141.00 177.00
N THR OG 127 26.65 -141.68 177.46
CA THR OG 127 27.85 -141.10 178.01
C THR OG 127 28.73 -140.57 176.88
N PRO OG 128 29.49 -139.49 177.09
CA PRO OG 128 30.20 -138.85 175.97
C PRO OG 128 31.22 -139.78 175.31
N SER OG 129 31.35 -141.03 175.75
CA SER OG 129 32.25 -141.95 175.08
C SER OG 129 31.68 -142.22 173.69
N GLU OG 130 30.35 -142.31 173.55
CA GLU OG 130 29.72 -142.64 172.25
C GLU OG 130 29.70 -141.43 171.30
N ARG OG 131 29.91 -140.22 171.82
CA ARG OG 131 29.84 -139.00 171.04
C ARG OG 131 30.96 -138.98 170.01
N MET OG 132 32.15 -139.42 170.41
CA MET OG 132 33.25 -139.53 169.42
C MET OG 132 32.74 -140.40 168.26
N ARG OG 133 32.14 -141.54 168.58
CA ARG OG 133 31.61 -142.48 167.54
C ARG OG 133 30.40 -141.91 166.77
N ARG OG 134 29.70 -140.93 167.36
CA ARG OG 134 28.54 -140.31 166.67
C ARG OG 134 29.06 -139.52 165.46
N LEU OG 135 30.38 -139.33 165.38
CA LEU OG 135 30.99 -138.58 164.23
C LEU OG 135 32.22 -139.35 163.73
N ALA PG 37 50.84 -109.67 159.25
CA ALA PG 37 50.36 -108.81 158.18
C ALA PG 37 50.38 -109.54 156.84
N VAL PG 38 50.45 -110.87 156.90
CA VAL PG 38 50.48 -111.69 155.69
C VAL PG 38 49.15 -111.61 154.94
N PHE PG 39 48.04 -111.72 155.66
CA PHE PG 39 46.73 -111.69 155.02
C PHE PG 39 46.45 -110.29 154.48
N GLN PG 40 45.85 -110.23 153.29
CA GLN PG 40 45.55 -108.97 152.64
C GLN PG 40 44.11 -108.61 152.97
N GLN PG 41 43.89 -107.34 153.31
CA GLN PG 41 42.59 -106.90 153.80
C GLN PG 41 41.58 -106.69 152.68
N LEU PG 42 40.59 -107.57 152.61
CA LEU PG 42 39.54 -107.51 151.61
C LEU PG 42 38.32 -106.71 152.08
N GLY PG 43 37.81 -105.86 151.20
CA GLY PG 43 36.65 -105.05 151.54
C GLY PG 43 35.98 -104.53 150.28
N GLY PG 44 34.74 -104.11 150.44
CA GLY PG 44 33.97 -103.61 149.32
C GLY PG 44 33.69 -104.66 148.26
N GLY PG 45 33.39 -105.88 148.68
CA GLY PG 45 33.16 -106.96 147.73
C GLY PG 45 31.69 -107.23 147.50
N ASP PG 46 30.83 -106.33 147.96
CA ASP PG 46 29.38 -106.47 147.78
C ASP PG 46 29.01 -105.97 146.38
N VAL PG 47 29.39 -106.75 145.38
CA VAL PG 47 29.14 -106.37 144.00
C VAL PG 47 27.66 -106.45 143.68
N SER PG 48 27.09 -107.65 143.78
CA SER PG 48 25.68 -107.87 143.51
C SER PG 48 25.32 -109.27 144.00
N GLY PG 49 24.05 -109.61 143.90
CA GLY PG 49 23.57 -110.93 144.27
C GLY PG 49 22.43 -111.40 143.39
N ALA PG 50 22.59 -112.57 142.77
CA ALA PG 50 21.54 -113.12 141.93
C ALA PG 50 21.69 -114.64 141.91
N MET PG 51 20.58 -115.34 142.15
CA MET PG 51 20.59 -116.79 142.09
C MET PG 51 20.99 -117.25 140.69
N GLN PG 52 21.89 -118.22 140.63
CA GLN PG 52 22.41 -118.65 139.35
C GLN PG 52 21.54 -119.82 138.88
N ASP PG 53 21.61 -120.94 139.59
CA ASP PG 53 20.88 -122.15 139.26
C ASP PG 53 21.19 -123.15 140.36
N ILE PG 54 20.38 -124.20 140.44
CA ILE PG 54 20.49 -125.16 141.55
C ILE PG 54 21.36 -126.37 141.23
N ASP PG 55 22.00 -126.36 140.05
CA ASP PG 55 22.91 -127.44 139.66
C ASP PG 55 24.38 -127.11 139.87
N LEU PG 56 24.70 -125.85 140.15
CA LEU PG 56 26.11 -125.49 140.47
C LEU PG 56 26.41 -126.16 141.81
N ILE PG 57 25.43 -126.19 142.70
CA ILE PG 57 25.59 -126.72 144.09
C ILE PG 57 25.03 -128.15 144.21
N MET PG 58 24.65 -128.80 143.11
CA MET PG 58 23.94 -130.10 143.22
C MET PG 58 24.53 -131.27 144.01
N ASP PG 59 25.71 -131.74 143.61
CA ASP PG 59 26.31 -132.93 144.27
C ASP PG 59 26.93 -132.50 145.60
N ILE PG 60 26.14 -131.81 146.42
CA ILE PG 60 26.64 -131.43 147.78
C ILE PG 60 25.83 -132.27 148.77
N PRO PG 61 26.45 -133.01 149.70
CA PRO PG 61 25.71 -133.92 150.61
C PRO PG 61 24.77 -133.12 151.49
N VAL PG 62 23.56 -133.65 151.70
CA VAL PG 62 22.57 -132.97 152.60
C VAL PG 62 22.37 -133.90 153.79
N LYS PG 63 22.02 -133.33 154.94
CA LYS PG 63 21.79 -134.17 156.12
C LYS PG 63 20.28 -134.29 156.31
N LEU PG 64 19.72 -135.37 155.78
CA LEU PG 64 18.28 -135.59 155.89
C LEU PG 64 17.95 -136.33 157.18
N THR PG 65 16.90 -135.87 157.86
CA THR PG 65 16.51 -136.43 159.13
C THR PG 65 14.99 -136.36 159.26
N VAL PG 66 14.37 -137.49 159.57
CA VAL PG 66 12.94 -137.55 159.85
C VAL PG 66 12.70 -137.49 161.34
N GLU PG 67 11.73 -136.69 161.75
CA GLU PG 67 11.44 -136.46 163.17
C GLU PG 67 10.16 -137.14 163.65
N LEU PG 68 10.27 -137.89 164.75
CA LEU PG 68 9.14 -138.66 165.22
C LEU PG 68 8.13 -137.73 165.88
N GLY PG 69 8.61 -136.85 166.76
CA GLY PG 69 7.69 -135.96 167.46
C GLY PG 69 8.40 -134.87 168.22
N ARG PG 70 7.58 -134.02 168.83
CA ARG PG 70 8.03 -132.87 169.59
C ARG PG 70 7.30 -132.90 170.92
N THR PG 71 7.78 -132.12 171.87
CA THR PG 71 7.14 -131.90 173.14
C THR PG 71 7.88 -130.78 173.85
N ARG PG 72 7.14 -129.77 174.28
CA ARG PG 72 7.71 -128.70 175.11
C ARG PG 72 7.65 -129.16 176.56
N MET PG 73 8.81 -129.23 177.19
CA MET PG 73 8.89 -129.73 178.56
C MET PG 73 10.03 -128.99 179.26
N THR PG 74 9.84 -128.74 180.55
CA THR PG 74 10.83 -128.02 181.32
C THR PG 74 11.79 -128.98 182.01
N ILE PG 75 12.81 -128.41 182.65
CA ILE PG 75 13.78 -129.21 183.38
C ILE PG 75 13.15 -129.92 184.58
N LYS PG 76 12.01 -129.40 185.06
CA LYS PG 76 11.28 -130.02 186.16
C LYS PG 76 11.12 -131.52 185.95
N GLU PG 77 10.40 -131.91 184.91
CA GLU PG 77 10.25 -133.34 184.62
C GLU PG 77 11.51 -133.92 184.03
N LEU PG 78 12.35 -133.11 183.39
CA LEU PG 78 13.58 -133.63 182.81
C LEU PG 78 14.50 -134.50 183.64
N LEU PG 79 14.83 -134.08 184.86
CA LEU PG 79 15.64 -134.95 185.72
C LEU PG 79 14.78 -136.04 186.41
N ARG PG 80 13.48 -135.76 186.52
CA ARG PG 80 12.57 -136.79 187.09
C ARG PG 80 12.67 -138.05 186.23
N LEU PG 81 13.03 -137.89 184.94
CA LEU PG 81 13.19 -139.02 184.05
C LEU PG 81 14.22 -140.08 184.38
N THR PG 82 13.76 -141.33 184.48
CA THR PG 82 14.62 -142.48 184.74
C THR PG 82 14.55 -143.45 183.56
N GLN PG 83 15.34 -144.51 183.65
CA GLN PG 83 15.31 -145.54 182.62
C GLN PG 83 13.97 -146.26 182.64
N GLY PG 84 13.41 -146.49 181.46
CA GLY PG 84 12.11 -147.12 181.35
C GLY PG 84 10.94 -146.18 181.44
N SER PG 85 11.17 -144.90 181.72
CA SER PG 85 10.09 -143.93 181.74
C SER PG 85 9.60 -143.65 180.32
N VAL PG 86 8.39 -143.12 180.22
CA VAL PG 86 7.75 -142.83 178.94
C VAL PG 86 7.42 -141.35 178.89
N VAL PG 87 7.84 -140.70 177.81
CA VAL PG 87 7.60 -139.28 177.59
C VAL PG 87 6.59 -139.13 176.46
N ALA PG 88 5.43 -138.54 176.76
CA ALA PG 88 4.43 -138.32 175.74
C ALA PG 88 4.87 -137.16 174.84
N LEU PG 89 4.62 -137.32 173.54
CA LEU PG 89 4.98 -136.33 172.54
C LEU PG 89 3.73 -135.57 172.12
N ASP PG 90 3.91 -134.29 171.77
CA ASP PG 90 2.79 -133.47 171.34
C ASP PG 90 2.12 -134.01 170.09
N GLY PG 91 2.90 -134.57 169.17
CA GLY PG 91 2.34 -135.12 167.94
C GLY PG 91 1.40 -136.27 168.18
N LEU PG 92 0.21 -136.19 167.61
CA LEU PG 92 -0.76 -137.28 167.70
C LEU PG 92 -0.26 -138.48 166.91
N ALA PG 93 -0.56 -139.68 167.43
CA ALA PG 93 -0.11 -140.89 166.77
C ALA PG 93 -0.75 -141.04 165.40
N GLY PG 94 0.05 -141.46 164.43
CA GLY PG 94 -0.42 -141.63 163.07
C GLY PG 94 -0.39 -140.39 162.22
N GLU PG 95 -0.05 -139.24 162.78
CA GLU PG 95 0.05 -138.03 162.00
C GLU PG 95 1.29 -138.08 161.10
N PRO PG 96 1.30 -137.32 160.01
CA PRO PG 96 2.49 -137.26 159.17
C PRO PG 96 3.69 -136.74 159.94
N LEU PG 97 4.84 -137.36 159.71
CA LEU PG 97 6.08 -136.99 160.37
C LEU PG 97 6.77 -135.88 159.59
N ASP PG 98 7.73 -135.24 160.25
CA ASP PG 98 8.42 -134.09 159.69
C ASP PG 98 9.76 -134.51 159.10
N ILE PG 99 10.11 -133.91 157.97
CA ILE PG 99 11.36 -134.20 157.29
C ILE PG 99 12.18 -132.92 157.23
N LEU PG 100 13.42 -132.98 157.66
CA LEU PG 100 14.31 -131.83 157.69
C LEU PG 100 15.58 -132.15 156.92
N ILE PG 101 16.14 -131.15 156.26
CA ILE PG 101 17.46 -131.25 155.65
C ILE PG 101 18.36 -130.22 156.31
N ASN PG 102 19.44 -130.68 156.94
CA ASN PG 102 20.32 -129.83 157.73
C ASN PG 102 19.54 -129.09 158.81
N GLY PG 103 18.54 -129.74 159.37
CA GLY PG 103 17.76 -129.17 160.45
C GLY PG 103 16.71 -128.17 160.05
N TYR PG 104 16.41 -128.05 158.75
CA TYR PG 104 15.41 -127.11 158.27
C TYR PG 104 14.23 -127.91 157.74
N LEU PG 105 13.04 -127.62 158.26
CA LEU PG 105 11.85 -128.37 157.86
C LEU PG 105 11.48 -128.03 156.42
N ILE PG 106 11.30 -129.05 155.60
CA ILE PG 106 10.95 -128.87 154.20
C ILE PG 106 9.64 -129.56 153.85
N ALA PG 107 9.41 -130.76 154.36
CA ALA PG 107 8.27 -131.54 153.90
C ALA PG 107 7.71 -132.38 155.05
N GLN PG 108 6.49 -132.85 154.84
CA GLN PG 108 5.82 -133.78 155.73
C GLN PG 108 5.57 -135.07 154.99
N GLY PG 109 5.95 -136.19 155.63
CA GLY PG 109 5.85 -137.49 155.01
C GLY PG 109 5.12 -138.43 155.95
N GLU PG 110 5.11 -139.71 155.56
CA GLU PG 110 4.45 -140.76 156.32
C GLU PG 110 5.40 -141.93 156.42
N VAL PG 111 5.47 -142.54 157.60
CA VAL PG 111 6.42 -143.61 157.86
C VAL PG 111 5.90 -144.95 157.35
N VAL PG 112 6.77 -145.70 156.66
CA VAL PG 112 6.43 -147.00 156.11
C VAL PG 112 7.59 -147.95 156.39
N VAL PG 113 7.30 -149.25 156.38
CA VAL PG 113 8.29 -150.29 156.61
C VAL PG 113 8.45 -151.07 155.31
N VAL PG 114 9.67 -151.06 154.78
CA VAL PG 114 9.96 -151.80 153.52
C VAL PG 114 11.16 -152.74 153.73
N ALA PG 115 10.92 -154.06 153.60
CA ALA PG 115 12.00 -155.07 153.80
C ALA PG 115 12.65 -154.96 155.17
N ASP PG 116 11.88 -154.66 156.23
CA ASP PG 116 12.40 -154.62 157.62
C ASP PG 116 13.31 -153.40 157.81
N LYS PG 117 13.21 -152.42 156.90
CA LYS PG 117 14.01 -151.18 157.01
C LYS PG 117 13.06 -149.98 157.10
N TYR PG 118 13.33 -149.03 157.99
CA TYR PG 118 12.40 -147.92 158.14
C TYR PG 118 12.51 -146.97 156.97
N GLY PG 119 11.37 -146.47 156.51
CA GLY PG 119 11.33 -145.56 155.38
C GLY PG 119 10.19 -144.59 155.51
N VAL PG 120 10.44 -143.35 155.13
CA VAL PG 120 9.42 -142.32 155.08
C VAL PG 120 8.96 -142.14 153.65
N ARG PG 121 7.68 -141.82 153.48
CA ARG PG 121 7.09 -141.57 152.17
C ARG PG 121 6.68 -140.11 152.11
N ILE PG 122 7.37 -139.34 151.28
CA ILE PG 122 7.11 -137.90 151.19
C ILE PG 122 5.69 -137.69 150.69
N THR PG 123 4.93 -136.90 151.44
CA THR PG 123 3.55 -136.59 151.08
C THR PG 123 3.35 -135.18 150.59
N ASP PG 124 3.86 -134.16 151.29
CA ASP PG 124 3.62 -132.80 150.83
C ASP PG 124 4.66 -131.86 151.40
N ILE PG 125 5.19 -130.98 150.54
CA ILE PG 125 6.06 -129.91 151.01
C ILE PG 125 5.25 -128.92 151.82
N ILE PG 126 5.75 -128.58 153.01
CA ILE PG 126 4.99 -127.71 153.89
C ILE PG 126 4.85 -126.32 153.28
N THR PG 127 3.83 -125.61 153.71
CA THR PG 127 3.47 -124.27 153.31
C THR PG 127 4.01 -123.25 154.30
N PRO PG 128 4.23 -122.01 153.86
CA PRO PG 128 4.69 -120.98 154.82
C PRO PG 128 3.72 -120.78 155.99
N SER PG 129 2.42 -120.89 155.74
CA SER PG 129 1.46 -120.82 156.84
C SER PG 129 1.59 -121.88 157.92
N GLU PG 130 1.79 -123.14 157.53
CA GLU PG 130 2.00 -124.19 158.51
C GLU PG 130 3.40 -124.09 159.17
N ARG PG 131 4.35 -123.53 158.42
CA ARG PG 131 5.67 -123.27 158.98
C ARG PG 131 5.52 -122.34 160.18
N MET PG 132 4.83 -121.23 160.02
CA MET PG 132 4.58 -120.33 161.13
C MET PG 132 3.65 -120.87 162.22
N ARG PG 133 2.73 -121.76 161.82
CA ARG PG 133 1.88 -122.44 162.78
C ARG PG 133 2.82 -123.27 163.63
N ARG PG 134 3.77 -123.95 163.00
CA ARG PG 134 4.77 -124.69 163.76
C ARG PG 134 5.56 -123.79 164.68
N LEU PG 135 5.92 -122.59 164.20
CA LEU PG 135 6.74 -121.69 165.00
C LEU PG 135 6.02 -121.27 166.28
N SER PG 136 4.74 -120.94 166.17
CA SER PG 136 3.96 -120.52 167.34
C SER PG 136 3.49 -121.72 168.15
N LYS QG 514 -48.40 -144.21 65.82
CA LYS QG 514 -47.04 -144.38 66.31
C LYS QG 514 -46.89 -145.66 67.11
N ASP QG 515 -47.96 -146.03 67.83
CA ASP QG 515 -47.93 -147.25 68.62
C ASP QG 515 -47.81 -148.49 67.73
N GLU QG 516 -48.54 -148.50 66.60
CA GLU QG 516 -48.46 -149.65 65.70
C GLU QG 516 -47.07 -149.78 65.08
N GLN QG 517 -46.47 -148.65 64.69
CA GLN QG 517 -45.12 -148.69 64.13
C GLN QG 517 -44.12 -149.18 65.17
N LEU QG 518 -44.25 -148.72 66.41
CA LEU QG 518 -43.37 -149.19 67.48
C LEU QG 518 -43.54 -150.67 67.72
N GLN QG 519 -44.79 -151.16 67.69
CA GLN QG 519 -45.03 -152.59 67.88
C GLN QG 519 -44.43 -153.40 66.74
N GLN QG 520 -44.56 -152.92 65.50
CA GLN QG 520 -43.96 -153.62 64.37
C GLN QG 520 -42.44 -153.65 64.46
N ARG QG 521 -41.84 -152.52 64.86
CA ARG QG 521 -40.39 -152.49 65.04
C ARG QG 521 -39.95 -153.44 66.15
N ARG QG 522 -40.71 -153.50 67.24
CA ARG QG 522 -40.39 -154.42 68.32
C ARG QG 522 -40.51 -155.87 67.87
N ALA QG 523 -41.52 -156.18 67.06
CA ALA QG 523 -41.67 -157.54 66.55
C ALA QG 523 -40.51 -157.92 65.64
N ASN QG 524 -40.11 -157.00 64.75
CA ASN QG 524 -38.96 -157.27 63.89
C ASN QG 524 -37.70 -157.46 64.71
N GLN QG 525 -37.50 -156.62 65.74
CA GLN QG 525 -36.34 -156.76 66.60
C GLN QG 525 -36.35 -158.09 67.35
N ARG QG 526 -37.53 -158.52 67.82
CA ARG QG 526 -37.66 -159.76 68.56
C ARG QG 526 -37.63 -161.00 67.67
N LEU QG 527 -37.81 -160.81 66.36
CA LEU QG 527 -37.79 -161.93 65.38
C LEU QG 527 -36.36 -162.08 64.88
N GLY QG 528 -35.75 -161.00 64.41
CA GLY QG 528 -34.37 -161.03 63.91
C GLY QG 528 -33.36 -161.32 65.00
N ALA QG 529 -33.64 -160.93 66.25
CA ALA QG 529 -32.75 -161.22 67.39
C ALA QG 529 -32.90 -162.71 67.71
N GLU QG 530 -34.13 -163.22 67.64
CA GLU QG 530 -34.39 -164.66 67.90
C GLU QG 530 -33.66 -165.47 66.83
N VAL QG 531 -33.67 -164.92 65.58
CA VAL QG 531 -32.88 -165.50 64.44
C VAL QG 531 -31.39 -165.28 64.74
N MET QG 532 -31.04 -164.10 65.24
CA MET QG 532 -29.63 -163.75 65.55
C MET QG 532 -29.11 -164.68 66.65
N SER QG 533 -29.94 -164.96 67.66
CA SER QG 533 -29.53 -165.86 68.77
C SER QG 533 -29.29 -167.25 68.20
N GLN QG 534 -30.15 -167.71 67.29
CA GLN QG 534 -29.96 -169.03 66.62
C GLN QG 534 -28.67 -168.97 65.79
N ARG QG 535 -28.43 -167.85 65.11
CA ARG QG 535 -27.23 -167.67 64.24
C ARG QG 535 -25.96 -167.73 65.09
N ILE QG 536 -25.96 -167.14 66.28
CA ILE QG 536 -24.73 -167.05 67.15
C ILE QG 536 -24.44 -168.44 67.73
N ARG QG 537 -25.45 -169.32 67.84
CA ARG QG 537 -25.27 -170.66 68.37
C ARG QG 537 -24.62 -171.57 67.35
N GLU QG 538 -25.04 -171.49 66.10
CA GLU QG 538 -24.41 -172.27 65.04
C GLU QG 538 -22.94 -171.89 64.88
N MET QG 539 -22.65 -170.59 64.89
CA MET QG 539 -21.27 -170.14 64.74
C MET QG 539 -20.39 -170.57 65.90
N SER QG 540 -20.90 -170.49 67.13
CA SER QG 540 -20.14 -170.90 68.31
C SER QG 540 -19.93 -172.40 68.34
N ASP QG 541 -20.93 -173.18 67.92
CA ASP QG 541 -20.73 -174.61 67.78
C ASP QG 541 -19.70 -174.94 66.71
N ASN QG 542 -19.64 -174.15 65.64
CA ASN QG 542 -18.61 -174.33 64.63
C ASN QG 542 -17.22 -174.04 65.21
N ASP QG 543 -17.09 -172.96 65.98
CA ASP QG 543 -15.82 -172.54 66.55
C ASP QG 543 -16.07 -171.94 67.93
N PRO QG 544 -15.84 -172.72 69.00
CA PRO QG 544 -16.06 -172.16 70.35
C PRO QG 544 -14.94 -171.27 70.83
N ARG QG 545 -13.69 -171.59 70.49
CA ARG QG 545 -12.56 -170.79 70.98
C ARG QG 545 -12.46 -169.45 70.25
N VAL QG 546 -12.94 -169.38 69.01
CA VAL QG 546 -12.88 -168.13 68.26
C VAL QG 546 -13.71 -167.05 68.93
N VAL QG 547 -14.89 -167.43 69.44
CA VAL QG 547 -15.75 -166.46 70.13
C VAL QG 547 -15.07 -165.95 71.40
N ALA QG 548 -14.44 -166.84 72.17
CA ALA QG 548 -13.74 -166.40 73.37
C ALA QG 548 -12.57 -165.49 73.03
N LEU QG 549 -11.83 -165.82 71.97
CA LEU QG 549 -10.73 -164.98 71.55
C LEU QG 549 -11.22 -163.60 71.12
N VAL QG 550 -12.33 -163.54 70.39
CA VAL QG 550 -12.89 -162.26 69.96
C VAL QG 550 -13.34 -161.46 71.17
N ILE QG 551 -13.95 -162.12 72.15
CA ILE QG 551 -14.38 -161.43 73.37
C ILE QG 551 -13.19 -160.87 74.11
N ARG QG 552 -12.11 -161.65 74.22
CA ARG QG 552 -10.90 -161.16 74.89
C ARG QG 552 -10.29 -159.99 74.15
N GLN QG 553 -10.29 -160.05 72.81
CA GLN QG 553 -9.78 -158.94 72.00
C GLN QG 553 -10.63 -157.69 72.20
N TRP QG 554 -11.95 -157.85 72.32
CA TRP QG 554 -12.82 -156.71 72.58
C TRP QG 554 -12.51 -156.07 73.92
N MET QG 555 -12.28 -156.89 74.95
CA MET QG 555 -11.91 -156.35 76.25
C MET QG 555 -10.56 -155.66 76.21
N SER QG 556 -9.59 -156.23 75.48
CA SER QG 556 -8.28 -155.60 75.36
C SER QG 556 -8.38 -154.25 74.65
N ASN QG 557 -9.19 -154.18 73.60
CA ASN QG 557 -9.37 -152.92 72.88
C ASN QG 557 -10.17 -151.92 73.72
N ASP QG 558 -11.00 -152.41 74.65
CA ASP QG 558 -11.78 -151.51 75.50
C ASP QG 558 -10.88 -150.69 76.41
N HIS QG 559 -9.69 -151.19 76.72
CA HIS QG 559 -8.75 -150.46 77.57
C HIS QG 559 -8.18 -149.24 76.86
N GLY RG 6 -17.31 -152.82 75.35
CA GLY RG 6 -17.43 -154.07 74.64
C GLY RG 6 -17.62 -155.27 75.56
N THR RG 7 -17.07 -155.15 76.77
CA THR RG 7 -17.19 -156.22 77.76
C THR RG 7 -18.65 -156.42 78.17
N ASP RG 8 -19.39 -155.32 78.37
CA ASP RG 8 -20.80 -155.42 78.72
C ASP RG 8 -21.59 -156.09 77.59
N LYS RG 9 -21.29 -155.72 76.34
CA LYS RG 9 -21.95 -156.34 75.21
C LYS RG 9 -21.62 -157.83 75.14
N SER RG 10 -20.36 -158.19 75.41
CA SER RG 10 -19.97 -159.59 75.41
C SER RG 10 -20.70 -160.36 76.50
N VAL RG 11 -20.83 -159.75 77.69
CA VAL RG 11 -21.56 -160.39 78.78
C VAL RG 11 -23.03 -160.59 78.42
N ILE RG 12 -23.64 -159.57 77.80
CA ILE RG 12 -25.03 -159.68 77.40
C ILE RG 12 -25.21 -160.78 76.36
N LEU RG 13 -24.29 -160.85 75.38
CA LEU RG 13 -24.36 -161.90 74.37
C LEU RG 13 -24.19 -163.29 74.98
N LEU RG 14 -23.28 -163.43 75.93
CA LEU RG 14 -23.07 -164.70 76.61
C LEU RG 14 -24.32 -165.11 77.40
N MET RG 15 -24.94 -164.14 78.08
CA MET RG 15 -26.17 -164.43 78.82
C MET RG 15 -27.29 -164.84 77.88
N THR RG 16 -27.40 -164.17 76.73
CA THR RG 16 -28.46 -164.50 75.77
C THR RG 16 -28.16 -165.78 74.99
N ILE RG 17 -26.92 -166.26 75.02
CA ILE RG 17 -26.57 -167.45 74.25
C ILE RG 17 -27.12 -168.70 74.93
N GLY RG 18 -26.79 -168.88 76.19
CA GLY RG 18 -27.24 -170.05 76.93
C GLY RG 18 -26.20 -170.55 77.92
N GLU RG 19 -26.62 -171.43 78.83
CA GLU RG 19 -25.72 -171.90 79.88
C GLU RG 19 -24.59 -172.76 79.30
N ASP RG 20 -24.92 -173.67 78.38
CA ASP RG 20 -23.92 -174.59 77.85
C ASP RG 20 -22.89 -173.85 77.00
N ARG RG 21 -23.35 -172.99 76.10
CA ARG RG 21 -22.43 -172.24 75.25
C ARG RG 21 -21.54 -171.32 76.07
N ALA RG 22 -22.12 -170.63 77.07
CA ALA RG 22 -21.33 -169.77 77.92
C ALA RG 22 -20.31 -170.56 78.73
N ALA RG 23 -20.70 -171.73 79.22
CA ALA RG 23 -19.78 -172.58 79.97
C ALA RG 23 -18.62 -173.03 79.09
N GLU RG 24 -18.92 -173.43 77.84
CA GLU RG 24 -17.86 -173.82 76.92
C GLU RG 24 -16.94 -172.66 76.62
N VAL RG 25 -17.49 -171.47 76.41
CA VAL RG 25 -16.67 -170.29 76.14
C VAL RG 25 -15.77 -169.97 77.33
N PHE RG 26 -16.32 -170.06 78.55
CA PHE RG 26 -15.52 -169.81 79.74
C PHE RG 26 -14.41 -170.84 79.87
N LYS RG 27 -14.72 -172.11 79.59
CA LYS RG 27 -13.68 -173.14 79.58
C LYS RG 27 -12.62 -172.87 78.52
N HIS RG 28 -12.98 -172.17 77.44
CA HIS RG 28 -12.03 -171.74 76.42
C HIS RG 28 -11.58 -170.31 76.63
N LEU RG 29 -11.69 -169.79 77.85
CA LEU RG 29 -11.34 -168.41 78.17
C LEU RG 29 -10.37 -168.37 79.34
N SER RG 30 -9.62 -167.27 79.43
CA SER RG 30 -8.66 -167.08 80.50
C SER RG 30 -9.35 -166.82 81.82
N THR RG 31 -8.57 -166.97 82.91
CA THR RG 31 -9.13 -166.83 84.26
C THR RG 31 -9.67 -165.43 84.53
N ARG RG 32 -8.87 -164.42 84.20
CA ARG RG 32 -9.31 -163.03 84.42
C ARG RG 32 -10.52 -162.71 83.56
N GLU RG 33 -10.50 -163.11 82.30
CA GLU RG 33 -11.62 -162.86 81.41
C GLU RG 33 -12.88 -163.59 81.90
N VAL RG 34 -12.72 -164.84 82.33
CA VAL RG 34 -13.87 -165.61 82.82
C VAL RG 34 -14.46 -164.96 84.06
N GLN RG 35 -13.59 -164.53 84.98
CA GLN RG 35 -14.06 -163.88 86.20
C GLN RG 35 -14.79 -162.58 85.88
N ALA RG 36 -14.23 -161.78 84.98
CA ALA RG 36 -14.86 -160.52 84.60
C ALA RG 36 -16.21 -160.76 83.94
N LEU RG 37 -16.28 -161.74 83.04
CA LEU RG 37 -17.54 -162.05 82.38
C LEU RG 37 -18.60 -162.55 83.36
N SER RG 38 -18.20 -163.41 84.31
CA SER RG 38 -19.14 -163.90 85.30
C SER RG 38 -19.64 -162.77 86.20
N THR RG 39 -18.74 -161.87 86.60
CA THR RG 39 -19.14 -160.78 87.49
C THR RG 39 -20.05 -159.79 86.77
N ALA RG 40 -19.67 -159.35 85.57
CA ALA RG 40 -20.40 -158.30 84.88
C ALA RG 40 -21.80 -158.74 84.48
N MET RG 41 -21.93 -159.99 84.00
CA MET RG 41 -23.22 -160.47 83.51
C MET RG 41 -24.26 -160.46 84.61
N ALA RG 42 -23.91 -160.99 85.80
CA ALA RG 42 -24.86 -161.02 86.90
C ALA RG 42 -24.95 -159.67 87.60
N ASN RG 43 -23.88 -158.87 87.49
CA ASN RG 43 -23.86 -157.55 88.18
C ASN RG 43 -24.81 -156.50 87.63
N VAL RG 44 -24.55 -155.99 86.43
CA VAL RG 44 -25.47 -155.02 85.79
C VAL RG 44 -25.51 -155.49 84.33
N ARG RG 45 -26.71 -155.74 83.81
CA ARG RG 45 -26.85 -156.17 82.38
C ARG RG 45 -27.62 -155.09 81.63
N GLN RG 46 -27.08 -154.64 80.49
CA GLN RG 46 -27.75 -153.58 79.69
C GLN RG 46 -28.13 -154.14 78.32
N ILE RG 47 -29.37 -153.94 77.89
CA ILE RG 47 -29.81 -154.40 76.53
C ILE RG 47 -30.21 -153.17 75.71
N SER RG 48 -29.67 -153.04 74.50
CA SER RG 48 -29.97 -151.85 73.65
C SER RG 48 -30.69 -152.31 72.37
N ASN RG 49 -31.83 -151.68 72.05
CA ASN RG 49 -32.60 -152.08 70.84
C ASN RG 49 -31.73 -151.89 69.59
N LYS RG 50 -30.90 -150.83 69.57
CA LYS RG 50 -30.09 -150.53 68.36
C LYS RG 50 -28.60 -150.66 68.66
N GLN RG 51 -28.09 -150.04 69.72
CA GLN RG 51 -26.65 -150.05 69.92
C GLN RG 51 -26.10 -151.47 70.05
N LEU RG 52 -26.80 -152.34 70.77
CA LEU RG 52 -26.35 -153.72 70.92
C LEU RG 52 -26.34 -154.44 69.57
N THR RG 53 -27.40 -154.23 68.77
CA THR RG 53 -27.45 -154.86 67.45
C THR RG 53 -26.35 -154.34 66.54
N ASP RG 54 -26.09 -153.02 66.57
CA ASP RG 54 -25.02 -152.46 65.75
C ASP RG 54 -23.66 -153.02 66.16
N VAL RG 55 -23.42 -153.12 67.48
CA VAL RG 55 -22.16 -153.66 67.96
C VAL RG 55 -22.01 -155.12 67.58
N LEU RG 56 -23.09 -155.90 67.68
CA LEU RG 56 -23.03 -157.31 67.30
C LEU RG 56 -22.73 -157.46 65.82
N SER RG 57 -23.38 -156.65 64.99
CA SER RG 57 -23.12 -156.70 63.54
C SER RG 57 -21.67 -156.33 63.23
N GLU RG 58 -21.16 -155.28 63.89
CA GLU RG 58 -19.77 -154.88 63.67
C GLU RG 58 -18.81 -155.98 64.10
N PHE RG 59 -19.07 -156.63 65.24
CA PHE RG 59 -18.21 -157.71 65.69
C PHE RG 59 -18.26 -158.90 64.72
N GLU RG 60 -19.45 -159.23 64.24
CA GLU RG 60 -19.58 -160.36 63.31
C GLU RG 60 -18.91 -160.08 61.98
N GLN RG 61 -18.81 -158.80 61.62
CA GLN RG 61 -18.23 -158.46 60.29
C GLN RG 61 -16.78 -157.96 60.44
N GLU RG 62 -16.29 -157.77 61.67
CA GLU RG 62 -14.94 -157.16 61.82
C GLU RG 62 -13.82 -158.01 61.19
N ALA RG 63 -13.81 -159.34 61.39
CA ALA RG 63 -12.79 -160.17 60.70
C ALA RG 63 -13.23 -161.62 60.56
N GLU RG 64 -12.71 -162.35 59.57
CA GLU RG 64 -12.96 -163.81 59.47
C GLU RG 64 -11.75 -164.56 60.05
N GLN RG 65 -10.72 -163.84 60.50
CA GLN RG 65 -9.46 -164.46 60.98
C GLN RG 65 -9.69 -165.33 62.21
N PHE RG 66 -10.53 -164.89 63.14
CA PHE RG 66 -10.72 -165.61 64.43
C PHE RG 66 -11.28 -167.00 64.17
N ALA RG 67 -12.19 -167.16 63.21
CA ALA RG 67 -12.86 -168.47 63.02
C ALA RG 67 -11.87 -169.57 62.67
N ALA RG 68 -10.87 -169.30 61.82
CA ALA RG 68 -9.97 -170.39 61.35
C ALA RG 68 -8.77 -170.62 62.27
N LEU RG 69 -7.87 -169.65 62.41
CA LEU RG 69 -6.65 -169.83 63.17
C LEU RG 69 -6.95 -170.31 64.58
N ASN RG 70 -7.96 -169.71 65.23
CA ASN RG 70 -8.31 -170.08 66.59
C ASN RG 70 -9.01 -171.44 66.65
N ILE RG 71 -9.57 -171.91 65.54
CA ILE RG 71 -10.26 -173.19 65.51
C ILE RG 71 -9.28 -174.32 65.83
N ASN RG 72 -8.12 -174.28 65.17
CA ASN RG 72 -7.07 -175.28 65.38
C ASN RG 72 -5.72 -174.59 65.30
N ALA RG 73 -5.16 -174.30 66.50
CA ALA RG 73 -3.84 -173.69 66.58
C ALA RG 73 -2.85 -174.60 67.30
N ASN RG 74 -3.20 -175.01 68.52
CA ASN RG 74 -2.29 -175.85 69.30
C ASN RG 74 -2.26 -177.28 68.77
N GLU RG 75 -3.41 -177.83 68.37
CA GLU RG 75 -3.46 -179.19 67.85
C GLU RG 75 -2.64 -179.32 66.57
N TYR RG 76 -2.75 -178.34 65.68
CA TYR RG 76 -1.98 -178.38 64.44
C TYR RG 76 -0.48 -178.31 64.73
N LEU RG 77 -0.07 -177.44 65.66
CA LEU RG 77 1.33 -177.34 66.01
C LEU RG 77 1.85 -178.64 66.61
N ARG RG 78 1.06 -179.25 67.49
CA ARG RG 78 1.46 -180.53 68.08
C ARG RG 78 1.58 -181.62 67.03
N SER RG 79 0.63 -181.69 66.10
CA SER RG 79 0.70 -182.69 65.04
C SER RG 79 1.92 -182.47 64.16
N VAL RG 80 2.21 -181.20 63.83
CA VAL RG 80 3.37 -180.89 63.02
C VAL RG 80 4.66 -181.27 63.73
N LEU RG 81 4.74 -180.99 65.03
CA LEU RG 81 5.93 -181.36 65.81
C LEU RG 81 6.10 -182.87 65.86
N VAL RG 82 4.99 -183.60 66.03
CA VAL RG 82 5.06 -185.06 66.10
C VAL RG 82 5.53 -185.63 64.77
N LYS RG 83 4.97 -185.12 63.67
CA LYS RG 83 5.27 -185.69 62.36
C LYS RG 83 6.64 -185.23 61.84
N ALA RG 84 7.15 -184.13 62.38
CA ALA RG 84 8.36 -183.53 61.83
C ALA RG 84 9.60 -184.33 62.18
N LEU RG 85 9.91 -184.47 63.47
CA LEU RG 85 11.12 -185.13 63.93
C LEU RG 85 10.80 -186.45 64.62
N GLY RG 86 9.95 -186.44 65.63
CA GLY RG 86 9.62 -187.66 66.35
C GLY RG 86 8.90 -187.34 67.64
N GLU RG 87 8.43 -188.38 68.31
CA GLU RG 87 7.70 -188.20 69.56
C GLU RG 87 8.59 -187.56 70.63
N GLU RG 88 9.84 -188.01 70.72
CA GLU RG 88 10.76 -187.45 71.72
C GLU RG 88 11.05 -185.98 71.48
N ARG RG 89 11.28 -185.60 70.23
CA ARG RG 89 11.52 -184.19 69.92
C ARG RG 89 10.25 -183.36 70.00
N ALA RG 90 9.10 -183.96 69.67
CA ALA RG 90 7.83 -183.25 69.78
C ALA RG 90 7.54 -182.87 71.22
N SER RG 91 7.85 -183.77 72.16
CA SER RG 91 7.65 -183.45 73.57
C SER RG 91 8.49 -182.27 74.00
N SER RG 92 9.76 -182.24 73.58
CA SER RG 92 10.63 -181.11 73.92
C SER RG 92 10.14 -179.81 73.29
N LEU RG 93 9.70 -179.87 72.03
CA LEU RG 93 9.19 -178.68 71.37
C LEU RG 93 7.94 -178.16 72.06
N LEU RG 94 7.02 -179.06 72.43
CA LEU RG 94 5.81 -178.64 73.13
C LEU RG 94 6.14 -178.07 74.50
N GLU RG 95 7.11 -178.67 75.20
CA GLU RG 95 7.52 -178.13 76.49
C GLU RG 95 8.10 -176.74 76.35
N ASP RG 96 8.93 -176.53 75.33
CA ASP RG 96 9.49 -175.18 75.09
C ASP RG 96 8.38 -174.19 74.77
N ILE RG 97 7.42 -174.59 73.93
CA ILE RG 97 6.32 -173.69 73.57
C ILE RG 97 5.51 -173.32 74.80
N LEU RG 98 5.22 -174.30 75.67
CA LEU RG 98 4.49 -174.02 76.88
C LEU RG 98 5.28 -173.12 77.82
N GLU RG 99 6.59 -173.36 77.93
CA GLU RG 99 7.42 -172.55 78.81
C GLU RG 99 7.60 -171.14 78.27
N THR RG 100 7.34 -170.93 76.97
CA THR RG 100 7.39 -169.58 76.41
C THR RG 100 6.40 -168.66 77.11
N ARG RG 101 5.26 -169.20 77.56
CA ARG RG 101 4.29 -168.45 78.35
C ARG RG 101 4.54 -168.76 79.81
N ASP RG 102 5.13 -167.80 80.52
CA ASP RG 102 5.50 -167.97 81.93
C ASP RG 102 4.36 -167.47 82.82
N THR RG 103 4.59 -167.51 84.13
CA THR RG 103 3.62 -167.08 85.12
C THR RG 103 4.20 -165.95 85.94
N THR RG 104 3.34 -164.99 86.30
CA THR RG 104 3.80 -163.81 87.03
C THR RG 104 4.06 -164.14 88.51
N SER RG 105 3.03 -164.59 89.22
CA SER RG 105 3.18 -164.91 90.63
C SER RG 105 4.10 -166.11 90.81
N GLY RG 106 5.02 -166.00 91.76
CA GLY RG 106 6.03 -167.02 91.95
C GLY RG 106 5.50 -168.37 92.37
N ILE RG 107 4.30 -168.40 92.97
CA ILE RG 107 3.74 -169.67 93.41
C ILE RG 107 3.52 -170.60 92.22
N GLU RG 108 2.95 -170.07 91.13
CA GLU RG 108 2.80 -170.87 89.93
C GLU RG 108 4.14 -171.17 89.27
N THR RG 109 5.11 -170.25 89.38
CA THR RG 109 6.44 -170.52 88.84
C THR RG 109 7.10 -171.68 89.58
N LEU RG 110 6.70 -171.93 90.83
CA LEU RG 110 7.22 -173.10 91.54
C LEU RG 110 6.96 -174.47 90.94
N ASN RG 111 5.85 -174.63 90.18
CA ASN RG 111 5.57 -175.93 89.50
C ASN RG 111 6.33 -176.15 88.18
N PHE RG 112 7.15 -175.18 87.75
CA PHE RG 112 7.99 -175.35 86.53
C PHE RG 112 9.40 -175.74 86.99
N MET RG 113 9.63 -175.75 88.31
CA MET RG 113 10.91 -176.09 88.88
C MET RG 113 10.91 -177.60 89.00
N GLU RG 114 12.10 -178.17 89.13
CA GLU RG 114 12.24 -179.60 89.35
C GLU RG 114 11.67 -179.96 90.72
N PRO RG 115 11.04 -181.13 90.84
CA PRO RG 115 10.48 -181.52 92.16
C PRO RG 115 11.43 -181.47 93.34
N GLN RG 116 12.69 -181.90 93.17
CA GLN RG 116 13.62 -181.89 94.28
C GLN RG 116 14.04 -180.47 94.68
N SER RG 117 14.17 -179.58 93.68
CA SER RG 117 14.54 -178.20 93.98
C SER RG 117 13.43 -177.58 94.80
N ALA RG 118 12.17 -177.79 94.39
CA ALA RG 118 11.06 -177.25 95.16
C ALA RG 118 10.96 -177.90 96.54
N ALA RG 119 11.19 -179.21 96.60
CA ALA RG 119 11.13 -179.89 97.89
C ALA RG 119 12.20 -179.37 98.84
N ASP RG 120 13.40 -179.13 98.33
CA ASP RG 120 14.44 -178.53 99.16
C ASP RG 120 14.11 -177.10 99.54
N LEU RG 121 13.48 -176.35 98.64
CA LEU RG 121 13.17 -174.95 98.91
C LEU RG 121 12.12 -174.80 100.00
N ILE RG 122 11.08 -175.64 99.99
CA ILE RG 122 9.95 -175.46 100.89
C ILE RG 122 9.94 -176.47 102.02
N ARG RG 123 10.99 -177.28 102.18
CA ARG RG 123 11.00 -178.24 103.28
C ARG RG 123 11.03 -177.55 104.63
N ASP RG 124 11.80 -176.48 104.76
CA ASP RG 124 11.98 -175.83 106.05
C ASP RG 124 10.81 -174.92 106.41
N GLU RG 125 9.91 -174.65 105.47
CA GLU RG 125 8.81 -173.74 105.75
C GLU RG 125 7.82 -174.36 106.73
N HIS RG 126 6.97 -173.51 107.29
CA HIS RG 126 5.94 -173.96 108.20
C HIS RG 126 4.97 -174.90 107.47
N PRO RG 127 4.50 -175.96 108.14
CA PRO RG 127 3.66 -176.93 107.43
C PRO RG 127 2.43 -176.33 106.79
N GLN RG 128 1.80 -175.35 107.43
CA GLN RG 128 0.65 -174.69 106.81
C GLN RG 128 1.02 -173.93 105.55
N ILE RG 129 2.19 -173.29 105.54
CA ILE RG 129 2.65 -172.60 104.33
C ILE RG 129 2.94 -173.59 103.22
N ILE RG 130 3.50 -174.75 103.57
CA ILE RG 130 3.72 -175.80 102.59
C ILE RG 130 2.37 -176.21 102.01
N ALA RG 131 1.38 -176.41 102.88
CA ALA RG 131 0.06 -176.84 102.42
C ALA RG 131 -0.55 -175.79 101.50
N THR RG 132 -0.42 -174.51 101.86
CA THR RG 132 -0.96 -173.44 101.01
C THR RG 132 -0.28 -173.45 99.65
N ILE RG 133 1.04 -173.63 99.63
CA ILE RG 133 1.76 -173.70 98.33
C ILE RG 133 1.20 -174.87 97.52
N LEU RG 134 0.96 -176.02 98.16
CA LEU RG 134 0.55 -177.24 97.41
C LEU RG 134 -0.80 -177.08 96.69
N VAL RG 135 -1.80 -176.45 97.32
CA VAL RG 135 -3.15 -176.38 96.69
C VAL RG 135 -3.04 -175.33 95.56
N HIS RG 136 -2.10 -174.39 95.68
CA HIS RG 136 -1.89 -173.41 94.58
C HIS RG 136 -1.00 -174.05 93.51
N LEU RG 137 -0.17 -175.02 93.90
CA LEU RG 137 0.74 -175.70 92.94
C LEU RG 137 -0.06 -176.73 92.13
N LYS RG 138 0.46 -177.11 90.96
CA LYS RG 138 -0.20 -178.15 90.12
C LYS RG 138 -0.23 -179.46 90.93
N ARG RG 139 -1.31 -180.23 90.81
CA ARG RG 139 -1.47 -181.46 91.63
C ARG RG 139 -0.31 -182.44 91.36
N SER RG 140 0.02 -182.68 90.08
CA SER RG 140 1.08 -183.67 89.76
C SER RG 140 2.37 -183.30 90.49
N GLN RG 141 2.76 -182.02 90.44
CA GLN RG 141 4.02 -181.56 91.06
C GLN RG 141 3.93 -181.79 92.57
N ALA RG 142 2.82 -181.36 93.17
CA ALA RG 142 2.65 -181.48 94.61
C ALA RG 142 2.80 -182.93 95.07
N ALA RG 143 2.27 -183.87 94.28
CA ALA RG 143 2.41 -185.29 94.63
C ALA RG 143 3.87 -185.70 94.64
N ASP RG 144 4.63 -185.27 93.62
CA ASP RG 144 6.05 -185.59 93.59
C ASP RG 144 6.79 -184.96 94.77
N ILE RG 145 6.46 -183.71 95.11
CA ILE RG 145 7.09 -183.05 96.24
C ILE RG 145 6.87 -183.80 97.54
N LEU RG 146 5.62 -184.21 97.81
CA LEU RG 146 5.33 -184.97 99.01
C LEU RG 146 6.00 -186.34 99.01
N ALA RG 147 6.17 -186.92 97.83
CA ALA RG 147 6.90 -188.18 97.71
C ALA RG 147 8.33 -188.00 98.20
N LEU RG 148 8.93 -186.85 97.84
CA LEU RG 148 10.33 -186.56 98.26
C LEU RG 148 10.36 -186.14 99.73
N PHE RG 149 9.21 -185.80 100.31
CA PHE RG 149 9.20 -185.27 101.70
C PHE RG 149 9.27 -186.41 102.70
N ASP RG 150 9.89 -186.17 103.86
CA ASP RG 150 9.93 -187.17 104.92
C ASP RG 150 8.50 -187.61 105.26
N GLU RG 151 8.38 -188.84 105.75
CA GLU RG 151 7.06 -189.41 105.99
C GLU RG 151 6.29 -188.64 107.06
N ARG RG 152 6.98 -188.16 108.10
CA ARG RG 152 6.30 -187.35 109.11
C ARG RG 152 5.77 -186.05 108.52
N LEU RG 153 6.63 -185.33 107.81
CA LEU RG 153 6.20 -184.10 107.16
C LEU RG 153 5.15 -184.39 106.10
N ARG RG 154 5.28 -185.52 105.40
CA ARG RG 154 4.29 -185.88 104.38
C ARG RG 154 2.92 -186.06 105.02
N HIS RG 155 2.83 -186.83 106.10
CA HIS RG 155 1.55 -187.04 106.76
C HIS RG 155 0.99 -185.73 107.32
N ASP RG 156 1.85 -184.92 107.95
CA ASP RG 156 1.39 -183.67 108.53
C ASP RG 156 0.82 -182.75 107.45
N VAL RG 157 1.55 -182.60 106.33
CA VAL RG 157 1.10 -181.71 105.27
C VAL RG 157 -0.17 -182.26 104.62
N MET RG 158 -0.27 -183.58 104.45
CA MET RG 158 -1.50 -184.14 103.89
C MET RG 158 -2.68 -183.88 104.80
N LEU RG 159 -2.49 -184.02 106.11
CA LEU RG 159 -3.56 -183.72 107.05
C LEU RG 159 -3.97 -182.25 106.96
N ARG RG 160 -3.00 -181.35 106.86
CA ARG RG 160 -3.32 -179.93 106.70
C ARG RG 160 -4.08 -179.69 105.40
N ILE RG 161 -3.72 -180.41 104.34
CA ILE RG 161 -4.42 -180.29 103.07
C ILE RG 161 -5.87 -180.71 103.23
N ALA RG 162 -6.11 -181.79 103.96
CA ALA RG 162 -7.47 -182.30 104.11
C ALA RG 162 -8.38 -181.28 104.79
N THR RG 163 -7.87 -180.62 105.84
CA THR RG 163 -8.67 -179.71 106.64
C THR RG 163 -8.30 -178.23 106.43
N PHE RG 164 -7.97 -177.86 105.20
CA PHE RG 164 -7.61 -176.47 104.92
C PHE RG 164 -8.79 -175.55 105.18
N GLY RG 165 -8.49 -174.35 105.63
CA GLY RG 165 -9.54 -173.42 106.03
C GLY RG 165 -9.44 -172.03 105.43
N GLY RG 166 -8.64 -171.87 104.39
CA GLY RG 166 -8.55 -170.59 103.72
C GLY RG 166 -7.58 -169.56 104.28
N VAL RG 167 -6.83 -168.91 103.41
CA VAL RG 167 -5.83 -167.93 103.84
C VAL RG 167 -6.30 -166.48 103.87
N GLN RG 168 -5.68 -165.68 104.73
CA GLN RG 168 -5.99 -164.25 104.77
C GLN RG 168 -5.35 -163.71 103.50
N PRO RG 169 -6.00 -162.75 102.84
CA PRO RG 169 -5.40 -162.18 101.62
C PRO RG 169 -4.05 -161.54 101.86
N ALA RG 170 -3.85 -160.91 103.02
CA ALA RG 170 -2.56 -160.28 103.31
C ALA RG 170 -1.45 -161.33 103.41
N ALA RG 171 -1.72 -162.44 104.09
CA ALA RG 171 -0.73 -163.50 104.21
C ALA RG 171 -0.41 -164.12 102.86
N LEU RG 172 -1.45 -164.34 102.04
CA LEU RG 172 -1.22 -164.88 100.71
C LEU RG 172 -0.38 -163.94 99.85
N ALA RG 173 -0.68 -162.64 99.91
CA ALA RG 173 0.12 -161.68 99.17
C ALA RG 173 1.56 -161.64 99.68
N GLU RG 174 1.75 -161.77 100.99
CA GLU RG 174 3.09 -161.79 101.55
C GLU RG 174 3.88 -163.00 101.06
N LEU RG 175 3.25 -164.18 101.07
CA LEU RG 175 3.91 -165.37 100.55
C LEU RG 175 4.22 -165.20 99.06
N THR RG 176 3.26 -164.64 98.32
CA THR RG 176 3.46 -164.45 96.87
C THR RG 176 4.69 -163.59 96.66
N GLU RG 177 4.74 -162.42 97.29
CA GLU RG 177 5.88 -161.49 97.05
C GLU RG 177 7.19 -162.16 97.53
N VAL RG 178 7.16 -162.86 98.66
CA VAL RG 178 8.38 -163.56 99.16
C VAL RG 178 8.81 -164.58 98.09
N LEU RG 179 7.89 -165.45 97.68
CA LEU RG 179 8.25 -166.48 96.72
C LEU RG 179 8.72 -165.89 95.40
N ASN RG 180 8.15 -164.75 95.00
CA ASN RG 180 8.59 -164.09 93.78
C ASN RG 180 10.03 -163.65 93.89
N GLY RG 181 10.40 -163.02 95.01
CA GLY RG 181 11.76 -162.56 95.19
C GLY RG 181 12.79 -163.67 95.18
N LEU RG 182 12.36 -164.92 95.37
CA LEU RG 182 13.28 -166.05 95.38
C LEU RG 182 13.40 -166.68 94.00
N LEU RG 183 12.27 -166.81 93.30
CA LEU RG 183 12.31 -167.54 92.01
C LEU RG 183 12.53 -166.61 90.83
N ASP RG 184 12.04 -165.37 90.88
CA ASP RG 184 12.17 -164.51 89.67
C ASP RG 184 13.65 -164.29 89.37
N GLY RG 185 14.47 -164.06 90.40
CA GLY RG 185 15.93 -163.93 90.19
C GLY RG 185 16.54 -165.23 89.70
N GLN RG 186 16.11 -166.37 90.25
CA GLN RG 186 16.70 -167.69 89.89
C GLN RG 186 16.37 -168.06 88.45
N ASN RG 187 17.33 -168.69 87.74
CA ASN RG 187 17.00 -169.22 86.38
C ASN RG 187 15.97 -170.32 86.57
N LEU RG 188 14.98 -170.43 85.69
CA LEU RG 188 13.90 -171.43 85.91
C LEU RG 188 13.71 -172.31 84.67
N LYS RG 189 14.77 -172.59 83.90
CA LYS RG 189 14.56 -173.50 82.77
C LYS RG 189 15.82 -174.37 82.57
N ARG RG 190 15.95 -175.35 83.45
CA ARG RG 190 17.03 -176.32 83.35
C ARG RG 190 16.85 -177.15 82.08
N SER RG 191 17.71 -176.96 81.10
CA SER RG 191 17.60 -177.68 79.83
C SER RG 191 18.14 -179.09 80.01
N LYS RG 192 17.30 -180.08 79.71
CA LYS RG 192 17.68 -181.49 79.84
C LYS RG 192 17.93 -182.04 78.44
N MET RG 193 19.20 -182.27 78.12
CA MET RG 193 19.61 -182.81 76.83
C MET RG 193 20.36 -184.11 77.08
N GLY RG 194 19.81 -185.23 76.59
CA GLY RG 194 20.49 -186.54 76.74
C GLY RG 194 19.98 -187.32 77.92
N GLY RG 195 19.09 -188.29 77.68
CA GLY RG 195 18.59 -189.14 78.74
C GLY RG 195 19.07 -190.57 78.56
N VAL RG 196 18.16 -191.46 78.19
CA VAL RG 196 18.48 -192.84 77.90
C VAL RG 196 18.40 -193.19 76.39
N ARG RG 197 17.56 -192.44 75.67
CA ARG RG 197 17.47 -192.61 74.22
C ARG RG 197 18.84 -192.23 73.69
N THR RG 198 19.38 -191.11 74.15
CA THR RG 198 20.70 -190.68 73.69
C THR RG 198 21.78 -191.66 74.12
N ALA RG 199 21.68 -192.18 75.34
CA ALA RG 199 22.66 -193.17 75.80
C ALA RG 199 22.59 -194.43 74.95
N ALA RG 200 21.38 -194.90 74.63
CA ALA RG 200 21.25 -196.08 73.78
C ALA RG 200 21.80 -195.83 72.39
N GLU RG 201 21.54 -194.65 71.83
CA GLU RG 201 22.08 -194.32 70.51
C GLU RG 201 23.60 -194.28 70.53
N ILE RG 202 24.19 -193.72 71.60
CA ILE RG 202 25.64 -193.68 71.73
C ILE RG 202 26.19 -195.10 71.82
N ILE RG 203 25.54 -195.95 72.63
CA ILE RG 203 26.02 -197.32 72.82
C ILE RG 203 25.96 -198.08 71.51
N ASN RG 204 24.88 -197.92 70.74
CA ASN RG 204 24.67 -198.72 69.54
C ASN RG 204 25.73 -198.52 68.47
N LEU RG 205 26.50 -197.42 68.54
CA LEU RG 205 27.48 -197.12 67.50
C LEU RG 205 28.92 -197.43 67.85
N MET RG 206 29.18 -198.09 68.98
CA MET RG 206 30.54 -198.42 69.37
C MET RG 206 30.76 -199.92 69.25
N LYS RG 207 31.99 -200.33 69.58
CA LYS RG 207 32.39 -201.74 69.43
C LYS RG 207 31.59 -202.66 70.34
N THR RG 208 31.45 -203.92 69.90
CA THR RG 208 30.65 -204.88 70.64
C THR RG 208 31.21 -205.15 72.03
N GLN RG 209 32.53 -205.27 72.15
CA GLN RG 209 33.13 -205.53 73.46
C GLN RG 209 32.87 -204.38 74.42
N GLN RG 210 33.08 -203.14 73.96
CA GLN RG 210 32.74 -202.00 74.78
C GLN RG 210 31.25 -201.93 75.05
N GLU RG 211 30.42 -202.34 74.09
CA GLU RG 211 28.98 -202.36 74.31
C GLU RG 211 28.61 -203.27 75.47
N GLU RG 212 29.11 -204.51 75.44
CA GLU RG 212 28.80 -205.43 76.53
C GLU RG 212 29.40 -204.96 77.84
N ALA RG 213 30.59 -204.38 77.81
CA ALA RG 213 31.19 -203.87 79.05
C ALA RG 213 30.32 -202.78 79.67
N VAL RG 214 29.88 -201.82 78.85
CA VAL RG 214 29.09 -200.73 79.43
C VAL RG 214 27.71 -201.21 79.88
N ILE RG 215 27.09 -202.14 79.15
CA ILE RG 215 25.75 -202.58 79.57
C ILE RG 215 25.85 -203.39 80.86
N THR RG 216 26.90 -204.21 80.99
CA THR RG 216 27.04 -204.96 82.23
C THR RG 216 27.41 -204.04 83.39
N ALA RG 217 28.17 -202.97 83.13
CA ALA RG 217 28.45 -201.99 84.18
C ALA RG 217 27.17 -201.31 84.64
N VAL RG 218 26.32 -200.92 83.68
CA VAL RG 218 25.06 -200.29 84.04
C VAL RG 218 24.19 -201.26 84.83
N ARG RG 219 24.14 -202.52 84.39
CA ARG RG 219 23.35 -203.53 85.10
C ARG RG 219 23.86 -203.71 86.52
N GLU RG 220 25.18 -203.69 86.71
CA GLU RG 220 25.74 -203.73 88.06
C GLU RG 220 25.28 -202.52 88.87
N PHE RG 221 25.29 -201.34 88.26
CA PHE RG 221 24.80 -200.15 88.95
C PHE RG 221 23.30 -200.21 89.26
N ASP RG 222 22.50 -200.61 88.28
CA ASP RG 222 21.05 -200.69 88.42
C ASP RG 222 20.53 -201.52 87.26
N GLY RG 223 19.85 -202.62 87.57
CA GLY RG 223 19.33 -203.47 86.51
C GLY RG 223 18.21 -202.87 85.69
N GLU RG 224 17.35 -202.08 86.34
CA GLU RG 224 16.24 -201.46 85.62
C GLU RG 224 16.73 -200.51 84.55
N LEU RG 225 17.75 -199.70 84.87
CA LEU RG 225 18.31 -198.79 83.88
C LEU RG 225 18.91 -199.56 82.71
N ALA RG 226 19.61 -200.66 83.00
CA ALA RG 226 20.17 -201.47 81.93
C ALA RG 226 19.10 -202.05 81.01
N GLN RG 227 18.00 -202.55 81.59
CA GLN RG 227 16.92 -203.09 80.78
C GLN RG 227 16.25 -202.00 79.94
N LYS RG 228 16.07 -200.81 80.52
CA LYS RG 228 15.48 -199.72 79.77
C LYS RG 228 16.40 -199.32 78.62
N ILE RG 229 17.71 -199.30 78.87
CA ILE RG 229 18.67 -199.00 77.82
C ILE RG 229 18.61 -200.05 76.72
N ILE RG 230 18.51 -201.32 77.10
CA ILE RG 230 18.42 -202.38 76.11
C ILE RG 230 17.16 -202.30 75.26
N ASP RG 231 16.03 -201.93 75.90
CA ASP RG 231 14.78 -201.80 75.15
C ASP RG 231 14.85 -200.62 74.21
N GLU RG 232 15.44 -199.51 74.65
CA GLU RG 232 15.56 -198.34 73.79
C GLU RG 232 16.61 -198.65 72.74
N MET RG 233 17.48 -199.63 72.98
CA MET RG 233 18.51 -199.97 72.01
C MET RG 233 17.91 -200.40 70.67
N PHE RG 234 16.95 -201.32 70.72
CA PHE RG 234 16.29 -201.83 69.52
C PHE RG 234 14.78 -201.64 69.66
N LEU RG 235 14.26 -200.60 69.01
CA LEU RG 235 12.83 -200.32 69.05
C LEU RG 235 12.09 -201.22 68.07
N PHE RG 236 10.76 -201.18 68.14
CA PHE RG 236 9.94 -201.99 67.25
C PHE RG 236 9.76 -201.29 65.91
N GLU RG 237 10.87 -200.86 65.31
CA GLU RG 237 10.87 -200.29 63.97
C GLU RG 237 12.01 -200.77 63.09
N ASN RG 238 13.05 -201.39 63.65
CA ASN RG 238 14.17 -201.91 62.88
C ASN RG 238 13.96 -203.35 62.45
N LEU RG 239 12.81 -203.94 62.77
CA LEU RG 239 12.54 -205.32 62.37
C LEU RG 239 12.51 -205.47 60.85
N VAL RG 240 12.26 -204.39 60.11
CA VAL RG 240 12.32 -204.44 58.66
C VAL RG 240 13.73 -204.73 58.17
N ASP RG 241 14.75 -204.39 58.95
CA ASP RG 241 16.14 -204.63 58.58
C ASP RG 241 16.64 -206.01 59.00
N VAL RG 242 15.80 -206.80 59.64
CA VAL RG 242 16.19 -208.14 60.06
C VAL RG 242 16.19 -209.07 58.86
N ASP RG 243 17.12 -210.02 58.85
CA ASP RG 243 17.23 -210.95 57.73
C ASP RG 243 16.03 -211.89 57.70
N ASP RG 244 15.74 -212.40 56.49
CA ASP RG 244 14.62 -213.33 56.32
C ASP RG 244 14.85 -214.61 57.10
N ARG RG 245 16.09 -215.12 57.10
CA ARG RG 245 16.40 -216.33 57.87
C ARG RG 245 16.19 -216.10 59.35
N SER RG 246 16.61 -214.93 59.86
CA SER RG 246 16.40 -214.62 61.27
C SER RG 246 14.92 -214.53 61.59
N ILE RG 247 14.13 -213.93 60.70
CA ILE RG 247 12.69 -213.84 60.90
C ILE RG 247 12.06 -215.23 60.94
N GLN RG 248 12.47 -216.11 60.02
CA GLN RG 248 11.93 -217.48 60.02
C GLN RG 248 12.31 -218.22 61.28
N ARG RG 249 13.56 -218.05 61.75
CA ARG RG 249 13.99 -218.71 62.97
C ARG RG 249 13.21 -218.20 64.18
N LEU RG 250 12.97 -216.89 64.24
CA LEU RG 250 12.22 -216.33 65.37
C LEU RG 250 10.75 -216.68 65.30
N LEU RG 251 10.23 -216.96 64.10
CA LEU RG 251 8.82 -217.30 63.98
C LEU RG 251 8.49 -218.60 64.71
N GLN RG 252 9.47 -219.49 64.89
CA GLN RG 252 9.24 -220.74 65.58
C GLN RG 252 8.98 -220.56 67.07
N GLU RG 253 9.32 -219.41 67.65
CA GLU RG 253 9.11 -219.15 69.06
C GLU RG 253 8.13 -218.04 69.34
N VAL RG 254 7.44 -217.53 68.32
CA VAL RG 254 6.48 -216.43 68.47
C VAL RG 254 5.08 -216.99 68.42
N ASP RG 255 4.28 -216.68 69.45
CA ASP RG 255 2.89 -217.11 69.46
C ASP RG 255 2.10 -216.40 68.38
N SER RG 256 1.18 -217.13 67.74
CA SER RG 256 0.40 -216.55 66.66
C SER RG 256 -0.47 -215.40 67.14
N GLU RG 257 -1.12 -215.57 68.30
CA GLU RG 257 -1.97 -214.51 68.82
C GLU RG 257 -1.15 -213.28 69.21
N SER RG 258 -0.03 -213.48 69.89
CA SER RG 258 0.81 -212.36 70.28
C SER RG 258 1.40 -211.67 69.06
N LEU RG 259 1.84 -212.43 68.07
CA LEU RG 259 2.37 -211.84 66.84
C LEU RG 259 1.32 -211.04 66.11
N LEU RG 260 0.09 -211.56 66.03
CA LEU RG 260 -0.99 -210.84 65.37
C LEU RG 260 -1.33 -209.56 66.12
N ILE RG 261 -1.36 -209.62 67.45
CA ILE RG 261 -1.64 -208.43 68.25
C ILE RG 261 -0.55 -207.38 68.04
N ALA RG 262 0.71 -207.80 68.01
CA ALA RG 262 1.80 -206.86 67.80
C ALA RG 262 1.75 -206.25 66.40
N LEU RG 263 1.44 -207.06 65.39
CA LEU RG 263 1.43 -206.60 64.01
C LEU RG 263 0.12 -205.92 63.61
N LYS RG 264 -0.87 -205.88 64.51
CA LYS RG 264 -2.12 -205.19 64.19
C LYS RG 264 -1.88 -203.70 63.95
N GLY RG 265 -1.06 -203.08 64.78
CA GLY RG 265 -0.70 -201.69 64.63
C GLY RG 265 0.62 -201.44 63.94
N ALA RG 266 1.28 -202.48 63.44
CA ALA RG 266 2.58 -202.32 62.79
C ALA RG 266 2.40 -201.77 61.37
N GLU RG 267 3.51 -201.33 60.78
CA GLU RG 267 3.48 -200.82 59.42
C GLU RG 267 3.17 -201.94 58.44
N PRO RG 268 2.48 -201.64 57.35
CA PRO RG 268 2.16 -202.67 56.35
C PRO RG 268 3.42 -203.30 55.79
N PRO RG 269 4.48 -202.51 55.59
CA PRO RG 269 5.75 -203.10 55.12
C PRO RG 269 6.32 -204.12 56.09
N LEU RG 270 6.23 -203.85 57.40
CA LEU RG 270 6.71 -204.81 58.38
C LEU RG 270 5.91 -206.10 58.35
N ARG RG 271 4.57 -205.98 58.23
CA ARG RG 271 3.73 -207.16 58.13
C ARG RG 271 4.04 -207.97 56.88
N GLU RG 272 4.26 -207.29 55.75
CA GLU RG 272 4.60 -207.98 54.52
C GLU RG 272 5.94 -208.68 54.64
N LYS RG 273 6.93 -208.03 55.25
CA LYS RG 273 8.24 -208.64 55.42
C LYS RG 273 8.16 -209.86 56.35
N PHE RG 274 7.38 -209.75 57.42
CA PHE RG 274 7.24 -210.83 58.38
C PHE RG 274 6.33 -211.95 57.89
N LEU RG 275 5.54 -211.72 56.85
CA LEU RG 275 4.66 -212.74 56.30
C LEU RG 275 5.31 -213.57 55.21
N ARG RG 276 6.56 -213.28 54.85
CA ARG RG 276 7.29 -214.02 53.84
C ARG RG 276 8.12 -215.16 54.42
N ASN RG 277 8.11 -215.33 55.73
CA ASN RG 277 8.88 -216.38 56.38
C ASN RG 277 8.07 -217.63 56.71
N MET RG 278 6.75 -217.52 56.78
CA MET RG 278 5.89 -218.64 57.10
C MET RG 278 5.31 -219.23 55.81
N SER RG 279 4.44 -220.23 55.94
CA SER RG 279 3.83 -220.85 54.77
C SER RG 279 2.76 -219.94 54.18
N GLN RG 280 2.37 -220.25 52.95
CA GLN RG 280 1.33 -219.47 52.28
C GLN RG 280 0.00 -219.57 53.03
N ARG RG 281 -0.36 -220.77 53.48
CA ARG RG 281 -1.57 -220.93 54.27
C ARG RG 281 -1.46 -220.18 55.58
N ALA RG 282 -0.29 -220.25 56.24
CA ALA RG 282 -0.10 -219.50 57.48
C ALA RG 282 -0.18 -217.99 57.24
N ALA RG 283 0.41 -217.51 56.14
CA ALA RG 283 0.33 -216.09 55.82
C ALA RG 283 -1.11 -215.66 55.57
N ASP RG 284 -1.87 -216.48 54.84
CA ASP RG 284 -3.28 -216.16 54.58
C ASP RG 284 -4.08 -216.15 55.87
N ILE RG 285 -3.82 -217.11 56.76
CA ILE RG 285 -4.52 -217.16 58.04
C ILE RG 285 -4.18 -215.92 58.88
N LEU RG 286 -2.90 -215.53 58.91
CA LEU RG 286 -2.52 -214.33 59.66
C LEU RG 286 -3.18 -213.09 59.08
N ARG RG 287 -3.22 -212.98 57.75
CA ARG RG 287 -3.87 -211.83 57.12
C ARG RG 287 -5.36 -211.79 57.44
N ASP RG 288 -6.03 -212.95 57.39
CA ASP RG 288 -7.45 -213.00 57.73
C ASP RG 288 -7.68 -212.63 59.19
N ASP RG 289 -6.82 -213.12 60.09
CA ASP RG 289 -6.97 -212.78 61.50
C ASP RG 289 -6.76 -211.29 61.73
N LEU RG 290 -5.77 -210.70 61.07
CA LEU RG 290 -5.52 -209.26 61.21
C LEU RG 290 -6.70 -208.45 60.67
N ALA RG 291 -7.26 -208.87 59.53
CA ALA RG 291 -8.41 -208.16 58.97
C ALA RG 291 -9.62 -208.28 59.90
N ASN RG 292 -9.84 -209.46 60.47
CA ASN RG 292 -10.98 -209.68 61.34
C ASN RG 292 -10.78 -209.12 62.74
N ARG RG 293 -9.54 -208.85 63.14
CA ARG RG 293 -9.29 -208.32 64.48
C ARG RG 293 -9.74 -206.87 64.57
N GLY RG 294 -10.51 -206.56 65.60
CA GLY RG 294 -10.96 -205.21 65.83
C GLY RG 294 -9.92 -204.38 66.53
N PRO RG 295 -10.21 -203.08 66.67
CA PRO RG 295 -9.28 -202.20 67.38
C PRO RG 295 -9.13 -202.62 68.84
N VAL RG 296 -7.90 -202.47 69.34
CA VAL RG 296 -7.59 -202.84 70.72
C VAL RG 296 -6.73 -201.74 71.33
N ARG RG 297 -6.73 -201.71 72.67
CA ARG RG 297 -5.91 -200.74 73.37
C ARG RG 297 -4.42 -201.02 73.15
N LEU RG 298 -3.63 -199.95 73.04
CA LEU RG 298 -2.22 -200.09 72.77
C LEU RG 298 -1.44 -200.70 73.93
N SER RG 299 -2.04 -200.79 75.11
CA SER RG 299 -1.32 -201.34 76.26
C SER RG 299 -0.95 -202.80 76.06
N GLN RG 300 -1.87 -203.61 75.53
CA GLN RG 300 -1.59 -205.01 75.29
C GLN RG 300 -0.74 -205.24 74.05
N VAL RG 301 -0.96 -204.44 73.00
CA VAL RG 301 -0.15 -204.55 71.79
C VAL RG 301 1.30 -204.20 72.11
N GLU RG 302 1.53 -203.19 72.94
CA GLU RG 302 2.88 -202.84 73.34
C GLU RG 302 3.54 -203.97 74.11
N ASN RG 303 2.81 -204.62 75.01
CA ASN RG 303 3.35 -205.74 75.75
C ASN RG 303 3.70 -206.91 74.83
N GLU RG 304 2.81 -207.20 73.86
CA GLU RG 304 3.10 -208.27 72.91
C GLU RG 304 4.33 -207.96 72.07
N GLN RG 305 4.44 -206.71 71.61
CA GLN RG 305 5.61 -206.32 70.83
C GLN RG 305 6.88 -206.39 71.67
N LYS RG 306 6.79 -206.01 72.95
CA LYS RG 306 7.93 -206.11 73.85
C LYS RG 306 8.36 -207.56 74.03
N ALA RG 307 7.39 -208.47 74.19
CA ALA RG 307 7.71 -209.89 74.33
C ALA RG 307 8.37 -210.42 73.07
N ILE RG 308 7.85 -210.03 71.90
CA ILE RG 308 8.43 -210.47 70.63
C ILE RG 308 9.85 -209.95 70.48
N LEU RG 309 10.06 -208.67 70.82
CA LEU RG 309 11.40 -208.09 70.74
C LEU RG 309 12.36 -208.75 71.72
N LEU RG 310 11.88 -209.09 72.92
CA LEU RG 310 12.72 -209.80 73.88
C LEU RG 310 13.13 -211.17 73.36
N ILE RG 311 12.18 -211.88 72.75
CA ILE RG 311 12.50 -213.19 72.18
C ILE RG 311 13.52 -213.05 71.05
N VAL RG 312 13.33 -212.04 70.19
CA VAL RG 312 14.26 -211.83 69.08
C VAL RG 312 15.65 -211.49 69.61
N ARG RG 313 15.70 -210.63 70.62
CA ARG RG 313 16.98 -210.24 71.20
C ARG RG 313 17.68 -211.43 71.85
N ARG RG 314 16.91 -212.28 72.54
CA ARG RG 314 17.49 -213.48 73.13
C ARG RG 314 18.05 -214.41 72.05
N LEU RG 315 17.31 -214.57 70.95
CA LEU RG 315 17.79 -215.40 69.85
C LEU RG 315 19.06 -214.83 69.25
N ALA RG 316 19.11 -213.51 69.07
CA ALA RG 316 20.30 -212.87 68.51
C ALA RG 316 21.50 -213.01 69.45
N GLU RG 317 21.27 -212.84 70.75
CA GLU RG 317 22.35 -212.97 71.73
C GLU RG 317 22.87 -214.40 71.77
N THR RG 318 21.97 -215.38 71.64
CA THR RG 318 22.40 -216.77 71.57
C THR RG 318 23.27 -217.01 70.35
N GLY RG 319 22.92 -216.40 69.22
CA GLY RG 319 23.71 -216.52 68.01
C GLY RG 319 22.96 -217.20 66.88
N GLU RG 320 21.64 -217.19 66.95
CA GLU RG 320 20.79 -217.84 65.97
C GLU RG 320 19.97 -216.85 65.15
N MET RG 321 20.44 -215.60 65.04
CA MET RG 321 19.73 -214.57 64.28
C MET RG 321 20.77 -213.57 63.76
N VAL RG 322 20.39 -212.85 62.72
CA VAL RG 322 21.27 -211.84 62.12
C VAL RG 322 20.42 -210.69 61.60
N ILE RG 323 21.08 -209.64 61.13
CA ILE RG 323 20.39 -208.47 60.60
C ILE RG 323 20.99 -208.11 59.25
N GLY RG 324 20.32 -207.22 58.51
CA GLY RG 324 20.79 -206.80 57.21
C GLY RG 324 19.90 -205.75 56.55
N SER SG 33 30.53 -166.47 163.30
CA SER SG 33 31.05 -165.58 162.26
C SER SG 33 31.09 -166.28 160.91
N ASP SG 34 30.31 -165.76 159.96
CA ASP SG 34 30.27 -166.33 158.61
C ASP SG 34 31.41 -165.72 157.81
N ILE SG 35 32.32 -166.57 157.35
CA ILE SG 35 33.48 -166.14 156.57
C ILE SG 35 33.80 -167.22 155.54
N ARG SG 36 33.55 -166.91 154.27
CA ARG SG 36 33.80 -167.85 153.19
C ARG SG 36 34.69 -167.20 152.16
N PRO SG 37 35.51 -167.97 151.40
CA PRO SG 37 36.46 -167.39 150.41
C PRO SG 37 35.71 -166.67 149.30
N TYR SG 38 36.32 -165.62 148.78
CA TYR SG 38 35.74 -164.84 147.70
C TYR SG 38 35.88 -165.60 146.40
N ASP SG 39 34.75 -165.91 145.76
CA ASP SG 39 34.74 -166.55 144.46
C ASP SG 39 34.17 -165.58 143.44
N PRO SG 40 34.94 -165.17 142.44
CA PRO SG 40 34.39 -164.30 141.40
C PRO SG 40 33.29 -164.99 140.61
N ASN SG 41 32.67 -164.23 139.72
CA ASN SG 41 31.58 -164.63 138.83
C ASN SG 41 30.43 -165.33 139.55
N THR SG 42 30.30 -165.14 140.86
CA THR SG 42 29.17 -165.69 141.59
C THR SG 42 28.07 -164.64 141.71
N GLN SG 43 26.82 -165.10 141.63
CA GLN SG 43 25.66 -164.20 141.68
C GLN SG 43 25.50 -163.71 143.11
N ARG SG 44 26.24 -162.67 143.46
CA ARG SG 44 26.18 -162.08 144.79
C ARG SG 44 25.49 -160.73 144.83
N ARG SG 45 25.26 -160.09 143.69
CA ARG SG 45 24.60 -158.79 143.63
C ARG SG 45 23.09 -159.03 143.52
N VAL SG 46 22.38 -158.72 144.59
CA VAL SG 46 20.92 -158.86 144.64
C VAL SG 46 20.32 -157.48 144.80
N VAL SG 47 19.50 -157.06 143.83
CA VAL SG 47 18.85 -155.76 143.83
C VAL SG 47 17.38 -156.02 143.60
N ARG SG 48 16.59 -156.11 144.69
CA ARG SG 48 15.17 -156.36 144.61
C ARG SG 48 14.45 -155.04 144.84
N GLU SG 49 13.59 -154.67 143.89
CA GLU SG 49 12.88 -153.40 143.98
C GLU SG 49 11.55 -153.57 143.26
N ARG SG 50 10.46 -153.32 143.98
CA ARG SG 50 9.14 -153.39 143.39
C ARG SG 50 8.97 -152.23 142.39
N LEU SG 51 8.41 -152.54 141.22
CA LEU SG 51 8.24 -151.56 140.16
C LEU SG 51 6.75 -151.47 139.80
N GLN SG 52 6.03 -150.64 140.55
CA GLN SG 52 4.58 -150.54 140.36
C GLN SG 52 4.24 -149.95 139.00
N ALA SG 53 4.97 -148.90 138.60
CA ALA SG 53 4.72 -148.20 137.31
C ALA SG 53 4.89 -149.20 136.16
N LEU SG 54 5.89 -150.08 136.18
CA LEU SG 54 6.02 -151.16 135.20
C LEU SG 54 4.91 -152.18 135.38
N GLU SG 55 4.48 -152.41 136.62
CA GLU SG 55 3.41 -153.37 136.88
C GLU SG 55 2.10 -152.94 136.23
N ILE SG 56 1.89 -151.64 136.04
CA ILE SG 56 0.65 -151.20 135.40
C ILE SG 56 0.87 -151.02 133.90
N ILE SG 57 2.09 -150.66 133.51
CA ILE SG 57 2.40 -150.56 132.09
C ILE SG 57 2.27 -151.91 131.42
N ASN SG 58 2.64 -152.98 132.13
CA ASN SG 58 2.50 -154.32 131.57
C ASN SG 58 1.06 -154.67 131.24
N GLU SG 59 0.12 -154.39 132.15
CA GLU SG 59 -1.29 -154.66 131.86
C GLU SG 59 -1.83 -153.78 130.76
N ARG SG 60 -1.43 -152.51 130.73
CA ARG SG 60 -1.90 -151.63 129.65
C ARG SG 60 -1.43 -152.17 128.31
N PHE SG 61 -0.15 -152.54 128.24
CA PHE SG 61 0.39 -153.11 127.01
C PHE SG 61 -0.28 -154.44 126.67
N ALA SG 62 -0.59 -155.25 127.69
CA ALA SG 62 -1.23 -156.52 127.44
C ALA SG 62 -2.62 -156.32 126.84
N ARG SG 63 -3.38 -155.35 127.36
CA ARG SG 63 -4.69 -155.07 126.79
C ARG SG 63 -4.56 -154.59 125.35
N GLN SG 64 -3.62 -153.68 125.10
CA GLN SG 64 -3.43 -153.19 123.73
C GLN SG 64 -3.03 -154.32 122.79
N PHE SG 65 -2.13 -155.19 123.24
CA PHE SG 65 -1.67 -156.29 122.41
C PHE SG 65 -2.76 -157.32 122.17
N ARG SG 66 -3.62 -157.56 123.16
CA ARG SG 66 -4.75 -158.45 122.94
C ARG SG 66 -5.73 -158.05 121.85
N MET SG 67 -6.11 -156.77 121.81
CA MET SG 67 -6.96 -156.29 120.71
C MET SG 67 -6.24 -156.24 119.34
N GLY SG 68 -4.93 -155.99 119.39
CA GLY SG 68 -4.14 -155.98 118.17
C GLY SG 68 -4.15 -157.40 117.65
N LEU SG 69 -3.96 -158.38 118.54
CA LEU SG 69 -3.97 -159.78 118.12
C LEU SG 69 -5.35 -160.19 117.65
N PHE SG 70 -6.40 -159.69 118.31
CA PHE SG 70 -7.75 -159.94 117.82
C PHE SG 70 -7.93 -159.34 116.43
N ASN SG 71 -7.44 -158.12 116.22
CA ASN SG 71 -7.56 -157.49 114.92
C ASN SG 71 -6.83 -158.27 113.84
N LEU SG 72 -5.68 -158.86 114.18
CA LEU SG 72 -4.86 -159.54 113.18
C LEU SG 72 -5.32 -160.97 112.94
N LEU SG 73 -5.28 -161.80 113.97
CA LEU SG 73 -5.54 -163.23 113.84
C LEU SG 73 -7.01 -163.56 113.63
N ARG SG 74 -7.91 -162.59 113.81
CA ARG SG 74 -9.35 -162.83 113.76
C ARG SG 74 -9.76 -163.90 114.77
N ARG SG 75 -9.12 -163.91 115.93
CA ARG SG 75 -9.44 -164.83 117.01
C ARG SG 75 -9.42 -164.05 118.32
N SER SG 76 -9.70 -164.76 119.42
CA SER SG 76 -9.78 -164.12 120.74
C SER SG 76 -8.68 -164.61 121.65
N PRO SG 77 -7.54 -163.94 121.70
CA PRO SG 77 -6.49 -164.29 122.67
C PRO SG 77 -6.68 -163.73 124.06
N ASP SG 78 -6.11 -164.42 125.04
CA ASP SG 78 -6.05 -163.92 126.41
C ASP SG 78 -4.60 -163.90 126.83
N ILE SG 79 -4.15 -162.75 127.33
CA ILE SG 79 -2.77 -162.53 127.72
C ILE SG 79 -2.73 -162.35 129.23
N THR SG 80 -1.98 -163.22 129.90
CA THR SG 80 -1.77 -163.15 131.34
C THR SG 80 -0.37 -162.60 131.57
N VAL SG 81 -0.28 -161.53 132.35
CA VAL SG 81 1.02 -160.92 132.64
C VAL SG 81 1.66 -161.65 133.80
N GLY SG 82 2.87 -162.16 133.59
CA GLY SG 82 3.59 -162.82 134.64
C GLY SG 82 4.28 -161.86 135.58
N ALA SG 83 4.87 -162.41 136.62
CA ALA SG 83 5.60 -161.59 137.58
C ALA SG 83 6.88 -161.04 136.95
N ILE SG 84 7.13 -159.75 137.17
CA ILE SG 84 8.35 -159.13 136.67
C ILE SG 84 9.54 -159.75 137.38
N ARG SG 85 10.53 -160.19 136.61
CA ARG SG 85 11.72 -160.81 137.15
C ARG SG 85 12.94 -159.92 136.97
N ILE SG 86 13.60 -159.61 138.08
CA ILE SG 86 14.83 -158.81 138.07
C ILE SG 86 16.01 -159.75 138.26
N GLN SG 87 16.70 -160.05 137.16
CA GLN SG 87 17.65 -161.15 137.15
C GLN SG 87 18.87 -160.81 136.32
N PRO SG 88 20.01 -161.45 136.58
CA PRO SG 88 21.18 -161.24 135.72
C PRO SG 88 20.90 -161.71 134.30
N TYR SG 89 21.56 -161.06 133.34
CA TYR SG 89 21.27 -161.32 131.94
C TYR SG 89 21.49 -162.75 131.48
N HIS SG 90 22.49 -163.43 132.02
CA HIS SG 90 22.82 -164.84 131.62
C HIS SG 90 21.76 -165.82 132.14
N GLU SG 91 20.99 -165.45 133.19
CA GLU SG 91 19.87 -166.26 133.67
C GLU SG 91 18.78 -166.15 132.61
N PHE SG 92 18.49 -164.93 132.17
CA PHE SG 92 17.49 -164.71 131.13
C PHE SG 92 17.89 -165.42 129.84
N ALA SG 93 19.17 -165.33 129.48
CA ALA SG 93 19.64 -165.98 128.26
C ALA SG 93 19.52 -167.50 128.34
N ARG SG 94 19.89 -168.09 129.49
CA ARG SG 94 19.87 -169.54 129.59
C ARG SG 94 18.45 -170.07 129.70
N ASN SG 95 17.52 -169.31 130.27
CA ASN SG 95 16.14 -169.78 130.35
C ASN SG 95 15.46 -169.78 128.99
N LEU SG 96 15.97 -168.97 128.05
CA LEU SG 96 15.38 -168.90 126.72
C LEU SG 96 15.62 -170.21 125.96
N PRO SG 97 14.69 -170.61 125.10
CA PRO SG 97 14.91 -171.77 124.25
C PRO SG 97 15.67 -171.39 122.99
N VAL SG 98 16.08 -172.41 122.25
CA VAL SG 98 16.84 -172.20 121.02
C VAL SG 98 16.24 -173.04 119.90
N PRO SG 99 15.93 -172.45 118.74
CA PRO SG 99 16.01 -171.03 118.42
C PRO SG 99 14.77 -170.28 118.91
N THR SG 100 14.89 -168.96 119.05
CA THR SG 100 13.78 -168.09 119.46
C THR SG 100 13.99 -166.77 118.77
N ASN SG 101 12.97 -166.17 118.17
CA ASN SG 101 13.07 -164.80 117.59
C ASN SG 101 13.31 -163.73 118.65
N LEU SG 102 14.41 -163.01 118.58
CA LEU SG 102 14.76 -161.89 119.49
C LEU SG 102 14.62 -160.57 118.71
N ASN SG 103 14.00 -159.52 119.21
CA ASN SG 103 13.77 -158.27 118.43
C ASN SG 103 14.46 -157.11 119.14
N LEU SG 104 15.69 -156.74 118.76
CA LEU SG 104 16.35 -155.62 119.41
C LEU SG 104 15.56 -154.36 119.13
N ILE SG 105 15.23 -153.62 120.17
CA ILE SG 105 14.41 -152.42 120.05
C ILE SG 105 15.09 -151.28 120.77
N HIS SG 106 14.92 -150.06 120.24
CA HIS SG 106 15.49 -148.86 120.82
C HIS SG 106 14.37 -148.07 121.48
N LEU SG 107 14.47 -147.88 122.78
CA LEU SG 107 13.49 -147.08 123.53
C LEU SG 107 14.01 -145.67 123.74
N LYS SG 108 14.19 -144.95 122.64
CA LYS SG 108 14.69 -143.59 122.72
C LYS SG 108 13.69 -142.69 123.46
N PRO SG 109 14.19 -141.68 124.19
CA PRO SG 109 15.58 -141.22 124.29
C PRO SG 109 16.40 -141.97 125.33
N LEU SG 110 15.90 -143.07 125.88
CA LEU SG 110 16.66 -143.83 126.87
C LEU SG 110 17.81 -144.56 126.17
N ARG SG 111 19.04 -144.31 126.62
CA ARG SG 111 20.19 -144.94 126.00
C ARG SG 111 20.26 -146.41 126.41
N GLY SG 112 20.33 -147.28 125.41
CA GLY SG 112 20.37 -148.71 125.61
C GLY SG 112 19.62 -149.42 124.51
N THR SG 113 19.41 -150.72 124.70
CA THR SG 113 18.74 -151.54 123.70
C THR SG 113 17.96 -152.63 124.41
N GLY SG 114 16.64 -152.56 124.32
CA GLY SG 114 15.80 -153.59 124.89
C GLY SG 114 15.56 -154.74 123.93
N LEU SG 115 14.90 -155.78 124.44
CA LEU SG 115 14.70 -157.02 123.71
C LEU SG 115 13.26 -157.47 123.83
N VAL SG 116 12.66 -157.87 122.72
CA VAL SG 116 11.33 -158.47 122.70
C VAL SG 116 11.47 -159.89 122.19
N VAL SG 117 11.11 -160.87 123.02
CA VAL SG 117 11.36 -162.27 122.73
C VAL SG 117 10.03 -162.93 122.41
N PHE SG 118 9.88 -163.37 121.17
CA PHE SG 118 8.75 -164.17 120.71
C PHE SG 118 9.10 -165.65 120.71
N SER SG 119 8.34 -166.43 121.49
CA SER SG 119 8.59 -167.86 121.55
C SER SG 119 8.26 -168.58 120.24
N PRO SG 120 8.92 -169.72 119.92
CA PRO SG 120 8.57 -170.50 118.71
C PRO SG 120 7.10 -170.87 118.75
N SER SG 121 6.58 -171.13 119.95
CA SER SG 121 5.18 -171.55 120.05
C SER SG 121 4.24 -170.45 119.56
N LEU SG 122 4.51 -169.20 119.97
CA LEU SG 122 3.62 -168.11 119.59
C LEU SG 122 3.66 -167.84 118.09
N VAL SG 123 4.86 -167.82 117.50
CA VAL SG 123 4.95 -167.58 116.07
C VAL SG 123 4.35 -168.75 115.29
N PHE SG 124 4.51 -169.97 115.80
CA PHE SG 124 3.87 -171.12 115.18
C PHE SG 124 2.36 -170.98 115.19
N ILE SG 125 1.80 -170.57 116.33
CA ILE SG 125 0.36 -170.39 116.44
C ILE SG 125 -0.12 -169.31 115.48
N ALA SG 126 0.60 -168.19 115.42
CA ALA SG 126 0.19 -167.10 114.55
C ALA SG 126 0.24 -167.51 113.08
N VAL SG 127 1.32 -168.18 112.66
CA VAL SG 127 1.43 -168.61 111.27
C VAL SG 127 0.35 -169.63 110.95
N ASP SG 128 0.09 -170.55 111.87
CA ASP SG 128 -0.95 -171.54 111.66
C ASP SG 128 -2.32 -170.87 111.49
N ASN SG 129 -2.63 -169.90 112.35
CA ASN SG 129 -3.93 -169.23 112.25
C ASN SG 129 -4.05 -168.42 110.97
N LEU SG 130 -2.98 -167.72 110.58
CA LEU SG 130 -3.05 -166.90 109.37
C LEU SG 130 -3.21 -167.76 108.13
N PHE SG 131 -2.48 -168.87 108.05
CA PHE SG 131 -2.45 -169.66 106.83
C PHE SG 131 -3.40 -170.85 106.93
N GLY SG 132 -4.68 -170.54 107.05
CA GLY SG 132 -5.73 -171.54 106.97
C GLY SG 132 -5.64 -172.68 107.95
N GLY SG 133 -5.39 -172.37 109.21
CA GLY SG 133 -5.32 -173.39 110.22
C GLY SG 133 -6.12 -173.09 111.47
N ASP SG 134 -6.99 -174.02 111.85
CA ASP SG 134 -7.83 -173.83 113.08
C ASP SG 134 -7.09 -174.41 114.29
N GLY SG 135 -5.76 -174.50 114.22
CA GLY SG 135 -5.00 -175.01 115.35
C GLY SG 135 -5.49 -176.37 115.79
N ARG SG 136 -5.96 -177.19 114.85
CA ARG SG 136 -6.36 -178.56 115.19
C ARG SG 136 -5.19 -179.43 115.64
N PHE SG 137 -4.14 -179.46 114.82
CA PHE SG 137 -2.97 -180.23 115.18
C PHE SG 137 -2.09 -179.59 116.25
N PRO SG 138 -1.42 -180.40 117.08
CA PRO SG 138 -0.54 -179.83 118.11
C PRO SG 138 0.64 -179.10 117.48
N THR SG 139 1.11 -178.07 118.17
CA THR SG 139 2.29 -177.35 117.71
C THR SG 139 3.54 -178.21 117.93
N LYS SG 140 4.33 -178.35 116.88
CA LYS SG 140 5.56 -179.13 116.92
C LYS SG 140 6.74 -178.23 116.60
N VAL SG 141 7.68 -178.13 117.54
CA VAL SG 141 8.90 -177.36 117.37
C VAL SG 141 10.08 -178.28 117.65
N GLU SG 142 10.99 -178.39 116.68
CA GLU SG 142 12.15 -179.27 116.79
C GLU SG 142 13.41 -178.54 116.36
N GLY SG 143 13.60 -177.32 116.85
CA GLY SG 143 14.76 -176.54 116.47
C GLY SG 143 14.69 -175.96 115.09
N ARG SG 144 13.50 -175.96 114.47
CA ARG SG 144 13.33 -175.42 113.14
C ARG SG 144 13.51 -173.91 113.15
N GLU SG 145 14.21 -173.39 112.14
CA GLU SG 145 14.47 -171.96 112.04
C GLU SG 145 13.25 -171.24 111.44
N PHE SG 146 13.41 -169.96 111.19
CA PHE SG 146 12.33 -169.10 110.70
C PHE SG 146 12.64 -168.68 109.28
N THR SG 147 11.69 -168.93 108.37
CA THR SG 147 11.84 -168.54 106.99
C THR SG 147 11.51 -167.07 106.81
N HIS SG 148 11.60 -166.60 105.56
CA HIS SG 148 11.32 -165.20 105.28
C HIS SG 148 9.84 -164.87 105.49
N THR SG 149 8.95 -165.79 105.13
CA THR SG 149 7.52 -165.58 105.38
C THR SG 149 7.24 -165.53 106.87
N GLU SG 150 7.83 -166.44 107.64
CA GLU SG 150 7.68 -166.41 109.08
C GLU SG 150 8.24 -165.11 109.66
N GLN SG 151 9.39 -164.67 109.13
CA GLN SG 151 9.97 -163.41 109.60
C GLN SG 151 9.05 -162.24 109.30
N ARG SG 152 8.38 -162.25 108.15
CA ARG SG 152 7.47 -161.16 107.83
C ARG SG 152 6.25 -161.19 108.72
N VAL SG 153 5.73 -162.39 109.02
CA VAL SG 153 4.62 -162.49 109.97
C VAL SG 153 5.01 -161.97 111.34
N ILE SG 154 6.23 -162.30 111.79
CA ILE SG 154 6.71 -161.84 113.08
C ILE SG 154 6.89 -160.33 113.08
N ASN SG 155 7.34 -159.77 111.95
CA ASN SG 155 7.45 -158.32 111.85
C ASN SG 155 6.07 -157.68 111.94
N ARG SG 156 5.08 -158.28 111.30
CA ARG SG 156 3.72 -157.74 111.37
C ARG SG 156 3.19 -157.78 112.80
N MET SG 157 3.44 -158.89 113.51
CA MET SG 157 3.03 -158.97 114.92
C MET SG 157 3.79 -157.95 115.77
N LEU SG 158 5.09 -157.83 115.53
CA LEU SG 158 5.92 -156.96 116.35
C LEU SG 158 5.57 -155.50 116.14
N LYS SG 159 5.06 -155.14 114.96
CA LYS SG 159 4.60 -153.78 114.77
C LYS SG 159 3.48 -153.44 115.75
N LEU SG 160 2.49 -154.35 115.86
CA LEU SG 160 1.42 -154.15 116.84
C LEU SG 160 1.96 -154.17 118.26
N ALA SG 161 2.88 -155.08 118.55
CA ALA SG 161 3.43 -155.16 119.89
C ALA SG 161 4.13 -153.87 120.28
N LEU SG 162 4.94 -153.32 119.37
CA LEU SG 162 5.66 -152.08 119.66
C LEU SG 162 4.72 -150.90 119.76
N GLU SG 163 3.69 -150.85 118.91
CA GLU SG 163 2.71 -149.77 119.04
C GLU SG 163 2.01 -149.83 120.39
N GLY SG 164 1.61 -151.03 120.82
CA GLY SG 164 0.96 -151.16 122.11
C GLY SG 164 1.89 -150.78 123.25
N TYR SG 165 3.14 -151.20 123.19
CA TYR SG 165 4.10 -150.86 124.24
C TYR SG 165 4.35 -149.35 124.31
N SER SG 166 4.49 -148.71 123.14
CA SER SG 166 4.69 -147.27 123.12
C SER SG 166 3.49 -146.54 123.69
N ASP SG 167 2.27 -146.98 123.32
CA ASP SG 167 1.07 -146.35 123.85
C ASP SG 167 0.98 -146.53 125.36
N ALA SG 168 1.33 -147.72 125.86
CA ALA SG 168 1.30 -147.96 127.29
C ALA SG 168 2.30 -147.07 128.03
N TRP SG 169 3.50 -146.91 127.45
CA TRP SG 169 4.51 -146.07 128.09
C TRP SG 169 4.09 -144.62 127.96
N LYS SG 170 3.36 -144.28 126.91
CA LYS SG 170 2.97 -142.88 126.68
C LYS SG 170 2.27 -142.27 127.89
N ALA SG 171 1.48 -143.05 128.60
CA ALA SG 171 0.79 -142.55 129.79
C ALA SG 171 1.71 -141.99 130.88
N ILE SG 172 2.83 -142.67 131.14
CA ILE SG 172 3.75 -142.24 132.20
C ILE SG 172 4.87 -141.40 131.61
N ASN SG 173 5.63 -141.98 130.69
CA ASN SG 173 6.73 -141.27 130.05
C ASN SG 173 6.69 -141.49 128.55
N PRO SG 174 6.50 -140.45 127.74
CA PRO SG 174 6.38 -140.65 126.30
C PRO SG 174 7.67 -141.12 125.67
N LEU SG 175 7.66 -142.34 125.16
CA LEU SG 175 8.82 -142.95 124.51
C LEU SG 175 8.44 -143.38 123.11
N GLU SG 176 9.43 -143.37 122.21
CA GLU SG 176 9.26 -143.89 120.87
C GLU SG 176 10.03 -145.19 120.73
N VAL SG 177 9.36 -146.21 120.20
CA VAL SG 177 9.91 -147.56 120.13
C VAL SG 177 10.28 -147.83 118.67
N GLU SG 178 11.55 -148.15 118.44
CA GLU SG 178 12.04 -148.45 117.10
C GLU SG 178 12.60 -149.86 117.05
N TYR SG 179 12.17 -150.61 116.05
CA TYR SG 179 12.67 -151.95 115.80
C TYR SG 179 13.89 -151.85 114.88
N VAL SG 180 15.03 -152.35 115.34
CA VAL SG 180 16.28 -152.16 114.63
C VAL SG 180 16.78 -153.44 113.98
N ARG SG 181 16.52 -154.60 114.60
CA ARG SG 181 17.13 -155.83 114.12
C ARG SG 181 16.43 -157.02 114.76
N SER SG 182 16.41 -158.13 114.04
CA SER SG 182 15.86 -159.37 114.54
C SER SG 182 16.92 -160.45 114.37
N GLU SG 183 16.98 -161.36 115.33
CA GLU SG 183 17.96 -162.43 115.36
C GLU SG 183 17.28 -163.68 115.87
N MET SG 184 17.95 -164.82 115.68
CA MET SG 184 17.41 -166.11 116.09
C MET SG 184 18.19 -166.81 117.20
N GLN SG 185 19.49 -166.53 117.31
CA GLN SG 185 20.30 -167.09 118.36
C GLN SG 185 20.42 -166.11 119.52
N VAL SG 186 20.98 -166.58 120.63
CA VAL SG 186 21.13 -165.75 121.81
C VAL SG 186 22.45 -164.97 121.81
N LYS SG 187 23.49 -165.50 121.19
CA LYS SG 187 24.81 -164.88 121.24
C LYS SG 187 24.95 -163.69 120.31
N PHE SG 188 23.95 -163.41 119.47
CA PHE SG 188 24.02 -162.27 118.58
C PHE SG 188 23.55 -160.95 119.18
N THR SG 189 22.82 -160.98 120.31
CA THR SG 189 22.25 -159.75 120.85
C THR SG 189 23.23 -158.99 121.74
N ASN SG 190 23.64 -159.61 122.84
CA ASN SG 190 24.56 -159.01 123.81
C ASN SG 190 24.24 -157.54 124.05
N ILE SG 191 23.05 -157.28 124.62
CA ILE SG 191 22.59 -155.89 124.93
C ILE SG 191 23.16 -155.49 126.31
N THR SG 192 23.85 -156.39 127.01
CA THR SG 192 24.45 -156.13 128.33
C THR SG 192 25.96 -156.18 128.21
N THR SG 193 26.66 -155.16 128.71
CA THR SG 193 28.14 -155.05 128.60
C THR SG 193 28.75 -156.33 129.14
N SER SG 194 28.22 -156.87 130.24
CA SER SG 194 28.67 -158.11 130.82
C SER SG 194 27.49 -159.04 131.06
N PRO SG 195 27.70 -160.35 131.02
CA PRO SG 195 26.60 -161.29 131.27
C PRO SG 195 26.06 -161.24 132.68
N ASN SG 196 26.78 -160.65 133.62
CA ASN SG 196 26.31 -160.53 134.99
C ASN SG 196 25.51 -159.26 135.24
N ASP SG 197 25.28 -158.46 134.21
CA ASP SG 197 24.46 -157.26 134.35
C ASP SG 197 23.02 -157.63 134.65
N ILE SG 198 22.32 -156.72 135.30
CA ILE SG 198 20.97 -156.99 135.79
C ILE SG 198 19.96 -156.43 134.80
N VAL SG 199 18.95 -157.24 134.47
CA VAL SG 199 17.91 -156.83 133.52
C VAL SG 199 16.54 -157.14 134.12
N VAL SG 200 15.55 -156.45 133.61
CA VAL SG 200 14.16 -156.56 134.07
C VAL SG 200 13.34 -157.33 133.04
N ASN SG 201 12.85 -158.51 133.44
CA ASN SG 201 12.12 -159.38 132.47
C ASN SG 201 10.64 -159.52 132.81
N THR SG 202 9.75 -159.30 131.84
CA THR SG 202 8.31 -159.47 131.99
C THR SG 202 7.85 -160.55 131.03
N PRO SG 203 7.50 -161.74 131.51
CA PRO SG 203 6.93 -162.78 130.63
C PRO SG 203 5.41 -162.67 130.58
N PHE SG 204 4.86 -162.66 129.37
CA PHE SG 204 3.43 -162.74 129.15
C PHE SG 204 3.09 -164.09 128.54
N HIS SG 205 1.94 -164.63 128.91
CA HIS SG 205 1.44 -165.88 128.36
C HIS SG 205 0.20 -165.59 127.53
N VAL SG 206 0.24 -165.95 126.26
CA VAL SG 206 -0.85 -165.71 125.32
C VAL SG 206 -1.48 -167.06 124.98
N GLU SG 207 -2.78 -167.19 125.24
CA GLU SG 207 -3.51 -168.41 124.93
C GLU SG 207 -4.55 -168.12 123.86
N ILE SG 208 -4.56 -168.96 122.82
CA ILE SG 208 -5.55 -168.91 121.76
C ILE SG 208 -6.21 -170.28 121.68
N GLY SG 209 -7.51 -170.34 121.96
CA GLY SG 209 -8.17 -171.62 122.02
C GLY SG 209 -7.50 -172.51 123.06
N ASN SG 210 -7.18 -173.73 122.64
CA ASN SG 210 -6.42 -174.62 123.50
C ASN SG 210 -4.92 -174.38 123.41
N LEU SG 211 -4.46 -173.78 122.31
CA LEU SG 211 -3.03 -173.54 122.13
C LEU SG 211 -2.54 -172.43 123.03
N THR SG 212 -1.28 -172.54 123.44
CA THR SG 212 -0.66 -171.56 124.33
C THR SG 212 0.74 -171.22 123.84
N GLY SG 213 1.20 -170.04 124.23
CA GLY SG 213 2.56 -169.62 123.95
C GLY SG 213 2.93 -168.51 124.91
N GLU SG 214 4.18 -168.07 124.83
CA GLU SG 214 4.64 -167.02 125.72
C GLU SG 214 5.60 -166.09 124.98
N PHE SG 215 5.73 -164.88 125.50
CA PHE SG 215 6.68 -163.93 124.96
C PHE SG 215 7.12 -162.98 126.05
N ASN SG 216 8.39 -162.60 126.02
CA ASN SG 216 8.98 -161.80 127.09
C ASN SG 216 9.38 -160.43 126.57
N ILE SG 217 9.44 -159.47 127.50
CA ILE SG 217 9.99 -158.15 127.21
C ILE SG 217 11.08 -157.87 128.22
N CYS SG 218 12.33 -157.74 127.77
CA CYS SG 218 13.48 -157.58 128.64
C CYS SG 218 14.12 -156.22 128.40
N LEU SG 219 14.32 -155.47 129.48
CA LEU SG 219 14.95 -154.17 129.42
C LEU SG 219 16.18 -154.17 130.32
N PRO SG 220 17.35 -153.78 129.81
CA PRO SG 220 18.51 -153.66 130.69
C PRO SG 220 18.28 -152.59 131.74
N PHE SG 221 18.78 -152.83 132.95
CA PHE SG 221 18.55 -151.90 134.03
C PHE SG 221 19.20 -150.55 133.79
N SER SG 222 20.17 -150.45 132.89
CA SER SG 222 20.78 -149.16 132.60
C SER SG 222 19.76 -148.19 132.02
N MET SG 223 18.88 -148.68 131.15
CA MET SG 223 17.84 -147.82 130.57
C MET SG 223 16.86 -147.37 131.64
N ILE SG 224 16.48 -148.26 132.55
CA ILE SG 224 15.48 -147.94 133.56
C ILE SG 224 16.05 -147.03 134.64
N GLU SG 225 17.34 -147.12 134.91
CA GLU SG 225 17.94 -146.42 136.05
C GLU SG 225 17.64 -144.93 136.10
N PRO SG 226 17.72 -144.15 135.02
CA PRO SG 226 17.33 -142.73 135.12
C PRO SG 226 15.87 -142.53 135.49
N LEU SG 227 15.02 -143.54 135.29
CA LEU SG 227 13.60 -143.45 135.60
C LEU SG 227 13.18 -144.29 136.80
N ARG SG 228 14.10 -144.59 137.71
CA ARG SG 228 13.79 -145.48 138.82
C ARG SG 228 12.77 -144.86 139.77
N GLU SG 229 12.94 -143.58 140.12
CA GLU SG 229 12.02 -142.94 141.04
C GLU SG 229 10.65 -142.84 140.40
N LEU SG 230 10.58 -142.77 139.07
CA LEU SG 230 9.29 -142.77 138.39
C LEU SG 230 8.68 -144.16 138.35
N LEU SG 231 9.50 -145.19 138.15
CA LEU SG 231 9.02 -146.58 137.96
C LEU SG 231 8.79 -147.27 139.32
N VAL SG 232 9.28 -146.69 140.41
CA VAL SG 232 9.17 -147.32 141.76
C VAL SG 232 7.79 -147.01 142.36
N ASN SG 233 7.43 -145.73 142.55
CA ASN SG 233 6.17 -145.42 143.22
C ASN SG 233 4.99 -145.62 142.28
N PRO SG 234 3.87 -146.11 142.78
CA PRO SG 234 2.68 -146.25 141.94
C PRO SG 234 2.22 -144.89 141.42
N PRO SG 235 1.73 -144.83 140.19
CA PRO SG 235 1.36 -143.54 139.61
C PRO SG 235 0.19 -142.90 140.35
N LEU SG 236 0.18 -141.59 140.39
CA LEU SG 236 -0.89 -140.83 141.03
C LEU SG 236 -1.62 -139.98 140.00
N GLU SG 237 -2.91 -139.77 140.23
CA GLU SG 237 -3.76 -139.01 139.32
C GLU SG 237 -3.45 -137.53 139.49
N ASN SG 238 -2.42 -137.08 138.77
CA ASN SG 238 -1.98 -135.69 138.83
C ASN SG 238 -1.74 -135.22 137.40
N SER SG 239 -1.14 -134.05 137.25
CA SER SG 239 -0.83 -133.48 135.96
C SER SG 239 0.63 -133.04 135.94
N ARG SG 240 1.15 -132.86 134.72
CA ARG SG 240 2.53 -132.39 134.59
C ARG SG 240 2.69 -130.99 135.19
N HIS SG 241 1.67 -130.15 135.05
CA HIS SG 241 1.70 -128.84 135.70
C HIS SG 241 1.78 -128.99 137.22
N GLU SG 242 0.99 -129.90 137.78
CA GLU SG 242 1.04 -130.12 139.23
C GLU SG 242 2.39 -130.67 139.66
N ASP SG 243 2.97 -131.57 138.87
CA ASP SG 243 4.27 -132.14 139.22
C ASP SG 243 5.36 -131.07 139.19
N GLN SG 244 5.38 -130.24 138.15
CA GLN SG 244 6.39 -129.20 138.10
C GLN SG 244 6.17 -128.16 139.18
N ASN SG 245 4.91 -127.87 139.53
CA ASN SG 245 4.64 -126.98 140.65
C ASN SG 245 5.15 -127.57 141.95
N TRP SG 246 4.97 -128.88 142.14
CA TRP SG 246 5.48 -129.55 143.33
C TRP SG 246 6.97 -129.42 143.65
N ARG SG 247 7.81 -129.73 142.66
CA ARG SG 247 9.28 -129.65 142.86
C ARG SG 247 9.67 -128.16 142.92
N ASP SG 248 8.93 -127.30 142.21
CA ASP SG 248 9.22 -125.84 142.26
C ASP SG 248 9.08 -125.36 143.71
N ASN SG 249 7.96 -125.67 144.35
CA ASN SG 249 7.73 -125.27 145.76
C ASN SG 249 8.79 -125.94 146.64
N LEU SG 250 9.05 -127.22 146.41
CA LEU SG 250 10.07 -127.96 147.20
C LEU SG 250 11.43 -127.27 147.01
N VAL SG 251 11.78 -126.93 145.77
CA VAL SG 251 13.06 -126.22 145.49
C VAL SG 251 13.08 -124.94 146.34
N ARG SG 252 11.98 -124.18 146.31
CA ARG SG 252 11.93 -122.95 147.09
C ARG SG 252 12.01 -123.23 148.58
N GLN SG 253 11.42 -124.34 149.04
CA GLN SG 253 11.53 -124.70 150.46
C GLN SG 253 12.94 -125.09 150.82
N VAL SG 254 13.67 -125.72 149.89
CA VAL SG 254 15.03 -126.18 150.18
C VAL SG 254 15.96 -124.99 150.39
N GLN SG 255 15.74 -123.90 149.65
CA GLN SG 255 16.64 -122.76 149.70
C GLN SG 255 16.84 -122.23 151.11
N HIS SG 256 15.82 -122.34 151.95
CA HIS SG 256 15.93 -121.87 153.34
C HIS SG 256 16.46 -122.99 154.24
N SER SG 257 17.65 -123.51 153.90
CA SER SG 257 18.33 -124.55 154.71
C SER SG 257 19.81 -124.15 154.88
N GLU SG 258 20.23 -123.87 156.11
CA GLU SG 258 21.63 -123.44 156.40
C GLU SG 258 22.61 -124.57 156.07
N LEU SG 259 23.79 -124.24 155.52
CA LEU SG 259 24.83 -125.23 155.20
C LEU SG 259 26.09 -124.95 156.03
N GLU SG 260 27.08 -125.84 156.00
CA GLU SG 260 28.37 -125.61 156.64
C GLU SG 260 29.44 -125.53 155.57
N LEU SG 261 30.03 -124.35 155.40
CA LEU SG 261 31.05 -124.12 154.39
C LEU SG 261 32.42 -124.04 155.04
N VAL SG 262 33.37 -124.78 154.50
CA VAL SG 262 34.71 -124.90 155.08
C VAL SG 262 35.73 -124.45 154.04
N ALA SG 263 36.60 -123.53 154.44
CA ALA SG 263 37.65 -123.02 153.56
C ALA SG 263 38.97 -123.67 153.92
N ASN SG 264 39.67 -124.21 152.92
CA ASN SG 264 40.96 -124.85 153.11
C ASN SG 264 42.04 -123.89 152.64
N PHE SG 265 42.87 -123.42 153.59
CA PHE SG 265 43.97 -122.47 153.31
C PHE SG 265 45.17 -123.20 152.69
N ALA SG 266 45.57 -124.34 153.26
CA ALA SG 266 46.74 -125.12 152.77
C ALA SG 266 46.59 -126.61 153.07
N ASP SG 267 47.32 -127.49 152.38
CA ASP SG 267 47.32 -128.92 152.64
C ASP SG 267 48.76 -129.41 152.55
N ILE SG 268 49.40 -129.61 153.70
CA ILE SG 268 50.81 -129.93 153.78
C ILE SG 268 50.94 -131.43 154.06
N PRO SG 269 51.81 -132.19 153.35
CA PRO SG 269 51.97 -133.65 153.56
C PRO SG 269 53.12 -133.96 154.53
N LEU SG 270 52.79 -134.47 155.73
CA LEU SG 270 53.82 -134.86 156.71
C LEU SG 270 53.72 -136.35 157.05
N ARG SG 271 54.84 -136.97 157.38
CA ARG SG 271 54.86 -138.39 157.80
C ARG SG 271 54.34 -138.50 159.24
N LEU SG 272 53.94 -139.70 159.65
CA LEU SG 272 53.49 -139.91 161.04
C LEU SG 272 54.63 -139.56 162.01
N SER SG 273 55.86 -139.87 161.62
CA SER SG 273 57.02 -139.63 162.50
C SER SG 273 57.11 -138.13 162.82
N GLN SG 274 56.90 -137.29 161.82
CA GLN SG 274 56.93 -135.83 162.08
C GLN SG 274 55.81 -135.50 163.07
N ILE SG 275 54.62 -136.11 162.90
CA ILE SG 275 53.48 -135.71 163.78
C ILE SG 275 53.76 -135.98 165.28
N LEU SG 276 54.30 -137.15 165.63
CA LEU SG 276 54.65 -137.40 167.05
C LEU SG 276 55.73 -136.51 167.69
N LYS SG 277 56.78 -136.21 166.94
CA LYS SG 277 57.82 -135.24 167.40
C LYS SG 277 57.32 -133.76 167.29
N LEU SG 278 56.21 -133.63 166.54
CA LEU SG 278 55.65 -132.28 166.30
C LEU SG 278 55.30 -131.86 167.72
N LYS SG 279 55.68 -130.64 168.08
CA LYS SG 279 55.39 -130.06 169.40
C LYS SG 279 55.23 -128.56 169.20
N PRO SG 280 54.60 -127.78 170.10
CA PRO SG 280 54.35 -126.32 169.85
C PRO SG 280 55.63 -125.57 169.55
N GLY SG 281 55.58 -124.53 168.69
CA GLY SG 281 56.70 -123.71 168.32
C GLY SG 281 57.34 -124.07 166.99
N ASP SG 282 57.02 -125.24 166.44
CA ASP SG 282 57.62 -125.64 165.17
C ASP SG 282 57.01 -124.84 164.01
N VAL SG 283 57.73 -124.82 162.90
CA VAL SG 283 57.26 -124.16 161.68
C VAL SG 283 57.24 -125.20 160.57
N LEU SG 284 56.07 -125.37 159.96
CA LEU SG 284 55.91 -126.31 158.85
C LEU SG 284 55.71 -125.51 157.57
N PRO SG 285 56.62 -125.61 156.61
CA PRO SG 285 56.54 -124.71 155.45
C PRO SG 285 55.37 -125.07 154.54
N ILE SG 286 54.73 -124.02 154.01
CA ILE SG 286 53.60 -124.17 153.10
C ILE SG 286 53.89 -123.34 151.86
N GLU SG 287 53.18 -123.66 150.79
CA GLU SG 287 53.34 -122.99 149.50
C GLU SG 287 52.31 -121.87 149.37
N LYS SG 288 52.45 -121.10 148.30
CA LYS SG 288 51.53 -120.00 148.03
C LYS SG 288 50.15 -120.55 147.67
N PRO SG 289 49.11 -120.22 148.42
CA PRO SG 289 47.75 -120.48 147.94
C PRO SG 289 47.28 -119.37 147.02
N ASP SG 290 47.24 -119.63 145.71
CA ASP SG 290 46.72 -118.61 144.75
C ASP SG 290 45.21 -118.47 144.98
N ARG SG 291 44.51 -119.59 145.17
CA ARG SG 291 43.08 -119.57 145.41
C ARG SG 291 42.74 -120.52 146.55
N ILE SG 292 41.65 -120.22 147.24
CA ILE SG 292 41.20 -120.98 148.41
C ILE SG 292 39.93 -121.76 148.13
N ILE SG 293 40.02 -123.08 148.22
CA ILE SG 293 38.87 -123.94 147.97
C ILE SG 293 37.91 -123.98 149.17
N ALA SG 294 36.64 -123.77 148.90
CA ALA SG 294 35.58 -123.82 149.91
C ALA SG 294 34.67 -124.98 149.56
N HIS SG 295 34.53 -125.91 150.51
CA HIS SG 295 33.81 -127.16 150.32
C HIS SG 295 32.79 -127.35 151.41
N VAL SG 296 31.69 -128.02 151.08
CA VAL SG 296 30.65 -128.38 152.03
C VAL SG 296 30.68 -129.89 152.19
N ASP SG 297 31.09 -130.36 153.37
CA ASP SG 297 31.15 -131.78 153.67
C ASP SG 297 32.02 -132.54 152.66
N GLY SG 298 33.09 -131.89 152.22
CA GLY SG 298 34.01 -132.52 151.28
C GLY SG 298 33.89 -132.01 149.86
N VAL SG 299 32.67 -131.77 149.41
CA VAL SG 299 32.43 -131.37 148.02
C VAL SG 299 32.81 -129.91 147.84
N PRO SG 300 33.76 -129.59 146.96
CA PRO SG 300 34.16 -128.19 146.80
C PRO SG 300 33.10 -127.40 146.05
N VAL SG 301 32.85 -126.18 146.53
CA VAL SG 301 31.78 -125.35 145.99
C VAL SG 301 32.33 -124.04 145.46
N LEU SG 302 33.41 -123.54 146.05
CA LEU SG 302 33.87 -122.19 145.75
C LEU SG 302 35.39 -122.28 145.70
N THR SG 303 35.99 -121.37 144.93
CA THR SG 303 37.41 -121.02 145.06
C THR SG 303 37.42 -119.50 145.14
N SER SG 304 38.10 -118.96 146.15
CA SER SG 304 38.01 -117.55 146.47
C SER SG 304 39.32 -117.21 147.16
N GLN SG 305 39.70 -115.93 147.06
CA GLN SG 305 41.00 -115.45 147.51
C GLN SG 305 40.77 -115.09 148.97
N TYR SG 306 41.76 -115.38 149.81
CA TYR SG 306 41.65 -115.10 151.23
C TYR SG 306 41.80 -113.61 151.50
N GLY SG 307 41.32 -113.19 152.66
CA GLY SG 307 41.43 -111.81 153.06
C GLY SG 307 40.90 -111.62 154.47
N THR SG 308 41.01 -110.38 154.94
CA THR SG 308 40.53 -110.01 156.27
C THR SG 308 39.62 -108.80 156.13
N VAL SG 309 38.40 -108.91 156.64
CA VAL SG 309 37.42 -107.83 156.58
C VAL SG 309 36.71 -107.77 157.92
N ASN SG 310 36.62 -106.55 158.49
CA ASN SG 310 35.91 -106.30 159.75
C ASN SG 310 36.45 -107.18 160.86
N GLY SG 311 37.76 -107.40 160.87
CA GLY SG 311 38.37 -108.27 161.86
C GLY SG 311 38.04 -109.74 161.68
N GLN SG 312 37.41 -110.10 160.58
CA GLN SG 312 37.02 -111.48 160.31
C GLN SG 312 37.81 -112.02 159.13
N TYR SG 313 38.11 -113.31 159.18
CA TYR SG 313 38.72 -113.98 158.03
C TYR SG 313 37.71 -114.00 156.88
N ALA SG 314 38.05 -113.32 155.78
CA ALA SG 314 37.12 -113.16 154.68
C ALA SG 314 37.65 -113.85 153.43
N LEU SG 315 36.73 -114.13 152.51
CA LEU SG 315 37.08 -114.71 151.22
C LEU SG 315 36.40 -113.91 150.12
N ARG SG 316 37.18 -113.49 149.13
CA ARG SG 316 36.67 -112.79 147.96
C ARG SG 316 36.34 -113.84 146.91
N VAL SG 317 35.04 -114.10 146.72
CA VAL SG 317 34.62 -115.19 145.85
C VAL SG 317 35.05 -114.90 144.42
N GLU SG 318 35.76 -115.83 143.84
CA GLU SG 318 36.19 -115.71 142.45
C GLU SG 318 35.40 -116.56 141.47
N HIS SG 319 35.01 -117.79 141.85
CA HIS SG 319 34.36 -118.70 140.87
C HIS SG 319 33.56 -119.81 141.53
N LEU SG 320 32.26 -119.91 141.22
CA LEU SG 320 31.45 -121.03 141.66
C LEU SG 320 31.77 -122.25 140.81
N ILE SG 321 32.07 -123.36 141.46
CA ILE SG 321 32.55 -124.54 140.73
C ILE SG 321 31.38 -125.25 140.09
N ASN SG 322 31.07 -124.89 138.85
CA ASN SG 322 30.04 -125.58 138.11
C ASN SG 322 30.58 -126.89 137.53
N PRO SG 323 29.71 -127.90 137.35
CA PRO SG 323 30.15 -129.16 136.76
C PRO SG 323 30.06 -129.17 135.24
N GLN TG 52 50.81 -155.29 169.06
CA GLN TG 52 51.07 -153.89 169.37
C GLN TG 52 52.43 -153.47 168.85
N ASP TG 53 52.51 -153.24 167.55
CA ASP TG 53 53.75 -152.85 166.89
C ASP TG 53 53.88 -151.34 166.84
N ILE TG 54 55.10 -150.86 166.67
CA ILE TG 54 55.36 -149.43 166.68
C ILE TG 54 56.08 -149.00 165.41
N ASP TG 55 57.15 -149.72 165.03
CA ASP TG 55 57.88 -149.41 163.78
C ASP TG 55 57.00 -149.74 162.58
N LEU TG 56 55.95 -150.55 162.75
CA LEU TG 56 55.08 -150.98 161.63
C LEU TG 56 54.37 -149.76 161.01
N ILE TG 57 53.89 -148.82 161.83
CA ILE TG 57 53.14 -147.63 161.34
C ILE TG 57 53.96 -146.37 161.61
N MET TG 58 55.25 -146.52 161.94
CA MET TG 58 56.09 -145.38 162.28
C MET TG 58 56.35 -144.49 161.07
N ASP TG 59 56.07 -145.00 159.86
CA ASP TG 59 56.43 -144.34 158.62
C ASP TG 59 55.23 -143.98 157.74
N ILE TG 60 54.02 -144.32 158.16
CA ILE TG 60 52.82 -144.09 157.34
C ILE TG 60 52.62 -142.59 157.13
N PRO TG 61 52.34 -142.13 155.92
CA PRO TG 61 52.13 -140.69 155.71
C PRO TG 61 50.71 -140.28 156.05
N VAL TG 62 50.57 -139.02 156.47
CA VAL TG 62 49.27 -138.44 156.79
C VAL TG 62 49.32 -137.11 156.06
N LYS TG 63 48.12 -136.57 155.77
CA LYS TG 63 47.96 -135.27 155.09
C LYS TG 63 47.34 -134.32 156.10
N LEU TG 64 47.90 -133.13 156.27
CA LEU TG 64 47.44 -132.16 157.27
C LEU TG 64 46.81 -130.99 156.53
N THR TG 65 45.65 -130.55 157.00
CA THR TG 65 44.94 -129.43 156.39
C THR TG 65 44.78 -128.34 157.43
N VAL TG 66 44.73 -127.10 156.97
CA VAL TG 66 44.51 -125.93 157.81
C VAL TG 66 43.37 -125.10 157.24
N GLU TG 67 42.53 -124.56 158.10
CA GLU TG 67 41.34 -123.84 157.68
C GLU TG 67 41.46 -122.34 157.82
N LEU TG 68 40.70 -121.59 157.03
CA LEU TG 68 40.56 -120.16 157.30
C LEU TG 68 39.58 -120.01 158.45
N GLY TG 69 38.41 -120.64 158.33
CA GLY TG 69 37.43 -120.58 159.40
C GLY TG 69 36.15 -121.26 159.01
N ARG TG 70 35.31 -121.46 160.02
CA ARG TG 70 33.96 -121.99 159.84
C ARG TG 70 33.06 -120.86 159.36
N THR TG 71 31.91 -121.23 158.81
CA THR TG 71 30.82 -120.30 158.58
C THR TG 71 29.70 -121.22 158.16
N ARG TG 72 28.46 -120.78 158.42
CA ARG TG 72 27.26 -121.54 158.11
C ARG TG 72 26.34 -120.58 157.38
N MET TG 73 25.97 -120.91 156.15
CA MET TG 73 25.31 -119.97 155.26
C MET TG 73 24.43 -120.85 154.39
N THR TG 74 23.19 -120.40 154.12
CA THR TG 74 22.17 -121.25 153.47
C THR TG 74 22.33 -121.30 151.98
N ILE TG 75 21.46 -122.07 151.33
CA ILE TG 75 21.48 -122.24 149.85
C ILE TG 75 21.22 -120.87 149.20
N LYS TG 76 20.33 -120.05 149.76
CA LYS TG 76 19.98 -118.73 149.17
C LYS TG 76 21.23 -117.89 148.86
N GLU TG 77 22.01 -117.47 149.86
CA GLU TG 77 23.22 -116.67 149.72
C GLU TG 77 24.29 -117.35 148.87
N LEU TG 78 24.42 -118.67 148.99
CA LEU TG 78 25.35 -119.40 148.13
C LEU TG 78 25.04 -119.30 146.64
N LEU TG 79 23.77 -119.35 146.28
CA LEU TG 79 23.40 -119.20 144.88
C LEU TG 79 23.51 -117.81 144.29
N ARG TG 80 23.37 -116.78 145.12
CA ARG TG 80 23.52 -115.40 144.65
C ARG TG 80 24.95 -114.79 144.88
N LEU TG 81 25.88 -115.67 145.25
CA LEU TG 81 27.26 -115.25 145.42
C LEU TG 81 27.70 -115.05 143.98
N THR TG 82 28.39 -113.93 143.74
CA THR TG 82 28.82 -113.59 142.39
C THR TG 82 30.34 -113.40 142.48
N GLN TG 83 30.97 -113.12 141.34
CA GLN TG 83 32.41 -112.85 141.37
C GLN TG 83 32.67 -111.56 142.10
N GLY TG 84 33.70 -111.54 142.94
CA GLY TG 84 34.05 -110.36 143.71
C GLY TG 84 33.28 -110.23 145.01
N SER TG 85 32.27 -111.07 145.23
CA SER TG 85 31.54 -111.02 146.49
C SER TG 85 32.42 -111.51 147.63
N VAL TG 86 32.22 -110.92 148.81
CA VAL TG 86 33.05 -111.20 149.98
C VAL TG 86 32.18 -111.86 151.04
N VAL TG 87 32.66 -112.96 151.59
CA VAL TG 87 31.98 -113.69 152.66
C VAL TG 87 32.94 -113.81 153.84
N ALA TG 88 32.45 -113.60 155.05
CA ALA TG 88 33.28 -113.66 156.28
C ALA TG 88 33.46 -115.11 156.75
N LEU TG 89 33.97 -115.31 157.97
CA LEU TG 89 34.21 -116.64 158.58
C LEU TG 89 33.90 -116.44 160.06
N ASP TG 90 33.86 -117.49 160.88
CA ASP TG 90 33.48 -117.40 162.31
C ASP TG 90 34.66 -116.97 163.18
N GLY TG 91 35.88 -116.86 162.63
CA GLY TG 91 37.06 -116.50 163.40
C GLY TG 91 37.61 -115.09 163.23
N LEU TG 92 37.92 -114.47 164.37
CA LEU TG 92 38.57 -113.16 164.33
C LEU TG 92 39.93 -113.27 163.67
N ALA TG 93 40.31 -112.23 162.94
CA ALA TG 93 41.60 -112.23 162.27
C ALA TG 93 42.70 -112.16 163.32
N GLY TG 94 43.34 -113.28 163.60
CA GLY TG 94 44.38 -113.33 164.60
C GLY TG 94 44.40 -114.60 165.43
N GLU TG 95 43.24 -115.29 165.54
CA GLU TG 95 43.25 -116.54 166.28
C GLU TG 95 44.03 -117.60 165.51
N PRO TG 96 44.61 -118.57 166.22
CA PRO TG 96 45.33 -119.65 165.52
C PRO TG 96 44.35 -120.54 164.77
N LEU TG 97 44.72 -120.88 163.54
CA LEU TG 97 43.89 -121.76 162.71
C LEU TG 97 43.97 -123.19 163.23
N ASP TG 98 42.95 -123.98 162.88
CA ASP TG 98 42.89 -125.38 163.39
C ASP TG 98 43.52 -126.32 162.36
N ILE TG 99 44.51 -127.11 162.79
CA ILE TG 99 45.16 -128.11 161.90
C ILE TG 99 44.42 -129.45 162.09
N LEU TG 100 44.09 -130.13 160.98
CA LEU TG 100 43.29 -131.39 161.09
C LEU TG 100 43.89 -132.49 160.22
N ILE TG 101 43.69 -133.76 160.61
CA ILE TG 101 44.16 -134.92 159.78
C ILE TG 101 42.96 -135.86 159.58
N ASN TG 102 42.67 -136.23 158.33
CA ASN TG 102 41.54 -137.17 158.05
C ASN TG 102 40.29 -136.61 158.74
N GLY TG 103 40.14 -135.27 158.74
CA GLY TG 103 38.94 -134.61 159.31
C GLY TG 103 38.93 -134.65 160.83
N TYR TG 104 40.06 -134.93 161.47
CA TYR TG 104 40.16 -135.05 162.96
C TYR TG 104 41.10 -133.98 163.48
N LEU TG 105 40.69 -133.23 164.52
CA LEU TG 105 41.51 -132.10 165.00
C LEU TG 105 42.84 -132.68 165.50
N ILE TG 106 43.94 -132.00 165.20
CA ILE TG 106 45.30 -132.48 165.60
C ILE TG 106 46.12 -131.34 166.21
N ALA TG 107 45.92 -130.07 165.82
CA ALA TG 107 46.80 -129.00 166.30
C ALA TG 107 46.15 -127.66 166.05
N GLN TG 108 46.87 -126.59 166.43
CA GLN TG 108 46.49 -125.22 166.12
C GLN TG 108 47.73 -124.39 165.83
N GLY TG 109 47.65 -123.56 164.80
CA GLY TG 109 48.75 -122.69 164.43
C GLY TG 109 48.32 -121.68 163.39
N GLU TG 110 49.13 -120.62 163.27
CA GLU TG 110 48.85 -119.54 162.34
C GLU TG 110 49.97 -119.44 161.30
N VAL TG 111 49.68 -118.72 160.22
CA VAL TG 111 50.64 -118.53 159.15
C VAL TG 111 51.61 -117.41 159.54
N VAL TG 112 52.88 -117.59 159.20
CA VAL TG 112 53.94 -116.63 159.51
C VAL TG 112 54.78 -116.36 158.27
N VAL TG 113 55.18 -115.11 158.09
CA VAL TG 113 56.04 -114.69 156.98
C VAL TG 113 57.47 -114.49 157.46
N VAL TG 114 58.41 -115.29 156.95
CA VAL TG 114 59.78 -115.20 157.43
C VAL TG 114 60.58 -114.29 156.51
N ALA TG 115 60.75 -114.76 155.28
CA ALA TG 115 61.40 -113.95 154.24
C ALA TG 115 60.51 -113.67 153.02
N ASP TG 116 60.34 -114.68 152.17
CA ASP TG 116 59.39 -114.59 151.03
C ASP TG 116 58.78 -115.99 151.03
N LYS TG 117 58.67 -116.61 152.20
CA LYS TG 117 58.18 -118.01 152.30
C LYS TG 117 57.12 -118.12 153.41
N TYR TG 118 56.23 -119.11 153.33
CA TYR TG 118 55.12 -119.20 154.31
C TYR TG 118 55.16 -120.52 155.08
N GLY TG 119 54.64 -120.50 156.31
CA GLY TG 119 54.53 -121.71 157.12
C GLY TG 119 53.62 -121.50 158.31
N VAL TG 120 53.25 -122.61 158.94
CA VAL TG 120 52.33 -122.58 160.07
C VAL TG 120 53.19 -122.70 161.32
N ARG TG 121 52.93 -121.81 162.28
CA ARG TG 121 53.63 -121.79 163.56
C ARG TG 121 52.64 -122.37 164.57
N ILE TG 122 52.83 -123.64 164.92
CA ILE TG 122 51.90 -124.34 165.77
C ILE TG 122 51.96 -123.76 167.18
N THR TG 123 50.79 -123.48 167.75
CA THR TG 123 50.70 -122.87 169.08
C THR TG 123 50.66 -123.92 170.19
N ASP TG 124 49.89 -124.98 170.02
CA ASP TG 124 49.75 -125.97 171.07
C ASP TG 124 49.21 -127.27 170.47
N ILE TG 125 49.16 -128.30 171.31
CA ILE TG 125 48.59 -129.60 170.96
C ILE TG 125 47.38 -129.82 171.85
N ILE TG 126 46.25 -130.12 171.24
CA ILE TG 126 44.99 -130.23 171.98
C ILE TG 126 44.92 -131.60 172.67
N THR TG 127 44.85 -131.57 174.00
CA THR TG 127 44.58 -132.75 174.78
C THR TG 127 43.11 -133.15 174.61
N PRO TG 128 42.77 -134.42 174.89
CA PRO TG 128 41.37 -134.83 174.74
C PRO TG 128 40.38 -133.97 175.51
N SER TG 129 40.76 -133.53 176.72
CA SER TG 129 39.86 -132.72 177.54
C SER TG 129 39.41 -131.51 176.73
N GLU TG 130 40.35 -130.78 176.15
CA GLU TG 130 40.00 -129.70 175.25
C GLU TG 130 39.13 -130.16 174.09
N ARG TG 131 39.50 -131.27 173.45
CA ARG TG 131 38.67 -131.83 172.37
C ARG TG 131 37.23 -132.04 172.86
N MET TG 132 37.06 -132.52 174.08
CA MET TG 132 35.71 -132.83 174.60
C MET TG 132 34.89 -131.53 174.68
N ARG TG 133 35.50 -130.44 175.13
CA ARG TG 133 34.78 -129.14 175.24
C ARG TG 133 34.58 -128.56 173.83
N ARG TG 134 35.41 -129.01 172.89
CA ARG TG 134 35.33 -128.53 171.47
C ARG TG 134 33.97 -129.07 170.98
N LEU TG 135 33.78 -130.39 171.10
CA LEU TG 135 32.48 -131.00 170.76
C LEU TG 135 31.30 -130.48 171.60
N SER TG 136 31.53 -130.24 172.90
CA SER TG 136 30.44 -129.80 173.80
C SER TG 136 30.04 -128.36 173.48
N ARG TG 137 30.96 -127.52 173.00
CA ARG TG 137 30.59 -126.13 172.80
C ARG TG 137 31.22 -125.57 171.53
N ASP UG 53 52.49 -139.21 174.59
CA ASP UG 53 52.51 -138.76 173.19
C ASP UG 53 51.98 -139.83 172.25
N ILE UG 54 52.09 -141.10 172.67
CA ILE UG 54 51.56 -142.20 171.85
C ILE UG 54 50.05 -142.05 171.82
N ASP UG 55 49.45 -141.58 172.93
CA ASP UG 55 48.01 -141.41 173.00
C ASP UG 55 47.47 -140.48 171.92
N LEU UG 56 48.24 -139.44 171.56
CA LEU UG 56 47.83 -138.55 170.49
C LEU UG 56 47.65 -139.20 169.12
N ILE UG 57 48.59 -140.09 168.78
CA ILE UG 57 48.57 -140.75 167.45
C ILE UG 57 48.06 -142.20 167.60
N MET UG 58 47.27 -142.48 168.64
CA MET UG 58 46.80 -143.84 168.86
C MET UG 58 45.32 -143.74 168.48
N ASP UG 59 44.81 -142.53 168.29
CA ASP UG 59 43.34 -142.37 168.02
C ASP UG 59 43.05 -141.86 166.60
N ILE UG 60 44.01 -141.21 165.95
CA ILE UG 60 43.79 -140.61 164.62
C ILE UG 60 43.24 -141.52 163.52
N PRO UG 61 42.23 -141.08 162.74
CA PRO UG 61 41.72 -141.86 161.58
C PRO UG 61 42.74 -141.90 160.47
N VAL UG 62 42.68 -142.92 159.60
CA VAL UG 62 43.59 -143.06 158.48
C VAL UG 62 42.77 -143.84 157.46
N LYS UG 63 43.18 -143.75 156.20
CA LYS UG 63 42.43 -144.37 155.11
C LYS UG 63 43.18 -145.64 154.72
N LEU UG 64 42.46 -146.75 154.65
CA LEU UG 64 43.04 -148.06 154.33
C LEU UG 64 42.46 -148.50 153.00
N THR UG 65 43.31 -149.09 152.16
CA THR UG 65 42.88 -149.64 150.88
C THR UG 65 43.55 -150.99 150.69
N VAL UG 66 42.96 -151.82 149.83
CA VAL UG 66 43.58 -153.07 149.40
C VAL UG 66 43.44 -153.17 147.89
N GLU UG 67 44.55 -153.39 147.21
CA GLU UG 67 44.54 -153.40 145.75
C GLU UG 67 44.59 -154.83 145.24
N LEU UG 68 43.71 -155.16 144.28
CA LEU UG 68 43.58 -156.55 143.77
C LEU UG 68 44.50 -156.81 142.56
N GLY UG 69 44.83 -155.77 141.79
CA GLY UG 69 45.57 -155.94 140.52
C GLY UG 69 46.61 -154.87 140.29
N ARG UG 70 47.57 -155.14 139.41
CA ARG UG 70 48.63 -154.17 139.05
C ARG UG 70 49.11 -154.49 137.62
N THR UG 71 49.01 -153.53 136.70
CA THR UG 71 49.39 -153.74 135.29
C THR UG 71 50.08 -152.49 134.81
N ARG UG 72 51.07 -152.60 133.93
CA ARG UG 72 51.74 -151.48 133.27
C ARG UG 72 51.28 -151.40 131.82
N MET UG 73 50.86 -150.19 131.41
CA MET UG 73 50.31 -150.05 130.04
C MET UG 73 50.72 -148.74 129.39
N THR UG 74 50.71 -148.69 128.05
CA THR UG 74 50.99 -147.50 127.27
C THR UG 74 49.62 -146.91 126.96
N ILE UG 75 49.59 -145.82 126.21
CA ILE UG 75 48.27 -145.13 126.00
C ILE UG 75 47.59 -145.72 124.77
N LYS UG 76 48.39 -146.20 123.83
CA LYS UG 76 47.78 -146.91 122.69
C LYS UG 76 46.89 -147.93 123.38
N GLU UG 77 47.46 -148.68 124.33
CA GLU UG 77 46.69 -149.76 125.00
C GLU UG 77 45.50 -149.20 125.79
N LEU UG 78 45.70 -148.12 126.56
CA LEU UG 78 44.60 -147.60 127.41
C LEU UG 78 43.44 -147.10 126.55
N LEU UG 79 43.75 -146.36 125.48
CA LEU UG 79 42.73 -145.81 124.56
C LEU UG 79 42.02 -146.98 123.87
N ARG UG 80 42.77 -148.02 123.52
CA ARG UG 80 42.21 -149.17 122.77
C ARG UG 80 41.11 -149.82 123.62
N LEU UG 81 41.32 -149.93 124.94
CA LEU UG 81 40.26 -150.45 125.84
C LEU UG 81 38.93 -149.78 125.45
N THR UG 82 37.83 -150.54 125.31
CA THR UG 82 36.50 -149.94 125.06
C THR UG 82 35.56 -150.41 126.15
N GLN UG 83 34.24 -150.36 125.90
CA GLN UG 83 33.32 -150.89 126.90
C GLN UG 83 33.29 -152.41 126.82
N GLY UG 84 33.42 -153.06 127.96
CA GLY UG 84 33.45 -154.51 128.01
C GLY UG 84 34.80 -155.13 127.78
N SER UG 85 35.84 -154.33 127.51
CA SER UG 85 37.17 -154.88 127.30
C SER UG 85 37.71 -155.45 128.59
N VAL UG 86 38.36 -156.60 128.49
CA VAL UG 86 38.95 -157.28 129.64
C VAL UG 86 40.43 -156.95 129.70
N VAL UG 87 40.89 -156.46 130.84
CA VAL UG 87 42.28 -156.09 131.05
C VAL UG 87 42.91 -157.13 131.96
N ALA UG 88 43.94 -157.82 131.46
CA ALA UG 88 44.64 -158.81 132.26
C ALA UG 88 45.50 -158.17 133.34
N LEU UG 89 45.62 -158.87 134.47
CA LEU UG 89 46.44 -158.44 135.59
C LEU UG 89 47.71 -159.20 135.85
N ASP UG 90 48.83 -158.47 136.02
CA ASP UG 90 50.11 -159.11 136.27
C ASP UG 90 50.04 -160.12 137.46
N GLY UG 91 49.30 -159.71 138.49
CA GLY UG 91 49.00 -160.60 139.59
C GLY UG 91 48.30 -161.92 139.36
N LEU UG 92 48.94 -163.02 139.74
CA LEU UG 92 48.34 -164.34 139.59
C LEU UG 92 47.20 -164.50 140.60
N ALA UG 93 46.31 -165.46 140.31
CA ALA UG 93 45.22 -165.73 141.23
C ALA UG 93 45.74 -166.35 142.52
N GLY UG 94 45.23 -165.88 143.65
CA GLY UG 94 45.59 -166.42 144.94
C GLY UG 94 46.80 -165.78 145.60
N GLU UG 95 47.53 -164.93 144.89
CA GLU UG 95 48.67 -164.27 145.50
C GLU UG 95 48.20 -163.24 146.52
N PRO UG 96 48.95 -162.91 147.59
CA PRO UG 96 48.44 -161.97 148.63
C PRO UG 96 48.24 -160.56 148.05
N LEU UG 97 47.03 -159.99 148.20
CA LEU UG 97 46.71 -158.61 147.72
C LEU UG 97 47.54 -157.60 148.51
N ASP UG 98 48.06 -156.54 147.89
CA ASP UG 98 48.76 -155.50 148.69
C ASP UG 98 47.74 -154.76 149.56
N ILE UG 99 48.07 -154.38 150.78
CA ILE UG 99 47.25 -153.54 151.64
C ILE UG 99 48.02 -152.25 151.89
N LEU UG 100 47.40 -151.13 151.56
CA LEU UG 100 48.05 -149.83 151.59
C LEU UG 100 47.36 -148.93 152.60
N ILE UG 101 48.15 -148.06 153.23
CA ILE UG 101 47.65 -147.06 154.16
C ILE UG 101 48.05 -145.71 153.62
N ASN UG 102 47.07 -144.93 153.16
CA ASN UG 102 47.32 -143.65 152.51
C ASN UG 102 48.29 -143.82 151.34
N GLY UG 103 48.15 -144.93 150.63
CA GLY UG 103 49.02 -145.24 149.52
C GLY UG 103 50.35 -145.85 149.89
N TYR UG 104 50.55 -146.23 151.14
CA TYR UG 104 51.81 -146.80 151.62
C TYR UG 104 51.60 -148.26 151.94
N LEU UG 105 52.37 -149.14 151.30
CA LEU UG 105 52.23 -150.57 151.49
C LEU UG 105 52.81 -150.98 152.84
N ILE UG 106 52.02 -151.75 153.61
CA ILE UG 106 52.49 -152.21 154.91
C ILE UG 106 52.32 -153.72 155.05
N ALA UG 107 51.42 -154.31 154.27
CA ALA UG 107 51.07 -155.70 154.52
C ALA UG 107 50.55 -156.37 153.26
N GLN UG 108 50.51 -157.70 153.30
CA GLN UG 108 49.99 -158.52 152.22
C GLN UG 108 48.99 -159.52 152.79
N GLY UG 109 47.88 -159.70 152.07
CA GLY UG 109 46.87 -160.65 152.51
C GLY UG 109 45.85 -161.09 151.49
N GLU UG 110 45.28 -162.27 151.71
CA GLU UG 110 44.28 -162.81 150.79
C GLU UG 110 42.89 -162.23 150.86
N VAL UG 111 42.11 -162.45 149.81
CA VAL UG 111 40.81 -161.81 149.65
C VAL UG 111 39.86 -162.82 150.27
N VAL UG 112 38.91 -162.32 151.05
CA VAL UG 112 37.86 -163.13 151.65
C VAL UG 112 36.64 -162.24 151.86
N VAL UG 113 35.45 -162.82 151.71
CA VAL UG 113 34.21 -162.07 151.85
C VAL UG 113 33.49 -162.54 153.10
N VAL UG 114 33.09 -161.57 153.94
CA VAL UG 114 32.43 -161.89 155.23
C VAL UG 114 31.08 -161.16 155.31
N ALA UG 115 29.98 -161.89 155.53
CA ALA UG 115 28.64 -161.25 155.71
C ALA UG 115 28.28 -160.42 154.48
N ASP UG 116 28.63 -160.88 153.28
CA ASP UG 116 28.26 -160.21 152.00
C ASP UG 116 28.99 -158.86 151.85
N LYS UG 117 30.08 -158.65 152.58
CA LYS UG 117 30.87 -157.39 152.46
C LYS UG 117 32.32 -157.79 152.17
N TYR UG 118 32.96 -157.10 151.23
CA TYR UG 118 34.39 -157.41 150.92
C TYR UG 118 35.29 -157.37 152.15
N GLY UG 119 36.35 -158.18 152.15
CA GLY UG 119 37.30 -158.17 153.26
C GLY UG 119 38.63 -158.74 152.82
N VAL UG 120 39.56 -158.75 153.76
CA VAL UG 120 40.90 -159.26 153.50
C VAL UG 120 41.49 -159.77 154.80
N ARG UG 121 42.14 -160.92 154.73
CA ARG UG 121 42.85 -161.50 155.87
C ARG UG 121 44.32 -161.17 155.81
N ILE UG 122 44.84 -160.55 156.86
CA ILE UG 122 46.24 -160.12 156.87
C ILE UG 122 47.14 -161.34 156.98
N THR UG 123 47.68 -161.79 155.85
CA THR UG 123 48.59 -162.93 155.86
C THR UG 123 49.90 -162.56 156.54
N ASP UG 124 50.48 -161.42 156.18
CA ASP UG 124 51.74 -161.03 156.79
C ASP UG 124 51.93 -159.52 156.64
N ILE UG 125 52.84 -158.99 157.44
CA ILE UG 125 53.28 -157.60 157.32
C ILE UG 125 54.68 -157.60 156.70
N ILE UG 126 54.84 -156.87 155.61
CA ILE UG 126 56.10 -156.86 154.90
C ILE UG 126 57.13 -156.03 155.65
N THR UG 127 58.27 -156.63 155.94
CA THR UG 127 59.45 -155.98 156.45
C THR UG 127 60.16 -155.23 155.32
N PRO UG 128 60.82 -154.10 155.60
CA PRO UG 128 61.34 -153.27 154.51
C PRO UG 128 62.38 -153.99 153.66
N SER UG 129 62.69 -155.25 153.94
CA SER UG 129 63.60 -155.99 153.08
C SER UG 129 62.94 -156.18 151.71
N GLU UG 130 61.61 -156.39 151.69
CA GLU UG 130 60.90 -156.64 150.40
C GLU UG 130 60.66 -155.35 149.63
N ARG UG 131 60.80 -154.19 150.27
CA ARG UG 131 60.51 -152.90 149.64
C ARG UG 131 61.53 -152.64 148.54
N MET UG 132 62.80 -152.99 148.78
CA MET UG 132 63.79 -152.86 147.69
C MET UG 132 63.27 -153.64 146.47
N ARG UG 133 62.82 -154.88 146.71
CA ARG UG 133 62.30 -155.74 145.61
C ARG UG 133 60.97 -155.24 145.02
N ARG UG 134 60.23 -154.42 145.78
CA ARG UG 134 58.95 -153.85 145.28
C ARG UG 134 59.26 -152.88 144.13
N LEU UG 135 60.54 -152.53 143.96
CA LEU UG 135 60.95 -151.61 142.87
C LEU UG 135 62.20 -152.17 142.17
N ALA VG 37 77.14 -120.24 139.78
CA ALA VG 37 76.47 -119.33 138.87
C ALA VG 37 76.43 -119.90 137.46
N VAL VG 38 76.65 -121.20 137.34
CA VAL VG 38 76.64 -121.87 136.05
C VAL VG 38 75.25 -121.87 135.43
N PHE VG 39 74.23 -122.18 136.22
CA PHE VG 39 72.86 -122.22 135.70
C PHE VG 39 72.39 -120.82 135.35
N GLN VG 40 71.68 -120.69 134.24
CA GLN VG 40 71.18 -119.41 133.78
C GLN VG 40 69.75 -119.26 134.27
N GLN VG 41 69.44 -118.07 134.79
CA GLN VG 41 68.16 -117.83 135.43
C GLN VG 41 67.02 -117.61 134.43
N LEU VG 42 66.13 -118.59 134.33
CA LEU VG 42 64.98 -118.54 133.45
C LEU VG 42 63.74 -117.94 134.11
N GLY VG 43 63.06 -117.07 133.39
CA GLY VG 43 61.86 -116.43 133.92
C GLY VG 43 61.03 -115.86 132.80
N GLY VG 44 59.77 -115.59 133.12
CA GLY VG 44 58.84 -115.06 132.13
C GLY VG 44 58.58 -116.01 130.98
N GLY VG 45 58.45 -117.31 131.26
CA GLY VG 45 58.23 -118.28 130.22
C GLY VG 45 56.78 -118.70 130.09
N ASP VG 46 55.88 -117.96 130.73
CA ASP VG 46 54.44 -118.24 130.65
C ASP VG 46 53.89 -117.63 129.36
N VAL VG 47 54.26 -118.25 128.24
CA VAL VG 47 53.83 -117.75 126.94
C VAL VG 47 52.34 -117.95 126.74
N SER VG 48 51.91 -119.22 126.75
CA SER VG 48 50.51 -119.57 126.57
C SER VG 48 50.35 -121.04 126.92
N GLY VG 49 49.10 -121.51 126.89
CA GLY VG 49 48.82 -122.91 127.12
C GLY VG 49 47.64 -123.40 126.30
N ALA VG 50 47.86 -124.47 125.53
CA ALA VG 50 46.81 -125.05 124.72
C ALA VG 50 47.10 -126.52 124.51
N MET VG 51 46.11 -127.37 124.75
CA MET VG 51 46.26 -128.79 124.51
C MET VG 51 46.56 -129.04 123.04
N GLN VG 52 47.55 -129.89 122.78
CA GLN VG 52 47.99 -130.12 121.41
C GLN VG 52 47.19 -131.31 120.88
N ASP VG 53 47.45 -132.49 121.44
CA ASP VG 53 46.82 -133.73 121.03
C ASP VG 53 47.33 -134.81 121.98
N ILE VG 54 46.65 -135.95 122.00
CA ILE VG 54 46.97 -137.00 122.97
C ILE VG 54 47.92 -138.06 122.42
N ASP VG 55 48.43 -137.85 121.21
CA ASP VG 55 49.40 -138.76 120.61
C ASP VG 55 50.85 -138.30 120.74
N LEU VG 56 51.07 -137.06 121.14
CA LEU VG 56 52.45 -136.58 121.38
C LEU VG 56 52.96 -137.34 122.60
N ILE VG 57 52.07 -137.59 123.56
CA ILE VG 57 52.43 -138.25 124.85
C ILE VG 57 52.03 -139.74 124.83
N MET VG 58 51.62 -140.30 123.70
CA MET VG 58 51.05 -141.67 123.72
C MET VG 58 51.83 -142.85 124.31
N ASP VG 59 53.01 -143.14 123.76
CA ASP VG 59 53.79 -144.31 124.21
C ASP VG 59 54.49 -143.97 125.53
N ILE VG 60 53.72 -143.47 126.50
CA ILE VG 60 54.30 -143.19 127.84
C ILE VG 60 53.68 -144.23 128.78
N PRO VG 61 54.47 -144.99 129.57
CA PRO VG 61 53.92 -146.08 130.42
C PRO VG 61 52.99 -145.49 131.47
N VAL VG 62 51.87 -146.17 131.71
CA VAL VG 62 50.91 -145.71 132.76
C VAL VG 62 50.92 -146.79 133.85
N LYS VG 63 50.63 -146.40 135.09
CA LYS VG 63 50.60 -147.38 136.17
C LYS VG 63 49.14 -147.70 136.46
N LEU VG 64 48.64 -148.76 135.85
CA LEU VG 64 47.25 -149.15 136.05
C LEU VG 64 47.13 -150.07 137.27
N THR VG 65 46.11 -149.81 138.08
CA THR VG 65 45.90 -150.55 139.32
C THR VG 65 44.40 -150.67 139.58
N VAL VG 66 43.93 -151.89 139.80
CA VAL VG 66 42.55 -152.13 140.19
C VAL VG 66 42.45 -152.27 141.70
N GLU VG 67 41.45 -151.64 142.28
CA GLU VG 67 41.27 -151.61 143.73
C GLU VG 67 40.13 -152.47 144.23
N LEU VG 68 40.43 -153.33 145.22
CA LEU VG 68 39.43 -154.28 145.69
C LEU VG 68 38.41 -153.54 146.54
N GLY VG 69 38.87 -152.71 147.48
CA GLY VG 69 37.94 -152.03 148.35
C GLY VG 69 38.59 -150.94 149.18
N ARG VG 70 37.76 -150.27 149.96
CA ARG VG 70 38.17 -149.18 150.81
C ARG VG 70 37.57 -149.43 152.18
N THR VG 71 38.07 -148.71 153.17
CA THR VG 71 37.52 -148.70 154.51
C THR VG 71 38.21 -147.60 155.29
N ARG VG 72 37.41 -146.73 155.91
CA ARG VG 72 37.96 -145.71 156.80
C ARG VG 72 38.08 -146.33 158.18
N MET VG 73 39.30 -146.34 158.71
CA MET VG 73 39.57 -146.98 159.99
C MET VG 73 40.69 -146.20 160.67
N THR VG 74 40.60 -146.11 161.99
CA THR VG 74 41.58 -145.37 162.76
C THR VG 74 42.68 -146.30 163.26
N ILE VG 75 43.71 -145.68 163.86
CA ILE VG 75 44.83 -146.44 164.41
C ILE VG 75 44.39 -147.35 165.56
N LYS VG 76 43.25 -147.02 166.19
CA LYS VG 76 42.70 -147.83 167.26
C LYS VG 76 42.68 -149.31 166.89
N GLU VG 77 41.90 -149.67 165.87
CA GLU VG 77 41.87 -151.06 165.43
C GLU VG 77 43.12 -151.43 164.66
N LEU VG 78 43.81 -150.45 164.06
CA LEU VG 78 45.03 -150.76 163.32
C LEU VG 78 46.11 -151.62 163.96
N LEU VG 79 46.50 -151.31 165.19
CA LEU VG 79 47.49 -152.16 165.86
C LEU VG 79 46.82 -153.42 166.49
N ARG VG 80 45.50 -153.30 166.73
CA ARG VG 80 44.77 -154.48 167.25
C ARG VG 80 44.91 -155.61 166.24
N LEU VG 81 45.12 -155.26 164.96
CA LEU VG 81 45.31 -156.27 163.92
C LEU VG 81 46.48 -157.24 164.04
N THR VG 82 46.16 -158.54 164.01
CA THR VG 82 47.15 -159.60 164.06
C THR VG 82 47.07 -160.44 162.79
N GLN VG 83 47.97 -161.41 162.67
CA GLN VG 83 47.94 -162.30 161.53
C GLN VG 83 46.69 -163.18 161.59
N GLY VG 84 46.05 -163.33 160.43
CA GLY VG 84 44.82 -164.09 160.36
C GLY VG 84 43.56 -163.30 160.66
N SER VG 85 43.69 -162.04 161.07
CA SER VG 85 42.52 -161.21 161.31
C SER VG 85 41.87 -160.84 159.98
N VAL VG 86 40.60 -160.43 160.05
CA VAL VG 86 39.82 -160.08 158.87
C VAL VG 86 39.34 -158.65 159.02
N VAL VG 87 39.58 -157.83 157.99
CA VAL VG 87 39.17 -156.44 157.98
C VAL VG 87 38.06 -156.28 156.96
N ALA VG 88 36.88 -155.87 157.43
CA ALA VG 88 35.76 -155.64 156.53
C ALA VG 88 35.99 -154.35 155.74
N LEU VG 89 35.63 -154.39 154.46
CA LEU VG 89 35.78 -153.26 153.57
C LEU VG 89 34.43 -152.60 153.34
N ASP VG 90 34.44 -151.28 153.14
CA ASP VG 90 33.20 -150.56 152.92
C ASP VG 90 32.47 -151.01 151.67
N GLY VG 91 33.21 -151.38 150.62
CA GLY VG 91 32.60 -151.85 149.39
C GLY VG 91 31.81 -153.13 149.56
N LEU VG 92 30.56 -153.11 149.11
CA LEU VG 92 29.73 -154.31 149.15
C LEU VG 92 30.27 -155.35 148.18
N ALA VG 93 30.14 -156.62 148.57
CA ALA VG 93 30.66 -157.70 147.73
C ALA VG 93 29.91 -157.77 146.42
N GLY VG 94 30.64 -157.97 145.34
CA GLY VG 94 30.07 -158.06 144.01
C GLY VG 94 29.88 -156.73 143.31
N GLU VG 95 30.16 -155.61 143.99
CA GLU VG 95 30.05 -154.31 143.35
C GLU VG 95 31.20 -154.13 142.35
N PRO VG 96 31.02 -153.26 141.36
CA PRO VG 96 32.12 -152.97 140.43
C PRO VG 96 33.32 -152.40 141.17
N LEU VG 97 34.51 -152.86 140.76
CA LEU VG 97 35.76 -152.42 141.35
C LEU VG 97 36.25 -151.17 140.66
N ASP VG 98 37.20 -150.50 141.31
CA ASP VG 98 37.71 -149.22 140.84
C ASP VG 98 39.02 -149.42 140.09
N ILE VG 99 39.20 -148.66 139.01
CA ILE VG 99 40.40 -148.72 138.19
C ILE VG 99 41.06 -147.36 138.23
N LEU VG 100 42.35 -147.33 138.55
CA LEU VG 100 43.11 -146.09 138.64
C LEU VG 100 44.32 -146.19 137.73
N ILE VG 101 44.71 -145.05 137.16
CA ILE VG 101 45.97 -144.94 136.43
C ILE VG 101 46.81 -143.89 137.12
N ASN VG 102 47.99 -144.30 137.60
CA ASN VG 102 48.86 -143.45 138.41
C ASN VG 102 48.12 -142.92 139.63
N GLY VG 103 47.25 -143.75 140.20
CA GLY VG 103 46.52 -143.40 141.40
C GLY VG 103 45.34 -142.48 141.21
N TYR VG 104 44.90 -142.24 139.97
CA TYR VG 104 43.76 -141.38 139.69
C TYR VG 104 42.63 -142.25 139.18
N LEU VG 105 41.47 -142.15 139.82
CA LEU VG 105 40.33 -142.98 139.44
C LEU VG 105 39.79 -142.52 138.09
N ILE VG 106 39.64 -143.46 137.16
CA ILE VG 106 39.14 -143.16 135.83
C ILE VG 106 37.87 -143.95 135.52
N ALA VG 107 37.82 -145.23 135.88
CA ALA VG 107 36.73 -146.08 135.44
C ALA VG 107 36.38 -147.09 136.52
N GLN VG 108 35.20 -147.68 136.36
CA GLN VG 108 34.71 -148.76 137.18
C GLN VG 108 34.53 -150.00 136.31
N GLY VG 109 35.09 -151.12 136.77
CA GLY VG 109 35.05 -152.34 136.01
C GLY VG 109 34.52 -153.46 136.88
N GLU VG 110 34.60 -154.68 136.35
CA GLU VG 110 34.13 -155.88 137.03
C GLU VG 110 35.21 -156.94 136.90
N VAL VG 111 35.45 -157.66 137.99
CA VAL VG 111 36.54 -158.65 138.04
C VAL VG 111 36.10 -159.96 137.41
N VAL VG 112 36.97 -160.53 136.57
CA VAL VG 112 36.72 -161.79 135.90
C VAL VG 112 37.99 -162.64 135.96
N VAL VG 113 37.83 -163.94 135.81
CA VAL VG 113 38.94 -164.88 135.83
C VAL VG 113 39.05 -165.50 134.44
N VAL VG 114 40.21 -165.28 133.81
CA VAL VG 114 40.45 -165.84 132.44
C VAL VG 114 41.74 -166.66 132.44
N ALA VG 115 41.64 -167.97 132.18
CA ALA VG 115 42.83 -168.86 132.15
C ALA VG 115 43.60 -168.84 133.47
N ASP VG 116 42.91 -168.75 134.60
CA ASP VG 116 43.56 -168.81 135.95
C ASP VG 116 44.34 -167.51 136.20
N LYS VG 117 44.05 -166.46 135.43
CA LYS VG 117 44.74 -165.15 135.63
C LYS VG 117 43.68 -164.09 135.95
N TYR VG 118 43.94 -163.21 136.92
CA TYR VG 118 42.92 -162.25 137.29
C TYR VG 118 42.81 -161.16 136.23
N GLY VG 119 41.59 -160.76 135.94
CA GLY VG 119 41.34 -159.73 134.94
C GLY VG 119 40.12 -158.92 135.28
N VAL VG 120 40.22 -157.63 135.02
CA VAL VG 120 39.09 -156.71 135.20
C VAL VG 120 38.48 -156.43 133.84
N ARG VG 121 37.16 -156.25 133.82
CA ARG VG 121 36.43 -155.92 132.61
C ARG VG 121 35.87 -154.52 132.75
N ILE VG 122 36.39 -153.58 131.97
CA ILE VG 122 35.97 -152.19 132.08
C ILE VG 122 34.49 -152.08 131.74
N THR VG 123 33.73 -151.46 132.64
CA THR VG 123 32.30 -151.28 132.43
C THR VG 123 31.91 -149.84 132.14
N ASP VG 124 32.38 -148.87 132.91
CA ASP VG 124 31.95 -147.50 132.64
C ASP VG 124 32.94 -146.52 133.23
N ILE VG 125 33.30 -145.49 132.44
CA ILE VG 125 34.10 -144.40 132.97
C ILE VG 125 33.26 -143.60 133.96
N ILE VG 126 33.85 -143.34 135.13
CA ILE VG 126 33.08 -142.66 136.17
C ILE VG 126 32.74 -141.23 135.75
N THR VG 127 31.71 -140.70 136.35
CA THR VG 127 31.17 -139.37 136.15
C THR VG 127 31.69 -138.42 137.21
N PRO VG 128 31.74 -137.12 136.91
CA PRO VG 128 32.18 -136.16 137.94
C PRO VG 128 31.33 -136.21 139.19
N SER VG 129 30.02 -136.44 139.05
CA SER VG 129 29.17 -136.59 140.22
C SER VG 129 29.51 -137.74 141.16
N GLU VG 130 29.81 -138.92 140.59
CA GLU VG 130 30.22 -140.06 141.42
C GLU VG 130 31.65 -139.86 141.98
N ARG VG 131 32.47 -139.12 141.22
CA ARG VG 131 33.79 -138.77 141.69
C ARG VG 131 33.68 -138.01 143.01
N MET VG 132 32.86 -136.97 143.03
CA MET VG 132 32.63 -136.23 144.27
C MET VG 132 31.87 -137.00 145.37
N ARG VG 133 31.02 -137.93 144.93
CA ARG VG 133 30.33 -138.81 145.87
C ARG VG 133 31.43 -139.62 146.54
N ARG VG 134 32.38 -140.11 145.74
CA ARG VG 134 33.52 -140.82 146.32
C ARG VG 134 34.30 -139.93 147.27
N LEU VG 135 34.49 -138.66 146.92
CA LEU VG 135 35.28 -137.77 147.75
C LEU VG 135 34.65 -137.57 149.12
N SER VG 136 33.34 -137.39 149.17
CA SER VG 136 32.64 -137.19 150.43
C SER VG 136 32.38 -138.51 151.13
#